data_4V59
#
_entry.id   4V59
#
_cell.length_a   215.780
_cell.length_b   412.670
_cell.length_c   220.900
_cell.angle_alpha   90.00
_cell.angle_beta   111.57
_cell.angle_gamma   90.00
#
_symmetry.space_group_name_H-M   'P 1 21 1'
#
loop_
_entity.id
_entity.type
_entity.pdbx_description
1 polymer 'FATTY ACID SYNTHASE ALPHA SUBUNITS'
2 polymer 'FATTY ACID SYNTHASE BETA SUBUNITS'
3 non-polymer 'NADP NICOTINAMIDE-ADENINE-DINUCLEOTIDE PHOSPHATE'
4 non-polymer 'FLAVIN MONONUCLEOTIDE'
#
loop_
_entity_poly.entity_id
_entity_poly.type
_entity_poly.pdbx_seq_one_letter_code
_entity_poly.pdbx_strand_id
1 'polypeptide(L)'
;MRPEVEQELAYTLLVELLAYQFAMPVRWIETQDVILAEKRTERIVEIGPSDTLGGMARRTLQSKYEAYDAATSVQRQILC
YCKDAKEIYYDVEPIEDEPEPTPAAASSADAAPAAAPAAPAAPAAAPAPAPASAGPAAPVQDAPVTATDVIRALVAQKLK
KELTEIPPSKAIKDLVGGKSTLQNEILGDLGKEFGSTPEKPEDTPLDELGASMQATFDGQLGKQSSSLIARFVSSKMPGG
FNITAVRKYLETRWGLGPGRQDGVLLFAITAEPPSRLGSEADAKAYFDNLANKYASYAGITLSSPSSGGDGGAAGGAMLM
DPAAIDALTKDQRALFKQQLEIIARYLKMDLRAGDKAFVASQESQKALQAQLDLWQAEHGDIYAAGIEPAFDPLKARVYD
SSWNWARQDALSMYYDIIFGRLRVVDREIVSQCIQIMNRSNPLLLEFMQYHIDHCPTERGETYQLAKELGQQLIENCKEV
LGKPPVYKDVSIPTGPQTTIDARGNIQYQEVPRASARKFEHYVKQMAEGGPISQYSNRTKVQNDLRSVYKLIRRQHRLSK
SSQLQFNALYKDVIRALAMNESQIMQDGKDRRRGRNGNGNGNHSRPGKVETIPFLHLRKKDEFGNWEYSKKLTGIYLDGL
EAAARSGLTFQGKHALMTGAGAGSIGAEVLQGLLSGGAKVIVTTSRFSRQVTEYYQGIYARCGARGSQLVVVPFNQGSKQ
DVEALVNYIYDTKNGLGWDLDYVVPFAAIPENGREIDSIDSKSELAHRIMLTNLLRLLGAIKTQKKERGYETRPAQVILP
LSPNHGTFGNDGLYSESKLALETLFNRWYSESWGNYLTICGAVIGWTRGTGLMSANNLVAEGVEKLGVRTFSQQEMAFNL
LGLMAPAIVNLCQSDPVFADLNGGLQFIPDLKGLMTKLRKEIMETSAIRQAVIKETAIENKVVNGEDHEALYRRVITEPR
ANLKYPFPELPDWDKDIKPLNDQLRGMVNLDKVVVVTGLAEIGPWGNARTRWEMEAYGKFSLEGCVEMAWMMGLIKNHNG
PLKGKPYSGWVDAKTGEPVDDKDVKAKYEKYILEHSGIRLIEPELFGGYDPNRKQLLQEVVIEQDLEPFEASKEQAEEFK
REHGDKVEIFEIPETGQYTVRLRKGATLLIPKALQFDRLVAGQIPTGWDARRYGVPEDIIQQVDPVTLYVLVSVAEALLS
SGITDPYEFYKYVHLSEVGNCIGSGVGGTSALRGMYKDRYLDKPVQKDILQESFVNTMAAWVNMLLLSSTGPIKTPVGAC
ATAVESLDVGYDTIMQGKARVCLVGGFDDFQEEGSYEFANMGATSNAKEEFARGREPGEMSRPTSTTRNGFMESQGCGVQ
VIMTAQLALEMGVPIYGIVAMTSTATDKIGRSVPAPGQGVLTTAREKSGNFPSPLLDIKYRRRQLELRRQQIKQWKESEY
LYLQEEVAAIKSQRSEEDGPFDETAYLRERTEHIEREARRQEAEAQTSFGNEFWRRDSRIAPLRGALATWGLTIDDLGVA
SFHGTSTVANDKNESDVICQQLKHLGRTKGNAVLGIFQKYLTGHPKGAAGAWMLNGCLQVLNTGIVPGNRNADNVDKVME
QFDYIVYPSRSIKTDGIKAFSVTSFGFGQKGAQAIGVHPKYLFATLDKAQYEAYCVKVQARQKKAYRFFHNGLINNKLFV
AKDKAPYEDRIQSKVFLNPQSRVTQESNGELKFPAEPVTPTGDKKQSGTQTPSESDAASAEQTQRTLEALAATAASPASR
VGVDVESVDSINIDNEEFISRNFTEREQAYCRRAPNPRASFAGRWTAKEAIFKSLGVASKGAGAAMREIEVINDANGAPE
VHLHGAAAEAAKQAGVKTVNVSISHGDLQAVAVAVSRT
;
A,B,C,D,E,F
2 'polypeptide(L)'
;QSLRPLVLTHGSLEFSFLVPTSLHFQAAQLKDSFLATLPQPTEELAQDDEPSSVVELVARYIAFVAHEVDEGDEDAHPTN
LEVLKLILNEFERAFMRGNDVHAIAANVAGITAKKIGVVRAYYAGRAAAGRAPKPYDSALFRAAAENNVKIYSIFGGQGN
IEEYFDELREIYTTYPSFVEDLITSIAELLQSLAREWDAVKQYPKGLDILQWLHNPESQPDTDYLVSAPVSFPLIGLVQL
AHYMITCKTLGREPGELLERFSGTTGHSQGIVVAAAIATARTWDEFATAAKRAVELLFWIGLRSQQAYPRTSLAPSTLQD
SVENGEGTPTPMLSIRDLTRSAVQEHIDATNQHLPEDRHIGISLVNSARNFVVTGPPISLYGLNLRLRKVKAPTGLDQNR
IPFTQRKARFVNRFLPITAPFHSPYLAGAHAHILGDVDDMKIPASSLVIPVYDTKTGQDLRELGDEDIIPELVRMITYDP
VNWETATVFPDATHIVDFGPGGVSGIGVLTNRNKDGTGVRVILAGAIDGTNTEVGYKPELFDRDDNAVQFAVDWVKEHGP
RLVKTSVGQTFVDTKMSRLLGVPPVMVAGMTPTTVPWDFVAATMNAGYHIELAGGGYYNAQKMSDAISKIEKAIPPGRGI
TVNLIYVNPRAMGWQIPLLGRLRADGVPIEGLTIGAGVPSIEVANEYIQTLGIRHISFKPGSVDAIQQVINIAKANPTFP
IILQWTGGRGGGHHSFEDFHQPILLMYSRIRKCSNIVLVAGSGFGGSEDTYPYLTGSWSTKFGYPPMPFDGCMFGSRMMT
AKEAHTSKQAKQAIVDAPGVDDDQWENTYKRPTGGVITVLSEMGEPIHKLATRGVLFWKELDDKIFSLDRSKRVAELKKR
RDYIIKKLNDDFQKVWFGRNSAGEPVDLEDMTYAEVVHRMVELMYVKHEKRWIDPSLKKLTGDFIRRVEERFTSVEGQPS
LLQNYSDLDEPYPAVDRILAAYPEASTQLINAQDVQHFLLLCQRRGQKPVPFVPALDENFEYWFKKDSLWQSEDIEAVYG
QDVGRTCILQGPVAAKYSKVIDEPIKDILDGIHNDHIKFLLRDLYDGKEENVPVIEYFGGRILKATDEEPDIDGLTASRD
ANKISYRLSNAPSANLPDVDSFMQLIAGNSYSWRHAMFTTEVFVQGHRFQTNPLKRLFAPTRGMYVEITNPDDPAKTVIS
VREPSQSAKLVKTVEIKLVGDNEIALTLFEGRTAEGGVVPLTFRFTYHPEAGYAPIREVMEGRNDRIKEFYYRVWFAEKE
VPFDTPLTAVFDGGREIVNAQAVADFVHAVGNTGEAFVDRGKDFFAPMDFAIVVGWKAITKPIFPRKIDGDLLKLVHLSN
GYRMVPGAEPLKVGDVLDTTAQINAVINQDSGKMVEVCGTLKRDGKPVMYVTSQFLYRGVYTDYENTFQRKDEVPMQLHI
ATPQDLAVLRSKEWFKLDDQHDIELLGQTLVFRLQSLVRFKNKNVYSSVQTIGQVLLELPTKEIIQVASVDYEAGESHGN
PVIDYLQRHGSSIEQPVNFENPIPLSGKTPLELRAPASNENYARVSGDYNPIHVSRVFSSYANLPGTITHGMYTSAAVRS
LVETWAAENNIGRVRSYHVNMVGMVLPNDAITVKLEHVGMIAGRKIIKVDARNKDTDESVLQGEAEVEQPVTAYVFTGQG
SQEQGMGMDLYATSPVAKEVWDRADKHFRENYGFSIIDIVKNNPKELTVHFGGPRGKIIRQNYMSMTFETVNADGSIKTE
KIFKEVDENSTSYTYRSPSGLLSATQFTQPALTLMEKASFEDMRSKGLVQRDSTFAGHSLGEYSALVALADVMPIESLVS
VVFYRGLTMQVAVERDEQGRSNYAMCAVNPSRISPTFTEQALQYVVENIAEVTGWLLEIVNYNVANMQYVAAGDLRALDT
LANVLNILKMQKIDIQALMQSMSLEDVRAHLVEIIQECRKQTEAKPQPVQLERGFATIPLRGIDVPFHSTFLRSGVKPFR
SFLLKKINKTTIDPSKLIGKYIPNVTAKPFEISKEYFEEVHRLTGSPKIANILANWDKYE
;
G,H,I,J,K,L
#
# COMPACT_ATOMS: atom_id res chain seq x y z
N MET A 1 -104.21 50.68 43.64
CA MET A 1 -103.12 50.70 44.63
C MET A 1 -103.08 49.43 45.45
N ARG A 2 -104.03 48.53 45.20
CA ARG A 2 -103.99 47.24 45.86
C ARG A 2 -103.00 46.35 45.12
N PRO A 3 -101.85 46.05 45.75
CA PRO A 3 -100.80 45.24 45.12
C PRO A 3 -101.37 43.93 44.58
N GLU A 4 -102.11 43.24 45.44
CA GLU A 4 -102.70 41.96 45.11
C GLU A 4 -103.71 42.07 43.96
N VAL A 5 -104.33 43.23 43.81
CA VAL A 5 -105.20 43.51 42.69
C VAL A 5 -104.38 43.71 41.42
N GLU A 6 -103.43 44.64 41.48
CA GLU A 6 -102.55 44.95 40.35
C GLU A 6 -101.93 43.68 39.78
N GLN A 7 -101.60 42.73 40.65
CA GLN A 7 -101.06 41.45 40.23
C GLN A 7 -102.01 40.75 39.25
N GLU A 8 -103.17 40.35 39.74
CA GLU A 8 -104.13 39.61 38.93
C GLU A 8 -104.51 40.35 37.66
N LEU A 9 -104.40 41.68 37.68
CA LEU A 9 -104.67 42.49 36.50
C LEU A 9 -103.53 42.36 35.50
N ALA A 10 -102.32 42.76 35.91
CA ALA A 10 -101.14 42.59 35.09
C ALA A 10 -101.08 41.14 34.58
N TYR A 11 -101.36 40.21 35.48
CA TYR A 11 -101.37 38.79 35.16
C TYR A 11 -102.25 38.47 33.98
N THR A 12 -103.56 38.68 34.11
CA THR A 12 -104.46 38.26 33.05
C THR A 12 -104.30 39.11 31.81
N LEU A 13 -103.78 40.33 31.96
CA LEU A 13 -103.46 41.16 30.81
C LEU A 13 -102.29 40.55 30.06
N LEU A 14 -101.25 40.19 30.80
CA LEU A 14 -100.13 39.44 30.27
C LEU A 14 -100.62 38.15 29.60
N VAL A 15 -101.24 37.27 30.38
CA VAL A 15 -101.76 35.99 29.88
C VAL A 15 -102.56 36.17 28.60
N GLU A 16 -103.43 37.17 28.58
CA GLU A 16 -104.25 37.44 27.40
C GLU A 16 -103.39 37.93 26.26
N LEU A 17 -102.58 38.96 26.51
CA LEU A 17 -101.69 39.52 25.50
C LEU A 17 -100.90 38.44 24.76
N LEU A 18 -100.35 37.49 25.51
CA LEU A 18 -99.58 36.40 24.92
C LEU A 18 -100.49 35.46 24.14
N ALA A 19 -101.57 35.03 24.79
CA ALA A 19 -102.53 34.12 24.18
C ALA A 19 -102.87 34.55 22.76
N TYR A 20 -103.38 35.77 22.63
CA TYR A 20 -103.85 36.27 21.34
C TYR A 20 -102.73 36.73 20.41
N GLN A 21 -101.49 36.75 20.89
CA GLN A 21 -100.38 37.16 20.05
C GLN A 21 -100.30 36.30 18.79
N PHE A 22 -100.65 35.02 18.95
CA PHE A 22 -100.82 34.08 17.84
C PHE A 22 -101.45 34.75 16.64
N ALA A 23 -102.73 35.06 16.78
CA ALA A 23 -103.58 35.49 15.67
C ALA A 23 -103.70 37.00 15.61
N MET A 24 -102.56 37.67 15.73
CA MET A 24 -102.55 39.12 15.80
C MET A 24 -101.29 39.66 15.18
N PRO A 25 -101.43 40.43 14.11
CA PRO A 25 -100.26 40.94 13.37
C PRO A 25 -99.27 41.62 14.29
N VAL A 26 -97.98 41.52 13.96
CA VAL A 26 -96.90 42.09 14.75
C VAL A 26 -96.57 43.49 14.27
N ARG A 27 -96.93 44.47 15.06
CA ARG A 27 -96.78 45.88 14.69
C ARG A 27 -95.42 46.42 15.10
N TRP A 28 -94.37 45.92 14.47
CA TRP A 28 -93.01 46.27 14.85
C TRP A 28 -92.56 47.67 14.43
N ILE A 29 -93.31 48.33 13.56
CA ILE A 29 -92.99 49.72 13.25
C ILE A 29 -93.44 50.53 14.44
N GLU A 30 -94.71 50.40 14.76
CA GLU A 30 -95.30 51.16 15.84
C GLU A 30 -94.53 50.94 17.14
N THR A 31 -93.99 49.73 17.30
CA THR A 31 -93.19 49.39 18.46
C THR A 31 -91.83 50.07 18.40
N GLN A 32 -91.20 50.03 17.23
CA GLN A 32 -89.91 50.69 17.03
C GLN A 32 -90.03 52.19 17.24
N ASP A 33 -91.19 52.72 16.88
CA ASP A 33 -91.40 54.16 16.99
C ASP A 33 -91.64 54.58 18.43
N VAL A 34 -92.19 53.69 19.24
CA VAL A 34 -92.32 53.96 20.66
C VAL A 34 -90.92 54.01 21.31
N ILE A 35 -89.99 53.26 20.74
CA ILE A 35 -88.64 53.17 21.27
C ILE A 35 -87.78 54.35 20.83
N LEU A 36 -87.89 54.70 19.56
CA LEU A 36 -87.10 55.78 18.97
C LEU A 36 -87.70 57.16 19.20
N ALA A 37 -89.02 57.27 19.21
CA ALA A 37 -89.68 58.56 19.25
C ALA A 37 -90.20 58.92 20.63
N GLU A 38 -90.98 58.03 21.25
CA GLU A 38 -91.54 58.30 22.58
C GLU A 38 -90.44 58.36 23.63
N LYS A 39 -89.74 57.27 23.82
CA LYS A 39 -88.69 57.21 24.83
C LYS A 39 -87.32 57.67 24.33
N ARG A 40 -87.25 58.06 23.07
CA ARG A 40 -86.02 58.60 22.49
C ARG A 40 -84.76 57.91 22.97
N THR A 41 -84.68 56.60 22.76
CA THR A 41 -83.56 55.82 23.26
C THR A 41 -82.27 56.12 22.49
N GLU A 42 -81.16 56.27 23.20
CA GLU A 42 -79.88 56.50 22.56
C GLU A 42 -79.27 55.18 22.14
N ARG A 43 -79.25 54.21 23.05
CA ARG A 43 -78.72 52.89 22.78
C ARG A 43 -79.82 51.87 22.55
N ILE A 44 -79.94 51.35 21.33
CA ILE A 44 -80.81 50.22 21.09
C ILE A 44 -79.97 48.95 21.06
N VAL A 45 -80.24 48.07 22.01
CA VAL A 45 -79.50 46.81 22.10
C VAL A 45 -80.37 45.67 21.59
N GLU A 46 -79.80 44.90 20.67
CA GLU A 46 -80.49 43.75 20.10
C GLU A 46 -79.90 42.50 20.69
N ILE A 47 -80.76 41.59 21.12
CA ILE A 47 -80.29 40.35 21.72
C ILE A 47 -80.76 39.14 20.92
N GLY A 48 -79.79 38.41 20.37
CA GLY A 48 -80.08 37.26 19.54
C GLY A 48 -78.86 36.87 18.75
N PRO A 49 -79.02 36.00 17.75
CA PRO A 49 -77.97 35.44 16.91
C PRO A 49 -77.57 36.28 15.69
N SER A 50 -78.44 37.18 15.23
CA SER A 50 -78.11 37.99 14.07
C SER A 50 -78.56 39.41 14.31
N ASP A 51 -78.07 40.34 13.48
CA ASP A 51 -78.52 41.72 13.58
C ASP A 51 -79.71 41.97 12.66
N THR A 52 -80.80 41.26 12.92
CA THR A 52 -82.00 41.37 12.12
C THR A 52 -82.83 42.60 12.54
N LEU A 53 -83.21 42.67 13.83
CA LEU A 53 -83.91 43.82 14.38
C LEU A 53 -83.03 45.07 14.35
N GLY A 54 -81.72 44.83 14.26
CA GLY A 54 -80.73 45.90 14.24
C GLY A 54 -80.81 46.70 12.97
N GLY A 55 -80.60 46.03 11.84
CA GLY A 55 -80.72 46.68 10.55
C GLY A 55 -82.15 47.07 10.25
N MET A 56 -83.08 46.37 10.88
CA MET A 56 -84.48 46.69 10.81
C MET A 56 -84.72 48.06 11.46
N ALA A 57 -83.99 48.35 12.52
CA ALA A 57 -84.13 49.64 13.18
C ALA A 57 -83.21 50.70 12.58
N ARG A 58 -82.26 50.29 11.75
CA ARG A 58 -81.42 51.25 11.02
C ARG A 58 -82.20 51.76 9.83
N ARG A 59 -83.04 50.89 9.28
CA ARG A 59 -83.87 51.25 8.15
C ARG A 59 -84.96 52.23 8.59
N THR A 60 -85.52 52.01 9.77
CA THR A 60 -86.48 52.96 10.30
C THR A 60 -85.79 54.27 10.68
N LEU A 61 -84.47 54.23 10.88
CA LEU A 61 -83.74 55.45 11.19
C LEU A 61 -83.57 56.32 9.95
N GLN A 62 -83.58 55.69 8.78
CA GLN A 62 -83.40 56.43 7.53
C GLN A 62 -84.71 56.93 6.95
N SER A 63 -85.69 56.04 6.83
CA SER A 63 -86.92 56.36 6.11
C SER A 63 -87.88 57.28 6.88
N LYS A 64 -87.64 57.45 8.18
CA LYS A 64 -88.48 58.34 8.99
C LYS A 64 -87.69 59.38 9.79
N TYR A 65 -86.73 58.93 10.58
CA TYR A 65 -86.10 59.78 11.57
C TYR A 65 -84.95 60.62 11.05
N GLU A 66 -84.84 60.71 9.72
CA GLU A 66 -83.77 61.45 9.07
C GLU A 66 -83.57 62.83 9.68
N ALA A 67 -84.49 63.74 9.41
CA ALA A 67 -84.37 65.12 9.87
C ALA A 67 -84.78 65.30 11.34
N TYR A 68 -85.56 64.38 11.87
CA TYR A 68 -85.92 64.43 13.29
C TYR A 68 -84.66 64.34 14.15
N ASP A 69 -83.87 63.30 13.93
CA ASP A 69 -82.64 63.12 14.71
C ASP A 69 -81.71 64.31 14.52
N ALA A 70 -81.68 64.85 13.31
CA ALA A 70 -80.86 66.03 13.00
C ALA A 70 -81.30 67.26 13.77
N ALA A 71 -82.61 67.49 13.82
CA ALA A 71 -83.15 68.62 14.56
C ALA A 71 -83.01 68.42 16.09
N THR A 72 -83.41 67.25 16.58
CA THR A 72 -83.44 66.99 18.02
C THR A 72 -82.06 66.76 18.62
N SER A 73 -81.04 66.73 17.77
CA SER A 73 -79.68 66.36 18.18
C SER A 73 -79.68 65.06 18.98
N VAL A 74 -80.48 64.10 18.51
CA VAL A 74 -80.55 62.78 19.12
C VAL A 74 -79.40 61.89 18.65
N GLN A 75 -78.62 61.39 19.60
CA GLN A 75 -77.54 60.47 19.28
C GLN A 75 -78.08 59.05 19.39
N ARG A 76 -77.86 58.25 18.36
CA ARG A 76 -78.36 56.88 18.37
C ARG A 76 -77.27 55.86 18.08
N GLN A 77 -77.40 54.70 18.70
CA GLN A 77 -76.40 53.65 18.64
C GLN A 77 -77.11 52.30 18.64
N ILE A 78 -77.04 51.59 17.51
CA ILE A 78 -77.69 50.30 17.41
C ILE A 78 -76.67 49.17 17.54
N LEU A 79 -76.84 48.34 18.58
CA LEU A 79 -75.92 47.24 18.85
C LEU A 79 -76.61 45.90 18.76
N CYS A 80 -75.98 44.94 18.10
CA CYS A 80 -76.41 43.55 18.17
C CYS A 80 -75.56 42.84 19.19
N TYR A 81 -76.03 41.71 19.71
CA TYR A 81 -75.24 40.96 20.68
C TYR A 81 -74.06 40.30 20.01
N CYS A 82 -74.24 39.89 18.77
CA CYS A 82 -73.15 39.30 18.00
C CYS A 82 -72.09 40.34 17.64
N LYS A 83 -72.35 41.06 16.56
CA LYS A 83 -71.38 41.99 15.98
C LYS A 83 -70.78 42.99 16.98
N ASP A 84 -71.65 43.69 17.69
CA ASP A 84 -71.23 44.77 18.56
C ASP A 84 -71.08 44.30 20.00
N ALA A 85 -70.52 43.11 20.17
CA ALA A 85 -70.43 42.44 21.47
C ALA A 85 -69.65 43.19 22.55
N LYS A 86 -68.55 43.82 22.15
CA LYS A 86 -67.67 44.44 23.12
C LYS A 86 -68.24 45.71 23.71
N GLU A 87 -68.83 46.54 22.87
CA GLU A 87 -69.37 47.83 23.33
C GLU A 87 -70.52 47.65 24.30
N ILE A 88 -71.18 46.50 24.24
CA ILE A 88 -72.27 46.18 25.15
C ILE A 88 -71.73 46.08 26.55
N TYR A 89 -70.61 45.37 26.69
CA TYR A 89 -70.02 45.07 27.98
C TYR A 89 -68.98 46.12 28.42
N TYR A 90 -68.93 47.23 27.69
CA TYR A 90 -67.98 48.29 27.98
C TYR A 90 -66.57 47.74 28.12
N ASP A 91 -66.09 47.08 27.07
CA ASP A 91 -64.75 46.53 27.05
C ASP A 91 -63.90 47.23 25.99
N VAL A 92 -62.99 48.08 26.44
CA VAL A 92 -62.10 48.78 25.54
C VAL A 92 -60.68 48.68 26.06
N GLU A 93 -59.70 48.65 25.14
CA GLU A 93 -58.30 48.70 25.51
C GLU A 93 -57.81 50.15 25.48
N PRO A 94 -56.92 50.51 26.43
CA PRO A 94 -56.44 51.89 26.64
C PRO A 94 -55.55 52.45 25.50
N ILE A 325 -9.68 22.80 3.06
CA ILE A 325 -9.02 21.86 3.95
C ILE A 325 -9.52 20.44 3.74
N ASP A 326 -10.80 20.24 4.01
CA ASP A 326 -11.42 18.91 4.05
C ASP A 326 -11.53 18.27 2.67
N ALA A 327 -11.32 19.06 1.62
CA ALA A 327 -11.33 18.53 0.25
C ALA A 327 -9.92 18.13 -0.19
N LEU A 328 -8.92 18.84 0.32
CA LEU A 328 -7.51 18.49 0.12
C LEU A 328 -7.20 17.17 0.82
N THR A 329 -8.12 16.73 1.68
CA THR A 329 -7.98 15.46 2.39
C THR A 329 -9.03 14.42 1.98
N LYS A 330 -10.18 14.89 1.46
CA LYS A 330 -11.27 13.98 1.08
C LYS A 330 -10.91 13.10 -0.11
N ASP A 331 -9.84 13.43 -0.81
CA ASP A 331 -9.29 12.57 -1.85
C ASP A 331 -8.55 11.41 -1.20
N GLN A 332 -7.80 11.74 -0.15
CA GLN A 332 -7.08 10.77 0.66
C GLN A 332 -8.03 9.68 1.15
N ARG A 333 -9.01 10.10 1.95
CA ARG A 333 -9.98 9.17 2.52
C ARG A 333 -10.56 8.27 1.44
N ALA A 334 -11.06 8.90 0.37
CA ALA A 334 -11.55 8.15 -0.78
C ALA A 334 -10.54 7.11 -1.24
N LEU A 335 -9.30 7.56 -1.47
CA LEU A 335 -8.22 6.66 -1.90
C LEU A 335 -8.08 5.47 -0.98
N PHE A 336 -8.13 5.72 0.32
CA PHE A 336 -7.90 4.68 1.29
C PHE A 336 -9.10 3.80 1.51
N LYS A 337 -10.28 4.39 1.38
CA LYS A 337 -11.46 3.58 1.54
C LYS A 337 -11.44 2.53 0.45
N GLN A 338 -11.03 2.92 -0.74
CA GLN A 338 -10.96 1.98 -1.86
C GLN A 338 -9.92 0.93 -1.56
N GLN A 339 -8.78 1.39 -1.08
CA GLN A 339 -7.71 0.53 -0.58
C GLN A 339 -8.26 -0.58 0.31
N LEU A 340 -9.00 -0.14 1.32
CA LEU A 340 -9.51 -1.03 2.35
C LEU A 340 -10.38 -2.10 1.71
N GLU A 341 -11.20 -1.66 0.77
CA GLU A 341 -12.18 -2.52 0.12
C GLU A 341 -11.49 -3.67 -0.62
N ILE A 342 -10.47 -3.33 -1.41
CA ILE A 342 -9.85 -4.34 -2.27
C ILE A 342 -9.04 -5.29 -1.44
N ILE A 343 -8.65 -4.83 -0.24
CA ILE A 343 -7.90 -5.68 0.64
C ILE A 343 -8.86 -6.69 1.23
N ALA A 344 -9.97 -6.17 1.72
CA ALA A 344 -11.04 -7.03 2.18
C ALA A 344 -11.36 -8.08 1.11
N ARG A 345 -11.57 -7.61 -0.13
CA ARG A 345 -11.92 -8.51 -1.23
C ARG A 345 -10.90 -9.62 -1.37
N TYR A 346 -9.64 -9.28 -1.16
CA TYR A 346 -8.56 -10.24 -1.27
C TYR A 346 -8.61 -11.23 -0.13
N LEU A 347 -8.95 -10.73 1.04
CA LEU A 347 -9.03 -11.56 2.23
C LEU A 347 -10.35 -12.32 2.26
N LYS A 348 -11.18 -12.11 1.25
CA LYS A 348 -12.46 -12.78 1.15
C LYS A 348 -13.31 -12.53 2.38
N MET A 349 -13.50 -11.27 2.75
CA MET A 349 -14.31 -10.97 3.93
C MET A 349 -15.29 -9.82 3.75
N ASP A 350 -16.55 -10.11 4.03
CA ASP A 350 -17.60 -9.10 3.96
C ASP A 350 -17.48 -8.16 5.15
N LEU A 351 -17.28 -6.88 4.89
CA LEU A 351 -17.11 -5.92 5.97
C LEU A 351 -18.46 -5.63 6.58
N ARG A 352 -19.48 -5.57 5.74
CA ARG A 352 -20.81 -5.24 6.21
C ARG A 352 -21.60 -6.46 6.67
N ALA A 353 -20.94 -7.61 6.78
CA ALA A 353 -21.62 -8.85 7.20
C ALA A 353 -22.20 -8.74 8.59
N GLY A 354 -21.61 -7.87 9.40
CA GLY A 354 -22.06 -7.67 10.75
C GLY A 354 -23.31 -6.85 10.72
N ASP A 355 -23.25 -5.74 9.98
CA ASP A 355 -24.38 -4.83 9.93
C ASP A 355 -25.56 -5.53 9.28
N LYS A 356 -25.26 -6.45 8.36
CA LYS A 356 -26.29 -7.21 7.68
C LYS A 356 -27.01 -8.11 8.65
N ALA A 357 -26.25 -8.91 9.38
CA ALA A 357 -26.82 -9.83 10.34
C ALA A 357 -27.53 -9.11 11.46
N PHE A 358 -27.11 -7.89 11.75
CA PHE A 358 -27.74 -7.09 12.78
C PHE A 358 -29.14 -6.65 12.37
N VAL A 359 -29.23 -6.03 11.20
CA VAL A 359 -30.50 -5.62 10.64
C VAL A 359 -31.46 -6.78 10.70
N ALA A 360 -30.94 -7.94 10.35
CA ALA A 360 -31.68 -9.19 10.31
C ALA A 360 -32.33 -9.57 11.63
N SER A 361 -31.53 -9.68 12.68
CA SER A 361 -32.08 -10.06 13.97
C SER A 361 -32.99 -8.97 14.52
N GLN A 362 -32.73 -7.74 14.11
CA GLN A 362 -33.54 -6.63 14.55
C GLN A 362 -34.89 -6.61 13.84
N GLU A 363 -35.07 -7.48 12.86
CA GLU A 363 -36.39 -7.63 12.25
C GLU A 363 -37.21 -8.69 12.99
N SER A 364 -36.56 -9.81 13.29
CA SER A 364 -37.21 -10.86 14.05
C SER A 364 -37.53 -10.38 15.47
N GLN A 365 -36.81 -9.36 15.92
CA GLN A 365 -37.03 -8.79 17.23
C GLN A 365 -38.27 -7.89 17.19
N LYS A 366 -38.92 -7.86 16.03
CA LYS A 366 -40.12 -7.06 15.87
C LYS A 366 -41.34 -7.95 15.85
N ALA A 367 -41.21 -9.08 15.16
CA ALA A 367 -42.26 -10.09 15.15
C ALA A 367 -42.48 -10.59 16.59
N LEU A 368 -41.43 -10.51 17.39
CA LEU A 368 -41.53 -10.86 18.79
C LEU A 368 -42.41 -9.87 19.50
N GLN A 369 -41.86 -8.67 19.67
CA GLN A 369 -42.56 -7.57 20.32
C GLN A 369 -43.95 -7.38 19.74
N ALA A 370 -44.16 -7.83 18.50
CA ALA A 370 -45.47 -7.83 17.88
C ALA A 370 -46.41 -8.74 18.67
N GLN A 371 -46.04 -10.02 18.76
CA GLN A 371 -46.86 -10.99 19.47
C GLN A 371 -46.95 -10.66 20.95
N LEU A 372 -45.82 -10.28 21.53
CA LEU A 372 -45.78 -9.87 22.91
C LEU A 372 -46.79 -8.76 23.16
N ASP A 373 -46.88 -7.81 22.26
CA ASP A 373 -47.75 -6.65 22.44
C ASP A 373 -49.20 -7.08 22.46
N LEU A 374 -49.47 -8.23 21.84
CA LEU A 374 -50.80 -8.81 21.85
C LEU A 374 -51.22 -9.24 23.26
N TRP A 375 -50.46 -10.16 23.84
CA TRP A 375 -50.70 -10.59 25.22
C TRP A 375 -50.88 -9.36 26.11
N GLN A 376 -49.97 -8.40 25.99
CA GLN A 376 -50.00 -7.17 26.79
C GLN A 376 -51.31 -6.44 26.69
N ALA A 377 -51.90 -6.48 25.49
CA ALA A 377 -53.11 -5.73 25.21
C ALA A 377 -54.34 -6.47 25.69
N GLU A 378 -54.34 -7.78 25.46
CA GLU A 378 -55.48 -8.61 25.80
C GLU A 378 -55.64 -8.79 27.30
N HIS A 379 -54.58 -8.55 28.06
CA HIS A 379 -54.58 -8.91 29.47
C HIS A 379 -54.28 -7.80 30.46
N GLY A 380 -53.45 -6.84 30.06
CA GLY A 380 -53.18 -5.70 30.93
C GLY A 380 -52.02 -5.94 31.88
N ASP A 381 -51.57 -4.87 32.52
CA ASP A 381 -50.31 -4.93 33.26
C ASP A 381 -50.38 -5.74 34.53
N ILE A 382 -51.39 -5.44 35.32
CA ILE A 382 -51.54 -6.05 36.63
C ILE A 382 -51.70 -7.56 36.53
N TYR A 383 -52.39 -8.00 35.48
CA TYR A 383 -52.60 -9.42 35.23
C TYR A 383 -51.27 -10.01 34.84
N ALA A 384 -50.55 -9.27 34.02
CA ALA A 384 -49.27 -9.71 33.53
C ALA A 384 -48.36 -9.98 34.72
N ALA A 385 -48.34 -9.03 35.64
CA ALA A 385 -47.59 -9.18 36.87
C ALA A 385 -48.07 -10.38 37.67
N GLY A 386 -49.39 -10.49 37.78
CA GLY A 386 -50.03 -11.45 38.65
C GLY A 386 -49.94 -12.92 38.28
N ILE A 387 -49.52 -13.21 37.07
CA ILE A 387 -49.38 -14.59 36.64
C ILE A 387 -47.94 -15.10 36.71
N GLU A 388 -47.06 -14.31 37.31
CA GLU A 388 -45.66 -14.70 37.32
C GLU A 388 -45.36 -15.71 38.42
N PRO A 389 -44.86 -16.88 38.03
CA PRO A 389 -44.50 -17.98 38.94
C PRO A 389 -43.60 -17.53 40.07
N ALA A 390 -43.77 -18.12 41.25
CA ALA A 390 -43.06 -17.67 42.44
C ALA A 390 -42.65 -18.83 43.35
N PHE A 391 -43.10 -20.02 43.00
CA PHE A 391 -42.82 -21.17 43.85
C PHE A 391 -41.43 -21.73 43.56
N ASP A 392 -40.69 -21.99 44.65
CA ASP A 392 -39.32 -22.48 44.56
C ASP A 392 -38.94 -23.29 45.79
N PRO A 393 -38.79 -24.62 45.61
CA PRO A 393 -38.49 -25.61 46.64
C PRO A 393 -37.30 -25.24 47.50
N LEU A 394 -36.44 -24.37 46.99
CA LEU A 394 -35.23 -23.98 47.70
C LEU A 394 -35.55 -22.92 48.72
N LYS A 395 -36.66 -22.23 48.51
CA LYS A 395 -37.07 -21.18 49.41
C LYS A 395 -37.98 -21.74 50.46
N ALA A 396 -38.18 -23.04 50.45
CA ALA A 396 -39.08 -23.66 51.42
C ALA A 396 -38.48 -23.64 52.82
N ARG A 397 -39.30 -23.23 53.80
CA ARG A 397 -38.87 -23.16 55.20
C ARG A 397 -39.65 -24.13 56.06
N VAL A 398 -38.94 -25.03 56.73
CA VAL A 398 -39.62 -25.99 57.58
C VAL A 398 -39.44 -25.67 59.04
N TYR A 399 -40.57 -25.50 59.72
CA TYR A 399 -40.59 -25.35 61.16
C TYR A 399 -41.22 -26.60 61.77
N ASP A 400 -40.51 -27.25 62.68
CA ASP A 400 -40.97 -28.53 63.24
C ASP A 400 -40.42 -28.77 64.65
N SER A 401 -39.64 -27.81 65.13
CA SER A 401 -38.93 -27.93 66.40
C SER A 401 -39.82 -27.60 67.60
N SER A 402 -40.88 -28.39 67.83
CA SER A 402 -41.80 -28.10 68.92
C SER A 402 -41.13 -28.26 70.28
N TRP A 403 -40.29 -29.30 70.37
CA TRP A 403 -39.67 -29.69 71.64
C TRP A 403 -38.97 -28.54 72.35
N ASN A 404 -38.34 -27.69 71.56
CA ASN A 404 -37.59 -26.58 72.10
C ASN A 404 -38.52 -25.42 72.44
N TRP A 405 -39.40 -25.05 71.53
CA TRP A 405 -40.28 -23.90 71.74
C TRP A 405 -41.11 -24.14 72.98
N ALA A 406 -41.26 -25.41 73.30
CA ALA A 406 -41.95 -25.82 74.50
C ALA A 406 -41.23 -25.26 75.76
N ARG A 407 -40.08 -25.83 76.06
CA ARG A 407 -39.26 -25.44 77.19
C ARG A 407 -39.10 -23.93 77.23
N GLN A 408 -39.15 -23.30 76.08
CA GLN A 408 -39.07 -21.85 76.04
C GLN A 408 -40.34 -21.23 76.58
N ASP A 409 -41.47 -21.57 75.95
CA ASP A 409 -42.76 -21.02 76.29
C ASP A 409 -43.08 -21.39 77.72
N ALA A 410 -42.50 -22.50 78.14
CA ALA A 410 -42.58 -22.95 79.52
C ALA A 410 -41.83 -21.95 80.39
N LEU A 411 -40.50 -21.99 80.30
CA LEU A 411 -39.66 -21.11 81.09
C LEU A 411 -40.12 -19.67 80.94
N SER A 412 -40.67 -19.34 79.78
CA SER A 412 -41.13 -17.99 79.49
C SER A 412 -42.30 -17.60 80.38
N MET A 413 -43.23 -18.53 80.53
CA MET A 413 -44.41 -18.33 81.36
C MET A 413 -44.04 -18.18 82.83
N TYR A 414 -43.15 -19.05 83.28
CA TYR A 414 -42.66 -19.02 84.66
C TYR A 414 -42.35 -17.59 85.13
N TYR A 415 -41.40 -16.95 84.45
CA TYR A 415 -41.02 -15.60 84.80
C TYR A 415 -42.19 -14.64 84.57
N ASP A 416 -42.99 -14.91 83.55
CA ASP A 416 -44.15 -14.07 83.26
C ASP A 416 -45.01 -13.86 84.49
N ILE A 417 -45.19 -14.93 85.24
CA ILE A 417 -46.00 -14.93 86.46
C ILE A 417 -45.35 -14.13 87.58
N ILE A 418 -44.07 -14.42 87.80
CA ILE A 418 -43.26 -13.79 88.84
C ILE A 418 -43.17 -12.27 88.71
N PHE A 419 -43.50 -11.74 87.54
CA PHE A 419 -43.45 -10.30 87.33
C PHE A 419 -44.85 -9.76 87.15
N GLY A 420 -45.81 -10.67 87.02
CA GLY A 420 -47.19 -10.29 86.93
C GLY A 420 -47.67 -9.93 85.53
N ARG A 421 -46.84 -10.20 84.52
CA ARG A 421 -47.29 -10.10 83.13
C ARG A 421 -48.49 -11.02 82.97
N LEU A 422 -48.43 -12.15 83.66
CA LEU A 422 -49.56 -13.06 83.76
C LEU A 422 -50.15 -13.02 85.16
N ARG A 423 -51.42 -12.61 85.24
CA ARG A 423 -52.18 -12.71 86.47
C ARG A 423 -53.13 -13.88 86.35
N VAL A 424 -53.40 -14.55 87.47
CA VAL A 424 -54.11 -15.84 87.47
C VAL A 424 -55.44 -15.74 86.73
N VAL A 425 -56.01 -14.54 86.77
CA VAL A 425 -57.21 -14.17 86.03
C VAL A 425 -57.05 -14.49 84.55
N ASP A 426 -56.31 -13.62 83.86
CA ASP A 426 -56.03 -13.69 82.41
C ASP A 426 -56.26 -15.05 81.74
N ARG A 427 -57.20 -15.07 80.80
CA ARG A 427 -57.46 -16.25 79.99
C ARG A 427 -56.13 -16.74 79.44
N GLU A 428 -55.27 -15.77 79.14
CA GLU A 428 -53.98 -16.03 78.54
C GLU A 428 -53.32 -17.27 79.12
N ILE A 429 -53.08 -17.25 80.43
CA ILE A 429 -52.33 -18.32 81.08
C ILE A 429 -52.89 -19.66 80.68
N VAL A 430 -54.21 -19.74 80.70
CA VAL A 430 -54.89 -20.95 80.32
C VAL A 430 -54.32 -21.38 78.98
N SER A 431 -54.57 -20.54 77.99
CA SER A 431 -54.13 -20.79 76.64
C SER A 431 -52.71 -21.33 76.63
N GLN A 432 -51.80 -20.54 77.18
CA GLN A 432 -50.40 -20.91 77.18
C GLN A 432 -50.20 -22.33 77.70
N CYS A 433 -50.83 -22.59 78.83
CA CYS A 433 -50.69 -23.87 79.49
C CYS A 433 -51.08 -24.99 78.56
N ILE A 434 -52.12 -24.75 77.77
CA ILE A 434 -52.68 -25.82 76.96
C ILE A 434 -51.69 -26.20 75.89
N GLN A 435 -51.01 -25.19 75.33
CA GLN A 435 -50.03 -25.48 74.30
C GLN A 435 -48.80 -26.14 74.90
N ILE A 436 -48.47 -25.77 76.12
CA ILE A 436 -47.39 -26.47 76.80
C ILE A 436 -47.80 -27.91 77.04
N MET A 437 -49.08 -28.12 77.33
CA MET A 437 -49.58 -29.48 77.48
C MET A 437 -49.47 -30.21 76.17
N ASN A 438 -49.76 -29.48 75.09
CA ASN A 438 -49.83 -30.08 73.77
C ASN A 438 -48.49 -30.67 73.36
N ARG A 439 -47.42 -29.98 73.73
CA ARG A 439 -46.07 -30.49 73.51
C ARG A 439 -45.55 -31.11 74.80
N SER A 440 -45.98 -32.33 75.13
CA SER A 440 -45.53 -32.94 76.37
C SER A 440 -44.53 -34.07 76.15
N ASN A 441 -43.27 -33.80 76.50
CA ASN A 441 -42.21 -34.81 76.46
C ASN A 441 -41.97 -35.31 77.86
N PRO A 442 -41.18 -36.39 77.98
CA PRO A 442 -40.66 -36.72 79.30
C PRO A 442 -39.69 -35.61 79.68
N LEU A 443 -38.83 -35.30 78.73
CA LEU A 443 -37.78 -34.31 78.94
C LEU A 443 -38.38 -32.96 79.29
N LEU A 444 -39.56 -32.65 78.78
CA LEU A 444 -40.19 -31.37 79.10
C LEU A 444 -40.48 -31.35 80.58
N LEU A 445 -41.00 -32.46 81.09
CA LEU A 445 -41.35 -32.54 82.48
C LEU A 445 -40.14 -32.30 83.40
N GLU A 446 -39.03 -32.98 83.11
CA GLU A 446 -37.80 -32.76 83.87
C GLU A 446 -37.48 -31.27 83.97
N PHE A 447 -37.51 -30.59 82.83
CA PHE A 447 -37.26 -29.16 82.74
C PHE A 447 -38.35 -28.38 83.48
N MET A 448 -39.60 -28.73 83.21
CA MET A 448 -40.74 -28.22 83.93
C MET A 448 -40.44 -28.27 85.42
N GLN A 449 -40.15 -29.49 85.88
CA GLN A 449 -40.01 -29.80 87.30
C GLN A 449 -38.94 -28.97 87.96
N TYR A 450 -37.69 -29.24 87.64
CA TYR A 450 -36.56 -28.52 88.26
C TYR A 450 -36.83 -27.04 88.53
N HIS A 451 -37.27 -26.30 87.53
CA HIS A 451 -37.47 -24.87 87.69
C HIS A 451 -38.52 -24.56 88.77
N ILE A 452 -39.52 -25.43 88.89
CA ILE A 452 -40.52 -25.34 89.96
C ILE A 452 -39.91 -25.69 91.32
N ASP A 453 -39.32 -26.89 91.40
CA ASP A 453 -38.73 -27.42 92.62
C ASP A 453 -37.88 -26.39 93.36
N HIS A 454 -37.20 -25.53 92.60
CA HIS A 454 -36.29 -24.57 93.19
C HIS A 454 -36.86 -23.16 93.24
N CYS A 455 -38.14 -23.01 92.91
CA CYS A 455 -38.79 -21.73 92.99
C CYS A 455 -38.66 -21.17 94.41
N PRO A 456 -38.04 -19.98 94.53
CA PRO A 456 -37.85 -19.24 95.79
C PRO A 456 -39.14 -18.60 96.30
N THR A 457 -40.07 -19.44 96.77
CA THR A 457 -41.39 -19.00 97.22
C THR A 457 -41.35 -17.91 98.30
N GLU A 458 -40.29 -17.96 99.11
CA GLU A 458 -40.11 -17.07 100.25
C GLU A 458 -39.85 -15.63 99.84
N ARG A 459 -39.85 -15.37 98.53
CA ARG A 459 -39.53 -14.05 98.01
C ARG A 459 -40.76 -13.14 97.81
N GLY A 460 -41.89 -13.75 97.46
CA GLY A 460 -43.09 -13.00 97.18
C GLY A 460 -44.28 -13.86 96.80
N GLU A 461 -45.44 -13.24 96.67
CA GLU A 461 -46.67 -13.93 96.33
C GLU A 461 -46.53 -14.61 94.97
N THR A 462 -46.27 -13.78 93.97
CA THR A 462 -45.95 -14.21 92.61
C THR A 462 -45.13 -15.50 92.55
N TYR A 463 -44.03 -15.57 93.31
CA TYR A 463 -43.20 -16.76 93.35
C TYR A 463 -43.97 -17.98 93.83
N GLN A 464 -44.75 -17.79 94.89
CA GLN A 464 -45.63 -18.83 95.38
C GLN A 464 -46.64 -19.20 94.29
N LEU A 465 -47.46 -18.22 93.93
CA LEU A 465 -48.44 -18.30 92.84
C LEU A 465 -47.88 -19.02 91.63
N ALA A 466 -46.60 -18.75 91.35
CA ALA A 466 -45.90 -19.42 90.27
C ALA A 466 -45.77 -20.90 90.61
N LYS A 467 -45.03 -21.20 91.67
CA LYS A 467 -44.76 -22.58 92.05
C LYS A 467 -46.06 -23.41 92.10
N GLU A 468 -47.15 -22.75 92.50
CA GLU A 468 -48.46 -23.39 92.53
C GLU A 468 -48.88 -23.77 91.13
N LEU A 469 -49.22 -22.78 90.33
CA LEU A 469 -49.64 -22.99 88.96
C LEU A 469 -48.64 -23.86 88.21
N GLY A 470 -47.38 -23.75 88.59
CA GLY A 470 -46.33 -24.58 88.01
C GLY A 470 -46.56 -26.06 88.27
N GLN A 471 -46.54 -26.44 89.55
CA GLN A 471 -46.79 -27.82 89.92
C GLN A 471 -48.12 -28.28 89.31
N GLN A 472 -49.07 -27.35 89.26
CA GLN A 472 -50.37 -27.57 88.67
C GLN A 472 -50.19 -28.07 87.26
N LEU A 473 -49.62 -27.20 86.42
CA LEU A 473 -49.35 -27.52 85.03
C LEU A 473 -48.59 -28.83 84.87
N ILE A 474 -47.57 -29.03 85.70
CA ILE A 474 -46.70 -30.21 85.59
C ILE A 474 -47.49 -31.50 85.70
N GLU A 475 -48.54 -31.44 86.53
CA GLU A 475 -49.39 -32.59 86.76
C GLU A 475 -50.23 -32.88 85.53
N ASN A 476 -50.88 -31.84 85.04
CA ASN A 476 -51.67 -31.93 83.82
C ASN A 476 -50.84 -32.54 82.70
N CYS A 477 -49.68 -31.95 82.43
CA CYS A 477 -48.75 -32.45 81.41
C CYS A 477 -48.51 -33.94 81.56
N LYS A 478 -48.49 -34.42 82.79
CA LYS A 478 -48.20 -35.82 83.05
C LYS A 478 -49.33 -36.73 82.53
N GLU A 479 -50.57 -36.26 82.63
CA GLU A 479 -51.69 -37.08 82.25
C GLU A 479 -52.05 -36.95 80.77
N VAL A 480 -51.29 -36.15 80.03
CA VAL A 480 -51.59 -35.94 78.62
C VAL A 480 -50.44 -36.38 77.73
N LEU A 481 -49.46 -37.06 78.30
CA LEU A 481 -48.41 -37.67 77.52
C LEU A 481 -49.02 -38.74 76.63
N GLY A 482 -48.60 -38.79 75.36
CA GLY A 482 -49.16 -39.72 74.39
C GLY A 482 -50.52 -39.27 73.86
N LYS A 483 -51.30 -38.67 74.74
CA LYS A 483 -52.62 -38.17 74.40
C LYS A 483 -52.53 -37.04 73.39
N PRO A 484 -53.15 -37.23 72.22
CA PRO A 484 -53.33 -36.28 71.11
C PRO A 484 -53.53 -34.84 71.59
N PRO A 485 -52.87 -33.86 70.94
CA PRO A 485 -52.97 -32.44 71.29
C PRO A 485 -54.29 -31.86 70.87
N VAL A 486 -54.65 -30.71 71.39
CA VAL A 486 -55.96 -30.19 71.09
C VAL A 486 -56.07 -28.67 70.87
N TYR A 487 -56.83 -28.31 69.82
CA TYR A 487 -57.29 -26.96 69.59
C TYR A 487 -58.44 -26.68 70.56
N LYS A 488 -58.20 -25.79 71.51
CA LYS A 488 -59.26 -25.35 72.41
C LYS A 488 -59.21 -23.83 72.56
N ASP A 489 -60.25 -23.17 72.09
CA ASP A 489 -60.27 -21.70 72.09
C ASP A 489 -60.82 -21.19 73.41
N VAL A 490 -59.92 -20.74 74.26
CA VAL A 490 -60.31 -20.29 75.58
C VAL A 490 -60.53 -18.77 75.60
N SER A 491 -60.37 -18.14 74.45
CA SER A 491 -60.43 -16.69 74.41
C SER A 491 -61.77 -16.21 74.92
N ILE A 492 -61.82 -14.95 75.31
CA ILE A 492 -63.03 -14.34 75.78
C ILE A 492 -63.82 -13.78 74.59
N PRO A 493 -64.91 -14.46 74.22
CA PRO A 493 -65.75 -14.00 73.11
C PRO A 493 -65.93 -12.49 73.12
N THR A 494 -65.70 -11.87 71.96
CA THR A 494 -65.67 -10.42 71.89
C THR A 494 -66.56 -9.90 70.76
N GLY A 495 -67.11 -8.70 70.95
CA GLY A 495 -68.01 -8.10 69.99
C GLY A 495 -67.53 -6.76 69.48
N PRO A 496 -68.30 -6.15 68.58
CA PRO A 496 -67.94 -4.90 67.89
C PRO A 496 -68.51 -3.71 68.63
N GLN A 497 -67.75 -2.62 68.73
CA GLN A 497 -68.26 -1.42 69.39
C GLN A 497 -67.63 -0.14 68.88
N THR A 498 -68.35 0.53 68.00
CA THR A 498 -67.92 1.81 67.46
C THR A 498 -68.46 2.96 68.30
N THR A 499 -67.61 3.96 68.54
CA THR A 499 -67.94 5.06 69.44
C THR A 499 -67.55 6.40 68.80
N ILE A 500 -68.39 7.41 68.98
CA ILE A 500 -68.00 8.74 68.54
C ILE A 500 -67.77 9.69 69.71
N ASP A 501 -66.48 9.88 69.99
CA ASP A 501 -65.98 10.83 70.97
C ASP A 501 -66.63 12.19 70.78
N ALA A 502 -66.73 12.96 71.84
CA ALA A 502 -67.35 14.28 71.78
C ALA A 502 -66.55 15.26 70.91
N ARG A 503 -65.28 14.95 70.66
CA ARG A 503 -64.46 15.74 69.73
C ARG A 503 -64.70 15.32 68.27
N GLY A 504 -65.55 14.33 68.06
CA GLY A 504 -65.86 13.86 66.73
C GLY A 504 -65.01 12.66 66.37
N ASN A 505 -64.05 12.36 67.24
CA ASN A 505 -63.21 11.20 67.05
C ASN A 505 -64.04 9.92 66.94
N ILE A 506 -63.78 9.13 65.90
CA ILE A 506 -64.48 7.87 65.74
C ILE A 506 -63.53 6.73 66.03
N GLN A 507 -63.79 5.96 67.08
CA GLN A 507 -62.94 4.81 67.37
C GLN A 507 -63.76 3.53 67.43
N TYR A 508 -63.08 2.39 67.33
CA TYR A 508 -63.74 1.10 67.31
C TYR A 508 -62.93 0.10 68.10
N GLN A 509 -63.44 -0.27 69.27
CA GLN A 509 -62.79 -1.29 70.07
C GLN A 509 -63.51 -2.60 69.86
N GLU A 510 -62.99 -3.65 70.49
CA GLU A 510 -63.70 -4.91 70.56
C GLU A 510 -63.97 -5.27 72.02
N VAL A 511 -65.22 -5.07 72.43
CA VAL A 511 -65.60 -5.19 73.82
C VAL A 511 -66.13 -6.57 74.14
N PRO A 512 -65.68 -7.15 75.25
CA PRO A 512 -66.13 -8.49 75.66
C PRO A 512 -67.65 -8.58 75.58
N ARG A 513 -68.15 -9.64 74.94
CA ARG A 513 -69.58 -9.85 74.81
C ARG A 513 -70.19 -9.98 76.19
N ALA A 514 -71.17 -9.14 76.48
CA ALA A 514 -71.78 -9.11 77.81
C ALA A 514 -72.47 -10.43 78.15
N SER A 515 -72.85 -11.18 77.13
CA SER A 515 -73.61 -12.42 77.34
C SER A 515 -72.75 -13.70 77.41
N ALA A 516 -71.68 -13.75 76.64
CA ALA A 516 -70.85 -14.96 76.62
C ALA A 516 -69.46 -14.71 77.15
N ARG A 517 -68.90 -15.71 77.81
CA ARG A 517 -67.59 -15.56 78.45
C ARG A 517 -66.61 -16.63 77.98
N LYS A 518 -67.10 -17.86 77.88
CA LYS A 518 -66.32 -18.96 77.30
C LYS A 518 -66.82 -19.16 75.89
N PHE A 519 -66.16 -20.03 75.14
CA PHE A 519 -66.64 -20.33 73.81
C PHE A 519 -67.91 -21.16 73.84
N GLU A 520 -68.04 -21.97 74.88
CA GLU A 520 -69.22 -22.80 75.05
C GLU A 520 -70.49 -21.95 74.95
N HIS A 521 -70.43 -20.75 75.52
CA HIS A 521 -71.55 -19.83 75.52
C HIS A 521 -71.87 -19.40 74.13
N TYR A 522 -70.82 -19.01 73.41
CA TYR A 522 -70.91 -18.72 71.98
C TYR A 522 -71.61 -19.86 71.24
N VAL A 523 -71.08 -21.07 71.34
CA VAL A 523 -71.67 -22.23 70.66
C VAL A 523 -73.17 -22.25 70.91
N LYS A 524 -73.55 -22.17 72.19
CA LYS A 524 -74.97 -22.11 72.55
C LYS A 524 -75.65 -20.91 71.90
N GLN A 525 -75.28 -19.72 72.32
CA GLN A 525 -75.87 -18.51 71.75
C GLN A 525 -76.16 -18.63 70.25
N MET A 526 -75.23 -19.26 69.54
CA MET A 526 -75.36 -19.47 68.10
C MET A 526 -76.58 -20.35 67.87
N ALA A 527 -76.70 -21.41 68.63
CA ALA A 527 -77.79 -22.35 68.47
C ALA A 527 -79.19 -21.79 68.76
N GLU A 528 -79.29 -20.88 69.73
CA GLU A 528 -80.60 -20.38 70.14
C GLU A 528 -81.26 -19.58 69.03
N GLY A 529 -80.45 -18.97 68.19
CA GLY A 529 -80.98 -18.18 67.10
C GLY A 529 -81.57 -16.90 67.65
N GLY A 530 -82.46 -16.27 66.88
CA GLY A 530 -83.08 -15.03 67.32
C GLY A 530 -84.41 -14.80 66.65
N PRO A 531 -85.13 -13.77 67.10
CA PRO A 531 -86.42 -13.31 66.58
C PRO A 531 -86.47 -13.17 65.05
N ILE A 532 -85.33 -13.05 64.40
CA ILE A 532 -85.33 -12.96 62.94
C ILE A 532 -85.58 -14.30 62.22
N SER A 533 -84.97 -15.38 62.69
CA SER A 533 -85.15 -16.69 62.04
C SER A 533 -86.36 -17.48 62.55
N GLN A 534 -87.46 -16.78 62.83
CA GLN A 534 -88.65 -17.40 63.38
C GLN A 534 -89.45 -18.16 62.35
N TYR A 535 -89.89 -19.36 62.71
CA TYR A 535 -90.87 -20.11 61.92
C TYR A 535 -91.78 -20.96 62.80
N SER A 536 -92.92 -21.37 62.26
CA SER A 536 -93.94 -22.03 63.06
C SER A 536 -94.00 -23.54 62.80
N ASN A 537 -94.13 -24.34 63.86
CA ASN A 537 -94.24 -25.79 63.72
C ASN A 537 -95.38 -26.20 62.80
N ARG A 538 -95.38 -27.44 62.30
CA ARG A 538 -96.56 -27.90 61.59
C ARG A 538 -97.79 -27.60 62.45
N THR A 539 -97.64 -27.89 63.75
CA THR A 539 -98.70 -27.70 64.74
C THR A 539 -99.30 -26.28 64.67
N LYS A 540 -98.44 -25.29 64.85
CA LYS A 540 -98.89 -23.91 64.80
C LYS A 540 -99.55 -23.62 63.46
N VAL A 541 -98.97 -24.14 62.38
CA VAL A 541 -99.54 -23.97 61.04
C VAL A 541 -100.99 -24.41 60.97
N GLN A 542 -101.32 -25.51 61.64
CA GLN A 542 -102.70 -25.97 61.67
C GLN A 542 -103.52 -25.15 62.65
N ASN A 543 -103.07 -25.09 63.90
CA ASN A 543 -103.79 -24.33 64.91
C ASN A 543 -104.06 -22.90 64.47
N ASP A 544 -103.23 -22.41 63.55
CA ASP A 544 -103.45 -21.09 62.95
C ASP A 544 -104.45 -21.19 61.80
N LEU A 545 -104.39 -22.27 61.03
CA LEU A 545 -105.40 -22.55 60.02
C LEU A 545 -106.77 -22.71 60.67
N ARG A 546 -106.78 -23.23 61.90
CA ARG A 546 -108.01 -23.40 62.66
C ARG A 546 -108.70 -22.08 62.86
N SER A 547 -108.15 -21.29 63.78
CA SER A 547 -108.68 -19.98 64.12
C SER A 547 -108.93 -19.05 62.93
N VAL A 548 -108.19 -19.24 61.84
CA VAL A 548 -108.49 -18.52 60.60
C VAL A 548 -109.86 -18.93 60.06
N TYR A 549 -110.04 -20.23 59.86
CA TYR A 549 -111.31 -20.80 59.39
C TYR A 549 -112.43 -20.51 60.39
N LYS A 550 -112.21 -20.89 61.65
CA LYS A 550 -113.19 -20.69 62.71
C LYS A 550 -113.72 -19.26 62.77
N LEU A 551 -112.81 -18.29 62.69
CA LEU A 551 -113.18 -16.87 62.79
C LEU A 551 -113.86 -16.37 61.51
N ILE A 552 -113.22 -16.61 60.36
CA ILE A 552 -113.78 -16.23 59.07
C ILE A 552 -115.17 -16.85 58.83
N ARG A 553 -115.36 -18.08 59.33
CA ARG A 553 -116.57 -18.88 59.09
C ARG A 553 -117.72 -18.48 60.02
N ARG A 554 -117.44 -18.49 61.32
CA ARG A 554 -118.42 -18.11 62.34
C ARG A 554 -118.67 -16.60 62.36
N GLN A 555 -118.57 -16.01 61.17
CA GLN A 555 -118.72 -14.57 60.98
C GLN A 555 -119.80 -14.37 59.92
N HIS A 556 -120.01 -15.42 59.13
CA HIS A 556 -121.04 -15.45 58.08
C HIS A 556 -121.32 -14.11 57.43
N ARG A 557 -120.41 -13.68 56.56
CA ARG A 557 -120.59 -12.43 55.82
C ARG A 557 -120.37 -12.70 54.34
N LEU A 558 -120.00 -13.94 54.04
CA LEU A 558 -119.58 -14.30 52.68
C LEU A 558 -120.68 -15.03 51.93
N SER A 559 -120.78 -14.76 50.63
CA SER A 559 -121.73 -15.47 49.78
C SER A 559 -121.42 -16.96 49.83
N LYS A 560 -122.44 -17.78 49.59
CA LYS A 560 -122.25 -19.23 49.65
C LYS A 560 -121.24 -19.68 48.61
N SER A 561 -120.98 -18.84 47.63
CA SER A 561 -119.88 -19.05 46.70
C SER A 561 -118.58 -19.05 47.48
N SER A 562 -118.19 -17.86 47.93
CA SER A 562 -116.92 -17.67 48.62
C SER A 562 -116.71 -18.67 49.74
N GLN A 563 -117.72 -18.85 50.58
CA GLN A 563 -117.61 -19.78 51.69
C GLN A 563 -117.47 -21.21 51.17
N LEU A 564 -118.05 -21.47 50.01
CA LEU A 564 -117.92 -22.76 49.34
C LEU A 564 -116.47 -23.06 48.97
N GLN A 565 -115.87 -22.18 48.18
CA GLN A 565 -114.54 -22.41 47.62
C GLN A 565 -113.43 -22.02 48.59
N PHE A 566 -113.73 -21.18 49.57
CA PHE A 566 -112.82 -20.95 50.68
C PHE A 566 -112.56 -22.30 51.33
N ASN A 567 -113.66 -23.02 51.62
CA ASN A 567 -113.62 -24.39 52.11
C ASN A 567 -112.83 -25.28 51.16
N ALA A 568 -113.13 -25.14 49.89
CA ALA A 568 -112.45 -25.88 48.84
C ALA A 568 -110.95 -25.77 49.04
N LEU A 569 -110.46 -24.53 48.94
CA LEU A 569 -109.04 -24.24 49.00
C LEU A 569 -108.43 -24.68 50.31
N TYR A 570 -109.19 -24.50 51.40
CA TYR A 570 -108.71 -24.88 52.72
C TYR A 570 -108.33 -26.35 52.75
N LYS A 571 -109.22 -27.18 52.23
CA LYS A 571 -109.04 -28.63 52.21
C LYS A 571 -107.76 -29.06 51.49
N ASP A 572 -107.51 -28.48 50.31
CA ASP A 572 -106.33 -28.80 49.53
C ASP A 572 -105.10 -28.56 50.38
N VAL A 573 -105.02 -27.35 50.91
CA VAL A 573 -103.93 -26.93 51.79
C VAL A 573 -103.68 -27.97 52.87
N ILE A 574 -104.78 -28.43 53.47
CA ILE A 574 -104.75 -29.36 54.60
C ILE A 574 -104.38 -30.78 54.19
N ARG A 575 -104.52 -31.05 52.91
CA ARG A 575 -104.10 -32.31 52.32
C ARG A 575 -102.59 -32.31 52.17
N ALA A 576 -102.11 -31.33 51.40
CA ALA A 576 -100.70 -31.22 51.05
C ALA A 576 -99.82 -31.13 52.28
N LEU A 577 -100.36 -30.54 53.33
CA LEU A 577 -99.64 -30.38 54.61
C LEU A 577 -99.84 -31.57 55.57
N ALA A 578 -100.67 -32.53 55.14
CA ALA A 578 -100.91 -33.80 55.83
C ALA A 578 -101.86 -33.67 57.02
N MET A 579 -102.66 -32.62 57.00
CA MET A 579 -102.86 -31.85 58.23
C MET A 579 -102.80 -32.40 59.66
N LYS A 608 -96.09 -23.32 67.84
CA LYS A 608 -94.82 -23.49 68.51
C LYS A 608 -93.89 -22.57 67.69
N VAL A 609 -93.18 -21.67 68.38
CA VAL A 609 -92.19 -20.81 67.74
C VAL A 609 -90.85 -21.52 67.60
N GLU A 610 -90.21 -21.35 66.46
CA GLU A 610 -88.91 -21.94 66.28
C GLU A 610 -87.97 -20.95 65.60
N THR A 611 -86.68 -21.25 65.68
CA THR A 611 -85.68 -20.38 65.09
C THR A 611 -84.61 -21.16 64.36
N ILE A 612 -83.86 -20.41 63.57
CA ILE A 612 -82.78 -20.97 62.79
C ILE A 612 -81.45 -20.62 63.41
N PRO A 613 -80.58 -21.62 63.51
CA PRO A 613 -79.41 -21.70 64.40
C PRO A 613 -78.20 -20.78 64.17
N PHE A 614 -78.35 -19.65 63.47
CA PHE A 614 -77.22 -18.82 62.96
C PHE A 614 -76.12 -19.63 62.29
N LEU A 615 -75.97 -20.89 62.66
CA LEU A 615 -74.97 -21.76 62.07
C LEU A 615 -75.60 -23.11 61.78
N HIS A 616 -75.99 -23.33 60.54
CA HIS A 616 -76.64 -24.57 60.20
C HIS A 616 -76.11 -25.17 58.90
N LEU A 617 -76.21 -26.49 58.80
CA LEU A 617 -75.92 -27.17 57.55
C LEU A 617 -77.22 -27.17 56.75
N ARG A 618 -77.18 -27.71 55.53
CA ARG A 618 -78.39 -27.87 54.74
C ARG A 618 -78.32 -29.15 53.95
N LYS A 619 -79.45 -29.54 53.35
CA LYS A 619 -79.46 -30.66 52.41
C LYS A 619 -80.27 -30.28 51.19
N LYS A 620 -80.03 -30.96 50.08
CA LYS A 620 -80.69 -30.64 48.82
C LYS A 620 -82.04 -31.34 48.67
N ASP A 621 -83.03 -30.58 48.22
CA ASP A 621 -84.34 -31.13 47.90
C ASP A 621 -84.25 -31.96 46.60
N GLU A 622 -85.31 -32.71 46.30
CA GLU A 622 -85.44 -33.35 44.99
C GLU A 622 -85.22 -32.29 43.93
N PHE A 623 -85.76 -31.10 44.22
CA PHE A 623 -85.56 -29.93 43.40
C PHE A 623 -84.37 -29.14 43.93
N GLY A 624 -83.18 -29.70 43.76
CA GLY A 624 -81.92 -29.12 44.19
C GLY A 624 -82.00 -27.83 44.98
N ASN A 625 -82.54 -27.92 46.19
CA ASN A 625 -82.66 -26.76 47.06
C ASN A 625 -81.92 -26.99 48.37
N TRP A 626 -81.19 -25.99 48.82
CA TRP A 626 -80.46 -26.12 50.07
C TRP A 626 -81.35 -25.64 51.20
N GLU A 627 -82.04 -26.60 51.83
CA GLU A 627 -82.99 -26.31 52.89
C GLU A 627 -82.41 -26.71 54.24
N TYR A 628 -82.62 -25.86 55.25
CA TYR A 628 -82.21 -26.16 56.62
C TYR A 628 -82.52 -27.60 57.09
N SER A 629 -81.46 -28.35 57.40
CA SER A 629 -81.59 -29.70 57.95
C SER A 629 -81.17 -29.72 59.41
N LYS A 630 -82.13 -29.85 60.32
CA LYS A 630 -81.81 -29.92 61.73
C LYS A 630 -80.91 -31.10 62.02
N LYS A 631 -81.13 -32.21 61.33
CA LYS A 631 -80.36 -33.43 61.59
C LYS A 631 -78.87 -33.14 61.52
N LEU A 632 -78.47 -32.45 60.47
CA LEU A 632 -77.08 -32.13 60.28
C LEU A 632 -76.68 -31.00 61.21
N THR A 633 -77.40 -29.88 61.10
CA THR A 633 -77.11 -28.72 61.93
C THR A 633 -76.85 -29.20 63.34
N GLY A 634 -77.59 -30.23 63.75
CA GLY A 634 -77.35 -30.85 65.03
C GLY A 634 -75.99 -31.49 65.03
N ILE A 635 -75.87 -32.62 64.34
CA ILE A 635 -74.63 -33.40 64.32
C ILE A 635 -73.37 -32.52 64.18
N TYR A 636 -73.50 -31.36 63.53
CA TYR A 636 -72.41 -30.40 63.44
C TYR A 636 -72.24 -29.66 64.75
N LEU A 637 -73.22 -28.80 65.05
CA LEU A 637 -73.21 -27.95 66.24
C LEU A 637 -72.82 -28.72 67.48
N ASP A 638 -73.13 -30.00 67.49
CA ASP A 638 -72.78 -30.87 68.59
C ASP A 638 -71.26 -30.92 68.75
N GLY A 639 -70.57 -31.31 67.68
CA GLY A 639 -69.12 -31.32 67.68
C GLY A 639 -68.56 -29.93 67.94
N LEU A 640 -69.22 -28.93 67.36
CA LEU A 640 -68.86 -27.53 67.56
C LEU A 640 -68.85 -27.16 69.05
N GLU A 641 -69.76 -27.75 69.80
CA GLU A 641 -69.78 -27.57 71.24
C GLU A 641 -68.71 -28.45 71.90
N ALA A 642 -68.63 -29.72 71.50
CA ALA A 642 -67.61 -30.65 71.97
C ALA A 642 -66.21 -30.10 71.80
N ALA A 643 -66.05 -29.26 70.78
CA ALA A 643 -64.79 -28.57 70.57
C ALA A 643 -64.57 -27.55 71.69
N ALA A 644 -65.54 -26.67 71.90
CA ALA A 644 -65.43 -25.59 72.87
C ALA A 644 -65.15 -26.10 74.28
N ARG A 645 -65.44 -27.38 74.50
CA ARG A 645 -65.27 -28.03 75.80
C ARG A 645 -63.90 -28.68 75.91
N SER A 646 -63.80 -29.89 75.39
CA SER A 646 -62.63 -30.75 75.57
C SER A 646 -61.71 -30.64 74.39
N GLY A 647 -61.99 -29.66 73.54
CA GLY A 647 -61.15 -29.35 72.40
C GLY A 647 -61.36 -30.25 71.20
N LEU A 648 -60.35 -30.28 70.34
CA LEU A 648 -60.45 -30.92 69.05
C LEU A 648 -59.06 -31.16 68.48
N THR A 649 -58.71 -32.41 68.16
CA THR A 649 -57.37 -32.70 67.70
C THR A 649 -57.32 -32.89 66.20
N PHE A 650 -56.16 -32.64 65.61
CA PHE A 650 -55.96 -32.87 64.18
C PHE A 650 -54.77 -33.79 63.98
N GLN A 651 -54.38 -34.47 65.05
CA GLN A 651 -53.22 -35.35 65.04
C GLN A 651 -53.16 -36.21 63.77
N GLY A 652 -51.98 -36.30 63.16
CA GLY A 652 -51.77 -37.15 62.00
C GLY A 652 -52.24 -36.58 60.67
N LYS A 653 -52.97 -35.47 60.73
CA LYS A 653 -53.56 -34.90 59.53
C LYS A 653 -52.54 -34.06 58.80
N HIS A 654 -52.59 -34.11 57.46
CA HIS A 654 -51.84 -33.22 56.58
C HIS A 654 -52.79 -32.22 55.89
N ALA A 655 -52.42 -30.95 55.82
CA ALA A 655 -53.30 -29.98 55.15
C ALA A 655 -52.56 -28.86 54.41
N LEU A 656 -53.10 -28.49 53.26
CA LEU A 656 -52.58 -27.37 52.49
C LEU A 656 -53.45 -26.14 52.69
N MET A 657 -52.82 -24.97 52.87
CA MET A 657 -53.56 -23.73 53.11
C MET A 657 -53.02 -22.55 52.32
N THR A 658 -53.85 -21.97 51.47
CA THR A 658 -53.47 -20.78 50.74
C THR A 658 -54.33 -19.63 51.22
N GLY A 659 -53.72 -18.45 51.36
CA GLY A 659 -54.45 -17.27 51.78
C GLY A 659 -54.38 -17.11 53.27
N ALA A 660 -53.39 -17.77 53.87
CA ALA A 660 -53.20 -17.74 55.32
C ALA A 660 -52.36 -16.54 55.71
N GLY A 661 -52.63 -15.40 55.09
CA GLY A 661 -51.82 -14.22 55.35
C GLY A 661 -51.90 -13.85 56.81
N ALA A 662 -50.96 -13.04 57.24
CA ALA A 662 -51.03 -12.46 58.57
C ALA A 662 -52.36 -11.77 58.83
N GLY A 663 -52.99 -12.08 59.96
CA GLY A 663 -54.26 -11.46 60.34
C GLY A 663 -55.44 -11.75 59.41
N SER A 664 -55.53 -12.98 58.91
CA SER A 664 -56.66 -13.39 58.10
C SER A 664 -57.38 -14.60 58.72
N ILE A 665 -58.56 -14.92 58.20
CA ILE A 665 -59.26 -16.10 58.66
C ILE A 665 -58.34 -17.30 58.56
N GLY A 666 -57.73 -17.47 57.39
CA GLY A 666 -56.79 -18.55 57.21
C GLY A 666 -55.75 -18.58 58.30
N ALA A 667 -55.28 -17.41 58.70
CA ALA A 667 -54.22 -17.31 59.70
C ALA A 667 -54.63 -18.01 60.99
N GLU A 668 -55.87 -17.76 61.40
CA GLU A 668 -56.41 -18.36 62.60
C GLU A 668 -56.58 -19.87 62.44
N VAL A 669 -57.26 -20.28 61.38
CA VAL A 669 -57.46 -21.69 61.12
C VAL A 669 -56.13 -22.41 61.14
N LEU A 670 -55.10 -21.73 60.66
CA LEU A 670 -53.76 -22.30 60.68
C LEU A 670 -53.36 -22.71 62.10
N GLN A 671 -53.31 -21.73 62.99
CA GLN A 671 -52.97 -21.96 64.38
C GLN A 671 -53.82 -23.07 64.96
N GLY A 672 -55.08 -23.11 64.54
CA GLY A 672 -55.99 -24.18 64.90
C GLY A 672 -55.37 -25.55 64.66
N LEU A 673 -55.18 -25.89 63.39
CA LEU A 673 -54.60 -27.17 63.05
C LEU A 673 -53.23 -27.39 63.65
N LEU A 674 -52.53 -26.29 63.91
CA LEU A 674 -51.18 -26.37 64.44
C LEU A 674 -51.19 -26.82 65.91
N SER A 675 -52.26 -26.47 66.61
CA SER A 675 -52.47 -26.94 67.97
C SER A 675 -52.91 -28.41 68.07
N GLY A 676 -53.64 -28.87 67.06
CA GLY A 676 -53.74 -30.31 66.86
C GLY A 676 -52.40 -30.75 66.28
N GLY A 677 -52.17 -32.05 66.19
CA GLY A 677 -50.87 -32.51 65.72
C GLY A 677 -50.67 -32.37 64.22
N ALA A 678 -51.23 -31.32 63.62
CA ALA A 678 -51.34 -31.22 62.16
C ALA A 678 -50.12 -30.69 61.44
N LYS A 679 -49.70 -31.41 60.41
CA LYS A 679 -48.65 -30.95 59.52
C LYS A 679 -49.26 -30.22 58.34
N VAL A 680 -48.96 -28.94 58.19
CA VAL A 680 -49.56 -28.15 57.13
C VAL A 680 -48.54 -27.41 56.30
N ILE A 681 -48.83 -27.25 55.01
CA ILE A 681 -48.01 -26.45 54.14
C ILE A 681 -48.77 -25.16 53.85
N VAL A 682 -48.14 -24.03 54.17
CA VAL A 682 -48.75 -22.72 54.00
C VAL A 682 -48.08 -21.99 52.86
N THR A 683 -48.87 -21.33 52.01
CA THR A 683 -48.30 -20.55 50.88
C THR A 683 -48.33 -19.05 51.14
N THR A 684 -47.23 -18.38 50.75
CA THR A 684 -47.21 -16.93 50.75
C THR A 684 -46.74 -16.32 49.42
N SER A 685 -47.52 -15.33 48.98
CA SER A 685 -47.28 -14.63 47.73
C SER A 685 -46.43 -13.39 47.96
N ARG A 686 -46.04 -13.18 49.19
CA ARG A 686 -45.22 -12.03 49.53
C ARG A 686 -44.16 -12.53 50.48
N PHE A 687 -43.44 -13.55 50.04
CA PHE A 687 -42.46 -14.27 50.84
C PHE A 687 -41.31 -13.35 51.27
N SER A 688 -41.41 -12.80 52.48
CA SER A 688 -40.37 -11.92 53.02
C SER A 688 -39.58 -12.63 54.09
N ARG A 689 -38.68 -11.90 54.72
CA ARG A 689 -38.13 -12.37 55.96
C ARG A 689 -39.25 -12.23 56.96
N GLN A 690 -39.87 -11.05 56.99
CA GLN A 690 -40.90 -10.72 57.96
C GLN A 690 -42.00 -11.74 57.97
N VAL A 691 -42.41 -12.16 56.79
CA VAL A 691 -43.42 -13.20 56.65
C VAL A 691 -42.89 -14.57 57.11
N THR A 692 -41.66 -14.89 56.74
CA THR A 692 -41.03 -16.09 57.24
C THR A 692 -41.12 -16.07 58.75
N GLU A 693 -40.65 -14.97 59.36
CA GLU A 693 -40.58 -14.84 60.81
C GLU A 693 -41.95 -15.01 61.48
N TYR A 694 -42.94 -14.27 60.98
CA TYR A 694 -44.33 -14.40 61.41
C TYR A 694 -44.79 -15.84 61.62
N TYR A 695 -44.73 -16.64 60.57
CA TYR A 695 -45.14 -18.03 60.65
C TYR A 695 -44.31 -18.81 61.67
N GLN A 696 -43.04 -18.45 61.79
CA GLN A 696 -42.22 -19.03 62.86
C GLN A 696 -42.85 -18.66 64.20
N GLY A 697 -43.11 -17.37 64.41
CA GLY A 697 -43.71 -16.89 65.63
C GLY A 697 -44.91 -17.73 66.00
N ILE A 698 -45.70 -18.05 64.99
CA ILE A 698 -46.87 -18.92 65.16
C ILE A 698 -46.46 -20.30 65.64
N TYR A 699 -45.69 -21.00 64.83
CA TYR A 699 -45.33 -22.36 65.17
C TYR A 699 -44.63 -22.48 66.51
N ALA A 700 -43.98 -21.41 66.94
CA ALA A 700 -43.28 -21.41 68.22
C ALA A 700 -44.26 -21.51 69.38
N ARG A 701 -45.46 -21.00 69.14
CA ARG A 701 -46.49 -20.89 70.16
C ARG A 701 -47.72 -21.76 69.95
N CYS A 702 -47.83 -22.42 68.80
CA CYS A 702 -48.99 -23.27 68.50
C CYS A 702 -48.59 -24.71 68.21
N GLY A 703 -47.38 -24.88 67.67
CA GLY A 703 -46.89 -26.17 67.24
C GLY A 703 -46.86 -27.23 68.31
N ALA A 704 -47.94 -28.01 68.37
CA ALA A 704 -48.05 -29.12 69.30
C ALA A 704 -47.10 -30.23 68.89
N ARG A 705 -46.85 -31.15 69.80
CA ARG A 705 -46.06 -32.32 69.48
C ARG A 705 -46.59 -32.91 68.17
N GLY A 706 -45.69 -33.38 67.31
CA GLY A 706 -46.10 -34.02 66.06
C GLY A 706 -46.47 -33.08 64.91
N SER A 707 -46.72 -31.82 65.22
CA SER A 707 -47.05 -30.81 64.21
C SER A 707 -45.85 -30.43 63.35
N GLN A 708 -46.13 -29.79 62.21
CA GLN A 708 -45.08 -29.29 61.32
C GLN A 708 -45.63 -28.14 60.49
N LEU A 709 -44.85 -27.08 60.33
CA LEU A 709 -45.23 -25.98 59.47
C LEU A 709 -44.19 -25.88 58.37
N VAL A 710 -44.67 -25.79 57.14
CA VAL A 710 -43.82 -25.67 55.97
C VAL A 710 -44.28 -24.49 55.15
N VAL A 711 -43.55 -23.38 55.22
CA VAL A 711 -43.89 -22.20 54.45
C VAL A 711 -43.11 -22.16 53.14
N VAL A 712 -43.73 -21.51 52.16
CA VAL A 712 -43.36 -21.68 50.77
C VAL A 712 -43.90 -20.49 49.99
N PRO A 713 -43.11 -19.99 49.03
CA PRO A 713 -43.60 -18.90 48.20
C PRO A 713 -44.51 -19.49 47.13
N PHE A 714 -45.52 -18.75 46.72
CA PHE A 714 -46.46 -19.33 45.76
C PHE A 714 -47.39 -18.25 45.28
N ASN A 715 -47.80 -18.36 44.02
CA ASN A 715 -48.71 -17.41 43.41
C ASN A 715 -49.86 -18.14 42.73
N GLN A 716 -51.03 -18.09 43.37
CA GLN A 716 -52.14 -18.88 42.90
C GLN A 716 -52.65 -18.36 41.58
N GLY A 717 -52.20 -17.17 41.20
CA GLY A 717 -52.49 -16.68 39.87
C GLY A 717 -51.73 -17.40 38.75
N SER A 718 -50.85 -18.34 39.10
CA SER A 718 -50.00 -18.95 38.10
C SER A 718 -50.28 -20.43 37.95
N LYS A 719 -50.86 -20.82 36.82
CA LYS A 719 -51.08 -22.23 36.50
C LYS A 719 -49.85 -23.09 36.83
N GLN A 720 -48.68 -22.59 36.50
CA GLN A 720 -47.46 -23.35 36.61
C GLN A 720 -47.18 -23.65 38.06
N ASP A 721 -47.29 -22.60 38.87
CA ASP A 721 -47.10 -22.70 40.32
C ASP A 721 -48.00 -23.74 40.95
N VAL A 722 -49.29 -23.62 40.65
CA VAL A 722 -50.26 -24.59 41.11
C VAL A 722 -49.76 -26.00 40.89
N GLU A 723 -49.47 -26.36 39.65
CA GLU A 723 -49.05 -27.72 39.41
C GLU A 723 -47.72 -28.01 40.06
N ALA A 724 -46.87 -26.99 40.18
CA ALA A 724 -45.55 -27.14 40.80
C ALA A 724 -45.63 -27.38 42.31
N LEU A 725 -46.44 -26.54 42.96
CA LEU A 725 -46.73 -26.66 44.39
C LEU A 725 -47.15 -28.07 44.69
N VAL A 726 -48.25 -28.47 44.07
CA VAL A 726 -48.81 -29.79 44.28
C VAL A 726 -47.75 -30.88 44.18
N ASN A 727 -46.87 -30.80 43.21
CA ASN A 727 -45.84 -31.81 43.05
C ASN A 727 -44.84 -31.85 44.19
N TYR A 728 -44.38 -30.69 44.63
CA TYR A 728 -43.50 -30.61 45.81
C TYR A 728 -44.16 -31.34 46.96
N ILE A 729 -45.46 -31.10 47.12
CA ILE A 729 -46.22 -31.68 48.19
C ILE A 729 -46.20 -33.20 48.17
N TYR A 730 -46.29 -33.80 46.99
CA TYR A 730 -46.43 -35.24 46.86
C TYR A 730 -45.15 -35.99 46.53
N ASP A 731 -44.18 -35.31 45.96
CA ASP A 731 -42.99 -36.00 45.53
C ASP A 731 -42.30 -36.71 46.68
N THR A 732 -42.12 -38.01 46.53
CA THR A 732 -41.47 -38.82 47.56
C THR A 732 -40.00 -38.42 47.74
N LYS A 733 -39.25 -38.36 46.64
CA LYS A 733 -37.79 -38.21 46.66
C LYS A 733 -37.34 -36.83 47.10
N ASN A 734 -37.54 -35.85 46.24
CA ASN A 734 -37.10 -34.50 46.54
C ASN A 734 -38.20 -33.60 47.08
N GLY A 735 -39.44 -34.06 47.04
CA GLY A 735 -40.54 -33.28 47.57
C GLY A 735 -40.66 -33.51 49.06
N LEU A 736 -41.75 -33.06 49.67
CA LEU A 736 -42.01 -33.39 51.06
C LEU A 736 -43.03 -34.55 51.21
N GLY A 737 -43.20 -35.31 50.11
CA GLY A 737 -43.92 -36.57 50.05
C GLY A 737 -45.09 -36.79 50.99
N TRP A 738 -46.03 -35.85 50.99
CA TRP A 738 -47.22 -35.95 51.82
C TRP A 738 -48.38 -36.57 51.06
N ASP A 739 -49.55 -36.57 51.69
CA ASP A 739 -50.83 -36.76 51.03
C ASP A 739 -51.79 -35.89 51.82
N LEU A 740 -52.67 -35.18 51.14
CA LEU A 740 -53.44 -34.14 51.82
C LEU A 740 -54.75 -34.62 52.44
N ASP A 741 -55.06 -34.11 53.62
CA ASP A 741 -56.28 -34.44 54.34
C ASP A 741 -57.24 -33.29 54.25
N TYR A 742 -56.70 -32.07 54.28
CA TYR A 742 -57.51 -30.88 54.13
C TYR A 742 -56.91 -29.98 53.05
N VAL A 743 -57.78 -29.21 52.40
CA VAL A 743 -57.36 -28.20 51.45
C VAL A 743 -58.20 -26.96 51.76
N VAL A 744 -57.52 -25.85 52.02
CA VAL A 744 -58.21 -24.65 52.46
C VAL A 744 -57.80 -23.48 51.58
N PRO A 745 -58.39 -23.40 50.38
CA PRO A 745 -58.08 -22.49 49.28
C PRO A 745 -58.56 -21.05 49.49
N PHE A 746 -58.04 -20.39 50.50
CA PHE A 746 -58.50 -19.05 50.84
C PHE A 746 -57.73 -17.93 50.13
N ALA A 747 -57.04 -18.26 49.04
CA ALA A 747 -56.28 -17.26 48.30
C ALA A 747 -57.24 -16.27 47.64
N ALA A 748 -57.01 -14.97 47.83
CA ALA A 748 -57.92 -13.95 47.28
C ALA A 748 -57.40 -12.52 47.18
N ILE A 749 -57.91 -11.81 46.17
CA ILE A 749 -57.55 -10.44 45.88
C ILE A 749 -58.75 -9.53 46.04
N PRO A 750 -58.54 -8.39 46.67
CA PRO A 750 -59.48 -7.28 46.77
C PRO A 750 -59.71 -6.60 45.42
N GLU A 751 -60.83 -6.90 44.77
CA GLU A 751 -61.15 -6.25 43.51
C GLU A 751 -62.19 -5.15 43.68
N ASN A 752 -62.18 -4.55 44.85
CA ASN A 752 -63.11 -3.48 45.22
C ASN A 752 -63.22 -2.42 44.13
N GLY A 753 -64.43 -1.91 43.93
CA GLY A 753 -64.61 -0.69 43.19
C GLY A 753 -65.14 -0.77 41.79
N ARG A 754 -65.30 -1.98 41.26
CA ARG A 754 -65.68 -2.13 39.84
C ARG A 754 -66.98 -2.84 39.58
N GLU A 755 -67.84 -2.20 38.76
CA GLU A 755 -69.08 -2.80 38.29
C GLU A 755 -68.82 -3.54 36.99
N ILE A 756 -69.84 -4.19 36.42
CA ILE A 756 -69.69 -4.84 35.10
C ILE A 756 -69.24 -3.75 34.11
N ASP A 757 -69.51 -2.51 34.53
CA ASP A 757 -69.01 -1.31 33.90
C ASP A 757 -67.61 -1.59 33.37
N SER A 758 -66.79 -2.12 34.26
CA SER A 758 -65.36 -2.16 34.02
C SER A 758 -64.66 -3.31 34.73
N ILE A 759 -64.67 -4.46 34.07
CA ILE A 759 -63.93 -5.62 34.53
C ILE A 759 -62.52 -5.49 34.00
N ASP A 760 -61.60 -5.02 34.84
CA ASP A 760 -60.25 -4.72 34.38
C ASP A 760 -59.26 -5.87 34.47
N SER A 761 -57.98 -5.51 34.40
CA SER A 761 -56.90 -6.46 34.46
C SER A 761 -57.00 -7.14 35.79
N LYS A 762 -57.13 -6.34 36.84
CA LYS A 762 -57.11 -6.86 38.19
C LYS A 762 -58.20 -7.91 38.34
N SER A 763 -59.40 -7.56 37.88
CA SER A 763 -60.55 -8.46 38.01
C SER A 763 -60.33 -9.78 37.31
N GLU A 764 -59.85 -9.73 36.09
CA GLU A 764 -59.62 -10.96 35.36
C GLU A 764 -58.60 -11.79 36.08
N LEU A 765 -57.61 -11.13 36.66
CA LEU A 765 -56.57 -11.80 37.42
C LEU A 765 -57.15 -12.38 38.67
N ALA A 766 -57.91 -11.57 39.38
CA ALA A 766 -58.51 -12.02 40.63
C ALA A 766 -59.38 -13.25 40.37
N HIS A 767 -60.21 -13.17 39.33
CA HIS A 767 -61.07 -14.29 39.01
C HIS A 767 -60.24 -15.52 38.72
N ARG A 768 -59.05 -15.36 38.14
CA ARG A 768 -58.19 -16.51 37.86
C ARG A 768 -57.58 -17.13 39.14
N ILE A 769 -57.34 -16.31 40.15
CA ILE A 769 -56.81 -16.82 41.41
C ILE A 769 -57.92 -17.48 42.17
N MET A 770 -59.04 -16.77 42.23
CA MET A 770 -60.20 -17.18 43.01
C MET A 770 -61.07 -18.32 42.45
N LEU A 771 -60.91 -18.68 41.18
CA LEU A 771 -61.72 -19.74 40.57
C LEU A 771 -60.93 -20.70 39.67
N THR A 772 -60.55 -20.26 38.48
CA THR A 772 -59.91 -21.12 37.50
C THR A 772 -58.69 -21.89 38.05
N ASN A 773 -57.83 -21.21 38.80
CA ASN A 773 -56.65 -21.88 39.33
C ASN A 773 -56.98 -22.66 40.60
N LEU A 774 -58.00 -22.21 41.32
CA LEU A 774 -58.50 -22.91 42.49
C LEU A 774 -58.93 -24.31 42.06
N LEU A 775 -59.78 -24.37 41.04
CA LEU A 775 -60.27 -25.65 40.53
C LEU A 775 -59.10 -26.48 40.12
N ARG A 776 -58.12 -25.83 39.53
CA ARG A 776 -56.97 -26.55 39.01
C ARG A 776 -56.13 -27.07 40.16
N LEU A 777 -56.12 -26.33 41.27
CA LEU A 777 -55.42 -26.77 42.45
C LEU A 777 -56.03 -28.07 42.94
N LEU A 778 -57.35 -28.07 43.11
CA LEU A 778 -58.07 -29.29 43.50
C LEU A 778 -57.77 -30.40 42.49
N GLY A 779 -57.96 -30.08 41.22
CA GLY A 779 -57.73 -31.05 40.15
C GLY A 779 -56.37 -31.68 40.25
N ALA A 780 -55.35 -30.85 40.45
CA ALA A 780 -53.97 -31.31 40.55
C ALA A 780 -53.85 -32.35 41.67
N ILE A 781 -54.30 -31.96 42.86
CA ILE A 781 -54.26 -32.84 44.00
C ILE A 781 -54.91 -34.17 43.68
N LYS A 782 -56.08 -34.11 43.06
CA LYS A 782 -56.76 -35.35 42.73
C LYS A 782 -55.89 -36.27 41.92
N THR A 783 -55.46 -35.82 40.77
CA THR A 783 -54.70 -36.68 39.88
C THR A 783 -53.49 -37.21 40.58
N GLN A 784 -52.96 -36.40 41.50
CA GLN A 784 -51.82 -36.85 42.26
C GLN A 784 -52.22 -38.13 42.99
N LYS A 785 -53.29 -38.04 43.77
CA LYS A 785 -53.79 -39.20 44.50
C LYS A 785 -54.10 -40.38 43.57
N LYS A 786 -54.90 -40.12 42.54
CA LYS A 786 -55.33 -41.17 41.64
C LYS A 786 -54.12 -41.94 41.19
N GLU A 787 -53.11 -41.22 40.73
CA GLU A 787 -51.92 -41.85 40.18
C GLU A 787 -51.15 -42.59 41.27
N ARG A 788 -51.09 -42.00 42.47
CA ARG A 788 -50.28 -42.55 43.54
C ARG A 788 -50.99 -43.66 44.29
N GLY A 789 -52.17 -44.03 43.81
CA GLY A 789 -52.90 -45.14 44.39
C GLY A 789 -53.53 -44.80 45.71
N TYR A 790 -53.48 -43.51 46.05
CA TYR A 790 -54.09 -43.02 47.28
C TYR A 790 -55.61 -42.99 47.16
N GLU A 791 -56.25 -44.14 47.43
CA GLU A 791 -57.65 -44.32 47.10
C GLU A 791 -58.60 -44.09 48.27
N THR A 792 -58.12 -44.41 49.47
CA THR A 792 -58.95 -44.45 50.67
C THR A 792 -58.71 -43.27 51.63
N ARG A 793 -58.21 -42.14 51.11
CA ARG A 793 -57.95 -40.96 51.94
C ARG A 793 -58.34 -39.64 51.28
N PRO A 794 -59.64 -39.47 51.00
CA PRO A 794 -60.14 -38.24 50.39
C PRO A 794 -59.64 -37.01 51.12
N ALA A 795 -59.44 -35.93 50.39
CA ALA A 795 -59.02 -34.68 50.98
C ALA A 795 -60.20 -33.73 51.06
N GLN A 796 -60.46 -33.24 52.27
CA GLN A 796 -61.62 -32.37 52.52
C GLN A 796 -61.36 -30.92 52.10
N VAL A 797 -62.14 -30.43 51.15
CA VAL A 797 -61.93 -29.10 50.62
C VAL A 797 -62.90 -28.11 51.24
N ILE A 798 -62.35 -27.14 51.95
CA ILE A 798 -63.16 -26.11 52.54
C ILE A 798 -63.34 -24.94 51.57
N LEU A 799 -64.27 -25.11 50.62
CA LEU A 799 -64.69 -24.05 49.68
C LEU A 799 -65.19 -22.80 50.41
N PRO A 800 -64.45 -21.70 50.31
CA PRO A 800 -64.96 -20.47 50.92
C PRO A 800 -66.02 -19.82 50.04
N LEU A 801 -67.29 -20.19 50.17
CA LEU A 801 -68.34 -19.60 49.35
C LEU A 801 -68.86 -18.35 50.02
N SER A 802 -69.78 -17.68 49.35
CA SER A 802 -70.27 -16.40 49.86
C SER A 802 -71.78 -16.31 49.78
N PRO A 803 -72.36 -15.46 50.63
CA PRO A 803 -73.75 -15.00 50.67
C PRO A 803 -74.00 -13.95 49.61
N ASN A 804 -72.99 -13.15 49.32
CA ASN A 804 -73.10 -12.16 48.25
C ASN A 804 -72.96 -12.81 46.88
N HIS A 805 -74.10 -13.01 46.20
CA HIS A 805 -74.05 -13.38 44.80
C HIS A 805 -74.58 -12.24 43.95
N GLY A 806 -73.97 -11.06 44.10
CA GLY A 806 -74.31 -9.89 43.31
C GLY A 806 -75.25 -8.95 44.03
N THR A 807 -75.48 -9.21 45.31
CA THR A 807 -76.37 -8.39 46.10
C THR A 807 -75.71 -7.04 46.49
N PHE A 808 -74.39 -7.07 46.67
CA PHE A 808 -73.58 -5.88 46.99
C PHE A 808 -73.07 -5.22 45.73
N GLY A 809 -72.70 -3.96 45.83
CA GLY A 809 -72.22 -3.20 44.68
C GLY A 809 -71.02 -3.71 43.89
N ASN A 810 -69.90 -3.01 44.00
CA ASN A 810 -68.77 -3.15 43.09
C ASN A 810 -67.84 -4.35 43.31
N ASP A 811 -68.41 -5.54 43.44
CA ASP A 811 -67.60 -6.75 43.60
C ASP A 811 -66.60 -6.85 42.47
N GLY A 812 -67.08 -6.55 41.27
CA GLY A 812 -66.27 -6.70 40.07
C GLY A 812 -65.74 -8.11 39.96
N LEU A 813 -66.53 -9.04 39.41
CA LEU A 813 -66.06 -10.39 39.17
C LEU A 813 -65.85 -11.19 40.46
N TYR A 814 -66.23 -10.61 41.60
CA TYR A 814 -66.06 -11.32 42.87
C TYR A 814 -67.13 -12.38 42.99
N SER A 815 -68.36 -11.90 43.02
CA SER A 815 -69.53 -12.75 43.09
C SER A 815 -69.45 -13.89 42.07
N GLU A 816 -69.07 -13.54 40.85
CA GLU A 816 -68.99 -14.48 39.74
C GLU A 816 -68.12 -15.65 40.10
N SER A 817 -67.00 -15.38 40.74
CA SER A 817 -66.11 -16.45 41.19
C SER A 817 -66.79 -17.26 42.28
N LYS A 818 -67.26 -16.58 43.31
CA LYS A 818 -67.79 -17.21 44.53
C LYS A 818 -69.02 -18.10 44.29
N LEU A 819 -69.79 -17.69 43.29
CA LEU A 819 -70.97 -18.44 42.87
C LEU A 819 -70.58 -19.67 42.09
N ALA A 820 -69.70 -19.48 41.12
CA ALA A 820 -69.26 -20.57 40.25
C ALA A 820 -68.75 -21.72 41.07
N LEU A 821 -68.13 -21.40 42.19
CA LEU A 821 -67.49 -22.41 43.02
C LEU A 821 -68.50 -23.49 43.41
N GLU A 822 -69.77 -23.06 43.50
CA GLU A 822 -70.83 -23.92 43.98
C GLU A 822 -71.23 -25.00 43.00
N THR A 823 -70.75 -24.91 41.76
CA THR A 823 -71.02 -25.95 40.77
C THR A 823 -70.29 -27.19 41.19
N LEU A 824 -69.43 -27.04 42.19
CA LEU A 824 -68.67 -28.17 42.67
C LEU A 824 -69.55 -29.10 43.46
N PHE A 825 -70.57 -28.54 44.12
CA PHE A 825 -71.55 -29.31 44.88
C PHE A 825 -72.10 -30.49 44.07
N ASN A 826 -72.26 -30.28 42.76
CA ASN A 826 -72.82 -31.28 41.86
C ASN A 826 -71.76 -32.08 41.15
N ARG A 827 -70.66 -31.41 40.80
CA ARG A 827 -69.55 -32.05 40.10
C ARG A 827 -69.03 -33.20 40.94
N TRP A 828 -69.18 -33.06 42.25
CA TRP A 828 -68.73 -34.10 43.16
C TRP A 828 -69.42 -35.42 42.84
N TYR A 829 -70.65 -35.30 42.36
CA TYR A 829 -71.49 -36.45 42.03
C TYR A 829 -71.24 -36.91 40.59
N SER A 830 -71.36 -35.97 39.65
CA SER A 830 -71.29 -36.28 38.23
C SER A 830 -69.90 -36.79 37.84
N GLU A 831 -68.87 -36.03 38.16
CA GLU A 831 -67.51 -36.39 37.74
C GLU A 831 -66.86 -37.43 38.64
N SER A 832 -65.73 -37.94 38.20
CA SER A 832 -65.12 -39.13 38.79
C SER A 832 -64.01 -38.87 39.83
N TRP A 833 -64.19 -37.89 40.69
CA TRP A 833 -63.18 -37.58 41.70
C TRP A 833 -63.75 -37.64 43.11
N GLY A 834 -64.95 -38.22 43.23
CA GLY A 834 -65.66 -38.26 44.49
C GLY A 834 -64.82 -38.69 45.67
N ASN A 835 -64.00 -39.73 45.48
CA ASN A 835 -63.26 -40.36 46.58
C ASN A 835 -61.80 -39.93 46.63
N TYR A 836 -61.51 -38.80 46.02
CA TYR A 836 -60.21 -38.19 46.16
C TYR A 836 -60.37 -36.86 46.87
N LEU A 837 -61.43 -36.16 46.51
CA LEU A 837 -61.74 -34.88 47.09
C LEU A 837 -63.15 -34.91 47.60
N THR A 838 -63.37 -34.34 48.76
CA THR A 838 -64.72 -34.15 49.23
C THR A 838 -64.99 -32.66 49.35
N ILE A 839 -66.23 -32.25 49.13
CA ILE A 839 -66.53 -30.83 49.12
C ILE A 839 -67.36 -30.41 50.31
N CYS A 840 -66.84 -29.45 51.04
CA CYS A 840 -67.56 -28.83 52.14
C CYS A 840 -67.72 -27.34 51.88
N GLY A 841 -68.89 -26.96 51.40
CA GLY A 841 -69.14 -25.57 51.06
C GLY A 841 -69.39 -24.65 52.24
N ALA A 842 -68.31 -24.13 52.81
CA ALA A 842 -68.43 -23.20 53.91
C ALA A 842 -68.81 -21.85 53.36
N VAL A 843 -70.01 -21.39 53.65
CA VAL A 843 -70.33 -20.01 53.30
C VAL A 843 -70.02 -19.11 54.46
N ILE A 844 -68.82 -18.53 54.43
CA ILE A 844 -68.34 -17.63 55.48
C ILE A 844 -69.17 -16.34 55.55
N GLY A 845 -69.49 -15.90 56.77
CA GLY A 845 -70.25 -14.69 56.93
C GLY A 845 -69.38 -13.59 57.52
N TRP A 846 -69.91 -12.36 57.51
CA TRP A 846 -69.24 -11.16 58.03
C TRP A 846 -68.19 -11.39 59.12
N THR A 847 -66.91 -11.28 58.79
CA THR A 847 -65.89 -11.37 59.83
C THR A 847 -65.21 -10.02 60.03
N ARG A 848 -65.63 -9.31 61.06
CA ARG A 848 -65.18 -7.95 61.29
C ARG A 848 -63.68 -7.91 61.54
N GLY A 849 -63.12 -9.03 61.98
CA GLY A 849 -61.68 -9.10 62.19
C GLY A 849 -60.96 -8.42 61.02
N THR A 850 -59.93 -7.64 61.32
CA THR A 850 -59.19 -6.93 60.28
C THR A 850 -58.80 -7.85 59.08
N GLY A 851 -59.54 -7.72 57.97
CA GLY A 851 -59.36 -8.57 56.79
C GLY A 851 -59.84 -7.96 55.48
N LEU A 852 -60.68 -8.68 54.75
CA LEU A 852 -61.28 -8.17 53.50
C LEU A 852 -62.60 -7.42 53.79
N MET A 853 -62.94 -7.25 55.07
CA MET A 853 -64.10 -6.45 55.49
C MET A 853 -63.77 -5.46 56.63
N SER A 854 -62.67 -4.71 56.46
CA SER A 854 -62.12 -3.83 57.52
C SER A 854 -62.91 -2.55 57.83
N ALA A 855 -63.21 -1.77 56.80
CA ALA A 855 -63.92 -0.51 56.98
C ALA A 855 -65.37 -0.79 57.34
N ASN A 856 -65.74 -2.06 57.22
CA ASN A 856 -67.07 -2.52 57.56
C ASN A 856 -67.23 -2.78 59.06
N ASN A 857 -66.32 -2.24 59.87
CA ASN A 857 -66.39 -2.43 61.30
C ASN A 857 -67.12 -1.31 62.00
N LEU A 858 -67.12 -0.13 61.39
CA LEU A 858 -67.86 0.98 61.95
C LEU A 858 -69.33 0.62 62.02
N VAL A 859 -69.79 -0.05 60.97
CA VAL A 859 -71.19 -0.41 60.86
C VAL A 859 -71.41 -1.81 61.41
N ALA A 860 -70.34 -2.39 61.95
CA ALA A 860 -70.42 -3.75 62.51
C ALA A 860 -71.48 -3.88 63.59
N GLU A 861 -71.39 -3.06 64.62
CA GLU A 861 -72.33 -3.15 65.73
C GLU A 861 -73.71 -2.63 65.28
N GLY A 862 -73.73 -1.64 64.40
CA GLY A 862 -74.99 -1.11 63.88
C GLY A 862 -75.87 -2.19 63.25
N VAL A 863 -75.31 -2.89 62.27
CA VAL A 863 -76.01 -3.98 61.60
C VAL A 863 -76.40 -5.06 62.59
N GLU A 864 -75.57 -5.25 63.60
CA GLU A 864 -75.78 -6.31 64.57
C GLU A 864 -76.95 -5.97 65.49
N LYS A 865 -77.21 -4.68 65.62
CA LYS A 865 -78.36 -4.19 66.36
C LYS A 865 -79.65 -4.86 65.90
N LEU A 866 -79.74 -5.16 64.61
CA LEU A 866 -80.98 -5.70 64.05
C LEU A 866 -81.19 -7.17 64.36
N GLY A 867 -80.52 -7.67 65.41
CA GLY A 867 -80.83 -8.96 65.96
C GLY A 867 -80.10 -10.07 65.22
N VAL A 868 -79.00 -9.68 64.60
CA VAL A 868 -78.24 -10.58 63.78
C VAL A 868 -76.81 -10.56 64.31
N ARG A 869 -75.93 -11.41 63.81
CA ARG A 869 -74.61 -11.56 64.44
C ARG A 869 -73.42 -11.48 63.46
N THR A 870 -72.39 -10.71 63.84
CA THR A 870 -71.11 -10.72 63.12
C THR A 870 -70.05 -11.41 63.96
N PHE A 871 -68.98 -11.83 63.31
CA PHE A 871 -68.02 -12.71 63.95
C PHE A 871 -66.65 -12.09 64.04
N SER A 872 -65.89 -12.50 65.04
CA SER A 872 -64.48 -12.22 65.07
C SER A 872 -63.83 -13.31 64.27
N GLN A 873 -62.56 -13.14 63.93
CA GLN A 873 -61.86 -14.13 63.13
C GLN A 873 -61.69 -15.43 63.90
N GLN A 874 -61.28 -15.33 65.15
CA GLN A 874 -61.05 -16.49 65.99
C GLN A 874 -62.33 -17.32 66.07
N GLU A 875 -63.47 -16.63 66.08
CA GLU A 875 -64.77 -17.28 66.07
C GLU A 875 -64.96 -18.05 64.75
N MET A 876 -64.85 -17.36 63.63
CA MET A 876 -64.99 -17.99 62.31
C MET A 876 -64.03 -19.16 62.11
N ALA A 877 -62.83 -19.06 62.69
CA ALA A 877 -61.82 -20.09 62.50
C ALA A 877 -62.32 -21.29 63.25
N PHE A 878 -62.81 -21.02 64.44
CA PHE A 878 -63.45 -22.02 65.28
C PHE A 878 -64.52 -22.73 64.45
N ASN A 879 -65.47 -21.93 63.95
CA ASN A 879 -66.60 -22.45 63.19
C ASN A 879 -66.12 -23.34 62.07
N LEU A 880 -65.08 -22.86 61.38
CA LEU A 880 -64.53 -23.56 60.22
C LEU A 880 -63.85 -24.85 60.66
N LEU A 881 -62.97 -24.74 61.65
CA LEU A 881 -62.30 -25.88 62.24
C LEU A 881 -63.34 -26.87 62.68
N GLY A 882 -64.55 -26.37 62.91
CA GLY A 882 -65.71 -27.18 63.22
C GLY A 882 -66.01 -28.20 62.13
N LEU A 883 -66.13 -27.71 60.91
CA LEU A 883 -66.46 -28.57 59.77
C LEU A 883 -65.27 -29.46 59.45
N MET A 884 -64.16 -29.20 60.15
CA MET A 884 -62.92 -29.94 59.99
C MET A 884 -62.97 -31.14 60.89
N ALA A 885 -63.88 -31.10 61.86
CA ALA A 885 -64.01 -32.17 62.85
C ALA A 885 -64.53 -33.47 62.25
N PRO A 886 -64.11 -34.62 62.82
CA PRO A 886 -64.35 -35.97 62.27
C PRO A 886 -65.82 -36.26 61.99
N ALA A 887 -66.71 -35.78 62.86
CA ALA A 887 -68.14 -35.95 62.65
C ALA A 887 -68.50 -35.60 61.21
N ILE A 888 -68.30 -34.33 60.89
CA ILE A 888 -68.62 -33.77 59.59
C ILE A 888 -67.78 -34.32 58.45
N VAL A 889 -66.50 -34.52 58.69
CA VAL A 889 -65.61 -35.05 57.66
C VAL A 889 -66.16 -36.30 57.04
N ASN A 890 -66.84 -37.12 57.85
CA ASN A 890 -67.40 -38.37 57.33
C ASN A 890 -68.68 -38.16 56.56
N LEU A 891 -69.45 -37.15 56.94
CA LEU A 891 -70.60 -36.74 56.15
C LEU A 891 -70.15 -36.38 54.73
N CYS A 892 -69.05 -35.62 54.65
CA CYS A 892 -68.52 -35.16 53.38
C CYS A 892 -68.16 -36.34 52.48
N GLN A 893 -67.71 -37.42 53.09
CA GLN A 893 -67.21 -38.56 52.31
C GLN A 893 -68.35 -39.31 51.64
N SER A 894 -69.57 -39.03 52.08
CA SER A 894 -70.72 -39.65 51.45
C SER A 894 -71.49 -38.61 50.67
N ASP A 895 -71.41 -37.37 51.14
CA ASP A 895 -72.24 -36.29 50.60
C ASP A 895 -71.63 -34.91 50.84
N PRO A 896 -71.47 -34.12 49.78
CA PRO A 896 -71.15 -32.70 49.87
C PRO A 896 -71.94 -32.03 50.98
N VAL A 897 -71.30 -31.06 51.66
CA VAL A 897 -71.87 -30.40 52.81
C VAL A 897 -72.07 -28.92 52.54
N PHE A 898 -73.27 -28.42 52.75
CA PHE A 898 -73.50 -27.00 52.73
C PHE A 898 -73.39 -26.63 54.17
N ALA A 899 -72.93 -25.42 54.43
CA ALA A 899 -72.69 -25.01 55.81
C ALA A 899 -72.81 -23.50 55.94
N ASP A 900 -74.02 -23.03 56.16
CA ASP A 900 -74.27 -21.59 56.31
C ASP A 900 -73.64 -21.11 57.60
N LEU A 901 -72.49 -20.47 57.52
CA LEU A 901 -71.85 -19.89 58.71
C LEU A 901 -71.99 -18.38 58.66
N ASN A 902 -73.10 -17.94 58.10
CA ASN A 902 -73.44 -16.54 58.08
C ASN A 902 -74.26 -16.21 59.32
N GLY A 903 -74.04 -15.03 59.87
CA GLY A 903 -74.57 -14.71 61.17
C GLY A 903 -76.05 -14.50 61.14
N GLY A 904 -76.73 -15.17 60.22
CA GLY A 904 -78.16 -15.04 60.09
C GLY A 904 -78.53 -13.76 59.37
N LEU A 905 -77.55 -13.19 58.67
CA LEU A 905 -77.80 -11.98 57.89
C LEU A 905 -78.69 -12.29 56.68
N GLN A 906 -79.02 -13.58 56.54
CA GLN A 906 -79.86 -14.06 55.45
C GLN A 906 -81.27 -13.46 55.56
N PHE A 907 -81.50 -12.65 56.59
CA PHE A 907 -82.84 -12.13 56.83
C PHE A 907 -82.86 -10.62 56.68
N ILE A 908 -81.69 -10.00 56.82
CA ILE A 908 -81.57 -8.57 56.54
C ILE A 908 -81.46 -8.37 55.04
N PRO A 909 -82.57 -7.89 54.39
CA PRO A 909 -82.56 -7.66 52.95
C PRO A 909 -82.12 -6.23 52.66
N ASP A 910 -81.56 -6.01 51.48
CA ASP A 910 -80.95 -4.74 51.13
C ASP A 910 -79.92 -4.37 52.17
N LEU A 911 -79.09 -5.35 52.53
CA LEU A 911 -78.07 -5.15 53.54
C LEU A 911 -77.15 -4.00 53.17
N LYS A 912 -76.74 -3.94 51.91
CA LYS A 912 -75.86 -2.86 51.48
C LYS A 912 -76.48 -1.49 51.70
N GLY A 913 -77.80 -1.39 51.53
CA GLY A 913 -78.51 -0.16 51.80
C GLY A 913 -78.46 0.23 53.27
N LEU A 914 -78.79 -0.72 54.13
CA LEU A 914 -78.71 -0.53 55.57
C LEU A 914 -77.32 -0.02 55.97
N MET A 915 -76.29 -0.74 55.55
CA MET A 915 -74.93 -0.38 55.91
C MET A 915 -74.62 1.03 55.50
N THR A 916 -74.69 1.31 54.21
CA THR A 916 -74.42 2.64 53.69
C THR A 916 -75.19 3.73 54.43
N LYS A 917 -76.37 3.37 54.95
CA LYS A 917 -77.17 4.30 55.75
C LYS A 917 -76.46 4.62 57.07
N LEU A 918 -76.05 3.57 57.78
CA LEU A 918 -75.28 3.69 59.01
C LEU A 918 -73.93 4.34 58.78
N ARG A 919 -73.22 3.84 57.77
CA ARG A 919 -72.02 4.45 57.23
C ARG A 919 -72.15 5.96 57.21
N LYS A 920 -73.23 6.45 56.63
CA LYS A 920 -73.47 7.89 56.53
C LYS A 920 -73.56 8.51 57.92
N GLU A 921 -74.60 8.14 58.66
CA GLU A 921 -74.83 8.69 60.00
C GLU A 921 -73.56 8.85 60.81
N ILE A 922 -72.82 7.76 60.99
CA ILE A 922 -71.57 7.78 61.75
C ILE A 922 -70.60 8.83 61.21
N MET A 923 -70.34 8.79 59.91
CA MET A 923 -69.44 9.76 59.28
C MET A 923 -69.99 11.16 59.42
N GLU A 924 -71.32 11.27 59.37
CA GLU A 924 -71.99 12.55 59.39
C GLU A 924 -71.94 13.19 60.77
N THR A 925 -72.52 12.52 61.75
CA THR A 925 -72.57 13.04 63.10
C THR A 925 -71.19 13.34 63.68
N SER A 926 -70.20 12.55 63.29
CA SER A 926 -68.82 12.82 63.75
C SER A 926 -68.30 14.07 63.08
N ALA A 927 -68.54 14.21 61.78
CA ALA A 927 -68.08 15.36 61.01
C ALA A 927 -68.66 16.65 61.54
N ILE A 928 -69.96 16.66 61.78
CA ILE A 928 -70.63 17.80 62.39
C ILE A 928 -69.96 18.16 63.73
N ARG A 929 -69.81 17.15 64.58
CA ARG A 929 -69.27 17.34 65.92
C ARG A 929 -67.89 18.03 65.95
N GLN A 930 -66.97 17.55 65.12
CA GLN A 930 -65.63 18.12 65.06
C GLN A 930 -65.61 19.40 64.22
N ALA A 931 -66.58 19.53 63.33
CA ALA A 931 -66.75 20.78 62.60
C ALA A 931 -66.99 21.89 63.60
N VAL A 932 -68.11 21.79 64.33
CA VAL A 932 -68.48 22.78 65.34
C VAL A 932 -67.31 23.18 66.21
N ILE A 933 -66.56 22.19 66.68
CA ILE A 933 -65.39 22.43 67.51
C ILE A 933 -64.45 23.47 66.90
N LYS A 934 -64.03 23.25 65.66
CA LYS A 934 -63.21 24.22 64.94
C LYS A 934 -63.90 25.58 64.91
N GLU A 935 -65.17 25.57 64.49
CA GLU A 935 -65.96 26.79 64.37
C GLU A 935 -65.89 27.64 65.62
N THR A 936 -66.27 27.02 66.74
CA THR A 936 -66.33 27.72 68.01
C THR A 936 -64.95 28.14 68.53
N ALA A 937 -63.96 27.26 68.47
CA ALA A 937 -62.61 27.62 68.86
C ALA A 937 -61.98 28.68 67.94
N ILE A 938 -62.58 28.88 66.78
CA ILE A 938 -62.15 29.90 65.85
C ILE A 938 -62.86 31.21 66.13
N GLU A 939 -64.11 31.11 66.56
CA GLU A 939 -64.89 32.27 66.97
C GLU A 939 -64.23 32.90 68.19
N ASN A 940 -63.56 32.08 68.99
CA ASN A 940 -62.85 32.57 70.16
C ASN A 940 -61.65 33.43 69.78
N LYS A 941 -60.92 33.01 68.76
CA LYS A 941 -59.81 33.80 68.26
C LYS A 941 -60.29 35.14 67.74
N VAL A 942 -61.54 35.18 67.30
CA VAL A 942 -62.15 36.40 66.82
C VAL A 942 -62.50 37.35 67.95
N VAL A 943 -63.02 36.79 69.03
CA VAL A 943 -63.51 37.58 70.16
C VAL A 943 -62.45 37.95 71.19
N ASN A 944 -61.66 36.95 71.61
CA ASN A 944 -60.65 37.18 72.65
C ASN A 944 -59.31 37.63 72.07
N GLY A 945 -59.22 37.65 70.74
CA GLY A 945 -58.00 38.04 70.06
C GLY A 945 -57.04 36.87 70.01
N GLU A 946 -56.06 36.98 69.12
CA GLU A 946 -55.04 35.94 68.99
C GLU A 946 -54.33 35.77 70.31
N ASP A 947 -53.99 36.90 70.91
CA ASP A 947 -53.15 36.93 72.11
C ASP A 947 -53.77 36.16 73.26
N HIS A 948 -54.98 36.54 73.68
CA HIS A 948 -55.61 35.87 74.81
C HIS A 948 -55.72 34.37 74.55
N GLU A 949 -56.33 34.01 73.43
CA GLU A 949 -56.50 32.61 73.09
C GLU A 949 -55.18 31.85 73.12
N ALA A 950 -54.17 32.41 72.45
CA ALA A 950 -52.86 31.76 72.32
C ALA A 950 -52.28 31.35 73.67
N LEU A 951 -52.26 32.29 74.60
CA LEU A 951 -51.57 32.09 75.88
C LEU A 951 -52.26 31.07 76.78
N TYR A 952 -53.42 30.58 76.37
CA TYR A 952 -54.21 29.70 77.22
C TYR A 952 -54.57 28.36 76.58
N ARG A 953 -53.55 27.69 76.03
CA ARG A 953 -53.73 26.36 75.47
C ARG A 953 -52.83 25.37 76.18
N ARG A 954 -53.36 24.18 76.46
CA ARG A 954 -52.57 23.13 77.11
C ARG A 954 -51.20 23.02 76.47
N VAL A 955 -50.20 23.50 77.18
CA VAL A 955 -48.85 23.36 76.70
C VAL A 955 -48.44 21.91 76.91
N ILE A 956 -48.33 21.17 75.82
CA ILE A 956 -47.91 19.78 75.90
C ILE A 956 -46.42 19.65 75.57
N THR A 957 -45.62 19.38 76.59
CA THR A 957 -44.18 19.29 76.41
C THR A 957 -43.83 18.32 75.28
N GLU A 958 -42.82 18.67 74.50
CA GLU A 958 -42.31 17.80 73.47
C GLU A 958 -41.18 16.94 74.01
N PRO A 959 -41.29 15.65 73.82
CA PRO A 959 -40.34 14.71 74.40
C PRO A 959 -38.97 14.89 73.81
N ARG A 960 -37.97 15.08 74.66
CA ARG A 960 -36.58 15.04 74.23
C ARG A 960 -36.01 13.72 74.68
N ALA A 961 -34.74 13.53 74.41
CA ALA A 961 -34.06 12.33 74.85
C ALA A 961 -32.86 12.73 75.68
N ASN A 962 -32.66 12.03 76.80
CA ASN A 962 -31.43 12.22 77.57
C ASN A 962 -30.65 10.93 77.63
N LEU A 963 -29.36 11.01 77.37
CA LEU A 963 -28.52 9.84 77.46
C LEU A 963 -27.94 9.82 78.86
N LYS A 964 -28.50 8.98 79.72
CA LYS A 964 -27.94 8.80 81.04
C LYS A 964 -26.77 7.88 80.86
N TYR A 965 -25.67 8.14 81.55
CA TYR A 965 -24.49 7.30 81.37
C TYR A 965 -24.46 6.29 82.50
N PRO A 966 -25.10 5.14 82.27
CA PRO A 966 -25.33 4.25 83.40
C PRO A 966 -24.12 3.38 83.68
N PHE A 967 -23.71 3.38 84.94
CA PHE A 967 -22.80 2.35 85.40
C PHE A 967 -23.68 1.15 85.67
N PRO A 968 -23.07 -0.01 85.92
CA PRO A 968 -23.93 -1.12 86.30
C PRO A 968 -24.73 -0.78 87.58
N GLU A 969 -25.95 -1.31 87.68
CA GLU A 969 -26.74 -1.13 88.90
C GLU A 969 -26.03 -1.79 90.06
N LEU A 970 -25.73 -0.99 91.07
CA LEU A 970 -25.11 -1.48 92.29
C LEU A 970 -26.18 -2.18 93.11
N PRO A 971 -25.94 -3.46 93.47
CA PRO A 971 -26.97 -4.27 94.15
C PRO A 971 -27.43 -3.63 95.44
N ASP A 972 -28.62 -3.97 95.92
CA ASP A 972 -29.01 -3.48 97.24
C ASP A 972 -28.34 -4.32 98.32
N TRP A 973 -27.70 -3.65 99.27
CA TRP A 973 -26.98 -4.34 100.33
C TRP A 973 -27.89 -5.36 100.99
N ASP A 974 -29.05 -4.88 101.44
CA ASP A 974 -29.97 -5.71 102.20
C ASP A 974 -30.61 -6.81 101.36
N LYS A 975 -31.37 -6.43 100.34
CA LYS A 975 -32.13 -7.40 99.55
C LYS A 975 -31.24 -8.40 98.83
N ASP A 976 -30.08 -7.94 98.35
CA ASP A 976 -29.29 -8.73 97.42
C ASP A 976 -27.98 -9.31 97.96
N ILE A 977 -27.23 -8.49 98.71
CA ILE A 977 -25.90 -8.88 99.15
C ILE A 977 -25.88 -9.50 100.55
N LYS A 978 -26.51 -8.80 101.48
CA LYS A 978 -26.67 -9.25 102.87
C LYS A 978 -26.87 -10.76 102.98
N PRO A 979 -27.86 -11.30 102.25
CA PRO A 979 -28.17 -12.73 102.33
C PRO A 979 -27.00 -13.67 102.05
N LEU A 980 -25.86 -13.18 101.58
CA LEU A 980 -24.75 -14.09 101.32
C LEU A 980 -23.53 -13.70 102.12
N ASN A 981 -23.53 -12.47 102.62
CA ASN A 981 -22.41 -11.94 103.40
C ASN A 981 -21.87 -12.94 104.42
N ASP A 982 -22.77 -13.72 105.01
CA ASP A 982 -22.41 -14.62 106.11
C ASP A 982 -21.30 -15.57 105.75
N GLN A 983 -21.45 -16.26 104.63
CA GLN A 983 -20.47 -17.26 104.22
C GLN A 983 -19.28 -16.63 103.50
N LEU A 984 -19.55 -15.55 102.78
CA LEU A 984 -18.59 -15.02 101.82
C LEU A 984 -17.73 -13.87 102.34
N ARG A 985 -17.92 -13.49 103.61
CA ARG A 985 -17.16 -12.38 104.17
C ARG A 985 -15.68 -12.76 104.28
N GLY A 986 -14.82 -11.90 103.75
CA GLY A 986 -13.38 -12.13 103.76
C GLY A 986 -12.93 -13.52 103.33
N MET A 987 -13.74 -14.19 102.53
CA MET A 987 -13.45 -15.57 102.12
C MET A 987 -12.67 -15.62 100.80
N VAL A 988 -12.21 -14.43 100.41
CA VAL A 988 -11.58 -14.22 99.13
C VAL A 988 -10.58 -13.06 99.17
N ASN A 989 -9.36 -13.34 98.71
CA ASN A 989 -8.30 -12.33 98.60
C ASN A 989 -8.56 -11.39 97.44
N LEU A 990 -8.95 -10.16 97.73
CA LEU A 990 -9.34 -9.22 96.68
C LEU A 990 -8.21 -8.80 95.73
N ASP A 991 -6.98 -9.13 96.08
CA ASP A 991 -5.85 -8.81 95.22
C ASP A 991 -5.51 -9.97 94.28
N LYS A 992 -6.25 -11.07 94.41
CA LYS A 992 -6.14 -12.16 93.44
C LYS A 992 -7.51 -12.53 92.87
N VAL A 993 -8.39 -11.53 92.86
CA VAL A 993 -9.68 -11.60 92.21
C VAL A 993 -9.67 -10.65 91.01
N VAL A 994 -9.97 -11.19 89.83
CA VAL A 994 -9.95 -10.40 88.61
C VAL A 994 -11.35 -9.94 88.20
N VAL A 995 -11.47 -8.66 87.90
CA VAL A 995 -12.77 -8.04 87.71
C VAL A 995 -12.87 -7.14 86.46
N VAL A 996 -13.97 -7.24 85.74
CA VAL A 996 -14.17 -6.41 84.56
C VAL A 996 -14.87 -5.10 84.88
N THR A 997 -14.13 -4.01 84.73
CA THR A 997 -14.67 -2.70 85.08
C THR A 997 -15.01 -1.86 83.85
N GLY A 998 -14.47 -2.27 82.72
CA GLY A 998 -14.65 -1.56 81.46
C GLY A 998 -15.19 -2.41 80.32
N LEU A 999 -15.94 -1.77 79.43
CA LEU A 999 -16.70 -2.46 78.40
C LEU A 999 -16.87 -1.53 77.22
N ALA A 1000 -16.60 -2.03 76.02
CA ALA A 1000 -16.89 -1.25 74.83
C ALA A 1000 -16.66 -2.08 73.59
N GLU A 1001 -17.25 -1.65 72.49
CA GLU A 1001 -17.01 -2.32 71.22
C GLU A 1001 -17.38 -1.39 70.10
N ILE A 1002 -16.86 -1.70 68.91
CA ILE A 1002 -17.33 -1.09 67.68
C ILE A 1002 -17.57 -2.22 66.70
N GLY A 1003 -18.79 -2.30 66.20
CA GLY A 1003 -19.18 -3.39 65.35
C GLY A 1003 -20.29 -2.93 64.46
N PRO A 1004 -20.86 -3.87 63.68
CA PRO A 1004 -21.86 -3.65 62.65
C PRO A 1004 -23.09 -2.97 63.20
N TRP A 1005 -23.23 -3.05 64.52
CA TRP A 1005 -24.40 -2.50 65.16
C TRP A 1005 -24.12 -1.24 65.96
N GLY A 1006 -22.84 -0.89 66.03
CA GLY A 1006 -22.43 0.29 66.75
C GLY A 1006 -21.62 -0.11 67.97
N ASN A 1007 -21.58 0.78 68.96
CA ASN A 1007 -20.87 0.55 70.21
C ASN A 1007 -21.64 -0.40 71.09
N ALA A 1008 -21.05 -0.83 72.21
CA ALA A 1008 -21.69 -1.85 73.01
C ALA A 1008 -23.12 -1.46 73.41
N ARG A 1009 -23.35 -0.16 73.58
CA ARG A 1009 -24.66 0.34 73.98
C ARG A 1009 -25.75 0.08 72.94
N THR A 1010 -25.54 0.61 71.74
CA THR A 1010 -26.44 0.43 70.62
C THR A 1010 -26.58 -1.05 70.24
N ARG A 1011 -25.48 -1.79 70.34
CA ARG A 1011 -25.48 -3.20 69.99
C ARG A 1011 -26.38 -3.97 70.93
N TRP A 1012 -26.34 -3.60 72.20
CA TRP A 1012 -27.17 -4.24 73.21
C TRP A 1012 -28.65 -3.98 72.96
N GLU A 1013 -29.00 -2.70 72.82
CA GLU A 1013 -30.38 -2.34 72.47
C GLU A 1013 -30.94 -3.26 71.38
N MET A 1014 -30.17 -3.43 70.33
CA MET A 1014 -30.62 -4.28 69.24
C MET A 1014 -30.71 -5.72 69.69
N GLU A 1015 -29.66 -6.23 70.35
CA GLU A 1015 -29.56 -7.64 70.71
C GLU A 1015 -30.64 -8.07 71.70
N ALA A 1016 -31.08 -7.12 72.51
CA ALA A 1016 -32.01 -7.38 73.61
C ALA A 1016 -33.44 -7.01 73.26
N TYR A 1017 -33.68 -5.74 72.93
CA TYR A 1017 -35.04 -5.24 72.65
C TYR A 1017 -35.46 -5.40 71.18
N GLY A 1018 -34.50 -5.42 70.26
CA GLY A 1018 -34.79 -5.65 68.85
C GLY A 1018 -35.10 -4.39 68.05
N LYS A 1019 -34.95 -3.24 68.70
CA LYS A 1019 -35.06 -1.97 68.00
C LYS A 1019 -34.38 -0.88 68.82
N PHE A 1020 -34.15 0.28 68.21
CA PHE A 1020 -33.49 1.36 68.93
C PHE A 1020 -34.52 2.20 69.66
N SER A 1021 -34.10 2.72 70.81
CA SER A 1021 -34.83 3.76 71.51
C SER A 1021 -34.42 5.10 70.90
N LEU A 1022 -35.16 6.16 71.19
CA LEU A 1022 -34.77 7.48 70.70
C LEU A 1022 -33.31 7.74 71.09
N GLU A 1023 -32.95 7.32 72.30
CA GLU A 1023 -31.61 7.50 72.81
C GLU A 1023 -30.63 6.77 71.92
N GLY A 1024 -30.99 5.53 71.58
CA GLY A 1024 -30.21 4.74 70.65
C GLY A 1024 -30.08 5.38 69.28
N CYS A 1025 -31.21 5.76 68.69
CA CYS A 1025 -31.19 6.44 67.40
C CYS A 1025 -30.28 7.66 67.44
N VAL A 1026 -30.41 8.49 68.46
CA VAL A 1026 -29.55 9.65 68.52
C VAL A 1026 -28.07 9.28 68.54
N GLU A 1027 -27.69 8.25 69.29
CA GLU A 1027 -26.31 7.80 69.27
C GLU A 1027 -25.88 7.33 67.89
N MET A 1028 -26.65 6.43 67.29
CA MET A 1028 -26.39 5.95 65.95
C MET A 1028 -26.31 7.13 64.97
N ALA A 1029 -27.35 7.96 64.98
CA ALA A 1029 -27.39 9.12 64.12
C ALA A 1029 -26.13 9.98 64.30
N TRP A 1030 -25.60 10.03 65.51
CA TRP A 1030 -24.40 10.82 65.78
C TRP A 1030 -23.15 10.20 65.15
N MET A 1031 -22.93 8.92 65.43
CA MET A 1031 -21.72 8.25 64.97
C MET A 1031 -21.72 7.97 63.49
N MET A 1032 -22.92 7.89 62.92
CA MET A 1032 -23.06 7.62 61.48
C MET A 1032 -22.89 8.92 60.71
N GLY A 1033 -22.91 10.03 61.43
CA GLY A 1033 -22.63 11.32 60.84
C GLY A 1033 -23.84 12.02 60.24
N LEU A 1034 -25.03 11.68 60.73
CA LEU A 1034 -26.26 12.24 60.18
C LEU A 1034 -26.67 13.53 60.89
N ILE A 1035 -26.19 13.70 62.11
CA ILE A 1035 -26.50 14.89 62.90
C ILE A 1035 -25.27 15.31 63.70
N LYS A 1036 -25.12 16.61 63.92
CA LYS A 1036 -24.00 17.11 64.69
C LYS A 1036 -24.43 18.31 65.50
N ASN A 1037 -23.73 18.53 66.61
CA ASN A 1037 -24.09 19.62 67.50
C ASN A 1037 -23.73 20.98 66.90
N HIS A 1038 -24.54 21.98 67.22
CA HIS A 1038 -24.29 23.32 66.74
C HIS A 1038 -24.56 24.28 67.89
N ASN A 1039 -23.72 25.31 68.01
CA ASN A 1039 -23.87 26.31 69.07
C ASN A 1039 -23.51 27.71 68.60
N GLY A 1040 -24.31 28.25 67.70
CA GLY A 1040 -24.06 29.57 67.14
C GLY A 1040 -25.28 30.03 66.38
N PRO A 1041 -25.13 31.13 65.63
CA PRO A 1041 -26.25 31.66 64.84
C PRO A 1041 -26.58 30.74 63.67
N LEU A 1042 -27.84 30.35 63.56
CA LEU A 1042 -28.32 29.63 62.39
C LEU A 1042 -29.30 30.50 61.63
N LYS A 1043 -28.86 31.03 60.49
CA LYS A 1043 -29.72 31.91 59.71
C LYS A 1043 -30.07 33.11 60.59
N GLY A 1044 -29.04 33.77 61.12
CA GLY A 1044 -29.23 34.99 61.90
C GLY A 1044 -29.59 34.77 63.36
N LYS A 1045 -30.66 34.04 63.62
CA LYS A 1045 -31.09 33.75 64.98
C LYS A 1045 -30.20 32.69 65.61
N PRO A 1046 -29.93 32.82 66.93
CA PRO A 1046 -29.00 31.90 67.58
C PRO A 1046 -29.64 30.55 67.79
N TYR A 1047 -28.84 29.52 68.06
CA TYR A 1047 -29.36 28.17 68.23
C TYR A 1047 -28.29 27.26 68.79
N SER A 1048 -28.74 26.26 69.56
CA SER A 1048 -27.84 25.23 70.07
C SER A 1048 -28.51 23.86 70.07
N GLY A 1049 -27.76 22.84 69.71
CA GLY A 1049 -28.29 21.49 69.69
C GLY A 1049 -28.12 20.77 68.38
N TRP A 1050 -28.99 19.80 68.12
CA TRP A 1050 -28.84 18.90 66.99
C TRP A 1050 -29.14 19.57 65.66
N VAL A 1051 -28.29 19.28 64.69
CA VAL A 1051 -28.46 19.82 63.36
C VAL A 1051 -28.24 18.68 62.38
N ASP A 1052 -29.05 18.64 61.31
CA ASP A 1052 -28.83 17.70 60.22
C ASP A 1052 -27.45 17.93 59.61
N ALA A 1053 -26.63 16.90 59.59
CA ALA A 1053 -25.25 17.04 59.11
C ALA A 1053 -25.23 17.49 57.67
N LYS A 1054 -26.13 16.94 56.87
CA LYS A 1054 -26.20 17.27 55.44
C LYS A 1054 -26.69 18.68 55.21
N THR A 1055 -27.92 18.99 55.61
CA THR A 1055 -28.38 20.37 55.54
C THR A 1055 -28.11 21.07 56.86
N GLY A 1056 -27.67 22.32 56.81
CA GLY A 1056 -27.38 23.07 58.03
C GLY A 1056 -28.55 23.17 58.99
N GLU A 1057 -29.73 22.77 58.50
CA GLU A 1057 -30.97 22.84 59.27
C GLU A 1057 -30.89 22.15 60.62
N PRO A 1058 -31.69 22.63 61.60
CA PRO A 1058 -31.78 22.05 62.94
C PRO A 1058 -32.69 20.83 62.95
N VAL A 1059 -32.46 19.93 63.89
CA VAL A 1059 -33.30 18.75 64.04
C VAL A 1059 -33.76 18.55 65.48
N ASP A 1060 -35.03 18.20 65.66
CA ASP A 1060 -35.58 17.99 67.00
C ASP A 1060 -35.47 16.52 67.38
N ASP A 1061 -35.16 16.27 68.65
CA ASP A 1061 -35.04 14.89 69.14
C ASP A 1061 -36.22 14.03 68.70
N LYS A 1062 -37.43 14.59 68.79
CA LYS A 1062 -38.64 13.83 68.48
C LYS A 1062 -38.66 13.36 67.03
N ASP A 1063 -38.03 14.14 66.16
CA ASP A 1063 -37.99 13.85 64.74
C ASP A 1063 -36.93 12.85 64.36
N VAL A 1064 -35.82 12.85 65.08
CA VAL A 1064 -34.70 11.94 64.79
C VAL A 1064 -35.20 10.60 64.30
N LYS A 1065 -36.01 9.94 65.11
CA LYS A 1065 -36.49 8.61 64.76
C LYS A 1065 -37.13 8.54 63.36
N ALA A 1066 -37.95 9.53 63.03
CA ALA A 1066 -38.61 9.53 61.73
C ALA A 1066 -37.63 9.79 60.59
N LYS A 1067 -36.85 10.86 60.72
CA LYS A 1067 -35.90 11.24 59.68
C LYS A 1067 -34.87 10.16 59.38
N TYR A 1068 -34.36 9.51 60.42
CA TYR A 1068 -33.13 8.72 60.24
C TYR A 1068 -33.27 7.22 60.48
N GLU A 1069 -34.27 6.81 61.24
CA GLU A 1069 -34.31 5.41 61.63
C GLU A 1069 -34.19 4.53 60.39
N LYS A 1070 -35.03 4.80 59.41
CA LYS A 1070 -35.10 3.93 58.23
C LYS A 1070 -33.71 3.71 57.67
N TYR A 1071 -33.02 4.82 57.47
CA TYR A 1071 -31.66 4.80 56.96
C TYR A 1071 -30.77 3.99 57.89
N ILE A 1072 -30.71 4.43 59.14
CA ILE A 1072 -29.79 3.85 60.11
C ILE A 1072 -29.80 2.33 60.09
N LEU A 1073 -31.00 1.76 60.03
CA LEU A 1073 -31.18 0.31 60.05
C LEU A 1073 -30.71 -0.32 58.74
N GLU A 1074 -30.96 0.40 57.66
CA GLU A 1074 -30.62 -0.08 56.33
C GLU A 1074 -29.10 -0.06 56.12
N HIS A 1075 -28.44 0.93 56.72
CA HIS A 1075 -27.00 1.07 56.55
C HIS A 1075 -26.22 0.63 57.77
N SER A 1076 -26.82 -0.22 58.59
CA SER A 1076 -26.04 -0.99 59.56
C SER A 1076 -26.52 -2.43 59.72
N GLY A 1077 -25.68 -3.21 60.37
CA GLY A 1077 -25.92 -4.62 60.57
C GLY A 1077 -25.23 -5.46 59.52
N ILE A 1078 -25.67 -6.71 59.40
CA ILE A 1078 -25.22 -7.55 58.30
C ILE A 1078 -25.90 -7.01 57.02
N ARG A 1079 -25.11 -6.58 56.04
CA ARG A 1079 -25.70 -6.02 54.82
C ARG A 1079 -24.86 -6.28 53.59
N LEU A 1080 -25.40 -5.89 52.44
CA LEU A 1080 -24.67 -5.97 51.20
C LEU A 1080 -23.42 -5.13 51.27
N ILE A 1081 -22.30 -5.71 50.85
CA ILE A 1081 -21.00 -5.02 50.93
C ILE A 1081 -21.04 -3.67 50.22
N GLU A 1082 -20.59 -2.64 50.92
CA GLU A 1082 -20.62 -1.28 50.39
C GLU A 1082 -19.19 -0.90 50.10
N PRO A 1083 -18.85 -0.82 48.81
CA PRO A 1083 -17.48 -0.66 48.31
C PRO A 1083 -16.81 0.60 48.86
N GLU A 1084 -17.58 1.67 49.05
CA GLU A 1084 -17.02 2.91 49.58
C GLU A 1084 -16.32 2.60 50.90
N LEU A 1085 -16.90 1.69 51.67
CA LEU A 1085 -16.37 1.29 52.96
C LEU A 1085 -15.12 0.42 52.84
N PHE A 1086 -14.71 0.15 51.61
CA PHE A 1086 -13.62 -0.78 51.37
C PHE A 1086 -12.83 -0.35 50.17
N GLY A 1087 -12.70 0.96 50.00
CA GLY A 1087 -11.95 1.51 48.90
C GLY A 1087 -12.27 0.91 47.54
N GLY A 1088 -13.55 0.65 47.31
CA GLY A 1088 -14.01 0.22 46.01
C GLY A 1088 -14.17 -1.27 45.81
N TYR A 1089 -13.86 -2.07 46.82
CA TYR A 1089 -14.05 -3.51 46.67
C TYR A 1089 -15.49 -3.74 46.27
N ASP A 1090 -15.67 -4.59 45.27
CA ASP A 1090 -17.01 -4.98 44.86
C ASP A 1090 -16.90 -6.41 44.40
N PRO A 1091 -17.46 -7.33 45.20
CA PRO A 1091 -17.36 -8.79 45.01
C PRO A 1091 -17.86 -9.17 43.64
N ASN A 1092 -18.63 -8.28 43.01
CA ASN A 1092 -19.24 -8.57 41.73
C ASN A 1092 -18.27 -8.38 40.59
N ARG A 1093 -17.13 -7.78 40.92
CA ARG A 1093 -16.01 -7.72 40.00
C ARG A 1093 -14.71 -7.88 40.77
N LYS A 1094 -14.36 -9.13 41.03
CA LYS A 1094 -13.14 -9.43 41.77
C LYS A 1094 -11.97 -9.35 40.81
N GLN A 1095 -11.19 -8.28 40.92
CA GLN A 1095 -10.11 -8.08 39.96
C GLN A 1095 -8.99 -9.09 40.14
N LEU A 1096 -8.61 -9.74 39.04
CA LEU A 1096 -7.43 -10.57 38.97
C LEU A 1096 -6.51 -10.06 37.88
N LEU A 1097 -5.36 -10.73 37.70
CA LEU A 1097 -4.45 -10.44 36.61
C LEU A 1097 -4.10 -11.71 35.90
N GLN A 1098 -4.08 -11.68 34.58
CA GLN A 1098 -3.64 -12.86 33.87
C GLN A 1098 -2.39 -12.59 33.07
N GLU A 1099 -1.41 -13.47 33.20
CA GLU A 1099 -0.20 -13.36 32.41
C GLU A 1099 -0.55 -13.64 30.95
N VAL A 1100 -0.20 -12.72 30.06
CA VAL A 1100 -0.28 -12.94 28.62
C VAL A 1100 1.10 -12.84 28.04
N VAL A 1101 1.39 -13.66 27.05
CA VAL A 1101 2.60 -13.47 26.28
C VAL A 1101 2.23 -12.79 24.97
N ILE A 1102 2.69 -11.55 24.83
CA ILE A 1102 2.46 -10.79 23.63
C ILE A 1102 2.95 -11.63 22.47
N GLU A 1103 2.18 -11.66 21.38
CA GLU A 1103 2.66 -12.31 20.16
C GLU A 1103 2.85 -11.32 19.03
N GLN A 1104 3.51 -10.22 19.36
CA GLN A 1104 3.74 -9.12 18.44
C GLN A 1104 4.62 -8.13 19.18
N ASP A 1105 5.16 -7.16 18.48
CA ASP A 1105 5.74 -6.01 19.15
C ASP A 1105 4.52 -5.18 19.47
N LEU A 1106 4.54 -4.45 20.57
CA LEU A 1106 3.49 -3.46 20.72
C LEU A 1106 4.15 -2.09 20.78
N GLU A 1107 3.38 -1.05 20.47
CA GLU A 1107 3.97 0.24 20.18
C GLU A 1107 4.71 0.79 21.39
N PRO A 1108 5.72 1.65 21.13
CA PRO A 1108 6.61 2.35 22.05
C PRO A 1108 5.88 3.35 22.93
N PHE A 1109 6.28 3.43 24.19
CA PHE A 1109 5.84 4.53 25.04
C PHE A 1109 7.06 5.23 25.59
N GLU A 1110 6.92 6.49 25.98
CA GLU A 1110 8.04 7.23 26.56
C GLU A 1110 8.15 6.89 28.03
N ALA A 1111 9.34 7.11 28.59
CA ALA A 1111 9.65 6.75 29.96
C ALA A 1111 10.90 7.48 30.41
N SER A 1112 11.08 7.60 31.71
CA SER A 1112 12.29 8.22 32.23
C SER A 1112 13.45 7.29 31.91
N LYS A 1113 14.67 7.83 31.84
CA LYS A 1113 15.82 6.98 31.59
C LYS A 1113 15.81 5.85 32.61
N GLU A 1114 15.59 6.20 33.88
CA GLU A 1114 15.56 5.21 34.94
C GLU A 1114 14.54 4.09 34.71
N GLN A 1115 13.29 4.47 34.40
CA GLN A 1115 12.22 3.50 34.16
C GLN A 1115 12.57 2.61 33.00
N ALA A 1116 13.02 3.22 31.91
CA ALA A 1116 13.45 2.45 30.74
C ALA A 1116 14.36 1.32 31.18
N GLU A 1117 15.44 1.68 31.86
CA GLU A 1117 16.39 0.70 32.35
C GLU A 1117 15.69 -0.39 33.15
N GLU A 1118 14.84 0.01 34.10
CA GLU A 1118 14.10 -0.95 34.89
C GLU A 1118 13.43 -1.97 33.94
N PHE A 1119 12.73 -1.47 32.93
CA PHE A 1119 12.01 -2.33 31.97
C PHE A 1119 12.92 -3.28 31.22
N LYS A 1120 14.04 -2.74 30.76
CA LYS A 1120 15.01 -3.51 30.01
C LYS A 1120 15.66 -4.54 30.89
N ARG A 1121 15.80 -4.22 32.18
CA ARG A 1121 16.42 -5.12 33.13
C ARG A 1121 15.58 -6.36 33.21
N GLU A 1122 14.27 -6.15 33.36
CA GLU A 1122 13.31 -7.25 33.54
C GLU A 1122 13.11 -8.08 32.27
N HIS A 1123 13.08 -7.42 31.13
CA HIS A 1123 12.69 -8.04 29.86
C HIS A 1123 13.83 -8.45 28.93
N GLY A 1124 14.90 -7.68 28.90
CA GLY A 1124 16.08 -8.08 28.14
C GLY A 1124 15.83 -8.24 26.66
N ASP A 1125 15.99 -9.46 26.15
CA ASP A 1125 15.77 -9.76 24.73
C ASP A 1125 14.51 -9.09 24.23
N LYS A 1126 13.49 -9.09 25.08
CA LYS A 1126 12.14 -8.74 24.69
C LYS A 1126 11.76 -7.28 24.95
N VAL A 1127 12.75 -6.40 25.07
CA VAL A 1127 12.47 -4.97 25.08
C VAL A 1127 13.57 -4.18 24.45
N GLU A 1128 13.19 -3.14 23.70
CA GLU A 1128 14.13 -2.18 23.16
C GLU A 1128 13.94 -0.81 23.82
N ILE A 1129 15.01 -0.23 24.35
CA ILE A 1129 14.91 1.17 24.77
C ILE A 1129 16.01 2.00 24.19
N PHE A 1130 15.65 3.20 23.76
CA PHE A 1130 16.59 4.12 23.14
C PHE A 1130 16.36 5.53 23.68
N GLU A 1131 17.43 6.33 23.72
CA GLU A 1131 17.32 7.72 24.13
C GLU A 1131 16.50 8.52 23.13
N ILE A 1132 15.87 9.58 23.62
CA ILE A 1132 15.37 10.61 22.75
C ILE A 1132 16.45 11.67 22.80
N PRO A 1133 17.25 11.76 21.74
CA PRO A 1133 18.46 12.58 21.81
C PRO A 1133 18.11 13.99 22.24
N GLU A 1134 16.85 14.34 22.09
CA GLU A 1134 16.39 15.71 22.25
C GLU A 1134 15.96 16.05 23.67
N THR A 1135 15.37 15.10 24.38
CA THR A 1135 14.90 15.39 25.73
C THR A 1135 15.37 14.41 26.81
N GLY A 1136 16.42 13.64 26.51
CA GLY A 1136 16.98 12.71 27.47
C GLY A 1136 15.98 11.67 27.94
N GLN A 1137 14.80 11.65 27.32
CA GLN A 1137 13.80 10.64 27.59
C GLN A 1137 14.16 9.34 26.88
N TYR A 1138 13.30 8.34 27.03
CA TYR A 1138 13.55 7.06 26.39
C TYR A 1138 12.28 6.53 25.81
N THR A 1139 12.41 5.43 25.11
CA THR A 1139 11.30 4.83 24.42
C THR A 1139 11.30 3.35 24.72
N VAL A 1140 10.15 2.83 25.11
CA VAL A 1140 10.09 1.43 25.47
C VAL A 1140 9.16 0.71 24.52
N ARG A 1141 9.73 -0.28 23.85
CA ARG A 1141 8.94 -1.15 22.99
C ARG A 1141 9.12 -2.60 23.44
N LEU A 1142 8.03 -3.22 23.85
CA LEU A 1142 8.13 -4.61 24.19
C LEU A 1142 8.03 -5.38 22.91
N ARG A 1143 8.85 -6.41 22.79
CA ARG A 1143 8.83 -7.25 21.60
C ARG A 1143 8.00 -8.53 21.77
N LYS A 1144 7.82 -9.23 20.67
CA LYS A 1144 7.09 -10.48 20.70
C LYS A 1144 7.81 -11.41 21.66
N GLY A 1145 7.05 -12.05 22.53
CA GLY A 1145 7.64 -12.99 23.47
C GLY A 1145 7.60 -12.38 24.84
N ALA A 1146 7.45 -11.06 24.87
CA ALA A 1146 7.37 -10.31 26.12
C ALA A 1146 6.19 -10.80 26.94
N THR A 1147 6.23 -10.58 28.25
CA THR A 1147 5.14 -11.02 29.08
C THR A 1147 4.41 -9.87 29.73
N LEU A 1148 3.09 -9.87 29.59
CA LEU A 1148 2.27 -8.78 30.05
C LEU A 1148 1.29 -9.24 31.12
N LEU A 1149 0.67 -8.29 31.79
CA LEU A 1149 -0.36 -8.63 32.77
C LEU A 1149 -1.66 -7.91 32.50
N ILE A 1150 -2.70 -8.65 32.15
CA ILE A 1150 -3.99 -8.04 31.87
C ILE A 1150 -5.00 -8.35 32.94
N PRO A 1151 -5.58 -7.31 33.51
CA PRO A 1151 -6.69 -7.34 34.47
C PRO A 1151 -7.89 -8.10 33.94
N LYS A 1152 -8.56 -8.82 34.83
CA LYS A 1152 -9.85 -9.42 34.53
C LYS A 1152 -10.67 -9.35 35.79
N ALA A 1153 -11.95 -9.68 35.69
CA ALA A 1153 -12.82 -9.57 36.84
C ALA A 1153 -13.69 -10.83 37.03
N LEU A 1154 -14.12 -11.06 38.27
CA LEU A 1154 -14.86 -12.26 38.61
C LEU A 1154 -16.15 -11.95 39.33
N GLN A 1155 -17.09 -12.90 39.29
CA GLN A 1155 -18.29 -12.71 40.09
C GLN A 1155 -18.30 -13.56 41.34
N PHE A 1156 -17.91 -12.93 42.44
CA PHE A 1156 -17.67 -13.59 43.70
C PHE A 1156 -18.99 -13.71 44.47
N ASP A 1157 -19.08 -14.73 45.31
CA ASP A 1157 -20.33 -15.18 45.90
C ASP A 1157 -20.65 -14.52 47.23
N ARG A 1158 -19.62 -13.99 47.89
CA ARG A 1158 -19.80 -13.37 49.21
C ARG A 1158 -20.17 -11.91 49.06
N LEU A 1159 -21.44 -11.65 48.78
CA LEU A 1159 -21.92 -10.30 48.52
C LEU A 1159 -22.30 -9.59 49.79
N VAL A 1160 -22.47 -10.36 50.85
CA VAL A 1160 -22.90 -9.79 52.12
C VAL A 1160 -21.84 -9.99 53.17
N ALA A 1161 -21.68 -8.98 54.03
CA ALA A 1161 -20.78 -9.02 55.19
C ALA A 1161 -21.28 -8.05 56.25
N GLY A 1162 -21.02 -8.36 57.51
CA GLY A 1162 -21.47 -7.48 58.57
C GLY A 1162 -20.47 -6.37 58.76
N GLN A 1163 -20.89 -5.14 58.53
CA GLN A 1163 -19.95 -4.01 58.45
C GLN A 1163 -20.32 -2.86 59.38
N ILE A 1164 -19.30 -2.22 59.93
CA ILE A 1164 -19.52 -1.06 60.79
C ILE A 1164 -20.44 -0.11 60.08
N PRO A 1165 -21.40 0.48 60.81
CA PRO A 1165 -22.40 1.43 60.27
C PRO A 1165 -21.85 2.43 59.26
N THR A 1166 -22.56 2.54 58.15
CA THR A 1166 -22.17 3.39 57.03
C THR A 1166 -22.13 4.85 57.44
N GLY A 1167 -20.94 5.28 57.86
CA GLY A 1167 -20.74 6.66 58.23
C GLY A 1167 -19.80 6.79 59.41
N TRP A 1168 -19.49 5.68 60.07
CA TRP A 1168 -18.67 5.74 61.28
C TRP A 1168 -17.29 6.28 60.95
N ASP A 1169 -16.81 7.20 61.77
CA ASP A 1169 -15.43 7.65 61.60
C ASP A 1169 -14.74 7.92 62.92
N ALA A 1170 -13.53 7.40 63.04
CA ALA A 1170 -12.73 7.63 64.23
C ALA A 1170 -12.51 9.12 64.50
N ARG A 1171 -12.87 9.96 63.55
CA ARG A 1171 -12.66 11.40 63.70
C ARG A 1171 -13.77 12.03 64.53
N ARG A 1172 -14.95 11.44 64.46
CA ARG A 1172 -16.07 11.95 65.24
C ARG A 1172 -15.70 11.85 66.70
N TYR A 1173 -14.92 10.82 67.01
CA TYR A 1173 -14.52 10.53 68.38
C TYR A 1173 -13.41 11.46 68.87
N GLY A 1174 -12.56 11.90 67.95
CA GLY A 1174 -11.51 12.83 68.31
C GLY A 1174 -10.10 12.35 68.03
N VAL A 1175 -9.96 11.17 67.44
CA VAL A 1175 -8.65 10.74 66.99
C VAL A 1175 -8.08 11.79 66.03
N PRO A 1176 -6.82 12.18 66.25
CA PRO A 1176 -6.12 13.21 65.49
C PRO A 1176 -5.99 12.84 64.02
N GLU A 1177 -6.11 13.82 63.16
CA GLU A 1177 -6.04 13.58 61.73
C GLU A 1177 -4.74 12.88 61.33
N ASP A 1178 -3.61 13.36 61.84
CA ASP A 1178 -2.31 12.77 61.49
C ASP A 1178 -2.23 11.30 61.85
N ILE A 1179 -2.91 10.91 62.93
CA ILE A 1179 -2.92 9.52 63.36
C ILE A 1179 -3.88 8.71 62.48
N ILE A 1180 -4.95 9.38 62.05
CA ILE A 1180 -5.89 8.80 61.11
C ILE A 1180 -5.17 8.39 59.84
N GLN A 1181 -4.32 9.29 59.36
CA GLN A 1181 -3.59 9.09 58.12
C GLN A 1181 -2.51 8.02 58.24
N GLN A 1182 -1.96 7.87 59.43
CA GLN A 1182 -0.77 7.04 59.66
C GLN A 1182 -1.05 5.54 59.87
N VAL A 1183 -2.20 5.22 60.45
CA VAL A 1183 -2.42 3.86 60.93
C VAL A 1183 -3.48 3.09 60.15
N ASP A 1184 -3.41 1.75 60.25
CA ASP A 1184 -4.44 0.86 59.71
C ASP A 1184 -5.80 1.11 60.38
N PRO A 1185 -6.91 1.04 59.61
CA PRO A 1185 -8.27 1.23 60.12
C PRO A 1185 -8.52 0.40 61.37
N VAL A 1186 -8.02 -0.83 61.38
CA VAL A 1186 -8.07 -1.72 62.54
C VAL A 1186 -7.68 -0.93 63.79
N THR A 1187 -6.48 -0.34 63.76
CA THR A 1187 -5.99 0.41 64.89
C THR A 1187 -6.99 1.49 65.28
N LEU A 1188 -7.68 2.07 64.30
CA LEU A 1188 -8.66 3.12 64.58
C LEU A 1188 -9.85 2.60 65.36
N TYR A 1189 -10.28 1.39 65.05
CA TYR A 1189 -11.33 0.75 65.83
C TYR A 1189 -10.81 0.57 67.26
N VAL A 1190 -9.66 -0.08 67.36
CA VAL A 1190 -9.00 -0.33 68.64
C VAL A 1190 -8.83 0.92 69.48
N LEU A 1191 -8.38 2.00 68.85
CA LEU A 1191 -8.16 3.26 69.55
C LEU A 1191 -9.45 3.80 70.12
N VAL A 1192 -10.47 3.91 69.28
CA VAL A 1192 -11.74 4.45 69.75
C VAL A 1192 -12.32 3.50 70.77
N SER A 1193 -12.16 2.20 70.53
CA SER A 1193 -12.67 1.22 71.50
C SER A 1193 -12.12 1.47 72.92
N VAL A 1194 -10.82 1.28 73.08
CA VAL A 1194 -10.14 1.50 74.34
C VAL A 1194 -10.53 2.84 74.98
N ALA A 1195 -10.86 3.83 74.19
CA ALA A 1195 -11.20 5.14 74.73
C ALA A 1195 -12.56 5.12 75.36
N GLU A 1196 -13.52 4.49 74.69
CA GLU A 1196 -14.87 4.41 75.22
C GLU A 1196 -14.91 3.41 76.36
N ALA A 1197 -14.03 2.40 76.28
CA ALA A 1197 -13.90 1.37 77.32
C ALA A 1197 -13.39 1.95 78.65
N LEU A 1198 -12.45 2.88 78.56
CA LEU A 1198 -11.95 3.54 79.74
C LEU A 1198 -13.02 4.41 80.38
N LEU A 1199 -13.90 4.98 79.58
CA LEU A 1199 -14.96 5.83 80.09
C LEU A 1199 -16.04 5.00 80.79
N SER A 1200 -16.38 3.87 80.19
CA SER A 1200 -17.37 2.97 80.79
C SER A 1200 -16.90 2.49 82.16
N SER A 1201 -15.62 2.68 82.41
CA SER A 1201 -14.99 2.24 83.64
C SER A 1201 -14.72 3.45 84.52
N GLY A 1202 -15.20 4.61 84.11
CA GLY A 1202 -15.11 5.82 84.93
C GLY A 1202 -13.78 6.54 84.88
N ILE A 1203 -12.86 6.04 84.07
CA ILE A 1203 -11.58 6.69 83.85
C ILE A 1203 -11.70 7.72 82.73
N THR A 1204 -11.45 8.98 83.06
CA THR A 1204 -11.46 10.04 82.04
C THR A 1204 -10.07 10.18 81.41
N ASP A 1205 -9.11 10.49 82.25
CA ASP A 1205 -7.71 10.59 81.89
C ASP A 1205 -7.10 9.28 82.36
N PRO A 1206 -6.43 8.55 81.45
CA PRO A 1206 -5.87 7.24 81.85
C PRO A 1206 -4.76 7.40 82.88
N TYR A 1207 -4.31 8.63 83.04
CA TYR A 1207 -3.28 8.97 84.01
C TYR A 1207 -3.76 8.78 85.45
N GLU A 1208 -5.07 8.89 85.67
CA GLU A 1208 -5.67 8.65 86.97
C GLU A 1208 -5.19 7.31 87.52
N PHE A 1209 -4.97 6.33 86.65
CA PHE A 1209 -4.40 5.06 87.08
C PHE A 1209 -3.12 5.27 87.89
N TYR A 1210 -2.38 6.32 87.56
CA TYR A 1210 -1.12 6.58 88.24
C TYR A 1210 -1.31 7.49 89.43
N LYS A 1211 -2.49 7.40 90.03
CA LYS A 1211 -2.71 7.96 91.34
C LYS A 1211 -2.65 6.79 92.31
N TYR A 1212 -3.18 5.65 91.86
CA TYR A 1212 -3.29 4.45 92.69
C TYR A 1212 -2.20 3.43 92.39
N VAL A 1213 -1.52 3.61 91.26
CA VAL A 1213 -0.64 2.55 90.75
C VAL A 1213 0.56 3.04 89.96
N HIS A 1214 1.62 2.22 89.98
CA HIS A 1214 2.87 2.54 89.32
C HIS A 1214 2.76 2.32 87.83
N LEU A 1215 3.47 3.15 87.07
CA LEU A 1215 3.56 3.00 85.62
C LEU A 1215 3.63 1.55 85.16
N SER A 1216 4.31 0.70 85.92
CA SER A 1216 4.55 -0.68 85.51
C SER A 1216 3.42 -1.67 85.86
N GLU A 1217 2.22 -1.16 86.15
CA GLU A 1217 1.11 -2.01 86.53
C GLU A 1217 -0.14 -1.86 85.67
N VAL A 1218 -0.11 -0.92 84.73
CA VAL A 1218 -1.12 -0.90 83.68
C VAL A 1218 -0.61 -1.76 82.51
N GLY A 1219 -1.30 -2.85 82.23
CA GLY A 1219 -0.87 -3.77 81.19
C GLY A 1219 -1.67 -3.68 79.91
N ASN A 1220 -1.11 -4.19 78.81
CA ASN A 1220 -1.78 -4.13 77.52
C ASN A 1220 -1.73 -5.47 76.75
N CYS A 1221 -2.85 -6.18 76.74
CA CYS A 1221 -2.92 -7.52 76.14
C CYS A 1221 -3.91 -7.67 75.01
N ILE A 1222 -4.02 -6.67 74.13
CA ILE A 1222 -5.01 -6.76 73.06
C ILE A 1222 -4.42 -7.47 71.84
N GLY A 1223 -5.21 -8.40 71.28
CA GLY A 1223 -4.74 -9.25 70.20
C GLY A 1223 -5.64 -9.29 68.98
N SER A 1224 -5.34 -10.22 68.08
CA SER A 1224 -6.15 -10.38 66.89
C SER A 1224 -5.61 -11.52 66.05
N GLY A 1225 -6.39 -11.92 65.03
CA GLY A 1225 -6.08 -13.11 64.25
C GLY A 1225 -4.98 -12.84 63.27
N VAL A 1226 -5.15 -11.72 62.55
CA VAL A 1226 -4.13 -11.14 61.66
C VAL A 1226 -4.56 -9.71 61.44
N GLY A 1227 -4.03 -8.79 62.25
CA GLY A 1227 -4.52 -7.42 62.23
C GLY A 1227 -3.61 -6.59 61.38
N GLY A 1228 -4.12 -5.48 60.86
CA GLY A 1228 -3.33 -4.65 59.95
C GLY A 1228 -3.38 -5.18 58.52
N THR A 1229 -4.55 -5.68 58.18
CA THR A 1229 -4.79 -6.38 56.91
C THR A 1229 -4.62 -5.42 55.72
N SER A 1230 -4.93 -4.15 55.96
CA SER A 1230 -4.76 -3.12 54.96
C SER A 1230 -3.27 -2.90 54.69
N ALA A 1231 -2.49 -2.72 55.74
CA ALA A 1231 -1.06 -2.55 55.60
C ALA A 1231 -0.43 -3.80 55.00
N LEU A 1232 -1.02 -4.95 55.33
CA LEU A 1232 -0.54 -6.21 54.80
C LEU A 1232 -0.63 -6.24 53.29
N ARG A 1233 -1.82 -5.88 52.80
CA ARG A 1233 -2.07 -5.77 51.38
C ARG A 1233 -1.14 -4.75 50.76
N GLY A 1234 -1.01 -3.60 51.44
CA GLY A 1234 -0.14 -2.54 50.99
C GLY A 1234 1.28 -2.94 50.65
N MET A 1235 1.79 -3.98 51.26
CA MET A 1235 3.20 -4.33 51.10
C MET A 1235 3.41 -5.58 50.28
N TYR A 1236 2.39 -6.44 50.26
CA TYR A 1236 2.45 -7.68 49.50
C TYR A 1236 1.86 -7.51 48.11
N LYS A 1237 1.04 -6.48 47.93
CA LYS A 1237 0.38 -6.25 46.66
C LYS A 1237 0.58 -4.84 46.18
N ASP A 1238 0.01 -3.86 46.89
CA ASP A 1238 0.05 -2.48 46.46
C ASP A 1238 1.44 -1.97 46.11
N ARG A 1239 2.47 -2.62 46.65
CA ARG A 1239 3.84 -2.17 46.46
C ARG A 1239 4.43 -2.76 45.18
N TYR A 1240 4.08 -4.02 44.96
CA TYR A 1240 4.41 -4.73 43.73
C TYR A 1240 3.85 -3.97 42.53
N LEU A 1241 2.69 -3.34 42.73
CA LEU A 1241 1.95 -2.66 41.68
C LEU A 1241 2.43 -1.24 41.54
N ASP A 1242 3.35 -0.87 42.41
CA ASP A 1242 3.97 0.46 42.35
C ASP A 1242 2.98 1.57 42.70
N LYS A 1243 1.92 1.21 43.39
CA LYS A 1243 0.98 2.21 43.88
C LYS A 1243 1.61 3.01 45.04
N PRO A 1244 1.20 4.28 45.19
CA PRO A 1244 1.78 5.17 46.22
C PRO A 1244 1.52 4.62 47.59
N VAL A 1245 2.57 4.20 48.28
CA VAL A 1245 2.39 3.54 49.58
C VAL A 1245 3.41 4.01 50.63
N GLN A 1246 2.97 4.10 51.88
CA GLN A 1246 3.80 4.53 53.01
C GLN A 1246 5.16 3.85 53.03
N LYS A 1247 6.13 4.43 53.73
CA LYS A 1247 7.45 3.81 53.85
C LYS A 1247 7.47 2.83 55.01
N ASP A 1248 6.61 3.11 55.98
CA ASP A 1248 6.59 2.40 57.24
C ASP A 1248 5.41 1.42 57.34
N ILE A 1249 4.80 1.06 56.22
CA ILE A 1249 3.61 0.24 56.27
C ILE A 1249 3.91 -1.02 57.06
N LEU A 1250 5.16 -1.47 57.00
CA LEU A 1250 5.54 -2.65 57.77
C LEU A 1250 5.13 -2.54 59.25
N GLN A 1251 5.39 -1.38 59.87
CA GLN A 1251 4.94 -1.08 61.22
C GLN A 1251 3.52 -1.54 61.45
N GLU A 1252 2.61 -0.94 60.69
CA GLU A 1252 1.17 -1.06 60.98
C GLU A 1252 0.55 -2.40 60.64
N SER A 1253 1.37 -3.37 60.24
CA SER A 1253 0.87 -4.71 59.88
C SER A 1253 1.02 -5.70 61.02
N PHE A 1254 1.81 -5.32 62.02
CA PHE A 1254 2.06 -6.15 63.21
C PHE A 1254 0.86 -6.16 64.13
N VAL A 1255 0.54 -7.33 64.64
CA VAL A 1255 -0.64 -7.44 65.50
C VAL A 1255 -0.53 -6.54 66.73
N ASN A 1256 0.70 -6.35 67.22
CA ASN A 1256 0.91 -5.61 68.46
C ASN A 1256 1.13 -4.14 68.26
N THR A 1257 1.06 -3.69 67.02
CA THR A 1257 1.25 -2.27 66.75
C THR A 1257 -0.02 -1.57 67.18
N MET A 1258 -1.13 -2.29 67.12
CA MET A 1258 -2.37 -1.75 67.61
C MET A 1258 -2.13 -1.46 69.08
N ALA A 1259 -1.78 -2.49 69.84
CA ALA A 1259 -1.48 -2.30 71.26
C ALA A 1259 -0.52 -1.13 71.48
N ALA A 1260 0.54 -1.10 70.68
CA ALA A 1260 1.55 -0.05 70.78
C ALA A 1260 0.88 1.30 70.69
N TRP A 1261 0.09 1.53 69.66
CA TRP A 1261 -0.54 2.83 69.45
C TRP A 1261 -1.40 3.27 70.61
N VAL A 1262 -2.00 2.29 71.27
CA VAL A 1262 -2.85 2.55 72.44
C VAL A 1262 -2.01 3.14 73.56
N ASN A 1263 -0.86 2.52 73.76
CA ASN A 1263 0.08 2.98 74.78
C ASN A 1263 0.77 4.31 74.39
N MET A 1264 0.97 4.54 73.10
CA MET A 1264 1.69 5.72 72.63
C MET A 1264 0.77 6.93 72.57
N LEU A 1265 -0.52 6.70 72.80
CA LEU A 1265 -1.51 7.77 72.68
C LEU A 1265 -2.32 8.03 73.94
N LEU A 1266 -2.38 7.05 74.84
CA LEU A 1266 -3.21 7.16 76.07
C LEU A 1266 -2.52 6.75 77.36
N LEU A 1267 -2.30 5.45 77.52
CA LEU A 1267 -1.64 4.93 78.71
C LEU A 1267 -0.13 4.94 78.54
N SER A 1268 0.59 5.87 79.18
CA SER A 1268 2.06 5.84 79.02
C SER A 1268 2.75 4.88 79.99
N SER A 1269 2.24 3.64 80.04
CA SER A 1269 2.63 2.68 81.06
C SER A 1269 3.83 1.84 80.66
N THR A 1270 4.64 1.50 81.65
CA THR A 1270 5.73 0.56 81.45
C THR A 1270 5.28 -0.83 81.86
N GLY A 1271 3.96 -1.04 81.78
CA GLY A 1271 3.35 -2.32 82.10
C GLY A 1271 3.73 -3.39 81.11
N PRO A 1272 3.11 -4.58 81.23
CA PRO A 1272 3.44 -5.66 80.31
C PRO A 1272 2.69 -5.49 79.00
N ILE A 1273 3.10 -6.25 77.98
CA ILE A 1273 2.40 -6.28 76.70
C ILE A 1273 2.49 -7.68 76.16
N LYS A 1274 1.55 -8.52 76.54
CA LYS A 1274 1.48 -9.85 75.98
C LYS A 1274 0.30 -9.81 75.02
N THR A 1275 0.61 -9.89 73.73
CA THR A 1275 -0.40 -9.75 72.69
C THR A 1275 -0.52 -11.06 71.91
N PRO A 1276 -1.75 -11.61 71.88
CA PRO A 1276 -2.08 -12.97 71.45
C PRO A 1276 -2.66 -13.08 70.05
N VAL A 1277 -2.30 -14.17 69.40
CA VAL A 1277 -2.92 -14.54 68.13
C VAL A 1277 -3.59 -15.90 68.27
N GLY A 1278 -4.85 -15.90 68.71
CA GLY A 1278 -5.60 -17.13 68.84
C GLY A 1278 -6.70 -17.28 67.80
N ALA A 1279 -6.45 -16.78 66.59
CA ALA A 1279 -7.45 -16.78 65.54
C ALA A 1279 -8.82 -16.39 66.09
N CYS A 1280 -9.85 -17.12 65.67
CA CYS A 1280 -11.22 -16.78 66.03
C CYS A 1280 -11.44 -16.59 67.56
N ALA A 1281 -10.51 -17.07 68.36
CA ALA A 1281 -10.68 -17.07 69.82
C ALA A 1281 -9.74 -16.10 70.56
N THR A 1282 -8.99 -15.28 69.83
CA THR A 1282 -8.02 -14.40 70.47
C THR A 1282 -8.63 -13.63 71.63
N ALA A 1283 -9.81 -13.05 71.42
CA ALA A 1283 -10.43 -12.17 72.41
C ALA A 1283 -10.57 -12.82 73.81
N VAL A 1284 -10.80 -14.13 73.83
CA VAL A 1284 -10.87 -14.87 75.08
C VAL A 1284 -9.45 -15.20 75.55
N GLU A 1285 -8.64 -15.80 74.68
CA GLU A 1285 -7.25 -16.05 75.01
C GLU A 1285 -6.59 -14.80 75.61
N SER A 1286 -7.03 -13.63 75.13
CA SER A 1286 -6.57 -12.34 75.63
C SER A 1286 -7.00 -12.14 77.07
N LEU A 1287 -8.28 -12.36 77.35
CA LEU A 1287 -8.82 -12.26 78.70
C LEU A 1287 -8.02 -13.14 79.65
N ASP A 1288 -7.78 -14.38 79.23
CA ASP A 1288 -6.94 -15.32 79.96
C ASP A 1288 -5.56 -14.77 80.25
N VAL A 1289 -4.88 -14.32 79.20
CA VAL A 1289 -3.56 -13.73 79.34
C VAL A 1289 -3.49 -12.57 80.34
N GLY A 1290 -4.40 -11.60 80.19
CA GLY A 1290 -4.45 -10.48 81.11
C GLY A 1290 -4.73 -10.93 82.53
N TYR A 1291 -5.64 -11.89 82.65
CA TYR A 1291 -5.97 -12.52 83.93
C TYR A 1291 -4.73 -13.08 84.62
N ASP A 1292 -4.06 -14.06 84.00
CA ASP A 1292 -2.85 -14.65 84.57
C ASP A 1292 -1.85 -13.59 84.92
N THR A 1293 -1.59 -12.72 83.96
CA THR A 1293 -0.65 -11.63 84.13
C THR A 1293 -0.95 -10.83 85.41
N ILE A 1294 -2.22 -10.55 85.67
CA ILE A 1294 -2.58 -9.75 86.84
C ILE A 1294 -2.41 -10.53 88.14
N MET A 1295 -2.74 -11.82 88.10
CA MET A 1295 -2.59 -12.71 89.27
C MET A 1295 -1.15 -13.21 89.51
N GLN A 1296 -0.19 -12.59 88.83
CA GLN A 1296 1.20 -12.91 89.06
C GLN A 1296 1.98 -11.64 89.41
N GLY A 1297 1.25 -10.57 89.71
CA GLY A 1297 1.82 -9.32 90.18
C GLY A 1297 2.34 -8.42 89.08
N LYS A 1298 2.31 -8.90 87.85
CA LYS A 1298 2.83 -8.16 86.70
C LYS A 1298 2.08 -6.86 86.50
N ALA A 1299 0.78 -6.87 86.74
CA ALA A 1299 -0.02 -5.66 86.61
C ALA A 1299 -1.22 -5.69 87.53
N ARG A 1300 -1.83 -4.54 87.76
CA ARG A 1300 -3.06 -4.47 88.55
C ARG A 1300 -4.26 -4.02 87.71
N VAL A 1301 -4.02 -3.19 86.71
CA VAL A 1301 -5.03 -2.88 85.72
C VAL A 1301 -4.52 -3.43 84.39
N CYS A 1302 -5.41 -3.58 83.41
CA CYS A 1302 -5.03 -4.25 82.19
C CYS A 1302 -6.11 -4.18 81.11
N LEU A 1303 -5.73 -3.68 79.95
CA LEU A 1303 -6.62 -3.64 78.80
C LEU A 1303 -6.60 -5.00 78.11
N VAL A 1304 -7.79 -5.44 77.69
CA VAL A 1304 -7.97 -6.74 77.07
C VAL A 1304 -9.03 -6.65 75.98
N GLY A 1305 -8.88 -7.45 74.93
CA GLY A 1305 -9.85 -7.48 73.86
C GLY A 1305 -9.32 -8.12 72.60
N GLY A 1306 -10.10 -8.03 71.53
CA GLY A 1306 -9.69 -8.56 70.24
C GLY A 1306 -10.24 -7.70 69.12
N PHE A 1307 -9.64 -7.84 67.94
CA PHE A 1307 -10.07 -7.07 66.78
C PHE A 1307 -9.71 -7.82 65.52
N ASP A 1308 -10.31 -7.40 64.42
CA ASP A 1308 -9.96 -7.93 63.11
C ASP A 1308 -10.85 -7.18 62.11
N ASP A 1309 -10.41 -7.10 60.86
CA ASP A 1309 -11.11 -6.29 59.86
C ASP A 1309 -11.72 -7.16 58.77
N PHE A 1310 -12.55 -6.55 57.91
CA PHE A 1310 -13.05 -7.23 56.73
C PHE A 1310 -12.28 -6.80 55.49
N GLN A 1311 -11.79 -7.78 54.73
CA GLN A 1311 -10.91 -7.47 53.61
C GLN A 1311 -11.19 -8.30 52.39
N GLU A 1312 -11.00 -7.69 51.21
CA GLU A 1312 -11.22 -8.38 49.95
C GLU A 1312 -10.45 -9.70 49.89
N GLU A 1313 -9.22 -9.65 50.36
CA GLU A 1313 -8.30 -10.77 50.26
C GLU A 1313 -8.70 -11.82 51.29
N GLY A 1314 -9.14 -11.37 52.46
CA GLY A 1314 -9.63 -12.27 53.48
C GLY A 1314 -10.88 -13.01 53.04
N SER A 1315 -11.92 -12.24 52.70
CA SER A 1315 -13.23 -12.78 52.36
C SER A 1315 -13.11 -13.85 51.29
N TYR A 1316 -12.26 -13.57 50.31
CA TYR A 1316 -12.04 -14.46 49.19
C TYR A 1316 -11.38 -15.71 49.67
N GLU A 1317 -10.49 -15.57 50.62
CA GLU A 1317 -9.71 -16.69 51.10
C GLU A 1317 -10.57 -17.65 51.91
N PHE A 1318 -11.38 -17.11 52.81
CA PHE A 1318 -12.28 -17.93 53.61
C PHE A 1318 -13.22 -18.74 52.73
N ALA A 1319 -13.67 -18.12 51.66
CA ALA A 1319 -14.55 -18.80 50.73
C ALA A 1319 -13.90 -20.06 50.16
N ASN A 1320 -12.60 -19.99 49.87
CA ASN A 1320 -11.89 -21.15 49.32
C ASN A 1320 -11.80 -22.28 50.31
N MET A 1321 -11.84 -21.94 51.59
CA MET A 1321 -11.80 -22.93 52.66
C MET A 1321 -13.17 -23.52 52.90
N GLY A 1322 -14.20 -22.71 52.71
CA GLY A 1322 -15.57 -23.20 52.75
C GLY A 1322 -16.25 -22.79 54.01
N ALA A 1323 -15.62 -21.86 54.73
CA ALA A 1323 -16.10 -21.44 56.04
C ALA A 1323 -17.25 -20.44 55.96
N THR A 1324 -17.13 -19.48 55.06
CA THR A 1324 -18.16 -18.46 54.92
C THR A 1324 -19.36 -18.98 54.15
N SER A 1325 -20.45 -18.22 54.23
CA SER A 1325 -21.69 -18.63 53.61
C SER A 1325 -21.79 -18.00 52.25
N ASN A 1326 -22.13 -18.79 51.25
CA ASN A 1326 -22.32 -18.31 49.88
C ASN A 1326 -23.57 -17.43 49.71
N ALA A 1327 -23.38 -16.12 49.70
CA ALA A 1327 -24.53 -15.21 49.62
C ALA A 1327 -25.45 -15.52 48.42
N LYS A 1328 -24.88 -15.71 47.24
CA LYS A 1328 -25.65 -15.99 46.03
C LYS A 1328 -26.59 -17.19 46.19
N GLU A 1329 -26.08 -18.24 46.83
CA GLU A 1329 -26.85 -19.45 47.07
C GLU A 1329 -27.92 -19.23 48.13
N GLU A 1330 -27.62 -18.42 49.14
CA GLU A 1330 -28.58 -18.12 50.18
C GLU A 1330 -29.67 -17.18 49.70
N PHE A 1331 -29.30 -16.33 48.75
CA PHE A 1331 -30.28 -15.49 48.08
C PHE A 1331 -31.24 -16.36 47.27
N ALA A 1332 -30.72 -17.47 46.74
CA ALA A 1332 -31.51 -18.45 45.99
C ALA A 1332 -32.46 -19.18 46.92
N ARG A 1333 -32.25 -19.04 48.23
CA ARG A 1333 -33.05 -19.72 49.23
C ARG A 1333 -34.05 -18.78 49.86
N GLY A 1334 -34.13 -17.57 49.33
CA GLY A 1334 -35.14 -16.64 49.77
C GLY A 1334 -34.67 -15.96 51.02
N ARG A 1335 -33.39 -16.11 51.31
CA ARG A 1335 -32.80 -15.48 52.49
C ARG A 1335 -32.56 -14.01 52.28
N GLU A 1336 -32.52 -13.24 53.37
CA GLU A 1336 -32.21 -11.84 53.29
C GLU A 1336 -30.85 -11.64 53.92
N PRO A 1337 -30.13 -10.60 53.49
CA PRO A 1337 -28.90 -10.28 54.22
C PRO A 1337 -29.31 -10.07 55.68
N GLY A 1338 -28.83 -10.90 56.60
CA GLY A 1338 -29.21 -10.73 57.99
C GLY A 1338 -29.94 -11.93 58.52
N GLU A 1339 -30.92 -12.37 57.75
CA GLU A 1339 -31.50 -13.70 57.93
C GLU A 1339 -30.40 -14.71 57.54
N MET A 1340 -29.27 -14.19 57.07
CA MET A 1340 -28.21 -15.02 56.52
C MET A 1340 -27.55 -15.89 57.59
N SER A 1341 -27.50 -15.36 58.82
CA SER A 1341 -26.75 -15.98 59.92
C SER A 1341 -27.64 -16.64 60.98
N ARG A 1342 -27.67 -17.96 60.97
CA ARG A 1342 -28.55 -18.69 61.89
C ARG A 1342 -27.77 -19.77 62.61
N PRO A 1343 -27.18 -19.39 63.76
CA PRO A 1343 -26.23 -20.17 64.55
C PRO A 1343 -26.64 -21.62 64.83
N THR A 1344 -27.89 -21.88 65.19
CA THR A 1344 -28.25 -23.24 65.56
C THR A 1344 -29.20 -23.91 64.58
N SER A 1345 -29.55 -23.17 63.54
CA SER A 1345 -30.58 -23.58 62.58
C SER A 1345 -30.27 -24.91 61.94
N THR A 1346 -31.28 -25.51 61.30
CA THR A 1346 -31.07 -26.74 60.54
C THR A 1346 -30.36 -26.37 59.24
N THR A 1347 -30.75 -25.20 58.72
CA THR A 1347 -30.32 -24.69 57.42
C THR A 1347 -28.96 -24.00 57.48
N ARG A 1348 -28.40 -23.89 58.68
CA ARG A 1348 -27.11 -23.25 58.86
C ARG A 1348 -26.08 -23.92 57.96
N ASN A 1349 -25.32 -23.11 57.23
CA ASN A 1349 -24.32 -23.64 56.28
C ASN A 1349 -22.90 -23.14 56.49
N GLY A 1350 -22.76 -21.83 56.64
CA GLY A 1350 -21.47 -21.20 56.85
C GLY A 1350 -21.60 -19.92 57.64
N PHE A 1351 -20.46 -19.38 58.08
CA PHE A 1351 -20.48 -18.21 58.95
C PHE A 1351 -20.45 -16.91 58.19
N MET A 1352 -20.66 -15.82 58.91
CA MET A 1352 -20.72 -14.52 58.29
C MET A 1352 -19.49 -13.67 58.64
N GLU A 1353 -18.82 -13.14 57.61
CA GLU A 1353 -17.73 -12.21 57.84
C GLU A 1353 -18.25 -10.96 58.54
N SER A 1354 -17.44 -10.40 59.42
CA SER A 1354 -17.81 -9.15 60.06
C SER A 1354 -16.52 -8.46 60.51
N GLN A 1355 -16.62 -7.25 61.02
CA GLN A 1355 -15.42 -6.47 61.34
C GLN A 1355 -15.60 -5.71 62.64
N GLY A 1356 -14.48 -5.22 63.17
CA GLY A 1356 -14.50 -4.44 64.41
C GLY A 1356 -13.67 -5.04 65.54
N CYS A 1357 -13.73 -4.39 66.70
CA CYS A 1357 -13.08 -4.95 67.87
C CYS A 1357 -13.96 -4.83 69.11
N GLY A 1358 -13.44 -5.38 70.19
CA GLY A 1358 -14.13 -5.32 71.46
C GLY A 1358 -13.11 -5.31 72.58
N VAL A 1359 -13.37 -4.49 73.59
CA VAL A 1359 -12.43 -4.34 74.69
C VAL A 1359 -13.13 -4.30 76.05
N GLN A 1360 -12.46 -4.89 77.03
CA GLN A 1360 -12.83 -4.76 78.42
C GLN A 1360 -11.56 -4.40 79.17
N VAL A 1361 -11.69 -3.46 80.10
CA VAL A 1361 -10.59 -3.20 81.02
C VAL A 1361 -10.79 -4.07 82.27
N ILE A 1362 -9.67 -4.58 82.80
CA ILE A 1362 -9.73 -5.48 83.94
C ILE A 1362 -8.78 -5.05 85.07
N MET A 1363 -9.18 -5.32 86.31
CA MET A 1363 -8.43 -4.93 87.49
C MET A 1363 -8.53 -6.00 88.57
N THR A 1364 -7.70 -5.86 89.61
CA THR A 1364 -7.91 -6.57 90.84
C THR A 1364 -9.11 -5.92 91.53
N ALA A 1365 -9.91 -6.74 92.19
CA ALA A 1365 -11.08 -6.26 92.88
C ALA A 1365 -10.65 -5.18 93.84
N GLN A 1366 -9.53 -5.43 94.50
CA GLN A 1366 -8.98 -4.50 95.46
C GLN A 1366 -8.84 -3.11 94.85
N LEU A 1367 -8.00 -3.03 93.82
CA LEU A 1367 -7.74 -1.76 93.14
C LEU A 1367 -9.06 -1.18 92.65
N ALA A 1368 -9.97 -2.07 92.23
CA ALA A 1368 -11.27 -1.66 91.72
C ALA A 1368 -12.04 -0.87 92.76
N LEU A 1369 -12.18 -1.49 93.93
CA LEU A 1369 -12.94 -0.91 95.02
C LEU A 1369 -12.24 0.33 95.57
N GLU A 1370 -10.92 0.27 95.62
CA GLU A 1370 -10.12 1.39 96.10
C GLU A 1370 -10.33 2.61 95.22
N MET A 1371 -10.29 2.39 93.90
CA MET A 1371 -10.49 3.48 92.95
C MET A 1371 -11.93 3.96 93.05
N GLY A 1372 -12.85 3.00 93.05
CA GLY A 1372 -14.26 3.32 93.07
C GLY A 1372 -14.82 3.31 91.67
N VAL A 1373 -14.47 2.26 90.93
CA VAL A 1373 -14.87 2.15 89.54
C VAL A 1373 -15.95 1.08 89.45
N PRO A 1374 -16.87 1.24 88.49
CA PRO A 1374 -17.96 0.29 88.26
C PRO A 1374 -17.45 -1.16 88.20
N ILE A 1375 -18.28 -2.12 88.57
CA ILE A 1375 -17.88 -3.51 88.40
C ILE A 1375 -18.95 -4.33 87.68
N TYR A 1376 -18.61 -4.76 86.48
CA TYR A 1376 -19.53 -5.46 85.59
C TYR A 1376 -19.58 -6.98 85.88
N GLY A 1377 -18.50 -7.53 86.44
CA GLY A 1377 -18.49 -8.93 86.74
C GLY A 1377 -17.13 -9.40 87.21
N ILE A 1378 -17.09 -10.65 87.65
CA ILE A 1378 -15.87 -11.25 88.14
C ILE A 1378 -15.38 -12.28 87.15
N VAL A 1379 -14.17 -12.11 86.66
CA VAL A 1379 -13.62 -13.16 85.82
C VAL A 1379 -13.26 -14.31 86.72
N ALA A 1380 -14.13 -15.30 86.76
CA ALA A 1380 -14.01 -16.41 87.69
C ALA A 1380 -12.98 -17.44 87.23
N MET A 1381 -12.86 -17.56 85.92
CA MET A 1381 -11.94 -18.53 85.38
C MET A 1381 -11.73 -18.24 83.91
N THR A 1382 -10.55 -18.64 83.43
CA THR A 1382 -10.23 -18.61 82.01
C THR A 1382 -9.33 -19.81 81.73
N SER A 1383 -9.30 -20.25 80.48
CA SER A 1383 -8.33 -21.27 80.04
C SER A 1383 -8.37 -21.54 78.54
N THR A 1384 -7.24 -22.00 78.02
CA THR A 1384 -7.11 -22.34 76.60
C THR A 1384 -6.79 -23.83 76.46
N ALA A 1385 -7.27 -24.43 75.37
CA ALA A 1385 -7.19 -25.87 75.22
C ALA A 1385 -6.97 -26.31 73.77
N THR A 1386 -5.97 -27.15 73.58
CA THR A 1386 -5.70 -27.74 72.28
C THR A 1386 -6.44 -29.06 72.22
N ASP A 1387 -6.75 -29.54 71.01
CA ASP A 1387 -7.43 -30.82 70.89
C ASP A 1387 -6.42 -31.93 70.63
N LYS A 1388 -6.86 -33.04 70.04
CA LYS A 1388 -5.97 -34.20 69.80
C LYS A 1388 -5.09 -34.06 68.56
N ILE A 1389 -4.40 -35.14 68.21
CA ILE A 1389 -3.65 -35.19 66.97
C ILE A 1389 -4.61 -35.18 65.79
N GLY A 1390 -4.28 -34.43 64.74
CA GLY A 1390 -5.15 -34.38 63.58
C GLY A 1390 -4.39 -33.99 62.33
N ARG A 1391 -5.13 -33.67 61.26
CA ARG A 1391 -4.55 -33.02 60.08
C ARG A 1391 -5.44 -31.89 59.58
N SER A 1392 -6.67 -31.83 60.07
CA SER A 1392 -7.54 -30.71 59.73
C SER A 1392 -7.33 -29.55 60.69
N VAL A 1393 -6.60 -28.54 60.21
CA VAL A 1393 -6.27 -27.37 61.03
C VAL A 1393 -7.51 -26.61 61.53
N PRO A 1394 -8.51 -26.40 60.66
CA PRO A 1394 -9.67 -25.57 61.01
C PRO A 1394 -10.68 -26.29 61.88
N ALA A 1395 -10.56 -27.61 62.02
CA ALA A 1395 -11.52 -28.42 62.78
C ALA A 1395 -11.62 -28.01 64.25
N PRO A 1396 -12.85 -28.03 64.79
CA PRO A 1396 -13.10 -27.71 66.20
C PRO A 1396 -13.04 -29.02 66.99
N GLY A 1397 -12.40 -28.99 68.15
CA GLY A 1397 -12.25 -30.19 68.95
C GLY A 1397 -12.80 -29.97 70.34
N GLN A 1398 -12.58 -30.94 71.20
CA GLN A 1398 -13.13 -30.86 72.55
C GLN A 1398 -12.05 -30.72 73.64
N GLY A 1399 -10.99 -29.98 73.31
CA GLY A 1399 -9.97 -29.73 74.30
C GLY A 1399 -10.65 -29.09 75.48
N VAL A 1400 -11.55 -28.15 75.19
CA VAL A 1400 -12.19 -27.32 76.20
C VAL A 1400 -12.96 -28.13 77.24
N LEU A 1401 -13.21 -29.39 76.91
CA LEU A 1401 -13.96 -30.27 77.79
C LEU A 1401 -13.23 -30.43 79.12
N THR A 1402 -11.91 -30.46 79.05
CA THR A 1402 -11.07 -30.75 80.20
C THR A 1402 -10.96 -29.62 81.23
N THR A 1403 -11.85 -28.65 81.17
CA THR A 1403 -11.94 -27.65 82.23
C THR A 1403 -13.04 -28.07 83.20
N ALA A 1404 -13.44 -29.31 83.05
CA ALA A 1404 -14.47 -29.92 83.90
C ALA A 1404 -13.95 -31.28 84.33
N ARG A 1405 -12.68 -31.50 84.07
CA ARG A 1405 -12.09 -32.75 84.48
C ARG A 1405 -12.05 -32.79 86.01
N GLU A 1406 -12.36 -33.96 86.54
CA GLU A 1406 -12.43 -34.15 87.99
C GLU A 1406 -12.68 -35.63 88.25
N LYS A 1407 -11.92 -36.20 89.18
CA LYS A 1407 -12.23 -37.52 89.71
C LYS A 1407 -12.72 -37.37 91.15
N SER A 1408 -14.00 -37.64 91.36
CA SER A 1408 -14.64 -37.40 92.65
C SER A 1408 -14.65 -38.68 93.47
N GLY A 1409 -14.04 -38.63 94.64
CA GLY A 1409 -14.08 -39.73 95.59
C GLY A 1409 -15.50 -39.88 96.14
N ASN A 1410 -15.74 -40.91 96.93
CA ASN A 1410 -17.08 -41.16 97.46
C ASN A 1410 -17.67 -39.93 98.13
N PHE A 1411 -16.79 -39.12 98.71
CA PHE A 1411 -17.19 -37.90 99.36
C PHE A 1411 -16.54 -36.66 98.72
N PRO A 1412 -17.33 -35.59 98.58
CA PRO A 1412 -16.86 -34.29 98.09
C PRO A 1412 -15.70 -33.77 98.93
N SER A 1413 -14.68 -33.20 98.28
CA SER A 1413 -13.61 -32.52 99.00
C SER A 1413 -14.21 -31.55 99.99
N PRO A 1414 -13.66 -31.56 101.22
CA PRO A 1414 -14.04 -30.63 102.27
C PRO A 1414 -14.12 -29.22 101.72
N LEU A 1415 -13.17 -28.91 100.83
CA LEU A 1415 -12.91 -27.55 100.38
C LEU A 1415 -14.10 -26.97 99.64
N LEU A 1416 -14.87 -27.83 98.98
CA LEU A 1416 -16.07 -27.38 98.29
C LEU A 1416 -17.03 -26.72 99.28
N ASP A 1417 -17.00 -27.19 100.53
CA ASP A 1417 -17.80 -26.61 101.60
C ASP A 1417 -17.17 -25.32 102.13
N ILE A 1418 -17.89 -24.20 102.03
CA ILE A 1418 -17.31 -22.91 102.38
C ILE A 1418 -16.95 -22.78 103.86
N LYS A 1419 -17.74 -23.43 104.71
CA LYS A 1419 -17.55 -23.32 106.16
C LYS A 1419 -16.25 -23.98 106.60
N TYR A 1420 -15.91 -25.13 106.00
CA TYR A 1420 -14.62 -25.76 106.25
C TYR A 1420 -13.48 -24.82 105.90
N ARG A 1421 -13.61 -24.14 104.77
CA ARG A 1421 -12.64 -23.14 104.38
C ARG A 1421 -12.65 -21.96 105.34
N ARG A 1422 -13.83 -21.65 105.90
CA ARG A 1422 -13.99 -20.64 106.95
C ARG A 1422 -13.14 -20.99 108.14
N ARG A 1423 -13.38 -22.18 108.68
CA ARG A 1423 -12.62 -22.69 109.82
C ARG A 1423 -11.15 -22.49 109.55
N GLN A 1424 -10.66 -23.22 108.54
CA GLN A 1424 -9.25 -23.25 108.18
C GLN A 1424 -8.62 -21.86 108.00
N LEU A 1425 -9.41 -20.93 107.48
CA LEU A 1425 -8.96 -19.56 107.26
C LEU A 1425 -8.79 -18.79 108.56
N GLU A 1426 -9.87 -18.69 109.34
CA GLU A 1426 -9.82 -17.99 110.62
C GLU A 1426 -8.94 -18.72 111.60
N LEU A 1427 -8.76 -20.01 111.36
CA LEU A 1427 -7.76 -20.80 112.06
C LEU A 1427 -6.36 -20.21 111.80
N ARG A 1428 -6.01 -20.05 110.53
CA ARG A 1428 -4.72 -19.45 110.16
C ARG A 1428 -4.66 -17.98 110.50
N ARG A 1429 -5.82 -17.35 110.72
CA ARG A 1429 -5.88 -15.93 111.06
C ARG A 1429 -5.42 -15.72 112.48
N GLN A 1430 -5.86 -16.62 113.36
CA GLN A 1430 -5.38 -16.67 114.73
C GLN A 1430 -3.91 -17.02 114.72
N GLN A 1431 -3.62 -18.20 114.16
CA GLN A 1431 -2.25 -18.68 113.98
C GLN A 1431 -1.30 -17.58 113.51
N ILE A 1432 -1.85 -16.63 112.77
CA ILE A 1432 -1.11 -15.50 112.24
C ILE A 1432 -1.01 -14.37 113.26
N LYS A 1433 -2.13 -14.05 113.90
CA LYS A 1433 -2.17 -13.03 114.93
C LYS A 1433 -1.13 -13.28 116.05
N GLN A 1434 -0.91 -14.56 116.39
CA GLN A 1434 0.02 -14.92 117.45
C GLN A 1434 1.48 -14.86 117.00
N TRP A 1435 1.73 -15.21 115.74
CA TRP A 1435 3.01 -15.01 115.12
C TRP A 1435 3.37 -13.52 115.19
N LYS A 1436 2.38 -12.67 114.96
CA LYS A 1436 2.59 -11.23 114.91
C LYS A 1436 3.24 -10.73 116.19
N GLU A 1437 2.63 -11.02 117.34
CA GLU A 1437 3.22 -10.66 118.62
C GLU A 1437 4.60 -11.30 118.78
N SER A 1438 4.63 -12.63 118.66
CA SER A 1438 5.86 -13.41 118.79
C SER A 1438 7.04 -12.80 118.03
N GLU A 1439 6.76 -12.14 116.92
CA GLU A 1439 7.81 -11.49 116.13
C GLU A 1439 8.22 -10.15 116.72
N TYR A 1440 7.26 -9.43 117.30
CA TYR A 1440 7.57 -8.21 118.04
C TYR A 1440 8.57 -8.50 119.17
N LEU A 1441 8.39 -9.64 119.83
CA LEU A 1441 9.34 -10.13 120.82
C LEU A 1441 10.71 -10.31 120.19
N TYR A 1442 10.78 -11.22 119.22
CA TYR A 1442 12.06 -11.57 118.59
C TYR A 1442 12.81 -10.33 118.11
N LEU A 1443 12.07 -9.40 117.54
CA LEU A 1443 12.68 -8.20 116.98
C LEU A 1443 12.96 -7.21 118.09
N GLN A 1444 12.43 -7.49 119.27
CA GLN A 1444 12.65 -6.65 120.44
C GLN A 1444 13.97 -7.04 121.10
N GLU A 1445 14.15 -8.35 121.27
CA GLU A 1445 15.37 -8.88 121.88
C GLU A 1445 16.54 -8.56 120.99
N GLU A 1446 16.35 -8.75 119.69
CA GLU A 1446 17.37 -8.48 118.70
C GLU A 1446 17.79 -7.02 118.64
N VAL A 1447 16.87 -6.11 118.98
CA VAL A 1447 17.24 -4.70 119.04
C VAL A 1447 18.35 -4.52 120.06
N ALA A 1448 18.03 -4.83 121.30
CA ALA A 1448 18.97 -4.74 122.40
C ALA A 1448 20.17 -5.67 122.18
N ALA A 1449 19.95 -6.77 121.47
CA ALA A 1449 21.00 -7.75 121.23
C ALA A 1449 22.09 -7.21 120.31
N ILE A 1450 21.76 -6.23 119.48
CA ILE A 1450 22.72 -5.68 118.55
C ILE A 1450 23.45 -4.48 119.15
N LYS A 1451 22.90 -3.96 120.25
CA LYS A 1451 23.55 -2.88 120.95
C LYS A 1451 24.83 -3.37 121.65
N SER A 1452 24.79 -4.60 122.15
CA SER A 1452 25.92 -5.16 122.89
C SER A 1452 26.99 -5.75 121.98
N GLN A 1453 26.73 -5.73 120.68
CA GLN A 1453 27.70 -6.20 119.70
C GLN A 1453 28.28 -5.01 118.96
N ARG A 1454 28.11 -3.83 119.55
CA ARG A 1454 28.47 -2.58 118.90
C ARG A 1454 29.85 -2.07 119.34
N SER A 1455 30.80 -2.04 118.40
CA SER A 1455 32.08 -1.37 118.62
C SER A 1455 31.86 0.14 118.54
N GLU A 1456 32.84 0.91 119.00
CA GLU A 1456 32.71 2.37 119.02
C GLU A 1456 33.17 2.96 117.69
N GLU A 1457 33.77 2.12 116.86
CA GLU A 1457 34.16 2.50 115.50
C GLU A 1457 33.03 2.23 114.51
N ASP A 1458 32.01 1.51 114.97
CA ASP A 1458 30.81 1.25 114.18
C ASP A 1458 29.82 2.39 114.33
N GLY A 1459 29.09 2.67 113.27
CA GLY A 1459 28.08 3.72 113.31
C GLY A 1459 26.90 3.36 114.20
N PRO A 1460 26.46 4.33 115.02
CA PRO A 1460 25.32 4.18 115.93
C PRO A 1460 24.03 3.72 115.22
N PHE A 1461 23.15 3.04 115.94
CA PHE A 1461 21.87 2.62 115.37
C PHE A 1461 20.75 3.59 115.74
N ASP A 1462 20.03 4.07 114.74
CA ASP A 1462 18.84 4.85 115.00
C ASP A 1462 17.77 3.86 115.37
N GLU A 1463 17.58 3.65 116.66
CA GLU A 1463 16.53 2.75 117.09
C GLU A 1463 15.21 3.22 116.49
N THR A 1464 14.93 4.51 116.57
CA THR A 1464 13.68 5.06 116.03
C THR A 1464 13.51 4.65 114.57
N ALA A 1465 14.59 4.74 113.80
CA ALA A 1465 14.60 4.32 112.40
C ALA A 1465 14.45 2.81 112.30
N TYR A 1466 15.48 2.09 112.72
CA TYR A 1466 15.50 0.63 112.67
C TYR A 1466 14.22 0.01 113.25
N LEU A 1467 13.73 0.57 114.35
CA LEU A 1467 12.51 0.05 114.95
C LEU A 1467 11.30 0.29 114.06
N ARG A 1468 11.18 1.50 113.56
CA ARG A 1468 10.13 1.82 112.61
C ARG A 1468 10.08 0.80 111.49
N GLU A 1469 11.05 0.86 110.60
CA GLU A 1469 11.09 -0.04 109.44
C GLU A 1469 10.69 -1.47 109.83
N ARG A 1470 11.22 -1.95 110.95
CA ARG A 1470 11.04 -3.32 111.39
C ARG A 1470 9.64 -3.68 111.88
N THR A 1471 8.98 -2.76 112.59
CA THR A 1471 7.58 -2.97 112.96
C THR A 1471 6.70 -2.89 111.71
N GLU A 1472 6.81 -1.77 111.01
CA GLU A 1472 6.10 -1.56 109.75
C GLU A 1472 6.17 -2.82 108.93
N HIS A 1473 7.36 -3.42 108.90
CA HIS A 1473 7.61 -4.65 108.15
C HIS A 1473 6.84 -5.83 108.72
N ILE A 1474 6.81 -5.96 110.04
CA ILE A 1474 6.07 -7.06 110.64
C ILE A 1474 4.59 -6.86 110.35
N GLU A 1475 4.15 -5.60 110.33
CA GLU A 1475 2.79 -5.26 109.97
C GLU A 1475 2.46 -5.71 108.55
N ARG A 1476 3.27 -5.24 107.60
CA ARG A 1476 3.14 -5.66 106.20
C ARG A 1476 3.13 -7.17 106.12
N GLU A 1477 4.20 -7.79 106.62
CA GLU A 1477 4.38 -9.24 106.56
C GLU A 1477 3.22 -9.99 107.20
N ALA A 1478 2.55 -9.32 108.13
CA ALA A 1478 1.34 -9.84 108.74
C ALA A 1478 0.22 -9.87 107.71
N ARG A 1479 -0.18 -8.68 107.26
CA ARG A 1479 -1.16 -8.52 106.21
C ARG A 1479 -0.86 -9.47 105.06
N ARG A 1480 0.40 -9.46 104.62
CA ARG A 1480 0.84 -10.30 103.53
C ARG A 1480 0.45 -11.73 103.82
N GLN A 1481 0.77 -12.20 105.02
CA GLN A 1481 0.45 -13.56 105.41
C GLN A 1481 -1.05 -13.80 105.48
N GLU A 1482 -1.81 -12.78 105.89
CA GLU A 1482 -3.26 -12.85 105.93
C GLU A 1482 -3.86 -13.11 104.55
N ALA A 1483 -3.76 -12.10 103.70
CA ALA A 1483 -4.22 -12.21 102.34
C ALA A 1483 -3.74 -13.53 101.70
N GLU A 1484 -2.52 -13.95 102.01
CA GLU A 1484 -1.96 -15.17 101.43
C GLU A 1484 -2.71 -16.43 101.83
N ALA A 1485 -3.15 -16.47 103.09
CA ALA A 1485 -3.94 -17.59 103.55
C ALA A 1485 -5.34 -17.45 102.95
N GLN A 1486 -5.78 -16.20 102.83
CA GLN A 1486 -7.06 -15.87 102.23
C GLN A 1486 -7.07 -16.43 100.82
N THR A 1487 -5.94 -16.27 100.13
CA THR A 1487 -5.70 -16.81 98.81
C THR A 1487 -5.88 -18.33 98.75
N SER A 1488 -5.20 -19.04 99.65
CA SER A 1488 -5.18 -20.51 99.60
C SER A 1488 -6.48 -21.15 100.09
N PHE A 1489 -7.43 -20.34 100.56
CA PHE A 1489 -8.67 -20.88 101.11
C PHE A 1489 -9.95 -20.32 100.48
N GLY A 1490 -9.80 -19.30 99.65
CA GLY A 1490 -10.94 -18.75 98.94
C GLY A 1490 -10.68 -18.76 97.44
N ASN A 1491 -9.56 -18.19 97.04
CA ASN A 1491 -9.27 -18.00 95.63
C ASN A 1491 -8.73 -19.23 94.93
N GLU A 1492 -7.63 -19.77 95.43
CA GLU A 1492 -6.88 -20.77 94.69
C GLU A 1492 -6.94 -22.20 95.28
N PHE A 1493 -7.94 -22.48 96.11
CA PHE A 1493 -7.98 -23.77 96.81
C PHE A 1493 -8.20 -24.95 95.88
N TRP A 1494 -8.60 -24.66 94.65
CA TRP A 1494 -8.88 -25.68 93.65
C TRP A 1494 -7.74 -25.86 92.67
N ARG A 1495 -6.66 -25.13 92.91
CA ARG A 1495 -5.53 -25.07 91.98
C ARG A 1495 -4.84 -26.42 91.86
N ARG A 1496 -5.14 -27.13 90.79
CA ARG A 1496 -4.47 -28.38 90.51
C ARG A 1496 -5.02 -29.53 91.38
N ASP A 1497 -6.18 -29.31 92.01
CA ASP A 1497 -6.88 -30.39 92.74
C ASP A 1497 -7.54 -31.45 91.84
N SER A 1498 -7.00 -32.67 91.87
CA SER A 1498 -7.54 -33.79 91.10
C SER A 1498 -9.02 -34.05 91.37
N ARG A 1499 -9.52 -33.53 92.49
CA ARG A 1499 -10.86 -33.88 92.92
C ARG A 1499 -11.76 -32.67 92.79
N ILE A 1500 -11.27 -31.64 92.11
CA ILE A 1500 -12.09 -30.46 91.83
C ILE A 1500 -11.91 -29.95 90.40
N ALA A 1501 -12.98 -30.00 89.61
CA ALA A 1501 -12.97 -29.43 88.27
C ALA A 1501 -12.77 -27.94 88.41
N PRO A 1502 -11.88 -27.37 87.60
CA PRO A 1502 -11.55 -25.94 87.66
C PRO A 1502 -12.83 -25.13 87.59
N LEU A 1503 -13.78 -25.66 86.83
CA LEU A 1503 -15.09 -25.07 86.73
C LEU A 1503 -15.79 -25.03 88.10
N ARG A 1504 -15.80 -26.19 88.76
CA ARG A 1504 -16.27 -26.31 90.14
C ARG A 1504 -15.59 -25.28 90.96
N GLY A 1505 -14.27 -25.44 91.04
CA GLY A 1505 -13.42 -24.58 91.82
C GLY A 1505 -13.86 -23.15 91.67
N ALA A 1506 -13.58 -22.57 90.51
CA ALA A 1506 -13.79 -21.15 90.30
C ALA A 1506 -15.16 -20.72 90.79
N LEU A 1507 -16.15 -21.60 90.58
CA LEU A 1507 -17.54 -21.34 90.96
C LEU A 1507 -17.79 -21.45 92.48
N ALA A 1508 -17.29 -22.54 93.06
CA ALA A 1508 -17.45 -22.80 94.47
C ALA A 1508 -16.84 -21.69 95.33
N THR A 1509 -15.75 -21.09 94.86
CA THR A 1509 -15.07 -20.03 95.62
C THR A 1509 -15.97 -18.81 95.88
N TRP A 1510 -17.14 -18.77 95.25
CA TRP A 1510 -18.08 -17.67 95.45
C TRP A 1510 -19.37 -18.23 95.98
N GLY A 1511 -19.32 -19.52 96.30
CA GLY A 1511 -20.43 -20.21 96.95
C GLY A 1511 -21.47 -20.63 95.95
N LEU A 1512 -20.99 -21.20 94.84
CA LEU A 1512 -21.85 -21.55 93.73
C LEU A 1512 -21.50 -22.93 93.18
N THR A 1513 -22.50 -23.62 92.64
CA THR A 1513 -22.27 -24.87 91.91
C THR A 1513 -22.71 -24.76 90.48
N ILE A 1514 -22.49 -25.82 89.72
CA ILE A 1514 -22.75 -25.79 88.30
C ILE A 1514 -24.18 -25.37 88.06
N ASP A 1515 -25.06 -25.64 89.03
CA ASP A 1515 -26.49 -25.35 88.87
C ASP A 1515 -26.78 -23.86 88.88
N ASP A 1516 -25.85 -23.06 89.39
CA ASP A 1516 -26.02 -21.61 89.40
C ASP A 1516 -25.61 -20.96 88.05
N LEU A 1517 -24.83 -21.72 87.28
CA LEU A 1517 -24.37 -21.29 85.96
C LEU A 1517 -25.57 -21.15 85.07
N GLY A 1518 -26.03 -19.93 84.83
CA GLY A 1518 -27.29 -19.69 84.16
C GLY A 1518 -27.27 -19.63 82.63
N VAL A 1519 -26.43 -18.76 82.10
CA VAL A 1519 -26.39 -18.54 80.67
C VAL A 1519 -25.06 -19.01 80.10
N ALA A 1520 -25.11 -19.66 78.96
CA ALA A 1520 -23.90 -19.94 78.21
C ALA A 1520 -23.92 -19.21 76.87
N SER A 1521 -22.97 -18.31 76.66
CA SER A 1521 -22.84 -17.67 75.37
C SER A 1521 -22.00 -18.56 74.46
N PHE A 1522 -22.57 -18.88 73.31
CA PHE A 1522 -21.91 -19.78 72.39
C PHE A 1522 -21.21 -19.01 71.29
N HIS A 1523 -20.07 -19.54 70.87
CA HIS A 1523 -19.41 -19.13 69.63
C HIS A 1523 -20.46 -19.16 68.51
N GLY A 1524 -20.99 -20.37 68.29
CA GLY A 1524 -22.17 -20.54 67.46
C GLY A 1524 -22.06 -19.69 66.22
N THR A 1525 -21.21 -20.14 65.32
CA THR A 1525 -20.86 -19.36 64.15
C THR A 1525 -21.71 -19.69 62.92
N SER A 1526 -22.77 -20.47 63.11
CA SER A 1526 -23.68 -20.81 62.03
C SER A 1526 -23.04 -21.80 61.04
N THR A 1527 -21.89 -22.35 61.40
CA THR A 1527 -21.28 -23.40 60.61
C THR A 1527 -21.83 -24.74 61.06
N VAL A 1528 -21.73 -25.74 60.21
CA VAL A 1528 -22.40 -27.00 60.49
C VAL A 1528 -21.87 -27.65 61.77
N ALA A 1529 -20.56 -27.82 61.82
CA ALA A 1529 -19.92 -28.57 62.90
C ALA A 1529 -19.71 -27.80 64.23
N ASN A 1530 -19.35 -26.53 64.14
CA ASN A 1530 -19.04 -25.74 65.34
C ASN A 1530 -20.20 -25.66 66.32
N ASP A 1531 -21.41 -25.94 65.84
CA ASP A 1531 -22.59 -25.76 66.67
C ASP A 1531 -23.02 -27.05 67.34
N LYS A 1532 -22.85 -28.17 66.66
CA LYS A 1532 -22.94 -29.49 67.29
C LYS A 1532 -21.92 -29.52 68.40
N ASN A 1533 -20.66 -29.43 68.00
CA ASN A 1533 -19.52 -29.48 68.90
C ASN A 1533 -19.66 -28.65 70.17
N GLU A 1534 -19.94 -27.36 70.00
CA GLU A 1534 -20.12 -26.47 71.12
C GLU A 1534 -21.12 -26.97 72.16
N SER A 1535 -22.35 -27.24 71.71
CA SER A 1535 -23.35 -27.82 72.58
C SER A 1535 -22.77 -29.05 73.24
N ASP A 1536 -22.34 -30.00 72.43
CA ASP A 1536 -21.71 -31.23 72.92
C ASP A 1536 -20.66 -31.02 74.03
N VAL A 1537 -19.79 -30.04 73.87
CA VAL A 1537 -18.76 -29.84 74.89
C VAL A 1537 -19.39 -29.26 76.15
N ILE A 1538 -20.03 -28.10 76.03
CA ILE A 1538 -20.65 -27.48 77.18
C ILE A 1538 -21.61 -28.42 77.89
N CYS A 1539 -22.22 -29.31 77.12
CA CYS A 1539 -23.13 -30.31 77.68
C CYS A 1539 -22.35 -31.33 78.53
N GLN A 1540 -21.48 -32.12 77.89
CA GLN A 1540 -20.66 -33.09 78.61
C GLN A 1540 -20.08 -32.46 79.86
N GLN A 1541 -19.59 -31.24 79.72
CA GLN A 1541 -19.08 -30.46 80.83
C GLN A 1541 -20.11 -30.44 81.97
N LEU A 1542 -21.26 -29.81 81.72
CA LEU A 1542 -22.28 -29.69 82.75
C LEU A 1542 -22.65 -31.03 83.34
N LYS A 1543 -22.87 -32.01 82.47
CA LYS A 1543 -23.29 -33.35 82.93
C LYS A 1543 -22.27 -33.93 83.92
N HIS A 1544 -21.07 -34.24 83.43
CA HIS A 1544 -20.04 -34.87 84.26
C HIS A 1544 -19.71 -34.10 85.54
N LEU A 1545 -19.92 -32.79 85.54
CA LEU A 1545 -19.74 -32.02 86.77
C LEU A 1545 -20.85 -32.28 87.81
N GLY A 1546 -22.03 -32.62 87.34
CA GLY A 1546 -23.13 -32.96 88.22
C GLY A 1546 -24.41 -32.17 88.03
N ARG A 1547 -24.39 -31.21 87.13
CA ARG A 1547 -25.58 -30.44 86.77
C ARG A 1547 -26.84 -31.30 86.94
N THR A 1548 -27.81 -30.82 87.73
CA THR A 1548 -28.96 -31.65 88.02
C THR A 1548 -29.99 -31.67 86.90
N LYS A 1549 -30.32 -32.89 86.45
CA LYS A 1549 -31.24 -33.10 85.31
C LYS A 1549 -32.49 -32.21 85.33
N GLY A 1550 -32.74 -31.55 84.21
CA GLY A 1550 -33.86 -30.65 84.12
C GLY A 1550 -33.45 -29.19 84.21
N ASN A 1551 -32.23 -28.93 84.68
CA ASN A 1551 -31.72 -27.57 84.74
C ASN A 1551 -30.89 -27.18 83.53
N ALA A 1552 -31.52 -26.47 82.60
CA ALA A 1552 -30.88 -26.14 81.35
C ALA A 1552 -30.27 -24.76 81.43
N VAL A 1553 -29.23 -24.55 80.62
CA VAL A 1553 -28.60 -23.23 80.47
C VAL A 1553 -29.20 -22.50 79.27
N LEU A 1554 -29.61 -21.26 79.49
CA LEU A 1554 -30.07 -20.44 78.39
C LEU A 1554 -28.86 -20.21 77.48
N GLY A 1555 -28.99 -20.62 76.23
CA GLY A 1555 -27.91 -20.52 75.25
C GLY A 1555 -28.00 -19.31 74.32
N ILE A 1556 -26.98 -18.46 74.35
CA ILE A 1556 -26.96 -17.25 73.53
C ILE A 1556 -26.06 -17.44 72.32
N PHE A 1557 -26.45 -16.84 71.19
CA PHE A 1557 -25.65 -16.93 69.97
C PHE A 1557 -25.58 -15.58 69.28
N GLN A 1558 -24.71 -14.71 69.76
CA GLN A 1558 -24.69 -13.30 69.30
C GLN A 1558 -24.42 -13.18 67.80
N LYS A 1559 -23.79 -14.19 67.23
CA LYS A 1559 -23.38 -14.15 65.83
C LYS A 1559 -24.51 -13.88 64.85
N TYR A 1560 -25.71 -14.33 65.18
CA TYR A 1560 -26.87 -14.08 64.34
C TYR A 1560 -27.04 -12.58 64.05
N LEU A 1561 -26.64 -11.76 65.00
CA LEU A 1561 -26.90 -10.33 64.92
C LEU A 1561 -25.71 -9.56 64.37
N THR A 1562 -24.54 -10.02 64.81
CA THR A 1562 -23.31 -9.30 64.57
C THR A 1562 -22.44 -9.85 63.45
N GLY A 1563 -22.68 -11.09 63.05
CA GLY A 1563 -21.74 -11.75 62.16
C GLY A 1563 -20.52 -12.10 62.98
N HIS A 1564 -19.56 -12.74 62.34
CA HIS A 1564 -18.37 -13.28 63.01
C HIS A 1564 -17.14 -12.41 62.73
N PRO A 1565 -16.72 -11.59 63.72
CA PRO A 1565 -15.56 -10.74 63.47
C PRO A 1565 -14.30 -11.51 63.71
N LYS A 1566 -14.09 -12.58 62.96
CA LYS A 1566 -12.87 -13.35 63.07
C LYS A 1566 -12.26 -13.27 64.47
N GLY A 1567 -11.44 -12.25 64.76
CA GLY A 1567 -10.72 -12.20 66.03
C GLY A 1567 -11.44 -11.65 67.24
N ALA A 1568 -12.20 -10.58 67.04
CA ALA A 1568 -12.91 -9.91 68.14
C ALA A 1568 -14.20 -10.64 68.52
N ALA A 1569 -14.34 -11.87 68.07
CA ALA A 1569 -15.53 -12.64 68.38
C ALA A 1569 -15.76 -12.67 69.88
N GLY A 1570 -14.81 -13.26 70.60
CA GLY A 1570 -14.90 -13.40 72.04
C GLY A 1570 -15.25 -12.13 72.77
N ALA A 1571 -14.64 -11.02 72.40
CA ALA A 1571 -14.84 -9.79 73.12
C ALA A 1571 -16.30 -9.35 73.08
N TRP A 1572 -16.89 -9.38 71.89
CA TRP A 1572 -18.27 -8.97 71.74
C TRP A 1572 -19.17 -9.81 72.62
N MET A 1573 -18.94 -11.13 72.61
CA MET A 1573 -19.73 -12.07 73.42
C MET A 1573 -19.60 -11.75 74.92
N LEU A 1574 -18.36 -11.57 75.38
CA LEU A 1574 -18.07 -11.25 76.78
C LEU A 1574 -18.84 -10.01 77.21
N ASN A 1575 -18.92 -9.03 76.33
CA ASN A 1575 -19.71 -7.83 76.60
C ASN A 1575 -21.17 -8.20 76.81
N GLY A 1576 -21.67 -9.06 75.94
CA GLY A 1576 -23.04 -9.50 75.99
C GLY A 1576 -23.39 -10.06 77.35
N CYS A 1577 -22.55 -10.98 77.83
CA CYS A 1577 -22.79 -11.62 79.11
C CYS A 1577 -22.76 -10.66 80.28
N LEU A 1578 -21.71 -9.84 80.36
CA LEU A 1578 -21.63 -8.80 81.39
C LEU A 1578 -22.88 -7.93 81.35
N GLN A 1579 -23.51 -7.84 80.18
CA GLN A 1579 -24.71 -7.05 80.02
C GLN A 1579 -25.93 -7.80 80.50
N VAL A 1580 -26.00 -9.09 80.17
CA VAL A 1580 -27.05 -9.97 80.69
C VAL A 1580 -26.97 -9.96 82.22
N LEU A 1581 -25.76 -10.20 82.76
CA LEU A 1581 -25.49 -10.17 84.20
C LEU A 1581 -26.07 -8.93 84.87
N ASN A 1582 -26.02 -7.80 84.19
CA ASN A 1582 -26.49 -6.57 84.79
C ASN A 1582 -27.94 -6.19 84.46
N THR A 1583 -28.64 -7.04 83.72
CA THR A 1583 -30.03 -6.74 83.34
C THR A 1583 -30.98 -7.89 83.64
N GLY A 1584 -30.43 -9.10 83.72
CA GLY A 1584 -31.23 -10.28 83.93
C GLY A 1584 -32.01 -10.61 82.68
N ILE A 1585 -31.71 -9.91 81.59
CA ILE A 1585 -32.33 -10.20 80.30
C ILE A 1585 -31.42 -11.11 79.53
N VAL A 1586 -31.99 -12.22 79.07
CA VAL A 1586 -31.25 -13.14 78.24
C VAL A 1586 -31.80 -13.06 76.83
N PRO A 1587 -31.03 -12.43 75.92
CA PRO A 1587 -31.43 -12.20 74.54
C PRO A 1587 -31.66 -13.49 73.77
N GLY A 1588 -32.59 -13.43 72.82
CA GLY A 1588 -32.95 -14.59 72.04
C GLY A 1588 -32.29 -14.57 70.68
N ASN A 1589 -32.15 -15.75 70.09
CA ASN A 1589 -31.57 -15.91 68.78
C ASN A 1589 -32.65 -15.72 67.73
N ARG A 1590 -32.91 -14.48 67.32
CA ARG A 1590 -34.00 -14.18 66.38
C ARG A 1590 -34.01 -15.06 65.13
N ASN A 1591 -32.81 -15.45 64.68
CA ASN A 1591 -32.64 -16.23 63.46
C ASN A 1591 -32.69 -17.73 63.70
N ALA A 1592 -33.24 -18.12 64.84
CA ALA A 1592 -33.44 -19.52 65.13
C ALA A 1592 -34.64 -20.03 64.37
N ASP A 1593 -34.51 -20.06 63.05
CA ASP A 1593 -35.48 -20.71 62.18
C ASP A 1593 -36.12 -21.83 62.95
N ASN A 1594 -35.33 -22.89 63.10
CA ASN A 1594 -35.86 -24.14 63.58
C ASN A 1594 -34.66 -24.96 64.01
N VAL A 1595 -34.46 -25.08 65.33
CA VAL A 1595 -33.27 -25.70 65.86
C VAL A 1595 -33.08 -27.14 65.38
N ASP A 1596 -31.85 -27.47 65.00
CA ASP A 1596 -31.51 -28.76 64.42
C ASP A 1596 -31.90 -29.87 65.39
N LYS A 1597 -32.62 -30.88 64.89
CA LYS A 1597 -32.99 -32.06 65.68
C LYS A 1597 -31.80 -32.64 66.44
N VAL A 1598 -30.60 -32.43 65.93
CA VAL A 1598 -29.39 -32.92 66.59
C VAL A 1598 -29.29 -32.30 67.98
N MET A 1599 -29.68 -31.04 68.09
CA MET A 1599 -29.58 -30.29 69.35
C MET A 1599 -30.60 -30.70 70.43
N GLU A 1600 -31.42 -31.69 70.12
CA GLU A 1600 -32.37 -32.19 71.08
C GLU A 1600 -31.62 -32.98 72.17
N GLN A 1601 -30.66 -33.81 71.73
CA GLN A 1601 -29.92 -34.68 72.63
C GLN A 1601 -29.12 -33.92 73.70
N PHE A 1602 -29.05 -32.60 73.59
CA PHE A 1602 -28.36 -31.80 74.59
C PHE A 1602 -29.36 -31.24 75.58
N ASP A 1603 -29.69 -32.07 76.58
CA ASP A 1603 -30.73 -31.77 77.55
C ASP A 1603 -30.45 -30.47 78.24
N TYR A 1604 -29.18 -30.24 78.59
CA TYR A 1604 -28.79 -29.16 79.50
C TYR A 1604 -28.83 -27.78 78.84
N ILE A 1605 -29.04 -27.77 77.53
CA ILE A 1605 -29.05 -26.53 76.78
C ILE A 1605 -30.42 -26.24 76.19
N VAL A 1606 -30.92 -25.04 76.42
CA VAL A 1606 -32.16 -24.66 75.79
C VAL A 1606 -31.95 -23.41 74.95
N TYR A 1607 -32.33 -23.46 73.68
CA TYR A 1607 -32.06 -22.38 72.75
C TYR A 1607 -33.25 -21.45 72.56
N PRO A 1608 -33.21 -20.26 73.18
CA PRO A 1608 -34.31 -19.29 73.13
C PRO A 1608 -34.30 -18.50 71.83
N SER A 1609 -35.46 -18.42 71.20
CA SER A 1609 -35.61 -17.67 69.97
C SER A 1609 -36.11 -16.26 70.26
N ARG A 1610 -36.45 -15.99 71.52
CA ARG A 1610 -36.81 -14.63 71.93
C ARG A 1610 -36.24 -14.31 73.30
N SER A 1611 -36.17 -13.02 73.61
CA SER A 1611 -35.55 -12.59 74.86
C SER A 1611 -36.40 -12.96 76.08
N ILE A 1612 -35.73 -13.25 77.19
CA ILE A 1612 -36.40 -13.63 78.42
C ILE A 1612 -35.91 -12.81 79.59
N LYS A 1613 -36.82 -12.10 80.23
CA LYS A 1613 -36.49 -11.32 81.42
C LYS A 1613 -36.61 -12.21 82.64
N THR A 1614 -35.52 -12.31 83.42
CA THR A 1614 -35.46 -13.23 84.54
C THR A 1614 -35.32 -12.49 85.86
N ASP A 1615 -35.40 -13.24 86.94
CA ASP A 1615 -35.16 -12.68 88.27
C ASP A 1615 -33.67 -12.36 88.45
N GLY A 1616 -32.84 -12.95 87.59
CA GLY A 1616 -31.41 -12.65 87.59
C GLY A 1616 -30.61 -13.83 87.09
N ILE A 1617 -29.36 -13.58 86.73
CA ILE A 1617 -28.44 -14.66 86.38
C ILE A 1617 -27.23 -14.50 87.27
N LYS A 1618 -26.65 -15.61 87.69
CA LYS A 1618 -25.58 -15.55 88.66
C LYS A 1618 -24.22 -15.67 88.01
N ALA A 1619 -24.08 -16.65 87.13
CA ALA A 1619 -22.80 -16.87 86.47
C ALA A 1619 -23.02 -17.29 85.04
N PHE A 1620 -22.07 -16.97 84.17
CA PHE A 1620 -22.15 -17.32 82.76
C PHE A 1620 -20.89 -17.99 82.21
N SER A 1621 -21.05 -18.62 81.06
CA SER A 1621 -19.93 -19.23 80.38
C SER A 1621 -19.89 -18.81 78.90
N VAL A 1622 -18.91 -17.97 78.55
CA VAL A 1622 -18.59 -17.76 77.15
C VAL A 1622 -17.56 -18.78 76.67
N THR A 1623 -17.74 -19.23 75.44
CA THR A 1623 -16.85 -20.22 74.86
C THR A 1623 -16.61 -19.90 73.41
N SER A 1624 -15.35 -19.83 73.02
CA SER A 1624 -15.00 -19.65 71.62
C SER A 1624 -13.97 -20.68 71.17
N PHE A 1625 -13.96 -20.94 69.87
CA PHE A 1625 -13.03 -21.88 69.24
C PHE A 1625 -12.41 -21.19 68.03
N GLY A 1626 -11.18 -21.56 67.68
CA GLY A 1626 -10.48 -20.91 66.59
C GLY A 1626 -9.78 -21.86 65.68
N PHE A 1627 -9.19 -21.32 64.63
CA PHE A 1627 -8.43 -22.13 63.72
C PHE A 1627 -7.21 -22.71 64.40
N GLY A 1628 -6.82 -23.91 64.01
CA GLY A 1628 -5.62 -24.52 64.57
C GLY A 1628 -5.81 -24.89 66.03
N GLN A 1629 -6.91 -25.60 66.29
CA GLN A 1629 -7.21 -26.19 67.60
C GLN A 1629 -7.13 -25.23 68.77
N LYS A 1630 -7.77 -24.09 68.63
CA LYS A 1630 -7.61 -22.98 69.56
C LYS A 1630 -8.89 -22.78 70.37
N GLY A 1631 -9.15 -23.64 71.34
CA GLY A 1631 -10.34 -23.53 72.16
C GLY A 1631 -10.20 -22.80 73.48
N ALA A 1632 -11.08 -21.84 73.74
CA ALA A 1632 -11.03 -21.09 75.01
C ALA A 1632 -12.40 -20.99 75.65
N GLN A 1633 -12.40 -20.81 76.98
CA GLN A 1633 -13.64 -20.67 77.73
C GLN A 1633 -13.40 -19.84 78.97
N ALA A 1634 -14.37 -18.99 79.28
CA ALA A 1634 -14.30 -18.12 80.44
C ALA A 1634 -15.62 -18.15 81.19
N ILE A 1635 -15.52 -18.12 82.52
CA ILE A 1635 -16.71 -18.06 83.35
C ILE A 1635 -16.78 -16.77 84.15
N GLY A 1636 -17.89 -16.07 84.04
CA GLY A 1636 -18.04 -14.81 84.73
C GLY A 1636 -19.13 -14.89 85.77
N VAL A 1637 -18.90 -14.28 86.92
CA VAL A 1637 -19.84 -14.34 88.03
C VAL A 1637 -20.35 -12.97 88.45
N HIS A 1638 -21.58 -12.92 88.92
CA HIS A 1638 -22.22 -11.65 89.19
C HIS A 1638 -21.51 -10.86 90.29
N PRO A 1639 -21.30 -9.56 90.06
CA PRO A 1639 -20.76 -8.54 90.96
C PRO A 1639 -21.19 -8.64 92.43
N LYS A 1640 -22.49 -8.74 92.69
CA LYS A 1640 -22.95 -8.84 94.06
C LYS A 1640 -22.06 -9.79 94.89
N TYR A 1641 -21.74 -10.97 94.34
CA TYR A 1641 -20.89 -11.95 95.04
C TYR A 1641 -19.50 -11.46 95.50
N LEU A 1642 -18.90 -10.54 94.76
CA LEU A 1642 -17.66 -9.94 95.24
C LEU A 1642 -17.95 -9.05 96.44
N PHE A 1643 -18.97 -8.21 96.31
CA PHE A 1643 -19.37 -7.31 97.40
C PHE A 1643 -19.70 -8.03 98.72
N ALA A 1644 -20.15 -9.28 98.62
CA ALA A 1644 -20.47 -10.08 99.79
C ALA A 1644 -19.19 -10.50 100.55
N THR A 1645 -18.04 -10.03 100.07
CA THR A 1645 -16.79 -10.24 100.79
C THR A 1645 -16.65 -9.13 101.84
N LEU A 1646 -17.27 -7.99 101.55
CA LEU A 1646 -17.12 -6.78 102.36
C LEU A 1646 -18.14 -6.62 103.47
N ASP A 1647 -17.92 -5.60 104.29
CA ASP A 1647 -18.87 -5.20 105.30
C ASP A 1647 -19.72 -4.15 104.64
N LYS A 1648 -21.01 -4.09 104.99
CA LYS A 1648 -21.85 -2.97 104.59
C LYS A 1648 -21.12 -1.62 104.82
N ALA A 1649 -20.20 -1.63 105.79
CA ALA A 1649 -19.37 -0.48 106.05
C ALA A 1649 -18.61 -0.12 104.78
N GLN A 1650 -17.79 -1.08 104.33
CA GLN A 1650 -16.96 -0.93 103.16
C GLN A 1650 -17.77 -0.67 101.90
N TYR A 1651 -18.58 -1.66 101.55
CA TYR A 1651 -19.40 -1.62 100.34
C TYR A 1651 -20.09 -0.27 100.18
N GLU A 1652 -20.65 0.26 101.25
CA GLU A 1652 -21.44 1.47 101.16
C GLU A 1652 -20.54 2.70 100.97
N ALA A 1653 -19.30 2.58 101.43
CA ALA A 1653 -18.30 3.63 101.24
C ALA A 1653 -17.92 3.71 99.78
N TYR A 1654 -17.77 2.53 99.17
CA TYR A 1654 -17.46 2.37 97.76
C TYR A 1654 -18.58 2.92 96.87
N CYS A 1655 -19.81 2.58 97.22
CA CYS A 1655 -20.96 3.04 96.45
C CYS A 1655 -21.01 4.56 96.31
N VAL A 1656 -20.48 5.29 97.29
CA VAL A 1656 -20.51 6.74 97.19
C VAL A 1656 -19.46 7.21 96.20
N LYS A 1657 -18.31 6.53 96.22
CA LYS A 1657 -17.23 6.77 95.27
C LYS A 1657 -17.73 6.61 93.85
N VAL A 1658 -18.28 5.42 93.57
CA VAL A 1658 -18.82 5.07 92.25
C VAL A 1658 -19.75 6.15 91.73
N GLN A 1659 -20.81 6.47 92.48
CA GLN A 1659 -21.79 7.43 92.01
C GLN A 1659 -21.24 8.83 91.73
N ALA A 1660 -20.11 9.16 92.35
CA ALA A 1660 -19.43 10.41 92.07
C ALA A 1660 -18.77 10.31 90.70
N ARG A 1661 -18.03 9.24 90.48
CA ARG A 1661 -17.40 8.95 89.19
C ARG A 1661 -18.38 9.06 88.03
N GLN A 1662 -19.48 8.33 88.15
CA GLN A 1662 -20.54 8.32 87.16
C GLN A 1662 -20.94 9.76 86.80
N LYS A 1663 -20.94 10.64 87.77
CA LYS A 1663 -21.36 11.99 87.45
C LYS A 1663 -20.29 12.67 86.61
N LYS A 1664 -19.03 12.35 86.88
CA LYS A 1664 -17.93 12.86 86.08
C LYS A 1664 -18.05 12.27 84.68
N ALA A 1665 -18.13 10.94 84.63
CA ALA A 1665 -18.22 10.25 83.36
C ALA A 1665 -19.34 10.85 82.52
N TYR A 1666 -20.55 10.89 83.10
CA TYR A 1666 -21.71 11.46 82.44
C TYR A 1666 -21.36 12.79 81.81
N ARG A 1667 -20.75 13.67 82.59
CA ARG A 1667 -20.39 14.99 82.08
C ARG A 1667 -19.48 14.90 80.87
N PHE A 1668 -18.44 14.09 81.00
CA PHE A 1668 -17.45 13.94 79.96
C PHE A 1668 -18.11 13.45 78.70
N PHE A 1669 -18.77 12.31 78.80
CA PHE A 1669 -19.45 11.70 77.66
C PHE A 1669 -20.31 12.70 76.88
N HIS A 1670 -21.06 13.53 77.58
CA HIS A 1670 -21.92 14.49 76.88
C HIS A 1670 -21.13 15.60 76.24
N ASN A 1671 -20.07 16.03 76.91
CA ASN A 1671 -19.15 16.97 76.34
C ASN A 1671 -18.54 16.40 75.06
N GLY A 1672 -18.04 15.17 75.14
CA GLY A 1672 -17.43 14.50 74.01
C GLY A 1672 -18.34 14.40 72.82
N LEU A 1673 -19.53 13.80 72.98
CA LEU A 1673 -20.52 13.71 71.90
C LEU A 1673 -20.69 15.02 71.13
N ILE A 1674 -20.87 16.11 71.86
CA ILE A 1674 -21.13 17.39 71.26
C ILE A 1674 -19.89 17.99 70.58
N ASN A 1675 -18.73 17.82 71.22
CA ASN A 1675 -17.50 18.46 70.79
C ASN A 1675 -16.48 17.49 70.22
N ASN A 1676 -16.91 16.27 69.97
CA ASN A 1676 -16.11 15.28 69.29
C ASN A 1676 -14.82 14.96 70.00
N LYS A 1677 -14.88 14.96 71.33
CA LYS A 1677 -13.68 14.71 72.13
C LYS A 1677 -13.81 13.52 73.07
N LEU A 1678 -14.51 12.48 72.64
CA LEU A 1678 -14.58 11.26 73.42
C LEU A 1678 -13.20 10.58 73.46
N PHE A 1679 -12.34 10.94 72.52
CA PHE A 1679 -10.95 10.45 72.49
C PHE A 1679 -10.03 11.65 72.56
N VAL A 1680 -9.12 11.62 73.52
CA VAL A 1680 -8.16 12.71 73.65
C VAL A 1680 -6.76 12.13 73.66
N ALA A 1681 -6.03 12.41 72.60
CA ALA A 1681 -4.66 11.96 72.50
C ALA A 1681 -3.82 12.69 73.51
N LYS A 1682 -2.96 11.94 74.19
CA LYS A 1682 -1.97 12.53 75.10
C LYS A 1682 -0.78 13.00 74.28
N ASP A 1683 -0.25 14.17 74.63
CA ASP A 1683 0.88 14.71 73.90
C ASP A 1683 2.21 14.51 74.59
N LYS A 1684 2.18 14.39 75.91
CA LYS A 1684 3.39 14.18 76.72
C LYS A 1684 3.15 13.17 77.82
N ALA A 1685 4.19 12.41 78.18
CA ALA A 1685 4.08 11.51 79.31
C ALA A 1685 3.88 12.35 80.56
N PRO A 1686 3.53 11.70 81.69
CA PRO A 1686 3.24 12.36 82.96
C PRO A 1686 4.45 13.04 83.58
N TYR A 1687 5.65 12.59 83.21
CA TYR A 1687 6.89 13.07 83.79
C TYR A 1687 7.71 13.85 82.78
N GLU A 1688 8.37 14.91 83.24
CA GLU A 1688 9.36 15.58 82.39
C GLU A 1688 10.46 14.57 82.14
N ASP A 1689 11.23 14.77 81.07
CA ASP A 1689 12.21 13.78 80.68
C ASP A 1689 13.28 13.70 81.75
N ARG A 1690 13.58 14.85 82.34
CA ARG A 1690 14.48 14.96 83.48
C ARG A 1690 14.26 13.87 84.55
N ILE A 1691 13.00 13.68 84.92
CA ILE A 1691 12.65 12.79 86.02
C ILE A 1691 12.62 11.31 85.61
N GLN A 1692 12.43 11.05 84.33
CA GLN A 1692 12.00 9.73 83.88
C GLN A 1692 12.70 8.54 84.55
N SER A 1693 14.02 8.45 84.42
CA SER A 1693 14.73 7.31 84.98
C SER A 1693 14.33 7.06 86.43
N LYS A 1694 14.21 8.14 87.20
CA LYS A 1694 13.87 8.07 88.62
C LYS A 1694 12.46 7.51 88.80
N VAL A 1695 11.50 8.14 88.12
CA VAL A 1695 10.09 7.71 88.16
C VAL A 1695 9.93 6.21 87.87
N PHE A 1696 10.66 5.74 86.88
CA PHE A 1696 10.64 4.34 86.50
C PHE A 1696 11.14 3.43 87.61
N LEU A 1697 12.11 3.93 88.37
CA LEU A 1697 12.89 3.10 89.30
C LEU A 1697 12.35 3.07 90.72
N ASN A 1698 11.58 4.09 91.04
CA ASN A 1698 10.95 4.18 92.34
C ASN A 1698 9.49 3.72 92.25
N PRO A 1699 9.17 2.56 92.83
CA PRO A 1699 7.86 1.93 92.70
C PRO A 1699 6.75 2.69 93.43
N GLN A 1700 7.11 3.76 94.12
CA GLN A 1700 6.13 4.51 94.87
C GLN A 1700 5.66 5.70 94.06
N SER A 1701 6.55 6.24 93.26
CA SER A 1701 6.29 7.48 92.55
C SER A 1701 4.90 7.45 91.97
N ARG A 1702 4.11 8.48 92.29
CA ARG A 1702 2.77 8.58 91.74
C ARG A 1702 2.39 10.01 91.39
N VAL A 1703 1.33 10.15 90.63
CA VAL A 1703 0.99 11.41 90.01
C VAL A 1703 0.05 12.25 90.88
N THR A 1704 0.34 13.54 90.95
CA THR A 1704 -0.49 14.47 91.69
C THR A 1704 -1.23 15.40 90.74
N GLN A 1705 -2.49 15.66 91.04
CA GLN A 1705 -3.25 16.62 90.24
C GLN A 1705 -2.60 17.97 90.39
N GLU A 1706 -2.64 18.80 89.35
CA GLU A 1706 -1.98 20.11 89.40
C GLU A 1706 -2.93 21.30 89.22
N SER A 1707 -2.32 22.46 88.99
CA SER A 1707 -3.03 23.74 88.94
C SER A 1707 -3.81 23.93 87.63
N ASN A 1708 -3.50 23.10 86.64
CA ASN A 1708 -4.23 23.08 85.39
C ASN A 1708 -5.17 21.87 85.31
N GLY A 1709 -5.53 21.33 86.48
CA GLY A 1709 -6.33 20.11 86.56
C GLY A 1709 -5.63 18.94 85.89
N GLU A 1710 -4.31 19.03 85.74
CA GLU A 1710 -3.57 18.01 85.01
C GLU A 1710 -2.79 17.04 85.90
N LEU A 1711 -2.77 15.79 85.51
CA LEU A 1711 -2.00 14.80 86.24
C LEU A 1711 -0.54 14.76 85.77
N LYS A 1712 0.38 15.00 86.71
CA LYS A 1712 1.80 14.86 86.42
C LYS A 1712 2.56 14.33 87.62
N PHE A 1713 3.63 13.56 87.35
CA PHE A 1713 4.62 13.24 88.38
C PHE A 1713 5.29 14.51 88.95
N PRO A 1714 5.63 14.50 90.24
CA PRO A 1714 6.07 15.73 90.89
C PRO A 1714 7.59 15.82 90.84
N ALA A 1715 8.10 17.04 90.67
CA ALA A 1715 9.53 17.30 90.56
C ALA A 1715 10.14 17.76 91.90
N MET B 1 63.25 71.05 80.26
CA MET B 1 63.52 71.38 78.85
C MET B 1 64.65 70.55 78.25
N ARG B 2 65.23 69.68 79.07
CA ARG B 2 66.25 68.77 78.56
C ARG B 2 65.54 67.58 77.91
N PRO B 3 65.62 67.50 76.56
CA PRO B 3 64.92 66.44 75.83
C PRO B 3 65.28 65.08 76.40
N GLU B 4 66.58 64.86 76.58
CA GLU B 4 67.10 63.59 77.06
C GLU B 4 66.62 63.28 78.48
N VAL B 5 66.35 64.34 79.24
CA VAL B 5 65.75 64.20 80.57
C VAL B 5 64.29 63.79 80.45
N GLU B 6 63.52 64.60 79.74
CA GLU B 6 62.10 64.35 79.52
C GLU B 6 61.84 62.91 79.06
N GLN B 7 62.73 62.38 78.23
CA GLN B 7 62.65 60.99 77.78
C GLN B 7 62.61 60.03 78.94
N GLU B 8 63.70 59.95 79.70
CA GLU B 8 63.81 59.03 80.81
C GLU B 8 62.69 59.20 81.83
N LEU B 9 62.14 60.41 81.92
CA LEU B 9 61.01 60.66 82.80
C LEU B 9 59.72 60.07 82.23
N ALA B 10 59.33 60.52 81.04
CA ALA B 10 58.20 59.94 80.34
C ALA B 10 58.32 58.44 80.31
N TYR B 11 59.54 57.97 80.02
CA TYR B 11 59.85 56.54 79.96
C TYR B 11 59.46 55.81 81.23
N THR B 12 60.08 56.15 82.36
CA THR B 12 59.82 55.38 83.59
C THR B 12 58.43 55.65 84.16
N LEU B 13 57.86 56.81 83.83
CA LEU B 13 56.46 57.07 84.15
C LEU B 13 55.58 56.08 83.41
N LEU B 14 55.79 56.01 82.09
CA LEU B 14 55.12 55.03 81.23
C LEU B 14 55.34 53.63 81.79
N VAL B 15 56.60 53.21 81.88
CA VAL B 15 56.96 51.88 82.36
C VAL B 15 56.25 51.56 83.67
N GLU B 16 56.25 52.53 84.57
CA GLU B 16 55.61 52.34 85.86
C GLU B 16 54.11 52.24 85.70
N LEU B 17 53.53 53.22 85.00
CA LEU B 17 52.09 53.27 84.75
C LEU B 17 51.53 51.94 84.24
N LEU B 18 52.25 51.34 83.29
CA LEU B 18 51.85 50.05 82.74
C LEU B 18 52.02 48.95 83.77
N ALA B 19 53.21 48.91 84.38
CA ALA B 19 53.53 47.88 85.36
C ALA B 19 52.41 47.72 86.38
N TYR B 20 52.06 48.81 87.04
CA TYR B 20 51.07 48.77 88.11
C TYR B 20 49.63 48.72 87.63
N GLN B 21 49.41 48.84 86.33
CA GLN B 21 48.05 48.82 85.78
C GLN B 21 47.37 47.51 86.16
N PHE B 22 48.16 46.44 86.20
CA PHE B 22 47.74 45.15 86.74
C PHE B 22 46.83 45.31 87.93
N ALA B 23 47.43 45.72 89.04
CA ALA B 23 46.80 45.72 90.36
C ALA B 23 46.19 47.08 90.71
N MET B 24 45.49 47.66 89.75
CA MET B 24 44.98 49.02 89.90
C MET B 24 43.69 49.15 89.12
N PRO B 25 42.58 49.39 89.85
CA PRO B 25 41.24 49.50 89.23
C PRO B 25 41.24 50.45 88.05
N VAL B 26 40.41 50.12 87.07
CA VAL B 26 40.29 50.89 85.83
C VAL B 26 39.20 51.94 85.97
N ARG B 27 39.63 53.20 86.05
CA ARG B 27 38.72 54.31 86.27
C ARG B 27 38.19 54.89 84.96
N TRP B 28 37.36 54.10 84.27
CA TRP B 28 36.90 54.46 82.93
C TRP B 28 35.82 55.54 82.90
N ILE B 29 35.24 55.86 84.06
CA ILE B 29 34.31 56.97 84.10
C ILE B 29 35.11 58.23 84.06
N GLU B 30 36.03 58.34 85.02
CA GLU B 30 36.88 59.51 85.16
C GLU B 30 37.63 59.78 83.86
N THR B 31 37.98 58.70 83.16
CA THR B 31 38.65 58.79 81.88
C THR B 31 37.70 59.29 80.80
N GLN B 32 36.50 58.73 80.77
CA GLN B 32 35.47 59.16 79.82
C GLN B 32 35.11 60.63 80.02
N ASP B 33 35.15 61.05 81.27
CA ASP B 33 34.77 62.41 81.62
C ASP B 33 35.86 63.41 81.20
N VAL B 34 37.12 62.99 81.23
CA VAL B 34 38.20 63.81 80.73
C VAL B 34 38.01 64.05 79.23
N ILE B 35 37.42 63.06 78.56
CA ILE B 35 37.25 63.09 77.12
C ILE B 35 36.04 63.93 76.72
N LEU B 36 34.96 63.75 77.47
CA LEU B 36 33.69 64.40 77.17
C LEU B 36 33.60 65.78 77.78
N ALA B 37 34.19 65.95 78.95
CA ALA B 37 34.05 67.20 79.71
C ALA B 37 35.25 68.15 79.58
N GLU B 38 36.44 67.64 79.89
CA GLU B 38 37.64 68.44 79.78
C GLU B 38 37.92 68.87 78.33
N LYS B 39 38.17 67.90 77.46
CA LYS B 39 38.49 68.23 76.09
C LYS B 39 37.28 68.33 75.15
N ARG B 40 36.10 68.15 75.72
CA ARG B 40 34.83 68.32 75.00
C ARG B 40 34.91 67.80 73.58
N THR B 41 35.24 66.53 73.42
CA THR B 41 35.40 65.95 72.10
C THR B 41 34.06 65.81 71.36
N GLU B 42 34.03 66.17 70.08
CA GLU B 42 32.83 66.01 69.25
C GLU B 42 32.71 64.57 68.73
N ARG B 43 33.79 64.06 68.16
CA ARG B 43 33.83 62.69 67.64
C ARG B 43 34.57 61.76 68.58
N ILE B 44 33.86 60.84 69.20
CA ILE B 44 34.54 59.77 69.91
C ILE B 44 34.64 58.56 69.00
N VAL B 45 35.86 58.16 68.67
CA VAL B 45 36.07 56.99 67.85
C VAL B 45 36.52 55.79 68.66
N GLU B 46 35.84 54.68 68.47
CA GLU B 46 36.15 53.46 69.18
C GLU B 46 36.86 52.53 68.22
N ILE B 47 37.93 51.94 68.68
CA ILE B 47 38.67 51.02 67.84
C ILE B 47 38.73 49.63 68.46
N GLY B 48 38.08 48.69 67.77
CA GLY B 48 38.01 47.29 68.20
C GLY B 48 36.98 46.53 67.41
N PRO B 49 36.65 45.32 67.87
CA PRO B 49 35.69 44.40 67.26
C PRO B 49 34.21 44.63 67.58
N SER B 50 33.90 45.33 68.68
CA SER B 50 32.51 45.57 69.04
C SER B 50 32.34 47.00 69.51
N ASP B 51 31.10 47.46 69.58
CA ASP B 51 30.86 48.79 70.15
C ASP B 51 30.59 48.70 71.66
N THR B 52 31.59 48.25 72.40
CA THR B 52 31.48 48.14 73.86
C THR B 52 31.72 49.48 74.57
N LEU B 53 32.89 50.09 74.35
CA LEU B 53 33.20 51.42 74.85
C LEU B 53 32.28 52.46 74.24
N GLY B 54 31.68 52.12 73.10
CA GLY B 54 30.80 53.03 72.39
C GLY B 54 29.52 53.25 73.14
N GLY B 55 28.79 52.17 73.38
CA GLY B 55 27.56 52.22 74.15
C GLY B 55 27.84 52.58 75.59
N MET B 56 29.05 52.22 76.04
CA MET B 56 29.55 52.61 77.34
C MET B 56 29.63 54.13 77.45
N ALA B 57 29.99 54.80 76.36
CA ALA B 57 30.10 56.25 76.35
C ALA B 57 28.77 56.91 75.96
N ARG B 58 27.83 56.10 75.47
CA ARG B 58 26.48 56.60 75.19
C ARG B 58 25.69 56.62 76.47
N ARG B 59 26.00 55.68 77.35
CA ARG B 59 25.36 55.63 78.65
C ARG B 59 25.83 56.77 79.54
N THR B 60 27.12 57.11 79.46
CA THR B 60 27.64 58.26 80.20
C THR B 60 27.11 59.56 79.60
N LEU B 61 26.67 59.51 78.34
CA LEU B 61 26.07 60.70 77.72
C LEU B 61 24.66 60.97 78.25
N GLN B 62 23.99 59.93 78.71
CA GLN B 62 22.63 60.09 79.22
C GLN B 62 22.61 60.40 80.71
N SER B 63 23.31 59.58 81.50
CA SER B 63 23.20 59.66 82.95
C SER B 63 23.89 60.88 83.57
N LYS B 64 24.73 61.56 82.78
CA LYS B 64 25.42 62.77 83.27
C LYS B 64 25.26 63.98 82.36
N TYR B 65 25.63 63.81 81.09
CA TYR B 65 25.80 64.96 80.21
C TYR B 65 24.51 65.41 79.55
N GLU B 66 23.39 64.92 80.07
CA GLU B 66 22.08 65.27 79.55
C GLU B 66 21.92 66.77 79.27
N ALA B 67 21.79 67.56 80.33
CA ALA B 67 21.55 69.00 80.21
C ALA B 67 22.82 69.80 79.91
N TYR B 68 23.98 69.22 80.23
CA TYR B 68 25.25 69.86 79.90
C TYR B 68 25.38 70.05 78.38
N ASP B 69 25.25 68.97 77.63
CA ASP B 69 25.34 69.03 76.19
C ASP B 69 24.30 69.98 75.63
N ALA B 70 23.11 70.00 76.24
CA ALA B 70 22.01 70.86 75.79
C ALA B 70 22.35 72.34 76.01
N ALA B 71 22.93 72.64 77.16
CA ALA B 71 23.32 74.00 77.46
C ALA B 71 24.52 74.43 76.62
N THR B 72 25.58 73.60 76.60
CA THR B 72 26.83 73.95 75.93
C THR B 72 26.73 73.91 74.41
N SER B 73 25.59 73.47 73.90
CA SER B 73 25.42 73.19 72.46
C SER B 73 26.54 72.32 71.91
N VAL B 74 26.92 71.32 72.69
CA VAL B 74 27.95 70.37 72.31
C VAL B 74 27.39 69.31 71.38
N GLN B 75 27.94 69.20 70.18
CA GLN B 75 27.58 68.13 69.24
C GLN B 75 28.47 66.93 69.46
N ARG B 76 27.86 65.76 69.63
CA ARG B 76 28.62 64.55 69.89
C ARG B 76 28.28 63.42 68.92
N GLN B 77 29.30 62.62 68.60
CA GLN B 77 29.21 61.58 67.60
C GLN B 77 30.08 60.39 68.03
N ILE B 78 29.44 59.28 68.37
CA ILE B 78 30.17 58.11 68.83
C ILE B 78 30.22 57.07 67.73
N LEU B 79 31.43 56.75 67.29
CA LEU B 79 31.62 55.78 66.21
C LEU B 79 32.42 54.57 66.68
N CYS B 80 31.95 53.38 66.30
CA CYS B 80 32.77 52.19 66.45
C CYS B 80 33.46 51.90 65.12
N TYR B 81 34.53 51.12 65.16
CA TYR B 81 35.24 50.76 63.94
C TYR B 81 34.40 49.83 63.09
N CYS B 82 33.67 48.94 63.75
CA CYS B 82 32.77 48.02 63.07
C CYS B 82 31.58 48.75 62.45
N LYS B 83 30.57 48.99 63.28
CA LYS B 83 29.29 49.53 62.82
C LYS B 83 29.42 50.80 61.97
N ASP B 84 30.10 51.80 62.51
CA ASP B 84 30.17 53.11 61.88
C ASP B 84 31.43 53.27 61.03
N ALA B 85 31.78 52.19 60.33
CA ALA B 85 33.03 52.11 59.57
C ALA B 85 33.19 53.18 58.49
N LYS B 86 32.13 53.52 57.79
CA LYS B 86 32.24 54.41 56.64
C LYS B 86 32.46 55.85 57.03
N GLU B 87 31.78 56.29 58.09
CA GLU B 87 31.87 57.68 58.50
C GLU B 87 33.25 58.01 59.06
N ILE B 88 33.95 56.98 59.52
CA ILE B 88 35.31 57.15 60.00
C ILE B 88 36.19 57.62 58.86
N TYR B 89 36.06 56.93 57.73
CA TYR B 89 36.93 57.17 56.57
C TYR B 89 36.35 58.21 55.60
N TYR B 90 35.33 58.92 56.05
CA TYR B 90 34.69 59.93 55.23
C TYR B 90 34.35 59.41 53.85
N ASP B 91 33.58 58.33 53.81
CA ASP B 91 33.15 57.72 52.56
C ASP B 91 31.64 57.86 52.38
N VAL B 92 31.23 58.75 51.49
CA VAL B 92 29.81 58.95 51.23
C VAL B 92 29.59 58.98 49.73
N GLU B 93 28.41 58.53 49.29
CA GLU B 93 28.02 58.62 47.89
C GLU B 93 27.19 59.88 47.66
N PRO B 94 27.39 60.54 46.50
CA PRO B 94 26.79 61.84 46.16
C PRO B 94 25.26 61.83 45.98
N ILE B 325 -2.20 22.65 10.39
CA ILE B 325 -1.41 22.10 9.29
C ILE B 325 -0.80 20.75 9.64
N ASP B 326 0.08 20.77 10.63
CA ASP B 326 0.92 19.62 10.99
C ASP B 326 0.14 18.47 11.61
N ALA B 327 -1.10 18.74 12.02
CA ALA B 327 -1.96 17.68 12.55
C ALA B 327 -2.81 17.05 11.45
N LEU B 328 -3.14 17.84 10.42
CA LEU B 328 -3.82 17.34 9.23
C LEU B 328 -2.89 16.41 8.46
N THR B 329 -1.61 16.43 8.84
CA THR B 329 -0.60 15.58 8.23
C THR B 329 -0.04 14.54 9.21
N LYS B 330 -0.11 14.83 10.51
CA LYS B 330 0.45 13.91 11.51
C LYS B 330 -0.29 12.58 11.59
N ASP B 331 -1.47 12.53 11.00
CA ASP B 331 -2.19 11.27 10.88
C ASP B 331 -1.54 10.45 9.78
N GLN B 332 -1.23 11.12 8.68
CA GLN B 332 -0.51 10.51 7.55
C GLN B 332 0.74 9.80 8.04
N ARG B 333 1.65 10.57 8.61
CA ARG B 333 2.92 10.06 9.08
C ARG B 333 2.67 8.85 9.94
N ALA B 334 1.80 9.00 10.93
CA ALA B 334 1.41 7.88 11.78
C ALA B 334 1.01 6.66 10.95
N LEU B 335 0.09 6.87 10.01
CA LEU B 335 -0.39 5.82 9.13
C LEU B 335 0.75 5.10 8.44
N PHE B 336 1.71 5.87 7.94
CA PHE B 336 2.77 5.29 7.15
C PHE B 336 3.85 4.67 8.00
N LYS B 337 4.05 5.22 9.19
CA LYS B 337 5.05 4.66 10.08
C LYS B 337 4.61 3.26 10.43
N GLN B 338 3.31 3.07 10.65
CA GLN B 338 2.80 1.74 10.96
C GLN B 338 2.96 0.86 9.73
N GLN B 339 2.63 1.42 8.57
CA GLN B 339 2.84 0.77 7.28
C GLN B 339 4.25 0.20 7.21
N LEU B 340 5.23 1.08 7.44
CA LEU B 340 6.62 0.73 7.35
C LEU B 340 6.93 -0.46 8.25
N GLU B 341 6.38 -0.41 9.45
CA GLU B 341 6.67 -1.39 10.50
C GLU B 341 6.23 -2.79 10.08
N ILE B 342 5.03 -2.88 9.53
CA ILE B 342 4.45 -4.19 9.22
C ILE B 342 5.13 -4.76 8.01
N ILE B 343 5.70 -3.89 7.18
CA ILE B 343 6.39 -4.37 6.02
C ILE B 343 7.70 -4.96 6.46
N ALA B 344 8.38 -4.23 7.32
CA ALA B 344 9.59 -4.72 7.94
C ALA B 344 9.31 -6.07 8.57
N ARG B 345 8.25 -6.15 9.38
CA ARG B 345 7.90 -7.39 10.04
C ARG B 345 7.79 -8.53 9.03
N TYR B 346 7.23 -8.23 7.88
CA TYR B 346 7.01 -9.22 6.84
C TYR B 346 8.33 -9.65 6.23
N LEU B 347 9.24 -8.70 6.12
CA LEU B 347 10.53 -8.98 5.49
C LEU B 347 11.46 -9.55 6.53
N LYS B 348 10.95 -9.71 7.75
CA LYS B 348 11.73 -10.26 8.86
C LYS B 348 13.03 -9.47 9.08
N MET B 349 12.91 -8.17 9.28
CA MET B 349 14.09 -7.34 9.49
C MET B 349 13.92 -6.32 10.62
N ASP B 350 14.85 -6.35 11.57
CA ASP B 350 14.87 -5.40 12.68
C ASP B 350 15.38 -4.06 12.17
N LEU B 351 14.57 -3.02 12.28
CA LEU B 351 14.97 -1.72 11.77
C LEU B 351 15.98 -1.09 12.72
N ARG B 352 15.77 -1.32 14.01
CA ARG B 352 16.60 -0.73 15.04
C ARG B 352 17.80 -1.61 15.39
N ALA B 353 18.05 -2.64 14.58
CA ALA B 353 19.17 -3.55 14.82
C ALA B 353 20.51 -2.84 14.68
N GLY B 354 20.52 -1.75 13.93
CA GLY B 354 21.72 -0.96 13.78
C GLY B 354 21.97 -0.12 15.01
N ASP B 355 20.94 0.58 15.43
CA ASP B 355 21.02 1.43 16.61
C ASP B 355 21.35 0.59 17.84
N LYS B 356 20.81 -0.62 17.86
CA LYS B 356 21.06 -1.53 18.96
C LYS B 356 22.53 -1.88 19.04
N ALA B 357 23.08 -2.33 17.93
CA ALA B 357 24.47 -2.76 17.88
C ALA B 357 25.42 -1.58 18.11
N PHE B 358 24.95 -0.39 17.79
CA PHE B 358 25.74 0.80 17.99
C PHE B 358 25.85 1.10 19.47
N VAL B 359 24.71 1.25 20.14
CA VAL B 359 24.68 1.46 21.57
C VAL B 359 25.64 0.50 22.21
N ALA B 360 25.57 -0.75 21.76
CA ALA B 360 26.38 -1.85 22.28
C ALA B 360 27.90 -1.61 22.22
N SER B 361 28.42 -1.30 21.03
CA SER B 361 29.85 -1.10 20.88
C SER B 361 30.26 0.18 21.57
N GLN B 362 29.33 1.11 21.66
CA GLN B 362 29.58 2.33 22.40
C GLN B 362 29.63 2.16 23.92
N GLU B 363 29.30 0.96 24.41
CA GLU B 363 29.49 0.65 25.82
C GLU B 363 30.87 0.07 26.05
N SER B 364 31.28 -0.86 25.19
CA SER B 364 32.61 -1.44 25.27
C SER B 364 33.69 -0.40 24.97
N GLN B 365 33.31 0.66 24.28
CA GLN B 365 34.22 1.74 23.98
C GLN B 365 34.38 2.63 25.22
N LYS B 366 33.73 2.24 26.33
CA LYS B 366 33.87 2.97 27.58
C LYS B 366 34.78 2.22 28.55
N ALA B 367 34.60 0.90 28.63
CA ALA B 367 35.49 0.06 29.40
C ALA B 367 36.92 0.21 28.87
N LEU B 368 37.04 0.52 27.59
CA LEU B 368 38.33 0.81 26.98
C LEU B 368 38.92 2.06 27.57
N GLN B 369 38.34 3.19 27.18
CA GLN B 369 38.73 4.49 27.70
C GLN B 369 38.84 4.51 29.23
N ALA B 370 38.11 3.62 29.89
CA ALA B 370 38.23 3.46 31.32
C ALA B 370 39.65 3.05 31.67
N GLN B 371 40.08 1.91 31.14
CA GLN B 371 41.40 1.37 31.41
C GLN B 371 42.48 2.28 30.86
N LEU B 372 42.24 2.79 29.67
CA LEU B 372 43.17 3.74 29.09
C LEU B 372 43.41 4.94 30.00
N ASP B 373 42.34 5.45 30.60
CA ASP B 373 42.45 6.61 31.47
C ASP B 373 43.29 6.30 32.70
N LEU B 374 43.38 5.02 33.05
CA LEU B 374 44.22 4.58 34.15
C LEU B 374 45.69 4.80 33.80
N TRP B 375 46.17 4.14 32.76
CA TRP B 375 47.52 4.35 32.27
C TRP B 375 47.85 5.85 32.21
N GLN B 376 46.94 6.61 31.61
CA GLN B 376 47.12 8.05 31.44
C GLN B 376 47.32 8.75 32.77
N ALA B 377 46.65 8.26 33.81
CA ALA B 377 46.69 8.90 35.12
C ALA B 377 47.94 8.51 35.90
N GLU B 378 48.27 7.23 35.84
CA GLU B 378 49.43 6.70 36.55
C GLU B 378 50.76 7.16 35.98
N HIS B 379 50.77 7.63 34.74
CA HIS B 379 52.04 7.91 34.05
C HIS B 379 52.28 9.31 33.52
N GLY B 380 51.21 10.00 33.12
CA GLY B 380 51.33 11.36 32.61
C GLY B 380 51.67 11.45 31.14
N ASP B 381 51.48 12.63 30.59
CA ASP B 381 51.53 12.80 29.15
C ASP B 381 52.89 12.53 28.54
N ILE B 382 53.92 13.05 29.20
CA ILE B 382 55.27 13.00 28.66
C ILE B 382 55.82 11.58 28.62
N TYR B 383 55.47 10.79 29.60
CA TYR B 383 55.95 9.43 29.73
C TYR B 383 55.29 8.67 28.63
N ALA B 384 53.99 8.96 28.48
CA ALA B 384 53.17 8.30 27.48
C ALA B 384 53.78 8.46 26.11
N ALA B 385 54.14 9.70 25.80
CA ALA B 385 54.83 10.02 24.57
C ALA B 385 56.16 9.30 24.50
N GLY B 386 56.88 9.29 25.62
CA GLY B 386 58.25 8.82 25.65
C GLY B 386 58.48 7.33 25.52
N ILE B 387 57.42 6.54 25.68
CA ILE B 387 57.56 5.10 25.52
C ILE B 387 57.13 4.58 24.15
N GLU B 388 56.90 5.47 23.20
CA GLU B 388 56.43 5.07 21.89
C GLU B 388 57.56 4.58 21.00
N PRO B 389 57.49 3.32 20.58
CA PRO B 389 58.47 2.66 19.72
C PRO B 389 58.75 3.50 18.49
N ALA B 390 59.96 3.41 17.98
CA ALA B 390 60.39 4.25 16.88
C ALA B 390 61.39 3.54 15.98
N PHE B 391 61.77 2.32 16.36
CA PHE B 391 62.76 1.59 15.58
C PHE B 391 62.14 0.89 14.40
N ASP B 392 62.74 1.04 13.22
CA ASP B 392 62.21 0.48 11.97
C ASP B 392 63.32 0.22 10.97
N PRO B 393 63.67 -1.05 10.77
CA PRO B 393 64.72 -1.54 9.88
C PRO B 393 64.69 -0.93 8.49
N LEU B 394 63.54 -0.36 8.10
CA LEU B 394 63.39 0.18 6.76
C LEU B 394 63.93 1.57 6.71
N LYS B 395 63.98 2.19 7.88
CA LYS B 395 64.52 3.53 8.00
C LYS B 395 66.03 3.49 8.27
N ALA B 396 66.62 2.30 8.24
CA ALA B 396 68.04 2.19 8.51
C ALA B 396 68.87 2.78 7.38
N ARG B 397 69.87 3.58 7.71
CA ARG B 397 70.75 4.13 6.69
C ARG B 397 72.15 3.60 6.88
N VAL B 398 72.73 3.07 5.83
CA VAL B 398 74.10 2.58 5.91
C VAL B 398 75.09 3.42 5.12
N TYR B 399 76.08 3.92 5.84
CA TYR B 399 77.19 4.66 5.26
C TYR B 399 78.44 3.80 5.34
N ASP B 400 79.06 3.53 4.19
CA ASP B 400 80.22 2.64 4.13
C ASP B 400 81.18 2.97 2.97
N SER B 401 80.84 4.00 2.21
CA SER B 401 81.59 4.39 1.02
C SER B 401 82.83 5.21 1.31
N SER B 402 83.78 4.65 2.06
CA SER B 402 84.97 5.40 2.41
C SER B 402 85.78 5.77 1.17
N TRP B 403 85.91 4.82 0.26
CA TRP B 403 86.80 4.95 -0.89
C TRP B 403 86.57 6.21 -1.69
N ASN B 404 85.31 6.63 -1.75
CA ASN B 404 84.97 7.82 -2.51
C ASN B 404 85.24 9.08 -1.70
N TRP B 405 84.71 9.12 -0.48
CA TRP B 405 84.90 10.28 0.38
C TRP B 405 86.38 10.62 0.53
N ALA B 406 87.23 9.61 0.40
CA ALA B 406 88.67 9.78 0.43
C ALA B 406 89.10 10.72 -0.68
N ARG B 407 89.00 10.25 -1.92
CA ARG B 407 89.37 11.05 -3.07
C ARG B 407 88.72 12.43 -3.03
N GLN B 408 87.58 12.54 -2.35
CA GLN B 408 86.94 13.83 -2.23
C GLN B 408 87.74 14.71 -1.31
N ASP B 409 87.85 14.23 -0.07
CA ASP B 409 88.53 14.94 1.00
C ASP B 409 89.97 15.20 0.59
N ALA B 410 90.48 14.33 -0.27
CA ALA B 410 91.80 14.51 -0.84
C ALA B 410 91.74 15.71 -1.78
N LEU B 411 91.05 15.56 -2.89
CA LEU B 411 90.97 16.64 -3.88
C LEU B 411 90.49 17.93 -3.23
N SER B 412 89.69 17.78 -2.17
CA SER B 412 89.14 18.93 -1.46
C SER B 412 90.26 19.71 -0.79
N MET B 413 91.15 19.00 -0.10
CA MET B 413 92.27 19.61 0.61
C MET B 413 93.24 20.29 -0.34
N TYR B 414 93.50 19.64 -1.47
CA TYR B 414 94.37 20.20 -2.49
C TYR B 414 94.00 21.64 -2.80
N TYR B 415 92.77 21.89 -3.24
CA TYR B 415 92.36 23.25 -3.54
C TYR B 415 92.32 24.14 -2.30
N ASP B 416 91.98 23.55 -1.17
CA ASP B 416 92.00 24.25 0.11
C ASP B 416 93.31 25.00 0.34
N ILE B 417 94.41 24.31 0.05
CA ILE B 417 95.75 24.85 0.20
C ILE B 417 96.01 26.00 -0.77
N ILE B 418 95.72 25.74 -2.03
CA ILE B 418 95.89 26.71 -3.11
C ILE B 418 95.16 28.05 -2.93
N PHE B 419 94.17 28.06 -2.06
CA PHE B 419 93.43 29.28 -1.80
C PHE B 419 93.71 29.75 -0.37
N GLY B 420 94.38 28.91 0.40
CA GLY B 420 94.82 29.29 1.72
C GLY B 420 93.79 29.10 2.81
N ARG B 421 92.69 28.42 2.47
CA ARG B 421 91.77 27.98 3.50
C ARG B 421 92.56 27.14 4.49
N LEU B 422 93.54 26.40 3.98
CA LEU B 422 94.48 25.67 4.83
C LEU B 422 95.84 26.32 4.75
N ARG B 423 96.35 26.78 5.89
CA ARG B 423 97.72 27.27 5.98
C ARG B 423 98.51 26.20 6.71
N VAL B 424 99.79 26.10 6.38
CA VAL B 424 100.62 24.97 6.84
C VAL B 424 100.59 24.84 8.35
N VAL B 425 100.43 25.98 9.02
CA VAL B 425 100.22 26.07 10.47
C VAL B 425 99.10 25.17 10.95
N ASP B 426 97.87 25.62 10.71
CA ASP B 426 96.61 24.97 11.09
C ASP B 426 96.72 23.48 11.41
N ARG B 427 96.41 23.13 12.66
CA ARG B 427 96.33 21.73 13.08
C ARG B 427 95.47 20.96 12.07
N GLU B 428 94.44 21.65 11.58
CA GLU B 428 93.49 21.10 10.63
C GLU B 428 94.13 20.19 9.60
N ILE B 429 95.02 20.74 8.78
CA ILE B 429 95.66 19.97 7.73
C ILE B 429 96.15 18.63 8.26
N VAL B 430 96.79 18.66 9.41
CA VAL B 430 97.25 17.42 10.00
C VAL B 430 96.12 16.43 10.04
N SER B 431 95.10 16.78 10.80
CA SER B 431 93.90 15.97 10.96
C SER B 431 93.44 15.40 9.63
N GLN B 432 93.11 16.29 8.71
CA GLN B 432 92.67 15.87 7.39
C GLN B 432 93.59 14.79 6.81
N CYS B 433 94.89 15.07 6.83
CA CYS B 433 95.87 14.15 6.27
C CYS B 433 95.78 12.78 6.88
N ILE B 434 95.49 12.73 8.17
CA ILE B 434 95.48 11.46 8.86
C ILE B 434 94.31 10.65 8.37
N GLN B 435 93.18 11.29 8.16
CA GLN B 435 92.01 10.55 7.68
C GLN B 435 92.20 10.09 6.24
N ILE B 436 92.83 10.94 5.44
CA ILE B 436 93.22 10.49 4.11
C ILE B 436 94.17 9.31 4.17
N MET B 437 95.05 9.29 5.17
CA MET B 437 95.95 8.17 5.35
C MET B 437 95.14 6.95 5.76
N ASN B 438 94.12 7.20 6.56
CA ASN B 438 93.34 6.11 7.13
C ASN B 438 92.62 5.33 6.03
N ARG B 439 92.14 6.05 5.02
CA ARG B 439 91.55 5.42 3.85
C ARG B 439 92.60 5.35 2.73
N SER B 440 93.52 4.37 2.80
CA SER B 440 94.56 4.29 1.77
C SER B 440 94.40 3.13 0.81
N ASN B 441 93.97 3.44 -0.42
CA ASN B 441 93.85 2.46 -1.49
C ASN B 441 95.03 2.59 -2.41
N PRO B 442 95.22 1.57 -3.27
CA PRO B 442 96.18 1.78 -4.35
C PRO B 442 95.59 2.87 -5.21
N LEU B 443 94.29 2.73 -5.50
CA LEU B 443 93.59 3.64 -6.40
C LEU B 443 93.60 5.06 -5.86
N LEU B 444 93.64 5.19 -4.53
CA LEU B 444 93.68 6.52 -3.94
C LEU B 444 94.98 7.15 -4.38
N LEU B 445 96.06 6.40 -4.23
CA LEU B 445 97.37 6.91 -4.57
C LEU B 445 97.42 7.43 -5.99
N GLU B 446 96.92 6.65 -6.95
CA GLU B 446 96.90 7.08 -8.35
C GLU B 446 96.24 8.45 -8.49
N PHE B 447 95.09 8.59 -7.83
CA PHE B 447 94.35 9.84 -7.83
C PHE B 447 95.15 10.93 -7.11
N MET B 448 95.63 10.61 -5.91
CA MET B 448 96.55 11.45 -5.15
C MET B 448 97.59 11.98 -6.12
N GLN B 449 98.33 11.05 -6.71
CA GLN B 449 99.52 11.35 -7.50
C GLN B 449 99.23 12.30 -8.63
N TYR B 450 98.45 11.85 -9.62
CA TYR B 450 98.20 12.63 -10.81
C TYR B 450 98.00 14.11 -10.49
N HIS B 451 97.10 14.40 -9.55
CA HIS B 451 96.74 15.79 -9.23
C HIS B 451 97.95 16.59 -8.73
N ILE B 452 98.84 15.91 -8.01
CA ILE B 452 100.12 16.49 -7.61
C ILE B 452 101.05 16.70 -8.81
N ASP B 453 101.32 15.61 -9.52
CA ASP B 453 102.25 15.60 -10.65
C ASP B 453 102.05 16.77 -11.58
N HIS B 454 100.80 17.19 -11.73
CA HIS B 454 100.48 18.25 -12.67
C HIS B 454 100.22 19.59 -12.00
N CYS B 455 100.49 19.67 -10.71
CA CYS B 455 100.32 20.92 -9.97
C CYS B 455 101.17 22.00 -10.64
N PRO B 456 100.53 23.10 -11.08
CA PRO B 456 101.15 24.28 -11.70
C PRO B 456 101.90 25.14 -10.69
N THR B 457 103.03 24.65 -10.20
CA THR B 457 103.81 25.31 -9.16
C THR B 457 104.23 26.73 -9.52
N GLU B 458 104.43 26.93 -10.82
CA GLU B 458 104.88 28.21 -11.35
C GLU B 458 103.86 29.34 -11.20
N ARG B 459 102.73 29.04 -10.58
CA ARG B 459 101.66 30.01 -10.48
C ARG B 459 101.72 30.82 -9.19
N GLY B 460 102.19 30.19 -8.11
CA GLY B 460 102.21 30.86 -6.83
C GLY B 460 102.78 29.98 -5.74
N GLU B 461 102.95 30.57 -4.55
CA GLU B 461 103.52 29.85 -3.42
C GLU B 461 102.63 28.67 -3.01
N THR B 462 101.40 29.00 -2.69
CA THR B 462 100.34 28.04 -2.42
C THR B 462 100.44 26.78 -3.28
N TYR B 463 100.60 26.97 -4.59
CA TYR B 463 100.70 25.86 -5.53
C TYR B 463 101.90 25.00 -5.21
N GLN B 464 103.03 25.66 -4.98
CA GLN B 464 104.24 24.96 -4.57
C GLN B 464 103.97 24.24 -3.24
N LEU B 465 103.63 25.04 -2.23
CA LEU B 465 103.25 24.59 -0.90
C LEU B 465 102.31 23.38 -0.94
N ALA B 466 101.42 23.42 -1.92
CA ALA B 466 100.51 22.33 -2.18
C ALA B 466 101.31 21.12 -2.65
N LYS B 467 101.93 21.24 -3.81
CA LYS B 467 102.65 20.12 -4.39
C LYS B 467 103.58 19.47 -3.37
N GLU B 468 104.12 20.30 -2.48
CA GLU B 468 105.02 19.82 -1.46
C GLU B 468 104.25 18.90 -0.51
N LEU B 469 103.36 19.51 0.28
CA LEU B 469 102.55 18.78 1.24
C LEU B 469 101.86 17.60 0.56
N GLY B 470 101.57 17.78 -0.72
CA GLY B 470 100.95 16.75 -1.54
C GLY B 470 101.84 15.54 -1.60
N GLN B 471 102.96 15.70 -2.28
CA GLN B 471 103.92 14.61 -2.39
C GLN B 471 104.25 14.05 -1.01
N GLN B 472 104.26 14.94 -0.02
CA GLN B 472 104.47 14.57 1.36
C GLN B 472 103.44 13.52 1.74
N LEU B 473 102.18 13.92 1.67
CA LEU B 473 101.07 13.05 2.04
C LEU B 473 101.10 11.73 1.28
N ILE B 474 101.35 11.82 -0.02
CA ILE B 474 101.35 10.64 -0.88
C ILE B 474 102.33 9.58 -0.38
N GLU B 475 103.44 10.04 0.17
CA GLU B 475 104.46 9.14 0.66
C GLU B 475 103.98 8.43 1.90
N ASN B 476 103.43 9.21 2.84
CA ASN B 476 102.90 8.67 4.07
C ASN B 476 101.87 7.60 3.75
N CYS B 477 100.93 7.96 2.89
CA CYS B 477 99.86 7.04 2.49
C CYS B 477 100.46 5.72 1.99
N LYS B 478 101.62 5.80 1.37
CA LYS B 478 102.25 4.60 0.82
C LYS B 478 102.72 3.65 1.90
N GLU B 479 103.14 4.19 3.04
CA GLU B 479 103.67 3.33 4.09
C GLU B 479 102.61 2.87 5.08
N VAL B 480 101.36 3.25 4.85
CA VAL B 480 100.29 2.87 5.76
C VAL B 480 99.20 2.04 5.07
N LEU B 481 99.47 1.60 3.85
CA LEU B 481 98.60 0.65 3.17
C LEU B 481 98.60 -0.63 3.97
N GLY B 482 97.40 -1.19 4.17
CA GLY B 482 97.25 -2.41 4.94
C GLY B 482 97.28 -2.14 6.43
N LYS B 483 98.11 -1.18 6.80
CA LYS B 483 98.26 -0.82 8.20
C LYS B 483 96.96 -0.24 8.72
N PRO B 484 96.43 -0.85 9.81
CA PRO B 484 95.26 -0.45 10.58
C PRO B 484 95.15 1.04 10.72
N PRO B 485 93.94 1.57 10.55
CA PRO B 485 93.72 3.02 10.65
C PRO B 485 93.71 3.43 12.11
N VAL B 486 93.90 4.71 12.38
CA VAL B 486 94.08 5.12 13.74
C VAL B 486 93.35 6.40 14.12
N TYR B 487 92.81 6.37 15.33
CA TYR B 487 92.28 7.54 16.01
C TYR B 487 93.44 8.27 16.63
N LYS B 488 93.73 9.47 16.14
CA LYS B 488 94.80 10.28 16.71
C LYS B 488 94.32 11.72 16.81
N ASP B 489 94.11 12.19 18.04
CA ASP B 489 93.62 13.54 18.25
C ASP B 489 94.73 14.60 18.21
N VAL B 490 94.83 15.30 17.09
CA VAL B 490 95.88 16.26 16.92
C VAL B 490 95.41 17.64 17.30
N SER B 491 94.19 17.74 17.82
CA SER B 491 93.62 19.05 18.07
C SER B 491 94.44 19.77 19.11
N ILE B 492 94.28 21.09 19.16
CA ILE B 492 95.03 21.91 20.10
C ILE B 492 94.25 21.99 21.40
N PRO B 493 94.73 21.31 22.45
CA PRO B 493 94.04 21.29 23.74
C PRO B 493 93.55 22.66 24.11
N THR B 494 92.30 22.74 24.52
CA THR B 494 91.68 24.04 24.74
C THR B 494 91.00 24.12 26.10
N GLY B 495 90.96 25.34 26.65
CA GLY B 495 90.38 25.57 27.97
C GLY B 495 89.26 26.60 27.96
N PRO B 496 88.63 26.81 29.14
CA PRO B 496 87.43 27.63 29.29
C PRO B 496 87.82 29.04 29.65
N GLN B 497 87.12 30.03 29.09
CA GLN B 497 87.44 31.43 29.41
C GLN B 497 86.26 32.37 29.28
N THR B 498 85.62 32.67 30.41
CA THR B 498 84.50 33.58 30.44
C THR B 498 84.98 35.00 30.69
N THR B 499 84.39 35.94 29.97
CA THR B 499 84.85 37.33 30.03
C THR B 499 83.65 38.26 30.16
N ILE B 500 83.79 39.31 30.96
CA ILE B 500 82.75 40.33 31.00
C ILE B 500 83.21 41.66 30.39
N ASP B 501 82.75 41.86 29.16
CA ASP B 501 82.95 43.10 28.42
C ASP B 501 82.57 44.32 29.28
N ALA B 502 83.18 45.46 28.99
CA ALA B 502 82.92 46.67 29.74
C ALA B 502 81.46 47.16 29.58
N ARG B 503 80.80 46.72 28.51
CA ARG B 503 79.37 47.03 28.34
C ARG B 503 78.47 46.08 29.13
N GLY B 504 79.09 45.15 29.87
CA GLY B 504 78.35 44.17 30.65
C GLY B 504 78.14 42.87 29.90
N ASN B 505 78.50 42.88 28.62
CA ASN B 505 78.41 41.70 27.78
C ASN B 505 79.19 40.55 28.41
N ILE B 506 78.53 39.40 28.54
CA ILE B 506 79.21 38.21 29.03
C ILE B 506 79.44 37.22 27.90
N GLN B 507 80.70 36.95 27.57
CA GLN B 507 80.98 35.99 26.53
C GLN B 507 81.88 34.89 27.06
N TYR B 508 81.94 33.79 26.31
CA TYR B 508 82.71 32.62 26.70
C TYR B 508 83.35 31.98 25.48
N GLN B 509 84.66 32.15 25.34
CA GLN B 509 85.38 31.51 24.27
C GLN B 509 86.07 30.26 24.80
N GLU B 510 86.75 29.55 23.93
CA GLU B 510 87.59 28.47 24.37
C GLU B 510 89.03 28.70 23.92
N VAL B 511 89.86 29.12 24.87
CA VAL B 511 91.19 29.61 24.54
C VAL B 511 92.22 28.53 24.68
N PRO B 512 93.12 28.43 23.70
CA PRO B 512 94.17 27.40 23.72
C PRO B 512 94.83 27.36 25.09
N ARG B 513 94.96 26.17 25.64
CA ARG B 513 95.62 26.01 26.93
C ARG B 513 97.05 26.49 26.80
N ALA B 514 97.43 27.43 27.65
CA ALA B 514 98.76 28.01 27.60
C ALA B 514 99.86 26.99 27.88
N SER B 515 99.52 25.92 28.61
CA SER B 515 100.50 24.92 29.01
C SER B 515 100.64 23.73 28.06
N ALA B 516 99.55 23.30 27.44
CA ALA B 516 99.60 22.15 26.52
C ALA B 516 99.28 22.53 25.07
N ARG B 517 99.95 21.87 24.13
CA ARG B 517 99.78 22.15 22.72
C ARG B 517 99.36 20.91 21.93
N LYS B 518 99.98 19.78 22.23
CA LYS B 518 99.55 18.50 21.67
C LYS B 518 98.74 17.77 22.71
N PHE B 519 98.18 16.63 22.33
CA PHE B 519 97.45 15.87 23.30
C PHE B 519 98.40 15.21 24.28
N GLU B 520 99.61 14.91 23.82
CA GLU B 520 100.59 14.25 24.67
C GLU B 520 100.76 15.03 25.97
N HIS B 521 100.74 16.36 25.83
CA HIS B 521 100.91 17.29 26.94
C HIS B 521 99.76 17.11 27.91
N TYR B 522 98.56 17.15 27.35
CA TYR B 522 97.37 16.86 28.13
C TYR B 522 97.52 15.57 28.91
N VAL B 523 97.90 14.48 28.22
CA VAL B 523 98.04 13.19 28.87
C VAL B 523 98.93 13.32 30.10
N LYS B 524 100.09 13.93 29.89
CA LYS B 524 101.02 14.20 30.98
C LYS B 524 100.38 15.07 32.05
N GLN B 525 100.08 16.33 31.72
CA GLN B 525 99.43 17.23 32.65
C GLN B 525 98.42 16.51 33.55
N MET B 526 97.63 15.61 32.94
CA MET B 526 96.63 14.81 33.65
C MET B 526 97.30 13.87 34.63
N ALA B 527 98.14 13.02 34.05
CA ALA B 527 98.90 12.02 34.80
C ALA B 527 99.73 12.67 35.93
N GLU B 528 100.37 13.80 35.63
CA GLU B 528 101.17 14.54 36.62
C GLU B 528 100.43 14.62 37.95
N GLY B 529 99.37 15.41 37.98
CA GLY B 529 98.55 15.48 39.16
C GLY B 529 98.26 16.91 39.44
N GLY B 530 97.58 17.14 40.56
CA GLY B 530 97.36 18.47 41.08
C GLY B 530 97.68 18.40 42.55
N PRO B 531 98.27 19.47 43.08
CA PRO B 531 98.52 19.57 44.52
C PRO B 531 97.26 19.30 45.31
N ILE B 532 96.10 19.78 44.86
CA ILE B 532 94.82 19.54 45.55
C ILE B 532 94.59 18.05 45.72
N SER B 533 95.05 17.30 44.73
CA SER B 533 95.17 15.85 44.80
C SER B 533 96.55 15.49 45.34
N GLN B 534 96.86 16.03 46.51
CA GLN B 534 98.01 15.56 47.28
C GLN B 534 97.64 14.16 47.66
N TYR B 535 98.62 13.36 48.03
CA TYR B 535 98.29 12.07 48.60
C TYR B 535 97.48 12.23 49.87
N SER B 536 96.68 11.20 50.13
CA SER B 536 95.93 11.08 51.36
C SER B 536 96.86 10.39 52.36
N ASN B 537 96.58 10.50 53.64
CA ASN B 537 97.43 9.86 54.64
C ASN B 537 97.35 8.37 54.52
N ARG B 538 96.12 7.89 54.57
CA ARG B 538 95.86 6.47 54.42
C ARG B 538 96.45 5.94 53.11
N THR B 539 96.31 6.71 52.03
CA THR B 539 96.76 6.24 50.71
C THR B 539 98.27 6.08 50.65
N LYS B 540 98.98 6.87 51.46
CA LYS B 540 100.42 6.69 51.63
C LYS B 540 100.76 5.45 52.45
N VAL B 541 100.24 5.39 53.67
CA VAL B 541 100.50 4.25 54.55
C VAL B 541 100.35 2.95 53.79
N GLN B 542 99.34 2.92 52.93
CA GLN B 542 99.00 1.74 52.15
C GLN B 542 100.01 1.48 51.04
N ASN B 543 100.10 2.38 50.07
CA ASN B 543 100.99 2.19 48.93
C ASN B 543 102.45 1.89 49.34
N ASP B 544 102.82 2.35 50.53
CA ASP B 544 104.14 2.09 51.08
C ASP B 544 104.21 0.66 51.56
N LEU B 545 103.41 0.34 52.58
CA LEU B 545 103.32 -1.01 53.09
C LEU B 545 103.29 -2.02 51.95
N ARG B 546 102.67 -1.61 50.84
CA ARG B 546 102.62 -2.40 49.61
C ARG B 546 104.01 -2.83 49.18
N SER B 547 104.79 -1.84 48.75
CA SER B 547 106.14 -2.08 48.29
C SER B 547 107.03 -2.70 49.36
N VAL B 548 106.66 -2.48 50.63
CA VAL B 548 107.34 -3.14 51.75
C VAL B 548 107.17 -4.65 51.66
N TYR B 549 105.94 -5.08 51.41
CA TYR B 549 105.66 -6.48 51.11
C TYR B 549 106.36 -6.91 49.82
N LYS B 550 106.21 -6.14 48.74
CA LYS B 550 106.79 -6.48 47.45
C LYS B 550 108.30 -6.70 47.52
N LEU B 551 108.94 -5.97 48.42
CA LEU B 551 110.37 -6.09 48.65
C LEU B 551 110.64 -7.37 49.44
N ILE B 552 110.22 -7.36 50.70
CA ILE B 552 110.27 -8.53 51.58
C ILE B 552 109.92 -9.84 50.89
N ARG B 553 108.92 -9.78 50.02
CA ARG B 553 108.41 -10.96 49.32
C ARG B 553 109.37 -11.39 48.23
N ARG B 554 109.49 -10.57 47.19
CA ARG B 554 110.34 -10.89 46.04
C ARG B 554 111.83 -10.72 46.35
N GLN B 555 112.23 -11.23 47.51
CA GLN B 555 113.63 -11.34 47.93
C GLN B 555 113.72 -12.48 48.96
N HIS B 556 113.72 -13.71 48.44
CA HIS B 556 113.60 -14.95 49.20
C HIS B 556 114.93 -15.37 49.82
N ARG B 557 115.10 -15.08 51.12
CA ARG B 557 116.27 -15.52 51.89
C ARG B 557 115.97 -15.39 53.38
N LEU B 558 114.77 -14.89 53.65
CA LEU B 558 114.24 -14.85 55.00
C LEU B 558 113.44 -16.12 55.19
N SER B 559 113.41 -16.62 56.43
CA SER B 559 112.66 -17.84 56.71
C SER B 559 111.18 -17.65 56.44
N LYS B 560 110.55 -18.71 55.93
CA LYS B 560 109.11 -18.68 55.72
C LYS B 560 108.38 -18.68 57.07
N SER B 561 109.14 -18.76 58.17
CA SER B 561 108.59 -18.58 59.52
C SER B 561 108.28 -17.10 59.77
N SER B 562 109.04 -16.26 59.08
CA SER B 562 108.94 -14.81 59.23
C SER B 562 108.13 -14.23 58.09
N GLN B 563 108.37 -14.71 56.87
CA GLN B 563 107.62 -14.28 55.70
C GLN B 563 106.14 -14.53 55.94
N LEU B 564 105.83 -15.76 56.36
CA LEU B 564 104.48 -16.17 56.72
C LEU B 564 103.90 -15.26 57.80
N GLN B 565 104.78 -14.81 58.69
CA GLN B 565 104.39 -14.00 59.84
C GLN B 565 104.51 -12.50 59.53
N PHE B 566 104.93 -12.17 58.32
CA PHE B 566 104.99 -10.77 57.93
C PHE B 566 103.64 -10.31 57.41
N ASN B 567 103.20 -10.94 56.33
CA ASN B 567 101.91 -10.65 55.72
C ASN B 567 100.80 -10.84 56.75
N ALA B 568 101.12 -11.58 57.81
CA ALA B 568 100.23 -11.74 58.94
C ALA B 568 100.08 -10.38 59.60
N LEU B 569 101.20 -9.82 60.03
CA LEU B 569 101.23 -8.52 60.68
C LEU B 569 100.96 -7.38 59.67
N TYR B 570 100.98 -7.72 58.39
CA TYR B 570 100.72 -6.77 57.30
C TYR B 570 99.21 -6.59 57.11
N LYS B 571 98.51 -7.70 56.94
CA LYS B 571 97.07 -7.69 56.82
C LYS B 571 96.43 -6.98 58.01
N ASP B 572 96.89 -7.34 59.21
CA ASP B 572 96.44 -6.70 60.44
C ASP B 572 96.33 -5.20 60.25
N VAL B 573 97.42 -4.62 59.73
CA VAL B 573 97.51 -3.18 59.55
C VAL B 573 96.45 -2.66 58.57
N ILE B 574 96.28 -3.38 57.46
CA ILE B 574 95.35 -2.95 56.42
C ILE B 574 93.91 -2.94 56.93
N ARG B 575 93.54 -4.00 57.64
CA ARG B 575 92.20 -4.13 58.17
C ARG B 575 91.90 -3.05 59.19
N ALA B 576 92.79 -2.93 60.17
CA ALA B 576 92.65 -1.92 61.20
C ALA B 576 92.41 -0.54 60.57
N LEU B 577 93.15 -0.23 59.50
CA LEU B 577 93.06 1.06 58.82
C LEU B 577 91.67 1.31 58.24
N ALA B 578 91.08 0.23 57.73
CA ALA B 578 89.78 0.24 57.08
C ALA B 578 88.66 0.36 58.11
N MET B 579 88.70 -0.50 59.12
CA MET B 579 87.62 -0.62 60.09
C MET B 579 87.51 0.58 61.04
N ASN B 580 88.62 0.96 61.67
CA ASN B 580 88.63 2.21 62.42
C ASN B 580 89.85 3.05 62.06
N GLU B 581 89.67 3.91 61.06
CA GLU B 581 90.73 4.81 60.66
C GLU B 581 91.03 5.83 61.78
N SER B 582 89.97 6.31 62.42
CA SER B 582 90.08 7.32 63.48
C SER B 582 91.13 7.00 64.56
N GLN B 583 91.12 5.78 65.09
CA GLN B 583 92.04 5.40 66.16
C GLN B 583 93.48 5.29 65.69
N ILE B 584 93.68 4.55 64.60
CA ILE B 584 95.01 4.27 64.06
C ILE B 584 95.83 5.51 63.68
N MET B 585 95.17 6.58 63.26
CA MET B 585 95.90 7.66 62.63
C MET B 585 95.73 9.05 63.27
N GLN B 586 94.75 9.22 64.17
CA GLN B 586 94.75 10.45 64.98
C GLN B 586 96.22 10.54 65.35
N LYS B 608 106.55 14.31 49.77
CA LYS B 608 107.48 13.39 49.17
C LYS B 608 106.51 13.30 48.00
N VAL B 609 106.76 14.12 46.96
CA VAL B 609 105.70 14.60 46.04
C VAL B 609 104.79 13.57 45.34
N GLU B 610 103.70 13.21 46.01
CA GLU B 610 102.78 12.17 45.56
C GLU B 610 101.38 12.73 45.23
N THR B 611 100.88 12.40 44.05
CA THR B 611 99.51 12.77 43.70
C THR B 611 98.76 11.63 43.05
N ILE B 612 97.44 11.75 43.09
CA ILE B 612 96.48 10.80 42.53
C ILE B 612 95.94 11.33 41.20
N PRO B 613 96.56 10.96 40.06
CA PRO B 613 96.29 11.75 38.84
C PRO B 613 94.81 11.93 38.58
N PHE B 614 94.46 13.16 38.24
CA PHE B 614 93.15 13.49 37.72
C PHE B 614 92.41 12.40 36.95
N LEU B 615 93.15 11.42 36.44
CA LEU B 615 92.57 10.30 35.70
C LEU B 615 93.14 9.00 36.22
N HIS B 616 92.39 8.31 37.08
CA HIS B 616 92.89 7.08 37.64
C HIS B 616 91.82 5.99 37.67
N LEU B 617 92.28 4.73 37.63
CA LEU B 617 91.41 3.59 37.83
C LEU B 617 91.41 3.32 39.32
N ARG B 618 90.64 2.33 39.74
CA ARG B 618 90.60 1.95 41.15
C ARG B 618 90.43 0.44 41.26
N LYS B 619 90.59 -0.10 42.46
CA LYS B 619 90.28 -1.50 42.72
C LYS B 619 89.54 -1.61 44.03
N LYS B 620 88.82 -2.71 44.20
CA LYS B 620 88.02 -2.86 45.41
C LYS B 620 88.81 -3.48 46.56
N ASP B 621 88.59 -2.93 47.76
CA ASP B 621 89.15 -3.47 48.99
C ASP B 621 88.41 -4.74 49.39
N GLU B 622 88.95 -5.48 50.34
CA GLU B 622 88.21 -6.58 50.96
C GLU B 622 86.87 -6.04 51.40
N PHE B 623 86.89 -4.81 51.89
CA PHE B 623 85.68 -4.11 52.26
C PHE B 623 85.25 -3.24 51.09
N GLY B 624 84.74 -3.89 50.05
CA GLY B 624 84.30 -3.24 48.82
C GLY B 624 84.47 -1.73 48.72
N ASN B 625 85.72 -1.28 48.64
CA ASN B 625 86.03 0.13 48.53
C ASN B 625 86.80 0.40 47.26
N TRP B 626 86.46 1.47 46.56
CA TRP B 626 87.17 1.79 45.35
C TRP B 626 88.31 2.73 45.67
N GLU B 627 89.50 2.16 45.86
CA GLU B 627 90.68 2.89 46.27
C GLU B 627 91.65 3.03 45.11
N TYR B 628 92.27 4.19 45.00
CA TYR B 628 93.23 4.46 43.94
C TYR B 628 94.31 3.37 43.80
N SER B 629 94.35 2.74 42.63
CA SER B 629 95.36 1.76 42.28
C SER B 629 96.33 2.30 41.24
N LYS B 630 97.54 2.61 41.67
CA LYS B 630 98.56 3.09 40.73
C LYS B 630 98.82 2.06 39.64
N LYS B 631 98.77 0.78 40.00
CA LYS B 631 99.09 -0.28 39.03
C LYS B 631 98.26 -0.12 37.78
N LEU B 632 96.96 0.06 37.98
CA LEU B 632 96.02 0.22 36.88
C LEU B 632 96.16 1.60 36.29
N THR B 633 95.97 2.61 37.14
CA THR B 633 96.04 3.99 36.67
C THR B 633 97.23 4.12 35.73
N GLY B 634 98.27 3.35 36.03
CA GLY B 634 99.45 3.32 35.20
C GLY B 634 99.05 2.68 33.90
N ILE B 635 98.86 1.37 33.96
CA ILE B 635 98.58 0.57 32.75
C ILE B 635 97.57 1.25 31.80
N TYR B 636 96.67 2.05 32.39
CA TYR B 636 95.71 2.82 31.61
C TYR B 636 96.42 3.99 31.00
N LEU B 637 96.83 4.90 31.85
CA LEU B 637 97.41 6.16 31.44
C LEU B 637 98.50 5.97 30.42
N ASP B 638 99.13 4.81 30.48
CA ASP B 638 100.19 4.47 29.55
C ASP B 638 99.64 4.40 28.13
N GLY B 639 98.62 3.58 27.96
CA GLY B 639 97.93 3.49 26.69
C GLY B 639 97.37 4.85 26.28
N LEU B 640 96.79 5.55 27.25
CA LEU B 640 96.23 6.88 27.03
C LEU B 640 97.26 7.80 26.39
N GLU B 641 98.52 7.62 26.76
CA GLU B 641 99.64 8.37 26.19
C GLU B 641 100.00 7.80 24.82
N ALA B 642 100.14 6.48 24.77
CA ALA B 642 100.41 5.76 23.53
C ALA B 642 99.40 6.12 22.45
N ALA B 643 98.18 6.42 22.87
CA ALA B 643 97.15 6.90 21.97
C ALA B 643 97.56 8.26 21.43
N ALA B 644 97.84 9.21 22.32
CA ALA B 644 98.16 10.58 21.91
C ALA B 644 99.34 10.65 20.94
N ARG B 645 100.15 9.61 20.94
CA ARG B 645 101.34 9.54 20.13
C ARG B 645 101.06 8.95 18.76
N SER B 646 101.06 7.61 18.74
CA SER B 646 100.98 6.83 17.50
C SER B 646 99.55 6.42 17.22
N GLY B 647 98.61 7.01 17.96
CA GLY B 647 97.21 6.74 17.76
C GLY B 647 96.72 5.44 18.35
N LEU B 648 95.56 5.01 17.86
CA LEU B 648 94.82 3.91 18.45
C LEU B 648 93.82 3.42 17.43
N THR B 649 93.88 2.12 17.11
CA THR B 649 93.00 1.52 16.10
C THR B 649 91.86 0.72 16.71
N PHE B 650 90.75 0.69 15.96
CA PHE B 650 89.61 -0.09 16.37
C PHE B 650 89.23 -1.09 15.29
N GLN B 651 90.16 -1.28 14.35
CA GLN B 651 89.96 -2.19 13.24
C GLN B 651 89.27 -3.49 13.65
N GLY B 652 88.23 -3.86 12.91
CA GLY B 652 87.54 -5.13 13.10
C GLY B 652 86.52 -5.14 14.22
N LYS B 653 86.44 -4.03 14.94
CA LYS B 653 85.54 -3.96 16.07
C LYS B 653 84.15 -3.54 15.62
N HIS B 654 83.15 -4.07 16.31
CA HIS B 654 81.77 -3.68 16.10
C HIS B 654 81.28 -3.00 17.38
N ALA B 655 80.56 -1.89 17.26
CA ALA B 655 80.02 -1.27 18.47
C ALA B 655 78.69 -0.57 18.31
N LEU B 656 77.89 -0.65 19.36
CA LEU B 656 76.59 0.00 19.43
C LEU B 656 76.70 1.27 20.30
N MET B 657 76.11 2.38 19.86
CA MET B 657 76.17 3.64 20.60
C MET B 657 74.86 4.37 20.61
N THR B 658 74.32 4.58 21.79
CA THR B 658 73.10 5.37 21.94
C THR B 658 73.42 6.68 22.63
N GLY B 659 72.78 7.76 22.20
CA GLY B 659 73.02 9.04 22.83
C GLY B 659 74.13 9.78 22.11
N ALA B 660 74.39 9.35 20.89
CA ALA B 660 75.45 9.96 20.09
C ALA B 660 74.92 11.17 19.34
N GLY B 661 74.10 11.96 20.02
CA GLY B 661 73.49 13.12 19.41
C GLY B 661 74.53 14.07 18.89
N ALA B 662 74.14 14.93 17.96
CA ALA B 662 75.00 16.00 17.46
C ALA B 662 75.59 16.84 18.62
N GLY B 663 76.90 17.04 18.61
CA GLY B 663 77.55 17.81 19.67
C GLY B 663 77.48 17.22 21.08
N SER B 664 77.62 15.90 21.21
CA SER B 664 77.65 15.28 22.53
C SER B 664 78.92 14.49 22.70
N ILE B 665 79.18 14.06 23.93
CA ILE B 665 80.31 13.18 24.18
C ILE B 665 80.24 12.00 23.26
N GLY B 666 79.08 11.34 23.22
CA GLY B 666 78.90 10.25 22.30
C GLY B 666 79.35 10.61 20.87
N ALA B 667 78.99 11.82 20.43
CA ALA B 667 79.26 12.24 19.07
C ALA B 667 80.74 12.14 18.75
N GLU B 668 81.56 12.54 19.71
CA GLU B 668 82.99 12.52 19.53
C GLU B 668 83.53 11.11 19.58
N VAL B 669 83.12 10.35 20.59
CA VAL B 669 83.55 8.97 20.73
C VAL B 669 83.27 8.28 19.43
N LEU B 670 82.14 8.62 18.81
CA LEU B 670 81.76 8.01 17.54
C LEU B 670 82.86 8.18 16.51
N GLN B 671 83.16 9.45 16.19
CA GLN B 671 84.20 9.79 15.23
C GLN B 671 85.49 9.08 15.54
N GLY B 672 85.74 8.90 16.83
CA GLY B 672 86.86 8.12 17.30
C GLY B 672 86.87 6.74 16.65
N LEU B 673 85.91 5.90 17.04
CA LEU B 673 85.85 4.55 16.51
C LEU B 673 85.78 4.52 14.98
N LEU B 674 85.24 5.58 14.40
CA LEU B 674 85.08 5.63 12.96
C LEU B 674 86.43 5.81 12.28
N SER B 675 87.36 6.47 12.97
CA SER B 675 88.73 6.63 12.47
C SER B 675 89.55 5.35 12.60
N GLY B 676 89.25 4.53 13.62
CA GLY B 676 89.74 3.17 13.67
C GLY B 676 88.84 2.48 12.68
N GLY B 677 89.14 1.23 12.34
CA GLY B 677 88.34 0.55 11.33
C GLY B 677 86.99 0.05 11.80
N ALA B 678 86.37 0.80 12.71
CA ALA B 678 85.24 0.28 13.46
C ALA B 678 83.90 0.40 12.74
N LYS B 679 83.12 -0.67 12.79
CA LYS B 679 81.75 -0.65 12.32
C LYS B 679 80.83 -0.43 13.50
N VAL B 680 80.04 0.64 13.45
CA VAL B 680 79.17 0.97 14.55
C VAL B 680 77.76 1.29 14.11
N ILE B 681 76.82 0.94 14.97
CA ILE B 681 75.42 1.24 14.76
C ILE B 681 75.03 2.34 15.74
N VAL B 682 74.58 3.47 15.21
CA VAL B 682 74.23 4.62 16.03
C VAL B 682 72.72 4.80 16.07
N THR B 683 72.17 5.09 17.25
CA THR B 683 70.73 5.36 17.36
C THR B 683 70.39 6.83 17.50
N THR B 684 69.31 7.24 16.81
CA THR B 684 68.71 8.56 16.98
C THR B 684 67.21 8.55 17.24
N SER B 685 66.82 9.28 18.27
CA SER B 685 65.44 9.39 18.70
C SER B 685 64.78 10.56 18.04
N ARG B 686 65.51 11.22 17.15
CA ARG B 686 64.97 12.36 16.44
C ARG B 686 65.39 12.25 14.99
N PHE B 687 65.10 11.09 14.41
CA PHE B 687 65.56 10.71 13.09
C PHE B 687 65.01 11.70 12.03
N SER B 688 65.82 12.67 11.64
CA SER B 688 65.41 13.62 10.62
C SER B 688 66.17 13.38 9.34
N ARG B 689 66.00 14.28 8.39
CA ARG B 689 66.88 14.29 7.25
C ARG B 689 68.15 14.89 7.78
N GLN B 690 68.00 15.99 8.50
CA GLN B 690 69.14 16.74 9.01
C GLN B 690 70.06 15.84 9.84
N VAL B 691 69.46 15.02 10.70
CA VAL B 691 70.21 14.09 11.53
C VAL B 691 70.87 13.01 10.67
N THR B 692 70.15 12.54 9.65
CA THR B 692 70.70 11.60 8.70
C THR B 692 71.95 12.23 8.10
N GLU B 693 71.78 13.44 7.61
CA GLU B 693 72.84 14.13 6.90
C GLU B 693 74.08 14.31 7.78
N TYR B 694 73.86 14.84 8.97
CA TYR B 694 74.89 14.96 9.99
C TYR B 694 75.83 13.77 10.10
N TYR B 695 75.27 12.60 10.41
CA TYR B 695 76.04 11.38 10.53
C TYR B 695 76.73 11.02 9.25
N GLN B 696 76.14 11.37 8.12
CA GLN B 696 76.83 11.23 6.84
C GLN B 696 78.07 12.12 6.85
N GLY B 697 77.86 13.40 7.17
CA GLY B 697 78.94 14.36 7.22
C GLY B 697 80.11 13.80 7.98
N ILE B 698 79.80 13.21 9.13
CA ILE B 698 80.80 12.51 9.93
C ILE B 698 81.53 11.43 9.13
N TYR B 699 80.82 10.39 8.74
CA TYR B 699 81.43 9.27 8.05
C TYR B 699 82.21 9.69 6.83
N ALA B 700 81.83 10.81 6.22
CA ALA B 700 82.50 11.28 5.01
C ALA B 700 83.93 11.69 5.35
N ARG B 701 84.12 12.09 6.60
CA ARG B 701 85.37 12.68 7.04
C ARG B 701 86.12 11.87 8.11
N CYS B 702 85.49 10.81 8.62
CA CYS B 702 86.11 10.00 9.68
C CYS B 702 86.26 8.57 9.23
N GLY B 703 85.35 8.13 8.37
CA GLY B 703 85.28 6.75 7.95
C GLY B 703 86.54 6.21 7.30
N ALA B 704 87.36 5.59 8.11
CA ALA B 704 88.57 4.96 7.63
C ALA B 704 88.20 3.74 6.83
N ARG B 705 89.15 3.24 6.06
CA ARG B 705 89.00 1.95 5.38
C ARG B 705 88.44 0.92 6.37
N GLY B 706 87.48 0.13 5.93
CA GLY B 706 86.95 -0.93 6.76
C GLY B 706 85.82 -0.52 7.69
N SER B 707 85.70 0.78 7.94
CA SER B 707 84.69 1.28 8.86
C SER B 707 83.31 1.23 8.24
N GLN B 708 82.28 1.38 9.06
CA GLN B 708 80.91 1.43 8.59
C GLN B 708 80.03 2.12 9.62
N LEU B 709 79.14 2.98 9.14
CA LEU B 709 78.20 3.66 10.02
C LEU B 709 76.80 3.23 9.63
N VAL B 710 76.00 2.86 10.62
CA VAL B 710 74.64 2.45 10.38
C VAL B 710 73.72 3.21 11.30
N VAL B 711 73.03 4.21 10.78
CA VAL B 711 72.10 4.96 11.59
C VAL B 711 70.68 4.43 11.51
N VAL B 712 69.93 4.68 12.57
CA VAL B 712 68.72 3.94 12.84
C VAL B 712 67.91 4.69 13.86
N PRO B 713 66.60 4.79 13.66
CA PRO B 713 65.77 5.50 14.62
C PRO B 713 65.60 4.59 15.82
N PHE B 714 65.38 5.12 17.00
CA PHE B 714 65.30 4.28 18.17
C PHE B 714 64.92 5.13 19.35
N ASN B 715 64.17 4.56 20.28
CA ASN B 715 63.77 5.26 21.48
C ASN B 715 64.03 4.39 22.70
N GLN B 716 65.06 4.74 23.46
CA GLN B 716 65.49 3.88 24.55
C GLN B 716 64.45 3.83 25.64
N GLY B 717 63.46 4.72 25.55
CA GLY B 717 62.35 4.67 26.47
C GLY B 717 61.37 3.52 26.23
N SER B 718 61.64 2.73 25.20
CA SER B 718 60.69 1.72 24.78
C SER B 718 61.26 0.32 24.87
N LYS B 719 60.75 -0.44 25.83
CA LYS B 719 61.14 -1.82 26.01
C LYS B 719 61.22 -2.51 24.68
N GLN B 720 60.17 -2.31 23.86
CA GLN B 720 60.00 -3.01 22.59
C GLN B 720 61.13 -2.70 21.64
N ASP B 721 61.43 -1.42 21.52
CA ASP B 721 62.52 -0.95 20.69
C ASP B 721 63.83 -1.60 21.08
N VAL B 722 64.11 -1.58 22.37
CA VAL B 722 65.34 -2.17 22.87
C VAL B 722 65.53 -3.56 22.33
N GLU B 723 64.55 -4.44 22.56
CA GLU B 723 64.65 -5.83 22.10
C GLU B 723 64.65 -5.93 20.59
N ALA B 724 63.97 -4.98 19.95
CA ALA B 724 63.94 -4.92 18.49
C ALA B 724 65.29 -4.52 17.89
N LEU B 725 65.85 -3.44 18.43
CA LEU B 725 67.14 -2.96 17.98
C LEU B 725 68.10 -4.11 18.03
N VAL B 726 68.24 -4.67 19.20
CA VAL B 726 69.19 -5.74 19.42
C VAL B 726 69.07 -6.80 18.34
N ASN B 727 67.83 -7.15 18.00
CA ASN B 727 67.60 -8.23 17.05
C ASN B 727 68.07 -7.89 15.65
N TYR B 728 67.79 -6.66 15.21
CA TYR B 728 68.27 -6.18 13.93
C TYR B 728 69.77 -6.34 13.87
N ILE B 729 70.39 -6.05 15.01
CA ILE B 729 71.85 -6.08 15.11
C ILE B 729 72.41 -7.47 14.90
N TYR B 730 71.73 -8.48 15.43
CA TYR B 730 72.25 -9.83 15.43
C TYR B 730 71.68 -10.72 14.34
N ASP B 731 70.49 -10.41 13.85
CA ASP B 731 69.85 -11.28 12.88
C ASP B 731 70.71 -11.49 11.65
N THR B 732 71.01 -12.75 11.36
CA THR B 732 71.85 -13.09 10.21
C THR B 732 71.17 -12.73 8.87
N LYS B 733 69.91 -13.15 8.72
CA LYS B 733 69.20 -13.09 7.43
C LYS B 733 68.81 -11.68 7.03
N ASN B 734 67.84 -11.12 7.76
CA ASN B 734 67.34 -9.80 7.44
C ASN B 734 67.92 -8.67 8.28
N GLY B 735 68.65 -9.04 9.34
CA GLY B 735 69.33 -8.07 10.17
C GLY B 735 70.66 -7.67 9.57
N LEU B 736 71.49 -6.96 10.34
CA LEU B 736 72.86 -6.69 9.89
C LEU B 736 73.87 -7.63 10.56
N GLY B 737 73.35 -8.71 11.13
CA GLY B 737 74.12 -9.86 11.58
C GLY B 737 75.50 -9.62 12.13
N TRP B 738 75.60 -8.70 13.10
CA TRP B 738 76.85 -8.42 13.77
C TRP B 738 76.96 -9.20 15.08
N ASP B 739 78.04 -8.92 15.81
CA ASP B 739 78.18 -9.26 17.23
C ASP B 739 78.94 -8.09 17.83
N LEU B 740 78.51 -7.66 19.01
CA LEU B 740 79.02 -6.40 19.55
C LEU B 740 80.34 -6.52 20.35
N ASP B 741 81.23 -5.56 20.13
CA ASP B 741 82.50 -5.49 20.85
C ASP B 741 82.43 -4.41 21.92
N TYR B 742 81.72 -3.33 21.61
CA TYR B 742 81.53 -2.26 22.55
C TYR B 742 80.05 -1.89 22.62
N VAL B 743 79.63 -1.46 23.80
CA VAL B 743 78.32 -0.90 23.99
C VAL B 743 78.48 0.40 24.76
N VAL B 744 77.95 1.48 24.21
CA VAL B 744 78.11 2.80 24.76
C VAL B 744 76.75 3.46 24.96
N PRO B 745 76.05 3.12 26.06
CA PRO B 745 74.67 3.48 26.42
C PRO B 745 74.51 4.89 26.94
N PHE B 746 74.86 5.87 26.13
CA PHE B 746 74.84 7.26 26.56
C PHE B 746 73.48 7.93 26.37
N ALA B 747 72.42 7.16 26.24
CA ALA B 747 71.14 7.79 26.00
C ALA B 747 70.70 8.49 27.27
N ALA B 748 70.24 9.74 27.17
CA ALA B 748 69.79 10.44 28.37
C ALA B 748 68.90 11.66 28.16
N ILE B 749 68.05 11.92 29.14
CA ILE B 749 67.16 13.07 29.15
C ILE B 749 67.49 14.05 30.28
N PRO B 750 67.46 15.34 29.96
CA PRO B 750 67.55 16.45 30.91
C PRO B 750 66.32 16.53 31.82
N GLU B 751 66.42 16.02 33.04
CA GLU B 751 65.33 16.14 34.00
C GLU B 751 65.55 17.27 35.01
N ASN B 752 66.24 18.32 34.56
CA ASN B 752 66.53 19.51 35.35
C ASN B 752 65.31 20.07 36.08
N GLY B 753 65.51 20.54 37.30
CA GLY B 753 64.51 21.36 37.99
C GLY B 753 63.68 20.73 39.09
N ARG B 754 63.84 19.44 39.32
CA ARG B 754 62.98 18.76 40.25
C ARG B 754 63.67 18.08 41.43
N GLU B 755 63.14 18.34 42.62
CA GLU B 755 63.55 17.66 43.83
C GLU B 755 62.66 16.45 44.08
N ILE B 756 62.92 15.70 45.14
CA ILE B 756 62.05 14.58 45.51
C ILE B 756 60.67 15.14 45.73
N ASP B 757 60.64 16.44 45.97
CA ASP B 757 59.44 17.24 45.97
C ASP B 757 58.46 16.74 44.93
N SER B 758 58.98 16.50 43.73
CA SER B 758 58.14 16.31 42.57
C SER B 758 58.83 15.52 41.46
N ILE B 759 58.81 14.20 41.61
CA ILE B 759 59.24 13.28 40.55
C ILE B 759 58.09 13.11 39.58
N ASP B 760 58.15 13.80 38.45
CA ASP B 760 57.01 13.84 37.53
C ASP B 760 57.08 12.78 36.45
N SER B 761 56.29 13.00 35.41
CA SER B 761 56.22 12.12 34.27
C SER B 761 57.61 12.03 33.68
N LYS B 762 58.17 13.18 33.37
CA LYS B 762 59.45 13.23 32.70
C LYS B 762 60.48 12.43 33.47
N SER B 763 60.51 12.61 34.78
CA SER B 763 61.49 11.93 35.61
C SER B 763 61.34 10.42 35.51
N GLU B 764 60.11 9.94 35.64
CA GLU B 764 59.89 8.50 35.59
C GLU B 764 60.35 7.96 34.26
N LEU B 765 60.06 8.72 33.22
CA LEU B 765 60.46 8.35 31.88
C LEU B 765 61.96 8.35 31.80
N ALA B 766 62.57 9.43 32.24
CA ALA B 766 64.00 9.55 32.15
C ALA B 766 64.67 8.37 32.87
N HIS B 767 64.18 8.08 34.07
CA HIS B 767 64.76 7.00 34.82
C HIS B 767 64.68 5.72 34.00
N ARG B 768 63.60 5.58 33.23
CA ARG B 768 63.39 4.35 32.46
C ARG B 768 64.36 4.27 31.29
N ILE B 769 64.70 5.41 30.71
CA ILE B 769 65.67 5.43 29.63
C ILE B 769 67.05 5.16 30.20
N MET B 770 67.35 5.87 31.30
CA MET B 770 68.69 5.89 31.86
C MET B 770 69.08 4.69 32.73
N LEU B 771 68.11 3.86 33.11
CA LEU B 771 68.41 2.70 33.93
C LEU B 771 67.71 1.41 33.49
N THR B 772 66.39 1.32 33.71
CA THR B 772 65.65 0.07 33.47
C THR B 772 65.84 -0.47 32.07
N ASN B 773 65.76 0.40 31.06
CA ASN B 773 65.90 -0.05 29.69
C ASN B 773 67.36 -0.22 29.30
N LEU B 774 68.23 0.52 29.96
CA LEU B 774 69.66 0.37 29.75
C LEU B 774 70.06 -1.03 30.15
N LEU B 775 69.65 -1.42 31.34
CA LEU B 775 69.97 -2.75 31.81
C LEU B 775 69.43 -3.78 30.84
N ARG B 776 68.24 -3.50 30.33
CA ARG B 776 67.56 -4.44 29.45
C ARG B 776 68.31 -4.48 28.13
N LEU B 777 68.89 -3.37 27.71
CA LEU B 777 69.67 -3.31 26.48
C LEU B 777 70.86 -4.25 26.62
N LEU B 778 71.57 -4.13 27.74
CA LEU B 778 72.66 -5.04 28.03
C LEU B 778 72.13 -6.47 28.08
N GLY B 779 71.11 -6.69 28.90
CA GLY B 779 70.50 -8.00 29.01
C GLY B 779 70.22 -8.63 27.67
N ALA B 780 69.59 -7.87 26.78
CA ALA B 780 69.25 -8.32 25.44
C ALA B 780 70.47 -8.80 24.69
N ILE B 781 71.46 -7.94 24.57
CA ILE B 781 72.71 -8.28 23.93
C ILE B 781 73.29 -9.59 24.44
N LYS B 782 73.31 -9.76 25.76
CA LYS B 782 73.84 -10.99 26.37
C LYS B 782 73.15 -12.23 25.84
N THR B 783 71.85 -12.31 26.06
CA THR B 783 71.09 -13.50 25.65
C THR B 783 71.28 -13.76 24.18
N GLN B 784 71.35 -12.70 23.37
CA GLN B 784 71.69 -12.85 21.96
C GLN B 784 72.97 -13.68 21.80
N LYS B 785 74.04 -13.22 22.44
CA LYS B 785 75.31 -13.94 22.42
C LYS B 785 75.15 -15.37 22.93
N LYS B 786 74.54 -15.50 24.11
CA LYS B 786 74.43 -16.80 24.77
C LYS B 786 73.84 -17.78 23.81
N GLU B 787 72.72 -17.39 23.22
CA GLU B 787 72.00 -18.22 22.28
C GLU B 787 72.80 -18.48 21.02
N ARG B 788 73.45 -17.45 20.50
CA ARG B 788 74.15 -17.60 19.24
C ARG B 788 75.51 -18.26 19.40
N GLY B 789 75.80 -18.75 20.60
CA GLY B 789 77.03 -19.48 20.87
C GLY B 789 78.27 -18.61 20.89
N TYR B 790 78.05 -17.30 20.85
CA TYR B 790 79.13 -16.32 20.88
C TYR B 790 79.72 -16.25 22.29
N GLU B 791 80.66 -17.14 22.56
CA GLU B 791 81.12 -17.35 23.93
C GLU B 791 82.43 -16.60 24.24
N THR B 792 83.28 -16.44 23.24
CA THR B 792 84.63 -15.93 23.42
C THR B 792 84.81 -14.48 22.95
N ARG B 793 83.75 -13.68 22.95
CA ARG B 793 83.88 -12.30 22.49
C ARG B 793 83.04 -11.35 23.32
N PRO B 794 83.33 -11.25 24.62
CA PRO B 794 82.59 -10.36 25.50
C PRO B 794 82.48 -8.95 24.93
N ALA B 795 81.39 -8.27 25.25
CA ALA B 795 81.19 -6.91 24.79
C ALA B 795 81.45 -5.93 25.93
N GLN B 796 82.32 -4.98 25.67
CA GLN B 796 82.72 -4.02 26.69
C GLN B 796 81.69 -2.92 26.83
N VAL B 797 81.14 -2.81 28.03
CA VAL B 797 80.12 -1.81 28.29
C VAL B 797 80.69 -0.60 29.00
N ILE B 798 80.62 0.55 28.33
CA ILE B 798 81.08 1.80 28.92
C ILE B 798 79.96 2.49 29.71
N LEU B 799 79.69 1.99 30.91
CA LEU B 799 78.73 2.60 31.83
C LEU B 799 79.06 4.07 32.14
N PRO B 800 78.24 5.01 31.66
CA PRO B 800 78.49 6.40 32.04
C PRO B 800 77.99 6.65 33.46
N LEU B 801 78.85 6.46 34.46
CA LEU B 801 78.50 6.74 35.86
C LEU B 801 78.80 8.19 36.18
N SER B 802 78.39 8.60 37.38
CA SER B 802 78.53 10.00 37.78
C SER B 802 79.16 10.12 39.17
N PRO B 803 79.81 11.27 39.41
CA PRO B 803 80.29 11.79 40.70
C PRO B 803 79.13 12.33 41.54
N ASN B 804 78.13 12.88 40.88
CA ASN B 804 76.96 13.37 41.60
C ASN B 804 76.08 12.22 42.01
N HIS B 805 76.14 11.85 43.28
CA HIS B 805 75.14 10.95 43.81
C HIS B 805 74.26 11.67 44.82
N GLY B 806 73.65 12.77 44.39
CA GLY B 806 72.71 13.48 45.22
C GLY B 806 73.34 14.70 45.85
N THR B 807 74.57 15.02 45.45
CA THR B 807 75.31 16.17 45.99
C THR B 807 74.82 17.49 45.43
N PHE B 808 74.37 17.47 44.18
CA PHE B 808 73.81 18.64 43.52
C PHE B 808 72.30 18.69 43.71
N GLY B 809 71.71 19.86 43.49
CA GLY B 809 70.28 20.06 43.68
C GLY B 809 69.30 19.19 42.88
N ASN B 810 68.59 19.82 41.96
CA ASN B 810 67.38 19.27 41.36
C ASN B 810 67.59 18.21 40.27
N ASP B 811 68.41 17.21 40.55
CA ASP B 811 68.60 16.12 39.60
C ASP B 811 67.28 15.52 39.22
N GLY B 812 66.43 15.31 40.23
CA GLY B 812 65.16 14.65 40.04
C GLY B 812 65.35 13.29 39.38
N LEU B 813 65.61 12.26 40.18
CA LEU B 813 65.73 10.90 39.66
C LEU B 813 66.98 10.69 38.80
N TYR B 814 67.84 11.70 38.69
CA TYR B 814 69.05 11.53 37.89
C TYR B 814 70.06 10.70 38.63
N SER B 815 70.48 11.23 39.77
CA SER B 815 71.39 10.54 40.67
C SER B 815 70.96 9.09 40.92
N GLU B 816 69.66 8.91 41.13
CA GLU B 816 69.12 7.61 41.45
C GLU B 816 69.47 6.64 40.37
N SER B 817 69.37 7.08 39.13
CA SER B 817 69.71 6.23 38.00
C SER B 817 71.22 5.96 37.97
N LYS B 818 72.01 7.02 37.98
CA LYS B 818 73.46 6.92 37.81
C LYS B 818 74.14 6.11 38.90
N LEU B 819 73.55 6.12 40.09
CA LEU B 819 74.06 5.37 41.21
C LEU B 819 73.72 3.90 41.04
N ALA B 820 72.47 3.63 40.72
CA ALA B 820 71.99 2.26 40.59
C ALA B 820 72.85 1.51 39.61
N LEU B 821 73.32 2.21 38.59
CA LEU B 821 74.09 1.57 37.54
C LEU B 821 75.27 0.80 38.10
N GLU B 822 75.73 1.24 39.26
CA GLU B 822 76.96 0.75 39.84
C GLU B 822 76.78 -0.57 40.51
N THR B 823 75.55 -1.03 40.64
CA THR B 823 75.29 -2.36 41.18
C THR B 823 75.76 -3.37 40.18
N LEU B 824 76.11 -2.87 39.00
CA LEU B 824 76.59 -3.73 37.94
C LEU B 824 77.99 -4.22 38.24
N PHE B 825 78.75 -3.40 38.95
CA PHE B 825 80.11 -3.74 39.34
C PHE B 825 80.15 -5.09 40.02
N ASN B 826 79.09 -5.41 40.77
CA ASN B 826 79.00 -6.67 41.50
C ASN B 826 78.24 -7.76 40.78
N ARG B 827 77.17 -7.36 40.09
CA ARG B 827 76.39 -8.29 39.31
C ARG B 827 77.28 -9.04 38.31
N TRP B 828 78.33 -8.37 37.84
CA TRP B 828 79.22 -9.00 36.88
C TRP B 828 79.82 -10.26 37.47
N TYR B 829 79.94 -10.28 38.80
CA TYR B 829 80.51 -11.40 39.53
C TYR B 829 79.45 -12.43 39.91
N SER B 830 78.38 -11.96 40.56
CA SER B 830 77.32 -12.82 41.06
C SER B 830 76.54 -13.52 39.95
N GLU B 831 76.04 -12.74 39.01
CA GLU B 831 75.23 -13.29 37.92
C GLU B 831 76.04 -13.88 36.79
N SER B 832 75.36 -14.61 35.91
CA SER B 832 76.00 -15.52 34.96
C SER B 832 76.25 -14.94 33.55
N TRP B 833 76.63 -13.67 33.47
CA TRP B 833 76.84 -13.06 32.18
C TRP B 833 78.22 -12.52 32.02
N GLY B 834 79.10 -12.95 32.92
CA GLY B 834 80.45 -12.44 32.99
C GLY B 834 81.18 -12.42 31.66
N ASN B 835 81.05 -13.50 30.89
CA ASN B 835 81.82 -13.65 29.65
C ASN B 835 81.06 -13.28 28.38
N TYR B 836 79.98 -12.53 28.56
CA TYR B 836 79.24 -11.98 27.43
C TYR B 836 79.40 -10.46 27.46
N LEU B 837 79.26 -9.90 28.66
CA LEU B 837 79.38 -8.48 28.89
C LEU B 837 80.48 -8.23 29.90
N THR B 838 81.32 -7.25 29.65
CA THR B 838 82.26 -6.80 30.65
C THR B 838 81.90 -5.36 31.01
N ILE B 839 82.09 -5.02 32.29
CA ILE B 839 81.69 -3.72 32.78
C ILE B 839 82.87 -2.82 33.05
N CYS B 840 82.84 -1.65 32.40
CA CYS B 840 83.84 -0.59 32.59
C CYS B 840 83.15 0.68 33.07
N GLY B 841 83.08 0.86 34.39
CA GLY B 841 82.42 2.02 34.96
C GLY B 841 83.16 3.35 34.80
N ALA B 842 82.97 3.98 33.64
CA ALA B 842 83.54 5.30 33.40
C ALA B 842 82.73 6.33 34.16
N VAL B 843 83.33 6.94 35.17
CA VAL B 843 82.68 8.08 35.80
C VAL B 843 83.13 9.37 35.11
N ILE B 844 82.30 9.83 34.19
CA ILE B 844 82.59 11.02 33.40
C ILE B 844 82.52 12.27 34.27
N GLY B 845 83.46 13.17 34.07
CA GLY B 845 83.48 14.41 34.82
C GLY B 845 83.12 15.61 33.96
N TRP B 846 82.90 16.74 34.61
CA TRP B 846 82.57 18.00 33.98
C TRP B 846 83.05 18.14 32.53
N THR B 847 82.13 18.06 31.55
CA THR B 847 82.53 18.35 30.17
C THR B 847 81.84 19.61 29.67
N ARG B 848 82.60 20.70 29.66
CA ARG B 848 82.05 22.02 29.37
C ARG B 848 81.54 22.10 27.94
N GLY B 849 82.07 21.24 27.08
CA GLY B 849 81.59 21.17 25.71
C GLY B 849 80.06 21.25 25.71
N THR B 850 79.51 22.01 24.78
CA THR B 850 78.06 22.19 24.68
C THR B 850 77.28 20.84 24.75
N GLY B 851 76.70 20.55 25.92
CA GLY B 851 76.00 19.29 26.16
C GLY B 851 74.94 19.36 27.26
N LEU B 852 75.02 18.46 28.24
CA LEU B 852 74.11 18.46 29.38
C LEU B 852 74.66 19.34 30.52
N MET B 853 75.78 20.02 30.26
CA MET B 853 76.35 20.98 31.22
C MET B 853 76.72 22.32 30.55
N SER B 854 75.79 22.87 29.78
CA SER B 854 76.04 24.07 28.96
C SER B 854 76.16 25.40 29.70
N ALA B 855 75.19 25.71 30.55
CA ALA B 855 75.19 26.98 31.26
C ALA B 855 76.26 26.95 32.34
N ASN B 856 76.81 25.76 32.54
CA ASN B 856 77.86 25.57 33.50
C ASN B 856 79.23 25.95 32.95
N ASN B 857 79.25 26.72 31.87
CA ASN B 857 80.51 27.13 31.27
C ASN B 857 81.00 28.49 31.76
N LEU B 858 80.06 29.31 32.20
CA LEU B 858 80.40 30.60 32.74
C LEU B 858 81.29 30.37 33.94
N VAL B 859 80.91 29.37 34.72
CA VAL B 859 81.61 29.06 35.95
C VAL B 859 82.70 28.05 35.68
N ALA B 860 82.88 27.70 34.43
CA ALA B 860 83.86 26.69 34.05
C ALA B 860 85.26 27.07 34.50
N GLU B 861 85.73 28.22 34.04
CA GLU B 861 87.08 28.64 34.37
C GLU B 861 87.18 28.98 35.85
N GLY B 862 86.10 29.52 36.42
CA GLY B 862 86.06 29.84 37.84
C GLY B 862 86.38 28.67 38.76
N VAL B 863 85.63 27.59 38.60
CA VAL B 863 85.85 26.39 39.40
C VAL B 863 87.23 25.82 39.15
N GLU B 864 87.72 26.00 37.93
CA GLU B 864 88.99 25.43 37.51
C GLU B 864 90.13 26.17 38.21
N LYS B 865 89.87 27.44 38.55
CA LYS B 865 90.82 28.25 39.30
C LYS B 865 91.31 27.51 40.52
N LEU B 866 90.44 26.76 41.16
CA LEU B 866 90.78 26.12 42.44
C LEU B 866 91.72 24.93 42.30
N GLY B 867 92.43 24.86 41.18
CA GLY B 867 93.47 23.86 41.00
C GLY B 867 92.97 22.51 40.54
N VAL B 868 91.84 22.55 39.85
CA VAL B 868 91.15 21.34 39.43
C VAL B 868 90.88 21.51 37.93
N ARG B 869 90.43 20.46 37.25
CA ARG B 869 90.36 20.51 35.79
C ARG B 869 89.00 20.14 35.17
N THR B 870 88.53 20.94 34.23
CA THR B 870 87.37 20.58 33.41
C THR B 870 87.80 20.23 31.99
N PHE B 871 86.94 19.49 31.29
CA PHE B 871 87.35 18.92 30.02
C PHE B 871 86.52 19.43 28.87
N SER B 872 87.12 19.41 27.69
CA SER B 872 86.38 19.59 26.45
C SER B 872 85.85 18.23 26.07
N GLN B 873 84.92 18.19 25.12
CA GLN B 873 84.34 16.92 24.73
C GLN B 873 85.39 16.04 24.07
N GLN B 874 86.13 16.62 23.14
CA GLN B 874 87.15 15.87 22.43
C GLN B 874 88.11 15.21 23.40
N GLU B 875 88.36 15.91 24.51
CA GLU B 875 89.22 15.39 25.57
C GLU B 875 88.54 14.18 26.22
N MET B 876 87.31 14.35 26.70
CA MET B 876 86.58 13.27 27.34
C MET B 876 86.42 12.07 26.42
N ALA B 877 86.25 12.33 25.12
CA ALA B 877 86.11 11.25 24.15
C ALA B 877 87.41 10.48 24.10
N PHE B 878 88.49 11.24 23.99
CA PHE B 878 89.83 10.71 24.07
C PHE B 878 89.92 9.81 25.29
N ASN B 879 89.63 10.37 26.44
CA ASN B 879 89.70 9.65 27.72
C ASN B 879 88.93 8.37 27.70
N LEU B 880 87.75 8.44 27.11
CA LEU B 880 86.86 7.28 27.08
C LEU B 880 87.43 6.27 26.12
N LEU B 881 87.72 6.71 24.89
CA LEU B 881 88.33 5.86 23.87
C LEU B 881 89.55 5.19 24.43
N GLY B 882 90.07 5.79 25.48
CA GLY B 882 91.20 5.21 26.18
C GLY B 882 90.82 3.88 26.81
N LEU B 883 89.71 3.87 27.55
CA LEU B 883 89.30 2.68 28.25
C LEU B 883 88.84 1.65 27.22
N MET B 884 88.79 2.10 25.97
CA MET B 884 88.37 1.26 24.85
C MET B 884 89.58 0.52 24.32
N ALA B 885 90.78 1.01 24.68
CA ALA B 885 92.04 0.46 24.21
C ALA B 885 92.30 -0.94 24.76
N PRO B 886 93.00 -1.76 23.98
CA PRO B 886 93.18 -3.19 24.22
C PRO B 886 93.71 -3.50 25.61
N ALA B 887 94.65 -2.70 26.07
CA ALA B 887 95.20 -2.88 27.41
C ALA B 887 94.09 -3.10 28.44
N ILE B 888 93.26 -2.08 28.58
CA ILE B 888 92.19 -2.05 29.56
C ILE B 888 91.10 -3.07 29.25
N VAL B 889 90.78 -3.22 27.96
CA VAL B 889 89.75 -4.14 27.55
C VAL B 889 89.98 -5.53 28.15
N ASN B 890 91.25 -5.93 28.23
CA ASN B 890 91.57 -7.24 28.78
C ASN B 890 91.45 -7.28 30.29
N LEU B 891 91.72 -6.14 30.93
CA LEU B 891 91.47 -6.02 32.35
C LEU B 891 89.99 -6.28 32.63
N CYS B 892 89.14 -5.68 31.81
CA CYS B 892 87.70 -5.82 31.98
C CYS B 892 87.26 -7.26 31.89
N GLN B 893 87.97 -8.05 31.08
CA GLN B 893 87.57 -9.43 30.83
C GLN B 893 87.84 -10.32 32.01
N SER B 894 88.66 -9.83 32.94
CA SER B 894 88.91 -10.58 34.17
C SER B 894 88.26 -9.90 35.36
N ASP B 895 88.12 -8.58 35.27
CA ASP B 895 87.64 -7.76 36.38
C ASP B 895 87.03 -6.44 35.93
N PRO B 896 85.82 -6.14 36.42
CA PRO B 896 85.19 -4.83 36.24
C PRO B 896 86.18 -3.73 36.55
N VAL B 897 86.07 -2.63 35.82
CA VAL B 897 87.02 -1.53 35.91
C VAL B 897 86.32 -0.28 36.40
N PHE B 898 86.86 0.30 37.46
CA PHE B 898 86.43 1.63 37.87
C PHE B 898 87.38 2.59 37.16
N ALA B 899 86.89 3.77 36.79
CA ALA B 899 87.71 4.68 36.03
C ALA B 899 87.30 6.10 36.30
N ASP B 900 87.83 6.68 37.37
CA ASP B 900 87.55 8.07 37.71
C ASP B 900 88.13 8.98 36.62
N LEU B 901 87.26 9.47 35.72
CA LEU B 901 87.67 10.44 34.72
C LEU B 901 87.12 11.82 35.08
N ASN B 902 87.00 12.04 36.39
CA ASN B 902 86.63 13.34 36.93
C ASN B 902 87.89 14.20 37.10
N GLY B 903 87.78 15.49 36.82
CA GLY B 903 88.94 16.34 36.76
C GLY B 903 89.53 16.60 38.11
N GLY B 904 89.41 15.64 39.02
CA GLY B 904 89.88 15.80 40.38
C GLY B 904 88.96 16.67 41.21
N LEU B 905 87.73 16.86 40.76
CA LEU B 905 86.77 17.67 41.48
C LEU B 905 86.35 16.94 42.75
N GLN B 906 86.93 15.76 42.94
CA GLN B 906 86.61 14.94 44.10
C GLN B 906 87.12 15.58 45.38
N PHE B 907 87.73 16.75 45.25
CA PHE B 907 88.34 17.43 46.38
C PHE B 907 87.68 18.76 46.70
N ILE B 908 87.02 19.35 45.69
CA ILE B 908 86.19 20.53 45.89
C ILE B 908 84.89 20.09 46.54
N PRO B 909 84.78 20.33 47.86
CA PRO B 909 83.56 19.92 48.55
C PRO B 909 82.55 21.06 48.51
N ASP B 910 81.27 20.72 48.56
CA ASP B 910 80.21 21.70 48.34
C ASP B 910 80.42 22.40 47.02
N LEU B 911 80.76 21.63 46.00
CA LEU B 911 80.98 22.18 44.67
C LEU B 911 79.78 22.97 44.19
N LYS B 912 78.57 22.47 44.43
CA LYS B 912 77.38 23.17 43.98
C LYS B 912 77.26 24.55 44.63
N GLY B 913 77.71 24.67 45.88
CA GLY B 913 77.72 25.95 46.54
C GLY B 913 78.68 26.91 45.90
N LEU B 914 79.91 26.46 45.66
CA LEU B 914 80.92 27.24 44.97
C LEU B 914 80.38 27.78 43.64
N MET B 915 79.88 26.87 42.82
CA MET B 915 79.39 27.24 41.50
C MET B 915 78.35 28.33 41.62
N THR B 916 77.27 28.03 42.33
CA THR B 916 76.17 28.97 42.50
C THR B 916 76.66 30.32 43.00
N LYS B 917 77.74 30.30 43.75
CA LYS B 917 78.36 31.52 44.23
C LYS B 917 78.91 32.30 43.05
N LEU B 918 79.72 31.64 42.23
CA LEU B 918 80.28 32.23 41.02
C LEU B 918 79.21 32.62 40.02
N ARG B 919 78.30 31.69 39.79
CA ARG B 919 77.06 31.94 39.05
C ARG B 919 76.50 33.31 39.39
N LYS B 920 76.34 33.57 40.68
CA LYS B 920 75.79 34.83 41.14
C LYS B 920 76.66 35.99 40.68
N GLU B 921 77.88 36.05 41.20
CA GLU B 921 78.80 37.13 40.88
C GLU B 921 78.79 37.54 39.43
N ILE B 922 79.04 36.59 38.55
CA ILE B 922 79.04 36.86 37.12
C ILE B 922 77.74 37.50 36.65
N MET B 923 76.60 36.89 36.99
CA MET B 923 75.30 37.41 36.62
C MET B 923 75.09 38.78 37.23
N GLU B 924 75.62 38.97 38.43
CA GLU B 924 75.42 40.17 39.21
C GLU B 924 76.21 41.32 38.63
N THR B 925 77.53 41.17 38.62
CA THR B 925 78.40 42.23 38.16
C THR B 925 78.08 42.66 36.73
N SER B 926 77.62 41.71 35.92
CA SER B 926 77.23 42.05 34.55
C SER B 926 75.95 42.84 34.54
N ALA B 927 74.98 42.42 35.36
CA ALA B 927 73.68 43.09 35.44
C ALA B 927 73.84 44.54 35.88
N ILE B 928 74.65 44.74 36.92
CA ILE B 928 74.98 46.08 37.40
C ILE B 928 75.54 46.92 36.28
N ARG B 929 76.54 46.37 35.61
CA ARG B 929 77.28 47.08 34.57
C ARG B 929 76.37 47.61 33.48
N GLN B 930 75.50 46.77 32.96
CA GLN B 930 74.62 47.16 31.88
C GLN B 930 73.45 47.98 32.40
N ALA B 931 73.14 47.78 33.67
CA ALA B 931 72.12 48.59 34.34
C ALA B 931 72.55 50.04 34.25
N VAL B 932 73.66 50.33 34.90
CA VAL B 932 74.23 51.66 34.92
C VAL B 932 74.19 52.31 33.55
N ILE B 933 74.61 51.55 32.54
CA ILE B 933 74.62 52.04 31.18
C ILE B 933 73.30 52.67 30.77
N LYS B 934 72.22 51.90 30.92
CA LYS B 934 70.87 52.41 30.65
C LYS B 934 70.61 53.67 31.46
N GLU B 935 70.86 53.58 32.76
CA GLU B 935 70.62 54.66 33.69
C GLU B 935 71.23 55.95 33.18
N THR B 936 72.53 55.92 32.93
CA THR B 936 73.27 57.10 32.53
C THR B 936 72.87 57.63 31.15
N ALA B 937 72.72 56.73 30.18
CA ALA B 937 72.27 57.14 28.84
C ALA B 937 70.83 57.64 28.84
N ILE B 938 70.12 57.36 29.93
CA ILE B 938 68.74 57.84 30.11
C ILE B 938 68.77 59.20 30.79
N GLU B 939 69.75 59.40 31.67
CA GLU B 939 69.95 60.66 32.35
C GLU B 939 70.33 61.72 31.33
N ASN B 940 71.01 61.29 30.27
CA ASN B 940 71.37 62.18 29.20
C ASN B 940 70.18 62.70 28.44
N LYS B 941 69.21 61.83 28.18
CA LYS B 941 67.97 62.24 27.52
C LYS B 941 67.24 63.27 28.37
N VAL B 942 67.45 63.19 29.67
CA VAL B 942 66.84 64.12 30.61
C VAL B 942 67.51 65.47 30.54
N VAL B 943 68.83 65.45 30.44
CA VAL B 943 69.61 66.68 30.49
C VAL B 943 69.75 67.36 29.14
N ASN B 944 70.15 66.61 28.12
CA ASN B 944 70.39 67.19 26.80
C ASN B 944 69.13 67.26 25.95
N GLY B 945 68.06 66.68 26.47
CA GLY B 945 66.79 66.65 25.76
C GLY B 945 66.78 65.51 24.78
N GLU B 946 65.59 65.14 24.31
CA GLU B 946 65.45 64.11 23.30
C GLU B 946 66.21 64.48 22.02
N ASP B 947 66.05 65.74 21.62
CA ASP B 947 66.60 66.23 20.37
C ASP B 947 68.11 66.08 20.28
N HIS B 948 68.84 66.71 21.21
CA HIS B 948 70.30 66.61 21.17
C HIS B 948 70.77 65.15 21.19
N GLU B 949 70.33 64.38 22.18
CA GLU B 949 70.71 62.98 22.28
C GLU B 949 70.43 62.22 21.00
N ALA B 950 69.21 62.36 20.49
CA ALA B 950 68.76 61.64 19.30
C ALA B 950 69.71 61.81 18.12
N LEU B 951 70.05 63.06 17.80
CA LEU B 951 70.82 63.37 16.59
C LEU B 951 72.27 62.89 16.65
N TYR B 952 72.68 62.35 17.80
CA TYR B 952 74.09 61.99 17.99
C TYR B 952 74.30 60.54 18.40
N ARG B 953 73.67 59.63 17.66
CA ARG B 953 73.84 58.19 17.87
C ARG B 953 74.41 57.54 16.60
N ARG B 954 75.37 56.65 16.77
CA ARG B 954 75.96 55.95 15.64
C ARG B 954 74.87 55.46 14.71
N VAL B 955 74.73 56.14 13.59
CA VAL B 955 73.79 55.70 12.57
C VAL B 955 74.38 54.46 11.91
N ILE B 956 73.80 53.31 12.22
CA ILE B 956 74.22 52.06 11.59
C ILE B 956 73.32 51.69 10.42
N THR B 957 73.84 51.82 9.20
CA THR B 957 73.08 51.58 7.99
C THR B 957 72.46 50.19 8.02
N GLU B 958 71.23 50.11 7.51
CA GLU B 958 70.52 48.85 7.42
C GLU B 958 70.80 48.24 6.08
N PRO B 959 71.24 46.96 6.08
CA PRO B 959 71.65 46.28 4.85
C PRO B 959 70.46 46.12 3.93
N ARG B 960 70.59 46.61 2.69
CA ARG B 960 69.64 46.29 1.63
C ARG B 960 70.25 45.24 0.73
N ALA B 961 69.52 44.88 -0.29
CA ALA B 961 70.04 43.93 -1.25
C ALA B 961 69.97 44.56 -2.63
N ASN B 962 71.04 44.40 -3.40
CA ASN B 962 71.01 44.81 -4.80
C ASN B 962 71.22 43.61 -5.69
N LEU B 963 70.40 43.49 -6.71
CA LEU B 963 70.57 42.43 -7.67
C LEU B 963 71.43 42.98 -8.79
N LYS B 964 72.69 42.58 -8.80
CA LYS B 964 73.57 42.95 -9.90
C LYS B 964 73.26 41.96 -11.00
N TYR B 965 73.18 42.43 -12.24
CA TYR B 965 72.85 41.52 -13.34
C TYR B 965 74.13 41.07 -14.01
N PRO B 966 74.74 39.99 -13.51
CA PRO B 966 76.09 39.68 -13.92
C PRO B 966 76.12 38.95 -15.24
N PHE B 967 76.89 39.48 -16.18
CA PHE B 967 77.27 38.68 -17.34
C PHE B 967 78.41 37.75 -16.91
N PRO B 968 78.86 36.87 -17.81
CA PRO B 968 79.97 36.02 -17.37
C PRO B 968 81.18 36.90 -17.20
N GLU B 969 82.04 36.52 -16.27
CA GLU B 969 83.30 37.26 -16.08
C GLU B 969 84.19 37.09 -17.30
N LEU B 970 84.49 38.22 -17.94
CA LEU B 970 85.38 38.24 -19.09
C LEU B 970 86.79 38.01 -18.56
N PRO B 971 87.48 36.97 -19.08
CA PRO B 971 88.80 36.60 -18.55
C PRO B 971 89.79 37.76 -18.69
N ASP B 972 90.87 37.73 -17.92
CA ASP B 972 91.90 38.75 -18.09
C ASP B 972 92.78 38.40 -19.29
N TRP B 973 92.97 39.37 -20.18
CA TRP B 973 93.76 39.12 -21.37
C TRP B 973 95.11 38.56 -21.01
N ASP B 974 95.79 39.25 -20.09
CA ASP B 974 97.15 38.88 -19.73
C ASP B 974 97.23 37.57 -18.93
N LYS B 975 96.58 37.53 -17.77
CA LYS B 975 96.71 36.40 -16.89
C LYS B 975 96.14 35.12 -17.48
N ASP B 976 95.06 35.27 -18.23
CA ASP B 976 94.27 34.11 -18.63
C ASP B 976 94.34 33.75 -20.11
N ILE B 977 94.27 34.74 -20.99
CA ILE B 977 94.16 34.47 -22.42
C ILE B 977 95.49 34.48 -23.15
N LYS B 978 96.26 35.55 -22.92
CA LYS B 978 97.59 35.72 -23.47
C LYS B 978 98.36 34.39 -23.54
N PRO B 979 98.45 33.66 -22.40
CA PRO B 979 99.25 32.42 -22.34
C PRO B 979 98.91 31.36 -23.38
N LEU B 980 97.80 31.52 -24.10
CA LEU B 980 97.43 30.54 -25.11
C LEU B 980 97.36 31.14 -26.50
N ASN B 981 97.23 32.46 -26.56
CA ASN B 981 97.12 33.20 -27.81
C ASN B 981 98.09 32.70 -28.88
N ASP B 982 99.27 32.28 -28.43
CA ASP B 982 100.34 31.90 -29.36
C ASP B 982 99.92 30.81 -30.33
N GLN B 983 99.42 29.71 -29.79
CA GLN B 983 99.02 28.56 -30.59
C GLN B 983 97.66 28.77 -31.27
N LEU B 984 96.76 29.47 -30.58
CA LEU B 984 95.35 29.50 -30.93
C LEU B 984 94.93 30.70 -31.75
N ARG B 985 95.86 31.55 -32.11
CA ARG B 985 95.52 32.73 -32.86
C ARG B 985 95.09 32.31 -34.27
N GLY B 986 93.93 32.80 -34.69
CA GLY B 986 93.39 32.53 -36.01
C GLY B 986 93.38 31.07 -36.43
N MET B 987 93.37 30.17 -35.46
CA MET B 987 93.44 28.74 -35.74
C MET B 987 92.06 28.11 -35.79
N VAL B 988 91.05 28.98 -35.91
CA VAL B 988 89.67 28.57 -35.84
C VAL B 988 88.80 29.58 -36.59
N ASN B 989 87.98 29.07 -37.49
CA ASN B 989 87.03 29.87 -38.24
C ASN B 989 85.85 30.26 -37.37
N LEU B 990 85.76 31.54 -37.01
CA LEU B 990 84.74 32.01 -36.07
C LEU B 990 83.31 31.91 -36.62
N ASP B 991 83.15 31.67 -37.91
CA ASP B 991 81.82 31.51 -38.45
C ASP B 991 81.37 30.06 -38.47
N LYS B 992 82.23 29.16 -38.02
CA LYS B 992 81.84 27.76 -37.85
C LYS B 992 82.16 27.31 -36.43
N VAL B 993 82.14 28.27 -35.51
CA VAL B 993 82.25 28.01 -34.09
C VAL B 993 80.93 28.38 -33.45
N VAL B 994 80.37 27.42 -32.71
CA VAL B 994 79.06 27.60 -32.09
C VAL B 994 79.18 27.92 -30.61
N VAL B 995 78.48 28.97 -30.20
CA VAL B 995 78.69 29.53 -28.88
C VAL B 995 77.40 29.84 -28.13
N VAL B 996 77.38 29.53 -26.84
CA VAL B 996 76.22 29.82 -26.00
C VAL B 996 76.29 31.22 -25.39
N THR B 997 75.39 32.09 -25.82
CA THR B 997 75.35 33.45 -25.33
C THR B 997 74.17 33.70 -24.35
N GLY B 998 73.19 32.81 -24.38
CA GLY B 998 72.00 32.98 -23.57
C GLY B 998 71.76 31.78 -22.69
N LEU B 999 71.10 32.03 -21.56
CA LEU B 999 70.91 31.02 -20.52
C LEU B 999 69.67 31.39 -19.73
N ALA B 1000 68.82 30.42 -19.44
CA ALA B 1000 67.68 30.68 -18.56
C ALA B 1000 66.96 29.38 -18.31
N GLU B 1001 66.12 29.37 -17.29
CA GLU B 1001 65.28 28.21 -17.00
C GLU B 1001 64.15 28.61 -16.08
N ILE B 1002 63.10 27.79 -16.05
CA ILE B 1002 62.11 27.84 -15.00
C ILE B 1002 61.92 26.43 -14.54
N GLY B 1003 62.11 26.21 -13.25
CA GLY B 1003 62.03 24.90 -12.65
C GLY B 1003 61.62 25.01 -11.20
N PRO B 1004 61.65 23.89 -10.47
CA PRO B 1004 61.19 23.74 -9.08
C PRO B 1004 61.94 24.66 -8.16
N TRP B 1005 63.08 25.17 -8.63
CA TRP B 1005 63.92 26.01 -7.81
C TRP B 1005 63.96 27.43 -8.29
N GLY B 1006 63.24 27.69 -9.37
CA GLY B 1006 63.17 29.05 -9.91
C GLY B 1006 63.97 29.16 -11.19
N ASN B 1007 64.34 30.38 -11.55
CA ASN B 1007 65.12 30.63 -12.77
C ASN B 1007 66.55 30.17 -12.61
N ALA B 1008 67.34 30.25 -13.67
CA ALA B 1008 68.67 29.68 -13.61
C ALA B 1008 69.47 30.27 -12.46
N ARG B 1009 69.18 31.53 -12.13
CA ARG B 1009 69.89 32.25 -11.08
C ARG B 1009 69.67 31.63 -9.70
N THR B 1010 68.41 31.65 -9.27
CA THR B 1010 68.01 31.07 -8.01
C THR B 1010 68.37 29.59 -7.92
N ARG B 1011 68.25 28.90 -9.05
CA ARG B 1011 68.54 27.47 -9.07
C ARG B 1011 70.00 27.24 -8.75
N TRP B 1012 70.84 28.12 -9.29
CA TRP B 1012 72.28 27.96 -9.15
C TRP B 1012 72.66 28.17 -7.71
N GLU B 1013 72.17 29.28 -7.15
CA GLU B 1013 72.38 29.59 -5.73
C GLU B 1013 72.17 28.35 -4.91
N MET B 1014 71.03 27.71 -5.14
CA MET B 1014 70.71 26.54 -4.38
C MET B 1014 71.68 25.39 -4.70
N GLU B 1015 71.95 25.17 -5.97
CA GLU B 1015 72.73 24.01 -6.40
C GLU B 1015 74.15 24.08 -5.91
N ALA B 1016 74.62 25.31 -5.74
CA ALA B 1016 76.02 25.60 -5.48
C ALA B 1016 76.26 25.89 -4.02
N TYR B 1017 75.59 26.90 -3.48
CA TYR B 1017 75.82 27.34 -2.10
C TYR B 1017 74.94 26.60 -1.08
N GLY B 1018 73.75 26.19 -1.50
CA GLY B 1018 72.89 25.42 -0.63
C GLY B 1018 71.87 26.24 0.14
N LYS B 1019 71.86 27.54 -0.12
CA LYS B 1019 70.84 28.41 0.45
C LYS B 1019 70.76 29.70 -0.35
N PHE B 1020 69.70 30.47 -0.14
CA PHE B 1020 69.54 31.68 -0.90
C PHE B 1020 70.25 32.83 -0.23
N SER B 1021 70.74 33.76 -1.04
CA SER B 1021 71.23 35.03 -0.57
C SER B 1021 70.02 35.96 -0.46
N LEU B 1022 70.18 37.12 0.18
CA LEU B 1022 69.09 38.07 0.25
C LEU B 1022 68.62 38.40 -1.16
N GLU B 1023 69.58 38.51 -2.07
CA GLU B 1023 69.29 38.77 -3.47
C GLU B 1023 68.43 37.65 -4.04
N GLY B 1024 68.84 36.42 -3.79
CA GLY B 1024 68.06 35.25 -4.13
C GLY B 1024 66.67 35.32 -3.55
N CYS B 1025 66.55 35.43 -2.23
CA CYS B 1025 65.26 35.54 -1.58
C CYS B 1025 64.36 36.58 -2.21
N VAL B 1026 64.91 37.75 -2.45
CA VAL B 1026 64.10 38.77 -3.07
C VAL B 1026 63.59 38.31 -4.43
N GLU B 1027 64.44 37.67 -5.23
CA GLU B 1027 63.97 37.15 -6.52
C GLU B 1027 62.83 36.14 -6.36
N MET B 1028 63.08 35.10 -5.56
CA MET B 1028 62.05 34.11 -5.25
C MET B 1028 60.79 34.80 -4.74
N ALA B 1029 60.96 35.64 -3.73
CA ALA B 1029 59.82 36.33 -3.14
C ALA B 1029 59.05 37.08 -4.20
N TRP B 1030 59.75 37.58 -5.22
CA TRP B 1030 59.10 38.34 -6.27
C TRP B 1030 58.30 37.45 -7.18
N MET B 1031 58.93 36.40 -7.68
CA MET B 1031 58.28 35.49 -8.64
C MET B 1031 57.19 34.67 -8.00
N MET B 1032 57.31 34.39 -6.71
CA MET B 1032 56.35 33.57 -5.98
C MET B 1032 55.16 34.41 -5.61
N GLY B 1033 55.30 35.71 -5.78
CA GLY B 1033 54.18 36.61 -5.60
C GLY B 1033 53.97 37.05 -4.18
N LEU B 1034 55.04 37.02 -3.37
CA LEU B 1034 54.95 37.42 -1.97
C LEU B 1034 55.15 38.93 -1.76
N ILE B 1035 55.87 39.57 -2.69
CA ILE B 1035 56.17 40.99 -2.60
C ILE B 1035 56.08 41.62 -3.98
N LYS B 1036 55.64 42.87 -4.01
CA LYS B 1036 55.54 43.57 -5.28
C LYS B 1036 55.90 45.02 -5.11
N ASN B 1037 56.41 45.63 -6.18
CA ASN B 1037 56.82 47.01 -6.10
C ASN B 1037 55.63 47.95 -5.96
N HIS B 1038 55.83 49.05 -5.26
CA HIS B 1038 54.80 50.07 -5.12
C HIS B 1038 55.45 51.45 -5.25
N ASN B 1039 54.75 52.38 -5.89
CA ASN B 1039 55.29 53.73 -6.09
C ASN B 1039 54.18 54.81 -6.03
N GLY B 1040 53.60 54.96 -4.85
CA GLY B 1040 52.52 55.91 -4.65
C GLY B 1040 52.28 56.07 -3.18
N PRO B 1041 51.17 56.72 -2.83
CA PRO B 1041 50.86 56.96 -1.43
C PRO B 1041 50.44 55.67 -0.73
N LEU B 1042 51.07 55.36 0.40
CA LEU B 1042 50.65 54.25 1.23
C LEU B 1042 50.16 54.79 2.56
N LYS B 1043 48.85 54.77 2.77
CA LYS B 1043 48.29 55.33 3.98
C LYS B 1043 48.67 56.80 4.07
N GLY B 1044 48.38 57.54 3.00
CA GLY B 1044 48.60 58.98 3.00
C GLY B 1044 50.01 59.42 2.63
N LYS B 1045 51.00 58.93 3.37
CA LYS B 1045 52.39 59.26 3.11
C LYS B 1045 52.91 58.51 1.90
N PRO B 1046 53.75 59.16 1.07
CA PRO B 1046 54.22 58.53 -0.15
C PRO B 1046 55.21 57.43 0.16
N TYR B 1047 55.45 56.54 -0.80
CA TYR B 1047 56.37 55.42 -0.60
C TYR B 1047 56.72 54.77 -1.93
N SER B 1048 57.92 54.21 -2.01
CA SER B 1048 58.30 53.43 -3.16
C SER B 1048 59.16 52.24 -2.76
N GLY B 1049 58.94 51.10 -3.39
CA GLY B 1049 59.72 49.91 -3.10
C GLY B 1049 58.89 48.68 -2.82
N TRP B 1050 59.47 47.74 -2.08
CA TRP B 1050 58.85 46.45 -1.80
C TRP B 1050 57.67 46.53 -0.85
N VAL B 1051 56.61 45.83 -1.21
CA VAL B 1051 55.41 45.77 -0.41
C VAL B 1051 54.99 44.31 -0.30
N ASP B 1052 54.54 43.90 0.88
CA ASP B 1052 53.98 42.57 1.05
C ASP B 1052 52.78 42.44 0.10
N ALA B 1053 52.79 41.44 -0.76
CA ALA B 1053 51.71 41.29 -1.74
C ALA B 1053 50.37 41.09 -1.07
N LYS B 1054 50.37 40.33 0.02
CA LYS B 1054 49.15 40.01 0.77
C LYS B 1054 48.60 41.23 1.51
N THR B 1055 49.36 41.78 2.44
CA THR B 1055 48.96 43.03 3.06
C THR B 1055 49.60 44.19 2.34
N GLY B 1056 48.84 45.26 2.10
CA GLY B 1056 49.39 46.44 1.45
C GLY B 1056 50.65 47.00 2.09
N GLU B 1057 50.99 46.50 3.28
CA GLU B 1057 52.14 46.97 4.05
C GLU B 1057 53.46 46.92 3.29
N PRO B 1058 54.40 47.79 3.66
CA PRO B 1058 55.74 47.83 3.05
C PRO B 1058 56.67 46.83 3.70
N VAL B 1059 57.70 46.44 2.97
CA VAL B 1059 58.65 45.46 3.48
C VAL B 1059 60.07 45.90 3.18
N ASP B 1060 60.94 45.71 4.17
CA ASP B 1060 62.34 46.09 4.06
C ASP B 1060 63.19 44.91 3.62
N ASP B 1061 64.11 45.16 2.69
CA ASP B 1061 64.99 44.12 2.19
C ASP B 1061 65.54 43.29 3.33
N LYS B 1062 65.92 43.92 4.43
CA LYS B 1062 66.55 43.19 5.53
C LYS B 1062 65.60 42.16 6.12
N ASP B 1063 64.32 42.46 6.05
CA ASP B 1063 63.29 41.62 6.63
C ASP B 1063 62.90 40.44 5.72
N VAL B 1064 62.96 40.66 4.41
CA VAL B 1064 62.58 39.63 3.44
C VAL B 1064 62.95 38.24 3.94
N LYS B 1065 64.22 38.03 4.20
CA LYS B 1065 64.70 36.72 4.58
C LYS B 1065 63.94 36.14 5.75
N ALA B 1066 63.63 36.97 6.75
CA ALA B 1066 62.92 36.47 7.92
C ALA B 1066 61.45 36.18 7.63
N LYS B 1067 60.78 37.14 6.98
CA LYS B 1067 59.36 36.98 6.66
C LYS B 1067 59.05 35.82 5.73
N TYR B 1068 59.89 35.64 4.72
CA TYR B 1068 59.52 34.75 3.65
C TYR B 1068 60.37 33.49 3.47
N GLU B 1069 61.60 33.47 3.98
CA GLU B 1069 62.49 32.38 3.63
C GLU B 1069 61.84 31.06 3.95
N LYS B 1070 61.30 30.95 5.15
CA LYS B 1070 60.76 29.68 5.60
C LYS B 1070 59.75 29.15 4.61
N TYR B 1071 58.81 30.03 4.24
CA TYR B 1071 57.79 29.71 3.24
C TYR B 1071 58.44 29.32 1.93
N ILE B 1072 59.22 30.23 1.37
CA ILE B 1072 59.85 30.04 0.07
C ILE B 1072 60.46 28.65 -0.09
N LEU B 1073 61.17 28.18 0.93
CA LEU B 1073 61.83 26.88 0.87
C LEU B 1073 60.84 25.73 0.95
N GLU B 1074 59.80 25.97 1.73
CA GLU B 1074 58.78 24.95 1.94
C GLU B 1074 57.93 24.80 0.71
N HIS B 1075 57.67 25.89 0.00
CA HIS B 1075 56.85 25.82 -1.19
C HIS B 1075 57.65 25.89 -2.49
N SER B 1076 58.91 25.49 -2.43
CA SER B 1076 59.61 25.15 -3.66
C SER B 1076 60.53 23.96 -3.50
N GLY B 1077 60.97 23.46 -4.65
CA GLY B 1077 61.78 22.27 -4.74
C GLY B 1077 60.93 21.04 -4.92
N ILE B 1078 61.54 19.88 -4.72
CA ILE B 1078 60.82 18.63 -4.72
C ILE B 1078 59.92 18.62 -3.50
N ARG B 1079 58.60 18.66 -3.72
CA ARG B 1079 57.68 18.65 -2.59
C ARG B 1079 56.41 17.85 -2.82
N LEU B 1080 55.61 17.75 -1.76
CA LEU B 1080 54.32 17.07 -1.86
C LEU B 1080 53.48 17.78 -2.90
N ILE B 1081 52.83 17.01 -3.76
CA ILE B 1081 52.07 17.58 -4.87
C ILE B 1081 50.97 18.48 -4.39
N GLU B 1082 50.94 19.69 -4.94
CA GLU B 1082 49.98 20.68 -4.49
C GLU B 1082 48.93 20.83 -5.57
N PRO B 1083 47.73 20.35 -5.25
CA PRO B 1083 46.64 20.22 -6.20
C PRO B 1083 46.31 21.52 -6.86
N GLU B 1084 46.40 22.63 -6.14
CA GLU B 1084 46.03 23.91 -6.72
C GLU B 1084 46.88 24.16 -7.96
N LEU B 1085 48.10 23.66 -7.91
CA LEU B 1085 49.04 23.82 -9.02
C LEU B 1085 48.72 22.92 -10.20
N PHE B 1086 47.68 22.11 -10.06
CA PHE B 1086 47.34 21.09 -11.04
C PHE B 1086 45.84 20.94 -11.14
N GLY B 1087 45.13 22.06 -11.04
CA GLY B 1087 43.69 22.06 -11.08
C GLY B 1087 43.02 20.98 -10.26
N GLY B 1088 43.52 20.73 -9.06
CA GLY B 1088 42.88 19.80 -8.16
C GLY B 1088 43.37 18.36 -8.12
N TYR B 1089 44.34 18.01 -8.98
CA TYR B 1089 44.89 16.67 -8.94
C TYR B 1089 45.29 16.38 -7.51
N ASP B 1090 44.95 15.21 -7.02
CA ASP B 1090 45.41 14.81 -5.71
C ASP B 1090 45.59 13.32 -5.78
N PRO B 1091 46.84 12.85 -5.78
CA PRO B 1091 47.23 11.46 -5.97
C PRO B 1091 46.55 10.57 -4.98
N ASN B 1092 46.14 11.20 -3.90
CA ASN B 1092 45.51 10.48 -2.83
C ASN B 1092 44.07 10.15 -3.16
N ARG B 1093 43.59 10.74 -4.23
CA ARG B 1093 42.31 10.35 -4.79
C ARG B 1093 42.35 10.41 -6.33
N LYS B 1094 42.95 9.37 -6.93
CA LYS B 1094 43.08 9.29 -8.37
C LYS B 1094 41.73 8.90 -8.92
N GLN B 1095 41.04 9.86 -9.55
CA GLN B 1095 39.69 9.58 -10.03
C GLN B 1095 39.70 8.64 -11.24
N LEU B 1096 38.91 7.57 -11.14
CA LEU B 1096 38.62 6.68 -12.27
C LEU B 1096 37.10 6.64 -12.51
N LEU B 1097 36.69 5.88 -13.51
CA LEU B 1097 35.28 5.66 -13.81
C LEU B 1097 35.09 4.17 -13.89
N GLN B 1098 34.02 3.66 -13.32
CA GLN B 1098 33.68 2.27 -13.57
C GLN B 1098 32.35 2.12 -14.29
N GLU B 1099 32.33 1.25 -15.30
CA GLU B 1099 31.09 0.96 -16.02
C GLU B 1099 30.19 0.13 -15.12
N VAL B 1100 28.98 0.61 -14.93
CA VAL B 1100 27.98 -0.14 -14.20
C VAL B 1100 26.82 -0.36 -15.15
N VAL B 1101 26.21 -1.53 -15.05
CA VAL B 1101 24.95 -1.76 -15.75
C VAL B 1101 23.82 -1.61 -14.76
N ILE B 1102 23.03 -0.57 -14.94
CA ILE B 1102 21.90 -0.34 -14.07
C ILE B 1102 21.07 -1.62 -14.07
N GLU B 1103 20.56 -2.02 -12.92
CA GLU B 1103 19.63 -3.15 -12.86
C GLU B 1103 18.26 -2.71 -12.40
N GLN B 1104 17.79 -1.63 -12.99
CA GLN B 1104 16.51 -1.03 -12.65
C GLN B 1104 16.31 0.11 -13.64
N ASP B 1105 15.11 0.68 -13.68
CA ASP B 1105 14.95 1.94 -14.36
C ASP B 1105 15.45 2.94 -13.33
N LEU B 1106 16.06 4.04 -13.76
CA LEU B 1106 16.28 5.10 -12.79
C LEU B 1106 15.46 6.31 -13.20
N GLU B 1107 15.15 7.16 -12.24
CA GLU B 1107 14.17 8.21 -12.47
C GLU B 1107 14.59 9.15 -13.58
N PRO B 1108 13.59 9.73 -14.24
CA PRO B 1108 13.64 10.68 -15.35
C PRO B 1108 14.28 12.00 -14.97
N PHE B 1109 15.07 12.57 -15.88
CA PHE B 1109 15.53 13.95 -15.76
C PHE B 1109 15.14 14.72 -16.99
N GLU B 1110 15.01 16.04 -16.86
CA GLU B 1110 14.68 16.84 -18.02
C GLU B 1110 15.92 17.07 -18.86
N ALA B 1111 15.73 17.44 -20.12
CA ALA B 1111 16.81 17.63 -21.06
C ALA B 1111 16.30 18.39 -22.28
N SER B 1112 17.20 19.00 -23.03
CA SER B 1112 16.82 19.70 -24.24
C SER B 1112 16.41 18.64 -25.25
N LYS B 1113 15.56 19.01 -26.21
CA LYS B 1113 15.17 18.04 -27.21
C LYS B 1113 16.41 17.42 -27.81
N GLU B 1114 17.40 18.25 -28.13
CA GLU B 1114 18.64 17.78 -28.72
C GLU B 1114 19.36 16.75 -27.86
N GLN B 1115 19.50 17.07 -26.57
CA GLN B 1115 20.20 16.17 -25.67
C GLN B 1115 19.46 14.86 -25.57
N ALA B 1116 18.15 14.94 -25.41
CA ALA B 1116 17.33 13.75 -25.31
C ALA B 1116 17.71 12.82 -26.46
N GLU B 1117 17.65 13.36 -27.66
CA GLU B 1117 17.95 12.58 -28.85
C GLU B 1117 19.31 11.93 -28.73
N GLU B 1118 20.29 12.74 -28.36
CA GLU B 1118 21.65 12.26 -28.19
C GLU B 1118 21.65 11.01 -27.31
N PHE B 1119 20.97 11.10 -26.16
CA PHE B 1119 20.86 10.00 -25.22
C PHE B 1119 20.21 8.76 -25.83
N LYS B 1120 19.09 9.00 -26.52
CA LYS B 1120 18.33 7.93 -27.13
C LYS B 1120 19.15 7.28 -28.21
N ARG B 1121 19.97 8.08 -28.89
CA ARG B 1121 20.80 7.57 -29.97
C ARG B 1121 21.76 6.53 -29.41
N GLU B 1122 22.33 6.83 -28.26
CA GLU B 1122 23.38 5.99 -27.72
C GLU B 1122 22.76 4.76 -27.09
N HIS B 1123 21.62 4.94 -26.47
CA HIS B 1123 21.06 3.88 -25.63
C HIS B 1123 19.96 3.02 -26.28
N GLY B 1124 19.10 3.65 -27.08
CA GLY B 1124 18.08 2.92 -27.82
C GLY B 1124 17.08 2.19 -26.96
N ASP B 1125 17.10 0.85 -27.00
CA ASP B 1125 16.19 0.03 -26.20
C ASP B 1125 16.10 0.54 -24.78
N LYS B 1126 17.25 0.95 -24.25
CA LYS B 1126 17.42 1.20 -22.82
C LYS B 1126 17.21 2.65 -22.41
N VAL B 1127 16.57 3.45 -23.25
CA VAL B 1127 16.17 4.78 -22.83
C VAL B 1127 14.82 5.18 -23.43
N GLU B 1128 14.02 5.89 -22.63
CA GLU B 1128 12.76 6.45 -23.08
C GLU B 1128 12.84 7.96 -23.02
N ILE B 1129 12.55 8.64 -24.12
CA ILE B 1129 12.38 10.08 -24.06
C ILE B 1129 11.07 10.52 -24.68
N PHE B 1130 10.43 11.48 -24.03
CA PHE B 1130 9.15 12.01 -24.46
C PHE B 1130 9.13 13.52 -24.32
N GLU B 1131 8.39 14.18 -25.19
CA GLU B 1131 8.24 15.63 -25.07
C GLU B 1131 7.53 16.02 -23.79
N ILE B 1132 7.79 17.24 -23.33
CA ILE B 1132 6.92 17.86 -22.35
C ILE B 1132 6.05 18.77 -23.19
N PRO B 1133 4.80 18.38 -23.39
CA PRO B 1133 3.97 19.07 -24.40
C PRO B 1133 3.93 20.56 -24.13
N GLU B 1134 4.25 20.92 -22.89
CA GLU B 1134 4.07 22.27 -22.40
C GLU B 1134 5.28 23.20 -22.64
N THR B 1135 6.49 22.66 -22.56
CA THR B 1135 7.68 23.49 -22.71
C THR B 1135 8.70 22.98 -23.72
N GLY B 1136 8.27 22.09 -24.61
CA GLY B 1136 9.15 21.57 -25.64
C GLY B 1136 10.39 20.86 -25.11
N GLN B 1137 10.42 20.68 -23.79
CA GLN B 1137 11.50 19.94 -23.15
C GLN B 1137 11.26 18.44 -23.31
N TYR B 1138 12.15 17.65 -22.74
CA TYR B 1138 12.02 16.21 -22.86
C TYR B 1138 12.36 15.59 -21.53
N THR B 1139 12.23 14.28 -21.46
CA THR B 1139 12.40 13.57 -20.23
C THR B 1139 13.21 12.34 -20.56
N VAL B 1140 14.26 12.11 -19.80
CA VAL B 1140 15.09 10.96 -20.09
C VAL B 1140 15.05 10.00 -18.93
N ARG B 1141 14.62 8.78 -19.23
CA ARG B 1141 14.65 7.72 -18.26
C ARG B 1141 15.50 6.57 -18.80
N LEU B 1142 16.57 6.25 -18.11
CA LEU B 1142 17.32 5.08 -18.53
C LEU B 1142 16.63 3.85 -18.00
N ARG B 1143 16.59 2.80 -18.80
CA ARG B 1143 15.96 1.58 -18.35
C ARG B 1143 17.00 0.56 -17.86
N LYS B 1144 16.49 -0.51 -17.27
CA LYS B 1144 17.33 -1.60 -16.81
C LYS B 1144 18.10 -2.12 -17.99
N GLY B 1145 19.39 -2.33 -17.79
CA GLY B 1145 20.22 -2.84 -18.86
C GLY B 1145 21.09 -1.72 -19.35
N ALA B 1146 20.65 -0.49 -19.08
CA ALA B 1146 21.39 0.70 -19.47
C ALA B 1146 22.78 0.66 -18.87
N THR B 1147 23.72 1.38 -19.48
CA THR B 1147 25.09 1.39 -18.97
C THR B 1147 25.48 2.78 -18.46
N LEU B 1148 26.01 2.81 -17.25
CA LEU B 1148 26.34 4.05 -16.57
C LEU B 1148 27.82 4.09 -16.23
N LEU B 1149 28.30 5.28 -15.90
CA LEU B 1149 29.66 5.46 -15.45
C LEU B 1149 29.69 6.10 -14.06
N ILE B 1150 30.18 5.34 -13.09
CA ILE B 1150 30.33 5.88 -11.75
C ILE B 1150 31.79 6.12 -11.42
N PRO B 1151 32.11 7.35 -11.02
CA PRO B 1151 33.41 7.75 -10.48
C PRO B 1151 33.83 6.92 -9.25
N LYS B 1152 35.12 6.67 -9.15
CA LYS B 1152 35.71 6.13 -7.94
C LYS B 1152 37.09 6.77 -7.77
N ALA B 1153 37.75 6.53 -6.65
CA ALA B 1153 39.03 7.17 -6.40
C ALA B 1153 40.08 6.20 -5.89
N LEU B 1154 41.36 6.51 -6.12
CA LEU B 1154 42.43 5.61 -5.79
C LEU B 1154 43.49 6.25 -4.92
N GLN B 1155 44.25 5.46 -4.16
CA GLN B 1155 45.38 6.03 -3.45
C GLN B 1155 46.70 5.73 -4.16
N PHE B 1156 47.13 6.70 -4.94
CA PHE B 1156 48.28 6.59 -5.78
C PHE B 1156 49.52 6.86 -4.96
N ASP B 1157 50.63 6.28 -5.39
CA ASP B 1157 51.83 6.22 -4.58
C ASP B 1157 52.77 7.41 -4.82
N ARG B 1158 52.62 8.07 -5.95
CA ARG B 1158 53.49 9.19 -6.30
C ARG B 1158 52.93 10.49 -5.71
N LEU B 1159 53.16 10.68 -4.41
CA LEU B 1159 52.66 11.84 -3.70
C LEU B 1159 53.57 13.05 -3.85
N VAL B 1160 54.79 12.78 -4.27
CA VAL B 1160 55.78 13.84 -4.36
C VAL B 1160 56.21 14.06 -5.81
N ALA B 1161 56.49 15.32 -6.15
CA ALA B 1161 56.99 15.70 -7.47
C ALA B 1161 57.63 17.08 -7.39
N GLY B 1162 58.66 17.29 -8.19
CA GLY B 1162 59.35 18.57 -8.19
C GLY B 1162 58.59 19.58 -9.03
N GLN B 1163 58.09 20.62 -8.37
CA GLN B 1163 57.18 21.53 -9.01
C GLN B 1163 57.64 22.98 -8.93
N ILE B 1164 57.37 23.74 -9.99
CA ILE B 1164 57.65 25.17 -10.00
C ILE B 1164 57.12 25.80 -8.72
N PRO B 1165 57.90 26.68 -8.11
CA PRO B 1165 57.53 27.38 -6.89
C PRO B 1165 56.09 27.83 -6.82
N THR B 1166 55.49 27.50 -5.69
CA THR B 1166 54.10 27.79 -5.42
C THR B 1166 53.84 29.28 -5.48
N GLY B 1167 53.45 29.73 -6.65
CA GLY B 1167 53.07 31.12 -6.79
C GLY B 1167 53.48 31.66 -8.14
N TRP B 1168 54.32 30.91 -8.84
CA TRP B 1168 54.90 31.43 -10.07
C TRP B 1168 53.80 31.70 -11.07
N ASP B 1169 53.88 32.82 -11.76
CA ASP B 1169 52.93 33.06 -12.84
C ASP B 1169 53.55 33.81 -13.98
N ALA B 1170 53.28 33.35 -15.19
CA ALA B 1170 53.78 34.00 -16.37
C ALA B 1170 53.27 35.44 -16.49
N ARG B 1171 52.33 35.83 -15.64
CA ARG B 1171 51.81 37.18 -15.70
C ARG B 1171 52.73 38.19 -15.01
N ARG B 1172 53.46 37.71 -14.02
CA ARG B 1172 54.41 38.54 -13.29
C ARG B 1172 55.45 39.01 -14.27
N TYR B 1173 55.73 38.15 -15.25
CA TYR B 1173 56.75 38.46 -16.22
C TYR B 1173 56.27 39.40 -17.30
N GLY B 1174 54.97 39.37 -17.58
CA GLY B 1174 54.41 40.30 -18.55
C GLY B 1174 53.73 39.67 -19.75
N VAL B 1175 53.63 38.35 -19.77
CA VAL B 1175 52.86 37.69 -20.79
C VAL B 1175 51.43 38.19 -20.72
N PRO B 1176 50.87 38.57 -21.87
CA PRO B 1176 49.54 39.16 -22.01
C PRO B 1176 48.46 38.20 -21.55
N GLU B 1177 47.40 38.73 -20.95
CA GLU B 1177 46.34 37.90 -20.40
C GLU B 1177 45.70 37.00 -21.45
N ASP B 1178 45.39 37.59 -22.60
CA ASP B 1178 44.79 36.82 -23.69
C ASP B 1178 45.65 35.61 -24.09
N ILE B 1179 46.96 35.77 -24.07
CA ILE B 1179 47.84 34.68 -24.43
C ILE B 1179 47.90 33.69 -23.29
N ILE B 1180 47.73 34.19 -22.08
CA ILE B 1180 47.67 33.34 -20.90
C ILE B 1180 46.52 32.37 -21.04
N GLN B 1181 45.39 32.94 -21.44
CA GLN B 1181 44.14 32.17 -21.58
C GLN B 1181 44.17 31.14 -22.72
N GLN B 1182 44.95 31.45 -23.75
CA GLN B 1182 44.92 30.71 -25.01
C GLN B 1182 45.82 29.48 -25.05
N VAL B 1183 46.94 29.52 -24.35
CA VAL B 1183 47.96 28.50 -24.54
C VAL B 1183 48.12 27.54 -23.37
N ASP B 1184 48.73 26.39 -23.66
CA ASP B 1184 49.10 25.42 -22.65
C ASP B 1184 50.15 26.03 -21.71
N PRO B 1185 50.07 25.72 -20.38
CA PRO B 1185 51.04 26.15 -19.37
C PRO B 1185 52.48 25.93 -19.81
N VAL B 1186 52.74 24.77 -20.39
CA VAL B 1186 54.04 24.49 -20.98
C VAL B 1186 54.53 25.69 -21.81
N THR B 1187 53.73 26.13 -22.78
CA THR B 1187 54.09 27.27 -23.61
C THR B 1187 54.44 28.51 -22.77
N LEU B 1188 53.73 28.68 -21.66
CA LEU B 1188 53.99 29.79 -20.75
C LEU B 1188 55.37 29.70 -20.13
N TYR B 1189 55.80 28.49 -19.77
CA TYR B 1189 57.16 28.30 -19.28
C TYR B 1189 58.14 28.69 -20.37
N VAL B 1190 57.93 28.12 -21.55
CA VAL B 1190 58.76 28.38 -22.72
C VAL B 1190 58.81 29.86 -23.13
N LEU B 1191 57.68 30.54 -23.10
CA LEU B 1191 57.65 31.96 -23.42
C LEU B 1191 58.49 32.78 -22.47
N VAL B 1192 58.24 32.61 -21.18
CA VAL B 1192 58.99 33.32 -20.14
C VAL B 1192 60.45 32.91 -20.22
N SER B 1193 60.72 31.62 -20.36
CA SER B 1193 62.10 31.18 -20.49
C SER B 1193 62.89 31.93 -21.59
N VAL B 1194 62.48 31.76 -22.84
CA VAL B 1194 63.08 32.48 -23.96
C VAL B 1194 63.23 34.01 -23.74
N ALA B 1195 62.33 34.60 -22.97
CA ALA B 1195 62.40 36.04 -22.75
C ALA B 1195 63.56 36.38 -21.82
N GLU B 1196 63.71 35.59 -20.76
CA GLU B 1196 64.78 35.78 -19.80
C GLU B 1196 66.09 35.36 -20.43
N ALA B 1197 66.04 34.37 -21.31
CA ALA B 1197 67.22 33.86 -21.97
C ALA B 1197 67.80 34.88 -22.96
N LEU B 1198 66.91 35.63 -23.60
CA LEU B 1198 67.37 36.68 -24.49
C LEU B 1198 68.05 37.83 -23.71
N LEU B 1199 67.58 38.06 -22.48
CA LEU B 1199 68.14 39.12 -21.63
C LEU B 1199 69.52 38.71 -21.15
N SER B 1200 69.66 37.48 -20.70
CA SER B 1200 70.94 37.00 -20.21
C SER B 1200 71.97 37.06 -21.31
N SER B 1201 71.50 37.29 -22.53
CA SER B 1201 72.36 37.35 -23.69
C SER B 1201 72.47 38.78 -24.17
N GLY B 1202 71.85 39.69 -23.43
CA GLY B 1202 72.02 41.10 -23.71
C GLY B 1202 71.08 41.65 -24.76
N ILE B 1203 70.18 40.81 -25.24
CA ILE B 1203 69.20 41.24 -26.21
C ILE B 1203 67.98 41.72 -25.47
N THR B 1204 67.60 42.97 -25.68
CA THR B 1204 66.39 43.49 -25.06
C THR B 1204 65.21 43.29 -25.98
N ASP B 1205 65.32 43.89 -27.16
CA ASP B 1205 64.37 43.73 -28.27
C ASP B 1205 64.96 42.68 -29.22
N PRO B 1206 64.22 41.59 -29.51
CA PRO B 1206 64.83 40.52 -30.31
C PRO B 1206 65.08 41.00 -31.75
N TYR B 1207 64.46 42.13 -32.05
CA TYR B 1207 64.63 42.78 -33.34
C TYR B 1207 66.06 43.25 -33.56
N GLU B 1208 66.78 43.49 -32.48
CA GLU B 1208 68.18 43.86 -32.58
C GLU B 1208 68.95 42.85 -33.43
N PHE B 1209 68.57 41.58 -33.35
CA PHE B 1209 69.16 40.58 -34.23
C PHE B 1209 69.12 41.03 -35.71
N TYR B 1210 68.10 41.81 -36.07
CA TYR B 1210 67.95 42.23 -37.45
C TYR B 1210 68.62 43.58 -37.68
N LYS B 1211 69.68 43.81 -36.93
CA LYS B 1211 70.61 44.88 -37.23
C LYS B 1211 71.81 44.21 -37.86
N TYR B 1212 72.13 43.01 -37.37
CA TYR B 1212 73.33 42.30 -37.78
C TYR B 1212 73.01 41.17 -38.76
N VAL B 1213 71.73 40.81 -38.83
CA VAL B 1213 71.36 39.58 -39.52
C VAL B 1213 70.00 39.62 -40.19
N HIS B 1214 69.84 38.82 -41.24
CA HIS B 1214 68.61 38.74 -42.01
C HIS B 1214 67.55 37.91 -41.31
N LEU B 1215 66.29 38.29 -41.51
CA LEU B 1215 65.15 37.58 -40.96
C LEU B 1215 65.34 36.08 -40.98
N SER B 1216 66.01 35.59 -42.02
CA SER B 1216 66.13 34.15 -42.24
C SER B 1216 67.33 33.49 -41.54
N GLU B 1217 67.88 34.15 -40.52
CA GLU B 1217 69.02 33.57 -39.83
C GLU B 1217 68.86 33.43 -38.33
N VAL B 1218 67.72 33.88 -37.80
CA VAL B 1218 67.33 33.55 -36.44
C VAL B 1218 66.50 32.27 -36.45
N GLY B 1219 67.06 31.21 -35.86
CA GLY B 1219 66.44 29.89 -35.91
C GLY B 1219 65.75 29.47 -34.62
N ASN B 1220 64.82 28.51 -34.70
CA ASN B 1220 64.04 28.09 -33.53
C ASN B 1220 63.95 26.56 -33.40
N CYS B 1221 64.74 25.99 -32.51
CA CYS B 1221 64.82 24.54 -32.37
C CYS B 1221 64.43 24.00 -31.00
N ILE B 1222 63.40 24.57 -30.38
CA ILE B 1222 63.04 24.09 -29.06
C ILE B 1222 62.08 22.90 -29.12
N GLY B 1223 62.36 21.88 -28.33
CA GLY B 1223 61.61 20.64 -28.42
C GLY B 1223 61.04 20.16 -27.09
N SER B 1224 60.61 18.90 -27.06
CA SER B 1224 60.08 18.32 -25.83
C SER B 1224 59.67 16.90 -26.08
N GLY B 1225 59.40 16.15 -25.02
CA GLY B 1225 59.07 14.73 -25.10
C GLY B 1225 57.65 14.48 -25.58
N VAL B 1226 56.71 15.23 -24.99
CA VAL B 1226 55.29 15.29 -25.40
C VAL B 1226 54.72 16.54 -24.76
N GLY B 1227 54.81 17.66 -25.46
CA GLY B 1227 54.44 18.92 -24.83
C GLY B 1227 53.01 19.26 -25.16
N GLY B 1228 52.35 20.01 -24.28
CA GLY B 1228 50.97 20.40 -24.49
C GLY B 1228 50.07 19.38 -23.84
N THR B 1229 50.55 18.84 -22.72
CA THR B 1229 49.93 17.71 -22.04
C THR B 1229 48.55 18.07 -21.54
N SER B 1230 48.36 19.35 -21.23
CA SER B 1230 47.07 19.85 -20.80
C SER B 1230 46.06 19.88 -21.94
N ALA B 1231 46.47 20.44 -23.09
CA ALA B 1231 45.65 20.40 -24.30
C ALA B 1231 45.38 18.96 -24.75
N LEU B 1232 46.38 18.10 -24.61
CA LEU B 1232 46.24 16.69 -24.88
C LEU B 1232 45.09 16.08 -24.10
N ARG B 1233 45.13 16.24 -22.79
CA ARG B 1233 44.06 15.77 -21.93
C ARG B 1233 42.74 16.39 -22.35
N GLY B 1234 42.77 17.67 -22.67
CA GLY B 1234 41.56 18.39 -23.02
C GLY B 1234 40.78 17.81 -24.19
N MET B 1235 41.46 17.10 -25.09
CA MET B 1235 40.81 16.60 -26.30
C MET B 1235 40.53 15.10 -26.25
N TYR B 1236 41.36 14.37 -25.50
CA TYR B 1236 41.24 12.92 -25.37
C TYR B 1236 40.37 12.55 -24.17
N LYS B 1237 40.14 13.51 -23.28
CA LYS B 1237 39.36 13.22 -22.10
C LYS B 1237 38.32 14.29 -21.84
N ASP B 1238 38.76 15.52 -21.59
CA ASP B 1238 37.84 16.61 -21.22
C ASP B 1238 36.71 16.85 -22.22
N ARG B 1239 36.93 16.43 -23.45
CA ARG B 1239 35.97 16.64 -24.53
C ARG B 1239 34.93 15.51 -24.53
N TYR B 1240 35.42 14.30 -24.29
CA TYR B 1240 34.62 13.10 -24.10
C TYR B 1240 33.64 13.32 -22.97
N LEU B 1241 34.07 14.08 -21.98
CA LEU B 1241 33.29 14.32 -20.77
C LEU B 1241 32.38 15.52 -20.93
N ASP B 1242 32.48 16.13 -22.11
CA ASP B 1242 31.63 17.26 -22.46
C ASP B 1242 31.87 18.46 -21.55
N LYS B 1243 33.07 18.52 -20.96
CA LYS B 1243 33.49 19.69 -20.19
C LYS B 1243 33.82 20.83 -21.15
N PRO B 1244 33.61 22.09 -20.71
CA PRO B 1244 33.81 23.27 -21.56
C PRO B 1244 35.28 23.35 -22.00
N VAL B 1245 35.52 23.23 -23.30
CA VAL B 1245 36.89 23.18 -23.81
C VAL B 1245 37.04 23.96 -25.12
N GLN B 1246 38.22 24.55 -25.30
CA GLN B 1246 38.54 25.37 -26.46
C GLN B 1246 38.19 24.68 -27.78
N LYS B 1247 38.06 25.45 -28.85
CA LYS B 1247 37.83 24.84 -30.16
C LYS B 1247 39.15 24.43 -30.81
N ASP B 1248 40.20 25.14 -30.44
CA ASP B 1248 41.48 25.01 -31.10
C ASP B 1248 42.47 24.23 -30.25
N ILE B 1249 41.98 23.49 -29.26
CA ILE B 1249 42.89 22.85 -28.32
C ILE B 1249 43.90 22.02 -29.10
N LEU B 1250 43.48 21.54 -30.27
CA LEU B 1250 44.39 20.76 -31.10
C LEU B 1250 45.69 21.50 -31.39
N GLN B 1251 45.61 22.79 -31.74
CA GLN B 1251 46.78 23.66 -31.89
C GLN B 1251 47.82 23.45 -30.79
N GLU B 1252 47.41 23.74 -29.55
CA GLU B 1252 48.32 23.83 -28.42
C GLU B 1252 48.86 22.49 -27.89
N SER B 1253 48.55 21.40 -28.57
CA SER B 1253 49.03 20.09 -28.17
C SER B 1253 50.26 19.66 -28.96
N PHE B 1254 50.57 20.41 -30.01
CA PHE B 1254 51.68 20.07 -30.89
C PHE B 1254 52.98 20.54 -30.26
N VAL B 1255 54.01 19.70 -30.35
CA VAL B 1255 55.28 20.02 -29.70
C VAL B 1255 55.84 21.34 -30.24
N ASN B 1256 55.58 21.62 -31.50
CA ASN B 1256 56.16 22.80 -32.14
C ASN B 1256 55.28 24.03 -32.04
N THR B 1257 54.17 23.92 -31.32
CA THR B 1257 53.31 25.09 -31.19
C THR B 1257 53.95 26.01 -30.17
N MET B 1258 54.69 25.41 -29.25
CA MET B 1258 55.46 26.20 -28.30
C MET B 1258 56.39 27.07 -29.12
N ALA B 1259 57.28 26.42 -29.90
CA ALA B 1259 58.20 27.14 -30.77
C ALA B 1259 57.48 28.22 -31.60
N ALA B 1260 56.33 27.86 -32.14
CA ALA B 1260 55.55 28.77 -32.95
C ALA B 1260 55.22 30.02 -32.18
N TRP B 1261 54.66 29.86 -30.99
CA TRP B 1261 54.25 30.99 -30.18
C TRP B 1261 55.42 31.93 -29.84
N VAL B 1262 56.61 31.35 -29.73
CA VAL B 1262 57.81 32.12 -29.45
C VAL B 1262 58.07 33.05 -30.60
N ASN B 1263 57.92 32.52 -31.81
CA ASN B 1263 58.11 33.28 -33.02
C ASN B 1263 56.95 34.26 -33.35
N MET B 1264 55.76 33.94 -32.88
CA MET B 1264 54.62 34.80 -33.15
C MET B 1264 54.51 35.94 -32.16
N LEU B 1265 55.34 35.91 -31.12
CA LEU B 1265 55.28 36.91 -30.04
C LEU B 1265 56.57 37.72 -29.85
N LEU B 1266 57.71 37.20 -30.29
CA LEU B 1266 59.01 37.85 -30.09
C LEU B 1266 59.86 37.96 -31.35
N LEU B 1267 60.46 36.84 -31.77
CA LEU B 1267 61.29 36.80 -32.98
C LEU B 1267 60.46 36.66 -34.25
N SER B 1268 60.27 37.71 -35.04
CA SER B 1268 59.49 37.50 -36.26
C SER B 1268 60.33 37.03 -37.43
N SER B 1269 61.08 35.97 -37.19
CA SER B 1269 62.10 35.47 -38.10
C SER B 1269 61.58 34.46 -39.10
N THR B 1270 62.13 34.51 -40.32
CA THR B 1270 61.84 33.50 -41.31
C THR B 1270 62.95 32.43 -41.28
N GLY B 1271 63.57 32.28 -40.12
CA GLY B 1271 64.62 31.30 -39.95
C GLY B 1271 64.07 29.89 -39.96
N PRO B 1272 64.91 28.90 -39.68
CA PRO B 1272 64.46 27.51 -39.64
C PRO B 1272 63.66 27.19 -38.38
N ILE B 1273 63.00 26.03 -38.39
CA ILE B 1273 62.30 25.52 -37.22
C ILE B 1273 62.39 24.02 -37.22
N LYS B 1274 63.48 23.48 -36.70
CA LYS B 1274 63.59 22.05 -36.56
C LYS B 1274 63.32 21.76 -35.10
N THR B 1275 62.18 21.15 -34.81
CA THR B 1275 61.78 20.91 -33.43
C THR B 1275 61.74 19.41 -33.12
N PRO B 1276 62.49 19.00 -32.09
CA PRO B 1276 62.83 17.60 -31.82
C PRO B 1276 62.04 16.96 -30.67
N VAL B 1277 61.84 15.65 -30.80
CA VAL B 1277 61.25 14.84 -29.77
C VAL B 1277 62.20 13.71 -29.45
N GLY B 1278 63.11 13.96 -28.52
CA GLY B 1278 64.04 12.94 -28.11
C GLY B 1278 63.79 12.48 -26.69
N ALA B 1279 62.52 12.46 -26.29
CA ALA B 1279 62.13 12.07 -24.95
C ALA B 1279 63.04 12.74 -23.94
N CYS B 1280 63.46 11.98 -22.92
CA CYS B 1280 64.26 12.52 -21.82
C CYS B 1280 65.49 13.33 -22.27
N ALA B 1281 65.88 13.17 -23.53
CA ALA B 1281 67.10 13.80 -24.02
C ALA B 1281 66.88 14.90 -25.05
N THR B 1282 65.63 15.30 -25.26
CA THR B 1282 65.34 16.31 -26.30
C THR B 1282 66.23 17.54 -26.18
N ALA B 1283 66.43 18.02 -24.95
CA ALA B 1283 67.15 19.27 -24.73
C ALA B 1283 68.57 19.27 -25.31
N VAL B 1284 69.23 18.13 -25.25
CA VAL B 1284 70.54 18.00 -25.87
C VAL B 1284 70.40 17.81 -27.37
N GLU B 1285 69.57 16.84 -27.80
CA GLU B 1285 69.29 16.65 -29.23
C GLU B 1285 68.98 18.00 -29.89
N SER B 1286 68.29 18.86 -29.15
CA SER B 1286 67.97 20.21 -29.58
C SER B 1286 69.24 21.01 -29.83
N LEU B 1287 70.13 21.02 -28.84
CA LEU B 1287 71.42 21.71 -28.97
C LEU B 1287 72.14 21.24 -30.21
N ASP B 1288 72.15 19.92 -30.41
CA ASP B 1288 72.76 19.31 -31.58
C ASP B 1288 72.14 19.85 -32.86
N VAL B 1289 70.82 19.80 -32.93
CA VAL B 1289 70.09 20.28 -34.09
C VAL B 1289 70.38 21.73 -34.43
N GLY B 1290 70.29 22.60 -33.44
CA GLY B 1290 70.61 24.00 -33.65
C GLY B 1290 72.04 24.18 -34.10
N TYR B 1291 72.95 23.40 -33.49
CA TYR B 1291 74.37 23.41 -33.82
C TYR B 1291 74.60 23.14 -35.30
N ASP B 1292 74.18 21.97 -35.77
CA ASP B 1292 74.31 21.57 -37.17
C ASP B 1292 73.71 22.63 -38.09
N THR B 1293 72.48 23.01 -37.77
CA THR B 1293 71.74 23.99 -38.53
C THR B 1293 72.54 25.27 -38.73
N ILE B 1294 73.23 25.71 -37.69
CA ILE B 1294 74.03 26.93 -37.75
C ILE B 1294 75.29 26.75 -38.60
N MET B 1295 75.95 25.60 -38.45
CA MET B 1295 77.15 25.32 -39.21
C MET B 1295 76.89 24.89 -40.65
N GLN B 1296 75.65 25.05 -41.10
CA GLN B 1296 75.30 24.74 -42.48
C GLN B 1296 74.73 25.97 -43.18
N GLY B 1297 74.86 27.10 -42.49
CA GLY B 1297 74.48 28.38 -43.07
C GLY B 1297 73.01 28.72 -42.92
N LYS B 1298 72.25 27.76 -42.40
CA LYS B 1298 70.81 27.93 -42.28
C LYS B 1298 70.47 29.12 -41.36
N ALA B 1299 71.26 29.30 -40.31
CA ALA B 1299 71.03 30.39 -39.37
C ALA B 1299 72.32 30.80 -38.70
N ARG B 1300 72.33 32.02 -38.15
CA ARG B 1300 73.49 32.48 -37.37
C ARG B 1300 73.20 32.59 -35.88
N VAL B 1301 71.96 32.91 -35.53
CA VAL B 1301 71.54 32.85 -34.14
C VAL B 1301 70.47 31.76 -34.06
N CYS B 1302 70.18 31.29 -32.86
CA CYS B 1302 69.27 30.17 -32.76
C CYS B 1302 68.88 29.84 -31.33
N LEU B 1303 67.58 29.82 -31.07
CA LEU B 1303 67.08 29.44 -29.76
C LEU B 1303 67.08 27.94 -29.66
N VAL B 1304 67.41 27.43 -28.48
CA VAL B 1304 67.53 26.00 -28.24
C VAL B 1304 67.08 25.69 -26.80
N GLY B 1305 66.54 24.49 -26.57
CA GLY B 1305 66.18 24.07 -25.24
C GLY B 1305 65.18 22.94 -25.26
N GLY B 1306 64.64 22.62 -24.08
CA GLY B 1306 63.63 21.59 -23.92
C GLY B 1306 62.62 21.95 -22.85
N PHE B 1307 61.48 21.29 -22.88
CA PHE B 1307 60.44 21.52 -21.89
C PHE B 1307 59.58 20.30 -21.75
N ASP B 1308 58.76 20.29 -20.72
CA ASP B 1308 57.81 19.22 -20.46
C ASP B 1308 57.13 19.56 -19.13
N ASP B 1309 55.90 19.10 -18.94
CA ASP B 1309 55.12 19.46 -17.76
C ASP B 1309 54.92 18.25 -16.84
N PHE B 1310 54.30 18.48 -15.68
CA PHE B 1310 53.90 17.39 -14.80
C PHE B 1310 52.40 17.25 -14.87
N GLN B 1311 51.95 16.02 -15.04
CA GLN B 1311 50.54 15.77 -15.31
C GLN B 1311 50.02 14.52 -14.64
N GLU B 1312 48.77 14.58 -14.19
CA GLU B 1312 48.16 13.43 -13.53
C GLU B 1312 48.34 12.17 -14.35
N GLU B 1313 48.11 12.33 -15.64
CA GLU B 1313 48.05 11.23 -16.60
C GLU B 1313 49.45 10.70 -16.84
N GLY B 1314 50.39 11.63 -16.94
CA GLY B 1314 51.79 11.28 -17.09
C GLY B 1314 52.32 10.54 -15.88
N SER B 1315 52.17 11.15 -14.70
CA SER B 1315 52.70 10.61 -13.44
C SER B 1315 52.22 9.20 -13.22
N TYR B 1316 50.93 8.99 -13.48
CA TYR B 1316 50.32 7.69 -13.31
C TYR B 1316 50.92 6.70 -14.29
N GLU B 1317 51.21 7.18 -15.48
CA GLU B 1317 51.71 6.31 -16.54
C GLU B 1317 53.13 5.81 -16.28
N PHE B 1318 54.01 6.73 -15.89
CA PHE B 1318 55.37 6.36 -15.53
C PHE B 1318 55.41 5.34 -14.41
N ALA B 1319 54.50 5.48 -13.46
CA ALA B 1319 54.41 4.55 -12.35
C ALA B 1319 54.17 3.14 -12.84
N ASN B 1320 53.30 2.99 -13.85
CA ASN B 1320 53.03 1.66 -14.44
C ASN B 1320 54.24 1.01 -15.11
N MET B 1321 55.14 1.85 -15.61
CA MET B 1321 56.37 1.39 -16.25
C MET B 1321 57.43 1.01 -15.19
N GLY B 1322 57.41 1.72 -14.06
CA GLY B 1322 58.29 1.41 -12.96
C GLY B 1322 59.45 2.38 -12.86
N ALA B 1323 59.36 3.49 -13.60
CA ALA B 1323 60.45 4.46 -13.71
C ALA B 1323 60.49 5.42 -12.53
N THR B 1324 59.35 5.95 -12.14
CA THR B 1324 59.29 6.87 -10.99
C THR B 1324 59.48 6.16 -9.65
N SER B 1325 59.71 6.93 -8.60
CA SER B 1325 59.96 6.37 -7.29
C SER B 1325 58.67 6.40 -6.51
N ASN B 1326 58.37 5.28 -5.86
CA ASN B 1326 57.17 5.18 -5.01
C ASN B 1326 57.23 5.99 -3.70
N ALA B 1327 56.64 7.18 -3.70
CA ALA B 1327 56.71 8.04 -2.53
C ALA B 1327 56.32 7.32 -1.25
N LYS B 1328 55.19 6.60 -1.25
CA LYS B 1328 54.70 5.89 -0.06
C LYS B 1328 55.72 4.93 0.52
N GLU B 1329 56.43 4.23 -0.35
CA GLU B 1329 57.44 3.29 0.09
C GLU B 1329 58.68 4.01 0.59
N GLU B 1330 59.02 5.12 -0.05
CA GLU B 1330 60.17 5.90 0.39
C GLU B 1330 59.89 6.62 1.70
N PHE B 1331 58.63 6.99 1.91
CA PHE B 1331 58.23 7.53 3.19
C PHE B 1331 58.38 6.47 4.28
N ALA B 1332 58.18 5.22 3.90
CA ALA B 1332 58.31 4.11 4.83
C ALA B 1332 59.77 3.87 5.17
N ARG B 1333 60.67 4.50 4.41
CA ARG B 1333 62.10 4.33 4.60
C ARG B 1333 62.66 5.51 5.36
N GLY B 1334 61.81 6.39 5.84
CA GLY B 1334 62.26 7.53 6.61
C GLY B 1334 62.79 8.65 5.73
N ARG B 1335 62.54 8.55 4.44
CA ARG B 1335 62.94 9.59 3.48
C ARG B 1335 62.03 10.81 3.57
N GLU B 1336 62.55 11.93 3.08
CA GLU B 1336 61.78 13.14 3.07
C GLU B 1336 61.62 13.54 1.62
N PRO B 1337 60.53 14.25 1.31
CA PRO B 1337 60.40 14.74 -0.05
C PRO B 1337 61.63 15.54 -0.33
N GLY B 1338 62.47 15.11 -1.26
CA GLY B 1338 63.68 15.86 -1.51
C GLY B 1338 64.91 15.04 -1.23
N GLU B 1339 64.90 14.37 -0.09
CA GLU B 1339 65.86 13.31 0.18
C GLU B 1339 65.50 12.17 -0.75
N MET B 1340 64.39 12.35 -1.47
CA MET B 1340 63.80 11.30 -2.30
C MET B 1340 64.72 10.93 -3.47
N SER B 1341 65.41 11.93 -4.02
CA SER B 1341 66.19 11.76 -5.26
C SER B 1341 67.71 11.66 -5.04
N ARG B 1342 68.25 10.44 -5.12
CA ARG B 1342 69.67 10.22 -4.88
C ARG B 1342 70.36 9.52 -6.03
N PRO B 1343 70.82 10.31 -7.01
CA PRO B 1343 71.33 9.87 -8.29
C PRO B 1343 72.31 8.70 -8.24
N THR B 1344 73.25 8.68 -7.32
CA THR B 1344 74.28 7.63 -7.38
C THR B 1344 74.21 6.69 -6.21
N SER B 1345 73.25 6.95 -5.32
CA SER B 1345 73.13 6.27 -4.06
C SER B 1345 73.01 4.75 -4.22
N THR B 1346 73.19 4.01 -3.12
CA THR B 1346 72.96 2.58 -3.13
C THR B 1346 71.47 2.35 -3.12
N THR B 1347 70.79 3.19 -2.37
CA THR B 1347 69.36 3.06 -2.14
C THR B 1347 68.51 3.58 -3.29
N ARG B 1348 69.16 4.16 -4.31
CA ARG B 1348 68.45 4.75 -5.46
C ARG B 1348 67.50 3.72 -6.07
N ASN B 1349 66.26 4.11 -6.32
CA ASN B 1349 65.27 3.16 -6.82
C ASN B 1349 64.56 3.62 -8.09
N GLY B 1350 64.09 4.86 -8.08
CA GLY B 1350 63.37 5.40 -9.22
C GLY B 1350 63.59 6.90 -9.30
N PHE B 1351 63.26 7.48 -10.45
CA PHE B 1351 63.47 8.90 -10.67
C PHE B 1351 62.33 9.76 -10.17
N MET B 1352 62.57 11.07 -10.20
CA MET B 1352 61.60 12.03 -9.71
C MET B 1352 60.98 12.86 -10.82
N GLU B 1353 59.64 12.86 -10.88
CA GLU B 1353 58.93 13.71 -11.80
C GLU B 1353 59.25 15.18 -11.46
N SER B 1354 59.34 15.99 -12.49
CA SER B 1354 59.53 17.41 -12.28
C SER B 1354 59.01 18.15 -13.53
N GLN B 1355 58.97 19.47 -13.49
CA GLN B 1355 58.37 20.21 -14.57
C GLN B 1355 59.17 21.45 -14.95
N GLY B 1356 58.85 22.03 -16.10
CA GLY B 1356 59.47 23.28 -16.53
C GLY B 1356 60.30 23.16 -17.79
N CYS B 1357 60.95 24.24 -18.20
CA CYS B 1357 61.84 24.17 -19.35
C CYS B 1357 63.21 24.78 -19.09
N GLY B 1358 64.04 24.72 -20.14
CA GLY B 1358 65.36 25.29 -20.12
C GLY B 1358 65.72 25.73 -21.52
N VAL B 1359 66.32 26.92 -21.63
CA VAL B 1359 66.71 27.45 -22.93
C VAL B 1359 68.09 28.09 -22.91
N GLN B 1360 68.80 27.91 -24.01
CA GLN B 1360 70.01 28.66 -24.29
C GLN B 1360 69.88 29.26 -25.68
N VAL B 1361 70.29 30.51 -25.85
CA VAL B 1361 70.42 31.03 -27.20
C VAL B 1361 71.84 30.76 -27.70
N ILE B 1362 71.98 30.44 -28.99
CA ILE B 1362 73.28 30.11 -29.56
C ILE B 1362 73.56 30.89 -30.85
N MET B 1363 74.85 31.15 -31.06
CA MET B 1363 75.33 31.96 -32.17
C MET B 1363 76.66 31.46 -32.71
N THR B 1364 77.02 31.94 -33.89
CA THR B 1364 78.38 31.80 -34.38
C THR B 1364 79.22 32.75 -33.54
N ALA B 1365 80.43 32.31 -33.18
CA ALA B 1365 81.31 33.16 -32.41
C ALA B 1365 81.43 34.52 -33.09
N GLN B 1366 81.55 34.50 -34.41
CA GLN B 1366 81.71 35.71 -35.20
C GLN B 1366 80.59 36.72 -34.89
N LEU B 1367 79.36 36.31 -35.14
CA LEU B 1367 78.20 37.16 -34.88
C LEU B 1367 78.17 37.56 -33.41
N ALA B 1368 78.66 36.67 -32.55
CA ALA B 1368 78.66 36.93 -31.11
C ALA B 1368 79.53 38.12 -30.80
N LEU B 1369 80.78 38.04 -31.23
CA LEU B 1369 81.76 39.08 -30.98
C LEU B 1369 81.35 40.38 -31.66
N GLU B 1370 80.84 40.27 -32.89
CA GLU B 1370 80.40 41.43 -33.65
C GLU B 1370 79.28 42.19 -32.94
N MET B 1371 78.32 41.44 -32.40
CA MET B 1371 77.22 42.04 -31.68
C MET B 1371 77.74 42.58 -30.37
N GLY B 1372 78.56 41.79 -29.69
CA GLY B 1372 79.09 42.17 -28.40
C GLY B 1372 78.20 41.62 -27.31
N VAL B 1373 77.90 40.34 -27.39
CA VAL B 1373 77.05 39.69 -26.42
C VAL B 1373 77.90 38.73 -25.62
N PRO B 1374 77.51 38.53 -24.37
CA PRO B 1374 78.21 37.68 -23.40
C PRO B 1374 78.52 36.33 -24.02
N ILE B 1375 79.54 35.64 -23.55
CA ILE B 1375 79.78 34.30 -24.05
C ILE B 1375 80.05 33.28 -22.95
N TYR B 1376 79.09 32.38 -22.74
CA TYR B 1376 79.11 31.48 -21.59
C TYR B 1376 79.95 30.24 -21.85
N GLY B 1377 80.12 29.92 -23.13
CA GLY B 1377 80.90 28.77 -23.53
C GLY B 1377 80.85 28.44 -25.00
N ILE B 1378 81.70 27.50 -25.40
CA ILE B 1378 81.76 27.03 -26.77
C ILE B 1378 81.15 25.64 -26.87
N VAL B 1379 80.12 25.50 -27.68
CA VAL B 1379 79.62 24.16 -27.96
C VAL B 1379 80.65 23.45 -28.83
N ALA B 1380 81.45 22.62 -28.19
CA ALA B 1380 82.61 22.02 -28.85
C ALA B 1380 82.18 20.86 -29.71
N MET B 1381 81.12 20.18 -29.27
CA MET B 1381 80.66 19.01 -29.96
C MET B 1381 79.26 18.66 -29.49
N THR B 1382 78.49 18.02 -30.36
CA THR B 1382 77.21 17.44 -30.02
C THR B 1382 77.04 16.20 -30.87
N SER B 1383 76.22 15.25 -30.41
CA SER B 1383 75.86 14.09 -31.21
C SER B 1383 74.76 13.23 -30.56
N THR B 1384 74.00 12.51 -31.39
CA THR B 1384 72.96 11.60 -30.92
C THR B 1384 73.30 10.17 -31.33
N ALA B 1385 72.90 9.20 -30.51
CA ALA B 1385 73.34 7.83 -30.72
C ALA B 1385 72.28 6.81 -30.32
N THR B 1386 72.01 5.89 -31.23
CA THR B 1386 71.09 4.78 -30.99
C THR B 1386 71.91 3.59 -30.50
N ASP B 1387 71.29 2.70 -29.75
CA ASP B 1387 72.02 1.54 -29.24
C ASP B 1387 71.80 0.36 -30.19
N LYS B 1388 71.97 -0.86 -29.69
CA LYS B 1388 71.81 -2.08 -30.52
C LYS B 1388 70.35 -2.52 -30.70
N ILE B 1389 70.17 -3.71 -31.27
CA ILE B 1389 68.87 -4.33 -31.42
C ILE B 1389 68.38 -4.77 -30.05
N GLY B 1390 67.12 -4.51 -29.76
CA GLY B 1390 66.55 -4.92 -28.49
C GLY B 1390 65.04 -5.06 -28.55
N ARG B 1391 64.42 -5.20 -27.38
CA ARG B 1391 62.97 -5.14 -27.31
C ARG B 1391 62.51 -4.24 -26.16
N SER B 1392 63.43 -3.91 -25.26
CA SER B 1392 63.12 -2.98 -24.18
C SER B 1392 63.32 -1.57 -24.66
N VAL B 1393 62.21 -0.89 -24.91
CA VAL B 1393 62.25 0.49 -25.41
C VAL B 1393 62.92 1.48 -24.44
N PRO B 1394 62.57 1.39 -23.15
CA PRO B 1394 63.06 2.36 -22.18
C PRO B 1394 64.51 2.14 -21.77
N ALA B 1395 65.08 0.98 -22.10
CA ALA B 1395 66.44 0.65 -21.69
C ALA B 1395 67.50 1.63 -22.21
N PRO B 1396 68.52 1.90 -21.37
CA PRO B 1396 69.63 2.77 -21.72
C PRO B 1396 70.75 1.92 -22.29
N GLY B 1397 71.35 2.37 -23.38
CA GLY B 1397 72.42 1.64 -24.01
C GLY B 1397 73.69 2.47 -24.12
N GLN B 1398 74.66 1.93 -24.82
CA GLN B 1398 75.95 2.58 -24.91
C GLN B 1398 76.22 3.09 -26.31
N GLY B 1399 75.18 3.59 -26.97
CA GLY B 1399 75.38 4.13 -28.30
C GLY B 1399 76.36 5.28 -28.19
N VAL B 1400 76.21 6.03 -27.12
CA VAL B 1400 76.98 7.24 -26.91
C VAL B 1400 78.49 6.98 -26.79
N LEU B 1401 78.86 5.72 -26.57
CA LEU B 1401 80.27 5.36 -26.44
C LEU B 1401 81.05 5.68 -27.69
N THR B 1402 80.39 5.57 -28.84
CA THR B 1402 81.02 5.72 -30.14
C THR B 1402 81.33 7.16 -30.55
N THR B 1403 81.30 8.10 -29.61
CA THR B 1403 81.79 9.44 -29.88
C THR B 1403 83.23 9.52 -29.40
N ALA B 1404 83.78 8.35 -29.12
CA ALA B 1404 85.17 8.18 -28.73
C ALA B 1404 85.84 7.09 -29.57
N ARG B 1405 85.23 6.71 -30.70
CA ARG B 1405 85.77 5.69 -31.61
C ARG B 1405 86.98 6.23 -32.36
N GLU B 1406 88.01 5.39 -32.48
CA GLU B 1406 89.24 5.80 -33.10
C GLU B 1406 90.19 4.61 -33.23
N LYS B 1407 90.80 4.47 -34.40
CA LYS B 1407 91.90 3.52 -34.58
C LYS B 1407 93.19 4.30 -34.77
N SER B 1408 94.04 4.21 -33.74
CA SER B 1408 95.26 4.99 -33.69
C SER B 1408 96.46 4.20 -34.23
N GLY B 1409 97.08 4.73 -35.28
CA GLY B 1409 98.30 4.14 -35.81
C GLY B 1409 99.42 4.27 -34.79
N ASN B 1410 100.57 3.66 -35.06
CA ASN B 1410 101.71 3.74 -34.16
C ASN B 1410 102.03 5.19 -33.74
N PHE B 1411 101.76 6.12 -34.64
CA PHE B 1411 102.00 7.54 -34.40
C PHE B 1411 100.71 8.35 -34.52
N PRO B 1412 100.53 9.30 -33.60
CA PRO B 1412 99.39 10.24 -33.61
C PRO B 1412 99.33 11.00 -34.93
N SER B 1413 98.13 11.17 -35.45
CA SER B 1413 97.93 12.03 -36.59
C SER B 1413 98.61 13.36 -36.34
N PRO B 1414 99.33 13.85 -37.36
CA PRO B 1414 99.93 15.18 -37.35
C PRO B 1414 98.94 16.21 -36.83
N LEU B 1415 97.69 16.07 -37.24
CA LEU B 1415 96.70 17.10 -37.04
C LEU B 1415 96.39 17.37 -35.57
N LEU B 1416 96.59 16.36 -34.74
CA LEU B 1416 96.43 16.52 -33.30
C LEU B 1416 97.38 17.60 -32.77
N ASP B 1417 98.57 17.68 -33.38
CA ASP B 1417 99.56 18.71 -33.06
C ASP B 1417 99.21 20.07 -33.66
N ILE B 1418 98.98 21.08 -32.82
CA ILE B 1418 98.48 22.36 -33.29
C ILE B 1418 99.43 23.10 -34.21
N LYS B 1419 100.73 22.88 -34.01
CA LYS B 1419 101.74 23.59 -34.75
C LYS B 1419 101.75 23.12 -36.21
N TYR B 1420 101.55 21.83 -36.40
CA TYR B 1420 101.43 21.29 -37.76
C TYR B 1420 100.29 22.01 -38.47
N ARG B 1421 99.17 22.13 -37.78
CA ARG B 1421 98.00 22.79 -38.33
C ARG B 1421 98.32 24.28 -38.55
N ARG B 1422 99.18 24.82 -37.69
CA ARG B 1422 99.68 26.17 -37.83
C ARG B 1422 100.38 26.31 -39.17
N ARG B 1423 101.40 25.48 -39.37
CA ARG B 1423 102.15 25.49 -40.61
C ARG B 1423 101.18 25.50 -41.78
N GLN B 1424 100.43 24.41 -41.88
CA GLN B 1424 99.53 24.16 -43.00
C GLN B 1424 98.56 25.30 -43.24
N LEU B 1425 98.11 25.91 -42.15
CA LEU B 1425 97.18 27.03 -42.24
C LEU B 1425 97.83 28.27 -42.86
N GLU B 1426 98.89 28.77 -42.22
CA GLU B 1426 99.59 29.96 -42.72
C GLU B 1426 100.26 29.67 -44.05
N LEU B 1427 100.51 28.40 -44.30
CA LEU B 1427 100.96 27.91 -45.60
C LEU B 1427 99.90 28.26 -46.65
N ARG B 1428 98.67 27.85 -46.38
CA ARG B 1428 97.55 28.19 -47.25
C ARG B 1428 97.20 29.68 -47.23
N ARG B 1429 97.63 30.38 -46.18
CA ARG B 1429 97.34 31.82 -46.06
C ARG B 1429 98.15 32.57 -47.06
N GLN B 1430 99.41 32.15 -47.21
CA GLN B 1430 100.32 32.66 -48.22
C GLN B 1430 99.78 32.27 -49.57
N GLN B 1431 99.67 30.97 -49.77
CA GLN B 1431 99.10 30.38 -50.97
C GLN B 1431 97.86 31.16 -51.43
N ILE B 1432 97.16 31.73 -50.46
CA ILE B 1432 95.94 32.47 -50.74
C ILE B 1432 96.25 33.91 -51.11
N LYS B 1433 97.16 34.52 -50.34
CA LYS B 1433 97.59 35.89 -50.59
C LYS B 1433 98.08 36.10 -52.03
N GLN B 1434 98.77 35.08 -52.58
CA GLN B 1434 99.34 35.18 -53.93
C GLN B 1434 98.29 34.98 -55.01
N TRP B 1435 97.32 34.12 -54.70
CA TRP B 1435 96.14 33.98 -55.53
C TRP B 1435 95.46 35.32 -55.65
N LYS B 1436 95.37 36.03 -54.53
CA LYS B 1436 94.67 37.30 -54.48
C LYS B 1436 95.18 38.27 -55.54
N GLU B 1437 96.50 38.50 -55.58
CA GLU B 1437 97.09 39.37 -56.59
C GLU B 1437 96.84 38.79 -57.99
N SER B 1438 97.27 37.56 -58.16
CA SER B 1438 97.14 36.85 -59.42
C SER B 1438 95.75 37.04 -60.05
N GLU B 1439 94.73 37.16 -59.21
CA GLU B 1439 93.37 37.34 -59.72
C GLU B 1439 93.11 38.79 -60.13
N TYR B 1440 93.79 39.72 -59.47
CA TYR B 1440 93.69 41.12 -59.84
C TYR B 1440 94.23 41.31 -61.24
N LEU B 1441 95.28 40.56 -61.55
CA LEU B 1441 95.85 40.52 -62.90
C LEU B 1441 94.83 40.02 -63.88
N TYR B 1442 94.38 38.78 -63.70
CA TYR B 1442 93.43 38.14 -64.60
C TYR B 1442 92.19 39.02 -64.83
N LEU B 1443 91.70 39.65 -63.78
CA LEU B 1443 90.50 40.47 -63.87
C LEU B 1443 90.85 41.83 -64.43
N GLN B 1444 92.15 42.08 -64.54
CA GLN B 1444 92.64 43.33 -65.11
C GLN B 1444 92.70 43.20 -66.64
N GLU B 1445 93.31 42.11 -67.09
CA GLU B 1445 93.44 41.81 -68.51
C GLU B 1445 92.07 41.68 -69.13
N GLU B 1446 91.20 40.95 -68.43
CA GLU B 1446 89.83 40.70 -68.87
C GLU B 1446 89.01 42.00 -68.96
N VAL B 1447 89.38 43.00 -68.17
CA VAL B 1447 88.69 44.29 -68.26
C VAL B 1447 88.91 44.85 -69.64
N ALA B 1448 90.17 45.08 -69.96
CA ALA B 1448 90.58 45.59 -71.26
C ALA B 1448 90.20 44.64 -72.40
N ALA B 1449 90.21 43.34 -72.09
CA ALA B 1449 89.90 42.29 -73.06
C ALA B 1449 88.45 42.32 -73.54
N ILE B 1450 87.54 42.87 -72.72
CA ILE B 1450 86.12 42.95 -73.07
C ILE B 1450 85.78 44.27 -73.76
N LYS B 1451 86.70 45.21 -73.70
CA LYS B 1451 86.57 46.47 -74.41
C LYS B 1451 86.73 46.26 -75.93
N SER B 1452 87.66 45.38 -76.29
CA SER B 1452 87.94 45.08 -77.69
C SER B 1452 86.94 44.10 -78.35
N GLN B 1453 86.01 43.56 -77.55
CA GLN B 1453 84.98 42.69 -78.08
C GLN B 1453 83.64 43.44 -78.08
N ARG B 1454 83.73 44.77 -78.03
CA ARG B 1454 82.55 45.61 -77.85
C ARG B 1454 82.07 46.20 -79.18
N SER B 1455 80.89 45.78 -79.60
CA SER B 1455 80.20 46.41 -80.73
C SER B 1455 79.63 47.74 -80.25
N GLU B 1456 79.26 48.60 -81.20
CA GLU B 1456 78.75 49.92 -80.86
C GLU B 1456 77.24 49.88 -80.60
N GLU B 1457 76.63 48.74 -80.92
CA GLU B 1457 75.21 48.46 -80.64
C GLU B 1457 75.05 47.84 -79.24
N ASP B 1458 76.18 47.44 -78.65
CA ASP B 1458 76.22 46.93 -77.29
C ASP B 1458 76.33 48.08 -76.30
N GLY B 1459 75.69 47.94 -75.14
CA GLY B 1459 75.77 48.94 -74.09
C GLY B 1459 77.16 49.05 -73.47
N PRO B 1460 77.63 50.30 -73.27
CA PRO B 1460 78.95 50.61 -72.68
C PRO B 1460 79.15 49.97 -71.32
N PHE B 1461 80.40 49.68 -70.96
CA PHE B 1461 80.70 49.13 -69.65
C PHE B 1461 81.13 50.21 -68.66
N ASP B 1462 80.46 50.26 -67.52
CA ASP B 1462 80.91 51.13 -66.44
C ASP B 1462 82.09 50.43 -65.80
N GLU B 1463 83.28 50.79 -66.23
CA GLU B 1463 84.47 50.22 -65.61
C GLU B 1463 84.41 50.42 -64.11
N THR B 1464 84.08 51.65 -63.69
CA THR B 1464 84.00 51.98 -62.27
C THR B 1464 83.08 50.99 -61.55
N ALA B 1465 81.94 50.71 -62.16
CA ALA B 1465 81.00 49.73 -61.64
C ALA B 1465 81.57 48.32 -61.69
N TYR B 1466 81.73 47.81 -62.91
CA TYR B 1466 82.24 46.47 -63.13
C TYR B 1466 83.52 46.21 -62.33
N LEU B 1467 84.42 47.19 -62.30
CA LEU B 1467 85.67 47.04 -61.57
C LEU B 1467 85.42 46.93 -60.07
N ARG B 1468 84.57 47.81 -59.57
CA ARG B 1468 84.18 47.75 -58.16
C ARG B 1468 83.74 46.36 -57.78
N GLU B 1469 82.56 45.98 -58.26
CA GLU B 1469 81.98 44.68 -57.93
C GLU B 1469 83.03 43.58 -57.96
N ARG B 1470 83.86 43.60 -58.99
CA ARG B 1470 84.85 42.55 -59.23
C ARG B 1470 86.02 42.50 -58.23
N THR B 1471 86.51 43.67 -57.82
CA THR B 1471 87.53 43.70 -56.79
C THR B 1471 86.91 43.27 -55.47
N GLU B 1472 85.85 43.98 -55.08
CA GLU B 1472 85.10 43.68 -53.88
C GLU B 1472 84.91 42.19 -53.78
N HIS B 1473 84.58 41.58 -54.92
CA HIS B 1473 84.39 40.14 -55.03
C HIS B 1473 85.67 39.35 -54.76
N ILE B 1474 86.76 39.78 -55.35
CA ILE B 1474 88.01 39.07 -55.11
C ILE B 1474 88.36 39.17 -53.64
N GLU B 1475 88.05 40.33 -53.05
CA GLU B 1475 88.25 40.58 -51.63
C GLU B 1475 87.45 39.57 -50.81
N ARG B 1476 86.14 39.53 -51.07
CA ARG B 1476 85.26 38.59 -50.42
C ARG B 1476 85.81 37.19 -50.58
N GLU B 1477 86.00 36.81 -51.83
CA GLU B 1477 86.43 35.46 -52.18
C GLU B 1477 87.78 35.12 -51.51
N ALA B 1478 88.54 36.17 -51.23
CA ALA B 1478 89.80 35.99 -50.52
C ALA B 1478 89.50 35.58 -49.09
N ARG B 1479 88.83 36.47 -48.37
CA ARG B 1479 88.40 36.22 -46.99
C ARG B 1479 87.71 34.87 -46.90
N ARG B 1480 86.82 34.62 -47.86
CA ARG B 1480 86.08 33.37 -47.91
C ARG B 1480 87.06 32.22 -47.90
N GLN B 1481 88.03 32.31 -48.80
CA GLN B 1481 89.02 31.25 -48.89
C GLN B 1481 89.82 31.14 -47.61
N GLU B 1482 90.09 32.27 -46.96
CA GLU B 1482 90.82 32.30 -45.70
C GLU B 1482 90.11 31.49 -44.62
N ALA B 1483 88.99 32.04 -44.17
CA ALA B 1483 88.16 31.38 -43.18
C ALA B 1483 87.96 29.90 -43.54
N GLU B 1484 87.85 29.60 -44.84
CA GLU B 1484 87.62 28.23 -45.28
C GLU B 1484 88.79 27.28 -44.96
N ALA B 1485 90.01 27.78 -45.16
CA ALA B 1485 91.18 27.00 -44.82
C ALA B 1485 91.32 26.95 -43.31
N GLN B 1486 90.91 28.05 -42.67
CA GLN B 1486 90.86 28.15 -41.21
C GLN B 1486 89.99 27.03 -40.68
N THR B 1487 88.85 26.84 -41.36
CA THR B 1487 87.89 25.78 -41.07
C THR B 1487 88.52 24.40 -41.12
N SER B 1488 89.20 24.10 -42.22
CA SER B 1488 89.74 22.77 -42.46
C SER B 1488 90.96 22.44 -41.59
N PHE B 1489 91.46 23.42 -40.83
CA PHE B 1489 92.68 23.22 -40.08
C PHE B 1489 92.56 23.48 -38.58
N GLY B 1490 91.43 24.06 -38.19
CA GLY B 1490 91.16 24.30 -36.78
C GLY B 1490 89.87 23.65 -36.38
N ASN B 1491 88.80 23.96 -37.11
CA ASN B 1491 87.48 23.54 -36.72
C ASN B 1491 87.18 22.08 -37.07
N GLU B 1492 87.27 21.76 -38.35
CA GLU B 1492 86.73 20.51 -38.86
C GLU B 1492 87.78 19.49 -39.28
N PHE B 1493 89.02 19.65 -38.83
CA PHE B 1493 90.09 18.78 -39.28
C PHE B 1493 89.91 17.32 -38.88
N TRP B 1494 89.02 17.08 -37.92
CA TRP B 1494 88.78 15.74 -37.38
C TRP B 1494 87.52 15.09 -37.98
N ARG B 1495 86.92 15.81 -38.94
CA ARG B 1495 85.64 15.42 -39.55
C ARG B 1495 85.76 14.12 -40.34
N ARG B 1496 85.36 13.03 -39.70
CA ARG B 1496 85.36 11.74 -40.38
C ARG B 1496 86.75 11.09 -40.44
N ASP B 1497 87.69 11.61 -39.66
CA ASP B 1497 89.00 10.99 -39.55
C ASP B 1497 88.98 9.69 -38.72
N SER B 1498 89.24 8.56 -39.38
CA SER B 1498 89.34 7.25 -38.73
C SER B 1498 90.36 7.19 -37.59
N ARG B 1499 91.27 8.15 -37.56
CA ARG B 1499 92.38 8.13 -36.62
C ARG B 1499 92.21 9.20 -35.54
N ILE B 1500 91.03 9.81 -35.48
CA ILE B 1500 90.72 10.81 -34.48
C ILE B 1500 89.30 10.64 -33.96
N ALA B 1501 89.17 10.27 -32.69
CA ALA B 1501 87.87 10.24 -32.03
C ALA B 1501 87.27 11.65 -32.03
N PRO B 1502 85.98 11.78 -32.36
CA PRO B 1502 85.32 13.10 -32.43
C PRO B 1502 85.47 13.92 -31.16
N LEU B 1503 85.45 13.24 -30.02
CA LEU B 1503 85.77 13.86 -28.74
C LEU B 1503 87.16 14.51 -28.76
N ARG B 1504 88.18 13.71 -29.08
CA ARG B 1504 89.53 14.23 -29.32
C ARG B 1504 89.45 15.48 -30.19
N GLY B 1505 88.96 15.27 -31.41
CA GLY B 1505 88.86 16.33 -32.39
C GLY B 1505 88.37 17.60 -31.73
N ALA B 1506 87.09 17.63 -31.39
CA ALA B 1506 86.46 18.84 -30.90
C ALA B 1506 87.32 19.50 -29.85
N LEU B 1507 87.95 18.69 -29.00
CA LEU B 1507 88.78 19.18 -27.91
C LEU B 1507 90.11 19.74 -28.41
N ALA B 1508 90.80 18.94 -29.21
CA ALA B 1508 92.12 19.30 -29.73
C ALA B 1508 92.09 20.61 -30.53
N THR B 1509 90.95 20.92 -31.15
CA THR B 1509 90.83 22.13 -31.97
C THR B 1509 90.95 23.41 -31.14
N TRP B 1510 90.95 23.27 -29.81
CA TRP B 1510 91.11 24.39 -28.91
C TRP B 1510 92.35 24.18 -28.06
N GLY B 1511 93.10 23.15 -28.43
CA GLY B 1511 94.39 22.88 -27.83
C GLY B 1511 94.24 22.14 -26.54
N LEU B 1512 93.36 21.16 -26.54
CA LEU B 1512 93.05 20.42 -25.32
C LEU B 1512 93.00 18.92 -25.58
N THR B 1513 93.30 18.14 -24.56
CA THR B 1513 93.11 16.69 -24.63
C THR B 1513 92.10 16.23 -23.59
N ILE B 1514 91.88 14.93 -23.55
CA ILE B 1514 90.85 14.38 -22.69
C ILE B 1514 91.16 14.75 -21.24
N ASP B 1515 92.44 14.99 -20.95
CA ASP B 1515 92.83 15.27 -19.58
C ASP B 1515 92.32 16.64 -19.11
N ASP B 1516 92.04 17.53 -20.06
CA ASP B 1516 91.52 18.86 -19.75
C ASP B 1516 90.01 18.86 -19.45
N LEU B 1517 89.35 17.78 -19.85
CA LEU B 1517 87.92 17.60 -19.62
C LEU B 1517 87.71 17.42 -18.12
N GLY B 1518 87.20 18.45 -17.47
CA GLY B 1518 87.18 18.47 -16.01
C GLY B 1518 85.94 17.92 -15.34
N VAL B 1519 84.80 18.43 -15.76
CA VAL B 1519 83.55 18.05 -15.13
C VAL B 1519 82.67 17.29 -16.12
N ALA B 1520 82.06 16.22 -15.66
CA ALA B 1520 81.01 15.57 -16.45
C ALA B 1520 79.68 15.68 -15.74
N SER B 1521 78.71 16.33 -16.38
CA SER B 1521 77.38 16.40 -15.82
C SER B 1521 76.62 15.15 -16.28
N PHE B 1522 76.10 14.41 -15.31
CA PHE B 1522 75.43 13.16 -15.59
C PHE B 1522 73.92 13.35 -15.63
N HIS B 1523 73.27 12.60 -16.50
CA HIS B 1523 71.82 12.43 -16.48
C HIS B 1523 71.42 11.98 -15.08
N GLY B 1524 72.03 10.87 -14.65
CA GLY B 1524 71.96 10.42 -13.27
C GLY B 1524 70.58 10.67 -12.69
N THR B 1525 69.65 9.82 -13.08
CA THR B 1525 68.25 10.04 -12.77
C THR B 1525 67.81 9.25 -11.56
N SER B 1526 68.75 8.71 -10.81
CA SER B 1526 68.45 8.03 -9.55
C SER B 1526 67.77 6.68 -9.79
N THR B 1527 67.75 6.26 -11.06
CA THR B 1527 67.25 4.93 -11.40
C THR B 1527 68.40 3.95 -11.29
N VAL B 1528 68.06 2.68 -11.10
CA VAL B 1528 69.09 1.71 -10.83
C VAL B 1528 70.10 1.60 -11.96
N ALA B 1529 69.60 1.42 -13.18
CA ALA B 1529 70.46 1.13 -14.33
C ALA B 1529 71.09 2.35 -14.99
N ASN B 1530 70.34 3.44 -15.13
CA ASN B 1530 70.86 4.62 -15.80
C ASN B 1530 72.13 5.21 -15.19
N ASP B 1531 72.43 4.83 -13.95
CA ASP B 1531 73.54 5.41 -13.25
C ASP B 1531 74.79 4.52 -13.33
N LYS B 1532 74.60 3.21 -13.30
CA LYS B 1532 75.67 2.31 -13.69
C LYS B 1532 76.12 2.67 -15.09
N ASN B 1533 75.18 2.54 -16.03
CA ASN B 1533 75.43 2.77 -17.45
C ASN B 1533 76.16 4.06 -17.77
N GLU B 1534 75.66 5.17 -17.26
CA GLU B 1534 76.27 6.47 -17.51
C GLU B 1534 77.75 6.48 -17.15
N SER B 1535 78.04 6.16 -15.89
CA SER B 1535 79.42 6.05 -15.47
C SER B 1535 80.17 5.18 -16.46
N ASP B 1536 79.74 3.94 -16.59
CA ASP B 1536 80.34 2.99 -17.54
C ASP B 1536 80.64 3.57 -18.93
N VAL B 1537 79.73 4.35 -19.49
CA VAL B 1537 79.96 4.88 -20.83
C VAL B 1537 81.02 5.96 -20.77
N ILE B 1538 80.76 6.99 -19.96
CA ILE B 1538 81.70 8.08 -19.84
C ILE B 1538 83.08 7.58 -19.43
N CYS B 1539 83.11 6.49 -18.67
CA CYS B 1539 84.37 5.88 -18.23
C CYS B 1539 85.12 5.25 -19.42
N GLN B 1540 84.51 4.25 -20.06
CA GLN B 1540 85.10 3.62 -21.25
C GLN B 1540 85.57 4.67 -22.24
N GLN B 1541 84.74 5.69 -22.42
CA GLN B 1541 85.07 6.81 -23.27
C GLN B 1541 86.45 7.39 -22.91
N LEU B 1542 86.54 7.92 -21.69
CA LEU B 1542 87.78 8.51 -21.21
C LEU B 1542 88.94 7.54 -21.32
N LYS B 1543 88.75 6.31 -20.86
CA LYS B 1543 89.82 5.33 -20.88
C LYS B 1543 90.37 5.12 -22.28
N HIS B 1544 89.56 4.55 -23.17
CA HIS B 1544 89.99 4.28 -24.54
C HIS B 1544 90.58 5.51 -25.27
N LEU B 1545 90.15 6.72 -24.92
CA LEU B 1545 90.72 7.90 -25.55
C LEU B 1545 92.15 8.20 -25.09
N GLY B 1546 92.49 7.78 -23.88
CA GLY B 1546 93.84 7.98 -23.35
C GLY B 1546 93.96 8.65 -21.98
N ARG B 1547 92.84 9.14 -21.46
CA ARG B 1547 92.79 9.75 -20.13
C ARG B 1547 93.81 9.10 -19.21
N THR B 1548 94.69 9.90 -18.64
CA THR B 1548 95.79 9.38 -17.86
C THR B 1548 95.36 8.96 -16.45
N LYS B 1549 95.68 7.71 -16.11
CA LYS B 1549 95.26 7.09 -14.85
C LYS B 1549 95.47 7.99 -13.63
N GLY B 1550 94.43 8.13 -12.82
CA GLY B 1550 94.49 9.00 -11.66
C GLY B 1550 93.79 10.33 -11.90
N ASN B 1551 93.54 10.66 -13.16
CA ASN B 1551 92.85 11.91 -13.43
C ASN B 1551 91.35 11.71 -13.52
N ALA B 1552 90.62 11.94 -12.43
CA ALA B 1552 89.18 11.71 -12.44
C ALA B 1552 88.40 12.95 -12.86
N VAL B 1553 87.19 12.74 -13.38
CA VAL B 1553 86.28 13.83 -13.70
C VAL B 1553 85.32 14.03 -12.55
N LEU B 1554 85.14 15.29 -12.17
CA LEU B 1554 84.17 15.63 -11.16
C LEU B 1554 82.81 15.37 -11.77
N GLY B 1555 82.02 14.51 -11.10
CA GLY B 1555 80.72 14.11 -11.59
C GLY B 1555 79.56 14.83 -10.92
N ILE B 1556 78.77 15.53 -11.74
CA ILE B 1556 77.61 16.27 -11.26
C ILE B 1556 76.32 15.53 -11.53
N PHE B 1557 75.36 15.65 -10.63
CA PHE B 1557 74.05 15.01 -10.80
C PHE B 1557 72.92 15.94 -10.37
N GLN B 1558 72.60 16.91 -11.20
CA GLN B 1558 71.65 17.96 -10.87
C GLN B 1558 70.28 17.45 -10.44
N LYS B 1559 69.93 16.26 -10.87
CA LYS B 1559 68.60 15.71 -10.63
C LYS B 1559 68.25 15.63 -9.13
N TYR B 1560 69.24 15.39 -8.27
CA TYR B 1560 69.00 15.32 -6.82
C TYR B 1560 68.24 16.55 -6.34
N LEU B 1561 68.47 17.68 -7.01
CA LEU B 1561 67.97 18.94 -6.52
C LEU B 1561 66.71 19.30 -7.25
N THR B 1562 66.69 19.03 -8.56
CA THR B 1562 65.67 19.54 -9.45
C THR B 1562 64.57 18.53 -9.78
N GLY B 1563 64.84 17.25 -9.55
CA GLY B 1563 63.97 16.21 -10.08
C GLY B 1563 64.21 16.12 -11.58
N HIS B 1564 63.50 15.22 -12.25
CA HIS B 1564 63.73 14.93 -13.67
C HIS B 1564 62.61 15.50 -14.51
N PRO B 1565 62.87 16.61 -15.21
CA PRO B 1565 61.80 17.21 -15.99
C PRO B 1565 61.75 16.55 -17.35
N LYS B 1566 61.51 15.24 -17.36
CA LYS B 1566 61.29 14.51 -18.59
C LYS B 1566 62.09 15.12 -19.77
N GLY B 1567 61.51 16.10 -20.46
CA GLY B 1567 62.15 16.64 -21.64
C GLY B 1567 63.25 17.69 -21.45
N ALA B 1568 63.00 18.62 -20.54
CA ALA B 1568 63.91 19.73 -20.32
C ALA B 1568 65.16 19.32 -19.51
N ALA B 1569 65.34 18.02 -19.28
CA ALA B 1569 66.45 17.54 -18.46
C ALA B 1569 67.78 18.12 -18.93
N GLY B 1570 68.12 17.86 -20.19
CA GLY B 1570 69.37 18.32 -20.76
C GLY B 1570 69.61 19.81 -20.62
N ALA B 1571 68.57 20.62 -20.84
CA ALA B 1571 68.71 22.06 -20.82
C ALA B 1571 69.19 22.51 -19.47
N TRP B 1572 68.52 22.04 -18.42
CA TRP B 1572 68.92 22.40 -17.05
C TRP B 1572 70.37 22.06 -16.76
N MET B 1573 70.79 20.86 -17.13
CA MET B 1573 72.16 20.43 -16.93
C MET B 1573 73.16 21.31 -17.67
N LEU B 1574 72.88 21.57 -18.94
CA LEU B 1574 73.71 22.44 -19.76
C LEU B 1574 73.94 23.81 -19.11
N ASN B 1575 72.89 24.35 -18.50
CA ASN B 1575 72.96 25.61 -17.77
C ASN B 1575 73.95 25.47 -16.64
N GLY B 1576 73.80 24.39 -15.88
CA GLY B 1576 74.68 24.10 -14.76
C GLY B 1576 76.15 24.18 -15.16
N CYS B 1577 76.49 23.53 -16.27
CA CYS B 1577 77.87 23.45 -16.69
C CYS B 1577 78.40 24.79 -17.09
N LEU B 1578 77.64 25.50 -17.92
CA LEU B 1578 78.00 26.87 -18.32
C LEU B 1578 78.23 27.73 -17.08
N GLN B 1579 77.53 27.36 -16.01
CA GLN B 1579 77.67 28.05 -14.71
C GLN B 1579 78.92 27.64 -13.97
N VAL B 1580 79.17 26.34 -13.90
CA VAL B 1580 80.44 25.83 -13.37
C VAL B 1580 81.60 26.47 -14.13
N LEU B 1581 81.58 26.39 -15.46
CA LEU B 1581 82.59 27.03 -16.31
C LEU B 1581 82.91 28.47 -15.92
N ASN B 1582 81.89 29.22 -15.52
CA ASN B 1582 82.10 30.64 -15.20
C ASN B 1582 82.33 30.92 -13.72
N THR B 1583 82.41 29.89 -12.89
CA THR B 1583 82.65 30.10 -11.47
C THR B 1583 83.77 29.24 -10.96
N GLY B 1584 84.06 28.16 -11.65
CA GLY B 1584 85.06 27.22 -11.16
C GLY B 1584 84.56 26.47 -9.94
N ILE B 1585 83.27 26.63 -9.63
CA ILE B 1585 82.66 25.87 -8.55
C ILE B 1585 82.00 24.64 -9.11
N VAL B 1586 82.32 23.47 -8.56
CA VAL B 1586 81.70 22.26 -9.01
C VAL B 1586 80.80 21.75 -7.91
N PRO B 1587 79.48 21.88 -8.11
CA PRO B 1587 78.46 21.59 -7.09
C PRO B 1587 78.47 20.14 -6.66
N GLY B 1588 78.09 19.88 -5.42
CA GLY B 1588 78.10 18.53 -4.89
C GLY B 1588 76.71 17.91 -4.88
N ASN B 1589 76.67 16.59 -4.93
CA ASN B 1589 75.43 15.84 -4.89
C ASN B 1589 75.03 15.65 -3.44
N ARG B 1590 74.34 16.64 -2.88
CA ARG B 1590 73.93 16.60 -1.45
C ARG B 1590 73.31 15.28 -1.01
N ASN B 1591 72.56 14.66 -1.92
CA ASN B 1591 71.83 13.44 -1.62
C ASN B 1591 72.64 12.18 -1.87
N ALA B 1592 73.95 12.34 -2.00
CA ALA B 1592 74.83 11.20 -2.15
C ALA B 1592 74.97 10.48 -0.80
N ASP B 1593 73.87 9.95 -0.29
CA ASP B 1593 73.90 9.04 0.87
C ASP B 1593 75.24 8.35 0.94
N ASN B 1594 75.45 7.42 0.03
CA ASN B 1594 76.58 6.52 0.09
C ASN B 1594 76.71 5.88 -1.26
N VAL B 1595 77.68 6.31 -2.05
CA VAL B 1595 77.77 5.86 -3.43
C VAL B 1595 77.89 4.35 -3.57
N ASP B 1596 77.13 3.80 -4.52
CA ASP B 1596 77.06 2.36 -4.73
C ASP B 1596 78.44 1.76 -4.98
N LYS B 1597 78.78 0.70 -4.25
CA LYS B 1597 80.04 0.00 -4.44
C LYS B 1597 80.35 -0.28 -5.92
N VAL B 1598 79.30 -0.37 -6.72
CA VAL B 1598 79.47 -0.62 -8.13
C VAL B 1598 80.30 0.50 -8.75
N MET B 1599 80.05 1.71 -8.30
CA MET B 1599 80.69 2.90 -8.88
C MET B 1599 82.17 3.02 -8.55
N GLU B 1600 82.72 2.05 -7.82
CA GLU B 1600 84.13 2.07 -7.42
C GLU B 1600 84.98 1.74 -8.64
N GLN B 1601 84.52 0.77 -9.42
CA GLN B 1601 85.24 0.32 -10.62
C GLN B 1601 85.43 1.40 -11.69
N PHE B 1602 84.75 2.54 -11.54
CA PHE B 1602 84.92 3.63 -12.50
C PHE B 1602 85.94 4.61 -11.97
N ASP B 1603 87.20 4.30 -12.25
CA ASP B 1603 88.34 5.05 -11.73
C ASP B 1603 88.22 6.50 -12.10
N TYR B 1604 87.82 6.76 -13.34
CA TYR B 1604 87.93 8.09 -13.93
C TYR B 1604 86.86 9.04 -13.43
N ILE B 1605 85.95 8.53 -12.62
CA ILE B 1605 84.87 9.33 -12.10
C ILE B 1605 84.94 9.46 -10.59
N VAL B 1606 84.85 10.68 -10.08
CA VAL B 1606 84.73 10.85 -8.66
C VAL B 1606 83.47 11.65 -8.31
N TYR B 1607 82.68 11.10 -7.39
CA TYR B 1607 81.38 11.68 -7.09
C TYR B 1607 81.40 12.52 -5.82
N PRO B 1608 81.38 13.84 -5.98
CA PRO B 1608 81.47 14.79 -4.86
C PRO B 1608 80.12 14.98 -4.19
N SER B 1609 80.11 14.86 -2.87
CA SER B 1609 78.90 15.05 -2.07
C SER B 1609 78.80 16.48 -1.55
N ARG B 1610 79.83 17.26 -1.83
CA ARG B 1610 79.82 18.67 -1.49
C ARG B 1610 80.53 19.49 -2.56
N SER B 1611 80.20 20.78 -2.62
CA SER B 1611 80.75 21.66 -3.65
C SER B 1611 82.26 21.87 -3.51
N ILE B 1612 82.94 22.04 -4.63
CA ILE B 1612 84.37 22.26 -4.62
C ILE B 1612 84.74 23.47 -5.48
N LYS B 1613 85.38 24.44 -4.85
CA LYS B 1613 85.89 25.61 -5.55
C LYS B 1613 87.27 25.30 -6.10
N THR B 1614 87.44 25.47 -7.40
CA THR B 1614 88.68 25.09 -8.05
C THR B 1614 89.33 26.29 -8.73
N ASP B 1615 90.54 26.07 -9.24
CA ASP B 1615 91.28 27.12 -9.95
C ASP B 1615 90.60 27.41 -11.28
N GLY B 1616 89.77 26.47 -11.71
CA GLY B 1616 89.00 26.60 -12.92
C GLY B 1616 88.68 25.25 -13.56
N ILE B 1617 87.71 25.24 -14.46
CA ILE B 1617 87.44 24.07 -15.28
C ILE B 1617 87.54 24.52 -16.75
N LYS B 1618 88.08 23.65 -17.59
CA LYS B 1618 88.35 24.02 -18.98
C LYS B 1618 87.22 23.56 -19.92
N ALA B 1619 86.87 22.28 -19.81
CA ALA B 1619 85.82 21.73 -20.65
C ALA B 1619 84.96 20.73 -19.88
N PHE B 1620 83.69 20.62 -20.27
CA PHE B 1620 82.76 19.73 -19.60
C PHE B 1620 82.03 18.80 -20.56
N SER B 1621 81.42 17.77 -19.99
CA SER B 1621 80.60 16.84 -20.76
C SER B 1621 79.26 16.60 -20.11
N VAL B 1622 78.21 17.14 -20.71
CA VAL B 1622 76.85 16.75 -20.35
C VAL B 1622 76.44 15.55 -21.20
N THR B 1623 75.69 14.64 -20.57
CA THR B 1623 75.23 13.43 -21.23
C THR B 1623 73.84 13.06 -20.73
N SER B 1624 72.92 12.89 -21.67
CA SER B 1624 71.58 12.47 -21.30
C SER B 1624 71.18 11.27 -22.13
N PHE B 1625 70.21 10.52 -21.63
CA PHE B 1625 69.68 9.35 -22.32
C PHE B 1625 68.17 9.41 -22.25
N GLY B 1626 67.51 8.83 -23.24
CA GLY B 1626 66.07 8.90 -23.30
C GLY B 1626 65.38 7.59 -23.64
N PHE B 1627 64.05 7.61 -23.61
CA PHE B 1627 63.25 6.46 -24.01
C PHE B 1627 63.45 6.18 -25.48
N GLY B 1628 63.49 4.89 -25.82
CA GLY B 1628 63.64 4.49 -27.21
C GLY B 1628 65.04 4.79 -27.71
N GLN B 1629 66.03 4.30 -26.95
CA GLN B 1629 67.44 4.35 -27.30
C GLN B 1629 67.95 5.71 -27.80
N LYS B 1630 67.67 6.75 -27.04
CA LYS B 1630 67.89 8.13 -27.47
C LYS B 1630 69.02 8.75 -26.67
N GLY B 1631 70.26 8.37 -26.96
CA GLY B 1631 71.43 8.83 -26.22
C GLY B 1631 72.13 10.04 -26.83
N ALA B 1632 72.36 11.09 -26.03
CA ALA B 1632 73.02 12.30 -26.52
C ALA B 1632 74.15 12.74 -25.60
N GLN B 1633 75.13 13.45 -26.16
CA GLN B 1633 76.25 13.97 -25.39
C GLN B 1633 76.77 15.24 -26.03
N ALA B 1634 77.08 16.23 -25.19
CA ALA B 1634 77.64 17.49 -25.65
C ALA B 1634 78.86 17.88 -24.83
N ILE B 1635 79.85 18.45 -25.50
CA ILE B 1635 81.06 18.94 -24.84
C ILE B 1635 81.19 20.44 -24.97
N GLY B 1636 81.33 21.11 -23.83
CA GLY B 1636 81.44 22.55 -23.80
C GLY B 1636 82.81 22.95 -23.30
N VAL B 1637 83.36 23.98 -23.92
CA VAL B 1637 84.70 24.47 -23.60
C VAL B 1637 84.68 25.92 -23.15
N HIS B 1638 85.60 26.26 -22.26
CA HIS B 1638 85.63 27.58 -21.63
C HIS B 1638 85.91 28.72 -22.61
N PRO B 1639 85.11 29.78 -22.51
CA PRO B 1639 85.13 31.01 -23.32
C PRO B 1639 86.53 31.53 -23.62
N LYS B 1640 87.40 31.58 -22.61
CA LYS B 1640 88.73 32.11 -22.80
C LYS B 1640 89.34 31.56 -24.10
N TYR B 1641 89.23 30.24 -24.29
CA TYR B 1641 89.82 29.59 -25.45
C TYR B 1641 89.36 30.15 -26.81
N LEU B 1642 88.13 30.63 -26.89
CA LEU B 1642 87.69 31.27 -28.11
C LEU B 1642 88.45 32.59 -28.27
N PHE B 1643 88.52 33.35 -27.18
CA PHE B 1643 89.14 34.66 -27.21
C PHE B 1643 90.62 34.58 -27.62
N ALA B 1644 91.25 33.44 -27.32
CA ALA B 1644 92.65 33.23 -27.68
C ALA B 1644 92.85 33.10 -29.20
N THR B 1645 91.76 33.26 -29.95
CA THR B 1645 91.83 33.29 -31.40
C THR B 1645 92.16 34.71 -31.81
N LEU B 1646 91.75 35.67 -30.98
CA LEU B 1646 91.79 37.08 -31.35
C LEU B 1646 93.09 37.75 -30.93
N ASP B 1647 93.25 39.00 -31.36
CA ASP B 1647 94.33 39.85 -30.88
C ASP B 1647 93.79 40.61 -29.69
N LYS B 1648 94.65 40.90 -28.72
CA LYS B 1648 94.25 41.77 -27.62
C LYS B 1648 93.56 43.02 -28.20
N ALA B 1649 93.93 43.38 -29.43
CA ALA B 1649 93.28 44.48 -30.12
C ALA B 1649 91.78 44.25 -30.21
N GLN B 1650 91.41 43.12 -30.81
CA GLN B 1650 90.03 42.73 -31.03
C GLN B 1650 89.31 42.49 -29.72
N TYR B 1651 89.81 41.51 -28.96
CA TYR B 1651 89.20 41.10 -27.72
C TYR B 1651 88.81 42.29 -26.87
N GLU B 1652 89.71 43.26 -26.77
CA GLU B 1652 89.52 44.39 -25.86
C GLU B 1652 88.49 45.36 -26.41
N ALA B 1653 88.33 45.35 -27.73
CA ALA B 1653 87.31 46.17 -28.39
C ALA B 1653 85.95 45.57 -28.08
N TYR B 1654 85.89 44.25 -28.09
CA TYR B 1654 84.69 43.50 -27.78
C TYR B 1654 84.28 43.74 -26.33
N CYS B 1655 85.25 43.67 -25.42
CA CYS B 1655 84.98 43.80 -24.00
C CYS B 1655 84.28 45.11 -23.66
N VAL B 1656 84.51 46.14 -24.47
CA VAL B 1656 83.87 47.42 -24.22
C VAL B 1656 82.43 47.38 -24.68
N LYS B 1657 82.20 46.67 -25.78
CA LYS B 1657 80.85 46.43 -26.27
C LYS B 1657 80.02 45.72 -25.20
N VAL B 1658 80.54 44.58 -24.76
CA VAL B 1658 79.87 43.76 -23.75
C VAL B 1658 79.42 44.60 -22.57
N GLN B 1659 80.36 45.25 -21.91
CA GLN B 1659 80.06 45.99 -20.68
C GLN B 1659 79.04 47.10 -20.86
N ALA B 1660 78.87 47.55 -22.09
CA ALA B 1660 77.85 48.55 -22.40
C ALA B 1660 76.49 47.87 -22.42
N ARG B 1661 76.42 46.73 -23.09
CA ARG B 1661 75.21 45.89 -23.12
C ARG B 1661 74.70 45.55 -21.73
N GLN B 1662 75.60 45.00 -20.91
CA GLN B 1662 75.30 44.65 -19.53
C GLN B 1662 74.62 45.81 -18.81
N LYS B 1663 75.04 47.02 -19.11
CA LYS B 1663 74.43 48.18 -18.47
C LYS B 1663 73.00 48.40 -18.96
N LYS B 1664 72.76 48.16 -20.24
CA LYS B 1664 71.40 48.21 -20.75
C LYS B 1664 70.60 47.11 -20.08
N ALA B 1665 71.15 45.90 -20.13
CA ALA B 1665 70.48 44.74 -19.60
C ALA B 1665 70.07 44.98 -18.15
N TYR B 1666 71.05 45.35 -17.34
CA TYR B 1666 70.83 45.65 -15.95
C TYR B 1666 69.63 46.57 -15.81
N ARG B 1667 69.63 47.64 -16.60
CA ARG B 1667 68.56 48.62 -16.50
C ARG B 1667 67.22 47.95 -16.75
N PHE B 1668 67.16 47.22 -17.86
CA PHE B 1668 65.94 46.57 -18.29
C PHE B 1668 65.43 45.63 -17.21
N PHE B 1669 66.28 44.70 -16.81
CA PHE B 1669 65.91 43.71 -15.82
C PHE B 1669 65.29 44.34 -14.58
N HIS B 1670 65.84 45.45 -14.12
CA HIS B 1670 65.30 46.09 -12.92
C HIS B 1670 63.97 46.76 -13.19
N ASN B 1671 63.87 47.38 -14.35
CA ASN B 1671 62.62 47.96 -14.77
C ASN B 1671 61.55 46.87 -14.80
N GLY B 1672 61.90 45.74 -15.42
CA GLY B 1672 60.98 44.64 -15.57
C GLY B 1672 60.49 44.11 -14.23
N LEU B 1673 61.41 43.74 -13.35
CA LEU B 1673 61.03 43.25 -12.02
C LEU B 1673 59.97 44.11 -11.35
N ILE B 1674 60.19 45.40 -11.40
CA ILE B 1674 59.31 46.35 -10.73
C ILE B 1674 57.97 46.55 -11.43
N ASN B 1675 58.01 46.58 -12.76
CA ASN B 1675 56.84 46.91 -13.56
C ASN B 1675 56.25 45.71 -14.33
N ASN B 1676 56.78 44.53 -14.04
CA ASN B 1676 56.28 43.27 -14.59
C ASN B 1676 56.41 43.20 -16.10
N LYS B 1677 57.49 43.76 -16.65
CA LYS B 1677 57.67 43.76 -18.09
C LYS B 1677 58.95 43.09 -18.53
N LEU B 1678 59.36 42.03 -17.85
CA LEU B 1678 60.51 41.26 -18.30
C LEU B 1678 60.20 40.58 -19.63
N PHE B 1679 58.91 40.43 -19.94
CA PHE B 1679 58.41 39.89 -21.22
C PHE B 1679 57.59 40.96 -21.93
N VAL B 1680 57.99 41.29 -23.15
CA VAL B 1680 57.21 42.23 -23.92
C VAL B 1680 56.78 41.64 -25.24
N ALA B 1681 55.47 41.40 -25.37
CA ALA B 1681 54.92 40.84 -26.59
C ALA B 1681 55.04 41.84 -27.71
N LYS B 1682 55.49 41.37 -28.86
CA LYS B 1682 55.54 42.20 -30.06
C LYS B 1682 54.15 42.21 -30.70
N ASP B 1683 53.73 43.38 -31.17
CA ASP B 1683 52.40 43.49 -31.75
C ASP B 1683 52.44 43.51 -33.27
N LYS B 1684 53.54 43.96 -33.85
CA LYS B 1684 53.68 44.01 -35.30
C LYS B 1684 55.06 43.54 -35.72
N ALA B 1685 55.18 42.97 -36.91
CA ALA B 1685 56.49 42.65 -37.46
C ALA B 1685 57.26 43.94 -37.74
N PRO B 1686 58.57 43.82 -37.99
CA PRO B 1686 59.45 44.97 -38.19
C PRO B 1686 59.11 45.76 -39.45
N TYR B 1687 58.44 45.13 -40.40
CA TYR B 1687 58.16 45.73 -41.71
C TYR B 1687 56.68 45.94 -41.89
N GLU B 1688 56.31 47.06 -42.50
CA GLU B 1688 54.93 47.24 -42.91
C GLU B 1688 54.63 46.13 -43.89
N ASP B 1689 53.34 45.83 -44.08
CA ASP B 1689 52.97 44.71 -44.94
C ASP B 1689 53.37 45.01 -46.38
N ARG B 1690 53.22 46.27 -46.76
CA ARG B 1690 53.66 46.77 -48.05
C ARG B 1690 55.04 46.26 -48.46
N ILE B 1691 56.00 46.29 -47.53
CA ILE B 1691 57.37 45.97 -47.84
C ILE B 1691 57.66 44.47 -47.85
N GLN B 1692 56.83 43.71 -47.15
CA GLN B 1692 57.20 42.36 -46.72
C GLN B 1692 57.91 41.50 -47.77
N SER B 1693 57.28 41.34 -48.92
CA SER B 1693 57.82 40.47 -49.96
C SER B 1693 59.27 40.84 -50.26
N LYS B 1694 59.48 42.16 -50.36
CA LYS B 1694 60.79 42.71 -50.69
C LYS B 1694 61.82 42.37 -49.62
N VAL B 1695 61.47 42.71 -48.38
CA VAL B 1695 62.31 42.45 -47.21
C VAL B 1695 62.74 40.98 -47.12
N PHE B 1696 61.80 40.09 -47.41
CA PHE B 1696 62.08 38.66 -47.41
C PHE B 1696 63.11 38.27 -48.48
N LEU B 1697 63.07 38.97 -49.61
CA LEU B 1697 63.76 38.54 -50.81
C LEU B 1697 65.13 39.14 -50.96
N ASN B 1698 65.33 40.27 -50.29
CA ASN B 1698 66.62 40.94 -50.28
C ASN B 1698 67.39 40.57 -49.01
N PRO B 1699 68.47 39.77 -49.14
CA PRO B 1699 69.21 39.21 -47.98
C PRO B 1699 70.01 40.28 -47.22
N GLN B 1700 70.01 41.51 -47.71
CA GLN B 1700 70.74 42.61 -47.09
C GLN B 1700 69.83 43.39 -46.15
N SER B 1701 68.57 43.53 -46.54
CA SER B 1701 67.63 44.36 -45.80
C SER B 1701 67.83 44.17 -44.30
N ARG B 1702 68.05 45.27 -43.60
CA ARG B 1702 68.17 45.24 -42.15
C ARG B 1702 67.46 46.41 -41.50
N VAL B 1703 67.29 46.29 -40.18
CA VAL B 1703 66.45 47.21 -39.42
C VAL B 1703 67.24 48.38 -38.87
N THR B 1704 66.66 49.56 -39.01
CA THR B 1704 67.25 50.78 -38.49
C THR B 1704 66.46 51.27 -37.27
N GLN B 1705 67.19 51.70 -36.23
CA GLN B 1705 66.53 52.29 -35.07
C GLN B 1705 65.78 53.56 -35.51
N GLU B 1706 64.66 53.85 -34.86
CA GLU B 1706 63.84 54.96 -35.31
C GLU B 1706 63.61 56.06 -34.26
N SER B 1707 62.73 57.01 -34.57
CA SER B 1707 62.53 58.18 -33.72
C SER B 1707 61.91 57.86 -32.36
N ASN B 1708 61.12 56.79 -32.31
CA ASN B 1708 60.46 56.34 -31.07
C ASN B 1708 61.21 55.21 -30.37
N GLY B 1709 62.53 55.13 -30.60
CA GLY B 1709 63.37 54.09 -30.06
C GLY B 1709 63.21 52.75 -30.78
N GLU B 1710 62.23 52.71 -31.67
CA GLU B 1710 61.74 51.45 -32.25
C GLU B 1710 62.61 50.86 -33.35
N LEU B 1711 62.70 49.54 -33.35
CA LEU B 1711 63.40 48.82 -34.42
C LEU B 1711 62.44 48.48 -35.55
N LYS B 1712 62.69 49.05 -36.72
CA LYS B 1712 61.86 48.82 -37.88
C LYS B 1712 62.74 48.58 -39.09
N PHE B 1713 62.14 47.99 -40.12
CA PHE B 1713 62.78 47.93 -41.41
C PHE B 1713 62.63 49.32 -42.01
N PRO B 1714 63.41 49.63 -43.07
CA PRO B 1714 63.36 50.94 -43.72
C PRO B 1714 62.50 50.94 -44.99
N ALA B 1715 61.56 51.88 -45.13
CA ALA B 1715 60.62 51.88 -46.26
C ALA B 1715 61.14 52.53 -47.55
N MET C 1 6.10 92.72 -82.68
CA MET C 1 4.74 92.45 -82.26
C MET C 1 4.08 91.37 -83.10
N ARG C 2 4.80 90.85 -84.08
CA ARG C 2 4.29 89.73 -84.86
C ARG C 2 4.55 88.43 -84.12
N PRO C 3 3.48 87.81 -83.60
CA PRO C 3 3.63 86.61 -82.77
C PRO C 3 4.47 85.57 -83.49
N GLU C 4 4.12 85.34 -84.76
CA GLU C 4 4.74 84.31 -85.58
C GLU C 4 6.21 84.63 -85.82
N VAL C 5 6.53 85.92 -85.80
CA VAL C 5 7.91 86.39 -85.89
C VAL C 5 8.64 86.10 -84.59
N GLU C 6 8.10 86.62 -83.48
CA GLU C 6 8.67 86.41 -82.16
C GLU C 6 8.98 84.93 -81.90
N GLN C 7 8.12 84.05 -82.39
CA GLN C 7 8.34 82.61 -82.29
C GLN C 7 9.67 82.19 -82.87
N GLU C 8 9.82 82.35 -84.19
CA GLU C 8 11.03 81.94 -84.89
C GLU C 8 12.29 82.58 -84.33
N LEU C 9 12.12 83.75 -83.71
CA LEU C 9 13.25 84.46 -83.09
C LEU C 9 13.61 83.81 -81.76
N ALA C 10 12.66 83.77 -80.84
CA ALA C 10 12.83 83.06 -79.57
C ALA C 10 13.35 81.66 -79.86
N TYR C 11 12.75 81.02 -80.87
CA TYR C 11 13.14 79.68 -81.30
C TYR C 11 14.64 79.53 -81.60
N THR C 12 15.13 80.24 -82.61
CA THR C 12 16.51 80.07 -83.03
C THR C 12 17.50 80.65 -82.01
N LEU C 13 17.03 81.60 -81.21
CA LEU C 13 17.81 82.11 -80.09
C LEU C 13 18.01 80.99 -79.08
N LEU C 14 16.90 80.37 -78.70
CA LEU C 14 16.89 79.17 -77.85
C LEU C 14 17.78 78.08 -78.45
N VAL C 15 17.43 77.64 -79.66
CA VAL C 15 18.19 76.61 -80.36
C VAL C 15 19.69 76.90 -80.34
N GLU C 16 20.03 78.16 -80.63
CA GLU C 16 21.44 78.57 -80.67
C GLU C 16 22.05 78.54 -79.27
N LEU C 17 21.37 79.19 -78.34
CA LEU C 17 21.79 79.25 -76.94
C LEU C 17 22.18 77.87 -76.42
N LEU C 18 21.31 76.90 -76.67
CA LEU C 18 21.54 75.53 -76.22
C LEU C 18 22.73 74.92 -76.98
N ALA C 19 22.69 75.05 -78.30
CA ALA C 19 23.72 74.48 -79.15
C ALA C 19 25.11 74.80 -78.63
N TYR C 20 25.38 76.10 -78.47
CA TYR C 20 26.70 76.57 -78.08
C TYR C 20 26.98 76.44 -76.59
N GLN C 21 25.97 76.09 -75.79
CA GLN C 21 26.17 75.92 -74.36
C GLN C 21 27.31 74.94 -74.06
N PHE C 22 27.43 73.95 -74.95
CA PHE C 22 28.57 73.02 -74.97
C PHE C 22 29.88 73.69 -74.67
N ALA C 23 30.33 74.50 -75.62
CA ALA C 23 31.67 75.08 -75.65
C ALA C 23 31.70 76.51 -75.11
N MET C 24 31.02 76.71 -74.00
CA MET C 24 30.82 78.04 -73.43
C MET C 24 30.75 77.95 -71.91
N PRO C 25 31.73 78.54 -71.23
CA PRO C 25 31.78 78.49 -69.77
C PRO C 25 30.47 78.90 -69.12
N VAL C 26 30.20 78.26 -67.98
CA VAL C 26 28.96 78.46 -67.25
C VAL C 26 29.16 79.56 -66.22
N ARG C 27 28.53 80.71 -66.47
CA ARG C 27 28.64 81.90 -65.63
C ARG C 27 27.60 81.91 -64.51
N TRP C 28 27.77 81.00 -63.55
CA TRP C 28 26.77 80.80 -62.50
C TRP C 28 26.83 81.87 -61.41
N ILE C 29 27.89 82.67 -61.38
CA ILE C 29 27.90 83.79 -60.44
C ILE C 29 27.00 84.87 -60.99
N GLU C 30 27.30 85.29 -62.20
CA GLU C 30 26.54 86.34 -62.88
C GLU C 30 25.05 86.00 -62.94
N THR C 31 24.76 84.71 -63.08
CA THR C 31 23.39 84.20 -63.08
C THR C 31 22.77 84.32 -61.68
N GLN C 32 23.52 83.89 -60.67
CA GLN C 32 23.06 83.96 -59.27
C GLN C 32 22.80 85.40 -58.90
N ASP C 33 23.61 86.29 -59.45
CA ASP C 33 23.55 87.70 -59.10
C ASP C 33 22.33 88.36 -59.75
N VAL C 34 21.93 87.87 -60.93
CA VAL C 34 20.71 88.35 -61.56
C VAL C 34 19.50 87.96 -60.69
N ILE C 35 19.63 86.84 -60.00
CA ILE C 35 18.54 86.30 -59.20
C ILE C 35 18.44 87.01 -57.85
N LEU C 36 19.61 87.22 -57.24
CA LEU C 36 19.70 87.81 -55.91
C LEU C 36 19.64 89.33 -55.93
N ALA C 37 20.26 89.91 -56.96
CA ALA C 37 20.43 91.35 -57.02
C ALA C 37 19.39 92.04 -57.92
N GLU C 38 19.30 91.59 -59.17
CA GLU C 38 18.37 92.23 -60.09
C GLU C 38 16.94 92.02 -59.62
N LYS C 39 16.52 90.76 -59.57
CA LYS C 39 15.13 90.45 -59.21
C LYS C 39 14.91 90.26 -57.73
N ARG C 40 15.96 90.44 -56.94
CA ARG C 40 15.92 90.39 -55.46
C ARG C 40 14.93 89.35 -54.94
N THR C 41 15.15 88.09 -55.32
CA THR C 41 14.25 87.00 -54.94
C THR C 41 14.34 86.69 -53.44
N GLU C 42 13.18 86.54 -52.81
CA GLU C 42 13.13 86.16 -51.41
C GLU C 42 13.34 84.66 -51.27
N ARG C 43 12.59 83.88 -52.04
CA ARG C 43 12.68 82.41 -52.03
C ARG C 43 13.47 81.88 -53.21
N ILE C 44 14.64 81.32 -52.94
CA ILE C 44 15.34 80.59 -53.98
C ILE C 44 15.04 79.11 -53.79
N VAL C 45 14.38 78.51 -54.78
CA VAL C 45 14.08 77.09 -54.74
C VAL C 45 14.99 76.28 -55.65
N GLU C 46 15.62 75.27 -55.08
CA GLU C 46 16.51 74.40 -55.81
C GLU C 46 15.77 73.11 -56.13
N ILE C 47 15.89 72.64 -57.36
CA ILE C 47 15.24 71.41 -57.74
C ILE C 47 16.26 70.40 -58.24
N GLY C 48 16.39 69.31 -57.48
CA GLY C 48 17.33 68.26 -57.78
C GLY C 48 17.47 67.33 -56.59
N PRO C 49 18.48 66.44 -56.64
CA PRO C 49 18.78 65.41 -55.64
C PRO C 49 19.62 65.89 -54.46
N SER C 50 20.35 66.98 -54.59
CA SER C 50 21.18 67.47 -53.49
C SER C 50 21.04 68.98 -53.40
N ASP C 51 21.48 69.53 -52.28
CA ASP C 51 21.51 70.99 -52.14
C ASP C 51 22.88 71.54 -52.58
N THR C 52 23.19 71.34 -53.86
CA THR C 52 24.46 71.81 -54.42
C THR C 52 24.37 73.31 -54.79
N LEU C 53 23.41 73.66 -55.64
CA LEU C 53 23.17 75.08 -55.98
C LEU C 53 22.67 75.85 -54.78
N GLY C 54 22.18 75.13 -53.77
CA GLY C 54 21.65 75.75 -52.57
C GLY C 54 22.74 76.34 -51.72
N GLY C 55 23.70 75.51 -51.32
CA GLY C 55 24.87 75.98 -50.57
C GLY C 55 25.77 76.86 -51.43
N MET C 56 25.72 76.62 -52.73
CA MET C 56 26.37 77.48 -53.70
C MET C 56 25.81 78.89 -53.67
N ALA C 57 24.51 79.02 -53.45
CA ALA C 57 23.85 80.33 -53.33
C ALA C 57 23.88 80.89 -51.89
N ARG C 58 24.24 80.04 -50.93
CA ARG C 58 24.46 80.49 -49.55
C ARG C 58 25.84 81.10 -49.42
N ARG C 59 26.79 80.56 -50.20
CA ARG C 59 28.15 81.08 -50.22
C ARG C 59 28.19 82.44 -50.89
N THR C 60 27.42 82.61 -51.97
CA THR C 60 27.29 83.92 -52.60
C THR C 60 26.51 84.89 -51.73
N LEU C 61 25.72 84.38 -50.78
CA LEU C 61 25.03 85.26 -49.84
C LEU C 61 25.99 85.83 -48.79
N GLN C 62 27.08 85.11 -48.52
CA GLN C 62 28.05 85.56 -47.54
C GLN C 62 29.12 86.46 -48.14
N SER C 63 29.77 86.00 -49.20
CA SER C 63 30.95 86.67 -49.76
C SER C 63 30.65 87.98 -50.51
N LYS C 64 29.37 88.22 -50.80
CA LYS C 64 28.98 89.45 -51.48
C LYS C 64 27.84 90.19 -50.79
N TYR C 65 26.73 89.48 -50.57
CA TYR C 65 25.48 90.15 -50.18
C TYR C 65 25.35 90.41 -48.68
N GLU C 66 26.48 90.29 -47.99
CA GLU C 66 26.52 90.50 -46.54
C GLU C 66 25.77 91.76 -46.10
N ALA C 67 26.38 92.91 -46.35
CA ALA C 67 25.82 94.18 -45.91
C ALA C 67 24.67 94.68 -46.81
N TYR C 68 24.63 94.19 -48.06
CA TYR C 68 23.54 94.55 -48.97
C TYR C 68 22.20 94.12 -48.39
N ASP C 69 22.11 92.84 -48.05
CA ASP C 69 20.88 92.28 -47.51
C ASP C 69 20.53 93.00 -46.22
N ALA C 70 21.56 93.34 -45.44
CA ALA C 70 21.38 94.04 -44.17
C ALA C 70 20.80 95.44 -44.38
N ALA C 71 21.34 96.16 -45.37
CA ALA C 71 20.85 97.49 -45.69
C ALA C 71 19.46 97.44 -46.33
N THR C 72 19.30 96.59 -47.34
CA THR C 72 18.07 96.55 -48.11
C THR C 72 16.90 95.91 -47.35
N SER C 73 17.19 95.38 -46.16
CA SER C 73 16.23 94.57 -45.40
C SER C 73 15.62 93.47 -46.26
N VAL C 74 16.48 92.83 -47.07
CA VAL C 74 16.07 91.74 -47.92
C VAL C 74 15.99 90.43 -47.14
N GLN C 75 14.81 89.82 -47.11
CA GLN C 75 14.65 88.50 -46.51
C GLN C 75 14.91 87.42 -47.56
N ARG C 76 15.78 86.47 -47.24
CA ARG C 76 16.13 85.41 -48.17
C ARG C 76 15.94 84.01 -47.56
N GLN C 77 15.55 83.07 -48.41
CA GLN C 77 15.20 81.72 -47.99
C GLN C 77 15.64 80.75 -49.09
N ILE C 78 16.65 79.95 -48.81
CA ILE C 78 17.13 78.99 -49.80
C ILE C 78 16.64 77.58 -49.49
N LEU C 79 15.85 77.01 -50.40
CA LEU C 79 15.27 75.68 -50.23
C LEU C 79 15.77 74.71 -51.27
N CYS C 80 16.18 73.52 -50.83
CA CYS C 80 16.39 72.41 -51.75
C CYS C 80 15.10 71.57 -51.81
N TYR C 81 14.96 70.77 -52.86
CA TYR C 81 13.79 69.90 -52.97
C TYR C 81 13.88 68.75 -51.97
N CYS C 82 15.08 68.25 -51.76
CA CYS C 82 15.31 67.22 -50.76
C CYS C 82 15.06 67.74 -49.34
N LYS C 83 16.09 68.37 -48.79
CA LYS C 83 16.10 68.79 -47.39
C LYS C 83 14.87 69.59 -46.96
N ASP C 84 14.59 70.67 -47.69
CA ASP C 84 13.55 71.62 -47.31
C ASP C 84 12.23 71.32 -48.03
N ALA C 85 11.93 70.02 -48.15
CA ALA C 85 10.79 69.53 -48.93
C ALA C 85 9.42 70.06 -48.47
N LYS C 86 9.21 70.15 -47.16
CA LYS C 86 7.90 70.52 -46.65
C LYS C 86 7.54 71.98 -46.86
N GLU C 87 8.51 72.86 -46.66
CA GLU C 87 8.25 74.30 -46.75
C GLU C 87 7.95 74.70 -48.19
N ILE C 88 8.41 73.88 -49.13
CA ILE C 88 8.10 74.11 -50.52
C ILE C 88 6.59 74.02 -50.75
N TYR C 89 6.02 72.95 -50.21
CA TYR C 89 4.61 72.61 -50.45
C TYR C 89 3.70 73.22 -49.41
N TYR C 90 4.24 74.15 -48.61
CA TYR C 90 3.46 74.78 -47.55
C TYR C 90 2.73 73.76 -46.69
N ASP C 91 3.49 72.84 -46.12
CA ASP C 91 2.94 71.80 -45.24
C ASP C 91 3.43 71.98 -43.80
N VAL C 92 2.55 72.48 -42.94
CA VAL C 92 2.89 72.67 -41.55
C VAL C 92 1.78 72.10 -40.68
N GLU C 93 2.14 71.58 -39.51
CA GLU C 93 1.16 71.15 -38.51
C GLU C 93 0.86 72.28 -37.52
N PRO C 94 -0.42 72.39 -37.09
CA PRO C 94 -0.93 73.49 -36.26
C PRO C 94 -0.37 73.54 -34.83
N ILE C 325 0.25 24.89 0.48
CA ILE C 325 -0.79 23.90 0.22
C ILE C 325 -0.25 22.79 -0.66
N ASP C 326 0.11 23.16 -1.88
CA ASP C 326 0.45 22.21 -2.94
C ASP C 326 1.76 21.48 -2.69
N ALA C 327 2.55 21.97 -1.73
CA ALA C 327 3.81 21.30 -1.35
C ALA C 327 3.57 20.33 -0.19
N LEU C 328 2.60 20.65 0.66
CA LEU C 328 2.16 19.74 1.72
C LEU C 328 1.49 18.50 1.11
N THR C 329 1.20 18.59 -0.18
CA THR C 329 0.59 17.48 -0.90
C THR C 329 1.52 16.91 -1.95
N LYS C 330 2.45 17.72 -2.46
CA LYS C 330 3.34 17.27 -3.55
C LYS C 330 4.28 16.16 -3.10
N ASP C 331 4.35 15.94 -1.80
CA ASP C 331 5.10 14.80 -1.27
C ASP C 331 4.25 13.56 -1.44
N GLN C 332 2.97 13.70 -1.16
CA GLN C 332 2.02 12.63 -1.37
C GLN C 332 2.12 12.10 -2.79
N ARG C 333 1.84 12.98 -3.75
CA ARG C 333 1.82 12.60 -5.15
C ARG C 333 3.11 11.87 -5.51
N ALA C 334 4.24 12.48 -5.14
CA ALA C 334 5.53 11.85 -5.33
C ALA C 334 5.56 10.44 -4.74
N LEU C 335 5.13 10.31 -3.50
CA LEU C 335 5.10 9.02 -2.85
C LEU C 335 4.31 7.98 -3.64
N PHE C 336 3.16 8.40 -4.15
CA PHE C 336 2.26 7.49 -4.80
C PHE C 336 2.69 7.20 -6.21
N LYS C 337 3.28 8.20 -6.87
CA LYS C 337 3.76 7.97 -8.20
C LYS C 337 4.81 6.85 -8.17
N GLN C 338 5.64 6.86 -7.13
CA GLN C 338 6.66 5.83 -7.02
C GLN C 338 5.96 4.52 -6.73
N GLN C 339 4.96 4.58 -5.87
CA GLN C 339 4.12 3.43 -5.58
C GLN C 339 3.66 2.77 -6.85
N LEU C 340 3.01 3.58 -7.68
CA LEU C 340 2.45 3.13 -8.94
C LEU C 340 3.51 2.44 -9.78
N GLU C 341 4.69 3.02 -9.82
CA GLU C 341 5.77 2.52 -10.66
C GLU C 341 6.21 1.12 -10.28
N ILE C 342 6.36 0.88 -8.98
CA ILE C 342 6.91 -0.39 -8.50
C ILE C 342 5.86 -1.48 -8.63
N ILE C 343 4.61 -1.07 -8.64
CA ILE C 343 3.54 -2.01 -8.82
C ILE C 343 3.54 -2.44 -10.26
N ALA C 344 3.55 -1.47 -11.16
CA ALA C 344 3.71 -1.74 -12.56
C ALA C 344 4.88 -2.68 -12.77
N ARG C 345 6.04 -2.33 -12.22
CA ARG C 345 7.23 -3.16 -12.36
C ARG C 345 6.94 -4.62 -11.96
N TYR C 346 6.15 -4.78 -10.90
CA TYR C 346 5.84 -6.10 -10.40
C TYR C 346 4.92 -6.82 -11.38
N LEU C 347 4.03 -6.06 -11.99
CA LEU C 347 3.05 -6.63 -12.90
C LEU C 347 3.66 -6.79 -14.25
N LYS C 348 4.95 -6.45 -14.36
CA LYS C 348 5.66 -6.55 -15.62
C LYS C 348 4.94 -5.83 -16.76
N MET C 349 4.62 -4.55 -16.55
CA MET C 349 3.93 -3.78 -17.58
C MET C 349 4.48 -2.36 -17.78
N ASP C 350 4.84 -2.07 -19.03
CA ASP C 350 5.31 -0.75 -19.42
C ASP C 350 4.13 0.20 -19.48
N LEU C 351 4.15 1.23 -18.66
CA LEU C 351 3.04 2.17 -18.63
C LEU C 351 3.10 3.06 -19.86
N ARG C 352 4.32 3.39 -20.27
CA ARG C 352 4.52 4.31 -21.37
C ARG C 352 4.57 3.58 -22.71
N ALA C 353 4.22 2.30 -22.71
CA ALA C 353 4.26 1.51 -23.93
C ALA C 353 3.27 2.03 -24.97
N GLY C 354 2.24 2.71 -24.49
CA GLY C 354 1.23 3.26 -25.36
C GLY C 354 1.76 4.50 -26.03
N ASP C 355 2.32 5.38 -25.21
CA ASP C 355 2.85 6.63 -25.71
C ASP C 355 4.02 6.36 -26.64
N LYS C 356 4.78 5.31 -26.34
CA LYS C 356 5.89 4.93 -27.19
C LYS C 356 5.41 4.52 -28.57
N ALA C 357 4.49 3.57 -28.62
CA ALA C 357 3.97 3.09 -29.89
C ALA C 357 3.25 4.19 -30.66
N PHE C 358 2.71 5.17 -29.94
CA PHE C 358 2.02 6.28 -30.59
C PHE C 358 3.01 7.16 -31.31
N VAL C 359 4.02 7.61 -30.59
CA VAL C 359 5.08 8.42 -31.17
C VAL C 359 5.55 7.75 -32.46
N ALA C 360 5.69 6.43 -32.37
CA ALA C 360 6.18 5.61 -33.46
C ALA C 360 5.34 5.72 -34.72
N SER C 361 4.04 5.47 -34.59
CA SER C 361 3.16 5.50 -35.76
C SER C 361 3.02 6.91 -36.27
N GLN C 362 3.19 7.88 -35.37
CA GLN C 362 3.14 9.28 -35.77
C GLN C 362 4.38 9.74 -36.51
N GLU C 363 5.38 8.88 -36.58
CA GLU C 363 6.54 9.16 -37.42
C GLU C 363 6.31 8.62 -38.82
N SER C 364 5.83 7.39 -38.91
CA SER C 364 5.53 6.80 -40.21
C SER C 364 4.40 7.55 -40.91
N GLN C 365 3.58 8.23 -40.11
CA GLN C 365 2.50 9.05 -40.62
C GLN C 365 3.04 10.37 -41.20
N LYS C 366 4.37 10.50 -41.18
CA LYS C 366 5.02 11.68 -41.76
C LYS C 366 5.66 11.34 -43.09
N ALA C 367 6.32 10.19 -43.15
CA ALA C 367 6.85 9.66 -44.39
C ALA C 367 5.70 9.51 -45.41
N LEU C 368 4.50 9.24 -44.91
CA LEU C 368 3.31 9.18 -45.74
C LEU C 368 3.04 10.53 -46.34
N GLN C 369 2.53 11.43 -45.51
CA GLN C 369 2.22 12.78 -45.91
C GLN C 369 3.38 13.42 -46.66
N ALA C 370 4.59 12.92 -46.46
CA ALA C 370 5.75 13.37 -47.22
C ALA C 370 5.56 13.05 -48.68
N GLN C 371 5.40 11.75 -48.97
CA GLN C 371 5.21 11.28 -50.34
C GLN C 371 3.91 11.80 -50.95
N LEU C 372 2.84 11.74 -50.16
CA LEU C 372 1.58 12.32 -50.57
C LEU C 372 1.71 13.80 -51.00
N ASP C 373 2.51 14.57 -50.27
CA ASP C 373 2.69 15.97 -50.59
C ASP C 373 3.38 16.14 -51.93
N LEU C 374 4.15 15.13 -52.33
CA LEU C 374 4.80 15.14 -53.64
C LEU C 374 3.76 15.13 -54.75
N TRP C 375 2.95 14.05 -54.80
CA TRP C 375 1.83 13.95 -55.73
C TRP C 375 1.04 15.24 -55.77
N GLN C 376 0.67 15.74 -54.60
CA GLN C 376 -0.11 16.95 -54.50
C GLN C 376 0.55 18.11 -55.20
N ALA C 377 1.88 18.13 -55.16
CA ALA C 377 2.65 19.26 -55.68
C ALA C 377 2.86 19.15 -57.18
N GLU C 378 3.20 17.94 -57.62
CA GLU C 378 3.44 17.68 -59.03
C GLU C 378 2.18 17.80 -59.90
N HIS C 379 1.00 17.74 -59.30
CA HIS C 379 -0.22 17.60 -60.08
C HIS C 379 -1.32 18.63 -59.82
N GLY C 380 -1.41 19.13 -58.60
CA GLY C 380 -2.40 20.15 -58.31
C GLY C 380 -3.76 19.62 -57.93
N ASP C 381 -4.60 20.49 -57.37
CA ASP C 381 -5.84 20.03 -56.76
C ASP C 381 -6.87 19.51 -57.78
N ILE C 382 -7.08 20.26 -58.88
CA ILE C 382 -8.11 19.95 -59.88
C ILE C 382 -7.84 18.61 -60.54
N TYR C 383 -6.58 18.34 -60.81
CA TYR C 383 -6.17 17.09 -61.43
C TYR C 383 -6.40 15.98 -60.45
N ALA C 384 -6.03 16.25 -59.20
CA ALA C 384 -6.18 15.33 -58.10
C ALA C 384 -7.63 14.90 -58.02
N ALA C 385 -8.53 15.89 -58.04
CA ALA C 385 -9.97 15.65 -58.09
C ALA C 385 -10.36 14.84 -59.33
N GLY C 386 -9.83 15.23 -60.48
CA GLY C 386 -10.23 14.69 -61.75
C GLY C 386 -9.83 13.26 -62.06
N ILE C 387 -8.92 12.68 -61.28
CA ILE C 387 -8.51 11.29 -61.53
C ILE C 387 -9.17 10.30 -60.59
N GLU C 388 -10.17 10.75 -59.86
CA GLU C 388 -10.84 9.88 -58.91
C GLU C 388 -11.90 9.01 -59.57
N PRO C 389 -11.69 7.69 -59.50
CA PRO C 389 -12.59 6.66 -60.04
C PRO C 389 -14.04 6.88 -59.64
N ALA C 390 -14.97 6.52 -60.51
CA ALA C 390 -16.38 6.82 -60.32
C ALA C 390 -17.28 5.74 -60.91
N PHE C 391 -16.68 4.76 -61.56
CA PHE C 391 -17.47 3.70 -62.18
C PHE C 391 -17.84 2.62 -61.19
N ASP C 392 -19.12 2.28 -61.15
CA ASP C 392 -19.64 1.29 -60.22
C ASP C 392 -20.82 0.51 -60.78
N PRO C 393 -20.60 -0.79 -61.11
CA PRO C 393 -21.58 -1.69 -61.72
C PRO C 393 -22.91 -1.69 -61.01
N LEU C 394 -22.93 -1.28 -59.75
CA LEU C 394 -24.16 -1.30 -58.99
C LEU C 394 -24.98 -0.07 -59.27
N LYS C 395 -24.33 0.97 -59.77
CA LYS C 395 -25.03 2.19 -60.11
C LYS C 395 -25.52 2.13 -61.56
N ALA C 396 -25.29 1.02 -62.24
CA ALA C 396 -25.67 0.92 -63.65
C ALA C 396 -27.19 0.92 -63.79
N ARG C 397 -27.69 1.73 -64.71
CA ARG C 397 -29.12 1.78 -64.99
C ARG C 397 -29.42 1.27 -66.40
N VAL C 398 -30.25 0.25 -66.50
CA VAL C 398 -30.67 -0.27 -67.80
C VAL C 398 -32.09 0.12 -68.20
N TYR C 399 -32.18 0.81 -69.32
CA TYR C 399 -33.44 1.13 -69.95
C TYR C 399 -33.60 0.27 -71.21
N ASP C 400 -34.65 -0.55 -71.27
CA ASP C 400 -34.85 -1.49 -72.37
C ASP C 400 -36.32 -1.72 -72.67
N SER C 401 -37.18 -1.08 -71.88
CA SER C 401 -38.62 -1.29 -71.95
C SER C 401 -39.30 -0.50 -73.08
N SER C 402 -38.94 -0.77 -74.33
CA SER C 402 -39.50 0.00 -75.45
C SER C 402 -40.99 -0.25 -75.57
N TRP C 403 -41.38 -1.51 -75.41
CA TRP C 403 -42.75 -1.92 -75.66
C TRP C 403 -43.78 -1.06 -74.94
N ASN C 404 -43.43 -0.60 -73.74
CA ASN C 404 -44.35 0.18 -72.92
C ASN C 404 -44.33 1.64 -73.37
N TRP C 405 -43.13 2.20 -73.48
CA TRP C 405 -42.99 3.61 -73.84
C TRP C 405 -43.68 3.86 -75.18
N ALA C 406 -43.80 2.80 -75.96
CA ALA C 406 -44.52 2.85 -77.22
C ALA C 406 -45.96 3.25 -77.00
N ARG C 407 -46.73 2.34 -76.40
CA ARG C 407 -48.14 2.54 -76.11
C ARG C 407 -48.36 3.87 -75.41
N GLN C 408 -47.34 4.32 -74.70
CA GLN C 408 -47.45 5.59 -74.02
C GLN C 408 -47.40 6.69 -75.03
N ASP C 409 -46.28 6.74 -75.76
CA ASP C 409 -46.01 7.78 -76.73
C ASP C 409 -47.12 7.76 -77.78
N ALA C 410 -47.69 6.58 -77.96
CA ALA C 410 -48.83 6.39 -78.85
C ALA C 410 -50.02 7.11 -78.23
N LEU C 411 -50.53 6.57 -77.13
CA LEU C 411 -51.68 7.16 -76.46
C LEU C 411 -51.45 8.65 -76.18
N SER C 412 -50.19 9.01 -75.96
CA SER C 412 -49.84 10.38 -75.62
C SER C 412 -50.13 11.28 -76.80
N MET C 413 -49.71 10.84 -77.99
CA MET C 413 -49.91 11.59 -79.24
C MET C 413 -51.39 11.76 -79.57
N TYR C 414 -52.16 10.70 -79.40
CA TYR C 414 -53.58 10.74 -79.65
C TYR C 414 -54.22 11.96 -79.00
N TYR C 415 -54.08 12.10 -77.70
CA TYR C 415 -54.69 13.22 -77.01
C TYR C 415 -54.05 14.52 -77.46
N ASP C 416 -52.75 14.46 -77.74
CA ASP C 416 -52.00 15.64 -78.21
C ASP C 416 -52.72 16.31 -79.38
N ILE C 417 -53.21 15.48 -80.30
CA ILE C 417 -53.90 15.93 -81.49
C ILE C 417 -55.25 16.53 -81.15
N ILE C 418 -55.97 15.83 -80.28
CA ILE C 418 -57.31 16.25 -79.85
C ILE C 418 -57.38 17.58 -79.12
N PHE C 419 -56.23 18.04 -78.65
CA PHE C 419 -56.17 19.31 -77.97
C PHE C 419 -55.38 20.32 -78.80
N GLY C 420 -54.73 19.82 -79.85
CA GLY C 420 -54.02 20.68 -80.78
C GLY C 420 -52.60 21.01 -80.37
N ARG C 421 -52.10 20.33 -79.35
CA ARG C 421 -50.68 20.43 -79.05
C ARG C 421 -49.92 20.01 -80.31
N LEU C 422 -50.49 19.06 -81.03
CA LEU C 422 -49.96 18.67 -82.33
C LEU C 422 -50.92 19.11 -83.43
N ARG C 423 -50.44 19.96 -84.32
CA ARG C 423 -51.19 20.34 -85.52
C ARG C 423 -50.55 19.62 -86.69
N VAL C 424 -51.35 19.28 -87.69
CA VAL C 424 -50.92 18.39 -88.76
C VAL C 424 -49.64 18.88 -89.43
N VAL C 425 -49.51 20.19 -89.45
CA VAL C 425 -48.31 20.88 -89.90
C VAL C 425 -47.05 20.32 -89.23
N ASP C 426 -46.84 20.77 -87.99
CA ASP C 426 -45.69 20.43 -87.15
C ASP C 426 -44.91 19.20 -87.59
N ARG C 427 -43.63 19.41 -87.90
CA ARG C 427 -42.73 18.31 -88.20
C ARG C 427 -42.81 17.28 -87.09
N GLU C 428 -43.02 17.77 -85.89
CA GLU C 428 -43.10 16.96 -84.68
C GLU C 428 -43.84 15.65 -84.90
N ILE C 429 -45.11 15.75 -85.28
CA ILE C 429 -45.94 14.58 -85.45
C ILE C 429 -45.23 13.52 -86.26
N VAL C 430 -44.63 13.93 -87.36
CA VAL C 430 -43.88 13.03 -88.20
C VAL C 430 -42.93 12.24 -87.34
N SER C 431 -41.99 12.95 -86.74
CA SER C 431 -41.00 12.36 -85.85
C SER C 431 -41.63 11.35 -84.90
N GLN C 432 -42.60 11.81 -84.12
CA GLN C 432 -43.24 10.94 -83.15
C GLN C 432 -43.67 9.65 -83.82
N CYS C 433 -44.36 9.79 -84.95
CA CYS C 433 -44.93 8.66 -85.65
C CYS C 433 -43.87 7.66 -86.03
N ILE C 434 -42.70 8.16 -86.40
CA ILE C 434 -41.63 7.29 -86.87
C ILE C 434 -41.11 6.45 -85.72
N GLN C 435 -41.03 7.03 -84.53
CA GLN C 435 -40.57 6.26 -83.40
C GLN C 435 -41.63 5.26 -82.98
N ILE C 436 -42.89 5.63 -83.09
CA ILE C 436 -43.96 4.67 -82.85
C ILE C 436 -43.87 3.54 -83.85
N MET C 437 -43.51 3.86 -85.09
CA MET C 437 -43.29 2.84 -86.10
C MET C 437 -42.11 1.98 -85.72
N ASN C 438 -41.11 2.61 -85.15
CA ASN C 438 -39.88 1.92 -84.86
C ASN C 438 -40.12 0.81 -83.85
N ARG C 439 -40.98 1.08 -82.87
CA ARG C 439 -41.37 0.06 -81.91
C ARG C 439 -42.71 -0.56 -82.34
N SER C 440 -42.70 -1.49 -83.29
CA SER C 440 -43.96 -2.05 -83.76
C SER C 440 -44.18 -3.48 -83.30
N ASN C 441 -45.10 -3.66 -82.35
CA ASN C 441 -45.50 -4.98 -81.89
C ASN C 441 -46.83 -5.34 -82.49
N PRO C 442 -47.20 -6.61 -82.40
CA PRO C 442 -48.58 -6.95 -82.73
C PRO C 442 -49.43 -6.25 -81.68
N LEU C 443 -49.02 -6.42 -80.43
CA LEU C 443 -49.78 -5.91 -79.30
C LEU C 443 -49.91 -4.40 -79.36
N LEU C 444 -48.91 -3.74 -79.98
CA LEU C 444 -48.98 -2.29 -80.11
C LEU C 444 -50.18 -2.00 -80.98
N LEU C 445 -50.29 -2.71 -82.09
CA LEU C 445 -51.36 -2.48 -83.04
C LEU C 445 -52.75 -2.60 -82.42
N GLU C 446 -52.97 -3.64 -81.65
CA GLU C 446 -54.24 -3.82 -80.94
C GLU C 446 -54.57 -2.57 -80.13
N PHE C 447 -53.58 -2.07 -79.40
CA PHE C 447 -53.71 -0.89 -78.55
C PHE C 447 -53.92 0.34 -79.43
N MET C 448 -53.07 0.48 -80.44
CA MET C 448 -53.24 1.49 -81.48
C MET C 448 -54.69 1.50 -81.93
N GLN C 449 -55.14 0.35 -82.41
CA GLN C 449 -56.44 0.22 -83.07
C GLN C 449 -57.59 0.64 -82.19
N TYR C 450 -57.85 -0.13 -81.12
CA TYR C 450 -58.97 0.16 -80.23
C TYR C 450 -59.19 1.65 -80.00
N HIS C 451 -58.13 2.35 -79.60
CA HIS C 451 -58.27 3.75 -79.24
C HIS C 451 -58.77 4.57 -80.44
N ILE C 452 -58.33 4.18 -81.63
CA ILE C 452 -58.82 4.77 -82.87
C ILE C 452 -60.27 4.40 -83.13
N ASP C 453 -60.53 3.10 -83.20
CA ASP C 453 -61.85 2.57 -83.52
C ASP C 453 -62.98 3.29 -82.77
N HIS C 454 -62.68 3.72 -81.55
CA HIS C 454 -63.70 4.31 -80.70
C HIS C 454 -63.57 5.83 -80.58
N CYS C 455 -62.70 6.41 -81.40
CA CYS C 455 -62.55 7.87 -81.43
C CYS C 455 -63.89 8.53 -81.74
N PRO C 456 -64.36 9.40 -80.84
CA PRO C 456 -65.63 10.13 -80.95
C PRO C 456 -65.52 11.25 -81.96
N THR C 457 -65.47 10.91 -83.25
CA THR C 457 -65.26 11.89 -84.32
C THR C 457 -66.30 12.99 -84.35
N GLU C 458 -67.51 12.65 -83.89
CA GLU C 458 -68.64 13.57 -83.91
C GLU C 458 -68.51 14.74 -82.94
N ARG C 459 -67.38 14.79 -82.24
CA ARG C 459 -67.16 15.83 -81.23
C ARG C 459 -66.48 17.08 -81.77
N GLY C 460 -65.56 16.92 -82.71
CA GLY C 460 -64.81 18.05 -83.23
C GLY C 460 -63.86 17.66 -84.34
N GLU C 461 -63.26 18.66 -84.97
CA GLU C 461 -62.33 18.43 -86.08
C GLU C 461 -61.15 17.59 -85.63
N THR C 462 -60.45 18.11 -84.64
CA THR C 462 -59.37 17.42 -83.94
C THR C 462 -59.61 15.91 -83.81
N TYR C 463 -60.80 15.54 -83.32
CA TYR C 463 -61.14 14.13 -83.13
C TYR C 463 -61.10 13.39 -84.45
N GLN C 464 -61.68 14.00 -85.48
CA GLN C 464 -61.65 13.43 -86.82
C GLN C 464 -60.20 13.33 -87.25
N LEU C 465 -59.55 14.50 -87.30
CA LEU C 465 -58.14 14.66 -87.63
C LEU C 465 -57.27 13.61 -86.96
N ALA C 466 -57.65 13.29 -85.73
CA ALA C 466 -56.98 12.30 -84.95
C ALA C 466 -57.22 10.95 -85.57
N LYS C 467 -58.49 10.54 -85.60
CA LYS C 467 -58.87 9.24 -86.12
C LYS C 467 -58.23 9.00 -87.49
N GLU C 468 -58.14 10.06 -88.27
CA GLU C 468 -57.51 9.97 -89.58
C GLU C 468 -56.05 9.59 -89.45
N LEU C 469 -55.27 10.52 -88.92
CA LEU C 469 -53.84 10.32 -88.73
C LEU C 469 -53.58 9.03 -87.96
N GLY C 470 -54.52 8.69 -87.10
CA GLY C 470 -54.45 7.47 -86.33
C GLY C 470 -54.44 6.25 -87.22
N GLN C 471 -55.56 6.04 -87.91
CA GLN C 471 -55.69 4.93 -88.84
C GLN C 471 -54.49 4.97 -89.81
N GLN C 472 -54.09 6.18 -90.16
CA GLN C 472 -52.94 6.39 -91.02
C GLN C 472 -51.75 5.65 -90.43
N LEU C 473 -51.36 6.09 -89.24
CA LEU C 473 -50.24 5.53 -88.52
C LEU C 473 -50.34 4.02 -88.35
N ILE C 474 -51.52 3.57 -87.95
CA ILE C 474 -51.74 2.15 -87.73
C ILE C 474 -51.36 1.32 -88.95
N GLU C 475 -51.62 1.88 -90.12
CA GLU C 475 -51.35 1.18 -91.37
C GLU C 475 -49.85 1.07 -91.61
N ASN C 476 -49.16 2.20 -91.46
CA ASN C 476 -47.73 2.26 -91.60
C ASN C 476 -47.09 1.23 -90.69
N CYS C 477 -47.49 1.25 -89.43
CA CYS C 477 -46.95 0.34 -88.42
C CYS C 477 -47.10 -1.10 -88.88
N LYS C 478 -48.17 -1.38 -89.61
CA LYS C 478 -48.42 -2.74 -90.06
C LYS C 478 -47.39 -3.19 -91.09
N GLU C 479 -46.93 -2.28 -91.94
CA GLU C 479 -45.99 -2.67 -92.99
C GLU C 479 -44.52 -2.62 -92.55
N VAL C 480 -44.27 -2.28 -91.30
CA VAL C 480 -42.91 -2.17 -90.81
C VAL C 480 -42.63 -3.11 -89.65
N LEU C 481 -43.57 -4.01 -89.36
CA LEU C 481 -43.31 -5.08 -88.42
C LEU C 481 -42.15 -5.91 -88.94
N GLY C 482 -41.24 -6.31 -88.06
CA GLY C 482 -40.08 -7.09 -88.46
C GLY C 482 -39.02 -6.23 -89.12
N LYS C 483 -39.48 -5.26 -89.90
CA LYS C 483 -38.59 -4.35 -90.59
C LYS C 483 -37.78 -3.46 -89.62
N PRO C 484 -36.45 -3.57 -89.69
CA PRO C 484 -35.45 -2.78 -88.95
C PRO C 484 -35.89 -1.36 -88.76
N PRO C 485 -35.64 -0.79 -87.56
CA PRO C 485 -36.04 0.58 -87.22
C PRO C 485 -35.04 1.54 -87.81
N VAL C 486 -35.42 2.81 -87.94
CA VAL C 486 -34.58 3.73 -88.67
C VAL C 486 -34.45 5.12 -88.07
N TYR C 487 -33.21 5.63 -88.13
CA TYR C 487 -32.91 7.00 -87.80
C TYR C 487 -33.23 7.83 -89.02
N LYS C 488 -34.22 8.70 -88.90
CA LYS C 488 -34.57 9.58 -89.99
C LYS C 488 -34.85 10.96 -89.43
N ASP C 489 -33.97 11.91 -89.75
CA ASP C 489 -34.10 13.26 -89.22
C ASP C 489 -35.06 14.10 -90.06
N VAL C 490 -36.26 14.27 -89.55
CA VAL C 490 -37.29 15.02 -90.29
C VAL C 490 -37.33 16.48 -89.89
N SER C 491 -36.43 16.86 -89.00
CA SER C 491 -36.49 18.19 -88.44
C SER C 491 -36.35 19.22 -89.57
N ILE C 492 -36.77 20.44 -89.29
CA ILE C 492 -36.65 21.52 -90.26
C ILE C 492 -35.28 22.17 -90.12
N PRO C 493 -34.37 21.92 -91.09
CA PRO C 493 -33.02 22.50 -91.06
C PRO C 493 -33.05 23.96 -90.61
N THR C 494 -32.19 24.32 -89.67
CA THR C 494 -32.27 25.64 -89.06
C THR C 494 -30.92 26.33 -89.09
N GLY C 495 -30.95 27.67 -89.12
CA GLY C 495 -29.73 28.44 -89.17
C GLY C 495 -29.59 29.44 -88.03
N PRO C 496 -28.45 30.16 -87.98
CA PRO C 496 -28.09 31.09 -86.90
C PRO C 496 -28.55 32.49 -87.22
N GLN C 497 -29.08 33.20 -86.24
CA GLN C 497 -29.53 34.57 -86.49
C GLN C 497 -29.46 35.44 -85.23
N THR C 498 -28.40 36.23 -85.16
CA THR C 498 -28.22 37.18 -84.06
C THR C 498 -28.81 38.55 -84.44
N THR C 499 -29.51 39.15 -83.48
CA THR C 499 -30.22 40.39 -83.73
C THR C 499 -29.96 41.40 -82.61
N ILE C 500 -29.80 42.67 -82.97
CA ILE C 500 -29.68 43.70 -81.94
C ILE C 500 -30.90 44.60 -81.91
N ASP C 501 -31.75 44.33 -80.92
CA ASP C 501 -32.91 45.13 -80.58
C ASP C 501 -32.54 46.61 -80.48
N ALA C 502 -33.49 47.48 -80.76
CA ALA C 502 -33.26 48.92 -80.69
C ALA C 502 -32.94 49.43 -79.27
N ARG C 503 -33.29 48.62 -78.27
CA ARG C 503 -32.90 48.93 -76.88
C ARG C 503 -31.47 48.45 -76.56
N GLY C 504 -30.81 47.86 -77.55
CA GLY C 504 -29.46 47.36 -77.36
C GLY C 504 -29.45 45.88 -77.01
N ASN C 505 -30.64 45.34 -76.75
CA ASN C 505 -30.79 43.92 -76.45
C ASN C 505 -30.20 43.07 -77.56
N ILE C 506 -29.33 42.13 -77.19
CA ILE C 506 -28.76 41.21 -78.17
C ILE C 506 -29.36 39.84 -77.98
N GLN C 507 -30.10 39.37 -78.97
CA GLN C 507 -30.70 38.03 -78.90
C GLN C 507 -30.25 37.16 -80.07
N TYR C 508 -30.42 35.85 -79.92
CA TYR C 508 -29.99 34.92 -80.96
C TYR C 508 -31.00 33.79 -81.04
N GLN C 509 -31.76 33.79 -82.12
CA GLN C 509 -32.71 32.71 -82.37
C GLN C 509 -32.11 31.73 -83.37
N GLU C 510 -32.84 30.66 -83.64
CA GLU C 510 -32.45 29.78 -84.72
C GLU C 510 -33.56 29.72 -85.75
N VAL C 511 -33.35 30.43 -86.85
CA VAL C 511 -34.38 30.62 -87.85
C VAL C 511 -34.29 29.59 -88.97
N PRO C 512 -35.44 29.04 -89.35
CA PRO C 512 -35.51 28.03 -90.41
C PRO C 512 -34.71 28.52 -91.60
N ARG C 513 -33.84 27.67 -92.11
CA ARG C 513 -33.06 28.01 -93.29
C ARG C 513 -34.00 28.27 -94.45
N ALA C 514 -33.86 29.46 -95.04
CA ALA C 514 -34.73 29.87 -96.13
C ALA C 514 -34.62 28.96 -97.36
N SER C 515 -33.47 28.30 -97.50
CA SER C 515 -33.21 27.48 -98.66
C SER C 515 -33.57 26.00 -98.52
N ALA C 516 -33.40 25.42 -97.32
CA ALA C 516 -33.69 24.00 -97.13
C ALA C 516 -34.85 23.78 -96.15
N ARG C 517 -35.62 22.74 -96.41
CA ARG C 517 -36.80 22.44 -95.59
C ARG C 517 -36.75 21.04 -95.02
N LYS C 518 -36.34 20.09 -95.85
CA LYS C 518 -36.07 18.72 -95.40
C LYS C 518 -34.58 18.56 -95.24
N PHE C 519 -34.15 17.42 -94.70
CA PHE C 519 -32.73 17.19 -94.57
C PHE C 519 -32.14 16.90 -95.93
N GLU C 520 -32.94 16.37 -96.85
CA GLU C 520 -32.46 16.02 -98.18
C GLU C 520 -31.85 17.25 -98.81
N HIS C 521 -32.50 18.39 -98.59
CA HIS C 521 -32.03 19.67 -99.10
C HIS C 521 -30.65 19.98 -98.54
N TYR C 522 -30.55 19.89 -97.22
CA TYR C 522 -29.28 20.03 -96.53
C TYR C 522 -28.22 19.15 -97.18
N VAL C 523 -28.51 17.86 -97.33
CA VAL C 523 -27.53 16.94 -97.89
C VAL C 523 -27.02 17.45 -99.22
N LYS C 524 -27.96 17.89 -100.07
CA LYS C 524 -27.62 18.49 -101.34
C LYS C 524 -26.80 19.77 -101.12
N GLN C 525 -27.44 20.78 -100.54
CA GLN C 525 -26.75 22.04 -100.27
C GLN C 525 -25.29 21.85 -99.89
N MET C 526 -25.04 20.85 -99.04
CA MET C 526 -23.69 20.51 -98.57
C MET C 526 -22.81 20.04 -99.72
N ALA C 527 -23.16 18.89 -100.25
CA ALA C 527 -22.50 18.28 -101.38
C ALA C 527 -22.25 19.29 -102.51
N GLU C 528 -23.21 20.17 -102.73
CA GLU C 528 -23.09 21.18 -103.79
C GLU C 528 -21.72 21.83 -103.73
N GLY C 529 -21.49 22.62 -102.69
CA GLY C 529 -20.21 23.24 -102.47
C GLY C 529 -20.40 24.69 -102.14
N GLY C 530 -19.28 25.40 -102.03
CA GLY C 530 -19.30 26.85 -101.90
C GLY C 530 -18.27 27.38 -102.87
N PRO C 531 -18.56 28.54 -103.49
CA PRO C 531 -17.58 29.20 -104.36
C PRO C 531 -16.23 29.33 -103.65
N ILE C 532 -16.24 29.69 -102.36
CA ILE C 532 -15.01 29.82 -101.56
C ILE C 532 -14.11 28.56 -101.69
N SER C 533 -14.75 27.40 -101.80
CA SER C 533 -14.03 26.15 -102.05
C SER C 533 -13.90 25.85 -103.53
N GLN C 534 -12.99 26.55 -104.19
CA GLN C 534 -12.71 26.22 -105.58
C GLN C 534 -11.47 25.35 -105.68
N TYR C 535 -11.46 24.53 -106.73
CA TYR C 535 -10.54 23.42 -106.91
C TYR C 535 -9.05 23.66 -106.67
N SER C 536 -8.37 22.57 -106.36
CA SER C 536 -6.94 22.49 -106.51
C SER C 536 -6.70 22.56 -108.02
N ASN C 537 -5.72 23.34 -108.45
CA ASN C 537 -5.37 23.37 -109.87
C ASN C 537 -5.12 21.96 -110.43
N ARG C 538 -4.69 21.10 -109.52
CA ARG C 538 -3.97 19.85 -109.76
C ARG C 538 -4.87 18.65 -110.11
N THR C 539 -6.04 18.58 -109.48
CA THR C 539 -6.93 17.45 -109.71
C THR C 539 -7.42 17.40 -111.16
N LYS C 540 -7.53 18.58 -111.78
CA LYS C 540 -7.87 18.65 -113.20
C LYS C 540 -6.71 18.21 -114.07
N VAL C 541 -5.56 18.86 -113.91
CA VAL C 541 -4.38 18.54 -114.70
C VAL C 541 -4.18 17.03 -114.72
N GLN C 542 -4.42 16.40 -113.58
CA GLN C 542 -4.23 14.98 -113.41
C GLN C 542 -5.27 14.16 -114.15
N ASN C 543 -6.54 14.30 -113.76
CA ASN C 543 -7.62 13.53 -114.36
C ASN C 543 -7.68 13.67 -115.87
N ASP C 544 -7.20 14.79 -116.38
CA ASP C 544 -7.11 15.03 -117.82
C ASP C 544 -5.99 14.19 -118.43
N LEU C 545 -4.75 14.47 -117.99
CA LEU C 545 -3.59 13.70 -118.43
C LEU C 545 -3.89 12.19 -118.39
N ARG C 546 -4.71 11.81 -117.43
CA ARG C 546 -5.18 10.44 -117.31
C ARG C 546 -5.75 9.98 -118.63
N SER C 547 -6.92 10.53 -118.96
CA SER C 547 -7.65 10.15 -120.16
C SER C 547 -6.84 10.41 -121.43
N VAL C 548 -5.87 11.33 -121.34
CA VAL C 548 -4.94 11.56 -122.44
C VAL C 548 -4.13 10.30 -122.68
N TYR C 549 -3.62 9.72 -121.61
CA TYR C 549 -2.94 8.43 -121.67
C TYR C 549 -3.93 7.36 -122.14
N LYS C 550 -5.09 7.30 -121.49
CA LYS C 550 -6.10 6.27 -121.80
C LYS C 550 -6.48 6.25 -123.28
N LEU C 551 -6.45 7.43 -123.89
CA LEU C 551 -6.76 7.57 -125.29
C LEU C 551 -5.57 7.09 -126.10
N ILE C 552 -4.46 7.81 -126.00
CA ILE C 552 -3.20 7.47 -126.63
C ILE C 552 -2.85 5.99 -126.53
N ARG C 553 -3.16 5.42 -125.37
CA ARG C 553 -2.84 4.04 -125.06
C ARG C 553 -3.77 3.09 -125.80
N ARG C 554 -5.04 3.10 -125.41
CA ARG C 554 -6.03 2.22 -126.01
C ARG C 554 -6.44 2.66 -127.41
N GLN C 555 -5.43 3.00 -128.22
CA GLN C 555 -5.57 3.27 -129.65
C GLN C 555 -4.23 3.00 -130.33
N HIS C 556 -3.95 1.71 -130.52
CA HIS C 556 -2.65 1.20 -130.94
C HIS C 556 -2.43 1.34 -132.44
N ARG C 557 -1.70 2.38 -132.84
CA ARG C 557 -1.28 2.58 -134.24
C ARG C 557 -0.12 3.56 -134.28
N LEU C 558 0.27 4.04 -133.10
CA LEU C 558 1.45 4.86 -132.93
C LEU C 558 2.58 3.92 -132.61
N SER C 559 3.79 4.27 -133.03
CA SER C 559 4.95 3.43 -132.77
C SER C 559 5.20 3.29 -131.27
N LYS C 560 5.66 2.10 -130.87
CA LYS C 560 6.00 1.87 -129.48
C LYS C 560 7.26 2.67 -129.11
N SER C 561 7.85 3.34 -130.11
CA SER C 561 8.95 4.27 -129.88
C SER C 561 8.40 5.53 -129.24
N SER C 562 7.16 5.85 -129.58
CA SER C 562 6.52 7.06 -129.12
C SER C 562 5.64 6.76 -127.92
N GLN C 563 4.92 5.65 -127.97
CA GLN C 563 4.09 5.24 -126.84
C GLN C 563 4.97 5.09 -125.60
N LEU C 564 6.07 4.35 -125.77
CA LEU C 564 7.05 4.13 -124.73
C LEU C 564 7.56 5.47 -124.20
N GLN C 565 7.65 6.43 -125.10
CA GLN C 565 8.23 7.73 -124.78
C GLN C 565 7.15 8.74 -124.40
N PHE C 566 5.90 8.29 -124.38
CA PHE C 566 4.82 9.16 -123.95
C PHE C 566 4.64 9.09 -122.45
N ASN C 567 4.38 7.88 -121.97
CA ASN C 567 4.22 7.66 -120.53
C ASN C 567 5.49 8.07 -119.81
N ALA C 568 6.57 8.15 -120.56
CA ALA C 568 7.82 8.68 -120.04
C ALA C 568 7.63 10.14 -119.66
N LEU C 569 7.22 10.93 -120.65
CA LEU C 569 6.97 12.35 -120.49
C LEU C 569 5.71 12.59 -119.66
N TYR C 570 4.94 11.52 -119.48
CA TYR C 570 3.70 11.56 -118.70
C TYR C 570 4.01 11.48 -117.22
N LYS C 571 4.76 10.44 -116.84
CA LYS C 571 5.20 10.25 -115.45
C LYS C 571 5.93 11.49 -114.96
N ASP C 572 6.87 11.98 -115.77
CA ASP C 572 7.59 13.21 -115.49
C ASP C 572 6.64 14.27 -114.93
N VAL C 573 5.54 14.50 -115.65
CA VAL C 573 4.58 15.53 -115.29
C VAL C 573 3.94 15.26 -113.93
N ILE C 574 3.57 14.00 -113.69
CA ILE C 574 2.93 13.62 -112.44
C ILE C 574 3.85 13.84 -111.24
N ARG C 575 5.10 13.39 -111.37
CA ARG C 575 6.07 13.52 -110.29
C ARG C 575 6.33 14.98 -109.98
N ALA C 576 6.69 15.76 -111.00
CA ALA C 576 6.93 17.18 -110.83
C ALA C 576 5.78 17.85 -110.07
N LEU C 577 4.55 17.46 -110.39
CA LEU C 577 3.36 18.05 -109.77
C LEU C 577 3.30 17.77 -108.27
N ALA C 578 3.70 16.56 -107.92
CA ALA C 578 3.70 16.10 -106.54
C ALA C 578 4.83 16.74 -105.72
N MET C 579 6.05 16.69 -106.26
CA MET C 579 7.23 17.10 -105.53
C MET C 579 7.31 18.61 -105.33
N ASN C 580 7.21 19.39 -106.39
CA ASN C 580 7.06 20.83 -106.21
C ASN C 580 5.88 21.38 -107.00
N GLU C 581 4.73 21.42 -106.36
CA GLU C 581 3.54 21.94 -106.97
C GLU C 581 3.70 23.46 -107.22
N SER C 582 4.35 24.15 -106.29
CA SER C 582 4.49 25.60 -106.36
C SER C 582 5.10 26.12 -107.67
N GLN C 583 6.15 25.46 -108.17
CA GLN C 583 6.81 25.92 -109.40
C GLN C 583 6.01 25.67 -110.68
N ILE C 584 5.54 24.44 -110.84
CA ILE C 584 4.81 24.01 -112.01
C ILE C 584 3.53 24.80 -112.32
N MET C 585 2.87 25.36 -111.32
CA MET C 585 1.49 25.78 -111.51
C MET C 585 1.31 27.25 -111.15
N GLN C 586 2.44 27.85 -110.78
CA GLN C 586 2.43 29.15 -110.11
C GLN C 586 1.29 30.06 -110.59
N GLU C 610 -13.38 23.03 -109.90
CA GLU C 610 -14.62 23.77 -109.81
C GLU C 610 -15.04 23.72 -108.33
N THR C 611 -15.71 22.63 -107.93
CA THR C 611 -16.30 22.59 -106.59
C THR C 611 -15.80 21.57 -105.58
N ILE C 612 -15.65 22.03 -104.34
CA ILE C 612 -15.44 21.12 -103.22
C ILE C 612 -16.61 21.09 -102.21
N PRO C 613 -17.06 19.87 -101.86
CA PRO C 613 -18.22 19.76 -100.98
C PRO C 613 -17.83 20.06 -99.56
N PHE C 614 -18.50 21.03 -98.96
CA PHE C 614 -18.43 21.21 -97.52
C PHE C 614 -18.25 19.97 -96.64
N LEU C 615 -18.57 18.80 -97.17
CA LEU C 615 -18.42 17.55 -96.43
C LEU C 615 -17.74 16.52 -97.31
N HIS C 616 -16.46 16.29 -97.11
CA HIS C 616 -15.78 15.37 -97.99
C HIS C 616 -14.84 14.48 -97.23
N LEU C 617 -14.58 13.31 -97.79
CA LEU C 617 -13.58 12.42 -97.25
C LEU C 617 -12.28 12.81 -97.92
N ARG C 618 -11.20 12.11 -97.60
CA ARG C 618 -9.91 12.33 -98.25
C ARG C 618 -9.16 11.04 -98.33
N LYS C 619 -8.05 11.05 -99.05
CA LYS C 619 -7.15 9.89 -99.06
C LYS C 619 -5.73 10.40 -98.99
N LYS C 620 -4.82 9.52 -98.60
CA LYS C 620 -3.42 9.92 -98.41
C LYS C 620 -2.58 9.74 -99.67
N ASP C 621 -1.77 10.76 -99.97
CA ASP C 621 -0.83 10.72 -101.08
C ASP C 621 0.32 9.79 -100.76
N GLU C 622 1.12 9.47 -101.76
CA GLU C 622 2.38 8.77 -101.52
C GLU C 622 3.12 9.56 -100.45
N PHE C 623 3.01 10.87 -100.54
CA PHE C 623 3.58 11.77 -99.54
C PHE C 623 2.50 12.11 -98.52
N GLY C 624 2.17 11.13 -97.69
CA GLY C 624 1.14 11.24 -96.67
C GLY C 624 0.39 12.56 -96.60
N ASN C 625 -0.43 12.82 -97.61
CA ASN C 625 -1.23 14.03 -97.65
C ASN C 625 -2.70 13.69 -97.73
N TRP C 626 -3.53 14.41 -96.98
CA TRP C 626 -4.96 14.16 -97.03
C TRP C 626 -5.60 15.07 -98.07
N GLU C 627 -5.74 14.53 -99.28
CA GLU C 627 -6.25 15.29 -100.43
C GLU C 627 -7.66 14.85 -100.76
N TYR C 628 -8.52 15.83 -101.07
CA TYR C 628 -9.91 15.56 -101.43
C TYR C 628 -10.07 14.45 -102.47
N SER C 629 -10.76 13.37 -102.07
CA SER C 629 -11.10 12.26 -102.95
C SER C 629 -12.59 12.28 -103.26
N LYS C 630 -12.94 12.62 -104.49
CA LYS C 630 -14.33 12.61 -104.91
C LYS C 630 -14.93 11.21 -104.80
N LYS C 631 -14.12 10.18 -105.10
CA LYS C 631 -14.59 8.80 -105.06
C LYS C 631 -15.27 8.50 -103.75
N LEU C 632 -14.57 8.80 -102.66
CA LEU C 632 -15.09 8.57 -101.33
C LEU C 632 -16.15 9.58 -101.03
N THR C 633 -15.80 10.87 -101.06
CA THR C 633 -16.76 11.91 -100.78
C THR C 633 -18.10 11.58 -101.39
N GLY C 634 -18.05 10.96 -102.56
CA GLY C 634 -19.23 10.46 -103.20
C GLY C 634 -19.82 9.36 -102.35
N ILE C 635 -19.19 8.20 -102.40
CA ILE C 635 -19.70 7.02 -101.72
C ILE C 635 -20.25 7.32 -100.32
N TYR C 636 -19.68 8.35 -99.68
CA TYR C 636 -20.18 8.81 -98.39
C TYR C 636 -21.46 9.59 -98.59
N LEU C 637 -21.32 10.76 -99.19
CA LEU C 637 -22.42 11.69 -99.37
C LEU C 637 -23.65 11.01 -99.92
N ASP C 638 -23.43 9.90 -100.62
CA ASP C 638 -24.50 9.12 -101.20
C ASP C 638 -25.35 8.51 -100.09
N GLY C 639 -24.70 7.76 -99.20
CA GLY C 639 -25.37 7.22 -98.03
C GLY C 639 -25.97 8.32 -97.17
N LEU C 640 -25.21 9.41 -97.01
CA LEU C 640 -25.66 10.58 -96.26
C LEU C 640 -27.03 11.07 -96.79
N GLU C 641 -27.23 10.96 -98.10
CA GLU C 641 -28.50 11.34 -98.73
C GLU C 641 -29.54 10.24 -98.51
N ALA C 642 -29.11 9.01 -98.76
CA ALA C 642 -29.93 7.82 -98.54
C ALA C 642 -30.48 7.79 -97.13
N ALA C 643 -29.71 8.35 -96.21
CA ALA C 643 -30.17 8.49 -94.83
C ALA C 643 -31.33 9.47 -94.78
N ALA C 644 -31.13 10.65 -95.34
CA ALA C 644 -32.11 11.73 -95.25
C ALA C 644 -33.43 11.33 -95.85
N ARG C 645 -33.40 10.30 -96.69
CA ARG C 645 -34.57 9.79 -97.39
C ARG C 645 -35.31 8.71 -96.61
N SER C 646 -34.81 7.48 -96.79
CA SER C 646 -35.43 6.28 -96.26
C SER C 646 -34.85 5.89 -94.91
N GLY C 647 -34.06 6.81 -94.34
CA GLY C 647 -33.46 6.59 -93.04
C GLY C 647 -32.22 5.72 -93.02
N LEU C 648 -31.92 5.22 -91.83
CA LEU C 648 -30.69 4.50 -91.57
C LEU C 648 -30.86 3.71 -90.29
N THR C 649 -30.60 2.41 -90.34
CA THR C 649 -30.78 1.53 -89.19
C THR C 649 -29.47 1.11 -88.56
N PHE C 650 -29.53 0.89 -87.26
CA PHE C 650 -28.37 0.43 -86.53
C PHE C 650 -28.67 -0.89 -85.84
N GLN C 651 -29.77 -1.52 -86.25
CA GLN C 651 -30.20 -2.80 -85.70
C GLN C 651 -29.05 -3.77 -85.43
N GLY C 652 -29.03 -4.34 -84.23
CA GLY C 652 -28.05 -5.35 -83.87
C GLY C 652 -26.68 -4.81 -83.48
N LYS C 653 -26.51 -3.50 -83.59
CA LYS C 653 -25.21 -2.92 -83.28
C LYS C 653 -25.11 -2.60 -81.79
N HIS C 654 -23.92 -2.79 -81.24
CA HIS C 654 -23.57 -2.40 -79.89
C HIS C 654 -22.59 -1.23 -79.94
N ALA C 655 -22.80 -0.18 -79.14
CA ALA C 655 -21.88 0.95 -79.15
C ALA C 655 -21.67 1.63 -77.80
N LEU C 656 -20.42 2.02 -77.54
CA LEU C 656 -20.02 2.75 -76.34
C LEU C 656 -19.90 4.24 -76.67
N MET C 657 -20.42 5.09 -75.78
CA MET C 657 -20.37 6.53 -76.02
C MET C 657 -20.03 7.33 -74.75
N THR C 658 -18.92 8.05 -74.78
CA THR C 658 -18.56 8.94 -73.67
C THR C 658 -18.67 10.37 -74.11
N GLY C 659 -19.18 11.22 -73.25
CA GLY C 659 -19.29 12.61 -73.61
C GLY C 659 -20.66 12.88 -74.14
N ALA C 660 -21.58 11.98 -73.84
CA ALA C 660 -22.94 12.13 -74.33
C ALA C 660 -23.78 12.99 -73.39
N GLY C 661 -23.19 14.05 -72.88
CA GLY C 661 -23.87 14.86 -71.91
C GLY C 661 -25.12 15.45 -72.49
N ALA C 662 -26.01 15.92 -71.64
CA ALA C 662 -27.22 16.62 -72.07
C ALA C 662 -26.88 17.80 -72.96
N GLY C 663 -27.56 17.90 -74.10
CA GLY C 663 -27.34 18.98 -75.04
C GLY C 663 -25.97 19.02 -75.70
N SER C 664 -25.40 17.87 -76.03
CA SER C 664 -24.12 17.83 -76.72
C SER C 664 -24.24 17.09 -78.04
N ILE C 665 -23.21 17.16 -78.87
CA ILE C 665 -23.19 16.38 -80.09
C ILE C 665 -23.42 14.92 -79.76
N GLY C 666 -22.66 14.38 -78.81
CA GLY C 666 -22.88 13.01 -78.40
C GLY C 666 -24.34 12.70 -78.07
N ALA C 667 -25.02 13.66 -77.45
CA ALA C 667 -26.40 13.48 -77.03
C ALA C 667 -27.28 13.16 -78.21
N GLU C 668 -27.09 13.90 -79.30
CA GLU C 668 -27.85 13.69 -80.53
C GLU C 668 -27.49 12.37 -81.17
N VAL C 669 -26.20 12.14 -81.41
CA VAL C 669 -25.76 10.88 -81.98
C VAL C 669 -26.36 9.70 -81.22
N LEU C 670 -26.49 9.87 -79.91
CA LEU C 670 -27.07 8.86 -79.06
C LEU C 670 -28.46 8.51 -79.55
N GLN C 671 -29.37 9.50 -79.49
CA GLN C 671 -30.74 9.32 -79.96
C GLN C 671 -30.79 8.71 -81.36
N GLY C 672 -29.80 9.05 -82.17
CA GLY C 672 -29.63 8.46 -83.48
C GLY C 672 -29.58 6.95 -83.40
N LEU C 673 -28.51 6.41 -82.85
CA LEU C 673 -28.39 4.97 -82.73
C LEU C 673 -29.56 4.34 -81.97
N LEU C 674 -30.19 5.12 -81.10
CA LEU C 674 -31.29 4.58 -80.30
C LEU C 674 -32.53 4.38 -81.15
N SER C 675 -32.67 5.17 -82.20
CA SER C 675 -33.76 4.98 -83.15
C SER C 675 -33.50 3.80 -84.10
N GLY C 676 -32.23 3.50 -84.39
CA GLY C 676 -31.87 2.24 -85.03
C GLY C 676 -31.97 1.27 -83.89
N GLY C 677 -31.88 -0.03 -84.16
CA GLY C 677 -32.05 -0.99 -83.08
C GLY C 677 -30.85 -1.13 -82.17
N ALA C 678 -30.14 -0.03 -81.93
CA ALA C 678 -28.81 -0.09 -81.31
C ALA C 678 -28.82 -0.15 -79.78
N LYS C 679 -28.02 -1.06 -79.25
CA LYS C 679 -27.81 -1.14 -77.82
C LYS C 679 -26.53 -0.39 -77.54
N VAL C 680 -26.63 0.62 -76.68
CA VAL C 680 -25.47 1.43 -76.33
C VAL C 680 -25.31 1.64 -74.83
N ILE C 681 -24.05 1.74 -74.42
CA ILE C 681 -23.68 2.06 -73.06
C ILE C 681 -23.17 3.49 -73.00
N VAL C 682 -23.87 4.32 -72.23
CA VAL C 682 -23.53 5.72 -72.14
C VAL C 682 -22.87 6.03 -70.80
N THR C 683 -21.78 6.82 -70.80
CA THR C 683 -21.12 7.23 -69.55
C THR C 683 -21.43 8.66 -69.12
N THR C 684 -21.64 8.82 -67.81
CA THR C 684 -21.78 10.12 -67.19
C THR C 684 -20.86 10.30 -65.98
N SER C 685 -20.15 11.42 -65.99
CA SER C 685 -19.23 11.82 -64.94
C SER C 685 -19.92 12.69 -63.93
N ARG C 686 -21.22 12.89 -64.12
CA ARG C 686 -22.01 13.66 -63.17
C ARG C 686 -23.30 12.90 -62.89
N PHE C 687 -23.16 11.64 -62.47
CA PHE C 687 -24.27 10.72 -62.34
C PHE C 687 -25.27 11.20 -61.28
N SER C 688 -26.34 11.85 -61.69
CA SER C 688 -27.34 12.35 -60.75
C SER C 688 -28.60 11.55 -60.87
N ARG C 689 -29.64 12.00 -60.20
CA ARG C 689 -30.95 11.48 -60.51
C ARG C 689 -31.35 12.16 -61.81
N GLN C 690 -31.15 13.48 -61.85
CA GLN C 690 -31.54 14.28 -63.00
C GLN C 690 -30.94 13.76 -64.29
N VAL C 691 -29.67 13.40 -64.23
CA VAL C 691 -28.98 12.80 -65.36
C VAL C 691 -29.57 11.43 -65.70
N THR C 692 -29.84 10.62 -64.69
CA THR C 692 -30.49 9.32 -64.88
C THR C 692 -31.79 9.56 -65.62
N GLU C 693 -32.61 10.47 -65.10
CA GLU C 693 -33.94 10.73 -65.67
C GLU C 693 -33.86 11.18 -67.13
N TYR C 694 -33.01 12.17 -67.39
CA TYR C 694 -32.70 12.63 -68.74
C TYR C 694 -32.58 11.48 -69.74
N TYR C 695 -31.62 10.60 -69.52
CA TYR C 695 -31.40 9.49 -70.43
C TYR C 695 -32.59 8.57 -70.55
N GLN C 696 -33.37 8.48 -69.49
CA GLN C 696 -34.64 7.76 -69.54
C GLN C 696 -35.55 8.50 -70.51
N GLY C 697 -35.70 9.81 -70.31
CA GLY C 697 -36.54 10.62 -71.18
C GLY C 697 -36.25 10.33 -72.64
N ILE C 698 -34.95 10.28 -72.95
CA ILE C 698 -34.48 9.90 -74.26
C ILE C 698 -35.03 8.54 -74.68
N TYR C 699 -34.58 7.48 -74.01
CA TYR C 699 -34.97 6.13 -74.41
C TYR C 699 -36.47 5.93 -74.50
N ALA C 700 -37.23 6.75 -73.79
CA ALA C 700 -38.68 6.62 -73.79
C ALA C 700 -39.22 7.05 -75.12
N ARG C 701 -38.46 7.91 -75.78
CA ARG C 701 -38.91 8.54 -77.03
C ARG C 701 -38.09 8.17 -78.26
N CYS C 702 -36.98 7.47 -78.07
CA CYS C 702 -36.11 7.12 -79.18
C CYS C 702 -35.96 5.62 -79.30
N GLY C 703 -36.08 4.94 -78.17
CA GLY C 703 -35.80 3.51 -78.09
C GLY C 703 -36.67 2.64 -78.96
N ALA C 704 -36.15 2.32 -80.13
CA ALA C 704 -36.86 1.48 -81.07
C ALA C 704 -36.84 0.06 -80.56
N ARG C 705 -37.72 -0.76 -81.12
CA ARG C 705 -37.68 -2.17 -80.84
C ARG C 705 -36.22 -2.64 -80.92
N GLY C 706 -35.82 -3.48 -79.98
CA GLY C 706 -34.49 -4.09 -79.99
C GLY C 706 -33.37 -3.26 -79.36
N SER C 707 -33.63 -1.97 -79.21
CA SER C 707 -32.66 -1.05 -78.66
C SER C 707 -32.50 -1.27 -77.15
N GLN C 708 -31.42 -0.71 -76.60
CA GLN C 708 -31.19 -0.75 -75.15
C GLN C 708 -30.27 0.38 -74.75
N LEU C 709 -30.58 1.03 -73.64
CA LEU C 709 -29.72 2.08 -73.11
C LEU C 709 -29.21 1.65 -71.75
N VAL C 710 -27.91 1.76 -71.55
CA VAL C 710 -27.32 1.40 -70.27
C VAL C 710 -26.46 2.56 -69.78
N VAL C 711 -26.97 3.31 -68.81
CA VAL C 711 -26.20 4.42 -68.26
C VAL C 711 -25.42 4.02 -67.00
N VAL C 712 -24.32 4.72 -66.80
CA VAL C 712 -23.28 4.25 -65.94
C VAL C 712 -22.41 5.43 -65.54
N PRO C 713 -21.96 5.47 -64.29
CA PRO C 713 -21.10 6.57 -63.89
C PRO C 713 -19.71 6.24 -64.40
N PHE C 714 -18.92 7.25 -64.76
CA PHE C 714 -17.60 6.99 -65.28
C PHE C 714 -16.81 8.28 -65.33
N ASN C 715 -15.50 8.16 -65.12
CA ASN C 715 -14.60 9.31 -65.20
C ASN C 715 -13.40 9.02 -66.09
N GLN C 716 -13.44 9.54 -67.32
CA GLN C 716 -12.43 9.17 -68.30
C GLN C 716 -11.07 9.67 -67.87
N GLY C 717 -11.04 10.57 -66.89
CA GLY C 717 -9.79 10.99 -66.29
C GLY C 717 -9.10 9.91 -65.46
N SER C 718 -9.74 8.75 -65.31
CA SER C 718 -9.21 7.72 -64.42
C SER C 718 -8.81 6.45 -65.12
N LYS C 719 -7.52 6.19 -65.21
CA LYS C 719 -7.01 4.95 -65.81
C LYS C 719 -7.80 3.73 -65.34
N GLN C 720 -8.10 3.72 -64.05
CA GLN C 720 -8.75 2.57 -63.42
C GLN C 720 -10.14 2.37 -63.97
N ASP C 721 -10.90 3.46 -63.99
CA ASP C 721 -12.22 3.48 -64.57
C ASP C 721 -12.22 2.96 -65.99
N VAL C 722 -11.39 3.53 -66.83
CA VAL C 722 -11.28 3.05 -68.18
C VAL C 722 -11.22 1.51 -68.26
N GLU C 723 -10.22 0.91 -67.63
CA GLU C 723 -10.13 -0.54 -67.70
C GLU C 723 -11.33 -1.22 -67.04
N ALA C 724 -11.90 -0.58 -66.04
CA ALA C 724 -13.06 -1.13 -65.33
C ALA C 724 -14.29 -1.13 -66.20
N LEU C 725 -14.57 0.02 -66.80
CA LEU C 725 -15.70 0.20 -67.69
C LEU C 725 -15.65 -0.89 -68.74
N VAL C 726 -14.55 -0.94 -69.45
CA VAL C 726 -14.38 -1.91 -70.52
C VAL C 726 -14.71 -3.32 -70.05
N ASN C 727 -14.28 -3.68 -68.84
CA ASN C 727 -14.54 -5.03 -68.35
C ASN C 727 -16.02 -5.31 -68.10
N TYR C 728 -16.72 -4.36 -67.49
CA TYR C 728 -18.15 -4.49 -67.30
C TYR C 728 -18.81 -4.76 -68.62
N ILE C 729 -18.34 -4.05 -69.64
CA ILE C 729 -18.89 -4.17 -70.97
C ILE C 729 -18.76 -5.58 -71.57
N TYR C 730 -17.61 -6.22 -71.36
CA TYR C 730 -17.33 -7.51 -71.96
C TYR C 730 -17.59 -8.70 -71.09
N ASP C 731 -17.63 -8.51 -69.78
CA ASP C 731 -17.74 -9.67 -68.89
C ASP C 731 -19.03 -10.42 -69.13
N THR C 732 -18.88 -11.70 -69.44
CA THR C 732 -20.01 -12.57 -69.70
C THR C 732 -20.90 -12.76 -68.45
N LYS C 733 -20.27 -13.10 -67.33
CA LYS C 733 -20.99 -13.50 -66.11
C LYS C 733 -21.68 -12.35 -65.40
N ASN C 734 -20.89 -11.47 -64.80
CA ASN C 734 -21.47 -10.37 -64.04
C ASN C 734 -21.51 -9.06 -64.80
N GLY C 735 -20.85 -9.02 -65.96
CA GLY C 735 -20.86 -7.84 -66.80
C GLY C 735 -22.10 -7.85 -67.68
N LEU C 736 -22.17 -6.94 -68.65
CA LEU C 736 -23.27 -6.99 -69.62
C LEU C 736 -22.81 -7.62 -70.92
N GLY C 737 -21.69 -8.34 -70.84
CA GLY C 737 -21.20 -9.23 -71.89
C GLY C 737 -21.49 -8.88 -73.33
N TRP C 738 -21.17 -7.66 -73.74
CA TRP C 738 -21.33 -7.25 -75.13
C TRP C 738 -20.05 -7.47 -75.93
N ASP C 739 -20.07 -6.96 -77.16
CA ASP C 739 -18.87 -6.72 -77.96
C ASP C 739 -19.18 -5.46 -78.75
N LEU C 740 -18.22 -4.56 -78.87
CA LEU C 740 -18.53 -3.23 -79.38
C LEU C 740 -18.42 -3.09 -80.88
N ASP C 741 -19.37 -2.36 -81.47
CA ASP C 741 -19.41 -2.11 -82.91
C ASP C 741 -18.96 -0.69 -83.20
N TYR C 742 -19.35 0.22 -82.30
CA TYR C 742 -18.91 1.59 -82.40
C TYR C 742 -18.31 2.06 -81.07
N VAL C 743 -17.39 3.00 -81.14
CA VAL C 743 -16.83 3.66 -79.98
C VAL C 743 -16.79 5.14 -80.28
N VAL C 744 -17.47 5.94 -79.48
CA VAL C 744 -17.59 7.37 -79.75
C VAL C 744 -17.06 8.19 -78.57
N PRO C 745 -15.72 8.35 -78.48
CA PRO C 745 -14.97 8.91 -77.35
C PRO C 745 -15.05 10.42 -77.26
N PHE C 746 -16.26 10.95 -77.08
CA PHE C 746 -16.46 12.40 -77.06
C PHE C 746 -16.25 13.06 -75.68
N ALA C 747 -15.57 12.37 -74.77
CA ALA C 747 -15.39 12.92 -73.42
C ALA C 747 -14.45 14.10 -73.48
N ALA C 748 -14.83 15.23 -72.89
CA ALA C 748 -13.98 16.41 -72.97
C ALA C 748 -14.22 17.53 -71.94
N ILE C 749 -13.14 18.23 -71.61
CA ILE C 749 -13.14 19.34 -70.66
C ILE C 749 -12.79 20.67 -71.33
N PRO C 750 -13.53 21.71 -70.99
CA PRO C 750 -13.27 23.09 -71.37
C PRO C 750 -12.02 23.64 -70.67
N GLU C 751 -10.89 23.68 -71.37
CA GLU C 751 -9.67 24.26 -70.80
C GLU C 751 -9.44 25.67 -71.33
N ASN C 752 -10.53 26.38 -71.57
CA ASN C 752 -10.51 27.75 -72.05
C ASN C 752 -9.59 28.66 -71.23
N GLY C 753 -8.90 29.58 -71.89
CA GLY C 753 -8.25 30.66 -71.17
C GLY C 753 -6.75 30.60 -71.02
N ARG C 754 -6.13 29.51 -71.45
CA ARG C 754 -4.71 29.34 -71.19
C ARG C 754 -3.77 29.15 -72.41
N GLU C 755 -2.71 29.94 -72.43
CA GLU C 755 -1.64 29.80 -73.42
C GLU C 755 -0.57 28.85 -72.90
N ILE C 756 0.47 28.62 -73.69
CA ILE C 756 1.59 27.80 -73.26
C ILE C 756 2.16 28.48 -72.03
N ASP C 757 1.83 29.76 -71.94
CA ASP C 757 2.07 30.59 -70.78
C ASP C 757 1.91 29.76 -69.52
N SER C 758 0.81 29.03 -69.48
CA SER C 758 0.32 28.45 -68.26
C SER C 758 -0.55 27.21 -68.46
N ILE C 759 0.10 26.09 -68.67
CA ILE C 759 -0.56 24.79 -68.71
C ILE C 759 -0.72 24.29 -67.28
N ASP C 760 -1.91 24.52 -66.73
CA ASP C 760 -2.17 24.22 -65.33
C ASP C 760 -2.58 22.76 -65.01
N SER C 761 -3.17 22.59 -63.83
CA SER C 761 -3.70 21.33 -63.38
C SER C 761 -4.79 20.91 -64.36
N LYS C 762 -5.78 21.79 -64.54
CA LYS C 762 -6.91 21.48 -65.38
C LYS C 762 -6.43 20.98 -66.74
N SER C 763 -5.49 21.70 -67.35
CA SER C 763 -4.98 21.36 -68.67
C SER C 763 -4.37 19.98 -68.68
N GLU C 764 -3.53 19.69 -67.71
CA GLU C 764 -2.89 18.38 -67.70
C GLU C 764 -3.92 17.27 -67.53
N LEU C 765 -4.93 17.57 -66.73
CA LEU C 765 -6.07 16.67 -66.54
C LEU C 765 -6.86 16.48 -67.84
N ALA C 766 -7.28 17.60 -68.41
CA ALA C 766 -8.03 17.57 -69.65
C ALA C 766 -7.26 16.77 -70.71
N HIS C 767 -5.97 17.04 -70.88
CA HIS C 767 -5.17 16.30 -71.86
C HIS C 767 -5.23 14.81 -71.54
N ARG C 768 -5.30 14.45 -70.26
CA ARG C 768 -5.34 13.04 -69.90
C ARG C 768 -6.70 12.40 -70.26
N ILE C 769 -7.77 13.17 -70.12
CA ILE C 769 -9.09 12.67 -70.53
C ILE C 769 -9.17 12.57 -72.05
N MET C 770 -8.79 13.64 -72.71
CA MET C 770 -8.90 13.79 -74.15
C MET C 770 -7.89 13.03 -75.02
N LEU C 771 -6.83 12.48 -74.43
CA LEU C 771 -5.84 11.76 -75.21
C LEU C 771 -5.34 10.47 -74.57
N THR C 772 -4.56 10.58 -73.48
CA THR C 772 -3.89 9.41 -72.89
C THR C 772 -4.86 8.30 -72.48
N ASN C 773 -5.99 8.70 -71.89
CA ASN C 773 -6.95 7.70 -71.45
C ASN C 773 -7.87 7.27 -72.59
N LEU C 774 -8.07 8.19 -73.54
CA LEU C 774 -8.79 7.87 -74.77
C LEU C 774 -8.09 6.71 -75.50
N LEU C 775 -6.80 6.86 -75.74
CA LEU C 775 -6.04 5.79 -76.36
C LEU C 775 -6.11 4.53 -75.56
N ARG C 776 -6.11 4.69 -74.25
CA ARG C 776 -6.16 3.55 -73.37
C ARG C 776 -7.52 2.87 -73.42
N LEU C 777 -8.57 3.67 -73.58
CA LEU C 777 -9.93 3.13 -73.76
C LEU C 777 -9.97 2.25 -74.99
N LEU C 778 -9.53 2.77 -76.14
CA LEU C 778 -9.39 1.96 -77.35
C LEU C 778 -8.54 0.73 -77.08
N GLY C 779 -7.35 0.94 -76.57
CA GLY C 779 -6.44 -0.14 -76.22
C GLY C 779 -7.10 -1.25 -75.44
N ALA C 780 -7.85 -0.85 -74.42
CA ALA C 780 -8.58 -1.79 -73.58
C ALA C 780 -9.53 -2.65 -74.40
N ILE C 781 -10.44 -1.99 -75.10
CA ILE C 781 -11.38 -2.67 -75.98
C ILE C 781 -10.69 -3.69 -76.86
N LYS C 782 -9.62 -3.28 -77.53
CA LYS C 782 -8.90 -4.19 -78.39
C LYS C 782 -8.50 -5.46 -77.68
N THR C 783 -7.74 -5.34 -76.59
CA THR C 783 -7.23 -6.53 -75.92
C THR C 783 -8.37 -7.40 -75.44
N GLN C 784 -9.48 -6.75 -75.11
CA GLN C 784 -10.69 -7.49 -74.78
C GLN C 784 -11.06 -8.43 -75.92
N LYS C 785 -11.26 -7.86 -77.11
CA LYS C 785 -11.56 -8.64 -78.31
C LYS C 785 -10.48 -9.67 -78.58
N LYS C 786 -9.23 -9.25 -78.61
CA LYS C 786 -8.15 -10.18 -78.94
C LYS C 786 -8.24 -11.43 -78.10
N GLU C 787 -8.37 -11.23 -76.80
CA GLU C 787 -8.41 -12.32 -75.85
C GLU C 787 -9.67 -13.15 -76.01
N ARG C 788 -10.80 -12.48 -76.21
CA ARG C 788 -12.09 -13.17 -76.31
C ARG C 788 -12.31 -13.84 -77.67
N GLY C 789 -11.30 -13.80 -78.54
CA GLY C 789 -11.38 -14.42 -79.85
C GLY C 789 -12.27 -13.70 -80.83
N TYR C 790 -12.73 -12.52 -80.45
CA TYR C 790 -13.57 -11.69 -81.30
C TYR C 790 -12.75 -11.10 -82.44
N GLU C 791 -12.58 -11.87 -83.51
CA GLU C 791 -11.63 -11.53 -84.57
C GLU C 791 -12.27 -10.81 -85.78
N THR C 792 -13.52 -11.14 -86.06
CA THR C 792 -14.19 -10.72 -87.29
C THR C 792 -15.20 -9.61 -87.06
N ARG C 793 -15.04 -8.84 -85.98
CA ARG C 793 -16.00 -7.76 -85.69
C ARG C 793 -15.34 -6.48 -85.20
N PRO C 794 -14.50 -5.86 -86.05
CA PRO C 794 -13.83 -4.62 -85.69
C PRO C 794 -14.81 -3.59 -85.15
N ALA C 795 -14.33 -2.76 -84.23
CA ALA C 795 -15.15 -1.71 -83.67
C ALA C 795 -14.72 -0.38 -84.28
N GLN C 796 -15.71 0.35 -84.78
CA GLN C 796 -15.44 1.59 -85.50
C GLN C 796 -15.31 2.76 -84.55
N VAL C 797 -14.15 3.40 -84.57
CA VAL C 797 -13.88 4.47 -83.64
C VAL C 797 -14.03 5.79 -84.32
N ILE C 798 -14.99 6.58 -83.85
CA ILE C 798 -15.22 7.92 -84.34
C ILE C 798 -14.37 8.97 -83.62
N LEU C 799 -13.08 9.03 -83.97
CA LEU C 799 -12.15 10.03 -83.45
C LEU C 799 -12.63 11.44 -83.69
N PRO C 800 -13.02 12.17 -82.64
CA PRO C 800 -13.39 13.58 -82.85
C PRO C 800 -12.15 14.45 -83.02
N LEU C 801 -11.64 14.59 -84.24
CA LEU C 801 -10.49 15.44 -84.48
C LEU C 801 -10.96 16.87 -84.70
N SER C 802 -9.99 17.76 -84.89
CA SER C 802 -10.29 19.18 -85.01
C SER C 802 -9.50 19.81 -86.15
N PRO C 803 -10.06 20.91 -86.69
CA PRO C 803 -9.48 21.90 -87.61
C PRO C 803 -8.49 22.85 -86.92
N ASN C 804 -8.78 23.17 -85.66
CA ASN C 804 -7.85 23.97 -84.88
C ASN C 804 -6.66 23.16 -84.39
N HIS C 805 -5.52 23.33 -85.04
CA HIS C 805 -4.29 22.78 -84.50
C HIS C 805 -3.36 23.92 -84.08
N GLY C 806 -3.89 24.78 -83.21
CA GLY C 806 -3.10 25.87 -82.67
C GLY C 806 -3.40 27.20 -83.34
N THR C 807 -4.39 27.20 -84.22
CA THR C 807 -4.71 28.40 -84.98
C THR C 807 -5.43 29.41 -84.10
N PHE C 808 -6.23 28.90 -83.17
CA PHE C 808 -6.99 29.72 -82.24
C PHE C 808 -6.17 29.98 -80.99
N GLY C 809 -6.56 30.99 -80.21
CA GLY C 809 -5.83 31.38 -79.01
C GLY C 809 -5.62 30.37 -77.89
N ASN C 810 -6.32 30.59 -76.78
CA ASN C 810 -6.02 29.93 -75.50
C ASN C 810 -6.58 28.51 -75.34
N ASP C 811 -6.32 27.65 -76.31
CA ASP C 811 -6.73 26.25 -76.22
C ASP C 811 -6.20 25.64 -74.96
N GLY C 812 -4.92 25.92 -74.70
CA GLY C 812 -4.20 25.35 -73.57
C GLY C 812 -4.28 23.84 -73.59
N LEU C 813 -3.34 23.21 -74.30
CA LEU C 813 -3.29 21.76 -74.33
C LEU C 813 -4.46 21.10 -75.07
N TYR C 814 -5.33 21.91 -75.68
CA TYR C 814 -6.46 21.37 -76.44
C TYR C 814 -6.00 20.82 -77.79
N SER C 815 -5.50 21.74 -78.59
CA SER C 815 -4.95 21.42 -79.89
C SER C 815 -4.00 20.25 -79.78
N GLU C 816 -3.15 20.26 -78.76
CA GLU C 816 -2.10 19.24 -78.60
C GLU C 816 -2.71 17.84 -78.52
N SER C 817 -3.84 17.75 -77.81
CA SER C 817 -4.57 16.50 -77.72
C SER C 817 -5.12 16.15 -79.10
N LYS C 818 -5.93 17.07 -79.66
CA LYS C 818 -6.69 16.84 -80.89
C LYS C 818 -5.82 16.48 -82.09
N LEU C 819 -4.61 17.01 -82.11
CA LEU C 819 -3.66 16.71 -83.16
C LEU C 819 -3.05 15.34 -82.94
N ALA C 820 -2.64 15.07 -81.71
CA ALA C 820 -1.98 13.81 -81.41
C ALA C 820 -2.86 12.66 -81.83
N LEU C 821 -4.16 12.86 -81.70
CA LEU C 821 -5.11 11.80 -82.00
C LEU C 821 -4.89 11.26 -83.39
N GLU C 822 -4.36 12.11 -84.26
CA GLU C 822 -4.24 11.78 -85.67
C GLU C 822 -3.08 10.84 -85.96
N THR C 823 -2.24 10.61 -84.99
CA THR C 823 -1.18 9.60 -85.16
C THR C 823 -1.78 8.22 -85.28
N LEU C 824 -3.07 8.15 -85.00
CA LEU C 824 -3.80 6.89 -85.04
C LEU C 824 -4.00 6.49 -86.49
N PHE C 825 -4.17 7.48 -87.37
CA PHE C 825 -4.30 7.23 -88.79
C PHE C 825 -3.22 6.29 -89.31
N ASN C 826 -2.04 6.37 -88.74
CA ASN C 826 -0.92 5.53 -89.16
C ASN C 826 -0.73 4.30 -88.31
N ARG C 827 -0.97 4.46 -87.01
CA ARG C 827 -0.82 3.36 -86.07
C ARG C 827 -1.69 2.20 -86.52
N TRP C 828 -2.82 2.53 -87.14
CA TRP C 828 -3.76 1.52 -87.60
C TRP C 828 -3.05 0.54 -88.52
N TYR C 829 -2.05 1.06 -89.26
CA TYR C 829 -1.28 0.29 -90.23
C TYR C 829 -0.10 -0.42 -89.57
N SER C 830 0.70 0.36 -88.85
CA SER C 830 1.95 -0.11 -88.24
C SER C 830 1.71 -1.14 -87.16
N GLU C 831 0.86 -0.78 -86.21
CA GLU C 831 0.59 -1.66 -85.07
C GLU C 831 -0.46 -2.74 -85.36
N SER C 832 -0.55 -3.71 -84.44
CA SER C 832 -1.25 -4.95 -84.68
C SER C 832 -2.69 -5.00 -84.17
N TRP C 833 -3.43 -3.93 -84.34
CA TRP C 833 -4.81 -3.94 -83.89
C TRP C 833 -5.78 -3.59 -84.99
N GLY C 834 -5.29 -3.68 -86.23
CA GLY C 834 -6.04 -3.29 -87.40
C GLY C 834 -7.45 -3.86 -87.43
N ASN C 835 -7.57 -5.15 -87.15
CA ASN C 835 -8.85 -5.86 -87.28
C ASN C 835 -9.66 -5.98 -85.97
N TYR C 836 -9.34 -5.13 -85.01
CA TYR C 836 -10.09 -5.05 -83.78
C TYR C 836 -10.74 -3.70 -83.72
N LEU C 837 -9.96 -2.69 -84.09
CA LEU C 837 -10.44 -1.33 -84.12
C LEU C 837 -10.24 -0.80 -85.50
N THR C 838 -11.20 -0.02 -85.98
CA THR C 838 -10.98 0.73 -87.20
C THR C 838 -11.08 2.22 -86.87
N ILE C 839 -10.30 3.03 -87.57
CA ILE C 839 -10.28 4.45 -87.27
C ILE C 839 -10.99 5.28 -88.32
N CYS C 840 -11.95 6.06 -87.86
CA CYS C 840 -12.63 7.01 -88.72
C CYS C 840 -12.44 8.42 -88.17
N GLY C 841 -11.43 9.14 -88.67
CA GLY C 841 -11.14 10.49 -88.22
C GLY C 841 -12.15 11.55 -88.62
N ALA C 842 -13.20 11.68 -87.85
CA ALA C 842 -14.16 12.74 -88.07
C ALA C 842 -13.61 14.05 -87.56
N VAL C 843 -13.34 14.97 -88.46
CA VAL C 843 -13.00 16.30 -88.02
C VAL C 843 -14.26 17.16 -87.95
N ILE C 844 -14.83 17.23 -86.75
CA ILE C 844 -16.04 18.02 -86.51
C ILE C 844 -15.79 19.51 -86.67
N GLY C 845 -16.74 20.19 -87.29
CA GLY C 845 -16.63 21.62 -87.48
C GLY C 845 -17.63 22.37 -86.65
N TRP C 846 -17.48 23.68 -86.64
CA TRP C 846 -18.34 24.60 -85.88
C TRP C 846 -19.78 24.11 -85.65
N THR C 847 -20.11 23.70 -84.42
CA THR C 847 -21.49 23.35 -84.10
C THR C 847 -22.08 24.35 -83.13
N ARG C 848 -22.83 25.30 -83.66
CA ARG C 848 -23.35 26.41 -82.86
C ARG C 848 -24.28 25.92 -81.76
N GLY C 849 -24.87 24.74 -81.95
CA GLY C 849 -25.73 24.18 -80.92
C GLY C 849 -25.07 24.35 -79.56
N THR C 850 -25.87 24.68 -78.55
CA THR C 850 -25.35 24.92 -77.19
C THR C 850 -24.40 23.80 -76.69
N GLY C 851 -23.09 24.05 -76.71
CA GLY C 851 -22.07 23.06 -76.36
C GLY C 851 -20.74 23.66 -75.92
N LEU C 852 -19.64 23.23 -76.55
CA LEU C 852 -18.30 23.78 -76.28
C LEU C 852 -18.00 25.01 -77.16
N MET C 853 -18.97 25.46 -77.95
CA MET C 853 -18.86 26.69 -78.75
C MET C 853 -20.08 27.61 -78.61
N SER C 854 -20.51 27.88 -77.37
CA SER C 854 -21.78 28.58 -77.07
C SER C 854 -21.79 30.08 -77.34
N ALA C 855 -20.78 30.78 -76.84
CA ALA C 855 -20.71 32.23 -76.99
C ALA C 855 -20.34 32.55 -78.43
N ASN C 856 -19.94 31.52 -79.15
CA ASN C 856 -19.57 31.63 -80.56
C ASN C 856 -20.79 31.66 -81.48
N ASN C 857 -21.95 31.95 -80.89
CA ASN C 857 -23.17 31.95 -81.68
C ASN C 857 -23.55 33.35 -82.13
N LEU C 858 -23.12 34.36 -81.38
CA LEU C 858 -23.37 35.73 -81.81
C LEU C 858 -22.72 35.93 -83.19
N VAL C 859 -21.51 35.40 -83.31
CA VAL C 859 -20.73 35.57 -84.52
C VAL C 859 -21.01 34.43 -85.50
N ALA C 860 -21.94 33.56 -85.13
CA ALA C 860 -22.26 32.40 -85.97
C ALA C 860 -22.72 32.83 -87.36
N GLU C 861 -23.76 33.66 -87.42
CA GLU C 861 -24.28 34.10 -88.69
C GLU C 861 -23.28 35.01 -89.40
N GLY C 862 -22.61 35.85 -88.63
CA GLY C 862 -21.57 36.70 -89.19
C GLY C 862 -20.56 35.95 -90.03
N VAL C 863 -19.91 34.95 -89.44
CA VAL C 863 -18.87 34.18 -90.12
C VAL C 863 -19.44 33.45 -91.30
N GLU C 864 -20.72 33.12 -91.17
CA GLU C 864 -21.39 32.32 -92.19
C GLU C 864 -21.66 33.19 -93.42
N LYS C 865 -21.79 34.49 -93.19
CA LYS C 865 -21.92 35.47 -94.26
C LYS C 865 -20.88 35.27 -95.35
N LEU C 866 -19.67 34.91 -94.95
CA LEU C 866 -18.56 34.83 -95.90
C LEU C 866 -18.63 33.61 -96.80
N GLY C 867 -19.81 33.03 -96.92
CA GLY C 867 -20.05 31.98 -97.90
C GLY C 867 -19.63 30.61 -97.43
N VAL C 868 -19.67 30.43 -96.11
CA VAL C 868 -19.22 29.22 -95.47
C VAL C 868 -20.35 28.76 -94.55
N ARG C 869 -20.28 27.55 -94.01
CA ARG C 869 -21.43 27.00 -93.29
C ARG C 869 -21.16 26.50 -91.84
N THR C 870 -22.02 26.89 -90.91
CA THR C 870 -22.00 26.34 -89.54
C THR C 870 -23.18 25.40 -89.34
N PHE C 871 -23.07 24.54 -88.34
CA PHE C 871 -24.01 23.45 -88.21
C PHE C 871 -24.77 23.54 -86.90
N SER C 872 -25.97 22.98 -86.91
CA SER C 872 -26.69 22.69 -85.67
C SER C 872 -26.19 21.33 -85.22
N GLN C 873 -26.51 20.97 -83.98
CA GLN C 873 -26.04 19.70 -83.47
C GLN C 873 -26.70 18.55 -84.23
N GLN C 874 -28.01 18.66 -84.41
CA GLN C 874 -28.76 17.60 -85.04
C GLN C 874 -28.14 17.30 -86.39
N GLU C 875 -27.69 18.37 -87.06
CA GLU C 875 -27.02 18.28 -88.35
C GLU C 875 -25.71 17.53 -88.20
N MET C 876 -24.87 17.97 -87.28
CA MET C 876 -23.59 17.29 -87.02
C MET C 876 -23.75 15.83 -86.61
N ALA C 877 -24.84 15.54 -85.90
CA ALA C 877 -25.10 14.19 -85.45
C ALA C 877 -25.40 13.36 -86.68
N PHE C 878 -26.26 13.92 -87.51
CA PHE C 878 -26.61 13.37 -88.81
C PHE C 878 -25.33 13.03 -89.58
N ASN C 879 -24.49 14.04 -89.76
CA ASN C 879 -23.26 13.88 -90.53
C ASN C 879 -22.42 12.75 -89.97
N LEU C 880 -22.38 12.68 -88.65
CA LEU C 880 -21.55 11.71 -87.95
C LEU C 880 -22.14 10.32 -88.11
N LEU C 881 -23.42 10.19 -87.77
CA LEU C 881 -24.14 8.95 -87.97
C LEU C 881 -23.96 8.49 -89.41
N GLY C 882 -23.67 9.45 -90.29
CA GLY C 882 -23.39 9.16 -91.67
C GLY C 882 -22.19 8.23 -91.79
N LEU C 883 -21.11 8.58 -91.12
CA LEU C 883 -19.87 7.80 -91.21
C LEU C 883 -20.09 6.50 -90.46
N MET C 884 -21.22 6.43 -89.78
CA MET C 884 -21.62 5.25 -89.05
C MET C 884 -22.30 4.25 -89.98
N ALA C 885 -22.80 4.75 -91.09
CA ALA C 885 -23.49 3.93 -92.09
C ALA C 885 -22.60 2.87 -92.74
N PRO C 886 -23.22 1.74 -93.11
CA PRO C 886 -22.52 0.52 -93.57
C PRO C 886 -21.53 0.78 -94.70
N ALA C 887 -21.92 1.64 -95.64
CA ALA C 887 -21.05 1.98 -96.76
C ALA C 887 -19.64 2.26 -96.26
N ILE C 888 -19.54 3.32 -95.46
CA ILE C 888 -18.28 3.82 -94.93
C ILE C 888 -17.64 2.86 -93.95
N VAL C 889 -18.46 2.23 -93.13
CA VAL C 889 -17.94 1.29 -92.16
C VAL C 889 -17.03 0.25 -92.80
N ASN C 890 -17.36 -0.16 -94.02
CA ASN C 890 -16.54 -1.15 -94.69
C ASN C 890 -15.26 -0.55 -95.27
N LEU C 891 -15.32 0.73 -95.63
CA LEU C 891 -14.12 1.43 -96.05
C LEU C 891 -13.13 1.40 -94.91
N CYS C 892 -13.64 1.68 -93.72
CA CYS C 892 -12.79 1.73 -92.54
C CYS C 892 -12.08 0.41 -92.28
N GLN C 893 -12.74 -0.69 -92.62
CA GLN C 893 -12.18 -2.01 -92.33
C GLN C 893 -11.01 -2.36 -93.22
N SER C 894 -10.84 -1.59 -94.29
CA SER C 894 -9.71 -1.79 -95.15
C SER C 894 -8.73 -0.64 -95.00
N ASP C 895 -9.26 0.54 -94.66
CA ASP C 895 -8.49 1.77 -94.66
C ASP C 895 -9.10 2.85 -93.77
N PRO C 896 -8.28 3.40 -92.86
CA PRO C 896 -8.66 4.57 -92.09
C PRO C 896 -9.30 5.64 -92.96
N VAL C 897 -10.26 6.37 -92.41
CA VAL C 897 -11.04 7.31 -93.18
C VAL C 897 -10.87 8.69 -92.61
N PHE C 898 -10.52 9.64 -93.47
CA PHE C 898 -10.49 11.03 -93.06
C PHE C 898 -11.86 11.56 -93.44
N ALA C 899 -12.36 12.56 -92.77
CA ALA C 899 -13.71 12.98 -93.03
C ALA C 899 -13.92 14.40 -92.59
N ASP C 900 -13.51 15.31 -93.44
CA ASP C 900 -13.67 16.72 -93.15
C ASP C 900 -15.14 17.07 -93.08
N LEU C 901 -15.67 17.20 -91.87
CA LEU C 901 -17.05 17.64 -91.70
C LEU C 901 -17.06 19.08 -91.23
N ASN C 902 -16.05 19.82 -91.66
CA ASN C 902 -15.97 21.24 -91.39
C ASN C 902 -16.75 22.02 -92.45
N GLY C 903 -17.44 23.08 -92.03
CA GLY C 903 -18.36 23.78 -92.92
C GLY C 903 -17.69 24.52 -94.04
N GLY C 904 -16.52 24.03 -94.46
CA GLY C 904 -15.71 24.68 -95.46
C GLY C 904 -14.96 25.89 -94.92
N LEU C 905 -14.85 25.98 -93.60
CA LEU C 905 -14.14 27.09 -92.97
C LEU C 905 -12.66 26.96 -93.25
N GLN C 906 -12.29 25.90 -93.98
CA GLN C 906 -10.89 25.65 -94.34
C GLN C 906 -10.35 26.71 -95.30
N PHE C 907 -11.19 27.69 -95.61
CA PHE C 907 -10.82 28.71 -96.58
C PHE C 907 -10.80 30.09 -95.92
N ILE C 908 -11.52 30.22 -94.81
CA ILE C 908 -11.49 31.46 -94.02
C ILE C 908 -10.26 31.47 -93.16
N PRO C 909 -9.36 32.38 -93.48
CA PRO C 909 -8.11 32.43 -92.75
C PRO C 909 -8.19 33.54 -91.69
N ASP C 910 -7.44 33.39 -90.60
CA ASP C 910 -7.53 34.30 -89.46
C ASP C 910 -8.95 34.39 -88.97
N LEU C 911 -9.59 33.22 -88.90
CA LEU C 911 -10.96 33.14 -88.47
C LEU C 911 -11.13 33.81 -87.10
N LYS C 912 -10.19 33.58 -86.20
CA LYS C 912 -10.31 34.13 -84.85
C LYS C 912 -10.35 35.65 -84.89
N GLY C 913 -9.61 36.23 -85.83
CA GLY C 913 -9.61 37.66 -86.02
C GLY C 913 -10.97 38.15 -86.46
N LEU C 914 -11.50 37.51 -87.49
CA LEU C 914 -12.82 37.84 -88.00
C LEU C 914 -13.85 37.84 -86.88
N MET C 915 -13.87 36.74 -86.15
CA MET C 915 -14.86 36.57 -85.08
C MET C 915 -14.76 37.71 -84.08
N THR C 916 -13.58 37.85 -83.48
CA THR C 916 -13.35 38.89 -82.48
C THR C 916 -13.74 40.27 -83.01
N LYS C 917 -13.62 40.44 -84.31
CA LYS C 917 -14.05 41.67 -84.95
C LYS C 917 -15.57 41.84 -84.82
N LEU C 918 -16.31 40.81 -85.25
CA LEU C 918 -17.76 40.77 -85.14
C LEU C 918 -18.23 40.82 -83.70
N ARG C 919 -17.60 39.98 -82.88
CA ARG C 919 -17.73 40.00 -81.42
C ARG C 919 -17.79 41.44 -80.91
N LYS C 920 -16.80 42.23 -81.32
CA LYS C 920 -16.72 43.62 -80.92
C LYS C 920 -17.96 44.40 -81.36
N GLU C 921 -18.12 44.53 -82.67
CA GLU C 921 -19.22 45.29 -83.24
C GLU C 921 -20.54 45.06 -82.53
N ILE C 922 -20.94 43.80 -82.43
CA ILE C 922 -22.19 43.44 -81.78
C ILE C 922 -22.24 43.99 -80.35
N MET C 923 -21.20 43.67 -79.58
CA MET C 923 -21.13 44.12 -78.19
C MET C 923 -21.13 45.64 -78.14
N GLU C 924 -20.47 46.24 -79.12
CA GLU C 924 -20.29 47.68 -79.17
C GLU C 924 -21.59 48.40 -79.48
N THR C 925 -22.14 48.12 -80.65
CA THR C 925 -23.35 48.78 -81.12
C THR C 925 -24.51 48.60 -80.15
N SER C 926 -24.54 47.45 -79.47
CA SER C 926 -25.59 47.21 -78.48
C SER C 926 -25.34 48.08 -77.27
N ALA C 927 -24.08 48.15 -76.83
CA ALA C 927 -23.70 48.93 -75.66
C ALA C 927 -24.02 50.41 -75.83
N ILE C 928 -23.65 50.94 -76.98
CA ILE C 928 -23.98 52.32 -77.35
C ILE C 928 -25.48 52.56 -77.26
N ARG C 929 -26.23 51.68 -77.90
CA ARG C 929 -27.68 51.80 -78.00
C ARG C 929 -28.37 51.91 -76.66
N GLN C 930 -28.02 51.02 -75.73
CA GLN C 930 -28.62 51.01 -74.39
C GLN C 930 -28.02 52.08 -73.51
N ALA C 931 -26.79 52.46 -73.82
CA ALA C 931 -26.14 53.57 -73.16
C ALA C 931 -27.02 54.80 -73.34
N VAL C 932 -27.14 55.23 -74.59
CA VAL C 932 -27.94 56.39 -74.96
C VAL C 932 -29.28 56.42 -74.25
N ILE C 933 -29.94 55.27 -74.23
CA ILE C 933 -31.24 55.14 -73.58
C ILE C 933 -31.22 55.68 -72.15
N LYS C 934 -30.29 55.16 -71.35
CA LYS C 934 -30.12 55.64 -69.98
C LYS C 934 -29.91 57.14 -69.99
N GLU C 935 -28.94 57.57 -70.80
CA GLU C 935 -28.55 58.97 -70.92
C GLU C 935 -29.76 59.87 -71.07
N THR C 936 -30.52 59.60 -72.13
CA THR C 936 -31.67 60.40 -72.50
C THR C 936 -32.80 60.33 -71.45
N ALA C 937 -33.09 59.14 -70.94
CA ALA C 937 -34.12 58.97 -69.92
C ALA C 937 -33.68 59.59 -68.59
N ILE C 938 -32.39 59.87 -68.47
CA ILE C 938 -31.84 60.53 -67.29
C ILE C 938 -31.87 62.04 -67.47
N GLU C 939 -31.68 62.48 -68.71
CA GLU C 939 -31.79 63.88 -69.07
C GLU C 939 -33.20 64.38 -68.82
N ASN C 940 -34.15 63.47 -68.97
CA ASN C 940 -35.56 63.77 -68.75
C ASN C 940 -35.84 64.05 -67.28
N LYS C 941 -35.22 63.27 -66.40
CA LYS C 941 -35.35 63.49 -64.96
C LYS C 941 -34.78 64.86 -64.58
N VAL C 942 -33.81 65.31 -65.36
CA VAL C 942 -33.20 66.60 -65.16
C VAL C 942 -34.14 67.72 -65.57
N VAL C 943 -34.78 67.55 -66.72
CA VAL C 943 -35.62 68.60 -67.28
C VAL C 943 -37.05 68.64 -66.73
N ASN C 944 -37.71 67.49 -66.69
CA ASN C 944 -39.11 67.44 -66.26
C ASN C 944 -39.24 67.29 -64.74
N GLY C 945 -38.09 67.12 -64.08
CA GLY C 945 -38.07 66.90 -62.64
C GLY C 945 -38.36 65.45 -62.31
N GLU C 946 -38.06 65.06 -61.07
CA GLU C 946 -38.33 63.70 -60.61
C GLU C 946 -39.82 63.42 -60.69
N ASP C 947 -40.60 64.40 -60.24
CA ASP C 947 -42.05 64.26 -60.10
C ASP C 947 -42.74 63.93 -61.41
N HIS C 948 -42.60 64.78 -62.42
CA HIS C 948 -43.24 64.53 -63.71
C HIS C 948 -42.83 63.17 -64.29
N GLU C 949 -41.53 62.94 -64.43
CA GLU C 949 -41.03 61.68 -64.95
C GLU C 949 -41.59 60.48 -64.20
N ALA C 950 -41.51 60.52 -62.87
CA ALA C 950 -41.96 59.42 -62.01
C ALA C 950 -43.40 58.98 -62.29
N LEU C 951 -44.31 59.95 -62.32
CA LEU C 951 -45.73 59.65 -62.43
C LEU C 951 -46.14 59.08 -63.79
N TYR C 952 -45.22 59.05 -64.75
CA TYR C 952 -45.55 58.65 -66.11
C TYR C 952 -44.72 57.48 -66.63
N ARG C 953 -44.64 56.43 -65.82
CA ARG C 953 -43.95 55.20 -66.22
C ARG C 953 -44.93 54.03 -66.22
N ARG C 954 -44.86 53.19 -67.25
CA ARG C 954 -45.72 52.00 -67.34
C ARG C 954 -45.75 51.29 -66.00
N VAL C 955 -46.87 51.42 -65.30
CA VAL C 955 -47.07 50.71 -64.06
C VAL C 955 -47.33 49.25 -64.38
N ILE C 956 -46.34 48.40 -64.14
CA ILE C 956 -46.51 46.97 -64.38
C ILE C 956 -46.87 46.27 -63.08
N THR C 957 -48.13 45.85 -62.96
CA THR C 957 -48.62 45.21 -61.75
C THR C 957 -47.74 44.03 -61.37
N GLU C 958 -47.55 43.88 -60.06
CA GLU C 958 -46.79 42.76 -59.53
C GLU C 958 -47.73 41.60 -59.24
N PRO C 959 -47.39 40.40 -59.77
CA PRO C 959 -48.26 39.23 -59.64
C PRO C 959 -48.37 38.82 -58.20
N ARG C 960 -49.59 38.75 -57.70
CA ARG C 960 -49.85 38.11 -56.43
C ARG C 960 -50.41 36.72 -56.68
N ALA C 961 -50.73 36.02 -55.60
CA ALA C 961 -51.31 34.69 -55.74
C ALA C 961 -52.61 34.70 -54.99
N ASN C 962 -53.64 34.11 -55.59
CA ASN C 962 -54.90 33.92 -54.88
C ASN C 962 -55.20 32.44 -54.81
N LEU C 963 -55.57 31.99 -53.61
CA LEU C 963 -55.96 30.60 -53.43
C LEU C 963 -57.46 30.56 -53.61
N LYS C 964 -57.90 30.08 -54.77
CA LYS C 964 -59.32 29.86 -55.01
C LYS C 964 -59.63 28.54 -54.34
N TYR C 965 -60.77 28.45 -53.67
CA TYR C 965 -61.09 27.20 -52.99
C TYR C 965 -62.01 26.38 -53.85
N PRO C 966 -61.43 25.54 -54.71
CA PRO C 966 -62.25 24.94 -55.75
C PRO C 966 -63.00 23.70 -55.24
N PHE C 967 -64.32 23.68 -55.44
CA PHE C 967 -65.07 22.43 -55.37
C PHE C 967 -64.85 21.68 -56.71
N PRO C 968 -65.41 20.45 -56.86
CA PRO C 968 -65.24 19.80 -58.17
C PRO C 968 -66.04 20.54 -59.25
N GLU C 969 -65.56 20.52 -60.48
CA GLU C 969 -66.26 21.17 -61.57
C GLU C 969 -67.55 20.45 -61.82
N LEU C 970 -68.66 21.19 -61.69
CA LEU C 970 -69.99 20.65 -61.96
C LEU C 970 -70.16 20.53 -63.47
N PRO C 971 -70.52 19.33 -63.96
CA PRO C 971 -70.54 19.10 -65.41
C PRO C 971 -71.55 20.01 -66.09
N ASP C 972 -71.43 20.23 -67.39
CA ASP C 972 -72.43 21.02 -68.08
C ASP C 972 -73.62 20.15 -68.38
N TRP C 973 -74.81 20.63 -68.05
CA TRP C 973 -76.01 19.82 -68.24
C TRP C 973 -76.12 19.35 -69.67
N ASP C 974 -75.98 20.28 -70.59
CA ASP C 974 -76.18 20.00 -72.00
C ASP C 974 -75.06 19.15 -72.57
N LYS C 975 -73.84 19.68 -72.55
CA LYS C 975 -72.72 18.99 -73.20
C LYS C 975 -72.41 17.63 -72.59
N ASP C 976 -72.58 17.51 -71.28
CA ASP C 976 -72.05 16.37 -70.56
C ASP C 976 -73.09 15.40 -70.00
N ILE C 977 -74.16 15.93 -69.42
CA ILE C 977 -75.14 15.10 -68.71
C ILE C 977 -76.34 14.72 -69.56
N LYS C 978 -76.93 15.73 -70.21
CA LYS C 978 -78.05 15.53 -71.14
C LYS C 978 -77.92 14.25 -71.97
N PRO C 979 -76.78 14.06 -72.65
CA PRO C 979 -76.58 12.91 -73.53
C PRO C 979 -76.81 11.55 -72.88
N LEU C 980 -76.94 11.48 -71.55
CA LEU C 980 -77.16 10.20 -70.90
C LEU C 980 -78.45 10.17 -70.12
N ASN C 981 -78.99 11.35 -69.84
CA ASN C 981 -80.23 11.48 -69.09
C ASN C 981 -81.32 10.50 -69.53
N ASP C 982 -81.36 10.20 -70.83
CA ASP C 982 -82.42 9.37 -71.40
C ASP C 982 -82.55 8.01 -70.74
N GLN C 983 -81.44 7.28 -70.69
CA GLN C 983 -81.42 5.95 -70.12
C GLN C 983 -81.40 5.96 -68.60
N LEU C 984 -80.73 6.95 -68.03
CA LEU C 984 -80.36 6.92 -66.63
C LEU C 984 -81.32 7.69 -65.73
N ARG C 985 -82.39 8.24 -66.29
CA ARG C 985 -83.32 9.02 -65.49
C ARG C 985 -84.07 8.09 -64.52
N GLY C 986 -84.08 8.46 -63.25
CA GLY C 986 -84.76 7.69 -62.22
C GLY C 986 -84.46 6.21 -62.23
N MET C 987 -83.31 5.84 -62.76
CA MET C 987 -82.97 4.44 -62.90
C MET C 987 -82.14 3.94 -61.73
N VAL C 988 -82.11 4.77 -60.68
CA VAL C 988 -81.28 4.53 -59.52
C VAL C 988 -81.89 5.18 -58.30
N ASN C 989 -81.97 4.40 -57.22
CA ASN C 989 -82.44 4.87 -55.91
C ASN C 989 -81.37 5.68 -55.20
N LEU C 990 -81.56 6.99 -55.14
CA LEU C 990 -80.54 7.87 -54.60
C LEU C 990 -80.28 7.66 -53.11
N ASP C 991 -81.14 6.91 -52.43
CA ASP C 991 -80.90 6.66 -51.01
C ASP C 991 -80.12 5.38 -50.80
N LYS C 992 -79.75 4.73 -51.88
CA LYS C 992 -78.88 3.55 -51.78
C LYS C 992 -77.75 3.69 -52.76
N VAL C 993 -77.42 4.95 -53.05
CA VAL C 993 -76.24 5.30 -53.82
C VAL C 993 -75.25 6.00 -52.89
N VAL C 994 -74.03 5.48 -52.83
CA VAL C 994 -73.02 6.03 -51.93
C VAL C 994 -72.02 6.91 -52.67
N VAL C 995 -71.78 8.09 -52.10
CA VAL C 995 -71.08 9.17 -52.79
C VAL C 995 -70.02 9.84 -51.94
N VAL C 996 -68.86 10.09 -52.52
CA VAL C 996 -67.80 10.82 -51.84
C VAL C 996 -67.89 12.35 -51.99
N THR C 997 -68.19 13.04 -50.90
CA THR C 997 -68.34 14.47 -50.93
C THR C 997 -67.15 15.17 -50.29
N GLY C 998 -66.38 14.45 -49.51
CA GLY C 998 -65.26 15.09 -48.85
C GLY C 998 -63.95 14.40 -49.15
N LEU C 999 -62.86 15.16 -49.08
CA LEU C 999 -61.54 14.70 -49.45
C LEU C 999 -60.48 15.45 -48.65
N ALA C 1000 -59.48 14.75 -48.13
CA ALA C 1000 -58.36 15.43 -47.51
C ALA C 1000 -57.32 14.42 -47.14
N GLU C 1001 -56.10 14.89 -46.87
CA GLU C 1001 -55.04 14.00 -46.41
C GLU C 1001 -53.95 14.82 -45.78
N ILE C 1002 -53.10 14.17 -44.99
CA ILE C 1002 -51.85 14.77 -44.58
C ILE C 1002 -50.80 13.72 -44.78
N GLY C 1003 -49.77 14.07 -45.54
CA GLY C 1003 -48.72 13.14 -45.88
C GLY C 1003 -47.45 13.89 -46.18
N PRO C 1004 -46.44 13.20 -46.66
CA PRO C 1004 -45.09 13.68 -46.91
C PRO C 1004 -45.07 14.82 -47.89
N TRP C 1005 -46.17 14.98 -48.61
CA TRP C 1005 -46.28 16.00 -49.62
C TRP C 1005 -47.29 17.04 -49.27
N GLY C 1006 -47.91 16.89 -48.12
CA GLY C 1006 -48.81 17.91 -47.63
C GLY C 1006 -50.22 17.44 -47.73
N ASN C 1007 -51.17 18.37 -47.73
CA ASN C 1007 -52.58 18.04 -47.84
C ASN C 1007 -52.92 17.59 -49.24
N ALA C 1008 -54.14 17.11 -49.47
CA ALA C 1008 -54.48 16.52 -50.77
C ALA C 1008 -54.19 17.49 -51.91
N ARG C 1009 -54.32 18.78 -51.64
CA ARG C 1009 -54.12 19.84 -52.65
C ARG C 1009 -52.68 19.89 -53.13
N THR C 1010 -51.78 20.16 -52.20
CA THR C 1010 -50.36 20.19 -52.50
C THR C 1010 -49.85 18.85 -53.04
N ARG C 1011 -50.43 17.76 -52.54
CA ARG C 1011 -49.99 16.44 -52.95
C ARG C 1011 -50.30 16.25 -54.40
N TRP C 1012 -51.49 16.71 -54.80
CA TRP C 1012 -51.96 16.55 -56.17
C TRP C 1012 -51.08 17.33 -57.12
N GLU C 1013 -50.89 18.62 -56.81
CA GLU C 1013 -50.00 19.45 -57.58
C GLU C 1013 -48.72 18.69 -57.90
N MET C 1014 -48.12 18.10 -56.88
CA MET C 1014 -46.88 17.39 -57.10
C MET C 1014 -47.10 16.16 -57.96
N GLU C 1015 -48.15 15.41 -57.67
CA GLU C 1015 -48.39 14.12 -58.32
C GLU C 1015 -48.70 14.28 -59.78
N ALA C 1016 -49.30 15.41 -60.10
CA ALA C 1016 -49.83 15.69 -61.44
C ALA C 1016 -48.90 16.55 -62.29
N TYR C 1017 -48.60 17.76 -61.81
CA TYR C 1017 -47.76 18.71 -62.55
C TYR C 1017 -46.25 18.55 -62.31
N GLY C 1018 -45.86 18.09 -61.13
CA GLY C 1018 -44.46 17.82 -60.86
C GLY C 1018 -43.71 18.95 -60.19
N LYS C 1019 -44.44 20.01 -59.87
CA LYS C 1019 -43.89 21.12 -59.12
C LYS C 1019 -45.01 21.95 -58.52
N PHE C 1020 -44.69 22.82 -57.58
CA PHE C 1020 -45.74 23.59 -56.96
C PHE C 1020 -46.02 24.83 -57.75
N SER C 1021 -47.24 25.30 -57.70
CA SER C 1021 -47.59 26.64 -58.14
C SER C 1021 -47.33 27.61 -57.01
N LEU C 1022 -47.36 28.91 -57.29
CA LEU C 1022 -47.20 29.91 -56.23
C LEU C 1022 -48.22 29.63 -55.16
N GLU C 1023 -49.44 29.26 -55.59
CA GLU C 1023 -50.52 28.95 -54.66
C GLU C 1023 -50.11 27.76 -53.79
N GLY C 1024 -49.54 26.75 -54.44
CA GLY C 1024 -48.99 25.60 -53.76
C GLY C 1024 -47.92 25.98 -52.77
N CYS C 1025 -46.89 26.69 -53.23
CA CYS C 1025 -45.81 27.14 -52.35
C CYS C 1025 -46.35 27.87 -51.13
N VAL C 1026 -47.27 28.80 -51.35
CA VAL C 1026 -47.85 29.52 -50.23
C VAL C 1026 -48.51 28.60 -49.21
N GLU C 1027 -49.25 27.60 -49.67
CA GLU C 1027 -49.82 26.62 -48.75
C GLU C 1027 -48.76 25.84 -47.99
N MET C 1028 -47.81 25.26 -48.72
CA MET C 1028 -46.70 24.57 -48.07
C MET C 1028 -45.99 25.48 -47.08
N ALA C 1029 -45.59 26.66 -47.58
CA ALA C 1029 -44.89 27.64 -46.73
C ALA C 1029 -45.69 27.95 -45.47
N TRP C 1030 -47.02 27.95 -45.57
CA TRP C 1030 -47.86 28.22 -44.42
C TRP C 1030 -47.84 27.07 -43.41
N MET C 1031 -48.10 25.85 -43.89
CA MET C 1031 -48.20 24.70 -43.01
C MET C 1031 -46.84 24.30 -42.45
N MET C 1032 -45.78 24.55 -43.21
CA MET C 1032 -44.45 24.18 -42.76
C MET C 1032 -43.95 25.19 -41.75
N GLY C 1033 -44.69 26.30 -41.62
CA GLY C 1033 -44.39 27.34 -40.64
C GLY C 1033 -43.35 28.36 -41.03
N LEU C 1034 -43.21 28.61 -42.33
CA LEU C 1034 -42.18 29.51 -42.83
C LEU C 1034 -42.71 30.92 -42.93
N ILE C 1035 -44.04 31.04 -43.03
CA ILE C 1035 -44.69 32.35 -43.13
C ILE C 1035 -45.96 32.36 -42.32
N LYS C 1036 -46.32 33.51 -41.75
CA LYS C 1036 -47.57 33.61 -41.03
C LYS C 1036 -48.20 34.97 -41.23
N ASN C 1037 -49.52 35.03 -41.13
CA ASN C 1037 -50.21 36.28 -41.35
C ASN C 1037 -49.93 37.29 -40.24
N HIS C 1038 -49.91 38.57 -40.60
CA HIS C 1038 -49.75 39.63 -39.64
C HIS C 1038 -50.72 40.76 -39.96
N ASN C 1039 -51.28 41.38 -38.93
CA ASN C 1039 -52.22 42.47 -39.14
C ASN C 1039 -52.09 43.51 -38.05
N GLY C 1040 -50.94 44.17 -38.01
CA GLY C 1040 -50.69 45.22 -37.03
C GLY C 1040 -49.50 46.03 -37.46
N PRO C 1041 -49.00 46.88 -36.56
CA PRO C 1041 -47.84 47.71 -36.88
C PRO C 1041 -46.58 46.86 -37.00
N LEU C 1042 -45.86 46.99 -38.11
CA LEU C 1042 -44.54 46.40 -38.26
C LEU C 1042 -43.48 47.49 -38.36
N LYS C 1043 -42.71 47.66 -37.29
CA LYS C 1043 -41.72 48.73 -37.27
C LYS C 1043 -42.44 50.06 -37.45
N GLY C 1044 -43.43 50.30 -36.61
CA GLY C 1044 -44.14 51.57 -36.59
C GLY C 1044 -45.25 51.70 -37.62
N LYS C 1045 -44.91 51.52 -38.88
CA LYS C 1045 -45.90 51.60 -39.96
C LYS C 1045 -46.79 50.36 -39.98
N PRO C 1046 -48.08 50.54 -40.26
CA PRO C 1046 -49.00 49.40 -40.21
C PRO C 1046 -48.74 48.44 -41.36
N TYR C 1047 -49.28 47.24 -41.27
CA TYR C 1047 -49.10 46.23 -42.32
C TYR C 1047 -50.00 45.05 -42.11
N SER C 1048 -50.40 44.41 -43.22
CA SER C 1048 -51.21 43.19 -43.15
C SER C 1048 -50.79 42.23 -44.24
N GLY C 1049 -50.72 40.95 -43.92
CA GLY C 1049 -50.35 39.94 -44.89
C GLY C 1049 -49.23 39.02 -44.45
N TRP C 1050 -48.54 38.44 -45.43
CA TRP C 1050 -47.52 37.44 -45.17
C TRP C 1050 -46.25 38.01 -44.53
N VAL C 1051 -45.74 37.30 -43.53
CA VAL C 1051 -44.54 37.70 -42.84
C VAL C 1051 -43.68 36.47 -42.67
N ASP C 1052 -42.37 36.61 -42.89
CA ASP C 1052 -41.45 35.50 -42.63
C ASP C 1052 -41.59 35.09 -41.16
N ALA C 1053 -41.86 33.82 -40.90
CA ALA C 1053 -42.10 33.39 -39.54
C ALA C 1053 -40.87 33.60 -38.69
N LYS C 1054 -39.70 33.34 -39.28
CA LYS C 1054 -38.42 33.47 -38.57
C LYS C 1054 -38.10 34.92 -38.25
N THR C 1055 -37.89 35.74 -39.27
CA THR C 1055 -37.73 37.18 -39.04
C THR C 1055 -39.06 37.88 -39.13
N GLY C 1056 -39.33 38.82 -38.23
CA GLY C 1056 -40.60 39.54 -38.25
C GLY C 1056 -40.89 40.21 -39.59
N GLU C 1057 -39.91 40.22 -40.48
CA GLU C 1057 -40.02 40.87 -41.79
C GLU C 1057 -41.21 40.41 -42.62
N PRO C 1058 -41.73 41.29 -43.49
CA PRO C 1058 -42.84 40.96 -44.39
C PRO C 1058 -42.33 40.24 -45.63
N VAL C 1059 -43.20 39.43 -46.24
CA VAL C 1059 -42.85 38.70 -47.46
C VAL C 1059 -43.92 38.87 -48.54
N ASP C 1060 -43.47 39.10 -49.77
CA ASP C 1060 -44.37 39.31 -50.88
C ASP C 1060 -44.63 38.00 -51.60
N ASP C 1061 -45.87 37.79 -52.01
CA ASP C 1061 -46.27 36.56 -52.69
C ASP C 1061 -45.26 36.19 -53.79
N LYS C 1062 -44.83 37.19 -54.56
CA LYS C 1062 -43.95 36.94 -55.70
C LYS C 1062 -42.63 36.33 -55.25
N ASP C 1063 -42.22 36.67 -54.03
CA ASP C 1063 -40.95 36.23 -53.48
C ASP C 1063 -41.00 34.83 -52.87
N VAL C 1064 -42.16 34.48 -52.31
CA VAL C 1064 -42.35 33.18 -51.67
C VAL C 1064 -41.55 32.11 -52.40
N LYS C 1065 -41.85 31.93 -53.68
CA LYS C 1065 -41.23 30.87 -54.45
C LYS C 1065 -39.70 30.88 -54.35
N ALA C 1066 -39.10 32.06 -54.41
CA ALA C 1066 -37.64 32.15 -54.40
C ALA C 1066 -37.10 31.89 -53.01
N LYS C 1067 -37.70 32.53 -52.02
CA LYS C 1067 -37.24 32.41 -50.65
C LYS C 1067 -37.33 30.98 -50.10
N TYR C 1068 -38.42 30.30 -50.41
CA TYR C 1068 -38.77 29.08 -49.71
C TYR C 1068 -38.79 27.80 -50.55
N GLU C 1069 -38.94 27.90 -51.87
CA GLU C 1069 -39.19 26.70 -52.64
C GLU C 1069 -38.09 25.71 -52.39
N LYS C 1070 -36.84 26.15 -52.48
CA LYS C 1070 -35.71 25.24 -52.36
C LYS C 1070 -35.82 24.43 -51.10
N TYR C 1071 -36.06 25.12 -49.99
CA TYR C 1071 -36.23 24.49 -48.69
C TYR C 1071 -37.41 23.55 -48.73
N ILE C 1072 -38.58 24.08 -49.05
CA ILE C 1072 -39.82 23.30 -49.03
C ILE C 1072 -39.64 21.92 -49.65
N LEU C 1073 -39.02 21.88 -50.82
CA LEU C 1073 -38.81 20.63 -51.55
C LEU C 1073 -37.83 19.69 -50.85
N GLU C 1074 -36.82 20.29 -50.26
CA GLU C 1074 -35.77 19.56 -49.58
C GLU C 1074 -36.26 18.98 -48.27
N HIS C 1075 -37.19 19.68 -47.61
CA HIS C 1075 -37.73 19.19 -46.35
C HIS C 1075 -39.15 18.68 -46.46
N SER C 1076 -39.54 18.27 -47.66
CA SER C 1076 -40.66 17.34 -47.78
C SER C 1076 -40.48 16.23 -48.82
N GLY C 1077 -41.38 15.25 -48.73
CA GLY C 1077 -41.37 14.10 -49.59
C GLY C 1077 -40.64 12.95 -48.94
N ILE C 1078 -40.23 11.98 -49.74
CA ILE C 1078 -39.38 10.90 -49.26
C ILE C 1078 -37.99 11.46 -49.02
N ARG C 1079 -37.53 11.47 -47.77
CA ARG C 1079 -36.22 12.06 -47.44
C ARG C 1079 -35.49 11.32 -46.34
N LEU C 1080 -34.26 11.75 -46.10
CA LEU C 1080 -33.50 11.23 -44.98
C LEU C 1080 -34.22 11.49 -43.67
N ILE C 1081 -34.29 10.48 -42.81
CA ILE C 1081 -35.05 10.60 -41.57
C ILE C 1081 -34.51 11.74 -40.73
N GLU C 1082 -35.42 12.59 -40.27
CA GLU C 1082 -35.05 13.75 -39.49
C GLU C 1082 -35.46 13.51 -38.05
N PRO C 1083 -34.48 13.27 -37.18
CA PRO C 1083 -34.68 12.80 -35.81
C PRO C 1083 -35.57 13.73 -35.05
N GLU C 1084 -35.50 15.03 -35.31
CA GLU C 1084 -36.32 16.00 -34.58
C GLU C 1084 -37.79 15.62 -34.72
N LEU C 1085 -38.12 15.10 -35.90
CA LEU C 1085 -39.48 14.72 -36.20
C LEU C 1085 -39.87 13.42 -35.50
N PHE C 1086 -38.95 12.85 -34.75
CA PHE C 1086 -39.19 11.55 -34.14
C PHE C 1086 -38.50 11.48 -32.79
N GLY C 1087 -38.53 12.61 -32.07
CA GLY C 1087 -37.93 12.70 -30.75
C GLY C 1087 -36.54 12.10 -30.67
N GLY C 1088 -35.73 12.31 -31.70
CA GLY C 1088 -34.34 11.94 -31.67
C GLY C 1088 -33.97 10.62 -32.31
N TYR C 1089 -34.95 9.90 -32.84
CA TYR C 1089 -34.62 8.66 -33.51
C TYR C 1089 -33.55 8.95 -34.54
N ASP C 1090 -32.52 8.12 -34.58
CA ASP C 1090 -31.51 8.23 -35.62
C ASP C 1090 -31.06 6.83 -35.93
N PRO C 1091 -31.45 6.32 -37.10
CA PRO C 1091 -31.19 4.96 -37.53
C PRO C 1091 -29.74 4.66 -37.48
N ASN C 1092 -28.94 5.71 -37.38
CA ASN C 1092 -27.49 5.57 -37.41
C ASN C 1092 -26.93 5.22 -36.04
N ARG C 1093 -27.80 5.34 -35.04
CA ARG C 1093 -27.52 4.82 -33.71
C ARG C 1093 -28.79 4.24 -33.07
N LYS C 1094 -29.10 3.01 -33.45
CA LYS C 1094 -30.30 2.36 -32.95
C LYS C 1094 -29.93 1.87 -31.58
N GLN C 1095 -30.48 2.50 -30.56
CA GLN C 1095 -30.16 2.12 -29.18
C GLN C 1095 -30.76 0.78 -28.78
N LEU C 1096 -29.91 -0.10 -28.27
CA LEU C 1096 -30.31 -1.37 -27.65
C LEU C 1096 -29.81 -1.40 -26.21
N LEU C 1097 -30.12 -2.48 -25.49
CA LEU C 1097 -29.59 -2.71 -24.16
C LEU C 1097 -28.99 -4.08 -24.14
N GLN C 1098 -27.84 -4.24 -23.51
CA GLN C 1098 -27.32 -5.60 -23.32
C GLN C 1098 -27.22 -5.96 -21.85
N GLU C 1099 -27.69 -7.15 -21.49
CA GLU C 1099 -27.57 -7.62 -20.12
C GLU C 1099 -26.12 -7.91 -19.85
N VAL C 1100 -25.60 -7.34 -18.77
CA VAL C 1100 -24.28 -7.69 -18.33
C VAL C 1100 -24.38 -8.23 -16.92
N VAL C 1101 -23.55 -9.21 -16.60
CA VAL C 1101 -23.45 -9.63 -15.22
C VAL C 1101 -22.18 -9.03 -14.66
N ILE C 1102 -22.35 -8.10 -13.73
CA ILE C 1102 -21.24 -7.46 -13.05
C ILE C 1102 -20.37 -8.57 -12.49
N GLU C 1103 -19.05 -8.44 -12.62
CA GLU C 1103 -18.15 -9.39 -11.97
C GLU C 1103 -17.31 -8.71 -10.90
N GLN C 1104 -17.98 -7.93 -10.06
CA GLN C 1104 -17.37 -7.15 -9.00
C GLN C 1104 -18.50 -6.51 -8.23
N ASP C 1105 -18.20 -5.95 -7.09
CA ASP C 1105 -19.15 -5.06 -6.45
C ASP C 1105 -18.95 -3.76 -7.21
N LEU C 1106 -19.99 -2.96 -7.39
CA LEU C 1106 -19.74 -1.62 -7.87
C LEU C 1106 -20.18 -0.65 -6.80
N GLU C 1107 -19.62 0.55 -6.81
CA GLU C 1107 -19.74 1.46 -5.70
C GLU C 1107 -21.19 1.86 -5.45
N PRO C 1108 -21.48 2.19 -4.18
CA PRO C 1108 -22.76 2.58 -3.60
C PRO C 1108 -23.27 3.88 -4.15
N PHE C 1109 -24.59 3.98 -4.35
CA PHE C 1109 -25.26 5.25 -4.62
C PHE C 1109 -26.36 5.45 -3.60
N GLU C 1110 -26.73 6.71 -3.39
CA GLU C 1110 -27.81 6.98 -2.44
C GLU C 1110 -29.14 6.80 -3.13
N ALA C 1111 -30.18 6.59 -2.33
CA ALA C 1111 -31.50 6.32 -2.87
C ALA C 1111 -32.53 6.55 -1.79
N SER C 1112 -33.77 6.74 -2.17
CA SER C 1112 -34.84 6.89 -1.20
C SER C 1112 -35.03 5.55 -0.53
N LYS C 1113 -35.59 5.55 0.68
CA LYS C 1113 -35.81 4.28 1.34
C LYS C 1113 -36.64 3.38 0.43
N GLU C 1114 -37.66 3.96 -0.19
CA GLU C 1114 -38.51 3.20 -1.10
C GLU C 1114 -37.76 2.57 -2.27
N GLN C 1115 -36.93 3.37 -2.94
CA GLN C 1115 -36.18 2.89 -4.08
C GLN C 1115 -35.23 1.79 -3.67
N ALA C 1116 -34.54 2.02 -2.57
CA ALA C 1116 -33.62 1.02 -2.05
C ALA C 1116 -34.32 -0.33 -1.96
N GLU C 1117 -35.46 -0.34 -1.29
CA GLU C 1117 -36.25 -1.54 -1.14
C GLU C 1117 -36.54 -2.15 -2.51
N GLU C 1118 -37.08 -1.34 -3.41
CA GLU C 1118 -37.32 -1.78 -4.78
C GLU C 1118 -36.11 -2.55 -5.32
N PHE C 1119 -34.93 -1.96 -5.23
CA PHE C 1119 -33.69 -2.58 -5.73
C PHE C 1119 -33.39 -3.90 -5.04
N LYS C 1120 -33.54 -3.93 -3.73
CA LYS C 1120 -33.23 -5.10 -2.94
C LYS C 1120 -34.23 -6.19 -3.29
N ARG C 1121 -35.46 -5.78 -3.61
CA ARG C 1121 -36.53 -6.73 -3.92
C ARG C 1121 -36.13 -7.53 -5.13
N GLU C 1122 -35.67 -6.80 -6.14
CA GLU C 1122 -35.32 -7.41 -7.40
C GLU C 1122 -34.02 -8.21 -7.33
N HIS C 1123 -33.05 -7.74 -6.56
CA HIS C 1123 -31.71 -8.32 -6.59
C HIS C 1123 -31.36 -9.29 -5.44
N GLY C 1124 -31.91 -9.04 -4.26
CA GLY C 1124 -31.72 -9.93 -3.14
C GLY C 1124 -30.27 -10.14 -2.76
N ASP C 1125 -29.80 -11.38 -2.92
CA ASP C 1125 -28.43 -11.75 -2.56
C ASP C 1125 -27.46 -10.72 -3.05
N LYS C 1126 -27.76 -10.19 -4.24
CA LYS C 1126 -26.80 -9.38 -4.98
C LYS C 1126 -26.93 -7.89 -4.78
N VAL C 1127 -27.60 -7.48 -3.70
CA VAL C 1127 -27.60 -6.07 -3.33
C VAL C 1127 -27.62 -5.85 -1.83
N GLU C 1128 -26.86 -4.85 -1.38
CA GLU C 1128 -26.87 -4.45 0.01
C GLU C 1128 -27.46 -3.06 0.12
N ILE C 1129 -28.48 -2.90 0.95
CA ILE C 1129 -28.91 -1.53 1.28
C ILE C 1129 -28.96 -1.28 2.78
N PHE C 1130 -28.52 -0.09 3.19
CA PHE C 1130 -28.50 0.26 4.59
C PHE C 1130 -28.94 1.69 4.73
N GLU C 1131 -29.57 2.00 5.86
CA GLU C 1131 -29.96 3.38 6.18
C GLU C 1131 -28.74 4.31 6.28
N ILE C 1132 -28.98 5.58 6.04
CA ILE C 1132 -28.05 6.62 6.46
C ILE C 1132 -28.67 7.16 7.72
N PRO C 1133 -28.11 6.78 8.88
CA PRO C 1133 -28.80 7.04 10.14
C PRO C 1133 -29.15 8.51 10.26
N GLU C 1134 -28.46 9.33 9.48
CA GLU C 1134 -28.51 10.78 9.62
C GLU C 1134 -29.61 11.45 8.79
N THR C 1135 -29.90 10.90 7.60
CA THR C 1135 -30.88 11.53 6.71
C THR C 1135 -31.98 10.60 6.21
N GLY C 1136 -32.13 9.44 6.85
CA GLY C 1136 -33.16 8.49 6.47
C GLY C 1136 -33.03 8.00 5.05
N GLN C 1137 -31.95 8.38 4.39
CA GLN C 1137 -31.66 7.89 3.05
C GLN C 1137 -31.10 6.47 3.11
N TYR C 1138 -30.76 5.94 1.96
CA TYR C 1138 -30.20 4.61 1.91
C TYR C 1138 -29.04 4.56 0.94
N THR C 1139 -28.38 3.43 0.90
CA THR C 1139 -27.22 3.28 0.07
C THR C 1139 -27.38 1.97 -0.67
N VAL C 1140 -27.17 2.00 -1.99
CA VAL C 1140 -27.34 0.79 -2.76
C VAL C 1140 -26.03 0.35 -3.35
N ARG C 1141 -25.61 -0.84 -3.00
CA ARG C 1141 -24.43 -1.40 -3.61
C ARG C 1141 -24.82 -2.71 -4.27
N LEU C 1142 -24.62 -2.80 -5.58
CA LEU C 1142 -24.84 -4.08 -6.24
C LEU C 1142 -23.60 -4.92 -6.07
N ARG C 1143 -23.79 -6.20 -5.79
CA ARG C 1143 -22.66 -7.10 -5.61
C ARG C 1143 -22.34 -7.89 -6.86
N LYS C 1144 -21.23 -8.61 -6.82
CA LYS C 1144 -20.82 -9.46 -7.94
C LYS C 1144 -21.90 -10.48 -8.20
N GLY C 1145 -22.27 -10.66 -9.45
CA GLY C 1145 -23.31 -11.59 -9.81
C GLY C 1145 -24.54 -10.83 -10.19
N ALA C 1146 -24.63 -9.57 -9.76
CA ALA C 1146 -25.78 -8.72 -10.07
C ALA C 1146 -25.92 -8.59 -11.56
N THR C 1147 -27.11 -8.23 -12.02
CA THR C 1147 -27.33 -8.08 -13.44
C THR C 1147 -27.66 -6.63 -13.84
N LEU C 1148 -26.93 -6.14 -14.83
CA LEU C 1148 -27.04 -4.76 -15.27
C LEU C 1148 -27.45 -4.67 -16.72
N LEU C 1149 -27.86 -3.47 -17.12
CA LEU C 1149 -28.22 -3.22 -18.50
C LEU C 1149 -27.41 -2.06 -19.05
N ILE C 1150 -26.52 -2.38 -20.00
CA ILE C 1150 -25.75 -1.36 -20.67
C ILE C 1150 -26.24 -1.09 -22.09
N PRO C 1151 -26.55 0.17 -22.38
CA PRO C 1151 -26.91 0.67 -23.70
C PRO C 1151 -25.83 0.39 -24.73
N LYS C 1152 -26.25 0.17 -25.97
CA LYS C 1152 -25.35 0.11 -27.10
C LYS C 1152 -26.14 0.64 -28.29
N ALA C 1153 -25.45 0.83 -29.42
CA ALA C 1153 -26.09 1.43 -30.57
C ALA C 1153 -25.75 0.72 -31.85
N LEU C 1154 -26.63 0.83 -32.83
CA LEU C 1154 -26.49 0.10 -34.09
C LEU C 1154 -26.57 0.98 -35.31
N GLN C 1155 -26.03 0.52 -36.42
CA GLN C 1155 -26.18 1.27 -37.66
C GLN C 1155 -27.21 0.64 -38.57
N PHE C 1156 -28.42 1.18 -38.49
CA PHE C 1156 -29.58 0.63 -39.13
C PHE C 1156 -29.61 1.11 -40.58
N ASP C 1157 -30.17 0.29 -41.47
CA ASP C 1157 -30.10 0.46 -42.94
C ASP C 1157 -31.19 1.34 -43.51
N ARG C 1158 -32.30 1.45 -42.80
CA ARG C 1158 -33.41 2.27 -43.25
C ARG C 1158 -33.20 3.75 -42.85
N LEU C 1159 -32.38 4.46 -43.62
CA LEU C 1159 -32.04 5.84 -43.35
C LEU C 1159 -33.08 6.79 -43.90
N VAL C 1160 -33.88 6.29 -44.83
CA VAL C 1160 -34.83 7.14 -45.53
C VAL C 1160 -36.25 6.70 -45.25
N ALA C 1161 -37.17 7.66 -45.14
CA ALA C 1161 -38.58 7.40 -44.93
C ALA C 1161 -39.37 8.61 -45.38
N GLY C 1162 -40.58 8.38 -45.89
CA GLY C 1162 -41.37 9.50 -46.36
C GLY C 1162 -42.14 10.14 -45.21
N GLN C 1163 -41.82 11.39 -44.91
CA GLN C 1163 -42.28 11.99 -43.67
C GLN C 1163 -43.03 13.29 -43.91
N ILE C 1164 -44.07 13.53 -43.13
CA ILE C 1164 -44.77 14.82 -43.17
C ILE C 1164 -43.76 15.99 -43.20
N PRO C 1165 -44.01 16.99 -44.04
CA PRO C 1165 -43.15 18.16 -44.20
C PRO C 1165 -42.58 18.69 -42.89
N THR C 1166 -41.28 18.91 -42.92
CA THR C 1166 -40.55 19.42 -41.79
C THR C 1166 -41.09 20.77 -41.30
N GLY C 1167 -42.05 20.72 -40.41
CA GLY C 1167 -42.56 21.95 -39.87
C GLY C 1167 -44.02 21.84 -39.54
N TRP C 1168 -44.66 20.78 -40.03
CA TRP C 1168 -46.11 20.68 -39.92
C TRP C 1168 -46.49 20.61 -38.46
N ASP C 1169 -47.51 21.35 -38.05
CA ASP C 1169 -48.03 21.19 -36.71
C ASP C 1169 -49.54 21.34 -36.64
N ALA C 1170 -50.19 20.43 -35.93
CA ALA C 1170 -51.64 20.47 -35.76
C ALA C 1170 -52.08 21.74 -35.05
N ARG C 1171 -51.13 22.53 -34.59
CA ARG C 1171 -51.47 23.78 -33.92
C ARG C 1171 -51.73 24.91 -34.90
N ARG C 1172 -51.08 24.85 -36.06
CA ARG C 1172 -51.30 25.83 -37.11
C ARG C 1172 -52.75 25.77 -37.51
N TYR C 1173 -53.33 24.56 -37.48
CA TYR C 1173 -54.69 24.33 -37.91
C TYR C 1173 -55.71 24.75 -36.86
N GLY C 1174 -55.32 24.71 -35.58
CA GLY C 1174 -56.21 25.17 -34.54
C GLY C 1174 -56.57 24.15 -33.48
N VAL C 1175 -55.96 22.97 -33.54
CA VAL C 1175 -56.16 21.98 -32.50
C VAL C 1175 -55.66 22.60 -31.20
N PRO C 1176 -56.47 22.51 -30.13
CA PRO C 1176 -56.23 23.06 -28.79
C PRO C 1176 -54.98 22.47 -28.16
N GLU C 1177 -54.22 23.32 -27.47
CA GLU C 1177 -52.97 22.88 -26.87
C GLU C 1177 -53.12 21.66 -25.96
N ASP C 1178 -54.14 21.71 -25.10
CA ASP C 1178 -54.39 20.62 -24.17
C ASP C 1178 -54.61 19.29 -24.91
N ILE C 1179 -55.28 19.35 -26.06
CA ILE C 1179 -55.53 18.15 -26.83
C ILE C 1179 -54.25 17.71 -27.52
N ILE C 1180 -53.42 18.69 -27.86
CA ILE C 1180 -52.11 18.41 -28.43
C ILE C 1180 -51.30 17.56 -27.46
N GLN C 1181 -51.32 17.98 -26.19
CA GLN C 1181 -50.53 17.35 -25.14
C GLN C 1181 -51.04 15.96 -24.77
N GLN C 1182 -52.34 15.77 -24.93
CA GLN C 1182 -53.01 14.55 -24.48
C GLN C 1182 -52.96 13.35 -25.43
N VAL C 1183 -52.92 13.59 -26.74
CA VAL C 1183 -53.12 12.52 -27.70
C VAL C 1183 -51.90 12.13 -28.49
N ASP C 1184 -51.95 10.93 -29.07
CA ASP C 1184 -50.90 10.43 -29.95
C ASP C 1184 -50.88 11.27 -31.23
N PRO C 1185 -49.68 11.53 -31.78
CA PRO C 1185 -49.51 12.29 -33.02
C PRO C 1185 -50.45 11.81 -34.10
N VAL C 1186 -50.56 10.49 -34.25
CA VAL C 1186 -51.50 9.90 -35.16
C VAL C 1186 -52.87 10.60 -35.08
N THR C 1187 -53.43 10.66 -33.88
CA THR C 1187 -54.73 11.30 -33.69
C THR C 1187 -54.70 12.73 -34.21
N LEU C 1188 -53.57 13.39 -34.06
CA LEU C 1188 -53.45 14.76 -34.54
C LEU C 1188 -53.56 14.86 -36.06
N TYR C 1189 -52.97 13.89 -36.76
CA TYR C 1189 -53.11 13.83 -38.21
C TYR C 1189 -54.58 13.62 -38.51
N VAL C 1190 -55.18 12.62 -37.86
CA VAL C 1190 -56.59 12.28 -38.05
C VAL C 1190 -57.53 13.44 -37.76
N LEU C 1191 -57.22 14.21 -36.72
CA LEU C 1191 -58.06 15.33 -36.32
C LEU C 1191 -58.05 16.40 -37.37
N VAL C 1192 -56.86 16.83 -37.73
CA VAL C 1192 -56.72 17.84 -38.77
C VAL C 1192 -57.32 17.33 -40.06
N SER C 1193 -57.04 16.09 -40.40
CA SER C 1193 -57.56 15.52 -41.64
C SER C 1193 -59.07 15.71 -41.71
N VAL C 1194 -59.78 15.09 -40.77
CA VAL C 1194 -61.23 15.15 -40.75
C VAL C 1194 -61.74 16.57 -40.79
N ALA C 1195 -60.93 17.52 -40.34
CA ALA C 1195 -61.39 18.90 -40.30
C ALA C 1195 -61.34 19.53 -41.67
N GLU C 1196 -60.25 19.26 -42.38
CA GLU C 1196 -60.09 19.77 -43.74
C GLU C 1196 -61.01 19.00 -44.70
N ALA C 1197 -61.29 17.75 -44.37
CA ALA C 1197 -62.15 16.91 -45.19
C ALA C 1197 -63.60 17.38 -45.12
N LEU C 1198 -64.03 17.83 -43.96
CA LEU C 1198 -65.38 18.35 -43.84
C LEU C 1198 -65.53 19.67 -44.59
N LEU C 1199 -64.45 20.44 -44.71
CA LEU C 1199 -64.48 21.70 -45.43
C LEU C 1199 -64.54 21.45 -46.94
N SER C 1200 -63.74 20.49 -47.41
CA SER C 1200 -63.73 20.13 -48.81
C SER C 1200 -65.12 19.68 -49.24
N SER C 1201 -65.95 19.38 -48.26
CA SER C 1201 -67.28 18.90 -48.52
C SER C 1201 -68.30 20.01 -48.22
N GLY C 1202 -67.79 21.20 -47.90
CA GLY C 1202 -68.61 22.36 -47.70
C GLY C 1202 -69.26 22.47 -46.34
N ILE C 1203 -68.91 21.56 -45.44
CA ILE C 1203 -69.42 21.62 -44.07
C ILE C 1203 -68.46 22.47 -43.26
N THR C 1204 -68.98 23.53 -42.65
CA THR C 1204 -68.13 24.37 -41.78
C THR C 1204 -68.21 23.88 -40.35
N ASP C 1205 -69.43 23.89 -39.84
CA ASP C 1205 -69.79 23.36 -38.52
C ASP C 1205 -70.40 21.98 -38.74
N PRO C 1206 -69.83 20.95 -38.13
CA PRO C 1206 -70.32 19.60 -38.43
C PRO C 1206 -71.75 19.46 -37.96
N TYR C 1207 -72.19 20.40 -37.14
CA TYR C 1207 -73.54 20.38 -36.63
C TYR C 1207 -74.57 20.61 -37.72
N GLU C 1208 -74.15 21.22 -38.81
CA GLU C 1208 -75.03 21.40 -39.96
C GLU C 1208 -75.66 20.07 -40.36
N PHE C 1209 -74.92 18.98 -40.25
CA PHE C 1209 -75.46 17.65 -40.50
C PHE C 1209 -76.77 17.46 -39.77
N TYR C 1210 -76.90 18.07 -38.60
CA TYR C 1210 -78.10 17.89 -37.79
C TYR C 1210 -79.15 18.93 -38.10
N LYS C 1211 -79.11 19.40 -39.34
CA LYS C 1211 -80.22 20.16 -39.88
C LYS C 1211 -81.02 19.17 -40.74
N TYR C 1212 -80.30 18.28 -41.41
CA TYR C 1212 -80.91 17.38 -42.38
C TYR C 1212 -81.07 15.98 -41.79
N VAL C 1213 -80.39 15.70 -40.69
CA VAL C 1213 -80.24 14.33 -40.21
C VAL C 1213 -80.17 14.20 -38.72
N HIS C 1214 -80.59 13.04 -38.21
CA HIS C 1214 -80.59 12.78 -36.79
C HIS C 1214 -79.21 12.41 -36.28
N LEU C 1215 -78.95 12.73 -35.01
CA LEU C 1215 -77.68 12.41 -34.35
C LEU C 1215 -77.16 11.02 -34.71
N SER C 1216 -78.08 10.08 -34.86
CA SER C 1216 -77.71 8.68 -35.07
C SER C 1216 -77.44 8.29 -36.53
N GLU C 1217 -77.15 9.26 -37.38
CA GLU C 1217 -76.93 8.95 -38.78
C GLU C 1217 -75.60 9.48 -39.33
N VAL C 1218 -74.85 10.19 -38.50
CA VAL C 1218 -73.48 10.50 -38.85
C VAL C 1218 -72.62 9.39 -38.27
N GLY C 1219 -71.95 8.65 -39.13
CA GLY C 1219 -71.17 7.52 -38.68
C GLY C 1219 -69.67 7.73 -38.72
N ASN C 1220 -68.92 6.91 -38.00
CA ASN C 1220 -67.47 7.08 -37.93
C ASN C 1220 -66.69 5.76 -38.09
N CYS C 1221 -66.09 5.55 -39.26
CA CYS C 1221 -65.44 4.28 -39.56
C CYS C 1221 -63.97 4.38 -39.90
N ILE C 1222 -63.23 5.23 -39.21
CA ILE C 1222 -61.82 5.40 -39.55
C ILE C 1222 -60.96 4.38 -38.82
N GLY C 1223 -60.00 3.80 -39.54
CA GLY C 1223 -59.24 2.71 -38.99
C GLY C 1223 -57.76 2.87 -39.18
N SER C 1224 -57.02 1.79 -38.93
CA SER C 1224 -55.57 1.81 -39.13
C SER C 1224 -54.99 0.43 -38.83
N GLY C 1225 -53.71 0.25 -39.18
CA GLY C 1225 -53.04 -1.04 -39.06
C GLY C 1225 -52.69 -1.36 -37.64
N VAL C 1226 -52.06 -0.37 -36.98
CA VAL C 1226 -51.79 -0.36 -35.53
C VAL C 1226 -51.54 1.07 -35.16
N GLY C 1227 -52.59 1.78 -34.76
CA GLY C 1227 -52.44 3.21 -34.53
C GLY C 1227 -52.19 3.49 -33.07
N GLY C 1228 -51.52 4.60 -32.79
CA GLY C 1228 -51.18 4.95 -31.43
C GLY C 1228 -49.84 4.35 -31.06
N THR C 1229 -48.97 4.30 -32.05
CA THR C 1229 -47.70 3.61 -31.94
C THR C 1229 -46.81 4.27 -30.91
N SER C 1230 -47.00 5.57 -30.71
CA SER C 1230 -46.25 6.29 -29.72
C SER C 1230 -46.70 5.87 -28.32
N ALA C 1231 -48.01 5.88 -28.09
CA ALA C 1231 -48.54 5.45 -26.82
C ALA C 1231 -48.15 4.00 -26.57
N LEU C 1232 -48.13 3.23 -27.64
CA LEU C 1232 -47.77 1.83 -27.54
C LEU C 1232 -46.40 1.69 -26.96
N ARG C 1233 -45.46 2.41 -27.54
CA ARG C 1233 -44.08 2.42 -27.05
C ARG C 1233 -44.05 2.91 -25.61
N GLY C 1234 -44.85 3.93 -25.34
CA GLY C 1234 -44.89 4.49 -24.00
C GLY C 1234 -45.21 3.54 -22.87
N MET C 1235 -45.91 2.47 -23.17
CA MET C 1235 -46.38 1.57 -22.13
C MET C 1235 -45.61 0.25 -22.12
N TYR C 1236 -45.08 -0.12 -23.28
CA TYR C 1236 -44.34 -1.37 -23.40
C TYR C 1236 -42.86 -1.16 -23.22
N LYS C 1237 -42.42 0.10 -23.30
CA LYS C 1237 -41.00 0.41 -23.16
C LYS C 1237 -40.75 1.57 -22.22
N ASP C 1238 -41.23 2.75 -22.59
CA ASP C 1238 -40.97 3.94 -21.80
C ASP C 1238 -41.36 3.81 -20.32
N ARG C 1239 -42.25 2.88 -20.02
CA ARG C 1239 -42.73 2.72 -18.65
C ARG C 1239 -41.83 1.77 -17.85
N TYR C 1240 -41.35 0.76 -18.55
CA TYR C 1240 -40.38 -0.18 -18.03
C TYR C 1240 -39.13 0.56 -17.67
N LEU C 1241 -38.82 1.61 -18.41
CA LEU C 1241 -37.60 2.38 -18.22
C LEU C 1241 -37.81 3.46 -17.18
N ASP C 1242 -39.02 3.55 -16.68
CA ASP C 1242 -39.35 4.49 -15.63
C ASP C 1242 -39.28 5.93 -16.11
N LYS C 1243 -39.40 6.15 -17.42
CA LYS C 1243 -39.48 7.50 -17.97
C LYS C 1243 -40.85 8.13 -17.67
N PRO C 1244 -40.91 9.45 -17.55
CA PRO C 1244 -42.15 10.13 -17.18
C PRO C 1244 -43.21 9.91 -18.25
N VAL C 1245 -44.28 9.22 -17.90
CA VAL C 1245 -45.30 8.86 -18.90
C VAL C 1245 -46.73 9.00 -18.37
N GLN C 1246 -47.66 9.36 -19.25
CA GLN C 1246 -49.05 9.62 -18.91
C GLN C 1246 -49.63 8.48 -18.10
N LYS C 1247 -50.74 8.72 -17.40
CA LYS C 1247 -51.41 7.63 -16.68
C LYS C 1247 -52.35 6.88 -17.62
N ASP C 1248 -52.84 7.60 -18.61
CA ASP C 1248 -53.88 7.11 -19.48
C ASP C 1248 -53.36 6.69 -20.83
N ILE C 1249 -52.05 6.48 -20.96
CA ILE C 1249 -51.48 6.18 -22.26
C ILE C 1249 -52.22 5.04 -22.90
N LEU C 1250 -52.74 4.13 -22.08
CA LEU C 1250 -53.50 3.02 -22.60
C LEU C 1250 -54.62 3.48 -23.52
N GLN C 1251 -55.40 4.49 -23.10
CA GLN C 1251 -56.41 5.11 -23.97
C GLN C 1251 -55.90 5.30 -25.39
N GLU C 1252 -54.86 6.11 -25.52
CA GLU C 1252 -54.45 6.60 -26.82
C GLU C 1252 -53.74 5.57 -27.71
N SER C 1253 -53.68 4.31 -27.27
CA SER C 1253 -53.04 3.27 -28.07
C SER C 1253 -54.05 2.46 -28.89
N PHE C 1254 -55.33 2.62 -28.56
CA PHE C 1254 -56.41 1.90 -29.23
C PHE C 1254 -56.69 2.49 -30.60
N VAL C 1255 -56.92 1.62 -31.57
CA VAL C 1255 -57.12 2.07 -32.93
C VAL C 1255 -58.34 2.99 -33.03
N ASN C 1256 -59.33 2.74 -32.20
CA ASN C 1256 -60.57 3.50 -32.29
C ASN C 1256 -60.61 4.72 -31.39
N THR C 1257 -59.49 5.03 -30.74
CA THR C 1257 -59.46 6.21 -29.89
C THR C 1257 -59.33 7.40 -30.80
N MET C 1258 -58.66 7.20 -31.92
CA MET C 1258 -58.60 8.23 -32.92
C MET C 1258 -60.03 8.59 -33.27
N ALA C 1259 -60.77 7.60 -33.77
CA ALA C 1259 -62.16 7.83 -34.13
C ALA C 1259 -62.91 8.52 -32.98
N ALA C 1260 -62.65 8.06 -31.76
CA ALA C 1260 -63.33 8.60 -30.58
C ALA C 1260 -63.09 10.10 -30.49
N TRP C 1261 -61.85 10.49 -30.55
CA TRP C 1261 -61.48 11.90 -30.40
C TRP C 1261 -62.15 12.76 -31.44
N VAL C 1262 -62.35 12.19 -32.62
CA VAL C 1262 -63.02 12.90 -33.71
C VAL C 1262 -64.44 13.23 -33.30
N ASN C 1263 -65.08 12.28 -32.66
CA ASN C 1263 -66.44 12.45 -32.24
C ASN C 1263 -66.55 13.31 -30.97
N MET C 1264 -65.50 13.30 -30.14
CA MET C 1264 -65.55 14.02 -28.88
C MET C 1264 -65.19 15.49 -29.08
N LEU C 1265 -64.74 15.83 -30.28
CA LEU C 1265 -64.26 17.18 -30.59
C LEU C 1265 -65.04 17.89 -31.70
N LEU C 1266 -65.70 17.12 -32.58
CA LEU C 1266 -66.41 17.69 -33.73
C LEU C 1266 -67.87 17.19 -33.89
N LEU C 1267 -68.03 15.95 -34.34
CA LEU C 1267 -69.35 15.38 -34.59
C LEU C 1267 -69.86 14.79 -33.32
N SER C 1268 -70.84 15.40 -32.66
CA SER C 1268 -71.35 14.77 -31.44
C SER C 1268 -72.49 13.79 -31.71
N SER C 1269 -72.19 12.86 -32.63
CA SER C 1269 -73.18 11.94 -33.18
C SER C 1269 -73.31 10.65 -32.39
N THR C 1270 -74.54 10.14 -32.34
CA THR C 1270 -74.77 8.82 -31.77
C THR C 1270 -74.82 7.81 -32.90
N GLY C 1271 -74.14 8.13 -34.00
CA GLY C 1271 -74.05 7.24 -35.14
C GLY C 1271 -73.24 5.99 -34.84
N PRO C 1272 -72.98 5.17 -35.85
CA PRO C 1272 -72.22 3.94 -35.64
C PRO C 1272 -70.72 4.23 -35.55
N ILE C 1273 -69.97 3.24 -35.10
CA ILE C 1273 -68.52 3.34 -35.09
C ILE C 1273 -67.97 1.97 -35.36
N LYS C 1274 -67.84 1.62 -36.62
CA LYS C 1274 -67.16 0.38 -36.96
C LYS C 1274 -65.76 0.76 -37.43
N THR C 1275 -64.76 0.42 -36.63
CA THR C 1275 -63.40 0.82 -36.94
C THR C 1275 -62.53 -0.40 -37.22
N PRO C 1276 -61.90 -0.42 -38.40
CA PRO C 1276 -61.26 -1.57 -39.03
C PRO C 1276 -59.74 -1.63 -38.90
N VAL C 1277 -59.23 -2.85 -38.80
CA VAL C 1277 -57.80 -3.10 -38.86
C VAL C 1277 -57.50 -4.05 -40.00
N GLY C 1278 -57.29 -3.49 -41.17
CA GLY C 1278 -56.97 -4.30 -42.33
C GLY C 1278 -55.54 -4.11 -42.78
N ALA C 1279 -54.64 -3.89 -41.83
CA ALA C 1279 -53.24 -3.63 -42.17
C ALA C 1279 -53.14 -2.70 -43.36
N CYS C 1280 -52.22 -2.99 -44.27
CA CYS C 1280 -51.95 -2.11 -45.41
C CYS C 1280 -53.21 -1.68 -46.19
N ALA C 1281 -54.33 -2.36 -45.99
CA ALA C 1281 -55.52 -2.09 -46.79
C ALA C 1281 -56.66 -1.48 -46.00
N THR C 1282 -56.43 -1.11 -44.74
CA THR C 1282 -57.53 -0.65 -43.90
C THR C 1282 -58.35 0.44 -44.58
N ALA C 1283 -57.68 1.39 -45.21
CA ALA C 1283 -58.35 2.57 -45.76
C ALA C 1283 -59.47 2.21 -46.74
N VAL C 1284 -59.26 1.14 -47.51
CA VAL C 1284 -60.29 0.67 -48.42
C VAL C 1284 -61.33 -0.11 -47.64
N GLU C 1285 -60.89 -1.09 -46.84
CA GLU C 1285 -61.79 -1.86 -45.96
C GLU C 1285 -62.71 -0.91 -45.22
N SER C 1286 -62.17 0.25 -44.88
CA SER C 1286 -62.92 1.30 -44.23
C SER C 1286 -64.02 1.84 -45.14
N LEU C 1287 -63.64 2.19 -46.37
CA LEU C 1287 -64.61 2.65 -47.36
C LEU C 1287 -65.75 1.66 -47.49
N ASP C 1288 -65.39 0.38 -47.57
CA ASP C 1288 -66.33 -0.72 -47.65
C ASP C 1288 -67.28 -0.73 -46.46
N VAL C 1289 -66.71 -0.74 -45.27
CA VAL C 1289 -67.51 -0.74 -44.05
C VAL C 1289 -68.50 0.43 -43.97
N GLY C 1290 -68.03 1.64 -44.27
CA GLY C 1290 -68.91 2.79 -44.24
C GLY C 1290 -70.01 2.67 -45.28
N TYR C 1291 -69.62 2.18 -46.45
CA TYR C 1291 -70.53 1.91 -47.55
C TYR C 1291 -71.68 1.02 -47.10
N ASP C 1292 -71.36 -0.21 -46.69
CA ASP C 1292 -72.37 -1.16 -46.25
C ASP C 1292 -73.23 -0.53 -45.17
N THR C 1293 -72.55 0.07 -44.20
CA THR C 1293 -73.22 0.66 -43.05
C THR C 1293 -74.28 1.67 -43.50
N ILE C 1294 -73.97 2.43 -44.54
CA ILE C 1294 -74.89 3.45 -45.04
C ILE C 1294 -76.06 2.81 -45.79
N MET C 1295 -75.77 1.78 -46.58
CA MET C 1295 -76.81 1.11 -47.35
C MET C 1295 -77.63 0.14 -46.52
N GLN C 1296 -77.51 0.21 -45.20
CA GLN C 1296 -78.32 -0.63 -44.33
C GLN C 1296 -79.10 0.24 -43.35
N GLY C 1297 -79.10 1.54 -43.61
CA GLY C 1297 -79.90 2.47 -42.83
C GLY C 1297 -79.25 2.96 -41.56
N LYS C 1298 -78.10 2.37 -41.24
CA LYS C 1298 -77.39 2.71 -40.02
C LYS C 1298 -76.98 4.19 -39.99
N ALA C 1299 -76.62 4.72 -41.15
CA ALA C 1299 -76.24 6.11 -41.22
C ALA C 1299 -76.50 6.69 -42.60
N ARG C 1300 -76.53 8.02 -42.70
CA ARG C 1300 -76.63 8.68 -43.99
C ARG C 1300 -75.35 9.43 -44.39
N VAL C 1301 -74.63 9.95 -43.40
CA VAL C 1301 -73.31 10.50 -43.65
C VAL C 1301 -72.31 9.66 -42.88
N CYS C 1302 -71.05 9.75 -43.22
CA CYS C 1302 -70.09 8.85 -42.62
C CYS C 1302 -68.65 9.18 -42.97
N LEU C 1303 -67.83 9.36 -41.95
CA LEU C 1303 -66.41 9.62 -42.13
C LEU C 1303 -65.70 8.30 -42.37
N VAL C 1304 -64.70 8.33 -43.24
CA VAL C 1304 -64.00 7.14 -43.64
C VAL C 1304 -62.57 7.51 -43.94
N GLY C 1305 -61.65 6.58 -43.72
CA GLY C 1305 -60.25 6.79 -44.03
C GLY C 1305 -59.34 5.84 -43.30
N GLY C 1306 -58.03 6.10 -43.39
CA GLY C 1306 -57.02 5.28 -42.74
C GLY C 1306 -55.86 6.13 -42.28
N PHE C 1307 -55.11 5.62 -41.32
CA PHE C 1307 -53.94 6.32 -40.82
C PHE C 1307 -52.93 5.34 -40.26
N ASP C 1308 -51.73 5.83 -40.04
CA ASP C 1308 -50.66 5.05 -39.43
C ASP C 1308 -49.43 5.96 -39.38
N ASP C 1309 -48.51 5.71 -38.46
CA ASP C 1309 -47.39 6.62 -38.24
C ASP C 1309 -46.09 5.93 -38.61
N PHE C 1310 -44.99 6.68 -38.60
CA PHE C 1310 -43.66 6.11 -38.74
C PHE C 1310 -42.95 6.05 -37.40
N GLN C 1311 -42.37 4.91 -37.07
CA GLN C 1311 -41.84 4.70 -35.73
C GLN C 1311 -40.57 3.88 -35.75
N GLU C 1312 -39.67 4.20 -34.82
CA GLU C 1312 -38.39 3.51 -34.75
C GLU C 1312 -38.59 2.00 -34.66
N GLU C 1313 -39.59 1.62 -33.89
CA GLU C 1313 -39.85 0.23 -33.55
C GLU C 1313 -40.49 -0.45 -34.77
N GLY C 1314 -41.39 0.26 -35.42
CA GLY C 1314 -42.00 -0.19 -36.66
C GLY C 1314 -40.97 -0.41 -37.76
N SER C 1315 -40.24 0.64 -38.12
CA SER C 1315 -39.28 0.61 -39.21
C SER C 1315 -38.30 -0.53 -39.06
N TYR C 1316 -37.85 -0.72 -37.82
CA TYR C 1316 -36.88 -1.77 -37.51
C TYR C 1316 -37.51 -3.13 -37.74
N GLU C 1317 -38.78 -3.25 -37.39
CA GLU C 1317 -39.46 -4.52 -37.47
C GLU C 1317 -39.67 -4.95 -38.91
N PHE C 1318 -40.19 -4.05 -39.74
CA PHE C 1318 -40.40 -4.32 -41.16
C PHE C 1318 -39.13 -4.78 -41.84
N ALA C 1319 -38.02 -4.19 -41.43
CA ALA C 1319 -36.74 -4.54 -42.00
C ALA C 1319 -36.46 -6.00 -41.75
N ASN C 1320 -36.80 -6.49 -40.57
CA ASN C 1320 -36.54 -7.89 -40.23
C ASN C 1320 -37.37 -8.84 -41.09
N MET C 1321 -38.51 -8.37 -41.53
CA MET C 1321 -39.38 -9.17 -42.37
C MET C 1321 -38.88 -9.15 -43.82
N GLY C 1322 -38.28 -8.03 -44.24
CA GLY C 1322 -37.69 -7.94 -45.56
C GLY C 1322 -38.54 -7.11 -46.51
N ALA C 1323 -39.52 -6.41 -45.95
CA ALA C 1323 -40.50 -5.67 -46.73
C ALA C 1323 -39.99 -4.32 -47.20
N THR C 1324 -39.37 -3.58 -46.29
CA THR C 1324 -38.83 -2.26 -46.63
C THR C 1324 -37.57 -2.37 -47.47
N SER C 1325 -37.18 -1.24 -48.07
CA SER C 1325 -36.02 -1.19 -48.92
C SER C 1325 -34.81 -0.72 -48.13
N ASN C 1326 -33.71 -1.45 -48.28
CA ASN C 1326 -32.45 -1.10 -47.61
C ASN C 1326 -31.76 0.17 -48.15
N ALA C 1327 -31.98 1.31 -47.48
CA ALA C 1327 -31.45 2.58 -47.94
C ALA C 1327 -29.96 2.51 -48.26
N LYS C 1328 -29.16 1.92 -47.38
CA LYS C 1328 -27.70 1.84 -47.55
C LYS C 1328 -27.31 1.15 -48.85
N GLU C 1329 -28.05 0.10 -49.18
CA GLU C 1329 -27.82 -0.68 -50.39
C GLU C 1329 -28.25 0.07 -51.64
N GLU C 1330 -29.37 0.79 -51.52
CA GLU C 1330 -29.85 1.61 -52.63
C GLU C 1330 -28.97 2.82 -52.85
N PHE C 1331 -28.37 3.32 -51.79
CA PHE C 1331 -27.40 4.40 -51.93
C PHE C 1331 -26.20 3.88 -52.68
N ALA C 1332 -25.90 2.60 -52.49
CA ALA C 1332 -24.77 1.97 -53.16
C ALA C 1332 -25.06 1.79 -54.62
N ARG C 1333 -26.34 1.99 -54.99
CA ARG C 1333 -26.80 1.83 -56.37
C ARG C 1333 -26.96 3.17 -57.10
N GLY C 1334 -26.50 4.24 -56.47
CA GLY C 1334 -26.56 5.55 -57.07
C GLY C 1334 -27.96 6.13 -56.95
N ARG C 1335 -28.80 5.50 -56.14
CA ARG C 1335 -30.15 6.00 -55.92
C ARG C 1335 -30.19 7.21 -55.02
N GLU C 1336 -31.25 7.98 -55.12
CA GLU C 1336 -31.41 9.13 -54.26
C GLU C 1336 -32.62 8.85 -53.41
N PRO C 1337 -32.69 9.45 -52.21
CA PRO C 1337 -33.92 9.35 -51.44
C PRO C 1337 -35.04 9.90 -52.31
N GLY C 1338 -36.01 9.06 -52.69
CA GLY C 1338 -37.08 9.52 -53.56
C GLY C 1338 -37.08 8.82 -54.89
N GLU C 1339 -35.90 8.72 -55.52
CA GLU C 1339 -35.68 7.76 -56.59
C GLU C 1339 -35.74 6.35 -55.97
N MET C 1340 -35.92 6.30 -54.65
CA MET C 1340 -35.86 5.05 -53.90
C MET C 1340 -37.07 4.14 -54.23
N SER C 1341 -38.21 4.76 -54.50
CA SER C 1341 -39.49 4.06 -54.64
C SER C 1341 -39.97 3.93 -56.10
N ARG C 1342 -39.77 2.77 -56.70
CA ARG C 1342 -40.13 2.53 -58.08
C ARG C 1342 -41.07 1.34 -58.28
N PRO C 1343 -42.38 1.59 -58.14
CA PRO C 1343 -43.46 0.61 -58.08
C PRO C 1343 -43.38 -0.49 -59.11
N THR C 1344 -43.08 -0.19 -60.36
CA THR C 1344 -43.17 -1.24 -61.37
C THR C 1344 -41.83 -1.60 -61.97
N SER C 1345 -40.80 -0.92 -61.47
CA SER C 1345 -39.46 -1.00 -62.01
C SER C 1345 -38.92 -2.39 -62.03
N THR C 1346 -37.82 -2.60 -62.74
CA THR C 1346 -37.17 -3.90 -62.76
C THR C 1346 -36.38 -3.99 -61.47
N THR C 1347 -35.81 -2.86 -61.08
CA THR C 1347 -34.91 -2.78 -59.96
C THR C 1347 -35.66 -2.71 -58.62
N ARG C 1348 -36.99 -2.67 -58.66
CA ARG C 1348 -37.80 -2.56 -57.45
C ARG C 1348 -37.43 -3.68 -56.49
N ASN C 1349 -37.19 -3.32 -55.22
CA ASN C 1349 -36.76 -4.32 -54.24
C ASN C 1349 -37.64 -4.37 -53.00
N GLY C 1350 -37.97 -3.22 -52.46
CA GLY C 1350 -38.79 -3.19 -51.26
C GLY C 1350 -39.53 -1.89 -51.17
N PHE C 1351 -40.48 -1.80 -50.24
CA PHE C 1351 -41.32 -0.62 -50.16
C PHE C 1351 -40.73 0.47 -49.29
N MET C 1352 -41.37 1.63 -49.31
CA MET C 1352 -40.93 2.76 -48.53
C MET C 1352 -41.88 3.10 -47.39
N GLU C 1353 -41.32 3.21 -46.18
CA GLU C 1353 -42.07 3.63 -45.01
C GLU C 1353 -42.56 5.06 -45.22
N SER C 1354 -43.74 5.37 -44.72
CA SER C 1354 -44.24 6.72 -44.81
C SER C 1354 -45.29 6.88 -43.72
N GLN C 1355 -45.84 8.08 -43.56
CA GLN C 1355 -46.71 8.33 -42.43
C GLN C 1355 -47.86 9.23 -42.82
N GLY C 1356 -48.88 9.33 -41.98
CA GLY C 1356 -49.97 10.24 -42.24
C GLY C 1356 -51.32 9.53 -42.33
N CYS C 1357 -52.38 10.28 -42.59
CA CYS C 1357 -53.67 9.65 -42.84
C CYS C 1357 -54.35 10.23 -44.06
N GLY C 1358 -55.54 9.71 -44.33
CA GLY C 1358 -56.34 10.15 -45.45
C GLY C 1358 -57.78 9.90 -45.12
N VAL C 1359 -58.64 10.86 -45.44
CA VAL C 1359 -60.05 10.73 -45.13
C VAL C 1359 -60.92 11.20 -46.28
N GLN C 1360 -62.08 10.55 -46.40
CA GLN C 1360 -63.14 11.00 -47.27
C GLN C 1360 -64.42 10.95 -46.46
N VAL C 1361 -65.25 11.97 -46.58
CA VAL C 1361 -66.59 11.87 -46.00
C VAL C 1361 -67.50 11.31 -47.08
N ILE C 1362 -68.47 10.48 -46.68
CA ILE C 1362 -69.41 9.82 -47.61
C ILE C 1362 -70.86 9.96 -47.19
N MET C 1363 -71.74 10.02 -48.19
CA MET C 1363 -73.16 10.23 -47.98
C MET C 1363 -74.01 9.46 -48.99
N THR C 1364 -75.31 9.39 -48.72
CA THR C 1364 -76.25 8.95 -49.73
C THR C 1364 -76.33 10.07 -50.73
N ALA C 1365 -76.42 9.74 -52.01
CA ALA C 1365 -76.58 10.76 -53.03
C ALA C 1365 -77.74 11.68 -52.69
N GLN C 1366 -78.83 11.09 -52.20
CA GLN C 1366 -80.00 11.87 -51.82
C GLN C 1366 -79.64 12.98 -50.84
N LEU C 1367 -79.13 12.60 -49.66
CA LEU C 1367 -78.72 13.57 -48.66
C LEU C 1367 -77.70 14.55 -49.23
N ALA C 1368 -76.85 14.09 -50.14
CA ALA C 1368 -75.85 14.93 -50.79
C ALA C 1368 -76.50 16.06 -51.54
N LEU C 1369 -77.41 15.70 -52.43
CA LEU C 1369 -78.07 16.67 -53.29
C LEU C 1369 -78.97 17.58 -52.47
N GLU C 1370 -79.62 17.00 -51.47
CA GLU C 1370 -80.51 17.76 -50.61
C GLU C 1370 -79.74 18.83 -49.85
N MET C 1371 -78.57 18.45 -49.33
CA MET C 1371 -77.73 19.39 -48.61
C MET C 1371 -77.17 20.41 -49.60
N GLY C 1372 -76.64 19.90 -50.71
CA GLY C 1372 -76.06 20.75 -51.72
C GLY C 1372 -74.57 20.79 -51.51
N VAL C 1373 -73.99 19.62 -51.34
CA VAL C 1373 -72.56 19.51 -51.12
C VAL C 1373 -71.91 18.95 -52.36
N PRO C 1374 -70.63 19.28 -52.56
CA PRO C 1374 -69.85 18.84 -53.72
C PRO C 1374 -69.92 17.34 -53.90
N ILE C 1375 -69.78 16.83 -55.12
CA ILE C 1375 -69.72 15.39 -55.30
C ILE C 1375 -68.54 14.95 -56.16
N TYR C 1376 -67.59 14.28 -55.53
CA TYR C 1376 -66.33 13.95 -56.17
C TYR C 1376 -66.41 12.66 -56.95
N GLY C 1377 -67.35 11.81 -56.55
CA GLY C 1377 -67.55 10.53 -57.21
C GLY C 1377 -68.59 9.61 -56.57
N ILE C 1378 -68.87 8.52 -57.27
CA ILE C 1378 -69.82 7.53 -56.80
C ILE C 1378 -69.06 6.30 -56.38
N VAL C 1379 -69.19 5.91 -55.11
CA VAL C 1379 -68.62 4.64 -54.73
C VAL C 1379 -69.49 3.56 -55.34
N ALA C 1380 -69.03 3.03 -56.47
CA ALA C 1380 -69.82 2.09 -57.24
C ALA C 1380 -69.81 0.70 -56.60
N MET C 1381 -68.70 0.36 -55.98
CA MET C 1381 -68.55 -0.95 -55.41
C MET C 1381 -67.39 -0.96 -54.45
N THR C 1382 -67.47 -1.84 -53.46
CA THR C 1382 -66.36 -2.12 -52.56
C THR C 1382 -66.44 -3.59 -52.22
N SER C 1383 -65.32 -4.18 -51.81
CA SER C 1383 -65.32 -5.53 -51.26
C SER C 1383 -63.96 -5.95 -50.71
N THR C 1384 -63.99 -6.91 -49.79
CA THR C 1384 -62.77 -7.45 -49.19
C THR C 1384 -62.65 -8.95 -49.47
N ALA C 1385 -61.43 -9.45 -49.56
CA ALA C 1385 -61.22 -10.81 -50.03
C ALA C 1385 -60.01 -11.47 -49.42
N THR C 1386 -60.22 -12.67 -48.91
CA THR C 1386 -59.16 -13.48 -48.37
C THR C 1386 -58.66 -14.39 -49.48
N ASP C 1387 -57.43 -14.85 -49.38
CA ASP C 1387 -56.92 -15.74 -50.40
C ASP C 1387 -57.07 -17.20 -49.93
N LYS C 1388 -56.26 -18.12 -50.46
CA LYS C 1388 -56.33 -19.54 -50.10
C LYS C 1388 -55.64 -19.91 -48.79
N ILE C 1389 -55.52 -21.21 -48.55
CA ILE C 1389 -54.78 -21.71 -47.41
C ILE C 1389 -53.29 -21.49 -47.65
N GLY C 1390 -52.58 -21.09 -46.61
CA GLY C 1390 -51.15 -20.85 -46.73
C GLY C 1390 -50.45 -20.89 -45.40
N ARG C 1391 -49.19 -20.46 -45.37
CA ARG C 1391 -48.48 -20.26 -44.11
C ARG C 1391 -47.72 -18.94 -44.11
N SER C 1392 -47.59 -18.32 -45.28
CA SER C 1392 -46.96 -17.00 -45.38
C SER C 1392 -48.00 -15.92 -45.16
N VAL C 1393 -47.99 -15.34 -43.96
CA VAL C 1393 -48.95 -14.31 -43.59
C VAL C 1393 -48.90 -13.07 -44.49
N PRO C 1394 -47.68 -12.59 -44.78
CA PRO C 1394 -47.55 -11.34 -45.52
C PRO C 1394 -47.82 -11.50 -47.02
N ALA C 1395 -47.88 -12.72 -47.51
CA ALA C 1395 -48.03 -12.95 -48.95
C ALA C 1395 -49.31 -12.35 -49.53
N PRO C 1396 -49.23 -11.85 -50.78
CA PRO C 1396 -50.39 -11.28 -51.48
C PRO C 1396 -50.99 -12.38 -52.32
N GLY C 1397 -52.31 -12.47 -52.32
CA GLY C 1397 -53.00 -13.50 -53.07
C GLY C 1397 -54.00 -12.90 -54.03
N GLN C 1398 -54.78 -13.77 -54.66
CA GLN C 1398 -55.71 -13.31 -55.66
C GLN C 1398 -57.16 -13.47 -55.22
N GLY C 1399 -57.42 -13.21 -53.94
CA GLY C 1399 -58.78 -13.29 -53.45
C GLY C 1399 -59.60 -12.30 -54.22
N VAL C 1400 -58.99 -11.14 -54.48
CA VAL C 1400 -59.67 -10.01 -55.11
C VAL C 1400 -60.16 -10.29 -56.53
N LEU C 1401 -59.64 -11.36 -57.12
CA LEU C 1401 -60.02 -11.75 -58.45
C LEU C 1401 -61.51 -12.03 -58.52
N THR C 1402 -62.05 -12.59 -57.44
CA THR C 1402 -63.42 -13.04 -57.39
C THR C 1402 -64.48 -11.93 -57.32
N THR C 1403 -64.10 -10.70 -57.62
CA THR C 1403 -65.10 -9.65 -57.74
C THR C 1403 -65.42 -9.49 -59.18
N ALA C 1404 -64.96 -10.46 -59.96
CA ALA C 1404 -65.22 -10.51 -61.38
C ALA C 1404 -65.73 -11.91 -61.70
N ARG C 1405 -66.07 -12.64 -60.65
CA ARG C 1405 -66.60 -13.96 -60.84
C ARG C 1405 -67.95 -13.82 -61.53
N GLU C 1406 -68.18 -14.70 -62.49
CA GLU C 1406 -69.40 -14.67 -63.28
C GLU C 1406 -69.39 -15.88 -64.21
N LYS C 1407 -70.52 -16.58 -64.28
CA LYS C 1407 -70.72 -17.60 -65.31
C LYS C 1407 -71.77 -17.12 -66.29
N SER C 1408 -71.33 -16.81 -67.49
CA SER C 1408 -72.19 -16.18 -68.47
C SER C 1408 -72.81 -17.23 -69.39
N GLY C 1409 -74.12 -17.28 -69.42
CA GLY C 1409 -74.84 -18.13 -70.36
C GLY C 1409 -74.63 -17.64 -71.79
N ASN C 1410 -75.13 -18.38 -72.78
CA ASN C 1410 -74.95 -18.00 -74.18
C ASN C 1410 -75.38 -16.57 -74.44
N PHE C 1411 -76.37 -16.11 -73.69
CA PHE C 1411 -76.86 -14.76 -73.82
C PHE C 1411 -76.73 -14.00 -72.51
N PRO C 1412 -76.34 -12.73 -72.61
CA PRO C 1412 -76.24 -11.80 -71.47
C PRO C 1412 -77.56 -11.69 -70.73
N SER C 1413 -77.50 -11.67 -69.39
CA SER C 1413 -78.69 -11.41 -68.61
C SER C 1413 -79.38 -10.16 -69.13
N PRO C 1414 -80.70 -10.22 -69.28
CA PRO C 1414 -81.54 -9.08 -69.65
C PRO C 1414 -81.15 -7.84 -68.86
N LEU C 1415 -80.88 -8.05 -67.58
CA LEU C 1415 -80.69 -6.96 -66.66
C LEU C 1415 -79.52 -6.05 -67.02
N LEU C 1416 -78.52 -6.60 -67.69
CA LEU C 1416 -77.38 -5.81 -68.12
C LEU C 1416 -77.85 -4.69 -69.07
N ASP C 1417 -78.92 -4.97 -69.80
CA ASP C 1417 -79.53 -3.99 -70.70
C ASP C 1417 -80.42 -3.02 -69.92
N ILE C 1418 -80.09 -1.73 -69.98
CA ILE C 1418 -80.79 -0.76 -69.13
C ILE C 1418 -82.25 -0.60 -69.49
N LYS C 1419 -82.58 -0.80 -70.76
CA LYS C 1419 -83.95 -0.59 -71.24
C LYS C 1419 -84.88 -1.64 -70.68
N TYR C 1420 -84.40 -2.88 -70.57
CA TYR C 1420 -85.18 -3.94 -69.96
C TYR C 1420 -85.50 -3.53 -68.52
N ARG C 1421 -84.50 -3.00 -67.82
CA ARG C 1421 -84.71 -2.57 -66.45
C ARG C 1421 -85.67 -1.39 -66.43
N ARG C 1422 -85.60 -0.56 -67.48
CA ARG C 1422 -86.54 0.53 -67.67
C ARG C 1422 -87.95 0.00 -67.69
N ARG C 1423 -88.22 -0.90 -68.64
CA ARG C 1423 -89.52 -1.52 -68.77
C ARG C 1423 -89.99 -1.96 -67.40
N GLN C 1424 -89.27 -2.93 -66.85
CA GLN C 1424 -89.62 -3.56 -65.59
C GLN C 1424 -89.86 -2.57 -64.46
N LEU C 1425 -89.11 -1.48 -64.47
CA LEU C 1425 -89.24 -0.45 -63.44
C LEU C 1425 -90.55 0.32 -63.59
N GLU C 1426 -90.74 0.94 -64.75
CA GLU C 1426 -91.95 1.72 -64.97
C GLU C 1426 -93.16 0.82 -65.03
N LEU C 1427 -92.91 -0.45 -65.31
CA LEU C 1427 -93.93 -1.48 -65.19
C LEU C 1427 -94.41 -1.54 -63.74
N ARG C 1428 -93.46 -1.66 -62.82
CA ARG C 1428 -93.79 -1.69 -61.39
C ARG C 1428 -94.26 -0.31 -60.92
N ARG C 1429 -93.94 0.73 -61.67
CA ARG C 1429 -94.34 2.07 -61.27
C ARG C 1429 -95.83 2.24 -61.45
N GLN C 1430 -96.32 1.70 -62.57
CA GLN C 1430 -97.74 1.64 -62.86
C GLN C 1430 -98.39 0.73 -61.83
N GLN C 1431 -97.93 -0.52 -61.82
CA GLN C 1431 -98.37 -1.52 -60.87
C GLN C 1431 -98.50 -0.94 -59.47
N ILE C 1432 -97.69 0.06 -59.18
CA ILE C 1432 -97.68 0.70 -57.88
C ILE C 1432 -98.73 1.80 -57.80
N LYS C 1433 -98.79 2.61 -58.85
CA LYS C 1433 -99.79 3.68 -58.95
C LYS C 1433 -101.21 3.18 -58.72
N GLN C 1434 -101.50 1.97 -59.22
CA GLN C 1434 -102.84 1.41 -59.14
C GLN C 1434 -103.12 0.83 -57.76
N TRP C 1435 -102.09 0.28 -57.15
CA TRP C 1435 -102.16 -0.12 -55.76
C TRP C 1435 -102.53 1.08 -54.90
N LYS C 1436 -101.92 2.23 -55.22
CA LYS C 1436 -102.11 3.44 -54.45
C LYS C 1436 -103.59 3.78 -54.31
N GLU C 1437 -104.30 3.88 -55.43
CA GLU C 1437 -105.74 4.14 -55.41
C GLU C 1437 -106.47 3.02 -54.67
N SER C 1438 -106.25 1.80 -55.13
CA SER C 1438 -106.88 0.61 -54.55
C SER C 1438 -106.83 0.59 -53.01
N GLU C 1439 -105.78 1.18 -52.45
CA GLU C 1439 -105.62 1.23 -51.00
C GLU C 1439 -106.44 2.36 -50.40
N TYR C 1440 -106.60 3.45 -51.14
CA TYR C 1440 -107.48 4.54 -50.71
C TYR C 1440 -108.90 4.03 -50.56
N LEU C 1441 -109.30 3.14 -51.46
CA LEU C 1441 -110.58 2.44 -51.38
C LEU C 1441 -110.67 1.64 -50.09
N TYR C 1442 -109.76 0.68 -49.94
CA TYR C 1442 -109.77 -0.23 -48.80
C TYR C 1442 -109.81 0.54 -47.50
N LEU C 1443 -109.05 1.62 -47.43
CA LEU C 1443 -108.92 2.40 -46.21
C LEU C 1443 -110.12 3.33 -46.07
N GLN C 1444 -110.90 3.41 -47.14
CA GLN C 1444 -112.11 4.22 -47.17
C GLN C 1444 -113.27 3.42 -46.62
N GLU C 1445 -113.41 2.20 -47.09
CA GLU C 1445 -114.45 1.30 -46.63
C GLU C 1445 -114.25 1.00 -45.16
N GLU C 1446 -113.00 0.72 -44.79
CA GLU C 1446 -112.61 0.43 -43.42
C GLU C 1446 -112.88 1.61 -42.46
N VAL C 1447 -112.84 2.84 -42.96
CA VAL C 1447 -113.20 4.00 -42.14
C VAL C 1447 -114.64 3.87 -41.66
N ALA C 1448 -115.56 3.87 -42.62
CA ALA C 1448 -116.97 3.69 -42.34
C ALA C 1448 -117.27 2.35 -41.66
N ALA C 1449 -116.47 1.32 -41.97
CA ALA C 1449 -116.64 -0.03 -41.42
C ALA C 1449 -116.38 -0.10 -39.91
N ILE C 1450 -115.55 0.82 -39.39
CA ILE C 1450 -115.22 0.86 -37.96
C ILE C 1450 -116.18 1.74 -37.18
N LYS C 1451 -116.96 2.56 -37.89
CA LYS C 1451 -118.01 3.37 -37.29
C LYS C 1451 -119.19 2.50 -36.82
N SER C 1452 -119.50 1.46 -37.59
CA SER C 1452 -120.61 0.57 -37.27
C SER C 1452 -120.26 -0.51 -36.23
N GLN C 1453 -118.99 -0.56 -35.84
CA GLN C 1453 -118.54 -1.50 -34.79
C GLN C 1453 -118.26 -0.74 -33.49
N ARG C 1454 -118.80 0.47 -33.41
CA ARG C 1454 -118.51 1.40 -32.33
C ARG C 1454 -119.59 1.37 -31.25
N SER C 1455 -119.20 0.91 -30.07
CA SER C 1455 -120.04 1.02 -28.88
C SER C 1455 -119.98 2.48 -28.39
N GLU C 1456 -120.93 2.86 -27.53
CA GLU C 1456 -121.01 4.24 -27.03
C GLU C 1456 -120.12 4.44 -25.81
N GLU C 1457 -119.60 3.32 -25.29
CA GLU C 1457 -118.62 3.33 -24.20
C GLU C 1457 -117.19 3.41 -24.75
N ASP C 1458 -117.06 3.22 -26.06
CA ASP C 1458 -115.79 3.36 -26.77
C ASP C 1458 -115.56 4.82 -27.15
N GLY C 1459 -114.30 5.25 -27.10
CA GLY C 1459 -113.94 6.61 -27.48
C GLY C 1459 -114.15 6.87 -28.97
N PRO C 1460 -114.75 8.02 -29.31
CA PRO C 1460 -115.01 8.45 -30.69
C PRO C 1460 -113.73 8.48 -31.56
N PHE C 1461 -113.90 8.27 -32.86
CA PHE C 1461 -112.77 8.34 -33.80
C PHE C 1461 -112.66 9.72 -34.45
N ASP C 1462 -111.48 10.32 -34.36
CA ASP C 1462 -111.22 11.53 -35.11
C ASP C 1462 -110.95 11.08 -36.52
N GLU C 1463 -111.98 11.14 -37.35
CA GLU C 1463 -111.79 10.80 -38.74
C GLU C 1463 -110.68 11.67 -39.32
N THR C 1464 -110.74 12.97 -39.03
CA THR C 1464 -109.73 13.91 -39.54
C THR C 1464 -108.32 13.43 -39.18
N ALA C 1465 -108.15 12.99 -37.93
CA ALA C 1465 -106.88 12.44 -37.46
C ALA C 1465 -106.58 11.10 -38.15
N TYR C 1466 -107.39 10.09 -37.83
CA TYR C 1466 -107.23 8.76 -38.39
C TYR C 1466 -107.06 8.78 -39.91
N LEU C 1467 -107.88 9.58 -40.58
CA LEU C 1467 -107.80 9.68 -42.04
C LEU C 1467 -106.47 10.27 -42.48
N ARG C 1468 -106.07 11.36 -41.84
CA ARG C 1468 -104.78 11.96 -42.10
C ARG C 1468 -103.67 10.92 -42.06
N GLU C 1469 -103.35 10.46 -40.85
CA GLU C 1469 -102.26 9.49 -40.65
C GLU C 1469 -102.29 8.41 -41.72
N ARG C 1470 -103.48 7.91 -42.00
CA ARG C 1470 -103.67 6.78 -42.91
C ARG C 1470 -103.39 7.10 -44.38
N THR C 1471 -103.81 8.27 -44.85
CA THR C 1471 -103.47 8.68 -46.22
C THR C 1471 -101.97 8.95 -46.31
N GLU C 1472 -101.49 9.85 -45.45
CA GLU C 1472 -100.06 10.18 -45.35
C GLU C 1472 -99.25 8.89 -45.42
N HIS C 1473 -99.75 7.87 -44.72
CA HIS C 1473 -99.12 6.56 -44.68
C HIS C 1473 -99.14 5.88 -46.05
N ILE C 1474 -100.28 5.93 -46.72
CA ILE C 1474 -100.36 5.31 -48.03
C ILE C 1474 -99.44 6.04 -48.98
N GLU C 1475 -99.33 7.35 -48.79
CA GLU C 1475 -98.40 8.16 -49.55
C GLU C 1475 -96.97 7.70 -49.33
N ARG C 1476 -96.54 7.71 -48.07
CA ARG C 1476 -95.24 7.19 -47.70
C ARG C 1476 -95.02 5.81 -48.31
N GLU C 1477 -95.91 4.89 -47.96
CA GLU C 1477 -95.81 3.50 -48.37
C GLU C 1477 -95.75 3.38 -49.90
N ALA C 1478 -96.31 4.37 -50.57
CA ALA C 1478 -96.24 4.44 -52.03
C ALA C 1478 -94.82 4.74 -52.44
N ARG C 1479 -94.33 5.90 -52.03
CA ARG C 1479 -92.96 6.31 -52.30
C ARG C 1479 -92.01 5.20 -51.91
N ARG C 1480 -92.24 4.63 -50.73
CA ARG C 1480 -91.40 3.56 -50.21
C ARG C 1480 -91.33 2.48 -51.26
N GLN C 1481 -92.49 2.05 -51.72
CA GLN C 1481 -92.56 0.98 -52.71
C GLN C 1481 -91.88 1.39 -54.01
N GLU C 1482 -91.96 2.68 -54.34
CA GLU C 1482 -91.34 3.20 -55.55
C GLU C 1482 -89.85 3.02 -55.51
N ALA C 1483 -89.22 3.75 -54.60
CA ALA C 1483 -87.79 3.69 -54.41
C ALA C 1483 -87.31 2.25 -54.27
N GLU C 1484 -88.16 1.41 -53.67
CA GLU C 1484 -87.81 0.01 -53.44
C GLU C 1484 -87.69 -0.79 -54.74
N ALA C 1485 -88.62 -0.54 -55.66
CA ALA C 1485 -88.53 -1.15 -56.99
C ALA C 1485 -87.38 -0.54 -57.77
N GLN C 1486 -87.16 0.75 -57.53
CA GLN C 1486 -86.05 1.48 -58.11
C GLN C 1486 -84.76 0.79 -57.68
N THR C 1487 -84.71 0.41 -56.41
CA THR C 1487 -83.59 -0.31 -55.84
C THR C 1487 -83.32 -1.59 -56.59
N SER C 1488 -84.37 -2.38 -56.77
CA SER C 1488 -84.23 -3.72 -57.33
C SER C 1488 -83.97 -3.75 -58.82
N PHE C 1489 -84.03 -2.58 -59.46
CA PHE C 1489 -83.88 -2.54 -60.91
C PHE C 1489 -82.75 -1.62 -61.40
N GLY C 1490 -82.19 -0.83 -60.50
CA GLY C 1490 -81.08 0.02 -60.85
C GLY C 1490 -79.90 -0.27 -59.96
N ASN C 1491 -80.13 -0.26 -58.66
CA ASN C 1491 -79.04 -0.34 -57.69
C ASN C 1491 -78.54 -1.75 -57.45
N GLU C 1492 -79.45 -2.61 -57.01
CA GLU C 1492 -79.08 -3.93 -56.50
C GLU C 1492 -79.46 -5.12 -57.40
N PHE C 1493 -79.70 -4.87 -58.68
CA PHE C 1493 -80.17 -5.94 -59.56
C PHE C 1493 -79.11 -7.04 -59.77
N TRP C 1494 -77.87 -6.74 -59.42
CA TRP C 1494 -76.78 -7.68 -59.63
C TRP C 1494 -76.44 -8.42 -58.35
N ARG C 1495 -77.23 -8.18 -57.30
CA ARG C 1495 -76.96 -8.71 -55.95
C ARG C 1495 -77.07 -10.22 -55.88
N ARG C 1496 -75.94 -10.89 -55.96
CA ARG C 1496 -75.89 -12.34 -55.82
C ARG C 1496 -76.28 -13.05 -57.12
N ASP C 1497 -76.27 -12.32 -58.24
CA ASP C 1497 -76.54 -12.94 -59.54
C ASP C 1497 -75.32 -13.72 -60.05
N SER C 1498 -75.48 -15.04 -60.14
CA SER C 1498 -74.45 -15.91 -60.68
C SER C 1498 -73.98 -15.51 -62.08
N ARG C 1499 -74.79 -14.71 -62.77
CA ARG C 1499 -74.54 -14.41 -64.18
C ARG C 1499 -74.09 -12.97 -64.35
N ILE C 1500 -73.76 -12.32 -63.25
CA ILE C 1500 -73.26 -10.96 -63.30
C ILE C 1500 -72.15 -10.74 -62.29
N ALA C 1501 -70.94 -10.51 -62.78
CA ALA C 1501 -69.84 -10.17 -61.90
C ALA C 1501 -70.15 -8.86 -61.20
N PRO C 1502 -69.89 -8.78 -59.88
CA PRO C 1502 -70.22 -7.59 -59.09
C PRO C 1502 -69.63 -6.36 -59.75
N LEU C 1503 -68.49 -6.54 -60.42
CA LEU C 1503 -67.85 -5.49 -61.17
C LEU C 1503 -68.74 -5.00 -62.30
N ARG C 1504 -69.20 -5.95 -63.11
CA ARG C 1504 -70.20 -5.69 -64.16
C ARG C 1504 -71.33 -4.93 -63.56
N GLY C 1505 -71.98 -5.58 -62.60
CA GLY C 1505 -73.15 -5.05 -61.95
C GLY C 1505 -72.95 -3.59 -61.63
N ALA C 1506 -72.11 -3.34 -60.64
CA ALA C 1506 -71.92 -1.98 -60.16
C ALA C 1506 -71.75 -0.99 -61.32
N LEU C 1507 -71.01 -1.41 -62.35
CA LEU C 1507 -70.73 -0.58 -63.51
C LEU C 1507 -71.95 -0.40 -64.39
N ALA C 1508 -72.59 -1.51 -64.72
CA ALA C 1508 -73.75 -1.50 -65.60
C ALA C 1508 -74.89 -0.66 -65.03
N THR C 1509 -75.00 -0.57 -63.72
CA THR C 1509 -76.11 0.19 -63.12
C THR C 1509 -76.04 1.68 -63.44
N TRP C 1510 -74.94 2.12 -64.06
CA TRP C 1510 -74.75 3.52 -64.44
C TRP C 1510 -74.58 3.60 -65.95
N GLY C 1511 -74.80 2.46 -66.58
CA GLY C 1511 -74.78 2.38 -68.04
C GLY C 1511 -73.38 2.26 -68.58
N LEU C 1512 -72.58 1.42 -67.94
CA LEU C 1512 -71.18 1.30 -68.30
C LEU C 1512 -70.74 -0.16 -68.31
N THR C 1513 -69.74 -0.47 -69.14
CA THR C 1513 -69.13 -1.79 -69.13
C THR C 1513 -67.66 -1.69 -68.77
N ILE C 1514 -67.01 -2.84 -68.71
CA ILE C 1514 -65.62 -2.88 -68.27
C ILE C 1514 -64.78 -2.00 -69.16
N ASP C 1515 -65.23 -1.78 -70.39
CA ASP C 1515 -64.47 -0.94 -71.31
C ASP C 1515 -64.43 0.55 -70.91
N ASP C 1516 -65.40 0.98 -70.10
CA ASP C 1516 -65.44 2.35 -69.62
C ASP C 1516 -64.49 2.59 -68.46
N LEU C 1517 -64.07 1.51 -67.81
CA LEU C 1517 -63.16 1.55 -66.67
C LEU C 1517 -61.81 2.04 -67.18
N GLY C 1518 -61.48 3.31 -66.90
CA GLY C 1518 -60.33 3.94 -67.53
C GLY C 1518 -59.00 3.83 -66.80
N VAL C 1519 -59.00 4.19 -65.53
CA VAL C 1519 -57.78 4.19 -64.76
C VAL C 1519 -57.86 3.19 -63.64
N ALA C 1520 -56.78 2.44 -63.43
CA ALA C 1520 -56.66 1.59 -62.24
C ALA C 1520 -55.52 2.10 -61.36
N SER C 1521 -55.84 2.52 -60.14
CA SER C 1521 -54.81 2.91 -59.19
C SER C 1521 -54.32 1.67 -58.46
N PHE C 1522 -53.02 1.44 -58.52
CA PHE C 1522 -52.43 0.23 -57.97
C PHE C 1522 -51.85 0.53 -56.60
N HIS C 1523 -51.92 -0.47 -55.73
CA HIS C 1523 -51.19 -0.50 -54.48
C HIS C 1523 -49.74 -0.28 -54.83
N GLY C 1524 -49.22 -1.15 -55.69
CA GLY C 1524 -47.91 -1.00 -56.29
C GLY C 1524 -46.92 -0.45 -55.30
N THR C 1525 -46.45 -1.30 -54.41
CA THR C 1525 -45.64 -0.85 -53.30
C THR C 1525 -44.15 -0.99 -53.56
N SER C 1526 -43.79 -1.26 -54.80
CA SER C 1526 -42.39 -1.32 -55.18
C SER C 1526 -41.72 -2.56 -54.62
N THR C 1527 -42.53 -3.48 -54.11
CA THR C 1527 -42.03 -4.80 -53.69
C THR C 1527 -42.06 -5.74 -54.89
N VAL C 1528 -41.25 -6.78 -54.84
CA VAL C 1528 -41.10 -7.62 -56.01
C VAL C 1528 -42.41 -8.25 -56.41
N ALA C 1529 -43.07 -8.89 -55.46
CA ALA C 1529 -44.26 -9.72 -55.74
C ALA C 1529 -45.58 -8.96 -55.83
N ASN C 1530 -45.78 -7.95 -54.99
CA ASN C 1530 -47.04 -7.20 -54.98
C ASN C 1530 -47.38 -6.52 -56.30
N ASP C 1531 -46.38 -6.38 -57.16
CA ASP C 1531 -46.58 -5.64 -58.39
C ASP C 1531 -46.86 -6.57 -59.55
N LYS C 1532 -46.23 -7.74 -59.56
CA LYS C 1532 -46.65 -8.82 -60.46
C LYS C 1532 -48.11 -9.13 -60.19
N ASN C 1533 -48.37 -9.60 -58.98
CA ASN C 1533 -49.67 -9.99 -58.52
C ASN C 1533 -50.78 -9.00 -58.87
N GLU C 1534 -50.60 -7.74 -58.51
CA GLU C 1534 -51.62 -6.72 -58.74
C GLU C 1534 -52.01 -6.65 -60.21
N SER C 1535 -51.02 -6.44 -61.06
CA SER C 1535 -51.27 -6.47 -62.48
C SER C 1535 -52.03 -7.75 -62.82
N ASP C 1536 -51.44 -8.90 -62.51
CA ASP C 1536 -52.08 -10.19 -62.77
C ASP C 1536 -53.55 -10.27 -62.34
N VAL C 1537 -53.88 -9.73 -61.18
CA VAL C 1537 -55.26 -9.82 -60.73
C VAL C 1537 -56.14 -8.88 -61.55
N ILE C 1538 -55.83 -7.60 -61.53
CA ILE C 1538 -56.61 -6.65 -62.31
C ILE C 1538 -56.71 -7.04 -63.78
N CYS C 1539 -55.69 -7.69 -64.29
CA CYS C 1539 -55.69 -8.15 -65.68
C CYS C 1539 -56.72 -9.28 -65.88
N GLN C 1540 -56.53 -10.41 -65.19
CA GLN C 1540 -57.47 -11.54 -65.25
C GLN C 1540 -58.89 -11.05 -65.10
N GLN C 1541 -59.08 -10.15 -64.14
CA GLN C 1541 -60.36 -9.52 -63.91
C GLN C 1541 -60.92 -8.96 -65.20
N LEU C 1542 -60.21 -7.99 -65.78
CA LEU C 1542 -60.64 -7.34 -67.00
C LEU C 1542 -60.88 -8.34 -68.10
N LYS C 1543 -59.93 -9.25 -68.30
CA LYS C 1543 -60.05 -10.23 -69.37
C LYS C 1543 -61.33 -11.02 -69.26
N HIS C 1544 -61.42 -11.84 -68.21
CA HIS C 1544 -62.58 -12.71 -68.02
C HIS C 1544 -63.92 -11.97 -68.05
N LEU C 1545 -63.93 -10.68 -67.70
CA LEU C 1545 -65.18 -9.94 -67.76
C LEU C 1545 -65.57 -9.59 -69.18
N GLY C 1546 -64.57 -9.48 -70.07
CA GLY C 1546 -64.82 -9.25 -71.47
C GLY C 1546 -64.11 -8.07 -72.10
N ARG C 1547 -63.40 -7.31 -71.28
CA ARG C 1547 -62.60 -6.17 -71.75
C ARG C 1547 -62.06 -6.43 -73.15
N THR C 1548 -62.34 -5.52 -74.08
CA THR C 1548 -62.03 -5.78 -75.48
C THR C 1548 -60.56 -5.54 -75.81
N LYS C 1549 -59.92 -6.55 -76.39
CA LYS C 1549 -58.48 -6.53 -76.64
C LYS C 1549 -57.99 -5.24 -77.26
N GLY C 1550 -56.93 -4.69 -76.69
CA GLY C 1550 -56.43 -3.41 -77.15
C GLY C 1550 -56.83 -2.23 -76.26
N ASN C 1551 -57.84 -2.41 -75.43
CA ASN C 1551 -58.23 -1.34 -74.53
C ASN C 1551 -57.57 -1.46 -73.18
N ALA C 1552 -56.49 -0.72 -72.97
CA ALA C 1552 -55.72 -0.84 -71.74
C ALA C 1552 -56.21 0.15 -70.71
N VAL C 1553 -55.95 -0.16 -69.44
CA VAL C 1553 -56.22 0.76 -68.35
C VAL C 1553 -54.96 1.50 -67.97
N LEU C 1554 -55.09 2.81 -67.82
CA LEU C 1554 -53.98 3.62 -67.39
C LEU C 1554 -53.72 3.23 -65.94
N GLY C 1555 -52.49 2.81 -65.66
CA GLY C 1555 -52.11 2.37 -64.33
C GLY C 1555 -51.33 3.38 -63.52
N ILE C 1556 -51.90 3.74 -62.38
CA ILE C 1556 -51.29 4.69 -61.47
C ILE C 1556 -50.62 4.02 -60.26
N PHE C 1557 -49.50 4.57 -59.81
CA PHE C 1557 -48.77 4.01 -58.69
C PHE C 1557 -48.29 5.11 -57.76
N GLN C 1558 -49.19 5.64 -56.94
CA GLN C 1558 -48.92 6.84 -56.13
C GLN C 1558 -47.74 6.66 -55.19
N LYS C 1559 -47.45 5.42 -54.84
CA LYS C 1559 -46.43 5.16 -53.86
C LYS C 1559 -45.04 5.71 -54.23
N TYR C 1560 -44.73 5.78 -55.53
CA TYR C 1560 -43.44 6.35 -55.93
C TYR C 1560 -43.24 7.72 -55.30
N LEU C 1561 -44.32 8.44 -55.08
CA LEU C 1561 -44.24 9.84 -54.68
C LEU C 1561 -44.38 9.97 -53.20
N THR C 1562 -45.31 9.20 -52.65
CA THR C 1562 -45.71 9.36 -51.26
C THR C 1562 -45.07 8.34 -50.30
N GLY C 1563 -44.43 7.30 -50.82
CA GLY C 1563 -44.07 6.18 -49.97
C GLY C 1563 -45.33 5.46 -49.49
N HIS C 1564 -45.14 4.42 -48.69
CA HIS C 1564 -46.24 3.56 -48.26
C HIS C 1564 -46.64 3.83 -46.81
N PRO C 1565 -47.77 4.53 -46.59
CA PRO C 1565 -48.16 4.81 -45.22
C PRO C 1565 -48.92 3.64 -44.66
N LYS C 1566 -48.27 2.48 -44.59
CA LYS C 1566 -48.87 1.31 -43.96
C LYS C 1566 -50.40 1.33 -44.07
N GLY C 1567 -51.09 1.96 -43.12
CA GLY C 1567 -52.54 1.92 -43.10
C GLY C 1567 -53.32 2.85 -43.99
N ALA C 1568 -52.88 4.09 -44.09
CA ALA C 1568 -53.60 5.08 -44.85
C ALA C 1568 -53.35 4.95 -46.36
N ALA C 1569 -52.71 3.87 -46.78
CA ALA C 1569 -52.37 3.71 -48.19
C ALA C 1569 -53.58 3.95 -49.07
N GLY C 1570 -54.61 3.13 -48.87
CA GLY C 1570 -55.83 3.22 -49.65
C GLY C 1570 -56.46 4.60 -49.72
N ALA C 1571 -56.52 5.30 -48.61
CA ALA C 1571 -57.15 6.60 -48.59
C ALA C 1571 -56.47 7.56 -49.54
N TRP C 1572 -55.15 7.61 -49.49
CA TRP C 1572 -54.39 8.49 -50.38
C TRP C 1572 -54.71 8.17 -51.83
N MET C 1573 -54.70 6.89 -52.18
CA MET C 1573 -54.97 6.46 -53.54
C MET C 1573 -56.36 6.89 -53.98
N LEU C 1574 -57.34 6.64 -53.12
CA LEU C 1574 -58.72 7.01 -53.40
C LEU C 1574 -58.88 8.50 -53.69
N ASN C 1575 -58.11 9.31 -52.97
CA ASN C 1575 -58.12 10.74 -53.21
C ASN C 1575 -57.61 10.98 -54.61
N GLY C 1576 -56.53 10.30 -54.97
CA GLY C 1576 -55.92 10.48 -56.27
C GLY C 1576 -56.90 10.28 -57.39
N CYS C 1577 -57.65 9.19 -57.31
CA CYS C 1577 -58.62 8.86 -58.34
C CYS C 1577 -59.73 9.89 -58.43
N LEU C 1578 -60.37 10.18 -57.30
CA LEU C 1578 -61.40 11.21 -57.28
C LEU C 1578 -60.86 12.48 -57.95
N GLN C 1579 -59.54 12.67 -57.87
CA GLN C 1579 -58.91 13.86 -58.42
C GLN C 1579 -58.72 13.71 -59.92
N VAL C 1580 -58.31 12.52 -60.34
CA VAL C 1580 -58.20 12.21 -61.77
C VAL C 1580 -59.57 12.38 -62.35
N LEU C 1581 -60.57 11.78 -61.73
CA LEU C 1581 -61.96 11.90 -62.15
C LEU C 1581 -62.38 13.32 -62.44
N ASN C 1582 -61.89 14.26 -61.65
CA ASN C 1582 -62.34 15.64 -61.79
C ASN C 1582 -61.39 16.50 -62.61
N THR C 1583 -60.35 15.91 -63.17
CA THR C 1583 -59.42 16.69 -64.00
C THR C 1583 -59.15 16.05 -65.35
N GLY C 1584 -59.42 14.76 -65.47
CA GLY C 1584 -59.10 14.03 -66.67
C GLY C 1584 -57.60 13.89 -66.85
N ILE C 1585 -56.84 14.27 -65.82
CA ILE C 1585 -55.40 14.09 -65.86
C ILE C 1585 -55.05 12.79 -65.20
N VAL C 1586 -54.26 11.99 -65.87
CA VAL C 1586 -53.82 10.73 -65.28
C VAL C 1586 -52.34 10.83 -65.05
N PRO C 1587 -51.93 10.98 -63.79
CA PRO C 1587 -50.54 11.20 -63.37
C PRO C 1587 -49.66 10.05 -63.73
N GLY C 1588 -48.40 10.34 -63.98
CA GLY C 1588 -47.46 9.32 -64.42
C GLY C 1588 -46.57 8.90 -63.27
N ASN C 1589 -46.01 7.70 -63.39
CA ASN C 1589 -45.09 7.14 -62.43
C ASN C 1589 -43.64 7.59 -62.70
N ARG C 1590 -43.28 8.77 -62.21
CA ARG C 1590 -41.98 9.38 -62.54
C ARG C 1590 -40.82 8.43 -62.36
N ASN C 1591 -40.96 7.55 -61.39
CA ASN C 1591 -39.89 6.63 -61.03
C ASN C 1591 -39.94 5.32 -61.82
N ALA C 1592 -40.73 5.31 -62.88
CA ALA C 1592 -40.76 4.16 -63.77
C ALA C 1592 -39.48 4.07 -64.57
N ASP C 1593 -38.36 3.83 -63.89
CA ASP C 1593 -37.09 3.52 -64.54
C ASP C 1593 -37.36 2.83 -65.87
N ASN C 1594 -37.79 1.58 -65.75
CA ASN C 1594 -37.87 0.69 -66.88
C ASN C 1594 -38.74 -0.50 -66.50
N VAL C 1595 -39.99 -0.48 -66.94
CA VAL C 1595 -40.96 -1.44 -66.46
C VAL C 1595 -40.46 -2.86 -66.70
N ASP C 1596 -40.64 -3.69 -65.68
CA ASP C 1596 -40.20 -5.09 -65.70
C ASP C 1596 -40.79 -5.83 -66.91
N LYS C 1597 -39.94 -6.54 -67.66
CA LYS C 1597 -40.39 -7.35 -68.79
C LYS C 1597 -41.58 -8.24 -68.43
N VAL C 1598 -41.71 -8.59 -67.16
CA VAL C 1598 -42.80 -9.41 -66.69
C VAL C 1598 -44.14 -8.74 -66.99
N MET C 1599 -44.18 -7.42 -66.83
CA MET C 1599 -45.40 -6.65 -67.00
C MET C 1599 -45.87 -6.51 -68.46
N GLU C 1600 -45.15 -7.14 -69.38
CA GLU C 1600 -45.49 -7.04 -70.79
C GLU C 1600 -46.70 -7.91 -71.03
N GLN C 1601 -46.71 -9.08 -70.39
CA GLN C 1601 -47.78 -10.05 -70.56
C GLN C 1601 -49.14 -9.55 -70.10
N PHE C 1602 -49.19 -8.39 -69.47
CA PHE C 1602 -50.46 -7.85 -69.04
C PHE C 1602 -50.91 -6.82 -70.05
N ASP C 1603 -51.60 -7.31 -71.07
CA ASP C 1603 -52.02 -6.50 -72.21
C ASP C 1603 -52.86 -5.33 -71.76
N TYR C 1604 -53.75 -5.60 -70.81
CA TYR C 1604 -54.80 -4.65 -70.46
C TYR C 1604 -54.30 -3.48 -69.62
N ILE C 1605 -53.04 -3.54 -69.23
CA ILE C 1605 -52.48 -2.51 -68.40
C ILE C 1605 -51.36 -1.78 -69.12
N VAL C 1606 -51.44 -0.46 -69.14
CA VAL C 1606 -50.32 0.32 -69.64
C VAL C 1606 -49.79 1.30 -68.59
N TYR C 1607 -48.48 1.24 -68.35
CA TYR C 1607 -47.85 1.98 -67.25
C TYR C 1607 -47.21 3.28 -67.71
N PRO C 1608 -47.90 4.41 -67.47
CA PRO C 1608 -47.44 5.73 -67.93
C PRO C 1608 -46.36 6.29 -67.05
N SER C 1609 -45.24 6.72 -67.63
CA SER C 1609 -44.15 7.33 -66.89
C SER C 1609 -44.28 8.86 -66.87
N ARG C 1610 -45.30 9.38 -67.53
CA ARG C 1610 -45.59 10.80 -67.49
C ARG C 1610 -47.07 11.04 -67.53
N SER C 1611 -47.48 12.21 -67.08
CA SER C 1611 -48.90 12.52 -66.96
C SER C 1611 -49.57 12.64 -68.33
N ILE C 1612 -50.85 12.26 -68.40
CA ILE C 1612 -51.60 12.36 -69.66
C ILE C 1612 -52.95 13.05 -69.45
N LYS C 1613 -53.15 14.14 -70.16
CA LYS C 1613 -54.40 14.86 -70.10
C LYS C 1613 -55.32 14.25 -71.12
N THR C 1614 -56.50 13.86 -70.66
CA THR C 1614 -57.44 13.14 -71.51
C THR C 1614 -58.76 13.90 -71.67
N ASP C 1615 -59.63 13.37 -72.53
CA ASP C 1615 -60.95 13.95 -72.71
C ASP C 1615 -61.82 13.67 -71.51
N GLY C 1616 -61.43 12.69 -70.70
CA GLY C 1616 -62.10 12.41 -69.45
C GLY C 1616 -61.91 10.96 -69.05
N ILE C 1617 -62.17 10.65 -67.78
CA ILE C 1617 -62.19 9.26 -67.31
C ILE C 1617 -63.54 9.03 -66.68
N LYS C 1618 -64.12 7.85 -66.90
CA LYS C 1618 -65.48 7.57 -66.47
C LYS C 1618 -65.54 6.83 -65.14
N ALA C 1619 -64.74 5.79 -65.01
CA ALA C 1619 -64.70 5.01 -63.80
C ALA C 1619 -63.29 4.51 -63.53
N PHE C 1620 -62.97 4.33 -62.24
CA PHE C 1620 -61.64 3.88 -61.84
C PHE C 1620 -61.69 2.71 -60.88
N SER C 1621 -60.54 2.07 -60.70
CA SER C 1621 -60.41 0.97 -59.76
C SER C 1621 -59.18 1.14 -58.91
N VAL C 1622 -59.39 1.45 -57.63
CA VAL C 1622 -58.32 1.35 -56.65
C VAL C 1622 -58.31 -0.06 -56.04
N THR C 1623 -57.11 -0.56 -55.80
CA THR C 1623 -56.91 -1.89 -55.25
C THR C 1623 -55.74 -1.88 -54.29
N SER C 1624 -55.98 -2.34 -53.07
CA SER C 1624 -54.91 -2.50 -52.10
C SER C 1624 -54.90 -3.90 -51.52
N PHE C 1625 -53.74 -4.31 -51.02
CA PHE C 1625 -53.56 -5.61 -50.40
C PHE C 1625 -52.82 -5.41 -49.09
N GLY C 1626 -53.02 -6.31 -48.15
CA GLY C 1626 -52.48 -6.14 -46.81
C GLY C 1626 -51.93 -7.42 -46.21
N PHE C 1627 -51.32 -7.27 -45.04
CA PHE C 1627 -50.76 -8.41 -44.34
C PHE C 1627 -51.90 -9.29 -43.90
N GLY C 1628 -51.64 -10.60 -43.92
CA GLY C 1628 -52.64 -11.54 -43.48
C GLY C 1628 -53.81 -11.61 -44.47
N GLN C 1629 -53.46 -11.79 -45.73
CA GLN C 1629 -54.42 -12.03 -46.81
C GLN C 1629 -55.58 -11.07 -46.84
N LYS C 1630 -55.25 -9.78 -46.81
CA LYS C 1630 -56.26 -8.75 -46.66
C LYS C 1630 -56.41 -7.94 -47.96
N GLY C 1631 -57.09 -8.50 -48.96
CA GLY C 1631 -57.26 -7.82 -50.23
C GLY C 1631 -58.55 -7.03 -50.39
N ALA C 1632 -58.46 -5.79 -50.85
CA ALA C 1632 -59.67 -5.02 -51.08
C ALA C 1632 -59.62 -4.28 -52.40
N GLN C 1633 -60.79 -3.96 -52.94
CA GLN C 1633 -60.89 -3.22 -54.20
C GLN C 1633 -62.15 -2.37 -54.23
N ALA C 1634 -62.02 -1.17 -54.76
CA ALA C 1634 -63.15 -0.25 -54.86
C ALA C 1634 -63.22 0.35 -56.26
N ILE C 1635 -64.46 0.50 -56.76
CA ILE C 1635 -64.67 1.11 -58.06
C ILE C 1635 -65.47 2.40 -57.93
N GLY C 1636 -64.91 3.47 -58.47
CA GLY C 1636 -65.53 4.78 -58.41
C GLY C 1636 -65.93 5.25 -59.79
N VAL C 1637 -67.10 5.87 -59.86
CA VAL C 1637 -67.62 6.31 -61.15
C VAL C 1637 -67.88 7.80 -61.15
N HIS C 1638 -67.72 8.43 -62.31
CA HIS C 1638 -67.78 9.88 -62.42
C HIS C 1638 -69.14 10.47 -62.07
N PRO C 1639 -69.13 11.55 -61.29
CA PRO C 1639 -70.27 12.32 -60.80
C PRO C 1639 -71.36 12.55 -61.83
N LYS C 1640 -70.99 12.94 -63.05
CA LYS C 1640 -71.99 13.24 -64.08
C LYS C 1640 -73.07 12.16 -64.11
N TYR C 1641 -72.64 10.91 -64.10
CA TYR C 1641 -73.57 9.76 -64.16
C TYR C 1641 -74.62 9.75 -63.06
N LEU C 1642 -74.31 10.26 -61.87
CA LEU C 1642 -75.35 10.36 -60.84
C LEU C 1642 -76.36 11.41 -61.26
N PHE C 1643 -75.85 12.55 -61.71
CA PHE C 1643 -76.68 13.68 -62.10
C PHE C 1643 -77.64 13.33 -63.23
N ALA C 1644 -77.25 12.36 -64.05
CA ALA C 1644 -78.09 11.91 -65.17
C ALA C 1644 -79.30 11.12 -64.67
N THR C 1645 -79.47 11.02 -63.35
CA THR C 1645 -80.67 10.44 -62.77
C THR C 1645 -81.73 11.53 -62.69
N LEU C 1646 -81.28 12.78 -62.59
CA LEU C 1646 -82.16 13.90 -62.30
C LEU C 1646 -82.71 14.60 -63.54
N ASP C 1647 -83.62 15.53 -63.31
CA ASP C 1647 -84.09 16.41 -64.37
C ASP C 1647 -83.19 17.62 -64.33
N LYS C 1648 -82.94 18.23 -65.49
CA LYS C 1648 -82.27 19.51 -65.53
C LYS C 1648 -82.90 20.45 -64.48
N ALA C 1649 -84.19 20.25 -64.22
CA ALA C 1649 -84.90 21.00 -63.18
C ALA C 1649 -84.17 20.85 -61.84
N GLN C 1650 -84.03 19.61 -61.40
CA GLN C 1650 -83.41 19.27 -60.13
C GLN C 1650 -81.94 19.66 -60.13
N TYR C 1651 -81.18 19.09 -61.05
CA TYR C 1651 -79.74 19.28 -61.09
C TYR C 1651 -79.35 20.73 -61.02
N GLU C 1652 -80.10 21.58 -61.71
CA GLU C 1652 -79.75 22.99 -61.79
C GLU C 1652 -80.09 23.72 -60.50
N ALA C 1653 -81.06 23.18 -59.77
CA ALA C 1653 -81.45 23.71 -58.48
C ALA C 1653 -80.33 23.45 -57.48
N TYR C 1654 -79.77 22.24 -57.58
CA TYR C 1654 -78.66 21.80 -56.76
C TYR C 1654 -77.42 22.62 -57.02
N CYS C 1655 -77.15 22.89 -58.29
CA CYS C 1655 -75.95 23.62 -58.68
C CYS C 1655 -75.89 25.01 -58.04
N VAL C 1656 -77.06 25.58 -57.75
CA VAL C 1656 -77.11 26.89 -57.13
C VAL C 1656 -76.77 26.77 -55.66
N LYS C 1657 -77.26 25.69 -55.04
CA LYS C 1657 -76.92 25.35 -53.66
C LYS C 1657 -75.43 25.21 -53.50
N VAL C 1658 -74.84 24.32 -54.30
CA VAL C 1658 -73.41 24.07 -54.26
C VAL C 1658 -72.60 25.35 -54.29
N GLN C 1659 -72.80 26.16 -55.32
CA GLN C 1659 -71.97 27.35 -55.52
C GLN C 1659 -72.09 28.36 -54.38
N ALA C 1660 -73.18 28.30 -53.63
CA ALA C 1660 -73.34 29.14 -52.46
C ALA C 1660 -72.45 28.64 -51.34
N ARG C 1661 -72.50 27.32 -51.12
CA ARG C 1661 -71.63 26.65 -50.16
C ARG C 1661 -70.16 26.98 -50.38
N GLN C 1662 -69.71 26.77 -51.62
CA GLN C 1662 -68.33 27.06 -51.99
C GLN C 1662 -67.92 28.45 -51.56
N LYS C 1663 -68.85 29.38 -51.63
CA LYS C 1663 -68.53 30.73 -51.24
C LYS C 1663 -68.36 30.84 -49.74
N LYS C 1664 -69.17 30.11 -48.98
CA LYS C 1664 -68.96 30.04 -47.53
C LYS C 1664 -67.62 29.38 -47.28
N ALA C 1665 -67.42 28.21 -47.88
CA ALA C 1665 -66.21 27.45 -47.71
C ALA C 1665 -64.98 28.32 -47.95
N TYR C 1666 -64.94 28.90 -49.13
CA TYR C 1666 -63.88 29.80 -49.52
C TYR C 1666 -63.60 30.79 -48.40
N ARG C 1667 -64.65 31.43 -47.91
CA ARG C 1667 -64.50 32.43 -46.86
C ARG C 1667 -63.80 31.82 -45.68
N PHE C 1668 -64.34 30.70 -45.22
CA PHE C 1668 -63.83 30.02 -44.03
C PHE C 1668 -62.38 29.65 -44.17
N PHE C 1669 -62.08 28.87 -45.21
CA PHE C 1669 -60.71 28.49 -45.46
C PHE C 1669 -59.71 29.65 -45.39
N HIS C 1670 -60.06 30.80 -45.93
CA HIS C 1670 -59.12 31.91 -45.92
C HIS C 1670 -58.98 32.50 -44.53
N ASN C 1671 -60.10 32.58 -43.83
CA ASN C 1671 -60.08 33.03 -42.47
C ASN C 1671 -59.18 32.12 -41.66
N GLY C 1672 -59.39 30.82 -41.81
CA GLY C 1672 -58.62 29.83 -41.10
C GLY C 1672 -57.14 29.97 -41.34
N LEU C 1673 -56.71 29.94 -42.59
CA LEU C 1673 -55.29 30.06 -42.91
C LEU C 1673 -54.62 31.18 -42.15
N ILE C 1674 -55.31 32.31 -42.12
CA ILE C 1674 -54.78 33.54 -41.56
C ILE C 1674 -54.76 33.51 -40.04
N ASN C 1675 -55.85 33.01 -39.47
CA ASN C 1675 -56.07 33.03 -38.03
C ASN C 1675 -55.94 31.68 -37.37
N ASN C 1676 -55.40 30.72 -38.09
CA ASN C 1676 -55.15 29.39 -37.57
C ASN C 1676 -56.37 28.69 -37.00
N LYS C 1677 -57.52 28.88 -37.64
CA LYS C 1677 -58.72 28.26 -37.15
C LYS C 1677 -59.38 27.36 -38.18
N LEU C 1678 -58.60 26.61 -38.95
CA LEU C 1678 -59.16 25.63 -39.88
C LEU C 1678 -59.81 24.48 -39.10
N PHE C 1679 -59.39 24.33 -37.84
CA PHE C 1679 -59.97 23.35 -36.93
C PHE C 1679 -60.58 24.06 -35.74
N VAL C 1680 -61.84 23.79 -35.49
CA VAL C 1680 -62.49 24.39 -34.34
C VAL C 1680 -63.09 23.32 -33.46
N ALA C 1681 -62.49 23.15 -32.29
CA ALA C 1681 -63.00 22.20 -31.30
C ALA C 1681 -64.34 22.66 -30.78
N LYS C 1682 -65.28 21.73 -30.72
CA LYS C 1682 -66.57 22.00 -30.14
C LYS C 1682 -66.41 21.85 -28.62
N ASP C 1683 -67.08 22.71 -27.87
CA ASP C 1683 -66.97 22.65 -26.41
C ASP C 1683 -68.20 22.02 -25.75
N LYS C 1684 -69.34 22.11 -26.42
CA LYS C 1684 -70.59 21.55 -25.90
C LYS C 1684 -71.37 20.85 -27.01
N ALA C 1685 -72.10 19.79 -26.66
CA ALA C 1685 -72.99 19.18 -27.61
C ALA C 1685 -74.07 20.18 -28.02
N PRO C 1686 -74.85 19.85 -29.06
CA PRO C 1686 -75.89 20.73 -29.58
C PRO C 1686 -77.05 20.91 -28.63
N TYR C 1687 -77.23 19.99 -27.68
CA TYR C 1687 -78.36 20.01 -26.77
C TYR C 1687 -77.93 20.25 -25.34
N GLU C 1688 -78.71 21.03 -24.60
CA GLU C 1688 -78.47 21.14 -23.17
C GLU C 1688 -78.66 19.75 -22.60
N ASP C 1689 -78.09 19.50 -21.43
CA ASP C 1689 -78.14 18.16 -20.87
C ASP C 1689 -79.58 17.81 -20.55
N ARG C 1690 -80.32 18.82 -20.10
CA ARG C 1690 -81.74 18.69 -19.82
C ARG C 1690 -82.50 17.94 -20.92
N ILE C 1691 -82.22 18.28 -22.17
CA ILE C 1691 -82.97 17.74 -23.30
C ILE C 1691 -82.46 16.38 -23.77
N GLN C 1692 -81.22 16.04 -23.44
CA GLN C 1692 -80.52 14.95 -24.14
C GLN C 1692 -81.34 13.69 -24.39
N SER C 1693 -81.85 13.07 -23.33
CA SER C 1693 -82.60 11.82 -23.47
C SER C 1693 -83.67 11.93 -24.55
N LYS C 1694 -84.39 13.04 -24.52
CA LYS C 1694 -85.46 13.30 -25.47
C LYS C 1694 -84.92 13.39 -26.90
N VAL C 1695 -83.92 14.24 -27.10
CA VAL C 1695 -83.29 14.41 -28.40
C VAL C 1695 -82.86 13.09 -28.99
N PHE C 1696 -82.26 12.24 -28.15
CA PHE C 1696 -81.80 10.94 -28.59
C PHE C 1696 -82.93 10.06 -29.07
N LEU C 1697 -84.08 10.19 -28.41
CA LEU C 1697 -85.20 9.25 -28.57
C LEU C 1697 -86.21 9.64 -29.64
N ASN C 1698 -86.24 10.91 -29.98
CA ASN C 1698 -87.11 11.41 -31.04
C ASN C 1698 -86.31 11.56 -32.35
N PRO C 1699 -86.58 10.71 -33.35
CA PRO C 1699 -85.78 10.65 -34.58
C PRO C 1699 -86.00 11.87 -35.48
N GLN C 1700 -86.89 12.76 -35.08
CA GLN C 1700 -87.19 13.96 -35.86
C GLN C 1700 -86.33 15.13 -35.40
N SER C 1701 -86.09 15.19 -34.09
CA SER C 1701 -85.39 16.31 -33.48
C SER C 1701 -84.22 16.74 -34.34
N ARG C 1702 -84.25 18.02 -34.71
CA ARG C 1702 -83.14 18.60 -35.46
C ARG C 1702 -82.78 20.00 -34.99
N VAL C 1703 -81.61 20.45 -35.41
CA VAL C 1703 -81.00 21.67 -34.90
C VAL C 1703 -81.41 22.89 -35.69
N THR C 1704 -81.73 23.96 -34.96
CA THR C 1704 -82.09 25.23 -35.57
C THR C 1704 -80.97 26.25 -35.36
N GLN C 1705 -80.65 27.01 -36.41
CA GLN C 1705 -79.68 28.08 -36.29
C GLN C 1705 -80.16 29.10 -35.26
N GLU C 1706 -79.22 29.68 -34.53
CA GLU C 1706 -79.55 30.54 -33.41
C GLU C 1706 -79.12 31.99 -33.60
N SER C 1707 -79.45 32.79 -32.60
CA SER C 1707 -79.24 34.23 -32.63
C SER C 1707 -77.77 34.60 -32.72
N ASN C 1708 -76.90 33.69 -32.29
CA ASN C 1708 -75.46 33.90 -32.38
C ASN C 1708 -74.80 33.10 -33.51
N GLY C 1709 -75.60 32.80 -34.54
CA GLY C 1709 -75.13 32.01 -35.67
C GLY C 1709 -74.87 30.54 -35.34
N GLU C 1710 -75.06 30.17 -34.08
CA GLU C 1710 -74.73 28.83 -33.63
C GLU C 1710 -75.86 27.84 -33.84
N LEU C 1711 -75.46 26.58 -33.96
CA LEU C 1711 -76.43 25.51 -34.10
C LEU C 1711 -76.74 24.83 -32.77
N LYS C 1712 -78.01 24.86 -32.38
CA LYS C 1712 -78.50 24.11 -31.22
C LYS C 1712 -79.90 23.48 -31.39
N PHE C 1713 -80.13 22.36 -30.70
CA PHE C 1713 -81.47 21.78 -30.61
C PHE C 1713 -82.38 22.65 -29.77
N PRO C 1714 -83.59 22.89 -30.27
CA PRO C 1714 -84.59 23.67 -29.54
C PRO C 1714 -84.97 22.99 -28.23
N ALA C 1715 -85.06 23.77 -27.17
CA ALA C 1715 -85.48 23.25 -25.86
C ALA C 1715 -87.00 23.24 -25.73
N MET D 1 -7.79 -55.67 -110.39
CA MET D 1 -6.40 -55.56 -109.93
C MET D 1 -5.76 -54.23 -110.32
N ARG D 2 -6.51 -53.39 -111.03
CA ARG D 2 -6.02 -52.07 -111.36
C ARG D 2 -6.22 -51.14 -110.17
N PRO D 3 -5.13 -50.75 -109.51
CA PRO D 3 -5.22 -49.94 -108.29
C PRO D 3 -6.06 -48.70 -108.56
N GLU D 4 -5.75 -48.04 -109.67
CA GLU D 4 -6.40 -46.79 -110.05
C GLU D 4 -7.89 -47.00 -110.34
N VAL D 5 -8.22 -48.21 -110.78
CA VAL D 5 -9.62 -48.61 -110.97
C VAL D 5 -10.30 -48.80 -109.61
N GLU D 6 -9.72 -49.68 -108.79
CA GLU D 6 -10.23 -49.97 -107.45
C GLU D 6 -10.53 -48.70 -106.68
N GLN D 7 -9.67 -47.69 -106.84
CA GLN D 7 -9.87 -46.41 -106.21
C GLN D 7 -11.22 -45.82 -106.57
N GLU D 8 -11.41 -45.51 -107.85
CA GLU D 8 -12.63 -44.86 -108.30
C GLU D 8 -13.88 -45.66 -107.95
N LEU D 9 -13.71 -46.97 -107.82
CA LEU D 9 -14.82 -47.83 -107.45
C LEU D 9 -15.14 -47.69 -105.96
N ALA D 10 -14.16 -47.99 -105.12
CA ALA D 10 -14.29 -47.79 -103.69
C ALA D 10 -14.81 -46.39 -103.44
N TYR D 11 -14.25 -45.42 -104.17
CA TYR D 11 -14.61 -44.01 -104.05
C TYR D 11 -16.10 -43.78 -104.24
N THR D 12 -16.62 -44.07 -105.43
CA THR D 12 -18.02 -43.75 -105.70
C THR D 12 -18.97 -44.68 -104.93
N LEU D 13 -18.49 -45.85 -104.52
CA LEU D 13 -19.25 -46.72 -103.64
C LEU D 13 -19.39 -46.08 -102.27
N LEU D 14 -18.26 -45.61 -101.75
CA LEU D 14 -18.21 -44.82 -100.53
C LEU D 14 -19.10 -43.60 -100.65
N VAL D 15 -18.80 -42.74 -101.63
CA VAL D 15 -19.57 -41.52 -101.89
C VAL D 15 -21.07 -41.79 -101.92
N GLU D 16 -21.46 -42.84 -102.64
CA GLU D 16 -22.87 -43.21 -102.75
C GLU D 16 -23.41 -43.70 -101.40
N LEU D 17 -22.71 -44.65 -100.80
CA LEU D 17 -23.10 -45.22 -99.52
C LEU D 17 -23.43 -44.15 -98.49
N LEU D 18 -22.57 -43.14 -98.41
CA LEU D 18 -22.77 -42.01 -97.50
C LEU D 18 -23.96 -41.17 -97.94
N ALA D 19 -23.97 -40.81 -99.22
CA ALA D 19 -25.04 -39.99 -99.79
C ALA D 19 -26.42 -40.48 -99.36
N TYR D 20 -26.69 -41.74 -99.68
CA TYR D 20 -28.00 -42.32 -99.44
C TYR D 20 -28.23 -42.74 -97.98
N GLN D 21 -27.20 -42.69 -97.15
CA GLN D 21 -27.33 -43.06 -95.76
C GLN D 21 -28.44 -42.24 -95.10
N PHE D 22 -28.56 -40.99 -95.54
CA PHE D 22 -29.68 -40.12 -95.19
C PHE D 22 -31.00 -40.87 -95.10
N ALA D 23 -31.49 -41.27 -96.27
CA ALA D 23 -32.84 -41.80 -96.45
C ALA D 23 -32.86 -43.32 -96.46
N MET D 24 -32.14 -43.91 -95.52
CA MET D 24 -31.95 -45.34 -95.48
C MET D 24 -31.82 -45.82 -94.04
N PRO D 25 -32.79 -46.62 -93.60
CA PRO D 25 -32.80 -47.10 -92.22
C PRO D 25 -31.46 -47.70 -91.81
N VAL D 26 -31.13 -47.53 -90.53
CA VAL D 26 -29.87 -48.00 -89.97
C VAL D 26 -30.03 -49.39 -89.38
N ARG D 27 -29.41 -50.36 -90.05
CA ARG D 27 -29.56 -51.76 -89.70
C ARG D 27 -28.48 -52.19 -88.72
N TRP D 28 -28.59 -51.68 -87.49
CA TRP D 28 -27.58 -51.91 -86.47
C TRP D 28 -27.61 -53.29 -85.84
N ILE D 29 -28.68 -54.05 -86.06
CA ILE D 29 -28.67 -55.43 -85.58
C ILE D 29 -27.80 -56.24 -86.52
N GLU D 30 -28.16 -56.18 -87.80
CA GLU D 30 -27.44 -56.92 -88.83
C GLU D 30 -25.95 -56.60 -88.80
N THR D 31 -25.65 -55.35 -88.47
CA THR D 31 -24.28 -54.88 -88.34
C THR D 31 -23.60 -55.48 -87.12
N GLN D 32 -24.31 -55.44 -86.00
CA GLN D 32 -23.81 -56.02 -84.75
C GLN D 32 -23.57 -57.50 -84.94
N ASP D 33 -24.40 -58.13 -85.75
CA ASP D 33 -24.33 -59.56 -85.93
C ASP D 33 -23.14 -59.94 -86.81
N VAL D 34 -22.78 -59.05 -87.73
CA VAL D 34 -21.60 -59.26 -88.53
C VAL D 34 -20.35 -59.22 -87.66
N ILE D 35 -20.45 -58.43 -86.59
CA ILE D 35 -19.32 -58.24 -85.70
C ILE D 35 -19.20 -59.37 -84.69
N LEU D 36 -20.34 -59.80 -84.16
CA LEU D 36 -20.37 -60.82 -83.13
C LEU D 36 -20.33 -62.21 -83.72
N ALA D 37 -21.00 -62.39 -84.85
CA ALA D 37 -21.20 -63.71 -85.43
C ALA D 37 -20.21 -64.04 -86.54
N GLU D 38 -20.15 -63.18 -87.55
CA GLU D 38 -19.26 -63.42 -88.68
C GLU D 38 -17.81 -63.40 -88.25
N LYS D 39 -17.36 -62.25 -87.75
CA LYS D 39 -15.97 -62.09 -87.35
C LYS D 39 -15.69 -62.45 -85.89
N ARG D 40 -16.74 -62.92 -85.19
CA ARG D 40 -16.62 -63.40 -83.82
C ARG D 40 -15.60 -62.62 -82.99
N THR D 41 -15.83 -61.31 -82.86
CA THR D 41 -14.90 -60.44 -82.16
C THR D 41 -14.93 -60.70 -80.65
N GLU D 42 -13.75 -60.78 -80.03
CA GLU D 42 -13.63 -60.93 -78.58
C GLU D 42 -13.80 -59.59 -77.87
N ARG D 43 -13.07 -58.58 -78.34
CA ARG D 43 -13.16 -57.22 -77.80
C ARG D 43 -13.98 -56.28 -78.70
N ILE D 44 -15.14 -55.85 -78.21
CA ILE D 44 -15.86 -54.78 -78.89
C ILE D 44 -15.55 -53.47 -78.19
N VAL D 45 -14.90 -52.56 -78.90
CA VAL D 45 -14.59 -51.26 -78.34
C VAL D 45 -15.53 -50.19 -78.88
N GLU D 46 -16.12 -49.43 -77.96
CA GLU D 46 -17.03 -48.36 -78.30
C GLU D 46 -16.29 -47.05 -78.16
N ILE D 47 -16.46 -46.16 -79.12
CA ILE D 47 -15.78 -44.88 -79.05
C ILE D 47 -16.80 -43.76 -79.11
N GLY D 48 -16.88 -43.02 -78.01
CA GLY D 48 -17.81 -41.92 -77.87
C GLY D 48 -17.91 -41.49 -76.42
N PRO D 49 -18.91 -40.64 -76.11
CA PRO D 49 -19.18 -40.04 -74.79
C PRO D 49 -19.98 -40.92 -73.84
N SER D 50 -20.73 -41.89 -74.34
CA SER D 50 -21.53 -42.75 -73.47
C SER D 50 -21.42 -44.20 -73.90
N ASP D 51 -21.80 -45.14 -73.04
CA ASP D 51 -21.85 -46.53 -73.44
C ASP D 51 -23.24 -46.88 -74.01
N THR D 52 -23.59 -46.23 -75.11
CA THR D 52 -24.88 -46.49 -75.75
C THR D 52 -24.83 -47.74 -76.64
N LEU D 53 -23.91 -47.76 -77.61
CA LEU D 53 -23.68 -48.94 -78.45
C LEU D 53 -23.16 -50.12 -77.63
N GLY D 54 -22.62 -49.81 -76.45
CA GLY D 54 -22.06 -50.82 -75.56
C GLY D 54 -23.14 -51.69 -74.97
N GLY D 55 -24.07 -51.06 -74.26
CA GLY D 55 -25.21 -51.76 -73.70
C GLY D 55 -26.14 -52.28 -74.78
N MET D 56 -26.13 -51.57 -75.90
CA MET D 56 -26.84 -52.00 -77.09
C MET D 56 -26.30 -53.35 -77.58
N ALA D 57 -24.98 -53.54 -77.45
CA ALA D 57 -24.36 -54.78 -77.87
C ALA D 57 -24.36 -55.84 -76.75
N ARG D 58 -24.68 -55.39 -75.53
CA ARG D 58 -24.82 -56.31 -74.40
C ARG D 58 -26.20 -56.92 -74.44
N ARG D 59 -27.16 -56.15 -74.94
CA ARG D 59 -28.53 -56.63 -75.10
C ARG D 59 -28.62 -57.66 -76.23
N THR D 60 -27.89 -57.42 -77.32
CA THR D 60 -27.81 -58.42 -78.38
C THR D 60 -27.03 -59.67 -77.93
N LEU D 61 -26.19 -59.53 -76.90
CA LEU D 61 -25.48 -60.68 -76.37
C LEU D 61 -26.41 -61.58 -75.56
N GLN D 62 -27.47 -61.01 -75.02
CA GLN D 62 -28.42 -61.79 -74.23
C GLN D 62 -29.53 -62.41 -75.07
N SER D 63 -30.20 -61.57 -75.87
CA SER D 63 -31.40 -61.99 -76.58
C SER D 63 -31.13 -62.93 -77.77
N LYS D 64 -29.87 -63.03 -78.19
CA LYS D 64 -29.51 -63.94 -79.28
C LYS D 64 -28.36 -64.91 -78.94
N TYR D 65 -27.23 -64.36 -78.52
CA TYR D 65 -26.00 -65.12 -78.46
C TYR D 65 -25.83 -65.92 -77.18
N GLU D 66 -26.92 -66.04 -76.43
CA GLU D 66 -26.91 -66.74 -75.17
C GLU D 66 -26.16 -68.07 -75.27
N ALA D 67 -26.79 -69.05 -75.91
CA ALA D 67 -26.25 -70.39 -75.96
C ALA D 67 -25.15 -70.53 -77.01
N TYR D 68 -25.13 -69.62 -77.98
CA TYR D 68 -24.09 -69.64 -78.99
C TYR D 68 -22.72 -69.45 -78.35
N ASP D 69 -22.60 -68.38 -77.56
CA ASP D 69 -21.34 -68.07 -76.89
C ASP D 69 -20.95 -69.19 -75.94
N ALA D 70 -21.95 -69.79 -75.31
CA ALA D 70 -21.73 -70.91 -74.41
C ALA D 70 -21.19 -72.15 -75.14
N ALA D 71 -21.78 -72.46 -76.29
CA ALA D 71 -21.31 -73.58 -77.09
C ALA D 71 -19.95 -73.29 -77.74
N THR D 72 -19.82 -72.13 -78.39
CA THR D 72 -18.60 -71.80 -79.12
C THR D 72 -17.40 -71.47 -78.22
N SER D 73 -17.63 -71.42 -76.92
CA SER D 73 -16.63 -70.96 -75.97
C SER D 73 -16.04 -69.61 -76.39
N VAL D 74 -16.91 -68.74 -76.87
CA VAL D 74 -16.52 -67.39 -77.28
C VAL D 74 -16.42 -66.46 -76.08
N GLN D 75 -15.24 -65.89 -75.88
CA GLN D 75 -15.05 -64.88 -74.83
C GLN D 75 -15.32 -63.50 -75.40
N ARG D 76 -16.15 -62.74 -74.70
CA ARG D 76 -16.50 -61.41 -75.17
C ARG D 76 -16.29 -60.33 -74.11
N GLN D 77 -15.90 -59.15 -74.57
CA GLN D 77 -15.53 -58.04 -73.70
C GLN D 77 -15.98 -56.74 -74.36
N ILE D 78 -16.99 -56.08 -73.80
CA ILE D 78 -17.49 -54.84 -74.36
C ILE D 78 -16.96 -53.64 -73.58
N LEU D 79 -16.19 -52.78 -74.25
CA LEU D 79 -15.60 -51.61 -73.61
C LEU D 79 -16.11 -50.31 -74.21
N CYS D 80 -16.48 -49.36 -73.34
CA CYS D 80 -16.71 -48.00 -73.80
C CYS D 80 -15.44 -47.18 -73.59
N TYR D 81 -15.32 -46.06 -74.28
CA TYR D 81 -14.14 -45.22 -74.12
C TYR D 81 -14.20 -44.55 -72.77
N CYS D 82 -15.40 -44.18 -72.34
CA CYS D 82 -15.57 -43.56 -71.03
C CYS D 82 -15.29 -44.54 -69.90
N LYS D 83 -16.30 -45.33 -69.57
CA LYS D 83 -16.25 -46.23 -68.42
C LYS D 83 -15.01 -47.12 -68.37
N ASP D 84 -14.76 -47.85 -69.46
CA ASP D 84 -13.72 -48.87 -69.47
C ASP D 84 -12.43 -48.33 -70.07
N ALA D 85 -12.13 -47.07 -69.73
CA ALA D 85 -11.01 -46.35 -70.32
C ALA D 85 -9.64 -47.01 -70.15
N LYS D 86 -9.39 -47.58 -68.98
CA LYS D 86 -8.05 -48.08 -68.67
C LYS D 86 -7.72 -49.35 -69.42
N GLU D 87 -8.70 -50.26 -69.50
CA GLU D 87 -8.46 -51.55 -70.12
C GLU D 87 -8.20 -51.41 -71.61
N ILE D 88 -8.67 -50.29 -72.18
CA ILE D 88 -8.43 -50.02 -73.58
C ILE D 88 -6.94 -49.82 -73.78
N TYR D 89 -6.34 -49.05 -72.89
CA TYR D 89 -4.95 -48.64 -73.05
C TYR D 89 -4.00 -49.60 -72.35
N TYR D 90 -4.52 -50.74 -71.91
CA TYR D 90 -3.71 -51.73 -71.19
C TYR D 90 -2.92 -51.10 -70.05
N ASP D 91 -3.65 -50.44 -69.15
CA ASP D 91 -3.05 -49.79 -68.00
C ASP D 91 -3.50 -50.47 -66.72
N VAL D 92 -2.60 -51.24 -66.13
CA VAL D 92 -2.90 -51.93 -64.88
C VAL D 92 -1.76 -51.72 -63.90
N GLU D 93 -2.08 -51.68 -62.60
CA GLU D 93 -1.07 -51.63 -61.55
C GLU D 93 -0.74 -53.05 -61.05
N PRO D 94 0.54 -53.31 -60.74
CA PRO D 94 1.07 -54.64 -60.39
C PRO D 94 0.56 -55.17 -59.05
N ILE D 325 -0.12 -23.25 -8.91
CA ILE D 325 0.90 -22.22 -8.79
C ILE D 325 0.36 -20.85 -9.19
N ASP D 326 -0.01 -20.74 -10.47
CA ASP D 326 -0.36 -19.46 -11.08
C ASP D 326 -1.68 -18.89 -10.56
N ALA D 327 -2.45 -19.71 -9.86
CA ALA D 327 -3.70 -19.25 -9.25
C ALA D 327 -3.47 -18.79 -7.81
N LEU D 328 -2.51 -19.40 -7.13
CA LEU D 328 -2.08 -18.96 -5.82
C LEU D 328 -1.42 -17.58 -5.92
N THR D 329 -1.12 -17.17 -7.15
CA THR D 329 -0.51 -15.88 -7.40
C THR D 329 -1.45 -14.93 -8.18
N LYS D 330 -2.38 -15.51 -8.94
CA LYS D 330 -3.27 -14.69 -9.76
C LYS D 330 -4.22 -13.84 -8.92
N ASP D 331 -4.30 -14.14 -7.64
CA ASP D 331 -5.03 -13.28 -6.71
C ASP D 331 -4.20 -12.04 -6.42
N GLN D 332 -2.91 -12.26 -6.21
CA GLN D 332 -1.96 -11.20 -6.01
C GLN D 332 -2.07 -10.16 -7.12
N ARG D 333 -1.79 -10.61 -8.34
CA ARG D 333 -1.80 -9.74 -9.51
C ARG D 333 -3.10 -8.94 -9.55
N ALA D 334 -4.21 -9.64 -9.41
CA ALA D 334 -5.50 -8.99 -9.36
C ALA D 334 -5.51 -7.91 -8.29
N LEU D 335 -5.10 -8.27 -7.09
CA LEU D 335 -5.05 -7.31 -6.00
C LEU D 335 -4.27 -6.07 -6.36
N PHE D 336 -3.11 -6.26 -6.96
CA PHE D 336 -2.21 -5.14 -7.25
C PHE D 336 -2.64 -4.34 -8.46
N LYS D 337 -3.27 -5.01 -9.42
CA LYS D 337 -3.76 -4.31 -10.58
C LYS D 337 -4.82 -3.31 -10.11
N GLN D 338 -5.65 -3.73 -9.17
CA GLN D 338 -6.66 -2.81 -8.64
C GLN D 338 -5.97 -1.69 -7.88
N GLN D 339 -4.96 -2.04 -7.10
CA GLN D 339 -4.12 -1.08 -6.40
C GLN D 339 -3.67 0.01 -7.34
N LEU D 340 -3.04 -0.44 -8.43
CA LEU D 340 -2.48 0.44 -9.45
C LEU D 340 -3.53 1.40 -9.96
N GLU D 341 -4.72 0.86 -10.21
CA GLU D 341 -5.80 1.64 -10.78
C GLU D 341 -6.22 2.79 -9.88
N ILE D 342 -6.38 2.50 -8.59
CA ILE D 342 -6.93 3.51 -7.67
C ILE D 342 -5.89 4.56 -7.37
N ILE D 343 -4.64 4.19 -7.56
CA ILE D 343 -3.58 5.15 -7.38
C ILE D 343 -3.60 6.11 -8.54
N ALA D 344 -3.66 5.52 -9.74
CA ALA D 344 -3.79 6.31 -10.94
C ALA D 344 -4.95 7.28 -10.76
N ARG D 345 -6.11 6.74 -10.38
CA ARG D 345 -7.29 7.56 -10.20
C ARG D 345 -7.02 8.75 -9.28
N TYR D 346 -6.22 8.51 -8.26
CA TYR D 346 -5.89 9.53 -7.27
C TYR D 346 -4.98 10.58 -7.89
N LEU D 347 -4.08 10.11 -8.74
CA LEU D 347 -3.12 10.96 -9.40
C LEU D 347 -3.76 11.64 -10.60
N LYS D 348 -5.04 11.35 -10.84
CA LYS D 348 -5.76 11.93 -11.96
C LYS D 348 -5.03 11.69 -13.27
N MET D 349 -4.70 10.43 -13.56
CA MET D 349 -4.01 10.11 -14.80
C MET D 349 -4.57 8.89 -15.52
N ASP D 350 -4.93 9.08 -16.80
CA ASP D 350 -5.41 7.99 -17.65
C ASP D 350 -4.24 7.15 -18.09
N LEU D 351 -4.26 5.87 -17.72
CA LEU D 351 -3.15 4.98 -18.05
C LEU D 351 -3.20 4.62 -19.51
N ARG D 352 -4.42 4.46 -20.01
CA ARG D 352 -4.62 4.05 -21.38
C ARG D 352 -4.66 5.23 -22.36
N ALA D 353 -4.33 6.42 -21.88
CA ALA D 353 -4.39 7.60 -22.71
C ALA D 353 -3.40 7.51 -23.84
N GLY D 354 -2.36 6.70 -23.65
CA GLY D 354 -1.36 6.57 -24.68
C GLY D 354 -1.90 5.68 -25.76
N ASP D 355 -2.42 4.54 -25.34
CA ASP D 355 -2.95 3.56 -26.27
C ASP D 355 -4.11 4.18 -27.03
N LYS D 356 -4.85 5.04 -26.36
CA LYS D 356 -6.01 5.67 -26.97
C LYS D 356 -5.56 6.56 -28.10
N ALA D 357 -4.60 7.42 -27.80
CA ALA D 357 -4.12 8.37 -28.79
C ALA D 357 -3.41 7.64 -29.92
N PHE D 358 -2.88 6.46 -29.64
CA PHE D 358 -2.18 5.71 -30.65
C PHE D 358 -3.15 5.18 -31.67
N VAL D 359 -4.16 4.47 -31.17
CA VAL D 359 -5.22 3.92 -32.00
C VAL D 359 -5.69 5.03 -32.93
N ALA D 360 -5.86 6.21 -32.35
CA ALA D 360 -6.36 7.39 -33.05
C ALA D 360 -5.53 7.78 -34.27
N SER D 361 -4.22 7.95 -34.07
CA SER D 361 -3.34 8.38 -35.16
C SER D 361 -3.20 7.25 -36.15
N GLN D 362 -3.31 6.03 -35.67
CA GLN D 362 -3.28 4.89 -36.57
C GLN D 362 -4.53 4.73 -37.42
N GLU D 363 -5.53 5.57 -37.16
CA GLU D 363 -6.70 5.61 -38.03
C GLU D 363 -6.49 6.64 -39.14
N SER D 364 -5.99 7.81 -38.77
CA SER D 364 -5.72 8.84 -39.75
C SER D 364 -4.58 8.41 -40.68
N GLN D 365 -3.76 7.49 -40.19
CA GLN D 365 -2.67 6.96 -40.99
C GLN D 365 -3.23 5.97 -42.03
N LYS D 366 -4.55 5.82 -42.06
CA LYS D 366 -5.21 4.94 -43.02
C LYS D 366 -5.85 5.75 -44.13
N ALA D 367 -6.51 6.84 -43.74
CA ALA D 367 -7.06 7.78 -44.72
C ALA D 367 -5.94 8.32 -45.59
N LEU D 368 -4.74 8.37 -45.03
CA LEU D 368 -3.56 8.75 -45.78
C LEU D 368 -3.28 7.71 -46.84
N GLN D 369 -2.79 6.57 -46.40
CA GLN D 369 -2.45 5.46 -47.27
C GLN D 369 -3.58 5.17 -48.23
N ALA D 370 -4.79 5.54 -47.84
CA ALA D 370 -5.94 5.42 -48.72
C ALA D 370 -5.75 6.29 -49.95
N GLN D 371 -5.61 7.59 -49.72
CA GLN D 371 -5.44 8.53 -50.81
C GLN D 371 -4.15 8.27 -51.57
N LEU D 372 -3.09 7.99 -50.82
CA LEU D 372 -1.82 7.65 -51.42
C LEU D 372 -1.95 6.46 -52.37
N ASP D 373 -2.73 5.47 -51.98
CA ASP D 373 -2.90 4.29 -52.81
C ASP D 373 -3.60 4.63 -54.13
N LEU D 374 -4.37 5.71 -54.11
CA LEU D 374 -5.01 6.21 -55.33
C LEU D 374 -3.96 6.63 -56.34
N TRP D 375 -3.17 7.65 -55.97
CA TRP D 375 -2.07 8.09 -56.82
C TRP D 375 -1.28 6.91 -57.34
N GLN D 376 -0.95 6.00 -56.44
CA GLN D 376 -0.15 4.86 -56.83
C GLN D 376 -0.80 4.02 -57.92
N ALA D 377 -2.13 3.99 -57.88
CA ALA D 377 -2.88 3.15 -58.79
C ALA D 377 -3.08 3.83 -60.14
N GLU D 378 -3.45 5.09 -60.09
CA GLU D 378 -3.70 5.87 -61.28
C GLU D 378 -2.44 6.10 -62.12
N HIS D 379 -1.26 5.94 -61.53
CA HIS D 379 -0.04 6.38 -62.21
C HIS D 379 1.05 5.33 -62.38
N GLY D 380 1.13 4.37 -61.46
CA GLY D 380 2.13 3.32 -61.56
C GLY D 380 3.51 3.69 -61.04
N ASP D 381 4.35 2.69 -60.84
CA ASP D 381 5.58 2.90 -60.09
C ASP D 381 6.61 3.75 -60.83
N ILE D 382 6.80 3.43 -62.10
CA ILE D 382 7.83 4.09 -62.89
C ILE D 382 7.56 5.57 -63.04
N TYR D 383 6.29 5.92 -63.21
CA TYR D 383 5.87 7.30 -63.31
C TYR D 383 6.10 7.97 -61.99
N ALA D 384 5.71 7.26 -60.93
CA ALA D 384 5.89 7.73 -59.56
C ALA D 384 7.36 8.12 -59.33
N ALA D 385 8.24 7.21 -59.70
CA ALA D 385 9.68 7.46 -59.65
C ALA D 385 10.08 8.65 -60.50
N GLY D 386 9.54 8.69 -61.71
CA GLY D 386 9.97 9.65 -62.71
C GLY D 386 9.55 11.09 -62.51
N ILE D 387 8.64 11.34 -61.57
CA ILE D 387 8.23 12.72 -61.30
C ILE D 387 8.92 13.33 -60.08
N GLU D 388 9.92 12.65 -59.54
CA GLU D 388 10.58 13.11 -58.33
C GLU D 388 11.63 14.16 -58.63
N PRO D 389 11.43 15.37 -58.09
CA PRO D 389 12.31 16.52 -58.26
C PRO D 389 13.76 16.15 -57.97
N ALA D 390 14.69 16.83 -58.63
CA ALA D 390 16.11 16.50 -58.54
C ALA D 390 17.01 17.72 -58.70
N PHE D 391 16.41 18.86 -58.99
CA PHE D 391 17.19 20.05 -59.20
C PHE D 391 17.53 20.70 -57.86
N ASP D 392 18.82 21.02 -57.70
CA ASP D 392 19.34 21.61 -56.47
C ASP D 392 20.53 22.51 -56.74
N PRO D 393 20.31 23.83 -56.60
CA PRO D 393 21.31 24.87 -56.83
C PRO D 393 22.67 24.61 -56.18
N LEU D 394 22.69 23.77 -55.16
CA LEU D 394 23.90 23.52 -54.40
C LEU D 394 24.73 22.49 -55.11
N LYS D 395 24.08 21.70 -55.94
CA LYS D 395 24.78 20.71 -56.69
C LYS D 395 25.25 21.28 -58.03
N ALA D 396 25.02 22.57 -58.25
CA ALA D 396 25.40 23.16 -59.52
C ALA D 396 26.92 23.20 -59.66
N ARG D 397 27.43 22.79 -60.82
CA ARG D 397 28.85 22.84 -61.10
C ARG D 397 29.16 23.81 -62.24
N VAL D 398 30.03 24.77 -61.96
CA VAL D 398 30.43 25.73 -62.98
C VAL D 398 31.84 25.49 -63.51
N TYR D 399 31.91 25.26 -64.81
CA TYR D 399 33.16 25.18 -65.54
C TYR D 399 33.31 26.42 -66.42
N ASP D 400 34.39 27.15 -66.19
CA ASP D 400 34.56 28.40 -66.88
C ASP D 400 36.04 28.73 -67.05
N SER D 401 36.90 27.85 -66.55
CA SER D 401 38.35 28.07 -66.54
C SER D 401 39.03 27.75 -67.86
N SER D 402 38.66 28.47 -68.91
CA SER D 402 39.22 28.20 -70.25
C SER D 402 40.73 28.48 -70.29
N TRP D 403 41.11 29.58 -69.67
CA TRP D 403 42.48 30.09 -69.74
C TRP D 403 43.52 29.04 -69.37
N ASN D 404 43.18 28.21 -68.40
CA ASN D 404 44.09 27.19 -67.95
C ASN D 404 44.09 26.00 -68.92
N TRP D 405 42.89 25.47 -69.19
CA TRP D 405 42.77 24.30 -70.06
C TRP D 405 43.47 24.54 -71.39
N ALA D 406 43.57 25.82 -71.75
CA ALA D 406 44.25 26.25 -72.97
C ALA D 406 45.70 25.83 -72.90
N ARG D 407 46.44 26.45 -71.98
CA ARG D 407 47.86 26.17 -71.79
C ARG D 407 48.13 24.67 -71.59
N GLN D 408 47.11 23.96 -71.13
CA GLN D 408 47.25 22.53 -70.96
C GLN D 408 47.21 21.87 -72.29
N ASP D 409 46.09 22.07 -72.97
CA ASP D 409 45.84 21.47 -74.27
C ASP D 409 46.93 21.90 -75.25
N ALA D 410 47.45 23.11 -75.02
CA ALA D 410 48.59 23.59 -75.76
C ALA D 410 49.81 22.71 -75.43
N LEU D 411 50.29 22.81 -74.20
CA LEU D 411 51.48 22.05 -73.80
C LEU D 411 51.28 20.56 -74.07
N SER D 412 50.01 20.13 -74.01
CA SER D 412 49.66 18.74 -74.22
C SER D 412 49.97 18.32 -75.66
N MET D 413 49.55 19.16 -76.61
CA MET D 413 49.76 18.92 -78.05
C MET D 413 51.23 18.90 -78.43
N TYR D 414 51.97 19.86 -77.90
CA TYR D 414 53.39 19.94 -78.11
C TYR D 414 54.05 18.56 -77.96
N TYR D 415 53.95 17.97 -76.77
CA TYR D 415 54.57 16.66 -76.55
C TYR D 415 53.93 15.60 -77.43
N ASP D 416 52.64 15.76 -77.70
CA ASP D 416 51.90 14.82 -78.53
C ASP D 416 52.62 14.64 -79.86
N ILE D 417 53.09 15.75 -80.42
CA ILE D 417 53.78 15.74 -81.70
C ILE D 417 55.13 15.05 -81.61
N ILE D 418 55.90 15.43 -80.60
CA ILE D 418 57.23 14.89 -80.35
C ILE D 418 57.29 13.38 -80.15
N PHE D 419 56.16 12.77 -79.86
CA PHE D 419 56.13 11.34 -79.68
C PHE D 419 55.35 10.68 -80.82
N GLY D 420 54.69 11.52 -81.63
CA GLY D 420 53.97 11.05 -82.79
C GLY D 420 52.54 10.58 -82.54
N ARG D 421 52.04 10.81 -81.33
CA ARG D 421 50.62 10.59 -81.07
C ARG D 421 49.86 11.43 -82.10
N LEU D 422 50.41 12.59 -82.42
CA LEU D 422 49.89 13.44 -83.49
C LEU D 422 50.84 13.44 -84.66
N ARG D 423 50.37 12.95 -85.81
CA ARG D 423 51.10 13.05 -87.07
C ARG D 423 50.44 14.14 -87.90
N VAL D 424 51.23 14.81 -88.74
CA VAL D 424 50.78 16.05 -89.39
C VAL D 424 49.52 15.83 -90.20
N VAL D 425 49.38 14.58 -90.66
CA VAL D 425 48.18 14.09 -91.31
C VAL D 425 46.89 14.33 -90.51
N ASP D 426 46.71 13.48 -89.50
CA ASP D 426 45.56 13.49 -88.58
C ASP D 426 44.77 14.77 -88.52
N ARG D 427 43.51 14.68 -88.91
CA ARG D 427 42.58 15.79 -88.80
C ARG D 427 42.67 16.35 -87.39
N GLU D 428 42.89 15.45 -86.44
CA GLU D 428 42.97 15.77 -85.02
C GLU D 428 43.69 17.09 -84.75
N ILE D 429 44.96 17.15 -85.15
CA ILE D 429 45.79 18.31 -84.87
C ILE D 429 45.04 19.57 -85.24
N VAL D 430 44.44 19.57 -86.42
CA VAL D 430 43.66 20.71 -86.87
C VAL D 430 42.70 21.14 -85.78
N SER D 431 41.76 20.25 -85.49
CA SER D 431 40.78 20.44 -84.44
C SER D 431 41.42 21.07 -83.21
N GLN D 432 42.37 20.36 -82.60
CA GLN D 432 43.04 20.85 -81.40
C GLN D 432 43.47 22.30 -81.54
N CYS D 433 44.14 22.59 -82.65
CA CYS D 433 44.69 23.90 -82.91
C CYS D 433 43.60 24.95 -82.89
N ILE D 434 42.43 24.58 -83.39
CA ILE D 434 41.36 25.56 -83.52
C ILE D 434 40.85 25.92 -82.15
N GLN D 435 40.78 24.94 -81.26
CA GLN D 435 40.31 25.26 -79.92
C GLN D 435 41.35 26.03 -79.16
N ILE D 436 42.62 25.73 -79.40
CA ILE D 436 43.68 26.57 -78.85
C ILE D 436 43.59 28.00 -79.39
N MET D 437 43.19 28.13 -80.66
CA MET D 437 42.98 29.45 -81.22
C MET D 437 41.79 30.12 -80.56
N ASN D 438 40.81 29.30 -80.21
CA ASN D 438 39.55 29.84 -79.68
C ASN D 438 39.77 30.51 -78.33
N ARG D 439 40.65 29.91 -77.54
CA ARG D 439 41.05 30.51 -76.28
C ARG D 439 42.39 31.25 -76.45
N SER D 440 42.35 32.46 -77.00
CA SER D 440 43.60 33.16 -77.24
C SER D 440 43.79 34.35 -76.33
N ASN D 441 44.70 34.18 -75.36
CA ASN D 441 45.09 35.27 -74.46
C ASN D 441 46.42 35.82 -74.90
N PRO D 442 46.78 36.99 -74.35
CA PRO D 442 48.17 37.43 -74.54
C PRO D 442 49.05 36.43 -73.84
N LEU D 443 48.65 36.11 -72.61
CA LEU D 443 49.40 35.22 -71.73
C LEU D 443 49.55 33.83 -72.35
N LEU D 444 48.55 33.43 -73.14
CA LEU D 444 48.65 32.14 -73.80
C LEU D 444 49.85 32.19 -74.71
N LEU D 445 49.92 33.27 -75.49
CA LEU D 445 50.99 33.42 -76.46
C LEU D 445 52.35 33.30 -75.83
N GLU D 446 52.57 34.03 -74.73
CA GLU D 446 53.85 33.94 -74.02
C GLU D 446 54.19 32.47 -73.72
N PHE D 447 53.21 31.75 -73.18
CA PHE D 447 53.39 30.35 -72.84
C PHE D 447 53.62 29.53 -74.11
N MET D 448 52.75 29.75 -75.10
CA MET D 448 52.92 29.20 -76.44
C MET D 448 54.37 29.34 -76.86
N GLN D 449 54.80 30.60 -76.92
CA GLN D 449 56.09 31.00 -77.46
C GLN D 449 57.24 30.29 -76.78
N TYR D 450 57.48 30.62 -75.52
CA TYR D 450 58.63 30.06 -74.82
C TYR D 450 58.87 28.60 -75.18
N HIS D 451 57.84 27.77 -75.05
CA HIS D 451 58.00 26.32 -75.21
C HIS D 451 58.51 25.99 -76.62
N ILE D 452 58.07 26.80 -77.59
CA ILE D 452 58.55 26.70 -78.97
C ILE D 452 60.00 27.16 -79.07
N ASP D 453 60.24 28.40 -78.66
CA ASP D 453 61.55 29.04 -78.76
C ASP D 453 62.68 28.13 -78.32
N HIS D 454 62.39 27.28 -77.35
CA HIS D 454 63.42 26.42 -76.77
C HIS D 454 63.31 24.96 -77.22
N CYS D 455 62.44 24.71 -78.19
CA CYS D 455 62.31 23.37 -78.74
C CYS D 455 63.65 22.88 -79.28
N PRO D 456 64.15 21.75 -78.74
CA PRO D 456 65.40 21.11 -79.14
C PRO D 456 65.32 20.41 -80.48
N THR D 457 65.23 21.21 -81.55
CA THR D 457 65.05 20.71 -82.92
C THR D 457 66.11 19.69 -83.34
N GLU D 458 67.32 19.86 -82.82
CA GLU D 458 68.46 19.04 -83.18
C GLU D 458 68.32 17.59 -82.71
N ARG D 459 67.20 17.28 -82.06
CA ARG D 459 67.04 15.95 -81.48
C ARG D 459 66.37 14.96 -82.43
N GLY D 460 65.48 15.47 -83.26
CA GLY D 460 64.70 14.61 -84.15
C GLY D 460 63.74 15.36 -85.03
N GLU D 461 63.13 14.64 -85.96
CA GLU D 461 62.20 15.23 -86.91
C GLU D 461 61.02 15.84 -86.18
N THR D 462 60.33 14.98 -85.46
CA THR D 462 59.24 15.34 -84.56
C THR D 462 59.45 16.69 -83.88
N TYR D 463 60.64 16.88 -83.30
CA TYR D 463 60.97 18.12 -82.61
C TYR D 463 60.91 19.30 -83.58
N GLN D 464 61.49 19.11 -84.75
CA GLN D 464 61.44 20.12 -85.80
C GLN D 464 59.99 20.36 -86.17
N LEU D 465 59.37 19.28 -86.67
CA LEU D 465 57.94 19.22 -87.00
C LEU D 465 57.08 19.95 -85.97
N ALA D 466 57.45 19.76 -84.72
CA ALA D 466 56.79 20.41 -83.62
C ALA D 466 57.02 21.91 -83.73
N LYS D 467 58.28 22.32 -83.61
CA LYS D 467 58.61 23.73 -83.60
C LYS D 467 57.95 24.43 -84.77
N GLU D 468 57.86 23.73 -85.88
CA GLU D 468 57.25 24.28 -87.08
C GLU D 468 55.78 24.58 -86.83
N LEU D 469 55.00 23.51 -86.68
CA LEU D 469 53.57 23.62 -86.43
C LEU D 469 53.31 24.55 -85.24
N GLY D 470 54.27 24.55 -84.32
CA GLY D 470 54.19 25.40 -83.15
C GLY D 470 54.16 26.84 -83.55
N GLN D 471 55.27 27.31 -84.09
CA GLN D 471 55.36 28.68 -84.55
C GLN D 471 54.16 29.00 -85.45
N GLN D 472 53.77 27.99 -86.23
CA GLN D 472 52.60 28.09 -87.11
C GLN D 472 51.40 28.52 -86.30
N LEU D 473 51.04 27.67 -85.34
CA LEU D 473 49.91 27.93 -84.49
C LEU D 473 50.01 29.29 -83.83
N ILE D 474 51.20 29.60 -83.30
CA ILE D 474 51.39 30.83 -82.53
C ILE D 474 50.99 32.04 -83.34
N GLU D 475 51.25 31.97 -84.64
CA GLU D 475 50.97 33.07 -85.55
C GLU D 475 49.47 33.23 -85.73
N ASN D 476 48.82 32.12 -85.99
CA ASN D 476 47.38 32.08 -86.14
C ASN D 476 46.73 32.71 -84.91
N CYS D 477 47.11 32.20 -83.73
CA CYS D 477 46.59 32.68 -82.48
C CYS D 477 46.68 34.20 -82.41
N LYS D 478 47.74 34.74 -82.99
CA LYS D 478 47.99 36.16 -82.92
C LYS D 478 46.95 36.95 -83.71
N GLU D 479 46.46 36.37 -84.79
CA GLU D 479 45.52 37.10 -85.64
C GLU D 479 44.07 36.87 -85.25
N VAL D 480 43.85 36.09 -84.20
CA VAL D 480 42.48 35.80 -83.77
C VAL D 480 42.19 36.26 -82.35
N LEU D 481 43.11 37.02 -81.77
CA LEU D 481 42.86 37.68 -80.50
C LEU D 481 41.70 38.64 -80.68
N GLY D 482 40.78 38.64 -79.72
CA GLY D 482 39.60 39.49 -79.78
C GLY D 482 38.55 38.91 -80.73
N LYS D 483 39.01 38.32 -81.81
CA LYS D 483 38.13 37.73 -82.78
C LYS D 483 37.35 36.55 -82.19
N PRO D 484 36.01 36.65 -82.20
CA PRO D 484 35.04 35.63 -81.81
C PRO D 484 35.52 34.24 -82.17
N PRO D 485 35.40 33.29 -81.25
CA PRO D 485 35.81 31.91 -81.46
C PRO D 485 34.79 31.24 -82.37
N VAL D 486 35.15 30.10 -82.93
CA VAL D 486 34.30 29.49 -83.93
C VAL D 486 34.14 27.97 -83.85
N TYR D 487 32.90 27.55 -84.08
CA TYR D 487 32.60 26.16 -84.28
C TYR D 487 32.94 25.82 -85.72
N LYS D 488 33.94 24.95 -85.90
CA LYS D 488 34.29 24.51 -87.25
C LYS D 488 34.56 23.01 -87.22
N ASP D 489 33.66 22.25 -87.83
CA ASP D 489 33.81 20.79 -87.84
C ASP D 489 34.77 20.30 -88.94
N VAL D 490 35.98 19.95 -88.53
CA VAL D 490 36.98 19.54 -89.49
C VAL D 490 37.03 18.04 -89.63
N SER D 491 36.10 17.36 -88.95
CA SER D 491 36.17 15.91 -88.92
C SER D 491 36.02 15.34 -90.33
N ILE D 492 36.44 14.10 -90.51
CA ILE D 492 36.33 13.44 -91.79
C ILE D 492 34.96 12.78 -91.90
N PRO D 493 34.06 13.38 -92.70
CA PRO D 493 32.71 12.83 -92.88
C PRO D 493 32.75 11.31 -92.97
N THR D 494 31.87 10.65 -92.22
CA THR D 494 31.94 9.20 -92.14
C THR D 494 30.58 8.58 -92.40
N GLY D 495 30.58 7.34 -92.89
CA GLY D 495 29.36 6.63 -93.23
C GLY D 495 29.23 5.28 -92.54
N PRO D 496 28.10 4.58 -92.75
CA PRO D 496 27.74 3.34 -92.08
C PRO D 496 28.21 2.16 -92.90
N GLN D 497 28.71 1.11 -92.24
CA GLN D 497 29.16 -0.07 -92.96
C GLN D 497 29.11 -1.34 -92.10
N THR D 498 28.04 -2.11 -92.30
CA THR D 498 27.86 -3.39 -91.61
C THR D 498 28.46 -4.53 -92.44
N THR D 499 29.15 -5.44 -91.77
CA THR D 499 29.84 -6.52 -92.46
C THR D 499 29.58 -7.83 -91.76
N ILE D 500 29.42 -8.89 -92.55
CA ILE D 500 29.28 -10.22 -91.98
C ILE D 500 30.50 -11.10 -92.26
N ASP D 501 31.35 -11.18 -91.25
CA ASP D 501 32.51 -12.06 -91.23
C ASP D 501 32.14 -13.48 -91.68
N ALA D 502 33.10 -14.20 -92.25
CA ALA D 502 32.86 -15.56 -92.70
C ALA D 502 32.51 -16.53 -91.56
N ARG D 503 32.88 -16.17 -90.34
CA ARG D 503 32.49 -16.94 -89.15
C ARG D 503 31.08 -16.60 -88.67
N GLY D 504 30.41 -15.70 -89.40
CA GLY D 504 29.07 -15.26 -89.03
C GLY D 504 29.07 -14.03 -88.17
N ASN D 505 30.26 -13.63 -87.73
CA ASN D 505 30.42 -12.42 -86.93
C ASN D 505 29.83 -11.22 -87.66
N ILE D 506 28.97 -10.48 -86.97
CA ILE D 506 28.40 -9.26 -87.54
C ILE D 506 29.02 -8.05 -86.88
N GLN D 507 29.75 -7.25 -87.66
CA GLN D 507 30.33 -6.03 -87.11
C GLN D 507 29.89 -4.81 -87.90
N TYR D 508 30.05 -3.64 -87.30
CA TYR D 508 29.63 -2.39 -87.92
C TYR D 508 30.64 -1.31 -87.61
N GLN D 509 31.42 -0.92 -88.60
CA GLN D 509 32.36 0.18 -88.44
C GLN D 509 31.76 1.44 -89.01
N GLU D 510 32.48 2.54 -88.91
CA GLU D 510 32.08 3.76 -89.61
C GLU D 510 33.21 4.17 -90.54
N VAL D 511 32.99 3.92 -91.81
CA VAL D 511 34.04 4.09 -92.80
C VAL D 511 33.97 5.46 -93.45
N PRO D 512 35.12 6.12 -93.60
CA PRO D 512 35.19 7.42 -94.25
C PRO D 512 34.39 7.40 -95.54
N ARG D 513 33.50 8.37 -95.72
CA ARG D 513 32.73 8.48 -96.95
C ARG D 513 33.67 8.65 -98.13
N ALA D 514 33.53 7.77 -99.12
CA ALA D 514 34.42 7.76 -100.27
C ALA D 514 34.29 9.04 -101.08
N SER D 515 33.14 9.70 -100.96
CA SER D 515 32.87 10.91 -101.77
C SER D 515 33.24 12.24 -101.11
N ALA D 516 33.07 12.35 -99.79
CA ALA D 516 33.37 13.59 -99.09
C ALA D 516 34.53 13.44 -98.10
N ARG D 517 35.31 14.50 -97.95
CA ARG D 517 36.49 14.47 -97.09
C ARG D 517 36.44 15.59 -96.05
N LYS D 518 36.03 16.78 -96.48
CA LYS D 518 35.76 17.90 -95.57
C LYS D 518 34.27 18.02 -95.37
N PHE D 519 33.87 18.89 -94.47
CA PHE D 519 32.45 19.06 -94.27
C PHE D 519 31.86 19.80 -95.42
N GLU D 520 32.66 20.64 -96.06
CA GLU D 520 32.18 21.42 -97.20
C GLU D 520 31.55 20.50 -98.24
N HIS D 521 32.19 19.35 -98.45
CA HIS D 521 31.72 18.36 -99.39
C HIS D 521 30.35 17.88 -98.98
N TYR D 522 30.25 17.48 -97.71
CA TYR D 522 28.99 17.11 -97.10
C TYR D 522 27.93 18.17 -97.39
N VAL D 523 28.23 19.42 -97.09
CA VAL D 523 27.25 20.50 -97.28
C VAL D 523 26.74 20.47 -98.72
N LYS D 524 27.68 20.38 -99.65
CA LYS D 524 27.33 20.25 -101.05
C LYS D 524 26.50 18.99 -101.27
N GLN D 525 27.14 17.82 -101.14
CA GLN D 525 26.44 16.56 -101.34
C GLN D 525 24.99 16.62 -100.90
N MET D 526 24.76 17.29 -99.78
CA MET D 526 23.43 17.41 -99.18
C MET D 526 22.48 18.27 -100.00
N ALA D 527 22.53 19.57 -99.75
CA ALA D 527 21.78 20.53 -100.54
C ALA D 527 21.61 20.09 -101.99
N GLU D 528 22.63 19.42 -102.49
CA GLU D 528 22.64 18.96 -103.87
C GLU D 528 21.55 17.93 -104.19
N GLY D 529 21.18 17.16 -103.18
CA GLY D 529 20.17 16.14 -103.37
C GLY D 529 20.76 14.97 -104.12
N GLY D 530 19.89 14.21 -104.76
CA GLY D 530 20.33 13.09 -105.57
C GLY D 530 19.32 12.70 -106.63
N PRO D 531 19.73 11.80 -107.54
CA PRO D 531 18.90 11.23 -108.61
C PRO D 531 17.52 10.77 -108.15
N ILE D 532 17.34 10.55 -106.86
CA ILE D 532 16.03 10.11 -106.38
C ILE D 532 14.99 11.23 -106.26
N SER D 533 15.39 12.38 -105.77
CA SER D 533 14.45 13.50 -105.65
C SER D 533 14.34 14.39 -106.90
N GLN D 534 14.37 13.76 -108.08
CA GLN D 534 14.34 14.50 -109.33
C GLN D 534 12.96 15.00 -109.71
N TYR D 535 12.88 16.25 -110.16
CA TYR D 535 11.65 16.78 -110.75
C TYR D 535 11.97 17.81 -111.82
N SER D 536 11.00 18.09 -112.68
CA SER D 536 11.23 18.91 -113.87
C SER D 536 10.62 20.30 -113.75
N ASN D 537 11.37 21.32 -114.19
CA ASN D 537 10.91 22.70 -114.13
C ASN D 537 9.61 22.88 -114.85
N ARG D 538 8.91 24.00 -114.61
CA ARG D 538 7.74 24.28 -115.43
C ARG D 538 8.18 24.17 -116.88
N THR D 539 9.34 24.75 -117.16
CA THR D 539 9.94 24.76 -118.49
C THR D 539 9.98 23.37 -119.13
N LYS D 540 10.66 22.45 -118.47
CA LYS D 540 10.75 21.09 -118.95
C LYS D 540 9.36 20.50 -119.15
N VAL D 541 8.46 20.80 -118.21
CA VAL D 541 7.08 20.33 -118.30
C VAL D 541 6.44 20.75 -119.62
N GLN D 542 6.70 21.99 -120.06
CA GLN D 542 6.15 22.40 -121.36
C GLN D 542 6.94 21.81 -122.50
N ASN D 543 8.24 22.05 -122.50
CA ASN D 543 9.10 21.49 -123.55
C ASN D 543 8.89 20.00 -123.76
N ASP D 544 8.43 19.33 -122.72
CA ASP D 544 8.09 17.92 -122.83
C ASP D 544 6.69 17.75 -123.36
N LEU D 545 5.77 18.63 -122.98
CA LEU D 545 4.45 18.64 -123.59
C LEU D 545 4.55 18.95 -125.09
N ARG D 546 5.55 19.75 -125.46
CA ARG D 546 5.78 20.08 -126.86
C ARG D 546 6.01 18.83 -127.62
N SER D 547 7.23 18.30 -127.48
CA SER D 547 7.63 17.08 -128.21
C SER D 547 6.63 15.91 -128.13
N VAL D 548 5.84 15.84 -127.06
CA VAL D 548 4.79 14.84 -126.98
C VAL D 548 3.75 15.14 -128.07
N TYR D 549 3.22 16.36 -128.06
CA TYR D 549 2.25 16.78 -129.06
C TYR D 549 2.85 16.71 -130.45
N LYS D 550 4.00 17.36 -130.64
CA LYS D 550 4.66 17.41 -131.95
C LYS D 550 4.85 16.03 -132.56
N LEU D 551 5.28 15.08 -131.75
CA LEU D 551 5.53 13.74 -132.24
C LEU D 551 4.23 12.97 -132.50
N ILE D 552 3.37 12.93 -131.49
CA ILE D 552 2.08 12.25 -131.60
C ILE D 552 1.26 12.81 -132.78
N ARG D 553 1.40 14.10 -133.05
CA ARG D 553 0.60 14.82 -134.06
C ARG D 553 1.15 14.63 -135.48
N ARG D 554 2.44 14.93 -135.65
CA ARG D 554 3.09 14.80 -136.94
C ARG D 554 3.34 13.34 -137.26
N GLN D 555 2.41 12.49 -136.85
CA GLN D 555 2.51 11.06 -137.04
C GLN D 555 1.22 10.60 -137.70
N HIS D 556 0.20 11.45 -137.56
CA HIS D 556 -1.12 11.23 -138.17
C HIS D 556 -1.52 9.78 -138.29
N ARG D 557 -1.91 9.19 -137.17
CA ARG D 557 -2.38 7.81 -137.20
C ARG D 557 -3.71 7.74 -136.49
N LEU D 558 -4.14 8.88 -135.95
CA LEU D 558 -5.31 8.90 -135.09
C LEU D 558 -6.53 9.43 -135.82
N SER D 559 -7.70 8.87 -135.50
CA SER D 559 -8.94 9.36 -136.09
C SER D 559 -9.12 10.81 -135.69
N LYS D 560 -9.85 11.55 -136.51
CA LYS D 560 -10.05 12.97 -136.24
C LYS D 560 -10.73 13.16 -134.89
N SER D 561 -11.33 12.11 -134.36
CA SER D 561 -11.89 12.14 -133.02
C SER D 561 -10.76 12.32 -132.04
N SER D 562 -9.98 11.27 -131.93
CA SER D 562 -8.88 11.24 -130.98
C SER D 562 -8.01 12.50 -131.08
N GLN D 563 -7.62 12.85 -132.30
CA GLN D 563 -6.76 14.01 -132.50
C GLN D 563 -7.50 15.28 -132.09
N LEU D 564 -8.82 15.25 -132.23
CA LEU D 564 -9.67 16.36 -131.79
C LEU D 564 -9.57 16.57 -130.29
N GLN D 565 -9.90 15.53 -129.54
CA GLN D 565 -9.99 15.63 -128.08
C GLN D 565 -8.63 15.50 -127.38
N PHE D 566 -7.67 14.87 -128.07
CA PHE D 566 -6.29 14.92 -127.61
C PHE D 566 -5.90 16.39 -127.49
N ASN D 567 -6.19 17.14 -128.54
CA ASN D 567 -6.02 18.60 -128.56
C ASN D 567 -6.80 19.24 -127.43
N ALA D 568 -8.05 18.80 -127.29
CA ALA D 568 -8.93 19.31 -126.25
C ALA D 568 -8.22 19.26 -124.91
N LEU D 569 -7.89 18.04 -124.50
CA LEU D 569 -7.27 17.78 -123.22
C LEU D 569 -5.95 18.53 -123.06
N TYR D 570 -5.17 18.59 -124.13
CA TYR D 570 -3.87 19.24 -124.09
C TYR D 570 -4.05 20.68 -123.65
N LYS D 571 -5.02 21.35 -124.25
CA LYS D 571 -5.28 22.76 -123.98
C LYS D 571 -5.57 23.03 -122.51
N ASP D 572 -6.43 22.19 -121.93
CA ASP D 572 -6.81 22.31 -120.53
C ASP D 572 -5.55 22.29 -119.66
N VAL D 573 -4.77 21.23 -119.84
CA VAL D 573 -3.53 21.04 -119.14
C VAL D 573 -2.68 22.31 -119.20
N ILE D 574 -2.62 22.90 -120.39
CA ILE D 574 -1.77 24.05 -120.69
C ILE D 574 -2.31 25.34 -120.07
N ARG D 575 -3.60 25.33 -119.80
CA ARG D 575 -4.26 26.42 -119.08
C ARG D 575 -3.87 26.37 -117.62
N ALA D 576 -4.23 25.26 -116.99
CA ALA D 576 -4.03 25.07 -115.57
C ALA D 576 -2.58 25.27 -115.17
N LEU D 577 -1.66 24.95 -116.08
CA LEU D 577 -0.25 25.06 -115.80
C LEU D 577 0.31 26.41 -116.21
N ALA D 578 -0.58 27.25 -116.77
CA ALA D 578 -0.26 28.63 -117.12
C ALA D 578 0.64 28.75 -118.35
N MET D 579 1.17 27.63 -118.80
CA MET D 579 2.00 27.60 -119.99
C MET D 579 1.09 28.06 -121.14
N ASN D 580 1.65 28.44 -122.29
CA ASN D 580 0.78 29.03 -123.33
C ASN D 580 0.37 28.11 -124.48
N GLU D 581 -0.90 28.25 -124.90
CA GLU D 581 -1.48 27.52 -126.01
C GLU D 581 -0.45 27.48 -127.12
N SER D 582 -0.19 28.68 -127.64
CA SER D 582 0.74 29.01 -128.73
C SER D 582 1.95 28.09 -128.88
N GLN D 583 2.92 28.25 -127.97
CA GLN D 583 4.15 27.44 -127.94
C GLN D 583 3.95 25.91 -127.99
N ILE D 584 3.05 25.41 -127.16
CA ILE D 584 3.01 23.98 -126.88
C ILE D 584 2.31 23.16 -127.95
N MET D 585 1.18 23.65 -128.46
CA MET D 585 0.44 22.93 -129.50
C MET D 585 0.68 23.45 -130.93
N GLN D 586 1.76 24.23 -131.10
CA GLN D 586 2.14 24.75 -132.41
C GLN D 586 3.58 24.38 -132.78
N ARG D 605 12.53 26.95 -124.17
CA ARG D 605 13.92 26.56 -124.46
C ARG D 605 14.53 25.49 -123.52
N PRO D 606 15.85 25.18 -123.63
CA PRO D 606 16.38 23.87 -123.19
C PRO D 606 15.56 23.10 -122.15
N GLY D 607 15.29 23.70 -120.99
CA GLY D 607 14.51 23.05 -119.95
C GLY D 607 15.42 22.64 -118.81
N LYS D 608 14.90 22.36 -117.63
CA LYS D 608 15.82 22.26 -116.51
C LYS D 608 15.49 21.18 -115.50
N VAL D 609 16.50 20.38 -115.18
CA VAL D 609 16.41 19.38 -114.13
C VAL D 609 16.73 19.99 -112.78
N GLU D 610 15.93 19.65 -111.77
CA GLU D 610 16.20 20.13 -110.42
C GLU D 610 16.05 19.02 -109.42
N THR D 611 16.61 19.25 -108.24
CA THR D 611 16.56 18.25 -107.20
C THR D 611 16.19 18.87 -105.87
N ILE D 612 15.88 17.98 -104.94
CA ILE D 612 15.52 18.35 -103.58
C ILE D 612 16.67 18.01 -102.64
N PRO D 613 16.98 18.97 -101.76
CA PRO D 613 18.27 19.13 -101.07
C PRO D 613 18.61 18.17 -99.92
N PHE D 614 17.93 17.05 -99.71
CA PHE D 614 18.05 16.34 -98.42
C PHE D 614 17.89 17.21 -97.16
N LEU D 615 18.18 18.51 -97.25
CA LEU D 615 18.11 19.41 -96.12
C LEU D 615 17.44 20.68 -96.58
N HIS D 616 16.16 20.82 -96.32
CA HIS D 616 15.48 22.01 -96.79
C HIS D 616 14.57 22.57 -95.74
N LEU D 617 14.29 23.86 -95.84
CA LEU D 617 13.28 24.52 -95.02
C LEU D 617 11.99 24.42 -95.81
N ARG D 618 10.90 24.94 -95.24
CA ARG D 618 9.61 24.96 -95.92
C ARG D 618 8.87 26.20 -95.52
N LYS D 619 7.75 26.46 -96.18
CA LYS D 619 6.87 27.54 -95.78
C LYS D 619 5.44 27.05 -95.89
N LYS D 620 4.53 27.73 -95.22
CA LYS D 620 3.15 27.29 -95.21
C LYS D 620 2.33 27.90 -96.36
N ASP D 621 1.51 27.05 -96.98
CA ASP D 621 0.56 27.48 -98.01
C ASP D 621 -0.60 28.25 -97.36
N GLU D 622 -1.41 28.91 -98.18
CA GLU D 622 -2.66 29.47 -97.70
C GLU D 622 -3.41 28.38 -96.98
N PHE D 623 -3.32 27.18 -97.55
CA PHE D 623 -3.86 25.98 -96.93
C PHE D 623 -2.79 25.29 -96.10
N GLY D 624 -2.44 25.92 -94.98
CA GLY D 624 -1.41 25.43 -94.07
C GLY D 624 -0.67 24.18 -94.48
N ASN D 625 0.17 24.30 -95.50
CA ASN D 625 0.93 23.17 -95.97
C ASN D 625 2.40 23.51 -95.94
N TRP D 626 3.22 22.55 -95.51
CA TRP D 626 4.65 22.81 -95.47
C TRP D 626 5.28 22.33 -96.76
N GLU D 627 5.41 23.25 -97.70
CA GLU D 627 5.94 22.95 -99.03
C GLU D 627 7.36 23.49 -99.20
N TYR D 628 8.21 22.69 -99.83
CA TYR D 628 9.61 23.08 -100.07
C TYR D 628 9.78 24.50 -100.63
N SER D 629 10.48 25.35 -99.87
CA SER D 629 10.82 26.70 -100.31
C SER D 629 12.30 26.79 -100.60
N LYS D 630 12.64 26.92 -101.87
CA LYS D 630 14.03 27.08 -102.26
C LYS D 630 14.64 28.34 -101.63
N LYS D 631 13.83 29.39 -101.53
CA LYS D 631 14.32 30.68 -101.04
C LYS D 631 14.99 30.47 -99.69
N LEU D 632 14.30 29.76 -98.81
CA LEU D 632 14.81 29.51 -97.46
C LEU D 632 15.88 28.45 -97.51
N THR D 633 15.54 27.29 -98.05
CA THR D 633 16.49 26.20 -98.18
C THR D 633 17.83 26.72 -98.65
N GLY D 634 17.77 27.73 -99.49
CA GLY D 634 18.95 28.45 -99.91
C GLY D 634 19.54 29.17 -98.73
N ILE D 635 18.91 30.28 -98.35
CA ILE D 635 19.41 31.14 -97.28
C ILE D 635 19.94 30.34 -96.06
N TYR D 636 19.38 29.16 -95.83
CA TYR D 636 19.89 28.26 -94.82
C TYR D 636 21.18 27.60 -95.26
N LEU D 637 21.05 26.72 -96.25
CA LEU D 637 22.15 25.92 -96.77
C LEU D 637 23.39 26.75 -97.01
N ASP D 638 23.16 28.02 -97.33
CA ASP D 638 24.23 28.96 -97.58
C ASP D 638 25.08 29.13 -96.32
N GLY D 639 24.42 29.53 -95.22
CA GLY D 639 25.07 29.60 -93.93
C GLY D 639 25.67 28.27 -93.55
N LEU D 640 24.91 27.20 -93.78
CA LEU D 640 25.35 25.84 -93.50
C LEU D 640 26.72 25.56 -94.15
N GLU D 641 26.93 26.12 -95.34
CA GLU D 641 28.20 26.00 -96.05
C GLU D 641 29.23 26.94 -95.43
N ALA D 642 28.82 28.19 -95.24
CA ALA D 642 29.64 29.21 -94.60
C ALA D 642 30.18 28.73 -93.27
N ALA D 643 29.43 27.86 -92.63
CA ALA D 643 29.86 27.25 -91.40
C ALA D 643 31.03 26.32 -91.69
N ALA D 644 30.84 25.42 -92.64
CA ALA D 644 31.82 24.38 -92.92
C ALA D 644 33.16 24.97 -93.33
N ARG D 645 33.12 26.22 -93.76
CA ARG D 645 34.29 26.95 -94.24
C ARG D 645 35.03 27.69 -93.15
N SER D 646 34.53 28.89 -92.86
CA SER D 646 35.16 29.82 -91.93
C SER D 646 34.57 29.68 -90.52
N GLY D 647 33.77 28.64 -90.32
CA GLY D 647 33.19 28.36 -89.03
C GLY D 647 31.96 29.20 -88.69
N LEU D 648 31.63 29.20 -87.41
CA LEU D 648 30.42 29.80 -86.92
C LEU D 648 30.59 30.08 -85.43
N THR D 649 30.34 31.34 -85.03
CA THR D 649 30.52 31.74 -83.63
C THR D 649 29.21 31.90 -82.89
N PHE D 650 29.27 31.65 -81.58
CA PHE D 650 28.11 31.82 -80.73
C PHE D 650 28.42 32.79 -79.61
N GLN D 651 29.51 33.53 -79.78
CA GLN D 651 29.94 34.52 -78.81
C GLN D 651 28.79 35.34 -78.23
N GLY D 652 28.76 35.42 -76.90
CA GLY D 652 27.79 36.23 -76.18
C GLY D 652 26.43 35.59 -76.00
N LYS D 653 26.26 34.42 -76.57
CA LYS D 653 24.96 33.76 -76.51
C LYS D 653 24.87 32.92 -75.23
N HIS D 654 23.66 32.93 -74.65
CA HIS D 654 23.29 32.07 -73.52
C HIS D 654 22.30 30.99 -73.98
N ALA D 655 22.53 29.75 -73.61
CA ALA D 655 21.60 28.71 -74.03
C ALA D 655 21.39 27.58 -73.01
N LEU D 656 20.15 27.12 -72.92
CA LEU D 656 19.76 26.01 -72.06
C LEU D 656 19.60 24.74 -72.89
N MET D 657 20.14 23.63 -72.40
CA MET D 657 20.10 22.36 -73.13
C MET D 657 19.75 21.19 -72.22
N THR D 658 18.65 20.52 -72.54
CA THR D 658 18.29 19.30 -71.82
C THR D 658 18.40 18.14 -72.75
N GLY D 659 18.88 17.01 -72.24
CA GLY D 659 18.97 15.81 -73.03
C GLY D 659 20.35 15.70 -73.63
N ALA D 660 21.26 16.50 -73.08
CA ALA D 660 22.63 16.54 -73.57
C ALA D 660 23.49 15.39 -73.03
N GLY D 661 22.89 14.22 -72.91
CA GLY D 661 23.58 13.11 -72.31
C GLY D 661 24.84 12.80 -73.06
N ALA D 662 25.72 12.03 -72.41
CA ALA D 662 26.92 11.50 -73.05
C ALA D 662 26.59 10.74 -74.34
N GLY D 663 27.27 11.07 -75.43
CA GLY D 663 27.06 10.43 -76.72
C GLY D 663 25.69 10.61 -77.32
N SER D 664 25.13 11.81 -77.23
CA SER D 664 23.84 12.06 -77.86
C SER D 664 23.98 13.23 -78.81
N ILE D 665 22.94 13.44 -79.62
CA ILE D 665 22.89 14.62 -80.48
C ILE D 665 23.14 15.88 -79.64
N GLY D 666 22.40 16.01 -78.54
CA GLY D 666 22.61 17.14 -77.64
C GLY D 666 24.07 17.31 -77.25
N ALA D 667 24.73 16.18 -77.00
CA ALA D 667 26.12 16.18 -76.56
C ALA D 667 26.99 16.93 -77.55
N GLU D 668 26.77 16.65 -78.83
CA GLU D 668 27.53 17.27 -79.90
C GLU D 668 27.20 18.74 -80.06
N VAL D 669 25.90 19.03 -80.16
CA VAL D 669 25.47 20.42 -80.24
C VAL D 669 26.09 21.26 -79.11
N LEU D 670 26.18 20.64 -77.94
CA LEU D 670 26.78 21.30 -76.80
C LEU D 670 28.17 21.79 -77.16
N GLN D 671 29.06 20.84 -77.46
CA GLN D 671 30.43 21.15 -77.83
C GLN D 671 30.48 22.24 -78.89
N GLY D 672 29.50 22.19 -79.77
CA GLY D 672 29.34 23.21 -80.78
C GLY D 672 29.30 24.59 -80.16
N LEU D 673 28.25 24.88 -79.41
CA LEU D 673 28.10 26.19 -78.79
C LEU D 673 29.28 26.53 -77.88
N LEU D 674 29.90 25.49 -77.33
CA LEU D 674 31.02 25.71 -76.42
C LEU D 674 32.26 26.22 -77.14
N SER D 675 32.41 25.81 -78.40
CA SER D 675 33.49 26.35 -79.23
C SER D 675 33.24 27.79 -79.71
N GLY D 676 31.98 28.17 -79.90
CA GLY D 676 31.62 29.56 -80.02
C GLY D 676 31.71 30.07 -78.60
N GLY D 677 31.60 31.37 -78.38
CA GLY D 677 31.76 31.91 -77.05
C GLY D 677 30.55 31.75 -76.16
N ALA D 678 29.84 30.63 -76.33
CA ALA D 678 28.53 30.46 -75.70
C ALA D 678 28.54 29.95 -74.26
N LYS D 679 27.73 30.61 -73.44
CA LYS D 679 27.51 30.17 -72.08
C LYS D 679 26.24 29.35 -72.08
N VAL D 680 26.36 28.09 -71.65
CA VAL D 680 25.21 27.21 -71.61
C VAL D 680 25.06 26.47 -70.28
N ILE D 681 23.79 26.26 -69.92
CA ILE D 681 23.41 25.48 -68.78
C ILE D 681 22.88 24.12 -69.22
N VAL D 682 23.59 23.07 -68.82
CA VAL D 682 23.25 21.71 -69.22
C VAL D 682 22.58 20.94 -68.07
N THR D 683 21.49 20.23 -68.36
CA THR D 683 20.85 19.41 -67.33
C THR D 683 21.18 17.91 -67.42
N THR D 684 21.34 17.30 -66.25
CA THR D 684 21.49 15.86 -66.15
C THR D 684 20.58 15.25 -65.10
N SER D 685 19.87 14.22 -65.52
CA SER D 685 18.95 13.48 -64.69
C SER D 685 19.65 12.31 -64.04
N ARG D 686 20.95 12.20 -64.28
CA ARG D 686 21.73 11.12 -63.69
C ARG D 686 23.03 11.71 -63.19
N PHE D 687 22.89 12.74 -62.37
CA PHE D 687 24.00 13.54 -61.87
C PHE D 687 24.99 12.69 -61.03
N SER D 688 26.06 12.21 -61.65
CA SER D 688 27.05 11.41 -60.95
C SER D 688 28.32 12.22 -60.82
N ARG D 689 29.36 11.55 -60.35
CA ARG D 689 30.67 12.15 -60.43
C ARG D 689 31.05 12.00 -61.88
N GLN D 690 30.84 10.78 -62.39
CA GLN D 690 31.26 10.43 -63.75
C GLN D 690 30.68 11.40 -64.79
N VAL D 691 29.41 11.73 -64.62
CA VAL D 691 28.72 12.68 -65.47
C VAL D 691 29.29 14.08 -65.29
N THR D 692 29.57 14.45 -64.04
CA THR D 692 30.21 15.72 -63.74
C THR D 692 31.51 15.77 -64.51
N GLU D 693 32.30 14.70 -64.37
CA GLU D 693 33.62 14.67 -64.98
C GLU D 693 33.56 14.80 -66.50
N TYR D 694 32.70 13.98 -67.10
CA TYR D 694 32.42 14.04 -68.52
C TYR D 694 32.29 15.44 -69.07
N TYR D 695 31.29 16.18 -68.60
CA TYR D 695 31.10 17.57 -69.04
C TYR D 695 32.31 18.48 -68.79
N GLN D 696 33.09 18.18 -67.75
CA GLN D 696 34.36 18.86 -67.53
C GLN D 696 35.27 18.53 -68.71
N GLY D 697 35.44 17.24 -68.98
CA GLY D 697 36.27 16.79 -70.09
C GLY D 697 35.96 17.57 -71.36
N ILE D 698 34.68 17.72 -71.63
CA ILE D 698 34.21 18.56 -72.72
C ILE D 698 34.74 19.98 -72.60
N TYR D 699 34.29 20.72 -71.60
CA TYR D 699 34.68 22.11 -71.49
C TYR D 699 36.20 22.32 -71.52
N ALA D 700 36.95 21.30 -71.10
CA ALA D 700 38.41 21.40 -71.08
C ALA D 700 38.95 21.50 -72.48
N ARG D 701 38.20 20.95 -73.42
CA ARG D 701 38.65 20.82 -74.79
C ARG D 701 37.83 21.61 -75.81
N CYS D 702 36.74 22.22 -75.37
CA CYS D 702 35.84 22.94 -76.28
C CYS D 702 35.68 24.35 -75.84
N GLY D 703 35.80 24.57 -74.53
CA GLY D 703 35.54 25.86 -73.93
C GLY D 703 36.39 27.00 -74.47
N ALA D 704 35.85 27.72 -75.43
CA ALA D 704 36.56 28.84 -76.03
C ALA D 704 36.57 29.98 -75.03
N ARG D 705 37.45 30.94 -75.24
CA ARG D 705 37.41 32.20 -74.50
C ARG D 705 35.95 32.68 -74.40
N GLY D 706 35.54 33.14 -73.22
CA GLY D 706 34.22 33.70 -73.06
C GLY D 706 33.11 32.68 -72.80
N SER D 707 33.37 31.42 -73.12
CA SER D 707 32.40 30.36 -72.88
C SER D 707 32.24 30.03 -71.40
N GLN D 708 31.16 29.32 -71.07
CA GLN D 708 30.93 28.84 -69.71
C GLN D 708 29.98 27.63 -69.73
N LEU D 709 30.31 26.62 -68.93
CA LEU D 709 29.45 25.44 -68.82
C LEU D 709 28.94 25.38 -67.39
N VAL D 710 27.64 25.18 -67.25
CA VAL D 710 27.03 25.07 -65.94
C VAL D 710 26.18 23.80 -65.87
N VAL D 711 26.72 22.76 -65.26
CA VAL D 711 25.95 21.54 -65.13
C VAL D 711 25.16 21.48 -63.83
N VAL D 712 24.06 20.75 -63.88
CA VAL D 712 22.99 20.88 -62.90
C VAL D 712 22.12 19.63 -62.97
N PRO D 713 21.70 19.12 -61.80
CA PRO D 713 20.82 17.94 -61.82
C PRO D 713 19.43 18.46 -62.17
N PHE D 714 18.64 17.64 -62.85
CA PHE D 714 17.31 18.07 -63.25
C PHE D 714 16.53 16.89 -63.77
N ASN D 715 15.23 16.93 -63.56
CA ASN D 715 14.32 15.89 -64.03
C ASN D 715 13.12 16.51 -64.75
N GLN D 716 13.15 16.48 -66.09
CA GLN D 716 12.13 17.16 -66.86
C GLN D 716 10.76 16.58 -66.63
N GLY D 717 10.74 15.41 -66.00
CA GLY D 717 9.50 14.75 -65.61
C GLY D 717 8.81 15.43 -64.44
N SER D 718 9.45 16.45 -63.87
CA SER D 718 8.93 17.09 -62.66
C SER D 718 8.53 18.53 -62.87
N LYS D 719 7.24 18.81 -62.81
CA LYS D 719 6.74 20.17 -62.98
C LYS D 719 7.55 21.16 -62.13
N GLN D 720 7.88 20.72 -60.92
CA GLN D 720 8.50 21.57 -59.92
C GLN D 720 9.87 21.97 -60.38
N ASP D 721 10.63 20.95 -60.79
CA ASP D 721 11.97 21.15 -61.33
C ASP D 721 12.00 22.16 -62.48
N VAL D 722 11.09 21.98 -63.42
CA VAL D 722 11.04 22.85 -64.55
C VAL D 722 11.00 24.28 -64.06
N GLU D 723 9.97 24.62 -63.28
CA GLU D 723 9.87 26.00 -62.81
C GLU D 723 11.07 26.42 -61.94
N ALA D 724 11.63 25.46 -61.22
CA ALA D 724 12.79 25.72 -60.37
C ALA D 724 14.03 26.02 -61.19
N LEU D 725 14.30 25.15 -62.16
CA LEU D 725 15.44 25.31 -63.06
C LEU D 725 15.38 26.69 -63.64
N VAL D 726 14.27 26.99 -64.30
CA VAL D 726 14.10 28.28 -64.93
C VAL D 726 14.45 29.44 -64.02
N ASN D 727 14.04 29.33 -62.76
CA ASN D 727 14.30 30.41 -61.81
C ASN D 727 15.78 30.60 -61.50
N TYR D 728 16.48 29.49 -61.27
CA TYR D 728 17.91 29.53 -61.03
C TYR D 728 18.57 30.26 -62.17
N ILE D 729 18.06 29.98 -63.37
CA ILE D 729 18.63 30.55 -64.57
C ILE D 729 18.49 32.05 -64.61
N TYR D 730 17.33 32.56 -64.18
CA TYR D 730 17.07 34.00 -64.29
C TYR D 730 17.31 34.82 -63.05
N ASP D 731 17.33 34.19 -61.88
CA ASP D 731 17.49 34.94 -60.63
C ASP D 731 18.79 35.73 -60.57
N THR D 732 18.64 37.03 -60.38
CA THR D 732 19.79 37.91 -60.36
C THR D 732 20.67 37.64 -59.13
N LYS D 733 20.04 37.57 -57.95
CA LYS D 733 20.76 37.51 -56.67
C LYS D 733 21.47 36.19 -56.43
N ASN D 734 20.69 35.14 -56.17
CA ASN D 734 21.25 33.84 -55.87
C ASN D 734 21.28 32.89 -57.05
N GLY D 735 20.62 33.27 -58.14
CA GLY D 735 20.63 32.47 -59.35
C GLY D 735 21.86 32.79 -60.18
N LEU D 736 21.92 32.28 -61.41
CA LEU D 736 23.02 32.64 -62.28
C LEU D 736 22.58 33.72 -63.28
N GLY D 737 21.46 34.37 -62.95
CA GLY D 737 20.99 35.59 -63.61
C GLY D 737 21.24 35.81 -65.09
N TRP D 738 20.90 34.81 -65.90
CA TRP D 738 21.07 34.89 -67.34
C TRP D 738 19.78 35.37 -68.00
N ASP D 739 19.83 35.39 -69.34
CA ASP D 739 18.64 35.45 -70.20
C ASP D 739 18.94 34.53 -71.39
N LEU D 740 17.97 33.72 -71.80
CA LEU D 740 18.24 32.66 -72.75
C LEU D 740 18.13 33.08 -74.21
N ASP D 741 19.09 32.63 -75.01
CA ASP D 741 19.15 32.91 -76.45
C ASP D 741 18.69 31.69 -77.21
N TYR D 742 19.07 30.52 -76.73
CA TYR D 742 18.65 29.28 -77.32
C TYR D 742 18.02 28.38 -76.26
N VAL D 743 17.09 27.53 -76.67
CA VAL D 743 16.54 26.48 -75.83
C VAL D 743 16.51 25.20 -76.64
N VAL D 744 17.15 24.16 -76.13
CA VAL D 744 17.32 22.93 -76.88
C VAL D 744 16.79 21.74 -76.07
N PRO D 745 15.45 21.55 -76.08
CA PRO D 745 14.69 20.61 -75.25
C PRO D 745 14.77 19.16 -75.69
N PHE D 746 15.97 18.61 -75.74
CA PHE D 746 16.17 17.26 -76.22
C PHE D 746 15.96 16.17 -75.14
N ALA D 747 15.27 16.48 -74.05
CA ALA D 747 15.09 15.50 -73.00
C ALA D 747 14.14 14.41 -73.48
N ALA D 748 14.54 13.14 -73.37
CA ALA D 748 13.67 12.06 -73.83
C ALA D 748 13.91 10.65 -73.27
N ILE D 749 12.83 9.89 -73.21
CA ILE D 749 12.84 8.50 -72.72
C ILE D 749 12.50 7.52 -73.83
N PRO D 750 13.25 6.41 -73.86
CA PRO D 750 12.97 5.25 -74.70
C PRO D 750 11.71 4.51 -74.25
N GLU D 751 10.58 4.72 -74.92
CA GLU D 751 9.36 3.98 -74.61
C GLU D 751 9.11 2.82 -75.60
N ASN D 752 10.21 2.25 -76.09
CA ASN D 752 10.18 1.14 -77.03
C ASN D 752 9.26 0.02 -76.57
N GLY D 753 8.55 -0.59 -77.51
CA GLY D 753 7.89 -1.86 -77.24
C GLY D 753 6.39 -1.88 -77.07
N ARG D 754 5.77 -0.70 -77.07
CA ARG D 754 4.35 -0.66 -76.76
C ARG D 754 3.43 -0.04 -77.84
N GLU D 755 2.36 -0.76 -78.14
CA GLU D 755 1.32 -0.26 -79.03
C GLU D 755 0.25 0.42 -78.20
N ILE D 756 -0.81 0.96 -78.85
CA ILE D 756 -1.93 1.58 -78.12
C ILE D 756 -2.50 0.50 -77.25
N ASP D 757 -2.17 -0.72 -77.64
CA ASP D 757 -2.41 -1.91 -76.85
C ASP D 757 -2.25 -1.59 -75.37
N SER D 758 -1.10 -0.98 -75.06
CA SER D 758 -0.63 -0.87 -73.69
C SER D 758 0.23 0.38 -73.43
N ILE D 759 -0.44 1.51 -73.21
CA ILE D 759 0.20 2.74 -72.80
C ILE D 759 0.40 2.69 -71.29
N ASP D 760 1.60 2.30 -70.87
CA ASP D 760 1.83 2.05 -69.45
C ASP D 760 2.27 3.28 -68.65
N SER D 761 2.81 3.02 -67.48
CA SER D 761 3.37 4.05 -66.62
C SER D 761 4.44 4.79 -67.39
N LYS D 762 5.43 4.04 -67.89
CA LYS D 762 6.59 4.63 -68.54
C LYS D 762 6.13 5.59 -69.62
N SER D 763 5.18 5.15 -70.43
CA SER D 763 4.68 5.93 -71.54
C SER D 763 4.08 7.24 -71.05
N GLU D 764 3.23 7.16 -70.04
CA GLU D 764 2.58 8.37 -69.57
C GLU D 764 3.62 9.32 -69.04
N LEU D 765 4.64 8.76 -68.43
CA LEU D 765 5.75 9.55 -67.92
C LEU D 765 6.53 10.18 -69.05
N ALA D 766 6.95 9.35 -70.00
CA ALA D 766 7.71 9.80 -71.13
C ALA D 766 6.95 10.92 -71.83
N HIS D 767 5.66 10.75 -72.07
CA HIS D 767 4.87 11.78 -72.74
C HIS D 767 4.92 13.07 -71.90
N ARG D 768 4.99 12.94 -70.58
CA ARG D 768 5.05 14.13 -69.72
C ARG D 768 6.41 14.87 -69.84
N ILE D 769 7.49 14.09 -69.98
CA ILE D 769 8.81 14.68 -70.19
C ILE D 769 8.86 15.34 -71.53
N MET D 770 8.45 14.58 -72.55
CA MET D 770 8.60 14.94 -73.95
C MET D 770 7.59 15.96 -74.49
N LEU D 771 6.51 16.24 -73.77
CA LEU D 771 5.53 17.21 -74.23
C LEU D 771 5.03 18.21 -73.18
N THR D 772 4.27 17.71 -72.19
CA THR D 772 3.61 18.58 -71.20
C THR D 772 4.59 19.46 -70.42
N ASN D 773 5.71 18.90 -70.01
CA ASN D 773 6.68 19.65 -69.25
C ASN D 773 7.60 20.44 -70.16
N LEU D 774 7.78 19.94 -71.37
CA LEU D 774 8.49 20.70 -72.40
C LEU D 774 7.80 22.04 -72.67
N LEU D 775 6.52 21.99 -72.93
CA LEU D 775 5.76 23.20 -73.15
C LEU D 775 5.86 24.12 -71.96
N ARG D 776 5.88 23.51 -70.78
CA ARG D 776 5.91 24.28 -69.54
C ARG D 776 7.28 24.91 -69.35
N LEU D 777 8.32 24.21 -69.80
CA LEU D 777 9.68 24.75 -69.78
C LEU D 777 9.73 26.01 -70.63
N LEU D 778 9.25 25.93 -71.86
CA LEU D 778 9.14 27.12 -72.70
C LEU D 778 8.29 28.17 -72.02
N GLY D 779 7.11 27.76 -71.56
CA GLY D 779 6.19 28.68 -70.88
C GLY D 779 6.81 29.43 -69.72
N ALA D 780 7.56 28.70 -68.91
CA ALA D 780 8.32 29.28 -67.81
C ALA D 780 9.27 30.38 -68.31
N ILE D 781 10.20 29.99 -69.18
CA ILE D 781 11.12 30.94 -69.77
C ILE D 781 10.44 32.21 -70.26
N LYS D 782 9.34 32.06 -70.98
CA LYS D 782 8.62 33.22 -71.46
C LYS D 782 8.23 34.19 -70.35
N THR D 783 7.48 33.69 -69.38
CA THR D 783 6.98 34.57 -68.32
C THR D 783 8.13 35.20 -67.56
N GLN D 784 9.22 34.45 -67.43
CA GLN D 784 10.43 35.03 -66.88
C GLN D 784 10.79 36.31 -67.63
N LYS D 785 10.99 36.18 -68.93
CA LYS D 785 11.28 37.31 -69.79
C LYS D 785 10.22 38.40 -69.65
N LYS D 786 8.96 38.03 -69.85
CA LYS D 786 7.91 39.02 -69.86
C LYS D 786 8.02 39.89 -68.63
N GLU D 787 8.16 39.22 -67.48
CA GLU D 787 8.21 39.89 -66.20
C GLU D 787 9.46 40.74 -66.04
N ARG D 788 10.59 40.19 -66.47
CA ARG D 788 11.86 40.87 -66.31
C ARG D 788 12.10 42.00 -67.34
N GLY D 789 11.09 42.28 -68.16
CA GLY D 789 11.17 43.34 -69.15
C GLY D 789 12.06 43.01 -70.34
N TYR D 790 12.51 41.77 -70.41
CA TYR D 790 13.35 41.30 -71.50
C TYR D 790 12.51 41.17 -72.78
N GLU D 791 12.36 42.28 -73.50
CA GLU D 791 11.41 42.32 -74.60
C GLU D 791 12.03 42.09 -75.99
N THR D 792 13.29 42.46 -76.13
CA THR D 792 13.94 42.50 -77.43
C THR D 792 14.95 41.38 -77.61
N ARG D 793 14.79 40.28 -76.90
CA ARG D 793 15.77 39.19 -77.03
C ARG D 793 15.11 37.81 -77.03
N PRO D 794 14.23 37.55 -78.01
CA PRO D 794 13.57 36.26 -78.11
C PRO D 794 14.56 35.10 -77.98
N ALA D 795 14.05 33.99 -77.47
CA ALA D 795 14.87 32.81 -77.30
C ALA D 795 14.46 31.79 -78.33
N GLN D 796 15.45 31.32 -79.10
CA GLN D 796 15.19 30.40 -80.19
C GLN D 796 15.03 28.95 -79.68
N VAL D 797 13.87 28.38 -79.93
CA VAL D 797 13.60 27.05 -79.48
C VAL D 797 13.76 26.04 -80.61
N ILE D 798 14.72 25.16 -80.45
CA ILE D 798 14.95 24.08 -81.40
C ILE D 798 14.10 22.85 -81.09
N LEU D 799 12.80 22.91 -81.43
CA LEU D 799 11.85 21.79 -81.30
C LEU D 799 12.33 20.55 -82.05
N PRO D 800 12.73 19.48 -81.33
CA PRO D 800 13.10 18.24 -82.03
C PRO D 800 11.86 17.48 -82.48
N LEU D 801 11.35 17.80 -83.68
CA LEU D 801 10.20 17.11 -84.22
C LEU D 801 10.64 15.85 -84.93
N SER D 802 9.66 15.07 -85.39
CA SER D 802 9.95 13.79 -86.02
C SER D 802 9.19 13.62 -87.32
N PRO D 803 9.75 12.79 -88.22
CA PRO D 803 9.17 12.21 -89.43
C PRO D 803 8.18 11.09 -89.11
N ASN D 804 8.46 10.33 -88.05
CA ASN D 804 7.53 9.30 -87.63
C ASN D 804 6.35 9.89 -86.88
N HIS D 805 5.21 9.98 -87.55
CA HIS D 805 3.98 10.29 -86.83
C HIS D 805 3.05 9.06 -86.87
N GLY D 806 3.57 7.94 -86.38
CA GLY D 806 2.78 6.73 -86.25
C GLY D 806 3.05 5.73 -87.36
N THR D 807 4.05 6.03 -88.17
CA THR D 807 4.39 5.21 -89.31
C THR D 807 5.13 3.94 -88.86
N PHE D 808 5.91 4.06 -87.80
CA PHE D 808 6.66 2.94 -87.25
C PHE D 808 5.85 2.27 -86.17
N GLY D 809 6.24 1.06 -85.80
CA GLY D 809 5.50 0.27 -84.81
C GLY D 809 5.29 0.81 -83.39
N ASN D 810 5.97 0.19 -82.44
CA ASN D 810 5.68 0.37 -81.02
C ASN D 810 6.24 1.62 -80.35
N ASP D 811 5.99 2.78 -80.96
CA ASP D 811 6.40 4.07 -80.37
C ASP D 811 5.86 4.19 -78.95
N GLY D 812 4.59 3.81 -78.79
CA GLY D 812 3.90 3.93 -77.52
C GLY D 812 3.96 5.36 -77.03
N LEU D 813 3.05 6.20 -77.48
CA LEU D 813 2.97 7.58 -77.02
C LEU D 813 4.12 8.44 -77.51
N TYR D 814 5.01 7.90 -78.35
CA TYR D 814 6.14 8.69 -78.83
C TYR D 814 5.69 9.68 -79.88
N SER D 815 5.18 9.12 -80.97
CA SER D 815 4.64 9.89 -82.06
C SER D 815 3.69 10.96 -81.54
N GLU D 816 2.84 10.59 -80.59
CA GLU D 816 1.79 11.49 -80.06
C GLU D 816 2.40 12.75 -79.51
N SER D 817 3.53 12.58 -78.83
CA SER D 817 4.26 13.72 -78.28
C SER D 817 4.83 14.55 -79.43
N LYS D 818 5.59 13.88 -80.31
CA LYS D 818 6.39 14.54 -81.34
C LYS D 818 5.52 15.30 -82.34
N LEU D 819 4.31 14.78 -82.52
CA LEU D 819 3.35 15.43 -83.39
C LEU D 819 2.75 16.67 -82.72
N ALA D 820 2.30 16.48 -81.48
CA ALA D 820 1.67 17.54 -80.73
C ALA D 820 2.55 18.78 -80.71
N LEU D 821 3.86 18.55 -80.65
CA LEU D 821 4.83 19.63 -80.56
C LEU D 821 4.60 20.66 -81.67
N GLU D 822 4.13 20.17 -82.80
CA GLU D 822 3.97 20.97 -83.99
C GLU D 822 2.81 21.96 -83.92
N THR D 823 1.97 21.84 -82.91
CA THR D 823 0.89 22.81 -82.73
C THR D 823 1.49 24.15 -82.35
N LEU D 824 2.79 24.11 -82.07
CA LEU D 824 3.52 25.29 -81.67
C LEU D 824 3.71 26.21 -82.88
N PHE D 825 3.87 25.60 -84.05
CA PHE D 825 4.02 26.35 -85.30
C PHE D 825 2.94 27.41 -85.42
N ASN D 826 1.76 27.13 -84.90
CA ASN D 826 0.66 28.05 -85.01
C ASN D 826 0.48 28.91 -83.78
N ARG D 827 0.71 28.30 -82.62
CA ARG D 827 0.54 28.99 -81.34
C ARG D 827 1.42 30.22 -81.34
N TRP D 828 2.54 30.12 -82.05
CA TRP D 828 3.50 31.23 -82.13
C TRP D 828 2.78 32.48 -82.65
N TYR D 829 1.79 32.25 -83.51
CA TYR D 829 1.02 33.32 -84.13
C TYR D 829 -0.17 33.73 -83.27
N SER D 830 -0.97 32.75 -82.88
CA SER D 830 -2.21 33.00 -82.14
C SER D 830 -1.96 33.58 -80.76
N GLU D 831 -1.14 32.90 -79.98
CA GLU D 831 -0.86 33.30 -78.60
C GLU D 831 0.20 34.42 -78.48
N SER D 832 0.30 34.99 -77.29
CA SER D 832 1.00 36.26 -77.08
C SER D 832 2.44 36.12 -76.59
N TRP D 833 3.17 35.15 -77.11
CA TRP D 833 4.54 35.00 -76.69
C TRP D 833 5.52 35.07 -77.83
N GLY D 834 5.03 35.62 -78.95
CA GLY D 834 5.79 35.67 -80.18
C GLY D 834 7.20 36.20 -79.99
N ASN D 835 7.31 37.30 -79.25
CA ASN D 835 8.60 38.01 -79.14
C ASN D 835 9.39 37.67 -77.89
N TYR D 836 9.08 36.53 -77.30
CA TYR D 836 9.86 36.02 -76.19
C TYR D 836 10.50 34.73 -76.64
N LEU D 837 9.70 33.91 -77.31
CA LEU D 837 10.14 32.63 -77.84
C LEU D 837 9.95 32.65 -79.33
N THR D 838 10.93 32.11 -80.07
CA THR D 838 10.74 31.82 -81.48
C THR D 838 10.83 30.32 -81.71
N ILE D 839 10.05 29.82 -82.66
CA ILE D 839 10.00 28.39 -82.88
C ILE D 839 10.70 27.96 -84.15
N CYS D 840 11.68 27.08 -83.98
CA CYS D 840 12.35 26.48 -85.11
C CYS D 840 12.15 24.97 -85.12
N GLY D 841 11.15 24.49 -85.87
CA GLY D 841 10.84 23.07 -85.93
C GLY D 841 11.85 22.22 -86.69
N ALA D 842 12.92 21.83 -86.01
CA ALA D 842 13.89 20.92 -86.60
C ALA D 842 13.36 19.50 -86.60
N VAL D 843 13.10 18.95 -87.77
CA VAL D 843 12.71 17.55 -87.83
C VAL D 843 13.95 16.70 -88.06
N ILE D 844 14.51 16.21 -86.97
CA ILE D 844 15.72 15.41 -87.02
C ILE D 844 15.48 14.08 -87.72
N GLY D 845 16.43 13.68 -88.55
CA GLY D 845 16.31 12.41 -89.23
C GLY D 845 17.32 11.41 -88.75
N TRP D 846 17.16 10.16 -89.18
CA TRP D 846 18.01 9.04 -88.81
C TRP D 846 19.46 9.42 -88.41
N THR D 847 19.78 9.32 -87.12
CA THR D 847 21.16 9.54 -86.69
C THR D 847 21.74 8.27 -86.16
N ARG D 848 22.51 7.59 -86.98
CA ARG D 848 23.03 6.27 -86.64
C ARG D 848 23.96 6.32 -85.44
N GLY D 849 24.54 7.48 -85.18
CA GLY D 849 25.39 7.64 -84.02
C GLY D 849 24.74 6.99 -82.82
N THR D 850 25.52 6.28 -82.01
CA THR D 850 25.00 5.58 -80.83
C THR D 850 24.08 6.47 -79.96
N GLY D 851 22.76 6.25 -80.07
CA GLY D 851 21.75 7.05 -79.39
C GLY D 851 20.41 6.33 -79.18
N LEU D 852 19.32 6.97 -79.61
CA LEU D 852 17.97 6.36 -79.54
C LEU D 852 17.66 5.52 -80.79
N MET D 853 18.65 5.39 -81.69
CA MET D 853 18.52 4.54 -82.88
C MET D 853 19.75 3.63 -83.09
N SER D 854 20.16 2.94 -82.02
CA SER D 854 21.41 2.16 -81.99
C SER D 854 21.41 0.85 -82.79
N ALA D 855 20.41 0.01 -82.57
CA ALA D 855 20.34 -1.29 -83.24
C ALA D 855 19.98 -1.08 -84.69
N ASN D 856 19.59 0.16 -85.01
CA ASN D 856 19.24 0.56 -86.35
C ASN D 856 20.46 0.87 -87.21
N ASN D 857 21.62 0.41 -86.79
CA ASN D 857 22.83 0.68 -87.54
C ASN D 857 23.19 -0.47 -88.45
N LEU D 858 22.74 -1.67 -88.11
CA LEU D 858 22.98 -2.81 -88.99
C LEU D 858 22.35 -2.54 -90.35
N VAL D 859 21.15 -1.98 -90.29
CA VAL D 859 20.37 -1.70 -91.48
C VAL D 859 20.65 -0.29 -91.97
N ALA D 860 21.59 0.38 -91.33
CA ALA D 860 21.93 1.76 -91.68
C ALA D 860 22.39 1.87 -93.13
N GLU D 861 23.40 1.10 -93.50
CA GLU D 861 23.93 1.17 -94.86
C GLU D 861 22.93 0.58 -95.85
N GLY D 862 22.25 -0.49 -95.44
CA GLY D 862 21.21 -1.08 -96.27
C GLY D 862 20.19 -0.07 -96.79
N VAL D 863 19.53 0.61 -95.86
CA VAL D 863 18.51 1.60 -96.22
C VAL D 863 19.12 2.70 -97.07
N GLU D 864 20.39 2.97 -96.81
CA GLU D 864 21.06 4.09 -97.46
C GLU D 864 21.30 3.73 -98.91
N LYS D 865 21.44 2.43 -99.16
CA LYS D 865 21.59 1.89 -100.51
C LYS D 865 20.55 2.46 -101.46
N LEU D 866 19.35 2.68 -100.96
CA LEU D 866 18.24 3.10 -101.80
C LEU D 866 18.32 4.56 -102.21
N GLY D 867 19.52 5.13 -102.13
CA GLY D 867 19.75 6.45 -102.67
C GLY D 867 19.34 7.57 -101.73
N VAL D 868 19.37 7.26 -100.44
CA VAL D 868 18.90 8.17 -99.42
C VAL D 868 20.03 8.27 -98.40
N ARG D 869 19.95 9.21 -97.46
CA ARG D 869 21.09 9.46 -96.57
C ARG D 869 20.81 9.42 -95.04
N THR D 870 21.67 8.71 -94.31
CA THR D 870 21.66 8.73 -92.86
C THR D 870 22.85 9.51 -92.32
N PHE D 871 22.73 10.00 -91.10
CA PHE D 871 23.71 10.93 -90.59
C PHE D 871 24.47 10.38 -89.39
N SER D 872 25.68 10.89 -89.20
CA SER D 872 26.40 10.74 -87.94
C SER D 872 25.92 11.85 -87.01
N GLN D 873 26.22 11.74 -85.73
CA GLN D 873 25.71 12.73 -84.78
C GLN D 873 26.37 14.06 -85.07
N GLN D 874 27.69 14.04 -85.28
CA GLN D 874 28.46 15.25 -85.50
C GLN D 874 27.85 16.02 -86.67
N GLU D 875 27.39 15.27 -87.68
CA GLU D 875 26.72 15.83 -88.85
C GLU D 875 25.41 16.50 -88.43
N MET D 876 24.53 15.74 -87.78
CA MET D 876 23.26 16.29 -87.27
C MET D 876 23.46 17.52 -86.37
N ALA D 877 24.51 17.51 -85.59
CA ALA D 877 24.77 18.61 -84.67
C ALA D 877 25.07 19.82 -85.53
N PHE D 878 25.92 19.58 -86.52
CA PHE D 878 26.30 20.56 -87.52
C PHE D 878 25.05 21.17 -88.10
N ASN D 879 24.19 20.31 -88.63
CA ASN D 879 22.96 20.73 -89.30
C ASN D 879 22.10 21.56 -88.38
N LEU D 880 22.05 21.13 -87.13
CA LEU D 880 21.23 21.80 -86.13
C LEU D 880 21.85 23.16 -85.82
N LEU D 881 23.13 23.15 -85.41
CA LEU D 881 23.88 24.36 -85.16
C LEU D 881 23.71 25.33 -86.32
N GLY D 882 23.40 24.77 -87.48
CA GLY D 882 23.12 25.55 -88.66
C GLY D 882 21.92 26.45 -88.46
N LEU D 883 20.84 25.89 -87.94
CA LEU D 883 19.58 26.62 -87.72
C LEU D 883 19.78 27.58 -86.58
N MET D 884 20.92 27.41 -85.91
CA MET D 884 21.32 28.25 -84.79
C MET D 884 22.00 29.51 -85.30
N ALA D 885 22.48 29.46 -86.55
CA ALA D 885 23.20 30.56 -87.19
C ALA D 885 22.32 31.79 -87.44
N PRO D 886 22.94 32.98 -87.40
CA PRO D 886 22.27 34.28 -87.38
C PRO D 886 21.28 34.48 -88.52
N ALA D 887 21.64 34.00 -89.71
CA ALA D 887 20.75 34.07 -90.88
C ALA D 887 19.34 33.61 -90.52
N ILE D 888 19.25 32.34 -90.14
CA ILE D 888 17.99 31.68 -89.81
C ILE D 888 17.34 32.26 -88.56
N VAL D 889 18.17 32.55 -87.56
CA VAL D 889 17.66 33.06 -86.31
C VAL D 889 16.76 34.25 -86.54
N ASN D 890 17.10 35.06 -87.53
CA ASN D 890 16.29 36.24 -87.80
C ASN D 890 15.01 35.91 -88.54
N LEU D 891 15.06 34.85 -89.32
CA LEU D 891 13.87 34.34 -89.97
C LEU D 891 12.86 33.94 -88.90
N CYS D 892 13.35 33.23 -87.89
CA CYS D 892 12.50 32.77 -86.80
C CYS D 892 11.79 33.91 -86.08
N GLN D 893 12.46 35.06 -85.99
CA GLN D 893 11.92 36.20 -85.26
C GLN D 893 10.74 36.84 -85.97
N SER D 894 10.59 36.51 -87.25
CA SER D 894 9.46 37.02 -87.99
C SER D 894 8.48 35.91 -88.27
N ASP D 895 9.00 34.68 -88.36
CA ASP D 895 8.22 33.52 -88.79
C ASP D 895 8.82 32.20 -88.35
N PRO D 896 8.00 31.37 -87.70
CA PRO D 896 8.39 29.99 -87.38
C PRO D 896 9.05 29.33 -88.58
N VAL D 897 10.00 28.44 -88.31
CA VAL D 897 10.77 27.81 -89.36
C VAL D 897 10.56 26.32 -89.34
N PHE D 898 10.23 25.74 -90.49
CA PHE D 898 10.22 24.30 -90.62
C PHE D 898 11.57 23.97 -91.19
N ALA D 899 12.08 22.78 -90.90
CA ALA D 899 13.43 22.48 -91.31
C ALA D 899 13.63 20.99 -91.40
N ASP D 900 13.21 20.43 -92.52
CA ASP D 900 13.38 19.02 -92.76
C ASP D 900 14.86 18.66 -92.81
N LEU D 901 15.37 18.07 -91.74
CA LEU D 901 16.76 17.62 -91.73
C LEU D 901 16.76 16.11 -91.80
N ASN D 902 15.75 15.58 -92.48
CA ASN D 902 15.66 14.15 -92.75
C ASN D 902 16.44 13.81 -94.01
N GLY D 903 17.14 12.69 -94.00
CA GLY D 903 18.04 12.35 -95.08
C GLY D 903 17.36 12.04 -96.41
N GLY D 904 16.20 12.67 -96.63
CA GLY D 904 15.39 12.41 -97.79
C GLY D 904 14.63 11.09 -97.71
N LEU D 905 14.53 10.52 -96.51
CA LEU D 905 13.82 9.25 -96.33
C LEU D 905 12.33 9.49 -96.56
N GLN D 906 11.98 10.74 -96.88
CA GLN D 906 10.59 11.11 -97.09
C GLN D 906 10.05 10.44 -98.34
N PHE D 907 10.91 9.66 -98.98
CA PHE D 907 10.55 9.05 -100.26
C PHE D 907 10.52 7.54 -100.16
N ILE D 908 11.25 6.99 -99.19
CA ILE D 908 11.18 5.57 -98.91
C ILE D 908 9.88 5.32 -98.15
N PRO D 909 8.90 4.77 -98.89
CA PRO D 909 7.63 4.50 -98.22
C PRO D 909 7.68 3.10 -97.63
N ASP D 910 6.94 2.88 -96.55
CA ASP D 910 7.01 1.63 -95.80
C ASP D 910 8.45 1.37 -95.37
N LEU D 911 9.10 2.42 -94.89
CA LEU D 911 10.48 2.32 -94.49
C LEU D 911 10.63 1.21 -93.45
N LYS D 912 9.69 1.14 -92.51
CA LYS D 912 9.79 0.14 -91.45
C LYS D 912 9.80 -1.27 -92.02
N GLY D 913 9.04 -1.47 -93.09
CA GLY D 913 9.03 -2.75 -93.77
C GLY D 913 10.38 -3.08 -94.39
N LEU D 914 10.93 -2.11 -95.12
CA LEU D 914 12.25 -2.26 -95.72
C LEU D 914 13.27 -2.68 -94.67
N MET D 915 13.33 -1.88 -93.61
CA MET D 915 14.31 -2.11 -92.57
C MET D 915 14.20 -3.53 -92.04
N THR D 916 13.03 -3.86 -91.51
CA THR D 916 12.79 -5.17 -90.91
C THR D 916 13.14 -6.29 -91.88
N LYS D 917 13.04 -5.98 -93.18
CA LYS D 917 13.42 -6.91 -94.23
C LYS D 917 14.92 -7.14 -94.20
N LEU D 918 15.66 -6.04 -94.21
CA LEU D 918 17.12 -6.08 -94.11
C LEU D 918 17.60 -6.63 -92.77
N ARG D 919 17.00 -6.12 -91.70
CA ARG D 919 17.13 -6.68 -90.36
C ARG D 919 17.16 -8.20 -90.41
N LYS D 920 16.16 -8.79 -91.04
CA LYS D 920 16.06 -10.24 -91.14
C LYS D 920 17.29 -10.83 -91.85
N GLU D 921 17.43 -10.51 -93.13
CA GLU D 921 18.52 -11.04 -93.95
C GLU D 921 19.84 -11.09 -93.20
N ILE D 922 20.26 -9.94 -92.69
CA ILE D 922 21.52 -9.84 -91.97
C ILE D 922 21.57 -10.83 -90.82
N MET D 923 20.53 -10.81 -89.97
CA MET D 923 20.46 -11.72 -88.83
C MET D 923 20.44 -13.16 -89.31
N GLU D 924 19.77 -13.36 -90.44
CA GLU D 924 19.56 -14.69 -90.99
C GLU D 924 20.85 -15.28 -91.54
N THR D 925 21.40 -14.61 -92.55
CA THR D 925 22.58 -15.10 -93.24
C THR D 925 23.74 -15.32 -92.26
N SER D 926 23.80 -14.48 -91.24
CA SER D 926 24.84 -14.61 -90.22
C SER D 926 24.58 -15.85 -89.40
N ALA D 927 23.33 -16.03 -89.00
CA ALA D 927 22.95 -17.17 -88.17
C ALA D 927 23.26 -18.48 -88.86
N ILE D 928 22.88 -18.56 -90.12
CA ILE D 928 23.17 -19.73 -90.94
C ILE D 928 24.67 -20.01 -90.94
N ARG D 929 25.42 -18.96 -91.26
CA ARG D 929 26.87 -19.06 -91.41
C ARG D 929 27.56 -19.65 -90.18
N GLN D 930 27.24 -19.13 -89.00
CA GLN D 930 27.86 -19.60 -87.77
C GLN D 930 27.24 -20.92 -87.33
N ALA D 931 26.00 -21.15 -87.77
CA ALA D 931 25.34 -22.42 -87.50
C ALA D 931 26.19 -23.52 -88.11
N VAL D 932 26.31 -23.47 -89.43
CA VAL D 932 27.07 -24.46 -90.18
C VAL D 932 28.42 -24.74 -89.53
N ILE D 933 29.08 -23.67 -89.12
CA ILE D 933 30.38 -23.79 -88.49
C ILE D 933 30.35 -24.81 -87.34
N LYS D 934 29.44 -24.60 -86.41
CA LYS D 934 29.27 -25.52 -85.29
C LYS D 934 29.04 -26.92 -85.83
N GLU D 935 28.06 -27.01 -86.71
CA GLU D 935 27.65 -28.28 -87.30
C GLU D 935 28.85 -29.08 -87.79
N THR D 936 29.60 -28.47 -88.68
CA THR D 936 30.73 -29.13 -89.31
C THR D 936 31.86 -29.45 -88.33
N ALA D 937 32.17 -28.51 -87.43
CA ALA D 937 33.22 -28.73 -86.43
C ALA D 937 32.78 -29.78 -85.39
N ILE D 938 31.48 -30.05 -85.37
CA ILE D 938 30.92 -31.07 -84.50
C ILE D 938 30.95 -32.43 -85.20
N GLU D 939 30.75 -32.39 -86.51
CA GLU D 939 30.84 -33.58 -87.35
C GLU D 939 32.25 -34.15 -87.32
N ASN D 940 33.21 -33.26 -87.15
CA ASN D 940 34.59 -33.66 -87.04
C ASN D 940 34.86 -34.45 -85.77
N LYS D 941 34.24 -34.02 -84.66
CA LYS D 941 34.40 -34.72 -83.39
C LYS D 941 33.81 -36.12 -83.50
N VAL D 942 32.83 -36.26 -84.39
CA VAL D 942 32.19 -37.53 -84.65
C VAL D 942 33.08 -38.47 -85.45
N VAL D 943 33.75 -37.90 -86.46
CA VAL D 943 34.57 -38.69 -87.37
C VAL D 943 36.00 -38.94 -86.89
N ASN D 944 36.69 -37.89 -86.45
CA ASN D 944 38.08 -38.02 -86.03
C ASN D 944 38.21 -38.40 -84.56
N GLY D 945 37.08 -38.43 -83.87
CA GLY D 945 37.06 -38.75 -82.45
C GLY D 945 37.38 -37.52 -81.63
N GLU D 946 37.10 -37.58 -80.33
CA GLU D 946 37.41 -36.49 -79.42
C GLU D 946 38.89 -36.22 -79.39
N ASP D 947 39.66 -37.30 -79.33
CA ASP D 947 41.11 -37.25 -79.18
C ASP D 947 41.80 -36.49 -80.30
N HIS D 948 41.64 -36.95 -81.55
CA HIS D 948 42.28 -36.26 -82.66
C HIS D 948 41.89 -34.78 -82.73
N GLU D 949 40.60 -34.50 -82.75
CA GLU D 949 40.11 -33.12 -82.80
C GLU D 949 40.70 -32.26 -81.68
N ALA D 950 40.62 -32.76 -80.46
CA ALA D 950 41.09 -32.05 -79.28
C ALA D 950 42.54 -31.56 -79.42
N LEU D 951 43.44 -32.47 -79.79
CA LEU D 951 44.87 -32.17 -79.78
C LEU D 951 45.28 -31.17 -80.87
N TYR D 952 44.34 -30.79 -81.72
CA TYR D 952 44.68 -29.94 -82.86
C TYR D 952 43.86 -28.64 -82.95
N ARG D 953 43.81 -27.92 -81.83
CA ARG D 953 43.13 -26.63 -81.77
C ARG D 953 44.13 -25.57 -81.36
N ARG D 954 44.06 -24.41 -82.02
CA ARG D 954 44.94 -23.30 -81.71
C ARG D 954 45.02 -23.09 -80.20
N VAL D 955 46.14 -23.48 -79.62
CA VAL D 955 46.36 -23.25 -78.20
C VAL D 955 46.65 -21.77 -78.01
N ILE D 956 45.68 -21.04 -77.47
CA ILE D 956 45.88 -19.62 -77.20
C ILE D 956 46.24 -19.44 -75.73
N THR D 957 47.51 -19.07 -75.50
CA THR D 957 48.03 -18.90 -74.14
C THR D 957 47.18 -17.91 -73.34
N GLU D 958 46.97 -18.24 -72.06
CA GLU D 958 46.21 -17.37 -71.17
C GLU D 958 47.18 -16.41 -70.52
N PRO D 959 46.86 -15.10 -70.60
CA PRO D 959 47.76 -14.07 -70.07
C PRO D 959 47.91 -14.21 -68.57
N ARG D 960 49.15 -14.29 -68.10
CA ARG D 960 49.41 -14.17 -66.68
C ARG D 960 49.98 -12.78 -66.43
N ALA D 961 50.30 -12.51 -65.17
CA ALA D 961 50.93 -11.25 -64.83
C ALA D 961 52.26 -11.55 -64.14
N ASN D 962 53.30 -10.82 -64.53
CA ASN D 962 54.55 -10.90 -63.80
C ASN D 962 54.87 -9.54 -63.20
N LEU D 963 55.27 -9.55 -61.94
CA LEU D 963 55.67 -8.32 -61.28
C LEU D 963 57.16 -8.22 -61.44
N LYS D 964 57.59 -7.35 -62.36
CA LYS D 964 59.00 -7.06 -62.53
C LYS D 964 59.33 -6.08 -61.44
N TYR D 965 60.48 -6.26 -60.77
CA TYR D 965 60.84 -5.33 -59.71
C TYR D 965 61.77 -4.26 -60.23
N PRO D 966 61.20 -3.17 -60.72
CA PRO D 966 62.03 -2.28 -61.52
C PRO D 966 62.80 -1.31 -60.64
N PHE D 967 64.12 -1.24 -60.84
CA PHE D 967 64.91 -0.10 -60.33
C PHE D 967 64.68 1.12 -61.23
N PRO D 968 65.18 2.33 -60.81
CA PRO D 968 65.00 3.45 -61.74
C PRO D 968 65.79 3.17 -63.00
N GLU D 969 65.31 3.67 -64.12
CA GLU D 969 66.01 3.51 -65.39
C GLU D 969 67.32 4.26 -65.35
N LEU D 970 68.42 3.52 -65.46
CA LEU D 970 69.74 4.13 -65.52
C LEU D 970 69.89 4.80 -66.89
N PRO D 971 70.20 6.10 -66.92
CA PRO D 971 70.24 6.86 -68.17
C PRO D 971 71.26 6.26 -69.14
N ASP D 972 71.12 6.55 -70.44
CA ASP D 972 72.12 6.10 -71.38
C ASP D 972 73.33 7.02 -71.32
N TRP D 973 74.52 6.44 -71.16
CA TRP D 973 75.72 7.25 -71.06
C TRP D 973 75.83 8.24 -72.21
N ASP D 974 75.68 7.73 -73.43
CA ASP D 974 75.88 8.51 -74.63
C ASP D 974 74.76 9.51 -74.85
N LYS D 975 73.53 9.02 -75.01
CA LYS D 975 72.42 9.91 -75.36
C LYS D 975 72.11 10.94 -74.29
N ASP D 976 72.27 10.56 -73.02
CA ASP D 976 71.74 11.34 -71.90
C ASP D 976 72.79 12.02 -71.01
N ILE D 977 73.86 11.32 -70.68
CA ILE D 977 74.85 11.81 -69.71
C ILE D 977 76.07 12.47 -70.35
N LYS D 978 76.67 11.78 -71.31
CA LYS D 978 77.77 12.30 -72.11
C LYS D 978 77.63 13.80 -72.41
N PRO D 979 76.48 14.24 -72.97
CA PRO D 979 76.28 15.65 -73.36
C PRO D 979 76.52 16.70 -72.26
N LEU D 980 76.63 16.26 -71.01
CA LEU D 980 76.87 17.20 -69.92
C LEU D 980 78.18 16.93 -69.21
N ASN D 981 78.71 15.72 -69.37
CA ASN D 981 79.95 15.30 -68.72
C ASN D 981 81.05 16.38 -68.78
N ASP D 982 81.06 17.15 -69.86
CA ASP D 982 82.10 18.13 -70.09
C ASP D 982 82.25 19.13 -68.95
N GLN D 983 81.15 19.78 -68.61
CA GLN D 983 81.15 20.81 -67.58
C GLN D 983 81.13 20.23 -66.17
N LEU D 984 80.46 19.10 -66.02
CA LEU D 984 80.10 18.59 -64.71
C LEU D 984 81.04 17.52 -64.18
N ARG D 985 82.12 17.24 -64.90
CA ARG D 985 83.04 16.19 -64.47
C ARG D 985 83.79 16.69 -63.23
N GLY D 986 83.80 15.86 -62.19
CA GLY D 986 84.46 16.19 -60.92
C GLY D 986 84.19 17.57 -60.36
N MET D 987 83.05 18.14 -60.71
CA MET D 987 82.72 19.49 -60.32
C MET D 987 81.87 19.48 -59.06
N VAL D 988 81.88 18.33 -58.40
CA VAL D 988 81.03 18.11 -57.24
C VAL D 988 81.61 17.03 -56.33
N ASN D 989 81.73 17.36 -55.05
CA ASN D 989 82.21 16.43 -54.04
C ASN D 989 81.12 15.43 -53.70
N LEU D 990 81.33 14.18 -54.10
CA LEU D 990 80.32 13.14 -53.94
C LEU D 990 80.05 12.75 -52.48
N ASP D 991 80.91 13.19 -51.57
CA ASP D 991 80.67 12.92 -50.15
C ASP D 991 79.89 14.02 -49.45
N LYS D 992 79.54 15.07 -50.19
CA LYS D 992 78.67 16.12 -49.67
C LYS D 992 77.54 16.36 -50.65
N VAL D 993 77.19 15.28 -51.37
CA VAL D 993 76.00 15.23 -52.21
C VAL D 993 75.03 14.21 -51.62
N VAL D 994 73.81 14.67 -51.38
CA VAL D 994 72.80 13.84 -50.74
C VAL D 994 71.78 13.29 -51.75
N VAL D 995 71.56 11.99 -51.66
CA VAL D 995 70.86 11.26 -52.72
C VAL D 995 69.81 10.29 -52.19
N VAL D 996 68.64 10.28 -52.84
CA VAL D 996 67.56 9.36 -52.47
C VAL D 996 67.65 8.02 -53.18
N THR D 997 67.97 6.98 -52.42
CA THR D 997 68.13 5.65 -52.99
C THR D 997 66.94 4.73 -52.66
N GLY D 998 66.17 5.12 -51.66
CA GLY D 998 65.03 4.30 -51.24
C GLY D 998 63.73 5.06 -51.31
N LEU D 999 62.65 4.32 -51.51
CA LEU D 999 61.33 4.91 -51.69
C LEU D 999 60.29 3.92 -51.24
N ALA D 1000 59.30 4.37 -50.48
CA ALA D 1000 58.17 3.50 -50.12
C ALA D 1000 57.10 4.30 -49.43
N GLU D 1001 55.91 3.74 -49.34
CA GLU D 1001 54.82 4.35 -48.60
C GLU D 1001 53.74 3.32 -48.34
N ILE D 1002 52.89 3.63 -47.36
CA ILE D 1002 51.65 2.92 -47.19
C ILE D 1002 50.61 4.01 -46.99
N GLY D 1003 49.61 4.00 -47.85
CA GLY D 1003 48.55 4.99 -47.81
C GLY D 1003 47.25 4.39 -48.28
N PRO D 1004 46.24 5.25 -48.47
CA PRO D 1004 44.89 4.89 -48.87
C PRO D 1004 44.89 4.16 -50.20
N TRP D 1005 45.98 4.31 -50.95
CA TRP D 1005 46.07 3.74 -52.29
C TRP D 1005 47.03 2.59 -52.37
N GLY D 1006 47.68 2.29 -51.25
CA GLY D 1006 48.60 1.18 -51.19
C GLY D 1006 50.01 1.70 -51.12
N ASN D 1007 50.97 0.83 -51.47
CA ASN D 1007 52.39 1.19 -51.44
C ASN D 1007 52.70 2.14 -52.56
N ALA D 1008 53.93 2.66 -52.59
CA ALA D 1008 54.26 3.70 -53.58
C ALA D 1008 53.97 3.23 -55.00
N ARG D 1009 54.09 1.92 -55.24
CA ARG D 1009 53.91 1.35 -56.57
C ARG D 1009 52.48 1.53 -57.02
N THR D 1010 51.58 0.90 -56.27
CA THR D 1010 50.16 0.96 -56.53
C THR D 1010 49.64 2.40 -56.55
N ARG D 1011 50.19 3.21 -55.65
CA ARG D 1011 49.76 4.59 -55.53
C ARG D 1011 50.10 5.33 -56.82
N TRP D 1012 51.26 4.99 -57.39
CA TRP D 1012 51.72 5.68 -58.57
C TRP D 1012 50.82 5.33 -59.75
N GLU D 1013 50.62 4.03 -59.92
CA GLU D 1013 49.73 3.54 -60.97
C GLU D 1013 48.48 4.38 -60.97
N MET D 1014 47.88 4.53 -59.80
CA MET D 1014 46.64 5.26 -59.73
C MET D 1014 46.86 6.72 -60.06
N GLU D 1015 47.91 7.31 -59.51
CA GLU D 1015 48.12 8.76 -59.61
C GLU D 1015 48.43 9.19 -61.04
N ALA D 1016 49.02 8.25 -61.77
CA ALA D 1016 49.56 8.53 -63.11
C ALA D 1016 48.64 8.06 -64.24
N TYR D 1017 48.31 6.76 -64.24
CA TYR D 1017 47.50 6.10 -65.29
C TYR D 1017 45.98 6.16 -65.01
N GLY D 1018 45.60 6.15 -63.73
CA GLY D 1018 44.20 6.32 -63.38
C GLY D 1018 43.46 5.01 -63.18
N LYS D 1019 44.21 3.91 -63.28
CA LYS D 1019 43.66 2.59 -63.00
C LYS D 1019 44.79 1.61 -62.76
N PHE D 1020 44.46 0.47 -62.18
CA PHE D 1020 45.49 -0.52 -61.92
C PHE D 1020 45.74 -1.37 -63.16
N SER D 1021 46.97 -1.85 -63.29
CA SER D 1021 47.32 -2.92 -64.21
C SER D 1021 47.07 -4.24 -63.51
N LEU D 1022 47.10 -5.33 -64.25
CA LEU D 1022 46.94 -6.65 -63.64
C LEU D 1022 47.97 -6.81 -62.54
N GLU D 1023 49.17 -6.31 -62.81
CA GLU D 1023 50.25 -6.37 -61.84
C GLU D 1023 49.83 -5.61 -60.60
N GLY D 1024 49.29 -4.41 -60.82
CA GLY D 1024 48.76 -3.59 -59.75
C GLY D 1024 47.68 -4.32 -58.96
N CYS D 1025 46.66 -4.79 -59.66
CA CYS D 1025 45.60 -5.53 -59.02
C CYS D 1025 46.15 -6.66 -58.17
N VAL D 1026 47.11 -7.40 -58.71
CA VAL D 1026 47.62 -8.54 -57.95
C VAL D 1026 48.28 -8.08 -56.67
N GLU D 1027 49.03 -7.00 -56.74
CA GLU D 1027 49.60 -6.44 -55.52
C GLU D 1027 48.53 -6.04 -54.49
N MET D 1028 47.60 -5.20 -54.91
CA MET D 1028 46.48 -4.78 -54.06
C MET D 1028 45.77 -6.01 -53.50
N ALA D 1029 45.38 -6.90 -54.40
CA ALA D 1029 44.67 -8.10 -53.98
C ALA D 1029 45.49 -8.86 -52.92
N TRP D 1030 46.82 -8.78 -53.02
CA TRP D 1030 47.67 -9.52 -52.09
C TRP D 1030 47.64 -8.88 -50.71
N MET D 1031 47.90 -7.57 -50.69
CA MET D 1031 48.00 -6.83 -49.46
C MET D 1031 46.64 -6.67 -48.78
N MET D 1032 45.57 -6.64 -49.59
CA MET D 1032 44.24 -6.47 -49.04
C MET D 1032 43.74 -7.79 -48.47
N GLY D 1033 44.50 -8.85 -48.76
CA GLY D 1033 44.22 -10.17 -48.22
C GLY D 1033 43.16 -10.95 -48.96
N LEU D 1034 42.98 -10.66 -50.24
CA LEU D 1034 41.98 -11.34 -51.06
C LEU D 1034 42.53 -12.61 -51.71
N ILE D 1035 43.85 -12.67 -51.86
CA ILE D 1035 44.49 -13.84 -52.46
C ILE D 1035 45.78 -14.13 -51.74
N LYS D 1036 46.13 -15.40 -51.66
CA LYS D 1036 47.37 -15.82 -51.02
C LYS D 1036 47.99 -17.01 -51.73
N ASN D 1037 49.31 -17.07 -51.68
CA ASN D 1037 49.99 -18.17 -52.33
C ASN D 1037 49.73 -19.51 -51.66
N HIS D 1038 49.69 -20.55 -52.46
CA HIS D 1038 49.54 -21.91 -51.98
C HIS D 1038 50.49 -22.84 -52.71
N ASN D 1039 51.07 -23.80 -51.99
CA ASN D 1039 52.01 -24.74 -52.59
C ASN D 1039 51.89 -26.14 -51.98
N GLY D 1040 50.74 -26.75 -52.20
CA GLY D 1040 50.50 -28.09 -51.69
C GLY D 1040 49.30 -28.67 -52.40
N PRO D 1041 48.80 -29.80 -51.90
CA PRO D 1041 47.63 -30.45 -52.49
C PRO D 1041 46.37 -29.61 -52.25
N LEU D 1042 45.64 -29.31 -53.33
CA LEU D 1042 44.32 -28.69 -53.23
C LEU D 1042 43.26 -29.68 -53.72
N LYS D 1043 42.50 -30.24 -52.79
CA LYS D 1043 41.51 -31.23 -53.17
C LYS D 1043 42.24 -32.39 -53.85
N GLY D 1044 43.24 -32.95 -53.16
CA GLY D 1044 43.93 -34.13 -53.65
C GLY D 1044 45.05 -33.86 -54.65
N LYS D 1045 44.71 -33.21 -55.76
CA LYS D 1045 45.69 -32.88 -56.80
C LYS D 1045 46.57 -31.73 -56.35
N PRO D 1046 47.87 -31.78 -56.68
CA PRO D 1046 48.79 -30.75 -56.21
C PRO D 1046 48.53 -29.42 -56.93
N TYR D 1047 49.07 -28.33 -56.39
CA TYR D 1047 48.87 -27.01 -56.97
C TYR D 1047 49.80 -25.99 -56.33
N SER D 1048 50.19 -24.99 -57.10
CA SER D 1048 51.00 -23.89 -56.59
C SER D 1048 50.57 -22.57 -57.24
N GLY D 1049 50.51 -21.51 -56.44
CA GLY D 1049 50.15 -20.21 -56.96
C GLY D 1049 49.03 -19.52 -56.20
N TRP D 1050 48.34 -18.63 -56.89
CA TRP D 1050 47.31 -17.80 -56.27
C TRP D 1050 46.04 -18.56 -55.90
N VAL D 1051 45.56 -18.29 -54.69
CA VAL D 1051 44.34 -18.90 -54.17
C VAL D 1051 43.48 -17.81 -53.57
N ASP D 1052 42.18 -17.87 -53.81
CA ASP D 1052 41.25 -16.95 -53.16
C ASP D 1052 41.40 -17.14 -51.66
N ALA D 1053 41.65 -16.06 -50.94
CA ALA D 1053 41.88 -16.15 -49.49
C ALA D 1053 40.65 -16.66 -48.74
N LYS D 1054 39.48 -16.21 -49.19
CA LYS D 1054 38.21 -16.60 -48.58
C LYS D 1054 37.89 -18.08 -48.85
N THR D 1055 37.68 -18.45 -50.11
CA THR D 1055 37.53 -19.86 -50.44
C THR D 1055 38.88 -20.47 -50.81
N GLY D 1056 39.16 -21.67 -50.30
CA GLY D 1056 40.41 -22.35 -50.63
C GLY D 1056 40.72 -22.45 -52.12
N GLU D 1057 39.73 -22.13 -52.95
CA GLU D 1057 39.81 -22.25 -54.41
C GLU D 1057 41.00 -21.50 -55.00
N PRO D 1058 41.52 -21.99 -56.13
CA PRO D 1058 42.61 -21.33 -56.86
C PRO D 1058 42.10 -20.22 -57.76
N VAL D 1059 42.98 -19.27 -58.03
CA VAL D 1059 42.63 -18.13 -58.86
C VAL D 1059 43.71 -17.89 -59.94
N ASP D 1060 43.24 -17.62 -61.15
CA ASP D 1060 44.12 -17.35 -62.28
C ASP D 1060 44.38 -15.87 -62.43
N ASP D 1061 45.62 -15.52 -62.74
CA ASP D 1061 46.01 -14.13 -62.90
C ASP D 1061 45.00 -13.37 -63.78
N LYS D 1062 44.55 -14.01 -64.85
CA LYS D 1062 43.69 -13.34 -65.81
C LYS D 1062 42.36 -12.92 -65.16
N ASP D 1063 41.95 -13.72 -64.18
CA ASP D 1063 40.68 -13.54 -63.49
C ASP D 1063 40.75 -12.46 -62.39
N VAL D 1064 41.90 -12.37 -61.73
CA VAL D 1064 42.10 -11.40 -60.66
C VAL D 1064 41.32 -10.12 -60.93
N LYS D 1065 41.60 -9.48 -62.06
CA LYS D 1065 40.98 -8.22 -62.38
C LYS D 1065 39.46 -8.26 -62.27
N ALA D 1066 38.85 -9.33 -62.80
CA ALA D 1066 37.40 -9.44 -62.79
C ALA D 1066 36.85 -9.71 -61.40
N LYS D 1067 37.43 -10.70 -60.72
CA LYS D 1067 36.97 -11.08 -59.40
C LYS D 1067 37.09 -9.94 -58.37
N TYR D 1068 38.20 -9.22 -58.40
CA TYR D 1068 38.56 -8.35 -57.29
C TYR D 1068 38.55 -6.86 -57.58
N GLU D 1069 38.77 -6.47 -58.82
CA GLU D 1069 38.98 -5.04 -59.09
C GLU D 1069 37.88 -4.20 -58.48
N LYS D 1070 36.62 -4.58 -58.70
CA LYS D 1070 35.47 -3.79 -58.27
C LYS D 1070 35.57 -3.51 -56.79
N TYR D 1071 35.83 -4.58 -56.03
CA TYR D 1071 36.03 -4.48 -54.59
C TYR D 1071 37.21 -3.57 -54.26
N ILE D 1072 38.38 -3.94 -54.76
CA ILE D 1072 39.62 -3.24 -54.47
C ILE D 1072 39.46 -1.73 -54.54
N LEU D 1073 38.78 -1.26 -55.58
CA LEU D 1073 38.59 0.17 -55.78
C LEU D 1073 37.60 0.77 -54.79
N GLU D 1074 36.60 -0.03 -54.47
CA GLU D 1074 35.56 0.40 -53.56
C GLU D 1074 36.08 0.48 -52.13
N HIS D 1075 36.96 -0.45 -51.77
CA HIS D 1075 37.50 -0.48 -50.42
C HIS D 1075 38.92 0.07 -50.31
N SER D 1076 39.31 0.93 -51.26
CA SER D 1076 40.46 1.80 -51.03
C SER D 1076 40.25 3.21 -51.57
N GLY D 1077 41.17 4.08 -51.18
CA GLY D 1077 41.16 5.50 -51.53
C GLY D 1077 40.44 6.30 -50.47
N ILE D 1078 40.07 7.52 -50.82
CA ILE D 1078 39.19 8.32 -49.97
C ILE D 1078 37.79 7.69 -49.96
N ARG D 1079 37.36 7.16 -48.80
CA ARG D 1079 36.06 6.52 -48.71
C ARG D 1079 35.33 6.77 -47.39
N LEU D 1080 34.10 6.31 -47.34
CA LEU D 1080 33.31 6.39 -46.13
C LEU D 1080 34.06 5.66 -45.03
N ILE D 1081 34.12 6.28 -43.85
CA ILE D 1081 34.86 5.70 -42.72
C ILE D 1081 34.33 4.30 -42.37
N GLU D 1082 35.24 3.35 -42.31
CA GLU D 1082 34.89 2.00 -42.01
C GLU D 1082 35.31 1.68 -40.60
N PRO D 1083 34.33 1.62 -39.70
CA PRO D 1083 34.55 1.51 -38.26
C PRO D 1083 35.46 0.33 -37.90
N GLU D 1084 35.36 -0.78 -38.61
CA GLU D 1084 36.16 -1.96 -38.28
C GLU D 1084 37.63 -1.56 -38.30
N LEU D 1085 37.96 -0.64 -39.21
CA LEU D 1085 39.32 -0.12 -39.35
C LEU D 1085 39.73 0.83 -38.21
N PHE D 1086 38.82 1.06 -37.28
CA PHE D 1086 39.04 2.03 -36.23
C PHE D 1086 38.35 1.57 -34.95
N GLY D 1087 38.38 0.26 -34.72
CA GLY D 1087 37.79 -0.33 -33.53
C GLY D 1087 36.40 0.18 -33.23
N GLY D 1088 35.60 0.38 -34.26
CA GLY D 1088 34.20 0.70 -34.06
C GLY D 1088 33.82 2.16 -34.17
N TYR D 1089 34.80 3.03 -34.40
CA TYR D 1089 34.45 4.43 -34.55
C TYR D 1089 33.38 4.54 -35.61
N ASP D 1090 32.36 5.32 -35.32
CA ASP D 1090 31.35 5.60 -36.33
C ASP D 1090 30.88 7.01 -36.09
N PRO D 1091 31.26 7.94 -36.97
CA PRO D 1091 31.00 9.38 -36.86
C PRO D 1091 29.53 9.63 -36.68
N ASN D 1092 28.73 8.61 -37.00
CA ASN D 1092 27.29 8.78 -36.96
C ASN D 1092 26.74 8.59 -35.55
N ARG D 1093 27.59 8.07 -34.69
CA ARG D 1093 27.31 8.03 -33.26
C ARG D 1093 28.58 8.31 -32.45
N LYS D 1094 28.89 9.59 -32.27
CA LYS D 1094 30.11 10.00 -31.63
C LYS D 1094 29.80 9.97 -30.17
N GLN D 1095 30.36 8.99 -29.46
CA GLN D 1095 30.01 8.80 -28.06
C GLN D 1095 30.64 9.89 -27.18
N LEU D 1096 29.79 10.52 -26.38
CA LEU D 1096 30.22 11.45 -25.33
C LEU D 1096 29.73 10.93 -23.96
N LEU D 1097 30.01 11.69 -22.91
CA LEU D 1097 29.50 11.39 -21.59
C LEU D 1097 28.95 12.67 -21.06
N GLN D 1098 27.80 12.61 -20.41
CA GLN D 1098 27.31 13.79 -19.72
C GLN D 1098 27.21 13.58 -18.21
N GLU D 1099 27.73 14.53 -17.44
CA GLU D 1099 27.63 14.44 -15.99
C GLU D 1099 26.16 14.63 -15.63
N VAL D 1100 25.62 13.71 -14.85
CA VAL D 1100 24.30 13.91 -14.28
C VAL D 1100 24.45 13.87 -12.78
N VAL D 1101 23.64 14.65 -12.08
CA VAL D 1101 23.54 14.53 -10.64
C VAL D 1101 22.26 13.78 -10.31
N ILE D 1102 22.43 12.57 -9.78
CA ILE D 1102 21.29 11.75 -9.43
C ILE D 1102 20.44 12.56 -8.50
N GLU D 1103 19.12 12.50 -8.66
CA GLU D 1103 18.24 13.16 -7.70
C GLU D 1103 17.39 12.15 -6.92
N GLN D 1104 18.05 11.11 -6.45
CA GLN D 1104 17.43 10.00 -5.75
C GLN D 1104 18.56 9.10 -5.29
N ASP D 1105 18.24 8.12 -4.45
CA ASP D 1105 19.19 7.06 -4.20
C ASP D 1105 18.96 6.15 -5.38
N LEU D 1106 19.97 5.47 -5.86
CA LEU D 1106 19.71 4.42 -6.81
C LEU D 1106 20.15 3.11 -6.18
N GLU D 1107 19.57 2.01 -6.65
CA GLU D 1107 19.70 0.74 -5.96
C GLU D 1107 21.15 0.27 -5.88
N PRO D 1108 21.44 -0.51 -4.82
CA PRO D 1108 22.72 -1.12 -4.44
C PRO D 1108 23.20 -2.13 -5.43
N PHE D 1109 24.51 -2.15 -5.65
CA PHE D 1109 25.14 -3.23 -6.39
C PHE D 1109 26.25 -3.82 -5.55
N GLU D 1110 26.59 -5.07 -5.80
CA GLU D 1110 27.67 -5.70 -5.05
C GLU D 1110 29.00 -5.27 -5.64
N ALA D 1111 30.05 -5.39 -4.85
CA ALA D 1111 31.37 -4.95 -5.26
C ALA D 1111 32.41 -5.59 -4.36
N SER D 1112 33.66 -5.64 -4.80
CA SER D 1112 34.74 -6.15 -3.96
C SER D 1112 34.95 -5.16 -2.83
N LYS D 1113 35.50 -5.63 -1.71
CA LYS D 1113 35.74 -4.72 -0.61
C LYS D 1113 36.55 -3.55 -1.14
N GLU D 1114 37.58 -3.87 -1.91
CA GLU D 1114 38.45 -2.84 -2.47
C GLU D 1114 37.69 -1.80 -3.31
N GLN D 1115 36.85 -2.28 -4.23
CA GLN D 1115 36.10 -1.42 -5.12
C GLN D 1115 35.16 -0.53 -4.32
N ALA D 1116 34.48 -1.15 -3.36
CA ALA D 1116 33.56 -0.41 -2.50
C ALA D 1116 34.30 0.81 -1.94
N GLU D 1117 35.44 0.55 -1.32
CA GLU D 1117 36.25 1.60 -0.75
C GLU D 1117 36.55 2.69 -1.77
N GLU D 1118 37.03 2.26 -2.93
CA GLU D 1118 37.31 3.18 -4.04
C GLU D 1118 36.12 4.12 -4.27
N PHE D 1119 34.92 3.55 -4.38
CA PHE D 1119 33.69 4.32 -4.57
C PHE D 1119 33.39 5.31 -3.45
N LYS D 1120 33.52 4.81 -2.22
CA LYS D 1120 33.25 5.61 -1.04
C LYS D 1120 34.28 6.74 -0.96
N ARG D 1121 35.51 6.44 -1.40
CA ARG D 1121 36.58 7.42 -1.36
C ARG D 1121 36.18 8.64 -2.18
N GLU D 1122 35.68 8.34 -3.38
CA GLU D 1122 35.35 9.39 -4.33
C GLU D 1122 34.08 10.14 -3.93
N HIS D 1123 33.12 9.40 -3.38
CA HIS D 1123 31.78 9.95 -3.20
C HIS D 1123 31.46 10.43 -1.79
N GLY D 1124 31.98 9.73 -0.78
CA GLY D 1124 31.83 10.14 0.59
C GLY D 1124 30.39 10.25 1.07
N ASP D 1125 29.95 11.45 1.39
CA ASP D 1125 28.58 11.70 1.85
C ASP D 1125 27.57 10.92 1.01
N LYS D 1126 27.83 10.89 -0.28
CA LYS D 1126 26.86 10.43 -1.27
C LYS D 1126 27.00 8.96 -1.64
N VAL D 1127 27.67 8.16 -0.82
CA VAL D 1127 27.67 6.73 -1.02
C VAL D 1127 27.70 5.97 0.30
N GLU D 1128 26.94 4.88 0.37
CA GLU D 1128 26.95 3.98 1.51
C GLU D 1128 27.52 2.64 1.07
N ILE D 1129 28.54 2.17 1.75
CA ILE D 1129 28.94 0.78 1.55
C ILE D 1129 28.99 -0.02 2.85
N PHE D 1130 28.54 -1.27 2.80
CA PHE D 1130 28.46 -2.15 3.96
C PHE D 1130 28.91 -3.53 3.57
N GLU D 1131 29.53 -4.24 4.49
CA GLU D 1131 29.92 -5.62 4.27
C GLU D 1131 28.69 -6.49 4.04
N ILE D 1132 28.90 -7.60 3.32
CA ILE D 1132 27.96 -8.70 3.34
C ILE D 1132 28.57 -9.69 4.30
N PRO D 1133 28.00 -9.77 5.51
CA PRO D 1133 28.69 -10.50 6.58
C PRO D 1133 29.01 -11.91 6.15
N GLU D 1134 28.31 -12.37 5.11
CA GLU D 1134 28.35 -13.75 4.69
C GLU D 1134 29.44 -14.08 3.65
N THR D 1135 29.72 -13.14 2.74
CA THR D 1135 30.71 -13.41 1.69
C THR D 1135 31.80 -12.34 1.56
N GLY D 1136 31.98 -11.52 2.59
CA GLY D 1136 33.01 -10.50 2.59
C GLY D 1136 32.90 -9.52 1.45
N GLN D 1137 31.80 -9.61 0.71
CA GLN D 1137 31.51 -8.66 -0.34
C GLN D 1137 30.96 -7.39 0.26
N TYR D 1138 30.59 -6.45 -0.61
CA TYR D 1138 30.09 -5.17 -0.14
C TYR D 1138 28.96 -4.71 -1.02
N THR D 1139 28.33 -3.63 -0.62
CA THR D 1139 27.17 -3.15 -1.31
C THR D 1139 27.35 -1.69 -1.51
N VAL D 1140 27.13 -1.23 -2.73
CA VAL D 1140 27.31 0.18 -3.01
C VAL D 1140 25.99 0.81 -3.40
N ARG D 1141 25.57 1.80 -2.65
CA ARG D 1141 24.39 2.56 -2.99
C ARG D 1141 24.79 4.02 -3.12
N LEU D 1142 24.57 4.59 -4.29
CA LEU D 1142 24.81 6.01 -4.45
C LEU D 1142 23.59 6.75 -3.95
N ARG D 1143 23.82 7.85 -3.24
CA ARG D 1143 22.71 8.61 -2.70
C ARG D 1143 22.40 9.81 -3.56
N LYS D 1144 21.30 10.48 -3.25
CA LYS D 1144 20.91 11.68 -3.96
C LYS D 1144 22.00 12.71 -3.80
N GLY D 1145 22.37 13.35 -4.89
CA GLY D 1145 23.45 14.33 -4.88
C GLY D 1145 24.68 13.77 -5.58
N ALA D 1146 24.73 12.44 -5.64
CA ALA D 1146 25.86 11.73 -6.25
C ALA D 1146 26.00 12.20 -7.68
N THR D 1147 27.18 12.00 -8.24
CA THR D 1147 27.38 12.40 -9.61
C THR D 1147 27.69 11.21 -10.54
N LEU D 1148 26.94 11.13 -11.63
CA LEU D 1148 27.02 10.01 -12.56
C LEU D 1148 27.43 10.46 -13.94
N LEU D 1149 27.83 9.48 -14.76
CA LEU D 1149 28.18 9.75 -16.15
C LEU D 1149 27.36 8.91 -17.11
N ILE D 1150 26.50 9.56 -17.86
CA ILE D 1150 25.68 8.86 -18.83
C ILE D 1150 26.15 9.13 -20.25
N PRO D 1151 26.45 8.07 -20.98
CA PRO D 1151 26.78 8.11 -22.41
C PRO D 1151 25.69 8.78 -23.24
N LYS D 1152 26.11 9.46 -24.30
CA LYS D 1152 25.21 9.95 -25.32
C LYS D 1152 25.98 9.90 -26.63
N ALA D 1153 25.29 10.13 -27.75
CA ALA D 1153 25.92 9.99 -29.05
C ALA D 1153 25.60 11.15 -29.96
N LEU D 1154 26.48 11.39 -30.94
CA LEU D 1154 26.34 12.56 -31.81
C LEU D 1154 26.38 12.19 -33.27
N GLN D 1155 25.84 13.06 -34.11
CA GLN D 1155 26.00 12.83 -35.55
C GLN D 1155 27.03 13.73 -36.17
N PHE D 1156 28.23 13.17 -36.30
CA PHE D 1156 29.41 13.90 -36.72
C PHE D 1156 29.42 14.03 -38.25
N ASP D 1157 29.96 15.16 -38.75
CA ASP D 1157 29.89 15.57 -40.16
C ASP D 1157 30.98 14.97 -41.04
N ARG D 1158 32.09 14.56 -40.41
CA ARG D 1158 33.22 14.01 -41.14
C ARG D 1158 33.03 12.50 -41.31
N LEU D 1159 32.20 12.12 -42.27
CA LEU D 1159 31.86 10.72 -42.54
C LEU D 1159 32.88 10.06 -43.44
N VAL D 1160 33.69 10.90 -44.10
CA VAL D 1160 34.65 10.40 -45.08
C VAL D 1160 36.06 10.70 -44.64
N ALA D 1161 36.97 9.75 -44.89
CA ALA D 1161 38.40 9.94 -44.64
C ALA D 1161 39.20 8.98 -45.51
N GLY D 1162 40.40 9.40 -45.92
CA GLY D 1162 41.21 8.55 -46.77
C GLY D 1162 41.92 7.51 -45.94
N GLN D 1163 41.61 6.24 -46.15
CA GLN D 1163 42.09 5.21 -45.26
C GLN D 1163 42.85 4.11 -46.00
N ILE D 1164 43.91 3.60 -45.38
CA ILE D 1164 44.61 2.41 -45.90
C ILE D 1164 43.59 1.34 -46.33
N PRO D 1165 43.84 0.71 -47.49
CA PRO D 1165 42.97 -0.33 -48.07
C PRO D 1165 42.42 -1.33 -47.06
N THR D 1166 41.11 -1.50 -47.14
CA THR D 1166 40.38 -2.39 -46.26
C THR D 1166 40.91 -3.80 -46.36
N GLY D 1167 41.84 -4.11 -45.48
CA GLY D 1167 42.36 -5.46 -45.44
C GLY D 1167 43.83 -5.48 -45.13
N TRP D 1168 44.47 -4.32 -45.22
CA TRP D 1168 45.92 -4.26 -45.07
C TRP D 1168 46.34 -4.73 -43.68
N ASP D 1169 47.35 -5.57 -43.61
CA ASP D 1169 47.88 -5.95 -42.31
C ASP D 1169 49.39 -6.09 -42.33
N ALA D 1170 50.03 -5.51 -41.33
CA ALA D 1170 51.47 -5.63 -41.19
C ALA D 1170 51.92 -7.08 -41.01
N ARG D 1171 50.96 -8.00 -40.86
CA ARG D 1171 51.30 -9.41 -40.70
C ARG D 1171 51.59 -10.07 -42.05
N ARG D 1172 50.93 -9.56 -43.08
CA ARG D 1172 51.13 -10.05 -44.44
C ARG D 1172 52.56 -9.85 -44.80
N TYR D 1173 53.13 -8.74 -44.30
CA TYR D 1173 54.51 -8.37 -44.58
C TYR D 1173 55.54 -9.18 -43.78
N GLY D 1174 55.14 -9.67 -42.60
CA GLY D 1174 56.03 -10.49 -41.82
C GLY D 1174 56.42 -9.93 -40.46
N VAL D 1175 55.83 -8.79 -40.09
CA VAL D 1175 56.02 -8.29 -38.74
C VAL D 1175 55.52 -9.34 -37.76
N PRO D 1176 56.34 -9.65 -36.74
CA PRO D 1176 56.07 -10.68 -35.74
C PRO D 1176 54.83 -10.37 -34.93
N GLU D 1177 54.08 -11.41 -34.58
CA GLU D 1177 52.83 -11.24 -33.87
C GLU D 1177 53.01 -10.45 -32.58
N ASP D 1178 54.01 -10.83 -31.79
CA ASP D 1178 54.27 -10.17 -30.51
C ASP D 1178 54.48 -8.66 -30.68
N ILE D 1179 55.16 -8.27 -31.76
CA ILE D 1179 55.39 -6.86 -32.02
C ILE D 1179 54.11 -6.20 -32.48
N ILE D 1180 53.28 -6.96 -33.17
CA ILE D 1180 51.98 -6.49 -33.60
C ILE D 1180 51.18 -6.09 -32.38
N GLN D 1181 51.19 -6.96 -31.37
CA GLN D 1181 50.42 -6.78 -30.15
C GLN D 1181 50.92 -5.64 -29.27
N GLN D 1182 52.23 -5.39 -29.34
CA GLN D 1182 52.90 -4.43 -28.47
C GLN D 1182 52.84 -2.94 -28.89
N VAL D 1183 52.81 -2.68 -30.20
CA VAL D 1183 52.99 -1.32 -30.66
C VAL D 1183 51.77 -0.66 -31.28
N ASP D 1184 51.82 0.66 -31.37
CA ASP D 1184 50.78 1.45 -32.00
C ASP D 1184 50.76 1.14 -33.48
N PRO D 1185 49.56 1.09 -34.08
CA PRO D 1185 49.38 0.86 -35.53
C PRO D 1185 50.31 1.74 -36.34
N VAL D 1186 50.41 3.00 -35.96
CA VAL D 1186 51.35 3.91 -36.59
C VAL D 1186 52.71 3.24 -36.77
N THR D 1187 53.26 2.68 -35.70
CA THR D 1187 54.57 2.06 -35.76
C THR D 1187 54.58 0.92 -36.78
N LEU D 1188 53.45 0.23 -36.88
CA LEU D 1188 53.28 -0.84 -37.88
C LEU D 1188 53.38 -0.35 -39.34
N TYR D 1189 52.80 0.81 -39.63
CA TYR D 1189 52.95 1.41 -40.93
C TYR D 1189 54.41 1.71 -41.14
N VAL D 1190 55.00 2.42 -40.19
CA VAL D 1190 56.42 2.81 -40.24
C VAL D 1190 57.38 1.61 -40.35
N LEU D 1191 57.09 0.53 -39.63
CA LEU D 1191 57.91 -0.67 -39.73
C LEU D 1191 57.89 -1.27 -41.13
N VAL D 1192 56.69 -1.52 -41.64
CA VAL D 1192 56.54 -2.07 -42.98
C VAL D 1192 57.12 -1.11 -44.00
N SER D 1193 56.83 0.18 -43.85
CA SER D 1193 57.36 1.19 -44.76
C SER D 1193 58.87 1.06 -44.91
N VAL D 1194 59.60 1.31 -43.82
CA VAL D 1194 61.06 1.20 -43.82
C VAL D 1194 61.58 -0.14 -44.39
N ALA D 1195 60.76 -1.20 -44.28
CA ALA D 1195 61.19 -2.50 -44.78
C ALA D 1195 61.15 -2.52 -46.31
N GLU D 1196 60.08 -2.01 -46.87
CA GLU D 1196 59.90 -1.94 -48.32
C GLU D 1196 60.82 -0.89 -48.93
N ALA D 1197 61.09 0.15 -48.15
CA ALA D 1197 61.95 1.24 -48.61
C ALA D 1197 63.41 0.77 -48.72
N LEU D 1198 63.83 -0.11 -47.82
CA LEU D 1198 65.17 -0.66 -47.88
C LEU D 1198 65.34 -1.58 -49.09
N LEU D 1199 64.26 -2.26 -49.48
CA LEU D 1199 64.27 -3.15 -50.66
C LEU D 1199 64.32 -2.34 -51.94
N SER D 1200 63.54 -1.26 -52.01
CA SER D 1200 63.53 -0.38 -53.17
C SER D 1200 64.92 0.20 -53.39
N SER D 1201 65.74 0.10 -52.37
CA SER D 1201 67.08 0.65 -52.42
C SER D 1201 68.10 -0.48 -52.58
N GLY D 1202 67.60 -1.71 -52.73
CA GLY D 1202 68.44 -2.85 -53.01
C GLY D 1202 69.07 -3.48 -51.79
N ILE D 1203 68.71 -2.98 -50.61
CA ILE D 1203 69.20 -3.55 -49.36
C ILE D 1203 68.26 -4.65 -48.93
N THR D 1204 68.77 -5.87 -48.76
CA THR D 1204 67.93 -6.97 -48.28
C THR D 1204 68.03 -7.07 -46.77
N ASP D 1205 69.27 -7.25 -46.30
CA ASP D 1205 69.62 -7.27 -44.90
C ASP D 1205 70.19 -5.88 -44.64
N PRO D 1206 69.61 -5.15 -43.67
CA PRO D 1206 70.14 -3.80 -43.43
C PRO D 1206 71.59 -3.83 -42.91
N TYR D 1207 72.03 -5.03 -42.50
CA TYR D 1207 73.39 -5.23 -42.02
C TYR D 1207 74.41 -5.03 -43.12
N GLU D 1208 73.97 -5.18 -44.37
CA GLU D 1208 74.83 -4.90 -45.51
C GLU D 1208 75.46 -3.51 -45.39
N PHE D 1209 74.71 -2.56 -44.84
CA PHE D 1209 75.27 -1.24 -44.56
C PHE D 1209 76.58 -1.33 -43.80
N TYR D 1210 76.72 -2.34 -42.95
CA TYR D 1210 77.95 -2.49 -42.15
C TYR D 1210 78.99 -3.36 -42.86
N LYS D 1211 78.96 -3.30 -44.18
CA LYS D 1211 80.07 -3.78 -44.99
C LYS D 1211 80.85 -2.55 -45.42
N TYR D 1212 80.13 -1.49 -45.70
CA TYR D 1212 80.72 -0.27 -46.25
C TYR D 1212 80.88 0.82 -45.19
N VAL D 1213 80.21 0.64 -44.05
CA VAL D 1213 80.05 1.72 -43.08
C VAL D 1213 79.97 1.28 -41.62
N HIS D 1214 80.41 2.16 -40.73
CA HIS D 1214 80.42 1.90 -39.30
C HIS D 1214 79.04 2.05 -38.69
N LEU D 1215 78.78 1.24 -37.66
CA LEU D 1215 77.53 1.29 -36.91
C LEU D 1215 77.02 2.70 -36.73
N SER D 1216 77.94 3.63 -36.53
CA SER D 1216 77.58 4.99 -36.19
C SER D 1216 77.29 5.89 -37.39
N GLU D 1217 77.01 5.31 -38.55
CA GLU D 1217 76.77 6.15 -39.72
C GLU D 1217 75.44 5.90 -40.41
N VAL D 1218 74.70 4.92 -39.90
CA VAL D 1218 73.31 4.75 -40.32
C VAL D 1218 72.42 5.55 -39.38
N GLY D 1219 71.78 6.57 -39.91
CA GLY D 1219 71.00 7.47 -39.07
C GLY D 1219 69.50 7.28 -39.19
N ASN D 1220 68.75 7.78 -38.21
CA ASN D 1220 67.30 7.60 -38.17
C ASN D 1220 66.54 8.88 -37.80
N CYS D 1221 65.96 9.52 -38.81
CA CYS D 1221 65.29 10.81 -38.64
C CYS D 1221 63.82 10.82 -38.99
N ILE D 1222 63.09 9.76 -38.66
CA ILE D 1222 61.66 9.72 -39.01
C ILE D 1222 60.79 10.39 -37.95
N GLY D 1223 59.87 11.26 -38.39
CA GLY D 1223 59.11 12.07 -37.46
C GLY D 1223 57.62 11.95 -37.67
N SER D 1224 56.87 12.88 -37.09
CA SER D 1224 55.41 12.92 -37.24
C SER D 1224 54.82 14.08 -36.45
N GLY D 1225 53.55 14.40 -36.70
CA GLY D 1225 52.88 15.53 -36.07
C GLY D 1225 52.51 15.27 -34.62
N VAL D 1226 51.91 14.11 -34.37
CA VAL D 1226 51.64 13.57 -33.04
C VAL D 1226 51.39 12.10 -33.25
N GLY D 1227 52.43 11.30 -33.17
CA GLY D 1227 52.30 9.89 -33.50
C GLY D 1227 52.03 9.05 -32.27
N GLY D 1228 51.36 7.91 -32.43
CA GLY D 1228 51.03 7.07 -31.29
C GLY D 1228 49.68 7.45 -30.74
N THR D 1229 48.82 7.92 -31.64
CA THR D 1229 47.55 8.50 -31.27
C THR D 1229 46.69 7.50 -30.53
N SER D 1230 46.90 6.23 -30.83
CA SER D 1230 46.15 5.16 -30.18
C SER D 1230 46.61 5.02 -28.73
N ALA D 1231 47.92 4.92 -28.53
CA ALA D 1231 48.46 4.85 -27.18
C ALA D 1231 48.05 6.10 -26.38
N LEU D 1232 48.03 7.24 -27.08
CA LEU D 1232 47.66 8.52 -26.48
C LEU D 1232 46.28 8.43 -25.89
N ARG D 1233 45.32 7.99 -26.71
CA ARG D 1233 43.97 7.77 -26.26
C ARG D 1233 43.97 6.76 -25.10
N GLY D 1234 44.77 5.71 -25.24
CA GLY D 1234 44.81 4.67 -24.22
C GLY D 1234 45.11 5.13 -22.81
N MET D 1235 45.84 6.23 -22.69
CA MET D 1235 46.30 6.70 -21.37
C MET D 1235 45.54 7.93 -20.87
N TYR D 1236 45.03 8.75 -21.79
CA TYR D 1236 44.25 9.93 -21.45
C TYR D 1236 42.77 9.67 -21.36
N LYS D 1237 42.33 8.54 -21.89
CA LYS D 1237 40.92 8.18 -21.88
C LYS D 1237 40.69 6.74 -21.42
N ASP D 1238 41.21 5.78 -22.20
CA ASP D 1238 40.92 4.37 -21.94
C ASP D 1238 41.28 3.93 -20.52
N ARG D 1239 42.17 4.68 -19.89
CA ARG D 1239 42.67 4.32 -18.57
C ARG D 1239 41.76 4.90 -17.49
N TYR D 1240 41.29 6.11 -17.74
CA TYR D 1240 40.32 6.78 -16.90
C TYR D 1240 39.05 5.97 -16.83
N LEU D 1241 38.75 5.26 -17.91
CA LEU D 1241 37.52 4.47 -18.02
C LEU D 1241 37.72 3.08 -17.47
N ASP D 1242 38.95 2.80 -17.06
CA ASP D 1242 39.30 1.53 -16.44
C ASP D 1242 39.23 0.38 -17.41
N LYS D 1243 39.35 0.69 -18.71
CA LYS D 1243 39.41 -0.35 -19.75
C LYS D 1243 40.78 -1.04 -19.72
N PRO D 1244 40.83 -2.33 -20.07
CA PRO D 1244 42.08 -3.11 -19.99
C PRO D 1244 43.14 -2.51 -20.90
N VAL D 1245 44.20 -1.97 -20.33
CA VAL D 1245 45.21 -1.26 -21.12
C VAL D 1245 46.63 -1.61 -20.68
N GLN D 1246 47.55 -1.61 -21.65
CA GLN D 1246 48.95 -1.98 -21.44
C GLN D 1246 49.54 -1.21 -20.25
N LYS D 1247 50.65 -1.70 -19.69
CA LYS D 1247 51.32 -0.94 -18.63
C LYS D 1247 52.24 0.09 -19.21
N ASP D 1248 52.73 -0.21 -20.40
CA ASP D 1248 53.78 0.56 -21.04
C ASP D 1248 53.26 1.46 -22.14
N ILE D 1249 51.96 1.73 -22.16
CA ILE D 1249 51.38 2.47 -23.26
C ILE D 1249 52.13 3.77 -23.41
N LEU D 1250 52.63 4.30 -22.30
CA LEU D 1250 53.40 5.52 -22.37
C LEU D 1250 54.52 5.46 -23.43
N GLN D 1251 55.34 4.40 -23.40
CA GLN D 1251 56.34 4.13 -24.45
C GLN D 1251 55.82 4.49 -25.84
N GLU D 1252 54.75 3.80 -26.27
CA GLU D 1252 54.31 3.83 -27.66
C GLU D 1252 53.58 5.11 -28.11
N SER D 1253 53.56 6.11 -27.24
CA SER D 1253 52.92 7.38 -27.57
C SER D 1253 53.92 8.46 -27.99
N PHE D 1254 55.20 8.17 -27.78
CA PHE D 1254 56.29 9.09 -28.12
C PHE D 1254 56.59 9.08 -29.61
N VAL D 1255 56.82 10.25 -30.18
CA VAL D 1255 57.00 10.35 -31.62
C VAL D 1255 58.21 9.53 -32.07
N ASN D 1256 59.19 9.43 -31.19
CA ASN D 1256 60.43 8.77 -31.56
C ASN D 1256 60.48 7.29 -31.20
N THR D 1257 59.37 6.75 -30.70
CA THR D 1257 59.35 5.33 -30.37
C THR D 1257 59.20 4.56 -31.66
N MET D 1258 58.54 5.19 -32.61
CA MET D 1258 58.47 4.63 -33.93
C MET D 1258 59.90 4.44 -34.40
N ALA D 1259 60.64 5.55 -34.51
CA ALA D 1259 62.04 5.46 -34.91
C ALA D 1259 62.83 4.40 -34.11
N ALA D 1260 62.55 4.35 -32.81
CA ALA D 1260 63.19 3.40 -31.95
C ALA D 1260 62.94 1.98 -32.41
N TRP D 1261 61.68 1.63 -32.57
CA TRP D 1261 61.34 0.27 -32.98
C TRP D 1261 61.99 -0.15 -34.29
N VAL D 1262 62.20 0.82 -35.18
CA VAL D 1262 62.86 0.57 -36.46
C VAL D 1262 64.29 0.10 -36.22
N ASN D 1263 64.94 0.76 -35.28
CA ASN D 1263 66.31 0.45 -34.93
C ASN D 1263 66.42 -0.83 -34.08
N MET D 1264 65.37 -1.13 -33.31
CA MET D 1264 65.41 -2.28 -32.42
C MET D 1264 65.05 -3.55 -33.16
N LEU D 1265 64.62 -3.40 -34.41
CA LEU D 1265 64.12 -4.54 -35.20
C LEU D 1265 64.89 -4.79 -36.48
N LEU D 1266 65.56 -3.76 -36.99
CA LEU D 1266 66.25 -3.84 -38.28
C LEU D 1266 67.70 -3.33 -38.24
N LEU D 1267 67.84 -2.00 -38.23
CA LEU D 1267 69.16 -1.37 -38.23
C LEU D 1267 69.69 -1.31 -36.81
N SER D 1268 70.67 -2.15 -36.44
CA SER D 1268 71.18 -2.01 -35.06
C SER D 1268 72.31 -0.97 -34.95
N SER D 1269 72.03 0.22 -35.45
CA SER D 1269 73.02 1.29 -35.63
C SER D 1269 73.16 2.18 -34.41
N THR D 1270 74.39 2.62 -34.17
CA THR D 1270 74.66 3.63 -33.16
C THR D 1270 74.70 5.01 -33.80
N GLY D 1271 74.00 5.15 -34.93
CA GLY D 1271 73.91 6.40 -35.66
C GLY D 1271 73.10 7.42 -34.91
N PRO D 1272 72.85 8.58 -35.53
CA PRO D 1272 72.07 9.64 -34.89
C PRO D 1272 70.57 9.33 -34.91
N ILE D 1273 69.79 10.08 -34.14
CA ILE D 1273 68.34 9.97 -34.14
C ILE D 1273 67.79 11.33 -33.86
N LYS D 1274 67.66 12.13 -34.90
CA LYS D 1274 67.01 13.42 -34.74
C LYS D 1274 65.62 13.26 -35.31
N THR D 1275 64.62 13.28 -34.43
CA THR D 1275 63.25 13.01 -34.85
C THR D 1275 62.38 14.25 -34.66
N PRO D 1276 61.74 14.69 -35.74
CA PRO D 1276 61.11 16.01 -35.86
C PRO D 1276 59.60 16.00 -35.73
N VAL D 1277 59.09 17.10 -35.17
CA VAL D 1277 57.65 17.38 -35.15
C VAL D 1277 57.36 18.71 -35.83
N GLY D 1278 57.18 18.66 -37.14
CA GLY D 1278 56.83 19.85 -37.89
C GLY D 1278 55.41 19.82 -38.39
N ALA D 1279 54.50 19.23 -37.61
CA ALA D 1279 53.11 19.13 -38.01
C ALA D 1279 52.98 18.66 -39.45
N CYS D 1280 52.06 19.27 -40.18
CA CYS D 1280 51.78 18.88 -41.56
C CYS D 1280 53.03 18.79 -42.45
N ALA D 1281 54.14 19.38 -42.02
CA ALA D 1281 55.32 19.43 -42.86
C ALA D 1281 56.47 18.55 -42.36
N THR D 1282 56.24 17.73 -41.34
CA THR D 1282 57.35 16.98 -40.73
C THR D 1282 58.17 16.22 -41.77
N ALA D 1283 57.48 15.61 -42.73
CA ALA D 1283 58.15 14.72 -43.66
C ALA D 1283 59.25 15.42 -44.45
N VAL D 1284 59.04 16.70 -44.77
CA VAL D 1284 60.06 17.50 -45.42
C VAL D 1284 61.14 17.95 -44.41
N GLU D 1285 60.72 18.57 -43.30
CA GLU D 1285 61.63 18.93 -42.22
C GLU D 1285 62.54 17.75 -41.88
N SER D 1286 61.98 16.55 -41.94
CA SER D 1286 62.73 15.31 -41.75
C SER D 1286 63.83 15.17 -42.80
N LEU D 1287 63.47 15.32 -44.08
CA LEU D 1287 64.43 15.26 -45.18
C LEU D 1287 65.58 16.23 -44.95
N ASP D 1288 65.20 17.47 -44.59
CA ASP D 1288 66.16 18.50 -44.23
C ASP D 1288 67.10 18.03 -43.12
N VAL D 1289 66.53 17.59 -42.01
CA VAL D 1289 67.32 17.10 -40.88
C VAL D 1289 68.32 16.01 -41.26
N GLY D 1290 67.85 14.99 -41.96
CA GLY D 1290 68.73 13.93 -42.39
C GLY D 1290 69.81 14.45 -43.31
N TYR D 1291 69.41 15.37 -44.18
CA TYR D 1291 70.32 16.01 -45.11
C TYR D 1291 71.50 16.66 -44.38
N ASP D 1292 71.20 17.65 -43.54
CA ASP D 1292 72.21 18.37 -42.76
C ASP D 1292 73.07 17.40 -42.00
N THR D 1293 72.41 16.48 -41.31
CA THR D 1293 73.08 15.47 -40.50
C THR D 1293 74.13 14.70 -41.30
N ILE D 1294 73.80 14.35 -42.53
CA ILE D 1294 74.71 13.63 -43.38
C ILE D 1294 75.88 14.49 -43.84
N MET D 1295 75.59 15.75 -44.21
CA MET D 1295 76.62 16.68 -44.68
C MET D 1295 77.47 17.27 -43.54
N GLN D 1296 77.36 16.70 -42.35
CA GLN D 1296 78.17 17.14 -41.21
C GLN D 1296 78.94 15.96 -40.65
N GLY D 1297 78.91 14.85 -41.37
CA GLY D 1297 79.73 13.69 -41.03
C GLY D 1297 79.09 12.76 -40.02
N LYS D 1298 77.93 13.19 -39.53
CA LYS D 1298 77.25 12.43 -38.49
C LYS D 1298 76.84 11.05 -39.02
N ALA D 1299 76.45 10.99 -40.28
CA ALA D 1299 76.04 9.73 -40.88
C ALA D 1299 76.28 9.74 -42.37
N ARG D 1300 76.35 8.54 -42.97
CA ARG D 1300 76.44 8.41 -44.42
C ARG D 1300 75.16 7.84 -45.06
N VAL D 1301 74.46 6.98 -44.34
CA VAL D 1301 73.14 6.55 -44.77
C VAL D 1301 72.15 7.03 -43.71
N CYS D 1302 70.87 7.10 -44.05
CA CYS D 1302 69.91 7.74 -43.17
C CYS D 1302 68.47 7.55 -43.62
N LEU D 1303 67.67 6.94 -42.75
CA LEU D 1303 66.24 6.80 -43.01
C LEU D 1303 65.53 8.11 -42.75
N VAL D 1304 64.54 8.41 -43.57
CA VAL D 1304 63.84 9.68 -43.47
C VAL D 1304 62.38 9.45 -43.85
N GLY D 1305 61.48 10.24 -43.28
CA GLY D 1305 60.09 10.19 -43.66
C GLY D 1305 59.16 10.82 -42.63
N GLY D 1306 57.86 10.62 -42.82
CA GLY D 1306 56.83 11.09 -41.91
C GLY D 1306 55.69 10.11 -41.78
N PHE D 1307 54.92 10.22 -40.71
CA PHE D 1307 53.77 9.36 -40.49
C PHE D 1307 52.77 10.06 -39.60
N ASP D 1308 51.57 9.49 -39.54
CA ASP D 1308 50.50 10.02 -38.71
C ASP D 1308 49.29 9.15 -38.99
N ASP D 1309 48.37 9.04 -38.02
CA ASP D 1309 47.24 8.14 -38.17
C ASP D 1309 45.93 8.92 -38.29
N PHE D 1310 44.83 8.19 -38.56
CA PHE D 1310 43.50 8.77 -38.48
C PHE D 1310 42.81 8.30 -37.20
N GLN D 1311 42.24 9.24 -36.46
CA GLN D 1311 41.71 8.95 -35.14
C GLN D 1311 40.44 9.72 -34.83
N GLU D 1312 39.53 9.07 -34.11
CA GLU D 1312 38.25 9.67 -33.75
C GLU D 1312 38.45 11.06 -33.12
N GLU D 1313 39.45 11.12 -32.23
CA GLU D 1313 39.72 12.27 -31.39
C GLU D 1313 40.33 13.34 -32.28
N GLY D 1314 41.23 12.92 -33.17
CA GLY D 1314 41.83 13.82 -34.13
C GLY D 1314 40.81 14.45 -35.05
N SER D 1315 40.09 13.60 -35.78
CA SER D 1315 39.13 14.04 -36.80
C SER D 1315 38.15 15.05 -36.21
N TYR D 1316 37.67 14.74 -35.01
CA TYR D 1316 36.71 15.60 -34.31
C TYR D 1316 37.34 16.98 -34.01
N GLU D 1317 38.62 16.95 -33.66
CA GLU D 1317 39.29 18.15 -33.24
C GLU D 1317 39.51 19.11 -34.42
N PHE D 1318 40.01 18.56 -35.53
CA PHE D 1318 40.24 19.34 -36.75
C PHE D 1318 38.97 20.02 -37.18
N ALA D 1319 37.86 19.29 -37.05
CA ALA D 1319 36.58 19.82 -37.40
C ALA D 1319 36.29 21.10 -36.62
N ASN D 1320 36.63 21.10 -35.33
CA ASN D 1320 36.41 22.28 -34.51
C ASN D 1320 37.23 23.49 -34.95
N MET D 1321 38.37 23.23 -35.56
CA MET D 1321 39.23 24.31 -36.04
C MET D 1321 38.73 24.82 -37.37
N GLY D 1322 38.13 23.94 -38.17
CA GLY D 1322 37.53 24.33 -39.44
C GLY D 1322 38.37 23.92 -40.63
N ALA D 1323 39.33 23.04 -40.37
CA ALA D 1323 40.32 22.68 -41.37
C ALA D 1323 39.81 21.60 -42.31
N THR D 1324 39.22 20.56 -41.73
CA THR D 1324 38.65 19.49 -42.54
C THR D 1324 37.37 19.90 -43.28
N SER D 1325 36.99 19.09 -44.27
CA SER D 1325 35.83 19.39 -45.08
C SER D 1325 34.63 18.67 -44.51
N ASN D 1326 33.52 19.39 -44.39
CA ASN D 1326 32.26 18.82 -43.91
C ASN D 1326 31.59 17.84 -44.87
N ALA D 1327 31.79 16.53 -44.67
CA ALA D 1327 31.27 15.52 -45.59
C ALA D 1327 29.77 15.71 -45.85
N LYS D 1328 28.97 15.91 -44.80
CA LYS D 1328 27.52 16.06 -44.93
C LYS D 1328 27.12 17.19 -45.85
N GLU D 1329 27.83 18.30 -45.77
CA GLU D 1329 27.57 19.46 -46.62
C GLU D 1329 28.03 19.23 -48.04
N GLU D 1330 29.16 18.55 -48.20
CA GLU D 1330 29.66 18.21 -49.52
C GLU D 1330 28.77 17.17 -50.20
N PHE D 1331 28.19 16.27 -49.42
CA PHE D 1331 27.21 15.36 -49.95
C PHE D 1331 25.99 16.13 -50.45
N ALA D 1332 25.72 17.27 -49.82
CA ALA D 1332 24.57 18.08 -50.19
C ALA D 1332 24.87 18.81 -51.48
N ARG D 1333 26.13 18.75 -51.91
CA ARG D 1333 26.57 19.43 -53.12
C ARG D 1333 26.71 18.48 -54.30
N GLY D 1334 26.28 17.24 -54.11
CA GLY D 1334 26.36 16.26 -55.18
C GLY D 1334 27.76 15.67 -55.27
N ARG D 1335 28.59 15.92 -54.27
CA ARG D 1335 29.95 15.38 -54.24
C ARG D 1335 30.00 13.93 -53.84
N GLU D 1336 31.05 13.24 -54.29
CA GLU D 1336 31.22 11.85 -53.94
C GLU D 1336 32.43 11.77 -53.05
N PRO D 1337 32.49 10.75 -52.18
CA PRO D 1337 33.73 10.53 -51.41
C PRO D 1337 34.85 10.37 -52.41
N GLY D 1338 35.82 11.27 -52.43
CA GLY D 1338 36.86 11.19 -53.45
C GLY D 1338 36.84 12.38 -54.38
N GLU D 1339 35.67 12.73 -54.90
CA GLU D 1339 35.45 14.02 -55.57
C GLU D 1339 35.52 15.09 -54.49
N MET D 1340 35.68 14.63 -53.25
CA MET D 1340 35.65 15.48 -52.06
C MET D 1340 36.85 16.45 -52.05
N SER D 1341 37.99 15.97 -52.52
CA SER D 1341 39.27 16.69 -52.40
C SER D 1341 39.76 17.36 -53.69
N ARG D 1342 39.56 18.66 -53.80
CA ARG D 1342 39.92 19.40 -55.01
C ARG D 1342 40.85 20.58 -54.74
N PRO D 1343 42.17 20.30 -54.75
CA PRO D 1343 43.25 21.17 -54.31
C PRO D 1343 43.18 22.59 -54.85
N THR D 1344 42.86 22.78 -56.11
CA THR D 1344 42.95 24.15 -56.65
C THR D 1344 41.61 24.71 -57.05
N SER D 1345 40.58 23.87 -56.87
CA SER D 1345 39.22 24.13 -57.31
C SER D 1345 38.68 25.44 -56.78
N THR D 1346 37.58 25.89 -57.36
CA THR D 1346 36.92 27.10 -56.89
C THR D 1346 36.14 26.70 -55.65
N THR D 1347 35.59 25.50 -55.70
CA THR D 1347 34.68 25.01 -54.70
C THR D 1347 35.43 24.46 -53.49
N ARG D 1348 36.75 24.40 -53.58
CA ARG D 1348 37.57 23.86 -52.50
C ARG D 1348 37.20 24.54 -51.18
N ASN D 1349 37.00 23.73 -50.14
CA ASN D 1349 36.57 24.27 -48.84
C ASN D 1349 37.45 23.86 -47.67
N GLY D 1350 37.72 22.56 -47.57
CA GLY D 1350 38.54 22.07 -46.48
C GLY D 1350 39.31 20.86 -46.92
N PHE D 1351 40.28 20.45 -46.11
CA PHE D 1351 41.12 19.34 -46.49
C PHE D 1351 40.55 17.99 -46.08
N MET D 1352 41.19 16.93 -46.56
CA MET D 1352 40.75 15.58 -46.25
C MET D 1352 41.68 14.83 -45.31
N GLU D 1353 41.12 14.29 -44.23
CA GLU D 1353 41.90 13.46 -43.33
C GLU D 1353 42.38 12.23 -44.10
N SER D 1354 43.56 11.75 -43.76
CA SER D 1354 44.07 10.53 -44.34
C SER D 1354 45.11 9.94 -43.38
N GLN D 1355 45.62 8.76 -43.68
CA GLN D 1355 46.50 8.09 -42.74
C GLN D 1355 47.66 7.38 -43.45
N GLY D 1356 48.67 6.97 -42.67
CA GLY D 1356 49.80 6.24 -43.21
C GLY D 1356 51.13 6.99 -43.09
N CYS D 1357 52.20 6.36 -43.58
CA CYS D 1357 53.50 7.03 -43.62
C CYS D 1357 54.18 6.98 -44.99
N GLY D 1358 55.35 7.60 -45.05
CA GLY D 1358 56.14 7.65 -46.26
C GLY D 1358 57.59 7.72 -45.87
N VAL D 1359 58.44 6.95 -46.55
CA VAL D 1359 59.85 6.90 -46.21
C VAL D 1359 60.73 6.91 -47.45
N GLN D 1360 61.87 7.57 -47.33
CA GLN D 1360 62.94 7.47 -48.31
C GLN D 1360 64.22 7.21 -47.54
N VAL D 1361 65.04 6.30 -48.04
CA VAL D 1361 66.38 6.19 -47.48
C VAL D 1361 67.29 7.14 -48.26
N ILE D 1362 68.27 7.76 -47.57
CA ILE D 1362 69.18 8.72 -48.19
C ILE D 1362 70.67 8.45 -47.86
N MET D 1363 71.52 8.74 -48.83
CA MET D 1363 72.95 8.47 -48.70
C MET D 1363 73.77 9.55 -49.36
N THR D 1364 75.08 9.49 -49.09
CA THR D 1364 76.02 10.31 -49.84
C THR D 1364 76.11 9.65 -51.20
N ALA D 1365 76.21 10.45 -52.25
CA ALA D 1365 76.36 9.91 -53.59
C ALA D 1365 77.53 8.92 -53.60
N GLN D 1366 78.62 9.28 -52.93
CA GLN D 1366 79.78 8.42 -52.89
C GLN D 1366 79.41 7.01 -52.38
N LEU D 1367 78.91 6.93 -51.17
CA LEU D 1367 78.51 5.64 -50.59
C LEU D 1367 77.48 4.95 -51.48
N ALA D 1368 76.64 5.74 -52.13
CA ALA D 1368 75.64 5.18 -53.04
C ALA D 1368 76.31 4.40 -54.19
N LEU D 1369 77.17 5.08 -54.92
CA LEU D 1369 77.82 4.51 -56.08
C LEU D 1369 78.72 3.36 -55.66
N GLU D 1370 79.38 3.52 -54.52
CA GLU D 1370 80.27 2.49 -53.99
C GLU D 1370 79.50 1.20 -53.69
N MET D 1371 78.34 1.36 -53.07
CA MET D 1371 77.51 0.23 -52.74
C MET D 1371 76.97 -0.34 -54.03
N GLY D 1372 76.42 0.54 -54.86
CA GLY D 1372 75.82 0.15 -56.13
C GLY D 1372 74.33 0.03 -55.95
N VAL D 1373 73.76 1.06 -55.36
CA VAL D 1373 72.34 1.07 -55.10
C VAL D 1373 71.69 2.06 -56.05
N PRO D 1374 70.42 1.81 -56.37
CA PRO D 1374 69.64 2.67 -57.27
C PRO D 1374 69.72 4.13 -56.86
N ILE D 1375 69.51 5.04 -57.78
CA ILE D 1375 69.47 6.45 -57.39
C ILE D 1375 68.31 7.19 -58.04
N TYR D 1376 67.34 7.53 -57.19
CA TYR D 1376 66.09 8.12 -57.65
C TYR D 1376 66.19 9.61 -57.88
N GLY D 1377 67.13 10.24 -57.17
CA GLY D 1377 67.33 11.67 -57.32
C GLY D 1377 68.36 12.27 -56.38
N ILE D 1378 68.67 13.54 -56.62
CA ILE D 1378 69.61 14.28 -55.79
C ILE D 1378 68.85 15.29 -54.95
N VAL D 1379 68.98 15.18 -53.63
CA VAL D 1379 68.41 16.21 -52.79
C VAL D 1379 69.26 17.45 -52.94
N ALA D 1380 68.79 18.35 -53.78
CA ALA D 1380 69.59 19.51 -54.17
C ALA D 1380 69.60 20.56 -53.08
N MET D 1381 68.50 20.62 -52.34
CA MET D 1381 68.34 21.63 -51.32
C MET D 1381 67.19 21.26 -50.40
N THR D 1382 67.28 21.70 -49.16
CA THR D 1382 66.18 21.61 -48.21
C THR D 1382 66.27 22.84 -47.31
N SER D 1383 65.15 23.22 -46.70
CA SER D 1383 65.15 24.30 -45.69
C SER D 1383 63.80 24.45 -45.01
N THR D 1384 63.83 25.01 -43.80
CA THR D 1384 62.60 25.27 -43.04
C THR D 1384 62.48 26.76 -42.75
N ALA D 1385 61.24 27.24 -42.67
CA ALA D 1385 61.00 28.68 -42.61
C ALA D 1385 59.80 29.10 -41.78
N THR D 1386 60.03 30.01 -40.84
CA THR D 1386 58.98 30.55 -40.03
C THR D 1386 58.49 31.81 -40.70
N ASP D 1387 57.26 32.21 -40.43
CA ASP D 1387 56.74 33.42 -41.03
C ASP D 1387 56.88 34.59 -40.04
N LYS D 1388 56.08 35.63 -40.20
CA LYS D 1388 56.16 36.81 -39.33
C LYS D 1388 55.47 36.64 -37.97
N ILE D 1389 55.36 37.75 -37.24
CA ILE D 1389 54.63 37.80 -36.00
C ILE D 1389 53.15 37.68 -36.30
N GLY D 1390 52.45 36.89 -35.50
CA GLY D 1390 51.02 36.70 -35.70
C GLY D 1390 50.31 36.25 -34.44
N ARG D 1391 49.03 35.88 -34.58
CA ARG D 1391 48.32 35.24 -33.48
C ARG D 1391 47.58 33.99 -33.98
N SER D 1392 47.45 33.86 -35.31
CA SER D 1392 46.81 32.67 -35.88
C SER D 1392 47.83 31.58 -36.09
N VAL D 1393 47.82 30.60 -35.20
CA VAL D 1393 48.80 29.51 -35.25
C VAL D 1393 48.77 28.72 -36.55
N PRO D 1394 47.55 28.38 -37.00
CA PRO D 1394 47.40 27.50 -38.15
C PRO D 1394 47.66 28.20 -39.48
N ALA D 1395 47.69 29.53 -39.49
CA ALA D 1395 47.83 30.27 -40.75
C ALA D 1395 49.13 29.94 -41.49
N PRO D 1396 49.05 29.92 -42.83
CA PRO D 1396 50.19 29.68 -43.71
C PRO D 1396 50.78 31.02 -44.09
N GLY D 1397 52.10 31.12 -44.03
CA GLY D 1397 52.80 32.36 -44.35
C GLY D 1397 53.81 32.18 -45.46
N GLN D 1398 54.59 33.21 -45.71
CA GLN D 1398 55.52 33.17 -46.81
C GLN D 1398 56.98 33.15 -46.35
N GLY D 1399 57.23 32.43 -45.28
CA GLY D 1399 58.60 32.30 -44.80
C GLY D 1399 59.42 31.66 -45.89
N VAL D 1400 58.81 30.67 -46.54
CA VAL D 1400 59.49 29.87 -47.54
C VAL D 1400 59.97 30.69 -48.75
N LEU D 1401 59.43 31.89 -48.90
CA LEU D 1401 59.80 32.79 -49.99
C LEU D 1401 61.29 33.11 -49.98
N THR D 1402 61.85 33.21 -48.77
CA THR D 1402 63.23 33.59 -48.55
C THR D 1402 64.28 32.52 -48.89
N THR D 1403 63.90 31.49 -49.62
CA THR D 1403 64.89 30.56 -50.14
C THR D 1403 65.20 30.96 -51.57
N ALA D 1404 64.74 32.15 -51.90
CA ALA D 1404 65.02 32.75 -53.19
C ALA D 1404 65.51 34.18 -52.92
N ARG D 1405 65.81 34.47 -51.66
CA ARG D 1405 66.35 35.77 -51.28
C ARG D 1405 67.71 35.92 -51.95
N GLU D 1406 67.92 37.10 -52.51
CA GLU D 1406 69.13 37.39 -53.25
C GLU D 1406 69.13 38.87 -53.64
N LYS D 1407 70.26 39.54 -53.43
CA LYS D 1407 70.48 40.86 -53.98
C LYS D 1407 71.53 40.76 -55.08
N SER D 1408 71.08 40.96 -56.31
CA SER D 1408 71.92 40.76 -57.47
C SER D 1408 72.54 42.08 -57.92
N GLY D 1409 73.87 42.12 -57.95
CA GLY D 1409 74.57 43.27 -58.48
C GLY D 1409 74.35 43.39 -59.98
N ASN D 1410 74.84 44.46 -60.60
CA ASN D 1410 74.66 44.67 -62.04
C ASN D 1410 75.07 43.43 -62.84
N PHE D 1411 76.05 42.71 -62.33
CA PHE D 1411 76.57 41.51 -62.98
C PHE D 1411 76.43 40.31 -62.07
N PRO D 1412 76.05 39.17 -62.64
CA PRO D 1412 75.93 37.88 -61.94
C PRO D 1412 77.26 37.48 -61.32
N SER D 1413 77.22 36.95 -60.11
CA SER D 1413 78.40 36.40 -59.48
C SER D 1413 79.08 35.45 -60.43
N PRO D 1414 80.41 35.58 -60.55
CA PRO D 1414 81.25 34.67 -61.32
C PRO D 1414 80.86 33.23 -61.07
N LEU D 1415 80.55 32.93 -59.81
CA LEU D 1415 80.37 31.56 -59.36
C LEU D 1415 79.20 30.84 -60.04
N LEU D 1416 78.19 31.60 -60.42
CA LEU D 1416 77.05 31.04 -61.14
C LEU D 1416 77.54 30.37 -62.44
N ASP D 1417 78.59 30.92 -63.04
CA ASP D 1417 79.21 30.36 -64.25
C ASP D 1417 80.10 29.17 -63.91
N ILE D 1418 79.76 28.00 -64.44
CA ILE D 1418 80.45 26.78 -64.06
C ILE D 1418 81.93 26.78 -64.46
N LYS D 1419 82.24 27.45 -65.56
CA LYS D 1419 83.60 27.43 -66.08
C LYS D 1419 84.55 28.17 -65.17
N TYR D 1420 84.07 29.29 -64.61
CA TYR D 1420 84.84 30.04 -63.63
C TYR D 1420 85.19 29.12 -62.46
N ARG D 1421 84.19 28.35 -62.02
CA ARG D 1421 84.39 27.41 -60.94
C ARG D 1421 85.34 26.31 -61.38
N ARG D 1422 85.28 25.99 -62.66
CA ARG D 1422 86.20 25.04 -63.27
C ARG D 1422 87.61 25.53 -63.07
N ARG D 1423 87.87 26.74 -63.57
CA ARG D 1423 89.19 27.36 -63.48
C ARG D 1423 89.68 27.21 -62.06
N GLN D 1424 88.97 27.91 -61.17
CA GLN D 1424 89.34 28.02 -59.77
C GLN D 1424 89.58 26.67 -59.12
N LEU D 1425 88.81 25.66 -59.54
CA LEU D 1425 88.94 24.32 -58.99
C LEU D 1425 90.24 23.65 -59.42
N GLU D 1426 90.45 23.53 -60.73
CA GLU D 1426 91.64 22.89 -61.27
C GLU D 1426 92.86 23.75 -60.97
N LEU D 1427 92.61 25.02 -60.73
CA LEU D 1427 93.63 25.93 -60.24
C LEU D 1427 94.13 25.44 -58.90
N ARG D 1428 93.20 25.21 -57.97
CA ARG D 1428 93.55 24.68 -56.67
C ARG D 1428 94.00 23.21 -56.73
N ARG D 1429 93.68 22.53 -57.82
CA ARG D 1429 94.06 21.13 -57.95
C ARG D 1429 95.54 21.07 -58.22
N GLN D 1430 96.01 21.99 -59.06
CA GLN D 1430 97.43 22.14 -59.32
C GLN D 1430 98.10 22.59 -58.03
N GLN D 1431 97.67 23.75 -57.54
CA GLN D 1431 98.11 24.30 -56.28
C GLN D 1431 98.23 23.22 -55.19
N ILE D 1432 97.39 22.19 -55.29
CA ILE D 1432 97.40 21.10 -54.35
C ILE D 1432 98.44 20.06 -54.72
N LYS D 1433 98.50 19.73 -56.00
CA LYS D 1433 99.47 18.76 -56.51
C LYS D 1433 100.91 19.13 -56.11
N GLN D 1434 101.21 20.43 -56.12
CA GLN D 1434 102.56 20.92 -55.84
C GLN D 1434 102.85 20.93 -54.34
N TRP D 1435 101.82 21.19 -53.55
CA TRP D 1435 101.90 21.04 -52.10
C TRP D 1435 102.26 19.58 -51.79
N LYS D 1436 101.67 18.66 -52.53
CA LYS D 1436 101.85 17.23 -52.29
C LYS D 1436 103.34 16.84 -52.28
N GLU D 1437 104.04 17.18 -53.37
CA GLU D 1437 105.48 16.94 -53.45
C GLU D 1437 106.23 17.68 -52.35
N SER D 1438 106.04 19.01 -52.31
CA SER D 1438 106.64 19.87 -51.32
C SER D 1438 106.58 19.30 -49.87
N GLU D 1439 105.52 18.54 -49.58
CA GLU D 1439 105.39 17.93 -48.26
C GLU D 1439 106.22 16.66 -48.15
N TYR D 1440 106.37 15.95 -49.26
CA TYR D 1440 107.24 14.78 -49.29
C TYR D 1440 108.67 15.19 -48.95
N LEU D 1441 109.06 16.36 -49.45
CA LEU D 1441 110.35 16.96 -49.13
C LEU D 1441 110.45 17.21 -47.63
N TYR D 1442 109.55 18.05 -47.11
CA TYR D 1442 109.58 18.45 -45.71
C TYR D 1442 109.60 17.23 -44.78
N LEU D 1443 108.83 16.21 -45.15
CA LEU D 1443 108.72 15.01 -44.32
C LEU D 1443 109.90 14.08 -44.59
N GLN D 1444 110.68 14.43 -45.62
CA GLN D 1444 111.89 13.71 -45.95
C GLN D 1444 113.08 14.22 -45.14
N GLU D 1445 113.22 15.54 -45.10
CA GLU D 1445 114.26 16.20 -44.32
C GLU D 1445 114.07 15.89 -42.84
N GLU D 1446 112.83 16.02 -42.39
CA GLU D 1446 112.44 15.75 -41.00
C GLU D 1446 112.73 14.30 -40.58
N VAL D 1447 112.67 13.36 -41.53
CA VAL D 1447 113.02 11.97 -41.21
C VAL D 1447 114.46 11.90 -40.72
N ALA D 1448 115.36 12.30 -41.62
CA ALA D 1448 116.78 12.33 -41.30
C ALA D 1448 117.07 13.30 -40.15
N ALA D 1449 116.28 14.37 -40.04
CA ALA D 1449 116.45 15.40 -39.02
C ALA D 1449 116.20 14.89 -37.60
N ILE D 1450 115.40 13.85 -37.47
CA ILE D 1450 115.07 13.27 -36.16
C ILE D 1450 116.03 12.13 -35.79
N LYS D 1451 116.80 11.65 -36.78
CA LYS D 1451 117.85 10.67 -36.53
C LYS D 1451 119.03 11.28 -35.75
N SER D 1452 119.34 12.53 -36.06
CA SER D 1452 120.46 13.25 -35.44
C SER D 1452 120.12 13.84 -34.06
N GLN D 1453 118.85 13.76 -33.68
CA GLN D 1453 118.42 14.22 -32.35
C GLN D 1453 118.15 13.02 -31.44
N ARG D 1454 118.71 11.87 -31.84
CA ARG D 1454 118.41 10.59 -31.19
C ARG D 1454 119.49 10.20 -30.18
N SER D 1455 119.11 10.17 -28.92
CA SER D 1455 119.96 9.61 -27.88
C SER D 1455 119.89 8.08 -27.99
N GLU D 1456 120.84 7.40 -27.35
CA GLU D 1456 120.92 5.94 -27.42
C GLU D 1456 120.00 5.29 -26.37
N GLU D 1457 119.50 6.11 -25.45
CA GLU D 1457 118.53 5.69 -24.43
C GLU D 1457 117.10 5.81 -24.97
N ASP D 1458 116.97 6.50 -26.11
CA ASP D 1458 115.69 6.64 -26.79
C ASP D 1458 115.46 5.43 -27.68
N GLY D 1459 114.19 5.03 -27.81
CA GLY D 1459 113.84 3.92 -28.68
C GLY D 1459 114.03 4.26 -30.15
N PRO D 1460 114.61 3.32 -30.93
CA PRO D 1460 114.87 3.45 -32.37
C PRO D 1460 113.60 3.77 -33.18
N PHE D 1461 113.76 4.45 -34.31
CA PHE D 1461 112.63 4.74 -35.18
C PHE D 1461 112.50 3.73 -36.31
N ASP D 1462 111.33 3.12 -36.44
CA ASP D 1462 111.04 2.30 -37.60
C ASP D 1462 110.77 3.25 -38.73
N GLU D 1463 111.79 3.54 -39.52
CA GLU D 1463 111.59 4.38 -40.70
C GLU D 1463 110.48 3.81 -41.56
N THR D 1464 110.52 2.49 -41.78
CA THR D 1464 109.51 1.82 -42.59
C THR D 1464 108.10 2.11 -42.05
N ALA D 1465 107.95 2.04 -40.73
CA ALA D 1465 106.69 2.37 -40.07
C ALA D 1465 106.38 3.87 -40.19
N TYR D 1466 107.18 4.68 -39.51
CA TYR D 1466 107.03 6.13 -39.51
C TYR D 1466 106.87 6.72 -40.94
N LEU D 1467 107.68 6.23 -41.89
CA LEU D 1467 107.59 6.71 -43.27
C LEU D 1467 106.26 6.33 -43.90
N ARG D 1468 105.85 5.08 -43.70
CA ARG D 1468 104.54 4.62 -44.17
C ARG D 1468 103.45 5.57 -43.72
N GLU D 1469 103.12 5.51 -42.44
CA GLU D 1469 102.05 6.33 -41.89
C GLU D 1469 102.06 7.74 -42.46
N ARG D 1470 103.25 8.31 -42.52
CA ARG D 1470 103.44 9.70 -42.93
C ARG D 1470 103.15 9.98 -44.42
N THR D 1471 103.56 9.07 -45.31
CA THR D 1471 103.23 9.23 -46.71
C THR D 1471 101.74 9.05 -46.87
N GLU D 1472 101.26 7.88 -46.43
CA GLU D 1472 99.85 7.54 -46.44
C GLU D 1472 99.04 8.76 -46.01
N HIS D 1473 99.54 9.43 -44.98
CA HIS D 1473 98.90 10.61 -44.44
C HIS D 1473 98.93 11.77 -45.42
N ILE D 1474 100.05 11.96 -46.10
CA ILE D 1474 100.12 13.05 -47.04
C ILE D 1474 99.20 12.75 -48.20
N GLU D 1475 99.06 11.47 -48.50
CA GLU D 1475 98.15 10.99 -49.53
C GLU D 1475 96.70 11.32 -49.15
N ARG D 1476 96.29 10.85 -47.98
CA ARG D 1476 94.98 11.18 -47.44
C ARG D 1476 94.77 12.69 -47.46
N GLU D 1477 95.67 13.42 -46.81
CA GLU D 1477 95.57 14.87 -46.65
C GLU D 1477 95.52 15.57 -48.00
N ALA D 1478 96.06 14.91 -49.01
CA ALA D 1478 95.98 15.40 -50.38
C ALA D 1478 94.55 15.29 -50.88
N ARG D 1479 94.08 14.04 -50.96
CA ARG D 1479 92.70 13.76 -51.35
C ARG D 1479 91.76 14.66 -50.55
N ARG D 1480 92.00 14.74 -49.24
CA ARG D 1480 91.17 15.52 -48.33
C ARG D 1480 91.09 16.93 -48.89
N GLN D 1481 92.26 17.50 -49.14
CA GLN D 1481 92.33 18.86 -49.65
C GLN D 1481 91.61 18.97 -50.99
N GLU D 1482 91.72 17.93 -51.81
CA GLU D 1482 91.09 17.89 -53.12
C GLU D 1482 89.59 18.05 -53.00
N ALA D 1483 88.95 17.00 -52.47
CA ALA D 1483 87.52 17.00 -52.24
C ALA D 1483 87.07 18.28 -51.56
N GLU D 1484 87.91 18.82 -50.68
CA GLU D 1484 87.57 20.02 -49.94
C GLU D 1484 87.44 21.26 -50.83
N ALA D 1485 88.35 21.38 -51.79
CA ALA D 1485 88.27 22.46 -52.76
C ALA D 1485 87.11 22.21 -53.72
N GLN D 1486 86.90 20.93 -54.00
CA GLN D 1486 85.78 20.49 -54.82
C GLN D 1486 84.51 20.99 -54.15
N THR D 1487 84.46 20.81 -52.83
CA THR D 1487 83.34 21.26 -52.00
C THR D 1487 83.07 22.74 -52.19
N SER D 1488 84.12 23.54 -52.06
CA SER D 1488 83.98 24.98 -52.04
C SER D 1488 83.70 25.57 -53.42
N PHE D 1489 83.74 24.73 -54.45
CA PHE D 1489 83.60 25.26 -55.81
C PHE D 1489 82.47 24.62 -56.61
N GLY D 1490 81.91 23.55 -56.06
CA GLY D 1490 80.78 22.90 -56.71
C GLY D 1490 79.61 22.84 -55.77
N ASN D 1491 79.84 22.28 -54.59
CA ASN D 1491 78.76 21.99 -53.66
C ASN D 1491 78.28 23.24 -52.93
N GLU D 1492 79.19 23.87 -52.19
CA GLU D 1492 78.82 24.87 -51.19
C GLU D 1492 79.17 26.31 -51.56
N PHE D 1493 79.43 26.56 -52.84
CA PHE D 1493 79.91 27.87 -53.24
C PHE D 1493 78.87 28.98 -53.02
N TRP D 1494 77.62 28.57 -52.77
CA TRP D 1494 76.53 29.53 -52.61
C TRP D 1494 76.20 29.74 -51.13
N ARG D 1495 76.97 29.07 -50.26
CA ARG D 1495 76.72 29.05 -48.82
C ARG D 1495 76.84 30.43 -48.18
N ARG D 1496 75.70 31.07 -47.98
CA ARG D 1496 75.65 32.35 -47.29
C ARG D 1496 76.04 33.49 -48.23
N ASP D 1497 76.02 33.25 -49.55
CA ASP D 1497 76.29 34.32 -50.50
C ASP D 1497 75.09 35.24 -50.67
N SER D 1498 75.26 36.50 -50.27
CA SER D 1498 74.23 37.54 -50.41
C SER D 1498 73.75 37.73 -51.86
N ARG D 1499 74.55 37.25 -52.81
CA ARG D 1499 74.27 37.51 -54.21
C ARG D 1499 73.82 36.24 -54.92
N ILE D 1500 73.50 35.21 -54.15
CA ILE D 1500 72.99 33.96 -54.71
C ILE D 1500 71.87 33.38 -53.84
N ALA D 1501 70.66 33.33 -54.38
CA ALA D 1501 69.55 32.67 -53.70
C ALA D 1501 69.88 31.20 -53.56
N PRO D 1502 69.62 30.63 -52.38
CA PRO D 1502 69.97 29.23 -52.11
C PRO D 1502 69.39 28.31 -53.20
N LEU D 1503 68.27 28.71 -53.79
CA LEU D 1503 67.64 28.01 -54.91
C LEU D 1503 68.55 28.00 -56.15
N ARG D 1504 68.94 29.20 -56.59
CA ARG D 1504 69.94 29.35 -57.63
C ARG D 1504 71.09 28.42 -57.36
N GLY D 1505 71.74 28.66 -56.23
CA GLY D 1505 72.91 27.91 -55.83
C GLY D 1505 72.69 26.45 -56.09
N ALA D 1506 71.83 25.83 -55.30
CA ALA D 1506 71.68 24.38 -55.32
C ALA D 1506 71.51 23.89 -56.76
N LEU D 1507 70.79 24.68 -57.55
CA LEU D 1507 70.51 24.36 -58.96
C LEU D 1507 71.72 24.50 -59.87
N ALA D 1508 72.36 25.67 -59.79
CA ALA D 1508 73.50 25.99 -60.61
C ALA D 1508 74.64 24.99 -60.42
N THR D 1509 74.74 24.39 -59.23
CA THR D 1509 75.84 23.48 -58.94
C THR D 1509 75.78 22.23 -59.78
N TRP D 1510 74.67 22.05 -60.50
CA TRP D 1510 74.49 20.90 -61.39
C TRP D 1510 74.32 21.41 -62.81
N GLY D 1511 74.56 22.70 -62.97
CA GLY D 1511 74.55 23.35 -64.26
C GLY D 1511 73.14 23.68 -64.71
N LEU D 1512 72.34 24.21 -63.80
CA LEU D 1512 70.93 24.44 -64.09
C LEU D 1512 70.51 25.80 -63.58
N THR D 1513 69.48 26.36 -64.20
CA THR D 1513 68.86 27.58 -63.71
C THR D 1513 67.40 27.35 -63.39
N ILE D 1514 66.73 28.41 -62.96
CA ILE D 1514 65.35 28.29 -62.50
C ILE D 1514 64.49 27.79 -63.64
N ASP D 1515 64.92 28.05 -64.87
CA ASP D 1515 64.16 27.62 -66.04
C ASP D 1515 64.12 26.10 -66.21
N ASP D 1516 65.09 25.40 -65.64
CA ASP D 1516 65.15 23.93 -65.70
C ASP D 1516 64.24 23.25 -64.68
N LEU D 1517 63.78 24.05 -63.70
CA LEU D 1517 62.88 23.56 -62.67
C LEU D 1517 61.54 23.32 -63.30
N GLY D 1518 61.21 22.04 -63.52
CA GLY D 1518 60.06 21.68 -64.34
C GLY D 1518 58.73 21.54 -63.61
N VAL D 1519 58.74 20.72 -62.58
CA VAL D 1519 57.51 20.42 -61.86
C VAL D 1519 57.60 20.94 -60.44
N ALA D 1520 56.53 21.57 -59.98
CA ALA D 1520 56.41 21.86 -58.55
C ALA D 1520 55.27 21.07 -57.91
N SER D 1521 55.59 20.20 -56.97
CA SER D 1521 54.56 19.47 -56.23
C SER D 1521 54.08 20.36 -55.09
N PHE D 1522 52.79 20.61 -55.07
CA PHE D 1522 52.22 21.50 -54.09
C PHE D 1522 51.65 20.71 -52.91
N HIS D 1523 51.71 21.31 -51.74
CA HIS D 1523 50.97 20.87 -50.56
C HIS D 1523 49.50 20.78 -50.97
N GLY D 1524 48.98 21.92 -51.42
CA GLY D 1524 47.66 22.00 -52.03
C GLY D 1524 46.68 21.10 -51.34
N THR D 1525 46.22 21.55 -50.19
CA THR D 1525 45.43 20.69 -49.32
C THR D 1525 43.94 20.92 -49.48
N SER D 1526 43.57 21.65 -50.51
CA SER D 1526 42.15 21.86 -50.83
C SER D 1526 41.50 22.83 -49.85
N THR D 1527 42.33 23.52 -49.08
CA THR D 1527 41.82 24.55 -48.18
C THR D 1527 41.85 25.85 -48.91
N VAL D 1528 41.03 26.79 -48.48
CA VAL D 1528 40.88 28.02 -49.25
C VAL D 1528 42.18 28.76 -49.37
N ALA D 1529 42.85 28.98 -48.25
CA ALA D 1529 44.03 29.86 -48.24
C ALA D 1529 45.35 29.17 -48.62
N ASN D 1530 45.55 27.91 -48.23
CA ASN D 1530 46.83 27.24 -48.47
C ASN D 1530 47.17 27.10 -49.95
N ASP D 1531 46.17 27.29 -50.80
CA ASP D 1531 46.35 27.08 -52.23
C ASP D 1531 46.63 28.38 -52.96
N LYS D 1532 45.99 29.48 -52.54
CA LYS D 1532 46.42 30.81 -52.94
C LYS D 1532 47.89 31.01 -52.58
N ASN D 1533 48.14 31.00 -51.27
CA ASN D 1533 49.47 31.16 -50.71
C ASN D 1533 50.57 30.37 -51.41
N GLU D 1534 50.38 29.06 -51.54
CA GLU D 1534 51.39 28.21 -52.15
C GLU D 1534 51.79 28.71 -53.52
N SER D 1535 50.80 28.84 -54.40
CA SER D 1535 51.04 29.41 -55.71
C SER D 1535 51.81 30.73 -55.55
N ASP D 1536 51.21 31.67 -54.84
CA ASP D 1536 51.84 32.95 -54.58
C ASP D 1536 53.32 32.86 -54.16
N VAL D 1537 53.65 31.92 -53.28
CA VAL D 1537 55.03 31.82 -52.84
C VAL D 1537 55.90 31.30 -53.97
N ILE D 1538 55.60 30.10 -54.43
CA ILE D 1538 56.38 29.51 -55.50
C ILE D 1538 56.48 30.44 -56.72
N CYS D 1539 55.43 31.23 -56.94
CA CYS D 1539 55.43 32.16 -58.05
C CYS D 1539 56.46 33.29 -57.81
N GLN D 1540 56.28 34.06 -56.74
CA GLN D 1540 57.22 35.14 -56.37
C GLN D 1540 58.64 34.63 -56.39
N GLN D 1541 58.84 33.44 -55.86
CA GLN D 1541 60.12 32.75 -55.91
C GLN D 1541 60.66 32.71 -57.33
N LEU D 1542 59.97 32.00 -58.20
CA LEU D 1542 60.37 31.89 -59.59
C LEU D 1542 60.62 33.26 -60.21
N LYS D 1543 59.68 34.18 -60.06
CA LYS D 1543 59.80 35.49 -60.69
C LYS D 1543 61.08 36.21 -60.29
N HIS D 1544 61.17 36.60 -59.03
CA HIS D 1544 62.33 37.34 -58.55
C HIS D 1544 63.67 36.66 -58.87
N LEU D 1545 63.69 35.33 -58.98
CA LEU D 1545 64.93 34.63 -59.33
C LEU D 1545 65.33 34.85 -60.78
N GLY D 1546 64.35 35.12 -61.65
CA GLY D 1546 64.60 35.41 -63.05
C GLY D 1546 63.88 34.53 -64.07
N ARG D 1547 63.15 33.51 -63.60
CA ARG D 1547 62.34 32.62 -64.46
C ARG D 1547 61.78 33.39 -65.65
N THR D 1548 62.07 32.91 -66.85
CA THR D 1548 61.75 33.66 -68.08
C THR D 1548 60.27 33.57 -68.46
N LYS D 1549 59.65 34.73 -68.62
CA LYS D 1549 58.21 34.84 -68.85
C LYS D 1549 57.72 33.87 -69.91
N GLY D 1550 56.66 33.14 -69.58
CA GLY D 1550 56.12 32.11 -70.47
C GLY D 1550 56.53 30.69 -70.12
N ASN D 1551 57.57 30.54 -69.29
CA ASN D 1551 57.96 29.22 -68.85
C ASN D 1551 57.28 28.83 -67.54
N ALA D 1552 56.19 28.06 -67.63
CA ALA D 1552 55.42 27.69 -66.45
C ALA D 1552 55.89 26.38 -65.86
N VAL D 1553 55.64 26.20 -64.56
CA VAL D 1553 55.91 24.94 -63.88
C VAL D 1553 54.64 24.12 -63.84
N LEU D 1554 54.77 22.85 -64.20
CA LEU D 1554 53.66 21.94 -64.09
C LEU D 1554 53.45 21.78 -62.62
N GLY D 1555 52.22 22.06 -62.17
CA GLY D 1555 51.86 21.96 -60.76
C GLY D 1555 51.09 20.71 -60.38
N ILE D 1556 51.64 19.93 -59.45
CA ILE D 1556 51.04 18.70 -58.98
C ILE D 1556 50.36 18.88 -57.62
N PHE D 1557 49.26 18.16 -57.41
CA PHE D 1557 48.55 18.26 -56.15
C PHE D 1557 48.09 16.88 -55.72
N GLN D 1558 49.01 16.11 -55.17
CA GLN D 1558 48.74 14.71 -54.86
C GLN D 1558 47.53 14.51 -53.92
N LYS D 1559 47.23 15.53 -53.14
CA LYS D 1559 46.20 15.41 -52.12
C LYS D 1559 44.81 15.00 -52.65
N TYR D 1560 44.47 15.44 -53.86
CA TYR D 1560 43.20 15.06 -54.48
C TYR D 1560 43.00 13.54 -54.43
N LEU D 1561 44.09 12.79 -54.50
CA LEU D 1561 44.01 11.37 -54.66
C LEU D 1561 44.15 10.71 -53.33
N THR D 1562 45.06 11.23 -52.52
CA THR D 1562 45.49 10.56 -51.30
C THR D 1562 44.85 11.09 -50.02
N GLY D 1563 44.25 12.29 -50.09
CA GLY D 1563 43.86 12.96 -48.88
C GLY D 1563 45.12 13.45 -48.18
N HIS D 1564 44.95 14.11 -47.04
CA HIS D 1564 46.08 14.75 -46.34
C HIS D 1564 46.48 13.97 -45.08
N PRO D 1565 47.62 13.25 -45.13
CA PRO D 1565 47.98 12.45 -43.98
C PRO D 1565 48.74 13.32 -43.02
N LYS D 1566 48.10 14.39 -42.55
CA LYS D 1566 48.69 15.24 -41.51
C LYS D 1566 50.22 15.25 -41.61
N GLY D 1567 50.90 14.29 -40.99
CA GLY D 1567 52.36 14.29 -40.93
C GLY D 1567 53.14 13.78 -42.12
N ALA D 1568 52.71 12.65 -42.65
CA ALA D 1568 53.39 12.02 -43.77
C ALA D 1568 53.13 12.70 -45.12
N ALA D 1569 52.51 13.88 -45.10
CA ALA D 1569 52.18 14.57 -46.34
C ALA D 1569 53.39 14.71 -47.26
N GLY D 1570 54.41 15.40 -46.77
CA GLY D 1570 55.63 15.59 -47.53
C GLY D 1570 56.25 14.33 -48.13
N ALA D 1571 56.29 13.25 -47.35
CA ALA D 1571 56.94 12.02 -47.80
C ALA D 1571 56.27 11.49 -49.04
N TRP D 1572 54.93 11.45 -49.02
CA TRP D 1572 54.17 10.98 -50.18
C TRP D 1572 54.49 11.82 -51.42
N MET D 1573 54.45 13.14 -51.26
CA MET D 1573 54.74 14.05 -52.34
C MET D 1573 56.13 13.81 -52.91
N LEU D 1574 57.12 13.75 -52.04
CA LEU D 1574 58.51 13.50 -52.43
C LEU D 1574 58.64 12.22 -53.26
N ASN D 1575 57.88 11.19 -52.90
CA ASN D 1575 57.89 9.96 -53.66
C ASN D 1575 57.40 10.24 -55.05
N GLY D 1576 56.31 11.01 -55.14
CA GLY D 1576 55.67 11.35 -56.39
C GLY D 1576 56.66 11.98 -57.36
N CYS D 1577 57.40 12.96 -56.87
CA CYS D 1577 58.38 13.65 -57.71
C CYS D 1577 59.51 12.74 -58.18
N LEU D 1578 60.17 12.05 -57.26
CA LEU D 1578 61.18 11.08 -57.64
C LEU D 1578 60.64 10.15 -58.72
N GLN D 1579 59.32 9.93 -58.70
CA GLN D 1579 58.65 9.05 -59.67
C GLN D 1579 58.46 9.76 -61.00
N VAL D 1580 57.99 11.02 -60.94
CA VAL D 1580 57.92 11.85 -62.14
C VAL D 1580 59.31 11.93 -62.77
N LEU D 1581 60.30 12.25 -61.96
CA LEU D 1581 61.70 12.28 -62.40
C LEU D 1581 62.11 11.06 -63.21
N ASN D 1582 61.64 9.90 -62.81
CA ASN D 1582 62.06 8.68 -63.46
C ASN D 1582 61.10 8.17 -64.55
N THR D 1583 60.07 8.94 -64.86
CA THR D 1583 59.14 8.54 -65.90
C THR D 1583 58.85 9.64 -66.91
N GLY D 1584 59.10 10.88 -66.52
CA GLY D 1584 58.80 12.01 -67.39
C GLY D 1584 57.32 12.19 -67.52
N ILE D 1585 56.56 11.45 -66.71
CA ILE D 1585 55.12 11.65 -66.64
C ILE D 1585 54.75 12.59 -65.53
N VAL D 1586 54.01 13.63 -65.86
CA VAL D 1586 53.58 14.55 -64.84
C VAL D 1586 52.08 14.37 -64.64
N PRO D 1587 51.69 13.75 -63.49
CA PRO D 1587 50.30 13.39 -63.20
C PRO D 1587 49.40 14.61 -63.10
N GLY D 1588 48.13 14.40 -63.43
CA GLY D 1588 47.18 15.49 -63.46
C GLY D 1588 46.30 15.48 -62.23
N ASN D 1589 45.76 16.63 -61.89
CA ASN D 1589 44.86 16.77 -60.76
C ASN D 1589 43.43 16.46 -61.19
N ARG D 1590 43.06 15.18 -61.14
CA ARG D 1590 41.78 14.75 -61.69
C ARG D 1590 40.62 15.59 -61.17
N ASN D 1591 40.74 16.03 -59.93
CA ASN D 1591 39.65 16.73 -59.27
C ASN D 1591 39.70 18.22 -59.51
N ALA D 1592 40.45 18.61 -60.53
CA ALA D 1592 40.49 20.01 -60.91
C ALA D 1592 39.21 20.40 -61.60
N ASP D 1593 38.10 20.36 -60.87
CA ASP D 1593 36.84 20.91 -61.34
C ASP D 1593 37.10 22.05 -62.30
N ASN D 1594 37.54 23.16 -61.75
CA ASN D 1594 37.61 24.43 -62.47
C ASN D 1594 38.49 25.36 -61.66
N VAL D 1595 39.74 25.55 -62.08
CA VAL D 1595 40.72 26.26 -61.26
C VAL D 1595 40.28 27.68 -60.94
N ASP D 1596 40.48 28.07 -59.68
CA ASP D 1596 40.00 29.35 -59.17
C ASP D 1596 40.55 30.48 -60.00
N LYS D 1597 39.69 31.40 -60.43
CA LYS D 1597 40.11 32.59 -61.15
C LYS D 1597 41.32 33.30 -60.50
N VAL D 1598 41.44 33.14 -59.20
CA VAL D 1598 42.56 33.71 -58.47
C VAL D 1598 43.89 33.18 -59.00
N MET D 1599 43.92 31.90 -59.35
CA MET D 1599 45.15 31.26 -59.81
C MET D 1599 45.59 31.66 -61.22
N GLU D 1600 44.85 32.58 -61.83
CA GLU D 1600 45.21 33.07 -63.16
C GLU D 1600 46.43 33.99 -63.07
N GLN D 1601 46.42 34.87 -62.08
CA GLN D 1601 47.52 35.81 -61.86
C GLN D 1601 48.89 35.15 -61.60
N PHE D 1602 48.94 33.83 -61.44
CA PHE D 1602 50.21 33.15 -61.25
C PHE D 1602 50.67 32.57 -62.56
N ASP D 1603 51.34 33.42 -63.34
CA ASP D 1603 51.75 33.11 -64.69
C ASP D 1603 52.61 31.86 -64.72
N TYR D 1604 53.51 31.76 -63.75
CA TYR D 1604 54.55 30.74 -63.81
C TYR D 1604 54.03 29.35 -63.47
N ILE D 1605 52.77 29.26 -63.09
CA ILE D 1605 52.20 27.98 -62.69
C ILE D 1605 51.09 27.58 -63.64
N VAL D 1606 51.17 26.36 -64.14
CA VAL D 1606 50.04 25.81 -64.90
C VAL D 1606 49.52 24.51 -64.27
N TYR D 1607 48.22 24.46 -64.04
CA TYR D 1607 47.60 23.37 -63.29
C TYR D 1607 46.94 22.34 -64.20
N PRO D 1608 47.63 21.21 -64.41
CA PRO D 1608 47.17 20.17 -65.33
C PRO D 1608 46.09 19.30 -64.71
N SER D 1609 44.99 19.10 -65.44
CA SER D 1609 43.90 18.29 -64.96
C SER D 1609 44.04 16.88 -65.51
N ARG D 1610 45.05 16.67 -66.34
CA ARG D 1610 45.31 15.32 -66.82
C ARG D 1610 46.80 15.12 -66.96
N SER D 1611 47.21 13.85 -66.97
CA SER D 1611 48.63 13.51 -67.00
C SER D 1611 49.29 13.92 -68.34
N ILE D 1612 50.58 14.29 -68.28
CA ILE D 1612 51.32 14.67 -69.47
C ILE D 1612 52.67 13.98 -69.54
N LYS D 1613 52.87 13.23 -70.61
CA LYS D 1613 54.13 12.54 -70.84
C LYS D 1613 55.05 13.50 -71.55
N THR D 1614 56.22 13.69 -70.97
CA THR D 1614 57.15 14.69 -71.50
C THR D 1614 58.46 14.03 -71.92
N ASP D 1615 59.33 14.84 -72.55
CA ASP D 1615 60.66 14.38 -72.95
C ASP D 1615 61.54 14.18 -71.73
N GLY D 1616 61.14 14.78 -70.61
CA GLY D 1616 61.82 14.59 -69.35
C GLY D 1616 61.61 15.78 -68.44
N ILE D 1617 61.86 15.59 -67.14
CA ILE D 1617 61.91 16.68 -66.17
C ILE D 1617 63.28 16.64 -65.50
N LYS D 1618 63.84 17.82 -65.27
CA LYS D 1618 65.22 17.92 -64.78
C LYS D 1618 65.29 18.09 -63.26
N ALA D 1619 64.50 19.03 -62.75
CA ALA D 1619 64.46 19.29 -61.32
C ALA D 1619 63.04 19.65 -60.87
N PHE D 1620 62.72 19.30 -59.63
CA PHE D 1620 61.39 19.57 -59.08
C PHE D 1620 61.45 20.29 -57.72
N SER D 1621 60.30 20.82 -57.33
CA SER D 1621 60.16 21.49 -56.06
C SER D 1621 58.94 21.01 -55.31
N VAL D 1622 59.15 20.23 -54.27
CA VAL D 1622 58.10 19.96 -53.29
C VAL D 1622 58.08 21.03 -52.21
N THR D 1623 56.87 21.39 -51.79
CA THR D 1623 56.68 22.41 -50.78
C THR D 1623 55.54 22.03 -49.89
N SER D 1624 55.79 21.99 -48.59
CA SER D 1624 54.71 21.78 -47.62
C SER D 1624 54.68 22.89 -46.56
N PHE D 1625 53.52 23.05 -45.94
CA PHE D 1625 53.34 24.02 -44.87
C PHE D 1625 52.63 23.33 -43.73
N GLY D 1626 52.84 23.80 -42.50
CA GLY D 1626 52.29 23.14 -41.35
C GLY D 1626 51.74 24.09 -40.31
N PHE D 1627 51.14 23.51 -39.27
CA PHE D 1627 50.60 24.31 -38.17
C PHE D 1627 51.74 24.99 -37.43
N GLY D 1628 51.49 26.21 -36.98
CA GLY D 1628 52.47 26.94 -36.21
C GLY D 1628 53.63 27.36 -37.09
N GLN D 1629 53.29 28.01 -38.20
CA GLN D 1629 54.24 28.64 -39.12
C GLN D 1629 55.41 27.76 -39.55
N LYS D 1630 55.10 26.55 -39.98
CA LYS D 1630 56.10 25.54 -40.21
C LYS D 1630 56.24 25.26 -41.72
N GLY D 1631 56.85 26.20 -42.46
CA GLY D 1631 57.02 26.06 -43.91
C GLY D 1631 58.32 25.40 -44.36
N ALA D 1632 58.24 24.40 -45.24
CA ALA D 1632 59.45 23.73 -45.75
C ALA D 1632 59.40 23.58 -47.25
N GLN D 1633 60.57 23.47 -47.88
CA GLN D 1633 60.67 23.29 -49.33
C GLN D 1633 61.91 22.50 -49.67
N ALA D 1634 61.77 21.61 -50.64
CA ALA D 1634 62.91 20.81 -51.07
C ALA D 1634 62.98 20.77 -52.59
N ILE D 1635 64.21 20.83 -53.12
CA ILE D 1635 64.44 20.74 -54.55
C ILE D 1635 65.22 19.48 -54.93
N GLY D 1636 64.65 18.71 -55.84
CA GLY D 1636 65.26 17.47 -56.27
C GLY D 1636 65.68 17.58 -57.73
N VAL D 1637 66.84 17.01 -58.04
CA VAL D 1637 67.37 17.08 -59.37
C VAL D 1637 67.61 15.70 -59.94
N HIS D 1638 67.48 15.58 -61.27
CA HIS D 1638 67.54 14.28 -61.93
C HIS D 1638 68.89 13.57 -61.80
N PRO D 1639 68.87 12.27 -61.46
CA PRO D 1639 70.01 11.36 -61.32
C PRO D 1639 71.10 11.50 -62.38
N LYS D 1640 70.72 11.60 -63.65
CA LYS D 1640 71.71 11.72 -64.70
C LYS D 1640 72.78 12.75 -64.30
N TYR D 1641 72.37 13.93 -63.84
CA TYR D 1641 73.30 15.01 -63.52
C TYR D 1641 74.38 14.62 -62.50
N LEU D 1642 74.08 13.70 -61.58
CA LEU D 1642 75.11 13.22 -60.67
C LEU D 1642 76.11 12.39 -61.46
N PHE D 1643 75.59 11.51 -62.29
CA PHE D 1643 76.42 10.62 -63.06
C PHE D 1643 77.36 11.36 -63.97
N ALA D 1644 76.97 12.56 -64.39
CA ALA D 1644 77.81 13.41 -65.26
C ALA D 1644 79.04 13.97 -64.51
N THR D 1645 79.22 13.55 -63.26
CA THR D 1645 80.42 13.86 -62.49
C THR D 1645 81.49 12.82 -62.80
N LEU D 1646 81.04 11.62 -63.16
CA LEU D 1646 81.92 10.47 -63.34
C LEU D 1646 82.45 10.31 -64.77
N ASP D 1647 83.36 9.35 -64.91
CA ASP D 1647 83.83 8.91 -66.22
C ASP D 1647 82.94 7.78 -66.65
N LYS D 1648 82.69 7.67 -67.95
CA LYS D 1648 81.99 6.51 -68.47
C LYS D 1648 82.63 5.25 -67.84
N ALA D 1649 83.92 5.35 -67.51
CA ALA D 1649 84.62 4.26 -66.85
C ALA D 1649 83.92 3.87 -65.55
N GLN D 1650 83.78 4.87 -64.69
CA GLN D 1650 83.15 4.71 -63.39
C GLN D 1650 81.68 4.32 -63.53
N TYR D 1651 80.92 5.22 -64.15
CA TYR D 1651 79.47 5.06 -64.29
C TYR D 1651 79.08 3.66 -64.74
N GLU D 1652 79.82 3.13 -65.69
CA GLU D 1652 79.48 1.86 -66.31
C GLU D 1652 79.86 0.70 -65.41
N ALA D 1653 80.85 0.93 -64.54
CA ALA D 1653 81.22 -0.04 -63.53
C ALA D 1653 80.13 -0.16 -62.49
N TYR D 1654 79.57 1.00 -62.12
CA TYR D 1654 78.44 1.09 -61.19
C TYR D 1654 77.19 0.41 -61.76
N CYS D 1655 76.90 0.65 -63.04
CA CYS D 1655 75.71 0.12 -63.68
C CYS D 1655 75.66 -1.39 -63.62
N VAL D 1656 76.82 -2.04 -63.57
CA VAL D 1656 76.86 -3.49 -63.47
C VAL D 1656 76.54 -3.94 -62.05
N LYS D 1657 77.00 -3.17 -61.08
CA LYS D 1657 76.68 -3.41 -59.68
C LYS D 1657 75.18 -3.34 -59.46
N VAL D 1658 74.59 -2.22 -59.89
CA VAL D 1658 73.16 -1.98 -59.75
C VAL D 1658 72.31 -3.15 -60.27
N GLN D 1659 72.51 -3.52 -61.52
CA GLN D 1659 71.70 -4.55 -62.14
C GLN D 1659 71.83 -5.91 -61.47
N ALA D 1660 72.93 -6.13 -60.75
CA ALA D 1660 73.13 -7.34 -59.97
C ALA D 1660 72.24 -7.30 -58.74
N ARG D 1661 72.28 -6.17 -58.05
CA ARG D 1661 71.40 -5.90 -56.91
C ARG D 1661 69.94 -6.13 -57.25
N GLN D 1662 69.46 -5.43 -58.28
CA GLN D 1662 68.11 -5.57 -58.77
C GLN D 1662 67.69 -7.05 -58.89
N LYS D 1663 68.61 -7.89 -59.33
CA LYS D 1663 68.29 -9.30 -59.45
C LYS D 1663 68.13 -9.97 -58.08
N LYS D 1664 68.93 -9.56 -57.11
CA LYS D 1664 68.73 -10.04 -55.74
C LYS D 1664 67.40 -9.53 -55.23
N ALA D 1665 67.20 -8.23 -55.34
CA ALA D 1665 65.97 -7.56 -54.91
C ALA D 1665 64.75 -8.28 -55.47
N TYR D 1666 64.69 -8.35 -56.79
CA TYR D 1666 63.64 -9.06 -57.49
C TYR D 1666 63.37 -10.40 -56.82
N ARG D 1667 64.43 -11.18 -56.60
CA ARG D 1667 64.27 -12.51 -56.03
C ARG D 1667 63.59 -12.42 -54.67
N PHE D 1668 64.12 -11.52 -53.85
CA PHE D 1668 63.63 -11.34 -52.49
C PHE D 1668 62.15 -10.98 -52.45
N PHE D 1669 61.83 -9.88 -53.12
CA PHE D 1669 60.47 -9.39 -53.19
C PHE D 1669 59.46 -10.47 -53.55
N HIS D 1670 59.82 -11.33 -54.51
CA HIS D 1670 58.89 -12.39 -54.93
C HIS D 1670 58.78 -13.46 -53.87
N ASN D 1671 59.91 -13.80 -53.27
CA ASN D 1671 59.90 -14.72 -52.18
C ASN D 1671 58.99 -14.19 -51.07
N GLY D 1672 59.20 -12.92 -50.74
CA GLY D 1672 58.42 -12.27 -49.71
C GLY D 1672 56.92 -12.33 -49.95
N LEU D 1673 56.49 -11.78 -51.08
CA LEU D 1673 55.08 -11.80 -51.44
C LEU D 1673 54.42 -13.14 -51.13
N ILE D 1674 55.07 -14.20 -51.60
CA ILE D 1674 54.53 -15.55 -51.49
C ILE D 1674 54.55 -16.11 -50.07
N ASN D 1675 55.62 -15.80 -49.35
CA ASN D 1675 55.86 -16.40 -48.05
C ASN D 1675 55.73 -15.41 -46.89
N ASN D 1676 55.24 -14.22 -47.22
CA ASN D 1676 54.97 -13.19 -46.22
C ASN D 1676 56.18 -12.76 -45.42
N LYS D 1677 57.33 -12.72 -46.08
CA LYS D 1677 58.56 -12.31 -45.44
C LYS D 1677 59.21 -11.10 -46.06
N LEU D 1678 58.41 -10.11 -46.47
CA LEU D 1678 58.97 -8.85 -46.96
C LEU D 1678 59.62 -8.07 -45.81
N PHE D 1679 59.21 -8.41 -44.60
CA PHE D 1679 59.79 -7.84 -43.37
C PHE D 1679 60.40 -8.96 -42.54
N VAL D 1680 61.67 -8.83 -42.23
CA VAL D 1680 62.31 -9.82 -41.39
C VAL D 1680 62.91 -9.17 -40.16
N ALA D 1681 62.31 -9.46 -39.01
CA ALA D 1681 62.81 -8.95 -37.75
C ALA D 1681 64.18 -9.55 -37.43
N LYS D 1682 65.10 -8.69 -37.02
CA LYS D 1682 66.41 -9.15 -36.56
C LYS D 1682 66.28 -9.59 -35.10
N ASP D 1683 66.94 -10.68 -34.75
CA ASP D 1683 66.84 -11.20 -33.40
C ASP D 1683 68.08 -10.88 -32.57
N LYS D 1684 69.21 -10.71 -33.23
CA LYS D 1684 70.46 -10.38 -32.55
C LYS D 1684 71.25 -9.32 -33.30
N ALA D 1685 71.96 -8.47 -32.56
CA ALA D 1685 72.88 -7.53 -33.17
C ALA D 1685 73.97 -8.28 -33.92
N PRO D 1686 74.72 -7.58 -34.80
CA PRO D 1686 75.76 -8.19 -35.63
C PRO D 1686 76.94 -8.75 -34.82
N TYR D 1687 77.10 -8.28 -33.59
CA TYR D 1687 78.25 -8.64 -32.78
C TYR D 1687 77.81 -9.38 -31.55
N GLU D 1688 78.58 -10.39 -31.14
CA GLU D 1688 78.34 -11.03 -29.87
C GLU D 1688 78.53 -9.94 -28.82
N ASP D 1689 77.98 -10.15 -27.63
CA ASP D 1689 78.02 -9.12 -26.61
C ASP D 1689 79.46 -8.91 -26.16
N ARG D 1690 80.20 -10.01 -26.09
CA ARG D 1690 81.64 -10.02 -25.82
C ARG D 1690 82.39 -8.90 -26.59
N ILE D 1691 82.10 -8.75 -27.88
CA ILE D 1691 82.85 -7.82 -28.73
C ILE D 1691 82.37 -6.38 -28.63
N GLN D 1692 81.11 -6.19 -28.22
CA GLN D 1692 80.40 -4.93 -28.42
C GLN D 1692 81.21 -3.66 -28.20
N SER D 1693 81.76 -3.51 -26.99
CA SER D 1693 82.50 -2.31 -26.63
C SER D 1693 83.54 -2.00 -27.69
N LYS D 1694 84.27 -3.03 -28.09
CA LYS D 1694 85.35 -2.89 -29.06
C LYS D 1694 84.82 -2.42 -30.40
N VAL D 1695 83.80 -3.11 -30.89
CA VAL D 1695 83.17 -2.83 -32.17
C VAL D 1695 82.77 -1.36 -32.24
N PHE D 1696 82.19 -0.89 -31.14
CA PHE D 1696 81.69 0.48 -31.06
C PHE D 1696 82.83 1.49 -31.19
N LEU D 1697 83.99 1.11 -30.65
CA LEU D 1697 85.08 2.05 -30.42
C LEU D 1697 86.09 2.10 -31.55
N ASN D 1698 86.09 1.05 -32.36
CA ASN D 1698 86.95 0.96 -33.52
C ASN D 1698 86.14 1.32 -34.76
N PRO D 1699 86.42 2.49 -35.37
CA PRO D 1699 85.62 3.03 -36.49
C PRO D 1699 85.82 2.25 -37.80
N GLN D 1700 86.71 1.25 -37.78
CA GLN D 1700 87.00 0.45 -38.96
C GLN D 1700 86.14 -0.80 -38.95
N SER D 1701 85.92 -1.35 -37.75
CA SER D 1701 85.24 -2.63 -37.60
C SER D 1701 84.08 -2.71 -38.56
N ARG D 1702 84.07 -3.77 -39.37
CA ARG D 1702 82.97 -4.00 -40.31
C ARG D 1702 82.61 -5.48 -40.39
N VAL D 1703 81.44 -5.74 -40.96
CA VAL D 1703 80.84 -7.05 -40.96
C VAL D 1703 81.24 -7.89 -42.17
N THR D 1704 81.56 -9.15 -41.89
CA THR D 1704 81.92 -10.10 -42.94
C THR D 1704 80.80 -11.12 -43.11
N GLN D 1705 80.46 -11.42 -44.37
CA GLN D 1705 79.50 -12.50 -44.62
C GLN D 1705 80.02 -13.83 -44.06
N GLU D 1706 79.10 -14.69 -43.62
CA GLU D 1706 79.49 -15.91 -42.90
C GLU D 1706 79.02 -17.22 -43.53
N SER D 1707 79.36 -18.31 -42.85
CA SER D 1707 79.08 -19.68 -43.28
C SER D 1707 77.59 -19.92 -43.53
N ASN D 1708 76.77 -19.11 -42.88
CA ASN D 1708 75.33 -19.23 -42.97
C ASN D 1708 74.73 -18.08 -43.79
N GLY D 1709 75.49 -17.58 -44.77
CA GLY D 1709 75.09 -16.41 -45.54
C GLY D 1709 74.79 -15.18 -44.70
N GLU D 1710 75.00 -15.31 -43.38
CA GLU D 1710 74.71 -14.25 -42.42
C GLU D 1710 75.84 -13.22 -42.24
N LEU D 1711 75.44 -12.00 -41.92
CA LEU D 1711 76.38 -10.91 -41.68
C LEU D 1711 76.67 -10.72 -40.19
N LYS D 1712 77.94 -10.79 -39.83
CA LYS D 1712 78.35 -10.58 -38.45
C LYS D 1712 79.72 -9.96 -38.36
N PHE D 1713 79.99 -9.30 -37.24
CA PHE D 1713 81.32 -8.78 -36.94
C PHE D 1713 82.24 -9.92 -36.51
N PRO D 1714 83.49 -9.89 -36.97
CA PRO D 1714 84.45 -10.95 -36.67
C PRO D 1714 84.89 -10.97 -35.20
N ALA D 1715 84.79 -12.12 -34.56
CA ALA D 1715 85.22 -12.26 -33.16
C ALA D 1715 86.75 -12.42 -33.02
N MET E 1 104.31 -62.78 22.29
CA MET E 1 103.23 -63.16 23.21
C MET E 1 103.13 -62.25 24.43
N ARG E 2 104.06 -61.30 24.54
CA ARG E 2 103.97 -60.33 25.61
C ARG E 2 102.99 -59.24 25.21
N PRO E 3 101.82 -59.21 25.86
CA PRO E 3 100.77 -58.25 25.50
C PRO E 3 101.33 -56.84 25.46
N GLU E 4 102.04 -56.48 26.53
CA GLU E 4 102.58 -55.14 26.69
C GLU E 4 103.62 -54.83 25.60
N VAL E 5 104.25 -55.87 25.09
CA VAL E 5 105.19 -55.73 23.97
C VAL E 5 104.41 -55.48 22.69
N GLU E 6 103.47 -56.38 22.40
CA GLU E 6 102.62 -56.27 21.21
C GLU E 6 102.00 -54.90 21.09
N GLN E 7 101.60 -54.33 22.22
CA GLN E 7 101.04 -52.97 22.25
C GLN E 7 101.98 -51.96 21.60
N GLU E 8 103.15 -51.77 22.22
CA GLU E 8 104.11 -50.78 21.76
C GLU E 8 104.52 -51.00 20.31
N LEU E 9 104.46 -52.26 19.88
CA LEU E 9 104.79 -52.60 18.50
C LEU E 9 103.65 -52.15 17.56
N ALA E 10 102.45 -52.67 17.80
CA ALA E 10 101.28 -52.26 17.06
C ALA E 10 101.18 -50.74 17.08
N TYR E 11 101.43 -50.16 18.25
CA TYR E 11 101.41 -48.73 18.45
C TYR E 11 102.31 -47.98 17.47
N THR E 12 103.62 -48.21 17.55
CA THR E 12 104.53 -47.41 16.74
C THR E 12 104.43 -47.78 15.26
N LEU E 13 103.96 -48.99 14.97
CA LEU E 13 103.65 -49.40 13.59
C LEU E 13 102.50 -48.55 13.05
N LEU E 14 101.43 -48.49 13.84
CA LEU E 14 100.29 -47.63 13.57
C LEU E 14 100.77 -46.20 13.41
N VAL E 15 101.38 -45.66 14.48
CA VAL E 15 101.89 -44.30 14.48
C VAL E 15 102.71 -43.97 13.24
N GLU E 16 103.61 -44.89 12.89
CA GLU E 16 104.46 -44.71 11.73
C GLU E 16 103.63 -44.77 10.46
N LEU E 17 102.82 -45.82 10.34
CA LEU E 17 101.97 -46.05 9.16
C LEU E 17 101.18 -44.79 8.81
N LEU E 18 100.58 -44.17 9.83
CA LEU E 18 99.81 -42.95 9.65
C LEU E 18 100.72 -41.79 9.27
N ALA E 19 101.80 -41.63 10.04
CA ALA E 19 102.73 -40.55 9.83
C ALA E 19 103.11 -40.45 8.36
N TYR E 20 103.64 -41.54 7.81
CA TYR E 20 104.17 -41.54 6.45
C TYR E 20 103.09 -41.62 5.37
N GLN E 21 101.84 -41.85 5.77
CA GLN E 21 100.74 -41.94 4.80
C GLN E 21 100.67 -40.69 3.94
N PHE E 22 100.98 -39.56 4.55
CA PHE E 22 101.16 -38.30 3.85
C PHE E 22 101.85 -38.49 2.51
N ALA E 23 103.14 -38.83 2.57
CA ALA E 23 104.03 -38.83 1.42
C ALA E 23 104.19 -40.21 0.83
N MET E 24 103.06 -40.90 0.68
CA MET E 24 103.07 -42.27 0.22
C MET E 24 101.83 -42.57 -0.57
N PRO E 25 102.00 -42.88 -1.87
CA PRO E 25 100.86 -43.15 -2.76
C PRO E 25 99.87 -44.15 -2.16
N VAL E 26 98.59 -43.94 -2.47
CA VAL E 26 97.51 -44.78 -1.97
C VAL E 26 97.24 -45.92 -2.95
N ARG E 27 97.59 -47.12 -2.54
CA ARG E 27 97.48 -48.31 -3.37
C ARG E 27 96.11 -48.98 -3.19
N TRP E 28 95.07 -48.31 -3.69
CA TRP E 28 93.70 -48.76 -3.46
C TRP E 28 93.29 -49.94 -4.34
N ILE E 29 94.08 -50.25 -5.37
CA ILE E 29 93.79 -51.46 -6.14
C ILE E 29 94.22 -52.64 -5.31
N GLU E 30 95.50 -52.63 -4.91
CA GLU E 30 96.07 -53.71 -4.14
C GLU E 30 95.27 -53.97 -2.87
N THR E 31 94.71 -52.89 -2.33
CA THR E 31 93.88 -52.96 -1.14
C THR E 31 92.53 -53.60 -1.46
N GLN E 32 91.91 -53.15 -2.55
CA GLN E 32 90.65 -53.70 -3.02
C GLN E 32 90.81 -55.18 -3.32
N ASP E 33 91.98 -55.55 -3.83
CA ASP E 33 92.24 -56.92 -4.23
C ASP E 33 92.43 -57.82 -3.01
N VAL E 34 92.96 -57.27 -1.92
CA VAL E 34 93.05 -58.03 -0.68
C VAL E 34 91.65 -58.33 -0.14
N ILE E 35 90.71 -57.45 -0.45
CA ILE E 35 89.34 -57.56 0.05
C ILE E 35 88.52 -58.52 -0.79
N LEU E 36 88.70 -58.42 -2.10
CA LEU E 36 87.93 -59.21 -3.06
C LEU E 36 88.54 -60.58 -3.28
N ALA E 37 89.87 -60.63 -3.32
CA ALA E 37 90.58 -61.85 -3.69
C ALA E 37 91.06 -62.67 -2.49
N GLU E 38 91.81 -62.04 -1.58
CA GLU E 38 92.33 -62.75 -0.42
C GLU E 38 91.22 -63.20 0.49
N LYS E 39 90.46 -62.26 1.03
CA LYS E 39 89.39 -62.60 1.96
C LYS E 39 88.03 -62.84 1.31
N ARG E 40 88.01 -62.75 -0.01
CA ARG E 40 86.82 -63.05 -0.82
C ARG E 40 85.52 -62.61 -0.15
N THR E 41 85.43 -61.32 0.15
CA THR E 41 84.27 -60.78 0.84
C THR E 41 83.03 -60.80 -0.03
N GLU E 42 81.90 -61.21 0.56
CA GLU E 42 80.64 -61.22 -0.15
C GLU E 42 80.00 -59.83 -0.12
N ARG E 43 79.94 -59.24 1.08
CA ARG E 43 79.39 -57.90 1.26
C ARG E 43 80.49 -56.84 1.45
N ILE E 44 80.64 -55.97 0.46
CA ILE E 44 81.48 -54.80 0.65
C ILE E 44 80.60 -53.62 1.06
N VAL E 45 80.80 -53.14 2.28
CA VAL E 45 80.05 -51.99 2.76
C VAL E 45 80.91 -50.73 2.72
N GLU E 46 80.36 -49.70 2.09
CA GLU E 46 81.03 -48.41 1.97
C GLU E 46 80.40 -47.46 2.97
N ILE E 47 81.24 -46.73 3.69
CA ILE E 47 80.72 -45.79 4.66
C ILE E 47 81.19 -44.38 4.32
N GLY E 48 80.23 -43.53 4.01
CA GLY E 48 80.49 -42.15 3.64
C GLY E 48 79.25 -41.50 3.02
N PRO E 49 79.43 -40.33 2.42
CA PRO E 49 78.38 -39.51 1.80
C PRO E 49 78.05 -39.85 0.34
N SER E 50 78.95 -40.53 -0.39
CA SER E 50 78.67 -40.91 -1.77
C SER E 50 79.13 -42.33 -2.02
N ASP E 51 78.67 -42.93 -3.11
CA ASP E 51 79.17 -44.26 -3.49
C ASP E 51 80.38 -44.13 -4.41
N THR E 52 81.45 -43.55 -3.87
CA THR E 52 82.68 -43.38 -4.65
C THR E 52 83.53 -44.64 -4.64
N LEU E 53 83.86 -45.14 -3.45
CA LEU E 53 84.58 -46.42 -3.32
C LEU E 53 83.72 -47.59 -3.81
N GLY E 54 82.42 -47.37 -3.83
CA GLY E 54 81.47 -48.39 -4.27
C GLY E 54 81.59 -48.69 -5.75
N GLY E 55 81.39 -47.67 -6.58
CA GLY E 55 81.54 -47.80 -8.02
C GLY E 55 82.98 -48.06 -8.38
N MET E 56 83.87 -47.60 -7.52
CA MET E 56 85.30 -47.89 -7.64
C MET E 56 85.55 -49.39 -7.51
N ALA E 57 84.80 -50.04 -6.64
CA ALA E 57 84.96 -51.49 -6.44
C ALA E 57 84.08 -52.29 -7.39
N ARG E 58 83.14 -51.60 -8.06
CA ARG E 58 82.34 -52.23 -9.11
C ARG E 58 83.15 -52.27 -10.40
N ARG E 59 84.00 -51.27 -10.59
CA ARG E 59 84.86 -51.21 -11.76
C ARG E 59 85.97 -52.26 -11.66
N THR E 60 86.48 -52.48 -10.45
CA THR E 60 87.44 -53.56 -10.23
C THR E 60 86.77 -54.94 -10.34
N LEU E 61 85.46 -54.99 -10.15
CA LEU E 61 84.75 -56.26 -10.33
C LEU E 61 84.63 -56.63 -11.80
N GLN E 62 84.64 -55.63 -12.68
CA GLN E 62 84.51 -55.87 -14.11
C GLN E 62 85.85 -56.13 -14.79
N SER E 63 86.81 -55.22 -14.58
CA SER E 63 88.05 -55.25 -15.33
C SER E 63 89.01 -56.38 -14.89
N LYS E 64 88.73 -57.00 -13.74
CA LYS E 64 89.56 -58.11 -13.27
C LYS E 64 88.77 -59.36 -12.91
N TYR E 65 87.79 -59.21 -12.04
CA TYR E 65 87.17 -60.37 -11.41
C TYR E 65 86.04 -61.00 -12.23
N GLU E 66 85.97 -60.61 -13.50
CA GLU E 66 84.95 -61.12 -14.42
C GLU E 66 84.76 -62.64 -14.32
N ALA E 67 85.72 -63.37 -14.87
CA ALA E 67 85.62 -64.82 -14.94
C ALA E 67 85.96 -65.47 -13.61
N TYR E 68 86.71 -64.77 -12.76
CA TYR E 68 87.04 -65.30 -11.44
C TYR E 68 85.77 -65.55 -10.62
N ASP E 69 84.94 -64.53 -10.51
CA ASP E 69 83.70 -64.64 -9.75
C ASP E 69 82.80 -65.70 -10.36
N ALA E 70 82.83 -65.78 -11.69
CA ALA E 70 82.05 -66.78 -12.41
C ALA E 70 82.50 -68.20 -12.09
N ALA E 71 83.80 -68.44 -12.12
CA ALA E 71 84.36 -69.75 -11.79
C ALA E 71 84.18 -70.10 -10.30
N THR E 72 84.54 -69.17 -9.42
CA THR E 72 84.53 -69.42 -7.98
C THR E 72 83.13 -69.45 -7.39
N SER E 73 82.13 -69.11 -8.21
CA SER E 73 80.75 -68.94 -7.75
C SER E 73 80.68 -67.99 -6.55
N VAL E 74 81.48 -66.93 -6.63
CA VAL E 74 81.51 -65.90 -5.59
C VAL E 74 80.33 -64.92 -5.75
N GLN E 75 79.52 -64.81 -4.71
CA GLN E 75 78.43 -63.83 -4.68
C GLN E 75 78.95 -62.53 -4.07
N ARG E 76 78.76 -61.43 -4.77
CA ARG E 76 79.22 -60.13 -4.29
C ARG E 76 78.11 -59.09 -4.23
N GLN E 77 78.20 -58.22 -3.23
CA GLN E 77 77.18 -57.24 -2.94
C GLN E 77 77.85 -55.94 -2.45
N ILE E 78 77.82 -54.90 -3.26
CA ILE E 78 78.44 -53.63 -2.90
C ILE E 78 77.39 -52.61 -2.43
N LEU E 79 77.50 -52.22 -1.17
CA LEU E 79 76.55 -51.30 -0.56
C LEU E 79 77.22 -49.98 -0.16
N CYS E 80 76.59 -48.87 -0.48
CA CYS E 80 76.99 -47.58 0.09
C CYS E 80 76.08 -47.28 1.27
N TYR E 81 76.51 -46.37 2.15
CA TYR E 81 75.69 -46.03 3.30
C TYR E 81 74.50 -45.20 2.89
N CYS E 82 74.71 -44.39 1.87
CA CYS E 82 73.63 -43.58 1.31
C CYS E 82 72.59 -44.44 0.60
N LYS E 83 72.90 -44.74 -0.66
CA LYS E 83 71.98 -45.44 -1.56
C LYS E 83 71.38 -46.71 -0.97
N ASP E 84 72.25 -47.61 -0.54
CA ASP E 84 71.83 -48.94 -0.10
C ASP E 84 71.65 -49.01 1.41
N ALA E 85 71.07 -47.94 1.96
CA ALA E 85 70.93 -47.75 3.42
C ALA E 85 70.13 -48.85 4.15
N LYS E 86 69.06 -49.31 3.52
CA LYS E 86 68.15 -50.26 4.19
C LYS E 86 68.72 -51.66 4.31
N GLU E 87 69.40 -52.12 3.25
CA GLU E 87 69.92 -53.49 3.24
C GLU E 87 71.05 -53.64 4.24
N ILE E 88 71.69 -52.53 4.59
CA ILE E 88 72.73 -52.55 5.59
C ILE E 88 72.15 -52.96 6.94
N TYR E 89 71.03 -52.35 7.28
CA TYR E 89 70.40 -52.55 8.58
C TYR E 89 69.37 -53.66 8.58
N TYR E 90 69.37 -54.47 7.52
CA TYR E 90 68.42 -55.58 7.41
C TYR E 90 67.00 -55.12 7.69
N ASP E 91 66.54 -54.15 6.92
CA ASP E 91 65.19 -53.62 7.05
C ASP E 91 64.38 -53.92 5.78
N VAL E 92 63.49 -54.89 5.88
CA VAL E 92 62.62 -55.24 4.76
C VAL E 92 61.17 -55.36 5.25
N GLU E 93 60.23 -55.02 4.38
CA GLU E 93 58.81 -55.22 4.65
C GLU E 93 58.34 -56.57 4.09
N PRO E 94 57.43 -57.25 4.82
CA PRO E 94 56.98 -58.62 4.54
C PRO E 94 56.15 -58.75 3.26
N ILE E 325 9.68 -22.28 -5.71
CA ILE E 325 9.03 -21.75 -4.51
C ILE E 325 9.53 -20.35 -4.19
N ASP E 326 10.83 -20.27 -3.86
CA ASP E 326 11.45 -19.06 -3.33
C ASP E 326 11.55 -17.94 -4.38
N ALA E 327 11.35 -18.28 -5.64
CA ALA E 327 11.35 -17.27 -6.71
C ALA E 327 9.93 -16.74 -6.97
N LEU E 328 8.94 -17.60 -6.74
CA LEU E 328 7.54 -17.19 -6.80
C LEU E 328 7.23 -16.23 -5.66
N THR E 329 8.15 -16.14 -4.71
CA THR E 329 8.00 -15.23 -3.58
C THR E 329 9.06 -14.12 -3.56
N LYS E 330 10.20 -14.35 -4.21
CA LYS E 330 11.29 -13.36 -4.23
C LYS E 330 10.94 -12.10 -5.00
N ASP E 331 9.85 -12.15 -5.77
CA ASP E 331 9.30 -10.96 -6.41
C ASP E 331 8.56 -10.14 -5.37
N GLN E 332 7.80 -10.84 -4.52
CA GLN E 332 7.10 -10.24 -3.40
C GLN E 332 8.05 -9.41 -2.56
N ARG E 333 9.04 -10.08 -1.98
CA ARG E 333 10.03 -9.45 -1.12
C ARG E 333 10.60 -8.23 -1.80
N ALA E 334 11.08 -8.39 -3.02
CA ALA E 334 11.56 -7.27 -3.82
C ALA E 334 10.54 -6.13 -3.85
N LEU E 335 9.31 -6.46 -4.22
CA LEU E 335 8.24 -5.47 -4.28
C LEU E 335 8.10 -4.71 -2.97
N PHE E 336 8.15 -5.43 -1.86
CA PHE E 336 7.89 -4.81 -0.58
C PHE E 336 9.11 -4.09 -0.05
N LYS E 337 10.30 -4.58 -0.38
CA LYS E 337 11.49 -3.89 0.07
C LYS E 337 11.50 -2.51 -0.55
N GLN E 338 11.09 -2.41 -1.81
CA GLN E 338 11.01 -1.11 -2.49
C GLN E 338 9.93 -0.26 -1.84
N GLN E 339 8.81 -0.88 -1.52
CA GLN E 339 7.72 -0.28 -0.76
C GLN E 339 8.27 0.41 0.48
N LEU E 340 8.99 -0.37 1.28
CA LEU E 340 9.55 0.07 2.55
C LEU E 340 10.40 1.32 2.33
N GLU E 341 11.23 1.25 1.31
CA GLU E 341 12.19 2.31 1.02
C GLU E 341 11.50 3.65 0.77
N ILE E 342 10.47 3.64 -0.08
CA ILE E 342 9.84 4.88 -0.50
C ILE E 342 9.03 5.44 0.64
N ILE E 343 8.66 4.57 1.57
CA ILE E 343 7.92 5.02 2.74
C ILE E 343 8.87 5.75 3.63
N ALA E 344 10.01 5.10 3.89
CA ALA E 344 11.08 5.70 4.64
C ALA E 344 11.40 7.04 4.03
N ARG E 345 11.65 7.07 2.73
CA ARG E 345 11.94 8.33 2.04
C ARG E 345 10.91 9.42 2.35
N TYR E 346 9.64 9.03 2.40
CA TYR E 346 8.57 9.97 2.64
C TYR E 346 8.63 10.47 4.07
N LEU E 347 8.99 9.56 4.97
CA LEU E 347 9.07 9.89 6.39
C LEU E 347 10.37 10.58 6.71
N LYS E 348 11.19 10.78 5.69
CA LYS E 348 12.47 11.45 5.84
C LYS E 348 13.34 10.77 6.91
N MET E 349 13.55 9.47 6.80
CA MET E 349 14.35 8.74 7.77
C MET E 349 15.32 7.73 7.14
N ASP E 350 16.60 7.89 7.48
CA ASP E 350 17.64 6.98 7.02
C ASP E 350 17.53 5.67 7.78
N LEU E 351 17.30 4.57 7.05
CA LEU E 351 17.15 3.28 7.70
C LEU E 351 18.49 2.77 8.19
N ARG E 352 19.51 3.03 7.39
CA ARG E 352 20.86 2.56 7.67
C ARG E 352 21.65 3.53 8.55
N ALA E 353 20.97 4.54 9.11
CA ALA E 353 21.63 5.54 9.94
C ALA E 353 22.23 4.91 11.18
N GLY E 354 21.64 3.82 11.61
CA GLY E 354 22.11 3.10 12.79
C GLY E 354 23.37 2.34 12.46
N ASP E 355 23.31 1.58 11.37
CA ASP E 355 24.46 0.79 10.96
C ASP E 355 25.62 1.70 10.63
N LYS E 356 25.29 2.88 10.11
CA LYS E 356 26.32 3.85 9.74
C LYS E 356 27.05 4.32 10.97
N ALA E 357 26.28 4.79 11.94
CA ALA E 357 26.86 5.29 13.19
C ALA E 357 27.57 4.20 13.99
N PHE E 358 27.15 2.96 13.78
CA PHE E 358 27.79 1.84 14.45
C PHE E 358 29.19 1.60 13.87
N VAL E 359 29.26 1.41 12.55
CA VAL E 359 30.53 1.27 11.87
C VAL E 359 31.49 2.33 12.35
N ALA E 360 30.97 3.55 12.45
CA ALA E 360 31.74 4.71 12.88
C ALA E 360 32.39 4.56 14.24
N SER E 361 31.60 4.23 15.26
CA SER E 361 32.12 4.13 16.62
C SER E 361 33.04 2.91 16.73
N GLN E 362 32.78 1.93 15.89
CA GLN E 362 33.63 0.75 15.85
C GLN E 362 34.97 1.01 15.16
N GLU E 363 35.14 2.19 14.60
CA GLU E 363 36.45 2.56 14.09
C GLU E 363 37.25 3.25 15.17
N SER E 364 36.62 4.19 15.87
CA SER E 364 37.26 4.88 16.99
C SER E 364 37.58 3.90 18.12
N GLN E 365 36.85 2.79 18.15
CA GLN E 365 37.07 1.75 19.13
C GLN E 365 38.33 0.95 18.74
N LYS E 366 38.99 1.36 17.67
CA LYS E 366 40.20 0.69 17.22
C LYS E 366 41.41 1.55 17.54
N ALA E 367 41.29 2.84 17.31
CA ALA E 367 42.33 3.77 17.70
C ALA E 367 42.55 3.70 19.21
N LEU E 368 41.50 3.33 19.94
CA LEU E 368 41.62 3.12 21.37
C LEU E 368 42.50 1.94 21.66
N GLN E 369 41.95 0.75 21.39
CA GLN E 369 42.68 -0.50 21.56
C GLN E 369 44.07 -0.46 20.93
N ALA E 370 44.25 0.41 19.95
CA ALA E 370 45.56 0.64 19.36
C ALA E 370 46.50 1.19 20.43
N GLN E 371 46.14 2.34 20.99
CA GLN E 371 46.95 2.97 22.01
C GLN E 371 47.03 2.11 23.26
N LEU E 372 45.90 1.57 23.66
CA LEU E 372 45.87 0.67 24.80
C LEU E 372 46.87 -0.47 24.63
N ASP E 373 46.95 -1.02 23.42
CA ASP E 373 47.86 -2.13 23.15
C ASP E 373 49.32 -1.72 23.32
N LEU E 374 49.58 -0.43 23.17
CA LEU E 374 50.91 0.10 23.39
C LEU E 374 51.31 -0.03 24.86
N TRP E 375 50.55 0.61 25.75
CA TRP E 375 50.78 0.49 27.17
C TRP E 375 50.98 -0.97 27.54
N GLN E 376 50.07 -1.82 27.06
CA GLN E 376 50.11 -3.25 27.37
C GLN E 376 51.45 -3.86 26.99
N ALA E 377 52.02 -3.39 25.89
CA ALA E 377 53.22 -4.00 25.34
C ALA E 377 54.45 -3.51 26.07
N GLU E 378 54.47 -2.21 26.32
CA GLU E 378 55.61 -1.56 26.96
C GLU E 378 55.76 -1.95 28.43
N HIS E 379 54.72 -2.49 29.04
CA HIS E 379 54.72 -2.66 30.49
C HIS E 379 54.43 -4.05 31.01
N GLY E 380 53.64 -4.83 30.27
CA GLY E 380 53.33 -6.19 30.70
C GLY E 380 52.17 -6.32 31.68
N ASP E 381 51.70 -7.54 31.83
CA ASP E 381 50.44 -7.77 32.54
C ASP E 381 50.47 -7.45 34.02
N ILE E 382 51.47 -7.98 34.69
CA ILE E 382 51.60 -7.84 36.13
C ILE E 382 51.73 -6.37 36.57
N TYR E 383 52.45 -5.59 35.76
CA TYR E 383 52.68 -4.19 36.03
C TYR E 383 51.36 -3.50 35.91
N ALA E 384 50.62 -3.87 34.87
CA ALA E 384 49.33 -3.28 34.56
C ALA E 384 48.41 -3.47 35.76
N ALA E 385 48.45 -4.67 36.32
CA ALA E 385 47.68 -4.99 37.52
C ALA E 385 48.17 -4.19 38.71
N GLY E 386 49.49 -4.12 38.83
CA GLY E 386 50.14 -3.56 40.01
C GLY E 386 50.04 -2.07 40.21
N ILE E 387 49.63 -1.33 39.18
CA ILE E 387 49.49 0.11 39.28
C ILE E 387 48.05 0.54 39.52
N GLU E 388 47.17 -0.39 39.81
CA GLU E 388 45.77 -0.03 39.99
C GLU E 388 45.49 0.49 41.38
N PRO E 389 45.01 1.73 41.45
CA PRO E 389 44.69 2.41 42.70
C PRO E 389 43.79 1.56 43.59
N ALA E 390 43.95 1.70 44.90
CA ALA E 390 43.23 0.86 45.84
C ALA E 390 42.85 1.60 47.11
N PHE E 391 43.27 2.85 47.22
CA PHE E 391 43.01 3.60 48.45
C PHE E 391 41.62 4.22 48.42
N ASP E 392 40.89 4.08 49.53
CA ASP E 392 39.53 4.57 49.62
C ASP E 392 39.16 4.88 51.05
N PRO E 393 39.05 6.18 51.37
CA PRO E 393 38.72 6.72 52.71
C PRO E 393 37.52 6.09 53.37
N LEU E 394 36.66 5.44 52.58
CA LEU E 394 35.45 4.84 53.10
C LEU E 394 35.76 3.47 53.65
N LYS E 395 36.84 2.88 53.16
CA LYS E 395 37.28 1.58 53.64
C LYS E 395 38.22 1.70 54.83
N ALA E 396 38.43 2.93 55.31
CA ALA E 396 39.33 3.12 56.42
C ALA E 396 38.72 2.58 57.72
N ARG E 397 39.53 1.83 58.46
CA ARG E 397 39.13 1.28 59.76
C ARG E 397 39.95 1.85 60.90
N VAL E 398 39.25 2.42 61.87
CA VAL E 398 39.91 3.02 63.02
C VAL E 398 39.71 2.21 64.28
N TYR E 399 40.84 1.79 64.84
CA TYR E 399 40.88 1.12 66.12
C TYR E 399 41.51 2.06 67.11
N ASP E 400 40.78 2.36 68.18
CA ASP E 400 41.23 3.33 69.15
C ASP E 400 40.71 3.04 70.56
N SER E 401 39.91 1.98 70.67
CA SER E 401 39.21 1.64 71.91
C SER E 401 40.10 0.87 72.89
N SER E 402 41.18 1.50 73.36
CA SER E 402 42.09 0.81 74.27
C SER E 402 41.39 0.48 75.59
N TRP E 403 40.59 1.42 76.07
CA TRP E 403 40.01 1.33 77.39
C TRP E 403 39.29 0.03 77.62
N ASN E 404 38.66 -0.47 76.56
CA ASN E 404 37.91 -1.71 76.67
C ASN E 404 38.82 -2.92 76.58
N TRP E 405 39.67 -2.95 75.57
CA TRP E 405 40.53 -4.11 75.37
C TRP E 405 41.38 -4.33 76.59
N ALA E 406 41.55 -3.27 77.38
CA ALA E 406 42.27 -3.35 78.65
C ALA E 406 41.56 -4.31 79.63
N ARG E 407 40.40 -3.89 80.10
CA ARG E 407 39.57 -4.67 81.01
C ARG E 407 39.40 -6.10 80.51
N GLN E 408 39.47 -6.28 79.20
CA GLN E 408 39.37 -7.61 78.63
C GLN E 408 40.64 -8.37 78.88
N ASP E 409 41.76 -7.82 78.43
CA ASP E 409 43.06 -8.47 78.52
C ASP E 409 43.42 -8.64 79.98
N ALA E 410 42.83 -7.77 80.77
CA ALA E 410 42.91 -7.86 82.22
C ALA E 410 42.16 -9.10 82.68
N LEU E 411 40.83 -9.04 82.63
CA LEU E 411 39.98 -10.16 83.03
C LEU E 411 40.41 -11.45 82.35
N SER E 412 40.96 -11.32 81.15
CA SER E 412 41.42 -12.47 80.38
C SER E 412 42.58 -13.15 81.07
N MET E 413 43.53 -12.36 81.53
CA MET E 413 44.71 -12.87 82.20
C MET E 413 44.37 -13.54 83.54
N TYR E 414 43.47 -12.90 84.28
CA TYR E 414 42.99 -13.43 85.56
C TYR E 414 42.65 -14.92 85.46
N TYR E 415 41.69 -15.26 84.60
CA TYR E 415 41.30 -16.66 84.42
C TYR E 415 42.45 -17.47 83.85
N ASP E 416 43.26 -16.84 83.01
CA ASP E 416 44.41 -17.52 82.41
C ASP E 416 45.27 -18.18 83.48
N ILE E 417 45.49 -17.44 84.56
CA ILE E 417 46.30 -17.90 85.69
C ILE E 417 45.63 -19.06 86.43
N ILE E 418 44.35 -18.88 86.75
CA ILE E 418 43.53 -19.83 87.47
C ILE E 418 43.45 -21.21 86.80
N PHE E 419 43.77 -21.26 85.52
CA PHE E 419 43.71 -22.51 84.79
C PHE E 419 45.12 -22.94 84.42
N GLY E 420 46.07 -22.04 84.63
CA GLY E 420 47.46 -22.36 84.39
C GLY E 420 47.91 -22.20 82.96
N ARG E 421 47.07 -21.59 82.13
CA ARG E 421 47.50 -21.19 80.79
C ARG E 421 48.71 -20.28 80.99
N LEU E 422 48.66 -19.49 82.06
CA LEU E 422 49.80 -18.68 82.47
C LEU E 422 50.39 -19.23 83.74
N ARG E 423 51.66 -19.64 83.67
CA ARG E 423 52.43 -20.02 84.84
C ARG E 423 53.42 -18.90 85.15
N VAL E 424 53.70 -18.70 86.44
CA VAL E 424 54.42 -17.51 86.89
C VAL E 424 55.73 -17.33 86.14
N VAL E 425 56.30 -18.46 85.75
CA VAL E 425 57.48 -18.52 84.89
C VAL E 425 57.32 -17.68 83.63
N ASP E 426 56.57 -18.23 82.67
CA ASP E 426 56.28 -17.62 81.36
C ASP E 426 56.50 -16.13 81.23
N ARG E 427 57.45 -15.77 80.36
CA ARG E 427 57.73 -14.38 80.04
C ARG E 427 56.41 -13.71 79.71
N GLU E 428 55.53 -14.49 79.09
CA GLU E 428 54.23 -14.02 78.65
C GLU E 428 53.57 -13.08 79.65
N ILE E 429 53.35 -13.58 80.87
CA ILE E 429 52.64 -12.81 81.89
C ILE E 429 53.20 -11.42 82.04
N VAL E 430 54.53 -11.35 82.09
CA VAL E 430 55.21 -10.08 82.12
C VAL E 430 54.63 -9.19 81.04
N SER E 431 54.88 -9.59 79.79
CA SER E 431 54.40 -8.87 78.62
C SER E 431 52.99 -8.36 78.81
N GLN E 432 52.06 -9.29 79.02
CA GLN E 432 50.67 -8.92 79.19
C GLN E 432 50.50 -7.81 80.21
N CYS E 433 51.15 -7.99 81.36
CA CYS E 433 51.01 -7.04 82.46
C CYS E 433 51.43 -5.63 82.03
N ILE E 434 52.46 -5.57 81.20
CA ILE E 434 53.01 -4.29 80.83
C ILE E 434 52.00 -3.56 79.99
N GLN E 435 51.32 -4.28 79.09
CA GLN E 435 50.33 -3.63 78.24
C GLN E 435 49.12 -3.24 79.04
N ILE E 436 48.82 -4.02 80.07
CA ILE E 436 47.75 -3.64 80.99
C ILE E 436 48.16 -2.39 81.75
N MET E 437 49.45 -2.29 82.06
CA MET E 437 49.96 -1.09 82.70
C MET E 437 49.85 0.08 81.74
N ASN E 438 50.15 -0.20 80.48
CA ASN E 438 50.18 0.84 79.44
C ASN E 438 48.83 1.54 79.31
N ARG E 439 47.75 0.77 79.41
CA ARG E 439 46.41 1.35 79.39
C ARG E 439 45.92 1.46 80.83
N SER E 440 46.37 2.48 81.56
CA SER E 440 45.95 2.58 82.96
C SER E 440 44.96 3.70 83.21
N ASN E 441 43.70 3.34 83.43
CA ASN E 441 42.65 4.29 83.77
C ASN E 441 42.42 4.24 85.26
N PRO E 442 41.66 5.21 85.78
CA PRO E 442 41.13 5.02 87.13
C PRO E 442 40.16 3.86 87.07
N LEU E 443 39.27 3.92 86.09
CA LEU E 443 38.21 2.94 85.93
C LEU E 443 38.78 1.54 85.73
N LEU E 444 39.98 1.44 85.16
CA LEU E 444 40.60 0.13 84.97
C LEU E 444 40.90 -0.42 86.34
N LEU E 445 41.45 0.41 87.20
CA LEU E 445 41.78 -0.01 88.55
C LEU E 445 40.59 -0.56 89.31
N GLU E 446 39.48 0.17 89.34
CA GLU E 446 38.25 -0.33 89.95
C GLU E 446 37.91 -1.75 89.49
N PHE E 447 37.94 -1.95 88.18
CA PHE E 447 37.66 -3.24 87.56
C PHE E 447 38.74 -4.25 87.97
N MET E 448 40.00 -3.85 87.82
CA MET E 448 41.14 -4.61 88.30
C MET E 448 40.86 -5.10 89.71
N GLN E 449 40.59 -4.14 90.59
CA GLN E 449 40.45 -4.38 92.03
C GLN E 449 39.37 -5.39 92.33
N TYR E 450 38.11 -5.00 92.16
CA TYR E 450 37.00 -5.89 92.48
C TYR E 450 37.26 -7.36 92.18
N HIS E 451 37.71 -7.66 90.97
CA HIS E 451 37.90 -9.06 90.57
C HIS E 451 38.94 -9.74 91.45
N ILE E 452 39.95 -8.99 91.86
CA ILE E 452 40.93 -9.48 92.83
C ILE E 452 40.34 -9.66 94.22
N ASP E 453 39.77 -8.57 94.75
CA ASP E 453 39.20 -8.53 96.10
C ASP E 453 38.35 -9.74 96.40
N HIS E 454 37.67 -10.26 95.39
CA HIS E 454 36.75 -11.37 95.61
C HIS E 454 37.29 -12.70 95.11
N CYS E 455 38.57 -12.72 94.75
CA CYS E 455 39.19 -13.94 94.32
C CYS E 455 39.09 -14.99 95.42
N PRO E 456 38.46 -16.15 95.10
CA PRO E 456 38.27 -17.29 96.00
C PRO E 456 39.55 -18.08 96.23
N THR E 457 40.48 -17.49 96.98
CA THR E 457 41.80 -18.07 97.22
C THR E 457 41.75 -19.48 97.80
N GLU E 458 40.70 -19.72 98.59
CA GLU E 458 40.53 -20.96 99.33
C GLU E 458 40.25 -22.13 98.41
N ARG E 459 40.23 -21.89 97.11
CA ARG E 459 39.90 -22.94 96.16
C ARG E 459 41.11 -23.71 95.63
N GLY E 460 42.24 -23.03 95.52
CA GLY E 460 43.43 -23.65 94.97
C GLY E 460 44.61 -22.70 94.93
N GLU E 461 45.78 -23.25 94.56
CA GLU E 461 47.02 -22.46 94.48
C GLU E 461 46.89 -21.34 93.46
N THR E 462 46.60 -21.73 92.23
CA THR E 462 46.27 -20.84 91.14
C THR E 462 45.47 -19.62 91.56
N TYR E 463 44.39 -19.84 92.30
CA TYR E 463 43.56 -18.74 92.81
C TYR E 463 44.36 -17.78 93.69
N GLN E 464 45.14 -18.35 94.60
CA GLN E 464 46.03 -17.56 95.43
C GLN E 464 47.02 -16.82 94.55
N LEU E 465 47.80 -17.61 93.81
CA LEU E 465 48.78 -17.14 92.82
C LEU E 465 48.25 -16.01 91.96
N ALA E 466 46.97 -16.13 91.61
CA ALA E 466 46.26 -15.11 90.86
C ALA E 466 46.14 -13.87 91.74
N LYS E 467 45.41 -13.98 92.84
CA LYS E 467 45.17 -12.83 93.71
C LYS E 467 46.48 -12.11 94.06
N GLU E 468 47.56 -12.87 94.17
CA GLU E 468 48.86 -12.29 94.43
C GLU E 468 49.27 -11.39 93.28
N LEU E 469 49.59 -12.03 92.15
CA LEU E 469 50.03 -11.34 90.95
C LEU E 469 49.05 -10.25 90.60
N GLY E 470 47.77 -10.50 90.92
CA GLY E 470 46.72 -9.53 90.72
C GLY E 470 46.98 -8.25 91.50
N GLN E 471 46.95 -8.35 92.81
CA GLN E 471 47.21 -7.20 93.66
C GLN E 471 48.54 -6.60 93.26
N GLN E 472 49.47 -7.46 92.88
CA GLN E 472 50.78 -7.03 92.37
C GLN E 472 50.59 -6.01 91.25
N LEU E 473 50.01 -6.50 90.16
CA LEU E 473 49.74 -5.69 88.98
C LEU E 473 48.98 -4.40 89.33
N ILE E 474 47.95 -4.52 90.15
CA ILE E 474 47.12 -3.37 90.50
C ILE E 474 47.94 -2.24 91.07
N GLU E 475 48.99 -2.61 91.79
CA GLU E 475 49.85 -1.64 92.44
C GLU E 475 50.69 -0.92 91.40
N ASN E 476 51.32 -1.72 90.55
CA ASN E 476 52.10 -1.18 89.45
C ASN E 476 51.27 -0.19 88.65
N CYS E 477 50.09 -0.64 88.21
CA CYS E 477 49.19 0.21 87.45
C CYS E 477 48.96 1.54 88.15
N LYS E 478 48.95 1.53 89.47
CA LYS E 478 48.69 2.75 90.23
C LYS E 478 49.80 3.77 90.08
N GLU E 479 51.04 3.30 89.96
CA GLU E 479 52.17 4.22 89.88
C GLU E 479 52.52 4.63 88.45
N VAL E 480 51.75 4.17 87.47
CA VAL E 480 52.06 4.51 86.09
C VAL E 480 50.91 5.24 85.42
N LEU E 481 49.92 5.65 86.21
CA LEU E 481 48.86 6.52 85.72
C LEU E 481 49.49 7.82 85.27
N GLY E 482 49.05 8.32 84.13
CA GLY E 482 49.61 9.55 83.55
C GLY E 482 50.96 9.32 82.90
N LYS E 483 51.74 8.42 83.51
CA LYS E 483 53.05 8.08 82.99
C LYS E 483 52.96 7.40 81.63
N PRO E 484 53.58 8.03 80.62
CA PRO E 484 53.74 7.54 79.25
C PRO E 484 53.92 6.03 79.21
N PRO E 485 53.26 5.35 78.26
CA PRO E 485 53.35 3.91 78.08
C PRO E 485 54.65 3.52 77.40
N VAL E 486 55.04 2.26 77.45
CA VAL E 486 56.35 1.91 76.97
C VAL E 486 56.44 0.61 76.20
N TYR E 487 57.22 0.66 75.15
CA TYR E 487 57.63 -0.53 74.42
C TYR E 487 58.77 -1.19 75.20
N LYS E 488 58.52 -2.38 75.73
CA LYS E 488 59.58 -3.11 76.40
C LYS E 488 59.52 -4.56 75.97
N ASP E 489 60.53 -5.01 75.23
CA ASP E 489 60.58 -6.39 74.76
C ASP E 489 61.13 -7.37 75.82
N VAL E 490 60.24 -8.10 76.47
CA VAL E 490 60.63 -9.00 77.52
C VAL E 490 60.79 -10.40 76.96
N SER E 491 60.66 -10.56 75.65
CA SER E 491 60.70 -11.90 75.07
C SER E 491 62.03 -12.56 75.36
N ILE E 492 62.07 -13.87 75.25
CA ILE E 492 63.29 -14.62 75.45
C ILE E 492 64.06 -14.69 74.14
N PRO E 493 65.16 -13.93 74.04
CA PRO E 493 66.01 -13.95 72.84
C PRO E 493 66.16 -15.35 72.28
N THR E 494 65.91 -15.50 71.00
CA THR E 494 65.89 -16.81 70.40
C THR E 494 66.78 -16.90 69.16
N GLY E 495 67.29 -18.09 68.87
CA GLY E 495 68.18 -18.31 67.74
C GLY E 495 67.71 -19.38 66.79
N PRO E 496 68.46 -19.60 65.71
CA PRO E 496 68.11 -20.51 64.62
C PRO E 496 68.66 -21.89 64.87
N GLN E 497 67.89 -22.93 64.57
CA GLN E 497 68.39 -24.29 64.74
C GLN E 497 67.75 -25.31 63.79
N THR E 498 68.46 -25.59 62.70
CA THR E 498 68.03 -26.58 61.73
C THR E 498 68.55 -27.96 62.11
N THR E 499 67.71 -28.97 61.97
CA THR E 499 68.02 -30.33 62.38
C THR E 499 67.63 -31.33 61.31
N ILE E 500 68.47 -32.33 61.08
CA ILE E 500 68.09 -33.41 60.19
C ILE E 500 67.84 -34.71 60.94
N ASP E 501 66.55 -35.00 61.13
CA ASP E 501 66.04 -36.24 61.69
C ASP E 501 66.69 -37.45 61.01
N ALA E 502 66.77 -38.57 61.72
CA ALA E 502 67.38 -39.78 61.18
C ALA E 502 66.59 -40.36 60.00
N ARG E 503 65.31 -40.00 59.91
CA ARG E 503 64.49 -40.36 58.74
C ARG E 503 64.72 -39.45 57.53
N GLY E 504 65.60 -38.47 57.67
CA GLY E 504 65.88 -37.52 56.62
C GLY E 504 65.04 -36.26 56.72
N ASN E 505 64.08 -36.28 57.65
CA ASN E 505 63.25 -35.12 57.95
C ASN E 505 64.09 -33.89 58.33
N ILE E 506 63.83 -32.78 57.64
CA ILE E 506 64.53 -31.55 57.92
C ILE E 506 63.59 -30.59 58.63
N GLN E 507 63.88 -30.29 59.89
CA GLN E 507 63.05 -29.31 60.59
C GLN E 507 63.87 -28.13 61.10
N TYR E 508 63.19 -27.04 61.42
CA TYR E 508 63.85 -25.82 61.88
C TYR E 508 63.06 -25.18 63.00
N GLN E 509 63.58 -25.28 64.22
CA GLN E 509 62.94 -24.63 65.34
C GLN E 509 63.64 -23.32 65.63
N GLU E 510 63.14 -22.60 66.62
CA GLU E 510 63.85 -21.45 67.16
C GLU E 510 64.13 -21.63 68.64
N VAL E 511 65.38 -21.97 68.94
CA VAL E 511 65.76 -22.38 70.28
C VAL E 511 66.31 -21.21 71.06
N PRO E 512 65.86 -21.07 72.32
CA PRO E 512 66.34 -20.00 73.19
C PRO E 512 67.86 -19.91 73.10
N ARG E 513 68.37 -18.71 72.88
CA ARG E 513 69.80 -18.49 72.87
C ARG E 513 70.40 -18.87 74.21
N ALA E 514 71.38 -19.77 74.18
CA ALA E 514 72.00 -20.28 75.40
C ALA E 514 72.70 -19.19 76.21
N SER E 515 73.10 -18.12 75.53
CA SER E 515 73.86 -17.04 76.16
C SER E 515 73.01 -15.87 76.69
N ALA E 516 71.93 -15.54 76.01
CA ALA E 516 71.08 -14.41 76.42
C ALA E 516 69.68 -14.84 76.81
N ARG E 517 69.13 -14.16 77.81
CA ARG E 517 67.84 -14.51 78.36
C ARG E 517 66.87 -13.34 78.33
N LYS E 518 67.37 -12.15 78.69
CA LYS E 518 66.63 -10.91 78.55
C LYS E 518 67.13 -10.19 77.32
N PHE E 519 66.48 -9.09 76.97
CA PHE E 519 66.94 -8.36 75.82
C PHE E 519 68.21 -7.62 76.15
N GLU E 520 68.35 -7.25 77.42
CA GLU E 520 69.52 -6.52 77.86
C GLU E 520 70.79 -7.26 77.47
N HIS E 521 70.72 -8.58 77.56
CA HIS E 521 71.85 -9.46 77.22
C HIS E 521 72.14 -9.33 75.74
N TYR E 522 71.09 -9.45 74.94
CA TYR E 522 71.18 -9.22 73.51
C TYR E 522 71.89 -7.87 73.21
N VAL E 523 71.37 -6.78 73.79
CA VAL E 523 71.96 -5.46 73.56
C VAL E 523 73.46 -5.53 73.79
N LYS E 524 73.86 -6.07 74.94
CA LYS E 524 75.27 -6.24 75.27
C LYS E 524 75.95 -7.11 74.23
N GLN E 525 75.57 -8.38 74.16
CA GLN E 525 76.13 -9.30 73.17
C GLN E 525 76.42 -8.63 71.84
N MET E 526 75.48 -7.79 71.42
CA MET E 526 75.62 -7.03 70.18
C MET E 526 76.82 -6.10 70.33
N ALA E 527 76.91 -5.41 71.47
CA ALA E 527 78.03 -4.52 71.77
C ALA E 527 79.40 -5.20 71.77
N GLU E 528 79.43 -6.42 72.30
CA GLU E 528 80.69 -7.16 72.43
C GLU E 528 81.28 -7.47 71.06
N GLY E 529 80.41 -7.60 70.07
CA GLY E 529 80.88 -7.94 68.74
C GLY E 529 81.37 -9.38 68.72
N GLY E 530 82.21 -9.70 67.74
CA GLY E 530 82.72 -11.04 67.61
C GLY E 530 84.01 -11.09 66.83
N PRO E 531 84.66 -12.25 66.81
CA PRO E 531 85.89 -12.54 66.08
C PRO E 531 85.92 -12.05 64.63
N ILE E 532 84.77 -11.77 64.04
CA ILE E 532 84.78 -11.32 62.67
C ILE E 532 85.17 -9.84 62.57
N SER E 533 84.63 -9.01 63.47
CA SER E 533 84.88 -7.57 63.39
C SER E 533 86.15 -7.13 64.12
N GLN E 534 87.18 -7.96 64.03
CA GLN E 534 88.42 -7.71 64.75
C GLN E 534 89.31 -6.67 64.08
N TYR E 535 89.86 -5.76 64.90
CA TYR E 535 90.87 -4.82 64.45
C TYR E 535 91.85 -4.49 65.57
N SER E 536 93.01 -3.99 65.21
CA SER E 536 94.08 -3.79 66.18
C SER E 536 94.29 -2.31 66.54
N ASN E 537 94.50 -2.02 67.82
CA ASN E 537 94.72 -0.65 68.29
C ASN E 537 95.88 0.01 67.59
N ARG E 538 96.00 1.34 67.67
CA ARG E 538 97.22 1.97 67.16
C ARG E 538 98.40 1.25 67.76
N THR E 539 98.27 0.99 69.05
CA THR E 539 99.29 0.32 69.83
C THR E 539 99.77 -0.96 69.17
N LYS E 540 98.84 -1.89 68.98
CA LYS E 540 99.15 -3.16 68.35
C LYS E 540 99.77 -2.92 66.98
N VAL E 541 99.25 -1.93 66.24
CA VAL E 541 99.80 -1.59 64.92
C VAL E 541 101.29 -1.26 64.98
N GLN E 542 101.72 -0.58 66.03
CA GLN E 542 103.15 -0.27 66.19
C GLN E 542 103.90 -1.48 66.74
N ASN E 543 103.45 -2.01 67.87
CA ASN E 543 104.08 -3.21 68.43
C ASN E 543 104.24 -4.34 67.42
N ASP E 544 103.39 -4.36 66.41
CA ASP E 544 103.49 -5.31 65.31
C ASP E 544 104.50 -4.83 64.26
N LEU E 545 104.52 -3.53 64.01
CA LEU E 545 105.55 -2.93 63.15
C LEU E 545 106.92 -3.15 63.78
N ARG E 546 106.97 -3.18 65.10
CA ARG E 546 108.21 -3.43 65.83
C ARG E 546 108.78 -4.78 65.43
N SER E 547 108.14 -5.83 65.94
CA SER E 547 108.59 -7.20 65.74
C SER E 547 108.76 -7.57 64.26
N VAL E 548 108.04 -6.89 63.38
CA VAL E 548 108.26 -7.05 61.94
C VAL E 548 109.67 -6.58 61.57
N TYR E 549 109.96 -5.32 61.89
CA TYR E 549 111.28 -4.73 61.67
C TYR E 549 112.35 -5.50 62.42
N LYS E 550 112.17 -5.64 63.73
CA LYS E 550 113.14 -6.33 64.59
C LYS E 550 113.54 -7.69 64.03
N LEU E 551 112.56 -8.46 63.60
CA LEU E 551 112.81 -9.79 63.08
C LEU E 551 113.44 -9.77 61.68
N ILE E 552 112.82 -9.04 60.76
CA ILE E 552 113.34 -8.91 59.41
C ILE E 552 114.78 -8.35 59.40
N ARG E 553 115.08 -7.47 60.35
CA ARG E 553 116.35 -6.73 60.42
C ARG E 553 117.47 -7.55 61.05
N ARG E 554 117.19 -8.06 62.26
CA ARG E 554 118.14 -8.90 62.99
C ARG E 554 118.23 -10.30 62.36
N GLN E 555 118.11 -10.34 61.04
CA GLN E 555 118.13 -11.58 60.29
C GLN E 555 119.18 -11.43 59.20
N HIS E 556 119.49 -10.17 58.90
CA HIS E 556 120.51 -9.77 57.93
C HIS E 556 120.67 -10.75 56.77
N ARG E 557 119.71 -10.72 55.84
CA ARG E 557 119.79 -11.56 54.64
C ARG E 557 119.60 -10.68 53.40
N LEU E 558 119.33 -9.40 53.64
CA LEU E 558 118.95 -8.47 52.59
C LEU E 558 120.10 -7.56 52.16
N SER E 559 120.18 -7.29 50.86
CA SER E 559 121.19 -6.38 50.35
C SER E 559 121.00 -5.04 51.03
N LYS E 560 122.07 -4.27 51.12
CA LYS E 560 122.02 -2.96 51.75
C LYS E 560 121.04 -2.02 51.02
N SER E 561 120.71 -2.38 49.78
CA SER E 561 119.62 -1.73 49.07
C SER E 561 118.31 -1.94 49.81
N SER E 562 117.84 -3.18 49.75
CA SER E 562 116.57 -3.54 50.35
C SER E 562 116.45 -3.07 51.79
N GLN E 563 117.48 -3.34 52.60
CA GLN E 563 117.45 -2.93 54.00
C GLN E 563 117.42 -1.40 54.13
N LEU E 564 118.03 -0.74 53.15
CA LEU E 564 118.01 0.72 53.07
C LEU E 564 116.57 1.26 52.90
N GLN E 565 115.90 0.80 51.85
CA GLN E 565 114.59 1.34 51.48
C GLN E 565 113.44 0.68 52.23
N PHE E 566 113.68 -0.52 52.75
CA PHE E 566 112.76 -1.09 53.73
C PHE E 566 112.62 -0.13 54.92
N ASN E 567 113.78 0.32 55.41
CA ASN E 567 113.86 1.37 56.42
C ASN E 567 113.14 2.63 55.96
N ALA E 568 113.44 3.02 54.72
CA ALA E 568 112.83 4.18 54.10
C ALA E 568 111.31 4.13 54.30
N LEU E 569 110.73 3.08 53.71
CA LEU E 569 109.29 2.87 53.72
C LEU E 569 108.71 2.77 55.12
N TYR E 570 109.44 2.11 56.00
CA TYR E 570 109.00 1.95 57.37
C TYR E 570 108.79 3.31 58.01
N LYS E 571 109.74 4.20 57.82
CA LYS E 571 109.68 5.53 58.42
C LYS E 571 108.43 6.30 58.00
N ASP E 572 108.13 6.27 56.70
CA ASP E 572 106.98 6.97 56.16
C ASP E 572 105.72 6.52 56.87
N VAL E 573 105.52 5.21 56.85
CA VAL E 573 104.40 4.57 57.53
C VAL E 573 104.26 5.08 58.95
N ILE E 574 105.39 5.20 59.64
CA ILE E 574 105.44 5.55 61.06
C ILE E 574 105.16 7.04 61.31
N ARG E 575 105.35 7.81 60.25
CA ARG E 575 105.04 9.23 60.24
C ARG E 575 103.55 9.39 60.18
N ALA E 576 102.98 8.87 59.09
CA ALA E 576 101.57 9.05 58.77
C ALA E 576 100.69 8.51 59.89
N LEU E 577 101.20 7.51 60.61
CA LEU E 577 100.45 6.86 61.67
C LEU E 577 100.76 7.51 63.03
N ALA E 578 101.65 8.48 63.02
CA ALA E 578 101.95 9.29 64.22
C ALA E 578 102.69 8.56 65.33
N LYS E 608 96.22 -5.14 72.00
CA LYS E 608 94.82 -5.38 72.24
C LYS E 608 93.97 -5.56 71.01
N VAL E 609 93.21 -6.65 71.01
CA VAL E 609 92.24 -6.96 69.98
C VAL E 609 90.93 -6.26 70.28
N GLU E 610 90.34 -5.66 69.25
CA GLU E 610 89.05 -5.05 69.40
C GLU E 610 88.12 -5.41 68.25
N THR E 611 86.84 -5.18 68.46
CA THR E 611 85.86 -5.50 67.43
C THR E 611 84.86 -4.40 67.28
N ILE E 612 84.12 -4.50 66.18
CA ILE E 612 83.06 -3.57 65.84
C ILE E 612 81.69 -4.19 66.09
N PRO E 613 80.80 -3.44 66.75
CA PRO E 613 79.65 -3.90 67.54
C PRO E 613 78.45 -4.55 66.88
N PHE E 614 78.62 -5.32 65.82
CA PHE E 614 77.46 -5.82 65.11
C PHE E 614 76.37 -4.79 64.78
N LEU E 615 76.21 -3.77 65.62
CA LEU E 615 75.21 -2.70 65.42
C LEU E 615 75.87 -1.36 65.63
N HIS E 616 76.29 -0.70 64.54
CA HIS E 616 76.94 0.58 64.69
C HIS E 616 76.41 1.61 63.70
N LEU E 617 76.51 2.88 64.08
CA LEU E 617 76.21 3.96 63.18
C LEU E 617 77.51 4.26 62.46
N ARG E 618 77.49 5.22 61.54
CA ARG E 618 78.70 5.65 60.86
C ARG E 618 78.62 7.15 60.60
N LYS E 619 79.74 7.73 60.15
CA LYS E 619 79.74 9.11 59.70
C LYS E 619 80.54 9.21 58.41
N LYS E 620 80.30 10.27 57.64
CA LYS E 620 80.95 10.42 56.35
C LYS E 620 82.29 11.13 56.45
N ASP E 621 83.28 10.59 55.75
CA ASP E 621 84.60 11.20 55.65
C ASP E 621 84.52 12.43 54.75
N GLU E 622 85.58 13.23 54.74
CA GLU E 622 85.71 14.30 53.75
C GLU E 622 85.47 13.69 52.36
N PHE E 623 86.00 12.48 52.18
CA PHE E 623 85.81 11.68 50.99
C PHE E 623 84.63 10.76 51.20
N GLY E 624 83.44 11.36 51.25
CA GLY E 624 82.16 10.67 51.46
C GLY E 624 82.24 9.19 51.72
N ASN E 625 82.78 8.81 52.88
CA ASN E 625 82.90 7.42 53.24
C ASN E 625 82.17 7.16 54.53
N TRP E 626 81.43 6.07 54.59
CA TRP E 626 80.72 5.73 55.82
C TRP E 626 81.60 4.86 56.69
N GLU E 627 82.29 5.51 57.62
CA GLU E 627 83.24 4.85 58.50
C GLU E 627 82.68 4.75 59.90
N TYR E 628 82.94 3.62 60.56
CA TYR E 628 82.51 3.38 61.92
C TYR E 628 82.82 4.53 62.88
N SER E 629 81.77 5.10 63.46
CA SER E 629 81.91 6.15 64.46
C SER E 629 81.49 5.65 65.82
N LYS E 630 82.47 5.45 66.72
CA LYS E 630 82.14 4.99 68.05
C LYS E 630 81.25 5.97 68.76
N LYS E 631 81.46 7.25 68.52
CA LYS E 631 80.70 8.30 69.22
C LYS E 631 79.20 8.05 69.08
N LEU E 632 78.78 7.79 67.86
CA LEU E 632 77.39 7.56 67.57
C LEU E 632 76.99 6.16 68.00
N THR E 633 77.68 5.16 67.48
CA THR E 633 77.41 3.78 67.83
C THR E 633 77.16 3.68 69.32
N GLY E 634 77.90 4.48 70.07
CA GLY E 634 77.67 4.59 71.48
C GLY E 634 76.32 5.20 71.71
N ILE E 635 76.22 6.51 71.47
CA ILE E 635 74.99 7.26 71.76
C ILE E 635 73.72 6.52 71.35
N TYR E 636 73.85 5.68 70.33
CA TYR E 636 72.75 4.80 69.88
C TYR E 636 72.58 3.62 70.81
N LEU E 637 73.57 2.74 70.80
CA LEU E 637 73.58 1.53 71.59
C LEU E 637 73.19 1.77 73.02
N ASP E 638 73.49 2.96 73.51
CA ASP E 638 73.12 3.37 74.85
C ASP E 638 71.62 3.38 75.03
N GLY E 639 70.92 4.16 74.21
CA GLY E 639 69.48 4.13 74.20
C GLY E 639 68.93 2.73 73.93
N LEU E 640 69.56 2.02 72.99
CA LEU E 640 69.18 0.66 72.64
C LEU E 640 69.16 -0.22 73.91
N GLU E 641 70.08 0.04 74.82
CA GLU E 641 70.12 -0.66 76.10
C GLU E 641 69.05 -0.12 77.02
N ALA E 642 68.99 1.21 77.13
CA ALA E 642 67.97 1.90 77.92
C ALA E 642 66.56 1.43 77.57
N ALA E 643 66.39 1.06 76.31
CA ALA E 643 65.12 0.52 75.86
C ALA E 643 64.91 -0.82 76.54
N ALA E 644 65.89 -1.72 76.39
CA ALA E 644 65.75 -3.08 76.90
C ALA E 644 65.47 -3.11 78.40
N ARG E 645 65.78 -2.01 79.07
CA ARG E 645 65.61 -1.89 80.52
C ARG E 645 64.25 -1.35 80.88
N SER E 646 64.15 -0.03 80.85
CA SER E 646 63.00 0.70 81.35
C SER E 646 62.05 1.01 80.22
N GLY E 647 62.33 0.42 79.07
CA GLY E 647 61.48 0.59 77.90
C GLY E 647 61.70 1.87 77.11
N LEU E 648 60.68 2.24 76.35
CA LEU E 648 60.79 3.30 75.38
C LEU E 648 59.38 3.72 74.96
N THR E 649 59.06 5.00 75.12
CA THR E 649 57.72 5.49 74.79
C THR E 649 57.68 6.23 73.46
N PHE E 650 56.51 6.20 72.84
CA PHE E 650 56.30 6.93 71.60
C PHE E 650 55.11 7.84 71.76
N GLN E 651 54.69 8.05 73.00
CA GLN E 651 53.56 8.92 73.32
C GLN E 651 53.51 10.18 72.46
N GLY E 652 52.34 10.49 71.92
CA GLY E 652 52.15 11.70 71.15
C GLY E 652 52.65 11.69 69.70
N LYS E 653 53.35 10.64 69.35
CA LYS E 653 53.92 10.56 68.01
C LYS E 653 52.88 10.06 67.02
N HIS E 654 52.95 10.59 65.79
CA HIS E 654 52.17 10.09 64.66
C HIS E 654 53.10 9.40 63.64
N ALA E 655 52.70 8.26 63.11
CA ALA E 655 53.55 7.60 62.12
C ALA E 655 52.81 6.83 61.04
N LEU E 656 53.36 6.88 59.84
CA LEU E 656 52.83 6.16 58.70
C LEU E 656 53.71 4.94 58.43
N MET E 657 53.07 3.79 58.18
CA MET E 657 53.80 2.53 57.93
C MET E 657 53.25 1.71 56.78
N THR E 658 54.08 1.50 55.76
CA THR E 658 53.70 0.65 54.66
C THR E 658 54.54 -0.60 54.67
N GLY E 659 53.93 -1.73 54.36
CA GLY E 659 54.68 -2.97 54.31
C GLY E 659 54.61 -3.67 55.65
N ALA E 660 53.62 -3.28 56.45
CA ALA E 660 53.41 -3.86 57.78
C ALA E 660 52.54 -5.10 57.71
N GLY E 661 52.80 -5.93 56.71
CA GLY E 661 52.00 -7.12 56.54
C GLY E 661 52.09 -8.03 57.75
N ALA E 662 51.14 -8.93 57.88
CA ALA E 662 51.21 -9.96 58.90
C ALA E 662 52.56 -10.69 58.86
N GLY E 663 53.18 -10.84 60.02
CA GLY E 663 54.45 -11.54 60.15
C GLY E 663 55.64 -10.95 59.40
N SER E 664 55.74 -9.62 59.39
CA SER E 664 56.87 -8.95 58.76
C SER E 664 57.60 -8.07 59.78
N ILE E 665 58.77 -7.59 59.39
CA ILE E 665 59.48 -6.65 60.24
C ILE E 665 58.54 -5.50 60.59
N GLY E 666 57.95 -4.90 59.57
CA GLY E 666 56.99 -3.83 59.80
C GLY E 666 55.97 -4.20 60.85
N ALA E 667 55.49 -5.43 60.79
CA ALA E 667 54.45 -5.88 61.70
C ALA E 667 54.89 -5.70 63.15
N GLU E 668 56.12 -6.07 63.42
CA GLU E 668 56.65 -5.98 64.76
C GLU E 668 56.84 -4.52 65.17
N VAL E 669 57.51 -3.75 64.31
CA VAL E 669 57.72 -2.34 64.58
C VAL E 669 56.39 -1.72 64.90
N LEU E 670 55.35 -2.16 64.21
CA LEU E 670 54.04 -1.60 64.44
C LEU E 670 53.66 -1.73 65.90
N GLN E 671 53.61 -2.97 66.36
CA GLN E 671 53.25 -3.26 67.74
C GLN E 671 54.11 -2.46 68.69
N GLY E 672 55.37 -2.29 68.30
CA GLY E 672 56.27 -1.41 69.03
C GLY E 672 55.66 -0.05 69.31
N LEU E 673 55.50 0.76 68.26
CA LEU E 673 54.93 2.07 68.43
C LEU E 673 53.56 2.04 69.07
N LEU E 674 52.85 0.93 68.91
CA LEU E 674 51.50 0.82 69.45
C LEU E 674 51.53 0.70 70.98
N SER E 675 52.61 0.14 71.50
CA SER E 675 52.79 0.04 72.94
C SER E 675 53.23 1.37 73.55
N GLY E 676 53.97 2.19 72.80
CA GLY E 676 54.13 3.60 73.16
C GLY E 676 52.79 4.22 72.81
N GLY E 677 52.55 5.46 73.18
CA GLY E 677 51.24 6.05 72.89
C GLY E 677 51.00 6.45 71.45
N ALA E 678 51.59 5.71 70.51
CA ALA E 678 51.70 6.17 69.13
C ALA E 678 50.45 5.95 68.30
N LYS E 679 50.07 7.00 67.58
CA LYS E 679 49.00 6.89 66.60
C LYS E 679 49.64 6.62 65.25
N VAL E 680 49.28 5.49 64.63
CA VAL E 680 49.84 5.17 63.33
C VAL E 680 48.80 4.77 62.30
N ILE E 681 49.10 5.10 61.04
CA ILE E 681 48.28 4.71 59.91
C ILE E 681 49.03 3.60 59.16
N VAL E 682 48.39 2.45 59.05
CA VAL E 682 48.99 1.28 58.41
C VAL E 682 48.31 1.01 57.09
N THR E 683 49.08 0.70 56.05
CA THR E 683 48.52 0.39 54.74
C THR E 683 48.56 -1.09 54.42
N THR E 684 47.48 -1.57 53.81
CA THR E 684 47.43 -2.93 53.25
C THR E 684 46.98 -2.97 51.80
N SER E 685 47.75 -3.70 51.01
CA SER E 685 47.47 -3.90 49.60
C SER E 685 46.61 -5.15 49.37
N ARG E 686 46.19 -5.79 50.44
CA ARG E 686 45.37 -6.97 50.35
C ARG E 686 44.31 -6.87 51.43
N PHE E 687 43.61 -5.74 51.41
CA PHE E 687 42.64 -5.39 52.44
C PHE E 687 41.52 -6.42 52.48
N SER E 688 41.59 -7.35 53.41
CA SER E 688 40.54 -8.36 53.58
C SER E 688 39.75 -8.08 54.82
N ARG E 689 38.86 -9.00 55.17
CA ARG E 689 38.30 -9.00 56.50
C ARG E 689 39.39 -9.54 57.39
N GLN E 690 40.02 -10.62 56.95
CA GLN E 690 41.07 -11.28 57.73
C GLN E 690 42.18 -10.34 58.13
N VAL E 691 42.62 -9.53 57.18
CA VAL E 691 43.64 -8.51 57.41
C VAL E 691 43.12 -7.41 58.32
N THR E 692 41.89 -6.97 58.12
CA THR E 692 41.26 -6.04 59.04
C THR E 692 41.33 -6.61 60.46
N GLU E 693 40.89 -7.86 60.61
CA GLU E 693 40.80 -8.51 61.92
C GLU E 693 42.16 -8.62 62.58
N TYR E 694 43.14 -9.12 61.83
CA TYR E 694 44.53 -9.17 62.25
C TYR E 694 45.00 -7.92 62.98
N TYR E 695 44.95 -6.79 62.29
CA TYR E 695 45.38 -5.52 62.87
C TYR E 695 44.54 -5.15 64.10
N GLN E 696 43.28 -5.58 64.12
CA GLN E 696 42.47 -5.43 65.33
C GLN E 696 43.09 -6.24 66.44
N GLY E 697 43.39 -7.50 66.14
CA GLY E 697 43.98 -8.41 67.11
C GLY E 697 45.18 -7.75 67.76
N ILE E 698 46.00 -7.12 66.93
CA ILE E 698 47.15 -6.35 67.39
C ILE E 698 46.74 -5.26 68.36
N TYR E 699 46.02 -4.25 67.86
CA TYR E 699 45.63 -3.13 68.69
C TYR E 699 44.92 -3.54 69.98
N ALA E 700 44.26 -4.70 69.98
CA ALA E 700 43.55 -5.18 71.16
C ALA E 700 44.53 -5.53 72.25
N ARG E 701 45.75 -5.86 71.83
CA ARG E 701 46.78 -6.36 72.72
C ARG E 701 48.02 -5.47 72.86
N CYS E 702 48.13 -4.43 72.03
CA CYS E 702 49.29 -3.55 72.08
C CYS E 702 48.89 -2.12 72.38
N GLY E 703 47.67 -1.77 71.96
CA GLY E 703 47.20 -0.40 72.00
C GLY E 703 47.20 0.19 73.40
N ALA E 704 48.28 0.90 73.71
CA ALA E 704 48.39 1.60 74.98
C ALA E 704 47.44 2.79 75.02
N ARG E 705 47.20 3.31 76.21
CA ARG E 705 46.42 4.51 76.35
C ARG E 705 46.95 5.53 75.35
N GLY E 706 46.06 6.26 74.70
CA GLY E 706 46.48 7.31 73.79
C GLY E 706 46.83 6.87 72.37
N SER E 707 47.11 5.58 72.20
CA SER E 707 47.43 5.05 70.89
C SER E 707 46.22 5.02 69.96
N GLN E 708 46.48 4.85 68.67
CA GLN E 708 45.43 4.70 67.67
C GLN E 708 45.95 3.97 66.45
N LEU E 709 45.15 3.04 65.94
CA LEU E 709 45.48 2.31 64.72
C LEU E 709 44.45 2.64 63.67
N VAL E 710 44.92 2.97 62.47
CA VAL E 710 44.05 3.31 61.36
C VAL E 710 44.50 2.52 60.16
N VAL E 711 43.75 1.47 59.82
CA VAL E 711 44.07 0.66 58.65
C VAL E 711 43.29 1.08 57.42
N VAL E 712 43.90 0.84 56.27
CA VAL E 712 43.54 1.52 55.06
C VAL E 712 44.09 0.73 53.89
N PRO E 713 43.32 0.64 52.81
CA PRO E 713 43.78 -0.08 51.64
C PRO E 713 44.71 0.82 50.89
N PHE E 714 45.71 0.27 50.23
CA PHE E 714 46.67 1.13 49.56
C PHE E 714 47.58 0.32 48.70
N ASN E 715 48.01 0.91 47.58
CA ASN E 715 48.89 0.24 46.63
C ASN E 715 50.02 1.17 46.28
N GLN E 716 51.18 0.93 46.87
CA GLN E 716 52.31 1.82 46.67
C GLN E 716 52.82 1.80 45.23
N GLY E 717 52.34 0.87 44.44
CA GLY E 717 52.63 0.88 43.01
C GLY E 717 51.87 1.95 42.25
N SER E 718 50.97 2.67 42.91
CA SER E 718 50.12 3.64 42.24
C SER E 718 50.40 5.08 42.66
N LYS E 719 50.96 5.86 41.74
CA LYS E 719 51.25 7.26 41.96
C LYS E 719 50.06 7.93 42.58
N GLN E 720 48.87 7.58 42.09
CA GLN E 720 47.64 8.24 42.49
C GLN E 720 47.34 7.99 43.94
N ASP E 721 47.45 6.72 44.32
CA ASP E 721 47.28 6.30 45.70
C ASP E 721 48.20 7.06 46.63
N VAL E 722 49.47 7.04 46.29
CA VAL E 722 50.45 7.75 47.07
C VAL E 722 49.95 9.15 47.43
N GLU E 723 49.68 9.98 46.42
CA GLU E 723 49.27 11.33 46.71
C GLU E 723 47.93 11.36 47.44
N ALA E 724 47.11 10.35 47.20
CA ALA E 724 45.79 10.27 47.81
C ALA E 724 45.90 9.95 49.29
N LEU E 725 46.67 8.91 49.59
CA LEU E 725 46.93 8.48 50.95
C LEU E 725 47.38 9.70 51.74
N VAL E 726 48.46 10.31 51.29
CA VAL E 726 49.05 11.43 51.98
C VAL E 726 48.00 12.48 52.32
N ASN E 727 47.10 12.75 51.40
CA ASN E 727 46.10 13.78 51.62
C ASN E 727 45.10 13.43 52.70
N TYR E 728 44.66 12.18 52.70
CA TYR E 728 43.76 11.67 53.76
C TYR E 728 44.42 11.91 55.09
N ILE E 729 45.72 11.64 55.13
CA ILE E 729 46.50 11.78 56.34
C ILE E 729 46.50 13.20 56.88
N TYR E 730 46.60 14.19 56.00
CA TYR E 730 46.76 15.57 56.45
C TYR E 730 45.48 16.37 56.42
N ASP E 731 44.48 15.95 55.64
CA ASP E 731 43.28 16.78 55.49
C ASP E 731 42.59 17.03 56.81
N THR E 732 42.42 18.29 57.16
CA THR E 732 41.80 18.64 58.42
C THR E 732 40.33 18.23 58.43
N LYS E 733 39.58 18.59 57.39
CA LYS E 733 38.12 18.44 57.37
C LYS E 733 37.66 16.99 57.27
N ASN E 734 37.87 16.39 56.12
CA ASN E 734 37.39 15.02 55.88
C ASN E 734 38.47 13.97 56.06
N GLY E 735 39.73 14.41 56.16
CA GLY E 735 40.83 13.50 56.39
C GLY E 735 40.95 13.18 57.87
N LEU E 736 42.03 12.52 58.28
CA LEU E 736 42.29 12.32 59.70
C LEU E 736 43.31 13.35 60.25
N GLY E 737 43.50 14.41 59.48
CA GLY E 737 44.23 15.59 59.90
C GLY E 737 45.40 15.41 60.86
N TRP E 738 46.36 14.59 60.49
CA TRP E 738 47.55 14.39 61.29
C TRP E 738 48.72 15.21 60.76
N ASP E 739 49.88 15.01 61.37
CA ASP E 739 51.16 15.40 60.82
C ASP E 739 52.11 14.29 61.23
N LEU E 740 52.99 13.87 60.33
CA LEU E 740 53.75 12.65 60.57
C LEU E 740 55.05 12.86 61.31
N ASP E 741 55.35 11.96 62.24
CA ASP E 741 56.58 12.01 63.02
C ASP E 741 57.55 10.97 62.51
N TYR E 742 57.01 9.81 62.13
CA TYR E 742 57.81 8.76 61.51
C TYR E 742 57.21 8.32 60.18
N VAL E 743 58.07 7.87 59.29
CA VAL E 743 57.64 7.28 58.03
C VAL E 743 58.43 6.00 57.87
N VAL E 744 57.74 4.89 57.70
CA VAL E 744 58.39 3.59 57.62
C VAL E 744 57.97 2.85 56.35
N PRO E 745 58.60 3.19 55.22
CA PRO E 745 58.30 2.75 53.85
C PRO E 745 58.76 1.34 53.52
N PHE E 746 58.22 0.35 54.20
CA PHE E 746 58.68 -1.02 54.06
C PHE E 746 57.88 -1.78 53.01
N ALA E 747 57.20 -1.08 52.12
CA ALA E 747 56.45 -1.76 51.08
C ALA E 747 57.40 -2.43 50.08
N ALA E 748 57.16 -3.70 49.79
CA ALA E 748 58.05 -4.44 48.88
C ALA E 748 57.52 -5.75 48.26
N ILE E 749 58.03 -6.05 47.08
CA ILE E 749 57.66 -7.22 46.30
C ILE E 749 58.87 -8.11 46.07
N PRO E 750 58.66 -9.41 46.28
CA PRO E 750 59.61 -10.48 45.96
C PRO E 750 59.82 -10.61 44.47
N GLU E 751 60.92 -10.09 43.96
CA GLU E 751 61.21 -10.23 42.53
C GLU E 751 62.25 -11.33 42.27
N ASN E 752 62.24 -12.33 43.13
CA ASN E 752 63.16 -13.46 43.08
C ASN E 752 63.27 -14.05 41.68
N GLY E 753 64.46 -14.49 41.29
CA GLY E 753 64.60 -15.34 40.13
C GLY E 753 65.14 -14.73 38.84
N ARG E 754 65.30 -13.42 38.81
CA ARG E 754 65.71 -12.74 37.56
C ARG E 754 67.06 -11.98 37.58
N GLU E 755 67.91 -12.29 36.61
CA GLU E 755 69.13 -11.56 36.36
C GLU E 755 68.86 -10.40 35.41
N ILE E 756 69.88 -9.61 35.10
CA ILE E 756 69.74 -8.51 34.12
C ILE E 756 69.29 -9.12 32.80
N ASP E 757 69.56 -10.42 32.71
CA ASP E 757 69.05 -11.30 31.68
C ASP E 757 67.65 -10.86 31.31
N SER E 758 66.84 -10.65 32.34
CA SER E 758 65.40 -10.55 32.18
C SER E 758 64.70 -9.74 33.27
N ILE E 759 64.75 -8.42 33.10
CA ILE E 759 63.99 -7.50 33.94
C ILE E 759 62.57 -7.42 33.40
N ASP E 760 61.65 -8.16 34.00
CA ASP E 760 60.31 -8.28 33.45
C ASP E 760 59.32 -7.23 33.96
N SER E 761 58.05 -7.50 33.72
CA SER E 761 56.96 -6.69 34.20
C SER E 761 57.08 -6.54 35.70
N LYS E 762 57.16 -7.68 36.40
CA LYS E 762 57.18 -7.70 37.84
C LYS E 762 58.28 -6.77 38.34
N SER E 763 59.48 -6.94 37.78
CA SER E 763 60.63 -6.17 38.21
C SER E 763 60.37 -4.68 38.09
N GLU E 764 59.91 -4.27 36.92
CA GLU E 764 59.68 -2.86 36.68
C GLU E 764 58.66 -2.33 37.67
N LEU E 765 57.68 -3.16 37.97
CA LEU E 765 56.67 -2.82 38.94
C LEU E 765 57.28 -2.74 40.32
N ALA E 766 57.99 -3.78 40.68
CA ALA E 766 58.61 -3.80 41.98
C ALA E 766 59.50 -2.57 42.17
N HIS E 767 60.36 -2.28 41.20
CA HIS E 767 61.20 -1.09 41.28
C HIS E 767 60.35 0.17 41.51
N ARG E 768 59.17 0.23 40.93
CA ARG E 768 58.33 1.41 41.08
C ARG E 768 57.73 1.53 42.48
N ILE E 769 57.48 0.40 43.13
CA ILE E 769 56.96 0.42 44.50
C ILE E 769 58.07 0.77 45.45
N MET E 770 59.20 0.11 45.24
CA MET E 770 60.35 0.16 46.14
C MET E 770 61.23 1.41 45.99
N LEU E 771 61.05 2.19 44.94
CA LEU E 771 61.87 3.39 44.76
C LEU E 771 61.09 4.61 44.28
N THR E 772 60.69 4.63 43.01
CA THR E 772 60.06 5.81 42.43
C THR E 772 58.87 6.34 43.22
N ASN E 773 57.99 5.45 43.67
CA ASN E 773 56.83 5.88 44.44
C ASN E 773 57.15 6.11 45.91
N LEU E 774 58.21 5.43 46.39
CA LEU E 774 58.71 5.66 47.73
C LEU E 774 59.14 7.12 47.84
N LEU E 775 59.99 7.54 46.93
CA LEU E 775 60.48 8.91 46.90
C LEU E 775 59.31 9.83 46.85
N ARG E 776 58.33 9.48 46.04
CA ARG E 776 57.19 10.35 45.85
C ARG E 776 56.36 10.39 47.12
N LEU E 777 56.35 9.29 47.86
CA LEU E 777 55.64 9.25 49.13
C LEU E 777 56.26 10.27 50.07
N LEU E 778 57.58 10.20 50.22
CA LEU E 778 58.29 11.18 51.01
C LEU E 778 57.98 12.57 50.48
N GLY E 779 58.20 12.76 49.18
CA GLY E 779 57.96 14.04 48.52
C GLY E 779 56.62 14.63 48.86
N ALA E 780 55.59 13.80 48.75
CA ALA E 780 54.22 14.20 49.06
C ALA E 780 54.12 14.75 50.48
N ILE E 781 54.53 13.93 51.45
CA ILE E 781 54.52 14.33 52.84
C ILE E 781 55.18 15.70 53.00
N LYS E 782 56.34 15.88 52.40
CA LYS E 782 57.07 17.15 52.55
C LYS E 782 56.20 18.33 52.13
N THR E 783 55.72 18.29 50.90
CA THR E 783 54.97 19.43 50.37
C THR E 783 53.78 19.67 51.25
N GLN E 784 53.22 18.59 51.78
CA GLN E 784 52.10 18.74 52.71
C GLN E 784 52.50 19.64 53.88
N LYS E 785 53.60 19.27 54.54
CA LYS E 785 54.11 20.06 55.65
C LYS E 785 54.41 21.48 55.20
N LYS E 786 55.17 21.61 54.12
CA LYS E 786 55.62 22.92 53.67
C LYS E 786 54.44 23.83 53.55
N GLU E 787 53.41 23.33 52.88
CA GLU E 787 52.21 24.11 52.62
C GLU E 787 51.45 24.41 53.90
N ARG E 788 51.35 23.41 54.77
CA ARG E 788 50.57 23.56 56.00
C ARG E 788 51.32 24.33 57.09
N GLY E 789 52.50 24.83 56.77
CA GLY E 789 53.25 25.66 57.70
C GLY E 789 53.89 24.84 58.80
N TYR E 790 53.81 23.53 58.66
CA TYR E 790 54.44 22.61 59.59
C TYR E 790 55.97 22.62 59.49
N GLU E 791 56.61 23.58 60.14
CA GLU E 791 58.03 23.85 59.91
C GLU E 791 58.97 23.21 60.94
N THR E 792 58.50 23.10 62.16
CA THR E 792 59.31 22.65 63.29
C THR E 792 59.07 21.20 63.73
N ARG E 793 58.57 20.34 62.84
CA ARG E 793 58.31 18.94 63.20
C ARG E 793 58.70 17.95 62.10
N PRO E 794 59.98 17.91 61.76
CA PRO E 794 60.46 17.00 60.72
C PRO E 794 59.98 15.59 60.96
N ALA E 795 59.80 14.84 59.88
CA ALA E 795 59.35 13.48 59.98
C ALA E 795 60.52 12.55 59.70
N GLN E 796 60.73 11.60 60.60
CA GLN E 796 61.87 10.70 60.50
C GLN E 796 61.62 9.52 59.57
N VAL E 797 62.42 9.42 58.52
CA VAL E 797 62.22 8.40 57.52
C VAL E 797 63.18 7.25 57.72
N ILE E 798 62.63 6.09 58.04
CA ILE E 798 63.43 4.90 58.23
C ILE E 798 63.65 4.16 56.92
N LEU E 799 64.58 4.68 56.11
CA LEU E 799 64.95 4.05 54.85
C LEU E 799 65.43 2.61 55.04
N PRO E 800 64.66 1.62 54.58
CA PRO E 800 65.19 0.25 54.65
C PRO E 800 66.23 0.00 53.57
N LEU E 801 67.50 0.33 53.79
CA LEU E 801 68.54 0.03 52.83
C LEU E 801 69.04 -1.40 52.98
N SER E 802 69.98 -1.79 52.13
CA SER E 802 70.45 -3.16 52.13
C SER E 802 71.96 -3.24 52.01
N PRO E 803 72.55 -4.34 52.50
CA PRO E 803 73.92 -4.79 52.34
C PRO E 803 74.17 -5.39 50.95
N ASN E 804 73.14 -6.00 50.39
CA ASN E 804 73.24 -6.53 49.03
C ASN E 804 73.11 -5.44 47.99
N HIS E 805 74.23 -5.03 47.40
CA HIS E 805 74.16 -4.14 46.26
C HIS E 805 74.68 -4.89 45.05
N GLY E 806 74.06 -6.04 44.78
CA GLY E 806 74.40 -6.83 43.61
C GLY E 806 75.36 -7.96 43.90
N THR E 807 75.59 -8.22 45.17
CA THR E 807 76.49 -9.28 45.61
C THR E 807 75.81 -10.66 45.48
N PHE E 808 74.49 -10.69 45.70
CA PHE E 808 73.68 -11.90 45.56
C PHE E 808 73.15 -12.05 44.14
N GLY E 809 72.72 -13.26 43.78
CA GLY E 809 72.28 -13.55 42.43
C GLY E 809 71.09 -12.78 41.90
N ASN E 810 69.97 -13.45 41.77
CA ASN E 810 68.84 -12.99 40.97
C ASN E 810 67.93 -11.94 41.61
N ASP E 811 68.51 -10.87 42.15
CA ASP E 811 67.72 -9.80 42.71
C ASP E 811 66.72 -9.27 41.70
N GLY E 812 67.18 -9.12 40.48
CA GLY E 812 66.37 -8.55 39.42
C GLY E 812 65.81 -7.22 39.86
N LEU E 813 66.59 -6.17 39.67
CA LEU E 813 66.13 -4.82 39.97
C LEU E 813 65.97 -4.54 41.46
N TYR E 814 66.32 -5.51 42.32
CA TYR E 814 66.19 -5.30 43.76
C TYR E 814 67.27 -4.37 44.27
N SER E 815 68.50 -4.83 44.12
CA SER E 815 69.67 -4.06 44.49
C SER E 815 69.59 -2.64 43.96
N GLU E 816 69.20 -2.50 42.68
CA GLU E 816 69.15 -1.21 42.00
C GLU E 816 68.25 -0.24 42.74
N SER E 817 67.13 -0.74 43.27
CA SER E 817 66.27 0.10 44.10
C SER E 817 66.99 0.47 45.41
N LYS E 818 67.42 -0.56 46.15
CA LYS E 818 67.94 -0.41 47.50
C LYS E 818 69.16 0.50 47.57
N LEU E 819 69.94 0.49 46.50
CA LEU E 819 71.14 1.30 46.40
C LEU E 819 70.74 2.72 46.11
N ALA E 820 69.85 2.90 45.14
CA ALA E 820 69.44 4.23 44.72
C ALA E 820 68.92 5.00 45.90
N LEU E 821 68.31 4.29 46.85
CA LEU E 821 67.69 4.93 48.01
C LEU E 821 68.69 5.78 48.75
N GLU E 822 69.95 5.36 48.67
CA GLU E 822 71.03 5.99 49.42
C GLU E 822 71.46 7.35 48.88
N THR E 823 70.98 7.72 47.70
CA THR E 823 71.23 9.06 47.18
C THR E 823 70.50 10.06 48.03
N LEU E 824 69.65 9.56 48.92
CA LEU E 824 68.91 10.43 49.78
C LEU E 824 69.81 10.98 50.86
N PHE E 825 70.81 10.21 51.25
CA PHE E 825 71.81 10.65 52.23
C PHE E 825 72.38 12.03 51.90
N ASN E 826 72.50 12.30 50.61
CA ASN E 826 73.05 13.56 50.13
C ASN E 826 71.97 14.57 49.79
N ARG E 827 70.88 14.10 49.21
CA ARG E 827 69.80 14.99 48.81
C ARG E 827 69.30 15.74 50.03
N TRP E 828 69.45 15.14 51.19
CA TRP E 828 68.99 15.77 52.42
C TRP E 828 69.71 17.12 52.59
N TYR E 829 70.94 17.17 52.09
CA TYR E 829 71.78 18.34 52.21
C TYR E 829 71.52 19.30 51.05
N SER E 830 71.65 18.79 49.83
CA SER E 830 71.53 19.60 48.61
C SER E 830 70.16 20.22 48.43
N GLU E 831 69.13 19.40 48.46
CA GLU E 831 67.79 19.89 48.22
C GLU E 831 67.14 20.51 49.46
N SER E 832 66.01 21.16 49.25
CA SER E 832 65.42 22.04 50.24
C SER E 832 64.32 21.46 51.12
N TRP E 833 64.51 20.22 51.57
CA TRP E 833 63.48 19.56 52.39
C TRP E 833 64.06 19.10 53.71
N GLY E 834 65.25 19.59 54.01
CA GLY E 834 65.96 19.17 55.20
C GLY E 834 65.13 19.13 56.47
N ASN E 835 64.32 20.17 56.69
CA ASN E 835 63.59 20.34 57.94
C ASN E 835 62.13 19.91 57.86
N TYR E 836 61.84 19.08 56.88
CA TYR E 836 60.52 18.49 56.79
C TYR E 836 60.67 17.00 56.95
N LEU E 837 61.73 16.47 56.33
CA LEU E 837 62.03 15.07 56.40
C LEU E 837 63.44 14.91 56.88
N THR E 838 63.67 13.96 57.78
CA THR E 838 65.03 13.58 58.13
C THR E 838 65.30 12.15 57.69
N ILE E 839 66.53 11.86 57.33
CA ILE E 839 66.81 10.56 56.75
C ILE E 839 67.62 9.71 57.70
N CYS E 840 67.09 8.53 58.02
CA CYS E 840 67.79 7.54 58.83
C CYS E 840 67.97 6.25 58.02
N GLY E 841 69.12 6.09 57.39
CA GLY E 841 69.39 4.91 56.57
C GLY E 841 69.65 3.65 57.38
N ALA E 842 68.58 2.97 57.76
CA ALA E 842 68.71 1.68 58.42
C ALA E 842 69.06 0.62 57.40
N VAL E 843 70.25 0.06 57.50
CA VAL E 843 70.56 -1.08 56.65
C VAL E 843 70.24 -2.37 57.40
N ILE E 844 69.05 -2.90 57.12
CA ILE E 844 68.55 -4.11 57.78
C ILE E 844 69.34 -5.33 57.35
N GLY E 845 69.62 -6.21 58.30
CA GLY E 845 70.39 -7.39 58.02
C GLY E 845 69.53 -8.63 58.18
N TRP E 846 70.04 -9.76 57.71
CA TRP E 846 69.39 -11.06 57.76
C TRP E 846 68.38 -11.21 58.88
N THR E 847 67.10 -11.20 58.54
CA THR E 847 66.08 -11.50 59.55
C THR E 847 65.39 -12.83 59.23
N ARG E 848 65.82 -13.87 59.93
CA ARG E 848 65.34 -15.22 59.65
C ARG E 848 63.84 -15.36 59.88
N GLY E 849 63.27 -14.48 60.70
CA GLY E 849 61.84 -14.50 60.94
C GLY E 849 61.13 -14.65 59.62
N THR E 850 60.08 -15.47 59.59
CA THR E 850 59.33 -15.73 58.37
C THR E 850 58.97 -14.43 57.59
N GLY E 851 59.71 -14.15 56.51
CA GLY E 851 59.53 -12.93 55.75
C GLY E 851 60.00 -13.03 54.30
N LEU E 852 60.84 -12.09 53.87
CA LEU E 852 61.41 -12.13 52.52
C LEU E 852 62.72 -12.95 52.51
N MET E 853 63.07 -13.57 53.64
CA MET E 853 64.22 -14.47 53.71
C MET E 853 63.89 -15.81 54.40
N SER E 854 62.78 -16.43 53.98
CA SER E 854 62.25 -17.63 54.65
C SER E 854 63.02 -18.93 54.46
N ALA E 855 63.33 -19.28 53.21
CA ALA E 855 64.02 -20.53 52.90
C ALA E 855 65.46 -20.40 53.33
N ASN E 856 65.84 -19.17 53.68
CA ASN E 856 67.17 -18.88 54.16
C ASN E 856 67.34 -19.21 55.65
N ASN E 857 66.42 -20.01 56.19
CA ASN E 857 66.50 -20.37 57.58
C ASN E 857 67.23 -21.68 57.82
N LEU E 858 67.20 -22.54 56.82
CA LEU E 858 67.95 -23.78 56.92
C LEU E 858 69.41 -23.44 57.13
N VAL E 859 69.87 -22.45 56.36
CA VAL E 859 71.26 -22.06 56.40
C VAL E 859 71.50 -20.97 57.45
N ALA E 860 70.46 -20.63 58.19
CA ALA E 860 70.55 -19.59 59.20
C ALA E 860 71.64 -19.89 60.23
N GLU E 861 71.50 -21.02 60.92
CA GLU E 861 72.47 -21.36 61.96
C GLU E 861 73.83 -21.67 61.35
N GLY E 862 73.85 -22.27 60.17
CA GLY E 862 75.09 -22.58 59.46
C GLY E 862 75.98 -21.37 59.26
N VAL E 863 75.41 -20.33 58.65
CA VAL E 863 76.13 -19.09 58.41
C VAL E 863 76.52 -18.44 59.73
N GLU E 864 75.68 -18.61 60.74
CA GLU E 864 75.91 -18.01 62.04
C GLU E 864 77.10 -18.66 62.75
N LYS E 865 77.33 -19.93 62.41
CA LYS E 865 78.51 -20.66 62.88
C LYS E 865 79.79 -19.85 62.70
N LEU E 866 79.90 -19.11 61.59
CA LEU E 866 81.13 -18.40 61.27
C LEU E 866 81.37 -17.15 62.11
N GLY E 867 80.74 -17.08 63.28
CA GLY E 867 81.03 -16.07 64.28
C GLY E 867 80.31 -14.77 64.01
N VAL E 868 79.20 -14.88 63.30
CA VAL E 868 78.42 -13.73 62.85
C VAL E 868 76.99 -13.96 63.32
N ARG E 869 76.12 -12.95 63.19
CA ARG E 869 74.81 -13.06 63.85
C ARG E 869 73.61 -12.78 62.93
N THR E 870 72.58 -13.62 63.02
CA THR E 870 71.31 -13.36 62.35
C THR E 870 70.25 -13.01 63.38
N PHE E 871 69.18 -12.37 62.91
CA PHE E 871 68.22 -11.78 63.83
C PHE E 871 66.85 -12.40 63.70
N SER E 872 66.10 -12.37 64.79
CA SER E 872 64.67 -12.64 64.74
C SER E 872 64.02 -11.32 64.41
N GLN E 873 62.76 -11.36 64.02
CA GLN E 873 62.08 -10.13 63.64
C GLN E 873 61.95 -9.23 64.85
N GLN E 874 61.55 -9.80 65.99
CA GLN E 874 61.31 -9.00 67.18
C GLN E 874 62.58 -8.26 67.56
N GLU E 875 63.72 -8.89 67.28
CA GLU E 875 65.01 -8.30 67.51
C GLU E 875 65.19 -7.12 66.56
N MET E 876 65.07 -7.36 65.26
CA MET E 876 65.20 -6.28 64.26
C MET E 876 64.25 -5.13 64.49
N ALA E 877 63.07 -5.42 65.02
CA ALA E 877 62.09 -4.37 65.27
C ALA E 877 62.60 -3.52 66.41
N PHE E 878 63.07 -4.21 67.44
CA PHE E 878 63.72 -3.60 68.58
C PHE E 878 64.80 -2.67 68.08
N ASN E 879 65.71 -3.22 67.27
CA ASN E 879 66.84 -2.47 66.72
C ASN E 879 66.38 -1.21 66.01
N LEU E 880 65.33 -1.37 65.22
CA LEU E 880 64.82 -0.29 64.41
C LEU E 880 64.16 0.74 65.30
N LEU E 881 63.26 0.28 66.17
CA LEU E 881 62.61 1.13 67.15
C LEU E 881 63.67 1.89 67.93
N GLY E 882 64.88 1.34 67.93
CA GLY E 882 66.01 1.98 68.57
C GLY E 882 66.33 3.31 67.91
N LEU E 883 66.41 3.31 66.59
CA LEU E 883 66.75 4.51 65.83
C LEU E 883 65.56 5.46 65.84
N MET E 884 64.46 4.97 66.40
CA MET E 884 63.24 5.74 66.54
C MET E 884 63.32 6.56 67.82
N ALA E 885 64.20 6.13 68.72
CA ALA E 885 64.35 6.73 70.05
C ALA E 885 64.89 8.14 69.97
N PRO E 886 64.46 9.00 70.92
CA PRO E 886 64.71 10.46 70.92
C PRO E 886 66.18 10.83 70.72
N ALA E 887 67.07 10.09 71.35
CA ALA E 887 68.50 10.31 71.20
C ALA E 887 68.84 10.52 69.75
N ILE E 888 68.63 9.45 68.98
CA ILE E 888 68.98 9.41 67.58
C ILE E 888 68.14 10.35 66.74
N VAL E 889 66.86 10.46 67.07
CA VAL E 889 65.96 11.31 66.30
C VAL E 889 66.54 12.69 66.16
N ASN E 890 67.20 13.16 67.21
CA ASN E 890 67.76 14.51 67.18
C ASN E 890 69.02 14.58 66.37
N LEU E 891 69.78 13.49 66.36
CA LEU E 891 70.92 13.39 65.44
C LEU E 891 70.46 13.58 64.00
N CYS E 892 69.35 12.92 63.66
CA CYS E 892 68.83 12.98 62.31
C CYS E 892 68.47 14.38 61.91
N GLN E 893 68.02 15.18 62.87
CA GLN E 893 67.55 16.53 62.59
C GLN E 893 68.69 17.47 62.22
N SER E 894 69.91 17.04 62.51
CA SER E 894 71.06 17.85 62.14
C SER E 894 71.83 17.16 61.04
N ASP E 895 71.74 15.84 61.01
CA ASP E 895 72.55 15.04 60.10
C ASP E 895 71.92 13.68 59.83
N PRO E 896 71.78 13.31 58.55
CA PRO E 896 71.44 11.95 58.14
C PRO E 896 72.23 10.92 58.93
N VAL E 897 71.59 9.81 59.24
CA VAL E 897 72.19 8.75 60.04
C VAL E 897 72.38 7.47 59.25
N PHE E 898 73.59 6.94 59.24
CA PHE E 898 73.80 5.62 58.69
C PHE E 898 73.65 4.73 59.89
N ALA E 899 73.21 3.50 59.68
CA ALA E 899 72.96 2.63 60.80
C ALA E 899 73.07 1.17 60.36
N ASP E 900 74.29 0.66 60.35
CA ASP E 900 74.51 -0.74 59.98
C ASP E 900 73.87 -1.66 61.02
N LEU E 901 72.71 -2.22 60.69
CA LEU E 901 72.06 -3.19 61.57
C LEU E 901 72.22 -4.57 60.98
N ASN E 902 73.29 -4.76 60.26
CA ASN E 902 73.66 -6.06 59.76
C ASN E 902 74.45 -6.84 60.81
N GLY E 903 74.20 -8.13 60.91
CA GLY E 903 74.76 -8.93 61.99
C GLY E 903 76.25 -9.13 61.87
N GLY E 904 76.93 -8.17 61.27
CA GLY E 904 78.36 -8.25 61.05
C GLY E 904 78.71 -9.16 59.89
N LEU E 905 77.73 -9.44 59.04
CA LEU E 905 77.98 -10.29 57.89
C LEU E 905 78.87 -9.54 56.90
N GLN E 906 79.23 -8.31 57.27
CA GLN E 906 80.06 -7.46 56.42
C GLN E 906 81.46 -8.04 56.29
N PHE E 907 81.69 -9.19 56.91
CA PHE E 907 83.02 -9.76 56.90
C PHE E 907 83.04 -11.12 56.21
N ILE E 908 81.88 -11.76 56.10
CA ILE E 908 81.73 -12.96 55.27
C ILE E 908 81.51 -12.57 53.79
N PRO E 909 82.48 -12.74 52.87
CA PRO E 909 82.39 -12.38 51.43
C PRO E 909 81.93 -13.57 50.57
N ASP E 910 81.39 -13.33 49.37
CA ASP E 910 80.76 -14.39 48.58
C ASP E 910 79.75 -15.14 49.45
N LEU E 911 78.96 -14.37 50.17
CA LEU E 911 77.94 -14.94 51.05
C LEU E 911 77.02 -15.86 50.27
N LYS E 912 76.59 -15.44 49.08
CA LYS E 912 75.66 -16.25 48.30
C LYS E 912 76.27 -17.62 47.98
N GLY E 913 77.59 -17.65 47.78
CA GLY E 913 78.30 -18.89 47.54
C GLY E 913 78.29 -19.81 48.74
N LEU E 914 78.62 -19.25 49.90
CA LEU E 914 78.54 -19.98 51.16
C LEU E 914 77.15 -20.59 51.37
N MET E 915 76.12 -19.75 51.27
CA MET E 915 74.76 -20.21 51.49
C MET E 915 74.42 -21.38 50.58
N THR E 916 74.49 -21.15 49.28
CA THR E 916 74.19 -22.18 48.29
C THR E 916 74.98 -23.46 48.56
N LYS E 917 76.16 -23.31 49.16
CA LYS E 917 76.96 -24.46 49.57
C LYS E 917 76.25 -25.23 50.67
N LEU E 918 75.85 -24.53 51.72
CA LEU E 918 75.10 -25.12 52.84
C LEU E 918 73.73 -25.63 52.41
N ARG E 919 73.05 -24.79 51.65
CA ARG E 919 71.83 -25.16 50.95
C ARG E 919 71.94 -26.56 50.38
N LYS E 920 72.99 -26.80 49.62
CA LYS E 920 73.21 -28.10 48.99
C LYS E 920 73.32 -29.19 50.04
N GLU E 921 74.37 -29.14 50.85
CA GLU E 921 74.64 -30.14 51.88
C GLU E 921 73.37 -30.57 52.60
N ILE E 922 72.63 -29.61 53.14
CA ILE E 922 71.40 -29.92 53.88
C ILE E 922 70.41 -30.69 53.04
N MET E 923 70.14 -30.20 51.83
CA MET E 923 69.24 -30.86 50.90
C MET E 923 69.77 -32.22 50.49
N GLU E 924 71.09 -32.29 50.36
CA GLU E 924 71.77 -33.49 49.90
C GLU E 924 71.72 -34.60 50.96
N THR E 925 72.33 -34.34 52.10
CA THR E 925 72.39 -35.31 53.18
C THR E 925 71.01 -35.80 53.63
N SER E 926 70.01 -34.92 53.58
CA SER E 926 68.66 -35.35 53.91
C SER E 926 68.10 -36.27 52.83
N ALA E 927 68.33 -35.89 51.58
CA ALA E 927 67.85 -36.67 50.43
C ALA E 927 68.42 -38.08 50.45
N ILE E 928 69.73 -38.18 50.66
CA ILE E 928 70.40 -39.47 50.78
C ILE E 928 69.74 -40.29 51.88
N ARG E 929 69.56 -39.66 53.04
CA ARG E 929 69.05 -40.34 54.23
C ARG E 929 67.69 -40.98 54.03
N GLN E 930 66.77 -40.22 53.46
CA GLN E 930 65.43 -40.74 53.22
C GLN E 930 65.38 -41.63 51.98
N ALA E 931 66.33 -41.43 51.07
CA ALA E 931 66.49 -42.31 49.92
C ALA E 931 66.74 -43.73 50.41
N VAL E 932 67.87 -43.92 51.09
CA VAL E 932 68.25 -45.19 51.68
C VAL E 932 67.07 -45.88 52.37
N ILE E 933 66.34 -45.12 53.17
CA ILE E 933 65.18 -45.65 53.88
C ILE E 933 64.23 -46.40 52.96
N LYS E 934 63.78 -45.74 51.88
CA LYS E 934 62.95 -46.37 50.86
C LYS E 934 63.63 -47.62 50.29
N GLU E 935 64.86 -47.46 49.84
CA GLU E 935 65.66 -48.54 49.29
C GLU E 935 65.59 -49.79 50.15
N THR E 936 66.01 -49.64 51.41
CA THR E 936 66.09 -50.75 52.35
C THR E 936 64.72 -51.36 52.70
N ALA E 937 63.73 -50.51 52.99
CA ALA E 937 62.38 -50.98 53.26
C ALA E 937 61.73 -51.62 52.02
N ILE E 938 62.32 -51.37 50.85
CA ILE E 938 61.86 -51.97 49.59
C ILE E 938 62.57 -53.30 49.37
N GLU E 939 63.82 -53.36 49.82
CA GLU E 939 64.59 -54.59 49.75
C GLU E 939 63.95 -55.64 50.62
N ASN E 940 63.30 -55.17 51.69
CA ASN E 940 62.60 -56.06 52.61
C ASN E 940 61.39 -56.71 51.96
N LYS E 941 60.66 -55.94 51.16
CA LYS E 941 59.53 -56.49 50.43
C LYS E 941 60.00 -57.54 49.43
N VAL E 942 61.25 -57.42 48.99
CA VAL E 942 61.83 -58.38 48.07
C VAL E 942 62.18 -59.68 48.76
N VAL E 943 62.71 -59.56 49.97
CA VAL E 943 63.22 -60.70 50.71
C VAL E 943 62.16 -61.42 51.55
N ASN E 944 61.40 -60.66 52.34
CA ASN E 944 60.39 -61.25 53.22
C ASN E 944 59.04 -61.46 52.52
N GLY E 945 58.96 -61.01 51.27
CA GLY E 945 57.73 -61.09 50.51
C GLY E 945 56.76 -60.00 50.92
N GLU E 946 55.76 -59.76 50.09
CA GLU E 946 54.75 -58.74 50.38
C GLU E 946 54.04 -59.06 51.67
N ASP E 947 53.72 -60.35 51.83
CA ASP E 947 52.91 -60.82 52.93
C ASP E 947 53.53 -60.55 54.29
N HIS E 948 54.73 -61.07 54.52
CA HIS E 948 55.38 -60.84 55.81
C HIS E 948 55.49 -59.34 56.12
N GLU E 949 56.12 -58.59 55.22
CA GLU E 949 56.29 -57.16 55.41
C GLU E 949 54.98 -56.46 55.73
N ALA E 950 53.96 -56.73 54.90
CA ALA E 950 52.65 -56.09 55.05
C ALA E 950 52.10 -56.22 56.47
N LEU E 951 52.09 -57.44 56.99
CA LEU E 951 51.41 -57.72 58.25
C LEU E 951 52.11 -57.12 59.47
N TYR E 952 53.27 -56.50 59.24
CA TYR E 952 54.08 -55.99 60.35
C TYR E 952 54.44 -54.51 60.25
N ARG E 953 53.43 -53.69 59.99
CA ARG E 953 53.59 -52.24 59.96
C ARG E 953 52.71 -51.59 61.01
N ARG E 954 53.27 -50.61 61.73
CA ARG E 954 52.51 -49.89 62.74
C ARG E 954 51.13 -49.55 62.21
N VAL E 955 50.12 -50.24 62.69
CA VAL E 955 48.77 -49.92 62.33
C VAL E 955 48.39 -48.65 63.07
N ILE E 956 48.28 -47.54 62.34
CA ILE E 956 47.85 -46.29 62.94
C ILE E 956 46.38 -46.03 62.71
N THR E 957 45.58 -46.16 63.76
CA THR E 957 44.14 -46.02 63.64
C THR E 957 43.78 -44.69 62.98
N GLU E 958 42.77 -44.73 62.11
CA GLU E 958 42.24 -43.54 61.47
C GLU E 958 41.12 -42.94 62.32
N PRO E 959 41.25 -41.65 62.62
CA PRO E 959 40.31 -40.99 63.53
C PRO E 959 38.92 -40.94 62.92
N ARG E 960 37.94 -41.40 63.67
CA ARG E 960 36.55 -41.21 63.30
C ARG E 960 36.00 -40.16 64.22
N ALA E 961 34.72 -39.89 64.07
CA ALA E 961 34.06 -38.95 64.94
C ALA E 961 32.87 -39.63 65.59
N ASN E 962 32.70 -39.41 66.88
CA ASN E 962 31.48 -39.85 67.54
C ASN E 962 30.70 -38.66 68.09
N LEU E 963 29.41 -38.65 67.84
CA LEU E 963 28.57 -37.59 68.37
C LEU E 963 28.01 -38.09 69.70
N LYS E 964 28.59 -37.63 70.79
CA LYS E 964 28.05 -37.93 72.11
C LYS E 964 26.88 -37.00 72.29
N TYR E 965 25.77 -37.52 72.81
CA TYR E 965 24.62 -36.67 73.00
C TYR E 965 24.61 -36.16 74.43
N PRO E 966 25.27 -35.04 74.65
CA PRO E 966 25.52 -34.63 76.02
C PRO E 966 24.33 -33.93 76.62
N PHE E 967 23.89 -34.42 77.76
CA PHE E 967 23.03 -33.61 78.61
C PHE E 967 23.99 -32.63 79.25
N PRO E 968 23.49 -31.60 79.85
CA PRO E 968 24.40 -30.69 80.55
C PRO E 968 25.23 -31.47 81.55
N GLU E 969 26.45 -31.00 81.85
CA GLU E 969 27.25 -31.63 82.92
C GLU E 969 26.56 -31.45 84.26
N LEU E 970 26.26 -32.57 84.91
CA LEU E 970 25.62 -32.54 86.21
C LEU E 970 26.72 -32.18 87.21
N PRO E 971 26.49 -31.13 88.02
CA PRO E 971 27.52 -30.63 88.93
C PRO E 971 27.96 -31.71 89.92
N ASP E 972 29.15 -31.57 90.51
CA ASP E 972 29.55 -32.50 91.55
C ASP E 972 28.87 -32.11 92.85
N TRP E 973 28.25 -33.09 93.50
CA TRP E 973 27.53 -32.83 94.73
C TRP E 973 28.44 -32.13 95.72
N ASP E 974 29.61 -32.72 95.94
CA ASP E 974 30.54 -32.24 96.95
C ASP E 974 31.15 -30.90 96.58
N LYS E 975 31.92 -30.88 95.49
CA LYS E 975 32.69 -29.70 95.11
C LYS E 975 31.80 -28.50 94.82
N ASP E 976 30.64 -28.75 94.21
CA ASP E 976 29.84 -27.68 93.64
C ASP E 976 28.54 -27.35 94.36
N ILE E 977 27.81 -28.38 94.78
CA ILE E 977 26.46 -28.18 95.32
C ILE E 977 26.43 -28.12 96.85
N LYS E 978 27.08 -29.11 97.46
CA LYS E 978 27.23 -29.21 98.90
C LYS E 978 27.42 -27.82 99.53
N PRO E 979 28.42 -27.06 99.06
CA PRO E 979 28.75 -25.76 99.66
C PRO E 979 27.59 -24.78 99.78
N LEU E 980 26.45 -25.05 99.16
CA LEU E 980 25.34 -24.12 99.26
C LEU E 980 24.12 -24.78 99.90
N ASN E 981 24.12 -26.12 99.89
CA ASN E 981 23.00 -26.91 100.41
C ASN E 981 22.47 -26.38 101.73
N ASP E 982 23.37 -25.83 102.53
CA ASP E 982 23.01 -25.39 103.87
C ASP E 982 21.88 -24.38 103.91
N GLN E 983 22.05 -23.29 103.16
CA GLN E 983 21.06 -22.24 103.13
C GLN E 983 19.85 -22.56 102.24
N LEU E 984 20.10 -23.30 101.16
CA LEU E 984 19.14 -23.47 100.07
C LEU E 984 18.29 -24.73 100.14
N ARG E 985 18.46 -25.52 101.19
CA ARG E 985 17.73 -26.77 101.29
C ARG E 985 16.27 -26.45 101.54
N GLY E 986 15.39 -27.05 100.74
CA GLY E 986 13.96 -26.87 100.86
C GLY E 986 13.50 -25.43 100.99
N MET E 987 14.30 -24.50 100.48
CA MET E 987 14.00 -23.07 100.60
C MET E 987 13.20 -22.55 99.39
N VAL E 988 12.74 -23.50 98.59
CA VAL E 988 12.13 -23.21 97.31
C VAL E 988 11.12 -24.30 96.92
N ASN E 989 9.89 -23.87 96.59
CA ASN E 989 8.84 -24.79 96.16
C ASN E 989 9.08 -25.26 94.73
N LEU E 990 9.46 -26.52 94.56
CA LEU E 990 9.87 -27.02 93.24
C LEU E 990 8.75 -27.07 92.19
N ASP E 991 7.51 -26.86 92.63
CA ASP E 991 6.38 -26.84 91.70
C ASP E 991 6.03 -25.43 91.25
N LYS E 992 6.75 -24.43 91.78
CA LYS E 992 6.65 -23.07 91.29
C LYS E 992 8.03 -22.54 90.90
N VAL E 993 8.89 -23.46 90.48
CA VAL E 993 10.18 -23.12 89.90
C VAL E 993 10.17 -23.57 88.46
N VAL E 994 10.46 -22.63 87.56
CA VAL E 994 10.44 -22.94 86.14
C VAL E 994 11.83 -23.21 85.59
N VAL E 995 11.95 -24.27 84.80
CA VAL E 995 13.25 -24.77 84.41
C VAL E 995 13.34 -25.15 82.93
N VAL E 996 14.44 -24.79 82.29
CA VAL E 996 14.64 -25.15 80.89
C VAL E 996 15.33 -26.50 80.72
N THR E 997 14.60 -27.47 80.19
CA THR E 997 15.14 -28.80 80.00
C THR E 997 15.51 -29.12 78.55
N GLY E 998 14.92 -28.36 77.63
CA GLY E 998 15.10 -28.59 76.20
C GLY E 998 15.65 -27.38 75.46
N LEU E 999 16.40 -27.65 74.41
CA LEU E 999 17.14 -26.61 73.70
C LEU E 999 17.31 -27.03 72.26
N ALA E 1000 17.02 -26.12 71.32
CA ALA E 1000 17.32 -26.41 69.92
C ALA E 1000 17.08 -25.17 69.11
N GLU E 1001 17.63 -25.17 67.90
CA GLU E 1001 17.41 -24.08 66.97
C GLU E 1001 17.75 -24.54 65.57
N ILE E 1002 17.23 -23.80 64.58
CA ILE E 1002 17.70 -23.90 63.21
C ILE E 1002 17.93 -22.47 62.73
N GLY E 1003 19.18 -22.21 62.33
CA GLY E 1003 19.57 -20.90 61.88
C GLY E 1003 20.66 -21.01 60.84
N PRO E 1004 21.22 -19.86 60.47
CA PRO E 1004 22.23 -19.71 59.43
C PRO E 1004 23.45 -20.55 59.70
N TRP E 1005 23.59 -20.97 60.95
CA TRP E 1005 24.78 -21.70 61.35
C TRP E 1005 24.50 -23.16 61.65
N GLY E 1006 23.23 -23.52 61.57
CA GLY E 1006 22.82 -24.89 61.81
C GLY E 1006 22.03 -24.95 63.11
N ASN E 1007 21.97 -26.15 63.68
CA ASN E 1007 21.28 -26.37 64.96
C ASN E 1007 22.07 -25.80 66.13
N ALA E 1008 21.49 -25.82 67.32
CA ALA E 1008 22.13 -25.16 68.46
C ALA E 1008 23.55 -25.69 68.69
N ARG E 1009 23.79 -26.93 68.33
CA ARG E 1009 25.10 -27.54 68.51
C ARG E 1009 26.16 -26.91 67.63
N THR E 1010 25.95 -26.97 66.31
CA THR E 1010 26.87 -26.40 65.33
C THR E 1010 27.02 -24.89 65.51
N ARG E 1011 25.92 -24.23 65.85
CA ARG E 1011 25.90 -22.78 66.08
C ARG E 1011 26.81 -22.41 67.23
N TRP E 1012 26.77 -23.22 68.30
CA TRP E 1012 27.59 -22.98 69.47
C TRP E 1012 29.05 -23.16 69.11
N GLU E 1013 29.40 -24.29 68.50
CA GLU E 1013 30.77 -24.51 68.06
C GLU E 1013 31.33 -23.26 67.41
N MET E 1014 30.56 -22.70 66.48
CA MET E 1014 31.00 -21.51 65.78
C MET E 1014 31.09 -20.31 66.72
N GLU E 1015 30.06 -20.10 67.52
CA GLU E 1015 29.97 -18.92 68.38
C GLU E 1015 31.04 -18.88 69.42
N ALA E 1016 31.51 -20.06 69.81
CA ALA E 1016 32.44 -20.19 70.91
C ALA E 1016 33.88 -20.45 70.45
N TYR E 1017 34.09 -21.49 69.66
CA TYR E 1017 35.44 -21.85 69.24
C TYR E 1017 35.87 -21.18 67.94
N GLY E 1018 34.92 -20.82 67.10
CA GLY E 1018 35.24 -20.08 65.89
C GLY E 1018 35.51 -20.95 64.68
N LYS E 1019 35.36 -22.25 64.85
CA LYS E 1019 35.46 -23.20 63.74
C LYS E 1019 34.80 -24.52 64.13
N PHE E 1020 34.58 -25.38 63.14
CA PHE E 1020 33.91 -26.65 63.41
C PHE E 1020 34.92 -27.70 63.80
N SER E 1021 34.48 -28.61 64.66
CA SER E 1021 35.22 -29.82 64.93
C SER E 1021 34.81 -30.82 63.86
N LEU E 1022 35.54 -31.93 63.73
CA LEU E 1022 35.15 -32.97 62.79
C LEU E 1022 33.72 -33.40 63.05
N GLU E 1023 33.36 -33.43 64.33
CA GLU E 1023 32.00 -33.77 64.78
C GLU E 1023 31.01 -32.76 64.26
N GLY E 1024 31.37 -31.49 64.38
CA GLY E 1024 30.61 -30.42 63.78
C GLY E 1024 30.47 -30.54 62.28
N CYS E 1025 31.59 -30.66 61.57
CA CYS E 1025 31.61 -30.82 60.12
C CYS E 1025 30.69 -31.95 59.68
N VAL E 1026 30.79 -33.10 60.33
CA VAL E 1026 29.93 -34.21 59.97
C VAL E 1026 28.44 -33.88 60.15
N GLU E 1027 28.07 -33.22 61.25
CA GLU E 1027 26.69 -32.78 61.40
C GLU E 1027 26.25 -31.82 60.27
N MET E 1028 27.04 -30.77 60.04
CA MET E 1028 26.77 -29.82 58.93
C MET E 1028 26.68 -30.61 57.63
N ALA E 1029 27.72 -31.37 57.33
CA ALA E 1029 27.76 -32.14 56.11
C ALA E 1029 26.52 -32.99 55.96
N TRP E 1030 25.98 -33.46 57.08
CA TRP E 1030 24.80 -34.31 57.03
C TRP E 1030 23.57 -33.50 56.67
N MET E 1031 23.36 -32.38 57.39
CA MET E 1031 22.13 -31.59 57.25
C MET E 1031 22.11 -30.79 55.96
N MET E 1032 23.29 -30.49 55.45
CA MET E 1032 23.40 -29.74 54.21
C MET E 1032 23.21 -30.69 53.03
N GLY E 1033 23.25 -31.97 53.32
CA GLY E 1033 22.98 -32.99 52.32
C GLY E 1033 24.19 -33.40 51.50
N LEU E 1034 25.37 -33.24 52.06
CA LEU E 1034 26.62 -33.57 51.34
C LEU E 1034 27.02 -35.04 51.50
N ILE E 1035 26.55 -35.65 52.58
CA ILE E 1035 26.86 -37.05 52.87
C ILE E 1035 25.62 -37.71 53.46
N LYS E 1036 25.48 -38.99 53.16
CA LYS E 1036 24.37 -39.75 53.71
C LYS E 1036 24.81 -41.16 54.01
N ASN E 1037 24.13 -41.79 54.98
CA ASN E 1037 24.49 -43.13 55.42
C ASN E 1037 24.14 -44.16 54.38
N HIS E 1038 24.96 -45.19 54.26
CA HIS E 1038 24.69 -46.29 53.37
C HIS E 1038 24.96 -47.62 54.05
N ASN E 1039 24.13 -48.61 53.80
CA ASN E 1039 24.28 -49.92 54.43
C ASN E 1039 23.90 -51.05 53.49
N GLY E 1040 24.69 -51.23 52.43
CA GLY E 1040 24.45 -52.25 51.46
C GLY E 1040 25.65 -52.39 50.57
N PRO E 1041 25.51 -53.15 49.48
CA PRO E 1041 26.61 -53.34 48.53
C PRO E 1041 26.93 -52.05 47.77
N LEU E 1042 28.18 -51.63 47.81
CA LEU E 1042 28.66 -50.54 46.97
C LEU E 1042 29.63 -51.06 45.93
N LYS E 1043 29.20 -51.15 44.68
CA LYS E 1043 30.05 -51.71 43.65
C LYS E 1043 30.39 -53.14 44.02
N GLY E 1044 29.37 -53.95 44.29
CA GLY E 1044 29.56 -55.36 44.58
C GLY E 1044 29.91 -55.68 46.02
N LYS E 1045 31.00 -55.11 46.52
CA LYS E 1045 31.45 -55.35 47.88
C LYS E 1045 30.55 -54.60 48.85
N PRO E 1046 30.25 -55.20 50.01
CA PRO E 1046 29.35 -54.57 50.97
C PRO E 1046 30.00 -53.36 51.62
N TYR E 1047 29.19 -52.50 52.24
CA TYR E 1047 29.71 -51.33 52.91
C TYR E 1047 28.66 -50.67 53.79
N SER E 1048 29.11 -50.02 54.87
CA SER E 1048 28.21 -49.26 55.72
C SER E 1048 28.91 -48.00 56.20
N GLY E 1049 28.14 -46.91 56.24
CA GLY E 1049 28.67 -45.65 56.74
C GLY E 1049 28.45 -44.49 55.80
N TRP E 1050 29.32 -43.48 55.93
CA TRP E 1050 29.18 -42.23 55.20
C TRP E 1050 29.48 -42.39 53.71
N VAL E 1051 28.64 -41.76 52.91
CA VAL E 1051 28.79 -41.78 51.47
C VAL E 1051 28.58 -40.36 50.97
N ASP E 1052 29.39 -39.94 50.00
CA ASP E 1052 29.20 -38.66 49.34
C ASP E 1052 27.81 -38.67 48.69
N ALA E 1053 26.95 -37.71 49.06
CA ALA E 1053 25.59 -37.68 48.55
C ALA E 1053 25.55 -37.56 47.01
N LYS E 1054 26.44 -36.75 46.49
CA LYS E 1054 26.49 -36.51 45.05
C LYS E 1054 26.98 -37.76 44.32
N THR E 1055 28.22 -38.18 44.58
CA THR E 1055 28.68 -39.43 44.00
C THR E 1055 28.42 -40.57 44.97
N GLY E 1056 27.94 -41.71 44.46
CA GLY E 1056 27.70 -42.87 45.30
C GLY E 1056 28.88 -43.29 46.17
N GLU E 1057 30.06 -42.74 45.86
CA GLU E 1057 31.31 -43.07 46.56
C GLU E 1057 31.23 -42.94 48.09
N PRO E 1058 32.04 -43.75 48.79
CA PRO E 1058 32.12 -43.68 50.24
C PRO E 1058 33.05 -42.56 50.67
N VAL E 1059 32.84 -42.08 51.89
CA VAL E 1059 33.68 -41.04 52.47
C VAL E 1059 34.14 -41.40 53.90
N ASP E 1060 35.42 -41.14 54.18
CA ASP E 1060 35.99 -41.40 55.50
C ASP E 1060 35.89 -40.18 56.41
N ASP E 1061 35.57 -40.40 57.68
CA ASP E 1061 35.42 -39.30 58.64
C ASP E 1061 36.62 -38.35 58.54
N LYS E 1062 37.82 -38.92 58.43
CA LYS E 1062 39.02 -38.09 58.41
C LYS E 1062 39.03 -37.11 57.23
N ASP E 1063 38.40 -37.53 56.14
CA ASP E 1063 38.37 -36.73 54.91
C ASP E 1063 37.30 -35.65 54.93
N VAL E 1064 36.17 -35.91 55.58
CA VAL E 1064 35.06 -34.95 55.66
C VAL E 1064 35.55 -33.52 55.69
N LYS E 1065 36.37 -33.20 56.68
CA LYS E 1065 36.86 -31.84 56.84
C LYS E 1065 37.49 -31.26 55.56
N ALA E 1066 38.31 -32.06 54.89
CA ALA E 1066 38.97 -31.59 53.68
C ALA E 1066 37.99 -31.40 52.52
N LYS E 1067 37.21 -32.44 52.25
CA LYS E 1067 36.25 -32.43 51.14
C LYS E 1067 35.20 -31.35 51.27
N TYR E 1068 34.69 -31.12 52.47
CA TYR E 1068 33.48 -30.32 52.62
C TYR E 1068 33.63 -29.00 53.39
N GLU E 1069 34.66 -28.88 54.21
CA GLU E 1069 34.68 -27.72 55.11
C GLU E 1069 34.55 -26.45 54.31
N LYS E 1070 35.37 -26.33 53.27
CA LYS E 1070 35.43 -25.11 52.48
C LYS E 1070 34.05 -24.69 52.05
N TYR E 1071 33.36 -25.66 51.43
CA TYR E 1071 31.99 -25.46 50.99
C TYR E 1071 31.10 -25.07 52.17
N ILE E 1072 31.07 -25.92 53.19
CA ILE E 1072 30.17 -25.75 54.31
C ILE E 1072 30.18 -24.33 54.84
N LEU E 1073 31.38 -23.77 54.97
CA LEU E 1073 31.56 -22.41 55.50
C LEU E 1073 31.06 -21.34 54.54
N GLU E 1074 31.33 -21.60 53.27
CA GLU E 1074 30.95 -20.69 52.20
C GLU E 1074 29.44 -20.64 52.01
N HIS E 1075 28.77 -21.78 52.20
CA HIS E 1075 27.33 -21.82 52.00
C HIS E 1075 26.56 -21.87 53.29
N SER E 1076 27.18 -21.40 54.38
CA SER E 1076 26.42 -21.02 55.56
C SER E 1076 26.89 -19.75 56.23
N GLY E 1077 26.03 -19.28 57.14
CA GLY E 1077 26.26 -18.03 57.83
C GLY E 1077 25.57 -16.85 57.15
N ILE E 1078 26.00 -15.64 57.50
CA ILE E 1078 25.55 -14.45 56.79
C ILE E 1078 26.25 -14.48 55.43
N ARG E 1079 25.47 -14.56 54.35
CA ARG E 1079 26.04 -14.62 53.01
C ARG E 1079 25.18 -13.95 51.97
N LEU E 1080 25.71 -13.90 50.74
CA LEU E 1080 24.98 -13.36 49.60
C LEU E 1080 23.73 -14.15 49.35
N ILE E 1081 22.60 -13.45 49.18
CA ILE E 1081 21.31 -14.12 49.05
C ILE E 1081 21.35 -15.11 47.90
N GLU E 1082 20.91 -16.34 48.19
CA GLU E 1082 20.92 -17.40 47.20
C GLU E 1082 19.49 -17.63 46.80
N PRO E 1083 19.16 -17.26 45.56
CA PRO E 1083 17.79 -17.21 45.04
C PRO E 1083 17.12 -18.59 45.09
N GLU E 1084 17.88 -19.66 44.86
CA GLU E 1084 17.32 -21.01 44.90
C GLU E 1084 16.63 -21.22 46.25
N LEU E 1085 17.22 -20.68 47.31
CA LEU E 1085 16.68 -20.78 48.66
C LEU E 1085 15.44 -19.91 48.88
N PHE E 1086 15.04 -19.19 47.84
CA PHE E 1086 13.93 -18.25 47.94
C PHE E 1086 13.14 -18.21 46.65
N GLY E 1087 13.01 -19.38 46.02
CA GLY E 1087 12.25 -19.51 44.79
C GLY E 1087 12.57 -18.45 43.75
N GLY E 1088 13.85 -18.14 43.63
CA GLY E 1088 14.31 -17.23 42.58
C GLY E 1088 14.49 -15.77 42.95
N TYR E 1089 14.16 -15.39 44.18
CA TYR E 1089 14.36 -14.00 44.57
C TYR E 1089 15.79 -13.62 44.26
N ASP E 1090 15.96 -12.47 43.66
CA ASP E 1090 17.29 -11.94 43.40
C ASP E 1090 17.17 -10.44 43.52
N PRO E 1091 17.75 -9.88 44.59
CA PRO E 1091 17.63 -8.47 44.95
C PRO E 1091 18.15 -7.61 43.82
N ASN E 1092 18.90 -8.23 42.91
CA ASN E 1092 19.51 -7.49 41.82
C ASN E 1092 18.52 -7.25 40.68
N ARG E 1093 17.38 -7.92 40.77
CA ARG E 1093 16.24 -7.68 39.89
C ARG E 1093 14.94 -7.82 40.67
N LYS E 1094 14.61 -6.79 41.44
CA LYS E 1094 13.40 -6.78 42.24
C LYS E 1094 12.25 -6.49 41.29
N GLN E 1095 11.47 -7.51 40.98
CA GLN E 1095 10.36 -7.34 40.05
C GLN E 1095 9.22 -6.46 40.59
N LEU E 1096 8.87 -5.44 39.81
CA LEU E 1096 7.68 -4.63 40.04
C LEU E 1096 6.76 -4.69 38.83
N LEU E 1097 5.63 -4.02 38.94
CA LEU E 1097 4.69 -3.91 37.84
C LEU E 1097 4.36 -2.45 37.66
N GLN E 1098 4.33 -1.98 36.41
CA GLN E 1098 3.88 -0.62 36.17
C GLN E 1098 2.63 -0.61 35.31
N GLU E 1099 1.63 0.16 35.76
CA GLU E 1099 0.40 0.33 35.02
C GLU E 1099 0.73 1.14 33.78
N VAL E 1100 0.38 0.61 32.61
CA VAL E 1100 0.48 1.35 31.36
C VAL E 1100 -0.91 1.50 30.79
N VAL E 1101 -1.18 2.63 30.18
CA VAL E 1101 -2.40 2.75 29.40
C VAL E 1101 -2.04 2.59 27.92
N ILE E 1102 -2.50 1.49 27.33
CA ILE E 1102 -2.27 1.21 25.93
C ILE E 1102 -2.77 2.43 25.18
N GLU E 1103 -2.02 2.87 24.18
CA GLU E 1103 -2.52 3.93 23.30
C GLU E 1103 -2.73 3.42 21.87
N GLN E 1104 -3.41 2.29 21.77
CA GLN E 1104 -3.64 1.60 20.51
C GLN E 1104 -4.51 0.42 20.85
N ASP E 1105 -5.06 -0.23 19.82
CA ASP E 1105 -5.62 -1.56 20.03
C ASP E 1105 -4.40 -2.47 20.01
N LEU E 1106 -4.42 -3.56 20.74
CA LEU E 1106 -3.35 -4.52 20.54
C LEU E 1106 -4.02 -5.79 20.07
N GLU E 1107 -3.25 -6.64 19.38
CA GLU E 1107 -3.85 -7.75 18.66
C GLU E 1107 -4.57 -8.73 19.58
N PRO E 1108 -5.58 -9.41 19.02
CA PRO E 1108 -6.46 -10.41 19.62
C PRO E 1108 -5.73 -11.65 20.06
N PHE E 1109 -6.11 -12.20 21.21
CA PHE E 1109 -5.68 -13.54 21.60
C PHE E 1109 -6.91 -14.40 21.83
N GLU E 1110 -6.77 -15.72 21.71
CA GLU E 1110 -7.88 -16.61 22.00
C GLU E 1110 -7.98 -16.84 23.51
N ALA E 1111 -9.17 -17.26 23.96
CA ALA E 1111 -9.46 -17.43 25.37
C ALA E 1111 -10.71 -18.28 25.52
N SER E 1112 -10.89 -18.87 26.69
CA SER E 1112 -12.11 -19.63 26.96
C SER E 1112 -13.27 -18.66 27.00
N LYS E 1113 -14.48 -19.13 26.74
CA LYS E 1113 -15.61 -18.24 26.83
C LYS E 1113 -15.62 -17.57 28.20
N GLU E 1114 -15.36 -18.36 29.24
CA GLU E 1114 -15.34 -17.84 30.61
C GLU E 1114 -14.31 -16.73 30.81
N GLN E 1115 -13.08 -16.96 30.35
CA GLN E 1115 -12.02 -15.96 30.48
C GLN E 1115 -12.35 -14.68 29.74
N ALA E 1116 -12.81 -14.84 28.51
CA ALA E 1116 -13.23 -13.70 27.72
C ALA E 1116 -14.17 -12.83 28.52
N GLU E 1117 -15.22 -13.43 29.05
CA GLU E 1117 -16.18 -12.69 29.85
C GLU E 1117 -15.50 -11.97 30.99
N GLU E 1118 -14.67 -12.71 31.75
CA GLU E 1118 -13.89 -12.11 32.82
C GLU E 1118 -13.21 -10.81 32.35
N PHE E 1119 -12.46 -10.89 31.25
CA PHE E 1119 -11.79 -9.74 30.65
C PHE E 1119 -12.74 -8.59 30.31
N LYS E 1120 -13.83 -8.92 29.64
CA LYS E 1120 -14.81 -7.95 29.23
C LYS E 1120 -15.44 -7.31 30.46
N ARG E 1121 -15.55 -8.08 31.55
CA ARG E 1121 -16.18 -7.59 32.76
C ARG E 1121 -15.35 -6.46 33.29
N GLU E 1122 -14.05 -6.69 33.31
CA GLU E 1122 -13.11 -5.73 33.91
C GLU E 1122 -12.93 -4.50 33.05
N HIS E 1123 -12.89 -4.70 31.73
CA HIS E 1123 -12.50 -3.64 30.80
C HIS E 1123 -13.64 -2.90 30.09
N GLY E 1124 -14.73 -3.60 29.79
CA GLY E 1124 -15.91 -2.98 29.21
C GLY E 1124 -15.65 -2.29 27.88
N ASP E 1125 -15.81 -0.96 27.87
CA ASP E 1125 -15.60 -0.16 26.66
C ASP E 1125 -14.34 -0.61 25.94
N LYS E 1126 -13.33 -0.93 26.73
CA LYS E 1126 -11.99 -1.10 26.23
C LYS E 1126 -11.62 -2.53 25.92
N VAL E 1127 -12.61 -3.38 25.74
CA VAL E 1127 -12.33 -4.71 25.21
C VAL E 1127 -13.44 -5.25 24.34
N GLU E 1128 -13.06 -5.96 23.29
CA GLU E 1128 -14.00 -6.64 22.42
C GLU E 1128 -13.77 -8.15 22.52
N ILE E 1129 -14.83 -8.89 22.78
CA ILE E 1129 -14.73 -10.33 22.64
C ILE E 1129 -15.86 -10.88 21.79
N PHE E 1130 -15.52 -11.85 20.96
CA PHE E 1130 -16.48 -12.46 20.05
C PHE E 1130 -16.25 -13.95 20.02
N GLU E 1131 -17.32 -14.71 19.80
CA GLU E 1131 -17.19 -16.16 19.64
C GLU E 1131 -16.35 -16.54 18.43
N ILE E 1132 -15.72 -17.70 18.49
CA ILE E 1132 -15.24 -18.33 17.29
C ILE E 1132 -16.32 -19.34 16.96
N PRO E 1133 -17.13 -19.05 15.92
CA PRO E 1133 -18.34 -19.85 15.69
C PRO E 1133 -18.00 -21.32 15.58
N GLU E 1134 -16.74 -21.59 15.27
CA GLU E 1134 -16.27 -22.92 14.93
C GLU E 1134 -15.83 -23.76 16.13
N THR E 1135 -15.23 -23.13 17.13
CA THR E 1135 -14.74 -23.88 18.29
C THR E 1135 -15.21 -23.37 19.65
N GLY E 1136 -16.24 -22.54 19.65
CA GLY E 1136 -16.81 -22.03 20.89
C GLY E 1136 -15.81 -21.23 21.72
N GLN E 1137 -14.64 -20.99 21.12
CA GLN E 1137 -13.64 -20.17 21.77
C GLN E 1137 -14.00 -18.71 21.60
N TYR E 1138 -13.16 -17.83 22.10
CA TYR E 1138 -13.39 -16.40 21.98
C TYR E 1138 -12.11 -15.69 21.60
N THR E 1139 -12.26 -14.40 21.37
CA THR E 1139 -11.15 -13.59 20.93
C THR E 1139 -11.16 -12.32 21.78
N VAL E 1140 -10.00 -11.98 22.33
CA VAL E 1140 -9.92 -10.81 23.18
C VAL E 1140 -8.99 -9.81 22.54
N ARG E 1141 -9.55 -8.63 22.28
CA ARG E 1141 -8.77 -7.53 21.81
C ARG E 1141 -8.96 -6.38 22.78
N LEU E 1142 -7.85 -5.90 23.36
CA LEU E 1142 -7.94 -4.73 24.20
C LEU E 1142 -7.84 -3.53 23.32
N ARG E 1143 -8.66 -2.53 23.61
CA ARG E 1143 -8.68 -1.33 22.80
C ARG E 1143 -7.85 -0.20 23.43
N LYS E 1144 -7.65 0.86 22.66
CA LYS E 1144 -6.92 2.02 23.15
C LYS E 1144 -7.66 2.57 24.36
N GLY E 1145 -6.90 2.83 25.42
CA GLY E 1145 -7.48 3.33 26.66
C GLY E 1145 -7.43 2.24 27.70
N ALA E 1146 -7.28 1.00 27.24
CA ALA E 1146 -7.21 -0.16 28.12
C ALA E 1146 -6.04 0.00 29.05
N THR E 1147 -6.05 -0.70 30.18
CA THR E 1147 -4.96 -0.59 31.11
C THR E 1147 -4.22 -1.91 31.26
N LEU E 1148 -2.91 -1.86 31.17
CA LEU E 1148 -2.06 -3.04 31.20
C LEU E 1148 -1.08 -2.99 32.35
N LEU E 1149 -0.44 -4.11 32.61
CA LEU E 1149 0.59 -4.15 33.63
C LEU E 1149 1.88 -4.73 33.08
N ILE E 1150 2.91 -3.90 33.03
CA ILE E 1150 4.19 -4.37 32.54
C ILE E 1150 5.18 -4.48 33.65
N PRO E 1151 5.80 -5.65 33.75
CA PRO E 1151 6.93 -5.97 34.64
C PRO E 1151 8.12 -5.09 34.44
N LYS E 1152 8.79 -4.73 35.53
CA LYS E 1152 10.08 -4.07 35.48
C LYS E 1152 10.90 -4.60 36.63
N ALA E 1153 12.18 -4.25 36.66
CA ALA E 1153 13.08 -4.77 37.69
C ALA E 1153 13.95 -3.67 38.31
N LEU E 1154 14.38 -3.91 39.56
CA LEU E 1154 15.12 -2.92 40.33
C LEU E 1154 16.43 -3.49 40.84
N GLN E 1155 17.38 -2.61 41.13
CA GLN E 1155 18.57 -3.10 41.82
C GLN E 1155 18.57 -2.76 43.30
N PHE E 1156 18.18 -3.75 44.09
CA PHE E 1156 17.96 -3.60 45.51
C PHE E 1156 19.29 -3.72 46.24
N ASP E 1157 19.37 -3.06 47.39
CA ASP E 1157 20.65 -2.84 48.06
C ASP E 1157 20.94 -3.96 49.05
N ARG E 1158 19.92 -4.67 49.49
CA ARG E 1158 20.11 -5.71 50.49
C ARG E 1158 20.47 -7.03 49.80
N LEU E 1159 21.73 -7.17 49.42
CA LEU E 1159 22.22 -8.34 48.70
C LEU E 1159 22.61 -9.46 49.63
N VAL E 1160 22.75 -9.12 50.91
CA VAL E 1160 23.20 -10.09 51.89
C VAL E 1160 22.15 -10.31 52.96
N ALA E 1161 21.98 -11.57 53.36
CA ALA E 1161 21.09 -11.98 54.46
C ALA E 1161 21.63 -13.26 55.09
N GLY E 1162 21.39 -13.43 56.40
CA GLY E 1162 21.80 -14.64 57.10
C GLY E 1162 20.79 -15.75 56.88
N GLN E 1163 21.21 -16.82 56.20
CA GLN E 1163 20.27 -17.82 55.72
C GLN E 1163 20.66 -19.23 56.14
N ILE E 1164 19.65 -20.02 56.50
CA ILE E 1164 19.87 -21.44 56.80
C ILE E 1164 20.81 -22.06 55.78
N PRO E 1165 21.76 -22.90 56.24
CA PRO E 1165 22.75 -23.54 55.37
C PRO E 1165 22.18 -24.08 54.07
N THR E 1166 22.88 -23.77 53.00
CA THR E 1166 22.51 -24.18 51.65
C THR E 1166 22.47 -25.70 51.51
N GLY E 1167 21.29 -26.24 51.75
CA GLY E 1167 21.08 -27.67 51.61
C GLY E 1167 20.13 -28.22 52.65
N TRP E 1168 19.85 -27.44 53.68
CA TRP E 1168 19.03 -27.94 54.76
C TRP E 1168 17.66 -28.32 54.25
N ASP E 1169 17.17 -29.47 54.67
CA ASP E 1169 15.79 -29.84 54.36
C ASP E 1169 15.10 -30.58 55.50
N ALA E 1170 13.89 -30.14 55.82
CA ALA E 1170 13.10 -30.79 56.87
C ALA E 1170 12.83 -32.27 56.55
N ARG E 1171 13.22 -32.72 55.36
CA ARG E 1171 13.01 -34.10 54.98
C ARG E 1171 14.15 -34.98 55.47
N ARG E 1172 15.32 -34.41 55.63
CA ARG E 1172 16.44 -35.15 56.18
C ARG E 1172 16.10 -35.58 57.60
N TYR E 1173 15.32 -34.74 58.26
CA TYR E 1173 14.92 -35.00 59.64
C TYR E 1173 13.78 -36.02 59.75
N GLY E 1174 12.96 -36.12 58.72
CA GLY E 1174 11.91 -37.13 58.69
C GLY E 1174 10.51 -36.58 58.64
N VAL E 1175 10.36 -35.28 58.48
CA VAL E 1175 9.04 -34.71 58.28
C VAL E 1175 8.48 -35.35 57.01
N PRO E 1176 7.20 -35.76 57.07
CA PRO E 1176 6.50 -36.46 55.99
C PRO E 1176 6.34 -35.58 54.77
N GLU E 1177 6.50 -36.17 53.59
CA GLU E 1177 6.40 -35.42 52.35
C GLU E 1177 5.09 -34.62 52.24
N ASP E 1178 3.97 -35.26 52.53
CA ASP E 1178 2.67 -34.59 52.45
C ASP E 1178 2.61 -33.34 53.32
N ILE E 1179 3.27 -33.37 54.48
CA ILE E 1179 3.28 -32.23 55.39
C ILE E 1179 4.24 -31.16 54.86
N ILE E 1180 5.30 -31.63 54.20
CA ILE E 1180 6.24 -30.76 53.52
C ILE E 1180 5.48 -29.90 52.52
N GLN E 1181 4.65 -30.57 51.72
CA GLN E 1181 3.91 -29.92 50.65
C GLN E 1181 2.83 -28.97 51.15
N GLN E 1182 2.31 -29.25 52.34
CA GLN E 1182 1.13 -28.57 52.85
C GLN E 1182 1.41 -27.26 53.60
N VAL E 1183 2.56 -27.18 54.24
CA VAL E 1183 2.79 -26.07 55.18
C VAL E 1183 3.85 -25.08 54.73
N ASP E 1184 3.80 -23.88 55.35
CA ASP E 1184 4.80 -22.84 55.15
C ASP E 1184 6.15 -23.32 55.67
N PRO E 1185 7.24 -22.98 54.96
CA PRO E 1185 8.61 -23.33 55.37
C PRO E 1185 8.85 -23.03 56.84
N VAL E 1186 8.35 -21.88 57.29
CA VAL E 1186 8.43 -21.50 58.69
C VAL E 1186 8.02 -22.66 59.55
N THR E 1187 6.83 -23.19 59.30
CA THR E 1187 6.37 -24.30 60.11
C THR E 1187 7.37 -25.45 60.08
N LEU E 1188 7.99 -25.69 58.93
CA LEU E 1188 8.99 -26.74 58.81
C LEU E 1188 10.18 -26.55 59.76
N TYR E 1189 10.63 -25.31 59.89
CA TYR E 1189 11.69 -25.00 60.83
C TYR E 1189 11.18 -25.35 62.23
N VAL E 1190 9.99 -24.82 62.56
CA VAL E 1190 9.40 -25.00 63.88
C VAL E 1190 9.20 -26.46 64.20
N LEU E 1191 8.78 -27.23 63.20
CA LEU E 1191 8.57 -28.65 63.40
C LEU E 1191 9.88 -29.34 63.75
N VAL E 1192 10.85 -29.21 62.87
CA VAL E 1192 12.12 -29.85 63.11
C VAL E 1192 12.69 -29.35 64.45
N SER E 1193 12.56 -28.06 64.70
CA SER E 1193 13.07 -27.49 65.94
C SER E 1193 12.49 -28.24 67.16
N VAL E 1194 11.18 -28.13 67.34
CA VAL E 1194 10.52 -28.78 68.45
C VAL E 1194 10.92 -30.26 68.56
N ALA E 1195 11.30 -30.87 67.47
CA ALA E 1195 11.64 -32.29 67.52
C ALA E 1195 13.02 -32.50 68.11
N GLU E 1196 13.97 -31.70 67.68
CA GLU E 1196 15.31 -31.81 68.22
C GLU E 1196 15.34 -31.31 69.67
N ALA E 1197 14.44 -30.38 69.99
CA ALA E 1197 14.36 -29.79 71.32
C ALA E 1197 13.84 -30.80 72.35
N LEU E 1198 12.91 -31.63 71.91
CA LEU E 1198 12.40 -32.68 72.77
C LEU E 1198 13.48 -33.73 73.03
N LEU E 1199 14.36 -33.96 72.06
CA LEU E 1199 15.43 -34.95 72.25
C LEU E 1199 16.49 -34.40 73.19
N SER E 1200 16.83 -33.12 73.04
CA SER E 1200 17.82 -32.50 73.92
C SER E 1200 17.34 -32.54 75.37
N SER E 1201 16.06 -32.83 75.54
CA SER E 1201 15.46 -32.86 76.86
C SER E 1201 15.20 -34.31 77.25
N GLY E 1202 15.68 -35.24 76.42
CA GLY E 1202 15.60 -36.66 76.71
C GLY E 1202 14.26 -37.30 76.43
N ILE E 1203 13.32 -36.54 75.88
CA ILE E 1203 12.04 -37.08 75.45
C ILE E 1203 12.18 -37.64 74.03
N THR E 1204 11.92 -38.94 73.85
CA THR E 1204 11.92 -39.55 72.51
C THR E 1204 10.53 -39.47 71.88
N ASP E 1205 9.58 -40.10 72.56
CA ASP E 1205 8.17 -40.03 72.22
C ASP E 1205 7.55 -38.98 73.13
N PRO E 1206 6.91 -37.95 72.55
CA PRO E 1206 6.37 -36.89 73.42
C PRO E 1206 5.24 -37.42 74.31
N TYR E 1207 4.79 -38.64 74.02
CA TYR E 1207 3.74 -39.28 74.81
C TYR E 1207 4.21 -39.63 76.22
N GLU E 1208 5.52 -39.85 76.35
CA GLU E 1208 6.13 -40.06 77.65
C GLU E 1208 5.66 -39.04 78.68
N PHE E 1209 5.44 -37.80 78.23
CA PHE E 1209 4.87 -36.77 79.10
C PHE E 1209 3.59 -37.26 79.77
N TYR E 1210 2.89 -38.15 79.08
CA TYR E 1210 1.62 -38.62 79.60
C TYR E 1210 1.82 -39.89 80.39
N LYS E 1211 3.01 -40.02 80.98
CA LYS E 1211 3.24 -41.01 82.00
C LYS E 1211 3.17 -40.27 83.34
N TYR E 1212 3.66 -39.05 83.33
CA TYR E 1212 3.78 -38.27 84.57
C TYR E 1212 2.70 -37.20 84.67
N VAL E 1213 2.02 -36.96 83.56
CA VAL E 1213 1.16 -35.79 83.44
C VAL E 1213 -0.06 -35.98 82.53
N HIS E 1214 -1.12 -35.23 82.86
CA HIS E 1214 -2.37 -35.26 82.12
C HIS E 1214 -2.27 -34.50 80.81
N LEU E 1215 -3.01 -34.97 79.81
CA LEU E 1215 -3.10 -34.32 78.50
C LEU E 1215 -3.14 -32.80 78.60
N SER E 1216 -3.81 -32.30 79.64
CA SER E 1216 -4.05 -30.86 79.79
C SER E 1216 -2.92 -30.07 80.49
N GLU E 1217 -1.72 -30.63 80.51
CA GLU E 1217 -0.61 -29.97 81.19
C GLU E 1217 0.62 -29.81 80.34
N VAL E 1218 0.61 -30.36 79.13
CA VAL E 1218 1.60 -29.97 78.13
C VAL E 1218 1.05 -28.76 77.36
N GLY E 1219 1.73 -27.62 77.48
CA GLY E 1219 1.31 -26.38 76.86
C GLY E 1219 2.15 -25.99 75.64
N ASN E 1220 1.56 -25.12 74.81
CA ASN E 1220 2.23 -24.70 73.57
C ASN E 1220 2.16 -23.18 73.37
N CYS E 1221 3.30 -22.51 73.62
CA CYS E 1221 3.37 -21.05 73.53
C CYS E 1221 4.36 -20.48 72.49
N ILE E 1222 4.47 -21.12 71.33
CA ILE E 1222 5.45 -20.63 70.38
C ILE E 1222 4.83 -19.53 69.55
N GLY E 1223 5.61 -18.46 69.33
CA GLY E 1223 5.14 -17.27 68.63
C GLY E 1223 6.04 -16.79 67.50
N SER E 1224 5.76 -15.59 67.01
CA SER E 1224 6.56 -15.00 65.95
C SER E 1224 6.00 -13.62 65.59
N GLY E 1225 6.77 -12.89 64.78
CA GLY E 1225 6.47 -11.49 64.48
C GLY E 1225 5.36 -11.37 63.46
N VAL E 1226 5.52 -12.14 62.38
CA VAL E 1226 4.51 -12.36 61.35
C VAL E 1226 4.92 -13.63 60.61
N GLY E 1227 4.39 -14.77 61.02
CA GLY E 1227 4.88 -16.03 60.48
C GLY E 1227 3.94 -16.51 59.41
N GLY E 1228 4.44 -17.33 58.51
CA GLY E 1228 3.65 -17.80 57.39
C GLY E 1228 3.74 -16.80 56.25
N THR E 1229 4.92 -16.20 56.11
CA THR E 1229 5.14 -15.10 55.19
C THR E 1229 4.96 -15.54 53.76
N SER E 1230 5.24 -16.82 53.51
CA SER E 1230 5.07 -17.39 52.18
C SER E 1230 3.59 -17.50 51.83
N ALA E 1231 2.81 -18.07 52.76
CA ALA E 1231 1.37 -18.16 52.60
C ALA E 1231 0.75 -16.77 52.50
N LEU E 1232 1.31 -15.83 53.25
CA LEU E 1232 0.84 -14.46 53.19
C LEU E 1232 0.94 -13.90 51.79
N ARG E 1233 2.13 -14.05 51.20
CA ARG E 1233 2.38 -13.61 49.83
C ARG E 1233 1.44 -14.35 48.89
N GLY E 1234 1.34 -15.66 49.07
CA GLY E 1234 0.45 -16.47 48.25
C GLY E 1234 -0.98 -15.98 48.12
N MET E 1235 -1.49 -15.25 49.08
CA MET E 1235 -2.89 -14.89 49.06
C MET E 1235 -3.11 -13.41 48.74
N TYR E 1236 -2.09 -12.60 49.04
CA TYR E 1236 -2.16 -11.16 48.80
C TYR E 1236 -1.56 -10.81 47.44
N LYS E 1237 -0.73 -11.70 46.91
CA LYS E 1237 -0.08 -11.45 45.64
C LYS E 1237 -0.26 -12.59 44.66
N ASP E 1238 0.31 -13.75 44.97
CA ASP E 1238 0.25 -14.90 44.05
C ASP E 1238 -1.16 -15.26 43.55
N ARG E 1239 -2.18 -14.85 44.30
CA ARG E 1239 -3.56 -15.18 43.97
C ARG E 1239 -4.12 -14.15 42.97
N TYR E 1240 -3.83 -12.89 43.26
CA TYR E 1240 -4.12 -11.79 42.36
C TYR E 1240 -3.55 -12.06 40.99
N LEU E 1241 -2.38 -12.68 40.95
CA LEU E 1241 -1.67 -12.96 39.71
C LEU E 1241 -2.15 -14.23 39.06
N ASP E 1242 -3.09 -14.89 39.72
CA ASP E 1242 -3.70 -16.11 39.18
C ASP E 1242 -2.70 -17.25 39.04
N LYS E 1243 -1.63 -17.19 39.83
CA LYS E 1243 -0.70 -18.32 39.91
C LYS E 1243 -1.32 -19.48 40.71
N PRO E 1244 -0.94 -20.72 40.38
CA PRO E 1244 -1.52 -21.91 41.02
C PRO E 1244 -1.23 -21.90 42.53
N VAL E 1245 -2.28 -21.74 43.33
CA VAL E 1245 -2.09 -21.61 44.77
C VAL E 1245 -3.11 -22.42 45.57
N GLN E 1246 -2.67 -22.96 46.72
CA GLN E 1246 -3.49 -23.81 47.61
C GLN E 1246 -4.86 -23.18 47.89
N LYS E 1247 -5.82 -24.01 48.30
CA LYS E 1247 -7.13 -23.45 48.67
C LYS E 1247 -7.15 -22.97 50.12
N ASP E 1248 -6.27 -23.57 50.92
CA ASP E 1248 -6.26 -23.35 52.34
C ASP E 1248 -5.09 -22.48 52.79
N ILE E 1249 -4.48 -21.74 51.86
CA ILE E 1249 -3.28 -20.98 52.21
C ILE E 1249 -3.58 -20.09 53.39
N LEU E 1250 -4.82 -19.65 53.51
CA LEU E 1250 -5.21 -18.86 54.68
C LEU E 1250 -4.80 -19.53 56.02
N GLN E 1251 -5.05 -20.82 56.17
CA GLN E 1251 -4.59 -21.60 57.32
C GLN E 1251 -3.17 -21.26 57.69
N GLU E 1252 -2.24 -21.57 56.78
CA GLU E 1252 -0.81 -21.54 57.07
C GLU E 1252 -0.17 -20.15 57.23
N SER E 1253 -0.98 -19.10 57.25
CA SER E 1253 -0.48 -17.73 57.37
C SER E 1253 -0.65 -17.22 58.78
N PHE E 1254 -1.45 -17.95 59.58
CA PHE E 1254 -1.69 -17.60 61.00
C PHE E 1254 -0.50 -17.94 61.88
N VAL E 1255 -0.20 -17.03 62.79
CA VAL E 1255 1.00 -17.21 63.62
C VAL E 1255 0.91 -18.53 64.40
N ASN E 1256 -0.32 -18.87 64.79
CA ASN E 1256 -0.54 -20.03 65.67
C ASN E 1256 -0.77 -21.34 64.93
N THR E 1257 -0.65 -21.30 63.62
CA THR E 1257 -0.84 -22.52 62.86
C THR E 1257 0.42 -23.32 62.96
N MET E 1258 1.53 -22.62 63.15
CA MET E 1258 2.76 -23.31 63.42
C MET E 1258 2.54 -24.12 64.70
N ALA E 1259 2.21 -23.43 65.80
CA ALA E 1259 1.91 -24.10 67.07
C ALA E 1259 0.95 -25.28 66.87
N ALA E 1260 -0.13 -25.03 66.12
CA ALA E 1260 -1.12 -26.06 65.87
C ALA E 1260 -0.48 -27.31 65.25
N TRP E 1261 0.29 -27.15 64.18
CA TRP E 1261 0.91 -28.27 63.50
C TRP E 1261 1.80 -29.10 64.40
N VAL E 1262 2.44 -28.43 65.35
CA VAL E 1262 3.26 -29.09 66.37
C VAL E 1262 2.44 -30.03 67.22
N ASN E 1263 1.28 -29.54 67.65
CA ASN E 1263 0.34 -30.33 68.42
C ASN E 1263 -0.39 -31.41 67.58
N MET E 1264 -0.57 -31.17 66.29
CA MET E 1264 -1.27 -32.10 65.41
C MET E 1264 -0.36 -33.22 64.92
N LEU E 1265 0.93 -33.09 65.20
CA LEU E 1265 1.91 -34.02 64.70
C LEU E 1265 2.72 -34.73 65.78
N LEU E 1266 2.79 -34.13 66.97
CA LEU E 1266 3.62 -34.67 68.05
C LEU E 1266 2.91 -34.78 69.40
N LEU E 1267 2.72 -33.65 70.06
CA LEU E 1267 2.07 -33.60 71.35
C LEU E 1267 0.57 -33.57 71.17
N SER E 1268 -0.16 -34.66 71.42
CA SER E 1268 -1.63 -34.54 71.33
C SER E 1268 -2.31 -34.03 72.60
N SER E 1269 -1.77 -32.93 73.11
CA SER E 1269 -2.16 -32.39 74.40
C SER E 1269 -3.37 -31.48 74.35
N THR E 1270 -4.18 -31.52 75.40
CA THR E 1270 -5.27 -30.56 75.58
C THR E 1270 -4.79 -29.38 76.44
N GLY E 1271 -3.47 -29.16 76.43
CA GLY E 1271 -2.87 -28.09 77.19
C GLY E 1271 -3.27 -26.73 76.67
N PRO E 1272 -2.65 -25.67 77.20
CA PRO E 1272 -2.99 -24.31 76.75
C PRO E 1272 -2.23 -23.98 75.45
N ILE E 1273 -2.64 -22.90 74.78
CA ILE E 1273 -1.95 -22.42 73.60
C ILE E 1273 -2.06 -20.91 73.62
N LYS E 1274 -1.12 -20.27 74.29
CA LYS E 1274 -1.06 -18.82 74.25
C LYS E 1274 0.09 -18.52 73.32
N THR E 1275 -0.23 -17.99 72.13
CA THR E 1275 0.80 -17.73 71.13
C THR E 1275 0.93 -16.22 70.88
N PRO E 1276 2.18 -15.73 71.00
CA PRO E 1276 2.48 -14.29 71.13
C PRO E 1276 3.10 -13.65 69.87
N VAL E 1277 2.77 -12.38 69.67
CA VAL E 1277 3.38 -11.58 68.61
C VAL E 1277 4.00 -10.35 69.26
N GLY E 1278 5.26 -10.50 69.67
CA GLY E 1278 5.99 -9.39 70.24
C GLY E 1278 7.09 -8.92 69.32
N ALA E 1279 6.83 -8.95 68.02
CA ALA E 1279 7.81 -8.57 67.01
C ALA E 1279 9.20 -9.15 67.34
N CYS E 1280 10.23 -8.31 67.23
CA CYS E 1280 11.62 -8.73 67.44
C CYS E 1280 11.85 -9.47 68.79
N ALA E 1281 10.92 -9.30 69.72
CA ALA E 1281 11.06 -9.83 71.08
C ALA E 1281 10.15 -11.01 71.41
N THR E 1282 9.42 -11.53 70.43
CA THR E 1282 8.43 -12.57 70.72
C THR E 1282 9.05 -13.69 71.54
N ALA E 1283 10.24 -14.15 71.12
CA ALA E 1283 10.87 -15.33 71.72
C ALA E 1283 10.98 -15.26 73.24
N VAL E 1284 11.26 -14.07 73.74
CA VAL E 1284 11.30 -13.85 75.18
C VAL E 1284 9.87 -13.72 75.71
N GLU E 1285 9.07 -12.84 75.13
CA GLU E 1285 7.66 -12.72 75.51
C GLU E 1285 7.03 -14.10 75.63
N SER E 1286 7.44 -14.98 74.74
CA SER E 1286 7.03 -16.38 74.75
C SER E 1286 7.43 -17.08 76.07
N LEU E 1287 8.73 -16.98 76.41
CA LEU E 1287 9.27 -17.56 77.63
C LEU E 1287 8.49 -17.08 78.82
N ASP E 1288 8.23 -15.79 78.86
CA ASP E 1288 7.41 -15.18 79.89
C ASP E 1288 6.03 -15.82 79.96
N VAL E 1289 5.35 -15.84 78.83
CA VAL E 1289 4.02 -16.43 78.77
C VAL E 1289 3.97 -17.87 79.26
N GLY E 1290 4.87 -18.73 78.78
CA GLY E 1290 4.92 -20.12 79.19
C GLY E 1290 5.19 -20.22 80.69
N TYR E 1291 6.08 -19.35 81.15
CA TYR E 1291 6.44 -19.23 82.57
C TYR E 1291 5.22 -18.98 83.43
N ASP E 1292 4.55 -17.84 83.22
CA ASP E 1292 3.34 -17.50 83.96
C ASP E 1292 2.33 -18.63 83.91
N THR E 1293 2.08 -19.11 82.70
CA THR E 1293 1.14 -20.17 82.46
C THR E 1293 1.41 -21.38 83.35
N ILE E 1294 2.68 -21.76 83.46
CA ILE E 1294 3.07 -22.90 84.30
C ILE E 1294 2.88 -22.64 85.80
N MET E 1295 3.22 -21.45 86.24
CA MET E 1295 3.09 -21.08 87.64
C MET E 1295 1.67 -20.73 88.03
N GLN E 1296 0.72 -21.03 87.17
CA GLN E 1296 -0.68 -20.78 87.52
C GLN E 1296 -1.48 -22.06 87.40
N GLY E 1297 -0.74 -23.17 87.23
CA GLY E 1297 -1.33 -24.49 87.25
C GLY E 1297 -1.84 -24.96 85.91
N LYS E 1298 -1.81 -24.07 84.93
CA LYS E 1298 -2.35 -24.34 83.60
C LYS E 1298 -1.59 -25.50 82.95
N ALA E 1299 -0.29 -25.58 83.19
CA ALA E 1299 0.49 -26.66 82.61
C ALA E 1299 1.70 -26.94 83.46
N ARG E 1300 2.32 -28.10 83.25
CA ARG E 1300 3.57 -28.43 83.93
C ARG E 1300 4.76 -28.55 82.97
N VAL E 1301 4.51 -28.98 81.75
CA VAL E 1301 5.51 -28.91 80.70
C VAL E 1301 5.00 -27.89 79.70
N CYS E 1302 5.87 -27.41 78.81
CA CYS E 1302 5.48 -26.30 77.94
C CYS E 1302 6.52 -25.98 76.88
N LEU E 1303 6.10 -26.01 75.63
CA LEU E 1303 7.00 -25.63 74.56
C LEU E 1303 7.02 -24.12 74.44
N VAL E 1304 8.21 -23.59 74.17
CA VAL E 1304 8.41 -22.15 74.07
C VAL E 1304 9.47 -21.83 72.98
N GLY E 1305 9.33 -20.68 72.34
CA GLY E 1305 10.30 -20.26 71.34
C GLY E 1305 9.76 -19.20 70.42
N GLY E 1306 10.51 -18.92 69.37
CA GLY E 1306 10.09 -17.95 68.36
C GLY E 1306 10.60 -18.33 66.99
N PHE E 1307 9.99 -17.76 65.96
CA PHE E 1307 10.41 -18.03 64.59
C PHE E 1307 10.02 -16.87 63.70
N ASP E 1308 10.60 -16.87 62.49
CA ASP E 1308 10.28 -15.89 61.47
C ASP E 1308 11.18 -16.22 60.29
N ASP E 1309 10.76 -15.83 59.09
CA ASP E 1309 11.46 -16.24 57.87
C ASP E 1309 12.08 -15.03 57.18
N PHE E 1310 12.89 -15.28 56.15
CA PHE E 1310 13.37 -14.20 55.30
C PHE E 1310 12.62 -14.14 53.97
N GLN E 1311 12.14 -12.95 53.63
CA GLN E 1311 11.24 -12.84 52.49
C GLN E 1311 11.50 -11.61 51.67
N GLU E 1312 11.34 -11.73 50.35
CA GLU E 1312 11.55 -10.63 49.43
C GLU E 1312 10.79 -9.40 49.88
N GLU E 1313 9.57 -9.64 50.31
CA GLU E 1313 8.64 -8.57 50.61
C GLU E 1313 9.04 -7.94 51.94
N GLY E 1314 9.50 -8.79 52.86
CA GLY E 1314 9.96 -8.34 54.15
C GLY E 1314 11.22 -7.51 54.01
N SER E 1315 12.24 -8.10 53.40
CA SER E 1315 13.55 -7.46 53.26
C SER E 1315 13.43 -6.05 52.65
N TYR E 1316 12.58 -5.98 51.64
CA TYR E 1316 12.35 -4.72 50.92
C TYR E 1316 11.70 -3.71 51.86
N GLU E 1317 10.79 -4.20 52.69
CA GLU E 1317 10.03 -3.33 53.56
C GLU E 1317 10.90 -2.70 54.65
N PHE E 1318 11.74 -3.53 55.27
CA PHE E 1318 12.63 -3.07 56.33
C PHE E 1318 13.57 -2.03 55.79
N ALA E 1319 14.01 -2.24 54.56
CA ALA E 1319 14.88 -1.27 53.92
C ALA E 1319 14.23 0.13 53.88
N ASN E 1320 12.94 0.18 53.56
CA ASN E 1320 12.21 1.45 53.51
C ASN E 1320 12.14 2.15 54.83
N MET E 1321 12.15 1.37 55.90
CA MET E 1321 12.11 1.91 57.25
C MET E 1321 13.50 2.38 57.68
N GLY E 1322 14.52 1.70 57.16
CA GLY E 1322 15.89 2.10 57.39
C GLY E 1322 16.59 1.26 58.45
N ALA E 1323 15.97 0.13 58.77
CA ALA E 1323 16.46 -0.71 59.86
C ALA E 1323 17.59 -1.62 59.40
N THR E 1324 17.46 -2.18 58.21
CA THR E 1324 18.48 -3.08 57.70
C THR E 1324 19.69 -2.31 57.19
N SER E 1325 20.78 -3.02 56.97
CA SER E 1325 22.02 -2.42 56.53
C SER E 1325 22.14 -2.55 55.03
N ASN E 1326 22.52 -1.44 54.39
CA ASN E 1326 22.66 -1.38 52.95
C ASN E 1326 23.89 -2.11 52.41
N ALA E 1327 23.70 -3.33 51.94
CA ALA E 1327 24.83 -4.14 51.53
C ALA E 1327 25.75 -3.41 50.55
N LYS E 1328 25.17 -2.77 49.54
CA LYS E 1328 25.93 -2.11 48.49
C LYS E 1328 26.88 -1.07 49.08
N GLU E 1329 26.38 -0.34 50.07
CA GLU E 1329 27.15 0.71 50.72
C GLU E 1329 28.24 0.12 51.61
N GLU E 1330 27.91 -0.98 52.27
CA GLU E 1330 28.89 -1.64 53.13
C GLU E 1330 29.96 -2.32 52.30
N PHE E 1331 29.58 -2.75 51.10
CA PHE E 1331 30.56 -3.30 50.19
C PHE E 1331 31.50 -2.20 49.75
N ALA E 1332 30.98 -0.98 49.69
CA ALA E 1332 31.78 0.17 49.33
C ALA E 1332 32.76 0.52 50.43
N ARG E 1333 32.54 -0.08 51.60
CA ARG E 1333 33.36 0.20 52.78
C ARG E 1333 34.41 -0.87 53.01
N GLY E 1334 34.51 -1.81 52.07
CA GLY E 1334 35.50 -2.88 52.18
C GLY E 1334 35.01 -3.99 53.07
N ARG E 1335 33.72 -3.94 53.43
CA ARG E 1335 33.13 -4.95 54.30
C ARG E 1335 32.90 -6.24 53.54
N GLU E 1336 32.83 -7.34 54.28
CA GLU E 1336 32.53 -8.61 53.68
C GLU E 1336 31.18 -9.05 54.21
N PRO E 1337 30.45 -9.89 53.45
CA PRO E 1337 29.23 -10.44 54.00
C PRO E 1337 29.62 -11.18 55.28
N GLY E 1338 29.12 -10.74 56.43
CA GLY E 1338 29.49 -11.38 57.67
C GLY E 1338 30.23 -10.43 58.58
N GLU E 1339 31.23 -9.73 58.01
CA GLU E 1339 31.83 -8.57 58.66
C GLU E 1339 30.76 -7.47 58.68
N MET E 1340 29.61 -7.80 58.09
CA MET E 1340 28.54 -6.83 57.88
C MET E 1340 27.88 -6.43 59.21
N SER E 1341 27.84 -7.37 60.15
CA SER E 1341 27.09 -7.20 61.40
C SER E 1341 27.97 -6.96 62.64
N ARG E 1342 28.02 -5.72 63.12
CA ARG E 1342 28.91 -5.39 64.22
C ARG E 1342 28.17 -4.67 65.31
N PRO E 1343 27.57 -5.44 66.20
CA PRO E 1343 26.63 -5.00 67.22
C PRO E 1343 27.06 -3.77 68.02
N THR E 1344 28.30 -3.64 68.41
CA THR E 1344 28.64 -2.52 69.29
C THR E 1344 29.59 -1.52 68.65
N SER E 1345 29.93 -1.82 67.39
CA SER E 1345 30.97 -1.08 66.67
C SER E 1345 30.65 0.39 66.55
N THR E 1346 31.65 1.16 66.17
CA THR E 1346 31.44 2.59 65.88
C THR E 1346 30.74 2.70 64.53
N THR E 1347 31.17 1.85 63.60
CA THR E 1347 30.70 1.85 62.23
C THR E 1347 29.31 1.19 62.07
N ARG E 1348 28.78 0.63 63.15
CA ARG E 1348 27.48 -0.02 63.09
C ARG E 1348 26.43 0.92 62.49
N ASN E 1349 25.68 0.43 61.52
CA ASN E 1349 24.68 1.25 60.84
C ASN E 1349 23.26 0.69 60.87
N GLY E 1350 23.14 -0.60 60.55
CA GLY E 1350 21.84 -1.24 60.50
C GLY E 1350 21.95 -2.73 60.71
N PHE E 1351 20.81 -3.38 60.94
CA PHE E 1351 20.84 -4.77 61.34
C PHE E 1351 20.85 -5.71 60.16
N MET E 1352 21.05 -6.98 60.44
CA MET E 1352 21.07 -7.98 59.38
C MET E 1352 19.85 -8.89 59.40
N GLU E 1353 19.20 -9.04 58.25
CA GLU E 1353 18.11 -9.98 58.12
C GLU E 1353 18.65 -11.40 58.31
N SER E 1354 17.84 -12.24 58.92
CA SER E 1354 18.19 -13.63 59.07
C SER E 1354 16.90 -14.45 59.24
N GLN E 1355 17.00 -15.77 59.26
CA GLN E 1355 15.80 -16.61 59.29
C GLN E 1355 15.97 -17.80 60.22
N GLY E 1356 14.85 -18.46 60.55
CA GLY E 1356 14.88 -19.67 61.37
C GLY E 1356 14.06 -19.54 62.66
N CYS E 1357 14.09 -20.58 63.47
CA CYS E 1357 13.48 -20.48 64.79
C CYS E 1357 14.37 -21.01 65.93
N GLY E 1358 13.84 -20.90 67.13
CA GLY E 1358 14.53 -21.38 68.30
C GLY E 1358 13.51 -21.81 69.32
N VAL E 1359 13.79 -22.93 69.96
CA VAL E 1359 12.86 -23.47 70.95
C VAL E 1359 13.57 -23.98 72.20
N GLN E 1360 12.90 -23.79 73.31
CA GLN E 1360 13.24 -24.44 74.54
C GLN E 1360 11.98 -25.08 75.12
N VAL E 1361 12.12 -26.29 75.66
CA VAL E 1361 11.03 -26.87 76.44
C VAL E 1361 11.23 -26.53 77.93
N ILE E 1362 10.13 -26.29 78.62
CA ILE E 1362 10.21 -25.84 79.99
C ILE E 1362 9.28 -26.63 80.89
N MET E 1363 9.68 -26.80 82.15
CA MET E 1363 8.92 -27.60 83.10
C MET E 1363 9.02 -27.00 84.50
N THR E 1364 8.19 -27.52 85.40
CA THR E 1364 8.39 -27.30 86.83
C THR E 1364 9.58 -28.14 87.23
N ALA E 1365 10.41 -27.60 88.12
CA ALA E 1365 11.59 -28.32 88.57
C ALA E 1365 11.15 -29.69 89.08
N GLN E 1366 10.07 -29.69 89.85
CA GLN E 1366 9.51 -30.93 90.38
C GLN E 1366 9.36 -31.98 89.28
N LEU E 1367 8.52 -31.70 88.29
CA LEU E 1367 8.26 -32.63 87.21
C LEU E 1367 9.58 -32.98 86.53
N ALA E 1368 10.50 -32.02 86.51
CA ALA E 1368 11.77 -32.22 85.83
C ALA E 1368 12.54 -33.33 86.49
N LEU E 1369 12.69 -33.19 87.80
CA LEU E 1369 13.48 -34.12 88.59
C LEU E 1369 12.79 -35.48 88.61
N GLU E 1370 11.46 -35.44 88.76
CA GLU E 1370 10.65 -36.66 88.79
C GLU E 1370 10.85 -37.45 87.50
N MET E 1371 10.82 -36.77 86.36
CA MET E 1371 10.99 -37.43 85.08
C MET E 1371 12.43 -37.90 84.98
N GLY E 1372 13.34 -37.01 85.35
CA GLY E 1372 14.75 -37.31 85.24
C GLY E 1372 15.26 -36.81 83.91
N VAL E 1373 14.95 -35.55 83.63
CA VAL E 1373 15.36 -34.92 82.40
C VAL E 1373 16.46 -33.89 82.71
N PRO E 1374 17.37 -33.71 81.75
CA PRO E 1374 18.46 -32.74 81.88
C PRO E 1374 17.95 -31.40 82.35
N ILE E 1375 18.79 -30.62 83.02
CA ILE E 1375 18.37 -29.26 83.38
C ILE E 1375 19.43 -28.22 83.01
N TYR E 1376 19.08 -27.36 82.05
CA TYR E 1376 20.03 -26.41 81.48
C TYR E 1376 20.10 -25.14 82.31
N GLY E 1377 18.99 -24.82 82.99
CA GLY E 1377 18.96 -23.62 83.79
C GLY E 1377 17.62 -23.34 84.41
N ILE E 1378 17.58 -22.33 85.28
CA ILE E 1378 16.37 -21.94 85.97
C ILE E 1378 15.90 -20.63 85.43
N VAL E 1379 14.69 -20.59 84.91
CA VAL E 1379 14.11 -19.32 84.53
C VAL E 1379 13.75 -18.60 85.79
N ALA E 1380 14.64 -17.70 86.19
CA ALA E 1380 14.56 -16.99 87.46
C ALA E 1380 13.52 -15.86 87.41
N MET E 1381 13.39 -15.26 86.23
CA MET E 1381 12.47 -14.17 86.08
C MET E 1381 12.23 -13.93 84.61
N THR E 1382 11.05 -13.41 84.31
CA THR E 1382 10.70 -12.90 82.99
C THR E 1382 9.80 -11.68 83.19
N SER E 1383 9.78 -10.79 82.20
CA SER E 1383 8.80 -9.70 82.17
C SER E 1383 8.81 -8.92 80.85
N THR E 1384 7.69 -8.28 80.54
CA THR E 1384 7.54 -7.45 79.36
C THR E 1384 7.23 -6.00 79.76
N ALA E 1385 7.71 -5.06 78.94
CA ALA E 1385 7.61 -3.67 79.32
C ALA E 1385 7.41 -2.72 78.13
N THR E 1386 6.40 -1.86 78.27
CA THR E 1386 6.13 -0.82 77.31
C THR E 1386 6.86 0.44 77.76
N ASP E 1387 7.17 1.32 76.82
CA ASP E 1387 7.87 2.55 77.17
C ASP E 1387 6.84 3.68 77.34
N LYS E 1388 7.28 4.93 77.19
CA LYS E 1388 6.39 6.09 77.38
C LYS E 1388 5.51 6.42 76.15
N ILE E 1389 4.81 7.55 76.23
CA ILE E 1389 4.06 8.07 75.10
C ILE E 1389 5.02 8.49 74.01
N GLY E 1390 4.72 8.15 72.76
CA GLY E 1390 5.57 8.54 71.64
C GLY E 1390 4.81 8.62 70.33
N ARG E 1391 5.54 8.73 69.22
CA ARG E 1391 4.92 8.55 67.91
C ARG E 1391 5.79 7.68 67.02
N SER E 1392 7.02 7.44 67.45
CA SER E 1392 7.90 6.53 66.73
C SER E 1392 7.70 5.09 67.17
N VAL E 1393 6.98 4.32 66.37
CA VAL E 1393 6.65 2.94 66.69
C VAL E 1393 7.89 2.08 66.89
N PRO E 1394 8.88 2.20 65.99
CA PRO E 1394 10.03 1.29 66.02
C PRO E 1394 11.05 1.65 67.09
N ALA E 1395 10.92 2.82 67.70
CA ALA E 1395 11.90 3.29 68.69
C ALA E 1395 12.00 2.37 69.91
N PRO E 1396 13.24 2.19 70.40
CA PRO E 1396 13.50 1.40 71.60
C PRO E 1396 13.44 2.32 72.81
N GLY E 1397 12.80 1.87 73.89
CA GLY E 1397 12.66 2.67 75.08
C GLY E 1397 13.21 1.94 76.28
N GLN E 1398 12.99 2.53 77.45
CA GLN E 1398 13.57 2.00 78.67
C GLN E 1398 12.48 1.51 79.62
N GLY E 1399 11.46 0.88 79.05
CA GLY E 1399 10.43 0.29 79.88
C GLY E 1399 11.08 -0.76 80.74
N VAL E 1400 12.00 -1.51 80.14
CA VAL E 1400 12.66 -2.65 80.76
C VAL E 1400 13.46 -2.26 82.01
N LEU E 1401 13.74 -0.98 82.15
CA LEU E 1401 14.45 -0.48 83.32
C LEU E 1401 13.71 -0.80 84.62
N THR E 1402 12.38 -0.76 84.56
CA THR E 1402 11.53 -0.91 85.74
C THR E 1402 11.42 -2.36 86.28
N THR E 1403 12.30 -3.25 85.86
CA THR E 1403 12.40 -4.54 86.51
C THR E 1403 13.53 -4.49 87.52
N ALA E 1404 13.94 -3.28 87.84
CA ALA E 1404 14.94 -3.03 88.86
C ALA E 1404 14.40 -1.93 89.74
N ARG E 1405 13.13 -1.65 89.54
CA ARG E 1405 12.48 -0.64 90.34
C ARG E 1405 12.44 -1.13 91.77
N GLU E 1406 12.77 -0.23 92.69
CA GLU E 1406 12.85 -0.56 94.09
C GLU E 1406 13.11 0.71 94.88
N LYS E 1407 12.37 0.90 95.96
CA LYS E 1407 12.66 1.95 96.92
C LYS E 1407 13.15 1.31 98.21
N SER E 1408 14.45 1.44 98.45
CA SER E 1408 15.09 0.78 99.58
C SER E 1408 15.13 1.68 100.81
N GLY E 1409 14.51 1.22 101.89
CA GLY E 1409 14.59 1.92 103.17
C GLY E 1409 16.02 1.86 103.70
N ASN E 1410 16.27 2.54 104.82
CA ASN E 1410 17.62 2.57 105.40
C ASN E 1410 18.22 1.19 105.57
N PHE E 1411 17.36 0.22 105.81
CA PHE E 1411 17.77 -1.16 106.00
C PHE E 1411 17.10 -2.08 104.99
N PRO E 1412 17.89 -3.03 104.44
CA PRO E 1412 17.40 -4.06 103.52
C PRO E 1412 16.25 -4.83 104.14
N SER E 1413 15.23 -5.14 103.34
CA SER E 1413 14.17 -6.03 103.78
C SER E 1413 14.76 -7.31 104.35
N PRO E 1414 14.26 -7.73 105.50
CA PRO E 1414 14.64 -9.00 106.14
C PRO E 1414 14.71 -10.10 105.09
N LEU E 1415 13.75 -10.08 104.19
CA LEU E 1415 13.49 -11.19 103.29
C LEU E 1415 14.66 -11.46 102.39
N LEU E 1416 15.44 -10.42 102.09
CA LEU E 1416 16.63 -10.58 101.25
C LEU E 1416 17.61 -11.54 101.90
N ASP E 1417 17.59 -11.57 103.24
CA ASP E 1417 18.41 -12.49 104.03
C ASP E 1417 17.79 -13.90 104.11
N ILE E 1418 18.50 -14.90 103.61
CA ILE E 1418 17.92 -16.23 103.45
C ILE E 1418 17.59 -16.87 104.78
N LYS E 1419 18.37 -16.54 105.80
CA LYS E 1419 18.21 -17.18 107.09
C LYS E 1419 16.92 -16.73 107.74
N TYR E 1420 16.55 -15.46 107.58
CA TYR E 1420 15.28 -14.96 108.09
C TYR E 1420 14.15 -15.71 107.46
N ARG E 1421 14.26 -15.94 106.15
CA ARG E 1421 13.28 -16.74 105.45
C ARG E 1421 13.31 -18.20 105.93
N ARG E 1422 14.49 -18.67 106.30
CA ARG E 1422 14.66 -19.99 106.92
C ARG E 1422 13.82 -20.08 108.17
N ARG E 1423 14.08 -19.18 109.12
CA ARG E 1423 13.33 -19.11 110.36
C ARG E 1423 11.86 -19.22 110.04
N GLN E 1424 11.36 -18.20 109.35
CA GLN E 1424 9.93 -18.04 109.08
C GLN E 1424 9.32 -19.25 108.41
N LEU E 1425 10.11 -19.92 107.59
CA LEU E 1425 9.67 -21.11 106.88
C LEU E 1425 9.49 -22.30 107.84
N GLU E 1426 10.58 -22.69 108.51
CA GLU E 1426 10.53 -23.81 109.44
C GLU E 1426 9.65 -23.48 110.64
N LEU E 1427 9.49 -22.19 110.90
CA LEU E 1427 8.50 -21.71 111.86
C LEU E 1427 7.11 -22.17 111.43
N ARG E 1428 6.74 -21.87 110.19
CA ARG E 1428 5.46 -22.30 109.66
C ARG E 1428 5.42 -23.81 109.45
N ARG E 1429 6.58 -24.44 109.37
CA ARG E 1429 6.63 -25.90 109.17
C ARG E 1429 6.17 -26.60 110.44
N GLN E 1430 6.62 -26.07 111.57
CA GLN E 1430 6.18 -26.52 112.88
C GLN E 1430 4.71 -26.18 113.01
N GLN E 1431 4.41 -24.89 112.91
CA GLN E 1431 3.06 -24.37 112.93
C GLN E 1431 2.09 -25.24 112.10
N ILE E 1432 2.64 -25.87 111.08
CA ILE E 1432 1.88 -26.74 110.20
C ILE E 1432 1.81 -28.17 110.77
N LYS E 1433 2.95 -28.68 111.22
CA LYS E 1433 2.99 -30.01 111.83
C LYS E 1433 1.94 -30.19 112.94
N GLN E 1434 1.72 -29.14 113.73
CA GLN E 1434 0.81 -29.17 114.88
C GLN E 1434 -0.65 -29.06 114.46
N TRP E 1435 -0.90 -28.27 113.42
CA TRP E 1435 -2.21 -28.27 112.77
C TRP E 1435 -2.57 -29.69 112.32
N LYS E 1436 -1.57 -30.41 111.77
CA LYS E 1436 -1.76 -31.74 111.21
C LYS E 1436 -2.40 -32.68 112.22
N GLU E 1437 -1.79 -32.82 113.40
CA GLU E 1437 -2.37 -33.61 114.47
C GLU E 1437 -3.74 -33.06 114.88
N SER E 1438 -3.78 -31.78 115.25
CA SER E 1438 -5.01 -31.11 115.67
C SER E 1438 -6.21 -31.40 114.76
N GLU E 1439 -5.94 -31.61 113.48
CA GLU E 1439 -6.98 -31.93 112.52
C GLU E 1439 -7.38 -33.41 112.62
N TYR E 1440 -6.42 -34.27 112.92
CA TYR E 1440 -6.71 -35.68 113.15
C TYR E 1440 -7.69 -35.84 114.29
N LEU E 1441 -7.52 -34.99 115.30
CA LEU E 1441 -8.45 -34.90 116.42
C LEU E 1441 -9.85 -34.48 115.95
N TYR E 1442 -9.94 -33.29 115.37
CA TYR E 1442 -11.22 -32.77 114.93
C TYR E 1442 -11.97 -33.77 114.04
N LEU E 1443 -11.23 -34.41 113.15
CA LEU E 1443 -11.83 -35.34 112.19
C LEU E 1443 -12.10 -36.68 112.87
N GLN E 1444 -11.55 -36.84 114.07
CA GLN E 1444 -11.77 -38.05 114.89
C GLN E 1444 -13.07 -37.93 115.68
N GLU E 1445 -13.25 -36.78 116.32
CA GLU E 1445 -14.46 -36.47 117.07
C GLU E 1445 -15.66 -36.45 116.15
N GLU E 1446 -15.49 -35.77 115.01
CA GLU E 1446 -16.52 -35.69 113.98
C GLU E 1446 -16.93 -37.07 113.39
N VAL E 1447 -16.02 -38.05 113.36
CA VAL E 1447 -16.37 -39.40 112.92
C VAL E 1447 -17.46 -39.97 113.83
N ALA E 1448 -17.11 -40.10 115.10
CA ALA E 1448 -18.04 -40.57 116.12
C ALA E 1448 -19.25 -39.64 116.26
N ALA E 1449 -19.05 -38.35 116.01
CA ALA E 1449 -20.11 -37.34 116.12
C ALA E 1449 -21.21 -37.48 115.08
N ILE E 1450 -20.88 -38.11 113.94
CA ILE E 1450 -21.86 -38.32 112.87
C ILE E 1450 -22.57 -39.68 113.01
N LYS E 1451 -22.00 -40.56 113.85
CA LYS E 1451 -22.64 -41.84 114.16
C LYS E 1451 -23.91 -41.65 115.00
N SER E 1452 -23.86 -40.69 115.93
CA SER E 1452 -24.99 -40.39 116.83
C SER E 1452 -26.09 -39.50 116.19
N GLN E 1453 -25.84 -39.04 114.97
CA GLN E 1453 -26.83 -38.26 114.22
C GLN E 1453 -27.42 -39.12 113.10
N ARG E 1454 -27.25 -40.44 113.24
CA ARG E 1454 -27.60 -41.39 112.19
C ARG E 1454 -28.98 -42.04 112.43
N SER E 1455 -29.93 -41.73 111.56
CA SER E 1455 -31.21 -42.42 111.54
C SER E 1455 -30.99 -43.80 110.90
N GLU E 1456 -31.94 -44.70 111.09
CA GLU E 1456 -31.82 -46.06 110.58
C GLU E 1456 -32.30 -46.15 109.11
N GLU E 1457 -32.93 -45.08 108.65
CA GLU E 1457 -33.35 -44.95 107.26
C GLU E 1457 -32.22 -44.32 106.41
N ASP E 1458 -31.19 -43.82 107.10
CA ASP E 1458 -30.00 -43.27 106.46
C ASP E 1458 -29.01 -44.40 106.17
N GLY E 1459 -28.30 -44.29 105.06
CA GLY E 1459 -27.29 -45.26 104.69
C GLY E 1459 -26.09 -45.24 105.64
N PRO E 1460 -25.64 -46.43 106.06
CA PRO E 1460 -24.49 -46.61 106.96
C PRO E 1460 -23.21 -45.92 106.42
N PHE E 1461 -22.33 -45.51 107.33
CA PHE E 1461 -21.04 -44.93 106.93
C PHE E 1461 -19.93 -45.97 106.93
N ASP E 1462 -19.22 -46.07 105.80
CA ASP E 1462 -18.02 -46.87 105.76
C ASP E 1462 -16.95 -46.05 106.44
N GLU E 1463 -16.73 -46.31 107.72
CA GLU E 1463 -15.67 -45.63 108.43
C GLU E 1463 -14.36 -45.85 107.68
N THR E 1464 -14.08 -47.08 107.28
CA THR E 1464 -12.85 -47.40 106.55
C THR E 1464 -12.67 -46.49 105.33
N ALA E 1465 -13.78 -46.29 104.59
CA ALA E 1465 -13.80 -45.41 103.43
C ALA E 1465 -13.65 -43.96 103.86
N TYR E 1466 -14.68 -43.44 104.51
CA TYR E 1466 -14.71 -42.05 105.00
C TYR E 1466 -13.42 -41.66 105.76
N LEU E 1467 -12.92 -42.57 106.59
CA LEU E 1467 -11.71 -42.30 107.36
C LEU E 1467 -10.51 -42.20 106.41
N ARG E 1468 -10.41 -43.17 105.49
CA ARG E 1468 -9.36 -43.13 104.48
C ARG E 1468 -9.29 -41.77 103.80
N GLU E 1469 -10.27 -41.51 102.95
CA GLU E 1469 -10.34 -40.25 102.21
C GLU E 1469 -9.94 -39.06 103.08
N ARG E 1470 -10.48 -39.01 104.30
CA ARG E 1470 -10.29 -37.88 105.21
C ARG E 1470 -8.88 -37.72 105.76
N THR E 1471 -8.20 -38.83 106.06
CA THR E 1471 -6.80 -38.76 106.48
C THR E 1471 -5.94 -38.39 105.29
N GLU E 1472 -6.04 -39.19 104.23
CA GLU E 1472 -5.35 -38.94 102.97
C GLU E 1472 -5.44 -37.46 102.64
N HIS E 1473 -6.63 -36.89 102.86
CA HIS E 1473 -6.89 -35.47 102.62
C HIS E 1473 -6.12 -34.56 103.55
N ILE E 1474 -6.09 -34.90 104.83
CA ILE E 1474 -5.33 -34.09 105.77
C ILE E 1474 -3.84 -34.18 105.42
N GLU E 1475 -3.42 -35.34 104.93
CA GLU E 1475 -2.05 -35.54 104.45
C GLU E 1475 -1.74 -34.62 103.28
N ARG E 1476 -2.57 -34.70 102.24
CA ARG E 1476 -2.48 -33.80 101.10
C ARG E 1476 -2.46 -32.34 101.55
N GLU E 1477 -3.51 -31.95 102.27
CA GLU E 1477 -3.68 -30.57 102.73
C GLU E 1477 -2.52 -30.09 103.60
N ALA E 1478 -1.83 -31.04 104.23
CA ALA E 1478 -0.62 -30.77 104.97
C ALA E 1478 0.48 -30.39 103.99
N ARG E 1479 0.86 -31.34 103.14
CA ARG E 1479 1.84 -31.12 102.10
C ARG E 1479 1.53 -29.82 101.36
N ARG E 1480 0.26 -29.68 100.97
CA ARG E 1480 -0.21 -28.50 100.26
C ARG E 1480 0.18 -27.26 101.04
N GLN E 1481 -0.13 -27.25 102.33
CA GLN E 1481 0.20 -26.11 103.18
C GLN E 1481 1.72 -25.91 103.28
N GLU E 1482 2.47 -27.01 103.26
CA GLU E 1482 3.92 -26.96 103.32
C GLU E 1482 4.50 -26.21 102.13
N ALA E 1483 4.41 -26.84 100.97
CA ALA E 1483 4.86 -26.24 99.73
C ALA E 1483 4.36 -24.80 99.60
N GLU E 1484 3.16 -24.52 100.10
CA GLU E 1484 2.57 -23.19 99.99
C GLU E 1484 3.33 -22.15 100.83
N ALA E 1485 3.74 -22.55 102.03
CA ALA E 1485 4.57 -21.67 102.83
C ALA E 1485 5.97 -21.59 102.21
N GLN E 1486 6.40 -22.71 101.64
CA GLN E 1486 7.68 -22.78 100.93
C GLN E 1486 7.67 -21.74 99.82
N THR E 1487 6.53 -21.67 99.12
CA THR E 1487 6.29 -20.69 98.07
C THR E 1487 6.47 -19.25 98.55
N SER E 1488 5.80 -18.91 99.65
CA SER E 1488 5.78 -17.53 100.14
C SER E 1488 7.07 -17.10 100.82
N PHE E 1489 8.03 -18.00 100.92
CA PHE E 1489 9.26 -17.67 101.62
C PHE E 1489 10.52 -17.96 100.84
N GLY E 1490 10.37 -18.62 99.70
CA GLY E 1490 11.50 -18.86 98.83
C GLY E 1490 11.22 -18.32 97.44
N ASN E 1491 10.10 -18.75 96.87
CA ASN E 1491 9.79 -18.43 95.49
C ASN E 1491 9.26 -17.02 95.30
N GLU E 1492 8.16 -16.71 95.96
CA GLU E 1492 7.39 -15.51 95.63
C GLU E 1492 7.46 -14.40 96.67
N PHE E 1493 8.47 -14.43 97.53
CA PHE E 1493 8.52 -13.47 98.64
C PHE E 1493 8.68 -12.02 98.19
N TRP E 1494 9.08 -11.86 96.93
CA TRP E 1494 9.37 -10.56 96.37
C TRP E 1494 8.22 -10.04 95.53
N ARG E 1495 7.14 -10.82 95.49
CA ARG E 1495 6.00 -10.53 94.62
C ARG E 1495 5.30 -9.25 95.03
N ARG E 1496 5.59 -8.18 94.29
CA ARG E 1496 4.92 -6.91 94.52
C ARG E 1496 5.46 -6.17 95.74
N ASP E 1497 6.65 -6.57 96.20
CA ASP E 1497 7.34 -5.83 97.27
C ASP E 1497 7.99 -4.53 96.79
N SER E 1498 7.45 -3.41 97.28
CA SER E 1498 7.97 -2.08 96.95
C SER E 1498 9.45 -1.94 97.28
N ARG E 1499 9.97 -2.82 98.13
CA ARG E 1499 11.32 -2.65 98.63
C ARG E 1499 12.23 -3.72 98.06
N ILE E 1500 11.75 -4.42 97.04
CA ILE E 1500 12.56 -5.41 96.36
C ILE E 1500 12.36 -5.37 94.85
N ALA E 1501 13.42 -5.06 94.11
CA ALA E 1501 13.38 -5.10 92.66
C ALA E 1501 13.21 -6.53 92.25
N PRO E 1502 12.29 -6.79 91.31
CA PRO E 1502 11.99 -8.15 90.83
C PRO E 1502 13.26 -8.88 90.45
N LEU E 1503 14.24 -8.10 90.03
CA LEU E 1503 15.56 -8.63 89.74
C LEU E 1503 16.25 -9.13 91.00
N ARG E 1504 16.30 -8.27 92.02
CA ARG E 1504 16.78 -8.67 93.34
C ARG E 1504 16.11 -9.95 93.72
N GLY E 1505 14.79 -9.82 93.92
CA GLY E 1505 13.94 -10.92 94.32
C GLY E 1505 14.34 -12.22 93.66
N ALA E 1506 14.05 -12.33 92.36
CA ALA E 1506 14.28 -13.57 91.64
C ALA E 1506 15.68 -14.13 91.90
N LEU E 1507 16.65 -13.23 92.04
CA LEU E 1507 18.05 -13.58 92.29
C LEU E 1507 18.32 -14.04 93.73
N ALA E 1508 17.85 -13.24 94.68
CA ALA E 1508 17.99 -13.54 96.09
C ALA E 1508 17.37 -14.88 96.49
N THR E 1509 16.29 -15.28 95.83
CA THR E 1509 15.63 -16.53 96.15
C THR E 1509 16.52 -17.75 95.93
N TRP E 1510 17.68 -17.54 95.34
CA TRP E 1510 18.62 -18.63 95.13
C TRP E 1510 19.92 -18.31 95.81
N GLY E 1511 19.85 -17.27 96.63
CA GLY E 1511 20.97 -16.85 97.45
C GLY E 1511 22.00 -16.10 96.65
N LEU E 1512 21.52 -15.18 95.81
CA LEU E 1512 22.37 -14.42 94.91
C LEU E 1512 22.01 -12.94 94.90
N THR E 1513 23.02 -12.10 94.65
CA THR E 1513 22.79 -10.67 94.42
C THR E 1513 23.24 -10.26 93.04
N ILE E 1514 23.03 -8.99 92.74
CA ILE E 1514 23.27 -8.48 91.41
C ILE E 1514 24.70 -8.78 91.02
N ASP E 1515 25.57 -8.89 92.03
CA ASP E 1515 27.00 -9.09 91.78
C ASP E 1515 27.27 -10.49 91.22
N ASP E 1516 26.34 -11.41 91.44
CA ASP E 1516 26.48 -12.77 90.90
C ASP E 1516 26.08 -12.88 89.42
N LEU E 1517 25.33 -11.88 88.96
CA LEU E 1517 24.88 -11.78 87.57
C LEU E 1517 26.07 -11.58 86.68
N GLY E 1518 26.49 -12.64 85.97
CA GLY E 1518 27.77 -12.62 85.30
C GLY E 1518 27.76 -12.13 83.87
N VAL E 1519 26.91 -12.75 83.07
CA VAL E 1519 26.85 -12.44 81.65
C VAL E 1519 25.51 -11.81 81.32
N ALA E 1520 25.54 -10.77 80.49
CA ALA E 1520 24.32 -10.23 79.90
C ALA E 1520 24.35 -10.42 78.39
N SER E 1521 23.41 -11.19 77.87
CA SER E 1521 23.27 -11.31 76.44
C SER E 1521 22.42 -10.17 75.90
N PHE E 1522 22.98 -9.45 74.94
CA PHE E 1522 22.35 -8.26 74.40
C PHE E 1522 21.63 -8.57 73.10
N HIS E 1523 20.50 -7.90 72.91
CA HIS E 1523 19.82 -7.86 71.64
C HIS E 1523 20.85 -7.43 70.61
N GLY E 1524 21.40 -6.24 70.85
CA GLY E 1524 22.55 -5.71 70.13
C GLY E 1524 22.47 -6.03 68.66
N THR E 1525 21.63 -5.27 67.98
CA THR E 1525 21.25 -5.62 66.61
C THR E 1525 22.08 -4.88 65.58
N SER E 1526 23.12 -4.19 66.05
CA SER E 1526 24.06 -3.49 65.16
C SER E 1526 23.41 -2.22 64.61
N THR E 1527 22.26 -1.85 65.16
CA THR E 1527 21.65 -0.58 64.82
C THR E 1527 22.22 0.52 65.71
N VAL E 1528 22.14 1.75 65.27
CA VAL E 1528 22.80 2.81 66.00
C VAL E 1528 22.26 2.93 67.40
N ALA E 1529 20.94 3.05 67.52
CA ALA E 1529 20.33 3.39 68.80
C ALA E 1529 20.12 2.21 69.75
N ASN E 1530 19.75 1.04 69.22
CA ASN E 1530 19.43 -0.11 70.05
C ASN E 1530 20.60 -0.55 70.93
N ASP E 1531 21.80 -0.11 70.58
CA ASP E 1531 22.99 -0.59 71.27
C ASP E 1531 23.44 0.37 72.36
N LYS E 1532 23.24 1.66 72.13
CA LYS E 1532 23.32 2.65 73.19
C LYS E 1532 22.31 2.26 74.25
N ASN E 1533 21.05 2.31 73.85
CA ASN E 1533 19.94 2.05 74.74
C ASN E 1533 20.09 0.82 75.62
N GLU E 1534 20.41 -0.31 74.99
CA GLU E 1534 20.55 -1.57 75.72
C GLU E 1534 21.55 -1.46 76.87
N SER E 1535 22.77 -1.08 76.52
CA SER E 1535 23.78 -0.84 77.53
C SER E 1535 23.19 0.05 78.59
N ASP E 1536 22.77 1.24 78.20
CA ASP E 1536 22.16 2.20 79.11
C ASP E 1536 21.10 1.61 80.05
N VAL E 1537 20.25 0.72 79.54
CA VAL E 1537 19.22 0.17 80.39
C VAL E 1537 19.84 -0.83 81.35
N ILE E 1538 20.49 -1.84 80.81
CA ILE E 1538 21.13 -2.84 81.65
C ILE E 1538 22.08 -2.21 82.68
N CYS E 1539 22.71 -1.11 82.28
CA CYS E 1539 23.62 -0.37 83.17
C CYS E 1539 22.86 0.27 84.34
N GLN E 1540 21.95 1.20 84.04
CA GLN E 1540 21.14 1.84 85.07
C GLN E 1540 20.55 0.82 86.02
N GLN E 1541 20.09 -0.30 85.44
CA GLN E 1541 19.57 -1.43 86.20
C GLN E 1541 20.59 -1.88 87.25
N LEU E 1542 21.72 -2.39 86.78
CA LEU E 1542 22.76 -2.83 87.69
C LEU E 1542 23.11 -1.78 88.73
N LYS E 1543 23.36 -0.55 88.28
CA LYS E 1543 23.77 0.51 89.19
C LYS E 1543 22.76 0.69 90.32
N HIS E 1544 21.55 1.15 89.99
CA HIS E 1544 20.54 1.44 91.00
C HIS E 1544 20.23 0.27 91.91
N LEU E 1545 20.45 -0.95 91.43
CA LEU E 1545 20.25 -2.11 92.30
C LEU E 1545 21.35 -2.25 93.36
N GLY E 1546 22.55 -1.78 93.04
CA GLY E 1546 23.64 -1.78 93.99
C GLY E 1546 24.93 -2.44 93.52
N ARG E 1547 24.89 -3.02 92.32
CA ARG E 1547 26.08 -3.61 91.71
C ARG E 1547 27.33 -2.85 92.15
N THR E 1548 28.31 -3.58 92.68
CA THR E 1548 29.50 -2.92 93.24
C THR E 1548 30.52 -2.48 92.17
N LYS E 1549 30.86 -1.19 92.24
CA LYS E 1549 31.73 -0.57 91.26
C LYS E 1549 32.97 -1.41 90.95
N GLY E 1550 33.23 -1.62 89.67
CA GLY E 1550 34.35 -2.42 89.26
C GLY E 1550 33.93 -3.81 88.81
N ASN E 1551 32.71 -4.21 89.16
CA ASN E 1551 32.20 -5.51 88.72
C ASN E 1551 31.38 -5.45 87.46
N ALA E 1552 32.03 -5.76 86.33
CA ALA E 1552 31.36 -5.61 85.04
C ALA E 1552 30.74 -6.93 84.62
N VAL E 1553 29.70 -6.82 83.78
CA VAL E 1553 29.07 -7.99 83.17
C VAL E 1553 29.65 -8.23 81.79
N LEU E 1554 30.05 -9.46 81.54
CA LEU E 1554 30.50 -9.81 80.23
C LEU E 1554 29.29 -9.66 79.31
N GLY E 1555 29.42 -8.84 78.26
CA GLY E 1555 28.34 -8.59 77.31
C GLY E 1555 28.44 -9.38 76.01
N ILE E 1556 27.41 -10.17 75.73
CA ILE E 1556 27.38 -10.99 74.52
C ILE E 1556 26.46 -10.39 73.46
N PHE E 1557 26.83 -10.55 72.19
CA PHE E 1557 26.06 -10.00 71.10
C PHE E 1557 25.99 -11.01 69.96
N GLN E 1558 25.09 -11.97 70.08
CA GLN E 1558 25.10 -13.12 69.17
C GLN E 1558 24.85 -12.71 67.71
N LYS E 1559 24.18 -11.58 67.55
CA LYS E 1559 23.74 -11.15 66.25
C LYS E 1559 24.89 -11.07 65.24
N TYR E 1560 26.08 -10.72 65.69
CA TYR E 1560 27.23 -10.62 64.81
C TYR E 1560 27.40 -11.88 63.96
N LEU E 1561 26.98 -13.00 64.53
CA LEU E 1561 27.28 -14.29 63.94
C LEU E 1561 26.07 -14.82 63.20
N THR E 1562 24.91 -14.53 63.76
CA THR E 1562 23.70 -15.15 63.29
C THR E 1562 22.85 -14.22 62.43
N GLY E 1563 23.07 -12.93 62.50
CA GLY E 1563 22.11 -12.00 61.94
C GLY E 1563 20.91 -11.94 62.86
N HIS E 1564 19.92 -11.13 62.51
CA HIS E 1564 18.75 -10.90 63.35
C HIS E 1564 17.53 -11.59 62.75
N PRO E 1565 17.11 -12.72 63.35
CA PRO E 1565 15.93 -13.42 62.82
C PRO E 1565 14.68 -12.78 63.38
N LYS E 1566 14.46 -11.51 63.07
CA LYS E 1566 13.22 -10.84 63.43
C LYS E 1566 12.60 -11.41 64.72
N GLY E 1567 11.78 -12.45 64.63
CA GLY E 1567 11.08 -12.97 65.80
C GLY E 1567 11.81 -13.94 66.72
N ALA E 1568 12.59 -14.85 66.13
CA ALA E 1568 13.34 -15.89 66.86
C ALA E 1568 14.63 -15.37 67.50
N ALA E 1569 14.77 -14.05 67.54
CA ALA E 1569 15.96 -13.44 68.11
C ALA E 1569 16.19 -13.95 69.51
N GLY E 1570 15.24 -13.65 70.40
CA GLY E 1570 15.31 -14.06 71.80
C GLY E 1570 15.65 -15.52 72.05
N ALA E 1571 15.03 -16.41 71.30
CA ALA E 1571 15.26 -17.84 71.51
C ALA E 1571 16.72 -18.21 71.28
N TRP E 1572 17.29 -17.75 70.16
CA TRP E 1572 18.68 -18.04 69.85
C TRP E 1572 19.59 -17.59 70.98
N MET E 1573 19.36 -16.37 71.46
CA MET E 1573 20.13 -15.80 72.56
C MET E 1573 20.00 -16.63 73.84
N LEU E 1574 18.77 -16.98 74.20
CA LEU E 1574 18.51 -17.79 75.37
C LEU E 1574 19.28 -19.10 75.33
N ASN E 1575 19.40 -19.67 74.14
CA ASN E 1575 20.16 -20.90 73.95
C ASN E 1575 21.60 -20.66 74.28
N GLY E 1576 22.11 -19.55 73.76
CA GLY E 1576 23.49 -19.14 73.99
C GLY E 1576 23.84 -19.12 75.47
N CYS E 1577 23.01 -18.44 76.27
CA CYS E 1577 23.24 -18.31 77.70
C CYS E 1577 23.21 -19.64 78.44
N LEU E 1578 22.16 -20.41 78.24
CA LEU E 1578 22.10 -21.77 78.76
C LEU E 1578 23.35 -22.56 78.40
N GLN E 1579 23.95 -22.22 77.27
CA GLN E 1579 25.18 -22.88 76.82
C GLN E 1579 26.40 -22.34 77.54
N VAL E 1580 26.48 -21.02 77.68
CA VAL E 1580 27.52 -20.41 78.50
C VAL E 1580 27.43 -21.01 79.91
N LEU E 1581 26.23 -20.97 80.51
CA LEU E 1581 25.98 -21.52 81.86
C LEU E 1581 26.60 -22.89 82.03
N ASN E 1582 26.55 -23.70 80.99
CA ASN E 1582 27.00 -25.07 81.10
C ASN E 1582 28.43 -25.30 80.64
N THR E 1583 29.11 -24.23 80.27
CA THR E 1583 30.50 -24.39 79.82
C THR E 1583 31.45 -23.40 80.49
N GLY E 1584 30.89 -22.33 81.02
CA GLY E 1584 31.70 -21.29 81.63
C GLY E 1584 32.49 -20.55 80.58
N ILE E 1585 32.17 -20.80 79.31
CA ILE E 1585 32.78 -20.06 78.21
C ILE E 1585 31.88 -18.91 77.82
N VAL E 1586 32.44 -17.71 77.81
CA VAL E 1586 31.69 -16.54 77.40
C VAL E 1586 32.21 -16.07 76.05
N PRO E 1587 31.44 -16.32 74.98
CA PRO E 1587 31.87 -16.08 73.60
C PRO E 1587 32.11 -14.60 73.36
N GLY E 1588 33.01 -14.31 72.43
CA GLY E 1588 33.36 -12.94 72.13
C GLY E 1588 32.71 -12.46 70.85
N ASN E 1589 32.55 -11.15 70.76
CA ASN E 1589 31.98 -10.50 69.59
C ASN E 1589 33.06 -10.28 68.52
N ARG E 1590 33.34 -11.31 67.73
CA ARG E 1590 34.41 -11.24 66.73
C ARG E 1590 34.39 -9.96 65.90
N ASN E 1591 33.19 -9.45 65.62
CA ASN E 1591 33.02 -8.29 64.76
C ASN E 1591 33.06 -6.99 65.53
N ALA E 1592 33.60 -7.04 66.74
CA ALA E 1592 33.82 -5.83 67.52
C ALA E 1592 35.04 -5.07 66.97
N ASP E 1593 34.90 -4.56 65.76
CA ASP E 1593 35.86 -3.64 65.19
C ASP E 1593 36.51 -2.87 66.32
N ASN E 1594 35.73 -1.95 66.87
CA ASN E 1594 36.26 -0.96 67.79
C ASN E 1594 35.08 -0.35 68.48
N VAL E 1595 34.90 -0.69 69.74
CA VAL E 1595 33.68 -0.32 70.45
C VAL E 1595 33.50 1.19 70.55
N ASP E 1596 32.26 1.62 70.30
CA ASP E 1596 31.93 3.03 70.24
C ASP E 1596 32.31 3.73 71.55
N LYS E 1597 33.01 4.85 71.43
CA LYS E 1597 33.38 5.65 72.60
C LYS E 1597 32.19 5.87 73.53
N VAL E 1598 30.99 5.88 72.98
CA VAL E 1598 29.81 6.08 73.78
C VAL E 1598 29.73 5.03 74.88
N MET E 1599 30.12 3.80 74.52
CA MET E 1599 29.99 2.64 75.40
C MET E 1599 31.00 2.64 76.55
N GLU E 1600 31.82 3.68 76.64
CA GLU E 1600 32.79 3.79 77.71
C GLU E 1600 32.07 4.15 79.01
N GLN E 1601 31.12 5.06 78.91
CA GLN E 1601 30.37 5.53 80.08
C GLN E 1601 29.57 4.43 80.80
N PHE E 1602 29.50 3.24 80.23
CA PHE E 1602 28.80 2.14 80.87
C PHE E 1602 29.83 1.28 81.55
N ASP E 1603 30.13 1.66 82.79
CA ASP E 1603 31.19 1.02 83.58
C ASP E 1603 30.91 -0.45 83.75
N TYR E 1604 29.64 -0.78 84.02
CA TYR E 1604 29.27 -2.12 84.45
C TYR E 1604 29.29 -3.14 83.31
N ILE E 1605 29.52 -2.67 82.09
CA ILE E 1605 29.51 -3.56 80.95
C ILE E 1605 30.86 -3.62 80.32
N VAL E 1606 31.36 -4.82 80.08
CA VAL E 1606 32.59 -4.95 79.33
C VAL E 1606 32.38 -5.82 78.09
N TYR E 1607 32.76 -5.30 76.92
CA TYR E 1607 32.51 -5.97 75.65
C TYR E 1607 33.70 -6.76 75.13
N PRO E 1608 33.67 -8.09 75.29
CA PRO E 1608 34.77 -8.98 74.89
C PRO E 1608 34.75 -9.27 73.41
N SER E 1609 35.90 -9.11 72.78
CA SER E 1609 36.04 -9.34 71.35
C SER E 1609 36.55 -10.75 71.09
N ARG E 1610 36.84 -11.46 72.16
CA ARG E 1610 37.23 -12.86 72.06
C ARG E 1610 36.68 -13.64 73.22
N SER E 1611 36.60 -14.96 73.04
CA SER E 1611 35.97 -15.83 74.03
C SER E 1611 36.81 -15.92 75.30
N ILE E 1612 36.15 -16.06 76.44
CA ILE E 1612 36.82 -16.16 77.72
C ILE E 1612 36.33 -17.36 78.51
N LYS E 1613 37.23 -18.29 78.80
CA LYS E 1613 36.93 -19.44 79.65
C LYS E 1613 37.05 -19.03 81.12
N THR E 1614 35.98 -19.23 81.87
CA THR E 1614 35.97 -18.78 83.24
C THR E 1614 35.79 -19.94 84.21
N ASP E 1615 35.90 -19.65 85.50
CA ASP E 1615 35.65 -20.64 86.55
C ASP E 1615 34.18 -21.02 86.60
N GLY E 1616 33.33 -20.15 86.04
CA GLY E 1616 31.91 -20.42 85.94
C GLY E 1616 31.09 -19.14 85.90
N ILE E 1617 29.85 -19.25 85.46
CA ILE E 1617 28.93 -18.12 85.51
C ILE E 1617 27.71 -18.60 86.27
N LYS E 1618 27.14 -17.73 87.08
CA LYS E 1618 26.08 -18.13 87.99
C LYS E 1618 24.70 -17.80 87.43
N ALA E 1619 24.54 -16.57 86.99
CA ALA E 1619 23.26 -16.12 86.45
C ALA E 1619 23.47 -15.17 85.27
N PHE E 1620 22.53 -15.16 84.33
CA PHE E 1620 22.64 -14.32 83.15
C PHE E 1620 21.38 -13.51 82.89
N SER E 1621 21.52 -12.50 82.03
CA SER E 1621 20.41 -11.67 81.61
C SER E 1621 20.36 -11.50 80.11
N VAL E 1622 19.39 -12.15 79.50
CA VAL E 1622 19.04 -11.86 78.11
C VAL E 1622 18.01 -10.73 78.07
N THR E 1623 18.17 -9.87 77.07
CA THR E 1623 17.28 -8.74 76.89
C THR E 1623 17.06 -8.49 75.42
N SER E 1624 15.81 -8.42 75.04
CA SER E 1624 15.44 -8.09 73.67
C SER E 1624 14.40 -6.98 73.63
N PHE E 1625 14.37 -6.27 72.52
CA PHE E 1625 13.44 -5.18 72.31
C PHE E 1625 12.81 -5.37 70.93
N GLY E 1626 11.58 -4.88 70.76
CA GLY E 1626 10.88 -5.08 69.51
C GLY E 1626 10.13 -3.86 69.03
N PHE E 1627 9.58 -3.98 67.83
CA PHE E 1627 8.81 -2.88 67.27
C PHE E 1627 7.61 -2.62 68.14
N GLY E 1628 7.20 -1.36 68.21
CA GLY E 1628 6.02 -1.00 68.97
C GLY E 1628 6.24 -1.19 70.45
N GLN E 1629 7.35 -0.65 70.94
CA GLN E 1629 7.65 -0.56 72.38
C GLN E 1629 7.56 -1.88 73.11
N LYS E 1630 8.17 -2.89 72.53
CA LYS E 1630 8.02 -4.25 73.01
C LYS E 1630 9.31 -4.74 73.68
N GLY E 1631 9.56 -4.30 74.91
CA GLY E 1631 10.78 -4.67 75.63
C GLY E 1631 10.63 -5.83 76.61
N ALA E 1632 11.52 -6.82 76.50
CA ALA E 1632 11.48 -7.95 77.42
C ALA E 1632 12.85 -8.29 77.96
N GLN E 1633 12.87 -8.95 79.10
CA GLN E 1633 14.11 -9.38 79.74
C GLN E 1633 13.87 -10.61 80.59
N ALA E 1634 14.84 -11.52 80.54
CA ALA E 1634 14.75 -12.76 81.30
C ALA E 1634 16.07 -13.02 82.02
N ILE E 1635 15.99 -13.52 83.25
CA ILE E 1635 17.19 -13.86 84.00
C ILE E 1635 17.26 -15.35 84.26
N GLY E 1636 18.38 -15.95 83.88
CA GLY E 1636 18.57 -17.38 84.04
C GLY E 1636 19.65 -17.66 85.06
N VAL E 1637 19.42 -18.66 85.91
CA VAL E 1637 20.35 -19.01 86.97
C VAL E 1637 20.87 -20.44 86.81
N HIS E 1638 22.11 -20.68 87.24
CA HIS E 1638 22.74 -21.97 87.04
C HIS E 1638 22.04 -23.11 87.80
N PRO E 1639 21.82 -24.24 87.11
CA PRO E 1639 21.26 -25.52 87.57
C PRO E 1639 21.67 -25.94 88.99
N LYS E 1640 22.97 -25.91 89.26
CA LYS E 1640 23.46 -26.32 90.58
C LYS E 1640 22.56 -25.76 91.70
N TYR E 1641 22.26 -24.47 91.64
CA TYR E 1641 21.42 -23.81 92.66
C TYR E 1641 20.06 -24.44 92.90
N LEU E 1642 19.46 -25.05 91.88
CA LEU E 1642 18.22 -25.76 92.10
C LEU E 1642 18.52 -27.02 92.90
N PHE E 1643 19.53 -27.76 92.46
CA PHE E 1643 19.94 -28.99 93.14
C PHE E 1643 20.26 -28.81 94.63
N ALA E 1644 20.74 -27.62 95.00
CA ALA E 1644 21.02 -27.31 96.39
C ALA E 1644 19.75 -27.19 97.22
N THR E 1645 18.60 -27.47 96.61
CA THR E 1645 17.35 -27.55 97.36
C THR E 1645 17.22 -28.97 97.94
N LEU E 1646 17.84 -29.92 97.24
CA LEU E 1646 17.68 -31.33 97.54
C LEU E 1646 18.70 -31.89 98.54
N ASP E 1647 18.48 -33.14 98.94
CA ASP E 1647 19.46 -33.89 99.73
C ASP E 1647 20.29 -34.64 98.74
N LYS E 1648 21.58 -34.79 99.04
CA LYS E 1648 22.42 -35.66 98.21
C LYS E 1648 21.68 -36.98 97.93
N ALA E 1649 20.75 -37.32 98.83
CA ALA E 1649 19.93 -38.52 98.68
C ALA E 1649 19.13 -38.43 97.39
N GLN E 1650 18.36 -37.34 97.30
CA GLN E 1650 17.51 -37.07 96.15
C GLN E 1650 18.33 -36.86 94.89
N TYR E 1651 19.16 -35.81 94.93
CA TYR E 1651 19.96 -35.39 93.79
C TYR E 1651 20.64 -36.59 93.09
N GLU E 1652 21.20 -37.49 93.90
CA GLU E 1652 22.01 -38.57 93.37
C GLU E 1652 21.10 -39.63 92.77
N ALA E 1653 19.87 -39.68 93.26
CA ALA E 1653 18.87 -40.60 92.72
C ALA E 1653 18.51 -40.13 91.32
N TYR E 1654 18.34 -38.82 91.21
CA TYR E 1654 18.00 -38.15 89.95
C TYR E 1654 19.10 -38.34 88.93
N CYS E 1655 20.35 -38.18 89.37
CA CYS E 1655 21.50 -38.30 88.47
C CYS E 1655 21.57 -39.66 87.77
N VAL E 1656 21.03 -40.69 88.40
CA VAL E 1656 21.05 -42.01 87.78
C VAL E 1656 19.98 -42.09 86.70
N LYS E 1657 18.83 -41.48 86.99
CA LYS E 1657 17.75 -41.34 86.01
C LYS E 1657 18.27 -40.65 84.75
N VAL E 1658 18.81 -39.46 84.92
CA VAL E 1658 19.32 -38.65 83.83
C VAL E 1658 20.25 -39.47 82.92
N GLN E 1659 21.31 -40.04 83.48
CA GLN E 1659 22.31 -40.73 82.67
C GLN E 1659 21.76 -41.94 81.92
N ALA E 1660 20.63 -42.46 82.38
CA ALA E 1660 19.95 -43.53 81.66
C ALA E 1660 19.26 -42.96 80.42
N ARG E 1661 18.52 -41.86 80.62
CA ARG E 1661 17.87 -41.13 79.53
C ARG E 1661 18.85 -40.80 78.42
N GLN E 1662 19.95 -40.17 78.79
CA GLN E 1662 21.00 -39.77 77.86
C GLN E 1662 21.41 -40.97 77.00
N LYS E 1663 21.43 -42.16 77.57
CA LYS E 1663 21.83 -43.33 76.80
C LYS E 1663 20.76 -43.70 75.79
N LYS E 1664 19.49 -43.49 76.16
CA LYS E 1664 18.39 -43.66 75.20
C LYS E 1664 18.50 -42.61 74.11
N ALA E 1665 18.60 -41.35 74.55
CA ALA E 1665 18.73 -40.21 73.64
C ALA E 1665 19.83 -40.45 72.64
N TYR E 1666 21.02 -40.70 73.14
CA TYR E 1666 22.18 -40.99 72.32
C TYR E 1666 21.83 -42.00 71.26
N ARG E 1667 21.20 -43.09 71.68
CA ARG E 1667 20.84 -44.15 70.73
C ARG E 1667 19.94 -43.61 69.63
N PHE E 1668 18.90 -42.92 70.06
CA PHE E 1668 17.90 -42.39 69.14
C PHE E 1668 18.53 -41.49 68.11
N PHE E 1669 19.18 -40.44 68.61
CA PHE E 1669 19.87 -39.48 67.77
C PHE E 1669 20.73 -40.13 66.69
N HIS E 1670 21.46 -41.17 67.03
CA HIS E 1670 22.34 -41.78 66.04
C HIS E 1670 21.55 -42.57 65.02
N ASN E 1671 20.49 -43.18 65.52
CA ASN E 1671 19.57 -43.88 64.65
C ASN E 1671 18.99 -42.87 63.65
N GLY E 1672 18.46 -41.78 64.18
CA GLY E 1672 17.86 -40.72 63.38
C GLY E 1672 18.77 -40.20 62.28
N LEU E 1673 19.95 -39.69 62.65
CA LEU E 1673 20.93 -39.24 61.68
C LEU E 1673 21.08 -40.17 60.50
N ILE E 1674 21.25 -41.46 60.78
CA ILE E 1674 21.52 -42.42 59.74
C ILE E 1674 20.29 -42.73 58.89
N ASN E 1675 19.13 -42.78 59.56
CA ASN E 1675 17.89 -43.24 58.93
C ASN E 1675 16.85 -42.14 58.79
N ASN E 1676 17.30 -40.91 59.01
CA ASN E 1676 16.49 -39.74 58.73
C ASN E 1676 15.22 -39.72 59.50
N LYS E 1677 15.30 -40.24 60.74
CA LYS E 1677 14.12 -40.27 61.58
C LYS E 1677 14.26 -39.49 62.89
N LEU E 1678 14.96 -38.37 62.86
CA LEU E 1678 15.01 -37.50 64.03
C LEU E 1678 13.63 -36.89 64.35
N PHE E 1679 12.77 -36.86 63.33
CA PHE E 1679 11.38 -36.43 63.46
C PHE E 1679 10.44 -37.57 63.11
N VAL E 1680 9.57 -37.93 64.03
CA VAL E 1680 8.58 -38.98 63.78
C VAL E 1680 7.18 -38.46 63.99
N ALA E 1681 6.44 -38.35 62.91
CA ALA E 1681 5.08 -37.88 62.97
C ALA E 1681 4.22 -38.93 63.66
N LYS E 1682 3.38 -38.46 64.57
CA LYS E 1682 2.40 -39.32 65.21
C LYS E 1682 1.20 -39.45 64.27
N ASP E 1683 0.67 -40.68 64.17
CA ASP E 1683 -0.48 -40.94 63.30
C ASP E 1683 -1.81 -41.02 64.05
N LYS E 1684 -1.75 -41.38 65.32
CA LYS E 1684 -2.95 -41.47 66.12
C LYS E 1684 -2.72 -40.93 67.52
N ALA E 1685 -3.76 -40.37 68.13
CA ALA E 1685 -3.70 -39.97 69.53
C ALA E 1685 -3.47 -41.20 70.41
N PRO E 1686 -3.10 -40.98 71.68
CA PRO E 1686 -2.77 -42.05 72.62
C PRO E 1686 -3.98 -42.92 72.93
N TYR E 1687 -5.16 -42.35 72.74
CA TYR E 1687 -6.42 -43.02 73.12
C TYR E 1687 -7.25 -43.39 71.91
N GLU E 1688 -7.92 -44.54 71.96
CA GLU E 1688 -8.90 -44.86 70.94
C GLU E 1688 -10.00 -43.83 71.09
N ASP E 1689 -10.76 -43.60 70.01
CA ASP E 1689 -11.77 -42.55 70.02
C ASP E 1689 -12.82 -42.87 71.07
N ARG E 1690 -13.13 -44.16 71.18
CA ARG E 1690 -14.04 -44.69 72.19
C ARG E 1690 -13.80 -44.08 73.58
N ILE E 1691 -12.54 -43.99 73.97
CA ILE E 1691 -12.17 -43.57 75.33
C ILE E 1691 -12.16 -42.05 75.50
N GLN E 1692 -11.96 -41.34 74.40
CA GLN E 1692 -11.54 -39.95 74.46
C GLN E 1692 -12.23 -39.12 75.54
N SER E 1693 -13.55 -39.01 75.48
CA SER E 1693 -14.27 -38.15 76.41
C SER E 1693 -13.86 -38.43 77.85
N LYS E 1694 -13.74 -39.71 78.17
CA LYS E 1694 -13.39 -40.15 79.51
C LYS E 1694 -11.98 -39.70 79.88
N VAL E 1695 -11.02 -40.03 79.02
CA VAL E 1695 -9.61 -39.66 79.21
C VAL E 1695 -9.45 -38.16 79.49
N PHE E 1696 -10.20 -37.36 78.76
CA PHE E 1696 -10.16 -35.91 78.91
C PHE E 1696 -10.67 -35.49 80.28
N LEU E 1697 -11.64 -36.24 80.79
CA LEU E 1697 -12.40 -35.78 81.95
C LEU E 1697 -11.85 -36.26 83.28
N ASN E 1698 -11.08 -37.33 83.21
CA ASN E 1698 -10.45 -37.90 84.37
C ASN E 1698 -8.98 -37.44 84.46
N PRO E 1699 -8.67 -36.56 85.43
CA PRO E 1699 -7.34 -35.90 85.53
C PRO E 1699 -6.21 -36.87 85.92
N GLN E 1700 -6.57 -38.13 86.15
CA GLN E 1700 -5.59 -39.13 86.59
C GLN E 1700 -5.10 -39.93 85.39
N SER E 1701 -6.02 -40.16 84.46
CA SER E 1701 -5.76 -41.03 83.33
C SER E 1701 -4.37 -40.79 82.78
N ARG E 1702 -3.57 -41.84 82.73
CA ARG E 1702 -2.24 -41.74 82.16
C ARG E 1702 -1.89 -42.93 81.31
N VAL E 1703 -0.83 -42.78 80.53
CA VAL E 1703 -0.49 -43.74 79.50
C VAL E 1703 0.44 -44.84 79.99
N THR E 1704 0.15 -46.07 79.57
CA THR E 1704 0.98 -47.22 79.93
C THR E 1704 1.73 -47.72 78.70
N GLN E 1705 2.99 -48.05 78.87
CA GLN E 1705 3.76 -48.66 77.80
C GLN E 1705 3.15 -50.01 77.45
N GLU E 1706 3.40 -50.50 76.25
CA GLU E 1706 2.73 -51.72 75.82
C GLU E 1706 3.59 -52.81 75.18
N SER E 1707 2.87 -53.73 74.53
CA SER E 1707 3.44 -54.93 73.93
C SER E 1707 4.28 -54.57 72.71
N ASN E 1708 3.86 -53.51 72.05
CA ASN E 1708 4.56 -53.00 70.88
C ASN E 1708 5.50 -51.84 71.24
N GLY E 1709 5.87 -51.76 72.51
CA GLY E 1709 6.71 -50.68 73.00
C GLY E 1709 6.05 -49.32 72.87
N GLU E 1710 4.77 -49.33 72.50
CA GLU E 1710 4.00 -48.13 72.21
C GLU E 1710 3.17 -47.61 73.40
N LEU E 1711 3.11 -46.29 73.50
CA LEU E 1711 2.37 -45.66 74.60
C LEU E 1711 0.91 -45.44 74.21
N LYS E 1712 0.00 -45.77 75.11
CA LYS E 1712 -1.43 -45.60 74.88
C LYS E 1712 -2.17 -45.62 76.22
N PHE E 1713 -3.13 -44.73 76.38
CA PHE E 1713 -4.05 -44.82 77.51
C PHE E 1713 -4.69 -46.21 77.53
N PRO E 1714 -5.10 -46.66 78.72
CA PRO E 1714 -5.64 -48.01 78.92
C PRO E 1714 -7.15 -48.12 78.68
N ALA E 1715 -7.57 -49.20 78.02
CA ALA E 1715 -8.98 -49.48 77.74
C ALA E 1715 -9.66 -50.21 78.90
N MET F 1 -63.01 -95.54 48.29
CA MET F 1 -63.23 -95.33 46.86
C MET F 1 -64.36 -94.34 46.59
N ARG F 2 -64.98 -93.83 47.66
CA ARG F 2 -65.99 -92.79 47.51
C ARG F 2 -65.29 -91.44 47.33
N PRO F 3 -65.36 -90.88 46.11
CA PRO F 3 -64.65 -89.62 45.81
C PRO F 3 -65.01 -88.56 46.83
N GLU F 4 -66.31 -88.41 47.06
CA GLU F 4 -66.86 -87.41 47.97
C GLU F 4 -66.39 -87.63 49.42
N VAL F 5 -66.10 -88.89 49.75
CA VAL F 5 -65.55 -89.24 51.04
C VAL F 5 -64.09 -88.82 51.10
N GLU F 6 -63.31 -89.31 50.14
CA GLU F 6 -61.89 -89.00 50.04
C GLU F 6 -61.64 -87.50 50.13
N GLN F 7 -62.53 -86.71 49.53
CA GLN F 7 -62.46 -85.26 49.63
C GLN F 7 -62.42 -84.77 51.06
N GLU F 8 -63.52 -84.99 51.78
CA GLU F 8 -63.66 -84.53 53.15
C GLU F 8 -62.55 -85.06 54.06
N LEU F 9 -61.99 -86.21 53.71
CA LEU F 9 -60.87 -86.77 54.46
C LEU F 9 -59.57 -86.01 54.17
N ALA F 10 -59.16 -85.99 52.90
CA ALA F 10 -58.01 -85.20 52.47
C ALA F 10 -58.14 -83.76 52.98
N TYR F 11 -59.36 -83.22 52.87
CA TYR F 11 -59.69 -81.88 53.34
C TYR F 11 -59.33 -81.67 54.80
N THR F 12 -59.97 -82.39 55.72
CA THR F 12 -59.73 -82.11 57.14
C THR F 12 -58.36 -82.57 57.59
N LEU F 13 -57.77 -83.52 56.87
CA LEU F 13 -56.36 -83.90 57.10
C LEU F 13 -55.47 -82.70 56.76
N LEU F 14 -55.66 -82.17 55.55
CA LEU F 14 -55.01 -80.94 55.11
C LEU F 14 -55.24 -79.82 56.14
N VAL F 15 -56.50 -79.47 56.36
CA VAL F 15 -56.88 -78.41 57.30
C VAL F 15 -56.20 -78.57 58.65
N GLU F 16 -56.19 -79.81 59.15
CA GLU F 16 -55.56 -80.12 60.42
C GLU F 16 -54.05 -79.97 60.32
N LEU F 17 -53.45 -80.64 59.34
CA LEU F 17 -52.01 -80.59 59.11
C LEU F 17 -51.47 -79.15 59.14
N LEU F 18 -52.17 -78.24 58.45
CA LEU F 18 -51.79 -76.84 58.39
C LEU F 18 -51.99 -76.18 59.74
N ALA F 19 -53.18 -76.35 60.30
CA ALA F 19 -53.54 -75.77 61.60
C ALA F 19 -52.43 -75.98 62.64
N TYR F 20 -52.06 -77.24 62.86
CA TYR F 20 -51.09 -77.59 63.89
C TYR F 20 -49.63 -77.35 63.47
N GLN F 21 -49.40 -77.04 62.19
CA GLN F 21 -48.03 -76.79 61.71
C GLN F 21 -47.37 -75.69 62.54
N PHE F 22 -48.18 -74.72 62.97
CA PHE F 22 -47.78 -73.73 63.96
C PHE F 22 -46.87 -74.30 65.04
N ALA F 23 -47.48 -75.09 65.92
CA ALA F 23 -46.86 -75.57 67.15
C ALA F 23 -46.26 -76.96 66.99
N MET F 24 -45.54 -77.16 65.88
CA MET F 24 -45.01 -78.46 65.52
C MET F 24 -43.70 -78.30 64.77
N PRO F 25 -42.59 -78.76 65.38
CA PRO F 25 -41.26 -78.63 64.78
C PRO F 25 -41.23 -79.11 63.34
N VAL F 26 -40.41 -78.43 62.55
CA VAL F 26 -40.27 -78.72 61.13
C VAL F 26 -39.18 -79.75 60.88
N ARG F 27 -39.59 -80.95 60.51
CA ARG F 27 -38.68 -82.06 60.30
C ARG F 27 -38.14 -82.10 58.88
N TRP F 28 -37.32 -81.12 58.54
CA TRP F 28 -36.82 -80.96 57.17
C TRP F 28 -35.71 -81.95 56.78
N ILE F 29 -35.15 -82.67 57.74
CA ILE F 29 -34.20 -83.72 57.37
C ILE F 29 -35.01 -84.90 56.88
N GLU F 30 -35.96 -85.33 57.70
CA GLU F 30 -36.78 -86.49 57.40
C GLU F 30 -37.49 -86.28 56.07
N THR F 31 -37.85 -85.03 55.82
CA THR F 31 -38.51 -84.64 54.57
C THR F 31 -37.55 -84.70 53.39
N GLN F 32 -36.35 -84.16 53.59
CA GLN F 32 -35.31 -84.21 52.57
C GLN F 32 -34.94 -85.65 52.23
N ASP F 33 -35.00 -86.50 53.25
CA ASP F 33 -34.61 -87.89 53.11
C ASP F 33 -35.68 -88.68 52.36
N VAL F 34 -36.94 -88.28 52.51
CA VAL F 34 -38.02 -88.86 51.70
C VAL F 34 -37.82 -88.53 50.21
N ILE F 35 -37.24 -87.36 49.95
CA ILE F 35 -37.03 -86.88 48.59
C ILE F 35 -35.80 -87.51 47.93
N LEU F 36 -34.74 -87.59 48.71
CA LEU F 36 -33.46 -88.12 48.23
C LEU F 36 -33.40 -89.64 48.27
N ALA F 37 -33.96 -90.23 49.31
CA ALA F 37 -33.84 -91.67 49.57
C ALA F 37 -35.02 -92.49 49.07
N GLU F 38 -36.22 -92.13 49.53
CA GLU F 38 -37.41 -92.86 49.13
C GLU F 38 -37.66 -92.73 47.63
N LYS F 39 -37.90 -91.51 47.17
CA LYS F 39 -38.22 -91.29 45.77
C LYS F 39 -36.99 -91.05 44.88
N ARG F 40 -35.81 -91.11 45.49
CA ARG F 40 -34.54 -90.98 44.79
C ARG F 40 -34.60 -89.99 43.62
N THR F 41 -34.93 -88.75 43.93
CA THR F 41 -35.09 -87.71 42.91
C THR F 41 -33.75 -87.32 42.30
N GLU F 42 -33.70 -87.21 40.98
CA GLU F 42 -32.49 -86.77 40.29
C GLU F 42 -32.38 -85.23 40.33
N ARG F 43 -33.46 -84.55 39.97
CA ARG F 43 -33.51 -83.09 39.97
C ARG F 43 -34.25 -82.56 41.19
N ILE F 44 -33.55 -81.89 42.10
CA ILE F 44 -34.25 -81.16 43.15
C ILE F 44 -34.36 -79.71 42.75
N VAL F 45 -35.58 -79.23 42.58
CA VAL F 45 -35.78 -77.84 42.22
C VAL F 45 -36.25 -77.03 43.42
N GLU F 46 -35.57 -75.93 43.64
CA GLU F 46 -35.89 -75.02 44.74
C GLU F 46 -36.60 -73.81 44.16
N ILE F 47 -37.70 -73.42 44.80
CA ILE F 47 -38.42 -72.27 44.33
C ILE F 47 -38.49 -71.20 45.40
N GLY F 48 -37.86 -70.07 45.11
CA GLY F 48 -37.80 -68.95 46.03
C GLY F 48 -36.73 -67.96 45.61
N PRO F 49 -36.43 -66.99 46.50
CA PRO F 49 -35.48 -65.89 46.27
C PRO F 49 -34.00 -66.24 46.50
N SER F 50 -33.71 -67.27 47.27
CA SER F 50 -32.31 -67.63 47.55
C SER F 50 -32.14 -69.13 47.44
N ASP F 51 -30.91 -69.60 47.34
CA ASP F 51 -30.66 -71.04 47.40
C ASP F 51 -30.42 -71.50 48.84
N THR F 52 -31.43 -71.33 49.69
CA THR F 52 -31.33 -71.76 51.09
C THR F 52 -31.57 -73.27 51.25
N LEU F 53 -32.72 -73.75 50.79
CA LEU F 53 -33.03 -75.18 50.78
C LEU F 53 -32.09 -75.93 49.84
N GLY F 54 -31.49 -75.21 48.90
CA GLY F 54 -30.61 -75.80 47.92
C GLY F 54 -29.33 -76.27 48.56
N GLY F 55 -28.61 -75.36 49.20
CA GLY F 55 -27.39 -75.67 49.92
C GLY F 55 -27.68 -76.52 51.13
N MET F 56 -28.89 -76.36 51.66
CA MET F 56 -29.40 -77.20 52.74
C MET F 56 -29.49 -78.66 52.29
N ALA F 57 -29.85 -78.88 51.03
CA ALA F 57 -29.93 -80.24 50.48
C ALA F 57 -28.59 -80.71 49.89
N ARG F 58 -27.64 -79.80 49.73
CA ARG F 58 -26.28 -80.13 49.31
C ARG F 58 -25.49 -80.61 50.51
N ARG F 59 -25.82 -80.05 51.67
CA ARG F 59 -25.20 -80.47 52.92
C ARG F 59 -25.69 -81.86 53.34
N THR F 60 -26.97 -82.14 53.13
CA THR F 60 -27.47 -83.50 53.36
C THR F 60 -26.96 -84.50 52.32
N LEU F 61 -26.50 -83.99 51.17
CA LEU F 61 -25.88 -84.86 50.18
C LEU F 61 -24.47 -85.30 50.59
N GLN F 62 -23.81 -84.49 51.41
CA GLN F 62 -22.46 -84.80 51.86
C GLN F 62 -22.44 -85.65 53.14
N SER F 63 -23.15 -85.17 54.17
CA SER F 63 -23.08 -85.78 55.51
C SER F 63 -23.79 -87.15 55.63
N LYS F 64 -24.61 -87.49 54.65
CA LYS F 64 -25.29 -88.80 54.64
C LYS F 64 -25.11 -89.59 53.34
N TYR F 65 -25.45 -88.97 52.21
CA TYR F 65 -25.59 -89.72 50.96
C TYR F 65 -24.29 -89.91 50.20
N GLU F 66 -23.19 -89.65 50.88
CA GLU F 66 -21.86 -89.77 50.27
C GLU F 66 -21.70 -91.05 49.46
N ALA F 67 -21.58 -92.18 50.17
CA ALA F 67 -21.32 -93.47 49.55
C ALA F 67 -22.59 -94.10 48.96
N TYR F 68 -23.75 -93.70 49.46
CA TYR F 68 -25.01 -94.18 48.91
C TYR F 68 -25.14 -93.82 47.42
N ASP F 69 -24.98 -92.53 47.12
CA ASP F 69 -25.06 -92.05 45.75
C ASP F 69 -24.00 -92.72 44.88
N ALA F 70 -22.81 -92.93 45.47
CA ALA F 70 -21.70 -93.59 44.77
C ALA F 70 -22.02 -95.04 44.41
N ALA F 71 -22.60 -95.75 45.37
CA ALA F 71 -23.01 -97.15 45.14
C ALA F 71 -24.21 -97.25 44.19
N THR F 72 -25.26 -96.48 44.47
CA THR F 72 -26.50 -96.56 43.71
C THR F 72 -26.41 -95.97 42.29
N SER F 73 -25.26 -95.36 41.99
CA SER F 73 -25.06 -94.60 40.75
C SER F 73 -26.18 -93.56 40.54
N VAL F 74 -26.58 -92.92 41.64
CA VAL F 74 -27.63 -91.89 41.62
C VAL F 74 -27.06 -90.56 41.15
N GLN F 75 -27.60 -90.03 40.05
CA GLN F 75 -27.23 -88.71 39.58
C GLN F 75 -28.14 -87.68 40.22
N ARG F 76 -27.54 -86.65 40.80
CA ARG F 76 -28.32 -85.61 41.46
C ARG F 76 -27.97 -84.21 40.97
N GLN F 77 -28.97 -83.34 40.96
CA GLN F 77 -28.88 -81.99 40.40
C GLN F 77 -29.76 -81.06 41.23
N ILE F 78 -29.13 -80.16 41.96
CA ILE F 78 -29.87 -79.22 42.81
C ILE F 78 -29.92 -77.85 42.15
N LEU F 79 -31.14 -77.38 41.85
CA LEU F 79 -31.33 -76.11 41.18
C LEU F 79 -32.13 -75.15 42.05
N CYS F 80 -31.68 -73.91 42.14
CA CYS F 80 -32.49 -72.84 42.71
C CYS F 80 -33.16 -72.10 41.56
N TYR F 81 -34.23 -71.39 41.88
CA TYR F 81 -34.94 -70.63 40.85
C TYR F 81 -34.08 -69.46 40.41
N CYS F 82 -33.38 -68.87 41.37
CA CYS F 82 -32.49 -67.75 41.08
C CYS F 82 -31.28 -68.19 40.26
N LYS F 83 -30.29 -68.72 40.94
CA LYS F 83 -28.99 -69.05 40.35
C LYS F 83 -29.09 -69.90 39.09
N ASP F 84 -29.80 -71.03 39.21
CA ASP F 84 -29.85 -72.04 38.15
C ASP F 84 -31.09 -71.87 37.30
N ALA F 85 -31.44 -70.61 37.04
CA ALA F 85 -32.68 -70.26 36.33
C ALA F 85 -32.80 -70.85 34.92
N LYS F 86 -31.72 -70.91 34.16
CA LYS F 86 -31.81 -71.33 32.76
C LYS F 86 -32.04 -72.84 32.59
N GLU F 87 -31.34 -73.64 33.39
CA GLU F 87 -31.45 -75.09 33.29
C GLU F 87 -32.84 -75.60 33.67
N ILE F 88 -33.55 -74.82 34.49
CA ILE F 88 -34.93 -75.13 34.84
C ILE F 88 -35.78 -75.14 33.58
N TYR F 89 -35.64 -74.09 32.78
CA TYR F 89 -36.48 -73.88 31.61
C TYR F 89 -35.90 -74.49 30.36
N TYR F 90 -34.88 -75.34 30.52
CA TYR F 90 -34.24 -75.99 29.38
C TYR F 90 -33.88 -74.99 28.29
N ASP F 91 -33.11 -73.97 28.67
CA ASP F 91 -32.66 -72.94 27.75
C ASP F 91 -31.15 -73.03 27.55
N VAL F 92 -30.72 -73.55 26.40
CA VAL F 92 -29.31 -73.62 26.11
C VAL F 92 -29.06 -73.11 24.69
N GLU F 93 -27.89 -72.51 24.47
CA GLU F 93 -27.48 -72.09 23.13
C GLU F 93 -26.64 -73.19 22.48
N PRO F 94 -26.83 -73.38 21.15
CA PRO F 94 -26.21 -74.47 20.37
C PRO F 94 -24.69 -74.38 20.24
N ILE F 325 2.32 -24.86 1.20
CA ILE F 325 1.51 -23.96 0.39
C ILE F 325 0.89 -22.85 1.23
N ASP F 326 0.00 -23.24 2.14
CA ASP F 326 -0.85 -22.32 2.90
C ASP F 326 -0.07 -21.47 3.91
N ALA F 327 1.18 -21.87 4.18
CA ALA F 327 2.04 -21.10 5.06
C ALA F 327 2.89 -20.10 4.27
N LEU F 328 3.22 -20.46 3.03
CA LEU F 328 3.89 -19.54 2.10
C LEU F 328 2.95 -18.40 1.75
N THR F 329 1.67 -18.55 2.08
CA THR F 329 0.68 -17.52 1.84
C THR F 329 0.12 -16.91 3.13
N LYS F 330 0.18 -17.67 4.23
CA LYS F 330 -0.38 -17.20 5.50
C LYS F 330 0.38 -16.00 6.08
N ASP F 331 1.56 -15.74 5.54
CA ASP F 331 2.28 -14.52 5.89
C ASP F 331 1.63 -13.34 5.18
N GLN F 332 1.28 -13.57 3.92
CA GLN F 332 0.59 -12.59 3.10
C GLN F 332 -0.64 -12.10 3.82
N ARG F 333 -1.56 -13.03 4.07
CA ARG F 333 -2.83 -12.71 4.70
C ARG F 333 -2.58 -11.91 5.97
N ALA F 334 -1.71 -12.42 6.83
CA ALA F 334 -1.33 -11.70 8.03
C ALA F 334 -0.93 -10.26 7.68
N LEU F 335 -0.01 -10.13 6.72
CA LEU F 335 0.47 -8.82 6.31
C LEU F 335 -0.68 -7.90 5.96
N PHE F 336 -1.63 -8.41 5.21
CA PHE F 336 -2.67 -7.57 4.68
C PHE F 336 -3.76 -7.32 5.70
N LYS F 337 -3.96 -8.28 6.58
CA LYS F 337 -4.95 -8.08 7.63
C LYS F 337 -4.50 -6.89 8.48
N GLN F 338 -3.20 -6.80 8.73
CA GLN F 338 -2.69 -5.70 9.53
C GLN F 338 -2.86 -4.42 8.74
N GLN F 339 -2.57 -4.51 7.44
CA GLN F 339 -2.77 -3.43 6.48
C GLN F 339 -4.16 -2.85 6.64
N LEU F 340 -5.12 -3.76 6.53
CA LEU F 340 -6.52 -3.41 6.59
C LEU F 340 -6.82 -2.64 7.88
N GLU F 341 -6.28 -3.14 8.99
CA GLU F 341 -6.57 -2.61 10.31
C GLU F 341 -6.13 -1.16 10.42
N ILE F 342 -4.91 -0.88 9.97
CA ILE F 342 -4.34 0.44 10.17
C ILE F 342 -5.02 1.43 9.27
N ILE F 343 -5.57 0.93 8.17
CA ILE F 343 -6.28 1.81 7.25
C ILE F 343 -7.58 2.19 7.91
N ALA F 344 -8.26 1.19 8.47
CA ALA F 344 -9.49 1.41 9.20
C ALA F 344 -9.21 2.44 10.28
N ARG F 345 -8.13 2.21 11.04
CA ARG F 345 -7.76 3.11 12.12
C ARG F 345 -7.66 4.55 11.62
N TYR F 346 -7.11 4.69 10.43
CA TYR F 346 -6.90 6.00 9.84
C TYR F 346 -8.23 6.61 9.49
N LEU F 347 -9.13 5.77 9.00
CA LEU F 347 -10.43 6.24 8.53
C LEU F 347 -11.36 6.37 9.69
N LYS F 348 -10.83 6.10 10.88
CA LYS F 348 -11.60 6.20 12.11
C LYS F 348 -12.89 5.40 12.03
N MET F 349 -12.77 4.11 11.72
CA MET F 349 -13.95 3.26 11.62
C MET F 349 -13.80 1.89 12.26
N ASP F 350 -14.71 1.58 13.18
CA ASP F 350 -14.73 0.29 13.84
C ASP F 350 -15.27 -0.75 12.86
N LEU F 351 -14.44 -1.73 12.51
CA LEU F 351 -14.87 -2.77 11.60
C LEU F 351 -15.87 -3.68 12.30
N ARG F 352 -15.63 -3.93 13.58
CA ARG F 352 -16.46 -4.88 14.32
C ARG F 352 -17.67 -4.21 14.93
N ALA F 353 -17.91 -2.96 14.57
CA ALA F 353 -19.03 -2.23 15.14
C ALA F 353 -20.37 -2.88 14.78
N GLY F 354 -20.36 -3.64 13.71
CA GLY F 354 -21.59 -4.24 13.25
C GLY F 354 -21.83 -5.45 14.08
N ASP F 355 -20.80 -6.27 14.21
CA ASP F 355 -20.90 -7.51 14.97
C ASP F 355 -21.22 -7.19 16.43
N LYS F 356 -20.68 -6.07 16.91
CA LYS F 356 -20.91 -5.65 18.27
C LYS F 356 -22.38 -5.33 18.49
N ALA F 357 -22.94 -4.49 17.63
CA ALA F 357 -24.33 -4.08 17.75
C ALA F 357 -25.27 -5.24 17.53
N PHE F 358 -24.81 -6.25 16.79
CA PHE F 358 -25.62 -7.43 16.51
C PHE F 358 -25.74 -8.27 17.77
N VAL F 359 -24.61 -8.64 18.33
CA VAL F 359 -24.56 -9.37 19.59
C VAL F 359 -25.52 -8.71 20.57
N ALA F 360 -25.45 -7.39 20.60
CA ALA F 360 -26.25 -6.56 21.49
C ALA F 360 -27.75 -6.76 21.36
N SER F 361 -28.28 -6.59 20.14
CA SER F 361 -29.72 -6.74 19.92
C SER F 361 -30.13 -8.20 20.08
N GLN F 362 -29.20 -9.11 19.83
CA GLN F 362 -29.45 -10.52 20.04
C GLN F 362 -29.52 -10.92 21.51
N GLU F 363 -29.18 -9.99 22.39
CA GLU F 363 -29.34 -10.22 23.81
C GLU F 363 -30.72 -9.77 24.25
N SER F 364 -31.12 -8.59 23.80
CA SER F 364 -32.45 -8.07 24.14
C SER F 364 -33.53 -8.93 23.49
N GLN F 365 -33.16 -9.65 22.43
CA GLN F 365 -34.07 -10.54 21.74
C GLN F 365 -34.25 -11.82 22.58
N LYS F 366 -33.61 -11.87 23.74
CA LYS F 366 -33.72 -13.01 24.63
C LYS F 366 -34.63 -12.67 25.78
N ALA F 367 -34.45 -11.48 26.34
CA ALA F 367 -35.33 -10.99 27.38
C ALA F 367 -36.75 -10.93 26.86
N LEU F 368 -36.88 -10.75 25.55
CA LEU F 368 -38.18 -10.80 24.90
C LEU F 368 -38.77 -12.19 24.99
N GLN F 369 -38.21 -13.09 24.19
CA GLN F 369 -38.61 -14.49 24.17
C GLN F 369 -38.70 -15.08 25.58
N ALA F 370 -37.97 -14.50 26.53
CA ALA F 370 -38.08 -14.88 27.92
C ALA F 370 -39.48 -14.63 28.40
N GLN F 371 -39.90 -13.36 28.33
CA GLN F 371 -41.23 -12.95 28.79
C GLN F 371 -42.31 -13.58 27.96
N LEU F 372 -42.09 -13.62 26.66
CA LEU F 372 -43.00 -14.28 25.75
C LEU F 372 -43.23 -15.75 26.14
N ASP F 373 -42.17 -16.45 26.49
CA ASP F 373 -42.28 -17.85 26.91
C ASP F 373 -43.13 -18.00 28.15
N LEU F 374 -43.23 -16.94 28.94
CA LEU F 374 -44.06 -16.96 30.13
C LEU F 374 -45.52 -17.06 29.73
N TRP F 375 -46.00 -16.05 29.03
CA TRP F 375 -47.37 -16.07 28.53
C TRP F 375 -47.69 -17.42 27.88
N GLN F 376 -46.80 -17.89 27.01
CA GLN F 376 -46.98 -19.16 26.32
C GLN F 376 -47.21 -20.30 27.29
N ALA F 377 -46.56 -20.23 28.45
CA ALA F 377 -46.60 -21.32 29.42
C ALA F 377 -47.84 -21.26 30.30
N GLU F 378 -48.15 -20.05 30.74
CA GLU F 378 -49.29 -19.83 31.60
C GLU F 378 -50.62 -20.04 30.91
N HIS F 379 -50.63 -20.03 29.58
CA HIS F 379 -51.90 -20.03 28.85
C HIS F 379 -52.11 -21.11 27.80
N GLY F 380 -51.03 -21.61 27.20
CA GLY F 380 -51.14 -22.69 26.23
C GLY F 380 -51.50 -22.23 24.83
N ASP F 381 -51.29 -23.10 23.86
CA ASP F 381 -51.37 -22.70 22.46
C ASP F 381 -52.75 -22.26 22.00
N ILE F 382 -53.77 -23.01 22.40
CA ILE F 382 -55.12 -22.76 21.94
C ILE F 382 -55.68 -21.43 22.45
N TYR F 383 -55.34 -21.08 23.70
CA TYR F 383 -55.80 -19.84 24.30
C TYR F 383 -55.11 -18.70 23.58
N ALA F 384 -53.83 -18.93 23.30
CA ALA F 384 -53.01 -17.96 22.59
C ALA F 384 -53.65 -17.62 21.26
N ALA F 385 -54.05 -18.67 20.54
CA ALA F 385 -54.75 -18.50 19.30
C ALA F 385 -56.07 -17.79 19.50
N GLY F 386 -56.80 -18.21 20.53
CA GLY F 386 -58.17 -17.78 20.72
C GLY F 386 -58.39 -16.36 21.17
N ILE F 387 -57.33 -15.68 21.59
CA ILE F 387 -57.47 -14.28 21.98
C ILE F 387 -57.05 -13.28 20.89
N GLU F 388 -56.74 -13.77 19.69
CA GLU F 388 -56.31 -12.87 18.61
C GLU F 388 -57.46 -12.11 17.94
N PRO F 389 -57.41 -10.78 18.04
CA PRO F 389 -58.42 -9.87 17.51
C PRO F 389 -58.71 -10.18 16.06
N ALA F 390 -59.95 -9.93 15.65
CA ALA F 390 -60.38 -10.29 14.31
C ALA F 390 -61.36 -9.27 13.74
N PHE F 391 -61.77 -8.31 14.54
CA PHE F 391 -62.74 -7.33 14.07
C PHE F 391 -62.11 -6.25 13.23
N ASP F 392 -62.72 -5.94 12.10
CA ASP F 392 -62.19 -4.97 11.16
C ASP F 392 -63.29 -4.34 10.33
N PRO F 393 -63.65 -3.11 10.64
CA PRO F 393 -64.71 -2.34 9.98
C PRO F 393 -64.68 -2.39 8.45
N LEU F 394 -63.55 -2.75 7.88
CA LEU F 394 -63.40 -2.75 6.44
C LEU F 394 -63.94 -4.04 5.88
N LYS F 395 -64.01 -5.05 6.73
CA LYS F 395 -64.53 -6.33 6.31
C LYS F 395 -66.03 -6.39 6.57
N ALA F 396 -66.62 -5.30 7.00
CA ALA F 396 -68.05 -5.31 7.31
C ALA F 396 -68.86 -5.41 6.04
N ARG F 397 -69.86 -6.28 6.06
CA ARG F 397 -70.75 -6.44 4.93
C ARG F 397 -72.16 -6.02 5.31
N VAL F 398 -72.73 -5.10 4.54
CA VAL F 398 -74.10 -4.70 4.79
C VAL F 398 -75.08 -5.21 3.74
N TYR F 399 -76.08 -5.95 4.19
CA TYR F 399 -77.19 -6.43 3.37
C TYR F 399 -78.43 -5.67 3.77
N ASP F 400 -79.08 -5.03 2.79
CA ASP F 400 -80.23 -4.17 3.09
C ASP F 400 -81.22 -4.06 1.92
N SER F 401 -80.88 -4.70 0.80
CA SER F 401 -81.62 -4.61 -0.45
C SER F 401 -82.87 -5.49 -0.49
N SER F 402 -83.82 -5.25 0.41
CA SER F 402 -84.99 -6.12 0.48
C SER F 402 -85.80 -6.00 -0.79
N TRP F 403 -85.95 -4.78 -1.26
CA TRP F 403 -86.84 -4.48 -2.37
C TRP F 403 -86.62 -5.35 -3.60
N ASN F 404 -85.37 -5.72 -3.83
CA ASN F 404 -85.02 -6.55 -4.97
C ASN F 404 -85.26 -8.02 -4.66
N TRP F 405 -84.74 -8.51 -3.54
CA TRP F 405 -84.92 -9.90 -3.19
C TRP F 405 -86.39 -10.28 -3.16
N ALA F 406 -87.24 -9.28 -2.95
CA ALA F 406 -88.68 -9.46 -2.99
C ALA F 406 -89.14 -9.93 -4.37
N ARG F 407 -89.07 -9.02 -5.33
CA ARG F 407 -89.41 -9.33 -6.70
C ARG F 407 -88.76 -10.63 -7.17
N GLN F 408 -87.60 -10.95 -6.63
CA GLN F 408 -86.99 -12.22 -6.99
C GLN F 408 -87.77 -13.36 -6.41
N ASP F 409 -87.90 -13.36 -5.09
CA ASP F 409 -88.56 -14.43 -4.36
C ASP F 409 -90.01 -14.53 -4.81
N ALA F 410 -90.51 -13.41 -5.27
CA ALA F 410 -91.83 -13.37 -5.87
C ALA F 410 -91.81 -14.14 -7.18
N LEU F 411 -91.12 -13.60 -8.18
CA LEU F 411 -91.02 -14.22 -9.50
C LEU F 411 -90.50 -15.66 -9.38
N SER F 412 -89.72 -15.92 -8.34
CA SER F 412 -89.19 -17.25 -8.11
C SER F 412 -90.29 -18.22 -7.73
N MET F 413 -91.18 -17.80 -6.85
CA MET F 413 -92.31 -18.64 -6.43
C MET F 413 -93.28 -18.94 -7.55
N TYR F 414 -93.62 -17.92 -8.34
CA TYR F 414 -94.48 -18.08 -9.51
C TYR F 414 -94.10 -19.32 -10.35
N TYR F 415 -92.90 -19.34 -10.91
CA TYR F 415 -92.46 -20.50 -11.67
C TYR F 415 -92.44 -21.75 -10.81
N ASP F 416 -92.09 -21.61 -9.54
CA ASP F 416 -92.05 -22.74 -8.62
C ASP F 416 -93.35 -23.54 -8.67
N ILE F 417 -94.45 -22.81 -8.69
CA ILE F 417 -95.78 -23.39 -8.71
C ILE F 417 -96.05 -24.08 -10.03
N ILE F 418 -95.78 -23.36 -11.11
CA ILE F 418 -95.97 -23.86 -12.46
C ILE F 418 -95.23 -25.15 -12.75
N PHE F 419 -94.22 -25.47 -11.97
CA PHE F 419 -93.50 -26.71 -12.21
C PHE F 419 -93.77 -27.70 -11.10
N GLY F 420 -94.45 -27.22 -10.07
CA GLY F 420 -94.87 -28.08 -8.98
C GLY F 420 -93.82 -28.29 -7.89
N ARG F 421 -92.74 -27.53 -7.96
CA ARG F 421 -91.81 -27.50 -6.84
C ARG F 421 -92.60 -27.11 -5.60
N LEU F 422 -93.58 -26.22 -5.80
CA LEU F 422 -94.51 -25.85 -4.74
C LEU F 422 -95.86 -26.42 -5.05
N ARG F 423 -96.34 -27.30 -4.17
CA ARG F 423 -97.71 -27.78 -4.25
C ARG F 423 -98.53 -27.07 -3.17
N VAL F 424 -99.81 -26.83 -3.44
CA VAL F 424 -100.63 -25.97 -2.58
C VAL F 424 -100.58 -26.39 -1.13
N VAL F 425 -100.40 -27.70 -0.93
CA VAL F 425 -100.19 -28.32 0.37
C VAL F 425 -99.05 -27.66 1.15
N ASP F 426 -97.83 -28.00 0.74
CA ASP F 426 -96.58 -27.52 1.33
C ASP F 426 -96.70 -26.27 2.19
N ARG F 427 -96.38 -26.42 3.47
CA ARG F 427 -96.30 -25.28 4.37
C ARG F 427 -95.45 -24.21 3.70
N GLU F 428 -94.42 -24.66 3.01
CA GLU F 428 -93.47 -23.79 2.34
C GLU F 428 -94.11 -22.55 1.74
N ILE F 429 -95.06 -22.76 0.82
CA ILE F 429 -95.68 -21.65 0.10
C ILE F 429 -96.15 -20.58 1.04
N VAL F 430 -96.82 -21.00 2.11
CA VAL F 430 -97.24 -20.09 3.15
C VAL F 430 -96.09 -19.19 3.55
N SER F 431 -95.08 -19.82 4.14
CA SER F 431 -93.87 -19.13 4.56
C SER F 431 -93.44 -18.12 3.51
N GLN F 432 -93.11 -18.60 2.32
CA GLN F 432 -92.67 -17.71 1.25
C GLN F 432 -93.56 -16.48 1.10
N CYS F 433 -94.86 -16.72 1.05
CA CYS F 433 -95.84 -15.66 0.84
C CYS F 433 -95.76 -14.62 1.93
N ILE F 434 -95.52 -15.06 3.15
CA ILE F 434 -95.49 -14.14 4.27
C ILE F 434 -94.31 -13.20 4.13
N GLN F 435 -93.16 -13.73 3.69
CA GLN F 435 -92.01 -12.86 3.54
C GLN F 435 -92.19 -11.92 2.35
N ILE F 436 -92.89 -12.39 1.33
CA ILE F 436 -93.22 -11.51 0.23
C ILE F 436 -94.18 -10.43 0.73
N MET F 437 -95.04 -10.79 1.68
CA MET F 437 -95.93 -9.80 2.27
C MET F 437 -95.10 -8.81 3.07
N ASN F 438 -94.10 -9.33 3.77
CA ASN F 438 -93.31 -8.53 4.68
C ASN F 438 -92.62 -7.40 3.92
N ARG F 439 -92.16 -7.69 2.71
CA ARG F 439 -91.57 -6.67 1.86
C ARG F 439 -92.62 -6.18 0.86
N SER F 440 -93.54 -5.31 1.29
CA SER F 440 -94.57 -4.86 0.36
C SER F 440 -94.41 -3.42 -0.09
N ASN F 441 -93.97 -3.25 -1.33
CA ASN F 441 -93.88 -1.93 -1.95
C ASN F 441 -95.06 -1.71 -2.84
N PRO F 442 -95.25 -0.46 -3.27
CA PRO F 442 -96.21 -0.27 -4.36
C PRO F 442 -95.63 -0.97 -5.58
N LEU F 443 -94.34 -0.72 -5.81
CA LEU F 443 -93.66 -1.22 -6.99
C LEU F 443 -93.65 -2.73 -7.01
N LEU F 444 -93.69 -3.36 -5.83
CA LEU F 444 -93.72 -4.81 -5.78
C LEU F 444 -95.03 -5.27 -6.38
N LEU F 445 -96.12 -4.63 -5.96
CA LEU F 445 -97.43 -4.95 -6.49
C LEU F 445 -97.51 -4.89 -8.02
N GLU F 446 -97.05 -3.78 -8.62
CA GLU F 446 -97.00 -3.69 -10.07
C GLU F 446 -96.33 -4.90 -10.69
N PHE F 447 -95.18 -5.28 -10.15
CA PHE F 447 -94.43 -6.43 -10.64
C PHE F 447 -95.21 -7.71 -10.36
N MET F 448 -95.71 -7.84 -9.13
CA MET F 448 -96.61 -8.92 -8.72
C MET F 448 -97.70 -9.09 -9.78
N GLN F 449 -98.44 -8.00 -9.98
CA GLN F 449 -99.63 -8.00 -10.82
C GLN F 449 -99.33 -8.45 -12.23
N TYR F 450 -98.60 -7.65 -13.00
CA TYR F 450 -98.33 -7.98 -14.40
C TYR F 450 -98.09 -9.46 -14.63
N HIS F 451 -97.18 -10.06 -13.87
CA HIS F 451 -96.83 -11.46 -14.10
C HIS F 451 -98.05 -12.38 -13.94
N ILE F 452 -98.94 -12.00 -13.03
CA ILE F 452 -100.20 -12.70 -12.85
C ILE F 452 -101.14 -12.45 -14.03
N ASP F 453 -101.43 -11.17 -14.27
CA ASP F 453 -102.37 -10.77 -15.31
C ASP F 453 -102.17 -11.52 -16.62
N HIS F 454 -100.92 -11.85 -16.92
CA HIS F 454 -100.61 -12.47 -18.20
C HIS F 454 -100.31 -13.96 -18.06
N CYS F 455 -100.58 -14.52 -16.88
CA CYS F 455 -100.41 -15.96 -16.68
C CYS F 455 -101.26 -16.73 -17.69
N PRO F 456 -100.62 -17.57 -18.51
CA PRO F 456 -101.25 -18.43 -19.52
C PRO F 456 -102.00 -19.59 -18.90
N THR F 457 -103.13 -19.32 -18.25
CA THR F 457 -103.92 -20.33 -17.54
C THR F 457 -104.35 -21.50 -18.42
N GLU F 458 -104.52 -21.23 -19.70
CA GLU F 458 -105.00 -22.22 -20.66
C GLU F 458 -103.98 -23.31 -20.93
N ARG F 459 -102.83 -23.26 -20.28
CA ARG F 459 -101.79 -24.23 -20.56
C ARG F 459 -101.82 -25.45 -19.64
N GLY F 460 -102.29 -25.28 -18.41
CA GLY F 460 -102.27 -26.35 -17.43
C GLY F 460 -102.84 -25.95 -16.09
N GLU F 461 -103.02 -26.94 -15.21
CA GLU F 461 -103.58 -26.69 -13.89
C GLU F 461 -102.70 -25.74 -13.09
N THR F 462 -101.44 -26.17 -12.93
CA THR F 462 -100.39 -25.36 -12.33
C THR F 462 -100.50 -23.88 -12.67
N TYR F 463 -100.64 -23.57 -13.95
CA TYR F 463 -100.75 -22.18 -14.40
C TYR F 463 -101.98 -21.51 -13.78
N GLN F 464 -103.10 -22.22 -13.79
CA GLN F 464 -104.30 -21.72 -13.14
C GLN F 464 -104.04 -21.54 -11.66
N LEU F 465 -103.68 -22.66 -11.03
CA LEU F 465 -103.29 -22.75 -9.61
C LEU F 465 -102.36 -21.61 -9.21
N ALA F 466 -101.47 -21.26 -10.14
CA ALA F 466 -100.57 -20.15 -9.95
C ALA F 466 -101.36 -18.84 -9.94
N LYS F 467 -101.99 -18.53 -11.06
CA LYS F 467 -102.71 -17.28 -11.18
C LYS F 467 -103.63 -17.09 -9.99
N GLU F 468 -104.16 -18.19 -9.47
CA GLU F 468 -105.05 -18.12 -8.33
C GLU F 468 -104.31 -17.63 -7.12
N LEU F 469 -103.41 -18.47 -6.63
CA LEU F 469 -102.61 -18.14 -5.46
C LEU F 469 -101.92 -16.81 -5.65
N GLY F 470 -101.59 -16.49 -6.90
CA GLY F 470 -100.99 -15.22 -7.24
C GLY F 470 -101.88 -14.05 -6.87
N GLN F 471 -103.02 -13.96 -7.53
CA GLN F 471 -103.96 -12.91 -7.25
C GLN F 471 -104.28 -12.91 -5.76
N GLN F 472 -104.26 -14.09 -5.18
CA GLN F 472 -104.49 -14.27 -3.75
C GLN F 472 -103.48 -13.44 -3.01
N LEU F 473 -102.21 -13.77 -3.22
CA LEU F 473 -101.10 -13.09 -2.56
C LEU F 473 -101.16 -11.61 -2.81
N ILE F 474 -101.38 -11.22 -4.06
CA ILE F 474 -101.37 -9.80 -4.41
C ILE F 474 -102.35 -9.03 -3.55
N GLU F 475 -103.45 -9.67 -3.18
CA GLU F 475 -104.48 -9.00 -2.41
C GLU F 475 -103.99 -8.80 -1.00
N ASN F 476 -103.45 -9.86 -0.42
CA ASN F 476 -102.91 -9.80 0.94
C ASN F 476 -101.88 -8.69 1.03
N CYS F 477 -100.93 -8.69 0.09
CA CYS F 477 -99.87 -7.67 0.04
C CYS F 477 -100.47 -6.29 0.06
N LYS F 478 -101.64 -6.12 -0.55
CA LYS F 478 -102.26 -4.81 -0.59
C LYS F 478 -102.70 -4.33 0.79
N GLU F 479 -103.14 -5.25 1.64
CA GLU F 479 -103.67 -4.86 2.94
C GLU F 479 -102.62 -4.79 4.02
N VAL F 480 -101.37 -5.06 3.65
CA VAL F 480 -100.29 -5.03 4.64
C VAL F 480 -99.21 -4.01 4.30
N LEU F 481 -99.51 -3.13 3.34
CA LEU F 481 -98.63 -2.00 3.05
C LEU F 481 -98.59 -1.11 4.27
N GLY F 482 -97.40 -0.63 4.63
CA GLY F 482 -97.25 0.20 5.81
C GLY F 482 -97.28 -0.63 7.08
N LYS F 483 -98.12 -1.66 7.09
CA LYS F 483 -98.24 -2.51 8.25
C LYS F 483 -96.92 -3.26 8.52
N PRO F 484 -96.42 -3.09 9.74
CA PRO F 484 -95.25 -3.76 10.30
C PRO F 484 -95.16 -5.18 9.86
N PRO F 485 -93.95 -5.59 9.48
CA PRO F 485 -93.70 -6.96 9.07
C PRO F 485 -93.70 -7.88 10.28
N VAL F 486 -93.87 -9.17 10.07
CA VAL F 486 -94.06 -10.08 11.19
C VAL F 486 -93.32 -11.39 11.11
N TYR F 487 -92.76 -11.80 12.23
CA TYR F 487 -92.21 -13.12 12.40
C TYR F 487 -93.39 -14.02 12.73
N LYS F 488 -93.68 -14.95 11.83
CA LYS F 488 -94.74 -15.95 12.06
C LYS F 488 -94.23 -17.33 11.61
N ASP F 489 -94.02 -18.22 12.58
CA ASP F 489 -93.52 -19.54 12.25
C ASP F 489 -94.64 -20.48 11.84
N VAL F 490 -94.74 -20.71 10.54
CA VAL F 490 -95.79 -21.56 10.01
C VAL F 490 -95.31 -23.00 9.83
N SER F 491 -94.09 -23.28 10.24
CA SER F 491 -93.52 -24.59 10.01
C SER F 491 -94.35 -25.66 10.70
N ILE F 492 -94.17 -26.90 10.28
CA ILE F 492 -94.91 -28.00 10.86
C ILE F 492 -94.13 -28.55 12.04
N PRO F 493 -94.61 -28.30 13.26
CA PRO F 493 -93.92 -28.76 14.47
C PRO F 493 -93.40 -30.19 14.29
N THR F 494 -92.14 -30.41 14.63
CA THR F 494 -91.52 -31.70 14.36
C THR F 494 -90.83 -32.26 15.59
N GLY F 495 -90.76 -33.59 15.66
CA GLY F 495 -90.17 -34.29 16.80
C GLY F 495 -89.04 -35.22 16.41
N PRO F 496 -88.44 -35.87 17.42
CA PRO F 496 -87.25 -36.70 17.25
C PRO F 496 -87.64 -38.14 17.04
N GLN F 497 -86.95 -38.86 16.15
CA GLN F 497 -87.27 -40.27 15.94
C GLN F 497 -86.07 -41.09 15.45
N THR F 498 -85.43 -41.78 16.38
CA THR F 498 -84.29 -42.64 16.07
C THR F 498 -84.77 -44.07 15.78
N THR F 499 -84.17 -44.68 14.76
CA THR F 499 -84.64 -45.98 14.31
C THR F 499 -83.45 -46.89 14.08
N ILE F 500 -83.59 -48.16 14.42
CA ILE F 500 -82.54 -49.11 14.08
C ILE F 500 -83.00 -50.12 13.03
N ASP F 501 -82.56 -49.85 11.81
CA ASP F 501 -82.74 -50.73 10.67
C ASP F 501 -82.36 -52.17 11.03
N ALA F 502 -82.96 -53.13 10.33
CA ALA F 502 -82.69 -54.54 10.59
C ALA F 502 -81.23 -54.92 10.25
N ARG F 503 -80.58 -54.11 9.42
CA ARG F 503 -79.16 -54.32 9.11
C ARG F 503 -78.26 -53.72 10.19
N GLY F 504 -78.88 -53.15 11.22
CA GLY F 504 -78.12 -52.53 12.31
C GLY F 504 -77.92 -51.05 12.09
N ASN F 505 -78.27 -50.59 10.89
CA ASN F 505 -78.21 -49.17 10.56
C ASN F 505 -78.99 -48.33 11.57
N ILE F 506 -78.34 -47.30 12.11
CA ILE F 506 -79.00 -46.38 13.01
C ILE F 506 -79.22 -45.05 12.33
N GLN F 507 -80.49 -44.69 12.14
CA GLN F 507 -80.80 -43.41 11.53
C GLN F 507 -81.69 -42.58 12.45
N TYR F 508 -81.76 -41.28 12.18
CA TYR F 508 -82.53 -40.34 12.98
C TYR F 508 -83.18 -39.31 12.11
N GLN F 509 -84.50 -39.42 11.92
CA GLN F 509 -85.23 -38.43 11.15
C GLN F 509 -85.90 -37.46 12.11
N GLU F 510 -86.59 -36.47 11.56
CA GLU F 510 -87.44 -35.64 12.37
C GLU F 510 -88.87 -35.71 11.86
N VAL F 511 -89.70 -36.45 12.57
CA VAL F 511 -91.04 -36.78 12.11
C VAL F 511 -92.07 -35.81 12.64
N PRO F 512 -92.96 -35.35 11.78
CA PRO F 512 -94.02 -34.42 12.20
C PRO F 512 -94.65 -34.92 13.48
N ARG F 513 -94.77 -34.04 14.46
CA ARG F 513 -95.43 -34.38 15.71
C ARG F 513 -96.87 -34.77 15.43
N ALA F 514 -97.23 -35.97 15.88
CA ALA F 514 -98.56 -36.51 15.63
C ALA F 514 -99.67 -35.66 16.26
N SER F 515 -99.32 -34.91 17.30
CA SER F 515 -100.32 -34.13 18.05
C SER F 515 -100.47 -32.66 17.60
N ALA F 516 -99.38 -32.04 17.16
CA ALA F 516 -99.45 -30.64 16.75
C ALA F 516 -99.13 -30.44 15.27
N ARG F 517 -99.78 -29.46 14.65
CA ARG F 517 -99.63 -29.23 13.22
C ARG F 517 -99.23 -27.80 12.91
N LYS F 518 -99.85 -26.85 13.62
CA LYS F 518 -99.44 -25.45 13.60
C LYS F 518 -98.61 -25.16 14.85
N PHE F 519 -98.05 -23.96 14.92
CA PHE F 519 -97.32 -23.61 16.12
C PHE F 519 -98.26 -23.36 17.28
N GLU F 520 -99.47 -22.92 16.98
CA GLU F 520 -100.46 -22.62 18.00
C GLU F 520 -100.64 -23.83 18.90
N HIS F 521 -100.59 -25.00 18.28
CA HIS F 521 -100.77 -26.28 18.97
C HIS F 521 -99.62 -26.48 19.93
N TYR F 522 -98.42 -26.27 19.40
CA TYR F 522 -97.22 -26.29 20.21
C TYR F 522 -97.37 -25.38 21.42
N VAL F 523 -97.69 -24.11 21.19
CA VAL F 523 -97.86 -23.16 22.29
C VAL F 523 -98.76 -23.75 23.35
N LYS F 524 -99.93 -24.25 22.94
CA LYS F 524 -100.85 -24.90 23.87
C LYS F 524 -100.19 -26.09 24.53
N GLN F 525 -99.86 -27.11 23.74
CA GLN F 525 -99.22 -28.31 24.27
C GLN F 525 -98.22 -28.00 25.36
N MET F 526 -97.44 -26.95 25.12
CA MET F 526 -96.45 -26.48 26.08
C MET F 526 -97.14 -26.00 27.31
N ALA F 527 -97.94 -24.94 27.13
CA ALA F 527 -98.59 -24.25 28.25
C ALA F 527 -99.40 -25.19 29.14
N GLU F 528 -100.13 -26.11 28.51
CA GLU F 528 -100.92 -27.09 29.22
C GLU F 528 -100.09 -27.75 30.30
N GLY F 529 -99.14 -28.59 29.90
CA GLY F 529 -98.24 -29.19 30.84
C GLY F 529 -98.08 -30.64 30.50
N GLY F 530 -97.39 -31.36 31.38
CA GLY F 530 -97.31 -32.80 31.34
C GLY F 530 -97.50 -33.31 32.76
N PRO F 531 -98.18 -34.46 32.91
CA PRO F 531 -98.34 -35.07 34.23
C PRO F 531 -96.99 -35.19 34.92
N ILE F 532 -95.97 -35.59 34.16
CA ILE F 532 -94.63 -35.74 34.70
C ILE F 532 -94.23 -34.52 35.54
N SER F 533 -94.78 -33.36 35.18
CA SER F 533 -94.63 -32.13 35.96
C SER F 533 -95.82 -31.91 36.87
N GLN F 534 -95.99 -32.83 37.82
CA GLN F 534 -97.09 -32.70 38.74
C GLN F 534 -96.79 -31.62 39.78
N TYR F 535 -97.61 -30.58 39.82
CA TYR F 535 -97.56 -29.57 40.89
C TYR F 535 -97.13 -30.16 42.21
N SER F 536 -95.90 -29.87 42.65
CA SER F 536 -95.39 -30.37 43.93
C SER F 536 -96.21 -29.92 45.14
N ASN F 537 -95.97 -30.57 46.28
CA ASN F 537 -96.68 -30.20 47.50
C ASN F 537 -96.52 -28.73 47.83
N ARG F 538 -95.28 -28.27 47.93
CA ARG F 538 -95.09 -26.88 48.29
C ARG F 538 -95.74 -25.95 47.28
N THR F 539 -95.54 -26.24 45.98
CA THR F 539 -96.06 -25.35 44.95
C THR F 539 -97.60 -25.31 44.97
N LYS F 540 -98.21 -26.42 45.38
CA LYS F 540 -99.66 -26.46 45.56
C LYS F 540 -100.10 -25.68 46.78
N VAL F 541 -99.56 -26.05 47.95
CA VAL F 541 -99.88 -25.37 49.21
C VAL F 541 -99.83 -23.86 49.02
N GLN F 542 -98.86 -23.41 48.24
CA GLN F 542 -98.67 -21.99 48.00
C GLN F 542 -99.74 -21.42 47.08
N ASN F 543 -99.78 -21.87 45.83
CA ASN F 543 -100.73 -21.34 44.86
C ASN F 543 -102.18 -21.42 45.33
N ASP F 544 -102.47 -22.35 46.23
CA ASP F 544 -103.78 -22.45 46.86
C ASP F 544 -103.99 -21.33 47.89
N LEU F 545 -103.13 -21.29 48.91
CA LEU F 545 -103.16 -20.23 49.92
C LEU F 545 -103.23 -18.86 49.26
N ARG F 546 -102.61 -18.74 48.09
CA ARG F 546 -102.70 -17.55 47.25
C ARG F 546 -104.14 -17.14 47.01
N SER F 547 -104.84 -17.93 46.19
CA SER F 547 -106.23 -17.67 45.86
C SER F 547 -107.13 -17.61 47.10
N VAL F 548 -106.72 -18.29 48.18
CA VAL F 548 -107.43 -18.19 49.46
C VAL F 548 -107.40 -16.75 49.94
N TYR F 549 -106.21 -16.15 49.91
CA TYR F 549 -106.07 -14.74 50.22
C TYR F 549 -106.83 -13.92 49.19
N LYS F 550 -106.63 -14.20 47.90
CA LYS F 550 -107.26 -13.43 46.83
C LYS F 550 -108.78 -13.39 46.95
N LEU F 551 -109.34 -14.47 47.48
CA LEU F 551 -110.78 -14.57 47.70
C LEU F 551 -111.13 -13.73 48.93
N ILE F 552 -110.62 -14.16 50.08
CA ILE F 552 -110.81 -13.48 51.38
C ILE F 552 -110.62 -11.98 51.28
N ARG F 553 -109.64 -11.60 50.48
CA ARG F 553 -109.25 -10.21 50.32
C ARG F 553 -110.27 -9.46 49.48
N ARG F 554 -110.34 -9.81 48.20
CA ARG F 554 -111.24 -9.16 47.25
C ARG F 554 -112.71 -9.56 47.46
N GLN F 555 -113.12 -9.61 48.73
CA GLN F 555 -114.52 -9.79 49.15
C GLN F 555 -114.72 -9.13 50.51
N HIS F 556 -114.76 -7.80 50.48
CA HIS F 556 -114.73 -6.93 51.66
C HIS F 556 -116.07 -6.90 52.43
N ARG F 557 -116.18 -7.71 53.48
CA ARG F 557 -117.33 -7.68 54.39
C ARG F 557 -116.96 -8.33 55.72
N LEU F 558 -115.71 -8.75 55.80
CA LEU F 558 -115.15 -9.26 57.04
C LEU F 558 -114.47 -8.08 57.71
N SER F 559 -114.47 -8.07 59.04
CA SER F 559 -113.85 -6.97 59.76
C SER F 559 -112.36 -6.89 59.46
N LYS F 560 -111.83 -5.68 59.45
CA LYS F 560 -110.40 -5.47 59.26
C LYS F 560 -109.61 -5.98 60.48
N SER F 561 -110.32 -6.40 61.52
CA SER F 561 -109.73 -7.09 62.67
C SER F 561 -109.30 -8.47 62.26
N SER F 562 -110.10 -9.08 61.39
CA SER F 562 -109.90 -10.43 60.93
C SER F 562 -109.05 -10.47 59.66
N GLN F 563 -109.35 -9.56 58.73
CA GLN F 563 -108.56 -9.48 57.50
C GLN F 563 -107.11 -9.21 57.85
N LEU F 564 -106.90 -8.19 58.68
CA LEU F 564 -105.57 -7.82 59.19
C LEU F 564 -104.89 -9.03 59.83
N GLN F 565 -105.69 -9.87 60.48
CA GLN F 565 -105.19 -11.00 61.25
C GLN F 565 -105.21 -12.27 60.42
N PHE F 566 -105.62 -12.15 59.16
CA PHE F 566 -105.57 -13.28 58.23
C PHE F 566 -104.22 -13.37 57.53
N ASN F 567 -103.86 -12.30 56.83
CA ASN F 567 -102.55 -12.24 56.18
C ASN F 567 -101.41 -12.41 57.18
N ALA F 568 -101.71 -12.16 58.45
CA ALA F 568 -100.78 -12.43 59.55
C ALA F 568 -100.49 -13.93 59.61
N LEU F 569 -101.57 -14.70 59.75
CA LEU F 569 -101.51 -16.16 59.81
C LEU F 569 -101.16 -16.74 58.45
N TYR F 570 -101.31 -15.91 57.40
CA TYR F 570 -100.99 -16.30 56.04
C TYR F 570 -99.48 -16.26 55.81
N LYS F 571 -98.87 -15.11 56.13
CA LYS F 571 -97.44 -14.93 56.02
C LYS F 571 -96.71 -15.98 56.84
N ASP F 572 -97.16 -16.17 58.07
CA ASP F 572 -96.63 -17.21 58.95
C ASP F 572 -96.39 -18.50 58.17
N VAL F 573 -97.44 -18.94 57.47
CA VAL F 573 -97.44 -20.21 56.75
C VAL F 573 -96.37 -20.21 55.66
N ILE F 574 -96.27 -19.09 54.95
CA ILE F 574 -95.32 -18.98 53.86
C ILE F 574 -93.88 -19.03 54.35
N ARG F 575 -93.59 -18.29 55.42
CA ARG F 575 -92.24 -18.24 55.97
C ARG F 575 -91.83 -19.61 56.50
N ALA F 576 -92.68 -20.17 57.36
CA ALA F 576 -92.41 -21.50 57.89
C ALA F 576 -92.05 -22.49 56.77
N LEU F 577 -92.79 -22.41 55.65
CA LEU F 577 -92.60 -23.32 54.50
C LEU F 577 -91.23 -23.17 53.86
N ALA F 578 -90.78 -21.93 53.82
CA ALA F 578 -89.50 -21.59 53.22
C ALA F 578 -88.34 -21.97 54.15
N MET F 579 -88.45 -21.59 55.42
CA MET F 579 -87.37 -21.75 56.37
C MET F 579 -87.11 -23.21 56.76
N ASN F 580 -88.13 -23.93 57.24
CA ASN F 580 -87.99 -25.37 57.41
C ASN F 580 -89.12 -26.14 56.73
N GLU F 581 -88.90 -26.52 55.47
CA GLU F 581 -89.89 -27.27 54.71
C GLU F 581 -90.05 -28.66 55.32
N SER F 582 -88.95 -29.25 55.77
CA SER F 582 -88.95 -30.61 56.32
C SER F 582 -89.96 -30.88 57.46
N GLN F 583 -90.11 -29.94 58.39
CA GLN F 583 -91.02 -30.13 59.53
C GLN F 583 -92.48 -30.00 59.14
N ILE F 584 -92.79 -28.93 58.43
CA ILE F 584 -94.16 -28.62 58.04
C ILE F 584 -94.89 -29.70 57.24
N MET F 585 -94.16 -30.61 56.58
CA MET F 585 -94.77 -31.16 55.37
C MET F 585 -94.95 -32.53 54.74
N GLU F 610 -102.37 -28.34 39.30
CA GLU F 610 -102.32 -29.24 38.15
C GLU F 610 -100.86 -29.40 37.70
N THR F 611 -100.38 -28.48 36.85
CA THR F 611 -99.02 -28.58 36.32
C THR F 611 -98.20 -27.29 36.18
N ILE F 612 -96.96 -27.51 35.75
CA ILE F 612 -96.01 -26.44 35.60
C ILE F 612 -95.61 -26.41 34.15
N PRO F 613 -96.09 -25.38 33.44
CA PRO F 613 -95.94 -25.06 32.02
C PRO F 613 -95.43 -26.09 31.02
N PHE F 614 -94.30 -26.82 31.03
CA PHE F 614 -92.97 -26.68 30.40
C PHE F 614 -92.25 -25.40 30.07
N LEU F 615 -92.98 -24.29 29.96
CA LEU F 615 -92.37 -23.00 29.67
C LEU F 615 -92.94 -21.99 30.63
N HIS F 616 -92.20 -21.69 31.69
CA HIS F 616 -92.71 -20.75 32.67
C HIS F 616 -91.65 -19.74 33.08
N LEU F 617 -92.13 -18.57 33.51
CA LEU F 617 -91.27 -17.58 34.12
C LEU F 617 -91.24 -17.88 35.62
N ARG F 618 -90.46 -17.14 36.38
CA ARG F 618 -90.43 -17.29 37.83
C ARG F 618 -90.26 -15.93 38.48
N LYS F 619 -90.43 -15.88 39.80
CA LYS F 619 -90.13 -14.66 40.55
C LYS F 619 -89.39 -15.04 41.81
N LYS F 620 -88.63 -14.10 42.38
CA LYS F 620 -87.82 -14.42 43.54
C LYS F 620 -88.60 -14.29 44.84
N ASP F 621 -88.38 -15.24 45.75
CA ASP F 621 -88.95 -15.18 47.08
C ASP F 621 -88.20 -14.15 47.93
N GLU F 622 -88.74 -13.82 49.10
CA GLU F 622 -88.01 -13.02 50.07
C GLU F 622 -86.66 -13.67 50.27
N PHE F 623 -86.67 -15.00 50.28
CA PHE F 623 -85.45 -15.77 50.36
C PHE F 623 -85.02 -16.14 48.95
N GLY F 624 -84.51 -15.14 48.21
CA GLY F 624 -84.07 -15.29 46.83
C GLY F 624 -84.25 -16.64 46.18
N ASN F 625 -85.51 -17.02 45.95
CA ASN F 625 -85.82 -18.31 45.33
C ASN F 625 -86.62 -18.08 44.07
N TRP F 626 -86.28 -18.80 43.01
CA TRP F 626 -86.98 -18.67 41.75
C TRP F 626 -88.12 -19.68 41.71
N GLU F 627 -89.29 -19.21 42.13
CA GLU F 627 -90.47 -20.07 42.21
C GLU F 627 -91.43 -19.75 41.08
N TYR F 628 -92.07 -20.80 40.54
CA TYR F 628 -93.02 -20.65 39.45
C TYR F 628 -94.11 -19.62 39.73
N SER F 629 -94.16 -18.61 38.87
CA SER F 629 -95.18 -17.57 38.94
C SER F 629 -96.15 -17.69 37.79
N LYS F 630 -97.36 -18.14 38.08
CA LYS F 630 -98.36 -18.22 37.04
C LYS F 630 -98.62 -16.87 36.39
N LYS F 631 -98.57 -15.79 37.19
CA LYS F 631 -98.94 -14.47 36.68
C LYS F 631 -98.12 -14.14 35.46
N LEU F 632 -96.82 -14.40 35.56
CA LEU F 632 -95.87 -14.12 34.49
C LEU F 632 -96.00 -15.19 33.43
N THR F 633 -95.80 -16.43 33.84
CA THR F 633 -95.90 -17.54 32.91
C THR F 633 -97.12 -17.33 32.04
N GLY F 634 -98.14 -16.74 32.62
CA GLY F 634 -99.30 -16.39 31.85
C GLY F 634 -98.92 -15.30 30.87
N ILE F 635 -98.71 -14.10 31.40
CA ILE F 635 -98.46 -12.92 30.57
C ILE F 635 -97.43 -13.17 29.45
N TYR F 636 -96.52 -14.11 29.68
CA TYR F 636 -95.59 -14.54 28.65
C TYR F 636 -96.27 -15.43 27.63
N LEU F 637 -96.64 -16.63 28.06
CA LEU F 637 -97.27 -17.65 27.23
C LEU F 637 -98.36 -17.08 26.37
N ASP F 638 -99.02 -16.04 26.89
CA ASP F 638 -100.07 -15.34 26.15
C ASP F 638 -99.52 -14.75 24.88
N GLY F 639 -98.51 -13.89 25.00
CA GLY F 639 -97.81 -13.36 23.85
C GLY F 639 -97.24 -14.47 22.98
N LEU F 640 -96.69 -15.49 23.61
CA LEU F 640 -96.12 -16.66 22.92
C LEU F 640 -97.17 -17.26 21.97
N GLU F 641 -98.42 -17.22 22.40
CA GLU F 641 -99.52 -17.70 21.58
C GLU F 641 -99.88 -16.67 20.53
N ALA F 642 -100.04 -15.42 20.96
CA ALA F 642 -100.30 -14.30 20.06
C ALA F 642 -99.28 -14.24 18.93
N ALA F 643 -98.08 -14.72 19.20
CA ALA F 643 -97.06 -14.80 18.18
C ALA F 643 -97.47 -15.85 17.17
N ALA F 644 -97.73 -17.05 17.67
CA ALA F 644 -98.05 -18.17 16.79
C ALA F 644 -99.23 -17.88 15.86
N ARG F 645 -100.04 -16.90 16.25
CA ARG F 645 -101.25 -16.54 15.52
C ARG F 645 -100.98 -15.48 14.48
N SER F 646 -101.01 -14.25 14.94
CA SER F 646 -100.93 -13.08 14.08
C SER F 646 -99.50 -12.59 13.99
N GLY F 647 -98.57 -13.41 14.44
CA GLY F 647 -97.16 -13.09 14.35
C GLY F 647 -96.65 -12.11 15.38
N LEU F 648 -95.49 -11.52 15.09
CA LEU F 648 -94.78 -10.71 16.05
C LEU F 648 -93.79 -9.85 15.29
N THR F 649 -93.85 -8.52 15.47
CA THR F 649 -92.96 -7.60 14.75
C THR F 649 -91.81 -7.07 15.60
N PHE F 650 -90.70 -6.78 14.92
CA PHE F 650 -89.56 -6.20 15.57
C PHE F 650 -89.19 -4.88 14.91
N GLN F 651 -90.13 -4.33 14.13
CA GLN F 651 -89.95 -3.07 13.44
C GLN F 651 -89.24 -2.01 14.29
N GLY F 652 -88.20 -1.40 13.73
CA GLY F 652 -87.52 -0.29 14.36
C GLY F 652 -86.48 -0.69 15.39
N LYS F 653 -86.42 -1.98 15.69
CA LYS F 653 -85.51 -2.44 16.71
C LYS F 653 -84.11 -2.65 16.14
N HIS F 654 -83.10 -2.37 16.95
CA HIS F 654 -81.72 -2.69 16.62
C HIS F 654 -81.24 -3.80 17.55
N ALA F 655 -80.51 -4.79 17.05
CA ALA F 655 -79.98 -5.82 17.93
C ALA F 655 -78.64 -6.41 17.53
N LEU F 656 -77.81 -6.72 18.52
CA LEU F 656 -76.51 -7.34 18.30
C LEU F 656 -76.62 -8.82 18.61
N MET F 657 -76.04 -9.69 17.78
CA MET F 657 -76.09 -11.14 18.02
C MET F 657 -74.77 -11.82 17.77
N THR F 658 -74.25 -12.49 18.78
CA THR F 658 -73.02 -13.25 18.61
C THR F 658 -73.33 -14.71 18.79
N GLY F 659 -72.67 -15.56 18.01
CA GLY F 659 -72.91 -16.99 18.11
C GLY F 659 -74.01 -17.43 17.17
N ALA F 660 -74.29 -16.58 16.18
CA ALA F 660 -75.35 -16.85 15.21
C ALA F 660 -74.82 -17.68 14.06
N GLY F 661 -73.98 -18.66 14.38
CA GLY F 661 -73.39 -19.49 13.36
C GLY F 661 -74.46 -20.18 12.53
N ALA F 662 -74.06 -20.68 11.37
CA ALA F 662 -74.95 -21.47 10.54
C ALA F 662 -75.50 -22.67 11.30
N GLY F 663 -76.81 -22.85 11.24
CA GLY F 663 -77.46 -23.95 11.92
C GLY F 663 -77.36 -23.94 13.46
N SER F 664 -77.50 -22.77 14.08
CA SER F 664 -77.53 -22.70 15.53
C SER F 664 -78.80 -22.01 15.99
N ILE F 665 -79.06 -22.06 17.29
CA ILE F 665 -80.19 -21.34 17.83
C ILE F 665 -80.14 -19.89 17.39
N GLY F 666 -78.99 -19.27 17.58
CA GLY F 666 -78.83 -17.90 17.16
C GLY F 666 -79.25 -17.71 15.73
N ALA F 667 -78.90 -18.68 14.89
CA ALA F 667 -79.17 -18.56 13.48
C ALA F 667 -80.65 -18.33 13.25
N GLU F 668 -81.46 -19.09 13.98
CA GLU F 668 -82.92 -19.03 13.82
C GLU F 668 -83.46 -17.75 14.38
N VAL F 669 -83.05 -17.42 15.60
CA VAL F 669 -83.48 -16.18 16.21
C VAL F 669 -83.18 -15.06 15.24
N LEU F 670 -82.05 -15.13 14.56
CA LEU F 670 -81.68 -14.11 13.59
C LEU F 670 -82.80 -13.89 12.59
N GLN F 671 -83.09 -14.93 11.82
CA GLN F 671 -84.13 -14.89 10.80
C GLN F 671 -85.41 -14.33 11.39
N GLY F 672 -85.64 -14.65 12.66
CA GLY F 672 -86.79 -14.14 13.37
C GLY F 672 -86.82 -12.64 13.28
N LEU F 673 -85.87 -11.98 13.94
CA LEU F 673 -85.82 -10.52 13.96
C LEU F 673 -85.73 -9.94 12.56
N LEU F 674 -85.18 -10.70 11.62
CA LEU F 674 -85.04 -10.22 10.26
C LEU F 674 -86.39 -10.15 9.57
N SER F 675 -87.31 -11.02 9.98
CA SER F 675 -88.68 -10.98 9.46
C SER F 675 -89.50 -9.83 10.05
N GLY F 676 -89.22 -9.45 11.30
CA GLY F 676 -89.71 -8.20 11.83
C GLY F 676 -88.83 -7.16 11.16
N GLY F 677 -89.13 -5.87 11.31
CA GLY F 677 -88.32 -4.88 10.62
C GLY F 677 -86.96 -4.61 11.25
N ALA F 678 -86.35 -5.63 11.82
CA ALA F 678 -85.20 -5.42 12.68
C ALA F 678 -83.87 -5.29 11.98
N LYS F 679 -83.08 -4.34 12.43
CA LYS F 679 -81.73 -4.16 11.95
C LYS F 679 -80.82 -4.82 12.97
N VAL F 680 -80.03 -5.79 12.53
CA VAL F 680 -79.15 -6.47 13.44
C VAL F 680 -77.74 -6.60 12.92
N ILE F 681 -76.78 -6.58 13.84
CA ILE F 681 -75.38 -6.77 13.52
C ILE F 681 -74.98 -8.15 14.00
N VAL F 682 -74.51 -8.99 13.09
CA VAL F 682 -74.16 -10.36 13.42
C VAL F 682 -72.67 -10.57 13.37
N THR F 683 -72.11 -11.28 14.35
CA THR F 683 -70.68 -11.53 14.36
C THR F 683 -70.30 -12.93 13.94
N THR F 684 -69.21 -13.05 13.18
CA THR F 684 -68.66 -14.35 12.84
C THR F 684 -67.16 -14.44 13.07
N SER F 685 -66.77 -15.52 13.74
CA SER F 685 -65.38 -15.77 14.10
C SER F 685 -64.70 -16.60 13.05
N ARG F 686 -65.43 -16.88 11.98
CA ARG F 686 -64.87 -17.66 10.88
C ARG F 686 -65.33 -17.00 9.59
N PHE F 687 -65.03 -15.73 9.47
CA PHE F 687 -65.55 -14.90 8.40
C PHE F 687 -64.98 -15.39 7.08
N SER F 688 -65.78 -16.13 6.33
CA SER F 688 -65.38 -16.65 5.04
C SER F 688 -66.14 -15.94 3.94
N ARG F 689 -65.94 -16.38 2.71
CA ARG F 689 -66.88 -16.02 1.65
C ARG F 689 -68.14 -16.80 1.92
N GLN F 690 -67.98 -18.09 2.17
CA GLN F 690 -69.10 -18.98 2.41
C GLN F 690 -70.01 -18.46 3.51
N VAL F 691 -69.40 -18.03 4.61
CA VAL F 691 -70.14 -17.46 5.70
C VAL F 691 -70.80 -16.15 5.30
N THR F 692 -70.08 -15.33 4.54
CA THR F 692 -70.65 -14.10 4.00
C THR F 692 -71.92 -14.46 3.22
N GLU F 693 -71.76 -15.42 2.31
CA GLU F 693 -72.85 -15.79 1.41
C GLU F 693 -74.07 -16.31 2.16
N TYR F 694 -73.85 -17.29 3.04
CA TYR F 694 -74.87 -17.77 3.97
C TYR F 694 -75.79 -16.68 4.53
N TYR F 695 -75.22 -15.70 5.22
CA TYR F 695 -76.02 -14.64 5.80
C TYR F 695 -76.73 -13.81 4.74
N GLN F 696 -76.13 -13.70 3.57
CA GLN F 696 -76.82 -13.08 2.46
C GLN F 696 -78.05 -13.90 2.15
N GLY F 697 -77.85 -15.21 1.98
CA GLY F 697 -78.93 -16.12 1.67
C GLY F 697 -80.09 -15.89 2.59
N ILE F 698 -79.78 -15.76 3.87
CA ILE F 698 -80.79 -15.45 4.87
C ILE F 698 -81.53 -14.15 4.57
N TYR F 699 -80.80 -13.04 4.54
CA TYR F 699 -81.40 -11.74 4.35
C TYR F 699 -82.22 -11.69 3.06
N ALA F 700 -81.83 -12.48 2.06
CA ALA F 700 -82.50 -12.46 0.77
C ALA F 700 -83.91 -13.00 0.94
N ARG F 701 -84.08 -13.84 1.96
CA ARG F 701 -85.31 -14.57 2.18
C ARG F 701 -86.06 -14.22 3.46
N CYS F 702 -85.43 -13.44 4.32
CA CYS F 702 -86.05 -13.05 5.60
C CYS F 702 -86.21 -11.54 5.72
N GLY F 703 -85.31 -10.82 5.07
CA GLY F 703 -85.24 -9.38 5.20
C GLY F 703 -86.49 -8.64 4.81
N ALA F 704 -87.33 -8.38 5.80
CA ALA F 704 -88.54 -7.61 5.60
C ALA F 704 -88.19 -6.16 5.30
N ARG F 705 -89.18 -5.41 4.82
CA ARG F 705 -89.04 -3.99 4.62
C ARG F 705 -88.48 -3.40 5.90
N GLY F 706 -87.50 -2.52 5.78
CA GLY F 706 -86.97 -1.82 6.94
C GLY F 706 -85.84 -2.54 7.64
N SER F 707 -85.72 -3.84 7.41
CA SER F 707 -84.70 -4.63 8.05
C SER F 707 -83.31 -4.33 7.48
N GLN F 708 -82.28 -4.80 8.17
CA GLN F 708 -80.90 -4.65 7.73
C GLN F 708 -80.01 -5.67 8.44
N LEU F 709 -79.11 -6.28 7.69
CA LEU F 709 -78.19 -7.24 8.27
C LEU F 709 -76.80 -6.70 8.04
N VAL F 710 -75.98 -6.75 9.07
CA VAL F 710 -74.61 -6.27 8.97
C VAL F 710 -73.71 -7.31 9.57
N VAL F 711 -73.01 -8.03 8.72
CA VAL F 711 -72.11 -9.05 9.18
C VAL F 711 -70.69 -8.51 9.29
N VAL F 712 -69.91 -9.12 10.19
CA VAL F 712 -68.69 -8.54 10.68
C VAL F 712 -67.87 -9.64 11.32
N PRO F 713 -66.56 -9.60 11.12
CA PRO F 713 -65.72 -10.61 11.74
C PRO F 713 -65.57 -10.21 13.19
N PHE F 714 -65.39 -11.16 14.10
CA PHE F 714 -65.29 -10.84 15.51
C PHE F 714 -64.86 -12.04 16.29
N ASN F 715 -64.12 -11.83 17.36
CA ASN F 715 -63.69 -12.91 18.22
C ASN F 715 -63.96 -12.56 19.66
N GLN F 716 -65.01 -13.12 20.23
CA GLN F 716 -65.41 -12.75 21.58
C GLN F 716 -64.37 -13.14 22.60
N GLY F 717 -63.40 -13.96 22.20
CA GLY F 717 -62.26 -14.26 23.06
C GLY F 717 -61.27 -13.11 23.22
N SER F 718 -61.53 -11.99 22.57
CA SER F 718 -60.60 -10.88 22.53
C SER F 718 -61.19 -9.62 23.16
N LYS F 719 -60.61 -9.23 24.29
CA LYS F 719 -61.03 -8.02 25.00
C LYS F 719 -61.10 -6.87 24.04
N GLN F 720 -60.07 -6.79 23.19
CA GLN F 720 -59.92 -5.67 22.28
C GLN F 720 -61.08 -5.61 21.31
N ASP F 721 -61.36 -6.75 20.70
CA ASP F 721 -62.46 -6.88 19.77
C ASP F 721 -63.75 -6.41 20.39
N VAL F 722 -64.01 -6.90 21.59
CA VAL F 722 -65.23 -6.54 22.27
C VAL F 722 -65.43 -5.04 22.27
N GLU F 723 -64.46 -4.32 22.79
CA GLU F 723 -64.60 -2.89 22.91
C GLU F 723 -64.63 -2.25 21.52
N ALA F 724 -63.97 -2.89 20.57
CA ALA F 724 -63.89 -2.38 19.20
C ALA F 724 -65.22 -2.53 18.52
N LEU F 725 -65.78 -3.73 18.63
CA LEU F 725 -67.08 -4.02 18.06
C LEU F 725 -68.05 -2.97 18.52
N VAL F 726 -68.18 -2.86 19.84
CA VAL F 726 -69.16 -1.97 20.42
C VAL F 726 -69.04 -0.56 19.85
N ASN F 727 -67.80 -0.11 19.65
CA ASN F 727 -67.58 1.21 19.13
C ASN F 727 -68.06 1.39 17.69
N TYR F 728 -67.76 0.43 16.84
CA TYR F 728 -68.25 0.45 15.48
C TYR F 728 -69.75 0.62 15.52
N ILE F 729 -70.36 -0.07 16.46
CA ILE F 729 -71.81 -0.10 16.54
C ILE F 729 -72.38 1.26 16.85
N TYR F 730 -71.70 2.00 17.73
CA TYR F 730 -72.23 3.27 18.21
C TYR F 730 -71.68 4.51 17.53
N ASP F 731 -70.50 4.40 16.92
CA ASP F 731 -69.86 5.58 16.36
C ASP F 731 -70.72 6.25 15.30
N THR F 732 -71.02 7.52 15.52
CA THR F 732 -71.87 8.24 14.61
C THR F 732 -71.19 8.43 13.25
N LYS F 733 -69.92 8.86 13.26
CA LYS F 733 -69.23 9.28 12.04
C LYS F 733 -68.84 8.14 11.13
N ASN F 734 -67.87 7.35 11.57
CA ASN F 734 -67.36 6.25 10.76
C ASN F 734 -67.93 4.88 11.15
N GLY F 735 -68.67 4.83 12.25
CA GLY F 735 -69.33 3.61 12.66
C GLY F 735 -70.67 3.46 11.97
N LEU F 736 -71.49 2.51 12.41
CA LEU F 736 -72.85 2.43 11.90
C LEU F 736 -73.86 3.05 12.88
N GLY F 737 -73.34 3.86 13.80
CA GLY F 737 -74.13 4.71 14.66
C GLY F 737 -75.50 4.27 15.12
N TRP F 738 -75.59 3.08 15.69
CA TRP F 738 -76.85 2.57 16.20
C TRP F 738 -76.97 2.81 17.69
N ASP F 739 -78.04 2.27 18.27
CA ASP F 739 -78.16 2.06 19.70
C ASP F 739 -78.90 0.73 19.84
N LEU F 740 -78.48 -0.10 20.76
CA LEU F 740 -78.97 -1.46 20.79
C LEU F 740 -80.27 -1.63 21.57
N ASP F 741 -81.18 -2.46 21.04
CA ASP F 741 -82.44 -2.81 21.69
C ASP F 741 -82.37 -4.21 22.28
N TYR F 742 -81.67 -5.09 21.60
CA TYR F 742 -81.46 -6.44 22.07
C TYR F 742 -79.98 -6.81 22.00
N VAL F 743 -79.55 -7.67 22.91
CA VAL F 743 -78.22 -8.22 22.87
C VAL F 743 -78.36 -9.70 23.10
N VAL F 744 -77.82 -10.50 22.21
CA VAL F 744 -78.01 -11.94 22.25
C VAL F 744 -76.64 -12.61 22.16
N PRO F 745 -75.95 -12.68 23.31
CA PRO F 745 -74.56 -13.15 23.49
C PRO F 745 -74.38 -14.68 23.45
N PHE F 746 -74.73 -15.29 22.33
CA PHE F 746 -74.71 -16.73 22.24
C PHE F 746 -73.36 -17.29 21.80
N ALA F 747 -72.30 -16.52 21.95
CA ALA F 747 -71.02 -17.00 21.48
C ALA F 747 -70.57 -18.12 22.40
N ALA F 748 -70.08 -19.23 21.85
CA ALA F 748 -69.67 -20.35 22.70
C ALA F 748 -68.78 -21.42 22.06
N ILE F 749 -67.94 -22.03 22.89
CA ILE F 749 -67.03 -23.07 22.46
C ILE F 749 -67.34 -24.39 23.15
N PRO F 750 -67.31 -25.47 22.38
CA PRO F 750 -67.39 -26.86 22.84
C PRO F 750 -66.16 -27.27 23.63
N GLU F 751 -66.27 -27.28 24.95
CA GLU F 751 -65.14 -27.72 25.77
C GLU F 751 -65.36 -29.14 26.29
N ASN F 752 -66.06 -29.93 25.49
CA ASN F 752 -66.36 -31.32 25.81
C ASN F 752 -65.12 -32.10 26.27
N GLY F 753 -65.31 -33.00 27.24
CA GLY F 753 -64.30 -34.01 27.54
C GLY F 753 -63.46 -33.85 28.78
N ARG F 754 -63.65 -32.74 29.49
CA ARG F 754 -62.77 -32.42 30.62
C ARG F 754 -63.47 -32.22 31.98
N GLU F 755 -62.96 -32.95 32.97
CA GLU F 755 -63.35 -32.76 34.38
C GLU F 755 -62.45 -31.71 35.05
N ILE F 756 -62.71 -31.40 36.32
CA ILE F 756 -61.82 -30.50 37.05
C ILE F 756 -60.43 -31.09 37.03
N ASP F 757 -60.40 -32.39 36.76
CA ASP F 757 -59.20 -33.13 36.47
C ASP F 757 -58.24 -32.28 35.69
N SER F 758 -58.77 -31.63 34.65
CA SER F 758 -57.93 -31.01 33.64
C SER F 758 -58.62 -29.84 32.92
N ILE F 759 -58.60 -28.67 33.54
CA ILE F 759 -59.07 -27.45 32.92
C ILE F 759 -57.92 -26.93 32.09
N ASP F 760 -57.96 -27.18 30.78
CA ASP F 760 -56.83 -26.83 29.90
C ASP F 760 -56.88 -25.41 29.30
N SER F 761 -56.09 -25.24 28.25
CA SER F 761 -56.05 -24.00 27.50
C SER F 761 -57.45 -23.70 26.98
N LYS F 762 -58.00 -24.66 26.27
CA LYS F 762 -59.29 -24.47 25.65
C LYS F 762 -60.31 -23.97 26.67
N SER F 763 -60.35 -24.66 27.81
CA SER F 763 -61.33 -24.35 28.84
C SER F 763 -61.19 -22.94 29.33
N GLU F 764 -59.96 -22.54 29.63
CA GLU F 764 -59.76 -21.20 30.14
C GLU F 764 -60.22 -20.20 29.10
N LEU F 765 -59.94 -20.52 27.83
CA LEU F 765 -60.34 -19.68 26.71
C LEU F 765 -61.84 -19.63 26.61
N ALA F 766 -62.44 -20.81 26.58
CA ALA F 766 -63.88 -20.91 26.50
C ALA F 766 -64.53 -20.07 27.59
N HIS F 767 -64.07 -20.26 28.83
CA HIS F 767 -64.64 -19.51 29.94
C HIS F 767 -64.51 -18.02 29.67
N ARG F 768 -63.44 -17.62 28.98
CA ARG F 768 -63.24 -16.19 28.71
C ARG F 768 -64.22 -15.66 27.65
N ILE F 769 -64.57 -16.51 26.70
CA ILE F 769 -65.56 -16.13 25.70
C ILE F 769 -66.93 -16.08 26.34
N MET F 770 -67.23 -17.14 27.07
CA MET F 770 -68.57 -17.39 27.60
C MET F 770 -68.92 -16.56 28.84
N LEU F 771 -67.94 -15.92 29.48
CA LEU F 771 -68.24 -15.17 30.71
C LEU F 771 -67.55 -13.80 30.82
N THR F 772 -66.24 -13.84 31.00
CA THR F 772 -65.51 -12.60 31.26
C THR F 772 -65.73 -11.57 30.16
N ASN F 773 -65.62 -11.98 28.92
CA ASN F 773 -65.78 -11.05 27.82
C ASN F 773 -67.24 -10.76 27.53
N LEU F 774 -68.09 -11.72 27.85
CA LEU F 774 -69.53 -11.51 27.71
C LEU F 774 -69.95 -10.34 28.60
N LEU F 775 -69.50 -10.39 29.85
CA LEU F 775 -69.85 -9.35 30.80
C LEU F 775 -69.31 -8.05 30.29
N ARG F 776 -68.14 -8.13 29.67
CA ARG F 776 -67.46 -6.93 29.22
C ARG F 776 -68.18 -6.39 28.02
N LEU F 777 -68.78 -7.28 27.22
CA LEU F 777 -69.59 -6.89 26.08
C LEU F 777 -70.78 -6.06 26.55
N LEU F 778 -71.50 -6.59 27.53
CA LEU F 778 -72.60 -5.85 28.14
C LEU F 778 -72.07 -4.55 28.72
N GLY F 779 -71.02 -4.63 29.52
CA GLY F 779 -70.39 -3.46 30.12
C GLY F 779 -70.11 -2.36 29.11
N ALA F 780 -69.47 -2.74 28.02
CA ALA F 780 -69.14 -1.82 26.95
C ALA F 780 -70.38 -1.09 26.45
N ILE F 781 -71.37 -1.86 26.00
CA ILE F 781 -72.62 -1.28 25.55
C ILE F 781 -73.19 -0.26 26.52
N LYS F 782 -73.22 -0.61 27.81
CA LYS F 782 -73.77 0.29 28.82
C LYS F 782 -73.07 1.64 28.77
N THR F 783 -71.76 1.63 28.98
CA THR F 783 -71.02 2.88 29.06
C THR F 783 -71.24 3.67 27.80
N GLN F 784 -71.37 2.97 26.68
CA GLN F 784 -71.66 3.65 25.43
C GLN F 784 -72.94 4.48 25.58
N LYS F 785 -74.00 3.82 26.03
CA LYS F 785 -75.27 4.50 26.25
C LYS F 785 -75.11 5.61 27.27
N LYS F 786 -74.52 5.29 28.41
CA LYS F 786 -74.38 6.28 29.48
C LYS F 786 -73.80 7.56 28.92
N GLU F 787 -72.69 7.39 28.22
CA GLU F 787 -71.95 8.51 27.68
C GLU F 787 -72.76 9.23 26.61
N ARG F 788 -73.43 8.48 25.77
CA ARG F 788 -74.11 9.10 24.65
C ARG F 788 -75.47 9.70 25.06
N GLY F 789 -75.77 9.68 26.35
CA GLY F 789 -77.02 10.23 26.86
C GLY F 789 -78.25 9.40 26.53
N TYR F 790 -78.03 8.18 26.06
CA TYR F 790 -79.10 7.24 25.74
C TYR F 790 -79.66 6.65 27.02
N GLU F 791 -80.62 7.35 27.61
CA GLU F 791 -81.07 7.04 28.96
C GLU F 791 -82.38 6.25 28.97
N THR F 792 -83.23 6.49 27.97
CA THR F 792 -84.58 5.94 27.97
C THR F 792 -84.76 4.76 27.00
N ARG F 793 -83.71 4.01 26.72
CA ARG F 793 -83.82 2.91 25.76
C ARG F 793 -82.97 1.73 26.18
N PRO F 794 -83.30 1.13 27.32
CA PRO F 794 -82.54 -0.01 27.81
C PRO F 794 -82.43 -1.09 26.76
N ALA F 795 -81.33 -1.84 26.81
CA ALA F 795 -81.10 -2.94 25.88
C ALA F 795 -81.36 -4.27 26.56
N GLN F 796 -82.23 -5.08 25.98
CA GLN F 796 -82.62 -6.34 26.58
C GLN F 796 -81.59 -7.42 26.30
N VAL F 797 -81.02 -7.96 27.34
CA VAL F 797 -80.00 -8.97 27.18
C VAL F 797 -80.56 -10.35 27.40
N ILE F 798 -80.48 -11.19 26.39
CA ILE F 798 -80.98 -12.54 26.49
C ILE F 798 -79.87 -13.48 26.95
N LEU F 799 -79.66 -13.53 28.26
CA LEU F 799 -78.65 -14.39 28.87
C LEU F 799 -78.95 -15.86 28.63
N PRO F 800 -78.11 -16.55 27.85
CA PRO F 800 -78.36 -17.98 27.67
C PRO F 800 -77.85 -18.74 28.86
N LEU F 801 -78.69 -18.92 29.89
CA LEU F 801 -78.31 -19.71 31.07
C LEU F 801 -78.61 -21.18 30.83
N SER F 802 -78.19 -22.01 31.78
CA SER F 802 -78.34 -23.44 31.63
C SER F 802 -78.95 -24.07 32.87
N PRO F 803 -79.58 -25.23 32.69
CA PRO F 803 -80.06 -26.20 33.70
C PRO F 803 -78.91 -27.02 34.27
N ASN F 804 -77.91 -27.30 33.45
CA ASN F 804 -76.75 -28.01 33.93
C ASN F 804 -75.85 -27.09 34.72
N HIS F 805 -75.88 -27.21 36.04
CA HIS F 805 -74.88 -26.54 36.87
C HIS F 805 -74.00 -27.59 37.53
N GLY F 806 -73.40 -28.45 36.71
CA GLY F 806 -72.47 -29.46 37.19
C GLY F 806 -73.11 -30.83 37.33
N THR F 807 -74.33 -30.95 36.84
CA THR F 807 -75.06 -32.21 36.97
C THR F 807 -74.52 -33.23 35.97
N PHE F 808 -74.10 -32.74 34.79
CA PHE F 808 -73.54 -33.56 33.72
C PHE F 808 -72.05 -33.66 33.88
N GLY F 809 -71.47 -34.65 33.21
CA GLY F 809 -70.06 -34.94 33.30
C GLY F 809 -69.08 -33.84 32.91
N ASN F 810 -68.33 -34.09 31.84
CA ASN F 810 -67.14 -33.34 31.50
C ASN F 810 -67.36 -31.96 30.87
N ASP F 811 -68.20 -31.14 31.49
CA ASP F 811 -68.40 -29.76 31.03
C ASP F 811 -67.08 -29.04 30.91
N GLY F 812 -66.21 -29.23 31.90
CA GLY F 812 -64.93 -28.56 31.96
C GLY F 812 -65.14 -27.06 31.86
N LEU F 813 -65.42 -26.41 32.99
CA LEU F 813 -65.54 -24.96 33.00
C LEU F 813 -66.80 -24.44 32.30
N TYR F 814 -67.64 -25.34 31.82
CA TYR F 814 -68.86 -24.91 31.15
C TYR F 814 -69.86 -24.39 32.16
N SER F 815 -70.26 -25.29 33.05
CA SER F 815 -71.19 -24.99 34.12
C SER F 815 -70.78 -23.74 34.85
N GLU F 816 -69.48 -23.65 35.12
CA GLU F 816 -68.94 -22.55 35.92
C GLU F 816 -69.30 -21.23 35.29
N SER F 817 -69.21 -21.19 33.96
CA SER F 817 -69.57 -19.99 33.23
C SER F 817 -71.07 -19.71 33.31
N LYS F 818 -71.85 -20.73 32.97
CA LYS F 818 -73.29 -20.60 32.80
C LYS F 818 -73.97 -20.24 34.11
N LEU F 819 -73.36 -20.67 35.20
CA LEU F 819 -73.86 -20.39 36.53
C LEU F 819 -73.54 -18.97 36.90
N ALA F 820 -72.28 -18.60 36.69
CA ALA F 820 -71.80 -17.30 37.07
C ALA F 820 -72.70 -16.24 36.47
N LEU F 821 -73.17 -16.51 35.27
CA LEU F 821 -73.91 -15.53 34.52
C LEU F 821 -75.07 -15.03 35.33
N GLU F 822 -75.53 -15.88 36.25
CA GLU F 822 -76.77 -15.64 37.00
C GLU F 822 -76.61 -14.61 38.08
N THR F 823 -75.37 -14.25 38.41
CA THR F 823 -75.12 -13.21 39.39
C THR F 823 -75.65 -11.91 38.85
N LEU F 824 -75.95 -11.92 37.56
CA LEU F 824 -76.42 -10.72 36.91
C LEU F 824 -77.81 -10.41 37.40
N PHE F 825 -78.55 -11.45 37.74
CA PHE F 825 -79.93 -11.28 38.17
C PHE F 825 -79.97 -10.25 39.28
N ASN F 826 -78.91 -10.24 40.09
CA ASN F 826 -78.84 -9.36 41.27
C ASN F 826 -78.09 -8.07 40.99
N ARG F 827 -77.05 -8.16 40.19
CA ARG F 827 -76.24 -7.01 39.87
C ARG F 827 -77.13 -5.97 39.21
N TRP F 828 -78.20 -6.42 38.57
CA TRP F 828 -79.11 -5.50 37.89
C TRP F 828 -79.69 -4.54 38.90
N TYR F 829 -79.83 -5.02 40.13
CA TYR F 829 -80.39 -4.23 41.22
C TYR F 829 -79.32 -3.41 41.95
N SER F 830 -78.27 -4.10 42.40
CA SER F 830 -77.17 -3.48 43.17
C SER F 830 -76.41 -2.40 42.40
N GLU F 831 -75.89 -2.77 41.23
CA GLU F 831 -75.08 -1.85 40.44
C GLU F 831 -75.92 -0.86 39.65
N SER F 832 -75.26 0.13 39.08
CA SER F 832 -75.92 1.30 38.52
C SER F 832 -76.16 1.28 36.99
N TRP F 833 -76.52 0.12 36.44
CA TRP F 833 -76.75 0.04 35.01
C TRP F 833 -78.13 -0.42 34.67
N GLY F 834 -79.00 -0.37 35.67
CA GLY F 834 -80.35 -0.87 35.54
C GLY F 834 -81.08 -0.41 34.29
N ASN F 835 -80.96 0.88 33.98
CA ASN F 835 -81.75 1.47 32.90
C ASN F 835 -80.96 1.62 31.60
N TYR F 836 -79.88 0.85 31.49
CA TYR F 836 -79.14 0.77 30.25
C TYR F 836 -79.27 -0.63 29.67
N LEU F 837 -79.16 -1.60 30.57
CA LEU F 837 -79.29 -3.00 30.22
C LEU F 837 -80.39 -3.59 31.08
N THR F 838 -81.24 -4.42 30.46
CA THR F 838 -82.16 -5.24 31.26
C THR F 838 -81.80 -6.70 31.10
N ILE F 839 -81.99 -7.47 32.16
CA ILE F 839 -81.57 -8.85 32.13
C ILE F 839 -82.75 -9.81 32.03
N CYS F 840 -82.72 -10.65 30.99
CA CYS F 840 -83.70 -11.72 30.79
C CYS F 840 -83.00 -13.08 30.75
N GLY F 841 -82.95 -13.76 31.89
CA GLY F 841 -82.28 -15.04 32.00
C GLY F 841 -83.01 -16.19 31.37
N ALA F 842 -82.82 -16.35 30.07
CA ALA F 842 -83.39 -17.49 29.36
C ALA F 842 -82.58 -18.73 29.67
N VAL F 843 -83.18 -19.67 30.36
CA VAL F 843 -82.52 -20.95 30.53
C VAL F 843 -82.95 -21.91 29.43
N ILE F 844 -82.14 -21.97 28.38
CA ILE F 844 -82.42 -22.78 27.20
C ILE F 844 -82.34 -24.26 27.53
N GLY F 845 -83.32 -25.02 27.04
CA GLY F 845 -83.37 -26.46 27.26
C GLY F 845 -83.00 -27.26 26.02
N TRP F 846 -82.75 -28.55 26.22
CA TRP F 846 -82.39 -29.49 25.15
C TRP F 846 -82.89 -29.09 23.76
N THR F 847 -81.99 -28.64 22.88
CA THR F 847 -82.37 -28.37 21.49
C THR F 847 -81.71 -29.34 20.52
N ARG F 848 -82.46 -30.36 20.12
CA ARG F 848 -81.90 -31.48 19.39
C ARG F 848 -81.37 -31.00 18.05
N GLY F 849 -81.91 -29.89 17.56
CA GLY F 849 -81.43 -29.32 16.31
C GLY F 849 -79.92 -29.40 16.27
N THR F 850 -79.37 -29.75 15.11
CA THR F 850 -77.92 -29.89 14.96
C THR F 850 -77.15 -28.67 15.52
N GLY F 851 -76.56 -28.83 16.70
CA GLY F 851 -75.86 -27.75 17.39
C GLY F 851 -74.79 -28.20 18.37
N LEU F 852 -74.87 -27.72 19.62
CA LEU F 852 -73.96 -28.15 20.68
C LEU F 852 -74.51 -29.39 21.42
N MET F 853 -75.62 -29.95 20.93
CA MET F 853 -76.18 -31.20 21.47
C MET F 853 -76.55 -32.22 20.36
N SER F 854 -75.62 -32.43 19.42
CA SER F 854 -75.88 -33.23 18.20
C SER F 854 -75.99 -34.74 18.39
N ALA F 855 -75.00 -35.33 19.06
CA ALA F 855 -74.99 -36.77 19.25
C ALA F 855 -76.07 -37.15 20.26
N ASN F 856 -76.62 -36.12 20.89
CA ASN F 856 -77.67 -36.28 21.86
C ASN F 856 -79.04 -36.43 21.21
N ASN F 857 -79.05 -36.75 19.92
CA ASN F 857 -80.31 -36.93 19.22
C ASN F 857 -80.78 -38.38 19.19
N LEU F 858 -79.82 -39.31 19.26
CA LEU F 858 -80.17 -40.71 19.30
C LEU F 858 -81.05 -40.93 20.52
N VAL F 859 -80.68 -40.28 21.61
CA VAL F 859 -81.37 -40.45 22.86
C VAL F 859 -82.47 -39.41 23.02
N ALA F 860 -82.65 -38.60 21.98
CA ALA F 860 -83.66 -37.55 22.00
C ALA F 860 -85.07 -38.06 22.26
N GLU F 861 -85.52 -38.98 21.41
CA GLU F 861 -86.86 -39.51 21.59
C GLU F 861 -86.95 -40.38 22.85
N GLY F 862 -85.88 -41.11 23.15
CA GLY F 862 -85.83 -41.94 24.34
C GLY F 862 -86.16 -41.19 25.62
N VAL F 863 -85.41 -40.12 25.87
CA VAL F 863 -85.61 -39.30 27.05
C VAL F 863 -87.00 -38.68 27.05
N GLU F 864 -87.52 -38.44 25.85
CA GLU F 864 -88.78 -37.74 25.70
C GLU F 864 -89.92 -38.69 26.05
N LYS F 865 -89.65 -39.98 25.90
CA LYS F 865 -90.57 -41.02 26.30
C LYS F 865 -91.05 -40.81 27.72
N LEU F 866 -90.17 -40.32 28.59
CA LEU F 866 -90.50 -40.19 30.00
C LEU F 866 -91.47 -39.05 30.31
N GLY F 867 -92.17 -38.56 29.29
CA GLY F 867 -93.23 -37.59 29.51
C GLY F 867 -92.74 -36.15 29.57
N VAL F 868 -91.59 -35.93 28.95
CA VAL F 868 -90.92 -34.65 29.01
C VAL F 868 -90.64 -34.25 27.55
N ARG F 869 -90.22 -33.02 27.30
CA ARG F 869 -90.17 -32.51 25.92
C ARG F 869 -88.81 -31.94 25.49
N THR F 870 -88.35 -32.32 24.30
CA THR F 870 -87.19 -31.68 23.69
C THR F 870 -87.62 -30.83 22.51
N PHE F 871 -86.77 -29.90 22.13
CA PHE F 871 -87.15 -28.88 21.17
C PHE F 871 -86.34 -28.92 19.89
N SER F 872 -86.95 -28.45 18.82
CA SER F 872 -86.23 -28.18 17.59
C SER F 872 -85.71 -26.78 17.74
N GLN F 873 -84.77 -26.39 16.91
CA GLN F 873 -84.21 -25.06 17.01
C GLN F 873 -85.27 -24.00 16.72
N GLN F 874 -86.04 -24.20 15.66
CA GLN F 874 -87.04 -23.23 15.24
C GLN F 874 -88.00 -22.99 16.38
N GLU F 875 -88.26 -24.04 17.14
CA GLU F 875 -89.08 -23.97 18.34
C GLU F 875 -88.42 -23.08 19.39
N MET F 876 -87.18 -23.41 19.76
CA MET F 876 -86.43 -22.63 20.75
C MET F 876 -86.26 -21.18 20.35
N ALA F 877 -86.11 -20.94 19.05
CA ALA F 877 -85.97 -19.58 18.55
C ALA F 877 -87.29 -18.86 18.79
N PHE F 878 -88.37 -19.54 18.46
CA PHE F 878 -89.72 -19.06 18.70
C PHE F 878 -89.84 -18.67 20.16
N ASN F 879 -89.53 -19.62 21.04
CA ASN F 879 -89.62 -19.42 22.49
C ASN F 879 -88.84 -18.19 22.94
N LEU F 880 -87.63 -18.06 22.40
CA LEU F 880 -86.75 -16.97 22.76
C LEU F 880 -87.33 -15.68 22.24
N LEU F 881 -87.59 -15.63 20.94
CA LEU F 881 -88.21 -14.46 20.34
C LEU F 881 -89.42 -14.05 21.12
N GLY F 882 -89.93 -15.00 21.89
CA GLY F 882 -91.08 -14.74 22.72
C GLY F 882 -90.75 -13.75 23.81
N LEU F 883 -89.64 -13.99 24.48
CA LEU F 883 -89.21 -13.13 25.59
C LEU F 883 -88.76 -11.81 25.01
N MET F 884 -88.67 -11.77 23.68
CA MET F 884 -88.27 -10.57 22.94
C MET F 884 -89.49 -9.70 22.74
N ALA F 885 -90.67 -10.30 22.90
CA ALA F 885 -91.93 -9.61 22.65
C ALA F 885 -92.18 -8.50 23.67
N PRO F 886 -92.88 -7.44 23.25
CA PRO F 886 -93.10 -6.22 24.02
C PRO F 886 -93.65 -6.45 25.44
N ALA F 887 -94.57 -7.38 25.57
CA ALA F 887 -95.12 -7.71 26.86
C ALA F 887 -94.00 -7.88 27.89
N ILE F 888 -93.16 -8.86 27.63
CA ILE F 888 -92.07 -9.26 28.51
C ILE F 888 -90.98 -8.20 28.60
N VAL F 889 -90.65 -7.59 27.47
CA VAL F 889 -89.62 -6.55 27.45
C VAL F 889 -89.86 -5.50 28.52
N ASN F 890 -91.13 -5.17 28.76
CA ASN F 890 -91.47 -4.17 29.76
C ASN F 890 -91.36 -4.70 31.18
N LEU F 891 -91.59 -5.99 31.35
CA LEU F 891 -91.36 -6.63 32.64
C LEU F 891 -89.89 -6.49 32.98
N CYS F 892 -89.03 -6.72 32.00
CA CYS F 892 -87.58 -6.65 32.20
C CYS F 892 -87.13 -5.27 32.65
N GLN F 893 -87.82 -4.25 32.15
CA GLN F 893 -87.45 -2.86 32.46
C GLN F 893 -87.74 -2.48 33.90
N SER F 894 -88.55 -3.29 34.58
CA SER F 894 -88.79 -3.04 35.98
C SER F 894 -88.13 -4.12 36.82
N ASP F 895 -87.95 -5.30 36.25
CA ASP F 895 -87.48 -6.46 36.99
C ASP F 895 -86.90 -7.52 36.09
N PRO F 896 -85.68 -7.96 36.40
CA PRO F 896 -85.06 -9.12 35.75
C PRO F 896 -86.05 -10.26 35.63
N VAL F 897 -85.92 -11.05 34.56
CA VAL F 897 -86.85 -12.11 34.22
C VAL F 897 -86.15 -13.45 34.22
N PHE F 898 -86.68 -14.39 34.97
CA PHE F 898 -86.25 -15.76 34.85
C PHE F 898 -87.20 -16.37 33.84
N ALA F 899 -86.74 -17.33 33.08
CA ALA F 899 -87.57 -17.91 32.05
C ALA F 899 -87.13 -19.33 31.77
N ASP F 900 -87.68 -20.27 32.52
CA ASP F 900 -87.37 -21.68 32.32
C ASP F 900 -87.92 -22.13 30.98
N LEU F 901 -87.06 -22.25 29.97
CA LEU F 901 -87.49 -22.77 28.67
C LEU F 901 -86.92 -24.15 28.49
N ASN F 902 -86.82 -24.85 29.61
CA ASN F 902 -86.46 -26.26 29.62
C ASN F 902 -87.72 -27.14 29.46
N GLY F 903 -87.59 -28.22 28.71
CA GLY F 903 -88.75 -29.01 28.37
C GLY F 903 -89.32 -29.78 29.54
N GLY F 904 -89.17 -29.22 30.73
CA GLY F 904 -89.63 -29.87 31.94
C GLY F 904 -88.72 -31.00 32.38
N LEU F 905 -87.51 -31.03 31.84
CA LEU F 905 -86.56 -32.04 32.25
C LEU F 905 -86.13 -31.81 33.69
N GLN F 906 -86.70 -30.78 34.32
CA GLN F 906 -86.37 -30.43 35.70
C GLN F 906 -86.89 -31.50 36.63
N PHE F 907 -87.49 -32.54 36.07
CA PHE F 907 -88.08 -33.59 36.89
C PHE F 907 -87.39 -34.93 36.69
N ILE F 908 -86.75 -35.10 35.55
CA ILE F 908 -85.91 -36.27 35.31
C ILE F 908 -84.57 -36.03 35.98
N PRO F 909 -84.30 -36.70 37.07
CA PRO F 909 -83.06 -36.52 37.81
C PRO F 909 -82.01 -37.52 37.32
N ASP F 910 -80.73 -37.22 37.50
CA ASP F 910 -79.66 -38.04 36.93
C ASP F 910 -79.88 -38.21 35.44
N LEU F 911 -80.25 -37.12 34.79
CA LEU F 911 -80.50 -37.14 33.37
C LEU F 911 -79.30 -37.70 32.62
N LYS F 912 -78.08 -37.31 33.01
CA LYS F 912 -76.90 -37.77 32.31
C LYS F 912 -76.77 -39.29 32.39
N GLY F 913 -77.21 -39.86 33.51
CA GLY F 913 -77.21 -41.30 33.68
C GLY F 913 -78.18 -41.97 32.73
N LEU F 914 -79.41 -41.47 32.70
CA LEU F 914 -80.43 -41.95 31.77
C LEU F 914 -79.89 -41.97 30.34
N MET F 915 -79.40 -40.81 29.89
CA MET F 915 -78.92 -40.66 28.53
C MET F 915 -77.86 -41.69 28.20
N THR F 916 -76.76 -41.66 28.95
CA THR F 916 -75.67 -42.60 28.75
C THR F 916 -76.17 -44.05 28.73
N LYS F 917 -77.24 -44.32 29.46
CA LYS F 917 -77.87 -45.64 29.45
C LYS F 917 -78.45 -45.95 28.08
N LEU F 918 -79.29 -45.04 27.58
CA LEU F 918 -79.84 -45.13 26.24
C LEU F 918 -78.78 -45.13 25.16
N ARG F 919 -77.86 -44.17 25.28
CA ARG F 919 -76.63 -44.11 24.49
C ARG F 919 -76.04 -45.49 24.28
N LYS F 920 -75.89 -46.22 25.38
CA LYS F 920 -75.33 -47.57 25.31
C LYS F 920 -76.19 -48.49 24.49
N GLU F 921 -77.40 -48.74 24.98
CA GLU F 921 -78.33 -49.62 24.29
C GLU F 921 -78.35 -49.45 22.78
N ILE F 922 -78.62 -48.24 22.31
CA ILE F 922 -78.64 -47.95 20.87
C ILE F 922 -77.35 -48.36 20.18
N MET F 923 -76.22 -47.93 20.74
CA MET F 923 -74.91 -48.26 20.18
C MET F 923 -74.67 -49.78 20.23
N GLU F 924 -75.17 -50.38 21.31
CA GLU F 924 -74.96 -51.79 21.57
C GLU F 924 -75.76 -52.67 20.61
N THR F 925 -77.09 -52.54 20.67
CA THR F 925 -77.98 -53.33 19.84
C THR F 925 -77.67 -53.18 18.34
N SER F 926 -77.22 -52.01 17.93
CA SER F 926 -76.86 -51.81 16.54
C SER F 926 -75.58 -52.56 16.24
N ALA F 927 -74.60 -52.44 17.13
CA ALA F 927 -73.31 -53.10 16.97
C ALA F 927 -73.48 -54.62 16.83
N ILE F 928 -74.25 -55.20 17.73
CA ILE F 928 -74.55 -56.61 17.69
C ILE F 928 -75.13 -56.96 16.34
N ARG F 929 -76.14 -56.22 15.93
CA ARG F 929 -76.90 -56.48 14.72
C ARG F 929 -76.03 -56.58 13.48
N GLN F 930 -75.15 -55.60 13.31
CA GLN F 930 -74.27 -55.57 12.15
C GLN F 930 -73.08 -56.51 12.33
N ALA F 931 -72.73 -56.76 13.59
CA ALA F 931 -71.72 -57.76 13.87
C ALA F 931 -72.16 -59.08 13.25
N VAL F 932 -73.27 -59.60 13.75
CA VAL F 932 -73.83 -60.86 13.29
C VAL F 932 -73.81 -60.96 11.78
N ILE F 933 -74.25 -59.88 11.14
CA ILE F 933 -74.29 -59.82 9.69
C ILE F 933 -72.96 -60.26 9.06
N LYS F 934 -71.88 -59.59 9.46
CA LYS F 934 -70.55 -59.97 9.00
C LYS F 934 -70.28 -61.44 9.28
N GLU F 935 -70.50 -61.83 10.54
CA GLU F 935 -70.26 -63.19 11.00
C GLU F 935 -70.86 -64.22 10.07
N THR F 936 -72.16 -64.10 9.87
CA THR F 936 -72.92 -65.05 9.06
C THR F 936 -72.53 -65.02 7.57
N ALA F 937 -72.39 -63.84 7.00
CA ALA F 937 -71.97 -63.72 5.61
C ALA F 937 -70.52 -64.17 5.40
N ILE F 938 -69.78 -64.29 6.50
CA ILE F 938 -68.41 -64.80 6.46
C ILE F 938 -68.43 -66.31 6.58
N GLU F 939 -69.39 -66.82 7.36
CA GLU F 939 -69.59 -68.25 7.54
C GLU F 939 -69.99 -68.88 6.20
N ASN F 940 -70.66 -68.07 5.38
CA ASN F 940 -71.05 -68.49 4.05
C ASN F 940 -69.85 -68.69 3.13
N LYS F 941 -68.88 -67.79 3.21
CA LYS F 941 -67.66 -67.92 2.42
C LYS F 941 -66.92 -69.20 2.82
N VAL F 942 -67.09 -69.59 4.07
CA VAL F 942 -66.48 -70.81 4.59
C VAL F 942 -67.16 -72.03 4.01
N VAL F 943 -68.48 -72.00 3.96
CA VAL F 943 -69.26 -73.16 3.57
C VAL F 943 -69.41 -73.30 2.05
N ASN F 944 -69.83 -72.23 1.39
CA ASN F 944 -70.10 -72.28 -0.04
C ASN F 944 -68.84 -72.02 -0.86
N GLY F 945 -67.76 -71.69 -0.16
CA GLY F 945 -66.51 -71.37 -0.81
C GLY F 945 -66.51 -69.94 -1.33
N GLU F 946 -65.33 -69.44 -1.68
CA GLU F 946 -65.21 -68.08 -2.23
C GLU F 946 -65.98 -67.97 -3.53
N ASP F 947 -65.84 -68.98 -4.37
CA ASP F 947 -66.40 -68.97 -5.71
C ASP F 947 -67.90 -68.80 -5.71
N HIS F 948 -68.62 -69.73 -5.08
CA HIS F 948 -70.09 -69.64 -5.05
C HIS F 948 -70.57 -68.30 -4.49
N GLU F 949 -70.12 -67.95 -3.29
CA GLU F 949 -70.49 -66.69 -2.67
C GLU F 949 -70.23 -65.49 -3.57
N ALA F 950 -69.02 -65.44 -4.12
CA ALA F 950 -68.59 -64.33 -4.97
C ALA F 950 -69.56 -64.06 -6.13
N LEU F 951 -69.90 -65.11 -6.87
CA LEU F 951 -70.68 -64.97 -8.09
C LEU F 951 -72.14 -64.54 -7.85
N TYR F 952 -72.54 -64.48 -6.58
CA TYR F 952 -73.94 -64.21 -6.24
C TYR F 952 -74.14 -63.01 -5.32
N ARG F 953 -73.51 -61.89 -5.67
CA ARG F 953 -73.69 -60.64 -4.94
C ARG F 953 -74.27 -59.58 -5.87
N ARG F 954 -75.24 -58.81 -5.37
CA ARG F 954 -75.85 -57.74 -6.17
C ARG F 954 -74.78 -56.93 -6.87
N VAL F 955 -74.67 -57.11 -8.18
CA VAL F 955 -73.73 -56.33 -8.96
C VAL F 955 -74.31 -54.94 -9.11
N ILE F 956 -73.72 -53.98 -8.42
CA ILE F 956 -74.19 -52.60 -8.52
C ILE F 956 -73.30 -51.83 -9.49
N THR F 957 -73.85 -51.51 -10.66
CA THR F 957 -73.09 -50.84 -11.71
C THR F 957 -72.45 -49.57 -11.18
N GLU F 958 -71.23 -49.30 -11.62
CA GLU F 958 -70.53 -48.08 -11.24
C GLU F 958 -70.82 -47.00 -12.25
N PRO F 959 -71.28 -45.84 -11.77
CA PRO F 959 -71.71 -44.77 -12.67
C PRO F 959 -70.53 -44.24 -13.50
N ARG F 960 -70.69 -44.20 -14.80
CA ARG F 960 -69.74 -43.52 -15.67
C ARG F 960 -70.37 -42.23 -16.12
N ALA F 961 -69.65 -41.52 -16.97
CA ALA F 961 -70.18 -40.29 -17.49
C ALA F 961 -70.15 -40.38 -18.99
N ASN F 962 -71.21 -39.93 -19.63
CA ASN F 962 -71.20 -39.78 -21.09
C ASN F 962 -71.43 -38.34 -21.48
N LEU F 963 -70.59 -37.85 -22.37
CA LEU F 963 -70.76 -36.51 -22.88
C LEU F 963 -71.64 -36.61 -24.10
N LYS F 964 -72.91 -36.25 -23.96
CA LYS F 964 -73.81 -36.18 -25.11
C LYS F 964 -73.52 -34.84 -25.75
N TYR F 965 -73.43 -34.80 -27.07
CA TYR F 965 -73.12 -33.55 -27.75
C TYR F 965 -74.42 -32.93 -28.22
N PRO F 966 -75.06 -32.16 -27.33
CA PRO F 966 -76.41 -31.71 -27.60
C PRO F 966 -76.45 -30.55 -28.56
N PHE F 967 -77.21 -30.69 -29.63
CA PHE F 967 -77.58 -29.53 -30.39
C PHE F 967 -78.67 -28.86 -29.63
N PRO F 968 -79.05 -27.68 -30.10
CA PRO F 968 -80.15 -27.07 -29.37
C PRO F 968 -81.35 -27.95 -29.54
N GLU F 969 -82.21 -27.97 -28.54
CA GLU F 969 -83.44 -28.73 -28.62
C GLU F 969 -84.33 -28.13 -29.70
N LEU F 970 -84.66 -28.94 -30.69
CA LEU F 970 -85.54 -28.51 -31.77
C LEU F 970 -86.95 -28.47 -31.20
N PRO F 971 -87.64 -27.34 -31.33
CA PRO F 971 -88.95 -27.18 -30.70
C PRO F 971 -89.94 -28.21 -31.23
N ASP F 972 -91.01 -28.50 -30.48
CA ASP F 972 -92.04 -29.38 -31.01
C ASP F 972 -92.94 -28.61 -31.97
N TRP F 973 -93.14 -29.18 -33.16
CA TRP F 973 -93.94 -28.49 -34.17
C TRP F 973 -95.30 -28.11 -33.61
N ASP F 974 -95.97 -29.08 -33.02
CA ASP F 974 -97.33 -28.86 -32.55
C ASP F 974 -97.37 -27.95 -31.33
N LYS F 975 -96.74 -28.36 -30.24
CA LYS F 975 -96.86 -27.63 -28.99
C LYS F 975 -96.29 -26.23 -29.07
N ASP F 976 -95.20 -26.07 -29.83
CA ASP F 976 -94.41 -24.85 -29.76
C ASP F 976 -94.49 -23.95 -30.98
N ILE F 977 -94.40 -24.53 -32.18
CA ILE F 977 -94.32 -23.72 -33.40
C ILE F 977 -95.67 -23.49 -34.09
N LYS F 978 -96.43 -24.56 -34.25
CA LYS F 978 -97.76 -24.50 -34.82
C LYS F 978 -98.52 -23.24 -34.37
N PRO F 979 -98.60 -23.02 -33.06
CA PRO F 979 -99.43 -21.92 -32.55
C PRO F 979 -99.08 -20.54 -33.13
N LEU F 980 -97.97 -20.42 -33.85
CA LEU F 980 -97.60 -19.12 -34.40
C LEU F 980 -97.52 -19.15 -35.90
N ASN F 981 -97.43 -20.36 -36.45
CA ASN F 981 -97.31 -20.55 -37.90
C ASN F 981 -98.30 -19.69 -38.70
N ASP F 982 -99.47 -19.45 -38.13
CA ASP F 982 -100.52 -18.75 -38.83
C ASP F 982 -100.13 -17.38 -39.32
N GLN F 983 -99.62 -16.56 -38.41
CA GLN F 983 -99.22 -15.20 -38.74
C GLN F 983 -97.85 -15.13 -39.43
N LEU F 984 -96.95 -16.03 -39.07
CA LEU F 984 -95.54 -15.90 -39.41
C LEU F 984 -95.11 -16.73 -40.61
N ARG F 985 -96.06 -17.40 -41.26
CA ARG F 985 -95.71 -18.23 -42.41
C ARG F 985 -95.29 -17.31 -43.56
N GLY F 986 -94.12 -17.60 -44.13
CA GLY F 986 -93.58 -16.84 -45.24
C GLY F 986 -93.59 -15.32 -45.10
N MET F 987 -93.58 -14.85 -43.86
CA MET F 987 -93.67 -13.42 -43.59
C MET F 987 -92.27 -12.82 -43.43
N VAL F 988 -91.26 -13.59 -43.84
CA VAL F 988 -89.88 -13.24 -43.63
C VAL F 988 -89.00 -13.88 -44.69
N ASN F 989 -88.16 -13.07 -45.33
CA ASN F 989 -87.23 -13.54 -46.34
C ASN F 989 -86.04 -14.21 -45.70
N LEU F 990 -85.96 -15.52 -45.84
CA LEU F 990 -84.94 -16.30 -45.13
C LEU F 990 -83.51 -16.00 -45.59
N ASP F 991 -83.37 -15.28 -46.69
CA ASP F 991 -82.04 -14.93 -47.15
C ASP F 991 -81.59 -13.57 -46.63
N LYS F 992 -82.45 -12.93 -45.87
CA LYS F 992 -82.07 -11.70 -45.20
C LYS F 992 -82.39 -11.82 -43.73
N VAL F 993 -82.34 -13.06 -43.24
CA VAL F 993 -82.45 -13.34 -41.82
C VAL F 993 -81.11 -13.90 -41.35
N VAL F 994 -80.54 -13.29 -40.32
CA VAL F 994 -79.24 -13.73 -39.83
C VAL F 994 -79.35 -14.60 -38.57
N VAL F 995 -78.64 -15.72 -38.57
CA VAL F 995 -78.85 -16.73 -37.56
C VAL F 995 -77.56 -17.28 -36.99
N VAL F 996 -77.51 -17.49 -35.68
CA VAL F 996 -76.35 -18.08 -35.04
C VAL F 996 -76.42 -19.61 -34.97
N THR F 997 -75.54 -20.27 -35.72
CA THR F 997 -75.52 -21.72 -35.76
C THR F 997 -74.35 -22.31 -34.96
N GLY F 998 -73.35 -21.48 -34.69
CA GLY F 998 -72.18 -21.95 -33.97
C GLY F 998 -71.89 -21.17 -32.71
N LEU F 999 -71.22 -21.82 -31.76
CA LEU F 999 -71.04 -21.29 -30.42
C LEU F 999 -69.81 -21.92 -29.81
N ALA F 1000 -68.94 -21.11 -29.22
CA ALA F 1000 -67.81 -21.66 -28.49
C ALA F 1000 -67.06 -20.55 -27.78
N GLU F 1001 -66.24 -20.93 -26.82
CA GLU F 1001 -65.41 -19.96 -26.13
C GLU F 1001 -64.29 -20.69 -25.44
N ILE F 1002 -63.23 -19.96 -25.11
CA ILE F 1002 -62.23 -20.41 -24.17
C ILE F 1002 -62.03 -19.28 -23.18
N GLY F 1003 -62.24 -19.60 -21.90
CA GLY F 1003 -62.16 -18.60 -20.87
C GLY F 1003 -61.73 -19.25 -19.58
N PRO F 1004 -61.75 -18.47 -18.48
CA PRO F 1004 -61.29 -18.86 -17.15
C PRO F 1004 -62.05 -20.05 -16.64
N TRP F 1005 -63.21 -20.31 -17.24
CA TRP F 1005 -64.06 -21.42 -16.81
C TRP F 1005 -64.09 -22.56 -17.80
N GLY F 1006 -63.38 -22.39 -18.90
CA GLY F 1006 -63.27 -23.45 -19.87
C GLY F 1006 -64.07 -23.07 -21.09
N ASN F 1007 -64.47 -24.07 -21.87
CA ASN F 1007 -65.24 -23.84 -23.10
C ASN F 1007 -66.67 -23.50 -22.76
N ALA F 1008 -67.45 -23.15 -23.77
CA ALA F 1008 -68.80 -22.66 -23.51
C ALA F 1008 -69.60 -23.65 -22.67
N ARG F 1009 -69.29 -24.93 -22.82
CA ARG F 1009 -70.01 -26.00 -22.15
C ARG F 1009 -69.77 -25.97 -20.64
N THR F 1010 -68.51 -26.10 -20.26
CA THR F 1010 -68.12 -26.05 -18.87
C THR F 1010 -68.49 -24.71 -18.23
N ARG F 1011 -68.34 -23.63 -19.01
CA ARG F 1011 -68.64 -22.30 -18.50
C ARG F 1011 -70.10 -22.20 -18.13
N TRP F 1012 -70.96 -22.80 -18.95
CA TRP F 1012 -72.41 -22.73 -18.73
C TRP F 1012 -72.79 -23.51 -17.47
N GLU F 1013 -72.27 -24.73 -17.37
CA GLU F 1013 -72.49 -25.53 -16.18
C GLU F 1013 -72.27 -24.68 -14.96
N MET F 1014 -71.14 -23.99 -14.93
CA MET F 1014 -70.81 -23.20 -13.77
C MET F 1014 -71.76 -22.01 -13.62
N GLU F 1015 -72.04 -21.33 -14.72
CA GLU F 1015 -72.81 -20.09 -14.66
C GLU F 1015 -74.23 -20.35 -14.26
N ALA F 1016 -74.70 -21.55 -14.57
CA ALA F 1016 -76.11 -21.92 -14.41
C ALA F 1016 -76.36 -22.78 -13.16
N TYR F 1017 -75.68 -23.91 -13.06
CA TYR F 1017 -75.89 -24.84 -11.95
C TYR F 1017 -75.01 -24.56 -10.75
N GLY F 1018 -73.83 -24.00 -10.99
CA GLY F 1018 -72.97 -23.60 -9.89
C GLY F 1018 -71.96 -24.64 -9.48
N LYS F 1019 -71.97 -25.77 -10.19
CA LYS F 1019 -70.94 -26.77 -9.99
C LYS F 1019 -70.86 -27.65 -11.22
N PHE F 1020 -69.79 -28.42 -11.33
CA PHE F 1020 -69.65 -29.28 -12.50
C PHE F 1020 -70.37 -30.60 -12.31
N SER F 1021 -70.85 -31.16 -13.41
CA SER F 1021 -71.33 -32.53 -13.45
C SER F 1021 -70.13 -33.42 -13.73
N LEU F 1022 -70.28 -34.73 -13.57
CA LEU F 1022 -69.18 -35.63 -13.85
C LEU F 1022 -68.72 -35.41 -15.28
N GLU F 1023 -69.68 -35.14 -16.15
CA GLU F 1023 -69.39 -34.87 -17.56
C GLU F 1023 -68.53 -33.62 -17.66
N GLY F 1024 -68.95 -32.58 -16.96
CA GLY F 1024 -68.17 -31.37 -16.82
C GLY F 1024 -66.76 -31.64 -16.33
N CYS F 1025 -66.64 -32.24 -15.14
CA CYS F 1025 -65.35 -32.59 -14.58
C CYS F 1025 -64.45 -33.33 -15.56
N VAL F 1026 -64.99 -34.33 -16.23
CA VAL F 1026 -64.19 -35.03 -17.20
C VAL F 1026 -63.68 -34.10 -18.29
N GLU F 1027 -64.53 -33.21 -18.80
CA GLU F 1027 -64.07 -32.25 -19.80
C GLU F 1027 -62.95 -31.37 -19.27
N MET F 1028 -63.19 -30.74 -18.12
CA MET F 1028 -62.18 -29.91 -17.47
C MET F 1028 -60.91 -30.73 -17.27
N ALA F 1029 -61.06 -31.89 -16.63
CA ALA F 1029 -59.92 -32.74 -16.36
C ALA F 1029 -59.14 -33.05 -17.63
N TRP F 1030 -59.84 -33.12 -18.75
CA TRP F 1030 -59.21 -33.43 -20.03
C TRP F 1030 -58.41 -32.27 -20.54
N MET F 1031 -59.02 -31.09 -20.56
CA MET F 1031 -58.40 -29.90 -21.13
C MET F 1031 -57.31 -29.34 -20.23
N MET F 1032 -57.44 -29.55 -18.94
CA MET F 1032 -56.44 -29.07 -18.00
C MET F 1032 -55.24 -30.00 -18.00
N GLY F 1033 -55.38 -31.14 -18.66
CA GLY F 1033 -54.30 -32.09 -18.80
C GLY F 1033 -54.10 -33.07 -17.65
N LEU F 1034 -55.16 -33.36 -16.89
CA LEU F 1034 -55.06 -34.22 -15.72
C LEU F 1034 -55.27 -35.68 -16.07
N ILE F 1035 -55.97 -35.92 -17.17
CA ILE F 1035 -56.25 -37.27 -17.63
C ILE F 1035 -56.15 -37.31 -19.15
N LYS F 1036 -55.70 -38.44 -19.66
CA LYS F 1036 -55.63 -38.63 -21.10
C LYS F 1036 -56.02 -40.06 -21.49
N ASN F 1037 -56.54 -40.22 -22.69
CA ASN F 1037 -56.96 -41.52 -23.15
C ASN F 1037 -55.76 -42.45 -23.36
N HIS F 1038 -55.96 -43.74 -23.10
CA HIS F 1038 -54.95 -44.75 -23.37
C HIS F 1038 -55.60 -45.97 -24.02
N ASN F 1039 -54.90 -46.57 -24.99
CA ASN F 1039 -55.42 -47.74 -25.69
C ASN F 1039 -54.33 -48.74 -26.04
N GLY F 1040 -53.75 -49.35 -25.00
CA GLY F 1040 -52.70 -50.33 -25.18
C GLY F 1040 -52.43 -51.05 -23.87
N PRO F 1041 -51.33 -51.80 -23.81
CA PRO F 1041 -50.97 -52.52 -22.59
C PRO F 1041 -50.56 -51.57 -21.47
N LEU F 1042 -51.20 -51.70 -20.32
CA LEU F 1042 -50.79 -51.01 -19.11
C LEU F 1042 -50.29 -52.02 -18.09
N LYS F 1043 -48.98 -52.07 -17.90
CA LYS F 1043 -48.41 -53.04 -16.97
C LYS F 1043 -48.79 -54.43 -17.46
N GLY F 1044 -48.50 -54.72 -18.71
CA GLY F 1044 -48.72 -56.04 -19.27
C GLY F 1044 -50.12 -56.32 -19.77
N LYS F 1045 -51.12 -56.16 -18.90
CA LYS F 1045 -52.51 -56.38 -19.27
C LYS F 1045 -53.03 -55.22 -20.09
N PRO F 1046 -53.87 -55.49 -21.09
CA PRO F 1046 -54.36 -54.44 -21.98
C PRO F 1046 -55.35 -53.53 -21.27
N TYR F 1047 -55.59 -52.36 -21.83
CA TYR F 1047 -56.49 -51.39 -21.23
C TYR F 1047 -56.83 -50.27 -22.21
N SER F 1048 -58.02 -49.71 -22.06
CA SER F 1048 -58.42 -48.57 -22.85
C SER F 1048 -59.28 -47.63 -22.02
N GLY F 1049 -59.04 -46.35 -22.16
CA GLY F 1049 -59.82 -45.35 -21.43
C GLY F 1049 -58.98 -44.31 -20.70
N TRP F 1050 -59.59 -43.71 -19.67
CA TRP F 1050 -58.97 -42.62 -18.94
C TRP F 1050 -57.79 -43.06 -18.10
N VAL F 1051 -56.73 -42.27 -18.17
CA VAL F 1051 -55.51 -42.54 -17.41
C VAL F 1051 -55.09 -41.23 -16.77
N ASP F 1052 -54.64 -41.29 -15.52
CA ASP F 1052 -54.08 -40.10 -14.86
C ASP F 1052 -52.88 -39.63 -15.68
N ALA F 1053 -52.88 -38.37 -16.09
CA ALA F 1053 -51.83 -37.89 -16.97
C ALA F 1053 -50.48 -37.95 -16.27
N LYS F 1054 -50.48 -37.66 -14.98
CA LYS F 1054 -49.24 -37.64 -14.19
C LYS F 1054 -48.69 -39.04 -13.96
N THR F 1055 -49.45 -39.90 -13.28
CA THR F 1055 -49.05 -41.29 -13.18
C THR F 1055 -49.70 -42.09 -14.30
N GLY F 1056 -48.95 -42.98 -14.93
CA GLY F 1056 -49.50 -43.82 -15.99
C GLY F 1056 -50.76 -44.58 -15.60
N GLU F 1057 -51.08 -44.59 -14.30
CA GLU F 1057 -52.23 -45.30 -13.76
C GLU F 1057 -53.56 -44.98 -14.43
N PRO F 1058 -54.49 -45.94 -14.42
CA PRO F 1058 -55.82 -45.74 -14.98
C PRO F 1058 -56.73 -45.02 -13.99
N VAL F 1059 -57.76 -44.36 -14.51
CA VAL F 1059 -58.73 -43.67 -13.69
C VAL F 1059 -60.15 -43.95 -14.12
N ASP F 1060 -61.02 -44.16 -13.14
CA ASP F 1060 -62.41 -44.50 -13.39
C ASP F 1060 -63.26 -43.24 -13.36
N ASP F 1061 -64.22 -43.15 -14.27
CA ASP F 1061 -65.09 -41.99 -14.35
C ASP F 1061 -65.63 -41.61 -12.98
N LYS F 1062 -66.04 -42.62 -12.20
CA LYS F 1062 -66.65 -42.35 -10.90
C LYS F 1062 -65.69 -41.62 -9.95
N ASP F 1063 -64.41 -41.88 -10.13
CA ASP F 1063 -63.38 -41.32 -9.28
C ASP F 1063 -62.99 -39.90 -9.69
N VAL F 1064 -63.03 -39.62 -11.00
CA VAL F 1064 -62.66 -38.31 -11.52
C VAL F 1064 -63.02 -37.20 -10.53
N LYS F 1065 -64.30 -37.11 -10.20
CA LYS F 1065 -64.79 -36.03 -9.35
C LYS F 1065 -63.99 -35.92 -8.05
N ALA F 1066 -63.69 -37.05 -7.43
CA ALA F 1066 -62.98 -37.02 -6.15
C ALA F 1066 -61.50 -36.65 -6.34
N LYS F 1067 -60.84 -37.29 -7.30
CA LYS F 1067 -59.43 -37.06 -7.52
C LYS F 1067 -59.13 -35.64 -7.95
N TYR F 1068 -59.97 -35.09 -8.80
CA TYR F 1068 -59.61 -33.86 -9.49
C TYR F 1068 -60.47 -32.63 -9.17
N GLU F 1069 -61.70 -32.81 -8.72
CA GLU F 1069 -62.58 -31.66 -8.61
C GLU F 1069 -61.89 -30.54 -7.81
N LYS F 1070 -61.38 -30.90 -6.65
CA LYS F 1070 -60.83 -29.89 -5.75
C LYS F 1070 -59.85 -29.03 -6.50
N TYR F 1071 -58.91 -29.68 -7.19
CA TYR F 1071 -57.88 -29.01 -7.96
C TYR F 1071 -58.52 -28.17 -9.04
N ILE F 1072 -59.30 -28.80 -9.90
CA ILE F 1072 -59.89 -28.14 -11.04
C ILE F 1072 -60.52 -26.81 -10.66
N LEU F 1073 -61.23 -26.76 -9.52
CA LEU F 1073 -61.90 -25.53 -9.08
C LEU F 1073 -60.91 -24.47 -8.57
N GLU F 1074 -59.87 -24.97 -7.94
CA GLU F 1074 -58.85 -24.12 -7.38
C GLU F 1074 -57.98 -23.50 -8.47
N HIS F 1075 -57.73 -24.24 -9.53
CA HIS F 1075 -56.92 -23.73 -10.63
C HIS F 1075 -57.71 -23.30 -11.86
N SER F 1076 -58.97 -22.96 -11.65
CA SER F 1076 -59.69 -22.19 -12.64
C SER F 1076 -60.63 -21.16 -12.03
N GLY F 1077 -61.08 -20.26 -12.89
CA GLY F 1077 -61.92 -19.15 -12.50
C GLY F 1077 -61.08 -17.93 -12.24
N ILE F 1078 -61.67 -16.93 -11.59
CA ILE F 1078 -60.92 -15.76 -11.14
C ILE F 1078 -60.01 -16.19 -10.00
N ARG F 1079 -58.70 -16.10 -10.19
CA ARG F 1079 -57.77 -16.56 -9.15
C ARG F 1079 -56.50 -15.75 -9.08
N LEU F 1080 -55.68 -16.06 -8.08
CA LEU F 1080 -54.39 -15.41 -7.94
C LEU F 1080 -53.55 -15.67 -9.15
N ILE F 1081 -52.88 -14.63 -9.64
CA ILE F 1081 -52.14 -14.74 -10.90
C ILE F 1081 -51.07 -15.80 -10.79
N GLU F 1082 -51.02 -16.67 -11.79
CA GLU F 1082 -50.07 -17.76 -11.76
C GLU F 1082 -49.03 -17.48 -12.80
N PRO F 1083 -47.83 -17.14 -12.34
CA PRO F 1083 -46.72 -16.67 -13.16
C PRO F 1083 -46.39 -17.64 -14.28
N GLU F 1084 -46.48 -18.94 -14.02
CA GLU F 1084 -46.14 -19.92 -15.05
C GLU F 1084 -46.99 -19.68 -16.30
N LEU F 1085 -48.21 -19.24 -16.06
CA LEU F 1085 -49.14 -18.95 -17.13
C LEU F 1085 -48.83 -17.67 -17.87
N PHE F 1086 -47.78 -16.97 -17.44
CA PHE F 1086 -47.44 -15.67 -17.99
C PHE F 1086 -45.95 -15.47 -17.99
N GLY F 1087 -45.24 -16.55 -18.31
CA GLY F 1087 -43.79 -16.52 -18.40
C GLY F 1087 -43.12 -15.82 -17.24
N GLY F 1088 -43.63 -16.04 -16.04
CA GLY F 1088 -42.98 -15.55 -14.86
C GLY F 1088 -43.49 -14.25 -14.27
N TYR F 1089 -44.44 -13.59 -14.95
CA TYR F 1089 -44.98 -12.38 -14.37
C TYR F 1089 -45.40 -12.64 -12.95
N ASP F 1090 -45.04 -11.75 -12.04
CA ASP F 1090 -45.48 -11.85 -10.67
C ASP F 1090 -45.67 -10.42 -10.21
N PRO F 1091 -46.91 -10.00 -9.99
CA PRO F 1091 -47.30 -8.64 -9.62
C PRO F 1091 -46.60 -8.21 -8.37
N ASN F 1092 -46.09 -9.18 -7.63
CA ASN F 1092 -45.45 -8.92 -6.36
C ASN F 1092 -44.01 -8.49 -6.53
N ARG F 1093 -43.52 -8.64 -7.75
CA ARG F 1093 -42.25 -8.06 -8.16
C ARG F 1093 -42.29 -7.57 -9.61
N LYS F 1094 -42.89 -6.40 -9.80
CA LYS F 1094 -43.03 -5.79 -11.11
C LYS F 1094 -41.69 -5.17 -11.46
N GLN F 1095 -40.98 -5.82 -12.36
CA GLN F 1095 -39.65 -5.34 -12.70
C GLN F 1095 -39.67 -4.02 -13.47
N LEU F 1096 -38.91 -3.05 -12.99
CA LEU F 1096 -38.62 -1.82 -13.72
C LEU F 1096 -37.11 -1.69 -13.96
N LEU F 1097 -36.73 -0.60 -14.59
CA LEU F 1097 -35.33 -0.29 -14.79
C LEU F 1097 -35.14 1.14 -14.34
N GLN F 1098 -34.04 1.42 -13.65
CA GLN F 1098 -33.73 2.80 -13.32
C GLN F 1098 -32.41 3.22 -13.94
N GLU F 1099 -32.43 4.40 -14.57
CA GLU F 1099 -31.21 4.95 -15.13
C GLU F 1099 -30.31 5.39 -14.00
N VAL F 1100 -29.09 4.87 -13.99
CA VAL F 1100 -28.08 5.33 -13.05
C VAL F 1100 -26.92 5.91 -13.82
N VAL F 1101 -26.35 7.00 -13.31
CA VAL F 1101 -25.12 7.49 -13.87
C VAL F 1101 -23.98 6.99 -13.01
N ILE F 1102 -23.17 6.10 -13.56
CA ILE F 1102 -22.02 5.58 -12.87
C ILE F 1102 -21.18 6.77 -12.42
N GLU F 1103 -20.68 6.73 -11.18
CA GLU F 1103 -19.76 7.76 -10.71
C GLU F 1103 -18.38 7.18 -10.43
N GLN F 1104 -17.89 6.42 -11.39
CA GLN F 1104 -16.61 5.74 -11.30
C GLN F 1104 -16.41 5.06 -12.64
N ASP F 1105 -15.21 4.55 -12.87
CA ASP F 1105 -15.02 3.62 -13.97
C ASP F 1105 -15.50 2.32 -13.37
N LEU F 1106 -16.09 1.43 -14.15
CA LEU F 1106 -16.30 0.10 -13.64
C LEU F 1106 -15.48 -0.87 -14.47
N GLU F 1107 -15.17 -2.01 -13.91
CA GLU F 1107 -14.16 -2.85 -14.51
C GLU F 1107 -14.58 -3.33 -15.89
N PRO F 1108 -13.58 -3.64 -16.72
CA PRO F 1108 -13.61 -4.14 -18.09
C PRO F 1108 -14.26 -5.50 -18.23
N PHE F 1109 -15.04 -5.70 -19.30
CA PHE F 1109 -15.48 -7.03 -19.70
C PHE F 1109 -15.07 -7.27 -21.13
N GLU F 1110 -14.93 -8.54 -21.49
CA GLU F 1110 -14.60 -8.87 -22.87
C GLU F 1110 -15.85 -8.82 -23.74
N ALA F 1111 -15.66 -8.67 -25.04
CA ALA F 1111 -16.77 -8.52 -25.98
C ALA F 1111 -16.26 -8.77 -27.37
N SER F 1112 -17.16 -9.04 -28.31
CA SER F 1112 -16.76 -9.25 -29.70
C SER F 1112 -16.35 -7.92 -30.24
N LYS F 1113 -15.52 -7.92 -31.29
CA LYS F 1113 -15.15 -6.65 -31.87
C LYS F 1113 -16.41 -5.84 -32.21
N GLU F 1114 -17.38 -6.51 -32.83
CA GLU F 1114 -18.64 -5.85 -33.18
C GLU F 1114 -19.36 -5.24 -31.99
N GLN F 1115 -19.51 -5.99 -30.92
CA GLN F 1115 -20.20 -5.51 -29.73
C GLN F 1115 -19.48 -4.31 -29.15
N ALA F 1116 -18.17 -4.42 -29.06
CA ALA F 1116 -17.36 -3.35 -28.53
C ALA F 1116 -17.75 -2.07 -29.23
N GLU F 1117 -17.72 -2.13 -30.55
CA GLU F 1117 -18.02 -0.97 -31.39
C GLU F 1117 -19.39 -0.43 -31.03
N GLU F 1118 -20.36 -1.33 -30.98
CA GLU F 1118 -21.71 -0.97 -30.63
C GLU F 1118 -21.69 -0.12 -29.36
N PHE F 1119 -21.03 -0.61 -28.33
CA PHE F 1119 -20.92 0.08 -27.04
C PHE F 1119 -20.27 1.46 -27.15
N LYS F 1120 -19.17 1.50 -27.89
CA LYS F 1120 -18.41 2.72 -28.03
C LYS F 1120 -19.25 3.71 -28.81
N ARG F 1121 -20.06 3.21 -29.73
CA ARG F 1121 -20.92 4.06 -30.56
C ARG F 1121 -21.86 4.83 -29.66
N GLU F 1122 -22.46 4.12 -28.72
CA GLU F 1122 -23.50 4.69 -27.88
C GLU F 1122 -22.90 5.59 -26.82
N HIS F 1123 -21.72 5.23 -26.32
CA HIS F 1123 -21.17 5.89 -25.15
C HIS F 1123 -20.10 6.94 -25.44
N GLY F 1124 -19.25 6.67 -26.42
CA GLY F 1124 -18.24 7.62 -26.84
C GLY F 1124 -17.24 8.00 -25.76
N ASP F 1125 -17.28 9.27 -25.34
CA ASP F 1125 -16.36 9.75 -24.30
C ASP F 1125 -16.25 8.75 -23.17
N LYS F 1126 -17.41 8.20 -22.81
CA LYS F 1126 -17.56 7.42 -21.60
C LYS F 1126 -17.35 5.91 -21.77
N VAL F 1127 -16.68 5.50 -22.83
CA VAL F 1127 -16.26 4.11 -22.91
C VAL F 1127 -14.93 3.96 -23.62
N GLU F 1128 -14.14 2.99 -23.16
CA GLU F 1128 -12.87 2.68 -23.78
C GLU F 1128 -12.94 1.26 -24.27
N ILE F 1129 -12.65 1.03 -25.55
CA ILE F 1129 -12.46 -0.34 -26.00
C ILE F 1129 -11.15 -0.52 -26.74
N PHE F 1130 -10.49 -1.66 -26.49
CA PHE F 1130 -9.20 -1.94 -27.08
C PHE F 1130 -9.16 -3.38 -27.51
N GLU F 1131 -8.40 -3.68 -28.55
CA GLU F 1131 -8.23 -5.06 -28.99
C GLU F 1131 -7.51 -5.89 -27.94
N ILE F 1132 -7.76 -7.19 -27.97
CA ILE F 1132 -6.89 -8.13 -27.30
C ILE F 1132 -6.01 -8.63 -28.42
N PRO F 1133 -4.75 -8.18 -28.47
CA PRO F 1133 -3.92 -8.44 -29.66
C PRO F 1133 -3.86 -9.93 -29.94
N GLU F 1134 -4.18 -10.72 -28.92
CA GLU F 1134 -3.99 -12.16 -28.95
C GLU F 1134 -5.19 -12.96 -29.50
N THR F 1135 -6.40 -12.50 -29.23
CA THR F 1135 -7.58 -13.23 -29.67
C THR F 1135 -8.59 -12.41 -30.44
N GLY F 1136 -8.18 -11.24 -30.95
CA GLY F 1136 -9.07 -10.38 -31.71
C GLY F 1136 -10.31 -9.93 -30.95
N GLN F 1137 -10.35 -10.26 -29.66
CA GLN F 1137 -11.44 -9.82 -28.82
C GLN F 1137 -11.21 -8.37 -28.43
N TYR F 1138 -12.13 -7.83 -27.62
CA TYR F 1138 -12.02 -6.45 -27.15
C TYR F 1138 -12.37 -6.37 -25.68
N THR F 1139 -12.21 -5.18 -25.13
CA THR F 1139 -12.38 -4.96 -23.72
C THR F 1139 -13.20 -3.72 -23.60
N VAL F 1140 -14.24 -3.79 -22.79
CA VAL F 1140 -15.12 -2.65 -22.65
C VAL F 1140 -15.07 -2.15 -21.20
N ARG F 1141 -14.64 -0.91 -21.03
CA ARG F 1141 -14.68 -0.29 -19.73
C ARG F 1141 -15.54 0.94 -19.82
N LEU F 1142 -16.62 0.98 -19.06
CA LEU F 1142 -17.39 2.21 -19.04
C LEU F 1142 -16.71 3.17 -18.08
N ARG F 1143 -16.70 4.44 -18.42
CA ARG F 1143 -16.07 5.44 -17.54
C ARG F 1143 -17.08 6.20 -16.71
N LYS F 1144 -16.58 6.97 -15.77
CA LYS F 1144 -17.44 7.79 -14.95
C LYS F 1144 -18.23 8.71 -15.84
N GLY F 1145 -19.52 8.80 -15.59
CA GLY F 1145 -20.37 9.65 -16.39
C GLY F 1145 -21.23 8.79 -17.27
N ALA F 1146 -20.79 7.55 -17.48
CA ALA F 1146 -21.52 6.59 -18.29
C ALA F 1146 -22.92 6.42 -17.73
N THR F 1147 -23.85 5.94 -18.54
CA THR F 1147 -25.21 5.72 -18.05
C THR F 1147 -25.59 4.25 -18.09
N LEU F 1148 -26.13 3.77 -16.97
CA LEU F 1148 -26.43 2.35 -16.79
C LEU F 1148 -27.89 2.16 -16.49
N LEU F 1149 -28.34 0.91 -16.62
CA LEU F 1149 -29.72 0.58 -16.27
C LEU F 1149 -29.75 -0.51 -15.22
N ILE F 1150 -30.26 -0.18 -14.04
CA ILE F 1150 -30.35 -1.18 -13.00
C ILE F 1150 -31.81 -1.54 -12.75
N PRO F 1151 -32.11 -2.85 -12.81
CA PRO F 1151 -33.40 -3.44 -12.48
C PRO F 1151 -33.85 -3.15 -11.06
N LYS F 1152 -35.15 -2.97 -10.88
CA LYS F 1152 -35.74 -2.89 -9.57
C LYS F 1152 -37.10 -3.53 -9.63
N ALA F 1153 -37.76 -3.72 -8.50
CA ALA F 1153 -39.01 -4.44 -8.49
C ALA F 1153 -40.06 -3.74 -7.64
N LEU F 1154 -41.33 -3.95 -7.96
CA LEU F 1154 -42.42 -3.23 -7.30
C LEU F 1154 -43.47 -4.15 -6.75
N GLN F 1155 -44.23 -3.69 -5.76
CA GLN F 1155 -45.34 -4.51 -5.30
C GLN F 1155 -46.68 -4.03 -5.83
N PHE F 1156 -47.13 -4.69 -6.89
CA PHE F 1156 -48.29 -4.29 -7.64
C PHE F 1156 -49.55 -4.83 -6.99
N ASP F 1157 -50.66 -4.10 -7.14
CA ASP F 1157 -51.88 -4.33 -6.38
C ASP F 1157 -52.81 -5.33 -7.03
N ARG F 1158 -52.67 -5.52 -8.34
CA ARG F 1158 -53.53 -6.42 -9.08
C ARG F 1158 -52.98 -7.84 -9.03
N LEU F 1159 -53.21 -8.53 -7.91
CA LEU F 1159 -52.70 -9.87 -7.70
C LEU F 1159 -53.62 -10.94 -8.30
N VAL F 1160 -54.84 -10.55 -8.58
CA VAL F 1160 -55.83 -11.51 -9.03
C VAL F 1160 -56.26 -11.13 -10.44
N ALA F 1161 -56.50 -12.15 -11.27
CA ALA F 1161 -57.00 -12.01 -12.63
C ALA F 1161 -57.71 -13.30 -13.05
N GLY F 1162 -58.75 -13.20 -13.88
CA GLY F 1162 -59.46 -14.37 -14.34
C GLY F 1162 -58.70 -15.00 -15.49
N GLN F 1163 -58.20 -16.21 -15.27
CA GLN F 1163 -57.28 -16.85 -16.21
C GLN F 1163 -57.75 -18.22 -16.70
N ILE F 1164 -57.48 -18.52 -17.97
CA ILE F 1164 -57.78 -19.83 -18.51
C ILE F 1164 -57.23 -20.89 -17.55
N PRO F 1165 -58.01 -21.94 -17.31
CA PRO F 1165 -57.65 -23.04 -16.43
C PRO F 1165 -56.22 -23.51 -16.55
N THR F 1166 -55.62 -23.66 -15.38
CA THR F 1166 -54.22 -24.02 -15.26
C THR F 1166 -53.95 -25.38 -15.87
N GLY F 1167 -53.57 -25.35 -17.12
CA GLY F 1167 -53.21 -26.58 -17.81
C GLY F 1167 -53.60 -26.55 -19.26
N TRP F 1168 -54.48 -25.62 -19.63
CA TRP F 1168 -55.04 -25.61 -20.96
C TRP F 1168 -53.93 -25.49 -21.99
N ASP F 1169 -54.00 -26.27 -23.06
CA ASP F 1169 -53.05 -26.08 -24.14
C ASP F 1169 -53.69 -26.34 -25.49
N ALA F 1170 -53.47 -25.43 -26.42
CA ALA F 1170 -53.95 -25.61 -27.77
C ALA F 1170 -53.41 -26.88 -28.43
N ARG F 1171 -52.49 -27.57 -27.79
CA ARG F 1171 -51.98 -28.80 -28.36
C ARG F 1171 -52.89 -29.98 -28.08
N ARG F 1172 -53.63 -29.91 -26.98
CA ARG F 1172 -54.57 -30.95 -26.61
C ARG F 1172 -55.64 -31.01 -27.68
N TYR F 1173 -55.91 -29.87 -28.28
CA TYR F 1173 -56.93 -29.81 -29.30
C TYR F 1173 -56.42 -30.25 -30.66
N GLY F 1174 -55.12 -30.14 -30.90
CA GLY F 1174 -54.57 -30.61 -32.15
C GLY F 1174 -53.91 -29.58 -33.05
N VAL F 1175 -53.78 -28.35 -32.55
CA VAL F 1175 -53.00 -27.35 -33.27
C VAL F 1175 -51.57 -27.87 -33.39
N PRO F 1176 -51.01 -27.75 -34.59
CA PRO F 1176 -49.68 -28.25 -34.96
C PRO F 1176 -48.62 -27.55 -34.18
N GLU F 1177 -47.57 -28.28 -33.80
CA GLU F 1177 -46.50 -27.71 -32.99
C GLU F 1177 -45.89 -26.48 -33.64
N ASP F 1178 -45.57 -26.57 -34.93
CA ASP F 1178 -44.96 -25.45 -35.64
C ASP F 1178 -45.83 -24.19 -35.57
N ILE F 1179 -47.14 -24.36 -35.61
CA ILE F 1179 -48.05 -23.22 -35.50
C ILE F 1179 -48.10 -22.73 -34.05
N ILE F 1180 -47.93 -23.64 -33.12
CA ILE F 1180 -47.85 -23.28 -31.71
C ILE F 1180 -46.66 -22.33 -31.49
N GLN F 1181 -45.54 -22.69 -32.07
CA GLN F 1181 -44.31 -21.93 -31.92
C GLN F 1181 -44.34 -20.57 -32.61
N GLN F 1182 -45.11 -20.48 -33.68
CA GLN F 1182 -45.08 -19.31 -34.56
C GLN F 1182 -45.98 -18.15 -34.12
N VAL F 1183 -47.10 -18.44 -33.47
CA VAL F 1183 -48.11 -17.42 -33.27
C VAL F 1183 -48.27 -16.99 -31.83
N ASP F 1184 -48.88 -15.83 -31.66
CA ASP F 1184 -49.25 -15.30 -30.34
C ASP F 1184 -50.31 -16.21 -29.71
N PRO F 1185 -50.22 -16.42 -28.37
CA PRO F 1185 -51.19 -17.21 -27.60
C PRO F 1185 -52.62 -16.84 -27.92
N VAL F 1186 -52.88 -15.54 -28.06
CA VAL F 1186 -54.17 -15.05 -28.49
C VAL F 1186 -54.65 -15.87 -29.69
N THR F 1187 -53.84 -15.93 -30.73
CA THR F 1187 -54.24 -16.63 -31.94
C THR F 1187 -54.60 -18.08 -31.60
N LEU F 1188 -53.88 -18.67 -30.65
CA LEU F 1188 -54.14 -20.04 -30.24
C LEU F 1188 -55.52 -20.19 -29.64
N TYR F 1189 -55.94 -19.22 -28.85
CA TYR F 1189 -57.29 -19.26 -28.31
C TYR F 1189 -58.28 -19.18 -29.45
N VAL F 1190 -58.07 -18.20 -30.32
CA VAL F 1190 -58.92 -18.00 -31.49
C VAL F 1190 -58.99 -19.20 -32.42
N LEU F 1191 -57.85 -19.83 -32.70
CA LEU F 1191 -57.83 -21.03 -33.51
C LEU F 1191 -58.67 -22.16 -32.92
N VAL F 1192 -58.40 -22.50 -31.67
CA VAL F 1192 -59.15 -23.55 -31.00
C VAL F 1192 -60.60 -23.15 -30.92
N SER F 1193 -60.86 -21.90 -30.62
CA SER F 1193 -62.25 -21.45 -30.54
C SER F 1193 -63.01 -21.75 -31.82
N VAL F 1194 -62.56 -21.14 -32.91
CA VAL F 1194 -63.20 -21.33 -34.21
C VAL F 1194 -63.36 -22.80 -34.56
N ALA F 1195 -62.48 -23.64 -34.04
CA ALA F 1195 -62.57 -25.05 -34.36
C ALA F 1195 -63.72 -25.74 -33.65
N GLU F 1196 -63.87 -25.42 -32.37
CA GLU F 1196 -64.95 -25.97 -31.56
C GLU F 1196 -66.27 -25.34 -31.97
N ALA F 1197 -66.21 -24.10 -32.43
CA ALA F 1197 -67.40 -23.37 -32.86
C ALA F 1197 -67.97 -23.94 -34.14
N LEU F 1198 -67.10 -24.39 -35.03
CA LEU F 1198 -67.56 -25.03 -36.25
C LEU F 1198 -68.25 -26.38 -35.95
N LEU F 1199 -67.77 -27.07 -34.91
CA LEU F 1199 -68.32 -28.36 -34.53
C LEU F 1199 -69.69 -28.17 -33.92
N SER F 1200 -69.82 -27.19 -33.04
CA SER F 1200 -71.10 -26.93 -32.39
C SER F 1200 -72.14 -26.58 -33.42
N SER F 1201 -71.67 -26.34 -34.64
CA SER F 1201 -72.53 -25.94 -35.73
C SER F 1201 -72.67 -27.09 -36.71
N GLY F 1202 -72.04 -28.21 -36.39
CA GLY F 1202 -72.20 -29.42 -37.16
C GLY F 1202 -71.25 -29.52 -38.35
N ILE F 1203 -70.37 -28.54 -38.49
CA ILE F 1203 -69.39 -28.58 -39.54
C ILE F 1203 -68.17 -29.31 -39.03
N THR F 1204 -67.79 -30.40 -39.68
CA THR F 1204 -66.57 -31.11 -39.34
C THR F 1204 -65.40 -30.55 -40.12
N ASP F 1205 -65.53 -30.65 -41.44
CA ASP F 1205 -64.59 -30.10 -42.40
C ASP F 1205 -65.18 -28.79 -42.88
N PRO F 1206 -64.43 -27.68 -42.73
CA PRO F 1206 -65.03 -26.39 -43.08
C PRO F 1206 -65.29 -26.32 -44.58
N TYR F 1207 -64.69 -27.27 -45.31
CA TYR F 1207 -64.85 -27.35 -46.75
C TYR F 1207 -66.28 -27.68 -47.14
N GLU F 1208 -66.99 -28.33 -46.24
CA GLU F 1208 -68.40 -28.63 -46.44
C GLU F 1208 -69.16 -27.36 -46.85
N PHE F 1209 -68.75 -26.23 -46.31
CA PHE F 1209 -69.34 -24.96 -46.74
C PHE F 1209 -69.31 -24.81 -48.27
N TYR F 1210 -68.30 -25.40 -48.90
CA TYR F 1210 -68.16 -25.28 -50.34
C TYR F 1210 -68.85 -26.42 -51.07
N LYS F 1211 -69.90 -26.92 -50.46
CA LYS F 1211 -70.84 -27.80 -51.13
C LYS F 1211 -72.04 -26.94 -51.46
N TYR F 1212 -72.36 -26.03 -50.55
CA TYR F 1212 -73.56 -25.22 -50.67
C TYR F 1212 -73.24 -23.82 -51.15
N VAL F 1213 -71.96 -23.44 -51.07
CA VAL F 1213 -71.59 -22.04 -51.25
C VAL F 1213 -70.23 -21.82 -51.90
N HIS F 1214 -70.08 -20.68 -52.56
CA HIS F 1214 -68.85 -20.32 -53.26
C HIS F 1214 -67.78 -19.81 -52.31
N LEU F 1215 -66.52 -20.10 -52.64
CA LEU F 1215 -65.39 -19.64 -51.86
C LEU F 1215 -65.58 -18.23 -51.31
N SER F 1216 -66.26 -17.39 -52.08
CA SER F 1216 -66.36 -15.98 -51.73
C SER F 1216 -67.55 -15.64 -50.83
N GLU F 1217 -68.08 -16.61 -50.12
CA GLU F 1217 -69.24 -16.34 -49.26
C GLU F 1217 -69.07 -16.79 -47.82
N VAL F 1218 -67.93 -17.40 -47.52
CA VAL F 1218 -67.54 -17.61 -46.13
C VAL F 1218 -66.72 -16.40 -45.67
N GLY F 1219 -67.27 -15.64 -44.72
CA GLY F 1219 -66.63 -14.41 -44.27
C GLY F 1219 -65.94 -14.54 -42.94
N ASN F 1220 -65.00 -13.63 -42.66
CA ASN F 1220 -64.23 -13.65 -41.42
C ASN F 1220 -64.12 -12.28 -40.72
N CYS F 1221 -64.88 -12.09 -39.64
CA CYS F 1221 -64.98 -10.78 -38.97
C CYS F 1221 -64.61 -10.79 -37.50
N ILE F 1222 -63.58 -11.55 -37.14
CA ILE F 1222 -63.21 -11.63 -35.74
C ILE F 1222 -62.23 -10.51 -35.36
N GLY F 1223 -62.49 -9.87 -34.23
CA GLY F 1223 -61.75 -8.69 -33.83
C GLY F 1223 -61.20 -8.75 -32.43
N SER F 1224 -60.77 -7.60 -31.92
CA SER F 1224 -60.21 -7.53 -30.58
C SER F 1224 -59.80 -6.10 -30.26
N GLY F 1225 -59.52 -5.83 -29.00
CA GLY F 1225 -59.20 -4.48 -28.55
C GLY F 1225 -57.79 -4.06 -28.92
N VAL F 1226 -56.83 -4.96 -28.67
CA VAL F 1226 -55.44 -4.86 -29.10
C VAL F 1226 -54.88 -6.26 -28.97
N GLY F 1227 -54.95 -7.04 -30.03
CA GLY F 1227 -54.57 -8.43 -29.91
C GLY F 1227 -53.14 -8.62 -30.33
N GLY F 1228 -52.50 -9.67 -29.81
CA GLY F 1228 -51.12 -9.92 -30.18
C GLY F 1228 -50.22 -9.24 -29.18
N THR F 1229 -50.71 -9.15 -27.95
CA THR F 1229 -50.07 -8.38 -26.90
C THR F 1229 -48.69 -8.90 -26.59
N SER F 1230 -48.50 -10.19 -26.81
CA SER F 1230 -47.21 -10.82 -26.58
C SER F 1230 -46.22 -10.38 -27.64
N ALA F 1231 -46.62 -10.43 -28.91
CA ALA F 1231 -45.77 -9.97 -30.00
C ALA F 1231 -45.52 -8.49 -29.85
N LEU F 1232 -46.52 -7.76 -29.37
CA LEU F 1232 -46.35 -6.34 -29.15
C LEU F 1232 -45.19 -6.08 -28.22
N ARG F 1233 -45.25 -6.70 -27.05
CA ARG F 1233 -44.18 -6.61 -26.08
C ARG F 1233 -42.86 -7.01 -26.70
N GLY F 1234 -42.89 -8.09 -27.47
CA GLY F 1234 -41.67 -8.62 -28.06
C GLY F 1234 -40.93 -7.62 -28.94
N MET F 1235 -41.65 -6.65 -29.49
CA MET F 1235 -41.00 -5.75 -30.42
C MET F 1235 -40.73 -4.38 -29.83
N TYR F 1236 -41.54 -4.00 -28.84
CA TYR F 1236 -41.40 -2.71 -28.17
C TYR F 1236 -40.52 -2.80 -26.94
N LYS F 1237 -40.32 -4.02 -26.45
CA LYS F 1237 -39.51 -4.20 -25.27
C LYS F 1237 -38.46 -5.28 -25.44
N ASP F 1238 -38.90 -6.52 -25.65
CA ASP F 1238 -37.98 -7.65 -25.72
C ASP F 1238 -36.87 -7.49 -26.77
N ARG F 1239 -37.09 -6.61 -27.72
CA ARG F 1239 -36.12 -6.43 -28.79
C ARG F 1239 -35.08 -5.40 -28.40
N TYR F 1240 -35.56 -4.36 -27.72
CA TYR F 1240 -34.74 -3.33 -27.15
C TYR F 1240 -33.77 -3.94 -26.19
N LEU F 1241 -34.21 -5.00 -25.50
CA LEU F 1241 -33.41 -5.68 -24.50
C LEU F 1241 -32.48 -6.71 -25.11
N ASP F 1242 -32.55 -6.83 -26.42
CA ASP F 1242 -31.73 -7.78 -27.14
C ASP F 1242 -31.99 -9.25 -26.77
N LYS F 1243 -33.20 -9.53 -26.27
CA LYS F 1243 -33.62 -10.90 -26.00
C LYS F 1243 -33.93 -11.60 -27.32
N PRO F 1244 -33.75 -12.94 -27.37
CA PRO F 1244 -33.95 -13.70 -28.60
C PRO F 1244 -35.41 -13.62 -29.06
N VAL F 1245 -35.66 -12.99 -30.21
CA VAL F 1245 -37.03 -12.75 -30.63
C VAL F 1245 -37.19 -12.98 -32.14
N GLN F 1246 -38.38 -13.47 -32.52
CA GLN F 1246 -38.71 -13.81 -33.91
C GLN F 1246 -38.38 -12.68 -34.87
N LYS F 1247 -38.24 -12.99 -36.17
CA LYS F 1247 -38.00 -11.92 -37.14
C LYS F 1247 -39.32 -11.28 -37.57
N ASP F 1248 -40.37 -12.08 -37.49
CA ASP F 1248 -41.66 -11.72 -38.04
C ASP F 1248 -42.65 -11.31 -36.96
N ILE F 1249 -42.17 -10.98 -35.77
CA ILE F 1249 -43.08 -10.75 -34.67
C ILE F 1249 -44.08 -9.70 -35.10
N LEU F 1250 -43.66 -8.80 -35.99
CA LEU F 1250 -44.57 -7.78 -36.44
C LEU F 1250 -45.88 -8.36 -36.97
N GLN F 1251 -45.79 -9.41 -37.79
CA GLN F 1251 -46.98 -10.13 -38.28
C GLN F 1251 -47.98 -10.35 -37.16
N GLU F 1252 -47.55 -11.11 -36.14
CA GLU F 1252 -48.46 -11.63 -35.10
C GLU F 1252 -49.02 -10.61 -34.10
N SER F 1253 -48.76 -9.33 -34.34
CA SER F 1253 -49.22 -8.29 -33.45
C SER F 1253 -50.44 -7.60 -34.02
N PHE F 1254 -50.74 -7.87 -35.28
CA PHE F 1254 -51.85 -7.23 -35.96
C PHE F 1254 -53.15 -7.87 -35.53
N VAL F 1255 -54.18 -7.08 -35.29
CA VAL F 1255 -55.44 -7.62 -34.82
C VAL F 1255 -56.00 -8.67 -35.79
N ASN F 1256 -55.75 -8.45 -37.08
CA ASN F 1256 -56.34 -9.29 -38.13
C ASN F 1256 -55.48 -10.48 -38.51
N THR F 1257 -54.35 -10.65 -37.83
CA THR F 1257 -53.51 -11.78 -38.15
C THR F 1257 -54.12 -12.99 -37.53
N MET F 1258 -54.87 -12.77 -36.45
CA MET F 1258 -55.63 -13.84 -35.88
C MET F 1258 -56.59 -14.34 -36.96
N ALA F 1259 -57.48 -13.47 -37.41
CA ALA F 1259 -58.39 -13.81 -38.50
C ALA F 1259 -57.66 -14.49 -39.67
N ALA F 1260 -56.52 -13.94 -40.07
CA ALA F 1260 -55.75 -14.50 -41.16
C ALA F 1260 -55.41 -15.94 -40.91
N TRP F 1261 -54.85 -16.26 -39.75
CA TRP F 1261 -54.44 -17.62 -39.43
C TRP F 1261 -55.58 -18.62 -39.44
N VAL F 1262 -56.77 -18.14 -39.10
CA VAL F 1262 -57.99 -18.94 -39.15
C VAL F 1262 -58.26 -19.35 -40.58
N ASN F 1263 -58.10 -18.40 -41.49
CA ASN F 1263 -58.31 -18.66 -42.91
C ASN F 1263 -57.16 -19.44 -43.56
N MET F 1264 -55.97 -19.33 -43.01
CA MET F 1264 -54.82 -20.01 -43.60
C MET F 1264 -54.70 -21.44 -43.10
N LEU F 1265 -55.54 -21.79 -42.13
CA LEU F 1265 -55.49 -23.10 -41.51
C LEU F 1265 -56.78 -23.94 -41.65
N LEU F 1266 -57.91 -23.28 -41.89
CA LEU F 1266 -59.20 -23.97 -41.94
C LEU F 1266 -60.05 -23.59 -43.14
N LEU F 1267 -60.64 -22.40 -43.11
CA LEU F 1267 -61.49 -21.94 -44.20
C LEU F 1267 -60.68 -21.34 -45.30
N SER F 1268 -60.49 -22.01 -46.44
CA SER F 1268 -59.70 -21.34 -47.49
C SER F 1268 -60.54 -20.46 -48.39
N SER F 1269 -61.28 -19.56 -47.75
CA SER F 1269 -62.30 -18.74 -48.40
C SER F 1269 -61.79 -17.44 -48.95
N THR F 1270 -62.34 -17.03 -50.10
CA THR F 1270 -62.07 -15.72 -50.65
C THR F 1270 -63.16 -14.74 -50.20
N GLY F 1271 -63.78 -15.06 -49.06
CA GLY F 1271 -64.81 -14.23 -48.49
C GLY F 1271 -64.25 -12.91 -47.99
N PRO F 1272 -65.09 -12.12 -47.33
CA PRO F 1272 -64.66 -10.82 -46.83
C PRO F 1272 -63.87 -10.97 -45.55
N ILE F 1273 -63.19 -9.92 -45.12
CA ILE F 1273 -62.52 -9.91 -43.83
C ILE F 1273 -62.62 -8.51 -43.28
N LYS F 1274 -63.70 -8.22 -42.60
CA LYS F 1274 -63.80 -6.94 -41.91
C LYS F 1274 -63.52 -7.21 -40.44
N THR F 1275 -62.39 -6.73 -39.94
CA THR F 1275 -61.98 -7.05 -38.57
C THR F 1275 -61.93 -5.80 -37.72
N PRO F 1276 -62.67 -5.80 -36.62
CA PRO F 1276 -63.03 -4.60 -35.85
C PRO F 1276 -62.22 -4.39 -34.57
N VAL F 1277 -61.98 -3.13 -34.24
CA VAL F 1277 -61.41 -2.78 -32.95
C VAL F 1277 -62.39 -1.85 -32.23
N GLY F 1278 -63.27 -2.42 -31.44
CA GLY F 1278 -64.21 -1.64 -30.67
C GLY F 1278 -63.92 -1.75 -29.19
N ALA F 1279 -62.65 -1.91 -28.82
CA ALA F 1279 -62.27 -2.05 -27.42
C ALA F 1279 -63.18 -3.06 -26.71
N CYS F 1280 -63.60 -2.74 -25.48
CA CYS F 1280 -64.40 -3.66 -24.66
C CYS F 1280 -65.64 -4.23 -25.37
N ALA F 1281 -66.06 -3.61 -26.47
CA ALA F 1281 -67.27 -4.02 -27.16
C ALA F 1281 -67.05 -4.67 -28.53
N THR F 1282 -65.81 -4.96 -28.90
CA THR F 1282 -65.52 -5.46 -30.23
C THR F 1282 -66.40 -6.63 -30.57
N ALA F 1283 -66.58 -7.54 -29.61
CA ALA F 1283 -67.28 -8.80 -29.90
C ALA F 1283 -68.70 -8.58 -30.45
N VAL F 1284 -69.38 -7.56 -29.96
CA VAL F 1284 -70.69 -7.20 -30.48
C VAL F 1284 -70.54 -6.45 -31.80
N GLU F 1285 -69.73 -5.40 -31.83
CA GLU F 1285 -69.43 -4.70 -33.08
C GLU F 1285 -69.13 -5.70 -34.19
N SER F 1286 -68.46 -6.78 -33.82
CA SER F 1286 -68.13 -7.85 -34.74
C SER F 1286 -69.41 -8.49 -35.27
N LEU F 1287 -70.30 -8.87 -34.35
CA LEU F 1287 -71.59 -9.47 -34.72
C LEU F 1287 -72.30 -8.57 -35.70
N ASP F 1288 -72.33 -7.27 -35.37
CA ASP F 1288 -72.93 -6.27 -36.24
C ASP F 1288 -72.31 -6.28 -37.63
N VAL F 1289 -70.99 -6.21 -37.67
CA VAL F 1289 -70.30 -6.20 -38.93
C VAL F 1289 -70.60 -7.41 -39.80
N GLY F 1290 -70.53 -8.60 -39.22
CA GLY F 1290 -70.82 -9.81 -39.97
C GLY F 1290 -72.25 -9.81 -40.45
N TYR F 1291 -73.14 -9.33 -39.58
CA TYR F 1291 -74.56 -9.23 -39.87
C TYR F 1291 -74.78 -8.42 -41.13
N ASP F 1292 -74.37 -7.15 -41.11
CA ASP F 1292 -74.51 -6.25 -42.26
C ASP F 1292 -73.92 -6.89 -43.50
N THR F 1293 -72.68 -7.35 -43.35
CA THR F 1293 -71.95 -7.95 -44.43
C THR F 1293 -72.77 -9.06 -45.09
N ILE F 1294 -73.44 -9.87 -44.27
CA ILE F 1294 -74.22 -10.97 -44.79
C ILE F 1294 -75.48 -10.49 -45.52
N MET F 1295 -76.13 -9.48 -44.94
CA MET F 1295 -77.34 -8.92 -45.53
C MET F 1295 -77.07 -7.99 -46.70
N GLN F 1296 -75.85 -7.99 -47.22
CA GLN F 1296 -75.54 -7.17 -48.39
C GLN F 1296 -74.96 -8.05 -49.48
N GLY F 1297 -75.08 -9.36 -49.29
CA GLY F 1297 -74.70 -10.33 -50.29
C GLY F 1297 -73.24 -10.69 -50.26
N LYS F 1298 -72.47 -10.00 -49.43
CA LYS F 1298 -71.04 -10.21 -49.39
C LYS F 1298 -70.70 -11.64 -48.99
N ALA F 1299 -71.48 -12.21 -48.08
CA ALA F 1299 -71.25 -13.58 -47.65
C ALA F 1299 -72.54 -14.22 -47.18
N ARG F 1300 -72.54 -15.55 -47.11
CA ARG F 1300 -73.70 -16.27 -46.57
C ARG F 1300 -73.40 -16.96 -45.24
N VAL F 1301 -72.15 -17.36 -45.03
CA VAL F 1301 -71.73 -17.83 -43.73
C VAL F 1301 -70.68 -16.85 -43.26
N CYS F 1302 -70.36 -16.87 -41.97
CA CYS F 1302 -69.48 -15.84 -41.43
C CYS F 1302 -69.05 -16.08 -39.97
N LEU F 1303 -67.75 -16.15 -39.74
CA LEU F 1303 -67.23 -16.31 -38.39
C LEU F 1303 -67.24 -14.95 -37.72
N VAL F 1304 -67.61 -14.95 -36.45
CA VAL F 1304 -67.74 -13.73 -35.66
C VAL F 1304 -67.29 -13.98 -34.23
N GLY F 1305 -66.72 -12.96 -33.59
CA GLY F 1305 -66.33 -13.05 -32.20
C GLY F 1305 -65.32 -11.99 -31.77
N GLY F 1306 -64.79 -12.15 -30.57
CA GLY F 1306 -63.76 -11.25 -30.07
C GLY F 1306 -62.76 -11.99 -29.21
N PHE F 1307 -61.61 -11.38 -28.97
CA PHE F 1307 -60.59 -11.98 -28.13
C PHE F 1307 -59.73 -10.90 -27.54
N ASP F 1308 -58.90 -11.28 -26.58
CA ASP F 1308 -57.93 -10.37 -25.96
C ASP F 1308 -57.24 -11.18 -24.88
N ASP F 1309 -56.01 -10.83 -24.54
CA ASP F 1309 -55.23 -11.61 -23.58
C ASP F 1309 -55.04 -10.84 -22.27
N PHE F 1310 -54.45 -11.50 -21.28
CA PHE F 1310 -54.02 -10.83 -20.05
C PHE F 1310 -52.50 -10.67 -20.04
N GLN F 1311 -52.05 -9.45 -19.76
CA GLN F 1311 -50.64 -9.13 -19.94
C GLN F 1311 -50.12 -8.22 -18.85
N GLU F 1312 -48.85 -8.42 -18.47
CA GLU F 1312 -48.21 -7.62 -17.43
C GLU F 1312 -48.37 -6.13 -17.71
N GLU F 1313 -48.16 -5.80 -18.96
CA GLU F 1313 -48.15 -4.43 -19.41
C GLU F 1313 -49.57 -3.85 -19.45
N GLY F 1314 -50.52 -4.68 -19.87
CA GLY F 1314 -51.90 -4.29 -19.84
C GLY F 1314 -52.43 -4.06 -18.45
N SER F 1315 -52.28 -5.06 -17.59
CA SER F 1315 -52.81 -5.04 -16.22
C SER F 1315 -52.33 -3.81 -15.49
N TYR F 1316 -51.04 -3.52 -15.66
CA TYR F 1316 -50.40 -2.37 -15.02
C TYR F 1316 -51.00 -1.08 -15.54
N GLU F 1317 -51.30 -1.06 -16.83
CA GLU F 1317 -51.79 0.15 -17.45
C GLU F 1317 -53.22 0.49 -17.03
N PHE F 1318 -54.09 -0.51 -17.01
CA PHE F 1318 -55.46 -0.31 -16.55
C PHE F 1318 -55.47 0.23 -15.14
N ALA F 1319 -54.59 -0.30 -14.31
CA ALA F 1319 -54.51 0.13 -12.93
C ALA F 1319 -54.28 1.65 -12.86
N ASN F 1320 -53.41 2.18 -13.72
CA ASN F 1320 -53.14 3.60 -13.75
C ASN F 1320 -54.35 4.43 -14.13
N MET F 1321 -55.25 3.82 -14.89
CA MET F 1321 -56.45 4.51 -15.31
C MET F 1321 -57.49 4.45 -14.22
N GLY F 1322 -57.47 3.39 -13.44
CA GLY F 1322 -58.36 3.24 -12.29
C GLY F 1322 -59.55 2.35 -12.57
N ALA F 1323 -59.47 1.61 -13.67
CA ALA F 1323 -60.56 0.78 -14.13
C ALA F 1323 -60.59 -0.55 -13.36
N THR F 1324 -59.44 -1.20 -13.23
CA THR F 1324 -59.38 -2.48 -12.52
C THR F 1324 -59.58 -2.32 -11.02
N SER F 1325 -59.82 -3.43 -10.33
CA SER F 1325 -60.04 -3.44 -8.89
C SER F 1325 -58.75 -3.78 -8.18
N ASN F 1326 -58.44 -3.01 -7.14
CA ASN F 1326 -57.23 -3.20 -6.34
C ASN F 1326 -57.31 -4.43 -5.43
N ALA F 1327 -56.69 -5.52 -5.87
CA ALA F 1327 -56.76 -6.78 -5.13
C ALA F 1327 -56.38 -6.59 -3.66
N LYS F 1328 -55.25 -5.91 -3.41
CA LYS F 1328 -54.73 -5.71 -2.04
C LYS F 1328 -55.76 -5.06 -1.13
N GLU F 1329 -56.48 -4.08 -1.68
CA GLU F 1329 -57.50 -3.37 -0.93
C GLU F 1329 -58.74 -4.21 -0.74
N GLU F 1330 -59.06 -5.02 -1.74
CA GLU F 1330 -60.21 -5.90 -1.62
C GLU F 1330 -59.91 -7.04 -0.67
N PHE F 1331 -58.65 -7.46 -0.62
CA PHE F 1331 -58.24 -8.46 0.37
C PHE F 1331 -58.40 -7.90 1.77
N ALA F 1332 -58.18 -6.60 1.89
CA ALA F 1332 -58.32 -5.90 3.16
C ALA F 1332 -59.79 -5.81 3.55
N ARG F 1333 -60.68 -6.14 2.61
CA ARG F 1333 -62.12 -6.04 2.85
C ARG F 1333 -62.71 -7.40 3.12
N GLY F 1334 -61.84 -8.41 3.24
CA GLY F 1334 -62.29 -9.75 3.53
C GLY F 1334 -62.82 -10.49 2.30
N ARG F 1335 -62.58 -9.89 1.14
CA ARG F 1335 -62.96 -10.48 -0.13
C ARG F 1335 -62.08 -11.65 -0.49
N GLU F 1336 -62.62 -12.54 -1.32
CA GLU F 1336 -61.85 -13.64 -1.83
C GLU F 1336 -61.68 -13.45 -3.33
N PRO F 1337 -60.59 -13.97 -3.89
CA PRO F 1337 -60.47 -13.91 -5.36
C PRO F 1337 -61.70 -14.56 -5.93
N GLY F 1338 -62.53 -13.81 -6.63
CA GLY F 1338 -63.76 -14.38 -7.13
C GLY F 1338 -64.97 -13.72 -6.55
N GLU F 1339 -64.97 -13.54 -5.23
CA GLU F 1339 -65.93 -12.67 -4.59
C GLU F 1339 -65.56 -11.26 -5.04
N MET F 1340 -64.45 -11.16 -5.78
CA MET F 1340 -63.85 -9.88 -6.14
C MET F 1340 -64.74 -9.10 -7.09
N SER F 1341 -65.50 -9.80 -7.92
CA SER F 1341 -66.26 -9.19 -9.03
C SER F 1341 -67.77 -9.17 -8.80
N ARG F 1342 -68.31 -8.00 -8.44
CA ARG F 1342 -69.74 -7.90 -8.11
C ARG F 1342 -70.45 -6.82 -8.89
N PRO F 1343 -70.94 -7.18 -10.07
CA PRO F 1343 -71.44 -6.28 -11.09
C PRO F 1343 -72.41 -5.23 -10.62
N THR F 1344 -73.34 -5.55 -9.74
CA THR F 1344 -74.34 -4.55 -9.41
C THR F 1344 -74.29 -4.16 -7.95
N SER F 1345 -73.32 -4.72 -7.26
CA SER F 1345 -73.19 -4.56 -5.82
C SER F 1345 -73.07 -3.09 -5.41
N THR F 1346 -73.24 -2.82 -4.14
CA THR F 1346 -73.02 -1.48 -3.60
C THR F 1346 -71.52 -1.27 -3.50
N THR F 1347 -70.83 -2.33 -3.11
CA THR F 1347 -69.39 -2.31 -2.84
C THR F 1347 -68.55 -2.38 -4.12
N ARG F 1348 -69.21 -2.50 -5.26
CA ARG F 1348 -68.51 -2.61 -6.53
C ARG F 1348 -67.58 -1.43 -6.71
N ASN F 1349 -66.33 -1.71 -7.08
CA ASN F 1349 -65.34 -0.65 -7.23
C ASN F 1349 -64.65 -0.59 -8.60
N GLY F 1350 -64.20 -1.75 -9.07
CA GLY F 1350 -63.52 -1.81 -10.35
C GLY F 1350 -63.69 -3.17 -10.97
N PHE F 1351 -63.35 -3.28 -12.25
CA PHE F 1351 -63.56 -4.51 -12.97
C PHE F 1351 -62.42 -5.50 -12.83
N MET F 1352 -62.66 -6.71 -13.32
CA MET F 1352 -61.66 -7.76 -13.24
C MET F 1352 -61.04 -8.12 -14.59
N GLU F 1353 -59.72 -8.10 -14.65
CA GLU F 1353 -59.03 -8.52 -15.84
C GLU F 1353 -59.34 -9.98 -16.07
N SER F 1354 -59.45 -10.38 -17.34
CA SER F 1354 -59.62 -11.78 -17.68
C SER F 1354 -59.09 -11.99 -19.09
N GLN F 1355 -59.07 -13.23 -19.56
CA GLN F 1355 -58.49 -13.53 -20.88
C GLN F 1355 -59.31 -14.52 -21.72
N GLY F 1356 -58.97 -14.66 -22.99
CA GLY F 1356 -59.61 -15.64 -23.85
C GLY F 1356 -60.39 -15.05 -25.01
N CYS F 1357 -61.08 -15.90 -25.76
CA CYS F 1357 -61.96 -15.39 -26.81
C CYS F 1357 -63.32 -16.05 -26.80
N GLY F 1358 -64.16 -15.64 -27.74
CA GLY F 1358 -65.49 -16.18 -27.90
C GLY F 1358 -65.89 -16.04 -29.35
N VAL F 1359 -66.47 -17.10 -29.91
CA VAL F 1359 -66.86 -17.08 -31.31
C VAL F 1359 -68.25 -17.64 -31.53
N GLN F 1360 -68.95 -17.06 -32.49
CA GLN F 1360 -70.16 -17.65 -33.01
C GLN F 1360 -70.05 -17.68 -34.53
N VAL F 1361 -70.50 -18.77 -35.15
CA VAL F 1361 -70.63 -18.77 -36.60
C VAL F 1361 -72.05 -18.37 -36.96
N ILE F 1362 -72.19 -17.58 -38.03
CA ILE F 1362 -73.49 -17.04 -38.43
C ILE F 1362 -73.78 -17.27 -39.92
N MET F 1363 -75.06 -17.41 -40.24
CA MET F 1363 -75.49 -17.73 -41.59
C MET F 1363 -76.83 -17.08 -41.89
N THR F 1364 -77.21 -17.12 -43.16
CA THR F 1364 -78.58 -16.80 -43.54
C THR F 1364 -79.42 -17.98 -43.11
N ALA F 1365 -80.63 -17.70 -42.64
CA ALA F 1365 -81.51 -18.78 -42.22
C ALA F 1365 -81.64 -19.76 -43.36
N GLN F 1366 -81.78 -19.24 -44.57
CA GLN F 1366 -81.92 -20.10 -45.74
C GLN F 1366 -80.79 -21.12 -45.82
N LEU F 1367 -79.56 -20.64 -45.93
CA LEU F 1367 -78.40 -21.53 -46.00
C LEU F 1367 -78.35 -22.46 -44.78
N ALA F 1368 -78.81 -21.95 -43.64
CA ALA F 1368 -78.83 -22.75 -42.42
C ALA F 1368 -79.73 -23.96 -42.57
N LEU F 1369 -80.97 -23.72 -42.99
CA LEU F 1369 -81.94 -24.78 -43.11
C LEU F 1369 -81.55 -25.71 -44.24
N GLU F 1370 -81.02 -25.14 -45.32
CA GLU F 1370 -80.61 -25.93 -46.46
C GLU F 1370 -79.50 -26.90 -46.06
N MET F 1371 -78.53 -26.40 -45.31
CA MET F 1371 -77.42 -27.25 -44.86
C MET F 1371 -77.94 -28.26 -43.86
N GLY F 1372 -78.74 -27.77 -42.92
CA GLY F 1372 -79.30 -28.60 -41.88
C GLY F 1372 -78.41 -28.52 -40.68
N VAL F 1373 -78.10 -27.30 -40.28
CA VAL F 1373 -77.25 -27.07 -39.14
C VAL F 1373 -78.08 -26.51 -38.01
N PRO F 1374 -77.67 -26.77 -36.78
CA PRO F 1374 -78.38 -26.35 -35.57
C PRO F 1374 -78.69 -24.87 -35.61
N ILE F 1375 -79.72 -24.40 -34.92
CA ILE F 1375 -79.96 -22.98 -34.89
C ILE F 1375 -80.22 -22.48 -33.48
N TYR F 1376 -79.27 -21.71 -32.94
CA TYR F 1376 -79.29 -21.30 -31.55
C TYR F 1376 -80.11 -20.04 -31.33
N GLY F 1377 -80.25 -19.23 -32.37
CA GLY F 1377 -81.05 -18.01 -32.27
C GLY F 1377 -81.01 -17.17 -33.51
N ILE F 1378 -81.88 -16.17 -33.53
CA ILE F 1378 -81.94 -15.23 -34.63
C ILE F 1378 -81.32 -13.91 -34.23
N VAL F 1379 -80.28 -13.46 -34.93
CA VAL F 1379 -79.79 -12.11 -34.70
C VAL F 1379 -80.79 -11.11 -35.22
N ALA F 1380 -81.63 -10.62 -34.32
CA ALA F 1380 -82.76 -9.81 -34.70
C ALA F 1380 -82.33 -8.40 -35.06
N MET F 1381 -81.28 -7.94 -34.40
CA MET F 1381 -80.80 -6.58 -34.59
C MET F 1381 -79.41 -6.43 -34.02
N THR F 1382 -78.65 -5.53 -34.60
CA THR F 1382 -77.37 -5.12 -34.05
C THR F 1382 -77.23 -3.64 -34.36
N SER F 1383 -76.39 -2.95 -33.60
CA SER F 1383 -76.03 -1.55 -33.90
C SER F 1383 -74.92 -1.00 -33.01
N THR F 1384 -74.17 -0.03 -33.52
CA THR F 1384 -73.14 0.63 -32.74
C THR F 1384 -73.46 2.13 -32.56
N ALA F 1385 -73.04 2.71 -31.44
CA ALA F 1385 -73.47 4.06 -31.07
C ALA F 1385 -72.42 4.86 -30.32
N THR F 1386 -72.15 6.06 -30.82
CA THR F 1386 -71.22 6.96 -30.18
C THR F 1386 -72.04 7.88 -29.29
N ASP F 1387 -71.42 8.43 -28.26
CA ASP F 1387 -72.16 9.31 -27.37
C ASP F 1387 -71.94 10.76 -27.79
N LYS F 1388 -72.11 11.72 -26.88
CA LYS F 1388 -71.95 13.15 -27.18
C LYS F 1388 -70.50 13.64 -27.16
N ILE F 1389 -70.33 14.95 -27.27
CA ILE F 1389 -69.02 15.58 -27.18
C ILE F 1389 -68.52 15.46 -25.76
N GLY F 1390 -67.24 15.13 -25.60
CA GLY F 1390 -66.70 15.01 -24.26
C GLY F 1390 -65.20 15.19 -24.24
N ARG F 1391 -64.58 14.87 -23.11
CA ARG F 1391 -63.13 14.80 -23.05
C ARG F 1391 -62.66 13.53 -22.32
N SER F 1392 -63.58 12.86 -21.65
CA SER F 1392 -63.27 11.59 -20.99
C SER F 1392 -63.46 10.44 -21.96
N VAL F 1393 -62.34 9.91 -22.46
CA VAL F 1393 -62.37 8.84 -23.45
C VAL F 1393 -63.03 7.58 -22.93
N PRO F 1394 -62.69 7.19 -21.70
CA PRO F 1394 -63.18 5.91 -21.15
C PRO F 1394 -64.63 5.96 -20.69
N ALA F 1395 -65.21 7.15 -20.58
CA ALA F 1395 -66.56 7.28 -20.05
C ALA F 1395 -67.62 6.58 -20.89
N PRO F 1396 -68.63 6.00 -20.23
CA PRO F 1396 -69.75 5.32 -20.87
C PRO F 1396 -70.87 6.32 -21.06
N GLY F 1397 -71.48 6.32 -22.25
CA GLY F 1397 -72.53 7.26 -22.58
C GLY F 1397 -73.80 6.54 -22.96
N GLN F 1398 -74.78 7.29 -23.43
CA GLN F 1398 -76.06 6.72 -23.74
C GLN F 1398 -76.35 6.78 -25.24
N GLY F 1399 -75.32 6.57 -26.06
CA GLY F 1399 -75.52 6.56 -27.49
C GLY F 1399 -76.51 5.47 -27.80
N VAL F 1400 -76.35 4.34 -27.11
CA VAL F 1400 -77.13 3.15 -27.37
C VAL F 1400 -78.61 3.36 -27.13
N LEU F 1401 -78.97 4.45 -26.48
CA LEU F 1401 -80.37 4.72 -26.20
C LEU F 1401 -81.17 4.90 -27.47
N THR F 1402 -80.51 5.39 -28.50
CA THR F 1402 -81.17 5.77 -29.75
C THR F 1402 -81.49 4.59 -30.67
N THR F 1403 -81.45 3.38 -30.13
CA THR F 1403 -81.93 2.24 -30.88
C THR F 1403 -83.36 1.98 -30.43
N ALA F 1404 -83.92 2.96 -29.74
CA ALA F 1404 -85.31 2.91 -29.34
C ALA F 1404 -85.92 4.26 -29.71
N ARG F 1405 -85.21 5.00 -30.55
CA ARG F 1405 -85.72 6.27 -31.03
C ARG F 1405 -86.93 6.04 -31.88
N GLU F 1406 -87.96 6.83 -31.65
CA GLU F 1406 -89.22 6.68 -32.34
C GLU F 1406 -90.15 7.82 -31.97
N LYS F 1407 -90.76 8.44 -32.99
CA LYS F 1407 -91.85 9.38 -32.75
C LYS F 1407 -93.16 8.76 -33.20
N SER F 1408 -93.99 8.42 -32.22
CA SER F 1408 -95.23 7.68 -32.46
C SER F 1408 -96.42 8.62 -32.63
N GLY F 1409 -97.06 8.57 -33.79
CA GLY F 1409 -98.28 9.32 -34.01
C GLY F 1409 -99.40 8.77 -33.16
N ASN F 1410 -100.56 9.41 -33.18
CA ASN F 1410 -101.69 9.00 -32.35
C ASN F 1410 -101.99 7.51 -32.52
N PHE F 1411 -101.74 7.02 -33.73
CA PHE F 1411 -101.98 5.62 -34.04
C PHE F 1411 -100.71 4.92 -34.49
N PRO F 1412 -100.51 3.69 -34.01
CA PRO F 1412 -99.38 2.83 -34.41
C PRO F 1412 -99.35 2.65 -35.92
N SER F 1413 -98.14 2.68 -36.48
CA SER F 1413 -97.99 2.36 -37.88
C SER F 1413 -98.66 1.03 -38.17
N PRO F 1414 -99.42 0.99 -39.27
CA PRO F 1414 -100.02 -0.24 -39.78
C PRO F 1414 -99.03 -1.39 -39.73
N LEU F 1415 -97.79 -1.10 -40.11
CA LEU F 1415 -96.78 -2.13 -40.34
C LEU F 1415 -96.47 -2.93 -39.10
N LEU F 1416 -96.67 -2.33 -37.93
CA LEU F 1416 -96.46 -3.05 -36.69
C LEU F 1416 -97.42 -4.24 -36.59
N ASP F 1417 -98.59 -4.09 -37.19
CA ASP F 1417 -99.58 -5.17 -37.29
C ASP F 1417 -99.25 -6.20 -38.38
N ILE F 1418 -99.02 -7.45 -38.01
CA ILE F 1418 -98.52 -8.43 -38.95
C ILE F 1418 -99.51 -8.72 -40.05
N LYS F 1419 -100.79 -8.60 -39.74
CA LYS F 1419 -101.82 -8.96 -40.70
C LYS F 1419 -101.85 -7.97 -41.85
N TYR F 1420 -101.64 -6.69 -41.53
CA TYR F 1420 -101.55 -5.68 -42.57
C TYR F 1420 -100.41 -6.04 -43.50
N ARG F 1421 -99.30 -6.45 -42.92
CA ARG F 1421 -98.14 -6.84 -43.71
C ARG F 1421 -98.46 -8.10 -44.50
N ARG F 1422 -99.32 -8.95 -43.94
CA ARG F 1422 -99.82 -10.13 -44.63
C ARG F 1422 -100.54 -9.72 -45.89
N ARG F 1423 -101.59 -8.91 -45.72
CA ARG F 1423 -102.35 -8.40 -46.84
C ARG F 1423 -101.38 -7.94 -47.92
N GLN F 1424 -100.65 -6.88 -47.61
CA GLN F 1424 -99.76 -6.21 -48.55
C GLN F 1424 -98.80 -7.17 -49.24
N LEU F 1425 -98.38 -8.20 -48.53
CA LEU F 1425 -97.43 -9.19 -49.05
C LEU F 1425 -98.09 -10.07 -50.08
N GLU F 1426 -99.15 -10.76 -49.68
CA GLU F 1426 -99.85 -11.66 -50.59
C GLU F 1426 -100.52 -10.86 -51.69
N LEU F 1427 -100.77 -9.58 -51.41
CA LEU F 1427 -101.24 -8.66 -52.42
C LEU F 1427 -100.20 -8.54 -53.53
N ARG F 1428 -98.96 -8.28 -53.15
CA ARG F 1428 -97.87 -8.22 -54.11
C ARG F 1428 -97.54 -9.61 -54.68
N ARG F 1429 -97.97 -10.67 -53.99
CA ARG F 1429 -97.66 -12.03 -54.44
C ARG F 1429 -98.51 -12.33 -55.66
N GLN F 1430 -99.77 -11.90 -55.59
CA GLN F 1430 -100.68 -11.98 -56.70
C GLN F 1430 -100.16 -11.08 -57.79
N GLN F 1431 -100.04 -9.80 -57.45
CA GLN F 1431 -99.49 -8.78 -58.34
C GLN F 1431 -98.27 -9.29 -59.08
N ILE F 1432 -97.55 -10.20 -58.46
CA ILE F 1432 -96.34 -10.77 -59.02
C ILE F 1432 -96.67 -11.96 -59.91
N LYS F 1433 -97.58 -12.81 -59.45
CA LYS F 1433 -98.01 -13.97 -60.22
C LYS F 1433 -98.51 -13.58 -61.61
N GLN F 1434 -99.20 -12.44 -61.70
CA GLN F 1434 -99.81 -11.99 -62.95
C GLN F 1434 -98.78 -11.36 -63.89
N TRP F 1435 -97.80 -10.69 -63.30
CA TRP F 1435 -96.64 -10.22 -64.05
C TRP F 1435 -95.96 -11.42 -64.70
N LYS F 1436 -95.89 -12.53 -63.96
CA LYS F 1436 -95.18 -13.71 -64.42
C LYS F 1436 -95.71 -14.18 -65.77
N GLU F 1437 -97.02 -14.39 -65.87
CA GLU F 1437 -97.64 -14.78 -67.12
C GLU F 1437 -97.41 -13.69 -68.16
N SER F 1438 -97.84 -12.48 -67.84
CA SER F 1438 -97.71 -11.34 -68.74
C SER F 1438 -96.33 -11.22 -69.39
N GLU F 1439 -95.30 -11.69 -68.69
CA GLU F 1439 -93.94 -11.66 -69.24
C GLU F 1439 -93.69 -12.82 -70.19
N TYR F 1440 -94.33 -13.95 -69.92
CA TYR F 1440 -94.28 -15.09 -70.84
C TYR F 1440 -94.85 -14.69 -72.19
N LEU F 1441 -95.91 -13.89 -72.16
CA LEU F 1441 -96.50 -13.31 -73.37
C LEU F 1441 -95.47 -12.45 -74.08
N TYR F 1442 -95.01 -11.40 -73.41
CA TYR F 1442 -94.07 -10.46 -74.01
C TYR F 1442 -92.85 -11.16 -74.61
N LEU F 1443 -92.37 -12.18 -73.92
CA LEU F 1443 -91.17 -12.88 -74.34
C LEU F 1443 -91.54 -13.91 -75.37
N GLN F 1444 -92.84 -14.08 -75.58
CA GLN F 1444 -93.35 -15.00 -76.59
C GLN F 1444 -93.45 -14.30 -77.93
N GLU F 1445 -94.06 -13.11 -77.90
CA GLU F 1445 -94.20 -12.26 -79.07
C GLU F 1445 -92.83 -11.88 -79.60
N GLU F 1446 -91.96 -11.46 -78.70
CA GLU F 1446 -90.59 -11.09 -79.02
C GLU F 1446 -89.78 -12.25 -79.64
N VAL F 1447 -90.14 -13.49 -79.33
CA VAL F 1447 -89.45 -14.63 -79.93
C VAL F 1447 -89.69 -14.59 -81.42
N ALA F 1448 -90.97 -14.69 -81.78
CA ALA F 1448 -91.40 -14.63 -83.18
C ALA F 1448 -91.03 -13.28 -83.83
N ALA F 1449 -91.05 -12.22 -83.04
CA ALA F 1449 -90.75 -10.88 -83.54
C ALA F 1449 -89.31 -10.72 -84.00
N ILE F 1450 -88.40 -11.55 -83.48
CA ILE F 1450 -86.98 -11.47 -83.84
C ILE F 1450 -86.68 -12.39 -85.02
N LYS F 1451 -87.62 -13.30 -85.33
CA LYS F 1451 -87.48 -14.18 -86.49
C LYS F 1451 -87.66 -13.39 -87.80
N SER F 1452 -88.58 -12.43 -87.76
CA SER F 1452 -88.88 -11.62 -88.94
C SER F 1452 -87.89 -10.46 -89.17
N GLN F 1453 -86.96 -10.27 -88.23
CA GLN F 1453 -85.91 -9.26 -88.39
C GLN F 1453 -84.58 -9.93 -88.71
N ARG F 1454 -84.67 -11.18 -89.16
CA ARG F 1454 -83.50 -12.02 -89.36
C ARG F 1454 -83.04 -12.03 -90.83
N SER F 1455 -81.85 -11.47 -91.07
CA SER F 1455 -81.19 -11.60 -92.36
C SER F 1455 -80.61 -13.02 -92.47
N GLU F 1456 -80.27 -13.43 -93.69
CA GLU F 1456 -79.76 -14.79 -93.91
C GLU F 1456 -78.25 -14.85 -93.69
N GLU F 1457 -77.64 -13.67 -93.54
CA GLU F 1457 -76.23 -13.53 -93.19
C GLU F 1457 -76.04 -13.52 -91.67
N ASP F 1458 -77.15 -13.39 -90.93
CA ASP F 1458 -77.16 -13.44 -89.48
C ASP F 1458 -77.25 -14.89 -89.02
N GLY F 1459 -76.59 -15.21 -87.91
CA GLY F 1459 -76.67 -16.55 -87.34
C GLY F 1459 -78.06 -16.89 -86.83
N PRO F 1460 -78.54 -18.11 -87.14
CA PRO F 1460 -79.85 -18.63 -86.69
C PRO F 1460 -80.02 -18.59 -85.17
N PHE F 1461 -81.25 -18.47 -84.70
CA PHE F 1461 -81.54 -18.50 -83.26
C PHE F 1461 -81.95 -19.89 -82.78
N ASP F 1462 -81.25 -20.39 -81.75
CA ASP F 1462 -81.69 -21.61 -81.10
C ASP F 1462 -82.85 -21.23 -80.22
N GLU F 1463 -84.05 -21.39 -80.73
CA GLU F 1463 -85.23 -21.11 -79.92
C GLU F 1463 -85.14 -21.91 -78.63
N THR F 1464 -84.82 -23.19 -78.75
CA THR F 1464 -84.70 -24.06 -77.58
C THR F 1464 -83.76 -23.44 -76.53
N ALA F 1465 -82.64 -22.93 -77.01
CA ALA F 1465 -81.68 -22.25 -76.14
C ALA F 1465 -82.25 -20.93 -75.63
N TYR F 1466 -82.42 -19.98 -76.53
CA TYR F 1466 -82.93 -18.67 -76.19
C TYR F 1466 -84.22 -18.74 -75.35
N LEU F 1467 -85.11 -19.65 -75.71
CA LEU F 1467 -86.35 -19.82 -74.94
C LEU F 1467 -86.08 -20.32 -73.53
N ARG F 1468 -85.24 -21.34 -73.41
CA ARG F 1468 -84.82 -21.84 -72.11
C ARG F 1468 -84.35 -20.70 -71.22
N GLU F 1469 -83.18 -20.15 -71.53
CA GLU F 1469 -82.58 -19.09 -70.72
C GLU F 1469 -83.63 -18.08 -70.30
N ARG F 1470 -84.47 -17.68 -71.23
CA ARG F 1470 -85.45 -16.63 -71.01
C ARG F 1470 -86.60 -16.99 -70.06
N THR F 1471 -87.08 -18.22 -70.13
CA THR F 1471 -88.10 -18.64 -69.17
C THR F 1471 -87.45 -18.78 -67.81
N GLU F 1472 -86.40 -19.61 -67.76
CA GLU F 1472 -85.62 -19.79 -66.54
C GLU F 1472 -85.43 -18.45 -65.87
N HIS F 1473 -85.10 -17.45 -66.68
CA HIS F 1473 -84.89 -16.09 -66.19
C HIS F 1473 -86.16 -15.50 -65.63
N ILE F 1474 -87.28 -15.67 -66.31
CA ILE F 1474 -88.52 -15.12 -65.79
C ILE F 1474 -88.87 -15.81 -64.48
N GLU F 1475 -88.52 -17.09 -64.41
CA GLU F 1475 -88.73 -17.85 -63.19
C GLU F 1475 -87.91 -17.27 -62.06
N ARG F 1476 -86.60 -17.15 -62.30
CA ARG F 1476 -85.70 -16.52 -61.35
C ARG F 1476 -86.24 -15.15 -60.93
N GLU F 1477 -86.44 -14.28 -61.91
CA GLU F 1477 -86.86 -12.91 -61.68
C GLU F 1477 -88.19 -12.88 -60.93
N ALA F 1478 -88.95 -13.95 -61.05
CA ALA F 1478 -90.20 -14.08 -60.32
C ALA F 1478 -89.89 -14.27 -58.85
N ARG F 1479 -89.22 -15.39 -58.55
CA ARG F 1479 -88.76 -15.70 -57.21
C ARG F 1479 -88.07 -14.48 -56.60
N ARG F 1480 -87.17 -13.90 -57.39
CA ARG F 1480 -86.43 -12.72 -56.95
C ARG F 1480 -87.43 -11.68 -56.48
N GLN F 1481 -88.41 -11.39 -57.32
CA GLN F 1481 -89.40 -10.39 -56.97
C GLN F 1481 -90.19 -10.78 -55.74
N GLU F 1482 -90.43 -12.09 -55.58
CA GLU F 1482 -91.14 -12.61 -54.41
C GLU F 1482 -90.40 -12.31 -53.13
N ALA F 1483 -89.28 -12.97 -52.94
CA ALA F 1483 -88.44 -12.77 -51.78
C ALA F 1483 -88.24 -11.27 -51.52
N GLU F 1484 -88.15 -10.48 -52.58
CA GLU F 1484 -87.90 -9.04 -52.44
C GLU F 1484 -89.06 -8.32 -51.75
N ALA F 1485 -90.28 -8.69 -52.13
CA ALA F 1485 -91.46 -8.12 -51.50
C ALA F 1485 -91.57 -8.68 -50.09
N GLN F 1486 -91.14 -9.92 -49.94
CA GLN F 1486 -91.08 -10.58 -48.66
C GLN F 1486 -90.16 -9.76 -47.76
N THR F 1487 -89.04 -9.34 -48.32
CA THR F 1487 -88.08 -8.48 -47.63
C THR F 1487 -88.73 -7.21 -47.13
N SER F 1488 -89.43 -6.51 -48.01
CA SER F 1488 -89.96 -5.20 -47.67
C SER F 1488 -91.18 -5.24 -46.76
N PHE F 1489 -91.67 -6.43 -46.44
CA PHE F 1489 -92.87 -6.53 -45.63
C PHE F 1489 -92.72 -7.39 -44.38
N GLY F 1490 -91.59 -8.08 -44.26
CA GLY F 1490 -91.30 -8.82 -43.06
C GLY F 1490 -89.98 -8.39 -42.44
N ASN F 1491 -88.93 -8.37 -43.24
CA ASN F 1491 -87.60 -8.16 -42.72
C ASN F 1491 -87.30 -6.68 -42.49
N GLU F 1492 -87.40 -5.87 -43.54
CA GLU F 1492 -86.87 -4.51 -43.54
C GLU F 1492 -87.94 -3.41 -43.51
N PHE F 1493 -89.16 -3.72 -43.09
CA PHE F 1493 -90.24 -2.75 -43.17
C PHE F 1493 -90.05 -1.58 -42.21
N TRP F 1494 -89.12 -1.74 -41.27
CA TRP F 1494 -88.85 -0.73 -40.25
C TRP F 1494 -87.61 0.08 -40.58
N ARG F 1495 -87.02 -0.18 -41.75
CA ARG F 1495 -85.77 0.44 -42.17
C ARG F 1495 -85.90 1.94 -42.38
N ARG F 1496 -85.49 2.70 -41.38
CA ARG F 1496 -85.48 4.15 -41.49
C ARG F 1496 -86.88 4.76 -41.27
N ASP F 1497 -87.79 3.99 -40.69
CA ASP F 1497 -89.11 4.52 -40.35
C ASP F 1497 -89.07 5.38 -39.09
N SER F 1498 -89.33 6.67 -39.26
CA SER F 1498 -89.40 7.61 -38.15
C SER F 1498 -90.40 7.21 -37.06
N ARG F 1499 -91.31 6.30 -37.39
CA ARG F 1499 -92.39 5.94 -36.49
C ARG F 1499 -92.22 4.53 -35.94
N ILE F 1500 -91.03 3.98 -36.12
CA ILE F 1500 -90.72 2.67 -35.60
C ILE F 1500 -89.29 2.60 -35.09
N ALA F 1501 -89.15 2.40 -33.79
CA ALA F 1501 -87.83 2.20 -33.20
C ALA F 1501 -87.25 0.91 -33.75
N PRO F 1502 -85.97 0.92 -34.12
CA PRO F 1502 -85.32 -0.26 -34.69
C PRO F 1502 -85.51 -1.47 -33.79
N LEU F 1503 -85.61 -1.26 -32.48
CA LEU F 1503 -85.93 -2.30 -31.51
C LEU F 1503 -87.32 -2.88 -31.72
N ARG F 1504 -88.33 -2.01 -31.76
CA ARG F 1504 -89.68 -2.38 -32.15
C ARG F 1504 -89.61 -3.22 -33.41
N GLY F 1505 -89.12 -2.58 -34.48
CA GLY F 1505 -89.01 -3.19 -35.78
C GLY F 1505 -88.52 -4.61 -35.67
N ALA F 1506 -87.24 -4.76 -35.39
CA ALA F 1506 -86.61 -6.06 -35.39
C ALA F 1506 -87.46 -7.08 -34.65
N LEU F 1507 -88.09 -6.66 -33.55
CA LEU F 1507 -88.93 -7.53 -32.72
C LEU F 1507 -90.29 -7.85 -33.36
N ALA F 1508 -90.97 -6.82 -33.83
CA ALA F 1508 -92.28 -6.96 -34.44
C ALA F 1508 -92.25 -7.87 -35.68
N THR F 1509 -91.11 -7.93 -36.37
CA THR F 1509 -91.01 -8.74 -37.58
C THR F 1509 -91.12 -10.23 -37.30
N TRP F 1510 -91.14 -10.59 -36.02
CA TRP F 1510 -91.29 -11.97 -35.64
C TRP F 1510 -92.53 -12.09 -34.77
N GLY F 1511 -93.27 -11.00 -34.72
CA GLY F 1511 -94.55 -10.97 -34.05
C GLY F 1511 -94.38 -10.80 -32.55
N LEU F 1512 -93.50 -9.87 -32.18
CA LEU F 1512 -93.20 -9.66 -30.77
C LEU F 1512 -93.16 -8.19 -30.45
N THR F 1513 -93.45 -7.85 -29.20
CA THR F 1513 -93.26 -6.50 -28.70
C THR F 1513 -92.24 -6.44 -27.59
N ILE F 1514 -92.01 -5.24 -27.07
CA ILE F 1514 -90.97 -5.06 -26.08
C ILE F 1514 -91.27 -5.97 -24.90
N ASP F 1515 -92.55 -6.28 -24.70
CA ASP F 1515 -92.95 -7.06 -23.54
C ASP F 1515 -92.46 -8.49 -23.63
N ASP F 1516 -92.11 -8.92 -24.83
CA ASP F 1516 -91.64 -10.28 -25.04
C ASP F 1516 -90.14 -10.39 -24.77
N LEU F 1517 -89.48 -9.25 -24.73
CA LEU F 1517 -88.06 -9.17 -24.44
C LEU F 1517 -87.81 -9.57 -22.99
N GLY F 1518 -87.30 -10.78 -22.78
CA GLY F 1518 -87.31 -11.36 -21.45
C GLY F 1518 -86.07 -11.12 -20.63
N VAL F 1519 -84.91 -11.43 -21.19
CA VAL F 1519 -83.66 -11.30 -20.48
C VAL F 1519 -82.78 -10.24 -21.12
N ALA F 1520 -82.16 -9.40 -20.31
CA ALA F 1520 -81.12 -8.50 -20.78
C ALA F 1520 -79.78 -8.87 -20.17
N SER F 1521 -78.82 -9.23 -21.00
CA SER F 1521 -77.49 -9.51 -20.50
C SER F 1521 -76.72 -8.21 -20.48
N PHE F 1522 -76.21 -7.88 -19.31
CA PHE F 1522 -75.53 -6.61 -19.11
C PHE F 1522 -74.03 -6.78 -19.21
N HIS F 1523 -73.38 -5.74 -19.72
CA HIS F 1523 -71.94 -5.60 -19.67
C HIS F 1523 -71.55 -5.73 -18.20
N GLY F 1524 -72.14 -4.87 -17.38
CA GLY F 1524 -72.05 -4.95 -15.93
C GLY F 1524 -70.68 -5.37 -15.47
N THR F 1525 -69.74 -4.43 -15.51
CA THR F 1525 -68.34 -4.78 -15.35
C THR F 1525 -67.89 -4.55 -13.93
N SER F 1526 -68.84 -4.29 -13.03
CA SER F 1526 -68.53 -4.12 -11.62
C SER F 1526 -67.82 -2.80 -11.35
N THR F 1527 -67.82 -1.90 -12.35
CA THR F 1527 -67.31 -0.54 -12.16
C THR F 1527 -68.45 0.34 -11.70
N VAL F 1528 -68.11 1.43 -11.04
CA VAL F 1528 -69.16 2.19 -10.39
C VAL F 1528 -70.18 2.71 -11.40
N ALA F 1529 -69.69 3.33 -12.47
CA ALA F 1529 -70.56 4.05 -13.39
C ALA F 1529 -71.20 3.18 -14.46
N ASN F 1530 -70.44 2.25 -15.03
CA ASN F 1530 -70.98 1.41 -16.10
C ASN F 1530 -72.24 0.64 -15.76
N ASP F 1531 -72.53 0.51 -14.46
CA ASP F 1531 -73.64 -0.32 -14.03
C ASP F 1531 -74.86 0.53 -13.78
N LYS F 1532 -74.66 1.75 -13.30
CA LYS F 1532 -75.73 2.74 -13.28
C LYS F 1532 -76.19 2.94 -14.69
N ASN F 1533 -75.27 3.42 -15.52
CA ASN F 1533 -75.51 3.74 -16.91
C ASN F 1533 -76.26 2.67 -17.69
N GLU F 1534 -75.73 1.45 -17.65
CA GLU F 1534 -76.37 0.35 -18.37
C GLU F 1534 -77.83 0.22 -18.03
N SER F 1535 -78.12 0.02 -16.75
CA SER F 1535 -79.51 -0.04 -16.30
C SER F 1535 -80.28 1.14 -16.88
N ASP F 1536 -79.83 2.34 -16.58
CA ASP F 1536 -80.44 3.57 -17.06
C ASP F 1536 -80.75 3.55 -18.56
N VAL F 1537 -79.82 3.06 -19.37
CA VAL F 1537 -80.07 3.07 -20.80
C VAL F 1537 -81.14 2.04 -21.13
N ILE F 1538 -80.87 0.78 -20.83
CA ILE F 1538 -81.83 -0.28 -21.09
C ILE F 1538 -83.20 0.05 -20.52
N CYS F 1539 -83.22 0.75 -19.40
CA CYS F 1539 -84.47 1.14 -18.77
C CYS F 1539 -85.20 2.17 -19.62
N GLN F 1540 -84.59 3.32 -19.85
CA GLN F 1540 -85.18 4.35 -20.69
C GLN F 1540 -85.66 3.78 -22.01
N GLN F 1541 -84.85 2.90 -22.57
CA GLN F 1541 -85.18 2.16 -23.77
C GLN F 1541 -86.56 1.50 -23.64
N LEU F 1542 -86.65 0.52 -22.73
CA LEU F 1542 -87.90 -0.19 -22.49
C LEU F 1542 -89.06 0.74 -22.22
N LYS F 1543 -88.87 1.71 -21.33
CA LYS F 1543 -89.94 2.65 -21.00
C LYS F 1543 -90.49 3.36 -22.24
N HIS F 1544 -89.68 4.21 -22.84
CA HIS F 1544 -90.11 4.99 -23.98
C HIS F 1544 -90.71 4.16 -25.12
N LEU F 1545 -90.29 2.91 -25.25
CA LEU F 1545 -90.88 2.05 -26.27
C LEU F 1545 -92.29 1.59 -25.94
N GLY F 1546 -92.61 1.50 -24.65
CA GLY F 1546 -93.94 1.14 -24.24
C GLY F 1546 -94.06 0.01 -23.23
N ARG F 1547 -92.94 -0.64 -22.93
CA ARG F 1547 -92.89 -1.71 -21.95
C ARG F 1547 -93.91 -1.48 -20.86
N THR F 1548 -94.80 -2.45 -20.63
CA THR F 1548 -95.90 -2.23 -19.70
C THR F 1548 -95.45 -2.35 -18.23
N LYS F 1549 -95.79 -1.35 -17.45
CA LYS F 1549 -95.36 -1.26 -16.05
C LYS F 1549 -95.58 -2.55 -15.26
N GLY F 1550 -94.54 -3.00 -14.59
CA GLY F 1550 -94.60 -4.23 -13.83
C GLY F 1550 -93.88 -5.36 -14.52
N ASN F 1551 -93.62 -5.21 -15.81
CA ASN F 1551 -92.92 -6.26 -16.54
C ASN F 1551 -91.44 -6.03 -16.60
N ALA F 1552 -90.71 -6.68 -15.69
CA ALA F 1552 -89.28 -6.48 -15.60
C ALA F 1552 -88.52 -7.46 -16.46
N VAL F 1553 -87.31 -7.07 -16.84
CA VAL F 1553 -86.40 -7.96 -17.54
C VAL F 1553 -85.44 -8.58 -16.56
N LEU F 1554 -85.26 -9.89 -16.65
CA LEU F 1554 -84.26 -10.57 -15.85
C LEU F 1554 -82.91 -10.08 -16.33
N GLY F 1555 -82.12 -9.53 -15.42
CA GLY F 1555 -80.82 -8.99 -15.77
C GLY F 1555 -79.66 -9.90 -15.43
N ILE F 1556 -78.85 -10.21 -16.43
CA ILE F 1556 -77.72 -11.11 -16.23
C ILE F 1556 -76.41 -10.34 -16.22
N PHE F 1557 -75.45 -10.80 -15.43
CA PHE F 1557 -74.15 -10.12 -15.34
C PHE F 1557 -73.02 -11.12 -15.32
N GLN F 1558 -72.67 -11.65 -16.47
CA GLN F 1558 -71.77 -12.79 -16.54
C GLN F 1558 -70.40 -12.50 -15.95
N LYS F 1559 -70.05 -11.23 -15.92
CA LYS F 1559 -68.71 -10.84 -15.48
C LYS F 1559 -68.35 -11.30 -14.05
N TYR F 1560 -69.34 -11.45 -13.19
CA TYR F 1560 -69.09 -11.91 -11.84
C TYR F 1560 -68.32 -13.23 -11.85
N LEU F 1561 -68.56 -14.02 -12.88
CA LEU F 1561 -68.05 -15.36 -12.91
C LEU F 1561 -66.78 -15.43 -13.73
N THR F 1562 -66.77 -14.70 -14.84
CA THR F 1562 -65.74 -14.83 -15.85
C THR F 1562 -64.68 -13.74 -15.78
N GLY F 1563 -64.96 -12.65 -15.09
CA GLY F 1563 -64.09 -11.50 -15.20
C GLY F 1563 -64.32 -10.85 -16.55
N HIS F 1564 -63.62 -9.77 -16.82
CA HIS F 1564 -63.84 -8.94 -18.02
C HIS F 1564 -62.72 -9.16 -19.02
N PRO F 1565 -62.99 -9.93 -20.10
CA PRO F 1565 -61.92 -10.20 -21.06
C PRO F 1565 -61.86 -9.07 -22.06
N LYS F 1566 -61.60 -7.85 -21.57
CA LYS F 1566 -61.41 -6.70 -22.44
C LYS F 1566 -62.21 -6.82 -23.75
N GLY F 1567 -61.66 -7.47 -24.78
CA GLY F 1567 -62.30 -7.55 -26.08
C GLY F 1567 -63.40 -8.59 -26.29
N ALA F 1568 -63.17 -9.80 -25.80
CA ALA F 1568 -64.08 -10.91 -26.01
C ALA F 1568 -65.29 -10.83 -25.08
N ALA F 1569 -65.46 -9.71 -24.40
CA ALA F 1569 -66.58 -9.58 -23.46
C ALA F 1569 -67.90 -9.94 -24.12
N GLY F 1570 -68.26 -9.21 -25.16
CA GLY F 1570 -69.51 -9.43 -25.85
C GLY F 1570 -69.77 -10.86 -26.30
N ALA F 1571 -68.74 -11.52 -26.82
CA ALA F 1571 -68.90 -12.88 -27.32
C ALA F 1571 -69.37 -13.82 -26.21
N TRP F 1572 -68.68 -13.80 -25.08
CA TRP F 1572 -69.05 -14.64 -23.95
C TRP F 1572 -70.49 -14.42 -23.55
N MET F 1573 -70.92 -13.17 -23.48
CA MET F 1573 -72.28 -12.85 -23.10
C MET F 1573 -73.30 -13.36 -24.11
N LEU F 1574 -72.99 -13.16 -25.39
CA LEU F 1574 -73.86 -13.64 -26.46
C LEU F 1574 -74.07 -15.14 -26.35
N ASN F 1575 -73.02 -15.87 -26.02
CA ASN F 1575 -73.11 -17.31 -25.81
C ASN F 1575 -74.10 -17.58 -24.70
N GLY F 1576 -73.94 -16.87 -23.60
CA GLY F 1576 -74.81 -17.04 -22.46
C GLY F 1576 -76.26 -16.96 -22.86
N CYS F 1577 -76.61 -15.92 -23.61
CA CYS F 1577 -78.00 -15.70 -23.99
C CYS F 1577 -78.55 -16.80 -24.89
N LEU F 1578 -77.82 -17.12 -25.95
CA LEU F 1578 -78.20 -18.23 -26.81
C LEU F 1578 -78.42 -19.48 -25.96
N GLN F 1579 -77.71 -19.57 -24.83
CA GLN F 1579 -77.81 -20.72 -23.93
C GLN F 1579 -79.05 -20.61 -23.07
N VAL F 1580 -79.31 -19.42 -22.55
CA VAL F 1580 -80.56 -19.18 -21.83
C VAL F 1580 -81.72 -19.49 -22.75
N LEU F 1581 -81.68 -18.93 -23.96
CA LEU F 1581 -82.70 -19.16 -24.99
C LEU F 1581 -83.05 -20.64 -25.16
N ASN F 1582 -82.04 -21.49 -25.10
CA ASN F 1582 -82.25 -22.91 -25.33
C ASN F 1582 -82.46 -23.74 -24.06
N THR F 1583 -82.52 -23.11 -22.88
CA THR F 1583 -82.76 -23.85 -21.64
C THR F 1583 -83.86 -23.25 -20.80
N GLY F 1584 -84.18 -21.99 -21.04
CA GLY F 1584 -85.18 -21.30 -20.24
C GLY F 1584 -84.67 -21.03 -18.84
N ILE F 1585 -83.39 -21.30 -18.63
CA ILE F 1585 -82.76 -21.01 -17.36
C ILE F 1585 -82.08 -19.67 -17.41
N VAL F 1586 -82.41 -18.81 -16.46
CA VAL F 1586 -81.78 -17.51 -16.41
C VAL F 1586 -80.89 -17.50 -15.20
N PRO F 1587 -79.57 -17.55 -15.42
CA PRO F 1587 -78.55 -17.63 -14.39
C PRO F 1587 -78.57 -16.43 -13.48
N GLY F 1588 -78.17 -16.63 -12.23
CA GLY F 1588 -78.20 -15.54 -11.26
C GLY F 1588 -76.81 -14.99 -11.03
N ASN F 1589 -76.77 -13.76 -10.53
CA ASN F 1589 -75.52 -13.10 -10.21
C ASN F 1589 -75.08 -13.47 -8.78
N ARG F 1590 -74.34 -14.57 -8.64
CA ARG F 1590 -74.00 -15.09 -7.30
C ARG F 1590 -73.38 -14.05 -6.39
N ASN F 1591 -72.65 -13.13 -7.00
CA ASN F 1591 -71.91 -12.12 -6.26
C ASN F 1591 -72.71 -10.87 -6.03
N ALA F 1592 -74.02 -10.96 -6.19
CA ALA F 1592 -74.88 -9.83 -5.89
C ALA F 1592 -75.03 -9.69 -4.40
N ASP F 1593 -73.93 -9.36 -3.73
CA ASP F 1593 -73.95 -8.98 -2.33
C ASP F 1593 -75.30 -8.37 -2.00
N ASN F 1594 -75.52 -7.17 -2.51
CA ASN F 1594 -76.63 -6.36 -2.08
C ASN F 1594 -76.75 -5.25 -3.08
N VAL F 1595 -77.74 -5.33 -3.94
CA VAL F 1595 -77.80 -4.42 -5.08
C VAL F 1595 -77.90 -2.97 -4.62
N ASP F 1596 -77.17 -2.11 -5.31
CA ASP F 1596 -77.12 -0.70 -4.96
C ASP F 1596 -78.50 -0.07 -4.96
N LYS F 1597 -78.83 0.67 -3.90
CA LYS F 1597 -80.11 1.38 -3.80
C LYS F 1597 -80.40 2.21 -5.04
N VAL F 1598 -79.35 2.60 -5.75
CA VAL F 1598 -79.52 3.34 -6.98
C VAL F 1598 -80.36 2.55 -7.96
N MET F 1599 -80.15 1.24 -8.00
CA MET F 1599 -80.79 0.37 -8.98
C MET F 1599 -82.26 0.12 -8.70
N GLU F 1600 -82.80 0.74 -7.66
CA GLU F 1600 -84.20 0.57 -7.33
C GLU F 1600 -85.04 1.33 -8.32
N GLN F 1601 -84.59 2.53 -8.68
CA GLN F 1601 -85.32 3.41 -9.60
C GLN F 1601 -85.49 2.84 -11.01
N PHE F 1602 -84.82 1.73 -11.30
CA PHE F 1602 -85.00 1.06 -12.58
C PHE F 1602 -86.03 -0.04 -12.47
N ASP F 1603 -87.29 0.33 -12.65
CA ASP F 1603 -88.43 -0.55 -12.42
C ASP F 1603 -88.33 -1.76 -13.30
N TYR F 1604 -87.95 -1.53 -14.55
CA TYR F 1604 -88.04 -2.54 -15.59
C TYR F 1604 -86.96 -3.59 -15.49
N ILE F 1605 -86.05 -3.43 -14.54
CA ILE F 1605 -84.96 -4.37 -14.39
C ILE F 1605 -85.03 -5.04 -13.03
N VAL F 1606 -84.92 -6.36 -13.01
CA VAL F 1606 -84.83 -7.09 -11.76
C VAL F 1606 -83.57 -7.96 -11.74
N TYR F 1607 -82.76 -7.80 -10.71
CA TYR F 1607 -81.44 -8.43 -10.65
C TYR F 1607 -81.41 -9.69 -9.79
N PRO F 1608 -81.41 -10.85 -10.44
CA PRO F 1608 -81.53 -12.13 -9.76
C PRO F 1608 -80.20 -12.58 -9.23
N SER F 1609 -80.19 -12.98 -7.96
CA SER F 1609 -78.98 -13.44 -7.29
C SER F 1609 -78.88 -14.93 -7.35
N ARG F 1610 -79.92 -15.60 -7.86
CA ARG F 1610 -79.90 -17.04 -8.08
C ARG F 1610 -80.61 -17.40 -9.37
N SER F 1611 -80.30 -18.58 -9.90
CA SER F 1611 -80.83 -18.98 -11.19
C SER F 1611 -82.33 -19.23 -11.13
N ILE F 1612 -83.02 -18.95 -12.24
CA ILE F 1612 -84.46 -19.16 -12.31
C ILE F 1612 -84.84 -19.95 -13.55
N LYS F 1613 -85.50 -21.09 -13.35
CA LYS F 1613 -86.00 -21.89 -14.44
C LYS F 1613 -87.38 -21.40 -14.80
N THR F 1614 -87.55 -21.06 -16.07
CA THR F 1614 -88.79 -20.48 -16.54
C THR F 1614 -89.46 -21.35 -17.59
N ASP F 1615 -90.68 -20.98 -17.97
CA ASP F 1615 -91.39 -21.65 -19.06
C ASP F 1615 -90.74 -21.38 -20.41
N GLY F 1616 -89.90 -20.35 -20.47
CA GLY F 1616 -89.13 -20.04 -21.67
C GLY F 1616 -88.84 -18.56 -21.77
N ILE F 1617 -87.86 -18.20 -22.60
CA ILE F 1617 -87.57 -16.79 -22.91
C ILE F 1617 -87.66 -16.65 -24.40
N LYS F 1618 -88.21 -15.53 -24.86
CA LYS F 1618 -88.47 -15.39 -26.27
C LYS F 1618 -87.38 -14.60 -26.97
N ALA F 1619 -86.99 -13.48 -26.37
CA ALA F 1619 -85.96 -12.62 -26.96
C ALA F 1619 -85.08 -12.00 -25.88
N PHE F 1620 -83.82 -11.75 -26.22
CA PHE F 1620 -82.90 -11.16 -25.26
C PHE F 1620 -82.17 -9.98 -25.82
N SER F 1621 -81.56 -9.21 -24.93
CA SER F 1621 -80.75 -8.05 -25.29
C SER F 1621 -79.40 -8.05 -24.59
N VAL F 1622 -78.33 -8.31 -25.34
CA VAL F 1622 -76.99 -8.11 -24.84
C VAL F 1622 -76.59 -6.69 -25.17
N THR F 1623 -75.83 -6.09 -24.26
CA THR F 1623 -75.36 -4.73 -24.41
C THR F 1623 -73.97 -4.58 -23.84
N SER F 1624 -73.05 -4.09 -24.66
CA SER F 1624 -71.71 -3.81 -24.17
C SER F 1624 -71.30 -2.39 -24.49
N PHE F 1625 -70.35 -1.86 -23.71
CA PHE F 1625 -69.81 -0.53 -23.90
C PHE F 1625 -68.30 -0.61 -23.86
N GLY F 1626 -67.63 0.31 -24.53
CA GLY F 1626 -66.19 0.25 -24.64
C GLY F 1626 -65.50 1.60 -24.49
N PHE F 1627 -64.17 1.55 -24.47
CA PHE F 1627 -63.38 2.76 -24.40
C PHE F 1627 -63.60 3.59 -25.67
N GLY F 1628 -63.66 4.90 -25.50
CA GLY F 1628 -63.77 5.78 -26.64
C GLY F 1628 -65.17 5.72 -27.21
N GLN F 1629 -66.15 5.86 -26.32
CA GLN F 1629 -67.57 5.97 -26.67
C GLN F 1629 -68.07 4.92 -27.64
N LYS F 1630 -67.76 3.67 -27.33
CA LYS F 1630 -67.99 2.55 -28.22
C LYS F 1630 -69.14 1.67 -27.69
N GLY F 1631 -70.39 2.14 -27.82
CA GLY F 1631 -71.56 1.39 -27.34
C GLY F 1631 -72.28 0.52 -28.36
N ALA F 1632 -72.48 -0.75 -28.03
CA ALA F 1632 -73.19 -1.63 -28.95
C ALA F 1632 -74.30 -2.43 -28.24
N GLN F 1633 -75.28 -2.88 -29.02
CA GLN F 1633 -76.39 -3.67 -28.49
C GLN F 1633 -76.91 -4.62 -29.54
N ALA F 1634 -77.22 -5.84 -29.12
CA ALA F 1634 -77.74 -6.84 -30.04
C ALA F 1634 -78.98 -7.49 -29.43
N ILE F 1635 -79.98 -7.76 -30.27
CA ILE F 1635 -81.19 -8.44 -29.83
C ILE F 1635 -81.35 -9.79 -30.50
N GLY F 1636 -81.50 -10.83 -29.69
CA GLY F 1636 -81.60 -12.17 -30.20
C GLY F 1636 -82.96 -12.74 -29.88
N VAL F 1637 -83.54 -13.45 -30.86
CA VAL F 1637 -84.88 -14.03 -30.75
C VAL F 1637 -84.86 -15.56 -30.89
N HIS F 1638 -85.79 -16.21 -30.20
CA HIS F 1638 -85.81 -17.65 -30.11
C HIS F 1638 -86.05 -18.34 -31.45
N PRO F 1639 -85.26 -19.37 -31.73
CA PRO F 1639 -85.29 -20.20 -32.94
C PRO F 1639 -86.70 -20.55 -33.39
N LYS F 1640 -87.55 -20.98 -32.48
CA LYS F 1640 -88.89 -21.41 -32.85
C LYS F 1640 -89.50 -20.41 -33.84
N TYR F 1641 -89.37 -19.13 -33.55
CA TYR F 1641 -89.99 -18.11 -34.39
C TYR F 1641 -89.53 -18.11 -35.85
N LEU F 1642 -88.30 -18.56 -36.12
CA LEU F 1642 -87.85 -18.69 -37.50
C LEU F 1642 -88.59 -19.81 -38.14
N PHE F 1643 -88.62 -20.94 -37.44
CA PHE F 1643 -89.32 -22.13 -37.92
C PHE F 1643 -90.80 -21.92 -38.25
N ALA F 1644 -91.43 -20.98 -37.57
CA ALA F 1644 -92.83 -20.65 -37.83
C ALA F 1644 -93.01 -19.92 -39.17
N THR F 1645 -91.93 -19.78 -39.93
CA THR F 1645 -92.01 -19.26 -41.29
C THR F 1645 -92.34 -20.42 -42.22
N LEU F 1646 -91.93 -21.62 -41.81
CA LEU F 1646 -92.01 -22.79 -42.67
C LEU F 1646 -93.31 -23.59 -42.54
N ASP F 1647 -93.45 -24.60 -43.39
CA ASP F 1647 -94.53 -25.56 -43.27
C ASP F 1647 -93.99 -26.71 -42.47
N LYS F 1648 -94.84 -27.34 -41.67
CA LYS F 1648 -94.45 -28.55 -40.98
C LYS F 1648 -93.75 -29.49 -41.98
N ALA F 1649 -94.12 -29.35 -43.24
CA ALA F 1649 -93.48 -30.11 -44.30
C ALA F 1649 -91.99 -29.86 -44.29
N GLN F 1650 -91.63 -28.58 -44.44
CA GLN F 1650 -90.26 -28.13 -44.49
C GLN F 1650 -89.53 -28.41 -43.21
N TYR F 1651 -90.05 -27.83 -42.13
CA TYR F 1651 -89.41 -27.90 -40.83
C TYR F 1651 -89.02 -29.32 -40.48
N GLU F 1652 -89.90 -30.26 -40.79
CA GLU F 1652 -89.74 -31.63 -40.35
C GLU F 1652 -88.70 -32.30 -41.23
N ALA F 1653 -88.54 -31.80 -42.44
CA ALA F 1653 -87.53 -32.31 -43.35
C ALA F 1653 -86.17 -31.91 -42.83
N TYR F 1654 -86.09 -30.67 -42.36
CA TYR F 1654 -84.88 -30.10 -41.80
C TYR F 1654 -84.47 -30.86 -40.55
N CYS F 1655 -85.45 -31.15 -39.70
CA CYS F 1655 -85.19 -31.82 -38.43
C CYS F 1655 -84.48 -33.15 -38.61
N VAL F 1656 -84.70 -33.80 -39.75
CA VAL F 1656 -84.07 -35.08 -39.98
C VAL F 1656 -82.64 -34.86 -40.37
N LYS F 1657 -82.40 -33.78 -41.12
CA LYS F 1657 -81.05 -33.38 -41.52
C LYS F 1657 -80.21 -33.11 -40.28
N VAL F 1658 -80.72 -32.24 -39.41
CA VAL F 1658 -80.06 -31.86 -38.19
C VAL F 1658 -79.61 -33.08 -37.38
N GLN F 1659 -80.54 -33.94 -37.01
CA GLN F 1659 -80.24 -35.08 -36.17
C GLN F 1659 -79.21 -36.03 -36.75
N ALA F 1660 -79.05 -35.99 -38.07
CA ALA F 1660 -78.03 -36.79 -38.74
C ALA F 1660 -76.68 -36.16 -38.50
N ARG F 1661 -76.60 -34.84 -38.69
CA ARG F 1661 -75.39 -34.07 -38.40
C ARG F 1661 -74.88 -34.27 -36.98
N GLN F 1662 -75.77 -34.06 -36.02
CA GLN F 1662 -75.47 -34.27 -34.62
C GLN F 1662 -74.79 -35.61 -34.38
N LYS F 1663 -75.20 -36.63 -35.12
CA LYS F 1663 -74.60 -37.94 -34.95
C LYS F 1663 -73.16 -37.97 -35.50
N LYS F 1664 -72.92 -37.24 -36.59
CA LYS F 1664 -71.57 -37.08 -37.11
C LYS F 1664 -70.76 -36.30 -36.10
N ALA F 1665 -71.29 -35.16 -35.71
CA ALA F 1665 -70.63 -34.29 -34.74
C ALA F 1665 -70.23 -35.10 -33.51
N TYR F 1666 -71.22 -35.72 -32.89
CA TYR F 1666 -70.99 -36.54 -31.72
C TYR F 1666 -69.80 -37.44 -31.96
N ARG F 1667 -69.79 -38.13 -33.09
CA ARG F 1667 -68.72 -39.07 -33.34
C ARG F 1667 -67.40 -38.36 -33.32
N PHE F 1668 -67.35 -37.26 -34.05
CA PHE F 1668 -66.13 -36.51 -34.22
C PHE F 1668 -65.59 -36.04 -32.89
N PHE F 1669 -66.42 -35.32 -32.16
CA PHE F 1669 -66.05 -34.80 -30.88
C PHE F 1669 -65.42 -35.85 -29.97
N HIS F 1670 -65.98 -37.06 -29.96
CA HIS F 1670 -65.44 -38.10 -29.09
C HIS F 1670 -64.12 -38.66 -29.60
N ASN F 1671 -64.03 -38.77 -30.91
CA ASN F 1671 -62.77 -39.15 -31.51
C ASN F 1671 -61.71 -38.13 -31.12
N GLY F 1672 -62.04 -36.86 -31.28
CA GLY F 1672 -61.14 -35.76 -31.00
C GLY F 1672 -60.64 -35.78 -29.57
N LEU F 1673 -61.56 -35.80 -28.61
CA LEU F 1673 -61.18 -35.83 -27.19
C LEU F 1673 -60.10 -36.85 -26.93
N ILE F 1674 -60.32 -38.05 -27.45
CA ILE F 1674 -59.46 -39.16 -27.17
C ILE F 1674 -58.12 -39.07 -27.88
N ASN F 1675 -58.17 -38.59 -29.12
CA ASN F 1675 -57.01 -38.59 -30.01
C ASN F 1675 -56.45 -37.20 -30.30
N ASN F 1676 -56.95 -36.22 -29.55
CA ASN F 1676 -56.45 -34.87 -29.61
C ASN F 1676 -56.57 -34.26 -31.01
N LYS F 1677 -57.66 -34.56 -31.70
CA LYS F 1677 -57.83 -34.01 -33.03
C LYS F 1677 -59.12 -33.22 -33.19
N LEU F 1678 -59.50 -32.45 -32.17
CA LEU F 1678 -60.65 -31.57 -32.28
C LEU F 1678 -60.36 -30.44 -33.26
N PHE F 1679 -59.06 -30.20 -33.48
CA PHE F 1679 -58.57 -29.22 -34.45
C PHE F 1679 -57.76 -29.91 -35.52
N VAL F 1680 -58.18 -29.78 -36.76
CA VAL F 1680 -57.42 -30.36 -37.85
C VAL F 1680 -56.97 -29.33 -38.87
N ALA F 1681 -55.67 -29.08 -38.91
CA ALA F 1681 -55.12 -28.09 -39.81
C ALA F 1681 -55.23 -28.60 -41.23
N LYS F 1682 -55.68 -27.74 -42.12
CA LYS F 1682 -55.74 -28.07 -43.53
C LYS F 1682 -54.36 -27.84 -44.11
N ASP F 1683 -53.94 -28.73 -45.00
CA ASP F 1683 -52.61 -28.60 -45.60
C ASP F 1683 -52.64 -28.06 -47.01
N LYS F 1684 -53.77 -28.24 -47.69
CA LYS F 1684 -53.92 -27.75 -49.07
C LYS F 1684 -55.32 -27.19 -49.30
N ALA F 1685 -55.42 -26.21 -50.19
CA ALA F 1685 -56.72 -25.68 -50.54
C ALA F 1685 -57.50 -26.76 -51.25
N PRO F 1686 -58.80 -26.55 -51.43
CA PRO F 1686 -59.69 -27.52 -52.08
C PRO F 1686 -59.35 -27.76 -53.54
N TYR F 1687 -58.69 -26.82 -54.19
CA TYR F 1687 -58.40 -26.89 -55.62
C TYR F 1687 -56.92 -27.02 -55.88
N GLU F 1688 -56.56 -27.82 -56.87
CA GLU F 1688 -55.18 -27.85 -57.31
C GLU F 1688 -54.89 -26.44 -57.81
N ASP F 1689 -53.61 -26.09 -57.88
CA ASP F 1689 -53.24 -24.73 -58.26
C ASP F 1689 -53.65 -24.47 -59.71
N ARG F 1690 -53.49 -25.49 -60.54
CA ARG F 1690 -53.94 -25.49 -61.92
C ARG F 1690 -55.33 -24.86 -62.09
N ILE F 1691 -56.27 -25.24 -61.25
CA ILE F 1691 -57.66 -24.83 -61.39
C ILE F 1691 -57.96 -23.45 -60.82
N GLN F 1692 -57.10 -22.99 -59.90
CA GLN F 1692 -57.48 -21.89 -59.02
C GLN F 1692 -58.19 -20.71 -59.67
N SER F 1693 -57.54 -20.09 -60.65
CA SER F 1693 -58.09 -18.90 -61.30
C SER F 1693 -59.53 -19.15 -61.72
N LYS F 1694 -59.76 -20.33 -62.29
CA LYS F 1694 -61.07 -20.74 -62.81
C LYS F 1694 -62.10 -20.85 -61.70
N VAL F 1695 -61.73 -21.60 -60.66
CA VAL F 1695 -62.59 -21.80 -59.49
C VAL F 1695 -63.01 -20.48 -58.87
N PHE F 1696 -62.07 -19.53 -58.81
CA PHE F 1696 -62.33 -18.21 -58.24
C PHE F 1696 -63.37 -17.45 -59.06
N LEU F 1697 -63.31 -17.64 -60.38
CA LEU F 1697 -64.04 -16.79 -61.33
C LEU F 1697 -65.40 -17.30 -61.70
N ASN F 1698 -65.61 -18.59 -61.50
CA ASN F 1698 -66.91 -19.21 -61.75
C ASN F 1698 -67.68 -19.38 -60.43
N PRO F 1699 -68.77 -18.61 -60.27
CA PRO F 1699 -69.50 -18.53 -58.99
C PRO F 1699 -70.29 -19.80 -58.69
N GLN F 1700 -70.26 -20.76 -59.61
CA GLN F 1700 -71.00 -21.99 -59.41
C GLN F 1700 -70.09 -23.04 -58.81
N SER F 1701 -68.83 -23.01 -59.20
CA SER F 1701 -67.89 -24.05 -58.84
C SER F 1701 -68.06 -24.45 -57.39
N ARG F 1702 -68.27 -25.74 -57.16
CA ARG F 1702 -68.39 -26.25 -55.82
C ARG F 1702 -67.69 -27.57 -55.65
N VAL F 1703 -67.52 -27.98 -54.40
CA VAL F 1703 -66.71 -29.12 -54.06
C VAL F 1703 -67.50 -30.43 -53.99
N THR F 1704 -66.91 -31.49 -54.54
CA THR F 1704 -67.51 -32.81 -54.51
C THR F 1704 -66.72 -33.72 -53.59
N GLN F 1705 -67.43 -34.50 -52.79
CA GLN F 1705 -66.76 -35.48 -51.95
C GLN F 1705 -66.02 -36.47 -52.84
N GLU F 1706 -64.91 -37.03 -52.36
CA GLU F 1706 -64.11 -37.90 -53.21
C GLU F 1706 -63.86 -39.27 -52.63
N SER F 1707 -63.01 -40.01 -53.34
CA SER F 1707 -62.69 -41.39 -53.05
C SER F 1707 -62.28 -41.61 -51.59
N ASN F 1708 -61.30 -40.81 -51.16
CA ASN F 1708 -60.78 -40.81 -49.80
C ASN F 1708 -61.54 -39.86 -48.89
N GLY F 1709 -62.84 -39.70 -49.14
CA GLY F 1709 -63.71 -38.91 -48.29
C GLY F 1709 -63.44 -37.42 -48.21
N GLU F 1710 -62.34 -36.96 -48.83
CA GLU F 1710 -61.94 -35.55 -48.86
C GLU F 1710 -62.76 -34.69 -49.80
N LEU F 1711 -62.92 -33.42 -49.45
CA LEU F 1711 -63.62 -32.52 -50.34
C LEU F 1711 -62.61 -31.82 -51.21
N LYS F 1712 -62.84 -31.86 -52.52
CA LYS F 1712 -61.99 -31.11 -53.45
C LYS F 1712 -62.85 -30.58 -54.57
N PHE F 1713 -62.43 -29.44 -55.12
CA PHE F 1713 -62.99 -28.93 -56.37
C PHE F 1713 -62.61 -29.84 -57.52
N PRO F 1714 -63.56 -30.10 -58.41
CA PRO F 1714 -63.40 -31.09 -59.48
C PRO F 1714 -62.58 -30.54 -60.64
N ALA F 1715 -61.51 -31.24 -61.00
CA ALA F 1715 -60.62 -30.78 -62.08
C ALA F 1715 -61.34 -30.60 -63.42
N GLN G 1 -29.56 126.36 36.42
CA GLN G 1 -29.21 127.45 35.52
C GLN G 1 -28.30 127.02 34.37
N SER G 2 -27.03 127.42 34.44
CA SER G 2 -26.03 127.00 33.46
C SER G 2 -25.62 125.57 33.78
N LEU G 3 -26.37 124.60 33.27
CA LEU G 3 -26.19 123.21 33.67
C LEU G 3 -26.15 122.21 32.49
N ARG G 4 -25.25 121.24 32.59
CA ARG G 4 -25.02 120.27 31.55
C ARG G 4 -24.79 118.89 32.15
N PRO G 5 -25.71 117.95 31.90
CA PRO G 5 -25.62 116.56 32.41
C PRO G 5 -24.32 115.84 32.01
N LEU G 6 -23.64 115.23 32.99
CA LEU G 6 -22.45 114.40 32.75
C LEU G 6 -22.55 113.02 33.40
N VAL G 7 -22.30 111.96 32.62
CA VAL G 7 -22.41 110.59 33.11
C VAL G 7 -21.03 109.94 33.32
N LEU G 8 -20.91 109.08 34.33
CA LEU G 8 -19.71 108.26 34.52
C LEU G 8 -20.05 106.78 34.44
N THR G 9 -19.76 106.15 33.31
CA THR G 9 -20.19 104.77 33.09
C THR G 9 -19.07 103.75 33.11
N HIS G 10 -19.31 102.66 33.85
CA HIS G 10 -18.42 101.50 33.89
C HIS G 10 -19.25 100.28 34.31
N GLY G 11 -19.27 99.25 33.46
CA GLY G 11 -20.07 98.06 33.73
C GLY G 11 -21.49 98.35 34.17
N SER G 12 -21.79 97.97 35.41
CA SER G 12 -23.15 98.06 35.96
C SER G 12 -23.41 99.38 36.71
N LEU G 13 -22.35 100.17 36.87
CA LEU G 13 -22.43 101.36 37.70
C LEU G 13 -22.21 102.63 36.89
N GLU G 14 -23.13 103.58 37.05
CA GLU G 14 -22.94 104.91 36.48
C GLU G 14 -23.38 106.02 37.43
N PHE G 15 -22.83 107.22 37.19
CA PHE G 15 -23.09 108.39 38.04
C PHE G 15 -23.56 109.61 37.25
N SER G 16 -24.47 110.39 37.84
CA SER G 16 -25.03 111.57 37.19
C SER G 16 -24.49 112.88 37.78
N PHE G 17 -24.10 113.80 36.90
CA PHE G 17 -23.40 115.00 37.29
C PHE G 17 -24.04 116.22 36.64
N LEU G 18 -23.97 117.37 37.30
CA LEU G 18 -24.52 118.59 36.74
C LEU G 18 -23.49 119.73 36.64
N VAL G 19 -22.94 119.92 35.44
CA VAL G 19 -21.84 120.86 35.22
C VAL G 19 -22.33 122.23 34.79
N PRO G 20 -21.59 123.30 35.15
CA PRO G 20 -21.80 124.55 34.43
C PRO G 20 -21.56 124.36 32.94
N THR G 21 -22.30 125.10 32.11
CA THR G 21 -22.21 124.97 30.65
C THR G 21 -20.79 125.16 30.13
N SER G 22 -20.11 126.16 30.67
CA SER G 22 -18.72 126.45 30.32
C SER G 22 -17.79 125.28 30.64
N LEU G 23 -17.98 124.69 31.82
CA LEU G 23 -17.07 123.66 32.32
C LEU G 23 -17.43 122.25 31.88
N HIS G 24 -18.44 122.12 31.02
CA HIS G 24 -18.92 120.79 30.64
C HIS G 24 -17.97 120.02 29.73
N PHE G 25 -17.22 120.72 28.88
CA PHE G 25 -16.30 120.00 28.02
C PHE G 25 -14.94 119.74 28.66
N GLN G 26 -14.58 120.54 29.65
CA GLN G 26 -13.38 120.27 30.43
C GLN G 26 -13.54 118.97 31.21
N ALA G 27 -14.75 118.75 31.72
CA ALA G 27 -15.04 117.54 32.50
C ALA G 27 -15.38 116.36 31.59
N ALA G 28 -15.73 116.66 30.33
CA ALA G 28 -15.93 115.60 29.34
C ALA G 28 -14.59 114.98 28.99
N GLN G 29 -13.56 115.82 28.86
CA GLN G 29 -12.22 115.36 28.53
C GLN G 29 -11.66 114.35 29.54
N LEU G 30 -11.79 114.70 30.82
CA LEU G 30 -11.34 113.85 31.91
C LEU G 30 -12.13 112.54 31.90
N LYS G 31 -13.46 112.68 31.94
CA LYS G 31 -14.34 111.52 31.84
C LYS G 31 -13.91 110.56 30.72
N ASP G 32 -13.48 111.12 29.59
CA ASP G 32 -13.19 110.33 28.38
C ASP G 32 -11.91 109.50 28.51
N SER G 33 -10.77 110.18 28.68
CA SER G 33 -9.51 109.49 28.81
C SER G 33 -9.40 108.78 30.16
N PHE G 34 -10.36 109.03 31.04
CA PHE G 34 -10.43 108.34 32.34
C PHE G 34 -11.09 106.98 32.23
N LEU G 35 -12.05 106.86 31.30
CA LEU G 35 -12.71 105.58 31.06
C LEU G 35 -11.83 104.69 30.18
N ALA G 36 -10.75 105.28 29.68
CA ALA G 36 -9.70 104.54 29.01
C ALA G 36 -8.68 104.03 30.04
N THR G 37 -8.57 104.76 31.16
CA THR G 37 -7.75 104.36 32.29
C THR G 37 -8.27 103.07 32.89
N LEU G 38 -9.60 102.94 32.87
CA LEU G 38 -10.27 101.74 33.36
C LEU G 38 -10.08 100.60 32.36
N PRO G 39 -10.05 99.36 32.86
CA PRO G 39 -9.75 98.21 32.00
C PRO G 39 -10.99 97.79 31.27
N GLN G 40 -11.03 96.53 30.82
CA GLN G 40 -12.24 95.99 30.23
C GLN G 40 -13.25 95.70 31.35
N PRO G 41 -14.37 96.44 31.35
CA PRO G 41 -15.41 96.39 32.37
C PRO G 41 -15.94 94.97 32.63
N THR G 42 -15.96 94.58 33.90
CA THR G 42 -16.66 93.38 34.33
C THR G 42 -18.08 93.78 34.73
N GLU G 43 -19.07 92.96 34.39
CA GLU G 43 -20.42 93.26 34.80
C GLU G 43 -20.66 92.74 36.22
N GLU G 44 -19.56 92.34 36.86
CA GLU G 44 -19.57 91.95 38.26
C GLU G 44 -18.73 92.93 39.07
N LEU G 45 -18.35 92.52 40.26
CA LEU G 45 -17.73 93.42 41.22
C LEU G 45 -16.40 92.89 41.78
N ALA G 46 -15.57 92.33 40.91
CA ALA G 46 -14.43 91.55 41.39
C ALA G 46 -13.07 91.87 40.77
N GLN G 47 -13.05 92.50 39.59
CA GLN G 47 -11.78 92.76 38.93
C GLN G 47 -10.87 93.51 39.89
N ASP G 48 -9.70 92.93 40.20
CA ASP G 48 -8.82 93.51 41.21
C ASP G 48 -8.11 94.79 40.78
N ASP G 49 -8.08 95.76 41.69
CA ASP G 49 -7.56 97.10 41.41
C ASP G 49 -8.47 97.86 40.42
N GLU G 50 -9.77 97.61 40.49
CA GLU G 50 -10.76 98.30 39.65
C GLU G 50 -12.11 98.46 40.38
N PRO G 51 -12.96 99.39 39.93
CA PRO G 51 -14.13 99.82 40.71
C PRO G 51 -15.12 98.72 41.06
N SER G 52 -15.54 98.66 42.32
CA SER G 52 -16.60 97.75 42.75
C SER G 52 -17.94 98.46 42.75
N SER G 53 -17.97 99.69 43.28
CA SER G 53 -19.22 100.42 43.41
C SER G 53 -19.16 101.79 42.73
N VAL G 54 -20.15 102.63 43.04
CA VAL G 54 -20.22 103.99 42.48
C VAL G 54 -19.45 105.01 43.35
N VAL G 55 -19.13 104.63 44.58
CA VAL G 55 -18.32 105.47 45.46
C VAL G 55 -16.88 105.46 44.98
N GLU G 56 -16.53 104.41 44.26
CA GLU G 56 -15.20 104.24 43.70
C GLU G 56 -15.09 104.90 42.32
N LEU G 57 -16.23 105.04 41.64
CA LEU G 57 -16.26 105.74 40.35
C LEU G 57 -15.85 107.18 40.54
N VAL G 58 -16.41 107.82 41.56
CA VAL G 58 -16.09 109.20 41.89
C VAL G 58 -14.69 109.32 42.48
N ALA G 59 -14.38 108.44 43.43
CA ALA G 59 -13.07 108.41 44.05
C ALA G 59 -11.96 108.27 43.01
N ARG G 60 -12.07 107.27 42.15
CA ARG G 60 -11.07 107.04 41.11
C ARG G 60 -11.00 108.19 40.12
N TYR G 61 -12.12 108.88 39.94
CA TYR G 61 -12.18 110.03 39.04
C TYR G 61 -11.55 111.29 39.67
N ILE G 62 -11.89 111.58 40.92
CA ILE G 62 -11.33 112.72 41.64
C ILE G 62 -9.80 112.75 41.61
N ALA G 63 -9.19 111.57 41.73
CA ALA G 63 -7.73 111.46 41.74
C ALA G 63 -7.17 111.59 40.32
N PHE G 64 -7.91 111.06 39.35
CA PHE G 64 -7.51 111.14 37.95
C PHE G 64 -7.33 112.59 37.53
N VAL G 65 -8.23 113.45 37.98
CA VAL G 65 -8.20 114.87 37.67
C VAL G 65 -7.09 115.60 38.44
N ALA G 66 -7.02 115.37 39.75
CA ALA G 66 -6.07 116.06 40.62
C ALA G 66 -4.62 115.83 40.20
N HIS G 67 -4.39 114.78 39.43
CA HIS G 67 -3.06 114.48 38.89
C HIS G 67 -2.69 115.48 37.80
N GLU G 68 -3.68 115.90 37.00
CA GLU G 68 -3.42 116.83 35.90
C GLU G 68 -3.57 118.29 36.31
N VAL G 69 -4.15 118.52 37.49
CA VAL G 69 -4.20 119.85 38.07
C VAL G 69 -2.81 120.20 38.58
N ASP G 70 -2.40 119.47 39.62
CA ASP G 70 -1.13 119.73 40.29
C ASP G 70 0.09 119.53 39.37
N GLU G 71 0.04 118.50 38.54
CA GLU G 71 1.17 118.14 37.69
C GLU G 71 0.92 118.47 36.21
N GLY G 72 2.00 118.65 35.46
CA GLY G 72 1.91 118.80 34.02
C GLY G 72 1.11 119.99 33.51
N ASP G 73 0.07 119.71 32.72
CA ASP G 73 -0.60 120.68 31.84
C ASP G 73 -0.96 122.06 32.41
N GLU G 74 -0.29 123.08 31.89
CA GLU G 74 -0.44 124.46 32.33
C GLU G 74 -1.40 125.24 31.43
N ASP G 75 -1.85 124.59 30.36
CA ASP G 75 -2.76 125.22 29.41
C ASP G 75 -4.13 125.41 30.04
N ALA G 76 -4.52 124.45 30.88
CA ALA G 76 -5.84 124.45 31.48
C ALA G 76 -5.74 124.55 33.00
N HIS G 77 -5.23 125.66 33.50
CA HIS G 77 -5.07 125.84 34.94
C HIS G 77 -6.37 126.10 35.70
N PRO G 78 -7.16 127.10 35.26
CA PRO G 78 -8.42 127.45 35.94
C PRO G 78 -9.50 126.40 35.75
N THR G 79 -9.50 125.76 34.58
CA THR G 79 -10.51 124.76 34.22
C THR G 79 -10.41 123.48 35.07
N ASN G 80 -9.17 123.03 35.33
CA ASN G 80 -8.92 121.90 36.22
C ASN G 80 -9.49 122.16 37.60
N LEU G 81 -9.22 123.35 38.13
CA LEU G 81 -9.68 123.76 39.45
C LEU G 81 -11.20 123.77 39.59
N GLU G 82 -11.88 124.22 38.55
CA GLU G 82 -13.35 124.23 38.54
C GLU G 82 -13.91 122.81 38.48
N VAL G 83 -13.41 122.03 37.53
CA VAL G 83 -13.75 120.62 37.44
C VAL G 83 -13.58 119.94 38.80
N LEU G 84 -12.45 120.20 39.46
CA LEU G 84 -12.19 119.64 40.78
C LEU G 84 -13.25 120.04 41.79
N LYS G 85 -13.39 121.34 42.00
CA LYS G 85 -14.30 121.87 43.03
C LYS G 85 -15.72 121.29 42.93
N LEU G 86 -16.17 121.05 41.71
CA LEU G 86 -17.51 120.48 41.49
C LEU G 86 -17.62 119.01 41.92
N ILE G 87 -16.64 118.19 41.54
CA ILE G 87 -16.62 116.80 41.93
C ILE G 87 -16.48 116.65 43.44
N LEU G 88 -15.62 117.48 44.03
CA LEU G 88 -15.42 117.50 45.48
C LEU G 88 -16.71 117.90 46.17
N ASN G 89 -17.51 118.71 45.48
CA ASN G 89 -18.81 119.11 46.00
C ASN G 89 -19.82 117.97 45.90
N GLU G 90 -19.97 117.44 44.69
CA GLU G 90 -20.87 116.33 44.45
C GLU G 90 -20.55 115.16 45.36
N PHE G 91 -19.29 115.05 45.76
CA PHE G 91 -18.82 113.96 46.60
C PHE G 91 -19.20 114.18 48.07
N GLU G 92 -18.71 115.25 48.67
CA GLU G 92 -19.02 115.58 50.06
C GLU G 92 -20.54 115.72 50.22
N ARG G 93 -21.18 116.09 49.11
CA ARG G 93 -22.64 116.16 48.98
C ARG G 93 -23.29 114.79 49.22
N ALA G 94 -23.27 113.96 48.18
CA ALA G 94 -23.96 112.67 48.18
C ALA G 94 -23.26 111.63 49.04
N PHE G 95 -22.01 111.34 48.69
CA PHE G 95 -21.27 110.18 49.21
C PHE G 95 -20.77 110.32 50.66
N MET G 96 -20.27 111.50 50.99
CA MET G 96 -19.67 111.71 52.31
C MET G 96 -20.71 112.13 53.35
N ARG G 97 -21.66 112.96 52.94
CA ARG G 97 -22.75 113.38 53.81
C ARG G 97 -22.23 114.09 55.04
N GLY G 98 -21.18 114.89 54.87
CA GLY G 98 -20.57 115.63 55.97
C GLY G 98 -19.86 114.78 57.01
N ASN G 99 -19.57 113.53 56.67
CA ASN G 99 -18.78 112.65 57.52
C ASN G 99 -17.39 112.46 56.94
N ASP G 100 -16.50 111.84 57.69
CA ASP G 100 -15.11 111.71 57.25
C ASP G 100 -14.98 110.67 56.15
N VAL G 101 -13.96 110.85 55.31
CA VAL G 101 -13.73 109.96 54.19
C VAL G 101 -13.46 108.54 54.65
N HIS G 102 -12.85 108.40 55.83
CA HIS G 102 -12.49 107.09 56.33
C HIS G 102 -13.69 106.21 56.67
N ALA G 103 -14.61 106.74 57.46
CA ALA G 103 -15.79 105.98 57.84
C ALA G 103 -16.70 105.71 56.66
N ILE G 104 -16.56 106.50 55.59
CA ILE G 104 -17.34 106.27 54.37
C ILE G 104 -16.63 105.27 53.44
N ALA G 105 -15.31 105.37 53.39
CA ALA G 105 -14.50 104.42 52.63
C ALA G 105 -14.50 103.04 53.29
N ALA G 106 -14.79 103.02 54.59
CA ALA G 106 -14.82 101.80 55.38
C ALA G 106 -16.02 100.93 55.01
N ASN G 107 -16.89 101.46 54.16
CA ASN G 107 -18.13 100.79 53.81
C ASN G 107 -18.17 100.30 52.38
N VAL G 108 -17.02 100.20 51.72
CA VAL G 108 -16.98 99.76 50.33
C VAL G 108 -16.46 98.31 50.20
N ALA G 109 -16.29 97.84 48.96
CA ALA G 109 -15.86 96.46 48.67
C ALA G 109 -14.95 95.85 49.74
N GLY G 110 -15.23 94.60 50.09
CA GLY G 110 -14.51 93.90 51.14
C GLY G 110 -13.01 93.83 50.99
N ILE G 111 -12.53 94.19 49.79
CA ILE G 111 -11.09 94.22 49.50
C ILE G 111 -10.40 95.39 50.19
N THR G 112 -9.56 95.07 51.16
CA THR G 112 -8.90 96.07 52.00
C THR G 112 -8.19 97.17 51.21
N ALA G 113 -7.54 96.79 50.11
CA ALA G 113 -6.79 97.76 49.32
C ALA G 113 -7.66 98.89 48.77
N LYS G 114 -8.85 98.56 48.31
CA LYS G 114 -9.73 99.54 47.67
C LYS G 114 -10.25 100.62 48.62
N LYS G 115 -10.49 100.25 49.88
CA LYS G 115 -10.99 101.21 50.86
C LYS G 115 -9.97 102.31 51.11
N ILE G 116 -8.69 101.95 51.08
CA ILE G 116 -7.62 102.92 51.16
C ILE G 116 -7.57 103.77 49.89
N GLY G 117 -7.83 103.15 48.75
CA GLY G 117 -7.88 103.84 47.48
C GLY G 117 -8.86 105.01 47.43
N VAL G 118 -10.01 104.87 48.08
CA VAL G 118 -10.97 105.95 48.11
C VAL G 118 -10.45 107.12 48.95
N VAL G 119 -9.80 106.80 50.07
CA VAL G 119 -9.30 107.82 50.97
C VAL G 119 -8.20 108.71 50.37
N ARG G 120 -7.29 108.12 49.59
CA ARG G 120 -6.18 108.87 49.01
C ARG G 120 -6.61 109.67 47.79
N ALA G 121 -7.75 109.28 47.21
CA ALA G 121 -8.28 109.95 46.04
C ALA G 121 -8.96 111.25 46.45
N TYR G 122 -9.51 111.26 47.65
CA TYR G 122 -10.19 112.43 48.18
C TYR G 122 -9.18 113.47 48.65
N TYR G 123 -8.23 113.05 49.49
CA TYR G 123 -7.20 113.95 50.00
C TYR G 123 -6.22 114.36 48.89
N ALA G 124 -6.47 113.86 47.69
CA ALA G 124 -5.72 114.23 46.50
C ALA G 124 -6.37 115.43 45.81
N GLY G 125 -7.70 115.45 45.78
CA GLY G 125 -8.44 116.58 45.24
C GLY G 125 -8.72 117.61 46.32
N ARG G 126 -8.55 117.21 47.58
CA ARG G 126 -8.71 118.11 48.71
C ARG G 126 -7.54 119.08 48.74
N ALA G 127 -6.36 118.58 48.47
CA ALA G 127 -5.16 119.41 48.49
C ALA G 127 -4.94 120.12 47.15
N ALA G 128 -5.37 119.47 46.06
CA ALA G 128 -5.19 120.04 44.72
C ALA G 128 -6.22 121.12 44.42
N ALA G 129 -7.17 121.32 45.34
CA ALA G 129 -8.07 122.47 45.28
C ALA G 129 -7.83 123.37 46.49
N GLY G 130 -6.77 123.06 47.24
CA GLY G 130 -6.30 123.88 48.34
C GLY G 130 -7.16 123.85 49.59
N ARG G 131 -8.18 123.01 49.58
CA ARG G 131 -9.10 122.89 50.71
C ARG G 131 -8.43 122.23 51.92
N ALA G 132 -8.32 122.98 53.01
CA ALA G 132 -7.77 122.43 54.24
C ALA G 132 -8.82 121.58 54.94
N PRO G 133 -8.37 120.62 55.76
CA PRO G 133 -9.30 119.90 56.62
C PRO G 133 -9.93 120.83 57.65
N LYS G 134 -11.25 120.75 57.77
CA LYS G 134 -11.97 121.51 58.76
C LYS G 134 -11.87 120.85 60.12
N PRO G 135 -11.56 121.66 61.16
CA PRO G 135 -11.35 121.23 62.54
C PRO G 135 -12.56 120.58 63.25
N TYR G 136 -12.91 119.35 62.90
CA TYR G 136 -13.88 118.58 63.68
C TYR G 136 -13.12 117.61 64.55
N ASP G 137 -13.70 117.27 65.70
CA ASP G 137 -13.27 116.08 66.41
C ASP G 137 -14.25 114.97 66.08
N SER G 138 -13.90 113.74 66.42
CA SER G 138 -14.77 112.61 66.12
C SER G 138 -15.72 112.35 67.28
N ALA G 139 -16.73 111.52 67.05
CA ALA G 139 -17.64 111.10 68.11
C ALA G 139 -16.84 110.58 69.30
N LEU G 140 -15.69 109.99 69.00
CA LEU G 140 -14.79 109.44 70.00
C LEU G 140 -14.28 110.53 70.93
N PHE G 141 -13.67 111.56 70.33
CA PHE G 141 -13.02 112.64 71.08
C PHE G 141 -14.02 113.60 71.74
N ARG G 142 -15.22 113.70 71.17
CA ARG G 142 -16.30 114.43 71.83
C ARG G 142 -16.55 113.77 73.17
N ALA G 143 -17.05 112.53 73.10
CA ALA G 143 -17.30 111.72 74.28
C ALA G 143 -16.03 111.50 75.12
N ALA G 144 -14.87 111.78 74.53
CA ALA G 144 -13.61 111.67 75.24
C ALA G 144 -13.44 112.89 76.13
N ALA G 145 -13.62 114.06 75.51
CA ALA G 145 -13.50 115.33 76.21
C ALA G 145 -14.70 115.56 77.10
N GLU G 146 -15.71 114.71 76.96
CA GLU G 146 -16.87 114.78 77.84
C GLU G 146 -16.85 113.64 78.86
N ASN G 147 -15.69 113.00 78.98
CA ASN G 147 -15.44 111.97 79.98
C ASN G 147 -16.40 110.77 79.95
N ASN G 148 -16.81 110.39 78.74
CA ASN G 148 -17.54 109.16 78.52
C ASN G 148 -16.54 108.08 78.15
N VAL G 149 -15.51 108.50 77.43
CA VAL G 149 -14.41 107.60 77.07
C VAL G 149 -13.17 108.12 77.75
N LYS G 150 -12.26 107.21 78.10
CA LYS G 150 -11.02 107.62 78.73
C LYS G 150 -9.82 107.18 77.88
N ILE G 151 -9.69 107.79 76.71
CA ILE G 151 -8.65 107.45 75.73
C ILE G 151 -7.22 107.51 76.26
N TYR G 152 -6.41 106.52 75.88
CA TYR G 152 -4.98 106.52 76.15
C TYR G 152 -4.23 106.33 74.84
N SER G 153 -2.98 106.77 74.80
CA SER G 153 -2.13 106.57 73.63
C SER G 153 -1.24 105.35 73.92
N ILE G 154 -0.74 104.74 72.85
CA ILE G 154 0.14 103.58 73.01
C ILE G 154 0.98 103.41 71.73
N PHE G 155 2.27 103.12 71.90
CA PHE G 155 3.17 103.05 70.76
C PHE G 155 3.94 101.75 70.69
N GLY G 156 3.97 101.15 69.50
CA GLY G 156 4.57 99.84 69.30
C GLY G 156 6.07 99.88 69.21
N GLY G 157 6.65 98.86 68.59
CA GLY G 157 8.08 98.78 68.39
C GLY G 157 8.44 97.49 67.68
N GLN G 158 9.70 97.08 67.79
CA GLN G 158 10.14 95.84 67.17
C GLN G 158 9.43 94.64 67.76
N GLY G 159 8.58 94.03 66.95
CA GLY G 159 7.81 92.88 67.37
C GLY G 159 7.28 92.07 66.20
N ASN G 160 8.17 91.30 65.57
CA ASN G 160 7.78 90.41 64.47
C ASN G 160 7.26 91.12 63.22
N ILE G 161 7.67 92.37 63.02
CA ILE G 161 7.28 93.08 61.81
C ILE G 161 8.49 93.56 61.03
N GLU G 162 8.72 92.87 59.91
CA GLU G 162 9.78 93.19 58.98
C GLU G 162 9.12 93.86 57.78
N GLU G 163 7.83 94.07 57.91
CA GLU G 163 7.07 94.75 56.88
C GLU G 163 6.77 96.16 57.38
N TYR G 164 7.66 96.69 58.19
CA TYR G 164 7.47 98.02 58.72
C TYR G 164 7.60 99.06 57.61
N PHE G 165 8.58 98.87 56.73
CA PHE G 165 8.80 99.83 55.65
C PHE G 165 7.66 99.78 54.64
N ASP G 166 6.90 98.70 54.66
CA ASP G 166 5.71 98.62 53.83
C ASP G 166 4.65 99.58 54.36
N GLU G 167 4.59 99.72 55.69
CA GLU G 167 3.67 100.65 56.32
C GLU G 167 3.97 102.08 55.89
N LEU G 168 5.25 102.40 55.77
CA LEU G 168 5.66 103.73 55.31
C LEU G 168 5.08 104.04 53.94
N ARG G 169 5.13 103.07 53.04
CA ARG G 169 4.60 103.28 51.71
C ARG G 169 3.10 103.58 51.75
N GLU G 170 2.36 102.83 52.56
CA GLU G 170 0.94 103.11 52.77
C GLU G 170 0.74 104.59 53.12
N ILE G 171 1.56 105.08 54.04
CA ILE G 171 1.49 106.45 54.49
C ILE G 171 1.77 107.41 53.33
N TYR G 172 2.98 107.33 52.80
CA TYR G 172 3.44 108.18 51.71
C TYR G 172 2.48 108.16 50.52
N THR G 173 1.97 106.97 50.20
CA THR G 173 1.03 106.78 49.09
C THR G 173 -0.31 107.43 49.35
N THR G 174 -0.88 107.11 50.51
CA THR G 174 -2.26 107.47 50.83
C THR G 174 -2.41 108.90 51.38
N TYR G 175 -1.48 109.33 52.23
CA TYR G 175 -1.56 110.67 52.83
C TYR G 175 -0.40 111.59 52.41
N PRO G 176 -0.26 111.82 51.09
CA PRO G 176 0.90 112.53 50.54
C PRO G 176 0.99 113.95 51.09
N SER G 177 -0.06 114.72 50.93
CA SER G 177 -0.10 116.09 51.43
C SER G 177 0.36 116.19 52.88
N PHE G 178 -0.36 115.54 53.78
CA PHE G 178 -0.11 115.60 55.21
C PHE G 178 1.33 115.38 55.63
N VAL G 179 1.96 114.36 55.05
CA VAL G 179 3.20 113.85 55.59
C VAL G 179 4.44 114.21 54.78
N GLU G 180 4.27 114.41 53.47
CA GLU G 180 5.39 114.63 52.55
C GLU G 180 6.47 115.52 53.12
N ASP G 181 6.07 116.46 53.96
CA ASP G 181 6.99 117.43 54.55
C ASP G 181 7.97 116.78 55.53
N LEU G 182 7.46 116.27 56.66
CA LEU G 182 8.33 115.66 57.68
C LEU G 182 9.03 114.39 57.19
N ILE G 183 8.42 113.74 56.20
CA ILE G 183 9.10 112.64 55.51
C ILE G 183 10.41 113.20 54.93
N THR G 184 10.30 114.12 54.00
CA THR G 184 11.48 114.66 53.32
C THR G 184 12.53 115.12 54.31
N SER G 185 12.11 115.85 55.34
CA SER G 185 13.03 116.45 56.29
C SER G 185 13.71 115.42 57.18
N ILE G 186 12.90 114.58 57.83
CA ILE G 186 13.45 113.55 58.69
C ILE G 186 14.30 112.59 57.86
N ALA G 187 14.02 112.54 56.56
CA ALA G 187 14.81 111.75 55.63
C ALA G 187 16.21 112.31 55.56
N GLU G 188 16.29 113.59 55.17
CA GLU G 188 17.56 114.27 55.01
C GLU G 188 18.32 114.35 56.33
N LEU G 189 17.57 114.41 57.42
CA LEU G 189 18.15 114.34 58.76
C LEU G 189 18.98 113.06 58.90
N LEU G 190 18.38 111.94 58.50
CA LEU G 190 19.07 110.66 58.59
C LEU G 190 20.24 110.59 57.62
N GLN G 191 20.01 111.01 56.38
CA GLN G 191 21.05 110.97 55.34
C GLN G 191 22.33 111.60 55.81
N SER G 192 22.20 112.59 56.68
CA SER G 192 23.35 113.26 57.25
C SER G 192 23.92 112.47 58.43
N LEU G 193 23.05 111.96 59.29
CA LEU G 193 23.51 111.22 60.46
C LEU G 193 24.23 109.96 60.01
N ALA G 194 23.85 109.50 58.83
CA ALA G 194 24.40 108.26 58.25
C ALA G 194 25.80 108.50 57.72
N ARG G 195 26.09 109.75 57.40
CA ARG G 195 27.40 110.10 56.86
C ARG G 195 28.43 110.25 57.98
N GLU G 196 27.98 110.55 59.19
CA GLU G 196 28.88 110.68 60.31
C GLU G 196 29.77 109.46 60.37
N TRP G 197 31.05 109.66 60.65
CA TRP G 197 32.03 108.58 60.48
C TRP G 197 31.73 107.31 61.32
N ASP G 198 31.14 107.46 62.50
CA ASP G 198 30.81 106.30 63.34
C ASP G 198 29.72 105.45 62.68
N ALA G 199 28.96 106.07 61.80
CA ALA G 199 27.73 105.49 61.26
C ALA G 199 27.89 104.79 59.91
N VAL G 200 28.67 105.37 59.01
CA VAL G 200 28.80 104.84 57.65
C VAL G 200 29.03 103.33 57.62
N LYS G 201 29.75 102.81 58.62
CA LYS G 201 29.96 101.39 58.76
C LYS G 201 28.65 100.61 58.66
N GLN G 202 27.62 101.08 59.35
CA GLN G 202 26.39 100.33 59.50
C GLN G 202 25.43 100.51 58.34
N TYR G 203 25.59 101.57 57.56
CA TYR G 203 24.66 101.81 56.45
C TYR G 203 25.34 101.73 55.10
N PRO G 204 25.97 100.57 54.80
CA PRO G 204 26.68 100.42 53.54
C PRO G 204 25.70 100.46 52.37
N LYS G 205 24.50 99.92 52.58
CA LYS G 205 23.48 99.89 51.54
C LYS G 205 22.79 101.24 51.44
N GLY G 206 23.12 102.14 52.37
CA GLY G 206 22.63 103.50 52.34
C GLY G 206 21.42 103.70 53.23
N LEU G 207 21.13 104.96 53.54
CA LEU G 207 19.99 105.29 54.39
C LEU G 207 19.14 106.39 53.74
N ASP G 208 19.03 106.31 52.42
CA ASP G 208 18.28 107.28 51.62
C ASP G 208 16.81 106.87 51.48
N ILE G 209 16.00 107.19 52.49
CA ILE G 209 14.61 106.74 52.53
C ILE G 209 13.79 107.17 51.32
N LEU G 210 13.91 108.44 50.96
CA LEU G 210 13.15 108.99 49.83
C LEU G 210 13.42 108.24 48.53
N GLN G 211 14.65 107.80 48.33
CA GLN G 211 15.02 107.03 47.15
C GLN G 211 14.21 105.73 47.07
N TRP G 212 14.27 104.94 48.14
CA TRP G 212 13.57 103.67 48.22
C TRP G 212 12.09 103.85 47.95
N LEU G 213 11.51 104.92 48.49
CA LEU G 213 10.10 105.23 48.28
C LEU G 213 9.81 105.54 46.82
N HIS G 214 10.71 106.27 46.16
CA HIS G 214 10.48 106.68 44.79
C HIS G 214 10.67 105.53 43.80
N ASN G 215 11.84 104.89 43.86
CA ASN G 215 12.12 103.72 43.03
C ASN G 215 12.20 102.45 43.88
N PRO G 216 11.10 101.69 43.93
CA PRO G 216 10.96 100.50 44.76
C PRO G 216 12.17 99.57 44.64
N GLU G 217 12.77 99.54 43.46
CA GLU G 217 13.86 98.61 43.17
C GLU G 217 15.10 98.90 43.99
N SER G 218 15.22 100.13 44.44
CA SER G 218 16.38 100.53 45.23
C SER G 218 16.22 100.09 46.68
N GLN G 219 14.98 99.79 47.06
CA GLN G 219 14.71 99.38 48.43
C GLN G 219 15.57 98.18 48.81
N PRO G 220 16.34 98.29 49.91
CA PRO G 220 17.23 97.24 50.39
C PRO G 220 16.53 95.99 50.93
N ASP G 221 17.32 94.92 51.13
CA ASP G 221 16.84 93.64 51.61
C ASP G 221 16.16 93.74 52.97
N THR G 222 15.17 92.88 53.19
CA THR G 222 14.47 92.84 54.48
C THR G 222 15.46 92.67 55.64
N ASP G 223 16.58 92.00 55.39
CA ASP G 223 17.59 91.83 56.41
C ASP G 223 18.17 93.17 56.83
N TYR G 224 18.44 94.00 55.83
CA TYR G 224 18.99 95.33 56.05
C TYR G 224 18.05 96.20 56.86
N LEU G 225 16.82 96.38 56.37
CA LEU G 225 15.87 97.27 57.02
C LEU G 225 15.54 96.86 58.47
N VAL G 226 15.67 95.57 58.77
CA VAL G 226 15.30 95.04 60.08
C VAL G 226 16.36 95.30 61.15
N SER G 227 17.59 95.52 60.70
CA SER G 227 18.69 95.80 61.60
C SER G 227 18.36 96.99 62.47
N ALA G 228 18.86 96.98 63.70
CA ALA G 228 18.60 98.09 64.62
C ALA G 228 18.91 99.47 64.02
N PRO G 229 20.17 99.70 63.57
CA PRO G 229 20.57 101.02 63.08
C PRO G 229 19.69 101.59 61.98
N VAL G 230 18.85 100.77 61.36
CA VAL G 230 17.93 101.31 60.36
C VAL G 230 16.51 101.16 60.85
N SER G 231 16.23 100.04 61.50
CA SER G 231 14.91 99.74 62.01
C SER G 231 14.43 100.86 62.91
N PHE G 232 15.13 101.08 64.01
CA PHE G 232 14.75 102.07 65.01
C PHE G 232 14.23 103.38 64.41
N PRO G 233 15.12 104.19 63.85
CA PRO G 233 14.71 105.55 63.47
C PRO G 233 13.63 105.50 62.41
N LEU G 234 13.85 104.67 61.41
CA LEU G 234 12.94 104.55 60.29
C LEU G 234 11.53 104.25 60.80
N ILE G 235 11.45 103.38 61.80
CA ILE G 235 10.16 103.01 62.39
C ILE G 235 9.50 104.19 63.08
N GLY G 236 10.29 104.89 63.89
CA GLY G 236 9.82 106.08 64.58
C GLY G 236 9.11 107.00 63.62
N LEU G 237 9.72 107.20 62.45
CA LEU G 237 9.13 108.04 61.41
C LEU G 237 7.72 107.59 61.05
N VAL G 238 7.50 106.27 61.08
CA VAL G 238 6.19 105.73 60.74
C VAL G 238 5.21 105.94 61.87
N GLN G 239 5.70 105.90 63.11
CA GLN G 239 4.85 106.14 64.28
C GLN G 239 4.47 107.61 64.38
N LEU G 240 5.41 108.48 64.01
CA LEU G 240 5.16 109.90 63.95
C LEU G 240 4.09 110.17 62.92
N ALA G 241 4.37 109.74 61.69
CA ALA G 241 3.48 109.97 60.56
C ALA G 241 2.04 109.52 60.84
N HIS G 242 1.89 108.59 61.76
CA HIS G 242 0.55 108.16 62.13
C HIS G 242 -0.11 109.20 63.03
N TYR G 243 0.54 109.53 64.14
CA TYR G 243 0.07 110.58 65.05
C TYR G 243 -0.19 111.86 64.28
N MET G 244 0.74 112.18 63.38
CA MET G 244 0.65 113.35 62.52
C MET G 244 -0.61 113.28 61.65
N ILE G 245 -0.83 112.13 61.01
CA ILE G 245 -1.97 111.94 60.12
C ILE G 245 -3.30 111.97 60.86
N THR G 246 -3.30 111.50 62.11
CA THR G 246 -4.50 111.50 62.93
C THR G 246 -4.96 112.92 63.24
N CYS G 247 -4.07 113.70 63.84
CA CYS G 247 -4.33 115.10 64.16
C CYS G 247 -4.74 115.84 62.91
N LYS G 248 -3.90 115.75 61.88
CA LYS G 248 -4.11 116.48 60.62
C LYS G 248 -5.45 116.19 59.96
N THR G 249 -5.88 114.94 60.01
CA THR G 249 -7.14 114.56 59.37
C THR G 249 -8.33 115.14 60.12
N LEU G 250 -8.17 115.27 61.43
CA LEU G 250 -9.18 115.91 62.26
C LEU G 250 -9.22 117.42 62.01
N GLY G 251 -8.15 117.97 61.42
CA GLY G 251 -8.02 119.41 61.24
C GLY G 251 -7.58 120.06 62.54
N ARG G 252 -6.74 119.35 63.30
CA ARG G 252 -6.32 119.76 64.63
C ARG G 252 -4.85 120.13 64.68
N GLU G 253 -4.40 120.58 65.84
CA GLU G 253 -2.99 120.81 66.12
C GLU G 253 -2.47 119.66 66.99
N PRO G 254 -1.16 119.44 66.99
CA PRO G 254 -0.55 118.39 67.82
C PRO G 254 -0.90 118.53 69.30
N GLY G 255 -1.25 119.73 69.73
CA GLY G 255 -1.62 119.94 71.11
C GLY G 255 -3.08 119.62 71.34
N GLU G 256 -3.86 119.63 70.27
CA GLU G 256 -5.29 119.38 70.35
C GLU G 256 -5.59 117.93 70.73
N LEU G 257 -5.00 117.00 69.99
CA LEU G 257 -5.11 115.57 70.33
C LEU G 257 -4.31 115.25 71.59
N LEU G 258 -3.11 115.83 71.71
CA LEU G 258 -2.25 115.59 72.87
C LEU G 258 -3.00 115.89 74.15
N GLU G 259 -3.95 116.81 74.08
CA GLU G 259 -4.69 117.21 75.27
C GLU G 259 -5.80 116.21 75.57
N ARG G 260 -6.35 115.61 74.53
CA ARG G 260 -7.51 114.74 74.66
C ARG G 260 -7.21 113.27 74.93
N PHE G 261 -5.99 112.97 75.37
CA PHE G 261 -5.65 111.63 75.87
C PHE G 261 -5.46 111.74 77.38
N SER G 262 -5.03 110.66 78.02
CA SER G 262 -4.84 110.70 79.47
C SER G 262 -3.47 110.16 79.85
N GLY G 263 -2.84 109.47 78.91
CA GLY G 263 -1.55 108.87 79.18
C GLY G 263 -1.02 108.16 77.95
N THR G 264 0.28 108.25 77.76
CA THR G 264 0.93 107.60 76.64
C THR G 264 2.06 106.73 77.16
N THR G 265 2.28 105.58 76.51
CA THR G 265 3.44 104.74 76.79
C THR G 265 3.90 104.13 75.47
N GLY G 266 5.09 103.57 75.45
CA GLY G 266 5.60 102.92 74.26
C GLY G 266 6.15 101.55 74.59
N HIS G 267 6.35 100.73 73.57
CA HIS G 267 6.95 99.40 73.75
C HIS G 267 8.42 99.42 73.36
N SER G 268 9.30 99.47 74.35
CA SER G 268 10.74 99.62 74.12
C SER G 268 11.05 100.87 73.28
N GLN G 269 11.28 100.66 71.99
CA GLN G 269 11.65 101.73 71.06
C GLN G 269 10.57 102.79 70.88
N GLY G 270 9.34 102.44 71.22
CA GLY G 270 8.21 103.36 71.09
C GLY G 270 8.10 104.40 72.18
N ILE G 271 8.71 104.11 73.34
CA ILE G 271 8.63 105.01 74.48
C ILE G 271 9.27 106.35 74.16
N VAL G 272 10.13 106.36 73.16
CA VAL G 272 10.78 107.58 72.72
C VAL G 272 9.80 108.49 71.97
N VAL G 273 9.13 107.95 70.96
CA VAL G 273 8.15 108.72 70.21
C VAL G 273 6.97 109.09 71.09
N ALA G 274 6.76 108.31 72.15
CA ALA G 274 5.65 108.53 73.07
C ALA G 274 5.92 109.73 73.97
N ALA G 275 7.13 109.79 74.52
CA ALA G 275 7.54 110.90 75.36
C ALA G 275 7.66 112.17 74.52
N ALA G 276 8.18 112.01 73.30
CA ALA G 276 8.40 113.14 72.39
C ALA G 276 7.13 113.66 71.74
N ILE G 277 6.10 112.83 71.68
CA ILE G 277 4.83 113.27 71.11
C ILE G 277 4.09 114.08 72.18
N ALA G 278 4.46 113.86 73.44
CA ALA G 278 3.87 114.54 74.59
C ALA G 278 4.51 115.92 74.79
N THR G 279 5.52 116.20 73.99
CA THR G 279 6.15 117.51 73.98
C THR G 279 5.34 118.46 73.11
N ALA G 280 5.23 118.12 71.83
CA ALA G 280 4.67 119.01 70.82
C ALA G 280 3.24 119.53 71.05
N ARG G 281 3.06 120.83 70.83
CA ARG G 281 1.74 121.44 70.80
C ARG G 281 1.56 122.16 69.46
N THR G 282 2.65 122.73 68.94
CA THR G 282 2.62 123.41 67.66
C THR G 282 2.97 122.42 66.58
N TRP G 283 2.73 122.78 65.32
CA TRP G 283 3.22 121.98 64.20
C TRP G 283 4.72 122.19 64.07
N ASP G 284 5.17 123.35 64.53
CA ASP G 284 6.58 123.68 64.59
C ASP G 284 7.19 122.95 65.78
N GLU G 285 6.43 122.89 66.87
CA GLU G 285 6.85 122.23 68.09
C GLU G 285 6.80 120.71 67.91
N PHE G 286 6.00 120.29 66.94
CA PHE G 286 5.91 118.87 66.57
C PHE G 286 7.16 118.48 65.82
N ALA G 287 7.41 119.15 64.70
CA ALA G 287 8.59 118.89 63.91
C ALA G 287 9.89 118.93 64.73
N THR G 288 9.90 119.71 65.80
CA THR G 288 11.05 119.78 66.70
C THR G 288 11.25 118.46 67.44
N ALA G 289 10.23 118.05 68.19
CA ALA G 289 10.28 116.80 68.93
C ALA G 289 10.41 115.59 67.98
N ALA G 290 10.06 115.80 66.71
CA ALA G 290 10.11 114.76 65.67
C ALA G 290 11.54 114.44 65.24
N LYS G 291 12.32 115.49 65.00
CA LYS G 291 13.74 115.33 64.71
C LYS G 291 14.48 114.89 65.96
N ARG G 292 13.89 115.19 67.12
CA ARG G 292 14.46 114.79 68.40
C ARG G 292 14.39 113.30 68.59
N ALA G 293 13.18 112.76 68.53
CA ALA G 293 12.99 111.33 68.65
C ALA G 293 13.78 110.57 67.59
N VAL G 294 13.57 110.92 66.32
CA VAL G 294 14.19 110.22 65.20
C VAL G 294 15.70 110.08 65.34
N GLU G 295 16.38 111.21 65.56
CA GLU G 295 17.82 111.20 65.71
C GLU G 295 18.22 110.49 67.01
N LEU G 296 17.33 110.51 68.00
CA LEU G 296 17.57 109.79 69.24
C LEU G 296 17.64 108.29 68.96
N LEU G 297 16.59 107.77 68.32
CA LEU G 297 16.53 106.36 67.91
C LEU G 297 17.73 105.97 67.07
N PHE G 298 18.08 106.84 66.13
CA PHE G 298 19.26 106.66 65.30
C PHE G 298 20.49 106.29 66.13
N TRP G 299 20.72 107.02 67.21
CA TRP G 299 21.90 106.76 68.00
C TRP G 299 21.72 105.63 69.01
N ILE G 300 20.49 105.40 69.44
CA ILE G 300 20.24 104.28 70.33
C ILE G 300 20.52 102.97 69.61
N GLY G 301 19.87 102.79 68.45
CA GLY G 301 20.06 101.59 67.66
C GLY G 301 21.47 101.46 67.17
N LEU G 302 22.00 102.55 66.62
CA LEU G 302 23.36 102.55 66.09
C LEU G 302 24.39 102.05 67.13
N ARG G 303 24.49 102.75 68.26
CA ARG G 303 25.51 102.44 69.24
C ARG G 303 25.24 101.10 69.91
N SER G 304 23.98 100.71 69.96
CA SER G 304 23.63 99.40 70.50
C SER G 304 24.20 98.29 69.64
N GLN G 305 24.05 98.44 68.32
CA GLN G 305 24.54 97.44 67.38
C GLN G 305 26.04 97.23 67.50
N GLN G 306 26.77 98.31 67.72
CA GLN G 306 28.23 98.29 67.79
C GLN G 306 28.74 97.69 69.12
N ALA G 307 27.88 97.73 70.14
CA ALA G 307 28.19 97.12 71.43
C ALA G 307 28.24 95.61 71.33
N TYR G 308 27.11 95.02 70.95
CA TYR G 308 27.04 93.58 70.69
C TYR G 308 26.63 93.36 69.22
N PRO G 309 27.63 93.41 68.33
CA PRO G 309 27.40 93.20 66.91
C PRO G 309 27.04 91.74 66.67
N ARG G 310 26.51 91.48 65.49
CA ARG G 310 26.13 90.13 65.12
C ARG G 310 27.37 89.25 64.92
N THR G 311 27.40 88.11 65.57
CA THR G 311 28.42 87.11 65.30
C THR G 311 27.87 86.00 64.41
N SER G 312 28.75 85.42 63.59
CA SER G 312 28.37 84.29 62.75
C SER G 312 28.23 83.04 63.62
N LEU G 313 27.38 82.12 63.19
CA LEU G 313 27.07 80.94 63.99
C LEU G 313 27.46 79.67 63.26
N ALA G 314 27.47 78.55 63.97
CA ALA G 314 27.66 77.26 63.34
C ALA G 314 26.54 77.00 62.31
N PRO G 315 26.91 76.72 61.05
CA PRO G 315 25.91 76.58 59.98
C PRO G 315 24.96 75.41 60.26
N SER G 316 25.46 74.46 61.05
CA SER G 316 24.70 73.30 61.48
C SER G 316 23.61 73.69 62.47
N THR G 317 24.03 74.17 63.65
CA THR G 317 23.11 74.64 64.68
C THR G 317 22.23 75.78 64.14
N LEU G 318 22.60 76.29 62.97
CA LEU G 318 21.84 77.33 62.30
C LEU G 318 20.61 76.75 61.62
N GLN G 319 20.83 75.84 60.67
CA GLN G 319 19.70 75.17 60.04
C GLN G 319 18.87 74.45 61.08
N ASP G 320 19.54 73.81 62.04
CA ASP G 320 18.84 73.18 63.16
C ASP G 320 17.74 74.08 63.71
N SER G 321 18.13 75.20 64.30
CA SER G 321 17.15 76.14 64.87
C SER G 321 16.04 76.47 63.91
N VAL G 322 16.34 76.45 62.62
CA VAL G 322 15.36 76.82 61.61
C VAL G 322 14.32 75.72 61.35
N GLU G 323 14.81 74.49 61.22
CA GLU G 323 13.95 73.34 60.94
C GLU G 323 13.09 72.98 62.14
N ASN G 324 13.63 73.20 63.34
CA ASN G 324 12.96 72.80 64.57
C ASN G 324 11.80 73.71 64.98
N GLY G 325 11.34 74.53 64.04
CA GLY G 325 10.21 75.41 64.28
C GLY G 325 10.58 76.79 64.76
N GLU G 326 11.84 76.97 65.14
CA GLU G 326 12.35 78.25 65.63
C GLU G 326 12.87 79.08 64.45
N GLY G 327 13.41 80.25 64.74
CA GLY G 327 13.89 81.11 63.68
C GLY G 327 15.39 81.08 63.54
N THR G 328 15.91 81.95 62.68
CA THR G 328 17.34 82.19 62.62
C THR G 328 17.73 82.84 63.94
N PRO G 329 18.75 82.30 64.61
CA PRO G 329 19.12 82.71 65.97
C PRO G 329 19.50 84.17 66.09
N THR G 330 18.88 84.87 67.04
CA THR G 330 19.22 86.26 67.37
C THR G 330 19.47 86.39 68.88
N PRO G 331 19.60 87.61 69.40
CA PRO G 331 19.74 87.77 70.85
C PRO G 331 18.39 87.88 71.56
N MET G 332 17.30 87.80 70.80
CA MET G 332 15.95 88.02 71.32
C MET G 332 15.02 86.83 71.08
N LEU G 333 14.77 86.06 72.13
CA LEU G 333 13.99 84.82 72.07
C LEU G 333 12.57 85.05 72.62
N SER G 334 11.58 84.46 71.98
CA SER G 334 10.20 84.57 72.45
C SER G 334 9.69 83.25 73.05
N ILE G 335 8.93 83.36 74.13
CA ILE G 335 8.36 82.18 74.77
C ILE G 335 6.90 82.44 75.13
N ARG G 336 6.02 82.24 74.17
CA ARG G 336 4.58 82.31 74.43
C ARG G 336 4.04 81.06 75.13
N ASP G 337 2.83 81.18 75.67
CA ASP G 337 2.09 80.07 76.29
C ASP G 337 2.79 79.36 77.48
N LEU G 338 3.91 79.91 77.95
CA LEU G 338 4.63 79.28 79.05
C LEU G 338 4.83 80.26 80.20
N THR G 339 4.45 79.83 81.41
CA THR G 339 4.49 80.69 82.59
C THR G 339 5.89 81.01 83.12
N ARG G 340 6.07 82.26 83.57
CA ARG G 340 7.35 82.75 84.08
C ARG G 340 7.99 81.79 85.08
N SER G 341 7.17 81.25 85.97
CA SER G 341 7.62 80.28 86.95
C SER G 341 8.56 79.29 86.27
N ALA G 342 8.01 78.57 85.29
CA ALA G 342 8.73 77.56 84.52
C ALA G 342 9.84 78.16 83.64
N VAL G 343 9.50 79.19 82.86
CA VAL G 343 10.45 79.81 81.95
C VAL G 343 11.77 80.12 82.65
N GLN G 344 11.68 80.59 83.89
CA GLN G 344 12.88 80.94 84.63
C GLN G 344 13.64 79.70 85.06
N GLU G 345 12.91 78.64 85.38
CA GLU G 345 13.54 77.40 85.81
C GLU G 345 14.41 76.83 84.69
N HIS G 346 13.91 76.92 83.45
CA HIS G 346 14.65 76.48 82.28
C HIS G 346 15.81 77.43 82.01
N ILE G 347 15.56 78.72 82.21
CA ILE G 347 16.62 79.72 82.10
C ILE G 347 17.69 79.47 83.16
N ASP G 348 17.28 78.97 84.33
CA ASP G 348 18.18 78.67 85.45
C ASP G 348 19.11 77.52 85.13
N ALA G 349 18.54 76.42 84.65
CA ALA G 349 19.33 75.26 84.31
C ALA G 349 20.34 75.58 83.21
N THR G 350 19.89 76.35 82.23
CA THR G 350 20.76 76.75 81.12
C THR G 350 21.93 77.62 81.57
N ASN G 351 21.63 78.67 82.34
CA ASN G 351 22.66 79.55 82.89
C ASN G 351 23.61 78.82 83.85
N GLN G 352 23.16 77.67 84.35
CA GLN G 352 23.97 76.84 85.20
C GLN G 352 25.31 76.48 84.52
N HIS G 353 25.22 75.90 83.33
CA HIS G 353 26.40 75.38 82.64
C HIS G 353 27.14 76.43 81.83
N LEU G 354 26.54 77.60 81.67
CA LEU G 354 27.15 78.68 80.89
C LEU G 354 28.07 79.54 81.74
N PRO G 355 29.09 80.16 81.11
CA PRO G 355 29.95 81.18 81.73
C PRO G 355 29.16 82.46 81.95
N GLU G 356 29.51 83.22 82.98
CA GLU G 356 28.76 84.42 83.32
C GLU G 356 28.64 85.36 82.13
N ASP G 357 29.65 85.36 81.26
CA ASP G 357 29.66 86.22 80.09
C ASP G 357 28.39 86.05 79.27
N ARG G 358 28.07 84.80 78.96
CA ARG G 358 26.96 84.48 78.05
C ARG G 358 25.76 83.89 78.77
N HIS G 359 25.33 84.52 79.84
CA HIS G 359 24.12 84.09 80.52
C HIS G 359 22.87 84.58 79.79
N ILE G 360 21.73 84.36 80.41
CA ILE G 360 20.44 84.58 79.75
C ILE G 360 19.46 85.27 80.67
N GLY G 361 18.97 86.42 80.23
CA GLY G 361 18.04 87.20 81.03
C GLY G 361 16.64 87.19 80.46
N ILE G 362 15.70 87.76 81.21
CA ILE G 362 14.33 87.88 80.76
C ILE G 362 14.09 89.32 80.29
N SER G 363 14.11 89.54 78.97
CA SER G 363 14.11 90.90 78.42
C SER G 363 12.83 91.66 78.66
N LEU G 364 11.69 91.05 78.37
CA LEU G 364 10.41 91.69 78.62
C LEU G 364 9.32 90.71 79.05
N VAL G 365 8.39 91.21 79.85
CA VAL G 365 7.23 90.44 80.31
C VAL G 365 5.98 91.05 79.71
N ASN G 366 5.52 90.49 78.60
CA ASN G 366 4.41 91.08 77.86
C ASN G 366 3.04 90.59 78.32
N SER G 367 3.05 89.52 79.12
CA SER G 367 1.88 89.02 79.85
C SER G 367 2.34 87.95 80.84
N ALA G 368 1.40 87.29 81.51
CA ALA G 368 1.78 86.26 82.47
C ALA G 368 2.33 84.99 81.80
N ARG G 369 2.00 84.81 80.53
CA ARG G 369 2.45 83.65 79.77
C ARG G 369 3.22 84.03 78.50
N ASN G 370 3.41 85.32 78.28
CA ASN G 370 4.22 85.82 77.16
C ASN G 370 5.50 86.51 77.64
N PHE G 371 6.65 86.08 77.14
CA PHE G 371 7.92 86.67 77.53
C PHE G 371 8.87 86.84 76.35
N VAL G 372 10.04 87.39 76.64
CA VAL G 372 11.14 87.46 75.71
C VAL G 372 12.42 87.22 76.52
N VAL G 373 13.43 86.63 75.89
CA VAL G 373 14.67 86.32 76.59
C VAL G 373 15.88 86.80 75.77
N THR G 374 16.89 87.33 76.45
CA THR G 374 18.13 87.75 75.80
C THR G 374 19.38 87.08 76.35
N GLY G 375 20.49 87.34 75.67
CA GLY G 375 21.74 86.65 75.91
C GLY G 375 22.34 86.42 74.53
N PRO G 376 23.55 85.85 74.50
CA PRO G 376 24.15 85.61 73.18
C PRO G 376 23.28 84.62 72.44
N PRO G 377 23.09 84.84 71.13
CA PRO G 377 22.23 83.93 70.37
C PRO G 377 22.67 82.50 70.58
N ILE G 378 23.99 82.32 70.70
CA ILE G 378 24.61 81.01 70.81
C ILE G 378 24.17 80.24 72.05
N SER G 379 23.88 80.96 73.13
CA SER G 379 23.45 80.33 74.36
C SER G 379 21.92 80.34 74.48
N LEU G 380 21.27 81.22 73.73
CA LEU G 380 19.81 81.24 73.61
C LEU G 380 19.37 79.96 72.95
N TYR G 381 20.17 79.51 71.99
CA TYR G 381 20.01 78.24 71.33
C TYR G 381 19.97 77.09 72.33
N GLY G 382 20.92 77.09 73.27
CA GLY G 382 21.02 76.06 74.29
C GLY G 382 19.83 76.00 75.23
N LEU G 383 18.99 77.04 75.19
CA LEU G 383 17.73 77.04 75.92
C LEU G 383 16.69 76.30 75.09
N ASN G 384 16.70 76.56 73.78
CA ASN G 384 15.82 75.89 72.83
C ASN G 384 16.03 74.40 72.80
N LEU G 385 17.27 73.97 72.97
CA LEU G 385 17.60 72.55 72.99
C LEU G 385 16.88 71.88 74.16
N ARG G 386 17.00 72.46 75.35
CA ARG G 386 16.27 71.96 76.51
C ARG G 386 14.75 72.06 76.30
N LEU G 387 14.29 73.18 75.77
CA LEU G 387 12.86 73.41 75.57
C LEU G 387 12.20 72.37 74.68
N ARG G 388 12.88 72.02 73.59
CA ARG G 388 12.35 71.04 72.65
C ARG G 388 12.20 69.68 73.32
N LYS G 389 13.17 69.33 74.17
CA LYS G 389 13.12 68.07 74.90
C LYS G 389 11.96 67.98 75.89
N VAL G 390 11.37 69.12 76.22
CA VAL G 390 10.29 69.14 77.21
C VAL G 390 8.91 69.22 76.56
N LYS G 391 8.79 70.04 75.53
CA LYS G 391 7.49 70.22 74.87
C LYS G 391 7.16 69.03 73.98
N ALA G 392 5.87 68.89 73.67
CA ALA G 392 5.40 67.78 72.86
C ALA G 392 5.10 68.21 71.43
N PRO G 393 5.21 67.26 70.49
CA PRO G 393 4.88 67.45 69.08
C PRO G 393 3.47 68.02 68.92
N THR G 394 3.18 68.63 67.77
CA THR G 394 1.84 69.14 67.52
C THR G 394 0.90 68.00 67.16
N GLY G 395 1.47 66.81 66.99
CA GLY G 395 0.69 65.63 66.68
C GLY G 395 0.06 65.02 67.91
N LEU G 396 0.88 64.74 68.93
CA LEU G 396 0.45 64.00 70.12
C LEU G 396 -0.94 64.40 70.57
N ASP G 397 -1.86 63.43 70.54
CA ASP G 397 -3.19 63.60 71.12
C ASP G 397 -3.11 63.24 72.60
N GLN G 398 -3.70 64.08 73.43
CA GLN G 398 -3.57 63.92 74.87
C GLN G 398 -4.94 63.88 75.55
N ASN G 399 -5.99 63.86 74.73
CA ASN G 399 -7.36 63.83 75.25
C ASN G 399 -7.61 62.58 76.07
N ARG G 400 -6.59 61.73 76.15
CA ARG G 400 -6.71 60.48 76.89
C ARG G 400 -5.64 60.41 77.97
N ILE G 401 -5.05 61.57 78.27
CA ILE G 401 -4.05 61.67 79.33
C ILE G 401 -4.51 62.58 80.47
N PRO G 402 -4.36 62.10 81.71
CA PRO G 402 -4.61 62.93 82.89
C PRO G 402 -3.95 64.29 82.71
N PHE G 403 -4.68 65.35 83.05
CA PHE G 403 -4.22 66.71 82.79
C PHE G 403 -2.92 67.09 83.49
N THR G 404 -2.83 66.77 84.77
CA THR G 404 -1.66 67.09 85.55
C THR G 404 -0.41 66.39 85.03
N GLN G 405 -0.59 65.48 84.07
CA GLN G 405 0.50 64.65 83.60
C GLN G 405 0.87 64.85 82.12
N ARG G 406 0.12 65.69 81.41
CA ARG G 406 0.39 65.93 80.00
C ARG G 406 1.73 66.66 79.75
N LYS G 407 2.03 66.90 78.48
CA LYS G 407 3.19 67.71 78.10
C LYS G 407 2.73 69.10 77.71
N ALA G 408 3.38 70.12 78.26
CA ALA G 408 2.97 71.49 78.00
C ALA G 408 3.25 71.88 76.55
N ARG G 409 2.24 72.47 75.90
CA ARG G 409 2.37 72.93 74.52
C ARG G 409 2.63 74.43 74.45
N PHE G 410 3.90 74.81 74.34
CA PHE G 410 4.28 76.21 74.19
C PHE G 410 4.92 76.49 72.84
N VAL G 411 5.17 77.76 72.57
CA VAL G 411 5.73 78.20 71.30
C VAL G 411 6.97 79.05 71.47
N ASN G 412 8.15 78.44 71.43
CA ASN G 412 9.38 79.22 71.44
C ASN G 412 9.87 79.53 70.03
N ARG G 413 10.51 80.69 69.87
CA ARG G 413 10.98 81.16 68.56
C ARG G 413 11.78 82.48 68.63
N PHE G 414 12.85 82.57 67.86
CA PHE G 414 13.65 83.79 67.84
C PHE G 414 12.87 84.96 67.23
N LEU G 415 13.37 86.17 67.45
CA LEU G 415 12.73 87.39 66.97
C LEU G 415 13.66 88.20 66.09
N PRO G 416 13.10 88.92 65.11
CA PRO G 416 13.84 89.70 64.12
C PRO G 416 14.57 90.92 64.71
N ILE G 417 15.17 90.76 65.89
CA ILE G 417 15.80 91.88 66.58
C ILE G 417 17.33 91.72 66.66
N THR G 418 18.04 92.77 66.23
CA THR G 418 19.46 92.71 65.90
C THR G 418 20.43 92.82 67.08
N ALA G 419 19.91 93.09 68.28
CA ALA G 419 20.77 93.35 69.42
C ALA G 419 20.10 93.07 70.75
N PRO G 420 20.92 92.75 71.76
CA PRO G 420 20.50 92.35 73.13
C PRO G 420 20.00 93.51 73.96
N PHE G 421 18.74 93.89 73.79
CA PHE G 421 18.18 94.98 74.57
C PHE G 421 17.68 94.51 75.92
N HIS G 422 17.64 95.41 76.89
CA HIS G 422 17.19 95.09 78.23
C HIS G 422 18.07 94.01 78.84
N SER G 423 19.37 94.16 78.66
CA SER G 423 20.36 93.23 79.20
C SER G 423 21.71 93.90 79.47
N PRO G 424 22.46 93.36 80.43
CA PRO G 424 23.81 93.78 80.82
C PRO G 424 24.79 93.83 79.65
N TYR G 425 24.32 93.44 78.47
CA TYR G 425 25.18 93.32 77.29
C TYR G 425 25.32 94.64 76.54
N LEU G 426 24.25 95.41 76.50
CA LEU G 426 24.29 96.72 75.87
C LEU G 426 24.80 97.77 76.84
N ALA G 427 25.73 97.37 77.71
CA ALA G 427 26.30 98.27 78.71
C ALA G 427 27.08 99.42 78.06
N GLY G 428 28.19 99.08 77.39
CA GLY G 428 29.06 100.06 76.79
C GLY G 428 28.37 101.02 75.83
N ALA G 429 27.23 100.59 75.29
CA ALA G 429 26.50 101.39 74.30
C ALA G 429 25.84 102.61 74.91
N HIS G 430 25.34 102.46 76.14
CA HIS G 430 24.59 103.51 76.82
C HIS G 430 25.36 104.82 76.94
N ALA G 431 26.56 104.74 77.50
CA ALA G 431 27.43 105.90 77.64
C ALA G 431 27.58 106.63 76.30
N HIS G 432 28.10 105.92 75.29
CA HIS G 432 28.28 106.49 73.96
C HIS G 432 27.07 107.27 73.49
N ILE G 433 25.89 106.68 73.58
CA ILE G 433 24.64 107.30 73.13
C ILE G 433 24.45 108.67 73.78
N LEU G 434 24.62 108.72 75.09
CA LEU G 434 24.39 109.95 75.86
C LEU G 434 25.19 111.12 75.29
N GLY G 435 26.44 110.87 74.93
CA GLY G 435 27.33 111.90 74.42
C GLY G 435 26.95 112.41 73.03
N ASP G 436 26.12 111.65 72.32
CA ASP G 436 25.65 112.06 70.99
C ASP G 436 24.44 112.98 71.14
N VAL G 437 23.80 112.91 72.30
CA VAL G 437 22.48 113.49 72.48
C VAL G 437 22.40 114.56 73.60
N ASP G 438 23.53 114.90 74.23
CA ASP G 438 23.53 115.92 75.28
C ASP G 438 23.06 117.28 74.78
N ASP G 439 23.19 117.49 73.46
CA ASP G 439 22.72 118.69 72.78
C ASP G 439 21.24 118.93 73.04
N MET G 440 20.43 117.93 72.72
CA MET G 440 19.00 118.02 72.97
C MET G 440 18.66 117.63 74.42
N LYS G 441 17.63 118.27 74.94
CA LYS G 441 17.23 118.10 76.33
C LYS G 441 15.72 118.10 76.43
N ILE G 442 15.14 116.96 76.77
CA ILE G 442 13.70 116.88 76.99
C ILE G 442 13.41 116.70 78.48
N PRO G 443 13.12 117.80 79.18
CA PRO G 443 12.94 117.76 80.63
C PRO G 443 11.55 117.29 81.07
N ALA G 444 11.48 116.72 82.26
CA ALA G 444 10.24 116.16 82.81
C ALA G 444 9.04 117.09 82.67
N SER G 445 9.30 118.37 82.50
CA SER G 445 8.24 119.36 82.44
C SER G 445 7.53 119.37 81.11
N SER G 446 8.31 119.32 80.03
CA SER G 446 7.75 119.43 78.67
C SER G 446 6.82 118.26 78.29
N LEU G 447 6.48 117.44 79.27
CA LEU G 447 5.52 116.37 79.08
C LEU G 447 4.12 116.84 79.46
N VAL G 448 3.33 117.19 78.44
CA VAL G 448 1.91 117.56 78.61
C VAL G 448 1.12 116.45 79.28
N ILE G 449 1.01 115.33 78.58
CA ILE G 449 0.29 114.16 79.07
C ILE G 449 1.27 113.16 79.66
N PRO G 450 0.89 112.55 80.80
CA PRO G 450 1.75 111.61 81.51
C PRO G 450 2.46 110.61 80.59
N VAL G 451 3.74 110.38 80.87
CA VAL G 451 4.54 109.41 80.10
C VAL G 451 5.03 108.32 81.06
N TYR G 452 4.40 107.14 80.98
CA TYR G 452 4.64 106.06 81.92
C TYR G 452 5.89 105.25 81.61
N ASP G 453 6.79 105.19 82.60
CA ASP G 453 8.05 104.47 82.48
C ASP G 453 7.87 103.05 81.93
N THR G 454 8.93 102.52 81.34
CA THR G 454 8.95 101.15 80.82
C THR G 454 9.04 100.10 81.94
N LYS G 455 10.06 100.20 82.80
CA LYS G 455 10.24 99.24 83.89
C LYS G 455 9.23 99.38 85.03
N THR G 456 8.93 100.61 85.44
CA THR G 456 7.90 100.84 86.46
C THR G 456 6.85 101.79 85.96
N GLY G 457 5.60 101.52 86.31
CA GLY G 457 4.46 102.24 85.77
C GLY G 457 4.47 103.75 85.90
N GLN G 458 5.30 104.28 86.78
CA GLN G 458 5.24 105.70 87.13
C GLN G 458 5.57 106.69 86.01
N ASP G 459 5.21 107.95 86.23
CA ASP G 459 5.38 108.99 85.21
C ASP G 459 6.81 109.41 85.01
N LEU G 460 7.01 110.21 83.99
CA LEU G 460 8.28 110.86 83.77
C LEU G 460 8.16 112.34 84.13
N ARG G 461 6.93 112.78 84.39
CA ARG G 461 6.70 114.15 84.82
C ARG G 461 7.05 114.30 86.30
N GLU G 462 7.03 113.18 87.02
CA GLU G 462 7.40 113.12 88.43
C GLU G 462 8.91 113.28 88.62
N LEU G 463 9.56 113.94 87.66
CA LEU G 463 10.98 114.23 87.75
C LEU G 463 11.21 115.72 87.74
N GLY G 464 12.32 116.14 88.36
CA GLY G 464 12.67 117.54 88.47
C GLY G 464 13.11 118.14 87.15
N ASP G 465 12.56 117.61 86.05
CA ASP G 465 12.83 118.13 84.71
C ASP G 465 14.23 117.81 84.24
N GLU G 466 14.69 116.60 84.53
CA GLU G 466 15.97 116.14 84.02
C GLU G 466 15.83 115.99 82.51
N ASP G 467 16.95 115.99 81.82
CA ASP G 467 16.95 115.60 80.43
C ASP G 467 16.33 114.19 80.41
N ILE G 468 15.31 113.99 79.57
CA ILE G 468 14.63 112.70 79.48
C ILE G 468 15.51 111.64 78.82
N ILE G 469 16.30 112.06 77.85
CA ILE G 469 17.24 111.18 77.14
C ILE G 469 17.85 110.08 78.03
N PRO G 470 18.48 110.45 79.16
CA PRO G 470 19.12 109.51 80.10
C PRO G 470 18.20 108.42 80.62
N GLU G 471 16.97 108.78 80.99
CA GLU G 471 16.03 107.78 81.48
C GLU G 471 15.56 106.88 80.34
N LEU G 472 15.20 107.50 79.21
CA LEU G 472 14.77 106.76 78.03
C LEU G 472 15.78 105.69 77.62
N VAL G 473 17.04 106.09 77.47
CA VAL G 473 18.08 105.18 77.00
C VAL G 473 18.30 103.97 77.93
N ARG G 474 18.17 104.15 79.24
CA ARG G 474 18.30 103.02 80.17
C ARG G 474 17.12 102.04 80.05
N MET G 475 15.91 102.58 79.82
CA MET G 475 14.69 101.77 79.71
C MET G 475 14.74 100.81 78.53
N ILE G 476 15.59 101.14 77.57
CA ILE G 476 15.66 100.43 76.30
C ILE G 476 16.88 99.51 76.21
N THR G 477 18.00 99.95 76.75
CA THR G 477 19.24 99.18 76.62
C THR G 477 19.61 98.47 77.91
N TYR G 478 18.77 98.57 78.93
CA TYR G 478 19.04 97.90 80.20
C TYR G 478 17.77 97.45 80.93
N ASP G 479 16.76 98.31 80.99
CA ASP G 479 15.60 98.06 81.85
C ASP G 479 14.56 97.06 81.29
N PRO G 480 14.34 95.96 82.03
CA PRO G 480 13.33 94.95 81.73
C PRO G 480 11.95 95.56 81.53
N VAL G 481 11.49 95.69 80.29
CA VAL G 481 10.13 96.17 80.00
C VAL G 481 9.06 95.32 80.69
N ASN G 482 8.61 95.74 81.87
CA ASN G 482 7.50 95.06 82.55
C ASN G 482 6.17 95.55 82.00
N TRP G 483 6.05 95.44 80.67
CA TRP G 483 4.99 96.07 79.90
C TRP G 483 3.60 96.03 80.50
N GLU G 484 3.24 94.90 81.08
CA GLU G 484 1.86 94.79 81.53
C GLU G 484 1.52 95.77 82.65
N THR G 485 2.51 96.13 83.46
CA THR G 485 2.29 97.09 84.55
C THR G 485 2.30 98.54 84.08
N ALA G 486 3.29 98.89 83.26
CA ALA G 486 3.42 100.23 82.68
C ALA G 486 2.28 100.59 81.71
N THR G 487 1.42 99.62 81.44
CA THR G 487 0.33 99.83 80.52
C THR G 487 -0.99 99.62 81.22
N VAL G 488 -0.94 99.36 82.52
CA VAL G 488 -2.18 99.28 83.29
C VAL G 488 -2.67 100.70 83.52
N PHE G 489 -3.17 101.31 82.45
CA PHE G 489 -3.74 102.65 82.47
C PHE G 489 -5.00 102.66 83.32
N PRO G 490 -5.04 103.53 84.33
CA PRO G 490 -6.15 103.55 85.29
C PRO G 490 -7.47 103.93 84.62
N ASP G 491 -8.47 103.08 84.83
CA ASP G 491 -9.83 103.31 84.31
C ASP G 491 -9.84 103.74 82.84
N ALA G 492 -9.01 103.07 82.03
CA ALA G 492 -9.01 103.27 80.59
C ALA G 492 -10.29 102.68 79.98
N THR G 493 -10.67 103.20 78.82
CA THR G 493 -11.85 102.74 78.12
C THR G 493 -11.54 102.57 76.64
N HIS G 494 -10.52 103.27 76.19
CA HIS G 494 -10.03 103.17 74.83
C HIS G 494 -8.52 103.34 74.79
N ILE G 495 -7.84 102.47 74.06
CA ILE G 495 -6.39 102.58 73.89
C ILE G 495 -6.05 102.57 72.42
N VAL G 496 -5.22 103.51 71.99
CA VAL G 496 -4.96 103.68 70.56
C VAL G 496 -3.53 103.36 70.14
N ASP G 497 -3.40 102.41 69.21
CA ASP G 497 -2.11 101.95 68.72
C ASP G 497 -1.71 102.73 67.47
N PHE G 498 -0.63 103.50 67.57
CA PHE G 498 -0.04 104.20 66.43
C PHE G 498 1.20 103.43 65.99
N GLY G 499 1.63 102.50 66.84
CA GLY G 499 2.82 101.70 66.62
C GLY G 499 2.89 100.97 65.29
N PRO G 500 4.02 100.32 65.04
CA PRO G 500 4.38 99.68 63.76
C PRO G 500 3.61 98.40 63.51
N GLY G 501 3.36 98.11 62.24
CA GLY G 501 2.73 96.87 61.82
C GLY G 501 1.26 96.82 62.16
N GLY G 502 0.45 96.40 61.20
CA GLY G 502 -1.00 96.40 61.36
C GLY G 502 -1.51 95.58 62.55
N VAL G 503 -2.15 94.46 62.25
CA VAL G 503 -2.73 93.62 63.29
C VAL G 503 -1.63 92.92 64.09
N SER G 504 -0.39 93.40 63.92
CA SER G 504 0.75 92.86 64.65
C SER G 504 1.20 93.78 65.78
N GLY G 505 0.76 95.04 65.73
CA GLY G 505 1.14 96.04 66.72
C GLY G 505 0.76 95.64 68.13
N ILE G 506 1.23 96.41 69.11
CA ILE G 506 1.03 96.07 70.53
C ILE G 506 -0.43 96.21 70.93
N GLY G 507 -1.23 96.75 70.02
CA GLY G 507 -2.65 96.90 70.24
C GLY G 507 -3.32 95.59 70.60
N VAL G 508 -3.12 94.57 69.77
CA VAL G 508 -3.66 93.24 70.03
C VAL G 508 -2.99 92.64 71.27
N LEU G 509 -1.66 92.73 71.30
CA LEU G 509 -0.86 92.10 72.35
C LEU G 509 -1.32 92.53 73.71
N THR G 510 -1.74 93.79 73.80
CA THR G 510 -2.24 94.32 75.06
C THR G 510 -3.75 94.09 75.20
N ASN G 511 -4.47 94.23 74.09
CA ASN G 511 -5.92 93.97 74.07
C ASN G 511 -6.24 92.67 74.77
N ARG G 512 -5.40 91.67 74.57
CA ARG G 512 -5.53 90.40 75.28
C ARG G 512 -5.29 90.56 76.78
N ASN G 513 -4.20 91.23 77.14
CA ASN G 513 -3.92 91.52 78.54
C ASN G 513 -5.16 92.08 79.24
N LYS G 514 -5.92 92.86 78.49
CA LYS G 514 -7.05 93.62 79.02
C LYS G 514 -8.37 93.34 78.34
N ASP G 515 -8.63 92.09 77.96
CA ASP G 515 -9.86 91.82 77.25
C ASP G 515 -11.07 92.03 78.16
N GLY G 516 -11.10 91.28 79.26
CA GLY G 516 -12.24 91.27 80.14
C GLY G 516 -12.67 92.61 80.69
N THR G 517 -11.72 93.46 81.02
CA THR G 517 -11.98 94.68 81.79
C THR G 517 -12.90 95.72 81.13
N GLY G 518 -12.95 95.73 79.81
CA GLY G 518 -13.79 96.70 79.11
C GLY G 518 -12.98 97.70 78.30
N VAL G 519 -11.67 97.51 78.30
CA VAL G 519 -10.80 98.35 77.49
C VAL G 519 -10.99 97.96 76.02
N ARG G 520 -11.23 98.96 75.20
CA ARG G 520 -11.30 98.78 73.75
C ARG G 520 -9.97 99.21 73.12
N VAL G 521 -9.71 98.77 71.89
CA VAL G 521 -8.46 99.14 71.22
C VAL G 521 -8.70 99.61 69.79
N ILE G 522 -7.90 100.57 69.33
CA ILE G 522 -7.98 101.02 67.95
C ILE G 522 -6.59 101.11 67.34
N LEU G 523 -6.47 100.67 66.11
CA LEU G 523 -5.21 100.73 65.40
C LEU G 523 -5.24 101.85 64.38
N ALA G 524 -4.56 102.95 64.70
CA ALA G 524 -4.48 104.08 63.80
C ALA G 524 -3.58 103.72 62.63
N GLY G 525 -2.79 102.66 62.83
CA GLY G 525 -1.84 102.20 61.83
C GLY G 525 -2.46 101.83 60.51
N ALA G 526 -3.60 101.15 60.54
CA ALA G 526 -4.25 100.71 59.32
C ALA G 526 -5.77 100.81 59.42
N ILE G 527 -6.44 101.00 58.27
CA ILE G 527 -7.86 101.31 58.26
C ILE G 527 -8.76 100.09 58.37
N ASP G 528 -8.19 98.92 58.10
CA ASP G 528 -8.94 97.67 58.16
C ASP G 528 -7.98 96.50 58.30
N GLY G 529 -8.49 95.35 58.69
CA GLY G 529 -7.62 94.19 58.86
C GLY G 529 -8.31 92.88 59.14
N THR G 530 -7.55 91.97 59.73
CA THR G 530 -7.97 90.60 59.90
C THR G 530 -8.54 90.32 61.28
N ASN G 531 -8.31 91.23 62.23
CA ASN G 531 -8.77 91.04 63.61
C ASN G 531 -10.20 91.52 63.80
N THR G 532 -10.97 90.80 64.62
CA THR G 532 -12.34 91.16 64.93
C THR G 532 -12.39 91.97 66.21
N GLU G 533 -11.47 91.65 67.13
CA GLU G 533 -11.46 92.22 68.49
C GLU G 533 -10.81 93.61 68.60
N VAL G 534 -10.52 94.22 67.45
CA VAL G 534 -9.83 95.49 67.43
C VAL G 534 -10.39 96.36 66.33
N GLY G 535 -10.84 97.56 66.70
CA GLY G 535 -11.32 98.54 65.73
C GLY G 535 -10.14 99.24 65.08
N TYR G 536 -10.38 99.88 63.94
CA TYR G 536 -9.29 100.45 63.17
C TYR G 536 -9.34 101.97 63.04
N LYS G 537 -8.60 102.47 62.05
CA LYS G 537 -8.45 103.90 61.82
C LYS G 537 -9.76 104.71 61.82
N PRO G 538 -10.79 104.23 61.09
CA PRO G 538 -12.01 105.04 60.95
C PRO G 538 -12.75 105.30 62.25
N GLU G 539 -12.38 104.65 63.34
CA GLU G 539 -13.08 104.82 64.61
C GLU G 539 -12.53 105.98 65.44
N LEU G 540 -11.46 106.58 64.96
CA LEU G 540 -10.92 107.77 65.59
C LEU G 540 -11.47 109.02 64.91
N PHE G 541 -12.08 108.84 63.74
CA PHE G 541 -12.52 109.97 62.94
C PHE G 541 -14.01 109.92 62.64
N ASP G 542 -14.71 108.90 63.14
CA ASP G 542 -16.12 108.73 62.80
C ASP G 542 -16.95 109.86 63.37
N ARG G 543 -17.65 110.53 62.48
CA ARG G 543 -18.44 111.70 62.86
C ARG G 543 -19.75 111.31 63.53
N ASP G 544 -20.51 110.44 62.88
CA ASP G 544 -21.89 110.16 63.30
C ASP G 544 -22.13 109.60 64.71
N ASP G 545 -23.40 109.46 65.04
CA ASP G 545 -23.84 109.07 66.37
C ASP G 545 -23.70 107.56 66.59
N ASN G 546 -23.45 107.17 67.83
CA ASN G 546 -23.17 105.78 68.16
C ASN G 546 -22.04 105.25 67.30
N ALA G 547 -21.03 106.09 67.12
CA ALA G 547 -19.88 105.72 66.32
C ALA G 547 -18.86 105.05 67.21
N VAL G 548 -18.94 105.33 68.51
CA VAL G 548 -18.01 104.74 69.45
C VAL G 548 -18.61 103.54 70.15
N GLN G 549 -17.84 102.46 70.17
CA GLN G 549 -18.24 101.23 70.85
C GLN G 549 -17.33 100.99 72.04
N PHE G 550 -17.89 100.36 73.07
CA PHE G 550 -17.14 100.11 74.30
C PHE G 550 -16.95 98.61 74.51
N ALA G 551 -15.71 98.20 74.68
CA ALA G 551 -15.41 96.82 74.96
C ALA G 551 -16.10 96.43 76.26
N VAL G 552 -16.81 95.31 76.27
CA VAL G 552 -17.58 94.93 77.44
C VAL G 552 -16.74 94.47 78.63
N ASP G 553 -17.34 94.56 79.81
CA ASP G 553 -16.79 93.93 81.02
C ASP G 553 -17.68 92.75 81.36
N TRP G 554 -17.10 91.57 81.56
CA TRP G 554 -17.86 90.35 81.91
C TRP G 554 -18.54 90.46 83.27
N VAL G 555 -17.88 91.11 84.22
CA VAL G 555 -18.49 91.35 85.52
C VAL G 555 -19.76 92.17 85.33
N LYS G 556 -19.67 93.17 84.46
CA LYS G 556 -20.80 94.02 84.14
C LYS G 556 -21.84 93.25 83.34
N GLU G 557 -21.48 92.96 82.10
CA GLU G 557 -22.36 92.32 81.15
C GLU G 557 -23.00 91.06 81.69
N HIS G 558 -22.19 90.21 82.33
CA HIS G 558 -22.65 88.90 82.78
C HIS G 558 -22.61 88.74 84.29
N GLY G 559 -22.79 89.85 85.01
CA GLY G 559 -22.69 89.79 86.46
C GLY G 559 -23.95 89.29 87.14
N PRO G 560 -23.78 88.49 88.21
CA PRO G 560 -24.93 88.01 88.98
C PRO G 560 -25.70 89.19 89.52
N ARG G 561 -26.99 89.03 89.77
CA ARG G 561 -27.80 90.09 90.36
C ARG G 561 -28.89 89.51 91.26
N LEU G 562 -29.81 90.36 91.70
CA LEU G 562 -30.98 89.92 92.43
C LEU G 562 -32.18 90.69 91.91
N VAL G 563 -33.35 90.07 91.99
CA VAL G 563 -34.59 90.72 91.59
C VAL G 563 -35.74 90.11 92.38
N LYS G 564 -36.84 90.87 92.53
CA LYS G 564 -38.02 90.37 93.21
C LYS G 564 -39.27 90.53 92.37
N THR G 565 -40.25 89.67 92.62
CA THR G 565 -41.49 89.65 91.82
C THR G 565 -42.54 90.52 92.46
N SER G 566 -43.63 90.71 91.71
CA SER G 566 -44.82 91.36 92.24
C SER G 566 -45.37 90.57 93.42
N VAL G 567 -45.11 89.26 93.43
CA VAL G 567 -45.49 88.43 94.58
C VAL G 567 -44.26 88.13 95.41
N GLY G 568 -43.24 88.95 95.21
CA GLY G 568 -42.12 89.04 96.12
C GLY G 568 -41.31 87.78 96.35
N GLN G 569 -40.98 87.10 95.27
CA GLN G 569 -39.99 86.06 95.32
C GLN G 569 -38.66 86.76 95.08
N THR G 570 -37.56 86.06 95.30
CA THR G 570 -36.27 86.65 94.99
C THR G 570 -35.42 85.68 94.20
N PHE G 571 -35.07 86.09 92.99
CA PHE G 571 -34.26 85.29 92.11
C PHE G 571 -32.89 85.93 91.94
N VAL G 572 -31.86 85.11 91.86
CA VAL G 572 -30.56 85.53 91.36
C VAL G 572 -30.76 85.80 89.87
N ASP G 573 -30.30 86.94 89.38
CA ASP G 573 -30.61 87.35 88.02
C ASP G 573 -29.46 87.03 87.05
N THR G 574 -29.56 85.87 86.42
CA THR G 574 -28.56 85.40 85.47
C THR G 574 -29.21 85.10 84.14
N LYS G 575 -28.39 84.88 83.11
CA LYS G 575 -28.91 84.52 81.79
C LYS G 575 -29.66 83.21 81.88
N MET G 576 -29.14 82.33 82.74
CA MET G 576 -29.70 80.99 82.92
C MET G 576 -31.07 81.01 83.58
N SER G 577 -31.13 81.65 84.74
CA SER G 577 -32.35 81.72 85.52
C SER G 577 -33.44 82.48 84.80
N ARG G 578 -33.05 83.50 84.05
CA ARG G 578 -34.01 84.29 83.30
C ARG G 578 -34.56 83.49 82.11
N LEU G 579 -33.65 82.82 81.41
CA LEU G 579 -34.02 81.93 80.31
C LEU G 579 -35.01 80.90 80.81
N LEU G 580 -34.58 80.11 81.79
CA LEU G 580 -35.38 79.02 82.33
C LEU G 580 -36.62 79.51 83.07
N GLY G 581 -36.48 80.54 83.90
CA GLY G 581 -37.58 81.04 84.70
C GLY G 581 -37.52 80.47 86.11
N VAL G 582 -36.30 80.29 86.60
CA VAL G 582 -36.08 79.61 87.86
C VAL G 582 -34.63 79.75 88.35
N PRO G 583 -34.36 79.37 89.62
CA PRO G 583 -33.01 79.53 90.16
C PRO G 583 -31.90 78.89 89.32
N PRO G 584 -30.84 79.66 89.04
CA PRO G 584 -29.60 79.23 88.37
C PRO G 584 -28.86 78.09 89.08
N VAL G 585 -29.51 77.44 90.03
CA VAL G 585 -29.02 76.17 90.55
C VAL G 585 -29.85 75.06 89.95
N MET G 586 -29.18 74.09 89.33
CA MET G 586 -29.88 73.06 88.55
C MET G 586 -29.34 71.62 88.76
N VAL G 587 -30.26 70.67 88.95
CA VAL G 587 -29.91 69.26 89.08
C VAL G 587 -29.80 68.65 87.71
N ALA G 588 -28.59 68.24 87.35
CA ALA G 588 -28.29 67.74 86.02
C ALA G 588 -28.83 66.33 85.80
N GLY G 589 -28.97 65.96 84.53
CA GLY G 589 -29.38 64.62 84.17
C GLY G 589 -28.35 63.59 84.59
N MET G 590 -28.80 62.57 85.31
CA MET G 590 -27.93 61.48 85.74
C MET G 590 -28.69 60.17 85.65
N THR G 591 -28.31 59.35 84.67
CA THR G 591 -29.04 58.12 84.39
C THR G 591 -29.63 57.43 85.61
N PRO G 592 -28.80 56.70 86.39
CA PRO G 592 -29.42 55.92 87.48
C PRO G 592 -30.40 56.75 88.30
N THR G 593 -29.94 57.84 88.89
CA THR G 593 -30.72 58.54 89.90
C THR G 593 -31.73 59.56 89.36
N THR G 594 -31.49 60.06 88.16
CA THR G 594 -32.30 61.13 87.61
C THR G 594 -33.29 60.60 86.59
N VAL G 595 -33.44 59.28 86.59
CA VAL G 595 -34.36 58.65 85.66
C VAL G 595 -35.80 58.64 86.17
N PRO G 596 -35.99 58.24 87.44
CA PRO G 596 -37.35 58.00 87.95
C PRO G 596 -38.21 59.25 87.85
N TRP G 597 -39.44 59.10 87.36
CA TRP G 597 -40.27 60.26 87.09
C TRP G 597 -40.66 60.99 88.36
N ASP G 598 -40.48 60.33 89.50
CA ASP G 598 -40.75 60.94 90.80
C ASP G 598 -39.79 62.09 91.04
N PHE G 599 -38.57 61.72 91.38
CA PHE G 599 -37.49 62.65 91.71
C PHE G 599 -37.43 63.88 90.79
N VAL G 600 -37.70 63.66 89.51
CA VAL G 600 -37.71 64.76 88.55
C VAL G 600 -38.91 65.70 88.75
N ALA G 601 -40.11 65.12 88.86
CA ALA G 601 -41.31 65.88 89.14
C ALA G 601 -41.20 66.58 90.49
N ALA G 602 -40.65 65.89 91.48
CA ALA G 602 -40.43 66.48 92.81
C ALA G 602 -39.49 67.68 92.73
N THR G 603 -38.37 67.50 92.04
CA THR G 603 -37.39 68.56 91.91
C THR G 603 -37.93 69.74 91.10
N MET G 604 -38.97 69.47 90.31
CA MET G 604 -39.58 70.51 89.50
C MET G 604 -40.65 71.24 90.31
N ASN G 605 -41.36 70.48 91.14
CA ASN G 605 -42.34 71.08 92.05
C ASN G 605 -41.61 71.97 93.07
N ALA G 606 -40.35 71.65 93.30
CA ALA G 606 -39.47 72.45 94.15
C ALA G 606 -39.03 73.72 93.42
N GLY G 607 -39.55 73.92 92.21
CA GLY G 607 -39.22 75.09 91.41
C GLY G 607 -37.76 75.14 90.99
N TYR G 608 -37.25 74.02 90.50
CA TYR G 608 -35.86 73.95 90.06
C TYR G 608 -35.68 73.21 88.74
N HIS G 609 -34.63 73.57 88.02
CA HIS G 609 -34.37 72.94 86.73
C HIS G 609 -33.68 71.59 86.88
N ILE G 610 -34.38 70.54 86.47
CA ILE G 610 -33.77 69.22 86.46
C ILE G 610 -33.93 68.61 85.07
N GLU G 611 -33.08 67.65 84.74
CA GLU G 611 -33.11 66.99 83.43
C GLU G 611 -33.53 65.52 83.52
N LEU G 612 -34.63 65.16 82.84
CA LEU G 612 -35.08 63.77 82.81
C LEU G 612 -34.07 62.85 82.12
N ALA G 613 -33.44 61.97 82.89
CA ALA G 613 -32.42 61.08 82.35
C ALA G 613 -33.00 60.07 81.36
N GLY G 614 -32.70 60.25 80.09
CA GLY G 614 -33.21 59.35 79.06
C GLY G 614 -32.44 58.04 78.97
N GLY G 615 -31.30 57.99 79.64
CA GLY G 615 -30.40 56.85 79.56
C GLY G 615 -30.84 55.59 80.27
N GLY G 616 -31.97 55.68 80.97
CA GLY G 616 -32.56 54.53 81.63
C GLY G 616 -33.91 54.23 81.01
N TYR G 617 -34.09 54.69 79.77
CA TYR G 617 -35.32 54.44 79.02
C TYR G 617 -35.09 53.62 77.76
N TYR G 618 -35.47 52.33 77.82
CA TYR G 618 -35.21 51.37 76.76
C TYR G 618 -36.41 51.26 75.85
N ASN G 619 -37.54 50.87 76.41
CA ASN G 619 -38.79 50.87 75.68
C ASN G 619 -39.25 52.30 75.39
N ALA G 620 -39.51 52.59 74.13
CA ALA G 620 -40.04 53.89 73.73
C ALA G 620 -41.35 54.22 74.43
N GLN G 621 -42.03 53.20 74.93
CA GLN G 621 -43.30 53.37 75.60
C GLN G 621 -43.11 53.78 77.05
N LYS G 622 -42.32 53.02 77.79
CA LYS G 622 -42.05 53.33 79.20
C LYS G 622 -41.53 54.76 79.37
N MET G 623 -40.98 55.33 78.30
CA MET G 623 -40.46 56.70 78.36
C MET G 623 -41.56 57.72 78.07
N SER G 624 -42.30 57.53 76.99
CA SER G 624 -43.41 58.41 76.69
C SER G 624 -44.50 58.25 77.73
N ASP G 625 -44.33 57.24 78.59
CA ASP G 625 -45.24 57.00 79.71
C ASP G 625 -44.87 57.88 80.90
N ALA G 626 -43.66 57.70 81.40
CA ALA G 626 -43.19 58.43 82.56
C ALA G 626 -43.11 59.92 82.26
N ILE G 627 -42.94 60.26 80.98
CA ILE G 627 -42.98 61.63 80.55
C ILE G 627 -44.37 62.23 80.82
N SER G 628 -45.41 61.44 80.54
CA SER G 628 -46.78 61.91 80.72
C SER G 628 -47.15 62.02 82.18
N LYS G 629 -46.57 61.18 83.02
CA LYS G 629 -46.75 61.27 84.46
C LYS G 629 -46.22 62.61 85.01
N ILE G 630 -45.06 62.99 84.50
CA ILE G 630 -44.38 64.20 84.92
C ILE G 630 -45.14 65.45 84.49
N GLU G 631 -45.72 65.43 83.30
CA GLU G 631 -46.44 66.60 82.78
C GLU G 631 -47.63 66.94 83.66
N LYS G 632 -48.22 65.92 84.28
CA LYS G 632 -49.49 66.08 84.96
C LYS G 632 -49.33 66.32 86.44
N ALA G 633 -48.23 65.87 87.01
CA ALA G 633 -47.96 66.16 88.42
C ALA G 633 -47.01 67.36 88.59
N ILE G 634 -47.07 68.29 87.65
CA ILE G 634 -46.13 69.39 87.57
C ILE G 634 -46.80 70.76 87.63
N PRO G 635 -46.06 71.77 88.12
CA PRO G 635 -46.46 73.18 88.10
C PRO G 635 -46.82 73.63 86.69
N PRO G 636 -48.12 73.74 86.39
CA PRO G 636 -48.56 74.06 85.02
C PRO G 636 -47.79 75.22 84.38
N GLY G 637 -47.29 74.98 83.17
CA GLY G 637 -46.50 75.96 82.45
C GLY G 637 -45.03 75.66 82.55
N ARG G 638 -44.68 74.80 83.50
CA ARG G 638 -43.31 74.42 83.71
C ARG G 638 -42.85 73.61 82.51
N GLY G 639 -41.57 73.69 82.17
CA GLY G 639 -41.05 73.00 81.01
C GLY G 639 -40.16 71.81 81.32
N ILE G 640 -40.26 70.76 80.52
CA ILE G 640 -39.46 69.55 80.73
C ILE G 640 -38.23 69.47 79.83
N THR G 641 -37.15 68.92 80.37
CA THR G 641 -35.90 68.78 79.64
C THR G 641 -35.48 67.33 79.70
N VAL G 642 -35.15 66.75 78.55
CA VAL G 642 -34.69 65.37 78.51
C VAL G 642 -33.20 65.30 78.15
N ASN G 643 -32.48 64.43 78.85
CA ASN G 643 -31.06 64.24 78.60
C ASN G 643 -30.83 62.93 77.85
N LEU G 644 -30.32 63.06 76.62
CA LEU G 644 -30.09 61.92 75.73
C LEU G 644 -28.61 61.67 75.51
N ILE G 645 -28.23 60.40 75.60
CA ILE G 645 -26.86 59.95 75.39
C ILE G 645 -26.50 59.85 73.90
N TYR G 646 -25.35 60.41 73.53
CA TYR G 646 -24.94 60.44 72.13
C TYR G 646 -24.28 59.14 71.67
N VAL G 647 -23.38 58.59 72.50
CA VAL G 647 -22.74 57.31 72.18
C VAL G 647 -23.70 56.13 72.39
N ASN G 648 -24.97 56.38 72.12
CA ASN G 648 -26.00 55.36 72.05
C ASN G 648 -27.02 55.80 70.99
N PRO G 649 -26.58 55.85 69.72
CA PRO G 649 -27.39 56.37 68.62
C PRO G 649 -28.53 55.41 68.37
N ARG G 650 -28.33 54.16 68.76
CA ARG G 650 -29.37 53.15 68.69
C ARG G 650 -30.58 53.67 69.45
N ALA G 651 -30.33 54.09 70.70
CA ALA G 651 -31.37 54.59 71.60
C ALA G 651 -32.03 55.86 71.09
N MET G 652 -31.22 56.90 70.87
CA MET G 652 -31.80 58.16 70.39
C MET G 652 -32.32 58.06 68.96
N GLY G 653 -32.20 56.87 68.38
CA GLY G 653 -32.81 56.58 67.08
C GLY G 653 -34.31 56.81 67.14
N TRP G 654 -34.91 56.46 68.28
CA TRP G 654 -36.35 56.65 68.50
C TRP G 654 -36.63 57.81 69.44
N GLN G 655 -35.75 58.00 70.42
CA GLN G 655 -35.93 59.01 71.45
C GLN G 655 -36.16 60.38 70.85
N ILE G 656 -35.29 60.79 69.94
CA ILE G 656 -35.35 62.16 69.42
C ILE G 656 -36.62 62.45 68.63
N PRO G 657 -37.01 61.54 67.73
CA PRO G 657 -38.28 61.73 67.02
C PRO G 657 -39.47 61.53 67.95
N LEU G 658 -39.25 60.80 69.04
CA LEU G 658 -40.28 60.58 70.06
C LEU G 658 -40.60 61.89 70.77
N LEU G 659 -39.56 62.54 71.29
CA LEU G 659 -39.74 63.82 71.94
C LEU G 659 -40.50 64.76 71.01
N GLY G 660 -39.92 65.00 69.83
CA GLY G 660 -40.50 65.91 68.87
C GLY G 660 -41.97 65.68 68.64
N ARG G 661 -42.36 64.41 68.58
CA ARG G 661 -43.75 64.03 68.32
C ARG G 661 -44.65 64.36 69.51
N LEU G 662 -44.07 64.23 70.71
CA LEU G 662 -44.77 64.54 71.96
C LEU G 662 -45.05 66.04 72.08
N ARG G 663 -44.02 66.84 71.83
CA ARG G 663 -44.15 68.30 71.88
C ARG G 663 -45.31 68.77 71.02
N ALA G 664 -45.36 68.26 69.80
CA ALA G 664 -46.41 68.62 68.85
C ALA G 664 -47.82 68.34 69.35
N ASP G 665 -47.98 67.30 70.19
CA ASP G 665 -49.30 66.90 70.68
C ASP G 665 -49.74 67.73 71.89
N GLY G 666 -48.86 68.60 72.35
CA GLY G 666 -49.16 69.47 73.47
C GLY G 666 -48.21 69.29 74.64
N VAL G 667 -47.61 68.11 74.75
CA VAL G 667 -46.69 67.81 75.87
C VAL G 667 -45.60 68.88 76.12
N PRO G 668 -45.39 69.21 77.40
CA PRO G 668 -44.54 70.29 77.90
C PRO G 668 -43.06 69.97 77.80
N ILE G 669 -42.55 69.65 76.62
CA ILE G 669 -41.11 69.50 76.46
C ILE G 669 -40.57 70.71 75.70
N GLU G 670 -39.74 71.51 76.37
CA GLU G 670 -39.12 72.66 75.73
C GLU G 670 -37.60 72.60 75.91
N GLY G 671 -37.14 71.49 76.45
CA GLY G 671 -35.73 71.33 76.75
C GLY G 671 -35.13 70.04 76.28
N LEU G 672 -33.97 70.13 75.65
CA LEU G 672 -33.27 68.96 75.14
C LEU G 672 -31.80 69.04 75.56
N THR G 673 -31.23 67.91 75.96
CA THR G 673 -29.84 67.87 76.35
C THR G 673 -29.14 66.62 75.82
N ILE G 674 -27.95 66.81 75.26
CA ILE G 674 -27.22 65.73 74.64
C ILE G 674 -25.89 65.50 75.32
N GLY G 675 -25.70 64.30 75.86
CA GLY G 675 -24.55 64.02 76.70
C GLY G 675 -23.47 63.12 76.14
N ALA G 676 -22.26 63.30 76.66
CA ALA G 676 -21.07 62.56 76.23
C ALA G 676 -20.93 62.53 74.70
N GLY G 677 -21.04 63.70 74.09
CA GLY G 677 -20.93 63.83 72.64
C GLY G 677 -21.55 65.11 72.12
N VAL G 678 -20.80 65.80 71.27
CA VAL G 678 -21.29 67.00 70.64
C VAL G 678 -21.62 66.73 69.18
N PRO G 679 -22.90 66.85 68.80
CA PRO G 679 -23.34 66.62 67.42
C PRO G 679 -22.56 67.46 66.41
N SER G 680 -22.63 67.11 65.13
CA SER G 680 -22.03 68.00 64.16
C SER G 680 -23.01 69.11 63.90
N ILE G 681 -22.51 70.20 63.33
CA ILE G 681 -23.31 71.40 63.10
C ILE G 681 -24.72 71.12 62.58
N GLU G 682 -24.83 70.32 61.51
CA GLU G 682 -26.14 70.04 60.93
C GLU G 682 -26.89 69.00 61.74
N VAL G 683 -26.15 68.17 62.45
CA VAL G 683 -26.75 67.21 63.37
C VAL G 683 -27.54 67.99 64.40
N ALA G 684 -26.94 69.08 64.87
CA ALA G 684 -27.58 69.95 65.85
C ALA G 684 -28.71 70.73 65.22
N ASN G 685 -28.39 71.49 64.18
CA ASN G 685 -29.37 72.27 63.41
C ASN G 685 -30.71 71.57 63.28
N GLU G 686 -30.67 70.28 62.94
CA GLU G 686 -31.86 69.46 62.80
C GLU G 686 -32.67 69.40 64.09
N TYR G 687 -32.08 68.89 65.17
CA TYR G 687 -32.74 68.84 66.46
C TYR G 687 -33.46 70.15 66.76
N ILE G 688 -32.76 71.25 66.51
CA ILE G 688 -33.24 72.60 66.80
C ILE G 688 -34.53 73.01 66.09
N GLN G 689 -34.65 72.67 64.81
CA GLN G 689 -35.78 73.11 64.01
C GLN G 689 -36.77 71.97 63.71
N THR G 690 -36.47 70.77 64.21
CA THR G 690 -37.35 69.62 64.06
C THR G 690 -38.31 69.56 65.22
N LEU G 691 -37.79 69.22 66.39
CA LEU G 691 -38.57 69.14 67.63
C LEU G 691 -38.76 70.53 68.19
N GLY G 692 -39.96 70.83 68.69
CA GLY G 692 -40.28 72.19 69.10
C GLY G 692 -39.70 72.67 70.42
N ILE G 693 -38.46 72.30 70.71
CA ILE G 693 -37.83 72.71 71.95
C ILE G 693 -37.53 74.19 71.92
N ARG G 694 -37.62 74.84 73.08
CA ARG G 694 -37.30 76.26 73.19
C ARG G 694 -35.86 76.50 73.62
N HIS G 695 -35.18 75.46 74.12
CA HIS G 695 -33.74 75.56 74.38
C HIS G 695 -33.02 74.24 74.20
N ILE G 696 -31.75 74.31 73.81
CA ILE G 696 -30.91 73.13 73.61
C ILE G 696 -29.71 73.15 74.56
N SER G 697 -29.08 72.01 74.77
CA SER G 697 -28.02 71.93 75.75
C SER G 697 -26.97 70.88 75.41
N PHE G 698 -25.69 71.28 75.41
CA PHE G 698 -24.59 70.37 75.13
C PHE G 698 -23.65 70.26 76.30
N LYS G 699 -22.84 69.20 76.34
CA LYS G 699 -21.96 68.96 77.49
C LYS G 699 -20.48 68.76 77.14
N PRO G 700 -19.87 69.75 76.45
CA PRO G 700 -18.47 69.62 76.04
C PRO G 700 -17.57 69.22 77.19
N GLY G 701 -16.48 68.52 76.87
CA GLY G 701 -15.53 68.11 77.88
C GLY G 701 -14.11 68.41 77.44
N SER G 702 -13.95 68.66 76.13
CA SER G 702 -12.65 68.93 75.56
C SER G 702 -12.51 70.39 75.20
N VAL G 703 -11.27 70.87 75.28
CA VAL G 703 -10.93 72.22 74.88
C VAL G 703 -11.51 72.46 73.50
N ASP G 704 -11.38 71.43 72.66
CA ASP G 704 -11.84 71.45 71.29
C ASP G 704 -13.35 71.30 71.24
N ALA G 705 -13.87 70.46 72.13
CA ALA G 705 -15.29 70.22 72.24
C ALA G 705 -16.06 71.54 72.33
N ILE G 706 -15.54 72.43 73.17
CA ILE G 706 -16.16 73.71 73.41
C ILE G 706 -16.30 74.53 72.12
N GLN G 707 -15.23 74.58 71.34
CA GLN G 707 -15.24 75.31 70.07
C GLN G 707 -16.38 74.83 69.18
N GLN G 708 -16.63 73.53 69.19
CA GLN G 708 -17.75 72.97 68.46
C GLN G 708 -19.03 73.73 68.83
N VAL G 709 -19.34 73.71 70.11
CA VAL G 709 -20.56 74.29 70.62
C VAL G 709 -20.72 75.73 70.19
N ILE G 710 -19.62 76.47 70.29
CA ILE G 710 -19.63 77.88 69.93
C ILE G 710 -20.13 78.00 68.50
N ASN G 711 -19.65 77.11 67.66
CA ASN G 711 -20.01 77.13 66.26
C ASN G 711 -21.44 76.70 66.06
N ILE G 712 -21.90 75.78 66.89
CA ILE G 712 -23.30 75.41 66.85
C ILE G 712 -24.11 76.65 67.19
N ALA G 713 -23.56 77.45 68.11
CA ALA G 713 -24.21 78.66 68.58
C ALA G 713 -24.20 79.72 67.49
N LYS G 714 -23.04 79.87 66.85
CA LYS G 714 -22.89 80.85 65.79
C LYS G 714 -23.82 80.50 64.66
N ALA G 715 -24.09 79.21 64.50
CA ALA G 715 -24.96 78.70 63.45
C ALA G 715 -26.41 79.05 63.74
N ASN G 716 -26.74 79.17 65.02
CA ASN G 716 -28.07 79.62 65.42
C ASN G 716 -27.98 80.85 66.28
N PRO G 717 -27.86 82.02 65.64
CA PRO G 717 -27.64 83.27 66.36
C PRO G 717 -28.89 83.75 67.07
N THR G 718 -29.95 82.93 67.05
CA THR G 718 -31.21 83.34 67.67
C THR G 718 -31.80 82.25 68.59
N PHE G 719 -30.93 81.41 69.12
CA PHE G 719 -31.43 80.27 69.89
C PHE G 719 -30.66 80.02 71.17
N PRO G 720 -31.40 79.77 72.24
CA PRO G 720 -30.94 79.35 73.57
C PRO G 720 -30.07 78.09 73.54
N ILE G 721 -28.80 78.24 73.89
CA ILE G 721 -27.89 77.09 73.95
C ILE G 721 -27.14 77.01 75.27
N ILE G 722 -27.61 76.17 76.17
CA ILE G 722 -26.95 76.01 77.45
C ILE G 722 -25.66 75.21 77.27
N LEU G 723 -24.57 75.72 77.82
CA LEU G 723 -23.27 75.08 77.65
C LEU G 723 -22.73 74.42 78.94
N GLN G 724 -23.50 73.51 79.52
CA GLN G 724 -23.10 72.84 80.74
C GLN G 724 -21.67 72.32 80.67
N TRP G 725 -20.75 73.09 81.26
CA TRP G 725 -19.34 72.73 81.23
C TRP G 725 -18.91 71.82 82.40
N THR G 726 -18.58 70.58 82.11
CA THR G 726 -18.13 69.66 83.14
C THR G 726 -16.61 69.48 83.12
N GLY G 727 -16.05 68.91 84.18
CA GLY G 727 -14.63 68.67 84.24
C GLY G 727 -14.23 67.21 84.35
N GLY G 728 -12.97 66.98 84.69
CA GLY G 728 -12.45 65.63 84.79
C GLY G 728 -12.81 65.00 86.11
N ARG G 729 -13.73 65.61 86.83
CA ARG G 729 -14.11 65.10 88.14
C ARG G 729 -15.61 64.93 88.36
N GLY G 730 -16.32 64.60 87.29
CA GLY G 730 -17.74 64.36 87.36
C GLY G 730 -18.04 62.89 87.65
N GLY G 731 -19.32 62.58 87.84
CA GLY G 731 -19.75 61.22 88.07
C GLY G 731 -19.89 60.48 86.76
N GLY G 732 -19.33 59.27 86.69
CA GLY G 732 -19.40 58.45 85.50
C GLY G 732 -18.40 58.90 84.43
N HIS G 733 -18.93 59.33 83.28
CA HIS G 733 -18.09 59.83 82.20
C HIS G 733 -17.22 60.97 82.71
N HIS G 734 -15.99 61.08 82.22
CA HIS G 734 -15.16 62.23 82.56
C HIS G 734 -13.93 62.41 81.66
N SER G 735 -13.87 63.58 81.01
CA SER G 735 -12.71 63.97 80.24
C SER G 735 -11.47 63.87 81.13
N PHE G 736 -10.31 64.10 80.53
CA PHE G 736 -9.09 64.10 81.32
C PHE G 736 -8.69 65.55 81.53
N GLU G 737 -9.68 66.41 81.71
CA GLU G 737 -9.50 67.85 81.70
C GLU G 737 -9.75 68.50 83.07
N ASP G 738 -8.81 69.31 83.52
CA ASP G 738 -9.03 70.20 84.66
C ASP G 738 -10.03 71.24 84.19
N PHE G 739 -11.10 71.45 84.94
CA PHE G 739 -12.20 72.24 84.40
C PHE G 739 -12.00 73.76 84.51
N HIS G 740 -10.78 74.16 84.82
CA HIS G 740 -10.43 75.58 84.84
C HIS G 740 -9.81 76.03 83.51
N GLN G 741 -8.62 75.52 83.21
CA GLN G 741 -7.84 75.95 82.06
C GLN G 741 -8.61 76.07 80.74
N PRO G 742 -9.50 75.11 80.45
CA PRO G 742 -10.29 75.16 79.22
C PRO G 742 -11.17 76.38 79.18
N ILE G 743 -11.85 76.67 80.27
CA ILE G 743 -12.71 77.84 80.31
C ILE G 743 -11.85 79.11 80.30
N LEU G 744 -10.78 79.10 81.09
CA LEU G 744 -9.84 80.21 81.12
C LEU G 744 -9.35 80.55 79.71
N LEU G 745 -9.20 79.53 78.88
CA LEU G 745 -8.67 79.73 77.53
C LEU G 745 -9.78 79.94 76.50
N MET G 746 -11.02 79.75 76.92
CA MET G 746 -12.13 79.80 75.99
C MET G 746 -13.13 80.87 76.36
N TYR G 747 -13.25 81.14 77.66
CA TYR G 747 -14.30 82.00 78.18
C TYR G 747 -14.56 83.17 77.25
N SER G 748 -13.49 83.84 76.86
CA SER G 748 -13.58 84.97 75.96
C SER G 748 -14.43 84.62 74.74
N ARG G 749 -13.97 83.64 73.97
CA ARG G 749 -14.67 83.22 72.75
C ARG G 749 -16.10 82.82 73.07
N ILE G 750 -16.26 82.01 74.13
CA ILE G 750 -17.57 81.55 74.54
C ILE G 750 -18.51 82.73 74.62
N ARG G 751 -18.22 83.63 75.55
CA ARG G 751 -19.08 84.77 75.85
C ARG G 751 -19.42 85.61 74.64
N LYS G 752 -18.49 85.68 73.70
CA LYS G 752 -18.64 86.57 72.57
C LYS G 752 -19.76 86.15 71.63
N CYS G 753 -20.32 84.97 71.89
CA CYS G 753 -21.58 84.58 71.28
C CYS G 753 -22.68 84.72 72.35
N SER G 754 -23.72 85.49 72.04
CA SER G 754 -24.72 85.83 73.05
C SER G 754 -25.70 84.70 73.37
N ASN G 755 -25.84 83.74 72.46
CA ASN G 755 -26.78 82.63 72.64
C ASN G 755 -26.37 81.66 73.73
N ILE G 756 -25.14 81.78 74.19
CA ILE G 756 -24.59 80.79 75.11
C ILE G 756 -24.94 81.09 76.55
N VAL G 757 -25.40 80.06 77.24
CA VAL G 757 -25.51 80.12 78.69
C VAL G 757 -24.44 79.23 79.28
N LEU G 758 -23.42 79.86 79.84
CA LEU G 758 -22.29 79.12 80.37
C LEU G 758 -22.57 78.65 81.79
N VAL G 759 -22.82 77.34 81.92
CA VAL G 759 -23.18 76.76 83.20
C VAL G 759 -22.07 75.89 83.75
N ALA G 760 -21.48 76.33 84.86
CA ALA G 760 -20.40 75.57 85.51
C ALA G 760 -20.98 74.33 86.19
N GLY G 761 -20.17 73.28 86.26
CA GLY G 761 -20.61 72.03 86.84
C GLY G 761 -19.42 71.13 87.07
N SER G 762 -19.55 70.27 88.07
CA SER G 762 -18.48 69.36 88.49
C SER G 762 -17.98 69.76 89.88
N GLY G 763 -17.88 68.79 90.77
CA GLY G 763 -17.31 68.99 92.09
C GLY G 763 -17.95 70.00 93.03
N PHE G 764 -19.20 70.34 92.79
CA PHE G 764 -19.91 71.24 93.66
C PHE G 764 -20.83 70.49 94.60
N GLY G 765 -21.14 71.10 95.74
CA GLY G 765 -22.04 70.49 96.71
C GLY G 765 -22.63 71.54 97.63
N GLY G 766 -22.44 72.79 97.26
CA GLY G 766 -22.94 73.92 98.04
C GLY G 766 -22.72 75.25 97.35
N SER G 767 -23.31 76.31 97.91
CA SER G 767 -23.25 77.65 97.34
C SER G 767 -21.96 78.38 97.68
N GLU G 768 -21.26 77.90 98.70
CA GLU G 768 -20.02 78.49 99.17
C GLU G 768 -18.90 78.29 98.18
N ASP G 769 -18.86 77.12 97.57
CA ASP G 769 -17.88 76.82 96.54
C ASP G 769 -18.43 77.23 95.17
N THR G 770 -19.76 77.20 95.05
CA THR G 770 -20.43 77.62 93.83
C THR G 770 -20.24 79.11 93.60
N TYR G 771 -20.50 79.89 94.64
CA TYR G 771 -20.43 81.35 94.57
C TYR G 771 -19.25 81.86 93.73
N PRO G 772 -18.02 81.47 94.07
CA PRO G 772 -16.83 81.93 93.34
C PRO G 772 -17.01 81.94 91.81
N TYR G 773 -17.40 80.82 91.23
CA TYR G 773 -17.54 80.71 89.79
C TYR G 773 -18.76 81.49 89.31
N LEU G 774 -19.74 81.57 90.20
CA LEU G 774 -20.97 82.31 89.94
C LEU G 774 -20.68 83.79 89.82
N THR G 775 -19.61 84.24 90.48
CA THR G 775 -19.18 85.63 90.46
C THR G 775 -18.22 85.86 89.32
N GLY G 776 -17.19 85.02 89.25
CA GLY G 776 -16.10 85.16 88.31
C GLY G 776 -14.83 85.40 89.09
N SER G 777 -14.88 85.07 90.37
CA SER G 777 -13.77 85.33 91.27
C SER G 777 -12.69 84.25 91.18
N TRP G 778 -13.11 83.03 90.88
CA TRP G 778 -12.20 81.89 90.72
C TRP G 778 -11.08 82.25 89.75
N SER G 779 -11.48 82.90 88.65
CA SER G 779 -10.61 83.19 87.52
C SER G 779 -9.54 84.24 87.84
N THR G 780 -9.84 85.05 88.85
CA THR G 780 -8.90 86.05 89.30
C THR G 780 -7.69 85.41 89.93
N LYS G 781 -7.91 84.30 90.63
CA LYS G 781 -6.83 83.56 91.25
C LYS G 781 -5.78 83.07 90.25
N PHE G 782 -6.08 83.17 88.97
CA PHE G 782 -5.19 82.67 87.93
C PHE G 782 -4.61 83.77 87.06
N GLY G 783 -4.68 85.00 87.53
CA GLY G 783 -4.14 86.12 86.79
C GLY G 783 -5.03 86.50 85.64
N TYR G 784 -6.33 86.27 85.82
CA TYR G 784 -7.34 86.62 84.83
C TYR G 784 -8.41 87.53 85.42
N PRO G 785 -9.05 88.35 84.58
CA PRO G 785 -10.22 89.12 85.02
C PRO G 785 -11.29 88.22 85.63
N PRO G 786 -12.39 88.80 86.10
CA PRO G 786 -13.53 88.00 86.54
C PRO G 786 -14.29 87.36 85.37
N MET G 787 -14.56 86.06 85.48
CA MET G 787 -15.29 85.31 84.46
C MET G 787 -16.53 84.63 85.01
N PRO G 788 -17.62 85.41 85.11
CA PRO G 788 -18.91 85.02 85.69
C PRO G 788 -19.58 83.87 84.96
N PHE G 789 -19.95 82.84 85.70
CA PHE G 789 -20.78 81.77 85.17
C PHE G 789 -22.26 82.08 85.38
N ASP G 790 -23.05 81.91 84.34
CA ASP G 790 -24.50 82.17 84.40
C ASP G 790 -25.30 81.21 85.28
N GLY G 791 -24.65 80.23 85.89
CA GLY G 791 -25.32 79.29 86.77
C GLY G 791 -24.41 78.15 87.17
N CYS G 792 -24.92 77.29 88.05
CA CYS G 792 -24.15 76.13 88.47
C CYS G 792 -25.02 74.88 88.42
N MET G 793 -24.37 73.75 88.21
CA MET G 793 -25.04 72.48 87.97
C MET G 793 -24.64 71.43 89.00
N PHE G 794 -25.61 70.68 89.48
CA PHE G 794 -25.36 69.72 90.54
C PHE G 794 -25.77 68.31 90.17
N GLY G 795 -24.80 67.39 90.27
CA GLY G 795 -25.07 66.01 89.94
C GLY G 795 -24.81 65.06 91.11
N SER G 796 -23.54 64.71 91.31
CA SER G 796 -23.15 63.75 92.35
C SER G 796 -23.74 64.15 93.69
N ARG G 797 -23.85 65.46 93.90
CA ARG G 797 -24.37 66.03 95.12
C ARG G 797 -25.76 65.49 95.47
N MET G 798 -26.71 65.71 94.57
CA MET G 798 -28.12 65.47 94.84
C MET G 798 -28.49 64.00 95.04
N MET G 799 -27.52 63.10 94.91
CA MET G 799 -27.81 61.66 94.93
C MET G 799 -28.43 61.19 96.22
N THR G 800 -28.18 61.95 97.29
CA THR G 800 -28.63 61.58 98.62
C THR G 800 -29.93 62.25 99.01
N ALA G 801 -30.58 62.96 98.08
CA ALA G 801 -31.88 63.55 98.35
C ALA G 801 -32.87 62.45 98.69
N LYS G 802 -33.68 62.67 99.71
CA LYS G 802 -34.55 61.61 100.22
C LYS G 802 -35.55 61.23 99.16
N GLU G 803 -35.75 62.13 98.21
CA GLU G 803 -36.73 61.95 97.16
C GLU G 803 -36.09 61.30 95.92
N ALA G 804 -34.79 61.07 95.99
CA ALA G 804 -34.06 60.28 94.99
C ALA G 804 -34.19 58.83 95.37
N HIS G 805 -33.93 57.94 94.43
CA HIS G 805 -34.27 56.55 94.65
C HIS G 805 -33.10 55.74 95.18
N THR G 806 -31.96 56.40 95.34
CA THR G 806 -30.77 55.74 95.85
C THR G 806 -31.11 54.93 97.12
N SER G 807 -30.72 53.66 97.14
CA SER G 807 -30.99 52.82 98.30
C SER G 807 -30.38 53.43 99.54
N LYS G 808 -30.97 53.13 100.70
CA LYS G 808 -30.52 53.71 101.95
C LYS G 808 -29.00 53.60 102.07
N GLN G 809 -28.49 52.40 102.29
CA GLN G 809 -27.05 52.18 102.52
C GLN G 809 -26.19 52.71 101.36
N ALA G 810 -26.81 52.85 100.20
CA ALA G 810 -26.17 53.46 99.04
C ALA G 810 -25.81 54.92 99.32
N LYS G 811 -26.83 55.78 99.41
CA LYS G 811 -26.65 57.20 99.73
C LYS G 811 -25.92 57.38 101.05
N GLN G 812 -25.99 56.36 101.90
CA GLN G 812 -25.17 56.29 103.09
C GLN G 812 -23.70 56.25 102.70
N ALA G 813 -23.27 55.12 102.13
CA ALA G 813 -21.87 54.93 101.74
C ALA G 813 -21.37 56.07 100.86
N ILE G 814 -22.29 56.80 100.21
CA ILE G 814 -21.95 57.97 99.40
C ILE G 814 -21.44 59.12 100.25
N VAL G 815 -22.22 59.53 101.23
CA VAL G 815 -21.80 60.56 102.17
C VAL G 815 -20.41 60.27 102.72
N ASP G 816 -20.26 59.01 103.13
CA ASP G 816 -19.07 58.46 103.77
C ASP G 816 -17.82 58.57 102.93
N ALA G 817 -17.96 58.97 101.68
CA ALA G 817 -16.80 59.21 100.84
C ALA G 817 -16.09 60.48 101.31
N PRO G 818 -14.86 60.31 101.80
CA PRO G 818 -14.06 61.51 102.01
C PRO G 818 -13.77 62.09 100.63
N GLY G 819 -14.26 63.28 100.34
CA GLY G 819 -13.94 63.92 99.08
C GLY G 819 -12.45 64.21 98.98
N VAL G 820 -12.02 64.72 97.84
CA VAL G 820 -10.67 65.25 97.71
C VAL G 820 -10.77 66.57 96.96
N ASP G 821 -9.76 67.42 97.08
CA ASP G 821 -9.77 68.72 96.44
C ASP G 821 -9.45 68.62 94.96
N ASP G 822 -9.73 69.70 94.24
CA ASP G 822 -9.41 69.78 92.82
C ASP G 822 -7.95 69.38 92.57
N ASP G 823 -7.17 69.36 93.64
CA ASP G 823 -5.79 68.91 93.57
C ASP G 823 -5.68 67.50 93.03
N GLN G 824 -6.04 66.54 93.87
CA GLN G 824 -5.75 65.15 93.60
C GLN G 824 -6.94 64.35 93.08
N TRP G 825 -7.69 64.89 92.14
CA TRP G 825 -8.75 64.12 91.53
C TRP G 825 -8.12 63.26 90.46
N GLU G 826 -7.02 63.75 89.89
CA GLU G 826 -6.25 62.98 88.93
C GLU G 826 -5.87 61.61 89.49
N ASN G 827 -5.95 61.47 90.82
CA ASN G 827 -5.55 60.25 91.48
C ASN G 827 -6.55 59.11 91.32
N THR G 828 -7.77 59.45 90.91
CA THR G 828 -8.79 58.43 90.72
C THR G 828 -8.26 57.39 89.76
N TYR G 829 -7.62 57.88 88.70
CA TYR G 829 -7.14 57.02 87.61
C TYR G 829 -6.27 55.88 88.09
N LYS G 830 -5.66 56.02 89.27
CA LYS G 830 -4.69 55.03 89.74
C LYS G 830 -5.06 54.38 91.07
N ARG G 831 -5.59 55.17 91.99
CA ARG G 831 -5.86 54.67 93.34
C ARG G 831 -7.31 54.89 93.73
N PRO G 832 -7.76 54.20 94.78
CA PRO G 832 -9.05 54.52 95.40
C PRO G 832 -8.88 55.84 96.16
N THR G 833 -8.98 56.94 95.44
CA THR G 833 -8.73 58.25 96.00
C THR G 833 -10.02 58.89 96.52
N GLY G 834 -10.06 59.15 97.82
CA GLY G 834 -11.29 59.53 98.47
C GLY G 834 -12.14 58.29 98.64
N GLY G 835 -13.34 58.32 98.08
CA GLY G 835 -14.22 57.16 98.09
C GLY G 835 -14.49 56.71 96.66
N VAL G 836 -14.07 57.53 95.71
CA VAL G 836 -14.28 57.22 94.31
C VAL G 836 -13.01 56.65 93.68
N ILE G 837 -13.20 55.89 92.61
CA ILE G 837 -12.11 55.34 91.83
C ILE G 837 -12.60 55.40 90.38
N THR G 838 -11.70 55.37 89.41
CA THR G 838 -12.10 55.34 88.00
C THR G 838 -11.97 53.94 87.42
N VAL G 839 -12.97 53.54 86.66
CA VAL G 839 -13.06 52.19 86.14
C VAL G 839 -13.73 52.25 84.77
N LEU G 840 -13.48 51.25 83.93
CA LEU G 840 -13.93 51.32 82.54
C LEU G 840 -15.23 50.59 82.27
N SER G 841 -16.08 51.23 81.47
CA SER G 841 -17.37 50.68 81.06
C SER G 841 -17.16 49.40 80.26
N GLU G 842 -18.26 48.79 79.81
CA GLU G 842 -18.16 47.70 78.84
C GLU G 842 -17.83 48.29 77.48
N MET G 843 -18.32 49.49 77.26
CA MET G 843 -17.99 50.27 76.06
C MET G 843 -16.54 50.71 76.13
N GLY G 844 -15.92 50.56 77.30
CA GLY G 844 -14.54 50.95 77.49
C GLY G 844 -14.40 52.33 78.10
N GLU G 845 -15.45 53.15 77.98
CA GLU G 845 -15.45 54.52 78.49
C GLU G 845 -15.15 54.58 80.00
N PRO G 846 -14.47 55.65 80.43
CA PRO G 846 -14.06 55.85 81.81
C PRO G 846 -15.22 56.30 82.70
N ILE G 847 -15.28 55.74 83.91
CA ILE G 847 -16.35 56.07 84.86
C ILE G 847 -15.80 56.28 86.26
N HIS G 848 -16.42 57.20 86.99
CA HIS G 848 -16.09 57.44 88.40
C HIS G 848 -17.14 56.77 89.28
N LYS G 849 -16.69 55.86 90.14
CA LYS G 849 -17.61 55.10 90.99
C LYS G 849 -17.12 55.06 92.42
N LEU G 850 -18.04 54.78 93.34
CA LEU G 850 -17.68 54.50 94.73
C LEU G 850 -16.94 53.18 94.80
N ALA G 851 -15.71 53.24 95.27
CA ALA G 851 -14.79 52.10 95.26
C ALA G 851 -15.17 51.00 96.26
N THR G 852 -16.34 50.41 96.06
CA THR G 852 -16.80 49.28 96.86
C THR G 852 -15.94 48.05 96.56
N ARG G 853 -16.06 47.00 97.37
CA ARG G 853 -15.32 45.77 97.15
C ARG G 853 -15.50 45.25 95.73
N GLY G 854 -16.73 45.37 95.24
CA GLY G 854 -17.06 45.00 93.87
C GLY G 854 -16.30 45.86 92.87
N VAL G 855 -16.51 47.17 92.95
CA VAL G 855 -15.92 48.11 92.01
C VAL G 855 -14.41 48.00 92.04
N LEU G 856 -13.87 47.38 93.09
CA LEU G 856 -12.43 47.13 93.20
C LEU G 856 -12.03 45.92 92.38
N PHE G 857 -12.74 44.81 92.60
CA PHE G 857 -12.49 43.59 91.83
C PHE G 857 -12.89 43.79 90.37
N TRP G 858 -13.64 44.84 90.11
CA TRP G 858 -13.98 45.19 88.74
C TRP G 858 -12.77 45.85 88.07
N LYS G 859 -12.18 46.83 88.74
CA LYS G 859 -10.93 47.42 88.28
C LYS G 859 -9.89 46.33 88.08
N GLU G 860 -9.93 45.32 88.95
CA GLU G 860 -9.08 44.15 88.85
C GLU G 860 -9.09 43.54 87.45
N LEU G 861 -10.26 43.06 87.04
CA LEU G 861 -10.44 42.40 85.76
C LEU G 861 -10.18 43.35 84.59
N ASP G 862 -10.41 44.65 84.81
CA ASP G 862 -10.06 45.68 83.83
C ASP G 862 -8.60 45.55 83.47
N ASP G 863 -7.77 45.27 84.47
CA ASP G 863 -6.33 45.30 84.29
C ASP G 863 -5.72 43.96 83.89
N LYS G 864 -6.44 42.87 84.15
CA LYS G 864 -5.86 41.55 83.94
C LYS G 864 -6.62 40.71 82.92
N ILE G 865 -7.91 40.97 82.81
CA ILE G 865 -8.75 40.19 81.92
C ILE G 865 -9.17 41.00 80.71
N PHE G 866 -9.89 42.09 80.94
CA PHE G 866 -10.38 42.92 79.85
C PHE G 866 -9.26 43.71 79.17
N SER G 867 -8.06 43.64 79.72
CA SER G 867 -6.90 44.29 79.13
C SER G 867 -6.37 43.49 77.94
N LEU G 868 -6.58 42.18 77.99
CA LEU G 868 -6.08 41.27 76.97
C LEU G 868 -7.03 41.21 75.77
N ASP G 869 -6.49 40.93 74.59
CA ASP G 869 -7.30 40.85 73.39
C ASP G 869 -8.25 39.67 73.49
N ARG G 870 -9.45 39.82 72.94
CA ARG G 870 -10.50 38.80 73.03
C ARG G 870 -9.97 37.37 73.16
N SER G 871 -9.21 36.93 72.16
CA SER G 871 -8.70 35.57 72.12
C SER G 871 -8.06 35.13 73.42
N LYS G 872 -6.97 35.79 73.77
CA LYS G 872 -6.16 35.37 74.90
C LYS G 872 -6.90 35.46 76.23
N ARG G 873 -8.09 36.09 76.21
CA ARG G 873 -8.88 36.30 77.42
C ARG G 873 -9.38 35.00 78.05
N VAL G 874 -10.10 34.21 77.26
CA VAL G 874 -10.73 33.01 77.77
C VAL G 874 -9.70 32.11 78.43
N ALA G 875 -8.53 31.99 77.83
CA ALA G 875 -7.44 31.20 78.38
C ALA G 875 -7.04 31.69 79.78
N GLU G 876 -6.83 33.01 79.91
CA GLU G 876 -6.42 33.63 81.16
C GLU G 876 -7.49 33.51 82.24
N LEU G 877 -8.75 33.42 81.82
CA LEU G 877 -9.85 33.20 82.77
C LEU G 877 -9.73 31.82 83.40
N LYS G 878 -9.53 30.81 82.57
CA LYS G 878 -9.41 29.45 83.06
C LYS G 878 -8.27 29.28 84.05
N LYS G 879 -7.25 30.12 83.94
CA LYS G 879 -6.11 29.99 84.84
C LYS G 879 -6.41 30.57 86.23
N ARG G 880 -7.16 31.66 86.26
CA ARG G 880 -7.53 32.30 87.51
C ARG G 880 -8.97 31.99 87.86
N ARG G 881 -9.47 30.87 87.35
CA ARG G 881 -10.88 30.55 87.44
C ARG G 881 -11.41 30.61 88.87
N ASP G 882 -10.95 29.67 89.69
CA ASP G 882 -11.46 29.54 91.05
C ASP G 882 -11.15 30.78 91.88
N TYR G 883 -10.15 31.56 91.46
CA TYR G 883 -9.92 32.85 92.09
C TYR G 883 -11.05 33.82 91.74
N ILE G 884 -11.22 34.06 90.44
CA ILE G 884 -12.23 34.98 89.95
C ILE G 884 -13.61 34.55 90.43
N ILE G 885 -13.74 33.25 90.63
CA ILE G 885 -15.01 32.68 91.06
C ILE G 885 -15.25 32.98 92.54
N LYS G 886 -14.18 32.99 93.34
CA LYS G 886 -14.29 33.41 94.73
C LYS G 886 -14.67 34.87 94.78
N LYS G 887 -13.80 35.72 94.25
CA LYS G 887 -14.05 37.15 94.23
C LYS G 887 -15.40 37.50 93.61
N LEU G 888 -15.88 36.64 92.72
CA LEU G 888 -17.19 36.79 92.13
C LEU G 888 -18.25 36.57 93.21
N ASN G 889 -18.21 35.38 93.82
CA ASN G 889 -19.12 34.97 94.89
C ASN G 889 -19.11 35.91 96.10
N ASP G 890 -17.92 36.38 96.45
CA ASP G 890 -17.73 37.10 97.70
C ASP G 890 -18.17 38.56 97.61
N ASP G 891 -17.56 39.33 96.73
CA ASP G 891 -17.88 40.75 96.72
C ASP G 891 -18.18 41.40 95.38
N PHE G 892 -18.98 40.76 94.53
CA PHE G 892 -19.44 41.48 93.35
C PHE G 892 -20.96 41.53 93.19
N GLN G 893 -21.44 42.61 92.57
CA GLN G 893 -22.86 42.81 92.26
C GLN G 893 -23.59 41.58 91.71
N LYS G 894 -22.86 40.75 90.98
CA LYS G 894 -23.41 39.54 90.38
C LYS G 894 -22.60 38.35 90.85
N VAL G 895 -23.28 37.33 91.35
CA VAL G 895 -22.59 36.21 91.96
C VAL G 895 -22.35 35.12 90.93
N TRP G 896 -21.50 34.16 91.29
CA TRP G 896 -21.25 33.01 90.44
C TRP G 896 -22.40 32.03 90.56
N PHE G 897 -23.07 31.76 89.43
CA PHE G 897 -24.26 30.92 89.43
C PHE G 897 -24.00 29.45 89.84
N GLY G 898 -22.80 29.15 90.32
CA GLY G 898 -22.39 27.77 90.45
C GLY G 898 -22.73 26.98 91.69
N ARG G 899 -23.63 27.49 92.53
CA ARG G 899 -23.92 26.82 93.79
C ARG G 899 -24.44 25.39 93.59
N ASN G 900 -24.14 24.51 94.55
CA ASN G 900 -24.78 23.19 94.58
C ASN G 900 -25.71 23.08 95.79
N SER G 901 -26.39 21.94 95.89
CA SER G 901 -27.36 21.72 96.97
C SER G 901 -26.76 22.03 98.34
N ALA G 902 -25.60 21.44 98.62
CA ALA G 902 -24.93 21.58 99.91
C ALA G 902 -24.65 23.03 100.31
N GLY G 903 -24.44 23.89 99.31
CA GLY G 903 -24.19 25.29 99.56
C GLY G 903 -22.94 25.78 98.84
N GLU G 904 -21.98 24.88 98.65
CA GLU G 904 -20.72 25.22 98.00
C GLU G 904 -20.90 25.58 96.52
N PRO G 905 -19.88 26.22 95.92
CA PRO G 905 -19.97 26.56 94.51
C PRO G 905 -19.38 25.44 93.68
N VAL G 906 -19.89 25.26 92.47
CA VAL G 906 -19.39 24.25 91.57
C VAL G 906 -19.46 24.79 90.15
N ASP G 907 -19.11 23.96 89.18
CA ASP G 907 -19.23 24.33 87.77
C ASP G 907 -20.69 24.20 87.37
N LEU G 908 -21.15 25.06 86.47
CA LEU G 908 -22.54 25.01 86.00
C LEU G 908 -22.77 23.62 85.42
N GLU G 909 -21.71 23.06 84.86
CA GLU G 909 -21.75 21.79 84.19
C GLU G 909 -21.86 20.64 85.19
N ASP G 910 -21.75 20.96 86.48
CA ASP G 910 -21.77 19.98 87.54
C ASP G 910 -23.04 20.03 88.41
N MET G 911 -23.89 21.03 88.17
CA MET G 911 -25.15 21.17 88.89
C MET G 911 -26.20 20.19 88.34
N THR G 912 -27.14 19.77 89.19
CA THR G 912 -28.23 18.93 88.72
C THR G 912 -29.31 19.83 88.20
N TYR G 913 -30.24 19.27 87.43
CA TYR G 913 -31.33 20.05 86.86
C TYR G 913 -32.08 20.82 87.92
N ALA G 914 -32.49 20.08 88.95
CA ALA G 914 -33.08 20.65 90.14
C ALA G 914 -32.28 21.85 90.60
N GLU G 915 -31.05 21.56 91.00
CA GLU G 915 -30.16 22.58 91.55
C GLU G 915 -30.15 23.86 90.71
N VAL G 916 -30.22 23.71 89.39
CA VAL G 916 -30.19 24.88 88.52
C VAL G 916 -31.49 25.65 88.61
N VAL G 917 -32.62 24.96 88.41
CA VAL G 917 -33.90 25.65 88.50
C VAL G 917 -34.01 26.33 89.85
N HIS G 918 -33.58 25.64 90.90
CA HIS G 918 -33.55 26.24 92.23
C HIS G 918 -32.71 27.52 92.31
N ARG G 919 -31.44 27.39 91.94
CA ARG G 919 -30.51 28.51 92.00
C ARG G 919 -31.01 29.67 91.18
N MET G 920 -31.82 29.37 90.15
CA MET G 920 -32.40 30.41 89.32
C MET G 920 -33.36 31.24 90.17
N VAL G 921 -34.31 30.56 90.78
CA VAL G 921 -35.25 31.22 91.68
C VAL G 921 -34.49 31.99 92.74
N GLU G 922 -33.59 31.29 93.42
CA GLU G 922 -32.78 31.89 94.50
C GLU G 922 -32.24 33.27 94.15
N LEU G 923 -31.69 33.40 92.95
CA LEU G 923 -30.93 34.57 92.55
C LEU G 923 -31.73 35.62 91.78
N MET G 924 -33.01 35.37 91.52
CA MET G 924 -33.83 36.31 90.75
C MET G 924 -35.13 36.70 91.45
N TYR G 925 -35.55 35.85 92.38
CA TYR G 925 -36.75 36.11 93.17
C TYR G 925 -36.33 36.45 94.59
N VAL G 926 -36.66 37.66 95.03
CA VAL G 926 -36.32 38.14 96.36
C VAL G 926 -37.30 37.56 97.37
N LYS G 927 -36.81 36.65 98.20
CA LYS G 927 -37.67 35.91 99.14
C LYS G 927 -38.48 36.80 100.06
N HIS G 928 -37.78 37.60 100.86
CA HIS G 928 -38.42 38.40 101.90
C HIS G 928 -39.25 39.57 101.37
N GLU G 929 -39.39 39.66 100.04
CA GLU G 929 -40.23 40.69 99.45
C GLU G 929 -41.28 40.10 98.51
N LYS G 930 -41.26 38.78 98.36
CA LYS G 930 -42.17 38.04 97.47
C LYS G 930 -42.31 38.67 96.08
N ARG G 931 -41.18 38.97 95.45
CA ARG G 931 -41.18 39.59 94.13
C ARG G 931 -40.02 39.10 93.29
N TRP G 932 -40.23 39.08 91.98
CA TRP G 932 -39.14 38.84 91.03
C TRP G 932 -38.50 40.17 90.64
N ILE G 933 -37.18 40.16 90.53
CA ILE G 933 -36.44 41.35 90.13
C ILE G 933 -36.97 41.93 88.81
N ASP G 934 -37.63 41.07 88.04
CA ASP G 934 -38.23 41.46 86.76
C ASP G 934 -39.03 40.29 86.19
N PRO G 935 -40.27 40.57 85.76
CA PRO G 935 -41.11 39.54 85.13
C PRO G 935 -40.34 38.70 84.12
N SER G 936 -39.60 39.36 83.24
CA SER G 936 -38.79 38.69 82.23
C SER G 936 -37.94 37.56 82.82
N LEU G 937 -37.34 37.82 83.96
CA LEU G 937 -36.49 36.83 84.62
C LEU G 937 -37.34 35.70 85.24
N LYS G 938 -38.61 35.98 85.49
CA LYS G 938 -39.50 34.94 85.96
C LYS G 938 -39.81 34.05 84.78
N LYS G 939 -40.01 34.68 83.64
CA LYS G 939 -40.24 33.96 82.40
C LYS G 939 -39.06 33.02 82.15
N LEU G 940 -37.87 33.60 82.11
CA LEU G 940 -36.63 32.84 81.97
C LEU G 940 -36.64 31.57 82.83
N THR G 941 -36.61 31.77 84.14
CA THR G 941 -36.69 30.66 85.06
C THR G 941 -37.84 29.70 84.68
N GLY G 942 -38.95 30.27 84.21
CA GLY G 942 -40.09 29.47 83.80
C GLY G 942 -39.78 28.59 82.60
N ASP G 943 -39.19 29.19 81.57
CA ASP G 943 -38.87 28.48 80.35
C ASP G 943 -37.89 27.35 80.60
N PHE G 944 -36.83 27.60 81.36
CA PHE G 944 -35.87 26.55 81.61
C PHE G 944 -36.57 25.38 82.31
N ILE G 945 -37.45 25.70 83.24
CA ILE G 945 -38.24 24.68 83.94
C ILE G 945 -38.94 23.81 82.91
N ARG G 946 -39.67 24.47 82.01
CA ARG G 946 -40.35 23.84 80.89
C ARG G 946 -39.41 22.88 80.20
N ARG G 947 -38.16 23.30 80.04
CA ARG G 947 -37.16 22.49 79.37
C ARG G 947 -36.89 21.21 80.13
N VAL G 948 -36.66 21.35 81.43
CA VAL G 948 -36.31 20.22 82.26
C VAL G 948 -37.41 19.19 82.14
N GLU G 949 -38.64 19.70 82.09
CA GLU G 949 -39.81 18.89 81.79
C GLU G 949 -39.52 18.06 80.56
N GLU G 950 -39.33 18.75 79.45
CA GLU G 950 -39.07 18.12 78.16
C GLU G 950 -37.95 17.09 78.23
N ARG G 951 -36.83 17.47 78.82
CA ARG G 951 -35.70 16.57 78.93
C ARG G 951 -36.11 15.25 79.55
N PHE G 952 -37.08 15.34 80.46
CA PHE G 952 -37.43 14.21 81.29
C PHE G 952 -38.77 13.55 80.98
N THR G 953 -39.44 14.01 79.94
CA THR G 953 -40.61 13.31 79.43
C THR G 953 -40.19 12.62 78.14
N SER G 954 -40.77 11.44 77.88
CA SER G 954 -40.43 10.72 76.66
C SER G 954 -41.65 10.11 75.94
N VAL G 955 -42.82 10.70 76.15
CA VAL G 955 -43.99 10.32 75.38
C VAL G 955 -44.90 11.51 75.14
N GLU G 956 -45.42 11.62 73.93
CA GLU G 956 -46.27 12.75 73.58
C GLU G 956 -47.59 12.63 74.31
N GLY G 957 -48.21 13.79 74.56
CA GLY G 957 -49.49 13.80 75.22
C GLY G 957 -49.50 14.52 76.55
N GLN G 958 -48.54 14.18 77.42
CA GLN G 958 -48.44 14.82 78.72
C GLN G 958 -48.26 16.33 78.59
N PRO G 959 -49.13 17.10 79.27
CA PRO G 959 -49.00 18.56 79.24
C PRO G 959 -48.04 19.07 80.29
N SER G 960 -47.76 20.37 80.26
CA SER G 960 -46.82 20.97 81.19
C SER G 960 -47.47 21.20 82.54
N LEU G 961 -46.67 20.96 83.59
CA LEU G 961 -47.12 21.19 84.96
C LEU G 961 -47.09 22.68 85.25
N LEU G 962 -46.18 23.37 84.57
CA LEU G 962 -46.17 24.83 84.61
C LEU G 962 -46.90 25.31 83.37
N GLN G 963 -48.22 25.48 83.48
CA GLN G 963 -49.03 25.80 82.31
C GLN G 963 -49.15 27.30 82.09
N ASN G 964 -49.02 28.07 83.16
CA ASN G 964 -49.00 29.54 83.07
C ASN G 964 -47.90 30.11 83.97
N TYR G 965 -47.12 31.05 83.44
CA TYR G 965 -46.00 31.60 84.22
C TYR G 965 -46.50 32.28 85.47
N SER G 966 -47.79 32.58 85.50
CA SER G 966 -48.47 33.06 86.69
C SER G 966 -48.12 32.17 87.90
N ASP G 967 -47.99 30.88 87.65
CA ASP G 967 -47.65 29.89 88.67
C ASP G 967 -46.38 30.25 89.47
N LEU G 968 -45.43 30.85 88.78
CA LEU G 968 -44.15 31.17 89.42
C LEU G 968 -44.24 32.42 90.31
N ASP G 969 -45.41 33.04 90.39
CA ASP G 969 -45.57 34.25 91.19
C ASP G 969 -45.19 34.01 92.66
N GLU G 970 -45.76 33.00 93.27
CA GLU G 970 -45.20 32.43 94.50
C GLU G 970 -44.57 31.10 94.12
N PRO G 971 -43.28 31.14 93.85
CA PRO G 971 -42.52 30.15 93.09
C PRO G 971 -42.14 28.97 93.93
N TYR G 972 -41.25 29.20 94.89
CA TYR G 972 -40.64 28.15 95.69
C TYR G 972 -41.67 27.12 96.19
N PRO G 973 -42.89 27.56 96.55
CA PRO G 973 -43.98 26.63 96.91
C PRO G 973 -44.39 25.72 95.76
N ALA G 974 -44.55 26.30 94.57
CA ALA G 974 -45.01 25.59 93.37
C ALA G 974 -43.92 24.82 92.66
N VAL G 975 -42.78 25.47 92.43
CA VAL G 975 -41.64 24.83 91.76
C VAL G 975 -41.41 23.38 92.19
N ASP G 976 -41.30 23.18 93.50
CA ASP G 976 -40.95 21.88 94.05
C ASP G 976 -41.94 20.83 93.58
N ARG G 977 -43.17 21.27 93.35
CA ARG G 977 -44.21 20.39 92.85
C ARG G 977 -43.83 19.83 91.48
N ILE G 978 -43.48 20.72 90.56
CA ILE G 978 -43.12 20.31 89.21
C ILE G 978 -41.89 19.43 89.24
N LEU G 979 -40.83 19.96 89.82
CA LEU G 979 -39.55 19.26 89.94
C LEU G 979 -39.65 17.84 90.51
N ALA G 980 -40.68 17.64 91.32
CA ALA G 980 -40.87 16.37 91.99
C ALA G 980 -41.59 15.43 91.03
N ALA G 981 -42.29 16.01 90.07
CA ALA G 981 -43.03 15.24 89.10
C ALA G 981 -42.06 14.57 88.15
N TYR G 982 -40.86 15.13 88.05
CA TYR G 982 -39.83 14.55 87.22
C TYR G 982 -38.66 14.25 88.12
N PRO G 983 -38.74 13.12 88.82
CA PRO G 983 -37.81 12.63 89.84
C PRO G 983 -36.35 12.85 89.48
N GLU G 984 -35.90 12.19 88.42
CA GLU G 984 -34.50 12.13 88.04
C GLU G 984 -33.87 13.51 87.87
N ALA G 985 -34.71 14.54 87.76
CA ALA G 985 -34.23 15.91 87.59
C ALA G 985 -33.44 16.35 88.80
N SER G 986 -33.29 15.45 89.76
CA SER G 986 -32.58 15.74 90.98
C SER G 986 -31.46 14.72 91.14
N THR G 987 -31.34 13.82 90.17
CA THR G 987 -30.34 12.77 90.19
C THR G 987 -29.14 13.05 89.28
N GLN G 988 -29.43 13.60 88.10
CA GLN G 988 -28.42 13.81 87.04
C GLN G 988 -28.25 15.28 86.65
N LEU G 989 -27.04 15.60 86.23
CA LEU G 989 -26.64 16.98 85.95
C LEU G 989 -27.15 17.41 84.57
N ILE G 990 -27.03 18.69 84.23
CA ILE G 990 -27.50 19.18 82.95
C ILE G 990 -26.80 18.45 81.83
N ASN G 991 -27.54 18.17 80.75
CA ASN G 991 -26.94 17.71 79.50
C ASN G 991 -25.99 18.78 79.07
N ALA G 992 -24.91 18.38 78.41
CA ALA G 992 -23.99 19.34 77.87
C ALA G 992 -24.82 20.28 76.98
N GLN G 993 -25.70 19.67 76.19
CA GLN G 993 -26.58 20.39 75.29
C GLN G 993 -27.42 21.42 76.04
N ASP G 994 -27.87 21.04 77.23
CA ASP G 994 -28.78 21.88 77.96
C ASP G 994 -28.05 23.05 78.62
N VAL G 995 -26.83 22.80 79.07
CA VAL G 995 -26.01 23.87 79.54
C VAL G 995 -25.96 24.96 78.49
N GLN G 996 -25.63 24.56 77.25
CA GLN G 996 -25.54 25.50 76.14
C GLN G 996 -26.85 26.27 75.94
N HIS G 997 -27.96 25.58 76.11
CA HIS G 997 -29.27 26.16 75.95
C HIS G 997 -29.51 27.20 77.04
N PHE G 998 -29.37 26.75 78.28
CA PHE G 998 -29.45 27.62 79.44
C PHE G 998 -28.75 28.93 79.12
N LEU G 999 -27.50 28.78 78.71
CA LEU G 999 -26.63 29.91 78.49
C LEU G 999 -27.15 30.85 77.44
N LEU G 1000 -27.87 30.34 76.44
CA LEU G 1000 -28.42 31.21 75.40
C LEU G 1000 -29.67 31.90 75.93
N LEU G 1001 -30.35 31.23 76.84
CA LEU G 1001 -31.54 31.76 77.44
C LEU G 1001 -31.22 32.98 78.29
N CYS G 1002 -30.05 32.95 78.90
CA CYS G 1002 -29.59 34.06 79.74
C CYS G 1002 -29.16 35.26 78.89
N GLN G 1003 -29.21 35.09 77.57
CA GLN G 1003 -28.73 36.09 76.61
C GLN G 1003 -29.82 36.70 75.74
N ARG G 1004 -30.99 36.07 75.68
CA ARG G 1004 -32.07 36.49 74.77
C ARG G 1004 -32.35 37.99 74.74
N ARG G 1005 -32.84 38.46 73.59
CA ARG G 1005 -33.22 39.86 73.46
C ARG G 1005 -34.53 40.11 74.17
N GLY G 1006 -34.62 41.25 74.86
CA GLY G 1006 -35.84 41.62 75.57
C GLY G 1006 -35.98 41.00 76.95
N GLN G 1007 -34.86 40.56 77.52
CA GLN G 1007 -34.82 40.06 78.88
C GLN G 1007 -33.81 40.87 79.67
N LYS G 1008 -34.15 41.21 80.92
CA LYS G 1008 -33.21 41.91 81.75
C LYS G 1008 -31.97 41.04 81.91
N PRO G 1009 -30.81 41.64 81.70
CA PRO G 1009 -29.55 40.90 81.84
C PRO G 1009 -29.49 40.12 83.15
N VAL G 1010 -29.26 38.83 83.05
CA VAL G 1010 -29.13 37.95 84.21
C VAL G 1010 -28.29 38.56 85.33
N PRO G 1011 -28.75 38.44 86.59
CA PRO G 1011 -28.15 39.02 87.79
C PRO G 1011 -27.02 38.15 88.33
N PHE G 1012 -26.27 37.51 87.46
CA PHE G 1012 -25.14 36.70 87.87
C PHE G 1012 -24.17 36.43 86.72
N VAL G 1013 -23.27 35.49 86.93
CA VAL G 1013 -22.37 35.03 85.88
C VAL G 1013 -22.41 33.50 85.77
N PRO G 1014 -22.88 33.01 84.63
CA PRO G 1014 -23.16 31.59 84.35
C PRO G 1014 -21.91 30.77 84.07
N ALA G 1015 -20.94 31.37 83.39
CA ALA G 1015 -19.59 30.82 83.32
C ALA G 1015 -18.65 31.88 82.78
N LEU G 1016 -17.36 31.55 82.71
CA LEU G 1016 -16.30 32.50 82.31
C LEU G 1016 -15.92 32.38 80.84
N ASP G 1017 -16.92 32.45 79.97
CA ASP G 1017 -16.70 32.16 78.55
C ASP G 1017 -16.18 33.37 77.76
N GLU G 1018 -16.40 33.34 76.45
CA GLU G 1018 -16.01 34.41 75.54
C GLU G 1018 -16.82 35.68 75.77
N ASN G 1019 -17.83 35.58 76.62
CA ASN G 1019 -18.76 36.69 76.88
C ASN G 1019 -18.67 37.19 78.30
N PHE G 1020 -17.68 36.71 79.03
CA PHE G 1020 -17.55 37.01 80.44
C PHE G 1020 -17.64 38.50 80.75
N GLU G 1021 -17.16 39.34 79.83
CA GLU G 1021 -17.25 40.79 80.01
C GLU G 1021 -18.71 41.26 80.03
N TYR G 1022 -19.51 40.73 79.11
CA TYR G 1022 -20.94 41.02 79.07
C TYR G 1022 -21.61 40.55 80.34
N TRP G 1023 -21.30 39.31 80.71
CA TRP G 1023 -21.90 38.70 81.89
C TRP G 1023 -21.69 39.59 83.10
N PHE G 1024 -20.46 40.10 83.20
CA PHE G 1024 -19.99 40.88 84.34
C PHE G 1024 -20.61 42.28 84.44
N LYS G 1025 -20.45 43.06 83.37
CA LYS G 1025 -20.71 44.49 83.46
C LYS G 1025 -21.85 45.06 82.61
N LYS G 1026 -22.85 44.24 82.25
CA LYS G 1026 -23.99 44.84 81.55
C LYS G 1026 -25.08 45.16 82.56
N ASP G 1027 -25.72 46.33 82.42
CA ASP G 1027 -26.81 46.72 83.32
C ASP G 1027 -26.38 46.48 84.76
N SER G 1028 -25.55 47.38 85.29
CA SER G 1028 -24.91 47.17 86.59
C SER G 1028 -25.48 48.08 87.66
N LEU G 1029 -25.78 49.30 87.27
CA LEU G 1029 -26.16 50.34 88.22
C LEU G 1029 -27.57 50.28 88.84
N TRP G 1030 -28.48 49.53 88.24
CA TRP G 1030 -29.83 49.38 88.79
C TRP G 1030 -29.82 48.83 90.21
N GLN G 1031 -28.74 48.11 90.52
CA GLN G 1031 -28.62 47.37 91.78
C GLN G 1031 -28.26 48.32 92.92
N SER G 1032 -27.64 49.42 92.56
CA SER G 1032 -27.39 50.51 93.48
C SER G 1032 -28.71 51.03 94.02
N GLU G 1033 -29.67 51.31 93.13
CA GLU G 1033 -30.96 51.85 93.55
C GLU G 1033 -31.95 50.76 93.95
N ASP G 1034 -31.45 49.59 94.30
CA ASP G 1034 -32.30 48.52 94.84
C ASP G 1034 -31.46 47.45 95.53
N ILE G 1035 -30.81 47.84 96.63
CA ILE G 1035 -29.91 46.92 97.32
C ILE G 1035 -30.68 45.79 97.98
N GLU G 1036 -32.01 45.87 97.94
CA GLU G 1036 -32.83 44.82 98.53
C GLU G 1036 -32.76 43.55 97.69
N ALA G 1037 -32.59 43.73 96.39
CA ALA G 1037 -32.49 42.62 95.45
C ALA G 1037 -31.11 41.97 95.54
N VAL G 1038 -30.09 42.81 95.67
CA VAL G 1038 -28.69 42.37 95.72
C VAL G 1038 -28.48 41.22 96.70
N TYR G 1039 -27.62 40.28 96.32
CA TYR G 1039 -27.20 39.18 97.18
C TYR G 1039 -26.62 39.76 98.45
N GLY G 1040 -27.13 39.33 99.60
CA GLY G 1040 -26.65 39.79 100.89
C GLY G 1040 -27.10 41.20 101.18
N GLN G 1041 -27.48 41.92 100.14
CA GLN G 1041 -28.02 43.28 100.26
C GLN G 1041 -27.02 44.30 100.77
N ASP G 1042 -25.72 44.01 100.64
CA ASP G 1042 -24.72 44.99 101.05
C ASP G 1042 -24.23 45.79 99.87
N VAL G 1043 -24.09 47.09 100.06
CA VAL G 1043 -23.60 47.96 99.04
C VAL G 1043 -22.16 47.58 98.75
N GLY G 1044 -21.54 46.85 99.69
CA GLY G 1044 -20.15 46.47 99.58
C GLY G 1044 -19.75 45.97 98.20
N ARG G 1045 -20.70 45.38 97.49
CA ARG G 1045 -20.41 44.78 96.20
C ARG G 1045 -21.10 45.52 95.05
N THR G 1046 -21.51 46.75 95.33
CA THR G 1046 -22.40 47.49 94.41
C THR G 1046 -21.72 48.65 93.66
N CYS G 1047 -22.38 49.08 92.59
CA CYS G 1047 -21.83 50.05 91.65
C CYS G 1047 -22.55 51.38 91.81
N ILE G 1048 -21.88 52.35 92.42
CA ILE G 1048 -22.49 53.66 92.63
C ILE G 1048 -21.61 54.75 92.03
N LEU G 1049 -22.17 55.63 91.21
CA LEU G 1049 -21.39 56.65 90.53
C LEU G 1049 -21.23 57.90 91.38
N GLN G 1050 -20.01 58.47 91.41
CA GLN G 1050 -19.72 59.66 92.23
C GLN G 1050 -18.49 60.41 91.73
N GLY G 1051 -18.58 61.74 91.72
CA GLY G 1051 -17.41 62.57 91.45
C GLY G 1051 -16.42 62.44 92.60
N PRO G 1052 -15.14 62.72 92.32
CA PRO G 1052 -14.10 62.59 93.35
C PRO G 1052 -14.17 63.72 94.38
N VAL G 1053 -14.58 64.90 93.91
CA VAL G 1053 -14.55 66.10 94.72
C VAL G 1053 -15.86 66.32 95.45
N ALA G 1054 -16.98 66.14 94.74
CA ALA G 1054 -18.27 66.36 95.35
C ALA G 1054 -18.71 65.22 96.30
N ALA G 1055 -17.77 64.67 97.07
CA ALA G 1055 -18.03 63.53 97.97
C ALA G 1055 -17.99 63.95 99.44
N LYS G 1056 -17.17 64.95 99.68
CA LYS G 1056 -17.12 65.61 100.96
C LYS G 1056 -18.34 66.51 101.09
N TYR G 1057 -18.79 67.08 99.96
CA TYR G 1057 -19.91 68.03 99.93
C TYR G 1057 -21.26 67.42 100.27
N SER G 1058 -21.26 66.16 100.68
CA SER G 1058 -22.46 65.46 101.17
C SER G 1058 -22.15 64.85 102.54
N LYS G 1059 -22.89 65.28 103.57
CA LYS G 1059 -22.65 64.79 104.93
C LYS G 1059 -23.88 64.22 105.65
N VAL G 1060 -25.08 64.56 105.17
CA VAL G 1060 -26.30 63.98 105.73
C VAL G 1060 -27.15 63.22 104.69
N ILE G 1061 -27.59 62.04 105.07
CA ILE G 1061 -28.48 61.23 104.25
C ILE G 1061 -29.82 61.96 104.10
N ASP G 1062 -30.65 61.44 103.21
CA ASP G 1062 -32.08 61.76 103.14
C ASP G 1062 -32.56 63.22 103.30
N GLU G 1063 -31.75 64.17 102.88
CA GLU G 1063 -32.18 65.55 102.84
C GLU G 1063 -33.17 65.78 101.69
N PRO G 1064 -34.35 66.33 101.99
CA PRO G 1064 -35.31 66.65 100.92
C PRO G 1064 -34.70 67.58 99.90
N ILE G 1065 -35.06 67.45 98.63
CA ILE G 1065 -34.39 68.21 97.59
C ILE G 1065 -34.58 69.71 97.78
N LYS G 1066 -35.83 70.11 97.94
CA LYS G 1066 -36.15 71.53 98.05
C LYS G 1066 -35.29 72.20 99.13
N ASP G 1067 -34.88 71.43 100.12
CA ASP G 1067 -33.95 71.91 101.14
C ASP G 1067 -32.60 72.17 100.51
N ILE G 1068 -31.90 71.10 100.14
CA ILE G 1068 -30.61 71.21 99.47
C ILE G 1068 -30.62 72.37 98.48
N LEU G 1069 -31.59 72.33 97.58
CA LEU G 1069 -31.69 73.31 96.51
C LEU G 1069 -32.02 74.70 97.02
N ASP G 1070 -33.20 74.86 97.62
CA ASP G 1070 -33.60 76.15 98.19
C ASP G 1070 -32.41 76.70 98.97
N GLY G 1071 -31.89 75.89 99.87
CA GLY G 1071 -30.72 76.25 100.67
C GLY G 1071 -29.61 76.88 99.85
N ILE G 1072 -29.15 76.17 98.83
CA ILE G 1072 -28.09 76.67 97.97
C ILE G 1072 -28.45 77.99 97.28
N HIS G 1073 -29.69 78.15 96.87
CA HIS G 1073 -30.10 79.39 96.21
C HIS G 1073 -30.15 80.53 97.19
N ASN G 1074 -30.65 80.26 98.38
CA ASN G 1074 -30.86 81.30 99.38
C ASN G 1074 -29.58 81.81 100.03
N ASP G 1075 -28.61 80.92 100.20
CA ASP G 1075 -27.27 81.33 100.57
C ASP G 1075 -26.73 82.23 99.46
N HIS G 1076 -27.08 81.92 98.22
CA HIS G 1076 -26.63 82.73 97.10
C HIS G 1076 -27.23 84.14 97.11
N ILE G 1077 -28.55 84.24 97.27
CA ILE G 1077 -29.20 85.54 97.31
C ILE G 1077 -28.75 86.32 98.54
N LYS G 1078 -28.48 85.62 99.64
CA LYS G 1078 -27.95 86.25 100.85
C LYS G 1078 -26.52 86.74 100.66
N PHE G 1079 -25.61 85.82 100.32
CA PHE G 1079 -24.26 86.17 99.91
C PHE G 1079 -24.30 87.39 98.97
N LEU G 1080 -25.26 87.39 98.06
CA LEU G 1080 -25.31 88.35 96.97
C LEU G 1080 -25.82 89.71 97.44
N LEU G 1081 -26.81 89.69 98.32
CA LEU G 1081 -27.35 90.89 98.90
C LEU G 1081 -26.26 91.56 99.73
N ARG G 1082 -25.76 90.83 100.71
CA ARG G 1082 -24.72 91.31 101.62
C ARG G 1082 -23.46 91.78 100.90
N ASP G 1083 -23.23 91.32 99.68
CA ASP G 1083 -22.01 91.68 98.96
C ASP G 1083 -22.23 92.76 97.89
N LEU G 1084 -23.48 93.04 97.56
CA LEU G 1084 -23.79 94.04 96.53
C LEU G 1084 -25.05 94.88 96.77
N TYR G 1085 -25.50 94.92 98.02
CA TYR G 1085 -26.70 95.67 98.40
C TYR G 1085 -26.63 96.08 99.86
N ASP G 1086 -25.48 95.75 100.47
CA ASP G 1086 -25.20 95.84 101.92
C ASP G 1086 -26.39 95.60 102.87
N GLY G 1087 -27.04 94.45 102.73
CA GLY G 1087 -28.13 94.07 103.59
C GLY G 1087 -29.49 94.64 103.18
N LYS G 1088 -29.47 95.74 102.43
CA LYS G 1088 -30.68 96.49 102.10
C LYS G 1088 -31.52 95.91 100.96
N GLU G 1089 -32.49 95.08 101.32
CA GLU G 1089 -33.35 94.44 100.37
C GLU G 1089 -34.23 95.47 99.67
N GLU G 1090 -34.18 96.70 100.15
CA GLU G 1090 -34.91 97.78 99.51
C GLU G 1090 -34.23 98.11 98.19
N ASN G 1091 -32.93 97.82 98.14
CA ASN G 1091 -32.11 98.08 96.96
C ASN G 1091 -32.39 97.08 95.82
N VAL G 1092 -32.87 95.90 96.18
CA VAL G 1092 -33.21 94.87 95.21
C VAL G 1092 -34.39 95.28 94.35
N PRO G 1093 -34.14 95.54 93.06
CA PRO G 1093 -35.17 95.98 92.10
C PRO G 1093 -36.32 95.01 92.08
N VAL G 1094 -37.48 95.43 91.58
CA VAL G 1094 -38.64 94.55 91.56
C VAL G 1094 -39.43 94.61 90.25
N ILE G 1095 -39.85 93.45 89.78
CA ILE G 1095 -40.61 93.32 88.55
C ILE G 1095 -41.95 92.68 88.83
N GLU G 1096 -42.92 92.91 87.96
CA GLU G 1096 -44.22 92.24 88.00
C GLU G 1096 -44.05 90.72 88.13
N TYR G 1097 -43.62 90.06 87.06
CA TYR G 1097 -43.35 88.62 87.09
C TYR G 1097 -41.93 88.32 86.64
N PHE G 1098 -41.36 87.20 87.05
CA PHE G 1098 -39.99 86.93 86.63
C PHE G 1098 -39.91 86.38 85.22
N GLY G 1099 -39.84 87.29 84.24
CA GLY G 1099 -39.78 86.90 82.85
C GLY G 1099 -38.51 87.38 82.16
N GLY G 1100 -38.52 87.40 80.82
CA GLY G 1100 -37.35 87.77 80.05
C GLY G 1100 -37.07 89.25 80.03
N ARG G 1101 -35.79 89.62 80.14
CA ARG G 1101 -35.38 91.01 80.17
C ARG G 1101 -36.03 91.79 79.02
N ILE G 1102 -36.14 93.11 79.18
CA ILE G 1102 -36.72 93.93 78.12
C ILE G 1102 -35.74 94.94 77.53
N LEU G 1103 -35.85 95.14 76.23
CA LEU G 1103 -34.94 95.99 75.46
C LEU G 1103 -35.25 97.49 75.63
N LYS G 1104 -34.25 98.25 76.09
CA LYS G 1104 -34.38 99.69 76.23
C LYS G 1104 -34.03 100.41 74.92
N ALA G 1105 -34.86 101.37 74.54
CA ALA G 1105 -34.62 102.21 73.36
C ALA G 1105 -34.47 103.69 73.76
N THR G 1106 -33.28 104.25 73.52
CA THR G 1106 -33.06 105.68 73.72
C THR G 1106 -33.73 106.48 72.58
N ASP G 1107 -34.33 105.73 71.64
CA ASP G 1107 -35.22 106.28 70.62
C ASP G 1107 -36.67 106.53 71.16
N GLU G 1108 -37.46 105.47 71.46
CA GLU G 1108 -38.90 105.49 71.90
C GLU G 1108 -39.91 105.93 70.82
N GLU G 1109 -39.41 106.01 69.59
CA GLU G 1109 -40.19 106.39 68.41
C GLU G 1109 -40.08 105.28 67.38
N PRO G 1110 -41.23 104.89 66.79
CA PRO G 1110 -41.30 103.79 65.80
C PRO G 1110 -40.71 104.15 64.44
N ASP G 1111 -39.47 103.72 64.18
CA ASP G 1111 -38.82 103.93 62.89
C ASP G 1111 -39.18 102.80 61.93
N ILE G 1112 -40.46 102.42 61.94
CA ILE G 1112 -40.94 101.22 61.26
C ILE G 1112 -41.70 101.53 59.96
N ASP G 1113 -41.35 100.80 58.90
CA ASP G 1113 -41.98 100.99 57.59
C ASP G 1113 -43.33 100.30 57.47
N GLY G 1114 -44.25 100.94 56.75
CA GLY G 1114 -45.60 100.42 56.59
C GLY G 1114 -46.43 100.51 57.86
N LEU G 1115 -45.84 101.08 58.91
CA LEU G 1115 -46.54 101.26 60.18
C LEU G 1115 -46.57 102.73 60.58
N THR G 1116 -47.74 103.19 61.02
CA THR G 1116 -47.87 104.53 61.54
C THR G 1116 -48.24 104.46 63.02
N ALA G 1117 -47.72 105.39 63.81
CA ALA G 1117 -47.89 105.37 65.26
C ALA G 1117 -48.39 106.71 65.81
N SER G 1118 -49.54 106.68 66.46
CA SER G 1118 -50.15 107.86 67.05
C SER G 1118 -50.56 107.56 68.50
N ARG G 1119 -50.70 108.59 69.34
CA ARG G 1119 -51.22 108.37 70.70
C ARG G 1119 -51.76 109.63 71.40
N ASP G 1120 -52.76 109.41 72.26
CA ASP G 1120 -53.29 110.45 73.14
C ASP G 1120 -52.87 110.12 74.55
N ALA G 1121 -53.69 110.53 75.52
CA ALA G 1121 -53.50 110.14 76.90
C ALA G 1121 -54.36 108.92 77.15
N ASN G 1122 -55.27 108.69 76.20
CA ASN G 1122 -56.24 107.61 76.32
C ASN G 1122 -55.96 106.40 75.42
N LYS G 1123 -55.29 106.61 74.30
CA LYS G 1123 -55.18 105.59 73.28
C LYS G 1123 -53.88 105.62 72.48
N ILE G 1124 -53.27 104.46 72.30
CA ILE G 1124 -52.16 104.35 71.35
C ILE G 1124 -52.65 103.72 70.06
N SER G 1125 -52.41 104.38 68.93
CA SER G 1125 -52.85 103.90 67.64
C SER G 1125 -51.70 103.36 66.79
N TYR G 1126 -51.80 102.10 66.38
CA TYR G 1126 -50.90 101.54 65.37
C TYR G 1126 -51.75 101.09 64.21
N ARG G 1127 -51.37 101.47 63.00
CA ARG G 1127 -52.01 100.89 61.82
C ARG G 1127 -51.05 100.73 60.64
N LEU G 1128 -51.22 99.62 59.93
CA LEU G 1128 -50.29 99.24 58.88
C LEU G 1128 -50.83 99.62 57.51
N SER G 1129 -49.95 100.20 56.70
CA SER G 1129 -50.31 100.71 55.39
C SER G 1129 -51.15 99.74 54.58
N ASN G 1130 -52.28 100.23 54.06
CA ASN G 1130 -53.16 99.38 53.26
C ASN G 1130 -52.64 99.22 51.82
N ALA G 1131 -51.55 99.93 51.50
CA ALA G 1131 -50.87 99.75 50.22
C ALA G 1131 -50.46 98.30 50.04
N PRO G 1132 -50.69 97.76 48.83
CA PRO G 1132 -50.37 96.36 48.52
C PRO G 1132 -48.86 96.08 48.55
N SER G 1133 -48.03 97.11 48.69
CA SER G 1133 -46.59 96.91 48.73
C SER G 1133 -46.17 95.98 49.87
N ALA G 1134 -45.24 95.07 49.58
CA ALA G 1134 -44.86 94.00 50.51
C ALA G 1134 -44.01 94.46 51.71
N ASN G 1135 -44.17 95.72 52.12
CA ASN G 1135 -43.43 96.25 53.27
C ASN G 1135 -44.26 96.29 54.55
N LEU G 1136 -44.00 95.34 55.45
CA LEU G 1136 -44.63 95.31 56.75
C LEU G 1136 -43.65 94.83 57.80
N PRO G 1137 -43.90 95.18 59.08
CA PRO G 1137 -43.05 94.82 60.22
C PRO G 1137 -42.99 93.33 60.48
N ASP G 1138 -41.92 92.87 61.12
CA ASP G 1138 -41.81 91.47 61.51
C ASP G 1138 -43.02 91.17 62.36
N VAL G 1139 -43.51 89.93 62.26
CA VAL G 1139 -44.57 89.50 63.15
C VAL G 1139 -44.03 89.58 64.58
N ASP G 1140 -42.71 89.44 64.69
CA ASP G 1140 -42.01 89.54 65.97
C ASP G 1140 -41.98 90.96 66.51
N SER G 1141 -41.45 91.87 65.72
CA SER G 1141 -41.37 93.28 66.09
C SER G 1141 -42.74 93.81 66.47
N PHE G 1142 -43.73 93.52 65.61
CA PHE G 1142 -45.09 94.00 65.80
C PHE G 1142 -45.72 93.56 67.12
N MET G 1143 -45.14 92.55 67.75
CA MET G 1143 -45.65 92.10 69.04
C MET G 1143 -44.80 92.58 70.21
N GLN G 1144 -43.53 92.86 69.95
CA GLN G 1144 -42.70 93.51 70.95
C GLN G 1144 -43.28 94.89 71.25
N LEU G 1145 -43.96 95.46 70.26
CA LEU G 1145 -44.50 96.81 70.36
C LEU G 1145 -45.77 96.82 71.20
N ILE G 1146 -46.72 95.98 70.82
CA ILE G 1146 -47.98 95.87 71.53
C ILE G 1146 -47.80 95.33 72.95
N ALA G 1147 -46.65 94.72 73.22
CA ALA G 1147 -46.38 94.18 74.57
C ALA G 1147 -46.11 95.28 75.60
N GLY G 1148 -45.34 96.30 75.18
CA GLY G 1148 -44.97 97.41 76.03
C GLY G 1148 -43.67 97.15 76.77
N ASN G 1149 -43.30 98.07 77.65
CA ASN G 1149 -42.14 97.88 78.52
C ASN G 1149 -42.55 97.45 79.91
N SER G 1150 -43.71 97.93 80.33
CA SER G 1150 -44.25 97.60 81.65
C SER G 1150 -44.62 96.13 81.71
N TYR G 1151 -44.09 95.42 82.70
CA TYR G 1151 -44.47 94.03 82.94
C TYR G 1151 -45.92 93.97 83.39
N SER G 1152 -46.82 93.66 82.48
CA SER G 1152 -48.26 93.71 82.77
C SER G 1152 -48.97 92.42 82.38
N TRP G 1153 -50.29 92.47 82.37
CA TRP G 1153 -51.05 91.41 81.74
C TRP G 1153 -50.79 91.61 80.26
N ARG G 1154 -50.94 92.85 79.82
CA ARG G 1154 -50.82 93.20 78.41
C ARG G 1154 -49.46 92.84 77.83
N HIS G 1155 -48.43 92.78 78.66
CA HIS G 1155 -47.11 92.42 78.19
C HIS G 1155 -47.02 90.91 78.02
N ALA G 1156 -47.42 90.16 79.04
CA ALA G 1156 -47.31 88.70 79.02
C ALA G 1156 -48.22 88.04 77.98
N MET G 1157 -49.22 88.77 77.51
CA MET G 1157 -50.10 88.27 76.47
C MET G 1157 -49.42 88.29 75.11
N PHE G 1158 -48.50 89.23 74.92
CA PHE G 1158 -47.79 89.33 73.65
C PHE G 1158 -46.33 88.97 73.83
N THR G 1159 -46.01 88.33 74.95
CA THR G 1159 -44.66 87.90 75.25
C THR G 1159 -44.55 86.38 75.25
N THR G 1160 -45.23 85.71 76.18
CA THR G 1160 -45.13 84.27 76.27
C THR G 1160 -45.75 83.62 75.05
N GLU G 1161 -44.96 82.75 74.42
CA GLU G 1161 -45.38 81.99 73.26
C GLU G 1161 -46.28 80.83 73.66
N VAL G 1162 -46.30 80.51 74.95
CA VAL G 1162 -47.17 79.43 75.42
C VAL G 1162 -48.26 79.89 76.35
N PHE G 1163 -49.50 79.60 75.98
CA PHE G 1163 -50.58 79.61 76.94
C PHE G 1163 -50.81 78.19 77.43
N VAL G 1164 -50.66 77.96 78.73
CA VAL G 1164 -50.91 76.64 79.31
C VAL G 1164 -52.37 76.24 79.14
N GLN G 1165 -52.61 74.95 78.93
CA GLN G 1165 -53.96 74.41 78.81
C GLN G 1165 -54.05 73.15 79.63
N GLY G 1166 -54.52 73.27 80.87
CA GLY G 1166 -54.45 72.16 81.79
C GLY G 1166 -53.00 71.85 82.04
N HIS G 1167 -52.49 70.77 81.46
CA HIS G 1167 -51.07 70.47 81.56
C HIS G 1167 -50.39 70.57 80.21
N ARG G 1168 -51.16 70.92 79.20
CA ARG G 1168 -50.66 71.09 77.86
C ARG G 1168 -49.97 72.44 77.70
N PHE G 1169 -49.07 72.53 76.73
CA PHE G 1169 -48.59 73.81 76.23
C PHE G 1169 -49.48 74.19 75.04
N GLN G 1170 -49.32 75.42 74.56
CA GLN G 1170 -50.14 75.89 73.47
C GLN G 1170 -49.51 77.14 72.87
N THR G 1171 -49.44 77.20 71.55
CA THR G 1171 -48.80 78.33 70.91
C THR G 1171 -49.67 79.58 70.98
N ASN G 1172 -49.05 80.67 71.39
CA ASN G 1172 -49.72 81.96 71.58
C ASN G 1172 -50.47 82.42 70.34
N PRO G 1173 -51.80 82.25 70.34
CA PRO G 1173 -52.71 82.64 69.26
C PRO G 1173 -52.60 84.10 68.86
N LEU G 1174 -52.08 84.95 69.72
CA LEU G 1174 -51.94 86.36 69.38
C LEU G 1174 -50.92 86.52 68.26
N LYS G 1175 -49.98 85.58 68.20
CA LYS G 1175 -48.95 85.57 67.16
C LYS G 1175 -49.60 85.47 65.78
N ARG G 1176 -50.67 84.68 65.72
CA ARG G 1176 -51.44 84.52 64.50
C ARG G 1176 -52.30 85.75 64.29
N LEU G 1177 -53.17 86.01 65.26
CA LEU G 1177 -54.17 87.05 65.13
C LEU G 1177 -53.52 88.37 64.78
N PHE G 1178 -52.40 88.66 65.43
CA PHE G 1178 -51.78 89.97 65.30
C PHE G 1178 -50.68 90.05 64.25
N ALA G 1179 -50.56 89.02 63.42
CA ALA G 1179 -49.56 89.05 62.36
C ALA G 1179 -49.90 90.15 61.36
N PRO G 1180 -48.92 91.02 61.05
CA PRO G 1180 -49.08 92.18 60.18
C PRO G 1180 -49.95 91.92 58.94
N THR G 1181 -50.87 92.82 58.66
CA THR G 1181 -51.83 92.60 57.59
C THR G 1181 -52.12 93.92 56.91
N ARG G 1182 -52.39 93.87 55.61
CA ARG G 1182 -52.65 95.08 54.83
C ARG G 1182 -53.85 95.86 55.37
N GLY G 1183 -53.55 96.99 56.01
CA GLY G 1183 -54.57 97.89 56.51
C GLY G 1183 -55.19 97.53 57.84
N MET G 1184 -54.44 96.85 58.71
CA MET G 1184 -54.95 96.49 60.04
C MET G 1184 -54.70 97.62 61.03
N TYR G 1185 -55.51 97.66 62.09
CA TYR G 1185 -55.49 98.77 63.05
C TYR G 1185 -55.53 98.22 64.48
N VAL G 1186 -54.65 98.69 65.34
CA VAL G 1186 -54.64 98.23 66.72
C VAL G 1186 -54.64 99.39 67.68
N GLU G 1187 -55.63 99.44 68.55
CA GLU G 1187 -55.75 100.48 69.57
C GLU G 1187 -55.49 99.93 70.96
N ILE G 1188 -54.72 100.68 71.76
CA ILE G 1188 -54.46 100.32 73.15
C ILE G 1188 -54.99 101.43 74.07
N THR G 1189 -56.13 101.15 74.69
CA THR G 1189 -56.83 102.10 75.56
C THR G 1189 -56.21 102.17 76.96
N ASN G 1190 -56.01 103.39 77.44
CA ASN G 1190 -55.40 103.62 78.74
C ASN G 1190 -54.19 102.73 78.93
N PRO G 1191 -53.23 102.83 78.01
CA PRO G 1191 -52.06 101.95 77.94
C PRO G 1191 -51.39 101.75 79.29
N ASP G 1192 -50.92 102.85 79.86
CA ASP G 1192 -50.08 102.80 81.06
C ASP G 1192 -50.89 102.52 82.32
N ASP G 1193 -52.21 102.43 82.19
CA ASP G 1193 -53.09 102.04 83.28
C ASP G 1193 -53.60 100.61 83.11
N PRO G 1194 -52.88 99.64 83.68
CA PRO G 1194 -53.08 98.21 83.46
C PRO G 1194 -54.53 97.78 83.42
N ALA G 1195 -55.13 97.55 84.58
CA ALA G 1195 -56.45 96.92 84.66
C ALA G 1195 -57.52 97.54 83.73
N LYS G 1196 -57.31 98.77 83.28
CA LYS G 1196 -58.29 99.44 82.43
C LYS G 1196 -57.86 99.59 80.97
N THR G 1197 -56.98 98.71 80.52
CA THR G 1197 -56.48 98.76 79.14
C THR G 1197 -57.33 97.87 78.23
N VAL G 1198 -57.57 98.36 77.00
CA VAL G 1198 -58.33 97.63 76.01
C VAL G 1198 -57.60 97.56 74.69
N ILE G 1199 -57.20 96.36 74.26
CA ILE G 1199 -56.48 96.20 73.01
C ILE G 1199 -57.47 95.72 71.95
N SER G 1200 -57.53 96.41 70.82
CA SER G 1200 -58.51 96.11 69.78
C SER G 1200 -57.91 96.12 68.36
N VAL G 1201 -58.51 95.35 67.46
CA VAL G 1201 -58.02 95.22 66.10
C VAL G 1201 -59.09 95.56 65.08
N ARG G 1202 -58.77 96.45 64.14
CA ARG G 1202 -59.69 96.79 63.07
C ARG G 1202 -59.08 96.47 61.71
N GLU G 1203 -59.67 95.50 61.01
CA GLU G 1203 -59.16 95.10 59.70
C GLU G 1203 -60.10 95.58 58.59
N PRO G 1204 -59.62 95.56 57.34
CA PRO G 1204 -60.48 95.91 56.20
C PRO G 1204 -61.31 94.72 55.76
N SER G 1205 -62.63 94.78 55.96
CA SER G 1205 -63.52 93.79 55.38
C SER G 1205 -63.62 94.11 53.90
N GLN G 1206 -63.93 93.10 53.10
CA GLN G 1206 -63.94 93.28 51.65
C GLN G 1206 -64.92 94.37 51.22
N SER G 1207 -65.95 94.59 52.03
CA SER G 1207 -66.99 95.56 51.68
C SER G 1207 -66.89 96.83 52.54
N ALA G 1208 -66.16 96.76 53.65
CA ALA G 1208 -66.10 97.87 54.61
C ALA G 1208 -64.72 98.52 54.71
N LYS G 1209 -64.70 99.70 55.32
CA LYS G 1209 -63.46 100.41 55.57
C LYS G 1209 -62.61 99.65 56.58
N LEU G 1210 -63.16 99.50 57.78
CA LEU G 1210 -62.52 98.75 58.86
C LEU G 1210 -63.61 97.99 59.60
N VAL G 1211 -63.21 97.04 60.45
CA VAL G 1211 -64.17 96.29 61.26
C VAL G 1211 -63.54 95.84 62.56
N LYS G 1212 -64.39 95.59 63.56
CA LYS G 1212 -63.94 95.05 64.82
C LYS G 1212 -63.57 93.58 64.67
N THR G 1213 -62.29 93.30 64.85
CA THR G 1213 -61.74 91.98 64.68
C THR G 1213 -61.68 91.26 66.00
N VAL G 1214 -60.77 91.69 66.86
CA VAL G 1214 -60.61 91.11 68.17
C VAL G 1214 -60.35 92.20 69.18
N GLU G 1215 -60.69 91.93 70.45
CA GLU G 1215 -60.31 92.82 71.54
C GLU G 1215 -60.05 92.02 72.80
N ILE G 1216 -59.13 92.51 73.63
CA ILE G 1216 -58.78 91.83 74.87
C ILE G 1216 -58.82 92.77 76.07
N LYS G 1217 -59.96 92.79 76.76
CA LYS G 1217 -60.08 93.50 78.01
C LYS G 1217 -59.84 92.53 79.16
N LEU G 1218 -59.96 93.04 80.38
CA LEU G 1218 -59.87 92.20 81.56
C LEU G 1218 -61.25 92.18 82.20
N VAL G 1219 -61.53 91.12 82.96
CA VAL G 1219 -62.81 90.99 83.65
C VAL G 1219 -62.60 90.13 84.89
N GLY G 1220 -63.13 90.57 86.03
CA GLY G 1220 -63.04 89.78 87.24
C GLY G 1220 -61.61 89.59 87.72
N ASP G 1221 -60.87 90.68 87.82
CA ASP G 1221 -59.52 90.66 88.37
C ASP G 1221 -58.52 89.99 87.45
N ASN G 1222 -58.60 88.67 87.35
CA ASN G 1222 -57.58 87.90 86.66
C ASN G 1222 -58.00 87.35 85.30
N GLU G 1223 -59.30 87.26 85.07
CA GLU G 1223 -59.78 86.73 83.81
C GLU G 1223 -59.59 87.73 82.68
N ILE G 1224 -58.74 87.38 81.74
CA ILE G 1224 -58.58 88.16 80.52
C ILE G 1224 -59.59 87.59 79.52
N ALA G 1225 -60.11 88.46 78.67
CA ALA G 1225 -61.15 88.05 77.75
C ALA G 1225 -60.77 88.31 76.29
N LEU G 1226 -60.31 87.27 75.60
CA LEU G 1226 -59.93 87.39 74.20
C LEU G 1226 -61.13 87.14 73.33
N THR G 1227 -61.56 88.16 72.58
CA THR G 1227 -62.82 88.09 71.85
C THR G 1227 -62.68 88.32 70.36
N LEU G 1228 -63.33 87.46 69.57
CA LEU G 1228 -63.35 87.60 68.13
C LEU G 1228 -64.77 87.89 67.70
N PHE G 1229 -64.93 88.71 66.66
CA PHE G 1229 -66.25 89.15 66.22
C PHE G 1229 -66.53 88.85 64.76
N GLU G 1230 -67.57 88.05 64.52
CA GLU G 1230 -67.91 87.68 63.16
C GLU G 1230 -69.12 88.42 62.64
N GLY G 1231 -68.90 89.28 61.64
CA GLY G 1231 -69.98 89.99 60.97
C GLY G 1231 -71.03 89.07 60.39
N ARG G 1232 -70.70 88.41 59.29
CA ARG G 1232 -71.67 87.58 58.56
C ARG G 1232 -72.12 86.38 59.37
N THR G 1233 -73.29 86.49 59.99
CA THR G 1233 -73.87 85.41 60.80
C THR G 1233 -75.34 85.17 60.45
N ALA G 1234 -75.94 84.20 61.13
CA ALA G 1234 -77.34 83.80 60.89
C ALA G 1234 -78.32 84.94 61.13
N GLU G 1235 -78.06 85.73 62.17
CA GLU G 1235 -78.95 86.79 62.57
C GLU G 1235 -78.62 88.11 61.88
N GLY G 1236 -77.56 88.11 61.08
CA GLY G 1236 -77.17 89.28 60.33
C GLY G 1236 -76.53 90.35 61.18
N GLY G 1237 -76.12 89.98 62.39
CA GLY G 1237 -75.50 90.92 63.30
C GLY G 1237 -74.32 90.30 64.02
N VAL G 1238 -73.30 91.12 64.27
CA VAL G 1238 -72.06 90.66 64.90
C VAL G 1238 -72.27 89.71 66.08
N VAL G 1239 -71.59 88.58 66.04
CA VAL G 1239 -71.56 87.68 67.19
C VAL G 1239 -70.15 87.58 67.70
N PRO G 1240 -69.99 87.52 69.03
CA PRO G 1240 -68.66 87.42 69.65
C PRO G 1240 -68.38 86.04 70.24
N LEU G 1241 -67.15 85.59 70.11
CA LEU G 1241 -66.71 84.36 70.73
C LEU G 1241 -65.57 84.77 71.64
N THR G 1242 -65.57 84.26 72.86
CA THR G 1242 -64.53 84.67 73.80
C THR G 1242 -63.85 83.53 74.48
N PHE G 1243 -62.53 83.65 74.64
CA PHE G 1243 -61.72 82.66 75.33
C PHE G 1243 -61.18 83.27 76.61
N ARG G 1244 -61.38 82.59 77.73
CA ARG G 1244 -61.03 83.16 79.03
C ARG G 1244 -59.68 82.67 79.50
N PHE G 1245 -58.86 83.61 79.99
CA PHE G 1245 -57.52 83.30 80.48
C PHE G 1245 -57.35 83.88 81.88
N THR G 1246 -56.57 83.21 82.71
CA THR G 1246 -56.21 83.74 84.03
C THR G 1246 -54.70 83.79 84.11
N TYR G 1247 -54.15 84.73 84.89
CA TYR G 1247 -52.70 84.91 84.85
C TYR G 1247 -51.97 85.16 86.19
N HIS G 1248 -51.12 84.21 86.58
CA HIS G 1248 -50.47 84.19 87.91
C HIS G 1248 -48.98 84.47 87.85
N PRO G 1249 -48.60 85.76 87.94
CA PRO G 1249 -47.22 86.23 87.87
C PRO G 1249 -46.25 85.56 88.84
N GLU G 1250 -46.72 84.60 89.65
CA GLU G 1250 -45.80 83.79 90.42
C GLU G 1250 -44.88 83.11 89.42
N ALA G 1251 -45.50 82.49 88.43
CA ALA G 1251 -44.79 81.81 87.34
C ALA G 1251 -44.54 82.76 86.17
N GLY G 1252 -43.35 83.37 86.16
CA GLY G 1252 -42.95 84.24 85.06
C GLY G 1252 -42.77 83.46 83.77
N TYR G 1253 -42.60 82.15 83.91
CA TYR G 1253 -42.41 81.25 82.77
C TYR G 1253 -43.71 81.00 82.00
N ALA G 1254 -44.78 80.72 82.74
CA ALA G 1254 -46.09 80.53 82.14
C ALA G 1254 -47.07 81.51 82.77
N PRO G 1255 -46.86 82.81 82.53
CA PRO G 1255 -47.69 83.83 83.14
C PRO G 1255 -49.15 83.62 82.77
N ILE G 1256 -49.41 83.19 81.54
CA ILE G 1256 -50.79 83.06 81.07
C ILE G 1256 -51.25 81.60 80.92
N ARG G 1257 -52.51 81.37 81.32
CA ARG G 1257 -53.16 80.06 81.20
C ARG G 1257 -54.53 80.28 80.54
N GLU G 1258 -55.23 79.19 80.24
CA GLU G 1258 -56.59 79.31 79.72
C GLU G 1258 -57.60 78.59 80.59
N VAL G 1259 -58.80 79.17 80.67
CA VAL G 1259 -59.92 78.58 81.37
C VAL G 1259 -60.74 77.80 80.38
N MET G 1260 -60.61 76.47 80.41
CA MET G 1260 -61.18 75.64 79.36
C MET G 1260 -62.42 74.88 79.80
N GLU G 1261 -62.66 74.84 81.11
CA GLU G 1261 -63.83 74.16 81.65
C GLU G 1261 -65.10 74.88 81.20
N GLY G 1262 -65.60 74.49 80.03
CA GLY G 1262 -66.78 75.08 79.44
C GLY G 1262 -66.51 75.47 78.01
N ARG G 1263 -65.23 75.67 77.73
CA ARG G 1263 -64.75 76.04 76.39
C ARG G 1263 -65.48 75.36 75.24
N ASN G 1264 -65.68 74.05 75.37
CA ASN G 1264 -66.36 73.27 74.35
C ASN G 1264 -67.76 73.80 74.11
N ASP G 1265 -68.54 73.85 75.19
CA ASP G 1265 -69.92 74.30 75.14
C ASP G 1265 -69.98 75.76 74.71
N ARG G 1266 -69.17 76.60 75.36
CA ARG G 1266 -69.13 78.03 75.09
C ARG G 1266 -69.02 78.32 73.58
N ILE G 1267 -68.14 77.57 72.92
CA ILE G 1267 -67.93 77.70 71.49
C ILE G 1267 -69.08 77.10 70.70
N LYS G 1268 -69.55 75.91 71.12
CA LYS G 1268 -70.73 75.28 70.52
C LYS G 1268 -71.89 76.27 70.52
N GLU G 1269 -72.07 76.93 71.66
CA GLU G 1269 -73.06 77.99 71.77
C GLU G 1269 -72.87 79.02 70.67
N PHE G 1270 -71.66 79.59 70.62
CA PHE G 1270 -71.32 80.55 69.58
C PHE G 1270 -71.80 80.05 68.23
N TYR G 1271 -71.28 78.91 67.81
CA TYR G 1271 -71.65 78.34 66.53
C TYR G 1271 -73.15 78.24 66.38
N TYR G 1272 -73.81 77.64 67.38
CA TYR G 1272 -75.24 77.46 67.34
C TYR G 1272 -75.94 78.74 66.94
N ARG G 1273 -75.59 79.82 67.63
CA ARG G 1273 -76.18 81.12 67.36
C ARG G 1273 -75.86 81.58 65.93
N VAL G 1274 -74.62 81.32 65.49
CA VAL G 1274 -74.16 81.77 64.18
C VAL G 1274 -74.79 81.01 63.02
N TRP G 1275 -75.23 79.78 63.29
CA TRP G 1275 -75.82 78.90 62.27
C TRP G 1275 -77.35 78.97 62.22
N PHE G 1276 -78.00 78.84 63.38
CA PHE G 1276 -79.46 78.75 63.44
C PHE G 1276 -80.12 79.96 64.10
N ALA G 1277 -79.30 80.85 64.67
CA ALA G 1277 -79.81 82.04 65.35
C ALA G 1277 -80.69 81.74 66.58
N GLU G 1278 -80.53 80.54 67.15
CA GLU G 1278 -81.15 80.21 68.44
C GLU G 1278 -80.01 80.06 69.41
N LYS G 1279 -79.96 80.90 70.44
CA LYS G 1279 -78.81 80.82 71.35
C LYS G 1279 -79.05 79.95 72.57
N GLU G 1280 -79.68 78.82 72.36
CA GLU G 1280 -79.71 77.75 73.37
C GLU G 1280 -79.67 76.39 72.68
N VAL G 1281 -78.71 75.57 73.11
CA VAL G 1281 -78.38 74.32 72.43
C VAL G 1281 -78.86 73.07 73.18
N PRO G 1282 -79.32 72.05 72.43
CA PRO G 1282 -79.83 70.78 72.96
C PRO G 1282 -78.71 69.94 73.56
N PHE G 1283 -77.84 70.57 74.35
CA PHE G 1283 -76.68 69.90 74.95
C PHE G 1283 -76.97 68.48 75.44
N ASP G 1284 -78.07 68.30 76.15
CA ASP G 1284 -78.35 67.02 76.77
C ASP G 1284 -79.34 66.14 76.00
N THR G 1285 -79.24 66.13 74.69
CA THR G 1285 -79.98 65.18 73.87
C THR G 1285 -79.13 63.93 73.74
N PRO G 1286 -79.74 62.75 73.89
CA PRO G 1286 -79.04 61.49 73.67
C PRO G 1286 -78.84 61.29 72.18
N LEU G 1287 -77.71 60.73 71.79
CA LEU G 1287 -77.32 60.66 70.39
C LEU G 1287 -78.20 59.66 69.63
N THR G 1288 -78.92 58.85 70.42
CA THR G 1288 -79.89 57.89 69.91
C THR G 1288 -81.13 58.58 69.32
N ALA G 1289 -81.37 59.82 69.71
CA ALA G 1289 -82.56 60.54 69.28
C ALA G 1289 -82.51 60.97 67.82
N VAL G 1290 -83.69 61.15 67.24
CA VAL G 1290 -83.82 61.68 65.91
C VAL G 1290 -83.85 63.17 66.03
N PHE G 1291 -83.20 63.85 65.11
CA PHE G 1291 -83.13 65.31 65.14
C PHE G 1291 -84.05 65.90 64.07
N ASP G 1292 -84.67 67.03 64.36
CA ASP G 1292 -85.63 67.61 63.42
C ASP G 1292 -85.07 68.81 62.64
N GLY G 1293 -85.26 68.79 61.33
CA GLY G 1293 -84.85 69.89 60.47
C GLY G 1293 -86.09 70.66 60.06
N GLY G 1294 -87.21 69.96 60.05
CA GLY G 1294 -88.50 70.59 59.86
C GLY G 1294 -88.93 70.77 58.41
N ARG G 1295 -90.03 71.48 58.24
CA ARG G 1295 -90.58 71.73 56.92
C ARG G 1295 -89.65 72.67 56.17
N GLU G 1296 -89.81 72.73 54.86
CA GLU G 1296 -88.98 73.59 54.04
C GLU G 1296 -89.49 73.60 52.61
N ILE G 1297 -89.64 74.80 52.06
CA ILE G 1297 -89.99 74.92 50.65
C ILE G 1297 -88.80 75.37 49.82
N VAL G 1298 -88.54 74.63 48.75
CA VAL G 1298 -87.45 74.92 47.87
C VAL G 1298 -87.69 76.28 47.23
N ASN G 1299 -87.14 77.32 47.81
CA ASN G 1299 -87.32 78.65 47.25
C ASN G 1299 -86.87 78.68 45.79
N ALA G 1300 -87.80 78.98 44.88
CA ALA G 1300 -87.51 79.06 43.46
C ALA G 1300 -86.23 79.85 43.17
N GLN G 1301 -86.07 80.94 43.93
CA GLN G 1301 -84.91 81.82 43.81
C GLN G 1301 -83.67 81.21 44.47
N ALA G 1302 -83.80 80.84 45.74
CA ALA G 1302 -82.69 80.26 46.50
C ALA G 1302 -81.95 79.21 45.70
N VAL G 1303 -82.70 78.49 44.87
CA VAL G 1303 -82.14 77.49 43.97
C VAL G 1303 -81.15 78.13 42.97
N ALA G 1304 -81.64 79.08 42.18
CA ALA G 1304 -80.81 79.75 41.19
C ALA G 1304 -79.63 80.49 41.82
N ASP G 1305 -79.74 80.79 43.10
CA ASP G 1305 -78.67 81.44 43.83
C ASP G 1305 -77.55 80.44 44.07
N PHE G 1306 -77.93 79.21 44.42
CA PHE G 1306 -76.99 78.14 44.74
C PHE G 1306 -76.22 77.76 43.48
N VAL G 1307 -76.95 77.34 42.47
CA VAL G 1307 -76.40 77.08 41.15
C VAL G 1307 -75.40 78.15 40.71
N HIS G 1308 -75.84 79.40 40.61
CA HIS G 1308 -74.99 80.47 40.11
C HIS G 1308 -73.78 80.72 41.00
N ALA G 1309 -73.77 80.07 42.16
CA ALA G 1309 -72.72 80.29 43.16
C ALA G 1309 -71.63 79.22 43.12
N VAL G 1310 -72.02 77.96 42.94
CA VAL G 1310 -71.05 76.87 42.84
C VAL G 1310 -70.46 76.75 41.44
N GLY G 1311 -71.31 76.87 40.42
CA GLY G 1311 -70.86 76.91 39.04
C GLY G 1311 -71.72 76.10 38.09
N ASN G 1312 -72.83 75.55 38.58
CA ASN G 1312 -73.67 74.68 37.77
C ASN G 1312 -74.52 75.42 36.73
N THR G 1313 -74.81 74.74 35.63
CA THR G 1313 -75.26 75.43 34.43
C THR G 1313 -76.34 74.68 33.65
N GLY G 1314 -76.78 73.54 34.17
CA GLY G 1314 -77.71 72.69 33.45
C GLY G 1314 -79.10 73.27 33.26
N GLU G 1315 -79.57 73.23 32.01
CA GLU G 1315 -80.87 73.82 31.64
C GLU G 1315 -81.98 73.13 32.44
N ALA G 1316 -81.56 72.12 33.19
CA ALA G 1316 -82.43 71.42 34.12
C ALA G 1316 -82.69 72.29 35.35
N PHE G 1317 -81.91 73.36 35.50
CA PHE G 1317 -82.04 74.22 36.66
C PHE G 1317 -82.56 75.59 36.32
N VAL G 1318 -82.50 75.97 35.04
CA VAL G 1318 -82.76 77.34 34.65
C VAL G 1318 -84.16 77.57 34.08
N ASP G 1319 -85.03 76.57 34.19
CA ASP G 1319 -86.45 76.80 33.89
C ASP G 1319 -86.72 77.00 32.40
N ARG G 1320 -85.88 76.42 31.56
CA ARG G 1320 -86.17 76.40 30.14
C ARG G 1320 -86.18 74.95 29.66
N GLY G 1321 -86.50 74.78 28.39
CA GLY G 1321 -86.47 73.47 27.76
C GLY G 1321 -87.48 72.52 28.35
N LYS G 1322 -86.99 71.41 28.91
CA LYS G 1322 -87.87 70.35 29.38
C LYS G 1322 -87.84 70.20 30.90
N ASP G 1323 -86.87 70.83 31.55
CA ASP G 1323 -86.64 70.56 32.97
C ASP G 1323 -86.52 71.82 33.83
N PHE G 1324 -87.11 71.75 35.02
CA PHE G 1324 -86.76 72.63 36.13
C PHE G 1324 -86.68 71.88 37.44
N PHE G 1325 -85.47 71.44 37.78
CA PHE G 1325 -85.24 70.76 39.03
C PHE G 1325 -84.25 71.57 39.86
N ALA G 1326 -83.89 71.02 41.01
CA ALA G 1326 -82.92 71.63 41.90
C ALA G 1326 -81.84 70.61 42.16
N PRO G 1327 -80.58 71.08 42.18
CA PRO G 1327 -79.42 70.24 42.45
C PRO G 1327 -79.68 69.37 43.66
N MET G 1328 -79.22 68.13 43.63
CA MET G 1328 -79.26 67.31 44.83
C MET G 1328 -78.28 67.88 45.86
N ASP G 1329 -77.43 68.78 45.38
CA ASP G 1329 -76.49 69.50 46.24
C ASP G 1329 -77.27 70.38 47.21
N PHE G 1330 -78.46 70.80 46.78
CA PHE G 1330 -79.33 71.66 47.57
C PHE G 1330 -79.77 70.96 48.83
N ALA G 1331 -79.68 69.63 48.85
CA ALA G 1331 -80.08 68.86 50.02
C ALA G 1331 -79.39 69.30 51.31
N ILE G 1332 -78.09 69.53 51.24
CA ILE G 1332 -77.34 69.94 52.43
C ILE G 1332 -77.56 71.41 52.71
N VAL G 1333 -78.29 72.08 51.84
CA VAL G 1333 -78.66 73.45 52.11
C VAL G 1333 -80.01 73.42 52.80
N VAL G 1334 -80.92 72.63 52.27
CA VAL G 1334 -82.23 72.43 52.85
C VAL G 1334 -82.06 71.77 54.21
N GLY G 1335 -81.51 70.57 54.22
CA GLY G 1335 -81.39 69.78 55.43
C GLY G 1335 -80.24 70.21 56.30
N TRP G 1336 -79.60 71.30 55.91
CA TRP G 1336 -78.48 71.84 56.65
C TRP G 1336 -78.75 71.91 58.16
N LYS G 1337 -80.03 72.00 58.52
CA LYS G 1337 -80.37 72.04 59.94
C LYS G 1337 -80.09 70.69 60.61
N ALA G 1338 -80.85 69.68 60.23
CA ALA G 1338 -80.74 68.38 60.89
C ALA G 1338 -79.37 67.75 60.68
N ILE G 1339 -78.68 68.18 59.63
CA ILE G 1339 -77.39 67.60 59.31
C ILE G 1339 -76.33 68.10 60.30
N THR G 1340 -76.52 69.33 60.79
CA THR G 1340 -75.54 70.00 61.63
C THR G 1340 -75.84 69.83 63.12
N LYS G 1341 -77.10 70.03 63.48
CA LYS G 1341 -77.53 69.92 64.87
C LYS G 1341 -76.82 68.86 65.71
N PRO G 1342 -76.80 67.62 65.25
CA PRO G 1342 -76.38 66.49 66.07
C PRO G 1342 -74.92 66.54 66.53
N ILE G 1343 -74.16 67.51 66.04
CA ILE G 1343 -72.76 67.63 66.43
C ILE G 1343 -72.64 68.16 67.86
N PHE G 1344 -73.72 68.79 68.34
CA PHE G 1344 -73.71 69.60 69.55
C PHE G 1344 -73.89 68.89 70.90
N PRO G 1345 -74.71 67.83 70.97
CA PRO G 1345 -74.92 67.10 72.22
C PRO G 1345 -73.71 67.03 73.14
N ARG G 1346 -73.99 66.90 74.44
CA ARG G 1346 -72.96 67.00 75.47
C ARG G 1346 -71.98 65.84 75.49
N LYS G 1347 -72.40 64.68 74.97
CA LYS G 1347 -71.52 63.52 74.96
C LYS G 1347 -70.53 63.55 73.78
N ILE G 1348 -70.67 64.57 72.94
CA ILE G 1348 -69.79 64.79 71.79
C ILE G 1348 -69.02 66.09 71.99
N ASP G 1349 -68.48 66.28 73.19
CA ASP G 1349 -67.86 67.56 73.54
C ASP G 1349 -66.52 67.81 72.82
N GLY G 1350 -66.59 68.52 71.71
CA GLY G 1350 -65.39 68.88 71.00
C GLY G 1350 -65.26 70.38 70.79
N ASP G 1351 -64.08 70.79 70.37
CA ASP G 1351 -63.82 72.17 70.00
C ASP G 1351 -64.39 72.42 68.61
N LEU G 1352 -65.64 72.83 68.53
CA LEU G 1352 -66.30 73.00 67.24
C LEU G 1352 -65.60 74.00 66.31
N LEU G 1353 -64.71 74.79 66.87
CA LEU G 1353 -63.91 75.70 66.05
C LEU G 1353 -62.96 74.88 65.20
N LYS G 1354 -62.33 73.89 65.83
CA LYS G 1354 -61.44 73.00 65.11
C LYS G 1354 -62.21 71.81 64.56
N LEU G 1355 -63.35 72.10 63.95
CA LEU G 1355 -64.08 71.08 63.22
C LEU G 1355 -63.76 71.28 61.77
N VAL G 1356 -63.83 70.20 60.98
CA VAL G 1356 -63.67 70.29 59.55
C VAL G 1356 -64.65 69.35 58.91
N HIS G 1357 -65.14 69.71 57.72
CA HIS G 1357 -66.01 68.80 56.99
C HIS G 1357 -65.16 67.72 56.36
N LEU G 1358 -65.49 66.47 56.68
CA LEU G 1358 -64.60 65.33 56.40
C LEU G 1358 -65.01 64.54 55.19
N SER G 1359 -66.31 64.39 55.02
CA SER G 1359 -66.88 63.54 53.98
C SER G 1359 -68.36 63.87 53.88
N ASN G 1360 -68.97 63.52 52.76
CA ASN G 1360 -70.41 63.69 52.62
C ASN G 1360 -70.90 63.13 51.30
N GLY G 1361 -71.92 62.29 51.36
CA GLY G 1361 -72.51 61.69 50.17
C GLY G 1361 -74.03 61.75 50.13
N TYR G 1362 -74.59 61.97 48.95
CA TYR G 1362 -76.02 61.87 48.77
C TYR G 1362 -76.34 60.51 48.13
N ARG G 1363 -77.57 60.04 48.31
CA ARG G 1363 -78.03 58.80 47.68
C ARG G 1363 -79.53 58.83 47.47
N MET G 1364 -79.97 58.96 46.22
CA MET G 1364 -81.37 59.20 45.94
C MET G 1364 -82.20 57.92 45.88
N VAL G 1365 -83.13 57.80 46.82
CA VAL G 1365 -84.02 56.66 46.91
C VAL G 1365 -84.48 56.20 45.52
N PRO G 1366 -84.44 54.89 45.30
CA PRO G 1366 -84.79 54.28 44.00
C PRO G 1366 -86.17 54.75 43.54
N GLY G 1367 -86.26 55.25 42.32
CA GLY G 1367 -87.54 55.67 41.77
C GLY G 1367 -87.88 57.14 41.98
N ALA G 1368 -87.31 57.74 43.02
CA ALA G 1368 -87.66 59.11 43.41
C ALA G 1368 -87.15 60.16 42.42
N GLU G 1369 -88.01 61.08 42.03
CA GLU G 1369 -87.59 62.16 41.14
C GLU G 1369 -86.77 63.21 41.88
N PRO G 1370 -85.93 63.96 41.14
CA PRO G 1370 -85.01 64.92 41.76
C PRO G 1370 -85.78 66.02 42.46
N LEU G 1371 -85.07 66.97 43.06
CA LEU G 1371 -85.75 68.04 43.77
C LEU G 1371 -86.28 69.08 42.77
N LYS G 1372 -87.55 69.44 42.91
CA LYS G 1372 -88.17 70.49 42.09
C LYS G 1372 -88.43 71.66 43.01
N VAL G 1373 -88.80 72.81 42.45
CA VAL G 1373 -88.93 74.01 43.26
C VAL G 1373 -90.17 74.07 44.14
N GLY G 1374 -91.31 73.65 43.61
CA GLY G 1374 -92.54 73.70 44.39
C GLY G 1374 -92.62 72.62 45.47
N ASP G 1375 -91.48 72.30 46.08
CA ASP G 1375 -91.41 71.17 46.98
C ASP G 1375 -91.37 71.54 48.45
N VAL G 1376 -91.93 70.66 49.28
CA VAL G 1376 -91.88 70.80 50.73
C VAL G 1376 -91.21 69.58 51.33
N LEU G 1377 -90.07 69.80 51.95
CA LEU G 1377 -89.19 68.71 52.37
C LEU G 1377 -89.04 68.65 53.87
N ASP G 1378 -89.24 67.47 54.43
CA ASP G 1378 -89.06 67.28 55.87
C ASP G 1378 -87.72 66.63 56.18
N THR G 1379 -86.93 67.35 56.96
CA THR G 1379 -85.53 67.01 57.17
C THR G 1379 -85.34 66.17 58.44
N THR G 1380 -85.07 64.88 58.27
CA THR G 1380 -84.88 63.99 59.39
C THR G 1380 -83.44 63.53 59.46
N ALA G 1381 -82.84 63.56 60.64
CA ALA G 1381 -81.49 63.05 60.76
C ALA G 1381 -81.28 62.30 62.07
N GLN G 1382 -80.26 61.46 62.11
CA GLN G 1382 -79.82 60.87 63.37
C GLN G 1382 -78.34 60.51 63.30
N ILE G 1383 -77.74 60.22 64.44
CA ILE G 1383 -76.30 60.01 64.51
C ILE G 1383 -75.91 58.56 64.32
N ASN G 1384 -75.35 58.24 63.16
CA ASN G 1384 -75.04 56.87 62.78
C ASN G 1384 -73.79 56.31 63.45
N ALA G 1385 -72.83 57.18 63.70
CA ALA G 1385 -71.62 56.79 64.41
C ALA G 1385 -70.80 58.00 64.82
N VAL G 1386 -70.31 57.96 66.06
CA VAL G 1386 -69.37 58.94 66.54
C VAL G 1386 -68.21 58.14 67.04
N ILE G 1387 -67.10 58.25 66.32
CA ILE G 1387 -65.89 57.51 66.65
C ILE G 1387 -64.72 58.47 66.60
N ASN G 1388 -63.75 58.22 67.46
CA ASN G 1388 -62.59 59.09 67.54
C ASN G 1388 -61.38 58.47 66.87
N GLN G 1389 -61.15 58.89 65.63
CA GLN G 1389 -59.99 58.46 64.87
C GLN G 1389 -58.77 59.17 65.45
N ASP G 1390 -57.59 58.84 64.94
CA ASP G 1390 -56.39 59.52 65.40
C ASP G 1390 -56.37 60.96 64.90
N SER G 1391 -56.89 61.16 63.70
CA SER G 1391 -56.98 62.49 63.10
C SER G 1391 -57.81 63.46 63.95
N GLY G 1392 -58.67 62.93 64.80
CA GLY G 1392 -59.48 63.74 65.67
C GLY G 1392 -60.64 62.98 66.26
N LYS G 1393 -61.85 63.48 66.01
CA LYS G 1393 -63.06 62.82 66.48
C LYS G 1393 -64.09 62.93 65.38
N MET G 1394 -64.84 61.87 65.15
CA MET G 1394 -65.68 61.79 63.97
C MET G 1394 -67.16 61.60 64.27
N VAL G 1395 -67.98 62.40 63.61
CA VAL G 1395 -69.41 62.28 63.73
C VAL G 1395 -70.02 61.95 62.38
N GLU G 1396 -70.77 60.86 62.32
CA GLU G 1396 -71.49 60.47 61.10
C GLU G 1396 -72.97 60.75 61.25
N VAL G 1397 -73.49 61.59 60.37
CA VAL G 1397 -74.86 62.03 60.44
C VAL G 1397 -75.58 61.51 59.22
N CYS G 1398 -76.77 60.94 59.41
CA CYS G 1398 -77.55 60.45 58.27
C CYS G 1398 -78.85 61.21 58.04
N GLY G 1399 -78.82 62.11 57.06
CA GLY G 1399 -79.97 62.90 56.72
C GLY G 1399 -80.95 62.12 55.86
N THR G 1400 -82.22 62.53 55.92
CA THR G 1400 -83.28 61.87 55.19
C THR G 1400 -84.29 62.90 54.78
N LEU G 1401 -84.14 63.43 53.58
CA LEU G 1401 -85.13 64.37 53.06
C LEU G 1401 -86.34 63.60 52.56
N LYS G 1402 -87.52 64.01 53.00
CA LYS G 1402 -88.77 63.38 52.56
C LYS G 1402 -89.77 64.37 51.97
N ARG G 1403 -90.36 64.00 50.85
CA ARG G 1403 -91.45 64.79 50.27
C ARG G 1403 -92.68 63.90 50.28
N ASP G 1404 -93.82 64.46 50.71
CA ASP G 1404 -95.07 63.71 50.76
C ASP G 1404 -94.99 62.52 51.69
N GLY G 1405 -94.12 62.59 52.69
CA GLY G 1405 -94.00 61.54 53.68
C GLY G 1405 -93.11 60.39 53.26
N LYS G 1406 -92.78 60.34 51.97
CA LYS G 1406 -91.87 59.33 51.45
C LYS G 1406 -90.46 59.87 51.31
N PRO G 1407 -89.45 59.08 51.73
CA PRO G 1407 -88.06 59.48 51.59
C PRO G 1407 -87.66 59.64 50.12
N VAL G 1408 -86.93 60.70 49.81
CA VAL G 1408 -86.49 60.96 48.46
C VAL G 1408 -84.97 60.87 48.28
N MET G 1409 -84.22 61.26 49.30
CA MET G 1409 -82.77 61.10 49.27
C MET G 1409 -82.15 61.15 50.65
N TYR G 1410 -81.04 60.45 50.83
CA TYR G 1410 -80.35 60.38 52.12
C TYR G 1410 -78.99 61.06 52.11
N VAL G 1411 -78.90 62.24 52.70
CA VAL G 1411 -77.62 62.95 52.80
C VAL G 1411 -76.87 62.48 54.04
N THR G 1412 -75.83 61.69 53.81
CA THR G 1412 -74.98 61.20 54.89
C THR G 1412 -73.69 62.05 54.93
N SER G 1413 -73.27 62.45 56.14
CA SER G 1413 -72.13 63.34 56.25
C SER G 1413 -71.21 62.98 57.41
N GLN G 1414 -69.96 63.38 57.28
CA GLN G 1414 -68.98 63.13 58.33
C GLN G 1414 -68.21 64.38 58.75
N PHE G 1415 -68.10 64.59 60.06
CA PHE G 1415 -67.41 65.77 60.55
C PHE G 1415 -66.23 65.36 61.42
N LEU G 1416 -65.19 66.19 61.42
CA LEU G 1416 -63.99 65.90 62.19
C LEU G 1416 -63.63 66.98 63.21
N TYR G 1417 -63.89 66.67 64.48
CA TYR G 1417 -63.36 67.43 65.59
C TYR G 1417 -61.89 67.05 65.77
N ARG G 1418 -60.99 67.73 65.05
CA ARG G 1418 -59.57 67.35 65.10
C ARG G 1418 -58.93 67.54 66.47
N GLY G 1419 -58.24 66.50 66.95
CA GLY G 1419 -57.61 66.51 68.26
C GLY G 1419 -57.45 65.14 68.87
N VAL G 1420 -57.08 65.11 70.15
CA VAL G 1420 -56.83 63.87 70.86
C VAL G 1420 -58.00 63.53 71.79
N TYR G 1421 -58.64 62.38 71.56
CA TYR G 1421 -59.79 62.00 72.37
C TYR G 1421 -59.72 60.60 73.00
N THR G 1422 -59.94 60.52 74.30
CA THR G 1422 -60.03 59.24 75.00
C THR G 1422 -61.45 59.01 75.53
N ASP G 1423 -62.36 59.88 75.11
CA ASP G 1423 -63.74 59.87 75.57
C ASP G 1423 -64.53 58.71 74.98
N TYR G 1424 -63.91 57.52 74.96
CA TYR G 1424 -64.47 56.37 74.28
C TYR G 1424 -65.85 55.97 74.79
N GLU G 1425 -66.22 56.52 75.95
CA GLU G 1425 -67.50 56.23 76.56
C GLU G 1425 -68.68 56.42 75.60
N ASN G 1426 -68.60 57.44 74.76
CA ASN G 1426 -69.71 57.80 73.89
C ASN G 1426 -69.38 57.61 72.42
N THR G 1427 -68.37 56.79 72.13
CA THR G 1427 -68.07 56.43 70.75
C THR G 1427 -68.86 55.16 70.37
N PHE G 1428 -69.25 55.05 69.11
CA PHE G 1428 -70.15 53.98 68.69
C PHE G 1428 -70.42 54.01 67.20
N GLN G 1429 -71.06 52.98 66.69
CA GLN G 1429 -71.39 52.93 65.26
C GLN G 1429 -72.54 52.00 64.93
N ARG G 1430 -73.38 52.44 64.00
CA ARG G 1430 -74.44 51.60 63.44
C ARG G 1430 -74.19 51.35 61.96
N LYS G 1431 -73.30 50.42 61.63
CA LYS G 1431 -73.07 50.07 60.24
C LYS G 1431 -74.16 49.14 59.70
N ASP G 1432 -74.46 49.27 58.42
CA ASP G 1432 -75.32 48.31 57.75
C ASP G 1432 -74.47 47.27 57.07
N GLU G 1433 -74.30 46.13 57.73
CA GLU G 1433 -73.35 45.12 57.24
C GLU G 1433 -73.79 44.52 55.92
N VAL G 1434 -72.80 44.15 55.12
CA VAL G 1434 -73.04 43.72 53.74
C VAL G 1434 -73.92 42.48 53.62
N PRO G 1435 -74.81 42.48 52.64
CA PRO G 1435 -75.64 41.31 52.31
C PRO G 1435 -74.76 40.09 52.01
N MET G 1436 -74.94 39.04 52.81
CA MET G 1436 -74.18 37.81 52.63
C MET G 1436 -75.07 36.69 52.07
N GLN G 1437 -74.44 35.77 51.35
CA GLN G 1437 -75.13 34.64 50.73
C GLN G 1437 -74.53 33.31 51.21
N LEU G 1438 -75.20 32.71 52.17
CA LEU G 1438 -74.73 31.46 52.74
C LEU G 1438 -75.46 30.30 52.10
N HIS G 1439 -74.74 29.51 51.31
CA HIS G 1439 -75.35 28.35 50.65
C HIS G 1439 -75.22 27.07 51.48
N ILE G 1440 -76.36 26.48 51.83
CA ILE G 1440 -76.40 25.27 52.65
C ILE G 1440 -76.49 24.03 51.77
N ALA G 1441 -75.47 23.18 51.86
CA ALA G 1441 -75.38 22.00 51.00
C ALA G 1441 -75.41 20.67 51.77
N THR G 1442 -74.60 20.56 52.80
CA THR G 1442 -74.54 19.36 53.63
C THR G 1442 -75.45 19.53 54.84
N PRO G 1443 -76.02 18.43 55.34
CA PRO G 1443 -76.73 18.57 56.62
C PRO G 1443 -75.76 19.05 57.70
N GLN G 1444 -74.46 18.86 57.48
CA GLN G 1444 -73.46 19.31 58.44
C GLN G 1444 -73.34 20.82 58.35
N ASP G 1445 -73.47 21.35 57.13
CA ASP G 1445 -73.56 22.79 56.92
C ASP G 1445 -74.74 23.37 57.70
N LEU G 1446 -75.90 22.78 57.47
CA LEU G 1446 -77.13 23.18 58.12
C LEU G 1446 -76.96 23.13 59.62
N ALA G 1447 -76.48 21.99 60.11
CA ALA G 1447 -76.35 21.71 61.52
C ALA G 1447 -75.48 22.73 62.25
N VAL G 1448 -74.53 23.33 61.53
CA VAL G 1448 -73.69 24.38 62.11
C VAL G 1448 -74.36 25.74 62.04
N LEU G 1449 -75.12 25.98 60.98
CA LEU G 1449 -75.88 27.22 60.87
C LEU G 1449 -76.96 27.25 61.96
N ARG G 1450 -77.42 26.06 62.33
CA ARG G 1450 -78.42 25.95 63.39
C ARG G 1450 -77.75 25.90 64.76
N SER G 1451 -76.50 25.45 64.80
CA SER G 1451 -75.76 25.33 66.06
C SER G 1451 -75.41 26.70 66.63
N LYS G 1452 -75.50 27.73 65.79
CA LYS G 1452 -75.21 29.09 66.21
C LYS G 1452 -76.32 29.60 67.15
N GLU G 1453 -75.89 30.21 68.25
CA GLU G 1453 -76.82 30.78 69.23
C GLU G 1453 -77.57 31.94 68.61
N TRP G 1454 -76.84 32.77 67.86
CA TRP G 1454 -77.40 33.96 67.23
C TRP G 1454 -78.37 33.66 66.09
N PHE G 1455 -78.41 32.41 65.66
CA PHE G 1455 -79.34 31.99 64.63
C PHE G 1455 -80.66 31.48 65.21
N LYS G 1456 -81.75 32.06 64.73
CA LYS G 1456 -83.08 31.81 65.26
C LYS G 1456 -84.08 31.44 64.20
N LEU G 1457 -84.41 30.15 64.10
CA LEU G 1457 -85.35 29.68 63.10
C LEU G 1457 -86.80 30.15 63.35
N ASP G 1458 -87.47 30.59 62.29
CA ASP G 1458 -88.85 31.02 62.37
C ASP G 1458 -89.80 29.81 62.31
N ASP G 1459 -91.03 30.01 62.77
CA ASP G 1459 -92.05 28.96 62.75
C ASP G 1459 -93.08 29.20 61.66
N GLN G 1460 -92.64 29.85 60.58
CA GLN G 1460 -93.51 30.07 59.43
C GLN G 1460 -93.77 28.72 58.79
N HIS G 1461 -92.70 28.06 58.34
CA HIS G 1461 -92.82 26.66 57.91
C HIS G 1461 -91.48 25.93 57.87
N ASP G 1462 -91.59 24.60 57.87
CA ASP G 1462 -90.43 23.73 57.77
C ASP G 1462 -90.06 23.52 56.32
N ILE G 1463 -89.55 24.56 55.70
CA ILE G 1463 -89.00 24.44 54.37
C ILE G 1463 -87.54 24.04 54.52
N GLU G 1464 -87.25 22.76 54.32
CA GLU G 1464 -85.92 22.24 54.57
C GLU G 1464 -84.85 23.11 53.93
N LEU G 1465 -84.15 23.83 54.81
CA LEU G 1465 -83.11 24.78 54.44
C LEU G 1465 -82.03 24.07 53.63
N LEU G 1466 -82.05 22.75 53.67
CA LEU G 1466 -81.11 21.94 52.92
C LEU G 1466 -81.26 22.21 51.43
N GLY G 1467 -80.13 22.34 50.75
CA GLY G 1467 -80.13 22.42 49.29
C GLY G 1467 -80.50 23.78 48.76
N GLN G 1468 -80.71 24.74 49.65
CA GLN G 1468 -81.03 26.10 49.23
C GLN G 1468 -80.04 27.06 49.84
N THR G 1469 -80.07 28.30 49.38
CA THR G 1469 -79.18 29.31 49.91
C THR G 1469 -79.94 30.39 50.67
N LEU G 1470 -79.24 31.10 51.55
CA LEU G 1470 -79.85 32.11 52.40
C LEU G 1470 -79.19 33.47 52.24
N VAL G 1471 -79.97 34.51 52.48
CA VAL G 1471 -79.47 35.87 52.43
C VAL G 1471 -79.43 36.45 53.84
N PHE G 1472 -78.28 36.98 54.23
CA PHE G 1472 -78.14 37.57 55.55
C PHE G 1472 -77.93 39.09 55.47
N ARG G 1473 -79.03 39.83 55.36
CA ARG G 1473 -78.95 41.28 55.45
C ARG G 1473 -79.03 41.64 56.91
N LEU G 1474 -77.92 42.15 57.42
CA LEU G 1474 -77.79 42.38 58.86
C LEU G 1474 -77.44 43.83 59.19
N GLN G 1475 -78.12 44.36 60.20
CA GLN G 1475 -77.73 45.61 60.83
C GLN G 1475 -76.97 45.28 62.11
N SER G 1476 -76.04 46.15 62.50
CA SER G 1476 -75.32 45.92 63.74
C SER G 1476 -74.84 47.21 64.39
N LEU G 1477 -74.65 47.16 65.70
CA LEU G 1477 -74.30 48.32 66.50
C LEU G 1477 -73.14 48.04 67.47
N VAL G 1478 -72.12 48.87 67.39
CA VAL G 1478 -70.89 48.63 68.11
C VAL G 1478 -70.54 49.84 68.97
N ARG G 1479 -69.97 49.59 70.14
CA ARG G 1479 -69.45 50.64 71.00
C ARG G 1479 -67.98 50.37 71.29
N PHE G 1480 -67.13 51.34 70.99
CA PHE G 1480 -65.68 51.20 71.13
C PHE G 1480 -65.24 51.44 72.57
N LYS G 1481 -64.12 50.85 72.97
CA LYS G 1481 -63.42 51.32 74.16
C LYS G 1481 -61.96 51.64 73.82
N ASN G 1482 -61.17 50.63 73.48
CA ASN G 1482 -59.89 50.90 72.85
C ASN G 1482 -60.19 51.13 71.38
N LYS G 1483 -59.33 51.86 70.69
CA LYS G 1483 -59.51 52.03 69.26
C LYS G 1483 -59.41 50.66 68.58
N ASN G 1484 -58.91 49.67 69.30
CA ASN G 1484 -58.80 48.31 68.79
C ASN G 1484 -59.90 47.42 69.33
N VAL G 1485 -60.19 47.54 70.62
CA VAL G 1485 -61.17 46.69 71.30
C VAL G 1485 -62.61 47.21 71.24
N TYR G 1486 -63.53 46.35 70.83
CA TYR G 1486 -64.95 46.68 70.81
C TYR G 1486 -65.51 46.49 72.21
N SER G 1487 -65.75 47.61 72.87
CA SER G 1487 -66.37 47.63 74.19
C SER G 1487 -67.61 46.75 74.27
N SER G 1488 -68.40 46.74 73.20
CA SER G 1488 -69.65 45.99 73.15
C SER G 1488 -70.29 46.02 71.76
N VAL G 1489 -70.67 44.84 71.27
CA VAL G 1489 -71.19 44.70 69.91
C VAL G 1489 -72.49 43.90 69.87
N GLN G 1490 -73.42 44.36 69.03
CA GLN G 1490 -74.69 43.66 68.85
C GLN G 1490 -75.04 43.62 67.37
N THR G 1491 -75.42 42.45 66.88
CA THR G 1491 -75.85 42.34 65.50
C THR G 1491 -77.21 41.68 65.42
N ILE G 1492 -78.09 42.28 64.63
CA ILE G 1492 -79.40 41.72 64.38
C ILE G 1492 -79.66 41.76 62.90
N GLY G 1493 -80.71 41.07 62.46
CA GLY G 1493 -81.06 41.10 61.06
C GLY G 1493 -81.97 39.99 60.61
N GLN G 1494 -82.24 39.98 59.31
CA GLN G 1494 -83.21 39.07 58.73
C GLN G 1494 -82.55 38.03 57.82
N VAL G 1495 -82.88 36.76 58.02
CA VAL G 1495 -82.40 35.72 57.13
C VAL G 1495 -83.46 35.44 56.09
N LEU G 1496 -83.14 35.79 54.84
CA LEU G 1496 -84.08 35.66 53.73
C LEU G 1496 -83.92 34.37 52.93
N LEU G 1497 -85.03 33.92 52.34
CA LEU G 1497 -85.00 32.81 51.39
C LEU G 1497 -85.90 33.12 50.20
N GLU G 1498 -85.41 32.82 49.00
CA GLU G 1498 -86.20 32.98 47.80
C GLU G 1498 -86.72 31.63 47.35
N LEU G 1499 -88.03 31.53 47.16
CA LEU G 1499 -88.67 30.30 46.71
C LEU G 1499 -88.51 30.10 45.21
N PRO G 1500 -88.96 28.95 44.70
CA PRO G 1500 -88.96 28.77 43.25
C PRO G 1500 -89.89 29.77 42.57
N THR G 1501 -90.74 30.42 43.37
CA THR G 1501 -91.69 31.39 42.85
C THR G 1501 -91.26 32.84 43.06
N LYS G 1502 -90.04 33.02 43.57
CA LYS G 1502 -89.47 34.34 43.86
C LYS G 1502 -90.08 34.99 45.11
N GLU G 1503 -90.82 34.20 45.87
CA GLU G 1503 -91.36 34.62 47.16
C GLU G 1503 -90.23 34.77 48.15
N ILE G 1504 -90.11 35.94 48.77
CA ILE G 1504 -89.06 36.13 49.75
C ILE G 1504 -89.62 35.94 51.16
N ILE G 1505 -88.98 35.08 51.94
CA ILE G 1505 -89.48 34.77 53.28
C ILE G 1505 -88.42 34.92 54.34
N GLN G 1506 -88.82 35.44 55.50
CA GLN G 1506 -87.91 35.49 56.63
C GLN G 1506 -87.91 34.13 57.29
N VAL G 1507 -87.01 33.26 56.82
CA VAL G 1507 -86.93 31.90 57.32
C VAL G 1507 -86.37 31.88 58.74
N ALA G 1508 -85.62 32.92 59.07
CA ALA G 1508 -85.00 33.03 60.38
C ALA G 1508 -84.58 34.47 60.67
N SER G 1509 -83.95 34.68 61.82
CA SER G 1509 -83.53 36.01 62.25
C SER G 1509 -82.25 35.93 63.08
N VAL G 1510 -81.44 36.98 63.01
CA VAL G 1510 -80.14 37.01 63.70
C VAL G 1510 -80.14 37.90 64.93
N ASP G 1511 -79.56 37.41 66.03
CA ASP G 1511 -79.40 38.20 67.24
C ASP G 1511 -78.16 37.79 68.05
N TYR G 1512 -77.06 38.53 67.83
CA TYR G 1512 -75.82 38.31 68.56
C TYR G 1512 -75.54 39.54 69.39
N GLU G 1513 -74.96 39.34 70.56
CA GLU G 1513 -74.58 40.45 71.44
C GLU G 1513 -73.43 40.01 72.34
N ALA G 1514 -72.55 40.95 72.66
CA ALA G 1514 -71.37 40.66 73.48
C ALA G 1514 -70.59 41.94 73.76
N GLY G 1515 -69.80 41.94 74.82
CA GLY G 1515 -68.97 43.09 75.14
C GLY G 1515 -67.51 42.67 75.21
N GLU G 1516 -66.60 43.63 75.16
CA GLU G 1516 -65.19 43.30 75.16
C GLU G 1516 -64.92 42.31 74.06
N SER G 1517 -65.27 42.70 72.85
CA SER G 1517 -65.09 41.86 71.67
C SER G 1517 -63.95 42.44 70.84
N HIS G 1518 -63.27 41.59 70.08
CA HIS G 1518 -62.20 42.04 69.19
C HIS G 1518 -62.64 42.05 67.73
N GLY G 1519 -63.64 41.22 67.42
CA GLY G 1519 -64.20 41.14 66.09
C GLY G 1519 -65.64 40.68 66.12
N ASN G 1520 -66.30 40.71 64.97
CA ASN G 1520 -67.70 40.30 64.88
C ASN G 1520 -67.89 38.84 64.44
N PRO G 1521 -68.18 37.93 65.39
CA PRO G 1521 -68.20 36.48 65.18
C PRO G 1521 -69.28 36.04 64.18
N VAL G 1522 -70.27 36.90 63.98
CA VAL G 1522 -71.35 36.57 63.07
C VAL G 1522 -70.97 36.89 61.64
N ILE G 1523 -70.59 38.14 61.38
CA ILE G 1523 -70.18 38.54 60.05
C ILE G 1523 -69.03 37.65 59.60
N ASP G 1524 -68.19 37.23 60.55
CA ASP G 1524 -67.06 36.37 60.23
C ASP G 1524 -67.54 35.03 59.71
N TYR G 1525 -68.36 34.35 60.50
CA TYR G 1525 -68.92 33.07 60.08
C TYR G 1525 -69.43 33.15 58.65
N LEU G 1526 -70.18 34.19 58.36
CA LEU G 1526 -70.73 34.41 57.03
C LEU G 1526 -69.62 34.65 56.03
N GLN G 1527 -68.63 35.44 56.41
CA GLN G 1527 -67.57 35.84 55.49
C GLN G 1527 -66.72 34.68 54.98
N ARG G 1528 -66.84 33.51 55.59
CA ARG G 1528 -66.14 32.34 55.07
C ARG G 1528 -67.07 31.31 54.45
N HIS G 1529 -68.13 30.94 55.16
CA HIS G 1529 -69.06 29.93 54.65
C HIS G 1529 -70.01 30.49 53.59
N GLY G 1530 -69.89 31.78 53.31
CA GLY G 1530 -70.73 32.43 52.31
C GLY G 1530 -70.03 33.55 51.56
N SER G 1531 -70.78 34.24 50.72
CA SER G 1531 -70.20 35.25 49.84
C SER G 1531 -70.93 36.57 49.95
N SER G 1532 -70.32 37.63 49.43
CA SER G 1532 -71.00 38.93 49.37
C SER G 1532 -72.00 38.96 48.24
N ILE G 1533 -72.89 39.95 48.27
CA ILE G 1533 -73.97 40.01 47.29
C ILE G 1533 -74.28 41.44 46.87
N GLU G 1534 -74.90 41.60 45.71
CA GLU G 1534 -75.29 42.90 45.19
C GLU G 1534 -74.13 43.86 45.31
N GLN G 1535 -73.04 43.55 44.63
CA GLN G 1535 -71.85 44.36 44.75
C GLN G 1535 -71.27 44.75 43.40
N PRO G 1536 -70.29 45.66 43.40
CA PRO G 1536 -69.79 46.24 42.16
C PRO G 1536 -69.10 45.25 41.23
N VAL G 1537 -69.29 45.49 39.95
CA VAL G 1537 -68.59 44.74 38.91
C VAL G 1537 -67.62 45.69 38.22
N ASN G 1538 -66.37 45.66 38.68
CA ASN G 1538 -65.35 46.57 38.17
C ASN G 1538 -64.71 46.03 36.90
N PHE G 1539 -64.08 46.91 36.14
CA PHE G 1539 -63.45 46.50 34.89
C PHE G 1539 -61.97 46.17 35.08
N GLU G 1540 -61.40 45.48 34.12
CA GLU G 1540 -59.96 45.29 34.10
C GLU G 1540 -59.37 46.62 33.74
N ASN G 1541 -59.92 47.21 32.69
CA ASN G 1541 -59.44 48.48 32.19
C ASN G 1541 -60.40 49.62 32.47
N PRO G 1542 -60.09 50.42 33.49
CA PRO G 1542 -60.82 51.64 33.80
C PRO G 1542 -60.89 52.52 32.57
N ILE G 1543 -62.10 52.83 32.14
CA ILE G 1543 -62.31 53.63 30.95
C ILE G 1543 -62.23 55.10 31.26
N PRO G 1544 -61.18 55.78 30.78
CA PRO G 1544 -61.11 57.22 31.03
C PRO G 1544 -62.33 57.87 30.42
N LEU G 1545 -62.97 58.75 31.20
CA LEU G 1545 -64.13 59.50 30.77
C LEU G 1545 -63.68 60.93 30.58
N SER G 1546 -62.95 61.41 31.58
CA SER G 1546 -62.40 62.75 31.64
C SER G 1546 -61.82 63.14 30.29
N GLY G 1547 -61.08 62.21 29.69
CA GLY G 1547 -60.25 62.54 28.55
C GLY G 1547 -58.89 62.76 29.16
N LYS G 1548 -57.87 62.90 28.32
CA LYS G 1548 -56.52 63.15 28.82
C LYS G 1548 -56.27 64.66 28.98
N THR G 1549 -57.31 65.44 28.71
CA THR G 1549 -57.30 66.89 28.99
C THR G 1549 -57.94 67.12 30.36
N PRO G 1550 -57.13 67.15 31.43
CA PRO G 1550 -57.64 67.18 32.80
C PRO G 1550 -58.63 68.30 33.00
N LEU G 1551 -59.74 67.99 33.66
CA LEU G 1551 -60.77 68.99 33.91
C LEU G 1551 -60.27 69.96 34.98
N GLU G 1552 -60.48 71.25 34.75
CA GLU G 1552 -59.91 72.27 35.64
C GLU G 1552 -60.97 73.14 36.34
N LEU G 1553 -60.82 73.25 37.66
CA LEU G 1553 -61.70 74.08 38.49
C LEU G 1553 -60.88 75.01 39.35
N ARG G 1554 -61.39 76.21 39.57
CA ARG G 1554 -60.74 77.13 40.51
C ARG G 1554 -61.62 77.53 41.68
N ALA G 1555 -61.09 77.36 42.89
CA ALA G 1555 -61.74 77.85 44.09
C ALA G 1555 -61.85 79.35 43.91
N PRO G 1556 -63.02 79.90 44.17
CA PRO G 1556 -63.15 81.34 43.96
C PRO G 1556 -62.54 82.02 45.17
N ALA G 1557 -62.28 83.32 45.06
CA ALA G 1557 -61.92 84.10 46.23
C ALA G 1557 -63.22 84.62 46.81
N SER G 1558 -63.25 84.78 48.13
CA SER G 1558 -64.44 85.20 48.86
C SER G 1558 -65.44 84.06 48.97
N ASN G 1559 -65.30 83.29 50.05
CA ASN G 1559 -66.21 82.20 50.34
C ASN G 1559 -67.60 82.69 50.70
N GLU G 1560 -67.71 83.99 51.01
CA GLU G 1560 -68.99 84.61 51.33
C GLU G 1560 -70.11 84.13 50.41
N ASN G 1561 -69.84 84.17 49.10
CA ASN G 1561 -70.82 83.76 48.10
C ASN G 1561 -71.50 82.47 48.43
N TYR G 1562 -70.72 81.45 48.77
CA TYR G 1562 -71.28 80.15 49.12
C TYR G 1562 -71.95 80.22 50.47
N ALA G 1563 -71.22 80.74 51.46
CA ALA G 1563 -71.73 80.86 52.81
C ALA G 1563 -73.17 81.35 52.79
N ARG G 1564 -73.43 82.37 51.97
CA ARG G 1564 -74.76 82.95 51.85
C ARG G 1564 -75.76 81.93 51.35
N VAL G 1565 -75.50 81.36 50.19
CA VAL G 1565 -76.44 80.47 49.56
C VAL G 1565 -76.53 79.12 50.26
N SER G 1566 -75.67 78.90 51.25
CA SER G 1566 -75.55 77.59 51.88
C SER G 1566 -76.15 77.57 53.25
N GLY G 1567 -75.70 78.46 54.12
CA GLY G 1567 -76.11 78.46 55.51
C GLY G 1567 -74.90 78.27 56.41
N ASP G 1568 -73.81 77.78 55.84
CA ASP G 1568 -72.56 77.63 56.61
C ASP G 1568 -71.82 78.96 56.60
N TYR G 1569 -72.09 79.77 57.62
CA TYR G 1569 -71.42 81.04 57.79
C TYR G 1569 -70.16 80.84 58.59
N ASN G 1570 -69.91 79.59 58.99
CA ASN G 1570 -68.74 79.21 59.79
C ASN G 1570 -67.58 80.16 59.53
N PRO G 1571 -67.15 80.87 60.56
CA PRO G 1571 -66.13 81.90 60.43
C PRO G 1571 -64.85 81.33 59.82
N ILE G 1572 -64.61 80.04 60.05
CA ILE G 1572 -63.44 79.37 59.53
C ILE G 1572 -63.18 79.74 58.06
N HIS G 1573 -64.23 79.69 57.26
CA HIS G 1573 -64.10 79.82 55.82
C HIS G 1573 -63.97 81.28 55.40
N VAL G 1574 -64.41 82.20 56.26
CA VAL G 1574 -64.59 83.58 55.79
C VAL G 1574 -63.73 84.66 56.49
N SER G 1575 -63.60 84.60 57.81
CA SER G 1575 -62.84 85.63 58.53
C SER G 1575 -61.38 85.23 58.70
N ARG G 1576 -60.53 86.24 58.77
CA ARG G 1576 -59.09 86.04 58.95
C ARG G 1576 -58.77 85.55 60.35
N VAL G 1577 -59.41 86.17 61.34
CA VAL G 1577 -59.01 85.94 62.72
C VAL G 1577 -59.61 84.68 63.29
N PHE G 1578 -60.81 84.35 62.83
CA PHE G 1578 -61.43 83.14 63.31
C PHE G 1578 -60.63 81.95 62.82
N SER G 1579 -60.37 81.91 61.52
CA SER G 1579 -59.64 80.78 60.95
C SER G 1579 -58.26 80.69 61.57
N SER G 1580 -57.60 81.84 61.66
CA SER G 1580 -56.26 81.89 62.24
C SER G 1580 -56.22 81.27 63.63
N TYR G 1581 -57.27 81.46 64.41
CA TYR G 1581 -57.29 80.89 65.75
C TYR G 1581 -57.33 79.37 65.69
N ALA G 1582 -57.90 78.85 64.60
CA ALA G 1582 -58.10 77.41 64.50
C ALA G 1582 -56.92 76.69 63.86
N ASN G 1583 -55.77 77.36 63.81
CA ASN G 1583 -54.58 76.76 63.20
C ASN G 1583 -54.81 76.29 61.77
N LEU G 1584 -55.53 77.10 60.99
CA LEU G 1584 -55.78 76.77 59.58
C LEU G 1584 -54.76 77.40 58.67
N PRO G 1585 -54.62 76.84 57.46
CA PRO G 1585 -53.86 77.47 56.38
C PRO G 1585 -54.52 78.75 55.96
N GLY G 1586 -55.72 79.01 56.49
CA GLY G 1586 -56.38 80.30 56.34
C GLY G 1586 -57.54 80.37 55.36
N THR G 1587 -58.71 80.80 55.83
CA THR G 1587 -59.85 81.06 54.96
C THR G 1587 -60.09 79.91 53.99
N ILE G 1588 -60.28 78.73 54.56
CA ILE G 1588 -60.40 77.50 53.78
C ILE G 1588 -61.68 77.44 52.96
N THR G 1589 -61.54 77.35 51.65
CA THR G 1589 -62.68 77.20 50.76
C THR G 1589 -63.63 76.13 51.33
N HIS G 1590 -64.92 76.29 51.09
CA HIS G 1590 -65.93 75.42 51.65
C HIS G 1590 -65.82 73.95 51.20
N GLY G 1591 -65.76 73.04 52.18
CA GLY G 1591 -65.75 71.62 51.89
C GLY G 1591 -66.78 71.24 50.85
N MET G 1592 -68.05 71.46 51.18
CA MET G 1592 -69.14 71.12 50.30
C MET G 1592 -69.13 71.91 48.98
N TYR G 1593 -68.33 72.94 48.90
CA TYR G 1593 -68.27 73.72 47.66
C TYR G 1593 -67.44 73.02 46.63
N THR G 1594 -66.26 72.59 47.04
CA THR G 1594 -65.44 71.76 46.19
C THR G 1594 -66.31 70.60 45.69
N SER G 1595 -66.93 69.89 46.63
CA SER G 1595 -67.83 68.78 46.31
C SER G 1595 -68.84 69.13 45.24
N ALA G 1596 -69.58 70.20 45.45
CA ALA G 1596 -70.59 70.64 44.51
C ALA G 1596 -70.00 70.92 43.14
N ALA G 1597 -68.87 71.63 43.12
CA ALA G 1597 -68.24 72.05 41.86
C ALA G 1597 -67.81 70.86 41.02
N VAL G 1598 -66.98 69.99 41.59
CA VAL G 1598 -66.53 68.78 40.90
C VAL G 1598 -67.73 67.91 40.54
N ARG G 1599 -68.67 67.78 41.46
CA ARG G 1599 -69.87 66.98 41.19
C ARG G 1599 -70.66 67.47 39.97
N SER G 1600 -70.57 68.76 39.63
CA SER G 1600 -71.25 69.29 38.45
C SER G 1600 -70.67 68.69 37.20
N LEU G 1601 -69.35 68.55 37.17
CA LEU G 1601 -68.68 67.93 36.05
C LEU G 1601 -69.19 66.49 35.90
N VAL G 1602 -69.28 65.78 37.02
CA VAL G 1602 -69.81 64.43 37.00
C VAL G 1602 -71.19 64.38 36.36
N GLU G 1603 -71.96 65.45 36.51
CA GLU G 1603 -73.24 65.55 35.85
C GLU G 1603 -73.06 65.79 34.36
N THR G 1604 -72.36 66.86 34.04
CA THR G 1604 -72.18 67.29 32.65
C THR G 1604 -71.43 66.24 31.83
N TRP G 1605 -70.51 65.53 32.48
CA TRP G 1605 -69.60 64.63 31.80
C TRP G 1605 -70.04 63.17 31.81
N ALA G 1606 -70.63 62.73 32.91
CA ALA G 1606 -71.08 61.35 33.02
C ALA G 1606 -72.48 61.18 32.45
N ALA G 1607 -73.45 61.87 33.06
CA ALA G 1607 -74.85 61.70 32.70
C ALA G 1607 -75.26 62.53 31.50
N GLU G 1608 -74.37 63.39 31.03
CA GLU G 1608 -74.64 64.25 29.87
C GLU G 1608 -75.82 65.19 30.11
N ASN G 1609 -75.89 65.74 31.33
CA ASN G 1609 -76.83 66.82 31.67
C ASN G 1609 -78.28 66.38 31.92
N ASN G 1610 -78.50 65.09 32.13
CA ASN G 1610 -79.82 64.58 32.48
C ASN G 1610 -79.78 64.07 33.90
N ILE G 1611 -79.86 65.00 34.85
CA ILE G 1611 -79.49 64.73 36.24
C ILE G 1611 -80.12 63.52 36.90
N GLY G 1612 -81.32 63.14 36.44
CA GLY G 1612 -81.99 61.96 36.95
C GLY G 1612 -81.04 60.77 37.02
N ARG G 1613 -80.09 60.74 36.10
CA ARG G 1613 -79.15 59.64 36.01
C ARG G 1613 -78.27 59.58 37.25
N VAL G 1614 -77.67 60.72 37.62
CA VAL G 1614 -76.79 60.78 38.79
C VAL G 1614 -77.54 60.43 40.08
N ARG G 1615 -77.48 59.16 40.46
CA ARG G 1615 -78.30 58.64 41.53
C ARG G 1615 -77.53 58.52 42.83
N SER G 1616 -76.21 58.65 42.74
CA SER G 1616 -75.36 58.55 43.92
C SER G 1616 -74.05 59.30 43.70
N TYR G 1617 -73.55 59.92 44.76
CA TYR G 1617 -72.33 60.70 44.74
C TYR G 1617 -71.79 60.64 46.13
N HIS G 1618 -70.48 60.59 46.26
CA HIS G 1618 -69.89 60.52 47.59
C HIS G 1618 -68.43 60.88 47.54
N VAL G 1619 -68.10 61.99 48.18
CA VAL G 1619 -66.73 62.45 48.21
C VAL G 1619 -66.14 62.42 49.61
N ASN G 1620 -64.85 62.11 49.67
CA ASN G 1620 -64.05 62.40 50.85
C ASN G 1620 -63.20 63.61 50.54
N MET G 1621 -63.39 64.69 51.30
CA MET G 1621 -62.49 65.81 51.23
C MET G 1621 -61.30 65.46 52.11
N VAL G 1622 -60.11 65.55 51.53
CA VAL G 1622 -58.91 65.10 52.22
C VAL G 1622 -57.78 66.07 51.92
N GLY G 1623 -58.14 67.15 51.25
CA GLY G 1623 -57.21 68.22 51.01
C GLY G 1623 -57.91 69.53 51.29
N MET G 1624 -57.23 70.42 51.99
CA MET G 1624 -57.82 71.72 52.26
C MET G 1624 -57.55 72.69 51.11
N VAL G 1625 -58.62 73.14 50.48
CA VAL G 1625 -58.53 74.02 49.34
C VAL G 1625 -58.65 75.46 49.76
N LEU G 1626 -57.58 76.24 49.61
CA LEU G 1626 -57.67 77.68 49.87
C LEU G 1626 -58.39 78.32 48.71
N PRO G 1627 -58.59 79.65 48.77
CA PRO G 1627 -59.27 80.30 47.65
C PRO G 1627 -58.31 80.55 46.50
N ASN G 1628 -58.84 80.51 45.28
CA ASN G 1628 -58.09 80.73 44.04
C ASN G 1628 -57.18 79.58 43.61
N ASP G 1629 -57.18 78.52 44.41
CA ASP G 1629 -56.45 77.30 44.05
C ASP G 1629 -56.98 76.73 42.74
N ALA G 1630 -56.06 76.38 41.85
CA ALA G 1630 -56.43 75.65 40.64
C ALA G 1630 -56.57 74.17 40.95
N ILE G 1631 -57.66 73.57 40.49
CA ILE G 1631 -57.95 72.19 40.84
C ILE G 1631 -58.18 71.32 39.62
N THR G 1632 -57.61 70.12 39.65
CA THR G 1632 -57.70 69.18 38.55
C THR G 1632 -58.68 68.06 38.87
N VAL G 1633 -59.51 67.72 37.89
CA VAL G 1633 -60.49 66.66 38.05
C VAL G 1633 -60.36 65.60 36.97
N LYS G 1634 -60.22 64.35 37.42
CA LYS G 1634 -60.23 63.20 36.52
C LYS G 1634 -61.44 62.31 36.82
N LEU G 1635 -62.13 61.93 35.76
CA LEU G 1635 -63.32 61.09 35.88
C LEU G 1635 -63.12 59.81 35.10
N GLU G 1636 -63.51 58.69 35.70
CA GLU G 1636 -63.14 57.41 35.15
C GLU G 1636 -64.26 56.41 35.34
N HIS G 1637 -64.75 55.85 34.24
CA HIS G 1637 -65.73 54.77 34.30
C HIS G 1637 -64.99 53.53 34.75
N VAL G 1638 -65.26 53.06 35.96
CA VAL G 1638 -64.46 51.97 36.51
C VAL G 1638 -65.29 50.77 36.97
N GLY G 1639 -66.60 50.85 36.84
CA GLY G 1639 -67.44 49.73 37.22
C GLY G 1639 -68.89 49.83 36.84
N MET G 1640 -69.67 48.85 37.29
CA MET G 1640 -71.10 48.81 37.02
C MET G 1640 -71.82 48.25 38.23
N ILE G 1641 -73.00 48.77 38.51
CA ILE G 1641 -73.86 48.18 39.52
C ILE G 1641 -75.31 48.39 39.12
N ALA G 1642 -76.07 47.31 39.03
CA ALA G 1642 -77.50 47.38 38.72
C ALA G 1642 -77.81 48.35 37.60
N GLY G 1643 -77.00 48.31 36.54
CA GLY G 1643 -77.25 49.11 35.35
C GLY G 1643 -76.73 50.52 35.45
N ARG G 1644 -75.91 50.76 36.46
CA ARG G 1644 -75.37 52.09 36.74
C ARG G 1644 -73.85 52.14 36.69
N LYS G 1645 -73.33 53.07 35.90
CA LYS G 1645 -71.91 53.26 35.75
C LYS G 1645 -71.34 53.72 37.07
N ILE G 1646 -70.29 53.07 37.54
CA ILE G 1646 -69.53 53.60 38.67
C ILE G 1646 -68.51 54.56 38.07
N ILE G 1647 -68.34 55.71 38.71
CA ILE G 1647 -67.43 56.73 38.17
C ILE G 1647 -66.51 57.26 39.24
N LYS G 1648 -65.26 56.81 39.19
CA LYS G 1648 -64.23 57.27 40.11
C LYS G 1648 -63.95 58.74 39.83
N VAL G 1649 -63.94 59.53 40.90
CA VAL G 1649 -63.75 60.96 40.77
C VAL G 1649 -62.53 61.33 41.58
N ASP G 1650 -61.60 62.04 40.96
CA ASP G 1650 -60.37 62.46 41.63
C ASP G 1650 -60.10 63.93 41.33
N ALA G 1651 -59.93 64.72 42.39
CA ALA G 1651 -59.67 66.14 42.27
C ALA G 1651 -58.39 66.50 43.02
N ARG G 1652 -57.48 67.22 42.38
CA ARG G 1652 -56.19 67.51 43.00
C ARG G 1652 -55.75 68.95 42.84
N ASN G 1653 -54.86 69.37 43.73
CA ASN G 1653 -54.23 70.68 43.67
C ASN G 1653 -53.29 70.74 42.48
N LYS G 1654 -53.54 71.67 41.55
CA LYS G 1654 -52.77 71.70 40.31
C LYS G 1654 -51.26 71.91 40.50
N ASP G 1655 -50.87 72.36 41.68
CA ASP G 1655 -49.45 72.59 41.94
C ASP G 1655 -48.82 71.47 42.73
N THR G 1656 -49.58 70.85 43.62
CA THR G 1656 -49.02 69.85 44.52
C THR G 1656 -49.44 68.44 44.13
N ASP G 1657 -50.43 68.36 43.24
CA ASP G 1657 -51.03 67.09 42.88
C ASP G 1657 -51.59 66.41 44.10
N GLU G 1658 -51.63 67.14 45.22
CA GLU G 1658 -52.20 66.61 46.44
C GLU G 1658 -53.70 66.39 46.29
N SER G 1659 -54.19 65.31 46.90
CA SER G 1659 -55.58 64.92 46.77
C SER G 1659 -56.49 65.85 47.54
N VAL G 1660 -57.40 66.50 46.82
CA VAL G 1660 -58.42 67.32 47.43
C VAL G 1660 -59.67 66.48 47.64
N LEU G 1661 -60.16 65.89 46.55
CA LEU G 1661 -61.33 65.03 46.58
C LEU G 1661 -61.02 63.66 46.06
N GLN G 1662 -61.68 62.67 46.63
CA GLN G 1662 -61.63 61.32 46.12
C GLN G 1662 -62.97 60.69 46.43
N GLY G 1663 -63.55 60.02 45.44
CA GLY G 1663 -64.85 59.41 45.64
C GLY G 1663 -65.46 58.96 44.34
N GLU G 1664 -66.57 58.23 44.47
CA GLU G 1664 -67.23 57.61 43.33
C GLU G 1664 -68.68 58.08 43.17
N ALA G 1665 -69.21 57.96 41.96
CA ALA G 1665 -70.57 58.37 41.68
C ALA G 1665 -71.27 57.32 40.85
N GLU G 1666 -72.40 56.80 41.35
CA GLU G 1666 -73.21 55.85 40.59
C GLU G 1666 -74.19 56.58 39.68
N VAL G 1667 -73.98 56.44 38.37
CA VAL G 1667 -74.69 57.23 37.37
C VAL G 1667 -75.32 56.31 36.33
N GLU G 1668 -76.60 56.54 36.03
CA GLU G 1668 -77.35 55.70 35.10
C GLU G 1668 -76.84 55.77 33.66
N GLN G 1669 -76.95 54.64 32.95
CA GLN G 1669 -76.53 54.55 31.57
C GLN G 1669 -77.38 55.46 30.68
N PRO G 1670 -76.86 55.82 29.45
CA PRO G 1670 -77.73 56.51 28.48
C PRO G 1670 -79.03 55.73 28.32
N VAL G 1671 -79.97 56.28 27.56
CA VAL G 1671 -81.26 55.64 27.37
C VAL G 1671 -81.15 54.34 26.56
N THR G 1672 -81.54 53.22 27.17
CA THR G 1672 -81.37 51.94 26.47
C THR G 1672 -82.68 51.22 26.21
N ALA G 1673 -82.71 50.45 25.13
CA ALA G 1673 -83.87 49.67 24.76
C ALA G 1673 -83.47 48.26 24.31
N TYR G 1674 -83.93 47.25 25.04
CA TYR G 1674 -83.57 45.87 24.76
C TYR G 1674 -84.60 45.15 23.87
N VAL G 1675 -84.21 44.80 22.65
CA VAL G 1675 -85.10 44.11 21.75
C VAL G 1675 -84.55 42.73 21.40
N PHE G 1676 -85.43 41.74 21.42
CA PHE G 1676 -85.04 40.34 21.26
C PHE G 1676 -85.52 39.78 19.93
N THR G 1677 -84.57 39.31 19.11
CA THR G 1677 -84.88 38.83 17.75
C THR G 1677 -85.76 37.59 17.75
N GLY G 1678 -86.41 37.32 16.62
CA GLY G 1678 -87.34 36.20 16.51
C GLY G 1678 -86.85 35.11 15.57
N GLN G 1679 -87.74 34.21 15.17
CA GLN G 1679 -87.37 33.12 14.30
C GLN G 1679 -86.67 33.62 13.03
N GLY G 1680 -85.86 32.76 12.42
CA GLY G 1680 -85.18 33.09 11.18
C GLY G 1680 -83.69 33.34 11.36
N SER G 1681 -83.36 34.02 12.45
CA SER G 1681 -81.98 34.35 12.71
C SER G 1681 -81.26 33.21 13.41
N GLN G 1682 -81.94 32.09 13.63
CA GLN G 1682 -81.30 30.98 14.29
C GLN G 1682 -80.18 30.40 13.43
N GLU G 1683 -79.04 30.14 14.06
CA GLU G 1683 -77.92 29.51 13.40
C GLU G 1683 -77.37 28.39 14.26
N GLN G 1684 -76.74 27.41 13.64
CA GLN G 1684 -76.20 26.26 14.36
C GLN G 1684 -75.18 26.68 15.41
N GLY G 1685 -75.21 26.01 16.57
CA GLY G 1685 -74.24 26.25 17.62
C GLY G 1685 -74.31 27.64 18.22
N MET G 1686 -75.45 28.29 18.06
CA MET G 1686 -75.63 29.65 18.56
C MET G 1686 -75.40 29.72 20.06
N GLY G 1687 -74.71 30.77 20.51
CA GLY G 1687 -74.53 31.03 21.93
C GLY G 1687 -73.86 29.90 22.69
N MET G 1688 -73.19 29.01 21.96
CA MET G 1688 -72.48 27.89 22.56
C MET G 1688 -71.08 28.31 23.02
N ASP G 1689 -70.47 29.21 22.28
CA ASP G 1689 -69.19 29.79 22.67
C ASP G 1689 -69.37 30.46 24.02
N LEU G 1690 -70.28 31.42 24.06
CA LEU G 1690 -70.68 32.09 25.29
C LEU G 1690 -71.07 31.07 26.37
N TYR G 1691 -71.54 29.91 25.94
CA TYR G 1691 -71.87 28.82 26.86
C TYR G 1691 -70.66 28.40 27.67
N ALA G 1692 -69.60 27.96 27.00
CA ALA G 1692 -68.42 27.49 27.70
C ALA G 1692 -67.78 28.57 28.54
N THR G 1693 -67.75 29.79 28.00
CA THR G 1693 -67.10 30.94 28.65
C THR G 1693 -67.83 31.55 29.85
N SER G 1694 -69.15 31.41 29.92
CA SER G 1694 -69.92 32.03 31.00
C SER G 1694 -70.58 31.00 31.90
N PRO G 1695 -70.06 30.85 33.12
CA PRO G 1695 -70.59 29.93 34.12
C PRO G 1695 -72.07 30.16 34.36
N VAL G 1696 -72.52 31.38 34.08
CA VAL G 1696 -73.94 31.73 34.25
C VAL G 1696 -74.81 31.14 33.15
N ALA G 1697 -74.51 31.52 31.92
CA ALA G 1697 -75.24 31.05 30.75
C ALA G 1697 -75.10 29.55 30.67
N LYS G 1698 -73.95 29.07 31.11
CA LYS G 1698 -73.70 27.64 31.22
C LYS G 1698 -74.91 27.00 31.85
N GLU G 1699 -75.33 27.55 32.98
CA GLU G 1699 -76.35 26.93 33.82
C GLU G 1699 -77.76 27.17 33.28
N VAL G 1700 -77.99 28.32 32.66
CA VAL G 1700 -79.29 28.57 32.03
C VAL G 1700 -79.63 27.45 31.06
N TRP G 1701 -78.71 27.19 30.14
CA TRP G 1701 -78.86 26.10 29.17
C TRP G 1701 -79.08 24.78 29.87
N ASP G 1702 -78.24 24.47 30.84
CA ASP G 1702 -78.31 23.20 31.55
C ASP G 1702 -79.69 22.95 32.15
N ARG G 1703 -80.21 23.93 32.87
CA ARG G 1703 -81.50 23.73 33.54
C ARG G 1703 -82.59 23.48 32.52
N ALA G 1704 -82.49 24.14 31.37
CA ALA G 1704 -83.43 23.95 30.27
C ALA G 1704 -83.30 22.56 29.67
N ASP G 1705 -82.06 22.16 29.43
CA ASP G 1705 -81.80 20.87 28.85
C ASP G 1705 -82.24 19.80 29.82
N LYS G 1706 -81.72 19.87 31.04
CA LYS G 1706 -82.12 18.97 32.11
C LYS G 1706 -83.61 18.75 32.07
N HIS G 1707 -84.36 19.84 31.95
CA HIS G 1707 -85.81 19.77 31.83
C HIS G 1707 -86.21 18.93 30.62
N PHE G 1708 -85.96 19.47 29.42
CA PHE G 1708 -86.30 18.81 28.16
C PHE G 1708 -86.00 17.31 28.13
N ARG G 1709 -84.81 16.94 28.58
CA ARG G 1709 -84.40 15.55 28.54
C ARG G 1709 -85.32 14.70 29.38
N GLU G 1710 -85.61 15.15 30.60
CA GLU G 1710 -86.32 14.33 31.57
C GLU G 1710 -87.83 14.27 31.33
N ASN G 1711 -88.33 15.20 30.52
CA ASN G 1711 -89.75 15.34 30.28
C ASN G 1711 -90.13 15.00 28.85
N TYR G 1712 -89.45 15.61 27.89
CA TYR G 1712 -89.77 15.38 26.50
C TYR G 1712 -88.79 14.42 25.82
N GLY G 1713 -87.75 14.03 26.54
CA GLY G 1713 -86.83 13.01 26.05
C GLY G 1713 -85.84 13.40 24.99
N PHE G 1714 -85.43 14.66 24.96
CA PHE G 1714 -84.38 15.09 24.04
C PHE G 1714 -83.64 16.29 24.62
N SER G 1715 -82.47 16.60 24.07
CA SER G 1715 -81.68 17.76 24.48
C SER G 1715 -81.66 18.85 23.41
N ILE G 1716 -82.00 20.08 23.78
CA ILE G 1716 -81.99 21.13 22.77
C ILE G 1716 -80.57 21.56 22.57
N ILE G 1717 -79.73 21.34 23.58
CA ILE G 1717 -78.33 21.67 23.43
C ILE G 1717 -77.72 20.86 22.29
N ASP G 1718 -78.07 19.57 22.22
CA ASP G 1718 -77.65 18.72 21.11
C ASP G 1718 -78.17 19.25 19.79
N ILE G 1719 -79.48 19.41 19.72
CA ILE G 1719 -80.09 19.95 18.52
C ILE G 1719 -79.39 21.23 18.07
N VAL G 1720 -79.00 22.07 19.03
CA VAL G 1720 -78.33 23.32 18.71
C VAL G 1720 -76.91 23.09 18.20
N LYS G 1721 -76.10 22.40 18.99
CA LYS G 1721 -74.72 22.12 18.60
C LYS G 1721 -74.65 21.48 17.23
N ASN G 1722 -75.06 20.22 17.13
CA ASN G 1722 -75.09 19.55 15.84
C ASN G 1722 -76.53 19.36 15.35
N ASN G 1723 -76.94 20.21 14.39
CA ASN G 1723 -78.32 20.27 13.85
C ASN G 1723 -78.72 19.01 13.07
N PRO G 1724 -79.43 18.09 13.72
CA PRO G 1724 -79.78 16.81 13.11
C PRO G 1724 -80.93 16.97 12.13
N LYS G 1725 -80.85 16.30 10.97
CA LYS G 1725 -81.94 16.37 10.00
C LYS G 1725 -83.10 15.53 10.50
N GLU G 1726 -82.84 14.78 11.58
CA GLU G 1726 -83.89 14.06 12.26
C GLU G 1726 -83.41 13.60 13.62
N LEU G 1727 -84.36 13.22 14.46
CA LEU G 1727 -84.05 12.80 15.82
C LEU G 1727 -85.23 12.03 16.36
N THR G 1728 -84.96 11.02 17.17
CA THR G 1728 -86.03 10.19 17.68
C THR G 1728 -85.88 9.95 19.18
N VAL G 1729 -86.97 10.12 19.91
CA VAL G 1729 -86.99 9.95 21.35
C VAL G 1729 -87.47 8.55 21.67
N HIS G 1730 -87.07 8.00 22.82
CA HIS G 1730 -87.46 6.65 23.19
C HIS G 1730 -88.15 6.55 24.55
N PHE G 1731 -89.22 5.77 24.61
CA PHE G 1731 -90.02 5.68 25.82
C PHE G 1731 -89.67 4.40 26.59
N GLY G 1732 -88.51 4.43 27.22
CA GLY G 1732 -87.94 3.25 27.86
C GLY G 1732 -88.60 2.84 29.15
N GLY G 1733 -87.81 2.66 30.19
CA GLY G 1733 -88.30 2.10 31.44
C GLY G 1733 -89.11 3.07 32.26
N PRO G 1734 -89.00 2.98 33.58
CA PRO G 1734 -89.70 3.92 34.45
C PRO G 1734 -89.75 5.32 33.85
N ARG G 1735 -88.63 6.01 33.77
CA ARG G 1735 -88.63 7.38 33.27
C ARG G 1735 -88.86 7.42 31.77
N GLY G 1736 -88.87 6.26 31.13
CA GLY G 1736 -89.20 6.20 29.72
C GLY G 1736 -90.68 6.44 29.51
N LYS G 1737 -91.50 5.68 30.23
CA LYS G 1737 -92.94 5.76 30.07
C LYS G 1737 -93.44 7.15 30.45
N ILE G 1738 -92.94 7.69 31.57
CA ILE G 1738 -93.36 9.00 32.04
C ILE G 1738 -93.20 10.08 30.95
N ILE G 1739 -92.30 9.83 30.01
CA ILE G 1739 -92.09 10.80 28.95
C ILE G 1739 -93.23 10.75 27.97
N ARG G 1740 -93.55 9.53 27.52
CA ARG G 1740 -94.57 9.40 26.51
C ARG G 1740 -95.88 9.92 27.04
N GLN G 1741 -96.01 9.91 28.36
CA GLN G 1741 -97.20 10.43 28.97
C GLN G 1741 -97.37 11.88 28.52
N ASN G 1742 -96.27 12.61 28.51
CA ASN G 1742 -96.30 14.02 28.15
C ASN G 1742 -96.57 14.23 26.67
N TYR G 1743 -96.20 13.24 25.87
CA TYR G 1743 -96.46 13.30 24.45
C TYR G 1743 -97.93 13.00 24.20
N MET G 1744 -98.48 12.12 25.03
CA MET G 1744 -99.88 11.74 24.93
C MET G 1744 -100.77 12.88 25.44
N SER G 1745 -100.28 13.58 26.45
CA SER G 1745 -101.05 14.64 27.11
C SER G 1745 -100.94 15.98 26.39
N MET G 1746 -100.70 15.94 25.10
CA MET G 1746 -100.60 17.16 24.32
C MET G 1746 -101.93 17.45 23.67
N THR G 1747 -102.61 18.48 24.16
CA THR G 1747 -103.98 18.77 23.79
C THR G 1747 -104.13 19.81 22.66
N PHE G 1748 -104.43 19.32 21.46
CA PHE G 1748 -104.67 20.18 20.31
C PHE G 1748 -106.17 20.50 20.24
N GLU G 1749 -106.53 21.58 19.57
CA GLU G 1749 -107.95 21.94 19.53
C GLU G 1749 -108.40 22.62 18.24
N THR G 1750 -109.30 21.93 17.53
CA THR G 1750 -109.97 22.47 16.33
C THR G 1750 -111.44 22.11 16.36
N VAL G 1751 -112.30 23.13 16.28
CA VAL G 1751 -113.76 22.95 16.33
C VAL G 1751 -114.33 22.71 14.93
N ASN G 1752 -115.36 21.87 14.86
CA ASN G 1752 -116.06 21.58 13.61
C ASN G 1752 -116.85 22.81 13.11
N ALA G 1753 -117.21 22.79 11.83
CA ALA G 1753 -117.97 23.90 11.23
C ALA G 1753 -119.44 23.90 11.63
N ASP G 1754 -119.77 23.13 12.67
CA ASP G 1754 -121.08 23.18 13.29
C ASP G 1754 -121.05 23.72 14.73
N GLY G 1755 -119.90 23.60 15.39
CA GLY G 1755 -119.71 24.18 16.71
C GLY G 1755 -119.42 23.20 17.84
N SER G 1756 -118.76 22.08 17.53
CA SER G 1756 -118.30 21.16 18.56
C SER G 1756 -116.78 21.17 18.64
N ILE G 1757 -116.25 21.43 19.83
CA ILE G 1757 -114.83 21.63 20.05
C ILE G 1757 -114.01 20.32 20.05
N LYS G 1758 -113.54 19.91 18.87
CA LYS G 1758 -112.75 18.69 18.75
C LYS G 1758 -111.44 18.84 19.50
N THR G 1759 -111.30 18.10 20.59
CA THR G 1759 -110.08 18.09 21.36
C THR G 1759 -109.23 16.90 20.92
N GLU G 1760 -108.15 17.18 20.18
CA GLU G 1760 -107.35 16.14 19.53
C GLU G 1760 -105.93 16.02 20.09
N LYS G 1761 -105.22 14.96 19.70
CA LYS G 1761 -103.82 14.80 20.09
C LYS G 1761 -102.91 15.57 19.15
N ILE G 1762 -101.79 16.07 19.67
CA ILE G 1762 -100.80 16.71 18.82
C ILE G 1762 -99.93 15.59 18.29
N PHE G 1763 -99.59 14.65 19.17
CA PHE G 1763 -98.80 13.50 18.77
C PHE G 1763 -99.70 12.32 18.54
N LYS G 1764 -100.29 12.30 17.35
CA LYS G 1764 -101.38 11.39 17.02
C LYS G 1764 -101.01 9.94 17.26
N GLU G 1765 -99.84 9.56 16.78
CA GLU G 1765 -99.44 8.15 16.72
C GLU G 1765 -98.83 7.64 18.02
N VAL G 1766 -98.74 8.52 19.01
CA VAL G 1766 -98.17 8.13 20.28
C VAL G 1766 -99.25 7.62 21.20
N ASP G 1767 -99.21 6.34 21.50
CA ASP G 1767 -100.15 5.74 22.46
C ASP G 1767 -99.42 4.97 23.54
N GLU G 1768 -100.17 4.16 24.29
CA GLU G 1768 -99.58 3.38 25.37
C GLU G 1768 -98.97 2.09 24.82
N ASN G 1769 -98.77 2.08 23.50
CA ASN G 1769 -98.12 0.98 22.81
C ASN G 1769 -96.97 1.50 21.97
N SER G 1770 -96.61 2.76 22.18
CA SER G 1770 -95.55 3.41 21.42
C SER G 1770 -94.23 3.37 22.17
N THR G 1771 -93.17 2.94 21.48
CA THR G 1771 -91.84 2.84 22.05
C THR G 1771 -90.98 4.04 21.71
N SER G 1772 -91.38 4.79 20.69
CA SER G 1772 -90.57 5.89 20.20
C SER G 1772 -91.33 6.81 19.27
N TYR G 1773 -90.94 8.07 19.24
CA TYR G 1773 -91.47 9.01 18.27
C TYR G 1773 -90.31 9.68 17.56
N THR G 1774 -90.49 10.01 16.29
CA THR G 1774 -89.39 10.52 15.51
C THR G 1774 -89.69 11.88 14.89
N TYR G 1775 -88.87 12.86 15.24
CA TYR G 1775 -88.95 14.22 14.67
C TYR G 1775 -88.16 14.24 13.36
N ARG G 1776 -88.67 14.92 12.33
CA ARG G 1776 -87.95 14.99 11.07
C ARG G 1776 -88.09 16.35 10.41
N SER G 1777 -86.97 16.87 9.92
CA SER G 1777 -86.96 18.06 9.10
C SER G 1777 -85.97 17.85 7.97
N PRO G 1778 -86.33 18.32 6.78
CA PRO G 1778 -85.48 18.13 5.60
C PRO G 1778 -84.20 18.95 5.73
N SER G 1779 -84.24 20.00 6.55
CA SER G 1779 -83.12 20.91 6.67
C SER G 1779 -82.64 21.09 8.11
N GLY G 1780 -82.69 20.01 8.90
CA GLY G 1780 -82.24 20.06 10.28
C GLY G 1780 -83.32 20.50 11.25
N LEU G 1781 -83.40 19.83 12.40
CA LEU G 1781 -84.48 20.05 13.36
C LEU G 1781 -84.43 21.43 14.01
N LEU G 1782 -83.28 22.10 13.90
CA LEU G 1782 -83.14 23.44 14.44
C LEU G 1782 -83.76 24.41 13.46
N SER G 1783 -84.50 23.86 12.51
CA SER G 1783 -85.14 24.64 11.47
C SER G 1783 -86.67 24.59 11.61
N ALA G 1784 -87.16 23.56 12.30
CA ALA G 1784 -88.59 23.46 12.60
C ALA G 1784 -88.82 23.99 14.00
N THR G 1785 -89.92 24.71 14.17
CA THR G 1785 -90.06 25.58 15.34
C THR G 1785 -90.11 24.95 16.73
N GLN G 1786 -90.70 23.76 16.88
CA GLN G 1786 -90.79 23.16 18.21
C GLN G 1786 -89.43 23.22 18.87
N PHE G 1787 -88.39 23.21 18.04
CA PHE G 1787 -87.02 23.31 18.51
C PHE G 1787 -86.43 24.71 18.29
N THR G 1788 -86.59 25.22 17.07
CA THR G 1788 -86.13 26.56 16.71
C THR G 1788 -86.45 27.59 17.78
N GLN G 1789 -87.65 27.51 18.34
CA GLN G 1789 -88.11 28.51 19.27
C GLN G 1789 -87.42 28.40 20.63
N PRO G 1790 -87.60 27.28 21.34
CA PRO G 1790 -87.01 27.18 22.68
C PRO G 1790 -85.53 27.47 22.60
N ALA G 1791 -84.88 27.07 21.50
CA ALA G 1791 -83.47 27.33 21.29
C ALA G 1791 -83.15 28.82 21.20
N LEU G 1792 -83.86 29.53 20.35
CA LEU G 1792 -83.66 30.98 20.24
C LEU G 1792 -83.94 31.68 21.56
N THR G 1793 -85.04 31.31 22.21
CA THR G 1793 -85.37 31.82 23.53
C THR G 1793 -84.17 31.62 24.42
N LEU G 1794 -83.68 30.39 24.46
CA LEU G 1794 -82.59 29.98 25.34
C LEU G 1794 -81.35 30.84 25.16
N MET G 1795 -80.84 30.91 23.93
CA MET G 1795 -79.64 31.69 23.67
C MET G 1795 -79.82 33.12 24.19
N GLU G 1796 -81.00 33.68 24.00
CA GLU G 1796 -81.23 35.06 24.37
C GLU G 1796 -81.25 35.23 25.88
N LYS G 1797 -82.08 34.45 26.56
CA LYS G 1797 -82.15 34.51 28.03
C LYS G 1797 -80.76 34.44 28.61
N ALA G 1798 -80.01 33.40 28.23
CA ALA G 1798 -78.67 33.21 28.72
C ALA G 1798 -77.81 34.45 28.46
N SER G 1799 -77.73 34.84 27.20
CA SER G 1799 -76.91 35.99 26.81
C SER G 1799 -77.17 37.19 27.68
N PHE G 1800 -78.45 37.49 27.87
CA PHE G 1800 -78.88 38.64 28.66
C PHE G 1800 -78.50 38.43 30.11
N GLU G 1801 -78.78 37.23 30.62
CA GLU G 1801 -78.50 36.91 32.00
C GLU G 1801 -77.03 37.04 32.31
N ASP G 1802 -76.20 36.99 31.28
CA ASP G 1802 -74.78 37.22 31.46
C ASP G 1802 -74.52 38.70 31.64
N MET G 1803 -75.06 39.52 30.75
CA MET G 1803 -74.95 40.96 30.88
C MET G 1803 -75.38 41.37 32.28
N ARG G 1804 -76.49 40.80 32.72
CA ARG G 1804 -77.03 41.08 34.05
C ARG G 1804 -75.98 40.70 35.07
N SER G 1805 -75.40 39.53 34.89
CA SER G 1805 -74.31 39.05 35.73
C SER G 1805 -73.21 40.09 35.93
N LYS G 1806 -72.96 40.91 34.91
CA LYS G 1806 -71.88 41.88 35.00
C LYS G 1806 -72.40 43.31 35.22
N GLY G 1807 -73.68 43.41 35.51
CA GLY G 1807 -74.31 44.66 35.92
C GLY G 1807 -74.55 45.63 34.78
N LEU G 1808 -74.84 45.10 33.60
CA LEU G 1808 -74.99 45.95 32.43
C LEU G 1808 -76.44 46.29 32.19
N VAL G 1809 -77.35 45.52 32.79
CA VAL G 1809 -78.77 45.70 32.54
C VAL G 1809 -79.29 46.93 33.23
N GLN G 1810 -79.83 47.86 32.44
CA GLN G 1810 -80.33 49.13 32.95
C GLN G 1810 -81.71 48.98 33.58
N ARG G 1811 -81.90 49.64 34.72
CA ARG G 1811 -83.14 49.51 35.47
C ARG G 1811 -84.34 50.02 34.67
N ASP G 1812 -84.35 51.32 34.41
CA ASP G 1812 -85.47 51.98 33.73
C ASP G 1812 -85.31 51.96 32.22
N SER G 1813 -85.34 50.78 31.63
CA SER G 1813 -85.29 50.69 30.18
C SER G 1813 -86.49 49.91 29.68
N THR G 1814 -86.70 49.93 28.38
CA THR G 1814 -87.84 49.25 27.75
C THR G 1814 -87.37 47.98 27.06
N PHE G 1815 -88.28 47.03 26.91
CA PHE G 1815 -87.94 45.79 26.23
C PHE G 1815 -89.08 45.26 25.38
N ALA G 1816 -88.73 44.80 24.17
CA ALA G 1816 -89.70 44.28 23.23
C ALA G 1816 -89.11 43.10 22.47
N GLY G 1817 -89.98 42.20 22.03
CA GLY G 1817 -89.59 41.03 21.26
C GLY G 1817 -90.44 40.87 20.01
N HIS G 1818 -89.87 40.24 18.99
CA HIS G 1818 -90.54 40.05 17.71
C HIS G 1818 -90.99 38.59 17.50
N SER G 1819 -92.29 38.40 17.34
CA SER G 1819 -92.87 37.05 17.24
C SER G 1819 -92.52 36.26 18.48
N LEU G 1820 -91.60 35.31 18.34
CA LEU G 1820 -91.12 34.55 19.46
C LEU G 1820 -90.51 35.48 20.51
N GLY G 1821 -89.63 36.34 20.03
CA GLY G 1821 -88.79 37.17 20.88
C GLY G 1821 -89.49 37.88 22.01
N GLU G 1822 -90.81 37.98 21.93
CA GLU G 1822 -91.54 38.61 23.01
C GLU G 1822 -91.42 37.74 24.25
N TYR G 1823 -91.57 36.43 24.09
CA TYR G 1823 -91.51 35.56 25.25
C TYR G 1823 -90.14 35.61 25.92
N SER G 1824 -89.09 35.54 25.13
CA SER G 1824 -87.76 35.60 25.69
C SER G 1824 -87.58 36.95 26.39
N ALA G 1825 -87.80 38.04 25.65
CA ALA G 1825 -87.72 39.39 26.19
C ALA G 1825 -88.43 39.49 27.53
N LEU G 1826 -89.64 38.96 27.63
CA LEU G 1826 -90.39 38.98 28.89
C LEU G 1826 -89.58 38.39 30.00
N VAL G 1827 -89.31 37.09 29.89
CA VAL G 1827 -88.54 36.36 30.88
C VAL G 1827 -87.17 36.98 31.16
N ALA G 1828 -86.64 37.66 30.15
CA ALA G 1828 -85.31 38.25 30.25
C ALA G 1828 -85.22 39.33 31.33
N LEU G 1829 -86.18 40.24 31.32
CA LEU G 1829 -86.16 41.39 32.22
C LEU G 1829 -87.16 41.28 33.37
N ALA G 1830 -88.37 40.82 33.06
CA ALA G 1830 -89.32 40.46 34.11
C ALA G 1830 -89.27 38.96 34.33
N ASP G 1831 -89.23 38.51 35.56
CA ASP G 1831 -89.18 37.08 35.81
C ASP G 1831 -90.56 36.44 35.63
N VAL G 1832 -91.13 36.64 34.44
CA VAL G 1832 -92.49 36.21 34.14
C VAL G 1832 -92.71 34.74 34.46
N MET G 1833 -91.63 33.96 34.49
CA MET G 1833 -91.73 32.53 34.72
C MET G 1833 -90.36 31.87 34.70
N PRO G 1834 -90.22 30.76 35.42
CA PRO G 1834 -89.01 29.95 35.41
C PRO G 1834 -88.64 29.53 34.01
N ILE G 1835 -87.37 29.23 33.77
CA ILE G 1835 -86.88 28.95 32.42
C ILE G 1835 -87.44 27.65 31.86
N GLU G 1836 -87.69 26.67 32.72
CA GLU G 1836 -88.33 25.42 32.29
C GLU G 1836 -89.74 25.68 31.84
N SER G 1837 -90.41 26.62 32.49
CA SER G 1837 -91.72 27.05 32.05
C SER G 1837 -91.57 27.66 30.66
N LEU G 1838 -90.71 28.67 30.54
CA LEU G 1838 -90.52 29.38 29.29
C LEU G 1838 -90.36 28.45 28.10
N VAL G 1839 -89.44 27.51 28.19
CA VAL G 1839 -89.16 26.63 27.08
C VAL G 1839 -90.34 25.69 26.78
N SER G 1840 -91.02 25.25 27.82
CA SER G 1840 -92.24 24.44 27.67
C SER G 1840 -93.30 25.25 26.96
N VAL G 1841 -93.63 26.40 27.53
CA VAL G 1841 -94.49 27.38 26.89
C VAL G 1841 -94.18 27.48 25.40
N VAL G 1842 -93.01 28.01 25.08
CA VAL G 1842 -92.61 28.22 23.70
C VAL G 1842 -92.67 26.95 22.84
N PHE G 1843 -92.24 25.83 23.38
CA PHE G 1843 -92.25 24.55 22.67
C PHE G 1843 -93.67 24.21 22.22
N TYR G 1844 -94.63 24.50 23.08
CA TYR G 1844 -96.04 24.27 22.77
C TYR G 1844 -96.51 25.22 21.69
N ARG G 1845 -96.08 26.48 21.79
CA ARG G 1845 -96.41 27.51 20.80
C ARG G 1845 -96.04 26.99 19.43
N GLY G 1846 -94.78 26.57 19.28
CA GLY G 1846 -94.29 26.02 18.03
C GLY G 1846 -95.11 24.82 17.58
N LEU G 1847 -95.45 23.95 18.51
CA LEU G 1847 -96.26 22.78 18.19
C LEU G 1847 -97.57 23.24 17.56
N THR G 1848 -98.34 24.05 18.30
CA THR G 1848 -99.65 24.48 17.82
C THR G 1848 -99.54 25.22 16.49
N MET G 1849 -98.56 26.09 16.40
CA MET G 1849 -98.31 26.84 15.17
C MET G 1849 -98.09 25.94 13.97
N GLN G 1850 -97.60 24.73 14.19
CA GLN G 1850 -97.34 23.83 13.07
C GLN G 1850 -98.56 22.99 12.71
N VAL G 1851 -99.32 22.59 13.71
CA VAL G 1851 -100.51 21.76 13.49
C VAL G 1851 -101.73 22.56 13.05
N ALA G 1852 -101.66 23.87 13.20
CA ALA G 1852 -102.76 24.75 12.84
C ALA G 1852 -103.21 24.56 11.40
N VAL G 1853 -102.27 24.47 10.49
CA VAL G 1853 -102.58 24.33 9.08
C VAL G 1853 -102.80 22.89 8.69
N GLU G 1854 -103.57 22.69 7.62
CA GLU G 1854 -103.77 21.37 7.06
C GLU G 1854 -102.80 21.13 5.92
N ARG G 1855 -102.12 19.98 5.94
CA ARG G 1855 -101.32 19.55 4.81
C ARG G 1855 -101.73 18.14 4.37
N ASP G 1856 -101.28 17.74 3.19
CA ASP G 1856 -101.69 16.46 2.62
C ASP G 1856 -100.57 15.43 2.68
N GLU G 1857 -100.68 14.42 1.82
CA GLU G 1857 -99.76 13.27 1.81
C GLU G 1857 -98.34 13.62 1.34
N GLN G 1858 -98.23 14.57 0.42
CA GLN G 1858 -96.94 14.99 -0.09
C GLN G 1858 -96.19 15.86 0.91
N GLY G 1859 -96.86 16.21 2.01
CA GLY G 1859 -96.33 17.19 2.95
C GLY G 1859 -96.74 18.56 2.49
N ARG G 1860 -97.42 18.59 1.34
CA ARG G 1860 -97.93 19.81 0.73
C ARG G 1860 -98.79 20.63 1.70
N SER G 1861 -98.35 21.86 1.97
CA SER G 1861 -99.04 22.77 2.88
C SER G 1861 -100.11 23.59 2.16
N ASN G 1862 -101.04 24.13 2.93
CA ASN G 1862 -102.17 24.84 2.34
C ASN G 1862 -101.88 26.30 2.00
N TYR G 1863 -101.23 27.00 2.92
CA TYR G 1863 -100.96 28.42 2.77
C TYR G 1863 -99.45 28.69 2.73
N ALA G 1864 -99.09 29.97 2.86
CA ALA G 1864 -97.68 30.39 2.92
C ALA G 1864 -97.58 31.90 3.11
N MET G 1865 -96.43 32.37 3.57
CA MET G 1865 -96.24 33.80 3.81
C MET G 1865 -95.24 34.43 2.86
N CYS G 1866 -95.35 35.74 2.69
CA CYS G 1866 -94.53 36.45 1.72
C CYS G 1866 -94.35 37.91 2.11
N ALA G 1867 -93.13 38.41 1.95
CA ALA G 1867 -92.80 39.78 2.35
C ALA G 1867 -92.93 40.73 1.19
N VAL G 1868 -93.39 41.95 1.46
CA VAL G 1868 -93.63 42.93 0.40
C VAL G 1868 -93.09 44.33 0.70
N ASN G 1869 -92.30 44.85 -0.24
CA ASN G 1869 -91.66 46.16 -0.14
C ASN G 1869 -92.37 47.19 -1.02
N PRO G 1870 -93.29 47.96 -0.43
CA PRO G 1870 -94.12 48.89 -1.18
C PRO G 1870 -93.32 49.92 -1.97
N SER G 1871 -92.08 50.18 -1.54
CA SER G 1871 -91.19 51.15 -2.19
C SER G 1871 -90.88 50.73 -3.62
N ARG G 1872 -90.76 49.43 -3.83
CA ARG G 1872 -90.29 48.91 -5.11
C ARG G 1872 -91.37 48.98 -6.18
N ILE G 1873 -92.60 49.25 -5.77
CA ILE G 1873 -93.68 49.52 -6.71
C ILE G 1873 -93.56 50.94 -7.25
N SER G 1874 -94.20 51.87 -6.56
CA SER G 1874 -94.10 53.28 -6.86
C SER G 1874 -93.80 54.03 -5.56
N PRO G 1875 -92.84 54.97 -5.59
CA PRO G 1875 -92.56 55.78 -4.39
C PRO G 1875 -93.79 56.53 -3.86
N THR G 1876 -94.92 56.44 -4.54
CA THR G 1876 -96.16 57.03 -4.05
C THR G 1876 -96.94 56.00 -3.21
N PHE G 1877 -96.49 54.76 -3.27
CA PHE G 1877 -97.14 53.64 -2.61
C PHE G 1877 -96.93 53.69 -1.10
N THR G 1878 -98.02 53.81 -0.35
CA THR G 1878 -97.92 54.00 1.10
C THR G 1878 -98.27 52.75 1.90
N GLU G 1879 -98.26 52.85 3.22
CA GLU G 1879 -98.69 51.76 4.09
C GLU G 1879 -100.16 51.44 3.81
N GLN G 1880 -101.02 52.43 3.97
CA GLN G 1880 -102.45 52.28 3.70
C GLN G 1880 -102.71 51.79 2.27
N ALA G 1881 -101.76 52.03 1.39
CA ALA G 1881 -101.88 51.62 0.00
C ALA G 1881 -101.85 50.11 -0.10
N LEU G 1882 -100.82 49.50 0.48
CA LEU G 1882 -100.69 48.05 0.44
C LEU G 1882 -101.85 47.44 1.20
N GLN G 1883 -102.32 48.13 2.23
CA GLN G 1883 -103.49 47.68 2.98
C GLN G 1883 -104.70 47.60 2.06
N TYR G 1884 -104.95 48.69 1.35
CA TYR G 1884 -106.09 48.76 0.45
C TYR G 1884 -106.08 47.61 -0.57
N VAL G 1885 -104.92 47.40 -1.18
CA VAL G 1885 -104.73 46.30 -2.12
C VAL G 1885 -105.18 44.96 -1.52
N VAL G 1886 -104.72 44.67 -0.31
CA VAL G 1886 -104.98 43.41 0.36
C VAL G 1886 -106.43 43.23 0.80
N GLU G 1887 -106.94 44.16 1.61
CA GLU G 1887 -108.30 44.09 2.13
C GLU G 1887 -109.33 43.94 1.04
N ASN G 1888 -109.04 44.52 -0.14
CA ASN G 1888 -109.88 44.41 -1.33
C ASN G 1888 -109.82 43.02 -1.95
N ILE G 1889 -108.61 42.51 -2.15
CA ILE G 1889 -108.43 41.15 -2.62
C ILE G 1889 -109.07 40.17 -1.64
N ALA G 1890 -109.19 40.60 -0.39
CA ALA G 1890 -109.72 39.77 0.69
C ALA G 1890 -111.17 39.38 0.50
N GLU G 1891 -112.03 40.37 0.33
CA GLU G 1891 -113.48 40.12 0.24
C GLU G 1891 -113.96 40.07 -1.21
N VAL G 1892 -113.01 40.19 -2.14
CA VAL G 1892 -113.30 40.01 -3.55
C VAL G 1892 -113.10 38.54 -3.96
N THR G 1893 -111.87 38.05 -3.82
CA THR G 1893 -111.58 36.65 -4.12
C THR G 1893 -111.87 35.74 -2.94
N GLY G 1894 -112.39 36.31 -1.86
CA GLY G 1894 -112.91 35.54 -0.75
C GLY G 1894 -111.92 34.68 0.02
N TRP G 1895 -110.70 34.55 -0.50
CA TRP G 1895 -109.68 33.74 0.15
C TRP G 1895 -109.21 34.38 1.46
N LEU G 1896 -108.13 33.86 2.03
CA LEU G 1896 -107.57 34.42 3.26
C LEU G 1896 -106.25 35.12 2.99
N LEU G 1897 -106.23 36.43 3.19
CA LEU G 1897 -105.04 37.25 2.99
C LEU G 1897 -105.06 38.35 4.02
N GLU G 1898 -103.87 38.80 4.43
CA GLU G 1898 -103.78 39.71 5.56
C GLU G 1898 -102.34 40.14 5.83
N ILE G 1899 -102.12 41.43 6.05
CA ILE G 1899 -100.80 41.90 6.42
C ILE G 1899 -100.52 41.47 7.86
N VAL G 1900 -99.61 40.52 7.98
CA VAL G 1900 -99.28 39.88 9.24
C VAL G 1900 -98.10 40.58 9.93
N ASN G 1901 -97.23 41.19 9.15
CA ASN G 1901 -96.09 41.90 9.70
C ASN G 1901 -95.99 43.35 9.22
N TYR G 1902 -95.95 44.26 10.19
CA TYR G 1902 -95.65 45.66 9.93
C TYR G 1902 -94.28 45.97 10.53
N ASN G 1903 -93.22 45.86 9.73
CA ASN G 1903 -91.85 45.93 10.22
C ASN G 1903 -91.15 47.28 10.01
N VAL G 1904 -91.02 47.72 8.77
CA VAL G 1904 -90.42 49.02 8.49
C VAL G 1904 -91.34 49.93 7.68
N ALA G 1905 -91.39 51.19 8.07
CA ALA G 1905 -92.31 52.19 7.54
C ALA G 1905 -92.81 52.00 6.10
N ASN G 1906 -91.93 52.21 5.13
CA ASN G 1906 -92.34 52.03 3.74
C ASN G 1906 -91.43 51.03 3.09
N MET G 1907 -90.95 50.10 3.89
CA MET G 1907 -89.90 49.20 3.46
C MET G 1907 -90.30 47.74 3.54
N GLN G 1908 -90.61 47.25 4.73
CA GLN G 1908 -90.82 45.82 4.91
C GLN G 1908 -92.17 45.50 5.52
N TYR G 1909 -92.91 44.66 4.82
CA TYR G 1909 -94.18 44.16 5.33
C TYR G 1909 -94.26 42.68 5.01
N VAL G 1910 -95.16 41.97 5.67
CA VAL G 1910 -95.32 40.55 5.38
C VAL G 1910 -96.79 40.14 5.39
N ALA G 1911 -97.21 39.42 4.34
CA ALA G 1911 -98.58 38.96 4.23
C ALA G 1911 -98.64 37.45 4.31
N ALA G 1912 -99.69 36.96 4.97
CA ALA G 1912 -99.94 35.53 5.04
C ALA G 1912 -101.18 35.20 4.23
N GLY G 1913 -101.58 33.93 4.26
CA GLY G 1913 -102.84 33.52 3.65
C GLY G 1913 -102.72 32.47 2.57
N ASP G 1914 -103.86 32.15 1.97
CA ASP G 1914 -103.97 31.18 0.88
C ASP G 1914 -102.87 31.37 -0.15
N LEU G 1915 -102.41 30.27 -0.74
CA LEU G 1915 -101.42 30.33 -1.81
C LEU G 1915 -101.89 31.18 -3.00
N ARG G 1916 -103.17 31.06 -3.35
CA ARG G 1916 -103.73 31.82 -4.47
C ARG G 1916 -103.87 33.29 -4.07
N ALA G 1917 -104.10 33.49 -2.78
CA ALA G 1917 -104.25 34.83 -2.23
C ALA G 1917 -102.93 35.59 -2.31
N LEU G 1918 -101.84 34.85 -2.21
CA LEU G 1918 -100.51 35.43 -2.33
C LEU G 1918 -100.13 35.55 -3.80
N ASP G 1919 -100.82 34.78 -4.64
CA ASP G 1919 -100.56 34.85 -6.07
C ASP G 1919 -101.25 36.05 -6.71
N THR G 1920 -102.45 36.34 -6.25
CA THR G 1920 -103.23 37.45 -6.78
C THR G 1920 -102.74 38.79 -6.24
N LEU G 1921 -102.18 38.77 -5.03
CA LEU G 1921 -101.60 39.96 -4.43
C LEU G 1921 -100.22 40.24 -5.02
N ALA G 1922 -99.55 39.17 -5.46
CA ALA G 1922 -98.29 39.33 -6.16
C ALA G 1922 -98.58 39.96 -7.51
N ASN G 1923 -99.57 39.41 -8.22
CA ASN G 1923 -100.03 39.94 -9.51
C ASN G 1923 -100.37 41.43 -9.48
N VAL G 1924 -101.37 41.79 -8.68
CA VAL G 1924 -101.86 43.16 -8.60
C VAL G 1924 -100.73 44.19 -8.49
N LEU G 1925 -99.70 43.85 -7.72
CA LEU G 1925 -98.59 44.74 -7.48
C LEU G 1925 -97.60 44.73 -8.65
N ASN G 1926 -97.45 43.59 -9.31
CA ASN G 1926 -96.61 43.48 -10.49
C ASN G 1926 -97.18 44.29 -11.65
N ILE G 1927 -98.51 44.34 -11.69
CA ILE G 1927 -99.24 45.19 -12.62
C ILE G 1927 -98.95 46.65 -12.32
N LEU G 1928 -99.31 47.08 -11.12
CA LEU G 1928 -99.14 48.46 -10.69
C LEU G 1928 -97.71 49.03 -10.80
N LYS G 1929 -96.69 48.18 -10.69
CA LYS G 1929 -95.30 48.61 -10.82
C LYS G 1929 -94.95 48.95 -12.28
N MET G 1930 -95.30 48.05 -13.18
CA MET G 1930 -95.07 48.26 -14.61
C MET G 1930 -96.15 49.17 -15.20
N GLN G 1931 -97.25 49.30 -14.48
CA GLN G 1931 -98.37 50.16 -14.89
C GLN G 1931 -98.09 51.62 -14.50
N LYS G 1932 -97.18 51.80 -13.53
CA LYS G 1932 -96.72 53.12 -13.10
C LYS G 1932 -97.86 53.99 -12.57
N ILE G 1933 -98.24 53.79 -11.31
CA ILE G 1933 -99.41 54.45 -10.74
C ILE G 1933 -99.05 55.61 -9.82
N ASP G 1934 -100.08 56.35 -9.42
CA ASP G 1934 -99.97 57.44 -8.46
C ASP G 1934 -101.26 57.43 -7.65
N ILE G 1935 -101.19 56.92 -6.42
CA ILE G 1935 -102.40 56.76 -5.58
C ILE G 1935 -102.95 58.09 -5.04
N GLN G 1936 -102.08 59.07 -4.86
CA GLN G 1936 -102.48 60.39 -4.38
C GLN G 1936 -103.32 61.15 -5.42
N ALA G 1937 -102.79 61.26 -6.64
CA ALA G 1937 -103.47 61.96 -7.73
C ALA G 1937 -104.76 61.23 -8.16
N LEU G 1938 -104.75 59.90 -8.06
CA LEU G 1938 -105.87 59.05 -8.52
C LEU G 1938 -106.98 58.86 -7.47
N MET G 1939 -106.82 59.45 -6.30
CA MET G 1939 -107.89 59.42 -5.30
C MET G 1939 -108.65 60.75 -5.29
N GLN G 1940 -108.23 61.67 -6.15
CA GLN G 1940 -108.93 62.94 -6.36
C GLN G 1940 -109.55 63.00 -7.76
N SER G 1941 -108.83 62.52 -8.76
CA SER G 1941 -109.31 62.47 -10.15
C SER G 1941 -110.41 61.40 -10.37
N MET G 1942 -110.31 60.30 -9.63
CA MET G 1942 -111.42 59.35 -9.50
C MET G 1942 -111.84 59.36 -8.04
N SER G 1943 -113.15 59.38 -7.77
CA SER G 1943 -113.61 59.32 -6.39
C SER G 1943 -113.24 57.96 -5.78
N LEU G 1944 -113.77 57.68 -4.60
CA LEU G 1944 -113.36 56.47 -3.88
C LEU G 1944 -113.86 55.16 -4.49
N GLU G 1945 -115.13 55.11 -4.89
CA GLU G 1945 -115.71 53.90 -5.49
C GLU G 1945 -115.28 53.69 -6.94
N ASP G 1946 -114.58 54.68 -7.49
CA ASP G 1946 -114.05 54.63 -8.85
C ASP G 1946 -112.71 53.88 -8.90
N VAL G 1947 -111.80 54.27 -7.99
CA VAL G 1947 -110.55 53.54 -7.81
C VAL G 1947 -110.85 52.15 -7.24
N ARG G 1948 -111.83 52.10 -6.33
CA ARG G 1948 -112.31 50.86 -5.71
C ARG G 1948 -112.79 49.83 -6.71
N ALA G 1949 -113.73 50.23 -7.57
CA ALA G 1949 -114.29 49.34 -8.57
C ALA G 1949 -113.31 49.12 -9.72
N HIS G 1950 -112.34 50.01 -9.86
CA HIS G 1950 -111.29 49.83 -10.86
C HIS G 1950 -110.31 48.75 -10.44
N LEU G 1951 -110.15 48.60 -9.13
CA LEU G 1951 -109.30 47.57 -8.56
C LEU G 1951 -109.97 46.21 -8.65
N VAL G 1952 -111.26 46.15 -8.32
CA VAL G 1952 -112.01 44.90 -8.37
C VAL G 1952 -111.95 44.33 -9.78
N GLU G 1953 -111.70 45.20 -10.75
CA GLU G 1953 -111.44 44.76 -12.12
C GLU G 1953 -110.17 43.92 -12.15
N ILE G 1954 -109.05 44.57 -11.85
CA ILE G 1954 -107.74 43.93 -11.87
C ILE G 1954 -107.72 42.67 -11.02
N ILE G 1955 -108.51 42.64 -9.96
CA ILE G 1955 -108.54 41.49 -9.07
C ILE G 1955 -109.06 40.23 -9.74
N GLN G 1956 -110.26 40.28 -10.31
CA GLN G 1956 -110.84 39.11 -10.94
C GLN G 1956 -109.98 38.58 -12.09
N GLU G 1957 -109.39 39.49 -12.86
CA GLU G 1957 -108.48 39.12 -13.94
C GLU G 1957 -107.34 38.31 -13.37
N CYS G 1958 -106.57 38.96 -12.49
CA CYS G 1958 -105.43 38.33 -11.83
C CYS G 1958 -105.82 37.05 -11.12
N ARG G 1959 -107.00 37.06 -10.50
CA ARG G 1959 -107.53 35.93 -9.74
C ARG G 1959 -107.74 34.67 -10.55
N LYS G 1960 -108.42 34.80 -11.67
CA LYS G 1960 -108.76 33.64 -12.48
C LYS G 1960 -107.55 33.07 -13.22
N GLN G 1961 -106.57 33.91 -13.47
CA GLN G 1961 -105.32 33.48 -14.11
C GLN G 1961 -104.52 32.59 -13.15
N THR G 1962 -104.73 32.79 -11.85
CA THR G 1962 -104.07 31.97 -10.84
C THR G 1962 -104.75 30.60 -10.74
N GLU G 1963 -106.07 30.57 -10.91
CA GLU G 1963 -106.81 29.31 -10.88
C GLU G 1963 -106.56 28.52 -12.15
N ALA G 1964 -105.78 29.10 -13.07
CA ALA G 1964 -105.37 28.42 -14.30
C ALA G 1964 -104.14 27.57 -14.05
N LYS G 1965 -103.39 27.93 -13.02
CA LYS G 1965 -102.35 27.06 -12.49
C LYS G 1965 -102.84 26.53 -11.15
N PRO G 1966 -103.92 25.74 -11.16
CA PRO G 1966 -104.69 25.41 -9.97
C PRO G 1966 -103.93 24.44 -9.08
N GLN G 1967 -102.93 23.78 -9.68
CA GLN G 1967 -102.13 22.78 -9.01
C GLN G 1967 -101.50 23.37 -7.76
N PRO G 1968 -102.01 22.96 -6.57
CA PRO G 1968 -101.93 23.59 -5.25
C PRO G 1968 -101.47 25.05 -5.20
N VAL G 1969 -101.02 25.59 -6.33
CA VAL G 1969 -100.38 26.89 -6.47
C VAL G 1969 -98.88 26.80 -6.24
N GLN G 1970 -98.11 27.65 -6.90
CA GLN G 1970 -96.66 27.70 -6.65
C GLN G 1970 -96.13 29.12 -6.84
N LEU G 1971 -96.04 29.85 -5.74
CA LEU G 1971 -95.70 31.27 -5.76
C LEU G 1971 -94.25 31.52 -6.11
N GLU G 1972 -93.98 32.66 -6.72
CA GLU G 1972 -92.61 33.04 -7.08
C GLU G 1972 -92.32 34.52 -6.86
N ARG G 1973 -91.03 34.86 -6.90
CA ARG G 1973 -90.58 36.21 -6.63
C ARG G 1973 -91.19 37.20 -7.62
N GLY G 1974 -91.82 38.24 -7.11
CA GLY G 1974 -92.45 39.25 -7.93
C GLY G 1974 -91.61 40.51 -8.03
N PHE G 1975 -92.26 41.67 -8.11
CA PHE G 1975 -91.52 42.93 -8.18
C PHE G 1975 -91.00 43.36 -6.81
N ALA G 1976 -91.90 43.32 -5.83
CA ALA G 1976 -91.52 43.61 -4.46
C ALA G 1976 -91.99 42.45 -3.61
N THR G 1977 -92.71 41.53 -4.25
CA THR G 1977 -93.33 40.41 -3.57
C THR G 1977 -92.43 39.17 -3.53
N ILE G 1978 -91.55 39.10 -2.53
CA ILE G 1978 -90.64 37.96 -2.36
C ILE G 1978 -91.12 37.03 -1.23
N PRO G 1979 -91.55 35.82 -1.60
CA PRO G 1979 -92.14 34.86 -0.64
C PRO G 1979 -91.10 34.31 0.32
N LEU G 1980 -91.48 34.15 1.57
CA LEU G 1980 -90.57 33.66 2.60
C LEU G 1980 -90.52 32.15 2.58
N ARG G 1981 -89.36 31.61 2.20
CA ARG G 1981 -89.24 30.17 2.10
C ARG G 1981 -89.26 29.50 3.48
N GLY G 1982 -90.18 28.57 3.65
CA GLY G 1982 -90.21 27.77 4.87
C GLY G 1982 -91.31 28.10 5.84
N ILE G 1983 -92.50 28.44 5.33
CA ILE G 1983 -93.65 28.69 6.19
C ILE G 1983 -94.91 28.02 5.70
N ASP G 1984 -95.54 27.23 6.57
CA ASP G 1984 -96.74 26.49 6.23
C ASP G 1984 -97.96 27.23 6.73
N VAL G 1985 -97.80 27.82 7.91
CA VAL G 1985 -98.92 28.36 8.65
C VAL G 1985 -98.97 29.87 8.60
N PRO G 1986 -100.13 30.43 8.31
CA PRO G 1986 -100.36 31.87 8.34
C PRO G 1986 -100.52 32.31 9.79
N PHE G 1987 -99.42 32.40 10.53
CA PHE G 1987 -99.51 32.87 11.90
C PHE G 1987 -99.54 34.40 11.92
N HIS G 1988 -99.91 34.96 13.06
CA HIS G 1988 -100.13 36.40 13.21
C HIS G 1988 -101.20 36.89 12.24
N SER G 1989 -102.16 36.01 11.95
CA SER G 1989 -103.34 36.35 11.16
C SER G 1989 -104.54 35.88 11.96
N THR G 1990 -105.73 36.23 11.48
CA THR G 1990 -106.94 35.83 12.19
C THR G 1990 -107.23 34.33 12.06
N PHE G 1991 -106.26 33.60 11.51
CA PHE G 1991 -106.39 32.16 11.38
C PHE G 1991 -106.19 31.47 12.73
N LEU G 1992 -105.07 31.77 13.38
CA LEU G 1992 -104.69 31.11 14.60
C LEU G 1992 -105.66 31.38 15.73
N ARG G 1993 -106.68 32.18 15.46
CA ARG G 1993 -107.71 32.47 16.45
C ARG G 1993 -108.26 31.16 17.01
N SER G 1994 -108.18 30.12 16.19
CA SER G 1994 -108.61 28.79 16.57
C SER G 1994 -108.02 28.38 17.89
N GLY G 1995 -106.72 28.07 17.87
CA GLY G 1995 -106.04 27.54 19.04
C GLY G 1995 -105.56 28.56 20.04
N VAL G 1996 -106.08 29.78 19.96
CA VAL G 1996 -105.76 30.78 20.97
C VAL G 1996 -106.25 30.30 22.35
N LYS G 1997 -107.31 29.50 22.37
CA LYS G 1997 -107.92 29.03 23.61
C LYS G 1997 -107.03 28.09 24.40
N PRO G 1998 -106.53 27.03 23.74
CA PRO G 1998 -105.67 26.04 24.40
C PRO G 1998 -104.35 26.63 24.88
N PHE G 1999 -103.76 27.51 24.08
CA PHE G 1999 -102.49 28.13 24.44
C PHE G 1999 -102.62 29.01 25.67
N ARG G 2000 -103.79 29.63 25.84
CA ARG G 2000 -104.05 30.43 27.03
C ARG G 2000 -104.02 29.52 28.26
N SER G 2001 -104.89 28.51 28.26
CA SER G 2001 -104.99 27.59 29.40
C SER G 2001 -103.64 26.96 29.72
N PHE G 2002 -102.81 26.79 28.70
CA PHE G 2002 -101.44 26.32 28.88
C PHE G 2002 -100.61 27.40 29.58
N LEU G 2003 -100.66 28.62 29.07
CA LEU G 2003 -99.97 29.76 29.68
C LEU G 2003 -100.34 29.87 31.16
N LEU G 2004 -101.59 29.56 31.50
CA LEU G 2004 -102.06 29.68 32.86
C LEU G 2004 -101.45 28.61 33.74
N LYS G 2005 -101.11 27.49 33.14
CA LYS G 2005 -100.42 26.42 33.82
C LYS G 2005 -98.98 26.80 34.09
N LYS G 2006 -98.34 27.43 33.11
CA LYS G 2006 -96.92 27.73 33.20
C LYS G 2006 -96.62 29.06 33.89
N ILE G 2007 -97.55 30.00 33.83
CA ILE G 2007 -97.39 31.26 34.55
C ILE G 2007 -98.23 31.33 35.83
N ASN G 2008 -97.65 31.92 36.86
CA ASN G 2008 -98.29 32.06 38.16
C ASN G 2008 -98.25 33.53 38.55
N LYS G 2009 -99.39 34.08 39.00
CA LYS G 2009 -99.49 35.50 39.34
C LYS G 2009 -98.42 35.90 40.34
N THR G 2010 -98.32 35.09 41.40
CA THR G 2010 -97.41 35.34 42.50
C THR G 2010 -96.02 35.74 42.01
N THR G 2011 -95.56 35.06 40.96
CA THR G 2011 -94.24 35.28 40.39
C THR G 2011 -94.09 36.67 39.79
N ILE G 2012 -95.21 37.32 39.51
CA ILE G 2012 -95.20 38.57 38.75
C ILE G 2012 -95.08 39.85 39.57
N ASP G 2013 -94.01 40.60 39.32
CA ASP G 2013 -93.92 41.98 39.77
C ASP G 2013 -94.51 42.83 38.68
N PRO G 2014 -95.70 43.36 38.93
CA PRO G 2014 -96.27 44.21 37.89
C PRO G 2014 -95.33 45.38 37.70
N SER G 2015 -94.43 45.55 38.68
CA SER G 2015 -93.50 46.66 38.72
C SER G 2015 -92.44 46.57 37.63
N LYS G 2016 -92.24 45.37 37.09
CA LYS G 2016 -91.25 45.17 36.04
C LYS G 2016 -91.86 45.41 34.67
N LEU G 2017 -93.07 44.91 34.47
CA LEU G 2017 -93.83 45.20 33.26
C LEU G 2017 -94.29 46.63 33.31
N ILE G 2018 -94.47 47.11 34.54
CA ILE G 2018 -95.06 48.42 34.87
C ILE G 2018 -95.62 49.20 33.70
N GLY G 2019 -94.72 49.74 32.88
CA GLY G 2019 -95.07 50.48 31.69
C GLY G 2019 -93.86 50.50 30.79
N LYS G 2020 -93.00 49.50 30.97
CA LYS G 2020 -91.71 49.47 30.28
C LYS G 2020 -91.61 48.35 29.25
N TYR G 2021 -92.69 47.59 29.10
CA TYR G 2021 -92.73 46.43 28.20
C TYR G 2021 -93.69 46.62 27.02
N ILE G 2022 -93.17 46.54 25.81
CA ILE G 2022 -93.98 46.69 24.59
C ILE G 2022 -94.41 45.36 23.95
N PRO G 2023 -95.69 44.97 24.13
CA PRO G 2023 -96.26 43.77 23.51
C PRO G 2023 -96.25 43.86 21.99
N ASN G 2024 -96.88 42.91 21.31
CA ASN G 2024 -96.88 42.90 19.85
C ASN G 2024 -98.25 43.20 19.26
N VAL G 2025 -99.24 43.29 20.13
CA VAL G 2025 -100.60 43.58 19.71
C VAL G 2025 -100.95 45.01 20.10
N THR G 2026 -100.30 45.48 21.16
CA THR G 2026 -100.39 46.87 21.56
C THR G 2026 -99.05 47.53 21.30
N ALA G 2027 -99.00 48.35 20.27
CA ALA G 2027 -97.74 49.01 19.92
C ALA G 2027 -97.28 49.94 21.02
N LYS G 2028 -98.04 50.04 22.10
CA LYS G 2028 -97.73 50.94 23.20
C LYS G 2028 -97.49 50.21 24.53
N PRO G 2029 -96.56 50.73 25.34
CA PRO G 2029 -96.11 50.31 26.67
C PRO G 2029 -97.19 49.67 27.55
N PHE G 2030 -96.87 48.52 28.12
CA PHE G 2030 -97.79 47.77 28.97
C PHE G 2030 -98.24 48.64 30.12
N GLU G 2031 -99.55 48.88 30.20
CA GLU G 2031 -100.09 49.62 31.32
C GLU G 2031 -101.26 48.86 31.92
N ILE G 2032 -101.51 49.07 33.20
CA ILE G 2032 -102.54 48.32 33.90
C ILE G 2032 -103.83 49.14 33.98
N SER G 2033 -103.85 50.30 33.33
CA SER G 2033 -105.01 51.19 33.37
C SER G 2033 -106.26 50.58 32.76
N LYS G 2034 -107.41 51.01 33.26
CA LYS G 2034 -108.71 50.54 32.80
C LYS G 2034 -108.88 50.77 31.31
N GLU G 2035 -108.13 51.73 30.77
CA GLU G 2035 -108.23 52.10 29.36
C GLU G 2035 -107.45 51.16 28.46
N TYR G 2036 -106.39 50.58 29.02
CA TYR G 2036 -105.58 49.63 28.29
C TYR G 2036 -106.41 48.39 27.98
N PHE G 2037 -107.07 47.84 29.00
CA PHE G 2037 -107.85 46.62 28.85
C PHE G 2037 -108.92 46.79 27.78
N GLU G 2038 -109.22 48.04 27.45
CA GLU G 2038 -110.18 48.34 26.39
C GLU G 2038 -109.51 48.30 25.02
N GLU G 2039 -108.34 48.93 24.92
CA GLU G 2039 -107.57 48.85 23.70
C GLU G 2039 -107.21 47.39 23.39
N VAL G 2040 -107.04 46.60 24.44
CA VAL G 2040 -106.79 45.18 24.29
C VAL G 2040 -108.05 44.48 23.81
N HIS G 2041 -109.15 44.72 24.50
CA HIS G 2041 -110.44 44.13 24.18
C HIS G 2041 -110.92 44.50 22.78
N ARG G 2042 -110.56 45.71 22.35
CA ARG G 2042 -110.90 46.18 21.01
C ARG G 2042 -110.18 45.34 19.96
N LEU G 2043 -108.91 45.04 20.22
CA LEU G 2043 -108.06 44.35 19.25
C LEU G 2043 -108.18 42.84 19.39
N THR G 2044 -108.72 42.40 20.52
CA THR G 2044 -108.72 41.00 20.86
C THR G 2044 -110.10 40.40 21.04
N GLY G 2045 -110.84 40.94 22.00
CA GLY G 2045 -112.13 40.38 22.37
C GLY G 2045 -111.98 39.34 23.46
N SER G 2046 -111.18 39.67 24.47
CA SER G 2046 -110.93 38.72 25.54
C SER G 2046 -112.10 38.65 26.52
N PRO G 2047 -112.73 37.48 26.61
CA PRO G 2047 -113.82 37.26 27.57
C PRO G 2047 -113.34 37.43 29.02
N LYS G 2048 -112.05 37.25 29.24
CA LYS G 2048 -111.48 37.46 30.56
C LYS G 2048 -111.36 38.95 30.82
N ILE G 2049 -111.13 39.71 29.75
CA ILE G 2049 -111.01 41.16 29.85
C ILE G 2049 -112.38 41.85 29.99
N ALA G 2050 -113.35 41.37 29.22
CA ALA G 2050 -114.70 41.90 29.30
C ALA G 2050 -115.21 41.73 30.73
N ASN G 2051 -114.99 40.53 31.26
CA ASN G 2051 -115.39 40.17 32.61
C ASN G 2051 -114.70 41.03 33.66
N ILE G 2052 -113.48 41.46 33.36
CA ILE G 2052 -112.67 42.23 34.30
C ILE G 2052 -112.82 43.74 34.08
N LEU G 2053 -113.40 44.10 32.94
CA LEU G 2053 -113.73 45.49 32.63
C LEU G 2053 -115.09 45.83 33.22
N ALA G 2054 -115.97 44.85 33.23
CA ALA G 2054 -117.30 45.02 33.79
C ALA G 2054 -117.26 45.17 35.30
N ASN G 2055 -116.26 44.54 35.93
CA ASN G 2055 -116.13 44.66 37.38
C ASN G 2055 -115.28 45.84 37.80
N TRP G 2056 -114.81 46.63 36.84
CA TRP G 2056 -113.70 47.57 37.06
C TRP G 2056 -113.66 48.33 38.39
N ASP G 2057 -114.82 48.68 38.90
CA ASP G 2057 -114.93 49.34 40.19
C ASP G 2057 -114.38 48.45 41.28
N LYS G 2058 -114.75 47.18 41.24
CA LYS G 2058 -114.21 46.14 42.13
C LYS G 2058 -112.70 46.26 42.37
N TYR G 2059 -111.99 46.86 41.40
CA TYR G 2059 -110.52 46.96 41.46
C TYR G 2059 -110.01 48.28 42.05
N GLU G 2060 -110.90 49.25 42.21
CA GLU G 2060 -110.64 50.45 43.00
C GLU G 2060 -109.32 51.13 42.65
N GLN H 1 -6.78 133.01 26.29
CA GLN H 1 -8.07 133.65 26.54
C GLN H 1 -9.25 132.72 26.20
N SER H 2 -9.91 133.01 25.09
CA SER H 2 -11.00 132.17 24.59
C SER H 2 -10.41 130.93 23.91
N LEU H 3 -10.13 129.91 24.71
CA LEU H 3 -9.37 128.77 24.21
C LEU H 3 -9.96 127.43 24.61
N ARG H 4 -9.94 126.49 23.66
CA ARG H 4 -10.52 125.15 23.81
C ARG H 4 -9.61 124.10 23.18
N PRO H 5 -9.02 123.22 24.01
CA PRO H 5 -8.14 122.14 23.55
C PRO H 5 -8.79 121.23 22.49
N LEU H 6 -8.08 120.98 21.39
CA LEU H 6 -8.51 120.04 20.34
C LEU H 6 -7.41 119.02 19.96
N VAL H 7 -7.77 117.73 19.99
CA VAL H 7 -6.81 116.66 19.71
C VAL H 7 -7.04 116.04 18.34
N LEU H 8 -5.96 115.63 17.67
CA LEU H 8 -6.05 114.85 16.43
C LEU H 8 -5.40 113.47 16.61
N THR H 9 -6.21 112.43 16.81
CA THR H 9 -5.68 111.09 17.13
C THR H 9 -5.79 110.06 16.01
N HIS H 10 -4.68 109.36 15.77
CA HIS H 10 -4.63 108.25 14.83
C HIS H 10 -3.45 107.34 15.23
N GLY H 11 -3.74 106.08 15.52
CA GLY H 11 -2.71 105.15 15.94
C GLY H 11 -1.80 105.70 17.02
N SER H 12 -0.52 105.85 16.68
CA SER H 12 0.52 106.26 17.63
C SER H 12 0.74 107.77 17.66
N LEU H 13 0.09 108.48 16.75
CA LEU H 13 0.33 109.91 16.60
C LEU H 13 -0.89 110.75 16.94
N GLU H 14 -0.70 111.77 17.77
CA GLU H 14 -1.74 112.76 18.01
C GLU H 14 -1.20 114.18 18.10
N PHE H 15 -2.08 115.15 17.87
CA PHE H 15 -1.71 116.55 17.83
C PHE H 15 -2.61 117.41 18.75
N SER H 16 -2.00 118.41 19.37
CA SER H 16 -2.71 119.31 20.30
C SER H 16 -2.96 120.69 19.69
N PHE H 17 -4.20 121.17 19.85
CA PHE H 17 -4.64 122.38 19.19
C PHE H 17 -5.34 123.31 20.19
N LEU H 18 -5.26 124.61 19.96
CA LEU H 18 -5.91 125.58 20.85
C LEU H 18 -6.89 126.49 20.10
N VAL H 19 -8.19 126.18 20.20
CA VAL H 19 -9.24 126.87 19.43
C VAL H 19 -9.86 128.03 20.21
N PRO H 20 -10.30 129.08 19.50
CA PRO H 20 -11.25 129.98 20.16
C PRO H 20 -12.50 129.19 20.61
N THR H 21 -13.09 129.60 21.73
CA THR H 21 -14.26 128.92 22.30
C THR H 21 -15.42 128.79 21.29
N SER H 22 -15.67 129.87 20.56
CA SER H 22 -16.69 129.90 19.52
C SER H 22 -16.43 128.88 18.40
N LEU H 23 -15.18 128.78 17.96
CA LEU H 23 -14.81 127.95 16.82
C LEU H 23 -14.44 126.50 17.19
N HIS H 24 -14.60 126.14 18.46
CA HIS H 24 -14.20 124.81 18.91
C HIS H 24 -15.08 123.68 18.40
N PHE H 25 -16.37 123.93 18.21
CA PHE H 25 -17.24 122.88 17.69
C PHE H 25 -17.25 122.78 16.16
N GLN H 26 -16.94 123.88 15.49
CA GLN H 26 -16.78 123.83 14.04
C GLN H 26 -15.58 122.95 13.69
N ALA H 27 -14.53 123.03 14.49
CA ALA H 27 -13.33 122.24 14.29
C ALA H 27 -13.46 120.80 14.87
N ALA H 28 -14.41 120.62 15.78
CA ALA H 28 -14.72 119.28 16.29
C ALA H 28 -15.39 118.46 15.19
N GLN H 29 -16.28 119.09 14.43
CA GLN H 29 -17.00 118.46 13.32
C GLN H 29 -16.07 117.90 12.24
N LEU H 30 -15.12 118.72 11.82
CA LEU H 30 -14.13 118.31 10.83
C LEU H 30 -13.30 117.17 11.42
N LYS H 31 -12.72 117.41 12.59
CA LYS H 31 -11.94 116.38 13.29
C LYS H 31 -12.67 115.04 13.33
N ASP H 32 -13.99 115.08 13.51
CA ASP H 32 -14.78 113.87 13.71
C ASP H 32 -14.97 113.04 12.43
N SER H 33 -15.60 113.64 11.41
CA SER H 33 -15.82 112.96 10.13
C SER H 33 -14.52 112.81 9.33
N PHE H 34 -13.46 113.46 9.80
CA PHE H 34 -12.13 113.32 9.21
C PHE H 34 -11.40 112.06 9.71
N LEU H 35 -11.63 111.68 10.96
CA LEU H 35 -11.05 110.46 11.52
C LEU H 35 -11.83 109.24 11.03
N ALA H 36 -12.96 109.49 10.37
CA ALA H 36 -13.72 108.48 9.66
C ALA H 36 -13.18 108.34 8.23
N THR H 37 -12.62 109.44 7.72
CA THR H 37 -11.92 109.45 6.43
C THR H 37 -10.71 108.53 6.49
N LEU H 38 -10.06 108.50 7.65
CA LEU H 38 -8.92 107.63 7.89
C LEU H 38 -9.37 106.17 8.06
N PRO H 39 -8.52 105.23 7.64
CA PRO H 39 -8.93 103.83 7.63
C PRO H 39 -8.79 103.26 9.01
N GLN H 40 -8.64 101.95 9.11
CA GLN H 40 -8.36 101.30 10.38
C GLN H 40 -6.89 101.54 10.73
N PRO H 41 -6.65 102.31 11.82
CA PRO H 41 -5.32 102.74 12.27
C PRO H 41 -4.34 101.58 12.45
N THR H 42 -3.16 101.70 11.84
CA THR H 42 -2.05 100.81 12.13
C THR H 42 -1.24 101.46 13.25
N GLU H 43 -0.73 100.66 14.19
CA GLU H 43 0.12 101.20 15.25
C GLU H 43 1.57 101.28 14.75
N GLU H 44 1.73 101.06 13.44
CA GLU H 44 3.00 101.24 12.77
C GLU H 44 2.90 102.38 11.77
N LEU H 45 3.84 102.42 10.83
CA LEU H 45 3.98 103.59 9.96
C LEU H 45 4.00 103.19 8.48
N ALA H 46 3.14 102.27 8.09
CA ALA H 46 3.28 101.65 6.76
C ALA H 46 2.04 101.61 5.88
N GLN H 47 0.85 101.75 6.48
CA GLN H 47 -0.37 101.65 5.68
C GLN H 47 -0.30 102.65 4.52
N ASP H 48 -0.37 102.13 3.29
CA ASP H 48 -0.20 102.96 2.09
C ASP H 48 -1.35 103.91 1.81
N ASP H 49 -0.99 105.15 1.47
CA ASP H 49 -1.95 106.24 1.30
C ASP H 49 -2.61 106.61 2.63
N GLU H 50 -1.86 106.51 3.72
CA GLU H 50 -2.33 106.90 5.07
C GLU H 50 -1.18 107.43 5.95
N PRO H 51 -1.50 108.20 7.01
CA PRO H 51 -0.49 109.00 7.73
C PRO H 51 0.66 108.18 8.33
N SER H 52 1.88 108.64 8.12
CA SER H 52 3.04 108.05 8.75
C SER H 52 3.40 108.81 10.02
N SER H 53 3.38 110.15 9.93
CA SER H 53 3.78 111.00 11.05
C SER H 53 2.70 112.00 11.46
N VAL H 54 3.09 112.96 12.29
CA VAL H 54 2.17 113.98 12.78
C VAL H 54 2.13 115.19 11.83
N VAL H 55 3.12 115.27 10.93
CA VAL H 55 3.15 116.33 9.91
C VAL H 55 2.10 116.02 8.83
N GLU H 56 1.75 114.74 8.75
CA GLU H 56 0.74 114.27 7.82
C GLU H 56 -0.65 114.33 8.44
N LEU H 57 -0.73 114.28 9.77
CA LEU H 57 -2.01 114.45 10.46
C LEU H 57 -2.60 115.82 10.17
N VAL H 58 -1.75 116.85 10.24
CA VAL H 58 -2.16 118.23 9.98
C VAL H 58 -2.36 118.48 8.50
N ALA H 59 -1.40 118.02 7.70
CA ALA H 59 -1.50 118.10 6.25
C ALA H 59 -2.81 117.47 5.72
N ARG H 60 -3.08 116.22 6.08
CA ARG H 60 -4.30 115.54 5.65
C ARG H 60 -5.57 116.21 6.17
N TYR H 61 -5.45 116.88 7.32
CA TYR H 61 -6.57 117.61 7.93
C TYR H 61 -6.84 118.94 7.23
N ILE H 62 -5.78 119.71 6.97
CA ILE H 62 -5.87 121.01 6.28
C ILE H 62 -6.62 120.91 4.96
N ALA H 63 -6.35 119.85 4.20
CA ALA H 63 -6.99 119.62 2.91
C ALA H 63 -8.43 119.12 3.07
N PHE H 64 -8.66 118.30 4.11
CA PHE H 64 -10.01 117.81 4.42
C PHE H 64 -10.98 118.97 4.62
N VAL H 65 -10.51 120.00 5.32
CA VAL H 65 -11.30 121.21 5.58
C VAL H 65 -11.46 122.12 4.34
N ALA H 66 -10.36 122.41 3.66
CA ALA H 66 -10.37 123.29 2.47
C ALA H 66 -11.28 122.81 1.34
N HIS H 67 -11.62 121.52 1.36
CA HIS H 67 -12.56 120.92 0.41
C HIS H 67 -14.00 121.39 0.68
N GLU H 68 -14.35 121.56 1.95
CA GLU H 68 -15.71 121.96 2.35
C GLU H 68 -15.85 123.47 2.47
N VAL H 69 -14.72 124.17 2.50
CA VAL H 69 -14.71 125.63 2.43
C VAL H 69 -15.06 126.06 1.01
N ASP H 70 -14.14 125.77 0.09
CA ASP H 70 -14.28 126.15 -1.31
C ASP H 70 -15.51 125.50 -1.99
N GLU H 71 -15.76 124.22 -1.69
CA GLU H 71 -16.84 123.47 -2.34
C GLU H 71 -18.02 123.22 -1.39
N GLY H 72 -19.20 123.02 -1.99
CA GLY H 72 -20.38 122.63 -1.25
C GLY H 72 -20.87 123.60 -0.17
N ASP H 73 -20.92 123.11 1.06
CA ASP H 73 -21.67 123.73 2.17
C ASP H 73 -21.56 125.25 2.37
N GLU H 74 -22.69 125.94 2.15
CA GLU H 74 -22.76 127.39 2.23
C GLU H 74 -23.34 127.85 3.58
N ASP H 75 -23.76 126.87 4.38
CA ASP H 75 -24.34 127.15 5.68
C ASP H 75 -23.27 127.67 6.62
N ALA H 76 -22.06 127.13 6.48
CA ALA H 76 -20.97 127.46 7.38
C ALA H 76 -19.82 128.12 6.61
N HIS H 77 -20.07 129.29 6.06
CA HIS H 77 -19.06 130.02 5.28
C HIS H 77 -17.93 130.67 6.12
N PRO H 78 -18.29 131.49 7.12
CA PRO H 78 -17.30 132.16 7.97
C PRO H 78 -16.56 131.20 8.89
N THR H 79 -17.27 130.16 9.34
CA THR H 79 -16.73 129.18 10.29
C THR H 79 -15.62 128.31 9.68
N ASN H 80 -15.81 127.91 8.41
CA ASN H 80 -14.79 127.18 7.65
C ASN H 80 -13.51 127.99 7.57
N LEU H 81 -13.65 129.27 7.25
CA LEU H 81 -12.53 130.20 7.10
C LEU H 81 -11.71 130.39 8.37
N GLU H 82 -12.40 130.46 9.50
CA GLU H 82 -11.74 130.59 10.79
C GLU H 82 -11.00 129.31 11.16
N VAL H 83 -11.69 128.18 11.06
CA VAL H 83 -11.08 126.86 11.23
C VAL H 83 -9.81 126.73 10.38
N LEU H 84 -9.89 127.13 9.12
CA LEU H 84 -8.73 127.11 8.22
C LEU H 84 -7.58 127.95 8.73
N LYS H 85 -7.84 129.24 8.91
CA LYS H 85 -6.80 130.18 9.31
C LYS H 85 -6.03 129.72 10.54
N LEU H 86 -6.71 129.07 11.49
CA LEU H 86 -6.06 128.58 12.69
C LEU H 86 -5.10 127.42 12.42
N ILE H 87 -5.56 126.44 11.63
CA ILE H 87 -4.73 125.29 11.27
C ILE H 87 -3.53 125.72 10.43
N LEU H 88 -3.76 126.66 9.52
CA LEU H 88 -2.69 127.20 8.68
C LEU H 88 -1.67 127.94 9.56
N ASN H 89 -2.15 128.49 10.67
CA ASN H 89 -1.27 129.15 11.64
C ASN H 89 -0.47 128.15 12.46
N GLU H 90 -1.17 127.20 13.08
CA GLU H 90 -0.54 126.14 13.86
C GLU H 90 0.49 125.38 13.03
N PHE H 91 0.27 125.36 11.73
CA PHE H 91 1.13 124.64 10.80
C PHE H 91 2.40 125.41 10.50
N GLU H 92 2.25 126.59 9.91
CA GLU H 92 3.39 127.46 9.60
C GLU H 92 4.17 127.76 10.88
N ARG H 93 3.44 127.74 12.00
CA ARG H 93 4.00 127.87 13.35
C ARG H 93 4.99 126.75 13.65
N ALA H 94 4.45 125.59 14.02
CA ALA H 94 5.25 124.46 14.47
C ALA H 94 5.99 123.78 13.33
N PHE H 95 5.24 123.28 12.35
CA PHE H 95 5.75 122.36 11.35
C PHE H 95 6.63 122.99 10.28
N MET H 96 6.23 124.17 9.80
CA MET H 96 6.93 124.81 8.70
C MET H 96 8.08 125.67 9.18
N ARG H 97 7.89 126.35 10.31
CA ARG H 97 8.94 127.16 10.92
C ARG H 97 9.43 128.25 9.98
N GLY H 98 8.50 128.83 9.21
CA GLY H 98 8.83 129.90 8.28
C GLY H 98 9.67 129.46 7.09
N ASN H 99 9.72 128.16 6.84
CA ASN H 99 10.38 127.62 5.65
C ASN H 99 9.33 127.11 4.67
N ASP H 100 9.75 126.77 3.46
CA ASP H 100 8.82 126.36 2.43
C ASP H 100 8.26 124.97 2.71
N VAL H 101 7.06 124.72 2.20
CA VAL H 101 6.37 123.45 2.40
C VAL H 101 7.14 122.28 1.80
N HIS H 102 7.86 122.56 0.72
CA HIS H 102 8.59 121.52 0.01
C HIS H 102 9.73 120.93 0.82
N ALA H 103 10.61 121.80 1.31
CA ALA H 103 11.75 121.35 2.11
C ALA H 103 11.32 120.71 3.43
N ILE H 104 10.11 121.00 3.88
CA ILE H 104 9.56 120.39 5.10
C ILE H 104 8.86 119.07 4.78
N ALA H 105 8.16 119.04 3.64
CA ALA H 105 7.52 117.83 3.15
C ALA H 105 8.58 116.81 2.72
N ALA H 106 9.75 117.30 2.37
CA ALA H 106 10.87 116.48 1.90
C ALA H 106 11.45 115.63 3.04
N ASN H 107 10.96 115.86 4.26
CA ASN H 107 11.51 115.21 5.43
C ASN H 107 10.57 114.20 6.06
N VAL H 108 9.56 113.79 5.32
CA VAL H 108 8.59 112.84 5.87
C VAL H 108 8.79 111.43 5.29
N ALA H 109 7.89 110.51 5.65
CA ALA H 109 7.95 109.10 5.25
C ALA H 109 8.63 108.85 3.90
N GLY H 110 9.50 107.85 3.85
CA GLY H 110 10.29 107.53 2.67
C GLY H 110 9.48 107.31 1.41
N ILE H 111 8.17 107.15 1.58
CA ILE H 111 7.26 106.96 0.45
C ILE H 111 7.05 108.25 -0.36
N THR H 112 7.57 108.25 -1.59
CA THR H 112 7.57 109.44 -2.45
C THR H 112 6.19 110.09 -2.59
N ALA H 113 5.14 109.28 -2.70
CA ALA H 113 3.80 109.80 -2.89
C ALA H 113 3.33 110.73 -1.76
N LYS H 114 3.64 110.33 -0.53
CA LYS H 114 3.16 111.04 0.65
C LYS H 114 3.74 112.45 0.78
N LYS H 115 5.00 112.61 0.39
CA LYS H 115 5.68 113.91 0.49
C LYS H 115 5.00 114.93 -0.39
N ILE H 116 4.51 114.48 -1.54
CA ILE H 116 3.73 115.33 -2.42
C ILE H 116 2.38 115.62 -1.79
N GLY H 117 1.82 114.62 -1.11
CA GLY H 117 0.55 114.77 -0.40
C GLY H 117 0.51 115.93 0.59
N VAL H 118 1.61 116.12 1.32
CA VAL H 118 1.70 117.23 2.27
C VAL H 118 1.68 118.60 1.57
N VAL H 119 2.42 118.69 0.46
CA VAL H 119 2.52 119.94 -0.30
C VAL H 119 1.20 120.43 -0.91
N ARG H 120 0.39 119.50 -1.40
CA ARG H 120 -0.87 119.87 -2.05
C ARG H 120 -1.95 120.18 -1.00
N ALA H 121 -1.75 119.67 0.21
CA ALA H 121 -2.69 119.87 1.30
C ALA H 121 -2.55 121.29 1.84
N TYR H 122 -1.33 121.80 1.81
CA TYR H 122 -1.03 123.14 2.28
C TYR H 122 -1.50 124.21 1.29
N TYR H 123 -1.12 124.06 0.03
CA TYR H 123 -1.53 125.02 -1.01
C TYR H 123 -3.02 124.87 -1.32
N ALA H 124 -3.68 123.97 -0.61
CA ALA H 124 -5.13 123.79 -0.70
C ALA H 124 -5.84 124.71 0.30
N GLY H 125 -5.26 124.83 1.49
CA GLY H 125 -5.76 125.72 2.52
C GLY H 125 -5.14 127.10 2.42
N ARG H 126 -4.06 127.18 1.65
CA ARG H 126 -3.41 128.45 1.36
C ARG H 126 -4.29 129.27 0.44
N ALA H 127 -4.87 128.61 -0.55
CA ALA H 127 -5.71 129.31 -1.51
C ALA H 127 -7.15 129.43 -1.00
N ALA H 128 -7.59 128.44 -0.22
CA ALA H 128 -8.95 128.42 0.30
C ALA H 128 -9.12 129.39 1.46
N ALA H 129 -8.02 129.99 1.91
CA ALA H 129 -8.09 131.09 2.87
C ALA H 129 -7.58 132.37 2.18
N GLY H 130 -7.36 132.28 0.88
CA GLY H 130 -6.98 133.43 0.06
C GLY H 130 -5.56 133.97 0.26
N ARG H 131 -4.78 133.27 1.07
CA ARG H 131 -3.40 133.68 1.36
C ARG H 131 -2.50 133.48 0.14
N ALA H 132 -1.96 134.57 -0.37
CA ALA H 132 -1.02 134.51 -1.47
C ALA H 132 0.35 134.06 -0.97
N PRO H 133 1.15 133.45 -1.85
CA PRO H 133 2.55 133.18 -1.48
C PRO H 133 3.32 134.48 -1.27
N LYS H 134 4.07 134.55 -0.18
CA LYS H 134 4.90 135.72 0.10
C LYS H 134 6.21 135.62 -0.69
N PRO H 135 6.59 136.72 -1.35
CA PRO H 135 7.78 136.84 -2.22
C PRO H 135 9.15 136.63 -1.55
N TYR H 136 9.49 135.39 -1.22
CA TYR H 136 10.85 135.05 -0.80
C TYR H 136 11.56 134.44 -1.99
N ASP H 137 12.87 134.61 -2.03
CA ASP H 137 13.69 133.74 -2.88
C ASP H 137 14.31 132.67 -1.98
N SER H 138 14.88 131.64 -2.59
CA SER H 138 15.46 130.54 -1.82
C SER H 138 16.93 130.83 -1.54
N ALA H 139 17.50 130.08 -0.60
CA ALA H 139 18.93 130.16 -0.33
C ALA H 139 19.71 130.08 -1.63
N LEU H 140 19.15 129.33 -2.58
CA LEU H 140 19.75 129.14 -3.91
C LEU H 140 19.84 130.46 -4.65
N PHE H 141 18.70 131.13 -4.80
CA PHE H 141 18.59 132.35 -5.60
C PHE H 141 19.22 133.57 -4.91
N ARG H 142 19.30 133.54 -3.58
CA ARG H 142 20.06 134.54 -2.84
C ARG H 142 21.50 134.45 -3.28
N ALA H 143 22.14 133.31 -2.96
CA ALA H 143 23.51 133.05 -3.37
C ALA H 143 23.70 133.05 -4.89
N ALA H 144 22.59 133.00 -5.63
CA ALA H 144 22.62 133.09 -7.09
C ALA H 144 22.78 134.55 -7.51
N ALA H 145 21.93 135.40 -6.94
CA ALA H 145 21.95 136.83 -7.19
C ALA H 145 23.18 137.48 -6.54
N GLU H 146 23.83 136.72 -5.68
CA GLU H 146 25.04 137.20 -5.03
C GLU H 146 26.24 136.46 -5.64
N ASN H 147 26.06 135.92 -6.83
CA ASN H 147 27.15 135.31 -7.57
C ASN H 147 28.02 134.29 -6.83
N ASN H 148 27.38 133.51 -5.95
CA ASN H 148 27.98 132.34 -5.35
C ASN H 148 27.62 131.11 -6.19
N VAL H 149 26.40 131.12 -6.72
CA VAL H 149 25.94 130.10 -7.66
C VAL H 149 25.63 130.75 -9.00
N LYS H 150 25.59 129.98 -10.07
CA LYS H 150 25.33 130.52 -11.40
C LYS H 150 24.25 129.71 -12.12
N ILE H 151 23.02 129.83 -11.64
CA ILE H 151 21.87 129.08 -12.14
C ILE H 151 21.59 129.25 -13.63
N TYR H 152 21.27 128.13 -14.29
CA TYR H 152 20.81 128.13 -15.67
C TYR H 152 19.48 127.39 -15.77
N SER H 153 18.71 127.72 -16.79
CA SER H 153 17.47 127.03 -17.06
C SER H 153 17.71 125.96 -18.13
N ILE H 154 16.85 124.95 -18.17
CA ILE H 154 16.99 123.89 -19.15
C ILE H 154 15.64 123.20 -19.31
N PHE H 155 15.26 122.91 -20.55
CA PHE H 155 13.96 122.33 -20.83
C PHE H 155 14.03 121.02 -21.64
N GLY H 156 13.28 120.02 -21.19
CA GLY H 156 13.31 118.71 -21.82
C GLY H 156 12.49 118.62 -23.08
N GLY H 157 12.12 117.39 -23.43
CA GLY H 157 11.31 117.15 -24.62
C GLY H 157 11.06 115.66 -24.77
N GLN H 158 10.72 115.24 -25.98
CA GLN H 158 10.48 113.83 -26.24
C GLN H 158 11.75 113.00 -26.05
N GLY H 159 11.73 112.18 -25.01
CA GLY H 159 12.86 111.35 -24.65
C GLY H 159 12.48 110.19 -23.74
N ASN H 160 11.83 109.18 -24.32
CA ASN H 160 11.46 107.94 -23.60
C ASN H 160 10.44 108.13 -22.48
N ILE H 161 9.61 109.18 -22.59
CA ILE H 161 8.56 109.40 -21.61
C ILE H 161 7.19 109.45 -22.27
N GLU H 162 6.44 108.37 -22.04
CA GLU H 162 5.07 108.24 -22.51
C GLU H 162 4.18 108.43 -21.29
N GLU H 163 4.82 108.75 -20.18
CA GLU H 163 4.11 109.04 -18.94
C GLU H 163 4.12 110.54 -18.72
N TYR H 164 4.17 111.29 -19.82
CA TYR H 164 4.17 112.73 -19.73
C TYR H 164 2.83 113.25 -19.19
N PHE H 165 1.73 112.67 -19.67
CA PHE H 165 0.40 113.12 -19.25
C PHE H 165 0.15 112.77 -17.79
N ASP H 166 0.95 111.83 -17.27
CA ASP H 166 0.88 111.50 -15.86
C ASP H 166 1.43 112.66 -15.04
N GLU H 167 2.48 113.30 -15.56
CA GLU H 167 3.06 114.47 -14.94
C GLU H 167 2.05 115.62 -14.82
N LEU H 168 1.24 115.79 -15.85
CA LEU H 168 0.17 116.79 -15.83
C LEU H 168 -0.77 116.60 -14.65
N ARG H 169 -1.12 115.34 -14.40
CA ARG H 169 -2.03 115.04 -13.30
C ARG H 169 -1.41 115.42 -11.97
N GLU H 170 -0.14 115.11 -11.78
CA GLU H 170 0.59 115.54 -10.60
C GLU H 170 0.41 117.05 -10.39
N ILE H 171 0.57 117.79 -11.47
CA ILE H 171 0.45 119.25 -11.45
C ILE H 171 -0.95 119.68 -11.06
N TYR H 172 -1.91 119.35 -11.91
CA TYR H 172 -3.32 119.67 -11.67
C TYR H 172 -3.80 119.23 -10.28
N THR H 173 -3.39 118.04 -9.86
CA THR H 173 -3.75 117.50 -8.56
C THR H 173 -3.15 118.31 -7.42
N THR H 174 -1.83 118.49 -7.48
CA THR H 174 -1.06 119.03 -6.38
C THR H 174 -1.09 120.55 -6.31
N TYR H 175 -0.99 121.21 -7.45
CA TYR H 175 -0.99 122.68 -7.48
C TYR H 175 -2.22 123.30 -8.18
N PRO H 176 -3.41 122.99 -7.67
CA PRO H 176 -4.68 123.35 -8.34
C PRO H 176 -4.81 124.85 -8.51
N SER H 177 -4.73 125.57 -7.40
CA SER H 177 -4.82 127.04 -7.42
C SER H 177 -3.92 127.66 -8.49
N PHE H 178 -2.61 127.46 -8.34
CA PHE H 178 -1.61 128.07 -9.20
C PHE H 178 -1.88 127.93 -10.70
N VAL H 179 -2.25 126.73 -11.11
CA VAL H 179 -2.20 126.38 -12.53
C VAL H 179 -3.58 126.31 -13.19
N GLU H 180 -4.62 126.01 -12.41
CA GLU H 180 -5.96 125.75 -12.94
C GLU H 180 -6.35 126.73 -14.04
N ASP H 181 -5.84 127.95 -13.94
CA ASP H 181 -6.15 129.00 -14.90
C ASP H 181 -5.60 128.70 -16.29
N LEU H 182 -4.27 128.72 -16.44
CA LEU H 182 -3.64 128.48 -17.74
C LEU H 182 -3.88 127.07 -18.28
N ILE H 183 -4.14 126.12 -17.38
CA ILE H 183 -4.59 124.80 -17.79
C ILE H 183 -5.86 124.99 -18.63
N THR H 184 -6.92 125.49 -17.99
CA THR H 184 -8.23 125.67 -18.65
C THR H 184 -8.11 126.42 -19.98
N SER H 185 -7.37 127.52 -19.97
CA SER H 185 -7.25 128.38 -21.15
C SER H 185 -6.47 127.72 -22.30
N ILE H 186 -5.26 127.26 -22.00
CA ILE H 186 -4.46 126.58 -23.01
C ILE H 186 -5.17 125.31 -23.48
N ALA H 187 -6.05 124.79 -22.63
CA ALA H 187 -6.87 123.65 -23.01
C ALA H 187 -7.80 124.06 -24.13
N GLU H 188 -8.61 125.07 -23.86
CA GLU H 188 -9.60 125.56 -24.82
C GLU H 188 -8.93 126.09 -26.07
N LEU H 189 -7.72 126.63 -25.90
CA LEU H 189 -6.90 127.03 -27.03
C LEU H 189 -6.72 125.84 -27.99
N LEU H 190 -6.31 124.71 -27.44
CA LEU H 190 -6.09 123.51 -28.25
C LEU H 190 -7.39 122.97 -28.86
N GLN H 191 -8.45 122.90 -28.03
CA GLN H 191 -9.76 122.40 -28.45
C GLN H 191 -10.22 123.07 -29.73
N SER H 192 -9.84 124.34 -29.89
CA SER H 192 -10.17 125.11 -31.08
C SER H 192 -9.21 124.81 -32.23
N LEU H 193 -7.92 124.73 -31.93
CA LEU H 193 -6.91 124.43 -32.94
C LEU H 193 -7.13 123.04 -33.52
N ALA H 194 -7.70 122.17 -32.70
CA ALA H 194 -7.98 120.79 -33.08
C ALA H 194 -9.16 120.70 -34.04
N ARG H 195 -10.03 121.71 -33.99
CA ARG H 195 -11.22 121.76 -34.85
C ARG H 195 -10.87 122.27 -36.25
N GLU H 196 -9.80 123.05 -36.37
CA GLU H 196 -9.36 123.53 -37.67
C GLU H 196 -9.26 122.36 -38.64
N TRP H 197 -9.71 122.57 -39.86
CA TRP H 197 -9.92 121.46 -40.79
C TRP H 197 -8.66 120.62 -41.06
N ASP H 198 -7.49 121.26 -41.07
CA ASP H 198 -6.23 120.54 -41.31
C ASP H 198 -5.92 119.58 -40.17
N ALA H 199 -6.50 119.87 -39.01
CA ALA H 199 -6.13 119.20 -37.77
C ALA H 199 -7.02 118.03 -37.37
N VAL H 200 -8.33 118.15 -37.58
CA VAL H 200 -9.28 117.13 -37.13
C VAL H 200 -8.86 115.72 -37.51
N LYS H 201 -8.19 115.60 -38.65
CA LYS H 201 -7.65 114.33 -39.10
C LYS H 201 -6.84 113.65 -37.99
N GLN H 202 -5.96 114.42 -37.36
CA GLN H 202 -4.98 113.88 -36.43
C GLN H 202 -5.52 113.64 -35.01
N TYR H 203 -6.62 114.30 -34.67
CA TYR H 203 -7.17 114.16 -33.31
C TYR H 203 -8.55 113.52 -33.31
N PRO H 204 -8.64 112.30 -33.87
CA PRO H 204 -9.93 111.61 -33.94
C PRO H 204 -10.42 111.27 -32.54
N LYS H 205 -9.47 110.94 -31.66
CA LYS H 205 -9.80 110.59 -30.29
C LYS H 205 -10.07 111.84 -29.46
N GLY H 206 -9.81 113.00 -30.07
CA GLY H 206 -10.12 114.27 -29.43
C GLY H 206 -8.91 114.86 -28.76
N LEU H 207 -8.98 116.16 -28.48
CA LEU H 207 -7.91 116.88 -27.82
C LEU H 207 -8.45 117.70 -26.64
N ASP H 208 -9.38 117.09 -25.90
CA ASP H 208 -10.04 117.74 -24.77
C ASP H 208 -9.31 117.38 -23.47
N ILE H 209 -8.25 118.12 -23.18
CA ILE H 209 -7.39 117.82 -22.04
C ILE H 209 -8.15 117.81 -20.71
N LEU H 210 -8.96 118.84 -20.48
CA LEU H 210 -9.71 118.98 -19.23
C LEU H 210 -10.60 117.76 -18.96
N GLN H 211 -11.18 117.21 -20.02
CA GLN H 211 -12.00 116.02 -19.92
C GLN H 211 -11.19 114.87 -19.32
N TRP H 212 -10.07 114.56 -19.98
CA TRP H 212 -9.19 113.46 -19.56
C TRP H 212 -8.78 113.61 -18.10
N LEU H 213 -8.47 114.84 -17.71
CA LEU H 213 -8.09 115.12 -16.34
C LEU H 213 -9.25 114.85 -15.38
N HIS H 214 -10.47 115.24 -15.77
CA HIS H 214 -11.63 115.08 -14.89
C HIS H 214 -12.09 113.64 -14.75
N ASN H 215 -12.34 112.99 -15.88
CA ASN H 215 -12.68 111.57 -15.89
C ASN H 215 -11.57 110.74 -16.52
N PRO H 216 -10.72 110.14 -15.67
CA PRO H 216 -9.55 109.35 -16.09
C PRO H 216 -9.86 108.35 -17.20
N GLU H 217 -11.08 107.82 -17.19
CA GLU H 217 -11.49 106.79 -18.14
C GLU H 217 -11.54 107.31 -19.58
N SER H 218 -11.70 108.61 -19.74
CA SER H 218 -11.77 109.21 -21.07
C SER H 218 -10.36 109.39 -21.65
N GLN H 219 -9.35 109.34 -20.78
CA GLN H 219 -7.97 109.49 -21.22
C GLN H 219 -7.63 108.47 -22.30
N PRO H 220 -7.16 108.95 -23.46
CA PRO H 220 -6.80 108.12 -24.61
C PRO H 220 -5.57 107.23 -24.40
N ASP H 221 -5.39 106.29 -25.32
CA ASP H 221 -4.30 105.31 -25.29
C ASP H 221 -2.93 105.98 -25.29
N THR H 222 -1.97 105.35 -24.64
CA THR H 222 -0.60 105.85 -24.60
C THR H 222 -0.08 106.08 -26.01
N ASP H 223 -0.54 105.28 -26.97
CA ASP H 223 -0.15 105.46 -28.37
C ASP H 223 -0.58 106.81 -28.90
N TYR H 224 -1.82 107.17 -28.60
CA TYR H 224 -2.40 108.45 -29.01
C TYR H 224 -1.62 109.63 -28.42
N LEU H 225 -1.49 109.66 -27.11
CA LEU H 225 -0.86 110.79 -26.43
C LEU H 225 0.60 111.01 -26.87
N VAL H 226 1.27 109.94 -27.27
CA VAL H 226 2.69 109.98 -27.63
C VAL H 226 2.95 110.55 -29.03
N SER H 227 1.92 110.51 -29.87
CA SER H 227 2.01 111.05 -31.21
C SER H 227 2.42 112.51 -31.16
N ALA H 228 3.18 112.94 -32.15
CA ALA H 228 3.62 114.32 -32.21
C ALA H 228 2.49 115.35 -32.03
N PRO H 229 1.45 115.30 -32.90
CA PRO H 229 0.37 116.30 -32.87
C PRO H 229 -0.31 116.48 -31.50
N VAL H 230 -0.14 115.53 -30.58
CA VAL H 230 -0.69 115.69 -29.25
C VAL H 230 0.45 115.83 -28.24
N SER H 231 1.51 115.07 -28.47
CA SER H 231 2.65 115.08 -27.58
C SER H 231 3.19 116.48 -27.41
N PHE H 232 3.65 117.08 -28.50
CA PHE H 232 4.26 118.41 -28.50
C PHE H 232 3.55 119.43 -27.61
N PRO H 233 2.37 119.91 -28.04
CA PRO H 233 1.74 121.03 -27.31
C PRO H 233 1.38 120.65 -25.87
N LEU H 234 0.79 119.47 -25.71
CA LEU H 234 0.39 118.97 -24.41
C LEU H 234 1.58 118.99 -23.44
N ILE H 235 2.75 118.57 -23.94
CA ILE H 235 3.98 118.55 -23.15
C ILE H 235 4.42 119.95 -22.74
N GLY H 236 4.47 120.85 -23.72
CA GLY H 236 4.78 122.23 -23.45
C GLY H 236 3.98 122.76 -22.27
N LEU H 237 2.68 122.47 -22.25
CA LEU H 237 1.81 122.87 -21.14
C LEU H 237 2.35 122.41 -19.79
N VAL H 238 2.97 121.24 -19.78
CA VAL H 238 3.52 120.69 -18.55
C VAL H 238 4.83 121.39 -18.18
N GLN H 239 5.61 121.79 -19.17
CA GLN H 239 6.86 122.52 -18.92
C GLN H 239 6.56 123.95 -18.45
N LEU H 240 5.50 124.53 -19.00
CA LEU H 240 5.02 125.84 -18.57
C LEU H 240 4.59 125.76 -17.12
N ALA H 241 3.63 124.89 -16.86
CA ALA H 241 3.05 124.72 -15.53
C ALA H 241 4.12 124.52 -14.46
N HIS H 242 5.29 124.03 -14.87
CA HIS H 242 6.38 123.85 -13.95
C HIS H 242 7.05 125.18 -13.63
N TYR H 243 7.50 125.88 -14.66
CA TYR H 243 8.06 127.22 -14.53
C TYR H 243 7.10 128.14 -13.76
N MET H 244 5.82 128.04 -14.13
CA MET H 244 4.72 128.78 -13.50
C MET H 244 4.65 128.47 -11.99
N ILE H 245 4.63 127.18 -11.66
CA ILE H 245 4.54 126.72 -10.29
C ILE H 245 5.76 127.11 -9.46
N THR H 246 6.94 127.16 -10.09
CA THR H 246 8.17 127.56 -9.42
C THR H 246 8.08 129.01 -8.97
N CYS H 247 7.85 129.90 -9.94
CA CYS H 247 7.70 131.33 -9.68
C CYS H 247 6.63 131.56 -8.65
N LYS H 248 5.45 131.04 -8.93
CA LYS H 248 4.29 131.22 -8.07
C LYS H 248 4.48 130.77 -6.62
N THR H 249 5.20 129.67 -6.42
CA THR H 249 5.43 129.15 -5.07
C THR H 249 6.37 130.07 -4.29
N LEU H 250 7.31 130.68 -5.02
CA LEU H 250 8.20 131.67 -4.44
C LEU H 250 7.47 132.99 -4.11
N GLY H 251 6.29 133.18 -4.70
CA GLY H 251 5.55 134.42 -4.54
C GLY H 251 6.14 135.50 -5.44
N ARG H 252 6.63 135.07 -6.59
CA ARG H 252 7.32 135.94 -7.53
C ARG H 252 6.52 136.20 -8.79
N GLU H 253 7.08 137.02 -9.67
CA GLU H 253 6.55 137.26 -11.01
C GLU H 253 7.42 136.50 -11.98
N PRO H 254 6.89 136.22 -13.19
CA PRO H 254 7.65 135.54 -14.25
C PRO H 254 8.95 136.25 -14.58
N GLY H 255 9.00 137.56 -14.34
CA GLY H 255 10.20 138.33 -14.61
C GLY H 255 11.20 138.21 -13.47
N GLU H 256 10.70 137.87 -12.28
CA GLU H 256 11.53 137.73 -11.08
C GLU H 256 12.53 136.57 -11.20
N LEU H 257 12.00 135.37 -11.49
CA LEU H 257 12.85 134.22 -11.74
C LEU H 257 13.60 134.34 -13.06
N LEU H 258 12.90 134.84 -14.09
CA LEU H 258 13.51 135.02 -15.41
C LEU H 258 14.77 135.86 -15.31
N GLU H 259 14.84 136.73 -14.31
CA GLU H 259 15.99 137.61 -14.14
C GLU H 259 17.14 136.87 -13.44
N ARG H 260 16.77 135.95 -12.55
CA ARG H 260 17.75 135.29 -11.70
C ARG H 260 18.38 134.02 -12.29
N PHE H 261 18.26 133.85 -13.61
CA PHE H 261 18.99 132.79 -14.31
C PHE H 261 20.08 133.46 -15.14
N SER H 262 20.80 132.69 -15.95
CA SER H 262 21.87 133.25 -16.79
C SER H 262 21.70 132.84 -18.24
N GLY H 263 20.94 131.79 -18.47
CA GLY H 263 20.77 131.23 -19.79
C GLY H 263 19.79 130.07 -19.79
N THR H 264 18.99 129.99 -20.83
CA THR H 264 18.00 128.93 -20.97
C THR H 264 18.21 128.25 -22.31
N THR H 265 18.02 126.93 -22.35
CA THR H 265 18.01 126.17 -23.60
C THR H 265 16.94 125.09 -23.48
N GLY H 266 16.56 124.51 -24.61
CA GLY H 266 15.62 123.40 -24.61
C GLY H 266 16.15 122.23 -25.41
N HIS H 267 15.55 121.05 -25.23
CA HIS H 267 15.92 119.87 -26.00
C HIS H 267 14.90 119.64 -27.11
N SER H 268 15.28 119.99 -28.33
CA SER H 268 14.35 119.96 -29.46
C SER H 268 13.07 120.75 -29.18
N GLN H 269 12.01 120.04 -28.82
CA GLN H 269 10.71 120.64 -28.61
C GLN H 269 10.66 121.63 -27.43
N GLY H 270 11.66 121.53 -26.55
CA GLY H 270 11.71 122.38 -25.37
C GLY H 270 12.26 123.77 -25.63
N ILE H 271 13.01 123.90 -26.72
CA ILE H 271 13.63 125.18 -27.07
C ILE H 271 12.57 126.25 -27.32
N VAL H 272 11.36 125.82 -27.63
CA VAL H 272 10.24 126.73 -27.83
C VAL H 272 9.77 127.35 -26.52
N VAL H 273 9.48 126.51 -25.53
CA VAL H 273 9.06 127.00 -24.22
C VAL H 273 10.20 127.73 -23.52
N ALA H 274 11.43 127.42 -23.91
CA ALA H 274 12.61 128.06 -23.34
C ALA H 274 12.76 129.50 -23.84
N ALA H 275 12.59 129.69 -25.15
CA ALA H 275 12.65 131.01 -25.75
C ALA H 275 11.44 131.85 -25.32
N ALA H 276 10.28 131.20 -25.24
CA ALA H 276 9.02 131.86 -24.88
C ALA H 276 8.91 132.19 -23.41
N ILE H 277 9.67 131.47 -22.58
CA ILE H 277 9.68 131.74 -21.14
C ILE H 277 10.58 132.95 -20.87
N ALA H 278 11.50 133.20 -21.80
CA ALA H 278 12.42 134.32 -21.73
C ALA H 278 11.76 135.61 -22.21
N THR H 279 10.53 135.49 -22.69
CA THR H 279 9.74 136.65 -23.06
C THR H 279 9.07 137.24 -21.82
N ALA H 280 8.25 136.43 -21.17
CA ALA H 280 7.34 136.89 -20.12
C ALA H 280 8.03 137.56 -18.92
N ARG H 281 7.45 138.67 -18.48
CA ARG H 281 7.81 139.32 -17.21
C ARG H 281 6.57 139.48 -16.35
N THR H 282 5.44 139.73 -17.00
CA THR H 282 4.16 139.86 -16.31
C THR H 282 3.52 138.49 -16.25
N TRP H 283 2.47 138.36 -15.44
CA TRP H 283 1.65 137.15 -15.46
C TRP H 283 0.75 137.21 -16.66
N ASP H 284 0.48 138.44 -17.12
CA ASP H 284 -0.27 138.67 -18.35
C ASP H 284 0.66 138.41 -19.52
N GLU H 285 1.91 138.86 -19.38
CA GLU H 285 2.95 138.67 -20.39
C GLU H 285 3.39 137.20 -20.45
N PHE H 286 3.15 136.48 -19.35
CA PHE H 286 3.43 135.06 -19.27
C PHE H 286 2.38 134.34 -20.10
N ALA H 287 1.12 134.51 -19.72
CA ALA H 287 0.01 133.87 -20.41
C ALA H 287 0.04 134.14 -21.92
N THR H 288 0.63 135.26 -22.32
CA THR H 288 0.78 135.59 -23.74
C THR H 288 1.76 134.65 -24.43
N ALA H 289 2.98 134.60 -23.93
CA ALA H 289 4.03 133.73 -24.47
C ALA H 289 3.66 132.25 -24.29
N ALA H 290 2.73 131.98 -23.37
CA ALA H 290 2.25 130.63 -23.08
C ALA H 290 1.35 130.08 -24.20
N LYS H 291 0.39 130.88 -24.63
CA LYS H 291 -0.45 130.54 -25.77
C LYS H 291 0.36 130.57 -27.06
N ARG H 292 1.45 131.34 -27.04
CA ARG H 292 2.35 131.43 -28.17
C ARG H 292 3.10 130.11 -28.36
N ALA H 293 3.84 129.69 -27.34
CA ALA H 293 4.58 128.43 -27.41
C ALA H 293 3.65 127.24 -27.71
N VAL H 294 2.59 127.11 -26.93
CA VAL H 294 1.63 126.00 -27.05
C VAL H 294 1.10 125.83 -28.46
N GLU H 295 0.52 126.91 -28.99
CA GLU H 295 -0.03 126.86 -30.34
C GLU H 295 1.07 126.68 -31.39
N LEU H 296 2.26 127.17 -31.08
CA LEU H 296 3.42 126.95 -31.95
C LEU H 296 3.71 125.46 -32.05
N LEU H 297 3.91 124.81 -30.89
CA LEU H 297 4.14 123.37 -30.83
C LEU H 297 3.06 122.61 -31.58
N PHE H 298 1.82 123.03 -31.34
CA PHE H 298 0.66 122.43 -32.00
C PHE H 298 0.87 122.32 -33.49
N TRP H 299 1.35 123.40 -34.10
CA TRP H 299 1.55 123.39 -35.55
C TRP H 299 2.85 122.75 -35.99
N ILE H 300 3.86 122.77 -35.13
CA ILE H 300 5.12 122.11 -35.45
C ILE H 300 4.90 120.61 -35.54
N GLY H 301 4.35 120.04 -34.47
CA GLY H 301 4.06 118.63 -34.44
C GLY H 301 3.04 118.23 -35.49
N LEU H 302 1.94 118.96 -35.55
CA LEU H 302 0.87 118.67 -36.50
C LEU H 302 1.38 118.53 -37.94
N ARG H 303 1.98 119.59 -38.46
CA ARG H 303 2.43 119.62 -39.85
C ARG H 303 3.59 118.66 -40.10
N SER H 304 4.39 118.42 -39.07
CA SER H 304 5.47 117.46 -39.18
C SER H 304 4.91 116.06 -39.44
N GLN H 305 3.86 115.71 -38.70
CA GLN H 305 3.24 114.39 -38.80
C GLN H 305 2.75 114.15 -40.21
N GLN H 306 2.16 115.19 -40.81
CA GLN H 306 1.55 115.08 -42.13
C GLN H 306 2.57 115.02 -43.26
N ALA H 307 3.78 115.48 -42.98
CA ALA H 307 4.89 115.41 -43.93
C ALA H 307 5.35 113.97 -44.09
N TYR H 308 5.82 113.37 -43.00
CA TYR H 308 6.17 111.96 -43.01
C TYR H 308 5.27 111.25 -42.03
N PRO H 309 4.06 110.91 -42.53
CA PRO H 309 3.11 110.13 -41.74
C PRO H 309 3.65 108.73 -41.49
N ARG H 310 3.06 108.05 -40.52
CA ARG H 310 3.47 106.71 -40.20
C ARG H 310 3.05 105.74 -41.30
N THR H 311 4.00 104.94 -41.78
CA THR H 311 3.71 103.84 -42.70
C THR H 311 3.68 102.51 -41.96
N SER H 312 2.84 101.60 -42.45
CA SER H 312 2.80 100.24 -41.91
C SER H 312 4.03 99.47 -42.35
N LEU H 313 4.45 98.52 -41.52
CA LEU H 313 5.70 97.79 -41.78
C LEU H 313 5.43 96.31 -41.95
N ALA H 314 6.43 95.59 -42.44
CA ALA H 314 6.34 94.13 -42.50
C ALA H 314 6.13 93.58 -41.09
N PRO H 315 5.07 92.77 -40.88
CA PRO H 315 4.74 92.26 -39.54
C PRO H 315 5.86 91.39 -39.01
N SER H 316 6.59 90.77 -39.93
CA SER H 316 7.78 89.97 -39.61
C SER H 316 8.94 90.80 -39.04
N THR H 317 9.49 91.69 -39.87
CA THR H 317 10.55 92.61 -39.45
C THR H 317 10.08 93.48 -38.29
N LEU H 318 8.79 93.45 -38.00
CA LEU H 318 8.21 94.19 -36.89
C LEU H 318 8.45 93.46 -35.57
N GLN H 319 7.97 92.24 -35.46
CA GLN H 319 8.24 91.45 -34.27
C GLN H 319 9.73 91.26 -34.10
N ASP H 320 10.43 91.03 -35.22
CA ASP H 320 11.89 90.92 -35.20
C ASP H 320 12.51 92.04 -34.34
N SER H 321 12.38 93.28 -34.81
CA SER H 321 12.91 94.44 -34.07
C SER H 321 12.52 94.42 -32.61
N VAL H 322 11.35 93.85 -32.30
CA VAL H 322 10.86 93.86 -30.93
C VAL H 322 11.57 92.83 -30.08
N GLU H 323 11.73 91.62 -30.62
CA GLU H 323 12.34 90.52 -29.90
C GLU H 323 13.83 90.71 -29.74
N ASN H 324 14.43 91.39 -30.72
CA ASN H 324 15.88 91.59 -30.73
C ASN H 324 16.41 92.67 -29.77
N GLY H 325 15.58 93.07 -28.82
CA GLY H 325 15.96 94.01 -27.80
C GLY H 325 15.63 95.44 -28.16
N GLU H 326 15.26 95.65 -29.41
CA GLU H 326 14.92 96.98 -29.90
C GLU H 326 13.44 97.22 -29.71
N GLY H 327 12.96 98.37 -30.15
CA GLY H 327 11.55 98.67 -29.98
C GLY H 327 10.75 98.49 -31.26
N THR H 328 9.49 98.93 -31.20
CA THR H 328 8.67 99.03 -32.39
C THR H 328 9.25 100.13 -33.25
N PRO H 329 9.54 99.85 -34.52
CA PRO H 329 10.29 100.73 -35.42
C PRO H 329 9.65 102.12 -35.63
N THR H 330 10.44 103.16 -35.42
CA THR H 330 10.02 104.54 -35.66
C THR H 330 11.05 105.25 -36.55
N PRO H 331 10.89 106.57 -36.75
CA PRO H 331 11.93 107.31 -37.49
C PRO H 331 13.10 107.78 -36.60
N MET H 332 13.04 107.47 -35.30
CA MET H 332 14.00 107.97 -34.32
C MET H 332 14.70 106.83 -33.57
N LEU H 333 15.95 106.57 -33.92
CA LEU H 333 16.74 105.47 -33.37
C LEU H 333 17.73 105.98 -32.32
N SER H 334 17.93 105.24 -31.24
CA SER H 334 18.91 105.64 -30.24
C SER H 334 20.13 104.71 -30.22
N ILE H 335 21.31 105.29 -30.03
CA ILE H 335 22.53 104.52 -29.97
C ILE H 335 23.42 105.00 -28.83
N ARG H 336 23.15 104.47 -27.65
CA ARG H 336 23.98 104.75 -26.49
C ARG H 336 25.29 103.96 -26.51
N ASP H 337 26.22 104.34 -25.65
CA ASP H 337 27.49 103.64 -25.43
C ASP H 337 28.35 103.44 -26.68
N LEU H 338 27.98 104.04 -27.80
CA LEU H 338 28.77 103.88 -29.02
C LEU H 338 29.23 105.22 -29.58
N THR H 339 30.54 105.34 -29.85
CA THR H 339 31.14 106.60 -30.31
C THR H 339 30.77 107.04 -31.73
N ARG H 340 30.56 108.34 -31.91
CA ARG H 340 30.18 108.91 -33.21
C ARG H 340 31.06 108.40 -34.35
N SER H 341 32.36 108.32 -34.09
CA SER H 341 33.30 107.77 -35.07
C SER H 341 32.70 106.54 -35.72
N ALA H 342 32.45 105.52 -34.91
CA ALA H 342 31.90 104.24 -35.37
C ALA H 342 30.46 104.36 -35.85
N VAL H 343 29.60 105.00 -35.05
CA VAL H 343 28.18 105.16 -35.39
C VAL H 343 28.00 105.65 -36.82
N GLN H 344 28.83 106.59 -37.24
CA GLN H 344 28.75 107.11 -38.59
C GLN H 344 29.21 106.09 -39.61
N GLU H 345 30.21 105.29 -39.26
CA GLU H 345 30.73 104.28 -40.18
C GLU H 345 29.65 103.25 -40.49
N HIS H 346 28.88 102.89 -39.49
CA HIS H 346 27.76 101.96 -39.68
C HIS H 346 26.64 102.64 -40.45
N ILE H 347 26.42 103.92 -40.17
CA ILE H 347 25.45 104.72 -40.91
C ILE H 347 25.88 104.86 -42.37
N ASP H 348 27.19 104.90 -42.59
CA ASP H 348 27.78 105.01 -43.93
C ASP H 348 27.53 103.76 -44.76
N ALA H 349 27.88 102.60 -44.21
CA ALA H 349 27.68 101.33 -44.91
C ALA H 349 26.21 101.14 -45.27
N THR H 350 25.33 101.48 -44.32
CA THR H 350 23.88 101.33 -44.52
C THR H 350 23.37 102.24 -45.65
N ASN H 351 23.72 103.52 -45.60
CA ASN H 351 23.33 104.48 -46.63
C ASN H 351 23.94 104.14 -47.98
N GLN H 352 24.98 103.33 -47.97
CA GLN H 352 25.62 102.85 -49.18
C GLN H 352 24.59 102.16 -50.09
N HIS H 353 23.91 101.14 -49.56
CA HIS H 353 23.01 100.31 -50.35
C HIS H 353 21.60 100.89 -50.51
N LEU H 354 21.30 101.94 -49.76
CA LEU H 354 19.99 102.59 -49.79
C LEU H 354 19.90 103.65 -50.88
N PRO H 355 18.68 103.88 -51.40
CA PRO H 355 18.39 105.00 -52.30
C PRO H 355 18.43 106.30 -51.51
N GLU H 356 18.82 107.39 -52.17
CA GLU H 356 18.93 108.69 -51.51
C GLU H 356 17.67 109.08 -50.75
N ASP H 357 16.52 108.66 -51.24
CA ASP H 357 15.23 108.96 -50.60
C ASP H 357 15.24 108.56 -49.14
N ARG H 358 15.65 107.32 -48.89
CA ARG H 358 15.55 106.73 -47.56
C ARG H 358 16.92 106.57 -46.91
N HIS H 359 17.70 107.64 -46.90
CA HIS H 359 18.99 107.59 -46.22
C HIS H 359 18.82 107.83 -44.72
N ILE H 360 19.94 107.93 -44.02
CA ILE H 360 19.92 107.94 -42.57
C ILE H 360 20.84 109.00 -42.00
N GLY H 361 20.27 109.93 -41.24
CA GLY H 361 21.04 111.01 -40.66
C GLY H 361 21.23 110.88 -39.17
N ILE H 362 22.06 111.76 -38.62
CA ILE H 362 22.29 111.79 -37.19
C ILE H 362 21.46 112.93 -36.58
N SER H 363 20.33 112.58 -35.96
CA SER H 363 19.36 113.60 -35.53
C SER H 363 19.87 114.50 -34.41
N LEU H 364 20.42 113.88 -33.37
CA LEU H 364 20.97 114.63 -32.25
C LEU H 364 22.21 113.97 -31.62
N VAL H 365 23.08 114.81 -31.06
CA VAL H 365 24.28 114.37 -30.37
C VAL H 365 24.17 114.78 -28.90
N ASN H 366 23.69 113.87 -28.08
CA ASN H 366 23.40 114.17 -26.68
C ASN H 366 24.59 113.99 -25.75
N SER H 367 25.63 113.33 -26.27
CA SER H 367 26.94 113.25 -25.62
C SER H 367 27.91 112.61 -26.60
N ALA H 368 29.14 112.35 -26.18
CA ALA H 368 30.15 111.80 -27.08
C ALA H 368 29.86 110.34 -27.43
N ARG H 369 29.06 109.69 -26.61
CA ARG H 369 28.71 108.29 -26.82
C ARG H 369 27.19 108.07 -26.91
N ASN H 370 26.42 109.16 -26.80
CA ASN H 370 24.95 109.09 -26.93
C ASN H 370 24.46 109.83 -28.16
N PHE H 371 23.71 109.14 -29.01
CA PHE H 371 23.20 109.75 -30.22
C PHE H 371 21.75 109.37 -30.50
N VAL H 372 21.23 109.91 -31.60
CA VAL H 372 19.94 109.54 -32.13
C VAL H 372 20.09 109.58 -33.65
N VAL H 373 19.35 108.73 -34.35
CA VAL H 373 19.43 108.64 -35.80
C VAL H 373 18.03 108.67 -36.44
N THR H 374 17.91 109.35 -37.58
CA THR H 374 16.64 109.38 -38.32
C THR H 374 16.75 108.90 -39.74
N GLY H 375 15.60 108.83 -40.40
CA GLY H 375 15.47 108.18 -41.69
C GLY H 375 14.20 107.37 -41.61
N PRO H 376 13.80 106.76 -42.74
CA PRO H 376 12.57 105.97 -42.70
C PRO H 376 12.78 104.82 -41.73
N PRO H 377 11.75 104.51 -40.95
CA PRO H 377 11.88 103.44 -39.97
C PRO H 377 12.41 102.18 -40.65
N ILE H 378 11.93 101.96 -41.87
CA ILE H 378 12.24 100.78 -42.66
C ILE H 378 13.73 100.62 -42.94
N SER H 379 14.44 101.73 -43.07
CA SER H 379 15.88 101.69 -43.33
C SER H 379 16.67 101.84 -42.05
N LEU H 380 16.03 102.40 -41.03
CA LEU H 380 16.61 102.45 -39.69
C LEU H 380 16.79 101.05 -39.17
N TYR H 381 15.83 100.20 -39.51
CA TYR H 381 15.89 98.78 -39.23
C TYR H 381 17.15 98.14 -39.82
N GLY H 382 17.46 98.45 -41.07
CA GLY H 382 18.62 97.90 -41.74
C GLY H 382 19.93 98.30 -41.09
N LEU H 383 19.89 99.29 -40.22
CA LEU H 383 21.07 99.69 -39.45
C LEU H 383 21.17 98.76 -38.26
N ASN H 384 20.02 98.46 -37.66
CA ASN H 384 19.93 97.52 -36.54
C ASN H 384 20.39 96.13 -36.91
N LEU H 385 20.10 95.72 -38.15
CA LEU H 385 20.53 94.42 -38.64
C LEU H 385 22.04 94.31 -38.62
N ARG H 386 22.70 95.32 -39.18
CA ARG H 386 24.15 95.40 -39.12
C ARG H 386 24.67 95.49 -37.68
N LEU H 387 24.01 96.30 -36.86
CA LEU H 387 24.46 96.55 -35.50
C LEU H 387 24.45 95.28 -34.66
N ARG H 388 23.41 94.49 -34.81
CA ARG H 388 23.29 93.26 -34.05
C ARG H 388 24.43 92.31 -34.40
N LYS H 389 24.79 92.27 -35.68
CA LYS H 389 25.87 91.42 -36.16
C LYS H 389 27.24 91.81 -35.56
N VAL H 390 27.34 93.03 -35.06
CA VAL H 390 28.62 93.53 -34.55
C VAL H 390 28.72 93.42 -33.03
N LYS H 391 27.65 93.77 -32.34
CA LYS H 391 27.66 93.74 -30.89
C LYS H 391 27.56 92.32 -30.35
N ALA H 392 27.98 92.14 -29.11
CA ALA H 392 28.00 90.82 -28.48
C ALA H 392 26.82 90.65 -27.52
N PRO H 393 26.39 89.40 -27.31
CA PRO H 393 25.35 89.04 -26.34
C PRO H 393 25.66 89.56 -24.94
N THR H 394 24.64 89.67 -24.09
CA THR H 394 24.87 90.15 -22.73
C THR H 394 25.48 89.03 -21.90
N GLY H 395 25.52 87.85 -22.50
CA GLY H 395 26.10 86.69 -21.84
C GLY H 395 27.61 86.68 -21.91
N LEU H 396 28.13 86.78 -23.13
CA LEU H 396 29.57 86.62 -23.38
C LEU H 396 30.44 87.24 -22.30
N ASP H 397 31.20 86.41 -21.61
CA ASP H 397 32.21 86.89 -20.67
C ASP H 397 33.49 87.16 -21.46
N GLN H 398 34.09 88.32 -21.20
CA GLN H 398 35.25 88.74 -21.98
C GLN H 398 36.43 89.07 -21.09
N ASN H 399 36.28 88.76 -19.80
CA ASN H 399 37.34 89.01 -18.82
C ASN H 399 38.61 88.23 -19.14
N ARG H 400 38.54 87.43 -20.20
CA ARG H 400 39.67 86.61 -20.60
C ARG H 400 40.07 86.93 -22.04
N ILE H 401 39.58 88.06 -22.54
CA ILE H 401 39.91 88.51 -23.89
C ILE H 401 40.68 89.83 -23.87
N PRO H 402 41.80 89.88 -24.59
CA PRO H 402 42.51 91.15 -24.80
C PRO H 402 41.53 92.27 -25.13
N PHE H 403 41.73 93.42 -24.52
CA PHE H 403 40.78 94.53 -24.60
C PHE H 403 40.58 95.06 -26.02
N THR H 404 41.68 95.29 -26.72
CA THR H 404 41.64 95.83 -28.08
C THR H 404 40.91 94.89 -29.05
N GLN H 405 40.58 93.69 -28.58
CA GLN H 405 40.01 92.66 -29.45
C GLN H 405 38.60 92.24 -29.07
N ARG H 406 38.05 92.79 -27.99
CA ARG H 406 36.72 92.41 -27.53
C ARG H 406 35.62 92.87 -28.49
N LYS H 407 34.37 92.54 -28.16
CA LYS H 407 33.22 93.06 -28.89
C LYS H 407 32.59 94.20 -28.11
N ALA H 408 32.30 95.30 -28.80
CA ALA H 408 31.75 96.49 -28.16
C ALA H 408 30.32 96.26 -27.69
N ARG H 409 30.05 96.61 -26.43
CA ARG H 409 28.72 96.43 -25.86
C ARG H 409 27.96 97.75 -25.84
N PHE H 410 27.12 97.94 -26.86
CA PHE H 410 26.29 99.13 -26.92
C PHE H 410 24.81 98.79 -26.86
N VAL H 411 23.98 99.83 -26.80
CA VAL H 411 22.54 99.67 -26.63
C VAL H 411 21.78 100.44 -27.70
N ASN H 412 21.43 99.78 -28.80
CA ASN H 412 20.55 100.40 -29.79
C ASN H 412 19.07 100.10 -29.54
N ARG H 413 18.20 101.06 -29.89
CA ARG H 413 16.77 100.93 -29.63
C ARG H 413 15.95 102.10 -30.20
N PHE H 414 14.78 101.80 -30.76
CA PHE H 414 13.92 102.85 -31.28
C PHE H 414 13.33 103.71 -30.17
N LEU H 415 12.80 104.87 -30.55
CA LEU H 415 12.27 105.83 -29.59
C LEU H 415 10.83 106.17 -29.91
N PRO H 416 10.03 106.49 -28.88
CA PRO H 416 8.59 106.73 -28.97
C PRO H 416 8.23 108.03 -29.72
N ILE H 417 8.95 108.32 -30.80
CA ILE H 417 8.77 109.57 -31.52
C ILE H 417 8.18 109.34 -32.91
N THR H 418 7.11 110.08 -33.19
CA THR H 418 6.22 109.80 -34.30
C THR H 418 6.69 110.30 -35.69
N ALA H 419 7.73 111.12 -35.73
CA ALA H 419 8.14 111.76 -36.98
C ALA H 419 9.64 112.08 -37.04
N PRO H 420 10.19 112.13 -38.26
CA PRO H 420 11.62 112.34 -38.57
C PRO H 420 12.08 113.77 -38.35
N PHE H 421 12.39 114.11 -37.11
CA PHE H 421 12.83 115.46 -36.81
C PHE H 421 14.35 115.61 -37.03
N HIS H 422 14.77 116.83 -37.35
CA HIS H 422 16.18 117.13 -37.57
C HIS H 422 16.67 116.35 -38.77
N SER H 423 15.87 116.37 -39.83
CA SER H 423 16.19 115.64 -41.04
C SER H 423 15.51 116.28 -42.26
N PRO H 424 16.13 116.12 -43.43
CA PRO H 424 15.64 116.56 -44.76
C PRO H 424 14.23 116.04 -45.08
N TYR H 425 13.64 115.22 -44.21
CA TYR H 425 12.38 114.56 -44.49
C TYR H 425 11.23 115.43 -44.08
N LEU H 426 11.42 116.11 -42.96
CA LEU H 426 10.42 117.06 -42.53
C LEU H 426 10.55 118.36 -43.32
N ALA H 427 10.98 118.26 -44.58
CA ALA H 427 11.19 119.42 -45.42
C ALA H 427 9.88 120.18 -45.66
N GLY H 428 8.95 119.54 -46.36
CA GLY H 428 7.69 120.16 -46.74
C GLY H 428 6.90 120.72 -45.57
N ALA H 429 7.17 120.17 -44.38
CA ALA H 429 6.42 120.55 -43.19
C ALA H 429 6.77 121.98 -42.76
N HIS H 430 8.04 122.34 -42.87
CA HIS H 430 8.55 123.62 -42.39
C HIS H 430 7.78 124.82 -42.94
N ALA H 431 7.68 124.88 -44.26
CA ALA H 431 6.96 125.94 -44.94
C ALA H 431 5.55 126.08 -44.37
N HIS H 432 4.77 125.00 -44.44
CA HIS H 432 3.41 124.98 -43.92
C HIS H 432 3.29 125.63 -42.53
N ILE H 433 4.15 125.18 -41.61
CA ILE H 433 4.13 125.68 -40.24
C ILE H 433 4.23 127.19 -40.21
N LEU H 434 5.19 127.74 -40.96
CA LEU H 434 5.45 129.17 -40.95
C LEU H 434 4.19 129.99 -41.25
N GLY H 435 3.42 129.53 -42.22
CA GLY H 435 2.19 130.20 -42.62
C GLY H 435 1.08 130.16 -41.59
N ASP H 436 1.18 129.25 -40.62
CA ASP H 436 0.19 129.16 -39.56
C ASP H 436 0.54 130.13 -38.45
N VAL H 437 1.80 130.56 -38.43
CA VAL H 437 2.36 131.26 -37.27
C VAL H 437 2.89 132.68 -37.56
N ASP H 438 2.74 133.17 -38.79
CA ASP H 438 3.20 134.53 -39.14
C ASP H 438 2.49 135.62 -38.33
N ASP H 439 1.31 135.29 -37.80
CA ASP H 439 0.52 136.17 -36.93
C ASP H 439 1.36 136.60 -35.72
N MET H 440 1.83 135.61 -34.97
CA MET H 440 2.69 135.87 -33.82
C MET H 440 4.13 136.09 -34.23
N LYS H 441 4.82 136.95 -33.47
CA LYS H 441 6.17 137.36 -33.80
C LYS H 441 6.98 137.50 -32.52
N ILE H 442 7.96 136.61 -32.33
CA ILE H 442 8.83 136.72 -31.17
C ILE H 442 10.22 137.14 -31.65
N PRO H 443 10.51 138.45 -31.61
CA PRO H 443 11.78 139.00 -32.09
C PRO H 443 12.95 138.81 -31.13
N ALA H 444 14.16 138.74 -31.68
CA ALA H 444 15.39 138.55 -30.91
C ALA H 444 15.53 139.44 -29.66
N SER H 445 14.80 140.56 -29.64
CA SER H 445 14.87 141.51 -28.55
C SER H 445 14.11 141.04 -27.30
N SER H 446 12.89 140.52 -27.50
CA SER H 446 12.03 140.13 -26.38
C SER H 446 12.59 138.97 -25.54
N LEU H 447 13.85 138.62 -25.80
CA LEU H 447 14.56 137.63 -25.00
C LEU H 447 15.36 138.29 -23.87
N VAL H 448 14.79 138.28 -22.67
CA VAL H 448 15.43 138.79 -21.46
C VAL H 448 16.75 138.07 -21.21
N ILE H 449 16.66 136.78 -20.93
CA ILE H 449 17.83 135.95 -20.69
C ILE H 449 18.22 135.20 -21.96
N PRO H 450 19.53 135.08 -22.21
CA PRO H 450 20.07 134.42 -23.42
C PRO H 450 19.36 133.12 -23.75
N VAL H 451 19.05 132.92 -25.03
CA VAL H 451 18.42 131.69 -25.50
C VAL H 451 19.34 131.00 -26.51
N TYR H 452 20.01 129.94 -26.06
CA TYR H 452 21.06 129.29 -26.84
C TYR H 452 20.51 128.35 -27.92
N ASP H 453 20.91 128.62 -29.16
CA ASP H 453 20.49 127.84 -30.31
C ASP H 453 20.69 126.34 -30.10
N THR H 454 19.90 125.55 -30.83
CA THR H 454 19.97 124.09 -30.78
C THR H 454 21.22 123.52 -31.48
N LYS H 455 21.41 123.88 -32.75
CA LYS H 455 22.55 123.38 -33.54
C LYS H 455 23.89 124.02 -33.17
N THR H 456 23.90 125.33 -32.91
CA THR H 456 25.11 126.01 -32.44
C THR H 456 24.84 126.75 -31.15
N GLY H 457 25.82 126.74 -30.27
CA GLY H 457 25.64 127.27 -28.92
C GLY H 457 25.18 128.72 -28.80
N GLN H 458 25.30 129.50 -29.88
CA GLN H 458 25.10 130.97 -29.81
C GLN H 458 23.68 131.41 -29.48
N ASP H 459 23.56 132.69 -29.11
CA ASP H 459 22.30 133.25 -28.66
C ASP H 459 21.30 133.47 -29.78
N LEU H 460 20.07 133.79 -29.37
CA LEU H 460 19.05 134.20 -30.31
C LEU H 460 18.83 135.70 -30.16
N ARG H 461 19.47 136.28 -29.15
CA ARG H 461 19.42 137.73 -28.95
C ARG H 461 20.38 138.41 -29.92
N GLU H 462 21.37 137.64 -30.38
CA GLU H 462 22.34 138.12 -31.36
C GLU H 462 21.74 138.23 -32.76
N LEU H 463 20.43 138.42 -32.82
CA LEU H 463 19.73 138.63 -34.08
C LEU H 463 19.04 139.98 -34.08
N GLY H 464 18.85 140.52 -35.28
CA GLY H 464 18.24 141.82 -35.46
C GLY H 464 16.75 141.85 -35.15
N ASP H 465 16.33 140.98 -34.23
CA ASP H 465 14.94 140.92 -33.77
C ASP H 465 14.02 140.36 -34.83
N GLU H 466 14.49 139.33 -35.52
CA GLU H 466 13.66 138.62 -36.47
C GLU H 466 12.58 137.91 -35.68
N ASP H 467 11.50 137.56 -36.35
CA ASP H 467 10.53 136.64 -35.76
C ASP H 467 11.32 135.40 -35.39
N ILE H 468 11.19 134.95 -34.14
CA ILE H 468 11.93 133.78 -33.66
C ILE H 468 11.38 132.48 -34.27
N ILE H 469 10.07 132.45 -34.48
CA ILE H 469 9.39 131.32 -35.09
C ILE H 469 10.22 130.61 -36.17
N PRO H 470 10.70 131.36 -37.18
CA PRO H 470 11.51 130.82 -38.30
C PRO H 470 12.77 130.06 -37.89
N GLU H 471 13.52 130.60 -36.94
CA GLU H 471 14.71 129.92 -36.44
C GLU H 471 14.35 128.69 -35.61
N LEU H 472 13.41 128.84 -34.69
CA LEU H 472 12.94 127.72 -33.86
C LEU H 472 12.54 126.52 -34.70
N VAL H 473 11.69 126.74 -35.69
CA VAL H 473 11.14 125.66 -36.52
C VAL H 473 12.21 124.88 -37.30
N ARG H 474 13.26 125.57 -37.76
CA ARG H 474 14.36 124.88 -38.45
C ARG H 474 15.18 124.02 -37.47
N MET H 475 15.38 124.52 -36.25
CA MET H 475 16.16 123.84 -35.23
C MET H 475 15.57 122.49 -34.86
N ILE H 476 14.27 122.36 -35.11
CA ILE H 476 13.48 121.21 -34.69
C ILE H 476 13.18 120.24 -35.83
N THR H 477 12.92 120.77 -37.02
CA THR H 477 12.52 119.94 -38.15
C THR H 477 13.64 119.73 -39.16
N TYR H 478 14.81 120.28 -38.87
CA TYR H 478 15.94 120.14 -39.76
C TYR H 478 17.29 120.10 -39.04
N ASP H 479 17.49 120.99 -38.07
CA ASP H 479 18.82 121.18 -37.49
C ASP H 479 19.23 120.14 -36.46
N PRO H 480 20.34 119.42 -36.72
CA PRO H 480 20.96 118.45 -35.83
C PRO H 480 21.24 119.02 -34.43
N VAL H 481 20.40 118.71 -33.44
CA VAL H 481 20.62 119.11 -32.05
C VAL H 481 22.00 118.66 -31.57
N ASN H 482 23.00 119.53 -31.66
CA ASN H 482 24.30 119.23 -31.07
C ASN H 482 24.29 119.58 -29.59
N TRP H 483 23.33 118.99 -28.90
CA TRP H 483 22.98 119.36 -27.53
C TRP H 483 24.16 119.63 -26.59
N GLU H 484 25.21 118.82 -26.67
CA GLU H 484 26.26 118.96 -25.67
C GLU H 484 26.96 120.33 -25.76
N THR H 485 27.02 120.91 -26.95
CA THR H 485 27.63 122.23 -27.14
C THR H 485 26.68 123.37 -26.73
N ALA H 486 25.43 123.31 -27.17
CA ALA H 486 24.41 124.31 -26.87
C ALA H 486 24.03 124.33 -25.39
N THR H 487 24.59 123.41 -24.63
CA THR H 487 24.29 123.32 -23.21
C THR H 487 25.56 123.47 -22.39
N VAL H 488 26.69 123.70 -23.04
CA VAL H 488 27.91 124.05 -22.32
C VAL H 488 27.79 125.48 -21.83
N PHE H 489 26.96 125.65 -20.79
CA PHE H 489 26.72 126.94 -20.16
C PHE H 489 28.00 127.36 -19.45
N PRO H 490 28.49 128.56 -19.76
CA PRO H 490 29.77 129.05 -19.22
C PRO H 490 29.73 129.23 -17.70
N ASP H 491 30.69 128.60 -17.02
CA ASP H 491 30.81 128.70 -15.57
C ASP H 491 29.47 128.53 -14.83
N ALA H 492 28.68 127.54 -15.27
CA ALA H 492 27.45 127.19 -14.58
C ALA H 492 27.77 126.51 -13.27
N THR H 493 26.85 126.58 -12.32
CA THR H 493 27.02 125.91 -11.03
C THR H 493 25.77 125.13 -10.66
N HIS H 494 24.66 125.56 -11.24
CA HIS H 494 23.38 124.90 -11.05
C HIS H 494 22.58 124.93 -12.34
N ILE H 495 21.98 123.81 -12.71
CA ILE H 495 21.12 123.74 -13.89
C ILE H 495 19.77 123.14 -13.53
N VAL H 496 18.70 123.77 -13.96
CA VAL H 496 17.37 123.37 -13.52
C VAL H 496 16.49 122.82 -14.63
N ASP H 497 16.06 121.57 -14.46
CA ASP H 497 15.21 120.86 -15.42
C ASP H 497 13.73 121.08 -15.08
N PHE H 498 13.03 121.75 -15.98
CA PHE H 498 11.57 121.90 -15.89
C PHE H 498 10.92 120.96 -16.88
N GLY H 499 11.75 120.38 -17.75
CA GLY H 499 11.29 119.50 -18.81
C GLY H 499 10.48 118.31 -18.34
N PRO H 500 9.97 117.53 -19.30
CA PRO H 500 9.05 116.43 -19.12
C PRO H 500 9.69 115.19 -18.49
N GLY H 501 8.90 114.45 -17.73
CA GLY H 501 9.32 113.18 -17.16
C GLY H 501 10.31 113.37 -16.03
N GLY H 502 10.07 112.68 -14.91
CA GLY H 502 10.88 112.84 -13.71
C GLY H 502 12.36 112.56 -13.91
N VAL H 503 12.84 111.46 -13.34
CA VAL H 503 14.26 111.14 -13.40
C VAL H 503 14.64 110.74 -14.83
N SER H 504 13.75 111.03 -15.78
CA SER H 504 13.98 110.74 -17.20
C SER H 504 14.31 111.99 -18.02
N GLY H 505 14.03 113.16 -17.45
CA GLY H 505 14.29 114.43 -18.10
C GLY H 505 15.75 114.65 -18.46
N ILE H 506 16.02 115.72 -19.22
CA ILE H 506 17.36 115.95 -19.72
C ILE H 506 18.32 116.31 -18.61
N GLY H 507 17.78 116.51 -17.41
CA GLY H 507 18.56 116.84 -16.24
C GLY H 507 19.67 115.84 -15.98
N VAL H 508 19.28 114.57 -15.92
CA VAL H 508 20.23 113.49 -15.74
C VAL H 508 21.12 113.36 -16.97
N LEU H 509 20.48 113.36 -18.14
CA LEU H 509 21.17 113.15 -19.41
C LEU H 509 22.35 114.08 -19.58
N THR H 510 22.17 115.31 -19.09
CA THR H 510 23.20 116.33 -19.16
C THR H 510 24.10 116.27 -17.94
N ASN H 511 23.49 116.02 -16.77
CA ASN H 511 24.25 115.88 -15.53
C ASN H 511 25.46 114.97 -15.73
N ARG H 512 25.26 113.91 -16.51
CA ARG H 512 26.35 113.02 -16.88
C ARG H 512 27.39 113.71 -17.75
N ASN H 513 26.93 114.41 -18.79
CA ASN H 513 27.79 115.20 -19.64
C ASN H 513 28.73 116.06 -18.79
N LYS H 514 28.19 116.57 -17.68
CA LYS H 514 28.87 117.55 -16.84
C LYS H 514 29.04 117.10 -15.38
N ASP H 515 29.32 115.84 -15.14
CA ASP H 515 29.44 115.39 -13.76
C ASP H 515 30.65 116.01 -13.10
N GLY H 516 31.82 115.73 -13.66
CA GLY H 516 33.09 116.14 -13.06
C GLY H 516 33.24 117.63 -12.77
N THR H 517 32.72 118.48 -13.66
CA THR H 517 33.00 119.92 -13.63
C THR H 517 32.54 120.69 -12.38
N GLY H 518 31.50 120.18 -11.71
CA GLY H 518 30.97 120.85 -10.55
C GLY H 518 29.59 121.44 -10.77
N VAL H 519 29.02 121.14 -11.93
CA VAL H 519 27.67 121.55 -12.21
C VAL H 519 26.73 120.66 -11.44
N ARG H 520 25.79 121.26 -10.73
CA ARG H 520 24.75 120.52 -10.01
C ARG H 520 23.47 120.58 -10.82
N VAL H 521 22.53 119.68 -10.55
CA VAL H 521 21.27 119.67 -11.30
C VAL H 521 20.07 119.60 -10.36
N ILE H 522 18.98 120.22 -10.75
CA ILE H 522 17.73 120.12 -10.00
C ILE H 522 16.54 119.87 -10.93
N LEU H 523 15.67 118.96 -10.54
CA LEU H 523 14.48 118.66 -11.31
C LEU H 523 13.26 119.31 -10.67
N ALA H 524 12.80 120.40 -11.27
CA ALA H 524 11.62 121.09 -10.78
C ALA H 524 10.40 120.24 -11.09
N GLY H 525 10.58 119.29 -12.00
CA GLY H 525 9.50 118.43 -12.45
C GLY H 525 8.84 117.61 -11.34
N ALA H 526 9.67 117.07 -10.43
CA ALA H 526 9.17 116.24 -9.34
C ALA H 526 9.94 116.48 -8.03
N ILE H 527 9.26 116.27 -6.91
CA ILE H 527 9.81 116.65 -5.61
C ILE H 527 10.76 115.61 -5.03
N ASP H 528 10.72 114.39 -5.58
CA ASP H 528 11.57 113.31 -5.09
C ASP H 528 11.64 112.20 -6.15
N GLY H 529 12.62 111.31 -6.02
CA GLY H 529 12.76 110.25 -6.99
C GLY H 529 13.83 109.21 -6.71
N THR H 530 14.30 108.58 -7.77
CA THR H 530 15.16 107.41 -7.65
C THR H 530 16.64 107.72 -7.83
N ASN H 531 16.94 108.92 -8.33
CA ASN H 531 18.33 109.31 -8.58
C ASN H 531 18.97 109.93 -7.35
N THR H 532 20.25 109.61 -7.14
CA THR H 532 21.03 110.17 -6.04
C THR H 532 21.78 111.42 -6.46
N GLU H 533 22.19 111.43 -7.73
CA GLU H 533 23.06 112.46 -8.30
C GLU H 533 22.34 113.72 -8.75
N VAL H 534 21.05 113.81 -8.40
CA VAL H 534 20.22 114.93 -8.82
C VAL H 534 19.27 115.35 -7.72
N GLY H 535 19.35 116.62 -7.33
CA GLY H 535 18.43 117.20 -6.36
C GLY H 535 17.09 117.50 -7.00
N TYR H 536 16.05 117.66 -6.19
CA TYR H 536 14.71 117.80 -6.75
C TYR H 536 14.07 119.15 -6.44
N LYS H 537 12.75 119.19 -6.59
CA LYS H 537 11.95 120.40 -6.41
C LYS H 537 12.26 121.23 -5.14
N PRO H 538 12.36 120.58 -3.97
CA PRO H 538 12.52 121.33 -2.72
C PRO H 538 13.81 122.15 -2.62
N GLU H 539 14.75 121.95 -3.55
CA GLU H 539 16.04 122.65 -3.49
C GLU H 539 16.00 124.01 -4.19
N LEU H 540 14.88 124.31 -4.83
CA LEU H 540 14.70 125.62 -5.45
C LEU H 540 13.95 126.54 -4.50
N PHE H 541 13.38 125.96 -3.46
CA PHE H 541 12.51 126.69 -2.55
C PHE H 541 13.00 126.64 -1.11
N ASP H 542 14.11 125.94 -0.86
CA ASP H 542 14.56 125.75 0.51
C ASP H 542 14.99 127.06 1.13
N ARG H 543 14.35 127.39 2.25
CA ARG H 543 14.60 128.67 2.89
C ARG H 543 15.91 128.66 3.67
N ASP H 544 16.07 127.65 4.53
CA ASP H 544 17.14 127.65 5.54
C ASP H 544 18.59 127.69 5.03
N ASP H 545 19.51 127.78 5.98
CA ASP H 545 20.94 127.97 5.71
C ASP H 545 21.61 126.66 5.31
N ASN H 546 22.64 126.76 4.47
CA ASN H 546 23.28 125.59 3.90
C ASN H 546 22.24 124.68 3.22
N ALA H 547 21.31 125.31 2.52
CA ALA H 547 20.26 124.58 1.82
C ALA H 547 20.75 124.25 0.43
N VAL H 548 21.70 125.04 -0.06
CA VAL H 548 22.26 124.80 -1.38
C VAL H 548 23.55 124.00 -1.32
N GLN H 549 23.60 122.96 -2.14
CA GLN H 549 24.79 122.12 -2.27
C GLN H 549 25.40 122.31 -3.65
N PHE H 550 26.72 122.16 -3.74
CA PHE H 550 27.45 122.36 -4.98
C PHE H 550 28.07 121.06 -5.42
N ALA H 551 27.77 120.65 -6.66
CA ALA H 551 28.39 119.46 -7.23
C ALA H 551 29.90 119.66 -7.27
N VAL H 552 30.66 118.68 -6.78
CA VAL H 552 32.10 118.84 -6.67
C VAL H 552 32.83 118.83 -8.01
N ASP H 553 34.01 119.45 -8.01
CA ASP H 553 34.93 119.31 -9.10
C ASP H 553 36.02 118.45 -8.55
N TRP H 554 36.21 117.31 -9.15
CA TRP H 554 37.27 116.47 -8.69
C TRP H 554 38.61 117.22 -8.64
N VAL H 555 38.80 118.20 -9.53
CA VAL H 555 40.03 118.98 -9.53
C VAL H 555 40.12 119.72 -8.20
N LYS H 556 39.00 120.29 -7.78
CA LYS H 556 38.91 120.99 -6.50
C LYS H 556 39.04 120.03 -5.34
N GLU H 557 38.00 119.23 -5.17
CA GLU H 557 37.89 118.30 -4.06
C GLU H 557 39.15 117.43 -3.90
N HIS H 558 39.61 116.86 -5.01
CA HIS H 558 40.70 115.89 -5.00
C HIS H 558 41.95 116.38 -5.72
N GLY H 559 42.16 117.69 -5.75
CA GLY H 559 43.30 118.24 -6.46
C GLY H 559 44.60 118.14 -5.70
N PRO H 560 45.72 117.86 -6.40
CA PRO H 560 47.04 117.79 -5.78
C PRO H 560 47.39 119.15 -5.20
N ARG H 561 48.23 119.17 -4.18
CA ARG H 561 48.63 120.42 -3.55
C ARG H 561 50.05 120.30 -3.03
N LEU H 562 50.49 121.32 -2.30
CA LEU H 562 51.79 121.30 -1.64
C LEU H 562 51.60 121.85 -0.26
N VAL H 563 52.45 121.41 0.67
CA VAL H 563 52.42 121.91 2.05
C VAL H 563 53.83 121.77 2.66
N LYS H 564 54.14 122.58 3.65
CA LYS H 564 55.43 122.49 4.32
C LYS H 564 55.27 122.36 5.82
N THR H 565 56.23 121.71 6.47
CA THR H 565 56.18 121.48 7.91
C THR H 565 56.81 122.60 8.70
N SER H 566 56.63 122.54 10.01
CA SER H 566 57.35 123.39 10.95
C SER H 566 58.86 123.19 10.80
N VAL H 567 59.28 122.00 10.40
CA VAL H 567 60.68 121.75 10.11
C VAL H 567 60.90 121.73 8.60
N GLY H 568 59.97 122.38 7.90
CA GLY H 568 60.15 122.75 6.51
C GLY H 568 60.46 121.65 5.52
N GLN H 569 59.71 120.57 5.60
CA GLN H 569 59.72 119.58 4.55
C GLN H 569 58.65 120.04 3.58
N THR H 570 58.60 119.43 2.41
CA THR H 570 57.53 119.74 1.48
C THR H 570 56.89 118.48 0.94
N PHE H 571 55.61 118.32 1.22
CA PHE H 571 54.85 117.17 0.77
C PHE H 571 53.83 117.60 -0.27
N VAL H 572 53.63 116.74 -1.28
CA VAL H 572 52.49 116.89 -2.15
C VAL H 572 51.27 116.54 -1.30
N ASP H 573 50.22 117.36 -1.37
CA ASP H 573 49.09 117.19 -0.45
C ASP H 573 47.95 116.40 -1.09
N THR H 574 47.94 115.08 -0.88
CA THR H 574 46.90 114.19 -1.40
C THR H 574 46.26 113.39 -0.27
N LYS H 575 45.15 112.74 -0.59
CA LYS H 575 44.47 111.88 0.38
C LYS H 575 45.41 110.78 0.82
N MET H 576 46.18 110.28 -0.15
CA MET H 576 47.13 109.21 0.09
C MET H 576 48.26 109.58 1.04
N SER H 577 48.98 110.64 0.69
CA SER H 577 50.14 111.08 1.46
C SER H 577 49.77 111.54 2.86
N ARG H 578 48.59 112.13 2.97
CA ARG H 578 48.11 112.61 4.26
C ARG H 578 47.74 111.43 5.14
N LEU H 579 47.01 110.49 4.56
CA LEU H 579 46.66 109.25 5.23
C LEU H 579 47.91 108.57 5.75
N LEU H 580 48.81 108.26 4.83
CA LEU H 580 50.02 107.52 5.16
C LEU H 580 50.97 108.34 5.99
N GLY H 581 51.14 109.61 5.64
CA GLY H 581 52.09 110.48 6.30
C GLY H 581 53.42 110.51 5.58
N VAL H 582 53.36 110.54 4.27
CA VAL H 582 54.55 110.41 3.44
C VAL H 582 54.20 110.66 1.96
N PRO H 583 55.23 110.76 1.11
CA PRO H 583 54.99 111.08 -0.30
C PRO H 583 54.09 110.09 -1.01
N PRO H 584 53.10 110.62 -1.74
CA PRO H 584 52.16 109.90 -2.60
C PRO H 584 52.83 109.08 -3.71
N VAL H 585 54.15 108.91 -3.64
CA VAL H 585 54.84 107.95 -4.47
C VAL H 585 55.16 106.74 -3.62
N MET H 586 54.75 105.56 -4.08
CA MET H 586 54.86 104.34 -3.29
C MET H 586 55.34 103.11 -4.06
N VAL H 587 56.30 102.39 -3.46
CA VAL H 587 56.81 101.14 -4.03
C VAL H 587 55.88 100.00 -3.62
N ALA H 588 55.22 99.40 -4.60
CA ALA H 588 54.21 98.37 -4.34
C ALA H 588 54.83 97.04 -3.97
N GLY H 589 54.02 96.18 -3.36
CA GLY H 589 54.49 94.86 -2.99
C GLY H 589 54.78 94.06 -4.22
N MET H 590 55.96 93.44 -4.25
CA MET H 590 56.34 92.58 -5.36
C MET H 590 57.11 91.38 -4.85
N THR H 591 56.47 90.21 -4.89
CA THR H 591 57.06 89.01 -4.30
C THR H 591 58.58 88.91 -4.40
N PRO H 592 59.11 88.53 -5.58
CA PRO H 592 60.56 88.30 -5.60
C PRO H 592 61.37 89.45 -4.99
N THR H 593 61.17 90.67 -5.49
CA THR H 593 62.07 91.78 -5.16
C THR H 593 61.71 92.50 -3.86
N THR H 594 60.42 92.51 -3.50
CA THR H 594 59.90 93.30 -2.37
C THR H 594 59.76 92.46 -1.11
N VAL H 595 60.35 91.27 -1.16
CA VAL H 595 60.26 90.37 -0.03
C VAL H 595 61.35 90.61 1.01
N PRO H 596 62.60 90.81 0.56
CA PRO H 596 63.71 90.86 1.50
C PRO H 596 63.54 92.00 2.49
N TRP H 597 63.76 91.76 3.78
CA TRP H 597 63.51 92.75 4.82
C TRP H 597 64.40 93.99 4.69
N ASP H 598 65.49 93.87 3.95
CA ASP H 598 66.41 94.97 3.72
C ASP H 598 65.67 96.00 2.92
N PHE H 599 65.55 95.74 1.61
CA PHE H 599 64.95 96.67 0.66
C PHE H 599 63.68 97.37 1.17
N VAL H 600 62.88 96.68 1.98
CA VAL H 600 61.68 97.29 2.53
C VAL H 600 62.03 98.27 3.62
N ALA H 601 62.90 97.87 4.54
CA ALA H 601 63.38 98.76 5.60
C ALA H 601 64.13 99.97 5.04
N ALA H 602 64.96 99.73 4.02
CA ALA H 602 65.65 100.80 3.33
C ALA H 602 64.70 101.80 2.68
N THR H 603 63.72 101.31 1.93
CA THR H 603 62.73 102.16 1.28
C THR H 603 61.86 102.90 2.28
N MET H 604 61.81 102.42 3.51
CA MET H 604 61.03 103.05 4.54
C MET H 604 61.88 104.10 5.24
N ASN H 605 63.16 103.81 5.42
CA ASN H 605 64.09 104.77 5.99
C ASN H 605 64.23 105.95 5.02
N ALA H 606 63.96 105.69 3.76
CA ALA H 606 63.94 106.74 2.73
C ALA H 606 62.64 107.54 2.82
N GLY H 607 61.82 107.25 3.83
CA GLY H 607 60.58 107.96 4.04
C GLY H 607 59.56 107.73 2.94
N TYR H 608 59.37 106.48 2.55
CA TYR H 608 58.41 106.17 1.50
C TYR H 608 57.58 104.95 1.83
N HIS H 609 56.38 104.89 1.25
CA HIS H 609 55.47 103.77 1.47
C HIS H 609 55.80 102.55 0.61
N ILE H 610 56.23 101.48 1.27
CA ILE H 610 56.48 100.24 0.56
C ILE H 610 55.67 99.13 1.22
N GLU H 611 55.40 98.05 0.48
CA GLU H 611 54.62 96.90 0.97
C GLU H 611 55.47 95.63 1.10
N LEU H 612 55.59 95.10 2.31
CA LEU H 612 56.35 93.86 2.52
C LEU H 612 55.67 92.70 1.81
N ALA H 613 56.35 92.16 0.81
CA ALA H 613 55.80 91.05 0.02
C ALA H 613 55.68 89.76 0.80
N GLY H 614 54.44 89.35 1.10
CA GLY H 614 54.21 88.17 1.91
C GLY H 614 54.36 86.92 1.09
N GLY H 615 54.36 87.09 -0.23
CA GLY H 615 54.35 85.99 -1.16
C GLY H 615 55.62 85.16 -1.23
N GLY H 616 56.65 85.61 -0.51
CA GLY H 616 57.89 84.86 -0.45
C GLY H 616 58.11 84.39 0.97
N TYR H 617 57.01 84.29 1.70
CA TYR H 617 57.07 83.84 3.07
C TYR H 617 56.28 82.55 3.30
N TYR H 618 57.03 81.46 3.45
CA TYR H 618 56.47 80.14 3.57
C TYR H 618 56.32 79.75 5.04
N ASN H 619 57.44 79.64 5.73
CA ASN H 619 57.41 79.41 7.16
C ASN H 619 56.80 80.61 7.88
N ALA H 620 55.83 80.36 8.74
CA ALA H 620 55.21 81.40 9.55
C ALA H 620 56.23 82.11 10.46
N GLN H 621 57.33 81.42 10.72
CA GLN H 621 58.40 81.95 11.57
C GLN H 621 59.32 82.91 10.81
N LYS H 622 59.85 82.47 9.67
CA LYS H 622 60.71 83.32 8.85
C LYS H 622 60.04 84.64 8.48
N MET H 623 58.71 84.67 8.55
CA MET H 623 57.99 85.90 8.27
C MET H 623 57.88 86.78 9.50
N SER H 624 57.40 86.22 10.60
CA SER H 624 57.33 86.96 11.86
C SER H 624 58.74 87.33 12.33
N ASP H 625 59.74 86.74 11.70
CA ASP H 625 61.15 87.06 12.00
C ASP H 625 61.57 88.32 11.27
N ALA H 626 61.46 88.29 9.94
CA ALA H 626 61.90 89.41 9.13
C ALA H 626 61.02 90.63 9.38
N ILE H 627 59.80 90.39 9.84
CA ILE H 627 58.93 91.48 10.25
C ILE H 627 59.55 92.19 11.44
N SER H 628 60.10 91.44 12.40
CA SER H 628 60.69 92.02 13.59
C SER H 628 61.98 92.76 13.30
N LYS H 629 62.73 92.28 12.32
CA LYS H 629 63.93 93.00 11.86
C LYS H 629 63.58 94.38 11.32
N ILE H 630 62.49 94.45 10.58
CA ILE H 630 62.03 95.68 9.95
C ILE H 630 61.52 96.68 10.98
N GLU H 631 60.85 96.20 12.02
CA GLU H 631 60.31 97.09 13.04
C GLU H 631 61.40 97.85 13.77
N LYS H 632 62.56 97.20 13.92
CA LYS H 632 63.65 97.72 14.75
C LYS H 632 64.70 98.55 14.00
N ALA H 633 64.84 98.34 12.70
CA ALA H 633 65.72 99.17 11.89
C ALA H 633 64.94 100.26 11.14
N ILE H 634 63.85 100.70 11.75
CA ILE H 634 62.91 101.61 11.08
C ILE H 634 62.73 102.92 11.84
N PRO H 635 62.38 103.99 11.11
CA PRO H 635 61.97 105.28 11.66
C PRO H 635 60.83 105.12 12.67
N PRO H 636 61.14 105.15 13.97
CA PRO H 636 60.13 104.91 14.99
C PRO H 636 58.82 105.65 14.74
N GLY H 637 57.73 104.90 14.77
CA GLY H 637 56.39 105.44 14.55
C GLY H 637 55.92 105.15 13.14
N ARG H 638 56.87 104.76 12.31
CA ARG H 638 56.57 104.41 10.94
C ARG H 638 55.73 103.15 10.97
N GLY H 639 54.82 103.01 9.99
CA GLY H 639 53.93 101.86 9.92
C GLY H 639 54.24 100.85 8.83
N ILE H 640 54.04 99.56 9.12
CA ILE H 640 54.33 98.51 8.15
C ILE H 640 53.08 97.97 7.47
N THR H 641 53.23 97.67 6.18
CA THR H 641 52.16 97.14 5.35
C THR H 641 52.59 95.81 4.75
N VAL H 642 51.76 94.78 4.87
CA VAL H 642 52.08 93.49 4.30
C VAL H 642 51.14 93.18 3.14
N ASN H 643 51.72 92.64 2.07
CA ASN H 643 50.95 92.26 0.89
C ASN H 643 50.76 90.77 0.83
N LEU H 644 49.50 90.36 0.90
CA LEU H 644 49.15 88.95 0.93
C LEU H 644 48.40 88.56 -0.32
N ILE H 645 48.79 87.41 -0.86
CA ILE H 645 48.16 86.82 -2.05
C ILE H 645 46.85 86.07 -1.74
N TYR H 646 45.80 86.37 -2.51
CA TYR H 646 44.49 85.78 -2.25
C TYR H 646 44.35 84.37 -2.83
N VAL H 647 44.81 84.17 -4.05
CA VAL H 647 44.80 82.85 -4.68
C VAL H 647 45.87 81.92 -4.07
N ASN H 648 46.11 82.10 -2.77
CA ASN H 648 46.92 81.19 -1.99
C ASN H 648 46.38 81.21 -0.58
N PRO H 649 45.14 80.71 -0.42
CA PRO H 649 44.43 80.78 0.86
C PRO H 649 45.12 79.86 1.85
N ARG H 650 45.85 78.90 1.32
CA ARG H 650 46.66 78.02 2.15
C ARG H 650 47.62 78.86 2.97
N ALA H 651 48.32 79.75 2.27
CA ALA H 651 49.31 80.62 2.89
C ALA H 651 48.69 81.61 3.86
N MET H 652 47.75 82.43 3.39
CA MET H 652 47.12 83.41 4.27
C MET H 652 46.25 82.75 5.33
N GLY H 653 46.25 81.42 5.35
CA GLY H 653 45.58 80.66 6.40
C GLY H 653 46.22 80.96 7.73
N TRP H 654 47.54 81.15 7.73
CA TRP H 654 48.27 81.52 8.93
C TRP H 654 48.69 82.97 8.93
N GLN H 655 49.01 83.49 7.75
CA GLN H 655 49.50 84.87 7.59
C GLN H 655 48.57 85.89 8.26
N ILE H 656 47.30 85.87 7.91
CA ILE H 656 46.36 86.87 8.41
C ILE H 656 46.19 86.86 9.93
N PRO H 657 46.02 85.68 10.54
CA PRO H 657 45.98 85.61 12.00
C PRO H 657 47.35 85.89 12.61
N LEU H 658 48.40 85.69 11.82
CA LEU H 658 49.76 86.00 12.28
C LEU H 658 49.93 87.50 12.45
N LEU H 659 49.65 88.25 11.39
CA LEU H 659 49.75 89.69 11.45
C LEU H 659 48.97 90.18 12.65
N GLY H 660 47.67 89.91 12.66
CA GLY H 660 46.80 90.36 13.74
C GLY H 660 47.37 90.13 15.13
N ARG H 661 48.03 88.99 15.32
CA ARG H 661 48.58 88.63 16.62
C ARG H 661 49.80 89.46 16.93
N LEU H 662 50.55 89.79 15.89
CA LEU H 662 51.73 90.64 16.01
C LEU H 662 51.36 92.06 16.41
N ARG H 663 50.39 92.64 15.70
CA ARG H 663 49.90 93.98 16.01
C ARG H 663 49.54 94.12 17.49
N ALA H 664 48.83 93.14 18.00
CA ALA H 664 48.39 93.15 19.39
C ALA H 664 49.55 93.17 20.39
N ASP H 665 50.69 92.59 20.03
CA ASP H 665 51.84 92.52 20.94
C ASP H 665 52.69 93.81 20.91
N GLY H 666 52.32 94.74 20.04
CA GLY H 666 53.05 95.99 19.92
C GLY H 666 53.59 96.28 18.54
N VAL H 667 53.91 95.23 17.80
CA VAL H 667 54.50 95.37 16.47
C VAL H 667 53.75 96.34 15.55
N PRO H 668 54.53 97.14 14.82
CA PRO H 668 54.12 98.28 13.99
C PRO H 668 53.47 97.89 12.68
N ILE H 669 52.43 97.08 12.71
CA ILE H 669 51.71 96.80 11.47
C ILE H 669 50.40 97.55 11.47
N GLU H 670 50.26 98.52 10.57
CA GLU H 670 49.00 99.24 10.47
C GLU H 670 48.46 99.16 9.05
N GLY H 671 49.13 98.36 8.23
CA GLY H 671 48.78 98.26 6.83
C GLY H 671 48.64 96.84 6.32
N LEU H 672 47.58 96.60 5.56
CA LEU H 672 47.31 95.29 5.00
C LEU H 672 46.95 95.46 3.53
N THR H 673 47.48 94.57 2.70
CA THR H 673 47.18 94.58 1.26
C THR H 673 46.94 93.18 0.68
N ILE H 674 45.87 93.05 -0.09
CA ILE H 674 45.44 91.76 -0.60
C ILE H 674 45.47 91.76 -2.12
N GLY H 675 46.28 90.87 -2.68
CA GLY H 675 46.54 90.88 -4.10
C GLY H 675 45.97 89.76 -4.95
N ALA H 676 45.74 90.09 -6.22
CA ALA H 676 45.16 89.17 -7.20
C ALA H 676 43.91 88.50 -6.64
N GLY H 677 43.00 89.32 -6.12
CA GLY H 677 41.75 88.83 -5.58
C GLY H 677 41.11 89.83 -4.64
N VAL H 678 39.81 90.05 -4.84
CA VAL H 678 39.05 90.92 -3.94
C VAL H 678 38.13 90.09 -3.06
N PRO H 679 38.38 90.09 -1.73
CA PRO H 679 37.57 89.32 -0.79
C PRO H 679 36.09 89.65 -0.90
N SER H 680 35.22 88.82 -0.33
CA SER H 680 33.81 89.16 -0.33
C SER H 680 33.59 90.12 0.82
N ILE H 681 32.47 90.81 0.78
CA ILE H 681 32.20 91.87 1.75
C ILE H 681 32.53 91.49 3.20
N GLU H 682 32.07 90.33 3.65
CA GLU H 682 32.31 89.92 5.03
C GLU H 682 33.71 89.34 5.20
N VAL H 683 34.28 88.85 4.10
CA VAL H 683 35.65 88.39 4.12
C VAL H 683 36.52 89.57 4.49
N ALA H 684 36.19 90.72 3.91
CA ALA H 684 36.90 91.96 4.16
C ALA H 684 36.61 92.47 5.56
N ASN H 685 35.33 92.74 5.82
CA ASN H 685 34.87 93.17 7.14
C ASN H 685 35.66 92.55 8.29
N GLU H 686 35.88 91.25 8.20
CA GLU H 686 36.63 90.52 9.21
C GLU H 686 38.05 91.06 9.37
N TYR H 687 38.84 90.99 8.31
CA TYR H 687 40.20 91.53 8.33
C TYR H 687 40.23 92.90 9.02
N ILE H 688 39.28 93.74 8.66
CA ILE H 688 39.20 95.12 9.13
C ILE H 688 39.07 95.26 10.64
N GLN H 689 38.24 94.42 11.25
CA GLN H 689 37.96 94.57 12.67
C GLN H 689 38.60 93.49 13.52
N THR H 690 39.34 92.59 12.87
CA THR H 690 40.06 91.52 13.56
C THR H 690 41.45 92.00 13.92
N LEU H 691 42.28 92.13 12.88
CA LEU H 691 43.65 92.61 13.04
C LEU H 691 43.64 94.15 13.14
N GLY H 692 44.46 94.70 14.04
CA GLY H 692 44.40 96.12 14.34
C GLY H 692 45.00 97.07 13.32
N ILE H 693 44.80 96.78 12.03
CA ILE H 693 45.35 97.64 10.97
C ILE H 693 44.60 98.95 10.91
N ARG H 694 45.32 100.01 10.54
CA ARG H 694 44.70 101.33 10.45
C ARG H 694 44.31 101.64 9.01
N HIS H 695 44.81 100.87 8.06
CA HIS H 695 44.31 100.98 6.69
C HIS H 695 44.37 99.65 5.93
N ILE H 696 43.45 99.48 4.99
CA ILE H 696 43.39 98.27 4.17
C ILE H 696 43.58 98.62 2.70
N SER H 697 43.93 97.64 1.88
CA SER H 697 44.26 97.90 0.49
C SER H 697 43.91 96.74 -0.45
N PHE H 698 43.18 97.04 -1.52
CA PHE H 698 42.78 96.03 -2.51
C PHE H 698 43.36 96.37 -3.90
N LYS H 699 43.45 95.36 -4.77
CA LYS H 699 44.06 95.58 -6.07
C LYS H 699 43.18 95.15 -7.25
N PRO H 700 41.96 95.71 -7.36
CA PRO H 700 41.03 95.33 -8.43
C PRO H 700 41.67 95.39 -9.79
N GLY H 701 41.20 94.57 -10.73
CA GLY H 701 41.74 94.54 -12.07
C GLY H 701 40.64 94.50 -13.10
N SER H 702 39.45 94.19 -12.65
CA SER H 702 38.30 94.13 -13.53
C SER H 702 37.37 95.31 -13.30
N VAL H 703 36.67 95.69 -14.36
CA VAL H 703 35.66 96.74 -14.28
C VAL H 703 34.73 96.42 -13.13
N ASP H 704 34.40 95.14 -13.01
CA ASP H 704 33.51 94.62 -11.99
C ASP H 704 34.23 94.55 -10.63
N ALA H 705 35.50 94.17 -10.68
CA ALA H 705 36.34 94.08 -9.49
C ALA H 705 36.24 95.37 -8.70
N ILE H 706 36.31 96.50 -9.40
CA ILE H 706 36.26 97.82 -8.79
C ILE H 706 34.98 98.03 -7.98
N GLN H 707 33.85 97.69 -8.59
CA GLN H 707 32.56 97.82 -7.92
C GLN H 707 32.55 97.09 -6.57
N GLN H 708 33.20 95.93 -6.54
CA GLN H 708 33.34 95.18 -5.30
C GLN H 708 33.91 96.10 -4.23
N VAL H 709 35.09 96.63 -4.51
CA VAL H 709 35.82 97.46 -3.57
C VAL H 709 34.98 98.60 -3.05
N ILE H 710 34.28 99.28 -3.96
CA ILE H 710 33.40 100.38 -3.59
C ILE H 710 32.43 99.94 -2.52
N ASN H 711 31.91 98.75 -2.71
CA ASN H 711 30.96 98.19 -1.76
C ASN H 711 31.63 97.80 -0.44
N ILE H 712 32.88 97.35 -0.52
CA ILE H 712 33.64 97.08 0.68
C ILE H 712 33.79 98.39 1.41
N ALA H 713 33.95 99.44 0.63
CA ALA H 713 34.13 100.79 1.17
C ALA H 713 32.83 101.30 1.77
N LYS H 714 31.73 101.12 1.03
CA LYS H 714 30.43 101.55 1.51
C LYS H 714 30.06 100.81 2.80
N ALA H 715 30.58 99.58 2.93
CA ALA H 715 30.35 98.76 4.11
C ALA H 715 31.10 99.29 5.30
N ASN H 716 32.24 99.93 5.06
CA ASN H 716 32.98 100.58 6.14
C ASN H 716 33.14 102.07 5.85
N PRO H 717 32.10 102.85 6.16
CA PRO H 717 32.09 104.27 5.82
C PRO H 717 33.03 105.09 6.69
N THR H 718 33.81 104.41 7.52
CA THR H 718 34.71 105.10 8.42
C THR H 718 36.11 104.51 8.40
N PHE H 719 36.49 103.90 7.28
CA PHE H 719 37.79 103.25 7.24
C PHE H 719 38.59 103.54 5.98
N PRO H 720 39.90 103.73 6.15
CA PRO H 720 40.92 103.89 5.11
C PRO H 720 41.00 102.69 4.15
N ILE H 721 40.65 102.90 2.88
CA ILE H 721 40.70 101.82 1.89
C ILE H 721 41.43 102.23 0.62
N ILE H 722 42.69 101.82 0.52
CA ILE H 722 43.50 102.18 -0.63
C ILE H 722 43.11 101.30 -1.80
N LEU H 723 42.83 101.91 -2.95
CA LEU H 723 42.33 101.20 -4.11
C LEU H 723 43.35 101.08 -5.24
N GLN H 724 44.53 100.55 -4.94
CA GLN H 724 45.60 100.44 -5.92
C GLN H 724 45.13 99.87 -7.25
N TRP H 725 44.88 100.74 -8.22
CA TRP H 725 44.33 100.33 -9.53
C TRP H 725 45.40 99.99 -10.57
N THR H 726 45.52 98.72 -10.90
CA THR H 726 46.51 98.28 -11.86
C THR H 726 45.85 98.04 -13.21
N GLY H 727 46.67 97.88 -14.24
CA GLY H 727 46.16 97.62 -15.58
C GLY H 727 46.69 96.35 -16.19
N GLY H 728 46.48 96.21 -17.50
CA GLY H 728 46.86 95.01 -18.22
C GLY H 728 48.34 94.97 -18.54
N ARG H 729 49.10 95.87 -17.93
CA ARG H 729 50.52 95.96 -18.24
C ARG H 729 51.44 95.97 -17.01
N GLY H 730 51.01 95.30 -15.95
CA GLY H 730 51.80 95.20 -14.74
C GLY H 730 52.76 94.03 -14.81
N GLY H 731 53.62 93.90 -13.79
CA GLY H 731 54.55 92.79 -13.71
C GLY H 731 53.88 91.56 -13.11
N GLY H 732 54.07 90.41 -13.73
CA GLY H 732 53.43 89.17 -13.28
C GLY H 732 51.96 89.07 -13.66
N HIS H 733 51.10 89.02 -12.64
CA HIS H 733 49.65 88.98 -12.86
C HIS H 733 49.23 90.17 -13.69
N HIS H 734 48.21 90.00 -14.53
CA HIS H 734 47.66 91.14 -15.27
C HIS H 734 46.32 90.88 -15.94
N SER H 735 45.32 91.66 -15.54
CA SER H 735 44.01 91.61 -16.18
C SER H 735 44.19 91.80 -17.68
N PHE H 736 43.11 91.69 -18.42
CA PHE H 736 43.17 91.94 -19.84
C PHE H 736 42.57 93.31 -20.08
N GLU H 737 42.84 94.22 -19.15
CA GLU H 737 42.19 95.53 -19.12
C GLU H 737 43.13 96.70 -19.40
N ASP H 738 42.73 97.56 -20.33
CA ASP H 738 43.40 98.85 -20.51
C ASP H 738 43.07 99.68 -19.29
N PHE H 739 44.07 100.24 -18.63
CA PHE H 739 43.83 100.81 -17.31
C PHE H 739 43.22 102.21 -17.32
N HIS H 740 42.76 102.63 -18.50
CA HIS H 740 42.06 103.90 -18.62
C HIS H 740 40.55 103.74 -18.52
N GLN H 741 39.97 103.06 -19.51
CA GLN H 741 38.51 102.91 -19.65
C GLN H 741 37.75 102.51 -18.37
N PRO H 742 38.31 101.57 -17.60
CA PRO H 742 37.69 101.17 -16.33
C PRO H 742 37.55 102.34 -15.38
N ILE H 743 38.63 103.07 -15.16
CA ILE H 743 38.61 104.22 -14.29
C ILE H 743 37.71 105.30 -14.87
N LEU H 744 37.84 105.55 -16.17
CA LEU H 744 36.99 106.51 -16.85
C LEU H 744 35.51 106.21 -16.64
N LEU H 745 35.19 104.93 -16.53
CA LEU H 745 33.79 104.53 -16.39
C LEU H 745 33.39 104.36 -14.94
N MET H 746 34.37 104.41 -14.05
CA MET H 746 34.12 104.16 -12.64
C MET H 746 34.43 105.35 -11.77
N TYR H 747 35.43 106.13 -12.16
CA TYR H 747 35.96 107.21 -11.35
C TYR H 747 34.87 107.90 -10.56
N SER H 748 33.81 108.29 -11.27
CA SER H 748 32.69 108.96 -10.63
C SER H 748 32.22 108.19 -9.38
N ARG H 749 31.77 106.95 -9.59
CA ARG H 749 31.32 106.10 -8.49
C ARG H 749 32.40 105.93 -7.42
N ILE H 750 33.62 105.65 -7.85
CA ILE H 750 34.73 105.48 -6.92
C ILE H 750 34.75 106.65 -5.95
N ARG H 751 34.99 107.83 -6.50
CA ARG H 751 35.18 109.04 -5.71
C ARG H 751 34.03 109.31 -4.76
N LYS H 752 32.83 108.96 -5.18
CA LYS H 752 31.64 109.31 -4.42
C LYS H 752 31.57 108.60 -3.05
N CYS H 753 32.51 107.68 -2.85
CA CYS H 753 32.76 107.13 -1.53
C CYS H 753 34.05 107.77 -0.99
N SER H 754 33.97 108.40 0.17
CA SER H 754 35.10 109.19 0.66
C SER H 754 36.24 108.35 1.24
N ASN H 755 35.95 107.11 1.62
CA ASN H 755 36.96 106.24 2.24
C ASN H 755 38.02 105.76 1.26
N ILE H 756 37.80 106.02 -0.02
CA ILE H 756 38.65 105.47 -1.05
C ILE H 756 39.86 106.33 -1.35
N VAL H 757 41.03 105.70 -1.37
CA VAL H 757 42.23 106.34 -1.87
C VAL H 757 42.56 105.74 -3.22
N LEU H 758 42.30 106.49 -4.28
CA LEU H 758 42.49 105.97 -5.62
C LEU H 758 43.92 106.14 -6.06
N VAL H 759 44.67 105.05 -6.04
CA VAL H 759 46.08 105.10 -6.36
C VAL H 759 46.37 104.50 -7.73
N ALA H 760 46.82 105.31 -8.68
CA ALA H 760 47.13 104.79 -10.01
C ALA H 760 48.43 103.99 -9.97
N GLY H 761 48.55 103.03 -10.88
CA GLY H 761 49.69 102.14 -10.92
C GLY H 761 49.69 101.36 -12.21
N SER H 762 50.89 100.94 -12.63
CA SER H 762 51.11 100.26 -13.90
C SER H 762 51.79 101.18 -14.90
N GLY H 763 52.86 100.67 -15.51
CA GLY H 763 53.54 101.37 -16.60
C GLY H 763 54.19 102.71 -16.30
N PHE H 764 54.46 102.98 -15.02
CA PHE H 764 55.13 104.21 -14.63
C PHE H 764 56.61 103.97 -14.30
N GLY H 765 57.41 105.00 -14.46
CA GLY H 765 58.83 104.92 -14.14
C GLY H 765 59.42 106.28 -13.90
N GLY H 766 58.54 107.28 -13.76
CA GLY H 766 58.94 108.65 -13.50
C GLY H 766 57.76 109.55 -13.18
N SER H 767 58.06 110.78 -12.76
CA SER H 767 57.04 111.74 -12.37
C SER H 767 56.44 112.47 -13.56
N GLU H 768 57.14 112.42 -14.69
CA GLU H 768 56.71 113.10 -15.92
C GLU H 768 55.49 112.43 -16.56
N ASP H 769 55.44 111.11 -16.47
CA ASP H 769 54.29 110.34 -16.91
C ASP H 769 53.30 110.19 -15.75
N THR H 770 53.82 110.19 -14.53
CA THR H 770 52.99 110.10 -13.34
C THR H 770 52.11 111.33 -13.21
N TYR H 771 52.75 112.49 -13.34
CA TYR H 771 52.08 113.78 -13.16
C TYR H 771 50.68 113.83 -13.75
N PRO H 772 50.53 113.52 -15.05
CA PRO H 772 49.23 113.58 -15.72
C PRO H 772 48.09 112.98 -14.92
N TYR H 773 48.24 111.73 -14.48
CA TYR H 773 47.19 111.05 -13.74
C TYR H 773 47.08 111.64 -12.35
N LEU H 774 48.21 112.12 -11.84
CA LEU H 774 48.28 112.76 -10.55
C LEU H 774 47.45 114.05 -10.55
N THR H 775 47.33 114.67 -11.72
CA THR H 775 46.55 115.88 -11.88
C THR H 775 45.11 115.56 -12.20
N GLY H 776 44.92 114.72 -13.21
CA GLY H 776 43.60 114.42 -13.73
C GLY H 776 43.55 114.90 -15.17
N SER H 777 44.73 115.10 -15.73
CA SER H 777 44.87 115.63 -17.07
C SER H 777 44.74 114.55 -18.15
N TRP H 778 45.16 113.34 -17.81
CA TRP H 778 45.05 112.20 -18.71
C TRP H 778 43.62 112.06 -19.22
N SER H 779 42.68 112.19 -18.31
CA SER H 779 41.26 111.93 -18.54
C SER H 779 40.63 112.95 -19.47
N THR H 780 41.25 114.10 -19.56
CA THR H 780 40.78 115.15 -20.43
C THR H 780 41.01 114.76 -21.88
N LYS H 781 42.10 114.03 -22.14
CA LYS H 781 42.40 113.55 -23.47
C LYS H 781 41.33 112.62 -24.04
N PHE H 782 40.38 112.23 -23.20
CA PHE H 782 39.34 111.29 -23.62
C PHE H 782 37.95 111.90 -23.61
N GLY H 783 37.87 113.22 -23.60
CA GLY H 783 36.60 113.92 -23.58
C GLY H 783 35.94 113.83 -22.22
N TYR H 784 36.76 113.79 -21.18
CA TYR H 784 36.27 113.74 -19.81
C TYR H 784 36.87 114.88 -19.00
N PRO H 785 36.17 115.31 -17.95
CA PRO H 785 36.74 116.23 -16.96
C PRO H 785 38.09 115.74 -16.40
N PRO H 786 38.73 116.54 -15.57
CA PRO H 786 39.93 116.06 -14.89
C PRO H 786 39.59 115.05 -13.78
N MET H 787 40.32 113.95 -13.75
CA MET H 787 40.11 112.89 -12.76
C MET H 787 41.38 112.57 -11.98
N PRO H 788 41.66 113.40 -10.95
CA PRO H 788 42.87 113.34 -10.15
C PRO H 788 43.05 112.03 -9.40
N PHE H 789 44.23 111.43 -9.52
CA PHE H 789 44.59 110.29 -8.69
C PHE H 789 45.32 110.74 -7.42
N ASP H 790 44.89 110.20 -6.27
CA ASP H 790 45.49 110.55 -4.98
C ASP H 790 46.93 110.10 -4.78
N GLY H 791 47.52 109.48 -5.81
CA GLY H 791 48.88 109.00 -5.71
C GLY H 791 49.25 108.09 -6.85
N CYS H 792 50.52 107.70 -6.88
CA CYS H 792 50.98 106.77 -7.90
C CYS H 792 51.82 105.64 -7.29
N MET H 793 51.77 104.49 -7.94
CA MET H 793 52.38 103.29 -7.41
C MET H 793 53.45 102.74 -8.37
N PHE H 794 54.59 102.33 -7.82
CA PHE H 794 55.72 101.88 -8.63
C PHE H 794 56.16 100.45 -8.31
N GLY H 795 56.18 99.60 -9.33
CA GLY H 795 56.57 98.22 -9.16
C GLY H 795 57.74 97.81 -10.02
N SER H 796 57.47 97.52 -11.29
CA SER H 796 58.49 97.06 -12.20
C SER H 796 59.68 98.01 -12.20
N ARG H 797 59.39 99.30 -12.02
CA ARG H 797 60.39 100.36 -12.04
C ARG H 797 61.53 100.13 -11.04
N MET H 798 61.17 99.98 -9.77
CA MET H 798 62.11 99.98 -8.67
C MET H 798 63.01 98.76 -8.63
N MET H 799 62.81 97.82 -9.54
CA MET H 799 63.51 96.54 -9.47
C MET H 799 65.03 96.68 -9.55
N THR H 800 65.47 97.80 -10.11
CA THR H 800 66.88 98.06 -10.36
C THR H 800 67.54 98.90 -9.29
N ALA H 801 66.79 99.19 -8.23
CA ALA H 801 67.34 99.90 -7.09
C ALA H 801 68.50 99.10 -6.54
N LYS H 802 69.60 99.77 -6.23
CA LYS H 802 70.81 99.07 -5.82
C LYS H 802 70.59 98.36 -4.51
N GLU H 803 69.56 98.79 -3.80
CA GLU H 803 69.26 98.25 -2.49
C GLU H 803 68.23 97.11 -2.60
N ALA H 804 67.76 96.87 -3.82
CA ALA H 804 66.96 95.69 -4.16
C ALA H 804 67.89 94.52 -4.41
N HIS H 805 67.37 93.31 -4.37
CA HIS H 805 68.25 92.15 -4.37
C HIS H 805 68.46 91.56 -5.74
N THR H 806 67.77 92.13 -6.73
CA THR H 806 67.92 91.71 -8.12
C THR H 806 69.38 91.53 -8.48
N SER H 807 69.75 90.36 -9.00
CA SER H 807 71.15 90.11 -9.36
C SER H 807 71.62 91.12 -10.37
N LYS H 808 72.93 91.35 -10.42
CA LYS H 808 73.49 92.38 -11.28
C LYS H 808 72.94 92.27 -12.70
N GLN H 809 73.36 91.23 -13.41
CA GLN H 809 72.99 91.04 -14.80
C GLN H 809 71.47 91.03 -14.99
N ALA H 810 70.77 90.71 -13.90
CA ALA H 810 69.32 90.72 -13.90
C ALA H 810 68.79 92.12 -14.15
N LYS H 811 69.00 92.99 -13.15
CA LYS H 811 68.60 94.39 -13.25
C LYS H 811 69.25 95.04 -14.45
N GLN H 812 70.36 94.46 -14.90
CA GLN H 812 70.97 94.86 -16.15
C GLN H 812 70.01 94.60 -17.29
N ALA H 813 69.80 93.32 -17.58
CA ALA H 813 68.92 92.91 -18.66
C ALA H 813 67.55 93.57 -18.57
N ILE H 814 67.16 93.98 -17.37
CA ILE H 814 65.89 94.66 -17.17
C ILE H 814 65.87 96.02 -17.86
N VAL H 815 66.86 96.84 -17.55
CA VAL H 815 67.01 98.15 -18.17
C VAL H 815 66.91 98.02 -19.68
N ASP H 816 67.68 97.05 -20.17
CA ASP H 816 67.86 96.76 -21.59
C ASP H 816 66.56 96.43 -22.31
N ALA H 817 65.48 96.27 -21.57
CA ALA H 817 64.20 96.06 -22.21
C ALA H 817 63.77 97.35 -22.84
N PRO H 818 63.65 97.34 -24.17
CA PRO H 818 62.97 98.47 -24.81
C PRO H 818 61.52 98.41 -24.40
N GLY H 819 61.03 99.44 -23.72
CA GLY H 819 59.64 99.46 -23.34
C GLY H 819 58.76 99.57 -24.57
N VAL H 820 57.46 99.52 -24.37
CA VAL H 820 56.51 99.87 -25.42
C VAL H 820 55.44 100.76 -24.83
N ASP H 821 54.75 101.51 -25.69
CA ASP H 821 53.73 102.45 -25.22
C ASP H 821 52.46 101.71 -24.85
N ASP H 822 51.58 102.39 -24.13
CA ASP H 822 50.26 101.86 -23.80
C ASP H 822 49.55 101.33 -25.04
N ASP H 823 50.04 101.72 -26.22
CA ASP H 823 49.56 101.20 -27.49
C ASP H 823 49.63 99.68 -27.54
N GLN H 824 50.84 99.18 -27.70
CA GLN H 824 51.04 97.78 -28.04
C GLN H 824 51.51 96.93 -26.86
N TRP H 825 50.87 97.07 -25.72
CA TRP H 825 51.17 96.18 -24.63
C TRP H 825 50.38 94.90 -24.84
N GLU H 826 49.23 95.03 -25.49
CA GLU H 826 48.39 93.89 -25.88
C GLU H 826 49.20 92.84 -26.65
N ASN H 827 50.35 93.28 -27.16
CA ASN H 827 51.21 92.42 -27.98
C ASN H 827 52.00 91.41 -27.17
N THR H 828 52.10 91.63 -25.87
CA THR H 828 52.80 90.68 -25.01
C THR H 828 52.20 89.30 -25.23
N TYR H 829 50.88 89.27 -25.29
CA TYR H 829 50.12 88.04 -25.34
C TYR H 829 50.56 87.13 -26.48
N LYS H 830 51.16 87.70 -27.50
CA LYS H 830 51.50 86.94 -28.70
C LYS H 830 53.00 86.92 -29.05
N ARG H 831 53.67 88.06 -28.88
CA ARG H 831 55.06 88.18 -29.29
C ARG H 831 55.92 88.65 -28.14
N PRO H 832 57.25 88.48 -28.29
CA PRO H 832 58.20 89.10 -27.38
C PRO H 832 58.21 90.60 -27.67
N THR H 833 57.22 91.30 -27.12
CA THR H 833 57.04 92.72 -27.41
C THR H 833 57.80 93.58 -26.40
N GLY H 834 58.77 94.34 -26.89
CA GLY H 834 59.69 95.02 -26.01
C GLY H 834 60.69 94.01 -25.50
N GLY H 835 60.81 93.94 -24.18
CA GLY H 835 61.66 92.93 -23.57
C GLY H 835 60.82 91.95 -22.79
N VAL H 836 59.54 92.25 -22.65
CA VAL H 836 58.64 91.38 -21.89
C VAL H 836 57.79 90.55 -22.81
N ILE H 837 57.31 89.43 -22.27
CA ILE H 837 56.42 88.55 -22.98
C ILE H 837 55.46 88.06 -21.89
N THR H 838 54.29 87.56 -22.29
CA THR H 838 53.35 86.94 -21.33
C THR H 838 53.40 85.42 -21.38
N VAL H 839 53.37 84.81 -20.21
CA VAL H 839 53.55 83.39 -20.09
C VAL H 839 52.72 82.92 -18.91
N LEU H 840 52.34 81.64 -18.88
CA LEU H 840 51.42 81.15 -17.86
C LEU H 840 52.10 80.46 -16.69
N SER H 841 51.56 80.73 -15.51
CA SER H 841 52.04 80.15 -14.26
C SER H 841 51.82 78.64 -14.27
N GLU H 842 52.21 77.98 -13.19
CA GLU H 842 51.84 76.59 -13.01
C GLU H 842 50.36 76.55 -12.63
N MET H 843 49.92 77.59 -11.94
CA MET H 843 48.52 77.76 -11.60
C MET H 843 47.73 78.10 -12.85
N GLY H 844 48.45 78.40 -13.92
CA GLY H 844 47.85 78.75 -15.19
C GLY H 844 47.70 80.25 -15.39
N GLU H 845 47.76 81.00 -14.29
CA GLU H 845 47.61 82.46 -14.32
C GLU H 845 48.65 83.11 -15.23
N PRO H 846 48.25 84.21 -15.90
CA PRO H 846 49.10 84.95 -16.84
C PRO H 846 50.17 85.79 -16.13
N ILE H 847 51.38 85.81 -16.67
CA ILE H 847 52.47 86.57 -16.07
C ILE H 847 53.24 87.33 -17.15
N HIS H 848 53.76 88.51 -16.80
CA HIS H 848 54.65 89.27 -17.68
C HIS H 848 56.09 89.09 -17.23
N LYS H 849 56.94 88.60 -18.13
CA LYS H 849 58.34 88.32 -17.78
C LYS H 849 59.28 88.85 -18.82
N LEU H 850 60.54 89.00 -18.44
CA LEU H 850 61.58 89.32 -19.39
C LEU H 850 61.78 88.12 -20.25
N ALA H 851 61.51 88.28 -21.54
CA ALA H 851 61.57 87.21 -22.53
C ALA H 851 62.99 86.65 -22.79
N THR H 852 63.62 86.14 -21.74
CA THR H 852 64.91 85.48 -21.82
C THR H 852 64.77 84.18 -22.60
N ARG H 853 65.89 83.58 -22.98
CA ARG H 853 65.88 82.30 -23.68
C ARG H 853 65.04 81.25 -22.95
N GLY H 854 65.16 81.23 -21.63
CA GLY H 854 64.36 80.36 -20.80
C GLY H 854 62.88 80.69 -20.93
N VAL H 855 62.51 81.92 -20.64
CA VAL H 855 61.12 82.32 -20.63
C VAL H 855 60.49 82.15 -22.01
N LEU H 856 61.35 82.00 -23.01
CA LEU H 856 60.88 81.71 -24.37
C LEU H 856 60.50 80.24 -24.53
N PHE H 857 61.42 79.36 -24.15
CA PHE H 857 61.20 77.92 -24.19
C PHE H 857 60.15 77.51 -23.17
N TRP H 858 59.85 78.41 -22.25
CA TRP H 858 58.78 78.19 -21.29
C TRP H 858 57.46 78.44 -21.98
N LYS H 859 57.34 79.58 -22.66
CA LYS H 859 56.18 79.83 -23.52
C LYS H 859 55.96 78.67 -24.50
N GLU H 860 57.07 78.09 -24.96
CA GLU H 860 57.07 76.92 -25.83
C GLU H 860 56.19 75.79 -25.29
N LEU H 861 56.61 75.26 -24.15
CA LEU H 861 55.93 74.16 -23.51
C LEU H 861 54.51 74.52 -23.11
N ASP H 862 54.28 75.81 -22.80
CA ASP H 862 52.93 76.31 -22.58
C ASP H 862 52.03 75.91 -23.74
N ASP H 863 52.56 76.01 -24.96
CA ASP H 863 51.75 75.88 -26.16
C ASP H 863 51.68 74.47 -26.70
N LYS H 864 52.65 73.64 -26.32
CA LYS H 864 52.75 72.32 -26.91
C LYS H 864 52.63 71.20 -25.88
N ILE H 865 53.03 71.47 -24.65
CA ILE H 865 53.01 70.44 -23.62
C ILE H 865 51.90 70.70 -22.61
N PHE H 866 51.95 71.86 -21.96
CA PHE H 866 50.99 72.21 -20.92
C PHE H 866 49.62 72.56 -21.51
N SER H 867 49.54 72.60 -22.84
CA SER H 867 48.29 72.86 -23.52
C SER H 867 47.42 71.61 -23.56
N LEU H 868 48.08 70.45 -23.58
CA LEU H 868 47.38 69.17 -23.68
C LEU H 868 46.88 68.72 -22.32
N ASP H 869 45.81 67.95 -22.32
CA ASP H 869 45.26 67.43 -21.08
C ASP H 869 46.26 66.46 -20.43
N ARG H 870 46.29 66.45 -19.11
CA ARG H 870 47.26 65.64 -18.36
C ARG H 870 47.70 64.36 -19.07
N SER H 871 46.74 63.47 -19.35
CA SER H 871 47.01 62.17 -19.96
C SER H 871 47.95 62.26 -21.15
N LYS H 872 47.48 62.94 -22.19
CA LYS H 872 48.18 62.99 -23.48
C LYS H 872 49.53 63.68 -23.38
N ARG H 873 49.79 64.31 -22.24
CA ARG H 873 51.03 65.06 -22.05
C ARG H 873 52.25 64.17 -22.06
N VAL H 874 52.27 63.18 -21.18
CA VAL H 874 53.45 62.36 -20.98
C VAL H 874 53.90 61.77 -22.31
N ALA H 875 52.92 61.37 -23.12
CA ALA H 875 53.19 60.77 -24.42
C ALA H 875 53.92 61.75 -25.32
N GLU H 876 53.41 62.98 -25.37
CA GLU H 876 53.97 64.04 -26.22
C GLU H 876 55.37 64.44 -25.76
N LEU H 877 55.64 64.26 -24.47
CA LEU H 877 56.96 64.53 -23.92
C LEU H 877 57.96 63.53 -24.46
N LYS H 878 57.63 62.25 -24.38
CA LYS H 878 58.51 61.22 -24.91
C LYS H 878 58.86 61.40 -26.38
N LYS H 879 57.99 62.08 -27.13
CA LYS H 879 58.23 62.24 -28.56
C LYS H 879 59.21 63.37 -28.82
N ARG H 880 59.15 64.41 -28.00
CA ARG H 880 60.07 65.53 -28.16
C ARG H 880 61.13 65.49 -27.07
N ARG H 881 61.39 64.30 -26.56
CA ARG H 881 62.22 64.15 -25.37
C ARG H 881 63.55 64.83 -25.54
N ASP H 882 64.38 64.28 -26.41
CA ASP H 882 65.75 64.78 -26.59
C ASP H 882 65.78 66.24 -27.07
N TYR H 883 64.70 66.71 -27.66
CA TYR H 883 64.57 68.12 -27.98
C TYR H 883 64.41 68.95 -26.71
N ILE H 884 63.36 68.64 -25.96
CA ILE H 884 63.05 69.32 -24.71
C ILE H 884 64.25 69.22 -23.77
N ILE H 885 65.00 68.13 -23.90
CA ILE H 885 66.13 67.88 -23.03
C ILE H 885 67.30 68.77 -23.40
N LYS H 886 67.46 69.04 -24.70
CA LYS H 886 68.45 70.01 -25.13
C LYS H 886 68.06 71.40 -24.64
N LYS H 887 66.92 71.89 -25.10
CA LYS H 887 66.45 73.21 -24.68
C LYS H 887 66.40 73.34 -23.15
N LEU H 888 66.26 72.23 -22.46
CA LEU H 888 66.31 72.23 -21.01
C LEU H 888 67.74 72.52 -20.56
N ASN H 889 68.68 71.71 -21.04
CA ASN H 889 70.11 71.84 -20.74
C ASN H 889 70.69 73.19 -21.15
N ASP H 890 70.25 73.69 -22.30
CA ASP H 890 70.86 74.86 -22.92
C ASP H 890 70.40 76.19 -22.32
N ASP H 891 69.11 76.49 -22.39
CA ASP H 891 68.68 77.79 -21.90
C ASP H 891 67.48 77.86 -20.95
N PHE H 892 67.44 77.00 -19.94
CA PHE H 892 66.40 77.17 -18.92
C PHE H 892 66.96 77.21 -17.51
N GLN H 893 66.24 77.95 -16.64
CA GLN H 893 66.58 78.13 -15.22
C GLN H 893 66.96 76.84 -14.51
N LYS H 894 66.34 75.75 -14.93
CA LYS H 894 66.60 74.43 -14.36
C LYS H 894 67.06 73.49 -15.46
N VAL H 895 68.18 72.83 -15.21
CA VAL H 895 68.82 72.00 -16.23
C VAL H 895 68.33 70.58 -16.14
N TRP H 896 68.63 69.79 -17.16
CA TRP H 896 68.31 68.38 -17.14
C TRP H 896 69.32 67.62 -16.29
N PHE H 897 68.83 66.95 -15.26
CA PHE H 897 69.67 66.27 -14.30
C PHE H 897 70.47 65.08 -14.91
N GLY H 898 70.45 64.96 -16.22
CA GLY H 898 70.94 63.75 -16.84
C GLY H 898 72.41 63.56 -17.16
N ARG H 899 73.27 64.43 -16.67
CA ARG H 899 74.68 64.34 -17.04
C ARG H 899 75.31 62.99 -16.68
N ASN H 900 76.32 62.59 -17.46
CA ASN H 900 77.14 61.46 -17.08
C ASN H 900 78.56 61.92 -16.79
N SER H 901 79.41 61.00 -16.35
CA SER H 901 80.79 61.31 -16.02
C SER H 901 81.50 62.10 -17.12
N ALA H 902 81.41 61.61 -18.35
CA ALA H 902 82.10 62.21 -19.49
C ALA H 902 81.70 63.66 -19.73
N GLY H 903 80.46 64.00 -19.37
CA GLY H 903 79.98 65.35 -19.53
C GLY H 903 78.67 65.42 -20.27
N GLU H 904 78.43 64.45 -21.15
CA GLU H 904 77.21 64.43 -21.95
C GLU H 904 75.98 64.11 -21.10
N PRO H 905 74.80 64.40 -21.65
CA PRO H 905 73.54 64.13 -20.94
C PRO H 905 73.04 62.73 -21.26
N VAL H 906 72.38 62.10 -20.29
CA VAL H 906 71.84 60.76 -20.45
C VAL H 906 70.52 60.67 -19.73
N ASP H 907 69.96 59.48 -19.67
CA ASP H 907 68.75 59.26 -18.90
C ASP H 907 69.14 59.08 -17.44
N LEU H 908 68.29 59.55 -16.53
CA LEU H 908 68.54 59.39 -15.10
C LEU H 908 68.76 57.91 -14.83
N GLU H 909 68.05 57.09 -15.59
CA GLU H 909 68.04 55.65 -15.41
C GLU H 909 69.36 55.03 -15.88
N ASP H 910 70.18 55.84 -16.53
CA ASP H 910 71.44 55.39 -17.11
C ASP H 910 72.67 55.87 -16.33
N MET H 911 72.46 56.75 -15.35
CA MET H 911 73.56 57.27 -14.53
C MET H 911 74.00 56.23 -13.50
N THR H 912 75.27 56.26 -13.12
CA THR H 912 75.74 55.42 -12.02
C THR H 912 75.43 56.10 -10.69
N TYR H 913 75.43 55.31 -9.62
CA TYR H 913 75.16 55.86 -8.31
C TYR H 913 76.05 57.07 -8.04
N ALA H 914 77.36 56.84 -8.17
CA ALA H 914 78.34 57.90 -8.07
C ALA H 914 77.86 59.09 -8.85
N GLU H 915 77.73 58.91 -10.16
CA GLU H 915 77.36 59.99 -11.05
C GLU H 915 76.16 60.81 -10.55
N VAL H 916 75.21 60.14 -9.90
CA VAL H 916 74.03 60.84 -9.40
C VAL H 916 74.38 61.68 -8.17
N VAL H 917 75.00 61.07 -7.17
CA VAL H 917 75.40 61.81 -5.98
C VAL H 917 76.24 63.01 -6.38
N HIS H 918 77.16 62.80 -7.33
CA HIS H 918 78.00 63.89 -7.86
C HIS H 918 77.16 65.01 -8.49
N ARG H 919 76.35 64.66 -9.49
CA ARG H 919 75.52 65.63 -10.17
C ARG H 919 74.58 66.37 -9.21
N MET H 920 74.26 65.72 -8.10
CA MET H 920 73.44 66.35 -7.07
C MET H 920 74.21 67.51 -6.47
N VAL H 921 75.40 67.23 -5.97
CA VAL H 921 76.31 68.26 -5.46
C VAL H 921 76.52 69.37 -6.49
N GLU H 922 76.94 68.96 -7.69
CA GLU H 922 77.18 69.89 -8.82
C GLU H 922 76.09 70.95 -9.00
N LEU H 923 74.84 70.52 -8.90
CA LEU H 923 73.73 71.38 -9.26
C LEU H 923 73.06 72.08 -8.08
N MET H 924 73.51 71.80 -6.86
CA MET H 924 72.89 72.39 -5.67
C MET H 924 73.88 73.12 -4.78
N TYR H 925 75.16 72.75 -4.89
CA TYR H 925 76.22 73.43 -4.17
C TYR H 925 77.04 74.32 -5.11
N VAL H 926 77.01 75.63 -4.88
CA VAL H 926 77.74 76.58 -5.69
C VAL H 926 79.21 76.53 -5.32
N LYS H 927 80.04 76.01 -6.23
CA LYS H 927 81.47 75.80 -5.95
C LYS H 927 82.22 77.05 -5.52
N HIS H 928 82.23 78.06 -6.40
CA HIS H 928 83.02 79.26 -6.19
C HIS H 928 82.48 80.16 -5.07
N GLU H 929 81.45 79.72 -4.37
CA GLU H 929 80.95 80.45 -3.21
C GLU H 929 80.88 79.59 -1.93
N LYS H 930 81.33 78.35 -2.05
CA LYS H 930 81.31 77.38 -0.95
C LYS H 930 80.01 77.37 -0.13
N ARG H 931 78.87 77.30 -0.82
CA ARG H 931 77.58 77.32 -0.17
C ARG H 931 76.56 76.45 -0.90
N TRP H 932 75.62 75.91 -0.13
CA TRP H 932 74.49 75.20 -0.71
C TRP H 932 73.35 76.19 -0.97
N ILE H 933 72.65 76.02 -2.10
CA ILE H 933 71.52 76.89 -2.42
C ILE H 933 70.50 76.89 -1.30
N ASP H 934 70.55 75.86 -0.46
CA ASP H 934 69.63 75.75 0.66
C ASP H 934 69.98 74.52 1.48
N PRO H 935 70.04 74.66 2.81
CA PRO H 935 70.36 73.53 3.69
C PRO H 935 69.54 72.29 3.35
N SER H 936 68.24 72.48 3.14
CA SER H 936 67.36 71.38 2.78
C SER H 936 67.94 70.54 1.65
N LEU H 937 68.45 71.20 0.61
CA LEU H 937 68.98 70.49 -0.55
C LEU H 937 70.30 69.81 -0.21
N LYS H 938 70.96 70.27 0.85
CA LYS H 938 72.16 69.59 1.29
C LYS H 938 71.72 68.32 1.98
N LYS H 939 70.62 68.41 2.71
CA LYS H 939 70.06 67.25 3.38
C LYS H 939 69.72 66.22 2.33
N LEU H 940 68.91 66.64 1.37
CA LEU H 940 68.55 65.79 0.23
C LEU H 940 69.75 65.01 -0.28
N THR H 941 70.71 65.73 -0.84
CA THR H 941 71.92 65.11 -1.36
C THR H 941 72.55 64.19 -0.30
N GLY H 942 72.40 64.56 0.95
CA GLY H 942 72.93 63.75 2.02
C GLY H 942 72.17 62.44 2.15
N ASP H 943 70.85 62.53 2.15
CA ASP H 943 70.00 61.37 2.32
C ASP H 943 70.22 60.36 1.22
N PHE H 944 70.22 60.81 -0.02
CA PHE H 944 70.44 59.89 -1.12
C PHE H 944 71.77 59.17 -0.94
N ILE H 945 72.78 59.91 -0.49
CA ILE H 945 74.10 59.35 -0.25
C ILE H 945 73.95 58.18 0.71
N ARG H 946 73.26 58.47 1.81
CA ARG H 946 72.95 57.49 2.84
C ARG H 946 72.36 56.25 2.18
N ARG H 947 71.51 56.49 1.18
CA ARG H 947 70.84 55.42 0.50
C ARG H 947 71.84 54.56 -0.22
N VAL H 948 72.71 55.20 -0.98
CA VAL H 948 73.69 54.49 -1.81
C VAL H 948 74.52 53.59 -0.92
N GLU H 949 74.84 54.12 0.26
CA GLU H 949 75.43 53.32 1.31
C GLU H 949 74.64 52.03 1.49
N GLU H 950 73.39 52.16 1.89
CA GLU H 950 72.53 51.03 2.18
C GLU H 950 72.47 50.03 1.03
N ARG H 951 72.32 50.56 -0.18
CA ARG H 951 72.26 49.72 -1.38
C ARG H 951 73.48 48.83 -1.44
N PHE H 952 74.61 49.36 -0.99
CA PHE H 952 75.85 48.67 -1.21
C PHE H 952 76.47 48.06 0.05
N THR H 953 75.74 48.10 1.16
CA THR H 953 76.13 47.33 2.33
C THR H 953 75.19 46.15 2.48
N SER H 954 75.70 45.01 2.93
CA SER H 954 74.87 43.83 3.06
C SER H 954 75.10 43.07 4.37
N VAL H 955 75.59 43.77 5.40
CA VAL H 955 75.66 43.18 6.73
C VAL H 955 75.39 44.22 7.80
N GLU H 956 74.61 43.84 8.82
CA GLU H 956 74.25 44.78 9.87
C GLU H 956 75.46 45.09 10.72
N GLY H 957 75.52 46.30 11.25
CA GLY H 957 76.61 46.67 12.13
C GLY H 957 77.38 47.88 11.65
N GLN H 958 77.79 47.85 10.39
CA GLN H 958 78.51 48.97 9.80
C GLN H 958 77.73 50.29 9.90
N PRO H 959 78.34 51.33 10.47
CA PRO H 959 77.69 52.64 10.57
C PRO H 959 77.91 53.48 9.33
N SER H 960 77.20 54.59 9.24
CA SER H 960 77.26 55.46 8.09
C SER H 960 78.56 56.27 8.09
N LEU H 961 79.13 56.45 6.90
CA LEU H 961 80.33 57.25 6.73
C LEU H 961 79.96 58.72 6.77
N LEU H 962 78.75 59.01 6.32
CA LEU H 962 78.17 60.33 6.50
C LEU H 962 77.29 60.30 7.75
N GLN H 963 77.88 60.58 8.90
CA GLN H 963 77.19 60.47 10.19
C GLN H 963 76.48 61.76 10.60
N ASN H 964 76.98 62.90 10.11
CA ASN H 964 76.32 64.19 10.31
C ASN H 964 76.33 64.99 9.03
N TYR H 965 75.18 65.56 8.66
CA TYR H 965 75.06 66.30 7.40
C TYR H 965 76.01 67.48 7.40
N SER H 966 76.53 67.81 8.58
CA SER H 966 77.55 68.82 8.71
C SER H 966 78.70 68.48 7.75
N ASP H 967 78.96 67.19 7.57
CA ASP H 967 80.04 66.70 6.71
C ASP H 967 79.97 67.25 5.28
N LEU H 968 78.75 67.47 4.79
CA LEU H 968 78.54 67.95 3.43
C LEU H 968 78.79 69.44 3.27
N ASP H 969 79.14 70.12 4.36
CA ASP H 969 79.35 71.55 4.33
C ASP H 969 80.44 71.93 3.32
N GLU H 970 81.60 71.32 3.44
CA GLU H 970 82.55 71.27 2.33
C GLU H 970 82.51 69.86 1.75
N PRO H 971 81.68 69.71 0.71
CA PRO H 971 81.14 68.43 0.24
C PRO H 971 82.12 67.70 -0.62
N TYR H 972 82.40 68.25 -1.81
CA TYR H 972 83.17 67.56 -2.82
C TYR H 972 84.43 66.89 -2.26
N PRO H 973 85.10 67.55 -1.30
CA PRO H 973 86.23 66.92 -0.60
C PRO H 973 85.87 65.64 0.17
N ALA H 974 84.76 65.68 0.91
CA ALA H 974 84.31 64.58 1.78
C ALA H 974 83.55 63.47 1.03
N VAL H 975 82.63 63.88 0.15
CA VAL H 975 81.79 62.96 -0.63
C VAL H 975 82.60 61.83 -1.23
N ASP H 976 83.68 62.18 -1.94
CA ASP H 976 84.51 61.22 -2.65
C ASP H 976 85.03 60.15 -1.70
N ARG H 977 85.20 60.54 -0.44
CA ARG H 977 85.62 59.61 0.61
C ARG H 977 84.59 58.51 0.82
N ILE H 978 83.32 58.90 1.01
CA ILE H 978 82.25 57.93 1.20
C ILE H 978 82.06 57.05 -0.02
N LEU H 979 81.83 57.69 -1.16
CA LEU H 979 81.64 57.00 -2.43
C LEU H 979 82.74 55.99 -2.78
N ALA H 980 83.93 56.21 -2.24
CA ALA H 980 85.05 55.35 -2.53
C ALA H 980 85.05 54.18 -1.58
N ALA H 981 84.32 54.33 -0.47
CA ALA H 981 84.19 53.26 0.51
C ALA H 981 83.25 52.17 0.01
N TYR H 982 82.39 52.56 -0.94
CA TYR H 982 81.49 51.64 -1.59
C TYR H 982 81.79 51.64 -3.08
N PRO H 983 82.81 50.87 -3.46
CA PRO H 983 83.44 50.81 -4.78
C PRO H 983 82.42 50.78 -5.91
N GLU H 984 81.62 49.72 -5.91
CA GLU H 984 80.70 49.41 -6.99
C GLU H 984 79.72 50.53 -7.30
N ALA H 985 79.62 51.49 -6.38
CA ALA H 985 78.73 52.63 -6.54
C ALA H 985 79.17 53.51 -7.72
N SER H 986 80.24 53.07 -8.39
CA SER H 986 80.77 53.78 -9.54
C SER H 986 80.79 52.85 -10.75
N THR H 987 80.33 51.62 -10.56
CA THR H 987 80.29 50.58 -11.59
C THR H 987 78.91 50.40 -12.21
N GLN H 988 77.88 50.40 -11.35
CA GLN H 988 76.53 50.06 -11.78
C GLN H 988 75.56 51.21 -11.58
N LEU H 989 74.55 51.26 -12.44
CA LEU H 989 73.58 52.37 -12.48
C LEU H 989 72.53 52.22 -11.38
N ILE H 990 71.70 53.26 -11.17
CA ILE H 990 70.70 53.18 -10.11
C ILE H 990 69.79 51.97 -10.31
N ASN H 991 69.36 51.36 -9.21
CA ASN H 991 68.28 50.38 -9.25
C ASN H 991 67.07 51.12 -9.78
N ALA H 992 66.22 50.39 -10.47
CA ALA H 992 64.99 50.99 -10.96
C ALA H 992 64.28 51.50 -9.72
N GLN H 993 64.31 50.68 -8.67
CA GLN H 993 63.70 51.01 -7.40
C GLN H 993 64.23 52.32 -6.86
N ASP H 994 65.54 52.52 -7.01
CA ASP H 994 66.22 53.66 -6.42
C ASP H 994 65.94 54.93 -7.18
N VAL H 995 65.87 54.81 -8.50
CA VAL H 995 65.41 55.92 -9.31
C VAL H 995 64.10 56.47 -8.75
N GLN H 996 63.13 55.58 -8.55
CA GLN H 996 61.82 55.97 -8.05
C GLN H 996 61.95 56.69 -6.72
N HIS H 997 62.89 56.22 -5.90
CA HIS H 997 63.12 56.77 -4.57
C HIS H 997 63.67 58.16 -4.69
N PHE H 998 64.78 58.24 -5.40
CA PHE H 998 65.40 59.51 -5.72
C PHE H 998 64.32 60.50 -6.06
N LEU H 999 63.48 60.11 -7.00
CA LEU H 999 62.43 60.97 -7.52
C LEU H 999 61.41 61.45 -6.49
N LEU H 1000 61.18 60.62 -5.47
CA LEU H 1000 60.25 61.02 -4.42
C LEU H 1000 60.94 61.93 -3.45
N LEU H 1001 62.25 61.74 -3.32
CA LEU H 1001 63.08 62.59 -2.48
C LEU H 1001 63.12 64.03 -2.98
N CYS H 1002 63.11 64.20 -4.30
CA CYS H 1002 63.12 65.53 -4.89
C CYS H 1002 61.76 66.19 -4.75
N GLN H 1003 60.82 65.49 -4.13
CA GLN H 1003 59.44 65.97 -4.04
C GLN H 1003 58.99 66.27 -2.61
N ARG H 1004 59.73 65.78 -1.63
CA ARG H 1004 59.32 65.83 -0.21
C ARG H 1004 58.79 67.19 0.23
N ARG H 1005 57.90 67.19 1.22
CA ARG H 1005 57.39 68.43 1.81
C ARG H 1005 58.44 69.06 2.70
N GLY H 1006 58.57 70.39 2.63
CA GLY H 1006 59.54 71.09 3.44
C GLY H 1006 60.96 71.08 2.88
N GLN H 1007 61.10 70.87 1.59
CA GLN H 1007 62.38 70.97 0.89
C GLN H 1007 62.24 71.92 -0.26
N LYS H 1008 63.25 72.75 -0.47
CA LYS H 1008 63.21 73.67 -1.58
C LYS H 1008 63.11 72.88 -2.85
N PRO H 1009 62.17 73.25 -3.72
CA PRO H 1009 62.01 72.57 -5.00
C PRO H 1009 63.36 72.41 -5.71
N VAL H 1010 63.70 71.17 -6.02
CA VAL H 1010 64.91 70.86 -6.77
C VAL H 1010 65.18 71.84 -7.91
N PRO H 1011 66.45 72.25 -8.07
CA PRO H 1011 66.88 73.23 -9.07
C PRO H 1011 67.15 72.61 -10.44
N PHE H 1012 66.36 71.60 -10.80
CA PHE H 1012 66.53 70.95 -12.10
C PHE H 1012 65.28 70.15 -12.48
N VAL H 1013 65.42 69.33 -13.52
CA VAL H 1013 64.36 68.39 -13.91
C VAL H 1013 64.90 66.96 -14.01
N PRO H 1014 64.40 66.06 -13.15
CA PRO H 1014 64.88 64.68 -12.94
C PRO H 1014 64.42 63.74 -14.05
N ALA H 1015 63.18 63.92 -14.51
CA ALA H 1015 62.71 63.30 -15.74
C ALA H 1015 61.43 63.99 -16.23
N LEU H 1016 60.97 63.58 -17.41
CA LEU H 1016 59.81 64.21 -18.04
C LEU H 1016 58.53 63.43 -17.74
N ASP H 1017 58.26 63.20 -16.46
CA ASP H 1017 57.12 62.36 -16.07
C ASP H 1017 55.77 63.08 -16.04
N GLU H 1018 54.85 62.51 -15.28
CA GLU H 1018 53.51 63.07 -15.14
C GLU H 1018 53.53 64.40 -14.38
N ASN H 1019 54.70 64.73 -13.82
CA ASN H 1019 54.89 65.90 -12.96
C ASN H 1019 55.77 66.97 -13.59
N PHE H 1020 56.08 66.77 -14.87
CA PHE H 1020 57.03 67.61 -15.56
C PHE H 1020 56.71 69.09 -15.42
N GLU H 1021 55.43 69.43 -15.37
CA GLU H 1021 55.05 70.83 -15.18
C GLU H 1021 55.52 71.35 -13.82
N TYR H 1022 55.37 70.54 -12.78
CA TYR H 1022 55.88 70.90 -11.45
C TYR H 1022 57.38 71.03 -11.46
N TRP H 1023 58.04 70.02 -12.01
CA TRP H 1023 59.50 70.02 -12.10
C TRP H 1023 60.01 71.33 -12.70
N PHE H 1024 59.36 71.74 -13.78
CA PHE H 1024 59.74 72.90 -14.58
C PHE H 1024 59.52 74.24 -13.89
N LYS H 1025 58.28 74.50 -13.48
CA LYS H 1025 57.89 75.85 -13.09
C LYS H 1025 57.49 76.10 -11.63
N LYS H 1026 57.99 75.31 -10.69
CA LYS H 1026 57.72 75.62 -9.29
C LYS H 1026 58.88 76.39 -8.72
N ASP H 1027 58.59 77.44 -7.94
CA ASP H 1027 59.63 78.24 -7.32
C ASP H 1027 60.69 78.58 -8.36
N SER H 1028 60.38 79.55 -9.21
CA SER H 1028 61.21 79.88 -10.36
C SER H 1028 61.96 81.20 -10.23
N LEU H 1029 61.30 82.18 -9.63
CA LEU H 1029 61.80 83.54 -9.59
C LEU H 1029 62.94 83.84 -8.61
N TRP H 1030 63.18 82.97 -7.64
CA TRP H 1030 64.28 83.16 -6.67
C TRP H 1030 65.63 83.23 -7.37
N GLN H 1031 65.70 82.64 -8.55
CA GLN H 1031 66.94 82.49 -9.28
C GLN H 1031 67.31 83.79 -9.99
N SER H 1032 66.29 84.61 -10.26
CA SER H 1032 66.47 85.97 -10.73
C SER H 1032 67.31 86.74 -9.73
N GLU H 1033 66.92 86.72 -8.46
CA GLU H 1033 67.61 87.48 -7.43
C GLU H 1033 68.81 86.73 -6.88
N ASP H 1034 69.34 85.78 -7.64
CA ASP H 1034 70.56 85.07 -7.26
C ASP H 1034 71.16 84.33 -8.43
N ILE H 1035 71.55 85.08 -9.45
CA ILE H 1035 72.07 84.46 -10.65
C ILE H 1035 73.41 83.78 -10.39
N GLU H 1036 73.95 83.91 -9.18
CA GLU H 1036 75.21 83.28 -8.86
C GLU H 1036 75.05 81.77 -8.70
N ALA H 1037 73.85 81.37 -8.28
CA ALA H 1037 73.55 79.96 -8.11
C ALA H 1037 73.22 79.32 -9.45
N VAL H 1038 72.48 80.05 -10.28
CA VAL H 1038 72.09 79.58 -11.61
C VAL H 1038 73.24 78.93 -12.39
N TYR H 1039 72.94 77.87 -13.11
CA TYR H 1039 73.88 77.22 -14.02
C TYR H 1039 74.40 78.23 -15.02
N GLY H 1040 75.72 78.34 -15.12
CA GLY H 1040 76.34 79.28 -16.05
C GLY H 1040 76.19 80.71 -15.60
N GLN H 1041 75.22 80.95 -14.72
CA GLN H 1041 75.05 82.25 -14.11
C GLN H 1041 74.60 83.31 -15.10
N ASP H 1042 74.04 82.88 -16.22
CA ASP H 1042 73.54 83.89 -17.14
C ASP H 1042 72.05 84.08 -16.98
N VAL H 1043 71.62 85.34 -17.04
CA VAL H 1043 70.22 85.65 -16.91
C VAL H 1043 69.49 85.12 -18.11
N GLY H 1044 70.25 84.80 -19.15
CA GLY H 1044 69.68 84.31 -20.41
C GLY H 1044 68.60 83.26 -20.23
N ARG H 1045 68.71 82.47 -19.15
CA ARG H 1045 67.78 81.37 -18.90
C ARG H 1045 66.88 81.64 -17.71
N THR H 1046 66.78 82.89 -17.29
CA THR H 1046 66.17 83.23 -16.01
C THR H 1046 64.81 83.91 -16.12
N CYS H 1047 64.07 83.86 -15.02
CA CYS H 1047 62.71 84.34 -14.96
C CYS H 1047 62.64 85.69 -14.23
N ILE H 1048 62.46 86.77 -14.97
CA ILE H 1048 62.37 88.08 -14.36
C ILE H 1048 61.06 88.75 -14.73
N LEU H 1049 60.33 89.19 -13.72
CA LEU H 1049 59.03 89.78 -13.99
C LEU H 1049 59.17 91.24 -14.34
N GLN H 1050 58.44 91.69 -15.35
CA GLN H 1050 58.49 93.08 -15.79
C GLN H 1050 57.23 93.49 -16.56
N GLY H 1051 56.74 94.69 -16.30
CA GLY H 1051 55.67 95.27 -17.11
C GLY H 1051 56.18 95.57 -18.51
N PRO H 1052 55.26 95.64 -19.49
CA PRO H 1052 55.66 95.88 -20.88
C PRO H 1052 56.06 97.33 -21.10
N VAL H 1053 55.41 98.23 -20.36
CA VAL H 1053 55.58 99.64 -20.60
C VAL H 1053 56.67 100.21 -19.70
N ALA H 1054 56.71 99.78 -18.46
CA ALA H 1054 57.69 100.31 -17.52
C ALA H 1054 59.10 99.71 -17.70
N ALA H 1055 59.49 99.49 -18.95
CA ALA H 1055 60.78 98.85 -19.23
C ALA H 1055 61.77 99.84 -19.87
N LYS H 1056 61.19 100.82 -20.56
CA LYS H 1056 61.92 101.96 -21.08
C LYS H 1056 62.23 102.91 -19.93
N TYR H 1057 61.31 103.01 -18.98
CA TYR H 1057 61.43 103.93 -17.84
C TYR H 1057 62.53 103.55 -16.86
N SER H 1058 63.36 102.58 -17.23
CA SER H 1058 64.55 102.25 -16.47
C SER H 1058 65.74 102.25 -17.41
N LYS H 1059 66.73 103.11 -17.14
CA LYS H 1059 67.90 103.21 -18.00
C LYS H 1059 69.26 103.04 -17.30
N VAL H 1060 69.28 103.21 -15.98
CA VAL H 1060 70.51 103.00 -15.23
C VAL H 1060 70.38 101.96 -14.14
N ILE H 1061 71.36 101.08 -14.07
CA ILE H 1061 71.43 100.07 -13.03
C ILE H 1061 71.60 100.75 -11.67
N ASP H 1062 71.46 99.95 -10.62
CA ASP H 1062 71.94 100.29 -9.28
C ASP H 1062 71.73 101.70 -8.75
N GLU H 1063 70.64 102.35 -9.14
CA GLU H 1063 70.28 103.61 -8.55
C GLU H 1063 69.71 103.43 -7.12
N PRO H 1064 70.27 104.13 -6.12
CA PRO H 1064 69.74 104.02 -4.76
C PRO H 1064 68.28 104.44 -4.72
N ILE H 1065 67.49 103.82 -3.84
CA ILE H 1065 66.04 104.00 -3.89
C ILE H 1065 65.67 105.43 -3.59
N LYS H 1066 66.24 105.95 -2.51
CA LYS H 1066 65.90 107.29 -2.07
C LYS H 1066 66.10 108.27 -3.22
N ASP H 1067 67.00 107.94 -4.13
CA ASP H 1067 67.22 108.75 -5.31
C ASP H 1067 66.01 108.68 -6.22
N ILE H 1068 65.78 107.50 -6.80
CA ILE H 1068 64.61 107.26 -7.65
C ILE H 1068 63.35 107.89 -7.07
N LEU H 1069 63.10 107.54 -5.82
CA LEU H 1069 61.92 107.98 -5.12
C LEU H 1069 61.91 109.49 -4.85
N ASP H 1070 62.85 109.95 -4.03
CA ASP H 1070 62.98 111.38 -3.75
C ASP H 1070 62.85 112.13 -5.07
N GLY H 1071 63.68 111.73 -6.03
CA GLY H 1071 63.63 112.30 -7.36
C GLY H 1071 62.22 112.46 -7.88
N ILE H 1072 61.47 111.37 -7.90
CA ILE H 1072 60.12 111.41 -8.44
C ILE H 1072 59.19 112.33 -7.67
N HIS H 1073 59.39 112.42 -6.35
CA HIS H 1073 58.56 113.31 -5.55
C HIS H 1073 58.93 114.76 -5.77
N ASN H 1074 60.23 115.04 -5.87
CA ASN H 1074 60.72 116.40 -5.97
C ASN H 1074 60.42 117.04 -7.31
N ASP H 1075 60.47 116.25 -8.38
CA ASP H 1075 59.98 116.70 -9.68
C ASP H 1075 58.49 117.01 -9.57
N HIS H 1076 57.79 116.26 -8.74
CA HIS H 1076 56.37 116.48 -8.55
C HIS H 1076 56.09 117.80 -7.84
N ILE H 1077 56.80 118.04 -6.73
CA ILE H 1077 56.62 119.28 -5.99
C ILE H 1077 57.08 120.46 -6.79
N LYS H 1078 58.12 120.26 -7.61
CA LYS H 1078 58.58 121.30 -8.52
C LYS H 1078 57.58 121.58 -9.65
N PHE H 1079 57.27 120.56 -10.43
CA PHE H 1079 56.18 120.63 -11.41
C PHE H 1079 54.97 121.35 -10.81
N LEU H 1080 54.68 121.04 -9.56
CA LEU H 1080 53.44 121.46 -8.92
C LEU H 1080 53.50 122.92 -8.48
N LEU H 1081 54.66 123.31 -7.96
CA LEU H 1081 54.92 124.68 -7.57
C LEU H 1081 54.81 125.56 -8.80
N ARG H 1082 55.66 125.26 -9.77
CA ARG H 1082 55.72 126.02 -11.02
C ARG H 1082 54.40 126.08 -11.76
N ASP H 1083 53.51 125.13 -11.49
CA ASP H 1083 52.23 125.07 -12.21
C ASP H 1083 51.06 125.66 -11.40
N LEU H 1084 51.25 125.83 -10.09
CA LEU H 1084 50.17 126.33 -9.24
C LEU H 1084 50.61 127.25 -8.11
N TYR H 1085 51.78 127.85 -8.25
CA TYR H 1085 52.33 128.76 -7.25
C TYR H 1085 53.32 129.74 -7.89
N ASP H 1086 53.39 129.64 -9.22
CA ASP H 1086 54.38 130.29 -10.08
C ASP H 1086 55.79 130.55 -9.49
N GLY H 1087 56.42 129.48 -9.01
CA GLY H 1087 57.76 129.54 -8.48
C GLY H 1087 57.80 129.96 -7.01
N LYS H 1088 56.74 130.64 -6.56
CA LYS H 1088 56.75 131.26 -5.25
C LYS H 1088 56.45 130.30 -4.10
N GLU H 1089 57.51 129.81 -3.48
CA GLU H 1089 57.43 128.88 -2.37
C GLU H 1089 56.86 129.57 -1.13
N GLU H 1090 56.72 130.88 -1.22
CA GLU H 1090 56.10 131.64 -0.16
C GLU H 1090 54.60 131.36 -0.14
N ASN H 1091 54.07 131.02 -1.32
CA ASN H 1091 52.66 130.69 -1.48
C ASN H 1091 52.27 129.33 -0.87
N VAL H 1092 53.26 128.44 -0.76
CA VAL H 1092 53.05 127.12 -0.18
C VAL H 1092 52.74 127.22 1.29
N PRO H 1093 51.49 126.93 1.67
CA PRO H 1093 51.04 126.97 3.07
C PRO H 1093 51.92 126.13 3.96
N VAL H 1094 51.87 126.35 5.27
CA VAL H 1094 52.72 125.62 6.18
C VAL H 1094 52.01 125.20 7.46
N ILE H 1095 52.31 123.97 7.88
CA ILE H 1095 51.71 123.40 9.08
C ILE H 1095 52.80 123.00 10.07
N GLU H 1096 52.42 122.89 11.34
CA GLU H 1096 53.32 122.41 12.37
C GLU H 1096 53.97 121.09 11.96
N TYR H 1097 53.18 120.01 11.96
CA TYR H 1097 53.65 118.70 11.51
C TYR H 1097 52.76 118.17 10.39
N PHE H 1098 53.27 117.27 9.55
CA PHE H 1098 52.42 116.76 8.47
C PHE H 1098 51.48 115.66 8.95
N GLY H 1099 50.31 116.07 9.42
CA GLY H 1099 49.32 115.14 9.93
C GLY H 1099 48.01 115.24 9.19
N GLY H 1100 46.95 114.71 9.79
CA GLY H 1100 45.66 114.66 9.12
C GLY H 1100 44.92 115.98 9.08
N ARG H 1101 44.28 116.27 7.95
CA ARG H 1101 43.52 117.50 7.77
C ARG H 1101 42.60 117.77 8.95
N ILE H 1102 42.25 119.03 9.16
CA ILE H 1102 41.37 119.37 10.26
C ILE H 1102 40.06 119.99 9.79
N LEU H 1103 38.99 119.65 10.49
CA LEU H 1103 37.63 120.04 10.13
C LEU H 1103 37.31 121.49 10.53
N LYS H 1104 36.92 122.30 9.56
CA LYS H 1104 36.52 123.68 9.83
C LYS H 1104 35.04 123.77 10.19
N ALA H 1105 34.73 124.53 11.23
CA ALA H 1105 33.34 124.78 11.62
C ALA H 1105 32.99 126.27 11.52
N THR H 1106 32.04 126.61 10.66
CA THR H 1106 31.53 127.98 10.57
C THR H 1106 30.63 128.27 11.78
N ASP H 1107 30.45 127.24 12.62
CA ASP H 1107 29.81 127.38 13.93
C ASP H 1107 30.78 127.86 15.05
N GLU H 1108 31.69 126.98 15.52
CA GLU H 1108 32.70 127.22 16.60
C GLU H 1108 32.16 127.26 18.03
N GLU H 1109 30.93 126.76 18.16
CA GLU H 1109 30.21 126.68 19.43
C GLU H 1109 29.79 125.23 19.68
N PRO H 1110 30.02 124.72 20.90
CA PRO H 1110 29.71 123.33 21.27
C PRO H 1110 28.22 123.04 21.44
N ASP H 1111 27.61 122.45 20.40
CA ASP H 1111 26.20 122.05 20.45
C ASP H 1111 26.06 120.67 21.08
N ILE H 1112 26.82 120.43 22.15
CA ILE H 1112 26.98 119.09 22.72
C ILE H 1112 26.21 118.90 24.01
N ASP H 1113 25.49 117.78 24.11
CA ASP H 1113 24.69 117.46 25.28
C ASP H 1113 25.50 116.88 26.43
N GLY H 1114 25.11 117.24 27.65
CA GLY H 1114 25.82 116.81 28.83
C GLY H 1114 27.16 117.50 28.99
N LEU H 1115 27.47 118.40 28.07
CA LEU H 1115 28.72 119.15 28.12
C LEU H 1115 28.47 120.66 28.16
N THR H 1116 29.17 121.34 29.05
CA THR H 1116 29.13 122.80 29.10
C THR H 1116 30.51 123.36 28.74
N ALA H 1117 30.50 124.49 28.04
CA ALA H 1117 31.73 125.08 27.53
C ALA H 1117 31.87 126.56 27.90
N SER H 1118 32.94 126.89 28.60
CA SER H 1118 33.22 128.27 29.02
C SER H 1118 34.68 128.61 28.68
N ARG H 1119 34.99 129.90 28.55
CA ARG H 1119 36.39 130.31 28.36
C ARG H 1119 36.70 131.78 28.68
N ASP H 1120 37.93 132.02 29.14
CA ASP H 1120 38.45 133.37 29.34
C ASP H 1120 39.50 133.63 28.27
N ALA H 1121 40.47 134.48 28.60
CA ALA H 1121 41.64 134.67 27.75
C ALA H 1121 42.73 133.72 28.25
N ASN H 1122 42.51 133.20 29.45
CA ASN H 1122 43.48 132.34 30.10
C ASN H 1122 43.12 130.86 30.11
N LYS H 1123 41.83 130.54 30.05
CA LYS H 1123 41.41 129.16 30.29
C LYS H 1123 40.16 128.77 29.51
N ILE H 1124 40.18 127.58 28.92
CA ILE H 1124 38.95 126.99 28.37
C ILE H 1124 38.43 125.92 29.32
N SER H 1125 37.17 126.07 29.71
CA SER H 1125 36.53 125.13 30.62
C SER H 1125 35.54 124.20 29.93
N TYR H 1126 35.77 122.90 30.03
CA TYR H 1126 34.77 121.92 29.63
C TYR H 1126 34.42 121.10 30.85
N ARG H 1127 33.14 120.91 31.13
CA ARG H 1127 32.76 119.94 32.15
C ARG H 1127 31.45 119.22 31.84
N LEU H 1128 31.41 117.95 32.20
CA LEU H 1128 30.30 117.08 31.81
C LEU H 1128 29.32 116.91 32.97
N SER H 1129 28.04 117.04 32.63
CA SER H 1129 26.95 116.99 33.58
C SER H 1129 27.10 115.83 34.57
N ASN H 1130 27.05 116.14 35.86
CA ASN H 1130 27.14 115.12 36.89
C ASN H 1130 25.83 114.34 37.06
N ALA H 1131 24.80 114.77 36.34
CA ALA H 1131 23.54 114.04 36.30
C ALA H 1131 23.78 112.60 35.84
N PRO H 1132 23.16 111.63 36.53
CA PRO H 1132 23.32 110.21 36.22
C PRO H 1132 22.74 109.84 34.85
N SER H 1133 22.07 110.77 34.18
CA SER H 1133 21.48 110.49 32.87
C SER H 1133 22.56 110.09 31.86
N ALA H 1134 22.25 109.08 31.05
CA ALA H 1134 23.23 108.46 30.15
C ALA H 1134 23.59 109.30 28.91
N ASN H 1135 23.49 110.62 29.03
CA ASN H 1135 23.85 111.50 27.93
C ASN H 1135 25.23 112.12 28.08
N LEU H 1136 26.19 111.61 27.32
CA LEU H 1136 27.53 112.17 27.28
C LEU H 1136 28.09 112.10 25.86
N PRO H 1137 29.06 112.96 25.55
CA PRO H 1137 29.70 113.04 24.23
C PRO H 1137 30.46 111.77 23.86
N ASP H 1138 30.68 111.55 22.57
CA ASP H 1138 31.50 110.44 22.10
C ASP H 1138 32.87 110.60 22.73
N VAL H 1139 33.51 109.49 23.07
CA VAL H 1139 34.88 109.55 23.55
C VAL H 1139 35.71 110.15 22.42
N ASP H 1140 35.22 109.98 21.20
CA ASP H 1140 35.86 110.53 20.00
C ASP H 1140 35.70 112.05 19.90
N SER H 1141 34.46 112.50 19.90
CA SER H 1141 34.17 113.93 19.83
C SER H 1141 34.91 114.67 20.95
N PHE H 1142 34.82 114.12 22.16
CA PHE H 1142 35.41 114.74 23.35
C PHE H 1142 36.90 114.93 23.24
N MET H 1143 37.53 114.22 22.33
CA MET H 1143 38.96 114.36 22.12
C MET H 1143 39.30 115.21 20.91
N GLN H 1144 38.38 115.31 19.97
CA GLN H 1144 38.52 116.24 18.85
C GLN H 1144 38.48 117.66 19.39
N LEU H 1145 37.75 117.84 20.49
CA LEU H 1145 37.58 119.14 21.09
C LEU H 1145 38.86 119.57 21.82
N ILE H 1146 39.31 118.75 22.76
CA ILE H 1146 40.51 119.03 23.53
C ILE H 1146 41.77 119.12 22.65
N ALA H 1147 41.68 118.61 21.42
CA ALA H 1147 42.83 118.64 20.51
C ALA H 1147 43.06 120.03 19.96
N GLY H 1148 41.97 120.71 19.59
CA GLY H 1148 42.03 122.04 19.01
C GLY H 1148 42.13 122.01 17.49
N ASN H 1149 42.29 123.19 16.90
CA ASN H 1149 42.50 123.29 15.46
C ASN H 1149 43.96 123.52 15.13
N SER H 1150 44.65 124.20 16.03
CA SER H 1150 46.07 124.47 15.84
C SER H 1150 46.88 123.19 15.96
N TYR H 1151 47.67 122.91 14.93
CA TYR H 1151 48.60 121.80 14.98
C TYR H 1151 49.66 122.05 16.04
N SER H 1152 49.49 121.46 17.23
CA SER H 1152 50.38 121.75 18.35
C SER H 1152 50.96 120.49 18.98
N TRP H 1153 51.51 120.64 20.17
CA TRP H 1153 51.78 119.47 20.99
C TRP H 1153 50.42 119.02 21.48
N ARG H 1154 49.64 119.97 21.97
CA ARG H 1154 48.33 119.68 22.54
C ARG H 1154 47.36 118.99 21.56
N HIS H 1155 47.56 119.23 20.27
CA HIS H 1155 46.73 118.57 19.26
C HIS H 1155 47.15 117.12 19.06
N ALA H 1156 48.45 116.90 18.84
CA ALA H 1156 48.97 115.56 18.59
C ALA H 1156 48.84 114.61 19.79
N MET H 1157 48.67 115.15 20.98
CA MET H 1157 48.46 114.32 22.16
C MET H 1157 47.06 113.73 22.18
N PHE H 1158 46.10 114.44 21.58
CA PHE H 1158 44.71 113.99 21.54
C PHE H 1158 44.31 113.60 20.13
N THR H 1159 45.30 113.45 19.26
CA THR H 1159 45.06 113.06 17.87
C THR H 1159 45.61 111.68 17.57
N THR H 1160 46.93 111.51 17.67
CA THR H 1160 47.55 110.23 17.37
C THR H 1160 47.14 109.18 18.38
N GLU H 1161 46.62 108.08 17.86
CA GLU H 1161 46.19 106.94 18.65
C GLU H 1161 47.39 106.12 19.11
N VAL H 1162 48.56 106.35 18.50
CA VAL H 1162 49.77 105.65 18.91
C VAL H 1162 50.83 106.54 19.51
N PHE H 1163 51.26 106.20 20.70
CA PHE H 1163 52.52 106.71 21.23
C PHE H 1163 53.57 105.63 21.05
N VAL H 1164 54.61 105.94 20.28
CA VAL H 1164 55.71 105.01 20.08
C VAL H 1164 56.42 104.70 21.40
N GLN H 1165 56.94 103.49 21.52
CA GLN H 1165 57.65 103.07 22.72
C GLN H 1165 58.85 102.26 22.29
N GLY H 1166 59.98 102.92 22.13
CA GLY H 1166 61.12 102.27 21.51
C GLY H 1166 60.75 101.99 20.06
N HIS H 1167 60.51 100.72 19.74
CA HIS H 1167 60.04 100.37 18.42
C HIS H 1167 58.61 99.85 18.42
N ARG H 1168 58.04 99.78 19.61
CA ARG H 1168 56.65 99.36 19.81
C ARG H 1168 55.67 100.47 19.43
N PHE H 1169 54.43 100.06 19.12
CA PHE H 1169 53.31 100.99 19.09
C PHE H 1169 52.63 100.93 20.45
N GLN H 1170 51.71 101.85 20.69
CA GLN H 1170 51.04 101.88 21.98
C GLN H 1170 49.79 102.73 21.86
N THR H 1171 48.70 102.24 22.42
CA THR H 1171 47.44 102.95 22.28
C THR H 1171 47.42 104.19 23.18
N ASN H 1172 47.01 105.30 22.59
CA ASN H 1172 46.95 106.59 23.25
C ASN H 1172 46.14 106.56 24.54
N PRO H 1173 46.83 106.49 25.69
CA PRO H 1173 46.25 106.47 27.03
C PRO H 1173 45.28 107.63 27.30
N LEU H 1174 45.37 108.71 26.53
CA LEU H 1174 44.47 109.84 26.73
C LEU H 1174 43.05 109.47 26.35
N LYS H 1175 42.93 108.49 25.44
CA LYS H 1175 41.62 107.96 25.05
C LYS H 1175 40.89 107.33 26.24
N ARG H 1176 41.65 106.69 27.12
CA ARG H 1176 41.12 106.10 28.34
C ARG H 1176 40.86 107.18 29.37
N LEU H 1177 41.92 107.89 29.74
CA LEU H 1177 41.89 108.89 30.79
C LEU H 1177 40.79 109.93 30.55
N PHE H 1178 40.67 110.39 29.31
CA PHE H 1178 39.75 111.46 28.97
C PHE H 1178 38.36 111.01 28.49
N ALA H 1179 38.06 109.72 28.62
CA ALA H 1179 36.76 109.21 28.24
C ALA H 1179 35.67 109.81 29.13
N PRO H 1180 34.65 110.41 28.51
CA PRO H 1180 33.56 111.12 29.21
C PRO H 1180 33.10 110.42 30.48
N THR H 1181 32.96 111.19 31.56
CA THR H 1181 32.65 110.65 32.87
C THR H 1181 31.71 111.60 33.60
N ARG H 1182 30.82 111.04 34.42
CA ARG H 1182 29.85 111.82 35.18
C ARG H 1182 30.54 112.87 36.06
N GLY H 1183 30.45 114.13 35.63
CA GLY H 1183 30.97 115.26 36.40
C GLY H 1183 32.45 115.48 36.31
N MET H 1184 33.04 115.20 35.15
CA MET H 1184 34.46 115.45 34.99
C MET H 1184 34.67 116.85 34.46
N TYR H 1185 35.87 117.40 34.69
CA TYR H 1185 36.20 118.80 34.39
C TYR H 1185 37.57 118.87 33.69
N VAL H 1186 37.63 119.57 32.57
CA VAL H 1186 38.89 119.74 31.86
C VAL H 1186 39.20 121.21 31.56
N GLU H 1187 40.35 121.67 32.03
CA GLU H 1187 40.77 123.04 31.83
C GLU H 1187 41.97 123.10 30.87
N ILE H 1188 41.93 124.05 29.95
CA ILE H 1188 43.04 124.28 29.04
C ILE H 1188 43.58 125.70 29.22
N THR H 1189 44.73 125.79 29.90
CA THR H 1189 45.35 127.06 30.23
C THR H 1189 46.13 127.65 29.07
N ASN H 1190 45.93 128.94 28.84
CA ASN H 1190 46.59 129.64 27.74
C ASN H 1190 46.52 128.81 26.48
N PRO H 1191 45.31 128.45 26.07
CA PRO H 1191 45.05 127.54 24.95
C PRO H 1191 45.88 127.87 23.72
N ASP H 1192 45.66 129.05 23.16
CA ASP H 1192 46.24 129.43 21.88
C ASP H 1192 47.74 129.77 21.97
N ASP H 1193 48.28 129.73 23.18
CA ASP H 1193 49.72 129.91 23.42
C ASP H 1193 50.37 128.57 23.78
N PRO H 1194 50.88 127.86 22.76
CA PRO H 1194 51.37 126.48 22.85
C PRO H 1194 52.18 126.18 24.10
N ALA H 1195 53.47 126.51 24.08
CA ALA H 1195 54.40 126.07 25.12
C ALA H 1195 53.94 126.34 26.56
N LYS H 1196 52.98 127.24 26.73
CA LYS H 1196 52.51 127.60 28.06
C LYS H 1196 51.10 127.11 28.36
N THR H 1197 50.69 126.05 27.67
CA THR H 1197 49.35 125.51 27.88
C THR H 1197 49.38 124.41 28.95
N VAL H 1198 48.31 124.34 29.75
CA VAL H 1198 48.19 123.32 30.79
C VAL H 1198 46.82 122.67 30.72
N ILE H 1199 46.79 121.37 30.45
CA ILE H 1199 45.53 120.63 30.39
C ILE H 1199 45.35 119.83 31.65
N SER H 1200 44.21 120.02 32.32
CA SER H 1200 43.96 119.39 33.62
C SER H 1200 42.58 118.77 33.73
N VAL H 1201 42.45 117.74 34.57
CA VAL H 1201 41.19 117.04 34.74
C VAL H 1201 40.76 117.03 36.20
N ARG H 1202 39.52 117.42 36.46
CA ARG H 1202 38.94 117.36 37.80
C ARG H 1202 37.72 116.46 37.86
N GLU H 1203 37.84 115.35 38.57
CA GLU H 1203 36.73 114.40 38.66
C GLU H 1203 36.13 114.43 40.06
N PRO H 1204 34.92 113.88 40.20
CA PRO H 1204 34.28 113.79 41.51
C PRO H 1204 34.81 112.60 42.30
N SER H 1205 35.56 112.86 43.38
CA SER H 1205 35.89 111.80 44.33
C SER H 1205 34.64 111.49 45.13
N GLN H 1206 34.55 110.27 45.64
CA GLN H 1206 33.35 109.83 46.33
C GLN H 1206 33.03 110.72 47.53
N SER H 1207 34.06 111.33 48.09
CA SER H 1207 33.89 112.15 49.28
C SER H 1207 34.01 113.66 48.97
N ALA H 1208 34.60 113.99 47.82
CA ALA H 1208 34.87 115.38 47.48
C ALA H 1208 34.04 115.90 46.31
N LYS H 1209 34.04 117.22 46.16
CA LYS H 1209 33.37 117.87 45.04
C LYS H 1209 34.07 117.54 43.72
N LEU H 1210 35.34 117.96 43.62
CA LEU H 1210 36.19 117.66 42.47
C LEU H 1210 37.59 117.35 42.98
N VAL H 1211 38.44 116.78 42.14
CA VAL H 1211 39.82 116.50 42.52
C VAL H 1211 40.73 116.59 41.31
N LYS H 1212 42.01 116.84 41.56
CA LYS H 1212 43.03 116.85 40.52
C LYS H 1212 43.33 115.42 40.09
N THR H 1213 42.99 115.14 38.83
CA THR H 1213 43.12 113.82 38.25
C THR H 1213 44.44 113.72 37.52
N VAL H 1214 44.51 114.40 36.38
CA VAL H 1214 45.70 114.38 35.55
C VAL H 1214 45.94 115.78 35.00
N GLU H 1215 47.19 116.07 34.68
CA GLU H 1215 47.50 117.29 33.97
C GLU H 1215 48.70 117.05 33.08
N ILE H 1216 48.74 117.76 31.96
CA ILE H 1216 49.82 117.62 31.00
C ILE H 1216 50.41 118.96 30.58
N LYS H 1217 51.48 119.37 31.26
CA LYS H 1217 52.24 120.56 30.88
C LYS H 1217 53.42 120.14 30.04
N LEU H 1218 54.24 121.10 29.64
CA LEU H 1218 55.46 120.81 28.92
C LEU H 1218 56.62 121.15 29.83
N VAL H 1219 57.78 120.53 29.61
CA VAL H 1219 58.97 120.79 30.40
C VAL H 1219 60.19 120.49 29.55
N GLY H 1220 61.17 121.39 29.55
CA GLY H 1220 62.38 121.18 28.79
C GLY H 1220 62.18 121.10 27.29
N ASP H 1221 61.48 122.09 26.73
CA ASP H 1221 61.28 122.20 25.29
C ASP H 1221 60.35 121.14 24.74
N ASN H 1222 60.84 119.90 24.70
CA ASN H 1222 60.14 118.82 24.02
C ASN H 1222 59.48 117.81 24.95
N GLU H 1223 59.95 117.72 26.19
CA GLU H 1223 59.39 116.76 27.12
C GLU H 1223 58.00 117.18 27.58
N ILE H 1224 57.00 116.40 27.21
CA ILE H 1224 55.66 116.59 27.72
C ILE H 1224 55.56 115.77 29.01
N ALA H 1225 54.77 116.24 29.98
CA ALA H 1225 54.70 115.57 31.27
C ALA H 1225 53.27 115.19 31.64
N LEU H 1226 52.93 113.93 31.42
CA LEU H 1226 51.61 113.40 31.75
C LEU H 1226 51.58 112.92 33.19
N THR H 1227 50.78 113.58 34.00
CA THR H 1227 50.82 113.33 35.43
C THR H 1227 49.48 112.92 36.02
N LEU H 1228 49.51 111.89 36.85
CA LEU H 1228 48.32 111.40 37.55
C LEU H 1228 48.52 111.60 39.04
N PHE H 1229 47.46 111.92 39.76
CA PHE H 1229 47.56 112.26 41.18
C PHE H 1229 46.67 111.41 42.04
N GLU H 1230 47.27 110.68 42.97
CA GLU H 1230 46.50 109.81 43.83
C GLU H 1230 46.36 110.36 45.24
N GLY H 1231 45.14 110.73 45.61
CA GLY H 1231 44.83 111.17 46.95
C GLY H 1231 45.26 110.17 48.02
N ARG H 1232 44.49 109.10 48.16
CA ARG H 1232 44.70 108.13 49.24
C ARG H 1232 46.03 107.40 49.11
N THR H 1233 47.02 107.86 49.88
CA THR H 1233 48.34 107.25 49.87
C THR H 1233 48.86 107.01 51.30
N ALA H 1234 50.06 106.45 51.39
CA ALA H 1234 50.66 106.11 52.68
C ALA H 1234 50.88 107.32 53.58
N GLU H 1235 51.27 108.44 52.98
CA GLU H 1235 51.57 109.65 53.71
C GLU H 1235 50.34 110.54 53.89
N GLY H 1236 49.21 110.11 53.33
CA GLY H 1236 47.96 110.84 53.47
C GLY H 1236 47.92 112.11 52.67
N GLY H 1237 48.84 112.25 51.72
CA GLY H 1237 48.91 113.42 50.88
C GLY H 1237 49.16 113.04 49.44
N VAL H 1238 48.53 113.78 48.52
CA VAL H 1238 48.66 113.55 47.07
C VAL H 1238 50.07 113.19 46.59
N VAL H 1239 50.19 112.09 45.86
CA VAL H 1239 51.44 111.75 45.21
C VAL H 1239 51.20 111.74 43.72
N PRO H 1240 52.19 112.22 42.94
CA PRO H 1240 52.08 112.28 41.49
C PRO H 1240 52.96 111.25 40.81
N LEU H 1241 52.47 110.68 39.72
CA LEU H 1241 53.25 109.80 38.89
C LEU H 1241 53.27 110.45 37.53
N THR H 1242 54.43 110.49 36.89
CA THR H 1242 54.53 111.17 35.61
C THR H 1242 55.23 110.36 34.55
N PHE H 1243 54.66 110.41 33.34
CA PHE H 1243 55.21 109.74 32.17
C PHE H 1243 55.72 110.78 31.20
N ARG H 1244 56.97 110.65 30.78
CA ARG H 1244 57.59 111.68 29.96
C ARG H 1244 57.50 111.30 28.49
N PHE H 1245 57.17 112.29 27.67
CA PHE H 1245 57.05 112.13 26.21
C PHE H 1245 57.85 113.21 25.49
N THR H 1246 58.43 112.87 24.35
CA THR H 1246 59.08 113.85 23.49
C THR H 1246 58.42 113.81 22.12
N TYR H 1247 58.41 114.91 21.40
CA TYR H 1247 57.61 114.97 20.17
C TYR H 1247 58.22 115.69 18.95
N HIS H 1248 58.52 114.93 17.89
CA HIS H 1248 59.28 115.40 16.72
C HIS H 1248 58.43 115.52 15.46
N PRO H 1249 57.80 116.68 15.25
CA PRO H 1249 56.89 116.95 14.14
C PRO H 1249 57.47 116.69 12.74
N GLU H 1250 58.71 116.19 12.68
CA GLU H 1250 59.21 115.67 11.41
C GLU H 1250 58.24 114.59 10.96
N ALA H 1251 58.01 113.64 11.88
CA ALA H 1251 57.09 112.52 11.67
C ALA H 1251 55.68 112.87 12.11
N GLY H 1252 54.88 113.33 11.15
CA GLY H 1252 53.48 113.64 11.42
C GLY H 1252 52.70 112.39 11.76
N TYR H 1253 53.25 111.24 11.36
CA TYR H 1253 52.62 109.96 11.60
C TYR H 1253 52.71 109.54 13.07
N ALA H 1254 53.89 109.65 13.63
CA ALA H 1254 54.11 109.34 15.04
C ALA H 1254 54.68 110.55 15.75
N PRO H 1255 53.88 111.62 15.83
CA PRO H 1255 54.34 112.87 16.42
C PRO H 1255 54.80 112.65 17.85
N ILE H 1256 54.14 111.75 18.58
CA ILE H 1256 54.49 111.57 19.97
C ILE H 1256 55.18 110.25 20.26
N ARG H 1257 56.17 110.29 21.15
CA ARG H 1257 56.86 109.11 21.62
C ARG H 1257 56.89 109.12 23.16
N GLU H 1258 57.46 108.09 23.77
CA GLU H 1258 57.62 108.08 25.22
C GLU H 1258 59.07 107.85 25.62
N VAL H 1259 59.46 108.49 26.71
CA VAL H 1259 60.78 108.35 27.29
C VAL H 1259 60.67 107.31 28.36
N MET H 1260 61.19 106.12 28.07
CA MET H 1260 60.96 105.00 28.96
C MET H 1260 62.19 104.58 29.76
N GLU H 1261 63.35 105.11 29.36
CA GLU H 1261 64.59 104.81 30.05
C GLU H 1261 64.54 105.35 31.46
N GLY H 1262 64.02 104.55 32.38
CA GLY H 1262 63.87 104.94 33.78
C GLY H 1262 62.45 104.68 34.25
N ARG H 1263 61.53 104.68 33.29
CA ARG H 1263 60.11 104.44 33.52
C ARG H 1263 59.83 103.37 34.59
N ASN H 1264 60.54 102.26 34.53
CA ASN H 1264 60.37 101.20 35.50
C ASN H 1264 60.63 101.70 36.91
N ASP H 1265 61.82 102.23 37.10
CA ASP H 1265 62.25 102.75 38.39
C ASP H 1265 61.34 103.90 38.83
N ARG H 1266 61.17 104.87 37.94
CA ARG H 1266 60.33 106.05 38.20
C ARG H 1266 58.99 105.67 38.83
N ILE H 1267 58.37 104.64 38.27
CA ILE H 1267 57.08 104.14 38.75
C ILE H 1267 57.25 103.37 40.06
N LYS H 1268 58.27 102.52 40.13
CA LYS H 1268 58.60 101.80 41.37
C LYS H 1268 58.74 102.78 42.51
N GLU H 1269 59.46 103.87 42.25
CA GLU H 1269 59.57 104.96 43.21
C GLU H 1269 58.20 105.40 43.65
N PHE H 1270 57.39 105.84 42.70
CA PHE H 1270 56.02 106.26 43.00
C PHE H 1270 55.36 105.28 43.95
N TYR H 1271 55.29 104.02 43.54
CA TYR H 1271 54.68 103.01 44.38
C TYR H 1271 55.30 103.01 45.76
N TYR H 1272 56.63 102.93 45.80
CA TYR H 1272 57.35 102.85 47.07
C TYR H 1272 56.82 103.90 48.03
N ARG H 1273 56.76 105.13 47.54
CA ARG H 1273 56.32 106.25 48.35
C ARG H 1273 54.87 106.04 48.78
N VAL H 1274 54.05 105.54 47.86
CA VAL H 1274 52.63 105.37 48.11
C VAL H 1274 52.33 104.25 49.09
N TRP H 1275 53.24 103.27 49.18
CA TRP H 1275 53.06 102.12 50.07
C TRP H 1275 53.68 102.32 51.44
N PHE H 1276 54.96 102.71 51.47
CA PHE H 1276 55.73 102.76 52.71
C PHE H 1276 56.07 104.20 53.14
N ALA H 1277 55.77 105.16 52.28
CA ALA H 1277 56.06 106.57 52.56
C ALA H 1277 57.55 106.88 52.73
N GLU H 1278 58.42 106.01 52.21
CA GLU H 1278 59.85 106.29 52.12
C GLU H 1278 60.16 106.45 50.65
N LYS H 1279 60.60 107.64 50.23
CA LYS H 1279 60.81 107.84 48.80
C LYS H 1279 62.23 107.57 48.33
N GLU H 1280 62.82 106.49 48.85
CA GLU H 1280 64.05 105.94 48.27
C GLU H 1280 64.04 104.43 48.39
N VAL H 1281 64.22 103.77 47.24
CA VAL H 1281 64.04 102.33 47.12
C VAL H 1281 65.35 101.54 47.02
N PRO H 1282 65.40 100.35 47.65
CA PRO H 1282 66.56 99.47 47.68
C PRO H 1282 66.90 98.86 46.32
N PHE H 1283 66.84 99.68 45.27
CA PHE H 1283 67.03 99.23 43.90
C PHE H 1283 68.11 98.19 43.75
N ASP H 1284 69.24 98.40 44.37
CA ASP H 1284 70.37 97.50 44.17
C ASP H 1284 70.58 96.48 45.28
N THR H 1285 69.49 95.92 45.79
CA THR H 1285 69.60 94.78 46.69
C THR H 1285 69.59 93.52 45.84
N PRO H 1286 70.46 92.55 46.17
CA PRO H 1286 70.48 91.25 45.49
C PRO H 1286 69.30 90.41 45.97
N LEU H 1287 68.69 89.64 45.08
CA LEU H 1287 67.44 88.99 45.37
C LEU H 1287 67.65 87.85 46.33
N THR H 1288 68.92 87.53 46.52
CA THR H 1288 69.34 86.51 47.46
C THR H 1288 69.18 86.98 48.89
N ALA H 1289 69.08 88.29 49.06
CA ALA H 1289 69.03 88.89 50.39
C ALA H 1289 67.69 88.67 51.10
N VAL H 1290 67.75 88.65 52.43
CA VAL H 1290 66.54 88.64 53.24
C VAL H 1290 66.04 90.07 53.38
N PHE H 1291 64.73 90.26 53.33
CA PHE H 1291 64.15 91.60 53.43
C PHE H 1291 63.51 91.75 54.80
N ASP H 1292 63.58 92.96 55.34
CA ASP H 1292 63.07 93.21 56.70
C ASP H 1292 61.72 93.94 56.71
N GLY H 1293 60.78 93.39 57.48
CA GLY H 1293 59.48 94.01 57.68
C GLY H 1293 59.45 94.65 59.05
N GLY H 1294 60.24 94.09 59.96
CA GLY H 1294 60.47 94.67 61.26
C GLY H 1294 59.47 94.28 62.34
N ARG H 1295 59.58 94.93 63.49
CA ARG H 1295 58.67 94.70 64.61
C ARG H 1295 57.28 95.19 64.24
N GLU H 1296 56.30 94.72 65.00
CA GLU H 1296 54.92 95.10 64.76
C GLU H 1296 54.02 94.59 65.87
N ILE H 1297 53.18 95.46 66.41
CA ILE H 1297 52.21 95.02 67.39
C ILE H 1297 50.82 94.99 66.79
N VAL H 1298 50.15 93.86 66.96
CA VAL H 1298 48.81 93.69 66.44
C VAL H 1298 47.89 94.68 67.14
N ASN H 1299 47.66 95.82 66.50
CA ASN H 1299 46.76 96.84 67.07
C ASN H 1299 45.39 96.25 67.35
N ALA H 1300 45.00 96.23 68.63
CA ALA H 1300 43.72 95.68 69.04
C ALA H 1300 42.58 96.18 68.16
N GLN H 1301 42.68 97.46 67.78
CA GLN H 1301 41.68 98.09 66.95
C GLN H 1301 41.85 97.72 65.49
N ALA H 1302 43.06 97.92 64.96
CA ALA H 1302 43.35 97.61 63.56
C ALA H 1302 42.78 96.25 63.16
N VAL H 1303 42.78 95.32 64.12
CA VAL H 1303 42.21 93.99 63.93
C VAL H 1303 40.72 94.07 63.63
N ALA H 1304 39.97 94.68 64.52
CA ALA H 1304 38.53 94.81 64.33
C ALA H 1304 38.17 95.62 63.10
N ASP H 1305 39.11 96.43 62.62
CA ASP H 1305 38.92 97.23 61.40
C ASP H 1305 39.00 96.36 60.16
N PHE H 1306 39.93 95.41 60.20
CA PHE H 1306 40.12 94.46 59.11
C PHE H 1306 38.91 93.53 58.96
N VAL H 1307 38.63 92.77 60.02
CA VAL H 1307 37.43 91.96 60.14
C VAL H 1307 36.20 92.65 59.58
N HIS H 1308 35.81 93.78 60.19
CA HIS H 1308 34.59 94.50 59.80
C HIS H 1308 34.64 95.00 58.36
N ALA H 1309 35.80 94.86 57.73
CA ALA H 1309 35.99 95.37 56.39
C ALA H 1309 35.87 94.28 55.33
N VAL H 1310 36.41 93.10 55.60
CA VAL H 1310 36.33 92.01 54.65
C VAL H 1310 34.99 91.28 54.77
N GLY H 1311 34.56 91.04 55.99
CA GLY H 1311 33.26 90.45 56.23
C GLY H 1311 33.22 89.42 57.35
N ASN H 1312 34.36 89.23 58.00
CA ASN H 1312 34.46 88.20 59.02
C ASN H 1312 33.74 88.52 60.34
N THR H 1313 33.29 87.49 61.04
CA THR H 1313 32.27 87.66 62.06
C THR H 1313 32.49 86.77 63.29
N GLY H 1314 33.56 86.00 63.30
CA GLY H 1314 33.77 85.02 64.34
C GLY H 1314 34.01 85.59 65.71
N GLU H 1315 33.25 85.11 66.70
CA GLU H 1315 33.37 85.54 68.09
C GLU H 1315 34.80 85.32 68.61
N ALA H 1316 35.61 84.68 67.77
CA ALA H 1316 37.02 84.49 68.02
C ALA H 1316 37.75 85.79 67.77
N PHE H 1317 37.06 86.73 67.15
CA PHE H 1317 37.67 88.01 66.83
C PHE H 1317 37.12 89.18 67.63
N VAL H 1318 35.93 89.01 68.21
CA VAL H 1318 35.23 90.14 68.77
C VAL H 1318 35.35 90.23 70.30
N ASP H 1319 36.23 89.42 70.89
CA ASP H 1319 36.61 89.63 72.29
C ASP H 1319 35.50 89.21 73.26
N ARG H 1320 34.65 88.30 72.83
CA ARG H 1320 33.69 87.74 73.76
C ARG H 1320 33.89 86.24 73.82
N GLY H 1321 33.12 85.59 74.68
CA GLY H 1321 33.12 84.16 74.76
C GLY H 1321 34.44 83.61 75.26
N LYS H 1322 35.08 82.80 74.43
CA LYS H 1322 36.28 82.08 74.84
C LYS H 1322 37.51 82.54 74.08
N ASP H 1323 37.30 83.30 73.01
CA ASP H 1323 38.40 83.63 72.10
C ASP H 1323 38.53 85.11 71.74
N PHE H 1324 39.77 85.60 71.72
CA PHE H 1324 40.12 86.81 71.00
C PHE H 1324 41.43 86.63 70.25
N PHE H 1325 41.31 86.27 68.97
CA PHE H 1325 42.45 86.13 68.09
C PHE H 1325 42.32 87.11 66.93
N ALA H 1326 43.27 87.03 66.01
CA ALA H 1326 43.26 87.88 64.84
C ALA H 1326 43.35 86.96 63.65
N PRO H 1327 42.60 87.29 62.60
CA PRO H 1327 42.61 86.55 61.34
C PRO H 1327 44.03 86.27 60.88
N MET H 1328 44.29 85.08 60.35
CA MET H 1328 45.59 84.83 59.75
C MET H 1328 45.69 85.69 58.49
N ASP H 1329 44.56 86.25 58.09
CA ASP H 1329 44.50 87.16 56.94
C ASP H 1329 45.26 88.42 57.27
N PHE H 1330 45.32 88.74 58.56
CA PHE H 1330 46.02 89.91 59.05
C PHE H 1330 47.52 89.83 58.77
N ALA H 1331 48.02 88.62 58.56
CA ALA H 1331 49.43 88.44 58.28
C ALA H 1331 49.91 89.28 57.11
N ILE H 1332 49.15 89.35 56.02
CA ILE H 1332 49.57 90.13 54.85
C ILE H 1332 49.34 91.61 55.07
N VAL H 1333 48.74 91.94 56.21
CA VAL H 1333 48.58 93.33 56.58
C VAL H 1333 49.77 93.70 57.44
N VAL H 1334 50.08 92.84 58.41
CA VAL H 1334 51.25 93.01 59.25
C VAL H 1334 52.50 92.93 58.41
N GLY H 1335 52.76 91.77 57.82
CA GLY H 1335 53.95 91.58 57.02
C GLY H 1335 53.93 92.26 55.66
N TRP H 1336 52.87 93.02 55.39
CA TRP H 1336 52.70 93.68 54.10
C TRP H 1336 53.97 94.37 53.64
N LYS H 1337 54.81 94.73 54.59
CA LYS H 1337 56.08 95.35 54.25
C LYS H 1337 56.99 94.35 53.52
N ALA H 1338 57.48 93.36 54.25
CA ALA H 1338 58.46 92.43 53.70
C ALA H 1338 57.91 91.66 52.52
N ILE H 1339 56.60 91.57 52.45
CA ILE H 1339 55.96 90.81 51.39
C ILE H 1339 56.02 91.56 50.07
N THR H 1340 56.02 92.90 50.17
CA THR H 1340 55.95 93.77 48.99
C THR H 1340 57.34 94.23 48.54
N LYS H 1341 58.15 94.66 49.50
CA LYS H 1341 59.48 95.18 49.21
C LYS H 1341 60.24 94.51 48.07
N PRO H 1342 60.34 93.17 48.10
CA PRO H 1342 61.24 92.43 47.21
C PRO H 1342 60.87 92.52 45.72
N ILE H 1343 59.75 93.16 45.41
CA ILE H 1343 59.34 93.32 44.02
C ILE H 1343 60.20 94.37 43.31
N PHE H 1344 60.85 95.22 44.11
CA PHE H 1344 61.46 96.46 43.63
C PHE H 1344 62.89 96.39 43.08
N PRO H 1345 63.75 95.52 43.65
CA PRO H 1345 65.13 95.40 43.17
C PRO H 1345 65.32 95.58 41.66
N ARG H 1346 66.53 96.01 41.29
CA ARG H 1346 66.80 96.42 39.92
C ARG H 1346 66.82 95.28 38.90
N LYS H 1347 67.06 94.07 39.36
CA LYS H 1347 67.11 92.92 38.47
C LYS H 1347 65.69 92.38 38.16
N ILE H 1348 64.70 93.00 38.78
CA ILE H 1348 63.32 92.63 38.57
C ILE H 1348 62.60 93.84 37.98
N ASP H 1349 63.20 94.45 36.96
CA ASP H 1349 62.67 95.71 36.45
C ASP H 1349 61.38 95.55 35.64
N GLY H 1350 60.24 95.73 36.30
CA GLY H 1350 58.95 95.64 35.63
C GLY H 1350 58.15 96.91 35.78
N ASP H 1351 57.10 97.01 34.99
CA ASP H 1351 56.15 98.09 35.09
C ASP H 1351 55.21 97.80 36.25
N LEU H 1352 55.56 98.24 37.45
CA LEU H 1352 54.79 97.89 38.64
C LEU H 1352 53.35 98.38 38.57
N LEU H 1353 53.06 99.28 37.64
CA LEU H 1353 51.69 99.73 37.43
C LEU H 1353 50.87 98.57 36.89
N LYS H 1354 51.44 97.86 35.93
CA LYS H 1354 50.81 96.68 35.38
C LYS H 1354 51.21 95.45 36.18
N LEU H 1355 51.16 95.57 37.51
CA LEU H 1355 51.34 94.41 38.36
C LEU H 1355 49.97 93.98 38.76
N VAL H 1356 49.82 92.69 39.04
CA VAL H 1356 48.59 92.15 39.59
C VAL H 1356 48.93 91.11 40.64
N HIS H 1357 48.09 91.02 41.67
CA HIS H 1357 48.28 89.97 42.65
C HIS H 1357 47.82 88.66 42.04
N LEU H 1358 48.71 87.68 42.01
CA LEU H 1358 48.51 86.45 41.25
C LEU H 1358 48.06 85.29 42.10
N SER H 1359 48.62 85.20 43.30
CA SER H 1359 48.41 84.06 44.17
C SER H 1359 48.90 84.44 45.55
N ASN H 1360 48.46 83.70 46.56
CA ASN H 1360 48.95 83.93 47.91
C ASN H 1360 48.38 82.93 48.88
N GLY H 1361 49.24 82.30 49.66
CA GLY H 1361 48.79 81.34 50.65
C GLY H 1361 49.46 81.51 52.00
N TYR H 1362 48.71 81.26 53.06
CA TYR H 1362 49.28 81.18 54.39
C TYR H 1362 49.47 79.72 54.84
N ARG H 1363 50.40 79.49 55.75
CA ARG H 1363 50.59 78.14 56.28
C ARG H 1363 51.13 78.21 57.70
N MET H 1364 50.30 77.85 58.67
CA MET H 1364 50.65 78.07 60.08
C MET H 1364 51.49 76.97 60.67
N VAL H 1365 52.72 77.32 61.04
CA VAL H 1365 53.66 76.39 61.64
C VAL H 1365 52.97 75.46 62.60
N PRO H 1366 53.29 74.17 62.52
CA PRO H 1366 52.67 73.15 63.34
C PRO H 1366 52.77 73.48 64.83
N GLY H 1367 51.65 73.47 65.53
CA GLY H 1367 51.63 73.72 66.97
C GLY H 1367 51.39 75.17 67.36
N ALA H 1368 51.70 76.09 66.45
CA ALA H 1368 51.65 77.52 66.75
C ALA H 1368 50.23 78.04 66.88
N GLU H 1369 49.97 78.80 67.95
CA GLU H 1369 48.64 79.38 68.14
C GLU H 1369 48.42 80.57 67.22
N PRO H 1370 47.15 80.87 66.91
CA PRO H 1370 46.83 81.91 65.93
C PRO H 1370 47.30 83.27 66.41
N LEU H 1371 47.04 84.31 65.63
CA LEU H 1371 47.50 85.63 66.01
C LEU H 1371 46.56 86.19 67.06
N LYS H 1372 47.13 86.67 68.18
CA LYS H 1372 46.38 87.38 69.22
C LYS H 1372 46.75 88.87 69.16
N VAL H 1373 46.03 89.71 69.89
CA VAL H 1373 46.25 91.16 69.76
C VAL H 1373 47.51 91.67 70.47
N GLY H 1374 47.80 91.17 71.65
CA GLY H 1374 48.98 91.62 72.38
C GLY H 1374 50.29 91.09 71.83
N ASP H 1375 50.35 90.97 70.50
CA ASP H 1375 51.47 90.27 69.87
C ASP H 1375 52.46 91.22 69.20
N VAL H 1376 53.73 90.80 69.21
CA VAL H 1376 54.80 91.49 68.49
C VAL H 1376 55.45 90.56 67.48
N LEU H 1377 55.30 90.91 66.21
CA LEU H 1377 55.63 90.02 65.12
C LEU H 1377 56.77 90.58 64.28
N ASP H 1378 57.78 89.74 64.05
CA ASP H 1378 58.90 90.13 63.19
C ASP H 1378 58.76 89.56 61.78
N THR H 1379 58.69 90.46 60.81
CA THR H 1379 58.35 90.12 59.44
C THR H 1379 59.57 89.86 58.57
N THR H 1380 59.84 88.59 58.30
CA THR H 1380 61.00 88.21 57.48
C THR H 1380 60.55 87.68 56.13
N ALA H 1381 61.16 88.16 55.06
CA ALA H 1381 60.82 87.63 53.74
C ALA H 1381 62.05 87.44 52.87
N GLN H 1382 61.94 86.59 51.86
CA GLN H 1382 62.96 86.51 50.81
C GLN H 1382 62.34 86.04 49.52
N ILE H 1383 63.07 86.21 48.41
CA ILE H 1383 62.53 85.91 47.09
C ILE H 1383 62.79 84.46 46.69
N ASN H 1384 61.73 83.66 46.69
CA ASN H 1384 61.82 82.23 46.39
C ASN H 1384 61.97 81.88 44.93
N ALA H 1385 61.38 82.70 44.05
CA ALA H 1385 61.55 82.53 42.62
C ALA H 1385 61.02 83.71 41.88
N VAL H 1386 61.77 84.14 40.88
CA VAL H 1386 61.29 85.13 39.96
C VAL H 1386 61.43 84.49 38.62
N ILE H 1387 60.31 84.24 37.96
CA ILE H 1387 60.30 83.60 36.66
C ILE H 1387 59.33 84.33 35.78
N ASN H 1388 59.65 84.37 34.48
CA ASN H 1388 58.82 85.08 33.54
C ASN H 1388 57.95 84.15 32.71
N GLN H 1389 56.71 84.00 33.15
CA GLN H 1389 55.73 83.22 32.42
C GLN H 1389 55.32 84.00 31.19
N ASP H 1390 54.49 83.39 30.37
CA ASP H 1390 54.03 84.09 29.17
C ASP H 1390 53.06 85.20 29.57
N SER H 1391 52.27 84.95 30.60
CA SER H 1391 51.30 85.92 31.09
C SER H 1391 51.97 87.22 31.54
N GLY H 1392 53.26 87.14 31.84
CA GLY H 1392 54.01 88.30 32.26
C GLY H 1392 55.33 87.95 32.92
N LYS H 1393 55.51 88.42 34.15
CA LYS H 1393 56.71 88.12 34.93
C LYS H 1393 56.30 87.88 36.36
N MET H 1394 56.91 86.89 36.98
CA MET H 1394 56.40 86.40 38.25
C MET H 1394 57.40 86.45 39.40
N VAL H 1395 56.95 86.98 40.52
CA VAL H 1395 57.77 87.04 41.71
C VAL H 1395 57.13 86.24 42.81
N GLU H 1396 57.87 85.29 43.36
CA GLU H 1396 57.38 84.51 44.49
C GLU H 1396 58.09 84.95 45.76
N VAL H 1397 57.31 85.43 46.71
CA VAL H 1397 57.83 85.96 47.96
C VAL H 1397 57.43 85.04 49.11
N CYS H 1398 58.36 84.70 49.98
CA CYS H 1398 58.03 83.87 51.13
C CYS H 1398 58.17 84.59 52.47
N GLY H 1399 57.04 85.02 53.00
CA GLY H 1399 57.00 85.68 54.28
C GLY H 1399 57.11 84.71 55.44
N THR H 1400 57.60 85.22 56.57
CA THR H 1400 57.78 84.43 57.77
C THR H 1400 57.52 85.32 58.97
N LEU H 1401 56.29 85.31 59.45
CA LEU H 1401 55.97 85.99 60.69
C LEU H 1401 56.45 85.19 61.90
N LYS H 1402 57.20 85.84 62.79
CA LYS H 1402 57.70 85.20 64.01
C LYS H 1402 57.31 85.96 65.25
N ARG H 1403 56.88 85.24 66.27
CA ARG H 1403 56.62 85.84 67.57
C ARG H 1403 57.57 85.14 68.54
N ASP H 1404 58.20 85.90 69.41
CA ASP H 1404 59.13 85.34 70.40
C ASP H 1404 60.30 84.62 69.74
N GLY H 1405 60.63 85.02 68.52
CA GLY H 1405 61.77 84.47 67.80
C GLY H 1405 61.47 83.17 67.07
N LYS H 1406 60.33 82.56 67.39
CA LYS H 1406 59.90 81.35 66.73
C LYS H 1406 58.91 81.68 65.63
N PRO H 1407 59.05 81.02 64.47
CA PRO H 1407 58.14 81.23 63.35
C PRO H 1407 56.73 80.75 63.69
N VAL H 1408 55.72 81.52 63.31
CA VAL H 1408 54.35 81.15 63.59
C VAL H 1408 53.54 80.87 62.34
N MET H 1409 53.83 81.58 61.26
CA MET H 1409 53.17 81.30 59.99
C MET H 1409 53.94 81.87 58.80
N TYR H 1410 53.84 81.21 57.65
CA TYR H 1410 54.58 81.62 56.46
C TYR H 1410 53.64 82.09 55.37
N VAL H 1411 53.60 83.40 55.15
CA VAL H 1411 52.79 83.94 54.06
C VAL H 1411 53.58 83.97 52.77
N THR H 1412 53.21 83.08 51.86
CA THR H 1412 53.85 83.00 50.56
C THR H 1412 52.95 83.66 49.50
N SER H 1413 53.54 84.48 48.65
CA SER H 1413 52.74 85.24 47.70
C SER H 1413 53.37 85.31 46.32
N GLN H 1414 52.53 85.53 45.31
CA GLN H 1414 52.96 85.61 43.91
C GLN H 1414 52.46 86.87 43.21
N PHE H 1415 53.35 87.57 42.52
CA PHE H 1415 52.95 88.77 41.84
C PHE H 1415 53.25 88.66 40.36
N LEU H 1416 52.43 89.31 39.55
CA LEU H 1416 52.56 89.25 38.11
C LEU H 1416 52.76 90.60 37.44
N TYR H 1417 54.00 90.85 37.02
CA TYR H 1417 54.34 91.95 36.14
C TYR H 1417 53.92 91.55 34.72
N ARG H 1418 52.67 91.78 34.36
CA ARG H 1418 52.17 91.33 33.05
C ARG H 1418 52.86 92.01 31.87
N GLY H 1419 53.31 91.20 30.91
CA GLY H 1419 54.02 91.68 29.75
C GLY H 1419 55.00 90.67 29.16
N VAL H 1420 55.86 91.14 28.25
CA VAL H 1420 56.81 90.29 27.55
C VAL H 1420 58.24 90.47 28.09
N TYR H 1421 58.82 89.39 28.61
CA TYR H 1421 60.15 89.47 29.21
C TYR H 1421 61.16 88.44 28.71
N THR H 1422 62.31 88.91 28.26
CA THR H 1422 63.41 88.05 27.85
C THR H 1422 64.57 88.18 28.83
N ASP H 1423 64.33 88.86 29.94
CA ASP H 1423 65.35 89.16 30.93
C ASP H 1423 65.74 87.93 31.75
N TYR H 1424 65.93 86.82 31.07
CA TYR H 1424 66.08 85.52 31.73
C TYR H 1424 67.29 85.47 32.66
N GLU H 1425 68.22 86.41 32.51
CA GLU H 1425 69.42 86.44 33.34
C GLU H 1425 69.16 86.29 34.84
N ASN H 1426 68.07 86.86 35.29
CA ASN H 1426 67.78 86.91 36.71
C ASN H 1426 66.55 86.10 37.10
N THR H 1427 66.15 85.17 36.22
CA THR H 1427 65.06 84.29 36.55
C THR H 1427 65.63 83.07 37.26
N PHE H 1428 64.86 82.47 38.17
CA PHE H 1428 65.36 81.39 38.99
C PHE H 1428 64.30 80.81 39.91
N GLN H 1429 64.59 79.68 40.54
CA GLN H 1429 63.65 79.08 41.48
C GLN H 1429 64.28 78.16 42.52
N ARG H 1430 63.79 78.26 43.76
CA ARG H 1430 64.18 77.36 44.83
C ARG H 1430 62.99 76.53 45.26
N LYS H 1431 62.68 75.47 44.51
CA LYS H 1431 61.60 74.59 44.91
C LYS H 1431 62.07 73.60 45.98
N ASP H 1432 61.14 73.24 46.87
CA ASP H 1432 61.36 72.14 47.79
C ASP H 1432 60.80 70.86 47.20
N GLU H 1433 61.66 70.09 46.57
CA GLU H 1433 61.21 68.92 45.84
C GLU H 1433 60.62 67.84 46.76
N VAL H 1434 59.65 67.11 46.23
CA VAL H 1434 58.86 66.18 47.00
C VAL H 1434 59.68 65.08 47.66
N PRO H 1435 59.31 64.74 48.90
CA PRO H 1435 59.90 63.59 49.61
C PRO H 1435 59.73 62.29 48.81
N MET H 1436 60.85 61.66 48.45
CA MET H 1436 60.81 60.40 47.71
C MET H 1436 61.21 59.21 48.60
N GLN H 1437 60.71 58.04 48.26
CA GLN H 1437 60.98 56.82 49.01
C GLN H 1437 61.58 55.74 48.11
N LEU H 1438 62.90 55.61 48.17
CA LEU H 1438 63.60 54.67 47.29
C LEU H 1438 63.88 53.41 48.07
N HIS H 1439 63.24 52.33 47.68
CA HIS H 1439 63.46 51.06 48.36
C HIS H 1439 64.55 50.24 47.66
N ILE H 1440 65.60 49.91 48.40
CA ILE H 1440 66.71 49.13 47.89
C ILE H 1440 66.55 47.65 48.21
N ALA H 1441 66.45 46.83 47.17
CA ALA H 1441 66.18 45.40 47.33
C ALA H 1441 67.32 44.50 46.81
N THR H 1442 67.78 44.78 45.60
CA THR H 1442 68.87 44.02 45.01
C THR H 1442 70.18 44.72 45.28
N PRO H 1443 71.28 43.96 45.39
CA PRO H 1443 72.57 44.64 45.44
C PRO H 1443 72.80 45.43 44.16
N GLN H 1444 72.06 45.08 43.11
CA GLN H 1444 72.17 45.82 41.86
C GLN H 1444 71.46 47.16 42.01
N ASP H 1445 70.37 47.17 42.76
CA ASP H 1445 69.68 48.41 43.12
C ASP H 1445 70.62 49.34 43.87
N LEU H 1446 71.24 48.79 44.90
CA LEU H 1446 72.20 49.50 45.73
C LEU H 1446 73.33 50.04 44.88
N ALA H 1447 73.93 49.14 44.11
CA ALA H 1447 75.10 49.48 43.31
C ALA H 1447 74.85 50.62 42.34
N VAL H 1448 73.60 50.79 41.92
CA VAL H 1448 73.26 51.92 41.06
C VAL H 1448 73.00 53.18 41.89
N LEU H 1449 72.44 53.02 43.07
CA LEU H 1449 72.21 54.17 43.95
C LEU H 1449 73.56 54.71 44.39
N ARG H 1450 74.55 53.82 44.45
CA ARG H 1450 75.89 54.22 44.81
C ARG H 1450 76.68 54.69 43.60
N SER H 1451 76.28 54.21 42.42
CA SER H 1451 76.97 54.55 41.19
C SER H 1451 76.74 56.00 40.80
N LYS H 1452 75.73 56.60 41.42
CA LYS H 1452 75.40 57.99 41.15
C LYS H 1452 76.46 58.92 41.74
N GLU H 1453 76.87 59.91 40.96
CA GLU H 1453 77.88 60.87 41.40
C GLU H 1453 77.29 61.71 42.51
N TRP H 1454 76.05 62.13 42.31
CA TRP H 1454 75.37 63.01 43.25
C TRP H 1454 75.07 62.34 44.59
N PHE H 1455 75.22 61.02 44.65
CA PHE H 1455 74.99 60.31 45.89
C PHE H 1455 76.28 60.18 46.69
N LYS H 1456 76.20 60.56 47.97
CA LYS H 1456 77.35 60.63 48.85
C LYS H 1456 77.12 59.94 50.17
N LEU H 1457 77.73 58.77 50.34
CA LEU H 1457 77.54 57.99 51.56
C LEU H 1457 78.25 58.61 52.76
N ASP H 1458 77.57 58.60 53.90
CA ASP H 1458 78.12 59.13 55.15
C ASP H 1458 78.99 58.08 55.84
N ASP H 1459 79.85 58.53 56.75
CA ASP H 1459 80.73 57.64 57.48
C ASP H 1459 80.26 57.49 58.91
N GLN H 1460 78.95 57.63 59.12
CA GLN H 1460 78.36 57.41 60.43
C GLN H 1460 78.49 55.94 60.79
N HIS H 1461 77.88 55.08 59.98
CA HIS H 1461 78.14 53.65 60.09
C HIS H 1461 77.76 52.87 58.84
N ASP H 1462 78.31 51.66 58.76
CA ASP H 1462 78.03 50.76 57.67
C ASP H 1462 76.79 49.95 57.97
N ILE H 1463 75.65 50.61 57.94
CA ILE H 1463 74.38 49.93 58.06
C ILE H 1463 73.95 49.53 56.65
N GLU H 1464 74.15 48.26 56.32
CA GLU H 1464 73.92 47.79 54.96
C GLU H 1464 72.57 48.27 54.43
N LEU H 1465 72.66 49.24 53.54
CA LEU H 1465 71.52 49.87 52.91
C LEU H 1465 70.63 48.81 52.24
N LEU H 1466 71.18 47.61 52.08
CA LEU H 1466 70.45 46.52 51.47
C LEU H 1466 69.24 46.18 52.32
N GLY H 1467 68.11 45.95 51.69
CA GLY H 1467 66.93 45.44 52.37
C GLY H 1467 66.15 46.48 53.13
N GLN H 1468 66.58 47.73 53.03
CA GLN H 1468 65.89 48.83 53.69
C GLN H 1468 65.54 49.89 52.66
N THR H 1469 64.70 50.84 53.06
CA THR H 1469 64.31 51.91 52.14
C THR H 1469 64.85 53.25 52.61
N LEU H 1470 64.92 54.20 51.69
CA LEU H 1470 65.52 55.50 51.98
C LEU H 1470 64.55 56.63 51.68
N VAL H 1471 64.73 57.74 52.39
CA VAL H 1471 63.94 58.94 52.19
C VAL H 1471 64.80 60.04 51.58
N PHE H 1472 64.35 60.60 50.48
CA PHE H 1472 65.11 61.65 49.82
C PHE H 1472 64.35 62.97 49.89
N ARG H 1473 64.50 63.67 51.00
CA ARG H 1473 63.98 65.02 51.09
C ARG H 1473 65.01 65.96 50.52
N LEU H 1474 64.70 66.56 49.37
CA LEU H 1474 65.68 67.34 48.63
C LEU H 1474 65.24 68.78 48.36
N GLN H 1475 66.16 69.71 48.55
CA GLN H 1475 65.97 71.08 48.10
C GLN H 1475 66.74 71.27 46.80
N SER H 1476 66.27 72.16 45.94
CA SER H 1476 67.01 72.39 44.73
C SER H 1476 66.78 73.78 44.17
N LEU H 1477 67.74 74.25 43.38
CA LEU H 1477 67.76 75.62 42.88
C LEU H 1477 68.07 75.66 41.40
N VAL H 1478 67.21 76.33 40.65
CA VAL H 1478 67.30 76.33 39.19
C VAL H 1478 67.35 77.73 38.66
N ARG H 1479 68.11 77.92 37.59
CA ARG H 1479 68.14 79.18 36.85
C ARG H 1479 67.80 78.98 35.37
N PHE H 1480 66.76 79.68 34.91
CA PHE H 1480 66.25 79.51 33.57
C PHE H 1480 67.08 80.27 32.56
N LYS H 1481 67.09 79.80 31.32
CA LYS H 1481 67.51 80.66 30.21
C LYS H 1481 66.42 80.73 29.15
N ASN H 1482 66.15 79.62 28.46
CA ASN H 1482 64.95 79.54 27.65
C ASN H 1482 63.84 79.15 28.60
N LYS H 1483 62.61 79.48 28.26
CA LYS H 1483 61.50 79.08 29.11
C LYS H 1483 61.42 77.55 29.15
N ASN H 1484 62.15 76.91 28.25
CA ASN H 1484 62.22 75.46 28.21
C ASN H 1484 63.51 74.93 28.82
N VAL H 1485 64.62 75.59 28.51
CA VAL H 1485 65.95 75.13 28.93
C VAL H 1485 66.40 75.68 30.27
N TYR H 1486 66.83 74.78 31.15
CA TYR H 1486 67.36 75.19 32.44
C TYR H 1486 68.81 75.64 32.26
N SER H 1487 69.01 76.95 32.34
CA SER H 1487 70.34 77.55 32.28
C SER H 1487 71.34 76.86 33.23
N SER H 1488 70.87 76.45 34.40
CA SER H 1488 71.73 75.83 35.40
C SER H 1488 70.93 75.34 36.62
N VAL H 1489 71.18 74.09 37.00
CA VAL H 1489 70.40 73.45 38.07
C VAL H 1489 71.28 72.78 39.13
N GLN H 1490 70.88 72.92 40.39
CA GLN H 1490 71.62 72.32 41.49
C GLN H 1490 70.66 71.72 42.49
N THR H 1491 70.91 70.50 42.90
CA THR H 1491 70.07 69.87 43.90
C THR H 1491 70.90 69.32 45.03
N ILE H 1492 70.45 69.61 46.23
CA ILE H 1492 71.08 69.08 47.41
C ILE H 1492 70.02 68.53 48.34
N GLY H 1493 70.45 67.80 49.35
CA GLY H 1493 69.49 67.28 50.31
C GLY H 1493 69.99 66.13 51.15
N GLN H 1494 69.09 65.60 51.98
CA GLN H 1494 69.45 64.64 52.98
C GLN H 1494 68.80 63.29 52.70
N VAL H 1495 69.61 62.24 52.71
CA VAL H 1495 69.11 60.88 52.58
C VAL H 1495 68.89 60.26 53.95
N LEU H 1496 67.62 60.04 54.29
CA LEU H 1496 67.24 59.56 55.60
C LEU H 1496 67.03 58.06 55.65
N LEU H 1497 67.25 57.48 56.81
CA LEU H 1497 66.88 56.10 57.07
C LEU H 1497 66.26 55.96 58.45
N GLU H 1498 65.21 55.15 58.54
CA GLU H 1498 64.59 54.89 59.83
C GLU H 1498 64.99 53.51 60.30
N LEU H 1499 65.47 53.43 61.53
CA LEU H 1499 65.92 52.18 62.12
C LEU H 1499 64.72 51.38 62.62
N PRO H 1500 64.98 50.14 63.10
CA PRO H 1500 63.90 49.39 63.75
C PRO H 1500 63.43 50.11 65.01
N THR H 1501 64.20 51.09 65.46
CA THR H 1501 63.88 51.83 66.67
C THR H 1501 63.27 53.20 66.38
N LYS H 1502 63.04 53.48 65.10
CA LYS H 1502 62.48 54.77 64.67
C LYS H 1502 63.50 55.90 64.71
N GLU H 1503 64.77 55.54 64.92
CA GLU H 1503 65.88 56.47 64.85
C GLU H 1503 66.07 56.93 63.42
N ILE H 1504 66.05 58.23 63.19
CA ILE H 1504 66.26 58.73 61.84
C ILE H 1504 67.71 59.17 61.65
N ILE H 1505 68.35 58.66 60.61
CA ILE H 1505 69.76 58.95 60.37
C ILE H 1505 70.02 59.47 58.98
N GLN H 1506 70.91 60.44 58.86
CA GLN H 1506 71.37 60.88 57.55
C GLN H 1506 72.42 59.89 57.07
N VAL H 1507 71.96 58.85 56.37
CA VAL H 1507 72.85 57.80 55.90
C VAL H 1507 73.71 58.30 54.76
N ALA H 1508 73.23 59.34 54.09
CA ALA H 1508 73.94 59.94 52.95
C ALA H 1508 73.43 61.34 52.66
N SER H 1509 73.95 61.94 51.59
CA SER H 1509 73.56 63.29 51.22
C SER H 1509 73.66 63.47 49.71
N VAL H 1510 72.81 64.34 49.17
CA VAL H 1510 72.73 64.54 47.72
C VAL H 1510 73.32 65.87 47.25
N ASP H 1511 74.08 65.84 46.16
CA ASP H 1511 74.60 67.06 45.58
C ASP H 1511 74.85 66.91 44.08
N TYR H 1512 73.90 67.41 43.31
CA TYR H 1512 74.00 67.40 41.87
C TYR H 1512 74.04 68.84 41.40
N GLU H 1513 74.78 69.10 40.33
CA GLU H 1513 74.84 70.43 39.75
C GLU H 1513 75.19 70.32 38.27
N ALA H 1514 74.65 71.25 37.48
CA ALA H 1514 74.85 71.25 36.03
C ALA H 1514 74.20 72.45 35.39
N GLY H 1515 74.66 72.79 34.19
CA GLY H 1515 74.11 73.93 33.49
C GLY H 1515 73.64 73.47 32.13
N GLU H 1516 72.81 74.26 31.49
CA GLU H 1516 72.25 73.88 30.20
C GLU H 1516 71.60 72.51 30.33
N SER H 1517 70.67 72.40 31.27
CA SER H 1517 69.97 71.15 31.53
C SER H 1517 68.54 71.26 30.98
N HIS H 1518 67.94 70.13 30.64
CA HIS H 1518 66.55 70.12 30.15
C HIS H 1518 65.61 69.55 31.20
N GLY H 1519 66.18 68.77 32.12
CA GLY H 1519 65.42 68.20 33.21
C GLY H 1519 66.31 67.89 34.40
N ASN H 1520 65.71 67.48 35.51
CA ASN H 1520 66.46 67.18 36.72
C ASN H 1520 66.75 65.68 36.88
N PRO H 1521 67.99 65.27 36.57
CA PRO H 1521 68.41 63.87 36.51
C PRO H 1521 68.30 63.15 37.85
N VAL H 1522 68.24 63.91 38.93
CA VAL H 1522 68.18 63.30 40.26
C VAL H 1522 66.75 63.00 40.62
N ILE H 1523 65.89 64.01 40.54
CA ILE H 1523 64.49 63.80 40.86
C ILE H 1523 63.93 62.71 39.96
N ASP H 1524 64.42 62.68 38.71
CA ASP H 1524 63.97 61.68 37.76
C ASP H 1524 64.30 60.28 38.24
N TYR H 1525 65.58 60.03 38.51
CA TYR H 1525 66.01 58.73 39.00
C TYR H 1525 65.12 58.25 40.13
N LEU H 1526 64.84 59.14 41.07
CA LEU H 1526 63.96 58.84 42.18
C LEU H 1526 62.53 58.60 41.71
N GLN H 1527 62.07 59.41 40.77
CA GLN H 1527 60.68 59.31 40.32
C GLN H 1527 60.31 57.99 39.64
N ARG H 1528 61.31 57.18 39.30
CA ARG H 1528 61.02 55.85 38.78
C ARG H 1528 61.36 54.73 39.75
N HIS H 1529 62.58 54.74 40.29
CA HIS H 1529 63.01 53.70 41.20
C HIS H 1529 62.39 53.83 42.60
N GLY H 1530 61.58 54.87 42.79
CA GLY H 1530 60.98 55.11 44.09
C GLY H 1530 59.63 55.78 43.96
N SER H 1531 59.04 56.10 45.10
CA SER H 1531 57.69 56.66 45.17
C SER H 1531 57.61 57.97 45.95
N SER H 1532 56.51 58.71 45.78
CA SER H 1532 56.29 59.92 46.56
C SER H 1532 55.86 59.55 47.98
N ILE H 1533 55.92 60.52 48.89
CA ILE H 1533 55.62 60.25 50.29
C ILE H 1533 54.89 61.42 50.93
N GLU H 1534 54.22 61.14 52.05
CA GLU H 1534 53.50 62.16 52.80
C GLU H 1534 52.69 62.99 51.85
N GLN H 1535 51.73 62.37 51.19
CA GLN H 1535 50.96 63.09 50.20
C GLN H 1535 49.46 62.92 50.40
N PRO H 1536 48.68 63.81 49.75
CA PRO H 1536 47.24 63.84 49.98
C PRO H 1536 46.55 62.52 49.68
N VAL H 1537 45.55 62.19 50.50
CA VAL H 1537 44.71 61.03 50.29
C VAL H 1537 43.34 61.54 49.88
N ASN H 1538 43.11 61.61 48.58
CA ASN H 1538 41.86 62.13 48.05
C ASN H 1538 40.77 61.07 48.01
N PHE H 1539 39.53 61.50 47.90
CA PHE H 1539 38.40 60.59 47.90
C PHE H 1539 37.97 60.24 46.49
N GLU H 1540 37.23 59.15 46.36
CA GLU H 1540 36.58 58.85 45.10
C GLU H 1540 35.49 59.88 44.92
N ASN H 1541 34.69 60.04 45.97
CA ASN H 1541 33.58 60.96 45.93
C ASN H 1541 33.80 62.21 46.79
N PRO H 1542 34.10 63.32 46.12
CA PRO H 1542 34.22 64.63 46.76
C PRO H 1542 32.94 64.93 47.50
N ILE H 1543 33.06 65.09 48.81
CA ILE H 1543 31.92 65.39 49.67
C ILE H 1543 31.55 66.87 49.64
N PRO H 1544 30.42 67.20 49.01
CA PRO H 1544 30.01 68.60 49.03
C PRO H 1544 29.89 69.06 50.47
N LEU H 1545 30.44 70.24 50.77
CA LEU H 1545 30.38 70.84 52.08
C LEU H 1545 29.46 72.04 51.94
N SER H 1546 29.72 72.78 50.87
CA SER H 1546 28.97 73.98 50.55
C SER H 1546 27.48 73.75 50.73
N GLY H 1547 27.01 72.60 50.27
CA GLY H 1547 25.60 72.36 50.12
C GLY H 1547 25.32 72.70 48.67
N LYS H 1548 24.11 72.41 48.21
CA LYS H 1548 23.75 72.72 46.82
C LYS H 1548 23.18 74.13 46.72
N THR H 1549 23.14 74.82 47.85
CA THR H 1549 22.81 76.25 47.88
C THR H 1549 24.11 77.06 47.82
N PRO H 1550 24.56 77.44 46.61
CA PRO H 1550 25.86 78.08 46.41
C PRO H 1550 26.06 79.29 47.33
N LEU H 1551 27.22 79.36 47.97
CA LEU H 1551 27.52 80.48 48.87
C LEU H 1551 27.74 81.73 48.04
N GLU H 1552 27.15 82.84 48.49
CA GLU H 1552 27.17 84.06 47.71
C GLU H 1552 27.88 85.24 48.40
N LEU H 1553 28.80 85.88 47.67
CA LEU H 1553 29.57 87.02 48.16
C LEU H 1553 29.48 88.14 47.15
N ARG H 1554 29.45 89.37 47.64
CA ARG H 1554 29.51 90.51 46.74
C ARG H 1554 30.70 91.43 47.00
N ALA H 1555 31.43 91.73 45.93
CA ALA H 1555 32.48 92.73 46.00
C ALA H 1555 31.82 94.04 46.37
N PRO H 1556 32.37 94.72 47.36
CA PRO H 1556 31.72 95.97 47.74
C PRO H 1556 32.10 97.01 46.72
N ALA H 1557 31.39 98.12 46.69
CA ALA H 1557 31.82 99.28 45.93
C ALA H 1557 32.70 100.10 46.86
N SER H 1558 33.69 100.79 46.29
CA SER H 1558 34.67 101.56 47.05
C SER H 1558 35.69 100.64 47.73
N ASN H 1559 36.77 100.36 47.02
CA ASN H 1559 37.86 99.56 47.54
C ASN H 1559 38.62 100.29 48.64
N GLU H 1560 38.41 101.60 48.74
CA GLU H 1560 39.03 102.42 49.78
C GLU H 1560 39.02 101.71 51.13
N ASN H 1561 37.86 101.22 51.54
CA ASN H 1561 37.69 100.50 52.80
C ASN H 1561 38.79 99.50 53.09
N TYR H 1562 39.08 98.65 52.11
CA TYR H 1562 40.12 97.65 52.26
C TYR H 1562 41.47 98.33 52.24
N ALA H 1563 41.70 99.15 51.21
CA ALA H 1563 42.96 99.86 51.03
C ALA H 1563 43.44 100.41 52.36
N ARG H 1564 42.52 101.03 53.09
CA ARG H 1564 42.82 101.60 54.39
C ARG H 1564 43.30 100.55 55.37
N VAL H 1565 42.48 99.54 55.60
CA VAL H 1565 42.79 98.55 56.63
C VAL H 1565 43.90 97.61 56.20
N SER H 1566 44.36 97.74 54.96
CA SER H 1566 45.32 96.80 54.40
C SER H 1566 46.73 97.38 54.28
N GLY H 1567 46.83 98.51 53.60
CA GLY H 1567 48.12 99.08 53.27
C GLY H 1567 48.31 99.20 51.76
N ASP H 1568 47.54 98.42 51.01
CA ASP H 1568 47.61 98.49 49.57
C ASP H 1568 46.76 99.63 49.06
N TYR H 1569 47.36 100.80 48.93
CA TYR H 1569 46.64 101.95 48.43
C TYR H 1569 46.76 101.99 46.92
N ASN H 1570 47.46 100.99 46.38
CA ASN H 1570 47.68 100.90 44.94
C ASN H 1570 46.54 101.54 44.17
N PRO H 1571 46.84 102.57 43.38
CA PRO H 1571 45.85 103.37 42.65
C PRO H 1571 44.99 102.52 41.72
N ILE H 1572 45.55 101.40 41.28
CA ILE H 1572 44.85 100.45 40.43
C ILE H 1572 43.45 100.15 40.94
N HIS H 1573 43.33 99.85 42.23
CA HIS H 1573 42.07 99.43 42.83
C HIS H 1573 41.11 100.58 43.11
N VAL H 1574 41.62 101.80 43.21
CA VAL H 1574 40.80 102.89 43.75
C VAL H 1574 40.51 104.07 42.80
N SER H 1575 41.51 104.52 42.04
CA SER H 1575 41.32 105.69 41.17
C SER H 1575 40.90 105.29 39.77
N ARG H 1576 40.12 106.14 39.13
CA ARG H 1576 39.67 105.93 37.76
C ARG H 1576 40.83 106.02 36.76
N VAL H 1577 41.64 107.05 36.90
CA VAL H 1577 42.63 107.36 35.89
C VAL H 1577 43.88 106.50 36.00
N PHE H 1578 44.22 106.09 37.21
CA PHE H 1578 45.37 105.22 37.39
C PHE H 1578 45.10 103.86 36.79
N SER H 1579 43.97 103.28 37.16
CA SER H 1579 43.61 101.98 36.63
C SER H 1579 43.44 102.03 35.12
N SER H 1580 42.73 103.03 34.63
CA SER H 1580 42.55 103.20 33.18
C SER H 1580 43.86 103.17 32.43
N TYR H 1581 44.90 103.79 32.99
CA TYR H 1581 46.18 103.82 32.31
C TYR H 1581 46.75 102.41 32.19
N ALA H 1582 46.40 101.55 33.13
CA ALA H 1582 46.98 100.21 33.18
C ALA H 1582 46.20 99.19 32.37
N ASN H 1583 45.34 99.67 31.48
CA ASN H 1583 44.53 98.79 30.64
C ASN H 1583 43.70 97.79 31.47
N LEU H 1584 43.10 98.27 32.54
CA LEU H 1584 42.24 97.43 33.37
C LEU H 1584 40.79 97.56 32.99
N PRO H 1585 40.00 96.56 33.37
CA PRO H 1585 38.54 96.62 33.31
C PRO H 1585 38.02 97.70 34.25
N GLY H 1586 38.91 98.24 35.08
CA GLY H 1586 38.61 99.41 35.88
C GLY H 1586 38.36 99.16 37.36
N THR H 1587 39.11 99.86 38.21
CA THR H 1587 38.86 99.84 39.66
C THR H 1587 38.67 98.42 40.19
N ILE H 1588 39.66 97.59 39.91
CA ILE H 1588 39.61 96.19 40.24
C ILE H 1588 39.60 95.93 41.75
N THR H 1589 38.54 95.28 42.24
CA THR H 1589 38.46 94.88 43.63
C THR H 1589 39.77 94.21 44.07
N HIS H 1590 40.11 94.36 45.34
CA HIS H 1590 41.40 93.89 45.83
C HIS H 1590 41.58 92.39 45.76
N GLY H 1591 42.70 91.97 45.16
CA GLY H 1591 43.04 90.56 45.08
C GLY H 1591 42.83 89.89 46.42
N MET H 1592 43.61 90.32 47.41
CA MET H 1592 43.56 89.71 48.73
C MET H 1592 42.24 89.89 49.45
N TYR H 1593 41.37 90.74 48.93
CA TYR H 1593 40.06 90.96 49.56
C TYR H 1593 39.13 89.81 49.23
N THR H 1594 39.06 89.49 47.94
CA THR H 1594 38.32 88.32 47.50
C THR H 1594 38.79 87.16 48.36
N SER H 1595 40.10 86.95 48.38
CA SER H 1595 40.72 85.89 49.17
C SER H 1595 40.23 85.86 50.60
N ALA H 1596 40.30 87.01 51.28
CA ALA H 1596 39.91 87.09 52.67
C ALA H 1596 38.45 86.72 52.83
N ALA H 1597 37.61 87.25 51.93
CA ALA H 1597 36.16 87.07 52.00
C ALA H 1597 35.74 85.60 51.89
N VAL H 1598 36.10 84.97 50.78
CA VAL H 1598 35.85 83.56 50.57
C VAL H 1598 36.46 82.72 51.70
N ARG H 1599 37.68 83.06 52.09
CA ARG H 1599 38.38 82.33 53.14
C ARG H 1599 37.62 82.36 54.46
N SER H 1600 36.81 83.39 54.70
CA SER H 1600 36.00 83.45 55.92
C SER H 1600 34.97 82.35 55.93
N LEU H 1601 34.38 82.10 54.77
CA LEU H 1601 33.42 81.03 54.62
C LEU H 1601 34.11 79.72 54.98
N VAL H 1602 35.30 79.52 54.41
CA VAL H 1602 36.08 78.33 54.70
C VAL H 1602 36.26 78.15 56.20
N GLU H 1603 36.29 79.26 56.94
CA GLU H 1603 36.36 79.19 58.40
C GLU H 1603 35.01 78.79 58.98
N THR H 1604 33.98 79.57 58.64
CA THR H 1604 32.65 79.39 59.20
C THR H 1604 32.07 78.03 58.81
N TRP H 1605 32.38 77.59 57.60
CA TRP H 1605 31.77 76.39 57.02
C TRP H 1605 32.56 75.11 57.20
N ALA H 1606 33.88 75.18 57.15
CA ALA H 1606 34.72 74.00 57.32
C ALA H 1606 35.04 73.74 58.80
N ALA H 1607 35.69 74.70 59.44
CA ALA H 1607 36.16 74.52 60.81
C ALA H 1607 35.07 74.80 61.84
N GLU H 1608 33.96 75.37 61.40
CA GLU H 1608 32.86 75.71 62.27
C GLU H 1608 33.25 76.77 63.29
N ASN H 1609 33.99 77.78 62.84
CA ASN H 1609 34.30 78.97 63.66
C ASN H 1609 35.35 78.80 64.77
N ASN H 1610 36.12 77.71 64.72
CA ASN H 1610 37.25 77.52 65.63
C ASN H 1610 38.55 77.64 64.85
N ILE H 1611 38.96 78.87 64.59
CA ILE H 1611 39.98 79.14 63.57
C ILE H 1611 41.28 78.34 63.68
N GLY H 1612 41.62 77.91 64.89
CA GLY H 1612 42.80 77.09 65.10
C GLY H 1612 42.88 75.96 64.09
N ARG H 1613 41.72 75.48 63.68
CA ARG H 1613 41.63 74.37 62.74
C ARG H 1613 42.21 74.74 61.38
N VAL H 1614 41.78 75.88 60.84
CA VAL H 1614 42.25 76.33 59.54
C VAL H 1614 43.75 76.57 59.58
N ARG H 1615 44.51 75.57 59.18
CA ARG H 1615 45.96 75.61 59.30
C ARG H 1615 46.66 75.93 57.99
N SER H 1616 45.90 75.95 56.90
CA SER H 1616 46.47 76.27 55.59
C SER H 1616 45.38 76.75 54.65
N TYR H 1617 45.74 77.71 53.83
CA TYR H 1617 44.82 78.27 52.85
C TYR H 1617 45.67 78.72 51.69
N HIS H 1618 45.15 78.65 50.49
CA HIS H 1618 45.95 79.06 49.35
C HIS H 1618 45.07 79.25 48.11
N VAL H 1619 45.00 80.46 47.63
CA VAL H 1619 44.15 80.75 46.50
C VAL H 1619 44.98 81.23 45.34
N ASN H 1620 44.54 80.88 44.15
CA ASN H 1620 44.98 81.56 42.95
C ASN H 1620 43.86 82.47 42.49
N MET H 1621 44.14 83.76 42.42
CA MET H 1621 43.21 84.67 41.80
C MET H 1621 43.46 84.62 40.29
N VAL H 1622 42.41 84.38 39.53
CA VAL H 1622 42.55 84.15 38.10
C VAL H 1622 41.40 84.79 37.39
N GLY H 1623 40.63 85.56 38.15
CA GLY H 1623 39.54 86.34 37.60
C GLY H 1623 39.58 87.69 38.26
N MET H 1624 39.46 88.73 37.45
CA MET H 1624 39.45 90.08 37.99
C MET H 1624 38.03 90.47 38.40
N VAL H 1625 37.85 90.70 39.70
CA VAL H 1625 36.57 91.04 40.26
C VAL H 1625 36.38 92.54 40.36
N LEU H 1626 35.45 93.09 39.59
CA LEU H 1626 35.14 94.51 39.71
C LEU H 1626 34.34 94.71 40.98
N PRO H 1627 33.98 95.95 41.30
CA PRO H 1627 33.18 96.16 42.50
C PRO H 1627 31.71 95.86 42.24
N ASN H 1628 31.04 95.33 43.26
CA ASN H 1628 29.61 94.99 43.22
C ASN H 1628 29.27 93.69 42.48
N ASP H 1629 30.31 93.04 41.94
CA ASP H 1629 30.15 91.74 41.32
C ASP H 1629 29.60 90.73 42.34
N ALA H 1630 28.59 89.97 41.92
CA ALA H 1630 28.11 88.88 42.74
C ALA H 1630 29.01 87.67 42.52
N ILE H 1631 29.40 87.02 43.61
CA ILE H 1631 30.35 85.93 43.53
C ILE H 1631 29.85 84.66 44.18
N THR H 1632 30.08 83.54 43.52
CA THR H 1632 29.62 82.26 44.02
C THR H 1632 30.76 81.42 44.59
N VAL H 1633 30.50 80.77 45.72
CA VAL H 1633 31.54 79.98 46.35
C VAL H 1633 31.07 78.56 46.63
N LYS H 1634 31.83 77.59 46.14
CA LYS H 1634 31.58 76.19 46.45
C LYS H 1634 32.73 75.60 47.26
N LEU H 1635 32.38 74.88 48.31
CA LEU H 1635 33.37 74.27 49.16
C LEU H 1635 33.15 72.76 49.18
N GLU H 1636 34.24 72.02 49.11
CA GLU H 1636 34.16 70.58 48.89
C GLU H 1636 35.25 69.86 49.66
N HIS H 1637 34.86 68.98 50.56
CA HIS H 1637 35.82 68.11 51.24
C HIS H 1637 36.31 67.08 50.23
N VAL H 1638 37.56 67.18 49.81
CA VAL H 1638 38.00 66.32 48.71
C VAL H 1638 39.25 65.50 49.05
N GLY H 1639 39.75 65.65 50.28
CA GLY H 1639 40.90 64.86 50.69
C GLY H 1639 41.23 64.89 52.17
N MET H 1640 42.34 64.24 52.51
CA MET H 1640 42.84 64.22 53.88
C MET H 1640 44.35 64.25 53.86
N ILE H 1641 44.93 64.94 54.83
CA ILE H 1641 46.37 64.91 55.05
C ILE H 1641 46.66 65.05 56.54
N ALA H 1642 47.39 64.09 57.10
CA ALA H 1642 47.79 64.15 58.50
C ALA H 1642 46.67 64.62 59.43
N GLY H 1643 45.47 64.09 59.24
CA GLY H 1643 44.36 64.36 60.12
C GLY H 1643 43.63 65.64 59.78
N ARG H 1644 43.92 66.17 58.59
CA ARG H 1644 43.35 67.44 58.17
C ARG H 1644 42.58 67.34 56.86
N LYS H 1645 41.32 67.76 56.92
CA LYS H 1645 40.46 67.80 55.74
C LYS H 1645 41.04 68.70 54.68
N ILE H 1646 41.19 68.21 53.47
CA ILE H 1646 41.48 69.09 52.34
C ILE H 1646 40.14 69.64 51.86
N ILE H 1647 40.12 70.93 51.54
CA ILE H 1647 38.87 71.56 51.14
C ILE H 1647 39.04 72.41 49.90
N LYS H 1648 38.60 71.87 48.77
CA LYS H 1648 38.63 72.56 47.51
C LYS H 1648 37.72 73.77 47.59
N VAL H 1649 38.25 74.91 47.17
CA VAL H 1649 37.51 76.16 47.22
C VAL H 1649 37.42 76.73 45.81
N ASP H 1650 36.19 77.00 45.37
CA ASP H 1650 35.96 77.56 44.05
C ASP H 1650 35.01 78.76 44.14
N ALA H 1651 35.45 79.89 43.60
CA ALA H 1651 34.66 81.12 43.59
C ALA H 1651 34.52 81.63 42.16
N ARG H 1652 33.28 81.95 41.75
CA ARG H 1652 33.03 82.35 40.38
C ARG H 1652 32.10 83.55 40.25
N ASN H 1653 32.24 84.23 39.12
CA ASN H 1653 31.39 85.36 38.75
C ASN H 1653 29.98 84.84 38.50
N LYS H 1654 29.01 85.31 39.28
CA LYS H 1654 27.64 84.79 39.19
C LYS H 1654 27.00 84.94 37.81
N ASP H 1655 27.57 85.80 36.96
CA ASP H 1655 27.01 86.01 35.64
C ASP H 1655 27.76 85.24 34.57
N THR H 1656 29.07 85.12 34.72
CA THR H 1656 29.90 84.50 33.69
C THR H 1656 30.34 83.10 34.07
N ASP H 1657 30.15 82.74 35.33
CA ASP H 1657 30.65 81.49 35.89
C ASP H 1657 32.16 81.41 35.72
N GLU H 1658 32.76 82.51 35.32
CA GLU H 1658 34.20 82.59 35.17
C GLU H 1658 34.88 82.45 36.53
N SER H 1659 36.01 81.76 36.53
CA SER H 1659 36.73 81.47 37.77
C SER H 1659 37.40 82.70 38.32
N VAL H 1660 37.03 83.07 39.54
CA VAL H 1660 37.68 84.18 40.26
C VAL H 1660 38.77 83.62 41.18
N LEU H 1661 38.36 82.67 42.02
CA LEU H 1661 39.31 82.02 42.90
C LEU H 1661 39.26 80.52 42.72
N GLN H 1662 40.41 79.89 42.90
CA GLN H 1662 40.53 78.45 42.91
C GLN H 1662 41.66 78.11 43.85
N GLY H 1663 41.42 77.15 44.74
CA GLY H 1663 42.44 76.77 45.68
C GLY H 1663 41.90 75.88 46.78
N GLU H 1664 42.81 75.39 47.61
CA GLU H 1664 42.47 74.43 48.64
C GLU H 1664 42.86 74.91 50.02
N ALA H 1665 42.21 74.38 51.04
CA ALA H 1665 42.50 74.76 52.41
C ALA H 1665 42.59 73.54 53.30
N GLU H 1666 43.73 73.37 53.98
CA GLU H 1666 43.88 72.27 54.94
C GLU H 1666 43.34 72.65 56.32
N VAL H 1667 42.27 71.99 56.73
CA VAL H 1667 41.52 72.36 57.93
C VAL H 1667 41.38 71.15 58.86
N GLU H 1668 41.64 71.36 60.15
CA GLU H 1668 41.61 70.27 61.11
C GLU H 1668 40.20 69.70 61.34
N GLN H 1669 40.14 68.39 61.60
CA GLN H 1669 38.89 67.73 61.92
C GLN H 1669 38.37 68.28 63.25
N PRO H 1670 37.08 68.05 63.54
CA PRO H 1670 36.52 68.33 64.87
C PRO H 1670 37.34 67.68 65.97
N VAL H 1671 36.98 67.92 67.22
CA VAL H 1671 37.72 67.39 68.36
C VAL H 1671 37.54 65.88 68.45
N THR H 1672 38.62 65.12 68.35
CA THR H 1672 38.50 63.66 68.34
C THR H 1672 39.20 62.97 69.49
N ALA H 1673 38.64 61.84 69.88
CA ALA H 1673 39.19 61.04 70.97
C ALA H 1673 39.20 59.54 70.61
N TYR H 1674 40.39 58.98 70.51
CA TYR H 1674 40.55 57.58 70.14
C TYR H 1674 40.61 56.63 71.36
N VAL H 1675 39.59 55.78 71.50
CA VAL H 1675 39.58 54.81 72.58
C VAL H 1675 39.59 53.37 72.06
N PHE H 1676 40.42 52.55 72.67
CA PHE H 1676 40.65 51.19 72.20
C PHE H 1676 40.07 50.16 73.14
N THR H 1677 39.15 49.34 72.62
CA THR H 1677 38.43 48.35 73.43
C THR H 1677 39.34 47.26 74.02
N GLY H 1678 38.86 46.58 75.05
CA GLY H 1678 39.66 45.61 75.77
C GLY H 1678 39.10 44.21 75.62
N GLN H 1679 39.57 43.27 76.45
CA GLN H 1679 39.11 41.88 76.35
C GLN H 1679 37.59 41.75 76.41
N GLY H 1680 37.08 40.67 75.83
CA GLY H 1680 35.66 40.42 75.85
C GLY H 1680 35.00 40.64 74.51
N SER H 1681 35.43 41.70 73.82
CA SER H 1681 34.84 42.02 72.53
C SER H 1681 35.49 41.23 71.42
N GLN H 1682 36.42 40.36 71.76
CA GLN H 1682 37.10 39.58 70.74
C GLN H 1682 36.12 38.62 70.07
N GLU H 1683 36.17 38.57 68.74
CA GLU H 1683 35.35 37.67 67.94
C GLU H 1683 36.22 36.95 66.91
N GLN H 1684 35.80 35.77 66.48
CA GLN H 1684 36.57 34.99 65.52
C GLN H 1684 36.74 35.72 64.20
N GLY H 1685 37.91 35.59 63.60
CA GLY H 1685 38.19 36.22 62.33
C GLY H 1685 38.15 37.75 62.32
N MET H 1686 38.30 38.37 63.50
CA MET H 1686 38.27 39.82 63.61
C MET H 1686 39.32 40.49 62.73
N GLY H 1687 38.93 41.56 62.06
CA GLY H 1687 39.85 42.39 61.29
C GLY H 1687 40.58 41.64 60.19
N MET H 1688 40.04 40.48 59.83
CA MET H 1688 40.61 39.64 58.78
C MET H 1688 40.16 40.11 57.40
N ASP H 1689 38.93 40.61 57.34
CA ASP H 1689 38.42 41.21 56.12
C ASP H 1689 39.30 42.38 55.75
N LEU H 1690 39.39 43.33 56.67
CA LEU H 1690 40.27 44.47 56.58
C LEU H 1690 41.69 44.02 56.28
N TYR H 1691 42.06 42.82 56.76
CA TYR H 1691 43.35 42.22 56.44
C TYR H 1691 43.58 42.11 54.93
N ALA H 1692 42.71 41.37 54.23
CA ALA H 1692 42.89 41.15 52.80
C ALA H 1692 42.82 42.45 52.00
N THR H 1693 41.93 43.35 52.42
CA THR H 1693 41.67 44.60 51.72
C THR H 1693 42.75 45.69 51.90
N SER H 1694 43.46 45.68 53.02
CA SER H 1694 44.45 46.71 53.32
C SER H 1694 45.89 46.21 53.33
N PRO H 1695 46.65 46.55 52.27
CA PRO H 1695 48.05 46.17 52.14
C PRO H 1695 48.83 46.56 53.38
N VAL H 1696 48.36 47.58 54.07
CA VAL H 1696 49.02 48.05 55.29
C VAL H 1696 48.77 47.10 56.45
N ALA H 1697 47.50 46.94 56.80
CA ALA H 1697 47.13 46.08 57.92
C ALA H 1697 47.60 44.69 57.61
N LYS H 1698 47.61 44.37 56.33
CA LYS H 1698 48.13 43.10 55.86
C LYS H 1698 49.44 42.84 56.56
N GLU H 1699 50.32 43.84 56.51
CA GLU H 1699 51.70 43.67 56.92
C GLU H 1699 51.87 43.73 58.44
N VAL H 1700 51.04 44.55 59.09
CA VAL H 1700 51.06 44.61 60.55
C VAL H 1700 50.90 43.21 61.11
N TRP H 1701 49.83 42.54 60.69
CA TRP H 1701 49.57 41.17 61.09
C TRP H 1701 50.74 40.26 60.77
N ASP H 1702 51.23 40.34 59.54
CA ASP H 1702 52.30 39.46 59.11
C ASP H 1702 53.52 39.57 60.01
N ARG H 1703 53.98 40.78 60.26
CA ARG H 1703 55.18 40.96 61.08
C ARG H 1703 54.99 40.36 62.46
N ALA H 1704 53.79 40.54 63.01
CA ALA H 1704 53.45 39.97 64.30
C ALA H 1704 53.47 38.45 64.24
N ASP H 1705 52.86 37.91 63.18
CA ASP H 1705 52.76 36.48 63.03
C ASP H 1705 54.14 35.92 62.82
N LYS H 1706 54.85 36.45 61.83
CA LYS H 1706 56.23 36.08 61.57
C LYS H 1706 57.00 35.95 62.88
N HIS H 1707 56.81 36.94 63.75
CA HIS H 1707 57.43 36.93 65.07
C HIS H 1707 56.99 35.69 65.83
N PHE H 1708 55.73 35.68 66.23
CA PHE H 1708 55.17 34.58 67.02
C PHE H 1708 55.60 33.21 66.56
N ARG H 1709 55.54 32.98 65.25
CA ARG H 1709 55.83 31.67 64.71
C ARG H 1709 57.27 31.29 64.99
N GLU H 1710 58.17 32.23 64.75
CA GLU H 1710 59.60 31.94 64.83
C GLU H 1710 60.14 31.87 66.26
N ASN H 1711 59.36 32.40 67.20
CA ASN H 1711 59.82 32.52 68.58
C ASN H 1711 59.03 31.62 69.51
N TYR H 1712 57.71 31.75 69.44
CA TYR H 1712 56.83 30.98 70.32
C TYR H 1712 56.21 29.78 69.61
N GLY H 1713 56.44 29.68 68.30
CA GLY H 1713 56.05 28.51 67.54
C GLY H 1713 54.57 28.34 67.25
N PHE H 1714 53.85 29.44 67.08
CA PHE H 1714 52.45 29.38 66.66
C PHE H 1714 52.08 30.66 65.93
N SER H 1715 50.96 30.64 65.20
CA SER H 1715 50.48 31.83 64.50
C SER H 1715 49.20 32.35 65.13
N ILE H 1716 49.15 33.65 65.43
CA ILE H 1716 47.95 34.19 66.03
C ILE H 1716 46.92 34.43 64.95
N ILE H 1717 47.40 34.60 63.73
CA ILE H 1717 46.49 34.74 62.59
C ILE H 1717 45.63 33.47 62.45
N ASP H 1718 46.26 32.30 62.58
CA ASP H 1718 45.51 31.04 62.60
C ASP H 1718 44.51 31.03 63.74
N ILE H 1719 45.02 31.19 64.97
CA ILE H 1719 44.15 31.25 66.14
C ILE H 1719 42.97 32.18 65.91
N VAL H 1720 43.22 33.31 65.27
CA VAL H 1720 42.15 34.26 64.99
C VAL H 1720 41.17 33.71 63.96
N LYS H 1721 41.68 33.37 62.78
CA LYS H 1721 40.83 32.88 61.69
C LYS H 1721 39.96 31.75 62.16
N ASN H 1722 40.55 30.57 62.31
CA ASN H 1722 39.83 29.43 62.84
C ASN H 1722 40.19 29.15 64.28
N ASN H 1723 39.29 29.53 65.17
CA ASN H 1723 39.55 29.41 66.58
C ASN H 1723 39.61 27.97 67.06
N PRO H 1724 40.83 27.43 67.22
CA PRO H 1724 41.02 26.04 67.64
C PRO H 1724 40.71 25.85 69.13
N LYS H 1725 40.04 24.76 69.48
CA LYS H 1725 39.77 24.47 70.88
C LYS H 1725 41.06 23.97 71.53
N GLU H 1726 42.07 23.74 70.71
CA GLU H 1726 43.39 23.40 71.20
C GLU H 1726 44.42 23.51 70.08
N LEU H 1727 45.68 23.54 70.48
CA LEU H 1727 46.77 23.73 69.55
C LEU H 1727 48.05 23.34 70.25
N THR H 1728 48.96 22.77 69.50
CA THR H 1728 50.20 22.28 70.08
C THR H 1728 51.39 22.68 69.23
N VAL H 1729 52.42 23.21 69.88
CA VAL H 1729 53.63 23.65 69.22
C VAL H 1729 54.71 22.57 69.31
N HIS H 1730 55.60 22.51 68.32
CA HIS H 1730 56.60 21.45 68.30
C HIS H 1730 58.02 21.96 68.26
N PHE H 1731 58.89 21.34 69.06
CA PHE H 1731 60.26 21.81 69.20
C PHE H 1731 61.23 20.97 68.36
N GLY H 1732 61.16 21.19 67.04
CA GLY H 1732 61.85 20.38 66.05
C GLY H 1732 63.34 20.54 66.00
N GLY H 1733 63.87 20.73 64.80
CA GLY H 1733 65.31 20.78 64.60
C GLY H 1733 65.97 22.06 65.09
N PRO H 1734 66.99 22.52 64.38
CA PRO H 1734 67.62 23.78 64.73
C PRO H 1734 66.59 24.77 65.28
N ARG H 1735 65.74 25.33 64.42
CA ARG H 1735 64.82 26.37 64.87
C ARG H 1735 63.72 25.82 65.76
N GLY H 1736 63.70 24.50 65.89
CA GLY H 1736 62.77 23.86 66.80
C GLY H 1736 63.21 24.08 68.24
N LYS H 1737 64.46 23.73 68.53
CA LYS H 1737 64.98 23.83 69.88
C LYS H 1737 64.99 25.27 70.36
N ILE H 1738 65.39 26.19 69.48
CA ILE H 1738 65.45 27.62 69.84
C ILE H 1738 64.10 28.12 70.34
N ILE H 1739 63.03 27.45 69.93
CA ILE H 1739 61.70 27.86 70.36
C ILE H 1739 61.49 27.46 71.80
N ARG H 1740 61.76 26.20 72.12
CA ARG H 1740 61.50 25.71 73.47
C ARG H 1740 62.35 26.48 74.47
N GLN H 1741 63.46 27.02 73.99
CA GLN H 1741 64.30 27.87 74.83
C GLN H 1741 63.45 28.99 75.41
N ASN H 1742 62.66 29.62 74.56
CA ASN H 1742 61.80 30.73 74.96
C ASN H 1742 60.69 30.30 75.91
N TYR H 1743 60.29 29.05 75.80
CA TYR H 1743 59.25 28.51 76.65
C TYR H 1743 59.87 28.20 78.01
N MET H 1744 61.13 27.81 77.98
CA MET H 1744 61.85 27.51 79.19
C MET H 1744 62.23 28.79 79.90
N SER H 1745 62.51 29.82 79.11
CA SER H 1745 62.97 31.11 79.65
C SER H 1745 61.81 32.02 80.06
N MET H 1746 60.70 31.43 80.46
CA MET H 1746 59.57 32.21 80.92
C MET H 1746 59.56 32.27 82.44
N THR H 1747 59.87 33.45 82.97
CA THR H 1747 60.13 33.64 84.38
C THR H 1747 58.90 34.10 85.18
N PHE H 1748 58.29 33.18 85.90
CA PHE H 1748 57.17 33.47 86.77
C PHE H 1748 57.69 33.83 88.16
N GLU H 1749 56.91 34.57 88.95
CA GLU H 1749 57.39 34.98 90.27
C GLU H 1749 56.32 35.10 91.37
N THR H 1750 56.46 34.25 92.39
CA THR H 1750 55.61 34.24 93.58
C THR H 1750 56.49 34.00 94.81
N VAL H 1751 56.45 34.94 95.74
CA VAL H 1751 57.23 34.88 96.98
C VAL H 1751 56.49 34.10 98.08
N ASN H 1752 57.25 33.39 98.90
CA ASN H 1752 56.72 32.64 100.04
C ASN H 1752 56.20 33.58 101.12
N ALA H 1753 55.35 33.06 102.01
CA ALA H 1753 54.80 33.84 103.11
C ALA H 1753 55.82 34.08 104.23
N ASP H 1754 57.10 33.85 103.93
CA ASP H 1754 58.20 34.24 104.83
C ASP H 1754 59.12 35.32 104.22
N GLY H 1755 59.14 35.41 102.89
CA GLY H 1755 59.86 36.48 102.22
C GLY H 1755 60.99 36.07 101.31
N SER H 1756 60.88 34.88 100.70
CA SER H 1756 61.83 34.45 99.70
C SER H 1756 61.17 34.42 98.32
N ILE H 1757 61.77 35.11 97.36
CA ILE H 1757 61.17 35.30 96.03
C ILE H 1757 61.31 34.06 95.13
N LYS H 1758 60.31 33.17 95.20
CA LYS H 1758 60.31 31.96 94.36
C LYS H 1758 60.22 32.35 92.89
N THR H 1759 61.31 32.13 92.16
CA THR H 1759 61.37 32.37 90.73
C THR H 1759 61.08 31.05 89.98
N GLU H 1760 59.88 30.93 89.42
CA GLU H 1760 59.38 29.68 88.84
C GLU H 1760 59.19 29.74 87.33
N LYS H 1761 58.99 28.58 86.72
CA LYS H 1761 58.68 28.52 85.30
C LYS H 1761 57.21 28.75 85.05
N ILE H 1762 56.90 29.36 83.91
CA ILE H 1762 55.51 29.51 83.49
C ILE H 1762 55.10 28.23 82.79
N PHE H 1763 56.00 27.71 81.97
CA PHE H 1763 55.79 26.46 81.27
C PHE H 1763 56.49 25.33 82.00
N LYS H 1764 55.83 24.86 83.05
CA LYS H 1764 56.45 23.98 84.04
C LYS H 1764 57.05 22.74 83.39
N GLU H 1765 56.26 22.11 82.52
CA GLU H 1765 56.57 20.78 81.98
C GLU H 1765 57.52 20.84 80.79
N VAL H 1766 57.89 22.05 80.38
CA VAL H 1766 58.80 22.23 79.26
C VAL H 1766 60.26 22.23 79.70
N ASP H 1767 60.99 21.17 79.35
CA ASP H 1767 62.40 21.09 79.67
C ASP H 1767 63.21 20.80 78.42
N GLU H 1768 64.45 20.39 78.60
CA GLU H 1768 65.35 20.07 77.49
C GLU H 1768 65.12 18.64 77.03
N ASN H 1769 64.00 18.08 77.44
CA ASN H 1769 63.57 16.76 77.00
C ASN H 1769 62.16 16.80 76.42
N SER H 1770 61.66 18.01 76.18
CA SER H 1770 60.30 18.20 75.67
C SER H 1770 60.29 18.43 74.17
N THR H 1771 59.41 17.70 73.49
CA THR H 1771 59.27 17.79 72.03
C THR H 1771 58.11 18.67 71.63
N SER H 1772 57.20 18.94 72.56
CA SER H 1772 56.02 19.71 72.24
C SER H 1772 55.29 20.19 73.48
N TYR H 1773 54.55 21.27 73.33
CA TYR H 1773 53.68 21.74 74.39
C TYR H 1773 52.32 22.01 73.79
N THR H 1774 51.27 21.78 74.58
CA THR H 1774 49.92 21.85 74.04
C THR H 1774 49.05 22.85 74.79
N TYR H 1775 48.56 23.85 74.05
CA TYR H 1775 47.61 24.83 74.59
C TYR H 1775 46.21 24.25 74.50
N ARG H 1776 45.38 24.45 75.53
CA ARG H 1776 44.00 23.97 75.47
C ARG H 1776 43.01 24.95 76.09
N SER H 1777 41.91 25.17 75.39
CA SER H 1777 40.77 25.90 75.93
C SER H 1777 39.49 25.17 75.55
N PRO H 1778 38.54 25.12 76.48
CA PRO H 1778 37.30 24.40 76.22
C PRO H 1778 36.45 25.13 75.16
N SER H 1779 36.67 26.43 75.00
CA SER H 1779 35.86 27.25 74.10
C SER H 1779 36.71 28.00 73.08
N GLY H 1780 37.84 27.42 72.68
CA GLY H 1780 38.68 28.05 71.69
C GLY H 1780 39.77 28.91 72.30
N LEU H 1781 40.98 28.79 71.76
CA LEU H 1781 42.15 29.47 72.32
C LEU H 1781 42.11 30.98 72.18
N LEU H 1782 41.22 31.49 71.32
CA LEU H 1782 41.05 32.91 71.18
C LEU H 1782 40.18 33.41 72.31
N SER H 1783 40.00 32.56 73.31
CA SER H 1783 39.16 32.87 74.46
C SER H 1783 40.03 32.98 75.72
N ALA H 1784 41.18 32.33 75.71
CA ALA H 1784 42.14 32.47 76.80
C ALA H 1784 43.14 33.56 76.42
N THR H 1785 43.53 34.39 77.40
CA THR H 1785 44.17 35.67 77.13
C THR H 1785 45.55 35.67 76.47
N GLN H 1786 46.42 34.70 76.77
CA GLN H 1786 47.75 34.72 76.15
C GLN H 1786 47.59 34.95 74.66
N PHE H 1787 46.45 34.53 74.13
CA PHE H 1787 46.14 34.74 72.72
C PHE H 1787 45.12 35.86 72.53
N THR H 1788 44.03 35.82 73.29
CA THR H 1788 42.99 36.85 73.25
C THR H 1788 43.58 38.25 73.17
N GLN H 1789 44.64 38.49 73.94
CA GLN H 1789 45.20 39.82 74.06
C GLN H 1789 45.98 40.26 72.83
N PRO H 1790 47.07 39.54 72.51
CA PRO H 1790 47.88 39.96 71.35
C PRO H 1790 47.01 40.11 70.12
N ALA H 1791 46.00 39.25 70.00
CA ALA H 1791 45.06 39.31 68.89
C ALA H 1791 44.25 40.59 68.88
N LEU H 1792 43.64 40.92 70.02
CA LEU H 1792 42.90 42.18 70.13
C LEU H 1792 43.79 43.38 69.86
N THR H 1793 44.97 43.39 70.48
CA THR H 1793 45.97 44.42 70.24
C THR H 1793 46.19 44.56 68.74
N LEU H 1794 46.45 43.42 68.12
CA LEU H 1794 46.79 43.33 66.70
C LEU H 1794 45.73 43.97 65.82
N MET H 1795 44.48 43.51 65.95
CA MET H 1795 43.40 44.02 65.11
C MET H 1795 43.33 45.54 65.22
N GLU H 1796 43.50 46.05 66.44
CA GLU H 1796 43.39 47.48 66.68
C GLU H 1796 44.52 48.27 66.04
N LYS H 1797 45.76 47.92 66.39
CA LYS H 1797 46.92 48.54 65.77
C LYS H 1797 46.74 48.63 64.27
N ALA H 1798 46.51 47.49 63.64
CA ALA H 1798 46.35 47.43 62.20
C ALA H 1798 45.25 48.37 61.73
N SER H 1799 44.06 48.21 62.31
CA SER H 1799 42.91 49.02 61.95
C SER H 1799 43.25 50.51 61.94
N PHE H 1800 43.86 50.94 63.04
CA PHE H 1800 44.23 52.33 63.21
C PHE H 1800 45.28 52.72 62.16
N GLU H 1801 46.30 51.88 62.03
CA GLU H 1801 47.40 52.13 61.11
C GLU H 1801 46.88 52.31 59.70
N ASP H 1802 45.70 51.76 59.43
CA ASP H 1802 45.08 51.94 58.13
C ASP H 1802 44.50 53.35 58.03
N MET H 1803 43.76 53.76 59.05
CA MET H 1803 43.22 55.10 59.08
C MET H 1803 44.38 56.07 58.86
N ARG H 1804 45.47 55.82 59.57
CA ARG H 1804 46.67 56.63 59.48
C ARG H 1804 47.14 56.67 58.04
N SER H 1805 47.19 55.49 57.44
CA SER H 1805 47.51 55.35 56.02
C SER H 1805 46.73 56.30 55.11
N LYS H 1806 45.49 56.60 55.48
CA LYS H 1806 44.65 57.45 54.65
C LYS H 1806 44.51 58.87 55.19
N GLY H 1807 45.31 59.18 56.20
CA GLY H 1807 45.42 60.53 56.74
C GLY H 1807 44.25 60.97 57.59
N LEU H 1808 43.69 60.01 58.33
CA LEU H 1808 42.51 60.28 59.14
C LEU H 1808 42.87 60.57 60.60
N VAL H 1809 44.06 60.16 61.00
CA VAL H 1809 44.48 60.33 62.37
C VAL H 1809 44.76 61.79 62.67
N GLN H 1810 44.06 62.33 63.65
CA GLN H 1810 44.20 63.74 64.03
C GLN H 1810 45.42 63.94 64.93
N ARG H 1811 46.14 65.02 64.69
CA ARG H 1811 47.36 65.30 65.43
C ARG H 1811 47.11 65.51 66.91
N ASP H 1812 46.38 66.57 67.23
CA ASP H 1812 46.12 66.95 68.61
C ASP H 1812 44.86 66.30 69.16
N SER H 1813 44.88 64.98 69.30
CA SER H 1813 43.75 64.29 69.90
C SER H 1813 44.23 63.46 71.08
N THR H 1814 43.29 62.94 71.85
CA THR H 1814 43.59 62.15 73.03
C THR H 1814 43.35 60.69 72.75
N PHE H 1815 44.01 59.82 73.51
CA PHE H 1815 43.81 58.38 73.32
C PHE H 1815 43.86 57.62 74.63
N ALA H 1816 42.94 56.68 74.79
CA ALA H 1816 42.86 55.89 76.01
C ALA H 1816 42.46 54.47 75.67
N GLY H 1817 42.89 53.53 76.50
CA GLY H 1817 42.54 52.13 76.34
C GLY H 1817 42.03 51.50 77.61
N HIS H 1818 41.19 50.47 77.48
CA HIS H 1818 40.58 49.80 78.63
C HIS H 1818 41.20 48.42 78.91
N SER H 1819 41.75 48.25 80.11
CA SER H 1819 42.48 47.03 80.46
C SER H 1819 43.62 46.81 79.47
N LEU H 1820 43.43 45.82 78.60
CA LEU H 1820 44.38 45.56 77.52
C LEU H 1820 44.56 46.80 76.64
N GLY H 1821 43.43 47.33 76.20
CA GLY H 1821 43.36 48.40 75.22
C GLY H 1821 44.31 49.57 75.43
N GLU H 1822 44.87 49.69 76.62
CA GLU H 1822 45.81 50.75 76.88
C GLU H 1822 47.09 50.49 76.10
N TYR H 1823 47.57 49.25 76.11
CA TYR H 1823 48.80 48.92 75.39
C TYR H 1823 48.66 49.15 73.89
N SER H 1824 47.57 48.68 73.32
CA SER H 1824 47.31 48.92 71.90
C SER H 1824 47.21 50.43 71.63
N ALA H 1825 46.31 51.11 72.32
CA ALA H 1825 46.18 52.56 72.20
C ALA H 1825 47.55 53.27 72.21
N LEU H 1826 48.40 52.86 73.14
CA LEU H 1826 49.73 53.46 73.25
C LEU H 1826 50.45 53.34 71.93
N VAL H 1827 50.77 52.11 71.57
CA VAL H 1827 51.49 51.82 70.35
C VAL H 1827 50.81 52.41 69.12
N ALA H 1828 49.50 52.60 69.22
CA ALA H 1828 48.69 53.05 68.09
C ALA H 1828 49.09 54.44 67.68
N LEU H 1829 49.18 55.33 68.65
CA LEU H 1829 49.43 56.75 68.38
C LEU H 1829 50.87 57.20 68.72
N ALA H 1830 51.38 56.73 69.84
CA ALA H 1830 52.79 56.90 70.17
C ALA H 1830 53.52 55.62 69.82
N ASP H 1831 54.65 55.73 69.12
CA ASP H 1831 55.37 54.53 68.76
C ASP H 1831 56.12 53.95 69.95
N VAL H 1832 55.38 53.66 71.03
CA VAL H 1832 55.95 53.25 72.30
C VAL H 1832 56.89 52.05 72.14
N MET H 1833 56.68 51.28 71.08
CA MET H 1833 57.49 50.08 70.82
C MET H 1833 57.09 49.41 69.52
N PRO H 1834 58.04 48.69 68.90
CA PRO H 1834 57.78 47.87 67.71
C PRO H 1834 56.67 46.88 67.97
N ILE H 1835 55.98 46.46 66.92
CA ILE H 1835 54.81 45.59 67.07
C ILE H 1835 55.14 44.22 67.65
N GLU H 1836 56.32 43.70 67.34
CA GLU H 1836 56.78 42.44 67.90
C GLU H 1836 57.00 42.56 69.41
N SER H 1837 57.48 43.72 69.83
CA SER H 1837 57.57 44.01 71.23
C SER H 1837 56.15 43.95 71.80
N LEU H 1838 55.25 44.76 71.23
CA LEU H 1838 53.89 44.89 71.74
C LEU H 1838 53.26 43.55 72.02
N VAL H 1839 53.28 42.67 71.03
CA VAL H 1839 52.60 41.39 71.18
C VAL H 1839 53.27 40.51 72.21
N SER H 1840 54.60 40.59 72.28
CA SER H 1840 55.36 39.86 73.30
C SER H 1840 54.97 40.35 74.69
N VAL H 1841 55.14 41.65 74.89
CA VAL H 1841 54.67 42.33 76.08
C VAL H 1841 53.31 41.77 76.51
N VAL H 1842 52.30 42.04 75.69
CA VAL H 1842 50.92 41.66 76.00
C VAL H 1842 50.75 40.18 76.25
N PHE H 1843 51.41 39.36 75.43
CA PHE H 1843 51.37 37.90 75.59
C PHE H 1843 51.83 37.50 76.99
N TYR H 1844 52.85 38.19 77.49
CA TYR H 1844 53.39 37.96 78.83
C TYR H 1844 52.39 38.39 79.87
N ARG H 1845 51.77 39.55 79.64
CA ARG H 1845 50.73 40.07 80.53
C ARG H 1845 49.68 39.01 80.76
N GLY H 1846 49.12 38.51 79.65
CA GLY H 1846 48.13 37.46 79.71
C GLY H 1846 48.61 36.23 80.44
N LEU H 1847 49.86 35.82 80.18
CA LEU H 1847 50.44 34.69 80.89
C LEU H 1847 50.40 34.90 82.41
N THR H 1848 51.00 35.99 82.88
CA THR H 1848 51.10 36.25 84.32
C THR H 1848 49.72 36.38 84.93
N MET H 1849 48.85 37.10 84.24
CA MET H 1849 47.47 37.26 84.68
C MET H 1849 46.75 35.92 84.90
N GLN H 1850 47.16 34.87 84.18
CA GLN H 1850 46.49 33.59 84.34
C GLN H 1850 47.13 32.74 85.43
N VAL H 1851 48.44 32.85 85.59
CA VAL H 1851 49.18 32.08 86.59
C VAL H 1851 49.09 32.68 87.99
N ALA H 1852 48.67 33.93 88.06
CA ALA H 1852 48.51 34.67 89.33
C ALA H 1852 47.61 33.92 90.33
N VAL H 1853 46.41 33.48 89.87
CA VAL H 1853 45.46 32.77 90.72
C VAL H 1853 45.83 31.30 90.88
N GLU H 1854 45.44 30.73 92.01
CA GLU H 1854 45.61 29.32 92.26
C GLU H 1854 44.33 28.56 91.89
N ARG H 1855 44.50 27.49 91.12
CA ARG H 1855 43.40 26.55 90.88
C ARG H 1855 43.81 25.12 91.23
N ASP H 1856 42.82 24.24 91.31
CA ASP H 1856 43.07 22.87 91.73
C ASP H 1856 43.00 21.88 90.56
N GLU H 1857 42.78 20.61 90.92
CA GLU H 1857 42.79 19.51 89.95
C GLU H 1857 41.63 19.56 88.97
N GLN H 1858 40.48 20.03 89.44
CA GLN H 1858 39.28 20.09 88.58
C GLN H 1858 39.37 21.25 87.59
N GLY H 1859 40.42 22.07 87.73
CA GLY H 1859 40.53 23.31 86.99
C GLY H 1859 39.80 24.39 87.76
N ARG H 1860 39.23 23.99 88.90
CA ARG H 1860 38.49 24.86 89.80
C ARG H 1860 39.32 26.07 90.23
N SER H 1861 38.84 27.26 89.87
CA SER H 1861 39.51 28.51 90.20
C SER H 1861 39.12 29.04 91.59
N ASN H 1862 39.95 29.91 92.14
CA ASN H 1862 39.75 30.38 93.51
C ASN H 1862 38.76 31.54 93.62
N TYR H 1863 38.91 32.51 92.73
CA TYR H 1863 38.11 33.74 92.76
C TYR H 1863 37.24 33.84 91.52
N ALA H 1864 36.67 35.02 91.30
CA ALA H 1864 35.87 35.35 90.11
C ALA H 1864 35.40 36.80 90.14
N MET H 1865 35.03 37.34 88.97
CA MET H 1865 34.56 38.72 88.90
C MET H 1865 33.08 38.83 88.55
N CYS H 1866 32.48 39.95 88.94
CA CYS H 1866 31.06 40.14 88.74
C CYS H 1866 30.70 41.62 88.61
N ALA H 1867 29.83 41.94 87.66
CA ALA H 1867 29.44 43.33 87.40
C ALA H 1867 28.20 43.71 88.19
N VAL H 1868 28.15 44.96 88.64
CA VAL H 1868 27.04 45.41 89.48
C VAL H 1868 26.45 46.77 89.07
N ASN H 1869 25.14 46.79 88.87
CA ASN H 1869 24.40 47.98 88.44
C ASN H 1869 23.65 48.60 89.63
N PRO H 1870 24.24 49.63 90.25
CA PRO H 1870 23.67 50.22 91.47
C PRO H 1870 22.26 50.77 91.27
N SER H 1871 21.91 51.11 90.03
CA SER H 1871 20.59 51.63 89.68
C SER H 1871 19.47 50.64 90.00
N ARG H 1872 19.74 49.36 89.78
CA ARG H 1872 18.73 48.32 89.88
C ARG H 1872 18.37 48.00 91.34
N ILE H 1873 19.17 48.51 92.28
CA ILE H 1873 18.83 48.43 93.70
C ILE H 1873 17.80 49.49 94.06
N SER H 1874 18.28 50.67 94.43
CA SER H 1874 17.43 51.82 94.67
C SER H 1874 18.02 53.00 93.93
N PRO H 1875 17.17 53.79 93.23
CA PRO H 1875 17.66 54.99 92.55
C PRO H 1875 18.36 55.99 93.48
N THR H 1876 18.40 55.69 94.79
CA THR H 1876 19.14 56.51 95.75
C THR H 1876 20.57 55.99 95.92
N PHE H 1877 20.79 54.79 95.38
CA PHE H 1877 22.07 54.09 95.48
C PHE H 1877 23.14 54.75 94.60
N THR H 1878 24.20 55.26 95.23
CA THR H 1878 25.22 56.01 94.51
C THR H 1878 26.51 55.22 94.29
N GLU H 1879 27.49 55.88 93.67
CA GLU H 1879 28.82 55.31 93.51
C GLU H 1879 29.41 54.97 94.87
N GLN H 1880 29.55 56.00 95.71
CA GLN H 1880 30.07 55.83 97.08
C GLN H 1880 29.26 54.84 97.90
N ALA H 1881 28.01 54.64 97.50
CA ALA H 1881 27.14 53.70 98.18
C ALA H 1881 27.63 52.27 97.98
N LEU H 1882 27.86 51.90 96.72
CA LEU H 1882 28.37 50.56 96.41
C LEU H 1882 29.77 50.37 96.98
N GLN H 1883 30.53 51.47 97.03
CA GLN H 1883 31.85 51.45 97.66
C GLN H 1883 31.74 51.08 99.13
N TYR H 1884 30.88 51.80 99.84
CA TYR H 1884 30.67 51.55 101.25
C TYR H 1884 30.31 50.08 101.53
N VAL H 1885 29.34 49.56 100.76
CA VAL H 1885 28.96 48.16 100.87
C VAL H 1885 30.17 47.23 100.81
N VAL H 1886 31.02 47.45 99.81
CA VAL H 1886 32.18 46.60 99.54
C VAL H 1886 33.28 46.71 100.60
N GLU H 1887 33.78 47.92 100.80
CA GLU H 1887 34.86 48.18 101.76
C GLU H 1887 34.52 47.65 103.14
N ASN H 1888 33.23 47.68 103.49
CA ASN H 1888 32.74 47.13 104.75
C ASN H 1888 32.79 45.61 104.78
N ILE H 1889 32.26 44.98 103.73
CA ILE H 1889 32.35 43.53 103.58
C ILE H 1889 33.81 43.08 103.56
N ALA H 1890 34.69 44.00 103.15
CA ALA H 1890 36.13 43.72 103.02
C ALA H 1890 36.81 43.37 104.35
N GLU H 1891 36.70 44.27 105.32
CA GLU H 1891 37.39 44.11 106.59
C GLU H 1891 36.49 43.52 107.65
N VAL H 1892 35.27 43.18 107.27
CA VAL H 1892 34.36 42.44 108.14
C VAL H 1892 34.53 40.93 107.94
N THR H 1893 34.25 40.46 106.72
CA THR H 1893 34.42 39.04 106.38
C THR H 1893 35.86 38.71 105.98
N GLY H 1894 36.73 39.72 106.01
CA GLY H 1894 38.16 39.52 105.88
C GLY H 1894 38.64 38.98 104.53
N TRP H 1895 37.70 38.57 103.69
CA TRP H 1895 38.04 38.04 102.37
C TRP H 1895 38.60 39.13 101.45
N LEU H 1896 38.75 38.81 100.18
CA LEU H 1896 39.24 39.79 99.20
C LEU H 1896 38.11 40.23 98.27
N LEU H 1897 37.75 41.50 98.34
CA LEU H 1897 36.70 42.09 97.52
C LEU H 1897 37.07 43.53 97.22
N GLU H 1898 36.67 44.03 96.06
CA GLU H 1898 37.17 45.32 95.58
C GLU H 1898 36.54 45.71 94.25
N ILE H 1899 36.07 46.95 94.16
CA ILE H 1899 35.56 47.46 92.89
C ILE H 1899 36.74 47.64 91.95
N VAL H 1900 36.79 46.78 90.93
CA VAL H 1900 37.88 46.70 89.98
C VAL H 1900 37.60 47.52 88.72
N ASN H 1901 36.32 47.69 88.40
CA ASN H 1901 35.91 48.51 87.26
C ASN H 1901 34.92 49.63 87.60
N TYR H 1902 35.30 50.85 87.25
CA TYR H 1902 34.40 51.99 87.31
C TYR H 1902 34.13 52.41 85.88
N ASN H 1903 33.02 51.92 85.32
CA ASN H 1903 32.73 52.09 83.89
C ASN H 1903 31.71 53.18 83.56
N VAL H 1904 30.49 53.05 84.08
CA VAL H 1904 29.48 54.08 83.86
C VAL H 1904 28.90 54.64 85.16
N ALA H 1905 28.73 55.96 85.19
CA ALA H 1905 28.37 56.71 86.39
C ALA H 1905 27.54 55.97 87.45
N ASN H 1906 26.29 55.69 87.15
CA ASN H 1906 25.45 54.97 88.11
C ASN H 1906 24.91 53.71 87.47
N MET H 1907 25.69 53.18 86.55
CA MET H 1907 25.19 52.11 85.70
C MET H 1907 26.02 50.84 85.81
N GLN H 1908 27.30 50.92 85.46
CA GLN H 1908 28.12 49.72 85.36
C GLN H 1908 29.37 49.77 86.23
N TYR H 1909 29.52 48.76 87.06
CA TYR H 1909 30.70 48.60 87.89
C TYR H 1909 31.06 47.13 87.91
N VAL H 1910 32.29 46.83 88.30
CA VAL H 1910 32.71 45.44 88.37
C VAL H 1910 33.57 45.16 89.59
N ALA H 1911 33.22 44.11 90.32
CA ALA H 1911 33.95 43.74 91.51
C ALA H 1911 34.65 42.39 91.34
N ALA H 1912 35.86 42.29 91.89
CA ALA H 1912 36.61 41.05 91.84
C ALA H 1912 36.68 40.50 93.24
N GLY H 1913 37.41 39.40 93.41
CA GLY H 1913 37.68 38.85 94.73
C GLY H 1913 37.19 37.43 94.98
N ASP H 1914 37.37 36.97 96.21
CA ASP H 1914 36.95 35.65 96.66
C ASP H 1914 35.54 35.31 96.19
N LEU H 1915 35.29 34.03 95.89
CA LEU H 1915 33.96 33.58 95.52
C LEU H 1915 32.90 33.88 96.58
N ARG H 1916 33.26 33.71 97.85
CA ARG H 1916 32.36 33.99 98.97
C ARG H 1916 32.17 35.50 99.14
N ALA H 1917 33.21 36.24 98.80
CA ALA H 1917 33.20 37.71 98.86
C ALA H 1917 32.21 38.28 97.83
N LEU H 1918 32.07 37.58 96.71
CA LEU H 1918 31.11 37.96 95.68
C LEU H 1918 29.72 37.43 96.04
N ASP H 1919 29.67 36.42 96.90
CA ASP H 1919 28.40 35.84 97.35
C ASP H 1919 27.75 36.71 98.42
N THR H 1920 28.57 37.24 99.32
CA THR H 1920 28.08 38.09 100.40
C THR H 1920 27.74 39.50 99.92
N LEU H 1921 28.44 39.95 98.88
CA LEU H 1921 28.17 41.25 98.25
C LEU H 1921 26.95 41.16 97.33
N ALA H 1922 26.71 39.97 96.78
CA ALA H 1922 25.49 39.71 96.02
C ALA H 1922 24.31 39.74 96.99
N ASN H 1923 24.44 39.02 98.10
CA ASN H 1923 23.43 39.00 99.17
C ASN H 1923 23.02 40.39 99.66
N VAL H 1924 23.98 41.11 100.24
CA VAL H 1924 23.73 42.42 100.84
C VAL H 1924 22.88 43.35 99.94
N LEU H 1925 23.13 43.28 98.64
CA LEU H 1925 22.45 44.12 97.67
C LEU H 1925 21.05 43.56 97.32
N ASN H 1926 20.91 42.24 97.33
CA ASN H 1926 19.63 41.57 97.11
C ASN H 1926 18.66 41.88 98.24
N ILE H 1927 19.23 41.98 99.44
CA ILE H 1927 18.52 42.41 100.64
C ILE H 1927 18.04 43.85 100.44
N LEU H 1928 18.99 44.75 100.23
CA LEU H 1928 18.72 46.18 100.14
C LEU H 1928 17.73 46.56 99.02
N LYS H 1929 17.68 45.77 97.95
CA LYS H 1929 16.74 46.01 96.85
C LYS H 1929 15.29 45.68 97.26
N MET H 1930 15.11 44.50 97.85
CA MET H 1930 13.80 44.08 98.34
C MET H 1930 13.47 44.72 99.70
N GLN H 1931 14.51 45.24 100.35
CA GLN H 1931 14.36 45.93 101.62
C GLN H 1931 13.97 47.39 101.40
N LYS H 1932 14.24 47.89 100.19
CA LYS H 1932 13.82 49.23 99.78
C LYS H 1932 14.43 50.31 100.68
N ILE H 1933 15.69 50.67 100.41
CA ILE H 1933 16.42 51.61 101.27
C ILE H 1933 16.53 53.02 100.68
N ASP H 1934 17.04 53.92 101.52
CA ASP H 1934 17.30 55.31 101.16
C ASP H 1934 18.55 55.73 101.93
N ILE H 1935 19.69 55.77 101.24
CA ILE H 1935 20.97 56.03 101.90
C ILE H 1935 21.12 57.49 102.33
N GLN H 1936 20.46 58.41 101.63
CA GLN H 1936 20.51 59.85 101.93
C GLN H 1936 19.79 60.18 103.24
N ALA H 1937 18.55 59.72 103.36
CA ALA H 1937 17.74 59.94 104.55
C ALA H 1937 18.28 59.18 105.77
N LEU H 1938 18.89 58.02 105.53
CA LEU H 1938 19.40 57.14 106.60
C LEU H 1938 20.82 57.46 107.08
N MET H 1939 21.45 58.49 106.50
CA MET H 1939 22.75 58.95 106.99
C MET H 1939 22.61 60.22 107.84
N GLN H 1940 21.36 60.66 107.98
CA GLN H 1940 21.02 61.77 108.87
C GLN H 1940 20.17 61.29 110.08
N SER H 1941 19.22 60.39 109.82
CA SER H 1941 18.38 59.79 110.88
C SER H 1941 19.15 58.81 111.77
N MET H 1942 20.13 58.10 111.19
CA MET H 1942 21.13 57.37 111.95
C MET H 1942 22.49 58.03 111.65
N SER H 1943 23.29 58.28 112.68
CA SER H 1943 24.62 58.81 112.45
C SER H 1943 25.46 57.81 111.65
N LEU H 1944 26.75 58.06 111.56
CA LEU H 1944 27.61 57.23 110.71
C LEU H 1944 27.89 55.80 111.23
N GLU H 1945 28.20 55.68 112.52
CA GLU H 1945 28.48 54.38 113.13
C GLU H 1945 27.21 53.56 113.39
N ASP H 1946 26.05 54.18 113.15
CA ASP H 1946 24.74 53.53 113.31
C ASP H 1946 24.36 52.75 112.05
N VAL H 1947 24.51 53.41 110.90
CA VAL H 1947 24.35 52.75 109.60
C VAL H 1947 25.51 51.76 109.40
N ARG H 1948 26.70 52.15 109.85
CA ARG H 1948 27.91 51.32 109.82
C ARG H 1948 27.73 50.00 110.55
N ALA H 1949 27.36 50.07 111.83
CA ALA H 1949 27.18 48.89 112.64
C ALA H 1949 25.89 48.13 112.29
N HIS H 1950 24.96 48.82 111.62
CA HIS H 1950 23.76 48.18 111.13
C HIS H 1950 24.05 47.29 109.91
N LEU H 1951 25.07 47.69 109.14
CA LEU H 1951 25.54 46.93 107.99
C LEU H 1951 26.35 45.70 108.39
N VAL H 1952 27.23 45.87 109.38
CA VAL H 1952 28.03 44.76 109.90
C VAL H 1952 27.12 43.65 110.42
N GLU H 1953 25.89 44.01 110.76
CA GLU H 1953 24.86 43.04 111.08
C GLU H 1953 24.56 42.18 109.85
N ILE H 1954 23.99 42.82 108.83
CA ILE H 1954 23.62 42.16 107.59
C ILE H 1954 24.77 41.36 107.00
N ILE H 1955 25.99 41.84 107.21
CA ILE H 1955 27.18 41.17 106.67
C ILE H 1955 27.41 39.76 107.26
N GLN H 1956 27.51 39.66 108.58
CA GLN H 1956 27.72 38.37 109.24
C GLN H 1956 26.62 37.34 108.93
N GLU H 1957 25.36 37.81 108.89
CA GLU H 1957 24.24 36.97 108.52
C GLU H 1957 24.47 36.41 107.13
N CYS H 1958 24.55 37.31 106.15
CA CYS H 1958 24.77 36.95 104.75
C CYS H 1958 26.03 36.09 104.57
N ARG H 1959 27.08 36.44 105.32
CA ARG H 1959 28.39 35.77 105.27
C ARG H 1959 28.35 34.30 105.66
N LYS H 1960 27.71 33.99 106.78
CA LYS H 1960 27.70 32.63 107.30
C LYS H 1960 26.77 31.73 106.49
N GLN H 1961 25.77 32.33 105.85
CA GLN H 1961 24.86 31.59 104.97
C GLN H 1961 25.57 31.13 103.71
N THR H 1962 26.61 31.87 103.34
CA THR H 1962 27.43 31.49 102.19
C THR H 1962 28.37 30.33 102.53
N GLU H 1963 28.86 30.33 103.77
CA GLU H 1963 29.74 29.25 104.24
C GLU H 1963 28.95 27.98 104.50
N ALA H 1964 27.63 28.07 104.31
CA ALA H 1964 26.72 26.91 104.40
C ALA H 1964 26.68 26.15 103.07
N LYS H 1965 27.02 26.86 101.99
CA LYS H 1965 27.29 26.24 100.70
C LYS H 1965 28.79 26.35 100.44
N PRO H 1966 29.60 25.70 101.29
CA PRO H 1966 31.04 25.95 101.39
C PRO H 1966 31.76 25.36 100.19
N GLN H 1967 31.08 24.46 99.48
CA GLN H 1967 31.62 23.79 98.31
C GLN H 1967 32.07 24.79 97.27
N PRO H 1968 33.39 24.96 97.12
CA PRO H 1968 34.16 26.06 96.54
C PRO H 1968 33.40 27.39 96.33
N VAL H 1969 32.08 27.36 96.53
CA VAL H 1969 31.15 28.46 96.23
C VAL H 1969 30.67 28.36 94.79
N GLN H 1970 29.45 28.82 94.53
CA GLN H 1970 28.93 28.88 93.16
C GLN H 1970 27.96 30.04 93.00
N LEU H 1971 28.50 31.17 92.54
CA LEU H 1971 27.76 32.43 92.45
C LEU H 1971 26.72 32.42 91.35
N GLU H 1972 25.63 33.16 91.56
CA GLU H 1972 24.58 33.26 90.56
C GLU H 1972 24.03 34.68 90.40
N ARG H 1973 23.25 34.88 89.35
CA ARG H 1973 22.70 36.19 89.02
C ARG H 1973 21.83 36.72 90.15
N GLY H 1974 22.14 37.92 90.64
CA GLY H 1974 21.37 38.54 91.70
C GLY H 1974 20.37 39.55 91.19
N PHE H 1975 20.16 40.63 91.95
CA PHE H 1975 19.27 41.70 91.52
C PHE H 1975 19.92 42.62 90.50
N ALA H 1976 21.13 43.07 90.81
CA ALA H 1976 21.93 43.85 89.90
C ALA H 1976 23.30 43.19 89.77
N THR H 1977 23.49 42.14 90.56
CA THR H 1977 24.77 41.44 90.65
C THR H 1977 24.87 40.27 89.66
N ILE H 1978 25.25 40.57 88.42
CA ILE H 1978 25.42 39.55 87.39
C ILE H 1978 26.89 39.20 87.17
N PRO H 1979 27.29 37.98 87.54
CA PRO H 1979 28.68 37.53 87.48
C PRO H 1979 29.17 37.37 86.05
N LEU H 1980 30.41 37.79 85.79
CA LEU H 1980 31.00 37.72 84.46
C LEU H 1980 31.57 36.34 84.20
N ARG H 1981 30.93 35.61 83.29
CA ARG H 1981 31.35 34.25 83.01
C ARG H 1981 32.72 34.22 82.31
N GLY H 1982 33.66 33.49 82.89
CA GLY H 1982 34.95 33.26 82.27
C GLY H 1982 36.10 34.06 82.83
N ILE H 1983 36.12 34.26 84.15
CA ILE H 1983 37.25 34.93 84.80
C ILE H 1983 37.72 34.20 86.06
N ASP H 1984 39.01 33.89 86.10
CA ASP H 1984 39.60 33.14 87.20
C ASP H 1984 40.28 34.10 88.14
N VAL H 1985 40.89 35.12 87.56
CA VAL H 1985 41.81 35.98 88.29
C VAL H 1985 41.22 37.34 88.62
N PRO H 1986 41.43 37.80 89.87
CA PRO H 1986 41.03 39.13 90.28
C PRO H 1986 42.09 40.13 89.85
N PHE H 1987 42.13 40.45 88.56
CA PHE H 1987 43.08 41.45 88.10
C PHE H 1987 42.49 42.84 88.33
N HIS H 1988 43.34 43.87 88.21
CA HIS H 1988 42.99 45.24 88.56
C HIS H 1988 42.55 45.37 90.02
N SER H 1989 43.12 44.51 90.84
CA SER H 1989 42.95 44.54 92.29
C SER H 1989 44.34 44.53 92.91
N THR H 1990 44.40 44.73 94.22
CA THR H 1990 45.67 44.72 94.92
C THR H 1990 46.30 43.33 95.00
N PHE H 1991 45.70 42.38 94.30
CA PHE H 1991 46.19 41.01 94.25
C PHE H 1991 47.43 40.91 93.38
N LEU H 1992 47.28 41.37 92.14
CA LEU H 1992 48.34 41.28 91.14
C LEU H 1992 49.59 42.08 91.52
N ARG H 1993 49.55 42.76 92.66
CA ARG H 1993 50.71 43.48 93.19
C ARG H 1993 51.93 42.56 93.22
N SER H 1994 51.66 41.27 93.41
CA SER H 1994 52.68 40.24 93.38
C SER H 1994 53.59 40.38 92.17
N GLY H 1995 53.09 39.98 91.01
CA GLY H 1995 53.89 39.96 89.79
C GLY H 1995 54.07 41.29 89.07
N VAL H 1996 53.78 42.41 89.75
CA VAL H 1996 54.01 43.70 89.13
C VAL H 1996 55.51 43.90 88.86
N LYS H 1997 56.32 43.23 89.67
CA LYS H 1997 57.78 43.35 89.59
C LYS H 1997 58.34 42.76 88.29
N PRO H 1998 58.03 41.48 88.03
CA PRO H 1998 58.51 40.80 86.82
C PRO H 1998 58.04 41.48 85.53
N PHE H 1999 56.77 41.88 85.50
CA PHE H 1999 56.22 42.53 84.32
C PHE H 1999 56.93 43.84 84.00
N ARG H 2000 57.34 44.55 85.04
CA ARG H 2000 58.10 45.77 84.85
C ARG H 2000 59.41 45.44 84.13
N SER H 2001 60.23 44.61 84.75
CA SER H 2001 61.53 44.24 84.19
C SER H 2001 61.38 43.74 82.77
N PHE H 2002 60.25 43.09 82.48
CA PHE H 2002 59.95 42.65 81.13
C PHE H 2002 59.67 43.86 80.23
N LEU H 2003 58.83 44.78 80.71
CA LEU H 2003 58.54 46.01 79.96
C LEU H 2003 59.83 46.74 79.61
N LEU H 2004 60.81 46.65 80.49
CA LEU H 2004 62.06 47.39 80.31
C LEU H 2004 62.90 46.77 79.21
N LYS H 2005 62.70 45.47 79.03
CA LYS H 2005 63.33 44.72 77.96
C LYS H 2005 62.71 45.13 76.64
N LYS H 2006 61.39 45.23 76.62
CA LYS H 2006 60.65 45.43 75.37
C LYS H 2006 60.56 46.91 74.98
N ILE H 2007 60.58 47.79 75.97
CA ILE H 2007 60.57 49.21 75.68
C ILE H 2007 61.96 49.85 75.84
N ASN H 2008 62.25 50.79 74.94
CA ASN H 2008 63.51 51.51 74.94
C ASN H 2008 63.24 53.02 74.92
N LYS H 2009 63.91 53.76 75.82
CA LYS H 2009 63.66 55.20 75.98
C LYS H 2009 63.80 55.91 74.65
N THR H 2010 64.88 55.60 73.96
CA THR H 2010 65.24 56.23 72.71
C THR H 2010 64.04 56.32 71.77
N THR H 2011 63.25 55.24 71.75
CA THR H 2011 62.09 55.10 70.87
C THR H 2011 61.00 56.12 71.20
N ILE H 2012 61.04 56.66 72.41
CA ILE H 2012 59.96 57.47 72.92
C ILE H 2012 60.06 58.95 72.63
N ASP H 2013 59.06 59.48 71.91
CA ASP H 2013 58.83 60.92 71.85
C ASP H 2013 57.92 61.26 72.98
N PRO H 2014 58.46 61.93 74.00
CA PRO H 2014 57.57 62.31 75.09
C PRO H 2014 56.53 63.25 74.52
N SER H 2015 56.82 63.76 73.33
CA SER H 2015 55.96 64.71 72.63
C SER H 2015 54.64 64.11 72.18
N LYS H 2016 54.58 62.78 72.09
CA LYS H 2016 53.35 62.09 71.67
C LYS H 2016 52.46 61.76 72.85
N LEU H 2017 53.07 61.31 73.94
CA LEU H 2017 52.36 61.12 75.19
C LEU H 2017 52.07 62.47 75.80
N ILE H 2018 52.94 63.44 75.46
CA ILE H 2018 52.97 64.79 76.02
C ILE H 2018 52.00 65.02 77.16
N GLY H 2019 50.72 65.13 76.83
CA GLY H 2019 49.65 65.33 77.78
C GLY H 2019 48.36 64.93 77.12
N LYS H 2020 48.47 64.05 76.14
CA LYS H 2020 47.33 63.64 75.32
C LYS H 2020 46.91 62.17 75.53
N TYR H 2021 47.62 61.50 76.43
CA TYR H 2021 47.40 60.08 76.71
C TYR H 2021 46.85 59.82 78.12
N ILE H 2022 45.68 59.20 78.18
CA ILE H 2022 45.04 58.90 79.46
C ILE H 2022 45.26 57.46 79.96
N PRO H 2023 46.14 57.29 80.95
CA PRO H 2023 46.39 55.97 81.57
C PRO H 2023 45.15 55.43 82.27
N ASN H 2024 45.29 54.32 83.00
CA ASN H 2024 44.14 53.68 83.65
C ASN H 2024 44.22 53.78 85.17
N VAL H 2025 45.35 54.27 85.65
CA VAL H 2025 45.55 54.44 87.08
C VAL H 2025 45.43 55.94 87.39
N THR H 2026 45.81 56.77 86.43
CA THR H 2026 45.61 58.21 86.51
C THR H 2026 44.50 58.60 85.55
N ALA H 2027 43.33 58.91 86.09
CA ALA H 2027 42.20 59.31 85.26
C ALA H 2027 42.48 60.60 84.50
N LYS H 2028 43.67 61.16 84.69
CA LYS H 2028 44.03 62.42 84.04
C LYS H 2028 45.26 62.31 83.12
N PRO H 2029 45.24 63.08 82.02
CA PRO H 2029 46.26 63.21 80.96
C PRO H 2029 47.70 63.04 81.42
N PHE H 2030 48.45 62.21 80.69
CA PHE H 2030 49.85 61.93 80.98
C PHE H 2030 50.64 63.22 80.99
N GLU H 2031 51.22 63.55 82.14
CA GLU H 2031 52.07 64.73 82.23
C GLU H 2031 53.41 64.36 82.86
N ILE H 2032 54.45 65.11 82.54
CA ILE H 2032 55.79 64.80 83.02
C ILE H 2032 56.15 65.67 84.22
N SER H 2033 55.19 66.47 84.69
CA SER H 2033 55.42 67.35 85.84
C SER H 2033 55.76 66.60 87.13
N LYS H 2034 56.53 67.27 87.98
CA LYS H 2034 56.96 66.73 89.27
C LYS H 2034 55.78 66.32 90.14
N GLU H 2035 54.62 66.92 89.87
CA GLU H 2035 53.42 66.69 90.65
C GLU H 2035 52.73 65.40 90.22
N TYR H 2036 52.88 65.06 88.95
CA TYR H 2036 52.30 63.83 88.42
C TYR H 2036 52.92 62.62 89.13
N PHE H 2037 54.25 62.60 89.21
CA PHE H 2037 55.00 61.48 89.77
C PHE H 2037 54.59 61.23 91.22
N GLU H 2038 53.96 62.24 91.81
CA GLU H 2038 53.48 62.15 93.17
C GLU H 2038 52.09 61.50 93.21
N GLU H 2039 51.21 61.95 92.33
CA GLU H 2039 49.90 61.34 92.16
C GLU H 2039 50.06 59.86 91.79
N VAL H 2040 51.09 59.58 91.01
CA VAL H 2040 51.45 58.21 90.65
C VAL H 2040 51.94 57.44 91.89
N HIS H 2041 52.92 58.03 92.57
CA HIS H 2041 53.51 57.44 93.76
C HIS H 2041 52.49 57.23 94.87
N ARG H 2042 51.51 58.12 94.93
CA ARG H 2042 50.42 58.03 95.89
C ARG H 2042 49.59 56.79 95.61
N LEU H 2043 49.30 56.54 94.34
CA LEU H 2043 48.41 55.46 93.95
C LEU H 2043 49.17 54.15 93.77
N THR H 2044 50.48 54.26 93.65
CA THR H 2044 51.31 53.12 93.29
C THR H 2044 52.35 52.72 94.35
N GLY H 2045 53.23 53.65 94.66
CA GLY H 2045 54.35 53.39 95.55
C GLY H 2045 55.54 52.86 94.76
N SER H 2046 55.84 53.53 93.65
CA SER H 2046 56.93 53.12 92.79
C SER H 2046 58.28 53.55 93.37
N PRO H 2047 59.13 52.57 93.72
CA PRO H 2047 60.50 52.82 94.20
C PRO H 2047 61.37 53.54 93.14
N LYS H 2048 61.01 53.39 91.87
CA LYS H 2048 61.67 54.11 90.79
C LYS H 2048 61.22 55.55 90.77
N ILE H 2049 59.97 55.78 91.18
CA ILE H 2049 59.41 57.13 91.26
C ILE H 2049 59.88 57.89 92.50
N ALA H 2050 59.92 57.19 93.64
CA ALA H 2050 60.43 57.78 94.88
C ALA H 2050 61.86 58.25 94.67
N ASN H 2051 62.66 57.37 94.04
CA ASN H 2051 64.06 57.65 93.70
C ASN H 2051 64.23 58.82 92.72
N ILE H 2052 63.25 59.02 91.86
CA ILE H 2052 63.31 60.06 90.82
C ILE H 2052 62.60 61.34 91.28
N LEU H 2053 61.84 61.23 92.36
CA LEU H 2053 61.20 62.37 92.99
C LEU H 2053 62.18 63.03 93.97
N ALA H 2054 62.97 62.20 94.62
CA ALA H 2054 64.00 62.66 95.56
C ALA H 2054 65.11 63.43 94.85
N ASN H 2055 65.37 63.07 93.60
CA ASN H 2055 66.41 63.75 92.82
C ASN H 2055 65.88 64.94 92.04
N TRP H 2056 64.59 65.24 92.21
CA TRP H 2056 63.85 66.09 91.27
C TRP H 2056 64.60 67.34 90.74
N ASP H 2057 65.43 67.93 91.58
CA ASP H 2057 66.24 69.08 91.20
C ASP H 2057 67.18 68.71 90.07
N LYS H 2058 67.83 67.55 90.24
CA LYS H 2058 68.68 66.94 89.22
C LYS H 2058 68.09 67.07 87.79
N TYR H 2059 66.77 67.15 87.70
CA TYR H 2059 66.08 67.17 86.40
C TYR H 2059 65.78 68.58 85.86
N GLU H 2060 65.94 69.59 86.72
CA GLU H 2060 65.97 70.99 86.29
C GLU H 2060 64.79 71.36 85.39
N GLN I 1 -26.14 129.75 11.86
CA GLN I 1 -25.53 130.49 12.96
C GLN I 1 -24.94 129.56 14.02
N SER I 2 -25.63 129.43 15.15
CA SER I 2 -25.22 128.53 16.22
C SER I 2 -25.62 127.11 15.82
N LEU I 3 -24.77 126.44 15.04
CA LEU I 3 -25.15 125.17 14.43
C LEU I 3 -24.10 124.07 14.57
N ARG I 4 -24.58 122.85 14.84
CA ARG I 4 -23.72 121.71 15.11
C ARG I 4 -24.31 120.46 14.45
N PRO I 5 -23.63 119.93 13.43
CA PRO I 5 -24.05 118.71 12.71
C PRO I 5 -24.29 117.48 13.63
N LEU I 6 -25.42 116.82 13.48
CA LEU I 6 -25.74 115.57 14.20
C LEU I 6 -26.22 114.46 13.28
N VAL I 7 -25.61 113.28 13.39
CA VAL I 7 -25.94 112.15 12.52
C VAL I 7 -26.73 111.07 13.24
N LEU I 8 -27.64 110.40 12.54
CA LEU I 8 -28.33 109.23 13.08
C LEU I 8 -28.05 108.00 12.22
N THR I 9 -27.14 107.13 12.69
CA THR I 9 -26.69 105.99 11.89
C THR I 9 -27.19 104.62 12.35
N HIS I 10 -27.70 103.85 11.39
CA HIS I 10 -28.09 102.47 11.60
C HIS I 10 -28.01 101.76 10.25
N GLY I 11 -27.22 100.68 10.19
CA GLY I 11 -27.05 99.92 8.96
C GLY I 11 -26.80 100.81 7.75
N SER I 12 -27.75 100.78 6.80
CA SER I 12 -27.62 101.46 5.52
C SER I 12 -28.20 102.87 5.53
N LEU I 13 -28.86 103.22 6.62
CA LEU I 13 -29.59 104.48 6.69
C LEU I 13 -29.02 105.43 7.75
N GLU I 14 -28.77 106.67 7.34
CA GLU I 14 -28.42 107.72 8.29
C GLU I 14 -29.09 109.06 7.97
N PHE I 15 -29.19 109.89 9.00
CA PHE I 15 -29.86 111.18 8.88
C PHE I 15 -28.99 112.34 9.36
N SER I 16 -29.12 113.49 8.69
CA SER I 16 -28.34 114.67 9.04
C SER I 16 -29.17 115.73 9.76
N PHE I 17 -28.60 116.28 10.82
CA PHE I 17 -29.32 117.19 11.70
C PHE I 17 -28.49 118.45 12.00
N LEU I 18 -29.16 119.57 12.23
CA LEU I 18 -28.45 120.82 12.53
C LEU I 18 -28.90 121.42 13.85
N VAL I 19 -28.10 121.21 14.89
CA VAL I 19 -28.46 121.61 16.26
C VAL I 19 -27.92 122.98 16.62
N PRO I 20 -28.63 123.73 17.49
CA PRO I 20 -27.95 124.83 18.15
C PRO I 20 -26.72 124.32 18.93
N THR I 21 -25.67 125.14 19.00
CA THR I 21 -24.42 124.75 19.66
C THR I 21 -24.64 124.30 21.12
N SER I 22 -25.46 125.05 21.83
CA SER I 22 -25.83 124.75 23.21
C SER I 22 -26.50 123.37 23.33
N LEU I 23 -27.41 123.08 22.42
CA LEU I 23 -28.23 121.88 22.49
C LEU I 23 -27.61 120.69 21.78
N HIS I 24 -26.39 120.82 21.31
CA HIS I 24 -25.78 119.73 20.55
C HIS I 24 -25.37 118.50 21.39
N PHE I 25 -24.99 118.71 22.65
CA PHE I 25 -24.65 117.56 23.49
C PHE I 25 -25.84 116.92 24.20
N GLN I 26 -26.93 117.67 24.38
CA GLN I 26 -28.15 117.07 24.90
C GLN I 26 -28.72 116.08 23.88
N ALA I 27 -28.60 116.42 22.59
CA ALA I 27 -29.09 115.56 21.51
C ALA I 27 -28.07 114.47 21.14
N ALA I 28 -26.82 114.67 21.55
CA ALA I 28 -25.80 113.64 21.41
C ALA I 28 -26.08 112.50 22.37
N GLN I 29 -26.48 112.84 23.60
CA GLN I 29 -26.83 111.87 24.64
C GLN I 29 -27.95 110.90 24.22
N LEU I 30 -29.03 111.48 23.71
CA LEU I 30 -30.15 110.70 23.24
C LEU I 30 -29.69 109.83 22.08
N LYS I 31 -29.11 110.45 21.07
CA LYS I 31 -28.59 109.72 19.91
C LYS I 31 -27.74 108.51 20.32
N ASP I 32 -26.97 108.67 21.40
CA ASP I 32 -26.02 107.64 21.85
C ASP I 32 -26.70 106.40 22.46
N SER I 33 -27.39 106.61 23.57
CA SER I 33 -28.09 105.53 24.25
C SER I 33 -29.30 105.04 23.45
N PHE I 34 -29.64 105.78 22.40
CA PHE I 34 -30.73 105.39 21.51
C PHE I 34 -30.26 104.38 20.46
N LEU I 35 -29.00 104.50 20.04
CA LEU I 35 -28.42 103.55 19.09
C LEU I 35 -28.03 102.26 19.82
N ALA I 36 -28.11 102.30 21.14
CA ALA I 36 -27.98 101.12 21.97
C ALA I 36 -29.35 100.44 22.12
N THR I 37 -30.40 101.25 22.05
CA THR I 37 -31.79 100.75 22.04
C THR I 37 -32.00 99.86 20.83
N LEU I 38 -31.36 100.23 19.72
CA LEU I 38 -31.43 99.50 18.46
C LEU I 38 -30.59 98.23 18.57
N PRO I 39 -31.00 97.17 17.88
CA PRO I 39 -30.34 95.87 18.01
C PRO I 39 -29.08 95.85 17.16
N GLN I 40 -28.63 94.65 16.81
CA GLN I 40 -27.52 94.51 15.88
C GLN I 40 -28.02 94.81 14.47
N PRO I 41 -27.52 95.92 13.89
CA PRO I 41 -27.95 96.43 12.58
C PRO I 41 -27.89 95.37 11.47
N THR I 42 -28.97 95.24 10.73
CA THR I 42 -28.99 94.47 9.49
C THR I 42 -28.69 95.45 8.36
N GLU I 43 -27.90 95.03 7.37
CA GLU I 43 -27.64 95.88 6.21
C GLU I 43 -28.77 95.72 5.17
N GLU I 44 -29.82 95.04 5.60
CA GLU I 44 -31.05 94.91 4.83
C GLU I 44 -32.20 95.60 5.56
N LEU I 45 -33.42 95.25 5.17
CA LEU I 45 -34.56 96.01 5.61
C LEU I 45 -35.64 95.11 6.21
N ALA I 46 -35.24 94.14 7.02
CA ALA I 46 -36.17 93.09 7.41
C ALA I 46 -36.28 92.77 8.90
N GLN I 47 -35.27 93.14 9.69
CA GLN I 47 -35.29 92.80 11.11
C GLN I 47 -36.60 93.29 11.72
N ASP I 48 -37.39 92.37 12.25
CA ASP I 48 -38.72 92.71 12.78
C ASP I 48 -38.70 93.54 14.06
N ASP I 49 -39.58 94.55 14.09
CA ASP I 49 -39.61 95.52 15.17
C ASP I 49 -38.36 96.39 15.19
N GLU I 50 -37.80 96.66 14.00
CA GLU I 50 -36.62 97.54 13.87
C GLU I 50 -36.64 98.31 12.54
N PRO I 51 -35.89 99.43 12.45
CA PRO I 51 -36.07 100.39 11.35
C PRO I 51 -35.85 99.80 9.96
N SER I 52 -36.76 100.13 9.04
CA SER I 52 -36.61 99.77 7.63
C SER I 52 -36.03 100.93 6.84
N SER I 53 -36.54 102.14 7.10
CA SER I 53 -36.12 103.32 6.37
C SER I 53 -35.59 104.43 7.28
N VAL I 54 -35.45 105.63 6.70
CA VAL I 54 -34.95 106.79 7.43
C VAL I 54 -36.12 107.57 8.07
N VAL I 55 -37.34 107.30 7.62
CA VAL I 55 -38.54 107.89 8.23
C VAL I 55 -38.79 107.26 9.59
N GLU I 56 -38.27 106.04 9.75
CA GLU I 56 -38.36 105.30 11.00
C GLU I 56 -37.22 105.63 11.95
N LEU I 57 -36.09 106.08 11.41
CA LEU I 57 -34.98 106.53 12.23
C LEU I 57 -35.40 107.73 13.07
N VAL I 58 -36.10 108.66 12.44
CA VAL I 58 -36.57 109.86 13.11
C VAL I 58 -37.75 109.54 14.03
N ALA I 59 -38.69 108.78 13.48
CA ALA I 59 -39.84 108.35 14.26
C ALA I 59 -39.43 107.65 15.55
N ARG I 60 -38.59 106.61 15.44
CA ARG I 60 -38.13 105.86 16.61
C ARG I 60 -37.34 106.74 17.57
N TYR I 61 -36.69 107.77 17.03
CA TYR I 61 -35.91 108.67 17.85
C TYR I 61 -36.80 109.65 18.60
N ILE I 62 -37.80 110.21 17.89
CA ILE I 62 -38.72 111.18 18.47
C ILE I 62 -39.39 110.65 19.73
N ALA I 63 -39.74 109.37 19.69
CA ALA I 63 -40.41 108.72 20.79
C ALA I 63 -39.43 108.42 21.92
N PHE I 64 -38.22 108.04 21.53
CA PHE I 64 -37.16 107.74 22.49
C PHE I 64 -36.94 108.93 23.42
N VAL I 65 -36.95 110.13 22.85
CA VAL I 65 -36.75 111.36 23.60
C VAL I 65 -37.97 111.73 24.45
N ALA I 66 -39.15 111.67 23.84
CA ALA I 66 -40.39 112.07 24.50
C ALA I 66 -40.71 111.25 25.75
N HIS I 67 -40.09 110.08 25.85
CA HIS I 67 -40.20 109.23 27.02
C HIS I 67 -39.46 109.83 28.21
N GLU I 68 -38.32 110.46 27.94
CA GLU I 68 -37.49 111.02 29.01
C GLU I 68 -37.85 112.47 29.30
N VAL I 69 -38.62 113.09 28.40
CA VAL I 69 -39.18 114.41 28.65
C VAL I 69 -40.29 114.30 29.69
N ASP I 70 -41.37 113.65 29.28
CA ASP I 70 -42.56 113.51 30.11
C ASP I 70 -42.29 112.72 31.40
N GLU I 71 -41.50 111.66 31.29
CA GLU I 71 -41.26 110.76 32.41
C GLU I 71 -39.85 110.91 32.97
N GLY I 72 -39.70 110.58 34.25
CA GLY I 72 -38.38 110.52 34.87
C GLY I 72 -37.60 111.81 34.97
N ASP I 73 -36.41 111.81 34.38
CA ASP I 73 -35.36 112.81 34.64
C ASP I 73 -35.75 114.30 34.67
N GLU I 74 -35.62 114.89 35.85
CA GLU I 74 -36.02 116.27 36.10
C GLU I 74 -34.82 117.20 36.05
N ASP I 75 -33.64 116.61 35.89
CA ASP I 75 -32.40 117.37 35.84
C ASP I 75 -32.32 118.17 34.54
N ALA I 76 -32.83 117.56 33.47
CA ALA I 76 -32.76 118.16 32.15
C ALA I 76 -34.16 118.46 31.59
N HIS I 77 -34.87 119.37 32.24
CA HIS I 77 -36.24 119.71 31.82
C HIS I 77 -36.31 120.57 30.54
N PRO I 78 -35.61 121.72 30.53
CA PRO I 78 -35.64 122.62 29.37
C PRO I 78 -34.91 122.05 28.16
N THR I 79 -33.85 121.28 28.40
CA THR I 79 -33.03 120.70 27.35
C THR I 79 -33.77 119.63 26.54
N ASN I 80 -34.54 118.79 27.24
CA ASN I 80 -35.40 117.81 26.58
C ASN I 80 -36.36 118.48 25.61
N LEU I 81 -36.99 119.55 26.07
CA LEU I 81 -37.99 120.31 25.30
C LEU I 81 -37.40 120.91 24.02
N GLU I 82 -36.16 121.39 24.11
CA GLU I 82 -35.49 121.99 22.97
C GLU I 82 -35.13 120.89 21.97
N VAL I 83 -34.48 119.85 22.47
CA VAL I 83 -34.19 118.69 21.64
C VAL I 83 -35.43 118.21 20.89
N LEU I 84 -36.55 118.11 21.60
CA LEU I 84 -37.83 117.71 21.00
C LEU I 84 -38.24 118.65 19.88
N LYS I 85 -38.41 119.93 20.21
CA LYS I 85 -38.93 120.90 19.26
C LYS I 85 -38.16 120.90 17.94
N LEU I 86 -36.85 120.65 18.01
CA LEU I 86 -36.01 120.61 16.81
C LEU I 86 -36.28 119.40 15.93
N ILE I 87 -36.37 118.22 16.55
CA ILE I 87 -36.66 117.00 15.82
C ILE I 87 -38.07 117.05 15.21
N LEU I 88 -39.02 117.57 15.97
CA LEU I 88 -40.40 117.73 15.49
C LEU I 88 -40.43 118.71 14.31
N ASN I 89 -39.49 119.64 14.30
CA ASN I 89 -39.35 120.58 13.20
C ASN I 89 -38.74 119.92 11.99
N GLU I 90 -37.57 119.30 12.18
CA GLU I 90 -36.89 118.59 11.11
C GLU I 90 -37.78 117.54 10.47
N PHE I 91 -38.74 117.05 11.26
CA PHE I 91 -39.66 116.01 10.83
C PHE I 91 -40.78 116.56 9.95
N GLU I 92 -41.58 117.46 10.52
CA GLU I 92 -42.68 118.10 9.79
C GLU I 92 -42.11 118.82 8.56
N ARG I 93 -40.85 119.23 8.69
CA ARG I 93 -40.07 119.83 7.61
C ARG I 93 -39.93 118.87 6.44
N ALA I 94 -38.99 117.94 6.57
CA ALA I 94 -38.62 117.04 5.48
C ALA I 94 -39.66 115.94 5.25
N PHE I 95 -39.92 115.17 6.29
CA PHE I 95 -40.66 113.91 6.17
C PHE I 95 -42.17 114.07 5.98
N MET I 96 -42.75 114.99 6.73
CA MET I 96 -44.20 115.17 6.72
C MET I 96 -44.66 116.12 5.61
N ARG I 97 -43.89 117.18 5.37
CA ARG I 97 -44.18 118.11 4.28
C ARG I 97 -45.55 118.77 4.45
N GLY I 98 -45.91 119.07 5.69
CA GLY I 98 -47.19 119.69 5.98
C GLY I 98 -48.41 118.81 5.72
N ASN I 99 -48.20 117.52 5.60
CA ASN I 99 -49.29 116.55 5.51
C ASN I 99 -49.42 115.76 6.80
N ASP I 100 -50.48 114.98 6.92
CA ASP I 100 -50.71 114.23 8.16
C ASP I 100 -49.74 113.05 8.32
N VAL I 101 -49.50 112.68 9.58
CA VAL I 101 -48.56 111.61 9.89
C VAL I 101 -49.03 110.28 9.32
N HIS I 102 -50.34 110.12 9.24
CA HIS I 102 -50.91 108.87 8.77
C HIS I 102 -50.59 108.59 7.31
N ALA I 103 -50.90 109.54 6.45
CA ALA I 103 -50.67 109.37 5.01
C ALA I 103 -49.18 109.27 4.70
N ILE I 104 -48.34 109.76 5.60
CA ILE I 104 -46.90 109.65 5.42
C ILE I 104 -46.38 108.33 5.98
N ALA I 105 -46.96 107.91 7.10
CA ALA I 105 -46.62 106.64 7.71
C ALA I 105 -47.13 105.49 6.84
N ALA I 106 -48.14 105.80 6.03
CA ALA I 106 -48.76 104.82 5.17
C ALA I 106 -47.83 104.42 4.03
N ASN I 107 -46.71 105.11 3.91
CA ASN I 107 -45.79 104.90 2.79
C ASN I 107 -44.49 104.21 3.17
N VAL I 108 -44.45 103.60 4.35
CA VAL I 108 -43.23 102.95 4.82
C VAL I 108 -43.32 101.42 4.71
N ALA I 109 -42.28 100.74 5.20
CA ALA I 109 -42.16 99.28 5.11
C ALA I 109 -43.49 98.54 5.10
N GLY I 110 -43.62 97.57 4.19
CA GLY I 110 -44.85 96.82 4.01
C GLY I 110 -45.41 96.17 5.26
N ILE I 111 -44.58 96.11 6.32
CA ILE I 111 -44.99 95.55 7.60
C ILE I 111 -45.97 96.45 8.35
N THR I 112 -47.21 95.99 8.47
CA THR I 112 -48.31 96.78 9.01
C THR I 112 -48.00 97.37 10.38
N ALA I 113 -47.28 96.62 11.21
CA ALA I 113 -46.99 97.08 12.57
C ALA I 113 -46.15 98.37 12.59
N LYS I 114 -45.18 98.44 11.69
CA LYS I 114 -44.24 99.57 11.68
C LYS I 114 -44.90 100.89 11.32
N LYS I 115 -45.88 100.85 10.41
CA LYS I 115 -46.55 102.08 9.97
C LYS I 115 -47.30 102.73 11.13
N ILE I 116 -47.82 101.91 12.03
CA ILE I 116 -48.45 102.41 13.24
C ILE I 116 -47.38 102.97 14.18
N GLY I 117 -46.23 102.32 14.19
CA GLY I 117 -45.11 102.76 15.00
C GLY I 117 -44.69 104.19 14.74
N VAL I 118 -44.70 104.59 13.48
CA VAL I 118 -44.33 105.95 13.13
C VAL I 118 -45.34 106.94 13.68
N VAL I 119 -46.61 106.59 13.56
CA VAL I 119 -47.68 107.48 13.98
C VAL I 119 -47.70 107.75 15.49
N ARG I 120 -47.42 106.74 16.30
CA ARG I 120 -47.48 106.91 17.76
C ARG I 120 -46.23 107.62 18.27
N ALA I 121 -45.17 107.58 17.47
CA ALA I 121 -43.92 108.22 17.81
C ALA I 121 -44.03 109.72 17.64
N TYR I 122 -44.82 110.14 16.67
CA TYR I 122 -45.03 111.56 16.39
C TYR I 122 -45.94 112.19 17.42
N TYR I 123 -47.09 111.57 17.65
CA TYR I 123 -48.07 112.10 18.62
C TYR I 123 -47.57 111.91 20.04
N ALA I 124 -46.36 111.36 20.15
CA ALA I 124 -45.67 111.23 21.43
C ALA I 124 -44.83 112.47 21.71
N GLY I 125 -44.17 112.98 20.68
CA GLY I 125 -43.39 114.20 20.78
C GLY I 125 -44.26 115.41 20.54
N ARG I 126 -45.43 115.18 19.95
CA ARG I 126 -46.39 116.24 19.68
C ARG I 126 -46.99 116.69 20.99
N ALA I 127 -47.27 115.74 21.88
CA ALA I 127 -47.89 116.05 23.15
C ALA I 127 -46.85 116.39 24.20
N ALA I 128 -45.67 115.80 24.07
CA ALA I 128 -44.59 116.03 25.02
C ALA I 128 -43.88 117.37 24.78
N ALA I 129 -44.26 118.05 23.70
CA ALA I 129 -43.83 119.43 23.50
C ALA I 129 -45.05 120.35 23.56
N GLY I 130 -46.20 119.77 23.94
CA GLY I 130 -47.43 120.51 24.14
C GLY I 130 -48.15 121.01 22.89
N ARG I 131 -47.62 120.66 21.73
CA ARG I 131 -48.18 121.09 20.45
C ARG I 131 -49.53 120.43 20.19
N ALA I 132 -50.58 121.24 20.11
CA ALA I 132 -51.90 120.72 19.78
C ALA I 132 -51.99 120.45 18.29
N PRO I 133 -52.88 119.54 17.89
CA PRO I 133 -53.16 119.37 16.46
C PRO I 133 -53.80 120.63 15.88
N LYS I 134 -53.31 121.05 14.72
CA LYS I 134 -53.88 122.21 14.03
C LYS I 134 -55.09 121.79 13.23
N PRO I 135 -56.20 122.55 13.36
CA PRO I 135 -57.52 122.31 12.74
C PRO I 135 -57.55 122.31 11.21
N TYR I 136 -57.03 121.26 10.57
CA TYR I 136 -57.25 121.06 9.15
C TYR I 136 -58.32 120.02 8.98
N ASP I 137 -59.05 120.10 7.88
CA ASP I 137 -59.84 118.96 7.42
C ASP I 137 -59.05 118.29 6.30
N SER I 138 -59.46 117.08 5.93
CA SER I 138 -58.74 116.33 4.90
C SER I 138 -59.31 116.63 3.53
N ALA I 139 -58.59 116.24 2.49
CA ALA I 139 -59.08 116.40 1.13
C ALA I 139 -60.48 115.80 1.03
N LEU I 140 -60.73 114.78 1.86
CA LEU I 140 -62.01 114.09 1.91
C LEU I 140 -63.11 115.03 2.36
N PHE I 141 -62.92 115.62 3.54
CA PHE I 141 -63.92 116.48 4.15
C PHE I 141 -64.08 117.84 3.47
N ARG I 142 -63.04 118.29 2.77
CA ARG I 142 -63.14 119.48 1.93
C ARG I 142 -64.18 119.19 0.87
N ALA I 143 -63.84 118.24 0.00
CA ALA I 143 -64.72 117.81 -1.07
C ALA I 143 -66.05 117.25 -0.51
N ALA I 144 -66.08 116.97 0.78
CA ALA I 144 -67.31 116.51 1.43
C ALA I 144 -68.23 117.69 1.70
N ALA I 145 -67.64 118.72 2.29
CA ALA I 145 -68.35 119.94 2.63
C ALA I 145 -68.61 120.73 1.36
N GLU I 146 -67.96 120.33 0.27
CA GLU I 146 -68.19 120.96 -1.03
C GLU I 146 -69.04 120.06 -1.94
N ASN I 147 -69.69 119.07 -1.32
CA ASN I 147 -70.64 118.20 -1.99
C ASN I 147 -70.11 117.49 -3.25
N ASN I 148 -68.84 117.12 -3.21
CA ASN I 148 -68.25 116.23 -4.19
C ASN I 148 -68.32 114.80 -3.68
N VAL I 149 -68.19 114.65 -2.36
CA VAL I 149 -68.36 113.36 -1.70
C VAL I 149 -69.56 113.45 -0.76
N LYS I 150 -70.20 112.30 -0.52
CA LYS I 150 -71.37 112.22 0.36
C LYS I 150 -71.15 111.23 1.51
N ILE I 151 -70.23 111.60 2.40
CA ILE I 151 -69.82 110.75 3.52
C ILE I 151 -70.96 110.34 4.45
N TYR I 152 -70.94 109.08 4.87
CA TYR I 152 -71.83 108.59 5.91
C TYR I 152 -71.03 107.91 7.01
N SER I 153 -71.62 107.85 8.20
CA SER I 153 -71.00 107.17 9.33
C SER I 153 -71.58 105.78 9.45
N ILE I 154 -70.84 104.87 10.07
CA ILE I 154 -71.33 103.51 10.25
C ILE I 154 -70.59 102.85 11.41
N PHE I 155 -71.31 102.13 12.26
CA PHE I 155 -70.70 101.57 13.46
C PHE I 155 -70.92 100.07 13.59
N GLY I 156 -69.84 99.35 13.91
CA GLY I 156 -69.88 97.90 13.96
C GLY I 156 -70.50 97.37 15.23
N GLY I 157 -70.17 96.11 15.55
CA GLY I 157 -70.67 95.48 16.76
C GLY I 157 -70.14 94.06 16.85
N GLN I 158 -70.80 93.23 17.65
CA GLN I 158 -70.39 91.84 17.79
C GLN I 158 -70.50 91.09 16.45
N GLY I 159 -69.35 90.73 15.90
CA GLY I 159 -69.31 90.04 14.62
C GLY I 159 -67.99 89.34 14.40
N ASN I 160 -67.80 88.21 15.08
CA ASN I 160 -66.61 87.37 14.91
C ASN I 160 -65.30 88.02 15.33
N ILE I 161 -65.38 88.99 16.24
CA ILE I 161 -64.16 89.60 16.75
C ILE I 161 -64.07 89.44 18.26
N GLU I 162 -63.14 88.60 18.68
CA GLU I 162 -62.84 88.36 20.07
C GLU I 162 -61.51 89.05 20.36
N GLU I 163 -61.01 89.73 19.34
CA GLU I 163 -59.79 90.51 19.44
C GLU I 163 -60.18 91.99 19.53
N TYR I 164 -61.33 92.25 20.12
CA TYR I 164 -61.79 93.63 20.27
C TYR I 164 -60.92 94.35 21.29
N PHE I 165 -60.58 93.68 22.40
CA PHE I 165 -59.78 94.32 23.43
C PHE I 165 -58.35 94.57 22.94
N ASP I 166 -57.96 93.88 21.89
CA ASP I 166 -56.68 94.12 21.27
C ASP I 166 -56.68 95.47 20.57
N GLU I 167 -57.84 95.83 19.98
CA GLU I 167 -58.03 97.12 19.34
C GLU I 167 -57.90 98.26 20.35
N LEU I 168 -58.40 98.05 21.57
CA LEU I 168 -58.25 99.05 22.63
C LEU I 168 -56.80 99.37 22.91
N ARG I 169 -55.96 98.33 22.94
CA ARG I 169 -54.53 98.52 23.16
C ARG I 169 -53.86 99.34 22.06
N GLU I 170 -54.19 99.04 20.81
CA GLU I 170 -53.75 99.89 19.70
C GLU I 170 -54.04 101.36 19.97
N ILE I 171 -55.27 101.63 20.41
CA ILE I 171 -55.71 102.98 20.72
C ILE I 171 -54.88 103.58 21.85
N TYR I 172 -54.99 103.00 23.03
CA TYR I 172 -54.26 103.45 24.22
C TYR I 172 -52.76 103.61 23.95
N THR I 173 -52.19 102.67 23.21
CA THR I 173 -50.77 102.68 22.88
C THR I 173 -50.43 103.83 21.95
N THR I 174 -51.17 103.90 20.85
CA THR I 174 -50.83 104.79 19.75
C THR I 174 -51.29 106.22 19.95
N TYR I 175 -52.50 106.41 20.49
CA TYR I 175 -53.05 107.75 20.69
C TYR I 175 -53.25 108.11 22.17
N PRO I 176 -52.18 108.06 22.97
CA PRO I 176 -52.27 108.20 24.43
C PRO I 176 -52.89 109.53 24.84
N SER I 177 -52.28 110.62 24.37
CA SER I 177 -52.78 111.96 24.65
C SER I 177 -54.29 112.08 24.43
N PHE I 178 -54.71 111.87 23.18
CA PHE I 178 -56.10 112.06 22.76
C PHE I 178 -57.13 111.39 23.65
N VAL I 179 -56.86 110.14 24.01
CA VAL I 179 -57.89 109.29 24.56
C VAL I 179 -57.77 109.05 26.06
N GLU I 180 -56.54 109.11 26.57
CA GLU I 180 -56.26 108.73 27.95
C GLU I 180 -57.31 109.22 28.93
N ASP I 181 -57.92 110.36 28.60
CA ASP I 181 -58.90 110.98 29.46
C ASP I 181 -60.19 110.15 29.56
N LEU I 182 -60.91 110.03 28.45
CA LEU I 182 -62.19 109.31 28.46
C LEU I 182 -61.99 107.81 28.72
N ILE I 183 -60.83 107.28 28.38
CA ILE I 183 -60.48 105.94 28.80
C ILE I 183 -60.62 105.86 30.32
N THR I 184 -59.80 106.62 31.04
CA THR I 184 -59.78 106.58 32.51
C THR I 184 -61.17 106.76 33.10
N SER I 185 -61.91 107.74 32.60
CA SER I 185 -63.21 108.07 33.16
C SER I 185 -64.24 106.99 32.90
N ILE I 186 -64.41 106.62 31.64
CA ILE I 186 -65.36 105.57 31.29
C ILE I 186 -64.96 104.26 31.95
N ALA I 187 -63.68 104.15 32.28
CA ALA I 187 -63.18 102.99 33.00
C ALA I 187 -63.81 102.98 34.37
N GLU I 188 -63.57 104.06 35.11
CA GLU I 188 -64.06 104.18 36.48
C GLU I 188 -65.58 104.15 36.52
N LEU I 189 -66.19 104.64 35.44
CA LEU I 189 -67.64 104.55 35.29
C LEU I 189 -68.06 103.09 35.42
N LEU I 190 -67.40 102.23 34.66
CA LEU I 190 -67.74 100.82 34.66
C LEU I 190 -67.42 100.17 35.99
N GLN I 191 -66.25 100.49 36.53
CA GLN I 191 -65.80 99.90 37.79
C GLN I 191 -66.85 100.06 38.86
N SER I 192 -67.63 101.14 38.75
CA SER I 192 -68.69 101.41 39.71
C SER I 192 -69.96 100.65 39.36
N LEU I 193 -70.31 100.62 38.08
CA LEU I 193 -71.49 99.92 37.64
C LEU I 193 -71.36 98.43 37.89
N ALA I 194 -70.12 97.97 37.89
CA ALA I 194 -69.78 96.58 38.13
C ALA I 194 -69.97 96.19 39.59
N ARG I 195 -69.91 97.18 40.47
CA ARG I 195 -70.04 96.91 41.88
C ARG I 195 -71.51 96.83 42.28
N GLU I 196 -72.38 97.44 41.49
CA GLU I 196 -73.81 97.40 41.76
C GLU I 196 -74.22 95.95 41.97
N TRP I 197 -75.08 95.70 42.95
CA TRP I 197 -75.32 94.33 43.38
C TRP I 197 -75.84 93.38 42.27
N ASP I 198 -76.61 93.92 41.33
CA ASP I 198 -77.15 93.10 40.23
C ASP I 198 -76.02 92.62 39.32
N ALA I 199 -74.91 93.35 39.34
CA ALA I 199 -73.86 93.18 38.35
C ALA I 199 -72.70 92.30 38.80
N VAL I 200 -72.31 92.39 40.07
CA VAL I 200 -71.14 91.67 40.56
C VAL I 200 -71.13 90.20 40.18
N LYS I 201 -72.31 89.62 40.09
CA LYS I 201 -72.46 88.25 39.64
C LYS I 201 -71.70 88.03 38.32
N GLN I 202 -71.89 88.92 37.37
CA GLN I 202 -71.40 88.75 36.01
C GLN I 202 -69.93 89.09 35.81
N TYR I 203 -69.36 89.88 36.72
CA TYR I 203 -67.96 90.29 36.56
C TYR I 203 -67.09 89.77 37.69
N PRO I 204 -67.06 88.44 37.87
CA PRO I 204 -66.27 87.86 38.94
C PRO I 204 -64.80 88.09 38.68
N LYS I 205 -64.42 88.07 37.40
CA LYS I 205 -63.02 88.29 37.02
C LYS I 205 -62.68 89.78 37.05
N GLY I 206 -63.70 90.60 37.28
CA GLY I 206 -63.51 92.02 37.44
C GLY I 206 -63.75 92.79 36.15
N LEU I 207 -63.94 94.09 36.28
CA LEU I 207 -64.16 94.94 35.12
C LEU I 207 -63.25 96.18 35.19
N ASP I 208 -62.00 95.95 35.59
CA ASP I 208 -61.01 97.02 35.75
C ASP I 208 -60.18 97.16 34.48
N ILE I 209 -60.70 97.92 33.53
CA ILE I 209 -60.07 98.04 32.22
C ILE I 209 -58.64 98.57 32.28
N LEU I 210 -58.45 99.62 33.07
CA LEU I 210 -57.15 100.26 33.16
C LEU I 210 -56.09 99.27 33.64
N GLN I 211 -56.48 98.39 34.55
CA GLN I 211 -55.56 97.39 35.06
C GLN I 211 -55.05 96.51 33.93
N TRP I 212 -55.98 95.92 33.19
CA TRP I 212 -55.65 95.01 32.09
C TRP I 212 -54.73 95.70 31.10
N LEU I 213 -55.00 96.98 30.86
CA LEU I 213 -54.19 97.75 29.92
C LEU I 213 -52.77 97.92 30.46
N HIS I 214 -52.64 98.17 31.75
CA HIS I 214 -51.33 98.43 32.35
C HIS I 214 -50.49 97.17 32.49
N ASN I 215 -51.04 96.15 33.13
CA ASN I 215 -50.38 94.85 33.25
C ASN I 215 -51.10 93.79 32.42
N PRO I 216 -50.59 93.51 31.20
CA PRO I 216 -51.20 92.56 30.26
C PRO I 216 -51.57 91.23 30.90
N GLU I 217 -50.82 90.81 31.90
CA GLU I 217 -51.03 89.51 32.53
C GLU I 217 -52.34 89.43 33.29
N SER I 218 -52.87 90.58 33.69
CA SER I 218 -54.14 90.63 34.42
C SER I 218 -55.34 90.52 33.48
N GLN I 219 -55.10 90.76 32.19
CA GLN I 219 -56.16 90.66 31.19
C GLN I 219 -56.81 89.29 31.23
N PRO I 220 -58.13 89.25 31.42
CA PRO I 220 -58.92 88.03 31.52
C PRO I 220 -59.01 87.23 30.21
N ASP I 221 -59.52 86.01 30.33
CA ASP I 221 -59.65 85.08 29.21
C ASP I 221 -60.54 85.62 28.10
N THR I 222 -60.22 85.24 26.86
CA THR I 222 -61.01 85.66 25.71
C THR I 222 -62.49 85.31 25.91
N ASP I 223 -62.76 84.25 26.67
CA ASP I 223 -64.13 83.84 26.96
C ASP I 223 -64.83 84.89 27.77
N TYR I 224 -64.14 85.39 28.78
CA TYR I 224 -64.65 86.44 29.63
C TYR I 224 -64.98 87.70 28.85
N LEU I 225 -63.98 88.25 28.15
CA LEU I 225 -64.15 89.53 27.46
C LEU I 225 -65.24 89.49 26.38
N VAL I 226 -65.50 88.31 25.82
CA VAL I 226 -66.46 88.15 24.73
C VAL I 226 -67.91 88.16 25.22
N SER I 227 -68.10 87.82 26.49
CA SER I 227 -69.42 87.81 27.10
C SER I 227 -70.10 89.16 26.94
N ALA I 228 -71.43 89.15 26.79
CA ALA I 228 -72.18 90.37 26.60
C ALA I 228 -71.88 91.42 27.66
N PRO I 229 -72.08 91.08 28.95
CA PRO I 229 -71.90 92.07 30.01
C PRO I 229 -70.54 92.78 30.03
N VAL I 230 -69.55 92.25 29.32
CA VAL I 230 -68.27 92.93 29.23
C VAL I 230 -68.04 93.40 27.81
N SER I 231 -68.42 92.57 26.86
CA SER I 231 -68.25 92.86 25.44
C SER I 231 -68.87 94.20 25.10
N PHE I 232 -70.19 94.29 25.26
CA PHE I 232 -70.95 95.49 24.91
C PHE I 232 -70.24 96.81 25.29
N PRO I 233 -70.20 97.14 26.59
CA PRO I 233 -69.74 98.48 26.97
C PRO I 233 -68.29 98.71 26.58
N LEU I 234 -67.47 97.70 26.85
CA LEU I 234 -66.05 97.77 26.56
C LEU I 234 -65.84 98.09 25.09
N ILE I 235 -66.64 97.47 24.23
CA ILE I 235 -66.57 97.69 22.79
C ILE I 235 -66.94 99.13 22.41
N GLY I 236 -68.07 99.59 22.94
CA GLY I 236 -68.50 100.96 22.73
C GLY I 236 -67.36 101.94 22.97
N LEU I 237 -66.65 101.75 24.07
CA LEU I 237 -65.49 102.57 24.39
C LEU I 237 -64.50 102.63 23.22
N VAL I 238 -64.34 101.51 22.52
CA VAL I 238 -63.40 101.46 21.42
C VAL I 238 -63.95 102.17 20.19
N GLN I 239 -65.27 102.14 20.03
CA GLN I 239 -65.92 102.83 18.93
C GLN I 239 -65.91 104.33 19.18
N LEU I 240 -66.04 104.71 20.44
CA LEU I 240 -65.96 106.10 20.84
C LEU I 240 -64.56 106.61 20.54
N ALA I 241 -63.59 105.95 21.15
CA ALA I 241 -62.19 106.33 21.03
C ALA I 241 -61.75 106.51 19.59
N HIS I 242 -62.44 105.84 18.68
CA HIS I 242 -62.13 105.99 17.26
C HIS I 242 -62.68 107.31 16.74
N TYR I 243 -63.98 107.53 16.90
CA TYR I 243 -64.60 108.79 16.51
C TYR I 243 -63.86 109.95 17.16
N MET I 244 -63.52 109.77 18.43
CA MET I 244 -62.78 110.76 19.21
C MET I 244 -61.42 111.04 18.56
N ILE I 245 -60.70 109.99 18.23
CA ILE I 245 -59.37 110.11 17.63
C ILE I 245 -59.42 110.73 16.23
N THR I 246 -60.51 110.51 15.50
CA THR I 246 -60.66 111.06 14.17
C THR I 246 -60.78 112.57 14.24
N CYS I 247 -61.78 113.02 15.00
CA CYS I 247 -62.01 114.44 15.21
C CYS I 247 -60.74 115.12 15.72
N LYS I 248 -60.22 114.59 16.83
CA LYS I 248 -59.06 115.15 17.50
C LYS I 248 -57.83 115.28 16.61
N THR I 249 -57.61 114.30 15.73
CA THR I 249 -56.45 114.33 14.85
C THR I 249 -56.60 115.40 13.78
N LEU I 250 -57.84 115.66 13.40
CA LEU I 250 -58.15 116.75 12.48
C LEU I 250 -58.00 118.11 13.16
N GLY I 251 -58.01 118.12 14.48
CA GLY I 251 -57.98 119.37 15.23
C GLY I 251 -59.36 119.99 15.27
N ARG I 252 -60.37 119.12 15.30
CA ARG I 252 -61.76 119.55 15.23
C ARG I 252 -62.50 119.33 16.55
N GLU I 253 -63.76 119.75 16.56
CA GLU I 253 -64.67 119.48 17.68
C GLU I 253 -65.62 118.36 17.25
N PRO I 254 -66.23 117.67 18.22
CA PRO I 254 -67.19 116.60 17.93
C PRO I 254 -68.33 117.07 17.03
N GLY I 255 -68.63 118.36 17.05
CA GLY I 255 -69.67 118.94 16.23
C GLY I 255 -69.17 119.22 14.83
N GLU I 256 -67.85 119.34 14.68
CA GLU I 256 -67.25 119.63 13.37
C GLU I 256 -67.37 118.46 12.39
N LEU I 257 -66.95 117.28 12.81
CA LEU I 257 -67.12 116.07 12.00
C LEU I 257 -68.58 115.65 11.96
N LEU I 258 -69.27 115.73 13.09
CA LEU I 258 -70.69 115.37 13.17
C LEU I 258 -71.52 116.13 12.14
N GLU I 259 -71.05 117.31 11.75
CA GLU I 259 -71.78 118.11 10.78
C GLU I 259 -71.48 117.66 9.36
N ARG I 260 -70.26 117.17 9.15
CA ARG I 260 -69.79 116.84 7.81
C ARG I 260 -70.09 115.42 7.36
N PHE I 261 -71.04 114.76 8.01
CA PHE I 261 -71.55 113.48 7.53
C PHE I 261 -72.97 113.73 7.04
N SER I 262 -73.70 112.67 6.69
CA SER I 262 -75.07 112.83 6.20
C SER I 262 -76.02 111.89 6.95
N GLY I 263 -75.46 110.87 7.58
CA GLY I 263 -76.24 109.87 8.25
C GLY I 263 -75.36 108.87 8.93
N THR I 264 -75.80 108.44 10.11
CA THR I 264 -75.08 107.43 10.87
C THR I 264 -76.02 106.28 11.22
N THR I 265 -75.51 105.05 11.19
CA THR I 265 -76.23 103.87 11.67
C THR I 265 -75.25 102.95 12.37
N GLY I 266 -75.78 102.01 13.15
CA GLY I 266 -74.94 101.03 13.82
C GLY I 266 -75.41 99.61 13.57
N HIS I 267 -74.56 98.63 13.85
CA HIS I 267 -74.93 97.23 13.70
C HIS I 267 -75.24 96.64 15.07
N SER I 268 -76.53 96.51 15.36
CA SER I 268 -76.99 96.06 16.67
C SER I 268 -76.48 96.97 17.79
N GLN I 269 -75.44 96.51 18.47
CA GLN I 269 -74.86 97.22 19.61
C GLN I 269 -74.25 98.57 19.23
N GLY I 270 -73.96 98.77 17.94
CA GLY I 270 -73.34 99.98 17.46
C GLY I 270 -74.31 101.14 17.30
N ILE I 271 -75.59 100.82 17.15
CA ILE I 271 -76.61 101.84 16.96
C ILE I 271 -76.71 102.77 18.16
N VAL I 272 -76.21 102.32 19.30
CA VAL I 272 -76.20 103.13 20.50
C VAL I 272 -75.14 104.22 20.41
N VAL I 273 -73.91 103.83 20.13
CA VAL I 273 -72.83 104.81 19.96
C VAL I 273 -73.08 105.71 18.75
N ALA I 274 -73.87 105.23 17.80
CA ALA I 274 -74.16 105.99 16.59
C ALA I 274 -75.16 107.11 16.88
N ALA I 275 -76.18 106.79 17.67
CA ALA I 275 -77.17 107.77 18.04
C ALA I 275 -76.57 108.76 19.03
N ALA I 276 -75.74 108.25 19.93
CA ALA I 276 -75.11 109.08 20.97
C ALA I 276 -73.98 109.96 20.42
N ILE I 277 -73.37 109.57 19.31
CA ILE I 277 -72.32 110.37 18.71
C ILE I 277 -72.95 111.53 17.96
N ALA I 278 -74.24 111.37 17.63
CA ALA I 278 -75.01 112.38 16.91
C ALA I 278 -75.57 113.41 17.89
N THR I 279 -75.36 113.17 19.17
CA THR I 279 -75.69 114.14 20.20
C THR I 279 -74.60 115.19 20.30
N ALA I 280 -73.39 114.74 20.63
CA ALA I 280 -72.28 115.62 20.99
C ALA I 280 -71.87 116.65 19.95
N ARG I 281 -71.64 117.87 20.41
CA ARG I 281 -71.04 118.92 19.62
C ARG I 281 -69.81 119.45 20.34
N THR I 282 -69.90 119.51 21.67
CA THR I 282 -68.78 119.95 22.52
C THR I 282 -67.92 118.76 22.87
N TRP I 283 -66.72 119.00 23.38
CA TRP I 283 -65.93 117.92 23.94
C TRP I 283 -66.51 117.55 25.29
N ASP I 284 -67.21 118.51 25.91
CA ASP I 284 -67.92 118.29 27.16
C ASP I 284 -69.22 117.56 26.83
N GLU I 285 -69.81 117.95 25.71
CA GLU I 285 -71.07 117.37 25.24
C GLU I 285 -70.79 115.97 24.70
N PHE I 286 -69.54 115.72 24.33
CA PHE I 286 -69.12 114.42 23.84
C PHE I 286 -69.02 113.48 25.02
N ALA I 287 -68.21 113.86 26.00
CA ALA I 287 -68.01 113.04 27.19
C ALA I 287 -69.33 112.73 27.87
N THR I 288 -70.32 113.59 27.68
CA THR I 288 -71.65 113.35 28.25
C THR I 288 -72.32 112.17 27.56
N ALA I 289 -72.48 112.27 26.25
CA ALA I 289 -73.09 111.20 25.47
C ALA I 289 -72.25 109.93 25.52
N ALA I 290 -70.97 110.07 25.84
CA ALA I 290 -70.05 108.95 25.93
C ALA I 290 -70.32 108.08 27.16
N LYS I 291 -70.54 108.70 28.30
CA LYS I 291 -70.90 107.97 29.52
C LYS I 291 -72.33 107.49 29.39
N ARG I 292 -73.09 108.14 28.51
CA ARG I 292 -74.47 107.75 28.25
C ARG I 292 -74.51 106.42 27.52
N ALA I 293 -73.88 106.39 26.35
CA ALA I 293 -73.82 105.17 25.56
C ALA I 293 -73.21 104.00 26.36
N VAL I 294 -72.02 104.22 26.90
CA VAL I 294 -71.28 103.18 27.63
C VAL I 294 -72.11 102.52 28.73
N GLU I 295 -72.67 103.33 29.62
CA GLU I 295 -73.48 102.81 30.70
C GLU I 295 -74.78 102.19 30.18
N LEU I 296 -75.26 102.70 29.05
CA LEU I 296 -76.42 102.11 28.38
C LEU I 296 -76.10 100.68 27.96
N LEU I 297 -75.03 100.53 27.19
CA LEU I 297 -74.55 99.21 26.76
C LEU I 297 -74.35 98.30 27.95
N PHE I 298 -73.72 98.81 28.99
CA PHE I 298 -73.52 98.06 30.22
C PHE I 298 -74.81 97.39 30.67
N TRP I 299 -75.91 98.14 30.67
CA TRP I 299 -77.17 97.56 31.16
C TRP I 299 -77.91 96.72 30.14
N ILE I 300 -77.72 97.02 28.86
CA ILE I 300 -78.31 96.22 27.80
C ILE I 300 -77.72 94.81 27.83
N GLY I 301 -76.40 94.72 27.72
CA GLY I 301 -75.72 93.44 27.80
C GLY I 301 -75.95 92.72 29.11
N LEU I 302 -75.78 93.43 30.22
CA LEU I 302 -75.94 92.84 31.54
C LEU I 302 -77.30 92.15 31.70
N ARG I 303 -78.36 92.92 31.57
CA ARG I 303 -79.70 92.38 31.81
C ARG I 303 -80.08 91.33 30.77
N SER I 304 -79.55 91.45 29.56
CA SER I 304 -79.79 90.48 28.51
C SER I 304 -79.22 89.13 28.94
N GLN I 305 -78.01 89.14 29.46
CA GLN I 305 -77.34 87.91 29.86
C GLN I 305 -78.15 87.18 30.93
N GLN I 306 -78.76 87.94 31.83
CA GLN I 306 -79.48 87.38 32.96
C GLN I 306 -80.84 86.80 32.55
N ALA I 307 -81.36 87.30 31.42
CA ALA I 307 -82.61 86.81 30.86
C ALA I 307 -82.44 85.38 30.35
N TYR I 308 -81.52 85.21 29.39
CA TYR I 308 -81.14 83.89 28.88
C TYR I 308 -79.62 83.65 29.04
N PRO I 309 -79.17 83.20 30.24
CA PRO I 309 -77.76 82.93 30.57
C PRO I 309 -77.20 81.75 29.79
N ARG I 310 -75.89 81.57 29.80
CA ARG I 310 -75.27 80.45 29.12
C ARG I 310 -75.57 79.15 29.86
N THR I 311 -76.06 78.14 29.13
CA THR I 311 -76.21 76.79 29.67
C THR I 311 -75.08 75.88 29.18
N SER I 312 -74.73 74.91 30.02
CA SER I 312 -73.72 73.93 29.63
C SER I 312 -74.33 72.95 28.63
N LEU I 313 -73.49 72.41 27.76
CA LEU I 313 -73.95 71.54 26.68
C LEU I 313 -73.37 70.15 26.80
N ALA I 314 -73.92 69.21 26.04
CA ALA I 314 -73.33 67.88 25.95
C ALA I 314 -71.89 67.97 25.41
N PRO I 315 -70.92 67.41 26.14
CA PRO I 315 -69.52 67.54 25.77
C PRO I 315 -69.27 66.91 24.42
N SER I 316 -70.09 65.92 24.10
CA SER I 316 -70.04 65.22 22.82
C SER I 316 -70.46 66.14 21.66
N THR I 317 -71.72 66.54 21.67
CA THR I 317 -72.25 67.44 20.67
C THR I 317 -71.46 68.74 20.65
N LEU I 318 -70.61 68.90 21.67
CA LEU I 318 -69.79 70.09 21.78
C LEU I 318 -68.60 69.97 20.86
N GLN I 319 -67.78 68.95 21.07
CA GLN I 319 -66.64 68.73 20.21
C GLN I 319 -67.14 68.54 18.79
N ASP I 320 -68.26 67.84 18.66
CA ASP I 320 -68.87 67.63 17.34
C ASP I 320 -68.92 68.94 16.57
N SER I 321 -69.71 69.89 17.06
CA SER I 321 -69.86 71.17 16.38
C SER I 321 -68.52 71.80 16.07
N VAL I 322 -67.52 71.50 16.89
CA VAL I 322 -66.20 72.09 16.70
C VAL I 322 -65.42 71.48 15.54
N GLU I 323 -65.43 70.15 15.49
CA GLU I 323 -64.70 69.40 14.48
C GLU I 323 -65.36 69.54 13.11
N ASN I 324 -66.67 69.70 13.10
CA ASN I 324 -67.44 69.75 11.86
C ASN I 324 -67.35 71.09 11.12
N GLY I 325 -66.38 71.91 11.50
CA GLY I 325 -66.12 73.17 10.84
C GLY I 325 -66.81 74.35 11.49
N GLU I 326 -67.73 74.05 12.40
CA GLU I 326 -68.50 75.07 13.08
C GLU I 326 -67.77 75.48 14.34
N GLY I 327 -68.36 76.38 15.13
CA GLY I 327 -67.71 76.85 16.33
C GLY I 327 -68.27 76.22 17.58
N THR I 328 -67.81 76.71 18.73
CA THR I 328 -68.42 76.35 20.00
C THR I 328 -69.82 76.95 20.01
N PRO I 329 -70.83 76.14 20.35
CA PRO I 329 -72.25 76.51 20.20
C PRO I 329 -72.67 77.72 21.03
N THR I 330 -73.29 78.70 20.37
CA THR I 330 -73.84 79.88 21.04
C THR I 330 -75.29 80.06 20.62
N PRO I 331 -75.90 81.20 20.96
CA PRO I 331 -77.26 81.47 20.49
C PRO I 331 -77.26 82.20 19.15
N MET I 332 -76.09 82.44 18.58
CA MET I 332 -75.99 83.23 17.36
C MET I 332 -75.26 82.49 16.25
N LEU I 333 -76.02 82.03 15.26
CA LEU I 333 -75.49 81.21 14.17
C LEU I 333 -75.34 82.03 12.89
N SER I 334 -74.27 81.79 12.14
CA SER I 334 -74.08 82.49 10.87
C SER I 334 -74.26 81.56 9.66
N ILE I 335 -74.90 82.08 8.61
CA ILE I 335 -75.11 81.29 7.39
C ILE I 335 -74.81 82.12 6.16
N ARG I 336 -73.53 82.14 5.78
CA ARG I 336 -73.11 82.86 4.59
C ARG I 336 -73.40 82.03 3.34
N ASP I 337 -73.35 82.70 2.18
CA ASP I 337 -73.48 82.06 0.85
C ASP I 337 -74.79 81.29 0.60
N LEU I 338 -75.76 81.41 1.49
CA LEU I 338 -77.00 80.66 1.34
C LEU I 338 -78.20 81.60 1.39
N THR I 339 -79.05 81.53 0.36
CA THR I 339 -80.21 82.41 0.22
C THR I 339 -81.32 82.23 1.26
N ARG I 340 -81.91 83.36 1.68
CA ARG I 340 -82.98 83.35 2.68
C ARG I 340 -84.06 82.33 2.35
N SER I 341 -84.44 82.29 1.08
CA SER I 341 -85.43 81.32 0.62
C SER I 341 -85.17 79.97 1.28
N ALA I 342 -83.99 79.43 1.00
CA ALA I 342 -83.59 78.14 1.51
C ALA I 342 -83.36 78.15 3.02
N VAL I 343 -82.60 79.14 3.50
CA VAL I 343 -82.28 79.21 4.93
C VAL I 343 -83.52 79.06 5.80
N GLN I 344 -84.62 79.65 5.36
CA GLN I 344 -85.85 79.59 6.13
C GLN I 344 -86.48 78.22 6.05
N GLU I 345 -86.33 77.57 4.91
CA GLU I 345 -86.89 76.23 4.73
C GLU I 345 -86.22 75.24 5.68
N HIS I 346 -84.91 75.38 5.86
CA HIS I 346 -84.18 74.54 6.80
C HIS I 346 -84.54 74.92 8.22
N ILE I 347 -84.74 76.21 8.45
CA ILE I 347 -85.21 76.71 9.75
C ILE I 347 -86.61 76.21 10.06
N ASP I 348 -87.41 76.05 9.00
CA ASP I 348 -88.78 75.55 9.11
C ASP I 348 -88.82 74.09 9.55
N ALA I 349 -88.07 73.25 8.86
CA ALA I 349 -88.02 71.83 9.16
C ALA I 349 -87.55 71.60 10.59
N THR I 350 -86.54 72.36 10.98
CA THR I 350 -85.96 72.25 12.31
C THR I 350 -86.98 72.63 13.38
N ASN I 351 -87.61 73.78 13.20
CA ASN I 351 -88.62 74.26 14.15
C ASN I 351 -89.81 73.33 14.20
N GLN I 352 -89.95 72.51 13.17
CA GLN I 352 -91.03 71.54 13.09
C GLN I 352 -91.00 70.63 14.31
N HIS I 353 -89.86 69.99 14.53
CA HIS I 353 -89.76 68.97 15.58
C HIS I 353 -89.47 69.53 16.97
N LEU I 354 -89.15 70.82 17.02
CA LEU I 354 -88.82 71.47 18.29
C LEU I 354 -90.06 72.00 19.00
N PRO I 355 -90.01 72.09 20.34
CA PRO I 355 -91.05 72.73 21.14
C PRO I 355 -90.99 74.23 20.93
N GLU I 356 -92.12 74.91 21.04
CA GLU I 356 -92.16 76.34 20.80
C GLU I 356 -91.10 77.12 21.61
N ASP I 357 -90.79 76.62 22.81
CA ASP I 357 -89.82 77.24 23.70
C ASP I 357 -88.50 77.48 22.99
N ARG I 358 -87.99 76.43 22.34
CA ARG I 358 -86.67 76.47 21.76
C ARG I 358 -86.72 76.51 20.23
N HIS I 359 -87.55 77.38 19.67
CA HIS I 359 -87.56 77.57 18.24
C HIS I 359 -86.38 78.39 17.73
N ILE I 360 -86.39 78.72 16.45
CA ILE I 360 -85.24 79.33 15.82
C ILE I 360 -85.64 80.47 14.90
N GLY I 361 -85.13 81.66 15.19
CA GLY I 361 -85.47 82.84 14.41
C GLY I 361 -84.32 83.32 13.55
N ILE I 362 -84.62 84.27 12.67
CA ILE I 362 -83.61 84.89 11.82
C ILE I 362 -83.20 86.24 12.42
N SER I 363 -82.05 86.28 13.10
CA SER I 363 -81.68 87.45 13.90
C SER I 363 -81.38 88.70 13.07
N LEU I 364 -80.58 88.54 12.03
CA LEU I 364 -80.24 89.65 11.15
C LEU I 364 -80.04 89.23 9.71
N VAL I 365 -80.35 90.16 8.80
CA VAL I 365 -80.18 89.95 7.37
C VAL I 365 -79.14 90.92 6.85
N ASN I 366 -77.90 90.46 6.79
CA ASN I 366 -76.80 91.34 6.46
C ASN I 366 -76.55 91.49 4.97
N SER I 367 -77.18 90.63 4.18
CA SER I 367 -77.22 90.72 2.72
C SER I 367 -78.22 89.67 2.20
N ALA I 368 -78.34 89.53 0.89
CA ALA I 368 -79.28 88.55 0.34
C ALA I 368 -78.83 87.10 0.55
N ARG I 369 -77.54 86.91 0.80
CA ARG I 369 -76.98 85.58 1.05
C ARG I 369 -76.24 85.47 2.39
N ASN I 370 -76.27 86.53 3.19
CA ASN I 370 -75.67 86.52 4.52
C ASN I 370 -76.72 86.71 5.60
N PHE I 371 -76.76 85.80 6.56
CA PHE I 371 -77.73 85.89 7.65
C PHE I 371 -77.13 85.54 8.99
N VAL I 372 -77.97 85.62 10.01
CA VAL I 372 -77.65 85.16 11.35
C VAL I 372 -78.93 84.57 11.91
N VAL I 373 -78.80 83.56 12.76
CA VAL I 373 -79.95 82.85 13.33
C VAL I 373 -79.82 82.70 14.84
N THR I 374 -80.94 82.84 15.56
CA THR I 374 -80.94 82.66 17.01
C THR I 374 -81.92 81.63 17.50
N GLY I 375 -81.86 81.37 18.80
CA GLY I 375 -82.60 80.31 19.44
C GLY I 375 -81.62 79.69 20.40
N PRO I 376 -82.08 78.73 21.22
CA PRO I 376 -81.15 78.09 22.15
C PRO I 376 -80.02 77.44 21.37
N PRO I 377 -78.79 77.53 21.87
CA PRO I 377 -77.65 76.95 21.17
C PRO I 377 -77.93 75.48 20.83
N ILE I 378 -78.60 74.81 21.76
CA ILE I 378 -78.88 73.38 21.68
C ILE I 378 -79.72 73.00 20.46
N SER I 379 -80.61 73.89 20.04
CA SER I 379 -81.46 73.65 18.90
C SER I 379 -80.87 74.28 17.64
N LEU I 380 -80.00 75.26 17.82
CA LEU I 380 -79.25 75.82 16.70
C LEU I 380 -78.35 74.74 16.13
N TYR I 381 -77.84 73.90 17.03
CA TYR I 381 -77.04 72.75 16.68
C TYR I 381 -77.83 71.85 15.74
N GLY I 382 -79.08 71.58 16.09
CA GLY I 382 -79.94 70.73 15.28
C GLY I 382 -80.17 71.24 13.87
N LEU I 383 -79.87 72.51 13.64
CA LEU I 383 -79.98 73.09 12.32
C LEU I 383 -78.71 72.73 11.58
N ASN I 384 -77.59 72.79 12.29
CA ASN I 384 -76.30 72.43 11.72
C ASN I 384 -76.24 70.97 11.29
N LEU I 385 -76.93 70.12 12.04
CA LEU I 385 -76.97 68.70 11.72
C LEU I 385 -77.60 68.52 10.35
N ARG I 386 -78.77 69.11 10.15
CA ARG I 386 -79.42 69.11 8.85
C ARG I 386 -78.55 69.76 7.77
N LEU I 387 -77.95 70.89 8.10
CA LEU I 387 -77.17 71.64 7.11
C LEU I 387 -76.00 70.84 6.57
N ARG I 388 -75.32 70.15 7.46
CA ARG I 388 -74.17 69.36 7.06
C ARG I 388 -74.58 68.26 6.07
N LYS I 389 -75.76 67.67 6.32
CA LYS I 389 -76.27 66.61 5.46
C LYS I 389 -76.59 67.11 4.05
N VAL I 390 -76.74 68.42 3.90
CA VAL I 390 -77.12 68.98 2.61
C VAL I 390 -75.93 69.50 1.83
N LYS I 391 -75.02 70.18 2.52
CA LYS I 391 -73.87 70.77 1.84
C LYS I 391 -72.82 69.74 1.52
N ALA I 392 -71.95 70.08 0.58
CA ALA I 392 -70.94 69.15 0.09
C ALA I 392 -69.57 69.47 0.67
N PRO I 393 -68.72 68.44 0.79
CA PRO I 393 -67.32 68.58 1.23
C PRO I 393 -66.59 69.63 0.40
N THR I 394 -65.48 70.15 0.91
CA THR I 394 -64.69 71.13 0.16
C THR I 394 -63.87 70.41 -0.90
N GLY I 395 -63.87 69.09 -0.83
CA GLY I 395 -63.15 68.27 -1.80
C GLY I 395 -63.90 68.10 -3.11
N LEU I 396 -65.14 67.63 -3.02
CA LEU I 396 -65.95 67.28 -4.19
C LEU I 396 -65.77 68.25 -5.35
N ASP I 397 -65.24 67.72 -6.45
CA ASP I 397 -65.15 68.49 -7.69
C ASP I 397 -66.47 68.33 -8.42
N GLN I 398 -67.03 69.43 -8.91
CA GLN I 398 -68.35 69.41 -9.52
C GLN I 398 -68.33 70.00 -10.92
N ASN I 399 -67.14 70.28 -11.42
CA ASN I 399 -66.97 70.84 -12.77
C ASN I 399 -67.49 69.88 -13.84
N ARG I 400 -67.95 68.71 -13.42
CA ARG I 400 -68.46 67.70 -14.33
C ARG I 400 -69.89 67.36 -13.98
N ILE I 401 -70.52 68.19 -13.17
CA ILE I 401 -71.92 68.01 -12.81
C ILE I 401 -72.78 69.16 -13.29
N PRO I 402 -73.92 68.84 -13.92
CA PRO I 402 -74.92 69.83 -14.30
C PRO I 402 -75.17 70.79 -13.15
N PHE I 403 -75.25 72.08 -13.47
CA PHE I 403 -75.31 73.11 -12.45
C PHE I 403 -76.54 73.01 -11.58
N THR I 404 -77.71 72.84 -12.20
CA THR I 404 -78.95 72.79 -11.46
C THR I 404 -79.01 71.60 -10.54
N GLN I 405 -78.00 70.73 -10.61
CA GLN I 405 -78.01 69.49 -9.86
C GLN I 405 -76.89 69.36 -8.83
N ARG I 406 -75.98 70.32 -8.78
CA ARG I 406 -74.87 70.27 -7.84
C ARG I 406 -75.31 70.38 -6.38
N LYS I 407 -74.34 70.34 -5.47
CA LYS I 407 -74.60 70.57 -4.05
C LYS I 407 -74.14 71.97 -3.69
N ALA I 408 -75.01 72.71 -3.00
CA ALA I 408 -74.70 74.11 -2.65
C ALA I 408 -73.58 74.19 -1.63
N ARG I 409 -72.59 75.04 -1.90
CA ARG I 409 -71.47 75.22 -1.00
C ARG I 409 -71.63 76.48 -0.17
N PHE I 410 -72.12 76.29 1.06
CA PHE I 410 -72.29 77.40 1.98
C PHE I 410 -71.39 77.25 3.22
N VAL I 411 -71.37 78.29 4.05
CA VAL I 411 -70.54 78.32 5.24
C VAL I 411 -71.34 78.64 6.50
N ASN I 412 -71.78 77.60 7.21
CA ASN I 412 -72.42 77.83 8.50
C ASN I 412 -71.41 77.75 9.66
N ARG I 413 -71.65 78.55 10.71
CA ARG I 413 -70.74 78.63 11.86
C ARG I 413 -71.28 79.51 12.99
N PHE I 414 -71.08 79.08 14.22
CA PHE I 414 -71.50 79.88 15.37
C PHE I 414 -70.70 81.18 15.49
N LEU I 415 -71.23 82.10 16.29
CA LEU I 415 -70.61 83.42 16.48
C LEU I 415 -70.31 83.68 17.96
N PRO I 416 -69.25 84.44 18.24
CA PRO I 416 -68.77 84.74 19.59
C PRO I 416 -69.73 85.65 20.37
N ILE I 417 -71.03 85.41 20.27
CA ILE I 417 -72.01 86.27 20.93
C ILE I 417 -72.75 85.52 22.03
N THR I 418 -72.78 86.13 23.21
CA THR I 418 -73.13 85.44 24.45
C THR I 418 -74.63 85.31 24.72
N ALA I 419 -75.47 85.94 23.91
CA ALA I 419 -76.89 85.96 24.21
C ALA I 419 -77.76 86.12 22.97
N PRO I 420 -79.01 85.67 23.06
CA PRO I 420 -79.98 85.63 21.97
C PRO I 420 -80.59 86.98 21.66
N PHE I 421 -79.92 87.78 20.83
CA PHE I 421 -80.43 89.11 20.50
C PHE I 421 -81.36 89.05 19.31
N HIS I 422 -82.29 89.99 19.25
CA HIS I 422 -83.25 90.06 18.16
C HIS I 422 -84.10 88.81 18.14
N SER I 423 -84.57 88.41 19.33
CA SER I 423 -85.40 87.23 19.48
C SER I 423 -86.28 87.33 20.70
N PRO I 424 -87.45 86.67 20.67
CA PRO I 424 -88.44 86.57 21.75
C PRO I 424 -87.84 86.06 23.06
N TYR I 425 -86.54 85.76 23.07
CA TYR I 425 -85.91 85.16 24.23
C TYR I 425 -85.44 86.24 25.22
N LEU I 426 -85.15 87.44 24.72
CA LEU I 426 -84.71 88.55 25.56
C LEU I 426 -85.85 89.47 25.97
N ALA I 427 -87.03 88.88 26.19
CA ALA I 427 -88.22 89.63 26.55
C ALA I 427 -88.06 90.29 27.92
N GLY I 428 -87.97 89.47 28.96
CA GLY I 428 -87.90 89.96 30.33
C GLY I 428 -86.79 90.97 30.57
N ALA I 429 -85.76 90.92 29.74
CA ALA I 429 -84.59 91.77 29.91
C ALA I 429 -84.91 93.24 29.60
N HIS I 430 -85.73 93.45 28.58
CA HIS I 430 -86.04 94.79 28.10
C HIS I 430 -86.57 95.72 29.19
N ALA I 431 -87.60 95.27 29.88
CA ALA I 431 -88.19 96.02 30.98
C ALA I 431 -87.13 96.45 31.99
N HIS I 432 -86.44 95.47 32.58
CA HIS I 432 -85.37 95.72 33.54
C HIS I 432 -84.42 96.84 33.11
N ILE I 433 -83.91 96.74 31.87
CA ILE I 433 -82.99 97.73 31.33
C ILE I 433 -83.55 99.14 31.40
N LEU I 434 -84.79 99.31 30.96
CA LEU I 434 -85.43 100.62 30.95
C LEU I 434 -85.38 101.31 32.31
N GLY I 435 -85.64 100.56 33.38
CA GLY I 435 -85.62 101.09 34.74
C GLY I 435 -84.25 101.50 35.27
N ASP I 436 -83.20 101.02 34.61
CA ASP I 436 -81.83 101.39 34.98
C ASP I 436 -81.46 102.70 34.31
N VAL I 437 -82.18 103.04 33.24
CA VAL I 437 -81.76 104.10 32.33
C VAL I 437 -82.74 105.28 32.20
N ASP I 438 -83.83 105.26 32.96
CA ASP I 438 -84.82 106.35 32.90
C ASP I 438 -84.22 107.71 33.28
N ASP I 439 -83.14 107.66 34.06
CA ASP I 439 -82.40 108.85 34.48
C ASP I 439 -81.97 109.64 33.25
N MET I 440 -81.24 108.99 32.35
CA MET I 440 -80.80 109.63 31.13
C MET I 440 -81.89 109.62 30.06
N LYS I 441 -81.90 110.66 29.23
CA LYS I 441 -82.95 110.86 28.24
C LYS I 441 -82.34 111.45 26.99
N ILE I 442 -82.30 110.67 25.92
CA ILE I 442 -81.82 111.17 24.64
C ILE I 442 -82.99 111.33 23.69
N PRO I 443 -83.55 112.55 23.59
CA PRO I 443 -84.74 112.80 22.77
C PRO I 443 -84.45 112.93 21.28
N ALA I 444 -85.44 112.58 20.45
CA ALA I 444 -85.32 112.61 18.99
C ALA I 444 -84.69 113.91 18.46
N SER I 445 -84.75 114.98 19.25
CA SER I 445 -84.25 116.27 18.82
C SER I 445 -82.73 116.35 18.85
N SER I 446 -82.13 115.87 19.93
CA SER I 446 -80.69 115.98 20.13
C SER I 446 -79.85 115.22 19.09
N LEU I 447 -80.54 114.74 18.06
CA LEU I 447 -79.87 114.09 16.95
C LEU I 447 -79.56 115.10 15.84
N VAL I 448 -78.30 115.54 15.79
CA VAL I 448 -77.82 116.45 14.74
C VAL I 448 -77.98 115.83 13.36
N ILE I 449 -77.26 114.74 13.13
CA ILE I 449 -77.30 114.02 11.88
C ILE I 449 -78.22 112.82 12.00
N PRO I 450 -79.00 112.53 10.95
CA PRO I 450 -79.99 111.45 10.93
C PRO I 450 -79.46 110.13 11.51
N VAL I 451 -80.28 109.49 12.34
CA VAL I 451 -79.92 108.20 12.91
C VAL I 451 -80.94 107.17 12.46
N TYR I 452 -80.52 106.33 11.51
CA TYR I 452 -81.41 105.36 10.86
C TYR I 452 -81.67 104.10 11.68
N ASP I 453 -82.95 103.86 11.96
CA ASP I 453 -83.41 102.72 12.74
C ASP I 453 -82.80 101.40 12.26
N THR I 454 -82.72 100.44 13.17
CA THR I 454 -82.20 99.12 12.88
C THR I 454 -83.16 98.28 12.00
N LYS I 455 -84.39 98.09 12.47
CA LYS I 455 -85.38 97.28 11.76
C LYS I 455 -85.92 97.95 10.48
N THR I 456 -86.20 99.25 10.55
CA THR I 456 -86.63 99.98 9.37
C THR I 456 -85.73 101.17 9.10
N GLY I 457 -85.47 101.45 7.83
CA GLY I 457 -84.50 102.47 7.46
C GLY I 457 -84.70 103.88 8.01
N GLN I 458 -85.90 104.18 8.50
CA GLN I 458 -86.27 105.56 8.86
C GLN I 458 -85.49 106.16 10.02
N ASP I 459 -85.56 107.49 10.14
CA ASP I 459 -84.82 108.24 11.15
C ASP I 459 -85.32 108.06 12.58
N LEU I 460 -84.55 108.60 13.51
CA LEU I 460 -85.00 108.65 14.89
C LEU I 460 -85.34 110.10 15.22
N ARG I 461 -85.02 111.00 14.29
CA ARG I 461 -85.36 112.40 14.45
C ARG I 461 -86.83 112.62 14.13
N GLU I 462 -87.39 111.68 13.37
CA GLU I 462 -88.80 111.72 13.01
C GLU I 462 -89.68 111.33 14.19
N LEU I 463 -89.17 111.53 15.40
CA LEU I 463 -89.95 111.27 16.60
C LEU I 463 -90.13 112.56 17.40
N GLY I 464 -91.21 112.62 18.18
CA GLY I 464 -91.53 113.78 18.97
C GLY I 464 -90.60 114.00 20.16
N ASP I 465 -89.35 113.56 19.99
CA ASP I 465 -88.32 113.74 21.00
C ASP I 465 -88.54 112.86 22.22
N GLU I 466 -88.93 111.61 21.96
CA GLU I 466 -89.05 110.64 23.03
C GLU I 466 -87.66 110.33 23.51
N ASP I 467 -87.56 109.80 24.73
CA ASP I 467 -86.31 109.23 25.20
C ASP I 467 -85.93 108.18 24.15
N ILE I 468 -84.71 108.26 23.62
CA ILE I 468 -84.25 107.32 22.59
C ILE I 468 -84.02 105.94 23.18
N ILE I 469 -83.57 105.90 24.43
CA ILE I 469 -83.32 104.64 25.14
C ILE I 469 -84.33 103.53 24.80
N PRO I 470 -85.63 103.81 24.95
CA PRO I 470 -86.71 102.84 24.67
C PRO I 470 -86.66 102.24 23.27
N GLU I 471 -86.45 103.07 22.26
CA GLU I 471 -86.37 102.58 20.89
C GLU I 471 -85.10 101.79 20.66
N LEU I 472 -83.97 102.32 21.11
CA LEU I 472 -82.70 101.63 20.99
C LEU I 472 -82.76 100.21 21.57
N VAL I 473 -83.24 100.10 22.79
CA VAL I 473 -83.27 98.81 23.48
C VAL I 473 -84.12 97.73 22.75
N ARG I 474 -85.23 98.14 22.16
CA ARG I 474 -86.04 97.18 21.39
C ARG I 474 -85.30 96.74 20.13
N MET I 475 -84.57 97.65 19.48
CA MET I 475 -83.88 97.36 18.22
C MET I 475 -82.81 96.31 18.41
N ILE I 476 -82.40 96.15 19.66
CA ILE I 476 -81.28 95.28 19.98
C ILE I 476 -81.70 93.96 20.62
N THR I 477 -82.72 94.01 21.47
CA THR I 477 -83.15 92.82 22.21
C THR I 477 -84.41 92.18 21.63
N TYR I 478 -84.91 92.72 20.52
CA TYR I 478 -86.13 92.21 19.90
C TYR I 478 -86.16 92.38 18.38
N ASP I 479 -85.80 93.56 17.90
CA ASP I 479 -86.03 93.89 16.49
C ASP I 479 -85.00 93.29 15.52
N PRO I 480 -85.48 92.49 14.57
CA PRO I 480 -84.68 91.91 13.49
C PRO I 480 -83.90 92.96 12.70
N VAL I 481 -82.60 93.06 12.95
CA VAL I 481 -81.74 93.97 12.18
C VAL I 481 -81.82 93.70 10.69
N ASN I 482 -82.68 94.43 9.97
CA ASN I 482 -82.70 94.32 8.52
C ASN I 482 -81.62 95.21 7.92
N TRP I 483 -80.40 94.96 8.37
CA TRP I 483 -79.27 95.83 8.09
C TRP I 483 -79.16 96.37 6.67
N GLU I 484 -79.41 95.55 5.67
CA GLU I 484 -79.16 96.02 4.32
C GLU I 484 -80.04 97.21 3.93
N THR I 485 -81.24 97.30 4.51
CA THR I 485 -82.14 98.42 4.22
C THR I 485 -81.80 99.68 5.04
N ALA I 486 -81.56 99.50 6.33
CA ALA I 486 -81.21 100.60 7.22
C ALA I 486 -79.85 101.20 6.88
N THR I 487 -79.16 100.61 5.92
CA THR I 487 -77.83 101.08 5.55
C THR I 487 -77.82 101.47 4.08
N VAL I 488 -78.97 101.40 3.43
CA VAL I 488 -79.07 101.91 2.07
C VAL I 488 -79.13 103.42 2.15
N PHE I 489 -77.96 104.02 2.42
CA PHE I 489 -77.80 105.47 2.53
C PHE I 489 -77.96 106.09 1.16
N PRO I 490 -78.89 107.05 1.03
CA PRO I 490 -79.22 107.64 -0.27
C PRO I 490 -78.03 108.36 -0.88
N ASP I 491 -77.72 108.00 -2.13
CA ASP I 491 -76.63 108.63 -2.88
C ASP I 491 -75.36 108.80 -2.07
N ALA I 492 -75.02 107.80 -1.29
CA ALA I 492 -73.76 107.81 -0.56
C ALA I 492 -72.60 107.68 -1.53
N THR I 493 -71.42 108.13 -1.13
CA THR I 493 -70.21 108.01 -1.95
C THR I 493 -69.04 107.52 -1.14
N HIS I 494 -69.15 107.73 0.18
CA HIS I 494 -68.16 107.21 1.11
C HIS I 494 -68.85 106.81 2.41
N ILE I 495 -68.45 105.67 2.96
CA ILE I 495 -68.99 105.20 4.23
C ILE I 495 -67.84 104.85 5.15
N VAL I 496 -67.90 105.33 6.38
CA VAL I 496 -66.76 105.16 7.28
C VAL I 496 -67.04 104.28 8.49
N ASP I 497 -66.24 103.24 8.62
CA ASP I 497 -66.37 102.25 9.70
C ASP I 497 -65.50 102.64 10.90
N PHE I 498 -66.15 102.94 12.02
CA PHE I 498 -65.46 103.18 13.28
C PHE I 498 -65.61 101.96 14.16
N GLY I 499 -66.51 101.07 13.76
CA GLY I 499 -66.82 99.87 14.52
C GLY I 499 -65.63 98.99 14.86
N PRO I 500 -65.90 97.94 15.63
CA PRO I 500 -64.91 97.03 16.21
C PRO I 500 -64.24 96.11 15.20
N GLY I 501 -62.98 95.75 15.47
CA GLY I 501 -62.27 94.79 14.65
C GLY I 501 -61.90 95.34 13.30
N GLY I 502 -60.66 95.11 12.88
CA GLY I 502 -60.13 95.66 11.64
C GLY I 502 -60.87 95.29 10.37
N VAL I 503 -60.23 94.46 9.55
CA VAL I 503 -60.83 94.06 8.29
C VAL I 503 -62.02 93.13 8.55
N SER I 504 -62.48 93.09 9.80
CA SER I 504 -63.63 92.27 10.17
C SER I 504 -64.89 93.11 10.38
N GLY I 505 -64.72 94.41 10.53
CA GLY I 505 -65.83 95.32 10.80
C GLY I 505 -66.88 95.30 9.73
N ILE I 506 -68.00 95.97 9.99
CA ILE I 506 -69.13 95.94 9.07
C ILE I 506 -68.80 96.67 7.78
N GLY I 507 -67.65 97.32 7.74
CA GLY I 507 -67.21 98.04 6.56
C GLY I 507 -67.15 97.14 5.34
N VAL I 508 -66.44 96.03 5.47
CA VAL I 508 -66.35 95.06 4.40
C VAL I 508 -67.72 94.43 4.16
N LEU I 509 -68.36 93.99 5.24
CA LEU I 509 -69.62 93.26 5.15
C LEU I 509 -70.63 94.04 4.33
N THR I 510 -70.59 95.36 4.46
CA THR I 510 -71.51 96.23 3.72
C THR I 510 -70.91 96.62 2.37
N ASN I 511 -69.61 96.86 2.35
CA ASN I 511 -68.92 97.15 1.10
C ASN I 511 -69.35 96.18 0.00
N ARG I 512 -69.50 94.91 0.37
CA ARG I 512 -69.98 93.90 -0.56
C ARG I 512 -71.41 94.17 -0.99
N ASN I 513 -72.28 94.42 -0.01
CA ASN I 513 -73.67 94.78 -0.30
C ASN I 513 -73.73 95.86 -1.37
N LYS I 514 -72.76 96.77 -1.34
CA LYS I 514 -72.77 97.95 -2.18
C LYS I 514 -71.54 98.10 -3.05
N ASP I 515 -71.01 97.00 -3.57
CA ASP I 515 -69.78 97.12 -4.34
C ASP I 515 -70.01 97.88 -5.64
N GLY I 516 -70.92 97.38 -6.45
CA GLY I 516 -71.17 97.92 -7.77
C GLY I 516 -71.55 99.39 -7.83
N THR I 517 -72.33 99.86 -6.86
CA THR I 517 -72.97 101.18 -6.93
C THR I 517 -72.02 102.37 -6.98
N GLY I 518 -70.81 102.22 -6.43
CA GLY I 518 -69.86 103.31 -6.39
C GLY I 518 -69.59 103.82 -4.97
N VAL I 519 -70.18 103.15 -3.99
CA VAL I 519 -69.91 103.48 -2.61
C VAL I 519 -68.52 102.99 -2.25
N ARG I 520 -67.71 103.88 -1.68
CA ARG I 520 -66.39 103.54 -1.17
C ARG I 520 -66.45 103.36 0.35
N VAL I 521 -65.47 102.67 0.93
CA VAL I 521 -65.49 102.43 2.36
C VAL I 521 -64.13 102.75 2.98
N ILE I 522 -64.16 103.26 4.21
CA ILE I 522 -62.94 103.51 4.97
C ILE I 522 -63.06 102.97 6.39
N LEU I 523 -61.99 102.33 6.85
CA LEU I 523 -61.95 101.82 8.20
C LEU I 523 -61.10 102.73 9.08
N ALA I 524 -61.77 103.51 9.92
CA ALA I 524 -61.06 104.38 10.83
C ALA I 524 -60.43 103.54 11.95
N GLY I 525 -60.90 102.30 12.07
CA GLY I 525 -60.44 101.40 13.09
C GLY I 525 -58.96 101.10 13.04
N ALA I 526 -58.43 100.91 11.84
CA ALA I 526 -57.02 100.57 11.66
C ALA I 526 -56.40 101.25 10.44
N ILE I 527 -55.10 101.53 10.50
CA ILE I 527 -54.44 102.34 9.48
C ILE I 527 -54.04 101.56 8.23
N ASP I 528 -54.02 100.24 8.34
CA ASP I 528 -53.64 99.39 7.22
C ASP I 528 -54.15 97.97 7.47
N GLY I 529 -54.19 97.16 6.43
CA GLY I 529 -54.69 95.80 6.59
C GLY I 529 -54.55 94.90 5.38
N THR I 530 -55.40 93.87 5.37
CA THR I 530 -55.27 92.79 4.41
C THR I 530 -56.21 92.95 3.21
N ASN I 531 -57.19 93.83 3.34
CA ASN I 531 -58.18 94.04 2.28
C ASN I 531 -57.71 95.05 1.23
N THR I 532 -58.04 94.78 -0.04
CA THR I 532 -57.72 95.67 -1.13
C THR I 532 -58.88 96.62 -1.41
N GLU I 533 -60.09 96.12 -1.19
CA GLU I 533 -61.31 96.83 -1.57
C GLU I 533 -61.79 97.85 -0.55
N VAL I 534 -60.93 98.13 0.42
CA VAL I 534 -61.31 99.04 1.47
C VAL I 534 -60.13 99.91 1.88
N GLY I 535 -60.32 101.23 1.83
CA GLY I 535 -59.30 102.16 2.29
C GLY I 535 -59.29 102.26 3.80
N TYR I 536 -58.20 102.76 4.37
CA TYR I 536 -58.05 102.77 5.82
C TYR I 536 -58.00 104.15 6.45
N LYS I 537 -57.52 104.20 7.68
CA LYS I 537 -57.44 105.43 8.47
C LYS I 537 -56.87 106.65 7.74
N PRO I 538 -55.74 106.48 7.03
CA PRO I 538 -55.06 107.64 6.40
C PRO I 538 -55.88 108.36 5.34
N GLU I 539 -56.98 107.79 4.91
CA GLU I 539 -57.78 108.42 3.87
C GLU I 539 -58.83 109.39 4.41
N LEU I 540 -58.93 109.47 5.73
CA LEU I 540 -59.82 110.44 6.36
C LEU I 540 -59.03 111.70 6.72
N PHE I 541 -57.71 111.59 6.67
CA PHE I 541 -56.85 112.67 7.13
C PHE I 541 -55.90 113.16 6.04
N ASP I 542 -55.97 112.55 4.86
CA ASP I 542 -55.01 112.87 3.80
C ASP I 542 -55.18 114.29 3.33
N ARG I 543 -54.10 115.06 3.43
CA ARG I 543 -54.13 116.47 3.10
C ARG I 543 -54.11 116.69 1.60
N ASP I 544 -53.13 116.08 0.93
CA ASP I 544 -52.83 116.42 -0.46
C ASP I 544 -53.93 116.21 -1.51
N ASP I 545 -53.63 116.60 -2.74
CA ASP I 545 -54.58 116.59 -3.86
C ASP I 545 -54.75 115.20 -4.45
N ASN I 546 -55.96 114.93 -4.95
CA ASN I 546 -56.30 113.59 -5.42
C ASN I 546 -56.05 112.55 -4.34
N ALA I 547 -56.38 112.91 -3.11
CA ALA I 547 -56.19 112.01 -1.99
C ALA I 547 -57.43 111.17 -1.83
N VAL I 548 -58.55 111.65 -2.35
CA VAL I 548 -59.79 110.91 -2.27
C VAL I 548 -60.04 110.13 -3.56
N GLN I 549 -60.37 108.85 -3.39
CA GLN I 549 -60.72 107.97 -4.49
C GLN I 549 -62.20 107.58 -4.37
N PHE I 550 -62.82 107.34 -5.52
CA PHE I 550 -64.24 107.01 -5.56
C PHE I 550 -64.43 105.61 -6.10
N ALA I 551 -65.13 104.78 -5.34
CA ALA I 551 -65.45 103.43 -5.79
C ALA I 551 -66.26 103.52 -7.08
N VAL I 552 -65.87 102.76 -8.11
CA VAL I 552 -66.51 102.88 -9.41
C VAL I 552 -67.93 102.34 -9.44
N ASP I 553 -68.70 102.84 -10.41
CA ASP I 553 -69.98 102.26 -10.73
C ASP I 553 -69.84 101.57 -12.04
N TRP I 554 -70.35 100.35 -12.08
CA TRP I 554 -70.25 99.61 -13.31
C TRP I 554 -71.18 100.20 -14.37
N VAL I 555 -72.36 100.67 -13.95
CA VAL I 555 -73.27 101.28 -14.91
C VAL I 555 -72.58 102.48 -15.50
N LYS I 556 -71.92 103.26 -14.64
CA LYS I 556 -71.17 104.44 -15.07
C LYS I 556 -69.96 104.05 -15.88
N GLU I 557 -69.01 103.45 -15.17
CA GLU I 557 -67.72 103.11 -15.73
C GLU I 557 -67.86 102.30 -17.02
N HIS I 558 -68.71 101.28 -16.98
CA HIS I 558 -68.83 100.34 -18.08
C HIS I 558 -70.19 100.39 -18.79
N GLY I 559 -70.84 101.55 -18.76
CA GLY I 559 -72.17 101.66 -19.33
C GLY I 559 -72.18 101.77 -20.85
N PRO I 560 -73.17 101.13 -21.49
CA PRO I 560 -73.30 101.23 -22.95
C PRO I 560 -73.54 102.67 -23.31
N ARG I 561 -73.18 103.06 -24.53
CA ARG I 561 -73.39 104.42 -25.00
C ARG I 561 -73.66 104.45 -26.50
N LEU I 562 -73.72 105.65 -27.06
CA LEU I 562 -73.83 105.82 -28.50
C LEU I 562 -72.88 106.92 -28.92
N VAL I 563 -72.41 106.84 -30.15
CA VAL I 563 -71.52 107.86 -30.71
C VAL I 563 -71.67 107.86 -32.23
N LYS I 564 -71.40 109.00 -32.88
CA LYS I 564 -71.46 109.08 -34.32
C LYS I 564 -70.16 109.59 -34.92
N THR I 565 -69.88 109.21 -36.16
CA THR I 565 -68.64 109.59 -36.81
C THR I 565 -68.79 110.89 -37.58
N SER I 566 -67.65 111.39 -38.07
CA SER I 566 -67.60 112.51 -39.00
C SER I 566 -68.38 112.16 -40.27
N VAL I 567 -68.41 110.88 -40.62
CA VAL I 567 -69.24 110.42 -41.74
C VAL I 567 -70.54 109.80 -41.22
N GLY I 568 -70.88 110.15 -39.98
CA GLY I 568 -72.19 109.88 -39.43
C GLY I 568 -72.67 108.44 -39.42
N GLN I 569 -71.81 107.54 -38.94
CA GLN I 569 -72.23 106.20 -38.60
C GLN I 569 -72.67 106.30 -37.14
N THR I 570 -73.28 105.25 -36.62
CA THR I 570 -73.59 105.26 -35.21
C THR I 570 -73.19 103.93 -34.58
N PHE I 571 -72.26 104.02 -33.64
CA PHE I 571 -71.81 102.84 -32.91
C PHE I 571 -72.30 102.87 -31.47
N VAL I 572 -72.61 101.68 -30.94
CA VAL I 572 -72.80 101.53 -29.52
C VAL I 572 -71.40 101.65 -28.92
N ASP I 573 -71.27 102.44 -27.86
CA ASP I 573 -69.94 102.75 -27.32
C ASP I 573 -69.58 101.85 -26.14
N THR I 574 -68.87 100.77 -26.43
CA THR I 574 -68.41 99.83 -25.41
C THR I 574 -66.92 99.61 -25.52
N LYS I 575 -66.34 98.97 -24.50
CA LYS I 575 -64.92 98.67 -24.50
C LYS I 575 -64.59 97.78 -25.68
N MET I 576 -65.52 96.89 -25.97
CA MET I 576 -65.37 95.91 -27.04
C MET I 576 -65.33 96.58 -28.41
N SER I 577 -66.39 97.34 -28.71
CA SER I 577 -66.55 97.98 -30.01
C SER I 577 -65.47 98.99 -30.28
N ARG I 578 -65.03 99.66 -29.23
CA ARG I 578 -64.00 100.66 -29.36
C ARG I 578 -62.66 99.96 -29.62
N LEU I 579 -62.40 98.91 -28.86
CA LEU I 579 -61.20 98.12 -29.05
C LEU I 579 -61.13 97.65 -30.50
N LEU I 580 -62.18 96.93 -30.90
CA LEU I 580 -62.22 96.29 -32.20
C LEU I 580 -62.37 97.30 -33.33
N GLY I 581 -63.22 98.28 -33.12
CA GLY I 581 -63.50 99.28 -34.13
C GLY I 581 -64.72 98.92 -34.95
N VAL I 582 -65.73 98.37 -34.26
CA VAL I 582 -66.92 97.83 -34.91
C VAL I 582 -67.98 97.44 -33.89
N PRO I 583 -69.20 97.14 -34.36
CA PRO I 583 -70.31 96.87 -33.43
C PRO I 583 -70.02 95.74 -32.45
N PRO I 584 -70.36 95.96 -31.17
CA PRO I 584 -70.25 95.03 -30.04
C PRO I 584 -71.09 93.77 -30.21
N VAL I 585 -71.61 93.55 -31.41
CA VAL I 585 -72.21 92.28 -31.77
C VAL I 585 -71.22 91.51 -32.63
N MET I 586 -70.90 90.29 -32.23
CA MET I 586 -69.86 89.52 -32.88
C MET I 586 -70.22 88.05 -33.11
N VAL I 587 -69.94 87.55 -34.33
CA VAL I 587 -70.12 86.13 -34.67
C VAL I 587 -68.89 85.34 -34.24
N ALA I 588 -69.10 84.44 -33.29
CA ALA I 588 -68.01 83.71 -32.68
C ALA I 588 -67.49 82.62 -33.59
N GLY I 589 -66.27 82.16 -33.33
CA GLY I 589 -65.67 81.09 -34.09
C GLY I 589 -66.45 79.80 -33.86
N MET I 590 -66.81 79.12 -34.95
CA MET I 590 -67.53 77.86 -34.88
C MET I 590 -67.02 76.94 -35.96
N THR I 591 -66.26 75.91 -35.58
CA THR I 591 -65.62 75.04 -36.55
C THR I 591 -66.40 74.80 -37.83
N PRO I 592 -67.44 73.93 -37.79
CA PRO I 592 -68.09 73.61 -39.06
C PRO I 592 -68.45 74.84 -39.87
N THR I 593 -69.24 75.74 -39.29
CA THR I 593 -69.86 76.81 -40.07
C THR I 593 -68.98 78.04 -40.28
N THR I 594 -68.07 78.29 -39.33
CA THR I 594 -67.26 79.51 -39.33
C THR I 594 -65.88 79.25 -39.88
N VAL I 595 -65.72 78.11 -40.54
CA VAL I 595 -64.43 77.78 -41.14
C VAL I 595 -64.25 78.37 -42.55
N PRO I 596 -65.30 78.29 -43.39
CA PRO I 596 -65.13 78.65 -44.79
C PRO I 596 -64.74 80.11 -44.95
N TRP I 597 -63.75 80.38 -45.79
CA TRP I 597 -63.22 81.73 -45.91
C TRP I 597 -64.24 82.73 -46.44
N ASP I 598 -65.28 82.22 -47.07
CA ASP I 598 -66.36 83.05 -47.57
C ASP I 598 -67.03 83.72 -46.41
N PHE I 599 -67.88 82.95 -45.74
CA PHE I 599 -68.69 83.44 -44.63
C PHE I 599 -67.94 84.40 -43.69
N VAL I 600 -66.66 84.15 -43.47
CA VAL I 600 -65.88 85.02 -42.60
C VAL I 600 -65.63 86.37 -43.26
N ALA I 601 -65.16 86.34 -44.51
CA ALA I 601 -64.93 87.55 -45.28
C ALA I 601 -66.22 88.33 -45.47
N ALA I 602 -67.31 87.62 -45.72
CA ALA I 602 -68.60 88.26 -45.89
C ALA I 602 -69.03 88.95 -44.61
N THR I 603 -68.89 88.27 -43.48
CA THR I 603 -69.28 88.83 -42.19
C THR I 603 -68.38 90.00 -41.79
N MET I 604 -67.20 90.04 -42.39
CA MET I 604 -66.28 91.14 -42.12
C MET I 604 -66.60 92.32 -43.03
N ASN I 605 -66.97 92.03 -44.28
CA ASN I 605 -67.38 93.08 -45.22
C ASN I 605 -68.65 93.74 -44.70
N ALA I 606 -69.40 93.00 -43.88
CA ALA I 606 -70.60 93.53 -43.24
C ALA I 606 -70.23 94.38 -42.06
N GLY I 607 -68.93 94.58 -41.88
CA GLY I 607 -68.41 95.40 -40.81
C GLY I 607 -68.69 94.81 -39.44
N TYR I 608 -68.41 93.52 -39.27
CA TYR I 608 -68.62 92.88 -37.97
C TYR I 608 -67.49 91.98 -37.57
N HIS I 609 -67.33 91.79 -36.25
CA HIS I 609 -66.27 90.94 -35.74
C HIS I 609 -66.61 89.44 -35.81
N ILE I 610 -65.88 88.71 -36.63
CA ILE I 610 -66.04 87.27 -36.70
C ILE I 610 -64.70 86.58 -36.49
N GLU I 611 -64.72 85.32 -36.05
CA GLU I 611 -63.49 84.55 -35.77
C GLU I 611 -63.30 83.41 -36.75
N LEU I 612 -62.21 83.43 -37.50
CA LEU I 612 -61.93 82.33 -38.44
C LEU I 612 -61.70 81.03 -37.69
N ALA I 613 -62.60 80.07 -37.86
CA ALA I 613 -62.50 78.78 -37.19
C ALA I 613 -61.31 77.94 -37.67
N GLY I 614 -60.30 77.80 -36.80
CA GLY I 614 -59.09 77.07 -37.16
C GLY I 614 -59.29 75.58 -37.04
N GLY I 615 -60.40 75.19 -36.41
CA GLY I 615 -60.67 73.81 -36.10
C GLY I 615 -61.01 72.93 -37.28
N GLY I 616 -61.16 73.54 -38.45
CA GLY I 616 -61.39 72.80 -39.68
C GLY I 616 -60.21 72.94 -40.61
N TYR I 617 -59.04 73.23 -40.05
CA TYR I 617 -57.84 73.41 -40.84
C TYR I 617 -56.77 72.43 -40.45
N TYR I 618 -56.57 71.46 -41.32
CA TYR I 618 -55.70 70.34 -41.03
C TYR I 618 -54.34 70.59 -41.64
N ASN I 619 -54.33 70.74 -42.96
CA ASN I 619 -53.11 71.09 -43.67
C ASN I 619 -52.73 72.53 -43.33
N ALA I 620 -51.48 72.72 -42.94
CA ALA I 620 -50.97 74.05 -42.60
C ALA I 620 -51.06 74.98 -43.81
N GLN I 621 -51.12 74.39 -45.00
CA GLN I 621 -51.17 75.14 -46.25
C GLN I 621 -52.58 75.65 -46.56
N LYS I 622 -53.55 74.75 -46.53
CA LYS I 622 -54.95 75.10 -46.78
C LYS I 622 -55.44 76.19 -45.82
N MET I 623 -54.74 76.36 -44.70
CA MET I 623 -55.09 77.41 -43.75
C MET I 623 -54.43 78.74 -44.12
N SER I 624 -53.12 78.70 -44.31
CA SER I 624 -52.40 79.90 -44.71
C SER I 624 -52.89 80.33 -46.09
N ASP I 625 -53.61 79.44 -46.77
CA ASP I 625 -54.20 79.73 -48.07
C ASP I 625 -55.50 80.53 -47.94
N ALA I 626 -56.46 79.97 -47.23
CA ALA I 626 -57.75 80.62 -47.05
C ALA I 626 -57.60 81.89 -46.22
N ILE I 627 -56.55 81.95 -45.41
CA ILE I 627 -56.24 83.17 -44.69
C ILE I 627 -55.92 84.29 -45.69
N SER I 628 -55.15 83.97 -46.73
CA SER I 628 -54.73 84.96 -47.72
C SER I 628 -55.89 85.42 -48.60
N LYS I 629 -56.84 84.53 -48.83
CA LYS I 629 -58.04 84.87 -49.58
C LYS I 629 -58.83 85.93 -48.81
N ILE I 630 -58.87 85.76 -47.50
CA ILE I 630 -59.64 86.65 -46.63
C ILE I 630 -59.00 88.04 -46.53
N GLU I 631 -57.67 88.09 -46.50
CA GLU I 631 -56.97 89.36 -46.40
C GLU I 631 -57.27 90.26 -47.59
N LYS I 632 -57.47 89.64 -48.75
CA LYS I 632 -57.54 90.37 -50.01
C LYS I 632 -58.97 90.73 -50.42
N ALA I 633 -59.95 89.99 -49.92
CA ALA I 633 -61.34 90.33 -50.22
C ALA I 633 -61.97 91.08 -49.06
N ILE I 634 -61.14 91.80 -48.32
CA ILE I 634 -61.55 92.42 -47.07
C ILE I 634 -61.40 93.95 -47.07
N PRO I 635 -62.24 94.65 -46.28
CA PRO I 635 -62.12 96.09 -46.01
C PRO I 635 -60.74 96.46 -45.51
N PRO I 636 -59.87 96.98 -46.38
CA PRO I 636 -58.47 97.25 -46.02
C PRO I 636 -58.32 97.92 -44.65
N GLY I 637 -57.43 97.35 -43.83
CA GLY I 637 -57.19 97.83 -42.49
C GLY I 637 -57.93 97.02 -41.46
N ARG I 638 -58.90 96.26 -41.93
CA ARG I 638 -59.69 95.38 -41.08
C ARG I 638 -58.73 94.32 -40.53
N GLY I 639 -59.03 93.81 -39.33
CA GLY I 639 -58.19 92.82 -38.70
C GLY I 639 -58.80 91.43 -38.60
N ILE I 640 -57.97 90.40 -38.75
CA ILE I 640 -58.45 89.02 -38.71
C ILE I 640 -58.17 88.35 -37.37
N THR I 641 -59.11 87.52 -36.94
CA THR I 641 -59.00 86.78 -35.68
C THR I 641 -59.14 85.30 -35.96
N VAL I 642 -58.22 84.49 -35.47
CA VAL I 642 -58.30 83.05 -35.64
C VAL I 642 -58.63 82.35 -34.32
N ASN I 643 -59.54 81.39 -34.37
CA ASN I 643 -59.94 80.62 -33.20
C ASN I 643 -59.27 79.25 -33.20
N LEU I 644 -58.42 79.01 -32.22
CA LEU I 644 -57.66 77.78 -32.14
C LEU I 644 -58.12 76.93 -30.97
N ILE I 645 -58.24 75.63 -31.20
CA ILE I 645 -58.65 74.67 -30.18
C ILE I 645 -57.50 74.20 -29.30
N TYR I 646 -57.71 74.21 -27.98
CA TYR I 646 -56.63 73.90 -27.07
C TYR I 646 -56.42 72.41 -26.87
N VAL I 647 -57.51 71.66 -26.71
CA VAL I 647 -57.45 70.21 -26.58
C VAL I 647 -57.13 69.54 -27.93
N ASN I 648 -56.30 70.22 -28.71
CA ASN I 648 -55.76 69.68 -29.95
C ASN I 648 -54.41 70.31 -30.15
N PRO I 649 -53.48 70.02 -29.24
CA PRO I 649 -52.16 70.66 -29.21
C PRO I 649 -51.38 70.19 -30.42
N ARG I 650 -51.77 69.04 -30.94
CA ARG I 650 -51.16 68.53 -32.16
C ARG I 650 -51.34 69.56 -33.25
N ALA I 651 -52.58 70.03 -33.39
CA ALA I 651 -52.93 71.01 -34.42
C ALA I 651 -52.26 72.37 -34.20
N MET I 652 -52.48 72.98 -33.03
CA MET I 652 -51.89 74.28 -32.77
C MET I 652 -50.38 74.19 -32.64
N GLY I 653 -49.84 72.98 -32.82
CA GLY I 653 -48.40 72.79 -32.84
C GLY I 653 -47.80 73.58 -33.98
N TRP I 654 -48.52 73.66 -35.10
CA TRP I 654 -48.09 74.42 -36.27
C TRP I 654 -48.88 75.71 -36.43
N GLN I 655 -50.16 75.66 -36.05
CA GLN I 655 -51.05 76.81 -36.22
C GLN I 655 -50.50 78.08 -35.59
N ILE I 656 -50.14 78.02 -34.31
CA ILE I 656 -49.70 79.20 -33.58
C ILE I 656 -48.43 79.84 -34.17
N PRO I 657 -47.40 79.03 -34.47
CA PRO I 657 -46.21 79.58 -35.13
C PRO I 657 -46.50 79.98 -36.56
N LEU I 658 -47.53 79.40 -37.14
CA LEU I 658 -47.98 79.76 -38.49
C LEU I 658 -48.54 81.17 -38.49
N LEU I 659 -49.53 81.42 -37.64
CA LEU I 659 -50.10 82.76 -37.54
C LEU I 659 -48.99 83.78 -37.37
N GLY I 660 -48.20 83.61 -36.30
CA GLY I 660 -47.14 84.53 -35.98
C GLY I 660 -46.25 84.86 -37.17
N ARG I 661 -45.95 83.86 -37.98
CA ARG I 661 -45.08 84.04 -39.14
C ARG I 661 -45.77 84.83 -40.25
N LEU I 662 -47.08 84.66 -40.33
CA LEU I 662 -47.90 85.38 -41.29
C LEU I 662 -47.99 86.86 -40.95
N ARG I 663 -48.31 87.17 -39.68
CA ARG I 663 -48.37 88.56 -39.22
C ARG I 663 -47.11 89.33 -39.59
N ALA I 664 -45.95 88.70 -39.37
CA ALA I 664 -44.67 89.32 -39.64
C ALA I 664 -44.46 89.67 -41.12
N ASP I 665 -45.08 88.91 -42.01
CA ASP I 665 -44.89 89.14 -43.44
C ASP I 665 -45.82 90.20 -43.98
N GLY I 666 -46.70 90.69 -43.12
CA GLY I 666 -47.63 91.75 -43.50
C GLY I 666 -49.09 91.37 -43.25
N VAL I 667 -49.39 90.09 -43.31
CA VAL I 667 -50.78 89.62 -43.18
C VAL I 667 -51.53 90.19 -41.97
N PRO I 668 -52.79 90.57 -42.20
CA PRO I 668 -53.68 91.29 -41.29
C PRO I 668 -54.23 90.45 -40.16
N ILE I 669 -53.38 89.79 -39.39
CA ILE I 669 -53.86 89.08 -38.21
C ILE I 669 -53.51 89.84 -36.96
N GLU I 670 -54.52 90.38 -36.29
CA GLU I 670 -54.29 91.07 -35.03
C GLU I 670 -55.12 90.44 -33.90
N GLY I 671 -55.75 89.32 -34.20
CA GLY I 671 -56.62 88.68 -33.24
C GLY I 671 -56.36 87.20 -33.10
N LEU I 672 -56.35 86.74 -31.85
CA LEU I 672 -56.14 85.34 -31.54
C LEU I 672 -57.17 84.89 -30.50
N THR I 673 -57.71 83.70 -30.67
CA THR I 673 -58.68 83.15 -29.73
C THR I 673 -58.45 81.68 -29.46
N ILE I 674 -58.50 81.31 -28.19
CA ILE I 674 -58.17 79.95 -27.78
C ILE I 674 -59.37 79.31 -27.10
N GLY I 675 -59.85 78.22 -27.69
CA GLY I 675 -61.08 77.58 -27.24
C GLY I 675 -61.01 76.25 -26.52
N ALA I 676 -61.99 76.05 -25.63
CA ALA I 676 -62.10 74.86 -24.82
C ALA I 676 -60.80 74.58 -24.10
N GLY I 677 -60.29 75.61 -23.43
CA GLY I 677 -59.05 75.49 -22.68
C GLY I 677 -58.39 76.83 -22.42
N VAL I 678 -58.01 77.07 -21.16
CA VAL I 678 -57.29 78.29 -20.80
C VAL I 678 -55.84 77.98 -20.54
N PRO I 679 -54.94 78.50 -21.37
CA PRO I 679 -53.50 78.23 -21.23
C PRO I 679 -52.97 78.58 -19.84
N SER I 680 -51.78 78.13 -19.49
CA SER I 680 -51.22 78.56 -18.22
C SER I 680 -50.62 79.92 -18.43
N ILE I 681 -50.40 80.63 -17.34
CA ILE I 681 -49.92 82.00 -17.39
C ILE I 681 -48.80 82.21 -18.43
N GLU I 682 -47.75 81.40 -18.38
CA GLU I 682 -46.62 81.58 -19.31
C GLU I 682 -46.95 81.03 -20.69
N VAL I 683 -47.87 80.08 -20.74
CA VAL I 683 -48.38 79.59 -22.00
C VAL I 683 -49.00 80.76 -22.76
N ALA I 684 -49.76 81.58 -22.04
CA ALA I 684 -50.41 82.75 -22.62
C ALA I 684 -49.37 83.80 -22.96
N ASN I 685 -48.63 84.24 -21.94
CA ASN I 685 -47.55 85.22 -22.09
C ASN I 685 -46.81 85.08 -23.41
N GLU I 686 -46.45 83.85 -23.74
CA GLU I 686 -45.73 83.56 -24.96
C GLU I 686 -46.52 84.00 -26.21
N TYR I 687 -47.72 83.47 -26.38
CA TYR I 687 -48.59 83.86 -27.50
C TYR I 687 -48.59 85.38 -27.65
N ILE I 688 -48.78 86.06 -26.53
CA ILE I 688 -48.90 87.51 -26.49
C ILE I 688 -47.73 88.28 -27.08
N GLN I 689 -46.50 87.84 -26.77
CA GLN I 689 -45.32 88.58 -27.16
C GLN I 689 -44.54 87.89 -28.27
N THR I 690 -45.07 86.76 -28.75
CA THR I 690 -44.48 86.03 -29.86
C THR I 690 -45.06 86.49 -31.19
N LEU I 691 -46.32 86.13 -31.41
CA LEU I 691 -47.05 86.53 -32.60
C LEU I 691 -47.59 87.94 -32.42
N GLY I 692 -47.51 88.75 -33.47
CA GLY I 692 -47.81 90.17 -33.37
C GLY I 692 -49.27 90.55 -33.24
N ILE I 693 -50.05 89.77 -32.50
CA ILE I 693 -51.48 90.09 -32.33
C ILE I 693 -51.67 91.32 -31.45
N ARG I 694 -52.71 92.09 -31.75
CA ARG I 694 -53.01 93.29 -30.97
C ARG I 694 -54.05 92.99 -29.90
N HIS I 695 -54.71 91.84 -30.00
CA HIS I 695 -55.61 91.40 -28.92
C HIS I 695 -55.71 89.87 -28.82
N ILE I 696 -55.95 89.39 -27.60
CA ILE I 696 -56.06 87.95 -27.32
C ILE I 696 -57.42 87.65 -26.73
N SER I 697 -57.84 86.40 -26.80
CA SER I 697 -59.19 86.05 -26.38
C SER I 697 -59.29 84.62 -25.82
N PHE I 698 -59.87 84.50 -24.64
CA PHE I 698 -60.06 83.21 -23.95
C PHE I 698 -61.54 82.90 -23.74
N LYS I 699 -61.87 81.63 -23.54
CA LYS I 699 -63.28 81.23 -23.43
C LYS I 699 -63.61 80.43 -22.19
N PRO I 700 -63.31 80.96 -21.02
CA PRO I 700 -63.52 80.25 -19.75
C PRO I 700 -64.93 79.69 -19.65
N GLY I 701 -65.08 78.58 -18.92
CA GLY I 701 -66.38 77.97 -18.77
C GLY I 701 -66.61 77.59 -17.33
N SER I 702 -65.53 77.58 -16.56
CA SER I 702 -65.61 77.24 -15.14
C SER I 702 -65.47 78.48 -14.25
N VAL I 703 -66.13 78.44 -13.10
CA VAL I 703 -65.99 79.48 -12.10
C VAL I 703 -64.51 79.73 -11.87
N ASP I 704 -63.75 78.63 -11.83
CA ASP I 704 -62.32 78.67 -11.61
C ASP I 704 -61.61 79.12 -12.87
N ALA I 705 -62.12 78.69 -14.02
CA ALA I 705 -61.55 79.04 -15.32
C ALA I 705 -61.39 80.54 -15.44
N ILE I 706 -62.42 81.26 -15.00
CA ILE I 706 -62.44 82.72 -15.08
C ILE I 706 -61.29 83.34 -14.31
N GLN I 707 -61.08 82.87 -13.09
CA GLN I 707 -59.97 83.36 -12.28
C GLN I 707 -58.64 83.26 -13.02
N GLN I 708 -58.47 82.18 -13.78
CA GLN I 708 -57.26 81.99 -14.58
C GLN I 708 -57.07 83.19 -15.47
N VAL I 709 -58.08 83.49 -16.27
CA VAL I 709 -58.01 84.58 -17.23
C VAL I 709 -57.65 85.89 -16.55
N ILE I 710 -58.30 86.18 -15.44
CA ILE I 710 -58.04 87.40 -14.68
C ILE I 710 -56.55 87.51 -14.43
N ASN I 711 -55.96 86.39 -14.04
CA ASN I 711 -54.54 86.36 -13.74
C ASN I 711 -53.71 86.49 -14.99
N ILE I 712 -54.20 85.97 -16.11
CA ILE I 712 -53.50 86.17 -17.36
C ILE I 712 -53.52 87.67 -17.65
N ALA I 713 -54.62 88.29 -17.25
CA ALA I 713 -54.84 89.72 -17.47
C ALA I 713 -53.94 90.55 -16.57
N LYS I 714 -53.91 90.17 -15.29
CA LYS I 714 -53.05 90.85 -14.33
C LYS I 714 -51.60 90.72 -14.75
N ALA I 715 -51.27 89.61 -15.41
CA ALA I 715 -49.92 89.37 -15.89
C ALA I 715 -49.55 90.30 -17.03
N ASN I 716 -50.55 90.70 -17.81
CA ASN I 716 -50.34 91.68 -18.87
C ASN I 716 -51.23 92.88 -18.66
N PRO I 717 -50.82 93.81 -17.80
CA PRO I 717 -51.64 94.95 -17.42
C PRO I 717 -51.76 95.97 -18.54
N THR I 718 -51.19 95.67 -19.71
CA THR I 718 -51.20 96.61 -20.82
C THR I 718 -51.68 95.97 -22.13
N PHE I 719 -52.47 94.92 -22.01
CA PHE I 719 -52.89 94.17 -23.20
C PHE I 719 -54.37 93.82 -23.25
N PRO I 720 -54.96 93.99 -24.43
CA PRO I 720 -56.34 93.63 -24.79
C PRO I 720 -56.63 92.13 -24.57
N ILE I 721 -57.55 91.83 -23.66
CA ILE I 721 -57.93 90.44 -23.40
C ILE I 721 -59.44 90.30 -23.38
N ILE I 722 -59.99 89.79 -24.48
CA ILE I 722 -61.42 89.56 -24.57
C ILE I 722 -61.80 88.29 -23.81
N LEU I 723 -62.81 88.40 -22.95
CA LEU I 723 -63.17 87.30 -22.05
C LEU I 723 -64.51 86.66 -22.43
N GLN I 724 -64.61 86.18 -23.67
CA GLN I 724 -65.84 85.55 -24.15
C GLN I 724 -66.39 84.52 -23.17
N TRP I 725 -67.37 84.93 -22.38
CA TRP I 725 -67.95 84.07 -21.36
C TRP I 725 -69.15 83.27 -21.88
N THR I 726 -68.96 81.95 -22.00
CA THR I 726 -70.02 81.06 -22.47
C THR I 726 -70.66 80.31 -21.30
N GLY I 727 -71.84 79.76 -21.53
CA GLY I 727 -72.51 78.97 -20.52
C GLY I 727 -72.69 77.50 -20.85
N GLY I 728 -73.56 76.85 -20.08
CA GLY I 728 -73.82 75.43 -20.23
C GLY I 728 -74.79 75.15 -21.35
N ARG I 729 -75.04 76.16 -22.18
CA ARG I 729 -76.01 76.03 -23.25
C ARG I 729 -75.52 76.49 -24.63
N GLY I 730 -74.22 76.34 -24.86
CA GLY I 730 -73.64 76.69 -26.14
C GLY I 730 -73.70 75.52 -27.11
N GLY I 731 -73.30 75.77 -28.34
CA GLY I 731 -73.24 74.71 -29.33
C GLY I 731 -71.94 73.92 -29.19
N GLY I 732 -72.05 72.61 -29.22
CA GLY I 732 -70.89 71.74 -29.10
C GLY I 732 -70.41 71.61 -27.67
N HIS I 733 -69.18 72.02 -27.42
CA HIS I 733 -68.62 72.00 -26.07
C HIS I 733 -69.54 72.75 -25.12
N HIS I 734 -69.63 72.33 -23.86
CA HIS I 734 -70.38 73.10 -22.88
C HIS I 734 -70.13 72.67 -21.44
N SER I 735 -69.66 73.62 -20.64
CA SER I 735 -69.50 73.41 -19.20
C SER I 735 -70.82 72.94 -18.63
N PHE I 736 -70.82 72.62 -17.35
CA PHE I 736 -72.06 72.25 -16.72
C PHE I 736 -72.52 73.45 -15.89
N GLU I 737 -72.30 74.64 -16.42
CA GLU I 737 -72.45 75.89 -15.66
C GLU I 737 -73.58 76.78 -16.16
N ASP I 738 -74.45 77.21 -15.24
CA ASP I 738 -75.44 78.21 -15.57
C ASP I 738 -74.65 79.49 -15.75
N PHE I 739 -74.86 80.21 -16.84
CA PHE I 739 -73.94 81.29 -17.18
C PHE I 739 -74.21 82.61 -16.45
N HIS I 740 -75.07 82.54 -15.44
CA HIS I 740 -75.33 83.67 -14.57
C HIS I 740 -74.43 83.66 -13.32
N GLN I 741 -74.67 82.69 -12.44
CA GLN I 741 -74.01 82.61 -11.14
C GLN I 741 -72.50 82.84 -11.12
N PRO I 742 -71.77 82.30 -12.11
CA PRO I 742 -70.32 82.50 -12.22
C PRO I 742 -69.97 83.97 -12.42
N ILE I 743 -70.65 84.63 -13.35
CA ILE I 743 -70.41 86.04 -13.56
C ILE I 743 -70.85 86.82 -12.34
N LEU I 744 -72.04 86.54 -11.84
CA LEU I 744 -72.52 87.17 -10.60
C LEU I 744 -71.49 87.10 -9.47
N LEU I 745 -70.75 86.00 -9.40
CA LEU I 745 -69.78 85.81 -8.32
C LEU I 745 -68.40 86.26 -8.71
N MET I 746 -68.21 86.63 -9.97
CA MET I 746 -66.90 87.00 -10.47
C MET I 746 -66.85 88.42 -10.99
N TYR I 747 -67.96 88.89 -11.54
CA TYR I 747 -68.01 90.18 -12.23
C TYR I 747 -67.13 91.21 -11.56
N SER I 748 -67.32 91.33 -10.25
CA SER I 748 -66.53 92.27 -9.46
C SER I 748 -65.04 92.13 -9.76
N ARG I 749 -64.49 90.96 -9.45
CA ARG I 749 -63.08 90.69 -9.69
C ARG I 749 -62.71 90.90 -11.15
N ILE I 750 -63.57 90.43 -12.06
CA ILE I 750 -63.32 90.57 -13.49
C ILE I 750 -63.04 92.01 -13.83
N ARG I 751 -64.04 92.85 -13.61
CA ARG I 751 -63.98 94.26 -13.96
C ARG I 751 -62.79 95.00 -13.37
N LYS I 752 -62.39 94.60 -12.18
CA LYS I 752 -61.34 95.31 -11.45
C LYS I 752 -59.96 95.22 -12.13
N CYS I 753 -59.89 94.40 -13.17
CA CYS I 753 -58.77 94.44 -14.10
C CYS I 753 -59.24 95.13 -15.38
N SER I 754 -58.56 96.20 -15.78
CA SER I 754 -59.04 97.03 -16.87
C SER I 754 -58.83 96.42 -18.25
N ASN I 755 -57.89 95.48 -18.36
CA ASN I 755 -57.55 94.87 -19.64
C ASN I 755 -58.65 93.96 -20.18
N ILE I 756 -59.63 93.68 -19.34
CA ILE I 756 -60.65 92.69 -19.69
C ILE I 756 -61.82 93.27 -20.45
N VAL I 757 -62.14 92.63 -21.57
CA VAL I 757 -63.38 92.89 -22.27
C VAL I 757 -64.34 91.74 -22.00
N LEU I 758 -65.32 91.98 -21.14
CA LEU I 758 -66.26 90.93 -20.76
C LEU I 758 -67.39 90.80 -21.77
N VAL I 759 -67.31 89.75 -22.58
CA VAL I 759 -68.25 89.54 -23.66
C VAL I 759 -69.21 88.40 -23.34
N ALA I 760 -70.50 88.71 -23.17
CA ALA I 760 -71.50 87.68 -22.91
C ALA I 760 -71.78 86.87 -24.17
N GLY I 761 -72.13 85.61 -23.99
CA GLY I 761 -72.36 84.72 -25.10
C GLY I 761 -73.03 83.46 -24.61
N SER I 762 -73.83 82.86 -25.49
CA SER I 762 -74.64 81.68 -25.18
C SER I 762 -76.12 82.04 -25.21
N GLY I 763 -76.92 81.26 -25.94
CA GLY I 763 -78.36 81.38 -25.89
C GLY I 763 -78.97 82.69 -26.38
N PHE I 764 -78.22 83.43 -27.19
CA PHE I 764 -78.74 84.65 -27.77
C PHE I 764 -79.11 84.45 -29.24
N GLY I 765 -80.05 85.25 -29.72
CA GLY I 765 -80.47 85.19 -31.10
C GLY I 765 -81.10 86.51 -31.52
N GLY I 766 -80.92 87.53 -30.70
CA GLY I 766 -81.47 88.84 -30.97
C GLY I 766 -81.03 89.90 -29.97
N SER I 767 -81.34 91.16 -30.25
CA SER I 767 -80.94 92.27 -29.41
C SER I 767 -81.85 92.46 -28.19
N GLU I 768 -83.06 91.92 -28.27
CA GLU I 768 -84.05 92.06 -27.22
C GLU I 768 -83.66 91.29 -25.95
N ASP I 769 -83.05 90.12 -26.14
CA ASP I 769 -82.54 89.32 -25.04
C ASP I 769 -81.10 89.73 -24.77
N THR I 770 -80.41 90.20 -25.80
CA THR I 770 -79.05 90.68 -25.65
C THR I 770 -79.00 91.93 -24.78
N TYR I 771 -79.87 92.88 -25.12
CA TYR I 771 -79.94 94.17 -24.43
C TYR I 771 -79.72 94.07 -22.91
N PRO I 772 -80.53 93.26 -22.20
CA PRO I 772 -80.43 93.12 -20.75
C PRO I 772 -79.02 92.98 -20.22
N TYR I 773 -78.25 92.03 -20.75
CA TYR I 773 -76.88 91.80 -20.29
C TYR I 773 -75.97 92.93 -20.75
N LEU I 774 -76.32 93.51 -21.90
CA LEU I 774 -75.60 94.63 -22.48
C LEU I 774 -75.70 95.85 -21.56
N THR I 775 -76.81 95.94 -20.83
CA THR I 775 -77.04 97.02 -19.90
C THR I 775 -76.44 96.69 -18.54
N GLY I 776 -76.80 95.53 -18.02
CA GLY I 776 -76.44 95.15 -16.67
C GLY I 776 -77.73 94.98 -15.90
N SER I 777 -78.83 94.83 -16.62
CA SER I 777 -80.16 94.74 -16.01
C SER I 777 -80.50 93.33 -15.53
N TRP I 778 -79.97 92.34 -16.25
CA TRP I 778 -80.17 90.95 -15.90
C TRP I 778 -79.81 90.71 -14.44
N SER I 779 -78.67 91.27 -14.05
CA SER I 779 -78.07 91.03 -12.76
C SER I 779 -78.90 91.60 -11.61
N THR I 780 -79.74 92.58 -11.94
CA THR I 780 -80.60 93.21 -10.96
C THR I 780 -81.68 92.24 -10.50
N LYS I 781 -82.11 91.39 -11.42
CA LYS I 781 -83.10 90.37 -11.13
C LYS I 781 -82.65 89.39 -10.07
N PHE I 782 -81.37 89.44 -9.73
CA PHE I 782 -80.82 88.49 -8.76
C PHE I 782 -80.37 89.15 -7.46
N GLY I 783 -80.84 90.38 -7.22
CA GLY I 783 -80.48 91.11 -6.02
C GLY I 783 -79.05 91.63 -6.11
N TYR I 784 -78.63 91.97 -7.32
CA TYR I 784 -77.30 92.53 -7.54
C TYR I 784 -77.43 93.86 -8.28
N PRO I 785 -76.45 94.75 -8.11
CA PRO I 785 -76.35 95.96 -8.92
C PRO I 785 -76.35 95.63 -10.41
N PRO I 786 -76.35 96.65 -11.27
CA PRO I 786 -76.19 96.41 -12.71
C PRO I 786 -74.77 95.99 -13.09
N MET I 787 -74.67 94.95 -13.90
CA MET I 787 -73.36 94.45 -14.31
C MET I 787 -73.29 94.38 -15.83
N PRO I 788 -72.98 95.51 -16.45
CA PRO I 788 -72.93 95.71 -17.90
C PRO I 788 -71.89 94.84 -18.60
N PHE I 789 -72.31 94.18 -19.66
CA PHE I 789 -71.41 93.43 -20.51
C PHE I 789 -70.95 94.31 -21.69
N ASP I 790 -69.65 94.32 -21.95
CA ASP I 790 -69.06 95.13 -23.03
C ASP I 790 -69.43 94.70 -24.45
N GLY I 791 -70.26 93.67 -24.58
CA GLY I 791 -70.66 93.17 -25.88
C GLY I 791 -71.38 91.83 -25.80
N CYS I 792 -71.87 91.36 -26.93
CA CYS I 792 -72.52 90.06 -26.96
C CYS I 792 -72.00 89.25 -28.14
N MET I 793 -72.04 87.93 -27.98
CA MET I 793 -71.43 87.02 -28.93
C MET I 793 -72.48 86.06 -29.47
N PHE I 794 -72.45 85.83 -30.79
CA PHE I 794 -73.44 84.99 -31.45
C PHE I 794 -72.83 83.81 -32.21
N GLY I 795 -73.32 82.62 -31.89
CA GLY I 795 -72.81 81.40 -32.48
C GLY I 795 -73.89 80.57 -33.14
N SER I 796 -74.62 79.80 -32.35
CA SER I 796 -75.68 78.95 -32.86
C SER I 796 -76.65 79.71 -33.76
N ARG I 797 -76.86 80.98 -33.41
CA ARG I 797 -77.79 81.85 -34.12
C ARG I 797 -77.48 81.97 -35.60
N MET I 798 -76.26 82.41 -35.90
CA MET I 798 -75.84 82.77 -37.25
C MET I 798 -75.75 81.62 -38.23
N MET I 799 -76.01 80.39 -37.79
CA MET I 799 -75.80 79.21 -38.62
C MET I 799 -76.68 79.20 -39.86
N THR I 800 -77.79 79.94 -39.79
CA THR I 800 -78.77 79.98 -40.86
C THR I 800 -78.57 81.14 -41.80
N ALA I 801 -77.49 81.90 -41.62
CA ALA I 801 -77.17 82.98 -42.55
C ALA I 801 -76.99 82.39 -43.93
N LYS I 802 -77.57 83.03 -44.94
CA LYS I 802 -77.57 82.49 -46.29
C LYS I 802 -76.15 82.38 -46.81
N GLU I 803 -75.26 83.15 -46.20
CA GLU I 803 -73.87 83.25 -46.63
C GLU I 803 -73.01 82.24 -45.88
N ALA I 804 -73.63 81.55 -44.92
CA ALA I 804 -73.04 80.40 -44.23
C ALA I 804 -73.21 79.19 -45.10
N HIS I 805 -72.41 78.16 -44.85
CA HIS I 805 -72.39 77.02 -45.76
C HIS I 805 -73.34 75.89 -45.39
N THR I 806 -74.01 76.03 -44.24
CA THR I 806 -74.99 75.06 -43.77
C THR I 806 -75.92 74.64 -44.91
N SER I 807 -76.03 73.34 -45.16
CA SER I 807 -76.89 72.85 -46.23
C SER I 807 -78.31 73.31 -46.00
N LYS I 808 -79.08 73.41 -47.09
CA LYS I 808 -80.43 73.95 -47.00
C LYS I 808 -81.23 73.30 -45.87
N GLN I 809 -81.55 72.01 -46.06
CA GLN I 809 -82.38 71.28 -45.09
C GLN I 809 -81.77 71.32 -43.69
N ALA I 810 -80.46 71.54 -43.62
CA ALA I 810 -79.75 71.64 -42.36
C ALA I 810 -80.25 72.86 -41.61
N LYS I 811 -79.94 74.04 -42.14
CA LYS I 811 -80.38 75.29 -41.54
C LYS I 811 -81.88 75.36 -41.46
N GLN I 812 -82.52 74.54 -42.28
CA GLN I 812 -83.96 74.35 -42.17
C GLN I 812 -84.27 73.71 -40.82
N ALA I 813 -83.88 72.44 -40.67
CA ALA I 813 -84.14 71.69 -39.46
C ALA I 813 -83.67 72.41 -38.21
N ILE I 814 -82.70 73.31 -38.39
CA ILE I 814 -82.20 74.12 -37.28
C ILE I 814 -83.25 75.06 -36.75
N VAL I 815 -83.82 75.87 -37.63
CA VAL I 815 -84.88 76.80 -37.28
C VAL I 815 -85.94 76.05 -36.51
N ASP I 816 -86.31 74.89 -37.06
CA ASP I 816 -87.39 74.04 -36.62
C ASP I 816 -87.22 73.54 -35.20
N ALA I 817 -86.04 73.77 -34.64
CA ALA I 817 -85.83 73.41 -33.26
C ALA I 817 -86.64 74.36 -32.37
N PRO I 818 -87.61 73.80 -31.63
CA PRO I 818 -88.23 74.61 -30.58
C PRO I 818 -87.18 74.83 -29.51
N GLY I 819 -86.79 76.07 -29.28
CA GLY I 819 -85.82 76.34 -28.24
C GLY I 819 -86.41 76.02 -26.89
N VAL I 820 -85.59 76.17 -25.85
CA VAL I 820 -86.09 76.13 -24.48
C VAL I 820 -85.47 77.28 -23.71
N ASP I 821 -86.09 77.67 -22.61
CA ASP I 821 -85.60 78.76 -21.79
C ASP I 821 -84.39 78.34 -20.96
N ASP I 822 -83.67 79.32 -20.42
CA ASP I 822 -82.55 79.07 -19.52
C ASP I 822 -82.95 78.12 -18.38
N ASP I 823 -84.25 77.94 -18.20
CA ASP I 823 -84.79 76.98 -17.26
C ASP I 823 -84.24 75.59 -17.52
N GLN I 824 -84.77 74.95 -18.57
CA GLN I 824 -84.59 73.54 -18.77
C GLN I 824 -83.57 73.22 -19.84
N TRP I 825 -82.44 73.89 -19.83
CA TRP I 825 -81.39 73.51 -20.75
C TRP I 825 -80.66 72.32 -20.15
N GLU I 826 -80.66 72.25 -18.83
CA GLU I 826 -80.09 71.13 -18.11
C GLU I 826 -80.67 69.79 -18.59
N ASN I 827 -81.81 69.88 -19.25
CA ASN I 827 -82.51 68.71 -19.74
C ASN I 827 -81.87 68.06 -20.95
N THR I 828 -80.99 68.79 -21.62
CA THR I 828 -80.30 68.23 -22.78
C THR I 828 -79.62 66.96 -22.35
N TYR I 829 -79.00 67.02 -21.18
CA TYR I 829 -78.18 65.91 -20.69
C TYR I 829 -78.92 64.58 -20.67
N LYS I 830 -80.24 64.62 -20.61
CA LYS I 830 -81.03 63.41 -20.44
C LYS I 830 -82.03 63.14 -21.57
N ARG I 831 -82.69 64.19 -22.05
CA ARG I 831 -83.73 64.03 -23.07
C ARG I 831 -83.43 64.85 -24.32
N PRO I 832 -84.12 64.53 -25.42
CA PRO I 832 -84.11 65.41 -26.58
C PRO I 832 -84.96 66.64 -26.23
N THR I 833 -84.34 67.60 -25.57
CA THR I 833 -85.04 68.77 -25.06
C THR I 833 -84.98 69.91 -26.07
N GLY I 834 -86.14 70.35 -26.53
CA GLY I 834 -86.18 71.24 -27.66
C GLY I 834 -85.86 70.46 -28.91
N GLY I 835 -84.83 70.89 -29.63
CA GLY I 835 -84.40 70.17 -30.83
C GLY I 835 -82.98 69.69 -30.64
N VAL I 836 -82.36 70.11 -29.54
CA VAL I 836 -80.99 69.71 -29.26
C VAL I 836 -80.95 68.66 -28.18
N ILE I 837 -79.87 67.91 -28.18
CA ILE I 837 -79.64 66.87 -27.19
C ILE I 837 -78.14 66.92 -26.95
N THR I 838 -77.65 66.40 -25.83
CA THR I 838 -76.21 66.37 -25.59
C THR I 838 -75.69 64.97 -25.85
N VAL I 839 -74.51 64.89 -26.44
CA VAL I 839 -73.94 63.62 -26.84
C VAL I 839 -72.43 63.74 -26.74
N LEU I 840 -71.73 62.63 -26.60
CA LEU I 840 -70.29 62.70 -26.35
C LEU I 840 -69.43 62.51 -27.60
N SER I 841 -68.34 63.27 -27.65
CA SER I 841 -67.38 63.23 -28.75
C SER I 841 -66.65 61.90 -28.77
N GLU I 842 -65.75 61.73 -29.73
CA GLU I 842 -64.87 60.56 -29.70
C GLU I 842 -63.86 60.78 -28.60
N MET I 843 -63.51 62.04 -28.39
CA MET I 843 -62.63 62.44 -27.31
C MET I 843 -63.36 62.29 -25.98
N GLY I 844 -64.67 62.07 -26.05
CA GLY I 844 -65.48 61.91 -24.86
C GLY I 844 -66.18 63.18 -24.42
N GLU I 845 -65.66 64.32 -24.89
CA GLU I 845 -66.17 65.64 -24.54
C GLU I 845 -67.65 65.80 -24.91
N PRO I 846 -68.42 66.53 -24.10
CA PRO I 846 -69.85 66.74 -24.28
C PRO I 846 -70.16 67.71 -25.41
N ILE I 847 -71.18 67.41 -26.20
CA ILE I 847 -71.55 68.25 -27.33
C ILE I 847 -73.08 68.44 -27.38
N HIS I 848 -73.51 69.63 -27.82
CA HIS I 848 -74.93 69.90 -28.08
C HIS I 848 -75.22 69.81 -29.58
N LYS I 849 -76.14 68.93 -29.96
CA LYS I 849 -76.46 68.70 -31.37
C LYS I 849 -77.95 68.68 -31.60
N LEU I 850 -78.34 68.87 -32.85
CA LEU I 850 -79.71 68.66 -33.25
C LEU I 850 -80.00 67.16 -33.19
N ALA I 851 -80.98 66.78 -32.36
CA ALA I 851 -81.32 65.36 -32.13
C ALA I 851 -81.99 64.64 -33.31
N THR I 852 -81.25 64.53 -34.41
CA THR I 852 -81.69 63.80 -35.59
C THR I 852 -81.70 62.31 -35.28
N ARG I 853 -82.31 61.52 -36.17
CA ARG I 853 -82.35 60.06 -36.03
C ARG I 853 -80.95 59.49 -35.78
N GLY I 854 -79.97 60.01 -36.52
CA GLY I 854 -78.57 59.65 -36.34
C GLY I 854 -78.10 60.00 -34.94
N VAL I 855 -78.22 61.27 -34.56
CA VAL I 855 -77.68 61.74 -33.30
C VAL I 855 -78.37 61.03 -32.14
N LEU I 856 -79.51 60.42 -32.43
CA LEU I 856 -80.22 59.64 -31.43
C LEU I 856 -79.58 58.28 -31.26
N PHE I 857 -79.38 57.57 -32.36
CA PHE I 857 -78.71 56.27 -32.36
C PHE I 857 -77.23 56.41 -31.99
N TRP I 858 -76.74 57.64 -32.01
CA TRP I 858 -75.39 57.93 -31.57
C TRP I 858 -75.38 57.92 -30.04
N LYS I 859 -76.32 58.65 -29.44
CA LYS I 859 -76.51 58.62 -27.99
C LYS I 859 -76.70 57.20 -27.52
N GLU I 860 -77.38 56.41 -28.35
CA GLU I 860 -77.57 54.99 -28.10
C GLU I 860 -76.27 54.30 -27.77
N LEU I 861 -75.36 54.29 -28.74
CA LEU I 861 -74.10 53.58 -28.63
C LEU I 861 -73.22 54.19 -27.53
N ASP I 862 -73.42 55.48 -27.28
CA ASP I 862 -72.78 56.11 -26.14
C ASP I 862 -73.09 55.33 -24.87
N ASP I 863 -74.35 54.89 -24.75
CA ASP I 863 -74.84 54.31 -23.51
C ASP I 863 -74.64 52.82 -23.39
N LYS I 864 -74.48 52.15 -24.52
CA LYS I 864 -74.46 50.69 -24.51
C LYS I 864 -73.15 50.13 -25.05
N ILE I 865 -72.49 50.86 -25.94
CA ILE I 865 -71.27 50.38 -26.56
C ILE I 865 -70.06 51.12 -26.05
N PHE I 866 -70.05 52.44 -26.22
CA PHE I 866 -68.92 53.25 -25.82
C PHE I 866 -68.85 53.41 -24.30
N SER I 867 -69.88 52.93 -23.62
CA SER I 867 -69.89 52.97 -22.16
C SER I 867 -68.99 51.88 -21.58
N LEU I 868 -68.85 50.79 -22.31
CA LEU I 868 -68.08 49.65 -21.84
C LEU I 868 -66.59 49.84 -22.11
N ASP I 869 -65.76 49.20 -21.31
CA ASP I 869 -64.31 49.31 -21.47
C ASP I 869 -63.91 48.63 -22.76
N ARG I 870 -62.89 49.17 -23.41
CA ARG I 870 -62.45 48.69 -24.72
C ARG I 870 -62.67 47.20 -24.96
N SER I 871 -62.08 46.37 -24.12
CA SER I 871 -62.18 44.92 -24.27
C SER I 871 -63.61 44.42 -24.50
N LYS I 872 -64.46 44.61 -23.51
CA LYS I 872 -65.81 44.07 -23.50
C LYS I 872 -66.69 44.63 -24.61
N ARG I 873 -66.19 45.65 -25.29
CA ARG I 873 -66.91 46.33 -26.38
C ARG I 873 -67.16 45.44 -27.60
N VAL I 874 -66.07 44.91 -28.15
CA VAL I 874 -66.16 44.14 -29.38
C VAL I 874 -67.16 43.00 -29.24
N ALA I 875 -67.13 42.35 -28.09
CA ALA I 875 -68.06 41.28 -27.79
C ALA I 875 -69.50 41.74 -27.85
N GLU I 876 -69.80 42.87 -27.20
CA GLU I 876 -71.15 43.41 -27.14
C GLU I 876 -71.64 43.90 -28.51
N LEU I 877 -70.70 44.26 -29.36
CA LEU I 877 -71.05 44.62 -30.73
C LEU I 877 -71.57 43.41 -31.47
N LYS I 878 -70.81 42.31 -31.43
CA LYS I 878 -71.22 41.08 -32.09
C LYS I 878 -72.61 40.61 -31.67
N LYS I 879 -73.03 40.95 -30.46
CA LYS I 879 -74.32 40.47 -29.99
C LYS I 879 -75.47 41.31 -30.55
N ARG I 880 -75.23 42.60 -30.74
CA ARG I 880 -76.25 43.47 -31.30
C ARG I 880 -75.92 43.81 -32.75
N ARG I 881 -75.14 42.95 -33.39
CA ARG I 881 -74.57 43.28 -34.70
C ARG I 881 -75.62 43.71 -35.68
N ASP I 882 -76.48 42.78 -36.07
CA ASP I 882 -77.48 43.04 -37.10
C ASP I 882 -78.45 44.13 -36.70
N TYR I 883 -78.56 44.40 -35.40
CA TYR I 883 -79.32 45.54 -34.93
C TYR I 883 -78.60 46.84 -35.26
N ILE I 884 -77.38 46.95 -34.75
CA ILE I 884 -76.55 48.12 -34.99
C ILE I 884 -76.35 48.35 -36.47
N ILE I 885 -76.37 47.27 -37.24
CA ILE I 885 -76.14 47.34 -38.68
C ILE I 885 -77.37 47.89 -39.38
N LYS I 886 -78.55 47.55 -38.86
CA LYS I 886 -79.77 48.16 -39.38
C LYS I 886 -79.75 49.64 -39.06
N LYS I 887 -79.73 49.99 -37.78
CA LYS I 887 -79.74 51.40 -37.39
C LYS I 887 -78.61 52.18 -38.06
N LEU I 888 -77.53 51.48 -38.40
CA LEU I 888 -76.44 52.09 -39.11
C LEU I 888 -76.91 52.43 -40.53
N ASN I 889 -77.39 51.42 -41.25
CA ASN I 889 -77.90 51.55 -42.62
C ASN I 889 -79.05 52.55 -42.75
N ASP I 890 -79.92 52.55 -41.74
CA ASP I 890 -81.17 53.29 -41.82
C ASP I 890 -81.01 54.77 -41.50
N ASP I 891 -80.56 55.11 -40.30
CA ASP I 891 -80.49 56.52 -39.94
C ASP I 891 -79.20 57.05 -39.31
N PHE I 892 -78.04 56.70 -39.87
CA PHE I 892 -76.82 57.39 -39.46
C PHE I 892 -76.00 58.00 -40.58
N GLN I 893 -75.30 59.10 -40.27
CA GLN I 893 -74.44 59.82 -41.20
C GLN I 893 -73.55 58.92 -42.04
N LYS I 894 -73.14 57.80 -41.48
CA LYS I 894 -72.29 56.84 -42.18
C LYS I 894 -72.98 55.51 -42.20
N VAL I 895 -73.06 54.92 -43.39
CA VAL I 895 -73.83 53.70 -43.57
C VAL I 895 -72.94 52.50 -43.41
N TRP I 896 -73.55 51.32 -43.31
CA TRP I 896 -72.83 50.06 -43.24
C TRP I 896 -72.36 49.65 -44.63
N PHE I 897 -71.05 49.53 -44.80
CA PHE I 897 -70.46 49.28 -46.10
C PHE I 897 -70.83 47.92 -46.68
N GLY I 898 -71.79 47.25 -46.07
CA GLY I 898 -72.00 45.84 -46.35
C GLY I 898 -72.91 45.40 -47.49
N ARG I 899 -73.28 46.33 -48.36
CA ARG I 899 -74.23 45.97 -49.42
C ARG I 899 -73.70 44.88 -50.33
N ASN I 900 -74.62 44.09 -50.88
CA ASN I 900 -74.29 43.15 -51.96
C ASN I 900 -74.95 43.57 -53.27
N SER I 901 -74.62 42.88 -54.35
CA SER I 901 -75.15 43.20 -55.66
C SER I 901 -76.67 43.41 -55.63
N ALA I 902 -77.40 42.45 -55.06
CA ALA I 902 -78.85 42.47 -55.05
C ALA I 902 -79.44 43.71 -54.37
N GLY I 903 -78.70 44.26 -53.42
CA GLY I 903 -79.15 45.45 -52.73
C GLY I 903 -79.10 45.30 -51.22
N GLU I 904 -79.27 44.07 -50.74
CA GLU I 904 -79.27 43.80 -49.31
C GLU I 904 -77.89 43.99 -48.68
N PRO I 905 -77.86 44.08 -47.35
CA PRO I 905 -76.59 44.24 -46.65
C PRO I 905 -76.04 42.89 -46.27
N VAL I 906 -74.71 42.77 -46.25
CA VAL I 906 -74.05 41.52 -45.89
C VAL I 906 -72.80 41.84 -45.12
N ASP I 907 -72.02 40.82 -44.81
CA ASP I 907 -70.75 41.06 -44.14
C ASP I 907 -69.74 41.49 -45.18
N LEU I 908 -68.81 42.36 -44.80
CA LEU I 908 -67.76 42.79 -45.71
C LEU I 908 -67.07 41.54 -46.22
N GLU I 909 -66.97 40.55 -45.35
CA GLU I 909 -66.24 39.33 -45.64
C GLU I 909 -66.98 38.47 -46.69
N ASP I 910 -68.21 38.88 -46.99
CA ASP I 910 -69.09 38.13 -47.89
C ASP I 910 -69.27 38.79 -49.25
N MET I 911 -68.77 40.02 -49.40
CA MET I 911 -68.86 40.74 -50.66
C MET I 911 -67.85 40.19 -51.67
N THR I 912 -68.18 40.30 -52.96
CA THR I 912 -67.24 39.94 -54.00
C THR I 912 -66.34 41.14 -54.27
N TYR I 913 -65.18 40.90 -54.88
CA TYR I 913 -64.25 41.99 -55.19
C TYR I 913 -64.94 43.12 -55.92
N ALA I 914 -65.58 42.78 -57.03
CA ALA I 914 -66.42 43.69 -57.77
C ALA I 914 -67.29 44.47 -56.80
N GLU I 915 -68.17 43.76 -56.11
CA GLU I 915 -69.13 44.40 -55.21
C GLU I 915 -68.48 45.41 -54.29
N VAL I 916 -67.25 45.16 -53.88
CA VAL I 916 -66.57 46.09 -52.98
C VAL I 916 -66.14 47.34 -53.73
N VAL I 917 -65.40 47.17 -54.81
CA VAL I 917 -64.98 48.32 -55.60
C VAL I 917 -66.18 49.17 -56.00
N HIS I 918 -67.27 48.51 -56.38
CA HIS I 918 -68.51 49.21 -56.68
C HIS I 918 -69.05 50.00 -55.49
N ARG I 919 -69.26 49.33 -54.36
CA ARG I 919 -69.78 49.97 -53.15
C ARG I 919 -68.88 51.12 -52.70
N MET I 920 -67.60 51.03 -53.05
CA MET I 920 -66.69 52.10 -52.73
C MET I 920 -67.11 53.33 -53.51
N VAL I 921 -67.17 53.20 -54.83
CA VAL I 921 -67.62 54.28 -55.70
C VAL I 921 -68.97 54.80 -55.26
N GLU I 922 -69.95 53.90 -55.12
CA GLU I 922 -71.29 54.26 -54.67
C GLU I 922 -71.32 55.22 -53.50
N LEU I 923 -70.47 54.98 -52.51
CA LEU I 923 -70.53 55.69 -51.22
C LEU I 923 -69.57 56.88 -51.06
N MET I 924 -68.73 57.12 -52.06
CA MET I 924 -67.76 58.20 -51.99
C MET I 924 -67.85 59.16 -53.18
N TYR I 925 -68.43 58.70 -54.29
CA TYR I 925 -68.64 59.53 -55.48
C TYR I 925 -70.12 59.85 -55.63
N VAL I 926 -70.45 61.14 -55.55
CA VAL I 926 -71.82 61.60 -55.66
C VAL I 926 -72.23 61.59 -57.13
N LYS I 927 -73.12 60.67 -57.49
CA LYS I 927 -73.53 60.49 -58.88
C LYS I 927 -74.08 61.76 -59.54
N HIS I 928 -75.16 62.28 -59.00
CA HIS I 928 -75.86 63.40 -59.61
C HIS I 928 -75.10 64.73 -59.55
N GLU I 929 -73.87 64.71 -59.07
CA GLU I 929 -73.04 65.91 -59.05
C GLU I 929 -71.68 65.66 -59.71
N LYS I 930 -71.48 64.45 -60.20
CA LYS I 930 -70.23 64.04 -60.84
C LYS I 930 -68.98 64.50 -60.10
N ARG I 931 -68.93 64.23 -58.80
CA ARG I 931 -67.80 64.61 -57.95
C ARG I 931 -67.53 63.59 -56.87
N TRP I 932 -66.26 63.48 -56.49
CA TRP I 932 -65.87 62.69 -55.33
C TRP I 932 -65.90 63.57 -54.09
N ILE I 933 -66.38 63.02 -52.98
CA ILE I 933 -66.42 63.74 -51.72
C ILE I 933 -65.03 64.30 -51.34
N ASP I 934 -64.00 63.72 -51.94
CA ASP I 934 -62.64 64.16 -51.69
C ASP I 934 -61.70 63.36 -52.55
N PRO I 935 -60.77 64.03 -53.23
CA PRO I 935 -59.76 63.37 -54.07
C PRO I 935 -59.10 62.19 -53.36
N SER I 936 -58.74 62.36 -52.10
CA SER I 936 -58.15 61.28 -51.32
C SER I 936 -58.96 59.99 -51.41
N LEU I 937 -60.27 60.11 -51.27
CA LEU I 937 -61.15 58.95 -51.30
C LEU I 937 -61.25 58.35 -52.70
N LYS I 938 -60.96 59.16 -53.72
CA LYS I 938 -60.91 58.63 -55.09
C LYS I 938 -59.63 57.84 -55.21
N LYS I 939 -58.56 58.33 -54.58
CA LYS I 939 -57.31 57.61 -54.56
C LYS I 939 -57.53 56.26 -53.89
N LEU I 940 -58.06 56.29 -52.68
CA LEU I 940 -58.43 55.08 -51.97
C LEU I 940 -59.09 54.07 -52.90
N THR I 941 -60.30 54.38 -53.34
CA THR I 941 -61.02 53.51 -54.27
C THR I 941 -60.13 53.07 -55.43
N GLY I 942 -59.25 53.95 -55.88
CA GLY I 942 -58.34 53.62 -56.95
C GLY I 942 -57.34 52.58 -56.53
N ASP I 943 -56.75 52.77 -55.36
CA ASP I 943 -55.73 51.85 -54.87
C ASP I 943 -56.28 50.44 -54.67
N PHE I 944 -57.44 50.32 -54.05
CA PHE I 944 -58.02 49.02 -53.86
C PHE I 944 -58.25 48.33 -55.20
N ILE I 945 -58.71 49.11 -56.19
CA ILE I 945 -58.92 48.60 -57.53
C ILE I 945 -57.61 48.00 -58.01
N ARG I 946 -56.54 48.77 -57.87
CA ARG I 946 -55.20 48.33 -58.23
C ARG I 946 -54.93 46.98 -57.59
N ARG I 947 -55.39 46.83 -56.36
CA ARG I 947 -55.17 45.60 -55.61
C ARG I 947 -55.87 44.45 -56.28
N VAL I 948 -57.16 44.63 -56.55
CA VAL I 948 -57.95 43.58 -57.13
C VAL I 948 -57.29 43.09 -58.38
N GLU I 949 -56.74 44.03 -59.14
CA GLU I 949 -55.91 43.72 -60.29
C GLU I 949 -54.88 42.69 -59.90
N GLU I 950 -54.01 43.08 -58.96
CA GLU I 950 -52.91 42.25 -58.51
C GLU I 950 -53.38 40.85 -58.07
N ARG I 951 -54.44 40.81 -57.27
CA ARG I 951 -54.98 39.56 -56.77
C ARG I 951 -55.23 38.64 -57.92
N PHE I 952 -55.65 39.22 -59.04
CA PHE I 952 -56.15 38.42 -60.14
C PHE I 952 -55.24 38.34 -61.36
N THR I 953 -54.04 38.90 -61.24
CA THR I 953 -53.02 38.68 -62.26
C THR I 953 -51.97 37.78 -61.68
N SER I 954 -51.39 36.92 -62.51
CA SER I 954 -50.43 35.95 -62.00
C SER I 954 -49.21 35.80 -62.92
N VAL I 955 -48.93 36.82 -63.72
CA VAL I 955 -47.70 36.85 -64.51
C VAL I 955 -47.15 38.27 -64.62
N GLU I 956 -45.84 38.41 -64.49
CA GLU I 956 -45.23 39.73 -64.54
C GLU I 956 -45.27 40.27 -65.95
N GLY I 957 -45.38 41.58 -66.06
CA GLY I 957 -45.38 42.21 -67.36
C GLY I 957 -46.62 43.05 -67.61
N GLN I 958 -47.79 42.47 -67.34
CA GLN I 958 -49.05 43.15 -67.57
C GLN I 958 -49.11 44.44 -66.75
N PRO I 959 -49.39 45.58 -67.40
CA PRO I 959 -49.53 46.85 -66.69
C PRO I 959 -50.94 47.07 -66.17
N SER I 960 -51.11 48.08 -65.34
CA SER I 960 -52.40 48.35 -64.73
C SER I 960 -53.34 48.99 -65.73
N LEU I 961 -54.62 48.63 -65.65
CA LEU I 961 -55.64 49.20 -66.52
C LEU I 961 -56.02 50.57 -66.01
N LEU I 962 -55.88 50.74 -64.70
CA LEU I 962 -56.02 52.05 -64.08
C LEU I 962 -54.63 52.62 -63.91
N GLN I 963 -54.13 53.29 -64.95
CA GLN I 963 -52.76 53.80 -64.96
C GLN I 963 -52.61 55.20 -64.35
N ASN I 964 -53.68 55.98 -64.40
CA ASN I 964 -53.74 57.29 -63.72
C ASN I 964 -55.06 57.46 -62.99
N TYR I 965 -55.01 57.91 -61.74
CA TYR I 965 -56.22 58.06 -60.94
C TYR I 965 -57.18 59.04 -61.59
N SER I 966 -56.65 59.80 -62.54
CA SER I 966 -57.46 60.69 -63.36
C SER I 966 -58.62 59.91 -63.97
N ASP I 967 -58.36 58.64 -64.30
CA ASP I 967 -59.37 57.76 -64.89
C ASP I 967 -60.66 57.69 -64.07
N LEU I 968 -60.53 57.75 -62.75
CA LEU I 968 -61.68 57.60 -61.86
C LEU I 968 -62.50 58.85 -61.79
N ASP I 969 -62.12 59.89 -62.53
CA ASP I 969 -62.82 61.17 -62.46
C ASP I 969 -64.29 61.01 -62.87
N GLU I 970 -64.51 60.41 -64.03
CA GLU I 970 -65.82 59.83 -64.35
C GLU I 970 -65.68 58.31 -64.25
N PRO I 971 -66.03 57.78 -63.08
CA PRO I 971 -65.60 56.48 -62.57
C PRO I 971 -66.44 55.35 -63.11
N TYR I 972 -67.71 55.36 -62.72
CA TYR I 972 -68.61 54.25 -63.02
C TYR I 972 -68.51 53.79 -64.49
N PRO I 973 -68.35 54.73 -65.44
CA PRO I 973 -68.12 54.36 -66.85
C PRO I 973 -66.82 53.57 -67.09
N ALA I 974 -65.73 54.00 -66.44
CA ALA I 974 -64.41 53.39 -66.63
C ALA I 974 -64.18 52.15 -65.76
N VAL I 975 -64.56 52.24 -64.48
CA VAL I 975 -64.40 51.15 -63.54
C VAL I 975 -64.78 49.80 -64.13
N ASP I 976 -65.99 49.73 -64.68
CA ASP I 976 -66.55 48.49 -65.21
C ASP I 976 -65.64 47.88 -66.25
N ARG I 977 -64.92 48.74 -66.94
CA ARG I 977 -63.94 48.31 -67.93
C ARG I 977 -62.84 47.47 -67.26
N ILE I 978 -62.23 48.01 -66.22
CA ILE I 978 -61.16 47.31 -65.51
C ILE I 978 -61.66 46.01 -64.90
N LEU I 979 -62.71 46.13 -64.10
CA LEU I 979 -63.30 45.01 -63.42
C LEU I 979 -63.65 43.88 -64.36
N ALA I 980 -63.93 44.23 -65.61
CA ALA I 980 -64.34 43.23 -66.59
C ALA I 980 -63.12 42.56 -67.20
N ALA I 981 -61.98 43.22 -67.07
CA ALA I 981 -60.73 42.67 -67.56
C ALA I 981 -60.25 41.54 -66.66
N TYR I 982 -60.74 41.56 -65.43
CA TYR I 982 -60.42 40.53 -64.46
C TYR I 982 -61.71 39.87 -64.02
N PRO I 983 -62.21 38.94 -64.84
CA PRO I 983 -63.51 38.28 -64.78
C PRO I 983 -63.87 37.84 -63.37
N GLU I 984 -63.03 36.97 -62.81
CA GLU I 984 -63.31 36.28 -61.55
C GLU I 984 -63.53 37.23 -60.40
N ALA I 985 -63.12 38.47 -60.56
CA ALA I 985 -63.32 39.50 -59.54
C ALA I 985 -64.79 39.77 -59.30
N SER I 986 -65.66 39.00 -59.95
CA SER I 986 -67.10 39.12 -59.79
C SER I 986 -67.67 37.79 -59.35
N THR I 987 -66.80 36.80 -59.24
CA THR I 987 -67.17 35.43 -58.89
C THR I 987 -66.89 35.09 -57.43
N GLN I 988 -65.73 35.54 -56.93
CA GLN I 988 -65.25 35.19 -55.59
C GLN I 988 -65.08 36.38 -54.64
N LEU I 989 -65.27 36.13 -53.34
CA LEU I 989 -65.28 37.18 -52.33
C LEU I 989 -63.87 37.60 -51.98
N ILE I 990 -63.71 38.70 -51.24
CA ILE I 990 -62.38 39.15 -50.87
C ILE I 990 -61.62 38.05 -50.14
N ASN I 991 -60.31 37.98 -50.39
CA ASN I 991 -59.44 37.16 -49.54
C ASN I 991 -59.56 37.66 -48.12
N ALA I 992 -59.38 36.78 -47.15
CA ALA I 992 -59.41 37.21 -45.78
C ALA I 992 -58.33 38.27 -45.68
N GLN I 993 -57.19 37.95 -46.30
CA GLN I 993 -56.03 38.84 -46.33
C GLN I 993 -56.41 40.22 -46.87
N ASP I 994 -57.24 40.23 -47.90
CA ASP I 994 -57.57 41.45 -48.60
C ASP I 994 -58.56 42.29 -47.81
N VAL I 995 -59.47 41.64 -47.11
CA VAL I 995 -60.35 42.35 -46.20
C VAL I 995 -59.51 43.17 -45.23
N GLN I 996 -58.51 42.53 -44.64
CA GLN I 996 -57.62 43.19 -43.67
C GLN I 996 -56.92 44.40 -44.30
N HIS I 997 -56.53 44.24 -45.55
CA HIS I 997 -55.86 45.30 -46.31
C HIS I 997 -56.81 46.47 -46.54
N PHE I 998 -57.92 46.18 -47.20
CA PHE I 998 -58.99 47.13 -47.38
C PHE I 998 -59.12 47.94 -46.13
N LEU I 999 -59.28 47.26 -45.00
CA LEU I 999 -59.53 47.89 -43.70
C LEU I 999 -58.44 48.83 -43.23
N LEU I 1000 -57.20 48.53 -43.61
CA LEU I 1000 -56.08 49.41 -43.26
C LEU I 1000 -56.07 50.60 -44.20
N LEU I 1001 -56.52 50.38 -45.42
CA LEU I 1001 -56.60 51.43 -46.42
C LEU I 1001 -57.58 52.52 -46.02
N CYS I 1002 -58.65 52.12 -45.35
CA CYS I 1002 -59.66 53.07 -44.90
C CYS I 1002 -59.17 53.87 -43.68
N GLN I 1003 -57.96 53.56 -43.23
CA GLN I 1003 -57.42 54.14 -42.00
C GLN I 1003 -56.20 55.02 -42.25
N ARG I 1004 -55.58 54.91 -43.41
CA ARG I 1004 -54.32 55.60 -43.71
C ARG I 1004 -54.26 57.06 -43.27
N ARG I 1005 -53.06 57.55 -42.96
CA ARG I 1005 -52.87 58.95 -42.61
C ARG I 1005 -52.96 59.80 -43.87
N GLY I 1006 -53.65 60.93 -43.75
CA GLY I 1006 -53.75 61.87 -44.86
C GLY I 1006 -54.85 61.54 -45.85
N GLN I 1007 -55.83 60.77 -45.39
CA GLN I 1007 -57.02 60.48 -46.16
C GLN I 1007 -58.23 60.86 -45.37
N LYS I 1008 -59.22 61.44 -46.03
CA LYS I 1008 -60.42 61.82 -45.32
C LYS I 1008 -61.03 60.57 -44.75
N PRO I 1009 -61.42 60.61 -43.48
CA PRO I 1009 -62.06 59.47 -42.84
C PRO I 1009 -63.19 58.92 -43.70
N VAL I 1010 -63.10 57.64 -44.04
CA VAL I 1010 -64.13 56.95 -44.78
C VAL I 1010 -65.55 57.33 -44.35
N PRO I 1011 -66.44 57.53 -45.33
CA PRO I 1011 -67.84 57.96 -45.10
C PRO I 1011 -68.78 56.81 -44.77
N PHE I 1012 -68.29 55.81 -44.04
CA PHE I 1012 -69.10 54.66 -43.67
C PHE I 1012 -68.47 53.88 -42.52
N VAL I 1013 -69.00 52.68 -42.26
CA VAL I 1013 -68.42 51.77 -41.29
C VAL I 1013 -68.18 50.41 -41.93
N PRO I 1014 -66.92 49.99 -42.04
CA PRO I 1014 -66.43 48.79 -42.73
C PRO I 1014 -66.68 47.48 -41.96
N ALA I 1015 -66.55 47.55 -40.64
CA ALA I 1015 -67.04 46.50 -39.76
C ALA I 1015 -67.07 47.00 -38.31
N LEU I 1016 -67.56 46.17 -37.40
CA LEU I 1016 -67.72 46.59 -36.02
C LEU I 1016 -66.57 46.10 -35.16
N ASP I 1017 -65.34 46.44 -35.55
CA ASP I 1017 -64.15 45.94 -34.87
C ASP I 1017 -63.75 46.74 -33.61
N GLU I 1018 -62.48 46.59 -33.24
CA GLU I 1018 -61.95 47.26 -32.06
C GLU I 1018 -61.94 48.76 -32.26
N ASN I 1019 -62.19 49.20 -33.49
CA ASN I 1019 -62.09 50.60 -33.88
C ASN I 1019 -63.43 51.22 -34.19
N PHE I 1020 -64.50 50.49 -33.90
CA PHE I 1020 -65.84 50.91 -34.27
C PHE I 1020 -66.18 52.32 -33.85
N GLU I 1021 -65.64 52.77 -32.72
CA GLU I 1021 -65.87 54.14 -32.28
C GLU I 1021 -65.27 55.16 -33.25
N TYR I 1022 -64.05 54.90 -33.70
CA TYR I 1022 -63.39 55.72 -34.72
C TYR I 1022 -64.20 55.73 -36.00
N TRP I 1023 -64.54 54.53 -36.48
CA TRP I 1023 -65.31 54.38 -37.70
C TRP I 1023 -66.57 55.24 -37.66
N PHE I 1024 -67.22 55.22 -36.50
CA PHE I 1024 -68.50 55.87 -36.26
C PHE I 1024 -68.41 57.40 -36.22
N LYS I 1025 -67.58 57.91 -35.31
CA LYS I 1025 -67.64 59.34 -34.96
C LYS I 1025 -66.41 60.19 -35.25
N LYS I 1026 -65.58 59.82 -36.23
CA LYS I 1026 -64.53 60.72 -36.65
C LYS I 1026 -64.97 61.59 -37.83
N ASP I 1027 -64.67 62.88 -37.77
CA ASP I 1027 -65.01 63.78 -38.86
C ASP I 1027 -66.46 63.57 -39.23
N SER I 1028 -67.35 64.11 -38.41
CA SER I 1028 -68.79 63.86 -38.52
C SER I 1028 -69.57 65.05 -39.06
N LEU I 1029 -69.19 66.24 -38.63
CA LEU I 1029 -69.94 67.46 -38.90
C LEU I 1029 -69.87 68.07 -40.32
N TRP I 1030 -68.86 67.69 -41.10
CA TRP I 1030 -68.71 68.16 -42.49
C TRP I 1030 -69.95 67.83 -43.34
N GLN I 1031 -70.65 66.78 -42.95
CA GLN I 1031 -71.77 66.24 -43.69
C GLN I 1031 -72.99 67.09 -43.45
N SER I 1032 -73.00 67.81 -42.33
CA SER I 1032 -74.03 68.81 -42.07
C SER I 1032 -74.01 69.89 -43.14
N GLU I 1033 -72.81 70.40 -43.42
CA GLU I 1033 -72.66 71.46 -44.40
C GLU I 1033 -72.49 70.95 -45.83
N ASP I 1034 -72.96 69.72 -46.06
CA ASP I 1034 -72.99 69.16 -47.42
C ASP I 1034 -73.91 67.94 -47.51
N ILE I 1035 -75.20 68.17 -47.31
CA ILE I 1035 -76.15 67.10 -47.26
C ILE I 1035 -76.30 66.45 -48.62
N GLU I 1036 -75.70 67.06 -49.62
CA GLU I 1036 -75.79 66.51 -50.98
C GLU I 1036 -74.97 65.22 -51.10
N ALA I 1037 -73.91 65.12 -50.30
CA ALA I 1037 -73.05 63.94 -50.31
C ALA I 1037 -73.66 62.82 -49.49
N VAL I 1038 -74.31 63.20 -48.40
CA VAL I 1038 -74.92 62.24 -47.49
C VAL I 1038 -75.84 61.25 -48.21
N TYR I 1039 -75.78 59.98 -47.77
CA TYR I 1039 -76.69 58.95 -48.26
C TYR I 1039 -78.12 59.39 -48.09
N GLY I 1040 -78.88 59.35 -49.18
CA GLY I 1040 -80.26 59.76 -49.15
C GLY I 1040 -80.42 61.27 -49.06
N GLN I 1041 -79.37 61.92 -48.59
CA GLN I 1041 -79.34 63.37 -48.52
C GLN I 1041 -80.32 63.95 -47.51
N ASP I 1042 -80.73 63.15 -46.53
CA ASP I 1042 -81.62 63.69 -45.52
C ASP I 1042 -80.85 64.04 -44.25
N VAL I 1043 -81.20 65.18 -43.67
CA VAL I 1043 -80.55 65.63 -42.46
C VAL I 1043 -80.93 64.71 -41.35
N GLY I 1044 -81.97 63.93 -41.57
CA GLY I 1044 -82.46 63.02 -40.55
C GLY I 1044 -81.35 62.23 -39.88
N ARG I 1045 -80.28 61.96 -40.61
CA ARG I 1045 -79.19 61.14 -40.09
C ARG I 1045 -77.93 61.93 -39.83
N THR I 1046 -78.06 63.26 -39.75
CA THR I 1046 -76.90 64.14 -39.76
C THR I 1046 -76.60 64.82 -38.42
N CYS I 1047 -75.37 65.31 -38.30
CA CYS I 1047 -74.85 65.87 -37.07
C CYS I 1047 -74.78 67.40 -37.16
N ILE I 1048 -75.71 68.08 -36.50
CA ILE I 1048 -75.71 69.53 -36.50
C ILE I 1048 -75.61 70.10 -35.11
N LEU I 1049 -74.65 71.00 -34.89
CA LEU I 1049 -74.43 71.54 -33.56
C LEU I 1049 -75.35 72.71 -33.30
N GLN I 1050 -75.94 72.75 -32.11
CA GLN I 1050 -76.86 73.84 -31.72
C GLN I 1050 -77.02 73.95 -30.20
N GLY I 1051 -77.06 75.17 -29.71
CA GLY I 1051 -77.37 75.43 -28.32
C GLY I 1051 -78.83 75.09 -28.08
N PRO I 1052 -79.19 74.80 -26.83
CA PRO I 1052 -80.56 74.44 -26.46
C PRO I 1052 -81.50 75.63 -26.49
N VAL I 1053 -80.98 76.79 -26.14
CA VAL I 1053 -81.80 77.98 -25.98
C VAL I 1053 -81.86 78.80 -27.27
N ALA I 1054 -80.72 78.96 -27.95
CA ALA I 1054 -80.68 79.74 -29.19
C ALA I 1054 -81.30 79.03 -30.43
N ALA I 1055 -82.37 78.29 -30.23
CA ALA I 1055 -82.95 77.49 -31.29
C ALA I 1055 -84.30 78.06 -31.68
N LYS I 1056 -84.94 78.69 -30.70
CA LYS I 1056 -86.18 79.42 -30.93
C LYS I 1056 -85.81 80.72 -31.61
N TYR I 1057 -84.65 81.25 -31.25
CA TYR I 1057 -84.20 82.54 -31.74
C TYR I 1057 -83.84 82.54 -33.23
N SER I 1058 -84.16 81.45 -33.92
CA SER I 1058 -84.01 81.38 -35.36
C SER I 1058 -85.32 80.91 -35.95
N LYS I 1059 -85.92 81.72 -36.82
CA LYS I 1059 -87.20 81.36 -37.41
C LYS I 1059 -87.27 81.41 -38.94
N VAL I 1060 -86.33 82.11 -39.57
CA VAL I 1060 -86.27 82.15 -41.03
C VAL I 1060 -84.94 81.65 -41.57
N ILE I 1061 -85.02 80.82 -42.59
CA ILE I 1061 -83.84 80.33 -43.27
C ILE I 1061 -83.14 81.49 -43.97
N ASP I 1062 -81.94 81.21 -44.48
CA ASP I 1062 -81.25 82.04 -45.48
C ASP I 1062 -81.28 83.56 -45.34
N GLU I 1063 -81.30 84.06 -44.11
CA GLU I 1063 -81.19 85.50 -43.89
C GLU I 1063 -79.75 85.95 -44.10
N PRO I 1064 -79.53 86.97 -44.95
CA PRO I 1064 -78.16 87.49 -45.15
C PRO I 1064 -77.57 87.98 -43.83
N ILE I 1065 -76.26 87.84 -43.64
CA ILE I 1065 -75.67 88.10 -42.34
C ILE I 1065 -75.84 89.55 -41.97
N LYS I 1066 -75.48 90.43 -42.90
CA LYS I 1066 -75.51 91.85 -42.62
C LYS I 1066 -76.88 92.24 -42.10
N ASP I 1067 -77.90 91.49 -42.50
CA ASP I 1067 -79.25 91.73 -41.99
C ASP I 1067 -79.34 91.37 -40.53
N ILE I 1068 -79.20 90.09 -40.23
CA ILE I 1068 -79.20 89.60 -38.86
C ILE I 1068 -78.39 90.51 -37.97
N LEU I 1069 -77.14 90.73 -38.37
CA LEU I 1069 -76.19 91.51 -37.60
C LEU I 1069 -76.57 92.99 -37.51
N ASP I 1070 -76.61 93.69 -38.65
CA ASP I 1070 -77.02 95.09 -38.69
C ASP I 1070 -78.28 95.22 -37.84
N GLY I 1071 -79.28 94.40 -38.15
CA GLY I 1071 -80.52 94.38 -37.40
C GLY I 1071 -80.32 94.41 -35.90
N ILE I 1072 -79.54 93.46 -35.39
CA ILE I 1072 -79.28 93.37 -33.95
C ILE I 1072 -78.59 94.60 -33.40
N HIS I 1073 -77.68 95.20 -34.17
CA HIS I 1073 -76.99 96.40 -33.71
C HIS I 1073 -77.92 97.61 -33.71
N ASN I 1074 -78.75 97.71 -34.74
CA ASN I 1074 -79.62 98.86 -34.92
C ASN I 1074 -80.79 98.91 -33.94
N ASP I 1075 -81.31 97.74 -33.59
CA ASP I 1075 -82.27 97.65 -32.49
C ASP I 1075 -81.57 98.10 -31.21
N HIS I 1076 -80.28 97.82 -31.11
CA HIS I 1076 -79.52 98.20 -29.92
C HIS I 1076 -79.37 99.71 -29.83
N ILE I 1077 -78.92 100.35 -30.92
CA ILE I 1077 -78.74 101.79 -30.93
C ILE I 1077 -80.08 102.50 -30.79
N LYS I 1078 -81.15 101.90 -31.32
CA LYS I 1078 -82.50 102.44 -31.15
C LYS I 1078 -82.99 102.30 -29.72
N PHE I 1079 -83.00 101.07 -29.22
CA PHE I 1079 -83.27 100.80 -27.80
C PHE I 1079 -82.51 101.79 -26.93
N LEU I 1080 -81.27 102.04 -27.30
CA LEU I 1080 -80.32 102.79 -26.48
C LEU I 1080 -80.62 104.28 -26.53
N LEU I 1081 -80.93 104.76 -27.72
CA LEU I 1081 -81.31 106.14 -27.94
C LEU I 1081 -82.57 106.42 -27.14
N ARG I 1082 -83.62 105.69 -27.45
CA ARG I 1082 -84.91 105.86 -26.80
C ARG I 1082 -84.86 105.70 -25.28
N ASP I 1083 -83.83 105.03 -24.77
CA ASP I 1083 -83.75 104.76 -23.34
C ASP I 1083 -82.80 105.71 -22.61
N LEU I 1084 -81.94 106.41 -23.36
CA LEU I 1084 -80.94 107.32 -22.77
C LEU I 1084 -80.65 108.60 -23.55
N TYR I 1085 -81.57 109.01 -24.40
CA TYR I 1085 -81.42 110.20 -25.23
C TYR I 1085 -82.79 110.73 -25.64
N ASP I 1086 -83.82 110.07 -25.09
CA ASP I 1086 -85.23 110.23 -25.45
C ASP I 1086 -85.53 110.62 -26.91
N GLY I 1087 -85.02 109.82 -27.85
CA GLY I 1087 -85.32 109.98 -29.26
C GLY I 1087 -84.39 110.96 -29.94
N LYS I 1088 -83.79 111.84 -29.15
CA LYS I 1088 -83.02 112.97 -29.68
C LYS I 1088 -81.62 112.59 -30.11
N GLU I 1089 -81.45 112.34 -31.40
CA GLU I 1089 -80.16 111.95 -31.97
C GLU I 1089 -79.20 113.12 -31.98
N GLU I 1090 -79.73 114.30 -31.64
CA GLU I 1090 -78.90 115.47 -31.46
C GLU I 1090 -78.04 115.32 -30.20
N ASN I 1091 -78.56 114.55 -29.24
CA ASN I 1091 -77.86 114.29 -27.97
C ASN I 1091 -76.68 113.33 -28.13
N VAL I 1092 -76.71 112.54 -29.17
CA VAL I 1092 -75.64 111.58 -29.46
C VAL I 1092 -74.37 112.31 -29.86
N PRO I 1093 -73.35 112.28 -29.00
CA PRO I 1093 -72.07 112.95 -29.26
C PRO I 1093 -71.48 112.49 -30.59
N VAL I 1094 -70.53 113.26 -31.13
CA VAL I 1094 -69.95 112.91 -32.41
C VAL I 1094 -68.43 113.11 -32.47
N ILE I 1095 -67.75 112.14 -33.08
CA ILE I 1095 -66.30 112.18 -33.20
C ILE I 1095 -65.91 112.15 -34.67
N GLU I 1096 -64.70 112.61 -34.97
CA GLU I 1096 -64.16 112.52 -36.32
C GLU I 1096 -64.25 111.10 -36.88
N TYR I 1097 -63.45 110.19 -36.34
CA TYR I 1097 -63.51 108.79 -36.74
C TYR I 1097 -63.74 107.91 -35.50
N PHE I 1098 -64.26 106.70 -35.69
CA PHE I 1098 -64.47 105.83 -34.52
C PHE I 1098 -63.20 105.10 -34.10
N GLY I 1099 -62.40 105.76 -33.25
CA GLY I 1099 -61.15 105.21 -32.75
C GLY I 1099 -61.14 105.08 -31.25
N GLY I 1100 -59.95 104.94 -30.67
CA GLY I 1100 -59.82 104.70 -29.25
C GLY I 1100 -60.02 105.94 -28.38
N ARG I 1101 -60.70 105.78 -27.25
CA ARG I 1101 -60.98 106.89 -26.35
C ARG I 1101 -59.72 107.68 -26.06
N ILE I 1102 -59.89 108.95 -25.69
CA ILE I 1102 -58.73 109.78 -25.37
C ILE I 1102 -58.70 110.24 -23.91
N LEU I 1103 -57.49 110.30 -23.37
CA LEU I 1103 -57.27 110.62 -21.97
C LEU I 1103 -57.37 112.11 -21.68
N LYS I 1104 -58.27 112.48 -20.76
CA LYS I 1104 -58.42 113.87 -20.32
C LYS I 1104 -57.46 114.21 -19.18
N ALA I 1105 -56.80 115.35 -19.30
CA ALA I 1105 -55.91 115.86 -18.25
C ALA I 1105 -56.41 117.20 -17.70
N THR I 1106 -56.73 117.21 -16.40
CA THR I 1106 -57.11 118.45 -15.72
C THR I 1106 -55.84 119.29 -15.45
N ASP I 1107 -54.68 118.71 -15.80
CA ASP I 1107 -53.41 119.44 -15.79
C ASP I 1107 -53.32 120.19 -17.10
N GLU I 1108 -53.31 119.42 -18.20
CA GLU I 1108 -53.07 119.96 -19.55
C GLU I 1108 -51.67 120.61 -19.63
N GLU I 1109 -50.84 120.30 -18.64
CA GLU I 1109 -49.47 120.79 -18.56
C GLU I 1109 -48.53 119.60 -18.50
N PRO I 1110 -47.45 119.62 -19.32
CA PRO I 1110 -46.46 118.53 -19.41
C PRO I 1110 -45.52 118.44 -18.19
N ASP I 1111 -45.83 117.53 -17.26
CA ASP I 1111 -44.99 117.25 -16.10
C ASP I 1111 -43.87 116.26 -16.45
N ILE I 1112 -43.28 116.44 -17.64
CA ILE I 1112 -42.38 115.46 -18.23
C ILE I 1112 -40.92 115.88 -18.15
N ASP I 1113 -40.08 114.94 -17.70
CA ASP I 1113 -38.64 115.19 -17.55
C ASP I 1113 -37.88 115.08 -18.87
N GLY I 1114 -36.86 115.93 -19.02
CA GLY I 1114 -36.08 115.98 -20.24
C GLY I 1114 -36.85 116.59 -21.40
N LEU I 1115 -38.09 117.00 -21.14
CA LEU I 1115 -38.92 117.62 -22.17
C LEU I 1115 -39.37 119.01 -21.75
N THR I 1116 -39.27 119.95 -22.68
CA THR I 1116 -39.76 121.30 -22.45
C THR I 1116 -40.90 121.59 -23.41
N ALA I 1117 -41.90 122.33 -22.93
CA ALA I 1117 -43.10 122.59 -23.71
C ALA I 1117 -43.45 124.07 -23.80
N SER I 1118 -43.51 124.59 -25.02
CA SER I 1118 -43.85 126.00 -25.27
C SER I 1118 -44.93 126.08 -26.35
N ARG I 1119 -45.68 127.19 -26.39
CA ARG I 1119 -46.64 127.39 -27.48
C ARG I 1119 -47.10 128.84 -27.68
N ASP I 1120 -47.40 129.17 -28.93
CA ASP I 1120 -48.03 130.45 -29.31
C ASP I 1120 -49.46 130.19 -29.72
N ALA I 1121 -49.97 131.04 -30.60
CA ALA I 1121 -51.25 130.79 -31.24
C ALA I 1121 -50.99 130.07 -32.56
N ASN I 1122 -49.72 130.09 -32.97
CA ASN I 1122 -49.32 129.52 -34.24
C ASN I 1122 -48.56 128.20 -34.14
N LYS I 1123 -47.90 127.98 -33.00
CA LYS I 1123 -46.96 126.86 -32.92
C LYS I 1123 -46.86 126.26 -31.53
N ILE I 1124 -46.87 124.92 -31.45
CA ILE I 1124 -46.51 124.22 -30.22
C ILE I 1124 -45.10 123.65 -30.32
N SER I 1125 -44.26 124.01 -29.35
CA SER I 1125 -42.87 123.59 -29.34
C SER I 1125 -42.60 122.53 -28.28
N TYR I 1126 -42.11 121.38 -28.71
CA TYR I 1126 -41.57 120.37 -27.82
C TYR I 1126 -40.12 120.13 -28.18
N ARG I 1127 -39.24 120.16 -27.18
CA ARG I 1127 -37.88 119.72 -27.43
C ARG I 1127 -37.25 119.04 -26.23
N LEU I 1128 -36.44 118.03 -26.53
CA LEU I 1128 -35.91 117.15 -25.50
C LEU I 1128 -34.48 117.50 -25.17
N SER I 1129 -34.20 117.56 -23.86
CA SER I 1129 -32.90 117.98 -23.34
C SER I 1129 -31.72 117.32 -24.04
N ASN I 1130 -30.79 118.15 -24.52
CA ASN I 1130 -29.63 117.64 -25.23
C ASN I 1130 -28.59 117.08 -24.26
N ALA I 1131 -28.87 117.23 -22.97
CA ALA I 1131 -28.02 116.65 -21.94
C ALA I 1131 -27.93 115.15 -22.15
N PRO I 1132 -26.71 114.61 -22.05
CA PRO I 1132 -26.47 113.17 -22.23
C PRO I 1132 -27.15 112.30 -21.16
N SER I 1133 -27.73 112.91 -20.13
CA SER I 1133 -28.39 112.14 -19.06
C SER I 1133 -29.54 111.29 -19.62
N ALA I 1134 -29.65 110.06 -19.13
CA ALA I 1134 -30.57 109.07 -19.69
C ALA I 1134 -32.05 109.30 -19.34
N ASN I 1135 -32.43 110.56 -19.12
CA ASN I 1135 -33.83 110.89 -18.84
C ASN I 1135 -34.59 111.44 -20.03
N LEU I 1136 -35.42 110.59 -20.63
CA LEU I 1136 -36.31 110.99 -21.71
C LEU I 1136 -37.67 110.32 -21.59
N PRO I 1137 -38.71 110.91 -22.19
CA PRO I 1137 -40.09 110.40 -22.15
C PRO I 1137 -40.23 109.06 -22.86
N ASP I 1138 -41.28 108.31 -22.50
CA ASP I 1138 -41.60 107.06 -23.18
C ASP I 1138 -41.78 107.37 -24.64
N VAL I 1139 -41.35 106.46 -25.52
CA VAL I 1139 -41.64 106.63 -26.92
C VAL I 1139 -43.16 106.67 -27.08
N ASP I 1140 -43.84 106.04 -26.13
CA ASP I 1140 -45.29 106.01 -26.09
C ASP I 1140 -45.89 107.34 -25.70
N SER I 1141 -45.51 107.83 -24.52
CA SER I 1141 -45.98 109.12 -24.04
C SER I 1141 -45.73 110.22 -25.07
N PHE I 1142 -44.51 110.23 -25.62
CA PHE I 1142 -44.07 111.24 -26.57
C PHE I 1142 -44.96 111.31 -27.82
N MET I 1143 -45.68 110.23 -28.09
CA MET I 1143 -46.55 110.19 -29.25
C MET I 1143 -48.00 110.44 -28.89
N GLN I 1144 -48.36 110.18 -27.64
CA GLN I 1144 -49.68 110.56 -27.12
C GLN I 1144 -49.79 112.08 -27.13
N LEU I 1145 -48.65 112.73 -26.96
CA LEU I 1145 -48.58 114.18 -26.90
C LEU I 1145 -48.78 114.79 -28.28
N ILE I 1146 -47.91 114.42 -29.21
CA ILE I 1146 -47.97 114.92 -30.58
C ILE I 1146 -49.29 114.54 -31.28
N ALA I 1147 -50.02 113.58 -30.73
CA ALA I 1147 -51.29 113.16 -31.32
C ALA I 1147 -52.40 114.18 -31.06
N GLY I 1148 -52.44 114.69 -29.83
CA GLY I 1148 -53.44 115.67 -29.47
C GLY I 1148 -54.69 115.01 -28.91
N ASN I 1149 -55.71 115.83 -28.63
CA ASN I 1149 -56.98 115.31 -28.14
C ASN I 1149 -58.01 115.30 -29.24
N SER I 1150 -57.88 116.25 -30.16
CA SER I 1150 -58.78 116.34 -31.29
C SER I 1150 -58.57 115.18 -32.27
N TYR I 1151 -59.65 114.45 -32.55
CA TYR I 1151 -59.59 113.40 -33.54
C TYR I 1151 -59.34 114.01 -34.92
N SER I 1152 -58.08 113.97 -35.37
CA SER I 1152 -57.71 114.63 -36.61
C SER I 1152 -56.96 113.71 -37.55
N TRP I 1153 -56.35 114.28 -38.57
CA TRP I 1153 -55.37 113.53 -39.35
C TRP I 1153 -54.18 113.40 -38.44
N ARG I 1154 -53.83 114.52 -37.81
CA ARG I 1154 -52.66 114.60 -36.95
C ARG I 1154 -52.70 113.62 -35.78
N HIS I 1155 -53.91 113.27 -35.34
CA HIS I 1155 -54.07 112.33 -34.25
C HIS I 1155 -53.85 110.90 -34.73
N ALA I 1156 -54.53 110.53 -35.81
CA ALA I 1156 -54.46 109.17 -36.33
C ALA I 1156 -53.07 108.83 -36.88
N MET I 1157 -52.25 109.84 -37.15
CA MET I 1157 -50.90 109.60 -37.63
C MET I 1157 -49.98 109.16 -36.51
N PHE I 1158 -50.32 109.59 -35.30
CA PHE I 1158 -49.53 109.25 -34.12
C PHE I 1158 -50.33 108.34 -33.18
N THR I 1159 -51.43 107.80 -33.68
CA THR I 1159 -52.27 106.86 -32.93
C THR I 1159 -52.22 105.42 -33.47
N THR I 1160 -52.68 105.23 -34.70
CA THR I 1160 -52.68 103.90 -35.30
C THR I 1160 -51.27 103.41 -35.53
N GLU I 1161 -51.00 102.22 -34.99
CA GLU I 1161 -49.73 101.53 -35.14
C GLU I 1161 -49.61 100.88 -36.51
N VAL I 1162 -50.72 100.81 -37.24
CA VAL I 1162 -50.70 100.27 -38.60
C VAL I 1162 -51.07 101.26 -39.68
N PHE I 1163 -50.16 101.40 -40.64
CA PHE I 1163 -50.52 102.01 -41.90
C PHE I 1163 -50.73 100.87 -42.89
N VAL I 1164 -51.94 100.77 -43.42
CA VAL I 1164 -52.25 99.78 -44.43
C VAL I 1164 -51.41 99.99 -45.70
N GLN I 1165 -51.06 98.89 -46.36
CA GLN I 1165 -50.29 98.97 -47.58
C GLN I 1165 -50.89 97.99 -48.58
N GLY I 1166 -51.80 98.45 -49.40
CA GLY I 1166 -52.55 97.55 -50.25
C GLY I 1166 -53.41 96.73 -49.32
N HIS I 1167 -53.06 95.45 -49.15
CA HIS I 1167 -53.76 94.61 -48.19
C HIS I 1167 -52.89 94.22 -47.02
N ARG I 1168 -51.66 94.70 -47.04
CA ARG I 1168 -50.69 94.50 -45.98
C ARG I 1168 -50.96 95.41 -44.78
N PHE I 1169 -50.49 94.99 -43.60
CA PHE I 1169 -50.35 95.87 -42.47
C PHE I 1169 -48.93 96.40 -42.49
N GLN I 1170 -48.67 97.41 -41.67
CA GLN I 1170 -47.36 98.04 -41.63
C GLN I 1170 -47.22 98.83 -40.33
N THR I 1171 -46.08 98.67 -39.67
CA THR I 1171 -45.87 99.33 -38.38
C THR I 1171 -45.62 100.82 -38.58
N ASN I 1172 -46.34 101.61 -37.79
CA ASN I 1172 -46.31 103.07 -37.86
C ASN I 1172 -44.89 103.62 -37.74
N PRO I 1173 -44.29 104.00 -38.89
CA PRO I 1173 -42.94 104.56 -38.98
C PRO I 1173 -42.73 105.78 -38.08
N LEU I 1174 -43.80 106.46 -37.67
CA LEU I 1174 -43.66 107.62 -36.80
C LEU I 1174 -43.15 107.20 -35.42
N LYS I 1175 -43.43 105.96 -35.03
CA LYS I 1175 -42.94 105.40 -33.78
C LYS I 1175 -41.41 105.36 -33.76
N ARG I 1176 -40.81 105.09 -34.91
CA ARG I 1176 -39.37 105.09 -35.07
C ARG I 1176 -38.86 106.52 -35.14
N LEU I 1177 -39.34 107.24 -36.15
CA LEU I 1177 -38.87 108.59 -36.44
C LEU I 1177 -38.96 109.44 -35.20
N PHE I 1178 -40.08 109.36 -34.50
CA PHE I 1178 -40.35 110.26 -33.38
C PHE I 1178 -39.91 109.75 -32.00
N ALA I 1179 -39.13 108.68 -31.99
CA ALA I 1179 -38.63 108.14 -30.73
C ALA I 1179 -37.66 109.12 -30.09
N PRO I 1180 -37.92 109.49 -28.81
CA PRO I 1180 -37.14 110.48 -28.06
C PRO I 1180 -35.63 110.38 -28.33
N THR I 1181 -35.02 111.53 -28.56
CA THR I 1181 -33.62 111.60 -28.95
C THR I 1181 -32.97 112.84 -28.32
N ARG I 1182 -31.69 112.73 -27.98
CA ARG I 1182 -30.95 113.80 -27.33
C ARG I 1182 -30.96 115.07 -28.18
N GLY I 1183 -31.76 116.04 -27.74
CA GLY I 1183 -31.82 117.34 -28.38
C GLY I 1183 -32.68 117.41 -29.63
N MET I 1184 -33.76 116.65 -29.67
CA MET I 1184 -34.66 116.73 -30.82
C MET I 1184 -35.74 117.79 -30.57
N TYR I 1185 -36.31 118.30 -31.66
CA TYR I 1185 -37.25 119.42 -31.61
C TYR I 1185 -38.45 119.09 -32.49
N VAL I 1186 -39.65 119.30 -31.96
CA VAL I 1186 -40.87 119.07 -32.75
C VAL I 1186 -41.83 120.27 -32.68
N GLU I 1187 -42.16 120.81 -33.85
CA GLU I 1187 -43.06 121.95 -33.93
C GLU I 1187 -44.38 121.56 -34.57
N ILE I 1188 -45.48 122.02 -33.98
CA ILE I 1188 -46.80 121.78 -34.52
C ILE I 1188 -47.48 123.11 -34.89
N THR I 1189 -47.49 123.41 -36.18
CA THR I 1189 -48.00 124.66 -36.71
C THR I 1189 -49.53 124.67 -36.79
N ASN I 1190 -50.15 125.75 -36.33
CA ASN I 1190 -51.59 125.91 -36.32
C ASN I 1190 -52.25 124.63 -35.82
N PRO I 1191 -51.87 124.22 -34.61
CA PRO I 1191 -52.27 122.94 -34.01
C PRO I 1191 -53.76 122.67 -34.15
N ASP I 1192 -54.55 123.54 -33.55
CA ASP I 1192 -55.99 123.34 -33.45
C ASP I 1192 -56.75 123.57 -34.76
N ASP I 1193 -56.02 124.01 -35.79
CA ASP I 1193 -56.57 124.17 -37.14
C ASP I 1193 -56.07 123.07 -38.07
N PRO I 1194 -56.83 121.97 -38.16
CA PRO I 1194 -56.44 120.72 -38.81
C PRO I 1194 -55.72 120.92 -40.14
N ALA I 1195 -56.46 121.13 -41.23
CA ALA I 1195 -55.89 121.10 -42.58
C ALA I 1195 -54.62 121.95 -42.77
N LYS I 1196 -54.41 122.90 -41.87
CA LYS I 1196 -53.27 123.82 -41.99
C LYS I 1196 -52.19 123.57 -40.94
N THR I 1197 -52.13 122.35 -40.42
CA THR I 1197 -51.12 122.02 -39.42
C THR I 1197 -49.86 121.44 -40.07
N VAL I 1198 -48.71 121.78 -39.49
CA VAL I 1198 -47.44 121.29 -39.99
C VAL I 1198 -46.60 120.77 -38.83
N ILE I 1199 -46.29 119.48 -38.87
CA ILE I 1199 -45.48 118.86 -37.84
C ILE I 1199 -44.06 118.67 -38.36
N SER I 1200 -43.07 119.18 -37.61
CA SER I 1200 -41.68 119.17 -38.06
C SER I 1200 -40.72 118.72 -36.96
N VAL I 1201 -39.58 118.15 -37.39
CA VAL I 1201 -38.57 117.65 -36.45
C VAL I 1201 -37.20 118.25 -36.71
N ARG I 1202 -36.59 118.80 -35.67
CA ARG I 1202 -35.23 119.33 -35.76
C ARG I 1202 -34.29 118.60 -34.82
N GLU I 1203 -33.33 117.89 -35.38
CA GLU I 1203 -32.37 117.14 -34.57
C GLU I 1203 -31.01 117.77 -34.66
N PRO I 1204 -30.12 117.40 -33.76
CA PRO I 1204 -28.73 117.90 -33.79
C PRO I 1204 -27.89 117.11 -34.79
N SER I 1205 -27.48 117.73 -35.88
CA SER I 1205 -26.47 117.13 -36.75
C SER I 1205 -25.12 117.27 -36.06
N GLN I 1206 -24.19 116.38 -36.38
CA GLN I 1206 -22.92 116.35 -35.68
C GLN I 1206 -22.16 117.67 -35.80
N SER I 1207 -22.42 118.41 -36.88
CA SER I 1207 -21.73 119.65 -37.14
C SER I 1207 -22.62 120.88 -36.92
N ALA I 1208 -23.94 120.67 -36.85
CA ALA I 1208 -24.89 121.78 -36.75
C ALA I 1208 -25.64 121.82 -35.42
N LYS I 1209 -26.28 122.96 -35.16
CA LYS I 1209 -27.10 123.14 -33.98
C LYS I 1209 -28.35 122.25 -34.06
N LEU I 1210 -29.16 122.51 -35.08
CA LEU I 1210 -30.36 121.73 -35.35
C LEU I 1210 -30.47 121.58 -36.87
N VAL I 1211 -31.32 120.67 -37.33
CA VAL I 1211 -31.55 120.46 -38.76
C VAL I 1211 -32.98 119.99 -39.02
N LYS I 1212 -33.46 120.23 -40.22
CA LYS I 1212 -34.76 119.75 -40.66
C LYS I 1212 -34.71 118.25 -40.93
N THR I 1213 -35.44 117.50 -40.12
CA THR I 1213 -35.45 116.06 -40.15
C THR I 1213 -36.59 115.58 -41.02
N VAL I 1214 -37.79 115.73 -40.48
CA VAL I 1214 -38.99 115.30 -41.17
C VAL I 1214 -40.07 116.33 -40.91
N GLU I 1215 -41.03 116.37 -41.83
CA GLU I 1215 -42.22 117.17 -41.64
C GLU I 1215 -43.40 116.52 -42.33
N ILE I 1216 -44.58 116.70 -41.76
CA ILE I 1216 -45.78 116.11 -42.32
C ILE I 1216 -46.90 117.14 -42.46
N LYS I 1217 -47.01 117.69 -43.66
CA LYS I 1217 -48.12 118.56 -44.01
C LYS I 1217 -49.18 117.76 -44.75
N LEU I 1218 -50.26 118.42 -45.13
CA LEU I 1218 -51.29 117.80 -45.95
C LEU I 1218 -51.23 118.43 -47.34
N VAL I 1219 -51.69 117.71 -48.35
CA VAL I 1219 -51.71 118.19 -49.72
C VAL I 1219 -52.85 117.50 -50.47
N GLY I 1220 -53.67 118.27 -51.18
CA GLY I 1220 -54.75 117.70 -51.97
C GLY I 1220 -55.81 117.00 -51.14
N ASP I 1221 -56.32 117.71 -50.12
CA ASP I 1221 -57.41 117.22 -49.29
C ASP I 1221 -57.00 116.07 -48.36
N ASN I 1222 -56.77 114.91 -48.95
CA ASN I 1222 -56.55 113.70 -48.18
C ASN I 1222 -55.12 113.19 -48.15
N GLU I 1223 -54.31 113.60 -49.13
CA GLU I 1223 -52.94 113.12 -49.18
C GLU I 1223 -52.10 113.79 -48.10
N ILE I 1224 -51.62 112.99 -47.15
CA ILE I 1224 -50.67 113.46 -46.17
C ILE I 1224 -49.28 113.23 -46.77
N ALA I 1225 -48.34 114.13 -46.47
CA ALA I 1225 -47.02 114.05 -47.07
C ALA I 1225 -45.93 113.94 -46.02
N LEU I 1226 -45.45 112.72 -45.80
CA LEU I 1226 -44.37 112.48 -44.85
C LEU I 1226 -43.02 112.63 -45.54
N THR I 1227 -42.25 113.61 -45.10
CA THR I 1227 -41.01 113.97 -45.81
C THR I 1227 -39.77 113.93 -44.94
N LEU I 1228 -38.72 113.33 -45.49
CA LEU I 1228 -37.44 113.25 -44.80
C LEU I 1228 -36.43 114.02 -45.62
N PHE I 1229 -35.51 114.70 -44.95
CA PHE I 1229 -34.55 115.57 -45.62
C PHE I 1229 -33.11 115.21 -45.32
N GLU I 1230 -32.38 114.87 -46.37
CA GLU I 1230 -30.98 114.50 -46.18
C GLU I 1230 -30.00 115.59 -46.61
N GLY I 1231 -29.30 116.14 -45.64
CA GLY I 1231 -28.25 117.11 -45.92
C GLY I 1231 -27.21 116.61 -46.91
N ARG I 1232 -26.33 115.73 -46.44
CA ARG I 1232 -25.19 115.28 -47.24
C ARG I 1232 -25.62 114.49 -48.46
N THR I 1233 -25.64 115.16 -49.61
CA THR I 1233 -26.03 114.54 -50.87
C THR I 1233 -25.03 114.86 -51.97
N ALA I 1234 -25.29 114.35 -53.17
CA ALA I 1234 -24.41 114.52 -54.33
C ALA I 1234 -24.27 115.98 -54.76
N GLU I 1235 -25.36 116.71 -54.68
CA GLU I 1235 -25.39 118.11 -55.10
C GLU I 1235 -25.02 119.07 -53.96
N GLY I 1236 -24.75 118.52 -52.78
CA GLY I 1236 -24.36 119.31 -51.63
C GLY I 1236 -25.49 120.14 -51.05
N GLY I 1237 -26.72 119.80 -51.42
CA GLY I 1237 -27.89 120.50 -50.96
C GLY I 1237 -29.02 119.57 -50.59
N VAL I 1238 -29.75 119.91 -49.53
CA VAL I 1238 -30.84 119.09 -49.01
C VAL I 1238 -31.73 118.50 -50.10
N VAL I 1239 -31.92 117.18 -50.03
CA VAL I 1239 -32.90 116.49 -50.86
C VAL I 1239 -34.01 115.91 -49.99
N PRO I 1240 -35.25 115.97 -50.47
CA PRO I 1240 -36.38 115.44 -49.72
C PRO I 1240 -36.91 114.16 -50.36
N LEU I 1241 -37.33 113.22 -49.51
CA LEU I 1241 -38.03 112.03 -49.95
C LEU I 1241 -39.38 112.07 -49.26
N THR I 1242 -40.43 111.79 -50.00
CA THR I 1242 -41.77 111.86 -49.44
C THR I 1242 -42.61 110.61 -49.70
N PHE I 1243 -43.34 110.22 -48.66
CA PHE I 1243 -44.25 109.08 -48.74
C PHE I 1243 -45.67 109.59 -48.62
N ARG I 1244 -46.52 109.21 -49.56
CA ARG I 1244 -47.88 109.77 -49.59
C ARG I 1244 -48.88 108.85 -48.91
N PHE I 1245 -49.75 109.44 -48.10
CA PHE I 1245 -50.76 108.68 -47.37
C PHE I 1245 -52.13 109.31 -47.62
N THR I 1246 -53.17 108.50 -47.63
CA THR I 1246 -54.54 109.01 -47.69
C THR I 1246 -55.32 108.46 -46.51
N TYR I 1247 -56.31 109.19 -46.02
CA TYR I 1247 -56.96 108.76 -44.77
C TYR I 1247 -58.49 108.88 -44.67
N HIS I 1248 -59.17 107.73 -44.57
CA HIS I 1248 -60.64 107.65 -44.64
C HIS I 1248 -61.27 107.27 -43.32
N PRO I 1249 -61.61 108.28 -42.51
CA PRO I 1249 -62.21 108.14 -41.17
C PRO I 1249 -63.49 107.28 -41.12
N GLU I 1250 -63.94 106.74 -42.25
CA GLU I 1250 -64.97 105.72 -42.19
C GLU I 1250 -64.42 104.60 -41.31
N ALA I 1251 -63.22 104.14 -41.64
CA ALA I 1251 -62.52 103.09 -40.90
C ALA I 1251 -61.68 103.68 -39.78
N GLY I 1252 -62.25 103.74 -38.57
CA GLY I 1252 -61.54 104.19 -37.40
C GLY I 1252 -60.40 103.26 -37.03
N TYR I 1253 -60.49 102.03 -37.51
CA TYR I 1253 -59.50 100.98 -37.24
C TYR I 1253 -58.20 101.18 -38.03
N ALA I 1254 -58.34 101.47 -39.32
CA ALA I 1254 -57.21 101.75 -40.19
C ALA I 1254 -57.39 103.10 -40.83
N PRO I 1255 -57.39 104.16 -40.03
CA PRO I 1255 -57.61 105.52 -40.53
C PRO I 1255 -56.60 105.87 -41.61
N ILE I 1256 -55.37 105.41 -41.46
CA ILE I 1256 -54.32 105.79 -42.40
C ILE I 1256 -53.89 104.65 -43.32
N ARG I 1257 -53.69 105.00 -44.59
CA ARG I 1257 -53.18 104.08 -45.62
C ARG I 1257 -51.99 104.72 -46.34
N GLU I 1258 -51.36 103.98 -47.25
CA GLU I 1258 -50.27 104.57 -48.01
C GLU I 1258 -50.53 104.45 -49.50
N VAL I 1259 -50.09 105.47 -50.22
CA VAL I 1259 -50.17 105.49 -51.67
C VAL I 1259 -48.84 104.98 -52.21
N MET I 1260 -48.84 103.76 -52.70
CA MET I 1260 -47.59 103.11 -53.05
C MET I 1260 -47.37 102.97 -54.56
N GLU I 1261 -48.43 103.23 -55.33
CA GLU I 1261 -48.34 103.16 -56.79
C GLU I 1261 -47.41 104.23 -57.30
N GLY I 1262 -46.12 103.90 -57.36
CA GLY I 1262 -45.10 104.83 -57.78
C GLY I 1262 -43.98 104.88 -56.76
N ARG I 1263 -44.32 104.55 -55.52
CA ARG I 1263 -43.38 104.52 -54.40
C ARG I 1263 -42.00 104.01 -54.79
N ASN I 1264 -41.93 102.93 -55.56
CA ASN I 1264 -40.65 102.38 -55.98
C ASN I 1264 -39.83 103.37 -56.77
N ASP I 1265 -40.42 103.88 -57.85
CA ASP I 1265 -39.80 104.87 -58.71
C ASP I 1265 -39.49 106.15 -57.94
N ARG I 1266 -40.49 106.69 -57.25
CA ARG I 1266 -40.36 107.92 -56.46
C ARG I 1266 -39.09 107.93 -55.61
N ILE I 1267 -38.85 106.80 -54.95
CA ILE I 1267 -37.68 106.63 -54.11
C ILE I 1267 -36.41 106.43 -54.94
N LYS I 1268 -36.49 105.60 -55.98
CA LYS I 1268 -35.39 105.43 -56.92
C LYS I 1268 -34.93 106.78 -57.42
N GLU I 1269 -35.90 107.62 -57.78
CA GLU I 1269 -35.63 108.99 -58.17
C GLU I 1269 -34.81 109.66 -57.08
N PHE I 1270 -35.36 109.71 -55.87
CA PHE I 1270 -34.66 110.31 -54.74
C PHE I 1270 -33.20 109.86 -54.71
N TYR I 1271 -33.00 108.55 -54.67
CA TYR I 1271 -31.65 108.00 -54.63
C TYR I 1271 -30.83 108.52 -55.80
N TYR I 1272 -31.37 108.38 -57.00
CA TYR I 1272 -30.67 108.83 -58.21
C TYR I 1272 -30.07 110.22 -58.03
N ARG I 1273 -30.92 111.16 -57.62
CA ARG I 1273 -30.51 112.53 -57.41
C ARG I 1273 -29.43 112.61 -56.34
N VAL I 1274 -29.59 111.84 -55.26
CA VAL I 1274 -28.65 111.86 -54.15
C VAL I 1274 -27.29 111.22 -54.48
N TRP I 1275 -27.28 110.35 -55.48
CA TRP I 1275 -26.05 109.66 -55.85
C TRP I 1275 -25.32 110.36 -56.98
N PHE I 1276 -26.03 110.64 -58.07
CA PHE I 1276 -25.42 111.17 -59.29
C PHE I 1276 -25.80 112.60 -59.59
N ALA I 1277 -26.72 113.16 -58.81
CA ALA I 1277 -27.18 114.54 -58.98
C ALA I 1277 -27.86 114.80 -60.33
N GLU I 1278 -28.31 113.73 -60.97
CA GLU I 1278 -29.15 113.84 -62.16
C GLU I 1278 -30.54 113.38 -61.76
N LYS I 1279 -31.54 114.28 -61.79
CA LYS I 1279 -32.86 113.87 -61.33
C LYS I 1279 -33.78 113.36 -62.45
N GLU I 1280 -33.22 112.53 -63.33
CA GLU I 1280 -34.03 111.72 -64.24
C GLU I 1280 -33.35 110.38 -64.48
N VAL I 1281 -34.10 109.32 -64.24
CA VAL I 1281 -33.55 107.97 -64.23
C VAL I 1281 -33.92 107.14 -65.46
N PRO I 1282 -32.98 106.31 -65.94
CA PRO I 1282 -33.13 105.44 -67.12
C PRO I 1282 -34.12 104.30 -66.87
N PHE I 1283 -35.25 104.61 -66.23
CA PHE I 1283 -36.26 103.63 -65.86
C PHE I 1283 -36.46 102.53 -66.91
N ASP I 1284 -36.59 102.93 -68.17
CA ASP I 1284 -36.93 101.97 -69.21
C ASP I 1284 -35.75 101.48 -70.03
N THR I 1285 -34.62 101.25 -69.37
CA THR I 1285 -33.50 100.58 -70.00
C THR I 1285 -33.65 99.08 -69.80
N PRO I 1286 -33.41 98.28 -70.86
CA PRO I 1286 -33.43 96.82 -70.76
C PRO I 1286 -32.20 96.34 -70.04
N LEU I 1287 -32.35 95.32 -69.20
CA LEU I 1287 -31.28 94.91 -68.30
C LEU I 1287 -30.17 94.25 -69.11
N THR I 1288 -30.46 94.00 -70.38
CA THR I 1288 -29.50 93.46 -71.32
C THR I 1288 -28.42 94.49 -71.75
N ALA I 1289 -28.62 95.81 -71.52
CA ALA I 1289 -27.71 96.89 -71.97
C ALA I 1289 -26.44 97.08 -71.14
N VAL I 1290 -25.40 97.63 -71.77
CA VAL I 1290 -24.19 98.05 -71.07
C VAL I 1290 -24.42 99.44 -70.47
N PHE I 1291 -23.93 99.64 -69.25
CA PHE I 1291 -24.08 100.92 -68.57
C PHE I 1291 -22.76 101.70 -68.57
N ASP I 1292 -22.84 103.03 -68.72
CA ASP I 1292 -21.64 103.85 -68.82
C ASP I 1292 -21.30 104.57 -67.52
N GLY I 1293 -20.04 104.44 -67.08
CA GLY I 1293 -19.53 105.16 -65.93
C GLY I 1293 -18.68 106.33 -66.39
N GLY I 1294 -18.09 106.16 -67.58
CA GLY I 1294 -17.39 107.24 -68.26
C GLY I 1294 -15.93 107.38 -67.91
N ARG I 1295 -15.32 108.46 -68.41
CA ARG I 1295 -13.93 108.76 -68.14
C ARG I 1295 -13.76 109.12 -66.66
N GLU I 1296 -12.53 109.00 -66.19
CA GLU I 1296 -12.23 109.34 -64.81
C GLU I 1296 -10.72 109.38 -64.57
N ILE I 1297 -10.26 110.46 -63.95
CA ILE I 1297 -8.86 110.54 -63.57
C ILE I 1297 -8.72 110.36 -62.07
N VAL I 1298 -7.83 109.43 -61.71
CA VAL I 1298 -7.51 109.14 -60.32
C VAL I 1298 -6.94 110.38 -59.64
N ASN I 1299 -7.80 111.17 -59.01
CA ASN I 1299 -7.35 112.37 -58.33
C ASN I 1299 -6.26 112.03 -57.33
N ALA I 1300 -5.06 112.55 -57.56
CA ALA I 1300 -3.93 112.31 -56.66
C ALA I 1300 -4.33 112.47 -55.18
N GLN I 1301 -5.17 113.45 -54.93
CA GLN I 1301 -5.64 113.75 -53.58
C GLN I 1301 -6.73 112.79 -53.14
N ALA I 1302 -7.78 112.69 -53.95
CA ALA I 1302 -8.91 111.79 -53.65
C ALA I 1302 -8.44 110.42 -53.17
N VAL I 1303 -7.30 109.97 -53.70
CA VAL I 1303 -6.67 108.72 -53.30
C VAL I 1303 -6.26 108.73 -51.83
N ALA I 1304 -5.43 109.71 -51.47
CA ALA I 1304 -4.97 109.84 -50.09
C ALA I 1304 -6.13 110.07 -49.12
N ASP I 1305 -7.25 110.58 -49.64
CA ASP I 1305 -8.45 110.81 -48.83
C ASP I 1305 -9.11 109.49 -48.48
N PHE I 1306 -9.12 108.58 -49.45
CA PHE I 1306 -9.73 107.26 -49.29
C PHE I 1306 -8.91 106.43 -48.30
N VAL I 1307 -7.64 106.25 -48.63
CA VAL I 1307 -6.69 105.59 -47.75
C VAL I 1307 -6.84 106.05 -46.29
N HIS I 1308 -6.64 107.35 -46.06
CA HIS I 1308 -6.69 107.91 -44.70
C HIS I 1308 -8.05 107.76 -44.03
N ALA I 1309 -9.04 107.31 -44.79
CA ALA I 1309 -10.40 107.20 -44.30
C ALA I 1309 -10.76 105.78 -43.87
N VAL I 1310 -10.31 104.79 -44.65
CA VAL I 1310 -10.57 103.38 -44.34
C VAL I 1310 -9.58 102.84 -43.31
N GLY I 1311 -8.31 103.16 -43.49
CA GLY I 1311 -7.31 102.82 -42.51
C GLY I 1311 -5.99 102.36 -43.12
N ASN I 1312 -5.92 102.38 -44.44
CA ASN I 1312 -4.75 101.85 -45.13
C ASN I 1312 -3.50 102.73 -45.02
N THR I 1313 -2.32 102.11 -45.08
CA THR I 1313 -1.10 102.76 -44.61
C THR I 1313 0.13 102.47 -45.48
N GLY I 1314 -0.05 101.69 -46.53
CA GLY I 1314 1.07 101.22 -47.32
C GLY I 1314 1.82 102.32 -48.03
N GLU I 1315 3.14 102.32 -47.88
CA GLU I 1315 4.03 103.30 -48.53
C GLU I 1315 3.88 103.24 -50.05
N ALA I 1316 3.11 102.25 -50.48
CA ALA I 1316 2.73 102.11 -51.86
C ALA I 1316 1.68 103.16 -52.22
N PHE I 1317 1.11 103.80 -51.20
CA PHE I 1317 0.07 104.79 -51.44
C PHE I 1317 0.50 106.21 -51.12
N VAL I 1318 1.57 106.35 -50.36
CA VAL I 1318 1.91 107.66 -49.79
C VAL I 1318 3.02 108.38 -50.57
N ASP I 1319 3.40 107.85 -51.72
CA ASP I 1319 4.28 108.59 -52.63
C ASP I 1319 5.72 108.67 -52.12
N ARG I 1320 6.14 107.70 -51.33
CA ARG I 1320 7.54 107.64 -50.95
C ARG I 1320 8.08 106.29 -51.36
N GLY I 1321 9.37 106.10 -51.12
CA GLY I 1321 10.02 104.82 -51.38
C GLY I 1321 10.02 104.47 -52.86
N LYS I 1322 9.40 103.34 -53.17
CA LYS I 1322 9.45 102.80 -54.54
C LYS I 1322 8.10 102.83 -55.24
N ASP I 1323 7.04 103.10 -54.48
CA ASP I 1323 5.69 102.96 -55.02
C ASP I 1323 4.76 104.16 -54.75
N PHE I 1324 3.99 104.50 -55.79
CA PHE I 1324 2.78 105.28 -55.62
C PHE I 1324 1.62 104.74 -56.47
N PHE I 1325 0.81 103.89 -55.85
CA PHE I 1325 -0.35 103.33 -56.50
C PHE I 1325 -1.59 103.77 -55.75
N ALA I 1326 -2.72 103.26 -56.20
CA ALA I 1326 -4.00 103.53 -55.56
C ALA I 1326 -4.63 102.19 -55.24
N PRO I 1327 -5.28 102.10 -54.08
CA PRO I 1327 -5.99 100.90 -53.63
C PRO I 1327 -6.88 100.36 -54.73
N MET I 1328 -6.94 99.04 -54.90
CA MET I 1328 -7.91 98.49 -55.83
C MET I 1328 -9.30 98.74 -55.26
N ASP I 1329 -9.33 99.11 -53.98
CA ASP I 1329 -10.57 99.48 -53.30
C ASP I 1329 -11.16 100.72 -53.94
N PHE I 1330 -10.28 101.54 -54.51
CA PHE I 1330 -10.67 102.77 -55.17
C PHE I 1330 -11.56 102.48 -56.37
N ALA I 1331 -11.48 101.27 -56.90
CA ALA I 1331 -12.26 100.90 -58.07
C ALA I 1331 -13.75 101.16 -57.90
N ILE I 1332 -14.30 100.83 -56.73
CA ILE I 1332 -15.73 101.03 -56.47
C ILE I 1332 -16.04 102.47 -56.14
N VAL I 1333 -15.00 103.29 -56.03
CA VAL I 1333 -15.17 104.72 -55.84
C VAL I 1333 -15.18 105.35 -57.22
N VAL I 1334 -14.22 104.95 -58.06
CA VAL I 1334 -14.13 105.37 -59.46
C VAL I 1334 -15.34 104.87 -60.22
N GLY I 1335 -15.46 103.55 -60.34
CA GLY I 1335 -16.55 102.96 -61.09
C GLY I 1335 -17.89 103.04 -60.38
N TRP I 1336 -17.92 103.64 -59.19
CA TRP I 1336 -19.15 103.76 -58.40
C TRP I 1336 -20.36 104.14 -59.23
N LYS I 1337 -20.14 104.81 -60.36
CA LYS I 1337 -21.24 105.16 -61.25
C LYS I 1337 -21.85 103.92 -61.88
N ALA I 1338 -21.11 103.29 -62.79
CA ALA I 1338 -21.63 102.13 -63.54
C ALA I 1338 -22.02 100.95 -62.65
N ILE I 1339 -21.44 100.89 -61.46
CA ILE I 1339 -21.71 99.80 -60.53
C ILE I 1339 -23.08 99.98 -59.89
N THR I 1340 -23.50 101.23 -59.71
CA THR I 1340 -24.76 101.53 -59.03
C THR I 1340 -25.95 101.72 -59.99
N LYS I 1341 -25.71 102.45 -61.07
CA LYS I 1341 -26.75 102.72 -62.07
C LYS I 1341 -27.73 101.57 -62.32
N PRO I 1342 -27.21 100.37 -62.67
CA PRO I 1342 -28.05 99.27 -63.18
C PRO I 1342 -29.12 98.78 -62.20
N ILE I 1343 -29.12 99.28 -60.96
CA ILE I 1343 -30.10 98.85 -59.96
C ILE I 1343 -31.48 99.45 -60.25
N PHE I 1344 -31.46 100.51 -61.05
CA PHE I 1344 -32.62 101.40 -61.21
C PHE I 1344 -33.68 101.02 -62.26
N PRO I 1345 -33.26 100.41 -63.39
CA PRO I 1345 -34.23 100.06 -64.44
C PRO I 1345 -35.60 99.62 -63.92
N ARG I 1346 -36.62 99.78 -64.74
CA ARG I 1346 -38.00 99.55 -64.33
C ARG I 1346 -38.36 98.10 -64.07
N LYS I 1347 -37.60 97.17 -64.66
CA LYS I 1347 -37.87 95.74 -64.48
C LYS I 1347 -37.28 95.19 -63.17
N ILE I 1348 -36.57 96.07 -62.47
CA ILE I 1348 -35.96 95.71 -61.19
C ILE I 1348 -36.60 96.58 -60.11
N ASP I 1349 -37.92 96.68 -60.12
CA ASP I 1349 -38.59 97.65 -59.25
C ASP I 1349 -38.58 97.24 -57.77
N GLY I 1350 -37.62 97.75 -57.03
CA GLY I 1350 -37.53 97.47 -55.60
C GLY I 1350 -37.54 98.73 -54.77
N ASP I 1351 -37.74 98.55 -53.48
CA ASP I 1351 -37.64 99.63 -52.52
C ASP I 1351 -36.17 99.88 -52.25
N LEU I 1352 -35.56 100.79 -53.02
CA LEU I 1352 -34.12 101.05 -52.91
C LEU I 1352 -33.69 101.51 -51.51
N LEU I 1353 -34.64 101.98 -50.71
CA LEU I 1353 -34.37 102.35 -49.31
C LEU I 1353 -33.98 101.11 -48.52
N LYS I 1354 -34.72 100.03 -48.73
CA LYS I 1354 -34.39 98.77 -48.11
C LYS I 1354 -33.48 97.96 -49.03
N LEU I 1355 -32.44 98.61 -49.54
CA LEU I 1355 -31.39 97.91 -50.24
C LEU I 1355 -30.27 97.75 -49.25
N VAL I 1356 -29.45 96.73 -49.44
CA VAL I 1356 -28.24 96.54 -48.65
C VAL I 1356 -27.16 96.00 -49.56
N HIS I 1357 -25.91 96.37 -49.26
CA HIS I 1357 -24.80 95.83 -50.03
C HIS I 1357 -24.55 94.43 -49.54
N LEU I 1358 -24.59 93.49 -50.46
CA LEU I 1358 -24.64 92.08 -50.12
C LEU I 1358 -23.30 91.36 -50.27
N SER I 1359 -22.57 91.76 -51.30
CA SER I 1359 -21.33 91.12 -51.68
C SER I 1359 -20.60 92.02 -52.66
N ASN I 1360 -19.31 91.78 -52.85
CA ASN I 1360 -18.52 92.53 -53.81
C ASN I 1360 -17.07 92.04 -53.86
N GLY I 1361 -16.58 91.78 -55.07
CA GLY I 1361 -15.22 91.33 -55.20
C GLY I 1361 -14.53 91.99 -56.38
N TYR I 1362 -13.25 92.25 -56.22
CA TYR I 1362 -12.42 92.74 -57.31
C TYR I 1362 -11.58 91.59 -57.87
N ARG I 1363 -11.19 91.71 -59.14
CA ARG I 1363 -10.32 90.71 -59.74
C ARG I 1363 -9.46 91.33 -60.84
N MET I 1364 -8.17 91.46 -60.57
CA MET I 1364 -7.30 92.21 -61.45
C MET I 1364 -6.77 91.40 -62.62
N VAL I 1365 -7.19 91.80 -63.82
CA VAL I 1365 -6.75 91.19 -65.07
C VAL I 1365 -5.28 90.78 -65.03
N PRO I 1366 -4.99 89.53 -65.46
CA PRO I 1366 -3.64 88.98 -65.44
C PRO I 1366 -2.64 89.90 -66.12
N GLY I 1367 -1.56 90.24 -65.44
CA GLY I 1367 -0.52 91.10 -65.99
C GLY I 1367 -0.67 92.59 -65.72
N ALA I 1368 -1.91 93.04 -65.49
CA ALA I 1368 -2.23 94.46 -65.34
C ALA I 1368 -1.67 95.05 -64.06
N GLU I 1369 -0.98 96.18 -64.16
CA GLU I 1369 -0.46 96.86 -62.97
C GLU I 1369 -1.56 97.57 -62.21
N PRO I 1370 -1.35 97.79 -60.91
CA PRO I 1370 -2.39 98.35 -60.03
C PRO I 1370 -2.77 99.75 -60.48
N LEU I 1371 -3.71 100.38 -59.78
CA LEU I 1371 -4.13 101.72 -60.16
C LEU I 1371 -3.08 102.74 -59.70
N LYS I 1372 -2.65 103.62 -60.61
CA LYS I 1372 -1.76 104.72 -60.28
C LYS I 1372 -2.57 106.01 -60.35
N VAL I 1373 -1.99 107.13 -59.92
CA VAL I 1373 -2.76 108.37 -59.85
C VAL I 1373 -3.00 109.06 -61.20
N GLY I 1374 -1.99 109.08 -62.07
CA GLY I 1374 -2.10 109.74 -63.36
C GLY I 1374 -2.91 108.94 -64.37
N ASP I 1375 -3.94 108.25 -63.87
CA ASP I 1375 -4.69 107.32 -64.70
C ASP I 1375 -6.06 107.84 -65.14
N VAL I 1376 -6.46 107.40 -66.32
CA VAL I 1376 -7.78 107.67 -66.86
C VAL I 1376 -8.52 106.35 -67.10
N LEU I 1377 -9.62 106.17 -66.38
CA LEU I 1377 -10.27 104.88 -66.33
C LEU I 1377 -11.66 104.97 -66.91
N ASP I 1378 -11.99 104.04 -67.80
CA ASP I 1378 -13.33 103.97 -68.39
C ASP I 1378 -14.16 102.86 -67.74
N THR I 1379 -15.27 103.28 -67.14
CA THR I 1379 -16.09 102.45 -66.26
C THR I 1379 -17.23 101.78 -67.03
N THR I 1380 -17.07 100.49 -67.31
CA THR I 1380 -18.09 99.71 -68.02
C THR I 1380 -18.74 98.69 -67.10
N ALA I 1381 -20.06 98.65 -67.12
CA ALA I 1381 -20.76 97.66 -66.31
C ALA I 1381 -21.96 97.08 -67.06
N GLN I 1382 -22.39 95.89 -66.66
CA GLN I 1382 -23.65 95.32 -67.11
C GLN I 1382 -24.21 94.36 -66.06
N ILE I 1383 -25.48 94.02 -66.20
CA ILE I 1383 -26.17 93.23 -65.18
C ILE I 1383 -26.04 91.73 -65.45
N ASN I 1384 -25.23 91.05 -64.63
CA ASN I 1384 -24.93 89.62 -64.79
C ASN I 1384 -26.02 88.68 -64.32
N ALA I 1385 -26.74 89.10 -63.30
CA ALA I 1385 -27.90 88.35 -62.87
C ALA I 1385 -28.73 89.16 -61.92
N VAL I 1386 -30.05 89.09 -62.10
CA VAL I 1386 -30.99 89.62 -61.13
C VAL I 1386 -31.86 88.45 -60.77
N ILE I 1387 -31.79 88.03 -59.51
CA ILE I 1387 -32.55 86.90 -59.00
C ILE I 1387 -33.12 87.27 -57.65
N ASN I 1388 -34.31 86.76 -57.37
CA ASN I 1388 -34.95 87.06 -56.11
C ASN I 1388 -34.84 85.90 -55.14
N GLN I 1389 -33.86 85.99 -54.24
CA GLN I 1389 -33.68 85.04 -53.16
C GLN I 1389 -34.78 85.26 -52.14
N ASP I 1390 -34.83 84.42 -51.12
CA ASP I 1390 -35.85 84.58 -50.10
C ASP I 1390 -35.54 85.81 -49.26
N SER I 1391 -34.25 86.04 -49.06
CA SER I 1391 -33.78 87.20 -48.29
C SER I 1391 -34.26 88.53 -48.87
N GLY I 1392 -34.61 88.51 -50.15
CA GLY I 1392 -35.10 89.69 -50.83
C GLY I 1392 -35.03 89.58 -52.34
N LYS I 1393 -34.29 90.51 -52.97
CA LYS I 1393 -34.09 90.50 -54.40
C LYS I 1393 -32.65 90.88 -54.70
N MET I 1394 -32.04 90.19 -55.64
CA MET I 1394 -30.60 90.32 -55.80
C MET I 1394 -30.18 90.79 -57.18
N VAL I 1395 -29.30 91.78 -57.21
CA VAL I 1395 -28.72 92.29 -58.45
C VAL I 1395 -27.21 92.06 -58.48
N GLU I 1396 -26.76 91.36 -59.51
CA GLU I 1396 -25.34 91.16 -59.70
C GLU I 1396 -24.84 92.06 -60.83
N VAL I 1397 -23.89 92.93 -60.49
CA VAL I 1397 -23.33 93.91 -61.41
C VAL I 1397 -21.87 93.58 -61.69
N CYS I 1398 -21.47 93.60 -62.95
CA CYS I 1398 -20.07 93.33 -63.28
C CYS I 1398 -19.37 94.54 -63.88
N GLY I 1399 -18.61 95.24 -63.04
CA GLY I 1399 -17.82 96.37 -63.47
C GLY I 1399 -16.56 95.95 -64.21
N THR I 1400 -16.11 96.84 -65.09
CA THR I 1400 -14.91 96.63 -65.89
C THR I 1400 -14.17 97.95 -66.05
N LEU I 1401 -13.19 98.19 -65.18
CA LEU I 1401 -12.34 99.37 -65.30
C LEU I 1401 -11.27 99.12 -66.36
N LYS I 1402 -11.19 100.02 -67.33
CA LYS I 1402 -10.19 99.93 -68.38
C LYS I 1402 -9.33 101.18 -68.46
N ARG I 1403 -8.04 100.97 -68.63
CA ARG I 1403 -7.11 102.07 -68.88
C ARG I 1403 -6.49 101.78 -70.24
N ASP I 1404 -6.40 102.80 -71.10
CA ASP I 1404 -5.81 102.65 -72.43
C ASP I 1404 -6.59 101.68 -73.32
N GLY I 1405 -7.88 101.50 -73.03
CA GLY I 1405 -8.73 100.62 -73.81
C GLY I 1405 -8.65 99.15 -73.42
N LYS I 1406 -7.64 98.80 -72.62
CA LYS I 1406 -7.50 97.44 -72.10
C LYS I 1406 -8.07 97.34 -70.69
N PRO I 1407 -8.82 96.27 -70.41
CA PRO I 1407 -9.37 96.04 -69.08
C PRO I 1407 -8.26 95.82 -68.05
N VAL I 1408 -8.40 96.42 -66.88
CA VAL I 1408 -7.39 96.27 -65.83
C VAL I 1408 -7.91 95.52 -64.60
N MET I 1409 -9.18 95.71 -64.28
CA MET I 1409 -9.78 94.97 -63.18
C MET I 1409 -11.31 94.93 -63.27
N TYR I 1410 -11.92 93.85 -62.78
CA TYR I 1410 -13.36 93.67 -62.84
C TYR I 1410 -13.99 93.70 -61.46
N VAL I 1411 -14.66 94.80 -61.13
CA VAL I 1411 -15.38 94.91 -59.87
C VAL I 1411 -16.79 94.36 -59.98
N THR I 1412 -16.99 93.16 -59.43
CA THR I 1412 -18.29 92.51 -59.42
C THR I 1412 -18.99 92.74 -58.07
N SER I 1413 -20.28 93.04 -58.10
CA SER I 1413 -20.96 93.43 -56.88
C SER I 1413 -22.39 92.87 -56.80
N GLN I 1414 -22.88 92.70 -55.59
CA GLN I 1414 -24.22 92.18 -55.38
C GLN I 1414 -25.02 93.04 -54.43
N PHE I 1415 -26.25 93.34 -54.82
CA PHE I 1415 -27.12 94.17 -53.98
C PHE I 1415 -28.38 93.43 -53.60
N LEU I 1416 -28.91 93.76 -52.43
CA LEU I 1416 -30.09 93.07 -51.93
C LEU I 1416 -31.25 94.02 -51.64
N TYR I 1417 -32.25 93.99 -52.52
CA TYR I 1417 -33.54 94.60 -52.27
C TYR I 1417 -34.33 93.67 -51.35
N ARG I 1418 -34.13 93.79 -50.04
CA ARG I 1418 -34.78 92.88 -49.10
C ARG I 1418 -36.31 92.98 -49.07
N GLY I 1419 -36.95 91.81 -49.19
CA GLY I 1419 -38.41 91.71 -49.24
C GLY I 1419 -38.92 90.49 -49.99
N VAL I 1420 -40.22 90.51 -50.29
CA VAL I 1420 -40.89 89.39 -50.95
C VAL I 1420 -41.15 89.68 -52.43
N TYR I 1421 -40.57 88.89 -53.33
CA TYR I 1421 -40.72 89.12 -54.76
C TYR I 1421 -41.19 87.91 -55.58
N THR I 1422 -42.26 88.09 -56.35
CA THR I 1422 -42.75 87.08 -57.28
C THR I 1422 -42.56 87.54 -58.72
N ASP I 1423 -41.86 88.66 -58.88
CA ASP I 1423 -41.65 89.29 -60.19
C ASP I 1423 -40.66 88.49 -61.06
N TYR I 1424 -40.82 87.17 -61.06
CA TYR I 1424 -39.86 86.27 -61.67
C TYR I 1424 -39.68 86.55 -63.14
N GLU I 1425 -40.61 87.33 -63.66
CA GLU I 1425 -40.56 87.70 -65.06
C GLU I 1425 -39.18 88.21 -65.48
N ASN I 1426 -38.55 88.98 -64.61
CA ASN I 1426 -37.30 89.66 -64.96
C ASN I 1426 -36.11 89.14 -64.16
N THR I 1427 -36.27 87.95 -63.58
CA THR I 1427 -35.16 87.33 -62.88
C THR I 1427 -34.38 86.48 -63.90
N PHE I 1428 -33.07 86.37 -63.69
CA PHE I 1428 -32.21 85.71 -64.67
C PHE I 1428 -30.75 85.66 -64.19
N GLN I 1429 -29.92 84.93 -64.93
CA GLN I 1429 -28.51 84.81 -64.58
C GLN I 1429 -27.61 84.38 -65.74
N ARG I 1430 -26.44 85.00 -65.82
CA ARG I 1430 -25.41 84.60 -66.78
C ARG I 1430 -24.20 84.08 -66.04
N LYS I 1431 -24.24 82.83 -65.60
CA LYS I 1431 -23.07 82.24 -64.95
C LYS I 1431 -22.04 81.77 -65.97
N ASP I 1432 -20.77 81.85 -65.60
CA ASP I 1432 -19.72 81.24 -66.41
C ASP I 1432 -19.40 79.88 -65.83
N GLU I 1433 -20.01 78.86 -66.42
CA GLU I 1433 -19.91 77.51 -65.89
C GLU I 1433 -18.48 76.96 -65.93
N VAL I 1434 -18.18 76.10 -64.96
CA VAL I 1434 -16.82 75.63 -64.73
C VAL I 1434 -16.24 74.86 -65.89
N PRO I 1435 -14.95 75.10 -66.18
CA PRO I 1435 -14.19 74.33 -67.17
C PRO I 1435 -14.24 72.85 -66.87
N MET I 1436 -14.79 72.06 -67.81
CA MET I 1436 -14.86 70.61 -67.66
C MET I 1436 -13.91 69.88 -68.60
N GLN I 1437 -13.48 68.71 -68.17
CA GLN I 1437 -12.53 67.92 -68.93
C GLN I 1437 -13.12 66.54 -69.22
N LEU I 1438 -13.65 66.38 -70.42
CA LEU I 1438 -14.28 65.12 -70.82
C LEU I 1438 -13.28 64.26 -71.60
N HIS I 1439 -12.86 63.15 -71.01
CA HIS I 1439 -11.90 62.29 -71.69
C HIS I 1439 -12.62 61.20 -72.48
N ILE I 1440 -12.38 61.17 -73.79
CA ILE I 1440 -12.98 60.19 -74.68
C ILE I 1440 -12.07 58.97 -74.90
N ALA I 1441 -12.53 57.80 -74.47
CA ALA I 1441 -11.71 56.57 -74.52
C ALA I 1441 -12.29 55.48 -75.43
N THR I 1442 -13.58 55.21 -75.29
CA THR I 1442 -14.28 54.22 -76.11
C THR I 1442 -14.94 54.91 -77.29
N PRO I 1443 -15.07 54.19 -78.43
CA PRO I 1443 -15.88 54.78 -79.50
C PRO I 1443 -17.32 54.95 -79.02
N GLN I 1444 -17.69 54.22 -77.96
CA GLN I 1444 -19.01 54.36 -77.39
C GLN I 1444 -19.10 55.67 -76.60
N ASP I 1445 -18.00 56.05 -75.98
CA ASP I 1445 -17.89 57.36 -75.31
C ASP I 1445 -18.10 58.44 -76.34
N LEU I 1446 -17.33 58.36 -77.43
CA LEU I 1446 -17.39 59.30 -78.54
C LEU I 1446 -18.79 59.39 -79.08
N ALA I 1447 -19.34 58.23 -79.41
CA ALA I 1447 -20.65 58.11 -80.04
C ALA I 1447 -21.78 58.75 -79.21
N VAL I 1448 -21.59 58.83 -77.89
CA VAL I 1448 -22.57 59.49 -77.03
C VAL I 1448 -22.30 61.00 -76.99
N LEU I 1449 -21.03 61.37 -77.03
CA LEU I 1449 -20.67 62.79 -77.06
C LEU I 1449 -21.18 63.40 -78.36
N ARG I 1450 -21.20 62.59 -79.41
CA ARG I 1450 -21.70 63.01 -80.70
C ARG I 1450 -23.22 62.88 -80.77
N SER I 1451 -23.78 61.98 -79.97
CA SER I 1451 -25.22 61.71 -80.00
C SER I 1451 -25.97 62.89 -79.42
N LYS I 1452 -25.24 63.75 -78.70
CA LYS I 1452 -25.86 64.91 -78.07
C LYS I 1452 -26.25 65.93 -79.14
N GLU I 1453 -27.47 66.46 -79.02
CA GLU I 1453 -27.97 67.47 -79.92
C GLU I 1453 -27.14 68.74 -79.78
N TRP I 1454 -26.88 69.11 -78.53
CA TRP I 1454 -26.17 70.35 -78.19
C TRP I 1454 -24.70 70.33 -78.63
N PHE I 1455 -24.21 69.15 -78.98
CA PHE I 1455 -22.83 69.02 -79.44
C PHE I 1455 -22.73 69.16 -80.96
N LYS I 1456 -21.85 70.06 -81.39
CA LYS I 1456 -21.71 70.42 -82.80
C LYS I 1456 -20.27 70.38 -83.27
N LEU I 1457 -19.95 69.34 -84.02
CA LEU I 1457 -18.59 69.15 -84.51
C LEU I 1457 -18.20 70.20 -85.57
N ASP I 1458 -16.98 70.71 -85.47
CA ASP I 1458 -16.46 71.68 -86.43
C ASP I 1458 -15.88 70.96 -87.66
N ASP I 1459 -15.76 71.69 -88.77
CA ASP I 1459 -15.23 71.15 -90.03
C ASP I 1459 -13.80 71.64 -90.26
N GLN I 1460 -13.09 71.94 -89.17
CA GLN I 1460 -11.70 72.33 -89.27
C GLN I 1460 -10.90 71.13 -89.75
N HIS I 1461 -10.92 70.06 -88.98
CA HIS I 1461 -10.40 68.80 -89.48
C HIS I 1461 -10.89 67.58 -88.70
N ASP I 1462 -10.75 66.43 -89.34
CA ASP I 1462 -11.12 65.15 -88.75
C ASP I 1462 -9.98 64.62 -87.91
N ILE I 1463 -9.74 65.28 -86.78
CA ILE I 1463 -8.80 64.78 -85.81
C ILE I 1463 -9.57 63.85 -84.88
N GLU I 1464 -9.41 62.54 -85.08
CA GLU I 1464 -10.20 61.55 -84.37
C GLU I 1464 -10.19 61.82 -82.88
N LEU I 1465 -11.33 62.31 -82.41
CA LEU I 1465 -11.56 62.68 -81.02
C LEU I 1465 -11.28 61.50 -80.09
N LEU I 1466 -11.15 60.33 -80.69
CA LEU I 1466 -10.86 59.10 -79.97
C LEU I 1466 -9.47 59.20 -79.33
N GLY I 1467 -9.37 58.79 -78.07
CA GLY I 1467 -8.08 58.69 -77.41
C GLY I 1467 -7.52 60.00 -76.87
N GLN I 1468 -8.30 61.07 -77.01
CA GLN I 1468 -7.90 62.38 -76.53
C GLN I 1468 -8.97 62.93 -75.62
N THR I 1469 -8.66 64.00 -74.91
CA THR I 1469 -9.62 64.61 -74.00
C THR I 1469 -10.03 65.99 -74.49
N LEU I 1470 -11.17 66.47 -74.01
CA LEU I 1470 -11.74 67.74 -74.44
C LEU I 1470 -11.98 68.69 -73.28
N VAL I 1471 -11.93 69.99 -73.58
CA VAL I 1471 -12.21 71.01 -72.59
C VAL I 1471 -13.50 71.72 -72.94
N PHE I 1472 -14.41 71.78 -71.98
CA PHE I 1472 -15.70 72.41 -72.21
C PHE I 1472 -15.83 73.68 -71.38
N ARG I 1473 -15.29 74.78 -71.90
CA ARG I 1473 -15.50 76.08 -71.25
C ARG I 1473 -16.81 76.66 -71.77
N LEU I 1474 -17.81 76.73 -70.91
CA LEU I 1474 -19.15 77.06 -71.35
C LEU I 1474 -19.71 78.26 -70.62
N GLN I 1475 -20.36 79.13 -71.37
CA GLN I 1475 -21.17 80.19 -70.77
C GLN I 1475 -22.62 79.77 -70.86
N SER I 1476 -23.45 80.27 -69.96
CA SER I 1476 -24.85 79.91 -70.01
C SER I 1476 -25.76 80.94 -69.35
N LEU I 1477 -27.00 80.97 -69.80
CA LEU I 1477 -27.94 81.98 -69.39
C LEU I 1477 -29.29 81.36 -69.00
N VAL I 1478 -29.75 81.71 -67.81
CA VAL I 1478 -30.95 81.11 -67.23
C VAL I 1478 -31.97 82.17 -66.83
N ARG I 1479 -33.24 81.84 -66.99
CA ARG I 1479 -34.32 82.69 -66.50
C ARG I 1479 -35.22 81.89 -65.58
N PHE I 1480 -35.40 82.39 -64.36
CA PHE I 1480 -36.17 81.70 -63.34
C PHE I 1480 -37.67 81.92 -63.50
N LYS I 1481 -38.47 80.97 -63.08
CA LYS I 1481 -39.88 81.26 -62.83
C LYS I 1481 -40.26 80.91 -61.37
N ASN I 1482 -40.23 79.64 -61.00
CA ASN I 1482 -40.28 79.29 -59.60
C ASN I 1482 -38.85 79.43 -59.10
N LYS I 1483 -38.68 79.65 -57.81
CA LYS I 1483 -37.33 79.69 -57.27
C LYS I 1483 -36.66 78.33 -57.45
N ASN I 1484 -37.47 77.32 -57.78
CA ASN I 1484 -36.97 75.97 -58.05
C ASN I 1484 -36.87 75.68 -59.54
N VAL I 1485 -37.90 76.08 -60.28
CA VAL I 1485 -38.00 75.79 -61.71
C VAL I 1485 -37.35 76.83 -62.62
N TYR I 1486 -36.50 76.37 -63.51
CA TYR I 1486 -35.88 77.26 -64.49
C TYR I 1486 -36.87 77.50 -65.62
N SER I 1487 -37.44 78.70 -65.62
CA SER I 1487 -38.32 79.15 -66.71
C SER I 1487 -37.75 78.90 -68.12
N SER I 1488 -36.44 79.03 -68.28
CA SER I 1488 -35.80 78.84 -69.59
C SER I 1488 -34.27 78.95 -69.48
N VAL I 1489 -33.58 77.98 -70.07
CA VAL I 1489 -32.12 77.88 -69.93
C VAL I 1489 -31.42 77.66 -71.26
N GLN I 1490 -30.30 78.35 -71.44
CA GLN I 1490 -29.52 78.22 -72.66
C GLN I 1490 -28.05 78.15 -72.34
N THR I 1491 -27.35 77.19 -72.93
CA THR I 1491 -25.93 77.09 -72.73
C THR I 1491 -25.18 77.02 -74.05
N ILE I 1492 -24.13 77.82 -74.14
CA ILE I 1492 -23.28 77.80 -75.31
C ILE I 1492 -21.83 77.73 -74.84
N GLY I 1493 -20.93 77.53 -75.78
CA GLY I 1493 -19.52 77.51 -75.42
C GLY I 1493 -18.65 76.78 -76.42
N GLN I 1494 -17.37 76.70 -76.08
CA GLN I 1494 -16.35 76.21 -76.99
C GLN I 1494 -15.76 74.90 -76.50
N VAL I 1495 -15.71 73.91 -77.38
CA VAL I 1495 -15.05 72.66 -77.07
C VAL I 1495 -13.60 72.69 -77.56
N LEU I 1496 -12.66 72.71 -76.63
CA LEU I 1496 -11.25 72.84 -76.96
C LEU I 1496 -10.53 71.51 -77.02
N LEU I 1497 -9.46 71.47 -77.80
CA LEU I 1497 -8.56 70.34 -77.82
C LEU I 1497 -7.12 70.81 -77.90
N GLU I 1498 -6.25 70.17 -77.11
CA GLU I 1498 -4.84 70.48 -77.16
C GLU I 1498 -4.11 69.41 -77.95
N LEU I 1499 -3.35 69.85 -78.95
CA LEU I 1499 -2.56 68.95 -79.78
C LEU I 1499 -1.30 68.49 -79.05
N PRO I 1500 -0.54 67.58 -79.66
CA PRO I 1500 0.78 67.23 -79.10
C PRO I 1500 1.73 68.43 -79.15
N THR I 1501 1.33 69.46 -79.88
CA THR I 1501 2.16 70.67 -80.03
C THR I 1501 1.67 71.81 -79.16
N LYS I 1502 0.64 71.55 -78.35
CA LYS I 1502 0.04 72.56 -77.46
C LYS I 1502 -0.85 73.55 -78.22
N GLU I 1503 -1.12 73.24 -79.48
CA GLU I 1503 -2.04 74.00 -80.30
C GLU I 1503 -3.47 73.80 -79.78
N ILE I 1504 -4.15 74.89 -79.45
CA ILE I 1504 -5.52 74.78 -78.96
C ILE I 1504 -6.50 75.02 -80.10
N ILE I 1505 -7.42 74.09 -80.29
CA ILE I 1505 -8.38 74.16 -81.39
C ILE I 1505 -9.82 74.01 -80.93
N GLN I 1506 -10.70 74.81 -81.53
CA GLN I 1506 -12.13 74.64 -81.29
C GLN I 1506 -12.61 73.48 -82.15
N VAL I 1507 -12.53 72.27 -81.58
CA VAL I 1507 -12.90 71.07 -82.32
C VAL I 1507 -14.42 71.04 -82.52
N ALA I 1508 -15.14 71.73 -81.66
CA ALA I 1508 -16.59 71.74 -81.71
C ALA I 1508 -17.14 72.89 -80.90
N SER I 1509 -18.47 72.95 -80.78
CA SER I 1509 -19.13 74.03 -80.07
C SER I 1509 -20.44 73.55 -79.43
N VAL I 1510 -20.81 74.17 -78.31
CA VAL I 1510 -22.01 73.76 -77.58
C VAL I 1510 -23.18 74.73 -77.73
N ASP I 1511 -24.37 74.18 -77.94
CA ASP I 1511 -25.59 74.99 -78.00
C ASP I 1511 -26.83 74.21 -77.54
N TYR I 1512 -27.17 74.40 -76.28
CA TYR I 1512 -28.38 73.80 -75.73
C TYR I 1512 -29.34 74.92 -75.33
N GLU I 1513 -30.63 74.65 -75.47
CA GLU I 1513 -31.66 75.61 -75.07
C GLU I 1513 -32.94 74.88 -74.74
N ALA I 1514 -33.69 75.39 -73.76
CA ALA I 1514 -34.92 74.76 -73.29
C ALA I 1514 -35.62 75.62 -72.24
N GLY I 1515 -36.92 75.43 -72.09
CA GLY I 1515 -37.67 76.19 -71.11
C GLY I 1515 -38.36 75.23 -70.19
N GLU I 1516 -38.80 75.73 -69.04
CA GLU I 1516 -39.41 74.87 -68.03
C GLU I 1516 -38.46 73.71 -67.73
N SER I 1517 -37.24 74.06 -67.33
CA SER I 1517 -36.21 73.08 -67.03
C SER I 1517 -36.02 73.03 -65.50
N HIS I 1518 -35.56 71.90 -64.99
CA HIS I 1518 -35.33 71.75 -63.55
C HIS I 1518 -33.82 71.73 -63.28
N GLY I 1519 -33.05 71.39 -64.32
CA GLY I 1519 -31.61 71.31 -64.23
C GLY I 1519 -30.96 71.50 -65.59
N ASN I 1520 -29.64 71.61 -65.59
CA ASN I 1520 -28.89 71.82 -66.82
C ASN I 1520 -28.30 70.52 -67.35
N PRO I 1521 -28.95 69.96 -68.37
CA PRO I 1521 -28.64 68.64 -68.92
C PRO I 1521 -27.25 68.55 -69.55
N VAL I 1522 -26.68 69.70 -69.87
CA VAL I 1522 -25.35 69.73 -70.48
C VAL I 1522 -24.26 69.68 -69.43
N ILE I 1523 -24.33 70.60 -68.47
CA ILE I 1523 -23.35 70.62 -67.39
C ILE I 1523 -23.37 69.28 -66.68
N ASP I 1524 -24.57 68.71 -66.54
CA ASP I 1524 -24.74 67.43 -65.88
C ASP I 1524 -23.96 66.32 -66.60
N TYR I 1525 -24.26 66.13 -67.88
CA TYR I 1525 -23.56 65.15 -68.70
C TYR I 1525 -22.05 65.24 -68.44
N LEU I 1526 -21.54 66.47 -68.47
CA LEU I 1526 -20.13 66.72 -68.25
C LEU I 1526 -19.72 66.36 -66.83
N GLN I 1527 -20.57 66.74 -65.87
CA GLN I 1527 -20.26 66.55 -64.45
C GLN I 1527 -20.09 65.09 -64.04
N ARG I 1528 -20.51 64.17 -64.90
CA ARG I 1528 -20.28 62.75 -64.64
C ARG I 1528 -19.20 62.11 -65.53
N HIS I 1529 -19.33 62.29 -66.84
CA HIS I 1529 -18.39 61.68 -67.78
C HIS I 1529 -17.06 62.42 -67.82
N GLY I 1530 -16.96 63.52 -67.07
CA GLY I 1530 -15.75 64.32 -67.06
C GLY I 1530 -15.49 64.93 -65.70
N SER I 1531 -14.43 65.73 -65.62
CA SER I 1531 -13.97 66.33 -64.37
C SER I 1531 -13.84 67.87 -64.45
N SER I 1532 -13.77 68.51 -63.29
CA SER I 1532 -13.51 69.94 -63.24
C SER I 1532 -12.03 70.21 -63.54
N ILE I 1533 -11.73 71.48 -63.82
CA ILE I 1533 -10.37 71.85 -64.22
C ILE I 1533 -10.00 73.22 -63.70
N GLU I 1534 -8.68 73.45 -63.61
CA GLU I 1534 -8.13 74.73 -63.15
C GLU I 1534 -8.83 75.14 -61.89
N GLN I 1535 -8.66 74.35 -60.83
CA GLN I 1535 -9.38 74.63 -59.60
C GLN I 1535 -8.45 74.60 -58.40
N PRO I 1536 -8.92 75.11 -57.26
CA PRO I 1536 -8.08 75.29 -56.07
C PRO I 1536 -7.44 74.00 -55.52
N VAL I 1537 -6.22 74.15 -55.01
CA VAL I 1537 -5.55 73.05 -54.34
C VAL I 1537 -5.45 73.42 -52.86
N ASN I 1538 -6.42 72.95 -52.08
CA ASN I 1538 -6.48 73.27 -50.66
C ASN I 1538 -5.59 72.36 -49.83
N PHE I 1539 -5.28 72.79 -48.61
CA PHE I 1539 -4.42 72.01 -47.75
C PHE I 1539 -5.20 71.13 -46.79
N GLU I 1540 -4.54 70.13 -46.23
CA GLU I 1540 -5.13 69.36 -45.15
C GLU I 1540 -5.20 70.26 -43.94
N ASN I 1541 -4.07 70.91 -43.69
CA ASN I 1541 -3.94 71.80 -42.54
C ASN I 1541 -3.85 73.25 -42.95
N PRO I 1542 -4.98 73.98 -42.78
CA PRO I 1542 -5.06 75.43 -42.96
C PRO I 1542 -4.01 76.11 -42.10
N ILE I 1543 -3.08 76.80 -42.75
CA ILE I 1543 -2.00 77.49 -42.08
C ILE I 1543 -2.46 78.83 -41.54
N PRO I 1544 -2.57 78.93 -40.20
CA PRO I 1544 -2.93 80.24 -39.64
C PRO I 1544 -1.89 81.26 -40.08
N LEU I 1545 -2.38 82.41 -40.55
CA LEU I 1545 -1.51 83.50 -40.96
C LEU I 1545 -1.70 84.56 -39.89
N SER I 1546 -2.97 84.79 -39.57
CA SER I 1546 -3.37 85.78 -38.59
C SER I 1546 -2.44 85.74 -37.38
N GLY I 1547 -2.12 84.53 -36.94
CA GLY I 1547 -1.52 84.31 -35.65
C GLY I 1547 -2.69 84.06 -34.72
N LYS I 1548 -2.41 83.68 -33.48
CA LYS I 1548 -3.48 83.41 -32.53
C LYS I 1548 -3.87 84.66 -31.76
N THR I 1549 -3.22 85.77 -32.12
CA THR I 1549 -3.60 87.09 -31.64
C THR I 1549 -4.56 87.74 -32.64
N PRO I 1550 -5.88 87.57 -32.44
CA PRO I 1550 -6.87 87.99 -33.42
C PRO I 1550 -6.70 89.45 -33.82
N LEU I 1551 -6.75 89.72 -35.13
CA LEU I 1551 -6.61 91.08 -35.63
C LEU I 1551 -7.88 91.86 -35.31
N GLU I 1552 -7.71 93.09 -34.85
CA GLU I 1552 -8.83 93.86 -34.34
C GLU I 1552 -9.07 95.16 -35.10
N LEU I 1553 -10.31 95.39 -35.50
CA LEU I 1553 -10.71 96.59 -36.21
C LEU I 1553 -11.93 97.19 -35.55
N ARG I 1554 -12.02 98.51 -35.56
CA ARG I 1554 -13.22 99.18 -35.06
C ARG I 1554 -13.90 100.04 -36.10
N ALA I 1555 -15.20 99.83 -36.25
CA ALA I 1555 -16.02 100.68 -37.09
C ALA I 1555 -15.92 102.04 -36.45
N PRO I 1556 -15.68 103.06 -37.27
CA PRO I 1556 -15.59 104.40 -36.68
C PRO I 1556 -17.00 104.90 -36.44
N ALA I 1557 -17.13 105.93 -35.62
CA ALA I 1557 -18.41 106.62 -35.51
C ALA I 1557 -18.40 107.71 -36.59
N SER I 1558 -19.57 108.04 -37.11
CA SER I 1558 -19.71 108.99 -38.21
C SER I 1558 -19.26 108.38 -39.53
N ASN I 1559 -20.21 107.77 -40.22
CA ASN I 1559 -19.96 107.21 -41.53
C ASN I 1559 -19.71 108.29 -42.59
N GLU I 1560 -20.06 109.53 -42.27
CA GLU I 1560 -19.85 110.67 -43.15
C GLU I 1560 -18.47 110.60 -43.83
N ASN I 1561 -17.43 110.35 -43.03
CA ASN I 1561 -16.05 110.26 -43.54
C ASN I 1561 -15.90 109.40 -44.79
N TYR I 1562 -16.47 108.20 -44.75
CA TYR I 1562 -16.45 107.30 -45.88
C TYR I 1562 -17.38 107.81 -46.98
N ALA I 1563 -18.63 108.10 -46.63
CA ALA I 1563 -19.62 108.61 -47.57
C ALA I 1563 -19.00 109.65 -48.50
N ARG I 1564 -18.25 110.58 -47.91
CA ARG I 1564 -17.57 111.63 -48.65
C ARG I 1564 -16.59 111.05 -49.67
N VAL I 1565 -15.60 110.29 -49.17
CA VAL I 1565 -14.53 109.79 -50.03
C VAL I 1565 -15.01 108.69 -50.97
N SER I 1566 -16.26 108.29 -50.85
CA SER I 1566 -16.78 107.14 -51.58
C SER I 1566 -17.74 107.53 -52.70
N GLY I 1567 -18.78 108.26 -52.32
CA GLY I 1567 -19.84 108.59 -53.23
C GLY I 1567 -21.16 108.05 -52.72
N ASP I 1568 -21.09 107.07 -51.82
CA ASP I 1568 -22.31 106.51 -51.24
C ASP I 1568 -22.77 107.39 -50.09
N TYR I 1569 -23.62 108.36 -50.42
CA TYR I 1569 -24.18 109.25 -49.41
C TYR I 1569 -25.45 108.63 -48.85
N ASN I 1570 -25.79 107.45 -49.37
CA ASN I 1570 -27.00 106.73 -48.96
C ASN I 1570 -27.37 107.06 -47.51
N PRO I 1571 -28.55 107.70 -47.30
CA PRO I 1571 -29.01 108.16 -45.98
C PRO I 1571 -29.02 107.04 -44.95
N ILE I 1572 -29.17 105.81 -45.41
CA ILE I 1572 -29.16 104.63 -44.55
C ILE I 1572 -27.98 104.63 -43.57
N HIS I 1573 -26.78 104.91 -44.08
CA HIS I 1573 -25.57 104.86 -43.28
C HIS I 1573 -25.36 106.06 -42.37
N VAL I 1574 -26.00 107.19 -42.69
CA VAL I 1574 -25.64 108.44 -42.05
C VAL I 1574 -26.74 109.13 -41.21
N SER I 1575 -27.98 109.17 -41.71
CA SER I 1575 -29.04 109.89 -40.99
C SER I 1575 -29.81 108.97 -40.07
N ARG I 1576 -30.34 109.54 -38.99
CA ARG I 1576 -31.13 108.79 -38.02
C ARG I 1576 -32.49 108.39 -38.59
N VAL I 1577 -33.16 109.34 -39.23
CA VAL I 1577 -34.53 109.12 -39.64
C VAL I 1577 -34.68 108.33 -40.91
N PHE I 1578 -33.70 108.43 -41.80
CA PHE I 1578 -33.71 107.65 -43.02
C PHE I 1578 -33.51 106.17 -42.72
N SER I 1579 -32.45 105.86 -41.98
CA SER I 1579 -32.20 104.47 -41.59
C SER I 1579 -33.36 103.89 -40.78
N SER I 1580 -33.84 104.64 -39.79
CA SER I 1580 -34.99 104.23 -38.97
C SER I 1580 -36.19 103.80 -39.83
N TYR I 1581 -36.45 104.54 -40.90
CA TYR I 1581 -37.58 104.20 -41.75
C TYR I 1581 -37.36 102.83 -42.39
N ALA I 1582 -36.10 102.49 -42.64
CA ALA I 1582 -35.77 101.25 -43.34
C ALA I 1582 -35.66 100.03 -42.42
N ASN I 1583 -36.22 100.15 -41.21
CA ASN I 1583 -36.17 99.06 -40.25
C ASN I 1583 -34.75 98.54 -40.02
N LEU I 1584 -33.80 99.47 -39.88
CA LEU I 1584 -32.42 99.12 -39.59
C LEU I 1584 -32.09 99.15 -38.10
N PRO I 1585 -31.03 98.42 -37.72
CA PRO I 1585 -30.44 98.54 -36.40
C PRO I 1585 -29.90 99.97 -36.18
N GLY I 1586 -29.87 100.76 -37.25
CA GLY I 1586 -29.54 102.18 -37.15
C GLY I 1586 -28.16 102.57 -37.63
N THR I 1587 -28.09 103.49 -38.60
CA THR I 1587 -26.83 104.10 -39.02
C THR I 1587 -25.77 103.05 -39.26
N ILE I 1588 -26.09 102.13 -40.15
CA ILE I 1588 -25.23 100.98 -40.43
C ILE I 1588 -23.93 101.38 -41.11
N THR I 1589 -22.80 101.03 -40.48
CA THR I 1589 -21.48 101.27 -41.07
C THR I 1589 -21.46 100.76 -42.50
N HIS I 1590 -20.66 101.42 -43.34
CA HIS I 1590 -20.66 101.13 -44.77
C HIS I 1590 -20.20 99.73 -45.12
N GLY I 1591 -21.00 99.03 -45.92
CA GLY I 1591 -20.66 97.70 -46.36
C GLY I 1591 -19.23 97.66 -46.86
N MET I 1592 -18.98 98.39 -47.93
CA MET I 1592 -17.67 98.41 -48.55
C MET I 1592 -16.55 98.93 -47.64
N TYR I 1593 -16.93 99.56 -46.52
CA TYR I 1593 -15.93 100.11 -45.60
C TYR I 1593 -15.31 99.01 -44.78
N THR I 1594 -16.17 98.15 -44.22
CA THR I 1594 -15.72 96.97 -43.53
C THR I 1594 -14.82 96.20 -44.48
N SER I 1595 -15.32 95.97 -45.69
CA SER I 1595 -14.54 95.32 -46.75
C SER I 1595 -13.14 95.90 -46.93
N ALA I 1596 -13.09 97.22 -47.16
CA ALA I 1596 -11.83 97.92 -47.36
C ALA I 1596 -10.88 97.75 -46.18
N ALA I 1597 -11.43 97.95 -44.98
CA ALA I 1597 -10.65 97.88 -43.75
C ALA I 1597 -9.97 96.51 -43.57
N VAL I 1598 -10.78 95.45 -43.49
CA VAL I 1598 -10.26 94.10 -43.36
C VAL I 1598 -9.33 93.76 -44.53
N ARG I 1599 -9.69 94.21 -45.72
CA ARG I 1599 -8.89 93.91 -46.89
C ARG I 1599 -7.48 94.51 -46.79
N SER I 1600 -7.35 95.61 -46.04
CA SER I 1600 -6.03 96.21 -45.83
C SER I 1600 -5.11 95.27 -45.09
N LEU I 1601 -5.65 94.61 -44.07
CA LEU I 1601 -4.90 93.64 -43.30
C LEU I 1601 -4.40 92.56 -44.25
N VAL I 1602 -5.31 92.09 -45.11
CA VAL I 1602 -4.97 91.05 -46.08
C VAL I 1602 -3.76 91.49 -46.90
N GLU I 1603 -3.66 92.80 -47.12
CA GLU I 1603 -2.51 93.36 -47.82
C GLU I 1603 -1.27 93.29 -46.94
N THR I 1604 -1.39 93.94 -45.79
CA THR I 1604 -0.28 94.10 -44.85
C THR I 1604 0.22 92.74 -44.38
N TRP I 1605 -0.73 91.82 -44.20
CA TRP I 1605 -0.45 90.53 -43.57
C TRP I 1605 -0.13 89.39 -44.53
N ALA I 1606 -0.81 89.39 -45.67
CA ALA I 1606 -0.59 88.34 -46.65
C ALA I 1606 0.54 88.70 -47.59
N ALA I 1607 0.39 89.81 -48.30
CA ALA I 1607 1.33 90.19 -49.34
C ALA I 1607 2.54 90.94 -48.79
N GLU I 1608 2.47 91.31 -47.52
CA GLU I 1608 3.57 92.05 -46.90
C GLU I 1608 3.78 93.41 -47.55
N ASN I 1609 2.69 94.09 -47.87
CA ASN I 1609 2.71 95.48 -48.33
C ASN I 1609 3.19 95.73 -49.76
N ASN I 1610 3.22 94.68 -50.58
CA ASN I 1610 3.54 94.81 -52.01
C ASN I 1610 2.28 94.52 -52.82
N ILE I 1611 1.39 95.51 -52.90
CA ILE I 1611 0.01 95.27 -53.31
C ILE I 1611 -0.18 94.54 -54.63
N GLY I 1612 0.81 94.64 -55.52
CA GLY I 1612 0.76 93.89 -56.76
C GLY I 1612 0.37 92.43 -56.56
N ARG I 1613 0.78 91.87 -55.42
CA ARG I 1613 0.50 90.48 -55.09
C ARG I 1613 -1.01 90.20 -54.96
N VAL I 1614 -1.70 91.02 -54.17
CA VAL I 1614 -3.14 90.89 -53.98
C VAL I 1614 -3.90 91.07 -55.30
N ARG I 1615 -4.15 89.94 -55.94
CA ARG I 1615 -4.71 89.93 -57.29
C ARG I 1615 -6.22 89.67 -57.29
N SER I 1616 -6.74 89.25 -56.14
CA SER I 1616 -8.17 88.95 -56.02
C SER I 1616 -8.61 89.04 -54.58
N TYR I 1617 -9.83 89.51 -54.40
CA TYR I 1617 -10.41 89.68 -53.08
C TYR I 1617 -11.90 89.58 -53.29
N HIS I 1618 -12.59 89.00 -52.32
CA HIS I 1618 -14.04 88.87 -52.45
C HIS I 1618 -14.67 88.59 -51.11
N VAL I 1619 -15.51 89.51 -50.66
CA VAL I 1619 -16.15 89.36 -49.38
C VAL I 1619 -17.66 89.29 -49.53
N ASN I 1620 -18.27 88.47 -48.67
CA ASN I 1620 -19.70 88.55 -48.46
C ASN I 1620 -19.93 89.24 -47.14
N MET I 1621 -20.62 90.37 -47.18
CA MET I 1621 -21.05 90.99 -45.95
C MET I 1621 -22.34 90.30 -45.52
N VAL I 1622 -22.36 89.84 -44.28
CA VAL I 1622 -23.46 89.00 -43.82
C VAL I 1622 -23.79 89.36 -42.39
N GLY I 1623 -23.12 90.41 -41.93
CA GLY I 1623 -23.38 90.96 -40.62
C GLY I 1623 -23.41 92.46 -40.74
N MET I 1624 -24.42 93.08 -40.17
CA MET I 1624 -24.51 94.53 -40.17
C MET I 1624 -23.71 95.15 -39.03
N VAL I 1625 -22.68 95.90 -39.40
CA VAL I 1625 -21.77 96.51 -38.44
C VAL I 1625 -22.24 97.92 -38.13
N LEU I 1626 -22.66 98.16 -36.89
CA LEU I 1626 -22.99 99.52 -36.48
C LEU I 1626 -21.67 100.26 -36.28
N PRO I 1627 -21.75 101.55 -35.92
CA PRO I 1627 -20.51 102.28 -35.68
C PRO I 1627 -19.91 101.97 -34.29
N ASN I 1628 -18.59 101.98 -34.22
CA ASN I 1628 -17.85 101.73 -32.98
C ASN I 1628 -17.76 100.27 -32.57
N ASP I 1629 -18.40 99.40 -33.35
CA ASP I 1629 -18.31 97.96 -33.10
C ASP I 1629 -16.87 97.50 -33.20
N ALA I 1630 -16.45 96.68 -32.24
CA ALA I 1630 -15.14 96.05 -32.31
C ALA I 1630 -15.24 94.82 -33.19
N ILE I 1631 -14.29 94.67 -34.10
CA ILE I 1631 -14.35 93.60 -35.08
C ILE I 1631 -13.09 92.76 -35.11
N THR I 1632 -13.26 91.45 -35.19
CA THR I 1632 -12.15 90.52 -35.16
C THR I 1632 -11.88 89.94 -36.54
N VAL I 1633 -10.63 89.84 -36.90
CA VAL I 1633 -10.27 89.32 -38.20
C VAL I 1633 -9.27 88.17 -38.10
N LYS I 1634 -9.61 87.05 -38.71
CA LYS I 1634 -8.69 85.91 -38.82
C LYS I 1634 -8.35 85.65 -40.27
N LEU I 1635 -7.06 85.46 -40.52
CA LEU I 1635 -6.57 85.22 -41.88
C LEU I 1635 -5.86 83.89 -41.91
N GLU I 1636 -6.15 83.12 -42.95
CA GLU I 1636 -5.70 81.74 -43.00
C GLU I 1636 -5.29 81.34 -44.40
N HIS I 1637 -4.04 80.90 -44.55
CA HIS I 1637 -3.56 80.35 -45.80
C HIS I 1637 -4.18 78.96 -45.94
N VAL I 1638 -5.12 78.80 -46.86
CA VAL I 1638 -5.86 77.54 -46.92
C VAL I 1638 -5.82 76.86 -48.29
N GLY I 1639 -5.11 77.47 -49.24
CA GLY I 1639 -4.99 76.88 -50.56
C GLY I 1639 -3.99 77.53 -51.51
N MET I 1640 -3.97 77.03 -52.74
CA MET I 1640 -3.07 77.52 -53.76
C MET I 1640 -3.79 77.45 -55.10
N ILE I 1641 -3.54 78.44 -55.95
CA ILE I 1641 -4.04 78.42 -57.32
C ILE I 1641 -3.06 79.15 -58.22
N ALA I 1642 -2.51 78.45 -59.21
CA ALA I 1642 -1.60 79.08 -60.18
C ALA I 1642 -0.52 79.95 -59.53
N GLY I 1643 0.09 79.43 -58.47
CA GLY I 1643 1.17 80.14 -57.78
C GLY I 1643 0.70 81.21 -56.80
N ARG I 1644 -0.59 81.18 -56.47
CA ARG I 1644 -1.20 82.20 -55.62
C ARG I 1644 -1.85 81.62 -54.37
N LYS I 1645 -1.41 82.09 -53.22
CA LYS I 1645 -1.97 81.68 -51.94
C LYS I 1645 -3.44 82.04 -51.89
N ILE I 1646 -4.27 81.08 -51.53
CA ILE I 1646 -5.64 81.38 -51.20
C ILE I 1646 -5.64 81.78 -49.73
N ILE I 1647 -6.41 82.80 -49.39
CA ILE I 1647 -6.41 83.28 -48.01
C ILE I 1647 -7.81 83.53 -47.48
N LYS I 1648 -8.29 82.57 -46.71
CA LYS I 1648 -9.60 82.67 -46.07
C LYS I 1648 -9.59 83.86 -45.13
N VAL I 1649 -10.63 84.68 -45.25
CA VAL I 1649 -10.75 85.87 -44.43
C VAL I 1649 -12.06 85.82 -43.66
N ASP I 1650 -11.96 85.94 -42.34
CA ASP I 1650 -13.14 85.92 -41.48
C ASP I 1650 -13.13 87.09 -40.50
N ALA I 1651 -14.22 87.86 -40.50
CA ALA I 1651 -14.35 89.01 -39.62
C ALA I 1651 -15.61 88.90 -38.80
N ARG I 1652 -15.51 89.10 -37.49
CA ARG I 1652 -16.65 88.90 -36.61
C ARG I 1652 -16.81 89.99 -35.55
N ASN I 1653 -18.04 90.13 -35.09
CA ASN I 1653 -18.38 91.05 -34.01
C ASN I 1653 -17.75 90.55 -32.72
N LYS I 1654 -16.86 91.35 -32.13
CA LYS I 1654 -16.11 90.91 -30.96
C LYS I 1654 -16.99 90.50 -29.76
N ASP I 1655 -18.27 90.90 -29.77
CA ASP I 1655 -19.16 90.58 -28.66
C ASP I 1655 -20.04 89.37 -28.96
N THR I 1656 -20.44 89.25 -30.23
CA THR I 1656 -21.40 88.22 -30.60
C THR I 1656 -20.75 87.07 -31.35
N ASP I 1657 -19.51 87.30 -31.79
CA ASP I 1657 -18.80 86.36 -32.66
C ASP I 1657 -19.58 86.13 -33.95
N GLU I 1658 -20.63 86.92 -34.15
CA GLU I 1658 -21.42 86.83 -35.36
C GLU I 1658 -20.57 87.22 -36.56
N SER I 1659 -20.80 86.54 -37.67
CA SER I 1659 -20.01 86.77 -38.86
C SER I 1659 -20.40 88.08 -39.53
N VAL I 1660 -19.41 88.96 -39.69
CA VAL I 1660 -19.58 90.21 -40.42
C VAL I 1660 -19.13 90.02 -41.87
N LEU I 1661 -17.91 89.53 -42.02
CA LEU I 1661 -17.35 89.26 -43.33
C LEU I 1661 -16.87 87.85 -43.42
N GLN I 1662 -17.01 87.28 -44.61
CA GLN I 1662 -16.46 85.97 -44.92
C GLN I 1662 -16.07 86.01 -46.38
N GLY I 1663 -14.88 85.54 -46.68
CA GLY I 1663 -14.44 85.55 -48.05
C GLY I 1663 -12.97 85.22 -48.18
N GLU I 1664 -12.54 85.06 -49.43
CA GLU I 1664 -11.18 84.62 -49.74
C GLU I 1664 -10.44 85.64 -50.61
N ALA I 1665 -9.12 85.58 -50.57
CA ALA I 1665 -8.30 86.50 -51.34
C ALA I 1665 -7.14 85.74 -51.97
N GLU I 1666 -7.05 85.79 -53.30
CA GLU I 1666 -5.92 85.17 -53.99
C GLU I 1666 -4.74 86.15 -54.03
N VAL I 1667 -3.65 85.76 -53.38
CA VAL I 1667 -2.51 86.66 -53.18
C VAL I 1667 -1.21 85.98 -53.62
N GLU I 1668 -0.39 86.70 -54.39
CA GLU I 1668 0.82 86.11 -54.94
C GLU I 1668 1.87 85.76 -53.88
N GLN I 1669 2.62 84.71 -54.14
CA GLN I 1669 3.73 84.31 -53.26
C GLN I 1669 4.79 85.39 -53.30
N PRO I 1670 5.74 85.36 -52.33
CA PRO I 1670 6.95 86.19 -52.41
C PRO I 1670 7.73 85.97 -53.71
N VAL I 1671 8.76 86.78 -53.94
CA VAL I 1671 9.59 86.66 -55.13
C VAL I 1671 10.34 85.32 -55.19
N THR I 1672 10.08 84.51 -56.21
CA THR I 1672 10.70 83.19 -56.27
C THR I 1672 11.58 82.98 -57.50
N ALA I 1673 12.62 82.17 -57.32
CA ALA I 1673 13.54 81.84 -58.39
C ALA I 1673 13.83 80.34 -58.40
N TYR I 1674 13.48 79.67 -59.50
CA TYR I 1674 13.66 78.23 -59.61
C TYR I 1674 14.96 77.86 -60.33
N VAL I 1675 15.87 77.22 -59.61
CA VAL I 1675 17.13 76.81 -60.20
C VAL I 1675 17.29 75.29 -60.14
N PHE I 1676 17.74 74.72 -61.25
CA PHE I 1676 17.81 73.27 -61.43
C PHE I 1676 19.25 72.78 -61.46
N THR I 1677 19.59 71.91 -60.50
CA THR I 1677 20.95 71.40 -60.33
C THR I 1677 21.44 70.60 -61.53
N GLY I 1678 22.76 70.45 -61.65
CA GLY I 1678 23.35 69.78 -62.80
C GLY I 1678 24.03 68.49 -62.39
N GLN I 1679 24.86 67.94 -63.29
CA GLN I 1679 25.56 66.68 -63.03
C GLN I 1679 26.35 66.69 -61.72
N GLY I 1680 26.62 65.52 -61.16
CA GLY I 1680 27.34 65.42 -59.90
C GLY I 1680 26.47 65.13 -58.69
N SER I 1681 25.29 65.76 -58.63
CA SER I 1681 24.39 65.57 -57.51
C SER I 1681 23.49 64.34 -57.68
N GLN I 1682 23.69 63.60 -58.76
CA GLN I 1682 22.90 62.40 -58.99
C GLN I 1682 23.21 61.33 -57.95
N GLU I 1683 22.13 60.76 -57.40
CA GLU I 1683 22.24 59.67 -56.44
C GLU I 1683 21.29 58.54 -56.84
N GLN I 1684 21.63 57.33 -56.42
CA GLN I 1684 20.83 56.15 -56.75
C GLN I 1684 19.41 56.28 -56.23
N GLY I 1685 18.45 55.83 -57.02
CA GLY I 1685 17.05 55.83 -56.63
C GLY I 1685 16.48 57.22 -56.39
N MET I 1686 17.11 58.24 -56.97
CA MET I 1686 16.62 59.61 -56.83
C MET I 1686 15.16 59.77 -57.30
N GLY I 1687 14.38 60.56 -56.56
CA GLY I 1687 13.01 60.88 -56.93
C GLY I 1687 12.11 59.69 -57.17
N MET I 1688 12.52 58.52 -56.68
CA MET I 1688 11.75 57.28 -56.80
C MET I 1688 10.68 57.18 -55.71
N ASP I 1689 10.99 57.70 -54.53
CA ASP I 1689 10.02 57.79 -53.45
C ASP I 1689 8.84 58.63 -53.94
N LEU I 1690 9.16 59.86 -54.32
CA LEU I 1690 8.22 60.79 -54.93
C LEU I 1690 7.50 60.14 -56.12
N TYR I 1691 8.20 59.24 -56.80
CA TYR I 1691 7.61 58.45 -57.88
C TYR I 1691 6.34 57.72 -57.40
N ALA I 1692 6.49 56.83 -56.43
CA ALA I 1692 5.37 56.01 -55.98
C ALA I 1692 4.24 56.88 -55.42
N THR I 1693 4.63 57.93 -54.70
CA THR I 1693 3.68 58.78 -53.99
C THR I 1693 2.91 59.77 -54.88
N SER I 1694 3.49 60.15 -56.03
CA SER I 1694 2.86 61.15 -56.90
C SER I 1694 2.41 60.56 -58.24
N PRO I 1695 1.08 60.43 -58.41
CA PRO I 1695 0.49 59.90 -59.65
C PRO I 1695 0.99 60.69 -60.86
N VAL I 1696 1.33 61.96 -60.64
CA VAL I 1696 1.80 62.83 -61.69
C VAL I 1696 3.21 62.50 -62.11
N ALA I 1697 4.13 62.59 -61.16
CA ALA I 1697 5.53 62.25 -61.39
C ALA I 1697 5.65 60.80 -61.86
N LYS I 1698 4.75 59.98 -61.34
CA LYS I 1698 4.64 58.59 -61.73
C LYS I 1698 4.73 58.54 -63.25
N GLU I 1699 3.86 59.32 -63.88
CA GLU I 1699 3.64 59.25 -65.32
C GLU I 1699 4.75 59.91 -66.12
N VAL I 1700 5.30 60.99 -65.60
CA VAL I 1700 6.42 61.65 -66.25
C VAL I 1700 7.52 60.63 -66.52
N TRP I 1701 7.90 59.92 -65.47
CA TRP I 1701 8.91 58.88 -65.58
C TRP I 1701 8.51 57.81 -66.59
N ASP I 1702 7.26 57.36 -66.47
CA ASP I 1702 6.78 56.30 -67.33
C ASP I 1702 6.91 56.66 -68.81
N ARG I 1703 6.42 57.84 -69.18
CA ARG I 1703 6.44 58.25 -70.60
C ARG I 1703 7.86 58.28 -71.14
N ALA I 1704 8.78 58.73 -70.29
CA ALA I 1704 10.18 58.78 -70.62
C ALA I 1704 10.71 57.37 -70.78
N ASP I 1705 10.39 56.51 -69.82
CA ASP I 1705 10.89 55.15 -69.82
C ASP I 1705 10.34 54.45 -71.04
N LYS I 1706 9.02 54.47 -71.17
CA LYS I 1706 8.31 53.92 -72.32
C LYS I 1706 9.07 54.28 -73.58
N HIS I 1707 9.42 55.56 -73.71
CA HIS I 1707 10.20 56.03 -74.83
C HIS I 1707 11.51 55.24 -74.94
N PHE I 1708 12.41 55.48 -74.01
CA PHE I 1708 13.74 54.85 -73.99
C PHE I 1708 13.75 53.37 -74.32
N ARG I 1709 12.83 52.65 -73.70
CA ARG I 1709 12.79 51.20 -73.88
C ARG I 1709 12.51 50.88 -75.33
N GLU I 1710 11.51 51.53 -75.90
CA GLU I 1710 11.05 51.21 -77.25
C GLU I 1710 11.95 51.71 -78.38
N ASN I 1711 12.81 52.67 -78.06
CA ASN I 1711 13.68 53.29 -79.06
C ASN I 1711 15.13 52.92 -78.87
N TYR I 1712 15.63 53.08 -77.65
CA TYR I 1712 17.04 52.81 -77.37
C TYR I 1712 17.24 51.48 -76.65
N GLY I 1713 16.13 50.87 -76.23
CA GLY I 1713 16.19 49.52 -75.72
C GLY I 1713 16.73 49.36 -74.31
N PHE I 1714 16.46 50.34 -73.45
CA PHE I 1714 16.77 50.23 -72.04
C PHE I 1714 15.85 51.13 -71.24
N SER I 1715 15.78 50.88 -69.93
CA SER I 1715 14.96 51.72 -69.05
C SER I 1715 15.84 52.55 -68.14
N ILE I 1716 15.58 53.85 -68.08
CA ILE I 1716 16.38 54.71 -67.19
C ILE I 1716 15.90 54.57 -65.74
N ILE I 1717 14.64 54.19 -65.59
CA ILE I 1717 14.09 53.92 -64.28
C ILE I 1717 14.87 52.78 -63.61
N ASP I 1718 15.13 51.72 -64.36
CA ASP I 1718 16.02 50.65 -63.88
C ASP I 1718 17.40 51.17 -63.52
N ILE I 1719 18.05 51.83 -64.46
CA ILE I 1719 19.38 52.39 -64.22
C ILE I 1719 19.37 53.23 -62.96
N VAL I 1720 18.30 54.00 -62.77
CA VAL I 1720 18.18 54.83 -61.58
C VAL I 1720 18.00 54.00 -60.31
N LYS I 1721 16.95 53.19 -60.25
CA LYS I 1721 16.68 52.33 -59.09
C LYS I 1721 17.91 51.55 -58.68
N ASN I 1722 18.27 50.53 -59.45
CA ASN I 1722 19.48 49.77 -59.16
C ASN I 1722 20.56 50.06 -60.20
N ASN I 1723 21.51 50.92 -59.83
CA ASN I 1723 22.58 51.41 -60.71
C ASN I 1723 23.52 50.30 -61.19
N PRO I 1724 23.33 49.81 -62.43
CA PRO I 1724 24.12 48.68 -62.95
C PRO I 1724 25.52 49.14 -63.36
N LYS I 1725 26.53 48.34 -63.05
CA LYS I 1725 27.88 48.69 -63.48
C LYS I 1725 28.02 48.41 -64.98
N GLU I 1726 27.00 47.77 -65.54
CA GLU I 1726 26.91 47.58 -66.98
C GLU I 1726 25.50 47.14 -67.36
N LEU I 1727 25.21 47.27 -68.65
CA LEU I 1727 23.89 46.99 -69.16
C LEU I 1727 24.03 46.82 -70.66
N THR I 1728 23.27 45.89 -71.22
CA THR I 1728 23.34 45.62 -72.64
C THR I 1728 21.96 45.57 -73.29
N VAL I 1729 21.82 46.24 -74.42
CA VAL I 1729 20.56 46.28 -75.14
C VAL I 1729 20.58 45.24 -76.26
N HIS I 1730 19.41 44.71 -76.62
CA HIS I 1730 19.36 43.67 -77.65
C HIS I 1730 18.47 44.04 -78.82
N PHE I 1731 18.94 43.76 -80.03
CA PHE I 1731 18.24 44.13 -81.26
C PHE I 1731 17.46 42.98 -81.86
N GLY I 1732 16.33 42.67 -81.21
CA GLY I 1732 15.57 41.46 -81.49
C GLY I 1732 14.79 41.51 -82.78
N GLY I 1733 13.51 41.15 -82.70
CA GLY I 1733 12.69 40.97 -83.88
C GLY I 1733 12.28 42.30 -84.50
N PRO I 1734 11.05 42.37 -85.00
CA PRO I 1734 10.53 43.62 -85.55
C PRO I 1734 11.03 44.83 -84.76
N ARG I 1735 10.52 45.04 -83.54
CA ARG I 1735 10.91 46.21 -82.77
C ARG I 1735 12.35 46.12 -82.24
N GLY I 1736 12.98 44.97 -82.44
CA GLY I 1736 14.38 44.81 -82.11
C GLY I 1736 15.25 45.56 -83.11
N LYS I 1737 15.02 45.30 -84.39
CA LYS I 1737 15.80 45.91 -85.46
C LYS I 1737 15.62 47.44 -85.50
N ILE I 1738 14.37 47.91 -85.37
CA ILE I 1738 14.08 49.34 -85.39
C ILE I 1738 14.88 50.11 -84.34
N ILE I 1739 15.31 49.41 -83.30
CA ILE I 1739 16.12 50.02 -82.26
C ILE I 1739 17.52 50.26 -82.78
N ARG I 1740 18.15 49.21 -83.30
CA ARG I 1740 19.54 49.34 -83.73
C ARG I 1740 19.65 50.38 -84.83
N GLN I 1741 18.54 50.62 -85.52
CA GLN I 1741 18.49 51.66 -86.52
C GLN I 1741 18.89 53.01 -85.89
N ASN I 1742 18.33 53.28 -84.71
CA ASN I 1742 18.59 54.52 -84.00
C ASN I 1742 20.01 54.59 -83.48
N TYR I 1743 20.58 53.42 -83.23
CA TYR I 1743 21.98 53.33 -82.79
C TYR I 1743 22.93 53.57 -83.95
N MET I 1744 22.51 53.11 -85.13
CA MET I 1744 23.25 53.31 -86.35
C MET I 1744 23.14 54.75 -86.85
N SER I 1745 21.96 55.35 -86.64
CA SER I 1745 21.66 56.71 -87.08
C SER I 1745 22.14 57.80 -86.10
N MET I 1746 23.21 57.50 -85.37
CA MET I 1746 23.81 58.47 -84.46
C MET I 1746 25.00 59.13 -85.12
N THR I 1747 24.82 60.40 -85.47
CA THR I 1747 25.75 61.13 -86.33
C THR I 1747 26.75 61.97 -85.53
N PHE I 1748 27.98 61.47 -85.44
CA PHE I 1748 29.08 62.16 -84.78
C PHE I 1748 29.80 63.03 -85.81
N GLU I 1749 30.48 64.08 -85.37
CA GLU I 1749 31.16 64.95 -86.33
C GLU I 1749 32.48 65.56 -85.87
N THR I 1750 33.56 65.18 -86.53
CA THR I 1750 34.89 65.75 -86.30
C THR I 1750 35.56 65.99 -87.65
N VAL I 1751 35.97 67.24 -87.89
CA VAL I 1751 36.62 67.63 -89.15
C VAL I 1751 38.14 67.43 -89.09
N ASN I 1752 38.73 67.04 -90.22
CA ASN I 1752 40.17 66.85 -90.35
C ASN I 1752 40.90 68.20 -90.25
N ALA I 1753 42.22 68.15 -89.99
CA ALA I 1753 43.04 69.37 -89.89
C ALA I 1753 43.37 69.98 -91.25
N ASP I 1754 42.63 69.56 -92.28
CA ASP I 1754 42.70 70.19 -93.59
C ASP I 1754 41.37 70.87 -94.00
N GLY I 1755 40.25 70.41 -93.43
CA GLY I 1755 38.98 71.06 -93.64
C GLY I 1755 37.88 70.22 -94.27
N SER I 1756 37.91 68.90 -94.07
CA SER I 1756 36.84 68.02 -94.53
C SER I 1756 36.07 67.46 -93.34
N ILE I 1757 34.76 67.68 -93.34
CA ILE I 1757 33.89 67.34 -92.20
C ILE I 1757 33.59 65.84 -92.08
N LYS I 1758 34.45 65.12 -91.34
CA LYS I 1758 34.26 63.68 -91.14
C LYS I 1758 32.98 63.44 -90.35
N THR I 1759 31.99 62.87 -91.03
CA THR I 1759 30.73 62.49 -90.41
C THR I 1759 30.79 61.01 -89.99
N GLU I 1760 30.95 60.76 -88.68
CA GLU I 1760 31.20 59.41 -88.15
C GLU I 1760 30.05 58.85 -87.30
N LYS I 1761 30.12 57.56 -86.99
CA LYS I 1761 29.13 56.94 -86.12
C LYS I 1761 29.51 57.16 -84.67
N ILE I 1762 28.51 57.29 -83.82
CA ILE I 1762 28.76 57.36 -82.39
C ILE I 1762 28.94 55.93 -81.89
N PHE I 1763 28.06 55.06 -82.37
CA PHE I 1763 28.10 53.64 -82.04
C PHE I 1763 28.78 52.87 -83.15
N LYS I 1764 30.11 52.92 -83.10
CA LYS I 1764 30.95 52.46 -84.17
C LYS I 1764 30.65 51.02 -84.57
N GLU I 1765 30.57 50.15 -83.57
CA GLU I 1765 30.51 48.70 -83.79
C GLU I 1765 29.11 48.21 -84.07
N VAL I 1766 28.15 49.13 -84.07
CA VAL I 1766 26.75 48.78 -84.35
C VAL I 1766 26.44 48.85 -85.86
N ASP I 1767 26.28 47.69 -86.48
CA ASP I 1767 25.89 47.62 -87.89
C ASP I 1767 24.61 46.78 -88.09
N GLU I 1768 24.35 46.40 -89.33
CA GLU I 1768 23.17 45.60 -89.64
C GLU I 1768 23.47 44.13 -89.43
N ASN I 1769 24.56 43.87 -88.71
CA ASN I 1769 24.95 42.53 -88.32
C ASN I 1769 25.12 42.44 -86.81
N SER I 1770 24.63 43.46 -86.11
CA SER I 1770 24.78 43.54 -84.66
C SER I 1770 23.50 43.14 -83.95
N THR I 1771 23.65 42.24 -82.97
CA THR I 1771 22.53 41.72 -82.18
C THR I 1771 22.37 42.46 -80.85
N SER I 1772 23.44 43.13 -80.43
CA SER I 1772 23.43 43.77 -79.12
C SER I 1772 24.57 44.76 -78.96
N TYR I 1773 24.36 45.75 -78.11
CA TYR I 1773 25.41 46.69 -77.74
C TYR I 1773 25.43 46.77 -76.23
N THR I 1774 26.62 46.94 -75.68
CA THR I 1774 26.81 46.89 -74.23
C THR I 1774 27.41 48.19 -73.64
N TYR I 1775 26.65 48.85 -72.79
CA TYR I 1775 27.14 50.02 -72.07
C TYR I 1775 27.92 49.54 -70.84
N ARG I 1776 29.03 50.20 -70.52
CA ARG I 1776 29.80 49.83 -69.33
C ARG I 1776 30.37 51.04 -68.61
N SER I 1777 30.23 51.04 -67.28
CA SER I 1777 30.90 52.01 -66.41
C SER I 1777 31.46 51.27 -65.22
N PRO I 1778 32.67 51.65 -64.80
CA PRO I 1778 33.31 50.99 -63.66
C PRO I 1778 32.56 51.26 -62.36
N SER I 1779 31.80 52.35 -62.33
CA SER I 1779 31.15 52.81 -61.08
C SER I 1779 29.65 53.01 -61.25
N GLY I 1780 29.01 52.13 -62.02
CA GLY I 1780 27.58 52.22 -62.24
C GLY I 1780 27.23 53.17 -63.37
N LEU I 1781 26.31 52.72 -64.23
CA LEU I 1781 25.93 53.47 -65.43
C LEU I 1781 25.20 54.79 -65.15
N LEU I 1782 24.74 54.97 -63.90
CA LEU I 1782 24.13 56.23 -63.49
C LEU I 1782 25.22 57.24 -63.20
N SER I 1783 26.45 56.88 -63.56
CA SER I 1783 27.62 57.71 -63.31
C SER I 1783 28.20 58.26 -64.62
N ALA I 1784 27.95 57.57 -65.72
CA ALA I 1784 28.31 58.08 -67.05
C ALA I 1784 27.11 58.82 -67.64
N THR I 1785 27.37 59.92 -68.33
CA THR I 1785 26.35 60.92 -68.63
C THR I 1785 25.17 60.54 -69.55
N GLN I 1786 25.39 59.68 -70.55
CA GLN I 1786 24.29 59.34 -71.46
C GLN I 1786 23.07 58.97 -70.64
N PHE I 1787 23.34 58.47 -69.44
CA PHE I 1787 22.30 58.11 -68.51
C PHE I 1787 22.14 59.14 -67.37
N THR I 1788 23.26 59.48 -66.72
CA THR I 1788 23.29 60.48 -65.65
C THR I 1788 22.41 61.69 -65.97
N GLN I 1789 22.46 62.14 -67.23
CA GLN I 1789 21.77 63.36 -67.62
C GLN I 1789 20.26 63.18 -67.73
N PRO I 1790 19.81 62.27 -68.62
CA PRO I 1790 18.36 62.12 -68.80
C PRO I 1790 17.72 61.85 -67.46
N ALA I 1791 18.43 61.11 -66.62
CA ALA I 1791 17.94 60.75 -65.29
C ALA I 1791 17.76 62.00 -64.42
N LEU I 1792 18.79 62.83 -64.35
CA LEU I 1792 18.72 64.06 -63.56
C LEU I 1792 17.63 64.98 -64.09
N THR I 1793 17.59 65.13 -65.41
CA THR I 1793 16.53 65.89 -66.06
C THR I 1793 15.17 65.41 -65.58
N LEU I 1794 15.01 64.07 -65.64
CA LEU I 1794 13.76 63.39 -65.35
C LEU I 1794 13.26 63.68 -63.94
N MET I 1795 14.12 63.41 -62.96
CA MET I 1795 13.78 63.62 -61.56
C MET I 1795 13.29 65.06 -61.36
N GLU I 1796 13.97 66.00 -62.01
CA GLU I 1796 13.65 67.40 -61.82
C GLU I 1796 12.31 67.77 -62.44
N LYS I 1797 12.16 67.45 -63.72
CA LYS I 1797 10.90 67.70 -64.43
C LYS I 1797 9.71 67.19 -63.62
N ALA I 1798 9.80 65.91 -63.25
CA ALA I 1798 8.77 65.28 -62.47
C ALA I 1798 8.52 66.05 -61.17
N SER I 1799 9.56 66.21 -60.37
CA SER I 1799 9.48 66.89 -59.08
C SER I 1799 8.73 68.21 -59.21
N PHE I 1800 9.14 69.00 -60.19
CA PHE I 1800 8.55 70.32 -60.44
C PHE I 1800 7.09 70.17 -60.88
N GLU I 1801 6.87 69.24 -61.81
CA GLU I 1801 5.54 69.01 -62.34
C GLU I 1801 4.57 68.67 -61.21
N ASP I 1802 5.11 68.15 -60.12
CA ASP I 1802 4.29 67.85 -58.96
C ASP I 1802 3.89 69.12 -58.25
N MET I 1803 4.87 69.98 -57.98
CA MET I 1803 4.59 71.26 -57.35
C MET I 1803 3.53 71.96 -58.17
N ARG I 1804 3.70 71.89 -59.49
CA ARG I 1804 2.77 72.49 -60.42
C ARG I 1804 1.40 71.91 -60.17
N SER I 1805 1.36 70.58 -60.08
CA SER I 1805 0.14 69.84 -59.78
C SER I 1805 -0.61 70.42 -58.57
N LYS I 1806 0.12 70.94 -57.60
CA LYS I 1806 -0.50 71.45 -56.38
C LYS I 1806 -0.60 72.96 -56.34
N GLY I 1807 -0.28 73.59 -57.47
CA GLY I 1807 -0.44 75.03 -57.65
C GLY I 1807 0.61 75.86 -56.94
N LEU I 1808 1.83 75.34 -56.87
CA LEU I 1808 2.90 76.00 -56.14
C LEU I 1808 3.76 76.83 -57.07
N VAL I 1809 3.71 76.53 -58.36
CA VAL I 1809 4.56 77.22 -59.32
C VAL I 1809 4.06 78.66 -59.51
N GLN I 1810 4.96 79.62 -59.27
CA GLN I 1810 4.64 81.03 -59.38
C GLN I 1810 4.73 81.49 -60.84
N ARG I 1811 3.77 82.31 -61.25
CA ARG I 1811 3.69 82.76 -62.64
C ARG I 1811 4.91 83.57 -63.05
N ASP I 1812 5.06 84.74 -62.41
CA ASP I 1812 6.13 85.68 -62.76
C ASP I 1812 7.39 85.41 -61.97
N SER I 1813 8.01 84.27 -62.21
CA SER I 1813 9.29 83.97 -61.57
C SER I 1813 10.34 83.66 -62.63
N THR I 1814 11.59 83.57 -62.18
CA THR I 1814 12.70 83.32 -63.07
C THR I 1814 13.18 81.89 -62.89
N PHE I 1815 13.86 81.36 -63.89
CA PHE I 1815 14.37 80.00 -63.82
C PHE I 1815 15.68 79.84 -64.56
N ALA I 1816 16.61 79.12 -63.95
CA ALA I 1816 17.93 78.91 -64.55
C ALA I 1816 18.41 77.52 -64.20
N GLY I 1817 19.27 76.96 -65.05
CA GLY I 1817 19.84 75.65 -64.81
C GLY I 1817 21.35 75.65 -65.01
N HIS I 1818 22.02 74.73 -64.32
CA HIS I 1818 23.49 74.66 -64.37
C HIS I 1818 23.97 73.46 -65.21
N SER I 1819 24.74 73.75 -66.27
CA SER I 1819 25.18 72.74 -67.23
C SER I 1819 23.97 72.03 -67.81
N LEU I 1820 23.77 70.78 -67.41
CA LEU I 1820 22.59 70.03 -67.79
C LEU I 1820 21.31 70.77 -67.41
N GLY I 1821 21.26 71.17 -66.13
CA GLY I 1821 20.08 71.75 -65.50
C GLY I 1821 19.35 72.82 -66.27
N GLU I 1822 19.99 73.38 -67.29
CA GLU I 1822 19.33 74.37 -68.12
C GLU I 1822 18.23 73.72 -68.94
N TYR I 1823 18.52 72.56 -69.51
CA TYR I 1823 17.53 71.88 -70.33
C TYR I 1823 16.29 71.51 -69.51
N SER I 1824 16.53 70.91 -68.35
CA SER I 1824 15.44 70.55 -67.45
C SER I 1824 14.64 71.80 -67.07
N ALA I 1825 15.33 72.79 -66.50
CA ALA I 1825 14.72 74.07 -66.14
C ALA I 1825 13.83 74.60 -67.26
N LEU I 1826 14.34 74.56 -68.49
CA LEU I 1826 13.60 75.01 -69.66
C LEU I 1826 12.26 74.31 -69.74
N VAL I 1827 12.32 73.01 -70.01
CA VAL I 1827 11.14 72.18 -70.14
C VAL I 1827 10.23 72.28 -68.92
N ALA I 1828 10.84 72.54 -67.77
CA ALA I 1828 10.12 72.60 -66.50
C ALA I 1828 9.04 73.67 -66.51
N LEU I 1829 9.42 74.89 -66.92
CA LEU I 1829 8.52 76.04 -66.84
C LEU I 1829 7.97 76.47 -68.20
N ALA I 1830 8.83 76.44 -69.21
CA ALA I 1830 8.38 76.63 -70.58
C ALA I 1830 8.27 75.25 -71.21
N ASP I 1831 7.16 74.99 -71.89
CA ASP I 1831 7.01 73.70 -72.55
C ASP I 1831 7.85 73.58 -73.82
N VAL I 1832 9.15 73.79 -73.66
CA VAL I 1832 10.08 73.90 -74.78
C VAL I 1832 10.02 72.68 -75.69
N MET I 1833 9.56 71.57 -75.13
CA MET I 1833 9.48 70.32 -75.88
C MET I 1833 8.88 69.21 -75.02
N PRO I 1834 8.24 68.23 -75.67
CA PRO I 1834 7.76 67.00 -75.01
C PRO I 1834 8.89 66.30 -74.27
N ILE I 1835 8.53 65.54 -73.24
CA ILE I 1835 9.52 64.93 -72.37
C ILE I 1835 10.41 63.90 -73.06
N GLU I 1836 9.84 63.22 -74.06
CA GLU I 1836 10.59 62.24 -74.86
C GLU I 1836 11.62 62.95 -75.70
N SER I 1837 11.26 64.14 -76.18
CA SER I 1837 12.22 64.97 -76.87
C SER I 1837 13.35 65.29 -75.90
N LEU I 1838 12.98 65.88 -74.77
CA LEU I 1838 13.94 66.30 -73.75
C LEU I 1838 15.02 65.24 -73.44
N VAL I 1839 14.57 64.02 -73.11
CA VAL I 1839 15.49 62.96 -72.72
C VAL I 1839 16.36 62.52 -73.88
N SER I 1840 15.79 62.52 -75.08
CA SER I 1840 16.54 62.23 -76.30
C SER I 1840 17.62 63.28 -76.53
N VAL I 1841 17.17 64.52 -76.63
CA VAL I 1841 18.04 65.68 -76.66
C VAL I 1841 19.23 65.46 -75.72
N VAL I 1842 18.93 65.47 -74.43
CA VAL I 1842 19.95 65.35 -73.38
C VAL I 1842 20.83 64.11 -73.55
N PHE I 1843 20.22 62.98 -73.85
CA PHE I 1843 20.93 61.72 -74.04
C PHE I 1843 22.01 61.88 -75.12
N TYR I 1844 21.66 62.64 -76.15
CA TYR I 1844 22.57 62.93 -77.25
C TYR I 1844 23.69 63.85 -76.77
N ARG I 1845 23.32 64.86 -76.00
CA ARG I 1845 24.29 65.76 -75.42
C ARG I 1845 25.38 64.99 -74.71
N GLY I 1846 24.97 64.12 -73.79
CA GLY I 1846 25.90 63.30 -73.05
C GLY I 1846 26.76 62.43 -73.95
N LEU I 1847 26.13 61.86 -74.98
CA LEU I 1847 26.87 61.07 -75.95
C LEU I 1847 28.02 61.87 -76.57
N THR I 1848 27.68 63.00 -77.20
CA THR I 1848 28.67 63.82 -77.90
C THR I 1848 29.74 64.30 -76.93
N MET I 1849 29.30 64.73 -75.75
CA MET I 1849 30.20 65.17 -74.71
C MET I 1849 31.23 64.11 -74.34
N GLN I 1850 30.90 62.83 -74.51
CA GLN I 1850 31.83 61.79 -74.14
C GLN I 1850 32.77 61.41 -75.28
N VAL I 1851 32.26 61.48 -76.50
CA VAL I 1851 33.04 61.12 -77.69
C VAL I 1851 33.93 62.25 -78.17
N ALA I 1852 33.67 63.46 -77.67
CA ALA I 1852 34.47 64.65 -78.01
C ALA I 1852 35.98 64.45 -77.79
N VAL I 1853 36.35 63.92 -76.60
CA VAL I 1853 37.75 63.70 -76.24
C VAL I 1853 38.30 62.39 -76.80
N GLU I 1854 39.61 62.38 -77.03
CA GLU I 1854 40.30 61.19 -77.45
C GLU I 1854 40.90 60.47 -76.24
N ARG I 1855 40.66 59.16 -76.15
CA ARG I 1855 41.35 58.33 -75.17
C ARG I 1855 42.02 57.15 -75.86
N ASP I 1856 42.89 56.46 -75.13
CA ASP I 1856 43.67 55.38 -75.71
C ASP I 1856 43.19 54.01 -75.23
N GLU I 1857 44.08 53.01 -75.34
CA GLU I 1857 43.76 51.62 -75.03
C GLU I 1857 43.50 51.35 -73.55
N GLN I 1858 44.21 52.08 -72.68
CA GLN I 1858 44.05 51.90 -71.25
C GLN I 1858 42.76 52.55 -70.74
N GLY I 1859 42.06 53.24 -71.63
CA GLY I 1859 40.91 54.07 -71.27
C GLY I 1859 41.41 55.44 -70.86
N ARG I 1860 42.73 55.58 -70.89
CA ARG I 1860 43.43 56.81 -70.55
C ARG I 1860 42.90 58.01 -71.36
N SER I 1861 42.35 58.99 -70.63
CA SER I 1861 41.79 60.20 -71.23
C SER I 1861 42.86 61.27 -71.45
N ASN I 1862 42.56 62.23 -72.33
CA ASN I 1862 43.53 63.23 -72.73
C ASN I 1862 43.59 64.42 -71.75
N TYR I 1863 42.43 64.92 -71.36
CA TYR I 1863 42.35 66.11 -70.54
C TYR I 1863 41.74 65.77 -69.18
N ALA I 1864 41.38 66.81 -68.43
CA ALA I 1864 40.66 66.69 -67.16
C ALA I 1864 40.30 68.06 -66.59
N MET I 1865 39.31 68.11 -65.70
CA MET I 1865 38.90 69.37 -65.09
C MET I 1865 39.26 69.47 -63.62
N CYS I 1866 39.36 70.70 -63.13
CA CYS I 1866 39.79 70.93 -61.77
C CYS I 1866 39.23 72.25 -61.24
N ALA I 1867 38.79 72.23 -59.98
CA ALA I 1867 38.19 73.39 -59.34
C ALA I 1867 39.23 74.18 -58.56
N VAL I 1868 39.10 75.50 -58.58
CA VAL I 1868 40.08 76.36 -57.93
C VAL I 1868 39.45 77.47 -57.08
N ASN I 1869 39.89 77.53 -55.81
CA ASN I 1869 39.44 78.52 -54.84
C ASN I 1869 40.47 79.64 -54.65
N PRO I 1870 40.27 80.80 -55.32
CA PRO I 1870 41.26 81.90 -55.32
C PRO I 1870 41.53 82.46 -53.92
N SER I 1871 40.57 82.29 -53.01
CA SER I 1871 40.68 82.73 -51.62
C SER I 1871 41.84 82.05 -50.88
N ARG I 1872 42.06 80.77 -51.18
CA ARG I 1872 43.04 79.96 -50.46
C ARG I 1872 44.49 80.30 -50.83
N ILE I 1873 44.67 81.08 -51.90
CA ILE I 1873 45.97 81.62 -52.26
C ILE I 1873 46.27 82.83 -51.37
N SER I 1874 45.89 84.01 -51.85
CA SER I 1874 46.00 85.24 -51.08
C SER I 1874 44.66 85.95 -51.13
N PRO I 1875 44.17 86.46 -49.97
CA PRO I 1875 42.92 87.23 -49.95
C PRO I 1875 42.93 88.44 -50.88
N THR I 1876 44.06 88.71 -51.53
CA THR I 1876 44.16 89.78 -52.53
C THR I 1876 43.84 89.24 -53.93
N PHE I 1877 43.80 87.91 -54.03
CA PHE I 1877 43.57 87.19 -55.28
C PHE I 1877 42.12 87.31 -55.76
N THR I 1878 41.93 87.94 -56.92
CA THR I 1878 40.59 88.24 -57.40
C THR I 1878 40.13 87.29 -58.51
N GLU I 1879 38.94 87.56 -59.04
CA GLU I 1879 38.42 86.84 -60.21
C GLU I 1879 39.36 87.06 -61.40
N GLN I 1880 39.56 88.32 -61.78
CA GLN I 1880 40.46 88.69 -62.88
C GLN I 1880 41.89 88.21 -62.67
N ALA I 1881 42.23 87.97 -61.40
CA ALA I 1881 43.55 87.47 -61.02
C ALA I 1881 43.75 86.04 -61.52
N LEU I 1882 42.81 85.16 -61.19
CA LEU I 1882 42.87 83.77 -61.67
C LEU I 1882 42.75 83.72 -63.19
N GLN I 1883 41.99 84.65 -63.77
CA GLN I 1883 41.88 84.77 -65.22
C GLN I 1883 43.24 85.05 -65.84
N TYR I 1884 43.91 86.09 -65.31
CA TYR I 1884 45.23 86.45 -65.79
C TYR I 1884 46.22 85.27 -65.76
N VAL I 1885 46.26 84.57 -64.63
CA VAL I 1885 47.09 83.37 -64.48
C VAL I 1885 46.87 82.39 -65.63
N VAL I 1886 45.60 82.09 -65.90
CA VAL I 1886 45.21 81.11 -66.91
C VAL I 1886 45.48 81.53 -68.35
N GLU I 1887 44.89 82.66 -68.76
CA GLU I 1887 45.05 83.19 -70.12
C GLU I 1887 46.52 83.31 -70.51
N ASN I 1888 47.37 83.62 -69.53
CA ASN I 1888 48.82 83.69 -69.71
C ASN I 1888 49.46 82.30 -69.94
N ILE I 1889 49.11 81.34 -69.07
CA ILE I 1889 49.56 79.97 -69.23
C ILE I 1889 49.05 79.43 -70.57
N ALA I 1890 47.96 80.01 -71.05
CA ALA I 1890 47.31 79.60 -72.30
C ALA I 1890 48.17 79.76 -73.56
N GLU I 1891 48.61 80.99 -73.82
CA GLU I 1891 49.38 81.29 -75.03
C GLU I 1891 50.89 81.27 -74.79
N VAL I 1892 51.28 80.91 -73.57
CA VAL I 1892 52.69 80.68 -73.23
C VAL I 1892 53.07 79.21 -73.44
N THR I 1893 52.43 78.31 -72.69
CA THR I 1893 52.66 76.87 -72.87
C THR I 1893 51.82 76.28 -74.01
N GLY I 1894 51.01 77.11 -74.67
CA GLY I 1894 50.32 76.74 -75.89
C GLY I 1894 49.25 75.67 -75.78
N TRP I 1895 49.18 75.02 -74.61
CA TRP I 1895 48.20 73.96 -74.36
C TRP I 1895 46.79 74.54 -74.31
N LEU I 1896 45.85 73.71 -73.88
CA LEU I 1896 44.46 74.16 -73.76
C LEU I 1896 44.09 74.27 -72.30
N LEU I 1897 43.79 75.49 -71.88
CA LEU I 1897 43.37 75.78 -70.51
C LEU I 1897 42.35 76.92 -70.56
N GLU I 1898 41.43 76.95 -69.60
CA GLU I 1898 40.29 77.85 -69.66
C GLU I 1898 39.37 77.71 -68.46
N ILE I 1899 39.01 78.84 -67.86
CA ILE I 1899 38.03 78.83 -66.77
C ILE I 1899 36.66 78.50 -67.35
N VAL I 1900 36.21 77.29 -67.04
CA VAL I 1900 34.99 76.74 -67.59
C VAL I 1900 33.79 77.04 -66.69
N ASN I 1901 34.05 77.16 -65.39
CA ASN I 1901 33.00 77.44 -64.41
C ASN I 1901 33.27 78.68 -63.54
N TYR I 1902 32.33 79.61 -63.59
CA TYR I 1902 32.31 80.76 -62.69
C TYR I 1902 31.12 80.59 -61.75
N ASN I 1903 31.39 80.02 -60.58
CA ASN I 1903 30.32 79.60 -59.66
C ASN I 1903 30.09 80.54 -58.48
N VAL I 1904 31.11 80.76 -57.65
CA VAL I 1904 30.99 81.70 -56.53
C VAL I 1904 32.06 82.78 -56.55
N ALA I 1905 31.64 84.01 -56.25
CA ALA I 1905 32.43 85.24 -56.38
C ALA I 1905 33.95 85.08 -56.23
N ASN I 1906 34.41 84.80 -55.03
CA ASN I 1906 35.85 84.63 -54.81
C ASN I 1906 36.11 83.28 -54.20
N MET I 1907 35.25 82.34 -54.52
CA MET I 1907 35.22 81.08 -53.82
C MET I 1907 35.46 79.90 -54.74
N GLN I 1908 34.56 79.71 -55.70
CA GLN I 1908 34.59 78.50 -56.52
C GLN I 1908 34.67 78.77 -58.01
N TYR I 1909 35.71 78.21 -58.63
CA TYR I 1909 35.90 78.29 -60.07
C TYR I 1909 36.34 76.92 -60.56
N VAL I 1910 36.19 76.69 -61.86
CA VAL I 1910 36.60 75.42 -62.44
C VAL I 1910 37.28 75.60 -63.79
N ALA I 1911 38.44 74.96 -63.94
CA ALA I 1911 39.17 75.04 -65.18
C ALA I 1911 39.27 73.68 -65.85
N ALA I 1912 39.16 73.71 -67.17
CA ALA I 1912 39.31 72.51 -67.98
C ALA I 1912 40.64 72.57 -68.73
N GLY I 1913 40.87 71.57 -69.58
CA GLY I 1913 42.03 71.59 -70.47
C GLY I 1913 43.03 70.46 -70.31
N ASP I 1914 44.09 70.54 -71.09
CA ASP I 1914 45.18 69.57 -71.08
C ASP I 1914 45.59 69.21 -69.65
N LEU I 1915 45.99 67.95 -69.44
CA LEU I 1915 46.51 67.48 -68.15
C LEU I 1915 47.71 68.29 -67.64
N ARG I 1916 48.62 68.62 -68.57
CA ARG I 1916 49.79 69.42 -68.25
C ARG I 1916 49.40 70.89 -68.01
N ALA I 1917 48.33 71.33 -68.67
CA ALA I 1917 47.78 72.68 -68.54
C ALA I 1917 47.19 72.88 -67.15
N LEU I 1918 46.67 71.79 -66.57
CA LEU I 1918 46.14 71.78 -65.19
C LEU I 1918 47.27 71.56 -64.17
N ASP I 1919 48.40 71.03 -64.64
CA ASP I 1919 49.57 70.82 -63.78
C ASP I 1919 50.36 72.10 -63.59
N THR I 1920 50.49 72.88 -64.67
CA THR I 1920 51.21 74.14 -64.65
C THR I 1920 50.41 75.26 -63.97
N LEU I 1921 49.08 75.18 -64.08
CA LEU I 1921 48.19 76.12 -63.40
C LEU I 1921 48.07 75.77 -61.93
N ALA I 1922 48.23 74.49 -61.61
CA ALA I 1922 48.29 74.05 -60.22
C ALA I 1922 49.57 74.59 -59.61
N ASN I 1923 50.69 74.38 -60.30
CA ASN I 1923 52.00 74.90 -59.90
C ASN I 1923 52.03 76.39 -59.60
N VAL I 1924 51.74 77.21 -60.62
CA VAL I 1924 51.79 78.68 -60.53
C VAL I 1924 51.10 79.22 -59.26
N LEU I 1925 49.98 78.60 -58.89
CA LEU I 1925 49.18 79.02 -57.73
C LEU I 1925 49.75 78.50 -56.40
N ASN I 1926 50.36 77.31 -56.43
CA ASN I 1926 51.08 76.74 -55.28
C ASN I 1926 52.31 77.58 -54.92
N ILE I 1927 52.96 78.11 -55.96
CA ILE I 1927 54.05 79.06 -55.82
C ILE I 1927 53.52 80.32 -55.14
N LEU I 1928 52.56 80.98 -55.79
CA LEU I 1928 52.01 82.26 -55.33
C LEU I 1928 51.42 82.24 -53.91
N LYS I 1929 50.92 81.09 -53.48
CA LYS I 1929 50.39 80.92 -52.11
C LYS I 1929 51.51 80.93 -51.05
N MET I 1930 52.54 80.12 -51.28
CA MET I 1930 53.70 80.06 -50.39
C MET I 1930 54.66 81.23 -50.64
N GLN I 1931 54.49 81.88 -51.80
CA GLN I 1931 55.29 83.04 -52.19
C GLN I 1931 54.70 84.30 -51.57
N LYS I 1932 53.41 84.24 -51.21
CA LYS I 1932 52.73 85.33 -50.50
C LYS I 1932 52.71 86.63 -51.33
N ILE I 1933 51.78 86.72 -52.28
CA ILE I 1933 51.76 87.85 -53.21
C ILE I 1933 50.68 88.88 -52.89
N ASP I 1934 50.74 89.99 -53.62
CA ASP I 1934 49.77 91.07 -53.51
C ASP I 1934 49.63 91.64 -54.92
N ILE I 1935 48.54 91.30 -55.60
CA ILE I 1935 48.35 91.69 -57.00
C ILE I 1935 48.03 93.19 -57.17
N GLN I 1936 47.41 93.79 -56.16
CA GLN I 1936 47.05 95.22 -56.18
C GLN I 1936 48.29 96.12 -56.09
N ALA I 1937 49.13 95.87 -55.10
CA ALA I 1937 50.37 96.62 -54.90
C ALA I 1937 51.39 96.39 -56.02
N LEU I 1938 51.38 95.18 -56.58
CA LEU I 1938 52.34 94.78 -57.62
C LEU I 1938 51.94 95.15 -59.06
N MET I 1939 50.78 95.77 -59.23
CA MET I 1939 50.37 96.27 -60.54
C MET I 1939 50.61 97.78 -60.66
N GLN I 1940 51.13 98.36 -59.57
CA GLN I 1940 51.53 99.76 -59.55
C GLN I 1940 53.06 99.90 -59.42
N SER I 1941 53.65 99.05 -58.58
CA SER I 1941 55.12 99.03 -58.37
C SER I 1941 55.88 98.43 -59.56
N MET I 1942 55.26 97.47 -60.24
CA MET I 1942 55.71 97.04 -61.57
C MET I 1942 54.58 97.39 -62.54
N SER I 1943 54.93 97.94 -63.71
CA SER I 1943 53.91 98.21 -64.72
C SER I 1943 53.30 96.89 -65.21
N LEU I 1944 52.52 96.95 -66.29
CA LEU I 1944 51.79 95.78 -66.73
C LEU I 1944 52.64 94.69 -67.39
N GLU I 1945 53.59 95.07 -68.25
CA GLU I 1945 54.47 94.12 -68.93
C GLU I 1945 55.60 93.60 -68.02
N ASP I 1946 55.69 94.18 -66.82
CA ASP I 1946 56.67 93.76 -65.81
C ASP I 1946 56.17 92.58 -64.98
N VAL I 1947 54.92 92.68 -64.51
CA VAL I 1947 54.24 91.57 -63.86
C VAL I 1947 53.95 90.47 -64.90
N ARG I 1948 53.60 90.90 -66.11
CA ARG I 1948 53.35 90.02 -67.27
C ARG I 1948 54.54 89.13 -67.62
N ALA I 1949 55.69 89.75 -67.84
CA ALA I 1949 56.92 89.05 -68.20
C ALA I 1949 57.54 88.34 -66.99
N HIS I 1950 57.14 88.76 -65.77
CA HIS I 1950 57.57 88.09 -64.54
C HIS I 1950 56.83 86.78 -64.35
N LEU I 1951 55.60 86.73 -64.86
CA LEU I 1951 54.76 85.52 -64.84
C LEU I 1951 55.23 84.50 -65.88
N VAL I 1952 55.50 84.97 -67.09
CA VAL I 1952 56.01 84.11 -68.16
C VAL I 1952 57.31 83.40 -67.73
N GLU I 1953 57.99 83.98 -66.74
CA GLU I 1953 59.13 83.33 -66.09
C GLU I 1953 58.65 82.07 -65.36
N ILE I 1954 57.83 82.29 -64.33
CA ILE I 1954 57.29 81.20 -63.51
C ILE I 1954 56.62 80.13 -64.36
N ILE I 1955 56.02 80.53 -65.48
CA ILE I 1955 55.31 79.59 -66.36
C ILE I 1955 56.25 78.54 -66.98
N GLN I 1956 57.28 78.98 -67.69
CA GLN I 1956 58.24 78.06 -68.32
C GLN I 1956 58.92 77.12 -67.33
N GLU I 1957 59.28 77.64 -66.16
CA GLU I 1957 59.84 76.83 -65.08
C GLU I 1957 58.86 75.73 -64.72
N CYS I 1958 57.69 76.14 -64.24
CA CYS I 1958 56.62 75.21 -63.85
C CYS I 1958 56.26 74.24 -64.98
N ARG I 1959 56.23 74.77 -66.21
CA ARG I 1959 55.87 74.02 -67.42
C ARG I 1959 56.78 72.85 -67.73
N LYS I 1960 58.09 73.08 -67.71
CA LYS I 1960 59.07 72.07 -68.09
C LYS I 1960 59.23 71.00 -67.01
N GLN I 1961 58.92 71.36 -65.76
CA GLN I 1961 58.94 70.44 -64.62
C GLN I 1961 57.80 69.43 -64.73
N THR I 1962 56.73 69.84 -65.40
CA THR I 1962 55.58 68.96 -65.67
C THR I 1962 55.89 67.96 -66.79
N GLU I 1963 56.66 68.41 -67.79
CA GLU I 1963 57.07 67.54 -68.90
C GLU I 1963 58.17 66.56 -68.46
N ALA I 1964 58.60 66.71 -67.20
CA ALA I 1964 59.55 65.79 -66.55
C ALA I 1964 58.82 64.56 -66.00
N LYS I 1965 57.53 64.73 -65.72
CA LYS I 1965 56.63 63.61 -65.45
C LYS I 1965 55.69 63.46 -66.66
N PRO I 1966 56.27 63.14 -67.84
CA PRO I 1966 55.58 63.27 -69.12
C PRO I 1966 54.52 62.18 -69.27
N GLN I 1967 54.65 61.13 -68.47
CA GLN I 1967 53.75 59.98 -68.47
C GLN I 1967 52.32 60.44 -68.28
N PRO I 1968 51.53 60.41 -69.36
CA PRO I 1968 50.27 61.10 -69.66
C PRO I 1968 49.91 62.30 -68.75
N VAL I 1969 50.67 62.48 -67.67
CA VAL I 1969 50.41 63.42 -66.59
C VAL I 1969 49.54 62.77 -65.51
N GLN I 1970 49.71 63.18 -64.26
CA GLN I 1970 48.85 62.72 -63.17
C GLN I 1970 48.68 63.80 -62.11
N LEU I 1971 47.61 64.60 -62.26
CA LEU I 1971 47.37 65.78 -61.42
C LEU I 1971 46.99 65.41 -59.99
N GLU I 1972 47.35 66.29 -59.06
CA GLU I 1972 47.01 66.06 -57.66
C GLU I 1972 46.55 67.33 -56.96
N ARG I 1973 45.98 67.15 -55.76
CA ARG I 1973 45.44 68.24 -54.97
C ARG I 1973 46.54 69.27 -54.64
N GLY I 1974 46.30 70.53 -54.98
CA GLY I 1974 47.25 71.60 -54.71
C GLY I 1974 46.87 72.42 -53.49
N PHE I 1975 47.14 73.72 -53.54
CA PHE I 1975 46.77 74.61 -52.43
C PHE I 1975 45.29 74.95 -52.45
N ALA I 1976 44.81 75.38 -53.61
CA ALA I 1976 43.39 75.64 -53.80
C ALA I 1976 42.94 74.86 -55.02
N THR I 1977 43.90 74.20 -55.67
CA THR I 1977 43.66 73.48 -56.92
C THR I 1977 43.32 72.00 -56.69
N ILE I 1978 42.04 71.73 -56.44
CA ILE I 1978 41.57 70.37 -56.22
C ILE I 1978 40.87 69.83 -57.46
N PRO I 1979 41.48 68.82 -58.12
CA PRO I 1979 40.96 68.26 -59.37
C PRO I 1979 39.65 67.47 -59.18
N LEU I 1980 38.72 67.64 -60.11
CA LEU I 1980 37.43 66.97 -60.04
C LEU I 1980 37.53 65.56 -60.58
N ARG I 1981 37.41 64.58 -59.69
CA ARG I 1981 37.53 63.20 -60.09
C ARG I 1981 36.35 62.75 -60.97
N GLY I 1982 36.67 62.22 -62.15
CA GLY I 1982 35.69 61.65 -63.04
C GLY I 1982 35.28 62.51 -64.22
N ILE I 1983 36.24 63.21 -64.82
CA ILE I 1983 35.96 63.97 -66.04
C ILE I 1983 37.03 63.76 -67.11
N ASP I 1984 36.59 63.42 -68.31
CA ASP I 1984 37.50 63.14 -69.41
C ASP I 1984 37.54 64.32 -70.34
N VAL I 1985 36.38 64.96 -70.49
CA VAL I 1985 36.20 65.95 -71.53
C VAL I 1985 36.15 67.36 -70.99
N PRO I 1986 36.89 68.28 -71.64
CA PRO I 1986 36.85 69.71 -71.31
C PRO I 1986 35.61 70.34 -71.93
N PHE I 1987 34.45 70.09 -71.36
CA PHE I 1987 33.24 70.74 -71.85
C PHE I 1987 33.14 72.16 -71.27
N HIS I 1988 32.26 72.96 -71.85
CA HIS I 1988 32.12 74.39 -71.53
C HIS I 1988 33.41 75.16 -71.79
N SER I 1989 34.17 74.64 -72.75
CA SER I 1989 35.38 75.28 -73.23
C SER I 1989 35.24 75.41 -74.74
N THR I 1990 36.15 76.14 -75.36
CA THR I 1990 36.13 76.32 -76.80
C THR I 1990 36.48 75.03 -77.55
N PHE I 1991 36.61 73.92 -76.82
CA PHE I 1991 36.90 72.62 -77.40
C PHE I 1991 35.68 72.06 -78.14
N LEU I 1992 34.57 71.99 -77.40
CA LEU I 1992 33.33 71.41 -77.90
C LEU I 1992 32.74 72.20 -79.06
N ARG I 1993 33.42 73.28 -79.46
CA ARG I 1993 33.00 74.06 -80.62
C ARG I 1993 32.85 73.14 -81.81
N SER I 1994 33.64 72.07 -81.81
CA SER I 1994 33.58 71.03 -82.84
C SER I 1994 32.12 70.59 -83.12
N GLY I 1995 31.57 69.81 -82.19
CA GLY I 1995 30.26 69.21 -82.37
C GLY I 1995 29.08 70.09 -82.04
N VAL I 1996 29.30 71.41 -81.94
CA VAL I 1996 28.19 72.32 -81.72
C VAL I 1996 27.22 72.27 -82.92
N LYS I 1997 27.76 71.94 -84.09
CA LYS I 1997 26.96 71.89 -85.31
C LYS I 1997 25.92 70.77 -85.30
N PRO I 1998 26.36 69.51 -85.08
CA PRO I 1998 25.45 68.36 -85.06
C PRO I 1998 24.37 68.50 -83.99
N PHE I 1999 24.76 68.98 -82.80
CA PHE I 1999 23.81 69.10 -81.69
C PHE I 1999 22.73 70.10 -82.01
N ARG I 2000 23.07 71.11 -82.80
CA ARG I 2000 22.09 72.10 -83.20
C ARG I 2000 21.05 71.42 -84.08
N SER I 2001 21.51 70.83 -85.17
CA SER I 2001 20.62 70.17 -86.12
C SER I 2001 19.74 69.13 -85.42
N PHE I 2002 20.28 68.52 -84.36
CA PHE I 2002 19.52 67.59 -83.53
C PHE I 2002 18.44 68.33 -82.74
N LEU I 2003 18.83 69.43 -82.08
CA LEU I 2003 17.90 70.30 -81.37
C LEU I 2003 16.74 70.72 -82.25
N LEU I 2004 17.03 70.92 -83.53
CA LEU I 2004 16.03 71.39 -84.49
C LEU I 2004 15.04 70.31 -84.82
N LYS I 2005 15.51 69.07 -84.73
CA LYS I 2005 14.68 67.89 -84.88
C LYS I 2005 13.75 67.75 -83.67
N LYS I 2006 14.30 67.94 -82.48
CA LYS I 2006 13.55 67.70 -81.25
C LYS I 2006 12.68 68.88 -80.82
N ILE I 2007 13.09 70.10 -81.18
CA ILE I 2007 12.29 71.28 -80.87
C ILE I 2007 11.53 71.79 -82.09
N ASN I 2008 10.31 72.24 -81.84
CA ASN I 2008 9.45 72.78 -82.87
C ASN I 2008 8.99 74.19 -82.43
N LYS I 2009 9.09 75.17 -83.34
CA LYS I 2009 8.75 76.56 -83.02
C LYS I 2009 7.33 76.67 -82.47
N THR I 2010 6.40 76.00 -83.15
CA THR I 2010 4.98 76.02 -82.83
C THR I 2010 4.73 75.79 -81.34
N THR I 2011 5.49 74.87 -80.78
CA THR I 2011 5.40 74.50 -79.36
C THR I 2011 5.74 75.66 -78.41
N ILE I 2012 6.49 76.64 -78.93
CA ILE I 2012 7.07 77.68 -78.09
C ILE I 2012 6.19 78.90 -77.88
N ASP I 2013 5.86 79.15 -76.61
CA ASP I 2013 5.35 80.44 -76.19
C ASP I 2013 6.55 81.30 -75.86
N PRO I 2014 6.83 82.29 -76.72
CA PRO I 2014 7.96 83.14 -76.37
C PRO I 2014 7.59 83.85 -75.07
N SER I 2015 6.30 83.84 -74.74
CA SER I 2015 5.76 84.49 -73.55
C SER I 2015 6.22 83.84 -72.23
N LYS I 2016 6.72 82.61 -72.32
CA LYS I 2016 7.21 81.91 -71.14
C LYS I 2016 8.71 82.17 -70.92
N LEU I 2017 9.47 82.14 -72.01
CA LEU I 2017 10.87 82.55 -71.95
C LEU I 2017 10.95 84.06 -71.78
N ILE I 2018 9.90 84.73 -72.27
CA ILE I 2018 9.78 86.19 -72.38
C ILE I 2018 11.03 86.97 -72.02
N GLY I 2019 11.30 87.03 -70.72
CA GLY I 2019 12.49 87.68 -70.19
C GLY I 2019 12.74 87.14 -68.80
N LYS I 2020 12.23 85.92 -68.56
CA LYS I 2020 12.23 85.30 -67.23
C LYS I 2020 13.18 84.09 -67.15
N TYR I 2021 13.86 83.81 -68.25
CA TYR I 2021 14.73 82.65 -68.35
C TYR I 2021 16.20 83.03 -68.52
N ILE I 2022 17.05 82.58 -67.60
CA ILE I 2022 18.49 82.90 -67.63
C ILE I 2022 19.36 81.77 -68.20
N PRO I 2023 19.83 81.94 -69.46
CA PRO I 2023 20.72 80.98 -70.12
C PRO I 2023 22.07 80.88 -69.40
N ASN I 2024 23.03 80.17 -69.99
CA ASN I 2024 24.32 79.95 -69.33
C ASN I 2024 25.47 80.65 -70.05
N VAL I 2025 25.14 81.22 -71.21
CA VAL I 2025 26.12 81.95 -71.99
C VAL I 2025 25.80 83.44 -71.85
N THR I 2026 24.52 83.76 -71.68
CA THR I 2026 24.07 85.11 -71.36
C THR I 2026 23.67 85.16 -69.90
N ALA I 2027 24.53 85.73 -69.06
CA ALA I 2027 24.22 85.87 -67.64
C ALA I 2027 22.94 86.67 -67.39
N LYS I 2028 22.33 87.17 -68.46
CA LYS I 2028 21.17 88.04 -68.33
C LYS I 2028 19.94 87.46 -69.01
N PRO I 2029 18.76 87.70 -68.41
CA PRO I 2029 17.40 87.32 -68.82
C PRO I 2029 17.17 87.24 -70.34
N PHE I 2030 16.57 86.12 -70.78
CA PHE I 2030 16.27 85.86 -72.19
C PHE I 2030 15.41 86.99 -72.75
N GLU I 2031 15.94 87.72 -73.73
CA GLU I 2031 15.15 88.75 -74.39
C GLU I 2031 15.21 88.56 -75.89
N ILE I 2032 14.16 89.00 -76.57
CA ILE I 2032 14.04 88.82 -78.01
C ILE I 2032 14.50 90.07 -78.77
N SER I 2033 15.01 91.06 -78.04
CA SER I 2033 15.46 92.32 -78.65
C SER I 2033 16.62 92.12 -79.62
N LYS I 2034 16.68 93.01 -80.60
CA LYS I 2034 17.73 93.02 -81.63
C LYS I 2034 19.13 93.11 -81.03
N GLU I 2035 19.20 93.65 -79.82
CA GLU I 2035 20.46 93.86 -79.11
C GLU I 2035 20.94 92.59 -78.47
N TYR I 2036 20.00 91.74 -78.08
CA TYR I 2036 20.32 90.45 -77.48
C TYR I 2036 21.08 89.58 -78.47
N PHE I 2037 20.54 89.47 -79.68
CA PHE I 2037 21.12 88.63 -80.72
C PHE I 2037 22.56 89.03 -81.02
N GLU I 2038 22.89 90.26 -80.65
CA GLU I 2038 24.23 90.77 -80.84
C GLU I 2038 25.14 90.31 -79.71
N GLU I 2039 24.67 90.42 -78.48
CA GLU I 2039 25.39 89.91 -77.30
C GLU I 2039 25.61 88.40 -77.44
N VAL I 2040 24.65 87.74 -78.07
CA VAL I 2040 24.74 86.32 -78.39
C VAL I 2040 25.81 86.10 -79.46
N HIS I 2041 25.68 86.84 -80.55
CA HIS I 2041 26.58 86.74 -81.69
C HIS I 2041 28.03 87.08 -81.29
N ARG I 2042 28.16 88.00 -80.36
CA ARG I 2042 29.46 88.40 -79.83
C ARG I 2042 30.12 87.23 -79.12
N LEU I 2043 29.33 86.52 -78.32
CA LEU I 2043 29.86 85.43 -77.49
C LEU I 2043 29.89 84.11 -78.25
N THR I 2044 29.16 84.06 -79.34
CA THR I 2044 28.96 82.80 -80.05
C THR I 2044 29.49 82.80 -81.48
N GLY I 2045 28.96 83.71 -82.29
CA GLY I 2045 29.25 83.72 -83.71
C GLY I 2045 28.29 82.83 -84.49
N SER I 2046 27.01 82.96 -84.16
CA SER I 2046 25.98 82.15 -84.80
C SER I 2046 25.66 82.65 -86.21
N PRO I 2047 25.97 81.85 -87.24
CA PRO I 2047 25.61 82.17 -88.63
C PRO I 2047 24.10 82.30 -88.84
N LYS I 2048 23.32 81.67 -87.97
CA LYS I 2048 21.86 81.81 -87.99
C LYS I 2048 21.46 83.16 -87.40
N ILE I 2049 22.26 83.65 -86.46
CA ILE I 2049 22.04 84.94 -85.83
C ILE I 2049 22.51 86.10 -86.72
N ALA I 2050 23.67 85.94 -87.35
CA ALA I 2050 24.19 86.94 -88.29
C ALA I 2050 23.17 87.17 -89.41
N ASN I 2051 22.67 86.05 -89.93
CA ASN I 2051 21.65 86.02 -90.99
C ASN I 2051 20.31 86.67 -90.58
N ILE I 2052 19.99 86.57 -89.29
CA ILE I 2052 18.74 87.10 -88.75
C ILE I 2052 18.91 88.52 -88.18
N LEU I 2053 20.16 88.92 -87.97
CA LEU I 2053 20.51 90.29 -87.56
C LEU I 2053 20.59 91.20 -88.78
N ALA I 2054 21.09 90.64 -89.88
CA ALA I 2054 21.17 91.34 -91.16
C ALA I 2054 19.78 91.64 -91.73
N ASN I 2055 18.80 90.79 -91.44
CA ASN I 2055 17.44 91.00 -91.93
C ASN I 2055 16.59 91.80 -90.97
N TRP I 2056 17.19 92.22 -89.86
CA TRP I 2056 16.43 92.70 -88.69
C TRP I 2056 15.17 93.54 -88.96
N ASP I 2057 15.24 94.37 -90.00
CA ASP I 2057 14.11 95.20 -90.40
C ASP I 2057 12.93 94.30 -90.81
N LYS I 2058 13.24 93.26 -91.58
CA LYS I 2058 12.27 92.24 -91.95
C LYS I 2058 11.36 91.83 -90.78
N TYR I 2059 11.85 91.99 -89.55
CA TYR I 2059 11.13 91.53 -88.35
C TYR I 2059 10.26 92.60 -87.68
N GLU I 2060 10.45 93.85 -88.09
CA GLU I 2060 9.55 94.95 -87.76
C GLU I 2060 9.22 95.03 -86.27
N GLN J 1 28.21 -126.96 -39.03
CA GLN J 1 27.68 -128.09 -38.28
C GLN J 1 27.05 -127.67 -36.95
N SER J 2 27.73 -127.97 -35.84
CA SER J 2 27.31 -127.55 -34.51
C SER J 2 27.65 -126.07 -34.32
N LEU J 3 26.76 -125.18 -34.78
CA LEU J 3 27.08 -123.77 -34.86
C LEU J 3 25.98 -122.87 -34.29
N ARG J 4 26.40 -121.82 -33.59
CA ARG J 4 25.51 -120.89 -32.91
C ARG J 4 26.03 -119.46 -33.04
N PRO J 5 25.30 -118.61 -33.78
CA PRO J 5 25.66 -117.20 -33.99
C PRO J 5 25.86 -116.41 -32.67
N LEU J 6 26.98 -115.70 -32.55
CA LEU J 6 27.25 -114.80 -31.42
C LEU J 6 27.67 -113.37 -31.85
N VAL J 7 27.00 -112.36 -31.29
CA VAL J 7 27.25 -110.98 -31.67
C VAL J 7 28.01 -110.22 -30.57
N LEU J 8 28.88 -109.29 -30.98
CA LEU J 8 29.54 -108.38 -30.04
C LEU J 8 29.18 -106.92 -30.35
N THR J 9 28.24 -106.35 -29.60
CA THR J 9 27.72 -105.01 -29.90
C THR J 9 28.17 -103.90 -28.95
N HIS J 10 28.62 -102.80 -29.54
CA HIS J 10 28.96 -101.58 -28.80
C HIS J 10 28.83 -100.41 -29.78
N GLY J 11 27.98 -99.44 -29.43
CA GLY J 11 27.76 -98.28 -30.27
C GLY J 11 27.53 -98.64 -31.73
N SER J 12 28.45 -98.20 -32.58
CA SER J 12 28.34 -98.35 -34.04
C SER J 12 28.98 -99.63 -34.56
N LEU J 13 29.67 -100.35 -33.67
CA LEU J 13 30.46 -101.50 -34.09
C LEU J 13 29.94 -102.80 -33.48
N GLU J 14 29.75 -103.81 -34.34
CA GLU J 14 29.46 -105.15 -33.87
C GLU J 14 30.18 -106.24 -34.66
N PHE J 15 30.33 -107.40 -34.03
CA PHE J 15 31.06 -108.52 -34.61
C PHE J 15 30.25 -109.82 -34.63
N SER J 16 30.41 -110.60 -35.68
CA SER J 16 29.68 -111.86 -35.84
C SER J 16 30.58 -113.07 -35.59
N PHE J 17 30.05 -114.02 -34.81
CA PHE J 17 30.84 -115.16 -34.34
C PHE J 17 30.07 -116.46 -34.55
N LEU J 18 30.79 -117.56 -34.77
CA LEU J 18 30.14 -118.86 -34.97
C LEU J 18 30.65 -119.92 -33.97
N VAL J 19 29.85 -120.15 -32.93
CA VAL J 19 30.24 -121.02 -31.81
C VAL J 19 29.77 -122.46 -32.01
N PRO J 20 30.53 -123.43 -31.49
CA PRO J 20 29.92 -124.75 -31.30
C PRO J 20 28.69 -124.62 -30.38
N THR J 21 27.68 -125.45 -30.64
CA THR J 21 26.41 -125.41 -29.89
C THR J 21 26.62 -125.56 -28.38
N SER J 22 27.51 -126.48 -28.00
CA SER J 22 27.88 -126.70 -26.61
C SER J 22 28.48 -125.44 -25.96
N LEU J 23 29.37 -124.78 -26.70
CA LEU J 23 30.14 -123.66 -26.17
C LEU J 23 29.46 -122.30 -26.35
N HIS J 24 28.24 -122.30 -26.86
CA HIS J 24 27.57 -121.04 -27.14
C HIS J 24 27.12 -120.26 -25.90
N PHE J 25 26.78 -120.95 -24.81
CA PHE J 25 26.38 -120.24 -23.60
C PHE J 25 27.56 -119.85 -22.69
N GLN J 26 28.67 -120.57 -22.81
CA GLN J 26 29.90 -120.17 -22.11
C GLN J 26 30.40 -118.83 -22.66
N ALA J 27 30.27 -118.65 -23.98
CA ALA J 27 30.70 -117.42 -24.65
C ALA J 27 29.63 -116.31 -24.57
N ALA J 28 28.39 -116.71 -24.28
CA ALA J 28 27.32 -115.75 -24.03
C ALA J 28 27.57 -115.05 -22.69
N GLN J 29 28.02 -115.81 -21.68
CA GLN J 29 28.32 -115.28 -20.34
C GLN J 29 29.40 -114.21 -20.33
N LEU J 30 30.48 -114.48 -21.04
CA LEU J 30 31.57 -113.53 -21.20
C LEU J 30 31.07 -112.30 -21.95
N LYS J 31 30.50 -112.52 -23.13
CA LYS J 31 29.90 -111.44 -23.91
C LYS J 31 29.01 -110.51 -23.06
N ASP J 32 28.26 -111.11 -22.12
CA ASP J 32 27.29 -110.38 -21.30
C ASP J 32 27.91 -109.45 -20.26
N SER J 33 28.64 -110.03 -19.31
CA SER J 33 29.29 -109.25 -18.26
C SER J 33 30.48 -108.45 -18.81
N PHE J 34 30.84 -108.70 -20.07
CA PHE J 34 31.88 -107.94 -20.77
C PHE J 34 31.36 -106.62 -21.36
N LEU J 35 30.09 -106.62 -21.80
CA LEU J 35 29.46 -105.40 -22.31
C LEU J 35 29.02 -104.52 -21.15
N ALA J 36 29.12 -105.06 -19.94
CA ALA J 36 28.95 -104.32 -18.70
C ALA J 36 30.27 -103.69 -18.29
N THR J 37 31.37 -104.35 -18.68
CA THR J 37 32.73 -103.82 -18.51
C THR J 37 32.89 -102.53 -19.30
N LEU J 38 32.24 -102.49 -20.47
CA LEU J 38 32.25 -101.31 -21.34
C LEU J 38 31.37 -100.23 -20.74
N PRO J 39 31.73 -98.96 -20.97
CA PRO J 39 31.01 -97.85 -20.34
C PRO J 39 29.74 -97.56 -21.11
N GLN J 40 29.24 -96.34 -20.98
CA GLN J 40 28.10 -95.92 -21.79
C GLN J 40 28.59 -95.63 -23.20
N PRO J 41 28.14 -96.45 -24.17
CA PRO J 41 28.55 -96.39 -25.57
C PRO J 41 28.43 -95.00 -26.20
N THR J 42 29.51 -94.53 -26.84
CA THR J 42 29.46 -93.37 -27.69
C THR J 42 29.20 -93.85 -29.12
N GLU J 43 28.38 -93.13 -29.87
CA GLU J 43 28.12 -93.48 -31.27
C GLU J 43 29.22 -92.89 -32.15
N GLU J 44 30.26 -92.37 -31.50
CA GLU J 44 31.46 -91.89 -32.16
C GLU J 44 32.65 -92.75 -31.77
N LEU J 45 33.85 -92.23 -31.98
CA LEU J 45 35.06 -93.04 -31.85
C LEU J 45 36.11 -92.38 -30.96
N ALA J 46 35.67 -91.82 -29.84
CA ALA J 46 36.56 -90.94 -29.06
C ALA J 46 36.66 -91.21 -27.56
N GLN J 47 35.68 -91.92 -26.98
CA GLN J 47 35.71 -92.14 -25.54
C GLN J 47 37.06 -92.77 -25.16
N ASP J 48 37.81 -92.08 -24.30
CA ASP J 48 39.16 -92.52 -23.94
C ASP J 48 39.20 -93.78 -23.08
N ASP J 49 40.10 -94.69 -23.45
CA ASP J 49 40.23 -96.00 -22.81
C ASP J 49 39.01 -96.88 -23.13
N GLU J 50 38.45 -96.71 -24.34
CA GLU J 50 37.31 -97.52 -24.80
C GLU J 50 37.35 -97.71 -26.33
N PRO J 51 36.65 -98.76 -26.84
CA PRO J 51 36.85 -99.21 -28.23
C PRO J 51 36.57 -98.14 -29.29
N SER J 52 37.48 -98.05 -30.26
CA SER J 52 37.28 -97.16 -31.42
C SER J 52 36.75 -97.97 -32.60
N SER J 53 37.30 -99.17 -32.81
CA SER J 53 36.92 -99.99 -33.94
C SER J 53 36.46 -101.39 -33.52
N VAL J 54 36.35 -102.28 -34.51
CA VAL J 54 35.93 -103.65 -34.28
C VAL J 54 37.14 -104.57 -33.98
N VAL J 55 38.35 -104.10 -34.31
CA VAL J 55 39.57 -104.82 -33.98
C VAL J 55 39.81 -104.76 -32.47
N GLU J 56 39.23 -103.73 -31.85
CA GLU J 56 39.34 -103.49 -30.42
C GLU J 56 38.24 -104.21 -29.65
N LEU J 57 37.12 -104.45 -30.33
CA LEU J 57 36.03 -105.25 -29.76
C LEU J 57 36.52 -106.66 -29.43
N VAL J 58 37.25 -107.26 -30.36
CA VAL J 58 37.78 -108.61 -30.21
C VAL J 58 38.97 -108.59 -29.26
N ALA J 59 39.87 -107.64 -29.46
CA ALA J 59 41.00 -107.44 -28.57
C ALA J 59 40.57 -107.31 -27.11
N ARG J 60 39.68 -106.36 -26.83
CA ARG J 60 39.20 -106.15 -25.47
C ARG J 60 38.46 -107.35 -24.90
N TYR J 61 37.86 -108.13 -25.79
CA TYR J 61 37.14 -109.33 -25.37
C TYR J 61 38.08 -110.51 -25.05
N ILE J 62 39.07 -110.72 -25.92
CA ILE J 62 40.07 -111.80 -25.76
C ILE J 62 40.74 -111.74 -24.40
N ALA J 63 41.04 -110.52 -23.94
CA ALA J 63 41.70 -110.29 -22.65
C ALA J 63 40.72 -110.44 -21.50
N PHE J 64 39.48 -110.02 -21.72
CA PHE J 64 38.42 -110.17 -20.73
C PHE J 64 38.27 -111.64 -20.32
N VAL J 65 38.32 -112.53 -21.31
CA VAL J 65 38.19 -113.96 -21.10
C VAL J 65 39.43 -114.57 -20.44
N ALA J 66 40.60 -114.28 -21.01
CA ALA J 66 41.88 -114.83 -20.54
C ALA J 66 42.17 -114.53 -19.07
N HIS J 67 41.49 -113.51 -18.53
CA HIS J 67 41.60 -113.16 -17.11
C HIS J 67 40.90 -114.20 -16.22
N GLU J 68 39.80 -114.75 -16.71
CA GLU J 68 39.02 -115.71 -15.95
C GLU J 68 39.43 -117.15 -16.23
N VAL J 69 40.22 -117.33 -17.29
CA VAL J 69 40.82 -118.62 -17.58
C VAL J 69 41.95 -118.85 -16.57
N ASP J 70 43.00 -118.06 -16.72
CA ASP J 70 44.20 -118.18 -15.90
C ASP J 70 43.90 -117.94 -14.42
N GLU J 71 43.06 -116.95 -14.12
CA GLU J 71 42.81 -116.56 -12.73
C GLU J 71 41.42 -117.00 -12.27
N GLY J 72 41.27 -117.18 -10.95
CA GLY J 72 39.98 -117.43 -10.33
C GLY J 72 39.26 -118.70 -10.73
N ASP J 73 38.06 -118.53 -11.29
CA ASP J 73 37.06 -119.60 -11.46
C ASP J 73 37.53 -120.96 -12.00
N GLU J 74 37.46 -121.96 -11.13
CA GLU J 74 37.91 -123.32 -11.42
C GLU J 74 36.75 -124.23 -11.82
N ASP J 75 35.53 -123.69 -11.74
CA ASP J 75 34.32 -124.43 -12.10
C ASP J 75 34.25 -124.65 -13.60
N ALA J 76 34.72 -123.67 -14.37
CA ALA J 76 34.65 -123.72 -15.82
C ALA J 76 36.05 -123.71 -16.43
N HIS J 77 36.83 -124.76 -16.17
CA HIS J 77 38.20 -124.85 -16.70
C HIS J 77 38.29 -125.15 -18.20
N PRO J 78 37.62 -126.23 -18.66
CA PRO J 78 37.67 -126.63 -20.08
C PRO J 78 36.91 -125.65 -20.99
N THR J 79 35.83 -125.08 -20.47
CA THR J 79 34.95 -124.19 -21.21
C THR J 79 35.62 -122.85 -21.56
N ASN J 80 36.38 -122.32 -20.61
CA ASN J 80 37.19 -121.11 -20.82
C ASN J 80 38.16 -121.31 -21.97
N LEU J 81 38.84 -122.47 -21.96
CA LEU J 81 39.85 -122.82 -22.96
C LEU J 81 39.28 -122.92 -24.37
N GLU J 82 38.08 -123.48 -24.47
CA GLU J 82 37.41 -123.61 -25.76
C GLU J 82 36.97 -122.24 -26.26
N VAL J 83 36.29 -121.48 -25.40
CA VAL J 83 35.93 -120.10 -25.71
C VAL J 83 37.14 -119.31 -26.22
N LEU J 84 38.28 -119.46 -25.53
CA LEU J 84 39.51 -118.80 -25.92
C LEU J 84 39.96 -119.23 -27.32
N LYS J 85 40.20 -120.52 -27.51
CA LYS J 85 40.74 -121.01 -28.76
C LYS J 85 39.94 -120.55 -29.98
N LEU J 86 38.63 -120.41 -29.83
CA LEU J 86 37.77 -119.96 -30.91
C LEU J 86 37.97 -118.48 -31.27
N ILE J 87 38.01 -117.62 -30.24
CA ILE J 87 38.23 -116.20 -30.44
C ILE J 87 39.63 -115.94 -31.03
N LEU J 88 40.62 -116.69 -30.54
CA LEU J 88 41.99 -116.59 -31.04
C LEU J 88 42.05 -117.04 -32.49
N ASN J 89 41.16 -117.95 -32.86
CA ASN J 89 41.05 -118.40 -34.24
C ASN J 89 40.37 -117.33 -35.10
N GLU J 90 39.19 -116.89 -34.68
CA GLU J 90 38.45 -115.86 -35.40
C GLU J 90 39.30 -114.61 -35.60
N PHE J 91 40.25 -114.41 -34.68
CA PHE J 91 41.11 -113.25 -34.68
C PHE J 91 42.24 -113.36 -35.70
N GLU J 92 43.08 -114.37 -35.52
CA GLU J 92 44.19 -114.63 -36.43
C GLU J 92 43.65 -114.86 -37.83
N ARG J 93 42.41 -115.35 -37.87
CA ARG J 93 41.64 -115.53 -39.10
C ARG J 93 41.43 -114.20 -39.82
N ALA J 94 40.44 -113.44 -39.34
CA ALA J 94 40.01 -112.20 -39.98
C ALA J 94 41.00 -111.04 -39.79
N PHE J 95 41.25 -110.71 -38.53
CA PHE J 95 41.93 -109.48 -38.16
C PHE J 95 43.43 -109.49 -38.40
N MET J 96 44.07 -110.60 -38.06
CA MET J 96 45.53 -110.70 -38.13
C MET J 96 46.02 -111.12 -39.52
N ARG J 97 45.28 -112.04 -40.15
CA ARG J 97 45.60 -112.46 -41.52
C ARG J 97 47.00 -113.08 -41.61
N GLY J 98 47.38 -113.83 -40.58
CA GLY J 98 48.70 -114.45 -40.52
C GLY J 98 49.88 -113.48 -40.42
N ASN J 99 49.61 -112.23 -40.04
CA ASN J 99 50.64 -111.23 -39.77
C ASN J 99 50.76 -111.00 -38.27
N ASP J 100 51.79 -110.25 -37.86
CA ASP J 100 52.02 -110.05 -36.44
C ASP J 100 51.01 -109.07 -35.83
N VAL J 101 50.75 -109.23 -34.53
CA VAL J 101 49.78 -108.41 -33.83
C VAL J 101 50.16 -106.93 -33.86
N HIS J 102 51.47 -106.68 -33.89
CA HIS J 102 51.99 -105.31 -33.82
C HIS J 102 51.64 -104.52 -35.07
N ALA J 103 51.98 -105.06 -36.24
CA ALA J 103 51.74 -104.35 -37.49
C ALA J 103 50.24 -104.20 -37.75
N ILE J 104 49.43 -105.04 -37.10
CA ILE J 104 47.97 -104.95 -37.21
C ILE J 104 47.39 -103.98 -36.18
N ALA J 105 47.95 -104.00 -34.97
CA ALA J 105 47.57 -103.07 -33.92
C ALA J 105 48.02 -101.65 -34.29
N ALA J 106 49.05 -101.57 -35.14
CA ALA J 106 49.62 -100.30 -35.60
C ALA J 106 48.65 -99.54 -36.52
N ASN J 107 47.55 -100.18 -36.87
CA ASN J 107 46.61 -99.61 -37.84
C ASN J 107 45.30 -99.18 -37.22
N VAL J 108 45.24 -99.07 -35.89
CA VAL J 108 43.99 -98.72 -35.22
C VAL J 108 44.00 -97.26 -34.77
N ALA J 109 42.96 -96.87 -34.04
CA ALA J 109 42.77 -95.49 -33.56
C ALA J 109 44.07 -94.74 -33.28
N GLY J 110 44.13 -93.49 -33.74
CA GLY J 110 45.32 -92.65 -33.61
C GLY J 110 45.87 -92.50 -32.20
N ILE J 111 45.06 -92.90 -31.21
CA ILE J 111 45.46 -92.86 -29.80
C ILE J 111 46.51 -93.94 -29.48
N THR J 112 47.73 -93.49 -29.19
CA THR J 112 48.87 -94.38 -28.97
C THR J 112 48.61 -95.49 -27.94
N ALA J 113 47.91 -95.15 -26.86
CA ALA J 113 47.63 -96.11 -25.79
C ALA J 113 46.85 -97.35 -26.28
N LYS J 114 45.85 -97.11 -27.14
CA LYS J 114 44.96 -98.18 -27.59
C LYS J 114 45.67 -99.23 -28.45
N LYS J 115 46.63 -98.80 -29.26
CA LYS J 115 47.35 -99.72 -30.14
C LYS J 115 48.14 -100.75 -29.32
N ILE J 116 48.64 -100.29 -28.18
CA ILE J 116 49.30 -101.19 -27.22
C ILE J 116 48.27 -102.12 -26.58
N GLY J 117 47.09 -101.58 -26.28
CA GLY J 117 46.00 -102.35 -25.71
C GLY J 117 45.65 -103.59 -26.50
N VAL J 118 45.67 -103.48 -27.83
CA VAL J 118 45.35 -104.61 -28.69
C VAL J 118 46.43 -105.69 -28.57
N VAL J 119 47.68 -105.27 -28.56
CA VAL J 119 48.81 -106.20 -28.49
C VAL J 119 48.86 -107.05 -27.20
N ARG J 120 48.54 -106.44 -26.06
CA ARG J 120 48.61 -107.14 -24.77
C ARG J 120 47.41 -108.06 -24.57
N ALA J 121 46.33 -107.75 -25.29
CA ALA J 121 45.12 -108.54 -25.20
C ALA J 121 45.30 -109.85 -25.93
N TYR J 122 46.10 -109.82 -27.01
CA TYR J 122 46.36 -111.00 -27.81
C TYR J 122 47.32 -111.94 -27.12
N TYR J 123 48.44 -111.40 -26.64
CA TYR J 123 49.45 -112.22 -25.95
C TYR J 123 48.97 -112.62 -24.58
N ALA J 124 47.75 -112.19 -24.24
CA ALA J 124 47.06 -112.59 -23.02
C ALA J 124 46.28 -113.89 -23.21
N GLY J 125 45.63 -114.01 -24.37
CA GLY J 125 44.91 -115.22 -24.77
C GLY J 125 45.82 -116.20 -25.50
N ARG J 126 46.97 -115.70 -25.95
CA ARG J 126 47.99 -116.52 -26.59
C ARG J 126 48.63 -117.42 -25.55
N ALA J 127 48.90 -116.85 -24.36
CA ALA J 127 49.54 -117.58 -23.28
C ALA J 127 48.52 -118.35 -22.44
N ALA J 128 47.31 -117.81 -22.33
CA ALA J 128 46.23 -118.44 -21.55
C ALA J 128 45.59 -119.63 -22.28
N ALA J 129 45.98 -119.83 -23.54
CA ALA J 129 45.64 -121.04 -24.29
C ALA J 129 46.90 -121.86 -24.59
N GLY J 130 48.02 -121.43 -24.01
CA GLY J 130 49.28 -122.15 -24.09
C GLY J 130 49.99 -122.10 -25.43
N ARG J 131 49.42 -121.34 -26.36
CA ARG J 131 49.99 -121.21 -27.70
C ARG J 131 51.30 -120.43 -27.69
N ALA J 132 52.39 -121.11 -28.06
CA ALA J 132 53.69 -120.44 -28.18
C ALA J 132 53.74 -119.61 -29.45
N PRO J 133 54.59 -118.56 -29.47
CA PRO J 133 54.84 -117.85 -30.72
C PRO J 133 55.54 -118.75 -31.75
N LYS J 134 55.03 -118.74 -32.98
CA LYS J 134 55.63 -119.51 -34.06
C LYS J 134 56.83 -118.77 -34.63
N PRO J 135 57.96 -119.49 -34.79
CA PRO J 135 59.24 -118.95 -35.27
C PRO J 135 59.24 -118.37 -36.68
N TYR J 136 58.67 -117.18 -36.86
CA TYR J 136 58.85 -116.41 -38.09
C TYR J 136 59.90 -115.35 -37.86
N ASP J 137 60.60 -114.97 -38.92
CA ASP J 137 61.34 -113.71 -38.91
C ASP J 137 60.49 -112.69 -39.68
N SER J 138 60.84 -111.42 -39.55
CA SER J 138 60.07 -110.36 -40.22
C SER J 138 60.64 -110.10 -41.60
N ALA J 139 59.88 -109.38 -42.44
CA ALA J 139 60.37 -108.94 -43.75
C ALA J 139 61.74 -108.29 -43.62
N LEU J 140 61.96 -107.65 -42.47
CA LEU J 140 63.21 -106.99 -42.15
C LEU J 140 64.36 -107.99 -42.09
N PHE J 141 64.22 -109.00 -41.23
CA PHE J 141 65.27 -109.99 -40.97
C PHE J 141 65.48 -110.98 -42.12
N ARG J 142 64.44 -111.19 -42.92
CA ARG J 142 64.58 -111.94 -44.17
C ARG J 142 65.57 -111.18 -45.05
N ALA J 143 65.18 -109.98 -45.49
CA ALA J 143 66.02 -109.13 -46.31
C ALA J 143 67.33 -108.80 -45.59
N ALA J 144 67.36 -109.01 -44.27
CA ALA J 144 68.58 -108.80 -43.48
C ALA J 144 69.56 -109.95 -43.69
N ALA J 145 69.04 -111.16 -43.52
CA ALA J 145 69.81 -112.39 -43.69
C ALA J 145 70.07 -112.63 -45.18
N GLU J 146 69.41 -111.84 -46.02
CA GLU J 146 69.62 -111.91 -47.47
C GLU J 146 70.40 -110.69 -47.95
N ASN J 147 71.01 -109.99 -47.01
CA ASN J 147 71.94 -108.89 -47.29
C ASN J 147 71.36 -107.78 -48.17
N ASN J 148 70.06 -107.53 -48.00
CA ASN J 148 69.42 -106.35 -48.56
C ASN J 148 69.46 -105.22 -47.55
N VAL J 149 69.35 -105.59 -46.27
CA VAL J 149 69.47 -104.65 -45.14
C VAL J 149 70.68 -105.06 -44.27
N LYS J 150 71.22 -104.12 -43.50
CA LYS J 150 72.37 -104.42 -42.64
C LYS J 150 72.12 -103.95 -41.20
N ILE J 151 71.20 -104.64 -40.53
CA ILE J 151 70.78 -104.31 -39.17
C ILE J 151 71.90 -104.27 -38.12
N TYR J 152 71.85 -103.26 -37.26
CA TYR J 152 72.73 -103.14 -36.09
C TYR J 152 71.91 -102.97 -34.82
N SER J 153 72.49 -103.36 -33.69
CA SER J 153 71.83 -103.18 -32.42
C SER J 153 72.37 -101.91 -31.77
N ILE J 154 71.61 -101.35 -30.85
CA ILE J 154 72.01 -100.13 -30.16
C ILE J 154 71.24 -100.00 -28.84
N PHE J 155 71.93 -99.63 -27.79
CA PHE J 155 71.32 -99.56 -26.45
C PHE J 155 71.50 -98.20 -25.78
N GLY J 156 70.40 -97.67 -25.22
CA GLY J 156 70.40 -96.35 -24.64
C GLY J 156 70.99 -96.33 -23.25
N GLY J 157 70.63 -95.31 -22.48
CA GLY J 157 71.09 -95.16 -21.11
C GLY J 157 70.52 -93.89 -20.50
N GLN J 158 71.16 -93.41 -19.43
CA GLN J 158 70.71 -92.19 -18.78
C GLN J 158 70.80 -90.98 -19.73
N GLY J 159 69.65 -90.47 -20.14
CA GLY J 159 69.60 -89.35 -21.06
C GLY J 159 68.26 -88.65 -21.03
N ASN J 160 68.02 -87.90 -19.96
CA ASN J 160 66.81 -87.08 -19.82
C ASN J 160 65.52 -87.88 -19.70
N ILE J 161 65.62 -89.11 -19.21
CA ILE J 161 64.42 -89.91 -18.99
C ILE J 161 64.31 -90.33 -17.55
N GLU J 162 63.36 -89.72 -16.86
CA GLU J 162 63.03 -90.04 -15.48
C GLU J 162 61.74 -90.83 -15.50
N GLU J 163 61.27 -91.11 -16.72
CA GLU J 163 60.07 -91.87 -16.95
C GLU J 163 60.50 -93.26 -17.41
N TYR J 164 61.66 -93.70 -16.94
CA TYR J 164 62.15 -95.01 -17.31
C TYR J 164 61.29 -96.10 -16.68
N PHE J 165 60.92 -95.91 -15.40
CA PHE J 165 60.14 -96.92 -14.67
C PHE J 165 58.72 -96.99 -15.22
N ASP J 166 58.31 -95.97 -15.96
CA ASP J 166 57.04 -95.99 -16.66
C ASP J 166 57.10 -96.97 -17.84
N GLU J 167 58.26 -97.03 -18.51
CA GLU J 167 58.51 -98.00 -19.58
C GLU J 167 58.40 -99.45 -19.10
N LEU J 168 58.89 -99.71 -17.87
CA LEU J 168 58.76 -101.02 -17.24
C LEU J 168 57.30 -101.46 -17.10
N ARG J 169 56.44 -100.54 -16.69
CA ARG J 169 55.01 -100.84 -16.58
C ARG J 169 54.38 -101.21 -17.93
N GLU J 170 54.71 -100.46 -18.99
CA GLU J 170 54.32 -100.81 -20.35
C GLU J 170 54.64 -102.27 -20.65
N ILE J 171 55.89 -102.64 -20.34
CA ILE J 171 56.36 -104.02 -20.53
C ILE J 171 55.55 -105.03 -19.73
N TYR J 172 55.64 -104.94 -18.41
CA TYR J 172 54.90 -105.82 -17.49
C TYR J 172 53.40 -105.90 -17.81
N THR J 173 52.81 -104.76 -18.13
CA THR J 173 51.40 -104.68 -18.49
C THR J 173 51.10 -105.42 -19.79
N THR J 174 51.83 -105.05 -20.83
CA THR J 174 51.53 -105.46 -22.19
C THR J 174 52.06 -106.85 -22.55
N TYR J 175 53.27 -107.18 -22.11
CA TYR J 175 53.83 -108.49 -22.42
C TYR J 175 54.05 -109.36 -21.20
N PRO J 176 52.97 -109.65 -20.45
CA PRO J 176 53.06 -110.34 -19.14
C PRO J 176 53.70 -111.71 -19.23
N SER J 177 53.15 -112.56 -20.09
CA SER J 177 53.69 -113.90 -20.35
C SER J 177 55.21 -113.90 -20.58
N PHE J 178 55.63 -113.23 -21.66
CA PHE J 178 57.03 -113.18 -22.09
C PHE J 178 58.03 -112.86 -20.99
N VAL J 179 57.73 -111.85 -20.20
CA VAL J 179 58.72 -111.23 -19.32
C VAL J 179 58.58 -111.57 -17.85
N GLU J 180 57.35 -111.86 -17.41
CA GLU J 180 57.03 -112.05 -16.00
C GLU J 180 58.10 -112.85 -15.26
N ASP J 181 58.74 -113.76 -15.98
CA ASP J 181 59.76 -114.63 -15.41
C ASP J 181 61.03 -113.88 -14.98
N LEU J 182 61.76 -113.34 -15.95
CA LEU J 182 63.00 -112.62 -15.66
C LEU J 182 62.76 -111.35 -14.84
N ILE J 183 61.57 -110.77 -14.97
CA ILE J 183 61.15 -109.69 -14.08
C ILE J 183 61.28 -110.18 -12.63
N THR J 184 60.47 -111.18 -12.27
CA THR J 184 60.45 -111.70 -10.90
C THR J 184 61.84 -112.05 -10.38
N SER J 185 62.61 -112.74 -11.21
CA SER J 185 63.95 -113.23 -10.82
C SER J 185 64.96 -112.11 -10.62
N ILE J 186 65.13 -111.28 -11.65
CA ILE J 186 66.05 -110.15 -11.56
C ILE J 186 65.62 -109.19 -10.46
N ALA J 187 64.31 -109.22 -10.15
CA ALA J 187 63.78 -108.44 -9.04
C ALA J 187 64.38 -108.95 -7.74
N GLU J 188 64.17 -110.23 -7.47
CA GLU J 188 64.65 -110.87 -6.25
C GLU J 188 66.18 -110.83 -6.17
N LEU J 189 66.81 -110.88 -7.34
CA LEU J 189 68.25 -110.67 -7.44
C LEU J 189 68.64 -109.36 -6.76
N LEU J 190 67.95 -108.28 -7.16
CA LEU J 190 68.23 -106.96 -6.62
C LEU J 190 67.88 -106.86 -5.14
N GLN J 191 66.71 -107.39 -4.77
CA GLN J 191 66.26 -107.37 -3.38
C GLN J 191 67.31 -107.91 -2.42
N SER J 192 68.10 -108.85 -2.89
CA SER J 192 69.18 -109.43 -2.10
C SER J 192 70.43 -108.54 -2.14
N LEU J 193 70.78 -108.03 -3.32
CA LEU J 193 71.96 -107.15 -3.47
C LEU J 193 71.77 -105.87 -2.67
N ALA J 194 70.51 -105.47 -2.52
CA ALA J 194 70.13 -104.28 -1.79
C ALA J 194 70.30 -104.49 -0.28
N ARG J 195 70.25 -105.75 0.17
CA ARG J 195 70.38 -106.05 1.59
C ARG J 195 71.84 -106.08 2.02
N GLU J 196 72.74 -106.32 1.07
CA GLU J 196 74.17 -106.32 1.35
C GLU J 196 74.52 -105.03 2.12
N TRP J 197 75.36 -105.16 3.14
CA TRP J 197 75.57 -104.04 4.05
C TRP J 197 76.07 -102.74 3.39
N ASP J 198 76.88 -102.85 2.34
CA ASP J 198 77.38 -101.67 1.63
C ASP J 198 76.25 -100.92 0.94
N ALA J 199 75.16 -101.63 0.67
CA ALA J 199 74.11 -101.13 -0.20
C ALA J 199 72.91 -100.52 0.53
N VAL J 200 72.52 -101.10 1.67
CA VAL J 200 71.31 -100.66 2.38
C VAL J 200 71.25 -99.14 2.56
N LYS J 201 72.42 -98.54 2.73
CA LYS J 201 72.54 -97.10 2.83
C LYS J 201 71.79 -96.41 1.69
N GLN J 202 72.00 -96.88 0.46
CA GLN J 202 71.51 -96.20 -0.73
C GLN J 202 70.05 -96.50 -1.09
N TYR J 203 69.50 -97.59 -0.53
CA TYR J 203 68.13 -97.97 -0.85
C TYR J 203 67.24 -97.94 0.38
N PRO J 204 67.15 -96.75 1.02
CA PRO J 204 66.34 -96.64 2.23
C PRO J 204 64.87 -96.80 1.87
N LYS J 205 64.49 -96.30 0.70
CA LYS J 205 63.11 -96.40 0.23
C LYS J 205 62.81 -97.81 -0.30
N GLY J 206 63.85 -98.62 -0.38
CA GLY J 206 63.70 -100.01 -0.77
C GLY J 206 63.96 -100.22 -2.25
N LEU J 207 64.22 -101.46 -2.62
CA LEU J 207 64.48 -101.82 -4.01
C LEU J 207 63.61 -103.02 -4.43
N ASP J 208 62.36 -103.00 -3.98
CA ASP J 208 61.40 -104.06 -4.26
C ASP J 208 60.57 -103.74 -5.51
N ILE J 209 61.12 -104.04 -6.67
CA ILE J 209 60.51 -103.66 -7.95
C ILE J 209 59.10 -104.20 -8.10
N LEU J 210 58.94 -105.49 -7.80
CA LEU J 210 57.65 -106.16 -7.95
C LEU J 210 56.54 -105.47 -7.15
N GLN J 211 56.89 -104.99 -5.96
CA GLN J 211 55.96 -104.26 -5.12
C GLN J 211 55.42 -103.03 -5.85
N TRP J 212 56.34 -102.19 -6.30
CA TRP J 212 55.98 -100.94 -7.00
C TRP J 212 55.09 -101.22 -8.19
N LEU J 213 55.41 -102.29 -8.92
CA LEU J 213 54.63 -102.66 -10.07
C LEU J 213 53.20 -103.05 -9.65
N HIS J 214 53.09 -103.81 -8.55
CA HIS J 214 51.79 -104.32 -8.11
C HIS J 214 50.91 -103.22 -7.52
N ASN J 215 51.43 -102.52 -6.52
CA ASN J 215 50.73 -101.38 -5.94
C ASN J 215 51.42 -100.07 -6.30
N PRO J 216 50.91 -99.37 -7.34
CA PRO J 216 51.49 -98.11 -7.85
C PRO J 216 51.83 -97.09 -6.76
N GLU J 217 51.06 -97.08 -5.68
CA GLU J 217 51.22 -96.14 -4.57
C GLU J 217 52.53 -96.32 -3.81
N SER J 218 53.07 -97.53 -3.85
CA SER J 218 54.34 -97.82 -3.19
C SER J 218 55.53 -97.31 -4.01
N GLN J 219 55.31 -97.07 -5.30
CA GLN J 219 56.36 -96.58 -6.19
C GLN J 219 56.96 -95.30 -5.62
N PRO J 220 58.29 -95.31 -5.41
CA PRO J 220 59.05 -94.19 -4.85
C PRO J 220 59.12 -92.94 -5.75
N ASP J 221 59.55 -91.83 -5.17
CA ASP J 221 59.68 -90.53 -5.84
C ASP J 221 60.60 -90.59 -7.05
N THR J 222 60.28 -89.80 -8.06
CA THR J 222 61.10 -89.72 -9.27
C THR J 222 62.57 -89.44 -8.94
N ASP J 223 62.78 -88.73 -7.84
CA ASP J 223 64.13 -88.42 -7.39
C ASP J 223 64.86 -89.71 -7.04
N TYR J 224 64.19 -90.57 -6.29
CA TYR J 224 64.75 -91.85 -5.88
C TYR J 224 65.11 -92.73 -7.07
N LEU J 225 64.15 -92.96 -7.95
CA LEU J 225 64.36 -93.87 -9.07
C LEU J 225 65.45 -93.40 -10.02
N VAL J 226 65.65 -92.09 -10.10
CA VAL J 226 66.62 -91.51 -11.02
C VAL J 226 68.09 -91.66 -10.56
N SER J 227 68.25 -91.86 -9.25
CA SER J 227 69.57 -92.03 -8.66
C SER J 227 70.29 -93.18 -9.33
N ALA J 228 71.61 -93.08 -9.45
CA ALA J 228 72.41 -94.14 -10.07
C ALA J 228 72.15 -95.53 -9.48
N PRO J 229 72.33 -95.69 -8.15
CA PRO J 229 72.17 -97.02 -7.53
C PRO J 229 70.82 -97.71 -7.79
N VAL J 230 69.82 -96.97 -8.26
CA VAL J 230 68.55 -97.60 -8.63
C VAL J 230 68.34 -97.49 -10.15
N SER J 231 68.70 -96.34 -10.70
CA SER J 231 68.54 -96.10 -12.12
C SER J 231 69.21 -97.19 -12.96
N PHE J 232 70.53 -97.32 -12.80
CA PHE J 232 71.32 -98.28 -13.57
C PHE J 232 70.68 -99.65 -13.73
N PRO J 233 70.63 -100.45 -12.64
CA PRO J 233 70.21 -101.85 -12.80
C PRO J 233 68.76 -101.94 -13.26
N LEU J 234 67.91 -101.16 -12.63
CA LEU J 234 66.49 -101.12 -12.97
C LEU J 234 66.30 -100.84 -14.47
N ILE J 235 67.08 -99.91 -15.01
CA ILE J 235 67.02 -99.59 -16.44
C ILE J 235 67.45 -100.76 -17.30
N GLY J 236 68.59 -101.36 -16.99
CA GLY J 236 69.05 -102.55 -17.70
C GLY J 236 67.95 -103.58 -17.87
N LEU J 237 67.21 -103.85 -16.78
CA LEU J 237 66.08 -104.77 -16.81
C LEU J 237 65.09 -104.40 -17.91
N VAL J 238 64.91 -103.11 -18.14
CA VAL J 238 63.99 -102.66 -19.18
C VAL J 238 64.58 -102.82 -20.57
N GLN J 239 65.90 -102.71 -20.69
CA GLN J 239 66.58 -102.91 -21.98
C GLN J 239 66.64 -104.39 -22.33
N LEU J 240 66.78 -105.23 -21.30
CA LEU J 240 66.71 -106.69 -21.44
C LEU J 240 65.33 -107.10 -21.93
N ALA J 241 64.32 -106.75 -21.13
CA ALA J 241 62.93 -107.07 -21.40
C ALA J 241 62.50 -106.68 -22.81
N HIS J 242 63.17 -105.69 -23.40
CA HIS J 242 62.90 -105.30 -24.79
C HIS J 242 63.50 -106.30 -25.78
N TYR J 243 64.81 -106.53 -25.68
CA TYR J 243 65.47 -107.56 -26.48
C TYR J 243 64.77 -108.92 -26.32
N MET J 244 64.43 -109.26 -25.08
CA MET J 244 63.69 -110.46 -24.74
C MET J 244 62.35 -110.53 -25.46
N ILE J 245 61.57 -109.45 -25.37
CA ILE J 245 60.26 -109.35 -26.02
C ILE J 245 60.33 -109.37 -27.55
N THR J 246 61.40 -108.83 -28.12
CA THR J 246 61.60 -108.86 -29.57
C THR J 246 61.78 -110.29 -30.09
N CYS J 247 62.77 -110.99 -29.53
CA CYS J 247 63.05 -112.39 -29.87
C CYS J 247 61.81 -113.26 -29.66
N LYS J 248 61.27 -113.20 -28.45
CA LYS J 248 60.10 -113.98 -28.06
C LYS J 248 58.85 -113.78 -28.92
N THR J 249 58.60 -112.56 -29.37
CA THR J 249 57.47 -112.27 -30.25
C THR J 249 57.66 -112.84 -31.66
N LEU J 250 58.91 -112.88 -32.11
CA LEU J 250 59.27 -113.56 -33.34
C LEU J 250 59.16 -115.08 -33.23
N GLY J 251 59.15 -115.59 -32.00
CA GLY J 251 59.15 -117.02 -31.75
C GLY J 251 60.55 -117.58 -31.93
N ARG J 252 61.54 -116.76 -31.57
CA ARG J 252 62.93 -117.08 -31.78
C ARG J 252 63.67 -117.37 -30.46
N GLU J 253 64.94 -117.76 -30.59
CA GLU J 253 65.84 -117.89 -29.45
C GLU J 253 66.74 -116.65 -29.39
N PRO J 254 67.35 -116.39 -28.21
CA PRO J 254 68.29 -115.27 -28.07
C PRO J 254 69.46 -115.33 -29.06
N GLY J 255 69.80 -116.54 -29.52
CA GLY J 255 70.85 -116.71 -30.50
C GLY J 255 70.36 -116.43 -31.91
N GLU J 256 69.06 -116.55 -32.13
CA GLU J 256 68.45 -116.33 -33.44
C GLU J 256 68.56 -114.87 -33.90
N LEU J 257 68.09 -113.95 -33.05
CA LEU J 257 68.21 -112.53 -33.35
C LEU J 257 69.66 -112.07 -33.22
N LEU J 258 70.36 -112.58 -32.19
CA LEU J 258 71.75 -112.23 -31.95
C LEU J 258 72.59 -112.50 -33.19
N GLU J 259 72.18 -113.47 -34.00
CA GLU J 259 72.93 -113.83 -35.20
C GLU J 259 72.64 -112.89 -36.34
N ARG J 260 71.40 -112.38 -36.37
CA ARG J 260 70.92 -111.57 -37.48
C ARG J 260 71.18 -110.06 -37.36
N PHE J 261 72.11 -109.68 -36.49
CA PHE J 261 72.59 -108.30 -36.45
C PHE J 261 74.01 -108.30 -36.97
N SER J 262 74.70 -107.16 -36.91
CA SER J 262 76.08 -107.08 -37.38
C SER J 262 77.00 -106.48 -36.32
N GLY J 263 76.40 -105.77 -35.38
CA GLY J 263 77.15 -105.07 -34.36
C GLY J 263 76.23 -104.43 -33.36
N THR J 264 76.64 -104.48 -32.10
CA THR J 264 75.89 -103.87 -31.00
C THR J 264 76.82 -102.91 -30.24
N THR J 265 76.26 -101.78 -29.81
CA THR J 265 76.95 -100.84 -28.91
C THR J 265 75.93 -100.31 -27.90
N GLY J 266 76.42 -99.71 -26.82
CA GLY J 266 75.56 -99.10 -25.82
C GLY J 266 75.98 -97.67 -25.54
N HIS J 267 75.09 -96.88 -24.95
CA HIS J 267 75.42 -95.51 -24.54
C HIS J 267 75.72 -95.48 -23.04
N SER J 268 77.00 -95.42 -22.71
CA SER J 268 77.44 -95.50 -21.32
C SER J 268 76.93 -96.77 -20.63
N GLN J 269 75.85 -96.63 -19.85
CA GLN J 269 75.32 -97.73 -19.07
C GLN J 269 74.76 -98.88 -19.92
N GLY J 270 74.48 -98.59 -21.19
CA GLY J 270 73.90 -99.55 -22.10
C GLY J 270 74.90 -100.52 -22.69
N ILE J 271 76.17 -100.13 -22.69
CA ILE J 271 77.23 -100.96 -23.25
C ILE J 271 77.36 -102.27 -22.48
N VAL J 272 76.86 -102.30 -21.25
CA VAL J 272 76.85 -103.52 -20.44
C VAL J 272 75.82 -104.53 -20.95
N VAL J 273 74.58 -104.09 -21.09
CA VAL J 273 73.54 -104.95 -21.66
C VAL J 273 73.82 -105.32 -23.12
N ALA J 274 74.57 -104.48 -23.81
CA ALA J 274 74.92 -104.72 -25.22
C ALA J 274 75.95 -105.84 -25.34
N ALA J 275 76.96 -105.81 -24.49
CA ALA J 275 77.98 -106.86 -24.47
C ALA J 275 77.41 -108.17 -23.93
N ALA J 276 76.56 -108.07 -22.91
CA ALA J 276 75.95 -109.25 -22.27
C ALA J 276 74.85 -109.88 -23.11
N ILE J 277 74.24 -109.10 -24.01
CA ILE J 277 73.22 -109.62 -24.92
C ILE J 277 73.89 -110.40 -26.05
N ALA J 278 75.17 -110.09 -26.30
CA ALA J 278 75.97 -110.75 -27.32
C ALA J 278 76.55 -112.06 -26.80
N THR J 279 76.32 -112.33 -25.52
CA THR J 279 76.67 -113.60 -24.90
C THR J 279 75.61 -114.65 -25.21
N ALA J 280 74.39 -114.40 -24.74
CA ALA J 280 73.28 -115.37 -24.77
C ALA J 280 72.91 -115.95 -26.15
N ARG J 281 72.74 -117.27 -26.19
CA ARG J 281 72.17 -117.96 -27.35
C ARG J 281 70.95 -118.74 -26.89
N THR J 282 71.04 -119.29 -25.68
CA THR J 282 69.93 -120.04 -25.08
C THR J 282 69.04 -119.06 -24.33
N TRP J 283 67.86 -119.53 -23.93
CA TRP J 283 67.02 -118.77 -23.01
C TRP J 283 67.57 -118.95 -21.60
N ASP J 284 68.29 -120.05 -21.40
CA ASP J 284 69.00 -120.29 -20.15
C ASP J 284 70.27 -119.47 -20.16
N GLU J 285 70.91 -119.41 -21.32
CA GLU J 285 72.13 -118.63 -21.53
C GLU J 285 71.83 -117.12 -21.52
N PHE J 286 70.56 -116.79 -21.80
CA PHE J 286 70.08 -115.41 -21.75
C PHE J 286 69.94 -114.97 -20.31
N ALA J 287 69.13 -115.72 -19.56
CA ALA J 287 68.92 -115.45 -18.14
C ALA J 287 70.23 -115.38 -17.37
N THR J 288 71.26 -116.09 -17.85
CA THR J 288 72.59 -116.03 -17.22
C THR J 288 73.23 -114.66 -17.39
N ALA J 289 73.41 -114.25 -18.65
CA ALA J 289 73.98 -112.94 -18.97
C ALA J 289 73.09 -111.78 -18.48
N ALA J 290 71.81 -112.09 -18.21
CA ALA J 290 70.84 -111.12 -17.71
C ALA J 290 71.07 -110.77 -16.24
N LYS J 291 71.29 -111.78 -15.40
CA LYS J 291 71.66 -111.57 -14.00
C LYS J 291 73.08 -111.02 -13.92
N ARG J 292 73.86 -111.29 -14.96
CA ARG J 292 75.21 -110.77 -15.04
C ARG J 292 75.23 -109.25 -15.23
N ALA J 293 74.61 -108.79 -16.32
CA ALA J 293 74.51 -107.36 -16.60
C ALA J 293 73.86 -106.60 -15.44
N VAL J 294 72.67 -107.05 -15.03
CA VAL J 294 71.90 -106.40 -13.96
C VAL J 294 72.69 -106.19 -12.67
N GLU J 295 73.28 -107.26 -12.15
CA GLU J 295 74.06 -107.17 -10.92
C GLU J 295 75.34 -106.37 -11.14
N LEU J 296 75.84 -106.39 -12.39
CA LEU J 296 76.98 -105.56 -12.78
C LEU J 296 76.62 -104.08 -12.62
N LEU J 297 75.56 -103.65 -13.30
CA LEU J 297 75.05 -102.28 -13.20
C LEU J 297 74.82 -101.89 -11.75
N PHE J 298 74.20 -102.80 -11.00
CA PHE J 298 73.97 -102.58 -9.57
C PHE J 298 75.23 -102.09 -8.85
N TRP J 299 76.36 -102.75 -9.11
CA TRP J 299 77.59 -102.36 -8.44
C TRP J 299 78.32 -101.19 -9.07
N ILE J 300 78.13 -100.99 -10.37
CA ILE J 300 78.71 -99.83 -11.02
C ILE J 300 78.07 -98.55 -10.47
N GLY J 301 76.75 -98.48 -10.57
CA GLY J 301 76.02 -97.33 -10.04
C GLY J 301 76.22 -97.16 -8.55
N LEU J 302 76.03 -98.24 -7.80
CA LEU J 302 76.18 -98.20 -6.35
C LEU J 302 77.51 -97.57 -5.90
N ARG J 303 78.62 -98.20 -6.29
CA ARG J 303 79.94 -97.76 -5.85
C ARG J 303 80.29 -96.38 -6.42
N SER J 304 79.75 -96.06 -7.60
CA SER J 304 79.99 -94.75 -8.20
C SER J 304 79.39 -93.66 -7.32
N GLN J 305 78.18 -93.91 -6.83
CA GLN J 305 77.47 -92.95 -5.99
C GLN J 305 78.25 -92.66 -4.72
N GLN J 306 78.84 -93.69 -4.14
CA GLN J 306 79.56 -93.57 -2.88
C GLN J 306 80.91 -92.86 -3.03
N ALA J 307 81.45 -92.88 -4.26
CA ALA J 307 82.70 -92.17 -4.59
C ALA J 307 82.49 -90.66 -4.53
N TYR J 308 81.58 -90.17 -5.37
CA TYR J 308 81.18 -88.77 -5.33
C TYR J 308 79.68 -88.64 -5.04
N PRO J 309 79.29 -88.68 -3.73
CA PRO J 309 77.88 -88.53 -3.28
C PRO J 309 77.35 -87.14 -3.56
N ARG J 310 76.04 -86.97 -3.48
CA ARG J 310 75.43 -85.66 -3.72
C ARG J 310 75.73 -84.74 -2.55
N THR J 311 76.22 -83.54 -2.84
CA THR J 311 76.37 -82.49 -1.83
C THR J 311 75.27 -81.46 -1.96
N SER J 312 74.88 -80.89 -0.83
CA SER J 312 73.90 -79.81 -0.85
C SER J 312 74.53 -78.54 -1.42
N LEU J 313 73.70 -77.68 -2.00
CA LEU J 313 74.18 -76.48 -2.69
C LEU J 313 73.59 -75.23 -2.06
N ALA J 314 74.14 -74.08 -2.43
CA ALA J 314 73.56 -72.81 -2.02
C ALA J 314 72.13 -72.68 -2.57
N PRO J 315 71.14 -72.46 -1.67
CA PRO J 315 69.73 -72.43 -2.09
C PRO J 315 69.50 -71.32 -3.10
N SER J 316 70.34 -70.29 -3.02
CA SER J 316 70.31 -69.17 -3.95
C SER J 316 70.75 -69.57 -5.37
N THR J 317 72.02 -69.98 -5.49
CA THR J 317 72.56 -70.45 -6.77
C THR J 317 71.80 -71.66 -7.27
N LEU J 318 70.95 -72.20 -6.41
CA LEU J 318 70.10 -73.33 -6.75
C LEU J 318 68.91 -72.86 -7.57
N GLN J 319 68.08 -71.99 -7.00
CA GLN J 319 66.96 -71.43 -7.74
C GLN J 319 67.48 -70.70 -8.97
N ASP J 320 68.60 -70.00 -8.83
CA ASP J 320 69.22 -69.32 -9.96
C ASP J 320 69.31 -70.24 -11.17
N SER J 321 70.10 -71.31 -11.06
CA SER J 321 70.24 -72.26 -12.17
C SER J 321 68.90 -72.71 -12.72
N VAL J 322 67.89 -72.77 -11.85
CA VAL J 322 66.55 -73.24 -12.25
C VAL J 322 65.80 -72.21 -13.11
N GLU J 323 65.80 -70.96 -12.65
CA GLU J 323 65.09 -69.89 -13.33
C GLU J 323 65.77 -69.51 -14.64
N ASN J 324 67.09 -69.70 -14.69
CA ASN J 324 67.90 -69.27 -15.84
C ASN J 324 67.83 -70.21 -17.04
N GLY J 325 66.85 -71.11 -17.01
CA GLY J 325 66.61 -72.01 -18.13
C GLY J 325 67.29 -73.35 -17.97
N GLU J 326 68.19 -73.43 -16.99
CA GLU J 326 68.94 -74.65 -16.72
C GLU J 326 68.19 -75.50 -15.70
N GLY J 327 68.78 -76.64 -15.31
CA GLY J 327 68.10 -77.50 -14.37
C GLY J 327 68.63 -77.37 -12.96
N THR J 328 68.15 -78.25 -12.08
CA THR J 328 68.75 -78.42 -10.76
C THR J 328 70.15 -78.99 -10.97
N PRO J 329 71.16 -78.34 -10.38
CA PRO J 329 72.56 -78.65 -10.66
C PRO J 329 72.95 -80.08 -10.30
N THR J 330 73.60 -80.76 -11.25
CA THR J 330 74.15 -82.11 -11.05
C THR J 330 75.60 -82.14 -11.51
N PRO J 331 76.21 -83.33 -11.57
CA PRO J 331 77.57 -83.43 -12.09
C PRO J 331 77.61 -83.56 -13.61
N MET J 332 76.45 -83.56 -14.26
CA MET J 332 76.37 -83.84 -15.69
C MET J 332 75.67 -82.72 -16.44
N LEU J 333 76.44 -81.94 -17.19
CA LEU J 333 75.94 -80.77 -17.89
C LEU J 333 75.80 -81.04 -19.38
N SER J 334 74.72 -80.54 -20.00
CA SER J 334 74.54 -80.71 -21.44
C SER J 334 74.74 -79.41 -22.22
N ILE J 335 75.39 -79.50 -23.37
CA ILE J 335 75.63 -78.34 -24.21
C ILE J 335 75.36 -78.66 -25.66
N ARG J 336 74.09 -78.52 -26.03
CA ARG J 336 73.69 -78.69 -27.43
C ARG J 336 73.98 -77.45 -28.27
N ASP J 337 73.98 -77.62 -29.58
CA ASP J 337 74.11 -76.54 -30.57
C ASP J 337 75.41 -75.74 -30.50
N LEU J 338 76.36 -76.20 -29.69
CA LEU J 338 77.62 -75.48 -29.53
C LEU J 338 78.82 -76.36 -29.81
N THR J 339 79.69 -75.88 -30.71
CA THR J 339 80.84 -76.66 -31.19
C THR J 339 81.92 -76.91 -30.13
N ARG J 340 82.50 -78.12 -30.14
CA ARG J 340 83.56 -78.49 -29.20
C ARG J 340 84.67 -77.43 -29.12
N SER J 341 85.07 -76.92 -30.28
CA SER J 341 86.06 -75.86 -30.35
C SER J 341 85.79 -74.85 -29.24
N ALA J 342 84.62 -74.22 -29.32
CA ALA J 342 84.19 -73.21 -28.36
C ALA J 342 83.93 -73.78 -26.97
N VAL J 343 83.18 -74.87 -26.90
CA VAL J 343 82.83 -75.48 -25.62
C VAL J 343 84.06 -75.70 -24.75
N GLN J 344 85.15 -76.12 -25.35
CA GLN J 344 86.38 -76.33 -24.60
C GLN J 344 86.99 -75.02 -24.13
N GLU J 345 86.88 -73.99 -24.96
CA GLU J 345 87.43 -72.68 -24.61
C GLU J 345 86.75 -72.09 -23.37
N HIS J 346 85.44 -72.29 -23.29
CA HIS J 346 84.69 -71.88 -22.12
C HIS J 346 85.04 -72.76 -20.93
N ILE J 347 85.25 -74.05 -21.18
CA ILE J 347 85.69 -75.00 -20.16
C ILE J 347 87.09 -74.64 -19.67
N ASP J 348 87.90 -74.10 -20.58
CA ASP J 348 89.27 -73.67 -20.27
C ASP J 348 89.32 -72.47 -19.33
N ALA J 349 88.57 -71.42 -19.69
CA ALA J 349 88.49 -70.23 -18.86
C ALA J 349 87.99 -70.57 -17.44
N THR J 350 86.98 -71.42 -17.37
CA THR J 350 86.40 -71.83 -16.09
C THR J 350 87.38 -72.61 -15.22
N ASN J 351 88.03 -73.60 -15.82
CA ASN J 351 89.03 -74.39 -15.11
C ASN J 351 90.23 -73.56 -14.70
N GLN J 352 90.40 -72.43 -15.36
CA GLN J 352 91.47 -71.49 -15.04
C GLN J 352 91.42 -71.09 -13.56
N HIS J 353 90.28 -70.55 -13.14
CA HIS J 353 90.14 -70.01 -11.78
C HIS J 353 89.82 -71.06 -10.72
N LEU J 354 89.52 -72.27 -11.15
CA LEU J 354 89.18 -73.36 -10.24
C LEU J 354 90.41 -74.12 -9.75
N PRO J 355 90.32 -74.70 -8.54
CA PRO J 355 91.33 -75.62 -8.00
C PRO J 355 91.27 -76.93 -8.77
N GLU J 356 92.40 -77.60 -8.91
CA GLU J 356 92.47 -78.86 -9.67
C GLU J 356 91.41 -79.87 -9.23
N ASP J 357 91.08 -79.85 -7.94
CA ASP J 357 90.08 -80.75 -7.35
C ASP J 357 88.77 -80.71 -8.13
N ARG J 358 88.27 -79.49 -8.34
CA ARG J 358 86.96 -79.28 -8.93
C ARG J 358 87.04 -78.74 -10.34
N HIS J 359 87.88 -79.34 -11.17
CA HIS J 359 87.90 -78.98 -12.58
C HIS J 359 86.73 -79.57 -13.36
N ILE J 360 86.77 -79.38 -14.68
CA ILE J 360 85.63 -79.69 -15.53
C ILE J 360 86.06 -80.40 -16.81
N GLY J 361 85.58 -81.63 -16.99
CA GLY J 361 85.94 -82.41 -18.16
C GLY J 361 84.79 -82.55 -19.14
N ILE J 362 85.10 -83.09 -20.31
CA ILE J 362 84.10 -83.36 -21.34
C ILE J 362 83.66 -84.83 -21.28
N SER J 363 82.51 -85.11 -20.67
CA SER J 363 82.10 -86.50 -20.37
C SER J 363 81.83 -87.34 -21.62
N LEU J 364 81.04 -86.80 -22.54
CA LEU J 364 80.73 -87.50 -23.78
C LEU J 364 80.54 -86.57 -24.97
N VAL J 365 80.89 -87.07 -26.15
CA VAL J 365 80.74 -86.34 -27.41
C VAL J 365 79.70 -87.04 -28.26
N ASN J 366 78.45 -86.59 -28.17
CA ASN J 366 77.35 -87.28 -28.80
C ASN J 366 77.12 -86.84 -30.24
N SER J 367 77.77 -85.75 -30.62
CA SER J 367 77.83 -85.30 -32.02
C SER J 367 78.83 -84.15 -32.08
N ALA J 368 78.97 -83.52 -33.25
CA ALA J 368 79.92 -82.40 -33.40
C ALA J 368 79.46 -81.15 -32.66
N ARG J 369 78.18 -81.06 -32.37
CA ARG J 369 77.62 -79.91 -31.68
C ARG J 369 76.86 -80.31 -30.40
N ASN J 370 76.86 -81.60 -30.08
CA ASN J 370 76.24 -82.08 -28.85
C ASN J 370 77.28 -82.66 -27.90
N PHE J 371 77.31 -82.16 -26.66
CA PHE J 371 78.25 -82.67 -25.67
C PHE J 371 77.63 -82.82 -24.29
N VAL J 372 78.45 -83.31 -23.37
CA VAL J 372 78.10 -83.39 -21.96
C VAL J 372 79.37 -83.01 -21.21
N VAL J 373 79.21 -82.40 -20.04
CA VAL J 373 80.35 -81.97 -19.22
C VAL J 373 80.19 -82.42 -17.75
N THR J 374 81.30 -82.84 -17.14
CA THR J 374 81.31 -83.22 -15.73
C THR J 374 82.28 -82.42 -14.87
N GLY J 375 82.21 -82.65 -13.57
CA GLY J 375 82.92 -81.87 -12.59
C GLY J 375 81.94 -81.67 -11.47
N PRO J 376 82.39 -81.09 -10.36
CA PRO J 376 81.45 -80.88 -9.25
C PRO J 376 80.33 -79.97 -9.75
N PRO J 377 79.10 -80.24 -9.31
CA PRO J 377 77.96 -79.44 -9.76
C PRO J 377 78.24 -77.96 -9.54
N ILE J 378 78.86 -77.69 -8.40
CA ILE J 378 79.17 -76.33 -7.93
C ILE J 378 80.03 -75.52 -8.93
N SER J 379 80.90 -76.21 -9.65
CA SER J 379 81.80 -75.57 -10.61
C SER J 379 81.22 -75.66 -12.01
N LEU J 380 80.34 -76.63 -12.20
CA LEU J 380 79.63 -76.74 -13.45
C LEU J 380 78.77 -75.51 -13.60
N TYR J 381 78.24 -75.08 -12.46
CA TYR J 381 77.43 -73.87 -12.36
C TYR J 381 78.19 -72.66 -12.87
N GLY J 382 79.46 -72.57 -12.47
CA GLY J 382 80.32 -71.49 -12.88
C GLY J 382 80.60 -71.45 -14.39
N LEU J 383 80.31 -72.56 -15.06
CA LEU J 383 80.43 -72.60 -16.49
C LEU J 383 79.19 -71.94 -17.07
N ASN J 384 78.05 -72.24 -16.45
CA ASN J 384 76.74 -71.69 -16.84
C ASN J 384 76.69 -70.18 -16.70
N LEU J 385 77.35 -69.68 -15.67
CA LEU J 385 77.41 -68.24 -15.46
C LEU J 385 78.08 -67.58 -16.65
N ARG J 386 79.24 -68.08 -17.05
CA ARG J 386 79.93 -67.59 -18.22
C ARG J 386 79.09 -67.77 -19.48
N LEU J 387 78.46 -68.93 -19.61
CA LEU J 387 77.71 -69.26 -20.82
C LEU J 387 76.56 -68.30 -21.04
N ARG J 388 75.84 -67.98 -19.96
CA ARG J 388 74.69 -67.08 -20.04
C ARG J 388 75.11 -65.72 -20.52
N LYS J 389 76.27 -65.26 -20.06
CA LYS J 389 76.81 -63.96 -20.46
C LYS J 389 77.15 -63.90 -21.96
N VAL J 390 77.31 -65.07 -22.59
CA VAL J 390 77.72 -65.12 -23.99
C VAL J 390 76.53 -65.29 -24.94
N LYS J 391 75.61 -66.20 -24.58
CA LYS J 391 74.47 -66.48 -25.44
C LYS J 391 73.43 -65.37 -25.38
N ALA J 392 72.59 -65.32 -26.40
CA ALA J 392 71.58 -64.26 -26.51
C ALA J 392 70.20 -64.78 -26.11
N PRO J 393 69.33 -63.87 -25.62
CA PRO J 393 67.93 -64.16 -25.29
C PRO J 393 67.20 -64.82 -26.46
N THR J 394 66.08 -65.50 -26.18
CA THR J 394 65.31 -66.13 -27.25
C THR J 394 64.50 -65.06 -27.98
N GLY J 395 64.50 -63.85 -27.41
CA GLY J 395 63.81 -62.72 -28.00
C GLY J 395 64.57 -62.09 -29.13
N LEU J 396 65.82 -61.71 -28.88
CA LEU J 396 66.64 -60.96 -29.83
C LEU J 396 66.48 -61.40 -31.27
N ASP J 397 65.97 -60.50 -32.10
CA ASP J 397 65.90 -60.72 -33.53
C ASP J 397 67.23 -60.30 -34.13
N GLN J 398 67.80 -61.14 -34.98
CA GLN J 398 69.12 -60.87 -35.52
C GLN J 398 69.11 -60.89 -37.04
N ASN J 399 67.92 -60.95 -37.62
CA ASN J 399 67.76 -60.99 -39.07
C ASN J 399 68.29 -59.72 -39.71
N ARG J 400 68.75 -58.80 -38.88
CA ARG J 400 69.28 -57.54 -39.35
C ARG J 400 70.72 -57.36 -38.90
N ILE J 401 71.34 -58.45 -38.45
CA ILE J 401 72.73 -58.43 -38.03
C ILE J 401 73.60 -59.31 -38.92
N PRO J 402 74.72 -58.76 -39.38
CA PRO J 402 75.73 -59.56 -40.08
C PRO J 402 75.98 -60.88 -39.35
N PHE J 403 76.06 -61.96 -40.12
CA PHE J 403 76.11 -63.30 -39.56
C PHE J 403 77.33 -63.54 -38.69
N THR J 404 78.49 -63.13 -39.19
CA THR J 404 79.74 -63.38 -38.48
C THR J 404 79.78 -62.64 -37.15
N GLN J 405 78.78 -61.78 -36.92
CA GLN J 405 78.77 -60.91 -35.75
C GLN J 405 77.63 -61.17 -34.75
N ARG J 406 76.75 -62.11 -35.07
CA ARG J 406 75.61 -62.39 -34.21
C ARG J 406 76.02 -63.05 -32.88
N LYS J 407 75.04 -63.33 -32.03
CA LYS J 407 75.28 -64.08 -30.81
C LYS J 407 74.83 -65.51 -31.00
N ALA J 408 75.69 -66.46 -30.64
CA ALA J 408 75.38 -67.88 -30.82
C ALA J 408 74.24 -68.35 -29.92
N ARG J 409 73.27 -69.03 -30.51
CA ARG J 409 72.12 -69.52 -29.76
C ARG J 409 72.26 -71.00 -29.44
N PHE J 410 72.72 -71.30 -28.24
CA PHE J 410 72.87 -72.68 -27.81
C PHE J 410 71.95 -72.99 -26.64
N VAL J 411 71.95 -74.26 -26.25
CA VAL J 411 71.09 -74.72 -25.16
C VAL J 411 71.88 -75.49 -24.10
N ASN J 412 72.30 -74.80 -23.04
CA ASN J 412 72.90 -75.50 -21.91
C ASN J 412 71.88 -75.86 -20.82
N ARG J 413 72.11 -76.99 -20.15
CA ARG J 413 71.20 -77.47 -19.11
C ARG J 413 71.71 -78.72 -18.40
N PHE J 414 71.47 -78.79 -17.09
CA PHE J 414 71.90 -79.96 -16.31
C PHE J 414 71.10 -81.21 -16.69
N LEU J 415 71.62 -82.38 -16.32
CA LEU J 415 71.00 -83.67 -16.64
C LEU J 415 70.70 -84.46 -15.38
N PRO J 416 69.64 -85.26 -15.43
CA PRO J 416 69.13 -86.04 -14.29
C PRO J 416 70.06 -87.18 -13.85
N ILE J 417 71.37 -86.93 -13.89
CA ILE J 417 72.34 -87.98 -13.58
C ILE J 417 73.06 -87.72 -12.26
N THR J 418 73.06 -88.74 -11.40
CA THR J 418 73.38 -88.59 -9.99
C THR J 418 74.88 -88.58 -9.64
N ALA J 419 75.73 -88.88 -10.62
CA ALA J 419 77.16 -89.02 -10.35
C ALA J 419 78.05 -88.66 -11.55
N PRO J 420 79.29 -88.23 -11.28
CA PRO J 420 80.30 -87.79 -12.26
C PRO J 420 80.91 -88.94 -13.05
N PHE J 421 80.25 -89.38 -14.11
CA PHE J 421 80.77 -90.48 -14.92
C PHE J 421 81.70 -89.96 -16.00
N HIS J 422 82.64 -90.82 -16.40
CA HIS J 422 83.62 -90.46 -17.44
C HIS J 422 84.49 -89.30 -16.96
N SER J 423 84.92 -89.39 -15.70
CA SER J 423 85.75 -88.36 -15.08
C SER J 423 86.61 -88.94 -13.97
N PRO J 424 87.77 -88.31 -13.74
CA PRO J 424 88.74 -88.62 -12.68
C PRO J 424 88.12 -88.64 -11.29
N TYR J 425 86.83 -88.33 -11.19
CA TYR J 425 86.17 -88.22 -9.88
C TYR J 425 85.68 -89.58 -9.42
N LEU J 426 85.29 -90.41 -10.39
CA LEU J 426 84.86 -91.76 -10.08
C LEU J 426 86.04 -92.73 -10.03
N ALA J 427 87.20 -92.20 -9.62
CA ALA J 427 88.41 -93.01 -9.55
C ALA J 427 88.27 -94.15 -8.54
N GLY J 428 88.13 -93.79 -7.26
CA GLY J 428 88.07 -94.75 -6.17
C GLY J 428 86.99 -95.80 -6.32
N ALA J 429 85.97 -95.46 -7.11
CA ALA J 429 84.83 -96.35 -7.29
C ALA J 429 85.19 -97.58 -8.12
N HIS J 430 86.03 -97.38 -9.14
CA HIS J 430 86.39 -98.42 -10.10
C HIS J 430 86.93 -99.68 -9.43
N ALA J 431 87.94 -99.51 -8.60
CA ALA J 431 88.55 -100.60 -7.85
C ALA J 431 87.50 -101.39 -7.10
N HIS J 432 86.77 -100.72 -6.22
CA HIS J 432 85.71 -101.36 -5.43
C HIS J 432 84.79 -102.24 -6.25
N ILE J 433 84.28 -101.70 -7.36
CA ILE J 433 83.38 -102.43 -8.27
C ILE J 433 83.99 -103.76 -8.72
N LEU J 434 85.23 -103.72 -9.19
CA LEU J 434 85.92 -104.92 -9.68
C LEU J 434 85.89 -106.09 -8.68
N GLY J 435 86.12 -105.79 -7.39
CA GLY J 435 86.12 -106.79 -6.34
C GLY J 435 84.77 -107.40 -6.05
N ASP J 436 83.70 -106.73 -6.46
CA ASP J 436 82.35 -107.24 -6.30
C ASP J 436 82.03 -108.22 -7.41
N VAL J 437 82.75 -108.12 -8.52
CA VAL J 437 82.37 -108.75 -9.79
C VAL J 437 83.39 -109.76 -10.35
N ASP J 438 84.48 -110.00 -9.61
CA ASP J 438 85.50 -110.96 -10.06
C ASP J 438 84.94 -112.38 -10.22
N ASP J 439 83.85 -112.66 -9.50
CA ASP J 439 83.13 -113.94 -9.58
C ASP J 439 82.73 -114.23 -11.02
N MET J 440 82.00 -113.30 -11.61
CA MET J 440 81.58 -113.44 -13.00
C MET J 440 82.68 -112.99 -13.96
N LYS J 441 82.74 -113.64 -15.12
CA LYS J 441 83.79 -113.42 -16.09
C LYS J 441 83.22 -113.52 -17.49
N ILE J 442 83.17 -112.38 -18.18
CA ILE J 442 82.71 -112.37 -19.57
C ILE J 442 83.91 -112.11 -20.49
N PRO J 443 84.49 -113.19 -21.03
CA PRO J 443 85.69 -113.09 -21.86
C PRO J 443 85.40 -112.63 -23.30
N ALA J 444 86.39 -112.00 -23.92
CA ALA J 444 86.27 -111.48 -25.29
C ALA J 444 85.68 -112.47 -26.30
N SER J 445 85.76 -113.76 -25.96
CA SER J 445 85.29 -114.82 -26.84
C SER J 445 83.76 -114.94 -26.87
N SER J 446 83.15 -114.92 -25.69
CA SER J 446 81.71 -115.15 -25.58
C SER J 446 80.87 -114.07 -26.26
N LEU J 447 81.54 -113.20 -27.02
CA LEU J 447 80.85 -112.20 -27.83
C LEU J 447 80.59 -112.70 -29.23
N VAL J 448 79.35 -113.13 -29.47
CA VAL J 448 78.91 -113.60 -30.77
C VAL J 448 79.06 -112.51 -31.82
N ILE J 449 78.29 -111.44 -31.63
CA ILE J 449 78.31 -110.29 -32.52
C ILE J 449 79.22 -109.21 -31.94
N PRO J 450 79.99 -108.51 -32.83
CA PRO J 450 80.93 -107.47 -32.42
C PRO J 450 80.37 -106.50 -31.38
N VAL J 451 81.16 -106.21 -30.35
CA VAL J 451 80.77 -105.25 -29.32
C VAL J 451 81.76 -104.08 -29.33
N TYR J 452 81.31 -102.96 -29.89
CA TYR J 452 82.16 -101.81 -30.13
C TYR J 452 82.39 -100.96 -28.88
N ASP J 453 83.66 -100.78 -28.52
CA ASP J 453 84.09 -100.00 -27.38
C ASP J 453 83.44 -98.61 -27.33
N THR J 454 83.33 -98.06 -26.12
CA THR J 454 82.75 -96.74 -25.89
C THR J 454 83.67 -95.62 -26.37
N LYS J 455 84.91 -95.60 -25.86
CA LYS J 455 85.87 -94.55 -26.18
C LYS J 455 86.45 -94.66 -27.61
N THR J 456 86.78 -95.88 -28.03
CA THR J 456 87.24 -96.12 -29.39
C THR J 456 86.36 -97.15 -30.09
N GLY J 457 86.11 -96.94 -31.37
CA GLY J 457 85.18 -97.76 -32.13
C GLY J 457 85.43 -99.26 -32.14
N GLN J 458 86.64 -99.68 -31.80
CA GLN J 458 87.05 -101.09 -31.98
C GLN J 458 86.29 -102.11 -31.13
N ASP J 459 86.42 -103.38 -31.52
CA ASP J 459 85.69 -104.48 -30.89
C ASP J 459 86.18 -104.84 -29.50
N LEU J 460 85.41 -105.68 -28.84
CA LEU J 460 85.85 -106.27 -27.59
C LEU J 460 86.22 -107.73 -27.82
N ARG J 461 85.94 -108.22 -29.03
CA ARG J 461 86.32 -109.58 -29.41
C ARG J 461 87.80 -109.61 -29.77
N GLU J 462 88.32 -108.44 -30.14
CA GLU J 462 89.75 -108.28 -30.44
C GLU J 462 90.62 -108.34 -29.19
N LEU J 463 90.11 -109.01 -28.16
CA LEU J 463 90.86 -109.22 -26.92
C LEU J 463 91.07 -110.72 -26.67
N GLY J 464 92.15 -111.03 -25.96
CA GLY J 464 92.51 -112.40 -25.66
C GLY J 464 91.57 -113.05 -24.66
N ASP J 465 90.31 -112.62 -24.66
CA ASP J 465 89.27 -113.20 -23.81
C ASP J 465 89.45 -112.84 -22.34
N GLU J 466 89.83 -111.58 -22.10
CA GLU J 466 89.92 -111.08 -20.74
C GLU J 466 88.50 -111.04 -20.19
N ASP J 467 88.38 -111.01 -18.86
CA ASP J 467 87.11 -110.69 -18.24
C ASP J 467 86.70 -109.32 -18.82
N ILE J 468 85.48 -109.23 -19.36
CA ILE J 468 85.01 -107.99 -19.96
C ILE J 468 84.73 -106.93 -18.90
N ILE J 469 84.25 -107.37 -17.73
CA ILE J 469 83.97 -106.48 -16.60
C ILE J 469 84.95 -105.29 -16.47
N PRO J 470 86.27 -105.57 -16.42
CA PRO J 470 87.32 -104.54 -16.31
C PRO J 470 87.28 -103.48 -17.39
N GLU J 471 87.10 -103.86 -18.65
CA GLU J 471 87.02 -102.90 -19.74
C GLU J 471 85.73 -102.09 -19.69
N LEU J 472 84.61 -102.78 -19.47
CA LEU J 472 83.31 -102.13 -19.33
C LEU J 472 83.30 -101.03 -18.26
N VAL J 473 83.76 -101.37 -17.06
CA VAL J 473 83.74 -100.45 -15.94
C VAL J 473 84.55 -99.16 -16.19
N ARG J 474 85.69 -99.26 -16.88
CA ARG J 474 86.49 -98.08 -17.21
C ARG J 474 85.77 -97.19 -18.23
N MET J 475 85.09 -97.81 -19.20
CA MET J 475 84.37 -97.10 -20.27
C MET J 475 83.26 -96.21 -19.71
N ILE J 476 82.83 -96.54 -18.49
CA ILE J 476 81.68 -95.91 -17.88
C ILE J 476 82.06 -94.92 -16.78
N THR J 477 83.09 -95.26 -16.03
CA THR J 477 83.47 -94.43 -14.88
C THR J 477 84.72 -93.60 -15.16
N TYR J 478 85.24 -93.70 -16.37
CA TYR J 478 86.44 -92.94 -16.71
C TYR J 478 86.48 -92.52 -18.17
N ASP J 479 86.18 -93.44 -19.08
CA ASP J 479 86.41 -93.20 -20.50
C ASP J 479 85.37 -92.31 -21.19
N PRO J 480 85.84 -91.21 -21.78
CA PRO J 480 85.03 -90.26 -22.57
C PRO J 480 84.29 -90.95 -23.71
N VAL J 481 82.98 -91.18 -23.54
CA VAL J 481 82.14 -91.76 -24.60
C VAL J 481 82.23 -90.91 -25.88
N ASN J 482 83.12 -91.28 -26.80
CA ASN J 482 83.15 -90.64 -28.11
C ASN J 482 82.11 -91.26 -29.01
N TRP J 483 80.87 -91.26 -28.53
CA TRP J 483 79.77 -92.00 -29.13
C TRP J 483 79.68 -91.97 -30.66
N GLU J 484 79.91 -90.82 -31.27
CA GLU J 484 79.67 -90.74 -32.71
C GLU J 484 80.60 -91.66 -33.50
N THR J 485 81.79 -91.92 -32.97
CA THR J 485 82.74 -92.83 -33.63
C THR J 485 82.40 -94.32 -33.37
N ALA J 486 82.16 -94.65 -32.09
CA ALA J 486 81.84 -96.01 -31.67
C ALA J 486 80.49 -96.49 -32.25
N THR J 487 79.80 -95.61 -32.94
CA THR J 487 78.49 -95.93 -33.49
C THR J 487 78.51 -95.74 -34.99
N VAL J 488 79.67 -95.40 -35.55
CA VAL J 488 79.78 -95.34 -37.00
C VAL J 488 79.89 -96.78 -37.49
N PHE J 489 78.74 -97.46 -37.47
CA PHE J 489 78.62 -98.83 -37.93
C PHE J 489 78.82 -98.86 -39.43
N PRO J 490 79.77 -99.69 -39.91
CA PRO J 490 80.13 -99.74 -41.33
C PRO J 490 78.96 -100.20 -42.20
N ASP J 491 78.64 -99.41 -43.22
CA ASP J 491 77.58 -99.73 -44.18
C ASP J 491 76.31 -100.25 -43.52
N ALA J 492 75.91 -99.61 -42.42
CA ALA J 492 74.64 -99.90 -41.78
C ALA J 492 73.48 -99.44 -42.66
N THR J 493 72.32 -100.05 -42.47
CA THR J 493 71.12 -99.67 -43.19
C THR J 493 69.95 -99.55 -42.24
N HIS J 494 70.06 -100.24 -41.11
CA HIS J 494 69.05 -100.18 -40.08
C HIS J 494 69.71 -100.25 -38.72
N ILE J 495 69.24 -99.41 -37.79
CA ILE J 495 69.76 -99.45 -36.44
C ILE J 495 68.60 -99.51 -35.46
N VAL J 496 68.69 -100.41 -34.49
CA VAL J 496 67.56 -100.65 -33.60
C VAL J 496 67.81 -100.28 -32.14
N ASP J 497 67.00 -99.35 -31.64
CA ASP J 497 67.08 -98.87 -30.26
C ASP J 497 66.22 -99.71 -29.33
N PHE J 498 66.85 -100.41 -28.40
CA PHE J 498 66.15 -101.13 -27.35
C PHE J 498 66.24 -100.33 -26.06
N GLY J 499 67.11 -99.31 -26.09
CA GLY J 499 67.40 -98.45 -24.95
C GLY J 499 66.20 -97.79 -24.31
N PRO J 500 66.42 -97.12 -23.18
CA PRO J 500 65.39 -96.54 -22.30
C PRO J 500 64.71 -95.31 -22.89
N GLY J 501 63.45 -95.10 -22.51
CA GLY J 501 62.68 -93.94 -22.92
C GLY J 501 62.34 -93.93 -24.39
N GLY J 502 61.09 -93.60 -24.70
CA GLY J 502 60.58 -93.66 -26.06
C GLY J 502 61.32 -92.84 -27.10
N VAL J 503 60.68 -91.77 -27.58
CA VAL J 503 61.26 -90.93 -28.60
C VAL J 503 62.44 -90.15 -28.01
N SER J 504 62.87 -90.53 -26.81
CA SER J 504 63.98 -89.91 -26.11
C SER J 504 65.27 -90.74 -26.19
N GLY J 505 65.14 -92.02 -26.53
CA GLY J 505 66.28 -92.94 -26.64
C GLY J 505 67.33 -92.45 -27.63
N ILE J 506 68.48 -93.13 -27.62
CA ILE J 506 69.62 -92.71 -28.44
C ILE J 506 69.33 -92.89 -29.91
N GLY J 507 68.21 -93.53 -30.22
CA GLY J 507 67.79 -93.75 -31.58
C GLY J 507 67.72 -92.46 -32.37
N VAL J 508 66.97 -91.50 -31.84
CA VAL J 508 66.84 -90.20 -32.47
C VAL J 508 68.19 -89.49 -32.44
N LEU J 509 68.81 -89.51 -31.28
CA LEU J 509 70.06 -88.78 -31.05
C LEU J 509 71.11 -89.15 -32.08
N THR J 510 71.12 -90.42 -32.46
CA THR J 510 72.05 -90.90 -33.45
C THR J 510 71.49 -90.75 -34.85
N ASN J 511 70.18 -90.98 -34.98
CA ASN J 511 69.52 -90.82 -36.27
C ASN J 511 69.90 -89.51 -36.92
N ARG J 512 70.02 -88.47 -36.09
CA ARG J 512 70.45 -87.17 -36.55
C ARG J 512 71.89 -87.23 -37.03
N ASN J 513 72.76 -87.81 -36.21
CA ASN J 513 74.16 -87.99 -36.58
C ASN J 513 74.27 -88.58 -37.98
N LYS J 514 73.32 -89.44 -38.31
CA LYS J 514 73.36 -90.24 -39.53
C LYS J 514 72.12 -90.07 -40.39
N ASP J 515 71.57 -88.87 -40.47
CA ASP J 515 70.37 -88.71 -41.28
C ASP J 515 70.65 -88.92 -42.77
N GLY J 516 71.55 -88.11 -43.31
CA GLY J 516 71.80 -88.09 -44.75
C GLY J 516 72.24 -89.40 -45.37
N THR J 517 73.01 -90.20 -44.62
CA THR J 517 73.68 -91.40 -45.17
C THR J 517 72.78 -92.53 -45.68
N GLY J 518 71.57 -92.65 -45.13
CA GLY J 518 70.66 -93.70 -45.53
C GLY J 518 70.39 -94.70 -44.42
N VAL J 519 70.95 -94.43 -43.25
CA VAL J 519 70.68 -95.27 -42.09
C VAL J 519 69.26 -94.99 -41.60
N ARG J 520 68.51 -96.05 -41.38
CA ARG J 520 67.18 -95.94 -40.82
C ARG J 520 67.24 -96.35 -39.35
N VAL J 521 66.23 -95.96 -38.58
CA VAL J 521 66.21 -96.28 -37.16
C VAL J 521 64.86 -96.85 -36.74
N ILE J 522 64.90 -97.76 -35.76
CA ILE J 522 63.67 -98.30 -35.19
C ILE J 522 63.76 -98.35 -33.67
N LEU J 523 62.66 -97.98 -33.02
CA LEU J 523 62.60 -98.01 -31.57
C LEU J 523 61.78 -99.18 -31.10
N ALA J 524 62.47 -100.23 -30.66
CA ALA J 524 61.81 -101.42 -30.12
C ALA J 524 61.17 -101.08 -28.77
N GLY J 525 61.60 -99.96 -28.19
CA GLY J 525 61.08 -99.54 -26.90
C GLY J 525 59.59 -99.30 -26.88
N ALA J 526 59.06 -98.67 -27.93
CA ALA J 526 57.64 -98.35 -27.99
C ALA J 526 57.07 -98.52 -29.38
N ILE J 527 55.78 -98.83 -29.44
CA ILE J 527 55.14 -99.21 -30.70
C ILE J 527 54.74 -98.01 -31.58
N ASP J 528 54.66 -96.83 -30.96
CA ASP J 528 54.25 -95.63 -31.68
C ASP J 528 54.72 -94.40 -30.90
N GLY J 529 54.73 -93.25 -31.57
CA GLY J 529 55.17 -92.04 -30.88
C GLY J 529 55.02 -90.75 -31.66
N THR J 530 55.83 -89.78 -31.30
CA THR J 530 55.70 -88.41 -31.79
C THR J 530 56.66 -88.08 -32.94
N ASN J 531 57.66 -88.94 -33.13
CA ASN J 531 58.65 -88.69 -34.17
C ASN J 531 58.22 -89.24 -35.53
N THR J 532 58.55 -88.49 -36.57
CA THR J 532 58.27 -88.89 -37.95
C THR J 532 59.47 -89.64 -38.55
N GLU J 533 60.66 -89.23 -38.15
CA GLU J 533 61.89 -89.71 -38.74
C GLU J 533 62.38 -91.04 -38.19
N VAL J 534 61.55 -91.69 -37.39
CA VAL J 534 61.94 -92.93 -36.75
C VAL J 534 60.77 -93.91 -36.72
N GLY J 535 61.01 -95.10 -37.26
CA GLY J 535 60.03 -96.18 -37.20
C GLY J 535 60.01 -96.84 -35.83
N TYR J 536 58.93 -97.54 -35.51
CA TYR J 536 58.78 -98.11 -34.17
C TYR J 536 58.77 -99.63 -34.14
N LYS J 537 58.26 -100.16 -33.02
CA LYS J 537 58.22 -101.60 -32.76
C LYS J 537 57.69 -102.48 -33.90
N PRO J 538 56.55 -102.09 -34.52
CA PRO J 538 55.94 -102.95 -35.53
C PRO J 538 56.79 -103.19 -36.78
N GLU J 539 57.89 -102.45 -36.95
CA GLU J 539 58.70 -102.59 -38.16
C GLU J 539 59.78 -103.65 -38.01
N LEU J 540 59.88 -104.23 -36.82
CA LEU J 540 60.78 -105.36 -36.59
C LEU J 540 60.03 -106.69 -36.73
N PHE J 541 58.70 -106.63 -36.76
CA PHE J 541 57.85 -107.82 -36.75
C PHE J 541 56.90 -107.88 -37.95
N ASP J 542 56.96 -106.87 -38.82
CA ASP J 542 56.03 -106.78 -39.93
C ASP J 542 56.25 -107.92 -40.93
N ARG J 543 55.20 -108.70 -41.13
CA ARG J 543 55.30 -109.87 -41.97
C ARG J 543 55.28 -109.50 -43.45
N ASP J 544 54.30 -108.70 -43.84
CA ASP J 544 54.00 -108.49 -45.27
C ASP J 544 55.12 -107.86 -46.12
N ASP J 545 54.83 -107.77 -47.42
CA ASP J 545 55.79 -107.33 -48.42
C ASP J 545 55.92 -105.81 -48.43
N ASN J 546 57.10 -105.33 -48.81
CA ASN J 546 57.41 -103.90 -48.73
C ASN J 546 57.09 -103.36 -47.34
N ALA J 547 57.44 -104.16 -46.33
CA ALA J 547 57.23 -103.77 -44.94
C ALA J 547 58.43 -102.98 -44.44
N VAL J 548 59.58 -103.22 -45.08
CA VAL J 548 60.80 -102.51 -44.71
C VAL J 548 61.05 -101.31 -45.60
N GLN J 549 61.32 -100.18 -44.95
CA GLN J 549 61.66 -98.94 -45.64
C GLN J 549 63.11 -98.59 -45.37
N PHE J 550 63.73 -97.93 -46.33
CA PHE J 550 65.14 -97.56 -46.25
C PHE J 550 65.30 -96.04 -46.21
N ALA J 551 65.96 -95.55 -45.17
CA ALA J 551 66.24 -94.13 -45.06
C ALA J 551 67.06 -93.70 -46.28
N VAL J 552 66.65 -92.63 -46.95
CA VAL J 552 67.32 -92.22 -48.19
C VAL J 552 68.72 -91.65 -48.00
N ASP J 553 69.52 -91.71 -49.06
CA ASP J 553 70.78 -90.98 -49.12
C ASP J 553 70.56 -89.82 -50.08
N TRP J 554 70.81 -88.59 -49.63
CA TRP J 554 70.64 -87.40 -50.50
C TRP J 554 71.51 -87.50 -51.74
N VAL J 555 72.70 -88.07 -51.60
CA VAL J 555 73.58 -88.27 -52.74
C VAL J 555 72.87 -89.16 -53.73
N LYS J 556 72.26 -90.24 -53.21
CA LYS J 556 71.47 -91.16 -54.01
C LYS J 556 70.23 -90.50 -54.59
N GLU J 557 69.28 -90.25 -53.68
CA GLU J 557 67.98 -89.71 -54.01
C GLU J 557 68.09 -88.48 -54.91
N HIS J 558 68.96 -87.55 -54.52
CA HIS J 558 69.05 -86.26 -55.19
C HIS J 558 70.38 -86.05 -55.90
N GLY J 559 71.03 -87.13 -56.30
CA GLY J 559 72.35 -87.01 -56.92
C GLY J 559 72.30 -86.55 -58.35
N PRO J 560 73.25 -85.69 -58.77
CA PRO J 560 73.35 -85.23 -60.15
C PRO J 560 73.58 -86.42 -61.06
N ARG J 561 73.17 -86.32 -62.33
CA ARG J 561 73.36 -87.41 -63.28
C ARG J 561 73.58 -86.86 -64.67
N LEU J 562 73.62 -87.77 -65.64
CA LEU J 562 73.67 -87.39 -67.04
C LEU J 562 72.70 -88.26 -67.81
N VAL J 563 72.18 -87.71 -68.90
CA VAL J 563 71.28 -88.44 -69.80
C VAL J 563 71.39 -87.86 -71.21
N LYS J 564 71.08 -88.68 -72.21
CA LYS J 564 71.08 -88.23 -73.60
C LYS J 564 69.76 -88.52 -74.29
N THR J 565 69.45 -87.70 -75.29
CA THR J 565 68.17 -87.82 -76.01
C THR J 565 68.29 -88.75 -77.22
N SER J 566 67.14 -89.03 -77.81
CA SER J 566 67.06 -89.73 -79.08
C SER J 566 67.80 -88.93 -80.15
N VAL J 567 67.85 -87.61 -79.99
CA VAL J 567 68.63 -86.76 -80.89
C VAL J 567 69.95 -86.35 -80.20
N GLY J 568 70.33 -87.14 -79.21
CA GLY J 568 71.66 -87.09 -78.62
C GLY J 568 72.11 -85.74 -78.10
N GLN J 569 71.27 -85.11 -77.31
CA GLN J 569 71.72 -83.99 -76.51
C GLN J 569 72.18 -84.63 -75.20
N THR J 570 72.84 -83.85 -74.36
CA THR J 570 73.21 -84.36 -73.04
C THR J 570 72.83 -83.38 -71.96
N PHE J 571 71.96 -83.83 -71.07
CA PHE J 571 71.52 -83.01 -69.96
C PHE J 571 72.06 -83.56 -68.65
N VAL J 572 72.39 -82.65 -67.74
CA VAL J 572 72.61 -83.04 -66.36
C VAL J 572 71.23 -83.38 -65.79
N ASP J 573 71.14 -84.50 -65.09
CA ASP J 573 69.83 -85.01 -64.67
C ASP J 573 69.51 -84.63 -63.24
N THR J 574 68.80 -83.52 -63.08
CA THR J 574 68.38 -83.02 -61.78
C THR J 574 66.87 -82.80 -61.74
N LYS J 575 66.33 -82.64 -60.53
CA LYS J 575 64.92 -82.37 -60.39
C LYS J 575 64.58 -81.10 -61.15
N MET J 576 65.52 -80.14 -61.11
CA MET J 576 65.31 -78.83 -61.71
C MET J 576 65.23 -78.92 -63.23
N SER J 577 66.27 -79.50 -63.84
CA SER J 577 66.40 -79.59 -65.30
C SER J 577 65.29 -80.43 -65.90
N ARG J 578 64.88 -81.46 -65.17
CA ARG J 578 63.82 -82.36 -65.61
C ARG J 578 62.47 -81.63 -65.56
N LEU J 579 62.22 -80.97 -64.44
CA LEU J 579 61.03 -80.15 -64.28
C LEU J 579 60.94 -79.16 -65.43
N LEU J 580 61.96 -78.33 -65.55
CA LEU J 580 61.98 -77.25 -66.53
C LEU J 580 62.09 -77.79 -67.96
N GLY J 581 62.95 -78.77 -68.15
CA GLY J 581 63.18 -79.32 -69.47
C GLY J 581 64.37 -78.66 -70.13
N VAL J 582 65.39 -78.40 -69.32
CA VAL J 582 66.56 -77.64 -69.77
C VAL J 582 67.68 -77.68 -68.71
N PRO J 583 68.89 -77.19 -69.08
CA PRO J 583 70.03 -77.26 -68.15
C PRO J 583 69.79 -76.59 -66.80
N PRO J 584 70.12 -77.30 -65.71
CA PRO J 584 70.05 -76.84 -64.31
C PRO J 584 70.93 -75.61 -64.03
N VAL J 585 71.43 -74.97 -65.09
CA VAL J 585 72.02 -73.64 -64.97
C VAL J 585 71.01 -72.61 -65.46
N MET J 586 70.69 -71.63 -64.61
CA MET J 586 69.63 -70.67 -64.89
C MET J 586 69.96 -69.21 -64.56
N VAL J 587 69.65 -68.30 -65.49
CA VAL J 587 69.82 -66.87 -65.29
C VAL J 587 68.62 -66.33 -64.54
N ALA J 588 68.86 -65.86 -63.32
CA ALA J 588 67.79 -65.39 -62.46
C ALA J 588 67.26 -64.03 -62.89
N GLY J 589 66.06 -63.70 -62.43
CA GLY J 589 65.45 -62.42 -62.70
C GLY J 589 66.22 -61.30 -62.03
N MET J 590 66.54 -60.27 -62.80
CA MET J 590 67.28 -59.12 -62.30
C MET J 590 66.76 -57.87 -62.93
N THR J 591 66.02 -57.08 -62.16
CA THR J 591 65.33 -55.91 -62.70
C THR J 591 66.06 -55.19 -63.83
N PRO J 592 67.09 -54.39 -63.51
CA PRO J 592 67.69 -53.59 -64.59
C PRO J 592 68.06 -54.40 -65.84
N THR J 593 68.83 -55.47 -65.67
CA THR J 593 69.43 -56.19 -66.80
C THR J 593 68.53 -57.26 -67.42
N THR J 594 67.66 -57.85 -66.58
CA THR J 594 66.81 -58.99 -66.95
C THR J 594 65.41 -58.56 -67.35
N VAL J 595 65.24 -57.26 -67.55
CA VAL J 595 63.95 -56.74 -67.95
C VAL J 595 63.73 -56.77 -69.46
N PRO J 596 64.74 -56.34 -70.26
CA PRO J 596 64.52 -56.14 -71.69
C PRO J 596 64.12 -57.44 -72.37
N TRP J 597 63.11 -57.40 -73.23
CA TRP J 597 62.57 -58.62 -73.81
C TRP J 597 63.56 -59.36 -74.71
N ASP J 598 64.58 -58.64 -75.17
CA ASP J 598 65.65 -59.21 -75.99
C ASP J 598 66.36 -60.25 -75.18
N PHE J 599 67.24 -59.77 -74.29
CA PHE J 599 68.10 -60.63 -73.47
C PHE J 599 67.37 -61.89 -72.91
N VAL J 600 66.09 -61.76 -72.57
CA VAL J 600 65.33 -62.90 -72.06
C VAL J 600 65.04 -63.90 -73.18
N ALA J 601 64.53 -63.39 -74.30
CA ALA J 601 64.27 -64.22 -75.48
C ALA J 601 65.56 -64.87 -76.00
N ALA J 602 66.64 -64.10 -76.02
CA ALA J 602 67.95 -64.62 -76.41
C ALA J 602 68.42 -65.75 -75.50
N THR J 603 68.34 -65.55 -74.19
CA THR J 603 68.76 -66.56 -73.22
C THR J 603 67.85 -67.80 -73.24
N MET J 604 66.65 -67.63 -73.79
CA MET J 604 65.73 -68.76 -73.92
C MET J 604 66.01 -69.50 -75.22
N ASN J 605 66.33 -68.76 -76.27
CA ASN J 605 66.73 -69.35 -77.55
C ASN J 605 68.02 -70.14 -77.37
N ALA J 606 68.78 -69.77 -76.36
CA ALA J 606 69.99 -70.48 -75.98
C ALA J 606 69.64 -71.71 -75.19
N GLY J 607 68.35 -71.97 -75.06
CA GLY J 607 67.87 -73.16 -74.37
C GLY J 607 68.18 -73.15 -72.89
N TYR J 608 67.92 -72.02 -72.24
CA TYR J 608 68.19 -71.88 -70.81
C TYR J 608 67.06 -71.19 -70.07
N HIS J 609 66.95 -71.52 -68.78
CA HIS J 609 65.91 -70.94 -67.94
C HIS J 609 66.24 -69.54 -67.42
N ILE J 610 65.49 -68.55 -67.91
CA ILE J 610 65.68 -67.18 -67.45
C ILE J 610 64.34 -66.67 -66.92
N GLU J 611 64.38 -65.66 -66.05
CA GLU J 611 63.16 -65.07 -65.49
C GLU J 611 62.95 -63.62 -65.96
N LEU J 612 61.82 -63.36 -66.61
CA LEU J 612 61.51 -62.00 -67.05
C LEU J 612 61.31 -61.09 -65.86
N ALA J 613 62.20 -60.11 -65.72
CA ALA J 613 62.15 -59.17 -64.61
C ALA J 613 60.93 -58.24 -64.71
N GLY J 614 59.96 -58.44 -63.82
CA GLY J 614 58.75 -57.63 -63.81
C GLY J 614 58.95 -56.28 -63.15
N GLY J 615 60.07 -56.15 -62.44
CA GLY J 615 60.36 -54.96 -61.66
C GLY J 615 60.67 -53.71 -62.45
N GLY J 616 60.78 -53.84 -63.76
CA GLY J 616 61.00 -52.70 -64.63
C GLY J 616 59.79 -52.49 -65.51
N TYR J 617 58.64 -52.98 -65.04
CA TYR J 617 57.41 -52.88 -65.81
C TYR J 617 56.36 -52.09 -65.05
N TYR J 618 56.16 -50.86 -65.48
CA TYR J 618 55.28 -49.93 -64.78
C TYR J 618 53.90 -49.94 -65.39
N ASN J 619 53.83 -49.55 -66.67
CA ASN J 619 52.60 -49.68 -67.42
C ASN J 619 52.23 -51.16 -67.62
N ALA J 620 50.99 -51.51 -67.28
CA ALA J 620 50.50 -52.86 -67.46
C ALA J 620 50.55 -53.27 -68.94
N GLN J 621 50.56 -52.26 -69.83
CA GLN J 621 50.58 -52.48 -71.27
C GLN J 621 51.97 -52.82 -71.78
N LYS J 622 52.94 -51.96 -71.48
CA LYS J 622 54.32 -52.21 -71.86
C LYS J 622 54.82 -53.57 -71.40
N MET J 623 54.15 -54.16 -70.40
CA MET J 623 54.53 -55.48 -69.92
C MET J 623 53.86 -56.62 -70.71
N SER J 624 52.55 -56.52 -70.86
CA SER J 624 51.82 -57.47 -71.69
C SER J 624 52.24 -57.33 -73.16
N ASP J 625 52.97 -56.26 -73.47
CA ASP J 625 53.50 -56.04 -74.81
C ASP J 625 54.78 -56.82 -75.03
N ALA J 626 55.78 -56.56 -74.18
CA ALA J 626 57.06 -57.22 -74.31
C ALA J 626 56.95 -58.72 -73.99
N ILE J 627 55.91 -59.09 -73.24
CA ILE J 627 55.62 -60.48 -73.01
C ILE J 627 55.28 -61.15 -74.32
N SER J 628 54.47 -60.47 -75.13
CA SER J 628 54.02 -60.99 -76.42
C SER J 628 55.15 -61.07 -77.46
N LYS J 629 56.08 -60.14 -77.38
CA LYS J 629 57.25 -60.20 -78.23
C LYS J 629 58.06 -61.47 -77.95
N ILE J 630 58.15 -61.81 -76.67
CA ILE J 630 58.95 -62.94 -76.21
C ILE J 630 58.33 -64.29 -76.62
N GLU J 631 57.00 -64.36 -76.55
CA GLU J 631 56.29 -65.60 -76.91
C GLU J 631 56.54 -65.97 -78.36
N LYS J 632 56.70 -64.95 -79.22
CA LYS J 632 56.75 -65.15 -80.66
C LYS J 632 58.16 -65.29 -81.24
N ALA J 633 59.16 -64.76 -80.55
CA ALA J 633 60.52 -64.97 -80.99
C ALA J 633 61.19 -66.10 -80.19
N ILE J 634 60.38 -67.04 -79.75
CA ILE J 634 60.83 -68.09 -78.84
C ILE J 634 60.68 -69.52 -79.41
N PRO J 635 61.54 -70.46 -78.95
CA PRO J 635 61.43 -71.90 -79.24
C PRO J 635 60.05 -72.43 -78.86
N PRO J 636 59.14 -72.60 -79.85
CA PRO J 636 57.76 -73.02 -79.57
C PRO J 636 57.64 -74.16 -78.56
N GLY J 637 56.79 -73.96 -77.56
CA GLY J 637 56.62 -74.92 -76.49
C GLY J 637 57.40 -74.54 -75.24
N ARG J 638 58.35 -73.63 -75.44
CA ARG J 638 59.16 -73.10 -74.35
C ARG J 638 58.25 -72.32 -73.40
N GLY J 639 58.56 -72.34 -72.10
CA GLY J 639 57.74 -71.67 -71.11
C GLY J 639 58.35 -70.41 -70.52
N ILE J 640 57.52 -69.41 -70.25
CA ILE J 640 57.99 -68.14 -69.70
C ILE J 640 57.74 -68.03 -68.19
N THR J 641 58.71 -67.42 -67.52
CA THR J 641 58.67 -67.19 -66.08
C THR J 641 58.82 -65.69 -65.79
N VAL J 642 57.91 -65.14 -64.99
CA VAL J 642 58.00 -63.74 -64.64
C VAL J 642 58.39 -63.60 -63.16
N ASN J 643 59.30 -62.67 -62.89
CA ASN J 643 59.73 -62.36 -61.54
C ASN J 643 59.07 -61.09 -61.01
N LEU J 644 58.26 -61.24 -59.97
CA LEU J 644 57.51 -60.14 -59.38
C LEU J 644 58.00 -59.81 -57.99
N ILE J 645 58.13 -58.51 -57.73
CA ILE J 645 58.57 -57.99 -56.45
C ILE J 645 57.43 -57.92 -55.43
N TYR J 646 57.67 -58.43 -54.23
CA TYR J 646 56.63 -58.49 -53.20
C TYR J 646 56.45 -57.16 -52.46
N VAL J 647 57.56 -56.52 -52.09
CA VAL J 647 57.51 -55.22 -51.41
C VAL J 647 57.17 -54.12 -52.42
N ASN J 648 56.33 -54.47 -53.38
CA ASN J 648 55.73 -53.51 -54.28
C ASN J 648 54.36 -54.02 -54.64
N PRO J 649 53.47 -54.11 -53.65
CA PRO J 649 52.15 -54.71 -53.82
C PRO J 649 51.32 -53.83 -54.74
N ARG J 650 51.67 -52.55 -54.81
CA ARG J 650 51.03 -51.64 -55.73
C ARG J 650 51.18 -52.18 -57.14
N ALA J 651 52.41 -52.54 -57.50
CA ALA J 651 52.73 -53.07 -58.82
C ALA J 651 52.07 -54.42 -59.11
N MET J 652 52.34 -55.42 -58.27
CA MET J 652 51.72 -56.74 -58.48
C MET J 652 50.21 -56.73 -58.25
N GLY J 653 49.67 -55.55 -57.96
CA GLY J 653 48.23 -55.37 -57.88
C GLY J 653 47.61 -55.66 -59.23
N TRP J 654 48.30 -55.30 -60.31
CA TRP J 654 47.83 -55.57 -61.66
C TRP J 654 48.59 -56.71 -62.29
N GLN J 655 49.88 -56.79 -61.96
CA GLN J 655 50.76 -57.79 -62.56
C GLN J 655 50.23 -59.23 -62.46
N ILE J 656 49.91 -59.65 -61.24
CA ILE J 656 49.49 -61.03 -60.99
C ILE J 656 48.20 -61.44 -61.71
N PRO J 657 47.17 -60.57 -61.66
CA PRO J 657 45.96 -60.83 -62.46
C PRO J 657 46.21 -60.65 -63.96
N LEU J 658 47.22 -59.86 -64.31
CA LEU J 658 47.62 -59.69 -65.71
C LEU J 658 48.18 -60.98 -66.27
N LEU J 659 49.18 -61.55 -65.59
CA LEU J 659 49.73 -62.83 -66.01
C LEU J 659 48.64 -63.88 -66.19
N GLY J 660 47.92 -64.16 -65.12
CA GLY J 660 46.82 -65.12 -65.15
C GLY J 660 45.89 -64.98 -66.35
N ARG J 661 45.56 -63.75 -66.71
CA ARG J 661 44.66 -63.48 -67.81
C ARG J 661 45.32 -63.78 -69.14
N LEU J 662 46.63 -63.57 -69.20
CA LEU J 662 47.41 -63.87 -70.39
C LEU J 662 47.50 -65.37 -70.64
N ARG J 663 47.86 -66.12 -69.60
CA ARG J 663 47.92 -67.59 -69.68
C ARG J 663 46.64 -68.17 -70.27
N ALA J 664 45.51 -67.69 -69.77
CA ALA J 664 44.20 -68.16 -70.23
C ALA J 664 43.94 -67.94 -71.72
N ASP J 665 44.54 -66.88 -72.29
CA ASP J 665 44.33 -66.55 -73.70
C ASP J 665 45.25 -67.34 -74.64
N GLY J 666 46.14 -68.14 -74.06
CA GLY J 666 47.05 -68.97 -74.82
C GLY J 666 48.51 -68.71 -74.54
N VAL J 667 48.83 -67.47 -74.14
CA VAL J 667 50.20 -67.08 -73.87
C VAL J 667 51.00 -68.04 -72.97
N PRO J 668 52.25 -68.29 -73.37
CA PRO J 668 53.18 -69.29 -72.82
C PRO J 668 53.77 -68.93 -71.46
N ILE J 669 52.93 -68.61 -70.46
CA ILE J 669 53.47 -68.39 -69.13
C ILE J 669 53.15 -69.59 -68.26
N GLU J 670 54.18 -70.31 -67.85
CA GLU J 670 53.97 -71.43 -66.94
C GLU J 670 54.83 -71.28 -65.70
N GLY J 671 55.48 -70.12 -65.58
CA GLY J 671 56.39 -69.86 -64.48
C GLY J 671 56.16 -68.54 -63.78
N LEU J 672 56.18 -68.58 -62.46
CA LEU J 672 55.97 -67.41 -61.63
C LEU J 672 57.02 -67.39 -60.52
N THR J 673 57.60 -66.19 -60.29
CA THR J 673 58.61 -66.01 -59.24
C THR J 673 58.38 -64.74 -58.41
N ILE J 674 58.45 -64.88 -57.10
CA ILE J 674 58.16 -63.79 -56.18
C ILE J 674 59.37 -63.45 -55.35
N GLY J 675 59.84 -62.22 -55.51
CA GLY J 675 61.10 -61.78 -54.93
C GLY J 675 61.05 -60.83 -53.76
N ALA J 676 62.06 -60.96 -52.89
CA ALA J 676 62.20 -60.17 -51.67
C ALA J 676 60.92 -60.19 -50.82
N GLY J 677 60.41 -61.40 -50.56
CA GLY J 677 59.20 -61.55 -49.80
C GLY J 677 58.55 -62.89 -50.03
N VAL J 678 58.21 -63.57 -48.94
CA VAL J 678 57.50 -64.85 -49.02
C VAL J 678 56.04 -64.66 -48.62
N PRO J 679 55.11 -64.87 -49.58
CA PRO J 679 53.68 -64.69 -49.31
C PRO J 679 53.23 -65.57 -48.15
N SER J 680 52.05 -65.29 -47.61
CA SER J 680 51.53 -66.17 -46.57
C SER J 680 50.93 -67.36 -47.24
N ILE J 681 50.72 -68.43 -46.48
CA ILE J 681 50.22 -69.68 -47.04
C ILE J 681 49.07 -69.53 -48.04
N GLU J 682 48.02 -68.80 -47.68
CA GLU J 682 46.87 -68.61 -48.58
C GLU J 682 47.15 -67.57 -49.67
N VAL J 683 48.08 -66.66 -49.39
CA VAL J 683 48.56 -65.71 -50.40
C VAL J 683 49.13 -66.50 -51.56
N ALA J 684 49.91 -67.54 -51.22
CA ALA J 684 50.54 -68.40 -52.21
C ALA J 684 49.49 -69.26 -52.88
N ASN J 685 48.80 -70.06 -52.07
CA ASN J 685 47.71 -70.92 -52.53
C ASN J 685 46.91 -70.30 -53.67
N GLU J 686 46.56 -69.04 -53.49
CA GLU J 686 45.80 -68.30 -54.50
C GLU J 686 46.55 -68.24 -55.85
N TYR J 687 47.75 -67.68 -55.85
CA TYR J 687 48.58 -67.62 -57.07
C TYR J 687 48.60 -68.96 -57.79
N ILE J 688 48.79 -70.02 -57.01
CA ILE J 688 48.91 -71.39 -57.53
C ILE J 688 47.70 -71.88 -58.33
N GLN J 689 46.50 -71.61 -57.82
CA GLN J 689 45.26 -72.15 -58.42
C GLN J 689 44.47 -71.10 -59.17
N THR J 690 44.99 -69.88 -59.24
CA THR J 690 44.35 -68.79 -59.96
C THR J 690 44.89 -68.72 -61.38
N LEU J 691 46.14 -68.29 -61.48
CA LEU J 691 46.84 -68.21 -62.75
C LEU J 691 47.36 -69.60 -63.10
N GLY J 692 47.26 -69.96 -64.38
CA GLY J 692 47.56 -71.32 -64.81
C GLY J 692 49.03 -71.70 -64.93
N ILE J 693 49.85 -71.24 -63.98
CA ILE J 693 51.27 -71.56 -64.01
C ILE J 693 51.49 -73.02 -63.66
N ARG J 694 52.52 -73.61 -64.25
CA ARG J 694 52.86 -75.01 -63.98
C ARG J 694 53.92 -75.15 -62.89
N HIS J 695 54.60 -74.04 -62.57
CA HIS J 695 55.52 -74.02 -61.44
C HIS J 695 55.62 -72.65 -60.78
N ILE J 696 55.88 -72.65 -59.48
CA ILE J 696 56.02 -71.42 -58.69
C ILE J 696 57.42 -71.34 -58.08
N SER J 697 57.83 -70.14 -57.70
CA SER J 697 59.19 -69.95 -57.21
C SER J 697 59.30 -68.87 -56.15
N PHE J 698 59.92 -69.20 -55.03
CA PHE J 698 60.13 -68.24 -53.93
C PHE J 698 61.63 -68.01 -53.68
N LYS J 699 61.96 -66.88 -53.05
CA LYS J 699 63.37 -66.54 -52.81
C LYS J 699 63.73 -66.27 -51.34
N PRO J 700 63.48 -67.23 -50.44
CA PRO J 700 63.75 -67.03 -49.00
C PRO J 700 65.17 -66.55 -48.76
N GLY J 701 65.34 -65.78 -47.69
CA GLY J 701 66.65 -65.26 -47.35
C GLY J 701 66.94 -65.47 -45.88
N SER J 702 65.89 -65.77 -45.13
CA SER J 702 66.01 -65.97 -43.69
C SER J 702 65.88 -67.44 -43.33
N VAL J 703 66.58 -67.84 -42.27
CA VAL J 703 66.47 -69.18 -41.73
C VAL J 703 65.00 -69.51 -41.56
N ASP J 704 64.27 -68.50 -41.09
CA ASP J 704 62.84 -68.62 -40.84
C ASP J 704 62.08 -68.57 -42.14
N ALA J 705 62.55 -67.74 -43.08
CA ALA J 705 61.96 -67.60 -44.41
C ALA J 705 61.77 -68.93 -45.10
N ILE J 706 62.81 -69.75 -45.02
CA ILE J 706 62.81 -71.10 -45.61
C ILE J 706 61.69 -71.98 -45.08
N GLN J 707 61.55 -72.03 -43.75
CA GLN J 707 60.46 -72.78 -43.14
C GLN J 707 59.10 -72.40 -43.72
N GLN J 708 58.91 -71.12 -44.03
CA GLN J 708 57.67 -70.66 -44.67
C GLN J 708 57.44 -71.47 -45.93
N VAL J 709 58.41 -71.42 -46.84
CA VAL J 709 58.33 -72.06 -48.14
C VAL J 709 57.98 -73.53 -48.03
N ILE J 710 58.66 -74.22 -47.09
CA ILE J 710 58.41 -75.63 -46.83
C ILE J 710 56.93 -75.85 -46.56
N ASN J 711 56.35 -74.95 -45.78
CA ASN J 711 54.95 -75.04 -45.43
C ASN J 711 54.07 -74.71 -46.63
N ILE J 712 54.53 -73.80 -47.49
CA ILE J 712 53.81 -73.53 -48.72
C ILE J 712 53.82 -74.80 -49.55
N ALA J 713 54.93 -75.51 -49.47
CA ALA J 713 55.12 -76.76 -50.21
C ALA J 713 54.26 -77.88 -49.63
N LYS J 714 54.26 -78.00 -48.31
CA LYS J 714 53.44 -79.00 -47.64
C LYS J 714 51.96 -78.75 -47.91
N ALA J 715 51.62 -77.48 -48.14
CA ALA J 715 50.25 -77.06 -48.44
C ALA J 715 49.83 -77.48 -49.85
N ASN J 716 50.80 -77.56 -50.75
CA ASN J 716 50.57 -78.07 -52.08
C ASN J 716 51.45 -79.29 -52.38
N PRO J 717 51.07 -80.47 -51.88
CA PRO J 717 51.90 -81.68 -51.98
C PRO J 717 51.96 -82.21 -53.41
N THR J 718 51.39 -81.47 -54.36
CA THR J 718 51.35 -81.92 -55.74
C THR J 718 51.78 -80.83 -56.70
N PHE J 719 52.57 -79.88 -56.22
CA PHE J 719 52.96 -78.76 -57.07
C PHE J 719 54.46 -78.42 -57.07
N PRO J 720 55.00 -78.12 -58.27
CA PRO J 720 56.36 -77.62 -58.52
C PRO J 720 56.68 -76.31 -57.77
N ILE J 721 57.61 -76.36 -56.81
CA ILE J 721 58.00 -75.18 -56.04
C ILE J 721 59.53 -75.01 -56.01
N ILE J 722 60.03 -74.14 -56.87
CA ILE J 722 61.46 -73.88 -56.93
C ILE J 722 61.85 -72.99 -55.76
N LEU J 723 62.87 -73.41 -55.00
CA LEU J 723 63.30 -72.72 -53.76
C LEU J 723 64.62 -71.95 -53.90
N GLN J 724 64.70 -71.07 -54.90
CA GLN J 724 65.92 -70.31 -55.18
C GLN J 724 66.52 -69.70 -53.92
N TRP J 725 67.52 -70.39 -53.36
CA TRP J 725 68.13 -69.97 -52.10
C TRP J 725 69.32 -69.01 -52.30
N THR J 726 69.11 -67.75 -51.92
CA THR J 726 70.16 -66.74 -52.07
C THR J 726 70.83 -66.49 -50.72
N GLY J 727 71.99 -65.86 -50.75
CA GLY J 727 72.72 -65.50 -49.54
C GLY J 727 72.93 -64.00 -49.29
N GLY J 728 73.80 -63.71 -48.33
CA GLY J 728 74.04 -62.33 -47.99
C GLY J 728 74.96 -61.64 -48.99
N ARG J 729 75.20 -62.28 -50.13
CA ARG J 729 76.15 -61.73 -51.10
C ARG J 729 75.60 -61.63 -52.52
N GLY J 730 74.30 -61.41 -52.64
CA GLY J 730 73.67 -61.26 -53.93
C GLY J 730 73.69 -59.83 -54.39
N GLY J 731 73.24 -59.59 -55.63
CA GLY J 731 73.15 -58.25 -56.18
C GLY J 731 71.88 -57.56 -55.72
N GLY J 732 71.98 -56.31 -55.28
CA GLY J 732 70.84 -55.58 -54.76
C GLY J 732 70.44 -56.01 -53.36
N HIS J 733 69.22 -56.51 -53.23
CA HIS J 733 68.70 -57.00 -51.96
C HIS J 733 69.65 -58.06 -51.40
N HIS J 734 69.75 -58.14 -50.08
CA HIS J 734 70.56 -59.20 -49.47
C HIS J 734 70.35 -59.35 -47.97
N SER J 735 69.90 -60.53 -47.57
CA SER J 735 69.79 -60.87 -46.16
C SER J 735 71.13 -60.64 -45.49
N PHE J 736 71.17 -60.82 -44.18
CA PHE J 736 72.43 -60.70 -43.49
C PHE J 736 72.90 -62.11 -43.17
N GLU J 737 72.65 -63.02 -44.12
CA GLU J 737 72.83 -64.46 -43.90
C GLU J 737 73.95 -65.07 -44.74
N ASP J 738 74.83 -65.80 -44.08
CA ASP J 738 75.81 -66.62 -44.77
C ASP J 738 75.00 -67.75 -45.38
N PHE J 739 75.17 -67.99 -46.68
CA PHE J 739 74.25 -68.89 -47.38
C PHE J 739 74.55 -70.37 -47.20
N HIS J 740 75.43 -70.68 -46.25
CA HIS J 740 75.72 -72.07 -45.88
C HIS J 740 74.89 -72.54 -44.68
N GLN J 741 75.14 -71.95 -43.52
CA GLN J 741 74.51 -72.39 -42.27
C GLN J 741 72.99 -72.61 -42.30
N PRO J 742 72.26 -71.72 -43.01
CA PRO J 742 70.80 -71.88 -43.14
C PRO J 742 70.43 -73.19 -43.83
N ILE J 743 71.05 -73.43 -44.98
CA ILE J 743 70.81 -74.67 -45.70
C ILE J 743 71.29 -75.85 -44.86
N LEU J 744 72.49 -75.76 -44.32
CA LEU J 744 73.02 -76.81 -43.44
C LEU J 744 72.04 -77.18 -42.31
N LEU J 745 71.31 -76.20 -41.83
CA LEU J 745 70.38 -76.41 -40.72
C LEU J 745 68.97 -76.74 -41.19
N MET J 746 68.75 -76.59 -42.50
CA MET J 746 67.41 -76.75 -43.06
C MET J 746 67.33 -77.89 -44.07
N TYR J 747 68.41 -78.09 -44.82
CA TYR J 747 68.44 -79.04 -45.93
C TYR J 747 67.61 -80.28 -45.67
N SER J 748 67.82 -80.88 -44.51
CA SER J 748 67.06 -82.04 -44.11
C SER J 748 65.55 -81.79 -44.27
N ARG J 749 65.02 -80.84 -43.52
CA ARG J 749 63.61 -80.51 -43.59
C ARG J 749 63.18 -80.16 -45.01
N ILE J 750 64.00 -79.36 -45.70
CA ILE J 750 63.69 -78.94 -47.08
C ILE J 750 63.40 -80.15 -47.93
N ARG J 751 64.41 -81.01 -48.06
CA ARG J 751 64.36 -82.20 -48.91
C ARG J 751 63.19 -83.13 -48.61
N LYS J 752 62.83 -83.22 -47.33
CA LYS J 752 61.79 -84.16 -46.90
C LYS J 752 60.40 -83.82 -47.45
N CYS J 753 60.29 -82.68 -48.11
CA CYS J 753 59.15 -82.36 -48.96
C CYS J 753 59.57 -82.52 -50.42
N SER J 754 58.87 -83.37 -51.16
CA SER J 754 59.31 -83.72 -52.52
C SER J 754 59.04 -82.65 -53.58
N ASN J 755 58.12 -81.74 -53.29
CA ASN J 755 57.74 -80.69 -54.24
C ASN J 755 58.80 -79.62 -54.41
N ILE J 756 59.83 -79.67 -53.56
CA ILE J 756 60.83 -78.62 -53.53
C ILE J 756 61.98 -78.87 -54.50
N VAL J 757 62.27 -77.84 -55.30
CA VAL J 757 63.48 -77.82 -56.09
C VAL J 757 64.46 -76.86 -55.43
N LEU J 758 65.47 -77.41 -54.77
CA LEU J 758 66.44 -76.58 -54.06
C LEU J 758 67.54 -76.07 -55.00
N VAL J 759 67.44 -74.79 -55.34
CA VAL J 759 68.34 -74.18 -56.31
C VAL J 759 69.30 -73.22 -55.62
N ALA J 760 70.58 -73.57 -55.60
CA ALA J 760 71.60 -72.70 -55.02
C ALA J 760 71.81 -71.45 -55.88
N GLY J 761 72.18 -70.35 -55.24
CA GLY J 761 72.38 -69.10 -55.94
C GLY J 761 73.11 -68.11 -55.03
N SER J 762 73.82 -67.18 -55.67
CA SER J 762 74.68 -66.21 -54.97
C SER J 762 76.16 -66.54 -55.17
N GLY J 763 76.95 -65.53 -55.55
CA GLY J 763 78.39 -65.65 -55.61
C GLY J 763 78.98 -66.67 -56.57
N PHE J 764 78.20 -67.09 -57.57
CA PHE J 764 78.69 -67.99 -58.61
C PHE J 764 79.01 -67.25 -59.91
N GLY J 765 79.92 -67.80 -60.69
CA GLY J 765 80.28 -67.23 -61.97
C GLY J 765 80.89 -68.28 -62.89
N GLY J 766 80.78 -69.54 -62.48
CA GLY J 766 81.31 -70.66 -63.23
C GLY J 766 80.89 -72.00 -62.67
N SER J 767 81.18 -73.07 -63.41
CA SER J 767 80.80 -74.43 -63.03
C SER J 767 81.74 -75.07 -62.01
N GLU J 768 82.94 -74.50 -61.91
CA GLU J 768 83.99 -75.01 -61.02
C GLU J 768 83.64 -74.77 -59.55
N ASP J 769 83.04 -73.63 -59.27
CA ASP J 769 82.56 -73.31 -57.94
C ASP J 769 81.13 -73.82 -57.77
N THR J 770 80.40 -73.87 -58.89
CA THR J 770 79.04 -74.38 -58.89
C THR J 770 79.03 -75.87 -58.56
N TYR J 771 79.88 -76.61 -59.26
CA TYR J 771 79.95 -78.05 -59.12
C TYR J 771 79.78 -78.52 -57.67
N PRO J 772 80.62 -78.01 -56.75
CA PRO J 772 80.59 -78.44 -55.34
C PRO J 772 79.20 -78.56 -54.73
N TYR J 773 78.41 -77.48 -54.83
CA TYR J 773 77.06 -77.47 -54.28
C TYR J 773 76.13 -78.35 -55.11
N LEU J 774 76.42 -78.41 -56.40
CA LEU J 774 75.69 -79.26 -57.34
C LEU J 774 75.81 -80.73 -56.93
N THR J 775 76.94 -81.06 -56.34
CA THR J 775 77.21 -82.42 -55.87
C THR J 775 76.64 -82.62 -54.49
N GLY J 776 77.01 -81.72 -53.58
CA GLY J 776 76.72 -81.88 -52.17
C GLY J 776 78.02 -82.01 -51.43
N SER J 777 79.10 -81.57 -52.07
CA SER J 777 80.45 -81.73 -51.54
C SER J 777 80.81 -80.61 -50.59
N TRP J 778 80.27 -79.42 -50.85
CA TRP J 778 80.48 -78.25 -50.02
C TRP J 778 80.16 -78.57 -48.55
N SER J 779 79.04 -79.27 -48.36
CA SER J 779 78.48 -79.54 -47.04
C SER J 779 79.34 -80.52 -46.23
N THR J 780 80.16 -81.28 -46.94
CA THR J 780 81.06 -82.23 -46.28
C THR J 780 82.15 -81.48 -45.55
N LYS J 781 82.56 -80.34 -46.10
CA LYS J 781 83.58 -79.48 -45.49
C LYS J 781 83.16 -78.95 -44.11
N PHE J 782 81.89 -79.14 -43.77
CA PHE J 782 81.37 -78.64 -42.50
C PHE J 782 80.97 -79.74 -41.51
N GLY J 783 81.45 -80.96 -41.75
CA GLY J 783 81.11 -82.09 -40.90
C GLY J 783 79.69 -82.57 -41.13
N TYR J 784 79.24 -82.44 -42.36
CA TYR J 784 77.90 -82.88 -42.76
C TYR J 784 78.00 -83.83 -43.94
N PRO J 785 77.02 -84.74 -44.08
CA PRO J 785 76.88 -85.55 -45.30
C PRO J 785 76.84 -84.68 -46.57
N PRO J 786 76.80 -85.31 -47.74
CA PRO J 786 76.60 -84.55 -48.97
C PRO J 786 75.17 -84.03 -49.13
N MET J 787 75.04 -82.76 -49.50
CA MET J 787 73.74 -82.13 -49.64
C MET J 787 73.61 -81.51 -51.01
N PRO J 788 73.26 -82.35 -52.00
CA PRO J 788 73.16 -81.98 -53.42
C PRO J 788 72.10 -80.92 -53.70
N PHE J 789 72.50 -79.91 -54.44
CA PHE J 789 71.56 -78.91 -54.93
C PHE J 789 71.06 -79.29 -56.33
N ASP J 790 69.74 -79.22 -56.53
CA ASP J 790 69.11 -79.56 -57.82
C ASP J 790 69.44 -78.61 -58.99
N GLY J 791 70.24 -77.59 -58.73
CA GLY J 791 70.62 -76.65 -59.76
C GLY J 791 71.35 -75.45 -59.21
N CYS J 792 71.82 -74.59 -60.10
CA CYS J 792 72.47 -73.36 -59.70
C CYS J 792 71.93 -72.16 -60.48
N MET J 793 71.97 -71.01 -59.83
CA MET J 793 71.35 -69.81 -60.34
C MET J 793 72.39 -68.71 -60.51
N PHE J 794 72.29 -67.99 -61.63
CA PHE J 794 73.27 -66.96 -61.99
C PHE J 794 72.66 -65.59 -62.23
N GLY J 795 73.15 -64.60 -61.47
CA GLY J 795 72.63 -63.25 -61.56
C GLY J 795 73.69 -62.24 -61.90
N SER J 796 74.45 -61.81 -60.89
CA SER J 796 75.49 -60.81 -61.08
C SER J 796 76.41 -61.18 -62.23
N ARG J 797 76.66 -62.49 -62.35
CA ARG J 797 77.53 -63.03 -63.38
C ARG J 797 77.16 -62.56 -64.80
N MET J 798 75.94 -62.89 -65.20
CA MET J 798 75.48 -62.72 -66.59
C MET J 798 75.38 -61.27 -67.09
N MET J 799 75.67 -60.31 -66.20
CA MET J 799 75.41 -58.90 -66.53
C MET J 799 76.24 -58.41 -67.72
N THR J 800 77.34 -59.12 -67.96
CA THR J 800 78.30 -58.74 -68.99
C THR J 800 78.08 -59.46 -70.32
N ALA J 801 77.01 -60.26 -70.38
CA ALA J 801 76.63 -60.92 -71.62
C ALA J 801 76.41 -59.83 -72.68
N LYS J 802 76.97 -60.04 -73.87
CA LYS J 802 76.91 -59.04 -74.93
C LYS J 802 75.46 -58.76 -75.34
N GLU J 803 74.59 -59.71 -75.02
CA GLU J 803 73.19 -59.65 -75.41
C GLU J 803 72.34 -59.01 -74.29
N ALA J 804 72.99 -58.74 -73.16
CA ALA J 804 72.42 -57.96 -72.07
C ALA J 804 72.58 -56.49 -72.43
N HIS J 805 71.81 -55.62 -71.79
CA HIS J 805 71.78 -54.22 -72.20
C HIS J 805 72.74 -53.29 -71.46
N THR J 806 73.43 -53.85 -70.48
CA THR J 806 74.43 -53.13 -69.72
C THR J 806 75.32 -52.30 -70.66
N SER J 807 75.41 -51.00 -70.41
CA SER J 807 76.26 -50.14 -71.23
C SER J 807 77.70 -50.65 -71.24
N LYS J 808 78.43 -50.32 -72.29
CA LYS J 808 79.79 -50.84 -72.47
C LYS J 808 80.62 -50.65 -71.20
N GLN J 809 80.96 -49.40 -70.90
CA GLN J 809 81.83 -49.09 -69.78
C GLN J 809 81.27 -49.65 -68.48
N ALA J 810 79.95 -49.86 -68.47
CA ALA J 810 79.28 -50.45 -67.32
C ALA J 810 79.79 -51.85 -67.06
N LYS J 811 79.44 -52.76 -67.96
CA LYS J 811 79.89 -54.15 -67.89
C LYS J 811 81.42 -54.20 -67.87
N GLN J 812 82.04 -53.15 -68.38
CA GLN J 812 83.47 -53.00 -68.27
C GLN J 812 83.84 -52.92 -66.80
N ALA J 813 83.46 -51.80 -66.18
CA ALA J 813 83.75 -51.54 -64.76
C ALA J 813 83.29 -52.68 -63.85
N ILE J 814 82.32 -53.46 -64.31
CA ILE J 814 81.85 -54.64 -63.60
C ILE J 814 82.93 -55.71 -63.49
N VAL J 815 83.46 -56.11 -64.64
CA VAL J 815 84.55 -57.08 -64.70
C VAL J 815 85.64 -56.68 -63.74
N ASP J 816 85.99 -55.39 -63.82
CA ASP J 816 87.09 -54.74 -63.10
C ASP J 816 86.94 -54.83 -61.58
N ALA J 817 85.79 -55.27 -61.11
CA ALA J 817 85.64 -55.47 -59.69
C ALA J 817 86.47 -56.67 -59.24
N PRO J 818 87.47 -56.42 -58.39
CA PRO J 818 88.12 -57.56 -57.75
C PRO J 818 87.08 -58.17 -56.83
N GLY J 819 86.70 -59.41 -57.06
CA GLY J 819 85.77 -60.05 -56.17
C GLY J 819 86.41 -60.26 -54.82
N VAL J 820 85.63 -60.78 -53.87
CA VAL J 820 86.17 -61.25 -52.61
C VAL J 820 85.56 -62.61 -52.29
N ASP J 821 86.22 -63.38 -51.44
CA ASP J 821 85.76 -64.71 -51.09
C ASP J 821 84.58 -64.64 -50.12
N ASP J 822 83.88 -65.75 -49.97
CA ASP J 822 82.80 -65.87 -48.99
C ASP J 822 83.24 -65.41 -47.61
N ASP J 823 84.55 -65.30 -47.42
CA ASP J 823 85.12 -64.75 -46.19
C ASP J 823 84.58 -63.37 -45.90
N GLN J 824 85.09 -62.40 -46.64
CA GLN J 824 84.89 -61.00 -46.31
C GLN J 824 83.84 -60.32 -47.16
N TRP J 825 82.68 -60.94 -47.31
CA TRP J 825 81.59 -60.27 -48.00
C TRP J 825 80.88 -59.40 -46.97
N GLU J 826 80.92 -59.84 -45.71
CA GLU J 826 80.40 -59.06 -44.59
C GLU J 826 80.96 -57.63 -44.55
N ASN J 827 82.08 -57.44 -45.24
CA ASN J 827 82.78 -56.16 -45.29
C ASN J 827 82.10 -55.13 -46.17
N THR J 828 81.20 -55.56 -47.04
CA THR J 828 80.48 -54.63 -47.89
C THR J 828 79.80 -53.60 -47.01
N TYR J 829 79.23 -54.09 -45.92
CA TYR J 829 78.44 -53.27 -45.00
C TYR J 829 79.17 -52.03 -44.50
N LYS J 830 80.51 -52.08 -44.49
CA LYS J 830 81.31 -51.00 -43.93
C LYS J 830 82.26 -50.33 -44.92
N ARG J 831 82.91 -51.11 -45.77
CA ARG J 831 83.91 -50.58 -46.69
C ARG J 831 83.59 -50.89 -48.15
N PRO J 832 84.25 -50.17 -49.08
CA PRO J 832 84.19 -50.55 -50.49
C PRO J 832 85.03 -51.81 -50.63
N THR J 833 84.43 -52.96 -50.33
CA THR J 833 85.14 -54.23 -50.32
C THR J 833 85.01 -54.94 -51.67
N GLY J 834 86.15 -55.12 -52.33
CA GLY J 834 86.17 -55.52 -53.72
C GLY J 834 85.84 -54.33 -54.60
N GLY J 835 84.79 -54.46 -55.41
CA GLY J 835 84.31 -53.36 -56.20
C GLY J 835 82.89 -52.98 -55.80
N VAL J 836 82.30 -53.80 -54.94
CA VAL J 836 80.94 -53.58 -54.47
C VAL J 836 80.96 -53.00 -53.06
N ILE J 837 79.87 -52.28 -52.76
CA ILE J 837 79.66 -51.70 -51.45
C ILE J 837 78.17 -51.88 -51.18
N THR J 838 77.75 -51.82 -49.93
CA THR J 838 76.33 -51.87 -49.62
C THR J 838 75.78 -50.47 -49.32
N VAL J 839 74.60 -50.20 -49.81
CA VAL J 839 74.01 -48.88 -49.71
C VAL J 839 72.50 -49.04 -49.61
N LEU J 840 71.81 -48.04 -49.05
CA LEU J 840 70.38 -48.18 -48.78
C LEU J 840 69.48 -47.55 -49.84
N SER J 841 68.41 -48.28 -50.15
CA SER J 841 67.40 -47.86 -51.13
C SER J 841 66.70 -46.61 -50.62
N GLU J 842 65.76 -46.10 -51.41
CA GLU J 842 64.87 -45.05 -50.91
C GLU J 842 63.87 -45.67 -49.95
N MET J 843 63.53 -46.93 -50.22
CA MET J 843 62.69 -47.72 -49.34
C MET J 843 63.47 -48.08 -48.06
N GLY J 844 64.79 -47.84 -48.09
CA GLY J 844 65.63 -48.11 -46.95
C GLY J 844 66.32 -49.44 -47.06
N GLU J 845 65.79 -50.30 -47.93
CA GLU J 845 66.33 -51.65 -48.11
C GLU J 845 67.79 -51.66 -48.56
N PRO J 846 68.58 -52.64 -48.08
CA PRO J 846 70.02 -52.76 -48.37
C PRO J 846 70.25 -53.22 -49.80
N ILE J 847 71.25 -52.65 -50.46
CA ILE J 847 71.59 -53.00 -51.83
C ILE J 847 73.10 -53.15 -52.00
N HIS J 848 73.53 -54.09 -52.86
CA HIS J 848 74.94 -54.22 -53.24
C HIS J 848 75.17 -53.59 -54.61
N LYS J 849 76.07 -52.62 -54.66
CA LYS J 849 76.33 -51.88 -55.90
C LYS J 849 77.83 -51.74 -56.15
N LEU J 850 78.18 -51.43 -57.40
CA LEU J 850 79.54 -51.08 -57.74
C LEU J 850 79.85 -49.73 -57.13
N ALA J 851 80.81 -49.69 -56.21
CA ALA J 851 81.17 -48.49 -55.45
C ALA J 851 81.84 -47.39 -56.32
N THR J 852 81.08 -46.91 -57.30
CA THR J 852 81.48 -45.76 -58.10
C THR J 852 81.54 -44.48 -57.24
N ARG J 853 82.13 -43.42 -57.78
CA ARG J 853 82.15 -42.12 -57.11
C ARG J 853 80.75 -41.69 -56.64
N GLY J 854 79.76 -41.89 -57.51
CA GLY J 854 78.37 -41.61 -57.19
C GLY J 854 77.92 -42.46 -56.01
N VAL J 855 78.04 -43.77 -56.13
CA VAL J 855 77.55 -44.71 -55.09
C VAL J 855 78.29 -44.50 -53.77
N LEU J 856 79.42 -43.81 -53.84
CA LEU J 856 80.16 -43.46 -52.63
C LEU J 856 79.53 -42.28 -51.93
N PHE J 857 79.30 -41.20 -52.70
CA PHE J 857 78.65 -39.98 -52.20
C PHE J 857 77.18 -40.25 -51.83
N TRP J 858 76.67 -41.36 -52.34
CA TRP J 858 75.34 -41.81 -51.98
C TRP J 858 75.38 -42.40 -50.57
N LYS J 859 76.31 -43.31 -50.32
CA LYS J 859 76.54 -43.82 -48.97
C LYS J 859 76.78 -42.67 -48.01
N GLU J 860 77.44 -41.64 -48.51
CA GLU J 860 77.65 -40.40 -47.78
C GLU J 860 76.36 -39.88 -47.16
N LEU J 861 75.42 -39.50 -48.04
CA LEU J 861 74.17 -38.90 -47.61
C LEU J 861 73.34 -39.88 -46.79
N ASP J 862 73.53 -41.17 -47.05
CA ASP J 862 72.90 -42.20 -46.23
C ASP J 862 73.25 -41.95 -44.75
N ASP J 863 74.50 -41.58 -44.51
CA ASP J 863 75.02 -41.52 -43.14
C ASP J 863 74.84 -40.17 -42.48
N LYS J 864 74.66 -39.12 -43.28
CA LYS J 864 74.65 -37.78 -42.75
C LYS J 864 73.35 -37.04 -42.99
N ILE J 865 72.66 -37.40 -44.07
CA ILE J 865 71.41 -36.73 -44.41
C ILE J 865 70.20 -37.64 -44.15
N PHE J 866 70.18 -38.79 -44.82
CA PHE J 866 69.06 -39.69 -44.74
C PHE J 866 69.03 -40.41 -43.39
N SER J 867 70.07 -40.21 -42.60
CA SER J 867 70.12 -40.81 -41.27
C SER J 867 69.26 -40.03 -40.28
N LEU J 868 69.09 -38.73 -40.55
CA LEU J 868 68.36 -37.83 -39.68
C LEU J 868 66.86 -37.90 -39.97
N ASP J 869 66.04 -37.63 -38.95
CA ASP J 869 64.59 -37.67 -39.09
C ASP J 869 64.17 -36.55 -40.01
N ARG J 870 63.12 -36.80 -40.79
CA ARG J 870 62.65 -35.87 -41.81
C ARG J 870 62.90 -34.39 -41.49
N SER J 871 62.34 -33.93 -40.37
CA SER J 871 62.45 -32.53 -39.98
C SER J 871 63.86 -31.98 -40.06
N LYS J 872 64.73 -32.55 -39.23
CA LYS J 872 66.10 -32.05 -39.06
C LYS J 872 66.92 -32.14 -40.33
N ARG J 873 66.40 -32.86 -41.33
CA ARG J 873 67.11 -33.06 -42.59
C ARG J 873 67.32 -31.78 -43.35
N VAL J 874 66.22 -31.09 -43.66
CA VAL J 874 66.28 -29.92 -44.52
C VAL J 874 67.28 -28.90 -43.99
N ALA J 875 67.33 -28.77 -42.68
CA ALA J 875 68.26 -27.87 -42.01
C ALA J 875 69.71 -28.27 -42.29
N GLU J 876 69.99 -29.56 -42.13
CA GLU J 876 71.35 -30.08 -42.32
C GLU J 876 71.80 -30.00 -43.77
N LEU J 877 70.83 -30.01 -44.68
CA LEU J 877 71.14 -29.82 -46.09
C LEU J 877 71.65 -28.42 -46.35
N LYS J 878 70.92 -27.42 -45.85
CA LYS J 878 71.31 -26.02 -46.04
C LYS J 878 72.70 -25.73 -45.51
N LYS J 879 73.14 -26.50 -44.51
CA LYS J 879 74.46 -26.25 -43.94
C LYS J 879 75.59 -26.79 -44.83
N ARG J 880 75.34 -27.93 -45.47
CA ARG J 880 76.34 -28.54 -46.35
C ARG J 880 75.96 -28.32 -47.79
N ARG J 881 75.18 -27.28 -48.03
CA ARG J 881 74.56 -27.06 -49.34
C ARG J 881 75.58 -27.08 -50.47
N ASP J 882 76.44 -26.07 -50.51
CA ASP J 882 77.40 -25.94 -51.59
C ASP J 882 78.38 -27.12 -51.65
N TYR J 883 78.52 -27.84 -50.53
CA TYR J 883 79.30 -29.07 -50.56
C TYR J 883 78.56 -30.16 -51.34
N ILE J 884 77.36 -30.48 -50.86
CA ILE J 884 76.50 -31.46 -51.51
C ILE J 884 76.25 -31.11 -52.98
N ILE J 885 76.21 -29.82 -53.27
CA ILE J 885 75.97 -29.35 -54.61
C ILE J 885 77.19 -29.59 -55.50
N LYS J 886 78.38 -29.50 -54.91
CA LYS J 886 79.59 -29.84 -55.65
C LYS J 886 79.58 -31.33 -55.93
N LYS J 887 79.58 -32.13 -54.87
CA LYS J 887 79.58 -33.58 -55.03
C LYS J 887 78.41 -34.07 -55.89
N LEU J 888 77.36 -33.28 -55.95
CA LEU J 888 76.24 -33.57 -56.83
C LEU J 888 76.66 -33.35 -58.30
N ASN J 889 77.15 -32.14 -58.59
CA ASN J 889 77.63 -31.74 -59.91
C ASN J 889 78.76 -32.62 -60.44
N ASP J 890 79.65 -33.01 -59.53
CA ASP J 890 80.89 -33.67 -59.90
C ASP J 890 80.74 -35.16 -60.17
N ASP J 891 80.31 -35.92 -59.17
CA ASP J 891 80.24 -37.37 -59.37
C ASP J 891 78.96 -38.12 -58.95
N PHE J 892 77.80 -37.59 -59.31
CA PHE J 892 76.58 -38.37 -59.14
C PHE J 892 75.74 -38.51 -60.41
N GLN J 893 75.02 -39.63 -60.49
CA GLN J 893 74.12 -39.96 -61.62
C GLN J 893 73.20 -38.80 -62.06
N LYS J 894 72.81 -38.01 -61.08
CA LYS J 894 71.96 -36.86 -61.33
C LYS J 894 72.69 -35.60 -60.86
N VAL J 895 72.75 -34.61 -61.74
CA VAL J 895 73.51 -33.41 -61.47
C VAL J 895 72.63 -32.35 -60.83
N TRP J 896 73.27 -31.31 -60.31
CA TRP J 896 72.55 -30.16 -59.77
C TRP J 896 72.04 -29.28 -60.92
N PHE J 897 70.72 -29.12 -60.99
CA PHE J 897 70.08 -28.36 -62.05
C PHE J 897 70.48 -26.87 -62.07
N GLY J 898 71.48 -26.48 -61.29
CA GLY J 898 71.70 -25.08 -61.01
C GLY J 898 72.55 -24.25 -61.95
N ARG J 899 72.91 -24.77 -63.11
CA ARG J 899 73.81 -24.04 -64.00
C ARG J 899 73.29 -22.66 -64.43
N ASN J 900 74.20 -21.75 -64.69
CA ASN J 900 73.82 -20.49 -65.32
C ASN J 900 74.45 -20.39 -66.69
N SER J 901 74.13 -19.31 -67.41
CA SER J 901 74.63 -19.10 -68.76
C SER J 901 76.14 -19.30 -68.88
N ALA J 902 76.87 -18.65 -67.98
CA ALA J 902 78.33 -18.66 -68.02
C ALA J 902 78.90 -20.07 -67.87
N GLY J 903 78.18 -20.94 -67.17
CA GLY J 903 78.60 -22.31 -67.00
C GLY J 903 78.63 -22.74 -65.55
N GLU J 904 78.83 -21.78 -64.66
CA GLU J 904 78.90 -22.06 -63.22
C GLU J 904 77.54 -22.48 -62.67
N PRO J 905 77.53 -23.08 -61.47
CA PRO J 905 76.28 -23.49 -60.85
C PRO J 905 75.74 -22.36 -59.99
N VAL J 906 74.41 -22.27 -59.89
CA VAL J 906 73.75 -21.26 -59.08
C VAL J 906 72.52 -21.87 -58.42
N ASP J 907 71.75 -21.03 -57.74
CA ASP J 907 70.49 -21.49 -57.16
C ASP J 907 69.45 -21.48 -58.24
N LEU J 908 68.52 -22.44 -58.19
CA LEU J 908 67.46 -22.51 -59.18
C LEU J 908 66.76 -21.17 -59.20
N GLU J 909 66.71 -20.56 -58.02
CA GLU J 909 65.99 -19.32 -57.80
C GLU J 909 66.72 -18.12 -58.44
N ASP J 910 67.94 -18.37 -58.91
CA ASP J 910 68.80 -17.35 -59.50
C ASP J 910 68.92 -17.45 -61.03
N MET J 911 68.42 -18.54 -61.61
CA MET J 911 68.47 -18.74 -63.06
C MET J 911 67.43 -17.86 -63.75
N THR J 912 67.73 -17.46 -64.98
CA THR J 912 66.75 -16.74 -65.79
C THR J 912 65.84 -17.75 -66.46
N TYR J 913 64.68 -17.29 -66.92
CA TYR J 913 63.73 -18.18 -67.58
C TYR J 913 64.38 -18.96 -68.69
N ALA J 914 64.99 -18.21 -69.61
CA ALA J 914 65.84 -18.76 -70.65
C ALA J 914 66.72 -19.88 -70.10
N GLU J 915 67.64 -19.48 -69.22
CA GLU J 915 68.60 -20.41 -68.65
C GLU J 915 67.96 -21.73 -68.17
N VAL J 916 66.75 -21.65 -67.63
CA VAL J 916 66.08 -22.84 -67.14
C VAL J 916 65.62 -23.73 -68.28
N VAL J 917 64.87 -23.15 -69.21
CA VAL J 917 64.40 -23.91 -70.37
C VAL J 917 65.58 -24.56 -71.06
N HIS J 918 66.66 -23.79 -71.21
CA HIS J 918 67.90 -24.32 -71.78
C HIS J 918 68.47 -25.50 -70.99
N ARG J 919 68.71 -25.29 -69.71
CA ARG J 919 69.26 -26.34 -68.87
C ARG J 919 68.38 -27.58 -68.87
N MET J 920 67.09 -27.38 -69.13
CA MET J 920 66.16 -28.49 -69.18
C MET J 920 66.54 -29.35 -70.38
N VAL J 921 66.56 -28.73 -71.55
CA VAL J 921 66.99 -29.38 -72.78
C VAL J 921 68.34 -30.05 -72.57
N GLU J 922 69.32 -29.26 -72.16
CA GLU J 922 70.67 -29.76 -71.91
C GLU J 922 70.70 -31.12 -71.19
N LEU J 923 69.86 -31.25 -70.16
CA LEU J 923 69.98 -32.36 -69.23
C LEU J 923 69.02 -33.52 -69.51
N MET J 924 68.17 -33.37 -70.52
CA MET J 924 67.18 -34.41 -70.84
C MET J 924 67.25 -34.88 -72.31
N TYR J 925 67.78 -34.01 -73.16
CA TYR J 925 67.97 -34.32 -74.59
C TYR J 925 69.44 -34.56 -74.88
N VAL J 926 69.76 -35.80 -75.27
CA VAL J 926 71.13 -36.19 -75.57
C VAL J 926 71.50 -35.63 -76.95
N LYS J 927 72.40 -34.65 -76.96
CA LYS J 927 72.76 -33.95 -78.20
C LYS J 927 73.25 -34.85 -79.32
N HIS J 928 74.36 -35.55 -79.05
CA HIS J 928 75.04 -36.35 -80.07
C HIS J 928 74.27 -37.61 -80.50
N GLU J 929 73.06 -37.78 -79.99
CA GLU J 929 72.20 -38.90 -80.39
C GLU J 929 70.83 -38.42 -80.87
N LYS J 930 70.63 -37.10 -80.88
CA LYS J 930 69.37 -36.48 -81.29
C LYS J 930 68.13 -37.19 -80.74
N ARG J 931 68.13 -37.43 -79.43
CA ARG J 931 67.03 -38.12 -78.74
C ARG J 931 66.78 -37.58 -77.33
N TRP J 932 65.52 -37.64 -76.91
CA TRP J 932 65.14 -37.33 -75.54
C TRP J 932 65.24 -38.61 -74.73
N ILE J 933 65.72 -38.50 -73.50
CA ILE J 933 65.79 -39.66 -72.60
C ILE J 933 64.43 -40.33 -72.42
N ASP J 934 63.38 -39.56 -72.68
CA ASP J 934 62.03 -40.06 -72.59
C ASP J 934 61.06 -38.98 -73.09
N PRO J 935 60.12 -39.36 -73.96
CA PRO J 935 59.11 -38.42 -74.46
C PRO J 935 58.48 -37.59 -73.34
N SER J 936 58.13 -38.24 -72.23
CA SER J 936 57.55 -37.55 -71.08
C SER J 936 58.36 -36.31 -70.70
N LEU J 937 59.68 -36.46 -70.65
CA LEU J 937 60.60 -35.39 -70.28
C LEU J 937 60.68 -34.31 -71.37
N LYS J 938 60.37 -34.68 -72.61
CA LYS J 938 60.25 -33.69 -73.66
C LYS J 938 58.97 -32.90 -73.41
N LYS J 939 57.92 -33.60 -72.98
CA LYS J 939 56.67 -32.93 -72.68
C LYS J 939 56.92 -31.91 -71.58
N LEU J 940 57.51 -32.38 -70.48
CA LEU J 940 57.89 -31.53 -69.36
C LEU J 940 58.54 -30.24 -69.85
N THR J 941 59.72 -30.38 -70.43
CA THR J 941 60.44 -29.24 -70.96
C THR J 941 59.53 -28.38 -71.84
N GLY J 942 58.61 -29.04 -72.56
CA GLY J 942 57.68 -28.33 -73.43
C GLY J 942 56.66 -27.53 -72.64
N ASP J 943 56.13 -28.14 -71.58
CA ASP J 943 55.13 -27.48 -70.75
C ASP J 943 55.69 -26.24 -70.06
N PHE J 944 56.87 -26.37 -69.46
CA PHE J 944 57.49 -25.21 -68.80
C PHE J 944 57.69 -24.06 -69.79
N ILE J 945 58.12 -24.41 -71.01
CA ILE J 945 58.28 -23.44 -72.09
C ILE J 945 56.97 -22.70 -72.30
N ARG J 946 55.90 -23.46 -72.43
CA ARG J 946 54.55 -22.92 -72.56
C ARG J 946 54.29 -21.93 -71.43
N ARG J 947 54.75 -22.27 -70.23
CA ARG J 947 54.58 -21.43 -69.08
C ARG J 947 55.25 -20.09 -69.26
N VAL J 948 56.55 -20.14 -69.59
CA VAL J 948 57.35 -18.95 -69.79
C VAL J 948 56.69 -18.02 -70.78
N GLU J 949 56.11 -18.61 -71.82
CA GLU J 949 55.26 -17.89 -72.75
C GLU J 949 54.24 -17.09 -71.95
N GLU J 950 53.40 -17.80 -71.19
CA GLU J 950 52.31 -17.21 -70.41
C GLU J 950 52.77 -16.08 -69.49
N ARG J 951 53.84 -16.35 -68.76
CA ARG J 951 54.43 -15.36 -67.86
C ARG J 951 54.67 -14.07 -68.61
N PHE J 952 55.06 -14.21 -69.88
CA PHE J 952 55.55 -13.07 -70.61
C PHE J 952 54.60 -12.52 -71.67
N THR J 953 53.40 -13.09 -71.75
CA THR J 953 52.36 -12.50 -72.57
C THR J 953 51.33 -11.87 -71.64
N SER J 954 50.74 -10.77 -72.09
CA SER J 954 49.79 -10.06 -71.25
C SER J 954 48.57 -9.56 -72.01
N VAL J 955 48.26 -10.21 -73.13
CA VAL J 955 47.01 -9.95 -73.83
C VAL J 955 46.45 -11.22 -74.47
N GLU J 956 45.14 -11.42 -74.35
CA GLU J 956 44.51 -12.63 -74.87
C GLU J 956 44.50 -12.60 -76.38
N GLY J 957 44.57 -13.76 -77.00
CA GLY J 957 44.54 -13.84 -78.44
C GLY J 957 45.77 -14.52 -79.02
N GLN J 958 46.95 -14.07 -78.60
CA GLN J 958 48.19 -14.65 -79.07
C GLN J 958 48.27 -16.16 -78.77
N PRO J 959 48.53 -16.96 -79.82
CA PRO J 959 48.68 -18.41 -79.65
C PRO J 959 50.10 -18.79 -79.30
N SER J 960 50.29 -20.05 -78.95
CA SER J 960 51.58 -20.54 -78.51
C SER J 960 52.49 -20.74 -79.71
N LEU J 961 53.76 -20.44 -79.52
CA LEU J 961 54.77 -20.63 -80.58
C LEU J 961 55.16 -22.11 -80.62
N LEU J 962 55.06 -22.76 -79.46
CA LEU J 962 55.20 -24.20 -79.38
C LEU J 962 53.80 -24.79 -79.39
N GLN J 963 53.27 -25.05 -80.59
CA GLN J 963 51.89 -25.49 -80.77
C GLN J 963 51.74 -27.01 -80.70
N ASN J 964 52.82 -27.71 -81.06
CA ASN J 964 52.87 -29.16 -80.93
C ASN J 964 54.22 -29.61 -80.37
N TYR J 965 54.20 -30.51 -79.38
CA TYR J 965 55.43 -30.95 -78.72
C TYR J 965 56.35 -31.63 -79.72
N SER J 966 55.80 -31.95 -80.88
CA SER J 966 56.56 -32.44 -82.00
C SER J 966 57.72 -31.49 -82.31
N ASP J 967 57.46 -30.19 -82.16
CA ASP J 967 58.47 -29.15 -82.37
C ASP J 967 59.79 -29.36 -81.62
N LEU J 968 59.70 -29.91 -80.42
CA LEU J 968 60.86 -30.14 -79.56
C LEU J 968 61.69 -31.36 -79.98
N ASP J 969 61.26 -32.03 -81.04
CA ASP J 969 61.95 -33.23 -81.49
C ASP J 969 63.42 -32.92 -81.83
N GLU J 970 63.61 -31.92 -82.70
CA GLU J 970 64.90 -31.25 -82.82
C GLU J 970 64.79 -29.90 -82.15
N PRO J 971 65.15 -29.87 -80.86
CA PRO J 971 64.75 -28.87 -79.89
C PRO J 971 65.59 -27.62 -80.01
N TYR J 972 66.87 -27.73 -79.66
CA TYR J 972 67.77 -26.60 -79.55
C TYR J 972 67.66 -25.62 -80.75
N PRO J 973 67.46 -26.14 -81.98
CA PRO J 973 67.19 -25.28 -83.14
C PRO J 973 65.90 -24.45 -83.03
N ALA J 974 64.83 -25.09 -82.56
CA ALA J 974 63.50 -24.47 -82.44
C ALA J 974 63.30 -23.63 -81.16
N VAL J 975 63.72 -24.18 -80.03
CA VAL J 975 63.60 -23.52 -78.74
C VAL J 975 63.98 -22.06 -78.80
N ASP J 976 65.17 -21.79 -79.33
CA ASP J 976 65.73 -20.45 -79.36
C ASP J 976 64.78 -19.50 -80.07
N ARG J 977 64.02 -20.04 -81.01
CA ARG J 977 63.03 -19.26 -81.74
C ARG J 977 61.95 -18.74 -80.80
N ILE J 978 61.38 -19.62 -80.00
CA ILE J 978 60.33 -19.23 -79.06
C ILE J 978 60.86 -18.27 -78.02
N LEU J 979 61.93 -18.68 -77.33
CA LEU J 979 62.56 -17.90 -76.28
C LEU J 979 62.92 -16.48 -76.74
N ALA J 980 63.14 -16.33 -78.04
CA ALA J 980 63.54 -15.04 -78.58
C ALA J 980 62.30 -14.20 -78.87
N ALA J 981 61.15 -14.86 -78.96
CA ALA J 981 59.89 -14.18 -79.18
C ALA J 981 59.44 -13.47 -77.92
N TYR J 982 59.94 -13.97 -76.78
CA TYR J 982 59.65 -13.35 -75.50
C TYR J 982 60.97 -12.90 -74.88
N PRO J 983 61.46 -11.74 -75.31
CA PRO J 983 62.77 -11.14 -75.03
C PRO J 983 63.18 -11.27 -73.59
N GLU J 984 62.38 -10.65 -72.72
CA GLU J 984 62.71 -10.50 -71.31
C GLU J 984 62.95 -11.83 -70.60
N ALA J 985 62.55 -12.94 -71.23
CA ALA J 985 62.72 -14.27 -70.64
C ALA J 985 64.19 -14.62 -70.52
N SER J 986 65.04 -13.66 -70.88
CA SER J 986 66.48 -13.82 -70.83
C SER J 986 67.08 -12.72 -69.96
N THR J 987 66.20 -11.86 -69.44
CA THR J 987 66.59 -10.73 -68.60
C THR J 987 66.36 -10.96 -67.12
N GLN J 988 65.21 -11.58 -66.79
CA GLN J 988 64.78 -11.74 -65.40
C GLN J 988 64.64 -13.21 -64.98
N LEU J 989 64.86 -13.46 -63.71
CA LEU J 989 64.89 -14.82 -63.17
C LEU J 989 63.47 -15.32 -62.96
N ILE J 990 63.33 -16.62 -62.67
CA ILE J 990 62.00 -17.20 -62.44
C ILE J 990 61.27 -16.45 -61.32
N ASN J 991 59.96 -16.31 -61.48
CA ASN J 991 59.12 -15.86 -60.38
C ASN J 991 59.27 -16.87 -59.27
N ALA J 992 59.11 -16.43 -58.03
CA ALA J 992 59.18 -17.36 -56.93
C ALA J 992 58.07 -18.36 -57.19
N GLN J 993 56.93 -17.83 -57.64
CA GLN J 993 55.77 -18.65 -57.95
C GLN J 993 56.12 -19.72 -58.96
N ASP J 994 56.90 -19.34 -59.95
CA ASP J 994 57.22 -20.20 -61.08
C ASP J 994 58.20 -21.28 -60.71
N VAL J 995 59.16 -20.93 -59.85
CA VAL J 995 60.05 -21.93 -59.29
C VAL J 995 59.23 -23.07 -58.66
N GLN J 996 58.25 -22.69 -57.84
CA GLN J 996 57.39 -23.68 -57.17
C GLN J 996 56.67 -24.56 -58.18
N HIS J 997 56.26 -23.92 -59.28
CA HIS J 997 55.54 -24.59 -60.36
C HIS J 997 56.47 -25.59 -61.03
N PHE J 998 57.59 -25.08 -61.52
CA PHE J 998 58.63 -25.89 -62.10
C PHE J 998 58.79 -27.13 -61.25
N LEU J 999 59.00 -26.90 -59.96
CA LEU J 999 59.27 -27.99 -59.04
C LEU J 999 58.17 -29.04 -58.93
N LEU J 1000 56.93 -28.63 -59.12
CA LEU J 1000 55.82 -29.58 -59.09
C LEU J 1000 55.78 -30.35 -60.41
N LEU J 1001 56.20 -29.69 -61.49
CA LEU J 1001 56.24 -30.29 -62.81
C LEU J 1001 57.22 -31.45 -62.87
N CYS J 1002 58.29 -31.33 -62.09
CA CYS J 1002 59.32 -32.38 -62.06
C CYS J 1002 58.86 -33.55 -61.21
N GLN J 1003 57.66 -33.42 -60.64
CA GLN J 1003 57.15 -34.42 -59.72
C GLN J 1003 55.92 -35.16 -60.24
N ARG J 1004 55.27 -34.64 -61.29
CA ARG J 1004 53.99 -35.15 -61.80
C ARG J 1004 53.92 -36.67 -61.96
N ARG J 1005 52.73 -37.24 -61.81
CA ARG J 1005 52.53 -38.66 -62.00
C ARG J 1005 52.59 -38.98 -63.50
N GLY J 1006 53.23 -40.09 -63.84
CA GLY J 1006 53.30 -40.53 -65.22
C GLY J 1006 54.39 -39.86 -66.03
N GLN J 1007 55.39 -39.32 -65.33
CA GLN J 1007 56.57 -38.76 -65.98
C GLN J 1007 57.80 -39.43 -65.43
N LYS J 1008 58.77 -39.70 -66.29
CA LYS J 1008 59.98 -40.30 -65.80
C LYS J 1008 60.62 -39.35 -64.81
N PRO J 1009 61.04 -39.88 -63.64
CA PRO J 1009 61.73 -39.06 -62.64
C PRO J 1009 62.85 -38.23 -63.28
N VAL J 1010 62.76 -36.91 -63.11
CA VAL J 1010 63.77 -35.98 -63.57
C VAL J 1010 65.21 -36.50 -63.33
N PRO J 1011 66.07 -36.35 -64.35
CA PRO J 1011 67.45 -36.84 -64.33
C PRO J 1011 68.41 -35.89 -63.60
N PHE J 1012 67.92 -35.21 -62.57
CA PHE J 1012 68.76 -34.26 -61.83
C PHE J 1012 68.17 -33.96 -60.44
N VAL J 1013 68.72 -32.95 -59.76
CA VAL J 1013 68.17 -32.47 -58.50
C VAL J 1013 67.93 -30.97 -58.61
N PRO J 1014 66.65 -30.55 -58.52
CA PRO J 1014 66.17 -29.16 -58.70
C PRO J 1014 66.46 -28.25 -57.49
N ALA J 1015 66.35 -28.80 -56.28
CA ALA J 1015 66.86 -28.18 -55.06
C ALA J 1015 66.92 -29.17 -53.91
N LEU J 1016 67.45 -28.73 -52.77
CA LEU J 1016 67.66 -29.61 -51.63
C LEU J 1016 66.53 -29.51 -50.61
N ASP J 1017 65.30 -29.68 -51.08
CA ASP J 1017 64.12 -29.47 -50.23
C ASP J 1017 63.76 -30.67 -49.36
N GLU J 1018 62.50 -30.72 -48.95
CA GLU J 1018 61.98 -31.79 -48.10
C GLU J 1018 61.94 -33.12 -48.84
N ASN J 1019 62.17 -33.05 -50.16
CA ASN J 1019 62.04 -34.20 -51.04
C ASN J 1019 63.37 -34.64 -51.60
N PHE J 1020 64.43 -34.07 -51.06
CA PHE J 1020 65.76 -34.31 -51.60
C PHE J 1020 66.11 -35.80 -51.71
N GLU J 1021 65.61 -36.63 -50.79
CA GLU J 1021 65.82 -38.08 -50.92
C GLU J 1021 65.19 -38.68 -52.18
N TYR J 1022 63.97 -38.26 -52.51
CA TYR J 1022 63.29 -38.64 -53.75
C TYR J 1022 64.06 -38.14 -54.98
N TRP J 1023 64.38 -36.85 -54.99
CA TRP J 1023 65.13 -36.25 -56.09
C TRP J 1023 66.37 -37.07 -56.42
N PHE J 1024 67.07 -37.49 -55.36
CA PHE J 1024 68.36 -38.18 -55.42
C PHE J 1024 68.23 -39.62 -55.94
N LYS J 1025 67.45 -40.43 -55.24
CA LYS J 1025 67.50 -41.87 -55.44
C LYS J 1025 66.24 -42.58 -56.01
N LYS J 1026 65.41 -41.87 -56.77
CA LYS J 1026 64.32 -42.55 -57.46
C LYS J 1026 64.72 -42.89 -58.87
N ASP J 1027 64.42 -44.12 -59.31
CA ASP J 1027 64.73 -44.54 -60.67
C ASP J 1027 66.17 -44.19 -60.99
N SER J 1028 67.09 -45.00 -60.46
CA SER J 1028 68.53 -44.70 -60.52
C SER J 1028 69.28 -45.61 -61.49
N LEU J 1029 68.89 -46.87 -61.54
CA LEU J 1029 69.62 -47.91 -62.26
C LEU J 1029 69.50 -47.94 -63.79
N TRP J 1030 68.49 -47.29 -64.34
CA TRP J 1030 68.31 -47.21 -65.78
C TRP J 1030 69.51 -46.58 -66.48
N GLN J 1031 70.23 -45.77 -65.72
CA GLN J 1031 71.33 -44.97 -66.26
C GLN J 1031 72.57 -45.86 -66.41
N SER J 1032 72.62 -46.93 -65.62
CA SER J 1032 73.64 -47.97 -65.78
C SER J 1032 73.58 -48.56 -67.19
N GLU J 1033 72.38 -48.95 -67.60
CA GLU J 1033 72.17 -49.55 -68.91
C GLU J 1033 71.95 -48.52 -70.01
N ASP J 1034 72.41 -47.29 -69.78
CA ASP J 1034 72.41 -46.28 -70.83
C ASP J 1034 73.34 -45.12 -70.50
N ILE J 1035 74.63 -45.40 -70.41
CA ILE J 1035 75.60 -44.40 -69.99
C ILE J 1035 75.76 -43.30 -71.04
N GLU J 1036 75.10 -43.46 -72.17
CA GLU J 1036 75.17 -42.45 -73.22
C GLU J 1036 74.36 -41.21 -72.85
N ALA J 1037 73.32 -41.43 -72.06
CA ALA J 1037 72.45 -40.36 -71.59
C ALA J 1037 73.11 -39.61 -70.42
N VAL J 1038 73.75 -40.38 -69.54
CA VAL J 1038 74.43 -39.84 -68.34
C VAL J 1038 75.32 -38.64 -68.67
N TYR J 1039 75.30 -37.64 -67.79
CA TYR J 1039 76.18 -36.49 -67.90
C TYR J 1039 77.62 -36.97 -67.97
N GLY J 1040 78.35 -36.52 -68.99
CA GLY J 1040 79.74 -36.90 -69.16
C GLY J 1040 79.90 -38.34 -69.60
N GLN J 1041 78.85 -39.13 -69.39
CA GLN J 1041 78.81 -40.51 -69.87
C GLN J 1041 79.82 -41.41 -69.18
N ASP J 1042 80.26 -41.03 -67.99
CA ASP J 1042 81.16 -41.90 -67.28
C ASP J 1042 80.40 -42.71 -66.24
N VAL J 1043 80.73 -43.98 -66.15
CA VAL J 1043 80.17 -44.85 -65.14
C VAL J 1043 80.59 -44.41 -63.74
N GLY J 1044 81.64 -43.60 -63.68
CA GLY J 1044 82.16 -43.12 -62.42
C GLY J 1044 81.08 -42.65 -61.46
N ARG J 1045 79.98 -42.13 -62.00
CA ARG J 1045 78.92 -41.56 -61.18
C ARG J 1045 77.65 -42.41 -61.21
N THR J 1046 77.77 -43.67 -61.64
CA THR J 1046 76.61 -44.50 -61.96
C THR J 1046 76.33 -45.66 -60.98
N CYS J 1047 75.09 -46.14 -61.01
CA CYS J 1047 74.60 -47.12 -60.06
C CYS J 1047 74.52 -48.49 -60.72
N ILE J 1048 75.45 -49.37 -60.36
CA ILE J 1048 75.44 -50.71 -60.94
C ILE J 1048 75.38 -51.77 -59.84
N LEU J 1049 74.41 -52.68 -59.95
CA LEU J 1049 74.26 -53.68 -58.90
C LEU J 1049 75.17 -54.87 -59.12
N GLN J 1050 75.79 -55.35 -58.05
CA GLN J 1050 76.71 -56.48 -58.14
C GLN J 1050 76.92 -57.16 -56.79
N GLY J 1051 76.97 -58.49 -56.81
CA GLY J 1051 77.33 -59.25 -55.63
C GLY J 1051 78.79 -59.02 -55.30
N PRO J 1052 79.19 -59.23 -54.04
CA PRO J 1052 80.58 -59.00 -53.60
C PRO J 1052 81.52 -60.09 -54.12
N VAL J 1053 80.99 -61.30 -54.20
CA VAL J 1053 81.79 -62.46 -54.55
C VAL J 1053 81.83 -62.74 -56.07
N ALA J 1054 80.69 -62.64 -56.72
CA ALA J 1054 80.62 -62.90 -58.16
C ALA J 1054 81.16 -61.75 -59.02
N ALA J 1055 82.24 -61.12 -58.57
CA ALA J 1055 82.81 -59.97 -59.28
C ALA J 1055 84.15 -60.33 -59.93
N LYS J 1056 84.83 -61.27 -59.28
CA LYS J 1056 86.05 -61.88 -59.82
C LYS J 1056 85.66 -62.84 -60.92
N TYR J 1057 84.51 -63.51 -60.74
CA TYR J 1057 84.03 -64.53 -61.68
C TYR J 1057 83.63 -63.98 -63.06
N SER J 1058 83.91 -62.70 -63.28
CA SER J 1058 83.71 -62.08 -64.58
C SER J 1058 85.02 -61.41 -65.00
N LYS J 1059 85.58 -61.83 -66.13
CA LYS J 1059 86.85 -61.27 -66.58
C LYS J 1059 86.85 -60.74 -68.02
N VAL J 1060 85.88 -61.15 -68.82
CA VAL J 1060 85.79 -60.63 -70.17
C VAL J 1060 84.43 -59.98 -70.45
N ILE J 1061 84.49 -58.82 -71.10
CA ILE J 1061 83.29 -58.13 -71.52
C ILE J 1061 82.55 -58.95 -72.57
N ASP J 1062 81.33 -58.52 -72.89
CA ASP J 1062 80.61 -58.91 -74.10
C ASP J 1062 80.61 -60.39 -74.55
N GLU J 1063 80.72 -61.32 -73.61
CA GLU J 1063 80.62 -62.72 -73.94
C GLU J 1063 79.16 -63.09 -74.24
N PRO J 1064 78.88 -63.68 -75.42
CA PRO J 1064 77.51 -64.09 -75.74
C PRO J 1064 76.97 -65.05 -74.68
N ILE J 1065 75.67 -65.00 -74.40
CA ILE J 1065 75.12 -65.75 -73.29
C ILE J 1065 75.28 -67.24 -73.49
N LYS J 1066 74.91 -67.71 -74.66
CA LYS J 1066 74.93 -69.13 -74.96
C LYS J 1066 76.31 -69.70 -74.67
N ASP J 1067 77.34 -68.85 -74.82
CA ASP J 1067 78.69 -69.24 -74.46
C ASP J 1067 78.82 -69.46 -72.96
N ILE J 1068 78.71 -68.37 -72.20
CA ILE J 1068 78.76 -68.42 -70.74
C ILE J 1068 77.97 -69.61 -70.20
N LEU J 1069 76.72 -69.66 -70.65
CA LEU J 1069 75.79 -70.69 -70.21
C LEU J 1069 76.17 -72.09 -70.68
N ASP J 1070 76.15 -72.31 -72.00
CA ASP J 1070 76.55 -73.59 -72.57
C ASP J 1070 77.84 -74.03 -71.88
N GLY J 1071 78.84 -73.14 -71.89
CA GLY J 1071 80.11 -73.37 -71.24
C GLY J 1071 79.93 -73.98 -69.86
N ILE J 1072 79.19 -73.29 -69.00
CA ILE J 1072 78.99 -73.75 -67.63
C ILE J 1072 78.31 -75.12 -67.55
N HIS J 1073 77.36 -75.38 -68.45
CA HIS J 1073 76.68 -76.66 -68.44
C HIS J 1073 77.62 -77.78 -68.90
N ASN J 1074 78.41 -77.46 -69.94
CA ASN J 1074 79.27 -78.46 -70.58
C ASN J 1074 80.47 -78.86 -69.74
N ASP J 1075 81.01 -77.91 -68.98
CA ASP J 1075 82.00 -78.25 -67.96
C ASP J 1075 81.36 -79.15 -66.92
N HIS J 1076 80.07 -78.94 -66.68
CA HIS J 1076 79.34 -79.74 -65.71
C HIS J 1076 79.17 -81.18 -66.18
N ILE J 1077 78.71 -81.36 -67.41
CA ILE J 1077 78.52 -82.70 -67.95
C ILE J 1077 79.87 -83.40 -68.12
N LYS J 1078 80.91 -82.64 -68.45
CA LYS J 1078 82.26 -83.19 -68.54
C LYS J 1078 82.80 -83.58 -67.16
N PHE J 1079 82.83 -82.62 -66.24
CA PHE J 1079 83.13 -82.89 -64.83
C PHE J 1079 82.40 -84.15 -64.37
N LEU J 1080 81.14 -84.24 -64.76
CA LEU J 1080 80.22 -85.26 -64.26
C LEU J 1080 80.50 -86.63 -64.86
N LEU J 1081 80.78 -86.63 -66.16
CA LEU J 1081 81.16 -87.84 -66.90
C LEU J 1081 82.43 -88.40 -66.29
N ARG J 1082 83.48 -87.59 -66.37
CA ARG J 1082 84.80 -87.94 -65.85
C ARG J 1082 84.80 -88.40 -64.39
N ASP J 1083 83.80 -87.97 -63.62
CA ASP J 1083 83.76 -88.27 -62.20
C ASP J 1083 82.82 -89.43 -61.86
N LEU J 1084 81.95 -89.79 -62.79
CA LEU J 1084 80.96 -90.85 -62.54
C LEU J 1084 80.64 -91.77 -63.72
N TYR J 1085 81.52 -91.77 -64.71
CA TYR J 1085 81.34 -92.58 -65.92
C TYR J 1085 82.71 -92.91 -66.54
N ASP J 1086 83.75 -92.51 -65.81
CA ASP J 1086 85.15 -92.51 -66.25
C ASP J 1086 85.41 -92.32 -67.75
N GLY J 1087 84.88 -91.23 -68.30
CA GLY J 1087 85.10 -90.85 -69.69
C GLY J 1087 84.15 -91.52 -70.65
N LYS J 1088 83.58 -92.65 -70.22
CA LYS J 1088 82.77 -93.49 -71.11
C LYS J 1088 81.34 -93.00 -71.31
N GLU J 1089 81.14 -92.26 -72.40
CA GLU J 1089 79.84 -91.71 -72.75
C GLU J 1089 78.86 -92.81 -73.15
N GLU J 1090 79.40 -94.01 -73.30
CA GLU J 1090 78.58 -95.17 -73.58
C GLU J 1090 77.76 -95.51 -72.33
N ASN J 1091 78.31 -95.14 -71.17
CA ASN J 1091 77.68 -95.41 -69.87
C ASN J 1091 76.49 -94.50 -69.61
N VAL J 1092 76.49 -93.34 -70.28
CA VAL J 1092 75.43 -92.36 -70.16
C VAL J 1092 74.13 -92.88 -70.77
N PRO J 1093 73.13 -93.21 -69.92
CA PRO J 1093 71.84 -93.73 -70.37
C PRO J 1093 71.20 -92.80 -71.42
N VAL J 1094 70.26 -93.32 -72.18
CA VAL J 1094 69.61 -92.51 -73.22
C VAL J 1094 68.10 -92.70 -73.27
N ILE J 1095 67.40 -91.59 -73.50
CA ILE J 1095 65.95 -91.61 -73.55
C ILE J 1095 65.54 -91.04 -74.90
N GLU J 1096 64.31 -91.36 -75.29
CA GLU J 1096 63.70 -90.77 -76.48
C GLU J 1096 63.79 -89.23 -76.48
N TYR J 1097 63.00 -88.58 -75.63
CA TYR J 1097 63.05 -87.12 -75.47
C TYR J 1097 63.32 -86.77 -74.00
N PHE J 1098 63.84 -85.58 -73.74
CA PHE J 1098 64.09 -85.22 -72.34
C PHE J 1098 62.85 -84.72 -71.63
N GLY J 1099 62.10 -85.65 -71.05
CA GLY J 1099 60.87 -85.32 -70.37
C GLY J 1099 60.91 -85.78 -68.91
N GLY J 1100 59.74 -85.85 -68.29
CA GLY J 1100 59.64 -86.19 -66.88
C GLY J 1100 59.86 -87.65 -66.57
N ARG J 1101 60.60 -87.93 -65.47
CA ARG J 1101 60.88 -89.29 -65.03
C ARG J 1101 59.62 -90.17 -65.01
N ILE J 1102 59.79 -91.47 -65.13
CA ILE J 1102 58.65 -92.36 -65.14
C ILE J 1102 58.68 -93.33 -63.97
N LEU J 1103 57.49 -93.61 -63.45
CA LEU J 1103 57.32 -94.42 -62.25
C LEU J 1103 57.43 -95.92 -62.54
N LYS J 1104 58.35 -96.60 -61.86
CA LYS J 1104 58.50 -98.05 -61.98
C LYS J 1104 57.56 -98.79 -61.02
N ALA J 1105 56.90 -99.82 -61.55
CA ALA J 1105 56.04 -100.69 -60.75
C ALA J 1105 56.56 -102.13 -60.74
N THR J 1106 56.95 -102.63 -59.56
CA THR J 1106 57.33 -104.04 -59.41
C THR J 1106 56.08 -104.92 -59.42
N ASP J 1107 54.91 -104.28 -59.51
CA ASP J 1107 53.63 -104.96 -59.71
C ASP J 1107 53.44 -105.21 -61.21
N GLU J 1108 53.26 -104.11 -61.94
CA GLU J 1108 52.96 -104.16 -63.37
C GLU J 1108 51.58 -104.75 -63.65
N GLU J 1109 50.77 -104.84 -62.60
CA GLU J 1109 49.39 -105.33 -62.67
C GLU J 1109 48.45 -104.25 -62.13
N PRO J 1110 47.36 -103.97 -62.87
CA PRO J 1110 46.38 -102.93 -62.51
C PRO J 1110 45.48 -103.30 -61.31
N ASP J 1111 45.83 -102.81 -60.13
CA ASP J 1111 45.02 -103.00 -58.92
C ASP J 1111 43.91 -101.93 -58.83
N ILE J 1112 43.29 -101.66 -59.99
CA ILE J 1112 42.37 -100.52 -60.14
C ILE J 1112 40.90 -100.93 -60.18
N ASP J 1113 40.08 -100.23 -59.39
CA ASP J 1113 38.65 -100.51 -59.30
C ASP J 1113 37.85 -99.93 -60.45
N GLY J 1114 36.84 -100.67 -60.89
CA GLY J 1114 36.02 -100.27 -62.01
C GLY J 1114 36.73 -100.41 -63.35
N LEU J 1115 37.98 -100.87 -63.29
CA LEU J 1115 38.77 -101.06 -64.50
C LEU J 1115 39.21 -102.51 -64.63
N THR J 1116 39.07 -103.03 -65.85
CA THR J 1116 39.56 -104.38 -66.17
C THR J 1116 40.68 -104.27 -67.21
N ALA J 1117 41.70 -105.11 -67.07
CA ALA J 1117 42.87 -105.05 -67.92
C ALA J 1117 43.21 -106.40 -68.56
N SER J 1118 43.23 -106.43 -69.90
CA SER J 1118 43.56 -107.65 -70.67
C SER J 1118 44.60 -107.30 -71.73
N ARG J 1119 45.34 -108.30 -72.20
CA ARG J 1119 46.26 -108.08 -73.32
C ARG J 1119 46.70 -109.35 -74.06
N ASP J 1120 46.97 -109.20 -75.37
CA ASP J 1120 47.57 -110.24 -76.21
C ASP J 1120 48.99 -109.81 -76.54
N ALA J 1121 49.47 -110.28 -77.69
CA ALA J 1121 50.74 -109.82 -78.20
C ALA J 1121 50.45 -108.65 -79.13
N ASN J 1122 49.17 -108.51 -79.48
CA ASN J 1122 48.74 -107.51 -80.45
C ASN J 1122 48.00 -106.33 -79.83
N LYS J 1123 47.36 -106.54 -78.69
CA LYS J 1123 46.45 -105.54 -78.17
C LYS J 1123 46.37 -105.51 -76.64
N ILE J 1124 46.40 -104.30 -76.07
CA ILE J 1124 46.08 -104.12 -74.65
C ILE J 1124 44.67 -103.55 -74.49
N SER J 1125 43.86 -104.25 -73.72
CA SER J 1125 42.47 -103.87 -73.51
C SER J 1125 42.24 -103.30 -72.11
N TYR J 1126 41.75 -102.06 -72.07
CA TYR J 1126 41.26 -101.48 -70.84
C TYR J 1126 39.79 -101.14 -71.04
N ARG J 1127 38.95 -101.53 -70.10
CA ARG J 1127 37.59 -101.03 -70.12
C ARG J 1127 37.00 -100.84 -68.73
N LEU J 1128 36.21 -99.79 -68.59
CA LEU J 1128 35.69 -99.38 -67.30
C LEU J 1128 34.26 -99.83 -67.09
N SER J 1129 34.03 -100.42 -65.91
CA SER J 1129 32.74 -100.99 -65.53
C SER J 1129 31.55 -100.10 -65.92
N ASN J 1130 30.59 -100.68 -66.64
CA ASN J 1130 29.41 -99.94 -67.07
C ASN J 1130 28.41 -99.79 -65.93
N ALA J 1131 28.70 -100.43 -64.80
CA ALA J 1131 27.89 -100.27 -63.60
C ALA J 1131 27.81 -98.79 -63.24
N PRO J 1132 26.61 -98.32 -62.90
CA PRO J 1132 26.39 -96.92 -62.52
C PRO J 1132 27.10 -96.52 -61.22
N SER J 1133 27.70 -97.47 -60.51
CA SER J 1133 28.40 -97.16 -59.26
C SER J 1133 29.54 -96.15 -59.50
N ALA J 1134 29.66 -95.20 -58.59
CA ALA J 1134 30.59 -94.07 -58.77
C ALA J 1134 32.08 -94.41 -58.57
N ASN J 1135 32.46 -95.65 -58.85
CA ASN J 1135 33.85 -96.07 -58.74
C ASN J 1135 34.57 -96.13 -60.07
N LEU J 1136 35.40 -95.12 -60.32
CA LEU J 1136 36.25 -95.09 -61.51
C LEU J 1136 37.62 -94.52 -61.15
N PRO J 1137 38.63 -94.83 -61.98
CA PRO J 1137 40.02 -94.38 -61.78
C PRO J 1137 40.16 -92.87 -61.95
N ASP J 1138 41.22 -92.31 -61.37
CA ASP J 1138 41.52 -90.89 -61.53
C ASP J 1138 41.67 -90.62 -63.00
N VAL J 1139 41.24 -89.45 -63.46
CA VAL J 1139 41.47 -89.07 -64.84
C VAL J 1139 42.99 -89.03 -65.05
N ASP J 1140 43.70 -88.80 -63.95
CA ASP J 1140 45.16 -88.79 -63.94
C ASP J 1140 45.75 -90.18 -64.11
N SER J 1141 45.39 -91.09 -63.20
CA SER J 1141 45.85 -92.46 -63.23
C SER J 1141 45.57 -93.10 -64.60
N PHE J 1142 44.33 -92.93 -65.06
CA PHE J 1142 43.87 -93.49 -66.32
C PHE J 1142 44.71 -93.05 -67.53
N MET J 1143 45.44 -91.95 -67.40
CA MET J 1143 46.29 -91.47 -68.48
C MET J 1143 47.76 -91.83 -68.29
N GLN J 1144 48.15 -92.08 -67.04
CA GLN J 1144 49.47 -92.62 -66.74
C GLN J 1144 49.57 -94.03 -67.32
N LEU J 1145 48.42 -94.70 -67.36
CA LEU J 1145 48.33 -96.08 -67.84
C LEU J 1145 48.50 -96.12 -69.36
N ILE J 1146 47.63 -95.39 -70.05
CA ILE J 1146 47.64 -95.33 -71.51
C ILE J 1146 48.92 -94.71 -72.08
N ALA J 1147 49.69 -94.04 -71.23
CA ALA J 1147 50.94 -93.43 -71.67
C ALA J 1147 52.05 -94.46 -71.85
N GLY J 1148 52.11 -95.42 -70.92
CA GLY J 1148 53.12 -96.47 -70.96
C GLY J 1148 54.38 -96.08 -70.23
N ASN J 1149 55.40 -96.93 -70.31
CA ASN J 1149 56.70 -96.65 -69.69
C ASN J 1149 57.69 -96.20 -70.75
N SER J 1150 57.52 -96.74 -71.94
CA SER J 1150 58.39 -96.40 -73.05
C SER J 1150 58.16 -94.96 -73.47
N TYR J 1151 59.23 -94.17 -73.50
CA TYR J 1151 59.18 -92.80 -74.04
C TYR J 1151 58.88 -92.85 -75.54
N SER J 1152 57.62 -92.63 -75.91
CA SER J 1152 57.19 -92.80 -77.29
C SER J 1152 56.47 -91.57 -77.81
N TRP J 1153 55.79 -91.73 -78.95
CA TRP J 1153 54.79 -90.75 -79.34
C TRP J 1153 53.61 -90.99 -78.42
N ARG J 1154 53.26 -92.26 -78.25
CA ARG J 1154 52.11 -92.66 -77.45
C ARG J 1154 52.19 -92.21 -75.99
N HIS J 1155 53.41 -92.06 -75.49
CA HIS J 1155 53.63 -91.58 -74.12
C HIS J 1155 53.42 -90.06 -74.03
N ALA J 1156 54.08 -89.31 -74.91
CA ALA J 1156 54.00 -87.85 -74.90
C ALA J 1156 52.60 -87.32 -75.22
N MET J 1157 51.77 -88.16 -75.85
CA MET J 1157 50.40 -87.76 -76.15
C MET J 1157 49.53 -87.79 -74.89
N PHE J 1158 49.87 -88.67 -73.96
CA PHE J 1158 49.14 -88.78 -72.71
C PHE J 1158 49.97 -88.29 -71.51
N THR J 1159 51.05 -87.56 -71.82
CA THR J 1159 51.92 -87.01 -70.79
C THR J 1159 51.86 -85.48 -70.75
N THR J 1160 52.30 -84.83 -71.83
CA THR J 1160 52.31 -83.37 -71.88
C THR J 1160 50.89 -82.82 -71.87
N GLU J 1161 50.66 -81.94 -70.91
CA GLU J 1161 49.39 -81.27 -70.75
C GLU J 1161 49.24 -80.16 -71.80
N VAL J 1162 50.33 -79.81 -72.47
CA VAL J 1162 50.25 -78.79 -73.52
C VAL J 1162 50.60 -79.29 -74.91
N PHE J 1163 49.67 -79.04 -75.83
CA PHE J 1163 49.99 -79.13 -77.24
C PHE J 1163 50.17 -77.72 -77.74
N VAL J 1164 51.37 -77.44 -78.24
CA VAL J 1164 51.66 -76.13 -78.81
C VAL J 1164 50.78 -75.85 -80.02
N GLN J 1165 50.42 -74.59 -80.20
CA GLN J 1165 49.61 -74.16 -81.34
C GLN J 1165 50.17 -72.88 -81.92
N GLY J 1166 51.05 -73.00 -82.90
CA GLY J 1166 51.81 -71.84 -83.35
C GLY J 1166 52.70 -71.42 -82.19
N HIS J 1167 52.37 -70.31 -81.55
CA HIS J 1167 53.11 -69.91 -80.37
C HIS J 1167 52.29 -70.00 -79.10
N ARG J 1168 51.04 -70.44 -79.26
CA ARG J 1168 50.12 -70.66 -78.16
C ARG J 1168 50.43 -71.93 -77.40
N PHE J 1169 50.00 -71.98 -76.14
CA PHE J 1169 49.86 -73.24 -75.43
C PHE J 1169 48.42 -73.73 -75.59
N GLN J 1170 48.18 -74.97 -75.20
CA GLN J 1170 46.86 -75.56 -75.36
C GLN J 1170 46.74 -76.77 -74.46
N THR J 1171 45.61 -76.87 -73.77
CA THR J 1171 45.43 -77.97 -72.84
C THR J 1171 45.17 -79.27 -73.58
N ASN J 1172 45.92 -80.30 -73.18
CA ASN J 1172 45.85 -81.64 -73.77
C ASN J 1172 44.44 -82.21 -73.82
N PRO J 1173 43.80 -82.13 -75.01
CA PRO J 1173 42.44 -82.63 -75.27
C PRO J 1173 42.24 -84.09 -74.88
N LEU J 1174 43.32 -84.86 -74.79
CA LEU J 1174 43.20 -86.26 -74.41
C LEU J 1174 42.73 -86.38 -72.97
N LYS J 1175 43.05 -85.38 -72.17
CA LYS J 1175 42.62 -85.33 -70.78
C LYS J 1175 41.09 -85.32 -70.69
N ARG J 1176 40.47 -84.64 -71.63
CA ARG J 1176 39.00 -84.58 -71.75
C ARG J 1176 38.48 -85.87 -72.32
N LEU J 1177 38.90 -86.16 -73.55
CA LEU J 1177 38.43 -87.32 -74.31
C LEU J 1177 38.53 -88.61 -73.50
N PHE J 1178 39.67 -88.79 -72.82
CA PHE J 1178 39.94 -90.04 -72.14
C PHE J 1178 39.57 -90.06 -70.68
N ALA J 1179 38.82 -89.05 -70.22
CA ALA J 1179 38.35 -89.04 -68.85
C ALA J 1179 37.39 -90.20 -68.60
N PRO J 1180 37.66 -91.02 -67.55
CA PRO J 1180 36.89 -92.23 -67.20
C PRO J 1180 35.39 -92.04 -67.34
N THR J 1181 34.75 -93.01 -67.99
CA THR J 1181 33.35 -92.94 -68.34
C THR J 1181 32.71 -94.31 -68.20
N ARG J 1182 31.44 -94.34 -67.81
CA ARG J 1182 30.72 -95.59 -67.59
C ARG J 1182 30.70 -96.43 -68.85
N GLY J 1183 31.49 -97.51 -68.85
CA GLY J 1183 31.52 -98.47 -69.94
C GLY J 1183 32.33 -98.07 -71.16
N MET J 1184 33.41 -97.33 -70.97
CA MET J 1184 34.29 -96.97 -72.08
C MET J 1184 35.37 -98.03 -72.28
N TYR J 1185 35.90 -98.11 -73.49
CA TYR J 1185 36.82 -99.16 -73.87
C TYR J 1185 38.01 -98.55 -74.60
N VAL J 1186 39.23 -98.93 -74.21
CA VAL J 1186 40.42 -98.43 -74.89
C VAL J 1186 41.38 -99.55 -75.29
N GLU J 1187 41.67 -99.60 -76.59
CA GLU J 1187 42.56 -100.63 -77.12
C GLU J 1187 43.87 -100.01 -77.62
N ILE J 1188 44.97 -100.67 -77.27
CA ILE J 1188 46.27 -100.23 -77.73
C ILE J 1188 46.91 -101.34 -78.59
N THR J 1189 46.90 -101.10 -79.89
CA THR J 1189 47.40 -102.06 -80.88
C THR J 1189 48.93 -102.03 -81.00
N ASN J 1190 49.53 -103.21 -81.01
CA ASN J 1190 50.98 -103.36 -81.10
C ASN J 1190 51.66 -102.37 -80.16
N PRO J 1191 51.32 -102.46 -78.87
CA PRO J 1191 51.74 -101.50 -77.85
C PRO J 1191 53.23 -101.20 -77.94
N ASP J 1192 54.04 -102.22 -77.72
CA ASP J 1192 55.48 -102.08 -77.59
C ASP J 1192 56.18 -101.81 -78.92
N ASP J 1193 55.42 -101.82 -80.00
CA ASP J 1193 55.94 -101.46 -81.33
C ASP J 1193 55.42 -100.09 -81.76
N PRO J 1194 56.19 -99.03 -81.47
CA PRO J 1194 55.80 -97.61 -81.59
C PRO J 1194 55.05 -97.29 -82.87
N ALA J 1195 55.75 -97.05 -83.97
CA ALA J 1195 55.14 -96.53 -85.19
C ALA J 1195 53.87 -97.27 -85.67
N LYS J 1196 53.68 -98.51 -85.20
CA LYS J 1196 52.52 -99.31 -85.60
C LYS J 1196 51.48 -99.49 -84.50
N THR J 1197 51.43 -98.56 -83.55
CA THR J 1197 50.46 -98.62 -82.47
C THR J 1197 49.19 -97.85 -82.84
N VAL J 1198 48.05 -98.37 -82.39
CA VAL J 1198 46.75 -97.75 -82.63
C VAL J 1198 45.95 -97.70 -81.34
N ILE J 1199 45.66 -96.48 -80.89
CA ILE J 1199 44.88 -96.29 -79.66
C ILE J 1199 43.45 -95.92 -80.02
N SER J 1200 42.49 -96.69 -79.51
CA SER J 1200 41.09 -96.51 -79.88
C SER J 1200 40.15 -96.52 -78.67
N VAL J 1201 39.02 -95.82 -78.81
CA VAL J 1201 38.04 -95.70 -77.73
C VAL J 1201 36.65 -96.18 -78.16
N ARG J 1202 36.06 -97.08 -77.37
CA ARG J 1202 34.70 -97.53 -77.62
C ARG J 1202 33.79 -97.22 -76.45
N GLU J 1203 32.82 -96.34 -76.68
CA GLU J 1203 31.90 -95.94 -75.63
C GLU J 1203 30.52 -96.50 -75.91
N PRO J 1204 29.66 -96.50 -74.89
CA PRO J 1204 28.27 -96.95 -75.06
C PRO J 1204 27.40 -95.85 -75.67
N SER J 1205 26.96 -96.02 -76.92
CA SER J 1205 25.93 -95.14 -77.47
C SER J 1205 24.61 -95.53 -76.83
N GLN J 1206 23.68 -94.58 -76.75
CA GLN J 1206 22.42 -94.82 -76.05
C GLN J 1206 21.64 -95.99 -76.65
N SER J 1207 21.89 -96.26 -77.93
CA SER J 1207 21.17 -97.32 -78.63
C SER J 1207 22.06 -98.55 -78.91
N ALA J 1208 23.38 -98.37 -78.80
CA ALA J 1208 24.32 -99.44 -79.15
C ALA J 1208 25.10 -99.98 -77.96
N LYS J 1209 25.73 -101.13 -78.16
CA LYS J 1209 26.59 -101.74 -77.16
C LYS J 1209 27.83 -100.89 -76.95
N LEU J 1210 28.63 -100.75 -78.01
CA LEU J 1210 29.81 -99.90 -78.02
C LEU J 1210 29.89 -99.19 -79.37
N VAL J 1211 30.73 -98.17 -79.48
CA VAL J 1211 30.94 -97.43 -80.71
C VAL J 1211 32.36 -96.90 -80.81
N LYS J 1212 32.81 -96.67 -82.04
CA LYS J 1212 34.10 -96.06 -82.30
C LYS J 1212 34.04 -94.57 -81.99
N THR J 1213 34.79 -94.18 -80.97
CA THR J 1213 34.81 -92.82 -80.46
C THR J 1213 35.95 -92.06 -81.12
N VAL J 1214 37.16 -92.39 -80.70
CA VAL J 1214 38.34 -91.74 -81.21
C VAL J 1214 39.43 -92.77 -81.39
N GLU J 1215 40.35 -92.47 -82.29
CA GLU J 1215 41.54 -93.29 -82.44
C GLU J 1215 42.70 -92.41 -82.86
N ILE J 1216 43.91 -92.79 -82.44
CA ILE J 1216 45.10 -92.04 -82.78
C ILE J 1216 46.20 -92.94 -83.33
N LYS J 1217 46.29 -93.00 -84.66
CA LYS J 1217 47.38 -93.69 -85.33
C LYS J 1217 48.42 -92.66 -85.74
N LEU J 1218 49.48 -93.15 -86.40
CA LEU J 1218 50.48 -92.25 -86.95
C LEU J 1218 50.37 -92.32 -88.47
N VAL J 1219 50.84 -91.27 -89.14
CA VAL J 1219 50.82 -91.20 -90.60
C VAL J 1219 51.93 -90.26 -91.07
N GLY J 1220 52.71 -90.71 -92.06
CA GLY J 1220 53.77 -89.87 -92.59
C GLY J 1220 54.87 -89.53 -91.58
N ASP J 1221 55.40 -90.56 -90.92
CA ASP J 1221 56.52 -90.42 -89.99
C ASP J 1221 56.14 -89.73 -88.69
N ASN J 1222 55.91 -88.42 -88.78
CA ASN J 1222 55.73 -87.59 -87.61
C ASN J 1222 54.30 -87.14 -87.36
N GLU J 1223 53.47 -87.12 -88.41
CA GLU J 1223 52.10 -86.69 -88.25
C GLU J 1223 51.28 -87.72 -87.47
N ILE J 1224 50.85 -87.34 -86.27
CA ILE J 1224 49.91 -88.13 -85.50
C ILE J 1224 48.50 -87.70 -85.93
N ALA J 1225 47.57 -88.64 -85.97
CA ALA J 1225 46.22 -88.36 -86.44
C ALA J 1225 45.16 -88.66 -85.38
N LEU J 1226 44.69 -87.61 -84.72
CA LEU J 1226 43.65 -87.73 -83.71
C LEU J 1226 42.28 -87.60 -84.37
N THR J 1227 41.52 -88.67 -84.32
CA THR J 1227 40.27 -88.74 -85.06
C THR J 1227 39.04 -89.06 -84.21
N LEU J 1228 37.98 -88.29 -84.45
CA LEU J 1228 36.71 -88.47 -83.75
C LEU J 1228 35.67 -88.88 -84.77
N PHE J 1229 34.77 -89.77 -84.38
CA PHE J 1229 33.79 -90.33 -85.32
C PHE J 1229 32.36 -90.11 -84.88
N GLU J 1230 31.61 -89.40 -85.70
CA GLU J 1230 30.22 -89.11 -85.36
C GLU J 1230 29.22 -89.97 -86.12
N GLY J 1231 28.54 -90.87 -85.40
CA GLY J 1231 27.47 -91.68 -85.97
C GLY J 1231 26.39 -90.85 -86.67
N ARG J 1232 25.52 -90.22 -85.89
CA ARG J 1232 24.38 -89.48 -86.44
C ARG J 1232 24.78 -88.27 -87.30
N THR J 1233 24.77 -88.45 -88.61
CA THR J 1233 25.13 -87.38 -89.53
C THR J 1233 24.10 -87.28 -90.65
N ALA J 1234 24.33 -86.35 -91.57
CA ALA J 1234 23.41 -86.09 -92.68
C ALA J 1234 23.25 -87.27 -93.63
N GLU J 1235 24.34 -88.00 -93.87
CA GLU J 1235 24.34 -89.13 -94.79
C GLU J 1235 24.00 -90.44 -94.08
N GLY J 1236 23.79 -90.37 -92.77
CA GLY J 1236 23.42 -91.54 -91.99
C GLY J 1236 24.56 -92.52 -91.81
N GLY J 1237 25.78 -92.06 -92.08
CA GLY J 1237 26.94 -92.92 -91.91
C GLY J 1237 28.09 -92.18 -91.25
N VAL J 1238 28.82 -92.90 -90.40
CA VAL J 1238 29.96 -92.34 -89.67
C VAL J 1238 30.82 -91.37 -90.48
N VAL J 1239 31.02 -90.18 -89.92
CA VAL J 1239 31.98 -89.23 -90.46
C VAL J 1239 33.12 -89.03 -89.46
N PRO J 1240 34.35 -88.91 -89.97
CA PRO J 1240 35.52 -88.68 -89.11
C PRO J 1240 36.04 -87.25 -89.23
N LEU J 1241 36.47 -86.69 -88.10
CA LEU J 1241 37.16 -85.41 -88.07
C LEU J 1241 38.53 -85.71 -87.50
N THR J 1242 39.57 -85.15 -88.11
CA THR J 1242 40.94 -85.43 -87.67
C THR J 1242 41.78 -84.19 -87.47
N PHE J 1243 42.54 -84.21 -86.38
CA PHE J 1243 43.46 -83.14 -86.05
C PHE J 1243 44.87 -83.67 -86.18
N ARG J 1244 45.72 -82.95 -86.92
CA ARG J 1244 47.06 -83.44 -87.20
C ARG J 1244 48.09 -82.82 -86.25
N PHE J 1245 48.98 -83.66 -85.74
CA PHE J 1245 50.01 -83.24 -84.80
C PHE J 1245 51.36 -83.73 -85.30
N THR J 1246 52.42 -82.97 -85.05
CA THR J 1246 53.79 -83.42 -85.33
C THR J 1246 54.59 -83.35 -84.04
N TYR J 1247 55.61 -84.20 -83.91
CA TYR J 1247 56.27 -84.29 -82.61
C TYR J 1247 57.81 -84.46 -82.61
N HIS J 1248 58.51 -83.43 -82.10
CA HIS J 1248 59.97 -83.31 -82.19
C HIS J 1248 60.65 -83.45 -80.85
N PRO J 1249 61.01 -84.70 -80.47
CA PRO J 1249 61.63 -85.06 -79.18
C PRO J 1249 62.93 -84.31 -78.84
N GLU J 1250 63.34 -83.37 -79.69
CA GLU J 1250 64.38 -82.42 -79.30
C GLU J 1250 63.88 -81.71 -78.04
N ALA J 1251 62.68 -81.15 -78.13
CA ALA J 1251 62.00 -80.48 -77.03
C ALA J 1251 61.17 -81.46 -76.18
N GLY J 1252 61.78 -81.98 -75.11
CA GLY J 1252 61.07 -82.86 -74.20
C GLY J 1252 59.98 -82.12 -73.45
N TYR J 1253 60.07 -80.79 -73.47
CA TYR J 1253 59.09 -79.93 -72.80
C TYR J 1253 57.78 -79.79 -73.57
N ALA J 1254 57.89 -79.55 -74.87
CA ALA J 1254 56.72 -79.50 -75.74
C ALA J 1254 56.89 -80.52 -76.85
N PRO J 1255 56.87 -81.83 -76.49
CA PRO J 1255 57.07 -82.90 -77.48
C PRO J 1255 56.04 -82.82 -78.60
N ILE J 1256 54.81 -82.43 -78.25
CA ILE J 1256 53.72 -82.43 -79.22
C ILE J 1256 53.28 -81.03 -79.64
N ARG J 1257 53.05 -80.88 -80.93
CA ARG J 1257 52.50 -79.65 -81.52
C ARG J 1257 51.30 -80.00 -82.39
N GLU J 1258 50.64 -78.97 -82.93
CA GLU J 1258 49.52 -79.21 -83.85
C GLU J 1258 49.74 -78.53 -85.18
N VAL J 1259 49.26 -79.20 -86.22
CA VAL J 1259 49.31 -78.68 -87.56
C VAL J 1259 47.97 -78.02 -87.83
N MET J 1260 47.97 -76.70 -87.85
CA MET J 1260 46.71 -75.97 -87.88
C MET J 1260 46.46 -75.27 -89.22
N GLU J 1261 47.49 -75.19 -90.05
CA GLU J 1261 47.37 -74.58 -91.37
C GLU J 1261 46.41 -75.38 -92.23
N GLY J 1262 45.13 -75.05 -92.12
CA GLY J 1262 44.08 -75.76 -92.85
C GLY J 1262 43.01 -76.18 -91.89
N ARG J 1263 43.39 -76.35 -90.62
CA ARG J 1263 42.48 -76.76 -89.55
C ARG J 1263 41.08 -76.17 -89.63
N ASN J 1264 40.99 -74.88 -89.96
CA ASN J 1264 39.70 -74.19 -90.11
C ASN J 1264 38.85 -74.83 -91.20
N ASP J 1265 39.43 -74.88 -92.40
CA ASP J 1265 38.78 -75.47 -93.56
C ASP J 1265 38.47 -76.95 -93.32
N ARG J 1266 39.49 -77.71 -92.92
CA ARG J 1266 39.37 -79.15 -92.63
C ARG J 1266 38.13 -79.48 -91.79
N ILE J 1267 37.91 -78.67 -90.75
CA ILE J 1267 36.77 -78.83 -89.87
C ILE J 1267 35.48 -78.35 -90.54
N LYS J 1268 35.54 -77.19 -91.20
CA LYS J 1268 34.42 -76.69 -91.97
C LYS J 1268 33.92 -77.75 -92.95
N GLU J 1269 34.86 -78.38 -93.64
CA GLU J 1269 34.57 -79.52 -94.51
C GLU J 1269 33.78 -80.56 -93.73
N PHE J 1270 34.38 -81.07 -92.65
CA PHE J 1270 33.69 -82.03 -91.79
C PHE J 1270 32.25 -81.63 -91.53
N TYR J 1271 32.06 -80.44 -90.98
CA TYR J 1271 30.71 -79.94 -90.72
C TYR J 1271 29.86 -79.99 -91.99
N TYR J 1272 30.37 -79.40 -93.06
CA TYR J 1272 29.63 -79.35 -94.32
C TYR J 1272 29.02 -80.71 -94.66
N ARG J 1273 29.86 -81.72 -94.65
CA ARG J 1273 29.46 -83.08 -94.97
C ARG J 1273 28.42 -83.56 -93.97
N VAL J 1274 28.61 -83.23 -92.69
CA VAL J 1274 27.70 -83.68 -91.63
C VAL J 1274 26.35 -82.96 -91.64
N TRP J 1275 26.31 -81.77 -92.24
CA TRP J 1275 25.06 -81.00 -92.31
C TRP J 1275 24.31 -81.21 -93.60
N PHE J 1276 24.99 -81.06 -94.73
CA PHE J 1276 24.34 -81.09 -96.06
C PHE J 1276 24.70 -82.33 -96.89
N ALA J 1277 25.62 -83.15 -96.40
CA ALA J 1277 26.07 -84.36 -97.09
C ALA J 1277 26.70 -84.09 -98.45
N GLU J 1278 27.15 -82.85 -98.66
CA GLU J 1278 27.96 -82.51 -99.83
C GLU J 1278 29.36 -82.25 -99.30
N LYS J 1279 30.33 -83.05 -99.70
CA LYS J 1279 31.68 -82.84 -99.17
C LYS J 1279 32.59 -81.94 -100.03
N GLU J 1280 32.01 -80.85 -100.54
CA GLU J 1280 32.79 -79.75 -101.08
C GLU J 1280 32.11 -78.42 -100.80
N VAL J 1281 32.87 -77.52 -100.17
CA VAL J 1281 32.34 -76.27 -99.64
C VAL J 1281 32.70 -75.03 -100.48
N PRO J 1282 31.75 -74.09 -100.59
CA PRO J 1282 31.88 -72.84 -101.36
C PRO J 1282 32.90 -71.87 -100.74
N PHE J 1283 34.04 -72.41 -100.29
CA PHE J 1283 35.05 -71.63 -99.61
C PHE J 1283 35.23 -70.23 -100.16
N ASP J 1284 35.32 -70.11 -101.48
CA ASP J 1284 35.65 -68.82 -102.07
C ASP J 1284 34.45 -68.06 -102.61
N THR J 1285 33.35 -68.10 -101.86
CA THR J 1285 32.22 -67.23 -102.19
C THR J 1285 32.40 -65.92 -101.45
N PRO J 1286 32.14 -64.79 -102.14
CA PRO J 1286 32.18 -63.47 -101.49
C PRO J 1286 30.96 -63.30 -100.61
N LEU J 1287 31.13 -62.70 -99.45
CA LEU J 1287 30.09 -62.68 -98.44
C LEU J 1287 28.95 -61.77 -98.89
N THR J 1288 29.23 -61.01 -99.95
CA THR J 1288 28.26 -60.14 -100.61
C THR J 1288 27.20 -60.93 -101.37
N ALA J 1289 27.51 -62.18 -101.65
CA ALA J 1289 26.62 -63.05 -102.47
C ALA J 1289 25.38 -63.54 -101.73
N VAL J 1290 24.32 -63.79 -102.50
CA VAL J 1290 23.13 -64.43 -101.96
C VAL J 1290 23.37 -65.93 -101.95
N PHE J 1291 22.89 -66.60 -100.90
CA PHE J 1291 23.07 -68.04 -100.75
C PHE J 1291 21.73 -68.75 -101.01
N ASP J 1292 21.80 -69.92 -101.63
CA ASP J 1292 20.60 -70.65 -102.03
C ASP J 1292 20.30 -71.83 -101.08
N GLY J 1293 19.06 -71.88 -100.63
CA GLY J 1293 18.57 -72.98 -99.81
C GLY J 1293 17.68 -73.85 -100.68
N GLY J 1294 17.06 -73.23 -101.69
CA GLY J 1294 16.35 -73.95 -102.74
C GLY J 1294 14.89 -74.24 -102.43
N ARG J 1295 14.28 -75.06 -103.29
CA ARG J 1295 12.88 -75.45 -103.13
C ARG J 1295 12.74 -76.34 -101.92
N GLU J 1296 11.51 -76.45 -101.43
CA GLU J 1296 11.26 -77.30 -100.28
C GLU J 1296 9.77 -77.42 -100.03
N ILE J 1297 9.31 -78.65 -99.85
CA ILE J 1297 7.91 -78.87 -99.50
C ILE J 1297 7.80 -79.28 -98.04
N VAL J 1298 6.89 -78.58 -97.36
CA VAL J 1298 6.65 -78.83 -95.95
C VAL J 1298 6.09 -80.22 -95.79
N ASN J 1299 6.95 -81.19 -95.53
CA ASN J 1299 6.50 -82.56 -95.35
C ASN J 1299 5.42 -82.61 -94.27
N ALA J 1300 4.22 -83.03 -94.64
CA ALA J 1300 3.10 -83.16 -93.72
C ALA J 1300 3.51 -83.88 -92.44
N GLN J 1301 4.36 -84.89 -92.59
CA GLN J 1301 4.85 -85.68 -91.46
C GLN J 1301 5.97 -84.96 -90.71
N ALA J 1302 7.01 -84.56 -91.44
CA ALA J 1302 8.13 -83.83 -90.86
C ALA J 1302 7.67 -82.77 -89.87
N VAL J 1303 6.55 -82.13 -90.19
CA VAL J 1303 5.91 -81.13 -89.32
C VAL J 1303 5.54 -81.73 -87.96
N ALA J 1304 4.72 -82.77 -87.97
CA ALA J 1304 4.28 -83.42 -86.74
C ALA J 1304 5.45 -84.02 -85.95
N ASP J 1305 6.57 -84.27 -86.64
CA ASP J 1305 7.78 -84.78 -86.01
C ASP J 1305 8.46 -83.69 -85.19
N PHE J 1306 8.47 -82.48 -85.75
CA PHE J 1306 9.06 -81.31 -85.10
C PHE J 1306 8.28 -80.92 -83.85
N VAL J 1307 7.01 -80.59 -84.05
CA VAL J 1307 6.06 -80.35 -82.96
C VAL J 1307 6.23 -81.36 -81.80
N HIS J 1308 6.05 -82.65 -82.07
CA HIS J 1308 6.09 -83.69 -81.04
C HIS J 1308 7.47 -83.80 -80.40
N ALA J 1309 8.44 -83.10 -80.97
CA ALA J 1309 9.82 -83.18 -80.50
C ALA J 1309 10.20 -82.03 -79.56
N VAL J 1310 9.74 -80.81 -79.89
CA VAL J 1310 10.02 -79.65 -79.05
C VAL J 1310 9.06 -79.56 -77.88
N GLY J 1311 7.78 -79.79 -78.16
CA GLY J 1311 6.77 -79.85 -77.11
C GLY J 1311 5.47 -79.18 -77.48
N ASN J 1312 5.38 -78.68 -78.70
CA ASN J 1312 4.19 -77.93 -79.10
C ASN J 1312 2.94 -78.80 -79.31
N THR J 1313 1.76 -78.22 -79.10
CA THR J 1313 0.55 -79.02 -78.89
C THR J 1313 -0.69 -78.41 -79.53
N GLY J 1314 -0.53 -77.28 -80.23
CA GLY J 1314 -1.65 -76.54 -80.75
C GLY J 1314 -2.44 -77.25 -81.83
N GLU J 1315 -3.76 -77.30 -81.67
CA GLU J 1315 -4.66 -77.98 -82.61
C GLU J 1315 -4.54 -77.34 -83.99
N ALA J 1316 -3.77 -76.26 -84.03
CA ALA J 1316 -3.40 -75.60 -85.28
C ALA J 1316 -2.37 -76.42 -86.02
N PHE J 1317 -1.79 -77.41 -85.34
CA PHE J 1317 -0.76 -78.23 -85.95
C PHE J 1317 -1.20 -79.67 -86.19
N VAL J 1318 -2.24 -80.11 -85.51
CA VAL J 1318 -2.58 -81.53 -85.49
C VAL J 1318 -3.72 -81.91 -86.44
N ASP J 1319 -4.12 -80.97 -87.30
CA ASP J 1319 -5.02 -81.32 -88.41
C ASP J 1319 -6.46 -81.60 -87.96
N ARG J 1320 -6.85 -81.01 -86.84
CA ARG J 1320 -8.24 -81.09 -86.43
C ARG J 1320 -8.79 -79.68 -86.30
N GLY J 1321 -10.08 -79.59 -86.01
CA GLY J 1321 -10.71 -78.32 -85.73
C GLY J 1321 -10.74 -77.42 -86.94
N LYS J 1322 -10.11 -76.26 -86.82
CA LYS J 1322 -10.19 -75.24 -87.87
C LYS J 1322 -8.86 -75.01 -88.55
N ASP J 1323 -7.78 -75.52 -87.98
CA ASP J 1323 -6.45 -75.19 -88.45
C ASP J 1323 -5.52 -76.37 -88.68
N PHE J 1324 -4.75 -76.30 -89.77
CA PHE J 1324 -3.54 -77.09 -89.93
C PHE J 1324 -2.43 -76.27 -90.53
N PHE J 1325 -1.59 -75.72 -89.65
CA PHE J 1325 -0.44 -74.95 -90.06
C PHE J 1325 0.82 -75.65 -89.56
N ALA J 1326 1.95 -75.00 -89.81
CA ALA J 1326 3.24 -75.46 -89.35
C ALA J 1326 3.88 -74.34 -88.55
N PRO J 1327 4.54 -74.72 -87.44
CA PRO J 1327 5.26 -73.79 -86.57
C PRO J 1327 6.14 -72.87 -87.41
N MET J 1328 6.23 -71.59 -87.05
CA MET J 1328 7.17 -70.71 -87.72
C MET J 1328 8.56 -71.17 -87.32
N ASP J 1329 8.62 -72.01 -86.28
CA ASP J 1329 9.87 -72.60 -85.84
C ASP J 1329 10.45 -73.50 -86.92
N PHE J 1330 9.55 -74.04 -87.74
CA PHE J 1330 9.91 -74.92 -88.82
C PHE J 1330 10.78 -74.19 -89.85
N ALA J 1331 10.70 -72.86 -89.86
CA ALA J 1331 11.46 -72.07 -90.82
C ALA J 1331 12.96 -72.36 -90.79
N ILE J 1332 13.54 -72.52 -89.60
CA ILE J 1332 14.96 -72.79 -89.45
C ILE J 1332 15.26 -74.26 -89.70
N VAL J 1333 14.21 -75.05 -89.88
CA VAL J 1333 14.38 -76.44 -90.28
C VAL J 1333 14.36 -76.50 -91.80
N VAL J 1334 13.37 -75.81 -92.39
CA VAL J 1334 13.27 -75.67 -93.83
C VAL J 1334 14.49 -74.93 -94.35
N GLY J 1335 14.60 -73.64 -93.98
CA GLY J 1335 15.69 -72.80 -94.45
C GLY J 1335 17.05 -73.14 -93.86
N TRP J 1336 17.09 -74.16 -93.02
CA TRP J 1336 18.33 -74.56 -92.35
C TRP J 1336 19.53 -74.59 -93.29
N LYS J 1337 19.27 -74.77 -94.58
CA LYS J 1337 20.35 -74.75 -95.55
C LYS J 1337 20.96 -73.36 -95.69
N ALA J 1338 20.19 -72.44 -96.27
CA ALA J 1338 20.70 -71.09 -96.53
C ALA J 1338 21.12 -70.35 -95.26
N ILE J 1339 20.56 -70.76 -94.13
CA ILE J 1339 20.85 -70.12 -92.86
C ILE J 1339 22.24 -70.50 -92.36
N THR J 1340 22.68 -71.72 -92.69
CA THR J 1340 23.93 -72.25 -92.18
C THR J 1340 25.09 -72.05 -93.16
N LYS J 1341 24.82 -72.28 -94.45
CA LYS J 1341 25.84 -72.17 -95.49
C LYS J 1341 26.84 -71.01 -95.31
N PRO J 1342 26.32 -69.78 -95.15
CA PRO J 1342 27.15 -68.57 -95.21
C PRO J 1342 28.26 -68.50 -94.14
N ILE J 1343 28.27 -69.43 -93.19
CA ILE J 1343 29.27 -69.42 -92.12
C ILE J 1343 30.62 -69.87 -92.65
N PHE J 1344 30.59 -70.54 -93.81
CA PHE J 1344 31.73 -71.30 -94.32
C PHE J 1344 32.77 -70.54 -95.14
N PRO J 1345 32.34 -69.54 -95.94
CA PRO J 1345 33.28 -68.79 -96.78
C PRO J 1345 34.68 -68.57 -96.16
N ARG J 1346 35.68 -68.40 -97.02
CA ARG J 1346 37.07 -68.35 -96.57
C ARG J 1346 37.43 -67.11 -95.77
N LYS J 1347 36.69 -66.03 -95.96
CA LYS J 1347 36.98 -64.78 -95.25
C LYS J 1347 36.41 -64.78 -93.83
N ILE J 1348 35.71 -65.86 -93.49
CA ILE J 1348 35.12 -66.04 -92.17
C ILE J 1348 35.77 -67.26 -91.51
N ASP J 1349 37.08 -67.36 -91.62
CA ASP J 1349 37.77 -68.57 -91.18
C ASP J 1349 37.79 -68.76 -89.66
N GLY J 1350 36.82 -69.52 -89.17
CA GLY J 1350 36.74 -69.80 -87.74
C GLY J 1350 36.80 -71.29 -87.45
N ASP J 1351 37.04 -71.62 -86.19
CA ASP J 1351 36.95 -72.98 -85.71
C ASP J 1351 35.48 -73.31 -85.53
N LEU J 1352 34.84 -73.85 -86.57
CA LEU J 1352 33.40 -74.11 -86.51
C LEU J 1352 33.00 -75.09 -85.40
N LEU J 1353 33.97 -75.83 -84.87
CA LEU J 1353 33.73 -76.71 -83.73
C LEU J 1353 33.35 -75.88 -82.52
N LYS J 1354 34.09 -74.79 -82.32
CA LYS J 1354 33.80 -73.84 -81.26
C LYS J 1354 32.86 -72.75 -81.77
N LEU J 1355 31.83 -73.17 -82.49
CA LEU J 1355 30.76 -72.26 -82.82
C LEU J 1355 29.67 -72.50 -81.80
N VAL J 1356 28.84 -71.47 -81.57
CA VAL J 1356 27.65 -71.62 -80.76
C VAL J 1356 26.54 -70.79 -81.38
N HIS J 1357 25.30 -71.26 -81.24
CA HIS J 1357 24.17 -70.47 -81.69
C HIS J 1357 23.93 -69.35 -80.68
N LEU J 1358 23.96 -68.12 -81.17
CA LEU J 1358 24.03 -66.94 -80.32
C LEU J 1358 22.70 -66.24 -80.16
N SER J 1359 21.95 -66.20 -81.26
CA SER J 1359 20.70 -65.47 -81.32
C SER J 1359 19.95 -65.92 -82.56
N ASN J 1360 18.64 -65.67 -82.59
CA ASN J 1360 17.84 -65.99 -83.77
C ASN J 1360 16.40 -65.51 -83.62
N GLY J 1361 15.91 -64.80 -84.62
CA GLY J 1361 14.54 -64.32 -84.57
C GLY J 1361 13.82 -64.46 -85.89
N TYR J 1362 12.52 -64.78 -85.81
CA TYR J 1362 11.67 -64.81 -86.99
C TYR J 1362 10.83 -63.54 -87.05
N ARG J 1363 10.39 -63.17 -88.23
CA ARG J 1363 9.51 -62.02 -88.38
C ARG J 1363 8.65 -62.17 -89.63
N MET J 1364 7.35 -62.39 -89.40
CA MET J 1364 6.47 -62.75 -90.49
C MET J 1364 5.93 -61.56 -91.26
N VAL J 1365 6.33 -61.46 -92.53
CA VAL J 1365 5.89 -60.40 -93.43
C VAL J 1365 4.42 -60.06 -93.21
N PRO J 1366 4.13 -58.76 -93.16
CA PRO J 1366 2.78 -58.27 -92.85
C PRO J 1366 1.76 -58.87 -93.82
N GLY J 1367 0.68 -59.44 -93.29
CA GLY J 1367 -0.37 -60.01 -94.12
C GLY J 1367 -0.23 -61.49 -94.45
N ALA J 1368 1.01 -61.98 -94.43
CA ALA J 1368 1.32 -63.35 -94.84
C ALA J 1368 0.77 -64.40 -93.88
N GLU J 1369 0.08 -65.41 -94.41
CA GLU J 1369 -0.41 -66.50 -93.58
C GLU J 1369 0.70 -67.44 -93.17
N PRO J 1370 0.51 -68.14 -92.04
CA PRO J 1370 1.56 -68.98 -91.47
C PRO J 1370 1.94 -70.10 -92.42
N LEU J 1371 2.87 -70.95 -92.02
CA LEU J 1371 3.26 -72.04 -92.88
C LEU J 1371 2.22 -73.16 -92.83
N LYS J 1372 1.78 -73.62 -94.00
CA LYS J 1372 0.88 -74.77 -94.12
C LYS J 1372 1.68 -75.93 -94.69
N VAL J 1373 1.11 -77.13 -94.70
CA VAL J 1373 1.88 -78.31 -95.13
C VAL J 1373 2.09 -78.42 -96.66
N GLY J 1374 1.06 -78.12 -97.43
CA GLY J 1374 1.15 -78.22 -98.88
C GLY J 1374 1.94 -77.09 -99.52
N ASP J 1375 2.99 -76.67 -98.83
CA ASP J 1375 3.73 -75.47 -99.23
C ASP J 1375 5.09 -75.78 -99.86
N VAL J 1376 5.47 -74.90 -100.80
CA VAL J 1376 6.78 -74.95 -101.43
C VAL J 1376 7.52 -73.64 -101.17
N LEU J 1377 8.63 -73.74 -100.45
CA LEU J 1377 9.29 -72.56 -99.92
C LEU J 1377 10.68 -72.42 -100.51
N ASP J 1378 10.98 -71.23 -101.00
CA ASP J 1378 12.31 -70.95 -101.54
C ASP J 1378 13.17 -70.19 -100.53
N THR J 1379 14.28 -70.80 -100.16
CA THR J 1379 15.11 -70.34 -99.06
C THR J 1379 16.24 -69.43 -99.52
N THR J 1380 16.08 -68.13 -99.28
CA THR J 1380 17.10 -67.13 -99.67
C THR J 1380 17.78 -66.54 -98.45
N ALA J 1381 19.11 -66.50 -98.47
CA ALA J 1381 19.81 -65.89 -97.36
C ALA J 1381 20.99 -65.06 -97.84
N GLN J 1382 21.44 -64.12 -97.02
CA GLN J 1382 22.70 -63.43 -97.24
C GLN J 1382 23.28 -62.97 -95.92
N ILE J 1383 24.56 -62.58 -95.94
CA ILE J 1383 25.26 -62.22 -94.72
C ILE J 1383 25.15 -60.73 -94.39
N ASN J 1384 24.36 -60.42 -93.36
CA ASN J 1384 24.07 -59.04 -92.95
C ASN J 1384 25.18 -58.35 -92.19
N ALA J 1385 25.92 -59.12 -91.40
CA ALA J 1385 27.08 -58.58 -90.70
C ALA J 1385 27.94 -59.70 -90.14
N VAL J 1386 29.24 -59.55 -90.32
CA VAL J 1386 30.19 -60.43 -89.66
C VAL J 1386 31.08 -59.51 -88.92
N ILE J 1387 31.02 -59.59 -87.60
CA ILE J 1387 31.80 -58.74 -86.70
C ILE J 1387 32.37 -59.59 -85.59
N ASN J 1388 33.57 -59.23 -85.17
CA ASN J 1388 34.24 -59.99 -84.14
C ASN J 1388 34.17 -59.31 -82.78
N GLN J 1389 33.19 -59.75 -81.99
CA GLN J 1389 33.05 -59.29 -80.62
C GLN J 1389 34.19 -59.86 -79.78
N ASP J 1390 34.24 -59.46 -78.52
CA ASP J 1390 35.28 -60.00 -77.65
C ASP J 1390 34.96 -61.45 -77.31
N SER J 1391 33.67 -61.76 -77.20
CA SER J 1391 33.23 -63.12 -76.91
C SER J 1391 33.67 -64.12 -77.98
N GLY J 1392 33.97 -63.61 -79.18
CA GLY J 1392 34.45 -64.44 -80.26
C GLY J 1392 34.38 -63.76 -81.62
N LYS J 1393 33.63 -64.38 -82.54
CA LYS J 1393 33.40 -63.81 -83.86
C LYS J 1393 31.97 -64.05 -84.24
N MET J 1394 31.35 -63.05 -84.84
CA MET J 1394 29.90 -63.11 -85.02
C MET J 1394 29.45 -63.02 -86.47
N VAL J 1395 28.56 -63.94 -86.86
CA VAL J 1395 27.96 -63.94 -88.19
C VAL J 1395 26.46 -63.73 -88.11
N GLU J 1396 25.98 -62.69 -88.79
CA GLU J 1396 24.55 -62.43 -88.86
C GLU J 1396 24.03 -62.83 -90.23
N VAL J 1397 23.07 -63.76 -90.22
CA VAL J 1397 22.48 -64.32 -91.44
C VAL J 1397 21.02 -63.93 -91.54
N CYS J 1398 20.61 -63.43 -92.70
CA CYS J 1398 19.21 -63.06 -92.87
C CYS J 1398 18.49 -63.95 -93.87
N GLY J 1399 17.74 -64.91 -93.34
CA GLY J 1399 16.94 -65.79 -94.16
C GLY J 1399 15.67 -65.13 -94.67
N THR J 1400 15.18 -65.62 -95.81
CA THR J 1400 13.97 -65.12 -96.43
C THR J 1400 13.21 -66.26 -97.09
N LEU J 1401 12.25 -66.82 -96.36
CA LEU J 1401 11.40 -67.87 -96.90
C LEU J 1401 10.33 -67.22 -97.76
N LYS J 1402 10.23 -67.69 -99.01
CA LYS J 1402 9.20 -67.22 -99.94
C LYS J 1402 8.33 -68.35 -100.48
N ARG J 1403 7.03 -68.08 -100.53
CA ARG J 1403 6.09 -68.99 -101.15
C ARG J 1403 5.45 -68.20 -102.30
N ASP J 1404 5.34 -68.82 -103.47
CA ASP J 1404 4.73 -68.18 -104.62
C ASP J 1404 5.48 -66.94 -105.06
N GLY J 1405 6.78 -66.90 -104.75
CA GLY J 1405 7.63 -65.79 -105.16
C GLY J 1405 7.58 -64.58 -104.23
N LYS J 1406 6.59 -64.57 -103.34
CA LYS J 1406 6.46 -63.51 -102.35
C LYS J 1406 7.05 -63.96 -101.01
N PRO J 1407 7.81 -63.07 -100.37
CA PRO J 1407 8.38 -63.37 -99.04
C PRO J 1407 7.30 -63.56 -97.99
N VAL J 1408 7.47 -64.57 -97.14
CA VAL J 1408 6.47 -64.84 -96.12
C VAL J 1408 7.00 -64.61 -94.71
N MET J 1409 8.28 -64.89 -94.52
CA MET J 1409 8.91 -64.62 -93.23
C MET J 1409 10.44 -64.53 -93.34
N TYR J 1410 11.05 -63.71 -92.48
CA TYR J 1410 12.51 -63.56 -92.48
C TYR J 1410 13.17 -64.13 -91.22
N VAL J 1411 13.82 -65.27 -91.36
CA VAL J 1411 14.58 -65.84 -90.25
C VAL J 1411 15.98 -65.26 -90.19
N THR J 1412 16.20 -64.39 -89.21
CA THR J 1412 17.51 -63.79 -88.98
C THR J 1412 18.23 -64.51 -87.82
N SER J 1413 19.50 -64.82 -88.01
CA SER J 1413 20.21 -65.62 -87.03
C SER J 1413 21.64 -65.11 -86.77
N GLN J 1414 22.16 -65.43 -85.58
CA GLN J 1414 23.51 -65.02 -85.22
C GLN J 1414 24.32 -66.19 -84.68
N PHE J 1415 25.53 -66.32 -85.19
CA PHE J 1415 26.41 -67.39 -84.74
C PHE J 1415 27.69 -66.85 -84.12
N LEU J 1416 28.23 -67.60 -83.16
CA LEU J 1416 29.44 -67.16 -82.48
C LEU J 1416 30.61 -68.13 -82.58
N TYR J 1417 31.58 -67.77 -83.41
CA TYR J 1417 32.88 -68.43 -83.47
C TYR J 1417 33.69 -67.94 -82.28
N ARG J 1418 33.52 -68.57 -81.11
CA ARG J 1418 34.19 -68.08 -79.90
C ARG J 1418 35.73 -68.15 -79.96
N GLY J 1419 36.37 -67.03 -79.63
CA GLY J 1419 37.82 -66.91 -79.68
C GLY J 1419 38.33 -65.50 -79.91
N VAL J 1420 39.62 -65.38 -80.20
CA VAL J 1420 40.28 -64.10 -80.39
C VAL J 1420 40.53 -63.79 -81.86
N TYR J 1421 39.94 -62.72 -82.38
CA TYR J 1421 40.05 -62.39 -83.81
C TYR J 1421 40.50 -60.97 -84.12
N THR J 1422 41.56 -60.84 -84.91
CA THR J 1422 42.04 -59.54 -85.38
C THR J 1422 41.81 -59.41 -86.90
N ASP J 1423 41.11 -60.39 -87.46
CA ASP J 1423 40.85 -60.46 -88.90
C ASP J 1423 39.87 -59.39 -89.38
N TYR J 1424 40.06 -58.17 -88.90
CA TYR J 1424 39.05 -57.10 -89.03
C TYR J 1424 38.82 -56.80 -90.50
N GLU J 1425 39.70 -57.34 -91.31
CA GLU J 1425 39.58 -57.12 -92.73
C GLU J 1425 38.17 -57.44 -93.27
N ASN J 1426 37.55 -58.47 -92.71
CA ASN J 1426 36.30 -58.97 -93.25
C ASN J 1426 35.14 -58.81 -92.29
N THR J 1427 35.29 -57.92 -91.33
CA THR J 1427 34.18 -57.59 -90.45
C THR J 1427 33.38 -56.42 -91.06
N PHE J 1428 32.07 -56.39 -90.84
CA PHE J 1428 31.21 -55.41 -91.49
C PHE J 1428 29.77 -55.54 -91.02
N GLN J 1429 28.93 -54.58 -91.42
CA GLN J 1429 27.52 -54.61 -91.05
C GLN J 1429 26.62 -53.79 -91.96
N ARG J 1430 25.43 -54.32 -92.25
CA ARG J 1430 24.40 -53.60 -92.98
C ARG J 1430 23.18 -53.39 -92.08
N LYS J 1431 23.23 -52.40 -91.21
CA LYS J 1431 22.07 -52.13 -90.37
C LYS J 1431 21.03 -51.33 -91.15
N ASP J 1432 19.76 -51.54 -90.81
CA ASP J 1432 18.71 -50.67 -91.31
C ASP J 1432 18.41 -49.60 -90.28
N GLU J 1433 19.00 -48.43 -90.48
CA GLU J 1433 18.91 -47.38 -89.46
C GLU J 1433 17.49 -46.85 -89.30
N VAL J 1434 17.20 -46.43 -88.08
CA VAL J 1434 15.85 -46.09 -87.69
C VAL J 1434 15.26 -44.94 -88.49
N PRO J 1435 13.96 -45.05 -88.81
CA PRO J 1435 13.19 -43.96 -89.44
C PRO J 1435 13.25 -42.69 -88.62
N MET J 1436 13.79 -41.62 -89.19
CA MET J 1436 13.88 -40.35 -88.50
C MET J 1436 12.91 -39.32 -89.09
N GLN J 1437 12.49 -38.38 -88.24
CA GLN J 1437 11.53 -37.36 -88.64
C GLN J 1437 12.09 -35.98 -88.41
N LEU J 1438 12.60 -35.37 -89.48
CA LEU J 1438 13.23 -34.07 -89.38
C LEU J 1438 12.24 -32.99 -89.79
N HIS J 1439 11.82 -32.18 -88.83
CA HIS J 1439 10.87 -31.11 -89.12
C HIS J 1439 11.58 -29.81 -89.46
N ILE J 1440 11.32 -29.30 -90.66
CA ILE J 1440 11.93 -28.06 -91.13
C ILE J 1440 11.01 -26.86 -90.86
N ALA J 1441 11.48 -25.92 -90.05
CA ALA J 1441 10.67 -24.77 -89.63
C ALA J 1441 11.24 -23.42 -90.07
N THR J 1442 12.54 -23.23 -89.84
CA THR J 1442 13.23 -22.00 -90.25
C THR J 1442 13.90 -22.18 -91.62
N PRO J 1443 13.98 -21.09 -92.40
CA PRO J 1443 14.79 -21.24 -93.62
C PRO J 1443 16.23 -21.58 -93.25
N GLN J 1444 16.62 -21.31 -92.01
CA GLN J 1444 17.96 -21.63 -91.54
C GLN J 1444 18.05 -23.14 -91.31
N ASP J 1445 16.94 -23.72 -90.88
CA ASP J 1445 16.82 -25.17 -90.72
C ASP J 1445 17.01 -25.82 -92.08
N LEU J 1446 16.24 -25.32 -93.04
CA LEU J 1446 16.28 -25.77 -94.42
C LEU J 1446 17.70 -25.65 -94.97
N ALA J 1447 18.25 -24.44 -94.84
CA ALA J 1447 19.54 -24.11 -95.40
C ALA J 1447 20.66 -25.02 -94.89
N VAL J 1448 20.50 -25.57 -93.69
CA VAL J 1448 21.48 -26.51 -93.16
C VAL J 1448 21.23 -27.93 -93.65
N LEU J 1449 19.95 -28.27 -93.81
CA LEU J 1449 19.58 -29.57 -94.36
C LEU J 1449 20.07 -29.65 -95.80
N ARG J 1450 20.10 -28.49 -96.46
CA ARG J 1450 20.59 -28.40 -97.84
C ARG J 1450 22.10 -28.24 -97.89
N SER J 1451 22.66 -27.72 -96.81
CA SER J 1451 24.10 -27.48 -96.74
C SER J 1451 24.86 -28.79 -96.64
N LYS J 1452 24.15 -29.85 -96.27
CA LYS J 1452 24.76 -31.16 -96.15
C LYS J 1452 25.15 -31.72 -97.52
N GLU J 1453 26.37 -32.25 -97.62
CA GLU J 1453 26.85 -32.84 -98.86
C GLU J 1453 26.03 -34.08 -99.17
N TRP J 1454 25.76 -34.87 -98.14
CA TRP J 1454 25.07 -36.14 -98.29
C TRP J 1454 23.60 -35.96 -98.67
N PHE J 1455 23.12 -34.73 -98.53
CA PHE J 1455 21.74 -34.44 -98.90
C PHE J 1455 21.61 -34.03 -100.39
N LYS J 1456 20.71 -34.70 -101.10
CA LYS J 1456 20.57 -34.53 -102.54
C LYS J 1456 19.13 -34.31 -102.95
N LEU J 1457 18.79 -33.07 -103.28
CA LEU J 1457 17.43 -32.73 -103.66
C LEU J 1457 17.04 -33.30 -105.03
N ASP J 1458 15.82 -33.81 -105.12
CA ASP J 1458 15.29 -34.36 -106.36
C ASP J 1458 14.70 -33.24 -107.23
N ASP J 1459 14.56 -33.52 -108.52
CA ASP J 1459 14.02 -32.56 -109.46
C ASP J 1459 12.58 -32.92 -109.84
N GLN J 1460 11.88 -33.60 -108.93
CA GLN J 1460 10.49 -33.92 -109.14
C GLN J 1460 9.69 -32.64 -109.16
N HIS J 1461 9.71 -31.91 -108.04
CA HIS J 1461 9.18 -30.56 -108.03
C HIS J 1461 9.67 -29.74 -106.87
N ASP J 1462 9.53 -28.41 -107.03
CA ASP J 1462 9.91 -27.45 -106.02
C ASP J 1462 8.78 -27.26 -105.02
N ILE J 1463 8.54 -28.29 -104.22
CA ILE J 1463 7.61 -28.18 -103.12
C ILE J 1463 8.41 -27.66 -101.92
N GLU J 1464 8.25 -26.36 -101.63
CA GLU J 1464 9.06 -25.72 -100.60
C GLU J 1464 9.07 -26.50 -99.30
N LEU J 1465 10.20 -27.15 -99.08
CA LEU J 1465 10.44 -28.01 -97.93
C LEU J 1465 10.17 -27.26 -96.63
N LEU J 1466 10.05 -25.93 -96.75
CA LEU J 1466 9.75 -25.08 -95.61
C LEU J 1466 8.37 -25.40 -95.06
N GLY J 1467 8.28 -25.49 -93.73
CA GLY J 1467 7.00 -25.66 -93.05
C GLY J 1467 6.45 -27.08 -93.03
N GLN J 1468 7.22 -28.02 -93.57
CA GLN J 1468 6.83 -29.42 -93.59
C GLN J 1468 7.91 -30.26 -92.95
N THR J 1469 7.59 -31.53 -92.69
CA THR J 1469 8.55 -32.42 -92.08
C THR J 1469 8.98 -33.52 -93.06
N LEU J 1470 10.13 -34.13 -92.81
CA LEU J 1470 10.67 -35.15 -93.70
C LEU J 1470 10.92 -36.47 -92.97
N VAL J 1471 10.87 -37.55 -93.72
CA VAL J 1471 11.16 -38.87 -93.18
C VAL J 1471 12.45 -39.40 -93.78
N PHE J 1472 13.36 -39.83 -92.91
CA PHE J 1472 14.65 -40.32 -93.37
C PHE J 1472 14.78 -41.80 -93.07
N ARG J 1473 14.23 -42.62 -93.94
CA ARG J 1473 14.47 -44.06 -93.83
C ARG J 1473 15.77 -44.38 -94.55
N LEU J 1474 16.76 -44.80 -93.77
CA LEU J 1474 18.08 -44.94 -94.33
C LEU J 1474 18.66 -46.33 -94.11
N GLN J 1475 19.31 -46.85 -95.14
CA GLN J 1475 20.11 -48.04 -95.00
C GLN J 1475 21.57 -47.60 -94.93
N SER J 1476 22.40 -48.38 -94.26
CA SER J 1476 23.82 -48.05 -94.21
C SER J 1476 24.72 -49.26 -93.98
N LEU J 1477 25.96 -49.12 -94.43
CA LEU J 1477 26.92 -50.21 -94.44
C LEU J 1477 28.25 -49.78 -93.86
N VAL J 1478 28.73 -50.56 -92.90
CA VAL J 1478 29.92 -50.23 -92.16
C VAL J 1478 30.94 -51.36 -92.19
N ARG J 1479 32.22 -50.99 -92.24
CA ARG J 1479 33.31 -51.95 -92.12
C ARG J 1479 34.24 -51.55 -90.98
N PHE J 1480 34.40 -52.45 -90.02
CA PHE J 1480 35.19 -52.17 -88.83
C PHE J 1480 36.68 -52.31 -89.08
N LYS J 1481 37.50 -51.59 -88.30
CA LYS J 1481 38.91 -51.97 -88.20
C LYS J 1481 39.29 -52.19 -86.73
N ASN J 1482 39.26 -51.14 -85.92
CA ASN J 1482 39.34 -51.34 -84.47
C ASN J 1482 37.94 -51.66 -84.04
N LYS J 1483 37.77 -52.35 -82.93
CA LYS J 1483 36.43 -52.57 -82.42
C LYS J 1483 35.75 -51.25 -82.07
N ASN J 1484 36.56 -50.18 -82.02
CA ASN J 1484 36.06 -48.82 -81.77
C ASN J 1484 35.95 -47.98 -83.04
N VAL J 1485 36.95 -48.08 -83.91
CA VAL J 1485 37.04 -47.28 -85.13
C VAL J 1485 36.40 -47.91 -86.35
N TYR J 1486 35.53 -47.16 -87.00
CA TYR J 1486 34.90 -47.61 -88.23
C TYR J 1486 35.88 -47.42 -89.37
N SER J 1487 36.44 -48.53 -89.85
CA SER J 1487 37.32 -48.55 -91.00
C SER J 1487 36.73 -47.78 -92.22
N SER J 1488 35.42 -47.85 -92.40
CA SER J 1488 34.77 -47.19 -93.53
C SER J 1488 33.25 -47.35 -93.47
N VAL J 1489 32.54 -46.24 -93.64
CA VAL J 1489 31.09 -46.21 -93.48
C VAL J 1489 30.39 -45.52 -94.64
N GLN J 1490 29.26 -46.08 -95.05
CA GLN J 1490 28.47 -45.51 -96.13
C GLN J 1490 26.99 -45.56 -95.78
N THR J 1491 26.31 -44.45 -95.96
CA THR J 1491 24.88 -44.41 -95.70
C THR J 1491 24.11 -43.87 -96.89
N ILE J 1492 23.07 -44.59 -97.28
CA ILE J 1492 22.20 -44.16 -98.35
C ILE J 1492 20.75 -44.28 -97.90
N GLY J 1493 19.84 -43.70 -98.66
CA GLY J 1493 18.44 -43.83 -98.31
C GLY J 1493 17.55 -42.79 -98.93
N GLN J 1494 16.29 -42.85 -98.57
CA GLN J 1494 15.27 -42.06 -99.24
C GLN J 1494 14.67 -41.04 -98.28
N VAL J 1495 14.60 -39.79 -98.75
CA VAL J 1495 13.94 -38.74 -97.98
C VAL J 1495 12.51 -38.59 -98.44
N LEU J 1496 11.58 -38.95 -97.56
CA LEU J 1496 10.16 -38.94 -97.91
C LEU J 1496 9.43 -37.69 -97.46
N LEU J 1497 8.35 -37.38 -98.16
CA LEU J 1497 7.45 -36.33 -97.74
C LEU J 1497 6.02 -36.75 -97.98
N GLU J 1498 5.15 -36.46 -97.02
CA GLU J 1498 3.73 -36.73 -97.18
C GLU J 1498 3.00 -35.44 -97.50
N LEU J 1499 2.21 -35.47 -98.57
CA LEU J 1499 1.44 -34.32 -98.99
C LEU J 1499 0.18 -34.17 -98.14
N PRO J 1500 -0.58 -33.09 -98.36
CA PRO J 1500 -1.88 -32.97 -97.70
C PRO J 1500 -2.84 -34.07 -98.18
N THR J 1501 -2.46 -34.76 -99.26
CA THR J 1501 -3.26 -35.83 -99.85
C THR J 1501 -2.76 -37.23 -99.46
N LYS J 1502 -1.74 -37.29 -98.60
CA LYS J 1502 -1.13 -38.55 -98.16
C LYS J 1502 -0.25 -39.19 -99.23
N GLU J 1503 0.00 -38.44 -100.30
CA GLU J 1503 0.92 -38.84 -101.35
C GLU J 1503 2.34 -38.85 -100.80
N ILE J 1504 3.02 -39.98 -100.91
CA ILE J 1504 4.40 -40.04 -100.44
C ILE J 1504 5.38 -39.85 -101.58
N ILE J 1505 6.30 -38.89 -101.43
CA ILE J 1505 7.24 -38.55 -102.49
C ILE J 1505 8.68 -38.60 -102.02
N GLN J 1506 9.55 -39.10 -102.87
CA GLN J 1506 10.98 -39.03 -102.61
C GLN J 1506 11.46 -37.63 -102.98
N VAL J 1507 11.39 -36.72 -102.03
CA VAL J 1507 11.77 -35.32 -102.27
C VAL J 1507 13.28 -35.20 -102.45
N ALA J 1508 14.01 -36.17 -101.90
CA ALA J 1508 15.47 -36.16 -101.95
C ALA J 1508 16.02 -37.54 -101.63
N SER J 1509 17.34 -37.63 -101.56
CA SER J 1509 18.00 -38.90 -101.31
C SER J 1509 19.32 -38.69 -100.58
N VAL J 1510 19.71 -39.68 -99.77
CA VAL J 1510 20.90 -39.57 -98.94
C VAL J 1510 22.07 -40.41 -99.46
N ASP J 1511 23.26 -39.81 -99.48
CA ASP J 1511 24.48 -40.54 -99.84
C ASP J 1511 25.72 -39.98 -99.14
N TYR J 1512 26.09 -40.61 -98.02
CA TYR J 1512 27.30 -40.27 -97.29
C TYR J 1512 28.26 -41.44 -97.33
N GLU J 1513 29.54 -41.14 -97.39
CA GLU J 1513 30.57 -42.16 -97.38
C GLU J 1513 31.87 -41.60 -96.80
N ALA J 1514 32.61 -42.45 -96.12
CA ALA J 1514 33.86 -42.04 -95.48
C ALA J 1514 34.57 -43.26 -94.84
N GLY J 1515 35.87 -43.12 -94.62
CA GLY J 1515 36.63 -44.20 -94.01
C GLY J 1515 37.34 -43.64 -92.80
N GLU J 1516 37.77 -44.52 -91.91
CA GLU J 1516 38.39 -44.10 -90.66
C GLU J 1516 37.44 -43.13 -89.94
N SER J 1517 36.23 -43.61 -89.69
CA SER J 1517 35.20 -42.82 -89.03
C SER J 1517 35.02 -43.34 -87.61
N HIS J 1518 34.59 -42.47 -86.70
CA HIS J 1518 34.35 -42.85 -85.31
C HIS J 1518 32.86 -42.95 -85.02
N GLY J 1519 32.08 -42.25 -85.83
CA GLY J 1519 30.63 -42.27 -85.72
C GLY J 1519 29.95 -41.92 -87.04
N ASN J 1520 28.63 -42.02 -87.07
CA ASN J 1520 27.89 -41.75 -88.29
C ASN J 1520 27.31 -40.34 -88.32
N PRO J 1521 27.94 -39.44 -89.07
CA PRO J 1521 27.64 -37.99 -89.09
C PRO J 1521 26.24 -37.68 -89.59
N VAL J 1522 25.65 -38.63 -90.30
CA VAL J 1522 24.33 -38.45 -90.87
C VAL J 1522 23.25 -38.79 -89.86
N ILE J 1523 23.30 -40.01 -89.33
CA ILE J 1523 22.34 -40.42 -88.33
C ILE J 1523 22.38 -39.45 -87.16
N ASP J 1524 23.57 -38.95 -86.86
CA ASP J 1524 23.75 -38.01 -85.76
C ASP J 1524 22.98 -36.73 -86.02
N TYR J 1525 23.25 -36.09 -87.15
CA TYR J 1525 22.55 -34.87 -87.52
C TYR J 1525 21.05 -35.05 -87.30
N LEU J 1526 20.53 -36.17 -87.78
CA LEU J 1526 19.11 -36.47 -87.65
C LEU J 1526 18.74 -36.68 -86.19
N GLN J 1527 19.60 -37.38 -85.45
CA GLN J 1527 19.28 -37.74 -84.08
C GLN J 1527 19.11 -36.54 -83.15
N ARG J 1528 19.53 -35.36 -83.60
CA ARG J 1528 19.31 -34.13 -82.81
C ARG J 1528 18.23 -33.23 -83.39
N HIS J 1529 18.37 -32.89 -84.67
CA HIS J 1529 17.40 -31.99 -85.32
C HIS J 1529 16.08 -32.67 -85.63
N GLY J 1530 15.99 -33.96 -85.33
CA GLY J 1530 14.78 -34.71 -85.58
C GLY J 1530 14.53 -35.79 -84.54
N SER J 1531 13.49 -36.58 -84.77
CA SER J 1531 13.04 -37.58 -83.82
C SER J 1531 12.91 -38.96 -84.46
N SER J 1532 12.82 -39.99 -83.62
CA SER J 1532 12.55 -41.34 -84.10
C SER J 1532 11.07 -41.50 -84.46
N ILE J 1533 10.75 -42.56 -85.21
CA ILE J 1533 9.40 -42.77 -85.71
C ILE J 1533 9.01 -44.23 -85.73
N GLU J 1534 7.70 -44.49 -85.72
CA GLU J 1534 7.18 -45.85 -85.77
C GLU J 1534 7.91 -46.70 -84.74
N GLN J 1535 7.75 -46.36 -83.47
CA GLN J 1535 8.49 -47.06 -82.41
C GLN J 1535 7.62 -47.54 -81.22
N PRO J 1536 8.20 -48.41 -80.31
CA PRO J 1536 7.42 -49.03 -79.22
C PRO J 1536 6.84 -48.06 -78.22
N VAL J 1537 5.62 -48.35 -77.78
CA VAL J 1537 4.97 -47.61 -76.71
C VAL J 1537 4.89 -48.52 -75.48
N ASN J 1538 5.88 -48.38 -74.60
CA ASN J 1538 5.96 -49.23 -73.41
C ASN J 1538 5.09 -48.70 -72.29
N PHE J 1539 4.81 -49.55 -71.31
CA PHE J 1539 3.95 -49.16 -70.21
C PHE J 1539 4.77 -48.72 -69.00
N GLU J 1540 4.13 -47.99 -68.10
CA GLU J 1540 4.73 -47.69 -66.80
C GLU J 1540 4.81 -48.98 -66.03
N ASN J 1541 3.67 -49.66 -65.99
CA ASN J 1541 3.57 -50.93 -65.29
C ASN J 1541 3.46 -52.15 -66.20
N PRO J 1542 4.57 -52.86 -66.35
CA PRO J 1542 4.63 -54.13 -67.08
C PRO J 1542 3.60 -55.07 -66.50
N ILE J 1543 2.66 -55.47 -67.36
CA ILE J 1543 1.58 -56.37 -66.98
C ILE J 1543 2.03 -57.83 -66.98
N PRO J 1544 2.15 -58.42 -65.79
CA PRO J 1544 2.50 -59.84 -65.77
C PRO J 1544 1.47 -60.62 -66.57
N LEU J 1545 1.94 -61.51 -67.42
CA LEU J 1545 1.07 -62.37 -68.21
C LEU J 1545 1.26 -63.76 -67.66
N SER J 1546 2.53 -64.10 -67.46
CA SER J 1546 2.94 -65.39 -66.95
C SER J 1546 2.04 -65.78 -65.78
N GLY J 1547 1.78 -64.84 -64.90
CA GLY J 1547 1.18 -65.14 -63.61
C GLY J 1547 2.35 -65.24 -62.66
N LYS J 1548 2.08 -65.35 -61.37
CA LYS J 1548 3.17 -65.47 -60.40
C LYS J 1548 3.56 -66.93 -60.18
N THR J 1549 2.90 -67.81 -60.92
CA THR J 1549 3.29 -69.22 -60.97
C THR J 1549 4.22 -69.41 -62.18
N PRO J 1550 5.54 -69.32 -61.94
CA PRO J 1550 6.52 -69.33 -63.03
C PRO J 1550 6.34 -70.54 -63.96
N LEU J 1551 6.36 -70.30 -65.27
CA LEU J 1551 6.20 -71.38 -66.22
C LEU J 1551 7.47 -72.23 -66.25
N GLU J 1552 7.29 -73.55 -66.26
CA GLU J 1552 8.42 -74.47 -66.11
C GLU J 1552 8.63 -75.39 -67.31
N LEU J 1553 9.87 -75.45 -67.79
CA LEU J 1553 10.25 -76.28 -68.92
C LEU J 1553 11.46 -77.09 -68.53
N ARG J 1554 11.56 -78.32 -69.06
CA ARG J 1554 12.76 -79.13 -68.88
C ARG J 1554 13.42 -79.54 -70.19
N ALA J 1555 14.71 -79.25 -70.28
CA ALA J 1555 15.51 -79.74 -71.39
C ALA J 1555 15.42 -81.24 -71.31
N PRO J 1556 15.16 -81.88 -72.44
CA PRO J 1556 15.07 -83.34 -72.40
C PRO J 1556 16.47 -83.90 -72.40
N ALA J 1557 16.60 -85.16 -72.01
CA ALA J 1557 17.86 -85.86 -72.21
C ALA J 1557 17.82 -86.44 -73.62
N SER J 1558 18.99 -86.58 -74.23
CA SER J 1558 19.11 -87.03 -75.61
C SER J 1558 18.64 -85.97 -76.61
N ASN J 1559 19.57 -85.15 -77.04
CA ASN J 1559 19.30 -84.12 -78.03
C ASN J 1559 19.02 -84.72 -79.39
N GLU J 1560 19.36 -86.00 -79.55
CA GLU J 1560 19.14 -86.72 -80.80
C GLU J 1560 17.77 -86.36 -81.40
N ASN J 1561 16.74 -86.47 -80.57
CA ASN J 1561 15.36 -86.18 -80.97
C ASN J 1561 15.21 -84.92 -81.80
N TYR J 1562 15.79 -83.83 -81.32
CA TYR J 1562 15.75 -82.56 -82.03
C TYR J 1562 16.64 -82.65 -83.25
N ALA J 1563 17.88 -83.07 -83.04
CA ALA J 1563 18.86 -83.17 -84.12
C ALA J 1563 18.21 -83.76 -85.36
N ARG J 1564 17.46 -84.85 -85.15
CA ARG J 1564 16.77 -85.52 -86.23
C ARG J 1564 15.78 -84.60 -86.92
N VAL J 1565 14.82 -84.10 -86.18
CA VAL J 1565 13.74 -83.31 -86.76
C VAL J 1565 14.20 -81.94 -87.24
N SER J 1566 15.48 -81.63 -87.00
CA SER J 1566 15.97 -80.27 -87.23
C SER J 1566 16.92 -80.19 -88.43
N GLY J 1567 17.96 -81.03 -88.40
CA GLY J 1567 19.01 -80.98 -89.38
C GLY J 1567 20.34 -80.65 -88.74
N ASP J 1568 20.29 -80.09 -87.54
CA ASP J 1568 21.52 -79.80 -86.79
C ASP J 1568 22.01 -81.05 -86.07
N TYR J 1569 22.83 -81.84 -86.75
CA TYR J 1569 23.39 -83.03 -86.15
C TYR J 1569 24.67 -82.68 -85.42
N ASN J 1570 25.02 -81.40 -85.47
CA ASN J 1570 26.25 -80.88 -84.85
C ASN J 1570 26.63 -81.73 -83.64
N PRO J 1571 27.80 -82.38 -83.69
CA PRO J 1571 28.27 -83.32 -82.67
C PRO J 1571 28.31 -82.70 -81.27
N ILE J 1572 28.47 -81.38 -81.24
CA ILE J 1572 28.48 -80.61 -80.00
C ILE J 1572 27.33 -81.01 -79.09
N HIS J 1573 26.12 -81.04 -79.64
CA HIS J 1573 24.93 -81.29 -78.86
C HIS J 1573 24.73 -82.76 -78.49
N VAL J 1574 25.37 -83.67 -79.21
CA VAL J 1574 25.00 -85.07 -79.08
C VAL J 1574 26.11 -86.03 -78.59
N SER J 1575 27.33 -85.88 -79.09
CA SER J 1575 28.40 -86.81 -78.72
C SER J 1575 29.20 -86.31 -77.53
N ARG J 1576 29.72 -87.25 -76.74
CA ARG J 1576 30.54 -86.92 -75.57
C ARG J 1576 31.88 -86.35 -75.96
N VAL J 1577 32.53 -86.98 -76.93
CA VAL J 1577 33.90 -86.64 -77.26
C VAL J 1577 34.02 -85.40 -78.14
N PHE J 1578 33.03 -85.19 -78.99
CA PHE J 1578 33.04 -83.99 -79.82
C PHE J 1578 32.86 -82.73 -78.97
N SER J 1579 31.82 -82.72 -78.14
CA SER J 1579 31.59 -81.57 -77.26
C SER J 1579 32.76 -81.35 -76.30
N SER J 1580 33.26 -82.43 -75.69
CA SER J 1580 34.42 -82.34 -74.80
C SER J 1580 35.60 -81.64 -75.45
N TYR J 1581 35.84 -81.91 -76.72
CA TYR J 1581 36.97 -81.27 -77.41
C TYR J 1581 36.76 -79.76 -77.50
N ALA J 1582 35.50 -79.34 -77.57
CA ALA J 1582 35.17 -77.93 -77.75
C ALA J 1582 35.08 -77.15 -76.43
N ASN J 1583 35.62 -77.72 -75.36
CA ASN J 1583 35.61 -77.08 -74.04
C ASN J 1583 34.20 -76.71 -73.60
N LEU J 1584 33.25 -77.61 -73.81
CA LEU J 1584 31.88 -77.38 -73.40
C LEU J 1584 31.58 -77.95 -72.03
N PRO J 1585 30.54 -77.43 -71.38
CA PRO J 1585 29.96 -78.05 -70.19
C PRO J 1585 29.39 -79.43 -70.50
N GLY J 1586 29.35 -79.78 -71.79
CA GLY J 1586 29.01 -81.11 -72.22
C GLY J 1586 27.61 -81.31 -72.78
N THR J 1587 27.53 -81.80 -74.01
CA THR J 1587 26.25 -82.20 -74.61
C THR J 1587 25.19 -81.11 -74.43
N ILE J 1588 25.51 -79.94 -74.94
CA ILE J 1588 24.66 -78.78 -74.75
C ILE J 1588 23.34 -78.87 -75.50
N THR J 1589 22.23 -78.81 -74.76
CA THR J 1589 20.91 -78.79 -75.38
C THR J 1589 20.87 -77.79 -76.52
N HIS J 1590 20.04 -78.07 -77.53
CA HIS J 1590 20.01 -77.26 -78.75
C HIS J 1590 19.57 -75.84 -78.52
N GLY J 1591 20.38 -74.90 -78.99
CA GLY J 1591 20.02 -73.50 -78.91
C GLY J 1591 18.58 -73.27 -79.33
N MET J 1592 18.32 -73.54 -80.59
CA MET J 1592 16.99 -73.31 -81.14
C MET J 1592 15.89 -74.13 -80.49
N TYR J 1593 16.27 -75.15 -79.69
CA TYR J 1593 15.29 -76.00 -79.05
C TYR J 1593 14.69 -75.29 -77.85
N THR J 1594 15.56 -74.70 -77.03
CA THR J 1594 15.13 -73.88 -75.93
C THR J 1594 14.20 -72.83 -76.51
N SER J 1595 14.67 -72.16 -77.56
CA SER J 1595 13.90 -71.15 -78.28
C SER J 1595 12.50 -71.60 -78.65
N ALA J 1596 12.44 -72.73 -79.35
CA ALA J 1596 11.18 -73.30 -79.78
C ALA J 1596 10.27 -73.58 -78.59
N ALA J 1597 10.82 -74.22 -77.55
CA ALA J 1597 10.05 -74.64 -76.37
C ALA J 1597 9.38 -73.46 -75.65
N VAL J 1598 10.20 -72.50 -75.21
CA VAL J 1598 9.70 -71.29 -74.60
C VAL J 1598 8.73 -70.55 -75.52
N ARG J 1599 9.09 -70.47 -76.80
CA ARG J 1599 8.26 -69.78 -77.77
C ARG J 1599 6.85 -70.37 -77.89
N SER J 1600 6.71 -71.67 -77.58
CA SER J 1600 5.40 -72.32 -77.56
C SER J 1600 4.50 -71.72 -76.51
N LEU J 1601 5.08 -71.47 -75.34
CA LEU J 1601 4.35 -70.85 -74.24
C LEU J 1601 3.85 -69.50 -74.70
N VAL J 1602 4.75 -68.73 -75.31
CA VAL J 1602 4.39 -67.42 -75.86
C VAL J 1602 3.17 -67.51 -76.78
N GLU J 1603 3.03 -68.65 -77.46
CA GLU J 1603 1.86 -68.89 -78.31
C GLU J 1603 0.65 -69.19 -77.45
N THR J 1604 0.80 -70.20 -76.61
CA THR J 1604 -0.30 -70.72 -75.79
C THR J 1604 -0.78 -69.65 -74.82
N TRP J 1605 0.16 -68.84 -74.33
CA TRP J 1605 -0.10 -67.89 -73.25
C TRP J 1605 -0.42 -66.48 -73.72
N ALA J 1606 0.24 -66.03 -74.78
CA ALA J 1606 0.01 -64.69 -75.29
C ALA J 1606 -1.15 -64.65 -76.28
N ALA J 1607 -1.00 -65.39 -77.36
CA ALA J 1607 -1.97 -65.36 -78.45
C ALA J 1607 -3.18 -66.27 -78.20
N GLU J 1608 -3.08 -67.11 -77.17
CA GLU J 1608 -4.17 -68.03 -76.83
C GLU J 1608 -4.40 -69.04 -77.96
N ASN J 1609 -3.32 -69.54 -78.53
CA ASN J 1609 -3.36 -70.67 -79.48
C ASN J 1609 -3.84 -70.35 -80.90
N ASN J 1610 -3.91 -69.07 -81.26
CA ASN J 1610 -4.25 -68.67 -82.63
C ASN J 1610 -3.01 -68.11 -83.31
N ILE J 1611 -2.13 -68.99 -83.75
CA ILE J 1611 -0.75 -68.61 -84.06
C ILE J 1611 -0.57 -67.42 -84.99
N GLY J 1612 -1.59 -67.17 -85.82
CA GLY J 1612 -1.55 -66.01 -86.71
C GLY J 1612 -1.14 -64.74 -85.99
N ARG J 1613 -1.52 -64.67 -84.72
CA ARG J 1613 -1.22 -63.51 -83.89
C ARG J 1613 0.29 -63.31 -83.70
N VAL J 1614 0.98 -64.38 -83.29
CA VAL J 1614 2.43 -64.32 -83.08
C VAL J 1614 3.15 -63.97 -84.38
N ARG J 1615 3.41 -62.67 -84.56
CA ARG J 1615 3.96 -62.15 -85.80
C ARG J 1615 5.47 -61.89 -85.75
N SER J 1616 6.02 -61.93 -84.53
CA SER J 1616 7.44 -61.70 -84.33
C SER J 1616 7.91 -62.34 -83.02
N TYR J 1617 9.13 -62.87 -83.05
CA TYR J 1617 9.72 -63.54 -81.92
C TYR J 1617 11.20 -63.37 -82.10
N HIS J 1618 11.92 -63.19 -81.01
CA HIS J 1618 13.36 -63.01 -81.10
C HIS J 1618 14.04 -63.24 -79.77
N VAL J 1619 14.86 -64.27 -79.73
CA VAL J 1619 15.52 -64.63 -78.50
C VAL J 1619 17.03 -64.45 -78.65
N ASN J 1620 17.67 -64.02 -77.56
CA ASN J 1620 19.10 -64.21 -77.40
C ASN J 1620 19.35 -65.36 -76.43
N MET J 1621 20.03 -66.39 -76.90
CA MET J 1621 20.48 -67.44 -76.01
C MET J 1621 21.79 -66.96 -75.38
N VAL J 1622 21.84 -67.00 -74.06
CA VAL J 1622 22.94 -66.41 -73.34
C VAL J 1622 23.27 -67.28 -72.16
N GLY J 1623 22.61 -68.43 -72.11
CA GLY J 1623 22.89 -69.42 -71.11
C GLY J 1623 22.90 -70.77 -71.78
N MET J 1624 23.93 -71.56 -71.49
CA MET J 1624 24.01 -72.90 -72.06
C MET J 1624 23.22 -73.90 -71.22
N VAL J 1625 22.19 -74.45 -71.84
CA VAL J 1625 21.29 -75.38 -71.18
C VAL J 1625 21.75 -76.81 -71.40
N LEU J 1626 22.17 -77.49 -70.35
CA LEU J 1626 22.48 -78.91 -70.47
C LEU J 1626 21.17 -79.68 -70.55
N PRO J 1627 21.24 -81.01 -70.72
CA PRO J 1627 19.99 -81.78 -70.75
C PRO J 1627 19.44 -82.00 -69.35
N ASN J 1628 18.12 -82.04 -69.26
CA ASN J 1628 17.38 -82.27 -68.02
C ASN J 1628 17.32 -81.08 -67.07
N ASP J 1629 17.96 -79.98 -67.46
CA ASP J 1629 17.89 -78.73 -66.71
C ASP J 1629 16.44 -78.25 -66.61
N ALA J 1630 16.02 -77.90 -65.39
CA ALA J 1630 14.70 -77.30 -65.21
C ALA J 1630 14.80 -75.82 -65.56
N ILE J 1631 13.83 -75.33 -66.31
CA ILE J 1631 13.91 -73.97 -66.80
C ILE J 1631 12.65 -73.17 -66.47
N THR J 1632 12.85 -71.91 -66.07
CA THR J 1632 11.75 -71.06 -65.68
C THR J 1632 11.48 -70.01 -66.73
N VAL J 1633 10.20 -69.76 -67.01
CA VAL J 1633 9.83 -68.79 -68.02
C VAL J 1633 8.85 -67.78 -67.47
N LYS J 1634 9.18 -66.51 -67.62
CA LYS J 1634 8.28 -65.42 -67.29
C LYS J 1634 7.90 -64.63 -68.54
N LEU J 1635 6.60 -64.35 -68.66
CA LEU J 1635 6.10 -63.60 -69.81
C LEU J 1635 5.39 -62.38 -69.31
N GLU J 1636 5.65 -61.25 -69.98
CA GLU J 1636 5.22 -59.96 -69.48
C GLU J 1636 4.80 -59.05 -70.63
N HIS J 1637 3.56 -58.60 -70.57
CA HIS J 1637 3.07 -57.61 -71.53
C HIS J 1637 3.70 -56.28 -71.15
N VAL J 1638 4.62 -55.79 -71.96
CA VAL J 1638 5.38 -54.61 -71.55
C VAL J 1638 5.31 -53.45 -72.57
N GLY J 1639 4.58 -53.66 -73.65
CA GLY J 1639 4.44 -52.61 -74.67
C GLY J 1639 3.42 -52.85 -75.76
N MET J 1640 3.38 -51.93 -76.72
CA MET J 1640 2.47 -52.00 -77.85
C MET J 1640 3.17 -51.44 -79.07
N ILE J 1641 2.91 -52.02 -80.23
CA ILE J 1641 3.38 -51.46 -81.49
C ILE J 1641 2.38 -51.81 -82.58
N ALA J 1642 1.86 -50.80 -83.25
CA ALA J 1642 0.91 -51.03 -84.35
C ALA J 1642 -0.18 -52.09 -84.06
N GLY J 1643 -0.75 -52.03 -82.85
CA GLY J 1643 -1.85 -52.91 -82.49
C GLY J 1643 -1.38 -54.26 -81.98
N ARG J 1644 -0.07 -54.36 -81.73
CA ARG J 1644 0.53 -55.64 -81.31
C ARG J 1644 1.18 -55.57 -79.95
N LYS J 1645 0.76 -56.44 -79.06
CA LYS J 1645 1.35 -56.56 -77.73
C LYS J 1645 2.83 -56.92 -77.82
N ILE J 1646 3.68 -56.17 -77.13
CA ILE J 1646 5.06 -56.57 -76.99
C ILE J 1646 5.08 -57.48 -75.79
N ILE J 1647 5.83 -58.56 -75.87
CA ILE J 1647 5.86 -59.50 -74.76
C ILE J 1647 7.27 -59.92 -74.39
N LYS J 1648 7.74 -59.36 -73.28
CA LYS J 1648 9.05 -59.69 -72.76
C LYS J 1648 9.07 -61.14 -72.34
N VAL J 1649 10.09 -61.85 -72.78
CA VAL J 1649 10.23 -63.26 -72.49
C VAL J 1649 11.55 -63.52 -71.78
N ASP J 1650 11.47 -64.12 -70.59
CA ASP J 1650 12.66 -64.43 -69.81
C ASP J 1650 12.64 -65.87 -69.35
N ALA J 1651 13.73 -66.59 -69.66
CA ALA J 1651 13.86 -68.00 -69.29
C ALA J 1651 15.15 -68.20 -68.51
N ARG J 1652 15.05 -68.87 -67.38
CA ARG J 1652 16.21 -69.05 -66.50
C ARG J 1652 16.39 -70.46 -65.94
N ASN J 1653 17.64 -70.79 -65.64
CA ASN J 1653 17.98 -72.01 -64.94
C ASN J 1653 17.37 -72.04 -63.54
N LYS J 1654 16.52 -73.02 -63.27
CA LYS J 1654 15.78 -73.03 -62.01
C LYS J 1654 16.66 -73.11 -60.78
N ASP J 1655 17.93 -73.48 -60.96
CA ASP J 1655 18.86 -73.58 -59.83
C ASP J 1655 19.75 -72.36 -59.68
N THR J 1656 20.14 -71.76 -60.79
CA THR J 1656 21.10 -70.67 -60.75
C THR J 1656 20.44 -69.32 -61.00
N ASP J 1657 19.20 -69.36 -61.46
CA ASP J 1657 18.48 -68.16 -61.91
C ASP J 1657 19.23 -67.47 -63.04
N GLU J 1658 20.27 -68.13 -63.54
CA GLU J 1658 21.05 -67.61 -64.65
C GLU J 1658 20.19 -67.51 -65.89
N SER J 1659 20.38 -66.45 -66.66
CA SER J 1659 19.59 -66.20 -67.86
C SER J 1659 19.95 -67.15 -68.99
N VAL J 1660 18.95 -67.91 -69.43
CA VAL J 1660 19.08 -68.80 -70.57
C VAL J 1660 18.62 -68.07 -71.81
N LEU J 1661 17.39 -67.57 -71.74
CA LEU J 1661 16.81 -66.83 -72.83
C LEU J 1661 16.33 -65.47 -72.39
N GLN J 1662 16.44 -64.52 -73.28
CA GLN J 1662 15.92 -63.18 -73.08
C GLN J 1662 15.51 -62.65 -74.44
N GLY J 1663 14.30 -62.12 -74.54
CA GLY J 1663 13.85 -61.57 -75.79
C GLY J 1663 12.39 -61.23 -75.76
N GLU J 1664 11.94 -60.59 -76.83
CA GLU J 1664 10.58 -60.09 -76.90
C GLU J 1664 9.81 -60.69 -78.08
N ALA J 1665 8.50 -60.65 -78.00
CA ALA J 1665 7.68 -61.19 -79.06
C ALA J 1665 6.53 -60.26 -79.34
N GLU J 1666 6.40 -59.83 -80.58
CA GLU J 1666 5.26 -59.00 -81.00
C GLU J 1666 4.06 -59.89 -81.39
N VAL J 1667 2.98 -59.78 -80.61
CA VAL J 1667 1.83 -60.68 -80.73
C VAL J 1667 0.54 -59.87 -80.86
N GLU J 1668 -0.31 -60.24 -81.82
CA GLU J 1668 -1.54 -59.50 -82.08
C GLU J 1668 -2.55 -59.60 -80.96
N GLN J 1669 -3.31 -58.53 -80.80
CA GLN J 1669 -4.37 -58.49 -79.80
C GLN J 1669 -5.47 -59.46 -80.24
N PRO J 1670 -6.43 -59.81 -79.32
CA PRO J 1670 -7.66 -60.55 -79.64
C PRO J 1670 -8.50 -59.87 -80.71
N VAL J 1671 -9.56 -60.53 -81.15
CA VAL J 1671 -10.41 -60.00 -82.21
C VAL J 1671 -11.12 -58.72 -81.77
N THR J 1672 -10.87 -57.61 -82.44
CA THR J 1672 -11.47 -56.35 -82.01
C THR J 1672 -12.38 -55.69 -83.04
N ALA J 1673 -13.37 -54.98 -82.53
CA ALA J 1673 -14.32 -54.29 -83.38
C ALA J 1673 -14.61 -52.89 -82.84
N TYR J 1674 -14.25 -51.89 -83.64
CA TYR J 1674 -14.42 -50.49 -83.25
C TYR J 1674 -15.75 -49.88 -83.74
N VAL J 1675 -16.62 -49.55 -82.79
CA VAL J 1675 -17.89 -48.93 -83.13
C VAL J 1675 -18.02 -47.53 -82.53
N PHE J 1676 -18.48 -46.59 -83.35
CA PHE J 1676 -18.50 -45.18 -82.97
C PHE J 1676 -19.94 -44.70 -82.76
N THR J 1677 -20.22 -44.21 -81.55
CA THR J 1677 -21.57 -43.80 -81.17
C THR J 1677 -22.08 -42.61 -81.99
N GLY J 1678 -23.38 -42.40 -81.96
CA GLY J 1678 -24.00 -41.35 -82.77
C GLY J 1678 -24.65 -40.30 -81.91
N GLN J 1679 -25.47 -39.45 -82.53
CA GLN J 1679 -26.12 -38.37 -81.81
C GLN J 1679 -26.86 -38.85 -80.57
N GLY J 1680 -27.06 -37.96 -79.61
CA GLY J 1680 -27.76 -38.29 -78.39
C GLY J 1680 -26.86 -38.46 -77.17
N SER J 1681 -25.70 -39.08 -77.39
CA SER J 1681 -24.77 -39.33 -76.30
C SER J 1681 -23.86 -38.12 -76.05
N GLN J 1682 -24.10 -37.04 -76.79
CA GLN J 1682 -23.27 -35.85 -76.63
C GLN J 1682 -23.53 -35.22 -75.26
N GLU J 1683 -22.43 -34.89 -74.57
CA GLU J 1683 -22.46 -34.22 -73.28
C GLU J 1683 -21.50 -33.04 -73.28
N GLN J 1684 -21.79 -32.04 -72.46
CA GLN J 1684 -20.97 -30.83 -72.40
C GLN J 1684 -19.53 -31.15 -72.03
N GLY J 1685 -18.60 -30.44 -72.64
CA GLY J 1685 -17.20 -30.61 -72.34
C GLY J 1685 -16.64 -32.00 -72.61
N MET J 1686 -17.30 -32.73 -73.50
CA MET J 1686 -16.85 -34.07 -73.87
C MET J 1686 -15.41 -34.07 -74.42
N GLY J 1687 -14.62 -35.06 -74.00
CA GLY J 1687 -13.28 -35.26 -74.52
C GLY J 1687 -12.36 -34.08 -74.36
N MET J 1688 -12.73 -33.17 -73.46
CA MET J 1688 -11.92 -31.98 -73.20
C MET J 1688 -10.82 -32.28 -72.20
N ASP J 1689 -11.10 -33.17 -71.26
CA ASP J 1689 -10.09 -33.66 -70.33
C ASP J 1689 -8.95 -34.29 -71.12
N LEU J 1690 -9.32 -35.30 -71.89
CA LEU J 1690 -8.43 -35.94 -72.84
C LEU J 1690 -7.73 -34.90 -73.73
N TYR J 1691 -8.42 -33.80 -74.00
CA TYR J 1691 -7.85 -32.69 -74.76
C TYR J 1691 -6.56 -32.18 -74.14
N ALA J 1692 -6.65 -31.70 -72.91
CA ALA J 1692 -5.49 -31.13 -72.24
C ALA J 1692 -4.38 -32.16 -72.07
N THR J 1693 -4.76 -33.39 -71.75
CA THR J 1693 -3.80 -34.46 -71.44
C THR J 1693 -3.08 -35.07 -72.65
N SER J 1694 -3.71 -35.01 -73.82
CA SER J 1694 -3.13 -35.63 -75.02
C SER J 1694 -2.71 -34.61 -76.09
N PRO J 1695 -1.39 -34.41 -76.24
CA PRO J 1695 -0.84 -33.48 -77.23
C PRO J 1695 -1.39 -33.78 -78.62
N VAL J 1696 -1.75 -35.03 -78.84
CA VAL J 1696 -2.28 -35.47 -80.11
C VAL J 1696 -3.70 -34.95 -80.33
N ALA J 1697 -4.59 -35.36 -79.43
CA ALA J 1697 -5.99 -34.99 -79.51
C ALA J 1697 -6.10 -33.50 -79.41
N LYS J 1698 -5.14 -32.93 -78.68
CA LYS J 1698 -5.02 -31.49 -78.55
C LYS J 1698 -5.13 -30.90 -79.94
N GLU J 1699 -4.32 -31.43 -80.85
CA GLU J 1699 -4.15 -30.84 -82.18
C GLU J 1699 -5.29 -31.15 -83.13
N VAL J 1700 -5.87 -32.34 -82.99
CA VAL J 1700 -7.03 -32.71 -83.80
C VAL J 1700 -8.10 -31.64 -83.65
N TRP J 1701 -8.47 -31.37 -82.40
CA TRP J 1701 -9.45 -30.34 -82.09
C TRP J 1701 -9.04 -28.98 -82.66
N ASP J 1702 -7.78 -28.61 -82.43
CA ASP J 1702 -7.31 -27.30 -82.88
C ASP J 1702 -7.49 -27.12 -84.38
N ARG J 1703 -7.05 -28.10 -85.16
CA ARG J 1703 -7.12 -27.98 -86.61
C ARG J 1703 -8.56 -27.80 -87.03
N ALA J 1704 -9.45 -28.54 -86.39
CA ALA J 1704 -10.88 -28.44 -86.67
C ALA J 1704 -11.39 -27.05 -86.30
N ASP J 1705 -10.99 -26.59 -85.13
CA ASP J 1705 -11.45 -25.31 -84.62
C ASP J 1705 -10.93 -24.23 -85.54
N LYS J 1706 -9.61 -24.21 -85.70
CA LYS J 1706 -8.93 -23.31 -86.63
C LYS J 1706 -9.72 -23.18 -87.92
N HIS J 1707 -10.11 -24.31 -88.46
CA HIS J 1707 -10.94 -24.33 -89.65
C HIS J 1707 -12.25 -23.55 -89.40
N PHE J 1708 -13.12 -24.11 -88.56
CA PHE J 1708 -14.43 -23.52 -88.28
C PHE J 1708 -14.40 -22.03 -88.08
N ARG J 1709 -13.46 -21.58 -87.27
CA ARG J 1709 -13.39 -20.18 -86.94
C ARG J 1709 -13.17 -19.36 -88.20
N GLU J 1710 -12.21 -19.78 -89.01
CA GLU J 1710 -11.78 -18.97 -90.14
C GLU J 1710 -12.74 -19.02 -91.33
N ASN J 1711 -13.64 -19.99 -91.31
CA ASN J 1711 -14.53 -20.23 -92.44
C ASN J 1711 -15.96 -19.94 -92.08
N TYR J 1712 -16.42 -20.53 -90.99
CA TYR J 1712 -17.80 -20.36 -90.59
C TYR J 1712 -17.94 -19.37 -89.44
N GLY J 1713 -16.81 -18.93 -88.89
CA GLY J 1713 -16.83 -17.87 -87.90
C GLY J 1713 -17.29 -18.22 -86.50
N PHE J 1714 -17.02 -19.45 -86.07
CA PHE J 1714 -17.28 -19.86 -84.70
C PHE J 1714 -16.34 -20.99 -84.30
N SER J 1715 -16.22 -21.24 -83.00
CA SER J 1715 -15.41 -22.34 -82.49
C SER J 1715 -16.29 -23.45 -81.89
N ILE J 1716 -16.07 -24.71 -82.30
CA ILE J 1716 -16.86 -25.80 -81.76
C ILE J 1716 -16.32 -26.16 -80.40
N ILE J 1717 -15.04 -25.84 -80.18
CA ILE J 1717 -14.43 -26.08 -78.88
C ILE J 1717 -15.18 -25.28 -77.82
N ASP J 1718 -15.44 -24.01 -78.12
CA ASP J 1718 -16.28 -23.18 -77.25
C ASP J 1718 -17.64 -23.79 -77.05
N ILE J 1719 -18.37 -24.03 -78.13
CA ILE J 1719 -19.68 -24.64 -78.05
C ILE J 1719 -19.63 -25.90 -77.18
N VAL J 1720 -18.55 -26.66 -77.30
CA VAL J 1720 -18.41 -27.88 -76.52
C VAL J 1720 -18.19 -27.58 -75.04
N LYS J 1721 -17.14 -26.82 -74.75
CA LYS J 1721 -16.81 -26.48 -73.37
C LYS J 1721 -18.01 -25.88 -72.65
N ASN J 1722 -18.37 -24.66 -73.02
CA ASN J 1722 -19.56 -24.03 -72.46
C ASN J 1722 -20.67 -23.84 -73.51
N ASN J 1723 -21.70 -24.67 -73.45
CA ASN J 1723 -22.80 -24.76 -74.42
C ASN J 1723 -23.72 -23.52 -74.45
N PRO J 1724 -23.54 -22.63 -75.43
CA PRO J 1724 -24.33 -21.40 -75.51
C PRO J 1724 -25.74 -21.66 -75.99
N LYS J 1725 -26.72 -20.98 -75.42
CA LYS J 1725 -28.09 -21.17 -75.89
C LYS J 1725 -28.28 -20.39 -77.17
N GLU J 1726 -27.27 -19.59 -77.50
CA GLU J 1726 -27.23 -18.93 -78.81
C GLU J 1726 -25.83 -18.42 -79.09
N LEU J 1727 -25.58 -18.09 -80.36
CA LEU J 1727 -24.28 -17.66 -80.80
C LEU J 1727 -24.46 -16.97 -82.13
N THR J 1728 -23.66 -15.94 -82.36
CA THR J 1728 -23.79 -15.19 -83.59
C THR J 1728 -22.42 -14.92 -84.20
N VAL J 1729 -22.33 -15.13 -85.52
CA VAL J 1729 -21.10 -14.93 -86.25
C VAL J 1729 -21.14 -13.58 -86.93
N HIS J 1730 -19.97 -12.97 -87.12
CA HIS J 1730 -19.91 -11.65 -87.75
C HIS J 1730 -19.05 -11.59 -89.00
N PHE J 1731 -19.57 -10.90 -90.02
CA PHE J 1731 -18.92 -10.83 -91.32
C PHE J 1731 -18.13 -9.53 -91.49
N GLY J 1732 -17.00 -9.47 -90.79
CA GLY J 1732 -16.20 -8.26 -90.67
C GLY J 1732 -15.44 -7.86 -91.93
N GLY J 1733 -14.15 -7.58 -91.77
CA GLY J 1733 -13.34 -7.04 -92.84
C GLY J 1733 -13.01 -8.04 -93.93
N PRO J 1734 -11.79 -7.94 -94.47
CA PRO J 1734 -11.31 -8.94 -95.44
C PRO J 1734 -11.82 -10.34 -95.09
N ARG J 1735 -11.28 -10.96 -94.05
CA ARG J 1735 -11.66 -12.33 -93.72
C ARG J 1735 -13.07 -12.42 -93.17
N GLY J 1736 -13.69 -11.26 -92.93
CA GLY J 1736 -15.08 -11.24 -92.51
C GLY J 1736 -15.99 -11.58 -93.69
N LYS J 1737 -15.79 -10.88 -94.79
CA LYS J 1737 -16.62 -11.06 -95.97
C LYS J 1737 -16.48 -12.47 -96.53
N ILE J 1738 -15.24 -12.96 -96.57
CA ILE J 1738 -14.98 -14.30 -97.10
C ILE J 1738 -15.77 -15.39 -96.38
N ILE J 1739 -16.19 -15.09 -95.16
CA ILE J 1739 -16.97 -16.03 -94.37
C ILE J 1739 -18.38 -16.07 -94.87
N ARG J 1740 -19.00 -14.90 -94.98
CA ARG J 1740 -20.40 -14.84 -95.39
C ARG J 1740 -20.55 -15.45 -96.77
N GLN J 1741 -19.48 -15.42 -97.55
CA GLN J 1741 -19.49 -16.06 -98.86
C GLN J 1741 -19.89 -17.52 -98.70
N ASN J 1742 -19.30 -18.19 -97.73
CA ASN J 1742 -19.57 -19.60 -97.49
C ASN J 1742 -20.97 -19.83 -96.96
N TYR J 1743 -21.52 -18.81 -96.30
CA TYR J 1743 -22.90 -18.88 -95.81
C TYR J 1743 -23.88 -18.70 -96.96
N MET J 1744 -23.48 -17.86 -97.91
CA MET J 1744 -24.27 -17.61 -99.11
C MET J 1744 -24.20 -18.80 -100.07
N SER J 1745 -23.05 -19.45 -100.12
CA SER J 1745 -22.79 -20.56 -101.04
C SER J 1745 -23.27 -21.91 -100.48
N MET J 1746 -24.30 -21.87 -99.64
CA MET J 1746 -24.88 -23.09 -99.09
C MET J 1746 -26.11 -23.48 -99.91
N THR J 1747 -25.95 -24.54 -100.68
CA THR J 1747 -26.94 -24.92 -101.70
C THR J 1747 -27.94 -25.97 -101.21
N PHE J 1748 -29.15 -25.51 -100.89
CA PHE J 1748 -30.24 -26.38 -100.49
C PHE J 1748 -31.01 -26.83 -101.73
N GLU J 1749 -31.71 -27.96 -101.66
CA GLU J 1749 -32.43 -28.46 -102.84
C GLU J 1749 -33.75 -29.19 -102.55
N THR J 1750 -34.84 -28.58 -103.01
CA THR J 1750 -36.17 -29.16 -102.96
C THR J 1750 -36.91 -28.90 -104.28
N VAL J 1751 -37.34 -29.98 -104.92
CA VAL J 1751 -38.03 -29.90 -106.22
C VAL J 1751 -39.54 -29.74 -106.04
N ASN J 1752 -40.15 -28.97 -106.94
CA ASN J 1752 -41.60 -28.75 -106.95
C ASN J 1752 -42.36 -30.05 -107.30
N ALA J 1753 -43.66 -30.06 -106.99
CA ALA J 1753 -44.50 -31.23 -107.27
C ALA J 1753 -44.88 -31.31 -108.75
N ASP J 1754 -44.17 -30.56 -109.59
CA ASP J 1754 -44.29 -30.70 -111.04
C ASP J 1754 -42.99 -31.21 -111.70
N GLY J 1755 -41.86 -30.99 -111.04
CA GLY J 1755 -40.59 -31.54 -111.50
C GLY J 1755 -39.50 -30.55 -111.85
N SER J 1756 -39.51 -29.38 -111.20
CA SER J 1756 -38.43 -28.41 -111.37
C SER J 1756 -37.60 -28.31 -110.08
N ILE J 1757 -36.29 -28.52 -110.22
CA ILE J 1757 -35.39 -28.62 -109.07
C ILE J 1757 -35.06 -27.26 -108.44
N LYS J 1758 -35.86 -26.83 -107.46
CA LYS J 1758 -35.65 -25.55 -106.78
C LYS J 1758 -34.34 -25.60 -106.00
N THR J 1759 -33.36 -24.84 -106.48
CA THR J 1759 -32.07 -24.72 -105.80
C THR J 1759 -32.08 -23.47 -104.90
N GLU J 1760 -32.20 -23.69 -103.59
CA GLU J 1760 -32.41 -22.60 -102.62
C GLU J 1760 -31.22 -22.38 -101.69
N LYS J 1761 -31.26 -21.29 -100.94
CA LYS J 1761 -30.24 -21.02 -99.93
C LYS J 1761 -30.58 -21.73 -98.63
N ILE J 1762 -29.56 -22.16 -97.90
CA ILE J 1762 -29.76 -22.71 -96.58
C ILE J 1762 -29.87 -21.56 -95.59
N PHE J 1763 -28.98 -20.58 -95.77
CA PHE J 1763 -28.98 -19.36 -94.97
C PHE J 1763 -29.67 -18.25 -95.73
N LYS J 1764 -31.00 -18.30 -95.66
CA LYS J 1764 -31.88 -17.48 -96.48
C LYS J 1764 -31.58 -16.00 -96.36
N GLU J 1765 -31.45 -15.52 -95.13
CA GLU J 1765 -31.38 -14.10 -94.85
C GLU J 1765 -29.96 -13.54 -95.00
N VAL J 1766 -29.01 -14.40 -95.32
CA VAL J 1766 -27.62 -13.98 -95.50
C VAL J 1766 -27.36 -13.53 -96.93
N ASP J 1767 -27.17 -12.23 -97.12
CA ASP J 1767 -26.83 -11.68 -98.43
C ASP J 1767 -25.54 -10.85 -98.39
N GLU J 1768 -25.29 -10.08 -99.43
CA GLU J 1768 -24.10 -9.24 -99.49
C GLU J 1768 -24.37 -7.93 -98.78
N ASN J 1769 -25.43 -7.91 -97.99
CA ASN J 1769 -25.76 -6.78 -97.13
C ASN J 1769 -25.89 -7.22 -95.67
N SER J 1770 -25.42 -8.44 -95.39
CA SER J 1770 -25.55 -9.00 -94.06
C SER J 1770 -24.25 -8.89 -93.30
N THR J 1771 -24.34 -8.39 -92.06
CA THR J 1771 -23.18 -8.20 -91.18
C THR J 1771 -22.99 -9.36 -90.21
N SER J 1772 -24.05 -10.13 -90.00
CA SER J 1772 -24.03 -11.19 -89.00
C SER J 1772 -25.19 -12.16 -89.15
N TYR J 1773 -24.96 -13.39 -88.71
CA TYR J 1773 -26.01 -14.38 -88.65
C TYR J 1773 -26.01 -14.99 -87.26
N THR J 1774 -27.18 -15.34 -86.76
CA THR J 1774 -27.32 -15.79 -85.38
C THR J 1774 -27.93 -17.18 -85.25
N TYR J 1775 -27.15 -18.10 -84.70
CA TYR J 1775 -27.63 -19.45 -84.38
C TYR J 1775 -28.38 -19.42 -83.05
N ARG J 1776 -29.47 -20.15 -82.94
CA ARG J 1776 -30.22 -20.20 -81.69
C ARG J 1776 -30.79 -21.57 -81.41
N SER J 1777 -30.63 -22.03 -80.18
CA SER J 1777 -31.29 -23.23 -79.69
C SER J 1777 -31.80 -22.96 -78.29
N PRO J 1778 -33.01 -23.44 -77.98
CA PRO J 1778 -33.59 -23.22 -76.66
C PRO J 1778 -32.79 -23.95 -75.57
N SER J 1779 -32.06 -24.99 -75.96
CA SER J 1779 -31.40 -25.85 -74.96
C SER J 1779 -29.91 -26.03 -75.22
N GLY J 1780 -29.24 -24.99 -75.63
CA GLY J 1780 -27.82 -25.06 -75.88
C GLY J 1780 -27.52 -25.58 -77.26
N LEU J 1781 -26.64 -24.89 -77.95
CA LEU J 1781 -26.30 -25.18 -79.34
C LEU J 1781 -25.57 -26.50 -79.55
N LEU J 1782 -25.08 -27.11 -78.48
CA LEU J 1782 -24.49 -28.44 -78.56
C LEU J 1782 -25.60 -29.48 -78.56
N SER J 1783 -26.83 -29.00 -78.76
CA SER J 1783 -28.00 -29.86 -78.77
C SER J 1783 -28.63 -29.90 -80.17
N ALA J 1784 -28.41 -28.85 -80.95
CA ALA J 1784 -28.81 -28.83 -82.36
C ALA J 1784 -27.66 -29.34 -83.25
N THR J 1785 -27.99 -30.12 -84.27
CA THR J 1785 -26.99 -30.96 -84.94
C THR J 1785 -25.86 -30.29 -85.68
N GLN J 1786 -26.10 -29.14 -86.31
CA GLN J 1786 -25.02 -28.51 -87.09
C GLN J 1786 -23.76 -28.47 -86.23
N PHE J 1787 -23.97 -28.42 -84.92
CA PHE J 1787 -22.87 -28.41 -83.95
C PHE J 1787 -22.70 -29.78 -83.28
N THR J 1788 -23.80 -30.35 -82.80
CA THR J 1788 -23.83 -31.67 -82.17
C THR J 1788 -22.99 -32.70 -82.91
N GLN J 1789 -23.09 -32.65 -84.24
CA GLN J 1789 -22.45 -33.64 -85.08
C GLN J 1789 -20.94 -33.46 -85.19
N PRO J 1790 -20.49 -32.31 -85.72
CA PRO J 1790 -19.04 -32.11 -85.86
C PRO J 1790 -18.34 -32.32 -84.53
N ALA J 1791 -19.02 -31.92 -83.46
CA ALA J 1791 -18.49 -32.10 -82.12
C ALA J 1791 -18.32 -33.58 -81.77
N LEU J 1792 -19.37 -34.37 -81.95
CA LEU J 1792 -19.30 -35.79 -81.65
C LEU J 1792 -18.23 -36.48 -82.49
N THR J 1793 -18.20 -36.13 -83.77
CA THR J 1793 -17.20 -36.62 -84.70
C THR J 1793 -15.83 -36.35 -84.12
N LEU J 1794 -15.64 -35.09 -83.76
CA LEU J 1794 -14.37 -34.57 -83.29
C LEU J 1794 -13.86 -35.38 -82.11
N MET J 1795 -14.67 -35.49 -81.07
CA MET J 1795 -14.29 -36.16 -79.84
C MET J 1795 -13.84 -37.57 -80.17
N GLU J 1796 -14.55 -38.20 -81.09
CA GLU J 1796 -14.24 -39.57 -81.45
C GLU J 1796 -12.92 -39.67 -82.21
N LYS J 1797 -12.81 -38.92 -83.29
CA LYS J 1797 -11.58 -38.95 -84.07
C LYS J 1797 -10.38 -38.80 -83.14
N ALA J 1798 -10.40 -37.72 -82.36
CA ALA J 1798 -9.32 -37.43 -81.45
C ALA J 1798 -9.05 -38.62 -80.53
N SER J 1799 -10.09 -39.06 -79.81
CA SER J 1799 -9.97 -40.16 -78.86
C SER J 1799 -9.25 -41.34 -79.48
N PHE J 1800 -9.70 -41.71 -80.67
CA PHE J 1800 -9.16 -42.86 -81.38
C PHE J 1800 -7.71 -42.57 -81.76
N GLU J 1801 -7.50 -41.39 -82.32
CA GLU J 1801 -6.19 -40.99 -82.80
C GLU J 1801 -5.15 -41.03 -81.68
N ASP J 1802 -5.63 -40.95 -80.45
CA ASP J 1802 -4.77 -41.09 -79.30
C ASP J 1802 -4.40 -42.55 -79.09
N MET J 1803 -5.40 -43.43 -79.12
CA MET J 1803 -5.14 -44.85 -78.99
C MET J 1803 -4.12 -45.24 -80.03
N ARG J 1804 -4.33 -44.72 -81.24
CA ARG J 1804 -3.42 -44.94 -82.37
C ARG J 1804 -2.04 -44.48 -81.99
N SER J 1805 -1.97 -43.27 -81.46
CA SER J 1805 -0.73 -42.72 -80.92
C SER J 1805 0.04 -43.70 -80.02
N LYS J 1806 -0.67 -44.52 -79.26
CA LYS J 1806 -0.02 -45.45 -78.34
C LYS J 1806 0.02 -46.89 -78.83
N GLY J 1807 -0.35 -47.07 -80.11
CA GLY J 1807 -0.22 -48.35 -80.78
C GLY J 1807 -1.27 -49.36 -80.37
N LEU J 1808 -2.47 -48.88 -80.08
CA LEU J 1808 -3.53 -49.76 -79.62
C LEU J 1808 -4.45 -50.21 -80.76
N VAL J 1809 -4.44 -49.46 -81.85
CA VAL J 1809 -5.33 -49.75 -82.96
C VAL J 1809 -4.87 -51.00 -83.68
N GLN J 1810 -5.77 -51.98 -83.76
CA GLN J 1810 -5.49 -53.26 -84.39
C GLN J 1810 -5.64 -53.17 -85.91
N ARG J 1811 -4.70 -53.79 -86.63
CA ARG J 1811 -4.69 -53.73 -88.08
C ARG J 1811 -5.95 -54.33 -88.71
N ASP J 1812 -6.10 -55.64 -88.53
CA ASP J 1812 -7.19 -56.39 -89.13
C ASP J 1812 -8.42 -56.41 -88.24
N SER J 1813 -9.04 -55.25 -88.04
CA SER J 1813 -10.28 -55.20 -87.29
C SER J 1813 -11.32 -54.47 -88.09
N THR J 1814 -12.57 -54.58 -87.64
CA THR J 1814 -13.71 -54.00 -88.34
C THR J 1814 -14.15 -52.73 -87.65
N PHE J 1815 -14.83 -51.86 -88.37
CA PHE J 1815 -15.30 -50.62 -87.77
C PHE J 1815 -16.64 -50.17 -88.36
N ALA J 1816 -17.53 -49.69 -87.50
CA ALA J 1816 -18.85 -49.28 -87.92
C ALA J 1816 -19.31 -48.11 -87.08
N GLY J 1817 -20.17 -47.28 -87.66
CA GLY J 1817 -20.72 -46.14 -86.94
C GLY J 1817 -22.22 -46.07 -87.05
N HIS J 1818 -22.87 -45.47 -86.07
CA HIS J 1818 -24.32 -45.36 -86.03
C HIS J 1818 -24.80 -43.94 -86.36
N SER J 1819 -25.62 -43.82 -87.40
CA SER J 1819 -26.05 -42.51 -87.89
C SER J 1819 -24.83 -41.67 -88.24
N LEU J 1820 -24.59 -40.65 -87.43
CA LEU J 1820 -23.42 -39.82 -87.60
C LEU J 1820 -22.15 -40.66 -87.55
N GLY J 1821 -22.09 -41.50 -86.52
CA GLY J 1821 -20.90 -42.27 -86.17
C GLY J 1821 -20.22 -42.98 -87.32
N GLU J 1822 -20.94 -43.16 -88.41
CA GLU J 1822 -20.31 -43.79 -89.56
C GLU J 1822 -19.21 -42.88 -90.10
N TYR J 1823 -19.49 -41.59 -90.23
CA TYR J 1823 -18.52 -40.68 -90.80
C TYR J 1823 -17.25 -40.64 -89.95
N SER J 1824 -17.42 -40.51 -88.65
CA SER J 1824 -16.28 -40.49 -87.74
C SER J 1824 -15.51 -41.80 -87.83
N ALA J 1825 -16.20 -42.92 -87.66
CA ALA J 1825 -15.62 -44.25 -87.80
C ALA J 1825 -14.76 -44.36 -89.06
N LEU J 1826 -15.32 -43.89 -90.18
CA LEU J 1826 -14.62 -43.90 -91.47
C LEU J 1826 -13.27 -43.23 -91.35
N VAL J 1827 -13.31 -41.91 -91.13
CA VAL J 1827 -12.10 -41.08 -90.98
C VAL J 1827 -11.16 -41.62 -89.89
N ALA J 1828 -11.74 -42.29 -88.91
CA ALA J 1828 -11.00 -42.81 -87.78
C ALA J 1828 -9.95 -43.82 -88.22
N LEU J 1829 -10.38 -44.80 -89.02
CA LEU J 1829 -9.50 -45.90 -89.39
C LEU J 1829 -9.00 -45.82 -90.84
N ALA J 1830 -9.90 -45.43 -91.74
CA ALA J 1830 -9.51 -45.11 -93.11
C ALA J 1830 -9.39 -43.59 -93.23
N ASP J 1831 -8.30 -43.11 -93.83
CA ASP J 1831 -8.14 -41.67 -93.96
C ASP J 1831 -9.00 -41.13 -95.07
N VAL J 1832 -10.29 -41.40 -94.96
CA VAL J 1832 -11.27 -41.06 -96.00
C VAL J 1832 -11.19 -39.59 -96.40
N MET J 1833 -10.68 -38.76 -95.50
CA MET J 1833 -10.60 -37.33 -95.75
C MET J 1833 -9.95 -36.60 -94.58
N PRO J 1834 -9.33 -35.43 -94.85
CA PRO J 1834 -8.79 -34.52 -93.83
C PRO J 1834 -9.87 -34.13 -92.84
N ILE J 1835 -9.46 -33.80 -91.62
CA ILE J 1835 -10.42 -33.55 -90.55
C ILE J 1835 -11.28 -32.31 -90.81
N GLU J 1836 -10.73 -31.33 -91.53
CA GLU J 1836 -11.48 -30.12 -91.87
C GLU J 1836 -12.55 -30.45 -92.89
N SER J 1837 -12.26 -31.43 -93.74
CA SER J 1837 -13.27 -31.94 -94.63
C SER J 1837 -14.36 -32.57 -93.79
N LEU J 1838 -13.98 -33.54 -92.96
CA LEU J 1838 -14.91 -34.30 -92.13
C LEU J 1838 -15.93 -33.42 -91.41
N VAL J 1839 -15.45 -32.41 -90.70
CA VAL J 1839 -16.34 -31.54 -89.94
C VAL J 1839 -17.24 -30.71 -90.86
N SER J 1840 -16.70 -30.29 -91.99
CA SER J 1840 -17.47 -29.53 -92.98
C SER J 1840 -18.59 -30.42 -93.50
N VAL J 1841 -18.18 -31.56 -94.06
CA VAL J 1841 -19.10 -32.62 -94.47
C VAL J 1841 -20.23 -32.74 -93.47
N VAL J 1842 -19.88 -33.21 -92.27
CA VAL J 1842 -20.85 -33.47 -91.20
C VAL J 1842 -21.71 -32.24 -90.86
N PHE J 1843 -21.08 -31.08 -90.76
CA PHE J 1843 -21.78 -29.82 -90.48
C PHE J 1843 -22.90 -29.58 -91.50
N TYR J 1844 -22.61 -29.92 -92.76
CA TYR J 1844 -23.57 -29.80 -93.86
C TYR J 1844 -24.69 -30.80 -93.68
N ARG J 1845 -24.32 -32.03 -93.32
CA ARG J 1845 -25.29 -33.09 -93.08
C ARG J 1845 -26.33 -32.59 -92.11
N GLY J 1846 -25.89 -32.15 -90.95
CA GLY J 1846 -26.76 -31.60 -89.93
C GLY J 1846 -27.62 -30.48 -90.46
N LEU J 1847 -27.03 -29.59 -91.26
CA LEU J 1847 -27.77 -28.48 -91.83
C LEU J 1847 -28.96 -29.00 -92.64
N THR J 1848 -28.67 -29.84 -93.63
CA THR J 1848 -29.70 -30.34 -94.53
C THR J 1848 -30.73 -31.13 -93.75
N MET J 1849 -30.26 -31.95 -92.82
CA MET J 1849 -31.16 -32.73 -91.98
C MET J 1849 -32.15 -31.86 -91.21
N GLN J 1850 -31.80 -30.61 -90.92
CA GLN J 1850 -32.70 -29.76 -90.17
C GLN J 1850 -33.65 -28.95 -91.05
N VAL J 1851 -33.18 -28.57 -92.24
CA VAL J 1851 -33.99 -27.84 -93.20
C VAL J 1851 -34.94 -28.71 -94.03
N ALA J 1852 -34.69 -30.02 -94.00
CA ALA J 1852 -35.52 -31.01 -94.71
C ALA J 1852 -37.00 -30.91 -94.33
N VAL J 1853 -37.28 -30.84 -93.02
CA VAL J 1853 -38.64 -30.74 -92.54
C VAL J 1853 -39.19 -29.31 -92.58
N GLU J 1854 -40.49 -29.21 -92.74
CA GLU J 1854 -41.15 -27.93 -92.66
C GLU J 1854 -41.70 -27.69 -91.25
N ARG J 1855 -41.44 -26.51 -90.70
CA ARG J 1855 -42.08 -26.09 -89.44
C ARG J 1855 -42.75 -24.73 -89.62
N ASP J 1856 -43.60 -24.38 -88.67
CA ASP J 1856 -44.38 -23.16 -88.77
C ASP J 1856 -43.86 -22.08 -87.83
N GLU J 1857 -44.73 -21.11 -87.54
CA GLU J 1857 -44.41 -19.93 -86.74
C GLU J 1857 -44.10 -20.24 -85.28
N GLN J 1858 -44.79 -21.23 -84.73
CA GLN J 1858 -44.59 -21.61 -83.33
C GLN J 1858 -43.29 -22.40 -83.15
N GLY J 1859 -42.62 -22.71 -84.26
CA GLY J 1859 -41.48 -23.61 -84.25
C GLY J 1859 -41.99 -25.02 -84.35
N ARG J 1860 -43.31 -25.14 -84.40
CA ARG J 1860 -44.02 -26.42 -84.51
C ARG J 1860 -43.54 -27.24 -85.72
N SER J 1861 -43.00 -28.41 -85.43
CA SER J 1861 -42.45 -29.31 -86.46
C SER J 1861 -43.53 -30.22 -87.04
N ASN J 1862 -43.27 -30.78 -88.23
CA ASN J 1862 -44.28 -31.55 -88.92
C ASN J 1862 -44.34 -33.02 -88.48
N TYR J 1863 -43.17 -33.63 -88.34
CA TYR J 1863 -43.07 -35.05 -88.00
C TYR J 1863 -42.42 -35.24 -86.63
N ALA J 1864 -42.04 -36.49 -86.34
CA ALA J 1864 -41.28 -36.85 -85.13
C ALA J 1864 -40.95 -38.34 -85.11
N MET J 1865 -39.94 -38.72 -84.34
CA MET J 1865 -39.53 -40.13 -84.26
C MET J 1865 -39.85 -40.76 -82.92
N CYS J 1866 -39.98 -42.08 -82.92
CA CYS J 1866 -40.36 -42.80 -81.71
C CYS J 1866 -39.82 -44.22 -81.73
N ALA J 1867 -39.34 -44.67 -80.58
CA ALA J 1867 -38.74 -46.00 -80.46
C ALA J 1867 -39.76 -47.02 -80.01
N VAL J 1868 -39.64 -48.25 -80.51
CA VAL J 1868 -40.61 -49.28 -80.18
C VAL J 1868 -40.00 -50.64 -79.83
N ASN J 1869 -40.41 -51.16 -78.67
CA ASN J 1869 -39.94 -52.43 -78.13
C ASN J 1869 -40.98 -53.53 -78.34
N PRO J 1870 -40.82 -54.34 -79.40
CA PRO J 1870 -41.81 -55.36 -79.76
C PRO J 1870 -42.04 -56.40 -78.66
N SER J 1871 -41.06 -56.58 -77.78
CA SER J 1871 -41.14 -57.50 -76.66
C SER J 1871 -42.27 -57.17 -75.69
N ARG J 1872 -42.48 -55.87 -75.48
CA ARG J 1872 -43.42 -55.39 -74.47
C ARG J 1872 -44.89 -55.56 -74.91
N ILE J 1873 -45.10 -55.86 -76.19
CA ILE J 1873 -46.43 -56.24 -76.68
C ILE J 1873 -46.72 -57.69 -76.31
N SER J 1874 -46.36 -58.61 -77.20
CA SER J 1874 -46.48 -60.03 -76.94
C SER J 1874 -45.15 -60.68 -77.29
N PRO J 1875 -44.65 -61.58 -76.41
CA PRO J 1875 -43.41 -62.30 -76.71
C PRO J 1875 -43.46 -63.09 -78.03
N THR J 1876 -44.61 -63.09 -78.71
CA THR J 1876 -44.75 -63.71 -80.03
C THR J 1876 -44.45 -62.69 -81.14
N PHE J 1877 -44.39 -61.42 -80.73
CA PHE J 1877 -44.21 -60.29 -81.64
C PHE J 1877 -42.79 -60.25 -82.17
N THR J 1878 -42.63 -60.39 -83.50
CA THR J 1878 -41.30 -60.48 -84.08
C THR J 1878 -40.86 -59.21 -84.80
N GLU J 1879 -39.68 -59.27 -85.43
CA GLU J 1879 -39.19 -58.17 -86.24
C GLU J 1879 -40.17 -57.90 -87.40
N GLN J 1880 -40.38 -58.93 -88.20
CA GLN J 1880 -41.31 -58.85 -89.33
C GLN J 1880 -42.71 -58.47 -88.90
N ALA J 1881 -43.02 -58.73 -87.63
CA ALA J 1881 -44.31 -58.41 -87.06
C ALA J 1881 -44.50 -56.89 -87.01
N LEU J 1882 -43.54 -56.19 -86.41
CA LEU J 1882 -43.63 -54.76 -86.31
C LEU J 1882 -43.55 -54.14 -87.71
N GLN J 1883 -42.82 -54.80 -88.60
CA GLN J 1883 -42.74 -54.36 -89.99
C GLN J 1883 -44.14 -54.39 -90.61
N TYR J 1884 -44.81 -55.52 -90.49
CA TYR J 1884 -46.14 -55.69 -91.05
C TYR J 1884 -47.09 -54.59 -90.55
N VAL J 1885 -47.09 -54.37 -89.25
CA VAL J 1885 -47.90 -53.31 -88.64
C VAL J 1885 -47.69 -51.98 -89.35
N VAL J 1886 -46.43 -51.61 -89.52
CA VAL J 1886 -46.06 -50.32 -90.10
C VAL J 1886 -46.39 -50.20 -91.60
N GLU J 1887 -45.85 -51.10 -92.42
CA GLU J 1887 -46.04 -51.07 -93.87
C GLU J 1887 -47.51 -51.03 -94.25
N ASN J 1888 -48.34 -51.67 -93.41
CA ASN J 1888 -49.80 -51.66 -93.57
C ASN J 1888 -50.41 -50.29 -93.25
N ILE J 1889 -50.05 -49.72 -92.10
CA ILE J 1889 -50.49 -48.37 -91.73
C ILE J 1889 -50.00 -47.38 -92.79
N ALA J 1890 -48.93 -47.75 -93.49
CA ALA J 1890 -48.30 -46.90 -94.50
C ALA J 1890 -49.19 -46.58 -95.70
N GLU J 1891 -49.68 -47.63 -96.36
CA GLU J 1891 -50.46 -47.46 -97.57
C GLU J 1891 -51.96 -47.51 -97.30
N VAL J 1892 -52.31 -47.63 -96.02
CA VAL J 1892 -53.71 -47.55 -95.58
C VAL J 1892 -54.07 -46.11 -95.23
N THR J 1893 -53.39 -45.55 -94.23
CA THR J 1893 -53.60 -44.16 -93.84
C THR J 1893 -52.78 -43.17 -94.69
N GLY J 1894 -52.03 -43.72 -95.64
CA GLY J 1894 -51.36 -42.91 -96.66
C GLY J 1894 -50.26 -41.97 -96.19
N TRP J 1895 -50.16 -41.78 -94.87
CA TRP J 1895 -49.16 -40.90 -94.30
C TRP J 1895 -47.74 -41.45 -94.51
N LEU J 1896 -46.77 -40.84 -93.83
CA LEU J 1896 -45.40 -41.31 -93.92
C LEU J 1896 -44.98 -41.96 -92.61
N LEU J 1897 -44.69 -43.26 -92.68
CA LEU J 1897 -44.23 -44.03 -91.53
C LEU J 1897 -43.23 -45.06 -92.04
N GLU J 1898 -42.29 -45.44 -91.19
CA GLU J 1898 -41.18 -46.29 -91.63
C GLU J 1898 -40.22 -46.61 -90.48
N ILE J 1899 -39.85 -47.89 -90.37
CA ILE J 1899 -38.86 -48.28 -89.38
C ILE J 1899 -37.51 -47.75 -89.84
N VAL J 1900 -37.03 -46.76 -89.09
CA VAL J 1900 -35.82 -46.04 -89.42
C VAL J 1900 -34.59 -46.64 -88.72
N ASN J 1901 -34.82 -47.25 -87.57
CA ASN J 1901 -33.74 -47.89 -86.82
C ASN J 1901 -33.99 -49.35 -86.47
N TYR J 1902 -33.06 -50.21 -86.88
CA TYR J 1902 -33.06 -51.60 -86.47
C TYR J 1902 -31.85 -51.82 -85.57
N ASN J 1903 -32.07 -51.69 -84.26
CA ASN J 1903 -30.98 -51.65 -83.29
C ASN J 1903 -30.72 -52.98 -82.56
N VAL J 1904 -31.72 -53.48 -81.84
CA VAL J 1904 -31.59 -54.77 -81.15
C VAL J 1904 -32.68 -55.77 -81.53
N ALA J 1905 -32.25 -57.02 -81.75
CA ALA J 1905 -33.07 -58.10 -82.29
C ALA J 1905 -34.59 -57.99 -82.05
N ASN J 1906 -35.01 -58.19 -80.81
CA ASN J 1906 -36.44 -58.12 -80.50
C ASN J 1906 -36.67 -57.09 -79.42
N MET J 1907 -35.79 -56.10 -79.40
CA MET J 1907 -35.71 -55.19 -78.28
C MET J 1907 -35.96 -53.75 -78.70
N GLN J 1908 -35.08 -53.22 -79.55
CA GLN J 1908 -35.13 -51.80 -79.85
C GLN J 1908 -35.26 -51.49 -81.33
N TYR J 1909 -36.29 -50.72 -81.66
CA TYR J 1909 -36.51 -50.26 -83.01
C TYR J 1909 -36.94 -48.82 -82.94
N VAL J 1910 -36.85 -48.12 -84.06
CA VAL J 1910 -37.27 -46.72 -84.10
C VAL J 1910 -37.97 -46.38 -85.40
N ALA J 1911 -39.13 -45.75 -85.28
CA ALA J 1911 -39.91 -45.36 -86.45
C ALA J 1911 -40.01 -43.86 -86.57
N ALA J 1912 -39.95 -43.38 -87.81
CA ALA J 1912 -40.10 -41.97 -88.08
C ALA J 1912 -41.44 -41.74 -88.77
N GLY J 1913 -41.69 -40.50 -89.18
CA GLY J 1913 -42.86 -40.20 -89.97
C GLY J 1913 -43.83 -39.21 -89.36
N ASP J 1914 -44.91 -38.97 -90.09
CA ASP J 1914 -45.97 -38.06 -89.68
C ASP J 1914 -46.32 -38.25 -88.21
N LEU J 1915 -46.73 -37.17 -87.56
CA LEU J 1915 -47.17 -37.23 -86.16
C LEU J 1915 -48.38 -38.15 -85.97
N ARG J 1916 -49.31 -38.11 -86.93
CA ARG J 1916 -50.50 -38.95 -86.88
C ARG J 1916 -50.13 -40.40 -87.18
N ALA J 1917 -49.09 -40.57 -88.01
CA ALA J 1917 -48.58 -41.88 -88.39
C ALA J 1917 -47.94 -42.58 -87.18
N LEU J 1918 -47.38 -41.78 -86.29
CA LEU J 1918 -46.82 -42.30 -85.04
C LEU J 1918 -47.92 -42.47 -83.99
N ASP J 1919 -49.05 -41.79 -84.19
CA ASP J 1919 -50.19 -41.90 -83.28
C ASP J 1919 -50.99 -43.18 -83.56
N THR J 1920 -51.15 -43.49 -84.85
CA THR J 1920 -51.90 -44.67 -85.25
C THR J 1920 -51.08 -45.95 -85.05
N LEU J 1921 -49.75 -45.83 -85.16
CA LEU J 1921 -48.87 -46.96 -84.92
C LEU J 1921 -48.69 -47.18 -83.42
N ALA J 1922 -48.84 -46.12 -82.64
CA ALA J 1922 -48.85 -46.25 -81.18
C ALA J 1922 -50.13 -46.97 -80.77
N ASN J 1923 -51.25 -46.51 -81.31
CA ASN J 1923 -52.57 -47.14 -81.09
C ASN J 1923 -52.62 -48.64 -81.37
N VAL J 1924 -52.39 -49.01 -82.62
CA VAL J 1924 -52.43 -50.41 -83.07
C VAL J 1924 -51.72 -51.39 -82.13
N LEU J 1925 -50.59 -50.95 -81.58
CA LEU J 1925 -49.76 -51.76 -80.69
C LEU J 1925 -50.30 -51.77 -79.25
N ASN J 1926 -50.89 -50.65 -78.83
CA ASN J 1926 -51.55 -50.56 -77.52
C ASN J 1926 -52.77 -51.47 -77.47
N ILE J 1927 -53.46 -51.57 -78.60
CA ILE J 1927 -54.55 -52.51 -78.79
C ILE J 1927 -54.01 -53.92 -78.64
N LEU J 1928 -53.10 -54.30 -79.53
CA LEU J 1928 -52.56 -55.66 -79.60
C LEU J 1928 -51.95 -56.17 -78.28
N LYS J 1929 -51.44 -55.27 -77.45
CA LYS J 1929 -50.86 -55.64 -76.16
C LYS J 1929 -51.93 -56.02 -75.14
N MET J 1930 -52.96 -55.18 -75.03
CA MET J 1930 -54.08 -55.46 -74.15
C MET J 1930 -55.06 -56.45 -74.79
N GLN J 1931 -54.93 -56.62 -76.10
CA GLN J 1931 -55.76 -57.55 -76.86
C GLN J 1931 -55.17 -58.96 -76.78
N LYS J 1932 -53.88 -59.04 -76.45
CA LYS J 1932 -53.20 -60.31 -76.23
C LYS J 1932 -53.23 -61.20 -77.47
N ILE J 1933 -52.31 -60.94 -78.41
CA ILE J 1933 -52.34 -61.64 -79.70
C ILE J 1933 -51.26 -62.73 -79.81
N ASP J 1934 -51.36 -63.50 -80.90
CA ASP J 1934 -50.39 -64.54 -81.23
C ASP J 1934 -50.30 -64.55 -82.75
N ILE J 1935 -49.23 -63.98 -83.29
CA ILE J 1935 -49.08 -63.82 -84.74
C ILE J 1935 -48.79 -65.15 -85.47
N GLN J 1936 -48.15 -66.08 -84.78
CA GLN J 1936 -47.82 -67.39 -85.33
C GLN J 1936 -49.06 -68.25 -85.56
N ALA J 1937 -49.88 -68.39 -84.51
CA ALA J 1937 -51.11 -69.16 -84.59
C ALA J 1937 -52.17 -68.53 -85.51
N LEU J 1938 -52.17 -67.20 -85.58
CA LEU J 1938 -53.16 -66.44 -86.36
C LEU J 1938 -52.79 -66.24 -87.84
N MET J 1939 -51.64 -66.75 -88.26
CA MET J 1939 -51.27 -66.74 -89.68
C MET J 1939 -51.52 -68.10 -90.34
N GLN J 1940 -52.00 -69.05 -89.53
CA GLN J 1940 -52.45 -70.37 -90.01
C GLN J 1940 -53.97 -70.54 -89.89
N SER J 1941 -54.54 -70.06 -88.78
CA SER J 1941 -55.99 -70.10 -88.53
C SER J 1941 -56.78 -69.09 -89.39
N MET J 1942 -56.17 -67.95 -89.68
CA MET J 1942 -56.64 -67.05 -90.73
C MET J 1942 -55.56 -67.02 -91.82
N SER J 1943 -55.95 -67.10 -93.08
CA SER J 1943 -54.96 -66.98 -94.17
C SER J 1943 -54.35 -65.58 -94.16
N LEU J 1944 -53.60 -65.24 -95.20
CA LEU J 1944 -52.86 -63.98 -95.20
C LEU J 1944 -53.73 -62.73 -95.37
N GLU J 1945 -54.68 -62.76 -96.30
CA GLU J 1945 -55.57 -61.62 -96.54
C GLU J 1945 -56.64 -61.47 -95.45
N ASP J 1946 -56.71 -62.45 -94.55
CA ASP J 1946 -57.67 -62.44 -93.43
C ASP J 1946 -57.14 -61.64 -92.25
N VAL J 1947 -55.89 -61.92 -91.88
CA VAL J 1947 -55.17 -61.12 -90.88
C VAL J 1947 -54.89 -59.72 -91.44
N ARG J 1948 -54.57 -59.67 -92.74
CA ARG J 1948 -54.34 -58.42 -93.49
C ARG J 1948 -55.53 -57.47 -93.45
N ALA J 1949 -56.69 -57.96 -93.84
CA ALA J 1949 -57.91 -57.16 -93.88
C ALA J 1949 -58.48 -56.96 -92.47
N HIS J 1950 -58.07 -57.82 -91.54
CA HIS J 1950 -58.45 -57.65 -90.14
C HIS J 1950 -57.68 -56.49 -89.50
N LEU J 1951 -56.47 -56.27 -90.00
CA LEU J 1951 -55.63 -55.16 -89.55
C LEU J 1951 -56.11 -53.82 -90.10
N VAL J 1952 -56.44 -53.80 -91.40
CA VAL J 1952 -56.95 -52.60 -92.06
C VAL J 1952 -58.21 -52.09 -91.35
N GLU J 1953 -58.88 -53.00 -90.64
CA GLU J 1953 -59.98 -52.62 -89.76
C GLU J 1953 -59.46 -51.74 -88.62
N ILE J 1954 -58.62 -52.33 -87.77
CA ILE J 1954 -58.06 -51.63 -86.63
C ILE J 1954 -57.40 -50.32 -87.02
N ILE J 1955 -56.82 -50.28 -88.23
CA ILE J 1955 -56.14 -49.07 -88.73
C ILE J 1955 -57.06 -47.87 -88.90
N GLN J 1956 -58.13 -48.01 -89.68
CA GLN J 1956 -59.08 -46.92 -89.89
C GLN J 1956 -59.72 -46.41 -88.60
N GLU J 1957 -60.06 -47.33 -87.69
CA GLU J 1957 -60.58 -46.97 -86.37
C GLU J 1957 -59.57 -46.09 -85.65
N CYS J 1958 -58.39 -46.65 -85.38
CA CYS J 1958 -57.31 -45.93 -84.71
C CYS J 1958 -56.97 -44.62 -85.41
N ARG J 1959 -56.96 -44.65 -86.75
CA ARG J 1959 -56.63 -43.52 -87.61
C ARG J 1959 -57.53 -42.31 -87.44
N LYS J 1960 -58.84 -42.53 -87.50
CA LYS J 1960 -59.81 -41.44 -87.43
C LYS J 1960 -59.90 -40.85 -86.02
N GLN J 1961 -59.59 -41.66 -85.01
CA GLN J 1961 -59.56 -41.20 -83.61
C GLN J 1961 -58.40 -40.24 -83.37
N THR J 1962 -57.35 -40.38 -84.18
CA THR J 1962 -56.21 -39.47 -84.12
C THR J 1962 -56.55 -38.14 -84.78
N GLU J 1963 -57.35 -38.17 -85.84
CA GLU J 1963 -57.78 -36.95 -86.54
C GLU J 1963 -58.84 -36.21 -85.74
N ALA J 1964 -59.22 -36.80 -84.61
CA ALA J 1964 -60.14 -36.18 -83.65
C ALA J 1964 -59.38 -35.25 -82.70
N LYS J 1965 -58.09 -35.52 -82.55
CA LYS J 1965 -57.18 -34.58 -81.91
C LYS J 1965 -56.28 -33.99 -82.99
N PRO J 1966 -56.88 -33.25 -83.94
CA PRO J 1966 -56.23 -32.89 -85.20
C PRO J 1966 -55.16 -31.84 -84.97
N GLN J 1967 -55.25 -31.16 -83.83
CA GLN J 1967 -54.33 -30.09 -83.45
C GLN J 1967 -52.90 -30.59 -83.49
N PRO J 1968 -52.14 -30.14 -84.51
CA PRO J 1968 -50.90 -30.70 -85.08
C PRO J 1968 -50.54 -32.13 -84.68
N VAL J 1969 -51.28 -32.69 -83.72
CA VAL J 1969 -51.00 -33.98 -83.08
C VAL J 1969 -50.08 -33.79 -81.85
N GLN J 1970 -50.22 -34.64 -80.86
CA GLN J 1970 -49.32 -34.62 -79.72
C GLN J 1970 -49.13 -36.01 -79.13
N LEU J 1971 -48.09 -36.69 -79.59
CA LEU J 1971 -47.83 -38.09 -79.25
C LEU J 1971 -47.40 -38.30 -77.81
N GLU J 1972 -47.75 -39.46 -77.24
CA GLU J 1972 -47.38 -39.77 -75.88
C GLU J 1972 -46.93 -41.21 -75.71
N ARG J 1973 -46.33 -41.50 -74.56
CA ARG J 1973 -45.79 -42.82 -74.25
C ARG J 1973 -46.89 -43.88 -74.28
N GLY J 1974 -46.67 -44.93 -75.07
CA GLY J 1974 -47.62 -46.03 -75.20
C GLY J 1974 -47.21 -47.23 -74.38
N PHE J 1975 -47.49 -48.43 -74.90
CA PHE J 1975 -47.12 -49.66 -74.21
C PHE J 1975 -45.65 -49.97 -74.40
N ALA J 1976 -45.21 -49.92 -75.65
CA ALA J 1976 -43.80 -50.11 -75.97
C ALA J 1976 -43.37 -48.94 -76.83
N THR J 1977 -44.36 -48.10 -77.16
CA THR J 1977 -44.14 -46.97 -78.06
C THR J 1977 -43.75 -45.68 -77.31
N ILE J 1978 -42.46 -45.52 -77.01
CA ILE J 1978 -41.97 -44.33 -76.34
C ILE J 1978 -41.28 -43.36 -77.29
N PRO J 1979 -41.90 -42.19 -77.52
CA PRO J 1979 -41.41 -41.20 -78.48
C PRO J 1979 -40.10 -40.58 -78.04
N LEU J 1980 -39.19 -40.36 -79.00
CA LEU J 1980 -37.89 -39.77 -78.73
C LEU J 1980 -37.99 -38.26 -78.70
N ARG J 1981 -37.81 -37.68 -77.52
CA ARG J 1981 -37.92 -36.24 -77.37
C ARG J 1981 -36.78 -35.49 -78.05
N GLY J 1982 -37.13 -34.58 -78.95
CA GLY J 1982 -36.15 -33.73 -79.58
C GLY J 1982 -35.79 -34.09 -81.01
N ILE J 1983 -36.78 -34.52 -81.80
CA ILE J 1983 -36.55 -34.78 -83.23
C ILE J 1983 -37.65 -34.20 -84.13
N ASP J 1984 -37.23 -33.43 -85.13
CA ASP J 1984 -38.16 -32.75 -86.00
C ASP J 1984 -38.24 -33.50 -87.31
N VAL J 1985 -37.11 -34.04 -87.71
CA VAL J 1985 -36.98 -34.55 -89.07
C VAL J 1985 -36.97 -36.07 -89.07
N PRO J 1986 -37.79 -36.66 -89.95
CA PRO J 1986 -37.77 -38.11 -90.15
C PRO J 1986 -36.58 -38.50 -91.02
N PHE J 1987 -35.39 -38.50 -90.44
CA PHE J 1987 -34.22 -38.93 -91.19
C PHE J 1987 -34.12 -40.44 -91.16
N HIS J 1988 -33.26 -41.00 -92.00
CA HIS J 1988 -33.17 -42.45 -92.22
C HIS J 1988 -34.49 -43.05 -92.70
N SER J 1989 -35.29 -42.23 -93.38
CA SER J 1989 -36.52 -42.64 -94.01
C SER J 1989 -36.44 -42.23 -95.46
N THR J 1990 -37.40 -42.67 -96.25
CA THR J 1990 -37.43 -42.32 -97.67
C THR J 1990 -37.77 -40.84 -97.90
N PHE J 1991 -37.83 -40.07 -96.82
CA PHE J 1991 -38.10 -38.65 -96.89
C PHE J 1991 -36.89 -37.89 -97.42
N LEU J 1992 -35.76 -38.10 -96.76
CA LEU J 1992 -34.53 -37.37 -97.06
C LEU J 1992 -34.03 -37.67 -98.47
N ARG J 1993 -34.73 -38.55 -99.18
CA ARG J 1993 -34.36 -38.87 -100.55
C ARG J 1993 -34.22 -37.57 -101.34
N SER J 1994 -34.96 -36.56 -100.90
CA SER J 1994 -34.93 -35.23 -101.50
C SER J 1994 -33.49 -34.75 -101.66
N GLY J 1995 -32.90 -34.33 -100.55
CA GLY J 1995 -31.57 -33.73 -100.56
C GLY J 1995 -30.40 -34.69 -100.61
N VAL J 1996 -30.66 -35.94 -100.97
CA VAL J 1996 -29.56 -36.89 -101.14
C VAL J 1996 -28.63 -36.42 -102.28
N LYS J 1997 -29.20 -35.68 -103.23
CA LYS J 1997 -28.45 -35.21 -104.40
C LYS J 1997 -27.38 -34.18 -104.03
N PRO J 1998 -27.78 -33.10 -103.35
CA PRO J 1998 -26.84 -32.04 -102.95
C PRO J 1998 -25.73 -32.57 -102.04
N PHE J 1999 -26.09 -33.42 -101.09
CA PHE J 1999 -25.11 -33.96 -100.15
C PHE J 1999 -24.06 -34.79 -100.86
N ARG J 2000 -24.46 -35.44 -101.94
CA ARG J 2000 -23.51 -36.23 -102.70
C ARG J 2000 -22.49 -35.29 -103.31
N SER J 2001 -22.97 -34.34 -104.10
CA SER J 2001 -22.09 -33.38 -104.78
C SER J 2001 -21.16 -32.67 -103.79
N PHE J 2002 -21.66 -32.49 -102.58
CA PHE J 2002 -20.86 -31.91 -101.50
C PHE J 2002 -19.78 -32.92 -101.11
N LEU J 2003 -20.19 -34.17 -100.86
CA LEU J 2003 -19.24 -35.24 -100.54
C LEU J 2003 -18.11 -35.32 -101.56
N LEU J 2004 -18.44 -35.04 -102.81
CA LEU J 2004 -17.49 -35.15 -103.91
C LEU J 2004 -16.47 -34.03 -103.87
N LYS J 2005 -16.91 -32.89 -103.33
CA LYS J 2005 -16.04 -31.77 -103.08
C LYS J 2005 -15.08 -32.09 -101.94
N LYS J 2006 -15.59 -32.71 -100.88
CA LYS J 2006 -14.79 -32.91 -99.67
C LYS J 2006 -13.93 -34.17 -99.73
N ILE J 2007 -14.39 -35.17 -100.48
CA ILE J 2007 -13.62 -36.39 -100.63
C ILE J 2007 -12.92 -36.44 -102.00
N ASN J 2008 -11.71 -36.98 -101.98
CA ASN J 2008 -10.89 -37.12 -103.17
C ASN J 2008 -10.42 -38.57 -103.28
N LYS J 2009 -10.58 -39.17 -104.48
CA LYS J 2009 -10.26 -40.59 -104.68
C LYS J 2009 -8.84 -40.90 -104.26
N THR J 2010 -7.92 -40.04 -104.69
CA THR J 2010 -6.50 -40.20 -104.44
C THR J 2010 -6.20 -40.52 -102.99
N THR J 2011 -6.95 -39.86 -102.10
CA THR J 2011 -6.78 -40.01 -100.65
C THR J 2011 -7.12 -41.42 -100.18
N ILE J 2012 -7.89 -42.15 -100.97
CA ILE J 2012 -8.46 -43.42 -100.54
C ILE J 2012 -7.60 -44.65 -100.81
N ASP J 2013 -7.24 -45.34 -99.73
CA ASP J 2013 -6.73 -46.71 -99.84
C ASP J 2013 -7.93 -47.61 -99.80
N PRO J 2014 -8.28 -48.22 -100.93
CA PRO J 2014 -9.41 -49.13 -100.87
C PRO J 2014 -9.02 -50.25 -99.91
N SER J 2015 -7.72 -50.36 -99.63
CA SER J 2015 -7.15 -51.40 -98.77
C SER J 2015 -7.55 -51.27 -97.31
N LYS J 2016 -8.02 -50.10 -96.93
CA LYS J 2016 -8.47 -49.86 -95.56
C LYS J 2016 -9.95 -50.16 -95.39
N LEU J 2017 -10.75 -49.73 -96.36
CA LEU J 2017 -12.16 -50.13 -96.41
C LEU J 2017 -12.27 -51.59 -96.80
N ILE J 2018 -11.25 -52.05 -97.54
CA ILE J 2018 -11.17 -53.38 -98.17
C ILE J 2018 -12.44 -54.21 -98.04
N GLY J 2019 -12.67 -54.74 -96.85
CA GLY J 2019 -13.84 -55.54 -96.53
C GLY J 2019 -14.03 -55.54 -95.03
N LYS J 2020 -13.49 -54.49 -94.40
CA LYS J 2020 -13.44 -54.39 -92.94
C LYS J 2020 -14.35 -53.29 -92.39
N TYR J 2021 -15.06 -52.62 -93.29
CA TYR J 2021 -15.92 -51.49 -92.94
C TYR J 2021 -17.41 -51.77 -93.17
N ILE J 2022 -18.20 -51.71 -92.11
CA ILE J 2022 -19.64 -51.95 -92.20
C ILE J 2022 -20.49 -50.67 -92.30
N PRO J 2023 -21.00 -50.36 -93.51
CA PRO J 2023 -21.90 -49.22 -93.73
C PRO J 2023 -23.21 -49.37 -92.96
N ASN J 2024 -24.17 -48.48 -93.22
CA ASN J 2024 -25.44 -48.50 -92.49
C ASN J 2024 -26.63 -48.90 -93.37
N VAL J 2025 -26.36 -49.02 -94.66
CA VAL J 2025 -27.36 -49.40 -95.62
C VAL J 2025 -27.10 -50.84 -96.05
N THR J 2026 -25.82 -51.22 -96.04
CA THR J 2026 -25.42 -52.60 -96.25
C THR J 2026 -24.96 -53.20 -94.94
N ALA J 2027 -25.78 -54.05 -94.35
CA ALA J 2027 -25.44 -54.64 -93.07
C ALA J 2027 -24.18 -55.51 -93.18
N LYS J 2028 -23.61 -55.60 -94.37
CA LYS J 2028 -22.46 -56.46 -94.59
C LYS J 2028 -21.24 -55.67 -95.06
N PRO J 2029 -20.05 -56.14 -94.66
CA PRO J 2029 -18.70 -55.64 -94.95
C PRO J 2029 -18.52 -55.01 -96.33
N PHE J 2030 -17.96 -53.81 -96.38
CA PHE J 2030 -17.67 -53.08 -97.61
C PHE J 2030 -16.84 -53.95 -98.55
N GLU J 2031 -17.41 -54.27 -99.71
CA GLU J 2031 -16.68 -55.01 -100.73
C GLU J 2031 -16.80 -54.29 -102.08
N ILE J 2032 -15.78 -54.46 -102.91
CA ILE J 2032 -15.72 -53.76 -104.19
C ILE J 2032 -16.23 -54.64 -105.32
N SER J 2033 -16.74 -55.83 -104.97
CA SER J 2033 -17.22 -56.80 -105.95
C SER J 2033 -18.42 -56.29 -106.73
N LYS J 2034 -18.53 -56.76 -107.98
CA LYS J 2034 -19.60 -56.38 -108.89
C LYS J 2034 -20.97 -56.66 -108.31
N GLU J 2035 -21.00 -57.59 -107.36
CA GLU J 2035 -22.24 -58.02 -106.73
C GLU J 2035 -22.67 -57.05 -105.65
N TYR J 2036 -21.69 -56.42 -105.01
CA TYR J 2036 -21.97 -55.44 -104.00
C TYR J 2036 -22.77 -54.28 -104.58
N PHE J 2037 -22.26 -53.73 -105.69
CA PHE J 2037 -22.85 -52.56 -106.34
C PHE J 2037 -24.30 -52.82 -106.71
N GLU J 2038 -24.65 -54.09 -106.77
CA GLU J 2038 -26.01 -54.49 -107.07
C GLU J 2038 -26.87 -54.44 -105.82
N GLU J 2039 -26.34 -55.00 -104.73
CA GLU J 2039 -27.03 -54.94 -103.44
C GLU J 2039 -27.22 -53.48 -103.05
N VAL J 2040 -26.27 -52.65 -103.44
CA VAL J 2040 -26.34 -51.22 -103.19
C VAL J 2040 -27.44 -50.61 -104.06
N HIS J 2041 -27.36 -50.88 -105.36
CA HIS J 2041 -28.30 -50.36 -106.34
C HIS J 2041 -29.72 -50.83 -106.05
N ARG J 2042 -29.85 -52.03 -105.48
CA ARG J 2042 -31.14 -52.58 -105.10
C ARG J 2042 -31.75 -51.73 -103.98
N LEU J 2043 -30.92 -51.36 -103.02
CA LEU J 2043 -31.39 -50.63 -101.83
C LEU J 2043 -31.42 -49.13 -102.07
N THR J 2044 -30.72 -48.69 -103.11
CA THR J 2044 -30.52 -47.28 -103.33
C THR J 2044 -31.08 -46.75 -104.64
N GLY J 2045 -30.60 -47.32 -105.74
CA GLY J 2045 -30.94 -46.81 -107.05
C GLY J 2045 -29.99 -45.72 -107.48
N SER J 2046 -28.70 -45.96 -107.29
CA SER J 2046 -27.66 -44.99 -107.64
C SER J 2046 -27.40 -44.96 -109.15
N PRO J 2047 -27.71 -43.81 -109.78
CA PRO J 2047 -27.44 -43.62 -111.21
C PRO J 2047 -25.94 -43.71 -111.52
N LYS J 2048 -25.12 -43.43 -110.51
CA LYS J 2048 -23.68 -43.57 -110.64
C LYS J 2048 -23.30 -45.04 -110.61
N ILE J 2049 -24.08 -45.82 -109.87
CA ILE J 2049 -23.86 -47.26 -109.75
C ILE J 2049 -24.36 -48.02 -110.98
N ALA J 2050 -25.55 -47.64 -111.46
CA ALA J 2050 -26.11 -48.23 -112.67
C ALA J 2050 -25.15 -48.05 -113.84
N ASN J 2051 -24.66 -46.82 -113.97
CA ASN J 2051 -23.68 -46.44 -114.98
C ASN J 2051 -22.35 -47.23 -114.86
N ILE J 2052 -21.99 -47.60 -113.64
CA ILE J 2052 -20.71 -48.28 -113.37
C ILE J 2052 -20.89 -49.80 -113.33
N LEU J 2053 -22.15 -50.23 -113.25
CA LEU J 2053 -22.52 -51.63 -113.35
C LEU J 2053 -22.64 -52.04 -114.81
N ALA J 2054 -23.16 -51.11 -115.62
CA ALA J 2054 -23.30 -51.31 -117.06
C ALA J 2054 -21.95 -51.41 -117.78
N ASN J 2055 -20.95 -50.73 -117.24
CA ASN J 2055 -19.60 -50.80 -117.82
C ASN J 2055 -18.75 -51.94 -117.26
N TRP J 2056 -19.33 -52.73 -116.36
CA TRP J 2056 -18.55 -53.57 -115.44
C TRP J 2056 -17.31 -54.25 -116.04
N ASP J 2057 -17.43 -54.64 -117.32
CA ASP J 2057 -16.32 -55.28 -118.02
C ASP J 2057 -15.14 -54.33 -118.13
N LYS J 2058 -15.44 -53.07 -118.47
CA LYS J 2058 -14.47 -51.99 -118.49
C LYS J 2058 -13.51 -52.02 -117.28
N TYR J 2059 -13.96 -52.60 -116.16
CA TYR J 2059 -13.19 -52.62 -114.91
C TYR J 2059 -12.33 -53.88 -114.69
N GLU J 2060 -12.57 -54.90 -115.53
CA GLU J 2060 -11.68 -56.06 -115.65
C GLU J 2060 -11.31 -56.67 -114.30
N GLN K 1 29.04 -129.26 -13.59
CA GLN K 1 28.69 -129.94 -14.84
C GLN K 1 27.77 -129.11 -15.73
N SER K 2 26.48 -129.49 -15.76
CA SER K 2 25.47 -128.75 -16.50
C SER K 2 25.05 -127.55 -15.65
N LEU K 3 25.81 -126.47 -15.77
CA LEU K 3 25.65 -125.34 -14.87
C LEU K 3 25.59 -123.97 -15.59
N ARG K 4 24.69 -123.12 -15.10
CA ARG K 4 24.44 -121.80 -15.68
C ARG K 4 24.22 -120.78 -14.57
N PRO K 5 25.14 -119.81 -14.45
CA PRO K 5 25.07 -118.73 -13.46
C PRO K 5 23.77 -117.90 -13.53
N LEU K 6 23.13 -117.72 -12.37
CA LEU K 6 21.93 -116.87 -12.25
C LEU K 6 22.05 -115.84 -11.10
N VAL K 7 21.78 -114.58 -11.42
CA VAL K 7 21.91 -113.50 -10.45
C VAL K 7 20.53 -112.98 -9.98
N LEU K 8 20.43 -112.58 -8.72
CA LEU K 8 19.23 -111.90 -8.21
C LEU K 8 19.58 -110.50 -7.71
N THR K 9 19.30 -109.47 -8.53
CA THR K 9 19.73 -108.10 -8.20
C THR K 9 18.61 -107.14 -7.79
N HIS K 10 18.85 -106.43 -6.68
CA HIS K 10 17.95 -105.39 -6.19
C HIS K 10 18.80 -104.43 -5.35
N GLY K 11 18.81 -103.15 -5.73
CA GLY K 11 19.60 -102.15 -5.04
C GLY K 11 21.03 -102.59 -4.76
N SER K 12 21.35 -102.73 -3.47
CA SER K 12 22.70 -103.02 -2.99
C SER K 12 22.97 -104.52 -2.82
N LEU K 13 21.91 -105.32 -2.95
CA LEU K 13 22.00 -106.76 -2.66
C LEU K 13 21.78 -107.60 -3.91
N GLU K 14 22.71 -108.53 -4.16
CA GLU K 14 22.50 -109.55 -5.19
C GLU K 14 22.95 -110.94 -4.76
N PHE K 15 22.39 -111.96 -5.41
CA PHE K 15 22.65 -113.35 -5.09
C PHE K 15 23.10 -114.18 -6.30
N SER K 16 24.02 -115.11 -6.07
CA SER K 16 24.58 -115.93 -7.15
C SER K 16 24.02 -117.36 -7.08
N PHE K 17 23.63 -117.87 -8.25
CA PHE K 17 22.94 -119.15 -8.34
C PHE K 17 23.56 -120.02 -9.43
N LEU K 18 23.51 -121.34 -9.26
CA LEU K 18 24.06 -122.26 -10.25
C LEU K 18 23.00 -123.26 -10.76
N VAL K 19 22.43 -122.98 -11.93
CA VAL K 19 21.32 -123.76 -12.48
C VAL K 19 21.81 -124.88 -13.40
N PRO K 20 21.07 -126.01 -13.46
CA PRO K 20 21.28 -126.90 -14.60
C PRO K 20 21.01 -126.13 -15.91
N THR K 21 21.73 -126.48 -16.98
CA THR K 21 21.62 -125.79 -18.27
C THR K 21 20.20 -125.78 -18.84
N SER K 22 19.53 -126.92 -18.71
CA SER K 22 18.13 -127.07 -19.10
C SER K 22 17.19 -126.10 -18.34
N LEU K 23 17.39 -126.01 -17.03
CA LEU K 23 16.50 -125.25 -16.13
C LEU K 23 16.88 -123.78 -15.97
N HIS K 24 17.88 -123.33 -16.73
CA HIS K 24 18.37 -121.95 -16.59
C HIS K 24 17.41 -120.89 -17.13
N PHE K 25 16.63 -121.20 -18.17
CA PHE K 25 15.69 -120.21 -18.69
C PHE K 25 14.33 -120.23 -17.97
N GLN K 26 13.98 -121.37 -17.38
CA GLN K 26 12.79 -121.43 -16.52
C GLN K 26 12.97 -120.52 -15.30
N ALA K 27 14.19 -120.51 -14.75
CA ALA K 27 14.52 -119.68 -13.59
C ALA K 27 14.87 -118.24 -13.97
N ALA K 28 15.18 -118.02 -15.26
CA ALA K 28 15.37 -116.68 -15.81
C ALA K 28 14.02 -115.96 -15.87
N GLN K 29 12.97 -116.69 -16.29
CA GLN K 29 11.60 -116.16 -16.36
C GLN K 29 11.05 -115.64 -15.05
N LEU K 30 11.19 -116.45 -13.99
CA LEU K 30 10.78 -116.07 -12.65
C LEU K 30 11.60 -114.87 -12.17
N LYS K 31 12.92 -114.99 -12.20
CA LYS K 31 13.82 -113.88 -11.87
C LYS K 31 13.40 -112.56 -12.54
N ASP K 32 12.95 -112.64 -13.79
CA ASP K 32 12.61 -111.45 -14.61
C ASP K 32 11.34 -110.72 -14.15
N SER K 33 10.20 -111.41 -14.25
CA SER K 33 8.92 -110.84 -13.82
C SER K 33 8.83 -110.70 -12.29
N PHE K 34 9.80 -111.28 -11.57
CA PHE K 34 9.92 -111.14 -10.11
C PHE K 34 10.59 -109.83 -9.70
N LEU K 35 11.53 -109.37 -10.52
CA LEU K 35 12.20 -108.08 -10.28
C LEU K 35 11.30 -106.92 -10.73
N ALA K 36 10.21 -107.27 -11.42
CA ALA K 36 9.15 -106.34 -11.74
C ALA K 36 8.14 -106.29 -10.58
N THR K 37 8.04 -107.39 -9.83
CA THR K 37 7.24 -107.48 -8.60
C THR K 37 7.79 -106.52 -7.55
N LEU K 38 9.11 -106.38 -7.53
CA LEU K 38 9.80 -105.45 -6.65
C LEU K 38 9.62 -104.01 -7.13
N PRO K 39 9.57 -103.06 -6.18
CA PRO K 39 9.27 -101.68 -6.52
C PRO K 39 10.51 -101.01 -7.08
N GLN K 40 10.54 -99.68 -6.99
CA GLN K 40 11.74 -98.95 -7.35
C GLN K 40 12.76 -99.09 -6.22
N PRO K 41 13.88 -99.78 -6.53
CA PRO K 41 14.95 -100.13 -5.57
C PRO K 41 15.47 -98.92 -4.78
N THR K 42 15.52 -99.06 -3.46
CA THR K 42 16.22 -98.11 -2.61
C THR K 42 17.65 -98.64 -2.41
N GLU K 43 18.64 -97.74 -2.42
CA GLU K 43 20.00 -98.16 -2.19
C GLU K 43 20.25 -98.23 -0.68
N GLU K 44 19.17 -98.11 0.08
CA GLU K 44 19.20 -98.28 1.53
C GLU K 44 18.38 -99.50 1.91
N LEU K 45 18.01 -99.58 3.18
CA LEU K 45 17.41 -100.79 3.73
C LEU K 45 16.09 -100.52 4.46
N ALA K 46 15.25 -99.65 3.90
CA ALA K 46 14.11 -99.12 4.64
C ALA K 46 12.73 -99.19 3.96
N GLN K 47 12.69 -99.32 2.64
CA GLN K 47 11.41 -99.32 1.94
C GLN K 47 10.51 -100.40 2.55
N ASP K 48 9.36 -99.98 3.08
CA ASP K 48 8.48 -100.90 3.81
C ASP K 48 7.77 -101.91 2.91
N ASP K 49 7.75 -103.16 3.39
CA ASP K 49 7.22 -104.30 2.63
C ASP K 49 8.11 -104.60 1.41
N GLU K 50 9.42 -104.38 1.55
CA GLU K 50 10.39 -104.68 0.50
C GLU K 50 11.76 -105.11 1.09
N PRO K 51 12.61 -105.80 0.28
CA PRO K 51 13.78 -106.49 0.83
C PRO K 51 14.78 -105.60 1.55
N SER K 52 15.21 -106.04 2.74
CA SER K 52 16.27 -105.36 3.47
C SER K 52 17.62 -106.02 3.18
N SER K 53 17.64 -107.35 3.20
CA SER K 53 18.89 -108.10 3.02
C SER K 53 18.82 -109.08 1.83
N VAL K 54 19.81 -109.98 1.77
CA VAL K 54 19.86 -111.01 0.74
C VAL K 54 19.11 -112.31 1.15
N VAL K 55 18.83 -112.45 2.46
CA VAL K 55 18.01 -113.55 2.99
C VAL K 55 16.54 -113.38 2.58
N GLU K 56 16.19 -112.11 2.31
CA GLU K 56 14.86 -111.73 1.86
C GLU K 56 14.74 -111.79 0.34
N LEU K 57 15.87 -111.65 -0.37
CA LEU K 57 15.90 -111.81 -1.83
C LEU K 57 15.48 -113.22 -2.23
N VAL K 58 16.04 -114.19 -1.51
CA VAL K 58 15.72 -115.60 -1.72
C VAL K 58 14.32 -115.96 -1.20
N ALA K 59 14.04 -115.55 0.04
CA ALA K 59 12.72 -115.73 0.66
C ALA K 59 11.59 -115.21 -0.25
N ARG K 60 11.68 -113.95 -0.65
CA ARG K 60 10.69 -113.33 -1.54
C ARG K 60 10.61 -114.01 -2.92
N TYR K 61 11.73 -114.57 -3.36
CA TYR K 61 11.78 -115.27 -4.64
C TYR K 61 11.13 -116.67 -4.55
N ILE K 62 11.46 -117.41 -3.48
CA ILE K 62 10.91 -118.77 -3.22
C ILE K 62 9.39 -118.82 -3.23
N ALA K 63 8.77 -117.79 -2.64
CA ALA K 63 7.32 -117.68 -2.59
C ALA K 63 6.75 -117.24 -3.94
N PHE K 64 7.49 -116.37 -4.64
CA PHE K 64 7.10 -115.90 -5.97
C PHE K 64 6.88 -117.08 -6.92
N VAL K 65 7.80 -118.04 -6.86
CA VAL K 65 7.74 -119.24 -7.70
C VAL K 65 6.65 -120.22 -7.26
N ALA K 66 6.60 -120.52 -5.96
CA ALA K 66 5.65 -121.49 -5.38
C ALA K 66 4.18 -121.14 -5.63
N HIS K 67 3.94 -119.86 -5.93
CA HIS K 67 2.62 -119.37 -6.33
C HIS K 67 2.22 -119.89 -7.72
N GLU K 68 3.18 -119.98 -8.64
CA GLU K 68 2.92 -120.39 -10.02
C GLU K 68 3.08 -121.90 -10.24
N VAL K 69 3.69 -122.54 -9.25
CA VAL K 69 3.74 -124.00 -9.19
C VAL K 69 2.35 -124.52 -8.84
N ASP K 70 1.96 -124.28 -7.59
CA ASP K 70 0.71 -124.77 -7.04
C ASP K 70 -0.52 -124.22 -7.79
N GLU K 71 -0.48 -122.95 -8.16
CA GLU K 71 -1.63 -122.29 -8.79
C GLU K 71 -1.39 -122.03 -10.27
N GLY K 72 -2.48 -121.92 -11.03
CA GLY K 72 -2.42 -121.50 -12.41
C GLY K 72 -1.64 -122.40 -13.36
N ASP K 73 -0.61 -121.81 -13.98
CA ASP K 73 0.04 -122.37 -15.18
C ASP K 73 0.40 -123.86 -15.17
N GLU K 74 -0.27 -124.60 -16.07
CA GLU K 74 -0.11 -126.05 -16.20
C GLU K 74 0.83 -126.42 -17.35
N ASP K 75 1.26 -125.41 -18.09
CA ASP K 75 2.17 -125.62 -19.22
C ASP K 75 3.55 -126.02 -18.74
N ALA K 76 3.96 -125.45 -17.61
CA ALA K 76 5.28 -125.70 -17.06
C ALA K 76 5.20 -126.37 -15.69
N HIS K 77 4.68 -127.59 -15.64
CA HIS K 77 4.54 -128.32 -14.38
C HIS K 77 5.87 -128.85 -13.79
N PRO K 78 6.63 -129.62 -14.60
CA PRO K 78 7.90 -130.20 -14.13
C PRO K 78 8.99 -129.13 -13.90
N THR K 79 8.98 -128.09 -14.74
CA THR K 79 9.98 -127.02 -14.72
C THR K 79 9.90 -126.15 -13.45
N ASN K 80 8.66 -125.87 -13.01
CA ASN K 80 8.41 -125.17 -11.76
C ASN K 80 9.01 -125.94 -10.58
N LEU K 81 8.76 -127.25 -10.57
CA LEU K 81 9.23 -128.14 -9.50
C LEU K 81 10.75 -128.20 -9.37
N GLU K 82 11.43 -128.20 -10.52
CA GLU K 82 12.90 -128.21 -10.58
C GLU K 82 13.49 -126.88 -10.10
N VAL K 83 12.98 -125.79 -10.67
CA VAL K 83 13.30 -124.45 -10.20
C VAL K 83 13.15 -124.31 -8.67
N LEU K 84 12.03 -124.82 -8.14
CA LEU K 84 11.77 -124.82 -6.69
C LEU K 84 12.83 -125.59 -5.92
N LYS K 85 12.97 -126.88 -6.22
CA LYS K 85 13.90 -127.74 -5.50
C LYS K 85 15.32 -127.18 -5.39
N LEU K 86 15.76 -126.47 -6.45
CA LEU K 86 17.09 -125.86 -6.47
C LEU K 86 17.22 -124.66 -5.50
N ILE K 87 16.23 -123.78 -5.54
CA ILE K 87 16.20 -122.62 -4.63
C ILE K 87 16.09 -123.07 -3.16
N LEU K 88 15.26 -124.09 -2.93
CA LEU K 88 15.08 -124.68 -1.60
C LEU K 88 16.38 -125.32 -1.11
N ASN K 89 17.17 -125.80 -2.06
CA ASN K 89 18.49 -126.35 -1.76
C ASN K 89 19.50 -125.26 -1.45
N GLU K 90 19.65 -124.30 -2.37
CA GLU K 90 20.53 -123.15 -2.19
C GLU K 90 20.24 -122.41 -0.89
N PHE K 91 18.99 -122.51 -0.45
CA PHE K 91 18.52 -121.83 0.76
C PHE K 91 18.92 -122.58 2.01
N GLU K 92 18.43 -123.81 2.15
CA GLU K 92 18.78 -124.63 3.31
C GLU K 92 20.30 -124.80 3.39
N ARG K 93 20.92 -124.73 2.22
CA ARG K 93 22.37 -124.73 2.05
C ARG K 93 23.01 -123.57 2.79
N ALA K 94 22.99 -122.41 2.14
CA ALA K 94 23.68 -121.22 2.62
C ALA K 94 22.99 -120.58 3.84
N PHE K 95 21.73 -120.19 3.64
CA PHE K 95 21.00 -119.33 4.56
C PHE K 95 20.51 -120.00 5.84
N MET K 96 20.01 -121.22 5.72
CA MET K 96 19.43 -121.93 6.85
C MET K 96 20.47 -122.72 7.65
N ARG K 97 21.43 -123.32 6.92
CA ARG K 97 22.54 -124.05 7.55
C ARG K 97 22.05 -125.20 8.41
N GLY K 98 20.99 -125.88 7.95
CA GLY K 98 20.40 -126.98 8.69
C GLY K 98 19.72 -126.58 10.01
N ASN K 99 19.42 -125.29 10.18
CA ASN K 99 18.64 -124.80 11.31
C ASN K 99 17.24 -124.41 10.87
N ASP K 100 16.37 -124.15 11.84
CA ASP K 100 14.98 -123.85 11.52
C ASP K 100 14.84 -122.47 10.86
N VAL K 101 13.79 -122.31 10.05
CA VAL K 101 13.53 -121.04 9.35
C VAL K 101 13.28 -119.89 10.32
N HIS K 102 12.70 -120.22 11.48
CA HIS K 102 12.35 -119.22 12.50
C HIS K 102 13.57 -118.55 13.15
N ALA K 103 14.47 -119.34 13.70
CA ALA K 103 15.68 -118.79 14.30
C ALA K 103 16.59 -118.07 13.28
N ILE K 104 16.43 -118.38 11.99
CA ILE K 104 17.18 -117.70 10.91
C ILE K 104 16.46 -116.43 10.41
N ALA K 105 15.13 -116.50 10.34
CA ALA K 105 14.30 -115.34 10.02
C ALA K 105 14.33 -114.33 11.18
N ALA K 106 14.60 -114.82 12.39
CA ALA K 106 14.68 -113.99 13.60
C ALA K 106 15.89 -113.02 13.57
N ASN K 107 16.74 -113.18 12.56
CA ASN K 107 17.99 -112.42 12.48
C ASN K 107 18.01 -111.42 11.35
N VAL K 108 16.84 -111.10 10.80
CA VAL K 108 16.78 -110.15 9.68
C VAL K 108 16.25 -108.77 10.14
N ALA K 109 16.05 -107.87 9.18
CA ALA K 109 15.61 -106.48 9.43
C ALA K 109 14.74 -106.32 10.68
N GLY K 110 15.04 -105.30 11.48
CA GLY K 110 14.33 -105.06 12.74
C GLY K 110 12.82 -104.95 12.63
N ILE K 111 12.32 -104.80 11.40
CA ILE K 111 10.89 -104.73 11.12
C ILE K 111 10.21 -106.08 11.34
N THR K 112 9.39 -106.15 12.39
CA THR K 112 8.74 -107.40 12.79
C THR K 112 8.00 -108.12 11.64
N ALA K 113 7.34 -107.35 10.77
CA ALA K 113 6.56 -107.92 9.67
C ALA K 113 7.42 -108.77 8.71
N LYS K 114 8.61 -108.27 8.39
CA LYS K 114 9.49 -108.92 7.42
C LYS K 114 10.03 -110.30 7.85
N LYS K 115 10.27 -110.47 9.16
CA LYS K 115 10.76 -111.73 9.73
C LYS K 115 9.75 -112.87 9.56
N ILE K 116 8.47 -112.52 9.67
CA ILE K 116 7.40 -113.46 9.37
C ILE K 116 7.33 -113.75 7.87
N GLY K 117 7.59 -112.73 7.05
CA GLY K 117 7.61 -112.84 5.61
C GLY K 117 8.57 -113.89 5.08
N VAL K 118 9.73 -113.99 5.71
CA VAL K 118 10.70 -115.01 5.33
C VAL K 118 10.18 -116.43 5.65
N VAL K 119 9.57 -116.59 6.82
CA VAL K 119 9.07 -117.89 7.29
C VAL K 119 7.95 -118.47 6.43
N ARG K 120 7.04 -117.62 5.95
CA ARG K 120 5.92 -118.08 5.13
C ARG K 120 6.33 -118.32 3.66
N ALA K 121 7.46 -117.74 3.26
CA ALA K 121 7.99 -117.90 1.91
C ALA K 121 8.66 -119.25 1.75
N TYR K 122 9.26 -119.72 2.85
CA TYR K 122 9.90 -121.03 2.91
C TYR K 122 8.90 -122.20 2.97
N TYR K 123 7.96 -122.16 3.92
CA TYR K 123 6.94 -123.19 4.04
C TYR K 123 5.93 -123.15 2.89
N ALA K 124 6.16 -122.21 1.97
CA ALA K 124 5.41 -122.07 0.72
C ALA K 124 6.05 -122.90 -0.39
N GLY K 125 7.38 -122.90 -0.45
CA GLY K 125 8.11 -123.72 -1.39
C GLY K 125 8.41 -125.10 -0.79
N ARG K 126 8.24 -125.21 0.53
CA ARG K 126 8.40 -126.47 1.27
C ARG K 126 7.24 -127.39 0.94
N ALA K 127 6.04 -126.84 0.89
CA ALA K 127 4.85 -127.62 0.61
C ALA K 127 4.60 -127.76 -0.91
N ALA K 128 5.03 -126.75 -1.67
CA ALA K 128 4.85 -126.73 -3.14
C ALA K 128 5.89 -127.60 -3.86
N ALA K 129 6.83 -128.14 -3.11
CA ALA K 129 7.72 -129.18 -3.62
C ALA K 129 7.48 -130.49 -2.86
N GLY K 130 6.44 -130.49 -2.02
CA GLY K 130 5.98 -131.67 -1.29
C GLY K 130 6.86 -132.12 -0.13
N ARG K 131 7.89 -131.35 0.17
CA ARG K 131 8.83 -131.68 1.24
C ARG K 131 8.18 -131.53 2.61
N ALA K 132 8.07 -132.65 3.34
CA ALA K 132 7.54 -132.62 4.69
C ALA K 132 8.61 -132.09 5.65
N PRO K 133 8.17 -131.52 6.78
CA PRO K 133 9.12 -131.18 7.85
C PRO K 133 9.77 -132.44 8.44
N LYS K 134 11.10 -132.39 8.56
CA LYS K 134 11.86 -133.50 9.15
C LYS K 134 11.77 -133.41 10.68
N PRO K 135 11.45 -134.54 11.33
CA PRO K 135 11.26 -134.68 12.79
C PRO K 135 12.48 -134.38 13.65
N TYR K 136 12.85 -133.10 13.79
CA TYR K 136 13.81 -132.68 14.79
C TYR K 136 13.07 -132.12 15.99
N ASP K 137 13.65 -132.25 17.17
CA ASP K 137 13.23 -131.42 18.29
C ASP K 137 14.22 -130.25 18.38
N SER K 138 13.87 -129.24 19.19
CA SER K 138 14.75 -128.08 19.36
C SER K 138 15.74 -128.29 20.50
N ALA K 139 16.76 -127.43 20.56
CA ALA K 139 17.69 -127.44 21.68
C ALA K 139 16.90 -127.44 22.98
N LEU K 140 15.74 -126.78 22.95
CA LEU K 140 14.84 -126.67 24.10
C LEU K 140 14.35 -128.05 24.57
N PHE K 141 13.73 -128.78 23.65
CA PHE K 141 13.09 -130.08 23.91
C PHE K 141 14.09 -131.21 24.13
N ARG K 142 15.30 -131.08 23.56
CA ARG K 142 16.38 -131.98 23.87
C ARG K 142 16.67 -131.88 25.35
N ALA K 143 17.12 -130.69 25.77
CA ALA K 143 17.41 -130.39 27.18
C ALA K 143 16.16 -130.50 28.05
N ALA K 144 14.98 -130.52 27.42
CA ALA K 144 13.72 -130.73 28.14
C ALA K 144 13.55 -132.20 28.50
N ALA K 145 13.72 -133.04 27.47
CA ALA K 145 13.63 -134.50 27.60
C ALA K 145 14.84 -135.05 28.34
N GLU K 146 15.85 -134.21 28.52
CA GLU K 146 17.04 -134.58 29.27
C GLU K 146 17.03 -133.92 30.66
N ASN K 147 15.87 -133.40 31.04
CA ASN K 147 15.63 -132.83 32.36
C ASN K 147 16.60 -131.72 32.78
N ASN K 148 17.01 -130.93 31.80
CA ASN K 148 17.76 -129.70 32.05
C ASN K 148 16.75 -128.55 32.14
N VAL K 149 15.72 -128.63 31.29
CA VAL K 149 14.62 -127.69 31.32
C VAL K 149 13.40 -128.46 31.76
N LYS K 150 12.51 -127.72 32.37
CA LYS K 150 11.25 -128.30 32.83
C LYS K 150 10.05 -127.59 32.22
N ILE K 151 9.93 -127.70 30.89
CA ILE K 151 8.87 -127.05 30.10
C ILE K 151 7.44 -127.33 30.60
N TYR K 152 6.63 -126.27 30.65
CA TYR K 152 5.21 -126.39 30.91
C TYR K 152 4.43 -125.72 29.78
N SER K 153 3.19 -126.16 29.60
CA SER K 153 2.31 -125.52 28.62
C SER K 153 1.42 -124.52 29.36
N ILE K 154 0.90 -123.55 28.62
CA ILE K 154 0.02 -122.56 29.21
C ILE K 154 -0.84 -121.94 28.11
N PHE K 155 -2.13 -121.76 28.40
CA PHE K 155 -3.08 -121.24 27.40
C PHE K 155 -3.85 -120.00 27.86
N GLY K 156 -3.90 -119.01 26.98
CA GLY K 156 -4.52 -117.74 27.31
C GLY K 156 -6.04 -117.78 27.23
N GLY K 157 -6.63 -116.60 27.06
CA GLY K 157 -8.07 -116.48 26.94
C GLY K 157 -8.44 -115.01 26.78
N GLN K 158 -9.70 -114.69 27.07
CA GLN K 158 -10.17 -113.32 26.99
C GLN K 158 -9.45 -112.42 28.01
N GLY K 159 -8.63 -111.51 27.49
CA GLY K 159 -7.84 -110.62 28.32
C GLY K 159 -7.34 -109.41 27.53
N ASN K 160 -8.24 -108.47 27.24
CA ASN K 160 -7.90 -107.22 26.57
C ASN K 160 -7.39 -107.38 25.13
N ILE K 161 -7.80 -108.46 24.47
CA ILE K 161 -7.42 -108.65 23.07
C ILE K 161 -8.64 -108.80 22.18
N GLU K 162 -8.90 -107.74 21.42
CA GLU K 162 -9.97 -107.68 20.45
C GLU K 162 -9.34 -107.80 19.08
N GLU K 163 -8.02 -108.03 19.09
CA GLU K 163 -7.27 -108.27 17.87
C GLU K 163 -6.94 -109.76 17.78
N TYR K 164 -7.80 -110.58 18.35
CA TYR K 164 -7.62 -112.04 18.31
C TYR K 164 -7.78 -112.59 16.89
N PHE K 165 -8.79 -112.12 16.17
CA PHE K 165 -9.01 -112.54 14.78
C PHE K 165 -7.89 -112.05 13.83
N ASP K 166 -7.13 -111.06 14.28
CA ASP K 166 -5.94 -110.61 13.54
C ASP K 166 -4.86 -111.69 13.63
N GLU K 167 -4.75 -112.32 14.81
CA GLU K 167 -3.84 -113.45 15.03
C GLU K 167 -4.14 -114.62 14.10
N LEU K 168 -5.42 -114.90 13.88
CA LEU K 168 -5.83 -115.93 12.93
C LEU K 168 -5.29 -115.67 11.52
N ARG K 169 -5.33 -114.41 11.10
CA ARG K 169 -4.83 -114.06 9.79
C ARG K 169 -3.35 -114.33 9.66
N GLU K 170 -2.59 -113.94 10.68
CA GLU K 170 -1.16 -114.29 10.75
C GLU K 170 -0.95 -115.78 10.49
N ILE K 171 -1.74 -116.61 11.17
CA ILE K 171 -1.64 -118.06 11.06
C ILE K 171 -1.94 -118.50 9.63
N TYR K 172 -3.18 -118.28 9.20
CA TYR K 172 -3.63 -118.63 7.85
C TYR K 172 -2.72 -118.10 6.74
N THR K 173 -2.22 -116.88 6.91
CA THR K 173 -1.32 -116.25 5.94
C THR K 173 0.02 -116.96 5.90
N THR K 174 0.63 -117.09 7.08
CA THR K 174 2.01 -117.52 7.23
C THR K 174 2.20 -119.04 7.19
N TYR K 175 1.30 -119.78 7.83
CA TYR K 175 1.39 -121.24 7.86
C TYR K 175 0.22 -121.95 7.13
N PRO K 176 0.07 -121.66 5.81
CA PRO K 176 -1.09 -122.12 5.03
C PRO K 176 -1.21 -123.64 4.99
N SER K 177 -0.14 -124.28 4.51
CA SER K 177 -0.05 -125.74 4.45
C SER K 177 -0.49 -126.41 5.77
N PHE K 178 0.24 -126.14 6.84
CA PHE K 178 0.03 -126.76 8.15
C PHE K 178 -1.42 -126.75 8.66
N VAL K 179 -2.06 -125.60 8.52
CA VAL K 179 -3.31 -125.34 9.24
C VAL K 179 -4.57 -125.38 8.35
N GLU K 180 -4.41 -125.03 7.08
CA GLU K 180 -5.55 -124.87 6.16
C GLU K 180 -6.61 -125.94 6.35
N ASP K 181 -6.17 -127.12 6.74
CA ASP K 181 -7.06 -128.26 6.94
C ASP K 181 -8.04 -128.05 8.11
N LEU K 182 -7.51 -128.02 9.33
CA LEU K 182 -8.37 -127.88 10.52
C LEU K 182 -9.08 -126.53 10.56
N ILE K 183 -8.49 -125.53 9.89
CA ILE K 183 -9.18 -124.26 9.67
C ILE K 183 -10.50 -124.56 8.97
N THR K 184 -10.42 -125.05 7.73
CA THR K 184 -11.59 -125.32 6.92
C THR K 184 -12.64 -126.14 7.67
N SER K 185 -12.19 -127.20 8.34
CA SER K 185 -13.09 -128.14 9.00
C SER K 185 -13.77 -127.56 10.25
N ILE K 186 -12.96 -127.01 11.17
CA ILE K 186 -13.49 -126.38 12.36
C ILE K 186 -14.35 -125.18 11.97
N ALA K 187 -14.10 -124.63 10.79
CA ALA K 187 -14.92 -123.55 10.23
C ALA K 187 -16.32 -124.08 9.96
N GLU K 188 -16.40 -125.09 9.10
CA GLU K 188 -17.67 -125.69 8.73
C GLU K 188 -18.39 -126.29 9.93
N LEU K 189 -17.61 -126.79 10.90
CA LEU K 189 -18.17 -127.25 12.17
C LEU K 189 -19.02 -126.15 12.79
N LEU K 190 -18.46 -124.94 12.87
CA LEU K 190 -19.15 -123.79 13.46
C LEU K 190 -20.33 -123.33 12.60
N GLN K 191 -20.12 -123.25 11.29
CA GLN K 191 -21.15 -122.83 10.36
C GLN K 191 -22.44 -123.62 10.59
N SER K 192 -22.29 -124.86 11.00
CA SER K 192 -23.42 -125.73 11.28
C SER K 192 -24.00 -125.48 12.67
N LEU K 193 -23.13 -125.34 13.66
CA LEU K 193 -23.55 -125.09 15.04
C LEU K 193 -24.28 -123.75 15.13
N ALA K 194 -23.91 -122.85 14.22
CA ALA K 194 -24.49 -121.51 14.14
C ALA K 194 -25.89 -121.55 13.56
N ARG K 195 -26.18 -122.59 12.80
CA ARG K 195 -27.50 -122.71 12.18
C ARG K 195 -28.52 -123.29 13.15
N GLU K 196 -28.03 -124.05 14.15
CA GLU K 196 -28.90 -124.61 15.18
C GLU K 196 -29.80 -123.52 15.73
N TRP K 197 -31.07 -123.84 15.92
CA TRP K 197 -32.06 -122.79 16.20
C TRP K 197 -31.77 -121.93 17.44
N ASP K 198 -31.16 -122.53 18.47
CA ASP K 198 -30.83 -121.78 19.68
C ASP K 198 -29.76 -120.72 19.41
N ALA K 199 -29.01 -120.94 18.32
CA ALA K 199 -27.80 -120.18 18.04
C ALA K 199 -27.98 -119.01 17.08
N VAL K 200 -28.79 -119.20 16.03
CA VAL K 200 -28.93 -118.19 14.97
C VAL K 200 -29.18 -116.78 15.52
N LYS K 201 -29.87 -116.73 16.65
CA LYS K 201 -30.09 -115.47 17.36
C LYS K 201 -28.78 -114.68 17.54
N GLN K 202 -27.74 -115.38 17.99
CA GLN K 202 -26.49 -114.75 18.40
C GLN K 202 -25.53 -114.43 17.25
N TYR K 203 -25.72 -115.08 16.11
CA TYR K 203 -24.81 -114.86 14.98
C TYR K 203 -25.53 -114.29 13.78
N PRO K 204 -26.17 -113.13 13.96
CA PRO K 204 -26.92 -112.50 12.86
C PRO K 204 -25.96 -112.07 11.75
N LYS K 205 -24.77 -111.63 12.16
CA LYS K 205 -23.76 -111.19 11.20
C LYS K 205 -23.08 -112.39 10.55
N GLY K 206 -23.38 -113.57 11.08
CA GLY K 206 -22.86 -114.80 10.52
C GLY K 206 -21.64 -115.31 11.26
N LEU K 207 -21.33 -116.59 11.05
CA LEU K 207 -20.17 -117.24 11.68
C LEU K 207 -19.33 -118.00 10.62
N ASP K 208 -19.20 -117.38 9.45
CA ASP K 208 -18.48 -117.95 8.33
C ASP K 208 -17.02 -117.50 8.32
N ILE K 209 -16.19 -118.17 9.11
CA ILE K 209 -14.81 -117.75 9.32
C ILE K 209 -14.00 -117.66 8.03
N LEU K 210 -14.11 -118.68 7.19
CA LEU K 210 -13.39 -118.75 5.93
C LEU K 210 -13.68 -117.57 5.03
N GLN K 211 -14.93 -117.12 5.02
CA GLN K 211 -15.33 -115.95 4.26
C GLN K 211 -14.53 -114.71 4.67
N TRP K 212 -14.59 -114.40 5.96
CA TRP K 212 -13.89 -113.25 6.53
C TRP K 212 -12.41 -113.29 6.18
N LEU K 213 -11.82 -114.48 6.27
CA LEU K 213 -10.42 -114.66 5.93
C LEU K 213 -10.16 -114.37 4.45
N HIS K 214 -11.06 -114.80 3.58
CA HIS K 214 -10.84 -114.64 2.14
C HIS K 214 -11.07 -113.22 1.69
N ASN K 215 -12.24 -112.66 2.01
CA ASN K 215 -12.53 -111.27 1.71
C ASN K 215 -12.60 -110.42 2.99
N PRO K 216 -11.49 -109.72 3.32
CA PRO K 216 -11.35 -108.93 4.56
C PRO K 216 -12.57 -108.05 4.84
N GLU K 217 -13.19 -107.54 3.76
CA GLU K 217 -14.31 -106.60 3.85
C GLU K 217 -15.55 -107.22 4.49
N SER K 218 -15.66 -108.54 4.43
CA SER K 218 -16.78 -109.24 5.03
C SER K 218 -16.58 -109.40 6.53
N GLN K 219 -15.34 -109.25 6.99
CA GLN K 219 -15.05 -109.38 8.41
C GLN K 219 -15.89 -108.42 9.24
N PRO K 220 -16.64 -108.96 10.21
CA PRO K 220 -17.55 -108.20 11.09
C PRO K 220 -16.84 -107.25 12.06
N ASP K 221 -17.65 -106.38 12.65
CA ASP K 221 -17.18 -105.37 13.60
C ASP K 221 -16.48 -105.99 14.80
N THR K 222 -15.48 -105.28 15.32
CA THR K 222 -14.75 -105.72 16.50
C THR K 222 -15.70 -106.03 17.66
N ASP K 223 -16.83 -105.33 17.69
CA ASP K 223 -17.85 -105.56 18.71
C ASP K 223 -18.41 -106.97 18.59
N TYR K 224 -18.72 -107.35 17.36
CA TYR K 224 -19.23 -108.68 17.06
C TYR K 224 -18.26 -109.78 17.49
N LEU K 225 -17.04 -109.72 16.95
CA LEU K 225 -16.06 -110.78 17.18
C LEU K 225 -15.73 -110.97 18.66
N VAL K 226 -15.85 -109.89 19.43
CA VAL K 226 -15.45 -109.90 20.84
C VAL K 226 -16.50 -110.57 21.75
N SER K 227 -17.72 -110.63 21.24
CA SER K 227 -18.82 -111.24 21.98
C SER K 227 -18.46 -112.69 22.32
N ALA K 228 -18.92 -113.16 23.48
CA ALA K 228 -18.65 -114.54 23.90
C ALA K 228 -18.97 -115.60 22.83
N PRO K 229 -20.23 -115.65 22.35
CA PRO K 229 -20.63 -116.69 21.38
C PRO K 229 -19.75 -116.75 20.12
N VAL K 230 -18.95 -115.73 19.83
CA VAL K 230 -18.04 -115.82 18.69
C VAL K 230 -16.61 -115.86 19.18
N SER K 231 -16.33 -115.06 20.20
CA SER K 231 -15.00 -114.98 20.78
C SER K 231 -14.49 -116.37 21.17
N PHE K 232 -15.16 -117.00 22.13
CA PHE K 232 -14.75 -118.31 22.65
C PHE K 232 -14.21 -119.28 21.61
N PRO K 233 -15.11 -119.84 20.78
CA PRO K 233 -14.70 -120.91 19.86
C PRO K 233 -13.67 -120.43 18.84
N LEU K 234 -13.92 -119.27 18.26
CA LEU K 234 -13.02 -118.71 17.28
C LEU K 234 -11.60 -118.59 17.85
N ILE K 235 -11.52 -118.20 19.12
CA ILE K 235 -10.24 -118.08 19.82
C ILE K 235 -9.55 -119.42 19.99
N GLY K 236 -10.30 -120.40 20.52
CA GLY K 236 -9.81 -121.77 20.67
C GLY K 236 -9.12 -122.24 19.40
N LEU K 237 -9.73 -121.97 18.25
CA LEU K 237 -9.16 -122.31 16.93
C LEU K 237 -7.76 -121.73 16.73
N VAL K 238 -7.55 -120.52 17.25
CA VAL K 238 -6.26 -119.86 17.15
C VAL K 238 -5.24 -120.48 18.14
N GLN K 239 -5.70 -120.92 19.31
CA GLN K 239 -4.83 -121.58 20.29
C GLN K 239 -4.45 -123.00 19.81
N LEU K 240 -5.37 -123.66 19.12
CA LEU K 240 -5.13 -124.95 18.49
C LEU K 240 -4.08 -124.79 17.41
N ALA K 241 -4.39 -123.95 16.42
CA ALA K 241 -3.52 -123.69 15.27
C ALA K 241 -2.08 -123.36 15.67
N HIS K 242 -1.91 -122.84 16.89
CA HIS K 242 -0.58 -122.57 17.45
C HIS K 242 0.12 -123.86 17.88
N TYR K 243 -0.50 -124.60 18.79
CA TYR K 243 -0.02 -125.91 19.20
C TYR K 243 0.24 -126.83 17.99
N MET K 244 -0.69 -126.80 17.04
CA MET K 244 -0.60 -127.52 15.76
C MET K 244 0.62 -127.10 14.93
N ILE K 245 0.81 -125.79 14.77
CA ILE K 245 1.95 -125.24 14.04
C ILE K 245 3.30 -125.53 14.71
N THR K 246 3.31 -125.57 16.05
CA THR K 246 4.53 -125.88 16.81
C THR K 246 5.02 -127.30 16.53
N CYS K 247 4.17 -128.28 16.82
CA CYS K 247 4.42 -129.68 16.55
C CYS K 247 4.79 -129.90 15.10
N LYS K 248 3.93 -129.44 14.19
CA LYS K 248 4.12 -129.57 12.74
C LYS K 248 5.44 -129.01 12.19
N THR K 249 5.86 -127.86 12.72
CA THR K 249 7.12 -127.25 12.28
C THR K 249 8.33 -128.05 12.75
N LEU K 250 8.21 -128.68 13.92
CA LEU K 250 9.22 -129.61 14.42
C LEU K 250 9.26 -130.92 13.59
N GLY K 251 8.19 -131.21 12.84
CA GLY K 251 8.06 -132.47 12.11
C GLY K 251 7.65 -133.58 13.08
N ARG K 252 6.86 -133.22 14.07
CA ARG K 252 6.45 -134.13 15.16
C ARG K 252 4.97 -134.53 15.06
N GLU K 253 4.56 -135.39 15.97
CA GLU K 253 3.15 -135.74 16.15
C GLU K 253 2.65 -135.02 17.40
N PRO K 254 1.31 -134.83 17.52
CA PRO K 254 0.69 -134.21 18.69
C PRO K 254 1.07 -134.89 20.02
N GLY K 255 1.45 -136.16 19.94
CA GLY K 255 1.88 -136.89 21.12
C GLY K 255 3.34 -136.65 21.43
N GLU K 256 4.10 -136.25 20.40
CA GLU K 256 5.53 -135.98 20.54
C GLU K 256 5.82 -134.81 21.47
N LEU K 257 5.21 -133.66 21.16
CA LEU K 257 5.30 -132.49 22.01
C LEU K 257 4.53 -132.68 23.33
N LEU K 258 3.34 -133.29 23.24
CA LEU K 258 2.49 -133.54 24.41
C LEU K 258 3.25 -134.31 25.48
N GLU K 259 4.21 -135.12 25.04
CA GLU K 259 5.01 -135.92 25.96
C GLU K 259 6.10 -135.10 26.62
N ARG K 260 6.64 -134.12 25.87
CA ARG K 260 7.81 -133.33 26.29
C ARG K 260 7.50 -132.07 27.11
N PHE K 261 6.29 -132.00 27.67
CA PHE K 261 5.93 -130.99 28.67
C PHE K 261 5.79 -131.69 30.03
N SER K 262 5.35 -130.96 31.05
CA SER K 262 5.19 -131.55 32.38
C SER K 262 3.82 -131.24 32.95
N GLY K 263 3.16 -130.23 32.37
CA GLY K 263 1.89 -129.75 32.86
C GLY K 263 1.32 -128.64 32.01
N THR K 264 0.01 -128.68 31.80
CA THR K 264 -0.68 -127.69 31.01
C THR K 264 -1.82 -127.10 31.85
N THR K 265 -2.04 -125.80 31.71
CA THR K 265 -3.21 -125.12 32.29
C THR K 265 -3.70 -124.07 31.29
N GLY K 266 -4.91 -123.57 31.50
CA GLY K 266 -5.45 -122.51 30.68
C GLY K 266 -6.01 -121.39 31.53
N HIS K 267 -6.20 -120.22 30.92
CA HIS K 267 -6.81 -119.09 31.61
C HIS K 267 -8.30 -118.97 31.26
N SER K 268 -9.17 -119.41 32.19
CA SER K 268 -10.61 -119.50 31.95
C SER K 268 -10.95 -120.34 30.71
N GLN K 269 -11.19 -119.66 29.59
CA GLN K 269 -11.56 -120.29 28.31
C GLN K 269 -10.45 -121.16 27.67
N GLY K 270 -9.21 -120.94 28.10
CA GLY K 270 -8.09 -121.72 27.61
C GLY K 270 -7.95 -123.11 28.24
N ILE K 271 -8.51 -123.30 29.43
CA ILE K 271 -8.43 -124.59 30.16
C ILE K 271 -9.06 -125.72 29.37
N VAL K 272 -9.95 -125.36 28.44
CA VAL K 272 -10.59 -126.31 27.54
C VAL K 272 -9.62 -126.82 26.49
N VAL K 273 -8.98 -125.92 25.75
CA VAL K 273 -8.01 -126.33 24.75
C VAL K 273 -6.79 -126.97 25.41
N ALA K 274 -6.57 -126.65 26.68
CA ALA K 274 -5.45 -127.21 27.44
C ALA K 274 -5.70 -128.68 27.82
N ALA K 275 -6.89 -128.97 28.35
CA ALA K 275 -7.27 -130.33 28.68
C ALA K 275 -7.42 -131.17 27.40
N ALA K 276 -7.95 -130.56 26.34
CA ALA K 276 -8.19 -131.24 25.05
C ALA K 276 -6.92 -131.43 24.22
N ILE K 277 -5.89 -130.63 24.49
CA ILE K 277 -4.62 -130.80 23.81
C ILE K 277 -3.84 -131.96 24.45
N ALA K 278 -4.20 -132.24 25.71
CA ALA K 278 -3.61 -133.34 26.52
C ALA K 278 -4.25 -134.71 26.20
N THR K 279 -5.26 -134.67 25.33
CA THR K 279 -5.87 -135.88 24.79
C THR K 279 -5.06 -136.40 23.59
N ALA K 280 -5.00 -135.59 22.54
CA ALA K 280 -4.46 -135.99 21.26
C ALA K 280 -3.03 -136.53 21.28
N ARG K 281 -2.82 -137.64 20.57
CA ARG K 281 -1.50 -138.18 20.29
C ARG K 281 -1.33 -138.30 18.76
N THR K 282 -2.42 -138.67 18.10
CA THR K 282 -2.41 -138.80 16.65
C THR K 282 -2.77 -137.44 16.05
N TRP K 283 -2.59 -137.30 14.73
CA TRP K 283 -3.10 -136.13 14.02
C TRP K 283 -4.60 -136.30 13.80
N ASP K 284 -5.02 -137.56 13.78
CA ASP K 284 -6.44 -137.90 13.75
C ASP K 284 -7.04 -137.71 15.14
N GLU K 285 -6.27 -138.08 16.18
CA GLU K 285 -6.66 -137.94 17.58
C GLU K 285 -6.61 -136.47 18.02
N PHE K 286 -5.84 -135.69 17.26
CA PHE K 286 -5.75 -134.25 17.43
C PHE K 286 -7.04 -133.61 16.92
N ALA K 287 -7.29 -133.78 15.61
CA ALA K 287 -8.50 -133.27 14.97
C ALA K 287 -9.77 -133.64 15.75
N THR K 288 -9.75 -134.77 16.46
CA THR K 288 -10.88 -135.20 17.30
C THR K 288 -11.09 -134.27 18.49
N ALA K 289 -10.06 -134.18 19.34
CA ALA K 289 -10.09 -133.30 20.49
C ALA K 289 -10.24 -131.81 20.09
N ALA K 290 -9.91 -131.50 18.83
CA ALA K 290 -10.01 -130.15 18.25
C ALA K 290 -11.45 -129.70 17.99
N LYS K 291 -12.22 -130.59 17.37
CA LYS K 291 -13.65 -130.37 17.20
C LYS K 291 -14.37 -130.48 18.53
N ARG K 292 -13.78 -131.20 19.48
CA ARG K 292 -14.31 -131.33 20.82
C ARG K 292 -14.25 -130.01 21.60
N ALA K 293 -13.04 -129.47 21.74
CA ALA K 293 -12.84 -128.19 22.41
C ALA K 293 -13.66 -127.07 21.73
N VAL K 294 -13.48 -126.90 20.42
CA VAL K 294 -14.14 -125.84 19.63
C VAL K 294 -15.65 -125.78 19.82
N GLU K 295 -16.31 -126.91 19.59
CA GLU K 295 -17.75 -127.01 19.77
C GLU K 295 -18.14 -126.89 21.27
N LEU K 296 -17.25 -127.31 22.16
CA LEU K 296 -17.44 -127.10 23.59
C LEU K 296 -17.52 -125.60 23.90
N LEU K 297 -16.48 -124.86 23.51
CA LEU K 297 -16.44 -123.40 23.68
C LEU K 297 -17.67 -122.74 23.07
N PHE K 298 -18.04 -123.19 21.87
CA PHE K 298 -19.22 -122.70 21.18
C PHE K 298 -20.45 -122.69 22.10
N TRP K 299 -20.65 -123.78 22.83
CA TRP K 299 -21.83 -123.88 23.70
C TRP K 299 -21.63 -123.24 25.06
N ILE K 300 -20.39 -123.18 25.54
CA ILE K 300 -20.14 -122.47 26.77
C ILE K 300 -20.43 -120.97 26.62
N GLY K 301 -19.81 -120.33 25.64
CA GLY K 301 -20.03 -118.93 25.36
C GLY K 301 -21.47 -118.64 24.97
N LEU K 302 -21.99 -119.42 24.05
CA LEU K 302 -23.37 -119.26 23.56
C LEU K 302 -24.37 -119.23 24.71
N ARG K 303 -24.45 -120.31 25.48
CA ARG K 303 -25.44 -120.41 26.55
C ARG K 303 -25.17 -119.44 27.69
N SER K 304 -23.90 -119.06 27.86
CA SER K 304 -23.55 -118.07 28.87
C SER K 304 -24.16 -116.71 28.52
N GLN K 305 -24.03 -116.34 27.25
CA GLN K 305 -24.55 -115.06 26.77
C GLN K 305 -26.05 -114.93 27.00
N GLN K 306 -26.77 -116.03 26.78
CA GLN K 306 -28.22 -116.06 26.86
C GLN K 306 -28.70 -116.03 28.32
N ALA K 307 -27.82 -116.42 29.24
CA ALA K 307 -28.11 -116.40 30.68
C ALA K 307 -28.18 -114.95 31.17
N TYR K 308 -27.07 -114.24 30.98
CA TYR K 308 -26.99 -112.79 31.25
C TYR K 308 -26.52 -112.04 29.99
N PRO K 309 -27.45 -111.74 29.03
CA PRO K 309 -27.17 -111.01 27.77
C PRO K 309 -26.80 -109.55 28.05
N ARG K 310 -26.27 -108.87 27.04
CA ARG K 310 -25.89 -107.47 27.18
C ARG K 310 -27.11 -106.56 27.30
N THR K 311 -27.17 -105.78 28.36
CA THR K 311 -28.18 -104.73 28.48
C THR K 311 -27.63 -103.37 28.03
N SER K 312 -28.49 -102.53 27.48
CA SER K 312 -28.11 -101.16 27.13
C SER K 312 -27.97 -100.33 28.41
N LEU K 313 -27.11 -99.30 28.37
CA LEU K 313 -26.81 -98.51 29.55
C LEU K 313 -27.19 -97.06 29.34
N ALA K 314 -27.22 -96.30 30.43
CA ALA K 314 -27.39 -94.85 30.34
C ALA K 314 -26.27 -94.25 29.48
N PRO K 315 -26.63 -93.51 28.42
CA PRO K 315 -25.63 -92.97 27.48
C PRO K 315 -24.68 -92.03 28.21
N SER K 316 -25.20 -91.41 29.27
CA SER K 316 -24.42 -90.51 30.13
C SER K 316 -23.34 -91.22 30.92
N THR K 317 -23.76 -92.11 31.82
CA THR K 317 -22.84 -92.94 32.59
C THR K 317 -21.97 -93.81 31.67
N LEU K 318 -22.35 -93.85 30.39
CA LEU K 318 -21.59 -94.58 29.39
C LEU K 318 -20.35 -93.81 28.98
N GLN K 319 -20.53 -92.60 28.45
CA GLN K 319 -19.40 -91.73 28.11
C GLN K 319 -18.57 -91.43 29.36
N ASP K 320 -19.24 -91.18 30.49
CA ASP K 320 -18.56 -91.01 31.77
C ASP K 320 -17.46 -92.07 31.97
N SER K 321 -17.86 -93.32 32.15
CA SER K 321 -16.89 -94.40 32.31
C SER K 321 -15.78 -94.34 31.27
N VAL K 322 -16.08 -93.86 30.06
CA VAL K 322 -15.10 -93.83 28.98
C VAL K 322 -14.06 -92.73 29.17
N GLU K 323 -14.53 -91.54 29.51
CA GLU K 323 -13.68 -90.38 29.68
C GLU K 323 -12.83 -90.48 30.96
N ASN K 324 -13.37 -91.16 31.95
CA ASN K 324 -12.73 -91.25 33.27
C ASN K 324 -11.59 -92.26 33.32
N GLY K 325 -11.11 -92.66 32.14
CA GLY K 325 -9.97 -93.56 32.03
C GLY K 325 -10.33 -95.02 31.95
N GLU K 326 -11.60 -95.32 32.23
CA GLU K 326 -12.10 -96.68 32.21
C GLU K 326 -12.60 -97.00 30.80
N GLY K 327 -13.14 -98.20 30.62
CA GLY K 327 -13.62 -98.60 29.31
C GLY K 327 -15.14 -98.52 29.19
N THR K 328 -15.64 -99.01 28.06
CA THR K 328 -17.07 -99.21 27.88
C THR K 328 -17.47 -100.30 28.86
N PRO K 329 -18.49 -100.03 29.69
CA PRO K 329 -18.88 -100.92 30.80
C PRO K 329 -19.30 -102.35 30.37
N THR K 330 -18.70 -103.35 31.02
CA THR K 330 -19.02 -104.75 30.79
C THR K 330 -19.29 -105.41 32.16
N PRO K 331 -19.41 -106.75 32.19
CA PRO K 331 -19.56 -107.43 33.49
C PRO K 331 -18.22 -107.82 34.10
N MET K 332 -17.12 -107.48 33.42
CA MET K 332 -15.76 -107.87 33.82
C MET K 332 -14.83 -106.66 34.05
N LEU K 333 -14.58 -106.36 35.32
CA LEU K 333 -13.80 -105.18 35.74
C LEU K 333 -12.38 -105.60 36.14
N SER K 334 -11.39 -104.80 35.78
CA SER K 334 -10.00 -105.08 36.18
C SER K 334 -9.50 -104.09 37.23
N ILE K 335 -8.78 -104.60 38.22
CA ILE K 335 -8.21 -103.77 39.27
C ILE K 335 -6.74 -104.12 39.53
N ARG K 336 -5.84 -103.56 38.71
CA ARG K 336 -4.41 -103.73 38.91
C ARG K 336 -3.86 -102.85 40.05
N ASP K 337 -2.66 -103.19 40.51
CA ASP K 337 -1.93 -102.40 41.51
C ASP K 337 -2.66 -102.19 42.85
N LEU K 338 -3.78 -102.88 43.06
CA LEU K 338 -4.51 -102.70 44.31
C LEU K 338 -4.73 -104.03 45.02
N THR K 339 -4.35 -104.08 46.29
CA THR K 339 -4.39 -105.31 47.09
C THR K 339 -5.79 -105.80 47.42
N ARG K 340 -5.99 -107.12 47.38
CA ARG K 340 -7.28 -107.76 47.67
C ARG K 340 -7.92 -107.24 48.97
N SER K 341 -7.11 -107.09 50.01
CA SER K 341 -7.55 -106.53 51.28
C SER K 341 -8.48 -105.35 51.02
N ALA K 342 -7.93 -104.31 50.39
CA ALA K 342 -8.66 -103.10 50.04
C ALA K 342 -9.76 -103.34 48.99
N VAL K 343 -9.40 -103.98 47.88
CA VAL K 343 -10.34 -104.22 46.78
C VAL K 343 -11.66 -104.79 47.30
N GLN K 344 -11.59 -105.68 48.28
CA GLN K 344 -12.80 -106.27 48.84
C GLN K 344 -13.55 -105.28 49.69
N GLU K 345 -12.82 -104.41 50.38
CA GLU K 345 -13.46 -103.41 51.22
C GLU K 345 -14.30 -102.44 50.41
N HIS K 346 -13.80 -102.09 49.22
CA HIS K 346 -14.54 -101.25 48.28
C HIS K 346 -15.69 -102.03 47.66
N ILE K 347 -15.46 -103.32 47.41
CA ILE K 347 -16.51 -104.21 46.92
C ILE K 347 -17.59 -104.41 47.98
N ASP K 348 -17.19 -104.36 49.25
CA ASP K 348 -18.11 -104.46 50.39
C ASP K 348 -19.04 -103.26 50.53
N ALA K 349 -18.48 -102.07 50.51
CA ALA K 349 -19.26 -100.84 50.61
C ALA K 349 -20.27 -100.73 49.47
N THR K 350 -19.83 -101.07 48.27
CA THR K 350 -20.66 -101.02 47.07
C THR K 350 -21.84 -102.01 47.15
N ASN K 351 -21.54 -103.26 47.49
CA ASN K 351 -22.57 -104.29 47.65
C ASN K 351 -23.52 -103.97 48.80
N GLN K 352 -23.07 -103.07 49.69
CA GLN K 352 -23.89 -102.63 50.80
C GLN K 352 -25.20 -102.05 50.30
N HIS K 353 -25.10 -101.06 49.41
CA HIS K 353 -26.28 -100.32 48.96
C HIS K 353 -27.01 -100.98 47.80
N LEU K 354 -26.40 -102.02 47.24
CA LEU K 354 -27.00 -102.74 46.12
C LEU K 354 -27.96 -103.86 46.58
N PRO K 355 -28.97 -104.18 45.73
CA PRO K 355 -29.83 -105.35 45.93
C PRO K 355 -29.03 -106.62 45.65
N GLU K 356 -29.37 -107.71 46.34
CA GLU K 356 -28.66 -108.96 46.20
C GLU K 356 -28.52 -109.41 44.74
N ASP K 357 -29.52 -109.07 43.93
CA ASP K 357 -29.53 -109.41 42.49
C ASP K 357 -28.26 -108.96 41.79
N ARG K 358 -27.93 -107.69 41.99
CA ARG K 358 -26.82 -107.06 41.27
C ARG K 358 -25.64 -106.78 42.19
N HIS K 359 -25.23 -107.78 42.95
CA HIS K 359 -24.03 -107.64 43.76
C HIS K 359 -22.76 -107.83 42.92
N ILE K 360 -21.61 -107.84 43.59
CA ILE K 360 -20.33 -107.81 42.90
C ILE K 360 -19.34 -108.79 43.49
N GLY K 361 -18.88 -109.72 42.66
CA GLY K 361 -17.95 -110.74 43.10
C GLY K 361 -16.55 -110.52 42.59
N ILE K 362 -15.61 -111.31 43.10
CA ILE K 362 -14.22 -111.29 42.65
C ILE K 362 -13.96 -112.44 41.67
N SER K 363 -13.97 -112.13 40.37
CA SER K 363 -13.98 -113.18 39.33
C SER K 363 -12.70 -114.01 39.31
N LEU K 364 -11.56 -113.33 39.30
CA LEU K 364 -10.27 -114.00 39.28
C LEU K 364 -9.19 -113.25 40.06
N VAL K 365 -8.25 -114.01 40.63
CA VAL K 365 -7.11 -113.47 41.37
C VAL K 365 -5.85 -113.81 40.59
N ASN K 366 -5.40 -112.90 39.73
CA ASN K 366 -4.28 -113.19 38.84
C ASN K 366 -2.90 -112.90 39.44
N SER K 367 -2.93 -112.23 40.60
CA SER K 367 -1.75 -112.00 41.45
C SER K 367 -2.23 -111.37 42.76
N ALA K 368 -1.30 -111.00 43.65
CA ALA K 368 -1.67 -110.42 44.94
C ALA K 368 -2.22 -108.98 44.81
N ARG K 369 -1.89 -108.34 43.68
CA ARG K 369 -2.33 -106.98 43.40
C ARG K 369 -3.09 -106.86 42.07
N ASN K 370 -3.28 -108.00 41.38
CA ASN K 370 -4.08 -108.03 40.15
C ASN K 370 -5.37 -108.85 40.32
N PHE K 371 -6.50 -108.24 40.03
CA PHE K 371 -7.77 -108.92 40.16
C PHE K 371 -8.69 -108.65 38.97
N VAL K 372 -9.87 -109.28 39.02
CA VAL K 372 -10.98 -109.01 38.13
C VAL K 372 -12.25 -109.10 38.98
N VAL K 373 -13.27 -108.31 38.62
CA VAL K 373 -14.53 -108.25 39.36
C VAL K 373 -15.74 -108.37 38.41
N THR K 374 -16.76 -109.10 38.85
CA THR K 374 -17.99 -109.26 38.08
C THR K 374 -19.23 -108.82 38.84
N GLY K 375 -20.34 -108.83 38.12
CA GLY K 375 -21.59 -108.28 38.57
C GLY K 375 -22.17 -107.57 37.37
N PRO K 376 -23.38 -107.00 37.52
CA PRO K 376 -23.98 -106.30 36.39
C PRO K 376 -23.09 -105.11 36.06
N PRO K 377 -22.87 -104.83 34.77
CA PRO K 377 -22.01 -103.70 34.39
C PRO K 377 -22.44 -102.42 35.11
N ILE K 378 -23.76 -102.29 35.29
CA ILE K 378 -24.40 -101.12 35.90
C ILE K 378 -24.00 -100.87 37.36
N SER K 379 -23.71 -101.96 38.08
CA SER K 379 -23.28 -101.85 39.47
C SER K 379 -21.76 -101.90 39.58
N LEU K 380 -21.11 -102.47 38.56
CA LEU K 380 -19.64 -102.43 38.45
C LEU K 380 -19.17 -100.99 38.31
N TYR K 381 -19.96 -100.22 37.56
CA TYR K 381 -19.81 -98.77 37.43
C TYR K 381 -19.78 -98.07 38.80
N GLY K 382 -20.77 -98.40 39.65
CA GLY K 382 -20.86 -97.84 40.99
C GLY K 382 -19.66 -98.14 41.89
N LEU K 383 -18.84 -99.09 41.48
CA LEU K 383 -17.59 -99.37 42.17
C LEU K 383 -16.53 -98.39 41.68
N ASN K 384 -16.53 -98.16 40.37
CA ASN K 384 -15.64 -97.17 39.73
C ASN K 384 -15.83 -95.76 40.26
N LEU K 385 -17.09 -95.42 40.57
CA LEU K 385 -17.43 -94.13 41.14
C LEU K 385 -16.72 -93.93 42.48
N ARG K 386 -16.85 -94.92 43.36
CA ARG K 386 -16.12 -94.90 44.64
C ARG K 386 -14.60 -94.91 44.43
N LEU K 387 -14.13 -95.73 43.49
CA LEU K 387 -12.70 -95.89 43.23
C LEU K 387 -12.03 -94.60 42.78
N ARG K 388 -12.69 -93.87 41.89
CA ARG K 388 -12.16 -92.61 41.40
C ARG K 388 -12.02 -91.60 42.54
N LYS K 389 -12.99 -91.58 43.45
CA LYS K 389 -12.97 -90.68 44.60
C LYS K 389 -11.81 -90.96 45.57
N VAL K 390 -11.22 -92.15 45.46
CA VAL K 390 -10.15 -92.56 46.36
C VAL K 390 -8.77 -92.40 45.74
N LYS K 391 -8.62 -92.80 44.48
CA LYS K 391 -7.32 -92.73 43.82
C LYS K 391 -6.97 -91.29 43.43
N ALA K 392 -5.69 -91.04 43.22
CA ALA K 392 -5.20 -89.71 42.89
C ALA K 392 -4.91 -89.56 41.40
N PRO K 393 -5.02 -88.32 40.88
CA PRO K 393 -4.68 -87.97 39.48
C PRO K 393 -3.27 -88.45 39.13
N THR K 394 -2.97 -88.58 37.84
CA THR K 394 -1.62 -88.97 37.44
C THR K 394 -0.67 -87.77 37.54
N GLY K 395 -1.25 -86.61 37.81
CA GLY K 395 -0.47 -85.39 37.98
C GLY K 395 0.16 -85.29 39.36
N LEU K 396 -0.68 -85.40 40.39
CA LEU K 396 -0.25 -85.18 41.77
C LEU K 396 1.15 -85.72 42.08
N ASP K 397 2.05 -84.81 42.41
CA ASP K 397 3.37 -85.19 42.90
C ASP K 397 3.28 -85.41 44.40
N GLN K 398 3.86 -86.50 44.87
CA GLN K 398 3.72 -86.86 46.27
C GLN K 398 5.08 -87.09 46.91
N ASN K 399 6.13 -86.77 46.17
CA ASN K 399 7.52 -86.93 46.65
C ASN K 399 7.77 -86.07 47.87
N ARG K 400 6.74 -85.32 48.28
CA ARG K 400 6.85 -84.44 49.43
C ARG K 400 5.78 -84.79 50.46
N ILE K 401 5.17 -85.96 50.30
CA ILE K 401 4.17 -86.45 51.24
C ILE K 401 4.63 -87.71 51.95
N PRO K 402 4.50 -87.72 53.29
CA PRO K 402 4.72 -88.95 54.06
C PRO K 402 4.07 -90.15 53.36
N PHE K 403 4.79 -91.26 53.29
CA PHE K 403 4.33 -92.43 52.54
C PHE K 403 3.02 -93.04 53.03
N THR K 404 2.93 -93.24 54.34
CA THR K 404 1.73 -93.81 54.96
C THR K 404 0.48 -92.96 54.72
N GLN K 405 0.68 -91.75 54.18
CA GLN K 405 -0.42 -90.80 54.05
C GLN K 405 -0.78 -90.44 52.60
N ARG K 406 -0.01 -90.95 51.65
CA ARG K 406 -0.28 -90.64 50.24
C ARG K 406 -1.61 -91.21 49.73
N LYS K 407 -1.90 -90.98 48.46
CA LYS K 407 -3.05 -91.60 47.80
C LYS K 407 -2.59 -92.75 46.92
N ALA K 408 -3.24 -93.91 47.04
CA ALA K 408 -2.85 -95.09 46.28
C ALA K 408 -3.11 -94.92 44.79
N ARG K 409 -2.10 -95.21 43.98
CA ARG K 409 -2.22 -95.10 42.53
C ARG K 409 -2.47 -96.46 41.87
N PHE K 410 -3.74 -96.76 41.63
CA PHE K 410 -4.11 -98.02 40.98
C PHE K 410 -4.73 -97.77 39.61
N VAL K 411 -4.99 -98.85 38.89
CA VAL K 411 -5.53 -98.76 37.53
C VAL K 411 -6.78 -99.63 37.37
N ASN K 412 -7.96 -99.04 37.58
CA ASN K 412 -9.20 -99.75 37.28
C ASN K 412 -9.67 -99.52 35.82
N ARG K 413 -10.31 -100.54 35.25
CA ARG K 413 -10.77 -100.49 33.86
C ARG K 413 -11.57 -101.74 33.44
N PHE K 414 -12.64 -101.53 32.67
CA PHE K 414 -13.44 -102.65 32.18
C PHE K 414 -12.66 -103.49 31.17
N LEU K 415 -13.16 -104.71 30.94
CA LEU K 415 -12.51 -105.67 30.06
C LEU K 415 -13.44 -106.09 28.92
N PRO K 416 -12.87 -106.37 27.74
CA PRO K 416 -13.60 -106.74 26.51
C PRO K 416 -14.33 -108.10 26.59
N ILE K 417 -14.94 -108.38 27.74
CA ILE K 417 -15.59 -109.67 27.98
C ILE K 417 -17.10 -109.54 28.10
N THR K 418 -17.79 -110.35 27.30
CA THR K 418 -19.20 -110.18 27.01
C THR K 418 -20.19 -110.71 28.08
N ALA K 419 -19.68 -111.44 29.06
CA ALA K 419 -20.57 -112.08 30.02
C ALA K 419 -19.91 -112.32 31.39
N PRO K 420 -20.74 -112.39 32.45
CA PRO K 420 -20.35 -112.55 33.86
C PRO K 420 -19.86 -113.96 34.21
N PHE K 421 -18.60 -114.25 33.91
CA PHE K 421 -18.02 -115.55 34.22
C PHE K 421 -17.54 -115.61 35.66
N HIS K 422 -17.52 -116.81 36.23
CA HIS K 422 -17.05 -117.02 37.59
C HIS K 422 -17.93 -116.24 38.55
N SER K 423 -19.23 -116.30 38.30
CA SER K 423 -20.23 -115.63 39.12
C SER K 423 -21.58 -116.36 39.11
N PRO K 424 -22.34 -116.21 40.22
CA PRO K 424 -23.71 -116.74 40.42
C PRO K 424 -24.67 -116.33 39.33
N TYR K 425 -24.20 -115.51 38.39
CA TYR K 425 -25.05 -114.98 37.32
C TYR K 425 -25.18 -115.93 36.14
N LEU K 426 -24.13 -116.69 35.92
CA LEU K 426 -24.13 -117.69 34.87
C LEU K 426 -24.62 -119.06 35.36
N ALA K 427 -25.53 -119.05 36.35
CA ALA K 427 -26.07 -120.28 36.93
C ALA K 427 -26.86 -121.10 35.91
N GLY K 428 -27.99 -120.55 35.43
CA GLY K 428 -28.86 -121.24 34.49
C GLY K 428 -28.18 -121.72 33.23
N ALA K 429 -27.07 -121.08 32.86
CA ALA K 429 -26.35 -121.41 31.63
C ALA K 429 -25.67 -122.77 31.71
N HIS K 430 -25.13 -123.10 32.89
CA HIS K 430 -24.37 -124.33 33.12
C HIS K 430 -25.13 -125.60 32.71
N ALA K 431 -26.32 -125.76 33.27
CA ALA K 431 -27.18 -126.89 32.98
C ALA K 431 -27.34 -127.05 31.47
N HIS K 432 -27.89 -126.01 30.82
CA HIS K 432 -28.08 -126.01 29.37
C HIS K 432 -26.88 -126.55 28.59
N ILE K 433 -25.70 -125.99 28.88
CA ILE K 433 -24.46 -126.39 28.20
C ILE K 433 -24.24 -127.91 28.30
N LEU K 434 -24.37 -128.45 29.50
CA LEU K 434 -24.13 -129.88 29.72
C LEU K 434 -24.92 -130.75 28.75
N GLY K 435 -26.19 -130.41 28.56
CA GLY K 435 -27.08 -131.16 27.69
C GLY K 435 -26.72 -131.11 26.20
N ASP K 436 -25.93 -130.11 25.83
CA ASP K 436 -25.47 -129.95 24.45
C ASP K 436 -24.25 -130.87 24.21
N VAL K 437 -23.59 -131.23 25.31
CA VAL K 437 -22.26 -131.82 25.25
C VAL K 437 -22.15 -133.24 25.86
N ASP K 438 -23.25 -133.81 26.32
CA ASP K 438 -23.21 -135.16 26.88
C ASP K 438 -22.74 -136.21 25.87
N ASP K 439 -22.89 -135.89 24.58
CA ASP K 439 -22.43 -136.74 23.46
C ASP K 439 -20.95 -137.03 23.58
N MET K 440 -20.15 -135.97 23.65
CA MET K 440 -18.72 -136.14 23.83
C MET K 440 -18.37 -136.35 25.31
N LYS K 441 -17.30 -137.12 25.54
CA LYS K 441 -16.89 -137.50 26.88
C LYS K 441 -15.37 -137.50 26.97
N ILE K 442 -14.80 -136.57 27.73
CA ILE K 442 -13.36 -136.56 27.94
C ILE K 442 -13.08 -136.96 29.38
N PRO K 443 -12.78 -138.25 29.61
CA PRO K 443 -12.55 -138.79 30.96
C PRO K 443 -11.16 -138.50 31.53
N ALA K 444 -11.06 -138.45 32.86
CA ALA K 444 -9.82 -138.12 33.57
C ALA K 444 -8.58 -138.89 33.10
N SER K 445 -8.83 -140.01 32.44
CA SER K 445 -7.78 -140.88 31.94
C SER K 445 -7.09 -140.34 30.67
N SER K 446 -7.89 -139.89 29.70
CA SER K 446 -7.36 -139.45 28.41
C SER K 446 -6.45 -138.23 28.49
N LEU K 447 -6.10 -137.84 29.72
CA LEU K 447 -5.14 -136.76 29.95
C LEU K 447 -3.73 -137.31 30.10
N VAL K 448 -2.97 -137.23 29.01
CA VAL K 448 -1.55 -137.63 28.98
C VAL K 448 -0.75 -136.86 30.02
N ILE K 449 -0.64 -135.55 29.80
CA ILE K 449 0.07 -134.65 30.69
C ILE K 449 -0.90 -133.97 31.66
N PRO K 450 -0.50 -133.82 32.94
CA PRO K 450 -1.37 -133.27 33.98
C PRO K 450 -2.11 -132.00 33.54
N VAL K 451 -3.40 -131.92 33.90
CA VAL K 451 -4.21 -130.75 33.57
C VAL K 451 -4.70 -130.11 34.88
N TYR K 452 -4.08 -129.00 35.25
CA TYR K 452 -4.29 -128.34 36.54
C TYR K 452 -5.57 -127.50 36.57
N ASP K 453 -6.44 -127.84 37.52
CA ASP K 453 -7.71 -127.16 37.73
C ASP K 453 -7.55 -125.64 37.79
N THR K 454 -8.62 -124.93 37.45
CA THR K 454 -8.67 -123.48 37.50
C THR K 454 -8.75 -122.95 38.94
N LYS K 455 -9.76 -123.37 39.70
CA LYS K 455 -9.92 -122.90 41.08
C LYS K 455 -8.89 -123.44 42.07
N THR K 456 -8.57 -124.73 41.96
CA THR K 456 -7.52 -125.33 42.79
C THR K 456 -6.45 -125.99 41.92
N GLY K 457 -5.19 -125.89 42.36
CA GLY K 457 -4.06 -126.30 41.55
C GLY K 457 -4.06 -127.74 41.07
N GLN K 458 -4.86 -128.60 41.71
CA GLN K 458 -4.79 -130.05 41.50
C GLN K 458 -5.15 -130.53 40.09
N ASP K 459 -4.77 -131.77 39.80
CA ASP K 459 -4.95 -132.35 38.48
C ASP K 459 -6.40 -132.68 38.15
N LEU K 460 -6.61 -133.02 36.88
CA LEU K 460 -7.87 -133.57 36.42
C LEU K 460 -7.73 -135.08 36.15
N ARG K 461 -6.49 -135.57 36.19
CA ARG K 461 -6.25 -137.00 36.08
C ARG K 461 -6.56 -137.70 37.40
N GLU K 462 -6.53 -136.93 38.50
CA GLU K 462 -6.89 -137.41 39.84
C GLU K 462 -8.40 -137.63 40.00
N LEU K 463 -9.06 -137.88 38.88
CA LEU K 463 -10.47 -138.22 38.85
C LEU K 463 -10.71 -139.61 38.24
N GLY K 464 -11.78 -140.27 38.69
CA GLY K 464 -12.12 -141.60 38.25
C GLY K 464 -12.57 -141.64 36.80
N ASP K 465 -12.04 -140.72 35.99
CA ASP K 465 -12.30 -140.67 34.56
C ASP K 465 -13.72 -140.20 34.24
N GLU K 466 -14.19 -139.22 35.00
CA GLU K 466 -15.48 -138.63 34.73
C GLU K 466 -15.38 -137.93 33.39
N ASP K 467 -16.52 -137.66 32.77
CA ASP K 467 -16.56 -136.76 31.64
C ASP K 467 -15.94 -135.46 32.15
N ILE K 468 -14.96 -134.92 31.43
CA ILE K 468 -14.28 -133.68 31.83
C ILE K 468 -15.19 -132.46 31.66
N ILE K 469 -15.99 -132.49 30.60
CA ILE K 469 -16.97 -131.43 30.32
C ILE K 469 -17.57 -130.76 31.58
N PRO K 470 -18.17 -131.55 32.49
CA PRO K 470 -18.80 -131.06 33.73
C PRO K 470 -17.88 -130.23 34.64
N GLU K 471 -16.65 -130.69 34.85
CA GLU K 471 -15.68 -129.94 35.64
C GLU K 471 -15.24 -128.66 34.94
N LEU K 472 -14.90 -128.78 33.65
CA LEU K 472 -14.50 -127.64 32.82
C LEU K 472 -15.51 -126.50 32.87
N VAL K 473 -16.77 -126.85 32.60
CA VAL K 473 -17.84 -125.85 32.54
C VAL K 473 -18.07 -125.10 33.88
N ARG K 474 -17.93 -125.78 35.01
CA ARG K 474 -18.04 -125.08 36.31
C ARG K 474 -16.86 -124.12 36.55
N MET K 475 -15.65 -124.50 36.15
CA MET K 475 -14.42 -123.69 36.32
C MET K 475 -14.51 -122.34 35.61
N ILE K 476 -15.35 -122.30 34.58
CA ILE K 476 -15.47 -121.15 33.69
C ILE K 476 -16.69 -120.29 33.99
N THR K 477 -17.81 -120.91 34.34
CA THR K 477 -19.06 -120.18 34.54
C THR K 477 -19.42 -120.02 36.03
N TYR K 478 -18.54 -120.50 36.90
CA TYR K 478 -18.79 -120.36 38.32
C TYR K 478 -17.52 -120.22 39.17
N ASP K 479 -16.51 -121.03 38.87
CA ASP K 479 -15.33 -121.12 39.74
C ASP K 479 -14.32 -119.99 39.60
N PRO K 480 -14.09 -119.26 40.71
CA PRO K 480 -13.09 -118.20 40.82
C PRO K 480 -11.69 -118.65 40.37
N VAL K 481 -11.28 -118.31 39.14
CA VAL K 481 -9.91 -118.59 38.67
C VAL K 481 -8.84 -118.05 39.65
N ASN K 482 -8.38 -118.88 40.59
CA ASN K 482 -7.25 -118.50 41.43
C ASN K 482 -5.94 -118.76 40.69
N TRP K 483 -5.85 -118.20 39.49
CA TRP K 483 -4.79 -118.46 38.53
C TRP K 483 -3.39 -118.61 39.10
N GLU K 484 -3.01 -117.74 40.04
CA GLU K 484 -1.62 -117.78 40.49
C GLU K 484 -1.26 -119.12 41.14
N THR K 485 -2.23 -119.77 41.79
CA THR K 485 -1.98 -121.07 42.43
C THR K 485 -1.98 -122.22 41.41
N ALA K 486 -2.97 -122.23 40.53
CA ALA K 486 -3.12 -123.25 39.49
C ALA K 486 -2.01 -123.18 38.42
N THR K 487 -1.15 -122.17 38.54
CA THR K 487 -0.06 -122.00 37.59
C THR K 487 1.28 -122.05 38.32
N VAL K 488 1.25 -122.30 39.63
CA VAL K 488 2.49 -122.53 40.35
C VAL K 488 2.96 -123.94 40.01
N PHE K 489 3.47 -124.07 38.77
CA PHE K 489 4.05 -125.31 38.24
C PHE K 489 5.32 -125.63 39.00
N PRO K 490 5.38 -126.83 39.61
CA PRO K 490 6.52 -127.22 40.46
C PRO K 490 7.85 -127.25 39.68
N ASP K 491 8.86 -126.54 40.20
CA ASP K 491 10.19 -126.53 39.60
C ASP K 491 10.18 -126.37 38.06
N ALA K 492 9.33 -125.45 37.57
CA ALA K 492 9.30 -125.09 36.17
C ALA K 492 10.54 -124.29 35.82
N THR K 493 10.91 -124.31 34.55
CA THR K 493 12.08 -123.57 34.09
C THR K 493 11.75 -122.86 32.80
N HIS K 494 10.74 -123.38 32.12
CA HIS K 494 10.23 -122.74 30.90
C HIS K 494 8.70 -122.89 30.85
N ILE K 495 8.01 -121.81 30.49
CA ILE K 495 6.56 -121.84 30.32
C ILE K 495 6.18 -121.26 28.96
N VAL K 496 5.33 -121.99 28.24
CA VAL K 496 5.04 -121.62 26.85
C VAL K 496 3.58 -121.20 26.61
N ASP K 497 3.43 -119.94 26.17
CA ASP K 497 2.14 -119.35 25.88
C ASP K 497 1.74 -119.58 24.41
N PHE K 498 0.68 -120.37 24.22
CA PHE K 498 0.06 -120.57 22.91
C PHE K 498 -1.18 -119.72 22.80
N GLY K 499 -1.62 -119.21 23.97
CA GLY K 499 -2.82 -118.40 24.12
C GLY K 499 -2.91 -117.20 23.18
N PRO K 500 -4.07 -116.52 23.21
CA PRO K 500 -4.45 -115.44 22.29
C PRO K 500 -3.69 -114.14 22.55
N GLY K 501 -3.48 -113.38 21.47
CA GLY K 501 -2.86 -112.06 21.55
C GLY K 501 -1.38 -112.12 21.87
N GLY K 502 -0.59 -111.36 21.11
CA GLY K 502 0.87 -111.37 21.23
C GLY K 502 1.40 -111.07 22.62
N VAL K 503 2.03 -109.90 22.78
CA VAL K 503 2.62 -109.53 24.06
C VAL K 503 1.54 -109.24 25.13
N SER K 504 0.30 -109.62 24.80
CA SER K 504 -0.85 -109.43 25.70
C SER K 504 -1.26 -110.74 26.39
N GLY K 505 -0.83 -111.87 25.83
CA GLY K 505 -1.18 -113.18 26.36
C GLY K 505 -0.78 -113.35 27.82
N ILE K 506 -1.22 -114.44 28.44
CA ILE K 506 -1.00 -114.68 29.86
C ILE K 506 0.48 -114.94 30.17
N GLY K 507 1.28 -115.08 29.10
CA GLY K 507 2.72 -115.29 29.21
C GLY K 507 3.41 -114.21 30.03
N VAL K 508 3.19 -112.96 29.65
CA VAL K 508 3.69 -111.82 30.41
C VAL K 508 3.02 -111.77 31.80
N LEU K 509 1.68 -111.87 31.82
CA LEU K 509 0.90 -111.71 33.03
C LEU K 509 1.40 -112.62 34.15
N THR K 510 1.84 -113.80 33.75
CA THR K 510 2.35 -114.76 34.71
C THR K 510 3.84 -114.57 34.90
N ASN K 511 4.54 -114.27 33.80
CA ASN K 511 5.98 -114.03 33.84
C ASN K 511 6.31 -113.14 35.01
N ARG K 512 5.46 -112.14 35.23
CA ARG K 512 5.61 -111.21 36.35
C ARG K 512 5.40 -111.93 37.68
N ASN K 513 4.32 -112.71 37.76
CA ASN K 513 4.05 -113.51 38.95
C ASN K 513 5.32 -114.27 39.37
N LYS K 514 6.08 -114.70 38.36
CA LYS K 514 7.22 -115.59 38.54
C LYS K 514 8.54 -115.04 37.96
N ASP K 515 8.78 -113.75 38.10
CA ASP K 515 10.00 -113.21 37.52
C ASP K 515 11.23 -113.72 38.26
N GLY K 516 11.25 -113.47 39.57
CA GLY K 516 12.40 -113.77 40.41
C GLY K 516 12.88 -115.22 40.40
N THR K 517 11.93 -116.15 40.39
CA THR K 517 12.23 -117.58 40.60
C THR K 517 13.13 -118.25 39.56
N GLY K 518 13.16 -117.74 38.34
CA GLY K 518 14.00 -118.31 37.31
C GLY K 518 13.19 -118.94 36.20
N VAL K 519 11.87 -118.82 36.30
CA VAL K 519 10.98 -119.29 35.24
C VAL K 519 11.12 -118.37 34.03
N ARG K 520 11.37 -118.97 32.87
CA ARG K 520 11.43 -118.24 31.60
C ARG K 520 10.09 -118.42 30.88
N VAL K 521 9.80 -117.54 29.92
CA VAL K 521 8.54 -117.63 29.17
C VAL K 521 8.80 -117.51 27.67
N ILE K 522 7.99 -118.22 26.89
CA ILE K 522 8.02 -118.10 25.43
C ILE K 522 6.61 -117.96 24.86
N LEU K 523 6.48 -117.09 23.87
CA LEU K 523 5.20 -116.88 23.21
C LEU K 523 5.24 -117.53 21.84
N ALA K 524 4.57 -118.68 21.74
CA ALA K 524 4.45 -119.40 20.48
C ALA K 524 3.50 -118.63 19.57
N GLY K 525 2.71 -117.74 20.17
CA GLY K 525 1.75 -116.92 19.45
C GLY K 525 2.35 -116.06 18.35
N ALA K 526 3.49 -115.43 18.64
CA ALA K 526 4.13 -114.55 17.68
C ALA K 526 5.66 -114.66 17.71
N ILE K 527 6.29 -114.43 16.55
CA ILE K 527 7.72 -114.67 16.38
C ILE K 527 8.61 -113.55 16.95
N ASP K 528 8.03 -112.37 17.16
CA ASP K 528 8.76 -111.21 17.66
C ASP K 528 7.79 -110.19 18.27
N GLY K 529 8.32 -109.26 19.08
CA GLY K 529 7.46 -108.28 19.69
C GLY K 529 8.15 -107.16 20.45
N THR K 530 7.38 -106.59 21.38
CA THR K 530 7.77 -105.37 22.07
C THR K 530 8.36 -105.67 23.45
N ASN K 531 8.14 -106.87 23.96
CA ASN K 531 8.64 -107.23 25.29
C ASN K 531 10.08 -107.72 25.24
N THR K 532 10.84 -107.35 26.26
CA THR K 532 12.24 -107.78 26.42
C THR K 532 12.32 -109.03 27.30
N GLU K 533 11.42 -109.11 28.29
CA GLU K 533 11.42 -110.16 29.32
C GLU K 533 10.81 -111.51 28.89
N VAL K 534 10.51 -111.62 27.60
CA VAL K 534 9.82 -112.78 27.08
C VAL K 534 10.36 -113.15 25.70
N GLY K 535 10.83 -114.39 25.57
CA GLY K 535 11.27 -114.92 24.30
C GLY K 535 10.09 -115.32 23.44
N TYR K 536 10.31 -115.45 22.14
CA TYR K 536 9.19 -115.69 21.22
C TYR K 536 9.23 -117.06 20.55
N LYS K 537 8.49 -117.16 19.45
CA LYS K 537 8.36 -118.38 18.65
C LYS K 537 9.69 -119.10 18.29
N PRO K 538 10.71 -118.37 17.79
CA PRO K 538 11.95 -119.03 17.33
C PRO K 538 12.73 -119.77 18.43
N GLU K 539 12.36 -119.59 19.71
CA GLU K 539 13.07 -120.24 20.83
C GLU K 539 12.55 -121.65 21.18
N LEU K 540 11.48 -122.05 20.50
CA LEU K 540 10.96 -123.40 20.61
C LEU K 540 11.51 -124.26 19.49
N PHE K 541 12.08 -123.62 18.46
CA PHE K 541 12.52 -124.31 17.25
C PHE K 541 14.01 -124.13 16.96
N ASP K 542 14.71 -123.40 17.83
CA ASP K 542 16.12 -123.10 17.59
C ASP K 542 16.97 -124.36 17.68
N ARG K 543 17.65 -124.64 16.57
CA ARG K 543 18.45 -125.84 16.46
C ARG K 543 19.76 -125.72 17.23
N ASP K 544 20.51 -124.65 16.96
CA ASP K 544 21.90 -124.52 17.42
C ASP K 544 22.16 -124.53 18.93
N ASP K 545 23.45 -124.53 19.26
CA ASP K 545 23.90 -124.67 20.64
C ASP K 545 23.75 -123.37 21.40
N ASN K 546 23.54 -123.50 22.72
CA ASN K 546 23.25 -122.34 23.56
C ASN K 546 22.09 -121.53 22.99
N ALA K 547 21.08 -122.25 22.48
CA ALA K 547 19.91 -121.61 21.92
C ALA K 547 18.90 -121.35 23.03
N VAL K 548 19.01 -122.13 24.10
CA VAL K 548 18.11 -121.95 25.25
C VAL K 548 18.73 -121.13 26.36
N GLN K 549 17.97 -120.14 26.80
CA GLN K 549 18.36 -119.28 27.90
C GLN K 549 17.44 -119.54 29.10
N PHE K 550 17.99 -119.33 30.29
CA PHE K 550 17.27 -119.60 31.52
C PHE K 550 17.06 -118.30 32.28
N ALA K 551 15.80 -118.02 32.61
CA ALA K 551 15.51 -116.86 33.43
C ALA K 551 16.22 -117.00 34.79
N VAL K 552 16.94 -115.95 35.21
CA VAL K 552 17.72 -116.03 36.43
C VAL K 552 16.91 -116.07 37.72
N ASP K 553 17.56 -116.59 38.76
CA ASP K 553 17.01 -116.51 40.11
C ASP K 553 17.84 -115.56 40.95
N TRP K 554 17.18 -114.79 41.83
CA TRP K 554 17.86 -113.80 42.69
C TRP K 554 18.51 -114.42 43.92
N VAL K 555 17.84 -115.39 44.53
CA VAL K 555 18.45 -116.09 45.66
C VAL K 555 19.71 -116.81 45.17
N LYS K 556 19.61 -117.39 43.99
CA LYS K 556 20.74 -118.07 43.35
C LYS K 556 21.77 -117.08 42.88
N GLU K 557 21.41 -116.35 41.83
CA GLU K 557 22.29 -115.41 41.19
C GLU K 557 22.96 -114.46 42.19
N HIS K 558 22.16 -113.89 43.09
CA HIS K 558 22.61 -112.83 44.00
C HIS K 558 22.60 -113.25 45.47
N GLY K 559 22.76 -114.55 45.74
CA GLY K 559 22.66 -115.07 47.09
C GLY K 559 23.93 -114.85 47.88
N PRO K 560 23.78 -114.48 49.17
CA PRO K 560 24.93 -114.34 50.08
C PRO K 560 25.70 -115.66 50.14
N ARG K 561 27.00 -115.60 50.43
CA ARG K 561 27.81 -116.81 50.54
C ARG K 561 28.90 -116.62 51.59
N LEU K 562 29.79 -117.59 51.69
CA LEU K 562 30.99 -117.46 52.52
C LEU K 562 32.16 -117.99 51.72
N VAL K 563 33.34 -117.45 52.01
CA VAL K 563 34.59 -117.88 51.37
C VAL K 563 35.76 -117.63 52.34
N LYS K 564 36.83 -118.42 52.20
CA LYS K 564 38.03 -118.24 52.99
C LYS K 564 39.28 -118.09 52.11
N THR K 565 40.27 -117.35 52.61
CA THR K 565 41.50 -117.04 51.89
C THR K 565 42.55 -118.08 52.17
N SER K 566 43.64 -118.00 51.41
CA SER K 566 44.85 -118.78 51.64
C SER K 566 45.40 -118.52 53.05
N VAL K 567 45.15 -117.32 53.58
CA VAL K 567 45.53 -117.00 54.95
C VAL K 567 44.30 -117.04 55.86
N GLY K 568 43.29 -117.77 55.39
CA GLY K 568 42.15 -118.14 56.21
C GLY K 568 41.38 -117.02 56.89
N GLN K 569 41.05 -115.98 56.13
CA GLN K 569 40.06 -115.03 56.57
C GLN K 569 38.72 -115.61 56.12
N THR K 570 37.63 -115.02 56.58
CA THR K 570 36.32 -115.42 56.07
C THR K 570 35.49 -114.21 55.70
N PHE K 571 35.16 -114.13 54.41
CA PHE K 571 34.33 -113.06 53.88
C PHE K 571 32.96 -113.58 53.48
N VAL K 572 31.93 -112.77 53.74
CA VAL K 572 30.62 -112.98 53.14
C VAL K 572 30.80 -112.68 51.64
N ASP K 573 30.31 -113.56 50.79
CA ASP K 573 30.61 -113.43 49.37
C ASP K 573 29.46 -112.76 48.62
N THR K 574 29.56 -111.44 48.48
CA THR K 574 28.57 -110.64 47.76
C THR K 574 29.22 -109.87 46.61
N LYS K 575 28.40 -109.27 45.75
CA LYS K 575 28.92 -108.46 44.65
C LYS K 575 29.67 -107.27 45.22
N MET K 576 29.16 -106.75 46.34
CA MET K 576 29.73 -105.60 47.03
C MET K 576 31.11 -105.85 47.62
N SER K 577 31.19 -106.86 48.49
CA SER K 577 32.43 -107.23 49.17
C SER K 577 33.51 -107.71 48.20
N ARG K 578 33.12 -108.37 47.11
CA ARG K 578 34.05 -108.83 46.10
C ARG K 578 34.59 -107.67 45.27
N LEU K 579 33.68 -106.79 44.87
CA LEU K 579 34.05 -105.55 44.22
C LEU K 579 35.08 -104.77 45.06
N LEU K 580 34.63 -104.40 46.26
CA LEU K 580 35.45 -103.61 47.18
C LEU K 580 36.70 -104.37 47.66
N GLY K 581 36.52 -105.62 48.06
CA GLY K 581 37.62 -106.41 48.58
C GLY K 581 37.59 -106.37 50.09
N VAL K 582 36.38 -106.38 50.64
CA VAL K 582 36.18 -106.24 52.07
C VAL K 582 34.73 -106.56 52.48
N PRO K 583 34.48 -106.64 53.81
CA PRO K 583 33.12 -106.98 54.29
C PRO K 583 32.01 -106.08 53.73
N PRO K 584 30.92 -106.69 53.21
CA PRO K 584 29.69 -106.03 52.73
C PRO K 584 28.98 -105.21 53.82
N VAL K 585 29.62 -104.99 54.97
CA VAL K 585 29.17 -103.99 55.93
C VAL K 585 30.02 -102.73 55.78
N MET K 586 29.36 -101.60 55.55
CA MET K 586 30.04 -100.35 55.21
C MET K 586 29.51 -99.11 55.93
N VAL K 587 30.44 -98.31 56.49
CA VAL K 587 30.13 -97.03 57.13
C VAL K 587 30.00 -95.95 56.05
N ALA K 588 28.79 -95.43 55.90
CA ALA K 588 28.49 -94.46 54.84
C ALA K 588 29.04 -93.09 55.17
N GLY K 589 29.19 -92.26 54.13
CA GLY K 589 29.63 -90.89 54.29
C GLY K 589 28.61 -90.09 55.08
N MET K 590 29.08 -89.42 56.13
CA MET K 590 28.23 -88.56 56.96
C MET K 590 28.98 -87.29 57.35
N THR K 591 28.61 -86.17 56.74
CA THR K 591 29.35 -84.93 56.92
C THR K 591 29.94 -84.75 58.31
N PRO K 592 29.13 -84.35 59.32
CA PRO K 592 29.76 -84.04 60.62
C PRO K 592 30.75 -85.12 61.10
N THR K 593 30.27 -86.35 61.22
CA THR K 593 31.05 -87.40 61.89
C THR K 593 32.07 -88.12 61.00
N THR K 594 31.80 -88.19 59.70
CA THR K 594 32.60 -88.99 58.76
C THR K 594 33.59 -88.12 57.99
N VAL K 595 33.73 -86.89 58.46
CA VAL K 595 34.66 -85.96 57.84
C VAL K 595 36.10 -86.15 58.33
N PRO K 596 36.30 -86.23 59.67
CA PRO K 596 37.67 -86.20 60.23
C PRO K 596 38.52 -87.31 59.65
N TRP K 597 39.76 -87.00 59.24
CA TRP K 597 40.58 -87.99 58.54
C TRP K 597 40.96 -89.16 59.44
N ASP K 598 40.80 -88.99 60.75
CA ASP K 598 41.07 -90.04 61.73
C ASP K 598 40.08 -91.18 61.53
N PHE K 599 38.87 -90.95 62.04
CA PHE K 599 37.81 -91.94 62.01
C PHE K 599 37.73 -92.70 60.68
N VAL K 600 38.00 -92.03 59.55
CA VAL K 600 37.99 -92.70 58.24
C VAL K 600 39.18 -93.65 58.07
N ALA K 601 40.37 -93.16 58.37
CA ALA K 601 41.57 -94.00 58.33
C ALA K 601 41.46 -95.17 59.33
N ALA K 602 40.92 -94.88 60.53
CA ALA K 602 40.68 -95.91 61.55
C ALA K 602 39.73 -97.03 61.06
N THR K 603 38.59 -96.63 60.51
CA THR K 603 37.61 -97.56 59.97
C THR K 603 38.12 -98.30 58.72
N MET K 604 39.16 -97.77 58.10
CA MET K 604 39.77 -98.43 56.95
C MET K 604 40.84 -99.42 57.42
N ASN K 605 41.57 -99.03 58.47
CA ASN K 605 42.54 -99.93 59.11
C ASN K 605 41.81 -101.12 59.72
N ALA K 606 40.53 -100.91 60.08
CA ALA K 606 39.67 -101.99 60.58
C ALA K 606 39.21 -102.88 59.44
N GLY K 607 39.72 -102.62 58.23
CA GLY K 607 39.39 -103.37 57.03
C GLY K 607 37.94 -103.26 56.60
N TYR K 608 37.41 -102.04 56.57
CA TYR K 608 36.01 -101.80 56.22
C TYR K 608 35.84 -100.62 55.27
N HIS K 609 34.78 -100.67 54.47
CA HIS K 609 34.51 -99.61 53.52
C HIS K 609 33.84 -98.40 54.14
N ILE K 610 34.55 -97.28 54.17
CA ILE K 610 33.97 -96.05 54.66
C ILE K 610 34.13 -94.97 53.58
N GLU K 611 33.28 -93.95 53.65
CA GLU K 611 33.31 -92.84 52.70
C GLU K 611 33.76 -91.52 53.36
N LEU K 612 34.84 -90.94 52.86
CA LEU K 612 35.31 -89.63 53.35
C LEU K 612 34.29 -88.53 53.04
N ALA K 613 33.67 -88.00 54.09
CA ALA K 613 32.66 -86.94 53.93
C ALA K 613 33.27 -85.64 53.39
N GLY K 614 32.97 -85.33 52.13
CA GLY K 614 33.49 -84.11 51.50
C GLY K 614 32.73 -82.86 51.92
N GLY K 615 31.59 -83.07 52.58
CA GLY K 615 30.69 -82.00 52.97
C GLY K 615 31.16 -81.09 54.10
N GLY K 616 32.28 -81.45 54.70
CA GLY K 616 32.89 -80.61 55.72
C GLY K 616 34.22 -80.10 55.23
N TYR K 617 34.37 -80.05 53.90
CA TYR K 617 35.60 -79.58 53.26
C TYR K 617 35.37 -78.34 52.39
N TYR K 618 35.78 -77.19 52.93
CA TYR K 618 35.52 -75.90 52.32
C TYR K 618 36.73 -75.46 51.51
N ASN K 619 37.86 -75.30 52.19
CA ASN K 619 39.12 -75.04 51.50
C ASN K 619 39.56 -76.26 50.70
N ALA K 620 39.86 -76.04 49.41
CA ALA K 620 40.34 -77.10 48.53
C ALA K 620 41.63 -77.71 49.06
N GLN K 621 42.32 -76.94 49.89
CA GLN K 621 43.60 -77.37 50.47
C GLN K 621 43.41 -78.28 51.66
N LYS K 622 42.62 -77.85 52.64
CA LYS K 622 42.36 -78.66 53.81
C LYS K 622 41.81 -80.04 53.45
N MET K 623 41.26 -80.18 52.25
CA MET K 623 40.73 -81.46 51.79
C MET K 623 41.81 -82.30 51.14
N SER K 624 42.53 -81.74 50.17
CA SER K 624 43.65 -82.44 49.56
C SER K 624 44.76 -82.70 50.59
N ASP K 625 44.64 -82.07 51.76
CA ASP K 625 45.56 -82.28 52.89
C ASP K 625 45.18 -83.53 53.68
N ALA K 626 43.97 -83.54 54.22
CA ALA K 626 43.49 -84.67 55.03
C ALA K 626 43.36 -85.93 54.19
N ILE K 627 43.18 -85.76 52.88
CA ILE K 627 43.22 -86.88 51.95
C ILE K 627 44.61 -87.54 51.96
N SER K 628 45.65 -86.71 51.99
CA SER K 628 47.04 -87.22 51.98
C SER K 628 47.44 -87.88 53.29
N LYS K 629 46.85 -87.41 54.40
CA LYS K 629 47.03 -88.04 55.71
C LYS K 629 46.47 -89.47 55.74
N ILE K 630 45.30 -89.61 55.14
CA ILE K 630 44.62 -90.90 55.05
C ILE K 630 45.37 -91.92 54.15
N GLU K 631 45.93 -91.47 53.03
CA GLU K 631 46.64 -92.35 52.12
C GLU K 631 47.85 -93.01 52.79
N LYS K 632 48.45 -92.29 53.72
CA LYS K 632 49.71 -92.71 54.31
C LYS K 632 49.57 -93.47 55.61
N ALA K 633 48.47 -93.25 56.33
CA ALA K 633 48.21 -94.03 57.53
C ALA K 633 47.25 -95.22 57.25
N ILE K 634 47.30 -95.72 56.02
CA ILE K 634 46.35 -96.72 55.53
C ILE K 634 47.01 -98.02 55.07
N PRO K 635 46.26 -99.13 55.17
CA PRO K 635 46.63 -100.43 54.60
C PRO K 635 46.97 -100.30 53.12
N PRO K 636 48.26 -100.27 52.78
CA PRO K 636 48.71 -100.08 51.39
C PRO K 636 47.93 -100.90 50.37
N GLY K 637 47.45 -100.24 49.33
CA GLY K 637 46.62 -100.87 48.31
C GLY K 637 45.13 -100.63 48.54
N ARG K 638 44.80 -100.23 49.75
CA ARG K 638 43.44 -99.92 50.13
C ARG K 638 42.98 -98.72 49.29
N GLY K 639 41.71 -98.67 48.96
CA GLY K 639 41.18 -97.59 48.14
C GLY K 639 40.32 -96.58 48.90
N ILE K 640 40.42 -95.31 48.51
CA ILE K 640 39.64 -94.25 49.15
C ILE K 640 38.40 -93.85 48.33
N THR K 641 37.32 -93.57 49.07
CA THR K 641 36.05 -93.12 48.51
C THR K 641 35.65 -91.78 49.11
N VAL K 642 35.36 -90.80 48.25
CA VAL K 642 34.90 -89.50 48.72
C VAL K 642 33.40 -89.29 48.41
N ASN K 643 32.69 -88.78 49.40
CA ASN K 643 31.26 -88.47 49.28
C ASN K 643 31.05 -86.96 49.05
N LEU K 644 30.53 -86.63 47.88
CA LEU K 644 30.33 -85.24 47.47
C LEU K 644 28.84 -84.91 47.39
N ILE K 645 28.47 -83.77 47.96
CA ILE K 645 27.10 -83.27 47.93
C ILE K 645 26.75 -82.62 46.58
N TYR K 646 25.59 -82.97 46.04
CA TYR K 646 25.18 -82.47 44.72
C TYR K 646 24.50 -81.09 44.77
N VAL K 647 23.63 -80.89 45.75
CA VAL K 647 23.00 -79.58 45.98
C VAL K 647 23.97 -78.58 46.61
N ASN K 648 25.24 -78.70 46.23
CA ASN K 648 26.27 -77.73 46.55
C ASN K 648 27.29 -77.75 45.40
N PRO K 649 26.83 -77.34 44.20
CA PRO K 649 27.64 -77.42 42.98
C PRO K 649 28.78 -76.44 43.06
N ARG K 650 28.60 -75.44 43.92
CA ARG K 650 29.66 -74.48 44.23
C ARG K 650 30.86 -75.26 44.76
N ALA K 651 30.62 -76.10 45.75
CA ALA K 651 31.66 -76.90 46.39
C ALA K 651 32.29 -77.90 45.44
N MET K 652 31.48 -78.78 44.85
CA MET K 652 32.02 -79.77 43.92
C MET K 652 32.54 -79.14 42.61
N GLY K 653 32.46 -77.80 42.53
CA GLY K 653 33.05 -77.06 41.43
C GLY K 653 34.55 -77.32 41.38
N TRP K 654 35.16 -77.40 42.55
CA TRP K 654 36.59 -77.68 42.67
C TRP K 654 36.86 -79.12 43.09
N GLN K 655 35.99 -79.64 43.97
CA GLN K 655 36.17 -80.98 44.55
C GLN K 655 36.38 -82.03 43.47
N ILE K 656 35.50 -82.07 42.49
CA ILE K 656 35.55 -83.15 41.48
C ILE K 656 36.80 -83.14 40.61
N PRO K 657 37.19 -81.95 40.10
CA PRO K 657 38.46 -81.86 39.37
C PRO K 657 39.66 -82.04 40.31
N LEU K 658 39.46 -81.77 41.60
CA LEU K 658 40.49 -81.96 42.61
C LEU K 658 40.82 -83.45 42.77
N LEU K 659 39.78 -84.25 43.06
CA LEU K 659 39.95 -85.68 43.19
C LEU K 659 40.67 -86.20 41.96
N GLY K 660 40.08 -85.98 40.79
CA GLY K 660 40.64 -86.43 39.54
C GLY K 660 42.12 -86.14 39.39
N ARG K 661 42.53 -84.95 39.81
CA ARG K 661 43.92 -84.53 39.69
C ARG K 661 44.82 -85.28 40.67
N LEU K 662 44.26 -85.59 41.83
CA LEU K 662 44.95 -86.36 42.87
C LEU K 662 45.21 -87.80 42.41
N ARG K 663 44.16 -88.48 41.94
CA ARG K 663 44.30 -89.84 41.43
C ARG K 663 45.44 -89.95 40.43
N ALA K 664 45.51 -89.01 39.50
CA ALA K 664 46.53 -89.01 38.45
C ALA K 664 47.96 -88.94 39.01
N ASP K 665 48.12 -88.29 40.16
CA ASP K 665 49.44 -88.11 40.77
C ASP K 665 49.88 -89.33 41.60
N GLY K 666 48.99 -90.31 41.71
CA GLY K 666 49.29 -91.53 42.42
C GLY K 666 48.32 -91.80 43.55
N VAL K 667 47.76 -90.74 44.12
CA VAL K 667 46.86 -90.88 45.27
C VAL K 667 45.77 -91.96 45.10
N PRO K 668 45.54 -92.70 46.19
CA PRO K 668 44.68 -93.89 46.27
C PRO K 668 43.19 -93.58 46.30
N ILE K 669 42.69 -92.86 45.31
CA ILE K 669 41.25 -92.65 45.23
C ILE K 669 40.69 -93.49 44.07
N GLU K 670 39.87 -94.47 44.42
CA GLU K 670 39.23 -95.27 43.39
C GLU K 670 37.72 -95.27 43.59
N GLY K 671 37.27 -94.46 44.54
CA GLY K 671 35.87 -94.42 44.89
C GLY K 671 35.29 -93.02 44.92
N LEU K 672 34.12 -92.88 44.31
CA LEU K 672 33.41 -91.61 44.26
C LEU K 672 31.94 -91.83 44.64
N THR K 673 31.41 -90.93 45.45
CA THR K 673 30.00 -90.99 45.87
C THR K 673 29.33 -89.61 45.83
N ILE K 674 28.14 -89.55 45.23
CA ILE K 674 27.38 -88.32 45.04
C ILE K 674 26.05 -88.36 45.77
N GLY K 675 25.88 -87.46 46.74
CA GLY K 675 24.75 -87.52 47.65
C GLY K 675 23.67 -86.46 47.48
N ALA K 676 22.46 -86.81 47.92
CA ALA K 676 21.27 -85.97 47.79
C ALA K 676 21.16 -85.37 46.39
N GLY K 677 21.25 -86.22 45.37
CA GLY K 677 21.17 -85.78 43.99
C GLY K 677 21.77 -86.77 43.02
N VAL K 678 20.99 -87.09 41.98
CA VAL K 678 21.46 -87.99 40.93
C VAL K 678 21.77 -87.21 39.65
N PRO K 679 23.05 -87.20 39.24
CA PRO K 679 23.48 -86.47 38.05
C PRO K 679 22.69 -86.88 36.83
N SER K 680 22.72 -86.07 35.79
CA SER K 680 22.10 -86.50 34.55
C SER K 680 23.07 -87.45 33.89
N ILE K 681 22.58 -88.20 32.91
CA ILE K 681 23.36 -89.24 32.25
C ILE K 681 24.78 -88.80 31.84
N GLU K 682 24.90 -87.66 31.15
CA GLU K 682 26.21 -87.19 30.71
C GLU K 682 26.97 -86.51 31.85
N VAL K 683 26.24 -86.01 32.85
CA VAL K 683 26.85 -85.49 34.07
C VAL K 683 27.64 -86.61 34.74
N ALA K 684 27.03 -87.80 34.81
CA ALA K 684 27.67 -88.99 35.34
C ALA K 684 28.82 -89.49 34.45
N ASN K 685 28.48 -89.84 33.20
CA ASN K 685 29.45 -90.23 32.18
C ASN K 685 30.79 -89.54 32.31
N GLU K 686 30.74 -88.22 32.47
CA GLU K 686 31.95 -87.40 32.65
C GLU K 686 32.78 -87.83 33.87
N TYR K 687 32.21 -87.73 35.07
CA TYR K 687 32.87 -88.20 36.28
C TYR K 687 33.57 -89.54 36.05
N ILE K 688 32.85 -90.47 35.44
CA ILE K 688 33.31 -91.84 35.20
C ILE K 688 34.60 -91.94 34.37
N GLN K 689 34.70 -91.16 33.30
CA GLN K 689 35.84 -91.28 32.39
C GLN K 689 36.82 -90.13 32.52
N THR K 690 36.55 -89.22 33.45
CA THR K 690 37.43 -88.10 33.74
C THR K 690 38.41 -88.48 34.83
N LEU K 691 37.90 -88.59 36.04
CA LEU K 691 38.68 -88.97 37.20
C LEU K 691 38.85 -90.49 37.19
N GLY K 692 40.06 -90.96 37.50
CA GLY K 692 40.36 -92.38 37.38
C GLY K 692 39.79 -93.29 38.46
N ILE K 693 38.57 -93.04 38.89
CA ILE K 693 37.93 -93.89 39.91
C ILE K 693 37.61 -95.26 39.32
N ARG K 694 37.67 -96.28 40.15
CA ARG K 694 37.36 -97.64 39.70
C ARG K 694 35.90 -98.00 40.01
N HIS K 695 35.24 -97.22 40.86
CA HIS K 695 33.82 -97.41 41.09
C HIS K 695 33.11 -96.09 41.42
N ILE K 696 31.84 -96.00 41.03
CA ILE K 696 31.01 -94.82 41.31
C ILE K 696 29.82 -95.19 42.21
N SER K 697 29.23 -94.21 42.86
CA SER K 697 28.16 -94.51 43.80
C SER K 697 27.10 -93.40 43.88
N PHE K 698 25.82 -93.77 43.75
CA PHE K 698 24.72 -92.81 43.81
C PHE K 698 23.81 -93.14 44.97
N LYS K 699 23.01 -92.17 45.41
CA LYS K 699 22.13 -92.40 46.56
C LYS K 699 20.64 -92.10 46.35
N PRO K 700 20.03 -92.73 45.32
CA PRO K 700 18.61 -92.44 45.01
C PRO K 700 17.71 -92.52 46.24
N GLY K 701 16.61 -91.77 46.20
CA GLY K 701 15.67 -91.72 47.30
C GLY K 701 14.24 -91.76 46.79
N SER K 702 14.09 -91.52 45.48
CA SER K 702 12.78 -91.54 44.86
C SER K 702 12.63 -92.76 43.99
N VAL K 703 11.39 -93.25 43.90
CA VAL K 703 11.05 -94.33 42.99
C VAL K 703 11.62 -94.03 41.59
N ASP K 704 11.51 -92.75 41.22
CA ASP K 704 11.95 -92.27 39.91
C ASP K 704 13.48 -92.13 39.91
N ALA K 705 14.00 -91.68 41.05
CA ALA K 705 15.44 -91.51 41.25
C ALA K 705 16.20 -92.77 40.85
N ILE K 706 15.66 -93.90 41.29
CA ILE K 706 16.25 -95.20 41.03
C ILE K 706 16.37 -95.50 39.54
N GLN K 707 15.28 -95.24 38.81
CA GLN K 707 15.28 -95.43 37.36
C GLN K 707 16.43 -94.66 36.67
N GLN K 708 16.70 -93.45 37.18
CA GLN K 708 17.83 -92.67 36.70
C GLN K 708 19.09 -93.52 36.74
N VAL K 709 19.44 -93.96 37.95
CA VAL K 709 20.64 -94.72 38.21
C VAL K 709 20.79 -95.92 37.29
N ILE K 710 19.70 -96.65 37.13
CA ILE K 710 19.66 -97.80 36.22
C ILE K 710 20.13 -97.39 34.83
N ASN K 711 19.67 -96.22 34.40
CA ASN K 711 20.03 -95.72 33.08
C ASN K 711 21.47 -95.26 33.02
N ILE K 712 21.95 -94.73 34.14
CA ILE K 712 23.37 -94.38 34.24
C ILE K 712 24.14 -95.67 34.05
N ALA K 713 23.60 -96.73 34.67
CA ALA K 713 24.23 -98.04 34.64
C ALA K 713 24.20 -98.61 33.24
N LYS K 714 23.05 -98.50 32.59
CA LYS K 714 22.87 -99.02 31.24
C LYS K 714 23.79 -98.25 30.28
N ALA K 715 24.08 -97.01 30.64
CA ALA K 715 24.96 -96.16 29.86
C ALA K 715 26.42 -96.62 29.96
N ASN K 716 26.76 -97.18 31.12
CA ASN K 716 28.08 -97.77 31.31
C ASN K 716 27.98 -99.24 31.65
N PRO K 717 27.82 -100.09 30.61
CA PRO K 717 27.60 -101.52 30.81
C PRO K 717 28.85 -102.24 31.30
N THR K 718 29.91 -101.50 31.57
CA THR K 718 31.19 -102.10 31.98
C THR K 718 31.78 -101.43 33.22
N PHE K 719 30.93 -100.85 34.05
CA PHE K 719 31.42 -100.08 35.19
C PHE K 719 30.67 -100.33 36.49
N PRO K 720 31.43 -100.49 37.58
CA PRO K 720 30.99 -100.60 38.97
C PRO K 720 30.12 -99.41 39.43
N ILE K 721 28.87 -99.69 39.76
CA ILE K 721 27.94 -98.64 40.19
C ILE K 721 27.17 -99.04 41.44
N ILE K 722 27.67 -98.62 42.59
CA ILE K 722 27.02 -98.92 43.86
C ILE K 722 25.75 -98.11 44.01
N LEU K 723 24.66 -98.78 44.34
CA LEU K 723 23.35 -98.13 44.41
C LEU K 723 22.82 -98.01 45.86
N GLN K 724 23.62 -97.38 46.71
CA GLN K 724 23.23 -97.15 48.10
C GLN K 724 21.78 -96.64 48.26
N TRP K 725 20.88 -97.56 48.54
CA TRP K 725 19.47 -97.23 48.61
C TRP K 725 19.05 -96.82 50.04
N THR K 726 18.72 -95.55 50.21
CA THR K 726 18.28 -95.06 51.50
C THR K 726 16.75 -94.87 51.57
N GLY K 727 16.22 -94.76 52.78
CA GLY K 727 14.79 -94.56 52.95
C GLY K 727 14.42 -93.24 53.62
N GLY K 728 13.16 -93.15 54.00
CA GLY K 728 12.64 -91.95 54.63
C GLY K 728 13.02 -91.84 56.10
N ARG K 729 13.96 -92.68 56.54
CA ARG K 729 14.34 -92.67 57.96
C ARG K 729 15.86 -92.58 58.21
N GLY K 730 16.57 -91.93 57.30
CA GLY K 730 18.01 -91.74 57.43
C GLY K 730 18.33 -90.50 58.25
N GLY K 731 19.61 -90.31 58.57
CA GLY K 731 20.05 -89.13 59.29
C GLY K 731 20.20 -87.93 58.35
N GLY K 732 19.65 -86.79 58.75
CA GLY K 732 19.69 -85.60 57.92
C GLY K 732 18.70 -85.60 56.78
N HIS K 733 19.19 -85.52 55.55
CA HIS K 733 18.35 -85.60 54.35
C HIS K 733 17.47 -86.85 54.41
N HIS K 734 16.25 -86.78 53.90
CA HIS K 734 15.39 -87.97 53.81
C HIS K 734 14.18 -87.81 52.91
N SER K 735 14.12 -88.63 51.88
CA SER K 735 12.94 -88.70 51.02
C SER K 735 11.71 -88.91 51.91
N PHE K 736 10.54 -88.90 51.30
CA PHE K 736 9.32 -89.19 52.03
C PHE K 736 8.89 -90.61 51.67
N GLU K 737 9.89 -91.47 51.50
CA GLU K 737 9.69 -92.81 50.95
C GLU K 737 9.95 -93.92 51.99
N ASP K 738 8.99 -94.83 52.12
CA ASP K 738 9.22 -96.09 52.84
C ASP K 738 10.19 -96.89 51.98
N PHE K 739 11.26 -97.38 52.60
CA PHE K 739 12.37 -97.90 51.80
C PHE K 739 12.16 -99.35 51.29
N HIS K 740 10.94 -99.85 51.47
CA HIS K 740 10.56 -101.17 50.98
C HIS K 740 9.94 -101.09 49.59
N GLN K 741 8.76 -100.49 49.52
CA GLN K 741 7.94 -100.43 48.30
C GLN K 741 8.69 -100.06 47.01
N PRO K 742 9.61 -99.07 47.10
CA PRO K 742 10.39 -98.66 45.92
C PRO K 742 11.24 -99.80 45.38
N ILE K 743 11.95 -100.46 46.30
CA ILE K 743 12.79 -101.58 45.93
C ILE K 743 11.92 -102.73 45.42
N LEU K 744 10.86 -103.02 46.18
CA LEU K 744 9.89 -104.05 45.80
C LEU K 744 9.39 -103.83 44.37
N LEU K 745 9.24 -102.56 43.98
CA LEU K 745 8.71 -102.26 42.67
C LEU K 745 9.82 -102.08 41.63
N MET K 746 11.05 -102.06 42.10
CA MET K 746 12.17 -101.77 41.23
C MET K 746 13.16 -102.92 41.14
N TYR K 747 13.33 -103.62 42.25
CA TYR K 747 14.34 -104.65 42.39
C TYR K 747 14.59 -105.43 41.10
N SER K 748 13.50 -105.89 40.49
CA SER K 748 13.58 -106.58 39.22
C SER K 748 14.40 -105.80 38.20
N ARG K 749 13.93 -104.60 37.84
CA ARG K 749 14.64 -103.76 36.88
C ARG K 749 16.08 -103.52 37.32
N ILE K 750 16.26 -103.19 38.60
CA ILE K 750 17.59 -102.90 39.15
C ILE K 750 18.55 -104.02 38.79
N ARG K 751 18.23 -105.21 39.30
CA ARG K 751 19.07 -106.39 39.17
C ARG K 751 19.42 -106.71 37.73
N LYS K 752 18.47 -106.44 36.82
CA LYS K 752 18.60 -106.83 35.42
C LYS K 752 19.72 -106.09 34.70
N CYS K 753 20.28 -105.10 35.37
CA CYS K 753 21.54 -104.52 34.97
C CYS K 753 22.63 -105.07 35.90
N SER K 754 23.67 -105.67 35.32
CA SER K 754 24.70 -106.37 36.12
C SER K 754 25.69 -105.43 36.84
N ASN K 755 25.83 -104.21 36.34
CA ASN K 755 26.79 -103.25 36.90
C ASN K 755 26.39 -102.75 38.28
N ILE K 756 25.15 -103.01 38.66
CA ILE K 756 24.61 -102.45 39.89
C ILE K 756 24.97 -103.26 41.12
N VAL K 757 25.44 -102.57 42.14
CA VAL K 757 25.56 -103.15 43.47
C VAL K 757 24.49 -102.57 44.36
N LEU K 758 23.46 -103.36 44.63
CA LEU K 758 22.35 -102.87 45.43
C LEU K 758 22.66 -102.94 46.93
N VAL K 759 22.93 -101.79 47.52
CA VAL K 759 23.30 -101.75 48.92
C VAL K 759 22.18 -101.15 49.76
N ALA K 760 21.57 -101.96 50.63
CA ALA K 760 20.52 -101.46 51.52
C ALA K 760 21.12 -100.58 52.59
N GLY K 761 20.32 -99.62 53.06
CA GLY K 761 20.77 -98.67 54.05
C GLY K 761 19.60 -97.93 54.62
N SER K 762 19.75 -97.49 55.87
CA SER K 762 18.69 -96.81 56.63
C SER K 762 18.20 -97.70 57.78
N GLY K 763 18.11 -97.13 58.99
CA GLY K 763 17.51 -97.79 60.13
C GLY K 763 18.14 -99.09 60.62
N PHE K 764 19.40 -99.32 60.24
CA PHE K 764 20.12 -100.50 60.72
C PHE K 764 21.06 -100.14 61.87
N GLY K 765 21.36 -101.13 62.70
CA GLY K 765 22.29 -100.95 63.82
C GLY K 765 22.84 -102.27 64.29
N GLY K 766 22.66 -103.30 63.46
CA GLY K 766 23.13 -104.65 63.74
C GLY K 766 22.93 -105.62 62.58
N SER K 767 23.50 -106.81 62.70
CA SER K 767 23.41 -107.84 61.66
C SER K 767 22.12 -108.65 61.72
N GLU K 768 21.43 -108.56 62.86
CA GLU K 768 20.19 -109.29 63.11
C GLU K 768 19.05 -108.74 62.25
N ASP K 769 19.01 -107.41 62.13
CA ASP K 769 18.03 -106.72 61.28
C ASP K 769 18.59 -106.59 59.87
N THR K 770 19.91 -106.53 59.78
CA THR K 770 20.60 -106.49 58.49
C THR K 770 20.38 -107.78 57.71
N TYR K 771 20.63 -108.90 58.40
CA TYR K 771 20.55 -110.23 57.80
C TYR K 771 19.38 -110.37 56.82
N PRO K 772 18.14 -110.13 57.29
CA PRO K 772 16.94 -110.25 56.46
C PRO K 772 17.10 -109.72 55.03
N TYR K 773 17.47 -108.45 54.88
CA TYR K 773 17.61 -107.83 53.56
C TYR K 773 18.83 -108.38 52.83
N LEU K 774 19.83 -108.75 53.63
CA LEU K 774 21.05 -109.38 53.14
C LEU K 774 20.71 -110.69 52.43
N THR K 775 19.68 -111.36 52.93
CA THR K 775 19.19 -112.63 52.38
C THR K 775 18.25 -112.40 51.20
N GLY K 776 17.23 -111.59 51.44
CA GLY K 776 16.13 -111.40 50.51
C GLY K 776 14.86 -111.93 51.17
N SER K 777 14.93 -112.08 52.49
CA SER K 777 13.83 -112.62 53.30
C SER K 777 12.76 -111.58 53.66
N TRP K 778 13.18 -110.33 53.85
CA TRP K 778 12.27 -109.22 54.10
C TRP K 778 11.15 -109.19 53.06
N SER K 779 11.54 -109.37 51.79
CA SER K 779 10.67 -109.21 50.61
C SER K 779 9.60 -110.30 50.51
N THR K 780 9.89 -111.42 51.13
CA THR K 780 8.95 -112.52 51.19
C THR K 780 7.74 -112.13 52.03
N LYS K 781 7.98 -111.39 53.11
CA LYS K 781 6.90 -110.92 53.99
C LYS K 781 5.85 -110.07 53.27
N PHE K 782 6.15 -109.70 52.02
CA PHE K 782 5.25 -108.84 51.24
C PHE K 782 4.65 -109.54 50.03
N GLY K 783 4.70 -110.86 50.02
CA GLY K 783 4.15 -111.63 48.92
C GLY K 783 5.04 -111.52 47.71
N TYR K 784 6.34 -111.41 47.98
CA TYR K 784 7.34 -111.37 46.91
C TYR K 784 8.40 -112.45 47.11
N PRO K 785 9.03 -112.91 45.98
CA PRO K 785 10.22 -113.78 46.07
C PRO K 785 11.29 -113.18 47.00
N PRO K 786 12.39 -113.91 47.21
CA PRO K 786 13.54 -113.32 47.92
C PRO K 786 14.29 -112.29 47.04
N MET K 787 14.59 -111.14 47.64
CA MET K 787 15.30 -110.07 46.95
C MET K 787 16.55 -109.67 47.73
N PRO K 788 17.64 -110.45 47.52
CA PRO K 788 18.93 -110.30 48.20
C PRO K 788 19.60 -108.94 47.94
N PHE K 789 20.00 -108.29 49.02
CA PHE K 789 20.84 -107.10 48.92
C PHE K 789 22.32 -107.46 48.99
N ASP K 790 23.11 -106.92 48.06
CA ASP K 790 24.56 -107.19 47.98
C ASP K 790 25.39 -106.64 49.14
N GLY K 791 24.73 -105.97 50.10
CA GLY K 791 25.41 -105.45 51.25
C GLY K 791 24.51 -104.54 52.08
N CYS K 792 25.03 -104.10 53.21
CA CYS K 792 24.29 -103.16 54.04
C CYS K 792 25.17 -101.96 54.44
N MET K 793 24.51 -100.82 54.67
CA MET K 793 25.20 -99.57 54.92
C MET K 793 24.82 -99.00 56.29
N PHE K 794 25.81 -98.49 57.01
CA PHE K 794 25.60 -97.97 58.36
C PHE K 794 26.02 -96.50 58.53
N GLY K 795 25.07 -95.68 58.97
CA GLY K 795 25.32 -94.27 59.16
C GLY K 795 25.07 -93.86 60.60
N SER K 796 23.80 -93.60 60.92
CA SER K 796 23.40 -93.11 62.24
C SER K 796 24.01 -93.97 63.33
N ARG K 797 24.13 -95.26 63.05
CA ARG K 797 24.66 -96.26 63.98
C ARG K 797 26.05 -95.93 64.53
N MET K 798 27.00 -95.79 63.60
CA MET K 798 28.43 -95.66 63.90
C MET K 798 28.83 -94.40 64.67
N MET K 799 27.86 -93.50 64.88
CA MET K 799 28.16 -92.17 65.41
C MET K 799 28.75 -92.22 66.79
N THR K 800 28.52 -93.33 67.48
CA THR K 800 28.96 -93.50 68.85
C THR K 800 30.27 -94.29 68.96
N ALA K 801 30.87 -94.61 67.82
CA ALA K 801 32.20 -95.24 67.81
C ALA K 801 33.18 -94.33 68.55
N LYS K 802 33.98 -94.90 69.45
CA LYS K 802 34.88 -94.10 70.29
C LYS K 802 35.90 -93.35 69.45
N GLU K 803 36.09 -93.84 68.22
CA GLU K 803 37.06 -93.30 67.27
C GLU K 803 36.42 -92.25 66.33
N ALA K 804 35.11 -92.06 66.51
CA ALA K 804 34.38 -90.95 65.91
C ALA K 804 34.51 -89.75 66.83
N HIS K 805 34.27 -88.55 66.30
CA HIS K 805 34.63 -87.35 67.05
C HIS K 805 33.47 -86.78 67.84
N THR K 806 32.32 -87.40 67.70
CA THR K 806 31.13 -87.00 68.44
C THR K 806 31.48 -86.72 69.89
N SER K 807 31.13 -85.54 70.38
CA SER K 807 31.40 -85.21 71.78
C SER K 807 30.79 -86.24 72.73
N LYS K 808 31.38 -86.37 73.92
CA LYS K 808 30.94 -87.39 74.85
C LYS K 808 29.43 -87.35 75.03
N GLN K 809 28.93 -86.31 75.69
CA GLN K 809 27.50 -86.18 76.00
C GLN K 809 26.62 -86.28 74.74
N ALA K 810 27.24 -85.97 73.60
CA ALA K 810 26.58 -86.08 72.30
C ALA K 810 26.21 -87.53 72.01
N LYS K 811 27.22 -88.35 71.74
CA LYS K 811 27.02 -89.78 71.51
C LYS K 811 26.30 -90.43 72.70
N GLN K 812 26.37 -89.79 73.86
CA GLN K 812 25.59 -90.17 75.01
C GLN K 812 24.11 -90.00 74.70
N ALA K 813 23.68 -88.75 74.60
CA ALA K 813 22.29 -88.43 74.31
C ALA K 813 21.78 -89.15 73.06
N ILE K 814 22.70 -89.56 72.17
CA ILE K 814 22.33 -90.34 70.98
C ILE K 814 21.78 -91.74 71.32
N VAL K 815 22.57 -92.49 72.08
CA VAL K 815 22.16 -93.79 72.58
C VAL K 815 20.78 -93.70 73.20
N ASP K 816 20.64 -92.69 74.08
CA ASP K 816 19.45 -92.42 74.89
C ASP K 816 18.18 -92.22 74.07
N ALA K 817 18.34 -92.11 72.76
CA ALA K 817 17.18 -92.01 71.89
C ALA K 817 16.47 -93.36 71.86
N PRO K 818 15.24 -93.38 72.41
CA PRO K 818 14.40 -94.56 72.15
C PRO K 818 14.11 -94.58 70.66
N GLY K 819 14.59 -95.58 69.93
CA GLY K 819 14.27 -95.68 68.52
C GLY K 819 12.77 -95.90 68.32
N VAL K 820 12.35 -95.94 67.07
CA VAL K 820 10.99 -96.38 66.75
C VAL K 820 11.07 -97.33 65.57
N ASP K 821 10.04 -98.16 65.39
CA ASP K 821 10.02 -99.14 64.32
C ASP K 821 9.70 -98.47 62.98
N ASP K 822 9.97 -99.19 61.89
CA ASP K 822 9.63 -98.74 60.54
C ASP K 822 8.17 -98.28 60.48
N ASP K 823 7.39 -98.66 61.48
CA ASP K 823 6.01 -98.21 61.62
C ASP K 823 5.92 -96.71 61.63
N GLN K 824 6.30 -96.13 62.76
CA GLN K 824 6.03 -94.73 63.04
C GLN K 824 7.23 -93.80 62.86
N TRP K 825 7.95 -93.96 61.76
CA TRP K 825 9.02 -93.02 61.47
C TRP K 825 8.39 -91.81 60.81
N GLU K 826 7.28 -92.04 60.13
CA GLU K 826 6.50 -90.96 59.52
C GLU K 826 6.13 -89.90 60.55
N ASN K 827 6.19 -90.28 61.82
CA ASN K 827 5.86 -89.37 62.92
C ASN K 827 6.88 -88.28 63.21
N THR K 828 8.08 -88.44 62.69
CA THR K 828 9.12 -87.44 62.88
C THR K 828 8.59 -86.11 62.38
N TYR K 829 7.96 -86.15 61.22
CA TYR K 829 7.48 -84.96 60.52
C TYR K 829 6.61 -84.06 61.39
N LYS K 830 6.00 -84.63 62.44
CA LYS K 830 5.04 -83.90 63.26
C LYS K 830 5.41 -83.81 64.74
N ARG K 831 5.95 -84.89 65.29
CA ARG K 831 6.24 -84.94 66.71
C ARG K 831 7.69 -85.31 66.98
N PRO K 832 8.16 -85.04 68.22
CA PRO K 832 9.45 -85.56 68.66
C PRO K 832 9.27 -87.06 68.87
N THR K 833 9.35 -87.81 67.78
CA THR K 833 9.08 -89.25 67.79
C THR K 833 10.36 -90.06 68.02
N GLY K 834 10.41 -90.73 69.18
CA GLY K 834 11.64 -91.33 69.65
C GLY K 834 12.50 -90.25 70.28
N GLY K 835 13.70 -90.08 69.74
CA GLY K 835 14.58 -89.01 70.16
C GLY K 835 14.88 -88.08 69.00
N VAL K 836 14.46 -88.48 67.80
CA VAL K 836 14.63 -87.69 66.59
C VAL K 836 13.36 -86.93 66.22
N ILE K 837 13.56 -85.82 65.53
CA ILE K 837 12.48 -85.00 65.02
C ILE K 837 12.96 -84.53 63.64
N THR K 838 12.03 -84.15 62.76
CA THR K 838 12.44 -83.60 61.47
C THR K 838 12.33 -82.07 61.47
N VAL K 839 13.32 -81.43 60.87
CA VAL K 839 13.45 -79.98 60.90
C VAL K 839 14.08 -79.55 59.57
N LEU K 840 13.86 -78.30 59.19
CA LEU K 840 14.30 -77.84 57.89
C LEU K 840 15.61 -77.08 57.91
N SER K 841 16.43 -77.35 56.90
CA SER K 841 17.72 -76.70 56.71
C SER K 841 17.53 -75.20 56.46
N GLU K 842 18.63 -74.48 56.31
CA GLU K 842 18.54 -73.11 55.81
C GLU K 842 18.18 -73.16 54.31
N MET K 843 18.67 -74.19 53.64
CA MET K 843 18.33 -74.44 52.24
C MET K 843 16.87 -74.86 52.14
N GLY K 844 16.26 -75.15 53.30
CA GLY K 844 14.88 -75.58 53.39
C GLY K 844 14.71 -77.09 53.42
N GLU K 845 15.75 -77.80 53.01
CA GLU K 845 15.75 -79.27 52.95
C GLU K 845 15.47 -79.91 54.31
N PRO K 846 14.76 -81.06 54.30
CA PRO K 846 14.35 -81.75 55.54
C PRO K 846 15.51 -82.49 56.18
N ILE K 847 15.58 -82.43 57.51
CA ILE K 847 16.66 -83.09 58.24
C ILE K 847 16.11 -83.84 59.46
N HIS K 848 16.73 -84.99 59.79
CA HIS K 848 16.41 -85.71 61.02
C HIS K 848 17.47 -85.44 62.08
N LYS K 849 17.03 -84.92 63.23
CA LYS K 849 17.97 -84.54 64.28
C LYS K 849 17.51 -85.03 65.62
N LEU K 850 18.45 -85.12 66.55
CA LEU K 850 18.11 -85.36 67.94
C LEU K 850 17.36 -84.18 68.48
N ALA K 851 16.10 -84.44 68.79
CA ALA K 851 15.18 -83.42 69.22
C ALA K 851 15.59 -82.83 70.58
N THR K 852 16.78 -82.22 70.62
CA THR K 852 17.25 -81.42 71.76
C THR K 852 16.38 -80.15 71.94
N ARG K 853 16.50 -79.51 73.10
CA ARG K 853 15.77 -78.25 73.35
C ARG K 853 15.96 -77.24 72.21
N GLY K 854 17.19 -77.17 71.70
CA GLY K 854 17.52 -76.34 70.57
C GLY K 854 16.74 -76.77 69.34
N VAL K 855 16.93 -78.02 68.93
CA VAL K 855 16.33 -78.53 67.70
C VAL K 855 14.78 -78.46 67.78
N LEU K 856 14.29 -78.28 69.00
CA LEU K 856 12.86 -78.09 69.22
C LEU K 856 12.45 -76.67 68.89
N PHE K 857 13.13 -75.70 69.50
CA PHE K 857 12.90 -74.29 69.25
C PHE K 857 13.27 -73.92 67.82
N TRP K 858 14.03 -74.80 67.17
CA TRP K 858 14.37 -74.62 65.76
C TRP K 858 13.17 -75.00 64.88
N LYS K 859 12.58 -76.16 65.16
CA LYS K 859 11.31 -76.54 64.53
C LYS K 859 10.28 -75.43 64.76
N GLU K 860 10.32 -74.82 65.95
CA GLU K 860 9.46 -73.69 66.30
C GLU K 860 9.45 -72.62 65.20
N LEU K 861 10.61 -72.02 65.00
CA LEU K 861 10.79 -70.93 64.04
C LEU K 861 10.53 -71.39 62.61
N ASP K 862 10.78 -72.67 62.33
CA ASP K 862 10.41 -73.25 61.05
C ASP K 862 8.95 -72.99 60.76
N ASP K 863 8.13 -73.09 61.80
CA ASP K 863 6.67 -73.07 61.66
C ASP K 863 6.06 -71.68 61.77
N LYS K 864 6.78 -70.76 62.41
CA LYS K 864 6.20 -69.47 62.73
C LYS K 864 6.96 -68.33 62.08
N ILE K 865 8.25 -68.54 61.87
CA ILE K 865 9.08 -67.48 61.33
C ILE K 865 9.49 -67.77 59.90
N PHE K 866 10.18 -68.89 59.70
CA PHE K 866 10.69 -69.25 58.38
C PHE K 866 9.56 -69.73 57.47
N SER K 867 8.36 -69.86 58.03
CA SER K 867 7.19 -70.24 57.26
C SER K 867 6.65 -69.05 56.44
N LEU K 868 6.85 -67.85 56.97
CA LEU K 868 6.36 -66.63 56.34
C LEU K 868 7.30 -66.15 55.23
N ASP K 869 6.75 -65.44 54.25
CA ASP K 869 7.56 -64.92 53.15
C ASP K 869 8.50 -63.84 53.67
N ARG K 870 9.70 -63.79 53.09
CA ARG K 870 10.75 -62.87 53.55
C ARG K 870 10.23 -61.60 54.22
N SER K 871 9.46 -60.83 53.46
CA SER K 871 8.96 -59.55 53.93
C SER K 871 8.34 -59.59 55.32
N LYS K 872 7.25 -60.34 55.42
CA LYS K 872 6.44 -60.39 56.64
C LYS K 872 7.21 -60.96 57.84
N ARG K 873 8.38 -61.54 57.58
CA ARG K 873 9.19 -62.18 58.61
C ARG K 873 9.69 -61.21 59.66
N VAL K 874 10.42 -60.21 59.20
CA VAL K 874 11.05 -59.28 60.11
C VAL K 874 10.03 -58.70 61.09
N ALA K 875 8.84 -58.39 60.57
CA ALA K 875 7.77 -57.84 61.39
C ALA K 875 7.38 -58.79 62.50
N GLU K 876 7.19 -60.05 62.13
CA GLU K 876 6.77 -61.08 63.07
C GLU K 876 7.85 -61.35 64.12
N LEU K 877 9.11 -61.11 63.75
CA LEU K 877 10.20 -61.28 64.69
C LEU K 877 10.11 -60.24 65.79
N LYS K 878 9.91 -58.99 65.39
CA LYS K 878 9.79 -57.91 66.36
C LYS K 878 8.66 -58.11 67.35
N LYS K 879 7.63 -58.85 66.95
CA LYS K 879 6.50 -59.06 67.85
C LYS K 879 6.81 -60.12 68.91
N ARG K 880 7.58 -61.13 68.53
CA ARG K 880 7.94 -62.20 69.45
C ARG K 880 9.39 -62.05 69.86
N ARG K 881 9.89 -60.81 69.80
CA ARG K 881 11.31 -60.56 69.99
C ARG K 881 11.83 -61.14 71.29
N ASP K 882 11.40 -60.56 72.41
CA ASP K 882 11.90 -60.96 73.72
C ASP K 882 11.59 -62.42 74.06
N TYR K 883 10.60 -62.99 73.40
CA TYR K 883 10.37 -64.41 73.52
C TYR K 883 11.48 -65.16 72.81
N ILE K 884 11.66 -64.89 71.52
CA ILE K 884 12.65 -65.56 70.70
C ILE K 884 14.04 -65.35 71.28
N ILE K 885 14.19 -64.23 71.96
CA ILE K 885 15.45 -63.87 72.55
C ILE K 885 15.72 -64.70 73.80
N LYS K 886 14.66 -64.98 74.57
CA LYS K 886 14.79 -65.88 75.70
C LYS K 886 15.16 -67.28 75.21
N LYS K 887 14.27 -67.87 74.42
CA LYS K 887 14.51 -69.20 73.85
C LYS K 887 15.86 -69.28 73.12
N LEU K 888 16.33 -68.14 72.62
CA LEU K 888 17.64 -68.07 72.00
C LEU K 888 18.74 -68.25 73.07
N ASN K 889 18.67 -67.38 74.09
CA ASN K 889 19.58 -67.39 75.22
C ASN K 889 19.59 -68.72 75.99
N ASP K 890 18.41 -69.29 76.15
CA ASP K 890 18.24 -70.43 77.04
C ASP K 890 18.67 -71.76 76.42
N ASP K 891 18.06 -72.15 75.33
CA ASP K 891 18.35 -73.47 74.78
C ASP K 891 18.64 -73.58 73.29
N PHE K 892 19.43 -72.67 72.74
CA PHE K 892 19.89 -72.86 71.37
C PHE K 892 21.41 -72.84 71.20
N GLN K 893 21.88 -73.61 70.21
CA GLN K 893 23.30 -73.70 69.84
C GLN K 893 24.02 -72.37 69.78
N LYS K 894 23.29 -71.33 69.37
CA LYS K 894 23.82 -69.98 69.29
C LYS K 894 23.00 -69.04 70.18
N VAL K 895 23.70 -68.29 71.01
CA VAL K 895 23.02 -67.47 71.98
C VAL K 895 22.78 -66.07 71.43
N TRP K 896 21.94 -65.32 72.14
CA TRP K 896 21.69 -63.93 71.78
C TRP K 896 22.86 -63.07 72.23
N PHE K 897 23.50 -62.39 71.29
CA PHE K 897 24.70 -61.61 71.57
C PHE K 897 24.46 -60.41 72.53
N GLY K 898 23.26 -60.33 73.10
CA GLY K 898 22.83 -59.10 73.72
C GLY K 898 23.17 -58.84 75.17
N ARG K 899 24.08 -59.61 75.76
CA ARG K 899 24.41 -59.41 77.17
C ARG K 899 24.95 -58.02 77.51
N ASN K 900 24.67 -57.56 78.72
CA ASN K 900 25.30 -56.35 79.22
C ASN K 900 26.25 -56.68 80.36
N SER K 901 26.92 -55.66 80.87
CA SER K 901 27.87 -55.85 81.97
C SER K 901 27.29 -56.66 83.13
N ALA K 902 26.13 -56.22 83.62
CA ALA K 902 25.47 -56.81 84.79
C ALA K 902 25.19 -58.31 84.61
N GLY K 903 24.96 -58.72 83.37
CA GLY K 903 24.72 -60.12 83.06
C GLY K 903 23.46 -60.33 82.25
N GLU K 904 22.49 -59.43 82.40
CA GLU K 904 21.22 -59.52 81.69
C GLU K 904 21.40 -59.29 80.19
N PRO K 905 20.38 -59.66 79.40
CA PRO K 905 20.45 -59.45 77.95
C PRO K 905 19.83 -58.10 77.61
N VAL K 906 20.32 -57.50 76.54
CA VAL K 906 19.84 -56.21 76.08
C VAL K 906 19.89 -56.19 74.56
N ASP K 907 19.57 -55.05 73.97
CA ASP K 907 19.67 -54.90 72.53
C ASP K 907 21.14 -54.63 72.20
N LEU K 908 21.60 -55.12 71.05
CA LEU K 908 22.97 -54.86 70.60
C LEU K 908 23.21 -53.35 70.58
N GLU K 909 22.15 -52.64 70.26
CA GLU K 909 22.17 -51.19 70.12
C GLU K 909 22.31 -50.50 71.49
N ASP K 910 22.19 -51.28 72.56
CA ASP K 910 22.22 -50.76 73.93
C ASP K 910 23.51 -51.12 74.69
N MET K 911 24.33 -51.98 74.08
CA MET K 911 25.61 -52.36 74.68
C MET K 911 26.62 -51.25 74.55
N THR K 912 27.56 -51.15 75.49
CA THR K 912 28.68 -50.23 75.36
C THR K 912 29.77 -50.87 74.51
N TYR K 913 30.69 -50.05 74.00
CA TYR K 913 31.77 -50.57 73.15
C TYR K 913 32.53 -51.69 73.84
N ALA K 914 33.00 -51.37 75.04
CA ALA K 914 33.58 -52.34 75.95
C ALA K 914 32.74 -53.61 75.95
N GLU K 915 31.53 -53.50 76.47
CA GLU K 915 30.62 -54.64 76.58
C GLU K 915 30.58 -55.51 75.32
N VAL K 916 30.67 -54.89 74.15
CA VAL K 916 30.65 -55.65 72.90
C VAL K 916 31.94 -56.42 72.67
N VAL K 917 33.07 -55.71 72.71
CA VAL K 917 34.36 -56.38 72.55
C VAL K 917 34.47 -57.53 73.55
N HIS K 918 34.07 -57.28 74.79
CA HIS K 918 34.04 -58.33 75.83
C HIS K 918 33.18 -59.54 75.45
N ARG K 919 31.90 -59.29 75.20
CA ARG K 919 30.96 -60.34 74.82
C ARG K 919 31.47 -61.11 73.59
N MET K 920 32.26 -60.45 72.76
CA MET K 920 32.82 -61.09 71.57
C MET K 920 33.78 -62.18 72.04
N VAL K 921 34.77 -61.79 72.83
CA VAL K 921 35.70 -62.72 73.44
C VAL K 921 34.94 -63.84 74.16
N GLU K 922 34.08 -63.44 75.10
CA GLU K 922 33.25 -64.39 75.86
C GLU K 922 32.70 -65.53 75.02
N LEU K 923 32.16 -65.19 73.86
CA LEU K 923 31.38 -66.12 73.05
C LEU K 923 32.16 -66.81 71.93
N MET K 924 33.45 -66.49 71.78
CA MET K 924 34.26 -67.10 70.71
C MET K 924 35.55 -67.73 71.22
N TYR K 925 36.01 -67.27 72.38
CA TYR K 925 37.19 -67.82 73.02
C TYR K 925 36.78 -68.66 74.20
N VAL K 926 37.11 -69.95 74.14
CA VAL K 926 36.80 -70.90 75.22
C VAL K 926 37.80 -70.73 76.37
N LYS K 927 37.33 -70.21 77.50
CA LYS K 927 38.20 -69.86 78.63
C LYS K 927 39.02 -71.01 79.16
N HIS K 928 38.32 -72.03 79.64
CA HIS K 928 38.97 -73.16 80.30
C HIS K 928 39.80 -74.06 79.35
N GLU K 929 39.91 -73.66 78.09
CA GLU K 929 40.74 -74.39 77.13
C GLU K 929 41.75 -73.49 76.42
N LYS K 930 41.74 -72.21 76.78
CA LYS K 930 42.65 -71.20 76.23
C LYS K 930 42.78 -71.30 74.72
N ARG K 931 41.63 -71.33 74.03
CA ARG K 931 41.59 -71.42 72.59
C ARG K 931 40.41 -70.65 71.99
N TRP K 932 40.63 -70.13 70.79
CA TRP K 932 39.56 -69.55 70.00
C TRP K 932 38.90 -70.65 69.17
N ILE K 933 37.57 -70.59 69.05
CA ILE K 933 36.83 -71.55 68.24
C ILE K 933 37.36 -71.59 66.80
N ASP K 934 38.02 -70.52 66.40
CA ASP K 934 38.60 -70.43 65.06
C ASP K 934 39.40 -69.13 64.96
N PRO K 935 40.63 -69.22 64.43
CA PRO K 935 41.48 -68.03 64.22
C PRO K 935 40.70 -66.85 63.60
N SER K 936 39.94 -67.15 62.54
CA SER K 936 39.11 -66.16 61.88
C SER K 936 38.30 -65.33 62.87
N LEU K 937 37.67 -65.99 63.83
CA LEU K 937 36.84 -65.30 64.83
C LEU K 937 37.69 -64.51 65.81
N LYS K 938 38.97 -64.86 65.93
CA LYS K 938 39.88 -64.06 66.73
C LYS K 938 40.19 -62.79 65.95
N LYS K 939 40.40 -62.97 64.64
CA LYS K 939 40.61 -61.82 63.77
C LYS K 939 39.44 -60.87 63.94
N LEU K 940 38.24 -61.37 63.66
CA LEU K 940 37.01 -60.61 63.83
C LEU K 940 37.04 -59.78 65.09
N THR K 941 37.03 -60.44 66.24
CA THR K 941 37.10 -59.75 67.51
C THR K 941 38.25 -58.74 67.52
N GLY K 942 39.34 -59.07 66.84
CA GLY K 942 40.47 -58.16 66.75
C GLY K 942 40.15 -56.90 65.98
N ASP K 943 39.53 -57.09 64.82
CA ASP K 943 39.19 -55.99 63.92
C ASP K 943 38.22 -55.03 64.56
N PHE K 944 37.16 -55.54 65.16
CA PHE K 944 36.24 -54.65 65.85
C PHE K 944 36.93 -53.83 66.93
N ILE K 945 37.84 -54.47 67.64
CA ILE K 945 38.64 -53.79 68.65
C ILE K 945 39.33 -52.57 68.01
N ARG K 946 40.03 -52.87 66.91
CA ARG K 946 40.72 -51.89 66.12
C ARG K 946 39.78 -50.73 65.84
N ARG K 947 38.54 -51.07 65.54
CA ARG K 947 37.54 -50.06 65.23
C ARG K 947 37.28 -49.15 66.42
N VAL K 948 37.06 -49.77 67.58
CA VAL K 948 36.71 -49.02 68.78
C VAL K 948 37.82 -48.03 69.06
N GLU K 949 39.04 -48.48 68.79
CA GLU K 949 40.20 -47.62 68.80
C GLU K 949 39.90 -46.37 67.97
N GLU K 950 39.68 -46.60 66.67
CA GLU K 950 39.43 -45.53 65.70
C GLU K 950 38.33 -44.60 66.15
N ARG K 951 37.19 -45.17 66.55
CA ARG K 951 36.07 -44.37 67.03
C ARG K 951 36.48 -43.40 68.13
N PHE K 952 37.48 -43.82 68.91
CA PHE K 952 37.84 -43.08 70.10
C PHE K 952 39.19 -42.37 70.06
N THR K 953 39.85 -42.42 68.91
CA THR K 953 40.99 -41.55 68.66
C THR K 953 40.60 -40.42 67.69
N SER K 954 41.16 -39.24 67.89
CA SER K 954 40.80 -38.12 67.03
C SER K 954 42.01 -37.29 66.61
N VAL K 955 43.18 -37.92 66.57
CA VAL K 955 44.36 -37.28 66.01
C VAL K 955 45.27 -38.29 65.33
N GLU K 956 45.77 -37.93 64.15
CA GLU K 956 46.62 -38.83 63.39
C GLU K 956 47.96 -38.99 64.08
N GLY K 957 48.55 -40.17 63.91
CA GLY K 957 49.85 -40.45 64.50
C GLY K 957 49.86 -41.61 65.46
N GLN K 958 48.94 -41.60 66.42
CA GLN K 958 48.81 -42.70 67.39
C GLN K 958 48.62 -44.05 66.71
N PRO K 959 49.51 -45.01 67.03
CA PRO K 959 49.37 -46.35 66.44
C PRO K 959 48.42 -47.20 67.27
N SER K 960 48.13 -48.41 66.75
CA SER K 960 47.19 -49.31 67.38
C SER K 960 47.84 -50.02 68.56
N LEU K 961 47.06 -50.19 69.64
CA LEU K 961 47.52 -50.91 70.82
C LEU K 961 47.51 -52.40 70.55
N LEU K 962 46.57 -52.83 69.72
CA LEU K 962 46.56 -54.17 69.18
C LEU K 962 47.27 -54.18 67.80
N GLN K 963 48.60 -54.33 67.82
CA GLN K 963 49.40 -54.21 66.61
C GLN K 963 49.51 -55.52 65.84
N ASN K 964 49.39 -56.63 66.56
CA ASN K 964 49.36 -57.95 65.94
C ASN K 964 48.27 -58.80 66.57
N TYR K 965 47.48 -59.51 65.75
CA TYR K 965 46.38 -60.32 66.27
C TYR K 965 46.90 -61.43 67.19
N SER K 966 48.19 -61.69 67.10
CA SER K 966 48.87 -62.58 68.04
C SER K 966 48.55 -62.19 69.49
N ASP K 967 48.41 -60.90 69.74
CA ASP K 967 48.08 -60.36 71.07
C ASP K 967 46.81 -60.98 71.69
N LEU K 968 45.84 -61.30 70.85
CA LEU K 968 44.57 -61.84 71.32
C LEU K 968 44.65 -63.32 71.68
N ASP K 969 45.83 -63.92 71.49
CA ASP K 969 46.00 -65.34 71.77
C ASP K 969 45.63 -65.67 73.21
N GLU K 970 46.22 -64.94 74.16
CA GLU K 970 45.69 -64.87 75.52
C GLU K 970 45.06 -63.50 75.68
N PRO K 971 43.74 -63.43 75.42
CA PRO K 971 42.99 -62.24 75.09
C PRO K 971 42.61 -61.48 76.32
N TYR K 972 41.73 -62.06 77.14
CA TYR K 972 41.13 -61.35 78.27
C TYR K 972 42.16 -60.56 79.11
N PRO K 973 43.38 -61.12 79.28
CA PRO K 973 44.48 -60.39 79.93
C PRO K 973 44.89 -59.11 79.20
N ALA K 974 45.02 -59.21 77.87
CA ALA K 974 45.49 -58.12 77.00
C ALA K 974 44.40 -57.11 76.66
N VAL K 975 43.25 -57.63 76.23
CA VAL K 975 42.12 -56.81 75.83
C VAL K 975 41.87 -55.64 76.78
N ASP K 976 41.79 -55.94 78.07
CA ASP K 976 41.45 -54.93 79.08
C ASP K 976 42.44 -53.78 79.03
N ARG K 977 43.66 -54.10 78.64
CA ARG K 977 44.70 -53.09 78.48
C ARG K 977 44.30 -52.06 77.41
N ILE K 978 43.96 -52.54 76.21
CA ILE K 978 43.56 -51.66 75.12
C ILE K 978 42.35 -50.85 75.49
N LEU K 979 41.27 -51.55 75.83
CA LEU K 979 40.01 -50.93 76.21
C LEU K 979 40.14 -49.86 77.29
N ALA K 980 41.19 -49.97 78.10
CA ALA K 980 41.37 -49.04 79.20
C ALA K 980 42.12 -47.83 78.69
N ALA K 981 42.77 -48.00 77.55
CA ALA K 981 43.50 -46.91 76.90
C ALA K 981 42.52 -45.94 76.27
N TYR K 982 41.33 -46.42 75.99
CA TYR K 982 40.29 -45.57 75.43
C TYR K 982 39.10 -45.60 76.37
N PRO K 983 39.19 -44.82 77.44
CA PRO K 983 38.28 -44.74 78.59
C PRO K 983 36.82 -44.82 78.20
N GLU K 984 36.37 -43.83 77.46
CA GLU K 984 34.95 -43.65 77.16
C GLU K 984 34.33 -44.86 76.47
N ALA K 985 35.16 -45.77 75.97
CA ALA K 985 34.68 -46.99 75.31
C ALA K 985 33.91 -47.86 76.29
N SER K 986 33.74 -47.37 77.51
CA SER K 986 33.04 -48.10 78.55
C SER K 986 31.92 -47.23 79.09
N THR K 987 31.81 -46.03 78.52
CA THR K 987 30.81 -45.03 78.94
C THR K 987 29.62 -44.97 78.00
N GLN K 988 29.90 -45.04 76.70
CA GLN K 988 28.88 -44.83 75.67
C GLN K 988 28.71 -46.04 74.73
N LEU K 989 27.47 -46.20 74.26
CA LEU K 989 27.05 -47.35 73.46
C LEU K 989 27.56 -47.24 72.03
N ILE K 990 27.46 -48.33 71.27
CA ILE K 990 27.92 -48.30 69.88
C ILE K 990 27.22 -47.19 69.12
N ASN K 991 27.96 -46.57 68.19
CA ASN K 991 27.33 -45.69 67.20
C ASN K 991 26.37 -46.54 66.41
N ALA K 992 25.28 -45.92 65.97
CA ALA K 992 24.35 -46.62 65.12
C ALA K 992 25.18 -47.13 63.95
N GLN K 993 26.05 -46.25 63.45
CA GLN K 993 26.91 -46.58 62.34
C GLN K 993 27.75 -47.82 62.62
N ASP K 994 28.22 -47.92 63.86
CA ASP K 994 29.14 -48.96 64.23
C ASP K 994 28.44 -50.30 64.41
N VAL K 995 27.24 -50.26 64.96
CA VAL K 995 26.39 -51.44 65.00
C VAL K 995 26.33 -52.05 63.60
N GLN K 996 26.00 -51.22 62.60
CA GLN K 996 25.87 -51.67 61.23
C GLN K 996 27.16 -52.30 60.73
N HIS K 997 28.29 -51.72 61.17
CA HIS K 997 29.60 -52.21 60.79
C HIS K 997 29.86 -53.57 61.41
N PHE K 998 29.74 -53.61 62.73
CA PHE K 998 29.81 -54.84 63.48
C PHE K 998 29.09 -55.96 62.71
N LEU K 999 27.82 -55.69 62.43
CA LEU K 999 26.95 -56.64 61.76
C LEU K 999 27.45 -57.12 60.41
N LEU K 1000 28.18 -56.28 59.69
CA LEU K 1000 28.73 -56.71 58.41
C LEU K 1000 29.99 -57.52 58.62
N LEU K 1001 30.69 -57.23 59.71
CA LEU K 1001 31.87 -57.97 60.10
C LEU K 1001 31.56 -59.43 60.43
N CYS K 1002 30.39 -59.63 61.02
CA CYS K 1002 29.93 -60.97 61.38
C CYS K 1002 29.49 -61.74 60.14
N GLN K 1003 29.56 -61.09 58.98
CA GLN K 1003 29.04 -61.66 57.73
C GLN K 1003 30.12 -61.91 56.68
N ARG K 1004 31.30 -61.33 56.86
CA ARG K 1004 32.37 -61.38 55.86
C ARG K 1004 32.63 -62.76 55.26
N ARG K 1005 33.09 -62.78 54.03
CA ARG K 1005 33.47 -64.02 53.36
C ARG K 1005 34.78 -64.53 53.94
N GLY K 1006 34.86 -65.85 54.15
CA GLY K 1006 36.09 -66.46 54.64
C GLY K 1006 36.26 -66.35 56.15
N GLN K 1007 35.15 -66.16 56.84
CA GLN K 1007 35.13 -66.18 58.30
C GLN K 1007 34.12 -67.24 58.75
N LYS K 1008 34.47 -68.00 59.78
CA LYS K 1008 33.53 -68.97 60.29
C LYS K 1008 32.30 -68.22 60.77
N PRO K 1009 31.12 -68.71 60.36
CA PRO K 1009 29.87 -68.10 60.81
C PRO K 1009 29.85 -67.87 62.32
N VAL K 1010 29.61 -66.61 62.69
CA VAL K 1010 29.48 -66.22 64.08
C VAL K 1010 28.66 -67.22 64.91
N PRO K 1011 29.15 -67.57 66.12
CA PRO K 1011 28.54 -68.54 67.03
C PRO K 1011 27.42 -67.95 67.88
N PHE K 1012 26.67 -67.02 67.30
CA PHE K 1012 25.54 -66.41 67.99
C PHE K 1012 24.57 -65.73 67.02
N VAL K 1013 23.64 -64.95 67.59
CA VAL K 1013 22.73 -64.13 66.80
C VAL K 1013 22.79 -62.67 67.26
N PRO K 1014 23.27 -61.78 66.36
CA PRO K 1014 23.56 -60.36 66.62
C PRO K 1014 22.29 -59.51 66.69
N ALA K 1015 21.32 -59.79 65.83
CA ALA K 1015 19.97 -59.27 65.98
C ALA K 1015 19.01 -60.03 65.08
N LEU K 1016 17.72 -59.71 65.20
CA LEU K 1016 16.67 -60.43 64.48
C LEU K 1016 16.30 -59.76 63.16
N ASP K 1017 17.29 -59.53 62.30
CA ASP K 1017 17.06 -58.74 61.09
C ASP K 1017 16.53 -59.58 59.93
N GLU K 1018 16.73 -59.05 58.73
CA GLU K 1018 16.31 -59.71 57.50
C GLU K 1018 17.11 -61.00 57.24
N ASN K 1019 18.15 -61.21 58.03
CA ASN K 1019 19.06 -62.33 57.84
C ASN K 1019 18.97 -63.34 58.96
N PHE K 1020 17.98 -63.17 59.83
CA PHE K 1020 17.86 -63.98 61.03
C PHE K 1020 17.93 -65.49 60.78
N GLU K 1021 17.43 -65.92 59.64
CA GLU K 1021 17.54 -67.33 59.25
C GLU K 1021 19.00 -67.76 59.07
N TYR K 1022 19.79 -66.92 58.39
CA TYR K 1022 21.23 -67.17 58.25
C TYR K 1022 21.93 -67.18 59.61
N TRP K 1023 21.66 -66.16 60.41
CA TRP K 1023 22.24 -66.04 61.75
C TRP K 1023 22.02 -67.32 62.54
N PHE K 1024 20.80 -67.82 62.47
CA PHE K 1024 20.33 -68.99 63.21
C PHE K 1024 20.97 -70.32 62.76
N LYS K 1025 20.79 -70.66 61.49
CA LYS K 1025 21.06 -72.03 61.06
C LYS K 1025 22.17 -72.23 60.03
N LYS K 1026 23.15 -71.34 60.00
CA LYS K 1026 24.31 -71.63 59.14
C LYS K 1026 25.41 -72.31 59.95
N ASP K 1027 26.05 -73.33 59.36
CA ASP K 1027 27.14 -74.01 60.04
C ASP K 1027 26.73 -74.29 61.49
N SER K 1028 25.91 -75.33 61.66
CA SER K 1028 25.27 -75.64 62.94
C SER K 1028 25.82 -76.90 63.61
N LEU K 1029 26.12 -77.91 62.79
CA LEU K 1029 26.51 -79.23 63.27
C LEU K 1029 27.93 -79.39 63.84
N TRP K 1030 28.84 -78.46 63.56
CA TRP K 1030 30.21 -78.52 64.09
C TRP K 1030 30.23 -78.52 65.62
N GLN K 1031 29.16 -77.99 66.21
CA GLN K 1031 29.05 -77.77 67.65
C GLN K 1031 28.67 -79.05 68.37
N SER K 1032 28.03 -79.95 67.61
CA SER K 1032 27.81 -81.33 68.05
C SER K 1032 29.14 -82.02 68.38
N GLU K 1033 30.08 -81.98 67.43
CA GLU K 1033 31.40 -82.61 67.60
C GLU K 1033 32.40 -81.73 68.35
N ASP K 1034 31.89 -80.80 69.16
CA ASP K 1034 32.73 -79.98 70.03
C ASP K 1034 31.89 -79.23 71.07
N ILE K 1035 31.22 -79.98 71.91
CA ILE K 1035 30.35 -79.38 72.92
C ILE K 1035 31.14 -78.59 73.97
N GLU K 1036 32.46 -78.65 73.90
CA GLU K 1036 33.29 -77.89 74.83
C GLU K 1036 33.23 -76.41 74.51
N ALA K 1037 33.04 -76.10 73.23
CA ALA K 1037 32.94 -74.71 72.76
C ALA K 1037 31.55 -74.13 73.09
N VAL K 1038 30.52 -74.97 72.90
CA VAL K 1038 29.14 -74.59 73.14
C VAL K 1038 28.93 -73.90 74.50
N TYR K 1039 28.10 -72.86 74.51
CA TYR K 1039 27.70 -72.16 75.74
C TYR K 1039 27.11 -73.17 76.71
N GLY K 1040 27.62 -73.16 77.93
CA GLY K 1040 27.16 -74.09 78.95
C GLY K 1040 27.58 -75.54 78.67
N GLN K 1041 27.98 -75.80 77.43
CA GLN K 1041 28.51 -77.11 77.02
C GLN K 1041 27.51 -78.24 77.15
N ASP K 1042 26.22 -77.92 77.16
CA ASP K 1042 25.24 -78.99 77.18
C ASP K 1042 24.71 -79.30 75.78
N VAL K 1043 24.59 -80.58 75.50
CA VAL K 1043 24.05 -81.00 74.22
C VAL K 1043 22.60 -80.56 74.11
N GLY K 1044 22.00 -80.21 75.26
CA GLY K 1044 20.62 -79.82 75.31
C GLY K 1044 20.20 -78.85 74.22
N ARG K 1045 21.14 -78.01 73.79
CA ARG K 1045 20.86 -76.99 72.79
C ARG K 1045 21.53 -77.27 71.45
N THR K 1046 21.93 -78.52 71.24
CA THR K 1046 22.80 -78.87 70.12
C THR K 1046 22.13 -79.66 68.98
N CYS K 1047 22.79 -79.64 67.82
CA CYS K 1047 22.24 -80.20 66.61
C CYS K 1047 22.95 -81.49 66.27
N ILE K 1048 22.28 -82.61 66.52
CA ILE K 1048 22.86 -83.91 66.21
C ILE K 1048 21.96 -84.71 65.28
N LEU K 1049 22.53 -85.17 64.18
CA LEU K 1049 21.72 -85.82 63.19
C LEU K 1049 21.55 -87.29 63.56
N GLN K 1050 20.34 -87.80 63.39
CA GLN K 1050 20.03 -89.20 63.71
C GLN K 1050 18.80 -89.71 62.95
N GLY K 1051 18.87 -90.93 62.41
CA GLY K 1051 17.69 -91.62 61.89
C GLY K 1051 16.69 -91.92 63.02
N PRO K 1052 15.41 -92.08 62.66
CA PRO K 1052 14.37 -92.33 63.69
C PRO K 1052 14.45 -93.75 64.25
N VAL K 1053 14.81 -94.67 63.37
CA VAL K 1053 14.79 -96.09 63.67
C VAL K 1053 16.12 -96.58 64.25
N ALA K 1054 17.24 -96.16 63.65
CA ALA K 1054 18.55 -96.59 64.13
C ALA K 1054 19.01 -95.89 65.44
N ALA K 1055 18.08 -95.65 66.37
CA ALA K 1055 18.35 -94.91 67.63
C ALA K 1055 18.31 -95.83 68.83
N LYS K 1056 17.48 -96.85 68.71
CA LYS K 1056 17.43 -97.97 69.64
C LYS K 1056 18.65 -98.87 69.41
N TYR K 1057 19.07 -99.01 68.14
CA TYR K 1057 20.19 -99.88 67.73
C TYR K 1057 21.56 -99.43 68.25
N SER K 1058 21.56 -98.41 69.12
CA SER K 1058 22.77 -97.96 69.80
C SER K 1058 22.47 -97.92 71.31
N LYS K 1059 23.21 -98.70 72.09
CA LYS K 1059 22.98 -98.75 73.55
C LYS K 1059 24.22 -98.49 74.42
N VAL K 1060 25.41 -98.64 73.82
CA VAL K 1060 26.65 -98.33 74.54
C VAL K 1060 27.49 -97.26 73.85
N ILE K 1061 27.95 -96.31 74.65
CA ILE K 1061 28.85 -95.26 74.19
C ILE K 1061 30.19 -95.87 73.74
N ASP K 1062 31.00 -95.06 73.08
CA ASP K 1062 32.43 -95.33 72.92
C ASP K 1062 32.88 -96.75 72.55
N GLU K 1063 32.07 -97.46 71.80
CA GLU K 1063 32.49 -98.73 71.25
C GLU K 1063 33.47 -98.54 70.07
N PRO K 1064 34.65 -99.15 70.15
CA PRO K 1064 35.60 -99.06 69.03
C PRO K 1064 34.96 -99.58 67.76
N ILE K 1065 35.31 -98.96 66.63
CA ILE K 1065 34.64 -99.27 65.37
C ILE K 1065 34.82 -100.72 64.97
N LYS K 1066 36.07 -101.18 64.99
CA LYS K 1066 36.39 -102.54 64.55
C LYS K 1066 35.51 -103.55 65.31
N ASP K 1067 35.13 -103.21 66.53
CA ASP K 1067 34.19 -104.02 67.29
C ASP K 1067 32.80 -104.05 66.65
N ILE K 1068 32.11 -102.91 66.71
CA ILE K 1068 30.82 -102.75 66.03
C ILE K 1068 30.82 -103.43 64.67
N LEU K 1069 31.79 -103.07 63.84
CA LEU K 1069 31.91 -103.57 62.48
C LEU K 1069 32.21 -105.05 62.41
N ASP K 1070 33.39 -105.44 62.89
CA ASP K 1070 33.77 -106.85 62.94
C ASP K 1070 32.58 -107.65 63.45
N GLY K 1071 32.08 -107.22 64.62
CA GLY K 1071 30.91 -107.81 65.26
C GLY K 1071 29.79 -108.10 64.27
N ILE K 1072 29.34 -107.06 63.58
CA ILE K 1072 28.26 -107.20 62.61
C ILE K 1072 28.60 -108.18 61.48
N HIS K 1073 29.85 -108.19 61.02
CA HIS K 1073 30.23 -109.10 59.94
C HIS K 1073 30.30 -110.54 60.42
N ASN K 1074 30.82 -110.72 61.63
CA ASN K 1074 31.02 -112.05 62.20
C ASN K 1074 29.73 -112.75 62.61
N ASP K 1075 28.76 -111.98 63.12
CA ASP K 1075 27.42 -112.51 63.31
C ASP K 1075 26.86 -112.92 61.95
N HIS K 1076 27.22 -112.18 60.91
CA HIS K 1076 26.75 -112.48 59.55
C HIS K 1076 27.33 -113.80 59.00
N ILE K 1077 28.65 -113.96 59.10
CA ILE K 1077 29.28 -115.20 58.68
C ILE K 1077 28.83 -116.40 59.53
N LYS K 1078 28.59 -116.16 60.83
CA LYS K 1078 28.03 -117.18 61.74
C LYS K 1078 26.59 -117.54 61.39
N PHE K 1079 25.70 -116.55 61.42
CA PHE K 1079 24.34 -116.71 60.89
C PHE K 1079 24.35 -117.50 59.58
N LEU K 1080 25.30 -117.17 58.71
CA LEU K 1080 25.35 -117.67 57.33
C LEU K 1080 25.85 -119.11 57.24
N LEU K 1081 26.86 -119.42 58.05
CA LEU K 1081 27.39 -120.77 58.17
C LEU K 1081 26.29 -121.68 58.69
N ARG K 1082 25.81 -121.37 59.90
CA ARG K 1082 24.75 -122.12 60.57
C ARG K 1082 23.47 -122.29 59.75
N ASP K 1083 23.26 -121.42 58.77
CA ASP K 1083 22.04 -121.47 57.99
C ASP K 1083 22.24 -122.07 56.60
N LEU K 1084 23.50 -122.21 56.17
CA LEU K 1084 23.79 -122.74 54.84
C LEU K 1084 25.05 -123.60 54.73
N TYR K 1085 25.50 -124.12 55.87
CA TYR K 1085 26.70 -124.96 55.94
C TYR K 1085 26.62 -125.90 57.14
N ASP K 1086 25.48 -125.81 57.83
CA ASP K 1086 25.21 -126.45 59.14
C ASP K 1086 26.39 -126.60 60.12
N GLY K 1087 27.07 -125.48 60.39
CA GLY K 1087 28.18 -125.45 61.34
C GLY K 1087 29.52 -125.84 60.74
N LYS K 1088 29.48 -126.56 59.62
CA LYS K 1088 30.67 -127.15 59.01
C LYS K 1088 31.48 -126.19 58.16
N GLU K 1089 32.48 -125.59 58.80
CA GLU K 1089 33.36 -124.63 58.15
C GLU K 1089 34.23 -125.32 57.10
N GLU K 1090 34.18 -126.64 57.08
CA GLU K 1090 34.89 -127.41 56.08
C GLU K 1090 34.19 -127.20 54.75
N ASN K 1091 32.90 -126.92 54.81
CA ASN K 1091 32.06 -126.73 53.64
C ASN K 1091 32.34 -125.39 52.95
N VAL K 1092 32.85 -124.44 53.74
CA VAL K 1092 33.19 -123.11 53.23
C VAL K 1092 34.37 -123.16 52.25
N PRO K 1093 34.10 -122.95 50.95
CA PRO K 1093 35.13 -123.00 49.90
C PRO K 1093 36.30 -122.09 50.25
N VAL K 1094 37.44 -122.30 49.61
CA VAL K 1094 38.60 -121.46 49.91
C VAL K 1094 39.38 -121.06 48.66
N ILE K 1095 39.81 -119.80 48.66
CA ILE K 1095 40.57 -119.23 47.56
C ILE K 1095 41.92 -118.73 48.06
N GLU K 1096 42.88 -118.64 47.13
CA GLU K 1096 44.18 -118.06 47.41
C GLU K 1096 44.04 -116.71 48.13
N TYR K 1097 43.61 -115.68 47.38
CA TYR K 1097 43.36 -114.35 47.93
C TYR K 1097 41.93 -113.92 47.64
N PHE K 1098 41.37 -113.04 48.47
CA PHE K 1098 40.01 -112.58 48.19
C PHE K 1098 39.93 -111.53 47.07
N GLY K 1099 39.85 -112.01 45.83
CA GLY K 1099 39.79 -111.15 44.65
C GLY K 1099 38.51 -111.32 43.86
N GLY K 1100 38.52 -110.84 42.62
CA GLY K 1100 37.33 -110.89 41.78
C GLY K 1100 37.04 -112.26 41.22
N ARG K 1101 35.76 -112.64 41.21
CA ARG K 1101 35.33 -113.94 40.68
C ARG K 1101 35.96 -114.22 39.33
N ILE K 1102 36.05 -115.51 38.98
CA ILE K 1102 36.61 -115.88 37.69
C ILE K 1102 35.61 -116.60 36.78
N LEU K 1103 35.73 -116.30 35.48
CA LEU K 1103 34.80 -116.78 34.46
C LEU K 1103 35.11 -118.22 34.05
N LYS K 1104 34.11 -119.10 34.22
CA LYS K 1104 34.22 -120.49 33.80
C LYS K 1104 33.85 -120.66 32.32
N ALA K 1105 34.67 -121.42 31.60
CA ALA K 1105 34.41 -121.75 30.20
C ALA K 1105 34.24 -123.27 30.03
N THR K 1106 33.05 -123.69 29.58
CA THR K 1106 32.81 -125.09 29.24
C THR K 1106 33.45 -125.42 27.88
N ASP K 1107 34.04 -124.39 27.25
CA ASP K 1107 34.88 -124.55 26.07
C ASP K 1107 36.26 -125.00 26.52
N GLU K 1108 36.87 -124.23 27.41
CA GLU K 1108 38.28 -124.42 27.79
C GLU K 1108 39.21 -124.45 26.57
N GLU K 1109 38.65 -124.09 25.42
CA GLU K 1109 39.37 -124.01 24.15
C GLU K 1109 39.25 -122.59 23.60
N PRO K 1110 40.39 -122.01 23.16
CA PRO K 1110 40.46 -120.63 22.65
C PRO K 1110 39.83 -120.44 21.26
N ASP K 1111 38.60 -119.94 21.22
CA ASP K 1111 37.90 -119.64 19.96
C ASP K 1111 38.27 -118.25 19.48
N ILE K 1112 39.55 -117.91 19.59
CA ILE K 1112 40.04 -116.54 19.39
C ILE K 1112 40.77 -116.35 18.05
N ASP K 1113 40.41 -115.28 17.34
CA ASP K 1113 41.00 -114.97 16.03
C ASP K 1113 42.36 -114.31 16.14
N GLY K 1114 43.25 -114.63 15.20
CA GLY K 1114 44.61 -114.10 15.21
C GLY K 1114 45.45 -114.67 16.34
N LEU K 1115 44.87 -115.57 17.12
CA LEU K 1115 45.59 -116.22 18.21
C LEU K 1115 45.60 -117.74 18.04
N THR K 1116 46.77 -118.32 18.23
CA THR K 1116 46.91 -119.77 18.22
C THR K 1116 47.30 -120.26 19.64
N ALA K 1117 46.77 -121.41 20.03
CA ALA K 1117 46.99 -121.92 21.38
C ALA K 1117 47.50 -123.37 21.37
N SER K 1118 48.68 -123.58 21.96
CA SER K 1118 49.28 -124.91 22.07
C SER K 1118 49.73 -125.16 23.52
N ARG K 1119 49.86 -126.43 23.91
CA ARG K 1119 50.41 -126.74 25.24
C ARG K 1119 50.96 -128.17 25.40
N ASP K 1120 51.96 -128.29 26.27
CA ASP K 1120 52.51 -129.59 26.69
C ASP K 1120 52.12 -129.81 28.14
N ALA K 1121 52.94 -130.58 28.85
CA ALA K 1121 52.81 -130.72 30.29
C ALA K 1121 53.68 -129.66 30.96
N ASN K 1122 54.58 -129.08 30.15
CA ASN K 1122 55.57 -128.13 30.62
C ASN K 1122 55.29 -126.68 30.24
N LYS K 1123 54.59 -126.46 29.14
CA LYS K 1123 54.47 -125.13 28.58
C LYS K 1123 53.16 -124.87 27.84
N ILE K 1124 52.55 -123.72 28.10
CA ILE K 1124 51.42 -123.25 27.30
C ILE K 1124 51.90 -122.19 26.32
N SER K 1125 51.64 -122.40 25.04
CA SER K 1125 52.06 -121.47 24.00
C SER K 1125 50.88 -120.65 23.43
N TYR K 1126 50.98 -119.33 23.52
CA TYR K 1126 50.07 -118.43 22.81
C TYR K 1126 50.90 -117.59 21.88
N ARG K 1127 50.48 -117.49 20.63
CA ARG K 1127 51.10 -116.51 19.75
C ARG K 1127 50.13 -115.91 18.74
N LEU K 1128 50.31 -114.62 18.48
CA LEU K 1128 49.37 -113.87 17.67
C LEU K 1128 49.87 -113.70 16.25
N SER K 1129 48.96 -113.94 15.30
CA SER K 1129 49.25 -113.94 13.87
C SER K 1129 50.09 -112.73 13.46
N ASN K 1130 51.21 -113.00 12.78
CA ASN K 1130 52.09 -111.94 12.31
C ASN K 1130 51.53 -111.27 11.05
N ALA K 1131 50.43 -111.80 10.53
CA ALA K 1131 49.73 -111.16 9.43
C ALA K 1131 49.34 -109.73 9.80
N PRO K 1132 49.56 -108.79 8.87
CA PRO K 1132 49.24 -107.37 9.09
C PRO K 1132 47.75 -107.11 9.26
N SER K 1133 46.91 -108.12 9.05
CA SER K 1133 45.45 -107.94 9.19
C SER K 1133 45.08 -107.51 10.62
N ALA K 1134 44.14 -106.57 10.70
CA ALA K 1134 43.79 -105.90 11.97
C ALA K 1134 42.96 -106.77 12.94
N ASN K 1135 43.13 -108.08 12.85
CA ASN K 1135 42.42 -108.98 13.75
C ASN K 1135 43.29 -109.48 14.90
N LEU K 1136 43.06 -108.94 16.08
CA LEU K 1136 43.71 -109.40 17.30
C LEU K 1136 42.75 -109.34 18.48
N PRO K 1137 43.03 -110.14 19.52
CA PRO K 1137 42.21 -110.22 20.73
C PRO K 1137 42.17 -108.92 21.51
N ASP K 1138 41.14 -108.76 22.34
CA ASP K 1138 41.06 -107.62 23.23
C ASP K 1138 42.31 -107.65 24.10
N VAL K 1139 42.83 -106.49 24.43
CA VAL K 1139 43.92 -106.41 25.38
C VAL K 1139 43.39 -106.98 26.71
N ASP K 1140 42.06 -106.91 26.88
CA ASP K 1140 41.38 -107.45 28.06
C ASP K 1140 41.33 -108.97 28.07
N SER K 1141 40.76 -109.53 27.00
CA SER K 1141 40.68 -110.97 26.82
C SER K 1141 42.06 -111.62 26.92
N PHE K 1142 43.03 -111.04 26.22
CA PHE K 1142 44.40 -111.55 26.18
C PHE K 1142 45.07 -111.65 27.55
N MET K 1143 44.51 -110.93 28.52
CA MET K 1143 45.04 -110.97 29.87
C MET K 1143 44.21 -111.83 30.81
N GLN K 1144 42.93 -112.03 30.48
CA GLN K 1144 42.11 -112.99 31.20
C GLN K 1144 42.66 -114.40 30.97
N LEU K 1145 43.27 -114.58 29.80
CA LEU K 1145 43.85 -115.86 29.38
C LEU K 1145 45.13 -116.18 30.14
N ILE K 1146 46.11 -115.27 30.05
CA ILE K 1146 47.38 -115.42 30.73
C ILE K 1146 47.26 -115.43 32.26
N ALA K 1147 46.11 -114.99 32.78
CA ALA K 1147 45.88 -114.97 34.22
C ALA K 1147 45.59 -116.38 34.76
N GLY K 1148 44.79 -117.13 34.00
CA GLY K 1148 44.43 -118.49 34.37
C GLY K 1148 43.16 -118.53 35.22
N ASN K 1149 42.81 -119.71 35.73
CA ASN K 1149 41.68 -119.85 36.62
C ASN K 1149 42.13 -119.97 38.07
N SER K 1150 43.30 -120.58 38.24
CA SER K 1150 43.87 -120.74 39.56
C SER K 1150 44.25 -119.38 40.15
N TYR K 1151 43.74 -119.10 41.35
CA TYR K 1151 44.17 -117.93 42.11
C TYR K 1151 45.63 -118.05 42.52
N SER K 1152 46.52 -117.43 41.76
CA SER K 1152 47.96 -117.59 41.95
C SER K 1152 48.69 -116.24 42.09
N TRP K 1153 50.02 -116.28 42.04
CA TRP K 1153 50.76 -115.07 41.83
C TRP K 1153 50.46 -114.72 40.36
N ARG K 1154 50.58 -115.71 39.47
CA ARG K 1154 50.42 -115.50 38.02
C ARG K 1154 49.05 -114.92 37.63
N HIS K 1155 48.04 -115.20 38.45
CA HIS K 1155 46.71 -114.68 38.22
C HIS K 1155 46.65 -113.21 38.60
N ALA K 1156 47.03 -112.90 39.84
CA ALA K 1156 46.98 -111.54 40.36
C ALA K 1156 47.87 -110.55 39.59
N MET K 1157 48.83 -111.07 38.83
CA MET K 1157 49.71 -110.22 38.04
C MET K 1157 49.04 -109.75 36.78
N PHE K 1158 48.09 -110.55 36.31
CA PHE K 1158 47.34 -110.18 35.12
C PHE K 1158 45.89 -109.88 35.46
N THR K 1159 45.61 -109.72 36.75
CA THR K 1159 44.26 -109.39 37.24
C THR K 1159 44.16 -107.98 37.79
N THR K 1160 44.87 -107.71 38.89
CA THR K 1160 44.83 -106.39 39.50
C THR K 1160 45.43 -105.33 38.55
N GLU K 1161 44.63 -104.30 38.31
CA GLU K 1161 45.03 -103.15 37.51
C GLU K 1161 45.96 -102.22 38.30
N VAL K 1162 46.00 -102.39 39.62
CA VAL K 1162 46.90 -101.58 40.45
C VAL K 1162 48.01 -102.37 41.12
N PHE K 1163 49.24 -101.96 40.83
CA PHE K 1163 50.35 -102.34 41.69
C PHE K 1163 50.62 -101.19 42.67
N VAL K 1164 50.47 -101.45 43.97
CA VAL K 1164 50.78 -100.46 45.00
C VAL K 1164 52.27 -100.04 44.96
N GLN K 1165 52.53 -98.77 45.26
CA GLN K 1165 53.88 -98.23 45.27
C GLN K 1165 54.01 -97.37 46.50
N GLY K 1166 54.50 -97.95 47.59
CA GLY K 1166 54.48 -97.25 48.86
C GLY K 1166 53.03 -97.05 49.24
N HIS K 1167 52.53 -95.83 49.13
CA HIS K 1167 51.10 -95.56 49.35
C HIS K 1167 50.36 -95.15 48.08
N ARG K 1168 51.12 -95.09 46.99
CA ARG K 1168 50.59 -94.76 45.68
C ARG K 1168 49.86 -95.95 45.06
N PHE K 1169 48.96 -95.66 44.14
CA PHE K 1169 48.45 -96.67 43.23
C PHE K 1169 49.32 -96.61 41.98
N GLN K 1170 49.11 -97.55 41.08
CA GLN K 1170 49.91 -97.60 39.86
C GLN K 1170 49.24 -98.55 38.86
N THR K 1171 49.14 -98.10 37.62
CA THR K 1171 48.47 -98.91 36.62
C THR K 1171 49.32 -100.11 36.22
N ASN K 1172 48.71 -101.29 36.27
CA ASN K 1172 49.34 -102.55 35.90
C ASN K 1172 50.05 -102.53 34.53
N PRO K 1173 51.38 -102.39 34.58
CA PRO K 1173 52.25 -102.33 33.39
C PRO K 1173 52.11 -103.52 32.45
N LEU K 1174 51.61 -104.64 32.97
CA LEU K 1174 51.44 -105.82 32.14
C LEU K 1174 50.38 -105.54 31.08
N LYS K 1175 49.46 -104.63 31.38
CA LYS K 1175 48.40 -104.23 30.46
C LYS K 1175 49.01 -103.62 29.20
N ARG K 1176 50.11 -102.89 29.40
CA ARG K 1176 50.88 -102.29 28.30
C ARG K 1176 51.72 -103.33 27.61
N LEU K 1177 52.62 -103.94 28.38
CA LEU K 1177 53.58 -104.88 27.86
C LEU K 1177 52.89 -105.98 27.05
N PHE K 1178 51.80 -106.51 27.59
CA PHE K 1178 51.13 -107.68 27.02
C PHE K 1178 50.00 -107.36 26.04
N ALA K 1179 49.88 -106.10 25.66
CA ALA K 1179 48.87 -105.71 24.68
C ALA K 1179 49.16 -106.37 23.33
N PRO K 1180 48.15 -107.04 22.76
CA PRO K 1180 48.28 -107.80 21.52
C PRO K 1180 49.13 -107.08 20.45
N THR K 1181 50.04 -107.81 19.83
CA THR K 1181 50.96 -107.23 18.88
C THR K 1181 51.22 -108.21 17.75
N ARG K 1182 51.45 -107.68 16.56
CA ARG K 1182 51.69 -108.51 15.38
C ARG K 1182 52.88 -109.45 15.57
N GLY K 1183 52.58 -110.73 15.77
CA GLY K 1183 53.59 -111.77 15.87
C GLY K 1183 54.26 -111.91 17.23
N MET K 1184 53.54 -111.61 18.30
CA MET K 1184 54.09 -111.77 19.64
C MET K 1184 53.83 -113.19 20.15
N TYR K 1185 54.66 -113.64 21.09
CA TYR K 1185 54.65 -115.01 21.57
C TYR K 1185 54.71 -115.02 23.09
N VAL K 1186 53.84 -115.78 23.74
CA VAL K 1186 53.87 -115.88 25.20
C VAL K 1186 53.89 -117.33 25.68
N GLU K 1187 54.90 -117.69 26.46
CA GLU K 1187 55.02 -119.04 26.99
C GLU K 1187 54.80 -119.05 28.49
N ILE K 1188 54.03 -120.03 28.97
CA ILE K 1188 53.81 -120.21 30.40
C ILE K 1188 54.35 -121.58 30.85
N THR K 1189 55.51 -121.56 31.49
CA THR K 1189 56.21 -122.76 31.93
C THR K 1189 55.63 -123.33 33.22
N ASN K 1190 55.43 -124.64 33.23
CA ASN K 1190 54.85 -125.33 34.38
C ASN K 1190 53.66 -124.57 34.90
N PRO K 1191 52.67 -124.32 34.02
CA PRO K 1191 51.52 -123.47 34.31
C PRO K 1191 50.89 -123.79 35.68
N ASP K 1192 50.37 -125.01 35.80
CA ASP K 1192 49.57 -125.41 36.96
C ASP K 1192 50.40 -125.61 38.22
N ASP K 1193 51.73 -125.49 38.08
CA ASP K 1193 52.66 -125.54 39.21
C ASP K 1193 53.19 -124.14 39.54
N PRO K 1194 52.51 -123.44 40.47
CA PRO K 1194 52.71 -122.03 40.78
C PRO K 1194 54.17 -121.60 40.85
N ALA K 1195 54.80 -121.83 42.01
CA ALA K 1195 56.13 -121.30 42.29
C ALA K 1195 57.17 -121.54 41.18
N LYS K 1196 56.92 -122.51 40.30
CA LYS K 1196 57.87 -122.85 39.23
C LYS K 1196 57.38 -122.46 37.84
N THR K 1197 56.50 -121.47 37.77
CA THR K 1197 56.00 -121.00 36.49
C THR K 1197 56.85 -119.85 35.95
N VAL K 1198 57.03 -119.84 34.63
CA VAL K 1198 57.80 -118.79 33.96
C VAL K 1198 57.02 -118.23 32.77
N ILE K 1199 56.66 -116.95 32.83
CA ILE K 1199 55.92 -116.30 31.75
C ILE K 1199 56.88 -115.47 30.91
N SER K 1200 56.90 -115.73 29.60
CA SER K 1200 57.86 -115.08 28.71
C SER K 1200 57.22 -114.54 27.42
N VAL K 1201 57.83 -113.51 26.84
CA VAL K 1201 57.30 -112.87 25.65
C VAL K 1201 58.35 -112.80 24.54
N ARG K 1202 57.99 -113.28 23.37
CA ARG K 1202 58.88 -113.21 22.20
C ARG K 1202 58.25 -112.40 21.07
N GLU K 1203 58.82 -111.25 20.78
CA GLU K 1203 58.30 -110.40 19.72
C GLU K 1203 59.20 -110.43 18.50
N PRO K 1204 58.70 -109.94 17.36
CA PRO K 1204 59.53 -109.85 16.15
C PRO K 1204 60.38 -108.60 16.16
N SER K 1205 61.69 -108.75 16.27
CA SER K 1205 62.59 -107.62 16.07
C SER K 1205 62.65 -107.36 14.57
N GLN K 1206 62.95 -106.13 14.21
CA GLN K 1206 62.93 -105.76 12.80
C GLN K 1206 63.88 -106.62 11.97
N SER K 1207 64.93 -107.12 12.60
CA SER K 1207 65.93 -107.90 11.91
C SER K 1207 65.84 -109.40 12.23
N ALA K 1208 65.15 -109.74 13.32
CA ALA K 1208 65.09 -111.12 13.81
C ALA K 1208 63.72 -111.76 13.69
N LYS K 1209 63.69 -113.08 13.82
CA LYS K 1209 62.45 -113.83 13.81
C LYS K 1209 61.64 -113.48 15.06
N LEU K 1210 62.20 -113.80 16.22
CA LEU K 1210 61.60 -113.49 17.51
C LEU K 1210 62.72 -113.08 18.43
N VAL K 1211 62.36 -112.53 19.59
CA VAL K 1211 63.34 -112.11 20.60
C VAL K 1211 62.74 -112.18 22.00
N LYS K 1212 63.61 -112.29 22.99
CA LYS K 1212 63.19 -112.28 24.38
C LYS K 1212 62.84 -110.87 24.81
N THR K 1213 61.57 -110.68 25.12
CA THR K 1213 61.04 -109.38 25.46
C THR K 1213 61.04 -109.22 26.97
N VAL K 1214 60.15 -109.94 27.62
CA VAL K 1214 60.02 -109.86 29.06
C VAL K 1214 59.76 -111.26 29.59
N GLU K 1215 60.09 -111.47 30.85
CA GLU K 1215 59.72 -112.70 31.52
C GLU K 1215 59.51 -112.42 33.00
N ILE K 1216 58.62 -113.18 33.61
CA ILE K 1216 58.31 -112.99 35.02
C ILE K 1216 58.36 -114.30 35.79
N LYS K 1217 59.51 -114.58 36.40
CA LYS K 1217 59.66 -115.70 37.31
C LYS K 1217 59.47 -115.21 38.74
N LEU K 1218 59.59 -116.15 39.68
CA LEU K 1218 59.56 -115.80 41.10
C LEU K 1218 60.95 -116.02 41.65
N VAL K 1219 61.25 -115.34 42.75
CA VAL K 1219 62.55 -115.46 43.40
C VAL K 1219 62.41 -115.08 44.88
N GLY K 1220 62.95 -115.91 45.75
CA GLY K 1220 62.89 -115.63 47.17
C GLY K 1220 61.47 -115.62 47.71
N ASP K 1221 60.71 -116.69 47.42
CA ASP K 1221 59.37 -116.89 47.98
C ASP K 1221 58.36 -115.92 47.38
N ASN K 1222 58.46 -114.67 47.78
CA ASN K 1222 57.44 -113.67 47.47
C ASN K 1222 57.84 -112.67 46.40
N GLU K 1223 59.13 -112.50 46.20
CA GLU K 1223 59.60 -111.56 45.20
C GLU K 1223 59.36 -112.07 43.79
N ILE K 1224 58.47 -111.40 43.06
CA ILE K 1224 58.29 -111.65 41.65
C ILE K 1224 59.26 -110.77 40.88
N ALA K 1225 59.78 -111.28 39.77
CA ALA K 1225 60.81 -110.54 39.04
C ALA K 1225 60.40 -110.24 37.61
N LEU K 1226 59.94 -109.02 37.38
CA LEU K 1226 59.55 -108.58 36.04
C LEU K 1226 60.74 -108.04 35.27
N THR K 1227 61.11 -108.71 34.18
CA THR K 1227 62.35 -108.38 33.49
C THR K 1227 62.17 -108.07 32.03
N LEU K 1228 62.84 -107.01 31.59
CA LEU K 1228 62.79 -106.59 30.20
C LEU K 1228 64.20 -106.71 29.64
N PHE K 1229 64.32 -107.07 28.38
CA PHE K 1229 65.62 -107.33 27.79
C PHE K 1229 65.88 -106.49 26.55
N GLU K 1230 66.93 -105.69 26.60
CA GLU K 1230 67.24 -104.84 25.46
C GLU K 1230 68.44 -105.34 24.65
N GLY K 1231 68.17 -105.78 23.43
CA GLY K 1231 69.21 -106.20 22.53
C GLY K 1231 70.28 -105.13 22.31
N ARG K 1232 69.95 -104.11 21.51
CA ARG K 1232 70.90 -103.07 21.12
C ARG K 1232 71.39 -102.25 22.32
N THR K 1233 72.57 -102.60 22.82
CA THR K 1233 73.17 -101.90 23.96
C THR K 1233 74.64 -101.54 23.68
N ALA K 1234 75.28 -100.89 24.65
CA ALA K 1234 76.67 -100.44 24.52
C ALA K 1234 77.65 -101.60 24.29
N GLU K 1235 77.41 -102.71 25.00
CA GLU K 1235 78.30 -103.86 24.93
C GLU K 1235 77.93 -104.83 23.80
N GLY K 1236 76.86 -104.51 23.07
CA GLY K 1236 76.41 -105.32 21.95
C GLY K 1236 75.76 -106.63 22.36
N GLY K 1237 75.39 -106.72 23.64
CA GLY K 1237 74.77 -107.93 24.17
C GLY K 1237 73.62 -107.59 25.10
N VAL K 1238 72.59 -108.44 25.04
CA VAL K 1238 71.39 -108.27 25.85
C VAL K 1238 71.63 -107.84 27.30
N VAL K 1239 70.97 -106.76 27.69
CA VAL K 1239 70.97 -106.35 29.08
C VAL K 1239 69.57 -106.43 29.64
N PRO K 1240 69.45 -106.88 30.90
CA PRO K 1240 68.14 -107.00 31.57
C PRO K 1240 67.92 -105.92 32.62
N LEU K 1241 66.68 -105.45 32.70
CA LEU K 1241 66.26 -104.55 33.74
C LEU K 1241 65.14 -105.27 34.46
N THR K 1242 65.17 -105.24 35.79
CA THR K 1242 64.15 -105.97 36.53
C THR K 1242 63.50 -105.16 37.64
N PHE K 1243 62.18 -105.33 37.76
CA PHE K 1243 61.39 -104.66 38.78
C PHE K 1243 60.86 -105.70 39.75
N ARG K 1244 61.12 -105.49 41.03
CA ARG K 1244 60.79 -106.48 42.03
C ARG K 1244 59.44 -106.17 42.68
N PHE K 1245 58.63 -107.22 42.82
CA PHE K 1245 57.30 -107.12 43.42
C PHE K 1245 57.15 -108.18 44.52
N THR K 1246 56.42 -107.84 45.58
CA THR K 1246 56.06 -108.82 46.61
C THR K 1246 54.55 -108.88 46.73
N TYR K 1247 54.00 -110.03 47.12
CA TYR K 1247 52.56 -110.21 47.04
C TYR K 1247 51.84 -110.96 48.20
N HIS K 1248 51.04 -110.23 48.97
CA HIS K 1248 50.43 -110.70 50.24
C HIS K 1248 48.94 -110.92 50.11
N PRO K 1249 48.54 -112.14 49.72
CA PRO K 1249 47.15 -112.54 49.50
C PRO K 1249 46.21 -112.30 50.69
N GLU K 1250 46.71 -111.71 51.77
CA GLU K 1250 45.81 -111.20 52.80
C GLU K 1250 44.88 -110.17 52.15
N ALA K 1251 45.48 -109.23 51.44
CA ALA K 1251 44.77 -108.19 50.70
C ALA K 1251 44.48 -108.64 49.26
N GLY K 1252 43.28 -109.17 49.05
CA GLY K 1252 42.85 -109.59 47.74
C GLY K 1252 42.63 -108.40 46.82
N TYR K 1253 42.46 -107.24 47.44
CA TYR K 1253 42.27 -105.99 46.71
C TYR K 1253 43.55 -105.49 46.05
N ALA K 1254 44.64 -105.49 46.82
CA ALA K 1254 45.95 -105.10 46.31
C ALA K 1254 46.92 -106.25 46.52
N PRO K 1255 46.69 -107.37 45.81
CA PRO K 1255 47.54 -108.56 45.97
C PRO K 1255 49.00 -108.24 45.66
N ILE K 1256 49.22 -107.37 44.67
CA ILE K 1256 50.59 -107.07 44.24
C ILE K 1256 51.08 -105.68 44.65
N ARG K 1257 52.33 -105.64 45.10
CA ARG K 1257 53.03 -104.39 45.44
C ARG K 1257 54.37 -104.33 44.70
N GLU K 1258 55.09 -103.21 44.81
CA GLU K 1258 56.41 -103.13 44.24
C GLU K 1258 57.46 -102.78 45.30
N VAL K 1259 58.64 -103.36 45.10
CA VAL K 1259 59.81 -103.08 45.94
C VAL K 1259 60.63 -101.99 45.26
N MET K 1260 60.55 -100.78 45.79
CA MET K 1260 61.09 -99.63 45.09
C MET K 1260 62.35 -99.08 45.75
N GLU K 1261 62.59 -99.51 46.99
CA GLU K 1261 63.79 -99.11 47.73
C GLU K 1261 65.05 -99.59 47.01
N GLY K 1262 65.52 -98.79 46.07
CA GLY K 1262 66.68 -99.12 45.28
C GLY K 1262 66.36 -98.98 43.80
N ARG K 1263 65.08 -99.08 43.50
CA ARG K 1263 64.55 -98.94 42.15
C ARG K 1263 65.27 -97.88 41.30
N ASN K 1264 65.48 -96.71 41.89
CA ASN K 1264 66.16 -95.60 41.20
C ASN K 1264 67.56 -95.99 40.75
N ASP K 1265 68.37 -96.41 41.71
CA ASP K 1265 69.73 -96.85 41.46
C ASP K 1265 69.74 -98.04 40.51
N ARG K 1266 68.94 -99.06 40.84
CA ARG K 1266 68.86 -100.29 40.06
C ARG K 1266 68.73 -99.99 38.56
N ILE K 1267 67.86 -99.03 38.25
CA ILE K 1267 67.61 -98.64 36.87
C ILE K 1267 68.76 -97.82 36.34
N LYS K 1268 69.24 -96.87 37.15
CA LYS K 1268 70.41 -96.07 36.80
C LYS K 1268 71.54 -96.99 36.38
N GLU K 1269 71.77 -98.01 37.19
CA GLU K 1269 72.75 -99.04 36.88
C GLU K 1269 72.49 -99.56 35.48
N PHE K 1270 71.28 -100.08 35.29
CA PHE K 1270 70.89 -100.61 33.98
C PHE K 1270 71.35 -99.65 32.89
N TYR K 1271 70.88 -98.42 32.97
CA TYR K 1271 71.19 -97.42 31.97
C TYR K 1271 72.69 -97.31 31.80
N TYR K 1272 73.38 -97.13 32.92
CA TYR K 1272 74.82 -96.94 32.91
C TYR K 1272 75.49 -97.98 32.03
N ARG K 1273 75.14 -99.23 32.29
CA ARG K 1273 75.70 -100.35 31.56
C ARG K 1273 75.33 -100.25 30.08
N VAL K 1274 74.09 -99.86 29.80
CA VAL K 1274 73.61 -99.79 28.43
C VAL K 1274 74.24 -98.64 27.64
N TRP K 1275 74.68 -97.59 28.34
CA TRP K 1275 75.26 -96.42 27.69
C TRP K 1275 76.78 -96.49 27.56
N PHE K 1276 77.45 -96.77 28.68
CA PHE K 1276 78.92 -96.72 28.74
C PHE K 1276 79.58 -98.09 28.88
N ALA K 1277 78.76 -99.12 29.11
CA ALA K 1277 79.25 -100.50 29.28
C ALA K 1277 80.15 -100.68 30.50
N GLU K 1278 80.05 -99.77 31.46
CA GLU K 1278 80.71 -99.94 32.76
C GLU K 1278 79.60 -100.15 33.75
N LYS K 1279 79.55 -101.32 34.38
CA LYS K 1279 78.44 -101.58 35.30
C LYS K 1279 78.74 -101.22 36.77
N GLU K 1280 79.37 -100.07 36.96
CA GLU K 1280 79.42 -99.44 38.28
C GLU K 1280 79.38 -97.93 38.15
N VAL K 1281 78.43 -97.32 38.86
CA VAL K 1281 78.11 -95.91 38.70
C VAL K 1281 78.61 -95.03 39.85
N PRO K 1282 79.08 -93.82 39.53
CA PRO K 1282 79.62 -92.84 40.49
C PRO K 1282 78.54 -92.27 41.41
N PHE K 1283 77.65 -93.13 41.90
CA PHE K 1283 76.53 -92.74 42.74
C PHE K 1283 76.85 -91.60 43.70
N ASP K 1284 77.97 -91.72 44.41
CA ASP K 1284 78.29 -90.76 45.46
C ASP K 1284 79.28 -89.67 45.03
N THR K 1285 79.13 -89.17 43.80
CA THR K 1285 79.86 -87.98 43.38
C THR K 1285 79.03 -86.75 43.75
N PRO K 1286 79.68 -85.72 44.31
CA PRO K 1286 79.00 -84.45 44.61
C PRO K 1286 78.77 -83.71 43.30
N LEU K 1287 77.64 -83.02 43.20
CA LEU K 1287 77.22 -82.43 41.93
C LEU K 1287 78.08 -81.22 41.59
N THR K 1288 78.79 -80.74 42.59
CA THR K 1288 79.73 -79.65 42.44
C THR K 1288 80.91 -80.17 41.67
N ALA K 1289 81.05 -81.49 41.77
CA ALA K 1289 82.20 -82.11 41.15
C ALA K 1289 82.11 -81.94 39.65
N VAL K 1290 83.28 -81.84 39.04
CA VAL K 1290 83.41 -81.86 37.60
C VAL K 1290 83.41 -83.32 37.19
N PHE K 1291 82.75 -83.61 36.06
CA PHE K 1291 82.67 -84.98 35.55
C PHE K 1291 83.58 -85.15 34.32
N ASP K 1292 84.19 -86.32 34.20
CA ASP K 1292 85.17 -86.55 33.14
C ASP K 1292 84.59 -87.37 31.98
N GLY K 1293 84.78 -86.85 30.77
CA GLY K 1293 84.40 -87.56 29.55
C GLY K 1293 85.63 -88.14 28.89
N GLY K 1294 86.75 -87.47 29.10
CA GLY K 1294 88.04 -88.00 28.71
C GLY K 1294 88.47 -87.63 27.32
N ARG K 1295 89.57 -88.24 26.90
CA ARG K 1295 90.13 -88.00 25.57
C ARG K 1295 89.18 -88.58 24.54
N GLU K 1296 89.35 -88.14 23.30
CA GLU K 1296 88.50 -88.63 22.21
C GLU K 1296 89.00 -88.13 20.86
N ILE K 1297 89.16 -89.04 19.92
CA ILE K 1297 89.53 -88.64 18.58
C ILE K 1297 88.33 -88.74 17.65
N VAL K 1298 88.07 -87.66 16.94
CA VAL K 1298 86.98 -87.59 16.00
C VAL K 1298 87.24 -88.62 14.91
N ASN K 1299 86.66 -89.80 15.05
CA ASN K 1299 86.81 -90.85 14.04
C ASN K 1299 86.36 -90.35 12.66
N ALA K 1300 87.30 -90.29 11.72
CA ALA K 1300 87.01 -89.82 10.35
C ALA K 1300 85.73 -90.45 9.80
N GLN K 1301 85.55 -91.73 10.10
CA GLN K 1301 84.38 -92.49 9.68
C GLN K 1301 83.16 -92.16 10.53
N ALA K 1302 83.28 -92.31 11.85
CA ALA K 1302 82.19 -92.03 12.77
C ALA K 1302 81.46 -90.73 12.40
N VAL K 1303 82.22 -89.77 11.90
CA VAL K 1303 81.68 -88.50 11.42
C VAL K 1303 80.72 -88.68 10.24
N ALA K 1304 81.21 -89.28 9.17
CA ALA K 1304 80.35 -89.54 8.00
C ALA K 1304 79.14 -90.45 8.32
N ASP K 1305 79.24 -91.22 9.41
CA ASP K 1305 78.15 -92.08 9.87
C ASP K 1305 77.04 -91.24 10.48
N PHE K 1306 77.42 -90.22 11.24
CA PHE K 1306 76.49 -89.31 11.89
C PHE K 1306 75.73 -88.46 10.88
N VAL K 1307 76.48 -87.69 10.10
CA VAL K 1307 75.95 -86.97 8.96
C VAL K 1307 74.92 -87.77 8.15
N HIS K 1308 75.35 -88.90 7.57
CA HIS K 1308 74.47 -89.72 6.72
C HIS K 1308 73.27 -90.28 7.46
N ALA K 1309 73.25 -90.09 8.78
CA ALA K 1309 72.22 -90.66 9.63
C ALA K 1309 71.15 -89.63 9.99
N VAL K 1310 71.57 -88.41 10.27
CA VAL K 1310 70.61 -87.35 10.59
C VAL K 1310 70.03 -86.73 9.33
N GLY K 1311 70.88 -86.50 8.34
CA GLY K 1311 70.44 -86.02 7.06
C GLY K 1311 71.33 -84.95 6.46
N ASN K 1312 72.42 -84.64 7.14
CA ASN K 1312 73.27 -83.53 6.71
C ASN K 1312 74.11 -83.85 5.46
N THR K 1313 74.40 -82.81 4.67
CA THR K 1313 74.86 -82.99 3.30
C THR K 1313 75.97 -82.05 2.84
N GLY K 1314 76.43 -81.20 3.76
CA GLY K 1314 77.38 -80.14 3.44
C GLY K 1314 78.74 -80.64 3.00
N GLU K 1315 79.22 -80.16 1.85
CA GLU K 1315 80.53 -80.53 1.31
C GLU K 1315 81.64 -80.18 2.31
N ALA K 1316 81.24 -79.52 3.38
CA ALA K 1316 82.09 -79.23 4.51
C ALA K 1316 82.31 -80.48 5.33
N PHE K 1317 81.53 -81.51 5.05
CA PHE K 1317 81.64 -82.73 5.82
C PHE K 1317 82.15 -83.91 5.00
N VAL K 1318 82.10 -83.78 3.67
CA VAL K 1318 82.34 -84.93 2.81
C VAL K 1318 83.75 -84.96 2.19
N ASP K 1319 84.62 -84.07 2.65
CA ASP K 1319 86.03 -84.18 2.32
C ASP K 1319 86.32 -83.80 0.88
N ARG K 1320 85.47 -82.97 0.29
CA ARG K 1320 85.78 -82.43 -1.02
C ARG K 1320 85.80 -80.91 -0.94
N GLY K 1321 86.17 -80.29 -2.05
CA GLY K 1321 86.16 -78.84 -2.16
C GLY K 1321 87.18 -78.15 -1.28
N LYS K 1322 86.70 -77.35 -0.34
CA LYS K 1322 87.57 -76.54 0.51
C LYS K 1322 87.52 -76.95 1.97
N ASP K 1323 86.54 -77.77 2.34
CA ASP K 1323 86.30 -78.04 3.76
C ASP K 1323 86.17 -79.53 4.10
N PHE K 1324 86.77 -79.92 5.23
CA PHE K 1324 86.39 -81.14 5.92
C PHE K 1324 86.31 -80.93 7.43
N PHE K 1325 85.11 -80.63 7.90
CA PHE K 1325 84.87 -80.46 9.30
C PHE K 1325 83.88 -81.50 9.77
N ALA K 1326 83.50 -81.40 11.04
CA ALA K 1326 82.52 -82.28 11.62
C ALA K 1326 81.44 -81.41 12.23
N PRO K 1327 80.18 -81.84 12.12
CA PRO K 1327 79.02 -81.17 12.70
C PRO K 1327 79.28 -80.82 14.15
N MET K 1328 78.86 -79.63 14.58
CA MET K 1328 78.92 -79.31 16.00
C MET K 1328 77.94 -80.21 16.73
N ASP K 1329 77.09 -80.88 15.96
CA ASP K 1329 76.13 -81.83 16.49
C ASP K 1329 76.88 -83.03 17.05
N PHE K 1330 78.06 -83.28 16.48
CA PHE K 1330 78.90 -84.38 16.89
C PHE K 1330 79.33 -84.22 18.35
N ALA K 1331 79.25 -82.99 18.85
CA ALA K 1331 79.68 -82.69 20.21
C ALA K 1331 78.97 -83.56 21.26
N ILE K 1332 77.66 -83.75 21.11
CA ILE K 1332 76.90 -84.55 22.07
C ILE K 1332 77.11 -86.03 21.82
N VAL K 1333 77.82 -86.33 20.74
CA VAL K 1333 78.19 -87.70 20.49
C VAL K 1333 79.53 -87.93 21.15
N VAL K 1334 80.46 -87.03 20.91
CA VAL K 1334 81.76 -87.07 21.53
C VAL K 1334 81.58 -86.95 23.04
N GLY K 1335 81.08 -85.81 23.48
CA GLY K 1335 80.95 -85.53 24.89
C GLY K 1335 79.80 -86.24 25.55
N TRP K 1336 79.14 -87.09 24.77
CA TRP K 1336 78.00 -87.85 25.27
C TRP K 1336 78.26 -88.47 26.66
N LYS K 1337 79.52 -88.73 26.97
CA LYS K 1337 79.86 -89.29 28.28
C LYS K 1337 79.58 -88.30 29.40
N ALA K 1338 80.36 -87.22 29.43
CA ALA K 1338 80.27 -86.24 30.52
C ALA K 1338 78.90 -85.57 30.57
N ILE K 1339 78.23 -85.54 29.43
CA ILE K 1339 76.94 -84.89 29.35
C ILE K 1339 75.88 -85.71 30.08
N THR K 1340 76.06 -87.03 30.07
CA THR K 1340 75.05 -87.95 30.61
C THR K 1340 75.34 -88.34 32.05
N LYS K 1341 76.60 -88.67 32.32
CA LYS K 1341 77.05 -89.11 33.65
C LYS K 1341 76.32 -88.42 34.83
N PRO K 1342 76.34 -87.08 34.84
CA PRO K 1342 75.92 -86.33 36.03
C PRO K 1342 74.47 -86.55 36.45
N ILE K 1343 73.71 -87.29 35.66
CA ILE K 1343 72.29 -87.51 35.95
C ILE K 1343 72.16 -88.50 37.11
N PHE K 1344 73.23 -89.27 37.30
CA PHE K 1344 73.18 -90.48 38.11
C PHE K 1344 73.38 -90.32 39.62
N PRO K 1345 74.19 -89.35 40.05
CA PRO K 1345 74.43 -89.18 41.49
C PRO K 1345 73.22 -89.44 42.40
N ARG K 1346 73.49 -89.81 43.65
CA ARG K 1346 72.47 -90.25 44.57
C ARG K 1346 71.50 -89.16 45.04
N LYS K 1347 71.91 -87.90 44.96
CA LYS K 1347 71.04 -86.79 45.38
C LYS K 1347 70.05 -86.37 44.28
N ILE K 1348 70.19 -87.01 43.12
CA ILE K 1348 69.33 -86.77 41.97
C ILE K 1348 68.55 -88.06 41.66
N ASP K 1349 67.99 -88.67 42.71
CA ASP K 1349 67.37 -90.00 42.56
C ASP K 1349 66.03 -89.96 41.81
N GLY K 1350 66.11 -90.17 40.50
CA GLY K 1350 64.91 -90.22 39.69
C GLY K 1350 64.76 -91.55 38.97
N ASP K 1351 63.56 -91.79 38.47
CA ASP K 1351 63.28 -92.94 37.60
C ASP K 1351 63.84 -92.65 36.21
N LEU K 1352 65.10 -93.03 35.97
CA LEU K 1352 65.77 -92.71 34.70
C LEU K 1352 65.06 -93.28 33.46
N LEU K 1353 64.18 -94.24 33.68
CA LEU K 1353 63.37 -94.77 32.61
C LEU K 1353 62.41 -93.67 32.10
N LYS K 1354 61.78 -92.98 33.04
CA LYS K 1354 60.91 -91.85 32.73
C LYS K 1354 61.72 -90.56 32.67
N LEU K 1355 62.86 -90.61 31.99
CA LEU K 1355 63.60 -89.41 31.68
C LEU K 1355 63.28 -89.07 30.26
N VAL K 1356 63.35 -87.77 29.94
CA VAL K 1356 63.21 -87.30 28.58
C VAL K 1356 64.21 -86.18 28.34
N HIS K 1357 64.73 -86.12 27.12
CA HIS K 1357 65.60 -85.01 26.74
C HIS K 1357 64.75 -83.76 26.57
N LEU K 1358 65.07 -82.73 27.32
CA LEU K 1358 64.19 -81.57 27.46
C LEU K 1358 64.62 -80.38 26.61
N SER K 1359 65.93 -80.20 26.52
CA SER K 1359 66.53 -79.04 25.88
C SER K 1359 68.01 -79.32 25.65
N ASN K 1360 68.63 -78.58 24.74
CA ASN K 1360 70.05 -78.71 24.55
C ASN K 1360 70.55 -77.71 23.54
N GLY K 1361 71.59 -76.97 23.90
CA GLY K 1361 72.18 -75.98 23.02
C GLY K 1361 73.71 -76.02 23.00
N TYR K 1362 74.26 -75.82 21.82
CA TYR K 1362 75.70 -75.67 21.66
C TYR K 1362 76.06 -74.16 21.57
N ARG K 1363 77.30 -73.82 21.92
CA ARG K 1363 77.76 -72.45 21.77
C ARG K 1363 79.27 -72.42 21.57
N MET K 1364 79.70 -72.08 20.36
CA MET K 1364 81.10 -72.20 19.99
C MET K 1364 81.95 -71.01 20.40
N VAL K 1365 82.88 -71.25 21.33
CA VAL K 1365 83.79 -70.23 21.85
C VAL K 1365 84.29 -69.31 20.76
N PRO K 1366 84.24 -68.00 21.02
CA PRO K 1366 84.58 -66.98 20.02
C PRO K 1366 85.96 -67.26 19.42
N GLY K 1367 86.04 -67.25 18.09
CA GLY K 1367 87.30 -67.48 17.41
C GLY K 1367 87.64 -68.92 17.07
N ALA K 1368 87.07 -69.86 17.83
CA ALA K 1368 87.38 -71.29 17.70
C ALA K 1368 86.88 -71.90 16.39
N GLU K 1369 87.75 -72.60 15.67
CA GLU K 1369 87.33 -73.28 14.44
C GLU K 1369 86.49 -74.52 14.75
N PRO K 1370 85.65 -74.93 13.78
CA PRO K 1370 84.71 -76.04 14.00
C PRO K 1370 85.45 -77.33 14.24
N LEU K 1371 84.73 -78.42 14.46
CA LEU K 1371 85.39 -79.68 14.74
C LEU K 1371 85.92 -80.27 13.43
N LYS K 1372 87.18 -80.68 13.42
CA LYS K 1372 87.79 -81.37 12.29
C LYS K 1372 88.00 -82.82 12.70
N VAL K 1373 88.37 -83.67 11.75
CA VAL K 1373 88.49 -85.09 12.06
C VAL K 1373 89.74 -85.50 12.86
N GLY K 1374 90.88 -84.92 12.51
CA GLY K 1374 92.11 -85.25 13.21
C GLY K 1374 92.21 -84.65 14.61
N ASP K 1375 91.07 -84.56 15.29
CA ASP K 1375 91.00 -83.84 16.56
C ASP K 1375 90.96 -84.74 17.80
N VAL K 1376 91.52 -84.22 18.89
CA VAL K 1376 91.45 -84.90 20.17
C VAL K 1376 90.78 -83.98 21.17
N LEU K 1377 89.63 -84.41 21.67
CA LEU K 1377 88.77 -83.54 22.46
C LEU K 1377 88.61 -84.03 23.89
N ASP K 1378 88.83 -83.14 24.85
CA ASP K 1378 88.66 -83.47 26.25
C ASP K 1378 87.31 -82.97 26.79
N THR K 1379 86.52 -83.92 27.24
CA THR K 1379 85.12 -83.69 27.59
C THR K 1379 84.89 -83.37 29.06
N THR K 1380 84.68 -82.09 29.36
CA THR K 1380 84.48 -81.66 30.73
C THR K 1380 83.03 -81.25 30.95
N ALA K 1381 82.44 -81.72 32.02
CA ALA K 1381 81.09 -81.27 32.35
C ALA K 1381 80.88 -81.06 33.85
N GLN K 1382 79.88 -80.27 34.19
CA GLN K 1382 79.42 -80.15 35.57
C GLN K 1382 77.96 -79.74 35.62
N ILE K 1383 77.36 -79.91 36.80
CA ILE K 1383 75.93 -79.72 36.95
C ILE K 1383 75.58 -78.29 37.32
N ASN K 1384 75.03 -77.57 36.35
CA ASN K 1384 74.69 -76.15 36.49
C ASN K 1384 73.46 -75.86 37.33
N ALA K 1385 72.48 -76.74 37.23
CA ALA K 1385 71.29 -76.62 38.06
C ALA K 1385 70.45 -77.90 38.02
N VAL K 1386 69.99 -78.31 39.19
CA VAL K 1386 69.03 -79.39 39.25
C VAL K 1386 67.89 -78.79 40.00
N ILE K 1387 66.77 -78.66 39.31
CA ILE K 1387 65.55 -78.09 39.88
C ILE K 1387 64.37 -78.94 39.49
N ASN K 1388 63.40 -79.01 40.39
CA ASN K 1388 62.23 -79.82 40.14
C ASN K 1388 61.02 -78.98 39.73
N GLN K 1389 60.82 -78.88 38.43
CA GLN K 1389 59.65 -78.23 37.87
C GLN K 1389 58.41 -79.09 38.15
N ASP K 1390 57.24 -78.58 37.81
CA ASP K 1390 56.03 -79.37 38.00
C ASP K 1390 56.00 -80.52 37.01
N SER K 1391 56.52 -80.27 35.81
CA SER K 1391 56.60 -81.29 34.74
C SER K 1391 57.41 -82.52 35.16
N GLY K 1392 58.28 -82.34 36.15
CA GLY K 1392 59.06 -83.44 36.68
C GLY K 1392 60.24 -82.98 37.52
N LYS K 1393 61.44 -83.36 37.10
CA LYS K 1393 62.67 -82.93 37.76
C LYS K 1393 63.72 -82.66 36.71
N MET K 1394 64.47 -81.59 36.91
CA MET K 1394 65.32 -81.07 35.84
C MET K 1394 66.80 -80.99 36.18
N VAL K 1395 67.60 -81.52 35.27
CA VAL K 1395 69.05 -81.46 35.41
C VAL K 1395 69.66 -80.67 34.26
N GLU K 1396 70.42 -79.64 34.61
CA GLU K 1396 71.12 -78.86 33.62
C GLU K 1396 72.60 -79.19 33.66
N VAL K 1397 73.10 -79.66 32.52
CA VAL K 1397 74.48 -80.09 32.40
C VAL K 1397 75.22 -79.16 31.46
N CYS K 1398 76.40 -78.71 31.86
CA CYS K 1398 77.19 -77.85 30.99
C CYS K 1398 78.47 -78.51 30.51
N GLY K 1399 78.45 -78.98 29.27
CA GLY K 1399 79.61 -79.60 28.67
C GLY K 1399 80.60 -78.59 28.14
N THR K 1400 81.86 -79.02 28.06
CA THR K 1400 82.94 -78.15 27.62
C THR K 1400 83.94 -78.99 26.88
N LEU K 1401 83.79 -79.01 25.56
CA LEU K 1401 84.77 -79.68 24.72
C LEU K 1401 86.00 -78.80 24.52
N LYS K 1402 87.18 -79.34 24.79
CA LYS K 1402 88.43 -78.60 24.61
C LYS K 1402 89.40 -79.34 23.69
N ARG K 1403 90.01 -78.60 22.79
CA ARG K 1403 91.07 -79.14 21.96
C ARG K 1403 92.32 -78.35 22.29
N ASP K 1404 93.45 -79.03 22.49
CA ASP K 1404 94.71 -78.36 22.82
C ASP K 1404 94.65 -77.61 24.14
N GLY K 1405 93.77 -78.05 25.05
CA GLY K 1405 93.63 -77.43 26.36
C GLY K 1405 92.76 -76.19 26.37
N LYS K 1406 92.48 -75.64 25.19
CA LYS K 1406 91.58 -74.49 25.07
C LYS K 1406 90.16 -74.93 24.75
N PRO K 1407 89.17 -74.35 25.44
CA PRO K 1407 87.76 -74.68 25.17
C PRO K 1407 87.37 -74.26 23.74
N VAL K 1408 86.61 -75.12 23.05
CA VAL K 1408 86.20 -74.85 21.68
C VAL K 1408 84.67 -74.66 21.56
N MET K 1409 83.92 -75.40 22.37
CA MET K 1409 82.46 -75.23 22.41
C MET K 1409 81.84 -75.79 23.67
N TYR K 1410 80.73 -75.18 24.10
CA TYR K 1410 80.04 -75.60 25.32
C TYR K 1410 78.68 -76.20 25.01
N VAL K 1411 78.58 -77.53 25.11
CA VAL K 1411 77.28 -78.17 24.97
C VAL K 1411 76.50 -78.19 26.29
N THR K 1412 75.47 -77.36 26.36
CA THR K 1412 74.63 -77.30 27.54
C THR K 1412 73.36 -78.08 27.29
N SER K 1413 72.92 -78.87 28.27
CA SER K 1413 71.77 -79.73 28.05
C SER K 1413 70.86 -79.82 29.27
N GLN K 1414 69.60 -80.16 29.01
CA GLN K 1414 68.59 -80.28 30.07
C GLN K 1414 67.83 -81.60 30.00
N PHE K 1415 67.69 -82.26 31.14
CA PHE K 1415 66.99 -83.53 31.17
C PHE K 1415 65.82 -83.45 32.12
N LEU K 1416 64.76 -84.22 31.81
CA LEU K 1416 63.56 -84.22 32.62
C LEU K 1416 63.19 -85.58 33.18
N TYR K 1417 63.46 -85.76 34.48
CA TYR K 1417 62.91 -86.87 35.25
C TYR K 1417 61.44 -86.58 35.54
N ARG K 1418 60.53 -86.92 34.63
CA ARG K 1418 59.12 -86.58 34.81
C ARG K 1418 58.47 -87.26 36.01
N GLY K 1419 57.81 -86.45 36.84
CA GLY K 1419 57.17 -86.94 38.04
C GLY K 1419 57.04 -85.88 39.13
N VAL K 1420 56.65 -86.34 40.33
CA VAL K 1420 56.41 -85.45 41.46
C VAL K 1420 57.57 -85.48 42.45
N TYR K 1421 58.22 -84.34 42.67
CA TYR K 1421 59.39 -84.30 43.57
C TYR K 1421 59.34 -83.21 44.65
N THR K 1422 59.52 -83.64 45.90
CA THR K 1422 59.62 -82.71 47.03
C THR K 1422 61.05 -82.71 47.60
N ASP K 1423 61.96 -83.35 46.88
CA ASP K 1423 63.35 -83.54 47.31
C ASP K 1423 64.16 -82.26 47.21
N TYR K 1424 63.57 -81.15 47.65
CA TYR K 1424 64.16 -79.84 47.45
C TYR K 1424 65.58 -79.64 48.07
N GLU K 1425 66.05 -80.54 48.96
CA GLU K 1425 67.35 -80.44 49.67
C GLU K 1425 68.56 -80.23 48.76
N ASN K 1426 68.52 -80.87 47.61
CA ASN K 1426 69.64 -80.86 46.68
C ASN K 1426 69.30 -80.15 45.39
N THR K 1427 68.29 -79.29 45.44
CA THR K 1427 67.98 -78.45 44.28
C THR K 1427 68.76 -77.14 44.41
N PHE K 1428 69.15 -76.56 43.27
CA PHE K 1428 70.02 -75.38 43.28
C PHE K 1428 70.28 -74.87 41.86
N GLN K 1429 70.91 -73.70 41.78
CA GLN K 1429 71.24 -73.10 40.48
C GLN K 1429 72.37 -72.07 40.53
N ARG K 1430 73.23 -72.11 39.51
CA ARG K 1430 74.27 -71.09 39.33
C ARG K 1430 74.02 -70.32 38.05
N LYS K 1431 73.09 -69.37 38.08
CA LYS K 1431 72.84 -68.53 36.91
C LYS K 1431 73.91 -67.44 36.77
N ASP K 1432 74.20 -67.09 35.53
CA ASP K 1432 75.04 -65.92 35.27
C ASP K 1432 74.15 -64.73 35.00
N GLU K 1433 73.91 -63.93 36.04
CA GLU K 1433 72.96 -62.85 35.94
C GLU K 1433 73.38 -61.78 34.94
N VAL K 1434 72.39 -61.14 34.32
CA VAL K 1434 72.61 -60.25 33.20
C VAL K 1434 73.46 -59.04 33.54
N PRO K 1435 74.35 -58.64 32.62
CA PRO K 1435 75.14 -57.42 32.74
C PRO K 1435 74.24 -56.19 32.93
N MET K 1436 74.38 -55.52 34.08
CA MET K 1436 73.62 -54.32 34.37
C MET K 1436 74.49 -53.04 34.28
N GLN K 1437 73.84 -51.93 33.93
CA GLN K 1437 74.51 -50.65 33.77
C GLN K 1437 73.90 -49.59 34.70
N LEU K 1438 74.53 -49.37 35.84
CA LEU K 1438 74.02 -48.44 36.83
C LEU K 1438 74.72 -47.12 36.64
N HIS K 1439 73.98 -46.11 36.22
CA HIS K 1439 74.57 -44.79 36.03
C HIS K 1439 74.38 -43.91 37.29
N ILE K 1440 75.51 -43.45 37.83
CA ILE K 1440 75.52 -42.62 39.03
C ILE K 1440 75.59 -41.14 38.68
N ALA K 1441 74.55 -40.40 39.06
CA ALA K 1441 74.44 -38.99 38.70
C ALA K 1441 74.44 -38.05 39.91
N THR K 1442 73.62 -38.38 40.91
CA THR K 1442 73.53 -37.57 42.11
C THR K 1442 74.46 -38.14 43.16
N PRO K 1443 74.99 -37.30 44.04
CA PRO K 1443 75.70 -37.87 45.19
C PRO K 1443 74.77 -38.73 46.03
N GLN K 1444 73.46 -38.51 45.88
CA GLN K 1444 72.48 -39.29 46.59
C GLN K 1444 72.38 -40.67 45.95
N ASP K 1445 72.55 -40.72 44.63
CA ASP K 1445 72.64 -41.98 43.90
C ASP K 1445 73.84 -42.78 44.41
N LEU K 1446 74.99 -42.12 44.41
CA LEU K 1446 76.24 -42.69 44.88
C LEU K 1446 76.05 -43.21 46.29
N ALA K 1447 75.58 -42.32 47.16
CA ALA K 1447 75.45 -42.61 48.59
C ALA K 1447 74.56 -43.83 48.90
N VAL K 1448 73.65 -44.16 47.99
CA VAL K 1448 72.82 -45.35 48.13
C VAL K 1448 73.53 -46.58 47.57
N LEU K 1449 74.28 -46.39 46.48
CA LEU K 1449 75.07 -47.48 45.94
C LEU K 1449 76.14 -47.89 46.94
N ARG K 1450 76.58 -46.92 47.74
CA ARG K 1450 77.58 -47.17 48.78
C ARG K 1450 76.91 -47.65 50.07
N SER K 1451 75.65 -47.27 50.25
CA SER K 1451 74.91 -47.63 51.46
C SER K 1451 74.61 -49.12 51.48
N LYS K 1452 74.71 -49.76 50.32
CA LYS K 1452 74.48 -51.20 50.22
C LYS K 1452 75.58 -52.01 50.89
N GLU K 1453 75.18 -53.01 51.68
CA GLU K 1453 76.12 -53.86 52.39
C GLU K 1453 76.90 -54.67 51.39
N TRP K 1454 76.19 -55.17 50.38
CA TRP K 1454 76.77 -56.06 49.40
C TRP K 1454 77.75 -55.35 48.47
N PHE K 1455 77.75 -54.01 48.54
CA PHE K 1455 78.66 -53.23 47.72
C PHE K 1455 79.97 -52.93 48.46
N LYS K 1456 81.08 -53.25 47.80
CA LYS K 1456 82.40 -53.18 48.41
C LYS K 1456 83.38 -52.42 47.54
N LEU K 1457 83.69 -51.19 47.93
CA LEU K 1457 84.61 -50.37 47.17
C LEU K 1457 86.06 -50.86 47.24
N ASP K 1458 86.75 -50.84 46.11
CA ASP K 1458 88.16 -51.23 46.01
C ASP K 1458 89.07 -50.07 46.41
N ASP K 1459 90.30 -50.39 46.78
CA ASP K 1459 91.28 -49.39 47.17
C ASP K 1459 92.30 -49.18 46.06
N GLN K 1460 91.89 -49.42 44.82
CA GLN K 1460 92.77 -49.18 43.68
C GLN K 1460 93.00 -47.68 43.58
N HIS K 1461 91.92 -46.92 43.40
CA HIS K 1461 92.00 -45.47 43.51
C HIS K 1461 90.65 -44.79 43.73
N ASP K 1462 90.71 -43.56 44.21
CA ASP K 1462 89.54 -42.76 44.45
C ASP K 1462 89.15 -42.03 43.18
N ILE K 1463 88.67 -42.78 42.20
CA ILE K 1463 88.12 -42.18 41.01
C ILE K 1463 86.64 -41.91 41.28
N GLU K 1464 86.31 -40.64 41.55
CA GLU K 1464 84.96 -40.29 41.99
C GLU K 1464 83.92 -40.89 41.08
N LEU K 1465 83.27 -41.91 41.62
CA LEU K 1465 82.23 -42.67 40.94
C LEU K 1465 81.14 -41.73 40.44
N LEU K 1466 81.14 -40.51 40.93
CA LEU K 1466 80.19 -39.50 40.52
C LEU K 1466 80.34 -39.19 39.03
N GLY K 1467 79.22 -39.07 38.35
CA GLY K 1467 79.22 -38.63 36.97
C GLY K 1467 79.60 -39.69 35.96
N GLN K 1468 79.83 -40.90 36.45
CA GLN K 1468 80.17 -42.01 35.56
C GLN K 1468 79.19 -43.16 35.77
N THR K 1469 79.25 -44.15 34.88
CA THR K 1469 78.38 -45.31 35.01
C THR K 1469 79.18 -46.58 35.32
N LEU K 1470 78.50 -47.58 35.85
CA LEU K 1470 79.16 -48.80 36.28
C LEU K 1470 78.54 -50.01 35.63
N VAL K 1471 79.35 -51.06 35.47
CA VAL K 1471 78.88 -52.32 34.94
C VAL K 1471 78.87 -53.38 36.04
N PHE K 1472 77.73 -54.04 36.21
CA PHE K 1472 77.59 -55.09 37.20
C PHE K 1472 77.41 -56.47 36.56
N ARG K 1473 78.53 -57.08 36.17
CA ARG K 1473 78.50 -58.46 35.73
C ARG K 1473 78.58 -59.36 36.96
N LEU K 1474 77.48 -60.04 37.26
CA LEU K 1474 77.37 -60.78 38.50
C LEU K 1474 77.05 -62.26 38.28
N GLN K 1475 77.74 -63.10 39.04
CA GLN K 1475 77.39 -64.51 39.12
C GLN K 1475 76.61 -64.70 40.42
N SER K 1476 75.72 -65.68 40.44
CA SER K 1476 74.99 -65.95 41.69
C SER K 1476 74.53 -67.40 41.81
N LEU K 1477 74.34 -67.83 43.06
CA LEU K 1477 74.04 -69.22 43.36
C LEU K 1477 72.89 -69.32 44.34
N VAL K 1478 71.90 -70.12 43.97
CA VAL K 1478 70.66 -70.21 44.71
C VAL K 1478 70.36 -71.66 45.08
N ARG K 1479 69.78 -71.85 46.26
CA ARG K 1479 69.25 -73.14 46.67
C ARG K 1479 67.78 -73.01 47.05
N PHE K 1480 66.95 -73.82 46.39
CA PHE K 1480 65.50 -73.78 46.57
C PHE K 1480 65.06 -74.56 47.81
N LYS K 1481 63.94 -74.16 48.39
CA LYS K 1481 63.26 -75.05 49.31
C LYS K 1481 61.80 -75.27 48.86
N ASN K 1482 60.97 -74.22 48.91
CA ASN K 1482 59.69 -74.27 48.21
C ASN K 1482 59.99 -73.92 46.78
N LYS K 1483 59.15 -74.36 45.86
CA LYS K 1483 59.35 -74.01 44.46
C LYS K 1483 59.22 -72.49 44.31
N ASN K 1484 58.69 -71.86 45.36
CA ASN K 1484 58.53 -70.42 45.41
C ASN K 1484 59.63 -69.74 46.24
N VAL K 1485 59.92 -70.33 47.39
CA VAL K 1485 60.88 -69.75 48.34
C VAL K 1485 62.33 -70.18 48.10
N TYR K 1486 63.22 -69.20 48.03
CA TYR K 1486 64.65 -69.47 47.91
C TYR K 1486 65.20 -69.82 49.29
N SER K 1487 65.49 -71.10 49.49
CA SER K 1487 66.10 -71.60 50.71
C SER K 1487 67.33 -70.79 51.12
N SER K 1488 68.10 -70.35 50.13
CA SER K 1488 69.33 -69.59 50.38
C SER K 1488 69.96 -69.09 49.08
N VAL K 1489 70.33 -67.82 49.07
CA VAL K 1489 70.84 -67.17 47.87
C VAL K 1489 72.13 -66.37 48.12
N GLN K 1490 73.06 -66.46 47.18
CA GLN K 1490 74.31 -65.72 47.29
C GLN K 1490 74.67 -65.15 45.93
N THR K 1491 75.01 -63.87 45.91
CA THR K 1491 75.44 -63.24 44.67
C THR K 1491 76.77 -62.54 44.84
N ILE K 1492 77.67 -62.81 43.89
CA ILE K 1492 78.98 -62.17 43.87
C ILE K 1492 79.22 -61.63 42.47
N GLY K 1493 80.26 -60.83 42.32
CA GLY K 1493 80.58 -60.31 41.00
C GLY K 1493 81.45 -59.08 41.01
N GLN K 1494 81.72 -58.59 39.81
CA GLN K 1494 82.68 -57.52 39.63
C GLN K 1494 82.02 -56.24 39.15
N VAL K 1495 82.30 -55.13 39.82
CA VAL K 1495 81.79 -53.85 39.37
C VAL K 1495 82.84 -53.17 38.51
N LEU K 1496 82.52 -53.03 37.23
CA LEU K 1496 83.46 -52.48 36.25
C LEU K 1496 83.27 -50.98 35.98
N LEU K 1497 84.37 -50.34 35.60
CA LEU K 1497 84.31 -48.97 35.10
C LEU K 1497 85.23 -48.80 33.91
N GLU K 1498 84.74 -48.08 32.91
CA GLU K 1498 85.55 -47.77 31.74
C GLU K 1498 86.03 -46.34 31.84
N LEU K 1499 87.34 -46.15 31.67
CA LEU K 1499 87.96 -44.82 31.73
C LEU K 1499 87.77 -44.09 30.41
N PRO K 1500 88.18 -42.81 30.36
CA PRO K 1500 88.17 -42.10 29.09
C PRO K 1500 89.12 -42.76 28.09
N THR K 1501 89.96 -43.66 28.61
CA THR K 1501 90.94 -44.33 27.79
C THR K 1501 90.53 -45.77 27.43
N LYS K 1502 89.33 -46.15 27.85
CA LYS K 1502 88.79 -47.49 27.61
C LYS K 1502 89.42 -48.54 28.54
N GLU K 1503 90.16 -48.07 29.52
CA GLU K 1503 90.70 -48.93 30.56
C GLU K 1503 89.58 -49.47 31.42
N ILE K 1504 89.49 -50.78 31.56
CA ILE K 1504 88.45 -51.36 32.40
C ILE K 1504 89.00 -51.69 33.79
N ILE K 1505 88.34 -51.19 34.83
CA ILE K 1505 88.83 -51.38 36.19
C ILE K 1505 87.79 -51.94 37.12
N GLN K 1506 88.20 -52.82 38.01
CA GLN K 1506 87.31 -53.32 39.03
C GLN K 1506 87.28 -52.30 40.14
N VAL K 1507 86.37 -51.34 40.01
CA VAL K 1507 86.22 -50.27 40.99
C VAL K 1507 85.67 -50.79 42.31
N ALA K 1508 84.94 -51.90 42.24
CA ALA K 1508 84.34 -52.48 43.43
C ALA K 1508 83.97 -53.93 43.17
N SER K 1509 83.33 -54.55 44.16
CA SER K 1509 82.95 -55.96 44.06
C SER K 1509 81.67 -56.23 44.85
N VAL K 1510 80.88 -57.21 44.39
CA VAL K 1510 79.58 -57.50 45.02
C VAL K 1510 79.62 -58.80 45.82
N ASP K 1511 79.03 -58.75 47.02
CA ASP K 1511 78.89 -59.94 47.84
C ASP K 1511 77.65 -59.88 48.73
N TYR K 1512 76.57 -60.51 48.26
CA TYR K 1512 75.32 -60.64 49.00
C TYR K 1512 75.07 -62.10 49.30
N GLU K 1513 74.51 -62.36 50.48
CA GLU K 1513 74.14 -63.71 50.86
C GLU K 1513 72.98 -63.66 51.83
N ALA K 1514 72.12 -64.67 51.78
CA ALA K 1514 70.93 -64.75 52.64
C ALA K 1514 70.17 -66.05 52.43
N GLY K 1515 69.40 -66.45 53.44
CA GLY K 1515 68.61 -67.66 53.34
C GLY K 1515 67.15 -67.30 53.56
N GLU K 1516 66.26 -68.20 53.13
CA GLU K 1516 64.84 -67.94 53.23
C GLU K 1516 64.53 -66.61 52.55
N SER K 1517 64.89 -66.52 51.28
CA SER K 1517 64.70 -65.32 50.49
C SER K 1517 63.56 -65.57 49.50
N HIS K 1518 62.86 -64.51 49.09
CA HIS K 1518 61.79 -64.63 48.10
C HIS K 1518 62.21 -64.08 46.75
N GLY K 1519 63.19 -63.17 46.79
CA GLY K 1519 63.76 -62.56 45.60
C GLY K 1519 65.20 -62.13 45.81
N ASN K 1520 65.86 -61.73 44.72
CA ASN K 1520 67.26 -61.30 44.79
C ASN K 1520 67.38 -59.78 44.90
N PRO K 1521 67.65 -59.29 46.13
CA PRO K 1521 67.64 -57.86 46.49
C PRO K 1521 68.69 -57.07 45.73
N VAL K 1522 69.69 -57.76 45.18
CA VAL K 1522 70.77 -57.09 44.49
C VAL K 1522 70.41 -56.87 43.04
N ILE K 1523 70.03 -57.94 42.36
CA ILE K 1523 69.64 -57.84 40.97
C ILE K 1523 68.49 -56.85 40.87
N ASP K 1524 67.62 -56.87 41.87
CA ASP K 1524 66.47 -55.97 41.89
C ASP K 1524 66.91 -54.51 41.90
N TYR K 1525 67.73 -54.16 42.89
CA TYR K 1525 68.26 -52.80 42.99
C TYR K 1525 68.77 -52.33 41.64
N LEU K 1526 69.55 -53.18 40.98
CA LEU K 1526 70.09 -52.86 39.68
C LEU K 1526 69.01 -52.75 38.61
N GLN K 1527 68.04 -53.65 38.68
CA GLN K 1527 66.99 -53.70 37.67
C GLN K 1527 66.09 -52.46 37.62
N ARG K 1528 66.17 -51.61 38.65
CA ARG K 1528 65.45 -50.34 38.60
C ARG K 1528 66.36 -49.12 38.40
N HIS K 1529 67.41 -49.01 39.21
CA HIS K 1529 68.35 -47.88 39.11
C HIS K 1529 69.30 -47.97 37.91
N GLY K 1530 69.20 -49.07 37.18
CA GLY K 1530 70.06 -49.29 36.04
C GLY K 1530 69.37 -50.08 34.95
N SER K 1531 70.12 -50.37 33.89
CA SER K 1531 69.59 -51.00 32.68
C SER K 1531 70.35 -52.25 32.29
N SER K 1532 69.77 -53.06 31.41
CA SER K 1532 70.46 -54.24 30.91
C SER K 1532 71.48 -53.82 29.85
N ILE K 1533 72.38 -54.73 29.51
CA ILE K 1533 73.44 -54.39 28.57
C ILE K 1533 73.79 -55.56 27.67
N GLU K 1534 74.40 -55.26 26.52
CA GLU K 1534 74.84 -56.28 25.55
C GLU K 1534 73.71 -57.26 25.31
N GLN K 1535 72.59 -56.76 24.77
CA GLN K 1535 71.42 -57.59 24.57
C GLN K 1535 70.93 -57.50 23.11
N PRO K 1536 70.18 -58.51 22.59
CA PRO K 1536 69.77 -58.63 21.17
C PRO K 1536 69.09 -57.37 20.58
N VAL K 1537 69.34 -57.13 19.31
CA VAL K 1537 68.67 -56.05 18.60
C VAL K 1537 67.69 -56.68 17.60
N ASN K 1538 66.43 -56.81 18.01
CA ASN K 1538 65.42 -57.46 17.18
C ASN K 1538 64.81 -56.49 16.20
N PHE K 1539 64.17 -57.01 15.17
CA PHE K 1539 63.56 -56.17 14.14
C PHE K 1539 62.09 -55.91 14.42
N GLU K 1540 61.54 -54.88 13.77
CA GLU K 1540 60.11 -54.68 13.79
C GLU K 1540 59.50 -55.80 12.96
N ASN K 1541 60.07 -55.97 11.77
CA ASN K 1541 59.58 -56.96 10.83
C ASN K 1541 60.53 -58.14 10.68
N PRO K 1542 60.19 -59.25 11.34
CA PRO K 1542 60.89 -60.53 11.22
C PRO K 1542 60.99 -60.91 9.77
N ILE K 1543 62.21 -61.03 9.26
CA ILE K 1543 62.43 -61.37 7.87
C ILE K 1543 62.33 -62.87 7.63
N PRO K 1544 61.27 -63.30 6.93
CA PRO K 1544 61.20 -64.73 6.63
C PRO K 1544 62.44 -65.13 5.83
N LEU K 1545 63.04 -66.23 6.26
CA LEU K 1545 64.21 -66.78 5.60
C LEU K 1545 63.76 -68.05 4.91
N SER K 1546 63.00 -68.84 5.67
CA SER K 1546 62.43 -70.09 5.23
C SER K 1546 61.87 -69.97 3.81
N GLY K 1547 61.15 -68.89 3.57
CA GLY K 1547 60.33 -68.76 2.37
C GLY K 1547 58.95 -69.16 2.83
N LYS K 1548 57.96 -68.99 1.97
CA LYS K 1548 56.60 -69.39 2.32
C LYS K 1548 56.32 -70.83 1.92
N THR K 1549 57.35 -71.49 1.38
CA THR K 1549 57.33 -72.93 1.14
C THR K 1549 57.95 -73.65 2.35
N PRO K 1550 57.11 -74.04 3.33
CA PRO K 1550 57.61 -74.59 4.61
C PRO K 1550 58.59 -75.73 4.40
N LEU K 1551 59.69 -75.71 5.14
CA LEU K 1551 60.70 -76.73 5.03
C LEU K 1551 60.17 -78.02 5.68
N GLU K 1552 60.39 -79.15 5.00
CA GLU K 1552 59.79 -80.39 5.46
C GLU K 1552 60.81 -81.46 5.80
N LEU K 1553 60.63 -82.06 6.97
CA LEU K 1553 61.49 -83.12 7.46
C LEU K 1553 60.64 -84.28 7.92
N ARG K 1554 61.14 -85.50 7.74
CA ARG K 1554 60.47 -86.69 8.26
C ARG K 1554 61.33 -87.51 9.20
N ALA K 1555 60.77 -87.77 10.38
CA ALA K 1555 61.39 -88.69 11.32
C ALA K 1555 61.48 -90.01 10.60
N PRO K 1556 62.66 -90.64 10.64
CA PRO K 1556 62.77 -91.91 9.95
C PRO K 1556 62.13 -92.98 10.82
N ALA K 1557 61.85 -94.13 10.24
CA ALA K 1557 61.47 -95.28 11.04
C ALA K 1557 62.76 -95.99 11.42
N SER K 1558 62.75 -96.65 12.58
CA SER K 1558 63.96 -97.29 13.12
C SER K 1558 64.96 -96.26 13.65
N ASN K 1559 64.81 -95.96 14.94
CA ASN K 1559 65.71 -95.06 15.62
C ASN K 1559 67.10 -95.69 15.81
N GLU K 1560 67.19 -97.01 15.65
CA GLU K 1560 68.46 -97.73 15.73
C GLU K 1560 69.59 -96.97 15.04
N ASN K 1561 69.38 -96.54 13.79
CA ASN K 1561 70.36 -95.78 13.02
C ASN K 1561 71.08 -94.68 13.79
N TYR K 1562 70.29 -93.85 14.48
CA TYR K 1562 70.82 -92.78 15.32
C TYR K 1562 71.47 -93.38 16.56
N ALA K 1563 70.72 -94.20 17.29
CA ALA K 1563 71.21 -94.82 18.51
C ALA K 1563 72.65 -95.30 18.34
N ARG K 1564 72.91 -95.93 17.20
CA ARG K 1564 74.24 -96.43 16.86
C ARG K 1564 75.26 -95.31 16.76
N VAL K 1565 75.02 -94.38 15.85
CA VAL K 1565 75.98 -93.31 15.61
C VAL K 1565 76.06 -92.31 16.77
N SER K 1566 75.22 -92.48 17.78
CA SER K 1566 75.09 -91.49 18.84
C SER K 1566 75.67 -91.96 20.16
N GLY K 1567 75.19 -93.11 20.61
CA GLY K 1567 75.54 -93.61 21.91
C GLY K 1567 74.33 -93.74 22.79
N ASP K 1568 73.25 -93.06 22.42
CA ASP K 1568 72.01 -93.18 23.16
C ASP K 1568 71.24 -94.41 22.68
N TYR K 1569 71.50 -95.53 23.34
CA TYR K 1569 70.79 -96.77 23.02
C TYR K 1569 69.52 -96.84 23.85
N ASN K 1570 69.28 -95.80 24.66
CA ASN K 1570 68.14 -95.73 25.55
C ASN K 1570 66.97 -96.50 24.94
N PRO K 1571 66.52 -97.57 25.62
CA PRO K 1571 65.45 -98.47 25.14
C PRO K 1571 64.16 -97.71 24.80
N ILE K 1572 63.95 -96.57 25.45
CA ILE K 1572 62.81 -95.70 25.18
C ILE K 1572 62.59 -95.49 23.68
N HIS K 1573 63.66 -95.14 22.97
CA HIS K 1573 63.56 -94.80 21.55
C HIS K 1573 63.45 -96.00 20.62
N VAL K 1574 63.84 -97.18 21.08
CA VAL K 1574 64.01 -98.32 20.17
C VAL K 1574 63.13 -99.57 20.43
N SER K 1575 62.97 -99.96 21.69
CA SER K 1575 62.20 -101.18 21.97
C SER K 1575 60.73 -100.86 22.24
N ARG K 1576 59.87 -101.82 21.90
CA ARG K 1576 58.45 -101.67 22.14
C ARG K 1576 58.10 -101.71 23.63
N VAL K 1577 58.70 -102.64 24.35
CA VAL K 1577 58.28 -102.94 25.71
C VAL K 1577 58.88 -101.99 26.72
N PHE K 1578 60.07 -101.51 26.42
CA PHE K 1578 60.71 -100.55 27.30
C PHE K 1578 59.95 -99.24 27.27
N SER K 1579 59.74 -98.69 26.07
CA SER K 1579 59.01 -97.45 25.93
C SER K 1579 57.59 -97.56 26.51
N SER K 1580 56.90 -98.66 26.18
CA SER K 1580 55.57 -98.91 26.70
C SER K 1580 55.50 -98.84 28.23
N TYR K 1581 56.55 -99.35 28.90
CA TYR K 1581 56.55 -99.32 30.35
C TYR K 1581 56.60 -97.87 30.86
N ALA K 1582 57.19 -96.99 30.05
CA ALA K 1582 57.41 -95.59 30.45
C ALA K 1582 56.24 -94.67 30.10
N ASN K 1583 55.09 -95.26 29.80
CA ASN K 1583 53.91 -94.49 29.44
C ASN K 1583 54.16 -93.54 28.27
N LEU K 1584 54.88 -94.03 27.26
CA LEU K 1584 55.16 -93.22 26.08
C LEU K 1584 54.15 -93.46 24.99
N PRO K 1585 54.03 -92.48 24.08
CA PRO K 1585 53.31 -92.66 22.81
C PRO K 1585 54.00 -93.71 21.94
N GLY K 1586 55.17 -94.18 22.38
CA GLY K 1586 55.81 -95.34 21.79
C GLY K 1586 56.98 -95.05 20.85
N THR K 1587 58.12 -95.65 21.15
CA THR K 1587 59.29 -95.58 20.27
C THR K 1587 59.55 -94.16 19.78
N ILE K 1588 59.75 -93.26 20.73
CA ILE K 1588 59.89 -91.84 20.45
C ILE K 1588 61.18 -91.52 19.73
N THR K 1589 61.07 -90.94 18.54
CA THR K 1589 62.24 -90.51 17.77
C THR K 1589 63.19 -89.73 18.69
N HIS K 1590 64.49 -89.79 18.39
CA HIS K 1590 65.51 -89.19 19.26
C HIS K 1590 65.41 -87.67 19.40
N GLY K 1591 65.34 -87.20 20.65
CA GLY K 1591 65.34 -85.77 20.93
C GLY K 1591 66.37 -85.08 20.08
N MET K 1592 67.64 -85.41 20.31
CA MET K 1592 68.75 -84.76 19.63
C MET K 1592 68.77 -85.01 18.12
N TYR K 1593 67.95 -85.93 17.64
CA TYR K 1593 67.92 -86.24 16.22
C TYR K 1593 67.12 -85.18 15.47
N THR K 1594 65.91 -84.94 15.97
CA THR K 1594 65.10 -83.85 15.48
C THR K 1594 66.00 -82.60 15.44
N SER K 1595 66.62 -82.29 16.60
CA SER K 1595 67.53 -81.15 16.74
C SER K 1595 68.56 -81.09 15.62
N ALA K 1596 69.27 -82.19 15.44
CA ALA K 1596 70.31 -82.26 14.44
C ALA K 1596 69.73 -81.99 13.05
N ALA K 1597 68.60 -82.63 12.77
CA ALA K 1597 67.97 -82.56 11.46
C ALA K 1597 67.60 -81.12 11.08
N VAL K 1598 66.74 -80.52 11.88
CA VAL K 1598 66.33 -79.13 11.68
C VAL K 1598 67.55 -78.21 11.62
N ARG K 1599 68.49 -78.44 12.54
CA ARG K 1599 69.68 -77.60 12.64
C ARG K 1599 70.51 -77.62 11.34
N SER K 1600 70.39 -78.70 10.56
CA SER K 1600 71.10 -78.79 9.28
C SER K 1600 70.56 -77.77 8.30
N LEU K 1601 69.24 -77.62 8.32
CA LEU K 1601 68.58 -76.62 7.51
C LEU K 1601 69.12 -75.25 7.88
N VAL K 1602 69.18 -74.99 9.18
CA VAL K 1602 69.71 -73.73 9.70
C VAL K 1602 71.11 -73.47 9.13
N GLU K 1603 71.86 -74.54 8.89
CA GLU K 1603 73.16 -74.41 8.24
C GLU K 1603 73.00 -74.09 6.76
N THR K 1604 72.31 -74.97 6.07
CA THR K 1604 72.16 -74.86 4.62
C THR K 1604 71.45 -73.56 4.23
N TRP K 1605 70.51 -73.14 5.07
CA TRP K 1605 69.61 -72.04 4.76
C TRP K 1605 70.09 -70.68 5.27
N ALA K 1606 70.63 -70.67 6.47
CA ALA K 1606 71.09 -69.43 7.08
C ALA K 1606 72.51 -69.10 6.63
N ALA K 1607 73.44 -69.98 6.96
CA ALA K 1607 74.85 -69.70 6.72
C ALA K 1607 75.26 -70.01 5.29
N GLU K 1608 74.37 -70.66 4.55
CA GLU K 1608 74.68 -71.03 3.17
C GLU K 1608 75.84 -72.01 3.08
N ASN K 1609 75.87 -72.99 3.99
CA ASN K 1609 76.82 -74.13 3.94
C ASN K 1609 78.28 -73.83 4.35
N ASN K 1610 78.52 -72.70 5.01
CA ASN K 1610 79.84 -72.38 5.54
C ASN K 1610 79.76 -72.42 7.06
N ILE K 1611 79.80 -73.63 7.61
CA ILE K 1611 79.39 -73.87 9.00
C ILE K 1611 80.04 -72.99 10.05
N GLY K 1612 81.23 -72.50 9.76
CA GLY K 1612 81.91 -71.59 10.66
C GLY K 1612 80.97 -70.50 11.16
N ARG K 1613 80.03 -70.12 10.30
CA ARG K 1613 79.09 -69.05 10.59
C ARG K 1613 78.20 -69.43 11.76
N VAL K 1614 77.64 -70.63 11.69
CA VAL K 1614 76.74 -71.08 12.75
C VAL K 1614 77.49 -71.22 14.07
N ARG K 1615 77.41 -70.19 14.89
CA ARG K 1615 78.20 -70.11 16.10
C ARG K 1615 77.40 -70.45 17.35
N SER K 1616 76.09 -70.54 17.21
CA SER K 1616 75.22 -70.88 18.32
C SER K 1616 73.92 -71.48 17.80
N TYR K 1617 73.41 -72.43 18.57
CA TYR K 1617 72.18 -73.10 18.26
C TYR K 1617 71.59 -73.54 19.59
N HIS K 1618 70.28 -73.54 19.71
CA HIS K 1618 69.68 -73.95 20.96
C HIS K 1618 68.21 -74.24 20.75
N VAL K 1619 67.84 -75.50 20.94
CA VAL K 1619 66.46 -75.90 20.79
C VAL K 1619 65.83 -76.38 22.09
N ASN K 1620 64.56 -76.07 22.26
CA ASN K 1620 63.74 -76.76 23.23
C ASN K 1620 62.87 -77.78 22.50
N MET K 1621 63.06 -79.05 22.82
CA MET K 1621 62.14 -80.06 22.34
C MET K 1621 60.94 -80.04 23.29
N VAL K 1622 59.75 -79.92 22.70
CA VAL K 1622 58.54 -79.71 23.47
C VAL K 1622 57.41 -80.48 22.84
N GLY K 1623 57.76 -81.24 21.81
CA GLY K 1623 56.84 -82.13 21.16
C GLY K 1623 57.52 -83.47 20.95
N MET K 1624 56.84 -84.55 21.28
CA MET K 1624 57.39 -85.88 21.10
C MET K 1624 57.12 -86.37 19.68
N VAL K 1625 58.20 -86.56 18.93
CA VAL K 1625 58.12 -86.96 17.54
C VAL K 1625 58.21 -88.47 17.44
N LEU K 1626 57.14 -89.13 17.01
CA LEU K 1626 57.22 -90.55 16.71
C LEU K 1626 57.95 -90.75 15.39
N PRO K 1627 58.15 -92.01 14.98
CA PRO K 1627 58.87 -92.21 13.71
C PRO K 1627 57.93 -92.00 12.52
N ASN K 1628 58.48 -91.52 11.42
CA ASN K 1628 57.75 -91.27 10.18
C ASN K 1628 56.85 -90.03 10.18
N ASP K 1629 56.80 -89.35 11.32
CA ASP K 1629 56.09 -88.08 11.40
C ASP K 1629 56.65 -87.09 10.40
N ALA K 1630 55.76 -86.41 9.67
CA ALA K 1630 56.19 -85.32 8.81
C ALA K 1630 56.33 -84.05 9.65
N ILE K 1631 57.43 -83.33 9.44
CA ILE K 1631 57.73 -82.17 10.27
C ILE K 1631 58.00 -80.92 9.45
N THR K 1632 57.46 -79.81 9.92
CA THR K 1632 57.56 -78.54 9.24
C THR K 1632 58.52 -77.60 9.96
N VAL K 1633 59.35 -76.94 9.18
CA VAL K 1633 60.34 -76.05 9.73
C VAL K 1633 60.27 -74.65 9.12
N LYS K 1634 60.12 -73.65 9.98
CA LYS K 1634 60.17 -72.26 9.55
C LYS K 1634 61.38 -71.56 10.17
N LEU K 1635 62.10 -70.85 9.31
CA LEU K 1635 63.30 -70.11 9.72
C LEU K 1635 63.12 -68.63 9.45
N GLU K 1636 63.47 -67.82 10.44
CA GLU K 1636 63.14 -66.40 10.40
C GLU K 1636 64.29 -65.58 10.97
N HIS K 1637 64.81 -64.67 10.16
CA HIS K 1637 65.79 -63.69 10.62
C HIS K 1637 65.06 -62.66 11.48
N VAL K 1638 65.29 -62.69 12.79
CA VAL K 1638 64.50 -61.86 13.69
C VAL K 1638 65.33 -60.93 14.59
N GLY K 1639 66.64 -60.97 14.43
CA GLY K 1639 67.48 -60.07 15.21
C GLY K 1639 68.94 -60.05 14.81
N MET K 1640 69.72 -59.31 15.59
CA MET K 1640 71.15 -59.18 15.39
C MET K 1640 71.86 -59.12 16.74
N ILE K 1641 73.04 -59.71 16.82
CA ILE K 1641 73.89 -59.56 17.99
C ILE K 1641 75.34 -59.63 17.56
N ALA K 1642 76.11 -58.59 17.87
CA ALA K 1642 77.54 -58.56 17.57
C ALA K 1642 77.89 -59.04 16.15
N GLY K 1643 77.12 -58.60 15.16
CA GLY K 1643 77.38 -58.96 13.78
C GLY K 1643 76.82 -60.31 13.36
N ARG K 1644 75.96 -60.87 14.20
CA ARG K 1644 75.42 -62.20 13.98
C ARG K 1644 73.88 -62.20 13.91
N LYS K 1645 73.37 -62.72 12.78
CA LYS K 1645 71.94 -62.88 12.59
C LYS K 1645 71.35 -63.80 13.64
N ILE K 1646 70.30 -63.34 14.32
CA ILE K 1646 69.51 -64.23 15.15
C ILE K 1646 68.50 -64.89 14.23
N ILE K 1647 68.30 -66.19 14.42
CA ILE K 1647 67.39 -66.92 13.54
C ILE K 1647 66.44 -67.79 14.31
N LYS K 1648 65.20 -67.32 14.44
CA LYS K 1648 64.15 -68.06 15.10
C LYS K 1648 63.88 -69.34 14.30
N VAL K 1649 63.83 -70.46 15.01
CA VAL K 1649 63.64 -71.76 14.38
C VAL K 1649 62.39 -72.39 14.99
N ASP K 1650 61.44 -72.76 14.13
CA ASP K 1650 60.20 -73.40 14.56
C ASP K 1650 59.92 -74.67 13.75
N ALA K 1651 59.72 -75.79 14.45
CA ALA K 1651 59.44 -77.08 13.83
C ALA K 1651 58.15 -77.66 14.39
N ARG K 1652 57.26 -78.09 13.51
CA ARG K 1652 55.97 -78.56 13.97
C ARG K 1652 55.51 -79.82 13.27
N ASN K 1653 54.61 -80.54 13.94
CA ASN K 1653 53.97 -81.74 13.41
C ASN K 1653 53.05 -81.36 12.27
N LYS K 1654 53.31 -81.89 11.08
CA LYS K 1654 52.57 -81.45 9.90
C LYS K 1654 51.06 -81.68 9.99
N ASP K 1655 50.64 -82.52 10.93
CA ASP K 1655 49.22 -82.83 11.08
C ASP K 1655 48.58 -82.05 12.21
N THR K 1656 49.34 -81.80 13.27
CA THR K 1656 48.76 -81.19 14.45
C THR K 1656 49.17 -79.74 14.60
N ASP K 1657 50.18 -79.34 13.81
CA ASP K 1657 50.82 -78.04 13.95
C ASP K 1657 51.38 -77.84 15.34
N GLU K 1658 51.39 -78.92 16.11
CA GLU K 1658 51.94 -78.88 17.45
C GLU K 1658 53.46 -78.63 17.38
N SER K 1659 53.93 -77.88 18.35
CA SER K 1659 55.32 -77.49 18.39
C SER K 1659 56.20 -78.66 18.80
N VAL K 1660 57.12 -79.03 17.90
CA VAL K 1660 58.13 -80.03 18.20
C VAL K 1660 59.39 -79.34 18.73
N LEU K 1661 59.90 -78.41 17.94
CA LEU K 1661 61.08 -77.63 18.28
C LEU K 1661 60.80 -76.14 18.26
N GLN K 1662 61.45 -75.44 19.18
CA GLN K 1662 61.42 -73.99 19.21
C GLN K 1662 62.75 -73.52 19.74
N GLY K 1663 63.36 -72.58 19.05
CA GLY K 1663 64.64 -72.08 19.49
C GLY K 1663 65.27 -71.19 18.46
N GLU K 1664 66.41 -70.61 18.84
CA GLU K 1664 67.09 -69.63 18.01
C GLU K 1664 68.52 -70.06 17.72
N ALA K 1665 69.09 -69.50 16.65
CA ALA K 1665 70.45 -69.81 16.28
C ALA K 1665 71.19 -68.55 15.87
N GLU K 1666 72.30 -68.25 16.54
CA GLU K 1666 73.13 -67.10 16.17
C GLU K 1666 74.10 -67.49 15.06
N VAL K 1667 73.94 -66.87 13.90
CA VAL K 1667 74.68 -67.25 12.71
C VAL K 1667 75.33 -66.04 12.08
N GLU K 1668 76.60 -66.17 11.73
CA GLU K 1668 77.35 -65.05 11.19
C GLU K 1668 76.87 -64.57 9.84
N GLN K 1669 76.97 -63.26 9.64
CA GLN K 1669 76.67 -62.68 8.35
C GLN K 1669 77.73 -63.22 7.46
N PRO K 1670 77.55 -63.00 6.23
CA PRO K 1670 78.53 -63.32 5.23
C PRO K 1670 79.84 -62.56 5.49
N VAL K 1671 80.83 -62.81 4.64
CA VAL K 1671 82.13 -62.14 4.72
C VAL K 1671 81.99 -60.64 4.42
N THR K 1672 82.33 -59.79 5.38
CA THR K 1672 82.15 -58.35 5.19
C THR K 1672 83.45 -57.55 5.25
N ALA K 1673 83.46 -56.46 4.48
CA ALA K 1673 84.61 -55.58 4.45
C ALA K 1673 84.18 -54.12 4.52
N TYR K 1674 84.61 -53.42 5.58
CA TYR K 1674 84.22 -52.04 5.80
C TYR K 1674 85.25 -51.05 5.25
N VAL K 1675 84.86 -50.31 4.22
CA VAL K 1675 85.74 -49.29 3.64
C VAL K 1675 85.17 -47.87 3.79
N PHE K 1676 86.03 -46.95 4.20
CA PHE K 1676 85.61 -45.60 4.54
C PHE K 1676 86.11 -44.59 3.51
N THR K 1677 85.17 -43.89 2.88
CA THR K 1677 85.48 -42.94 1.81
C THR K 1677 86.35 -41.75 2.27
N GLY K 1678 87.00 -41.09 1.31
CA GLY K 1678 87.91 -39.99 1.64
C GLY K 1678 87.40 -38.67 1.13
N GLN K 1679 88.27 -37.66 1.13
CA GLN K 1679 87.89 -36.32 0.66
C GLN K 1679 87.25 -36.35 -0.73
N GLY K 1680 86.44 -35.34 -1.00
CA GLY K 1680 85.77 -35.20 -2.29
C GLY K 1680 84.28 -35.51 -2.23
N SER K 1681 83.94 -36.56 -1.48
CA SER K 1681 82.57 -37.01 -1.40
C SER K 1681 81.79 -36.21 -0.37
N GLN K 1682 82.44 -35.21 0.23
CA GLN K 1682 81.77 -34.42 1.25
C GLN K 1682 80.67 -33.58 0.62
N GLU K 1683 79.52 -33.58 1.26
CA GLU K 1683 78.38 -32.80 0.83
C GLU K 1683 77.78 -32.08 2.03
N GLN K 1684 77.15 -30.94 1.77
CA GLN K 1684 76.54 -30.14 2.84
C GLN K 1684 75.52 -30.93 3.66
N GLY K 1685 75.50 -30.71 4.96
CA GLY K 1685 74.54 -31.35 5.84
C GLY K 1685 74.64 -32.85 5.91
N MET K 1686 75.79 -33.39 5.54
CA MET K 1686 76.00 -34.84 5.55
C MET K 1686 75.75 -35.43 6.93
N GLY K 1687 75.10 -36.60 6.96
CA GLY K 1687 74.86 -37.34 8.19
C GLY K 1687 74.13 -36.56 9.27
N MET K 1688 73.48 -35.48 8.89
CA MET K 1688 72.73 -34.66 9.83
C MET K 1688 71.34 -35.22 10.08
N ASP K 1689 70.76 -35.83 9.05
CA ASP K 1689 69.49 -36.52 9.19
C ASP K 1689 69.64 -37.62 10.23
N LEU K 1690 70.58 -38.53 9.94
CA LEU K 1690 70.98 -39.59 10.85
C LEU K 1690 71.29 -39.02 12.23
N TYR K 1691 71.77 -37.77 12.26
CA TYR K 1691 72.05 -37.05 13.50
C TYR K 1691 70.80 -36.98 14.37
N ALA K 1692 69.76 -36.34 13.86
CA ALA K 1692 68.57 -36.15 14.66
C ALA K 1692 67.96 -37.50 15.06
N THR K 1693 67.99 -38.46 14.12
CA THR K 1693 67.32 -39.74 14.29
C THR K 1693 68.04 -40.71 15.23
N SER K 1694 69.36 -40.56 15.35
CA SER K 1694 70.15 -41.50 16.15
C SER K 1694 70.75 -40.88 17.41
N PRO K 1695 70.19 -41.20 18.58
CA PRO K 1695 70.68 -40.70 19.87
C PRO K 1695 72.17 -40.96 20.04
N VAL K 1696 72.66 -41.99 19.38
CA VAL K 1696 74.06 -42.37 19.44
C VAL K 1696 74.91 -41.41 18.63
N ALA K 1697 74.67 -41.37 17.32
CA ALA K 1697 75.41 -40.50 16.41
C ALA K 1697 75.24 -39.04 16.86
N LYS K 1698 74.08 -38.76 17.44
CA LYS K 1698 73.78 -37.47 18.03
C LYS K 1698 74.96 -37.07 18.88
N GLU K 1699 75.38 -37.99 19.77
CA GLU K 1699 76.36 -37.68 20.79
C GLU K 1699 77.79 -37.68 20.26
N VAL K 1700 78.06 -38.53 19.28
CA VAL K 1700 79.36 -38.53 18.64
C VAL K 1700 79.69 -37.14 18.12
N TRP K 1701 78.78 -36.57 17.34
CA TRP K 1701 78.92 -35.20 16.83
C TRP K 1701 79.08 -34.19 17.95
N ASP K 1702 78.21 -34.26 18.95
CA ASP K 1702 78.24 -33.33 20.07
C ASP K 1702 79.61 -33.29 20.75
N ARG K 1703 80.11 -34.44 21.15
CA ARG K 1703 81.40 -34.48 21.83
C ARG K 1703 82.51 -33.86 20.98
N ALA K 1704 82.47 -34.11 19.68
CA ALA K 1704 83.43 -33.53 18.75
C ALA K 1704 83.26 -32.01 18.68
N ASP K 1705 82.02 -31.58 18.59
CA ASP K 1705 81.72 -30.17 18.47
C ASP K 1705 82.14 -29.49 19.76
N LYS K 1706 81.57 -29.97 20.87
CA LYS K 1706 81.93 -29.51 22.20
C LYS K 1706 83.44 -29.27 22.26
N HIS K 1707 84.20 -30.25 21.79
CA HIS K 1707 85.65 -30.13 21.72
C HIS K 1707 86.03 -28.90 20.89
N PHE K 1708 85.80 -28.97 19.58
CA PHE K 1708 86.18 -27.91 18.68
C PHE K 1708 85.84 -26.51 19.14
N ARG K 1709 84.64 -26.34 19.67
CA ARG K 1709 84.20 -25.02 20.10
C ARG K 1709 85.09 -24.50 21.22
N GLU K 1710 85.33 -25.35 22.21
CA GLU K 1710 86.05 -24.96 23.43
C GLU K 1710 87.55 -24.81 23.26
N ASN K 1711 88.08 -25.37 22.18
CA ASN K 1711 89.52 -25.39 21.94
C ASN K 1711 89.91 -24.56 20.74
N TYR K 1712 89.25 -24.77 19.62
CA TYR K 1712 89.61 -24.05 18.42
C TYR K 1712 88.60 -22.96 18.10
N GLY K 1713 87.53 -22.91 18.88
CA GLY K 1713 86.59 -21.80 18.82
C GLY K 1713 85.65 -21.75 17.63
N PHE K 1714 85.26 -22.92 17.14
CA PHE K 1714 84.25 -23.01 16.08
C PHE K 1714 83.54 -24.35 16.18
N SER K 1715 82.39 -24.46 15.51
CA SER K 1715 81.63 -25.71 15.47
C SER K 1715 81.66 -26.32 14.08
N ILE K 1716 82.00 -27.60 13.99
CA ILE K 1716 82.03 -28.25 12.69
C ILE K 1716 80.63 -28.59 12.27
N ILE K 1717 79.76 -28.78 13.26
CA ILE K 1717 78.36 -29.06 12.99
C ILE K 1717 77.77 -27.89 12.20
N ASP K 1718 78.08 -26.66 12.64
CA ASP K 1718 77.66 -25.48 11.89
C ASP K 1718 78.23 -25.51 10.48
N ILE K 1719 79.56 -25.61 10.38
CA ILE K 1719 80.20 -25.66 9.08
C ILE K 1719 79.53 -26.71 8.18
N VAL K 1720 79.15 -27.83 8.78
CA VAL K 1720 78.52 -28.90 8.02
C VAL K 1720 77.12 -28.50 7.59
N LYS K 1721 76.26 -28.17 8.56
CA LYS K 1721 74.87 -27.81 8.25
C LYS K 1721 74.81 -26.73 7.19
N ASN K 1722 75.15 -25.50 7.57
CA ASN K 1722 75.21 -24.39 6.62
C ASN K 1722 76.61 -23.94 6.36
N ASN K 1723 77.02 -24.14 5.16
CA ASN K 1723 78.40 -23.96 4.83
C ASN K 1723 78.76 -22.48 4.64
N PRO K 1724 79.47 -21.87 5.62
CA PRO K 1724 79.81 -20.46 5.54
C PRO K 1724 80.96 -20.24 4.55
N LYS K 1725 80.90 -19.18 3.75
CA LYS K 1725 81.99 -18.86 2.83
C LYS K 1725 83.15 -18.26 3.62
N GLU K 1726 82.89 -17.97 4.89
CA GLU K 1726 83.94 -17.54 5.80
C GLU K 1726 83.45 -17.64 7.25
N LEU K 1727 84.40 -17.60 8.17
CA LEU K 1727 84.10 -17.74 9.59
C LEU K 1727 85.30 -17.24 10.35
N THR K 1728 85.06 -16.62 11.49
CA THR K 1728 86.13 -16.05 12.28
C THR K 1728 85.96 -16.40 13.76
N VAL K 1729 87.06 -16.82 14.37
CA VAL K 1729 87.07 -17.21 15.78
C VAL K 1729 87.60 -16.05 16.61
N HIS K 1730 87.15 -15.97 17.86
CA HIS K 1730 87.53 -14.86 18.72
C HIS K 1730 88.22 -15.29 20.00
N PHE K 1731 89.30 -14.62 20.36
CA PHE K 1731 90.10 -14.99 21.53
C PHE K 1731 89.77 -14.12 22.73
N GLY K 1732 88.61 -14.38 23.32
CA GLY K 1732 88.04 -13.53 24.35
C GLY K 1732 88.71 -13.63 25.69
N GLY K 1733 87.90 -13.82 26.74
CA GLY K 1733 88.39 -13.79 28.10
C GLY K 1733 89.24 -14.98 28.50
N PRO K 1734 89.12 -15.41 29.75
CA PRO K 1734 89.79 -16.64 30.19
C PRO K 1734 89.85 -17.68 29.08
N ARG K 1735 88.72 -18.32 28.77
CA ARG K 1735 88.72 -19.38 27.77
C ARG K 1735 88.96 -18.87 26.34
N GLY K 1736 88.99 -17.55 26.19
CA GLY K 1736 89.30 -16.93 24.92
C GLY K 1736 90.78 -17.03 24.61
N LYS K 1737 91.59 -16.64 25.59
CA LYS K 1737 93.03 -16.66 25.41
C LYS K 1737 93.54 -18.09 25.25
N ILE K 1738 93.01 -19.01 26.06
CA ILE K 1738 93.44 -20.41 26.00
C ILE K 1738 93.28 -20.99 24.60
N ILE K 1739 92.37 -20.41 23.82
CA ILE K 1739 92.15 -20.87 22.47
C ILE K 1739 93.29 -20.44 21.58
N ARG K 1740 93.63 -19.16 21.61
CA ARG K 1740 94.64 -18.65 20.71
C ARG K 1740 95.97 -19.33 21.00
N GLN K 1741 96.11 -19.82 22.24
CA GLN K 1741 97.29 -20.57 22.61
C GLN K 1741 97.48 -21.74 21.64
N ASN K 1742 96.39 -22.44 21.37
CA ASN K 1742 96.39 -23.60 20.48
C ASN K 1742 96.67 -23.20 19.04
N TYR K 1743 96.29 -21.98 18.68
CA TYR K 1743 96.53 -21.46 17.35
C TYR K 1743 98.00 -21.10 17.21
N MET K 1744 98.56 -20.60 18.31
CA MET K 1744 99.97 -20.23 18.37
C MET K 1744 100.86 -21.48 18.44
N SER K 1745 100.37 -22.52 19.10
CA SER K 1745 101.10 -23.76 19.28
C SER K 1745 100.95 -24.73 18.11
N MET K 1746 100.74 -24.19 16.91
CA MET K 1746 100.66 -25.02 15.72
C MET K 1746 101.99 -25.01 15.00
N THR K 1747 102.67 -26.17 15.05
CA THR K 1747 104.05 -26.29 14.61
C THR K 1747 104.18 -26.81 13.18
N PHE K 1748 104.47 -25.91 12.26
CA PHE K 1748 104.70 -26.27 10.86
C PHE K 1748 106.19 -26.56 10.67
N GLU K 1749 106.56 -27.33 9.65
CA GLU K 1749 107.97 -27.64 9.46
C GLU K 1749 108.43 -27.78 8.00
N THR K 1750 109.35 -26.89 7.61
CA THR K 1750 110.00 -26.92 6.30
C THR K 1750 111.49 -26.58 6.46
N VAL K 1751 112.34 -27.48 5.99
CA VAL K 1751 113.80 -27.32 6.10
C VAL K 1751 114.38 -26.59 4.89
N ASN K 1752 115.41 -25.79 5.14
CA ASN K 1752 116.10 -25.04 4.10
C ASN K 1752 116.87 -25.97 3.17
N ALA K 1753 117.25 -25.46 2.00
CA ALA K 1753 117.98 -26.24 1.01
C ALA K 1753 119.44 -26.38 1.38
N ASP K 1754 119.78 -26.09 2.64
CA ASP K 1754 121.10 -26.38 3.18
C ASP K 1754 121.06 -27.43 4.31
N GLY K 1755 119.91 -27.57 4.97
CA GLY K 1755 119.73 -28.61 5.97
C GLY K 1755 119.43 -28.16 7.39
N SER K 1756 118.79 -27.00 7.53
CA SER K 1756 118.35 -26.53 8.84
C SER K 1756 116.81 -26.59 8.90
N ILE K 1757 116.29 -27.27 9.91
CA ILE K 1757 114.85 -27.54 10.04
C ILE K 1757 114.06 -26.32 10.53
N LYS K 1758 113.58 -25.50 9.60
CA LYS K 1758 112.78 -24.31 9.94
C LYS K 1758 111.47 -24.74 10.59
N THR K 1759 111.36 -24.48 11.88
CA THR K 1759 110.13 -24.77 12.61
C THR K 1759 109.29 -23.48 12.64
N GLU K 1760 108.21 -23.44 11.84
CA GLU K 1760 107.39 -22.24 11.67
C GLU K 1760 105.97 -22.36 12.23
N LYS K 1761 105.27 -21.23 12.30
CA LYS K 1761 103.87 -21.24 12.72
C LYS K 1761 102.96 -21.58 11.56
N ILE K 1762 101.85 -22.25 11.86
CA ILE K 1762 100.85 -22.51 10.84
C ILE K 1762 99.97 -21.27 10.75
N PHE K 1763 99.63 -20.74 11.91
CA PHE K 1763 98.84 -19.51 12.00
C PHE K 1763 99.75 -18.32 12.23
N LYS K 1764 100.35 -17.86 11.13
CA LYS K 1764 101.43 -16.90 11.17
C LYS K 1764 101.07 -15.65 11.95
N GLU K 1765 99.89 -15.10 11.66
CA GLU K 1765 99.51 -13.78 12.13
C GLU K 1765 98.91 -13.81 13.54
N VAL K 1766 98.80 -15.01 14.11
CA VAL K 1766 98.24 -15.14 15.43
C VAL K 1766 99.32 -15.03 16.49
N ASP K 1767 99.31 -13.95 17.24
CA ASP K 1767 100.25 -13.76 18.36
C ASP K 1767 99.51 -13.48 19.67
N GLU K 1768 100.25 -13.00 20.66
CA GLU K 1768 99.65 -12.69 21.96
C GLU K 1768 99.04 -11.28 21.93
N ASN K 1769 98.86 -10.77 20.72
CA ASN K 1769 98.21 -9.48 20.50
C ASN K 1769 97.05 -9.64 19.53
N SER K 1770 96.67 -10.89 19.27
CA SER K 1770 95.60 -11.18 18.31
C SER K 1770 94.29 -11.43 19.03
N THR K 1771 93.24 -10.78 18.56
CA THR K 1771 91.91 -10.92 19.15
C THR K 1771 91.03 -11.91 18.35
N SER K 1772 91.42 -12.19 17.11
CA SER K 1772 90.60 -13.04 16.24
C SER K 1772 91.37 -13.52 15.02
N TYR K 1773 90.98 -14.68 14.51
CA TYR K 1773 91.51 -15.19 13.26
C TYR K 1773 90.33 -15.56 12.36
N THR K 1774 90.51 -15.35 11.07
CA THR K 1774 89.41 -15.51 10.13
C THR K 1774 89.72 -16.53 9.03
N TYR K 1775 88.92 -17.60 9.00
CA TYR K 1775 88.98 -18.63 7.95
C TYR K 1775 88.19 -18.14 6.74
N ARG K 1776 88.71 -18.37 5.54
CA ARG K 1776 87.97 -17.96 4.34
C ARG K 1776 88.10 -18.98 3.21
N SER K 1777 86.97 -19.29 2.59
CA SER K 1777 86.96 -20.07 1.36
C SER K 1777 85.99 -19.43 0.38
N PRO K 1778 86.35 -19.38 -0.90
CA PRO K 1778 85.49 -18.78 -1.92
C PRO K 1778 84.21 -19.59 -2.11
N SER K 1779 84.25 -20.87 -1.77
CA SER K 1779 83.14 -21.79 -2.04
C SER K 1779 82.71 -22.60 -0.83
N GLY K 1780 82.96 -22.09 0.35
CA GLY K 1780 82.47 -22.78 1.50
C GLY K 1780 83.57 -23.53 2.22
N LEU K 1781 83.62 -23.31 3.53
CA LEU K 1781 84.68 -23.84 4.37
C LEU K 1781 84.63 -25.35 4.51
N LEU K 1782 83.49 -25.95 4.16
CA LEU K 1782 83.39 -27.40 4.13
C LEU K 1782 84.07 -27.94 2.87
N SER K 1783 84.82 -27.07 2.19
CA SER K 1783 85.50 -27.42 0.96
C SER K 1783 87.02 -27.40 1.15
N ALA K 1784 87.48 -26.64 2.14
CA ALA K 1784 88.89 -26.66 2.52
C ALA K 1784 89.09 -27.66 3.66
N THR K 1785 90.20 -28.39 3.61
CA THR K 1785 90.35 -29.62 4.40
C THR K 1785 90.36 -29.52 5.92
N GLN K 1786 90.93 -28.46 6.50
CA GLN K 1786 91.00 -28.39 7.96
C GLN K 1786 89.61 -28.70 8.51
N PHE K 1787 88.59 -28.41 7.71
CA PHE K 1787 87.23 -28.70 8.11
C PHE K 1787 86.67 -29.92 7.37
N THR K 1788 86.87 -29.96 6.06
CA THR K 1788 86.45 -31.07 5.21
C THR K 1788 86.75 -32.41 5.85
N GLN K 1789 87.95 -32.52 6.41
CA GLN K 1789 88.41 -33.79 6.95
C GLN K 1789 87.72 -34.18 8.26
N PRO K 1790 87.82 -33.36 9.31
CA PRO K 1790 87.21 -33.75 10.57
C PRO K 1790 85.73 -34.05 10.37
N ALA K 1791 85.12 -33.29 9.47
CA ALA K 1791 83.71 -33.46 9.15
C ALA K 1791 83.43 -34.84 8.55
N LEU K 1792 84.18 -35.19 7.51
CA LEU K 1792 84.03 -36.50 6.87
C LEU K 1792 84.29 -37.62 7.86
N THR K 1793 85.36 -37.48 8.64
CA THR K 1793 85.69 -38.42 9.69
C THR K 1793 84.48 -38.60 10.58
N LEU K 1794 83.93 -37.46 11.00
CA LEU K 1794 82.84 -37.40 11.97
C LEU K 1794 81.60 -38.19 11.48
N MET K 1795 81.14 -37.87 10.29
CA MET K 1795 79.96 -38.51 9.72
C MET K 1795 80.14 -40.01 9.72
N GLU K 1796 81.33 -40.46 9.33
CA GLU K 1796 81.62 -41.87 9.20
C GLU K 1796 81.61 -42.55 10.56
N LYS K 1797 82.43 -42.06 11.49
CA LYS K 1797 82.46 -42.62 12.84
C LYS K 1797 81.05 -42.78 13.38
N ALA K 1798 80.31 -41.68 13.37
CA ALA K 1798 78.95 -41.69 13.90
C ALA K 1798 78.11 -42.76 13.21
N SER K 1799 78.07 -42.69 11.87
CA SER K 1799 77.30 -43.62 11.05
C SER K 1799 77.56 -45.07 11.47
N PHE K 1800 78.84 -45.40 11.55
CA PHE K 1800 79.28 -46.75 11.89
C PHE K 1800 78.86 -47.07 13.32
N GLU K 1801 79.09 -46.12 14.20
CA GLU K 1801 78.80 -46.31 15.61
C GLU K 1801 77.33 -46.60 15.81
N ASP K 1802 76.54 -46.20 14.84
CA ASP K 1802 75.10 -46.51 14.88
C ASP K 1802 74.86 -47.96 14.54
N MET K 1803 75.45 -48.41 13.43
CA MET K 1803 75.36 -49.80 13.03
C MET K 1803 75.77 -50.66 14.20
N ARG K 1804 76.87 -50.27 14.84
CA ARG K 1804 77.38 -50.97 16.01
C ARG K 1804 76.31 -51.00 17.09
N SER K 1805 75.68 -49.84 17.29
CA SER K 1805 74.59 -49.72 18.24
C SER K 1805 73.52 -50.78 18.04
N LYS K 1806 73.32 -51.18 16.79
CA LYS K 1806 72.26 -52.16 16.47
C LYS K 1806 72.79 -53.56 16.20
N GLY K 1807 74.07 -53.75 16.47
CA GLY K 1807 74.70 -55.07 16.41
C GLY K 1807 74.99 -55.55 15.00
N LEU K 1808 75.28 -54.63 14.10
CA LEU K 1808 75.49 -54.98 12.71
C LEU K 1808 76.96 -55.19 12.41
N VAL K 1809 77.83 -54.67 13.26
CA VAL K 1809 79.26 -54.73 12.98
C VAL K 1809 79.75 -56.14 13.19
N GLN K 1810 80.40 -56.70 12.17
CA GLN K 1810 80.91 -58.06 12.21
C GLN K 1810 82.27 -58.14 12.89
N ARG K 1811 82.46 -59.15 13.72
CA ARG K 1811 83.69 -59.26 14.50
C ARG K 1811 84.91 -59.42 13.62
N ASP K 1812 84.94 -60.54 12.89
CA ASP K 1812 86.09 -60.89 12.09
C ASP K 1812 85.95 -60.33 10.68
N SER K 1813 85.97 -59.01 10.57
CA SER K 1813 85.97 -58.42 9.23
C SER K 1813 87.16 -57.51 9.06
N THR K 1814 87.38 -57.08 7.82
CA THR K 1814 88.49 -56.19 7.49
C THR K 1814 88.00 -54.76 7.33
N PHE K 1815 88.91 -53.79 7.50
CA PHE K 1815 88.56 -52.38 7.32
C PHE K 1815 89.71 -51.57 6.73
N ALA K 1816 89.39 -50.73 5.76
CA ALA K 1816 90.37 -49.90 5.09
C ALA K 1816 89.77 -48.53 4.79
N GLY K 1817 90.61 -47.52 4.73
CA GLY K 1817 90.18 -46.18 4.40
C GLY K 1817 91.06 -45.55 3.33
N HIS K 1818 90.48 -44.61 2.57
CA HIS K 1818 91.18 -43.96 1.46
C HIS K 1818 91.59 -42.53 1.80
N SER K 1819 92.89 -42.26 1.73
CA SER K 1819 93.42 -40.96 2.15
C SER K 1819 93.00 -40.70 3.58
N LEU K 1820 92.08 -39.75 3.74
CA LEU K 1820 91.55 -39.44 5.05
C LEU K 1820 90.95 -40.69 5.69
N GLY K 1821 90.11 -41.36 4.92
CA GLY K 1821 89.28 -42.43 5.42
C GLY K 1821 89.98 -43.48 6.24
N GLU K 1822 91.30 -43.53 6.16
CA GLU K 1822 92.03 -44.49 6.97
C GLU K 1822 91.89 -44.16 8.45
N TYR K 1823 92.01 -42.88 8.78
CA TYR K 1823 91.91 -42.46 10.17
C TYR K 1823 90.52 -42.79 10.73
N SER K 1824 89.49 -42.44 9.97
CA SER K 1824 88.13 -42.73 10.42
C SER K 1824 87.96 -44.23 10.59
N ALA K 1825 88.28 -44.96 9.53
CA ALA K 1825 88.20 -46.42 9.54
C ALA K 1825 88.88 -47.00 10.80
N LEU K 1826 90.06 -46.48 11.11
CA LEU K 1826 90.78 -46.94 12.28
C LEU K 1826 89.94 -46.81 13.53
N VAL K 1827 89.62 -45.56 13.87
CA VAL K 1827 88.84 -45.25 15.05
C VAL K 1827 87.48 -45.94 15.06
N ALA K 1828 86.98 -46.22 13.86
CA ALA K 1828 85.67 -46.82 13.68
C ALA K 1828 85.60 -48.20 14.31
N LEU K 1829 86.57 -49.05 13.99
CA LEU K 1829 86.56 -50.45 14.44
C LEU K 1829 87.55 -50.75 15.59
N ALA K 1830 88.74 -50.19 15.50
CA ALA K 1830 89.69 -50.20 16.61
C ALA K 1830 89.60 -48.86 17.34
N ASP K 1831 89.50 -48.91 18.66
CA ASP K 1831 89.41 -47.67 19.41
C ASP K 1831 90.76 -46.98 19.50
N VAL K 1832 91.35 -46.73 18.33
CA VAL K 1832 92.70 -46.18 18.22
C VAL K 1832 92.88 -44.90 19.05
N MET K 1833 91.79 -44.20 19.32
CA MET K 1833 91.85 -42.94 20.06
C MET K 1833 90.46 -42.36 20.24
N PRO K 1834 90.26 -41.60 21.32
CA PRO K 1834 89.03 -40.86 21.56
C PRO K 1834 88.70 -39.96 20.36
N ILE K 1835 87.43 -39.62 20.22
CA ILE K 1835 86.97 -38.89 19.05
C ILE K 1835 87.52 -37.48 18.98
N GLU K 1836 87.73 -36.87 20.14
CA GLU K 1836 88.32 -35.53 20.21
C GLU K 1836 89.76 -35.56 19.75
N SER K 1837 90.43 -36.68 20.02
CA SER K 1837 91.77 -36.90 19.51
C SER K 1837 91.67 -36.97 18.00
N LEU K 1838 90.81 -37.87 17.53
CA LEU K 1838 90.64 -38.11 16.09
C LEU K 1838 90.50 -36.83 15.28
N VAL K 1839 89.54 -35.99 15.66
CA VAL K 1839 89.27 -34.77 14.94
C VAL K 1839 90.44 -33.77 15.02
N SER K 1840 91.10 -33.71 16.17
CA SER K 1840 92.28 -32.87 16.34
C SER K 1840 93.36 -33.36 15.40
N VAL K 1841 93.69 -34.64 15.52
CA VAL K 1841 94.63 -35.31 14.64
C VAL K 1841 94.38 -34.89 13.21
N VAL K 1842 93.22 -35.28 12.71
CA VAL K 1842 92.85 -35.01 11.32
C VAL K 1842 92.89 -33.52 10.96
N PHE K 1843 92.39 -32.68 11.86
CA PHE K 1843 92.39 -31.23 11.65
C PHE K 1843 93.81 -30.73 11.37
N TYR K 1844 94.76 -31.29 12.12
CA TYR K 1844 96.16 -30.96 11.98
C TYR K 1844 96.67 -31.44 10.63
N ARG K 1845 96.26 -32.65 10.26
CA ARG K 1845 96.64 -33.24 8.98
C ARG K 1845 96.31 -32.27 7.87
N GLY K 1846 95.05 -31.85 7.84
CA GLY K 1846 94.57 -30.91 6.84
C GLY K 1846 95.36 -29.63 6.87
N LEU K 1847 95.65 -29.14 8.06
CA LEU K 1847 96.43 -27.92 8.19
C LEU K 1847 97.77 -28.09 7.48
N THR K 1848 98.52 -29.12 7.86
CA THR K 1848 99.87 -29.29 7.33
C THR K 1848 99.81 -29.52 5.85
N MET K 1849 98.86 -30.32 5.43
CA MET K 1849 98.66 -30.59 4.01
C MET K 1849 98.45 -29.32 3.20
N GLN K 1850 97.90 -28.27 3.81
CA GLN K 1850 97.62 -27.06 3.05
C GLN K 1850 98.84 -26.12 3.05
N VAL K 1851 99.58 -26.10 4.16
CA VAL K 1851 100.74 -25.21 4.30
C VAL K 1851 101.99 -25.76 3.62
N ALA K 1852 101.95 -27.05 3.29
CA ALA K 1852 103.06 -27.74 2.63
C ALA K 1852 103.45 -27.04 1.33
N VAL K 1853 102.44 -26.76 0.49
CA VAL K 1853 102.68 -26.10 -0.80
C VAL K 1853 102.83 -24.59 -0.67
N GLU K 1854 103.62 -24.02 -1.57
CA GLU K 1854 103.79 -22.58 -1.64
C GLU K 1854 102.86 -21.97 -2.68
N ARG K 1855 102.13 -20.93 -2.27
CA ARG K 1855 101.37 -20.13 -3.23
C ARG K 1855 101.74 -18.66 -3.13
N ASP K 1856 101.33 -17.88 -4.12
CA ASP K 1856 101.70 -16.47 -4.19
C ASP K 1856 100.53 -15.55 -3.83
N GLU K 1857 100.64 -14.30 -4.26
CA GLU K 1857 99.70 -13.24 -3.93
C GLU K 1857 98.32 -13.43 -4.56
N GLN K 1858 98.29 -14.00 -5.75
CA GLN K 1858 97.04 -14.24 -6.45
C GLN K 1858 96.27 -15.43 -5.86
N GLY K 1859 96.91 -16.13 -4.91
CA GLY K 1859 96.39 -17.38 -4.40
C GLY K 1859 96.87 -18.49 -5.30
N ARG K 1860 97.60 -18.09 -6.35
CA ARG K 1860 98.17 -19.01 -7.33
C ARG K 1860 99.02 -20.10 -6.67
N SER K 1861 98.60 -21.35 -6.85
CA SER K 1861 99.28 -22.52 -6.29
C SER K 1861 100.41 -23.02 -7.20
N ASN K 1862 101.33 -23.79 -6.62
CA ASN K 1862 102.53 -24.21 -7.35
C ASN K 1862 102.31 -25.47 -8.19
N TYR K 1863 101.64 -26.45 -7.61
CA TYR K 1863 101.43 -27.73 -8.25
C TYR K 1863 99.94 -27.99 -8.49
N ALA K 1864 99.62 -29.23 -8.83
CA ALA K 1864 98.24 -29.68 -9.02
C ALA K 1864 98.18 -31.18 -9.37
N MET K 1865 97.03 -31.81 -9.13
CA MET K 1865 96.86 -33.23 -9.41
C MET K 1865 95.94 -33.51 -10.58
N CYS K 1866 96.14 -34.67 -11.20
CA CYS K 1866 95.38 -35.01 -12.39
C CYS K 1866 95.24 -36.53 -12.52
N ALA K 1867 94.04 -36.97 -12.89
CA ALA K 1867 93.74 -38.40 -13.03
C ALA K 1867 93.96 -38.88 -14.46
N VAL K 1868 94.44 -40.11 -14.60
CA VAL K 1868 94.76 -40.64 -15.91
C VAL K 1868 94.27 -42.06 -16.14
N ASN K 1869 93.53 -42.23 -17.25
CA ASN K 1869 92.95 -43.50 -17.67
C ASN K 1869 93.75 -44.15 -18.80
N PRO K 1870 94.65 -45.10 -18.46
CA PRO K 1870 95.58 -45.70 -19.44
C PRO K 1870 94.85 -46.40 -20.59
N SER K 1871 93.61 -46.84 -20.34
CA SER K 1871 92.77 -47.50 -21.34
C SER K 1871 92.50 -46.62 -22.55
N ARG K 1872 92.33 -45.32 -22.32
CA ARG K 1872 91.89 -44.39 -23.35
C ARG K 1872 93.03 -44.04 -24.32
N ILE K 1873 94.26 -44.42 -23.97
CA ILE K 1873 95.38 -44.32 -24.89
C ILE K 1873 95.35 -45.47 -25.89
N SER K 1874 96.00 -46.57 -25.53
CA SER K 1874 95.95 -47.80 -26.31
C SER K 1874 95.61 -48.95 -25.35
N PRO K 1875 94.71 -49.85 -25.76
CA PRO K 1875 94.40 -51.01 -24.92
C PRO K 1875 95.63 -51.91 -24.60
N THR K 1876 96.78 -51.56 -25.17
CA THR K 1876 98.04 -52.24 -24.86
C THR K 1876 98.76 -51.56 -23.68
N PHE K 1877 98.26 -50.38 -23.33
CA PHE K 1877 98.83 -49.54 -22.27
C PHE K 1877 98.54 -50.11 -20.88
N THR K 1878 99.59 -50.47 -20.16
CA THR K 1878 99.43 -51.15 -18.87
C THR K 1878 99.69 -50.24 -17.67
N GLU K 1879 99.63 -50.83 -16.48
CA GLU K 1879 99.97 -50.12 -15.26
C GLU K 1879 101.43 -49.67 -15.33
N GLN K 1880 102.33 -50.64 -15.49
CA GLN K 1880 103.76 -50.37 -15.62
C GLN K 1880 104.10 -49.43 -16.78
N ALA K 1881 103.20 -49.37 -17.75
CA ALA K 1881 103.35 -48.50 -18.90
C ALA K 1881 103.26 -47.03 -18.48
N LEU K 1882 102.19 -46.68 -17.77
CA LEU K 1882 102.02 -45.31 -17.29
C LEU K 1882 103.12 -44.96 -16.28
N GLN K 1883 103.56 -45.96 -15.51
CA GLN K 1883 104.68 -45.77 -14.59
C GLN K 1883 105.93 -45.36 -15.35
N TYR K 1884 106.28 -46.14 -16.36
CA TYR K 1884 107.44 -45.86 -17.21
C TYR K 1884 107.41 -44.44 -17.77
N VAL K 1885 106.27 -44.04 -18.34
CA VAL K 1885 106.09 -42.69 -18.85
C VAL K 1885 106.46 -41.64 -17.80
N VAL K 1886 105.93 -41.81 -16.59
CA VAL K 1886 106.12 -40.86 -15.49
C VAL K 1886 107.54 -40.81 -14.95
N GLU K 1887 108.04 -41.96 -14.46
CA GLU K 1887 109.38 -42.05 -13.88
C GLU K 1887 110.46 -41.51 -14.82
N ASN K 1888 110.22 -41.66 -16.13
CA ASN K 1888 111.12 -41.12 -17.16
C ASN K 1888 111.04 -39.59 -17.26
N ILE K 1889 109.81 -39.06 -17.33
CA ILE K 1889 109.59 -37.62 -17.30
C ILE K 1889 110.15 -37.02 -16.00
N ALA K 1890 110.24 -37.86 -14.97
CA ALA K 1890 110.70 -37.46 -13.63
C ALA K 1890 112.16 -36.99 -13.62
N GLU K 1891 113.06 -37.85 -14.06
CA GLU K 1891 114.48 -37.54 -13.99
C GLU K 1891 115.01 -37.00 -15.31
N VAL K 1892 114.12 -36.81 -16.27
CA VAL K 1892 114.47 -36.13 -17.53
C VAL K 1892 114.23 -34.62 -17.43
N THR K 1893 112.98 -34.23 -17.18
CA THR K 1893 112.65 -32.81 -17.00
C THR K 1893 112.87 -32.34 -15.57
N GLY K 1894 113.33 -33.25 -14.70
CA GLY K 1894 113.79 -32.92 -13.36
C GLY K 1894 112.73 -32.43 -12.38
N TRP K 1895 111.54 -32.13 -12.89
CA TRP K 1895 110.44 -31.63 -12.06
C TRP K 1895 109.95 -32.70 -11.09
N LEU K 1896 108.82 -32.43 -10.44
CA LEU K 1896 108.25 -33.40 -9.51
C LEU K 1896 106.97 -33.97 -10.11
N LEU K 1897 106.98 -35.28 -10.35
CA LEU K 1897 105.83 -35.99 -10.89
C LEU K 1897 105.84 -37.39 -10.30
N GLU K 1898 104.66 -37.97 -10.12
CA GLU K 1898 104.54 -39.23 -9.40
C GLU K 1898 103.12 -39.75 -9.35
N ILE K 1899 102.94 -41.04 -9.63
CA ILE K 1899 101.62 -41.64 -9.53
C ILE K 1899 101.25 -41.73 -8.06
N VAL K 1900 100.29 -40.92 -7.67
CA VAL K 1900 99.89 -40.76 -6.27
C VAL K 1900 98.74 -41.70 -5.92
N ASN K 1901 97.91 -41.99 -6.92
CA ASN K 1901 96.77 -42.89 -6.73
C ASN K 1901 96.75 -44.09 -7.67
N TYR K 1902 96.72 -45.28 -7.08
CA TYR K 1902 96.47 -46.50 -7.81
C TYR K 1902 95.10 -47.03 -7.43
N ASN K 1903 94.07 -46.66 -8.21
CA ASN K 1903 92.66 -46.91 -7.86
C ASN K 1903 92.01 -48.14 -8.54
N VAL K 1904 91.96 -48.11 -9.88
CA VAL K 1904 91.43 -49.24 -10.66
C VAL K 1904 92.41 -49.79 -11.70
N ALA K 1905 92.49 -51.12 -11.75
CA ALA K 1905 93.49 -51.85 -12.53
C ALA K 1905 94.03 -51.16 -13.78
N ASN K 1906 93.21 -50.99 -14.80
CA ASN K 1906 93.68 -50.34 -16.02
C ASN K 1906 92.78 -49.18 -16.34
N MET K 1907 92.21 -48.61 -15.28
CA MET K 1907 91.14 -47.65 -15.43
C MET K 1907 91.49 -46.30 -14.83
N GLN K 1908 91.71 -46.25 -13.53
CA GLN K 1908 91.87 -44.98 -12.85
C GLN K 1908 93.16 -44.85 -12.09
N TYR K 1909 93.92 -43.81 -12.44
CA TYR K 1909 95.16 -43.50 -11.74
C TYR K 1909 95.18 -42.01 -11.53
N VAL K 1910 96.02 -41.55 -10.60
CA VAL K 1910 96.16 -40.12 -10.33
C VAL K 1910 97.61 -39.72 -10.11
N ALA K 1911 98.03 -38.66 -10.79
CA ALA K 1911 99.38 -38.17 -10.67
C ALA K 1911 99.39 -36.77 -10.07
N ALA K 1912 100.38 -36.54 -9.22
CA ALA K 1912 100.59 -35.22 -8.63
C ALA K 1912 101.85 -34.59 -9.21
N GLY K 1913 102.20 -33.41 -8.72
CA GLY K 1913 103.45 -32.78 -9.10
C GLY K 1913 103.34 -31.42 -9.75
N ASP K 1914 104.50 -30.89 -10.12
CA ASP K 1914 104.62 -29.59 -10.80
C ASP K 1914 103.57 -29.43 -11.88
N LEU K 1915 103.11 -28.20 -12.08
CA LEU K 1915 102.18 -27.90 -13.16
C LEU K 1915 102.71 -28.27 -14.56
N ARG K 1916 104.00 -28.03 -14.78
CA ARG K 1916 104.65 -28.34 -16.06
C ARG K 1916 104.86 -29.83 -16.19
N ALA K 1917 105.05 -30.49 -15.04
CA ALA K 1917 105.21 -31.94 -14.97
C ALA K 1917 103.91 -32.66 -15.37
N LEU K 1918 102.78 -32.03 -15.08
CA LEU K 1918 101.47 -32.54 -15.48
C LEU K 1918 101.16 -32.13 -16.92
N ASP K 1919 101.84 -31.11 -17.40
CA ASP K 1919 101.66 -30.67 -18.79
C ASP K 1919 102.42 -31.55 -19.75
N THR K 1920 103.63 -31.96 -19.36
CA THR K 1920 104.47 -32.79 -20.20
C THR K 1920 104.03 -34.26 -20.18
N LEU K 1921 103.42 -34.67 -19.06
CA LEU K 1921 102.84 -36.02 -18.96
C LEU K 1921 101.49 -36.09 -19.67
N ALA K 1922 100.79 -34.96 -19.75
CA ALA K 1922 99.57 -34.86 -20.54
C ALA K 1922 99.94 -34.99 -22.01
N ASN K 1923 100.95 -34.20 -22.44
CA ASN K 1923 101.49 -34.25 -23.80
C ASN K 1923 101.88 -35.65 -24.29
N VAL K 1924 102.86 -36.25 -23.62
CA VAL K 1924 103.40 -37.56 -23.99
C VAL K 1924 102.31 -38.60 -24.28
N LEU K 1925 101.24 -38.56 -23.52
CA LEU K 1925 100.13 -39.51 -23.65
C LEU K 1925 99.18 -39.11 -24.79
N ASN K 1926 99.02 -37.81 -25.02
CA ASN K 1926 98.24 -37.29 -26.14
C ASN K 1926 98.90 -37.65 -27.47
N ILE K 1927 100.23 -37.63 -27.47
CA ILE K 1927 101.03 -38.09 -28.59
C ILE K 1927 100.77 -39.57 -28.82
N LEU K 1928 101.07 -40.39 -27.81
CA LEU K 1928 100.96 -41.85 -27.89
C LEU K 1928 99.57 -42.39 -28.27
N LYS K 1929 98.51 -41.65 -27.93
CA LYS K 1929 97.15 -42.03 -28.30
C LYS K 1929 96.87 -41.84 -29.81
N MET K 1930 97.23 -40.66 -30.32
CA MET K 1930 97.09 -40.36 -31.74
C MET K 1930 98.23 -40.97 -32.56
N GLN K 1931 99.30 -41.34 -31.87
CA GLN K 1931 100.45 -41.97 -32.49
C GLN K 1931 100.21 -43.48 -32.64
N LYS K 1932 99.28 -43.99 -31.84
CA LYS K 1932 98.85 -45.39 -31.93
C LYS K 1932 100.00 -46.36 -31.68
N ILE K 1933 100.31 -46.60 -30.41
CA ILE K 1933 101.47 -47.42 -30.04
C ILE K 1933 101.11 -48.84 -29.59
N ASP K 1934 102.16 -49.64 -29.43
CA ASP K 1934 102.05 -51.01 -28.92
C ASP K 1934 103.31 -51.25 -28.09
N ILE K 1935 103.17 -51.21 -26.75
CA ILE K 1935 104.32 -51.32 -25.84
C ILE K 1935 104.91 -52.74 -25.78
N GLN K 1936 104.06 -53.74 -26.00
CA GLN K 1936 104.48 -55.15 -25.99
C GLN K 1936 105.39 -55.50 -27.18
N ALA K 1937 104.92 -55.17 -28.38
CA ALA K 1937 105.68 -55.43 -29.61
C ALA K 1937 106.94 -54.56 -29.70
N LEU K 1938 106.88 -53.34 -29.14
CA LEU K 1938 107.99 -52.38 -29.20
C LEU K 1938 109.05 -52.55 -28.11
N MET K 1939 108.86 -53.51 -27.21
CA MET K 1939 109.88 -53.83 -26.20
C MET K 1939 110.70 -55.06 -26.61
N GLN K 1940 110.36 -55.62 -27.76
CA GLN K 1940 111.12 -56.72 -28.36
C GLN K 1940 111.80 -56.26 -29.65
N SER K 1941 111.11 -55.47 -30.46
CA SER K 1941 111.64 -54.94 -31.72
C SER K 1941 112.69 -53.83 -31.50
N MET K 1942 112.52 -53.06 -30.43
CA MET K 1942 113.59 -52.20 -29.92
C MET K 1942 113.95 -52.72 -28.54
N SER K 1943 115.23 -52.81 -28.22
CA SER K 1943 115.64 -53.22 -26.87
C SER K 1943 115.18 -52.17 -25.85
N LEU K 1944 115.65 -52.30 -24.61
CA LEU K 1944 115.16 -51.42 -23.55
C LEU K 1944 115.65 -49.97 -23.64
N GLU K 1945 116.94 -49.77 -23.93
CA GLU K 1945 117.50 -48.41 -24.03
C GLU K 1945 117.13 -47.73 -25.36
N ASP K 1946 116.47 -48.48 -26.24
CA ASP K 1946 116.00 -47.95 -27.53
C ASP K 1946 114.66 -47.27 -27.41
N VAL K 1947 113.72 -47.95 -26.73
CA VAL K 1947 112.43 -47.36 -26.37
C VAL K 1947 112.65 -46.25 -25.31
N ARG K 1948 113.59 -46.51 -24.40
CA ARG K 1948 113.99 -45.57 -23.36
C ARG K 1948 114.46 -44.24 -23.92
N ALA K 1949 115.46 -44.30 -24.79
CA ALA K 1949 116.05 -43.10 -25.40
C ALA K 1949 115.12 -42.50 -26.47
N HIS K 1950 114.18 -43.30 -26.97
CA HIS K 1950 113.17 -42.82 -27.90
C HIS K 1950 112.12 -41.97 -27.17
N LEU K 1951 111.90 -42.29 -25.90
CA LEU K 1951 110.99 -41.54 -25.05
C LEU K 1951 111.60 -40.23 -24.60
N VAL K 1952 112.87 -40.26 -24.21
CA VAL K 1952 113.58 -39.05 -23.79
C VAL K 1952 113.59 -38.02 -24.92
N GLU K 1953 113.41 -38.51 -26.16
CA GLU K 1953 113.19 -37.61 -27.29
C GLU K 1953 111.88 -36.84 -27.12
N ILE K 1954 110.78 -37.58 -27.12
CA ILE K 1954 109.44 -37.01 -26.98
C ILE K 1954 109.33 -36.10 -25.74
N ILE K 1955 110.04 -36.46 -24.68
CA ILE K 1955 110.00 -35.69 -23.44
C ILE K 1955 110.50 -34.25 -23.62
N GLN K 1956 111.73 -34.08 -24.09
CA GLN K 1956 112.31 -32.76 -24.28
C GLN K 1956 111.49 -31.86 -25.22
N GLU K 1957 110.97 -32.45 -26.29
CA GLU K 1957 110.09 -31.74 -27.22
C GLU K 1957 108.88 -31.23 -26.46
N CYS K 1958 108.11 -32.16 -25.90
CA CYS K 1958 106.92 -31.84 -25.12
C CYS K 1958 107.23 -30.85 -23.98
N ARG K 1959 108.36 -31.06 -23.32
CA ARG K 1959 108.81 -30.27 -22.18
C ARG K 1959 109.02 -28.79 -22.49
N LYS K 1960 109.77 -28.50 -23.55
CA LYS K 1960 110.10 -27.13 -23.91
C LYS K 1960 108.91 -26.36 -24.47
N GLN K 1961 107.96 -27.09 -25.06
CA GLN K 1961 106.72 -26.49 -25.56
C GLN K 1961 105.84 -26.00 -24.41
N THR K 1962 106.00 -26.64 -23.26
CA THR K 1962 105.28 -26.24 -22.05
C THR K 1962 105.89 -24.97 -21.44
N GLU K 1963 107.21 -24.85 -21.53
CA GLU K 1963 107.92 -23.67 -21.04
C GLU K 1963 107.71 -22.48 -21.97
N ALA K 1964 106.99 -22.71 -23.05
CA ALA K 1964 106.59 -21.66 -23.99
C ALA K 1964 105.31 -20.98 -23.52
N LYS K 1965 104.53 -21.69 -22.71
CA LYS K 1965 103.44 -21.09 -21.97
C LYS K 1965 103.85 -21.06 -20.50
N PRO K 1966 104.90 -20.29 -20.19
CA PRO K 1966 105.61 -20.38 -18.91
C PRO K 1966 104.78 -19.79 -17.78
N GLN K 1967 103.78 -18.97 -18.16
CA GLN K 1967 102.90 -18.29 -17.22
C GLN K 1967 102.24 -19.31 -16.32
N PRO K 1968 102.68 -19.34 -15.04
CA PRO K 1968 102.58 -20.39 -14.02
C PRO K 1968 102.16 -21.79 -14.51
N VAL K 1969 101.79 -21.89 -15.78
CA VAL K 1969 101.21 -23.09 -16.40
C VAL K 1969 99.69 -23.10 -16.23
N GLN K 1970 98.99 -23.68 -17.19
CA GLN K 1970 97.53 -23.85 -17.05
C GLN K 1970 97.06 -25.11 -17.76
N LEU K 1971 96.97 -26.20 -16.99
CA LEU K 1971 96.68 -27.53 -17.52
C LEU K 1971 95.24 -27.66 -17.99
N GLU K 1972 95.05 -28.53 -18.99
CA GLU K 1972 93.71 -28.78 -19.53
C GLU K 1972 93.46 -30.27 -19.83
N ARG K 1973 92.20 -30.59 -20.07
CA ARG K 1973 91.78 -31.96 -20.32
C ARG K 1973 92.46 -32.54 -21.56
N GLY K 1974 93.11 -33.68 -21.40
CA GLY K 1974 93.83 -34.32 -22.51
C GLY K 1974 93.04 -35.47 -23.10
N PHE K 1975 93.74 -36.51 -23.54
CA PHE K 1975 93.06 -37.69 -24.07
C PHE K 1975 92.48 -38.57 -22.98
N ALA K 1976 93.31 -38.88 -21.98
CA ALA K 1976 92.89 -39.63 -20.79
C ALA K 1976 93.30 -38.84 -19.57
N THR K 1977 93.99 -37.73 -19.81
CA THR K 1977 94.55 -36.90 -18.75
C THR K 1977 93.60 -35.77 -18.34
N ILE K 1978 92.67 -36.08 -17.44
CA ILE K 1978 91.73 -35.08 -16.93
C ILE K 1978 92.11 -34.58 -15.53
N PRO K 1979 92.52 -33.30 -15.44
CA PRO K 1979 93.03 -32.73 -14.19
C PRO K 1979 91.92 -32.59 -13.14
N LEU K 1980 92.25 -32.89 -11.89
CA LEU K 1980 91.28 -32.80 -10.80
C LEU K 1980 91.17 -31.37 -10.29
N ARG K 1981 90.03 -30.75 -10.53
CA ARG K 1981 89.83 -29.36 -10.12
C ARG K 1981 89.76 -29.22 -8.59
N GLY K 1982 90.63 -28.36 -8.05
CA GLY K 1982 90.58 -28.05 -6.63
C GLY K 1982 91.65 -28.71 -5.78
N ILE K 1983 92.87 -28.82 -6.31
CA ILE K 1983 93.99 -29.34 -5.52
C ILE K 1983 95.25 -28.50 -5.70
N ASP K 1984 95.81 -28.05 -4.58
CA ASP K 1984 97.01 -27.23 -4.58
C ASP K 1984 98.22 -28.08 -4.31
N VAL K 1985 98.04 -29.01 -3.39
CA VAL K 1985 99.14 -29.74 -2.81
C VAL K 1985 99.33 -31.15 -3.36
N PRO K 1986 100.61 -31.51 -3.70
CA PRO K 1986 100.92 -32.87 -4.15
C PRO K 1986 101.10 -33.75 -2.93
N PHE K 1987 100.00 -34.11 -2.29
CA PHE K 1987 100.08 -35.04 -1.17
C PHE K 1987 100.14 -36.46 -1.69
N HIS K 1988 100.50 -37.40 -0.81
CA HIS K 1988 100.75 -38.79 -1.18
C HIS K 1988 101.87 -38.90 -2.20
N SER K 1989 102.78 -37.94 -2.14
CA SER K 1989 103.98 -37.96 -2.97
C SER K 1989 105.16 -37.79 -2.01
N THR K 1990 106.37 -37.93 -2.53
CA THR K 1990 107.57 -37.78 -1.71
C THR K 1990 107.81 -36.33 -1.28
N PHE K 1991 106.84 -35.46 -1.58
CA PHE K 1991 106.92 -34.05 -1.21
C PHE K 1991 106.70 -33.89 0.28
N LEU K 1992 105.56 -34.37 0.74
CA LEU K 1992 105.15 -34.23 2.13
C LEU K 1992 106.13 -34.87 3.11
N ARG K 1993 107.17 -35.50 2.59
CA ARG K 1993 108.19 -36.12 3.44
C ARG K 1993 108.70 -35.09 4.43
N SER K 1994 108.62 -33.84 4.03
CA SER K 1994 108.98 -32.73 4.87
C SER K 1994 108.33 -32.86 6.25
N GLY K 1995 107.04 -32.56 6.31
CA GLY K 1995 106.33 -32.48 7.57
C GLY K 1995 105.85 -33.81 8.14
N VAL K 1996 106.40 -34.91 7.65
CA VAL K 1996 106.07 -36.20 8.23
C VAL K 1996 106.52 -36.23 9.70
N LYS K 1997 107.56 -35.48 10.02
CA LYS K 1997 108.15 -35.48 11.36
C LYS K 1997 107.18 -34.90 12.39
N PRO K 1998 106.71 -33.67 12.15
CA PRO K 1998 105.81 -32.99 13.09
C PRO K 1998 104.52 -33.77 13.31
N PHE K 1999 103.97 -34.30 12.23
CA PHE K 1999 102.70 -35.02 12.30
C PHE K 1999 102.84 -36.25 13.16
N ARG K 2000 104.02 -36.86 13.12
CA ARG K 2000 104.26 -38.04 13.95
C ARG K 2000 104.17 -37.63 15.41
N SER K 2001 105.01 -36.67 15.79
CA SER K 2001 105.07 -36.22 17.18
C SER K 2001 103.70 -35.79 17.67
N PHE K 2002 102.88 -35.28 16.74
CA PHE K 2002 101.51 -34.92 17.05
C PHE K 2002 100.67 -36.18 17.29
N LEU K 2003 100.80 -37.14 16.38
CA LEU K 2003 100.13 -38.42 16.56
C LEU K 2003 100.45 -39.04 17.92
N LEU K 2004 101.68 -38.85 18.39
CA LEU K 2004 102.14 -39.47 19.63
C LEU K 2004 101.48 -38.81 20.83
N LYS K 2005 101.12 -37.55 20.64
CA LYS K 2005 100.39 -36.79 21.63
C LYS K 2005 98.96 -37.28 21.70
N LYS K 2006 98.36 -37.51 20.54
CA LYS K 2006 96.93 -37.83 20.47
C LYS K 2006 96.64 -39.33 20.66
N ILE K 2007 97.59 -40.19 20.30
CA ILE K 2007 97.45 -41.62 20.53
C ILE K 2007 98.28 -42.11 21.73
N ASN K 2008 97.70 -43.05 22.46
CA ASN K 2008 98.32 -43.62 23.64
C ASN K 2008 98.33 -45.15 23.51
N LYS K 2009 99.47 -45.78 23.75
CA LYS K 2009 99.61 -47.23 23.55
C LYS K 2009 98.54 -47.97 24.31
N THR K 2010 98.36 -47.58 25.57
CA THR K 2010 97.44 -48.23 26.50
C THR K 2010 96.07 -48.46 25.87
N THR K 2011 95.62 -47.49 25.09
CA THR K 2011 94.32 -47.50 24.46
C THR K 2011 94.22 -48.61 23.41
N ILE K 2012 95.36 -49.09 22.94
CA ILE K 2012 95.38 -49.99 21.79
C ILE K 2012 95.28 -51.46 22.12
N ASP K 2013 94.24 -52.10 21.59
CA ASP K 2013 94.18 -53.55 21.51
C ASP K 2013 94.83 -53.94 20.20
N PRO K 2014 96.03 -54.51 20.27
CA PRO K 2014 96.64 -54.92 19.00
C PRO K 2014 95.73 -55.97 18.39
N SER K 2015 94.85 -56.53 19.22
CA SER K 2015 93.91 -57.58 18.84
C SER K 2015 92.83 -57.13 17.86
N LYS K 2016 92.64 -55.81 17.75
CA LYS K 2016 91.67 -55.26 16.80
C LYS K 2016 92.32 -54.97 15.45
N LEU K 2017 93.53 -54.43 15.50
CA LEU K 2017 94.32 -54.25 14.28
C LEU K 2017 94.81 -55.59 13.82
N ILE K 2018 94.98 -56.48 14.80
CA ILE K 2018 95.61 -57.81 14.66
C ILE K 2018 96.22 -58.09 13.29
N GLY K 2019 95.35 -58.33 12.31
CA GLY K 2019 95.74 -58.58 10.93
C GLY K 2019 94.55 -58.31 10.04
N LYS K 2020 93.63 -57.48 10.54
CA LYS K 2020 92.35 -57.23 9.88
C LYS K 2020 92.26 -55.81 9.33
N TYR K 2021 93.33 -55.04 9.50
CA TYR K 2021 93.35 -53.64 9.11
C TYR K 2021 94.33 -53.38 7.95
N ILE K 2022 93.82 -52.85 6.84
CA ILE K 2022 94.66 -52.57 5.66
C ILE K 2022 95.06 -51.10 5.54
N PRO K 2023 96.34 -50.79 5.85
CA PRO K 2023 96.89 -49.43 5.71
C PRO K 2023 96.91 -48.96 4.25
N ASN K 2024 97.54 -47.82 3.97
CA ASN K 2024 97.56 -47.28 2.61
C ASN K 2024 98.94 -47.29 1.99
N VAL K 2025 99.91 -47.69 2.79
CA VAL K 2025 101.29 -47.78 2.34
C VAL K 2025 101.65 -49.27 2.20
N THR K 2026 101.02 -50.09 3.04
CA THR K 2026 101.12 -51.54 2.92
C THR K 2026 99.80 -52.09 2.41
N ALA K 2027 99.78 -52.47 1.13
CA ALA K 2027 98.58 -53.01 0.52
C ALA K 2027 98.10 -54.28 1.24
N LYS K 2028 98.85 -54.72 2.24
CA LYS K 2028 98.55 -55.96 2.94
C LYS K 2028 98.26 -55.76 4.43
N PRO K 2029 97.33 -56.57 4.97
CA PRO K 2029 96.86 -56.65 6.35
C PRO K 2029 97.90 -56.34 7.42
N PHE K 2030 97.52 -55.49 8.36
CA PHE K 2030 98.38 -55.07 9.46
C PHE K 2030 98.85 -56.28 10.23
N GLU K 2031 100.16 -56.51 10.24
CA GLU K 2031 100.72 -57.58 11.04
C GLU K 2031 101.87 -57.06 11.90
N ILE K 2032 102.07 -57.69 13.04
CA ILE K 2032 103.08 -57.26 14.00
C ILE K 2032 104.39 -58.03 13.82
N SER K 2033 104.47 -58.87 12.79
CA SER K 2033 105.65 -59.71 12.55
C SER K 2033 106.88 -58.89 12.21
N LYS K 2034 108.03 -59.44 12.56
CA LYS K 2034 109.32 -58.81 12.33
C LYS K 2034 109.55 -58.48 10.88
N GLU K 2035 108.83 -59.18 10.00
CA GLU K 2035 108.98 -59.05 8.57
C GLU K 2035 108.19 -57.85 8.06
N TYR K 2036 107.09 -57.55 8.74
CA TYR K 2036 106.26 -56.41 8.40
C TYR K 2036 107.06 -55.12 8.53
N PHE K 2037 107.70 -54.96 9.69
CA PHE K 2037 108.45 -53.76 10.01
C PHE K 2037 109.53 -53.52 8.97
N GLU K 2038 109.88 -54.57 8.24
CA GLU K 2038 110.87 -54.45 7.17
C GLU K 2038 110.23 -53.95 5.88
N GLU K 2039 109.08 -54.50 5.54
CA GLU K 2039 108.32 -54.02 4.39
C GLU K 2039 107.94 -52.55 4.62
N VAL K 2040 107.70 -52.20 5.88
CA VAL K 2040 107.42 -50.82 6.27
C VAL K 2040 108.67 -49.97 6.06
N HIS K 2041 109.77 -50.41 6.67
CA HIS K 2041 111.05 -49.72 6.59
C HIS K 2041 111.58 -49.57 5.16
N ARG K 2042 111.25 -50.54 4.32
CA ARG K 2042 111.62 -50.52 2.92
C ARG K 2042 110.91 -49.37 2.21
N LEU K 2043 109.62 -49.21 2.51
CA LEU K 2043 108.78 -48.22 1.85
C LEU K 2043 108.87 -46.85 2.51
N THR K 2044 109.37 -46.84 3.74
CA THR K 2044 109.33 -45.64 4.56
C THR K 2044 110.69 -45.13 4.97
N GLY K 2045 111.43 -45.96 5.68
CA GLY K 2045 112.70 -45.56 6.27
C GLY K 2045 112.48 -44.97 7.65
N SER K 2046 111.67 -45.63 8.46
CA SER K 2046 111.37 -45.16 9.81
C SER K 2046 112.52 -45.44 10.79
N PRO K 2047 113.14 -44.37 11.30
CA PRO K 2047 114.20 -44.48 12.31
C PRO K 2047 113.70 -45.14 13.59
N LYS K 2048 112.39 -45.08 13.83
CA LYS K 2048 111.79 -45.75 14.97
C LYS K 2048 111.68 -47.23 14.68
N ILE K 2049 111.52 -47.56 13.40
CA ILE K 2049 111.45 -48.94 12.96
C ILE K 2049 112.82 -49.60 12.87
N ALA K 2050 113.80 -48.87 12.33
CA ALA K 2050 115.16 -49.37 12.27
C ALA K 2050 115.66 -49.72 13.68
N ASN K 2051 115.41 -48.79 14.60
CA ASN K 2051 115.74 -48.93 16.03
C ASN K 2051 115.04 -50.11 16.72
N ILE K 2052 113.84 -50.44 16.24
CA ILE K 2052 113.03 -51.52 16.82
C ILE K 2052 113.23 -52.85 16.08
N LEU K 2053 113.84 -52.77 14.89
CA LEU K 2053 114.21 -53.95 14.12
C LEU K 2053 115.57 -54.46 14.59
N ALA K 2054 116.45 -53.52 14.94
CA ALA K 2054 117.77 -53.84 15.45
C ALA K 2054 117.70 -54.52 16.83
N ASN K 2055 116.67 -54.20 17.61
CA ASN K 2055 116.50 -54.82 18.93
C ASN K 2055 115.66 -56.08 18.88
N TRP K 2056 115.23 -56.47 17.69
CA TRP K 2056 114.14 -57.44 17.51
C TRP K 2056 114.11 -58.61 18.50
N ASP K 2057 115.29 -59.11 18.88
CA ASP K 2057 115.39 -60.19 19.85
C ASP K 2057 114.79 -59.76 21.18
N LYS K 2058 115.14 -58.55 21.60
CA LYS K 2058 114.56 -57.92 22.78
C LYS K 2058 113.03 -58.14 22.92
N TYR K 2059 112.35 -58.36 21.79
CA TYR K 2059 110.89 -58.51 21.78
C TYR K 2059 110.39 -59.95 21.86
N GLU K 2060 111.31 -60.90 21.68
CA GLU K 2060 111.06 -62.32 21.97
C GLU K 2060 109.77 -62.85 21.36
N GLN L 1 6.68 -133.22 -24.20
CA GLN L 1 7.97 -133.92 -24.22
C GLN L 1 9.16 -132.95 -24.22
N SER L 2 9.82 -132.83 -25.38
CA SER L 2 10.91 -131.87 -25.54
C SER L 2 10.31 -130.48 -25.74
N LEU L 3 10.04 -129.78 -24.64
CA LEU L 3 9.29 -128.53 -24.70
C LEU L 3 9.90 -127.41 -23.86
N ARG L 4 9.86 -126.21 -24.42
CA ARG L 4 10.46 -125.01 -23.82
C ARG L 4 9.56 -123.78 -24.02
N PRO L 5 8.99 -123.26 -22.93
CA PRO L 5 8.13 -122.07 -22.97
C PRO L 5 8.78 -120.84 -23.63
N LEU L 6 8.08 -120.23 -24.59
CA LEU L 6 8.51 -118.97 -25.23
C LEU L 6 7.42 -117.88 -25.22
N VAL L 7 7.78 -116.70 -24.73
CA VAL L 7 6.83 -115.58 -24.61
C VAL L 7 7.06 -114.51 -25.68
N LEU L 8 5.98 -113.89 -26.15
CA LEU L 8 6.09 -112.73 -27.03
C LEU L 8 5.45 -111.50 -26.38
N THR L 9 6.27 -110.60 -25.83
CA THR L 9 5.75 -109.47 -25.06
C THR L 9 5.88 -108.09 -25.74
N HIS L 10 4.78 -107.35 -25.73
CA HIS L 10 4.72 -105.97 -26.19
C HIS L 10 3.57 -105.27 -25.49
N GLY L 11 3.86 -104.20 -24.77
CA GLY L 11 2.85 -103.46 -24.03
C GLY L 11 1.92 -104.35 -23.20
N SER L 12 0.64 -104.36 -23.57
CA SER L 12 -0.39 -105.07 -22.82
C SER L 12 -0.64 -106.50 -23.33
N LEU L 13 0.00 -106.85 -24.44
CA LEU L 13 -0.25 -108.12 -25.10
C LEU L 13 0.97 -109.03 -25.10
N GLU L 14 0.78 -110.27 -24.67
CA GLU L 14 1.81 -111.31 -24.79
C GLU L 14 1.25 -112.67 -25.21
N PHE L 15 2.13 -113.48 -25.81
CA PHE L 15 1.74 -114.79 -26.31
C PHE L 15 2.62 -115.91 -25.76
N SER L 16 2.00 -117.08 -25.52
CA SER L 16 2.71 -118.24 -24.98
C SER L 16 2.95 -119.33 -26.02
N PHE L 17 4.19 -119.82 -26.05
CA PHE L 17 4.64 -120.73 -27.09
C PHE L 17 5.34 -121.97 -26.49
N LEU L 18 5.24 -123.10 -27.18
CA LEU L 18 5.88 -124.32 -26.70
C LEU L 18 6.84 -124.91 -27.73
N VAL L 19 8.13 -124.66 -27.54
CA VAL L 19 9.17 -125.04 -28.50
C VAL L 19 9.78 -126.41 -28.18
N PRO L 20 10.20 -127.15 -29.22
CA PRO L 20 11.16 -128.22 -28.94
C PRO L 20 12.41 -127.65 -28.23
N THR L 21 13.01 -128.44 -27.33
CA THR L 21 14.18 -128.01 -26.57
C THR L 21 15.33 -127.55 -27.47
N SER L 22 15.57 -128.30 -28.54
CA SER L 22 16.60 -127.98 -29.53
C SER L 22 16.35 -126.62 -30.20
N LEU L 23 15.10 -126.36 -30.58
CA LEU L 23 14.73 -125.18 -31.35
C LEU L 23 14.39 -123.97 -30.50
N HIS L 24 14.55 -124.08 -29.17
CA HIS L 24 14.16 -122.99 -28.28
C HIS L 24 15.06 -121.76 -28.36
N PHE L 25 16.35 -121.94 -28.64
CA PHE L 25 17.21 -120.77 -28.74
C PHE L 25 17.22 -120.15 -30.15
N GLN L 26 16.87 -120.93 -31.17
CA GLN L 26 16.71 -120.36 -32.50
C GLN L 26 15.52 -119.39 -32.53
N ALA L 27 14.47 -119.75 -31.79
CA ALA L 27 13.28 -118.92 -31.69
C ALA L 27 13.42 -117.81 -30.65
N ALA L 28 14.37 -117.96 -29.73
CA ALA L 28 14.71 -116.90 -28.79
C ALA L 28 15.38 -115.74 -29.53
N GLN L 29 16.25 -116.07 -30.48
CA GLN L 29 16.99 -115.10 -31.30
C GLN L 29 16.06 -114.18 -32.10
N LEU L 30 15.10 -114.80 -32.79
CA LEU L 30 14.11 -114.06 -33.54
C LEU L 30 13.29 -113.19 -32.60
N LYS L 31 12.71 -113.81 -31.58
CA LYS L 31 11.95 -113.09 -30.56
C LYS L 31 12.69 -111.86 -30.05
N ASP L 32 14.01 -111.98 -29.89
CA ASP L 32 14.83 -110.91 -29.29
C ASP L 32 15.01 -109.69 -30.20
N SER L 33 15.64 -109.89 -31.35
CA SER L 33 15.86 -108.80 -32.31
C SER L 33 14.56 -108.36 -32.99
N PHE L 34 13.48 -109.13 -32.78
CA PHE L 34 12.16 -108.78 -33.29
C PHE L 34 11.43 -107.78 -32.39
N LEU L 35 11.69 -107.86 -31.08
CA LEU L 35 11.11 -106.93 -30.12
C LEU L 35 11.92 -105.63 -30.13
N ALA L 36 13.03 -105.66 -30.86
CA ALA L 36 13.80 -104.45 -31.16
C ALA L 36 13.25 -103.80 -32.44
N THR L 37 12.67 -104.63 -33.31
CA THR L 37 11.97 -104.18 -34.52
C THR L 37 10.77 -103.33 -34.14
N LEU L 38 10.11 -103.72 -33.05
CA LEU L 38 9.00 -102.98 -32.50
C LEU L 38 9.47 -101.69 -31.85
N PRO L 39 8.63 -100.65 -31.87
CA PRO L 39 9.04 -99.33 -31.38
C PRO L 39 8.90 -99.29 -29.88
N GLN L 40 8.78 -98.09 -29.33
CA GLN L 40 8.51 -97.95 -27.91
C GLN L 40 7.04 -98.28 -27.66
N PRO L 41 6.79 -99.39 -26.94
CA PRO L 41 5.45 -99.92 -26.65
C PRO L 41 4.49 -98.90 -26.06
N THR L 42 3.31 -98.79 -26.66
CA THR L 42 2.20 -98.04 -26.07
C THR L 42 1.39 -99.02 -25.25
N GLU L 43 0.89 -98.59 -24.10
CA GLU L 43 0.04 -99.47 -23.29
C GLU L 43 -1.42 -99.36 -23.78
N GLU L 44 -1.58 -98.71 -24.92
CA GLU L 44 -2.87 -98.63 -25.60
C GLU L 44 -2.77 -99.35 -26.94
N LEU L 45 -3.70 -99.05 -27.83
CA LEU L 45 -3.86 -99.82 -29.05
C LEU L 45 -3.89 -98.94 -30.30
N ALA L 46 -3.02 -97.94 -30.35
CA ALA L 46 -3.15 -96.89 -31.36
C ALA L 46 -1.90 -96.56 -32.18
N GLN L 47 -0.71 -96.90 -31.68
CA GLN L 47 0.50 -96.54 -32.39
C GLN L 47 0.43 -97.05 -33.83
N ASP L 48 0.49 -96.14 -34.80
CA ASP L 48 0.29 -96.50 -36.21
C ASP L 48 1.44 -97.31 -36.80
N ASP L 49 1.07 -98.34 -37.55
CA ASP L 49 2.02 -99.31 -38.12
C ASP L 49 2.68 -100.14 -37.02
N GLU L 50 1.93 -100.41 -35.95
CA GLU L 50 2.41 -101.24 -34.82
C GLU L 50 1.26 -102.04 -34.18
N PRO L 51 1.58 -103.14 -33.46
CA PRO L 51 0.56 -104.13 -33.06
C PRO L 51 -0.57 -103.57 -32.21
N SER L 52 -1.80 -103.93 -32.57
CA SER L 52 -2.96 -103.58 -31.76
C SER L 52 -3.34 -104.75 -30.85
N SER L 53 -3.32 -105.97 -31.40
CA SER L 53 -3.73 -107.15 -30.65
C SER L 53 -2.65 -108.23 -30.62
N VAL L 54 -3.04 -109.42 -30.19
CA VAL L 54 -2.13 -110.56 -30.11
C VAL L 54 -2.12 -111.36 -31.42
N VAL L 55 -3.12 -111.13 -32.28
CA VAL L 55 -3.16 -111.75 -33.60
C VAL L 55 -2.11 -111.10 -34.50
N GLU L 56 -1.74 -109.87 -34.13
CA GLU L 56 -0.73 -109.09 -34.84
C GLU L 56 0.68 -109.38 -34.31
N LEU L 57 0.76 -109.80 -33.04
CA LEU L 57 2.03 -110.22 -32.46
C LEU L 57 2.61 -111.40 -33.22
N VAL L 58 1.74 -112.38 -33.50
CA VAL L 58 2.13 -113.58 -34.24
C VAL L 58 2.35 -113.28 -35.72
N ALA L 59 1.39 -112.57 -36.31
CA ALA L 59 1.49 -112.13 -37.71
C ALA L 59 2.80 -111.39 -37.98
N ARG L 60 3.08 -110.34 -37.20
CA ARG L 60 4.31 -109.55 -37.36
C ARG L 60 5.56 -110.39 -37.09
N TYR L 61 5.43 -111.41 -36.26
CA TYR L 61 6.55 -112.30 -35.96
C TYR L 61 6.80 -113.29 -37.09
N ILE L 62 5.72 -113.89 -37.61
CA ILE L 62 5.80 -114.86 -38.71
C ILE L 62 6.55 -114.31 -39.92
N ALA L 63 6.30 -113.04 -40.23
CA ALA L 63 6.94 -112.39 -41.37
C ALA L 63 8.39 -112.02 -41.05
N PHE L 64 8.63 -111.63 -39.81
CA PHE L 64 9.98 -111.29 -39.35
C PHE L 64 10.94 -112.45 -39.60
N VAL L 65 10.47 -113.66 -39.31
CA VAL L 65 11.25 -114.88 -39.48
C VAL L 65 11.41 -115.25 -40.95
N ALA L 66 10.30 -115.28 -41.68
CA ALA L 66 10.29 -115.70 -43.09
C ALA L 66 11.21 -114.86 -43.97
N HIS L 67 11.55 -113.67 -43.49
CA HIS L 67 12.49 -112.79 -44.19
C HIS L 67 13.92 -113.34 -44.12
N GLU L 68 14.28 -113.95 -42.99
CA GLU L 68 15.63 -114.48 -42.77
C GLU L 68 15.76 -115.94 -43.18
N VAL L 69 14.62 -116.58 -43.41
CA VAL L 69 14.59 -117.92 -44.00
C VAL L 69 14.95 -117.81 -45.49
N ASP L 70 14.03 -117.22 -46.24
CA ASP L 70 14.17 -117.08 -47.68
C ASP L 70 15.39 -116.25 -48.09
N GLU L 71 15.66 -115.16 -47.36
CA GLU L 71 16.74 -114.24 -47.70
C GLU L 71 17.93 -114.35 -46.76
N GLY L 72 19.11 -113.98 -47.25
CA GLY L 72 20.29 -113.88 -46.42
C GLY L 72 20.78 -115.16 -45.75
N ASP L 73 20.84 -115.14 -44.42
CA ASP L 73 21.59 -116.11 -43.61
C ASP L 73 21.48 -117.60 -43.94
N GLU L 74 22.59 -118.16 -44.40
CA GLU L 74 22.65 -119.56 -44.84
C GLU L 74 23.23 -120.46 -43.74
N ASP L 75 23.66 -119.84 -42.64
CA ASP L 75 24.24 -120.56 -41.52
C ASP L 75 23.17 -121.38 -40.80
N ALA L 76 21.96 -120.82 -40.73
CA ALA L 76 20.86 -121.45 -40.03
C ALA L 76 19.71 -121.78 -40.98
N HIS L 77 19.95 -122.69 -41.92
CA HIS L 77 18.93 -123.07 -42.90
C HIS L 77 17.79 -123.96 -42.34
N PRO L 78 18.16 -125.10 -41.69
CA PRO L 78 17.16 -126.02 -41.13
C PRO L 78 16.42 -125.43 -39.92
N THR L 79 17.13 -124.64 -39.12
CA THR L 79 16.61 -124.04 -37.89
C THR L 79 15.50 -122.99 -38.16
N ASN L 80 15.69 -122.18 -39.19
CA ASN L 80 14.68 -121.23 -39.65
C ASN L 80 13.39 -121.94 -40.01
N LEU L 81 13.53 -123.03 -40.76
CA LEU L 81 12.40 -123.83 -41.23
C LEU L 81 11.58 -124.44 -40.11
N GLU L 82 12.28 -124.92 -39.07
CA GLU L 82 11.62 -125.49 -37.91
C GLU L 82 10.89 -124.41 -37.12
N VAL L 83 11.60 -123.33 -36.81
CA VAL L 83 10.99 -122.16 -36.17
C VAL L 83 9.71 -121.74 -36.90
N LEU L 84 9.78 -121.66 -38.23
CA LEU L 84 8.63 -121.30 -39.06
C LEU L 84 7.47 -122.25 -38.87
N LYS L 85 7.71 -123.53 -39.18
CA LYS L 85 6.65 -124.53 -39.14
C LYS L 85 5.88 -124.54 -37.81
N LEU L 86 6.57 -124.27 -36.70
CA LEU L 86 5.95 -124.24 -35.38
C LEU L 86 5.01 -123.04 -35.21
N ILE L 87 5.48 -121.87 -35.63
CA ILE L 87 4.66 -120.66 -35.55
C ILE L 87 3.47 -120.77 -36.47
N LEU L 88 3.68 -121.32 -37.66
CA LEU L 88 2.60 -121.53 -38.62
C LEU L 88 1.57 -122.51 -38.06
N ASN L 89 2.03 -123.42 -37.22
CA ASN L 89 1.15 -124.37 -36.54
C ASN L 89 0.35 -123.73 -35.42
N GLU L 90 1.07 -123.09 -34.50
CA GLU L 90 0.46 -122.36 -33.38
C GLU L 90 -0.57 -121.36 -33.88
N PHE L 91 -0.36 -120.89 -35.11
CA PHE L 91 -1.21 -119.86 -35.72
C PHE L 91 -2.49 -120.47 -36.27
N GLU L 92 -2.34 -121.37 -37.23
CA GLU L 92 -3.48 -122.04 -37.84
C GLU L 92 -4.26 -122.76 -36.74
N ARG L 93 -3.53 -123.14 -35.70
CA ARG L 93 -4.07 -123.74 -34.47
C ARG L 93 -5.07 -122.79 -33.79
N ALA L 94 -4.52 -121.84 -33.03
CA ALA L 94 -5.31 -120.94 -32.21
C ALA L 94 -6.07 -119.88 -33.02
N PHE L 95 -5.31 -119.09 -33.77
CA PHE L 95 -5.81 -117.86 -34.38
C PHE L 95 -6.70 -118.07 -35.60
N MET L 96 -6.30 -119.00 -36.47
CA MET L 96 -7.02 -119.21 -37.72
C MET L 96 -8.17 -120.18 -37.57
N ARG L 97 -7.98 -121.22 -36.76
CA ARG L 97 -9.04 -122.19 -36.47
C ARG L 97 -9.54 -122.87 -37.73
N GLY L 98 -8.62 -123.16 -38.66
CA GLY L 98 -8.97 -123.82 -39.91
C GLY L 98 -9.81 -122.98 -40.85
N ASN L 99 -9.84 -121.67 -40.62
CA ASN L 99 -10.48 -120.74 -41.53
C ASN L 99 -9.43 -119.92 -42.27
N ASP L 100 -9.87 -119.17 -43.29
CA ASP L 100 -8.93 -118.41 -44.11
C ASP L 100 -8.35 -117.21 -43.36
N VAL L 101 -7.15 -116.81 -43.77
CA VAL L 101 -6.45 -115.71 -43.12
C VAL L 101 -7.21 -114.40 -43.28
N HIS L 102 -7.93 -114.27 -44.39
CA HIS L 102 -8.65 -113.05 -44.68
C HIS L 102 -9.79 -112.79 -43.70
N ALA L 103 -10.68 -113.77 -43.54
CA ALA L 103 -11.82 -113.61 -42.65
C ALA L 103 -11.38 -113.49 -41.17
N ILE L 104 -10.15 -113.92 -40.87
CA ILE L 104 -9.62 -113.79 -39.50
C ILE L 104 -8.91 -112.45 -39.34
N ALA L 105 -8.21 -112.02 -40.39
CA ALA L 105 -7.56 -110.71 -40.41
C ALA L 105 -8.61 -109.60 -40.44
N ALA L 106 -9.78 -109.94 -40.97
CA ALA L 106 -10.89 -109.01 -41.10
C ALA L 106 -11.45 -108.63 -39.73
N ASN L 107 -10.94 -109.27 -38.69
CA ASN L 107 -11.51 -109.05 -37.36
C ASN L 107 -10.56 -108.33 -36.43
N VAL L 108 -9.53 -107.69 -36.97
CA VAL L 108 -8.55 -107.00 -36.13
C VAL L 108 -8.74 -105.49 -36.17
N ALA L 109 -7.83 -104.76 -35.52
CA ALA L 109 -7.88 -103.29 -35.39
C ALA L 109 -8.56 -102.58 -36.57
N GLY L 110 -9.44 -101.62 -36.25
CA GLY L 110 -10.23 -100.91 -37.25
C GLY L 110 -9.41 -100.26 -38.35
N ILE L 111 -8.11 -100.16 -38.14
CA ILE L 111 -7.19 -99.59 -39.13
C ILE L 111 -7.01 -100.52 -40.33
N THR L 112 -7.53 -100.09 -41.48
CA THR L 112 -7.54 -100.88 -42.71
C THR L 112 -6.16 -101.45 -43.08
N ALA L 113 -5.10 -100.66 -42.90
CA ALA L 113 -3.76 -101.09 -43.27
C ALA L 113 -3.30 -102.36 -42.55
N LYS L 114 -3.61 -102.42 -41.25
CA LYS L 114 -3.14 -103.52 -40.40
C LYS L 114 -3.76 -104.88 -40.76
N LYS L 115 -5.02 -104.87 -41.18
CA LYS L 115 -5.70 -106.12 -41.54
C LYS L 115 -5.03 -106.77 -42.75
N ILE L 116 -4.55 -105.93 -43.66
CA ILE L 116 -3.76 -106.43 -44.79
C ILE L 116 -2.40 -106.95 -44.30
N GLY L 117 -1.83 -106.25 -43.32
CA GLY L 117 -0.56 -106.65 -42.72
C GLY L 117 -0.54 -108.10 -42.19
N VAL L 118 -1.64 -108.52 -41.58
CA VAL L 118 -1.73 -109.88 -41.08
C VAL L 118 -1.73 -110.90 -42.22
N VAL L 119 -2.47 -110.59 -43.29
CA VAL L 119 -2.58 -111.50 -44.43
C VAL L 119 -1.28 -111.75 -45.17
N ARG L 120 -0.45 -110.71 -45.33
CA ARG L 120 0.81 -110.85 -46.06
C ARG L 120 1.89 -111.50 -45.21
N ALA L 121 1.70 -111.45 -43.89
CA ALA L 121 2.64 -112.06 -42.95
C ALA L 121 2.49 -113.58 -42.94
N TYR L 122 1.26 -114.02 -43.16
CA TYR L 122 0.94 -115.44 -43.18
C TYR L 122 1.41 -116.09 -44.49
N TYR L 123 1.02 -115.50 -45.62
CA TYR L 123 1.42 -116.04 -46.91
C TYR L 123 2.89 -115.81 -47.18
N ALA L 124 3.57 -115.20 -46.19
CA ALA L 124 5.02 -115.02 -46.20
C ALA L 124 5.72 -116.23 -45.56
N GLY L 125 5.15 -116.75 -44.48
CA GLY L 125 5.65 -117.97 -43.85
C GLY L 125 5.03 -119.22 -44.47
N ARG L 126 3.95 -119.02 -45.21
CA ARG L 126 3.28 -120.11 -45.92
C ARG L 126 4.16 -120.56 -47.07
N ALA L 127 4.73 -119.60 -47.78
CA ALA L 127 5.57 -119.91 -48.93
C ALA L 127 7.01 -120.21 -48.52
N ALA L 128 7.45 -119.60 -47.43
CA ALA L 128 8.82 -119.76 -46.93
C ALA L 128 8.99 -121.08 -46.18
N ALA L 129 7.87 -121.78 -45.97
CA ALA L 129 7.93 -123.15 -45.48
C ALA L 129 7.41 -124.10 -46.57
N GLY L 130 7.18 -123.55 -47.76
CA GLY L 130 6.81 -124.33 -48.92
C GLY L 130 5.39 -124.87 -48.92
N ARG L 131 4.63 -124.51 -47.89
CA ARG L 131 3.24 -124.97 -47.77
C ARG L 131 2.33 -124.34 -48.85
N ALA L 132 1.78 -125.18 -49.72
CA ALA L 132 0.83 -124.72 -50.72
C ALA L 132 -0.53 -124.48 -50.07
N PRO L 133 -1.34 -123.59 -50.67
CA PRO L 133 -2.74 -123.47 -50.24
C PRO L 133 -3.54 -124.77 -50.51
N LYS L 134 -4.25 -125.21 -49.49
CA LYS L 134 -5.10 -126.38 -49.63
C LYS L 134 -6.40 -125.99 -50.32
N PRO L 135 -6.80 -126.78 -51.35
CA PRO L 135 -8.00 -126.59 -52.19
C PRO L 135 -9.36 -126.62 -51.47
N TYR L 136 -9.70 -125.58 -50.72
CA TYR L 136 -11.04 -125.40 -50.21
C TYR L 136 -11.75 -124.40 -51.10
N ASP L 137 -13.07 -124.53 -51.20
CA ASP L 137 -13.88 -123.43 -51.68
C ASP L 137 -14.48 -122.72 -50.45
N SER L 138 -15.05 -121.54 -50.65
CA SER L 138 -15.63 -120.78 -49.54
C SER L 138 -17.10 -121.13 -49.38
N ALA L 139 -17.66 -120.77 -48.24
CA ALA L 139 -19.08 -120.95 -47.98
C ALA L 139 -19.87 -120.39 -49.17
N LEU L 140 -19.30 -119.37 -49.81
CA LEU L 140 -19.89 -118.71 -50.95
C LEU L 140 -20.00 -119.67 -52.12
N PHE L 141 -18.86 -120.25 -52.50
CA PHE L 141 -18.77 -121.13 -53.68
C PHE L 141 -19.41 -122.49 -53.47
N ARG L 142 -19.48 -122.94 -52.22
CA ARG L 142 -20.26 -124.13 -51.87
C ARG L 142 -21.71 -123.86 -52.23
N ALA L 143 -22.32 -122.91 -51.55
CA ALA L 143 -23.70 -122.51 -51.81
C ALA L 143 -23.87 -121.99 -53.24
N ALA L 144 -22.77 -121.70 -53.92
CA ALA L 144 -22.80 -121.27 -55.33
C ALA L 144 -22.97 -122.45 -56.26
N ALA L 145 -22.13 -123.47 -56.02
CA ALA L 145 -22.18 -124.71 -56.78
C ALA L 145 -23.40 -125.55 -56.38
N GLU L 146 -24.04 -125.16 -55.29
CA GLU L 146 -25.27 -125.82 -54.82
C GLU L 146 -26.49 -124.96 -55.14
N ASN L 147 -26.31 -123.98 -56.01
CA ASN L 147 -27.37 -123.12 -56.53
C ASN L 147 -28.23 -122.40 -55.47
N ASN L 148 -27.58 -122.02 -54.39
CA ASN L 148 -28.16 -121.11 -53.41
C ASN L 148 -27.80 -119.68 -53.78
N VAL L 149 -26.59 -119.50 -54.33
CA VAL L 149 -26.11 -118.21 -54.85
C VAL L 149 -25.83 -118.35 -56.38
N LYS L 150 -25.85 -117.25 -57.17
CA LYS L 150 -25.60 -117.28 -58.64
C LYS L 150 -24.53 -116.25 -59.06
N ILE L 151 -23.28 -116.53 -58.68
CA ILE L 151 -22.14 -115.64 -58.88
C ILE L 151 -21.86 -115.22 -60.34
N TYR L 152 -21.56 -113.95 -60.52
CA TYR L 152 -21.09 -113.43 -61.79
C TYR L 152 -19.76 -112.71 -61.60
N SER L 153 -19.00 -112.60 -62.69
CA SER L 153 -17.75 -111.87 -62.67
C SER L 153 -18.01 -110.48 -63.26
N ILE L 154 -17.15 -109.53 -62.89
CA ILE L 154 -17.29 -108.17 -63.40
C ILE L 154 -15.93 -107.44 -63.30
N PHE L 155 -15.56 -106.73 -64.35
CA PHE L 155 -14.27 -106.08 -64.39
C PHE L 155 -14.34 -104.57 -64.65
N GLY L 156 -13.61 -103.80 -63.85
CA GLY L 156 -13.64 -102.35 -63.92
C GLY L 156 -12.84 -101.78 -65.08
N GLY L 157 -12.46 -100.51 -64.96
CA GLY L 157 -11.67 -99.84 -65.97
C GLY L 157 -11.41 -98.41 -65.55
N GLN L 158 -11.06 -97.56 -66.51
CA GLN L 158 -10.82 -96.14 -66.24
C GLN L 158 -12.08 -95.45 -65.74
N GLY L 159 -12.07 -95.09 -64.46
CA GLY L 159 -13.20 -94.46 -63.81
C GLY L 159 -12.81 -93.72 -62.54
N ASN L 160 -12.18 -92.56 -62.69
CA ASN L 160 -11.81 -91.69 -61.57
C ASN L 160 -10.80 -92.30 -60.60
N ILE L 161 -9.99 -93.22 -61.10
CA ILE L 161 -8.92 -93.78 -60.27
C ILE L 161 -7.55 -93.56 -60.90
N GLU L 162 -6.80 -92.66 -60.28
CA GLU L 162 -5.43 -92.35 -60.66
C GLU L 162 -4.53 -92.97 -59.60
N GLU L 163 -5.16 -93.71 -58.69
CA GLU L 163 -4.45 -94.44 -57.67
C GLU L 163 -4.48 -95.91 -58.03
N TYR L 164 -4.51 -96.19 -59.33
CA TYR L 164 -4.50 -97.57 -59.79
C TYR L 164 -3.15 -98.24 -59.49
N PHE L 165 -2.06 -97.53 -59.73
CA PHE L 165 -0.73 -98.09 -59.50
C PHE L 165 -0.48 -98.30 -58.01
N ASP L 166 -1.28 -97.64 -57.17
CA ASP L 166 -1.21 -97.85 -55.74
C ASP L 166 -1.76 -99.23 -55.41
N GLU L 167 -2.81 -99.63 -56.14
CA GLU L 167 -3.38 -100.96 -56.00
C GLU L 167 -2.36 -102.07 -56.33
N LEU L 168 -1.55 -101.84 -57.36
CA LEU L 168 -0.48 -102.78 -57.72
C LEU L 168 0.48 -103.03 -56.56
N ARG L 169 0.83 -101.97 -55.85
CA ARG L 169 1.72 -102.09 -54.70
C ARG L 169 1.11 -102.95 -53.60
N GLU L 170 -0.16 -102.72 -53.29
CA GLU L 170 -0.89 -103.59 -52.36
C GLU L 170 -0.71 -105.06 -52.73
N ILE L 171 -0.89 -105.35 -54.01
CA ILE L 171 -0.76 -106.69 -54.55
C ILE L 171 0.66 -107.23 -54.34
N TYR L 172 1.62 -106.61 -55.02
CA TYR L 172 3.02 -106.98 -54.93
C TYR L 172 3.50 -107.08 -53.47
N THR L 173 3.06 -106.16 -52.63
CA THR L 173 3.44 -106.14 -51.22
C THR L 173 2.86 -107.33 -50.47
N THR L 174 1.55 -107.48 -50.60
CA THR L 174 0.77 -108.38 -49.78
C THR L 174 0.80 -109.83 -50.28
N TYR L 175 0.71 -110.01 -51.59
CA TYR L 175 0.71 -111.36 -52.17
C TYR L 175 1.93 -111.63 -53.05
N PRO L 176 3.14 -111.57 -52.46
CA PRO L 176 4.40 -111.65 -53.21
C PRO L 176 4.55 -112.97 -53.95
N SER L 177 4.49 -114.06 -53.18
CA SER L 177 4.55 -115.41 -53.73
C SER L 177 3.65 -115.58 -54.97
N PHE L 178 2.35 -115.48 -54.76
CA PHE L 178 1.34 -115.72 -55.79
C PHE L 178 1.62 -115.03 -57.12
N VAL L 179 1.99 -113.76 -57.07
CA VAL L 179 1.94 -112.90 -58.25
C VAL L 179 3.30 -112.59 -58.84
N GLU L 180 4.34 -112.59 -57.99
CA GLU L 180 5.67 -112.15 -58.39
C GLU L 180 6.05 -112.62 -59.78
N ASP L 181 5.54 -113.78 -60.15
CA ASP L 181 5.87 -114.40 -61.42
C ASP L 181 5.32 -113.61 -62.62
N LEU L 182 3.99 -113.55 -62.73
CA LEU L 182 3.36 -112.88 -63.87
C LEU L 182 3.59 -111.37 -63.83
N ILE L 183 3.86 -110.85 -62.65
CA ILE L 183 4.30 -109.46 -62.54
C ILE L 183 5.57 -109.32 -63.37
N THR L 184 6.62 -110.05 -62.99
CA THR L 184 7.92 -109.93 -63.65
C THR L 184 7.81 -110.12 -65.15
N SER L 185 7.07 -111.15 -65.57
CA SER L 185 6.96 -111.49 -66.98
C SER L 185 6.19 -110.45 -67.80
N ILE L 186 4.97 -110.15 -67.37
CA ILE L 186 4.16 -109.15 -68.05
C ILE L 186 4.87 -107.79 -68.00
N ALA L 187 5.75 -107.62 -67.03
CA ALA L 187 6.58 -106.42 -66.93
C ALA L 187 7.49 -106.37 -68.13
N GLU L 188 8.32 -107.41 -68.26
CA GLU L 188 9.30 -107.50 -69.34
C GLU L 188 8.63 -107.53 -70.72
N LEU L 189 7.42 -108.10 -70.75
CA LEU L 189 6.59 -108.04 -71.94
C LEU L 189 6.41 -106.59 -72.38
N LEU L 190 6.01 -105.74 -71.44
CA LEU L 190 5.78 -104.33 -71.75
C LEU L 190 7.07 -103.59 -72.10
N GLN L 191 8.12 -103.84 -71.32
CA GLN L 191 9.41 -103.20 -71.52
C GLN L 191 9.87 -103.34 -72.96
N SER L 192 9.50 -104.46 -73.58
CA SER L 192 9.84 -104.72 -74.97
C SER L 192 8.88 -104.02 -75.93
N LEU L 193 7.59 -104.07 -75.63
CA LEU L 193 6.58 -103.43 -76.45
C LEU L 193 6.81 -101.91 -76.48
N ALA L 194 7.38 -101.42 -75.38
CA ALA L 194 7.66 -100.01 -75.20
C ALA L 194 8.84 -99.57 -76.06
N ARG L 195 9.71 -100.53 -76.40
CA ARG L 195 10.87 -100.22 -77.21
C ARG L 195 10.53 -100.14 -78.69
N GLU L 196 9.45 -100.81 -79.09
CA GLU L 196 8.99 -100.79 -80.47
C GLU L 196 8.91 -99.35 -80.95
N TRP L 197 9.35 -99.09 -82.17
CA TRP L 197 9.56 -97.70 -82.60
C TRP L 197 8.30 -96.84 -82.55
N ASP L 198 7.13 -97.43 -82.78
CA ASP L 198 5.88 -96.67 -82.73
C ASP L 198 5.56 -96.20 -81.31
N ALA L 199 6.15 -96.90 -80.34
CA ALA L 199 5.77 -96.75 -78.94
C ALA L 199 6.67 -95.81 -78.13
N VAL L 200 7.97 -95.85 -78.37
CA VAL L 200 8.92 -95.06 -77.58
C VAL L 200 8.49 -93.60 -77.40
N LYS L 201 7.83 -93.07 -78.42
CA LYS L 201 7.27 -91.73 -78.37
C LYS L 201 6.46 -91.51 -77.09
N GLN L 202 5.59 -92.46 -76.79
CA GLN L 202 4.62 -92.33 -75.70
C GLN L 202 5.16 -92.64 -74.31
N TYR L 203 6.27 -93.37 -74.23
CA TYR L 203 6.82 -93.76 -72.93
C TYR L 203 8.19 -93.15 -72.69
N PRO L 204 8.29 -91.82 -72.75
CA PRO L 204 9.58 -91.15 -72.55
C PRO L 204 10.04 -91.36 -71.13
N LYS L 205 9.10 -91.38 -70.19
CA LYS L 205 9.42 -91.57 -68.78
C LYS L 205 9.69 -93.04 -68.48
N GLY L 206 9.48 -93.87 -69.49
CA GLY L 206 9.77 -95.29 -69.39
C GLY L 206 8.57 -96.10 -68.97
N LEU L 207 8.63 -97.41 -69.20
CA LEU L 207 7.56 -98.33 -68.84
C LEU L 207 8.10 -99.53 -68.05
N ASP L 208 9.03 -99.24 -67.14
CA ASP L 208 9.70 -100.27 -66.34
C ASP L 208 8.99 -100.46 -65.02
N ILE L 209 7.94 -101.27 -65.03
CA ILE L 209 7.08 -101.42 -63.86
C ILE L 209 7.81 -101.89 -62.63
N LEU L 210 8.64 -102.92 -62.81
CA LEU L 210 9.40 -103.49 -61.71
C LEU L 210 10.27 -102.46 -61.00
N GLN L 211 10.85 -101.55 -61.77
CA GLN L 211 11.67 -100.47 -61.22
C GLN L 211 10.86 -99.62 -60.25
N TRP L 212 9.74 -99.10 -60.73
CA TRP L 212 8.87 -98.25 -59.92
C TRP L 212 8.45 -98.93 -58.63
N LEU L 213 8.16 -100.23 -58.74
CA LEU L 213 7.79 -101.03 -57.58
C LEU L 213 8.93 -101.15 -56.57
N HIS L 214 10.14 -101.34 -57.08
CA HIS L 214 11.31 -101.52 -56.20
C HIS L 214 11.76 -100.21 -55.53
N ASN L 215 12.02 -99.19 -56.34
CA ASN L 215 12.36 -97.87 -55.81
C ASN L 215 11.23 -96.87 -56.07
N PRO L 216 10.37 -96.64 -55.05
CA PRO L 216 9.20 -95.76 -55.16
C PRO L 216 9.50 -94.42 -55.82
N GLU L 217 10.72 -93.91 -55.61
CA GLU L 217 11.13 -92.60 -56.10
C GLU L 217 11.20 -92.53 -57.62
N SER L 218 11.36 -93.69 -58.26
CA SER L 218 11.41 -93.73 -59.72
C SER L 218 10.00 -93.68 -60.33
N GLN L 219 8.99 -93.96 -59.51
CA GLN L 219 7.60 -93.95 -59.97
C GLN L 219 7.25 -92.61 -60.57
N PRO L 220 6.80 -92.61 -61.83
CA PRO L 220 6.45 -91.41 -62.59
C PRO L 220 5.22 -90.67 -62.07
N ASP L 221 5.03 -89.46 -62.58
CA ASP L 221 3.94 -88.57 -62.16
C ASP L 221 2.58 -89.18 -62.43
N THR L 222 1.62 -88.84 -61.58
CA THR L 222 0.25 -89.33 -61.74
C THR L 222 -0.29 -89.02 -63.12
N ASP L 223 0.19 -87.93 -63.72
CA ASP L 223 -0.21 -87.56 -65.07
C ASP L 223 0.22 -88.60 -66.07
N TYR L 224 1.47 -89.04 -65.92
CA TYR L 224 2.04 -90.09 -66.77
C TYR L 224 1.26 -91.40 -66.69
N LEU L 225 1.14 -91.95 -65.48
CA LEU L 225 0.50 -93.24 -65.29
C LEU L 225 -0.97 -93.28 -65.77
N VAL L 226 -1.63 -92.13 -65.72
CA VAL L 226 -3.05 -92.07 -66.06
C VAL L 226 -3.29 -92.08 -67.57
N SER L 227 -2.26 -91.71 -68.32
CA SER L 227 -2.36 -91.70 -69.78
C SER L 227 -2.76 -93.06 -70.29
N ALA L 228 -3.51 -93.08 -71.39
CA ALA L 228 -3.96 -94.34 -71.96
C ALA L 228 -2.82 -95.34 -72.17
N PRO L 229 -1.81 -94.98 -72.98
CA PRO L 229 -0.73 -95.92 -73.32
C PRO L 229 -0.05 -96.57 -72.11
N VAL L 230 -0.24 -96.04 -70.91
CA VAL L 230 0.33 -96.69 -69.73
C VAL L 230 -0.78 -97.20 -68.85
N SER L 231 -1.85 -96.42 -68.77
CA SER L 231 -2.99 -96.77 -67.94
C SER L 231 -3.53 -98.15 -68.30
N PHE L 232 -4.01 -98.28 -69.54
CA PHE L 232 -4.60 -99.53 -70.04
C PHE L 232 -3.87 -100.80 -69.58
N PRO L 233 -2.69 -101.08 -70.16
CA PRO L 233 -2.06 -102.38 -69.93
C PRO L 233 -1.71 -102.58 -68.46
N LEU L 234 -1.11 -101.54 -67.88
CA LEU L 234 -0.72 -101.58 -66.48
C LEU L 234 -1.91 -101.95 -65.58
N ILE L 235 -3.09 -101.38 -65.87
CA ILE L 235 -4.31 -101.68 -65.13
C ILE L 235 -4.74 -103.14 -65.28
N GLY L 236 -4.80 -103.60 -66.52
CA GLY L 236 -5.10 -104.98 -66.81
C GLY L 236 -4.29 -105.90 -65.89
N LEU L 237 -2.99 -105.64 -65.78
CA LEU L 237 -2.12 -106.42 -64.91
C LEU L 237 -2.66 -106.50 -63.50
N VAL L 238 -3.29 -105.43 -63.04
CA VAL L 238 -3.83 -105.39 -61.69
C VAL L 238 -5.13 -106.16 -61.60
N GLN L 239 -5.91 -106.18 -62.69
CA GLN L 239 -7.16 -106.95 -62.72
C GLN L 239 -6.86 -108.43 -62.83
N LEU L 240 -5.79 -108.77 -63.54
CA LEU L 240 -5.31 -110.15 -63.62
C LEU L 240 -4.88 -110.63 -62.26
N ALA L 241 -3.92 -109.91 -61.69
CA ALA L 241 -3.34 -110.24 -60.39
C ALA L 241 -4.40 -110.46 -59.32
N HIS L 242 -5.57 -109.86 -59.51
CA HIS L 242 -6.67 -110.05 -58.57
C HIS L 242 -7.33 -111.41 -58.79
N TYR L 243 -7.79 -111.66 -60.01
CA TYR L 243 -8.35 -112.96 -60.40
C TYR L 243 -7.37 -114.09 -60.03
N MET L 244 -6.09 -113.84 -60.34
CA MET L 244 -5.00 -114.77 -60.04
C MET L 244 -4.91 -115.04 -58.53
N ILE L 245 -4.92 -113.97 -57.73
CA ILE L 245 -4.83 -114.06 -56.28
C ILE L 245 -6.04 -114.75 -55.66
N THR L 246 -7.21 -114.56 -56.27
CA THR L 246 -8.44 -115.19 -55.79
C THR L 246 -8.36 -116.72 -55.93
N CYS L 247 -8.14 -117.18 -57.15
CA CYS L 247 -7.97 -118.60 -57.45
C CYS L 247 -6.88 -119.19 -56.58
N LYS L 248 -5.71 -118.59 -56.64
CA LYS L 248 -4.53 -119.08 -55.91
C LYS L 248 -4.71 -119.21 -54.40
N THR L 249 -5.45 -118.28 -53.80
CA THR L 249 -5.68 -118.31 -52.35
C THR L 249 -6.62 -119.44 -51.97
N LEU L 250 -7.55 -119.74 -52.87
CA LEU L 250 -8.44 -120.87 -52.70
C LEU L 250 -7.70 -122.20 -52.87
N GLY L 251 -6.53 -122.17 -53.49
CA GLY L 251 -5.78 -123.38 -53.83
C GLY L 251 -6.36 -124.05 -55.08
N ARG L 252 -6.85 -123.22 -56.00
CA ARG L 252 -7.56 -123.68 -57.19
C ARG L 252 -6.76 -123.43 -58.47
N GLU L 253 -7.33 -123.87 -59.59
CA GLU L 253 -6.78 -123.58 -60.91
C GLU L 253 -7.66 -122.53 -61.55
N PRO L 254 -7.14 -121.81 -62.54
CA PRO L 254 -7.90 -120.79 -63.28
C PRO L 254 -9.20 -121.33 -63.88
N GLY L 255 -9.23 -122.62 -64.15
CA GLY L 255 -10.45 -123.23 -64.66
C GLY L 255 -11.43 -123.56 -63.54
N GLU L 256 -10.92 -123.67 -62.32
CA GLU L 256 -11.76 -124.00 -61.16
C GLU L 256 -12.77 -122.88 -60.83
N LEU L 257 -12.27 -121.67 -60.66
CA LEU L 257 -13.12 -120.51 -60.44
C LEU L 257 -13.87 -120.13 -61.71
N LEU L 258 -13.19 -120.20 -62.85
CA LEU L 258 -13.79 -119.86 -64.14
C LEU L 258 -15.06 -120.67 -64.37
N GLU L 259 -15.10 -121.86 -63.77
CA GLU L 259 -16.26 -122.74 -63.94
C GLU L 259 -17.40 -122.35 -63.01
N ARG L 260 -17.03 -121.83 -61.84
CA ARG L 260 -18.00 -121.52 -60.80
C ARG L 260 -18.61 -120.12 -60.86
N PHE L 261 -18.53 -119.48 -62.02
CA PHE L 261 -19.26 -118.23 -62.27
C PHE L 261 -20.35 -118.54 -63.29
N SER L 262 -21.06 -117.52 -63.75
CA SER L 262 -22.13 -117.73 -64.74
C SER L 262 -21.97 -116.82 -65.93
N GLY L 263 -21.21 -115.75 -65.74
CA GLY L 263 -21.03 -114.74 -66.75
C GLY L 263 -20.07 -113.67 -66.30
N THR L 264 -19.25 -113.19 -67.24
CA THR L 264 -18.28 -112.15 -66.99
C THR L 264 -18.49 -111.02 -67.99
N THR L 265 -18.33 -109.78 -67.53
CA THR L 265 -18.31 -108.62 -68.42
C THR L 265 -17.26 -107.65 -67.90
N GLY L 266 -16.87 -106.69 -68.73
CA GLY L 266 -15.94 -105.66 -68.31
C GLY L 266 -16.47 -104.28 -68.62
N HIS L 267 -15.90 -103.26 -67.98
CA HIS L 267 -16.25 -101.86 -68.26
C HIS L 267 -15.23 -101.21 -69.21
N SER L 268 -15.61 -101.09 -70.48
CA SER L 268 -14.68 -100.62 -71.51
C SER L 268 -13.40 -101.45 -71.55
N GLN L 269 -12.34 -100.94 -70.93
CA GLN L 269 -11.03 -101.58 -70.97
C GLN L 269 -10.98 -102.92 -70.24
N GLY L 270 -11.96 -103.17 -69.38
CA GLY L 270 -12.03 -104.40 -68.62
C GLY L 270 -12.58 -105.61 -69.37
N ILE L 271 -13.35 -105.33 -70.43
CA ILE L 271 -13.95 -106.40 -71.24
C ILE L 271 -12.88 -107.29 -71.88
N VAL L 272 -11.66 -106.75 -72.02
CA VAL L 272 -10.55 -107.51 -72.55
C VAL L 272 -10.08 -108.57 -71.56
N VAL L 273 -9.77 -108.15 -70.34
CA VAL L 273 -9.36 -109.10 -69.30
C VAL L 273 -10.49 -110.06 -68.93
N ALA L 274 -11.73 -109.62 -69.17
CA ALA L 274 -12.90 -110.45 -68.87
C ALA L 274 -13.05 -111.60 -69.87
N ALA L 275 -12.88 -111.27 -71.15
CA ALA L 275 -12.94 -112.26 -72.23
C ALA L 275 -11.73 -113.20 -72.14
N ALA L 276 -10.57 -112.62 -71.84
CA ALA L 276 -9.32 -113.37 -71.74
C ALA L 276 -9.21 -114.23 -70.48
N ILE L 277 -9.97 -113.87 -69.44
CA ILE L 277 -9.96 -114.66 -68.22
C ILE L 277 -10.85 -115.88 -68.41
N ALA L 278 -11.76 -115.78 -69.39
CA ALA L 278 -12.70 -116.85 -69.74
C ALA L 278 -12.04 -117.86 -70.69
N THR L 279 -10.81 -117.56 -71.08
CA THR L 279 -10.01 -118.50 -71.85
C THR L 279 -9.34 -119.52 -70.93
N ALA L 280 -8.50 -119.01 -70.04
CA ALA L 280 -7.62 -119.83 -69.23
C ALA L 280 -8.29 -120.90 -68.36
N ARG L 281 -7.71 -122.09 -68.36
CA ARG L 281 -8.09 -123.16 -67.44
C ARG L 281 -6.84 -123.61 -66.69
N THR L 282 -5.71 -123.63 -67.39
CA THR L 282 -4.42 -123.98 -66.80
C THR L 282 -3.76 -122.74 -66.23
N TRP L 283 -2.72 -122.93 -65.43
CA TRP L 283 -1.91 -121.80 -64.99
C TRP L 283 -0.99 -121.38 -66.13
N ASP L 284 -0.73 -122.33 -67.03
CA ASP L 284 0.02 -122.09 -68.25
C ASP L 284 -0.91 -121.43 -69.24
N GLU L 285 -2.17 -121.88 -69.24
CA GLU L 285 -3.21 -121.36 -70.13
C GLU L 285 -3.65 -119.98 -69.64
N PHE L 286 -3.40 -119.72 -68.35
CA PHE L 286 -3.67 -118.42 -67.75
C PHE L 286 -2.64 -117.41 -68.23
N ALA L 287 -1.39 -117.71 -67.93
CA ALA L 287 -0.28 -116.87 -68.36
C ALA L 287 -0.33 -116.56 -69.87
N THR L 288 -0.92 -117.46 -70.65
CA THR L 288 -1.07 -117.23 -72.08
C THR L 288 -2.04 -116.09 -72.36
N ALA L 289 -3.27 -116.25 -71.88
CA ALA L 289 -4.30 -115.24 -72.07
C ALA L 289 -3.93 -113.94 -71.35
N ALA L 290 -3.02 -114.04 -70.39
CA ALA L 290 -2.55 -112.88 -69.62
C ALA L 290 -1.66 -111.96 -70.44
N LYS L 291 -0.69 -112.53 -71.14
CA LYS L 291 0.15 -111.77 -72.06
C LYS L 291 -0.67 -111.34 -73.28
N ARG L 292 -1.76 -112.06 -73.53
CA ARG L 292 -2.66 -111.72 -74.63
C ARG L 292 -3.40 -110.43 -74.32
N ALA L 293 -4.11 -110.41 -73.20
CA ALA L 293 -4.87 -109.24 -72.80
C ALA L 293 -3.93 -108.04 -72.67
N VAL L 294 -2.87 -108.20 -71.88
CA VAL L 294 -1.94 -107.11 -71.56
C VAL L 294 -1.42 -106.41 -72.80
N GLU L 295 -0.85 -107.20 -73.71
CA GLU L 295 -0.30 -106.65 -74.94
C GLU L 295 -1.40 -106.11 -75.84
N LEU L 296 -2.59 -106.68 -75.72
CA LEU L 296 -3.76 -106.16 -76.43
C LEU L 296 -4.06 -104.73 -75.98
N LEU L 297 -4.26 -104.55 -74.67
CA LEU L 297 -4.49 -103.25 -74.07
C LEU L 297 -3.40 -102.26 -74.48
N PHE L 298 -2.15 -102.71 -74.39
CA PHE L 298 -0.99 -101.91 -74.80
C PHE L 298 -1.22 -101.26 -76.15
N TRP L 299 -1.70 -102.04 -77.12
CA TRP L 299 -1.88 -101.49 -78.46
C TRP L 299 -3.19 -100.75 -78.63
N ILE L 300 -4.19 -101.10 -77.84
CA ILE L 300 -5.45 -100.35 -77.88
C ILE L 300 -5.23 -98.93 -77.39
N GLY L 301 -4.70 -98.80 -76.18
CA GLY L 301 -4.41 -97.49 -75.63
C GLY L 301 -3.39 -96.72 -76.46
N LEU L 302 -2.29 -97.38 -76.81
CA LEU L 302 -1.22 -96.75 -77.56
C LEU L 302 -1.74 -96.08 -78.83
N ARG L 303 -2.33 -96.89 -79.71
CA ARG L 303 -2.78 -96.39 -81.01
C ARG L 303 -3.94 -95.42 -80.87
N SER L 304 -4.73 -95.58 -79.82
CA SER L 304 -5.83 -94.67 -79.58
C SER L 304 -5.27 -93.27 -79.28
N GLN L 305 -4.21 -93.22 -78.47
CA GLN L 305 -3.62 -91.95 -78.08
C GLN L 305 -3.11 -91.18 -79.28
N GLN L 306 -2.53 -91.91 -80.23
CA GLN L 306 -1.91 -91.33 -81.43
C GLN L 306 -2.95 -90.85 -82.45
N ALA L 307 -4.16 -91.39 -82.37
CA ALA L 307 -5.28 -90.97 -83.21
C ALA L 307 -5.72 -89.56 -82.82
N TYR L 308 -6.16 -89.40 -81.57
CA TYR L 308 -6.50 -88.09 -81.01
C TYR L 308 -5.64 -87.80 -79.80
N PRO L 309 -4.43 -87.23 -80.02
CA PRO L 309 -3.49 -86.84 -78.96
C PRO L 309 -4.03 -85.64 -78.17
N ARG L 310 -3.44 -85.40 -77.01
CA ARG L 310 -3.84 -84.27 -76.18
C ARG L 310 -3.42 -82.95 -76.83
N THR L 311 -4.36 -82.03 -76.98
CA THR L 311 -4.04 -80.67 -77.41
C THR L 311 -4.02 -79.72 -76.22
N SER L 312 -3.18 -78.69 -76.30
CA SER L 312 -3.14 -77.66 -75.27
C SER L 312 -4.37 -76.77 -75.39
N LEU L 313 -4.80 -76.22 -74.26
CA LEU L 313 -6.03 -75.45 -74.20
C LEU L 313 -5.75 -74.00 -73.81
N ALA L 314 -6.75 -73.13 -73.99
CA ALA L 314 -6.66 -71.77 -73.47
C ALA L 314 -6.48 -71.79 -71.95
N PRO L 315 -5.44 -71.13 -71.44
CA PRO L 315 -5.10 -71.20 -70.01
C PRO L 315 -6.23 -70.61 -69.20
N SER L 316 -6.98 -69.70 -69.81
CA SER L 316 -8.14 -69.07 -69.21
C SER L 316 -9.30 -70.04 -69.02
N THR L 317 -9.84 -70.52 -70.13
CA THR L 317 -10.90 -71.52 -70.11
C THR L 317 -10.45 -72.78 -69.37
N LEU L 318 -9.15 -72.87 -69.10
CA LEU L 318 -8.58 -73.97 -68.34
C LEU L 318 -8.85 -73.82 -66.86
N GLN L 319 -8.37 -72.73 -66.28
CA GLN L 319 -8.66 -72.45 -64.87
C GLN L 319 -10.17 -72.34 -64.66
N ASP L 320 -10.84 -71.70 -65.62
CA ASP L 320 -12.30 -71.61 -65.58
C ASP L 320 -12.92 -72.96 -65.22
N SER L 321 -12.80 -73.93 -66.12
CA SER L 321 -13.34 -75.26 -65.89
C SER L 321 -12.95 -75.80 -64.53
N VAL L 322 -11.80 -75.40 -64.02
CA VAL L 322 -11.32 -75.96 -62.76
C VAL L 322 -12.03 -75.33 -61.56
N GLU L 323 -12.20 -74.02 -61.61
CA GLU L 323 -12.82 -73.28 -60.51
C GLU L 323 -14.33 -73.53 -60.46
N ASN L 324 -14.93 -73.76 -61.61
CA ASN L 324 -16.38 -73.90 -61.71
C ASN L 324 -16.91 -75.27 -61.24
N GLY L 325 -16.07 -76.00 -60.51
CA GLY L 325 -16.45 -77.29 -59.96
C GLY L 325 -16.11 -78.49 -60.83
N GLU L 326 -15.75 -78.21 -62.08
CA GLU L 326 -15.41 -79.25 -63.04
C GLU L 326 -13.92 -79.54 -62.96
N GLY L 327 -13.44 -80.43 -63.81
CA GLY L 327 -12.04 -80.80 -63.75
C GLY L 327 -11.24 -80.17 -64.85
N THR L 328 -9.97 -80.58 -64.96
CA THR L 328 -9.14 -80.21 -66.09
C THR L 328 -9.73 -80.87 -67.31
N PRO L 329 -9.98 -80.11 -68.38
CA PRO L 329 -10.71 -80.59 -69.56
C PRO L 329 -10.06 -81.76 -70.28
N THR L 330 -10.84 -82.80 -70.51
CA THR L 330 -10.41 -83.98 -71.26
C THR L 330 -11.43 -84.28 -72.36
N PRO L 331 -11.32 -85.44 -73.02
CA PRO L 331 -12.35 -85.82 -73.99
C PRO L 331 -13.51 -86.61 -73.38
N MET L 332 -13.46 -86.83 -72.06
CA MET L 332 -14.44 -87.66 -71.37
C MET L 332 -15.15 -86.93 -70.23
N LEU L 333 -16.40 -86.53 -70.48
CA LEU L 333 -17.20 -85.73 -69.55
C LEU L 333 -18.19 -86.59 -68.79
N SER L 334 -18.39 -86.33 -67.52
CA SER L 334 -19.38 -87.07 -66.74
C SER L 334 -20.60 -86.22 -66.39
N ILE L 335 -21.78 -86.81 -66.43
CA ILE L 335 -23.01 -86.11 -66.10
C ILE L 335 -23.92 -86.97 -65.25
N ARG L 336 -23.67 -86.95 -63.94
CA ARG L 336 -24.52 -87.67 -63.00
C ARG L 336 -25.81 -86.90 -62.70
N ASP L 337 -26.76 -87.61 -62.10
CA ASP L 337 -28.03 -87.05 -61.64
C ASP L 337 -28.91 -86.38 -62.72
N LEU L 338 -28.54 -86.52 -63.98
CA LEU L 338 -29.28 -85.87 -65.06
C LEU L 338 -29.73 -86.88 -66.10
N THR L 339 -31.02 -86.86 -66.43
CA THR L 339 -31.62 -87.85 -67.33
C THR L 339 -31.24 -87.71 -68.80
N ARG L 340 -31.06 -88.84 -69.47
CA ARG L 340 -30.65 -88.87 -70.87
C ARG L 340 -31.49 -87.94 -71.72
N SER L 341 -32.80 -87.96 -71.49
CA SER L 341 -33.72 -87.10 -72.20
C SER L 341 -33.12 -85.70 -72.30
N ALA L 342 -32.87 -85.10 -71.14
CA ALA L 342 -32.31 -83.75 -71.07
C ALA L 342 -30.87 -83.69 -71.56
N VAL L 343 -30.02 -84.59 -71.05
CA VAL L 343 -28.60 -84.57 -71.41
C VAL L 343 -28.40 -84.46 -72.92
N GLN L 344 -29.25 -85.16 -73.67
CA GLN L 344 -29.11 -85.13 -75.12
C GLN L 344 -29.57 -83.81 -75.67
N GLU L 345 -30.59 -83.21 -75.06
CA GLU L 345 -31.08 -81.92 -75.53
C GLU L 345 -30.03 -80.84 -75.40
N HIS L 346 -29.24 -80.89 -74.33
CA HIS L 346 -28.13 -79.96 -74.13
C HIS L 346 -26.99 -80.31 -75.09
N ILE L 347 -26.78 -81.60 -75.32
CA ILE L 347 -25.81 -82.06 -76.31
C ILE L 347 -26.22 -81.61 -77.73
N ASP L 348 -27.53 -81.56 -77.95
CA ASP L 348 -28.08 -81.15 -79.24
C ASP L 348 -27.81 -79.69 -79.52
N ALA L 349 -28.15 -78.83 -78.55
CA ALA L 349 -27.97 -77.39 -78.70
C ALA L 349 -26.50 -77.07 -78.94
N THR L 350 -25.63 -77.75 -78.21
CA THR L 350 -24.19 -77.54 -78.32
C THR L 350 -23.66 -77.95 -79.69
N ASN L 351 -24.03 -79.14 -80.13
CA ASN L 351 -23.63 -79.65 -81.43
C ASN L 351 -24.18 -78.79 -82.56
N GLN L 352 -25.23 -78.03 -82.23
CA GLN L 352 -25.84 -77.12 -83.19
C GLN L 352 -24.82 -76.15 -83.76
N HIS L 353 -24.14 -75.42 -82.88
CA HIS L 353 -23.23 -74.35 -83.29
C HIS L 353 -21.83 -74.84 -83.63
N LEU L 354 -21.53 -76.09 -83.32
CA LEU L 354 -20.22 -76.67 -83.59
C LEU L 354 -20.12 -77.25 -85.01
N PRO L 355 -18.89 -77.27 -85.57
CA PRO L 355 -18.60 -77.94 -86.83
C PRO L 355 -18.66 -79.44 -86.61
N GLU L 356 -19.04 -80.18 -87.65
CA GLU L 356 -19.17 -81.63 -87.55
C GLU L 356 -17.92 -82.30 -86.97
N ASP L 357 -16.75 -81.73 -87.25
CA ASP L 357 -15.47 -82.27 -86.77
C ASP L 357 -15.48 -82.44 -85.26
N ARG L 358 -15.90 -81.40 -84.56
CA ARG L 358 -15.83 -81.38 -83.11
C ARG L 358 -17.22 -81.48 -82.47
N HIS L 359 -18.02 -82.44 -82.89
CA HIS L 359 -19.30 -82.68 -82.25
C HIS L 359 -19.16 -83.47 -80.95
N ILE L 360 -20.29 -83.84 -80.37
CA ILE L 360 -20.27 -84.40 -79.03
C ILE L 360 -21.20 -85.61 -78.94
N GLY L 361 -20.63 -86.75 -78.59
CA GLY L 361 -21.40 -87.99 -78.48
C GLY L 361 -21.60 -88.45 -77.05
N ILE L 362 -22.45 -89.46 -76.88
CA ILE L 362 -22.70 -90.04 -75.57
C ILE L 362 -21.88 -91.32 -75.41
N SER L 363 -20.75 -91.24 -74.72
CA SER L 363 -19.78 -92.35 -74.70
C SER L 363 -20.30 -93.61 -74.02
N LEU L 364 -20.87 -93.45 -72.83
CA LEU L 364 -21.43 -94.58 -72.09
C LEU L 364 -22.66 -94.22 -71.26
N VAL L 365 -23.55 -95.19 -71.09
CA VAL L 365 -24.77 -95.03 -70.29
C VAL L 365 -24.69 -95.96 -69.10
N ASN L 366 -24.22 -95.44 -67.98
CA ASN L 366 -23.93 -96.29 -66.83
C ASN L 366 -25.13 -96.48 -65.92
N SER L 367 -26.16 -95.68 -66.16
CA SER L 367 -27.47 -95.83 -65.51
C SER L 367 -28.43 -94.86 -66.19
N ALA L 368 -29.67 -94.77 -65.71
CA ALA L 368 -30.67 -93.90 -66.34
C ALA L 368 -30.39 -92.42 -66.10
N ARG L 369 -29.58 -92.14 -65.07
CA ARG L 369 -29.22 -90.77 -64.72
C ARG L 369 -27.70 -90.55 -64.68
N ASN L 370 -26.94 -91.59 -65.01
CA ASN L 370 -25.48 -91.49 -65.09
C ASN L 370 -24.98 -91.68 -66.51
N PHE L 371 -24.20 -90.73 -67.02
CA PHE L 371 -23.67 -90.84 -68.36
C PHE L 371 -22.22 -90.40 -68.46
N VAL L 372 -21.69 -90.48 -69.67
CA VAL L 372 -20.39 -89.95 -70.02
C VAL L 372 -20.51 -89.39 -71.43
N VAL L 373 -19.78 -88.31 -71.73
CA VAL L 373 -19.84 -87.66 -73.04
C VAL L 373 -18.43 -87.45 -73.63
N THR L 374 -18.30 -87.64 -74.94
CA THR L 374 -17.03 -87.40 -75.61
C THR L 374 -17.13 -86.40 -76.75
N GLY L 375 -15.97 -86.10 -77.31
CA GLY L 375 -15.81 -85.02 -78.27
C GLY L 375 -14.53 -84.31 -77.88
N PRO L 376 -14.13 -83.30 -78.67
CA PRO L 376 -12.90 -82.58 -78.31
C PRO L 376 -13.11 -81.91 -76.97
N PRO L 377 -12.09 -81.91 -76.11
CA PRO L 377 -12.24 -81.29 -74.78
C PRO L 377 -12.76 -79.86 -74.93
N ILE L 378 -12.29 -79.20 -75.98
CA ILE L 378 -12.58 -77.81 -76.27
C ILE L 378 -14.08 -77.53 -76.47
N SER L 379 -14.79 -78.50 -77.02
CA SER L 379 -16.22 -78.35 -77.28
C SER L 379 -17.03 -79.00 -76.16
N LEU L 380 -16.41 -79.90 -75.43
CA LEU L 380 -17.01 -80.48 -74.23
C LEU L 380 -17.19 -79.37 -73.20
N TYR L 381 -16.22 -78.47 -73.17
CA TYR L 381 -16.26 -77.28 -72.33
C TYR L 381 -17.51 -76.46 -72.65
N GLY L 382 -17.79 -76.28 -73.93
CA GLY L 382 -18.94 -75.51 -74.36
C GLY L 382 -20.27 -76.10 -73.91
N LEU L 383 -20.23 -77.36 -73.49
CA LEU L 383 -21.43 -78.01 -72.97
C LEU L 383 -21.54 -77.59 -71.51
N ASN L 384 -20.40 -77.56 -70.83
CA ASN L 384 -20.34 -77.14 -69.44
C ASN L 384 -20.81 -75.72 -69.24
N LEU L 385 -20.51 -74.87 -70.23
CA LEU L 385 -20.90 -73.47 -70.18
C LEU L 385 -22.43 -73.38 -70.13
N ARG L 386 -23.09 -74.10 -71.02
CA ARG L 386 -24.54 -74.16 -71.03
C ARG L 386 -25.08 -74.80 -69.76
N LEU L 387 -24.42 -75.87 -69.31
CA LEU L 387 -24.87 -76.62 -68.15
C LEU L 387 -24.88 -75.77 -66.89
N ARG L 388 -23.82 -75.00 -66.70
CA ARG L 388 -23.71 -74.14 -65.53
C ARG L 388 -24.84 -73.12 -65.50
N LYS L 389 -25.19 -72.59 -66.67
CA LYS L 389 -26.26 -71.61 -66.78
C LYS L 389 -27.63 -72.19 -66.40
N VAL L 390 -27.74 -73.51 -66.42
CA VAL L 390 -29.03 -74.16 -66.15
C VAL L 390 -29.15 -74.64 -64.71
N LYS L 391 -28.08 -75.24 -64.19
CA LYS L 391 -28.12 -75.78 -62.83
C LYS L 391 -28.02 -74.67 -61.79
N ALA L 392 -28.44 -75.01 -60.58
CA ALA L 392 -28.48 -74.05 -59.49
C ALA L 392 -27.32 -74.27 -58.53
N PRO L 393 -26.90 -73.20 -57.84
CA PRO L 393 -25.86 -73.22 -56.80
C PRO L 393 -26.20 -74.25 -55.73
N THR L 394 -25.19 -74.69 -54.98
CA THR L 394 -25.42 -75.64 -53.90
C THR L 394 -26.04 -74.91 -52.72
N GLY L 395 -26.08 -73.59 -52.82
CA GLY L 395 -26.66 -72.77 -51.78
C GLY L 395 -28.18 -72.75 -51.85
N LEU L 396 -28.69 -72.37 -53.01
CA LEU L 396 -30.12 -72.11 -53.19
C LEU L 396 -31.01 -73.10 -52.44
N ASP L 397 -31.79 -72.59 -51.50
CA ASP L 397 -32.80 -73.40 -50.83
C ASP L 397 -34.06 -73.34 -51.67
N GLN L 398 -34.66 -74.51 -51.89
CA GLN L 398 -35.81 -74.58 -52.78
C GLN L 398 -37.02 -75.22 -52.09
N ASN L 399 -36.90 -75.46 -50.80
CA ASN L 399 -37.96 -76.07 -50.01
C ASN L 399 -39.22 -75.21 -50.00
N ARG L 400 -39.14 -74.07 -50.67
CA ARG L 400 -40.27 -73.13 -50.74
C ARG L 400 -40.63 -72.87 -52.20
N ILE L 401 -40.13 -73.70 -53.10
CA ILE L 401 -40.45 -73.58 -54.52
C ILE L 401 -41.21 -74.81 -55.02
N PRO L 402 -42.32 -74.58 -55.74
CA PRO L 402 -43.04 -75.67 -56.40
C PRO L 402 -42.07 -76.58 -57.12
N PHE L 403 -42.29 -77.89 -57.02
CA PHE L 403 -41.32 -78.88 -57.49
C PHE L 403 -41.12 -78.83 -58.99
N THR L 404 -42.22 -78.76 -59.73
CA THR L 404 -42.13 -78.74 -61.19
C THR L 404 -41.40 -77.50 -61.71
N GLN L 405 -41.08 -76.57 -60.82
CA GLN L 405 -40.49 -75.29 -61.20
C GLN L 405 -39.08 -75.04 -60.70
N ARG L 406 -38.54 -75.96 -59.91
CA ARG L 406 -37.20 -75.79 -59.33
C ARG L 406 -36.10 -75.86 -60.38
N LYS L 407 -34.86 -75.73 -59.93
CA LYS L 407 -33.72 -75.90 -60.81
C LYS L 407 -33.09 -77.25 -60.54
N ALA L 408 -32.81 -78.00 -61.59
CA ALA L 408 -32.25 -79.34 -61.45
C ALA L 408 -30.82 -79.34 -60.92
N ARG L 409 -30.57 -80.14 -59.89
CA ARG L 409 -29.25 -80.20 -59.27
C ARG L 409 -28.48 -81.43 -59.75
N PHE L 410 -27.64 -81.22 -60.77
CA PHE L 410 -26.81 -82.29 -61.26
C PHE L 410 -25.33 -82.03 -61.03
N VAL L 411 -24.50 -83.01 -61.38
CA VAL L 411 -23.07 -82.92 -61.15
C VAL L 411 -22.28 -83.22 -62.42
N ASN L 412 -21.91 -82.19 -63.17
CA ASN L 412 -21.04 -82.41 -64.32
C ASN L 412 -19.56 -82.23 -63.96
N ARG L 413 -18.69 -82.98 -64.64
CA ARG L 413 -17.26 -82.96 -64.35
C ARG L 413 -16.43 -83.83 -65.32
N PHE L 414 -15.26 -83.33 -65.71
CA PHE L 414 -14.40 -84.10 -66.59
C PHE L 414 -13.82 -85.33 -65.89
N LEU L 415 -13.29 -86.25 -66.69
CA LEU L 415 -12.76 -87.51 -66.18
C LEU L 415 -11.30 -87.70 -66.59
N PRO L 416 -10.52 -88.39 -65.75
CA PRO L 416 -9.07 -88.61 -65.92
C PRO L 416 -8.73 -89.52 -67.09
N ILE L 417 -9.44 -89.36 -68.21
CA ILE L 417 -9.24 -90.25 -69.34
C ILE L 417 -8.64 -89.52 -70.54
N THR L 418 -7.58 -90.10 -71.08
CA THR L 418 -6.67 -89.41 -71.99
C THR L 418 -7.09 -89.34 -73.45
N ALA L 419 -8.17 -90.04 -73.80
CA ALA L 419 -8.56 -90.14 -75.21
C ALA L 419 -10.06 -90.41 -75.40
N PRO L 420 -10.59 -89.99 -76.57
CA PRO L 420 -12.01 -90.06 -76.95
C PRO L 420 -12.45 -91.47 -77.31
N PHE L 421 -12.78 -92.27 -76.30
CA PHE L 421 -13.23 -93.63 -76.55
C PHE L 421 -14.74 -93.69 -76.82
N HIS L 422 -15.18 -94.68 -77.58
CA HIS L 422 -16.58 -94.83 -77.91
C HIS L 422 -17.06 -93.63 -78.72
N SER L 423 -16.24 -93.26 -79.70
CA SER L 423 -16.54 -92.12 -80.56
C SER L 423 -15.85 -92.24 -81.91
N PRO L 424 -16.45 -91.63 -82.94
CA PRO L 424 -15.94 -91.52 -84.33
C PRO L 424 -14.54 -90.92 -84.42
N TYR L 425 -13.98 -90.52 -83.28
CA TYR L 425 -12.70 -89.83 -83.25
C TYR L 425 -11.56 -90.85 -83.24
N LEU L 426 -11.80 -91.96 -82.56
CA LEU L 426 -10.81 -93.02 -82.54
C LEU L 426 -10.93 -93.93 -83.75
N ALA L 427 -11.33 -93.35 -84.88
CA ALA L 427 -11.54 -94.13 -86.10
C ALA L 427 -10.24 -94.74 -86.61
N GLY L 428 -9.33 -93.87 -87.04
CA GLY L 428 -8.06 -94.31 -87.61
C GLY L 428 -7.28 -95.27 -86.75
N ALA L 429 -7.54 -95.24 -85.44
CA ALA L 429 -6.79 -96.04 -84.49
C ALA L 429 -7.13 -97.52 -84.61
N HIS L 430 -8.41 -97.81 -84.85
CA HIS L 430 -8.90 -99.18 -84.87
C HIS L 430 -8.09 -100.06 -85.82
N ALA L 431 -8.01 -99.62 -87.07
CA ALA L 431 -7.30 -100.35 -88.11
C ALA L 431 -5.89 -100.70 -87.63
N HIS L 432 -5.12 -99.67 -87.30
CA HIS L 432 -3.76 -99.85 -86.81
C HIS L 432 -3.64 -100.95 -85.76
N ILE L 433 -4.50 -100.89 -84.74
CA ILE L 433 -4.48 -101.85 -83.66
C ILE L 433 -4.57 -103.27 -84.20
N LEU L 434 -5.54 -103.51 -85.08
CA LEU L 434 -5.79 -104.84 -85.61
C LEU L 434 -4.52 -105.47 -86.18
N GLY L 435 -3.75 -104.68 -86.93
CA GLY L 435 -2.53 -105.17 -87.55
C GLY L 435 -1.41 -105.52 -86.59
N ASP L 436 -1.51 -105.03 -85.36
CA ASP L 436 -0.52 -105.33 -84.35
C ASP L 436 -0.85 -106.67 -83.69
N VAL L 437 -2.11 -107.08 -83.81
CA VAL L 437 -2.67 -108.16 -83.00
C VAL L 437 -3.20 -109.36 -83.79
N ASP L 438 -3.04 -109.35 -85.12
CA ASP L 438 -3.50 -110.48 -85.96
C ASP L 438 -2.79 -111.79 -85.60
N ASP L 439 -1.60 -111.69 -85.01
CA ASP L 439 -0.83 -112.83 -84.55
C ASP L 439 -1.65 -113.66 -83.57
N MET L 440 -2.13 -113.02 -82.51
CA MET L 440 -2.98 -113.71 -81.55
C MET L 440 -4.44 -113.78 -82.02
N LYS L 441 -5.11 -114.85 -81.62
CA LYS L 441 -6.47 -115.12 -82.07
C LYS L 441 -7.28 -115.74 -80.93
N ILE L 442 -8.26 -115.00 -80.43
CA ILE L 442 -9.13 -115.53 -79.39
C ILE L 442 -10.51 -115.74 -79.99
N PRO L 443 -10.80 -116.98 -80.42
CA PRO L 443 -12.06 -117.31 -81.09
C PRO L 443 -13.23 -117.51 -80.11
N ALA L 444 -14.44 -117.25 -80.60
CA ALA L 444 -15.68 -117.34 -79.82
C ALA L 444 -15.79 -118.63 -78.98
N SER L 445 -15.06 -119.66 -79.40
CA SER L 445 -15.13 -120.96 -78.75
C SER L 445 -14.38 -120.98 -77.42
N SER L 446 -13.17 -120.41 -77.41
CA SER L 446 -12.29 -120.45 -76.23
C SER L 446 -12.86 -119.71 -75.02
N LEU L 447 -14.12 -119.31 -75.12
CA LEU L 447 -14.83 -118.70 -74.01
C LEU L 447 -15.63 -119.74 -73.23
N VAL L 448 -15.07 -120.15 -72.09
CA VAL L 448 -15.71 -121.09 -71.17
C VAL L 448 -17.02 -120.53 -70.65
N ILE L 449 -16.93 -119.43 -69.91
CA ILE L 449 -18.09 -118.76 -69.36
C ILE L 449 -18.49 -117.59 -70.25
N PRO L 450 -19.79 -117.39 -70.45
CA PRO L 450 -20.33 -116.35 -71.33
C PRO L 450 -19.64 -115.00 -71.15
N VAL L 451 -19.34 -114.33 -72.26
CA VAL L 451 -18.72 -113.02 -72.24
C VAL L 451 -19.64 -112.01 -72.92
N TYR L 452 -20.32 -111.20 -72.11
CA TYR L 452 -21.38 -110.29 -72.58
C TYR L 452 -20.84 -109.02 -73.21
N ASP L 453 -21.21 -108.81 -74.47
CA ASP L 453 -20.81 -107.65 -75.25
C ASP L 453 -21.03 -106.34 -74.48
N THR L 454 -20.25 -105.33 -74.87
CA THR L 454 -20.32 -103.99 -74.27
C THR L 454 -21.57 -103.22 -74.73
N LYS L 455 -21.75 -103.07 -76.04
CA LYS L 455 -22.88 -102.31 -76.58
C LYS L 455 -24.21 -103.05 -76.48
N THR L 456 -24.21 -104.35 -76.72
CA THR L 456 -25.42 -105.16 -76.54
C THR L 456 -25.15 -106.33 -75.60
N GLY L 457 -26.13 -106.68 -74.78
CA GLY L 457 -25.95 -107.67 -73.74
C GLY L 457 -25.49 -109.06 -74.15
N GLN L 458 -25.61 -109.38 -75.44
CA GLN L 458 -25.40 -110.74 -75.94
C GLN L 458 -23.98 -111.26 -75.81
N ASP L 459 -23.85 -112.59 -75.92
CA ASP L 459 -22.58 -113.28 -75.73
C ASP L 459 -21.58 -113.05 -76.84
N LEU L 460 -20.36 -113.51 -76.59
CA LEU L 460 -19.33 -113.54 -77.62
C LEU L 460 -19.12 -114.99 -78.04
N ARG L 461 -19.74 -115.92 -77.32
CA ARG L 461 -19.69 -117.33 -77.69
C ARG L 461 -20.66 -117.60 -78.84
N GLU L 462 -21.66 -116.73 -78.97
CA GLU L 462 -22.62 -116.78 -80.07
C GLU L 462 -22.02 -116.35 -81.42
N LEU L 463 -20.71 -116.52 -81.54
CA LEU L 463 -20.00 -116.24 -82.78
C LEU L 463 -19.32 -117.49 -83.30
N GLY L 464 -19.15 -117.55 -84.62
CA GLY L 464 -18.54 -118.69 -85.27
C GLY L 464 -17.05 -118.82 -84.99
N ASP L 465 -16.63 -118.35 -83.82
CA ASP L 465 -15.24 -118.46 -83.37
C ASP L 465 -14.32 -117.53 -84.13
N GLU L 466 -14.80 -116.32 -84.39
CA GLU L 466 -13.96 -115.31 -85.00
C GLU L 466 -12.88 -114.95 -84.00
N ASP L 467 -11.79 -114.36 -84.49
CA ASP L 467 -10.83 -113.74 -83.61
C ASP L 467 -11.63 -112.72 -82.79
N ILE L 468 -11.51 -112.79 -81.47
CA ILE L 468 -12.23 -111.87 -80.59
C ILE L 468 -11.70 -110.44 -80.69
N ILE L 469 -10.38 -110.33 -80.87
CA ILE L 469 -9.71 -109.04 -81.00
C ILE L 469 -10.54 -107.97 -81.74
N PRO L 470 -11.01 -108.29 -82.97
CA PRO L 470 -11.81 -107.36 -83.79
C PRO L 470 -13.08 -106.83 -83.12
N GLU L 471 -13.82 -107.70 -82.43
CA GLU L 471 -15.02 -107.27 -81.73
C GLU L 471 -14.66 -106.43 -80.51
N LEU L 472 -13.71 -106.91 -79.70
CA LEU L 472 -13.26 -106.18 -78.52
C LEU L 472 -12.85 -104.75 -78.81
N VAL L 473 -12.00 -104.58 -79.83
CA VAL L 473 -11.47 -103.28 -80.20
C VAL L 473 -12.55 -102.27 -80.63
N ARG L 474 -13.58 -102.73 -81.34
CA ARG L 474 -14.69 -101.85 -81.69
C ARG L 474 -15.51 -101.41 -80.46
N MET L 475 -15.71 -102.34 -79.52
CA MET L 475 -16.51 -102.08 -78.31
C MET L 475 -15.90 -100.97 -77.47
N ILE L 476 -14.59 -100.76 -77.67
CA ILE L 476 -13.81 -99.86 -76.84
C ILE L 476 -13.52 -98.52 -77.54
N THR L 477 -13.25 -98.57 -78.83
CA THR L 477 -12.87 -97.36 -79.56
C THR L 477 -13.99 -96.81 -80.44
N TYR L 478 -15.17 -97.43 -80.36
CA TYR L 478 -16.31 -96.95 -81.14
C TYR L 478 -17.67 -97.19 -80.45
N ASP L 479 -17.85 -98.37 -79.87
CA ASP L 479 -19.17 -98.78 -79.40
C ASP L 479 -19.59 -98.20 -78.04
N PRO L 480 -20.69 -97.45 -78.03
CA PRO L 480 -21.31 -96.89 -76.83
C PRO L 480 -21.58 -97.95 -75.77
N VAL L 481 -20.74 -98.02 -74.74
CA VAL L 481 -20.96 -98.92 -73.62
C VAL L 481 -22.33 -98.69 -72.97
N ASN L 482 -23.34 -99.48 -73.37
CA ASN L 482 -24.64 -99.41 -72.72
C ASN L 482 -24.64 -100.26 -71.48
N TRP L 483 -23.66 -99.99 -70.61
CA TRP L 483 -23.32 -100.85 -69.49
C TRP L 483 -24.49 -101.44 -68.72
N GLU L 484 -25.55 -100.67 -68.49
CA GLU L 484 -26.60 -101.18 -67.62
C GLU L 484 -27.29 -102.41 -68.21
N THR L 485 -27.34 -102.50 -69.53
CA THR L 485 -27.95 -103.67 -70.19
C THR L 485 -27.00 -104.87 -70.25
N ALA L 486 -25.75 -104.63 -70.64
CA ALA L 486 -24.73 -105.68 -70.72
C ALA L 486 -24.35 -106.27 -69.37
N THR L 487 -24.92 -105.71 -68.31
CA THR L 487 -24.60 -106.15 -66.95
C THR L 487 -25.87 -106.60 -66.26
N VAL L 488 -26.99 -106.58 -66.96
CA VAL L 488 -28.22 -107.15 -66.41
C VAL L 488 -28.09 -108.67 -66.48
N PHE L 489 -27.26 -109.21 -65.61
CA PHE L 489 -27.03 -110.64 -65.50
C PHE L 489 -28.29 -111.32 -64.99
N PRO L 490 -28.79 -112.32 -65.74
CA PRO L 490 -30.07 -112.96 -65.42
C PRO L 490 -30.02 -113.67 -64.06
N ASP L 491 -30.98 -113.36 -63.21
CA ASP L 491 -31.10 -113.99 -61.90
C ASP L 491 -29.76 -114.10 -61.15
N ALA L 492 -28.97 -113.03 -61.20
CA ALA L 492 -27.73 -112.97 -60.43
C ALA L 492 -28.06 -112.85 -58.95
N THR L 493 -27.12 -113.25 -58.10
CA THR L 493 -27.30 -113.13 -56.65
C THR L 493 -26.03 -112.58 -56.01
N HIS L 494 -24.93 -112.74 -56.72
CA HIS L 494 -23.66 -112.18 -56.30
C HIS L 494 -22.88 -111.71 -57.52
N ILE L 495 -22.28 -110.52 -57.43
CA ILE L 495 -21.43 -110.01 -58.51
C ILE L 495 -20.08 -109.58 -57.95
N VAL L 496 -19.00 -110.00 -58.58
CA VAL L 496 -17.67 -109.79 -58.02
C VAL L 496 -16.79 -108.86 -58.85
N ASP L 497 -16.37 -107.77 -58.20
CA ASP L 497 -15.52 -106.76 -58.82
C ASP L 497 -14.03 -107.06 -58.59
N PHE L 498 -13.33 -107.35 -59.68
CA PHE L 498 -11.88 -107.53 -59.65
C PHE L 498 -11.24 -106.26 -60.20
N GLY L 499 -12.07 -105.42 -60.80
CA GLY L 499 -11.64 -104.20 -61.46
C GLY L 499 -10.83 -103.26 -60.59
N PRO L 500 -10.33 -102.18 -61.19
CA PRO L 500 -9.37 -101.22 -60.61
C PRO L 500 -10.01 -100.29 -59.57
N GLY L 501 -9.22 -99.88 -58.59
CA GLY L 501 -9.64 -98.94 -57.57
C GLY L 501 -10.64 -99.54 -56.59
N GLY L 502 -10.40 -99.32 -55.30
CA GLY L 502 -11.20 -99.91 -54.24
C GLY L 502 -12.68 -99.59 -54.30
N VAL L 503 -13.16 -98.80 -53.36
CA VAL L 503 -14.58 -98.49 -53.31
C VAL L 503 -14.96 -97.59 -54.50
N SER L 504 -14.07 -97.51 -55.48
CA SER L 504 -14.32 -96.71 -56.68
C SER L 504 -14.67 -97.56 -57.89
N GLY L 505 -14.37 -98.85 -57.82
CA GLY L 505 -14.63 -99.78 -58.91
C GLY L 505 -16.09 -99.86 -59.32
N ILE L 506 -16.36 -100.54 -60.42
CA ILE L 506 -17.70 -100.57 -60.98
C ILE L 506 -18.66 -101.32 -60.07
N GLY L 507 -18.11 -101.96 -59.05
CA GLY L 507 -18.89 -102.72 -58.09
C GLY L 507 -19.98 -101.88 -57.47
N VAL L 508 -19.60 -100.73 -56.92
CA VAL L 508 -20.57 -99.81 -56.33
C VAL L 508 -21.45 -99.24 -57.45
N LEU L 509 -20.82 -98.81 -58.54
CA LEU L 509 -21.51 -98.13 -59.63
C LEU L 509 -22.68 -98.96 -60.12
N THR L 510 -22.48 -100.26 -60.14
CA THR L 510 -23.51 -101.16 -60.59
C THR L 510 -24.41 -101.55 -59.43
N ASN L 511 -23.82 -101.78 -58.26
CA ASN L 511 -24.57 -102.13 -57.06
C ASN L 511 -25.78 -101.23 -56.92
N ARG L 512 -25.59 -99.95 -57.24
CA ARG L 512 -26.69 -99.00 -57.24
C ARG L 512 -27.72 -99.32 -58.29
N ASN L 513 -27.25 -99.56 -59.52
CA ASN L 513 -28.12 -99.96 -60.61
C ASN L 513 -29.06 -101.08 -60.15
N LYS L 514 -28.53 -101.95 -59.29
CA LYS L 514 -29.22 -103.18 -58.89
C LYS L 514 -29.36 -103.31 -57.38
N ASP L 515 -29.63 -102.21 -56.69
CA ASP L 515 -29.77 -102.33 -55.24
C ASP L 515 -30.98 -103.16 -54.84
N GLY L 516 -32.16 -102.70 -55.25
CA GLY L 516 -33.40 -103.34 -54.86
C GLY L 516 -33.55 -104.83 -55.15
N THR L 517 -33.05 -105.27 -56.30
CA THR L 517 -33.34 -106.61 -56.82
C THR L 517 -32.85 -107.77 -55.94
N GLY L 518 -31.81 -107.55 -55.16
CA GLY L 518 -31.28 -108.60 -54.32
C GLY L 518 -29.89 -109.04 -54.73
N VAL L 519 -29.34 -108.35 -55.72
CA VAL L 519 -27.97 -108.61 -56.12
C VAL L 519 -27.03 -108.07 -55.05
N ARG L 520 -26.09 -108.90 -54.62
CA ARG L 520 -25.06 -108.48 -53.69
C ARG L 520 -23.76 -108.23 -54.48
N VAL L 521 -22.82 -107.50 -53.88
CA VAL L 521 -21.57 -107.22 -54.56
C VAL L 521 -20.36 -107.47 -53.64
N ILE L 522 -19.26 -107.91 -54.24
CA ILE L 522 -18.01 -108.08 -53.50
C ILE L 522 -16.84 -107.49 -54.29
N LEU L 523 -15.96 -106.83 -53.57
CA LEU L 523 -14.79 -106.25 -54.19
C LEU L 523 -13.57 -107.09 -53.84
N ALA L 524 -13.10 -107.85 -54.82
CA ALA L 524 -11.91 -108.68 -54.63
C ALA L 524 -10.68 -107.77 -54.62
N GLY L 525 -10.86 -106.54 -55.08
CA GLY L 525 -9.78 -105.57 -55.16
C GLY L 525 -9.14 -105.24 -53.83
N ALA L 526 -9.94 -105.11 -52.79
CA ALA L 526 -9.45 -104.75 -51.46
C ALA L 526 -10.21 -105.45 -50.35
N ILE L 527 -9.53 -105.68 -49.23
CA ILE L 527 -10.10 -106.50 -48.16
C ILE L 527 -11.06 -105.76 -47.24
N ASP L 528 -11.03 -104.43 -47.29
CA ASP L 528 -11.88 -103.62 -46.43
C ASP L 528 -11.98 -102.21 -47.00
N GLY L 529 -12.97 -101.44 -46.53
CA GLY L 529 -13.13 -100.09 -47.05
C GLY L 529 -14.17 -99.24 -46.37
N THR L 530 -14.64 -98.24 -47.11
CA THR L 530 -15.48 -97.19 -46.55
C THR L 530 -16.97 -97.43 -46.84
N ASN L 531 -17.27 -98.34 -47.76
CA ASN L 531 -18.65 -98.63 -48.13
C ASN L 531 -19.28 -99.66 -47.20
N THR L 532 -20.56 -99.47 -46.91
CA THR L 532 -21.33 -100.41 -46.10
C THR L 532 -22.08 -101.39 -46.98
N GLU L 533 -22.50 -100.91 -48.15
CA GLU L 533 -23.37 -101.66 -49.07
C GLU L 533 -22.65 -102.68 -49.97
N VAL L 534 -21.37 -102.89 -49.69
CA VAL L 534 -20.55 -103.77 -50.51
C VAL L 534 -19.59 -104.58 -49.63
N GLY L 535 -19.65 -105.90 -49.76
CA GLY L 535 -18.73 -106.78 -49.08
C GLY L 535 -17.39 -106.82 -49.78
N TYR L 536 -16.34 -107.24 -49.07
CA TYR L 536 -15.00 -107.18 -49.64
C TYR L 536 -14.35 -108.53 -49.88
N LYS L 537 -13.04 -108.52 -50.02
CA LYS L 537 -12.24 -109.71 -50.32
C LYS L 537 -12.54 -110.95 -49.45
N PRO L 538 -12.64 -110.80 -48.12
CA PRO L 538 -12.80 -111.96 -47.24
C PRO L 538 -14.09 -112.75 -47.45
N GLU L 539 -15.04 -112.23 -48.23
CA GLU L 539 -16.32 -112.91 -48.43
C GLU L 539 -16.28 -113.89 -49.61
N LEU L 540 -15.17 -113.92 -50.32
CA LEU L 540 -14.97 -114.89 -51.38
C LEU L 540 -14.22 -116.10 -50.84
N PHE L 541 -13.64 -115.95 -49.64
CA PHE L 541 -12.76 -116.97 -49.06
C PHE L 541 -13.24 -117.47 -47.71
N ASP L 542 -14.35 -116.93 -47.24
CA ASP L 542 -14.83 -117.26 -45.90
C ASP L 542 -15.24 -118.72 -45.80
N ARG L 543 -14.59 -119.43 -44.90
CA ARG L 543 -14.84 -120.85 -44.77
C ARG L 543 -16.16 -121.12 -44.05
N ASP L 544 -16.31 -120.54 -42.87
CA ASP L 544 -17.37 -120.92 -41.95
C ASP L 544 -18.83 -120.77 -42.45
N ASP L 545 -19.75 -121.21 -41.59
CA ASP L 545 -21.17 -121.29 -41.92
C ASP L 545 -21.83 -119.92 -41.82
N ASN L 546 -22.87 -119.71 -42.62
CA ASN L 546 -23.53 -118.41 -42.71
C ASN L 546 -22.52 -117.32 -43.00
N ALA L 547 -21.56 -117.63 -43.86
CA ALA L 547 -20.53 -116.68 -44.24
C ALA L 547 -21.02 -115.84 -45.40
N VAL L 548 -21.97 -116.38 -46.14
CA VAL L 548 -22.52 -115.68 -47.29
C VAL L 548 -23.82 -114.98 -46.92
N GLN L 549 -23.89 -113.70 -47.30
CA GLN L 549 -25.08 -112.88 -47.10
C GLN L 549 -25.68 -112.55 -48.45
N PHE L 550 -27.00 -112.38 -48.47
CA PHE L 550 -27.72 -112.10 -49.70
C PHE L 550 -28.35 -110.72 -49.63
N ALA L 551 -28.05 -109.90 -50.63
CA ALA L 551 -28.68 -108.58 -50.72
C ALA L 551 -30.20 -108.75 -50.82
N VAL L 552 -30.95 -108.03 -50.00
CA VAL L 552 -32.39 -108.23 -49.95
C VAL L 552 -33.12 -107.71 -51.20
N ASP L 553 -34.33 -108.24 -51.39
CA ASP L 553 -35.25 -107.69 -52.38
C ASP L 553 -36.38 -107.05 -51.61
N TRP L 554 -36.69 -105.79 -51.93
CA TRP L 554 -37.76 -105.05 -51.24
C TRP L 554 -39.11 -105.71 -51.47
N VAL L 555 -39.30 -106.26 -52.67
CA VAL L 555 -40.53 -106.98 -52.97
C VAL L 555 -40.62 -108.15 -52.00
N LYS L 556 -39.49 -108.82 -51.80
CA LYS L 556 -39.40 -109.95 -50.89
C LYS L 556 -39.54 -109.50 -49.46
N GLU L 557 -38.50 -108.81 -49.01
CA GLU L 557 -38.39 -108.38 -47.64
C GLU L 557 -39.63 -107.64 -47.16
N HIS L 558 -40.11 -106.69 -47.97
CA HIS L 558 -41.19 -105.81 -47.57
C HIS L 558 -42.45 -105.99 -48.40
N GLY L 559 -42.67 -107.19 -48.92
CA GLY L 559 -43.79 -107.45 -49.80
C GLY L 559 -45.10 -107.64 -49.07
N PRO L 560 -46.19 -107.11 -49.64
CA PRO L 560 -47.51 -107.28 -49.02
C PRO L 560 -47.84 -108.75 -48.95
N ARG L 561 -48.68 -109.15 -48.01
CA ARG L 561 -49.10 -110.54 -47.91
C ARG L 561 -50.53 -110.64 -47.41
N LEU L 562 -50.96 -111.87 -47.12
CA LEU L 562 -52.25 -112.10 -46.48
C LEU L 562 -52.05 -113.13 -45.37
N VAL L 563 -52.90 -113.06 -44.35
CA VAL L 563 -52.89 -114.02 -43.26
C VAL L 563 -54.29 -114.10 -42.65
N LYS L 564 -54.61 -115.24 -42.04
CA LYS L 564 -55.90 -115.40 -41.36
C LYS L 564 -55.72 -115.84 -39.91
N THR L 565 -56.70 -115.50 -39.07
CA THR L 565 -56.62 -115.79 -37.64
C THR L 565 -57.27 -117.12 -37.32
N SER L 566 -57.09 -117.55 -36.07
CA SER L 566 -57.78 -118.68 -35.51
C SER L 566 -59.28 -118.46 -35.58
N VAL L 567 -59.70 -117.19 -35.51
CA VAL L 567 -61.10 -116.88 -35.70
C VAL L 567 -61.33 -116.33 -37.10
N GLY L 568 -60.40 -116.66 -37.99
CA GLY L 568 -60.58 -116.48 -39.41
C GLY L 568 -60.92 -115.09 -39.90
N GLN L 569 -60.16 -114.11 -39.42
CA GLN L 569 -60.16 -112.79 -40.04
C GLN L 569 -59.10 -112.87 -41.12
N THR L 570 -59.06 -111.87 -41.98
CA THR L 570 -57.99 -111.81 -42.98
C THR L 570 -57.34 -110.42 -43.01
N PHE L 571 -56.06 -110.39 -42.67
CA PHE L 571 -55.31 -109.15 -42.66
C PHE L 571 -54.30 -109.15 -43.80
N VAL L 572 -54.11 -107.99 -44.43
CA VAL L 572 -52.96 -107.80 -45.30
C VAL L 572 -51.75 -107.80 -44.38
N ASP L 573 -50.69 -108.52 -44.75
CA ASP L 573 -49.57 -108.69 -43.83
C ASP L 573 -48.43 -107.73 -44.14
N THR L 574 -48.41 -106.59 -43.45
CA THR L 574 -47.39 -105.56 -43.59
C THR L 574 -46.74 -105.22 -42.25
N LYS L 575 -45.62 -104.50 -42.30
CA LYS L 575 -44.94 -104.10 -41.09
C LYS L 575 -45.89 -103.25 -40.27
N MET L 576 -46.67 -102.45 -40.98
CA MET L 576 -47.59 -101.50 -40.36
C MET L 576 -48.71 -102.20 -39.61
N SER L 577 -49.43 -103.06 -40.32
CA SER L 577 -50.60 -103.74 -39.80
C SER L 577 -50.22 -104.69 -38.67
N ARG L 578 -49.04 -105.28 -38.79
CA ARG L 578 -48.57 -106.19 -37.78
C ARG L 578 -48.19 -105.41 -36.53
N LEU L 579 -47.47 -104.32 -36.74
CA LEU L 579 -47.11 -103.43 -35.64
C LEU L 579 -48.38 -103.03 -34.89
N LEU L 580 -49.28 -102.39 -35.64
CA LEU L 580 -50.48 -101.82 -35.06
C LEU L 580 -51.45 -102.90 -34.58
N GLY L 581 -51.62 -103.94 -35.37
CA GLY L 581 -52.56 -105.00 -35.04
C GLY L 581 -53.88 -104.74 -35.72
N VAL L 582 -53.80 -104.26 -36.95
CA VAL L 582 -55.00 -103.85 -37.69
C VAL L 582 -54.67 -103.52 -39.16
N PRO L 583 -55.71 -103.34 -39.99
CA PRO L 583 -55.48 -103.10 -41.42
C PRO L 583 -54.58 -101.93 -41.71
N PRO L 584 -53.60 -102.13 -42.58
CA PRO L 584 -52.65 -101.14 -43.11
C PRO L 584 -53.32 -99.95 -43.83
N VAL L 585 -54.64 -99.83 -43.70
CA VAL L 585 -55.33 -98.63 -44.10
C VAL L 585 -55.66 -97.85 -42.86
N MET L 586 -55.25 -96.58 -42.84
CA MET L 586 -55.36 -95.74 -41.65
C MET L 586 -55.84 -94.30 -41.92
N VAL L 587 -56.80 -93.85 -41.10
CA VAL L 587 -57.29 -92.48 -41.14
C VAL L 587 -56.37 -91.57 -40.35
N ALA L 588 -55.68 -90.67 -41.04
CA ALA L 588 -54.68 -89.80 -40.43
C ALA L 588 -55.31 -88.70 -39.58
N GLY L 589 -54.50 -88.13 -38.71
CA GLY L 589 -54.95 -87.04 -37.86
C GLY L 589 -55.25 -85.81 -38.69
N MET L 590 -56.43 -85.23 -38.49
CA MET L 590 -56.84 -84.03 -39.22
C MET L 590 -57.59 -83.12 -38.29
N THR L 591 -56.97 -82.01 -37.89
CA THR L 591 -57.54 -81.12 -36.90
C THR L 591 -59.07 -81.00 -36.95
N PRO L 592 -59.61 -80.21 -37.90
CA PRO L 592 -61.06 -79.99 -37.83
C PRO L 592 -61.87 -81.27 -37.69
N THR L 593 -61.68 -82.22 -38.59
CA THR L 593 -62.56 -83.39 -38.70
C THR L 593 -62.20 -84.55 -37.78
N THR L 594 -60.92 -84.67 -37.46
CA THR L 594 -60.39 -85.81 -36.70
C THR L 594 -60.23 -85.50 -35.22
N VAL L 595 -60.84 -84.40 -34.81
CA VAL L 595 -60.75 -83.97 -33.42
C VAL L 595 -61.83 -84.60 -32.54
N PRO L 596 -63.08 -84.63 -33.04
CA PRO L 596 -64.19 -85.03 -32.17
C PRO L 596 -64.01 -86.46 -31.68
N TRP L 597 -64.23 -86.69 -30.40
CA TRP L 597 -63.95 -88.00 -29.81
C TRP L 597 -64.85 -89.09 -30.39
N ASP L 598 -65.96 -88.69 -31.01
CA ASP L 598 -66.87 -89.64 -31.63
C ASP L 598 -66.15 -90.30 -32.76
N PHE L 599 -66.04 -89.57 -33.87
CA PHE L 599 -65.45 -90.07 -35.10
C PHE L 599 -64.18 -90.92 -34.89
N VAL L 600 -63.37 -90.55 -33.91
CA VAL L 600 -62.17 -91.33 -33.60
C VAL L 600 -62.51 -92.70 -32.97
N ALA L 601 -63.36 -92.67 -31.94
CA ALA L 601 -63.82 -93.89 -31.31
C ALA L 601 -64.57 -94.78 -32.29
N ALA L 602 -65.40 -94.18 -33.13
CA ALA L 602 -66.11 -94.91 -34.17
C ALA L 602 -65.16 -95.59 -35.15
N THR L 603 -64.16 -94.85 -35.65
CA THR L 603 -63.20 -95.40 -36.59
C THR L 603 -62.30 -96.46 -35.93
N MET L 604 -62.25 -96.44 -34.61
CA MET L 604 -61.49 -97.44 -33.88
C MET L 604 -62.33 -98.70 -33.65
N ASN L 605 -63.62 -98.49 -33.36
CA ASN L 605 -64.56 -99.61 -33.21
C ASN L 605 -64.68 -100.34 -34.53
N ALA L 606 -64.41 -99.65 -35.62
CA ALA L 606 -64.41 -100.24 -36.94
C ALA L 606 -63.11 -100.99 -37.16
N GLY L 607 -62.30 -101.08 -36.11
CA GLY L 607 -61.04 -101.80 -36.17
C GLY L 607 -60.05 -101.20 -37.15
N TYR L 608 -59.84 -99.89 -37.03
CA TYR L 608 -58.89 -99.20 -37.89
C TYR L 608 -58.06 -98.17 -37.13
N HIS L 609 -56.86 -97.91 -37.66
CA HIS L 609 -55.95 -96.96 -37.04
C HIS L 609 -56.27 -95.52 -37.37
N ILE L 610 -56.68 -94.76 -36.37
CA ILE L 610 -56.96 -93.35 -36.57
C ILE L 610 -56.15 -92.56 -35.53
N GLU L 611 -55.87 -91.28 -35.82
CA GLU L 611 -55.09 -90.42 -34.93
C GLU L 611 -55.95 -89.30 -34.34
N LEU L 612 -56.05 -89.24 -33.01
CA LEU L 612 -56.81 -88.18 -32.38
C LEU L 612 -56.15 -86.83 -32.59
N ALA L 613 -56.84 -85.94 -33.33
CA ALA L 613 -56.29 -84.63 -33.66
C ALA L 613 -56.17 -83.71 -32.43
N GLY L 614 -54.93 -83.44 -32.00
CA GLY L 614 -54.68 -82.65 -30.81
C GLY L 614 -54.82 -81.16 -31.11
N GLY L 615 -54.83 -80.84 -32.40
CA GLY L 615 -54.81 -79.46 -32.85
C GLY L 615 -56.09 -78.69 -32.60
N GLY L 616 -57.12 -79.37 -32.11
CA GLY L 616 -58.35 -78.70 -31.79
C GLY L 616 -58.57 -78.76 -30.30
N TYR L 617 -57.48 -79.00 -29.58
CA TYR L 617 -57.53 -79.09 -28.12
C TYR L 617 -56.75 -77.96 -27.42
N TYR L 618 -57.49 -77.00 -26.88
CA TYR L 618 -56.92 -75.80 -26.29
C TYR L 618 -56.77 -75.97 -24.80
N ASN L 619 -57.89 -76.18 -24.13
CA ASN L 619 -57.88 -76.49 -22.70
C ASN L 619 -57.27 -77.88 -22.47
N ALA L 620 -56.27 -77.95 -21.59
CA ALA L 620 -55.66 -79.22 -21.23
C ALA L 620 -56.67 -80.20 -20.65
N GLN L 621 -57.77 -79.67 -20.14
CA GLN L 621 -58.84 -80.46 -19.54
C GLN L 621 -59.76 -81.07 -20.59
N LYS L 622 -60.30 -80.24 -21.48
CA LYS L 622 -61.17 -80.74 -22.57
C LYS L 622 -60.49 -81.83 -23.40
N MET L 623 -59.16 -81.89 -23.34
CA MET L 623 -58.44 -82.93 -24.06
C MET L 623 -58.32 -84.20 -23.25
N SER L 624 -57.82 -84.09 -22.02
CA SER L 624 -57.76 -85.23 -21.13
C SER L 624 -59.16 -85.74 -20.81
N ASP L 625 -60.17 -84.97 -21.18
CA ASP L 625 -61.58 -85.37 -21.03
C ASP L 625 -62.03 -86.25 -22.19
N ALA L 626 -61.92 -85.74 -23.41
CA ALA L 626 -62.35 -86.49 -24.59
C ALA L 626 -61.46 -87.72 -24.82
N ILE L 627 -60.24 -87.66 -24.32
CA ILE L 627 -59.37 -88.84 -24.32
C ILE L 627 -59.97 -89.95 -23.48
N SER L 628 -60.51 -89.61 -22.31
CA SER L 628 -61.12 -90.58 -21.39
C SER L 628 -62.42 -91.15 -21.93
N LYS L 629 -63.16 -90.35 -22.68
CA LYS L 629 -64.36 -90.84 -23.35
C LYS L 629 -64.01 -91.93 -24.36
N ILE L 630 -62.91 -91.71 -25.08
CA ILE L 630 -62.46 -92.62 -26.12
C ILE L 630 -61.96 -93.95 -25.56
N GLU L 631 -61.27 -93.89 -24.43
CA GLU L 631 -60.74 -95.11 -23.80
C GLU L 631 -61.86 -96.06 -23.41
N LYS L 632 -63.00 -95.51 -23.02
CA LYS L 632 -64.08 -96.30 -22.45
C LYS L 632 -65.12 -96.77 -23.45
N ALA L 633 -65.25 -96.10 -24.58
CA ALA L 633 -66.16 -96.58 -25.61
C ALA L 633 -65.39 -97.32 -26.71
N ILE L 634 -64.28 -97.95 -26.33
CA ILE L 634 -63.35 -98.55 -27.28
C ILE L 634 -63.18 -100.05 -27.07
N PRO L 635 -62.84 -100.78 -28.14
CA PRO L 635 -62.42 -102.19 -28.11
C PRO L 635 -61.26 -102.41 -27.13
N PRO L 636 -61.55 -102.90 -25.92
CA PRO L 636 -60.54 -103.05 -24.87
C PRO L 636 -59.23 -103.64 -25.39
N GLY L 637 -58.14 -102.96 -25.08
CA GLY L 637 -56.82 -103.39 -25.51
C GLY L 637 -56.35 -102.59 -26.70
N ARG L 638 -57.31 -101.92 -27.34
CA ARG L 638 -57.01 -101.09 -28.49
C ARG L 638 -56.16 -99.92 -28.01
N GLY L 639 -55.27 -99.43 -28.87
CA GLY L 639 -54.36 -98.34 -28.52
C GLY L 639 -54.67 -96.99 -29.15
N ILE L 640 -54.49 -95.91 -28.40
CA ILE L 640 -54.79 -94.57 -28.89
C ILE L 640 -53.53 -93.82 -29.33
N THR L 641 -53.69 -93.06 -30.40
CA THR L 641 -52.62 -92.25 -30.98
C THR L 641 -53.07 -90.79 -31.06
N VAL L 642 -52.25 -89.89 -30.52
CA VAL L 642 -52.57 -88.47 -30.58
C VAL L 642 -51.63 -87.75 -31.56
N ASN L 643 -52.21 -86.88 -32.38
CA ASN L 643 -51.44 -86.07 -33.34
C ASN L 643 -51.23 -84.64 -32.82
N LEU L 644 -49.96 -84.30 -32.58
CA LEU L 644 -49.60 -83.00 -32.04
C LEU L 644 -48.85 -82.16 -33.06
N ILE L 645 -49.23 -80.88 -33.12
CA ILE L 645 -48.63 -79.93 -34.03
C ILE L 645 -47.32 -79.37 -33.48
N TYR L 646 -46.29 -79.31 -34.31
CA TYR L 646 -44.97 -78.87 -33.84
C TYR L 646 -44.82 -77.35 -33.85
N VAL L 647 -45.28 -76.69 -34.91
CA VAL L 647 -45.25 -75.24 -34.99
C VAL L 647 -46.33 -74.62 -34.08
N ASN L 648 -46.55 -75.26 -32.94
CA ASN L 648 -47.38 -74.71 -31.88
C ASN L 648 -46.85 -75.24 -30.57
N PRO L 649 -45.61 -74.86 -30.24
CA PRO L 649 -44.90 -75.39 -29.09
C PRO L 649 -45.58 -74.92 -27.83
N ARG L 650 -46.33 -73.84 -27.95
CA ARG L 650 -47.11 -73.30 -26.85
C ARG L 650 -48.08 -74.39 -26.40
N ALA L 651 -48.80 -74.95 -27.37
CA ALA L 651 -49.78 -75.99 -27.13
C ALA L 651 -49.17 -77.30 -26.61
N MET L 652 -48.22 -77.87 -27.34
CA MET L 652 -47.60 -79.10 -26.88
C MET L 652 -46.73 -78.87 -25.65
N GLY L 653 -46.70 -77.65 -25.15
CA GLY L 653 -46.04 -77.34 -23.90
C GLY L 653 -46.68 -78.12 -22.76
N TRP L 654 -48.00 -78.29 -22.85
CA TRP L 654 -48.73 -79.07 -21.86
C TRP L 654 -49.15 -80.42 -22.41
N GLN L 655 -49.44 -80.46 -23.70
CA GLN L 655 -49.94 -81.69 -24.35
C GLN L 655 -49.04 -82.89 -24.13
N ILE L 656 -47.74 -82.75 -24.45
CA ILE L 656 -46.80 -83.87 -24.36
C ILE L 656 -46.62 -84.42 -22.94
N PRO L 657 -46.45 -83.55 -21.94
CA PRO L 657 -46.41 -84.03 -20.55
C PRO L 657 -47.77 -84.52 -20.08
N LEU L 658 -48.83 -84.05 -20.71
CA LEU L 658 -50.20 -84.48 -20.39
C LEU L 658 -50.38 -85.94 -20.79
N LEU L 659 -50.10 -86.24 -22.06
CA LEU L 659 -50.19 -87.60 -22.55
C LEU L 659 -49.40 -88.53 -21.62
N GLY L 660 -48.10 -88.28 -21.52
CA GLY L 660 -47.23 -89.08 -20.68
C GLY L 660 -47.80 -89.39 -19.30
N ARG L 661 -48.43 -88.39 -18.68
CA ARG L 661 -48.98 -88.54 -17.34
C ARG L 661 -50.22 -89.42 -17.35
N LEU L 662 -50.97 -89.36 -18.46
CA LEU L 662 -52.14 -90.18 -18.65
C LEU L 662 -51.76 -91.66 -18.80
N ARG L 663 -50.81 -91.93 -19.70
CA ARG L 663 -50.33 -93.30 -19.92
C ARG L 663 -49.99 -93.97 -18.61
N ALA L 664 -49.25 -93.25 -17.77
CA ALA L 664 -48.82 -93.77 -16.49
C ALA L 664 -49.96 -94.15 -15.55
N ASP L 665 -51.11 -93.49 -15.69
CA ASP L 665 -52.26 -93.76 -14.81
C ASP L 665 -53.11 -94.92 -15.32
N GLY L 666 -52.75 -95.46 -16.48
CA GLY L 666 -53.43 -96.61 -17.04
C GLY L 666 -53.98 -96.35 -18.43
N VAL L 667 -54.31 -95.10 -18.71
CA VAL L 667 -54.90 -94.73 -19.99
C VAL L 667 -54.18 -95.30 -21.21
N PRO L 668 -54.96 -95.77 -22.19
CA PRO L 668 -54.57 -96.52 -23.38
C PRO L 668 -53.91 -95.67 -24.47
N ILE L 669 -52.85 -94.94 -24.14
CA ILE L 669 -52.14 -94.23 -25.18
C ILE L 669 -50.83 -94.92 -25.45
N GLU L 670 -50.69 -95.48 -26.65
CA GLU L 670 -49.42 -96.10 -27.03
C GLU L 670 -48.90 -95.50 -28.33
N GLY L 671 -49.58 -94.46 -28.78
CA GLY L 671 -49.24 -93.84 -30.05
C GLY L 671 -49.09 -92.34 -29.99
N LEU L 672 -48.02 -91.83 -30.59
CA LEU L 672 -47.76 -90.40 -30.65
C LEU L 672 -47.39 -90.01 -32.08
N THR L 673 -47.92 -88.88 -32.52
CA THR L 673 -47.63 -88.35 -33.86
C THR L 673 -47.39 -86.84 -33.85
N ILE L 674 -46.32 -86.42 -34.51
CA ILE L 674 -45.89 -85.03 -34.51
C ILE L 674 -45.94 -84.45 -35.91
N GLY L 675 -46.76 -83.42 -36.09
CA GLY L 675 -47.03 -82.91 -37.42
C GLY L 675 -46.46 -81.54 -37.79
N ALA L 676 -46.25 -81.37 -39.10
CA ALA L 676 -45.66 -80.16 -39.68
C ALA L 676 -44.41 -79.74 -38.94
N GLY L 677 -43.49 -80.69 -38.78
CA GLY L 677 -42.24 -80.45 -38.07
C GLY L 677 -41.59 -81.71 -37.55
N VAL L 678 -40.30 -81.86 -37.84
CA VAL L 678 -39.54 -82.98 -37.34
C VAL L 678 -38.62 -82.55 -36.21
N PRO L 679 -38.85 -83.07 -34.99
CA PRO L 679 -38.04 -82.70 -33.82
C PRO L 679 -36.57 -82.96 -34.05
N SER L 680 -35.70 -82.38 -33.24
CA SER L 680 -34.30 -82.70 -33.35
C SER L 680 -34.07 -84.02 -32.67
N ILE L 681 -32.95 -84.66 -32.97
CA ILE L 681 -32.65 -85.98 -32.43
C ILE L 681 -32.99 -86.17 -30.94
N GLU L 682 -32.53 -85.26 -30.09
CA GLU L 682 -32.78 -85.38 -28.66
C GLU L 682 -34.17 -84.92 -28.29
N VAL L 683 -34.75 -84.05 -29.12
CA VAL L 683 -36.12 -83.64 -28.92
C VAL L 683 -36.99 -84.88 -29.01
N ALA L 684 -36.67 -85.73 -29.99
CA ALA L 684 -37.40 -86.98 -30.22
C ALA L 684 -37.10 -87.96 -29.11
N ASN L 685 -35.82 -88.33 -28.97
CA ASN L 685 -35.33 -89.20 -27.90
C ASN L 685 -36.11 -89.05 -26.60
N GLU L 686 -36.32 -87.81 -26.20
CA GLU L 686 -37.06 -87.51 -24.97
C GLU L 686 -38.48 -88.07 -25.02
N TYR L 687 -39.27 -87.64 -25.99
CA TYR L 687 -40.63 -88.15 -26.18
C TYR L 687 -40.68 -89.67 -26.04
N ILE L 688 -39.74 -90.32 -26.71
CA ILE L 688 -39.65 -91.78 -26.78
C ILE L 688 -39.53 -92.46 -25.42
N GLN L 689 -38.68 -91.91 -24.55
CA GLN L 689 -38.37 -92.56 -23.28
C GLN L 689 -39.02 -91.86 -22.08
N THR L 690 -39.78 -90.80 -22.36
CA THR L 690 -40.49 -90.08 -21.32
C THR L 690 -41.89 -90.66 -21.17
N LEU L 691 -42.72 -90.41 -22.17
CA LEU L 691 -44.09 -90.91 -22.19
C LEU L 691 -44.09 -92.37 -22.67
N GLY L 692 -44.89 -93.20 -22.02
CA GLY L 692 -44.83 -94.63 -22.29
C GLY L 692 -45.44 -95.12 -23.60
N ILE L 693 -45.24 -94.37 -24.68
CA ILE L 693 -45.79 -94.79 -25.96
C ILE L 693 -45.04 -95.98 -26.50
N ARG L 694 -45.75 -96.85 -27.22
CA ARG L 694 -45.14 -98.03 -27.82
C ARG L 694 -44.72 -97.80 -29.27
N HIS L 695 -45.26 -96.74 -29.88
CA HIS L 695 -44.76 -96.30 -31.20
C HIS L 695 -44.82 -94.77 -31.39
N ILE L 696 -43.92 -94.26 -32.22
CA ILE L 696 -43.86 -92.83 -32.52
C ILE L 696 -44.06 -92.61 -34.02
N SER L 697 -44.42 -91.39 -34.40
CA SER L 697 -44.74 -91.13 -35.80
C SER L 697 -44.39 -89.69 -36.23
N PHE L 698 -43.65 -89.57 -37.33
CA PHE L 698 -43.27 -88.27 -37.88
C PHE L 698 -43.84 -88.06 -39.28
N LYS L 699 -43.94 -86.80 -39.73
CA LYS L 699 -44.55 -86.52 -41.02
C LYS L 699 -43.69 -85.72 -41.99
N PRO L 700 -42.47 -86.19 -42.29
CA PRO L 700 -41.55 -85.46 -43.16
C PRO L 700 -42.20 -85.00 -44.45
N GLY L 701 -41.75 -83.88 -44.99
CA GLY L 701 -42.29 -83.35 -46.23
C GLY L 701 -41.19 -82.93 -47.18
N SER L 702 -39.98 -82.82 -46.64
CA SER L 702 -38.82 -82.42 -47.42
C SER L 702 -37.87 -83.59 -47.65
N VAL L 703 -37.20 -83.57 -48.80
CA VAL L 703 -36.19 -84.56 -49.12
C VAL L 703 -35.25 -84.69 -47.92
N ASP L 704 -34.94 -83.54 -47.34
CA ASP L 704 -34.03 -83.45 -46.21
C ASP L 704 -34.73 -83.89 -44.95
N ALA L 705 -36.01 -83.53 -44.85
CA ALA L 705 -36.83 -83.87 -43.70
C ALA L 705 -36.74 -85.36 -43.42
N ILE L 706 -36.81 -86.14 -44.49
CA ILE L 706 -36.76 -87.61 -44.40
C ILE L 706 -35.48 -88.11 -43.74
N GLN L 707 -34.34 -87.57 -44.19
CA GLN L 707 -33.06 -87.92 -43.63
C GLN L 707 -33.03 -87.74 -42.12
N GLN L 708 -33.71 -86.69 -41.65
CA GLN L 708 -33.86 -86.46 -40.22
C GLN L 708 -34.43 -87.71 -39.57
N VAL L 709 -35.63 -88.09 -40.00
CA VAL L 709 -36.35 -89.21 -39.44
C VAL L 709 -35.50 -90.47 -39.37
N ILE L 710 -34.80 -90.75 -40.48
CA ILE L 710 -33.91 -91.90 -40.55
C ILE L 710 -32.94 -91.87 -39.38
N ASN L 711 -32.42 -90.69 -39.11
CA ASN L 711 -31.44 -90.55 -38.03
C ASN L 711 -32.10 -90.68 -36.67
N ILE L 712 -33.35 -90.25 -36.57
CA ILE L 712 -34.09 -90.44 -35.34
C ILE L 712 -34.23 -91.93 -35.16
N ALA L 713 -34.42 -92.62 -36.27
CA ALA L 713 -34.59 -94.06 -36.27
C ALA L 713 -33.29 -94.76 -35.89
N LYS L 714 -32.19 -94.31 -36.51
CA LYS L 714 -30.89 -94.90 -36.24
C LYS L 714 -30.54 -94.68 -34.78
N ALA L 715 -31.06 -93.60 -34.21
CA ALA L 715 -30.83 -93.26 -32.82
C ALA L 715 -31.57 -94.22 -31.88
N ASN L 716 -32.70 -94.72 -32.33
CA ASN L 716 -33.43 -95.73 -31.58
C ASN L 716 -33.59 -96.98 -32.40
N PRO L 717 -32.54 -97.82 -32.42
CA PRO L 717 -32.53 -99.02 -33.27
C PRO L 717 -33.49 -100.09 -32.76
N THR L 718 -34.27 -99.78 -31.73
CA THR L 718 -35.16 -100.76 -31.12
C THR L 718 -36.58 -100.22 -30.94
N PHE L 719 -36.95 -99.23 -31.75
CA PHE L 719 -38.24 -98.59 -31.55
C PHE L 719 -39.04 -98.38 -32.83
N PRO L 720 -40.35 -98.66 -32.75
CA PRO L 720 -41.37 -98.41 -33.77
C PRO L 720 -41.46 -96.95 -34.21
N ILE L 721 -41.11 -96.67 -35.47
CA ILE L 721 -41.17 -95.30 -36.00
C ILE L 721 -41.91 -95.22 -37.32
N ILE L 722 -43.18 -94.83 -37.26
CA ILE L 722 -43.99 -94.74 -38.46
C ILE L 722 -43.61 -93.49 -39.22
N LEU L 723 -43.31 -93.63 -40.51
CA LEU L 723 -42.83 -92.51 -41.33
C LEU L 723 -43.86 -91.98 -42.34
N GLN L 724 -45.05 -91.61 -41.85
CA GLN L 724 -46.12 -91.14 -42.72
C GLN L 724 -45.65 -90.12 -43.74
N TRP L 725 -45.39 -90.57 -44.97
CA TRP L 725 -44.85 -89.70 -46.00
C TRP L 725 -45.92 -88.99 -46.84
N THR L 726 -46.05 -87.69 -46.65
CA THR L 726 -47.04 -86.91 -47.39
C THR L 726 -46.40 -86.15 -48.55
N GLY L 727 -47.22 -85.65 -49.46
CA GLY L 727 -46.71 -84.90 -50.59
C GLY L 727 -47.24 -83.49 -50.70
N GLY L 728 -47.00 -82.88 -51.86
CA GLY L 728 -47.40 -81.51 -52.10
C GLY L 728 -48.88 -81.37 -52.37
N ARG L 729 -49.63 -82.43 -52.14
CA ARG L 729 -51.06 -82.39 -52.44
C ARG L 729 -51.97 -82.87 -51.31
N GLY L 730 -51.54 -82.65 -50.08
CA GLY L 730 -52.34 -82.99 -48.92
C GLY L 730 -53.30 -81.88 -48.53
N GLY L 731 -54.16 -82.13 -47.56
CA GLY L 731 -55.09 -81.13 -47.06
C GLY L 731 -54.42 -80.23 -46.05
N GLY L 732 -54.60 -78.91 -46.20
CA GLY L 732 -53.96 -77.95 -45.32
C GLY L 732 -52.49 -77.75 -45.63
N HIS L 733 -51.63 -78.06 -44.65
CA HIS L 733 -50.19 -77.93 -44.83
C HIS L 733 -49.74 -78.71 -46.07
N HIS L 734 -48.73 -78.24 -46.79
CA HIS L 734 -48.19 -79.03 -47.90
C HIS L 734 -46.86 -78.53 -48.42
N SER L 735 -45.85 -79.39 -48.35
CA SER L 735 -44.56 -79.10 -48.95
C SER L 735 -44.73 -78.70 -50.41
N PHE L 736 -43.64 -78.34 -51.05
CA PHE L 736 -43.72 -78.04 -52.46
C PHE L 736 -43.12 -79.22 -53.19
N GLU L 737 -43.40 -80.42 -52.66
CA GLU L 737 -42.75 -81.64 -53.11
C GLU L 737 -43.68 -82.62 -53.81
N ASP L 738 -43.28 -83.08 -55.00
CA ASP L 738 -43.94 -84.20 -55.64
C ASP L 738 -43.59 -85.42 -54.83
N PHE L 739 -44.59 -86.19 -54.42
CA PHE L 739 -44.36 -87.22 -53.40
C PHE L 739 -43.75 -88.53 -53.94
N HIS L 740 -43.30 -88.48 -55.18
CA HIS L 740 -42.61 -89.60 -55.79
C HIS L 740 -41.11 -89.46 -55.62
N GLN L 741 -40.53 -88.45 -56.28
CA GLN L 741 -39.07 -88.29 -56.37
C GLN L 741 -38.30 -88.37 -55.04
N PRO L 742 -38.85 -87.82 -53.97
CA PRO L 742 -38.22 -87.90 -52.65
C PRO L 742 -38.08 -89.33 -52.20
N ILE L 743 -39.16 -90.10 -52.30
CA ILE L 743 -39.12 -91.50 -51.91
C ILE L 743 -38.21 -92.27 -52.85
N LEU L 744 -38.38 -92.06 -54.15
CA LEU L 744 -37.51 -92.69 -55.14
C LEU L 744 -36.02 -92.50 -54.82
N LEU L 745 -35.69 -91.34 -54.25
CA LEU L 745 -34.30 -91.01 -53.97
C LEU L 745 -33.91 -91.40 -52.56
N MET L 746 -34.88 -91.79 -51.76
CA MET L 746 -34.64 -92.05 -50.36
C MET L 746 -34.96 -93.48 -49.97
N TYR L 747 -35.97 -94.04 -50.62
CA TYR L 747 -36.48 -95.36 -50.27
C TYR L 747 -35.38 -96.29 -49.79
N SER L 748 -34.33 -96.40 -50.58
CA SER L 748 -33.20 -97.25 -50.25
C SER L 748 -32.74 -97.01 -48.81
N ARG L 749 -32.30 -95.78 -48.56
CA ARG L 749 -31.82 -95.39 -47.23
C ARG L 749 -32.89 -95.64 -46.17
N ILE L 750 -34.12 -95.25 -46.48
CA ILE L 750 -35.22 -95.40 -45.55
C ILE L 750 -35.26 -96.84 -45.07
N ARG L 751 -35.47 -97.75 -46.01
CA ARG L 751 -35.67 -99.17 -45.74
C ARG L 751 -34.53 -99.78 -44.95
N LYS L 752 -33.33 -99.30 -45.22
CA LYS L 752 -32.13 -99.90 -44.63
C LYS L 752 -32.05 -99.73 -43.11
N CYS L 753 -32.98 -98.96 -42.57
CA CYS L 753 -33.22 -98.95 -41.12
C CYS L 753 -34.51 -99.75 -40.88
N SER L 754 -34.43 -100.77 -40.03
CA SER L 754 -35.55 -101.68 -39.86
C SER L 754 -36.70 -101.11 -39.02
N ASN L 755 -36.42 -100.10 -38.20
CA ASN L 755 -37.43 -99.51 -37.31
C ASN L 755 -38.51 -98.72 -38.03
N ILE L 756 -38.29 -98.48 -39.32
CA ILE L 756 -39.14 -97.58 -40.05
C ILE L 756 -40.34 -98.29 -40.64
N VAL L 757 -41.51 -97.71 -40.43
CA VAL L 757 -42.71 -98.12 -41.15
C VAL L 757 -43.03 -97.06 -42.18
N LEU L 758 -42.77 -97.35 -43.44
CA LEU L 758 -42.98 -96.37 -44.50
C LEU L 758 -44.41 -96.35 -45.00
N VAL L 759 -45.16 -95.35 -44.58
CA VAL L 759 -46.58 -95.29 -44.87
C VAL L 759 -46.85 -94.21 -45.90
N ALA L 760 -47.29 -94.60 -47.09
CA ALA L 760 -47.64 -93.63 -48.12
C ALA L 760 -48.93 -92.90 -47.76
N GLY L 761 -49.06 -91.67 -48.25
CA GLY L 761 -50.21 -90.83 -47.94
C GLY L 761 -50.22 -89.60 -48.84
N SER L 762 -51.42 -89.08 -49.07
CA SER L 762 -51.64 -87.97 -50.00
C SER L 762 -52.33 -88.46 -51.28
N GLY L 763 -53.40 -87.76 -51.66
CA GLY L 763 -54.10 -88.01 -52.91
C GLY L 763 -54.75 -89.38 -53.12
N PHE L 764 -55.01 -90.10 -52.04
CA PHE L 764 -55.66 -91.39 -52.15
C PHE L 764 -57.12 -91.29 -51.75
N GLY L 765 -57.95 -92.20 -52.27
CA GLY L 765 -59.36 -92.22 -51.96
C GLY L 765 -59.95 -93.60 -52.24
N GLY L 766 -59.06 -94.55 -52.47
CA GLY L 766 -59.46 -95.92 -52.75
C GLY L 766 -58.27 -96.88 -52.80
N SER L 767 -58.58 -98.17 -52.86
CA SER L 767 -57.57 -99.22 -52.85
C SER L 767 -56.97 -99.45 -54.24
N GLU L 768 -57.67 -99.00 -55.26
CA GLU L 768 -57.25 -99.16 -56.64
C GLU L 768 -56.02 -98.31 -56.97
N ASP L 769 -55.98 -97.11 -56.41
CA ASP L 769 -54.83 -96.24 -56.53
C ASP L 769 -53.84 -96.52 -55.41
N THR L 770 -54.36 -96.95 -54.28
CA THR L 770 -53.51 -97.33 -53.15
C THR L 770 -52.64 -98.51 -53.50
N TYR L 771 -53.27 -99.55 -54.03
CA TYR L 771 -52.61 -100.81 -54.35
C TYR L 771 -51.20 -100.62 -54.92
N PRO L 772 -51.08 -99.85 -56.02
CA PRO L 772 -49.77 -99.66 -56.68
C PRO L 772 -48.61 -99.41 -55.71
N TYR L 773 -48.76 -98.42 -54.83
CA TYR L 773 -47.71 -98.05 -53.89
C TYR L 773 -47.58 -99.14 -52.81
N LEU L 774 -48.72 -99.75 -52.50
CA LEU L 774 -48.78 -100.85 -51.54
C LEU L 774 -47.94 -102.03 -52.04
N THR L 775 -47.84 -102.16 -53.36
CA THR L 775 -47.06 -103.21 -53.98
C THR L 775 -45.62 -102.78 -54.15
N GLY L 776 -45.43 -101.63 -54.77
CA GLY L 776 -44.11 -101.16 -55.15
C GLY L 776 -44.07 -101.08 -56.66
N SER L 777 -45.26 -101.05 -57.25
CA SER L 777 -45.40 -101.05 -58.71
C SER L 777 -45.28 -99.66 -59.31
N TRP L 778 -45.72 -98.65 -58.55
CA TRP L 778 -45.61 -97.25 -58.96
C TRP L 778 -44.18 -96.95 -59.37
N SER L 779 -43.23 -97.40 -58.55
CA SER L 779 -41.82 -97.07 -58.69
C SER L 779 -41.18 -97.67 -59.93
N THR L 780 -41.81 -98.72 -60.44
CA THR L 780 -41.34 -99.36 -61.65
C THR L 780 -41.56 -98.46 -62.87
N LYS L 781 -42.64 -97.69 -62.81
CA LYS L 781 -42.96 -96.76 -63.89
C LYS L 781 -41.90 -95.69 -64.08
N PHE L 782 -40.95 -95.60 -63.15
CA PHE L 782 -39.90 -94.57 -63.19
C PHE L 782 -38.50 -95.13 -63.42
N GLY L 783 -38.41 -96.36 -63.91
CA GLY L 783 -37.13 -97.01 -64.12
C GLY L 783 -36.47 -97.44 -62.82
N TYR L 784 -37.30 -97.81 -61.84
CA TYR L 784 -36.81 -98.27 -60.55
C TYR L 784 -37.41 -99.64 -60.22
N PRO L 785 -36.71 -100.44 -59.41
CA PRO L 785 -37.27 -101.67 -58.86
C PRO L 785 -38.61 -101.41 -58.16
N PRO L 786 -39.25 -102.45 -57.68
CA PRO L 786 -40.45 -102.26 -56.85
C PRO L 786 -40.11 -101.74 -55.44
N MET L 787 -40.85 -100.73 -55.00
CA MET L 787 -40.63 -100.13 -53.68
C MET L 787 -41.90 -100.12 -52.87
N PRO L 788 -42.17 -101.25 -52.21
CA PRO L 788 -43.38 -101.52 -51.43
C PRO L 788 -43.55 -100.61 -50.23
N PHE L 789 -44.72 -100.00 -50.13
CA PHE L 789 -45.10 -99.24 -48.95
C PHE L 789 -45.82 -100.12 -47.93
N ASP L 790 -45.38 -100.08 -46.68
CA ASP L 790 -45.98 -100.86 -45.59
C ASP L 790 -47.44 -100.50 -45.22
N GLY L 791 -48.05 -99.58 -45.95
CA GLY L 791 -49.41 -99.18 -45.67
C GLY L 791 -49.79 -97.91 -46.39
N CYS L 792 -51.05 -97.51 -46.26
CA CYS L 792 -51.49 -96.26 -46.86
C CYS L 792 -52.32 -95.45 -45.87
N MET L 793 -52.30 -94.14 -46.05
CA MET L 793 -52.91 -93.21 -45.11
C MET L 793 -53.96 -92.35 -45.78
N PHE L 794 -55.10 -92.17 -45.11
CA PHE L 794 -56.23 -91.46 -45.69
C PHE L 794 -56.67 -90.26 -44.86
N GLY L 795 -56.70 -89.10 -45.49
CA GLY L 795 -57.10 -87.87 -44.83
C GLY L 795 -58.27 -87.17 -45.48
N SER L 796 -57.99 -86.43 -46.56
CA SER L 796 -59.03 -85.66 -47.25
C SER L 796 -60.21 -86.53 -47.60
N ARG L 797 -59.92 -87.79 -47.91
CA ARG L 797 -60.93 -88.78 -48.29
C ARG L 797 -62.05 -88.91 -47.27
N MET L 798 -61.67 -89.27 -46.04
CA MET L 798 -62.60 -89.66 -44.99
C MET L 798 -63.49 -88.55 -44.47
N MET L 799 -63.34 -87.35 -45.02
CA MET L 799 -64.03 -86.20 -44.47
C MET L 799 -65.54 -86.29 -44.62
N THR L 800 -65.97 -87.10 -45.58
CA THR L 800 -67.38 -87.26 -45.90
C THR L 800 -68.04 -88.44 -45.20
N ALA L 801 -67.30 -89.12 -44.32
CA ALA L 801 -67.85 -90.21 -43.51
C ALA L 801 -69.01 -89.68 -42.69
N LYS L 802 -70.12 -90.41 -42.66
CA LYS L 802 -71.32 -89.91 -42.02
C LYS L 802 -71.09 -89.71 -40.53
N GLU L 803 -70.06 -90.37 -40.03
CA GLU L 803 -69.74 -90.38 -38.61
C GLU L 803 -68.69 -89.28 -38.28
N ALA L 804 -68.25 -88.60 -39.34
CA ALA L 804 -67.43 -87.39 -39.21
C ALA L 804 -68.37 -86.23 -39.01
N HIS L 805 -67.86 -85.11 -38.51
CA HIS L 805 -68.74 -84.04 -38.09
C HIS L 805 -68.98 -82.98 -39.14
N THR L 806 -68.28 -83.10 -40.27
CA THR L 806 -68.43 -82.18 -41.40
C THR L 806 -69.89 -81.90 -41.69
N SER L 807 -70.26 -80.62 -41.74
CA SER L 807 -71.66 -80.27 -41.94
C SER L 807 -72.14 -80.84 -43.26
N LYS L 808 -73.45 -81.03 -43.37
CA LYS L 808 -74.01 -81.66 -44.56
C LYS L 808 -73.46 -81.04 -45.85
N GLN L 809 -73.86 -79.80 -46.12
CA GLN L 809 -73.50 -79.11 -47.35
C GLN L 809 -71.98 -79.01 -47.53
N ALA L 810 -71.28 -79.13 -46.40
CA ALA L 810 -69.82 -79.14 -46.42
C ALA L 810 -69.30 -80.35 -47.16
N LYS L 811 -69.50 -81.52 -46.57
CA LYS L 811 -69.11 -82.78 -47.18
C LYS L 811 -69.76 -82.95 -48.53
N GLN L 812 -70.88 -82.25 -48.72
CA GLN L 812 -71.50 -82.15 -50.03
C GLN L 812 -70.55 -81.47 -50.99
N ALA L 813 -70.33 -80.17 -50.78
CA ALA L 813 -69.47 -79.38 -51.64
C ALA L 813 -68.08 -80.01 -51.80
N ILE L 814 -67.70 -80.84 -50.83
CA ILE L 814 -66.43 -81.58 -50.91
C ILE L 814 -66.40 -82.57 -52.05
N VAL L 815 -67.38 -83.47 -52.07
CA VAL L 815 -67.54 -84.46 -53.13
C VAL L 815 -67.45 -83.78 -54.49
N ASP L 816 -68.22 -82.69 -54.59
CA ASP L 816 -68.41 -81.91 -55.80
C ASP L 816 -67.12 -81.33 -56.36
N ALA L 817 -66.04 -81.45 -55.60
CA ALA L 817 -64.77 -81.00 -56.13
C ALA L 817 -64.33 -81.97 -57.21
N PRO L 818 -64.22 -81.50 -58.45
CA PRO L 818 -63.54 -82.30 -59.47
C PRO L 818 -62.09 -82.39 -59.08
N GLY L 819 -61.60 -83.59 -58.81
CA GLY L 819 -60.20 -83.72 -58.46
C GLY L 819 -59.34 -83.37 -59.65
N VAL L 820 -58.03 -83.42 -59.45
CA VAL L 820 -57.10 -83.35 -60.57
C VAL L 820 -56.01 -84.39 -60.33
N ASP L 821 -55.33 -84.78 -61.40
CA ASP L 821 -54.30 -85.82 -61.33
C ASP L 821 -53.03 -85.27 -60.71
N ASP L 822 -52.13 -86.17 -60.29
CA ASP L 822 -50.81 -85.79 -59.79
C ASP L 822 -50.11 -84.83 -60.75
N ASP L 823 -50.61 -84.75 -61.99
CA ASP L 823 -50.12 -83.80 -62.98
C ASP L 823 -50.20 -82.38 -62.46
N GLN L 824 -51.41 -81.84 -62.45
CA GLN L 824 -51.62 -80.43 -62.22
C GLN L 824 -52.07 -80.09 -60.82
N TRP L 825 -51.43 -80.66 -59.81
CA TRP L 825 -51.73 -80.23 -58.45
C TRP L 825 -50.93 -78.96 -58.17
N GLU L 826 -49.77 -78.84 -58.81
CA GLU L 826 -48.97 -77.62 -58.76
C GLU L 826 -49.78 -76.37 -59.10
N ASN L 827 -50.93 -76.57 -59.73
CA ASN L 827 -51.79 -75.48 -60.17
C ASN L 827 -52.57 -74.84 -59.03
N THR L 828 -52.66 -75.52 -57.90
CA THR L 828 -53.36 -74.96 -56.76
C THR L 828 -52.76 -73.61 -56.44
N TYR L 829 -51.43 -73.56 -56.47
CA TYR L 829 -50.68 -72.38 -56.08
C TYR L 829 -51.12 -71.12 -56.81
N LYS L 830 -51.72 -71.27 -57.98
CA LYS L 830 -52.07 -70.13 -58.80
C LYS L 830 -53.58 -69.99 -59.11
N ARG L 831 -54.25 -71.10 -59.37
CA ARG L 831 -55.64 -71.04 -59.80
C ARG L 831 -56.51 -71.90 -58.90
N PRO L 832 -57.82 -71.70 -58.98
CA PRO L 832 -58.77 -72.62 -58.36
C PRO L 832 -58.77 -73.90 -59.19
N THR L 833 -57.81 -74.77 -58.94
CA THR L 833 -57.62 -75.96 -59.73
C THR L 833 -58.36 -77.13 -59.10
N GLY L 834 -59.33 -77.65 -59.84
CA GLY L 834 -60.24 -78.61 -59.28
C GLY L 834 -61.24 -77.86 -58.43
N GLY L 835 -61.34 -78.25 -57.17
CA GLY L 835 -62.20 -77.58 -56.22
C GLY L 835 -61.38 -76.99 -55.11
N VAL L 836 -60.09 -77.31 -55.11
CA VAL L 836 -59.19 -76.80 -54.09
C VAL L 836 -58.34 -75.68 -54.64
N ILE L 837 -57.89 -74.81 -53.73
CA ILE L 837 -56.98 -73.73 -54.07
C ILE L 837 -56.02 -73.67 -52.90
N THR L 838 -54.84 -73.07 -53.07
CA THR L 838 -53.91 -72.86 -51.96
C THR L 838 -53.95 -71.43 -51.44
N VAL L 839 -53.92 -71.30 -50.12
CA VAL L 839 -54.09 -70.01 -49.47
C VAL L 839 -53.26 -70.03 -48.20
N LEU L 840 -52.88 -68.86 -47.70
CA LEU L 840 -51.96 -68.79 -46.59
C LEU L 840 -52.63 -68.58 -45.24
N SER L 841 -52.08 -69.25 -44.24
CA SER L 841 -52.57 -69.18 -42.87
C SER L 841 -52.36 -67.79 -42.32
N GLU L 842 -52.73 -67.58 -41.05
CA GLU L 842 -52.35 -66.36 -40.36
C GLU L 842 -50.88 -66.46 -39.99
N MET L 843 -50.44 -67.68 -39.73
CA MET L 843 -49.02 -67.96 -39.48
C MET L 843 -48.23 -67.81 -40.77
N GLY L 844 -48.95 -67.70 -41.89
CA GLY L 844 -48.34 -67.55 -43.21
C GLY L 844 -48.20 -68.85 -43.97
N GLU L 845 -48.28 -69.97 -43.23
CA GLU L 845 -48.13 -71.30 -43.78
C GLU L 845 -49.17 -71.58 -44.87
N PRO L 846 -48.78 -72.35 -45.90
CA PRO L 846 -49.63 -72.67 -47.06
C PRO L 846 -50.68 -73.71 -46.71
N ILE L 847 -51.91 -73.52 -47.21
CA ILE L 847 -53.02 -74.43 -46.94
C ILE L 847 -53.79 -74.76 -48.23
N HIS L 848 -54.29 -76.00 -48.33
CA HIS L 848 -55.19 -76.39 -49.42
C HIS L 848 -56.63 -76.40 -48.93
N LYS L 849 -57.48 -75.61 -49.57
CA LYS L 849 -58.87 -75.48 -49.15
C LYS L 849 -59.83 -75.57 -50.32
N LEU L 850 -61.09 -75.84 -50.02
CA LEU L 850 -62.13 -75.82 -51.01
C LEU L 850 -62.34 -74.38 -51.37
N ALA L 851 -62.08 -74.08 -52.63
CA ALA L 851 -62.13 -72.73 -53.15
C ALA L 851 -63.54 -72.13 -53.19
N THR L 852 -64.15 -72.01 -52.01
CA THR L 852 -65.43 -71.34 -51.83
C THR L 852 -65.29 -69.84 -52.07
N ARG L 853 -66.40 -69.15 -52.23
CA ARG L 853 -66.37 -67.69 -52.40
C ARG L 853 -65.52 -67.00 -51.33
N GLY L 854 -65.64 -67.47 -50.10
CA GLY L 854 -64.84 -66.96 -49.02
C GLY L 854 -63.39 -67.22 -49.28
N VAL L 855 -63.03 -68.49 -49.48
CA VAL L 855 -61.62 -68.88 -49.59
C VAL L 855 -61.00 -68.21 -50.80
N LEU L 856 -61.84 -67.70 -51.69
CA LEU L 856 -61.38 -66.93 -52.84
C LEU L 856 -61.01 -65.50 -52.45
N PHE L 857 -61.92 -64.83 -51.76
CA PHE L 857 -61.70 -63.48 -51.26
C PHE L 857 -60.63 -63.48 -50.17
N TRP L 858 -60.32 -64.66 -49.66
CA TRP L 858 -59.25 -64.82 -48.69
C TRP L 858 -57.92 -64.80 -49.44
N LYS L 859 -57.81 -65.59 -50.50
CA LYS L 859 -56.66 -65.52 -51.38
C LYS L 859 -56.46 -64.08 -51.85
N GLU L 860 -57.57 -63.38 -52.07
CA GLU L 860 -57.54 -61.96 -52.44
C GLU L 860 -56.66 -61.14 -51.51
N LEU L 861 -57.08 -61.07 -50.26
CA LEU L 861 -56.38 -60.26 -49.27
C LEU L 861 -54.96 -60.77 -49.04
N ASP L 862 -54.74 -62.07 -49.27
CA ASP L 862 -53.39 -62.62 -49.20
C ASP L 862 -52.48 -61.84 -50.15
N ASP L 863 -53.02 -61.49 -51.30
CA ASP L 863 -52.21 -60.92 -52.38
C ASP L 863 -52.13 -59.40 -52.35
N LYS L 864 -53.10 -58.76 -51.69
CA LYS L 864 -53.20 -57.31 -51.76
C LYS L 864 -53.05 -56.66 -50.39
N ILE L 865 -53.44 -57.36 -49.34
CA ILE L 865 -53.41 -56.78 -48.01
C ILE L 865 -52.30 -57.40 -47.18
N PHE L 866 -52.36 -58.72 -47.02
CA PHE L 866 -51.41 -59.43 -46.17
C PHE L 866 -50.04 -59.54 -46.85
N SER L 867 -49.98 -59.13 -48.10
CA SER L 867 -48.73 -59.13 -48.83
C SER L 867 -47.86 -57.94 -48.40
N LEU L 868 -48.51 -56.87 -47.98
CA LEU L 868 -47.82 -55.64 -47.61
C LEU L 868 -47.32 -55.70 -46.19
N ASP L 869 -46.24 -54.98 -45.90
CA ASP L 869 -45.66 -54.96 -44.56
C ASP L 869 -46.61 -54.28 -43.60
N ARG L 870 -46.64 -54.75 -42.36
CA ARG L 870 -47.60 -54.28 -41.37
C ARG L 870 -48.04 -52.83 -41.55
N SER L 871 -47.08 -51.92 -41.52
CA SER L 871 -47.36 -50.48 -41.61
C SER L 871 -48.32 -50.12 -42.75
N LYS L 872 -47.85 -50.37 -43.97
CA LYS L 872 -48.54 -49.94 -45.16
C LYS L 872 -49.91 -50.59 -45.32
N ARG L 873 -50.17 -51.59 -44.48
CA ARG L 873 -51.42 -52.38 -44.55
C ARG L 873 -52.64 -51.54 -44.22
N VAL L 874 -52.62 -50.93 -43.04
CA VAL L 874 -53.79 -50.24 -42.55
C VAL L 874 -54.24 -49.18 -43.53
N ALA L 875 -53.26 -48.53 -44.15
CA ALA L 875 -53.51 -47.51 -45.16
C ALA L 875 -54.26 -48.09 -46.36
N GLU L 876 -53.75 -49.20 -46.89
CA GLU L 876 -54.34 -49.86 -48.04
C GLU L 876 -55.74 -50.40 -47.76
N LEU L 877 -56.01 -50.74 -46.50
CA LEU L 877 -57.34 -51.17 -46.12
C LEU L 877 -58.33 -50.03 -46.26
N LYS L 878 -57.99 -48.88 -45.71
CA LYS L 878 -58.88 -47.73 -45.78
C LYS L 878 -59.22 -47.37 -47.23
N LYS L 879 -58.35 -47.72 -48.17
CA LYS L 879 -58.59 -47.33 -49.55
C LYS L 879 -59.58 -48.26 -50.22
N ARG L 880 -59.52 -49.53 -49.84
CA ARG L 880 -60.45 -50.50 -50.40
C ARG L 880 -61.52 -50.84 -49.37
N ARG L 881 -61.75 -49.94 -48.43
CA ARG L 881 -62.58 -50.24 -47.28
C ARG L 881 -63.93 -50.80 -47.69
N ASP L 882 -64.75 -49.96 -48.30
CA ASP L 882 -66.12 -50.35 -48.62
C ASP L 882 -66.17 -51.51 -49.62
N TYR L 883 -65.08 -51.74 -50.33
CA TYR L 883 -65.00 -52.95 -51.15
C TYR L 883 -64.83 -54.18 -50.27
N ILE L 884 -63.78 -54.17 -49.46
CA ILE L 884 -63.48 -55.27 -48.57
C ILE L 884 -64.65 -55.52 -47.65
N ILE L 885 -65.40 -54.46 -47.36
CA ILE L 885 -66.52 -54.57 -46.44
C ILE L 885 -67.71 -55.24 -47.12
N LYS L 886 -67.86 -55.01 -48.42
CA LYS L 886 -68.87 -55.74 -49.20
C LYS L 886 -68.49 -57.20 -49.25
N LYS L 887 -67.35 -57.49 -49.88
CA LYS L 887 -66.88 -58.87 -49.96
C LYS L 887 -66.84 -59.56 -48.59
N LEU L 888 -66.71 -58.78 -47.53
CA LEU L 888 -66.75 -59.32 -46.19
C LEU L 888 -68.19 -59.75 -45.87
N ASN L 889 -69.12 -58.81 -46.02
CA ASN L 889 -70.54 -59.04 -45.78
C ASN L 889 -71.14 -60.14 -46.66
N ASP L 890 -70.70 -60.19 -47.91
CA ASP L 890 -71.34 -61.03 -48.90
C ASP L 890 -70.89 -62.49 -48.83
N ASP L 891 -69.61 -62.76 -49.01
CA ASP L 891 -69.16 -64.15 -49.05
C ASP L 891 -67.95 -64.55 -48.20
N PHE L 892 -67.90 -64.16 -46.94
CA PHE L 892 -66.87 -64.70 -46.07
C PHE L 892 -67.42 -65.28 -44.78
N GLN L 893 -66.72 -66.28 -44.25
CA GLN L 893 -67.06 -66.95 -43.00
C GLN L 893 -67.43 -66.00 -41.88
N LYS L 894 -66.77 -64.84 -41.85
CA LYS L 894 -67.01 -63.82 -40.84
C LYS L 894 -67.48 -62.53 -41.49
N VAL L 895 -68.60 -62.01 -41.03
CA VAL L 895 -69.21 -60.87 -41.66
C VAL L 895 -68.71 -59.57 -41.04
N TRP L 896 -69.02 -58.45 -41.68
CA TRP L 896 -68.69 -57.14 -41.15
C TRP L 896 -69.70 -56.75 -40.09
N PHE L 897 -69.21 -56.48 -38.88
CA PHE L 897 -70.06 -56.23 -37.73
C PHE L 897 -70.86 -54.93 -37.85
N GLY L 898 -70.83 -54.32 -39.01
CA GLY L 898 -71.30 -52.95 -39.14
C GLY L 898 -72.76 -52.64 -39.37
N ARG L 899 -73.64 -53.61 -39.23
CA ARG L 899 -75.04 -53.39 -39.56
C ARG L 899 -75.67 -52.28 -38.72
N ASN L 900 -76.67 -51.61 -39.29
CA ASN L 900 -77.49 -50.69 -38.52
C ASN L 900 -78.90 -51.19 -38.41
N SER L 901 -79.74 -50.46 -37.68
CA SER L 901 -81.12 -50.88 -37.48
C SER L 901 -81.82 -51.22 -38.78
N ALA L 902 -81.74 -50.31 -39.75
CA ALA L 902 -82.45 -50.46 -41.01
C ALA L 902 -82.07 -51.72 -41.79
N GLY L 903 -80.83 -52.18 -41.60
CA GLY L 903 -80.37 -53.39 -42.25
C GLY L 903 -79.04 -53.21 -42.97
N GLU L 904 -78.80 -51.99 -43.42
CA GLU L 904 -77.57 -51.65 -44.12
C GLU L 904 -76.34 -51.70 -43.23
N PRO L 905 -75.15 -51.74 -43.85
CA PRO L 905 -73.92 -51.78 -43.08
C PRO L 905 -73.42 -50.37 -42.86
N VAL L 906 -72.74 -50.13 -41.74
CA VAL L 906 -72.21 -48.82 -41.40
C VAL L 906 -70.89 -49.03 -40.70
N ASP L 907 -70.30 -47.94 -40.21
CA ASP L 907 -69.07 -48.04 -39.44
C ASP L 907 -69.45 -48.40 -38.02
N LEU L 908 -68.58 -49.15 -37.34
CA LEU L 908 -68.85 -49.55 -35.95
C LEU L 908 -69.09 -48.28 -35.15
N GLU L 909 -68.37 -47.25 -35.55
CA GLU L 909 -68.34 -45.97 -34.87
C GLU L 909 -69.65 -45.21 -35.06
N ASP L 910 -70.50 -45.72 -35.95
CA ASP L 910 -71.75 -45.08 -36.33
C ASP L 910 -72.98 -45.81 -35.78
N MET L 911 -72.77 -46.98 -35.18
CA MET L 911 -73.88 -47.77 -34.61
C MET L 911 -74.32 -47.19 -33.27
N THR L 912 -75.60 -47.35 -32.92
CA THR L 912 -76.06 -46.97 -31.60
C THR L 912 -75.75 -48.07 -30.61
N TYR L 913 -75.77 -47.77 -29.31
CA TYR L 913 -75.47 -48.76 -28.28
C TYR L 913 -76.36 -49.96 -28.44
N ALA L 914 -77.65 -49.68 -28.49
CA ALA L 914 -78.64 -50.69 -28.82
C ALA L 914 -78.15 -51.52 -29.99
N GLU L 915 -78.07 -50.88 -31.14
CA GLU L 915 -77.68 -51.57 -32.37
C GLU L 915 -76.48 -52.51 -32.19
N VAL L 916 -75.54 -52.15 -31.34
CA VAL L 916 -74.37 -52.98 -31.15
C VAL L 916 -74.73 -54.20 -30.34
N VAL L 917 -75.34 -54.01 -29.18
CA VAL L 917 -75.73 -55.15 -28.35
C VAL L 917 -76.59 -56.12 -29.16
N HIS L 918 -77.54 -55.58 -29.91
CA HIS L 918 -78.34 -56.38 -30.83
C HIS L 918 -77.49 -57.16 -31.85
N ARG L 919 -76.70 -56.47 -32.63
CA ARG L 919 -75.88 -57.12 -33.65
C ARG L 919 -74.99 -58.18 -33.01
N MET L 920 -74.67 -57.99 -31.73
CA MET L 920 -73.83 -58.96 -31.03
C MET L 920 -74.60 -60.26 -30.92
N VAL L 921 -75.79 -60.18 -30.34
CA VAL L 921 -76.68 -61.32 -30.23
C VAL L 921 -76.89 -61.94 -31.61
N GLU L 922 -77.32 -61.13 -32.56
CA GLU L 922 -77.58 -61.57 -33.93
C GLU L 922 -76.50 -62.50 -34.48
N LEU L 923 -75.24 -62.13 -34.27
CA LEU L 923 -74.12 -62.80 -34.92
C LEU L 923 -73.44 -63.88 -34.09
N MET L 924 -73.90 -64.10 -32.86
CA MET L 924 -73.28 -65.10 -31.99
C MET L 924 -74.28 -66.11 -31.42
N TYR L 925 -75.55 -65.71 -31.38
CA TYR L 925 -76.64 -66.60 -30.95
C TYR L 925 -77.47 -67.07 -32.13
N VAL L 926 -77.47 -68.38 -32.37
CA VAL L 926 -78.18 -68.95 -33.49
C VAL L 926 -79.66 -69.03 -33.12
N LYS L 927 -80.48 -68.22 -33.79
CA LYS L 927 -81.90 -68.11 -33.46
C LYS L 927 -82.64 -69.43 -33.53
N HIS L 928 -82.65 -70.04 -34.71
CA HIS L 928 -83.47 -71.22 -34.94
C HIS L 928 -82.96 -72.47 -34.22
N GLU L 929 -81.93 -72.33 -33.40
CA GLU L 929 -81.43 -73.45 -32.61
C GLU L 929 -81.35 -73.13 -31.12
N LYS L 930 -81.78 -71.92 -30.76
CA LYS L 930 -81.75 -71.43 -29.38
C LYS L 930 -80.45 -71.74 -28.63
N ARG L 931 -79.32 -71.42 -29.26
CA ARG L 931 -78.01 -71.69 -28.67
C ARG L 931 -77.00 -70.61 -29.03
N TRP L 932 -76.05 -70.39 -28.13
CA TRP L 932 -74.92 -69.53 -28.40
C TRP L 932 -73.80 -70.37 -29.00
N ILE L 933 -73.11 -69.82 -30.00
CA ILE L 933 -71.97 -70.50 -30.61
C ILE L 933 -70.91 -70.90 -29.58
N ASP L 934 -70.96 -70.27 -28.41
CA ASP L 934 -70.04 -70.58 -27.32
C ASP L 934 -70.40 -69.73 -26.10
N PRO L 935 -70.49 -70.35 -24.92
CA PRO L 935 -70.79 -69.62 -23.68
C PRO L 935 -69.95 -68.37 -23.53
N SER L 936 -68.66 -68.48 -23.81
CA SER L 936 -67.76 -67.33 -23.75
C SER L 936 -68.34 -66.12 -24.49
N LEU L 937 -68.85 -66.34 -25.70
CA LEU L 937 -69.39 -65.26 -26.53
C LEU L 937 -70.71 -64.74 -25.98
N LYS L 938 -71.36 -65.54 -25.14
CA LYS L 938 -72.54 -65.06 -24.45
C LYS L 938 -72.09 -64.15 -23.33
N LYS L 939 -70.99 -64.52 -22.70
CA LYS L 939 -70.41 -63.68 -21.66
C LYS L 939 -70.06 -62.34 -22.27
N LEU L 940 -69.25 -62.38 -23.33
CA LEU L 940 -68.89 -61.18 -24.07
C LEU L 940 -70.09 -60.26 -24.26
N THR L 941 -71.04 -60.70 -25.09
CA THR L 941 -72.26 -59.94 -25.28
C THR L 941 -72.85 -59.45 -23.96
N GLY L 942 -72.74 -60.26 -22.91
CA GLY L 942 -73.27 -59.87 -21.62
C GLY L 942 -72.49 -58.73 -21.01
N ASP L 943 -71.19 -58.84 -21.05
CA ASP L 943 -70.32 -57.83 -20.46
C ASP L 943 -70.54 -56.47 -21.12
N PHE L 944 -70.55 -56.43 -22.45
CA PHE L 944 -70.77 -55.17 -23.14
C PHE L 944 -72.09 -54.56 -22.74
N ILE L 945 -73.10 -55.40 -22.59
CA ILE L 945 -74.40 -54.97 -22.11
C ILE L 945 -74.21 -54.25 -20.79
N ARG L 946 -73.52 -54.92 -19.88
CA ARG L 946 -73.23 -54.39 -18.57
C ARG L 946 -72.64 -53.01 -18.72
N ARG L 947 -71.78 -52.87 -19.73
CA ARG L 947 -71.13 -51.60 -19.98
C ARG L 947 -72.13 -50.53 -20.32
N VAL L 948 -72.98 -50.84 -21.28
CA VAL L 948 -73.96 -49.87 -21.76
C VAL L 948 -74.77 -49.37 -20.60
N GLU L 949 -75.07 -50.28 -19.68
CA GLU L 949 -75.69 -49.93 -18.42
C GLU L 949 -74.89 -48.80 -17.80
N GLU L 950 -73.64 -49.09 -17.48
CA GLU L 950 -72.75 -48.15 -16.81
C GLU L 950 -72.70 -46.80 -17.51
N ARG L 951 -72.52 -46.83 -18.82
CA ARG L 951 -72.47 -45.61 -19.60
C ARG L 951 -73.69 -44.76 -19.34
N PHE L 952 -74.81 -45.42 -19.09
CA PHE L 952 -76.08 -44.71 -19.04
C PHE L 952 -76.71 -44.61 -17.66
N THR L 953 -75.99 -45.05 -16.64
CA THR L 953 -76.36 -44.74 -15.26
C THR L 953 -75.39 -43.70 -14.68
N SER L 954 -75.91 -42.81 -13.84
CA SER L 954 -75.06 -41.76 -13.30
C SER L 954 -75.29 -41.53 -11.80
N VAL L 955 -75.77 -42.56 -11.09
CA VAL L 955 -75.83 -42.51 -9.63
C VAL L 955 -75.56 -43.87 -9.02
N GLU L 956 -74.78 -43.90 -7.95
CA GLU L 956 -74.44 -45.16 -7.33
C GLU L 956 -75.66 -45.73 -6.64
N GLY L 957 -75.71 -47.06 -6.57
CA GLY L 957 -76.81 -47.73 -5.90
C GLY L 957 -77.57 -48.69 -6.80
N GLN L 958 -77.98 -48.20 -7.97
CA GLN L 958 -78.71 -49.02 -8.93
C GLN L 958 -77.92 -50.26 -9.32
N PRO L 959 -78.55 -51.45 -9.15
CA PRO L 959 -77.90 -52.69 -9.56
C PRO L 959 -78.13 -53.01 -11.03
N SER L 960 -77.43 -54.02 -11.52
CA SER L 960 -77.52 -54.40 -12.92
C SER L 960 -78.81 -55.16 -13.21
N LEU L 961 -79.39 -54.88 -14.37
CA LEU L 961 -80.60 -55.57 -14.80
C LEU L 961 -80.24 -56.95 -15.31
N LEU L 962 -79.03 -57.07 -15.82
CA LEU L 962 -78.47 -58.36 -16.17
C LEU L 962 -77.59 -58.81 -15.00
N GLN L 963 -78.18 -59.46 -14.03
CA GLN L 963 -77.48 -59.83 -12.81
C GLN L 963 -76.76 -61.17 -12.91
N ASN L 964 -77.28 -62.06 -13.75
CA ASN L 964 -76.63 -63.34 -14.06
C ASN L 964 -76.63 -63.62 -15.56
N TYR L 965 -75.49 -64.02 -16.11
CA TYR L 965 -75.39 -64.24 -17.55
C TYR L 965 -76.37 -65.32 -17.99
N SER L 966 -76.87 -66.07 -17.02
CA SER L 966 -77.92 -67.04 -17.25
C SER L 966 -79.08 -66.38 -18.00
N ASP L 967 -79.34 -65.12 -17.69
CA ASP L 967 -80.40 -64.36 -18.32
C ASP L 967 -80.31 -64.36 -19.85
N LEU L 968 -79.10 -64.38 -20.38
CA LEU L 968 -78.89 -64.30 -21.83
C LEU L 968 -79.17 -65.61 -22.53
N ASP L 969 -79.53 -66.64 -21.76
CA ASP L 969 -79.75 -67.97 -22.33
C ASP L 969 -80.83 -67.94 -23.42
N GLU L 970 -81.98 -67.39 -23.07
CA GLU L 970 -82.94 -66.93 -24.08
C GLU L 970 -82.89 -65.42 -24.11
N PRO L 971 -82.06 -64.90 -25.00
CA PRO L 971 -81.51 -63.55 -24.97
C PRO L 971 -82.48 -62.54 -25.50
N TYR L 972 -82.76 -62.61 -26.80
CA TYR L 972 -83.54 -61.59 -27.49
C TYR L 972 -84.80 -61.17 -26.73
N PRO L 973 -85.46 -62.12 -26.06
CA PRO L 973 -86.60 -61.79 -25.18
C PRO L 973 -86.21 -60.90 -23.99
N ALA L 974 -85.10 -61.21 -23.32
CA ALA L 974 -84.64 -60.50 -22.12
C ALA L 974 -83.87 -59.21 -22.41
N VAL L 975 -82.95 -59.29 -23.36
CA VAL L 975 -82.14 -58.14 -23.77
C VAL L 975 -82.95 -56.85 -23.92
N ASP L 976 -84.02 -56.92 -24.69
CA ASP L 976 -84.83 -55.74 -24.98
C ASP L 976 -85.33 -55.11 -23.69
N ARG L 977 -85.51 -55.93 -22.67
CA ARG L 977 -85.92 -55.45 -21.36
C ARG L 977 -84.87 -54.50 -20.79
N ILE L 978 -83.62 -54.95 -20.75
CA ILE L 978 -82.52 -54.13 -20.22
C ILE L 978 -82.34 -52.86 -21.01
N LEU L 979 -82.11 -53.03 -22.31
CA LEU L 979 -81.91 -51.93 -23.24
C LEU L 979 -83.01 -50.87 -23.18
N ALA L 980 -84.20 -51.26 -22.75
CA ALA L 980 -85.33 -50.36 -22.69
C ALA L 980 -85.30 -49.60 -21.38
N ALA L 981 -84.58 -50.15 -20.41
CA ALA L 981 -84.43 -49.52 -19.12
C ALA L 981 -83.47 -48.33 -19.20
N TYR L 982 -82.65 -48.34 -20.24
CA TYR L 982 -81.73 -47.25 -20.48
C TYR L 982 -82.03 -46.69 -21.85
N PRO L 983 -83.08 -45.88 -21.93
CA PRO L 983 -83.69 -45.33 -23.13
C PRO L 983 -82.67 -44.87 -24.16
N GLU L 984 -81.85 -43.90 -23.77
CA GLU L 984 -80.94 -43.21 -24.68
C GLU L 984 -79.98 -44.16 -25.38
N ALA L 985 -79.89 -45.39 -24.88
CA ALA L 985 -79.00 -46.38 -25.46
C ALA L 985 -79.41 -46.72 -26.88
N SER L 986 -80.47 -46.06 -27.33
CA SER L 986 -81.03 -46.29 -28.66
C SER L 986 -81.05 -45.00 -29.43
N THR L 987 -80.56 -43.94 -28.80
CA THR L 987 -80.54 -42.60 -29.39
C THR L 987 -79.16 -42.20 -29.89
N GLN L 988 -78.13 -42.53 -29.12
CA GLN L 988 -76.77 -42.06 -29.39
C GLN L 988 -75.77 -43.20 -29.62
N LEU L 989 -74.77 -42.94 -30.45
CA LEU L 989 -73.82 -43.96 -30.88
C LEU L 989 -72.80 -44.25 -29.80
N ILE L 990 -71.97 -45.25 -30.01
CA ILE L 990 -70.98 -45.60 -29.00
C ILE L 990 -70.05 -44.43 -28.76
N ASN L 991 -69.61 -44.25 -27.51
CA ASN L 991 -68.51 -43.34 -27.21
C ASN L 991 -67.31 -43.83 -27.96
N ALA L 992 -66.43 -42.92 -28.33
CA ALA L 992 -65.24 -43.31 -29.02
C ALA L 992 -64.51 -44.24 -28.07
N GLN L 993 -64.56 -43.86 -26.79
CA GLN L 993 -63.94 -44.65 -25.74
C GLN L 993 -64.49 -46.05 -25.72
N ASP L 994 -65.80 -46.18 -25.90
CA ASP L 994 -66.47 -47.45 -25.76
C ASP L 994 -66.21 -48.34 -26.94
N VAL L 995 -66.13 -47.76 -28.12
CA VAL L 995 -65.70 -48.51 -29.29
C VAL L 995 -64.39 -49.21 -28.97
N GLN L 996 -63.43 -48.46 -28.46
CA GLN L 996 -62.11 -49.01 -28.13
C GLN L 996 -62.23 -50.17 -27.18
N HIS L 997 -63.17 -50.04 -26.24
CA HIS L 997 -63.40 -51.03 -25.20
C HIS L 997 -63.97 -52.28 -25.82
N PHE L 998 -65.09 -52.10 -26.51
CA PHE L 998 -65.71 -53.14 -27.30
C PHE L 998 -64.62 -53.93 -27.98
N LEU L 999 -63.80 -53.23 -28.74
CA LEU L 999 -62.77 -53.87 -29.52
C LEU L 999 -61.75 -54.66 -28.74
N LEU L 1000 -61.50 -54.29 -27.49
CA LEU L 1000 -60.59 -55.07 -26.66
C LEU L 1000 -61.29 -56.30 -26.11
N LEU L 1001 -62.59 -56.16 -25.89
CA LEU L 1001 -63.42 -57.24 -25.42
C LEU L 1001 -63.44 -58.39 -26.41
N CYS L 1002 -63.43 -58.06 -27.69
CA CYS L 1002 -63.46 -59.05 -28.75
C CYS L 1002 -62.09 -59.72 -28.89
N GLN L 1003 -61.15 -59.30 -28.05
CA GLN L 1003 -59.78 -59.80 -28.12
C GLN L 1003 -59.33 -60.60 -26.92
N ARG L 1004 -60.06 -60.48 -25.80
CA ARG L 1004 -59.65 -61.08 -24.51
C ARG L 1004 -59.13 -62.52 -24.60
N ARG L 1005 -58.26 -62.89 -23.67
CA ARG L 1005 -57.75 -64.25 -23.58
C ARG L 1005 -58.81 -65.16 -23.00
N GLY L 1006 -58.97 -66.36 -23.56
CA GLY L 1006 -59.94 -67.33 -23.07
C GLY L 1006 -61.34 -67.14 -23.59
N GLN L 1007 -61.48 -66.45 -24.71
CA GLN L 1007 -62.75 -66.26 -25.37
C GLN L 1007 -62.61 -66.74 -26.80
N LYS L 1008 -63.64 -67.41 -27.30
CA LYS L 1008 -63.62 -67.84 -28.68
C LYS L 1008 -63.50 -66.63 -29.57
N PRO L 1009 -62.55 -66.65 -30.49
CA PRO L 1009 -62.41 -65.57 -31.45
C PRO L 1009 -63.76 -65.16 -32.04
N VAL L 1010 -64.10 -63.88 -31.86
CA VAL L 1010 -65.30 -63.31 -32.44
C VAL L 1010 -65.58 -63.82 -33.87
N PRO L 1011 -66.85 -64.16 -34.15
CA PRO L 1011 -67.31 -64.67 -35.44
C PRO L 1011 -67.56 -63.58 -36.49
N PHE L 1012 -66.76 -62.51 -36.47
CA PHE L 1012 -66.92 -61.41 -37.43
C PHE L 1012 -65.68 -60.54 -37.50
N VAL L 1013 -65.80 -59.40 -38.17
CA VAL L 1013 -64.73 -58.39 -38.20
C VAL L 1013 -65.26 -57.03 -37.76
N PRO L 1014 -64.76 -56.52 -36.62
CA PRO L 1014 -65.24 -55.32 -35.93
C PRO L 1014 -64.75 -54.02 -36.59
N ALA L 1015 -63.54 -54.03 -37.13
CA ALA L 1015 -63.09 -52.99 -38.04
C ALA L 1015 -61.81 -53.44 -38.74
N LEU L 1016 -61.35 -52.63 -39.68
CA LEU L 1016 -60.18 -52.98 -40.49
C LEU L 1016 -58.89 -52.38 -39.95
N ASP L 1017 -58.61 -52.63 -38.67
CA ASP L 1017 -57.48 -52.02 -38.00
C ASP L 1017 -56.12 -52.72 -38.23
N GLU L 1018 -55.19 -52.50 -37.30
CA GLU L 1018 -53.87 -53.08 -37.39
C GLU L 1018 -53.90 -54.58 -37.18
N ASN L 1019 -55.06 -55.06 -36.77
CA ASN L 1019 -55.25 -56.47 -36.41
C ASN L 1019 -56.13 -57.21 -37.40
N PHE L 1020 -56.44 -56.58 -38.52
CA PHE L 1020 -57.42 -57.10 -39.45
C PHE L 1020 -57.10 -58.53 -39.88
N GLU L 1021 -55.82 -58.87 -39.99
CA GLU L 1021 -55.46 -60.25 -40.30
C GLU L 1021 -55.95 -61.24 -39.24
N TYR L 1022 -55.77 -60.91 -37.96
CA TYR L 1022 -56.27 -61.71 -36.85
C TYR L 1022 -57.79 -61.81 -36.92
N TRP L 1023 -58.44 -60.66 -37.07
CA TRP L 1023 -59.89 -60.62 -37.12
C TRP L 1023 -60.41 -61.60 -38.15
N PHE L 1024 -59.73 -61.61 -39.30
CA PHE L 1024 -60.12 -62.36 -40.48
C PHE L 1024 -59.92 -63.85 -40.32
N LYS L 1025 -58.68 -64.26 -40.05
CA LYS L 1025 -58.30 -65.66 -40.19
C LYS L 1025 -57.88 -66.41 -38.93
N LYS L 1026 -58.38 -66.03 -37.77
CA LYS L 1026 -58.14 -66.85 -36.60
C LYS L 1026 -59.32 -67.81 -36.35
N ASP L 1027 -59.03 -69.06 -36.02
CA ASP L 1027 -60.09 -70.01 -35.71
C ASP L 1027 -61.16 -69.94 -36.79
N SER L 1028 -60.85 -70.51 -37.94
CA SER L 1028 -61.68 -70.38 -39.14
C SER L 1028 -62.44 -71.66 -39.48
N LEU L 1029 -61.80 -72.79 -39.30
CA LEU L 1029 -62.30 -74.09 -39.75
C LEU L 1029 -63.45 -74.72 -38.96
N TRP L 1030 -63.66 -74.27 -37.73
CA TRP L 1030 -64.75 -74.80 -36.91
C TRP L 1030 -66.09 -74.58 -37.56
N GLN L 1031 -66.15 -73.60 -38.46
CA GLN L 1031 -67.40 -73.18 -39.07
C GLN L 1031 -67.79 -74.13 -40.21
N SER L 1032 -66.77 -74.79 -40.77
CA SER L 1032 -66.98 -75.89 -41.69
C SER L 1032 -67.83 -76.99 -41.06
N GLU L 1033 -67.43 -77.44 -39.88
CA GLU L 1033 -68.13 -78.51 -39.18
C GLU L 1033 -69.32 -78.00 -38.36
N ASP L 1034 -69.88 -76.86 -38.75
CA ASP L 1034 -71.09 -76.32 -38.12
C ASP L 1034 -71.68 -75.21 -38.95
N ILE L 1035 -72.08 -75.51 -40.16
CA ILE L 1035 -72.62 -74.50 -41.06
C ILE L 1035 -73.95 -73.95 -40.56
N GLU L 1036 -74.47 -74.50 -39.48
CA GLU L 1036 -75.73 -74.02 -38.94
C GLU L 1036 -75.54 -72.68 -38.24
N ALA L 1037 -74.34 -72.47 -37.72
CA ALA L 1037 -74.00 -71.22 -37.04
C ALA L 1037 -73.67 -70.14 -38.05
N VAL L 1038 -72.98 -70.52 -39.12
CA VAL L 1038 -72.56 -69.59 -40.17
C VAL L 1038 -73.70 -68.69 -40.66
N TYR L 1039 -73.39 -67.42 -40.91
CA TYR L 1039 -74.35 -66.49 -41.47
C TYR L 1039 -74.87 -67.07 -42.77
N GLY L 1040 -76.19 -67.13 -42.90
CA GLY L 1040 -76.83 -67.65 -44.10
C GLY L 1040 -76.72 -69.15 -44.22
N GLN L 1041 -75.75 -69.71 -43.51
CA GLN L 1041 -75.57 -71.15 -43.44
C GLN L 1041 -75.11 -71.77 -44.76
N ASP L 1042 -74.53 -70.98 -45.64
CA ASP L 1042 -74.05 -71.55 -46.87
C ASP L 1042 -72.56 -71.79 -46.80
N VAL L 1043 -72.15 -72.94 -47.32
CA VAL L 1043 -70.74 -73.29 -47.32
C VAL L 1043 -70.01 -72.34 -48.25
N GLY L 1044 -70.78 -71.66 -49.09
CA GLY L 1044 -70.20 -70.77 -50.08
C GLY L 1044 -69.11 -69.88 -49.50
N ARG L 1045 -69.22 -69.55 -48.22
CA ARG L 1045 -68.30 -68.61 -47.58
C ARG L 1045 -67.41 -69.29 -46.57
N THR L 1046 -67.31 -70.62 -46.66
CA THR L 1046 -66.67 -71.41 -45.60
C THR L 1046 -65.31 -72.02 -45.94
N CYS L 1047 -64.59 -72.40 -44.91
CA CYS L 1047 -63.23 -72.85 -45.04
C CYS L 1047 -63.17 -74.36 -44.86
N ILE L 1048 -63.01 -75.09 -45.95
CA ILE L 1048 -62.90 -76.53 -45.86
C ILE L 1048 -61.60 -77.01 -46.46
N LEU L 1049 -60.86 -77.78 -45.69
CA LEU L 1049 -59.55 -78.21 -46.16
C LEU L 1049 -59.69 -79.44 -47.05
N GLN L 1050 -58.94 -79.49 -48.15
CA GLN L 1050 -58.99 -80.62 -49.06
C GLN L 1050 -57.75 -80.69 -49.93
N GLY L 1051 -57.23 -81.90 -50.14
CA GLY L 1051 -56.18 -82.12 -51.12
C GLY L 1051 -56.69 -81.87 -52.52
N PRO L 1052 -55.79 -81.60 -53.47
CA PRO L 1052 -56.20 -81.32 -54.84
C PRO L 1052 -56.61 -82.59 -55.60
N VAL L 1053 -55.95 -83.69 -55.26
CA VAL L 1053 -56.12 -84.93 -55.98
C VAL L 1053 -57.21 -85.82 -55.37
N ALA L 1054 -57.22 -85.91 -54.05
CA ALA L 1054 -58.21 -86.75 -53.37
C ALA L 1054 -59.63 -86.15 -53.32
N ALA L 1055 -60.04 -85.48 -54.39
CA ALA L 1055 -61.32 -84.75 -54.41
C ALA L 1055 -62.30 -85.44 -55.35
N LYS L 1056 -61.73 -86.06 -56.37
CA LYS L 1056 -62.47 -86.90 -57.27
C LYS L 1056 -62.77 -88.20 -56.55
N TYR L 1057 -61.84 -88.64 -55.70
CA TYR L 1057 -61.95 -89.91 -54.99
C TYR L 1057 -63.05 -89.93 -53.93
N SER L 1058 -63.90 -88.92 -53.94
CA SER L 1058 -65.09 -88.87 -53.10
C SER L 1058 -66.29 -88.54 -53.98
N LYS L 1059 -67.27 -89.44 -54.03
CA LYS L 1059 -68.45 -89.23 -54.87
C LYS L 1059 -69.80 -89.35 -54.16
N VAL L 1060 -69.81 -89.97 -52.99
CA VAL L 1060 -71.04 -90.07 -52.20
C VAL L 1060 -70.90 -89.49 -50.80
N ILE L 1061 -71.90 -88.71 -50.40
CA ILE L 1061 -71.95 -88.16 -49.06
C ILE L 1061 -72.10 -89.28 -48.05
N ASP L 1062 -71.95 -88.93 -46.77
CA ASP L 1062 -72.43 -89.74 -45.64
C ASP L 1062 -72.20 -91.26 -45.65
N GLU L 1063 -71.14 -91.71 -46.29
CA GLU L 1063 -70.78 -93.11 -46.21
C GLU L 1063 -70.21 -93.45 -44.84
N PRO L 1064 -70.78 -94.45 -44.16
CA PRO L 1064 -70.23 -94.86 -42.87
C PRO L 1064 -68.77 -95.25 -43.00
N ILE L 1065 -67.98 -95.02 -41.96
CA ILE L 1065 -66.53 -95.18 -42.07
C ILE L 1065 -66.16 -96.63 -42.34
N LYS L 1066 -66.74 -97.52 -41.53
CA LYS L 1066 -66.39 -98.93 -41.61
C LYS L 1066 -66.57 -99.41 -43.04
N ASP L 1067 -67.49 -98.78 -43.76
CA ASP L 1067 -67.70 -99.10 -45.16
C ASP L 1067 -66.51 -98.68 -45.99
N ILE L 1068 -66.29 -97.38 -46.08
CA ILE L 1068 -65.13 -96.83 -46.79
C ILE L 1068 -63.89 -97.62 -46.48
N LEU L 1069 -63.61 -97.76 -45.18
CA LEU L 1069 -62.42 -98.43 -44.70
C LEU L 1069 -62.42 -99.92 -45.00
N ASP L 1070 -63.35 -100.66 -44.41
CA ASP L 1070 -63.48 -102.09 -44.70
C ASP L 1070 -63.35 -102.28 -46.20
N GLY L 1071 -64.17 -101.56 -46.96
CA GLY L 1071 -64.14 -101.60 -48.40
C GLY L 1071 -62.74 -101.56 -48.98
N ILE L 1072 -61.99 -100.53 -48.63
CA ILE L 1072 -60.63 -100.39 -49.13
C ILE L 1072 -59.73 -101.56 -48.73
N HIS L 1073 -59.91 -102.10 -47.54
CA HIS L 1073 -59.07 -103.21 -47.09
C HIS L 1073 -59.42 -104.48 -47.83
N ASN L 1074 -60.72 -104.70 -48.03
CA ASN L 1074 -61.22 -105.91 -48.64
C ASN L 1074 -60.94 -106.01 -50.13
N ASP L 1075 -61.00 -104.87 -50.83
CA ASP L 1075 -60.50 -104.82 -52.20
C ASP L 1075 -59.02 -105.16 -52.20
N HIS L 1076 -58.32 -104.77 -51.15
CA HIS L 1076 -56.89 -105.04 -51.07
C HIS L 1076 -56.62 -106.54 -50.91
N ILE L 1077 -57.29 -107.18 -49.96
CA ILE L 1077 -57.11 -108.60 -49.72
C ILE L 1077 -57.58 -109.41 -50.91
N LYS L 1078 -58.60 -108.91 -51.60
CA LYS L 1078 -59.08 -109.53 -52.84
C LYS L 1078 -58.07 -109.36 -53.98
N PHE L 1079 -57.75 -108.11 -54.31
CA PHE L 1079 -56.69 -107.82 -55.27
C PHE L 1079 -55.49 -108.69 -54.98
N LEU L 1080 -55.18 -108.85 -53.70
CA LEU L 1080 -53.96 -109.50 -53.24
C LEU L 1080 -54.02 -111.03 -53.40
N LEU L 1081 -55.17 -111.59 -53.03
CA LEU L 1081 -55.42 -113.02 -53.22
C LEU L 1081 -55.32 -113.36 -54.68
N ARG L 1082 -56.18 -112.74 -55.47
CA ARG L 1082 -56.23 -112.96 -56.92
C ARG L 1082 -54.91 -112.74 -57.64
N ASP L 1083 -54.00 -111.98 -57.03
CA ASP L 1083 -52.74 -111.66 -57.69
C ASP L 1083 -51.58 -112.48 -57.15
N LEU L 1084 -51.77 -113.14 -56.03
CA LEU L 1084 -50.69 -113.92 -55.41
C LEU L 1084 -51.11 -115.20 -54.69
N TYR L 1085 -52.29 -115.71 -55.05
CA TYR L 1085 -52.83 -116.92 -54.45
C TYR L 1085 -53.82 -117.60 -55.41
N ASP L 1086 -53.90 -117.00 -56.61
CA ASP L 1086 -54.90 -117.30 -57.64
C ASP L 1086 -56.28 -117.78 -57.18
N GLY L 1087 -56.92 -116.98 -56.33
CA GLY L 1087 -58.27 -117.23 -55.85
C GLY L 1087 -58.33 -118.16 -54.65
N LYS L 1088 -57.27 -118.94 -54.48
CA LYS L 1088 -57.25 -120.01 -53.50
C LYS L 1088 -56.94 -119.55 -52.08
N GLU L 1089 -57.99 -119.31 -51.32
CA GLU L 1089 -57.89 -118.86 -49.93
C GLU L 1089 -57.33 -119.94 -49.03
N GLU L 1090 -57.21 -121.13 -49.60
CA GLU L 1090 -56.58 -122.23 -48.89
C GLU L 1090 -55.08 -121.94 -48.79
N ASN L 1091 -54.56 -121.19 -49.75
CA ASN L 1091 -53.14 -120.84 -49.80
C ASN L 1091 -52.77 -119.81 -48.75
N VAL L 1092 -53.75 -119.04 -48.30
CA VAL L 1092 -53.54 -118.03 -47.28
C VAL L 1092 -53.22 -118.65 -45.93
N PRO L 1093 -51.96 -118.53 -45.49
CA PRO L 1093 -51.50 -119.09 -44.22
C PRO L 1093 -52.39 -118.64 -43.05
N VAL L 1094 -52.31 -119.32 -41.93
CA VAL L 1094 -53.17 -118.97 -40.80
C VAL L 1094 -52.44 -119.05 -39.47
N ILE L 1095 -52.74 -118.09 -38.61
CA ILE L 1095 -52.13 -118.03 -37.29
C ILE L 1095 -53.22 -118.00 -36.22
N GLU L 1096 -52.84 -118.40 -35.02
CA GLU L 1096 -53.74 -118.31 -33.86
C GLU L 1096 -54.41 -116.93 -33.75
N TYR L 1097 -53.62 -115.93 -33.36
CA TYR L 1097 -54.10 -114.54 -33.28
C TYR L 1097 -53.20 -113.63 -34.12
N PHE L 1098 -53.73 -112.49 -34.57
CA PHE L 1098 -52.88 -111.60 -35.37
C PHE L 1098 -51.93 -110.76 -34.52
N GLY L 1099 -50.76 -111.32 -34.25
CA GLY L 1099 -49.75 -110.66 -33.44
C GLY L 1099 -48.45 -110.47 -34.19
N GLY L 1100 -47.39 -110.16 -33.45
CA GLY L 1100 -46.10 -109.86 -34.03
C GLY L 1100 -45.36 -111.07 -34.56
N ARG L 1101 -44.73 -110.94 -35.72
CA ARG L 1101 -43.96 -112.02 -36.34
C ARG L 1101 -43.03 -112.71 -35.36
N ILE L 1102 -42.70 -113.97 -35.64
CA ILE L 1102 -41.80 -114.70 -34.74
C ILE L 1102 -40.51 -115.09 -35.43
N LEU L 1103 -39.43 -115.02 -34.65
CA LEU L 1103 -38.07 -115.26 -35.13
C LEU L 1103 -37.76 -116.75 -35.29
N LYS L 1104 -37.37 -117.15 -36.50
CA LYS L 1104 -36.96 -118.53 -36.78
C LYS L 1104 -35.46 -118.74 -36.49
N ALA L 1105 -35.15 -119.84 -35.81
CA ALA L 1105 -33.77 -120.20 -35.53
C ALA L 1105 -33.44 -121.55 -36.19
N THR L 1106 -32.48 -121.54 -37.10
CA THR L 1106 -31.98 -122.79 -37.69
C THR L 1106 -31.06 -123.51 -36.70
N ASP L 1107 -30.79 -122.86 -35.57
CA ASP L 1107 -30.03 -123.48 -34.47
C ASP L 1107 -31.05 -124.15 -33.66
N GLU L 1108 -31.80 -123.24 -33.07
CA GLU L 1108 -32.81 -123.63 -32.17
C GLU L 1108 -32.11 -124.16 -30.91
N GLU L 1109 -30.86 -123.71 -30.72
CA GLU L 1109 -30.05 -124.06 -29.54
C GLU L 1109 -29.63 -122.78 -28.80
N PRO L 1110 -29.83 -122.76 -27.45
CA PRO L 1110 -29.52 -121.60 -26.60
C PRO L 1110 -28.03 -121.34 -26.40
N ASP L 1111 -27.46 -120.42 -27.18
CA ASP L 1111 -26.07 -120.00 -27.04
C ASP L 1111 -25.93 -118.92 -25.95
N ILE L 1112 -26.65 -119.12 -24.84
CA ILE L 1112 -26.82 -118.10 -23.81
C ILE L 1112 -26.00 -118.35 -22.55
N ASP L 1113 -25.29 -117.31 -22.09
CA ASP L 1113 -24.44 -117.42 -20.90
C ASP L 1113 -25.21 -117.33 -19.60
N GLY L 1114 -24.77 -118.09 -18.60
CA GLY L 1114 -25.44 -118.14 -17.32
C GLY L 1114 -26.77 -118.88 -17.38
N LEU L 1115 -27.11 -119.37 -18.57
CA LEU L 1115 -28.35 -120.12 -18.77
C LEU L 1115 -28.07 -121.54 -19.28
N THR L 1116 -28.74 -122.52 -18.67
CA THR L 1116 -28.66 -123.91 -19.13
C THR L 1116 -30.04 -124.33 -19.65
N ALA L 1117 -30.04 -125.13 -20.73
CA ALA L 1117 -31.28 -125.54 -21.39
C ALA L 1117 -31.38 -127.06 -21.57
N SER L 1118 -32.41 -127.65 -20.98
CA SER L 1118 -32.66 -129.10 -21.08
C SER L 1118 -34.13 -129.33 -21.50
N ARG L 1119 -34.42 -130.50 -22.07
CA ARG L 1119 -35.82 -130.85 -22.36
C ARG L 1119 -36.07 -132.34 -22.58
N ASP L 1120 -37.29 -132.77 -22.21
CA ASP L 1120 -37.78 -134.12 -22.50
C ASP L 1120 -38.86 -134.02 -23.57
N ALA L 1121 -39.80 -134.96 -23.56
CA ALA L 1121 -41.00 -134.86 -24.36
C ALA L 1121 -42.09 -134.18 -23.52
N ASN L 1122 -41.84 -134.10 -22.22
CA ASN L 1122 -42.80 -133.58 -21.26
C ASN L 1122 -42.47 -132.18 -20.72
N LYS L 1123 -41.18 -131.84 -20.70
CA LYS L 1123 -40.76 -130.64 -20.00
C LYS L 1123 -39.54 -129.97 -20.62
N ILE L 1124 -39.60 -128.64 -20.74
CA ILE L 1124 -38.42 -127.84 -21.06
C ILE L 1124 -37.88 -127.16 -19.81
N SER L 1125 -36.61 -127.40 -19.52
CA SER L 1125 -35.95 -126.84 -18.34
C SER L 1125 -35.00 -125.70 -18.70
N TYR L 1126 -35.25 -124.52 -18.11
CA TYR L 1126 -34.30 -123.42 -18.15
C TYR L 1126 -33.93 -123.10 -16.73
N ARG L 1127 -32.64 -122.96 -16.46
CA ARG L 1127 -32.22 -122.43 -15.18
C ARG L 1127 -30.93 -121.62 -15.25
N LEU L 1128 -30.90 -120.56 -14.46
CA LEU L 1128 -29.83 -119.58 -14.55
C LEU L 1128 -28.81 -119.80 -13.44
N SER L 1129 -27.54 -119.76 -13.84
CA SER L 1129 -26.39 -120.03 -12.95
C SER L 1129 -26.51 -119.31 -11.61
N ASN L 1130 -26.42 -120.07 -10.52
CA ASN L 1130 -26.50 -119.50 -9.18
C ASN L 1130 -25.20 -118.80 -8.77
N ALA L 1131 -24.20 -118.90 -9.64
CA ALA L 1131 -22.95 -118.18 -9.44
C ALA L 1131 -23.24 -116.68 -9.34
N PRO L 1132 -22.61 -116.03 -8.36
CA PRO L 1132 -22.79 -114.59 -8.14
C PRO L 1132 -22.27 -113.72 -9.29
N SER L 1133 -21.60 -114.32 -10.28
CA SER L 1133 -21.06 -113.56 -11.42
C SER L 1133 -22.18 -112.87 -12.18
N ALA L 1134 -21.92 -111.62 -12.58
CA ALA L 1134 -22.95 -110.74 -13.16
C ALA L 1134 -23.36 -111.08 -14.60
N ASN L 1135 -23.22 -112.36 -14.98
CA ASN L 1135 -23.61 -112.80 -16.31
C ASN L 1135 -24.99 -113.47 -16.35
N LEU L 1136 -25.99 -112.73 -16.83
CA LEU L 1136 -27.32 -113.29 -17.05
C LEU L 1136 -27.92 -112.71 -18.34
N PRO L 1137 -28.90 -113.44 -18.90
CA PRO L 1137 -29.58 -113.06 -20.14
C PRO L 1137 -30.39 -111.77 -19.99
N ASP L 1138 -30.65 -111.11 -21.12
CA ASP L 1138 -31.50 -109.93 -21.12
C ASP L 1138 -32.83 -110.36 -20.53
N VAL L 1139 -33.47 -109.46 -19.80
CA VAL L 1139 -34.83 -109.73 -19.36
C VAL L 1139 -35.71 -109.88 -20.60
N ASP L 1140 -35.27 -109.28 -21.70
CA ASP L 1140 -35.93 -109.38 -23.00
C ASP L 1140 -35.76 -110.74 -23.67
N SER L 1141 -34.51 -111.14 -23.87
CA SER L 1141 -34.19 -112.45 -24.43
C SER L 1141 -34.87 -113.58 -23.66
N PHE L 1142 -34.73 -113.53 -22.33
CA PHE L 1142 -35.28 -114.55 -21.43
C PHE L 1142 -36.79 -114.74 -21.55
N MET L 1143 -37.46 -113.74 -22.13
CA MET L 1143 -38.90 -113.83 -22.31
C MET L 1143 -39.28 -114.19 -23.74
N GLN L 1144 -38.38 -113.89 -24.68
CA GLN L 1144 -38.54 -114.37 -26.06
C GLN L 1144 -38.46 -115.89 -26.07
N LEU L 1145 -37.69 -116.43 -25.12
CA LEU L 1145 -37.47 -117.86 -25.01
C LEU L 1145 -38.71 -118.56 -24.48
N ILE L 1146 -39.15 -118.13 -23.30
CA ILE L 1146 -40.32 -118.70 -22.65
C ILE L 1146 -41.61 -118.51 -23.45
N ALA L 1147 -41.57 -117.61 -24.42
CA ALA L 1147 -42.75 -117.34 -25.25
C ALA L 1147 -42.96 -118.43 -26.28
N GLY L 1148 -41.87 -118.90 -26.90
CA GLY L 1148 -41.92 -119.94 -27.91
C GLY L 1148 -42.08 -119.37 -29.30
N ASN L 1149 -42.25 -120.25 -30.28
CA ASN L 1149 -42.52 -119.83 -31.66
C ASN L 1149 -44.00 -119.98 -32.02
N SER L 1150 -44.64 -120.95 -31.39
CA SER L 1150 -46.05 -121.18 -31.62
C SER L 1150 -46.89 -120.06 -31.02
N TYR L 1151 -47.73 -119.45 -31.85
CA TYR L 1151 -48.69 -118.46 -31.37
C TYR L 1151 -49.71 -119.10 -30.44
N SER L 1152 -49.49 -118.98 -29.14
CA SER L 1152 -50.32 -119.68 -28.18
C SER L 1152 -50.90 -118.76 -27.12
N TRP L 1153 -51.40 -119.34 -26.04
CA TRP L 1153 -51.66 -118.54 -24.86
C TRP L 1153 -50.29 -118.27 -24.26
N ARG L 1154 -49.48 -119.31 -24.19
CA ARG L 1154 -48.14 -119.21 -23.59
C ARG L 1154 -47.23 -118.19 -24.28
N HIS L 1155 -47.47 -117.92 -25.55
CA HIS L 1155 -46.70 -116.92 -26.28
C HIS L 1155 -47.16 -115.51 -25.93
N ALA L 1156 -48.45 -115.26 -26.04
CA ALA L 1156 -49.01 -113.94 -25.75
C ALA L 1156 -48.84 -113.50 -24.30
N MET L 1157 -48.60 -114.44 -23.39
CA MET L 1157 -48.36 -114.10 -21.98
C MET L 1157 -46.97 -113.52 -21.78
N PHE L 1158 -46.04 -113.91 -22.64
CA PHE L 1158 -44.67 -113.43 -22.55
C PHE L 1158 -44.32 -112.56 -23.75
N THR L 1159 -45.35 -112.14 -24.49
CA THR L 1159 -45.18 -111.26 -25.64
C THR L 1159 -45.76 -109.85 -25.39
N THR L 1160 -47.07 -109.77 -25.21
CA THR L 1160 -47.72 -108.48 -24.99
C THR L 1160 -47.29 -107.87 -23.68
N GLU L 1161 -46.80 -106.64 -23.77
CA GLU L 1161 -46.37 -105.85 -22.63
C GLU L 1161 -47.58 -105.29 -21.88
N VAL L 1162 -48.74 -105.34 -22.52
CA VAL L 1162 -49.96 -104.87 -21.85
C VAL L 1162 -50.99 -105.95 -21.58
N PHE L 1163 -51.36 -106.06 -20.32
CA PHE L 1163 -52.58 -106.75 -19.96
C PHE L 1163 -53.68 -105.72 -19.72
N VAL L 1164 -54.72 -105.75 -20.54
CA VAL L 1164 -55.87 -104.85 -20.35
C VAL L 1164 -56.52 -105.06 -18.98
N GLN L 1165 -57.05 -103.99 -18.40
CA GLN L 1165 -57.73 -104.06 -17.12
C GLN L 1165 -58.97 -103.19 -17.18
N GLY L 1166 -60.09 -103.78 -17.56
CA GLY L 1166 -61.26 -102.97 -17.86
C GLY L 1166 -60.93 -102.19 -19.10
N HIS L 1167 -60.73 -100.89 -18.95
CA HIS L 1167 -60.31 -100.07 -20.08
C HIS L 1167 -58.89 -99.55 -19.92
N ARG L 1168 -58.28 -99.90 -18.80
CA ARG L 1168 -56.90 -99.54 -18.51
C ARG L 1168 -55.91 -100.39 -19.29
N PHE L 1169 -54.70 -99.87 -19.48
CA PHE L 1169 -53.58 -100.70 -19.88
C PHE L 1169 -52.86 -101.10 -18.61
N GLN L 1170 -51.89 -101.99 -18.73
CA GLN L 1170 -51.16 -102.50 -17.58
C GLN L 1170 -49.90 -103.20 -18.05
N THR L 1171 -48.80 -102.93 -17.36
CA THR L 1171 -47.53 -103.48 -17.78
C THR L 1171 -47.45 -104.95 -17.39
N ASN L 1172 -47.08 -105.78 -18.37
CA ASN L 1172 -46.95 -107.22 -18.23
C ASN L 1172 -46.09 -107.64 -17.02
N PRO L 1173 -46.75 -108.02 -15.91
CA PRO L 1173 -46.12 -108.48 -14.66
C PRO L 1173 -45.12 -109.61 -14.85
N LEU L 1174 -45.22 -110.34 -15.96
CA LEU L 1174 -44.29 -111.43 -16.22
C LEU L 1174 -42.89 -110.89 -16.48
N LYS L 1175 -42.83 -109.68 -17.02
CA LYS L 1175 -41.55 -109.00 -17.22
C LYS L 1175 -40.79 -108.83 -15.89
N ARG L 1176 -41.53 -108.57 -14.82
CA ARG L 1176 -40.98 -108.45 -13.48
C ARG L 1176 -40.66 -109.83 -12.93
N LEU L 1177 -41.70 -110.64 -12.79
CA LEU L 1177 -41.58 -111.94 -12.16
C LEU L 1177 -40.45 -112.75 -12.79
N PHE L 1178 -40.37 -112.73 -14.12
CA PHE L 1178 -39.46 -113.59 -14.87
C PHE L 1178 -38.11 -112.96 -15.21
N ALA L 1179 -37.82 -111.81 -14.60
CA ALA L 1179 -36.54 -111.15 -14.81
C ALA L 1179 -35.40 -112.00 -14.23
N PRO L 1180 -34.38 -112.30 -15.07
CA PRO L 1180 -33.26 -113.18 -14.71
C PRO L 1180 -32.77 -112.97 -13.26
N THR L 1181 -32.56 -114.07 -12.55
CA THR L 1181 -32.23 -114.04 -11.13
C THR L 1181 -31.24 -115.16 -10.83
N ARG L 1182 -30.34 -114.92 -9.86
CA ARG L 1182 -29.33 -115.90 -9.48
C ARG L 1182 -29.97 -117.20 -8.99
N GLY L 1183 -29.89 -118.24 -9.84
CA GLY L 1183 -30.35 -119.59 -9.53
C GLY L 1183 -31.85 -119.82 -9.66
N MET L 1184 -32.48 -119.17 -10.63
CA MET L 1184 -33.91 -119.35 -10.84
C MET L 1184 -34.10 -120.48 -11.84
N TYR L 1185 -35.27 -121.11 -11.79
CA TYR L 1185 -35.58 -122.30 -12.58
C TYR L 1185 -36.98 -122.15 -13.21
N VAL L 1186 -37.06 -122.41 -14.51
CA VAL L 1186 -38.35 -122.34 -15.18
C VAL L 1186 -38.64 -123.62 -15.99
N GLU L 1187 -39.77 -124.27 -15.66
CA GLU L 1187 -40.18 -125.50 -16.36
C GLU L 1187 -41.42 -125.25 -17.20
N ILE L 1188 -41.39 -125.76 -18.43
CA ILE L 1188 -42.53 -125.68 -19.34
C ILE L 1188 -43.06 -127.09 -19.67
N THR L 1189 -44.17 -127.45 -19.03
CA THR L 1189 -44.76 -128.78 -19.15
C THR L 1189 -45.56 -128.93 -20.44
N ASN L 1190 -45.37 -130.04 -21.13
CA ASN L 1190 -46.05 -130.32 -22.40
C ASN L 1190 -46.04 -129.09 -23.28
N PRO L 1191 -44.84 -128.57 -23.57
CA PRO L 1191 -44.63 -127.32 -24.28
C PRO L 1191 -45.51 -127.19 -25.51
N ASP L 1192 -45.28 -128.09 -26.47
CA ASP L 1192 -45.91 -128.01 -27.78
C ASP L 1192 -47.40 -128.39 -27.76
N ASP L 1193 -47.90 -128.80 -26.59
CA ASP L 1193 -49.31 -129.09 -26.41
C ASP L 1193 -49.97 -128.01 -25.58
N PRO L 1194 -50.53 -126.99 -26.26
CA PRO L 1194 -51.04 -125.76 -25.67
C PRO L 1194 -51.83 -125.97 -24.38
N ALA L 1195 -53.12 -126.30 -24.48
CA ALA L 1195 -54.01 -126.29 -23.33
C ALA L 1195 -53.47 -127.03 -22.10
N LYS L 1196 -52.49 -127.90 -22.30
CA LYS L 1196 -51.96 -128.71 -21.21
C LYS L 1196 -50.55 -128.31 -20.79
N THR L 1197 -50.17 -127.06 -21.06
CA THR L 1197 -48.85 -126.58 -20.68
C THR L 1197 -48.86 -125.93 -19.29
N VAL L 1198 -47.78 -126.13 -18.56
CA VAL L 1198 -47.61 -125.57 -17.22
C VAL L 1198 -46.26 -124.90 -17.08
N ILE L 1199 -46.28 -123.60 -16.86
CA ILE L 1199 -45.04 -122.84 -16.69
C ILE L 1199 -44.81 -122.55 -15.21
N SER L 1200 -43.65 -122.95 -14.71
CA SER L 1200 -43.35 -122.83 -13.29
C SER L 1200 -41.97 -122.23 -12.99
N VAL L 1201 -41.85 -121.59 -11.84
CA VAL L 1201 -40.59 -120.94 -11.45
C VAL L 1201 -40.11 -121.43 -10.09
N ARG L 1202 -38.85 -121.87 -10.04
CA ARG L 1202 -38.21 -122.29 -8.79
C ARG L 1202 -36.99 -121.43 -8.47
N GLU L 1203 -37.10 -120.65 -7.40
CA GLU L 1203 -36.00 -119.77 -7.01
C GLU L 1203 -35.35 -120.30 -5.74
N PRO L 1204 -34.15 -119.79 -5.43
CA PRO L 1204 -33.47 -120.15 -4.18
C PRO L 1204 -33.99 -119.36 -2.98
N SER L 1205 -34.69 -120.01 -2.06
CA SER L 1205 -35.01 -119.36 -0.80
C SER L 1205 -33.74 -119.32 0.02
N GLN L 1206 -33.66 -118.37 0.94
CA GLN L 1206 -32.44 -118.17 1.72
C GLN L 1206 -32.05 -119.42 2.51
N SER L 1207 -33.06 -120.23 2.85
CA SER L 1207 -32.83 -121.42 3.64
C SER L 1207 -32.95 -122.72 2.82
N ALA L 1208 -33.57 -122.63 1.63
CA ALA L 1208 -33.84 -123.81 0.81
C ALA L 1208 -33.03 -123.85 -0.49
N LYS L 1209 -33.01 -125.02 -1.11
CA LYS L 1209 -32.37 -125.21 -2.40
C LYS L 1209 -33.14 -124.44 -3.48
N LEU L 1210 -34.39 -124.83 -3.68
CA LEU L 1210 -35.29 -124.15 -4.62
C LEU L 1210 -36.67 -124.09 -3.99
N VAL L 1211 -37.57 -123.30 -4.57
CA VAL L 1211 -38.94 -123.20 -4.07
C VAL L 1211 -39.90 -122.87 -5.20
N LYS L 1212 -41.17 -123.22 -4.99
CA LYS L 1212 -42.22 -122.89 -5.93
C LYS L 1212 -42.56 -121.41 -5.82
N THR L 1213 -42.26 -120.70 -6.90
CA THR L 1213 -42.45 -119.26 -6.97
C THR L 1213 -43.81 -118.94 -7.56
N VAL L 1214 -43.91 -119.13 -8.87
CA VAL L 1214 -45.13 -118.87 -9.61
C VAL L 1214 -45.35 -119.99 -10.62
N GLU L 1215 -46.61 -120.18 -11.00
CA GLU L 1215 -46.91 -121.08 -12.10
C GLU L 1215 -48.16 -120.57 -12.81
N ILE L 1216 -48.22 -120.85 -14.11
CA ILE L 1216 -49.35 -120.40 -14.92
C ILE L 1216 -49.92 -121.51 -15.77
N LYS L 1217 -50.95 -122.16 -15.24
CA LYS L 1217 -51.72 -123.14 -16.01
C LYS L 1217 -52.94 -122.48 -16.61
N LEU L 1218 -53.74 -123.26 -17.32
CA LEU L 1218 -55.00 -122.77 -17.84
C LEU L 1218 -56.12 -123.47 -17.05
N VAL L 1219 -57.30 -122.86 -17.04
CA VAL L 1219 -58.46 -123.40 -16.34
C VAL L 1219 -59.73 -122.85 -16.99
N GLY L 1220 -60.67 -123.73 -17.31
CA GLY L 1220 -61.93 -123.29 -17.87
C GLY L 1220 -61.80 -122.66 -19.24
N ASP L 1221 -61.09 -123.34 -20.14
CA ASP L 1221 -60.94 -122.91 -21.55
C ASP L 1221 -60.04 -121.70 -21.72
N ASN L 1222 -60.53 -120.55 -21.29
CA ASN L 1222 -59.87 -119.28 -21.54
C ASN L 1222 -59.21 -118.63 -20.33
N GLU L 1223 -59.67 -118.99 -19.13
CA GLU L 1223 -59.07 -118.43 -17.92
C GLU L 1223 -57.65 -118.97 -17.68
N ILE L 1224 -56.67 -118.08 -17.78
CA ILE L 1224 -55.31 -118.41 -17.41
C ILE L 1224 -55.17 -118.10 -15.91
N ALA L 1225 -54.36 -118.87 -15.21
CA ALA L 1225 -54.26 -118.70 -13.77
C ALA L 1225 -52.82 -118.43 -13.34
N LEU L 1226 -52.51 -117.16 -13.09
CA LEU L 1226 -51.20 -116.77 -12.64
C LEU L 1226 -51.12 -116.85 -11.11
N THR L 1227 -50.29 -117.73 -10.60
CA THR L 1227 -50.26 -118.00 -9.17
C THR L 1227 -48.90 -117.81 -8.53
N LEU L 1228 -48.92 -117.17 -7.36
CA LEU L 1228 -47.71 -116.93 -6.59
C LEU L 1228 -47.85 -117.66 -5.26
N PHE L 1229 -46.74 -118.18 -4.76
CA PHE L 1229 -46.79 -119.00 -3.56
C PHE L 1229 -45.88 -118.49 -2.49
N GLU L 1230 -46.46 -118.18 -1.33
CA GLU L 1230 -45.68 -117.66 -0.22
C GLU L 1230 -45.49 -118.68 0.89
N GLY L 1231 -44.25 -119.16 1.03
CA GLY L 1231 -43.88 -120.01 2.15
C GLY L 1231 -44.28 -119.46 3.53
N ARG L 1232 -43.51 -118.51 4.03
CA ARG L 1232 -43.69 -117.98 5.39
C ARG L 1232 -45.05 -117.30 5.58
N THR L 1233 -46.00 -118.04 6.14
CA THR L 1233 -47.33 -117.51 6.39
C THR L 1233 -47.80 -117.81 7.81
N ALA L 1234 -49.02 -117.38 8.13
CA ALA L 1234 -49.58 -117.52 9.48
C ALA L 1234 -49.73 -118.98 9.91
N GLU L 1235 -50.12 -119.83 8.96
CA GLU L 1235 -50.39 -121.24 9.22
C GLU L 1235 -49.14 -122.11 9.03
N GLY L 1236 -48.03 -121.47 8.64
CA GLY L 1236 -46.77 -122.17 8.44
C GLY L 1236 -46.73 -123.05 7.21
N GLY L 1237 -47.70 -122.86 6.32
CA GLY L 1237 -47.76 -123.65 5.11
C GLY L 1237 -48.08 -122.79 3.90
N VAL L 1238 -47.46 -123.12 2.77
CA VAL L 1238 -47.63 -122.39 1.52
C VAL L 1238 -49.07 -121.92 1.25
N VAL L 1239 -49.23 -120.63 0.96
CA VAL L 1239 -50.50 -120.11 0.49
C VAL L 1239 -50.31 -119.57 -0.92
N PRO L 1240 -51.31 -119.76 -1.77
CA PRO L 1240 -51.27 -119.28 -3.15
C PRO L 1240 -52.20 -118.10 -3.38
N LEU L 1241 -51.74 -117.15 -4.19
CA LEU L 1241 -52.58 -116.05 -4.64
C LEU L 1241 -52.64 -116.20 -6.15
N THR L 1242 -53.83 -116.01 -6.71
CA THR L 1242 -53.99 -116.19 -8.14
C THR L 1242 -54.74 -115.06 -8.81
N PHE L 1243 -54.23 -114.67 -9.99
CA PHE L 1243 -54.83 -113.63 -10.79
C PHE L 1243 -55.37 -114.26 -12.07
N ARG L 1244 -56.64 -114.03 -12.35
CA ARG L 1244 -57.26 -114.68 -13.49
C ARG L 1244 -57.23 -113.80 -14.75
N PHE L 1245 -56.91 -114.42 -15.89
CA PHE L 1245 -56.84 -113.71 -17.17
C PHE L 1245 -57.65 -114.48 -18.19
N THR L 1246 -58.27 -113.78 -19.14
CA THR L 1246 -58.93 -114.43 -20.27
C THR L 1246 -58.33 -113.88 -21.56
N TYR L 1247 -58.35 -114.65 -22.64
CA TYR L 1247 -57.60 -114.22 -23.81
C TYR L 1247 -58.22 -114.48 -25.19
N HIS L 1248 -58.59 -113.39 -25.88
CA HIS L 1248 -59.37 -113.44 -27.13
C HIS L 1248 -58.57 -113.06 -28.36
N PRO L 1249 -57.92 -114.04 -28.99
CA PRO L 1249 -57.06 -113.88 -30.19
C PRO L 1249 -57.72 -113.17 -31.38
N GLU L 1250 -58.96 -112.70 -31.23
CA GLU L 1250 -59.51 -111.78 -32.20
C GLU L 1250 -58.59 -110.56 -32.23
N ALA L 1251 -58.33 -110.02 -31.04
CA ALA L 1251 -57.45 -108.87 -30.84
C ALA L 1251 -55.99 -109.29 -30.63
N GLY L 1252 -55.22 -109.34 -31.71
CA GLY L 1252 -53.82 -109.69 -31.64
C GLY L 1252 -53.04 -108.64 -30.88
N TYR L 1253 -53.64 -107.46 -30.79
CA TYR L 1253 -53.02 -106.32 -30.11
C TYR L 1253 -53.06 -106.44 -28.59
N ALA L 1254 -54.22 -106.81 -28.08
CA ALA L 1254 -54.39 -107.03 -26.65
C ALA L 1254 -54.92 -108.43 -26.43
N PRO L 1255 -54.09 -109.44 -26.76
CA PRO L 1255 -54.51 -110.84 -26.64
C PRO L 1255 -54.92 -111.14 -25.22
N ILE L 1256 -54.24 -110.57 -24.24
CA ILE L 1256 -54.52 -110.90 -22.85
C ILE L 1256 -55.22 -109.80 -22.08
N ARG L 1257 -56.16 -110.20 -21.23
CA ARG L 1257 -56.88 -109.29 -20.35
C ARG L 1257 -56.85 -109.87 -18.94
N GLU L 1258 -57.42 -109.15 -17.98
CA GLU L 1258 -57.53 -109.66 -16.61
C GLU L 1258 -58.97 -109.63 -16.12
N VAL L 1259 -59.28 -110.62 -15.30
CA VAL L 1259 -60.59 -110.73 -14.68
C VAL L 1259 -60.47 -110.14 -13.29
N MET L 1260 -61.03 -108.96 -13.12
CA MET L 1260 -60.76 -108.22 -11.89
C MET L 1260 -61.98 -108.16 -10.97
N GLU L 1261 -63.13 -108.53 -11.51
CA GLU L 1261 -64.35 -108.52 -10.72
C GLU L 1261 -64.25 -109.53 -9.60
N GLY L 1262 -63.72 -109.09 -8.46
CA GLY L 1262 -63.50 -109.94 -7.31
C GLY L 1262 -62.07 -109.83 -6.83
N ARG L 1263 -61.18 -109.50 -7.76
CA ARG L 1263 -59.75 -109.32 -7.50
C ARG L 1263 -59.44 -108.72 -6.13
N ASN L 1264 -60.20 -107.69 -5.75
CA ASN L 1264 -60.00 -107.03 -4.45
C ASN L 1264 -60.19 -108.00 -3.30
N ASP L 1265 -61.37 -108.60 -3.27
CA ASP L 1265 -61.74 -109.56 -2.25
C ASP L 1265 -60.78 -110.74 -2.28
N ARG L 1266 -60.59 -111.31 -3.48
CA ARG L 1266 -59.75 -112.50 -3.69
C ARG L 1266 -58.38 -112.34 -3.01
N ILE L 1267 -57.82 -111.15 -3.16
CA ILE L 1267 -56.54 -110.85 -2.58
C ILE L 1267 -56.67 -110.62 -1.09
N LYS L 1268 -57.69 -109.85 -0.69
CA LYS L 1268 -57.97 -109.63 0.73
C LYS L 1268 -58.06 -110.96 1.46
N GLU L 1269 -58.77 -111.90 0.84
CA GLU L 1269 -58.84 -113.27 1.33
C GLU L 1269 -57.43 -113.80 1.55
N PHE L 1270 -56.65 -113.85 0.48
CA PHE L 1270 -55.27 -114.30 0.55
C PHE L 1270 -54.58 -113.73 1.79
N TYR L 1271 -54.57 -112.40 1.88
CA TYR L 1271 -53.94 -111.74 3.01
C TYR L 1271 -54.52 -112.25 4.31
N TYR L 1272 -55.84 -112.21 4.42
CA TYR L 1272 -56.49 -112.63 5.65
C TYR L 1272 -55.92 -113.94 6.14
N ARG L 1273 -55.88 -114.93 5.24
CA ARG L 1273 -55.38 -116.25 5.57
C ARG L 1273 -53.91 -116.17 5.99
N VAL L 1274 -53.14 -115.35 5.28
CA VAL L 1274 -51.71 -115.24 5.54
C VAL L 1274 -51.42 -114.53 6.87
N TRP L 1275 -52.36 -113.71 7.33
CA TRP L 1275 -52.14 -112.95 8.57
C TRP L 1275 -52.71 -113.64 9.81
N PHE L 1276 -53.97 -114.03 9.74
CA PHE L 1276 -54.68 -114.55 10.90
C PHE L 1276 -55.00 -116.05 10.78
N ALA L 1277 -54.70 -116.64 9.63
CA ALA L 1277 -54.96 -118.07 9.36
C ALA L 1277 -56.43 -118.47 9.46
N GLU L 1278 -57.33 -117.49 9.32
CA GLU L 1278 -58.76 -117.75 9.17
C GLU L 1278 -59.12 -117.38 7.74
N LYS L 1279 -59.53 -118.35 6.95
CA LYS L 1279 -59.81 -118.03 5.55
C LYS L 1279 -61.26 -117.65 5.26
N GLU L 1280 -61.84 -116.87 6.17
CA GLU L 1280 -63.08 -116.16 5.87
C GLU L 1280 -63.10 -114.78 6.52
N VAL L 1281 -63.35 -113.77 5.69
CA VAL L 1281 -63.21 -112.38 6.08
C VAL L 1281 -64.53 -111.65 6.30
N PRO L 1282 -64.58 -110.77 7.31
CA PRO L 1282 -65.77 -109.98 7.68
C PRO L 1282 -66.12 -108.92 6.65
N PHE L 1283 -66.05 -109.28 5.37
CA PHE L 1283 -66.33 -108.38 4.26
C PHE L 1283 -67.44 -107.37 4.56
N ASP L 1284 -68.55 -107.83 5.07
CA ASP L 1284 -69.71 -106.96 5.22
C ASP L 1284 -69.91 -106.42 6.63
N THR L 1285 -68.80 -106.05 7.26
CA THR L 1285 -68.89 -105.32 8.53
C THR L 1285 -68.94 -103.83 8.21
N PRO L 1286 -69.82 -103.09 8.90
CA PRO L 1286 -69.89 -101.64 8.75
C PRO L 1286 -68.71 -101.01 9.44
N LEU L 1287 -68.17 -99.94 8.87
CA LEU L 1287 -66.90 -99.41 9.34
C LEU L 1287 -67.10 -98.66 10.65
N THR L 1288 -68.36 -98.43 10.98
CA THR L 1288 -68.75 -97.76 12.21
C THR L 1288 -68.56 -98.77 13.32
N ALA L 1289 -68.60 -100.00 12.89
CA ALA L 1289 -68.55 -101.05 13.84
C ALA L 1289 -67.20 -101.03 14.55
N VAL L 1290 -67.24 -101.46 15.80
CA VAL L 1290 -66.05 -101.75 16.54
C VAL L 1290 -65.55 -103.13 16.11
N PHE L 1291 -64.25 -103.27 15.98
CA PHE L 1291 -63.66 -104.54 15.59
C PHE L 1291 -63.02 -105.23 16.81
N ASP L 1292 -63.09 -106.56 16.86
CA ASP L 1292 -62.59 -107.30 18.02
C ASP L 1292 -61.23 -107.98 17.77
N GLY L 1293 -60.30 -107.75 18.70
CA GLY L 1293 -59.00 -108.38 18.64
C GLY L 1293 -58.96 -109.48 19.68
N GLY L 1294 -59.74 -109.29 20.74
CA GLY L 1294 -59.97 -110.32 21.74
C GLY L 1294 -58.98 -110.34 22.89
N ARG L 1295 -59.10 -111.39 23.71
CA ARG L 1295 -58.21 -111.59 24.84
C ARG L 1295 -56.81 -111.89 24.33
N GLU L 1296 -55.82 -111.70 25.21
CA GLU L 1296 -54.44 -111.96 24.85
C GLU L 1296 -53.53 -111.89 26.07
N ILE L 1297 -52.72 -112.91 26.27
CA ILE L 1297 -51.75 -112.88 27.34
C ILE L 1297 -50.36 -112.63 26.78
N VAL L 1298 -49.70 -111.66 27.38
CA VAL L 1298 -48.35 -111.30 26.98
C VAL L 1298 -47.43 -112.48 27.25
N ASN L 1299 -47.18 -113.29 26.21
CA ASN L 1299 -46.30 -114.43 26.38
C ASN L 1299 -44.93 -113.98 26.86
N ALA L 1300 -44.55 -114.44 28.06
CA ALA L 1300 -43.27 -114.08 28.66
C ALA L 1300 -42.12 -114.23 27.65
N GLN L 1301 -42.20 -115.28 26.85
CA GLN L 1301 -41.20 -115.56 25.83
C GLN L 1301 -41.37 -114.68 24.60
N ALA L 1302 -42.59 -114.68 24.03
CA ALA L 1302 -42.90 -113.86 22.86
C ALA L 1302 -42.31 -112.45 22.99
N VAL L 1303 -42.31 -111.94 24.21
CA VAL L 1303 -41.75 -110.63 24.52
C VAL L 1303 -40.25 -110.56 24.22
N ALA L 1304 -39.49 -111.47 24.82
CA ALA L 1304 -38.04 -111.50 24.62
C ALA L 1304 -37.69 -111.80 23.16
N ASP L 1305 -38.63 -112.40 22.42
CA ASP L 1305 -38.43 -112.70 21.00
C ASP L 1305 -38.49 -111.43 20.18
N PHE L 1306 -39.43 -110.55 20.55
CA PHE L 1306 -39.64 -109.28 19.87
C PHE L 1306 -38.42 -108.37 20.09
N VAL L 1307 -38.15 -108.11 21.37
CA VAL L 1307 -36.98 -107.36 21.80
C VAL L 1307 -35.73 -107.80 21.02
N HIS L 1308 -35.34 -109.06 21.16
CA HIS L 1308 -34.11 -109.58 20.54
C HIS L 1308 -34.16 -109.51 19.02
N ALA L 1309 -35.31 -109.15 18.49
CA ALA L 1309 -35.51 -109.13 17.04
C ALA L 1309 -35.38 -107.73 16.45
N VAL L 1310 -35.91 -106.72 17.15
CA VAL L 1310 -35.83 -105.34 16.68
C VAL L 1310 -34.49 -104.69 17.05
N GLY L 1311 -34.06 -104.91 18.29
CA GLY L 1311 -32.76 -104.46 18.72
C GLY L 1311 -32.74 -103.92 20.13
N ASN L 1312 -33.89 -103.97 20.81
CA ASN L 1312 -33.99 -103.38 22.14
C ASN L 1312 -33.27 -104.16 23.26
N THR L 1313 -32.82 -103.46 24.30
CA THR L 1313 -31.81 -104.01 25.19
C THR L 1313 -32.01 -103.66 26.64
N GLY L 1314 -33.10 -102.95 26.93
CA GLY L 1314 -33.30 -102.41 28.26
C GLY L 1314 -33.56 -103.46 29.33
N GLU L 1315 -32.83 -103.35 30.44
CA GLU L 1315 -32.95 -104.30 31.58
C GLU L 1315 -34.37 -104.30 32.14
N ALA L 1316 -35.17 -103.36 31.62
CA ALA L 1316 -36.59 -103.31 31.90
C ALA L 1316 -37.33 -104.44 31.18
N PHE L 1317 -36.64 -105.11 30.26
CA PHE L 1317 -37.26 -106.17 29.47
C PHE L 1317 -36.70 -107.54 29.78
N VAL L 1318 -35.52 -107.58 30.39
CA VAL L 1318 -34.78 -108.84 30.49
C VAL L 1318 -34.90 -109.48 31.87
N ASP L 1319 -35.78 -108.96 32.70
CA ASP L 1319 -36.17 -109.66 33.94
C ASP L 1319 -35.07 -109.64 35.00
N ARG L 1320 -34.22 -108.63 34.94
CA ARG L 1320 -33.25 -108.44 36.00
C ARG L 1320 -33.46 -107.07 36.60
N GLY L 1321 -32.70 -106.80 37.66
CA GLY L 1321 -32.71 -105.49 38.29
C GLY L 1321 -34.02 -105.18 38.96
N LYS L 1322 -34.67 -104.11 38.49
CA LYS L 1322 -35.89 -103.60 39.12
C LYS L 1322 -37.11 -103.74 38.23
N ASP L 1323 -36.90 -104.04 36.95
CA ASP L 1323 -37.99 -104.02 35.98
C ASP L 1323 -38.12 -105.27 35.11
N PHE L 1324 -39.36 -105.70 34.91
CA PHE L 1324 -39.72 -106.57 33.79
C PHE L 1324 -41.03 -106.12 33.13
N PHE L 1325 -40.89 -105.33 32.08
CA PHE L 1325 -42.03 -104.87 31.31
C PHE L 1325 -41.90 -105.35 29.89
N ALA L 1326 -42.84 -104.93 29.06
CA ALA L 1326 -42.84 -105.28 27.67
C ALA L 1326 -42.91 -103.99 26.88
N PRO L 1327 -42.17 -103.93 25.77
CA PRO L 1327 -42.17 -102.77 24.87
C PRO L 1327 -43.58 -102.34 24.57
N MET L 1328 -43.84 -101.04 24.50
CA MET L 1328 -45.14 -100.58 24.04
C MET L 1328 -45.24 -100.90 22.55
N ASP L 1329 -44.10 -101.27 21.96
CA ASP L 1329 -44.03 -101.71 20.58
C ASP L 1329 -44.80 -103.02 20.39
N PHE L 1330 -44.86 -103.78 21.47
CA PHE L 1330 -45.56 -105.05 21.49
C PHE L 1330 -47.05 -104.86 21.25
N ALA L 1331 -47.55 -103.66 21.50
CA ALA L 1331 -48.97 -103.37 21.33
C ALA L 1331 -49.48 -103.72 19.91
N ILE L 1332 -48.69 -103.41 18.88
CA ILE L 1332 -49.09 -103.72 17.50
C ILE L 1332 -48.84 -105.16 17.15
N VAL L 1333 -48.21 -105.87 18.08
CA VAL L 1333 -48.06 -107.30 17.91
C VAL L 1333 -49.28 -107.98 18.58
N VAL L 1334 -49.59 -107.54 19.80
CA VAL L 1334 -50.77 -107.97 20.53
C VAL L 1334 -52.03 -107.60 19.76
N GLY L 1335 -52.28 -106.31 19.65
CA GLY L 1335 -53.47 -105.83 18.98
C GLY L 1335 -53.44 -105.97 17.47
N TRP L 1336 -52.38 -106.58 16.93
CA TRP L 1336 -52.21 -106.73 15.48
C TRP L 1336 -53.48 -107.22 14.79
N LYS L 1337 -54.33 -107.89 15.53
CA LYS L 1337 -55.61 -108.35 15.00
C LYS L 1337 -56.51 -107.15 14.68
N ALA L 1338 -57.03 -106.51 15.73
CA ALA L 1338 -58.00 -105.43 15.57
C ALA L 1338 -57.46 -104.26 14.76
N ILE L 1339 -56.12 -104.15 14.72
CA ILE L 1339 -55.49 -103.06 14.01
C ILE L 1339 -55.53 -103.30 12.49
N THR L 1340 -55.52 -104.57 12.10
CA THR L 1340 -55.44 -104.93 10.68
C THR L 1340 -56.82 -105.20 10.08
N LYS L 1341 -57.64 -105.94 10.81
CA LYS L 1341 -58.98 -106.32 10.37
C LYS L 1341 -59.72 -105.26 9.54
N PRO L 1342 -59.84 -104.04 10.09
CA PRO L 1342 -60.73 -103.02 9.53
C PRO L 1342 -60.37 -102.57 8.11
N ILE L 1343 -59.26 -103.05 7.58
CA ILE L 1343 -58.84 -102.67 6.23
C ILE L 1343 -59.70 -103.37 5.20
N PHE L 1344 -60.34 -104.47 5.63
CA PHE L 1344 -60.95 -105.44 4.72
C PHE L 1344 -62.37 -105.17 4.23
N PRO L 1345 -63.24 -104.57 5.07
CA PRO L 1345 -64.63 -104.29 4.67
C PRO L 1345 -64.81 -103.93 3.19
N ARG L 1346 -66.02 -104.16 2.68
CA ARG L 1346 -66.27 -104.06 1.25
C ARG L 1346 -66.27 -102.63 0.73
N LYS L 1347 -66.54 -101.66 1.60
CA LYS L 1347 -66.58 -100.27 1.20
C LYS L 1347 -65.17 -99.63 1.11
N ILE L 1348 -64.17 -100.42 1.46
CA ILE L 1348 -62.77 -100.00 1.42
C ILE L 1348 -62.02 -100.87 0.41
N ASP L 1349 -62.65 -101.12 -0.74
CA ASP L 1349 -62.12 -102.09 -1.69
C ASP L 1349 -60.83 -101.60 -2.38
N GLY L 1350 -59.70 -102.03 -1.83
CA GLY L 1350 -58.42 -101.72 -2.41
C GLY L 1350 -57.62 -102.95 -2.74
N ASP L 1351 -56.57 -102.78 -3.53
CA ASP L 1351 -55.61 -103.82 -3.82
C ASP L 1351 -54.67 -103.98 -2.61
N LEU L 1352 -55.01 -104.84 -1.68
CA LEU L 1352 -54.26 -104.91 -0.45
C LEU L 1352 -52.81 -105.33 -0.68
N LEU L 1353 -52.53 -105.82 -1.88
CA LEU L 1353 -51.15 -106.16 -2.25
C LEU L 1353 -50.31 -104.88 -2.32
N LYS L 1354 -50.89 -103.86 -2.95
CA LYS L 1354 -50.27 -102.55 -3.00
C LYS L 1354 -50.70 -101.71 -1.80
N LEU L 1355 -50.65 -102.31 -0.62
CA LEU L 1355 -50.84 -101.56 0.60
C LEU L 1355 -49.45 -101.30 1.11
N VAL L 1356 -49.31 -100.21 1.88
CA VAL L 1356 -48.07 -99.89 2.59
C VAL L 1356 -48.41 -99.32 3.97
N HIS L 1357 -47.57 -99.61 4.95
CA HIS L 1357 -47.78 -99.01 6.25
C HIS L 1357 -47.32 -97.58 6.17
N LEU L 1358 -48.22 -96.66 6.52
CA LEU L 1358 -48.02 -95.25 6.25
C LEU L 1358 -47.58 -94.47 7.48
N SER L 1359 -48.15 -94.83 8.61
CA SER L 1359 -47.93 -94.10 9.84
C SER L 1359 -48.41 -94.97 10.98
N ASN L 1360 -47.99 -94.64 12.20
CA ASN L 1360 -48.47 -95.37 13.37
C ASN L 1360 -47.90 -94.80 14.67
N GLY L 1361 -48.77 -94.48 15.61
CA GLY L 1361 -48.32 -93.95 16.88
C GLY L 1361 -49.02 -94.57 18.07
N TYR L 1362 -48.28 -94.76 19.16
CA TYR L 1362 -48.85 -95.22 20.42
C TYR L 1362 -49.04 -94.04 21.34
N ARG L 1363 -49.95 -94.16 22.30
CA ARG L 1363 -50.15 -93.11 23.29
C ARG L 1363 -50.71 -93.69 24.57
N MET L 1364 -49.88 -93.73 25.60
CA MET L 1364 -50.22 -94.45 26.82
C MET L 1364 -51.06 -93.65 27.80
N VAL L 1365 -52.29 -94.11 28.00
CA VAL L 1365 -53.23 -93.47 28.91
C VAL L 1365 -52.54 -92.96 30.16
N PRO L 1366 -52.88 -91.73 30.55
CA PRO L 1366 -52.27 -91.07 31.71
C PRO L 1366 -52.39 -91.95 32.96
N GLY L 1367 -51.28 -92.19 33.63
CA GLY L 1367 -51.30 -92.97 34.85
C GLY L 1367 -51.03 -94.45 34.67
N ALA L 1368 -51.32 -94.96 33.47
CA ALA L 1368 -51.25 -96.39 33.20
C ALA L 1368 -49.81 -96.92 33.15
N GLU L 1369 -49.54 -97.98 33.89
CA GLU L 1369 -48.21 -98.61 33.84
C GLU L 1369 -48.00 -99.36 32.53
N PRO L 1370 -46.73 -99.53 32.12
CA PRO L 1370 -46.39 -100.15 30.83
C PRO L 1370 -46.88 -101.60 30.78
N LEU L 1371 -46.59 -102.27 29.68
CA LEU L 1371 -47.05 -103.64 29.54
C LEU L 1371 -46.11 -104.57 30.31
N LYS L 1372 -46.68 -105.41 31.17
CA LYS L 1372 -45.94 -106.47 31.88
C LYS L 1372 -46.30 -107.81 31.25
N VAL L 1373 -45.58 -108.87 31.62
CA VAL L 1373 -45.81 -110.15 30.97
C VAL L 1373 -47.08 -110.90 31.42
N GLY L 1374 -47.37 -110.86 32.71
CA GLY L 1374 -48.53 -111.57 33.24
C GLY L 1374 -49.84 -110.86 32.93
N ASP L 1375 -49.91 -110.27 31.74
CA ASP L 1375 -51.03 -109.40 31.39
C ASP L 1375 -52.01 -110.03 30.40
N VAL L 1376 -53.28 -109.65 30.56
CA VAL L 1376 -54.36 -110.03 29.66
C VAL L 1376 -55.01 -108.78 29.06
N LEU L 1377 -54.86 -108.64 27.75
CA LEU L 1377 -55.18 -107.40 27.06
C LEU L 1377 -56.32 -107.61 26.08
N ASP L 1378 -57.33 -106.76 26.16
CA ASP L 1378 -58.46 -106.79 25.23
C ASP L 1378 -58.35 -105.75 24.14
N THR L 1379 -58.25 -106.24 22.91
CA THR L 1379 -57.90 -105.43 21.75
C THR L 1379 -59.14 -104.86 21.02
N THR L 1380 -59.41 -103.58 21.26
CA THR L 1380 -60.54 -102.90 20.64
C THR L 1380 -60.09 -101.91 19.57
N ALA L 1381 -60.69 -101.96 18.40
CA ALA L 1381 -60.35 -101.00 17.36
C ALA L 1381 -61.59 -100.50 16.61
N GLN L 1382 -61.47 -99.33 15.99
CA GLN L 1382 -62.49 -98.86 15.04
C GLN L 1382 -61.87 -97.94 14.01
N ILE L 1383 -62.59 -97.69 12.93
CA ILE L 1383 -62.04 -96.92 11.82
C ILE L 1383 -62.32 -95.44 11.98
N ASN L 1384 -61.26 -94.68 12.27
CA ASN L 1384 -61.35 -93.25 12.54
C ASN L 1384 -61.50 -92.38 11.30
N ALA L 1385 -60.88 -92.81 10.21
CA ALA L 1385 -61.05 -92.13 8.93
C ALA L 1385 -60.52 -92.96 7.80
N VAL L 1386 -61.28 -92.98 6.72
CA VAL L 1386 -60.80 -93.56 5.48
C VAL L 1386 -60.95 -92.46 4.48
N ILE L 1387 -59.81 -92.00 3.96
CA ILE L 1387 -59.81 -90.93 2.99
C ILE L 1387 -58.84 -91.28 1.90
N ASN L 1388 -59.15 -90.85 0.68
CA ASN L 1388 -58.30 -91.16 -0.45
C ASN L 1388 -57.45 -89.97 -0.86
N GLN L 1389 -56.21 -89.97 -0.39
CA GLN L 1389 -55.21 -88.98 -0.77
C GLN L 1389 -54.80 -89.24 -2.20
N ASP L 1390 -53.95 -88.38 -2.75
CA ASP L 1390 -53.50 -88.59 -4.12
C ASP L 1390 -52.52 -89.74 -4.17
N SER L 1391 -51.76 -89.91 -3.09
CA SER L 1391 -50.79 -90.99 -2.98
C SER L 1391 -51.44 -92.37 -3.05
N GLY L 1392 -52.74 -92.43 -2.75
CA GLY L 1392 -53.51 -93.66 -2.83
C GLY L 1392 -54.83 -93.60 -2.10
N LYS L 1393 -55.00 -94.45 -1.11
CA LYS L 1393 -56.18 -94.45 -0.28
C LYS L 1393 -55.78 -94.75 1.15
N MET L 1394 -56.39 -94.06 2.10
CA MET L 1394 -55.89 -94.09 3.46
C MET L 1394 -56.90 -94.56 4.48
N VAL L 1395 -56.46 -95.47 5.33
CA VAL L 1395 -57.28 -95.97 6.42
C VAL L 1395 -56.65 -95.65 7.76
N GLU L 1396 -57.41 -94.98 8.61
CA GLU L 1396 -56.93 -94.68 9.95
C GLU L 1396 -57.65 -95.56 10.95
N VAL L 1397 -56.86 -96.35 11.68
CA VAL L 1397 -57.38 -97.31 12.64
C VAL L 1397 -56.97 -96.87 14.04
N CYS L 1398 -57.91 -96.89 14.97
CA CYS L 1398 -57.58 -96.54 16.35
C CYS L 1398 -57.72 -97.70 17.32
N GLY L 1399 -56.59 -98.31 17.65
CA GLY L 1399 -56.54 -99.39 18.61
C GLY L 1399 -56.66 -98.91 20.03
N THR L 1400 -57.17 -99.79 20.89
CA THR L 1400 -57.35 -99.51 22.30
C THR L 1400 -57.10 -100.77 23.12
N LEU L 1401 -55.86 -100.94 23.57
CA LEU L 1401 -55.51 -102.03 24.45
C LEU L 1401 -56.00 -101.74 25.89
N LYS L 1402 -56.77 -102.67 26.45
CA LYS L 1402 -57.27 -102.55 27.82
C LYS L 1402 -56.87 -103.73 28.70
N ARG L 1403 -56.44 -103.43 29.91
CA ARG L 1403 -56.18 -104.45 30.90
C ARG L 1403 -57.13 -104.15 32.06
N ASP L 1404 -57.79 -105.19 32.57
CA ASP L 1404 -58.71 -105.02 33.69
C ASP L 1404 -59.90 -104.12 33.35
N GLY L 1405 -60.23 -104.05 32.07
CA GLY L 1405 -61.37 -103.27 31.61
C GLY L 1405 -61.07 -101.79 31.42
N LYS L 1406 -59.93 -101.36 31.93
CA LYS L 1406 -59.49 -99.98 31.76
C LYS L 1406 -58.49 -99.86 30.61
N PRO L 1407 -58.64 -98.82 29.76
CA PRO L 1407 -57.72 -98.61 28.64
C PRO L 1407 -56.31 -98.29 29.16
N VAL L 1408 -55.30 -98.85 28.52
CA VAL L 1408 -53.93 -98.62 28.94
C VAL L 1408 -53.12 -97.88 27.89
N MET L 1409 -53.41 -98.13 26.62
CA MET L 1409 -52.74 -97.40 25.56
C MET L 1409 -53.52 -97.48 24.23
N TYR L 1410 -53.43 -96.43 23.42
CA TYR L 1410 -54.15 -96.38 22.14
C TYR L 1410 -53.20 -96.43 20.96
N VAL L 1411 -53.16 -97.57 20.28
CA VAL L 1411 -52.35 -97.69 19.07
C VAL L 1411 -53.12 -97.22 17.84
N THR L 1412 -52.77 -96.03 17.34
CA THR L 1412 -53.38 -95.48 16.15
C THR L 1412 -52.49 -95.72 14.95
N SER L 1413 -53.07 -96.14 13.84
CA SER L 1413 -52.28 -96.52 12.68
C SER L 1413 -52.88 -96.05 11.35
N GLN L 1414 -52.03 -95.92 10.33
CA GLN L 1414 -52.48 -95.48 9.02
C GLN L 1414 -51.95 -96.38 7.92
N PHE L 1415 -52.84 -96.77 7.00
CA PHE L 1415 -52.43 -97.63 5.91
C PHE L 1415 -52.74 -96.98 4.57
N LEU L 1416 -51.92 -97.30 3.58
CA LEU L 1416 -52.06 -96.69 2.26
C LEU L 1416 -52.25 -97.69 1.13
N TYR L 1417 -53.49 -97.78 0.67
CA TYR L 1417 -53.81 -98.48 -0.57
C TYR L 1417 -53.40 -97.58 -1.73
N ARG L 1418 -52.14 -97.66 -2.15
CA ARG L 1418 -51.65 -96.77 -3.20
C ARG L 1418 -52.34 -96.96 -4.55
N GLY L 1419 -52.83 -95.85 -5.12
CA GLY L 1419 -53.52 -95.88 -6.40
C GLY L 1419 -54.49 -94.73 -6.58
N VAL L 1420 -55.33 -94.82 -7.60
CA VAL L 1420 -56.29 -93.77 -7.95
C VAL L 1420 -57.70 -94.12 -7.51
N TYR L 1421 -58.29 -93.31 -6.62
CA TYR L 1421 -59.62 -93.61 -6.08
C TYR L 1421 -60.63 -92.48 -6.16
N THR L 1422 -61.78 -92.76 -6.76
CA THR L 1422 -62.88 -91.79 -6.85
C THR L 1422 -64.05 -92.28 -5.99
N ASP L 1423 -63.80 -93.33 -5.20
CA ASP L 1423 -64.83 -93.98 -4.40
C ASP L 1423 -65.22 -93.15 -3.19
N TYR L 1424 -65.38 -91.85 -3.40
CA TYR L 1424 -65.56 -90.90 -2.31
C TYR L 1424 -66.78 -91.21 -1.48
N GLU L 1425 -67.69 -92.00 -2.05
CA GLU L 1425 -68.91 -92.35 -1.36
C GLU L 1425 -68.66 -92.79 0.10
N ASN L 1426 -67.55 -93.48 0.30
CA ASN L 1426 -67.23 -94.08 1.59
C ASN L 1426 -66.01 -93.47 2.22
N THR L 1427 -65.63 -92.27 1.77
CA THR L 1427 -64.53 -91.56 2.40
C THR L 1427 -65.12 -90.70 3.53
N PHE L 1428 -64.34 -90.49 4.59
CA PHE L 1428 -64.84 -89.81 5.79
C PHE L 1428 -63.75 -89.64 6.85
N GLN L 1429 -64.06 -88.86 7.88
CA GLN L 1429 -63.12 -88.66 8.96
C GLN L 1429 -63.77 -88.21 10.27
N ARG L 1430 -63.29 -88.74 11.39
CA ARG L 1430 -63.69 -88.28 12.72
C ARG L 1430 -62.51 -87.65 13.44
N LYS L 1431 -62.21 -86.39 13.13
CA LYS L 1431 -61.13 -85.72 13.84
C LYS L 1431 -61.57 -85.21 15.22
N ASP L 1432 -60.64 -85.18 16.16
CA ASP L 1432 -60.90 -84.56 17.43
C ASP L 1432 -60.34 -83.14 17.38
N GLU L 1433 -61.21 -82.18 17.07
CA GLU L 1433 -60.76 -80.82 16.84
C GLU L 1433 -60.17 -80.18 18.09
N VAL L 1434 -59.19 -79.31 17.88
CA VAL L 1434 -58.40 -78.73 18.95
C VAL L 1434 -59.21 -77.94 19.99
N PRO L 1435 -58.85 -78.09 21.26
CA PRO L 1435 -59.44 -77.31 22.36
C PRO L 1435 -59.30 -75.82 22.12
N MET L 1436 -60.42 -75.10 22.03
CA MET L 1436 -60.40 -73.66 21.79
C MET L 1436 -60.82 -72.89 23.04
N GLN L 1437 -60.33 -71.67 23.15
CA GLN L 1437 -60.59 -70.83 24.31
C GLN L 1437 -61.20 -69.50 23.87
N LEU L 1438 -62.52 -69.41 23.98
CA LEU L 1438 -63.24 -68.23 23.53
C LEU L 1438 -63.53 -67.36 24.74
N HIS L 1439 -62.87 -66.19 24.80
CA HIS L 1439 -63.08 -65.27 25.91
C HIS L 1439 -64.17 -64.24 25.58
N ILE L 1440 -65.22 -64.24 26.40
CA ILE L 1440 -66.35 -63.32 26.22
C ILE L 1440 -66.20 -62.07 27.09
N ALA L 1441 -66.12 -60.91 26.43
CA ALA L 1441 -65.86 -59.65 27.12
C ALA L 1441 -66.99 -58.63 26.98
N THR L 1442 -67.46 -58.43 25.75
CA THR L 1442 -68.54 -57.51 25.48
C THR L 1442 -69.86 -58.27 25.45
N PRO L 1443 -70.95 -57.61 25.84
CA PRO L 1443 -72.24 -58.27 25.65
C PRO L 1443 -72.47 -58.53 24.15
N GLN L 1444 -71.73 -57.81 23.31
CA GLN L 1444 -71.84 -58.02 21.88
C GLN L 1444 -71.12 -59.31 21.50
N ASP L 1445 -70.04 -59.59 22.23
CA ASP L 1445 -69.33 -60.86 22.07
C ASP L 1445 -70.27 -62.00 22.42
N LEU L 1446 -70.88 -61.88 23.58
CA LEU L 1446 -71.83 -62.85 24.09
C LEU L 1446 -72.95 -63.05 23.09
N ALA L 1447 -73.57 -61.93 22.71
CA ALA L 1447 -74.73 -61.94 21.84
C ALA L 1447 -74.48 -62.63 20.50
N VAL L 1448 -73.23 -62.64 20.05
CA VAL L 1448 -72.87 -63.35 18.83
C VAL L 1448 -72.64 -64.83 19.09
N LEU L 1449 -72.05 -65.13 20.25
CA LEU L 1449 -71.83 -66.52 20.64
C LEU L 1449 -73.19 -67.18 20.83
N ARG L 1450 -74.18 -66.39 21.25
CA ARG L 1450 -75.52 -66.89 21.44
C ARG L 1450 -76.29 -66.87 20.13
N SER L 1451 -75.87 -65.99 19.22
CA SER L 1451 -76.57 -65.84 17.94
C SER L 1451 -76.32 -67.05 17.05
N LYS L 1452 -75.30 -67.83 17.39
CA LYS L 1452 -74.98 -69.02 16.62
C LYS L 1452 -76.06 -70.11 16.82
N GLU L 1453 -76.48 -70.72 15.72
CA GLU L 1453 -77.48 -71.79 15.76
C GLU L 1453 -76.90 -72.99 16.46
N TRP L 1454 -75.65 -73.30 16.12
CA TRP L 1454 -74.96 -74.46 16.67
C TRP L 1454 -74.67 -74.36 18.16
N PHE L 1455 -74.81 -73.15 18.70
CA PHE L 1455 -74.59 -72.95 20.12
C PHE L 1455 -75.89 -73.14 20.93
N LYS L 1456 -75.79 -73.97 21.95
CA LYS L 1456 -76.96 -74.37 22.75
C LYS L 1456 -76.72 -74.24 24.23
N LEU L 1457 -77.30 -73.21 24.82
CA LEU L 1457 -77.14 -72.95 26.25
C LEU L 1457 -77.84 -73.99 27.13
N ASP L 1458 -77.16 -74.42 28.19
CA ASP L 1458 -77.71 -75.38 29.14
C ASP L 1458 -78.57 -74.66 30.17
N ASP L 1459 -79.44 -75.43 30.83
CA ASP L 1459 -80.32 -74.89 31.85
C ASP L 1459 -79.86 -75.29 33.24
N GLN L 1460 -78.55 -75.49 33.39
CA GLN L 1460 -77.97 -75.79 34.69
C GLN L 1460 -78.10 -74.56 35.58
N HIS L 1461 -77.50 -73.45 35.15
CA HIS L 1461 -77.76 -72.16 35.79
C HIS L 1461 -77.37 -70.96 34.94
N ASP L 1462 -77.94 -69.82 35.30
CA ASP L 1462 -77.66 -68.56 34.64
C ASP L 1462 -76.42 -67.93 35.22
N ILE L 1463 -75.28 -68.53 34.95
CA ILE L 1463 -74.01 -67.94 35.32
C ILE L 1463 -73.60 -67.04 34.16
N GLU L 1464 -73.78 -65.73 34.35
CA GLU L 1464 -73.56 -64.79 33.26
C GLU L 1464 -72.23 -65.01 32.58
N LEU L 1465 -72.31 -65.55 31.38
CA LEU L 1465 -71.16 -65.90 30.56
C LEU L 1465 -70.28 -64.68 30.34
N LEU L 1466 -70.83 -63.51 30.63
CA LEU L 1466 -70.09 -62.25 30.52
C LEU L 1466 -68.88 -62.25 31.47
N GLY L 1467 -67.75 -61.80 30.95
CA GLY L 1467 -66.57 -61.59 31.76
C GLY L 1467 -65.78 -62.84 32.06
N GLN L 1468 -66.21 -63.97 31.50
CA GLN L 1468 -65.52 -65.23 31.70
C GLN L 1468 -65.16 -65.81 30.36
N THR L 1469 -64.32 -66.85 30.38
CA THR L 1469 -63.91 -67.49 29.13
C THR L 1469 -64.46 -68.91 29.04
N LEU L 1470 -64.54 -69.45 27.84
CA LEU L 1470 -65.13 -70.76 27.60
C LEU L 1470 -64.16 -71.71 26.89
N VAL L 1471 -64.34 -72.99 27.12
CA VAL L 1471 -63.53 -74.01 26.48
C VAL L 1471 -64.40 -74.80 25.51
N PHE L 1472 -63.95 -74.89 24.26
CA PHE L 1472 -64.68 -75.61 23.25
C PHE L 1472 -63.92 -76.86 22.81
N ARG L 1473 -64.06 -77.93 23.57
CA ARG L 1473 -63.52 -79.22 23.14
C ARG L 1473 -64.57 -79.88 22.26
N LEU L 1474 -64.25 -80.00 20.98
CA LEU L 1474 -65.23 -80.46 20.01
C LEU L 1474 -64.79 -81.68 19.21
N GLN L 1475 -65.71 -82.62 19.03
CA GLN L 1475 -65.53 -83.72 18.10
C GLN L 1475 -66.30 -83.41 16.84
N SER L 1476 -65.82 -83.92 15.71
CA SER L 1476 -66.55 -83.66 14.48
C SER L 1476 -66.31 -84.74 13.45
N LEU L 1477 -67.27 -84.87 12.54
CA LEU L 1477 -67.29 -85.93 11.55
C LEU L 1477 -67.61 -85.40 10.16
N VAL L 1478 -66.74 -85.74 9.22
CA VAL L 1478 -66.81 -85.21 7.87
C VAL L 1478 -66.86 -86.33 6.83
N ARG L 1479 -67.63 -86.10 5.77
CA ARG L 1479 -67.63 -86.99 4.62
C ARG L 1479 -67.29 -86.24 3.34
N PHE L 1480 -66.26 -86.69 2.65
CA PHE L 1480 -65.73 -86.01 1.47
C PHE L 1480 -66.56 -86.36 0.25
N LYS L 1481 -66.59 -85.45 -0.73
CA LYS L 1481 -67.00 -85.84 -2.07
C LYS L 1481 -65.92 -85.49 -3.09
N ASN L 1482 -65.65 -84.20 -3.30
CA ASN L 1482 -64.46 -83.80 -4.01
C ASN L 1482 -63.34 -83.83 -2.98
N LYS L 1483 -62.10 -84.02 -3.41
CA LYS L 1483 -60.99 -83.94 -2.47
C LYS L 1483 -60.93 -82.54 -1.85
N ASN L 1484 -61.66 -81.60 -2.44
CA ASN L 1484 -61.76 -80.23 -1.96
C ASN L 1484 -63.05 -79.97 -1.19
N VAL L 1485 -64.16 -80.45 -1.76
CA VAL L 1485 -65.47 -80.20 -1.18
C VAL L 1485 -65.91 -81.23 -0.14
N TYR L 1486 -66.34 -80.73 1.02
CA TYR L 1486 -66.87 -81.59 2.05
C TYR L 1486 -68.32 -81.95 1.71
N SER L 1487 -68.52 -83.19 1.30
CA SER L 1487 -69.86 -83.74 1.02
C SER L 1487 -70.86 -83.49 2.16
N SER L 1488 -70.39 -83.54 3.39
CA SER L 1488 -71.25 -83.35 4.55
C SER L 1488 -70.45 -83.34 5.85
N VAL L 1489 -70.71 -82.34 6.68
CA VAL L 1489 -69.93 -82.14 7.91
C VAL L 1489 -70.83 -81.94 9.14
N GLN L 1490 -70.42 -82.53 10.26
CA GLN L 1490 -71.15 -82.37 11.51
C GLN L 1490 -70.19 -82.19 12.67
N THR L 1491 -70.46 -81.21 13.51
CA THR L 1491 -69.61 -81.00 14.67
C THR L 1491 -70.42 -80.91 15.92
N ILE L 1492 -69.98 -81.63 16.93
CA ILE L 1492 -70.62 -81.61 18.23
C ILE L 1492 -69.57 -81.44 19.29
N GLY L 1493 -69.98 -81.16 20.51
CA GLY L 1493 -69.01 -81.04 21.59
C GLY L 1493 -69.53 -80.30 22.80
N GLN L 1494 -68.64 -80.14 23.77
CA GLN L 1494 -69.01 -79.61 25.07
C GLN L 1494 -68.37 -78.25 25.31
N VAL L 1495 -69.19 -77.28 25.71
CA VAL L 1495 -68.67 -75.97 26.09
C VAL L 1495 -68.45 -75.92 27.59
N LEU L 1496 -67.19 -75.84 27.98
CA LEU L 1496 -66.81 -75.89 29.39
C LEU L 1496 -66.61 -74.50 30.01
N LEU L 1497 -66.82 -74.43 31.32
CA LEU L 1497 -66.48 -73.24 32.08
C LEU L 1497 -65.87 -73.62 33.41
N GLU L 1498 -64.81 -72.92 33.79
CA GLU L 1498 -64.20 -73.15 35.09
C GLU L 1498 -64.62 -72.05 36.04
N LEU L 1499 -65.12 -72.46 37.20
CA LEU L 1499 -65.55 -71.51 38.21
C LEU L 1499 -64.35 -70.95 38.98
N PRO L 1500 -64.60 -70.00 39.89
CA PRO L 1500 -63.53 -69.54 40.80
C PRO L 1500 -63.07 -70.68 41.71
N THR L 1501 -63.84 -71.75 41.76
CA THR L 1501 -63.51 -72.90 42.60
C THR L 1501 -62.89 -74.06 41.81
N LYS L 1502 -62.65 -73.84 40.53
CA LYS L 1502 -62.08 -74.85 39.64
C LYS L 1502 -63.10 -75.93 39.24
N GLU L 1503 -64.36 -75.67 39.57
CA GLU L 1503 -65.48 -76.52 39.15
C GLU L 1503 -65.66 -76.40 37.65
N ILE L 1504 -65.62 -77.52 36.93
CA ILE L 1504 -65.84 -77.50 35.49
C ILE L 1504 -67.29 -77.85 35.14
N ILE L 1505 -67.94 -76.98 34.38
CA ILE L 1505 -69.36 -77.16 34.06
C ILE L 1505 -69.61 -77.10 32.57
N GLN L 1506 -70.50 -77.96 32.10
CA GLN L 1506 -70.97 -77.87 30.73
C GLN L 1506 -72.03 -76.79 30.66
N VAL L 1507 -71.58 -75.55 30.44
CA VAL L 1507 -72.48 -74.41 30.38
C VAL L 1507 -73.34 -74.47 29.12
N ALA L 1508 -72.84 -75.16 28.09
CA ALA L 1508 -73.53 -75.27 26.81
C ALA L 1508 -73.01 -76.45 26.00
N SER L 1509 -73.52 -76.61 24.79
CA SER L 1509 -73.14 -77.72 23.92
C SER L 1509 -73.23 -77.32 22.45
N VAL L 1510 -72.37 -77.91 21.62
CA VAL L 1510 -72.29 -77.55 20.22
C VAL L 1510 -72.90 -78.61 19.31
N ASP L 1511 -73.67 -78.15 18.32
CA ASP L 1511 -74.23 -79.05 17.32
C ASP L 1511 -74.42 -78.35 15.98
N TYR L 1512 -73.45 -78.52 15.10
CA TYR L 1512 -73.55 -77.99 13.73
C TYR L 1512 -73.58 -79.16 12.76
N GLU L 1513 -74.33 -78.99 11.67
CA GLU L 1513 -74.40 -80.00 10.61
C GLU L 1513 -74.73 -79.34 9.27
N ALA L 1514 -74.21 -79.91 8.19
CA ALA L 1514 -74.40 -79.34 6.85
C ALA L 1514 -73.74 -80.21 5.80
N GLY L 1515 -74.20 -80.09 4.57
CA GLY L 1515 -73.63 -80.87 3.49
C GLY L 1515 -73.19 -79.93 2.40
N GLU L 1516 -72.34 -80.41 1.50
CA GLU L 1516 -71.78 -79.57 0.46
C GLU L 1516 -71.13 -78.35 1.09
N SER L 1517 -70.20 -78.61 2.01
CA SER L 1517 -69.51 -77.57 2.74
C SER L 1517 -68.09 -77.45 2.19
N HIS L 1518 -67.50 -76.26 2.29
CA HIS L 1518 -66.11 -76.04 1.85
C HIS L 1518 -65.17 -75.92 3.05
N GLY L 1519 -65.74 -75.54 4.19
CA GLY L 1519 -64.99 -75.40 5.42
C GLY L 1519 -65.87 -75.57 6.64
N ASN L 1520 -65.26 -75.60 7.81
CA ASN L 1520 -66.00 -75.79 9.05
C ASN L 1520 -66.29 -74.46 9.75
N PRO L 1521 -67.53 -73.97 9.62
CA PRO L 1521 -67.98 -72.65 10.09
C PRO L 1521 -67.88 -72.48 11.60
N VAL L 1522 -67.82 -73.59 12.33
CA VAL L 1522 -67.75 -73.54 13.79
C VAL L 1522 -66.32 -73.41 14.27
N ILE L 1523 -65.46 -74.31 13.82
CA ILE L 1523 -64.05 -74.22 14.16
C ILE L 1523 -63.50 -72.87 13.73
N ASP L 1524 -63.98 -72.38 12.59
CA ASP L 1524 -63.54 -71.09 12.09
C ASP L 1524 -63.88 -69.98 13.06
N TYR L 1525 -65.16 -69.86 13.41
CA TYR L 1525 -65.61 -68.84 14.36
C TYR L 1525 -64.71 -68.82 15.58
N LEU L 1526 -64.42 -70.00 16.10
CA LEU L 1526 -63.54 -70.15 17.26
C LEU L 1526 -62.09 -69.75 16.95
N GLN L 1527 -61.63 -70.13 15.76
CA GLN L 1527 -60.26 -69.86 15.37
C GLN L 1527 -59.90 -68.39 15.23
N ARG L 1528 -60.90 -67.51 15.23
CA ARG L 1528 -60.64 -66.08 15.25
C ARG L 1528 -60.99 -65.41 16.58
N HIS L 1529 -62.21 -65.60 17.06
CA HIS L 1529 -62.63 -64.98 18.31
C HIS L 1529 -62.01 -65.64 19.55
N GLY L 1530 -61.25 -66.71 19.33
CA GLY L 1530 -60.62 -67.42 20.42
C GLY L 1530 -59.26 -67.98 20.05
N SER L 1531 -58.66 -68.71 21.01
CA SER L 1531 -57.29 -69.20 20.86
C SER L 1531 -57.22 -70.71 21.08
N SER L 1532 -56.11 -71.31 20.64
CA SER L 1532 -55.86 -72.73 20.93
C SER L 1532 -55.43 -72.92 22.39
N ILE L 1533 -55.48 -74.17 22.85
CA ILE L 1533 -55.19 -74.45 24.25
C ILE L 1533 -54.46 -75.80 24.40
N GLU L 1534 -53.80 -75.95 25.55
CA GLU L 1534 -53.09 -77.18 25.86
C GLU L 1534 -52.28 -77.58 24.65
N GLN L 1535 -51.34 -76.73 24.30
CA GLN L 1535 -50.56 -77.01 23.14
C GLN L 1535 -49.10 -76.90 23.47
N PRO L 1536 -48.29 -77.45 22.61
CA PRO L 1536 -46.85 -77.52 22.84
C PRO L 1536 -46.20 -76.15 23.12
N VAL L 1537 -45.21 -76.16 24.00
CA VAL L 1537 -44.39 -74.99 24.24
C VAL L 1537 -43.01 -75.30 23.66
N ASN L 1538 -42.79 -74.86 22.42
CA ASN L 1538 -41.54 -75.14 21.72
C ASN L 1538 -40.46 -74.13 22.09
N PHE L 1539 -39.20 -74.49 21.81
CA PHE L 1539 -38.08 -73.62 22.16
C PHE L 1539 -37.66 -72.76 20.98
N GLU L 1540 -36.94 -71.69 21.28
CA GLU L 1540 -36.30 -70.93 20.22
C GLU L 1540 -35.19 -71.80 19.66
N ASN L 1541 -34.40 -72.34 20.57
CA ASN L 1541 -33.27 -73.16 20.20
C ASN L 1541 -33.49 -74.63 20.51
N PRO L 1542 -33.79 -75.42 19.47
CA PRO L 1542 -33.88 -76.87 19.55
C PRO L 1542 -32.60 -77.45 20.11
N ILE L 1543 -32.71 -78.08 21.27
CA ILE L 1543 -31.58 -78.69 21.96
C ILE L 1543 -31.21 -80.05 21.35
N PRO L 1544 -30.09 -80.10 20.62
CA PRO L 1544 -29.65 -81.39 20.12
C PRO L 1544 -29.51 -82.34 21.30
N LEU L 1545 -30.05 -83.54 21.13
CA LEU L 1545 -29.98 -84.62 22.13
C LEU L 1545 -29.06 -85.67 21.54
N SER L 1546 -29.30 -85.95 20.26
CA SER L 1546 -28.56 -86.93 19.48
C SER L 1546 -27.07 -86.77 19.74
N GLY L 1547 -26.62 -85.52 19.74
CA GLY L 1547 -25.20 -85.22 19.69
C GLY L 1547 -24.93 -85.00 18.22
N LYS L 1548 -23.72 -84.56 17.90
CA LYS L 1548 -23.37 -84.31 16.51
C LYS L 1548 -22.78 -85.56 15.86
N THR L 1549 -22.74 -86.64 16.64
CA THR L 1549 -22.39 -87.96 16.14
C THR L 1549 -23.69 -88.70 15.79
N PRO L 1550 -24.13 -88.61 14.52
CA PRO L 1550 -25.44 -89.13 14.11
C PRO L 1550 -25.62 -90.58 14.52
N LEU L 1551 -26.79 -90.91 15.07
CA LEU L 1551 -27.07 -92.28 15.47
C LEU L 1551 -27.30 -93.14 14.23
N GLU L 1552 -26.70 -94.33 14.22
CA GLU L 1552 -26.72 -95.16 13.02
C GLU L 1552 -27.42 -96.50 13.22
N LEU L 1553 -28.33 -96.81 12.31
CA LEU L 1553 -29.09 -98.06 12.31
C LEU L 1553 -28.99 -98.73 10.95
N ARG L 1554 -28.96 -100.06 10.93
CA ARG L 1554 -29.01 -100.78 9.67
C ARG L 1554 -30.19 -101.73 9.59
N ALA L 1555 -30.93 -101.61 8.50
CA ALA L 1555 -31.98 -102.56 8.19
C ALA L 1555 -31.30 -103.90 8.03
N PRO L 1556 -31.85 -104.92 8.68
CA PRO L 1556 -31.19 -106.21 8.54
C PRO L 1556 -31.55 -106.80 7.19
N ALA L 1557 -30.81 -107.81 6.75
CA ALA L 1557 -31.24 -108.60 5.61
C ALA L 1557 -32.13 -109.72 6.17
N SER L 1558 -33.10 -110.16 5.36
CA SER L 1558 -34.08 -111.16 5.78
C SER L 1558 -35.10 -110.59 6.76
N ASN L 1559 -36.19 -110.09 6.20
CA ASN L 1559 -37.28 -109.54 6.99
C ASN L 1559 -38.02 -110.63 7.77
N GLU L 1560 -37.80 -111.88 7.37
CA GLU L 1560 -38.41 -113.05 8.01
C GLU L 1560 -38.41 -112.89 9.54
N ASN L 1561 -37.24 -112.56 10.10
CA ASN L 1561 -37.08 -112.39 11.54
C ASN L 1561 -38.19 -111.60 12.20
N TYR L 1562 -38.47 -110.44 11.62
CA TYR L 1562 -39.53 -109.57 12.11
C TYR L 1562 -40.88 -110.21 11.84
N ALA L 1563 -41.10 -110.57 10.58
CA ALA L 1563 -42.37 -111.16 10.14
C ALA L 1563 -42.84 -112.17 11.16
N ARG L 1564 -41.91 -113.02 11.62
CA ARG L 1564 -42.19 -114.05 12.61
C ARG L 1564 -42.66 -113.46 13.93
N VAL L 1565 -41.83 -112.62 14.54
CA VAL L 1565 -42.15 -112.09 15.85
C VAL L 1565 -43.30 -111.07 15.82
N SER L 1566 -43.75 -110.72 14.62
CA SER L 1566 -44.73 -109.65 14.45
C SER L 1566 -46.14 -110.13 14.13
N GLY L 1567 -46.24 -110.92 13.05
CA GLY L 1567 -47.52 -111.36 12.54
C GLY L 1567 -47.71 -110.90 11.11
N ASP L 1568 -46.94 -109.88 10.71
CA ASP L 1568 -47.02 -109.39 9.35
C ASP L 1568 -46.14 -110.26 8.46
N TYR L 1569 -46.76 -111.30 7.88
CA TYR L 1569 -46.04 -112.16 6.96
C TYR L 1569 -46.17 -111.61 5.57
N ASN L 1570 -46.91 -110.51 5.44
CA ASN L 1570 -47.13 -109.86 4.16
C ASN L 1570 -45.96 -110.14 3.19
N PRO L 1571 -46.26 -110.83 2.06
CA PRO L 1571 -45.28 -111.28 1.07
C PRO L 1571 -44.45 -110.14 0.52
N ILE L 1572 -45.01 -108.93 0.54
CA ILE L 1572 -44.32 -107.72 0.10
C ILE L 1572 -42.91 -107.61 0.70
N HIS L 1573 -42.79 -107.81 2.01
CA HIS L 1573 -41.54 -107.64 2.73
C HIS L 1573 -40.55 -108.81 2.56
N VAL L 1574 -41.07 -109.98 2.18
CA VAL L 1574 -40.23 -111.19 2.26
C VAL L 1574 -39.95 -111.91 0.93
N SER L 1575 -40.96 -112.06 0.07
CA SER L 1575 -40.76 -112.82 -1.17
C SER L 1575 -40.36 -111.92 -2.32
N ARG L 1576 -39.58 -112.48 -3.24
CA ARG L 1576 -39.14 -111.75 -4.43
C ARG L 1576 -40.27 -111.46 -5.41
N VAL L 1577 -41.10 -112.48 -5.65
CA VAL L 1577 -42.10 -112.37 -6.70
C VAL L 1577 -43.35 -111.62 -6.27
N PHE L 1578 -43.69 -111.72 -5.00
CA PHE L 1578 -44.84 -110.98 -4.48
C PHE L 1578 -44.58 -109.48 -4.52
N SER L 1579 -43.47 -109.06 -3.91
CA SER L 1579 -43.10 -107.65 -3.92
C SER L 1579 -42.93 -107.12 -5.36
N SER L 1580 -42.21 -107.85 -6.21
CA SER L 1580 -42.05 -107.47 -7.62
C SER L 1580 -43.37 -107.18 -8.33
N TYR L 1581 -44.40 -107.97 -8.01
CA TYR L 1581 -45.71 -107.76 -8.65
C TYR L 1581 -46.29 -106.39 -8.25
N ALA L 1582 -45.97 -105.98 -7.02
CA ALA L 1582 -46.52 -104.75 -6.45
C ALA L 1582 -45.73 -103.48 -6.83
N ASN L 1583 -44.89 -103.59 -7.85
CA ASN L 1583 -44.07 -102.47 -8.29
C ASN L 1583 -43.23 -101.85 -7.17
N LEU L 1584 -42.64 -102.71 -6.34
CA LEU L 1584 -41.79 -102.24 -5.27
C LEU L 1584 -40.33 -102.19 -5.69
N PRO L 1585 -39.54 -101.39 -4.95
CA PRO L 1585 -38.08 -101.41 -5.03
C PRO L 1585 -37.54 -102.77 -4.58
N GLY L 1586 -38.42 -103.59 -4.01
CA GLY L 1586 -38.10 -104.98 -3.70
C GLY L 1586 -37.86 -105.31 -2.24
N THR L 1587 -38.60 -106.27 -1.72
CA THR L 1587 -38.36 -106.80 -0.39
C THR L 1587 -38.19 -105.70 0.64
N ILE L 1588 -39.20 -104.84 0.72
CA ILE L 1588 -39.13 -103.66 1.56
C ILE L 1588 -39.11 -103.97 3.05
N THR L 1589 -38.05 -103.56 3.74
CA THR L 1589 -37.95 -103.69 5.19
C THR L 1589 -39.28 -103.27 5.85
N HIS L 1590 -39.60 -103.87 6.99
CA HIS L 1590 -40.88 -103.66 7.64
C HIS L 1590 -41.06 -102.24 8.14
N GLY L 1591 -42.17 -101.62 7.73
CA GLY L 1591 -42.50 -100.30 8.18
C GLY L 1591 -42.32 -100.18 9.69
N MET L 1592 -43.09 -100.97 10.45
CA MET L 1592 -43.05 -100.91 11.90
C MET L 1592 -41.72 -101.35 12.51
N TYR L 1593 -40.84 -101.92 11.69
CA TYR L 1593 -39.53 -102.34 12.17
C TYR L 1593 -38.59 -101.17 12.31
N THR L 1594 -38.52 -100.38 11.23
CA THR L 1594 -37.80 -99.13 11.26
C THR L 1594 -38.29 -98.38 12.49
N SER L 1595 -39.60 -98.20 12.58
CA SER L 1595 -40.24 -97.53 13.71
C SER L 1595 -39.73 -98.03 15.05
N ALA L 1596 -39.80 -99.34 15.25
CA ALA L 1596 -39.39 -99.95 16.50
C ALA L 1596 -37.91 -99.66 16.79
N ALA L 1597 -37.08 -99.84 15.76
CA ALA L 1597 -35.63 -99.68 15.88
C ALA L 1597 -35.24 -98.28 16.35
N VAL L 1598 -35.60 -97.27 15.55
CA VAL L 1598 -35.38 -95.87 15.91
C VAL L 1598 -35.99 -95.53 17.27
N ARG L 1599 -37.20 -96.03 17.50
CA ARG L 1599 -37.89 -95.76 18.74
C ARG L 1599 -37.13 -96.29 19.95
N SER L 1600 -36.31 -97.32 19.76
CA SER L 1600 -35.49 -97.82 20.86
C SER L 1600 -34.47 -96.78 21.31
N LEU L 1601 -33.87 -96.12 20.32
CA LEU L 1601 -32.92 -95.06 20.59
C LEU L 1601 -33.63 -94.01 21.43
N VAL L 1602 -34.83 -93.61 21.00
CA VAL L 1602 -35.61 -92.61 21.73
C VAL L 1602 -35.78 -93.00 23.19
N GLU L 1603 -35.77 -94.29 23.45
CA GLU L 1603 -35.85 -94.78 24.81
C GLU L 1603 -34.50 -94.61 25.50
N THR L 1604 -33.48 -95.21 24.89
CA THR L 1604 -32.15 -95.25 25.48
C THR L 1604 -31.59 -93.84 25.65
N TRP L 1605 -31.90 -92.97 24.69
CA TRP L 1605 -31.29 -91.65 24.59
C TRP L 1605 -32.06 -90.55 25.28
N ALA L 1606 -33.39 -90.63 25.19
CA ALA L 1606 -34.25 -89.60 25.78
C ALA L 1606 -34.57 -89.91 27.23
N ALA L 1607 -35.22 -91.05 27.46
CA ALA L 1607 -35.69 -91.40 28.79
C ALA L 1607 -34.59 -92.05 29.64
N GLU L 1608 -33.47 -92.38 29.00
CA GLU L 1608 -32.34 -93.03 29.70
C GLU L 1608 -32.73 -94.41 30.25
N ASN L 1609 -33.47 -95.16 29.44
CA ASN L 1609 -33.77 -96.56 29.75
C ASN L 1609 -34.82 -96.84 30.84
N ASN L 1610 -35.60 -95.82 31.22
CA ASN L 1610 -36.71 -96.00 32.16
C ASN L 1610 -38.03 -95.84 31.41
N ILE L 1611 -38.44 -96.88 30.69
CA ILE L 1611 -39.45 -96.74 29.63
C ILE L 1611 -40.76 -96.07 30.04
N GLY L 1612 -41.08 -96.12 31.33
CA GLY L 1612 -42.26 -95.44 31.85
C GLY L 1612 -42.37 -94.01 31.34
N ARG L 1613 -41.20 -93.40 31.14
CA ARG L 1613 -41.14 -92.01 30.68
C ARG L 1613 -41.71 -91.85 29.27
N VAL L 1614 -41.26 -92.69 28.33
CA VAL L 1614 -41.75 -92.61 26.96
C VAL L 1614 -43.25 -92.89 26.93
N ARG L 1615 -44.03 -91.81 26.96
CA ARG L 1615 -45.48 -91.88 27.06
C ARG L 1615 -46.18 -91.69 25.71
N SER L 1616 -45.42 -91.30 24.69
CA SER L 1616 -45.99 -91.11 23.36
C SER L 1616 -44.89 -91.17 22.30
N TYR L 1617 -45.24 -91.73 21.16
CA TYR L 1617 -44.32 -91.87 20.05
C TYR L 1617 -45.19 -91.88 18.82
N HIS L 1618 -44.69 -91.34 17.73
CA HIS L 1618 -45.49 -91.31 16.51
C HIS L 1618 -44.61 -91.01 15.31
N VAL L 1619 -44.54 -91.95 14.40
CA VAL L 1619 -43.69 -91.79 13.24
C VAL L 1619 -44.53 -91.80 11.99
N ASN L 1620 -44.11 -91.01 11.01
CA ASN L 1620 -44.56 -91.20 9.63
C ASN L 1620 -43.43 -91.85 8.86
N MET L 1621 -43.72 -93.01 8.29
CA MET L 1621 -42.79 -93.63 7.38
C MET L 1621 -43.04 -93.00 6.01
N VAL L 1622 -41.99 -92.48 5.41
CA VAL L 1622 -42.13 -91.71 4.18
C VAL L 1622 -40.98 -92.05 3.26
N GLY L 1623 -40.19 -93.03 3.69
CA GLY L 1623 -39.12 -93.55 2.87
C GLY L 1623 -39.16 -95.04 2.98
N MET L 1624 -39.04 -95.71 1.83
CA MET L 1624 -39.01 -97.16 1.80
C MET L 1624 -37.59 -97.68 2.01
N VAL L 1625 -37.41 -98.37 3.13
CA VAL L 1625 -36.11 -98.88 3.54
C VAL L 1625 -35.92 -100.30 3.02
N LEU L 1626 -34.98 -100.50 2.11
CA LEU L 1626 -34.65 -101.86 1.68
C LEU L 1626 -33.83 -102.50 2.78
N PRO L 1627 -33.45 -103.79 2.60
CA PRO L 1627 -32.65 -104.43 3.65
C PRO L 1627 -31.19 -104.04 3.50
N ASN L 1628 -30.51 -103.94 4.65
CA ASN L 1628 -29.09 -103.59 4.73
C ASN L 1628 -28.79 -102.10 4.55
N ASP L 1629 -29.82 -101.31 4.30
CA ASP L 1629 -29.68 -99.86 4.21
C ASP L 1629 -29.13 -99.32 5.53
N ALA L 1630 -28.13 -98.43 5.43
CA ALA L 1630 -27.64 -97.71 6.59
C ALA L 1630 -28.55 -96.50 6.86
N ILE L 1631 -28.92 -96.34 8.11
CA ILE L 1631 -29.89 -95.30 8.45
C ILE L 1631 -29.40 -94.39 9.55
N THR L 1632 -29.65 -93.10 9.36
CA THR L 1632 -29.19 -92.08 10.30
C THR L 1632 -30.34 -91.54 11.14
N VAL L 1633 -30.09 -91.37 12.43
CA VAL L 1633 -31.11 -90.89 13.34
C VAL L 1633 -30.65 -89.69 14.14
N LYS L 1634 -31.42 -88.61 14.04
CA LYS L 1634 -31.19 -87.43 14.86
C LYS L 1634 -32.35 -87.23 15.83
N LEU L 1635 -31.99 -86.98 17.09
CA LEU L 1635 -32.98 -86.73 18.14
C LEU L 1635 -32.78 -85.34 18.73
N GLU L 1636 -33.88 -84.63 18.93
CA GLU L 1636 -33.79 -83.22 19.26
C GLU L 1636 -34.88 -82.84 20.26
N HIS L 1637 -34.46 -82.33 21.42
CA HIS L 1637 -35.40 -81.79 22.38
C HIS L 1637 -35.92 -80.46 21.85
N VAL L 1638 -37.17 -80.41 21.43
CA VAL L 1638 -37.66 -79.22 20.73
C VAL L 1638 -38.91 -78.60 21.36
N GLY L 1639 -39.37 -79.18 22.47
CA GLY L 1639 -40.54 -78.64 23.15
C GLY L 1639 -40.86 -79.24 24.51
N MET L 1640 -41.97 -78.79 25.08
CA MET L 1640 -42.45 -79.30 26.35
C MET L 1640 -43.97 -79.33 26.32
N ILE L 1641 -44.55 -80.35 26.94
CA ILE L 1641 -45.99 -80.39 27.16
C ILE L 1641 -46.28 -81.10 28.48
N ALA L 1642 -46.99 -80.42 29.38
CA ALA L 1642 -47.38 -81.01 30.67
C ALA L 1642 -46.26 -81.78 31.38
N GLY L 1643 -45.07 -81.20 31.40
CA GLY L 1643 -43.93 -81.80 32.09
C GLY L 1643 -43.21 -82.84 31.26
N ARG L 1644 -43.50 -82.89 29.96
CA ARG L 1644 -42.94 -83.90 29.06
C ARG L 1644 -42.17 -83.31 27.90
N LYS L 1645 -40.92 -83.72 27.79
CA LYS L 1645 -40.06 -83.30 26.70
C LYS L 1645 -40.63 -83.75 25.37
N ILE L 1646 -40.80 -82.83 24.44
CA ILE L 1646 -41.09 -83.21 23.07
C ILE L 1646 -39.75 -83.53 22.41
N ILE L 1647 -39.70 -84.58 21.62
CA ILE L 1647 -38.45 -84.97 21.01
C ILE L 1647 -38.58 -85.29 19.54
N LYS L 1648 -38.17 -84.35 18.70
CA LYS L 1648 -38.22 -84.52 17.26
C LYS L 1648 -37.30 -85.69 16.88
N VAL L 1649 -37.82 -86.57 16.03
CA VAL L 1649 -37.08 -87.75 15.62
C VAL L 1649 -36.98 -87.75 14.12
N ASP L 1650 -35.77 -87.81 13.60
CA ASP L 1650 -35.54 -87.84 12.17
C ASP L 1650 -34.60 -88.98 11.80
N ALA L 1651 -35.03 -89.82 10.86
CA ALA L 1651 -34.25 -90.94 10.37
C ALA L 1651 -34.10 -90.87 8.84
N ARG L 1652 -32.87 -91.03 8.36
CA ARG L 1652 -32.64 -90.87 6.94
C ARG L 1652 -31.71 -91.93 6.35
N ASN L 1653 -31.84 -92.13 5.05
CA ASN L 1653 -30.98 -93.00 4.28
C ASN L 1653 -29.57 -92.42 4.22
N LYS L 1654 -28.60 -93.16 4.74
CA LYS L 1654 -27.24 -92.61 4.87
C LYS L 1654 -26.61 -92.21 3.53
N ASP L 1655 -27.17 -92.68 2.43
CA ASP L 1655 -26.62 -92.37 1.12
C ASP L 1655 -27.37 -91.26 0.41
N THR L 1656 -28.68 -91.19 0.63
CA THR L 1656 -29.51 -90.24 -0.11
C THR L 1656 -29.96 -89.10 0.78
N ASP L 1657 -29.78 -89.27 2.09
CA ASP L 1657 -30.29 -88.33 3.08
C ASP L 1657 -31.80 -88.20 2.98
N GLU L 1658 -32.40 -89.07 2.18
CA GLU L 1658 -33.85 -89.09 2.02
C GLU L 1658 -34.51 -89.50 3.32
N SER L 1659 -35.66 -88.88 3.60
CA SER L 1659 -36.33 -89.07 4.86
C SER L 1659 -37.01 -90.42 4.89
N VAL L 1660 -36.64 -91.23 5.89
CA VAL L 1660 -37.27 -92.53 6.11
C VAL L 1660 -38.36 -92.37 7.17
N LEU L 1661 -37.96 -91.82 8.31
CA LEU L 1661 -38.88 -91.56 9.40
C LEU L 1661 -38.86 -90.09 9.79
N GLN L 1662 -40.02 -89.59 10.21
CA GLN L 1662 -40.15 -88.26 10.78
C GLN L 1662 -41.27 -88.32 11.79
N GLY L 1663 -41.04 -87.78 12.98
CA GLY L 1663 -42.07 -87.81 13.99
C GLY L 1663 -41.53 -87.39 15.32
N GLU L 1664 -42.43 -87.27 16.28
CA GLU L 1664 -42.09 -86.75 17.60
C GLU L 1664 -42.44 -87.75 18.71
N ALA L 1665 -41.81 -87.61 19.86
CA ALA L 1665 -42.07 -88.50 20.97
C ALA L 1665 -42.16 -87.71 22.27
N GLU L 1666 -43.30 -87.80 22.94
CA GLU L 1666 -43.46 -87.15 24.25
C GLU L 1666 -42.91 -88.01 25.39
N VAL L 1667 -41.84 -87.54 26.02
CA VAL L 1667 -41.07 -88.33 26.98
C VAL L 1667 -40.94 -87.57 28.30
N GLU L 1668 -41.19 -88.26 29.41
CA GLU L 1668 -41.15 -87.63 30.73
C GLU L 1668 -39.75 -87.17 31.15
N GLN L 1669 -39.70 -86.05 31.87
CA GLN L 1669 -38.45 -85.57 32.43
C GLN L 1669 -38.00 -86.59 33.46
N PRO L 1670 -36.74 -86.49 33.90
CA PRO L 1670 -36.21 -87.27 35.04
C PRO L 1670 -37.06 -87.05 36.30
N VAL L 1671 -36.72 -87.76 37.36
CA VAL L 1671 -37.46 -87.69 38.61
C VAL L 1671 -37.27 -86.32 39.26
N THR L 1672 -38.36 -85.58 39.46
CA THR L 1672 -38.25 -84.24 40.00
C THR L 1672 -38.96 -84.02 41.34
N ALA L 1673 -38.41 -83.12 42.14
CA ALA L 1673 -38.97 -82.80 43.43
C ALA L 1673 -38.95 -81.29 43.64
N TYR L 1674 -40.14 -80.69 43.78
CA TYR L 1674 -40.28 -79.25 43.95
C TYR L 1674 -40.36 -78.81 45.43
N VAL L 1675 -39.34 -78.10 45.89
CA VAL L 1675 -39.32 -77.62 47.26
C VAL L 1675 -39.31 -76.10 47.33
N PHE L 1676 -40.15 -75.56 48.21
CA PHE L 1676 -40.38 -74.13 48.29
C PHE L 1676 -39.79 -73.54 49.57
N THR L 1677 -38.86 -72.61 49.40
CA THR L 1677 -38.13 -72.00 50.52
C THR L 1677 -39.07 -71.23 51.46
N GLY L 1678 -38.59 -70.99 52.68
CA GLY L 1678 -39.39 -70.32 53.70
C GLY L 1678 -38.82 -68.97 54.10
N GLN L 1679 -39.30 -68.41 55.21
CA GLN L 1679 -38.84 -67.09 55.66
C GLN L 1679 -37.31 -67.01 55.75
N GLY L 1680 -36.78 -65.79 55.64
CA GLY L 1680 -35.36 -65.58 55.76
C GLY L 1680 -34.68 -65.29 54.44
N SER L 1681 -35.10 -66.01 53.41
CA SER L 1681 -34.51 -65.82 52.09
C SER L 1681 -35.15 -64.66 51.33
N GLN L 1682 -36.08 -63.96 51.99
CA GLN L 1682 -36.73 -62.82 51.37
C GLN L 1682 -35.73 -61.68 51.12
N GLU L 1683 -35.77 -61.16 49.89
CA GLU L 1683 -34.93 -60.03 49.49
C GLU L 1683 -35.82 -59.00 48.80
N GLN L 1684 -35.39 -57.75 48.84
CA GLN L 1684 -36.14 -56.65 48.23
C GLN L 1684 -36.30 -56.83 46.71
N GLY L 1685 -37.48 -56.48 46.21
CA GLY L 1685 -37.77 -56.57 44.79
C GLY L 1685 -37.69 -57.98 44.22
N MET L 1686 -37.90 -58.98 45.06
CA MET L 1686 -37.85 -60.38 44.63
C MET L 1686 -38.89 -60.66 43.57
N GLY L 1687 -38.50 -61.43 42.56
CA GLY L 1687 -39.41 -61.87 41.51
C GLY L 1687 -40.14 -60.75 40.79
N MET L 1688 -39.59 -59.54 40.87
CA MET L 1688 -40.18 -58.37 40.21
C MET L 1688 -39.70 -58.28 38.76
N ASP L 1689 -38.48 -58.73 38.52
CA ASP L 1689 -37.95 -58.82 37.16
C ASP L 1689 -38.83 -59.75 36.34
N LEU L 1690 -38.92 -60.98 36.84
CA LEU L 1690 -39.82 -61.99 36.31
C LEU L 1690 -41.24 -61.43 36.17
N TYR L 1691 -41.61 -60.52 37.07
CA TYR L 1691 -42.90 -59.85 37.02
C TYR L 1691 -43.11 -59.19 35.67
N ALA L 1692 -42.23 -58.26 35.33
CA ALA L 1692 -42.40 -57.50 34.09
C ALA L 1692 -42.33 -58.41 32.87
N THR L 1693 -41.45 -59.40 32.94
CA THR L 1693 -41.18 -60.28 31.80
C THR L 1693 -42.23 -61.37 31.55
N SER L 1694 -42.97 -61.75 32.58
CA SER L 1694 -43.96 -62.83 32.46
C SER L 1694 -45.41 -62.37 32.65
N PRO L 1695 -46.16 -62.28 31.53
CA PRO L 1695 -47.56 -61.85 31.55
C PRO L 1695 -48.37 -62.65 32.56
N VAL L 1696 -47.91 -63.86 32.84
CA VAL L 1696 -48.58 -64.76 33.77
C VAL L 1696 -48.34 -64.34 35.21
N ALA L 1697 -47.07 -64.31 35.59
CA ALA L 1697 -46.69 -63.97 36.95
C ALA L 1697 -47.16 -62.57 37.20
N LYS L 1698 -47.16 -61.79 36.12
CA LYS L 1698 -47.65 -60.41 36.15
C LYS L 1698 -48.98 -60.41 36.87
N GLU L 1699 -49.86 -61.31 36.45
CA GLU L 1699 -51.25 -61.31 36.89
C GLU L 1699 -51.42 -61.95 38.27
N VAL L 1700 -50.60 -62.95 38.57
CA VAL L 1700 -50.63 -63.55 39.90
C VAL L 1700 -50.49 -62.46 40.96
N TRP L 1701 -49.42 -61.67 40.83
CA TRP L 1701 -49.14 -60.57 41.73
C TRP L 1701 -50.31 -59.60 41.79
N ASP L 1702 -50.77 -59.19 40.62
CA ASP L 1702 -51.84 -58.21 40.53
C ASP L 1702 -53.06 -58.65 41.32
N ARG L 1703 -53.52 -59.88 41.09
CA ARG L 1703 -54.73 -60.35 41.76
C ARG L 1703 -54.56 -60.32 43.27
N ALA L 1704 -53.34 -60.65 43.72
CA ALA L 1704 -53.03 -60.65 45.14
C ALA L 1704 -53.05 -59.23 45.64
N ASP L 1705 -52.43 -58.34 44.88
CA ASP L 1705 -52.32 -56.96 45.28
C ASP L 1705 -53.70 -56.36 45.31
N LYS L 1706 -54.40 -56.49 44.19
CA LYS L 1706 -55.77 -56.03 44.04
C LYS L 1706 -56.57 -56.41 45.29
N HIS L 1707 -56.40 -57.65 45.72
CA HIS L 1707 -57.02 -58.12 46.95
C HIS L 1707 -56.60 -57.26 48.14
N PHE L 1708 -55.32 -57.39 48.52
CA PHE L 1708 -54.76 -56.68 49.66
C PHE L 1708 -55.16 -55.21 49.75
N ARG L 1709 -55.09 -54.52 48.63
CA ARG L 1709 -55.38 -53.09 48.61
C ARG L 1709 -56.81 -52.83 49.01
N GLU L 1710 -57.73 -53.62 48.43
CA GLU L 1710 -59.15 -53.37 48.59
C GLU L 1710 -59.71 -53.84 49.93
N ASN L 1711 -58.96 -54.71 50.61
CA ASN L 1711 -59.42 -55.33 51.85
C ASN L 1711 -58.63 -54.85 53.06
N TYR L 1712 -57.31 -54.95 52.95
CA TYR L 1712 -56.43 -54.59 54.06
C TYR L 1712 -55.80 -53.21 53.86
N GLY L 1713 -56.00 -52.62 52.70
CA GLY L 1713 -55.59 -51.24 52.45
C GLY L 1713 -54.09 -50.97 52.24
N PHE L 1714 -53.40 -51.94 51.66
CA PHE L 1714 -52.00 -51.75 51.31
C PHE L 1714 -51.63 -52.68 50.17
N SER L 1715 -50.50 -52.40 49.51
CA SER L 1715 -50.04 -53.23 48.40
C SER L 1715 -48.79 -53.96 48.80
N ILE L 1716 -48.75 -55.27 48.61
CA ILE L 1716 -47.54 -56.01 48.93
C ILE L 1716 -46.50 -55.82 47.84
N ILE L 1717 -46.95 -55.48 46.65
CA ILE L 1717 -46.03 -55.20 45.55
C ILE L 1717 -45.17 -53.99 45.91
N ASP L 1718 -45.80 -52.95 46.44
CA ASP L 1718 -45.06 -51.82 46.96
C ASP L 1718 -44.07 -52.27 48.02
N ILE L 1719 -44.58 -52.85 49.10
CA ILE L 1719 -43.72 -53.33 50.16
C ILE L 1719 -42.54 -54.13 49.59
N VAL L 1720 -42.78 -54.91 48.55
CA VAL L 1720 -41.72 -55.73 47.98
C VAL L 1720 -40.73 -54.86 47.24
N LYS L 1721 -41.23 -54.09 46.26
CA LYS L 1721 -40.37 -53.23 45.46
C LYS L 1721 -39.48 -52.33 46.32
N ASN L 1722 -40.08 -51.31 46.91
CA ASN L 1722 -39.36 -50.47 47.86
C ASN L 1722 -39.76 -50.77 49.30
N ASN L 1723 -38.98 -51.61 49.96
CA ASN L 1723 -39.24 -52.05 51.32
C ASN L 1723 -39.31 -50.89 52.29
N PRO L 1724 -40.53 -50.45 52.64
CA PRO L 1724 -40.72 -49.30 53.53
C PRO L 1724 -40.42 -49.66 54.97
N LYS L 1725 -39.73 -48.78 55.69
CA LYS L 1725 -39.46 -49.03 57.10
C LYS L 1725 -40.75 -48.79 57.89
N GLU L 1726 -41.76 -48.26 57.21
CA GLU L 1726 -43.07 -48.11 57.81
C GLU L 1726 -44.08 -47.81 56.73
N LEU L 1727 -45.35 -47.98 57.08
CA LEU L 1727 -46.45 -47.83 56.15
C LEU L 1727 -47.74 -47.71 56.94
N THR L 1728 -48.65 -46.92 56.44
CA THR L 1728 -49.88 -46.65 57.17
C THR L 1728 -51.06 -46.71 56.24
N VAL L 1729 -52.10 -47.41 56.69
CA VAL L 1729 -53.32 -47.58 55.92
C VAL L 1729 -54.37 -46.58 56.39
N HIS L 1730 -55.29 -46.20 55.50
CA HIS L 1730 -56.27 -45.19 55.87
C HIS L 1730 -57.70 -45.64 55.66
N PHE L 1731 -58.56 -45.35 56.62
CA PHE L 1731 -59.94 -45.82 56.59
C PHE L 1731 -60.88 -44.72 56.10
N GLY L 1732 -60.81 -44.46 54.80
CA GLY L 1732 -61.51 -43.35 54.18
C GLY L 1732 -63.01 -43.49 54.08
N GLY L 1733 -63.56 -43.24 52.89
CA GLY L 1733 -64.99 -43.19 52.68
C GLY L 1733 -65.65 -44.55 52.70
N PRO L 1734 -66.67 -44.75 51.85
CA PRO L 1734 -67.32 -46.07 51.73
C PRO L 1734 -66.32 -47.20 51.86
N ARG L 1735 -65.47 -47.42 50.85
CA ARG L 1735 -64.53 -48.54 50.91
C ARG L 1735 -63.42 -48.34 51.94
N GLY L 1736 -63.36 -47.15 52.53
CA GLY L 1736 -62.45 -46.89 53.61
C GLY L 1736 -62.89 -47.61 54.87
N LYS L 1737 -64.14 -47.38 55.27
CA LYS L 1737 -64.67 -47.94 56.50
C LYS L 1737 -64.70 -49.46 56.42
N ILE L 1738 -65.08 -50.00 55.28
CA ILE L 1738 -65.14 -51.45 55.11
C ILE L 1738 -63.79 -52.10 55.36
N ILE L 1739 -62.72 -51.34 55.22
CA ILE L 1739 -61.40 -51.90 55.49
C ILE L 1739 -61.15 -52.04 56.99
N ARG L 1740 -61.43 -50.98 57.73
CA ARG L 1740 -61.17 -51.00 59.17
C ARG L 1740 -62.02 -52.08 59.83
N GLN L 1741 -63.14 -52.40 59.20
CA GLN L 1741 -63.99 -53.50 59.69
C GLN L 1741 -63.17 -54.76 59.81
N ASN L 1742 -62.37 -55.06 58.77
CA ASN L 1742 -61.52 -56.24 58.75
C ASN L 1742 -60.39 -56.17 59.77
N TYR L 1743 -59.97 -54.96 60.09
CA TYR L 1743 -58.95 -54.74 61.11
C TYR L 1743 -59.54 -54.96 62.49
N MET L 1744 -60.81 -54.59 62.63
CA MET L 1744 -61.55 -54.74 63.87
C MET L 1744 -61.96 -56.20 64.10
N SER L 1745 -62.23 -56.89 62.99
CA SER L 1745 -62.69 -58.28 63.02
C SER L 1745 -61.54 -59.29 63.06
N MET L 1746 -60.41 -58.87 63.62
CA MET L 1746 -59.27 -59.76 63.77
C MET L 1746 -59.27 -60.35 65.18
N THR L 1747 -59.58 -61.64 65.24
CA THR L 1747 -59.83 -62.34 66.50
C THR L 1747 -58.60 -63.07 67.06
N PHE L 1748 -57.99 -62.47 68.07
CA PHE L 1748 -56.85 -63.05 68.78
C PHE L 1748 -57.39 -63.88 69.95
N GLU L 1749 -56.61 -64.86 70.42
CA GLU L 1749 -57.10 -65.71 71.51
C GLU L 1749 -56.03 -66.22 72.50
N THR L 1750 -56.16 -65.77 73.74
CA THR L 1750 -55.31 -66.22 74.84
C THR L 1750 -56.15 -66.43 76.09
N VAL L 1751 -56.11 -67.65 76.62
CA VAL L 1751 -56.89 -68.03 77.79
C VAL L 1751 -56.15 -67.71 79.11
N ASN L 1752 -56.93 -67.31 80.12
CA ASN L 1752 -56.38 -67.03 81.45
C ASN L 1752 -55.86 -68.30 82.11
N ALA L 1753 -55.03 -68.14 83.15
CA ALA L 1753 -54.48 -69.27 83.91
C ALA L 1753 -55.49 -69.89 84.87
N ASP L 1754 -56.76 -69.57 84.67
CA ASP L 1754 -57.86 -70.24 85.37
C ASP L 1754 -58.78 -71.04 84.42
N GLY L 1755 -58.82 -70.65 83.15
CA GLY L 1755 -59.55 -71.39 82.14
C GLY L 1755 -60.68 -70.67 81.42
N SER L 1756 -60.57 -69.35 81.30
CA SER L 1756 -61.53 -68.57 80.51
C SER L 1756 -60.85 -68.04 79.25
N ILE L 1757 -61.44 -68.36 78.08
CA ILE L 1757 -60.85 -68.06 76.78
C ILE L 1757 -60.98 -66.58 76.37
N LYS L 1758 -59.99 -65.77 76.76
CA LYS L 1758 -60.00 -64.35 76.42
C LYS L 1758 -59.90 -64.18 74.90
N THR L 1759 -61.00 -63.70 74.31
CA THR L 1759 -61.05 -63.42 72.88
C THR L 1759 -60.76 -61.93 72.66
N GLU L 1760 -59.55 -61.62 72.17
CA GLU L 1760 -59.05 -60.23 72.08
C GLU L 1760 -58.87 -59.74 70.66
N LYS L 1761 -58.66 -58.43 70.50
CA LYS L 1761 -58.38 -57.88 69.19
C LYS L 1761 -56.91 -58.05 68.86
N ILE L 1762 -56.59 -58.22 67.58
CA ILE L 1762 -55.19 -58.20 67.13
C ILE L 1762 -54.77 -56.74 66.96
N PHE L 1763 -55.66 -55.96 66.36
CA PHE L 1763 -55.45 -54.53 66.15
C PHE L 1763 -56.17 -53.78 67.24
N LYS L 1764 -55.51 -53.71 68.39
CA LYS L 1764 -56.11 -53.21 69.64
C LYS L 1764 -56.70 -51.80 69.49
N GLU L 1765 -55.91 -50.89 68.92
CA GLU L 1765 -56.23 -49.47 68.89
C GLU L 1765 -57.17 -49.08 67.75
N VAL L 1766 -57.55 -50.05 66.93
CA VAL L 1766 -58.43 -49.81 65.79
C VAL L 1766 -59.89 -49.97 66.23
N ASP L 1767 -60.60 -48.86 66.30
CA ASP L 1767 -62.02 -48.89 66.62
C ASP L 1767 -62.84 -48.20 65.54
N GLU L 1768 -64.10 -47.88 65.86
CA GLU L 1768 -64.98 -47.18 64.94
C GLU L 1768 -64.76 -45.66 65.02
N ASN L 1769 -63.63 -45.28 65.61
CA ASN L 1769 -63.19 -43.90 65.69
C ASN L 1769 -61.77 -43.74 65.15
N SER L 1770 -61.29 -44.79 64.48
CA SER L 1770 -59.94 -44.82 63.93
C SER L 1770 -59.94 -44.48 62.44
N THR L 1771 -59.06 -43.55 62.06
CA THR L 1771 -58.92 -43.10 60.68
C THR L 1771 -57.75 -43.77 59.97
N SER L 1772 -56.84 -44.36 60.74
CA SER L 1772 -55.66 -44.98 60.16
C SER L 1772 -54.94 -45.88 61.15
N TYR L 1773 -54.22 -46.85 60.63
CA TYR L 1773 -53.35 -47.67 61.43
C TYR L 1773 -51.98 -47.71 60.77
N THR L 1774 -50.94 -47.78 61.58
CA THR L 1774 -49.58 -47.68 61.04
C THR L 1774 -48.69 -48.89 61.37
N TYR L 1775 -48.21 -49.55 60.33
CA TYR L 1775 -47.28 -50.66 60.48
C TYR L 1775 -45.89 -50.10 60.59
N ARG L 1776 -45.05 -50.67 61.44
CA ARG L 1776 -43.67 -50.20 61.57
C ARG L 1776 -42.68 -51.33 61.79
N SER L 1777 -41.58 -51.29 61.05
CA SER L 1777 -40.46 -52.18 61.31
C SER L 1777 -39.17 -51.37 61.21
N PRO L 1778 -38.22 -51.65 62.10
CA PRO L 1778 -36.95 -50.90 62.10
C PRO L 1778 -36.13 -51.18 60.85
N SER L 1779 -36.37 -52.34 60.23
CA SER L 1779 -35.53 -52.77 59.12
C SER L 1779 -36.37 -53.10 57.89
N GLY L 1780 -37.45 -52.34 57.71
CA GLY L 1780 -38.31 -52.50 56.56
C GLY L 1780 -39.39 -53.55 56.80
N LEU L 1781 -40.59 -53.23 56.34
CA LEU L 1781 -41.77 -54.07 56.58
C LEU L 1781 -41.74 -55.42 55.86
N LEU L 1782 -40.85 -55.54 54.88
CA LEU L 1782 -40.66 -56.83 54.22
C LEU L 1782 -39.80 -57.72 55.09
N SER L 1783 -39.64 -57.32 56.35
CA SER L 1783 -38.82 -58.05 57.29
C SER L 1783 -39.70 -58.63 58.42
N ALA L 1784 -40.85 -58.00 58.65
CA ALA L 1784 -41.82 -58.53 59.61
C ALA L 1784 -42.82 -59.38 58.85
N THR L 1785 -43.22 -60.51 59.44
CA THR L 1785 -43.86 -61.58 58.69
C THR L 1785 -45.23 -61.34 58.05
N GLN L 1786 -46.10 -60.54 58.68
CA GLN L 1786 -47.43 -60.31 58.10
C GLN L 1786 -47.27 -59.96 56.62
N PHE L 1787 -46.12 -59.37 56.29
CA PHE L 1787 -45.80 -59.04 54.91
C PHE L 1787 -44.79 -60.02 54.30
N THR L 1788 -43.71 -60.31 55.05
CA THR L 1788 -42.66 -61.25 54.62
C THR L 1788 -43.24 -62.53 54.03
N GLN L 1789 -44.30 -63.02 54.65
CA GLN L 1789 -44.86 -64.29 54.27
C GLN L 1789 -45.64 -64.23 52.96
N PRO L 1790 -46.72 -63.41 52.92
CA PRO L 1790 -47.53 -63.35 51.69
C PRO L 1790 -46.66 -63.03 50.49
N ALA L 1791 -45.65 -62.20 50.72
CA ALA L 1791 -44.69 -61.84 49.69
C ALA L 1791 -43.89 -63.05 49.19
N LEU L 1792 -43.29 -63.80 50.10
CA LEU L 1792 -42.54 -65.00 49.75
C LEU L 1792 -43.43 -66.02 49.02
N THR L 1793 -44.62 -66.20 49.57
CA THR L 1793 -45.63 -67.06 48.96
C THR L 1793 -45.81 -66.63 47.52
N LEU L 1794 -46.09 -65.34 47.39
CA LEU L 1794 -46.42 -64.73 46.10
C LEU L 1794 -45.35 -65.01 45.07
N MET L 1795 -44.12 -64.62 45.37
CA MET L 1795 -43.03 -64.78 44.41
C MET L 1795 -42.98 -66.22 43.94
N GLU L 1796 -43.19 -67.15 44.86
CA GLU L 1796 -43.04 -68.56 44.56
C GLU L 1796 -44.16 -69.04 43.65
N LYS L 1797 -45.40 -68.81 44.07
CA LYS L 1797 -46.56 -69.19 43.27
C LYS L 1797 -46.39 -68.72 41.82
N ALA L 1798 -46.14 -67.42 41.68
CA ALA L 1798 -45.95 -66.80 40.37
C ALA L 1798 -44.84 -67.52 39.61
N SER L 1799 -43.67 -67.60 40.22
CA SER L 1799 -42.50 -68.22 39.59
C SER L 1799 -42.85 -69.59 39.03
N PHE L 1800 -43.50 -70.40 39.87
CA PHE L 1800 -43.88 -71.75 39.49
C PHE L 1800 -44.91 -71.73 38.38
N GLU L 1801 -45.92 -70.88 38.57
CA GLU L 1801 -47.01 -70.74 37.60
C GLU L 1801 -46.49 -70.38 36.21
N ASP L 1802 -45.32 -69.76 36.16
CA ASP L 1802 -44.69 -69.46 34.91
C ASP L 1802 -44.13 -70.74 34.29
N MET L 1803 -43.40 -71.52 35.08
CA MET L 1803 -42.85 -72.79 34.61
C MET L 1803 -43.99 -73.59 34.04
N ARG L 1804 -45.08 -73.60 34.79
CA ARG L 1804 -46.29 -74.31 34.40
C ARG L 1804 -46.71 -73.79 33.05
N SER L 1805 -46.74 -72.46 32.93
CA SER L 1805 -47.08 -71.79 31.68
C SER L 1805 -46.30 -72.36 30.48
N LYS L 1806 -45.07 -72.80 30.70
CA LYS L 1806 -44.24 -73.27 29.61
C LYS L 1806 -44.11 -74.78 29.59
N GLY L 1807 -44.91 -75.44 30.42
CA GLY L 1807 -45.04 -76.89 30.42
C GLY L 1807 -43.88 -77.61 31.04
N LEU L 1808 -43.32 -77.03 32.09
CA LEU L 1808 -42.14 -77.59 32.74
C LEU L 1808 -42.52 -78.41 33.97
N VAL L 1809 -43.71 -78.16 34.49
CA VAL L 1809 -44.12 -78.85 35.70
C VAL L 1809 -44.42 -80.30 35.40
N GLN L 1810 -43.73 -81.19 36.10
CA GLN L 1810 -43.88 -82.63 35.92
C GLN L 1810 -45.11 -83.17 36.68
N ARG L 1811 -45.86 -84.06 36.04
CA ARG L 1811 -47.09 -84.58 36.62
C ARG L 1811 -46.84 -85.33 37.94
N ASP L 1812 -46.13 -86.45 37.84
CA ASP L 1812 -45.88 -87.34 38.96
C ASP L 1812 -44.62 -86.94 39.71
N SER L 1813 -44.65 -85.77 40.34
CA SER L 1813 -43.53 -85.36 41.17
C SER L 1813 -44.02 -85.02 42.57
N THR L 1814 -43.08 -84.87 43.49
CA THR L 1814 -43.39 -84.57 44.88
C THR L 1814 -43.13 -83.11 45.16
N PHE L 1815 -43.79 -82.59 46.19
CA PHE L 1815 -43.58 -81.19 46.57
C PHE L 1815 -43.65 -80.98 48.08
N ALA L 1816 -42.73 -80.18 48.60
CA ALA L 1816 -42.67 -79.89 50.02
C ALA L 1816 -42.25 -78.45 50.26
N GLY L 1817 -42.70 -77.89 51.37
CA GLY L 1817 -42.32 -76.54 51.73
C GLY L 1817 -41.80 -76.44 53.16
N HIS L 1818 -40.95 -75.45 53.42
CA HIS L 1818 -40.35 -75.26 54.73
C HIS L 1818 -40.97 -74.09 55.49
N SER L 1819 -41.54 -74.37 56.67
CA SER L 1819 -42.27 -73.38 57.45
C SER L 1819 -43.38 -72.79 56.61
N LEU L 1820 -43.20 -71.54 56.20
CA LEU L 1820 -44.15 -70.91 55.31
C LEU L 1820 -44.31 -71.72 54.02
N GLY L 1821 -43.17 -72.05 53.42
CA GLY L 1821 -43.10 -72.65 52.09
C GLY L 1821 -44.04 -73.80 51.84
N GLU L 1822 -44.61 -74.37 52.89
CA GLU L 1822 -45.58 -75.45 52.74
C GLU L 1822 -46.86 -74.91 52.10
N TYR L 1823 -47.33 -73.77 52.60
CA TYR L 1823 -48.53 -73.17 52.04
C TYR L 1823 -48.37 -72.82 50.55
N SER L 1824 -47.27 -72.17 50.21
CA SER L 1824 -47.00 -71.85 48.81
C SER L 1824 -46.92 -73.14 47.99
N ALA L 1825 -46.03 -74.05 48.38
CA ALA L 1825 -45.90 -75.35 47.73
C ALA L 1825 -47.25 -76.01 47.46
N LEU L 1826 -48.12 -75.98 48.48
CA LEU L 1826 -49.47 -76.54 48.35
C LEU L 1826 -50.19 -75.94 47.15
N VAL L 1827 -50.48 -74.64 47.26
CA VAL L 1827 -51.18 -73.90 46.23
C VAL L 1827 -50.49 -73.97 44.88
N ALA L 1828 -49.18 -74.18 44.90
CA ALA L 1828 -48.40 -74.21 43.69
C ALA L 1828 -48.81 -75.36 42.78
N LEU L 1829 -48.89 -76.56 43.35
CA LEU L 1829 -49.16 -77.75 42.55
C LEU L 1829 -50.59 -78.29 42.70
N ALA L 1830 -51.12 -78.25 43.93
CA ALA L 1830 -52.52 -78.54 44.18
C ALA L 1830 -53.25 -77.24 44.32
N ASP L 1831 -54.36 -77.08 43.62
CA ASP L 1831 -55.09 -75.82 43.72
C ASP L 1831 -55.83 -75.71 45.04
N VAL L 1832 -55.10 -75.87 46.14
CA VAL L 1832 -55.68 -75.96 47.47
C VAL L 1832 -56.60 -74.79 47.79
N MET L 1833 -56.40 -73.67 47.08
CA MET L 1833 -57.19 -72.46 47.30
C MET L 1833 -56.78 -71.35 46.33
N PRO L 1834 -57.72 -70.44 46.02
CA PRO L 1834 -57.45 -69.23 45.24
C PRO L 1834 -56.32 -68.41 45.89
N ILE L 1835 -55.62 -67.63 45.08
CA ILE L 1835 -54.44 -66.91 45.55
C ILE L 1835 -54.77 -65.85 46.61
N GLU L 1836 -55.95 -65.24 46.51
CA GLU L 1836 -56.41 -64.26 47.50
C GLU L 1836 -56.64 -64.93 48.84
N SER L 1837 -57.12 -66.17 48.79
CA SER L 1837 -57.24 -66.98 49.99
C SER L 1837 -55.84 -67.17 50.55
N LEU L 1838 -54.94 -67.70 49.72
CA LEU L 1838 -53.58 -68.04 50.15
C LEU L 1838 -52.91 -66.91 50.93
N VAL L 1839 -52.92 -65.71 50.35
CA VAL L 1839 -52.24 -64.59 50.96
C VAL L 1839 -52.93 -64.15 52.24
N SER L 1840 -54.25 -64.22 52.26
CA SER L 1840 -55.03 -63.93 53.46
C SER L 1840 -54.66 -64.91 54.57
N VAL L 1841 -54.85 -66.19 54.26
CA VAL L 1841 -54.40 -67.29 55.10
C VAL L 1841 -53.04 -66.95 55.71
N VAL L 1842 -52.02 -66.89 54.86
CA VAL L 1842 -50.65 -66.67 55.30
C VAL L 1842 -50.46 -65.38 56.10
N PHE L 1843 -51.10 -64.30 55.65
CA PHE L 1843 -51.07 -63.02 56.36
C PHE L 1843 -51.55 -63.18 57.81
N TYR L 1844 -52.59 -63.99 57.98
CA TYR L 1844 -53.12 -64.29 59.30
C TYR L 1844 -52.11 -65.10 60.12
N ARG L 1845 -51.50 -66.09 59.49
CA ARG L 1845 -50.47 -66.91 60.12
C ARG L 1845 -49.40 -66.01 60.74
N GLY L 1846 -48.83 -65.13 59.91
CA GLY L 1846 -47.83 -64.19 60.36
C GLY L 1846 -48.32 -63.32 61.50
N LEU L 1847 -49.57 -62.84 61.41
CA LEU L 1847 -50.16 -62.05 62.49
C LEU L 1847 -50.16 -62.80 63.82
N THR L 1848 -50.76 -63.99 63.83
CA THR L 1848 -50.86 -64.79 65.06
C THR L 1848 -49.47 -65.14 65.59
N MET L 1849 -48.59 -65.56 64.68
CA MET L 1849 -47.21 -65.88 65.04
C MET L 1849 -46.50 -64.75 65.77
N GLN L 1850 -46.91 -63.51 65.51
CA GLN L 1850 -46.24 -62.38 66.14
C GLN L 1850 -46.90 -62.01 67.47
N VAL L 1851 -48.21 -62.16 67.55
CA VAL L 1851 -48.94 -61.82 68.77
C VAL L 1851 -48.88 -62.91 69.83
N ALA L 1852 -48.43 -64.10 69.42
CA ALA L 1852 -48.29 -65.24 70.32
C ALA L 1852 -47.49 -64.95 71.60
N VAL L 1853 -46.35 -64.32 71.45
CA VAL L 1853 -45.45 -63.99 72.56
C VAL L 1853 -45.79 -62.69 73.30
N GLU L 1854 -45.39 -62.63 74.57
CA GLU L 1854 -45.56 -61.41 75.35
C GLU L 1854 -44.29 -60.56 75.29
N ARG L 1855 -44.45 -59.27 75.01
CA ARG L 1855 -43.34 -58.32 75.12
C ARG L 1855 -43.74 -57.14 75.98
N ASP L 1856 -42.75 -56.37 76.39
CA ASP L 1856 -43.00 -55.26 77.31
C ASP L 1856 -42.91 -53.90 76.61
N GLU L 1857 -42.70 -52.86 77.41
CA GLU L 1857 -42.71 -51.48 76.95
C GLU L 1857 -41.55 -51.13 76.02
N GLN L 1858 -40.40 -51.75 76.26
CA GLN L 1858 -39.22 -51.48 75.46
C GLN L 1858 -39.32 -52.19 74.10
N GLY L 1859 -40.37 -52.99 73.92
CA GLY L 1859 -40.49 -53.85 72.75
C GLY L 1859 -39.75 -55.14 73.06
N ARG L 1860 -39.17 -55.19 74.25
CA ARG L 1860 -38.43 -56.35 74.73
C ARG L 1860 -39.27 -57.63 74.69
N SER L 1861 -38.80 -58.61 73.90
CA SER L 1861 -39.47 -59.90 73.72
C SER L 1861 -39.09 -60.91 74.80
N ASN L 1862 -39.92 -61.93 74.98
CA ASN L 1862 -39.71 -62.89 76.07
C ASN L 1862 -38.73 -64.02 75.72
N TYR L 1863 -38.88 -64.56 74.52
CA TYR L 1863 -38.07 -65.70 74.08
C TYR L 1863 -37.20 -65.32 72.89
N ALA L 1864 -36.62 -66.34 72.25
CA ALA L 1864 -35.84 -66.18 71.02
C ALA L 1864 -35.35 -67.54 70.51
N MET L 1865 -35.01 -67.59 69.23
CA MET L 1865 -34.56 -68.83 68.62
C MET L 1865 -33.07 -68.81 68.26
N CYS L 1866 -32.48 -69.99 68.18
CA CYS L 1866 -31.06 -70.12 67.92
C CYS L 1866 -30.71 -71.43 67.24
N ALA L 1867 -29.82 -71.35 66.24
CA ALA L 1867 -29.45 -72.52 65.45
C ALA L 1867 -28.21 -73.18 66.04
N VAL L 1868 -28.17 -74.51 65.97
CA VAL L 1868 -27.05 -75.25 66.55
C VAL L 1868 -26.47 -76.36 65.66
N ASN L 1869 -25.17 -76.29 65.45
CA ASN L 1869 -24.42 -77.24 64.63
C ASN L 1869 -23.68 -78.25 65.49
N PRO L 1870 -24.27 -79.47 65.69
CA PRO L 1870 -23.69 -80.47 66.58
C PRO L 1870 -22.28 -80.93 66.17
N SER L 1871 -21.94 -80.76 64.89
CA SER L 1871 -20.61 -81.11 64.35
C SER L 1871 -19.49 -80.34 65.01
N ARG L 1872 -19.75 -79.05 65.30
CA ARG L 1872 -18.75 -78.11 65.81
C ARG L 1872 -18.38 -78.37 67.28
N ILE L 1873 -19.18 -79.20 67.96
CA ILE L 1873 -18.83 -79.68 69.31
C ILE L 1873 -17.81 -80.81 69.20
N SER L 1874 -18.31 -82.03 69.11
CA SER L 1874 -17.46 -83.19 68.89
C SER L 1874 -18.06 -83.99 67.75
N PRO L 1875 -17.22 -84.44 66.80
CA PRO L 1875 -17.71 -85.31 65.71
C PRO L 1875 -18.40 -86.62 66.19
N THR L 1876 -18.44 -86.83 67.50
CA THR L 1876 -19.19 -87.95 68.10
C THR L 1876 -20.60 -87.51 68.47
N PHE L 1877 -20.83 -86.21 68.42
CA PHE L 1877 -22.10 -85.58 68.79
C PHE L 1877 -23.18 -85.85 67.73
N THR L 1878 -24.24 -86.56 68.13
CA THR L 1878 -25.28 -86.98 67.17
C THR L 1878 -26.56 -86.14 67.25
N GLU L 1879 -27.54 -86.53 66.44
CA GLU L 1879 -28.86 -85.93 66.51
C GLU L 1879 -29.45 -86.15 67.90
N GLN L 1880 -29.59 -87.42 68.30
CA GLN L 1880 -30.11 -87.79 69.61
C GLN L 1880 -29.30 -87.21 70.76
N ALA L 1881 -28.05 -86.88 70.47
CA ALA L 1881 -27.16 -86.25 71.44
C ALA L 1881 -27.66 -84.85 71.81
N LEU L 1882 -27.88 -84.02 70.79
CA LEU L 1882 -28.38 -82.66 71.02
C LEU L 1882 -29.79 -82.70 71.63
N GLN L 1883 -30.56 -83.72 71.26
CA GLN L 1883 -31.87 -83.95 71.83
C GLN L 1883 -31.77 -84.17 73.32
N TYR L 1884 -30.89 -85.10 73.70
CA TYR L 1884 -30.67 -85.42 75.12
C TYR L 1884 -30.32 -84.17 75.92
N VAL L 1885 -29.36 -83.39 75.41
CA VAL L 1885 -28.96 -82.13 76.03
C VAL L 1885 -30.17 -81.25 76.36
N VAL L 1886 -31.01 -81.06 75.35
CA VAL L 1886 -32.17 -80.18 75.43
C VAL L 1886 -33.27 -80.68 76.39
N GLU L 1887 -33.79 -81.88 76.10
CA GLU L 1887 -34.88 -82.49 76.88
C GLU L 1887 -34.55 -82.52 78.36
N ASN L 1888 -33.25 -82.68 78.66
CA ASN L 1888 -32.74 -82.66 80.04
C ASN L 1888 -32.78 -81.27 80.65
N ILE L 1889 -32.27 -80.28 79.91
CA ILE L 1889 -32.33 -78.90 80.34
C ILE L 1889 -33.80 -78.47 80.49
N ALA L 1890 -34.67 -79.18 79.77
CA ALA L 1890 -36.09 -78.88 79.74
C ALA L 1890 -36.78 -79.05 81.10
N GLU L 1891 -36.69 -80.25 81.67
CA GLU L 1891 -37.39 -80.58 82.92
C GLU L 1891 -36.48 -80.43 84.14
N VAL L 1892 -35.25 -79.99 83.91
CA VAL L 1892 -34.32 -79.63 84.98
C VAL L 1892 -34.48 -78.16 85.38
N THR L 1893 -34.22 -77.26 84.43
CA THR L 1893 -34.37 -75.82 84.65
C THR L 1893 -35.82 -75.35 84.44
N GLY L 1894 -36.69 -76.29 84.06
CA GLY L 1894 -38.13 -76.06 84.00
C GLY L 1894 -38.62 -75.06 82.96
N TRP L 1895 -37.69 -74.35 82.34
CA TRP L 1895 -38.02 -73.34 81.32
C TRP L 1895 -38.58 -74.01 80.07
N LEU L 1896 -38.73 -73.22 79.00
CA LEU L 1896 -39.21 -73.76 77.74
C LEU L 1896 -38.07 -73.80 76.72
N LEU L 1897 -37.73 -75.02 76.31
CA LEU L 1897 -36.69 -75.24 75.31
C LEU L 1897 -37.09 -76.47 74.48
N GLU L 1898 -36.70 -76.48 73.20
CA GLU L 1898 -37.18 -77.49 72.27
C GLU L 1898 -36.55 -77.35 70.90
N ILE L 1899 -36.09 -78.46 70.33
CA ILE L 1899 -35.58 -78.44 68.96
C ILE L 1899 -36.75 -78.23 68.01
N VAL L 1900 -36.79 -77.05 67.41
CA VAL L 1900 -37.90 -76.62 66.57
C VAL L 1900 -37.63 -76.91 65.09
N ASN L 1901 -36.36 -76.96 64.73
CA ASN L 1901 -35.94 -77.26 63.36
C ASN L 1901 -34.94 -78.41 63.25
N TYR L 1902 -35.32 -79.42 62.45
CA TYR L 1902 -34.43 -80.50 62.06
C TYR L 1902 -34.16 -80.34 60.58
N ASN L 1903 -33.06 -79.67 60.25
CA ASN L 1903 -32.78 -79.27 58.86
C ASN L 1903 -31.76 -80.15 58.12
N VAL L 1904 -30.54 -80.24 58.65
CA VAL L 1904 -29.52 -81.11 58.06
C VAL L 1904 -28.96 -82.12 59.06
N ALA L 1905 -28.78 -83.35 58.59
CA ALA L 1905 -28.42 -84.52 59.41
C ALA L 1905 -27.60 -84.25 60.68
N ASN L 1906 -26.33 -83.87 60.51
CA ASN L 1906 -25.50 -83.58 61.67
C ASN L 1906 -24.95 -82.17 61.55
N MET L 1907 -25.73 -81.32 60.90
CA MET L 1907 -25.25 -80.01 60.50
C MET L 1907 -26.07 -78.88 61.10
N GLN L 1908 -27.35 -78.84 60.76
CA GLN L 1908 -28.15 -77.69 61.14
C GLN L 1908 -29.41 -78.07 61.90
N TYR L 1909 -29.54 -77.45 63.07
CA TYR L 1909 -30.71 -77.60 63.91
C TYR L 1909 -31.06 -76.25 64.50
N VAL L 1910 -32.28 -76.10 64.98
CA VAL L 1910 -32.70 -74.84 65.57
C VAL L 1910 -33.56 -75.04 66.80
N ALA L 1911 -33.22 -74.35 67.87
CA ALA L 1911 -33.95 -74.46 69.12
C ALA L 1911 -34.65 -73.16 69.48
N ALA L 1912 -35.86 -73.28 70.00
CA ALA L 1912 -36.61 -72.12 70.46
C ALA L 1912 -36.67 -72.15 71.98
N GLY L 1913 -37.41 -71.19 72.55
CA GLY L 1913 -37.67 -71.19 73.96
C GLY L 1913 -37.17 -69.97 74.72
N ASP L 1914 -37.37 -70.01 76.04
CA ASP L 1914 -36.92 -68.97 76.95
C ASP L 1914 -35.50 -68.47 76.62
N LEU L 1915 -35.25 -67.19 76.84
CA LEU L 1915 -33.92 -66.62 76.68
C LEU L 1915 -32.86 -67.31 77.54
N ARG L 1916 -33.23 -67.63 78.78
CA ARG L 1916 -32.33 -68.32 79.71
C ARG L 1916 -32.15 -69.79 79.31
N ALA L 1917 -33.19 -70.35 78.70
CA ALA L 1917 -33.17 -71.72 78.21
C ALA L 1917 -32.20 -71.86 77.03
N LEU L 1918 -32.06 -70.77 76.27
CA LEU L 1918 -31.09 -70.71 75.17
C LEU L 1918 -29.70 -70.37 75.70
N ASP L 1919 -29.64 -69.77 76.88
CA ASP L 1919 -28.36 -69.43 77.49
C ASP L 1919 -27.72 -70.66 78.13
N THR L 1920 -28.54 -71.47 78.77
CA THR L 1920 -28.06 -72.66 79.46
C THR L 1920 -27.72 -73.77 78.47
N LEU L 1921 -28.43 -73.78 77.33
CA LEU L 1921 -28.16 -74.74 76.27
C LEU L 1921 -26.94 -74.32 75.45
N ALA L 1922 -26.69 -73.02 75.41
CA ALA L 1922 -25.48 -72.49 74.79
C ALA L 1922 -24.29 -72.91 75.66
N ASN L 1923 -24.41 -72.66 76.96
CA ASN L 1923 -23.41 -73.06 77.95
C ASN L 1923 -22.99 -74.52 77.89
N VAL L 1924 -23.94 -75.41 78.16
CA VAL L 1924 -23.70 -76.85 78.21
C VAL L 1924 -22.87 -77.35 77.02
N LEU L 1925 -23.12 -76.79 75.84
CA LEU L 1925 -22.44 -77.19 74.61
C LEU L 1925 -21.05 -76.56 74.48
N ASN L 1926 -20.92 -75.33 75.01
CA ASN L 1926 -19.63 -74.64 75.06
C ASN L 1926 -18.66 -75.36 76.00
N ILE L 1927 -19.22 -75.90 77.08
CA ILE L 1927 -18.50 -76.77 78.00
C ILE L 1927 -18.03 -78.03 77.27
N LEU L 1928 -18.98 -78.80 76.75
CA LEU L 1928 -18.71 -80.07 76.09
C LEU L 1928 -17.73 -80.00 74.90
N LYS L 1929 -17.69 -78.86 74.22
CA LYS L 1929 -16.75 -78.66 73.11
C LYS L 1929 -15.30 -78.52 73.60
N MET L 1930 -15.10 -77.65 74.60
CA MET L 1930 -13.78 -77.45 75.22
C MET L 1930 -13.45 -78.55 76.22
N GLN L 1931 -14.49 -79.28 76.64
CA GLN L 1931 -14.36 -80.41 77.55
C GLN L 1931 -13.98 -81.67 76.78
N LYS L 1932 -14.25 -81.68 75.48
CA LYS L 1932 -13.84 -82.77 74.59
C LYS L 1932 -14.46 -84.11 75.00
N ILE L 1933 -15.71 -84.33 74.62
CA ILE L 1933 -16.44 -85.52 75.07
C ILE L 1933 -16.54 -86.60 74.00
N ASP L 1934 -17.05 -87.76 74.43
CA ASP L 1934 -17.32 -88.89 73.55
C ASP L 1934 -18.58 -89.57 74.10
N ILE L 1935 -19.72 -89.34 73.44
CA ILE L 1935 -21.01 -89.84 73.95
C ILE L 1935 -21.16 -91.35 73.79
N GLN L 1936 -20.49 -91.93 72.80
CA GLN L 1936 -20.56 -93.37 72.54
C GLN L 1936 -19.83 -94.19 73.62
N ALA L 1937 -18.59 -93.80 73.90
CA ALA L 1937 -17.77 -94.46 74.92
C ALA L 1937 -18.32 -94.24 76.33
N LEU L 1938 -18.92 -93.07 76.57
CA LEU L 1938 -19.42 -92.66 77.89
C LEU L 1938 -20.84 -93.15 78.22
N MET L 1939 -21.47 -93.87 77.30
CA MET L 1939 -22.78 -94.48 77.56
C MET L 1939 -22.63 -95.97 77.86
N GLN L 1940 -21.38 -96.45 77.82
CA GLN L 1940 -21.04 -97.81 78.22
C GLN L 1940 -20.21 -97.82 79.51
N SER L 1941 -19.26 -96.88 79.62
CA SER L 1941 -18.40 -96.74 80.81
C SER L 1941 -19.17 -96.16 82.02
N MET L 1942 -20.15 -95.29 81.76
CA MET L 1942 -21.15 -94.92 82.75
C MET L 1942 -22.50 -95.41 82.23
N SER L 1943 -23.30 -96.02 83.10
CA SER L 1943 -24.64 -96.43 82.69
C SER L 1943 -25.47 -95.19 82.34
N LEU L 1944 -26.78 -95.38 82.15
CA LEU L 1944 -27.62 -94.29 81.67
C LEU L 1944 -27.90 -93.18 82.71
N GLU L 1945 -28.21 -93.56 83.95
CA GLU L 1945 -28.48 -92.59 85.02
C GLU L 1945 -27.20 -91.93 85.56
N ASP L 1946 -26.05 -92.42 85.09
CA ASP L 1946 -24.74 -91.87 85.48
C ASP L 1946 -24.37 -90.68 84.61
N VAL L 1947 -24.50 -90.85 83.29
CA VAL L 1947 -24.35 -89.73 82.34
C VAL L 1947 -25.50 -88.74 82.52
N ARG L 1948 -26.70 -89.27 82.78
CA ARG L 1948 -27.90 -88.49 83.10
C ARG L 1948 -27.73 -87.53 84.30
N ALA L 1949 -27.37 -88.10 85.45
CA ALA L 1949 -27.17 -87.32 86.67
C ALA L 1949 -25.88 -86.49 86.62
N HIS L 1950 -24.96 -86.87 85.73
CA HIS L 1950 -23.74 -86.09 85.51
C HIS L 1950 -24.04 -84.81 84.72
N LEU L 1951 -25.06 -84.89 83.86
CA LEU L 1951 -25.53 -83.75 83.08
C LEU L 1951 -26.32 -82.77 83.93
N VAL L 1952 -27.21 -83.30 84.78
CA VAL L 1952 -28.01 -82.46 85.69
C VAL L 1952 -27.10 -81.64 86.60
N GLU L 1953 -25.86 -82.11 86.78
CA GLU L 1953 -24.83 -81.32 87.44
C GLU L 1953 -24.51 -80.08 86.63
N ILE L 1954 -23.97 -80.27 85.43
CA ILE L 1954 -23.60 -79.18 84.53
C ILE L 1954 -24.75 -78.20 84.30
N ILE L 1955 -25.97 -78.73 84.29
CA ILE L 1955 -27.16 -77.90 84.07
C ILE L 1955 -27.38 -76.82 85.15
N GLN L 1956 -27.48 -77.24 86.41
CA GLN L 1956 -27.68 -76.29 87.51
C GLN L 1956 -26.58 -75.23 87.61
N GLU L 1957 -25.34 -75.65 87.41
CA GLU L 1957 -24.20 -74.73 87.37
C GLU L 1957 -24.44 -73.69 86.31
N CYS L 1958 -24.50 -74.14 85.06
CA CYS L 1958 -24.74 -73.29 83.89
C CYS L 1958 -25.99 -72.42 84.07
N ARG L 1959 -27.03 -73.02 84.65
CA ARG L 1959 -28.34 -72.39 84.86
C ARG L 1959 -28.31 -71.17 85.78
N LYS L 1960 -27.69 -71.33 86.94
CA LYS L 1960 -27.65 -70.26 87.93
C LYS L 1960 -26.71 -69.12 87.51
N GLN L 1961 -25.72 -69.42 86.68
CA GLN L 1961 -24.80 -68.40 86.16
C GLN L 1961 -25.51 -67.49 85.16
N THR L 1962 -26.56 -68.02 84.54
CA THR L 1962 -27.39 -67.25 83.61
C THR L 1962 -28.33 -66.31 84.38
N GLU L 1963 -28.82 -66.76 85.52
CA GLU L 1963 -29.70 -65.94 86.38
C GLU L 1963 -28.89 -64.86 87.11
N ALA L 1964 -27.57 -64.89 86.91
CA ALA L 1964 -26.65 -63.88 87.42
C ALA L 1964 -26.60 -62.68 86.48
N LYS L 1965 -26.93 -62.92 85.21
CA LYS L 1965 -27.22 -61.84 84.27
C LYS L 1965 -28.72 -61.85 83.99
N PRO L 1966 -29.53 -61.56 85.03
CA PRO L 1966 -30.97 -61.81 85.03
C PRO L 1966 -31.70 -60.82 84.13
N GLN L 1967 -31.02 -59.71 83.84
CA GLN L 1967 -31.56 -58.62 83.01
C GLN L 1967 -32.00 -59.16 81.66
N PRO L 1968 -33.33 -59.26 81.47
CA PRO L 1968 -34.11 -60.07 80.51
C PRO L 1968 -33.35 -61.23 79.81
N VAL L 1969 -32.04 -61.29 80.00
CA VAL L 1969 -31.11 -62.17 79.28
C VAL L 1969 -30.64 -61.52 77.98
N GLN L 1970 -29.42 -61.84 77.57
CA GLN L 1970 -28.90 -61.38 76.28
C GLN L 1970 -27.92 -62.40 75.68
N LEU L 1971 -28.47 -63.27 74.85
CA LEU L 1971 -27.73 -64.40 74.28
C LEU L 1971 -26.69 -63.97 73.25
N GLU L 1972 -25.61 -64.75 73.16
CA GLU L 1972 -24.55 -64.46 72.19
C GLU L 1972 -24.03 -65.71 71.51
N ARG L 1973 -23.25 -65.50 70.45
CA ARG L 1973 -22.71 -66.59 69.65
C ARG L 1973 -21.82 -67.50 70.48
N GLY L 1974 -22.13 -68.79 70.47
CA GLY L 1974 -21.36 -69.78 71.21
C GLY L 1974 -20.38 -70.52 70.34
N PHE L 1975 -20.18 -71.81 70.63
CA PHE L 1975 -19.27 -72.65 69.84
C PHE L 1975 -19.93 -73.10 68.54
N ALA L 1976 -21.14 -73.62 68.67
CA ALA L 1976 -21.95 -74.00 67.52
C ALA L 1976 -23.32 -73.34 67.67
N THR L 1977 -23.49 -72.66 68.81
CA THR L 1977 -24.77 -72.05 69.16
C THR L 1977 -24.87 -70.58 68.69
N ILE L 1978 -25.25 -70.39 67.44
CA ILE L 1978 -25.41 -69.04 66.87
C ILE L 1978 -26.88 -68.63 66.82
N PRO L 1979 -27.28 -67.63 67.63
CA PRO L 1979 -28.67 -67.19 67.74
C PRO L 1979 -29.16 -66.51 66.46
N LEU L 1980 -30.41 -66.80 66.07
CA LEU L 1980 -31.01 -66.23 64.87
C LEU L 1980 -31.57 -64.85 65.17
N ARG L 1981 -30.93 -63.82 64.61
CA ARG L 1981 -31.35 -62.46 64.87
C ARG L 1981 -32.71 -62.15 64.22
N GLY L 1982 -33.66 -61.68 65.04
CA GLY L 1982 -34.95 -61.24 64.54
C GLY L 1982 -36.10 -62.19 64.78
N ILE L 1983 -36.12 -62.87 65.93
CA ILE L 1983 -37.24 -63.74 66.28
C ILE L 1983 -37.70 -63.52 67.71
N ASP L 1984 -39.00 -63.27 67.87
CA ASP L 1984 -39.59 -63.01 69.18
C ASP L 1984 -40.29 -64.26 69.70
N VAL L 1985 -40.90 -64.99 68.78
CA VAL L 1985 -41.78 -66.08 69.12
C VAL L 1985 -41.14 -67.44 68.83
N PRO L 1986 -41.27 -68.39 69.76
CA PRO L 1986 -40.88 -69.79 69.60
C PRO L 1986 -41.94 -70.53 68.81
N PHE L 1987 -41.96 -70.35 67.50
CA PHE L 1987 -42.90 -71.09 66.66
C PHE L 1987 -42.34 -72.49 66.36
N HIS L 1988 -43.20 -73.38 65.87
CA HIS L 1988 -42.86 -74.79 65.65
C HIS L 1988 -42.44 -75.47 66.95
N SER L 1989 -43.00 -74.96 68.05
CA SER L 1989 -42.84 -75.53 69.37
C SER L 1989 -44.22 -75.76 69.94
N THR L 1990 -44.31 -76.45 71.06
CA THR L 1990 -45.59 -76.69 71.69
C THR L 1990 -46.20 -75.41 72.28
N PHE L 1991 -45.58 -74.28 72.00
CA PHE L 1991 -46.08 -72.99 72.49
C PHE L 1991 -47.33 -72.58 71.74
N LEU L 1992 -47.18 -72.53 70.41
CA LEU L 1992 -48.22 -72.03 69.52
C LEU L 1992 -49.47 -72.90 69.57
N ARG L 1993 -49.42 -73.96 70.37
CA ARG L 1993 -50.57 -74.83 70.56
C ARG L 1993 -51.79 -73.99 70.94
N SER L 1994 -51.50 -72.85 71.55
CA SER L 1994 -52.51 -71.89 71.94
C SER L 1994 -53.45 -71.55 70.77
N GLY L 1995 -52.94 -70.75 69.84
CA GLY L 1995 -53.74 -70.27 68.72
C GLY L 1995 -53.90 -71.22 67.54
N VAL L 1996 -53.62 -72.50 67.73
CA VAL L 1996 -53.85 -73.49 66.67
C VAL L 1996 -55.35 -73.56 66.36
N LYS L 1997 -56.18 -73.26 67.36
CA LYS L 1997 -57.64 -73.31 67.23
C LYS L 1997 -58.19 -72.27 66.25
N PRO L 1998 -57.87 -70.98 66.49
CA PRO L 1998 -58.35 -69.90 65.62
C PRO L 1998 -57.87 -70.06 64.17
N PHE L 1999 -56.60 -70.43 63.99
CA PHE L 1999 -56.02 -70.56 62.66
C PHE L 1999 -56.72 -71.66 61.85
N ARG L 2000 -57.18 -72.68 62.55
CA ARG L 2000 -57.93 -73.75 61.90
C ARG L 2000 -59.22 -73.18 61.36
N SER L 2001 -60.06 -72.62 62.24
CA SER L 2001 -61.34 -72.06 61.84
C SER L 2001 -61.19 -71.04 60.71
N PHE L 2002 -60.06 -70.35 60.70
CA PHE L 2002 -59.71 -69.45 59.61
C PHE L 2002 -59.44 -70.25 58.34
N LEU L 2003 -58.58 -71.26 58.43
CA LEU L 2003 -58.30 -72.14 57.30
C LEU L 2003 -59.57 -72.69 56.68
N LEU L 2004 -60.57 -72.92 57.53
CA LEU L 2004 -61.83 -73.50 57.09
C LEU L 2004 -62.67 -72.50 56.33
N LYS L 2005 -62.47 -71.23 56.68
CA LYS L 2005 -63.06 -70.13 55.92
C LYS L 2005 -62.41 -70.00 54.53
N LYS L 2006 -61.08 -70.09 54.48
CA LYS L 2006 -60.35 -69.84 53.25
C LYS L 2006 -60.27 -71.05 52.33
N ILE L 2007 -60.30 -72.25 52.91
CA ILE L 2007 -60.30 -73.47 52.11
C ILE L 2007 -61.69 -74.12 52.01
N ASN L 2008 -61.98 -74.64 50.82
CA ASN L 2008 -63.25 -75.29 50.54
C ASN L 2008 -62.98 -76.68 49.96
N LYS L 2009 -63.67 -77.70 50.50
CA LYS L 2009 -63.43 -79.09 50.10
C LYS L 2009 -63.55 -79.24 48.61
N THR L 2010 -64.63 -78.68 48.08
CA THR L 2010 -64.98 -78.78 46.66
C THR L 2010 -63.78 -78.53 45.77
N THR L 2011 -62.99 -77.53 46.16
CA THR L 2011 -61.83 -77.07 45.41
C THR L 2011 -60.74 -78.15 45.32
N ILE L 2012 -60.80 -79.10 46.25
CA ILE L 2012 -59.71 -80.07 46.44
C ILE L 2012 -59.81 -81.33 45.58
N ASP L 2013 -58.81 -81.54 44.74
CA ASP L 2013 -58.58 -82.84 44.13
C ASP L 2013 -57.69 -83.60 45.08
N PRO L 2014 -58.25 -84.61 45.75
CA PRO L 2014 -57.37 -85.36 46.64
C PRO L 2014 -56.32 -86.02 45.77
N SER L 2015 -56.59 -86.06 44.46
CA SER L 2015 -55.75 -86.68 43.46
C SER L 2015 -54.41 -85.98 43.26
N LYS L 2016 -54.34 -84.71 43.68
CA LYS L 2016 -53.11 -83.92 43.57
C LYS L 2016 -52.24 -84.07 44.82
N LEU L 2017 -52.86 -84.05 45.99
CA LEU L 2017 -52.17 -84.36 47.23
C LEU L 2017 -51.88 -85.85 47.26
N ILE L 2018 -52.75 -86.60 46.59
CA ILE L 2018 -52.79 -88.08 46.58
C ILE L 2018 -51.84 -88.76 47.54
N GLY L 2019 -50.55 -88.75 47.20
CA GLY L 2019 -49.50 -89.29 48.03
C GLY L 2019 -48.20 -88.64 47.63
N LYS L 2020 -48.30 -87.45 47.03
CA LYS L 2020 -47.15 -86.78 46.41
C LYS L 2020 -46.72 -85.53 47.18
N TYR L 2021 -47.42 -85.25 48.27
CA TYR L 2021 -47.21 -84.03 49.05
C TYR L 2021 -46.68 -84.31 50.46
N ILE L 2022 -45.52 -83.75 50.77
CA ILE L 2022 -44.88 -83.98 52.07
C ILE L 2022 -45.10 -82.83 53.06
N PRO L 2023 -45.99 -83.04 54.04
CA PRO L 2023 -46.22 -82.05 55.12
C PRO L 2023 -44.99 -81.83 55.97
N ASN L 2024 -45.14 -81.08 57.06
CA ASN L 2024 -44.00 -80.74 57.92
C ASN L 2024 -44.08 -81.38 59.28
N VAL L 2025 -45.21 -82.03 59.53
CA VAL L 2025 -45.42 -82.73 60.78
C VAL L 2025 -45.33 -84.24 60.50
N THR L 2026 -45.70 -84.64 59.29
CA THR L 2026 -45.52 -86.00 58.82
C THR L 2026 -44.41 -86.03 57.80
N ALA L 2027 -43.24 -86.52 58.19
CA ALA L 2027 -42.10 -86.58 57.28
C ALA L 2027 -42.38 -87.47 56.07
N LYS L 2028 -43.57 -88.07 56.04
CA LYS L 2028 -43.92 -88.98 54.97
C LYS L 2028 -45.13 -88.52 54.16
N PRO L 2029 -45.09 -88.81 52.84
CA PRO L 2029 -46.11 -88.51 51.81
C PRO L 2029 -47.56 -88.51 52.29
N PHE L 2030 -48.31 -87.47 51.92
CA PHE L 2030 -49.72 -87.31 52.29
C PHE L 2030 -50.51 -88.49 51.81
N GLU L 2031 -51.10 -89.25 52.73
CA GLU L 2031 -51.96 -90.37 52.37
C GLU L 2031 -53.29 -90.25 53.11
N ILE L 2032 -54.33 -90.80 52.49
CA ILE L 2032 -55.68 -90.69 53.03
C ILE L 2032 -56.05 -91.94 53.83
N SER L 2033 -55.10 -92.85 53.98
CA SER L 2033 -55.32 -94.11 54.70
C SER L 2033 -55.68 -93.90 56.19
N LYS L 2034 -56.47 -94.84 56.71
CA LYS L 2034 -56.92 -94.84 58.09
C LYS L 2034 -55.76 -94.80 59.07
N GLU L 2035 -54.60 -95.25 58.59
CA GLU L 2035 -53.39 -95.34 59.40
C GLU L 2035 -52.68 -94.00 59.49
N TYR L 2036 -52.82 -93.20 58.44
CA TYR L 2036 -52.25 -91.87 58.42
C TYR L 2036 -52.86 -91.02 59.53
N PHE L 2037 -54.19 -91.00 59.59
CA PHE L 2037 -54.94 -90.19 60.55
C PHE L 2037 -54.54 -90.50 61.98
N GLU L 2038 -53.95 -91.67 62.16
CA GLU L 2038 -53.47 -92.10 63.46
C GLU L 2038 -52.07 -91.53 63.74
N GLU L 2039 -51.18 -91.62 62.76
CA GLU L 2039 -49.86 -91.00 62.86
C GLU L 2039 -50.01 -89.48 63.06
N VAL L 2040 -51.04 -88.91 62.45
CA VAL L 2040 -51.38 -87.51 62.62
C VAL L 2040 -51.87 -87.26 64.04
N HIS L 2041 -52.87 -88.04 64.45
CA HIS L 2041 -53.47 -87.94 65.78
C HIS L 2041 -52.46 -88.17 66.90
N ARG L 2042 -51.47 -89.04 66.62
CA ARG L 2042 -50.39 -89.33 67.56
C ARG L 2042 -49.54 -88.08 67.79
N LEU L 2043 -49.23 -87.39 66.70
CA LEU L 2043 -48.34 -86.23 66.75
C LEU L 2043 -49.10 -84.95 67.10
N THR L 2044 -50.42 -84.99 66.93
CA THR L 2044 -51.24 -83.78 67.02
C THR L 2044 -52.29 -83.82 68.12
N GLY L 2045 -53.18 -84.81 68.05
CA GLY L 2045 -54.30 -84.91 68.95
C GLY L 2045 -55.48 -84.10 68.42
N SER L 2046 -55.76 -84.29 67.13
CA SER L 2046 -56.85 -83.58 66.48
C SER L 2046 -58.21 -84.18 66.84
N PRO L 2047 -59.07 -83.39 67.52
CA PRO L 2047 -60.44 -83.80 67.86
C PRO L 2047 -61.30 -84.05 66.63
N LYS L 2048 -60.93 -83.42 65.52
CA LYS L 2048 -61.58 -83.68 64.24
C LYS L 2048 -61.13 -85.02 63.68
N ILE L 2049 -59.88 -85.40 63.98
CA ILE L 2049 -59.33 -86.68 63.55
C ILE L 2049 -59.82 -87.84 64.41
N ALA L 2050 -59.88 -87.64 65.71
CA ALA L 2050 -60.41 -88.64 66.63
C ALA L 2050 -61.85 -89.00 66.25
N ASN L 2051 -62.64 -87.95 66.02
CA ASN L 2051 -64.03 -88.06 65.59
C ASN L 2051 -64.20 -88.77 64.24
N ILE L 2052 -63.20 -88.63 63.36
CA ILE L 2052 -63.24 -89.20 62.01
C ILE L 2052 -62.54 -90.56 61.95
N LEU L 2053 -61.78 -90.88 62.99
CA LEU L 2053 -61.16 -92.19 63.15
C LEU L 2053 -62.15 -93.16 63.79
N ALA L 2054 -62.96 -92.63 64.71
CA ALA L 2054 -64.00 -93.38 65.40
C ALA L 2054 -65.12 -93.82 64.45
N ASN L 2055 -65.38 -93.02 63.43
CA ASN L 2055 -66.40 -93.35 62.44
C ASN L 2055 -65.86 -94.18 61.30
N TRP L 2056 -64.56 -94.52 61.35
CA TRP L 2056 -63.83 -94.96 60.16
C TRP L 2056 -64.58 -95.89 59.19
N ASP L 2057 -65.40 -96.78 59.74
CA ASP L 2057 -66.22 -97.68 58.93
C ASP L 2057 -67.17 -96.88 58.03
N LYS L 2058 -67.80 -95.86 58.59
CA LYS L 2058 -68.64 -94.91 57.86
C LYS L 2058 -68.04 -94.48 56.51
N TYR L 2059 -66.71 -94.53 56.39
CA TYR L 2059 -66.00 -94.07 55.18
C TYR L 2059 -65.71 -95.17 54.16
N GLU L 2060 -65.89 -96.43 54.57
CA GLU L 2060 -65.91 -97.58 53.65
C GLU L 2060 -64.73 -97.61 52.69
#